data_9QGL
#
_entry.id   9QGL
#
_cell.length_a   1.00
_cell.length_b   1.00
_cell.length_c   1.00
_cell.angle_alpha   90.00
_cell.angle_beta   90.00
_cell.angle_gamma   90.00
#
_symmetry.space_group_name_H-M   'P 1'
#
loop_
_entity.id
_entity.type
_entity.pdbx_description
1 polymer 'Phage tail protein'
2 polymer 'Phage tail sheath family protein'
3 polymer 'Phage tail protein'
4 polymer 'Contractile injection system tube protein N-terminal domain-containing protein'
5 polymer 'Photorhabdus luminescens subsp. laumondii TTO1 complete genome segment 6/17'
6 polymer 'Photorhabdus luminescens subsp. laumondii TTO1 complete genome segment 6/17'
7 polymer 'Baseplate protein J-like domain-containing protein'
8 polymer 'Phage tail sheath family protein'
9 polymer 'Phage tail sheath family protein'
#
loop_
_entity_poly.entity_id
_entity_poly.type
_entity_poly.pdbx_seq_one_letter_code
_entity_poly.pdbx_strand_id
1 'polypeptide(L)'
;MAITPEQIAVEYPIPTYRFVVSVGDEQIPFNNVSGLDVHYDVIEYKDGIGNYYKMPGQRQSINITLRKGVFPGDTKLFDW
INSIQLNQVEKKDIAISLTNEAGTEILMTWNVANAFPTSFTSPSFDATSNEIAVQEIALTADRVTIQAA
;
1A,1B,1C,1D,1E,1F
2 'polypeptide(L)'
;MTTITTYPGVYIEEDASLSLSVSSSATAVPVFAVAGDNPLISGKPYIRISNWLEYLTLKNEQFDPANTLDISLRAYFING
GGYCYLVQTTDLEKQVPKLDDVTLLVAAGENITTAVSTLCKPGKGLFAIFDGPTTELKSDGTSNSDYDPNPFAAVYYPWL
TADWTTTIDIPPSAAIAGVYCSVDSTRGVWKAPANVPIQGGLQPKYPVTDDLQAQYNQGKALNMIRTFPKSGTLVWGART
LEDNDNWRYIPVRRLFNSAERDIKNAMSFAVFEPNSQPTWERVRSAVNNYLYSLWQQGGLAGNKPDDAYFVQIGKDITMT
DDDIKQGKMIIKIGMAAVRPAEFIILQFTQNTAQ
;
2A,2B,2C,2D,2E,2F
3 'polypeptide(L)'
;MHNLYTPSVSHRFIASFLFNNIPSPLDIAFQRISGLSRELQTTQYSQGGENARNVWLAEKIQHGSLHLERGVMTVTPLTL
MFDRVLRGEKAVYADVVIMLLNENSVPVASWTLSNALPVRWSTGDFDANSNAVLVNSLELRYQDMRWLGVKV
;
5A,5B,5C,5D,5E,5F
4 'polypeptide(L)'
;MSLIERGLSKLTLTAFKDREGKISVGSLQAMYNPDAIQLDYQTHYQQDESVNHTRKSSHYVSSPPAGLSLVLLFDASMPG
NNIPVETQLTTLKALCAVDPSTHVPHFLKIKWGKMRWENKSYFAGRASGLTINYTLFDRDATPLRASATLSLVADESFVI
QATEQQLKSPPVTTVSVTDMLTLPLIALGAGASLASGIDYLSLAWQNDLDNLDDFTPGQTLQAQEKA
;
7A,7B,7C,7D,7E,7F
5 'polypeptide(L)'
;MTNKILADIYGRGWAFPPQFFIGERIPYEDYSSDLNKYLSEKKIEAEQIVKIQACIKESVMCYDFHAKITSTQVSKQTNL
PNPLNILVTYTLGDSEISQKIQGVLRVSQDDPPQFSIKDNSRTGIAIAEGTQNVLQSINILFLTEPGERIMREDYGCGLN
DYLFANISDELMTDIQTHIEERVLRYEPRAEITSIQVNQRTNLPSTLHVQVTYALRGSDINQQIEGVLEVNEGRVQVSL
;
9A,9B,9C,9D,9E,9F
6 'polypeptide(L)'
;MGQAELDNKLSAIVPDTVFKLDERSTLDILNWLKAYAEKIPFDQDKNQFWDSFYFIQENTPEELEDIYQHANKADGLLPP
HQAFVFAFLKLLETSNRLLNTFPARHRDLYYRELLGLSPRKAQADSVALGITLNTDNAEYLIPKGTLFDAGQDSVGNPLQ
YTSETDLLANQGELTDLRWYRKDKDSWQSTIPLSLSDNIALPENGIQLFSPTANDVAVLSGYLIKSSLFSMPEGERHITL
TLENDWEGQAEHLTAKISTGDHWLSLSVNPNRTNKNTIELELSSTDDPISPPDNLDGMTFDIPVLKLGTTQKPMLPKITG
IEININGNRSVRYASDGGIEQTDTTSSPFGQSPSLGSGFNLVAPEWYGTENATLTMTPQWVGLPTSSFSTWYDKYNPKPA
SNGVFKVQGYLVTSQKRDVLNDAKSQPLFDGTGAPQGQSLTFILPAMHYPLTDSPSPNEWPASVRIELAEQDFMHAQYWQ
NPTDKNVPYTPQISALQIQFSTTAKPEQFTVYPLTPFGWANTNEDPPSFTNDALYLGFTNVLPGQTLSLYWQLEGFKALN
LSWFYLNQSNTWGSLDQLVDDQTHNLFDQGTWRTLLPQDASNQATLMPTGRYWLKAEITHQAESQDYPKIKGILYNAATA
TLINAELVETDHFINGLPADSITQPVNALVAIDSINQPWVSWNGRPEETEQAFLTRVSARLSHRNRVLSWDNIVTLLKEQ
FVSLFDVKYPSASELTKIPAQKEQQLIAIPDSRYKDNDDALRPILNPARLAEMVDWISQLSSPWTTLKINNPTYVDVLIS
YQLVFVTGINPDYGRHQLQQELSRKYMPWAEDSAIGVTTGNRIDYYPLLATIQQSPLVERVTNLTLKKSSQTAGAVGDSV
EAADNEVLILVWSENSSTNKGADSE
;
A,B,C,D,E,F
7 'polypeptide(L)'
;MNNQDALFPIVKDDIAFETLLTQAKTVIEQQSGQLWSNTEENDPGITLLEACCYGASDLAYRHSLPLRDLLTPEKQEQTL
GDGIFPQEFGPQQMLTCGPITAEDYRRALLDLHSSDTDNETSEDYFFFNDVRLICEPESERYKYWYNKESREYSFIQEQE
QEQEQLQLTLRGNYWLYLLPNRETEDDKTLTQKRLNDFLKDNRNLGESVSKIIWLQPVDFLLQLDIELDDDVSDLADIFA
QVYMTTEQMVLTSPLRYSTQAMIEQGYSNEEIFEGPYLHHGWIPELSAAKDYTKPTELKLSHLANRLLAIPGVQNITRLA
LGKHDENISPLADDSWSWTIAQGYYPRLWGNDPLDLISSSASPLTITAKGGVKITVSKQDIENKIIAEPLIETQPELLNW
GKHRKVLDYYPVSNKLPACYGLQTYAETQQQVHLHQFMLPFEQMLANGCAELALLPKLLAFKQRGNTVYGTQWPFKANTV
GQQVHQEIMPDLIKQLNNDSQINSDDGIHSQNYTKELSILNYLLEYFGTHRAARPLTLDSLDFLSTQRGYLAQQPELTYQ
RNNIRIDKVSALQKRIAARLGLGGKCFEETSKLDELPFYLIEHRQLLPVKPDTKFDKEQKPDKLKIKSVPNSKNQQLIIT
QNGTTGQLLYGQVINLIIKEKENQDIRVKFILRGQMITDITGESFILDTRNSTALARSLIDVQNAYNDGNLYWCNSPVWM
EDMDYQLVYASEIYQTGTENERWITSSPQSPFPAMIEENDEITLKYVITPSGPKKSDHELKANVIKFDRIQGKILIKLTQ
DSQDNFPLAADAWRYRWYFSSEKYALADRFSFVVSMVINSQLVKNDDVDPYKLESWAKTEILAEFPAHLSMIIHWLSPED
FKDFVSTYQRWQNNGAPLGDEAYHVLETLTLGRLPSAATGIGNMRIATAQQRIGVVGESGKEWNTEVIISNQLVYVPYTG
ENLNKR
;
a,b,c,d,e,f
8 'polypeptide(L)'
;MPTIPTYPGVYIEEDASLNLSVNQGNTAIPVFIGLFSPKNTNLKSQVTRVNSWLDFTNLFNAGCIAPITIKSTKRASMPA
PTLLENVKGDTAVVATPGISVDADNKDPTYTYKVIVNYTTSSDALKLYFQNGGGPCYILPQLDRLTQGFLDSIPELIKQA
LEITLIVCPEWDSGYQSKIYNSLTSSLLNAGYFLIADNQDKNTALITEVASQTATYYPAVKVSQLIQAEDSQIAVSGYED
AKTKSDEVKNLAQLKEKNPTVYQQAVQKIQAIQDEIAANGNIIPVSAVMAGIYCATDASRGVWKAPANIVLSGISDVAER
LTDDEQGEMNSKGINAIRYFSHKGFVVWGARTLQNDDNWRYIPVRRLFNAAERDIKQAMQSVVFEPNSQPTWERVKSAID
NYLYSLWQQGALAGNKPQEAYFVQIGKDVTMSDDDIKQGKMIVKVGMAAVRPAEFIILQFSQQVAQ
;
3A,3B,3C,3D,3E,3F
9 'polypeptide(L)'
;MEITQPSVTITENLIFPKQNDSFIGIPVFIGYTSSPVDKTAIKLHSLADFARSFPESGLMYYSVRHFFENGGQQAYVLSL
GTEQQLSDFSSLITALQQAWLAQTIAAENDITLIITPDVIRFDQTEISDTQRDLWLQLWQSVLNLCKSRRGIMGLLDAPD
DPTLAAKCLQQFSSADRQWGVVYWPLLKSAYQDNTQNPIVLSPTAAVAAVIQRNDNQQGVWTAPANIALSKVISPVRAYI
EANALFNPDGTSLNLVRSFPGKGIRIWGCRTLENTHDSPWSYIQTRRLVSYIEAYMTQLGRAFVFEPNNAITWMKFKGQA
HNWLRQLWLKGGLRGTQEDQAFEVLLGVDESMREADLRAGKMIIKIRLAVLIPAEFIELNLTFDTRTGTIPS
;
4A,4B,4C,4D,4E,4F
#
# COMPACT_ATOMS: atom_id res chain seq x y z
N ALA A 2 102.26 57.25 -67.45
CA ALA A 2 102.76 57.82 -66.21
C ALA A 2 101.68 57.82 -65.13
N ILE A 3 101.94 57.08 -64.05
CA ILE A 3 101.02 56.98 -62.93
C ILE A 3 101.78 57.34 -61.66
N THR A 4 101.29 58.35 -60.95
CA THR A 4 101.91 58.91 -59.76
C THR A 4 101.49 58.09 -58.53
N PRO A 5 102.37 57.94 -57.53
CA PRO A 5 102.00 57.14 -56.34
C PRO A 5 100.74 57.61 -55.65
N GLU A 6 100.45 58.90 -55.60
CA GLU A 6 99.21 59.35 -54.99
C GLU A 6 97.98 58.89 -55.79
N GLN A 7 98.14 58.68 -57.09
CA GLN A 7 97.03 58.13 -57.87
C GLN A 7 96.76 56.67 -57.48
N ILE A 8 97.82 55.90 -57.24
CA ILE A 8 97.64 54.50 -56.84
C ILE A 8 96.93 54.41 -55.50
N ALA A 9 97.29 55.29 -54.56
CA ALA A 9 96.67 55.24 -53.24
C ALA A 9 95.19 55.59 -53.29
N VAL A 10 94.73 56.21 -54.37
CA VAL A 10 93.35 56.66 -54.47
C VAL A 10 92.51 55.70 -55.32
N GLU A 11 93.07 55.20 -56.42
CA GLU A 11 92.28 54.45 -57.39
C GLU A 11 92.54 52.95 -57.38
N TYR A 12 93.71 52.51 -56.92
CA TYR A 12 94.04 51.09 -57.03
C TYR A 12 93.46 50.30 -55.87
N PRO A 13 93.15 49.01 -56.09
CA PRO A 13 92.66 48.17 -54.99
C PRO A 13 93.75 47.90 -53.97
N ILE A 14 93.32 47.34 -52.84
CA ILE A 14 94.21 47.14 -51.69
C ILE A 14 94.54 45.66 -51.54
N PRO A 15 95.80 45.31 -51.26
CA PRO A 15 96.14 43.91 -50.98
C PRO A 15 95.83 43.53 -49.53
N THR A 16 95.97 42.24 -49.24
CA THR A 16 95.52 41.67 -47.98
C THR A 16 96.63 41.45 -46.96
N TYR A 17 97.90 41.54 -47.33
CA TYR A 17 98.94 41.01 -46.47
C TYR A 17 99.42 41.99 -45.41
N ARG A 18 99.01 43.25 -45.44
CA ARG A 18 99.44 44.24 -44.47
C ARG A 18 98.24 44.72 -43.67
N PHE A 19 98.19 44.32 -42.40
CA PHE A 19 97.07 44.66 -41.54
C PHE A 19 97.53 44.67 -40.09
N VAL A 20 96.75 45.37 -39.26
CA VAL A 20 97.01 45.46 -37.82
C VAL A 20 95.72 45.13 -37.08
N VAL A 21 95.84 44.33 -36.02
CA VAL A 21 94.69 43.82 -35.27
C VAL A 21 94.78 44.33 -33.84
N SER A 22 93.68 44.90 -33.36
CA SER A 22 93.57 45.37 -31.98
C SER A 22 92.56 44.51 -31.25
N VAL A 23 92.98 43.91 -30.14
CA VAL A 23 92.12 43.06 -29.32
C VAL A 23 91.91 43.80 -28.01
N GLY A 24 90.67 44.22 -27.75
CA GLY A 24 90.42 45.06 -26.60
C GLY A 24 91.11 46.39 -26.76
N ASP A 25 91.88 46.79 -25.74
CA ASP A 25 92.67 48.00 -25.78
C ASP A 25 94.15 47.72 -26.07
N GLU A 26 94.45 46.55 -26.61
CA GLU A 26 95.82 46.13 -26.89
C GLU A 26 95.92 45.59 -28.30
N GLN A 27 97.09 45.77 -28.91
CA GLN A 27 97.34 45.35 -30.28
C GLN A 27 98.25 44.13 -30.27
N ILE A 28 97.86 43.10 -31.00
CA ILE A 28 98.61 41.84 -31.06
C ILE A 28 98.92 41.50 -32.51
N PRO A 29 100.16 41.18 -32.85
CA PRO A 29 100.47 40.78 -34.23
C PRO A 29 99.91 39.39 -34.52
N PHE A 30 99.16 39.29 -35.61
CA PHE A 30 98.53 38.05 -36.02
C PHE A 30 98.98 37.66 -37.42
N ASN A 31 98.83 36.38 -37.74
CA ASN A 31 99.25 35.86 -39.04
C ASN A 31 98.09 35.68 -39.99
N ASN A 32 96.90 35.33 -39.49
CA ASN A 32 95.75 35.12 -40.35
C ASN A 32 94.48 35.45 -39.59
N VAL A 33 93.59 36.19 -40.23
CA VAL A 33 92.28 36.54 -39.69
C VAL A 33 91.23 36.29 -40.76
N SER A 34 90.16 35.59 -40.40
CA SER A 34 89.14 35.22 -41.37
C SER A 34 87.80 35.04 -40.68
N GLY A 35 86.73 35.04 -41.48
CA GLY A 35 85.40 34.75 -41.00
C GLY A 35 84.50 35.94 -40.78
N LEU A 36 84.94 37.15 -41.11
CA LEU A 36 84.13 38.34 -40.87
C LEU A 36 83.00 38.44 -41.89
N ASP A 37 81.99 37.59 -41.75
CA ASP A 37 80.88 37.53 -42.70
C ASP A 37 79.57 37.90 -42.01
N VAL A 38 78.62 38.39 -42.80
CA VAL A 38 77.30 38.75 -42.34
C VAL A 38 76.29 37.93 -43.14
N HIS A 39 75.36 37.29 -42.43
CA HIS A 39 74.36 36.43 -43.06
C HIS A 39 72.98 36.78 -42.56
N TYR A 40 71.98 36.59 -43.43
CA TYR A 40 70.59 36.82 -43.10
C TYR A 40 69.76 35.65 -43.59
N ASP A 41 68.65 35.40 -42.91
CA ASP A 41 67.68 34.42 -43.39
C ASP A 41 66.67 35.11 -44.30
N VAL A 42 65.90 34.29 -45.02
CA VAL A 42 64.91 34.78 -45.97
C VAL A 42 63.55 34.22 -45.56
N ILE A 43 62.56 35.09 -45.47
CA ILE A 43 61.19 34.72 -45.13
C ILE A 43 60.34 34.84 -46.38
N GLU A 44 59.64 33.75 -46.73
CA GLU A 44 58.86 33.70 -47.95
C GLU A 44 57.39 33.50 -47.63
N TYR A 45 56.53 33.98 -48.51
CA TYR A 45 55.09 33.83 -48.38
C TYR A 45 54.47 33.66 -49.76
N LYS A 46 53.66 32.62 -49.92
CA LYS A 46 52.97 32.36 -51.17
C LYS A 46 51.47 32.29 -50.94
N ASP A 47 50.71 32.67 -51.97
CA ASP A 47 49.26 32.70 -51.91
C ASP A 47 48.69 31.97 -53.11
N GLY A 48 47.36 31.85 -53.14
CA GLY A 48 46.72 31.02 -54.15
C GLY A 48 46.71 31.61 -55.54
N ILE A 49 46.78 32.93 -55.65
CA ILE A 49 46.65 33.58 -56.95
C ILE A 49 48.03 33.86 -57.55
N GLY A 50 49.06 33.29 -56.95
CA GLY A 50 50.39 33.30 -57.55
C GLY A 50 51.36 34.33 -57.00
N ASN A 51 51.00 35.07 -55.96
CA ASN A 51 51.93 36.03 -55.39
C ASN A 51 53.08 35.31 -54.68
N TYR A 52 54.19 36.02 -54.53
CA TYR A 52 55.40 35.44 -53.94
C TYR A 52 56.19 36.58 -53.32
N TYR A 53 56.24 36.62 -51.98
CA TYR A 53 56.92 37.67 -51.25
C TYR A 53 58.18 37.12 -50.60
N LYS A 54 59.26 37.90 -50.66
CA LYS A 54 60.51 37.56 -49.99
C LYS A 54 61.01 38.76 -49.21
N MET A 55 61.47 38.52 -47.98
CA MET A 55 61.95 39.56 -47.09
C MET A 55 63.18 39.05 -46.38
N PRO A 56 64.06 39.95 -45.94
CA PRO A 56 65.16 39.54 -45.06
C PRO A 56 64.64 39.05 -43.73
N GLY A 57 65.37 38.09 -43.15
CA GLY A 57 64.99 37.54 -41.87
C GLY A 57 65.87 38.03 -40.73
N GLN A 58 66.15 37.16 -39.77
CA GLN A 58 67.01 37.52 -38.65
C GLN A 58 68.48 37.38 -39.06
N ARG A 59 69.31 38.29 -38.54
CA ARG A 59 70.74 38.23 -38.77
C ARG A 59 71.37 37.16 -37.89
N GLN A 60 72.33 36.43 -38.43
CA GLN A 60 73.00 35.36 -37.70
C GLN A 60 74.19 35.91 -36.93
N SER A 61 74.79 35.05 -36.11
CA SER A 61 75.92 35.44 -35.29
C SER A 61 77.22 35.38 -36.08
N ILE A 62 78.19 36.17 -35.65
CA ILE A 62 79.46 36.32 -36.36
C ILE A 62 80.49 35.42 -35.69
N ASN A 63 81.22 34.65 -36.49
CA ASN A 63 82.29 33.79 -36.02
C ASN A 63 83.60 34.20 -36.66
N ILE A 64 84.66 34.23 -35.86
CA ILE A 64 85.97 34.74 -36.30
C ILE A 64 87.05 33.80 -35.80
N THR A 65 88.03 33.53 -36.66
CA THR A 65 89.21 32.75 -36.30
C THR A 65 90.45 33.61 -36.51
N LEU A 66 91.32 33.65 -35.50
CA LEU A 66 92.60 34.35 -35.57
C LEU A 66 93.72 33.35 -35.40
N ARG A 67 94.72 33.41 -36.27
CA ARG A 67 95.85 32.50 -36.25
C ARG A 67 97.11 33.28 -35.87
N LYS A 68 97.93 32.68 -35.01
CA LYS A 68 99.10 33.35 -34.47
C LYS A 68 100.16 32.32 -34.14
N GLY A 69 101.42 32.73 -34.29
CA GLY A 69 102.53 31.86 -33.94
C GLY A 69 102.74 31.77 -32.44
N VAL A 70 103.56 30.80 -32.04
CA VAL A 70 103.85 30.55 -30.64
C VAL A 70 105.18 31.21 -30.30
N PHE A 71 105.17 32.10 -29.31
CA PHE A 71 106.35 32.85 -28.93
C PHE A 71 106.73 32.52 -27.49
N PRO A 72 108.02 32.63 -27.14
CA PRO A 72 108.44 32.29 -25.77
C PRO A 72 107.78 33.20 -24.74
N GLY A 73 107.23 32.58 -23.69
CA GLY A 73 106.65 33.33 -22.60
C GLY A 73 105.31 33.96 -22.88
N ASP A 74 104.67 33.65 -24.01
CA ASP A 74 103.42 34.27 -24.40
C ASP A 74 102.31 33.25 -24.38
N THR A 75 101.33 33.46 -23.50
CA THR A 75 100.13 32.62 -23.41
C THR A 75 98.88 33.47 -23.25
N LYS A 76 98.86 34.66 -23.84
CA LYS A 76 97.76 35.60 -23.63
C LYS A 76 96.44 35.05 -24.17
N LEU A 77 96.47 34.44 -25.36
CA LEU A 77 95.23 33.96 -25.97
C LEU A 77 94.65 32.78 -25.19
N PHE A 78 95.51 31.89 -24.70
CA PHE A 78 95.01 30.78 -23.89
C PHE A 78 94.50 31.27 -22.53
N ASP A 79 95.13 32.29 -21.96
CA ASP A 79 94.67 32.81 -20.69
C ASP A 79 93.28 33.41 -20.80
N TRP A 80 92.93 33.92 -21.99
CA TRP A 80 91.60 34.50 -22.19
C TRP A 80 90.53 33.42 -22.18
N ILE A 81 90.76 32.31 -22.87
CA ILE A 81 89.78 31.24 -22.92
C ILE A 81 89.75 30.44 -21.63
N ASN A 82 90.83 30.48 -20.84
CA ASN A 82 90.89 29.76 -19.58
C ASN A 82 90.28 30.54 -18.43
N SER A 83 89.79 31.75 -18.68
CA SER A 83 89.17 32.58 -17.64
C SER A 83 87.67 32.36 -17.54
N ILE A 84 87.10 31.48 -18.35
CA ILE A 84 85.66 31.22 -18.29
C ILE A 84 85.34 30.46 -17.02
N GLN A 85 84.39 30.98 -16.24
CA GLN A 85 84.05 30.34 -14.96
C GLN A 85 82.87 29.38 -15.11
N LEU A 86 81.67 29.92 -15.32
CA LEU A 86 80.51 29.11 -15.67
C LEU A 86 79.87 29.58 -16.96
N ASN A 87 79.46 30.85 -17.02
CA ASN A 87 78.98 31.49 -18.24
C ASN A 87 79.46 32.94 -18.31
N GLN A 88 80.47 33.30 -17.53
CA GLN A 88 80.97 34.66 -17.45
C GLN A 88 82.36 34.72 -18.05
N VAL A 89 82.59 35.71 -18.90
CA VAL A 89 83.89 35.91 -19.52
C VAL A 89 83.95 37.36 -19.99
N GLU A 90 85.16 37.92 -20.00
CA GLU A 90 85.34 39.29 -20.42
C GLU A 90 85.23 39.37 -21.95
N LYS A 91 84.30 40.19 -22.43
CA LYS A 91 84.12 40.38 -23.87
C LYS A 91 84.90 41.60 -24.33
N LYS A 92 85.58 41.46 -25.46
CA LYS A 92 86.44 42.51 -25.98
C LYS A 92 86.04 42.88 -27.40
N ASP A 93 86.21 44.15 -27.73
CA ASP A 93 86.00 44.62 -29.09
C ASP A 93 87.27 44.42 -29.90
N ILE A 94 87.10 44.11 -31.19
CA ILE A 94 88.20 43.76 -32.06
C ILE A 94 88.11 44.58 -33.33
N ALA A 95 89.24 45.17 -33.72
CA ALA A 95 89.33 46.00 -34.92
C ALA A 95 90.48 45.50 -35.78
N ILE A 96 90.21 45.23 -37.04
CA ILE A 96 91.22 44.83 -38.02
C ILE A 96 91.28 45.90 -39.09
N SER A 97 92.48 46.45 -39.31
CA SER A 97 92.65 47.59 -40.20
C SER A 97 93.71 47.28 -41.26
N LEU A 98 93.36 47.51 -42.52
CA LEU A 98 94.35 47.53 -43.58
C LEU A 98 95.19 48.79 -43.45
N THR A 99 96.51 48.65 -43.53
CA THR A 99 97.42 49.69 -43.08
C THR A 99 98.35 50.12 -44.22
N ASN A 100 98.92 51.31 -44.04
CA ASN A 100 99.99 51.79 -44.91
C ASN A 100 101.16 50.81 -44.88
N GLU A 101 101.98 50.83 -45.93
CA GLU A 101 103.09 49.89 -46.03
C GLU A 101 104.07 50.05 -44.88
N ALA A 102 104.08 51.21 -44.21
CA ALA A 102 104.93 51.43 -43.06
C ALA A 102 104.17 51.42 -41.74
N GLY A 103 102.86 51.29 -41.76
CA GLY A 103 102.07 51.21 -40.55
C GLY A 103 101.66 52.53 -39.94
N THR A 104 101.86 53.65 -40.65
CA THR A 104 101.58 54.97 -40.10
C THR A 104 100.27 55.55 -40.60
N GLU A 105 99.48 54.79 -41.37
CA GLU A 105 98.22 55.31 -41.88
C GLU A 105 97.25 54.15 -42.07
N ILE A 106 95.99 54.38 -41.70
CA ILE A 106 94.94 53.37 -41.79
C ILE A 106 94.14 53.61 -43.07
N LEU A 107 93.80 52.53 -43.76
CA LEU A 107 93.04 52.60 -45.00
C LEU A 107 91.59 52.18 -44.83
N MET A 108 91.32 51.13 -44.07
CA MET A 108 89.97 50.63 -43.88
C MET A 108 89.93 49.78 -42.63
N THR A 109 88.84 49.87 -41.88
CA THR A 109 88.74 49.21 -40.58
C THR A 109 87.51 48.31 -40.55
N TRP A 110 87.67 47.11 -39.99
CA TRP A 110 86.57 46.21 -39.69
C TRP A 110 86.40 46.16 -38.18
N ASN A 111 85.21 46.54 -37.71
CA ASN A 111 84.94 46.63 -36.28
C ASN A 111 84.06 45.45 -35.85
N VAL A 112 84.48 44.76 -34.82
CA VAL A 112 83.79 43.58 -34.30
C VAL A 112 83.53 43.80 -32.82
N ALA A 113 82.25 43.70 -32.43
CA ALA A 113 81.82 44.09 -31.09
C ALA A 113 81.46 42.88 -30.25
N ASN A 114 81.90 42.91 -28.99
CA ASN A 114 81.49 41.94 -27.97
C ASN A 114 81.84 40.51 -28.39
N ALA A 115 83.14 40.25 -28.51
CA ALA A 115 83.65 38.95 -28.90
C ALA A 115 84.21 38.22 -27.69
N PHE A 116 83.95 36.91 -27.62
CA PHE A 116 84.48 36.07 -26.56
C PHE A 116 84.87 34.72 -27.16
N PRO A 117 85.90 34.07 -26.62
CA PRO A 117 86.41 32.85 -27.25
C PRO A 117 85.53 31.64 -27.00
N THR A 118 85.42 30.79 -28.01
CA THR A 118 84.71 29.53 -27.91
C THR A 118 85.59 28.31 -28.15
N SER A 119 86.75 28.46 -28.78
CA SER A 119 87.61 27.33 -29.09
C SER A 119 89.05 27.80 -29.18
N PHE A 120 89.98 26.89 -28.87
CA PHE A 120 91.41 27.18 -28.91
C PHE A 120 92.12 25.93 -29.39
N THR A 121 92.91 26.06 -30.44
CA THR A 121 93.62 24.94 -31.05
C THR A 121 95.12 25.10 -30.81
N SER A 122 95.73 24.09 -30.21
CA SER A 122 97.17 24.07 -29.96
C SER A 122 97.91 23.57 -31.19
N PRO A 123 99.19 23.89 -31.33
CA PRO A 123 99.96 23.38 -32.47
C PRO A 123 100.11 21.86 -32.41
N SER A 124 100.21 21.25 -33.58
CA SER A 124 100.44 19.83 -33.68
C SER A 124 101.94 19.57 -33.73
N PHE A 125 102.43 18.74 -32.80
CA PHE A 125 103.86 18.48 -32.66
C PHE A 125 104.23 17.34 -33.60
N ASP A 126 104.87 17.68 -34.71
CA ASP A 126 105.30 16.72 -35.71
C ASP A 126 106.83 16.75 -35.79
N ALA A 127 107.45 15.59 -35.65
CA ALA A 127 108.91 15.50 -35.63
C ALA A 127 109.53 15.58 -37.02
N THR A 128 108.74 15.47 -38.08
CA THR A 128 109.25 15.51 -39.44
C THR A 128 108.95 16.83 -40.14
N SER A 129 108.40 17.81 -39.44
CA SER A 129 107.97 19.05 -40.05
C SER A 129 109.03 20.14 -39.91
N ASN A 130 108.89 21.17 -40.73
CA ASN A 130 109.79 22.32 -40.76
C ASN A 130 108.99 23.62 -40.71
N GLU A 131 108.02 23.67 -39.82
CA GLU A 131 107.11 24.80 -39.70
C GLU A 131 107.22 25.43 -38.33
N ILE A 132 106.45 26.49 -38.11
CA ILE A 132 106.40 27.22 -36.86
C ILE A 132 105.13 26.83 -36.12
N ALA A 133 105.23 26.64 -34.81
CA ALA A 133 104.07 26.33 -33.99
C ALA A 133 103.04 27.45 -34.10
N VAL A 134 101.83 27.10 -34.52
CA VAL A 134 100.76 28.07 -34.75
C VAL A 134 99.56 27.71 -33.89
N GLN A 135 99.08 28.67 -33.13
CA GLN A 135 97.86 28.51 -32.35
C GLN A 135 96.71 29.27 -33.03
N GLU A 136 95.50 28.78 -32.82
CA GLU A 136 94.31 29.37 -33.42
C GLU A 136 93.24 29.55 -32.35
N ILE A 137 92.55 30.69 -32.38
CA ILE A 137 91.49 30.99 -31.44
C ILE A 137 90.24 31.35 -32.23
N ALA A 138 89.10 30.82 -31.78
CA ALA A 138 87.82 31.06 -32.42
C ALA A 138 86.93 31.90 -31.50
N LEU A 139 86.27 32.90 -32.07
CA LEU A 139 85.51 33.87 -31.29
C LEU A 139 84.10 33.99 -31.84
N THR A 140 83.16 34.32 -30.95
CA THR A 140 81.78 34.60 -31.32
C THR A 140 81.45 36.04 -30.97
N ALA A 141 80.83 36.76 -31.90
CA ALA A 141 80.61 38.18 -31.74
C ALA A 141 79.15 38.51 -32.00
N ASP A 142 78.85 39.80 -31.92
CA ASP A 142 77.47 40.30 -32.08
C ASP A 142 77.27 41.01 -33.42
N ARG A 143 78.23 41.84 -33.82
CA ARG A 143 78.03 42.74 -34.95
C ARG A 143 79.36 42.99 -35.65
N VAL A 144 79.28 43.32 -36.92
CA VAL A 144 80.44 43.69 -37.73
C VAL A 144 80.09 44.93 -38.54
N THR A 145 80.98 45.92 -38.53
CA THR A 145 80.80 47.14 -39.29
C THR A 145 82.10 47.49 -40.00
N ILE A 146 81.98 48.25 -41.09
CA ILE A 146 83.11 48.68 -41.90
C ILE A 146 83.12 50.20 -41.93
N GLN A 147 84.27 50.79 -41.62
CA GLN A 147 84.47 52.23 -41.65
C GLN A 147 85.64 52.54 -42.57
N ALA A 148 85.39 53.36 -43.59
CA ALA A 148 86.41 53.74 -44.55
C ALA A 148 87.14 54.99 -44.07
N ALA A 149 88.46 54.90 -43.98
CA ALA A 149 89.27 56.02 -43.54
C ALA A 149 89.37 57.09 -44.62
N ALA B 2 89.34 33.53 -95.75
CA ALA B 2 89.23 34.93 -95.36
C ALA B 2 87.92 35.19 -94.63
N ILE B 3 88.01 35.67 -93.40
CA ILE B 3 86.86 35.95 -92.57
C ILE B 3 86.94 37.39 -92.10
N THR B 4 85.91 38.17 -92.41
CA THR B 4 85.78 39.59 -92.09
C THR B 4 85.38 39.77 -90.62
N PRO B 5 85.85 40.85 -89.97
CA PRO B 5 85.42 41.09 -88.58
C PRO B 5 83.91 41.21 -88.42
N GLU B 6 83.19 41.73 -89.42
CA GLU B 6 81.74 41.77 -89.33
C GLU B 6 81.13 40.37 -89.29
N GLN B 7 81.73 39.42 -90.02
CA GLN B 7 81.24 38.05 -89.95
C GLN B 7 81.42 37.45 -88.56
N ILE B 8 82.53 37.79 -87.90
CA ILE B 8 82.77 37.28 -86.56
C ILE B 8 81.73 37.82 -85.58
N ALA B 9 81.40 39.10 -85.71
CA ALA B 9 80.41 39.70 -84.81
C ALA B 9 79.02 39.15 -85.01
N VAL B 10 78.77 38.41 -86.10
CA VAL B 10 77.44 37.89 -86.39
C VAL B 10 77.36 36.39 -86.13
N GLU B 11 78.41 35.64 -86.44
CA GLU B 11 78.35 34.19 -86.41
C GLU B 11 79.15 33.54 -85.29
N TYR B 12 80.12 34.23 -84.72
CA TYR B 12 80.99 33.60 -83.73
C TYR B 12 80.41 33.72 -82.32
N PRO B 13 80.71 32.76 -81.45
CA PRO B 13 80.24 32.84 -80.06
C PRO B 13 80.95 33.94 -79.30
N ILE B 14 80.36 34.29 -78.15
CA ILE B 14 80.84 35.40 -77.33
C ILE B 14 81.65 34.89 -76.15
N PRO B 15 82.77 35.53 -75.81
CA PRO B 15 83.51 35.17 -74.60
C PRO B 15 82.87 35.79 -73.37
N THR B 16 83.42 35.43 -72.20
CA THR B 16 82.81 35.78 -70.91
C THR B 16 83.49 36.94 -70.19
N TYR B 17 84.68 37.35 -70.60
CA TYR B 17 85.48 38.21 -69.74
C TYR B 17 85.15 39.69 -69.87
N ARG B 18 84.34 40.09 -70.84
CA ARG B 18 84.00 41.49 -71.04
C ARG B 18 82.51 41.69 -70.76
N PHE B 19 82.20 42.35 -69.65
CA PHE B 19 80.81 42.57 -69.25
C PHE B 19 80.73 43.80 -68.36
N VAL B 20 79.53 44.36 -68.29
CA VAL B 20 79.24 45.53 -67.47
C VAL B 20 77.98 45.27 -66.67
N VAL B 21 78.01 45.60 -65.38
CA VAL B 21 76.93 45.30 -64.45
C VAL B 21 76.31 46.60 -63.98
N SER B 22 74.99 46.67 -64.02
CA SER B 22 74.23 47.82 -63.53
C SER B 22 73.44 47.39 -62.31
N VAL B 23 73.71 48.04 -61.18
CA VAL B 23 73.01 47.76 -59.93
C VAL B 23 72.11 48.94 -59.64
N GLY B 24 70.80 48.71 -59.66
CA GLY B 24 69.87 49.83 -59.55
C GLY B 24 70.00 50.73 -60.75
N ASP B 25 70.15 52.03 -60.49
CA ASP B 25 70.39 53.02 -61.53
C ASP B 25 71.86 53.42 -61.63
N GLU B 26 72.75 52.67 -60.99
CA GLU B 26 74.18 52.95 -60.97
C GLU B 26 74.93 51.75 -61.54
N GLN B 27 76.08 52.03 -62.15
CA GLN B 27 76.91 51.00 -62.75
C GLN B 27 78.16 50.80 -61.90
N ILE B 28 78.47 49.55 -61.56
CA ILE B 28 79.58 49.23 -60.69
C ILE B 28 80.45 48.17 -61.36
N PRO B 29 81.76 48.36 -61.43
CA PRO B 29 82.63 47.32 -62.02
C PRO B 29 82.78 46.13 -61.07
N PHE B 30 82.60 44.93 -61.61
CA PHE B 30 82.69 43.70 -60.84
C PHE B 30 83.71 42.76 -61.46
N ASN B 31 84.22 41.85 -60.64
CA ASN B 31 85.19 40.87 -61.10
C ASN B 31 84.56 39.54 -61.46
N ASN B 32 83.46 39.16 -60.81
CA ASN B 32 82.84 37.88 -61.06
C ASN B 32 81.34 37.97 -60.76
N VAL B 33 80.54 37.38 -61.64
CA VAL B 33 79.09 37.28 -61.46
C VAL B 33 78.66 35.87 -61.83
N SER B 34 77.85 35.24 -60.99
CA SER B 34 77.43 33.86 -61.23
C SER B 34 76.14 33.58 -60.49
N GLY B 35 75.48 32.49 -60.89
CA GLY B 35 74.27 32.03 -60.25
C GLY B 35 72.98 32.33 -60.99
N LEU B 36 73.06 32.80 -62.23
CA LEU B 36 71.88 33.25 -62.97
C LEU B 36 71.12 32.06 -63.54
N ASP B 37 70.71 31.17 -62.65
CA ASP B 37 70.07 29.91 -63.04
C ASP B 37 68.57 29.96 -62.77
N VAL B 38 67.83 29.18 -63.55
CA VAL B 38 66.38 29.05 -63.40
C VAL B 38 66.07 27.56 -63.21
N HIS B 39 65.29 27.25 -62.18
CA HIS B 39 64.96 25.87 -61.86
C HIS B 39 63.46 25.72 -61.69
N TYR B 40 62.96 24.52 -61.99
CA TYR B 40 61.56 24.16 -61.82
C TYR B 40 61.47 22.79 -61.17
N ASP B 41 60.37 22.56 -60.44
CA ASP B 41 60.07 21.25 -59.93
C ASP B 41 59.25 20.46 -60.93
N VAL B 42 59.15 19.15 -60.69
CA VAL B 42 58.43 18.24 -61.57
C VAL B 42 57.32 17.58 -60.76
N ILE B 43 56.10 17.60 -61.31
CA ILE B 43 54.94 16.98 -60.68
C ILE B 43 54.59 15.74 -61.50
N GLU B 44 54.50 14.60 -60.83
CA GLU B 44 54.26 13.32 -61.47
C GLU B 44 52.95 12.72 -60.98
N TYR B 45 52.38 11.86 -61.82
CA TYR B 45 51.14 11.16 -61.48
C TYR B 45 51.11 9.82 -62.19
N LYS B 46 50.94 8.75 -61.43
CA LYS B 46 50.86 7.41 -61.96
C LYS B 46 49.51 6.79 -61.65
N ASP B 47 49.10 5.83 -62.47
CA ASP B 47 47.81 5.18 -62.34
C ASP B 47 47.97 3.68 -62.54
N GLY B 48 46.88 2.96 -62.27
CA GLY B 48 46.94 1.51 -62.28
C GLY B 48 47.22 0.89 -63.64
N ILE B 49 46.66 1.47 -64.71
CA ILE B 49 46.76 0.87 -66.03
C ILE B 49 48.05 1.23 -66.74
N GLY B 50 48.97 1.93 -66.08
CA GLY B 50 50.29 2.17 -66.63
C GLY B 50 50.55 3.56 -67.16
N ASN B 51 49.66 4.51 -66.94
CA ASN B 51 49.92 5.87 -67.38
C ASN B 51 50.95 6.54 -66.49
N TYR B 52 51.58 7.58 -67.03
CA TYR B 52 52.67 8.28 -66.33
C TYR B 52 52.70 9.70 -66.87
N TYR B 53 52.27 10.66 -66.06
CA TYR B 53 52.19 12.06 -66.46
C TYR B 53 53.25 12.86 -65.73
N LYS B 54 53.93 13.76 -66.45
CA LYS B 54 54.90 14.66 -65.88
C LYS B 54 54.58 16.08 -66.32
N MET B 55 54.57 17.01 -65.37
CA MET B 55 54.31 18.41 -65.64
C MET B 55 55.34 19.26 -64.90
N PRO B 56 55.64 20.44 -65.43
CA PRO B 56 56.47 21.38 -64.67
C PRO B 56 55.76 21.84 -63.41
N GLY B 57 56.55 22.12 -62.37
CA GLY B 57 56.03 22.55 -61.09
C GLY B 57 56.18 24.04 -60.88
N GLN B 58 56.55 24.41 -59.66
CA GLN B 58 56.75 25.81 -59.31
C GLN B 58 58.19 26.21 -59.53
N ARG B 59 58.39 27.44 -60.00
CA ARG B 59 59.73 27.97 -60.19
C ARG B 59 60.35 28.33 -58.85
N GLN B 60 61.64 28.04 -58.71
CA GLN B 60 62.35 28.34 -57.48
C GLN B 60 62.90 29.77 -57.51
N SER B 61 63.39 30.23 -56.37
CA SER B 61 63.93 31.57 -56.26
C SER B 61 65.33 31.64 -56.88
N ILE B 62 65.70 32.83 -57.33
CA ILE B 62 66.97 33.07 -58.00
C ILE B 62 67.98 33.56 -56.98
N ASN B 63 69.17 32.96 -56.98
CA ASN B 63 70.25 33.34 -56.09
C ASN B 63 71.45 33.78 -56.91
N ILE B 64 72.04 34.92 -56.53
CA ILE B 64 73.09 35.56 -57.30
C ILE B 64 74.24 35.89 -56.36
N THR B 65 75.48 35.72 -56.85
CA THR B 65 76.66 36.14 -56.14
C THR B 65 77.48 37.06 -57.04
N LEU B 66 78.03 38.12 -56.46
CA LEU B 66 78.89 39.07 -57.16
C LEU B 66 80.18 39.24 -56.37
N ARG B 67 81.30 39.29 -57.07
CA ARG B 67 82.61 39.42 -56.46
C ARG B 67 83.27 40.71 -56.93
N LYS B 68 83.80 41.47 -55.99
CA LYS B 68 84.40 42.78 -56.27
C LYS B 68 85.63 42.97 -55.41
N GLY B 69 86.59 43.73 -55.93
CA GLY B 69 87.75 44.09 -55.15
C GLY B 69 87.45 45.20 -54.15
N VAL B 70 88.36 45.37 -53.21
CA VAL B 70 88.23 46.38 -52.15
C VAL B 70 89.00 47.61 -52.59
N PHE B 71 88.31 48.74 -52.66
CA PHE B 71 88.91 49.99 -53.11
C PHE B 71 88.87 51.03 -52.00
N PRO B 72 89.83 51.95 -51.97
CA PRO B 72 89.86 52.94 -50.88
C PRO B 72 88.61 53.80 -50.87
N GLY B 73 88.06 53.99 -49.66
CA GLY B 73 86.93 54.86 -49.48
C GLY B 73 85.61 54.33 -50.00
N ASP B 74 85.54 53.07 -50.42
CA ASP B 74 84.35 52.50 -51.02
C ASP B 74 83.75 51.46 -50.07
N THR B 75 82.49 51.68 -49.66
CA THR B 75 81.76 50.73 -48.84
C THR B 75 80.31 50.62 -49.30
N LYS B 76 80.06 50.78 -50.60
CA LYS B 76 78.69 50.81 -51.11
C LYS B 76 77.97 49.49 -50.88
N LEU B 77 78.63 48.36 -51.20
CA LEU B 77 77.97 47.06 -51.08
C LEU B 77 77.64 46.74 -49.64
N PHE B 78 78.56 47.02 -48.70
CA PHE B 78 78.26 46.78 -47.30
C PHE B 78 77.18 47.71 -46.78
N ASP B 79 77.15 48.96 -47.26
CA ASP B 79 76.13 49.90 -46.82
C ASP B 79 74.73 49.42 -47.22
N TRP B 80 74.64 48.68 -48.33
CA TRP B 80 73.35 48.18 -48.77
C TRP B 80 72.83 47.10 -47.82
N ILE B 81 73.67 46.12 -47.47
CA ILE B 81 73.24 45.03 -46.61
C ILE B 81 73.08 45.49 -45.16
N ASN B 82 73.75 46.57 -44.78
CA ASN B 82 73.65 47.08 -43.42
C ASN B 82 72.44 47.97 -43.20
N SER B 83 71.66 48.22 -44.24
CA SER B 83 70.47 49.06 -44.15
C SER B 83 69.21 48.28 -43.80
N ILE B 84 69.30 46.96 -43.67
CA ILE B 84 68.15 46.15 -43.30
C ILE B 84 67.72 46.48 -41.88
N GLN B 85 66.44 46.82 -41.70
CA GLN B 85 65.96 47.22 -40.37
C GLN B 85 65.37 46.04 -39.61
N LEU B 86 64.20 45.56 -40.04
CA LEU B 86 63.64 44.31 -39.53
C LEU B 86 63.33 43.34 -40.65
N ASN B 87 62.51 43.75 -41.62
CA ASN B 87 62.29 43.00 -42.85
C ASN B 87 62.16 43.95 -44.04
N GLN B 88 62.62 45.19 -43.87
CA GLN B 88 62.54 46.21 -44.91
C GLN B 88 63.94 46.44 -45.48
N VAL B 89 64.01 46.51 -46.80
CA VAL B 89 65.28 46.79 -47.48
C VAL B 89 64.94 47.31 -48.87
N GLU B 90 65.82 48.13 -49.42
CA GLU B 90 65.64 48.66 -50.76
C GLU B 90 66.01 47.59 -51.78
N LYS B 91 65.06 47.23 -52.62
CA LYS B 91 65.29 46.22 -53.65
C LYS B 91 65.64 46.90 -54.97
N LYS B 92 66.66 46.37 -55.65
CA LYS B 92 67.19 46.96 -56.86
C LYS B 92 67.17 45.95 -57.99
N ASP B 93 66.95 46.46 -59.20
CA ASP B 93 67.06 45.66 -60.40
C ASP B 93 68.50 45.63 -60.88
N ILE B 94 68.92 44.48 -61.41
CA ILE B 94 70.31 44.25 -61.79
C ILE B 94 70.36 43.76 -63.23
N ALA B 95 71.26 44.34 -64.02
CA ALA B 95 71.42 43.98 -65.41
C ALA B 95 72.89 43.68 -65.70
N ILE B 96 73.14 42.54 -66.32
CA ILE B 96 74.49 42.14 -66.73
C ILE B 96 74.49 42.01 -68.25
N SER B 97 75.43 42.70 -68.90
CA SER B 97 75.46 42.78 -70.36
C SER B 97 76.82 42.37 -70.88
N LEU B 98 76.82 41.46 -71.86
CA LEU B 98 78.03 41.20 -72.64
C LEU B 98 78.26 42.35 -73.59
N THR B 99 79.50 42.84 -73.66
CA THR B 99 79.77 44.14 -74.22
C THR B 99 80.79 44.06 -75.34
N ASN B 100 80.74 45.06 -76.22
CA ASN B 100 81.76 45.28 -77.24
C ASN B 100 83.12 45.40 -76.54
N GLU B 101 84.17 44.99 -77.24
CA GLU B 101 85.52 45.02 -76.66
C GLU B 101 85.91 46.41 -76.17
N ALA B 102 85.29 47.46 -76.72
CA ALA B 102 85.55 48.82 -76.29
C ALA B 102 84.50 49.39 -75.35
N GLY B 103 83.42 48.65 -75.11
CA GLY B 103 82.40 49.09 -74.17
C GLY B 103 81.31 49.96 -74.74
N THR B 104 81.26 50.15 -76.06
CA THR B 104 80.31 51.07 -76.68
C THR B 104 79.13 50.35 -77.34
N GLU B 105 79.00 49.04 -77.16
CA GLU B 105 77.91 48.30 -77.79
C GLU B 105 77.57 47.09 -76.94
N ILE B 106 76.28 46.80 -76.81
CA ILE B 106 75.77 45.69 -76.02
C ILE B 106 75.44 44.53 -76.94
N LEU B 107 75.68 43.31 -76.46
CA LEU B 107 75.44 42.10 -77.23
C LEU B 107 74.34 41.23 -76.65
N MET B 108 74.27 41.09 -75.32
CA MET B 108 73.27 40.27 -74.67
C MET B 108 73.10 40.77 -73.25
N THR B 109 71.87 40.76 -72.75
CA THR B 109 71.55 41.33 -71.45
C THR B 109 70.82 40.33 -70.59
N TRP B 110 71.26 40.18 -69.34
CA TRP B 110 70.57 39.38 -68.34
C TRP B 110 69.91 40.33 -67.36
N ASN B 111 68.59 40.23 -67.22
CA ASN B 111 67.82 41.15 -66.39
C ASN B 111 67.38 40.44 -65.12
N VAL B 112 67.62 41.06 -63.97
CA VAL B 112 67.26 40.52 -62.67
C VAL B 112 66.41 41.54 -61.94
N ALA B 113 65.25 41.11 -61.46
CA ALA B 113 64.26 42.00 -60.88
C ALA B 113 64.11 41.78 -59.38
N ASN B 114 64.08 42.88 -58.63
CA ASN B 114 63.78 42.88 -57.20
C ASN B 114 64.75 42.00 -56.43
N ALA B 115 66.03 42.40 -56.45
CA ALA B 115 67.08 41.71 -55.74
C ALA B 115 67.44 42.46 -54.46
N PHE B 116 67.66 41.71 -53.38
CA PHE B 116 68.10 42.29 -52.12
C PHE B 116 69.14 41.37 -51.50
N PRO B 117 70.09 41.94 -50.74
CA PRO B 117 71.21 41.13 -50.25
C PRO B 117 70.81 40.24 -49.08
N THR B 118 71.43 39.06 -49.05
CA THR B 118 71.25 38.13 -47.95
C THR B 118 72.55 37.77 -47.23
N SER B 119 73.70 37.98 -47.85
CA SER B 119 74.97 37.63 -47.23
C SER B 119 76.07 38.54 -47.78
N PHE B 120 77.06 38.79 -46.93
CA PHE B 120 78.21 39.62 -47.31
C PHE B 120 79.46 38.98 -46.73
N THR B 121 80.46 38.76 -47.58
CA THR B 121 81.71 38.11 -47.18
C THR B 121 82.85 39.10 -47.33
N SER B 122 83.57 39.35 -46.24
CA SER B 122 84.73 40.22 -46.21
C SER B 122 85.97 39.47 -46.64
N PRO B 123 87.01 40.17 -47.07
CA PRO B 123 88.26 39.48 -47.43
C PRO B 123 88.91 38.82 -46.23
N SER B 124 89.61 37.72 -46.49
CA SER B 124 90.38 37.04 -45.47
C SER B 124 91.78 37.64 -45.43
N PHE B 125 92.23 38.00 -44.23
CA PHE B 125 93.49 38.72 -44.04
C PHE B 125 94.59 37.70 -43.81
N ASP B 126 95.39 37.44 -44.84
CA ASP B 126 96.47 36.47 -44.78
C ASP B 126 97.79 37.21 -44.99
N ALA B 127 98.72 37.02 -44.05
CA ALA B 127 99.99 37.74 -44.11
C ALA B 127 100.99 37.12 -45.05
N THR B 128 100.69 35.95 -45.62
CA THR B 128 101.59 35.27 -46.55
C THR B 128 101.07 35.29 -47.98
N SER B 129 99.97 35.99 -48.25
CA SER B 129 99.32 35.96 -49.55
C SER B 129 99.78 37.14 -50.41
N ASN B 130 99.57 37.00 -51.71
CA ASN B 130 99.93 38.01 -52.70
C ASN B 130 98.74 38.31 -53.59
N GLU B 131 97.58 38.51 -52.98
CA GLU B 131 96.33 38.73 -53.70
C GLU B 131 95.74 40.09 -53.32
N ILE B 132 94.60 40.39 -53.94
CA ILE B 132 93.86 41.62 -53.69
C ILE B 132 92.66 41.30 -52.83
N ALA B 133 92.38 42.17 -51.86
CA ALA B 133 91.21 42.00 -51.02
C ALA B 133 89.94 42.01 -51.87
N VAL B 134 89.14 40.95 -51.75
CA VAL B 134 87.95 40.77 -52.57
C VAL B 134 86.76 40.53 -51.66
N GLN B 135 85.71 41.32 -51.85
CA GLN B 135 84.47 41.16 -51.12
C GLN B 135 83.43 40.49 -52.01
N GLU B 136 82.51 39.78 -51.36
CA GLU B 136 81.46 39.03 -52.06
C GLU B 136 80.11 39.38 -51.45
N ILE B 137 79.10 39.53 -52.31
CA ILE B 137 77.73 39.80 -51.87
C ILE B 137 76.82 38.76 -52.50
N ALA B 138 75.80 38.35 -51.76
CA ALA B 138 74.83 37.37 -52.21
C ALA B 138 73.45 38.01 -52.23
N LEU B 139 72.70 37.77 -53.31
CA LEU B 139 71.42 38.43 -53.54
C LEU B 139 70.35 37.41 -53.87
N THR B 140 69.13 37.67 -53.41
CA THR B 140 67.96 36.86 -53.72
C THR B 140 67.00 37.70 -54.55
N ALA B 141 66.50 37.12 -55.64
CA ALA B 141 65.65 37.86 -56.56
C ALA B 141 64.45 37.02 -56.93
N ASP B 142 63.64 37.57 -57.83
CA ASP B 142 62.39 36.93 -58.25
C ASP B 142 62.49 36.32 -59.64
N ARG B 143 62.94 37.09 -60.63
CA ARG B 143 62.83 36.72 -62.02
C ARG B 143 64.14 37.00 -62.75
N VAL B 144 64.37 36.22 -63.81
CA VAL B 144 65.51 36.42 -64.70
C VAL B 144 65.01 36.32 -66.14
N THR B 145 65.39 37.30 -66.96
CA THR B 145 65.04 37.30 -68.37
C THR B 145 66.27 37.63 -69.20
N ILE B 146 66.28 37.14 -70.43
CA ILE B 146 67.40 37.32 -71.35
C ILE B 146 66.88 38.06 -72.57
N GLN B 147 67.54 39.17 -72.91
CA GLN B 147 67.17 39.99 -74.06
C GLN B 147 68.35 40.07 -75.00
N ALA B 148 68.11 39.79 -76.28
CA ALA B 148 69.14 39.80 -77.31
C ALA B 148 69.21 41.17 -77.94
N ALA B 149 70.41 41.75 -77.97
CA ALA B 149 70.60 43.06 -78.57
C ALA B 149 70.73 42.96 -80.09
N ALA C 2 96.92 -4.57 -93.97
CA ALA C 2 96.08 -3.96 -94.99
C ALA C 2 94.63 -3.95 -94.56
N ILE C 3 94.13 -2.77 -94.19
CA ILE C 3 92.75 -2.59 -93.77
C ILE C 3 92.14 -1.49 -94.61
N THR C 4 91.05 -1.81 -95.30
CA THR C 4 90.35 -0.91 -96.20
C THR C 4 89.40 -0.02 -95.40
N PRO C 5 89.16 1.22 -95.84
CA PRO C 5 88.19 2.07 -95.12
C PRO C 5 86.82 1.44 -94.95
N GLU C 6 86.34 0.67 -95.92
CA GLU C 6 85.05 0.02 -95.77
C GLU C 6 85.05 -1.01 -94.63
N GLN C 7 86.20 -1.64 -94.38
CA GLN C 7 86.29 -2.53 -93.23
C GLN C 7 86.15 -1.77 -91.92
N ILE C 8 86.78 -0.59 -91.83
CA ILE C 8 86.72 0.19 -90.60
C ILE C 8 85.29 0.63 -90.30
N ALA C 9 84.55 1.00 -91.34
CA ALA C 9 83.16 1.45 -91.15
C ALA C 9 82.27 0.31 -90.69
N VAL C 10 82.73 -0.93 -90.79
CA VAL C 10 81.89 -2.08 -90.45
C VAL C 10 82.31 -2.71 -89.13
N GLU C 11 83.61 -2.72 -88.83
CA GLU C 11 84.13 -3.47 -87.68
C GLU C 11 84.64 -2.60 -86.55
N TYR C 12 85.04 -1.37 -86.81
CA TYR C 12 85.68 -0.58 -85.77
C TYR C 12 84.65 0.14 -84.91
N PRO C 13 84.98 0.40 -83.64
CA PRO C 13 84.07 1.16 -82.79
C PRO C 13 84.01 2.63 -83.19
N ILE C 14 82.94 3.29 -82.78
CA ILE C 14 82.64 4.66 -83.20
C ILE C 14 83.10 5.65 -82.14
N PRO C 15 83.71 6.76 -82.53
CA PRO C 15 84.05 7.82 -81.57
C PRO C 15 82.82 8.66 -81.21
N THR C 16 83.01 9.51 -80.18
CA THR C 16 81.92 10.29 -79.61
C THR C 16 81.81 11.71 -80.15
N TYR C 17 82.85 12.22 -80.82
CA TYR C 17 82.95 13.66 -81.02
C TYR C 17 82.17 14.19 -82.22
N ARG C 18 81.59 13.32 -83.05
CA ARG C 18 80.84 13.76 -84.22
C ARG C 18 79.39 13.30 -84.07
N PHE C 19 78.48 14.26 -83.91
CA PHE C 19 77.08 13.95 -83.70
C PHE C 19 76.23 15.16 -84.11
N VAL C 20 74.96 14.89 -84.37
CA VAL C 20 73.99 15.91 -84.73
C VAL C 20 72.74 15.74 -83.86
N VAL C 21 72.22 16.85 -83.37
CA VAL C 21 71.09 16.84 -82.43
C VAL C 21 69.90 17.53 -83.08
N SER C 22 68.77 16.84 -83.08
CA SER C 22 67.51 17.38 -83.61
C SER C 22 66.54 17.59 -82.45
N VAL C 23 66.18 18.84 -82.19
CA VAL C 23 65.25 19.19 -81.14
C VAL C 23 63.92 19.54 -81.77
N GLY C 24 62.91 18.72 -81.51
CA GLY C 24 61.64 18.89 -82.21
C GLY C 24 61.82 18.61 -83.69
N ASP C 25 61.38 19.54 -84.52
CA ASP C 25 61.55 19.45 -85.96
C ASP C 25 62.69 20.33 -86.46
N GLU C 26 63.55 20.80 -85.56
CA GLU C 26 64.65 21.67 -85.90
C GLU C 26 65.95 21.09 -85.37
N GLN C 27 67.03 21.32 -86.10
CA GLN C 27 68.35 20.82 -85.73
C GLN C 27 69.18 21.97 -85.19
N ILE C 28 69.79 21.75 -84.02
CA ILE C 28 70.57 22.78 -83.34
C ILE C 28 71.95 22.22 -83.00
N PRO C 29 73.03 22.94 -83.29
CA PRO C 29 74.36 22.43 -82.94
C PRO C 29 74.63 22.56 -81.45
N PHE C 30 75.12 21.49 -80.85
CA PHE C 30 75.39 21.44 -79.42
C PHE C 30 76.85 21.05 -79.19
N ASN C 31 77.33 21.34 -77.98
CA ASN C 31 78.70 21.02 -77.61
C ASN C 31 78.81 19.75 -76.78
N ASN C 32 77.84 19.50 -75.91
CA ASN C 32 77.87 18.33 -75.05
C ASN C 32 76.45 17.85 -74.77
N VAL C 33 76.24 16.55 -74.86
CA VAL C 33 74.97 15.91 -74.56
C VAL C 33 75.24 14.70 -73.67
N SER C 34 74.52 14.60 -72.56
CA SER C 34 74.76 13.52 -71.60
C SER C 34 73.49 13.24 -70.81
N GLY C 35 73.47 12.07 -70.17
CA GLY C 35 72.41 11.69 -69.26
C GLY C 35 71.42 10.67 -69.77
N LEU C 36 71.64 10.10 -70.96
CA LEU C 36 70.68 9.18 -71.57
C LEU C 36 70.83 7.79 -70.95
N ASP C 37 70.36 7.66 -69.71
CA ASP C 37 70.46 6.43 -68.96
C ASP C 37 69.07 5.88 -68.65
N VAL C 38 68.98 4.55 -68.58
CA VAL C 38 67.74 3.85 -68.25
C VAL C 38 67.98 3.09 -66.96
N HIS C 39 67.09 3.26 -65.99
CA HIS C 39 67.22 2.63 -64.68
C HIS C 39 65.93 1.92 -64.31
N TYR C 40 66.08 0.81 -63.59
CA TYR C 40 64.96 0.04 -63.08
C TYR C 40 65.16 -0.24 -61.60
N ASP C 41 64.05 -0.38 -60.89
CA ASP C 41 64.09 -0.82 -59.51
C ASP C 41 64.04 -2.35 -59.45
N VAL C 42 64.36 -2.89 -58.28
CA VAL C 42 64.38 -4.33 -58.07
C VAL C 42 63.42 -4.66 -56.93
N ILE C 43 62.53 -5.61 -57.18
CA ILE C 43 61.57 -6.07 -56.19
C ILE C 43 62.00 -7.45 -55.72
N GLU C 44 62.11 -7.63 -54.42
CA GLU C 44 62.61 -8.86 -53.83
C GLU C 44 61.57 -9.47 -52.89
N TYR C 45 61.70 -10.77 -52.67
CA TYR C 45 60.78 -11.50 -51.80
C TYR C 45 61.50 -12.70 -51.23
N LYS C 46 61.59 -12.76 -49.90
CA LYS C 46 62.20 -13.88 -49.20
C LYS C 46 61.16 -14.64 -48.41
N ASP C 47 61.35 -15.94 -48.30
CA ASP C 47 60.46 -16.83 -47.59
C ASP C 47 61.24 -17.61 -46.53
N GLY C 48 60.51 -18.39 -45.73
CA GLY C 48 61.12 -19.05 -44.58
C GLY C 48 61.99 -20.23 -44.92
N ILE C 49 61.79 -20.87 -46.07
CA ILE C 49 62.52 -22.09 -46.40
C ILE C 49 63.75 -21.75 -47.24
N GLY C 50 64.06 -20.46 -47.37
CA GLY C 50 65.27 -20.04 -48.01
C GLY C 50 65.16 -19.57 -49.44
N ASN C 51 63.95 -19.44 -49.98
CA ASN C 51 63.81 -18.94 -51.34
C ASN C 51 64.12 -17.44 -51.39
N TYR C 52 64.46 -16.98 -52.58
CA TYR C 52 64.86 -15.59 -52.79
C TYR C 52 64.54 -15.24 -54.24
N TYR C 53 63.52 -14.41 -54.45
CA TYR C 53 63.08 -14.02 -55.78
C TYR C 53 63.43 -12.57 -56.04
N LYS C 54 63.90 -12.29 -57.25
CA LYS C 54 64.20 -10.92 -57.69
C LYS C 54 63.55 -10.67 -59.03
N MET C 55 62.95 -9.49 -59.18
CA MET C 55 62.26 -9.10 -60.40
C MET C 55 62.60 -7.65 -60.71
N PRO C 56 62.53 -7.26 -61.98
CA PRO C 56 62.61 -5.83 -62.30
C PRO C 56 61.39 -5.08 -61.78
N GLY C 57 61.60 -3.81 -61.45
CA GLY C 57 60.53 -2.99 -60.95
C GLY C 57 60.04 -1.95 -61.95
N GLN C 58 59.71 -0.76 -61.48
CA GLN C 58 59.27 0.30 -62.36
C GLN C 58 60.45 1.05 -62.95
N ARG C 59 60.29 1.49 -64.19
CA ARG C 59 61.31 2.29 -64.85
C ARG C 59 61.26 3.72 -64.37
N GLN C 60 62.43 4.30 -64.11
CA GLN C 60 62.53 5.67 -63.65
C GLN C 60 62.51 6.63 -64.85
N SER C 61 62.37 7.92 -64.55
CA SER C 61 62.31 8.92 -65.59
C SER C 61 63.71 9.25 -66.10
N ILE C 62 63.76 9.82 -67.30
CA ILE C 62 65.02 10.12 -67.99
C ILE C 62 65.32 11.60 -67.85
N ASN C 63 66.54 11.92 -67.43
CA ASN C 63 67.00 13.29 -67.31
C ASN C 63 68.16 13.52 -68.26
N ILE C 64 68.13 14.63 -68.99
CA ILE C 64 69.08 14.91 -70.05
C ILE C 64 69.55 16.34 -69.94
N THR C 65 70.85 16.56 -70.13
CA THR C 65 71.45 17.88 -70.10
C THR C 65 72.16 18.14 -71.43
N LEU C 66 71.88 19.30 -72.03
CA LEU C 66 72.53 19.73 -73.26
C LEU C 66 73.32 21.01 -72.97
N ARG C 67 74.51 21.10 -73.55
CA ARG C 67 75.40 22.23 -73.36
C ARG C 67 75.64 22.89 -74.71
N LYS C 68 75.65 24.22 -74.72
CA LYS C 68 75.75 24.99 -75.96
C LYS C 68 76.36 26.34 -75.66
N GLY C 69 77.14 26.85 -76.62
CA GLY C 69 77.71 28.17 -76.49
C GLY C 69 76.69 29.27 -76.70
N VAL C 70 77.09 30.48 -76.37
CA VAL C 70 76.22 31.66 -76.48
C VAL C 70 76.56 32.39 -77.77
N PHE C 71 75.56 32.53 -78.64
CA PHE C 71 75.75 33.17 -79.94
C PHE C 71 74.94 34.46 -80.01
N PRO C 72 75.36 35.42 -80.82
CA PRO C 72 74.65 36.71 -80.87
C PRO C 72 73.25 36.55 -81.44
N GLY C 73 72.27 37.12 -80.72
CA GLY C 73 70.90 37.11 -81.18
C GLY C 73 70.15 35.81 -81.03
N ASP C 74 70.75 34.82 -80.36
CA ASP C 74 70.14 33.50 -80.21
C ASP C 74 69.73 33.30 -78.76
N THR C 75 68.43 33.16 -78.52
CA THR C 75 67.89 32.87 -77.20
C THR C 75 66.83 31.79 -77.29
N LYS C 76 67.02 30.86 -78.23
CA LYS C 76 66.00 29.84 -78.49
C LYS C 76 65.78 28.93 -77.28
N LEU C 77 66.87 28.50 -76.64
CA LEU C 77 66.74 27.58 -75.50
C LEU C 77 66.06 28.25 -74.31
N PHE C 78 66.42 29.51 -74.03
CA PHE C 78 65.79 30.20 -72.92
C PHE C 78 64.31 30.49 -73.19
N ASP C 79 63.95 30.72 -74.44
CA ASP C 79 62.55 30.97 -74.76
C ASP C 79 61.69 29.74 -74.48
N TRP C 80 62.25 28.55 -74.71
CA TRP C 80 61.49 27.32 -74.48
C TRP C 80 61.16 27.15 -73.00
N ILE C 81 62.12 27.40 -72.11
CA ILE C 81 61.86 27.25 -70.68
C ILE C 81 61.07 28.41 -70.12
N ASN C 82 61.09 29.57 -70.77
CA ASN C 82 60.35 30.74 -70.31
C ASN C 82 58.90 30.72 -70.74
N SER C 83 58.47 29.72 -71.51
CA SER C 83 57.10 29.62 -71.98
C SER C 83 56.22 28.79 -71.06
N ILE C 84 56.75 28.31 -69.94
CA ILE C 84 55.94 27.54 -68.99
C ILE C 84 54.95 28.48 -68.31
N GLN C 85 53.66 28.12 -68.36
CA GLN C 85 52.63 29.02 -67.81
C GLN C 85 52.30 28.68 -66.36
N LEU C 86 51.64 27.55 -66.14
CA LEU C 86 51.46 27.00 -64.80
C LEU C 86 51.96 25.56 -64.71
N ASN C 87 51.44 24.68 -65.56
CA ASN C 87 51.95 23.32 -65.71
C ASN C 87 51.90 22.91 -67.18
N GLN C 88 51.74 23.87 -68.09
CA GLN C 88 51.66 23.61 -69.52
C GLN C 88 52.95 24.05 -70.19
N VAL C 89 53.49 23.18 -71.04
CA VAL C 89 54.70 23.48 -71.80
C VAL C 89 54.68 22.61 -73.04
N GLU C 90 55.32 23.10 -74.10
CA GLU C 90 55.39 22.34 -75.34
C GLU C 90 56.46 21.27 -75.21
N LYS C 91 56.06 20.01 -75.36
CA LYS C 91 56.97 18.89 -75.26
C LYS C 91 57.48 18.51 -76.65
N LYS C 92 58.78 18.30 -76.77
CA LYS C 92 59.42 18.04 -78.05
C LYS C 92 60.20 16.74 -78.00
N ASP C 93 60.20 16.01 -79.11
CA ASP C 93 61.05 14.84 -79.24
C ASP C 93 62.46 15.25 -79.63
N ILE C 94 63.43 14.48 -79.16
CA ILE C 94 64.84 14.80 -79.35
C ILE C 94 65.57 13.55 -79.85
N ALA C 95 66.36 13.71 -80.90
CA ALA C 95 67.14 12.63 -81.48
C ALA C 95 68.60 13.06 -81.58
N ILE C 96 69.49 12.21 -81.10
CA ILE C 96 70.94 12.44 -81.20
C ILE C 96 71.52 11.30 -82.01
N SER C 97 72.20 11.63 -83.10
CA SER C 97 72.70 10.64 -84.04
C SER C 97 74.20 10.76 -84.19
N LEU C 98 74.91 9.64 -84.07
CA LEU C 98 76.32 9.60 -84.44
C LEU C 98 76.43 9.62 -85.96
N THR C 99 77.24 10.53 -86.48
CA THR C 99 77.20 10.88 -87.89
C THR C 99 78.51 10.50 -88.57
N ASN C 100 78.45 10.42 -89.89
CA ASN C 100 79.64 10.25 -90.71
C ASN C 100 80.52 11.49 -90.61
N GLU C 101 81.82 11.31 -90.89
CA GLU C 101 82.79 12.38 -90.70
C GLU C 101 82.44 13.61 -91.53
N ALA C 102 81.69 13.44 -92.62
CA ALA C 102 81.25 14.56 -93.44
C ALA C 102 79.81 14.97 -93.20
N GLY C 103 79.09 14.25 -92.33
CA GLY C 103 77.74 14.62 -91.96
C GLY C 103 76.64 14.13 -92.89
N THR C 104 76.97 13.29 -93.88
CA THR C 104 76.00 12.86 -94.87
C THR C 104 75.47 11.45 -94.63
N GLU C 105 75.80 10.84 -93.49
CA GLU C 105 75.35 9.48 -93.22
C GLU C 105 75.21 9.30 -91.71
N ILE C 106 74.14 8.61 -91.30
CA ILE C 106 73.84 8.36 -89.89
C ILE C 106 74.27 6.95 -89.55
N LEU C 107 74.88 6.79 -88.37
CA LEU C 107 75.36 5.50 -87.90
C LEU C 107 74.52 4.90 -86.79
N MET C 108 74.06 5.72 -85.85
CA MET C 108 73.25 5.23 -84.73
C MET C 108 72.49 6.41 -84.15
N THR C 109 71.27 6.16 -83.71
CA THR C 109 70.37 7.20 -83.25
C THR C 109 69.83 6.89 -81.86
N TRP C 110 69.80 7.91 -81.01
CA TRP C 110 69.17 7.84 -79.70
C TRP C 110 67.92 8.70 -79.74
N ASN C 111 66.75 8.08 -79.56
CA ASN C 111 65.47 8.77 -79.65
C ASN C 111 64.94 9.03 -78.24
N VAL C 112 64.56 10.28 -77.99
CA VAL C 112 64.06 10.71 -76.69
C VAL C 112 62.69 11.36 -76.90
N ALA C 113 61.68 10.85 -76.21
CA ALA C 113 60.29 11.21 -76.46
C ALA C 113 59.74 12.07 -75.34
N ASN C 114 59.03 13.14 -75.74
CA ASN C 114 58.28 14.00 -74.81
C ASN C 114 59.19 14.58 -73.73
N ALA C 115 60.14 15.39 -74.16
CA ALA C 115 61.05 16.06 -73.25
C ALA C 115 60.63 17.52 -73.08
N PHE C 116 60.67 18.00 -71.84
CA PHE C 116 60.37 19.38 -71.53
C PHE C 116 61.40 19.92 -70.54
N PRO C 117 61.73 21.21 -70.62
CA PRO C 117 62.82 21.74 -69.81
C PRO C 117 62.43 21.92 -68.35
N THR C 118 63.38 21.61 -67.46
CA THR C 118 63.20 21.83 -66.03
C THR C 118 64.18 22.80 -65.42
N SER C 119 65.34 23.03 -66.04
CA SER C 119 66.35 23.91 -65.49
C SER C 119 67.16 24.52 -66.61
N PHE C 120 67.66 25.74 -66.37
CA PHE C 120 68.46 26.46 -67.34
C PHE C 120 69.59 27.17 -66.61
N THR C 121 70.83 26.84 -66.97
CA THR C 121 72.00 27.42 -66.35
C THR C 121 72.64 28.43 -67.30
N SER C 122 72.82 29.64 -66.82
CA SER C 122 73.42 30.74 -67.57
C SER C 122 74.93 30.73 -67.41
N PRO C 123 75.67 31.31 -68.36
CA PRO C 123 77.12 31.39 -68.21
C PRO C 123 77.54 32.23 -67.02
N SER C 124 78.68 31.88 -66.44
CA SER C 124 79.26 32.63 -65.34
C SER C 124 80.25 33.65 -65.87
N PHE C 125 80.05 34.91 -65.49
CA PHE C 125 80.86 36.01 -66.01
C PHE C 125 82.09 36.18 -65.14
N ASP C 126 83.23 35.71 -65.63
CA ASP C 126 84.50 35.80 -64.92
C ASP C 126 85.44 36.66 -65.76
N ALA C 127 85.96 37.73 -65.17
CA ALA C 127 86.79 38.66 -65.92
C ALA C 127 88.19 38.13 -66.19
N THR C 128 88.63 37.10 -65.46
CA THR C 128 89.96 36.55 -65.64
C THR C 128 89.98 35.31 -66.53
N SER C 129 88.84 34.92 -67.10
CA SER C 129 88.75 33.69 -67.86
C SER C 129 89.01 33.95 -69.35
N ASN C 130 89.35 32.87 -70.05
CA ASN C 130 89.61 32.88 -71.49
C ASN C 130 88.76 31.82 -72.17
N GLU C 131 87.48 31.77 -71.83
CA GLU C 131 86.58 30.75 -72.32
C GLU C 131 85.41 31.38 -73.07
N ILE C 132 84.56 30.51 -73.62
CA ILE C 132 83.37 30.92 -74.35
C ILE C 132 82.15 30.72 -73.44
N ALA C 133 81.26 31.70 -73.43
CA ALA C 133 80.04 31.58 -72.63
C ALA C 133 79.24 30.36 -73.05
N VAL C 134 78.87 29.54 -72.07
CA VAL C 134 78.19 28.28 -72.32
C VAL C 134 76.90 28.26 -71.50
N GLN C 135 75.79 27.96 -72.15
CA GLN C 135 74.51 27.75 -71.49
C GLN C 135 74.19 26.27 -71.44
N GLU C 136 73.48 25.87 -70.39
CA GLU C 136 73.09 24.48 -70.20
C GLU C 136 71.60 24.40 -69.93
N ILE C 137 70.94 23.41 -70.53
CA ILE C 137 69.51 23.18 -70.34
C ILE C 137 69.30 21.74 -69.90
N ALA C 138 68.41 21.55 -68.94
CA ALA C 138 68.08 20.24 -68.40
C ALA C 138 66.66 19.86 -68.78
N LEU C 139 66.48 18.61 -69.22
CA LEU C 139 65.21 18.15 -69.76
C LEU C 139 64.80 16.86 -69.09
N THR C 140 63.50 16.68 -68.92
CA THR C 140 62.91 15.46 -68.37
C THR C 140 62.05 14.81 -69.44
N ALA C 141 62.22 13.50 -69.63
CA ALA C 141 61.56 12.81 -70.73
C ALA C 141 60.88 11.55 -70.21
N ASP C 142 60.26 10.83 -71.14
CA ASP C 142 59.53 9.61 -70.83
C ASP C 142 60.32 8.35 -71.18
N ARG C 143 60.85 8.29 -72.40
CA ARG C 143 61.37 7.05 -72.95
C ARG C 143 62.62 7.33 -73.78
N VAL C 144 63.51 6.35 -73.82
CA VAL C 144 64.72 6.40 -74.64
C VAL C 144 64.83 5.08 -75.40
N THR C 145 65.08 5.18 -76.71
CA THR C 145 65.28 4.00 -77.54
C THR C 145 66.50 4.21 -78.44
N ILE C 146 67.13 3.11 -78.82
CA ILE C 146 68.32 3.13 -79.66
C ILE C 146 67.98 2.41 -80.96
N GLN C 147 68.22 3.08 -82.09
CA GLN C 147 67.98 2.52 -83.41
C GLN C 147 69.30 2.52 -84.18
N ALA C 148 69.66 1.36 -84.72
CA ALA C 148 70.90 1.19 -85.45
C ALA C 148 70.65 1.36 -86.94
N ALA C 149 71.38 2.26 -87.57
CA ALA C 149 71.24 2.52 -89.00
C ALA C 149 72.07 1.54 -89.82
N ALA D 2 117.42 -19.49 -64.16
CA ALA D 2 116.72 -20.10 -65.27
C ALA D 2 115.31 -20.51 -64.87
N ILE D 3 114.31 -19.91 -65.50
CA ILE D 3 112.92 -20.21 -65.24
C ILE D 3 112.24 -20.56 -66.56
N THR D 4 111.64 -21.74 -66.62
CA THR D 4 111.03 -22.30 -67.81
C THR D 4 109.59 -21.80 -67.93
N PRO D 5 109.08 -21.59 -69.15
CA PRO D 5 107.70 -21.09 -69.29
C PRO D 5 106.64 -21.96 -68.61
N GLU D 6 106.81 -23.28 -68.57
CA GLU D 6 105.85 -24.10 -67.85
C GLU D 6 105.88 -23.84 -66.35
N GLN D 7 107.02 -23.40 -65.83
CA GLN D 7 107.07 -23.04 -64.41
C GLN D 7 106.25 -21.77 -64.15
N ILE D 8 106.32 -20.80 -65.06
CA ILE D 8 105.56 -19.57 -64.90
C ILE D 8 104.06 -19.85 -64.91
N ALA D 9 103.62 -20.75 -65.80
CA ALA D 9 102.20 -21.05 -65.91
C ALA D 9 101.68 -21.75 -64.65
N VAL D 10 102.56 -22.29 -63.83
CA VAL D 10 102.15 -23.05 -62.65
C VAL D 10 102.27 -22.21 -61.38
N GLU D 11 103.34 -21.43 -61.25
CA GLU D 11 103.65 -20.76 -60.00
C GLU D 11 103.39 -19.26 -60.00
N TYR D 12 103.40 -18.62 -61.16
CA TYR D 12 103.29 -17.17 -61.19
C TYR D 12 101.83 -16.72 -61.12
N PRO D 13 101.56 -15.54 -60.57
CA PRO D 13 100.19 -15.01 -60.54
C PRO D 13 99.72 -14.64 -61.94
N ILE D 14 98.42 -14.38 -62.04
CA ILE D 14 97.77 -14.14 -63.33
C ILE D 14 97.42 -12.66 -63.47
N PRO D 15 97.63 -12.05 -64.63
CA PRO D 15 97.20 -10.67 -64.85
C PRO D 15 95.73 -10.60 -65.24
N THR D 16 95.22 -9.37 -65.30
CA THR D 16 93.79 -9.12 -65.44
C THR D 16 93.34 -8.79 -66.85
N TYR D 17 94.26 -8.51 -67.77
CA TYR D 17 93.84 -7.87 -69.02
C TYR D 17 93.37 -8.84 -70.10
N ARG D 18 93.53 -10.15 -69.91
CA ARG D 18 93.13 -11.13 -70.90
C ARG D 18 92.03 -12.01 -70.32
N PHE D 19 90.81 -11.82 -70.83
CA PHE D 19 89.65 -12.55 -70.33
C PHE D 19 88.62 -12.68 -71.42
N VAL D 20 87.72 -13.65 -71.26
CA VAL D 20 86.62 -13.89 -72.19
C VAL D 20 85.33 -14.00 -71.39
N VAL D 21 84.28 -13.36 -71.88
CA VAL D 21 83.00 -13.27 -71.18
C VAL D 21 81.92 -13.95 -72.02
N SER D 22 81.16 -14.84 -71.39
CA SER D 22 80.05 -15.52 -72.03
C SER D 22 78.75 -15.05 -71.38
N VAL D 23 77.84 -14.54 -72.19
CA VAL D 23 76.54 -14.07 -71.73
C VAL D 23 75.49 -15.02 -72.29
N GLY D 24 74.83 -15.76 -71.40
CA GLY D 24 73.93 -16.80 -71.87
C GLY D 24 74.71 -17.88 -72.59
N ASP D 25 74.27 -18.22 -73.80
CA ASP D 25 74.95 -19.18 -74.65
C ASP D 25 75.78 -18.51 -75.74
N GLU D 26 76.09 -17.23 -75.56
CA GLU D 26 76.83 -16.45 -76.55
C GLU D 26 77.96 -15.70 -75.87
N GLN D 27 79.04 -15.49 -76.61
CA GLN D 27 80.23 -14.82 -76.10
C GLN D 27 80.32 -13.43 -76.72
N ILE D 28 80.53 -12.42 -75.86
CA ILE D 28 80.59 -11.03 -76.30
C ILE D 28 81.90 -10.41 -75.82
N PRO D 29 82.66 -9.74 -76.68
CA PRO D 29 83.89 -9.08 -76.22
C PRO D 29 83.55 -7.85 -75.39
N PHE D 30 84.14 -7.78 -74.20
CA PHE D 30 83.90 -6.68 -73.27
C PHE D 30 85.21 -5.99 -72.93
N ASN D 31 85.10 -4.76 -72.46
CA ASN D 31 86.28 -3.96 -72.12
C ASN D 31 86.54 -3.93 -70.62
N ASN D 32 85.51 -3.97 -69.79
CA ASN D 32 85.69 -3.92 -68.35
C ASN D 32 84.55 -4.67 -67.67
N VAL D 33 84.90 -5.50 -66.70
CA VAL D 33 83.94 -6.25 -65.88
C VAL D 33 84.34 -6.11 -64.43
N SER D 34 83.38 -5.76 -63.57
CA SER D 34 83.69 -5.52 -62.16
C SER D 34 82.45 -5.77 -61.32
N GLY D 35 82.67 -5.91 -60.01
CA GLY D 35 81.60 -6.03 -59.04
C GLY D 35 81.31 -7.43 -58.55
N LEU D 36 82.09 -8.43 -58.95
CA LEU D 36 81.82 -9.80 -58.54
C LEU D 36 82.22 -10.03 -57.09
N ASP D 37 81.45 -9.49 -56.15
CA ASP D 37 81.76 -9.58 -54.73
C ASP D 37 80.69 -10.34 -53.99
N VAL D 38 81.07 -10.95 -52.88
CA VAL D 38 80.18 -11.69 -52.01
C VAL D 38 80.22 -11.04 -50.63
N HIS D 39 79.05 -10.74 -50.08
CA HIS D 39 78.94 -10.07 -48.79
C HIS D 39 77.98 -10.83 -47.88
N TYR D 40 78.25 -10.76 -46.59
CA TYR D 40 77.40 -11.37 -45.57
C TYR D 40 77.17 -10.38 -44.44
N ASP D 41 76.04 -10.52 -43.77
CA ASP D 41 75.77 -9.76 -42.57
C ASP D 41 76.29 -10.53 -41.35
N VAL D 42 76.37 -9.84 -40.21
CA VAL D 42 76.86 -10.41 -38.98
C VAL D 42 75.78 -10.26 -37.91
N ILE D 43 75.48 -11.36 -37.23
CA ILE D 43 74.49 -11.39 -36.16
C ILE D 43 75.23 -11.53 -34.84
N GLU D 44 74.95 -10.62 -33.91
CA GLU D 44 75.65 -10.58 -32.63
C GLU D 44 74.66 -10.80 -31.49
N TYR D 45 75.18 -11.33 -30.39
CA TYR D 45 74.38 -11.57 -29.19
C TYR D 45 75.27 -11.37 -27.96
N LYS D 46 74.81 -10.52 -27.04
CA LYS D 46 75.52 -10.27 -25.80
C LYS D 46 74.63 -10.62 -24.61
N ASP D 47 75.28 -10.98 -23.51
CA ASP D 47 74.60 -11.39 -22.30
C ASP D 47 75.20 -10.66 -21.10
N GLY D 48 74.60 -10.87 -19.93
CA GLY D 48 74.99 -10.09 -18.76
C GLY D 48 76.33 -10.45 -18.17
N ILE D 49 76.78 -11.69 -18.37
CA ILE D 49 78.01 -12.15 -17.74
C ILE D 49 79.20 -11.98 -18.67
N GLY D 50 79.00 -11.28 -19.77
CA GLY D 50 80.10 -10.87 -20.63
C GLY D 50 80.31 -11.69 -21.88
N ASN D 51 79.44 -12.64 -22.19
CA ASN D 51 79.59 -13.41 -23.41
C ASN D 51 79.31 -12.55 -24.63
N TYR D 52 79.84 -12.97 -25.77
CA TYR D 52 79.72 -12.21 -27.01
C TYR D 52 79.82 -13.20 -28.17
N TYR D 53 78.71 -13.43 -28.86
CA TYR D 53 78.64 -14.37 -29.96
C TYR D 53 78.49 -13.64 -31.28
N LYS D 54 79.20 -14.10 -32.30
CA LYS D 54 79.11 -13.56 -33.64
C LYS D 54 78.94 -14.70 -34.63
N MET D 55 78.03 -14.53 -35.58
CA MET D 55 77.72 -15.54 -36.58
C MET D 55 77.53 -14.85 -37.93
N PRO D 56 77.75 -15.57 -39.02
CA PRO D 56 77.38 -15.03 -40.33
C PRO D 56 75.87 -14.89 -40.46
N GLY D 57 75.45 -13.88 -41.21
CA GLY D 57 74.04 -13.63 -41.43
C GLY D 57 73.56 -14.06 -42.80
N GLN D 58 72.67 -13.28 -43.40
CA GLN D 58 72.18 -13.58 -44.73
C GLN D 58 73.13 -13.03 -45.78
N ARG D 59 73.28 -13.78 -46.88
CA ARG D 59 74.09 -13.33 -47.99
C ARG D 59 73.32 -12.29 -48.81
N GLN D 60 74.04 -11.27 -49.26
CA GLN D 60 73.44 -10.19 -50.04
C GLN D 60 73.43 -10.53 -51.53
N SER D 61 72.77 -9.68 -52.30
CA SER D 61 72.65 -9.89 -53.73
C SER D 61 73.89 -9.38 -54.46
N ILE D 62 74.16 -9.98 -55.63
CA ILE D 62 75.35 -9.71 -56.40
C ILE D 62 75.02 -8.68 -57.48
N ASN D 63 75.85 -7.66 -57.60
CA ASN D 63 75.70 -6.63 -58.63
C ASN D 63 76.93 -6.61 -59.51
N ILE D 64 76.71 -6.49 -60.82
CA ILE D 64 77.78 -6.59 -61.80
C ILE D 64 77.60 -5.49 -62.85
N THR D 65 78.71 -4.86 -63.24
CA THR D 65 78.72 -3.88 -64.31
C THR D 65 79.67 -4.36 -65.41
N LEU D 66 79.19 -4.33 -66.65
CA LEU D 66 79.99 -4.67 -67.82
C LEU D 66 80.08 -3.47 -68.73
N ARG D 67 81.29 -3.15 -69.18
CA ARG D 67 81.55 -2.01 -70.03
C ARG D 67 81.97 -2.49 -71.42
N LYS D 68 81.44 -1.84 -72.45
CA LYS D 68 81.65 -2.28 -73.82
C LYS D 68 81.58 -1.07 -74.74
N GLY D 69 82.36 -1.12 -75.82
CA GLY D 69 82.34 -0.08 -76.81
C GLY D 69 81.11 -0.16 -77.71
N VAL D 70 80.89 0.91 -78.46
CA VAL D 70 79.74 1.02 -79.36
C VAL D 70 80.21 0.67 -80.76
N PHE D 71 79.58 -0.35 -81.36
CA PHE D 71 79.94 -0.82 -82.68
C PHE D 71 78.79 -0.63 -83.65
N PRO D 72 79.08 -0.46 -84.94
CA PRO D 72 78.00 -0.24 -85.91
C PRO D 72 77.05 -1.42 -85.97
N GLY D 73 75.75 -1.12 -85.93
CA GLY D 73 74.73 -2.15 -86.06
C GLY D 73 74.54 -3.04 -84.86
N ASP D 74 75.15 -2.74 -83.73
CA ASP D 74 75.10 -3.59 -82.54
C ASP D 74 74.33 -2.88 -81.45
N THR D 75 73.19 -3.47 -81.05
CA THR D 75 72.38 -2.97 -79.94
C THR D 75 71.90 -4.11 -79.06
N LYS D 76 72.70 -5.17 -78.95
CA LYS D 76 72.26 -6.36 -78.23
C LYS D 76 72.02 -6.08 -76.75
N LEU D 77 72.90 -5.33 -76.11
CA LEU D 77 72.77 -5.08 -74.67
C LEU D 77 71.55 -4.21 -74.38
N PHE D 78 71.28 -3.21 -75.22
CA PHE D 78 70.08 -2.40 -75.02
C PHE D 78 68.81 -3.18 -75.30
N ASP D 79 68.85 -4.10 -76.28
CA ASP D 79 67.67 -4.90 -76.58
C ASP D 79 67.31 -5.80 -75.40
N TRP D 80 68.30 -6.20 -74.60
CA TRP D 80 68.03 -7.05 -73.45
C TRP D 80 67.28 -6.29 -72.37
N ILE D 81 67.71 -5.06 -72.07
CA ILE D 81 67.05 -4.28 -71.04
C ILE D 81 65.73 -3.70 -71.52
N ASN D 82 65.54 -3.60 -72.84
CA ASN D 82 64.30 -3.08 -73.39
C ASN D 82 63.22 -4.14 -73.54
N SER D 83 63.53 -5.39 -73.18
CA SER D 83 62.56 -6.48 -73.27
C SER D 83 61.74 -6.66 -71.99
N ILE D 84 61.99 -5.85 -70.97
CA ILE D 84 61.26 -5.97 -69.72
C ILE D 84 59.82 -5.51 -69.94
N GLN D 85 58.85 -6.35 -69.57
CA GLN D 85 57.44 -6.01 -69.81
C GLN D 85 56.81 -5.36 -68.58
N LEU D 86 56.61 -6.15 -67.52
CA LEU D 86 56.19 -5.60 -66.23
C LEU D 86 57.14 -6.03 -65.12
N ASN D 87 57.32 -7.34 -64.93
CA ASN D 87 58.33 -7.88 -64.02
C ASN D 87 58.95 -9.15 -64.61
N GLN D 88 58.82 -9.35 -65.92
CA GLN D 88 59.30 -10.53 -66.59
C GLN D 88 60.45 -10.16 -67.52
N VAL D 89 61.53 -10.92 -67.45
CA VAL D 89 62.70 -10.71 -68.30
C VAL D 89 63.48 -12.01 -68.34
N GLU D 90 64.15 -12.25 -69.45
CA GLU D 90 64.94 -13.46 -69.61
C GLU D 90 66.23 -13.34 -68.80
N LYS D 91 66.44 -14.27 -67.88
CA LYS D 91 67.64 -14.29 -67.05
C LYS D 91 68.68 -15.19 -67.69
N LYS D 92 69.93 -14.73 -67.71
CA LYS D 92 71.02 -15.44 -68.35
C LYS D 92 72.14 -15.68 -67.37
N ASP D 93 72.85 -16.80 -67.56
CA ASP D 93 74.05 -17.10 -66.80
C ASP D 93 75.26 -16.47 -67.47
N ILE D 94 76.21 -16.03 -66.65
CA ILE D 94 77.36 -15.29 -67.12
C ILE D 94 78.63 -15.91 -66.56
N ALA D 95 79.61 -16.15 -67.43
CA ALA D 95 80.88 -16.73 -67.05
C ALA D 95 82.00 -15.84 -67.56
N ILE D 96 82.91 -15.46 -66.66
CA ILE D 96 84.10 -14.68 -67.01
C ILE D 96 85.31 -15.54 -66.71
N SER D 97 86.15 -15.76 -67.71
CA SER D 97 87.28 -16.67 -67.61
C SER D 97 88.58 -15.95 -67.96
N LEU D 98 89.56 -16.05 -67.08
CA LEU D 98 90.92 -15.68 -67.43
C LEU D 98 91.49 -16.70 -68.41
N THR D 99 92.12 -16.22 -69.48
CA THR D 99 92.39 -17.06 -70.64
C THR D 99 93.89 -17.07 -70.95
N ASN D 100 94.28 -18.10 -71.71
CA ASN D 100 95.62 -18.16 -72.28
C ASN D 100 95.85 -16.94 -73.16
N GLU D 101 97.14 -16.59 -73.35
CA GLU D 101 97.47 -15.40 -74.13
C GLU D 101 96.95 -15.49 -75.56
N ALA D 102 96.70 -16.70 -76.07
CA ALA D 102 96.12 -16.88 -77.39
C ALA D 102 94.66 -17.25 -77.37
N GLY D 103 94.06 -17.42 -76.19
CA GLY D 103 92.64 -17.72 -76.09
C GLY D 103 92.27 -19.18 -76.23
N THR D 104 93.22 -20.09 -76.23
CA THR D 104 92.96 -21.51 -76.45
C THR D 104 92.95 -22.32 -75.16
N GLU D 105 93.09 -21.69 -74.00
CA GLU D 105 93.10 -22.41 -72.75
C GLU D 105 92.55 -21.52 -71.64
N ILE D 106 91.74 -22.11 -70.77
CA ILE D 106 91.09 -21.39 -69.67
C ILE D 106 91.90 -21.63 -68.40
N LEU D 107 92.08 -20.56 -67.61
CA LEU D 107 92.84 -20.63 -66.37
C LEU D 107 91.94 -20.63 -65.13
N MET D 108 90.91 -19.80 -65.12
CA MET D 108 90.03 -19.70 -63.96
C MET D 108 88.72 -19.07 -64.41
N THR D 109 87.61 -19.53 -63.83
CA THR D 109 86.29 -19.12 -64.27
C THR D 109 85.50 -18.57 -63.10
N TRP D 110 84.79 -17.46 -63.33
CA TRP D 110 83.82 -16.91 -62.39
C TRP D 110 82.43 -17.14 -62.97
N ASN D 111 81.60 -17.86 -62.23
CA ASN D 111 80.26 -18.23 -62.69
C ASN D 111 79.22 -17.38 -61.97
N VAL D 112 78.34 -16.77 -62.73
CA VAL D 112 77.30 -15.88 -62.21
C VAL D 112 75.96 -16.38 -62.72
N ALA D 113 75.03 -16.66 -61.80
CA ALA D 113 73.79 -17.34 -62.12
C ALA D 113 72.60 -16.39 -62.05
N ASN D 114 71.72 -16.50 -63.04
CA ASN D 114 70.42 -15.83 -63.05
C ASN D 114 70.57 -14.32 -62.93
N ALA D 115 71.19 -13.73 -63.95
CA ALA D 115 71.43 -12.30 -64.01
C ALA D 115 70.45 -11.63 -64.97
N PHE D 116 69.95 -10.46 -64.58
CA PHE D 116 69.07 -9.67 -65.43
C PHE D 116 69.42 -8.20 -65.27
N PRO D 117 69.23 -7.40 -66.32
CA PRO D 117 69.70 -6.02 -66.29
C PRO D 117 68.79 -5.10 -65.48
N THR D 118 69.42 -4.17 -64.75
CA THR D 118 68.71 -3.15 -64.00
C THR D 118 69.00 -1.73 -64.47
N SER D 119 70.10 -1.50 -65.18
CA SER D 119 70.45 -0.15 -65.61
C SER D 119 71.30 -0.24 -66.87
N PHE D 120 71.20 0.82 -67.69
CA PHE D 120 71.93 0.90 -68.95
C PHE D 120 72.35 2.35 -69.15
N THR D 121 73.65 2.57 -69.34
CA THR D 121 74.20 3.92 -69.50
C THR D 121 74.69 4.09 -70.93
N SER D 122 74.20 5.12 -71.61
CA SER D 122 74.61 5.47 -72.95
C SER D 122 75.88 6.31 -72.92
N PRO D 123 76.64 6.34 -74.01
CA PRO D 123 77.84 7.19 -74.04
C PRO D 123 77.47 8.67 -73.98
N SER D 124 78.38 9.45 -73.41
CA SER D 124 78.21 10.89 -73.35
C SER D 124 78.85 11.51 -74.59
N PHE D 125 78.06 12.29 -75.33
CA PHE D 125 78.50 12.88 -76.59
C PHE D 125 79.19 14.19 -76.30
N ASP D 126 80.52 14.19 -76.36
CA ASP D 126 81.34 15.37 -76.11
C ASP D 126 82.08 15.72 -77.39
N ALA D 127 81.96 16.98 -77.83
CA ALA D 127 82.56 17.40 -79.08
C ALA D 127 84.06 17.69 -78.96
N THR D 128 84.58 17.77 -77.74
CA THR D 128 85.99 18.07 -77.52
C THR D 128 86.80 16.83 -77.13
N SER D 129 86.19 15.65 -77.14
CA SER D 129 86.83 14.44 -76.66
C SER D 129 87.45 13.64 -77.80
N ASN D 130 88.35 12.74 -77.44
CA ASN D 130 89.06 11.87 -78.37
C ASN D 130 88.98 10.43 -77.89
N GLU D 131 87.79 10.00 -77.51
CA GLU D 131 87.58 8.67 -76.94
C GLU D 131 86.59 7.88 -77.79
N ILE D 132 86.33 6.66 -77.38
CA ILE D 132 85.40 5.75 -78.05
C ILE D 132 84.11 5.70 -77.25
N ALA D 133 82.98 5.71 -77.95
CA ALA D 133 81.69 5.60 -77.28
C ALA D 133 81.61 4.28 -76.52
N VAL D 134 81.35 4.38 -75.22
CA VAL D 134 81.32 3.23 -74.33
C VAL D 134 79.96 3.16 -73.65
N GLN D 135 79.32 2.01 -73.74
CA GLN D 135 78.08 1.74 -73.04
C GLN D 135 78.34 0.83 -71.84
N GLU D 136 77.52 0.98 -70.81
CA GLU D 136 77.65 0.19 -69.59
C GLU D 136 76.30 -0.40 -69.22
N ILE D 137 76.31 -1.65 -68.78
CA ILE D 137 75.11 -2.35 -68.37
C ILE D 137 75.32 -2.88 -66.95
N ALA D 138 74.30 -2.74 -66.12
CA ALA D 138 74.35 -3.19 -64.73
C ALA D 138 73.37 -4.34 -64.53
N LEU D 139 73.82 -5.38 -63.84
CA LEU D 139 73.05 -6.61 -63.70
C LEU D 139 72.94 -7.01 -62.24
N THR D 140 71.84 -7.67 -61.91
CA THR D 140 71.61 -8.23 -60.57
C THR D 140 71.53 -9.74 -60.69
N ALA D 141 72.23 -10.44 -59.79
CA ALA D 141 72.35 -11.89 -59.90
C ALA D 141 72.02 -12.53 -58.56
N ASP D 142 72.11 -13.85 -58.53
CA ASP D 142 71.78 -14.64 -57.34
C ASP D 142 73.03 -15.16 -56.64
N ARG D 143 73.99 -15.69 -57.38
CA ARG D 143 75.10 -16.43 -56.80
C ARG D 143 76.35 -16.23 -57.66
N VAL D 144 77.51 -16.38 -57.02
CA VAL D 144 78.80 -16.32 -57.67
C VAL D 144 79.66 -17.47 -57.16
N THR D 145 80.28 -18.20 -58.09
CA THR D 145 81.17 -19.30 -57.74
C THR D 145 82.44 -19.21 -58.57
N ILE D 146 83.51 -19.80 -58.05
CA ILE D 146 84.82 -19.81 -58.71
C ILE D 146 85.23 -21.26 -58.93
N GLN D 147 85.61 -21.58 -60.16
CA GLN D 147 86.08 -22.92 -60.52
C GLN D 147 87.47 -22.78 -61.13
N ALA D 148 88.43 -23.48 -60.55
CA ALA D 148 89.81 -23.44 -61.02
C ALA D 148 90.03 -24.53 -62.07
N ALA D 149 90.51 -24.13 -63.24
CA ALA D 149 90.76 -25.07 -64.33
C ALA D 149 92.00 -25.91 -64.05
N ALA E 2 130.28 4.22 -35.82
CA ALA E 2 130.25 2.80 -36.12
C ALA E 2 129.10 2.12 -35.38
N ILE E 3 128.19 1.50 -36.13
CA ILE E 3 127.04 0.83 -35.58
C ILE E 3 127.02 -0.61 -36.09
N THR E 4 127.03 -1.56 -35.17
CA THR E 4 127.06 -3.00 -35.42
C THR E 4 125.67 -3.49 -35.82
N PRO E 5 125.56 -4.50 -36.69
CA PRO E 5 124.23 -5.04 -37.02
C PRO E 5 123.46 -5.55 -35.82
N GLU E 6 124.14 -6.07 -34.79
CA GLU E 6 123.43 -6.49 -33.59
C GLU E 6 122.79 -5.32 -32.87
N GLN E 7 123.44 -4.15 -32.90
CA GLN E 7 122.82 -2.96 -32.31
C GLN E 7 121.56 -2.56 -33.04
N ILE E 8 121.56 -2.70 -34.37
CA ILE E 8 120.38 -2.35 -35.15
C ILE E 8 119.21 -3.27 -34.80
N ALA E 9 119.50 -4.56 -34.65
CA ALA E 9 118.43 -5.52 -34.32
C ALA E 9 117.85 -5.29 -32.94
N VAL E 10 118.49 -4.49 -32.11
CA VAL E 10 118.03 -4.28 -30.73
C VAL E 10 117.41 -2.90 -30.55
N GLU E 11 117.95 -1.88 -31.20
CA GLU E 11 117.54 -0.50 -30.95
C GLU E 11 116.77 0.14 -32.09
N TYR E 12 116.87 -0.37 -33.30
CA TYR E 12 116.25 0.31 -34.44
C TYR E 12 114.81 -0.16 -34.63
N PRO E 13 113.95 0.71 -35.17
CA PRO E 13 112.56 0.30 -35.44
C PRO E 13 112.49 -0.69 -36.59
N ILE E 14 111.33 -1.33 -36.69
CA ILE E 14 111.11 -2.41 -37.66
C ILE E 14 110.32 -1.89 -38.85
N PRO E 15 110.67 -2.28 -40.08
CA PRO E 15 109.87 -1.92 -41.25
C PRO E 15 108.67 -2.86 -41.38
N THR E 16 107.82 -2.55 -42.37
CA THR E 16 106.53 -3.23 -42.51
C THR E 16 106.49 -4.28 -43.62
N TYR E 17 107.47 -4.31 -44.52
CA TYR E 17 107.30 -5.07 -45.75
C TYR E 17 107.63 -6.54 -45.62
N ARG E 18 108.20 -6.99 -44.51
CA ARG E 18 108.58 -8.39 -44.33
C ARG E 18 107.73 -8.99 -43.21
N PHE E 19 106.78 -9.85 -43.57
CA PHE E 19 105.89 -10.46 -42.60
C PHE E 19 105.40 -11.79 -43.14
N VAL E 20 104.95 -12.65 -42.23
CA VAL E 20 104.40 -13.97 -42.56
C VAL E 20 103.09 -14.14 -41.81
N VAL E 21 102.08 -14.63 -42.51
CA VAL E 21 100.72 -14.76 -41.98
C VAL E 21 100.36 -16.23 -41.87
N SER E 22 99.84 -16.62 -40.72
CA SER E 22 99.37 -17.98 -40.47
C SER E 22 97.86 -17.94 -40.32
N VAL E 23 97.15 -18.67 -41.19
CA VAL E 23 95.70 -18.75 -41.15
C VAL E 23 95.34 -20.16 -40.69
N GLY E 24 94.73 -20.25 -39.51
CA GLY E 24 94.50 -21.57 -38.92
C GLY E 24 95.82 -22.23 -38.60
N ASP E 25 95.98 -23.47 -39.05
CA ASP E 25 97.23 -24.21 -38.90
C ASP E 25 98.05 -24.21 -40.18
N GLU E 26 97.71 -23.36 -41.14
CA GLU E 26 98.40 -23.28 -42.42
C GLU E 26 98.92 -21.86 -42.62
N GLN E 27 100.03 -21.75 -43.36
CA GLN E 27 100.66 -20.47 -43.63
C GLN E 27 100.44 -20.11 -45.09
N ILE E 28 99.96 -18.88 -45.32
CA ILE E 28 99.62 -18.42 -46.67
C ILE E 28 100.31 -17.09 -46.93
N PRO E 29 101.00 -16.93 -48.05
CA PRO E 29 101.64 -15.63 -48.36
C PRO E 29 100.59 -14.60 -48.77
N PHE E 30 100.68 -13.42 -48.19
CA PHE E 30 99.74 -12.33 -48.46
C PHE E 30 100.49 -11.09 -48.90
N ASN E 31 99.79 -10.22 -49.61
CA ASN E 31 100.37 -8.97 -50.08
C ASN E 31 100.07 -7.80 -49.16
N ASN E 32 98.93 -7.81 -48.46
CA ASN E 32 98.56 -6.70 -47.61
C ASN E 32 97.66 -7.19 -46.49
N VAL E 33 97.92 -6.71 -45.28
CA VAL E 33 97.10 -6.99 -44.10
C VAL E 33 96.90 -5.69 -43.35
N SER E 34 95.65 -5.41 -42.96
CA SER E 34 95.34 -4.16 -42.28
C SER E 34 94.06 -4.32 -41.47
N GLY E 35 93.84 -3.36 -40.57
CA GLY E 35 92.64 -3.33 -39.76
C GLY E 35 92.79 -3.81 -38.33
N LEU E 36 94.00 -4.09 -37.88
CA LEU E 36 94.22 -4.69 -36.57
C LEU E 36 94.10 -3.66 -35.44
N ASP E 37 92.93 -3.03 -35.37
CA ASP E 37 92.68 -1.94 -34.45
C ASP E 37 91.79 -2.39 -33.29
N VAL E 38 91.94 -1.71 -32.17
CA VAL E 38 91.14 -1.95 -30.97
C VAL E 38 90.47 -0.64 -30.57
N HIS E 39 89.16 -0.69 -30.36
CA HIS E 39 88.39 0.50 -30.01
C HIS E 39 87.55 0.25 -28.77
N TYR E 40 87.30 1.32 -28.02
CA TYR E 40 86.44 1.29 -26.85
C TYR E 40 85.50 2.48 -26.88
N ASP E 41 84.35 2.31 -26.24
CA ASP E 41 83.43 3.42 -26.05
C ASP E 41 83.75 4.13 -24.74
N VAL E 42 83.15 5.32 -24.56
CA VAL E 42 83.37 6.14 -23.39
C VAL E 42 82.02 6.37 -22.72
N ILE E 43 81.97 6.13 -21.41
CA ILE E 43 80.77 6.35 -20.61
C ILE E 43 81.00 7.57 -19.74
N GLU E 44 80.11 8.53 -19.81
CA GLU E 44 80.25 9.80 -19.11
C GLU E 44 79.10 9.98 -18.13
N TYR E 45 79.35 10.78 -17.09
CA TYR E 45 78.34 11.10 -16.09
C TYR E 45 78.62 12.48 -15.54
N LYS E 46 77.61 13.34 -15.57
CA LYS E 46 77.70 14.70 -15.05
C LYS E 46 76.68 14.90 -13.95
N ASP E 47 76.98 15.84 -13.06
CA ASP E 47 76.14 16.12 -11.90
C ASP E 47 76.01 17.63 -11.73
N GLY E 48 75.12 18.01 -10.81
CA GLY E 48 74.77 19.42 -10.67
C GLY E 48 75.88 20.29 -10.13
N ILE E 49 76.76 19.74 -9.28
CA ILE E 49 77.78 20.55 -8.62
C ILE E 49 79.07 20.63 -9.43
N GLY E 50 79.09 20.09 -10.65
CA GLY E 50 80.21 20.27 -11.54
C GLY E 50 81.12 19.08 -11.73
N ASN E 51 80.78 17.91 -11.20
CA ASN E 51 81.59 16.74 -11.41
C ASN E 51 81.44 16.21 -12.84
N TYR E 52 82.45 15.46 -13.29
CA TYR E 52 82.49 14.96 -14.65
C TYR E 52 83.33 13.69 -14.63
N TYR E 53 82.68 12.54 -14.78
CA TYR E 53 83.33 11.24 -14.72
C TYR E 53 83.36 10.62 -16.12
N LYS E 54 84.52 10.05 -16.47
CA LYS E 54 84.69 9.35 -17.73
C LYS E 54 85.27 7.97 -17.46
N MET E 55 84.66 6.95 -18.05
CA MET E 55 85.12 5.58 -17.90
C MET E 55 85.15 4.90 -19.27
N PRO E 56 86.03 3.92 -19.45
CA PRO E 56 85.97 3.11 -20.67
C PRO E 56 84.69 2.31 -20.74
N GLY E 57 84.22 2.07 -21.96
CA GLY E 57 82.99 1.35 -22.20
C GLY E 57 83.24 -0.07 -22.65
N GLN E 58 82.44 -0.52 -23.61
CA GLN E 58 82.56 -1.86 -24.16
C GLN E 58 83.49 -1.86 -25.36
N ARG E 59 84.28 -2.91 -25.48
CA ARG E 59 85.17 -3.06 -26.62
C ARG E 59 84.38 -3.45 -27.86
N GLN E 60 84.75 -2.87 -29.00
CA GLN E 60 84.08 -3.17 -30.26
C GLN E 60 84.71 -4.41 -30.91
N SER E 61 84.07 -4.86 -31.99
CA SER E 61 84.55 -6.03 -32.70
C SER E 61 85.72 -5.66 -33.62
N ILE E 62 86.53 -6.66 -33.94
CA ILE E 62 87.74 -6.48 -34.73
C ILE E 62 87.43 -6.86 -36.17
N ASN E 63 87.84 -6.00 -37.10
CA ASN E 63 87.64 -6.22 -38.53
C ASN E 63 88.99 -6.22 -39.23
N ILE E 64 89.17 -7.17 -40.15
CA ILE E 64 90.46 -7.43 -40.78
C ILE E 64 90.24 -7.61 -42.28
N THR E 65 91.16 -7.07 -43.07
CA THR E 65 91.17 -7.28 -44.51
C THR E 65 92.54 -7.78 -44.94
N LEU E 66 92.56 -8.91 -45.64
CA LEU E 66 93.79 -9.48 -46.20
C LEU E 66 93.69 -9.45 -47.71
N ARG E 67 94.79 -9.06 -48.36
CA ARG E 67 94.84 -8.94 -49.82
C ARG E 67 95.86 -9.94 -50.35
N LYS E 68 95.47 -10.66 -51.40
CA LYS E 68 96.30 -11.71 -51.97
C LYS E 68 96.15 -11.70 -53.50
N GLY E 69 97.21 -12.12 -54.18
CA GLY E 69 97.14 -12.29 -55.62
C GLY E 69 96.42 -13.57 -56.00
N VAL E 70 96.07 -13.66 -57.28
CA VAL E 70 95.36 -14.81 -57.83
C VAL E 70 96.38 -15.73 -58.46
N PHE E 71 96.41 -16.99 -58.00
CA PHE E 71 97.37 -17.96 -58.49
C PHE E 71 96.65 -19.14 -59.14
N PRO E 72 97.27 -19.79 -60.13
CA PRO E 72 96.60 -20.89 -60.82
C PRO E 72 96.23 -22.02 -59.87
N GLY E 73 95.01 -22.52 -60.02
CA GLY E 73 94.55 -23.66 -59.26
C GLY E 73 94.31 -23.41 -57.78
N ASP E 74 94.32 -22.15 -57.35
CA ASP E 74 94.17 -21.81 -55.94
C ASP E 74 92.84 -21.10 -55.72
N THR E 75 92.00 -21.68 -54.87
CA THR E 75 90.72 -21.08 -54.49
C THR E 75 90.45 -21.26 -53.01
N LYS E 76 91.50 -21.28 -52.18
CA LYS E 76 91.34 -21.58 -50.76
C LYS E 76 90.51 -20.52 -50.06
N LEU E 77 90.79 -19.23 -50.30
CA LEU E 77 90.09 -18.17 -49.60
C LEU E 77 88.61 -18.16 -49.96
N PHE E 78 88.28 -18.34 -51.25
CA PHE E 78 86.87 -18.38 -51.63
C PHE E 78 86.18 -19.62 -51.09
N ASP E 79 86.89 -20.75 -51.01
CA ASP E 79 86.29 -21.97 -50.49
C ASP E 79 85.90 -21.81 -49.01
N TRP E 80 86.64 -20.95 -48.29
CA TRP E 80 86.31 -20.72 -46.89
C TRP E 80 85.00 -19.96 -46.74
N ILE E 81 84.84 -18.87 -47.49
CA ILE E 81 83.63 -18.06 -47.37
C ILE E 81 82.43 -18.75 -48.00
N ASN E 82 82.65 -19.68 -48.93
CA ASN E 82 81.56 -20.40 -49.58
C ASN E 82 81.06 -21.58 -48.76
N SER E 83 81.68 -21.86 -47.62
CA SER E 83 81.29 -22.97 -46.77
C SER E 83 80.23 -22.58 -45.74
N ILE E 84 79.84 -21.31 -45.68
CA ILE E 84 78.81 -20.88 -44.73
C ILE E 84 77.48 -21.52 -45.11
N GLN E 85 76.84 -22.18 -44.14
CA GLN E 85 75.59 -22.88 -44.43
C GLN E 85 74.37 -22.02 -44.11
N LEU E 86 74.11 -21.78 -42.82
CA LEU E 86 73.12 -20.81 -42.39
C LEU E 86 73.71 -19.78 -41.45
N ASN E 87 74.29 -20.23 -40.33
CA ASN E 87 75.06 -19.39 -39.43
C ASN E 87 76.27 -20.15 -38.90
N GLN E 88 76.63 -21.25 -39.55
CA GLN E 88 77.75 -22.08 -39.14
C GLN E 88 78.91 -21.89 -40.10
N VAL E 89 80.11 -21.74 -39.54
CA VAL E 89 81.32 -21.58 -40.33
C VAL E 89 82.49 -21.96 -39.45
N GLU E 90 83.55 -22.45 -40.08
CA GLU E 90 84.76 -22.80 -39.34
C GLU E 90 85.55 -21.55 -39.01
N LYS E 91 85.76 -21.30 -37.73
CA LYS E 91 86.50 -20.13 -37.29
C LYS E 91 87.96 -20.49 -37.06
N LYS E 92 88.85 -19.64 -37.52
CA LYS E 92 90.28 -19.89 -37.49
C LYS E 92 91.00 -18.76 -36.77
N ASP E 93 92.08 -19.12 -36.08
CA ASP E 93 92.96 -18.14 -35.47
C ASP E 93 94.01 -17.68 -36.48
N ILE E 94 94.37 -16.41 -36.41
CA ILE E 94 95.25 -15.79 -37.39
C ILE E 94 96.38 -15.09 -36.67
N ALA E 95 97.61 -15.31 -37.15
CA ALA E 95 98.80 -14.72 -36.55
C ALA E 95 99.60 -14.03 -37.65
N ILE E 96 99.98 -12.78 -37.39
CA ILE E 96 100.83 -12.00 -38.30
C ILE E 96 102.11 -11.65 -37.56
N SER E 97 103.25 -11.99 -38.15
CA SER E 97 104.54 -11.83 -37.48
C SER E 97 105.49 -11.02 -38.34
N LEU E 98 106.11 -10.00 -37.74
CA LEU E 98 107.24 -9.34 -38.38
C LEU E 98 108.46 -10.26 -38.28
N THR E 99 109.19 -10.39 -39.38
CA THR E 99 110.12 -11.49 -39.54
C THR E 99 111.52 -11.00 -39.87
N ASN E 100 112.50 -11.84 -39.55
CA ASN E 100 113.88 -11.64 -39.97
C ASN E 100 113.90 -11.53 -41.49
N GLU E 101 114.87 -10.78 -42.02
CA GLU E 101 114.96 -10.55 -43.45
C GLU E 101 115.07 -11.86 -44.25
N ALA E 102 115.51 -12.94 -43.60
CA ALA E 102 115.61 -14.24 -44.23
C ALA E 102 114.47 -15.18 -43.85
N GLY E 103 113.61 -14.79 -42.93
CA GLY E 103 112.45 -15.59 -42.56
C GLY E 103 112.68 -16.61 -41.48
N THR E 104 113.83 -16.60 -40.82
CA THR E 104 114.19 -17.62 -39.83
C THR E 104 114.06 -17.14 -38.40
N GLU E 105 113.52 -15.93 -38.18
CA GLU E 105 113.40 -15.40 -36.83
C GLU E 105 112.22 -14.45 -36.77
N ILE E 106 111.47 -14.52 -35.67
CA ILE E 106 110.29 -13.71 -35.45
C ILE E 106 110.65 -12.54 -34.55
N LEU E 107 110.04 -11.37 -34.81
CA LEU E 107 110.30 -10.17 -34.05
C LEU E 107 109.09 -9.68 -33.25
N MET E 108 107.89 -9.77 -33.81
CA MET E 108 106.69 -9.32 -33.14
C MET E 108 105.50 -10.05 -33.76
N THR E 109 104.53 -10.42 -32.93
CA THR E 109 103.41 -11.24 -33.38
C THR E 109 102.09 -10.59 -33.00
N TRP E 110 101.17 -10.52 -33.95
CA TRP E 110 99.81 -10.09 -33.73
C TRP E 110 98.90 -11.31 -33.78
N ASN E 111 98.18 -11.57 -32.70
CA ASN E 111 97.34 -12.75 -32.57
C ASN E 111 95.88 -12.36 -32.70
N VAL E 112 95.16 -13.07 -33.56
CA VAL E 112 93.74 -12.83 -33.81
C VAL E 112 92.99 -14.13 -33.56
N ALA E 113 91.95 -14.07 -32.73
CA ALA E 113 91.24 -15.26 -32.28
C ALA E 113 89.83 -15.30 -32.84
N ASN E 114 89.44 -16.47 -33.34
CA ASN E 114 88.08 -16.76 -33.77
C ASN E 114 87.61 -15.80 -34.86
N ALA E 115 88.29 -15.87 -36.01
CA ALA E 115 87.97 -15.04 -37.16
C ALA E 115 87.21 -15.87 -38.20
N PHE E 116 86.20 -15.26 -38.80
CA PHE E 116 85.44 -15.89 -39.87
C PHE E 116 85.14 -14.85 -40.94
N PRO E 117 85.05 -15.27 -42.20
CA PRO E 117 84.92 -14.30 -43.29
C PRO E 117 83.52 -13.71 -43.36
N THR E 118 83.46 -12.43 -43.75
CA THR E 118 82.20 -11.75 -43.98
C THR E 118 82.06 -11.18 -45.39
N SER E 119 83.16 -11.02 -46.12
CA SER E 119 83.10 -10.45 -47.47
C SER E 119 84.28 -10.97 -48.28
N PHE E 120 84.06 -11.10 -49.59
CA PHE E 120 85.08 -11.54 -50.52
C PHE E 120 84.97 -10.71 -51.79
N THR E 121 86.09 -10.12 -52.21
CA THR E 121 86.14 -9.26 -53.38
C THR E 121 87.02 -9.90 -54.44
N SER E 122 86.44 -10.12 -55.62
CA SER E 122 87.15 -10.68 -56.76
C SER E 122 87.89 -9.58 -57.51
N PRO E 123 88.88 -9.93 -58.31
CA PRO E 123 89.57 -8.91 -59.11
C PRO E 123 88.67 -8.30 -60.15
N SER E 124 88.93 -7.04 -60.47
CA SER E 124 88.22 -6.34 -61.53
C SER E 124 88.95 -6.57 -62.85
N PHE E 125 88.20 -6.98 -63.87
CA PHE E 125 88.77 -7.39 -65.15
C PHE E 125 88.80 -6.17 -66.06
N ASP E 126 89.98 -5.57 -66.21
CA ASP E 126 90.16 -4.39 -67.04
C ASP E 126 91.10 -4.74 -68.19
N ALA E 127 90.66 -4.47 -69.42
CA ALA E 127 91.43 -4.83 -70.59
C ALA E 127 92.54 -3.83 -70.91
N THR E 128 92.62 -2.72 -70.19
CA THR E 128 93.65 -1.71 -70.41
C THR E 128 94.66 -1.64 -69.28
N SER E 129 94.57 -2.53 -68.30
CA SER E 129 95.41 -2.49 -67.11
C SER E 129 96.64 -3.36 -67.28
N ASN E 130 97.64 -3.10 -66.44
CA ASN E 130 98.90 -3.82 -66.42
C ASN E 130 99.22 -4.28 -65.01
N GLU E 131 98.23 -4.85 -64.34
CA GLU E 131 98.35 -5.26 -62.94
C GLU E 131 98.11 -6.76 -62.81
N ILE E 132 98.21 -7.24 -61.58
CA ILE E 132 97.99 -8.64 -61.25
C ILE E 132 96.63 -8.76 -60.57
N ALA E 133 95.88 -9.81 -60.93
CA ALA E 133 94.60 -10.05 -60.29
C ALA E 133 94.78 -10.24 -58.79
N VAL E 134 94.06 -9.44 -58.01
CA VAL E 134 94.20 -9.43 -56.56
C VAL E 134 92.82 -9.65 -55.94
N GLN E 135 92.71 -10.65 -55.08
CA GLN E 135 91.50 -10.91 -54.33
C GLN E 135 91.64 -10.40 -52.89
N GLU E 136 90.52 -10.04 -52.29
CA GLU E 136 90.48 -9.51 -50.94
C GLU E 136 89.44 -10.24 -50.12
N ILE E 137 89.77 -10.53 -48.86
CA ILE E 137 88.85 -11.18 -47.94
C ILE E 137 88.73 -10.32 -46.69
N ALA E 138 87.53 -10.29 -46.11
CA ALA E 138 87.25 -9.51 -44.91
C ALA E 138 86.83 -10.46 -43.80
N LEU E 139 87.37 -10.25 -42.60
CA LEU E 139 87.17 -11.16 -41.49
C LEU E 139 86.73 -10.39 -40.25
N THR E 140 85.88 -11.02 -39.45
CA THR E 140 85.43 -10.49 -38.18
C THR E 140 85.91 -11.40 -37.07
N ALA E 141 86.50 -10.82 -36.03
CA ALA E 141 87.10 -11.61 -34.96
C ALA E 141 86.68 -11.03 -33.61
N ASP E 142 87.24 -11.63 -32.56
CA ASP E 142 86.89 -11.27 -31.18
C ASP E 142 87.98 -10.45 -30.51
N ARG E 143 89.22 -10.94 -30.54
CA ARG E 143 90.29 -10.40 -29.72
C ARG E 143 91.56 -10.23 -30.54
N VAL E 144 92.40 -9.27 -30.11
CA VAL E 144 93.71 -9.05 -30.69
C VAL E 144 94.71 -8.86 -29.55
N THR E 145 95.82 -9.58 -29.62
CA THR E 145 96.88 -9.47 -28.64
C THR E 145 98.23 -9.35 -29.35
N ILE E 146 99.16 -8.68 -28.70
CA ILE E 146 100.50 -8.46 -29.24
C ILE E 146 101.51 -9.11 -28.31
N GLN E 147 102.36 -9.96 -28.88
CA GLN E 147 103.39 -10.67 -28.13
C GLN E 147 104.76 -10.31 -28.69
N ALA E 148 105.67 -9.91 -27.82
CA ALA E 148 107.02 -9.51 -28.21
C ALA E 148 107.94 -10.72 -28.19
N ALA E 149 108.63 -10.96 -29.30
CA ALA E 149 109.55 -12.08 -29.39
C ALA E 149 110.89 -11.75 -28.75
N ALA F 2 122.65 42.32 -37.58
CA ALA F 2 123.31 41.69 -36.45
C ALA F 2 122.30 41.25 -35.41
N ILE F 3 122.02 39.94 -35.36
CA ILE F 3 121.09 39.37 -34.41
C ILE F 3 121.82 38.28 -33.63
N THR F 4 121.88 38.43 -32.31
CA THR F 4 122.58 37.54 -31.40
C THR F 4 121.70 36.34 -31.07
N PRO F 5 122.29 35.16 -30.82
CA PRO F 5 121.45 33.99 -30.46
C PRO F 5 120.54 34.20 -29.27
N GLU F 6 120.97 34.97 -28.26
CA GLU F 6 120.07 35.22 -27.13
C GLU F 6 118.87 36.05 -27.54
N GLN F 7 119.01 36.92 -28.55
CA GLN F 7 117.83 37.63 -29.05
C GLN F 7 116.84 36.66 -29.69
N ILE F 8 117.33 35.67 -30.43
CA ILE F 8 116.44 34.73 -31.11
C ILE F 8 115.66 33.91 -30.09
N ALA F 9 116.31 33.53 -28.99
CA ALA F 9 115.64 32.73 -27.97
C ALA F 9 114.58 33.52 -27.23
N VAL F 10 114.55 34.84 -27.41
CA VAL F 10 113.60 35.69 -26.68
C VAL F 10 112.49 36.20 -27.58
N GLU F 11 112.80 36.49 -28.85
CA GLU F 11 111.86 37.16 -29.72
C GLU F 11 111.32 36.30 -30.86
N TYR F 12 112.03 35.25 -31.26
CA TYR F 12 111.61 34.50 -32.42
C TYR F 12 110.59 33.42 -32.06
N PRO F 13 109.70 33.07 -32.99
CA PRO F 13 108.76 31.99 -32.74
C PRO F 13 109.44 30.63 -32.72
N ILE F 14 108.77 29.67 -32.09
CA ILE F 14 109.34 28.35 -31.83
C ILE F 14 108.88 27.35 -32.89
N PRO F 15 109.76 26.49 -33.39
CA PRO F 15 109.34 25.42 -34.29
C PRO F 15 108.70 24.26 -33.54
N THR F 16 108.10 23.35 -34.31
CA THR F 16 107.33 22.25 -33.75
C THR F 16 108.10 20.94 -33.63
N TYR F 17 109.24 20.81 -34.27
CA TYR F 17 109.83 19.49 -34.47
C TYR F 17 110.65 18.96 -33.30
N ARG F 18 110.91 19.78 -32.28
CA ARG F 18 111.70 19.34 -31.12
C ARG F 18 110.82 19.40 -29.88
N PHE F 19 110.51 18.23 -29.32
CA PHE F 19 109.63 18.15 -28.16
C PHE F 19 109.90 16.85 -27.42
N VAL F 20 109.50 16.83 -26.15
CA VAL F 20 109.64 15.66 -25.28
C VAL F 20 108.31 15.39 -24.60
N VAL F 21 107.92 14.12 -24.55
CA VAL F 21 106.61 13.71 -24.03
C VAL F 21 106.82 12.85 -22.80
N SER F 22 106.15 13.23 -21.71
CA SER F 22 106.19 12.49 -20.45
C SER F 22 104.81 11.88 -20.21
N VAL F 23 104.74 10.55 -20.20
CA VAL F 23 103.51 9.83 -19.97
C VAL F 23 103.56 9.25 -18.56
N GLY F 24 102.68 9.75 -17.70
CA GLY F 24 102.77 9.37 -16.29
C GLY F 24 104.05 9.91 -15.69
N ASP F 25 104.81 9.03 -15.04
CA ASP F 25 106.11 9.38 -14.48
C ASP F 25 107.26 8.89 -15.35
N GLU F 26 106.98 8.52 -16.60
CA GLU F 26 107.97 8.00 -17.52
C GLU F 26 107.94 8.81 -18.81
N GLN F 27 109.10 8.96 -19.42
CA GLN F 27 109.24 9.71 -20.66
C GLN F 27 109.42 8.74 -21.82
N ILE F 28 108.63 8.92 -22.87
CA ILE F 28 108.64 8.04 -24.03
C ILE F 28 108.82 8.86 -25.29
N PRO F 29 109.72 8.49 -26.19
CA PRO F 29 109.89 9.24 -27.44
C PRO F 29 108.75 8.96 -28.41
N PHE F 30 108.17 10.03 -28.96
CA PHE F 30 107.05 9.93 -29.89
C PHE F 30 107.39 10.62 -31.19
N ASN F 31 106.64 10.28 -32.24
CA ASN F 31 106.85 10.88 -33.55
C ASN F 31 105.85 11.99 -33.86
N ASN F 32 104.62 11.87 -33.40
CA ASN F 32 103.60 12.87 -33.67
C ASN F 32 102.62 12.93 -32.51
N VAL F 33 102.27 14.15 -32.10
CA VAL F 33 101.30 14.39 -31.04
C VAL F 33 100.35 15.49 -31.52
N SER F 34 99.05 15.24 -31.43
CA SER F 34 98.06 16.19 -31.93
C SER F 34 96.76 16.03 -31.17
N GLY F 35 95.91 17.05 -31.29
CA GLY F 35 94.56 17.00 -30.76
C GLY F 35 94.31 17.81 -29.51
N LEU F 36 95.29 18.59 -29.04
CA LEU F 36 95.16 19.33 -27.78
C LEU F 36 94.35 20.61 -28.01
N ASP F 37 93.04 20.42 -28.19
CA ASP F 37 92.13 21.53 -28.45
C ASP F 37 91.12 21.65 -27.33
N VAL F 38 90.69 22.90 -27.07
CA VAL F 38 89.68 23.21 -26.07
C VAL F 38 88.49 23.82 -26.79
N HIS F 39 87.30 23.28 -26.51
CA HIS F 39 86.08 23.73 -27.16
C HIS F 39 85.01 24.03 -26.12
N TYR F 40 84.18 25.02 -26.43
CA TYR F 40 83.06 25.41 -25.59
C TYR F 40 81.79 25.50 -26.44
N ASP F 41 80.66 25.26 -25.81
CA ASP F 41 79.38 25.48 -26.44
C ASP F 41 78.92 26.92 -26.20
N VAL F 42 77.92 27.35 -26.96
CA VAL F 42 77.39 28.70 -26.87
C VAL F 42 75.91 28.61 -26.54
N ILE F 43 75.50 29.33 -25.51
CA ILE F 43 74.11 29.39 -25.08
C ILE F 43 73.55 30.75 -25.47
N GLU F 44 72.42 30.76 -26.18
CA GLU F 44 71.83 31.97 -26.72
C GLU F 44 70.42 32.15 -26.18
N TYR F 45 69.96 33.40 -26.21
CA TYR F 45 68.63 33.74 -25.72
C TYR F 45 68.15 34.98 -26.46
N LYS F 46 67.03 34.86 -27.16
CA LYS F 46 66.42 35.98 -27.86
C LYS F 46 65.09 36.32 -27.23
N ASP F 47 64.74 37.61 -27.28
CA ASP F 47 63.51 38.12 -26.71
C ASP F 47 62.74 38.91 -27.76
N GLY F 48 61.54 39.35 -27.39
CA GLY F 48 60.64 39.97 -28.34
C GLY F 48 61.04 41.36 -28.78
N ILE F 49 61.77 42.10 -27.96
CA ILE F 49 62.11 43.48 -28.27
C ILE F 49 63.46 43.59 -28.98
N GLY F 50 64.04 42.47 -29.40
CA GLY F 50 65.25 42.50 -30.20
C GLY F 50 66.54 42.22 -29.46
N ASN F 51 66.50 41.87 -28.18
CA ASN F 51 67.71 41.54 -27.47
C ASN F 51 68.27 40.21 -27.93
N TYR F 52 69.57 40.01 -27.71
CA TYR F 52 70.26 38.81 -28.16
C TYR F 52 71.46 38.61 -27.24
N TYR F 53 71.39 37.61 -26.38
CA TYR F 53 72.45 37.32 -25.42
C TYR F 53 73.19 36.04 -25.80
N LYS F 54 74.51 36.08 -25.67
CA LYS F 54 75.35 34.91 -25.92
C LYS F 54 76.28 34.71 -24.74
N MET F 55 76.45 33.46 -24.33
CA MET F 55 77.29 33.09 -23.21
C MET F 55 78.07 31.84 -23.56
N PRO F 56 79.23 31.63 -22.95
CA PRO F 56 79.90 30.32 -23.07
C PRO F 56 79.10 29.23 -22.38
N GLY F 57 79.22 28.02 -22.91
CA GLY F 57 78.53 26.88 -22.35
C GLY F 57 79.43 25.93 -21.61
N GLN F 58 79.15 24.64 -21.70
CA GLN F 58 79.98 23.63 -21.05
C GLN F 58 81.20 23.31 -21.91
N ARG F 59 82.31 23.04 -21.23
CA ARG F 59 83.53 22.64 -21.93
C ARG F 59 83.45 21.17 -22.31
N GLN F 60 83.89 20.86 -23.53
CA GLN F 60 83.88 19.50 -24.04
C GLN F 60 85.14 18.75 -23.59
N SER F 61 85.15 17.44 -23.83
CA SER F 61 86.26 16.61 -23.44
C SER F 61 87.40 16.71 -24.44
N ILE F 62 88.60 16.39 -23.99
CA ILE F 62 89.81 16.51 -24.78
C ILE F 62 90.19 15.14 -25.32
N ASN F 63 90.45 15.06 -26.62
CA ASN F 63 90.88 13.84 -27.28
C ASN F 63 92.27 14.06 -27.86
N ILE F 64 93.17 13.11 -27.63
CA ILE F 64 94.57 13.23 -27.98
C ILE F 64 95.03 11.95 -28.67
N THR F 65 95.82 12.11 -29.73
CA THR F 65 96.39 10.98 -30.46
C THR F 65 97.90 11.10 -30.47
N LEU F 66 98.59 10.02 -30.10
CA LEU F 66 100.03 9.94 -30.12
C LEU F 66 100.46 8.88 -31.13
N ARG F 67 101.50 9.18 -31.90
CA ARG F 67 102.01 8.27 -32.92
C ARG F 67 103.45 7.91 -32.58
N LYS F 68 103.80 6.64 -32.79
CA LYS F 68 105.09 6.12 -32.40
C LYS F 68 105.44 4.93 -33.28
N GLY F 69 106.74 4.77 -33.55
CA GLY F 69 107.20 3.63 -34.30
C GLY F 69 107.21 2.36 -33.48
N VAL F 70 107.41 1.23 -34.16
CA VAL F 70 107.40 -0.08 -33.54
C VAL F 70 108.85 -0.51 -33.32
N PHE F 71 109.21 -0.76 -32.06
CA PHE F 71 110.56 -1.14 -31.68
C PHE F 71 110.58 -2.56 -31.14
N PRO F 72 111.70 -3.26 -31.25
CA PRO F 72 111.75 -4.66 -30.81
C PRO F 72 111.59 -4.77 -29.30
N GLY F 73 110.68 -5.66 -28.89
CA GLY F 73 110.47 -5.93 -27.48
C GLY F 73 109.69 -4.89 -26.71
N ASP F 74 109.12 -3.90 -27.40
CA ASP F 74 108.40 -2.81 -26.75
C ASP F 74 106.92 -2.93 -27.08
N THR F 75 106.12 -3.15 -26.05
CA THR F 75 104.66 -3.21 -26.17
C THR F 75 104.01 -2.42 -25.05
N LYS F 76 104.67 -1.34 -24.62
CA LYS F 76 104.19 -0.59 -23.47
C LYS F 76 102.83 0.06 -23.73
N LEU F 77 102.64 0.64 -24.92
CA LEU F 77 101.38 1.32 -25.22
C LEU F 77 100.22 0.33 -25.30
N PHE F 78 100.45 -0.82 -25.93
CA PHE F 78 99.38 -1.81 -26.03
C PHE F 78 99.03 -2.40 -24.67
N ASP F 79 100.02 -2.54 -23.78
CA ASP F 79 99.74 -3.08 -22.45
C ASP F 79 98.82 -2.15 -21.67
N TRP F 80 98.96 -0.84 -21.87
CA TRP F 80 98.12 0.12 -21.15
C TRP F 80 96.66 -0.03 -21.54
N ILE F 81 96.38 -0.15 -22.84
CA ILE F 81 95.00 -0.28 -23.29
C ILE F 81 94.44 -1.68 -23.05
N ASN F 82 95.30 -2.68 -22.92
CA ASN F 82 94.86 -4.05 -22.69
C ASN F 82 94.59 -4.34 -21.22
N SER F 83 94.83 -3.37 -20.33
CA SER F 83 94.60 -3.54 -18.91
C SER F 83 93.21 -3.10 -18.47
N ILE F 84 92.36 -2.67 -19.39
CA ILE F 84 90.99 -2.28 -19.04
C ILE F 84 90.20 -3.52 -18.65
N GLN F 85 89.59 -3.49 -17.47
CA GLN F 85 88.89 -4.69 -16.97
C GLN F 85 87.41 -4.66 -17.33
N LEU F 86 86.64 -3.77 -16.70
CA LEU F 86 85.27 -3.49 -17.11
C LEU F 86 85.06 -2.01 -17.39
N ASN F 87 85.34 -1.16 -16.39
CA ASN F 87 85.37 0.29 -16.56
C ASN F 87 86.51 0.88 -15.74
N GLN F 88 87.46 0.06 -15.31
CA GLN F 88 88.59 0.49 -14.51
C GLN F 88 89.84 0.50 -15.37
N VAL F 89 90.59 1.59 -15.29
CA VAL F 89 91.86 1.71 -16.00
C VAL F 89 92.70 2.73 -15.26
N GLU F 90 94.02 2.58 -15.35
CA GLU F 90 94.92 3.52 -14.70
C GLU F 90 95.03 4.79 -15.53
N LYS F 91 94.72 5.92 -14.93
CA LYS F 91 94.77 7.21 -15.60
C LYS F 91 96.07 7.90 -15.27
N LYS F 92 96.74 8.43 -16.31
CA LYS F 92 98.04 9.06 -16.16
C LYS F 92 98.01 10.47 -16.71
N ASP F 93 98.76 11.35 -16.08
CA ASP F 93 98.94 12.70 -16.59
C ASP F 93 100.01 12.71 -17.68
N ILE F 94 99.83 13.60 -18.66
CA ILE F 94 100.69 13.67 -19.83
C ILE F 94 101.14 15.11 -20.02
N ALA F 95 102.44 15.31 -20.22
CA ALA F 95 103.01 16.62 -20.45
C ALA F 95 103.86 16.59 -21.71
N ILE F 96 103.63 17.55 -22.61
CA ILE F 96 104.40 17.71 -23.84
C ILE F 96 105.07 19.06 -23.78
N SER F 97 106.40 19.08 -23.89
CA SER F 97 107.18 20.29 -23.73
C SER F 97 108.00 20.57 -24.98
N LEU F 98 107.93 21.80 -25.48
CA LEU F 98 108.85 22.24 -26.52
C LEU F 98 110.22 22.47 -25.89
N THR F 99 111.25 21.91 -26.50
CA THR F 99 112.54 21.76 -25.84
C THR F 99 113.63 22.51 -26.59
N ASN F 100 114.68 22.88 -25.86
CA ASN F 100 115.89 23.43 -26.46
C ASN F 100 116.50 22.40 -27.41
N GLU F 101 117.24 22.91 -28.39
CA GLU F 101 117.77 22.05 -29.45
C GLU F 101 118.63 20.91 -28.90
N ALA F 102 119.24 21.11 -27.74
CA ALA F 102 120.04 20.07 -27.10
C ALA F 102 119.27 19.28 -26.06
N GLY F 103 118.03 19.66 -25.76
CA GLY F 103 117.22 18.91 -24.83
C GLY F 103 117.42 19.24 -23.36
N THR F 104 118.20 20.27 -23.04
CA THR F 104 118.52 20.59 -21.66
C THR F 104 117.73 21.78 -21.12
N GLU F 105 116.75 22.27 -21.85
CA GLU F 105 115.97 23.42 -21.41
C GLU F 105 114.57 23.34 -21.98
N ILE F 106 113.57 23.67 -21.17
CA ILE F 106 112.17 23.62 -21.54
C ILE F 106 111.70 25.02 -21.87
N LEU F 107 110.93 25.16 -22.95
CA LEU F 107 110.41 26.44 -23.40
C LEU F 107 108.93 26.64 -23.12
N MET F 108 108.11 25.60 -23.29
CA MET F 108 106.68 25.70 -23.06
C MET F 108 106.13 24.30 -22.87
N THR F 109 105.15 24.17 -21.99
CA THR F 109 104.62 22.87 -21.59
C THR F 109 103.10 22.84 -21.75
N TRP F 110 102.61 21.73 -22.28
CA TRP F 110 101.18 21.45 -22.36
C TRP F 110 100.88 20.32 -21.39
N ASN F 111 100.06 20.60 -20.38
CA ASN F 111 99.74 19.64 -19.33
C ASN F 111 98.36 19.05 -19.59
N VAL F 112 98.28 17.71 -19.57
CA VAL F 112 97.05 16.98 -19.83
C VAL F 112 96.78 16.06 -18.65
N ALA F 113 95.62 16.20 -18.03
CA ALA F 113 95.31 15.55 -16.77
C ALA F 113 94.32 14.41 -16.96
N ASN F 114 94.60 13.28 -16.31
CA ASN F 114 93.69 12.14 -16.23
C ASN F 114 93.29 11.63 -17.62
N ALA F 115 94.30 11.16 -18.36
CA ALA F 115 94.08 10.60 -19.68
C ALA F 115 94.10 9.08 -19.62
N PHE F 116 93.17 8.45 -20.33
CA PHE F 116 93.11 7.00 -20.43
C PHE F 116 92.85 6.61 -21.86
N PRO F 117 93.38 5.46 -22.30
CA PRO F 117 93.29 5.11 -23.72
C PRO F 117 91.90 4.61 -24.12
N THR F 118 91.48 5.01 -25.32
CA THR F 118 90.22 4.55 -25.88
C THR F 118 90.37 3.77 -27.17
N SER F 119 91.47 3.93 -27.90
CA SER F 119 91.64 3.25 -29.17
C SER F 119 93.13 3.04 -29.43
N PHE F 120 93.44 1.97 -30.15
CA PHE F 120 94.82 1.61 -30.47
C PHE F 120 94.86 1.11 -31.91
N THR F 121 95.64 1.78 -32.76
CA THR F 121 95.76 1.42 -34.16
C THR F 121 97.11 0.76 -34.39
N SER F 122 97.07 -0.44 -34.97
CA SER F 122 98.26 -1.23 -35.29
C SER F 122 98.80 -0.86 -36.66
N PRO F 123 100.07 -1.11 -36.93
CA PRO F 123 100.61 -0.83 -38.27
C PRO F 123 99.96 -1.71 -39.33
N SER F 124 99.89 -1.18 -40.53
CA SER F 124 99.37 -1.92 -41.68
C SER F 124 100.52 -2.57 -42.43
N PHE F 125 100.42 -3.88 -42.63
CA PHE F 125 101.50 -4.66 -43.24
C PHE F 125 101.32 -4.65 -44.75
N ASP F 126 102.13 -3.84 -45.42
CA ASP F 126 102.10 -3.72 -46.87
C ASP F 126 103.45 -4.18 -47.41
N ALA F 127 103.44 -5.17 -48.31
CA ALA F 127 104.68 -5.75 -48.80
C ALA F 127 105.40 -4.85 -49.79
N THR F 128 104.71 -3.86 -50.37
CA THR F 128 105.31 -2.97 -51.35
C THR F 128 105.79 -1.65 -50.75
N SER F 129 105.68 -1.48 -49.44
CA SER F 129 106.00 -0.21 -48.81
C SER F 129 107.45 -0.17 -48.35
N ASN F 130 107.94 1.05 -48.15
CA ASN F 130 109.30 1.31 -47.67
C ASN F 130 109.26 2.23 -46.46
N GLU F 131 108.39 1.90 -45.51
CA GLU F 131 108.16 2.73 -44.34
C GLU F 131 108.44 1.95 -43.06
N ILE F 132 108.32 2.65 -41.94
CA ILE F 132 108.53 2.07 -40.62
C ILE F 132 107.17 1.84 -39.99
N ALA F 133 107.00 0.67 -39.36
CA ALA F 133 105.75 0.36 -38.68
C ALA F 133 105.46 1.39 -37.61
N VAL F 134 104.25 1.94 -37.63
CA VAL F 134 103.85 3.01 -36.74
C VAL F 134 102.57 2.60 -36.02
N GLN F 135 102.57 2.71 -34.70
CA GLN F 135 101.38 2.49 -33.89
C GLN F 135 100.83 3.83 -33.42
N GLU F 136 99.52 3.88 -33.24
CA GLU F 136 98.82 5.08 -32.80
C GLU F 136 97.92 4.74 -31.62
N ILE F 137 97.90 5.62 -30.63
CA ILE F 137 97.06 5.45 -29.45
C ILE F 137 96.22 6.71 -29.27
N ALA F 138 94.96 6.54 -28.92
CA ALA F 138 94.02 7.64 -28.72
C ALA F 138 93.64 7.70 -27.25
N LEU F 139 93.62 8.92 -26.70
CA LEU F 139 93.41 9.14 -25.28
C LEU F 139 92.32 10.17 -25.06
N THR F 140 91.56 9.99 -23.99
CA THR F 140 90.53 10.93 -23.56
C THR F 140 90.92 11.50 -22.20
N ALA F 141 90.82 12.82 -22.06
CA ALA F 141 91.30 13.48 -20.86
C ALA F 141 90.25 14.46 -20.36
N ASP F 142 90.59 15.13 -19.25
CA ASP F 142 89.70 16.08 -18.61
C ASP F 142 90.05 17.53 -18.93
N ARG F 143 91.32 17.89 -18.76
CA ARG F 143 91.74 19.29 -18.77
C ARG F 143 93.07 19.45 -19.49
N VAL F 144 93.26 20.62 -20.10
CA VAL F 144 94.50 20.99 -20.75
C VAL F 144 94.89 22.38 -20.28
N THR F 145 96.15 22.56 -19.88
CA THR F 145 96.67 23.84 -19.47
C THR F 145 98.03 24.07 -20.13
N ILE F 146 98.36 25.34 -20.33
CA ILE F 146 99.62 25.74 -20.95
C ILE F 146 100.42 26.55 -19.93
N GLN F 147 101.64 26.11 -19.67
CA GLN F 147 102.55 26.79 -18.75
C GLN F 147 103.78 27.23 -19.51
N ALA F 148 104.12 28.52 -19.39
CA ALA F 148 105.26 29.10 -20.10
C ALA F 148 106.47 29.09 -19.17
N ALA F 149 107.56 28.50 -19.64
CA ALA F 149 108.79 28.43 -18.86
C ALA F 149 109.62 29.70 -19.03
N THR G 2 77.36 37.15 23.40
CA THR G 2 76.91 38.05 22.36
C THR G 2 78.09 38.54 21.51
N THR G 3 78.50 39.78 21.73
CA THR G 3 79.66 40.31 21.01
C THR G 3 80.96 39.69 21.48
N ILE G 4 80.97 39.07 22.65
CA ILE G 4 82.15 38.38 23.18
C ILE G 4 81.93 36.88 22.96
N THR G 5 82.68 36.31 22.03
CA THR G 5 82.55 34.91 21.66
C THR G 5 83.63 34.09 22.36
N THR G 6 83.21 33.19 23.23
CA THR G 6 84.13 32.34 23.97
C THR G 6 83.98 30.87 23.65
N TYR G 7 82.77 30.33 23.75
CA TYR G 7 82.54 28.91 23.53
C TYR G 7 81.87 28.68 22.17
N PRO G 8 82.10 27.53 21.55
CA PRO G 8 81.37 27.22 20.31
C PRO G 8 79.93 26.90 20.62
N GLY G 9 79.04 27.43 19.80
CA GLY G 9 77.63 27.20 20.00
C GLY G 9 76.82 28.42 19.58
N VAL G 10 75.66 28.58 20.22
CA VAL G 10 74.68 29.57 19.84
C VAL G 10 74.63 30.66 20.90
N TYR G 11 74.61 31.91 20.46
CA TYR G 11 74.50 33.06 21.35
C TYR G 11 73.19 33.78 21.09
N ILE G 12 72.51 34.16 22.16
CA ILE G 12 71.21 34.84 22.09
C ILE G 12 71.39 36.26 22.60
N GLU G 13 70.89 37.22 21.84
CA GLU G 13 70.81 38.60 22.29
C GLU G 13 69.54 39.24 21.73
N GLU G 14 69.02 40.22 22.47
CA GLU G 14 67.78 40.90 22.12
C GLU G 14 68.11 42.37 21.85
N ASP G 15 68.26 42.71 20.58
CA ASP G 15 68.60 44.05 20.15
C ASP G 15 67.39 44.72 19.51
N ALA G 16 67.58 45.99 19.12
CA ALA G 16 66.54 46.73 18.41
C ALA G 16 67.13 47.53 17.25
N SER G 17 68.34 47.22 16.82
CA SER G 17 68.97 47.95 15.73
C SER G 17 68.21 47.75 14.43
N LEU G 18 68.17 48.81 13.62
CA LEU G 18 67.46 48.75 12.35
C LEU G 18 68.25 47.93 11.33
N SER G 19 67.56 47.56 10.26
CA SER G 19 68.19 46.82 9.15
C SER G 19 67.51 47.22 7.85
N LEU G 20 68.30 47.68 6.89
CA LEU G 20 67.77 48.10 5.60
C LEU G 20 68.46 47.36 4.46
N SER G 21 68.19 47.77 3.22
CA SER G 21 68.78 47.16 2.06
C SER G 21 69.45 48.24 1.20
N VAL G 22 70.40 47.81 0.38
CA VAL G 22 71.22 48.73 -0.40
C VAL G 22 71.20 48.29 -1.86
N SER G 23 71.20 49.27 -2.76
CA SER G 23 71.27 49.07 -4.19
C SER G 23 72.67 49.40 -4.69
N SER G 24 72.85 49.35 -6.01
CA SER G 24 74.15 49.61 -6.63
C SER G 24 73.92 50.35 -7.95
N SER G 25 74.12 51.66 -7.93
CA SER G 25 74.02 52.50 -9.11
C SER G 25 75.31 53.29 -9.29
N ALA G 26 75.88 53.21 -10.49
CA ALA G 26 77.14 53.89 -10.76
C ALA G 26 76.98 55.33 -11.19
N THR G 27 75.85 55.67 -11.80
CA THR G 27 75.61 57.04 -12.26
C THR G 27 75.09 57.95 -11.17
N ALA G 28 74.88 57.43 -9.96
CA ALA G 28 74.38 58.22 -8.83
C ALA G 28 75.23 57.90 -7.61
N VAL G 29 76.32 58.65 -7.44
CA VAL G 29 77.16 58.55 -6.26
C VAL G 29 77.16 59.92 -5.58
N PRO G 30 76.28 60.13 -4.61
CA PRO G 30 76.12 61.48 -4.05
C PRO G 30 77.16 61.79 -2.98
N VAL G 31 77.28 63.09 -2.71
CA VAL G 31 78.06 63.59 -1.58
C VAL G 31 77.15 64.46 -0.74
N PHE G 32 77.07 64.16 0.55
CA PHE G 32 76.16 64.86 1.47
C PHE G 32 76.92 65.92 2.24
N ALA G 33 76.43 67.16 2.17
CA ALA G 33 76.99 68.23 2.98
C ALA G 33 76.62 68.02 4.44
N VAL G 34 77.61 68.05 5.32
CA VAL G 34 77.42 67.78 6.74
C VAL G 34 77.88 69.00 7.54
N ALA G 35 77.14 69.31 8.59
CA ALA G 35 77.53 70.41 9.48
C ALA G 35 78.83 70.06 10.20
N GLY G 36 79.68 71.07 10.37
CA GLY G 36 80.99 70.86 10.97
C GLY G 36 80.93 70.41 12.42
N ASP G 37 79.83 70.67 13.12
CA ASP G 37 79.72 70.32 14.53
C ASP G 37 79.47 68.84 14.75
N ASN G 38 79.24 68.07 13.70
CA ASN G 38 79.01 66.63 13.84
C ASN G 38 80.27 65.94 14.33
N PRO G 39 80.22 65.20 15.44
CA PRO G 39 81.45 64.55 15.95
C PRO G 39 82.02 63.51 15.00
N LEU G 40 81.17 62.82 14.23
CA LEU G 40 81.66 61.73 13.39
C LEU G 40 82.54 62.25 12.26
N ILE G 41 82.20 63.42 11.70
CA ILE G 41 82.95 63.95 10.56
C ILE G 41 84.13 64.81 10.97
N SER G 42 84.22 65.22 12.23
CA SER G 42 85.29 66.11 12.67
C SER G 42 86.65 65.41 12.57
N GLY G 43 87.64 66.14 12.05
CA GLY G 43 88.99 65.64 11.96
C GLY G 43 89.30 64.79 10.75
N LYS G 44 88.37 64.67 9.80
CA LYS G 44 88.59 63.87 8.61
C LYS G 44 88.18 64.65 7.38
N PRO G 45 88.81 64.38 6.23
CA PRO G 45 88.42 65.06 4.99
C PRO G 45 87.06 64.59 4.48
N TYR G 46 86.83 63.29 4.50
CA TYR G 46 85.56 62.73 4.05
C TYR G 46 85.40 61.34 4.64
N ILE G 47 84.15 60.88 4.67
CA ILE G 47 83.80 59.56 5.17
C ILE G 47 82.92 58.88 4.13
N ARG G 48 83.26 57.65 3.77
CA ARG G 48 82.47 56.86 2.84
C ARG G 48 81.56 55.91 3.61
N ILE G 49 80.27 55.95 3.30
CA ILE G 49 79.26 55.11 3.94
C ILE G 49 78.71 54.17 2.89
N SER G 50 78.81 52.86 3.15
CA SER G 50 78.37 51.86 2.18
C SER G 50 76.91 51.46 2.36
N ASN G 51 76.41 51.47 3.59
CA ASN G 51 75.04 51.07 3.86
C ASN G 51 74.64 51.60 5.23
N TRP G 52 73.41 51.28 5.63
CA TRP G 52 72.96 51.65 6.97
C TRP G 52 73.69 50.88 8.05
N LEU G 53 74.06 49.63 7.76
CA LEU G 53 74.82 48.83 8.73
C LEU G 53 76.18 49.46 9.02
N GLU G 54 76.86 49.92 7.98
CA GLU G 54 78.16 50.56 8.18
C GLU G 54 78.03 51.88 8.94
N TYR G 55 77.03 52.69 8.60
CA TYR G 55 76.85 53.96 9.28
C TYR G 55 76.53 53.77 10.75
N LEU G 56 75.67 52.79 11.06
CA LEU G 56 75.34 52.54 12.46
C LEU G 56 76.55 52.03 13.23
N THR G 57 77.38 51.18 12.60
CA THR G 57 78.58 50.69 13.26
C THR G 57 79.55 51.81 13.55
N LEU G 58 79.78 52.70 12.57
CA LEU G 58 80.71 53.81 12.79
C LEU G 58 80.16 54.81 13.80
N LYS G 59 78.85 55.04 13.80
CA LYS G 59 78.26 55.96 14.77
C LYS G 59 78.41 55.43 16.19
N ASN G 60 78.25 54.11 16.38
CA ASN G 60 78.30 53.50 17.71
C ASN G 60 77.25 54.11 18.64
N GLU G 61 76.08 54.43 18.08
CA GLU G 61 74.98 54.98 18.85
C GLU G 61 73.66 54.48 18.26
N GLN G 62 72.62 54.54 19.08
CA GLN G 62 71.29 54.19 18.60
C GLN G 62 70.77 55.26 17.65
N PHE G 63 69.79 54.88 16.84
CA PHE G 63 69.22 55.80 15.86
C PHE G 63 68.54 56.96 16.57
N ASP G 64 68.99 58.17 16.29
CA ASP G 64 68.43 59.37 16.90
C ASP G 64 67.61 60.13 15.88
N PRO G 65 66.29 60.22 16.03
CA PRO G 65 65.48 61.01 15.08
C PRO G 65 65.67 62.51 15.21
N ALA G 66 66.39 62.99 16.23
CA ALA G 66 66.67 64.40 16.41
C ALA G 66 67.92 64.85 15.68
N ASN G 67 68.62 63.94 15.01
CA ASN G 67 69.84 64.27 14.27
C ASN G 67 69.49 64.39 12.80
N THR G 68 69.75 65.57 12.22
CA THR G 68 69.40 65.81 10.82
C THR G 68 70.17 64.86 9.90
N LEU G 69 71.41 64.57 10.22
CA LEU G 69 72.18 63.63 9.40
C LEU G 69 71.59 62.23 9.46
N ASP G 70 71.14 61.80 10.64
CA ASP G 70 70.63 60.44 10.79
C ASP G 70 69.36 60.23 9.97
N ILE G 71 68.43 61.18 10.03
CA ILE G 71 67.18 61.02 9.29
C ILE G 71 67.42 61.15 7.79
N SER G 72 68.32 62.05 7.39
CA SER G 72 68.64 62.20 5.97
C SER G 72 69.22 60.93 5.40
N LEU G 73 70.13 60.28 6.14
CA LEU G 73 70.70 59.02 5.66
C LEU G 73 69.65 57.91 5.65
N ARG G 74 68.78 57.87 6.67
CA ARG G 74 67.72 56.87 6.69
C ARG G 74 66.76 57.06 5.53
N ALA G 75 66.35 58.30 5.27
CA ALA G 75 65.48 58.56 4.14
C ALA G 75 66.17 58.23 2.81
N TYR G 76 67.45 58.57 2.70
CA TYR G 76 68.19 58.26 1.48
C TYR G 76 68.33 56.77 1.26
N PHE G 77 68.67 56.02 2.32
CA PHE G 77 68.88 54.58 2.17
C PHE G 77 67.57 53.82 2.03
N ILE G 78 66.50 54.27 2.68
CA ILE G 78 65.22 53.58 2.54
C ILE G 78 64.64 53.75 1.15
N ASN G 79 65.11 54.75 0.39
CA ASN G 79 64.62 54.98 -0.96
C ASN G 79 65.45 54.27 -2.02
N GLY G 80 66.48 53.52 -1.62
CA GLY G 80 67.25 52.74 -2.56
C GLY G 80 68.62 53.30 -2.91
N GLY G 81 69.11 54.28 -2.16
CA GLY G 81 70.40 54.86 -2.47
C GLY G 81 71.55 53.91 -2.20
N GLY G 82 72.65 54.14 -2.92
CA GLY G 82 73.86 53.37 -2.77
C GLY G 82 74.85 54.03 -1.83
N TYR G 83 76.12 53.66 -1.99
CA TYR G 83 77.17 54.21 -1.14
C TYR G 83 77.36 55.70 -1.43
N CYS G 84 77.62 56.47 -0.39
CA CYS G 84 77.69 57.92 -0.49
C CYS G 84 78.94 58.42 0.23
N TYR G 85 79.17 59.74 0.15
CA TYR G 85 80.29 60.39 0.79
C TYR G 85 79.79 61.52 1.69
N LEU G 86 80.36 61.62 2.87
CA LEU G 86 80.05 62.70 3.80
C LEU G 86 81.20 63.70 3.82
N VAL G 87 80.91 64.94 3.46
CA VAL G 87 81.89 66.00 3.42
C VAL G 87 81.31 67.23 4.12
N GLN G 88 82.11 67.86 4.97
CA GLN G 88 81.65 69.08 5.64
C GLN G 88 81.41 70.18 4.62
N THR G 89 80.42 71.02 4.91
CA THR G 89 79.99 72.03 3.95
C THR G 89 81.12 73.00 3.61
N THR G 90 81.95 73.34 4.60
CA THR G 90 83.04 74.28 4.36
C THR G 90 84.14 73.69 3.49
N ASP G 91 84.20 72.37 3.36
CA ASP G 91 85.27 71.70 2.63
C ASP G 91 84.83 71.19 1.27
N LEU G 92 83.67 71.63 0.77
CA LEU G 92 83.14 71.08 -0.47
C LEU G 92 84.02 71.44 -1.67
N GLU G 93 84.41 72.71 -1.79
CA GLU G 93 85.20 73.15 -2.94
C GLU G 93 86.60 72.57 -2.93
N LYS G 94 87.04 71.98 -1.81
CA LYS G 94 88.38 71.42 -1.71
C LYS G 94 88.41 69.90 -1.79
N GLN G 95 87.36 69.22 -1.35
CA GLN G 95 87.36 67.77 -1.30
C GLN G 95 86.61 67.12 -2.45
N VAL G 96 85.62 67.80 -3.02
CA VAL G 96 84.88 67.23 -4.15
C VAL G 96 85.78 66.94 -5.35
N PRO G 97 86.65 67.84 -5.79
CA PRO G 97 87.54 67.49 -6.90
C PRO G 97 88.47 66.32 -6.60
N LYS G 98 88.76 66.06 -5.32
CA LYS G 98 89.58 64.91 -4.97
C LYS G 98 88.86 63.60 -5.25
N LEU G 99 87.53 63.59 -5.13
CA LEU G 99 86.74 62.38 -5.36
C LEU G 99 86.37 62.30 -6.85
N ASP G 100 86.64 61.14 -7.44
CA ASP G 100 86.51 60.97 -8.88
C ASP G 100 85.17 60.39 -9.31
N ASP G 101 84.52 59.60 -8.47
CA ASP G 101 83.29 58.91 -8.84
C ASP G 101 82.03 59.65 -8.42
N VAL G 102 82.16 60.82 -7.81
CA VAL G 102 81.00 61.56 -7.33
C VAL G 102 80.28 62.20 -8.52
N THR G 103 78.97 61.97 -8.61
CA THR G 103 78.16 62.55 -9.67
C THR G 103 77.10 63.52 -9.17
N LEU G 104 76.60 63.34 -7.94
CA LEU G 104 75.55 64.18 -7.40
C LEU G 104 76.07 64.97 -6.21
N LEU G 105 75.71 66.25 -6.16
CA LEU G 105 76.02 67.14 -5.03
C LEU G 105 74.71 67.42 -4.31
N VAL G 106 74.52 66.80 -3.15
CA VAL G 106 73.25 66.80 -2.45
C VAL G 106 73.34 67.72 -1.24
N ALA G 107 72.43 68.69 -1.16
CA ALA G 107 72.34 69.59 -0.02
C ALA G 107 71.45 68.94 1.04
N ALA G 108 72.07 68.29 2.02
CA ALA G 108 71.34 67.59 3.08
C ALA G 108 70.94 68.56 4.19
N GLY G 109 70.23 69.61 3.80
CA GLY G 109 69.77 70.62 4.73
C GLY G 109 70.72 71.79 4.93
N GLU G 110 71.92 71.74 4.37
CA GLU G 110 72.88 72.82 4.52
C GLU G 110 72.70 73.85 3.40
N ASN G 111 73.56 74.86 3.41
CA ASN G 111 73.57 75.91 2.39
C ASN G 111 74.82 75.69 1.53
N ILE G 112 74.62 75.25 0.30
CA ILE G 112 75.73 74.92 -0.60
C ILE G 112 75.64 75.79 -1.84
N THR G 113 75.11 77.01 -1.69
CA THR G 113 74.97 77.91 -2.84
C THR G 113 76.33 78.25 -3.43
N THR G 114 77.31 78.54 -2.58
CA THR G 114 78.63 78.90 -3.08
C THR G 114 79.34 77.72 -3.74
N ALA G 115 79.22 76.53 -3.15
CA ALA G 115 79.89 75.36 -3.71
C ALA G 115 79.31 75.00 -5.07
N VAL G 116 77.99 75.11 -5.23
CA VAL G 116 77.37 74.78 -6.51
C VAL G 116 77.84 75.74 -7.60
N SER G 117 77.90 77.04 -7.29
CA SER G 117 78.29 78.01 -8.29
C SER G 117 79.73 77.82 -8.75
N THR G 118 80.54 77.11 -7.97
CA THR G 118 81.93 76.87 -8.32
C THR G 118 82.12 75.50 -8.95
N LEU G 119 81.53 74.46 -8.37
CA LEU G 119 81.77 73.10 -8.83
C LEU G 119 80.92 72.76 -10.05
N CYS G 120 79.62 73.04 -10.00
CA CYS G 120 78.71 72.64 -11.08
C CYS G 120 78.89 73.53 -12.31
N LYS G 121 79.83 73.17 -13.17
CA LYS G 121 80.14 73.88 -14.39
C LYS G 121 80.20 72.89 -15.54
N PRO G 122 80.06 73.36 -16.78
CA PRO G 122 80.18 72.45 -17.93
C PRO G 122 81.52 71.73 -17.92
N GLY G 123 81.47 70.43 -18.22
CA GLY G 123 82.65 69.59 -18.27
C GLY G 123 83.02 68.92 -16.96
N LYS G 124 82.49 69.40 -15.83
CA LYS G 124 82.83 68.82 -14.54
C LYS G 124 82.03 67.56 -14.23
N GLY G 125 80.95 67.30 -14.95
CA GLY G 125 80.16 66.11 -14.74
C GLY G 125 79.52 66.01 -13.38
N LEU G 126 78.92 67.11 -12.90
CA LEU G 126 78.29 67.15 -11.59
C LEU G 126 76.87 67.71 -11.73
N PHE G 127 75.97 67.20 -10.89
CA PHE G 127 74.61 67.70 -10.79
C PHE G 127 74.29 67.95 -9.33
N ALA G 128 73.57 69.03 -9.06
CA ALA G 128 73.28 69.46 -7.70
C ALA G 128 71.79 69.32 -7.40
N ILE G 129 71.49 69.01 -6.14
CA ILE G 129 70.11 68.90 -5.66
C ILE G 129 69.96 69.85 -4.48
N PHE G 130 69.12 70.87 -4.66
CA PHE G 130 68.90 71.88 -3.63
C PHE G 130 67.72 71.49 -2.75
N ASP G 131 67.43 72.34 -1.76
CA ASP G 131 66.26 72.22 -0.92
C ASP G 131 65.36 73.42 -1.14
N GLY G 132 64.06 73.17 -1.24
CA GLY G 132 63.09 74.23 -1.43
C GLY G 132 62.87 75.02 -0.16
N PRO G 133 62.09 76.09 -0.25
CA PRO G 133 61.81 76.91 0.94
C PRO G 133 61.10 76.09 2.02
N THR G 134 61.40 76.41 3.27
CA THR G 134 60.79 75.70 4.40
C THR G 134 59.42 76.26 4.77
N THR G 135 59.04 77.40 4.23
CA THR G 135 57.77 78.04 4.56
C THR G 135 56.77 77.79 3.43
N GLU G 136 55.62 78.44 3.51
CA GLU G 136 54.63 78.34 2.46
C GLU G 136 55.12 79.04 1.20
N LEU G 137 54.49 78.70 0.07
CA LEU G 137 54.87 79.24 -1.22
C LEU G 137 54.16 80.56 -1.47
N LYS G 138 54.92 81.58 -1.86
CA LYS G 138 54.33 82.87 -2.20
C LYS G 138 53.62 82.77 -3.55
N SER G 139 52.40 83.29 -3.61
CA SER G 139 51.61 83.21 -4.82
C SER G 139 52.02 84.22 -5.88
N ASP G 140 52.91 85.15 -5.56
CA ASP G 140 53.41 86.10 -6.54
C ASP G 140 54.47 85.49 -7.46
N GLY G 141 54.93 84.29 -7.16
CA GLY G 141 55.94 83.64 -7.99
C GLY G 141 57.37 84.06 -7.71
N THR G 142 57.66 84.55 -6.50
CA THR G 142 58.99 85.01 -6.13
C THR G 142 59.60 84.17 -5.01
N SER G 143 59.20 82.91 -4.91
CA SER G 143 59.76 82.01 -3.91
C SER G 143 61.03 81.33 -4.39
N ASN G 144 61.47 81.60 -5.62
CA ASN G 144 62.67 81.01 -6.18
C ASN G 144 63.70 82.06 -6.59
N SER G 145 63.62 83.26 -5.99
CA SER G 145 64.47 84.36 -6.43
C SER G 145 65.93 84.16 -6.04
N ASP G 146 66.19 83.43 -4.96
CA ASP G 146 67.55 83.30 -4.44
C ASP G 146 68.37 82.24 -5.16
N TYR G 147 67.77 81.49 -6.09
CA TYR G 147 68.50 80.44 -6.78
C TYR G 147 69.11 80.96 -8.08
N ASP G 148 70.34 80.55 -8.35
CA ASP G 148 71.00 80.90 -9.59
C ASP G 148 70.45 80.06 -10.75
N PRO G 149 70.38 80.64 -11.96
CA PRO G 149 69.90 79.86 -13.11
C PRO G 149 70.95 78.90 -13.64
N ASN G 150 71.27 77.89 -12.83
CA ASN G 150 72.31 76.92 -13.17
C ASN G 150 71.67 75.70 -13.81
N PRO G 151 72.03 75.36 -15.05
CA PRO G 151 71.49 74.15 -15.67
C PRO G 151 72.02 72.85 -15.07
N PHE G 152 72.83 72.92 -14.02
CA PHE G 152 73.41 71.74 -13.38
C PHE G 152 72.86 71.53 -11.97
N ALA G 153 71.66 72.02 -11.70
CA ALA G 153 71.08 71.92 -10.38
C ALA G 153 69.56 71.86 -10.48
N ALA G 154 68.93 71.35 -9.42
CA ALA G 154 67.49 71.25 -9.34
C ALA G 154 67.05 71.49 -7.90
N VAL G 155 65.81 71.97 -7.75
CA VAL G 155 65.24 72.31 -6.45
C VAL G 155 63.98 71.48 -6.25
N TYR G 156 63.79 70.98 -5.03
CA TYR G 156 62.65 70.14 -4.70
C TYR G 156 61.96 70.68 -3.45
N TYR G 157 60.63 70.71 -3.50
CA TYR G 157 59.78 71.25 -2.44
C TYR G 157 58.57 70.35 -2.28
N PRO G 158 58.03 70.22 -1.06
CA PRO G 158 58.51 70.74 0.23
C PRO G 158 59.26 69.69 1.04
N TRP G 159 59.57 70.01 2.30
CA TRP G 159 60.23 69.07 3.18
C TRP G 159 59.27 67.96 3.61
N LEU G 160 59.83 66.85 4.05
CA LEU G 160 59.06 65.63 4.29
C LEU G 160 59.06 65.26 5.76
N THR G 161 58.00 64.58 6.18
CA THR G 161 57.88 64.04 7.52
C THR G 161 57.45 62.57 7.44
N ALA G 162 57.62 61.85 8.54
CA ALA G 162 57.28 60.44 8.59
C ALA G 162 56.79 60.11 9.99
N ASP G 163 56.61 58.81 10.26
CA ASP G 163 56.21 58.37 11.59
C ASP G 163 57.30 58.67 12.63
N TRP G 164 58.56 58.45 12.25
CA TRP G 164 59.70 58.65 13.16
C TRP G 164 60.24 60.07 13.06
N THR G 165 59.36 61.06 13.21
CA THR G 165 59.74 62.45 13.05
C THR G 165 59.49 63.23 14.33
N THR G 166 60.19 64.36 14.44
CA THR G 166 60.13 65.21 15.61
C THR G 166 60.13 66.66 15.09
N THR G 167 60.47 67.62 15.96
CA THR G 167 60.44 69.02 15.61
C THR G 167 61.22 69.36 14.35
N ILE G 168 62.09 68.47 13.88
CA ILE G 168 62.84 68.66 12.64
C ILE G 168 62.21 67.82 11.55
N ASP G 169 62.19 68.35 10.33
CA ASP G 169 61.62 67.67 9.18
C ASP G 169 62.72 67.27 8.20
N ILE G 170 62.50 66.14 7.54
CA ILE G 170 63.50 65.58 6.62
C ILE G 170 63.69 66.53 5.44
N PRO G 171 64.91 66.88 5.07
CA PRO G 171 65.13 67.67 3.86
C PRO G 171 64.78 66.87 2.62
N PRO G 172 64.10 67.49 1.65
CA PRO G 172 63.67 66.73 0.46
C PRO G 172 64.81 66.18 -0.37
N SER G 173 66.00 66.81 -0.34
CA SER G 173 67.09 66.38 -1.19
C SER G 173 67.58 64.99 -0.83
N ALA G 174 67.53 64.63 0.46
CA ALA G 174 67.99 63.31 0.89
C ALA G 174 67.15 62.21 0.28
N ALA G 175 65.82 62.39 0.28
CA ALA G 175 64.95 61.38 -0.31
C ALA G 175 65.04 61.36 -1.82
N ILE G 176 65.18 62.54 -2.44
CA ILE G 176 65.25 62.62 -3.89
C ILE G 176 66.50 61.92 -4.41
N ALA G 177 67.63 62.09 -3.71
CA ALA G 177 68.87 61.42 -4.12
C ALA G 177 68.70 59.91 -4.14
N GLY G 178 67.91 59.37 -3.22
CA GLY G 178 67.61 57.94 -3.26
C GLY G 178 66.78 57.57 -4.47
N VAL G 179 65.84 58.44 -4.86
CA VAL G 179 65.05 58.20 -6.06
C VAL G 179 65.96 58.16 -7.29
N TYR G 180 66.98 59.01 -7.31
CA TYR G 180 67.92 59.03 -8.43
C TYR G 180 68.62 57.70 -8.57
N CYS G 181 69.06 57.12 -7.45
CA CYS G 181 69.74 55.82 -7.50
C CYS G 181 68.79 54.73 -7.97
N SER G 182 67.55 54.74 -7.48
CA SER G 182 66.61 53.68 -7.83
C SER G 182 66.20 53.74 -9.29
N VAL G 183 65.90 54.93 -9.81
CA VAL G 183 65.45 55.05 -11.18
C VAL G 183 66.56 54.70 -12.17
N ASP G 184 67.78 55.15 -11.88
CA ASP G 184 68.89 54.88 -12.80
C ASP G 184 69.17 53.38 -12.90
N SER G 185 69.15 52.67 -11.78
CA SER G 185 69.44 51.24 -11.81
C SER G 185 68.29 50.45 -12.41
N THR G 186 67.08 51.02 -12.44
CA THR G 186 65.90 50.31 -12.92
C THR G 186 65.61 50.60 -14.39
N ARG G 187 65.48 51.87 -14.75
CA ARG G 187 65.06 52.25 -16.09
C ARG G 187 66.09 53.06 -16.85
N GLY G 188 67.23 53.37 -16.26
CA GLY G 188 68.27 54.10 -16.94
C GLY G 188 68.29 55.57 -16.58
N VAL G 189 69.45 56.20 -16.80
CA VAL G 189 69.63 57.60 -16.45
C VAL G 189 68.86 58.52 -17.39
N TRP G 190 68.44 58.03 -18.55
CA TRP G 190 67.74 58.86 -19.52
C TRP G 190 66.25 58.97 -19.23
N LYS G 191 65.75 58.29 -18.20
CA LYS G 191 64.34 58.33 -17.83
C LYS G 191 64.14 59.36 -16.73
N ALA G 192 63.04 60.10 -16.82
CA ALA G 192 62.80 61.20 -15.89
C ALA G 192 62.66 60.67 -14.47
N PRO G 193 63.39 61.23 -13.50
CA PRO G 193 63.24 60.85 -12.09
C PRO G 193 62.01 61.47 -11.43
N ALA G 194 60.87 61.37 -12.11
CA ALA G 194 59.60 61.88 -11.60
C ALA G 194 58.54 60.81 -11.85
N ASN G 195 57.33 61.08 -11.36
CA ASN G 195 56.22 60.13 -11.45
C ASN G 195 56.60 58.80 -10.82
N VAL G 196 57.32 58.85 -9.71
CA VAL G 196 57.74 57.64 -9.00
C VAL G 196 57.40 57.80 -7.53
N PRO G 197 56.98 56.72 -6.85
CA PRO G 197 56.65 56.83 -5.43
C PRO G 197 57.88 57.07 -4.59
N ILE G 198 57.67 57.70 -3.44
CA ILE G 198 58.72 57.90 -2.44
C ILE G 198 58.53 56.84 -1.37
N GLN G 199 59.53 55.99 -1.21
CA GLN G 199 59.41 54.85 -0.31
C GLN G 199 59.40 55.33 1.15
N GLY G 200 59.03 54.42 2.04
CA GLY G 200 58.85 54.76 3.43
C GLY G 200 57.52 55.44 3.68
N GLY G 201 57.39 55.99 4.88
CA GLY G 201 56.17 56.67 5.27
C GLY G 201 56.25 58.16 5.06
N LEU G 202 57.16 58.60 4.19
CA LEU G 202 57.40 60.02 3.99
C LEU G 202 56.18 60.69 3.36
N GLN G 203 55.80 61.84 3.89
CA GLN G 203 54.71 62.65 3.36
C GLN G 203 55.15 64.10 3.28
N PRO G 204 54.68 64.83 2.27
CA PRO G 204 54.99 66.26 2.18
C PRO G 204 54.41 67.02 3.36
N LYS G 205 55.12 68.05 3.80
CA LYS G 205 54.64 68.84 4.93
C LYS G 205 53.52 69.78 4.55
N TYR G 206 53.51 70.25 3.30
CA TYR G 206 52.48 71.17 2.83
C TYR G 206 51.88 70.65 1.54
N PRO G 207 50.60 70.94 1.30
CA PRO G 207 49.97 70.51 0.05
C PRO G 207 50.12 71.53 -1.07
N VAL G 208 50.43 71.02 -2.26
CA VAL G 208 50.60 71.85 -3.45
C VAL G 208 49.56 71.43 -4.47
N THR G 209 48.84 72.41 -5.01
CA THR G 209 47.79 72.16 -5.98
C THR G 209 48.29 72.48 -7.38
N ASP G 210 47.42 72.26 -8.38
CA ASP G 210 47.78 72.57 -9.76
C ASP G 210 47.98 74.06 -9.96
N ASP G 211 47.17 74.89 -9.30
CA ASP G 211 47.29 76.33 -9.46
C ASP G 211 48.59 76.84 -8.85
N LEU G 212 49.01 76.28 -7.71
CA LEU G 212 50.26 76.69 -7.09
C LEU G 212 51.45 76.31 -7.95
N GLN G 213 51.46 75.07 -8.47
CA GLN G 213 52.58 74.61 -9.27
C GLN G 213 52.68 75.31 -10.61
N ALA G 214 51.56 75.86 -11.12
CA ALA G 214 51.58 76.52 -12.42
C ALA G 214 52.52 77.72 -12.45
N GLN G 215 52.74 78.36 -11.30
CA GLN G 215 53.64 79.51 -11.25
C GLN G 215 55.11 79.10 -11.29
N TYR G 216 55.44 77.94 -10.71
CA TYR G 216 56.82 77.52 -10.53
C TYR G 216 57.20 76.36 -11.43
N ASN G 217 56.70 76.36 -12.68
CA ASN G 217 57.06 75.34 -13.65
C ASN G 217 57.71 75.92 -14.90
N GLN G 218 58.13 77.19 -14.85
CA GLN G 218 58.87 77.80 -15.95
C GLN G 218 59.92 78.73 -15.36
N GLY G 219 60.95 79.01 -16.16
CA GLY G 219 62.08 79.76 -15.64
C GLY G 219 62.82 78.93 -14.61
N LYS G 220 63.15 79.54 -13.48
CA LYS G 220 63.77 78.80 -12.38
C LYS G 220 62.72 77.95 -11.68
N ALA G 221 62.46 76.77 -12.22
CA ALA G 221 61.35 75.94 -11.77
C ALA G 221 61.68 75.21 -10.47
N LEU G 222 60.64 74.93 -9.70
CA LEU G 222 60.74 74.11 -8.50
C LEU G 222 60.00 72.80 -8.75
N ASN G 223 60.64 71.69 -8.41
CA ASN G 223 60.04 70.37 -8.55
C ASN G 223 59.28 70.04 -7.28
N MET G 224 58.05 69.54 -7.43
CA MET G 224 57.14 69.39 -6.32
C MET G 224 56.99 67.92 -5.95
N ILE G 225 56.68 67.67 -4.68
CA ILE G 225 56.38 66.34 -4.18
C ILE G 225 54.94 66.37 -3.70
N ARG G 226 54.03 65.86 -4.52
CA ARG G 226 52.60 65.95 -4.26
C ARG G 226 52.01 64.58 -3.98
N THR G 227 50.85 64.57 -3.36
CA THR G 227 50.11 63.36 -3.05
C THR G 227 48.83 63.34 -3.88
N PHE G 228 48.58 62.22 -4.53
CA PHE G 228 47.43 62.05 -5.40
C PHE G 228 46.48 61.00 -4.83
N PRO G 229 45.18 61.07 -5.16
CA PRO G 229 44.19 60.27 -4.43
C PRO G 229 44.45 58.77 -4.45
N LYS G 230 44.97 58.22 -5.54
CA LYS G 230 45.16 56.78 -5.64
C LYS G 230 46.62 56.34 -5.66
N SER G 231 47.51 57.14 -6.22
CA SER G 231 48.90 56.73 -6.43
C SER G 231 49.82 57.06 -5.26
N GLY G 232 49.30 57.67 -4.20
CA GLY G 232 50.13 57.98 -3.06
C GLY G 232 50.96 59.23 -3.24
N THR G 233 52.19 59.22 -2.73
CA THR G 233 53.10 60.35 -2.82
C THR G 233 54.08 60.15 -3.95
N LEU G 234 54.13 61.11 -4.86
CA LEU G 234 54.95 61.01 -6.06
C LEU G 234 55.80 62.27 -6.23
N VAL G 235 56.90 62.12 -6.96
CA VAL G 235 57.72 63.26 -7.37
C VAL G 235 57.11 63.82 -8.66
N TRP G 236 56.72 65.09 -8.62
CA TRP G 236 56.01 65.73 -9.71
C TRP G 236 56.84 66.90 -10.22
N GLY G 237 57.69 66.64 -11.21
CA GLY G 237 58.54 67.68 -11.77
C GLY G 237 59.93 67.20 -12.11
N ALA G 238 60.41 67.53 -13.31
CA ALA G 238 61.71 67.08 -13.76
C ALA G 238 62.47 68.17 -14.51
N ARG G 239 62.28 69.43 -14.11
CA ARG G 239 62.90 70.56 -14.78
C ARG G 239 64.08 71.07 -13.98
N THR G 240 65.12 71.52 -14.67
CA THR G 240 66.29 72.12 -14.04
C THR G 240 66.03 73.59 -13.78
N LEU G 241 67.07 74.33 -13.41
CA LEU G 241 66.95 75.75 -13.08
C LEU G 241 67.13 76.66 -14.27
N GLU G 242 67.36 76.13 -15.47
CA GLU G 242 67.49 76.92 -16.68
C GLU G 242 66.39 76.51 -17.67
N ASP G 243 65.64 77.50 -18.14
CA ASP G 243 64.53 77.25 -19.07
C ASP G 243 65.04 77.53 -20.48
N ASN G 244 65.57 76.50 -21.13
CA ASN G 244 66.13 76.61 -22.46
C ASN G 244 65.80 75.33 -23.22
N ASP G 245 65.82 75.42 -24.55
CA ASP G 245 65.55 74.24 -25.37
C ASP G 245 66.53 73.12 -25.08
N ASN G 246 67.73 73.45 -24.63
CA ASN G 246 68.66 72.50 -24.06
C ASN G 246 68.63 72.58 -22.54
N TRP G 247 68.85 71.45 -21.89
CA TRP G 247 68.96 71.35 -20.43
C TRP G 247 67.70 71.83 -19.71
N ARG G 248 66.56 71.88 -20.39
CA ARG G 248 65.31 72.16 -19.71
C ARG G 248 64.94 71.04 -18.74
N TYR G 249 65.18 69.80 -19.15
CA TYR G 249 64.79 68.62 -18.38
C TYR G 249 66.01 67.98 -17.75
N ILE G 250 65.84 67.51 -16.52
CA ILE G 250 66.86 66.77 -15.78
C ILE G 250 67.36 65.57 -16.57
N PRO G 251 66.48 64.76 -17.21
CA PRO G 251 67.01 63.60 -17.95
C PRO G 251 68.02 63.95 -19.02
N VAL G 252 67.81 65.05 -19.75
CA VAL G 252 68.72 65.40 -20.84
C VAL G 252 70.07 65.84 -20.27
N ARG G 253 70.06 66.67 -19.23
CA ARG G 253 71.31 67.13 -18.63
C ARG G 253 72.06 65.97 -17.99
N ARG G 254 71.35 65.07 -17.30
CA ARG G 254 72.03 63.98 -16.61
C ARG G 254 72.48 62.90 -17.58
N LEU G 255 71.76 62.71 -18.70
CA LEU G 255 72.22 61.75 -19.69
C LEU G 255 73.54 62.18 -20.32
N PHE G 256 73.67 63.47 -20.63
CA PHE G 256 74.93 63.95 -21.20
C PHE G 256 76.07 63.87 -20.19
N ASN G 257 75.76 64.07 -18.91
CA ASN G 257 76.78 63.91 -17.88
C ASN G 257 77.28 62.48 -17.80
N SER G 258 76.35 61.52 -17.89
CA SER G 258 76.75 60.12 -17.83
C SER G 258 77.51 59.71 -19.08
N ALA G 259 77.06 60.16 -20.25
CA ALA G 259 77.73 59.80 -21.50
C ALA G 259 79.13 60.38 -21.55
N GLU G 260 79.31 61.63 -21.09
CA GLU G 260 80.63 62.22 -21.08
C GLU G 260 81.58 61.46 -20.16
N ARG G 261 81.08 61.02 -19.01
CA ARG G 261 81.93 60.27 -18.08
C ARG G 261 82.29 58.90 -18.65
N ASP G 262 81.31 58.20 -19.21
CA ASP G 262 81.56 56.87 -19.75
C ASP G 262 82.48 56.93 -20.96
N ILE G 263 82.29 57.91 -21.84
CA ILE G 263 83.17 58.06 -22.99
C ILE G 263 84.58 58.41 -22.54
N LYS G 264 84.70 59.31 -21.56
CA LYS G 264 86.01 59.71 -21.07
C LYS G 264 86.77 58.51 -20.52
N ASN G 265 86.08 57.60 -19.82
CA ASN G 265 86.71 56.38 -19.36
C ASN G 265 87.00 55.43 -20.51
N ALA G 266 86.19 55.46 -21.56
CA ALA G 266 86.34 54.51 -22.66
C ALA G 266 87.63 54.76 -23.44
N MET G 267 87.93 56.02 -23.75
CA MET G 267 89.10 56.36 -24.55
C MET G 267 90.23 56.94 -23.73
N SER G 268 90.21 56.79 -22.40
CA SER G 268 91.32 57.27 -21.57
C SER G 268 92.60 56.49 -21.80
N PHE G 269 92.52 55.33 -22.46
CA PHE G 269 93.72 54.56 -22.78
C PHE G 269 94.63 55.28 -23.77
N ALA G 270 94.10 56.24 -24.52
CA ALA G 270 94.84 56.87 -25.60
C ALA G 270 95.76 57.99 -25.12
N VAL G 271 95.73 58.34 -23.84
CA VAL G 271 96.62 59.37 -23.34
C VAL G 271 98.05 58.85 -23.31
N PHE G 272 99.01 59.72 -23.63
CA PHE G 272 100.44 59.36 -23.69
C PHE G 272 100.70 58.29 -24.74
N GLU G 273 99.90 58.27 -25.79
CA GLU G 273 100.11 57.48 -26.98
C GLU G 273 100.54 58.38 -28.14
N PRO G 274 101.15 57.83 -29.18
CA PRO G 274 101.54 58.67 -30.32
C PRO G 274 100.32 59.37 -30.91
N ASN G 275 100.51 60.64 -31.27
CA ASN G 275 99.42 61.48 -31.78
C ASN G 275 99.39 61.39 -33.30
N SER G 276 99.05 60.21 -33.79
CA SER G 276 99.03 59.92 -35.22
C SER G 276 97.66 59.35 -35.60
N GLN G 277 97.47 59.14 -36.90
CA GLN G 277 96.20 58.62 -37.38
C GLN G 277 95.85 57.24 -36.83
N PRO G 278 96.78 56.27 -36.71
CA PRO G 278 96.38 54.97 -36.14
C PRO G 278 95.80 55.07 -34.75
N THR G 279 96.27 56.01 -33.93
CA THR G 279 95.66 56.21 -32.62
C THR G 279 94.26 56.79 -32.74
N TRP G 280 94.07 57.71 -33.68
CA TRP G 280 92.75 58.34 -33.85
C TRP G 280 91.71 57.30 -34.25
N GLU G 281 92.07 56.37 -35.12
CA GLU G 281 91.13 55.32 -35.52
C GLU G 281 90.76 54.43 -34.34
N ARG G 282 91.73 54.11 -33.49
CA ARG G 282 91.43 53.30 -32.31
C ARG G 282 90.48 54.02 -31.38
N VAL G 283 90.64 55.33 -31.22
CA VAL G 283 89.75 56.10 -30.35
C VAL G 283 88.36 56.18 -30.95
N ARG G 284 88.27 56.36 -32.27
CA ARG G 284 86.96 56.43 -32.92
C ARG G 284 86.20 55.12 -32.76
N SER G 285 86.89 53.99 -32.81
CA SER G 285 86.23 52.71 -32.60
C SER G 285 85.68 52.59 -31.19
N ALA G 286 86.43 53.08 -30.20
CA ALA G 286 85.97 53.00 -28.82
C ALA G 286 84.74 53.86 -28.60
N VAL G 287 84.71 55.05 -29.16
CA VAL G 287 83.56 55.94 -28.98
C VAL G 287 82.34 55.40 -29.73
N ASN G 288 82.54 54.95 -30.96
CA ASN G 288 81.42 54.43 -31.75
C ASN G 288 80.83 53.18 -31.12
N ASN G 289 81.68 52.32 -30.55
CA ASN G 289 81.18 51.11 -29.91
C ASN G 289 80.32 51.44 -28.70
N TYR G 290 80.69 52.46 -27.94
CA TYR G 290 79.90 52.84 -26.77
C TYR G 290 78.58 53.47 -27.19
N LEU G 291 78.61 54.37 -28.18
CA LEU G 291 77.39 55.07 -28.57
C LEU G 291 76.36 54.10 -29.15
N TYR G 292 76.80 53.11 -29.92
CA TYR G 292 75.88 52.10 -30.42
C TYR G 292 75.25 51.31 -29.29
N SER G 293 76.04 50.97 -28.27
CA SER G 293 75.49 50.26 -27.12
C SER G 293 74.47 51.11 -26.38
N LEU G 294 74.75 52.41 -26.23
CA LEU G 294 73.80 53.30 -25.57
C LEU G 294 72.51 53.42 -26.37
N TRP G 295 72.62 53.50 -27.69
CA TRP G 295 71.42 53.58 -28.53
C TRP G 295 70.61 52.30 -28.44
N GLN G 296 71.28 51.15 -28.37
CA GLN G 296 70.57 49.87 -28.29
C GLN G 296 69.75 49.78 -27.00
N GLN G 297 70.27 50.32 -25.91
CA GLN G 297 69.55 50.28 -24.64
C GLN G 297 68.34 51.20 -24.63
N GLY G 298 68.21 52.08 -25.61
CA GLY G 298 67.12 53.02 -25.66
C GLY G 298 67.43 54.41 -25.13
N GLY G 299 68.69 54.73 -24.90
CA GLY G 299 69.06 56.02 -24.35
C GLY G 299 69.14 57.16 -25.34
N LEU G 300 69.05 56.87 -26.64
CA LEU G 300 69.13 57.89 -27.66
C LEU G 300 67.91 57.84 -28.56
N ALA G 301 67.61 58.95 -29.21
CA ALA G 301 66.45 59.10 -30.07
C ALA G 301 66.84 58.86 -31.52
N GLY G 302 66.09 58.01 -32.21
CA GLY G 302 66.36 57.72 -33.60
C GLY G 302 66.04 56.28 -33.97
N ASN G 303 65.53 56.07 -35.18
CA ASN G 303 65.18 54.72 -35.62
C ASN G 303 66.41 53.91 -36.00
N LYS G 304 67.47 54.57 -36.47
CA LYS G 304 68.72 53.92 -36.82
C LYS G 304 69.87 54.72 -36.21
N PRO G 305 71.01 54.07 -35.98
CA PRO G 305 72.13 54.77 -35.32
C PRO G 305 72.61 56.02 -36.05
N ASP G 306 72.48 56.07 -37.37
CA ASP G 306 72.88 57.26 -38.11
C ASP G 306 72.03 58.47 -37.75
N ASP G 307 70.82 58.26 -37.23
CA ASP G 307 69.96 59.34 -36.78
C ASP G 307 70.14 59.67 -35.30
N ALA G 308 70.91 58.85 -34.57
CA ALA G 308 71.05 59.04 -33.13
C ALA G 308 72.36 59.66 -32.70
N TYR G 309 73.43 59.46 -33.47
CA TYR G 309 74.73 60.01 -33.09
C TYR G 309 75.63 60.08 -34.31
N PHE G 310 76.71 60.85 -34.17
CA PHE G 310 77.76 60.91 -35.18
C PHE G 310 79.08 61.21 -34.48
N VAL G 311 80.15 60.66 -35.03
CA VAL G 311 81.50 60.86 -34.49
C VAL G 311 82.40 61.35 -35.62
N GLN G 312 83.16 62.41 -35.35
CA GLN G 312 84.11 62.94 -36.32
C GLN G 312 85.46 63.12 -35.65
N ILE G 313 86.51 62.67 -36.32
CA ILE G 313 87.89 62.92 -35.88
C ILE G 313 88.82 62.74 -37.07
N GLY G 314 89.73 63.69 -37.25
CA GLY G 314 90.68 63.59 -38.34
C GLY G 314 91.35 64.92 -38.60
N LYS G 315 92.35 64.88 -39.48
CA LYS G 315 93.08 66.07 -39.84
C LYS G 315 92.26 66.92 -40.81
N ASP G 316 92.26 68.23 -40.57
CA ASP G 316 91.47 69.22 -41.31
C ASP G 316 89.97 68.99 -41.17
N ILE G 317 89.56 68.12 -40.25
CA ILE G 317 88.15 67.92 -39.92
C ILE G 317 87.86 68.39 -38.50
N THR G 318 88.69 67.98 -37.54
CA THR G 318 88.55 68.39 -36.16
C THR G 318 89.77 69.10 -35.59
N MET G 319 90.96 68.87 -36.13
CA MET G 319 92.17 69.47 -35.62
C MET G 319 93.07 69.88 -36.78
N THR G 320 93.93 70.86 -36.51
CA THR G 320 94.84 71.43 -37.49
C THR G 320 96.29 71.10 -37.14
N ASP G 321 97.23 71.67 -37.88
CA ASP G 321 98.64 71.42 -37.63
C ASP G 321 99.06 71.93 -36.26
N ASP G 322 98.55 73.10 -35.86
CA ASP G 322 98.91 73.66 -34.57
C ASP G 322 98.43 72.77 -33.43
N ASP G 323 97.22 72.21 -33.54
CA ASP G 323 96.70 71.34 -32.50
C ASP G 323 97.55 70.07 -32.35
N ILE G 324 97.96 69.48 -33.48
CA ILE G 324 98.75 68.26 -33.43
C ILE G 324 100.12 68.53 -32.83
N LYS G 325 100.77 69.62 -33.23
CA LYS G 325 102.09 69.95 -32.70
C LYS G 325 102.05 70.30 -31.22
N GLN G 326 100.89 70.69 -30.70
CA GLN G 326 100.74 70.99 -29.28
C GLN G 326 100.35 69.77 -28.46
N GLY G 327 100.19 68.61 -29.10
CA GLY G 327 99.77 67.41 -28.41
C GLY G 327 98.29 67.25 -28.22
N LYS G 328 97.47 68.08 -28.87
CA LYS G 328 96.03 68.02 -28.70
C LYS G 328 95.40 67.07 -29.72
N MET G 329 94.41 66.31 -29.27
CA MET G 329 93.59 65.46 -30.12
C MET G 329 92.14 65.82 -29.86
N ILE G 330 91.42 66.22 -30.91
CA ILE G 330 90.10 66.82 -30.77
C ILE G 330 89.08 65.90 -31.45
N ILE G 331 88.01 65.61 -30.72
CA ILE G 331 86.93 64.74 -31.19
C ILE G 331 85.62 65.49 -31.07
N LYS G 332 84.73 65.30 -32.05
CA LYS G 332 83.39 65.87 -31.99
C LYS G 332 82.35 64.75 -31.94
N ILE G 333 81.48 64.83 -30.95
CA ILE G 333 80.40 63.86 -30.76
C ILE G 333 79.09 64.62 -30.71
N GLY G 334 78.12 64.17 -31.49
CA GLY G 334 76.79 64.77 -31.44
C GLY G 334 75.72 63.70 -31.30
N MET G 335 74.93 63.78 -30.23
CA MET G 335 73.93 62.78 -29.93
C MET G 335 72.59 63.45 -29.63
N ALA G 336 71.51 62.76 -30.00
CA ALA G 336 70.16 63.27 -29.81
C ALA G 336 69.50 62.56 -28.64
N ALA G 337 68.94 63.33 -27.72
CA ALA G 337 68.28 62.80 -26.54
C ALA G 337 66.77 62.81 -26.73
N VAL G 338 66.10 61.90 -26.05
CA VAL G 338 64.65 61.78 -26.11
C VAL G 338 64.04 62.59 -24.98
N ARG G 339 63.03 63.41 -25.31
CA ARG G 339 62.40 64.28 -24.34
C ARG G 339 61.02 63.75 -23.98
N PRO G 340 60.66 63.73 -22.69
CA PRO G 340 59.43 63.08 -22.27
C PRO G 340 58.19 63.91 -22.58
N ALA G 341 57.05 63.24 -22.54
CA ALA G 341 55.76 63.92 -22.60
C ALA G 341 55.39 64.46 -21.23
N GLU G 342 55.05 65.75 -21.17
CA GLU G 342 54.84 66.43 -19.90
C GLU G 342 53.40 66.84 -19.67
N PHE G 343 52.67 67.23 -20.72
CA PHE G 343 51.29 67.69 -20.60
C PHE G 343 50.38 66.72 -21.34
N ILE G 344 49.30 66.31 -20.68
CA ILE G 344 48.33 65.39 -21.26
C ILE G 344 46.98 66.08 -21.28
N ILE G 345 46.36 66.14 -22.45
CA ILE G 345 45.13 66.90 -22.66
C ILE G 345 44.03 65.93 -23.08
N LEU G 346 42.94 65.92 -22.32
CA LEU G 346 41.77 65.12 -22.66
C LEU G 346 40.69 66.04 -23.22
N GLN G 347 40.20 65.73 -24.42
CA GLN G 347 39.12 66.48 -25.05
C GLN G 347 37.86 65.63 -25.04
N PHE G 348 36.82 66.14 -24.42
CA PHE G 348 35.56 65.41 -24.24
C PHE G 348 34.47 66.04 -25.08
N THR G 349 33.64 65.20 -25.69
CA THR G 349 32.51 65.66 -26.47
C THR G 349 31.42 64.60 -26.44
N GLN G 350 30.21 65.02 -26.77
CA GLN G 350 29.07 64.10 -26.76
C GLN G 350 28.59 63.81 -28.18
N THR H 2 45.07 74.38 -20.63
CA THR H 2 44.41 73.94 -21.86
C THR H 2 45.36 74.07 -23.03
N THR H 3 45.06 75.00 -23.94
CA THR H 3 46.02 75.35 -24.98
C THR H 3 47.24 76.03 -24.41
N ILE H 4 47.14 76.57 -23.19
CA ILE H 4 48.27 77.15 -22.48
C ILE H 4 48.69 76.14 -21.43
N THR H 5 49.86 75.53 -21.63
CA THR H 5 50.36 74.48 -20.76
C THR H 5 51.36 75.07 -19.78
N THR H 6 51.05 74.99 -18.49
CA THR H 6 51.93 75.52 -17.45
C THR H 6 52.44 74.44 -16.50
N TYR H 7 51.54 73.66 -15.91
CA TYR H 7 51.94 72.66 -14.92
C TYR H 7 51.92 71.26 -15.51
N PRO H 8 52.78 70.38 -15.04
CA PRO H 8 52.72 68.98 -15.50
C PRO H 8 51.50 68.28 -14.92
N GLY H 9 50.81 67.56 -15.78
CA GLY H 9 49.62 66.85 -15.33
C GLY H 9 48.64 66.70 -16.49
N VAL H 10 47.36 66.68 -16.12
CA VAL H 10 46.26 66.40 -17.05
C VAL H 10 45.42 67.66 -17.21
N TYR H 11 45.10 68.00 -18.45
CA TYR H 11 44.25 69.14 -18.78
C TYR H 11 42.95 68.63 -19.38
N ILE H 12 41.87 69.34 -19.10
CA ILE H 12 40.53 68.95 -19.56
C ILE H 12 40.02 70.00 -20.55
N GLU H 13 39.57 69.53 -21.70
CA GLU H 13 38.91 70.36 -22.70
C GLU H 13 37.55 69.78 -23.03
N GLU H 14 36.60 70.67 -23.32
CA GLU H 14 35.25 70.29 -23.74
C GLU H 14 34.98 71.04 -25.05
N ASP H 15 35.39 70.43 -26.15
CA ASP H 15 35.27 71.04 -27.48
C ASP H 15 34.23 70.30 -28.31
N ALA H 16 34.06 70.75 -29.56
CA ALA H 16 33.17 70.08 -30.49
C ALA H 16 33.79 69.99 -31.88
N SER H 17 35.11 70.14 -31.99
CA SER H 17 35.78 70.08 -33.28
C SER H 17 35.67 68.69 -33.88
N LEU H 18 35.50 68.64 -35.20
CA LEU H 18 35.36 67.37 -35.90
C LEU H 18 36.71 66.64 -35.97
N SER H 19 36.64 65.36 -36.27
CA SER H 19 37.82 64.53 -36.48
C SER H 19 37.53 63.49 -37.55
N LEU H 20 38.38 63.44 -38.58
CA LEU H 20 38.19 62.50 -39.66
C LEU H 20 39.45 61.66 -39.88
N SER H 21 39.48 60.89 -40.96
CA SER H 21 40.63 60.04 -41.28
C SER H 21 41.12 60.40 -42.68
N VAL H 22 42.40 60.11 -42.91
CA VAL H 22 43.06 60.47 -44.16
C VAL H 22 43.74 59.24 -44.75
N SER H 23 43.56 59.06 -46.05
CA SER H 23 44.19 57.98 -46.81
C SER H 23 45.42 58.52 -47.53
N SER H 24 46.00 57.67 -48.38
CA SER H 24 47.21 58.04 -49.13
C SER H 24 47.15 57.35 -50.50
N SER H 25 46.86 58.12 -51.54
CA SER H 25 46.87 57.63 -52.91
C SER H 25 47.72 58.57 -53.75
N ALA H 26 48.73 58.02 -54.42
CA ALA H 26 49.63 58.85 -55.21
C ALA H 26 49.09 59.17 -56.59
N THR H 27 48.20 58.32 -57.12
CA THR H 27 47.65 58.54 -58.45
C THR H 27 46.46 59.49 -58.45
N ALA H 28 46.04 59.97 -57.29
CA ALA H 28 44.92 60.91 -57.18
C ALA H 28 45.34 62.04 -56.24
N VAL H 29 45.94 63.07 -56.81
CA VAL H 29 46.30 64.28 -56.09
C VAL H 29 45.57 65.45 -56.73
N PRO H 30 44.42 65.83 -56.21
CA PRO H 30 43.58 66.84 -56.86
C PRO H 30 43.99 68.27 -56.50
N VAL H 31 43.52 69.20 -57.34
CA VAL H 31 43.61 70.63 -57.07
C VAL H 31 42.20 71.20 -57.13
N PHE H 32 41.80 71.89 -56.07
CA PHE H 32 40.45 72.43 -55.94
C PHE H 32 40.44 73.89 -56.35
N ALA H 33 39.57 74.24 -57.29
CA ALA H 33 39.38 75.63 -57.66
C ALA H 33 38.63 76.36 -56.56
N VAL H 34 39.18 77.48 -56.11
CA VAL H 34 38.64 78.25 -55.00
C VAL H 34 38.31 79.65 -55.48
N ALA H 35 37.19 80.18 -54.99
CA ALA H 35 36.82 81.55 -55.31
C ALA H 35 37.82 82.53 -54.70
N GLY H 36 38.13 83.60 -55.45
CA GLY H 36 39.11 84.57 -55.01
C GLY H 36 38.71 85.31 -53.75
N ASP H 37 37.41 85.39 -53.46
CA ASP H 37 36.94 86.12 -52.29
C ASP H 37 37.24 85.39 -50.98
N ASN H 38 37.69 84.15 -51.03
CA ASN H 38 37.99 83.41 -49.82
C ASN H 38 39.18 84.03 -49.10
N PRO H 39 39.04 84.40 -47.82
CA PRO H 39 40.17 85.03 -47.11
C PRO H 39 41.37 84.11 -46.97
N LEU H 40 41.16 82.80 -46.84
CA LEU H 40 42.28 81.89 -46.60
C LEU H 40 43.23 81.83 -47.78
N ILE H 41 42.70 81.82 -49.00
CA ILE H 41 43.53 81.67 -50.20
C ILE H 41 44.07 83.00 -50.71
N SER H 42 43.56 84.12 -50.23
CA SER H 42 43.99 85.42 -50.74
C SER H 42 45.44 85.69 -50.36
N GLY H 43 46.20 86.21 -51.32
CA GLY H 43 47.58 86.58 -51.09
C GLY H 43 48.59 85.46 -51.23
N LYS H 44 48.16 84.27 -51.64
CA LYS H 44 49.07 83.13 -51.78
C LYS H 44 48.86 82.47 -53.13
N PRO H 45 49.92 81.88 -53.70
CA PRO H 45 49.75 81.15 -54.96
C PRO H 45 48.91 79.89 -54.80
N TYR H 46 49.23 79.08 -53.80
CA TYR H 46 48.49 77.86 -53.54
C TYR H 46 48.67 77.48 -52.07
N ILE H 47 47.76 76.64 -51.59
CA ILE H 47 47.79 76.13 -50.22
C ILE H 47 47.62 74.61 -50.29
N ARG H 48 48.49 73.89 -49.58
CA ARG H 48 48.43 72.45 -49.50
C ARG H 48 47.78 72.02 -48.19
N ILE H 49 46.72 71.22 -48.30
CA ILE H 49 45.97 70.73 -47.15
C ILE H 49 46.25 69.23 -47.02
N SER H 50 46.75 68.83 -45.86
CA SER H 50 47.09 67.43 -45.64
C SER H 50 45.94 66.60 -45.08
N ASN H 51 45.08 67.21 -44.27
CA ASN H 51 43.96 66.49 -43.67
C ASN H 51 42.95 67.53 -43.19
N TRP H 52 41.85 67.02 -42.62
CA TRP H 52 40.85 67.91 -42.03
C TRP H 52 41.39 68.63 -40.81
N LEU H 53 42.28 67.97 -40.05
CA LEU H 53 42.87 68.62 -38.88
C LEU H 53 43.70 69.83 -39.28
N GLU H 54 44.51 69.69 -40.33
CA GLU H 54 45.31 70.81 -40.80
C GLU H 54 44.43 71.94 -41.33
N TYR H 55 43.38 71.60 -42.08
CA TYR H 55 42.51 72.63 -42.62
C TYR H 55 41.82 73.41 -41.51
N LEU H 56 41.32 72.71 -40.48
CA LEU H 56 40.66 73.40 -39.38
C LEU H 56 41.65 74.27 -38.62
N THR H 57 42.89 73.81 -38.46
CA THR H 57 43.92 74.61 -37.81
C THR H 57 44.21 75.88 -38.61
N LEU H 58 44.35 75.75 -39.94
CA LEU H 58 44.64 76.92 -40.76
C LEU H 58 43.45 77.86 -40.81
N LYS H 59 42.23 77.31 -40.85
CA LYS H 59 41.04 78.16 -40.88
C LYS H 59 40.89 78.96 -39.60
N ASN H 60 41.22 78.35 -38.46
CA ASN H 60 41.08 78.98 -37.14
C ASN H 60 39.64 79.38 -36.85
N GLU H 61 38.68 78.66 -37.45
CA GLU H 61 37.27 78.92 -37.26
C GLU H 61 36.54 77.59 -37.13
N GLN H 62 35.33 77.65 -36.57
CA GLN H 62 34.49 76.48 -36.49
C GLN H 62 33.98 76.09 -37.87
N PHE H 63 33.53 74.85 -37.98
CA PHE H 63 33.03 74.34 -39.26
C PHE H 63 31.75 75.07 -39.65
N ASP H 64 31.76 75.71 -40.82
CA ASP H 64 30.60 76.45 -41.30
C ASP H 64 29.97 75.72 -42.47
N PRO H 65 28.74 75.21 -42.35
CA PRO H 65 28.10 74.56 -43.50
C PRO H 65 27.62 75.53 -44.56
N ALA H 66 27.70 76.84 -44.33
CA ALA H 66 27.33 77.84 -45.32
C ALA H 66 28.49 78.22 -46.24
N ASN H 67 29.66 77.63 -46.04
CA ASN H 67 30.82 77.90 -46.89
C ASN H 67 30.98 76.75 -47.87
N THR H 68 30.96 77.07 -49.17
CA THR H 68 31.03 76.03 -50.19
C THR H 68 32.36 75.27 -50.13
N LEU H 69 33.43 75.97 -49.77
CA LEU H 69 34.74 75.32 -49.72
C LEU H 69 34.83 74.37 -48.52
N ASP H 70 34.17 74.74 -47.41
CA ASP H 70 34.22 73.89 -46.22
C ASP H 70 33.51 72.56 -46.44
N ILE H 71 32.32 72.60 -47.04
CA ILE H 71 31.56 71.37 -47.25
C ILE H 71 32.24 70.51 -48.30
N SER H 72 32.83 71.12 -49.33
CA SER H 72 33.52 70.36 -50.35
C SER H 72 34.69 69.59 -49.76
N LEU H 73 35.47 70.21 -48.89
CA LEU H 73 36.58 69.51 -48.25
C LEU H 73 36.09 68.45 -47.28
N ARG H 74 35.00 68.72 -46.55
CA ARG H 74 34.45 67.71 -45.67
C ARG H 74 33.94 66.51 -46.46
N ALA H 75 33.23 66.77 -47.56
CA ALA H 75 32.78 65.68 -48.41
C ALA H 75 33.96 64.93 -49.02
N TYR H 76 34.98 65.67 -49.45
CA TYR H 76 36.15 65.04 -50.05
C TYR H 76 36.91 64.17 -49.05
N PHE H 77 37.13 64.69 -47.84
CA PHE H 77 37.91 63.93 -46.86
C PHE H 77 37.11 62.79 -46.25
N ILE H 78 35.79 62.95 -46.09
CA ILE H 78 34.99 61.86 -45.54
C ILE H 78 34.88 60.70 -46.52
N ASN H 79 35.17 60.94 -47.80
CA ASN H 79 35.12 59.91 -48.81
C ASN H 79 36.46 59.21 -49.02
N GLY H 80 37.49 59.59 -48.27
CA GLY H 80 38.77 58.91 -48.33
C GLY H 80 39.85 59.64 -49.10
N GLY H 81 39.67 60.90 -49.44
CA GLY H 81 40.69 61.61 -50.20
C GLY H 81 41.92 61.92 -49.38
N GLY H 82 43.04 62.08 -50.09
CA GLY H 82 44.31 62.41 -49.49
C GLY H 82 44.59 63.89 -49.53
N TYR H 83 45.88 64.23 -49.43
CA TYR H 83 46.28 65.63 -49.45
C TYR H 83 46.00 66.25 -50.82
N CYS H 84 45.54 67.50 -50.81
CA CYS H 84 45.12 68.19 -52.02
C CYS H 84 45.71 69.60 -52.04
N TYR H 85 45.45 70.32 -53.12
CA TYR H 85 45.92 71.68 -53.30
C TYR H 85 44.73 72.60 -53.57
N LEU H 86 44.80 73.80 -53.01
CA LEU H 86 43.80 74.84 -53.23
C LEU H 86 44.40 75.95 -54.08
N VAL H 87 43.79 76.22 -55.22
CA VAL H 87 44.26 77.23 -56.16
C VAL H 87 43.06 78.05 -56.61
N GLN H 88 43.23 79.37 -56.65
CA GLN H 88 42.15 80.23 -57.12
C GLN H 88 41.86 79.97 -58.59
N THR H 89 40.60 80.18 -58.98
CA THR H 89 40.16 79.82 -60.33
C THR H 89 40.91 80.61 -61.38
N THR H 90 41.14 81.91 -61.13
CA THR H 90 41.83 82.74 -62.11
C THR H 90 43.30 82.37 -62.28
N ASP H 91 43.89 81.65 -61.31
CA ASP H 91 45.30 81.31 -61.33
C ASP H 91 45.56 79.88 -61.73
N LEU H 92 44.57 79.18 -62.29
CA LEU H 92 44.74 77.76 -62.60
C LEU H 92 45.78 77.54 -63.70
N GLU H 93 45.68 78.31 -64.79
CA GLU H 93 46.60 78.11 -65.91
C GLU H 93 48.02 78.52 -65.59
N LYS H 94 48.24 79.22 -64.48
CA LYS H 94 49.57 79.67 -64.09
C LYS H 94 50.21 78.84 -62.99
N GLN H 95 49.42 78.31 -62.05
CA GLN H 95 49.96 77.61 -60.91
C GLN H 95 49.94 76.10 -61.06
N VAL H 96 49.02 75.54 -61.85
CA VAL H 96 48.98 74.10 -62.04
C VAL H 96 50.26 73.56 -62.67
N PRO H 97 50.80 74.16 -63.75
CA PRO H 97 52.08 73.64 -64.28
C PRO H 97 53.22 73.73 -63.29
N LYS H 98 53.16 74.64 -62.32
CA LYS H 98 54.19 74.72 -61.30
C LYS H 98 54.16 73.47 -60.41
N LEU H 99 52.98 72.94 -60.14
CA LEU H 99 52.84 71.75 -59.31
C LEU H 99 53.08 70.50 -60.16
N ASP H 100 53.89 69.59 -59.64
CA ASP H 100 54.35 68.44 -60.41
C ASP H 100 53.56 67.16 -60.12
N ASP H 101 53.03 67.02 -58.91
CA ASP H 101 52.36 65.78 -58.51
C ASP H 101 50.84 65.83 -58.68
N VAL H 102 50.30 66.92 -59.22
CA VAL H 102 48.86 67.06 -59.38
C VAL H 102 48.41 66.21 -60.55
N THR H 103 47.40 65.37 -60.33
CA THR H 103 46.85 64.51 -61.36
C THR H 103 45.40 64.82 -61.72
N LEU H 104 44.61 65.33 -60.77
CA LEU H 104 43.20 65.62 -60.99
C LEU H 104 42.96 67.12 -60.92
N LEU H 105 42.10 67.61 -61.81
CA LEU H 105 41.67 69.01 -61.81
C LEU H 105 40.19 69.02 -61.47
N VAL H 106 39.87 69.39 -60.22
CA VAL H 106 38.52 69.24 -59.68
C VAL H 106 37.86 70.61 -59.61
N ALA H 107 36.69 70.71 -60.23
CA ALA H 107 35.89 71.94 -60.19
C ALA H 107 34.98 71.88 -58.97
N ALA H 108 35.41 72.51 -57.88
CA ALA H 108 34.64 72.51 -56.63
C ALA H 108 33.54 73.57 -56.69
N GLY H 109 32.67 73.44 -57.70
CA GLY H 109 31.58 74.35 -57.91
C GLY H 109 31.89 75.56 -58.77
N GLU H 110 33.14 75.72 -59.20
CA GLU H 110 33.53 76.86 -60.01
C GLU H 110 33.35 76.55 -61.49
N ASN H 111 33.73 77.51 -62.34
CA ASN H 111 33.72 77.36 -63.78
C ASN H 111 35.15 77.28 -64.26
N ILE H 112 35.59 76.08 -64.64
CA ILE H 112 36.98 75.86 -65.04
C ILE H 112 37.01 75.40 -66.50
N THR H 113 36.05 75.85 -67.29
CA THR H 113 35.98 75.45 -68.69
C THR H 113 37.23 75.89 -69.45
N THR H 114 37.68 77.13 -69.22
CA THR H 114 38.86 77.63 -69.91
C THR H 114 40.12 76.90 -69.47
N ALA H 115 40.25 76.65 -68.16
CA ALA H 115 41.45 75.98 -67.67
C ALA H 115 41.57 74.57 -68.20
N VAL H 116 40.44 73.84 -68.27
CA VAL H 116 40.47 72.48 -68.79
C VAL H 116 40.88 72.46 -70.25
N SER H 117 40.33 73.39 -71.05
CA SER H 117 40.63 73.41 -72.47
C SER H 117 42.10 73.73 -72.74
N THR H 118 42.81 74.29 -71.76
CA THR H 118 44.21 74.62 -71.91
C THR H 118 45.13 73.57 -71.28
N LEU H 119 44.81 73.15 -70.05
CA LEU H 119 45.71 72.25 -69.32
C LEU H 119 45.53 70.81 -69.74
N CYS H 120 44.29 70.33 -69.78
CA CYS H 120 44.04 68.91 -70.05
C CYS H 120 44.25 68.58 -71.53
N LYS H 121 45.50 68.30 -71.89
CA LYS H 121 45.90 67.96 -73.25
C LYS H 121 46.72 66.69 -73.21
N PRO H 122 46.83 65.99 -74.34
CA PRO H 122 47.67 64.77 -74.37
C PRO H 122 49.10 65.07 -73.95
N GLY H 123 49.65 64.18 -73.13
CA GLY H 123 50.99 64.31 -72.62
C GLY H 123 51.12 65.08 -71.33
N LYS H 124 50.10 65.84 -70.94
CA LYS H 124 50.17 66.63 -69.72
C LYS H 124 49.89 65.81 -68.46
N GLY H 125 49.31 64.63 -68.62
CA GLY H 125 49.04 63.78 -67.45
C GLY H 125 48.05 64.37 -66.47
N LEU H 126 46.96 64.95 -66.97
CA LEU H 126 45.95 65.55 -66.12
C LEU H 126 44.57 65.02 -66.49
N PHE H 127 43.70 64.94 -65.49
CA PHE H 127 42.32 64.55 -65.67
C PHE H 127 41.43 65.55 -64.96
N ALA H 128 40.32 65.92 -65.59
CA ALA H 128 39.42 66.93 -65.07
C ALA H 128 38.11 66.31 -64.62
N ILE H 129 37.54 66.84 -63.55
CA ILE H 129 36.25 66.39 -63.03
C ILE H 129 35.33 67.61 -63.00
N PHE H 130 34.24 67.55 -63.74
CA PHE H 130 33.32 68.67 -63.87
C PHE H 130 32.14 68.53 -62.90
N ASP H 131 31.22 69.47 -63.00
CA ASP H 131 29.96 69.44 -62.27
C ASP H 131 28.81 69.46 -63.27
N GLY H 132 27.80 68.63 -63.02
CA GLY H 132 26.64 68.61 -63.87
C GLY H 132 25.74 69.79 -63.64
N PRO H 133 24.68 69.87 -64.46
CA PRO H 133 23.72 70.97 -64.30
C PRO H 133 23.06 70.94 -62.94
N THR H 134 22.72 72.13 -62.44
CA THR H 134 22.06 72.27 -61.14
C THR H 134 20.54 72.16 -61.24
N THR H 135 19.99 72.11 -62.45
CA THR H 135 18.56 72.00 -62.65
C THR H 135 18.20 70.57 -63.05
N GLU H 136 16.94 70.34 -63.40
CA GLU H 136 16.51 69.04 -63.87
C GLU H 136 17.11 68.76 -65.25
N LEU H 137 17.29 67.47 -65.54
CA LEU H 137 17.83 67.06 -66.83
C LEU H 137 16.77 67.23 -67.91
N LYS H 138 17.16 67.83 -69.02
CA LYS H 138 16.24 68.02 -70.14
C LYS H 138 16.07 66.69 -70.88
N SER H 139 14.82 66.33 -71.16
CA SER H 139 14.52 65.06 -71.79
C SER H 139 14.87 65.03 -73.27
N ASP H 140 15.17 66.18 -73.88
CA ASP H 140 15.56 66.21 -75.29
C ASP H 140 17.00 65.77 -75.50
N GLY H 141 17.77 65.59 -74.44
CA GLY H 141 19.16 65.17 -74.56
C GLY H 141 20.13 66.29 -74.87
N THR H 142 19.80 67.53 -74.53
CA THR H 142 20.65 68.68 -74.80
C THR H 142 21.11 69.37 -73.53
N SER H 143 21.20 68.62 -72.43
CA SER H 143 21.67 69.16 -71.16
C SER H 143 23.18 69.13 -71.03
N ASN H 144 23.89 68.63 -72.04
CA ASN H 144 25.34 68.54 -72.03
C ASN H 144 25.98 69.29 -73.19
N SER H 145 25.28 70.30 -73.73
CA SER H 145 25.77 70.97 -74.93
C SER H 145 26.95 71.88 -74.64
N ASP H 146 27.10 72.33 -73.39
CA ASP H 146 28.14 73.30 -73.06
C ASP H 146 29.49 72.67 -72.74
N TYR H 147 29.59 71.35 -72.74
CA TYR H 147 30.84 70.68 -72.43
C TYR H 147 31.60 70.33 -73.70
N ASP H 148 32.90 70.60 -73.70
CA ASP H 148 33.76 70.25 -74.82
C ASP H 148 33.99 68.74 -74.87
N PRO H 149 34.12 68.17 -76.07
CA PRO H 149 34.40 66.72 -76.18
C PRO H 149 35.85 66.39 -75.85
N ASN H 150 36.21 66.60 -74.59
CA ASN H 150 37.58 66.39 -74.13
C ASN H 150 37.72 64.99 -73.55
N PRO H 151 38.60 64.14 -74.08
CA PRO H 151 38.80 62.81 -73.50
C PRO H 151 39.47 62.82 -72.14
N PHE H 152 39.89 63.98 -71.64
CA PHE H 152 40.58 64.09 -70.36
C PHE H 152 39.68 64.64 -69.26
N ALA H 153 38.37 64.64 -69.46
CA ALA H 153 37.45 65.22 -68.50
C ALA H 153 36.21 64.34 -68.38
N ALA H 154 35.52 64.48 -67.25
CA ALA H 154 34.28 63.74 -67.00
C ALA H 154 33.34 64.62 -66.18
N VAL H 155 32.05 64.39 -66.36
CA VAL H 155 30.99 65.17 -65.71
C VAL H 155 30.18 64.25 -64.81
N TYR H 156 29.74 64.78 -63.66
CA TYR H 156 28.96 64.01 -62.70
C TYR H 156 27.73 64.80 -62.29
N TYR H 157 26.60 64.11 -62.22
CA TYR H 157 25.30 64.68 -61.90
C TYR H 157 24.56 63.72 -60.98
N PRO H 158 23.74 64.23 -60.05
CA PRO H 158 23.50 65.62 -59.68
C PRO H 158 24.26 66.05 -58.45
N TRP H 159 23.96 67.24 -57.92
CA TRP H 159 24.60 67.69 -56.70
C TRP H 159 24.04 66.95 -55.49
N LEU H 160 24.79 66.96 -54.40
CA LEU H 160 24.51 66.13 -53.24
C LEU H 160 24.15 66.98 -52.03
N THR H 161 23.36 66.39 -51.14
CA THR H 161 22.98 66.99 -49.87
C THR H 161 23.20 65.98 -48.75
N ALA H 162 23.27 66.48 -47.53
CA ALA H 162 23.50 65.63 -46.37
C ALA H 162 22.70 66.19 -45.19
N ASP H 163 22.96 65.64 -44.00
CA ASP H 163 22.32 66.15 -42.80
C ASP H 163 22.79 67.57 -42.49
N TRP H 164 24.08 67.83 -42.66
CA TRP H 164 24.67 69.15 -42.38
C TRP H 164 24.62 70.06 -43.60
N THR H 165 23.43 70.23 -44.16
CA THR H 165 23.26 70.99 -45.39
C THR H 165 22.32 72.17 -45.16
N THR H 166 22.45 73.17 -46.01
CA THR H 166 21.68 74.40 -45.94
C THR H 166 21.31 74.77 -47.38
N THR H 167 20.93 76.04 -47.60
CA THR H 167 20.49 76.48 -48.92
C THR H 167 21.46 76.17 -50.04
N ILE H 168 22.72 75.84 -49.71
CA ILE H 168 23.72 75.45 -50.71
C ILE H 168 23.89 73.94 -50.67
N ASP H 169 24.09 73.35 -51.83
CA ASP H 169 24.25 71.90 -51.97
C ASP H 169 25.69 71.56 -52.36
N ILE H 170 26.16 70.43 -51.86
CA ILE H 170 27.55 70.02 -52.09
C ILE H 170 27.74 69.75 -53.58
N PRO H 171 28.78 70.29 -54.21
CA PRO H 171 29.06 69.96 -55.60
C PRO H 171 29.51 68.52 -55.74
N PRO H 172 29.04 67.81 -56.76
CA PRO H 172 29.40 66.39 -56.89
C PRO H 172 30.87 66.14 -57.13
N SER H 173 31.62 67.13 -57.62
CA SER H 173 33.03 66.92 -57.93
C SER H 173 33.84 66.62 -56.67
N ALA H 174 33.52 67.30 -55.57
CA ALA H 174 34.28 67.11 -54.33
C ALA H 174 34.15 65.68 -53.82
N ALA H 175 32.94 65.13 -53.85
CA ALA H 175 32.74 63.77 -53.36
C ALA H 175 33.34 62.74 -54.32
N ILE H 176 33.22 62.99 -55.62
CA ILE H 176 33.73 62.04 -56.61
C ILE H 176 35.26 61.95 -56.51
N ALA H 177 35.93 63.08 -56.33
CA ALA H 177 37.38 63.06 -56.20
C ALA H 177 37.83 62.23 -55.00
N GLY H 178 37.01 62.20 -53.95
CA GLY H 178 37.30 61.30 -52.84
C GLY H 178 37.17 59.84 -53.23
N VAL H 179 36.19 59.54 -54.09
CA VAL H 179 36.00 58.17 -54.56
C VAL H 179 37.21 57.72 -55.37
N TYR H 180 37.80 58.63 -56.15
CA TYR H 180 38.98 58.29 -56.94
C TYR H 180 40.13 57.86 -56.04
N CYS H 181 40.34 58.58 -54.93
CA CYS H 181 41.43 58.23 -54.02
C CYS H 181 41.21 56.86 -53.39
N SER H 182 39.96 56.57 -53.00
CA SER H 182 39.68 55.32 -52.31
C SER H 182 39.80 54.13 -53.25
N VAL H 183 39.26 54.25 -54.47
CA VAL H 183 39.30 53.14 -55.41
C VAL H 183 40.73 52.85 -55.85
N ASP H 184 41.51 53.89 -56.11
CA ASP H 184 42.89 53.70 -56.57
C ASP H 184 43.73 52.99 -55.52
N SER H 185 43.59 53.39 -54.25
CA SER H 185 44.37 52.78 -53.18
C SER H 185 43.90 51.37 -52.87
N THR H 186 42.65 51.04 -53.18
CA THR H 186 42.08 49.75 -52.83
C THR H 186 42.22 48.74 -53.96
N ARG H 187 41.73 49.09 -55.16
CA ARG H 187 41.68 48.15 -56.27
C ARG H 187 42.53 48.57 -57.47
N GLY H 188 43.22 49.70 -57.39
CA GLY H 188 44.07 50.13 -58.48
C GLY H 188 43.41 51.15 -59.38
N VAL H 189 44.23 51.80 -60.20
CA VAL H 189 43.74 52.85 -61.09
C VAL H 189 43.03 52.28 -62.30
N TRP H 190 43.26 51.01 -62.64
CA TRP H 190 42.62 50.41 -63.81
C TRP H 190 41.19 49.97 -63.56
N LYS H 191 40.74 49.96 -62.31
CA LYS H 191 39.38 49.57 -61.97
C LYS H 191 38.47 50.78 -62.08
N ALA H 192 37.27 50.57 -62.61
CA ALA H 192 36.34 51.65 -62.85
C ALA H 192 35.94 52.32 -61.53
N PRO H 193 36.01 53.64 -61.43
CA PRO H 193 35.58 54.36 -60.21
C PRO H 193 34.07 54.56 -60.16
N ALA H 194 33.32 53.48 -60.43
CA ALA H 194 31.88 53.47 -60.37
C ALA H 194 31.44 52.23 -59.62
N ASN H 195 30.12 52.09 -59.43
CA ASN H 195 29.54 50.98 -58.68
C ASN H 195 30.14 50.89 -57.28
N VAL H 196 30.37 52.04 -56.66
CA VAL H 196 30.95 52.10 -55.32
C VAL H 196 30.09 53.04 -54.47
N PRO H 197 29.89 52.75 -53.19
CA PRO H 197 29.08 53.62 -52.36
C PRO H 197 29.76 54.96 -52.11
N ILE H 198 28.94 55.99 -51.91
CA ILE H 198 29.41 57.31 -51.53
C ILE H 198 29.30 57.42 -50.02
N GLN H 199 30.42 57.63 -49.35
CA GLN H 199 30.45 57.63 -47.90
C GLN H 199 29.74 58.86 -47.35
N GLY H 200 29.44 58.81 -46.05
CA GLY H 200 28.67 59.86 -45.42
C GLY H 200 27.19 59.71 -45.68
N GLY H 201 26.45 60.75 -45.32
CA GLY H 201 25.02 60.76 -45.52
C GLY H 201 24.61 61.44 -46.81
N LEU H 202 25.57 61.56 -47.74
CA LEU H 202 25.32 62.28 -48.98
C LEU H 202 24.24 61.59 -49.80
N GLN H 203 23.30 62.38 -50.32
CA GLN H 203 22.21 61.87 -51.14
C GLN H 203 22.05 62.75 -52.38
N PRO H 204 21.72 62.15 -53.53
CA PRO H 204 21.47 62.96 -54.72
C PRO H 204 20.27 63.88 -54.51
N LYS H 205 20.35 65.08 -55.07
CA LYS H 205 19.27 66.04 -54.92
C LYS H 205 18.08 65.70 -55.81
N TYR H 206 18.32 65.04 -56.93
CA TYR H 206 17.26 64.69 -57.87
C TYR H 206 17.35 63.21 -58.22
N PRO H 207 16.21 62.58 -58.50
CA PRO H 207 16.23 61.16 -58.89
C PRO H 207 16.37 60.97 -60.38
N VAL H 208 17.24 60.02 -60.76
CA VAL H 208 17.49 59.69 -62.15
C VAL H 208 17.10 58.24 -62.38
N THR H 209 16.29 58.00 -63.40
CA THR H 209 15.83 56.66 -63.73
C THR H 209 16.63 56.11 -64.91
N ASP H 210 16.30 54.88 -65.29
CA ASP H 210 16.99 54.26 -66.43
C ASP H 210 16.69 55.00 -67.72
N ASP H 211 15.45 55.47 -67.88
CA ASP H 211 15.08 56.20 -69.10
C ASP H 211 15.83 57.52 -69.21
N LEU H 212 15.99 58.22 -68.09
CA LEU H 212 16.72 59.49 -68.10
C LEU H 212 18.19 59.27 -68.44
N GLN H 213 18.81 58.26 -67.85
CA GLN H 213 20.22 58.01 -68.08
C GLN H 213 20.48 57.45 -69.48
N ALA H 214 19.47 56.87 -70.12
CA ALA H 214 19.66 56.28 -71.44
C ALA H 214 20.03 57.33 -72.48
N GLN H 215 19.59 58.58 -72.28
CA GLN H 215 19.90 59.64 -73.22
C GLN H 215 21.32 60.15 -73.06
N TYR H 216 21.86 60.15 -71.85
CA TYR H 216 23.14 60.76 -71.54
C TYR H 216 24.22 59.73 -71.25
N ASN H 217 24.21 58.61 -71.97
CA ASN H 217 25.23 57.58 -71.82
C ASN H 217 26.00 57.35 -73.13
N GLN H 218 25.91 58.29 -74.06
CA GLN H 218 26.67 58.22 -75.31
C GLN H 218 27.05 59.63 -75.72
N GLY H 219 28.04 59.72 -76.60
CA GLY H 219 28.58 61.03 -76.95
C GLY H 219 29.20 61.67 -75.72
N LYS H 220 28.85 62.93 -75.48
CA LYS H 220 29.30 63.61 -74.28
C LYS H 220 28.49 63.13 -73.09
N ALA H 221 28.88 61.97 -72.54
CA ALA H 221 28.07 61.28 -71.54
C ALA H 221 28.20 61.93 -70.17
N LEU H 222 27.10 61.92 -69.44
CA LEU H 222 27.08 62.37 -68.05
C LEU H 222 27.04 61.15 -67.13
N ASN H 223 27.84 61.19 -66.07
CA ASN H 223 27.87 60.11 -65.10
C ASN H 223 26.91 60.44 -63.97
N MET H 224 25.99 59.52 -63.69
CA MET H 224 24.92 59.76 -62.72
C MET H 224 25.31 59.20 -61.35
N ILE H 225 24.71 59.80 -60.32
CA ILE H 225 24.81 59.31 -58.96
C ILE H 225 23.38 58.94 -58.54
N ARG H 226 23.12 57.64 -58.44
CA ARG H 226 21.76 57.14 -58.23
C ARG H 226 21.68 56.33 -56.94
N THR H 227 20.46 56.20 -56.44
CA THR H 227 20.17 55.40 -55.26
C THR H 227 19.39 54.16 -55.67
N PHE H 228 19.82 53.00 -55.19
CA PHE H 228 19.19 51.74 -55.51
C PHE H 228 18.58 51.12 -54.27
N PRO H 229 17.54 50.28 -54.41
CA PRO H 229 16.74 49.90 -53.24
C PRO H 229 17.52 49.25 -52.11
N LYS H 230 18.54 48.45 -52.41
CA LYS H 230 19.26 47.73 -51.36
C LYS H 230 20.71 48.16 -51.20
N SER H 231 21.34 48.69 -52.23
CA SER H 231 22.75 49.02 -52.19
C SER H 231 23.04 50.47 -51.81
N GLY H 232 22.01 51.27 -51.53
CA GLY H 232 22.25 52.65 -51.15
C GLY H 232 22.56 53.53 -52.34
N THR H 233 23.41 54.53 -52.09
CA THR H 233 23.81 55.48 -53.13
C THR H 233 25.10 55.03 -53.78
N LEU H 234 25.08 54.95 -55.11
CA LEU H 234 26.21 54.44 -55.88
C LEU H 234 26.55 55.42 -57.00
N VAL H 235 27.80 55.35 -57.46
CA VAL H 235 28.22 56.07 -58.65
C VAL H 235 27.93 55.18 -59.86
N TRP H 236 27.09 55.67 -60.77
CA TRP H 236 26.61 54.89 -61.90
C TRP H 236 27.06 55.56 -63.19
N GLY H 237 28.27 55.22 -63.64
CA GLY H 237 28.80 55.76 -64.87
C GLY H 237 30.31 55.90 -64.86
N ALA H 238 30.96 55.46 -65.93
CA ALA H 238 32.42 55.53 -66.02
C ALA H 238 32.88 55.94 -67.41
N ARG H 239 32.24 56.94 -68.01
CA ARG H 239 32.54 57.36 -69.38
C ARG H 239 33.09 58.77 -69.39
N THR H 240 34.05 59.02 -70.28
CA THR H 240 34.62 60.36 -70.46
C THR H 240 33.70 61.16 -71.38
N LEU H 241 34.18 62.31 -71.84
CA LEU H 241 33.40 63.18 -72.71
C LEU H 241 33.61 62.88 -74.19
N GLU H 242 34.45 61.90 -74.53
CA GLU H 242 34.68 61.51 -75.91
C GLU H 242 34.21 60.07 -76.11
N ASP H 243 33.33 59.87 -77.08
CA ASP H 243 32.79 58.54 -77.38
C ASP H 243 33.58 57.97 -78.55
N ASN H 244 34.65 57.25 -78.22
CA ASN H 244 35.54 56.68 -79.22
C ASN H 244 36.00 55.31 -78.72
N ASP H 245 36.44 54.46 -79.65
CA ASP H 245 36.91 53.14 -79.27
C ASP H 245 38.08 53.22 -78.31
N ASN H 246 38.84 54.32 -78.35
CA ASN H 246 39.82 54.63 -77.31
C ASN H 246 39.27 55.74 -76.42
N TRP H 247 39.66 55.71 -75.15
CA TRP H 247 39.31 56.74 -74.16
C TRP H 247 37.81 56.88 -73.95
N ARG H 248 37.03 55.87 -74.33
CA ARG H 248 35.61 55.89 -74.01
C ARG H 248 35.39 55.84 -72.50
N TYR H 249 36.17 55.01 -71.81
CA TYR H 249 35.99 54.78 -70.38
C TYR H 249 37.07 55.52 -69.59
N ILE H 250 36.68 56.04 -68.43
CA ILE H 250 37.60 56.69 -67.50
C ILE H 250 38.76 55.78 -67.12
N PRO H 251 38.54 54.50 -66.79
CA PRO H 251 39.69 53.66 -66.38
C PRO H 251 40.80 53.58 -67.42
N VAL H 252 40.44 53.48 -68.71
CA VAL H 252 41.47 53.34 -69.73
C VAL H 252 42.28 54.63 -69.86
N ARG H 253 41.60 55.78 -69.86
CA ARG H 253 42.30 57.06 -69.96
C ARG H 253 43.16 57.31 -68.74
N ARG H 254 42.65 56.99 -67.54
CA ARG H 254 43.40 57.27 -66.32
C ARG H 254 44.53 56.29 -66.10
N LEU H 255 44.38 55.04 -66.58
CA LEU H 255 45.47 54.09 -66.49
C LEU H 255 46.67 54.54 -67.32
N PHE H 256 46.41 55.02 -68.53
CA PHE H 256 47.51 55.49 -69.38
C PHE H 256 48.16 56.73 -68.80
N ASN H 257 47.38 57.59 -68.14
CA ASN H 257 47.96 58.75 -67.48
C ASN H 257 48.90 58.34 -66.36
N SER H 258 48.51 57.33 -65.57
CA SER H 258 49.35 56.87 -64.48
C SER H 258 50.59 56.16 -65.01
N ALA H 259 50.43 55.33 -66.04
CA ALA H 259 51.58 54.61 -66.59
C ALA H 259 52.58 55.58 -67.20
N GLU H 260 52.10 56.59 -67.93
CA GLU H 260 53.01 57.56 -68.54
C GLU H 260 53.80 58.31 -67.47
N ARG H 261 53.14 58.69 -66.37
CA ARG H 261 53.85 59.36 -65.30
C ARG H 261 54.86 58.44 -64.62
N ASP H 262 54.46 57.19 -64.37
CA ASP H 262 55.35 56.26 -63.68
C ASP H 262 56.54 55.89 -64.55
N ILE H 263 56.32 55.66 -65.86
CA ILE H 263 57.43 55.37 -66.76
C ILE H 263 58.36 56.56 -66.86
N LYS H 264 57.78 57.77 -66.96
CA LYS H 264 58.60 58.98 -67.05
C LYS H 264 59.51 59.13 -65.84
N ASN H 265 59.00 58.82 -64.65
CA ASN H 265 59.84 58.85 -63.45
C ASN H 265 60.84 57.71 -63.45
N ALA H 266 60.48 56.55 -64.01
CA ALA H 266 61.35 55.38 -63.96
C ALA H 266 62.64 55.61 -64.74
N MET H 267 62.55 56.21 -65.93
CA MET H 267 63.70 56.40 -66.79
C MET H 267 64.14 57.86 -66.89
N SER H 268 63.82 58.67 -65.88
CA SER H 268 64.31 60.04 -65.85
C SER H 268 65.80 60.14 -65.58
N PHE H 269 66.42 59.04 -65.13
CA PHE H 269 67.86 59.00 -64.91
C PHE H 269 68.68 59.09 -66.19
N ALA H 270 68.05 58.90 -67.35
CA ALA H 270 68.77 58.85 -68.61
C ALA H 270 68.98 60.22 -69.24
N VAL H 271 68.38 61.27 -68.69
CA VAL H 271 68.61 62.60 -69.24
C VAL H 271 70.02 63.07 -68.90
N PHE H 272 70.65 63.76 -69.84
CA PHE H 272 72.03 64.24 -69.70
C PHE H 272 73.01 63.09 -69.55
N GLU H 273 72.68 61.94 -70.15
CA GLU H 273 73.55 60.80 -70.31
C GLU H 273 73.98 60.70 -71.77
N PRO H 274 75.08 60.00 -72.07
CA PRO H 274 75.48 59.84 -73.46
C PRO H 274 74.39 59.16 -74.28
N ASN H 275 74.18 59.66 -75.49
CA ASN H 275 73.11 59.17 -76.36
C ASN H 275 73.66 58.05 -77.24
N SER H 276 73.99 56.94 -76.59
CA SER H 276 74.58 55.79 -77.26
C SER H 276 73.75 54.55 -76.92
N GLN H 277 74.10 53.43 -77.57
CA GLN H 277 73.37 52.19 -77.36
C GLN H 277 73.40 51.69 -75.92
N PRO H 278 74.52 51.74 -75.18
CA PRO H 278 74.47 51.28 -73.78
C PRO H 278 73.42 51.99 -72.95
N THR H 279 73.21 53.29 -73.18
CA THR H 279 72.15 54.00 -72.46
C THR H 279 70.78 53.49 -72.87
N TRP H 280 70.59 53.19 -74.15
CA TRP H 280 69.29 52.73 -74.63
C TRP H 280 68.92 51.39 -74.00
N GLU H 281 69.90 50.50 -73.83
CA GLU H 281 69.63 49.21 -73.19
C GLU H 281 69.23 49.39 -71.73
N ARG H 282 69.88 50.33 -71.03
CA ARG H 282 69.50 50.60 -69.64
C ARG H 282 68.07 51.11 -69.56
N VAL H 283 67.67 51.99 -70.48
CA VAL H 283 66.31 52.53 -70.45
C VAL H 283 65.30 51.44 -70.77
N ARG H 284 65.62 50.57 -71.73
CA ARG H 284 64.72 49.48 -72.08
C ARG H 284 64.51 48.54 -70.89
N SER H 285 65.57 48.28 -70.12
CA SER H 285 65.43 47.43 -68.94
C SER H 285 64.50 48.06 -67.91
N ALA H 286 64.61 49.38 -67.71
CA ALA H 286 63.77 50.04 -66.72
C ALA H 286 62.30 50.02 -67.14
N VAL H 287 62.03 50.30 -68.42
CA VAL H 287 60.65 50.33 -68.89
C VAL H 287 60.04 48.94 -68.85
N ASN H 288 60.80 47.93 -69.29
CA ASN H 288 60.27 46.57 -69.30
C ASN H 288 60.03 46.06 -67.89
N ASN H 289 60.88 46.45 -66.94
CA ASN H 289 60.69 46.04 -65.55
C ASN H 289 59.40 46.60 -64.99
N TYR H 290 59.10 47.86 -65.28
CA TYR H 290 57.86 48.46 -64.79
C TYR H 290 56.64 47.82 -65.43
N LEU H 291 56.68 47.58 -66.74
CA LEU H 291 55.51 47.06 -67.43
C LEU H 291 55.19 45.64 -66.99
N TYR H 292 56.21 44.82 -66.73
CA TYR H 292 55.97 43.49 -66.21
C TYR H 292 55.33 43.54 -64.84
N SER H 293 55.80 44.46 -63.97
CA SER H 293 55.21 44.60 -62.64
C SER H 293 53.76 45.06 -62.73
N LEU H 294 53.46 45.96 -63.66
CA LEU H 294 52.08 46.41 -63.84
C LEU H 294 51.19 45.28 -64.31
N TRP H 295 51.70 44.45 -65.24
CA TRP H 295 50.92 43.30 -65.70
C TRP H 295 50.69 42.30 -64.58
N GLN H 296 51.69 42.12 -63.71
CA GLN H 296 51.55 41.19 -62.60
C GLN H 296 50.44 41.62 -61.66
N GLN H 297 50.33 42.92 -61.40
CA GLN H 297 49.28 43.42 -60.51
C GLN H 297 47.88 43.24 -61.10
N GLY H 298 47.78 43.01 -62.40
CA GLY H 298 46.50 42.88 -63.05
C GLY H 298 46.03 44.10 -63.81
N GLY H 299 46.90 45.08 -64.04
CA GLY H 299 46.53 46.30 -64.71
C GLY H 299 46.53 46.24 -66.22
N LEU H 300 46.99 45.14 -66.80
CA LEU H 300 47.05 44.98 -68.25
C LEU H 300 46.34 43.69 -68.65
N ALA H 301 45.88 43.65 -69.90
CA ALA H 301 45.13 42.53 -70.43
C ALA H 301 46.03 41.62 -71.23
N GLY H 302 45.98 40.33 -70.94
CA GLY H 302 46.75 39.33 -71.65
C GLY H 302 47.13 38.19 -70.71
N ASN H 303 47.18 36.98 -71.29
CA ASN H 303 47.55 35.82 -70.49
C ASN H 303 49.05 35.76 -70.23
N LYS H 304 49.86 36.27 -71.15
CA LYS H 304 51.30 36.34 -70.98
C LYS H 304 51.78 37.75 -71.30
N PRO H 305 52.91 38.16 -70.74
CA PRO H 305 53.37 39.55 -70.96
C PRO H 305 53.58 39.91 -72.43
N ASP H 306 53.90 38.93 -73.28
CA ASP H 306 54.06 39.23 -74.70
C ASP H 306 52.75 39.71 -75.33
N ASP H 307 51.61 39.33 -74.74
CA ASP H 307 50.31 39.77 -75.23
C ASP H 307 49.83 41.05 -74.57
N ALA H 308 50.55 41.56 -73.56
CA ALA H 308 50.09 42.72 -72.81
C ALA H 308 50.85 44.00 -73.13
N TYR H 309 52.12 43.91 -73.52
CA TYR H 309 52.90 45.11 -73.80
C TYR H 309 54.08 44.75 -74.69
N PHE H 310 54.68 45.78 -75.28
CA PHE H 310 55.91 45.63 -76.04
C PHE H 310 56.67 46.94 -75.97
N VAL H 311 58.00 46.85 -76.01
CA VAL H 311 58.88 48.01 -75.97
C VAL H 311 59.88 47.89 -77.10
N GLN H 312 60.02 48.97 -77.88
CA GLN H 312 61.00 49.02 -78.97
C GLN H 312 61.85 50.27 -78.81
N ILE H 313 63.16 50.11 -78.99
CA ILE H 313 64.09 51.22 -79.00
C ILE H 313 65.36 50.76 -79.70
N GLY H 314 65.90 51.63 -80.55
CA GLY H 314 67.13 51.33 -81.25
C GLY H 314 67.26 52.13 -82.52
N LYS H 315 68.46 52.08 -83.09
CA LYS H 315 68.73 52.78 -84.33
C LYS H 315 68.01 52.09 -85.49
N ASP H 316 67.43 52.91 -86.37
CA ASP H 316 66.67 52.46 -87.54
C ASP H 316 65.40 51.71 -87.16
N ILE H 317 65.08 51.61 -85.87
CA ILE H 317 63.82 51.04 -85.40
C ILE H 317 62.88 52.13 -84.91
N THR H 318 63.38 53.05 -84.09
CA THR H 318 62.59 54.16 -83.59
C THR H 318 63.18 55.53 -83.89
N MET H 319 64.44 55.60 -84.30
CA MET H 319 65.09 56.89 -84.52
C MET H 319 66.13 56.76 -85.62
N THR H 320 66.46 57.89 -86.24
CA THR H 320 67.37 57.98 -87.36
C THR H 320 68.62 58.75 -86.96
N ASP H 321 69.49 59.02 -87.94
CA ASP H 321 70.70 59.78 -87.67
C ASP H 321 70.39 61.20 -87.23
N ASP H 322 69.38 61.81 -87.85
CA ASP H 322 69.00 63.19 -87.49
C ASP H 322 68.53 63.27 -86.05
N ASP H 323 67.74 62.29 -85.60
CA ASP H 323 67.26 62.29 -84.23
C ASP H 323 68.40 62.17 -83.23
N ILE H 324 69.38 61.31 -83.52
CA ILE H 324 70.49 61.10 -82.59
C ILE H 324 71.37 62.35 -82.53
N LYS H 325 71.67 62.95 -83.69
CA LYS H 325 72.51 64.13 -83.71
C LYS H 325 71.87 65.33 -83.03
N GLN H 326 70.54 65.34 -82.91
CA GLN H 326 69.83 66.41 -82.23
C GLN H 326 69.67 66.16 -80.74
N GLY H 327 70.13 65.01 -80.24
CA GLY H 327 69.98 64.69 -78.84
C GLY H 327 68.67 64.05 -78.46
N LYS H 328 67.94 63.49 -79.43
CA LYS H 328 66.64 62.90 -79.18
C LYS H 328 66.76 61.39 -79.01
N MET H 329 66.06 60.87 -78.00
CA MET H 329 65.95 59.43 -77.76
C MET H 329 64.48 59.06 -77.80
N ILE H 330 64.11 58.14 -78.68
CA ILE H 330 62.71 57.84 -78.97
C ILE H 330 62.43 56.40 -78.60
N ILE H 331 61.33 56.18 -77.87
CA ILE H 331 60.92 54.86 -77.40
C ILE H 331 59.48 54.63 -77.83
N LYS H 332 59.17 53.41 -78.23
CA LYS H 332 57.81 53.01 -78.57
C LYS H 332 57.30 52.02 -77.52
N ILE H 333 56.14 52.34 -76.93
CA ILE H 333 55.51 51.49 -75.94
C ILE H 333 54.06 51.27 -76.35
N GLY H 334 53.62 50.02 -76.36
CA GLY H 334 52.24 49.71 -76.64
C GLY H 334 51.67 48.74 -75.62
N MET H 335 50.67 49.17 -74.87
CA MET H 335 50.09 48.37 -73.80
C MET H 335 48.60 48.24 -73.99
N ALA H 336 48.07 47.06 -73.67
CA ALA H 336 46.66 46.75 -73.84
C ALA H 336 45.94 46.87 -72.50
N ALA H 337 44.88 47.68 -72.47
CA ALA H 337 44.09 47.88 -71.27
C ALA H 337 42.84 47.02 -71.31
N VAL H 338 42.33 46.68 -70.12
CA VAL H 338 41.15 45.82 -70.00
C VAL H 338 39.93 46.71 -69.82
N ARG H 339 38.87 46.43 -70.58
CA ARG H 339 37.66 47.22 -70.54
C ARG H 339 36.57 46.50 -69.77
N PRO H 340 35.82 47.19 -68.93
CA PRO H 340 34.87 46.53 -68.03
C PRO H 340 33.58 46.13 -68.74
N ALA H 341 32.88 45.19 -68.12
CA ALA H 341 31.54 44.84 -68.55
C ALA H 341 30.55 45.87 -68.03
N GLU H 342 29.71 46.38 -68.92
CA GLU H 342 28.84 47.50 -68.60
C GLU H 342 27.35 47.17 -68.67
N PHE H 343 26.95 46.26 -69.55
CA PHE H 343 25.55 45.89 -69.71
C PHE H 343 25.36 44.41 -69.38
N ILE H 344 24.42 44.13 -68.49
CA ILE H 344 24.08 42.76 -68.10
C ILE H 344 22.68 42.46 -68.58
N ILE H 345 22.53 41.37 -69.32
CA ILE H 345 21.25 41.00 -69.94
C ILE H 345 20.82 39.67 -69.37
N LEU H 346 19.63 39.63 -68.78
CA LEU H 346 19.04 38.41 -68.26
C LEU H 346 17.97 37.93 -69.23
N GLN H 347 18.09 36.68 -69.67
CA GLN H 347 17.12 36.07 -70.57
C GLN H 347 16.34 35.02 -69.79
N PHE H 348 15.04 35.25 -69.64
CA PHE H 348 14.16 34.38 -68.86
C PHE H 348 13.27 33.57 -69.80
N THR H 349 13.10 32.30 -69.47
CA THR H 349 12.24 31.42 -70.23
C THR H 349 11.68 30.36 -69.30
N GLN H 350 10.58 29.73 -69.73
CA GLN H 350 9.94 28.69 -68.93
C GLN H 350 10.17 27.31 -69.53
N THR I 2 17.38 45.71 -74.29
CA THR I 2 17.58 44.38 -74.83
C THR I 2 18.81 44.34 -75.73
N THR I 3 18.59 44.10 -77.02
CA THR I 3 19.69 44.10 -77.98
C THR I 3 20.25 45.50 -78.19
N ILE I 4 19.50 46.53 -77.85
CA ILE I 4 19.96 47.91 -77.95
C ILE I 4 20.36 48.35 -76.55
N THR I 5 21.66 48.47 -76.32
CA THR I 5 22.21 48.81 -75.01
C THR I 5 22.52 50.30 -74.97
N THR I 6 21.84 51.02 -74.08
CA THR I 6 22.05 52.45 -73.92
C THR I 6 22.59 52.81 -72.54
N TYR I 7 21.91 52.41 -71.47
CA TYR I 7 22.30 52.78 -70.13
C TYR I 7 23.01 51.63 -69.42
N PRO I 8 23.93 51.93 -68.50
CA PRO I 8 24.55 50.86 -67.72
C PRO I 8 23.58 50.28 -66.71
N GLY I 9 23.55 48.97 -66.64
CA GLY I 9 22.67 48.30 -65.70
C GLY I 9 22.23 46.96 -66.24
N VAL I 10 21.03 46.55 -65.84
CA VAL I 10 20.49 45.23 -66.13
C VAL I 10 19.35 45.38 -67.14
N TYR I 11 19.36 44.54 -68.16
CA TYR I 11 18.33 44.51 -69.19
C TYR I 11 17.58 43.18 -69.09
N ILE I 12 16.25 43.25 -69.16
CA ILE I 12 15.40 42.08 -69.06
C ILE I 12 14.76 41.82 -70.41
N GLU I 13 14.84 40.58 -70.88
CA GLU I 13 14.11 40.14 -72.06
C GLU I 13 13.58 38.73 -71.83
N GLU I 14 12.50 38.41 -72.54
CA GLU I 14 11.84 37.11 -72.42
C GLU I 14 11.87 36.45 -73.80
N ASP I 15 12.84 35.58 -74.00
CA ASP I 15 13.02 34.88 -75.27
C ASP I 15 12.63 33.42 -75.13
N ALA I 16 12.75 32.69 -76.25
CA ALA I 16 12.52 31.25 -76.25
C ALA I 16 13.56 30.51 -77.08
N SER I 17 14.70 31.14 -77.35
CA SER I 17 15.74 30.51 -78.17
C SER I 17 16.34 29.31 -77.44
N LEU I 18 16.70 28.29 -78.22
CA LEU I 18 17.25 27.08 -77.66
C LEU I 18 18.71 27.30 -77.22
N SER I 19 19.19 26.38 -76.39
CA SER I 19 20.56 26.42 -75.90
C SER I 19 21.09 24.99 -75.82
N LEU I 20 22.18 24.73 -76.53
CA LEU I 20 22.77 23.40 -76.53
C LEU I 20 24.24 23.45 -76.13
N SER I 21 24.94 22.34 -76.26
CA SER I 21 26.36 22.25 -75.92
C SER I 21 27.12 21.70 -77.12
N VAL I 22 28.40 22.05 -77.19
CA VAL I 22 29.25 21.70 -78.33
C VAL I 22 30.50 20.99 -77.82
N SER I 23 30.83 19.86 -78.45
CA SER I 23 32.04 19.11 -78.14
C SER I 23 33.18 19.57 -79.05
N SER I 24 34.27 18.82 -79.02
CA SER I 24 35.45 19.13 -79.84
C SER I 24 36.12 17.81 -80.22
N SER I 25 35.93 17.38 -81.45
CA SER I 25 36.56 16.18 -81.98
C SER I 25 37.27 16.52 -83.28
N ALA I 26 38.53 16.11 -83.40
CA ALA I 26 39.32 16.41 -84.59
C ALA I 26 39.21 15.34 -85.66
N THR I 27 38.95 14.09 -85.29
CA THR I 27 38.84 13.01 -86.25
C THR I 27 37.46 12.92 -86.90
N ALA I 28 36.52 13.78 -86.49
CA ALA I 28 35.17 13.79 -87.04
C ALA I 28 34.79 15.23 -87.35
N VAL I 29 35.08 15.66 -88.57
CA VAL I 29 34.68 16.98 -89.06
C VAL I 29 33.79 16.77 -90.27
N PRO I 30 32.49 16.65 -90.10
CA PRO I 30 31.61 16.29 -91.22
C PRO I 30 31.33 17.47 -92.13
N VAL I 31 30.88 17.13 -93.34
CA VAL I 31 30.33 18.10 -94.28
C VAL I 31 28.93 17.65 -94.65
N PHE I 32 27.96 18.56 -94.50
CA PHE I 32 26.56 18.24 -94.71
C PHE I 32 26.13 18.69 -96.10
N ALA I 33 25.60 17.77 -96.89
CA ALA I 33 25.04 18.13 -98.18
C ALA I 33 23.72 18.88 -97.97
N VAL I 34 23.61 20.05 -98.61
CA VAL I 34 22.47 20.93 -98.43
C VAL I 34 21.81 21.15 -99.79
N ALA I 35 20.48 21.19 -99.79
CA ALA I 35 19.75 21.47 -101.01
C ALA I 35 20.02 22.91 -101.47
N GLY I 36 20.13 23.09 -102.78
CA GLY I 36 20.46 24.39 -103.33
C GLY I 36 19.41 25.46 -103.08
N ASP I 37 18.16 25.05 -102.84
CA ASP I 37 17.09 26.02 -102.63
C ASP I 37 17.17 26.72 -101.29
N ASN I 38 18.05 26.28 -100.40
CA ASN I 38 18.16 26.90 -99.08
C ASN I 38 18.69 28.32 -99.22
N PRO I 39 18.00 29.33 -98.69
CA PRO I 39 18.49 30.71 -98.82
C PRO I 39 19.82 30.96 -98.14
N LEU I 40 20.10 30.27 -97.03
CA LEU I 40 21.32 30.54 -96.28
C LEU I 40 22.57 30.17 -97.07
N ILE I 41 22.52 29.06 -97.81
CA ILE I 41 23.70 28.57 -98.52
C ILE I 41 23.85 29.17 -99.92
N SER I 42 22.82 29.82 -100.44
CA SER I 42 22.89 30.36 -101.80
C SER I 42 23.92 31.48 -101.88
N GLY I 43 24.71 31.46 -102.95
CA GLY I 43 25.70 32.49 -103.20
C GLY I 43 27.03 32.30 -102.51
N LYS I 44 27.24 31.20 -101.81
CA LYS I 44 28.49 30.96 -101.12
C LYS I 44 29.01 29.56 -101.43
N PRO I 45 30.33 29.38 -101.44
CA PRO I 45 30.88 28.04 -101.66
C PRO I 45 30.58 27.09 -100.51
N TYR I 46 30.84 27.53 -99.28
CA TYR I 46 30.56 26.72 -98.11
C TYR I 46 30.38 27.64 -96.90
N ILE I 47 29.73 27.09 -95.88
CA ILE I 47 29.49 27.80 -94.63
C ILE I 47 29.94 26.92 -93.48
N ARG I 48 30.73 27.48 -92.56
CA ARG I 48 31.19 26.76 -91.39
C ARG I 48 30.31 27.13 -90.20
N ILE I 49 29.80 26.12 -89.51
CA ILE I 49 28.94 26.30 -88.35
C ILE I 49 29.68 25.75 -87.13
N SER I 50 29.87 26.58 -86.12
CA SER I 50 30.62 26.18 -84.94
C SER I 50 29.72 25.55 -83.88
N ASN I 51 28.51 26.05 -83.69
CA ASN I 51 27.60 25.54 -82.68
C ASN I 51 26.18 25.91 -83.08
N TRP I 52 25.22 25.51 -82.24
CA TRP I 52 23.84 25.88 -82.48
C TRP I 52 23.61 27.38 -82.32
N LEU I 53 24.37 28.02 -81.44
CA LEU I 53 24.26 29.47 -81.26
C LEU I 53 24.64 30.20 -82.53
N GLU I 54 25.73 29.77 -83.18
CA GLU I 54 26.15 30.42 -84.43
C GLU I 54 25.15 30.19 -85.54
N TYR I 55 24.62 28.97 -85.65
CA TYR I 55 23.67 28.67 -86.72
C TYR I 55 22.39 29.48 -86.56
N LEU I 56 21.90 29.60 -85.32
CA LEU I 56 20.70 30.39 -85.08
C LEU I 56 20.93 31.87 -85.38
N THR I 57 22.10 32.38 -85.02
CA THR I 57 22.43 33.78 -85.32
C THR I 57 22.49 34.01 -86.82
N LEU I 58 23.14 33.11 -87.57
CA LEU I 58 23.24 33.26 -89.01
C LEU I 58 21.87 33.11 -89.68
N LYS I 59 21.05 32.19 -89.19
CA LYS I 59 19.72 32.00 -89.76
C LYS I 59 18.84 33.22 -89.53
N ASN I 60 18.96 33.86 -88.37
CA ASN I 60 18.14 35.03 -88.00
C ASN I 60 16.65 34.68 -88.03
N GLU I 61 16.33 33.42 -87.71
CA GLU I 61 14.96 32.96 -87.67
C GLU I 61 14.80 32.02 -86.48
N GLN I 62 13.55 31.85 -86.06
CA GLN I 62 13.24 30.88 -85.01
C GLN I 62 13.39 29.46 -85.55
N PHE I 63 13.56 28.52 -84.62
CA PHE I 63 13.75 27.13 -85.00
C PHE I 63 12.50 26.59 -85.69
N ASP I 64 12.66 26.13 -86.93
CA ASP I 64 11.55 25.59 -87.69
C ASP I 64 11.68 24.08 -87.82
N PRO I 65 10.77 23.29 -87.25
CA PRO I 65 10.86 21.83 -87.41
C PRO I 65 10.47 21.34 -88.79
N ALA I 66 9.98 22.21 -89.66
CA ALA I 66 9.62 21.83 -91.03
C ALA I 66 10.78 21.94 -92.01
N ASN I 67 11.94 22.41 -91.55
CA ASN I 67 13.12 22.54 -92.40
C ASN I 67 14.04 21.35 -92.14
N THR I 68 14.35 20.60 -93.21
CA THR I 68 15.16 19.39 -93.05
C THR I 68 16.55 19.72 -92.53
N LEU I 69 17.10 20.86 -92.94
CA LEU I 69 18.42 21.26 -92.45
C LEU I 69 18.39 21.58 -90.97
N ASP I 70 17.32 22.23 -90.50
CA ASP I 70 17.25 22.62 -89.10
C ASP I 70 17.20 21.41 -88.17
N ILE I 71 16.37 20.42 -88.51
CA ILE I 71 16.26 19.23 -87.68
C ILE I 71 17.52 18.40 -87.75
N SER I 72 18.14 18.30 -88.94
CA SER I 72 19.37 17.55 -89.08
C SER I 72 20.48 18.16 -88.24
N LEU I 73 20.60 19.49 -88.22
CA LEU I 73 21.61 20.13 -87.41
C LEU I 73 21.30 20.00 -85.92
N ARG I 74 20.02 20.11 -85.55
CA ARG I 74 19.65 19.95 -84.14
C ARG I 74 19.93 18.54 -83.67
N ALA I 75 19.59 17.54 -84.48
CA ALA I 75 19.90 16.16 -84.12
C ALA I 75 21.40 15.93 -84.05
N TYR I 76 22.16 16.51 -84.98
CA TYR I 76 23.61 16.34 -84.97
C TYR I 76 24.23 17.00 -83.76
N PHE I 77 23.80 18.22 -83.42
CA PHE I 77 24.42 18.93 -82.30
C PHE I 77 23.97 18.39 -80.95
N ILE I 78 22.73 17.90 -80.84
CA ILE I 78 22.27 17.35 -79.58
C ILE I 78 22.97 16.03 -79.26
N ASN I 79 23.54 15.37 -80.26
CA ASN I 79 24.25 14.12 -80.05
C ASN I 79 25.73 14.32 -79.75
N GLY I 80 26.21 15.54 -79.75
CA GLY I 80 27.58 15.84 -79.39
C GLY I 80 28.52 16.20 -80.53
N GLY I 81 27.99 16.56 -81.70
CA GLY I 81 28.85 16.92 -82.81
C GLY I 81 29.56 18.24 -82.62
N GLY I 82 30.67 18.40 -83.33
CA GLY I 82 31.45 19.62 -83.32
C GLY I 82 31.14 20.50 -84.50
N TYR I 83 32.10 21.36 -84.84
CA TYR I 83 31.90 22.28 -85.96
C TYR I 83 31.88 21.51 -87.27
N CYS I 84 30.99 21.92 -88.17
CA CYS I 84 30.75 21.22 -89.43
C CYS I 84 30.76 22.21 -90.59
N TYR I 85 30.63 21.68 -91.79
CA TYR I 85 30.61 22.48 -93.02
C TYR I 85 29.34 22.18 -93.79
N LEU I 86 28.72 23.24 -94.33
CA LEU I 86 27.54 23.12 -95.18
C LEU I 86 27.94 23.39 -96.62
N VAL I 87 27.72 22.42 -97.49
CA VAL I 87 28.06 22.51 -98.90
C VAL I 87 26.86 22.03 -99.71
N GLN I 88 26.52 22.77 -100.76
CA GLN I 88 25.44 22.34 -101.64
C GLN I 88 25.79 21.02 -102.33
N THR I 89 24.76 20.23 -102.59
CA THR I 89 24.97 18.88 -103.11
C THR I 89 25.68 18.91 -104.46
N THR I 90 25.33 19.85 -105.32
CA THR I 90 25.93 19.93 -106.65
C THR I 90 27.40 20.34 -106.60
N ASP I 91 27.86 20.93 -105.49
CA ASP I 91 29.21 21.45 -105.38
C ASP I 91 30.13 20.55 -104.56
N LEU I 92 29.72 19.32 -104.28
CA LEU I 92 30.52 18.45 -103.41
C LEU I 92 31.85 18.09 -104.04
N GLU I 93 31.84 17.67 -105.31
CA GLU I 93 33.07 17.22 -105.96
C GLU I 93 34.05 18.36 -106.19
N LYS I 94 33.61 19.61 -106.05
CA LYS I 94 34.47 20.77 -106.25
C LYS I 94 34.96 21.38 -104.94
N GLN I 95 34.09 21.51 -103.94
CA GLN I 95 34.44 22.22 -102.72
C GLN I 95 35.05 21.33 -101.64
N VAL I 96 34.75 20.03 -101.65
CA VAL I 96 35.32 19.14 -100.64
C VAL I 96 36.85 19.08 -100.74
N PRO I 97 37.47 18.91 -101.91
CA PRO I 97 38.94 18.92 -101.95
C PRO I 97 39.55 20.23 -101.48
N LYS I 98 38.81 21.33 -101.55
CA LYS I 98 39.32 22.60 -101.03
C LYS I 98 39.44 22.57 -99.51
N LEU I 99 38.57 21.82 -98.83
CA LEU I 99 38.61 21.73 -97.38
C LEU I 99 39.58 20.64 -96.96
N ASP I 100 40.50 20.98 -96.06
CA ASP I 100 41.58 20.08 -95.67
C ASP I 100 41.27 19.23 -94.45
N ASP I 101 40.43 19.73 -93.54
CA ASP I 101 40.16 19.04 -92.28
C ASP I 101 38.90 18.19 -92.30
N VAL I 102 38.23 18.09 -93.45
CA VAL I 102 36.99 17.34 -93.52
C VAL I 102 37.31 15.85 -93.57
N THR I 103 36.68 15.08 -92.67
CA THR I 103 36.87 13.64 -92.61
C THR I 103 35.62 12.84 -92.93
N LEU I 104 34.43 13.37 -92.65
CA LEU I 104 33.18 12.68 -92.87
C LEU I 104 32.37 13.37 -93.96
N LEU I 105 31.80 12.58 -94.87
CA LEU I 105 30.88 13.07 -95.89
C LEU I 105 29.50 12.53 -95.54
N VAL I 106 28.64 13.41 -95.03
CA VAL I 106 27.36 13.02 -94.45
C VAL I 106 26.25 13.42 -95.40
N ALA I 107 25.43 12.44 -95.79
CA ALA I 107 24.26 12.68 -96.63
C ALA I 107 23.10 13.07 -95.73
N ALA I 108 22.90 14.38 -95.54
CA ALA I 108 21.84 14.89 -94.68
C ALA I 108 20.50 14.91 -95.41
N GLY I 109 20.10 13.71 -95.88
CA GLY I 109 18.86 13.55 -96.59
C GLY I 109 18.95 13.72 -98.08
N GLU I 110 20.10 14.11 -98.62
CA GLU I 110 20.26 14.31 -100.04
C GLU I 110 20.76 13.03 -100.71
N ASN I 111 21.00 13.11 -102.01
CA ASN I 111 21.54 12.00 -102.80
C ASN I 111 22.98 12.35 -103.18
N ILE I 112 23.94 11.65 -102.57
CA ILE I 112 25.35 11.95 -102.79
C ILE I 112 26.05 10.72 -103.35
N THR I 113 25.31 9.91 -104.11
CA THR I 113 25.88 8.68 -104.67
C THR I 113 27.05 9.00 -105.61
N THR I 114 26.88 10.02 -106.46
CA THR I 114 27.92 10.38 -107.41
C THR I 114 29.15 10.94 -106.69
N ALA I 115 28.93 11.80 -105.69
CA ALA I 115 30.05 12.40 -104.98
C ALA I 115 30.86 11.35 -104.23
N VAL I 116 30.18 10.37 -103.63
CA VAL I 116 30.88 9.33 -102.89
C VAL I 116 31.75 8.50 -103.81
N SER I 117 31.24 8.13 -104.98
CA SER I 117 32.00 7.30 -105.91
C SER I 117 33.24 8.01 -106.41
N THR I 118 33.27 9.34 -106.33
CA THR I 118 34.42 10.12 -106.77
C THR I 118 35.36 10.48 -105.62
N LEU I 119 34.82 11.06 -104.55
CA LEU I 119 35.65 11.53 -103.46
C LEU I 119 36.19 10.39 -102.60
N CYS I 120 35.34 9.41 -102.29
CA CYS I 120 35.73 8.35 -101.37
C CYS I 120 36.56 7.27 -102.06
N LYS I 121 37.88 7.49 -102.10
CA LYS I 121 38.83 6.58 -102.72
C LYS I 121 39.99 6.38 -101.75
N PRO I 122 40.76 5.29 -101.92
CA PRO I 122 41.93 5.10 -101.07
C PRO I 122 42.90 6.27 -101.17
N GLY I 123 43.41 6.69 -100.02
CA GLY I 123 44.35 7.79 -99.93
C GLY I 123 43.72 9.15 -99.74
N LYS I 124 42.42 9.30 -100.00
CA LYS I 124 41.78 10.59 -99.84
C LYS I 124 41.40 10.89 -98.39
N GLY I 125 41.37 9.88 -97.53
CA GLY I 125 41.07 10.08 -96.13
C GLY I 125 39.67 10.60 -95.85
N LEU I 126 38.67 10.01 -96.50
CA LEU I 126 37.29 10.41 -96.33
C LEU I 126 36.42 9.19 -96.07
N PHE I 127 35.39 9.37 -95.25
CA PHE I 127 34.40 8.34 -94.97
C PHE I 127 33.01 8.92 -95.19
N ALA I 128 32.13 8.12 -95.78
CA ALA I 128 30.79 8.56 -96.16
C ALA I 128 29.74 7.89 -95.29
N ILE I 129 28.72 8.66 -94.91
CA ILE I 129 27.59 8.16 -94.14
C ILE I 129 26.34 8.35 -94.97
N PHE I 130 25.70 7.24 -95.34
CA PHE I 130 24.54 7.27 -96.21
C PHE I 130 23.25 7.30 -95.39
N ASP I 131 22.12 7.18 -96.09
CA ASP I 131 20.81 7.04 -95.48
C ASP I 131 20.15 5.76 -95.99
N GLY I 132 19.49 5.04 -95.10
CA GLY I 132 18.79 3.84 -95.48
C GLY I 132 17.50 4.14 -96.19
N PRO I 133 16.85 3.09 -96.67
CA PRO I 133 15.56 3.26 -97.35
C PRO I 133 14.53 3.88 -96.43
N THR I 134 13.65 4.70 -97.02
CA THR I 134 12.60 5.35 -96.28
C THR I 134 11.36 4.48 -96.09
N THR I 135 11.28 3.35 -96.77
CA THR I 135 10.15 2.44 -96.67
C THR I 135 10.52 1.25 -95.79
N GLU I 136 9.63 0.26 -95.73
CA GLU I 136 9.93 -0.95 -94.98
C GLU I 136 11.03 -1.74 -95.68
N LEU I 137 11.66 -2.62 -94.92
CA LEU I 137 12.75 -3.45 -95.42
C LEU I 137 12.18 -4.66 -96.14
N LYS I 138 12.62 -4.88 -97.38
CA LYS I 138 12.18 -6.04 -98.13
C LYS I 138 12.80 -7.30 -97.55
N SER I 139 11.98 -8.33 -97.36
CA SER I 139 12.43 -9.57 -96.75
C SER I 139 13.23 -10.45 -97.69
N ASP I 140 13.27 -10.14 -98.98
CA ASP I 140 14.07 -10.90 -99.92
C ASP I 140 15.55 -10.57 -99.84
N GLY I 141 15.92 -9.53 -99.11
CA GLY I 141 17.32 -9.14 -98.99
C GLY I 141 17.84 -8.26 -100.10
N THR I 142 16.96 -7.55 -100.80
CA THR I 142 17.35 -6.71 -101.92
C THR I 142 17.04 -5.24 -101.67
N SER I 143 17.05 -4.81 -100.41
CA SER I 143 16.82 -3.42 -100.06
C SER I 143 18.10 -2.59 -100.09
N ASN I 144 19.24 -3.20 -100.43
CA ASN I 144 20.52 -2.51 -100.49
C ASN I 144 21.17 -2.64 -101.86
N SER I 145 20.37 -2.85 -102.90
CA SER I 145 20.92 -3.11 -104.23
C SER I 145 21.47 -1.83 -104.88
N ASP I 146 21.02 -0.67 -104.44
CA ASP I 146 21.41 0.59 -105.08
C ASP I 146 22.70 1.18 -104.51
N TYR I 147 23.33 0.51 -103.56
CA TYR I 147 24.56 1.02 -102.96
C TYR I 147 25.78 0.34 -103.56
N ASP I 148 26.82 1.12 -103.83
CA ASP I 148 28.07 0.57 -104.33
C ASP I 148 28.86 -0.08 -103.20
N PRO I 149 29.61 -1.14 -103.49
CA PRO I 149 30.43 -1.79 -102.45
C PRO I 149 31.69 -1.00 -102.13
N ASN I 150 31.49 0.18 -101.56
CA ASN I 150 32.61 1.07 -101.24
C ASN I 150 33.04 0.86 -99.80
N PRO I 151 34.29 0.46 -99.55
CA PRO I 151 34.76 0.30 -98.16
C PRO I 151 34.90 1.61 -97.40
N PHE I 152 34.59 2.76 -98.02
CA PHE I 152 34.68 4.05 -97.36
C PHE I 152 33.30 4.64 -97.07
N ALA I 153 32.26 3.82 -97.05
CA ALA I 153 30.90 4.31 -96.84
C ALA I 153 30.16 3.35 -95.92
N ALA I 154 29.08 3.85 -95.32
CA ALA I 154 28.24 3.06 -94.45
C ALA I 154 26.80 3.55 -94.57
N VAL I 155 25.86 2.65 -94.31
CA VAL I 155 24.43 2.93 -94.43
C VAL I 155 23.77 2.69 -93.08
N TYR I 156 22.83 3.55 -92.71
CA TYR I 156 22.12 3.44 -91.45
C TYR I 156 20.62 3.52 -91.67
N TYR I 157 19.88 2.66 -90.99
CA TYR I 157 18.44 2.53 -91.11
C TYR I 157 17.84 2.32 -89.73
N PRO I 158 16.63 2.84 -89.47
CA PRO I 158 15.78 3.67 -90.31
C PRO I 158 15.84 5.14 -89.92
N TRP I 159 14.96 5.96 -90.52
CA TRP I 159 14.90 7.37 -90.17
C TRP I 159 14.29 7.55 -88.79
N LEU I 160 14.60 8.67 -88.16
CA LEU I 160 14.27 8.90 -86.76
C LEU I 160 13.20 9.98 -86.62
N THR I 161 12.48 9.93 -85.50
CA THR I 161 11.47 10.92 -85.14
C THR I 161 11.68 11.31 -83.68
N ALA I 162 11.10 12.45 -83.31
CA ALA I 162 11.23 12.97 -81.96
C ALA I 162 9.94 13.69 -81.58
N ASP I 163 9.95 14.34 -80.41
CA ASP I 163 8.79 15.12 -79.99
C ASP I 163 8.55 16.31 -80.92
N TRP I 164 9.63 16.98 -81.33
CA TRP I 164 9.55 18.16 -82.19
C TRP I 164 9.56 17.78 -83.67
N THR I 165 8.68 16.89 -84.07
CA THR I 165 8.68 16.35 -85.42
C THR I 165 7.33 16.60 -86.09
N THR I 166 7.36 16.59 -87.43
CA THR I 166 6.21 16.87 -88.25
C THR I 166 6.24 15.87 -89.41
N THR I 167 5.53 16.16 -90.50
CA THR I 167 5.42 15.25 -91.62
C THR I 167 6.77 14.79 -92.18
N ILE I 168 7.86 15.48 -91.83
CA ILE I 168 9.20 15.06 -92.24
C ILE I 168 9.90 14.41 -91.07
N ASP I 169 10.71 13.40 -91.37
CA ASP I 169 11.44 12.65 -90.36
C ASP I 169 12.94 12.90 -90.49
N ILE I 170 13.61 12.90 -89.35
CA ILE I 170 15.06 13.21 -89.31
C ILE I 170 15.82 12.12 -90.06
N PRO I 171 16.72 12.48 -90.97
CA PRO I 171 17.57 11.46 -91.62
C PRO I 171 18.54 10.86 -90.62
N PRO I 172 18.77 9.55 -90.69
CA PRO I 172 19.64 8.90 -89.71
C PRO I 172 21.09 9.35 -89.78
N SER I 173 21.54 9.88 -90.92
CA SER I 173 22.95 10.26 -91.04
C SER I 173 23.30 11.42 -90.12
N ALA I 174 22.37 12.36 -89.94
CA ALA I 174 22.65 13.53 -89.11
C ALA I 174 22.90 13.13 -87.66
N ALA I 175 22.10 12.21 -87.13
CA ALA I 175 22.28 11.79 -85.75
C ALA I 175 23.52 10.90 -85.60
N ILE I 176 23.77 10.04 -86.59
CA ILE I 176 24.91 9.13 -86.52
C ILE I 176 26.22 9.90 -86.50
N ALA I 177 26.32 10.95 -87.33
CA ALA I 177 27.54 11.74 -87.37
C ALA I 177 27.85 12.37 -86.01
N GLY I 178 26.80 12.71 -85.26
CA GLY I 178 27.02 13.19 -83.90
C GLY I 178 27.57 12.11 -82.99
N VAL I 179 27.11 10.87 -83.18
CA VAL I 179 27.63 9.75 -82.41
C VAL I 179 29.12 9.57 -82.72
N TYR I 180 29.52 9.78 -83.97
CA TYR I 180 30.92 9.66 -84.33
C TYR I 180 31.78 10.64 -83.54
N CYS I 181 31.31 11.89 -83.41
CA CYS I 181 32.08 12.89 -82.69
C CYS I 181 32.19 12.54 -81.21
N SER I 182 31.09 12.06 -80.61
CA SER I 182 31.10 11.76 -79.19
C SER I 182 31.97 10.56 -78.87
N VAL I 183 31.84 9.48 -79.65
CA VAL I 183 32.60 8.26 -79.38
C VAL I 183 34.10 8.52 -79.56
N ASP I 184 34.47 9.22 -80.62
CA ASP I 184 35.88 9.48 -80.88
C ASP I 184 36.52 10.29 -79.77
N SER I 185 35.83 11.32 -79.28
CA SER I 185 36.37 12.14 -78.21
C SER I 185 36.37 11.41 -76.88
N THR I 186 35.53 10.39 -76.74
CA THR I 186 35.41 9.67 -75.47
C THR I 186 36.30 8.44 -75.41
N ARG I 187 36.20 7.55 -76.40
CA ARG I 187 36.89 6.27 -76.36
C ARG I 187 37.84 6.05 -77.53
N GLY I 188 38.03 7.03 -78.40
CA GLY I 188 38.98 6.90 -79.48
C GLY I 188 38.33 6.45 -80.78
N VAL I 189 39.04 6.72 -81.88
CA VAL I 189 38.51 6.39 -83.21
C VAL I 189 38.54 4.89 -83.47
N TRP I 190 39.30 4.12 -82.69
CA TRP I 190 39.41 2.68 -82.91
C TRP I 190 38.29 1.89 -82.26
N LYS I 191 37.40 2.56 -81.53
CA LYS I 191 36.28 1.88 -80.86
C LYS I 191 35.05 1.95 -81.76
N ALA I 192 34.30 0.84 -81.80
CA ALA I 192 33.15 0.75 -82.68
C ALA I 192 32.11 1.80 -82.32
N PRO I 193 31.64 2.60 -83.29
CA PRO I 193 30.59 3.58 -83.04
C PRO I 193 29.20 2.97 -83.00
N ALA I 194 29.07 1.86 -82.27
CA ALA I 194 27.81 1.17 -82.07
C ALA I 194 27.67 0.82 -80.60
N ASN I 195 26.52 0.22 -80.26
CA ASN I 195 26.19 -0.09 -78.86
C ASN I 195 26.28 1.15 -77.99
N VAL I 196 25.82 2.27 -78.53
CA VAL I 196 25.83 3.54 -77.80
C VAL I 196 24.44 4.16 -77.93
N PRO I 197 23.94 4.83 -76.88
CA PRO I 197 22.62 5.45 -76.98
C PRO I 197 22.62 6.63 -77.92
N ILE I 198 21.45 6.90 -78.51
CA ILE I 198 21.24 8.08 -79.33
C ILE I 198 20.58 9.14 -78.45
N GLN I 199 21.27 10.25 -78.27
CA GLN I 199 20.80 11.27 -77.34
C GLN I 199 19.56 11.96 -77.88
N GLY I 200 18.88 12.68 -76.99
CA GLY I 200 17.62 13.28 -77.34
C GLY I 200 16.48 12.28 -77.25
N GLY I 201 15.33 12.70 -77.78
CA GLY I 201 14.15 11.86 -77.76
C GLY I 201 13.97 11.09 -79.06
N LEU I 202 15.05 10.92 -79.80
CA LEU I 202 14.96 10.29 -81.12
C LEU I 202 14.56 8.82 -80.99
N GLN I 203 13.64 8.39 -81.85
CA GLN I 203 13.18 7.02 -81.91
C GLN I 203 13.15 6.54 -83.35
N PRO I 204 13.48 5.28 -83.60
CA PRO I 204 13.37 4.74 -84.97
C PRO I 204 11.92 4.74 -85.42
N LYS I 205 11.73 4.99 -86.72
CA LYS I 205 10.38 5.04 -87.27
C LYS I 205 9.79 3.64 -87.43
N TYR I 206 10.62 2.64 -87.69
CA TYR I 206 10.15 1.28 -87.90
C TYR I 206 10.92 0.32 -87.00
N PRO I 207 10.28 -0.77 -86.58
CA PRO I 207 10.98 -1.75 -85.72
C PRO I 207 11.69 -2.81 -86.53
N VAL I 208 12.92 -3.12 -86.10
CA VAL I 208 13.76 -4.12 -86.74
C VAL I 208 14.02 -5.23 -85.74
N THR I 209 13.79 -6.47 -86.15
CA THR I 209 13.97 -7.62 -85.29
C THR I 209 15.28 -8.33 -85.65
N ASP I 210 15.57 -9.41 -84.92
CA ASP I 210 16.78 -10.17 -85.19
C ASP I 210 16.70 -10.88 -86.53
N ASP I 211 15.50 -11.28 -86.94
CA ASP I 211 15.34 -11.97 -88.21
C ASP I 211 15.47 -11.00 -89.39
N LEU I 212 14.97 -9.78 -89.22
CA LEU I 212 15.10 -8.79 -90.29
C LEU I 212 16.54 -8.38 -90.50
N GLN I 213 17.27 -8.14 -89.41
CA GLN I 213 18.67 -7.71 -89.51
C GLN I 213 19.58 -8.82 -89.99
N ALA I 214 19.18 -10.09 -89.82
CA ALA I 214 20.04 -11.20 -90.22
C ALA I 214 20.31 -11.21 -91.71
N GLN I 215 19.38 -10.68 -92.51
CA GLN I 215 19.58 -10.63 -93.95
C GLN I 215 20.55 -9.55 -94.38
N TYR I 216 20.58 -8.42 -93.66
CA TYR I 216 21.34 -7.25 -94.05
C TYR I 216 22.55 -7.02 -93.15
N ASN I 217 23.21 -8.10 -92.74
CA ASN I 217 24.43 -7.99 -91.94
C ASN I 217 25.63 -8.64 -92.62
N GLN I 218 25.53 -8.92 -93.92
CA GLN I 218 26.65 -9.42 -94.69
C GLN I 218 26.59 -8.81 -96.09
N GLY I 219 27.73 -8.83 -96.78
CA GLY I 219 27.82 -8.15 -98.05
C GLY I 219 27.67 -6.65 -97.85
N LYS I 220 26.80 -6.03 -98.65
CA LYS I 220 26.51 -4.60 -98.50
C LYS I 220 25.58 -4.43 -97.31
N ALA I 221 26.18 -4.48 -96.12
CA ALA I 221 25.41 -4.50 -94.88
C ALA I 221 24.81 -3.14 -94.58
N LEU I 222 23.61 -3.17 -93.98
CA LEU I 222 22.97 -1.97 -93.47
C LEU I 222 23.05 -1.97 -91.95
N ASN I 223 23.46 -0.85 -91.37
CA ASN I 223 23.51 -0.71 -89.93
C ASN I 223 22.14 -0.25 -89.42
N MET I 224 21.69 -0.86 -88.33
CA MET I 224 20.36 -0.64 -87.82
C MET I 224 20.38 0.16 -86.52
N ILE I 225 19.30 0.88 -86.27
CA ILE I 225 19.06 1.57 -85.01
C ILE I 225 17.86 0.90 -84.38
N ARG I 226 18.08 0.22 -83.26
CA ARG I 226 17.05 -0.60 -82.62
C ARG I 226 16.85 -0.17 -81.18
N THR I 227 15.64 -0.39 -80.69
CA THR I 227 15.28 -0.11 -79.30
C THR I 227 15.19 -1.42 -78.54
N PHE I 228 15.86 -1.48 -77.39
CA PHE I 228 15.90 -2.68 -76.58
C PHE I 228 15.18 -2.45 -75.26
N PRO I 229 14.67 -3.52 -74.62
CA PRO I 229 13.74 -3.32 -73.50
C PRO I 229 14.29 -2.48 -72.36
N LYS I 230 15.59 -2.58 -72.06
CA LYS I 230 16.14 -1.88 -70.91
C LYS I 230 17.12 -0.77 -71.27
N SER I 231 17.84 -0.88 -72.37
CA SER I 231 18.91 0.05 -72.70
C SER I 231 18.45 1.19 -73.62
N GLY I 232 17.18 1.26 -73.97
CA GLY I 232 16.71 2.33 -74.82
C GLY I 232 17.04 2.12 -76.28
N THR I 233 17.34 3.20 -76.99
CA THR I 233 17.66 3.14 -78.41
C THR I 233 19.17 3.15 -78.60
N LEU I 234 19.67 2.14 -79.31
CA LEU I 234 21.09 1.95 -79.51
C LEU I 234 21.40 1.81 -81.00
N VAL I 235 22.61 2.21 -81.37
CA VAL I 235 23.10 1.96 -82.72
C VAL I 235 23.60 0.53 -82.79
N TRP I 236 23.02 -0.26 -83.68
CA TRP I 236 23.29 -1.70 -83.75
C TRP I 236 23.87 -2.00 -85.14
N GLY I 237 25.18 -1.89 -85.26
CA GLY I 237 25.86 -2.18 -86.51
C GLY I 237 27.14 -1.40 -86.68
N ALA I 238 28.20 -2.06 -87.13
CA ALA I 238 29.50 -1.42 -87.32
C ALA I 238 30.20 -1.91 -88.58
N ARG I 239 29.45 -2.25 -89.62
CA ARG I 239 30.01 -2.83 -90.82
C ARG I 239 29.93 -1.84 -91.99
N THR I 240 30.97 -1.83 -92.81
CA THR I 240 31.00 -1.00 -94.01
C THR I 240 30.26 -1.70 -95.14
N LEU I 241 30.39 -1.18 -96.36
CA LEU I 241 29.70 -1.74 -97.50
C LEU I 241 30.50 -2.81 -98.24
N GLU I 242 31.69 -3.13 -97.77
CA GLU I 242 32.51 -4.18 -98.37
C GLU I 242 32.72 -5.28 -97.35
N ASP I 243 32.36 -6.51 -97.71
CA ASP I 243 32.51 -7.67 -96.83
C ASP I 243 33.81 -8.37 -97.19
N ASN I 244 34.89 -7.97 -96.52
CA ASN I 244 36.22 -8.49 -96.77
C ASN I 244 36.95 -8.62 -95.44
N ASP I 245 37.95 -9.50 -95.40
CA ASP I 245 38.72 -9.66 -94.17
C ASP I 245 39.37 -8.35 -93.73
N ASN I 246 39.65 -7.46 -94.68
CA ASN I 246 40.01 -6.09 -94.39
C ASN I 246 38.82 -5.19 -94.63
N TRP I 247 38.75 -4.11 -93.85
CA TRP I 247 37.72 -3.07 -94.00
C TRP I 247 36.30 -3.60 -93.83
N ARG I 248 36.15 -4.76 -93.18
CA ARG I 248 34.80 -5.23 -92.85
C ARG I 248 34.12 -4.31 -91.85
N TYR I 249 34.88 -3.87 -90.84
CA TYR I 249 34.32 -3.08 -89.75
C TYR I 249 34.66 -1.61 -89.94
N ILE I 250 33.73 -0.75 -89.52
CA ILE I 250 33.98 0.70 -89.56
C ILE I 250 35.20 1.10 -88.75
N PRO I 251 35.41 0.61 -87.51
CA PRO I 251 36.58 1.07 -86.74
C PRO I 251 37.91 0.84 -87.43
N VAL I 252 38.08 -0.29 -88.11
CA VAL I 252 39.35 -0.58 -88.76
C VAL I 252 39.60 0.41 -89.89
N ARG I 253 38.57 0.67 -90.70
CA ARG I 253 38.74 1.61 -91.81
C ARG I 253 38.96 3.04 -91.31
N ARG I 254 38.21 3.44 -90.28
CA ARG I 254 38.32 4.82 -89.81
C ARG I 254 39.61 5.04 -89.02
N LEU I 255 40.11 3.99 -88.36
CA LEU I 255 41.39 4.11 -87.67
C LEU I 255 42.53 4.35 -88.66
N PHE I 256 42.53 3.61 -89.77
CA PHE I 256 43.55 3.79 -90.78
C PHE I 256 43.46 5.17 -91.42
N ASN I 257 42.24 5.67 -91.62
CA ASN I 257 42.07 7.02 -92.15
C ASN I 257 42.66 8.06 -91.19
N SER I 258 42.41 7.88 -89.89
CA SER I 258 42.95 8.82 -88.91
C SER I 258 44.46 8.71 -88.80
N ALA I 259 44.98 7.47 -88.79
CA ALA I 259 46.43 7.29 -88.68
C ALA I 259 47.17 7.84 -89.88
N GLU I 260 46.62 7.65 -91.08
CA GLU I 260 47.26 8.19 -92.27
C GLU I 260 47.32 9.70 -92.24
N ARG I 261 46.24 10.34 -91.80
CA ARG I 261 46.21 11.80 -91.72
C ARG I 261 47.19 12.31 -90.67
N ASP I 262 47.21 11.66 -89.49
CA ASP I 262 48.11 12.10 -88.43
C ASP I 262 49.57 11.86 -88.81
N ILE I 263 49.86 10.72 -89.43
CA ILE I 263 51.23 10.43 -89.86
C ILE I 263 51.65 11.41 -90.95
N LYS I 264 50.74 11.73 -91.86
CA LYS I 264 51.05 12.68 -92.93
C LYS I 264 51.40 14.05 -92.38
N ASN I 265 50.69 14.50 -91.33
CA ASN I 265 51.01 15.78 -90.71
C ASN I 265 52.34 15.75 -89.98
N ALA I 266 52.74 14.58 -89.48
CA ALA I 266 53.97 14.50 -88.70
C ALA I 266 55.21 14.64 -89.57
N MET I 267 55.17 14.09 -90.80
CA MET I 267 56.31 14.12 -91.70
C MET I 267 56.24 15.24 -92.73
N SER I 268 55.21 16.09 -92.67
CA SER I 268 55.10 17.17 -93.65
C SER I 268 56.26 18.15 -93.58
N PHE I 269 57.01 18.15 -92.48
CA PHE I 269 58.19 18.98 -92.37
C PHE I 269 59.30 18.55 -93.32
N ALA I 270 59.25 17.32 -93.82
CA ALA I 270 60.34 16.77 -94.62
C ALA I 270 60.23 17.08 -96.10
N VAL I 271 59.12 17.68 -96.54
CA VAL I 271 59.01 18.06 -97.95
C VAL I 271 59.91 19.25 -98.23
N PHE I 272 60.47 19.28 -99.44
CA PHE I 272 61.42 20.32 -99.86
C PHE I 272 62.68 20.32 -99.00
N GLU I 273 63.06 19.16 -98.51
CA GLU I 273 64.31 18.92 -97.81
C GLU I 273 65.22 18.05 -98.67
N PRO I 274 66.53 18.03 -98.40
CA PRO I 274 67.42 17.17 -99.19
C PRO I 274 67.01 15.70 -99.07
N ASN I 275 67.08 14.99 -100.19
CA ASN I 275 66.65 13.59 -100.26
C ASN I 275 67.84 12.68 -99.98
N SER I 276 68.30 12.73 -98.73
CA SER I 276 69.47 11.99 -98.29
C SER I 276 69.13 11.21 -97.03
N GLN I 277 70.06 10.33 -96.65
CA GLN I 277 69.83 9.48 -95.47
C GLN I 277 69.57 10.26 -94.19
N PRO I 278 70.25 11.38 -93.89
CA PRO I 278 69.89 12.12 -92.66
C PRO I 278 68.43 12.54 -92.61
N THR I 279 67.83 12.88 -93.74
CA THR I 279 66.41 13.21 -93.76
C THR I 279 65.55 11.97 -93.52
N TRP I 280 65.96 10.83 -94.09
CA TRP I 280 65.19 9.61 -93.92
C TRP I 280 65.14 9.19 -92.46
N GLU I 281 66.25 9.35 -91.74
CA GLU I 281 66.27 9.00 -90.32
C GLU I 281 65.33 9.92 -89.53
N ARG I 282 65.29 11.21 -89.88
CA ARG I 282 64.40 12.13 -89.18
C ARG I 282 62.93 11.76 -89.38
N VAL I 283 62.58 11.31 -90.59
CA VAL I 283 61.20 10.90 -90.83
C VAL I 283 60.90 9.61 -90.09
N ARG I 284 61.86 8.69 -90.03
CA ARG I 284 61.65 7.43 -89.33
C ARG I 284 61.39 7.68 -87.84
N SER I 285 62.12 8.62 -87.23
CA SER I 285 61.89 8.94 -85.83
C SER I 285 60.51 9.51 -85.62
N ALA I 286 60.05 10.37 -86.54
CA ALA I 286 58.72 10.98 -86.39
C ALA I 286 57.62 9.93 -86.47
N VAL I 287 57.70 9.02 -87.43
CA VAL I 287 56.67 8.00 -87.59
C VAL I 287 56.69 7.05 -86.41
N ASN I 288 57.87 6.61 -85.99
CA ASN I 288 57.97 5.67 -84.88
C ASN I 288 57.48 6.30 -83.58
N ASN I 289 57.70 7.60 -83.40
CA ASN I 289 57.22 8.27 -82.20
C ASN I 289 55.70 8.30 -82.16
N TYR I 290 55.07 8.55 -83.29
CA TYR I 290 53.61 8.59 -83.33
C TYR I 290 53.00 7.21 -83.13
N LEU I 291 53.55 6.20 -83.80
CA LEU I 291 52.96 4.86 -83.74
C LEU I 291 53.08 4.27 -82.33
N TYR I 292 54.19 4.56 -81.64
CA TYR I 292 54.30 4.12 -80.26
C TYR I 292 53.26 4.79 -79.37
N SER I 293 53.01 6.08 -79.59
CA SER I 293 51.99 6.77 -78.82
C SER I 293 50.61 6.21 -79.10
N LEU I 294 50.32 5.87 -80.36
CA LEU I 294 49.03 5.28 -80.69
C LEU I 294 48.86 3.92 -80.04
N TRP I 295 49.92 3.11 -80.03
CA TRP I 295 49.85 1.81 -79.37
C TRP I 295 49.65 1.95 -77.87
N GLN I 296 50.27 2.96 -77.27
CA GLN I 296 50.13 3.17 -75.83
C GLN I 296 48.68 3.49 -75.46
N GLN I 297 48.00 4.29 -76.29
CA GLN I 297 46.61 4.64 -76.01
C GLN I 297 45.68 3.45 -76.14
N GLY I 298 46.13 2.35 -76.72
CA GLY I 298 45.29 1.19 -76.95
C GLY I 298 44.72 1.07 -78.33
N GLY I 299 45.19 1.87 -79.30
CA GLY I 299 44.65 1.85 -80.64
C GLY I 299 45.18 0.75 -81.54
N LEU I 300 46.21 0.04 -81.12
CA LEU I 300 46.79 -1.04 -81.91
C LEU I 300 46.77 -2.34 -81.11
N ALA I 301 46.84 -3.45 -81.83
CA ALA I 301 46.76 -4.78 -81.24
C ALA I 301 48.16 -5.37 -81.10
N GLY I 302 48.50 -5.78 -79.89
CA GLY I 302 49.79 -6.38 -79.63
C GLY I 302 50.27 -6.17 -78.21
N ASN I 303 50.96 -7.16 -77.65
CA ASN I 303 51.46 -7.03 -76.28
C ASN I 303 52.69 -6.14 -76.20
N LYS I 304 53.49 -6.09 -77.25
CA LYS I 304 54.65 -5.21 -77.32
C LYS I 304 54.64 -4.48 -78.66
N PRO I 305 55.26 -3.29 -78.72
CA PRO I 305 55.21 -2.49 -79.95
C PRO I 305 55.77 -3.21 -81.17
N ASP I 306 56.71 -4.13 -80.99
CA ASP I 306 57.22 -4.89 -82.13
C ASP I 306 56.13 -5.75 -82.75
N ASP I 307 55.12 -6.15 -81.97
CA ASP I 307 54.00 -6.91 -82.48
C ASP I 307 52.88 -6.03 -83.03
N ALA I 308 52.96 -4.72 -82.85
CA ALA I 308 51.88 -3.82 -83.24
C ALA I 308 52.15 -3.07 -84.53
N TYR I 309 53.40 -2.71 -84.81
CA TYR I 309 53.69 -1.95 -86.01
C TYR I 309 55.15 -2.14 -86.40
N PHE I 310 55.46 -1.80 -87.65
CA PHE I 310 56.83 -1.76 -88.12
C PHE I 310 56.96 -0.63 -89.14
N VAL I 311 58.15 -0.02 -89.17
CA VAL I 311 58.46 1.06 -90.09
C VAL I 311 59.75 0.71 -90.84
N GLN I 312 59.71 0.79 -92.17
CA GLN I 312 60.88 0.53 -92.99
C GLN I 312 61.11 1.70 -93.93
N ILE I 313 62.35 2.17 -93.99
CA ILE I 313 62.76 3.18 -94.97
C ILE I 313 64.27 3.09 -95.16
N GLY I 314 64.72 3.12 -96.40
CA GLY I 314 66.14 3.07 -96.68
C GLY I 314 66.39 2.65 -98.11
N LYS I 315 67.64 2.86 -98.53
CA LYS I 315 68.04 2.51 -99.88
C LYS I 315 68.07 1.00 -100.05
N ASP I 316 67.54 0.54 -101.18
CA ASP I 316 67.40 -0.88 -101.52
C ASP I 316 66.48 -1.63 -100.57
N ILE I 317 65.75 -0.92 -99.71
CA ILE I 317 64.72 -1.50 -98.87
C ILE I 317 63.33 -1.03 -99.29
N THR I 318 63.19 0.27 -99.53
CA THR I 318 61.93 0.84 -100.01
C THR I 318 62.06 1.64 -101.30
N MET I 319 63.23 2.19 -101.60
CA MET I 319 63.41 2.99 -102.80
C MET I 319 64.69 2.56 -103.51
N THR I 320 64.76 2.87 -104.80
CA THR I 320 65.88 2.54 -105.65
C THR I 320 66.54 3.83 -106.16
N ASP I 321 67.50 3.67 -107.07
CA ASP I 321 68.19 4.83 -107.63
C ASP I 321 67.23 5.70 -108.43
N ASP I 322 66.33 5.07 -109.19
CA ASP I 322 65.38 5.84 -109.98
C ASP I 322 64.45 6.66 -109.10
N ASP I 323 63.99 6.08 -107.99
CA ASP I 323 63.10 6.81 -107.09
C ASP I 323 63.79 8.02 -106.49
N ILE I 324 65.04 7.86 -106.06
CA ILE I 324 65.77 8.96 -105.43
C ILE I 324 66.04 10.07 -106.45
N LYS I 325 66.45 9.71 -107.67
CA LYS I 325 66.75 10.71 -108.68
C LYS I 325 65.51 11.47 -109.14
N GLN I 326 64.32 10.93 -108.91
CA GLN I 326 63.08 11.62 -109.25
C GLN I 326 62.53 12.45 -108.10
N GLY I 327 63.21 12.47 -106.96
CA GLY I 327 62.74 13.20 -105.80
C GLY I 327 61.73 12.48 -104.95
N LYS I 328 61.62 11.16 -105.08
CA LYS I 328 60.63 10.38 -104.34
C LYS I 328 61.26 9.78 -103.08
N MET I 329 60.50 9.82 -101.99
CA MET I 329 60.87 9.18 -100.73
C MET I 329 59.74 8.24 -100.35
N ILE I 330 60.06 6.96 -100.14
CA ILE I 330 59.06 5.92 -99.98
C ILE I 330 59.25 5.28 -98.60
N ILE I 331 58.14 5.12 -97.88
CA ILE I 331 58.12 4.55 -96.54
C ILE I 331 57.10 3.41 -96.51
N LYS I 332 57.45 2.33 -95.82
CA LYS I 332 56.54 1.22 -95.61
C LYS I 332 56.11 1.19 -94.15
N ILE I 333 54.80 1.18 -93.92
CA ILE I 333 54.23 1.14 -92.59
C ILE I 333 53.22 0.01 -92.53
N GLY I 334 53.35 -0.85 -91.51
CA GLY I 334 52.40 -1.92 -91.30
C GLY I 334 51.94 -1.97 -89.86
N MET I 335 50.64 -1.85 -89.63
CA MET I 335 50.09 -1.80 -88.29
C MET I 335 48.91 -2.77 -88.18
N ALA I 336 48.75 -3.34 -86.99
CA ALA I 336 47.69 -4.30 -86.73
C ALA I 336 46.58 -3.64 -85.92
N ALA I 337 45.35 -3.75 -86.41
CA ALA I 337 44.18 -3.18 -85.75
C ALA I 337 43.44 -4.26 -84.97
N VAL I 338 42.81 -3.84 -83.88
CA VAL I 338 42.06 -4.74 -83.01
C VAL I 338 40.61 -4.79 -83.48
N ARG I 339 40.08 -6.00 -83.64
CA ARG I 339 38.71 -6.18 -84.10
C ARG I 339 37.80 -6.56 -82.94
N PRO I 340 36.57 -6.04 -82.91
CA PRO I 340 35.70 -6.26 -81.75
C PRO I 340 34.99 -7.60 -81.79
N ALA I 341 34.48 -7.99 -80.63
CA ALA I 341 33.59 -9.15 -80.53
C ALA I 341 32.19 -8.74 -80.97
N GLU I 342 31.58 -9.55 -81.84
CA GLU I 342 30.30 -9.20 -82.42
C GLU I 342 29.17 -10.14 -82.04
N PHE I 343 29.44 -11.43 -81.89
CA PHE I 343 28.42 -12.42 -81.58
C PHE I 343 28.70 -13.02 -80.20
N ILE I 344 27.69 -12.96 -79.32
CA ILE I 344 27.78 -13.53 -77.99
C ILE I 344 26.88 -14.76 -77.96
N ILE I 345 27.44 -15.90 -77.54
CA ILE I 345 26.74 -17.17 -77.54
C ILE I 345 26.66 -17.67 -76.11
N LEU I 346 25.44 -17.87 -75.61
CA LEU I 346 25.21 -18.44 -74.29
C LEU I 346 24.78 -19.89 -74.44
N GLN I 347 25.52 -20.80 -73.81
CA GLN I 347 25.21 -22.21 -73.82
C GLN I 347 24.68 -22.61 -72.45
N PHE I 348 23.45 -23.12 -72.43
CA PHE I 348 22.75 -23.44 -71.20
C PHE I 348 22.61 -24.95 -71.05
N THR I 349 22.78 -25.44 -69.84
CA THR I 349 22.65 -26.85 -69.54
C THR I 349 22.24 -27.03 -68.09
N GLN I 350 21.73 -28.21 -67.77
CA GLN I 350 21.27 -28.50 -66.42
C GLN I 350 22.16 -29.53 -65.75
N THR J 2 23.08 -19.88 -83.57
CA THR J 2 24.01 -20.70 -82.82
C THR J 2 25.38 -20.75 -83.50
N THR J 3 25.68 -21.87 -84.15
CA THR J 3 26.94 -21.98 -84.88
C THR J 3 26.94 -21.13 -86.14
N ILE J 4 25.79 -20.71 -86.62
CA ILE J 4 25.67 -19.84 -87.79
C ILE J 4 25.40 -18.43 -87.28
N THR J 5 26.40 -17.56 -87.38
CA THR J 5 26.30 -16.20 -86.87
C THR J 5 25.98 -15.25 -88.02
N THR J 6 24.82 -14.61 -87.95
CA THR J 6 24.38 -13.69 -88.99
C THR J 6 24.23 -12.26 -88.47
N TYR J 7 23.46 -12.06 -87.40
CA TYR J 7 23.20 -10.73 -86.88
C TYR J 7 24.02 -10.48 -85.62
N PRO J 8 24.38 -9.23 -85.34
CA PRO J 8 25.04 -8.91 -84.07
C PRO J 8 24.07 -9.02 -82.92
N GLY J 9 24.52 -9.63 -81.84
CA GLY J 9 23.66 -9.78 -80.69
C GLY J 9 23.98 -11.08 -79.97
N VAL J 10 22.96 -11.62 -79.30
CA VAL J 10 23.09 -12.76 -78.41
C VAL J 10 22.42 -13.97 -79.05
N TYR J 11 23.10 -15.11 -79.00
CA TYR J 11 22.58 -16.37 -79.51
C TYR J 11 22.40 -17.35 -78.36
N ILE J 12 21.26 -18.03 -78.35
CA ILE J 12 20.93 -18.99 -77.30
C ILE J 12 20.91 -20.39 -77.91
N GLU J 13 21.61 -21.32 -77.26
CA GLU J 13 21.51 -22.73 -77.61
C GLU J 13 21.59 -23.56 -76.33
N GLU J 14 20.97 -24.73 -76.38
CA GLU J 14 20.88 -25.64 -75.25
C GLU J 14 21.62 -26.92 -75.62
N ASP J 15 22.87 -27.03 -75.19
CA ASP J 15 23.72 -28.16 -75.47
C ASP J 15 23.91 -29.01 -74.23
N ALA J 16 24.64 -30.11 -74.38
CA ALA J 16 24.99 -30.97 -73.25
C ALA J 16 26.44 -31.43 -73.32
N SER J 17 27.28 -30.76 -74.11
CA SER J 17 28.67 -31.16 -74.23
C SER J 17 29.41 -30.96 -72.92
N LEU J 18 30.35 -31.86 -72.65
CA LEU J 18 31.13 -31.79 -71.42
C LEU J 18 32.15 -30.66 -71.49
N SER J 19 32.69 -30.31 -70.32
CA SER J 19 33.73 -29.31 -70.22
C SER J 19 34.65 -29.66 -69.07
N LEU J 20 35.94 -29.75 -69.35
CA LEU J 20 36.93 -30.09 -68.33
C LEU J 20 38.03 -29.05 -68.26
N SER J 21 39.08 -29.32 -67.49
CA SER J 21 40.20 -28.41 -67.35
C SER J 21 41.49 -29.15 -67.67
N VAL J 22 42.51 -28.39 -68.04
CA VAL J 22 43.78 -28.95 -68.51
C VAL J 22 44.92 -28.32 -67.71
N SER J 23 45.93 -29.14 -67.43
CA SER J 23 47.14 -28.71 -66.75
C SER J 23 48.27 -28.60 -67.77
N SER J 24 49.48 -28.31 -67.28
CA SER J 24 50.64 -28.14 -68.14
C SER J 24 51.87 -28.71 -67.42
N SER J 25 52.27 -29.92 -67.81
CA SER J 25 53.46 -30.57 -67.27
C SER J 25 54.37 -30.96 -68.42
N ALA J 26 55.65 -30.62 -68.31
CA ALA J 26 56.60 -30.89 -69.37
C ALA J 26 57.27 -32.26 -69.22
N THR J 27 57.38 -32.77 -68.01
CA THR J 27 58.01 -34.07 -67.78
C THR J 27 57.06 -35.24 -68.01
N ALA J 28 55.79 -34.98 -68.32
CA ALA J 28 54.80 -36.02 -68.55
C ALA J 28 54.04 -35.67 -69.83
N VAL J 29 54.55 -36.15 -70.96
CA VAL J 29 53.88 -36.02 -72.25
C VAL J 29 53.63 -37.43 -72.77
N PRO J 30 52.47 -38.00 -72.52
CA PRO J 30 52.24 -39.41 -72.85
C PRO J 30 51.85 -39.61 -74.31
N VAL J 31 52.00 -40.86 -74.75
CA VAL J 31 51.49 -41.32 -76.04
C VAL J 31 50.57 -42.50 -75.78
N PHE J 32 49.36 -42.43 -76.30
CA PHE J 32 48.34 -43.45 -76.05
C PHE J 32 48.27 -44.39 -77.24
N ALA J 33 48.41 -45.69 -76.96
CA ALA J 33 48.23 -46.70 -78.01
C ALA J 33 46.76 -46.81 -78.35
N VAL J 34 46.44 -46.72 -79.64
CA VAL J 34 45.07 -46.72 -80.13
C VAL J 34 44.89 -47.88 -81.08
N ALA J 35 43.72 -48.52 -81.01
CA ALA J 35 43.40 -49.60 -81.93
C ALA J 35 43.26 -49.06 -83.35
N GLY J 36 43.73 -49.84 -84.32
CA GLY J 36 43.72 -49.40 -85.70
C GLY J 36 42.34 -49.19 -86.28
N ASP J 37 41.33 -49.85 -85.72
CA ASP J 37 39.97 -49.74 -86.24
C ASP J 37 39.31 -48.41 -85.91
N ASN J 38 39.93 -47.58 -85.10
CA ASN J 38 39.35 -46.29 -84.75
C ASN J 38 39.31 -45.38 -85.97
N PRO J 39 38.15 -44.85 -86.36
CA PRO J 39 38.09 -44.00 -87.56
C PRO J 39 38.90 -42.72 -87.44
N LEU J 40 39.02 -42.16 -86.24
CA LEU J 40 39.70 -40.86 -86.09
C LEU J 40 41.19 -40.98 -86.39
N ILE J 41 41.81 -42.09 -86.00
CA ILE J 41 43.25 -42.25 -86.17
C ILE J 41 43.64 -42.84 -87.52
N SER J 42 42.68 -43.40 -88.26
CA SER J 42 43.00 -44.05 -89.52
C SER J 42 43.51 -43.04 -90.55
N GLY J 43 44.57 -43.41 -91.25
CA GLY J 43 45.12 -42.58 -92.31
C GLY J 43 46.08 -41.52 -91.87
N LYS J 44 46.48 -41.48 -90.59
CA LYS J 44 47.40 -40.49 -90.09
C LYS J 44 48.47 -41.16 -89.25
N PRO J 45 49.68 -40.57 -89.21
CA PRO J 45 50.74 -41.14 -88.37
C PRO J 45 50.47 -40.95 -86.89
N TYR J 46 50.04 -39.76 -86.50
CA TYR J 46 49.72 -39.48 -85.11
C TYR J 46 48.79 -38.27 -85.04
N ILE J 47 48.10 -38.14 -83.91
CA ILE J 47 47.20 -37.03 -83.65
C ILE J 47 47.54 -36.46 -82.29
N ARG J 48 47.69 -35.13 -82.22
CA ARG J 48 47.95 -34.44 -80.97
C ARG J 48 46.65 -33.87 -80.42
N ILE J 49 46.36 -34.18 -79.17
CA ILE J 49 45.15 -33.72 -78.48
C ILE J 49 45.59 -32.79 -77.35
N SER J 50 45.08 -31.56 -77.37
CA SER J 50 45.48 -30.57 -76.38
C SER J 50 44.58 -30.57 -75.15
N ASN J 51 43.30 -30.89 -75.31
CA ASN J 51 42.36 -30.88 -74.20
C ASN J 51 41.13 -31.69 -74.59
N TRP J 52 40.17 -31.76 -73.68
CA TRP J 52 38.91 -32.42 -73.99
C TRP J 52 38.11 -31.66 -75.03
N LEU J 53 38.21 -30.33 -75.03
CA LEU J 53 37.51 -29.52 -76.03
C LEU J 53 38.02 -29.83 -77.43
N GLU J 54 39.33 -29.95 -77.59
CA GLU J 54 39.89 -30.26 -78.90
C GLU J 54 39.49 -31.66 -79.35
N TYR J 55 39.56 -32.64 -78.44
CA TYR J 55 39.21 -34.01 -78.81
C TYR J 55 37.75 -34.12 -79.21
N LEU J 56 36.86 -33.44 -78.48
CA LEU J 56 35.44 -33.49 -78.82
C LEU J 56 35.18 -32.82 -80.17
N THR J 57 35.89 -31.72 -80.45
CA THR J 57 35.72 -31.04 -81.73
C THR J 57 36.17 -31.93 -82.88
N LEU J 58 37.34 -32.57 -82.74
CA LEU J 58 37.83 -33.43 -83.81
C LEU J 58 36.97 -34.67 -83.98
N LYS J 59 36.45 -35.21 -82.88
CA LYS J 59 35.58 -36.39 -82.97
C LYS J 59 34.29 -36.05 -83.71
N ASN J 60 33.73 -34.86 -83.47
CA ASN J 60 32.45 -34.46 -84.06
C ASN J 60 31.34 -35.44 -83.69
N GLU J 61 31.37 -35.94 -82.47
CA GLU J 61 30.37 -36.86 -81.97
C GLU J 61 30.17 -36.62 -80.48
N GLN J 62 29.02 -37.05 -79.98
CA GLN J 62 28.76 -36.97 -78.54
C GLN J 62 29.62 -37.98 -77.79
N PHE J 63 29.79 -37.74 -76.50
CA PHE J 63 30.62 -38.62 -75.68
C PHE J 63 29.99 -40.00 -75.60
N ASP J 64 30.74 -41.01 -76.03
CA ASP J 64 30.25 -42.39 -76.03
C ASP J 64 30.96 -43.17 -74.93
N PRO J 65 30.26 -43.62 -73.88
CA PRO J 65 30.92 -44.42 -72.85
C PRO J 65 31.27 -45.83 -73.29
N ALA J 66 30.82 -46.25 -74.47
CA ALA J 66 31.14 -47.57 -75.00
C ALA J 66 32.43 -47.58 -75.80
N ASN J 67 33.10 -46.44 -75.96
CA ASN J 67 34.35 -46.35 -76.69
C ASN J 67 35.50 -46.33 -75.70
N THR J 68 36.40 -47.31 -75.82
CA THR J 68 37.52 -47.42 -74.88
C THR J 68 38.42 -46.20 -74.95
N LEU J 69 38.62 -45.64 -76.15
CA LEU J 69 39.43 -44.43 -76.28
C LEU J 69 38.78 -43.25 -75.59
N ASP J 70 37.46 -43.13 -75.70
CA ASP J 70 36.76 -41.97 -75.13
C ASP J 70 36.86 -41.96 -73.61
N ILE J 71 36.62 -43.11 -72.97
CA ILE J 71 36.68 -43.17 -71.51
C ILE J 71 38.11 -43.01 -71.02
N SER J 72 39.08 -43.58 -71.73
CA SER J 72 40.47 -43.44 -71.34
C SER J 72 40.92 -42.00 -71.38
N LEU J 73 40.51 -41.26 -72.42
CA LEU J 73 40.86 -39.84 -72.49
C LEU J 73 40.13 -39.03 -71.43
N ARG J 74 38.87 -39.36 -71.16
CA ARG J 74 38.14 -38.66 -70.11
C ARG J 74 38.76 -38.91 -68.74
N ALA J 75 39.11 -40.16 -68.46
CA ALA J 75 39.78 -40.46 -67.18
C ALA J 75 41.13 -39.78 -67.09
N TYR J 76 41.89 -39.77 -68.20
CA TYR J 76 43.19 -39.11 -68.20
C TYR J 76 43.06 -37.61 -68.00
N PHE J 77 42.12 -36.97 -68.68
CA PHE J 77 41.98 -35.52 -68.59
C PHE J 77 41.34 -35.08 -67.27
N ILE J 78 40.41 -35.88 -66.73
CA ILE J 78 39.80 -35.52 -65.46
C ILE J 78 40.79 -35.62 -64.31
N ASN J 79 41.89 -36.34 -64.50
CA ASN J 79 42.91 -36.49 -63.47
C ASN J 79 44.01 -35.44 -63.57
N GLY J 80 43.92 -34.52 -64.53
CA GLY J 80 44.88 -33.44 -64.65
C GLY J 80 45.93 -33.60 -65.72
N GLY J 81 45.74 -34.54 -66.66
CA GLY J 81 46.73 -34.73 -67.69
C GLY J 81 46.78 -33.58 -68.68
N GLY J 82 47.93 -33.42 -69.32
CA GLY J 82 48.14 -32.40 -70.31
C GLY J 82 47.93 -32.93 -71.72
N TYR J 83 48.53 -32.23 -72.69
CA TYR J 83 48.39 -32.63 -74.08
C TYR J 83 49.11 -33.95 -74.32
N CYS J 84 48.50 -34.79 -75.17
CA CYS J 84 48.98 -36.15 -75.40
C CYS J 84 49.03 -36.42 -76.90
N TYR J 85 49.53 -37.61 -77.24
CA TYR J 85 49.64 -38.05 -78.63
C TYR J 85 48.92 -39.38 -78.79
N LEU J 86 48.18 -39.53 -79.88
CA LEU J 86 47.50 -40.77 -80.22
C LEU J 86 48.24 -41.43 -81.37
N VAL J 87 48.73 -42.66 -81.13
CA VAL J 87 49.46 -43.42 -82.11
C VAL J 87 48.89 -44.83 -82.13
N GLN J 88 48.68 -45.38 -83.33
CA GLN J 88 48.20 -46.74 -83.44
C GLN J 88 49.25 -47.71 -82.90
N THR J 89 48.77 -48.81 -82.31
CA THR J 89 49.66 -49.74 -81.62
C THR J 89 50.69 -50.33 -82.58
N THR J 90 50.27 -50.60 -83.82
CA THR J 90 51.19 -51.21 -84.79
C THR J 90 52.28 -50.24 -85.24
N ASP J 91 52.10 -48.93 -85.02
CA ASP J 91 53.03 -47.92 -85.49
C ASP J 91 53.89 -47.34 -84.38
N LEU J 92 53.93 -47.98 -83.20
CA LEU J 92 54.63 -47.40 -82.06
C LEU J 92 56.14 -47.35 -82.30
N GLU J 93 56.73 -48.46 -82.76
CA GLU J 93 58.17 -48.50 -82.96
C GLU J 93 58.64 -47.60 -84.09
N LYS J 94 57.72 -47.10 -84.92
CA LYS J 94 58.08 -46.25 -86.04
C LYS J 94 57.80 -44.77 -85.80
N GLN J 95 56.79 -44.43 -85.01
CA GLN J 95 56.38 -43.05 -84.82
C GLN J 95 56.88 -42.45 -83.52
N VAL J 96 57.11 -43.27 -82.49
CA VAL J 96 57.61 -42.73 -81.22
C VAL J 96 58.97 -42.05 -81.37
N PRO J 97 59.96 -42.65 -82.05
CA PRO J 97 61.23 -41.91 -82.23
C PRO J 97 61.08 -40.62 -82.99
N LYS J 98 60.04 -40.49 -83.83
CA LYS J 98 59.82 -39.23 -84.53
C LYS J 98 59.42 -38.11 -83.58
N LEU J 99 58.71 -38.44 -82.50
CA LEU J 99 58.28 -37.46 -81.52
C LEU J 99 59.36 -37.24 -80.48
N ASP J 100 59.71 -35.98 -80.25
CA ASP J 100 60.86 -35.64 -79.42
C ASP J 100 60.51 -35.35 -77.96
N ASP J 101 59.29 -34.88 -77.69
CA ASP J 101 58.90 -34.46 -76.36
C ASP J 101 58.16 -35.55 -75.58
N VAL J 102 57.99 -36.73 -76.15
CA VAL J 102 57.25 -37.80 -75.49
C VAL J 102 58.11 -38.41 -74.40
N THR J 103 57.56 -38.50 -73.19
CA THR J 103 58.26 -39.09 -72.06
C THR J 103 57.60 -40.36 -71.53
N LEU J 104 56.28 -40.50 -71.67
CA LEU J 104 55.55 -41.64 -71.14
C LEU J 104 54.96 -42.45 -72.29
N LEU J 105 55.07 -43.77 -72.19
CA LEU J 105 54.45 -44.70 -73.13
C LEU J 105 53.32 -45.41 -72.39
N VAL J 106 52.08 -45.03 -72.70
CA VAL J 106 50.91 -45.45 -71.94
C VAL J 106 50.14 -46.49 -72.74
N ALA J 107 49.90 -47.65 -72.13
CA ALA J 107 49.10 -48.70 -72.74
C ALA J 107 47.64 -48.46 -72.39
N ALA J 108 46.91 -47.83 -73.30
CA ALA J 108 45.50 -47.49 -73.07
C ALA J 108 44.60 -48.69 -73.42
N GLY J 109 44.88 -49.81 -72.77
CA GLY J 109 44.13 -51.03 -72.97
C GLY J 109 44.67 -51.94 -74.06
N GLU J 110 45.67 -51.52 -74.82
CA GLU J 110 46.23 -52.33 -75.87
C GLU J 110 47.37 -53.20 -75.34
N ASN J 111 47.99 -53.95 -76.24
CA ASN J 111 49.14 -54.80 -75.91
C ASN J 111 50.37 -54.17 -76.54
N ILE J 112 51.24 -53.59 -75.70
CA ILE J 112 52.42 -52.89 -76.18
C ILE J 112 53.67 -53.56 -75.64
N THR J 113 53.60 -54.88 -75.42
CA THR J 113 54.74 -55.60 -74.88
C THR J 113 55.95 -55.51 -75.81
N THR J 114 55.72 -55.66 -77.12
CA THR J 114 56.82 -55.61 -78.08
C THR J 114 57.41 -54.21 -78.18
N ALA J 115 56.55 -53.18 -78.20
CA ALA J 115 57.04 -51.81 -78.33
C ALA J 115 57.87 -51.41 -77.13
N VAL J 116 57.46 -51.82 -75.93
CA VAL J 116 58.21 -51.46 -74.72
C VAL J 116 59.59 -52.10 -74.74
N SER J 117 59.67 -53.38 -75.13
CA SER J 117 60.94 -54.08 -75.13
C SER J 117 61.93 -53.47 -76.12
N THR J 118 61.43 -52.71 -77.10
CA THR J 118 62.29 -52.08 -78.09
C THR J 118 62.59 -50.62 -77.75
N LEU J 119 61.56 -49.86 -77.36
CA LEU J 119 61.73 -48.43 -77.14
C LEU J 119 62.33 -48.13 -75.77
N CYS J 120 61.78 -48.73 -74.72
CA CYS J 120 62.21 -48.42 -73.35
C CYS J 120 63.58 -49.04 -73.05
N LYS J 121 64.64 -48.33 -73.39
CA LYS J 121 66.01 -48.76 -73.18
C LYS J 121 66.78 -47.62 -72.52
N PRO J 122 67.91 -47.93 -71.87
CA PRO J 122 68.72 -46.85 -71.28
C PRO J 122 69.13 -45.83 -72.33
N GLY J 123 69.04 -44.55 -71.95
CA GLY J 123 69.39 -43.46 -72.83
C GLY J 123 68.26 -42.91 -73.67
N LYS J 124 67.18 -43.67 -73.83
CA LYS J 124 66.07 -43.22 -74.67
C LYS J 124 65.14 -42.26 -73.96
N GLY J 125 65.22 -42.18 -72.63
CA GLY J 125 64.39 -41.25 -71.87
C GLY J 125 62.91 -41.53 -71.97
N LEU J 126 62.51 -42.79 -71.84
CA LEU J 126 61.12 -43.18 -71.91
C LEU J 126 60.74 -44.05 -70.72
N PHE J 127 59.50 -43.91 -70.27
CA PHE J 127 58.93 -44.74 -69.22
C PHE J 127 57.59 -45.28 -69.69
N ALA J 128 57.31 -46.53 -69.35
CA ALA J 128 56.11 -47.22 -69.82
C ALA J 128 55.17 -47.49 -68.67
N ILE J 129 53.87 -47.45 -68.96
CA ILE J 129 52.82 -47.76 -67.99
C ILE J 129 51.98 -48.88 -68.56
N PHE J 130 52.00 -50.05 -67.91
CA PHE J 130 51.27 -51.22 -68.36
C PHE J 130 49.90 -51.27 -67.71
N ASP J 131 49.14 -52.30 -68.07
CA ASP J 131 47.86 -52.60 -67.45
C ASP J 131 47.95 -53.94 -66.74
N GLY J 132 47.40 -54.01 -65.54
CA GLY J 132 47.40 -55.23 -64.77
C GLY J 132 46.40 -56.23 -65.31
N PRO J 133 46.40 -57.44 -64.76
CA PRO J 133 45.46 -58.46 -65.21
C PRO J 133 44.01 -58.01 -64.99
N THR J 134 43.13 -58.43 -65.91
CA THR J 134 41.73 -58.06 -65.82
C THR J 134 40.93 -58.99 -64.90
N THR J 135 41.52 -60.11 -64.49
CA THR J 135 40.83 -61.07 -63.64
C THR J 135 41.29 -60.91 -62.20
N GLU J 136 40.87 -61.84 -61.33
CA GLU J 136 41.32 -61.83 -59.96
C GLU J 136 42.80 -62.18 -59.88
N LEU J 137 43.40 -61.88 -58.73
CA LEU J 137 44.82 -62.11 -58.52
C LEU J 137 45.06 -63.50 -57.98
N LYS J 138 45.98 -64.23 -58.59
CA LYS J 138 46.34 -65.55 -58.12
C LYS J 138 47.17 -65.43 -56.84
N SER J 139 46.81 -66.23 -55.83
CA SER J 139 47.49 -66.16 -54.54
C SER J 139 48.84 -66.86 -54.54
N ASP J 140 49.18 -67.59 -55.61
CA ASP J 140 50.48 -68.24 -55.70
C ASP J 140 51.59 -67.27 -56.08
N GLY J 141 51.26 -66.03 -56.46
CA GLY J 141 52.26 -65.06 -56.82
C GLY J 141 52.74 -65.13 -58.25
N THR J 142 51.94 -65.71 -59.16
CA THR J 142 52.33 -65.87 -60.55
C THR J 142 51.42 -65.08 -61.49
N SER J 143 50.83 -63.99 -61.00
CA SER J 143 50.00 -63.14 -61.84
C SER J 143 50.80 -62.10 -62.60
N ASN J 144 52.12 -62.07 -62.44
CA ASN J 144 52.99 -61.12 -63.11
C ASN J 144 54.05 -61.82 -63.96
N SER J 145 53.80 -63.06 -64.38
CA SER J 145 54.83 -63.84 -65.05
C SER J 145 55.07 -63.36 -66.47
N ASP J 146 54.08 -62.74 -67.11
CA ASP J 146 54.20 -62.35 -68.51
C ASP J 146 54.91 -61.02 -68.71
N TYR J 147 55.28 -60.33 -67.64
CA TYR J 147 55.94 -59.04 -67.78
C TYR J 147 57.46 -59.20 -67.75
N ASP J 148 58.12 -58.46 -68.63
CA ASP J 148 59.58 -58.44 -68.65
C ASP J 148 60.13 -57.61 -67.50
N PRO J 149 61.27 -58.00 -66.93
CA PRO J 149 61.88 -57.21 -65.83
C PRO J 149 62.57 -55.95 -66.35
N ASN J 150 61.76 -55.02 -66.86
CA ASN J 150 62.26 -53.80 -67.45
C ASN J 150 62.24 -52.69 -66.41
N PRO J 151 63.38 -52.08 -66.07
CA PRO J 151 63.37 -50.95 -65.13
C PRO J 151 62.76 -49.67 -65.69
N PHE J 152 62.23 -49.70 -66.91
CA PHE J 152 61.64 -48.52 -67.54
C PHE J 152 60.14 -48.67 -67.71
N ALA J 153 59.49 -49.47 -66.87
CA ALA J 153 58.06 -49.72 -66.99
C ALA J 153 57.47 -50.02 -65.63
N ALA J 154 56.15 -49.86 -65.53
CA ALA J 154 55.43 -50.13 -64.30
C ALA J 154 54.05 -50.68 -64.64
N VAL J 155 53.50 -51.47 -63.72
CA VAL J 155 52.20 -52.11 -63.91
C VAL J 155 51.27 -51.66 -62.80
N TYR J 156 50.01 -51.41 -63.15
CA TYR J 156 49.00 -50.95 -62.21
C TYR J 156 47.77 -51.83 -62.28
N TYR J 157 47.22 -52.17 -61.12
CA TYR J 157 46.08 -53.05 -60.98
C TYR J 157 45.18 -52.52 -59.87
N PRO J 158 43.86 -52.70 -59.99
CA PRO J 158 43.09 -53.27 -61.10
C PRO J 158 42.45 -52.21 -61.98
N TRP J 159 41.59 -52.62 -62.90
CA TRP J 159 40.89 -51.67 -63.77
C TRP J 159 39.82 -50.93 -62.97
N LEU J 160 39.41 -49.78 -63.51
CA LEU J 160 38.57 -48.84 -62.77
C LEU J 160 37.21 -48.71 -63.43
N THR J 161 36.20 -48.37 -62.62
CA THR J 161 34.86 -48.08 -63.08
C THR J 161 34.39 -46.78 -62.45
N ALA J 162 33.33 -46.21 -63.02
CA ALA J 162 32.78 -44.95 -62.54
C ALA J 162 31.27 -44.96 -62.74
N ASP J 163 30.65 -43.80 -62.53
CA ASP J 163 29.21 -43.68 -62.76
C ASP J 163 28.87 -43.84 -64.24
N TRP J 164 29.69 -43.26 -65.12
CA TRP J 164 29.45 -43.31 -66.56
C TRP J 164 30.13 -44.52 -67.20
N THR J 165 29.86 -45.70 -66.67
CA THR J 165 30.52 -46.92 -67.12
C THR J 165 29.49 -47.92 -67.64
N THR J 166 29.97 -48.84 -68.46
CA THR J 166 29.15 -49.85 -69.12
C THR J 166 29.96 -51.15 -69.08
N THR J 167 29.59 -52.10 -69.94
CA THR J 167 30.22 -53.42 -69.94
C THR J 167 31.75 -53.36 -70.07
N ILE J 168 32.31 -52.22 -70.45
CA ILE J 168 33.76 -52.05 -70.51
C ILE J 168 34.22 -51.24 -69.32
N ASP J 169 35.40 -51.56 -68.81
CA ASP J 169 35.97 -50.89 -67.65
C ASP J 169 37.20 -50.08 -68.06
N ILE J 170 37.40 -48.95 -67.39
CA ILE J 170 38.50 -48.04 -67.73
C ILE J 170 39.83 -48.73 -67.45
N PRO J 171 40.78 -48.71 -68.39
CA PRO J 171 42.12 -49.23 -68.11
C PRO J 171 42.83 -48.36 -67.09
N PRO J 172 43.53 -48.98 -66.12
CA PRO J 172 44.17 -48.18 -65.07
C PRO J 172 45.26 -47.25 -65.58
N SER J 173 45.91 -47.57 -66.70
CA SER J 173 47.03 -46.76 -67.17
C SER J 173 46.58 -45.36 -67.57
N ALA J 174 45.35 -45.24 -68.08
CA ALA J 174 44.86 -43.93 -68.50
C ALA J 174 44.72 -42.98 -67.32
N ALA J 175 44.21 -43.47 -66.20
CA ALA J 175 44.07 -42.63 -65.01
C ALA J 175 45.41 -42.37 -64.36
N ILE J 176 46.30 -43.37 -64.35
CA ILE J 176 47.60 -43.22 -63.72
C ILE J 176 48.42 -42.16 -64.44
N ALA J 177 48.36 -42.15 -65.78
CA ALA J 177 49.10 -41.14 -66.54
C ALA J 177 48.67 -39.74 -66.17
N GLY J 178 47.39 -39.54 -65.86
CA GLY J 178 46.94 -38.25 -65.37
C GLY J 178 47.53 -37.92 -64.01
N VAL J 179 47.66 -38.93 -63.14
CA VAL J 179 48.29 -38.71 -61.85
C VAL J 179 49.75 -38.27 -62.03
N TYR J 180 50.43 -38.84 -63.02
CA TYR J 180 51.81 -38.46 -63.30
C TYR J 180 51.91 -36.98 -63.63
N CYS J 181 51.00 -36.48 -64.48
CA CYS J 181 51.01 -35.06 -64.83
C CYS J 181 50.74 -34.18 -63.62
N SER J 182 49.77 -34.57 -62.80
CA SER J 182 49.38 -33.74 -61.66
C SER J 182 50.49 -33.68 -60.62
N VAL J 183 51.10 -34.81 -60.30
CA VAL J 183 52.11 -34.85 -59.25
C VAL J 183 53.35 -34.09 -59.68
N ASP J 184 53.77 -34.26 -60.94
CA ASP J 184 54.97 -33.59 -61.42
C ASP J 184 54.83 -32.07 -61.38
N SER J 185 53.67 -31.56 -61.80
CA SER J 185 53.47 -30.11 -61.81
C SER J 185 53.29 -29.55 -60.41
N THR J 186 52.91 -30.40 -59.44
CA THR J 186 52.62 -29.93 -58.10
C THR J 186 53.84 -30.06 -57.18
N ARG J 187 54.42 -31.25 -57.08
CA ARG J 187 55.48 -31.53 -56.12
C ARG J 187 56.79 -31.94 -56.77
N GLY J 188 56.85 -32.03 -58.09
CA GLY J 188 58.09 -32.37 -58.76
C GLY J 188 58.14 -33.84 -59.17
N VAL J 189 59.00 -34.12 -60.16
CA VAL J 189 59.12 -35.47 -60.69
C VAL J 189 59.83 -36.40 -59.71
N TRP J 190 60.52 -35.86 -58.72
CA TRP J 190 61.25 -36.69 -57.76
C TRP J 190 60.37 -37.20 -56.63
N LYS J 191 59.10 -36.83 -56.60
CA LYS J 191 58.17 -37.27 -55.57
C LYS J 191 57.39 -38.47 -56.08
N ALA J 192 57.16 -39.43 -55.19
CA ALA J 192 56.52 -40.68 -55.60
C ALA J 192 55.10 -40.42 -56.09
N PRO J 193 54.73 -40.93 -57.27
CA PRO J 193 53.35 -40.81 -57.76
C PRO J 193 52.40 -41.80 -57.11
N ALA J 194 52.46 -41.89 -55.79
CA ALA J 194 51.59 -42.76 -55.01
C ALA J 194 51.07 -41.97 -53.82
N ASN J 195 50.17 -42.59 -53.05
CA ASN J 195 49.54 -41.95 -51.91
C ASN J 195 48.82 -40.66 -52.33
N VAL J 196 48.20 -40.70 -53.50
CA VAL J 196 47.47 -39.56 -54.03
C VAL J 196 46.09 -40.01 -54.47
N PRO J 197 45.06 -39.18 -54.28
CA PRO J 197 43.71 -39.58 -54.70
C PRO J 197 43.58 -39.63 -56.20
N ILE J 198 42.66 -40.46 -56.67
CA ILE J 198 42.31 -40.54 -58.08
C ILE J 198 41.04 -39.73 -58.29
N GLN J 199 41.14 -38.68 -59.10
CA GLN J 199 40.02 -37.76 -59.27
C GLN J 199 38.88 -38.43 -60.03
N GLY J 200 37.73 -37.78 -60.00
CA GLY J 200 36.53 -38.36 -60.57
C GLY J 200 35.90 -39.37 -59.63
N GLY J 201 34.93 -40.10 -60.18
CA GLY J 201 34.24 -41.12 -59.43
C GLY J 201 34.82 -42.50 -59.61
N LEU J 202 36.08 -42.56 -60.06
CA LEU J 202 36.70 -43.84 -60.37
C LEU J 202 36.88 -44.67 -59.11
N GLN J 203 36.53 -45.96 -59.21
CA GLN J 203 36.70 -46.93 -58.14
C GLN J 203 37.33 -48.19 -58.68
N PRO J 204 38.18 -48.86 -57.89
CA PRO J 204 38.74 -50.13 -58.35
C PRO J 204 37.66 -51.18 -58.51
N LYS J 205 37.85 -52.06 -59.50
CA LYS J 205 36.85 -53.10 -59.76
C LYS J 205 36.93 -54.22 -58.73
N TYR J 206 38.11 -54.49 -58.20
CA TYR J 206 38.29 -55.56 -57.22
C TYR J 206 39.01 -55.03 -56.00
N PRO J 207 38.73 -55.58 -54.81
CA PRO J 207 39.42 -55.13 -53.61
C PRO J 207 40.70 -55.91 -53.35
N VAL J 208 41.75 -55.17 -52.97
CA VAL J 208 43.05 -55.74 -52.66
C VAL J 208 43.37 -55.46 -51.21
N THR J 209 43.76 -56.49 -50.47
CA THR J 209 44.08 -56.36 -49.06
C THR J 209 45.59 -56.34 -48.86
N ASP J 210 46.01 -56.20 -47.60
CA ASP J 210 47.43 -56.20 -47.30
C ASP J 210 48.07 -57.54 -47.58
N ASP J 211 47.34 -58.64 -47.32
CA ASP J 211 47.89 -59.96 -47.57
C ASP J 211 48.07 -60.23 -49.06
N LEU J 212 47.13 -59.75 -49.88
CA LEU J 212 47.24 -59.93 -51.32
C LEU J 212 48.41 -59.13 -51.89
N GLN J 213 48.56 -57.88 -51.45
CA GLN J 213 49.63 -57.03 -51.96
C GLN J 213 51.00 -57.49 -51.50
N ALA J 214 51.09 -58.22 -50.39
CA ALA J 214 52.38 -58.64 -49.86
C ALA J 214 53.12 -59.56 -50.84
N GLN J 215 52.39 -60.28 -51.68
CA GLN J 215 53.02 -61.17 -52.65
C GLN J 215 53.59 -60.41 -53.84
N TYR J 216 52.97 -59.31 -54.23
CA TYR J 216 53.31 -58.59 -55.45
C TYR J 216 53.97 -57.24 -55.17
N ASN J 217 54.83 -57.19 -54.14
CA ASN J 217 55.57 -55.98 -53.82
C ASN J 217 57.08 -56.19 -53.87
N GLN J 218 57.53 -57.31 -54.44
CA GLN J 218 58.95 -57.55 -54.64
C GLN J 218 59.14 -58.26 -55.97
N GLY J 219 60.35 -58.16 -56.51
CA GLY J 219 60.58 -58.66 -57.85
C GLY J 219 59.82 -57.83 -58.87
N LYS J 220 59.13 -58.51 -59.78
CA LYS J 220 58.28 -57.82 -60.74
C LYS J 220 57.00 -57.36 -60.06
N ALA J 221 57.06 -56.22 -59.37
CA ALA J 221 55.99 -55.76 -58.52
C ALA J 221 54.83 -55.19 -59.33
N LEU J 222 53.64 -55.29 -58.76
CA LEU J 222 52.44 -54.65 -59.30
C LEU J 222 52.00 -53.54 -58.35
N ASN J 223 51.72 -52.37 -58.91
CA ASN J 223 51.25 -51.24 -58.12
C ASN J 223 49.74 -51.29 -58.03
N MET J 224 49.19 -51.10 -56.84
CA MET J 224 47.80 -51.34 -56.56
C MET J 224 47.05 -50.04 -56.38
N ILE J 225 45.76 -50.06 -56.69
CA ILE J 225 44.86 -48.93 -56.48
C ILE J 225 43.82 -49.40 -55.46
N ARG J 226 44.00 -49.00 -54.21
CA ARG J 226 43.17 -49.48 -53.12
C ARG J 226 42.34 -48.35 -52.54
N THR J 227 41.28 -48.73 -51.82
CA THR J 227 40.40 -47.78 -51.15
C THR J 227 40.54 -47.95 -49.65
N PHE J 228 40.69 -46.84 -48.94
CA PHE J 228 40.89 -46.84 -47.50
C PHE J 228 39.72 -46.14 -46.81
N PRO J 229 39.46 -46.48 -45.53
CA PRO J 229 38.19 -46.04 -44.92
C PRO J 229 37.95 -44.54 -44.94
N LYS J 230 38.99 -43.73 -44.76
CA LYS J 230 38.81 -42.28 -44.68
C LYS J 230 39.38 -41.51 -45.87
N SER J 231 40.44 -42.00 -46.49
CA SER J 231 41.14 -41.24 -47.52
C SER J 231 40.62 -41.51 -48.92
N GLY J 232 39.61 -42.37 -49.08
CA GLY J 232 39.07 -42.64 -50.40
C GLY J 232 39.92 -43.59 -51.21
N THR J 233 40.00 -43.37 -52.52
CA THR J 233 40.75 -44.22 -53.42
C THR J 233 42.12 -43.61 -53.69
N LEU J 234 43.17 -44.38 -53.43
CA LEU J 234 44.54 -43.90 -53.55
C LEU J 234 45.36 -44.87 -54.38
N VAL J 235 46.44 -44.35 -54.95
CA VAL J 235 47.44 -45.17 -55.63
C VAL J 235 48.43 -45.67 -54.57
N TRP J 236 48.54 -46.99 -54.44
CA TRP J 236 49.33 -47.62 -53.39
C TRP J 236 50.43 -48.46 -54.04
N GLY J 237 51.58 -47.85 -54.26
CA GLY J 237 52.70 -48.55 -54.86
C GLY J 237 53.49 -47.69 -55.82
N ALA J 238 54.82 -47.72 -55.71
CA ALA J 238 55.67 -46.89 -56.55
C ALA J 238 56.92 -47.65 -57.02
N ARG J 239 56.80 -48.96 -57.23
CA ARG J 239 57.93 -49.79 -57.61
C ARG J 239 57.89 -50.10 -59.09
N THR J 240 59.06 -50.18 -59.72
CA THR J 240 59.17 -50.55 -61.12
C THR J 240 59.20 -52.07 -61.25
N LEU J 241 59.53 -52.57 -62.43
CA LEU J 241 59.53 -53.99 -62.70
C LEU J 241 60.87 -54.66 -62.41
N GLU J 242 61.86 -53.91 -61.95
CA GLU J 242 63.17 -54.45 -61.59
C GLU J 242 63.43 -54.19 -60.12
N ASP J 243 63.75 -55.25 -59.38
CA ASP J 243 64.01 -55.15 -57.94
C ASP J 243 65.52 -55.09 -57.73
N ASN J 244 66.05 -53.87 -57.74
CA ASN J 244 67.48 -53.64 -57.59
C ASN J 244 67.67 -52.39 -56.75
N ASP J 245 68.85 -52.28 -56.12
CA ASP J 245 69.15 -51.10 -55.33
C ASP J 245 69.04 -49.82 -56.15
N ASN J 246 69.27 -49.91 -57.46
CA ASN J 246 68.96 -48.84 -58.38
C ASN J 246 67.66 -49.17 -59.11
N TRP J 247 66.91 -48.12 -59.44
CA TRP J 247 65.68 -48.22 -60.22
C TRP J 247 64.61 -49.09 -59.56
N ARG J 248 64.71 -49.31 -58.26
CA ARG J 248 63.64 -50.00 -57.55
C ARG J 248 62.37 -49.15 -57.53
N TYR J 249 62.51 -47.84 -57.35
CA TYR J 249 61.39 -46.93 -57.21
C TYR J 249 61.22 -46.10 -58.48
N ILE J 250 59.97 -45.88 -58.85
CA ILE J 250 59.60 -45.03 -59.98
C ILE J 250 60.21 -43.64 -59.85
N PRO J 251 60.17 -42.99 -58.67
CA PRO J 251 60.75 -41.63 -58.59
C PRO J 251 62.21 -41.56 -59.00
N VAL J 252 63.02 -42.56 -58.63
CA VAL J 252 64.45 -42.51 -58.95
C VAL J 252 64.66 -42.68 -60.45
N ARG J 253 63.96 -43.63 -61.06
CA ARG J 253 64.11 -43.84 -62.49
C ARG J 253 63.60 -42.65 -63.29
N ARG J 254 62.47 -42.07 -62.88
CA ARG J 254 61.90 -40.95 -63.63
C ARG J 254 62.67 -39.66 -63.39
N LEU J 255 63.27 -39.50 -62.20
CA LEU J 255 64.09 -38.31 -61.97
C LEU J 255 65.32 -38.30 -62.87
N PHE J 256 65.96 -39.46 -63.03
CA PHE J 256 67.13 -39.54 -63.90
C PHE J 256 66.75 -39.31 -65.36
N ASN J 257 65.56 -39.78 -65.75
CA ASN J 257 65.08 -39.53 -67.10
C ASN J 257 64.87 -38.04 -67.36
N SER J 258 64.30 -37.34 -66.38
CA SER J 258 64.07 -35.91 -66.54
C SER J 258 65.39 -35.14 -66.53
N ALA J 259 66.31 -35.51 -65.64
CA ALA J 259 67.59 -34.82 -65.57
C ALA J 259 68.40 -35.02 -66.84
N GLU J 260 68.39 -36.22 -67.40
CA GLU J 260 69.11 -36.48 -68.63
C GLU J 260 68.55 -35.65 -69.78
N ARG J 261 67.22 -35.53 -69.85
CA ARG J 261 66.61 -34.74 -70.91
C ARG J 261 66.92 -33.25 -70.74
N ASP J 262 66.80 -32.73 -69.52
CA ASP J 262 67.05 -31.32 -69.29
C ASP J 262 68.52 -30.97 -69.51
N ILE J 263 69.43 -31.82 -69.05
CA ILE J 263 70.84 -31.58 -69.28
C ILE J 263 71.17 -31.63 -70.76
N LYS J 264 70.60 -32.61 -71.48
CA LYS J 264 70.85 -32.73 -72.91
C LYS J 264 70.41 -31.48 -73.65
N ASN J 265 69.28 -30.90 -73.26
CA ASN J 265 68.86 -29.63 -73.85
C ASN J 265 69.73 -28.47 -73.39
N ALA J 266 70.32 -28.57 -72.21
CA ALA J 266 71.09 -27.46 -71.66
C ALA J 266 72.40 -27.26 -72.43
N MET J 267 73.10 -28.35 -72.73
CA MET J 267 74.39 -28.27 -73.40
C MET J 267 74.32 -28.67 -74.87
N SER J 268 73.13 -28.70 -75.46
CA SER J 268 73.00 -29.01 -76.88
C SER J 268 73.58 -27.91 -77.76
N PHE J 269 73.84 -26.72 -77.21
CA PHE J 269 74.46 -25.64 -77.97
C PHE J 269 75.88 -25.97 -78.39
N ALA J 270 76.53 -26.91 -77.70
CA ALA J 270 77.95 -27.17 -77.92
C ALA J 270 78.22 -28.08 -79.11
N VAL J 271 77.19 -28.61 -79.75
CA VAL J 271 77.41 -29.46 -80.92
C VAL J 271 77.87 -28.61 -82.09
N PHE J 272 78.78 -29.15 -82.90
CA PHE J 272 79.38 -28.45 -84.04
C PHE J 272 80.13 -27.20 -83.60
N GLU J 273 80.69 -27.24 -82.40
CA GLU J 273 81.61 -26.24 -81.89
C GLU J 273 83.02 -26.83 -81.84
N PRO J 274 84.05 -26.00 -81.79
CA PRO J 274 85.42 -26.53 -81.68
C PRO J 274 85.57 -27.42 -80.45
N ASN J 275 86.27 -28.53 -80.63
CA ASN J 275 86.42 -29.52 -79.56
C ASN J 275 87.72 -29.23 -78.80
N SER J 276 87.70 -28.10 -78.09
CA SER J 276 88.85 -27.62 -77.34
C SER J 276 88.42 -27.34 -75.90
N GLN J 277 89.42 -27.01 -75.07
CA GLN J 277 89.14 -26.75 -73.66
C GLN J 277 88.17 -25.59 -73.42
N PRO J 278 88.24 -24.46 -74.13
CA PRO J 278 87.25 -23.40 -73.87
C PRO J 278 85.82 -23.85 -74.05
N THR J 279 85.55 -24.73 -75.01
CA THR J 279 84.19 -25.27 -75.14
C THR J 279 83.84 -26.16 -73.97
N TRP J 280 84.80 -26.95 -73.48
CA TRP J 280 84.52 -27.86 -72.37
C TRP J 280 84.15 -27.09 -71.10
N GLU J 281 84.82 -25.96 -70.85
CA GLU J 281 84.48 -25.15 -69.69
C GLU J 281 83.09 -24.56 -69.81
N ARG J 282 82.69 -24.14 -71.01
CA ARG J 282 81.35 -23.62 -71.20
C ARG J 282 80.30 -24.68 -70.93
N VAL J 283 80.56 -25.92 -71.36
CA VAL J 283 79.62 -27.00 -71.12
C VAL J 283 79.54 -27.33 -69.64
N ARG J 284 80.68 -27.32 -68.95
CA ARG J 284 80.69 -27.61 -67.52
C ARG J 284 79.88 -26.57 -66.74
N SER J 285 79.95 -25.31 -67.15
CA SER J 285 79.18 -24.27 -66.50
C SER J 285 77.68 -24.50 -66.68
N ALA J 286 77.28 -24.94 -67.87
CA ALA J 286 75.86 -25.18 -68.14
C ALA J 286 75.34 -26.34 -67.30
N VAL J 287 76.11 -27.41 -67.18
CA VAL J 287 75.66 -28.57 -66.41
C VAL J 287 75.64 -28.25 -64.93
N ASN J 288 76.68 -27.57 -64.43
CA ASN J 288 76.74 -27.24 -63.01
C ASN J 288 75.63 -26.28 -62.61
N ASN J 289 75.29 -25.34 -63.49
CA ASN J 289 74.22 -24.39 -63.20
C ASN J 289 72.88 -25.10 -63.08
N TYR J 290 72.64 -26.10 -63.93
CA TYR J 290 71.37 -26.83 -63.87
C TYR J 290 71.31 -27.71 -62.62
N LEU J 291 72.40 -28.40 -62.29
CA LEU J 291 72.38 -29.32 -61.15
C LEU J 291 72.18 -28.57 -59.85
N TYR J 292 72.79 -27.39 -59.71
CA TYR J 292 72.58 -26.58 -58.52
C TYR J 292 71.13 -26.16 -58.40
N SER J 293 70.51 -25.77 -59.53
CA SER J 293 69.10 -25.41 -59.51
C SER J 293 68.22 -26.58 -59.11
N LEU J 294 68.53 -27.77 -59.62
CA LEU J 294 67.77 -28.96 -59.24
C LEU J 294 67.92 -29.27 -57.76
N TRP J 295 69.13 -29.13 -57.23
CA TRP J 295 69.34 -29.38 -55.80
C TRP J 295 68.59 -28.37 -54.95
N GLN J 296 68.54 -27.11 -55.39
CA GLN J 296 67.84 -26.08 -54.64
C GLN J 296 66.35 -26.38 -54.54
N GLN J 297 65.77 -26.93 -55.60
CA GLN J 297 64.35 -27.26 -55.58
C GLN J 297 64.03 -28.44 -54.68
N GLY J 298 65.04 -29.17 -54.22
CA GLY J 298 64.83 -30.33 -53.39
C GLY J 298 64.86 -31.67 -54.12
N GLY J 299 65.29 -31.69 -55.37
CA GLY J 299 65.30 -32.93 -56.14
C GLY J 299 66.47 -33.85 -55.91
N LEU J 300 67.48 -33.40 -55.16
CA LEU J 300 68.66 -34.21 -54.88
C LEU J 300 68.88 -34.32 -53.38
N ALA J 301 69.58 -35.38 -52.98
CA ALA J 301 69.85 -35.67 -51.59
C ALA J 301 71.22 -35.14 -51.19
N GLY J 302 71.26 -34.38 -50.10
CA GLY J 302 72.51 -33.83 -49.61
C GLY J 302 72.34 -32.49 -48.93
N ASN J 303 73.11 -32.23 -47.87
CA ASN J 303 72.99 -30.97 -47.17
C ASN J 303 73.67 -29.83 -47.92
N LYS J 304 74.70 -30.13 -48.70
CA LYS J 304 75.40 -29.15 -49.52
C LYS J 304 75.58 -29.71 -50.91
N PRO J 305 75.72 -28.85 -51.93
CA PRO J 305 75.81 -29.34 -53.31
C PRO J 305 76.95 -30.31 -53.55
N ASP J 306 78.06 -30.19 -52.81
CA ASP J 306 79.16 -31.12 -52.98
C ASP J 306 78.77 -32.55 -52.61
N ASP J 307 77.74 -32.71 -51.78
CA ASP J 307 77.25 -34.03 -51.42
C ASP J 307 76.14 -34.52 -52.34
N ALA J 308 75.63 -33.67 -53.24
CA ALA J 308 74.50 -34.01 -54.07
C ALA J 308 74.86 -34.35 -55.50
N TYR J 309 75.95 -33.78 -56.03
CA TYR J 309 76.33 -34.04 -57.41
C TYR J 309 77.79 -33.71 -57.61
N PHE J 310 78.34 -34.20 -58.72
CA PHE J 310 79.69 -33.84 -59.15
C PHE J 310 79.74 -33.91 -60.67
N VAL J 311 80.55 -33.04 -61.26
CA VAL J 311 80.73 -32.97 -62.70
C VAL J 311 82.22 -33.05 -63.01
N GLN J 312 82.59 -33.91 -63.95
CA GLN J 312 83.97 -34.05 -64.39
C GLN J 312 84.04 -33.99 -65.91
N ILE J 313 84.97 -33.20 -66.43
CA ILE J 313 85.25 -33.16 -67.85
C ILE J 313 86.65 -32.58 -68.05
N GLY J 314 87.45 -33.23 -68.88
CA GLY J 314 88.79 -32.74 -69.17
C GLY J 314 89.64 -33.81 -69.81
N LYS J 315 90.81 -33.38 -70.26
CA LYS J 315 91.74 -34.30 -70.89
C LYS J 315 92.41 -35.18 -69.84
N ASP J 316 92.53 -36.47 -70.15
CA ASP J 316 93.07 -37.49 -69.25
C ASP J 316 92.23 -37.66 -67.99
N ILE J 317 91.05 -37.08 -67.94
CA ILE J 317 90.09 -37.29 -66.86
C ILE J 317 88.85 -38.02 -67.35
N THR J 318 88.28 -37.58 -68.47
CA THR J 318 87.12 -38.21 -69.06
C THR J 318 87.33 -38.68 -70.49
N MET J 319 88.39 -38.22 -71.17
CA MET J 319 88.61 -38.57 -72.56
C MET J 319 90.09 -38.50 -72.87
N THR J 320 90.49 -39.21 -73.93
CA THR J 320 91.87 -39.36 -74.34
C THR J 320 92.09 -38.72 -75.71
N ASP J 321 93.29 -38.92 -76.26
CA ASP J 321 93.61 -38.36 -77.57
C ASP J 321 92.72 -38.95 -78.66
N ASP J 322 92.45 -40.26 -78.58
CA ASP J 322 91.63 -40.90 -79.59
C ASP J 322 90.22 -40.33 -79.60
N ASP J 323 89.65 -40.08 -78.41
CA ASP J 323 88.30 -39.53 -78.34
C ASP J 323 88.24 -38.14 -78.95
N ILE J 324 89.24 -37.30 -78.67
CA ILE J 324 89.24 -35.94 -79.20
C ILE J 324 89.39 -35.95 -80.72
N LYS J 325 90.30 -36.78 -81.23
CA LYS J 325 90.51 -36.85 -82.67
C LYS J 325 89.29 -37.40 -83.41
N GLN J 326 88.43 -38.15 -82.73
CA GLN J 326 87.21 -38.68 -83.33
C GLN J 326 86.03 -37.72 -83.20
N GLY J 327 86.22 -36.56 -82.57
CA GLY J 327 85.15 -35.62 -82.38
C GLY J 327 84.29 -35.87 -81.16
N LYS J 328 84.69 -36.76 -80.27
CA LYS J 328 83.91 -37.10 -79.09
C LYS J 328 84.27 -36.19 -77.91
N MET J 329 83.25 -35.77 -77.18
CA MET J 329 83.42 -35.03 -75.93
C MET J 329 82.65 -35.77 -74.86
N ILE J 330 83.34 -36.17 -73.78
CA ILE J 330 82.79 -37.08 -72.79
C ILE J 330 82.69 -36.37 -71.45
N ILE J 331 81.53 -36.45 -70.82
CA ILE J 331 81.25 -35.81 -69.54
C ILE J 331 80.76 -36.87 -68.57
N LYS J 332 81.17 -36.76 -67.31
CA LYS J 332 80.67 -37.64 -66.27
C LYS J 332 79.87 -36.84 -65.24
N ILE J 333 78.65 -37.28 -64.97
CA ILE J 333 77.76 -36.64 -64.00
C ILE J 333 77.33 -37.71 -63.00
N GLY J 334 77.46 -37.40 -61.72
CA GLY J 334 76.99 -38.30 -60.69
C GLY J 334 76.14 -37.59 -59.67
N MET J 335 74.88 -38.03 -59.51
CA MET J 335 73.94 -37.36 -58.64
C MET J 335 73.26 -38.38 -57.73
N ALA J 336 72.94 -37.93 -56.52
CA ALA J 336 72.30 -38.78 -55.53
C ALA J 336 70.82 -38.44 -55.42
N ALA J 337 69.97 -39.46 -55.51
CA ALA J 337 68.53 -39.28 -55.43
C ALA J 337 68.04 -39.63 -54.03
N VAL J 338 66.91 -39.04 -53.66
CA VAL J 338 66.31 -39.26 -52.35
C VAL J 338 65.26 -40.36 -52.49
N ARG J 339 65.30 -41.34 -51.58
CA ARG J 339 64.40 -42.48 -51.63
C ARG J 339 63.36 -42.37 -50.54
N PRO J 340 62.08 -42.63 -50.85
CA PRO J 340 61.01 -42.38 -49.89
C PRO J 340 60.94 -43.43 -48.79
N ALA J 341 60.23 -43.08 -47.72
CA ALA J 341 59.89 -44.04 -46.69
C ALA J 341 58.68 -44.85 -47.11
N GLU J 342 58.80 -46.17 -47.04
CA GLU J 342 57.78 -47.07 -47.57
C GLU J 342 57.04 -47.86 -46.50
N PHE J 343 57.72 -48.25 -45.42
CA PHE J 343 57.13 -49.05 -44.36
C PHE J 343 57.13 -48.24 -43.07
N ILE J 344 55.98 -48.21 -42.39
CA ILE J 344 55.83 -47.47 -41.15
C ILE J 344 55.42 -48.47 -40.07
N ILE J 345 56.17 -48.50 -38.97
CA ILE J 345 56.00 -49.49 -37.92
C ILE J 345 55.64 -48.76 -36.63
N LEU J 346 54.50 -49.13 -36.04
CA LEU J 346 54.09 -48.60 -34.75
C LEU J 346 54.32 -49.66 -33.69
N GLN J 347 55.06 -49.30 -32.64
CA GLN J 347 55.33 -50.19 -31.51
C GLN J 347 54.53 -49.71 -30.31
N PHE J 348 53.68 -50.57 -29.79
CA PHE J 348 52.79 -50.21 -28.69
C PHE J 348 53.18 -50.98 -27.43
N THR J 349 53.12 -50.29 -26.30
CA THR J 349 53.42 -50.89 -25.02
C THR J 349 52.65 -50.15 -23.93
N GLN J 350 52.49 -50.80 -22.78
CA GLN J 350 51.77 -50.20 -21.67
C GLN J 350 52.71 -49.84 -20.53
N THR K 2 56.00 -56.99 -39.38
CA THR K 2 56.82 -56.40 -38.33
C THR K 2 58.25 -56.21 -38.82
N THR K 3 59.17 -57.06 -38.34
CA THR K 3 60.55 -57.00 -38.79
C THR K 3 60.68 -57.43 -40.25
N ILE K 4 59.70 -58.14 -40.78
CA ILE K 4 59.69 -58.56 -42.18
C ILE K 4 58.74 -57.62 -42.92
N THR K 5 59.29 -56.75 -43.76
CA THR K 5 58.51 -55.74 -44.47
C THR K 5 58.26 -56.21 -45.90
N THR K 6 57.00 -56.42 -46.24
CA THR K 6 56.62 -56.86 -47.58
C THR K 6 55.77 -55.84 -48.33
N TYR K 7 54.67 -55.39 -47.72
CA TYR K 7 53.74 -54.50 -48.39
C TYR K 7 53.90 -53.07 -47.89
N PRO K 8 53.65 -52.06 -48.72
CA PRO K 8 53.68 -50.68 -48.24
C PRO K 8 52.48 -50.40 -47.36
N GLY K 9 52.72 -49.74 -46.24
CA GLY K 9 51.65 -49.44 -45.32
C GLY K 9 52.16 -49.37 -43.90
N VAL K 10 51.28 -49.71 -42.97
CA VAL K 10 51.54 -49.58 -41.53
C VAL K 10 51.62 -50.98 -40.93
N TYR K 11 52.62 -51.19 -40.10
CA TYR K 11 52.82 -52.46 -39.39
C TYR K 11 52.63 -52.23 -37.90
N ILE K 12 51.94 -53.17 -37.26
CA ILE K 12 51.65 -53.10 -35.83
C ILE K 12 52.39 -54.24 -35.13
N GLU K 13 53.15 -53.89 -34.10
CA GLU K 13 53.74 -54.90 -33.22
C GLU K 13 53.66 -54.40 -31.79
N GLU K 14 53.59 -55.35 -30.86
CA GLU K 14 53.41 -55.07 -29.44
C GLU K 14 54.61 -55.64 -28.69
N ASP K 15 55.61 -54.78 -28.46
CA ASP K 15 56.85 -55.16 -27.82
C ASP K 15 56.90 -54.62 -26.39
N ALA K 16 58.01 -54.92 -25.70
CA ALA K 16 58.25 -54.39 -24.37
C ALA K 16 59.69 -53.93 -24.20
N SER K 17 60.42 -53.72 -25.29
CA SER K 17 61.82 -53.31 -25.21
C SER K 17 61.93 -51.92 -24.61
N LEU K 18 63.00 -51.71 -23.84
CA LEU K 18 63.23 -50.43 -23.19
C LEU K 18 63.70 -49.38 -24.20
N SER K 19 63.63 -48.12 -23.78
CA SER K 19 64.13 -47.02 -24.60
C SER K 19 64.66 -45.94 -23.68
N LEU K 20 65.90 -45.52 -23.91
CA LEU K 20 66.53 -44.50 -23.08
C LEU K 20 67.06 -43.37 -23.94
N SER K 21 67.81 -42.45 -23.33
CA SER K 21 68.38 -41.30 -24.02
C SER K 21 69.89 -41.30 -23.84
N VAL K 22 70.58 -40.63 -24.76
CA VAL K 22 72.03 -40.63 -24.80
C VAL K 22 72.53 -39.19 -24.89
N SER K 23 73.59 -38.89 -24.14
CA SER K 23 74.25 -37.60 -24.13
C SER K 23 75.57 -37.70 -24.90
N SER K 24 76.32 -36.61 -24.90
CA SER K 24 77.59 -36.55 -25.63
C SER K 24 78.58 -35.71 -24.83
N SER K 25 79.51 -36.37 -24.17
CA SER K 25 80.58 -35.70 -23.43
C SER K 25 81.92 -36.27 -23.90
N ALA K 26 82.79 -35.40 -24.39
CA ALA K 26 84.08 -35.85 -24.92
C ALA K 26 85.10 -36.11 -23.81
N THR K 27 84.97 -35.43 -22.68
CA THR K 27 85.93 -35.58 -21.59
C THR K 27 85.64 -36.78 -20.70
N ALA K 28 84.56 -37.51 -20.97
CA ALA K 28 84.19 -38.70 -20.19
C ALA K 28 83.86 -39.82 -21.17
N VAL K 29 84.87 -40.58 -21.56
CA VAL K 29 84.71 -41.76 -22.40
C VAL K 29 85.24 -42.96 -21.63
N PRO K 30 84.36 -43.69 -20.95
CA PRO K 30 84.82 -44.76 -20.06
C PRO K 30 85.04 -46.09 -20.80
N VAL K 31 85.78 -46.97 -20.13
CA VAL K 31 85.94 -48.35 -20.55
C VAL K 31 85.52 -49.24 -19.39
N PHE K 32 84.59 -50.16 -19.66
CA PHE K 32 84.02 -51.02 -18.64
C PHE K 32 84.74 -52.36 -18.64
N ALA K 33 85.25 -52.77 -17.49
CA ALA K 33 85.83 -54.10 -17.35
C ALA K 33 84.72 -55.14 -17.35
N VAL K 34 84.86 -56.15 -18.20
CA VAL K 34 83.85 -57.18 -18.39
C VAL K 34 84.46 -58.54 -18.08
N ALA K 35 83.69 -59.41 -17.44
CA ALA K 35 84.14 -60.76 -17.17
C ALA K 35 84.29 -61.53 -18.47
N GLY K 36 85.33 -62.37 -18.53
CA GLY K 36 85.62 -63.12 -19.74
C GLY K 36 84.55 -64.13 -20.11
N ASP K 37 83.74 -64.56 -19.13
CA ASP K 37 82.71 -65.54 -19.40
C ASP K 37 81.52 -64.97 -20.19
N ASN K 38 81.46 -63.66 -20.37
CA ASN K 38 80.36 -63.06 -21.10
C ASN K 38 80.42 -63.46 -22.56
N PRO K 39 79.35 -64.05 -23.12
CA PRO K 39 79.39 -64.47 -24.53
C PRO K 39 79.57 -63.31 -25.51
N LEU K 40 79.04 -62.13 -25.19
CA LEU K 40 79.09 -61.02 -26.14
C LEU K 40 80.53 -60.55 -26.38
N ILE K 41 81.34 -60.49 -25.33
CA ILE K 41 82.71 -59.97 -25.45
C ILE K 41 83.72 -61.03 -25.86
N SER K 42 83.35 -62.31 -25.81
CA SER K 42 84.29 -63.36 -26.14
C SER K 42 84.67 -63.31 -27.61
N GLY K 43 85.96 -63.49 -27.89
CA GLY K 43 86.47 -63.53 -29.24
C GLY K 43 86.76 -62.18 -29.87
N LYS K 44 86.62 -61.09 -29.13
CA LYS K 44 86.88 -59.76 -29.68
C LYS K 44 87.78 -58.97 -28.75
N PRO K 45 88.59 -58.07 -29.28
CA PRO K 45 89.43 -57.22 -28.43
C PRO K 45 88.61 -56.25 -27.59
N TYR K 46 87.68 -55.55 -28.23
CA TYR K 46 86.82 -54.60 -27.54
C TYR K 46 85.54 -54.40 -28.34
N ILE K 47 84.53 -53.89 -27.66
CA ILE K 47 83.23 -53.60 -28.27
C ILE K 47 82.84 -52.18 -27.88
N ARG K 48 82.44 -51.38 -28.87
CA ARG K 48 81.99 -50.01 -28.63
C ARG K 48 80.47 -49.98 -28.64
N ILE K 49 79.90 -49.45 -27.56
CA ILE K 49 78.45 -49.34 -27.39
C ILE K 49 78.09 -47.86 -27.47
N SER K 50 77.20 -47.52 -28.40
CA SER K 50 76.82 -46.12 -28.60
C SER K 50 75.63 -45.70 -27.76
N ASN K 51 74.69 -46.61 -27.50
CA ASN K 51 73.50 -46.29 -26.73
C ASN K 51 72.88 -47.60 -26.24
N TRP K 52 71.79 -47.48 -25.50
CA TRP K 52 71.06 -48.66 -25.05
C TRP K 52 70.43 -49.41 -26.21
N LEU K 53 70.01 -48.67 -27.25
CA LEU K 53 69.43 -49.33 -28.43
C LEU K 53 70.45 -50.23 -29.12
N GLU K 54 71.69 -49.74 -29.28
CA GLU K 54 72.72 -50.54 -29.91
C GLU K 54 73.08 -51.75 -29.06
N TYR K 55 73.17 -51.57 -27.74
CA TYR K 55 73.49 -52.70 -26.87
C TYR K 55 72.42 -53.78 -26.93
N LEU K 56 71.14 -53.38 -26.89
CA LEU K 56 70.06 -54.36 -26.97
C LEU K 56 70.05 -55.06 -28.31
N THR K 57 70.36 -54.34 -29.38
CA THR K 57 70.45 -54.94 -30.71
C THR K 57 71.57 -55.97 -30.76
N LEU K 58 72.75 -55.62 -30.23
CA LEU K 58 73.87 -56.56 -30.25
C LEU K 58 73.64 -57.74 -29.32
N LYS K 59 72.98 -57.50 -28.19
CA LYS K 59 72.70 -58.60 -27.26
C LYS K 59 71.74 -59.60 -27.87
N ASN K 60 70.75 -59.12 -28.64
CA ASN K 60 69.71 -59.97 -29.22
C ASN K 60 68.98 -60.76 -28.13
N GLU K 61 68.75 -60.12 -27.00
CA GLU K 61 68.08 -60.74 -25.87
C GLU K 61 67.31 -59.69 -25.11
N GLN K 62 66.32 -60.14 -24.33
CA GLN K 62 65.58 -59.24 -23.46
C GLN K 62 66.45 -58.80 -22.29
N PHE K 63 66.07 -57.68 -21.68
CA PHE K 63 66.84 -57.15 -20.57
C PHE K 63 66.78 -58.11 -19.38
N ASP K 64 67.95 -58.55 -18.93
CA ASP K 64 68.04 -59.47 -17.80
C ASP K 64 68.59 -58.75 -16.58
N PRO K 65 67.82 -58.60 -15.50
CA PRO K 65 68.37 -57.97 -14.29
C PRO K 65 69.33 -58.86 -13.52
N ALA K 66 69.48 -60.12 -13.90
CA ALA K 66 70.42 -61.03 -13.25
C ALA K 66 71.81 -60.98 -13.86
N ASN K 67 72.02 -60.15 -14.88
CA ASN K 67 73.32 -60.00 -15.52
C ASN K 67 73.96 -58.71 -15.01
N THR K 68 75.14 -58.83 -14.42
CA THR K 68 75.80 -57.66 -13.83
C THR K 68 76.14 -56.62 -14.88
N LEU K 69 76.49 -57.07 -16.09
CA LEU K 69 76.85 -56.13 -17.15
C LEU K 69 75.63 -55.39 -17.66
N ASP K 70 74.47 -56.05 -17.69
CA ASP K 70 73.25 -55.41 -18.17
C ASP K 70 72.82 -54.28 -17.25
N ILE K 71 72.80 -54.52 -15.94
CA ILE K 71 72.34 -53.50 -15.01
C ILE K 71 73.33 -52.35 -14.96
N SER K 72 74.63 -52.65 -15.06
CA SER K 72 75.63 -51.59 -15.05
C SER K 72 75.45 -50.65 -16.22
N LEU K 73 75.18 -51.19 -17.42
CA LEU K 73 74.96 -50.33 -18.58
C LEU K 73 73.65 -49.58 -18.47
N ARG K 74 72.61 -50.22 -17.91
CA ARG K 74 71.35 -49.51 -17.73
C ARG K 74 71.51 -48.38 -16.73
N ALA K 75 72.20 -48.64 -15.62
CA ALA K 75 72.47 -47.58 -14.65
C ALA K 75 73.34 -46.48 -15.26
N TYR K 76 74.34 -46.88 -16.05
CA TYR K 76 75.22 -45.89 -16.68
C TYR K 76 74.47 -45.02 -17.68
N PHE K 77 73.65 -45.64 -18.53
CA PHE K 77 72.96 -44.87 -19.56
C PHE K 77 71.81 -44.06 -18.99
N ILE K 78 71.12 -44.57 -17.97
CA ILE K 78 70.02 -43.81 -17.38
C ILE K 78 70.54 -42.58 -16.64
N ASN K 79 71.83 -42.55 -16.30
CA ASN K 79 72.43 -41.41 -15.61
C ASN K 79 73.02 -40.39 -16.56
N GLY K 80 72.93 -40.61 -17.87
CA GLY K 80 73.38 -39.64 -18.85
C GLY K 80 74.69 -39.94 -19.53
N GLY K 81 75.22 -41.15 -19.39
CA GLY K 81 76.49 -41.47 -20.00
C GLY K 81 76.41 -41.57 -21.51
N GLY K 82 77.56 -41.34 -22.15
CA GLY K 82 77.68 -41.43 -23.59
C GLY K 82 78.20 -42.78 -24.04
N TYR K 83 78.77 -42.80 -25.25
CA TYR K 83 79.31 -44.04 -25.79
C TYR K 83 80.52 -44.50 -24.98
N CYS K 84 80.61 -45.81 -24.77
CA CYS K 84 81.65 -46.40 -23.93
C CYS K 84 82.27 -47.59 -24.64
N TYR K 85 83.27 -48.18 -24.00
CA TYR K 85 83.97 -49.34 -24.52
C TYR K 85 83.90 -50.49 -23.51
N LEU K 86 83.75 -51.71 -24.02
CA LEU K 86 83.75 -52.91 -23.19
C LEU K 86 85.03 -53.68 -23.47
N VAL K 87 85.81 -53.93 -22.43
CA VAL K 87 87.08 -54.64 -22.53
C VAL K 87 87.14 -55.67 -21.40
N GLN K 88 87.58 -56.88 -21.72
CA GLN K 88 87.72 -57.91 -20.70
C GLN K 88 88.79 -57.50 -19.69
N THR K 89 88.62 -57.96 -18.45
CA THR K 89 89.50 -57.53 -17.37
C THR K 89 90.95 -57.95 -17.63
N THR K 90 91.16 -59.16 -18.14
CA THR K 90 92.51 -59.64 -18.38
C THR K 90 93.21 -58.89 -19.51
N ASP K 91 92.45 -58.21 -20.37
CA ASP K 91 93.00 -57.53 -21.53
C ASP K 91 93.12 -56.03 -21.35
N LEU K 92 93.00 -55.53 -20.12
CA LEU K 92 92.98 -54.08 -19.91
C LEU K 92 94.33 -53.46 -20.25
N GLU K 93 95.42 -54.06 -19.75
CA GLU K 93 96.74 -53.47 -19.97
C GLU K 93 97.19 -53.56 -21.42
N LYS K 94 96.50 -54.33 -22.25
CA LYS K 94 96.87 -54.49 -23.64
C LYS K 94 96.00 -53.71 -24.60
N GLN K 95 94.71 -53.53 -24.30
CA GLN K 95 93.78 -52.90 -25.22
C GLN K 95 93.53 -51.43 -24.90
N VAL K 96 93.67 -51.01 -23.64
CA VAL K 96 93.46 -49.61 -23.30
C VAL K 96 94.43 -48.69 -24.02
N PRO K 97 95.75 -48.96 -24.05
CA PRO K 97 96.64 -48.08 -24.82
C PRO K 97 96.31 -48.02 -26.30
N LYS K 98 95.68 -49.06 -26.85
CA LYS K 98 95.26 -49.01 -28.25
C LYS K 98 94.18 -47.97 -28.46
N LEU K 99 93.28 -47.80 -27.49
CA LEU K 99 92.22 -46.80 -27.60
C LEU K 99 92.75 -45.44 -27.22
N ASP K 100 92.43 -44.43 -28.04
CA ASP K 100 93.01 -43.10 -27.88
C ASP K 100 92.10 -42.12 -27.16
N ASP K 101 90.79 -42.29 -27.25
CA ASP K 101 89.83 -41.34 -26.68
C ASP K 101 89.34 -41.73 -25.30
N VAL K 102 89.83 -42.83 -24.74
CA VAL K 102 89.36 -43.30 -23.44
C VAL K 102 89.97 -42.42 -22.35
N THR K 103 89.13 -41.90 -21.47
CA THR K 103 89.56 -41.06 -20.36
C THR K 103 89.31 -41.67 -18.99
N LEU K 104 88.26 -42.48 -18.83
CA LEU K 104 87.91 -43.07 -17.55
C LEU K 104 88.11 -44.58 -17.61
N LEU K 105 88.62 -45.14 -16.51
CA LEU K 105 88.78 -46.57 -16.34
C LEU K 105 87.84 -47.01 -15.23
N VAL K 106 86.71 -47.62 -15.62
CA VAL K 106 85.61 -47.90 -14.71
C VAL K 106 85.61 -49.38 -14.36
N ALA K 107 85.64 -49.69 -13.06
CA ALA K 107 85.56 -51.06 -12.58
C ALA K 107 84.10 -51.41 -12.37
N ALA K 108 83.49 -52.06 -13.37
CA ALA K 108 82.08 -52.44 -13.30
C ALA K 108 81.91 -53.71 -12.48
N GLY K 109 82.36 -53.65 -11.23
CA GLY K 109 82.28 -54.77 -10.33
C GLY K 109 83.47 -55.72 -10.36
N GLU K 110 84.43 -55.51 -11.25
CA GLU K 110 85.58 -56.38 -11.36
C GLU K 110 86.71 -55.91 -10.45
N ASN K 111 87.83 -56.61 -10.51
CA ASN K 111 89.04 -56.26 -9.77
C ASN K 111 90.06 -55.75 -10.78
N ILE K 112 90.29 -54.43 -10.80
CA ILE K 112 91.19 -53.82 -11.76
C ILE K 112 92.35 -53.16 -11.02
N THR K 113 92.71 -53.73 -9.87
CA THR K 113 93.80 -53.14 -9.07
C THR K 113 95.11 -53.14 -9.84
N THR K 114 95.41 -54.25 -10.53
CA THR K 114 96.66 -54.33 -11.28
C THR K 114 96.66 -53.39 -12.47
N ALA K 115 95.53 -53.30 -13.18
CA ALA K 115 95.47 -52.44 -14.36
C ALA K 115 95.62 -50.97 -14.00
N VAL K 116 95.02 -50.55 -12.88
CA VAL K 116 95.13 -49.17 -12.45
C VAL K 116 96.57 -48.83 -12.10
N SER K 117 97.25 -49.73 -11.38
CA SER K 117 98.62 -49.47 -10.95
C SER K 117 99.57 -49.38 -12.14
N THR K 118 99.16 -49.87 -13.30
CA THR K 118 100.01 -49.83 -14.49
C THR K 118 99.61 -48.70 -15.43
N LEU K 119 98.31 -48.53 -15.69
CA LEU K 119 97.86 -47.57 -16.68
C LEU K 119 97.78 -46.16 -16.11
N CYS K 120 97.15 -45.99 -14.95
CA CYS K 120 96.90 -44.67 -14.38
C CYS K 120 98.19 -44.11 -13.80
N LYS K 121 98.96 -43.46 -14.65
CA LYS K 121 100.23 -42.84 -14.31
C LYS K 121 100.26 -41.42 -14.85
N PRO K 122 101.12 -40.57 -14.30
CA PRO K 122 101.22 -39.19 -14.83
C PRO K 122 101.54 -39.18 -16.31
N GLY K 123 100.86 -38.31 -17.04
CA GLY K 123 101.06 -38.18 -18.46
C GLY K 123 100.19 -39.07 -19.33
N LYS K 124 99.59 -40.11 -18.74
CA LYS K 124 98.76 -41.02 -19.52
C LYS K 124 97.35 -40.50 -19.75
N GLY K 125 96.93 -39.48 -19.00
CA GLY K 125 95.61 -38.91 -19.20
C GLY K 125 94.46 -39.87 -18.90
N LEU K 126 94.56 -40.63 -17.82
CA LEU K 126 93.53 -41.59 -17.45
C LEU K 126 93.11 -41.35 -16.00
N PHE K 127 91.84 -41.63 -15.72
CA PHE K 127 91.29 -41.57 -14.38
C PHE K 127 90.53 -42.86 -14.11
N ALA K 128 90.67 -43.39 -12.90
CA ALA K 128 90.08 -44.66 -12.52
C ALA K 128 88.97 -44.45 -11.51
N ILE K 129 87.92 -45.26 -11.62
CA ILE K 129 86.80 -45.24 -10.69
C ILE K 129 86.67 -46.63 -10.10
N PHE K 130 86.81 -46.74 -8.78
CA PHE K 130 86.80 -48.02 -8.09
C PHE K 130 85.42 -48.31 -7.52
N ASP K 131 85.32 -49.44 -6.84
CA ASP K 131 84.12 -49.82 -6.09
C ASP K 131 84.49 -49.99 -4.62
N GLY K 132 83.62 -49.49 -3.75
CA GLY K 132 83.84 -49.62 -2.33
C GLY K 132 83.53 -51.00 -1.83
N PRO K 133 83.79 -51.22 -0.54
CA PRO K 133 83.51 -52.53 0.06
C PRO K 133 82.03 -52.87 -0.04
N THR K 134 81.75 -54.17 -0.15
CA THR K 134 80.37 -54.66 -0.22
C THR K 134 79.76 -54.91 1.14
N THR K 135 80.56 -54.83 2.21
CA THR K 135 80.07 -55.04 3.56
C THR K 135 79.90 -53.70 4.27
N GLU K 136 79.59 -53.75 5.57
CA GLU K 136 79.49 -52.53 6.36
C GLU K 136 80.86 -51.91 6.55
N LEU K 137 80.87 -50.59 6.73
CA LEU K 137 82.12 -49.88 6.95
C LEU K 137 82.63 -50.14 8.36
N LYS K 138 83.92 -50.47 8.46
CA LYS K 138 84.51 -50.70 9.77
C LYS K 138 84.76 -49.37 10.47
N SER K 139 84.36 -49.29 11.74
CA SER K 139 84.46 -48.04 12.49
C SER K 139 85.88 -47.71 12.91
N ASP K 140 86.83 -48.65 12.76
CA ASP K 140 88.21 -48.37 13.09
C ASP K 140 88.93 -47.56 12.02
N GLY K 141 88.30 -47.35 10.87
CA GLY K 141 88.92 -46.60 9.80
C GLY K 141 89.90 -47.37 8.95
N THR K 142 89.75 -48.70 8.88
CA THR K 142 90.66 -49.54 8.12
C THR K 142 89.92 -50.28 7.00
N SER K 143 88.84 -49.71 6.51
CA SER K 143 88.08 -50.30 5.41
C SER K 143 88.62 -49.91 4.04
N ASN K 144 89.68 -49.10 4.00
CA ASN K 144 90.29 -48.66 2.74
C ASN K 144 91.75 -49.05 2.65
N SER K 145 92.16 -50.11 3.37
CA SER K 145 93.58 -50.46 3.41
C SER K 145 94.07 -51.09 2.12
N ASP K 146 93.16 -51.64 1.32
CA ASP K 146 93.56 -52.37 0.12
C ASP K 146 93.71 -51.48 -1.11
N TYR K 147 93.47 -50.18 -0.98
CA TYR K 147 93.59 -49.29 -2.13
C TYR K 147 94.94 -48.57 -2.12
N ASP K 148 95.58 -48.52 -3.28
CA ASP K 148 96.83 -47.80 -3.42
C ASP K 148 96.60 -46.29 -3.37
N PRO K 149 97.55 -45.54 -2.83
CA PRO K 149 97.41 -44.07 -2.80
C PRO K 149 97.68 -43.43 -4.15
N ASN K 150 96.80 -43.73 -5.11
CA ASN K 150 96.97 -43.26 -6.47
C ASN K 150 96.18 -41.97 -6.67
N PRO K 151 96.81 -40.86 -7.04
CA PRO K 151 96.07 -39.62 -7.30
C PRO K 151 95.19 -39.67 -8.55
N PHE K 152 95.23 -40.75 -9.32
CA PHE K 152 94.46 -40.87 -10.54
C PHE K 152 93.25 -41.79 -10.38
N ALA K 153 92.84 -42.08 -9.15
CA ALA K 153 91.75 -43.00 -8.91
C ALA K 153 90.88 -42.49 -7.77
N ALA K 154 89.64 -42.97 -7.74
CA ALA K 154 88.69 -42.60 -6.69
C ALA K 154 87.79 -43.80 -6.40
N VAL K 155 87.31 -43.87 -5.16
CA VAL K 155 86.49 -44.97 -4.68
C VAL K 155 85.13 -44.43 -4.26
N TYR K 156 84.07 -45.20 -4.53
CA TYR K 156 82.71 -44.81 -4.21
C TYR K 156 82.00 -45.93 -3.46
N TYR K 157 81.28 -45.55 -2.41
CA TYR K 157 80.57 -46.48 -1.54
C TYR K 157 79.21 -45.87 -1.20
N PRO K 158 78.18 -46.70 -1.02
CA PRO K 158 78.10 -48.16 -1.19
C PRO K 158 77.48 -48.56 -2.50
N TRP K 159 77.18 -49.85 -2.68
CA TRP K 159 76.53 -50.32 -3.88
C TRP K 159 75.05 -49.91 -3.87
N LEU K 160 74.45 -49.91 -5.05
CA LEU K 160 73.12 -49.35 -5.25
C LEU K 160 72.12 -50.43 -5.65
N THR K 161 70.86 -50.19 -5.30
CA THR K 161 69.75 -51.05 -5.69
C THR K 161 68.64 -50.19 -6.26
N ALA K 162 67.71 -50.84 -6.97
CA ALA K 162 66.60 -50.14 -7.60
C ALA K 162 65.38 -51.05 -7.58
N ASP K 163 64.33 -50.63 -8.29
CA ASP K 163 63.13 -51.46 -8.40
C ASP K 163 63.42 -52.74 -9.17
N TRP K 164 64.21 -52.65 -10.24
CA TRP K 164 64.55 -53.79 -11.08
C TRP K 164 65.80 -54.51 -10.59
N THR K 165 65.81 -54.88 -9.31
CA THR K 165 66.98 -55.47 -8.68
C THR K 165 66.66 -56.86 -8.15
N THR K 166 67.71 -57.66 -8.01
CA THR K 166 67.60 -59.05 -7.56
C THR K 166 68.77 -59.28 -6.61
N THR K 167 69.12 -60.55 -6.37
CA THR K 167 70.16 -60.90 -5.42
C THR K 167 71.49 -60.18 -5.67
N ILE K 168 71.67 -59.60 -6.86
CA ILE K 168 72.88 -58.84 -7.17
C ILE K 168 72.55 -57.36 -7.12
N ASP K 169 73.49 -56.56 -6.63
CA ASP K 169 73.32 -55.13 -6.50
C ASP K 169 74.21 -54.39 -7.49
N ILE K 170 73.70 -53.26 -7.99
CA ILE K 170 74.42 -52.48 -9.01
C ILE K 170 75.72 -51.96 -8.42
N PRO K 171 76.86 -52.13 -9.09
CA PRO K 171 78.11 -51.54 -8.60
C PRO K 171 78.06 -50.03 -8.72
N PRO K 172 78.57 -49.31 -7.71
CA PRO K 172 78.49 -47.84 -7.74
C PRO K 172 79.28 -47.20 -8.87
N SER K 173 80.28 -47.88 -9.43
CA SER K 173 81.12 -47.28 -10.46
C SER K 173 80.31 -46.98 -11.72
N ALA K 174 79.39 -47.88 -12.08
CA ALA K 174 78.61 -47.69 -13.30
C ALA K 174 77.75 -46.44 -13.23
N ALA K 175 77.10 -46.21 -12.08
CA ALA K 175 76.26 -45.03 -11.93
C ALA K 175 77.09 -43.76 -11.84
N ILE K 176 78.23 -43.83 -11.14
CA ILE K 176 79.08 -42.64 -10.98
C ILE K 176 79.63 -42.19 -12.32
N ALA K 177 80.05 -43.14 -13.17
CA ALA K 177 80.58 -42.78 -14.47
C ALA K 177 79.54 -42.05 -15.31
N GLY K 178 78.26 -42.37 -15.11
CA GLY K 178 77.21 -41.61 -15.76
C GLY K 178 77.13 -40.19 -15.25
N VAL K 179 77.36 -40.02 -13.94
CA VAL K 179 77.34 -38.68 -13.35
C VAL K 179 78.46 -37.84 -13.93
N TYR K 180 79.62 -38.45 -14.20
CA TYR K 180 80.73 -37.71 -14.78
C TYR K 180 80.36 -37.15 -16.15
N CYS K 181 79.68 -37.95 -16.97
CA CYS K 181 79.28 -37.48 -18.30
C CYS K 181 78.29 -36.32 -18.21
N SER K 182 77.34 -36.40 -17.28
CA SER K 182 76.32 -35.37 -17.18
C SER K 182 76.89 -34.06 -16.66
N VAL K 183 77.73 -34.13 -15.62
CA VAL K 183 78.29 -32.92 -15.04
C VAL K 183 79.22 -32.22 -16.02
N ASP K 184 80.05 -32.99 -16.73
CA ASP K 184 81.00 -32.40 -17.65
C ASP K 184 80.29 -31.67 -18.79
N SER K 185 79.23 -32.27 -19.33
CA SER K 185 78.51 -31.65 -20.44
C SER K 185 77.68 -30.47 -19.97
N THR K 186 77.32 -30.42 -18.69
CA THR K 186 76.44 -29.37 -18.18
C THR K 186 77.23 -28.20 -17.60
N ARG K 187 78.13 -28.48 -16.65
CA ARG K 187 78.84 -27.43 -15.93
C ARG K 187 80.35 -27.44 -16.16
N GLY K 188 80.87 -28.37 -16.95
CA GLY K 188 82.29 -28.40 -17.23
C GLY K 188 83.02 -29.41 -16.37
N VAL K 189 84.25 -29.71 -16.78
CA VAL K 189 85.07 -30.71 -16.08
C VAL K 189 85.66 -30.16 -14.79
N TRP K 190 85.74 -28.83 -14.64
CA TRP K 190 86.32 -28.24 -13.44
C TRP K 190 85.36 -28.22 -12.26
N LYS K 191 84.08 -28.50 -12.47
CA LYS K 191 83.10 -28.52 -11.40
C LYS K 191 83.09 -29.89 -10.74
N ALA K 192 82.97 -29.89 -9.42
CA ALA K 192 83.03 -31.15 -8.67
C ALA K 192 81.88 -32.06 -9.06
N PRO K 193 82.15 -33.34 -9.37
CA PRO K 193 81.09 -34.30 -9.68
C PRO K 193 80.42 -34.88 -8.44
N ALA K 194 80.07 -33.99 -7.50
CA ALA K 194 79.37 -34.34 -6.28
C ALA K 194 78.23 -33.38 -6.08
N ASN K 195 77.45 -33.60 -5.02
CA ASN K 195 76.27 -32.79 -4.71
C ASN K 195 75.31 -32.76 -5.90
N VAL K 196 75.16 -33.89 -6.56
CA VAL K 196 74.27 -34.01 -7.72
C VAL K 196 73.39 -35.25 -7.52
N PRO K 197 72.13 -35.21 -7.93
CA PRO K 197 71.27 -36.37 -7.76
C PRO K 197 71.69 -37.52 -8.67
N ILE K 198 71.41 -38.74 -8.21
CA ILE K 198 71.61 -39.94 -9.00
C ILE K 198 70.28 -40.30 -9.64
N GLN K 199 70.26 -40.33 -10.97
CA GLN K 199 69.01 -40.53 -11.69
C GLN K 199 68.53 -41.97 -11.53
N GLY K 200 67.27 -42.19 -11.89
CA GLY K 200 66.65 -43.48 -11.69
C GLY K 200 66.18 -43.66 -10.26
N GLY K 201 65.80 -44.89 -9.96
CA GLY K 201 65.34 -45.22 -8.62
C GLY K 201 66.45 -45.78 -7.76
N LEU K 202 67.70 -45.53 -8.14
CA LEU K 202 68.84 -46.08 -7.44
C LEU K 202 68.90 -45.57 -6.01
N GLN K 203 69.13 -46.48 -5.06
CA GLN K 203 69.23 -46.14 -3.65
C GLN K 203 70.45 -46.83 -3.04
N PRO K 204 71.15 -46.17 -2.12
CA PRO K 204 72.26 -46.83 -1.44
C PRO K 204 71.79 -48.03 -0.64
N LYS K 205 72.60 -49.08 -0.63
CA LYS K 205 72.24 -50.30 0.09
C LYS K 205 72.40 -50.14 1.60
N TYR K 206 73.30 -49.28 2.04
CA TYR K 206 73.56 -49.07 3.46
C TYR K 206 73.55 -47.59 3.77
N PRO K 207 73.12 -47.22 4.99
CA PRO K 207 73.11 -45.80 5.36
C PRO K 207 74.41 -45.36 5.99
N VAL K 208 74.88 -44.19 5.57
CA VAL K 208 76.12 -43.60 6.07
C VAL K 208 75.78 -42.27 6.73
N THR K 209 76.25 -42.09 7.96
CA THR K 209 76.00 -40.87 8.72
C THR K 209 77.23 -39.97 8.67
N ASP K 210 77.11 -38.81 9.32
CA ASP K 210 78.25 -37.88 9.38
C ASP K 210 79.41 -38.48 10.15
N ASP K 211 79.12 -39.21 11.22
CA ASP K 211 80.19 -39.82 12.02
C ASP K 211 80.94 -40.89 11.23
N LEU K 212 80.22 -41.68 10.45
CA LEU K 212 80.86 -42.71 9.64
C LEU K 212 81.75 -42.09 8.57
N GLN K 213 81.26 -41.05 7.89
CA GLN K 213 82.02 -40.43 6.83
C GLN K 213 83.21 -39.62 7.36
N ALA K 214 83.16 -39.22 8.63
CA ALA K 214 84.25 -38.41 9.18
C ALA K 214 85.56 -39.18 9.22
N GLN K 215 85.51 -40.51 9.32
CA GLN K 215 86.72 -41.31 9.35
C GLN K 215 87.34 -41.47 7.96
N TYR K 216 86.53 -41.51 6.91
CA TYR K 216 86.98 -41.83 5.57
C TYR K 216 86.94 -40.62 4.65
N ASN K 217 87.29 -39.44 5.17
CA ASN K 217 87.36 -38.22 4.37
C ASN K 217 88.76 -37.62 4.38
N GLN K 218 89.76 -38.39 4.77
CA GLN K 218 91.15 -37.96 4.73
C GLN K 218 92.02 -39.16 4.39
N GLY K 219 93.24 -38.87 3.94
CA GLY K 219 94.10 -39.93 3.44
C GLY K 219 93.48 -40.58 2.22
N LYS K 220 93.43 -41.91 2.22
CA LYS K 220 92.76 -42.63 1.14
C LYS K 220 91.25 -42.54 1.35
N ALA K 221 90.66 -41.42 0.93
CA ALA K 221 89.28 -41.10 1.24
C ALA K 221 88.31 -41.90 0.37
N LEU K 222 87.19 -42.27 0.96
CA LEU K 222 86.10 -42.91 0.25
C LEU K 222 84.98 -41.90 0.03
N ASN K 223 84.43 -41.89 -1.19
CA ASN K 223 83.34 -40.99 -1.53
C ASN K 223 82.02 -41.71 -1.29
N MET K 224 81.15 -41.11 -0.49
CA MET K 224 79.90 -41.74 -0.08
C MET K 224 78.75 -41.31 -0.99
N ILE K 225 77.75 -42.19 -1.07
CA ILE K 225 76.49 -41.89 -1.73
C ILE K 225 75.41 -41.95 -0.65
N ARG K 226 74.88 -40.79 -0.28
CA ARG K 226 73.98 -40.68 0.86
C ARG K 226 72.64 -40.12 0.44
N THR K 227 71.63 -40.37 1.27
CA THR K 227 70.29 -39.84 1.06
C THR K 227 69.99 -38.80 2.12
N PHE K 228 69.48 -37.65 1.69
CA PHE K 228 69.17 -36.55 2.58
C PHE K 228 67.67 -36.29 2.59
N PRO K 229 67.13 -35.72 3.68
CA PRO K 229 65.68 -35.72 3.87
C PRO K 229 64.88 -35.09 2.74
N LYS K 230 65.39 -34.02 2.13
CA LYS K 230 64.62 -33.31 1.11
C LYS K 230 65.23 -33.38 -0.29
N SER K 231 66.53 -33.59 -0.41
CA SER K 231 67.20 -33.55 -1.70
C SER K 231 67.35 -34.92 -2.35
N GLY K 232 66.85 -35.98 -1.72
CA GLY K 232 66.97 -37.30 -2.31
C GLY K 232 68.36 -37.90 -2.13
N THR K 233 68.77 -38.69 -3.13
CA THR K 233 70.07 -39.34 -3.11
C THR K 233 71.09 -38.49 -3.85
N LEU K 234 72.21 -38.22 -3.17
CA LEU K 234 73.25 -37.35 -3.71
C LEU K 234 74.61 -38.03 -3.60
N VAL K 235 75.54 -37.59 -4.45
CA VAL K 235 76.93 -37.99 -4.34
C VAL K 235 77.62 -37.04 -3.38
N TRP K 236 78.15 -37.57 -2.29
CA TRP K 236 78.73 -36.78 -1.21
C TRP K 236 80.21 -37.12 -1.08
N GLY K 237 81.04 -36.43 -1.85
CA GLY K 237 82.47 -36.63 -1.79
C GLY K 237 83.16 -36.39 -3.12
N ALA K 238 84.27 -35.65 -3.10
CA ALA K 238 85.00 -35.35 -4.33
C ALA K 238 86.51 -35.42 -4.11
N ARG K 239 86.99 -36.44 -3.42
CA ARG K 239 88.41 -36.56 -3.08
C ARG K 239 89.01 -37.78 -3.76
N THR K 240 90.26 -37.65 -4.20
CA THR K 240 90.99 -38.75 -4.80
C THR K 240 91.59 -39.61 -3.68
N LEU K 241 92.48 -40.53 -4.04
CA LEU K 241 93.11 -41.42 -3.08
C LEU K 241 94.40 -40.87 -2.50
N GLU K 242 94.82 -39.68 -2.91
CA GLU K 242 96.01 -39.03 -2.38
C GLU K 242 95.62 -37.74 -1.68
N ASP K 243 96.02 -37.61 -0.41
CA ASP K 243 95.72 -36.43 0.39
C ASP K 243 96.93 -35.52 0.35
N ASN K 244 96.93 -34.59 -0.60
CA ASN K 244 98.04 -33.68 -0.81
C ASN K 244 97.47 -32.33 -1.25
N ASP K 245 98.26 -31.28 -1.07
CA ASP K 245 97.81 -29.95 -1.48
C ASP K 245 97.51 -29.89 -2.97
N ASN K 246 98.16 -30.76 -3.75
CA ASN K 246 97.78 -30.99 -5.13
C ASN K 246 97.04 -32.32 -5.25
N TRP K 247 96.11 -32.37 -6.20
CA TRP K 247 95.37 -33.59 -6.54
C TRP K 247 94.57 -34.13 -5.36
N ARG K 248 94.28 -33.31 -4.36
CA ARG K 248 93.38 -33.72 -3.29
C ARG K 248 91.98 -33.95 -3.81
N TYR K 249 91.51 -33.08 -4.70
CA TYR K 249 90.14 -33.11 -5.19
C TYR K 249 90.10 -33.69 -6.59
N ILE K 250 89.01 -34.42 -6.88
CA ILE K 250 88.81 -34.93 -8.24
C ILE K 250 88.79 -33.82 -9.28
N PRO K 251 88.10 -32.69 -9.10
CA PRO K 251 88.06 -31.68 -10.17
C PRO K 251 89.43 -31.18 -10.61
N VAL K 252 90.35 -30.98 -9.66
CA VAL K 252 91.67 -30.45 -10.02
C VAL K 252 92.44 -31.46 -10.85
N ARG K 253 92.42 -32.73 -10.43
CA ARG K 253 93.13 -33.77 -11.18
C ARG K 253 92.51 -33.98 -12.56
N ARG K 254 91.18 -33.98 -12.64
CA ARG K 254 90.53 -34.25 -13.93
C ARG K 254 90.60 -33.06 -14.86
N LEU K 255 90.64 -31.84 -14.31
CA LEU K 255 90.80 -30.67 -15.16
C LEU K 255 92.15 -30.67 -15.85
N PHE K 256 93.20 -31.02 -15.12
CA PHE K 256 94.54 -31.08 -15.72
C PHE K 256 94.63 -32.18 -16.75
N ASN K 257 93.94 -33.30 -16.52
CA ASN K 257 93.91 -34.37 -17.50
C ASN K 257 93.25 -33.91 -18.80
N SER K 258 92.15 -33.15 -18.68
CA SER K 258 91.47 -32.66 -19.87
C SER K 258 92.29 -31.60 -20.59
N ALA K 259 92.90 -30.68 -19.84
CA ALA K 259 93.70 -29.64 -20.46
C ALA K 259 94.92 -30.22 -21.17
N GLU K 260 95.58 -31.20 -20.55
CA GLU K 260 96.74 -31.82 -21.18
C GLU K 260 96.36 -32.50 -22.49
N ARG K 261 95.22 -33.19 -22.51
CA ARG K 261 94.76 -33.82 -23.75
C ARG K 261 94.40 -32.78 -24.80
N ASP K 262 93.70 -31.72 -24.39
CA ASP K 262 93.27 -30.71 -25.35
C ASP K 262 94.44 -29.92 -25.91
N ILE K 263 95.41 -29.56 -25.05
CA ILE K 263 96.60 -28.87 -25.53
C ILE K 263 97.40 -29.78 -26.46
N LYS K 264 97.52 -31.06 -26.10
CA LYS K 264 98.26 -32.00 -26.94
C LYS K 264 97.65 -32.10 -28.33
N ASN K 265 96.31 -32.11 -28.42
CA ASN K 265 95.66 -32.13 -29.73
C ASN K 265 95.79 -30.79 -30.44
N ALA K 266 95.82 -29.68 -29.68
CA ALA K 266 95.86 -28.36 -30.30
C ALA K 266 97.14 -28.14 -31.08
N MET K 267 98.27 -28.59 -30.55
CA MET K 267 99.58 -28.34 -31.15
C MET K 267 100.20 -29.58 -31.76
N SER K 268 99.41 -30.62 -32.05
CA SER K 268 99.96 -31.81 -32.67
C SER K 268 100.42 -31.56 -34.09
N PHE K 269 100.06 -30.43 -34.69
CA PHE K 269 100.50 -30.06 -36.02
C PHE K 269 102.00 -29.75 -36.09
N ALA K 270 102.66 -29.56 -34.96
CA ALA K 270 104.05 -29.15 -34.94
C ALA K 270 105.03 -30.29 -35.01
N VAL K 271 104.57 -31.54 -34.93
CA VAL K 271 105.46 -32.68 -35.05
C VAL K 271 105.90 -32.82 -36.50
N PHE K 272 107.18 -33.19 -36.69
CA PHE K 272 107.77 -33.33 -38.02
C PHE K 272 107.80 -31.99 -38.77
N GLU K 273 107.88 -30.90 -38.02
CA GLU K 273 108.13 -29.57 -38.53
C GLU K 273 109.55 -29.14 -38.18
N PRO K 274 110.11 -28.16 -38.88
CA PRO K 274 111.46 -27.70 -38.53
C PRO K 274 111.51 -27.20 -37.10
N ASN K 275 112.59 -27.55 -36.40
CA ASN K 275 112.75 -27.22 -34.98
C ASN K 275 113.48 -25.88 -34.87
N SER K 276 112.78 -24.83 -35.30
CA SER K 276 113.33 -23.48 -35.32
C SER K 276 112.37 -22.55 -34.59
N GLN K 277 112.81 -21.30 -34.41
CA GLN K 277 111.99 -20.33 -33.70
C GLN K 277 110.65 -20.05 -34.35
N PRO K 278 110.51 -19.92 -35.68
CA PRO K 278 109.17 -19.71 -36.24
C PRO K 278 108.17 -20.78 -35.84
N THR K 279 108.59 -22.03 -35.75
CA THR K 279 107.69 -23.08 -35.28
C THR K 279 107.30 -22.86 -33.82
N TRP K 280 108.25 -22.44 -32.99
CA TRP K 280 107.97 -22.25 -31.57
C TRP K 280 106.94 -21.16 -31.35
N GLU K 281 107.01 -20.09 -32.14
CA GLU K 281 106.02 -19.02 -32.03
C GLU K 281 104.63 -19.51 -32.41
N ARG K 282 104.54 -20.35 -33.44
CA ARG K 282 103.25 -20.91 -33.83
C ARG K 282 102.66 -21.78 -32.71
N VAL K 283 103.50 -22.58 -32.05
CA VAL K 283 103.02 -23.42 -30.98
C VAL K 283 102.58 -22.58 -29.78
N ARG K 284 103.33 -21.52 -29.49
CA ARG K 284 102.96 -20.65 -28.38
C ARG K 284 101.61 -19.98 -28.63
N SER K 285 101.34 -19.58 -29.88
CA SER K 285 100.06 -18.98 -30.20
C SER K 285 98.92 -19.96 -29.98
N ALA K 286 99.11 -21.22 -30.38
CA ALA K 286 98.05 -22.22 -30.22
C ALA K 286 97.77 -22.50 -28.76
N VAL K 287 98.82 -22.65 -27.95
CA VAL K 287 98.63 -22.95 -26.53
C VAL K 287 97.98 -21.77 -25.82
N ASN K 288 98.45 -20.55 -26.10
CA ASN K 288 97.88 -19.38 -25.45
C ASN K 288 96.43 -19.17 -25.85
N ASN K 289 96.08 -19.46 -27.10
CA ASN K 289 94.70 -19.32 -27.54
C ASN K 289 93.78 -20.26 -26.78
N TYR K 290 94.22 -21.50 -26.57
CA TYR K 290 93.40 -22.46 -25.84
C TYR K 290 93.25 -22.05 -24.37
N LEU K 291 94.34 -21.61 -23.74
CA LEU K 291 94.29 -21.30 -22.32
C LEU K 291 93.41 -20.09 -22.04
N TYR K 292 93.44 -19.10 -22.93
CA TYR K 292 92.55 -17.94 -22.78
C TYR K 292 91.09 -18.37 -22.90
N SER K 293 90.79 -19.24 -23.86
CA SER K 293 89.42 -19.73 -24.00
C SER K 293 88.97 -20.52 -22.78
N LEU K 294 89.86 -21.32 -22.21
CA LEU K 294 89.52 -22.07 -21.00
C LEU K 294 89.26 -21.13 -19.83
N TRP K 295 90.08 -20.08 -19.70
CA TRP K 295 89.85 -19.10 -18.64
C TRP K 295 88.54 -18.36 -18.84
N GLN K 296 88.18 -18.08 -20.09
CA GLN K 296 86.93 -17.38 -20.36
C GLN K 296 85.73 -18.20 -19.92
N GLN K 297 85.78 -19.52 -20.14
CA GLN K 297 84.67 -20.38 -19.75
C GLN K 297 84.52 -20.47 -18.23
N GLY K 298 85.54 -20.08 -17.47
CA GLY K 298 85.51 -20.19 -16.03
C GLY K 298 86.27 -21.36 -15.45
N GLY K 299 87.08 -22.06 -16.24
CA GLY K 299 87.80 -23.22 -15.76
C GLY K 299 89.09 -22.93 -15.03
N LEU K 300 89.52 -21.67 -14.98
CA LEU K 300 90.76 -21.29 -14.31
C LEU K 300 90.47 -20.17 -13.32
N ALA K 301 91.33 -20.07 -12.31
CA ALA K 301 91.17 -19.10 -11.23
C ALA K 301 92.05 -17.88 -11.49
N GLY K 302 91.45 -16.71 -11.40
CA GLY K 302 92.15 -15.46 -11.58
C GLY K 302 91.24 -14.40 -12.18
N ASN K 303 91.45 -13.16 -11.77
CA ASN K 303 90.64 -12.06 -12.30
C ASN K 303 91.06 -11.67 -13.71
N LYS K 304 92.34 -11.82 -14.04
CA LYS K 304 92.84 -11.56 -15.39
C LYS K 304 93.68 -12.74 -15.84
N PRO K 305 93.79 -12.94 -17.17
CA PRO K 305 94.53 -14.12 -17.65
C PRO K 305 95.97 -14.19 -17.18
N ASP K 306 96.62 -13.06 -16.91
CA ASP K 306 97.99 -13.10 -16.39
C ASP K 306 98.07 -13.77 -15.04
N ASP K 307 96.97 -13.79 -14.28
CA ASP K 307 96.93 -14.46 -12.99
C ASP K 307 96.46 -15.91 -13.07
N ALA K 308 96.04 -16.36 -14.25
CA ALA K 308 95.48 -17.70 -14.40
C ALA K 308 96.40 -18.69 -15.09
N TYR K 309 97.27 -18.22 -15.99
CA TYR K 309 98.16 -19.14 -16.70
C TYR K 309 99.35 -18.37 -17.24
N PHE K 310 100.38 -19.12 -17.63
CA PHE K 310 101.55 -18.56 -18.29
C PHE K 310 102.15 -19.64 -19.18
N VAL K 311 102.74 -19.21 -20.30
CA VAL K 311 103.39 -20.11 -21.25
C VAL K 311 104.78 -19.58 -21.55
N GLN K 312 105.78 -20.47 -21.45
CA GLN K 312 107.16 -20.12 -21.76
C GLN K 312 107.71 -21.12 -22.76
N ILE K 313 108.37 -20.61 -23.79
CA ILE K 313 109.08 -21.44 -24.76
C ILE K 313 110.13 -20.58 -25.44
N GLY K 314 111.32 -21.16 -25.62
CA GLY K 314 112.38 -20.45 -26.30
C GLY K 314 113.73 -21.01 -25.91
N LYS K 315 114.74 -20.57 -26.66
CA LYS K 315 116.10 -20.99 -26.40
C LYS K 315 116.62 -20.34 -25.12
N ASP K 316 117.34 -21.14 -24.32
CA ASP K 316 117.90 -20.73 -23.03
C ASP K 316 116.83 -20.38 -22.01
N ILE K 317 115.55 -20.56 -22.34
CA ILE K 317 114.46 -20.39 -21.40
C ILE K 317 113.88 -21.74 -20.97
N THR K 318 113.62 -22.62 -21.95
CA THR K 318 113.11 -23.95 -21.68
C THR K 318 113.97 -25.07 -22.24
N MET K 319 114.91 -24.77 -23.15
CA MET K 319 115.69 -25.81 -23.79
C MET K 319 117.07 -25.26 -24.14
N THR K 320 118.03 -26.18 -24.28
CA THR K 320 119.42 -25.87 -24.54
C THR K 320 119.81 -26.36 -25.94
N ASP K 321 121.10 -26.25 -26.25
CA ASP K 321 121.60 -26.72 -27.54
C ASP K 321 121.43 -28.22 -27.69
N ASP K 322 121.67 -28.98 -26.61
CA ASP K 322 121.53 -30.42 -26.67
C ASP K 322 120.10 -30.83 -26.98
N ASP K 323 119.13 -30.16 -26.36
CA ASP K 323 117.72 -30.49 -26.61
C ASP K 323 117.34 -30.24 -28.06
N ILE K 324 117.81 -29.12 -28.64
CA ILE K 324 117.45 -28.79 -30.01
C ILE K 324 118.09 -29.77 -30.98
N LYS K 325 119.36 -30.11 -30.77
CA LYS K 325 120.05 -31.03 -31.66
C LYS K 325 119.47 -32.43 -31.61
N GLN K 326 118.78 -32.79 -30.52
CA GLN K 326 118.14 -34.09 -30.39
C GLN K 326 116.73 -34.11 -30.93
N GLY K 327 116.23 -32.99 -31.43
CA GLY K 327 114.87 -32.91 -31.93
C GLY K 327 113.82 -32.66 -30.88
N LYS K 328 114.20 -32.21 -29.68
CA LYS K 328 113.26 -32.00 -28.60
C LYS K 328 112.79 -30.54 -28.58
N MET K 329 111.50 -30.36 -28.34
CA MET K 329 110.88 -29.06 -28.16
C MET K 329 110.17 -29.05 -26.81
N ILE K 330 110.54 -28.12 -25.94
CA ILE K 330 110.11 -28.12 -24.56
C ILE K 330 109.35 -26.84 -24.28
N ILE K 331 108.15 -26.97 -23.70
CA ILE K 331 107.30 -25.84 -23.34
C ILE K 331 106.87 -26.00 -21.88
N LYS K 332 106.77 -24.88 -21.18
CA LYS K 332 106.32 -24.85 -19.80
C LYS K 332 104.96 -24.17 -19.71
N ILE K 333 104.01 -24.84 -19.06
CA ILE K 333 102.67 -24.30 -18.85
C ILE K 333 102.34 -24.38 -17.37
N GLY K 334 101.88 -23.27 -16.81
CA GLY K 334 101.44 -23.26 -15.42
C GLY K 334 100.08 -22.63 -15.28
N MET K 335 99.09 -23.41 -14.85
CA MET K 335 97.71 -22.95 -14.76
C MET K 335 97.19 -23.17 -13.35
N ALA K 336 96.38 -22.23 -12.87
CA ALA K 336 95.83 -22.26 -11.52
C ALA K 336 94.39 -22.75 -11.57
N ALA K 337 94.10 -23.79 -10.80
CA ALA K 337 92.77 -24.36 -10.72
C ALA K 337 92.04 -23.84 -9.49
N VAL K 338 90.73 -23.79 -9.59
CA VAL K 338 89.87 -23.29 -8.51
C VAL K 338 89.41 -24.48 -7.67
N ARG K 339 89.54 -24.35 -6.35
CA ARG K 339 89.16 -25.42 -5.44
C ARG K 339 87.83 -25.11 -4.77
N PRO K 340 86.94 -26.09 -4.62
CA PRO K 340 85.59 -25.82 -4.14
C PRO K 340 85.54 -25.64 -2.63
N ALA K 341 84.46 -25.02 -2.18
CA ALA K 341 84.15 -24.94 -0.76
C ALA K 341 83.53 -26.26 -0.32
N GLU K 342 84.05 -26.82 0.77
CA GLU K 342 83.67 -28.16 1.20
C GLU K 342 82.98 -28.19 2.56
N PHE K 343 83.34 -27.29 3.47
CA PHE K 343 82.77 -27.26 4.81
C PHE K 343 82.03 -25.95 5.02
N ILE K 344 80.77 -26.04 5.42
CA ILE K 344 79.94 -24.87 5.73
C ILE K 344 79.68 -24.87 7.23
N ILE K 345 79.97 -23.75 7.87
CA ILE K 345 79.88 -23.61 9.32
C ILE K 345 78.86 -22.54 9.65
N LEU K 346 77.82 -22.92 10.38
CA LEU K 346 76.80 -21.97 10.84
C LEU K 346 77.06 -21.65 12.30
N GLN K 347 77.18 -20.37 12.62
CA GLN K 347 77.36 -19.90 13.99
C GLN K 347 76.11 -19.18 14.44
N PHE K 348 75.46 -19.72 15.46
CA PHE K 348 74.18 -19.19 15.94
C PHE K 348 74.39 -18.49 17.28
N THR K 349 73.72 -17.37 17.46
CA THR K 349 73.77 -16.62 18.71
C THR K 349 72.46 -15.89 18.90
N GLN K 350 72.20 -15.49 20.15
CA GLN K 350 70.97 -14.78 20.47
C GLN K 350 71.24 -13.31 20.77
N THR L 2 83.06 -28.61 14.20
CA THR L 2 83.28 -27.21 14.55
C THR L 2 84.55 -26.67 13.89
N THR L 3 85.52 -26.28 14.70
CA THR L 3 86.80 -25.83 14.17
C THR L 3 87.60 -26.97 13.57
N ILE L 4 87.26 -28.21 13.89
CA ILE L 4 87.91 -29.39 13.31
C ILE L 4 87.00 -29.91 12.21
N THR L 5 87.40 -29.71 10.97
CA THR L 5 86.60 -30.09 9.82
C THR L 5 87.07 -31.45 9.31
N THR L 6 86.18 -32.44 9.37
CA THR L 6 86.49 -33.79 8.90
C THR L 6 85.63 -34.20 7.72
N TYR L 7 84.30 -34.14 7.84
CA TYR L 7 83.41 -34.61 6.80
C TYR L 7 82.83 -33.44 6.01
N PRO L 8 82.51 -33.64 4.73
CA PRO L 8 81.86 -32.58 3.96
C PRO L 8 80.41 -32.42 4.39
N GLY L 9 80.01 -31.18 4.60
CA GLY L 9 78.65 -30.92 5.03
C GLY L 9 78.58 -29.64 5.85
N VAL L 10 77.64 -29.63 6.78
CA VAL L 10 77.31 -28.45 7.57
C VAL L 10 77.71 -28.71 9.01
N TYR L 11 78.41 -27.74 9.60
CA TYR L 11 78.81 -27.79 11.01
C TYR L 11 78.08 -26.69 11.78
N ILE L 12 77.68 -27.01 13.00
CA ILE L 12 76.91 -26.10 13.85
C ILE L 12 77.78 -25.65 15.02
N GLU L 13 77.85 -24.35 15.24
CA GLU L 13 78.49 -23.77 16.41
C GLU L 13 77.51 -22.85 17.12
N GLU L 14 77.68 -22.73 18.43
CA GLU L 14 76.88 -21.84 19.27
C GLU L 14 77.84 -20.98 20.07
N ASP L 15 78.26 -19.86 19.48
CA ASP L 15 79.25 -18.97 20.06
C ASP L 15 78.60 -17.66 20.49
N ALA L 16 79.44 -16.76 21.03
CA ALA L 16 78.99 -15.43 21.40
C ALA L 16 80.00 -14.37 21.00
N SER L 17 80.91 -14.68 20.08
CA SER L 17 81.92 -13.71 19.67
C SER L 17 81.28 -12.52 18.96
N LEU L 18 81.85 -11.35 19.18
CA LEU L 18 81.32 -10.12 18.60
C LEU L 18 81.64 -10.05 17.11
N SER L 19 80.91 -9.17 16.42
CA SER L 19 81.10 -8.95 14.99
C SER L 19 80.90 -7.46 14.71
N LEU L 20 81.93 -6.82 14.15
CA LEU L 20 81.87 -5.41 13.84
C LEU L 20 82.19 -5.15 12.37
N SER L 21 82.32 -3.90 11.99
CA SER L 21 82.64 -3.51 10.62
C SER L 21 83.86 -2.62 10.62
N VAL L 22 84.59 -2.62 9.51
CA VAL L 22 85.86 -1.90 9.38
C VAL L 22 85.79 -0.99 8.16
N SER L 23 86.20 0.26 8.34
CA SER L 23 86.28 1.23 7.26
C SER L 23 87.67 1.21 6.65
N SER L 24 87.95 2.19 5.80
CA SER L 24 89.25 2.31 5.13
C SER L 24 89.55 3.79 4.92
N SER L 25 90.42 4.35 5.76
CA SER L 25 90.85 5.73 5.65
C SER L 25 92.37 5.77 5.62
N ALA L 26 92.93 6.50 4.65
CA ALA L 26 94.38 6.58 4.49
C ALA L 26 94.99 7.74 5.26
N THR L 27 94.24 8.81 5.49
CA THR L 27 94.76 9.96 6.22
C THR L 27 94.69 9.80 7.73
N ALA L 28 94.13 8.69 8.21
CA ALA L 28 94.01 8.42 9.64
C ALA L 28 94.47 7.00 9.91
N VAL L 29 95.76 6.84 10.18
CA VAL L 29 96.33 5.55 10.56
C VAL L 29 96.94 5.71 11.94
N PRO L 30 96.18 5.47 13.01
CA PRO L 30 96.68 5.77 14.36
C PRO L 30 97.63 4.69 14.87
N VAL L 31 98.39 5.09 15.90
CA VAL L 31 99.20 4.17 16.67
C VAL L 31 98.78 4.30 18.13
N PHE L 32 98.46 3.18 18.76
CA PHE L 32 97.94 3.16 20.12
C PHE L 32 99.06 2.83 21.10
N ALA L 33 99.29 3.70 22.07
CA ALA L 33 100.24 3.41 23.13
C ALA L 33 99.67 2.34 24.04
N VAL L 34 100.46 1.29 24.27
CA VAL L 34 100.03 0.13 25.05
C VAL L 34 100.96 -0.04 26.25
N ALA L 35 100.39 -0.40 27.38
CA ALA L 35 101.20 -0.67 28.56
C ALA L 35 102.05 -1.91 28.34
N GLY L 36 103.28 -1.87 28.85
CA GLY L 36 104.22 -2.96 28.63
C GLY L 36 103.82 -4.27 29.26
N ASP L 37 102.96 -4.23 30.29
CA ASP L 37 102.55 -5.45 30.97
C ASP L 37 101.59 -6.29 30.14
N ASN L 38 101.10 -5.79 29.02
CA ASN L 38 100.16 -6.56 28.20
C ASN L 38 100.87 -7.77 27.59
N PRO L 39 100.36 -8.98 27.79
CA PRO L 39 101.02 -10.16 27.23
C PRO L 39 101.09 -10.17 25.71
N LEU L 40 100.08 -9.60 25.03
CA LEU L 40 100.05 -9.67 23.58
C LEU L 40 101.19 -8.89 22.94
N ILE L 41 101.52 -7.73 23.51
CA ILE L 41 102.54 -6.87 22.90
C ILE L 41 103.96 -7.19 23.36
N SER L 42 104.11 -8.00 24.40
CA SER L 42 105.45 -8.31 24.92
C SER L 42 106.25 -9.10 23.90
N GLY L 43 107.51 -8.73 23.74
CA GLY L 43 108.43 -9.42 22.86
C GLY L 43 108.38 -9.02 21.39
N LYS L 44 107.59 -8.01 21.05
CA LYS L 44 107.48 -7.58 19.67
C LYS L 44 107.62 -6.07 19.57
N PRO L 45 108.17 -5.56 18.46
CA PRO L 45 108.27 -4.11 18.29
C PRO L 45 106.92 -3.45 18.14
N TYR L 46 106.08 -3.99 17.25
CA TYR L 46 104.74 -3.46 17.05
C TYR L 46 103.85 -4.56 16.50
N ILE L 47 102.54 -4.35 16.63
CA ILE L 47 101.53 -5.28 16.14
C ILE L 47 100.52 -4.49 15.32
N ARG L 48 100.22 -4.97 14.11
CA ARG L 48 99.23 -4.34 13.25
C ARG L 48 97.90 -5.09 13.38
N ILE L 49 96.84 -4.35 13.64
CA ILE L 49 95.50 -4.90 13.79
C ILE L 49 94.65 -4.37 12.66
N SER L 50 94.06 -5.28 11.87
CA SER L 50 93.27 -4.89 10.72
C SER L 50 91.80 -4.65 11.07
N ASN L 51 91.23 -5.47 11.95
CA ASN L 51 89.83 -5.35 12.32
C ASN L 51 89.65 -6.00 13.69
N TRP L 52 88.40 -5.98 14.17
CA TRP L 52 88.08 -6.64 15.43
C TRP L 52 88.22 -8.15 15.32
N LEU L 53 87.95 -8.71 14.14
CA LEU L 53 88.11 -10.15 13.95
C LEU L 53 89.55 -10.57 14.12
N GLU L 54 90.49 -9.80 13.56
CA GLU L 54 91.90 -10.13 13.70
C GLU L 54 92.37 -9.99 15.13
N TYR L 55 91.93 -8.93 15.83
CA TYR L 55 92.36 -8.73 17.21
C TYR L 55 91.86 -9.84 18.12
N LEU L 56 90.60 -10.27 17.92
CA LEU L 56 90.07 -11.36 18.73
C LEU L 56 90.80 -12.67 18.45
N THR L 57 91.13 -12.92 17.18
CA THR L 57 91.88 -14.12 16.85
C THR L 57 93.27 -14.12 17.49
N LEU L 58 93.96 -12.98 17.42
CA LEU L 58 95.30 -12.89 18.02
C LEU L 58 95.23 -12.98 19.54
N LYS L 59 94.20 -12.38 20.14
CA LYS L 59 94.07 -12.45 21.59
C LYS L 59 93.80 -13.86 22.07
N ASN L 60 93.01 -14.62 21.30
CA ASN L 60 92.62 -15.99 21.65
C ASN L 60 91.90 -16.03 23.00
N GLU L 61 91.13 -14.96 23.28
CA GLU L 61 90.39 -14.85 24.53
C GLU L 61 89.06 -14.16 24.24
N GLN L 62 88.10 -14.36 25.15
CA GLN L 62 86.84 -13.67 25.06
C GLN L 62 87.01 -12.19 25.39
N PHE L 63 86.05 -11.39 24.95
CA PHE L 63 86.11 -9.94 25.17
C PHE L 63 86.03 -9.64 26.66
N ASP L 64 87.06 -8.98 27.19
CA ASP L 64 87.10 -8.62 28.60
C ASP L 64 86.89 -7.12 28.76
N PRO L 65 85.81 -6.68 29.40
CA PRO L 65 85.62 -5.24 29.62
C PRO L 65 86.52 -4.66 30.70
N ALA L 66 87.28 -5.49 31.40
CA ALA L 66 88.20 -5.02 32.43
C ALA L 66 89.58 -4.69 31.88
N ASN L 67 89.81 -4.91 30.59
CA ASN L 67 91.09 -4.62 29.96
C ASN L 67 90.99 -3.28 29.22
N THR L 68 91.85 -2.33 29.59
CA THR L 68 91.77 -1.01 28.99
C THR L 68 92.03 -1.05 27.48
N LEU L 69 92.91 -1.95 27.04
CA LEU L 69 93.17 -2.08 25.60
C LEU L 69 91.95 -2.61 24.86
N ASP L 70 91.22 -3.56 25.47
CA ASP L 70 90.09 -4.17 24.79
C ASP L 70 88.97 -3.16 24.58
N ILE L 71 88.66 -2.36 25.60
CA ILE L 71 87.58 -1.38 25.47
C ILE L 71 88.00 -0.26 24.53
N SER L 72 89.27 0.16 24.59
CA SER L 72 89.75 1.21 23.70
C SER L 72 89.66 0.78 22.25
N LEU L 73 90.03 -0.47 21.95
CA LEU L 73 89.93 -0.95 20.58
C LEU L 73 88.48 -1.13 20.15
N ARG L 74 87.62 -1.61 21.06
CA ARG L 74 86.21 -1.75 20.72
C ARG L 74 85.57 -0.40 20.47
N ALA L 75 85.88 0.60 21.30
CA ALA L 75 85.36 1.94 21.06
C ALA L 75 85.90 2.51 19.76
N TYR L 76 87.18 2.29 19.48
CA TYR L 76 87.77 2.80 18.25
C TYR L 76 87.16 2.16 17.02
N PHE L 77 86.98 0.83 17.05
CA PHE L 77 86.46 0.14 15.87
C PHE L 77 84.96 0.34 15.69
N ILE L 78 84.20 0.48 16.78
CA ILE L 78 82.78 0.71 16.65
C ILE L 78 82.49 2.10 16.09
N ASN L 79 83.44 3.02 16.17
CA ASN L 79 83.26 4.36 15.64
C ASN L 79 83.70 4.50 14.19
N GLY L 80 84.21 3.44 13.59
CA GLY L 80 84.58 3.44 12.20
C GLY L 80 86.07 3.50 11.89
N GLY L 81 86.93 3.19 12.84
CA GLY L 81 88.36 3.23 12.59
C GLY L 81 88.83 2.11 11.69
N GLY L 82 89.97 2.34 11.05
CA GLY L 82 90.61 1.36 10.19
C GLY L 82 91.71 0.62 10.90
N TYR L 83 92.64 0.07 10.12
CA TYR L 83 93.75 -0.68 10.68
C TYR L 83 94.67 0.25 11.45
N CYS L 84 95.17 -0.23 12.59
CA CYS L 84 95.97 0.57 13.51
C CYS L 84 97.22 -0.21 13.92
N TYR L 85 98.07 0.44 14.69
CA TYR L 85 99.32 -0.14 15.18
C TYR L 85 99.35 -0.06 16.70
N LEU L 86 99.81 -1.15 17.33
CA LEU L 86 99.99 -1.19 18.77
C LEU L 86 101.48 -1.14 19.09
N VAL L 87 101.89 -0.13 19.84
CA VAL L 87 103.28 0.07 20.22
C VAL L 87 103.33 0.35 21.71
N GLN L 88 104.27 -0.28 22.41
CA GLN L 88 104.45 -0.01 23.82
C GLN L 88 104.87 1.44 24.05
N THR L 89 104.44 1.98 25.19
CA THR L 89 104.65 3.41 25.45
C THR L 89 106.13 3.75 25.49
N THR L 90 106.96 2.89 26.07
CA THR L 90 108.39 3.16 26.18
C THR L 90 109.09 3.13 24.82
N ASP L 91 108.49 2.51 23.81
CA ASP L 91 109.12 2.33 22.51
C ASP L 91 108.60 3.30 21.45
N LEU L 92 107.86 4.33 21.85
CA LEU L 92 107.25 5.23 20.87
C LEU L 92 108.29 6.00 20.08
N GLU L 93 109.27 6.59 20.77
CA GLU L 93 110.26 7.42 20.08
C GLU L 93 111.19 6.60 19.18
N LYS L 94 111.18 5.27 19.31
CA LYS L 94 112.01 4.40 18.50
C LYS L 94 111.27 3.74 17.35
N GLN L 95 110.04 3.27 17.59
CA GLN L 95 109.30 2.50 16.59
C GLN L 95 108.44 3.34 15.69
N VAL L 96 107.98 4.51 16.14
CA VAL L 96 107.15 5.36 15.29
C VAL L 96 107.88 5.81 14.02
N PRO L 97 109.13 6.29 14.08
CA PRO L 97 109.81 6.66 12.83
C PRO L 97 110.00 5.48 11.88
N LYS L 98 110.01 4.25 12.39
CA LYS L 98 110.10 3.09 11.52
C LYS L 98 108.84 2.92 10.68
N LEU L 99 107.68 3.32 11.21
CA LEU L 99 106.42 3.20 10.49
C LEU L 99 106.22 4.43 9.62
N ASP L 100 105.93 4.20 8.34
CA ASP L 100 105.85 5.27 7.35
C ASP L 100 104.44 5.82 7.15
N ASP L 101 103.42 5.00 7.36
CA ASP L 101 102.04 5.40 7.08
C ASP L 101 101.29 5.92 8.31
N VAL L 102 101.95 6.01 9.46
CA VAL L 102 101.29 6.44 10.69
C VAL L 102 101.10 7.95 10.64
N THR L 103 99.86 8.39 10.86
CA THR L 103 99.53 9.81 10.88
C THR L 103 99.06 10.31 12.24
N LEU L 104 98.44 9.46 13.05
CA LEU L 104 97.92 9.86 14.35
C LEU L 104 98.65 9.14 15.47
N LEU L 105 98.99 9.90 16.51
CA LEU L 105 99.59 9.36 17.73
C LEU L 105 98.55 9.47 18.83
N VAL L 106 97.94 8.34 19.19
CA VAL L 106 96.78 8.32 20.07
C VAL L 106 97.21 7.81 21.44
N ALA L 107 96.93 8.59 22.48
CA ALA L 107 97.21 8.21 23.86
C ALA L 107 96.02 7.40 24.36
N ALA L 108 96.10 6.09 24.26
CA ALA L 108 95.01 5.21 24.68
C ALA L 108 95.07 4.97 26.19
N GLY L 109 95.00 6.07 26.93
CA GLY L 109 95.03 6.03 28.38
C GLY L 109 96.40 6.12 29.00
N GLU L 110 97.47 6.08 28.20
CA GLU L 110 98.82 6.15 28.72
C GLU L 110 99.29 7.60 28.80
N ASN L 111 100.54 7.79 29.21
CA ASN L 111 101.17 9.10 29.28
C ASN L 111 102.21 9.17 28.17
N ILE L 112 101.95 10.00 27.16
CA ILE L 112 102.83 10.09 26.00
C ILE L 112 103.32 11.53 25.85
N THR L 113 103.45 12.23 26.98
CA THR L 113 103.88 13.63 26.92
C THR L 113 105.28 13.76 26.34
N THR L 114 106.19 12.86 26.74
CA THR L 114 107.55 12.92 26.24
C THR L 114 107.62 12.58 24.75
N ALA L 115 106.87 11.55 24.33
CA ALA L 115 106.90 11.15 22.93
C ALA L 115 106.35 12.25 22.02
N VAL L 116 105.29 12.92 22.47
CA VAL L 116 104.70 13.98 21.66
C VAL L 116 105.67 15.13 21.48
N SER L 117 106.36 15.53 22.54
CA SER L 117 107.29 16.65 22.45
C SER L 117 108.45 16.35 21.52
N THR L 118 108.72 15.07 21.26
CA THR L 118 109.80 14.68 20.37
C THR L 118 109.32 14.40 18.95
N LEU L 119 108.30 13.55 18.81
CA LEU L 119 107.84 13.14 17.50
C LEU L 119 107.05 14.23 16.79
N CYS L 120 106.16 14.92 17.51
CA CYS L 120 105.27 15.89 16.89
C CYS L 120 105.98 17.22 16.66
N LYS L 121 106.65 17.36 15.52
CA LYS L 121 107.36 18.55 15.13
C LYS L 121 107.00 18.89 13.69
N PRO L 122 107.21 20.15 13.27
CA PRO L 122 106.95 20.50 11.87
C PRO L 122 107.75 19.63 10.92
N GLY L 123 107.09 19.18 9.85
CA GLY L 123 107.70 18.35 8.84
C GLY L 123 107.59 16.86 9.08
N LYS L 124 107.28 16.44 10.31
CA LYS L 124 107.18 15.02 10.60
C LYS L 124 105.84 14.42 10.18
N GLY L 125 104.83 15.25 9.93
CA GLY L 125 103.54 14.77 9.49
C GLY L 125 102.82 13.90 10.50
N LEU L 126 102.79 14.32 11.74
CA LEU L 126 102.13 13.56 12.81
C LEU L 126 101.22 14.49 13.61
N PHE L 127 100.11 13.93 14.08
CA PHE L 127 99.18 14.63 14.95
C PHE L 127 98.90 13.76 16.16
N ALA L 128 98.82 14.39 17.33
CA ALA L 128 98.66 13.70 18.60
C ALA L 128 97.28 13.94 19.18
N ILE L 129 96.70 12.90 19.77
CA ILE L 129 95.41 12.99 20.45
C ILE L 129 95.62 12.62 21.90
N PHE L 130 95.39 13.57 22.80
CA PHE L 130 95.63 13.39 24.22
C PHE L 130 94.36 12.93 24.92
N ASP L 131 94.44 12.85 26.25
CA ASP L 131 93.30 12.58 27.11
C ASP L 131 93.15 13.72 28.11
N GLY L 132 91.90 14.11 28.36
CA GLY L 132 91.62 15.15 29.33
C GLY L 132 91.74 14.64 30.74
N PRO L 133 91.61 15.56 31.70
CA PRO L 133 91.68 15.18 33.10
C PRO L 133 90.58 14.19 33.46
N THR L 134 90.90 13.28 34.39
CA THR L 134 89.95 12.28 34.84
C THR L 134 89.02 12.78 35.94
N THR L 135 89.30 13.95 36.51
CA THR L 135 88.50 14.52 37.57
C THR L 135 87.60 15.62 37.00
N GLU L 136 86.92 16.34 37.90
CA GLU L 136 86.11 17.46 37.46
C GLU L 136 86.99 18.59 36.96
N LEU L 137 86.40 19.48 36.16
CA LEU L 137 87.11 20.61 35.60
C LEU L 137 87.18 21.74 36.62
N LYS L 138 88.38 22.25 36.86
CA LYS L 138 88.55 23.36 37.78
C LYS L 138 88.01 24.63 37.15
N SER L 139 87.23 25.39 37.93
CA SER L 139 86.59 26.59 37.42
C SER L 139 87.54 27.78 37.32
N ASP L 140 88.75 27.68 37.86
CA ASP L 140 89.73 28.75 37.74
C ASP L 140 90.39 28.78 36.37
N GLY L 141 90.18 27.77 35.54
CA GLY L 141 90.78 27.73 34.22
C GLY L 141 92.19 27.18 34.17
N THR L 142 92.58 26.38 35.17
CA THR L 142 93.94 25.84 35.25
C THR L 142 93.94 24.32 35.18
N SER L 143 92.97 23.73 34.50
CA SER L 143 92.91 22.29 34.32
C SER L 143 93.70 21.81 33.10
N ASN L 144 94.35 22.73 32.38
CA ASN L 144 95.13 22.40 31.20
C ASN L 144 96.58 22.88 31.33
N SER L 145 97.07 23.04 32.56
CA SER L 145 98.39 23.62 32.75
C SER L 145 99.51 22.64 32.41
N ASP L 146 99.21 21.33 32.39
CA ASP L 146 100.24 20.33 32.18
C ASP L 146 100.46 19.99 30.71
N TYR L 147 99.78 20.66 29.79
CA TYR L 147 99.93 20.38 28.37
C TYR L 147 100.81 21.43 27.71
N ASP L 148 101.69 20.98 26.84
CA ASP L 148 102.55 21.89 26.08
C ASP L 148 101.75 22.53 24.95
N PRO L 149 102.07 23.78 24.61
CA PRO L 149 101.37 24.45 23.49
C PRO L 149 101.85 23.96 22.13
N ASN L 150 101.56 22.69 21.85
CA ASN L 150 101.99 22.07 20.60
C ASN L 150 100.89 22.17 19.56
N PRO L 151 101.12 22.82 18.42
CA PRO L 151 100.09 22.88 17.37
C PRO L 151 99.82 21.55 16.69
N PHE L 152 100.50 20.47 17.08
CA PHE L 152 100.29 19.16 16.50
C PHE L 152 99.59 18.20 17.45
N ALA L 153 98.90 18.73 18.46
CA ALA L 153 98.24 17.90 19.47
C ALA L 153 96.88 18.49 19.81
N ALA L 154 96.02 17.66 20.37
CA ALA L 154 94.70 18.08 20.80
C ALA L 154 94.29 17.27 22.03
N VAL L 155 93.43 17.85 22.84
CA VAL L 155 92.97 17.25 24.09
C VAL L 155 91.45 17.13 24.04
N TYR L 156 90.94 16.01 24.55
CA TYR L 156 89.51 15.75 24.57
C TYR L 156 89.06 15.34 25.96
N TYR L 157 87.94 15.87 26.40
CA TYR L 157 87.37 15.66 27.72
C TYR L 157 85.86 15.51 27.60
N PRO L 158 85.23 14.68 28.43
CA PRO L 158 85.79 13.79 29.46
C PRO L 158 85.85 12.34 29.00
N TRP L 159 86.18 11.43 29.92
CA TRP L 159 86.20 10.02 29.60
C TRP L 159 84.78 9.49 29.44
N LEU L 160 84.66 8.39 28.69
CA LEU L 160 83.36 7.88 28.26
C LEU L 160 83.03 6.56 28.96
N THR L 161 81.74 6.27 29.05
CA THR L 161 81.23 5.03 29.59
C THR L 161 80.16 4.48 28.66
N ALA L 162 79.87 3.19 28.81
CA ALA L 162 78.88 2.52 27.97
C ALA L 162 78.16 1.47 28.79
N ASP L 163 77.33 0.66 28.13
CA ASP L 163 76.65 -0.43 28.81
C ASP L 163 77.63 -1.50 29.28
N TRP L 164 78.63 -1.80 28.46
CA TRP L 164 79.63 -2.83 28.76
C TRP L 164 80.82 -2.25 29.52
N THR L 165 80.55 -1.54 30.62
CA THR L 165 81.58 -0.83 31.34
C THR L 165 81.64 -1.31 32.79
N THR L 166 82.79 -1.08 33.41
CA THR L 166 83.07 -1.52 34.77
C THR L 166 83.83 -0.38 35.44
N THR L 167 84.53 -0.68 36.54
CA THR L 167 85.24 0.34 37.32
C THR L 167 86.19 1.20 36.48
N ILE L 168 86.54 0.76 35.28
CA ILE L 168 87.38 1.55 34.39
C ILE L 168 86.52 2.17 33.31
N ASP L 169 86.88 3.39 32.90
CA ASP L 169 86.15 4.14 31.90
C ASP L 169 86.98 4.28 30.63
N ILE L 170 86.30 4.28 29.49
CA ILE L 170 86.97 4.33 28.18
C ILE L 170 87.68 5.67 28.05
N PRO L 171 88.95 5.69 27.66
CA PRO L 171 89.63 6.97 27.39
C PRO L 171 89.05 7.64 26.16
N PRO L 172 88.89 8.96 26.19
CA PRO L 172 88.26 9.66 25.06
C PRO L 172 89.07 9.59 23.78
N SER L 173 90.39 9.37 23.86
CA SER L 173 91.21 9.37 22.65
C SER L 173 90.86 8.21 21.73
N ALA L 174 90.52 7.05 22.31
CA ALA L 174 90.22 5.88 21.49
C ALA L 174 88.98 6.10 20.63
N ALA L 175 87.95 6.71 21.20
CA ALA L 175 86.73 6.95 20.44
C ALA L 175 86.92 8.09 19.43
N ILE L 176 87.68 9.12 19.82
CA ILE L 176 87.89 10.26 18.94
C ILE L 176 88.65 9.85 17.68
N ALA L 177 89.67 8.99 17.84
CA ALA L 177 90.43 8.55 16.69
C ALA L 177 89.55 7.82 15.68
N GLY L 178 88.53 7.12 16.17
CA GLY L 178 87.57 6.51 15.26
C GLY L 178 86.76 7.54 14.50
N VAL L 179 86.41 8.64 15.17
CA VAL L 179 85.70 9.74 14.51
C VAL L 179 86.57 10.32 13.41
N TYR L 180 87.89 10.40 13.64
CA TYR L 180 88.79 10.92 12.61
C TYR L 180 88.73 10.07 11.35
N CYS L 181 88.72 8.74 11.50
CA CYS L 181 88.68 7.87 10.34
C CYS L 181 87.37 8.02 9.59
N SER L 182 86.24 8.11 10.32
CA SER L 182 84.95 8.19 9.67
C SER L 182 84.76 9.51 8.94
N VAL L 183 85.11 10.63 9.59
CA VAL L 183 84.90 11.94 8.98
C VAL L 183 85.78 12.09 7.74
N ASP L 184 87.04 11.67 7.83
CA ASP L 184 87.95 11.82 6.69
C ASP L 184 87.47 11.03 5.48
N SER L 185 86.99 9.79 5.70
CA SER L 185 86.51 8.98 4.59
C SER L 185 85.19 9.48 4.05
N THR L 186 84.44 10.25 4.86
CA THR L 186 83.12 10.70 4.46
C THR L 186 83.15 12.09 3.84
N ARG L 187 83.75 13.07 4.54
CA ARG L 187 83.71 14.45 4.11
C ARG L 187 85.08 15.08 3.90
N GLY L 188 86.16 14.31 3.98
CA GLY L 188 87.47 14.84 3.71
C GLY L 188 88.19 15.30 4.97
N VAL L 189 89.52 15.38 4.86
CA VAL L 189 90.35 15.76 6.01
C VAL L 189 90.22 17.24 6.34
N TRP L 190 89.69 18.05 5.41
CA TRP L 190 89.56 19.48 5.63
C TRP L 190 88.32 19.87 6.41
N LYS L 191 87.46 18.91 6.73
CA LYS L 191 86.23 19.18 7.47
C LYS L 191 86.47 18.94 8.95
N ALA L 192 85.91 19.82 9.78
CA ALA L 192 86.14 19.76 11.21
C ALA L 192 85.64 18.44 11.78
N PRO L 193 86.46 17.70 12.54
CA PRO L 193 86.02 16.46 13.18
C PRO L 193 85.22 16.70 14.45
N ALA L 194 84.26 17.62 14.37
CA ALA L 194 83.36 17.95 15.47
C ALA L 194 81.94 18.03 14.93
N ASN L 195 80.99 18.26 15.85
CA ASN L 195 79.56 18.27 15.50
C ASN L 195 79.16 16.97 14.82
N VAL L 196 79.70 15.87 15.31
CA VAL L 196 79.39 14.55 14.77
C VAL L 196 79.05 13.62 15.93
N PRO L 197 78.09 12.71 15.77
CA PRO L 197 77.74 11.81 16.85
C PRO L 197 78.85 10.80 17.14
N ILE L 198 78.91 10.36 18.39
CA ILE L 198 79.81 9.30 18.79
C ILE L 198 79.03 7.99 18.77
N GLN L 199 79.45 7.06 17.93
CA GLN L 199 78.69 5.84 17.73
C GLN L 199 78.78 4.95 18.96
N GLY L 200 77.90 3.95 19.01
CA GLY L 200 77.77 3.11 20.18
C GLY L 200 76.95 3.78 21.26
N GLY L 201 77.02 3.18 22.46
CA GLY L 201 76.29 3.70 23.59
C GLY L 201 77.12 4.58 24.49
N LEU L 202 78.21 5.13 23.94
CA LEU L 202 79.15 5.90 24.74
C LEU L 202 78.50 7.19 25.24
N GLN L 203 78.70 7.48 26.52
CA GLN L 203 78.21 8.69 27.16
C GLN L 203 79.34 9.36 27.94
N PRO L 204 79.39 10.69 27.96
CA PRO L 204 80.38 11.37 28.80
C PRO L 204 80.14 11.08 30.27
N LYS L 205 81.24 10.98 31.03
CA LYS L 205 81.12 10.69 32.45
C LYS L 205 80.66 11.91 33.24
N TYR L 206 81.00 13.11 32.80
CA TYR L 206 80.65 14.33 33.51
C TYR L 206 79.97 15.30 32.55
N PRO L 207 79.05 16.13 33.06
CA PRO L 207 78.38 17.10 32.20
C PRO L 207 79.13 18.42 32.12
N VAL L 208 79.22 18.95 30.91
CA VAL L 208 79.90 20.22 30.64
C VAL L 208 78.87 21.19 30.09
N THR L 209 78.82 22.39 30.67
CA THR L 209 77.88 23.41 30.26
C THR L 209 78.59 24.48 29.41
N ASP L 210 77.82 25.46 28.97
CA ASP L 210 78.39 26.55 28.16
C ASP L 210 79.33 27.40 28.99
N ASP L 211 79.05 27.54 30.29
CA ASP L 211 79.91 28.35 31.14
C ASP L 211 81.22 27.64 31.45
N LEU L 212 81.17 26.31 31.62
CA LEU L 212 82.39 25.55 31.88
C LEU L 212 83.31 25.55 30.68
N GLN L 213 82.74 25.34 29.48
CA GLN L 213 83.56 25.28 28.26
C GLN L 213 84.09 26.65 27.88
N ALA L 214 83.46 27.73 28.33
CA ALA L 214 83.90 29.07 27.94
C ALA L 214 85.31 29.37 28.43
N GLN L 215 85.73 28.75 29.54
CA GLN L 215 87.07 28.97 30.06
C GLN L 215 88.13 28.23 29.27
N TYR L 216 87.80 27.06 28.72
CA TYR L 216 88.77 26.18 28.08
C TYR L 216 88.57 26.12 26.57
N ASN L 217 88.24 27.25 25.95
CA ASN L 217 88.12 27.34 24.51
C ASN L 217 89.07 28.35 23.90
N GLN L 218 90.08 28.79 24.65
CA GLN L 218 91.12 29.66 24.13
C GLN L 218 92.44 29.28 24.78
N GLY L 219 93.54 29.68 24.12
CA GLY L 219 94.84 29.24 24.57
C GLY L 219 94.98 27.74 24.38
N LYS L 220 95.44 27.04 25.41
CA LYS L 220 95.54 25.59 25.38
C LYS L 220 94.14 25.02 25.58
N ALA L 221 93.36 25.03 24.50
CA ALA L 221 91.95 24.68 24.56
C ALA L 221 91.76 23.18 24.74
N LEU L 222 90.72 22.81 25.49
CA LEU L 222 90.29 21.44 25.62
C LEU L 222 89.01 21.23 24.81
N ASN L 223 88.97 20.17 24.02
CA ASN L 223 87.78 19.83 23.26
C ASN L 223 86.85 18.99 24.12
N MET L 224 85.56 19.30 24.07
CA MET L 224 84.57 18.69 24.94
C MET L 224 83.67 17.74 24.17
N ILE L 225 83.18 16.73 24.88
CA ILE L 225 82.15 15.83 24.37
C ILE L 225 80.90 16.06 25.20
N ARG L 226 79.87 16.62 24.59
CA ARG L 226 78.68 17.05 25.29
C ARG L 226 77.45 16.38 24.70
N THR L 227 76.42 16.24 25.53
CA THR L 227 75.14 15.67 25.13
C THR L 227 74.11 16.79 25.03
N PHE L 228 73.40 16.83 23.92
CA PHE L 228 72.43 17.87 23.67
C PHE L 228 71.02 17.28 23.61
N PRO L 229 69.99 18.07 23.90
CA PRO L 229 68.66 17.49 24.13
C PRO L 229 68.11 16.65 22.98
N LYS L 230 68.41 17.02 21.73
CA LYS L 230 67.84 16.32 20.60
C LYS L 230 68.85 15.54 19.76
N SER L 231 70.10 16.00 19.70
CA SER L 231 71.08 15.42 18.79
C SER L 231 71.95 14.35 19.46
N GLY L 232 71.71 14.03 20.72
CA GLY L 232 72.50 13.01 21.38
C GLY L 232 73.86 13.50 21.82
N THR L 233 74.87 12.65 21.75
CA THR L 233 76.22 12.99 22.17
C THR L 233 77.05 13.39 20.95
N LEU L 234 77.64 14.59 21.02
CA LEU L 234 78.38 15.15 19.91
C LEU L 234 79.77 15.58 20.38
N VAL L 235 80.72 15.56 19.46
CA VAL L 235 82.05 16.11 19.73
C VAL L 235 81.97 17.62 19.54
N TRP L 236 82.28 18.37 20.59
CA TRP L 236 82.11 19.82 20.61
C TRP L 236 83.49 20.46 20.82
N GLY L 237 84.20 20.69 19.73
CA GLY L 237 85.50 21.32 19.79
C GLY L 237 86.41 20.92 18.65
N ALA L 238 87.10 21.89 18.04
CA ALA L 238 87.99 21.62 16.93
C ALA L 238 89.26 22.46 17.00
N ARG L 239 89.75 22.74 18.20
CA ARG L 239 90.89 23.62 18.39
C ARG L 239 92.10 22.82 18.87
N THR L 240 93.28 23.19 18.38
CA THR L 240 94.53 22.59 18.80
C THR L 240 95.00 23.24 20.09
N LEU L 241 96.24 22.95 20.49
CA LEU L 241 96.79 23.48 21.72
C LEU L 241 97.51 24.82 21.54
N GLU L 242 97.56 25.35 20.34
CA GLU L 242 98.18 26.65 20.08
C GLU L 242 97.11 27.60 19.57
N ASP L 243 96.96 28.74 20.23
CA ASP L 243 95.98 29.76 19.85
C ASP L 243 96.69 30.81 19.01
N ASN L 244 96.68 30.59 17.69
CA ASN L 244 97.36 31.46 16.74
C ASN L 244 96.50 31.56 15.49
N ASP L 245 96.69 32.64 14.74
CA ASP L 245 95.92 32.82 13.50
C ASP L 245 96.16 31.66 12.54
N ASN L 246 97.32 31.01 12.62
CA ASN L 246 97.57 29.75 11.97
C ASN L 246 97.47 28.62 12.98
N TRP L 247 97.03 27.45 12.51
CA TRP L 247 96.97 26.23 13.30
C TRP L 247 96.06 26.35 14.52
N ARG L 248 95.15 27.33 14.52
CA ARG L 248 94.16 27.41 15.59
C ARG L 248 93.22 26.21 15.55
N TYR L 249 92.79 25.81 14.35
CA TYR L 249 91.81 24.76 14.18
C TYR L 249 92.48 23.45 13.76
N ILE L 250 91.92 22.35 14.24
CA ILE L 250 92.42 21.03 13.83
C ILE L 250 92.35 20.83 12.32
N PRO L 251 91.26 21.17 11.62
CA PRO L 251 91.23 20.90 10.17
C PRO L 251 92.36 21.55 9.39
N VAL L 252 92.73 22.78 9.74
CA VAL L 252 93.78 23.47 9.00
C VAL L 252 95.11 22.75 9.18
N ARG L 253 95.43 22.37 10.42
CA ARG L 253 96.69 21.68 10.67
C ARG L 253 96.70 20.29 10.03
N ARG L 254 95.59 19.56 10.12
CA ARG L 254 95.58 18.20 9.59
C ARG L 254 95.52 18.19 8.07
N LEU L 255 94.91 19.22 7.47
CA LEU L 255 94.90 19.32 6.01
C LEU L 255 96.32 19.53 5.49
N PHE L 256 97.09 20.40 6.13
CA PHE L 256 98.47 20.63 5.69
C PHE L 256 99.31 19.38 5.88
N ASN L 257 99.07 18.63 6.96
CA ASN L 257 99.79 17.37 7.16
C ASN L 257 99.47 16.38 6.04
N SER L 258 98.20 16.29 5.65
CA SER L 258 97.82 15.38 4.58
C SER L 258 98.37 15.85 3.23
N ALA L 259 98.29 17.15 2.97
CA ALA L 259 98.77 17.67 1.69
C ALA L 259 100.28 17.51 1.54
N GLU L 260 101.02 17.73 2.62
CA GLU L 260 102.47 17.55 2.57
C GLU L 260 102.84 16.11 2.28
N ARG L 261 102.14 15.17 2.91
CA ARG L 261 102.42 13.75 2.67
C ARG L 261 102.07 13.35 1.25
N ASP L 262 100.91 13.79 0.76
CA ASP L 262 100.50 13.45 -0.60
C ASP L 262 101.41 14.09 -1.64
N ILE L 263 101.79 15.35 -1.43
CA ILE L 263 102.70 16.03 -2.35
C ILE L 263 104.06 15.37 -2.33
N LYS L 264 104.52 14.95 -1.15
CA LYS L 264 105.81 14.28 -1.04
C LYS L 264 105.84 12.98 -1.82
N ASN L 265 104.73 12.22 -1.78
CA ASN L 265 104.65 10.98 -2.54
C ASN L 265 104.61 11.24 -4.05
N ALA L 266 104.04 12.36 -4.47
CA ALA L 266 103.90 12.64 -5.90
C ALA L 266 105.24 12.93 -6.55
N MET L 267 106.13 13.64 -5.85
CA MET L 267 107.41 14.02 -6.40
C MET L 267 108.56 13.09 -6.01
N SER L 268 108.27 12.01 -5.28
CA SER L 268 109.33 11.10 -4.85
C SER L 268 110.02 10.43 -6.04
N PHE L 269 109.40 10.46 -7.22
CA PHE L 269 110.04 9.94 -8.42
C PHE L 269 111.24 10.77 -8.85
N ALA L 270 111.34 12.01 -8.39
CA ALA L 270 112.38 12.93 -8.86
C ALA L 270 113.68 12.82 -8.09
N VAL L 271 113.73 12.03 -7.01
CA VAL L 271 114.98 11.85 -6.29
C VAL L 271 115.92 10.97 -7.11
N PHE L 272 117.22 11.27 -7.02
CA PHE L 272 118.26 10.57 -7.79
C PHE L 272 118.07 10.75 -9.29
N GLU L 273 117.53 11.89 -9.68
CA GLU L 273 117.42 12.33 -11.07
C GLU L 273 118.34 13.51 -11.30
N PRO L 274 118.68 13.81 -12.55
CA PRO L 274 119.54 14.98 -12.82
C PRO L 274 118.89 16.25 -12.30
N ASN L 275 119.72 17.12 -11.72
CA ASN L 275 119.24 18.37 -11.11
C ASN L 275 119.30 19.49 -12.13
N SER L 276 118.44 19.36 -13.14
CA SER L 276 118.39 20.31 -14.25
C SER L 276 116.96 20.78 -14.45
N GLN L 277 116.82 21.80 -15.30
CA GLN L 277 115.51 22.38 -15.56
C GLN L 277 114.47 21.38 -16.06
N PRO L 278 114.78 20.44 -16.95
CA PRO L 278 113.75 19.46 -17.36
C PRO L 278 113.17 18.69 -16.19
N THR L 279 113.97 18.37 -15.18
CA THR L 279 113.43 17.71 -13.99
C THR L 279 112.54 18.65 -13.19
N TRP L 280 112.93 19.93 -13.08
CA TRP L 280 112.14 20.88 -12.32
C TRP L 280 110.75 21.05 -12.92
N GLU L 281 110.66 21.08 -14.25
CA GLU L 281 109.36 21.19 -14.89
C GLU L 281 108.49 19.97 -14.61
N ARG L 282 109.09 18.78 -14.59
CA ARG L 282 108.33 17.57 -14.31
C ARG L 282 107.75 17.59 -12.90
N VAL L 283 108.51 18.08 -11.93
CA VAL L 283 108.01 18.16 -10.56
C VAL L 283 106.92 19.23 -10.45
N ARG L 284 107.09 20.34 -11.17
CA ARG L 284 106.07 21.39 -11.15
C ARG L 284 104.74 20.88 -11.69
N SER L 285 104.77 20.07 -12.75
CA SER L 285 103.54 19.51 -13.28
C SER L 285 102.88 18.58 -12.27
N ALA L 286 103.68 17.78 -11.56
CA ALA L 286 103.13 16.85 -10.58
C ALA L 286 102.45 17.59 -9.43
N VAL L 287 103.09 18.63 -8.91
CA VAL L 287 102.53 19.37 -7.79
C VAL L 287 101.28 20.12 -8.23
N ASN L 288 101.33 20.77 -9.39
CA ASN L 288 100.18 21.52 -9.87
C ASN L 288 99.00 20.61 -10.16
N ASN L 289 99.27 19.39 -10.64
CA ASN L 289 98.18 18.45 -10.91
C ASN L 289 97.48 18.04 -9.62
N TYR L 290 98.25 17.81 -8.56
CA TYR L 290 97.65 17.41 -7.29
C TYR L 290 96.87 18.55 -6.66
N LEU L 291 97.43 19.76 -6.65
CA LEU L 291 96.78 20.88 -5.98
C LEU L 291 95.49 21.27 -6.67
N TYR L 292 95.44 21.16 -8.00
CA TYR L 292 94.19 21.41 -8.71
C TYR L 292 93.13 20.38 -8.33
N SER L 293 93.53 19.11 -8.21
CA SER L 293 92.59 18.08 -7.80
C SER L 293 92.08 18.32 -6.39
N LEU L 294 92.96 18.75 -5.49
CA LEU L 294 92.54 19.06 -4.12
C LEU L 294 91.56 20.22 -4.09
N TRP L 295 91.82 21.25 -4.89
CA TRP L 295 90.89 22.39 -4.95
C TRP L 295 89.55 21.98 -5.52
N GLN L 296 89.55 21.07 -6.50
CA GLN L 296 88.30 20.63 -7.10
C GLN L 296 87.42 19.91 -6.08
N GLN L 297 88.04 19.10 -5.22
CA GLN L 297 87.27 18.38 -4.20
C GLN L 297 86.68 19.30 -3.15
N GLY L 298 87.10 20.56 -3.10
CA GLY L 298 86.64 21.49 -2.09
C GLY L 298 87.56 21.66 -0.91
N GLY L 299 88.79 21.16 -0.97
CA GLY L 299 89.71 21.24 0.14
C GLY L 299 90.45 22.56 0.28
N LEU L 300 90.36 23.44 -0.70
CA LEU L 300 91.03 24.73 -0.66
C LEU L 300 90.01 25.86 -0.84
N ALA L 301 90.39 27.04 -0.38
CA ALA L 301 89.52 28.20 -0.40
C ALA L 301 89.87 29.10 -1.59
N GLY L 302 88.87 29.40 -2.41
CA GLY L 302 89.06 30.26 -3.56
C GLY L 302 88.11 29.96 -4.69
N ASN L 303 87.68 30.99 -5.41
CA ASN L 303 86.74 30.79 -6.51
C ASN L 303 87.44 30.23 -7.75
N LYS L 304 88.72 30.53 -7.94
CA LYS L 304 89.50 29.98 -9.03
C LYS L 304 90.83 29.47 -8.50
N PRO L 305 91.45 28.51 -9.19
CA PRO L 305 92.69 27.92 -8.66
C PRO L 305 93.81 28.93 -8.44
N ASP L 306 93.85 30.02 -9.21
CA ASP L 306 94.86 31.04 -8.98
C ASP L 306 94.71 31.68 -7.61
N ASP L 307 93.50 31.70 -7.07
CA ASP L 307 93.24 32.23 -5.74
C ASP L 307 93.45 31.19 -4.64
N ALA L 308 93.65 29.92 -4.99
CA ALA L 308 93.74 28.85 -4.01
C ALA L 308 95.16 28.40 -3.72
N TYR L 309 96.04 28.40 -4.72
CA TYR L 309 97.39 27.92 -4.51
C TYR L 309 98.31 28.52 -5.56
N PHE L 310 99.62 28.47 -5.26
CA PHE L 310 100.64 28.83 -6.23
C PHE L 310 101.85 27.93 -6.02
N VAL L 311 102.56 27.65 -7.11
CA VAL L 311 103.77 26.83 -7.09
C VAL L 311 104.88 27.60 -7.78
N GLN L 312 106.03 27.70 -7.13
CA GLN L 312 107.20 28.36 -7.70
C GLN L 312 108.40 27.43 -7.62
N ILE L 313 109.12 27.30 -8.74
CA ILE L 313 110.38 26.58 -8.77
C ILE L 313 111.19 27.06 -9.97
N GLY L 314 112.46 27.34 -9.76
CA GLY L 314 113.32 27.78 -10.84
C GLY L 314 114.56 28.46 -10.31
N LYS L 315 115.52 28.63 -11.22
CA LYS L 315 116.78 29.26 -10.85
C LYS L 315 116.56 30.74 -10.57
N ASP L 316 117.18 31.22 -9.49
CA ASP L 316 117.07 32.59 -8.99
C ASP L 316 115.65 32.94 -8.56
N ILE L 317 114.78 31.95 -8.44
CA ILE L 317 113.45 32.13 -7.87
C ILE L 317 113.32 31.40 -6.54
N THR L 318 113.77 30.15 -6.49
CA THR L 318 113.77 29.36 -5.26
C THR L 318 115.13 28.83 -4.87
N MET L 319 116.06 28.64 -5.81
CA MET L 319 117.38 28.10 -5.50
C MET L 319 118.44 28.93 -6.20
N THR L 320 119.66 28.83 -5.69
CA THR L 320 120.81 29.56 -6.19
C THR L 320 121.85 28.56 -6.71
N ASP L 321 123.03 29.09 -7.08
CA ASP L 321 124.10 28.23 -7.58
C ASP L 321 124.58 27.28 -6.49
N ASP L 322 124.69 27.77 -5.25
CA ASP L 322 125.15 26.92 -4.16
C ASP L 322 124.18 25.77 -3.91
N ASP L 323 122.87 26.05 -3.96
CA ASP L 323 121.89 24.99 -3.74
C ASP L 323 121.97 23.92 -4.80
N ILE L 324 122.12 24.32 -6.07
CA ILE L 324 122.17 23.35 -7.16
C ILE L 324 123.43 22.50 -7.07
N LYS L 325 124.58 23.14 -6.78
CA LYS L 325 125.83 22.40 -6.69
C LYS L 325 125.87 21.43 -5.52
N GLN L 326 125.01 21.61 -4.52
CA GLN L 326 124.93 20.71 -3.38
C GLN L 326 123.91 19.60 -3.59
N GLY L 327 123.25 19.55 -4.75
CA GLY L 327 122.23 18.56 -5.00
C GLY L 327 120.87 18.88 -4.44
N LYS L 328 120.62 20.13 -4.06
CA LYS L 328 119.35 20.52 -3.47
C LYS L 328 118.40 21.07 -4.53
N MET L 329 117.14 20.68 -4.42
CA MET L 329 116.07 21.20 -5.26
C MET L 329 115.00 21.76 -4.33
N ILE L 330 114.65 23.03 -4.50
CA ILE L 330 113.81 23.76 -3.56
C ILE L 330 112.53 24.16 -4.28
N ILE L 331 111.39 23.84 -3.67
CA ILE L 331 110.07 24.17 -4.20
C ILE L 331 109.30 24.89 -3.11
N LYS L 332 108.54 25.92 -3.51
CA LYS L 332 107.77 26.72 -2.58
C LYS L 332 106.30 26.68 -2.96
N ILE L 333 105.45 26.31 -2.00
CA ILE L 333 104.03 26.09 -2.23
C ILE L 333 103.25 26.93 -1.23
N GLY L 334 102.26 27.66 -1.72
CA GLY L 334 101.38 28.41 -0.85
C GLY L 334 99.92 28.13 -1.13
N MET L 335 99.19 27.62 -0.14
CA MET L 335 97.80 27.24 -0.32
C MET L 335 96.95 27.84 0.79
N ALA L 336 95.71 28.17 0.45
CA ALA L 336 94.77 28.79 1.38
C ALA L 336 93.75 27.77 1.84
N ALA L 337 93.61 27.64 3.16
CA ALA L 337 92.67 26.71 3.76
C ALA L 337 91.40 27.44 4.19
N VAL L 338 90.28 26.71 4.14
CA VAL L 338 88.99 27.27 4.50
C VAL L 338 88.74 27.02 5.98
N ARG L 339 88.34 28.07 6.69
CA ARG L 339 88.09 27.97 8.12
C ARG L 339 86.59 27.95 8.41
N PRO L 340 86.16 27.14 9.38
CA PRO L 340 84.72 26.96 9.61
C PRO L 340 84.11 28.07 10.44
N ALA L 341 82.79 28.15 10.37
CA ALA L 341 82.03 29.02 11.27
C ALA L 341 81.89 28.35 12.63
N GLU L 342 82.17 29.10 13.69
CA GLU L 342 82.19 28.54 15.03
C GLU L 342 81.13 29.10 15.95
N PHE L 343 80.80 30.38 15.85
CA PHE L 343 79.84 31.03 16.72
C PHE L 343 78.62 31.47 15.90
N ILE L 344 77.44 31.03 16.33
CA ILE L 344 76.18 31.41 15.70
C ILE L 344 75.45 32.35 16.65
N ILE L 345 75.07 33.51 16.14
CA ILE L 345 74.44 34.56 16.93
C ILE L 345 73.04 34.81 16.38
N LEU L 346 72.03 34.63 17.22
CA LEU L 346 70.65 34.92 16.86
C LEU L 346 70.23 36.23 17.52
N GLN L 347 69.78 37.18 16.71
CA GLN L 347 69.31 38.46 17.19
C GLN L 347 67.79 38.50 17.05
N PHE L 348 67.10 38.69 18.18
CA PHE L 348 65.66 38.64 18.23
C PHE L 348 65.09 40.03 18.51
N THR L 349 64.00 40.36 17.84
CA THR L 349 63.33 41.65 18.02
C THR L 349 61.86 41.48 17.70
N GLN L 350 61.07 42.44 18.17
CA GLN L 350 59.62 42.41 17.95
C GLN L 350 59.19 43.53 17.01
N TYR M 5 69.29 41.95 -17.17
CA TYR M 5 68.36 41.00 -17.77
C TYR M 5 69.07 39.72 -18.17
N THR M 6 70.34 39.61 -17.81
CA THR M 6 71.14 38.46 -18.21
C THR M 6 70.55 37.18 -17.63
N PRO M 7 70.21 36.20 -18.46
CA PRO M 7 69.55 34.98 -17.95
C PRO M 7 70.57 34.02 -17.35
N SER M 8 70.04 33.01 -16.67
CA SER M 8 70.83 32.04 -15.93
C SER M 8 70.80 30.69 -16.61
N VAL M 9 71.94 30.01 -16.64
CA VAL M 9 72.03 28.67 -17.20
C VAL M 9 71.34 27.70 -16.26
N SER M 10 71.06 26.49 -16.76
CA SER M 10 70.28 25.52 -16.00
C SER M 10 71.06 24.22 -15.72
N HIS M 11 72.38 24.27 -15.77
CA HIS M 11 73.21 23.08 -15.55
C HIS M 11 74.09 23.19 -14.32
N ARG M 12 73.87 24.21 -13.48
CA ARG M 12 74.58 24.33 -12.21
C ARG M 12 73.54 24.52 -11.11
N PHE M 13 73.42 23.52 -10.24
CA PHE M 13 72.36 23.52 -9.24
C PHE M 13 72.79 22.60 -8.10
N ILE M 14 72.11 22.74 -6.96
CA ILE M 14 72.38 21.91 -5.80
C ILE M 14 71.07 21.71 -5.05
N ALA M 15 70.96 20.55 -4.38
CA ALA M 15 69.81 20.22 -3.57
C ALA M 15 70.28 19.72 -2.22
N SER M 16 69.57 20.09 -1.16
CA SER M 16 69.91 19.69 0.20
C SER M 16 68.69 19.11 0.89
N PHE M 17 68.90 18.04 1.64
CA PHE M 17 67.84 17.37 2.39
C PHE M 17 68.11 17.52 3.88
N LEU M 18 67.09 17.91 4.63
CA LEU M 18 67.18 18.05 6.07
C LEU M 18 66.30 16.99 6.72
N PHE M 19 66.92 16.14 7.54
CA PHE M 19 66.21 15.09 8.26
C PHE M 19 66.25 15.44 9.74
N ASN M 20 65.09 15.77 10.31
CA ASN M 20 64.98 16.23 11.69
C ASN M 20 65.88 17.44 11.93
N ASN M 21 65.89 18.36 10.97
CA ASN M 21 66.69 19.60 11.02
C ASN M 21 68.18 19.30 11.05
N ILE M 22 68.62 18.25 10.37
CA ILE M 22 70.03 17.96 10.15
C ILE M 22 70.24 17.83 8.65
N PRO M 23 71.01 18.72 8.02
CA PRO M 23 71.26 18.59 6.58
C PRO M 23 72.12 17.37 6.28
N SER M 24 71.90 16.80 5.09
CA SER M 24 72.66 15.64 4.65
C SER M 24 73.77 16.10 3.72
N PRO M 25 75.04 15.96 4.09
CA PRO M 25 76.12 16.49 3.26
C PRO M 25 76.47 15.62 2.06
N LEU M 26 75.97 14.39 1.97
CA LEU M 26 76.33 13.47 0.91
C LEU M 26 75.24 13.36 -0.16
N ASP M 27 74.18 14.16 -0.06
CA ASP M 27 73.06 14.03 -0.99
C ASP M 27 72.82 15.34 -1.73
N ILE M 28 73.88 15.94 -2.27
CA ILE M 28 73.79 17.23 -2.94
C ILE M 28 74.05 17.15 -4.43
N ALA M 29 74.49 16.01 -4.95
CA ALA M 29 74.84 15.86 -6.35
C ALA M 29 73.77 15.03 -7.06
N PHE M 30 73.15 15.62 -8.08
CA PHE M 30 72.11 14.94 -8.84
C PHE M 30 72.30 15.20 -10.33
N GLN M 31 71.97 14.19 -11.13
CA GLN M 31 72.10 14.33 -12.58
C GLN M 31 70.98 15.22 -13.14
N ARG M 32 69.79 15.16 -12.54
CA ARG M 32 68.66 15.92 -13.06
C ARG M 32 67.67 16.16 -11.93
N ILE M 33 67.11 17.37 -11.89
CA ILE M 33 65.99 17.71 -11.01
C ILE M 33 64.90 18.32 -11.87
N SER M 34 63.68 17.80 -11.76
CA SER M 34 62.58 18.29 -12.57
C SER M 34 62.16 19.68 -12.10
N GLY M 35 61.51 20.40 -13.01
CA GLY M 35 61.04 21.73 -12.69
C GLY M 35 59.90 21.72 -11.68
N LEU M 36 59.79 22.80 -10.92
CA LEU M 36 58.77 22.95 -9.91
C LEU M 36 57.67 23.86 -10.41
N SER M 37 56.42 23.44 -10.24
CA SER M 37 55.28 24.15 -10.80
C SER M 37 54.17 24.30 -9.76
N ARG M 38 53.48 25.43 -9.82
CA ARG M 38 52.28 25.67 -9.03
C ARG M 38 51.15 26.05 -9.97
N GLU M 39 49.96 25.53 -9.71
CA GLU M 39 48.80 25.81 -10.54
C GLU M 39 47.61 26.14 -9.66
N LEU M 40 46.90 27.22 -10.02
CA LEU M 40 45.66 27.59 -9.36
C LEU M 40 44.52 27.00 -10.17
N GLN M 41 43.82 26.02 -9.60
CA GLN M 41 42.72 25.38 -10.31
C GLN M 41 41.53 26.35 -10.40
N THR M 42 40.87 26.34 -11.56
CA THR M 42 39.76 27.24 -11.81
C THR M 42 38.65 26.47 -12.53
N THR M 43 37.42 26.94 -12.34
CA THR M 43 36.27 26.46 -13.08
C THR M 43 35.61 27.63 -13.80
N GLN M 44 35.26 27.42 -15.06
CA GLN M 44 34.63 28.46 -15.86
C GLN M 44 33.13 28.50 -15.56
N TYR M 45 32.61 29.71 -15.34
CA TYR M 45 31.19 29.91 -15.10
C TYR M 45 30.59 30.72 -16.24
N SER M 46 29.36 30.38 -16.62
CA SER M 46 28.63 31.08 -17.66
C SER M 46 27.35 31.65 -17.07
N GLN M 47 27.08 32.92 -17.37
CA GLN M 47 25.89 33.59 -16.89
C GLN M 47 24.71 33.27 -17.81
N GLY M 48 23.59 33.95 -17.58
CA GLY M 48 22.42 33.74 -18.40
C GLY M 48 22.47 34.45 -19.74
N GLY M 49 22.56 35.77 -19.71
CA GLY M 49 22.59 36.57 -20.92
C GLY M 49 23.96 36.99 -21.37
N GLU M 50 25.01 36.55 -20.69
CA GLU M 50 26.38 36.90 -21.06
C GLU M 50 26.92 35.82 -21.98
N ASN M 51 26.97 36.10 -23.28
CA ASN M 51 27.36 35.13 -24.28
C ASN M 51 28.64 35.53 -25.02
N ALA M 52 29.37 36.53 -24.54
CA ALA M 52 30.57 36.98 -25.21
C ALA M 52 31.79 37.08 -24.31
N ARG M 53 31.63 37.02 -22.99
CA ARG M 53 32.73 37.08 -22.04
C ARG M 53 32.79 35.78 -21.25
N ASN M 54 33.90 35.60 -20.55
CA ASN M 54 34.11 34.42 -19.72
C ASN M 54 34.42 34.83 -18.30
N VAL M 55 34.02 33.99 -17.34
CA VAL M 55 34.29 34.22 -15.93
C VAL M 55 35.00 33.00 -15.38
N TRP M 56 36.11 33.22 -14.67
CA TRP M 56 36.91 32.16 -14.08
C TRP M 56 36.92 32.33 -12.57
N LEU M 57 36.61 31.25 -11.85
CA LEU M 57 36.50 31.27 -10.40
C LEU M 57 37.65 30.47 -9.80
N ALA M 58 38.36 31.07 -8.84
CA ALA M 58 39.53 30.44 -8.27
C ALA M 58 39.14 29.31 -7.31
N GLU M 59 40.10 28.43 -7.07
CA GLU M 59 39.92 27.25 -6.22
C GLU M 59 41.24 26.99 -5.50
N LYS M 60 41.40 25.78 -4.98
CA LYS M 60 42.61 25.41 -4.26
C LYS M 60 43.81 25.37 -5.21
N ILE M 61 45.01 25.41 -4.64
CA ILE M 61 46.26 25.45 -5.39
C ILE M 61 46.88 24.06 -5.41
N GLN M 62 47.30 23.63 -6.58
CA GLN M 62 47.91 22.31 -6.77
C GLN M 62 49.42 22.46 -6.96
N HIS M 63 50.18 21.75 -6.14
CA HIS M 63 51.63 21.69 -6.27
C HIS M 63 52.03 20.46 -7.07
N GLY M 64 53.14 20.59 -7.80
CA GLY M 64 53.69 19.47 -8.54
C GLY M 64 54.52 18.55 -7.66
N SER M 65 55.12 17.55 -8.30
CA SER M 65 55.97 16.60 -7.61
C SER M 65 57.44 16.89 -7.88
N LEU M 66 58.29 16.35 -7.03
CA LEU M 66 59.74 16.53 -7.13
C LEU M 66 60.34 15.23 -7.67
N HIS M 67 61.08 15.33 -8.77
CA HIS M 67 61.74 14.19 -9.39
C HIS M 67 63.24 14.43 -9.39
N LEU M 68 64.00 13.42 -8.97
CA LEU M 68 65.45 13.48 -8.94
C LEU M 68 66.04 12.28 -9.68
N GLU M 69 67.23 12.48 -10.23
CA GLU M 69 67.96 11.42 -10.91
C GLU M 69 69.38 11.37 -10.37
N ARG M 70 69.88 10.16 -10.13
CA ARG M 70 71.19 9.98 -9.54
C ARG M 70 71.71 8.60 -9.88
N GLY M 71 73.02 8.49 -10.05
CA GLY M 71 73.63 7.21 -10.30
C GLY M 71 73.76 6.36 -9.05
N VAL M 72 74.08 5.09 -9.27
CA VAL M 72 74.23 4.16 -8.16
C VAL M 72 75.53 4.45 -7.44
N MET M 73 75.45 4.66 -6.13
CA MET M 73 76.60 5.05 -5.33
C MET M 73 76.48 4.43 -3.96
N THR M 74 77.37 4.82 -3.05
CA THR M 74 77.36 4.29 -1.69
C THR M 74 76.10 4.73 -0.96
N VAL M 75 75.70 3.95 0.04
CA VAL M 75 74.49 4.23 0.79
C VAL M 75 74.64 5.55 1.55
N THR M 76 73.64 6.42 1.41
CA THR M 76 73.63 7.72 2.07
C THR M 76 72.36 7.83 2.92
N PRO M 77 72.26 8.84 3.81
CA PRO M 77 71.04 8.99 4.60
C PRO M 77 69.77 9.11 3.77
N LEU M 78 69.84 9.75 2.60
CA LEU M 78 68.65 9.84 1.75
C LEU M 78 68.18 8.47 1.30
N THR M 79 69.11 7.59 0.94
CA THR M 79 68.76 6.23 0.55
C THR M 79 68.08 5.48 1.69
N LEU M 80 68.62 5.62 2.90
CA LEU M 80 68.06 4.89 4.04
C LEU M 80 66.64 5.33 4.34
N MET M 81 66.36 6.63 4.24
CA MET M 81 64.99 7.10 4.43
C MET M 81 64.07 6.56 3.35
N PHE M 82 64.53 6.55 2.10
CA PHE M 82 63.70 6.04 1.01
C PHE M 82 63.43 4.56 1.18
N ASP M 83 64.45 3.79 1.59
CA ASP M 83 64.26 2.36 1.79
C ASP M 83 63.28 2.09 2.92
N ARG M 84 63.37 2.86 4.02
CA ARG M 84 62.50 2.62 5.16
C ARG M 84 61.04 2.84 4.83
N VAL M 85 60.73 3.94 4.12
CA VAL M 85 59.35 4.24 3.78
C VAL M 85 58.78 3.19 2.84
N LEU M 86 59.55 2.82 1.81
CA LEU M 86 59.11 1.82 0.84
C LEU M 86 59.20 0.40 1.38
N ARG M 87 59.78 0.21 2.56
CA ARG M 87 59.80 -1.09 3.22
C ARG M 87 58.51 -1.40 3.96
N GLY M 88 57.66 -0.40 4.16
CA GLY M 88 56.45 -0.56 4.93
C GLY M 88 56.50 -0.04 6.34
N GLU M 89 57.42 0.88 6.65
CA GLU M 89 57.55 1.44 7.97
C GLU M 89 56.79 2.76 8.06
N LYS M 90 56.84 3.39 9.23
CA LYS M 90 56.13 4.65 9.43
C LYS M 90 56.67 5.73 8.49
N ALA M 91 55.74 6.46 7.88
CA ALA M 91 56.12 7.52 6.97
C ALA M 91 56.84 8.64 7.71
N VAL M 92 57.82 9.25 7.03
CA VAL M 92 58.60 10.34 7.60
C VAL M 92 58.72 11.44 6.57
N TYR M 93 58.66 12.69 7.03
CA TYR M 93 58.76 13.85 6.16
C TYR M 93 60.21 14.33 6.09
N ALA M 94 60.54 14.99 4.99
CA ALA M 94 61.84 15.61 4.80
C ALA M 94 61.66 16.98 4.19
N ASP M 95 62.61 17.87 4.46
CA ASP M 95 62.61 19.22 3.93
C ASP M 95 63.72 19.33 2.89
N VAL M 96 63.39 19.91 1.73
CA VAL M 96 64.30 19.99 0.61
C VAL M 96 64.50 21.45 0.23
N VAL M 97 65.75 21.84 0.01
CA VAL M 97 66.09 23.18 -0.45
C VAL M 97 66.84 23.02 -1.77
N ILE M 98 66.24 23.52 -2.85
CA ILE M 98 66.84 23.50 -4.17
C ILE M 98 67.40 24.87 -4.47
N MET M 99 68.65 24.93 -4.90
CA MET M 99 69.34 26.20 -5.12
C MET M 99 69.95 26.23 -6.51
N LEU M 100 69.80 27.38 -7.17
CA LEU M 100 70.43 27.63 -8.47
C LEU M 100 71.65 28.51 -8.25
N LEU M 101 72.81 28.03 -8.67
CA LEU M 101 74.08 28.67 -8.35
C LEU M 101 74.60 29.49 -9.54
N ASN M 102 75.35 30.54 -9.21
CA ASN M 102 76.03 31.35 -10.19
C ASN M 102 77.51 30.97 -10.20
N GLU M 103 78.33 31.75 -10.92
CA GLU M 103 79.73 31.40 -11.12
C GLU M 103 80.53 31.42 -9.82
N ASN M 104 80.00 32.03 -8.75
CA ASN M 104 80.69 32.10 -7.47
C ASN M 104 80.06 31.18 -6.43
N SER M 105 79.25 30.20 -6.87
CA SER M 105 78.58 29.27 -5.97
C SER M 105 77.70 30.02 -4.96
N VAL M 106 77.05 31.08 -5.42
CA VAL M 106 76.11 31.86 -4.62
C VAL M 106 74.71 31.57 -5.16
N PRO M 107 73.78 31.13 -4.32
CA PRO M 107 72.43 30.81 -4.83
C PRO M 107 71.64 32.05 -5.20
N VAL M 108 71.51 32.32 -6.50
CA VAL M 108 70.73 33.46 -6.95
C VAL M 108 69.24 33.20 -6.72
N ALA M 109 68.79 31.97 -6.96
CA ALA M 109 67.41 31.57 -6.75
C ALA M 109 67.38 30.30 -5.94
N SER M 110 66.37 30.17 -5.08
CA SER M 110 66.23 28.99 -4.24
C SER M 110 64.76 28.72 -3.98
N TRP M 111 64.39 27.45 -3.95
CA TRP M 111 63.04 27.01 -3.66
C TRP M 111 63.08 26.04 -2.49
N THR M 112 62.22 26.26 -1.50
CA THR M 112 62.14 25.38 -0.34
C THR M 112 60.82 24.62 -0.36
N LEU M 113 60.87 23.35 0.01
CA LEU M 113 59.71 22.47 0.04
C LEU M 113 59.52 21.94 1.45
N SER M 114 58.27 21.98 1.93
CA SER M 114 57.94 21.55 3.28
C SER M 114 57.30 20.16 3.25
N ASN M 115 57.77 19.27 4.12
CA ASN M 115 57.15 17.97 4.35
C ASN M 115 57.08 17.16 3.06
N ALA M 116 58.26 16.82 2.53
CA ALA M 116 58.34 16.03 1.32
C ALA M 116 58.28 14.55 1.66
N LEU M 117 57.36 13.82 1.02
CA LEU M 117 57.14 12.42 1.30
C LEU M 117 57.71 11.56 0.18
N PRO M 118 58.65 10.65 0.46
CA PRO M 118 59.12 9.73 -0.57
C PRO M 118 58.02 8.76 -0.97
N VAL M 119 57.76 8.68 -2.28
CA VAL M 119 56.65 7.85 -2.77
C VAL M 119 57.06 6.90 -3.88
N ARG M 120 58.19 7.07 -4.54
CA ARG M 120 58.55 6.18 -5.64
C ARG M 120 60.06 6.11 -5.79
N TRP M 121 60.56 4.91 -6.05
CA TRP M 121 61.96 4.68 -6.39
C TRP M 121 62.01 3.68 -7.53
N SER M 122 62.64 4.05 -8.63
CA SER M 122 62.83 3.17 -9.77
C SER M 122 64.29 3.18 -10.18
N THR M 123 64.71 2.11 -10.85
CA THR M 123 66.07 1.98 -11.33
C THR M 123 66.06 1.66 -12.82
N GLY M 124 67.17 1.96 -13.47
CA GLY M 124 67.28 1.72 -14.89
C GLY M 124 67.40 0.23 -15.22
N ASP M 125 67.28 -0.07 -16.51
CA ASP M 125 67.31 -1.44 -16.97
C ASP M 125 68.74 -1.97 -17.01
N PHE M 126 68.89 -3.25 -16.73
CA PHE M 126 70.16 -3.96 -16.92
C PHE M 126 70.20 -4.44 -18.36
N ASP M 127 70.95 -3.75 -19.21
CA ASP M 127 71.02 -4.05 -20.63
C ASP M 127 72.44 -4.45 -20.99
N ALA M 128 72.59 -5.61 -21.61
CA ALA M 128 73.91 -6.13 -21.95
C ALA M 128 74.53 -5.46 -23.17
N ASN M 129 73.74 -4.71 -23.94
CA ASN M 129 74.24 -4.04 -25.14
C ASN M 129 74.43 -2.54 -24.94
N SER M 130 74.28 -2.05 -23.72
CA SER M 130 74.28 -0.62 -23.44
C SER M 130 75.66 -0.14 -23.00
N ASN M 131 75.88 1.17 -23.14
CA ASN M 131 77.04 1.86 -22.62
C ASN M 131 76.50 3.06 -21.83
N ALA M 132 76.13 2.82 -20.58
CA ALA M 132 75.47 3.84 -19.79
C ALA M 132 75.65 3.56 -18.31
N VAL M 133 75.38 4.57 -17.51
CA VAL M 133 75.49 4.47 -16.06
C VAL M 133 74.12 4.13 -15.49
N LEU M 134 74.08 3.12 -14.61
CA LEU M 134 72.83 2.79 -13.93
C LEU M 134 72.38 3.96 -13.07
N VAL M 135 71.14 4.38 -13.28
CA VAL M 135 70.62 5.62 -12.69
C VAL M 135 69.36 5.31 -11.90
N ASN M 136 69.30 5.81 -10.68
CA ASN M 136 68.11 5.71 -9.85
C ASN M 136 67.21 6.91 -10.10
N SER M 137 65.90 6.67 -10.09
CA SER M 137 64.91 7.73 -10.28
C SER M 137 64.03 7.79 -9.04
N LEU M 138 64.04 8.93 -8.36
CA LEU M 138 63.27 9.13 -7.15
C LEU M 138 62.20 10.19 -7.37
N GLU M 139 61.07 10.02 -6.69
CA GLU M 139 59.98 10.99 -6.75
C GLU M 139 59.47 11.25 -5.34
N LEU M 140 59.26 12.52 -5.01
CA LEU M 140 58.73 12.92 -3.72
C LEU M 140 57.54 13.83 -3.92
N ARG M 141 56.62 13.81 -2.95
CA ARG M 141 55.46 14.68 -2.95
C ARG M 141 55.47 15.51 -1.68
N TYR M 142 55.36 16.83 -1.84
CA TYR M 142 55.50 17.77 -0.74
C TYR M 142 54.20 18.54 -0.53
N GLN M 143 54.13 19.26 0.57
CA GLN M 143 52.92 19.96 0.98
C GLN M 143 52.89 21.41 0.51
N ASP M 144 54.04 22.09 0.54
CA ASP M 144 54.07 23.52 0.25
C ASP M 144 55.37 23.87 -0.44
N MET M 145 55.35 24.97 -1.17
CA MET M 145 56.52 25.49 -1.86
C MET M 145 56.68 26.97 -1.56
N ARG M 146 57.92 27.41 -1.44
CA ARG M 146 58.22 28.81 -1.19
C ARG M 146 59.60 29.13 -1.72
N TRP M 147 59.72 30.23 -2.46
CA TRP M 147 60.94 30.59 -3.16
C TRP M 147 61.57 31.82 -2.53
N LEU M 148 62.89 31.81 -2.41
CA LEU M 148 63.66 32.93 -1.89
C LEU M 148 64.82 33.21 -2.84
N GLY M 149 65.24 34.45 -2.90
CA GLY M 149 66.38 34.82 -3.73
C GLY M 149 66.13 36.13 -4.42
N VAL M 150 67.17 36.60 -5.12
CA VAL M 150 67.07 37.83 -5.90
C VAL M 150 66.56 37.60 -7.31
N LYS M 151 66.52 36.35 -7.77
CA LYS M 151 66.06 36.03 -9.11
C LYS M 151 65.03 34.90 -9.04
N VAL M 152 64.20 34.83 -10.07
CA VAL M 152 63.19 33.79 -10.19
C VAL M 152 62.64 33.74 -11.60
N TYR N 5 49.55 44.21 -49.30
CA TYR N 5 49.33 42.81 -48.95
C TYR N 5 50.55 42.22 -48.25
N THR N 6 51.58 43.04 -48.07
CA THR N 6 52.82 42.56 -47.50
C THR N 6 52.61 42.05 -46.09
N PRO N 7 52.92 40.80 -45.79
CA PRO N 7 52.66 40.25 -44.46
C PRO N 7 53.72 40.68 -43.46
N SER N 8 53.46 40.37 -42.19
CA SER N 8 54.28 40.80 -41.08
C SER N 8 54.98 39.60 -40.46
N VAL N 9 56.21 39.83 -39.99
CA VAL N 9 57.00 38.80 -39.32
C VAL N 9 56.45 38.61 -37.90
N SER N 10 56.85 37.52 -37.24
CA SER N 10 56.32 37.18 -35.93
C SER N 10 57.39 37.14 -34.85
N HIS N 11 58.54 37.77 -35.07
CA HIS N 11 59.62 37.73 -34.09
C HIS N 11 59.92 39.11 -33.50
N ARG N 12 59.01 40.07 -33.65
CA ARG N 12 59.15 41.38 -33.06
C ARG N 12 57.82 41.76 -32.41
N PHE N 13 57.79 41.80 -31.09
CA PHE N 13 56.54 41.99 -30.37
C PHE N 13 56.84 42.54 -28.98
N ILE N 14 55.81 43.10 -28.35
CA ILE N 14 55.91 43.64 -27.00
C ILE N 14 54.64 43.28 -26.24
N ALA N 15 54.78 43.16 -24.92
CA ALA N 15 53.65 42.90 -24.04
C ALA N 15 53.75 43.79 -22.82
N SER N 16 52.65 44.44 -22.47
CA SER N 16 52.61 45.35 -21.33
C SER N 16 51.53 44.92 -20.35
N PHE N 17 51.88 44.88 -19.07
CA PHE N 17 50.95 44.53 -18.00
C PHE N 17 50.63 45.76 -17.19
N LEU N 18 49.34 45.99 -16.93
CA LEU N 18 48.88 47.12 -16.13
C LEU N 18 48.31 46.59 -14.81
N PHE N 19 48.87 47.05 -13.70
CA PHE N 19 48.39 46.69 -12.37
C PHE N 19 47.83 47.95 -11.73
N ASN N 20 46.52 47.96 -11.49
CA ASN N 20 45.81 49.14 -10.99
C ASN N 20 46.07 50.34 -11.89
N ASN N 21 45.94 50.12 -13.20
CA ASN N 21 46.15 51.15 -14.22
C ASN N 21 47.53 51.79 -14.12
N ILE N 22 48.54 51.01 -13.73
CA ILE N 22 49.92 51.47 -13.75
C ILE N 22 50.74 50.48 -14.57
N PRO N 23 51.25 50.85 -15.73
CA PRO N 23 51.99 49.90 -16.55
C PRO N 23 53.32 49.51 -15.89
N SER N 24 53.73 48.27 -16.16
CA SER N 24 54.98 47.76 -15.64
C SER N 24 56.07 47.92 -16.69
N PRO N 25 57.10 48.74 -16.45
CA PRO N 25 58.11 48.96 -17.49
C PRO N 25 59.13 47.84 -17.62
N LEU N 26 59.25 46.97 -16.63
CA LEU N 26 60.26 45.91 -16.64
C LEU N 26 59.72 44.58 -17.14
N ASP N 27 58.48 44.53 -17.61
CA ASP N 27 57.86 43.27 -17.99
C ASP N 27 57.42 43.27 -19.44
N ILE N 28 58.31 43.72 -20.34
CA ILE N 28 57.96 43.86 -21.74
C ILE N 28 58.71 42.90 -22.65
N ALA N 29 59.70 42.18 -22.13
CA ALA N 29 60.52 41.28 -22.94
C ALA N 29 60.16 39.84 -22.65
N PHE N 30 59.78 39.10 -23.70
CA PHE N 30 59.39 37.70 -23.56
C PHE N 30 59.95 36.90 -24.72
N GLN N 31 60.31 35.65 -24.44
CA GLN N 31 60.85 34.76 -25.46
C GLN N 31 59.77 34.23 -26.38
N ARG N 32 58.57 33.97 -25.85
CA ARG N 32 57.48 33.42 -26.64
C ARG N 32 56.16 33.87 -26.03
N ILE N 33 55.21 34.21 -26.90
CA ILE N 33 53.83 34.46 -26.51
C ILE N 33 52.93 33.65 -27.43
N SER N 34 52.06 32.84 -26.84
CA SER N 34 51.18 32.00 -27.63
C SER N 34 50.14 32.85 -28.36
N GLY N 35 49.60 32.29 -29.44
CA GLY N 35 48.58 32.99 -30.20
C GLY N 35 47.28 33.10 -29.45
N LEU N 36 46.51 34.12 -29.80
CA LEU N 36 45.22 34.39 -29.18
C LEU N 36 44.10 33.97 -30.13
N SER N 37 43.12 33.23 -29.61
CA SER N 37 42.06 32.67 -30.42
C SER N 37 40.71 32.89 -29.76
N ARG N 38 39.69 33.04 -30.59
CA ARG N 38 38.30 33.09 -30.15
C ARG N 38 37.52 32.06 -30.95
N GLU N 39 36.64 31.32 -30.26
CA GLU N 39 35.83 30.30 -30.89
C GLU N 39 34.37 30.49 -30.53
N LEU N 40 33.51 30.36 -31.53
CA LEU N 40 32.06 30.42 -31.33
C LEU N 40 31.55 28.98 -31.26
N GLN N 41 31.17 28.55 -30.06
CA GLN N 41 30.67 27.19 -29.88
C GLN N 41 29.33 27.03 -30.59
N THR N 42 29.15 25.88 -31.24
CA THR N 42 27.95 25.62 -32.01
C THR N 42 27.49 24.18 -31.76
N THR N 43 26.19 23.96 -31.90
CA THR N 43 25.61 22.63 -31.86
C THR N 43 24.89 22.38 -33.18
N GLN N 44 25.12 21.20 -33.75
CA GLN N 44 24.47 20.82 -34.99
C GLN N 44 23.07 20.29 -34.70
N TYR N 45 22.08 20.81 -35.42
CA TYR N 45 20.71 20.36 -35.30
C TYR N 45 20.27 19.69 -36.60
N SER N 46 19.48 18.63 -36.47
CA SER N 46 18.98 17.88 -37.62
C SER N 46 17.45 17.91 -37.61
N GLN N 47 16.87 18.31 -38.74
CA GLN N 47 15.41 18.37 -38.86
C GLN N 47 14.85 16.98 -39.13
N GLY N 48 13.54 16.93 -39.34
CA GLY N 48 12.88 15.67 -39.62
C GLY N 48 13.07 15.21 -41.05
N GLY N 49 12.58 15.99 -42.00
CA GLY N 49 12.66 15.64 -43.39
C GLY N 49 13.88 16.14 -44.13
N GLU N 50 14.77 16.86 -43.46
CA GLU N 50 15.97 17.42 -44.09
C GLU N 50 17.11 16.45 -43.89
N ASN N 51 17.46 15.72 -44.95
CA ASN N 51 18.51 14.71 -44.89
C ASN N 51 19.72 15.05 -45.74
N ALA N 52 19.77 16.25 -46.32
CA ALA N 52 20.86 16.63 -47.20
C ALA N 52 21.56 17.92 -46.81
N ARG N 53 21.08 18.63 -45.79
CA ARG N 53 21.69 19.89 -45.36
C ARG N 53 21.92 19.85 -43.86
N ASN N 54 22.81 20.73 -43.40
CA ASN N 54 23.15 20.86 -41.99
C ASN N 54 22.75 22.24 -41.49
N VAL N 55 22.41 22.30 -40.21
CA VAL N 55 22.05 23.55 -39.56
C VAL N 55 22.88 23.69 -38.30
N TRP N 56 23.54 24.84 -38.15
CA TRP N 56 24.42 25.10 -37.01
C TRP N 56 23.84 26.24 -36.19
N LEU N 57 23.72 26.02 -34.88
CA LEU N 57 23.12 26.99 -33.97
C LEU N 57 24.20 27.61 -33.11
N ALA N 58 24.22 28.94 -33.05
CA ALA N 58 25.24 29.66 -32.31
C ALA N 58 25.01 29.56 -30.81
N GLU N 59 26.09 29.77 -30.07
CA GLU N 59 26.10 29.65 -28.61
C GLU N 59 27.10 30.68 -28.08
N LYS N 60 27.55 30.49 -26.83
CA LYS N 60 28.49 31.40 -26.23
C LYS N 60 29.85 31.34 -26.93
N ILE N 61 30.69 32.34 -26.65
CA ILE N 61 32.00 32.47 -27.26
C ILE N 61 33.05 32.06 -26.23
N GLN N 62 34.01 31.25 -26.66
CA GLN N 62 35.05 30.72 -25.78
C GLN N 62 36.39 31.38 -26.12
N HIS N 63 37.03 31.95 -25.11
CA HIS N 63 38.33 32.59 -25.27
C HIS N 63 39.43 31.63 -24.84
N GLY N 64 40.57 31.73 -25.51
CA GLY N 64 41.73 30.94 -25.16
C GLY N 64 42.48 31.52 -23.99
N SER N 65 43.58 30.86 -23.64
CA SER N 65 44.45 31.31 -22.56
C SER N 65 45.67 32.03 -23.12
N LEU N 66 46.35 32.75 -22.24
CA LEU N 66 47.56 33.49 -22.58
C LEU N 66 48.76 32.77 -21.98
N HIS N 67 49.69 32.35 -22.84
CA HIS N 67 50.90 31.66 -22.42
C HIS N 67 52.10 32.53 -22.73
N LEU N 68 53.00 32.67 -21.76
CA LEU N 68 54.21 33.46 -21.92
C LEU N 68 55.41 32.64 -21.50
N GLU N 69 56.56 32.94 -22.12
CA GLU N 69 57.82 32.29 -21.80
C GLU N 69 58.88 33.36 -21.57
N ARG N 70 59.65 33.18 -20.49
CA ARG N 70 60.64 34.17 -20.12
C ARG N 70 61.75 33.50 -19.33
N GLY N 71 62.96 34.03 -19.44
CA GLY N 71 64.08 33.51 -18.69
C GLY N 71 64.07 33.98 -17.24
N VAL N 72 64.92 33.34 -16.44
CA VAL N 72 65.03 33.69 -15.03
C VAL N 72 65.82 34.99 -14.92
N MET N 73 65.22 35.97 -14.24
CA MET N 73 65.82 37.30 -14.15
C MET N 73 65.45 37.89 -12.78
N THR N 74 65.82 39.16 -12.58
CA THR N 74 65.55 39.83 -11.31
C THR N 74 64.03 39.94 -11.09
N VAL N 75 63.66 40.13 -9.83
CA VAL N 75 62.26 40.16 -9.45
C VAL N 75 61.60 41.42 -10.00
N THR N 76 60.46 41.26 -10.66
CA THR N 76 59.69 42.33 -11.26
C THR N 76 58.28 42.31 -10.72
N PRO N 77 57.53 43.42 -10.85
CA PRO N 77 56.16 43.44 -10.34
C PRO N 77 55.27 42.32 -10.88
N LEU N 78 55.50 41.88 -12.12
CA LEU N 78 54.72 40.75 -12.64
C LEU N 78 54.99 39.49 -11.84
N THR N 79 56.25 39.25 -11.48
CA THR N 79 56.59 38.07 -10.69
C THR N 79 55.93 38.13 -9.30
N LEU N 80 55.97 39.29 -8.66
CA LEU N 80 55.40 39.42 -7.33
C LEU N 80 53.89 39.18 -7.35
N MET N 81 53.20 39.66 -8.39
CA MET N 81 51.77 39.39 -8.53
C MET N 81 51.51 37.89 -8.66
N PHE N 82 52.31 37.21 -9.49
CA PHE N 82 52.14 35.78 -9.69
C PHE N 82 52.39 35.01 -8.39
N ASP N 83 53.43 35.41 -7.66
CA ASP N 83 53.75 34.71 -6.40
C ASP N 83 52.65 34.89 -5.37
N ARG N 84 52.06 36.09 -5.30
CA ARG N 84 51.01 36.34 -4.32
C ARG N 84 49.78 35.49 -4.58
N VAL N 85 49.37 35.39 -5.85
CA VAL N 85 48.17 34.62 -6.19
C VAL N 85 48.39 33.14 -5.91
N LEU N 86 49.57 32.62 -6.26
CA LEU N 86 49.87 31.21 -6.09
C LEU N 86 50.33 30.86 -4.68
N ARG N 87 50.44 31.84 -3.79
CA ARG N 87 50.72 31.59 -2.38
C ARG N 87 49.45 31.46 -1.55
N GLY N 88 48.28 31.55 -2.18
CA GLY N 88 47.02 31.45 -1.46
C GLY N 88 46.42 32.76 -1.03
N GLU N 89 46.92 33.89 -1.53
CA GLU N 89 46.38 35.18 -1.18
C GLU N 89 45.18 35.51 -2.08
N LYS N 90 44.59 36.68 -1.86
CA LYS N 90 43.42 37.08 -2.62
C LYS N 90 43.77 37.21 -4.11
N ALA N 91 42.86 36.73 -4.95
CA ALA N 91 43.07 36.82 -6.39
C ALA N 91 42.99 38.26 -6.85
N VAL N 92 43.82 38.61 -7.83
CA VAL N 92 43.87 39.96 -8.38
C VAL N 92 43.94 39.88 -9.89
N TYR N 93 43.42 40.90 -10.55
CA TYR N 93 43.34 40.95 -12.00
C TYR N 93 44.41 41.87 -12.57
N ALA N 94 44.70 41.67 -13.85
CA ALA N 94 45.64 42.51 -14.59
C ALA N 94 45.14 42.66 -16.02
N ASP N 95 45.50 43.78 -16.63
CA ASP N 95 45.17 44.06 -18.03
C ASP N 95 46.44 43.97 -18.86
N VAL N 96 46.36 43.27 -19.99
CA VAL N 96 47.51 42.98 -20.82
C VAL N 96 47.27 43.54 -22.21
N VAL N 97 48.27 44.20 -22.78
CA VAL N 97 48.23 44.68 -24.15
C VAL N 97 49.39 44.04 -24.90
N ILE N 98 49.06 43.28 -25.94
CA ILE N 98 50.05 42.64 -26.80
C ILE N 98 50.09 43.41 -28.11
N MET N 99 51.28 43.86 -28.51
CA MET N 99 51.45 44.67 -29.70
C MET N 99 52.45 44.02 -30.64
N LEU N 100 52.12 44.03 -31.94
CA LEU N 100 53.02 43.58 -32.99
C LEU N 100 53.68 44.80 -33.60
N LEU N 101 55.00 44.87 -33.53
CA LEU N 101 55.74 46.05 -33.94
C LEU N 101 56.31 45.88 -35.35
N ASN N 102 56.42 47.00 -36.05
CA ASN N 102 57.04 47.06 -37.36
C ASN N 102 58.47 47.61 -37.22
N GLU N 103 59.10 47.91 -38.36
CA GLU N 103 60.50 48.32 -38.35
C GLU N 103 60.73 49.64 -37.63
N ASN N 104 59.68 50.44 -37.41
CA ASN N 104 59.79 51.71 -36.73
C ASN N 104 59.24 51.66 -35.30
N SER N 105 59.07 50.45 -34.75
CA SER N 105 58.53 50.26 -33.41
C SER N 105 57.14 50.90 -33.27
N VAL N 106 56.33 50.78 -34.31
CA VAL N 106 54.95 51.25 -34.32
C VAL N 106 54.05 50.03 -34.30
N PRO N 107 53.13 49.90 -33.34
CA PRO N 107 52.28 48.71 -33.29
C PRO N 107 51.25 48.68 -34.41
N VAL N 108 51.49 47.84 -35.41
CA VAL N 108 50.53 47.69 -36.50
C VAL N 108 49.28 46.97 -36.02
N ALA N 109 49.45 45.96 -35.18
CA ALA N 109 48.34 45.21 -34.61
C ALA N 109 48.49 45.17 -33.09
N SER N 110 47.35 45.14 -32.41
CA SER N 110 47.37 45.13 -30.94
C SER N 110 46.14 44.39 -30.43
N TRP N 111 46.34 43.64 -29.36
CA TRP N 111 45.26 42.93 -28.67
C TRP N 111 45.32 43.28 -27.19
N THR N 112 44.18 43.65 -26.61
CA THR N 112 44.09 43.95 -25.19
C THR N 112 43.17 42.94 -24.52
N LEU N 113 43.64 42.37 -23.42
CA LEU N 113 42.91 41.36 -22.66
C LEU N 113 42.49 41.95 -21.32
N SER N 114 41.21 41.76 -20.97
CA SER N 114 40.65 42.34 -19.76
C SER N 114 40.59 41.30 -18.65
N ASN N 115 41.04 41.70 -17.46
CA ASN N 115 40.90 40.89 -16.25
C ASN N 115 41.59 39.53 -16.40
N ALA N 116 42.90 39.57 -16.64
CA ALA N 116 43.68 38.35 -16.77
C ALA N 116 44.07 37.84 -15.40
N LEU N 117 43.81 36.56 -15.16
CA LEU N 117 44.05 35.95 -13.85
C LEU N 117 45.23 34.99 -13.93
N PRO N 118 46.28 35.18 -13.15
CA PRO N 118 47.39 34.20 -13.13
C PRO N 118 46.91 32.87 -12.57
N VAL N 119 47.25 31.78 -13.27
CA VAL N 119 46.73 30.48 -12.89
C VAL N 119 47.83 29.41 -12.86
N ARG N 120 48.98 29.70 -13.46
CA ARG N 120 50.03 28.69 -13.50
C ARG N 120 51.39 29.35 -13.64
N TRP N 121 52.37 28.78 -12.93
CA TRP N 121 53.78 29.15 -13.07
C TRP N 121 54.59 27.86 -13.01
N SER N 122 55.36 27.61 -14.06
CA SER N 122 56.21 26.43 -14.14
C SER N 122 57.60 26.84 -14.60
N THR N 123 58.60 26.07 -14.17
CA THR N 123 59.98 26.33 -14.52
C THR N 123 60.57 25.11 -15.22
N GLY N 124 61.64 25.34 -15.97
CA GLY N 124 62.29 24.27 -16.68
C GLY N 124 63.08 23.36 -15.77
N ASP N 125 63.57 22.26 -16.34
CA ASP N 125 64.28 21.25 -15.56
C ASP N 125 65.72 21.70 -15.29
N PHE N 126 66.24 21.25 -14.16
CA PHE N 126 67.66 21.43 -13.83
C PHE N 126 68.40 20.21 -14.36
N ASP N 127 68.96 20.34 -15.55
CA ASP N 127 69.64 19.24 -16.22
C ASP N 127 71.14 19.52 -16.26
N ALA N 128 71.93 18.59 -15.73
CA ALA N 128 73.37 18.74 -15.66
C ALA N 128 74.07 18.56 -17.00
N ASN N 129 73.40 17.96 -17.99
CA ASN N 129 73.99 17.71 -19.28
C ASN N 129 73.57 18.73 -20.34
N SER N 130 72.78 19.72 -19.95
CA SER N 130 72.17 20.63 -20.91
C SER N 130 73.02 21.88 -21.12
N ASN N 131 72.77 22.56 -22.24
CA ASN N 131 73.32 23.88 -22.54
C ASN N 131 72.12 24.75 -22.90
N ALA N 132 71.47 25.31 -21.88
CA ALA N 132 70.22 26.02 -22.10
C ALA N 132 70.00 27.01 -20.98
N VAL N 133 69.09 27.95 -21.23
CA VAL N 133 68.71 28.98 -20.28
C VAL N 133 67.48 28.51 -19.52
N LEU N 134 67.52 28.62 -18.20
CA LEU N 134 66.35 28.31 -17.39
C LEU N 134 65.21 29.26 -17.74
N VAL N 135 64.07 28.70 -18.12
CA VAL N 135 62.95 29.46 -18.67
C VAL N 135 61.72 29.22 -17.81
N ASN N 136 61.07 30.31 -17.40
CA ASN N 136 59.79 30.24 -16.70
C ASN N 136 58.66 30.21 -17.71
N SER N 137 57.60 29.47 -17.37
CA SER N 137 56.41 29.38 -18.21
C SER N 137 55.23 29.87 -17.39
N LEU N 138 54.54 30.91 -17.90
CA LEU N 138 53.41 31.50 -17.22
C LEU N 138 52.15 31.32 -18.06
N GLU N 139 51.02 31.17 -17.38
CA GLU N 139 49.73 31.03 -18.05
C GLU N 139 48.70 31.88 -17.32
N LEU N 140 47.86 32.57 -18.09
CA LEU N 140 46.83 33.44 -17.56
C LEU N 140 45.51 33.15 -18.27
N ARG N 141 44.41 33.45 -17.58
CA ARG N 141 43.08 33.29 -18.13
C ARG N 141 42.35 34.60 -17.99
N TYR N 142 41.86 35.14 -19.10
CA TYR N 142 41.23 36.45 -19.14
C TYR N 142 39.76 36.33 -19.47
N GLN N 143 39.05 37.44 -19.31
CA GLN N 143 37.60 37.47 -19.48
C GLN N 143 37.18 37.88 -20.89
N ASP N 144 37.90 38.82 -21.50
CA ASP N 144 37.50 39.34 -22.81
C ASP N 144 38.74 39.75 -23.58
N MET N 145 38.63 39.74 -24.90
CA MET N 145 39.69 40.16 -25.79
C MET N 145 39.13 41.12 -26.82
N ARG N 146 39.85 42.21 -27.06
CA ARG N 146 39.49 43.16 -28.11
C ARG N 146 40.75 43.58 -28.83
N TRP N 147 40.66 43.73 -30.15
CA TRP N 147 41.80 44.05 -30.98
C TRP N 147 41.65 45.44 -31.58
N LEU N 148 42.75 46.17 -31.62
CA LEU N 148 42.81 47.49 -32.24
C LEU N 148 44.07 47.59 -33.09
N GLY N 149 43.96 48.26 -34.22
CA GLY N 149 45.11 48.45 -35.09
C GLY N 149 44.67 48.56 -36.53
N VAL N 150 45.68 48.66 -37.40
CA VAL N 150 45.43 48.76 -38.84
C VAL N 150 45.60 47.44 -39.57
N LYS N 151 46.19 46.43 -38.92
CA LYS N 151 46.40 45.12 -39.54
C LYS N 151 45.96 44.02 -38.59
N VAL N 152 45.52 42.91 -39.15
CA VAL N 152 45.10 41.75 -38.37
C VAL N 152 45.05 40.50 -39.23
N TYR O 5 42.76 13.06 -69.61
CA TYR O 5 42.99 12.52 -68.27
C TYR O 5 44.04 13.33 -67.53
N THR O 6 44.48 14.43 -68.13
CA THR O 6 45.56 15.22 -67.56
C THR O 6 45.15 15.78 -66.20
N PRO O 7 45.90 15.50 -65.15
CA PRO O 7 45.51 15.94 -63.81
C PRO O 7 45.79 17.43 -63.61
N SER O 8 45.20 17.96 -62.53
CA SER O 8 45.30 19.38 -62.19
C SER O 8 46.12 19.55 -60.92
N VAL O 9 46.94 20.60 -60.90
CA VAL O 9 47.77 20.91 -59.75
C VAL O 9 46.90 21.58 -58.69
N SER O 10 47.43 21.69 -57.47
CA SER O 10 46.65 22.17 -56.33
C SER O 10 47.25 23.42 -55.69
N HIS O 11 48.04 24.20 -56.43
CA HIS O 11 48.65 25.40 -55.87
C HIS O 11 48.18 26.68 -56.58
N ARG O 12 47.16 26.59 -57.42
CA ARG O 12 46.56 27.76 -58.04
C ARG O 12 45.04 27.70 -57.79
N PHE O 13 44.55 28.62 -56.98
CA PHE O 13 43.15 28.58 -56.55
C PHE O 13 42.75 29.99 -56.13
N ILE O 14 41.44 30.18 -55.98
CA ILE O 14 40.89 31.47 -55.57
C ILE O 14 39.57 31.23 -54.84
N ALA O 15 39.29 32.08 -53.87
CA ALA O 15 38.05 32.01 -53.10
C ALA O 15 37.41 33.39 -53.04
N SER O 16 36.10 33.44 -53.20
CA SER O 16 35.37 34.71 -53.19
C SER O 16 34.26 34.64 -52.15
N PHE O 17 34.17 35.67 -51.31
CA PHE O 17 33.14 35.77 -50.28
C PHE O 17 32.10 36.79 -50.72
N LEU O 18 30.83 36.42 -50.62
CA LEU O 18 29.72 37.31 -50.95
C LEU O 18 28.97 37.65 -49.68
N PHE O 19 28.94 38.94 -49.34
CA PHE O 19 28.19 39.46 -48.21
C PHE O 19 27.01 40.26 -48.74
N ASN O 20 25.80 39.78 -48.46
CA ASN O 20 24.58 40.40 -48.97
C ASN O 20 24.62 40.51 -50.50
N ASN O 21 25.02 39.42 -51.14
CA ASN O 21 25.12 39.34 -52.60
C ASN O 21 26.07 40.39 -53.17
N ILE O 22 27.11 40.70 -52.42
CA ILE O 22 28.14 41.63 -52.87
C ILE O 22 29.51 40.98 -52.68
N PRO O 23 30.23 40.67 -53.76
CA PRO O 23 31.54 40.03 -53.60
C PRO O 23 32.56 40.97 -52.98
N SER O 24 33.49 40.39 -52.24
CA SER O 24 34.57 41.15 -51.61
C SER O 24 35.82 41.04 -52.47
N PRO O 25 36.30 42.12 -53.08
CA PRO O 25 37.45 42.00 -53.98
C PRO O 25 38.79 41.83 -53.29
N LEU O 26 38.89 42.12 -52.00
CA LEU O 26 40.15 42.07 -51.29
C LEU O 26 40.37 40.77 -50.53
N ASP O 27 39.47 39.81 -50.67
CA ASP O 27 39.53 38.58 -49.88
C ASP O 27 39.64 37.35 -50.77
N ILE O 28 40.53 37.38 -51.75
CA ILE O 28 40.66 36.29 -52.72
C ILE O 28 41.95 35.52 -52.58
N ALA O 29 42.94 36.05 -51.88
CA ALA O 29 44.26 35.43 -51.77
C ALA O 29 44.39 34.74 -50.41
N PHE O 30 44.65 33.43 -50.44
CA PHE O 30 44.81 32.65 -49.22
C PHE O 30 46.00 31.72 -49.38
N GLN O 31 46.68 31.47 -48.27
CA GLN O 31 47.85 30.59 -48.29
C GLN O 31 47.44 29.13 -48.41
N ARG O 32 46.32 28.75 -47.81
CA ARG O 32 45.87 27.36 -47.84
C ARG O 32 44.37 27.31 -47.62
N ILE O 33 43.71 26.41 -48.33
CA ILE O 33 42.29 26.10 -48.13
C ILE O 33 42.15 24.60 -47.99
N SER O 34 41.52 24.16 -46.91
CA SER O 34 41.37 22.74 -46.66
C SER O 34 40.41 22.10 -47.66
N GLY O 35 40.58 20.80 -47.85
CA GLY O 35 39.71 20.08 -48.78
C GLY O 35 38.29 19.98 -48.27
N LEU O 36 37.35 19.95 -49.22
CA LEU O 36 35.93 19.86 -48.92
C LEU O 36 35.47 18.42 -49.05
N SER O 37 34.70 17.93 -48.07
CA SER O 37 34.29 16.55 -48.03
C SER O 37 32.81 16.44 -47.71
N ARG O 38 32.18 15.40 -48.24
CA ARG O 38 30.80 15.03 -47.92
C ARG O 38 30.77 13.57 -47.55
N GLU O 39 29.99 13.23 -46.53
CA GLU O 39 29.89 11.86 -46.04
C GLU O 39 28.43 11.49 -45.85
N LEU O 40 28.07 10.29 -46.31
CA LEU O 40 26.74 9.73 -46.10
C LEU O 40 26.82 8.81 -44.89
N GLN O 41 26.27 9.26 -43.76
CA GLN O 41 26.33 8.47 -42.55
C GLN O 41 25.43 7.24 -42.68
N THR O 42 25.95 6.09 -42.26
CA THR O 42 25.25 4.82 -42.39
C THR O 42 25.40 4.02 -41.11
N THR O 43 24.44 3.14 -40.87
CA THR O 43 24.51 2.17 -39.79
C THR O 43 24.36 0.77 -40.37
N GLN O 44 25.14 -0.17 -39.87
CA GLN O 44 25.11 -1.53 -40.35
C GLN O 44 24.03 -2.33 -39.62
N TYR O 45 23.19 -3.02 -40.36
CA TYR O 45 22.15 -3.86 -39.81
C TYR O 45 22.43 -5.32 -40.14
N SER O 46 22.14 -6.21 -39.19
CA SER O 46 22.35 -7.64 -39.36
C SER O 46 21.01 -8.36 -39.20
N GLN O 47 20.70 -9.24 -40.14
CA GLN O 47 19.48 -10.01 -40.09
C GLN O 47 19.64 -11.19 -39.12
N GLY O 48 18.64 -12.06 -39.08
CA GLY O 48 18.67 -13.21 -38.21
C GLY O 48 19.54 -14.34 -38.74
N GLY O 49 19.17 -14.90 -39.88
CA GLY O 49 19.90 -16.00 -40.47
C GLY O 49 20.95 -15.62 -41.47
N GLU O 50 21.23 -14.34 -41.65
CA GLU O 50 22.22 -13.86 -42.61
C GLU O 50 23.52 -13.61 -41.86
N ASN O 51 24.48 -14.54 -42.01
CA ASN O 51 25.75 -14.49 -41.29
C ASN O 51 26.93 -14.28 -42.22
N ALA O 52 26.70 -14.12 -43.53
CA ALA O 52 27.78 -14.00 -44.50
C ALA O 52 27.78 -12.70 -45.29
N ARG O 53 26.72 -11.91 -45.21
CA ARG O 53 26.62 -10.65 -45.93
C ARG O 53 26.38 -9.52 -44.96
N ASN O 54 26.55 -8.30 -45.45
CA ASN O 54 26.33 -7.08 -44.67
C ASN O 54 25.27 -6.23 -45.35
N VAL O 55 24.57 -5.43 -44.55
CA VAL O 55 23.57 -4.49 -45.05
C VAL O 55 23.86 -3.13 -44.43
N TRP O 56 23.91 -2.10 -45.27
CA TRP O 56 24.17 -0.74 -44.83
C TRP O 56 22.96 0.13 -45.15
N LEU O 57 22.48 0.84 -44.14
CA LEU O 57 21.28 1.66 -44.26
C LEU O 57 21.70 3.14 -44.27
N ALA O 58 21.21 3.88 -45.26
CA ALA O 58 21.60 5.27 -45.42
C ALA O 58 20.87 6.16 -44.41
N GLU O 59 21.47 7.33 -44.16
CA GLU O 59 20.95 8.30 -43.21
C GLU O 59 21.26 9.70 -43.76
N LYS O 60 21.23 10.70 -42.90
CA LYS O 60 21.49 12.07 -43.30
C LYS O 60 22.94 12.23 -43.77
N ILE O 61 23.20 13.35 -44.44
CA ILE O 61 24.49 13.63 -45.06
C ILE O 61 25.21 14.67 -44.21
N GLN O 62 26.49 14.43 -43.93
CA GLN O 62 27.30 15.31 -43.11
C GLN O 62 28.31 16.05 -43.99
N HIS O 63 28.35 17.37 -43.83
CA HIS O 63 29.31 18.21 -44.52
C HIS O 63 30.50 18.51 -43.62
N GLY O 64 31.65 18.76 -44.22
CA GLY O 64 32.83 19.13 -43.48
C GLY O 64 32.88 20.62 -43.22
N SER O 65 34.00 21.04 -42.62
CA SER O 65 34.24 22.44 -42.33
C SER O 65 35.18 23.05 -43.35
N LEU O 66 35.22 24.37 -43.38
CA LEU O 66 36.05 25.13 -44.30
C LEU O 66 37.11 25.88 -43.50
N HIS O 67 38.37 25.51 -43.71
CA HIS O 67 39.50 26.13 -43.01
C HIS O 67 40.35 26.91 -44.01
N LEU O 68 40.74 28.12 -43.61
CA LEU O 68 41.60 28.96 -44.43
C LEU O 68 42.76 29.48 -43.59
N GLU O 69 43.86 29.79 -44.25
CA GLU O 69 45.01 30.41 -43.61
C GLU O 69 45.43 31.62 -44.43
N ARG O 70 45.80 32.70 -43.74
CA ARG O 70 46.16 33.94 -44.39
C ARG O 70 47.08 34.73 -43.47
N GLY O 71 48.01 35.46 -44.06
CA GLY O 71 48.90 36.30 -43.27
C GLY O 71 48.21 37.55 -42.77
N VAL O 72 48.85 38.20 -41.81
CA VAL O 72 48.33 39.45 -41.25
C VAL O 72 48.45 40.54 -42.30
N MET O 73 47.35 41.24 -42.56
CA MET O 73 47.31 42.26 -43.59
C MET O 73 46.29 43.32 -43.20
N THR O 74 46.04 44.26 -44.10
CA THR O 74 45.12 45.35 -43.84
C THR O 74 43.71 44.82 -43.62
N VAL O 75 42.95 45.51 -42.77
CA VAL O 75 41.59 45.10 -42.44
C VAL O 75 40.74 45.07 -43.70
N THR O 76 40.00 43.99 -43.88
CA THR O 76 39.16 43.74 -45.04
C THR O 76 37.75 43.40 -44.59
N PRO O 77 36.77 43.47 -45.50
CA PRO O 77 35.40 43.13 -45.10
C PRO O 77 35.25 41.74 -44.49
N LEU O 78 36.04 40.76 -44.93
CA LEU O 78 36.00 39.44 -44.30
C LEU O 78 36.44 39.52 -42.84
N THR O 79 37.48 40.30 -42.56
CA THR O 79 37.94 40.46 -41.18
C THR O 79 36.87 41.12 -40.32
N LEU O 80 36.20 42.15 -40.84
CA LEU O 80 35.20 42.86 -40.06
C LEU O 80 34.02 41.96 -39.72
N MET O 81 33.60 41.12 -40.67
CA MET O 81 32.51 40.19 -40.38
C MET O 81 32.91 39.21 -39.29
N PHE O 82 34.13 38.67 -39.37
CA PHE O 82 34.59 37.71 -38.38
C PHE O 82 34.66 38.34 -36.99
N ASP O 83 35.17 39.58 -36.92
CA ASP O 83 35.27 40.26 -35.63
C ASP O 83 33.89 40.51 -35.04
N ARG O 84 32.92 40.92 -35.85
CA ARG O 84 31.59 41.22 -35.35
C ARG O 84 30.93 39.97 -34.77
N VAL O 85 31.05 38.84 -35.45
CA VAL O 85 30.42 37.61 -34.97
C VAL O 85 31.08 37.15 -33.67
N LEU O 86 32.40 37.23 -33.59
CA LEU O 86 33.13 36.77 -32.41
C LEU O 86 33.18 37.80 -31.31
N ARG O 87 32.62 38.99 -31.52
CA ARG O 87 32.48 39.98 -30.47
C ARG O 87 31.17 39.84 -29.70
N GLY O 88 30.32 38.92 -30.09
CA GLY O 88 29.04 38.73 -29.45
C GLY O 88 27.85 39.38 -30.15
N GLU O 89 28.04 39.90 -31.36
CA GLU O 89 26.95 40.52 -32.10
C GLU O 89 26.12 39.45 -32.80
N LYS O 90 25.06 39.89 -33.49
CA LYS O 90 24.17 38.95 -34.16
C LYS O 90 24.91 38.19 -35.24
N ALA O 91 24.65 36.88 -35.30
CA ALA O 91 25.30 36.03 -36.29
C ALA O 91 24.84 36.39 -37.69
N VAL O 92 25.76 36.34 -38.65
CA VAL O 92 25.46 36.62 -40.04
C VAL O 92 26.05 35.52 -40.90
N TYR O 93 25.46 35.32 -42.07
CA TYR O 93 25.90 34.29 -43.01
C TYR O 93 26.66 34.91 -44.18
N ALA O 94 27.42 34.07 -44.86
CA ALA O 94 28.16 34.47 -46.05
C ALA O 94 28.20 33.30 -47.02
N ASP O 95 28.31 33.63 -48.31
CA ASP O 95 28.39 32.64 -49.37
C ASP O 95 29.81 32.64 -49.92
N VAL O 96 30.38 31.45 -50.08
CA VAL O 96 31.76 31.28 -50.52
C VAL O 96 31.77 30.49 -51.81
N VAL O 97 32.60 30.90 -52.76
CA VAL O 97 32.82 30.19 -54.02
C VAL O 97 34.30 29.92 -54.13
N ILE O 98 34.68 28.64 -54.11
CA ILE O 98 36.07 28.22 -54.27
C ILE O 98 36.25 27.78 -55.72
N MET O 99 37.34 28.24 -56.34
CA MET O 99 37.60 27.94 -57.74
C MET O 99 39.01 27.42 -57.90
N LEU O 100 39.15 26.37 -58.72
CA LEU O 100 40.45 25.85 -59.11
C LEU O 100 40.76 26.35 -60.51
N LEU O 101 41.84 27.10 -60.65
CA LEU O 101 42.16 27.79 -61.89
C LEU O 101 43.18 27.03 -62.71
N ASN O 102 43.10 27.18 -64.02
CA ASN O 102 44.04 26.62 -64.96
C ASN O 102 45.01 27.70 -65.41
N GLU O 103 45.83 27.38 -66.42
CA GLU O 103 46.88 28.31 -66.87
C GLU O 103 46.33 29.61 -67.43
N ASN O 104 45.05 29.66 -67.80
CA ASN O 104 44.43 30.86 -68.34
C ASN O 104 43.51 31.54 -67.35
N SER O 105 43.63 31.20 -66.06
CA SER O 105 42.78 31.77 -65.01
C SER O 105 41.31 31.52 -65.29
N VAL O 106 41.01 30.34 -65.82
CA VAL O 106 39.64 29.89 -66.06
C VAL O 106 39.32 28.81 -65.04
N PRO O 107 38.24 28.95 -64.26
CA PRO O 107 37.96 27.94 -63.23
C PRO O 107 37.48 26.63 -63.82
N VAL O 108 38.35 25.62 -63.81
CA VAL O 108 37.96 24.30 -64.32
C VAL O 108 37.00 23.63 -63.36
N ALA O 109 37.18 23.83 -62.05
CA ALA O 109 36.31 23.25 -61.03
C ALA O 109 35.99 24.32 -60.01
N SER O 110 34.73 24.34 -59.56
CA SER O 110 34.30 25.33 -58.58
C SER O 110 33.34 24.69 -57.60
N TRP O 111 33.44 25.09 -56.34
CA TRP O 111 32.54 24.65 -55.28
C TRP O 111 31.89 25.87 -54.65
N THR O 112 30.56 25.80 -54.45
CA THR O 112 29.82 26.87 -53.80
C THR O 112 29.29 26.36 -52.47
N LEU O 113 29.36 27.21 -51.45
CA LEU O 113 28.92 26.90 -50.11
C LEU O 113 27.86 27.89 -49.68
N SER O 114 26.76 27.39 -49.12
CA SER O 114 25.62 28.23 -48.75
C SER O 114 25.62 28.47 -47.24
N ASN O 115 25.47 29.73 -46.86
CA ASN O 115 25.26 30.13 -45.47
C ASN O 115 26.41 29.65 -44.57
N ALA O 116 27.60 30.18 -44.86
CA ALA O 116 28.78 29.86 -44.06
C ALA O 116 28.82 30.75 -42.82
N LEU O 117 29.08 30.14 -41.66
CA LEU O 117 29.05 30.85 -40.39
C LEU O 117 30.46 30.90 -39.80
N PRO O 118 31.01 32.10 -39.56
CA PRO O 118 32.31 32.18 -38.89
C PRO O 118 32.23 31.65 -37.47
N VAL O 119 33.13 30.74 -37.12
CA VAL O 119 33.05 30.09 -35.82
C VAL O 119 34.39 30.10 -35.09
N ARG O 120 35.47 30.43 -35.79
CA ARG O 120 36.78 30.39 -35.14
C ARG O 120 37.77 31.30 -35.85
N TRP O 121 38.48 32.11 -35.08
CA TRP O 121 39.63 32.88 -35.54
C TRP O 121 40.80 32.60 -34.61
N SER O 122 41.95 32.27 -35.19
CA SER O 122 43.15 32.00 -34.41
C SER O 122 44.35 32.60 -35.11
N THR O 123 45.41 32.84 -34.35
CA THR O 123 46.64 33.42 -34.86
C THR O 123 47.83 32.62 -34.38
N GLY O 124 48.93 32.73 -35.11
CA GLY O 124 50.13 32.00 -34.77
C GLY O 124 50.83 32.58 -33.55
N ASP O 125 51.84 31.86 -33.09
CA ASP O 125 52.58 32.25 -31.89
C ASP O 125 53.58 33.35 -32.20
N PHE O 126 53.82 34.20 -31.21
CA PHE O 126 54.87 35.21 -31.29
C PHE O 126 56.15 34.57 -30.78
N ASP O 127 57.01 34.16 -31.70
CA ASP O 127 58.26 33.48 -31.39
C ASP O 127 59.43 34.42 -31.68
N ALA O 128 60.26 34.66 -30.66
CA ALA O 128 61.42 35.52 -30.84
C ALA O 128 62.54 34.84 -31.62
N ASN O 129 62.50 33.52 -31.76
CA ASN O 129 63.53 32.77 -32.46
C ASN O 129 63.12 32.32 -33.85
N SER O 130 61.98 32.77 -34.34
CA SER O 130 61.41 32.26 -35.57
C SER O 130 61.71 33.16 -36.75
N ASN O 131 61.65 32.57 -37.95
CA ASN O 131 61.72 33.29 -39.23
C ASN O 131 60.49 32.85 -40.01
N ALA O 132 59.36 33.52 -39.77
CA ALA O 132 58.10 33.09 -40.36
C ALA O 132 57.13 34.26 -40.39
N VAL O 133 56.10 34.11 -41.19
CA VAL O 133 55.06 35.11 -41.35
C VAL O 133 53.93 34.79 -40.38
N LEU O 134 53.47 35.80 -39.65
CA LEU O 134 52.31 35.62 -38.78
C LEU O 134 51.09 35.27 -39.63
N VAL O 135 50.42 34.19 -39.26
CA VAL O 135 49.37 33.60 -40.08
C VAL O 135 48.09 33.49 -39.26
N ASN O 136 46.99 34.00 -39.81
CA ASN O 136 45.67 33.83 -39.21
C ASN O 136 45.05 32.53 -39.73
N SER O 137 44.32 31.85 -38.85
CA SER O 137 43.61 30.63 -39.21
C SER O 137 42.12 30.85 -38.96
N LEU O 138 41.33 30.70 -40.02
CA LEU O 138 39.88 30.91 -39.95
C LEU O 138 39.17 29.61 -40.28
N GLU O 139 38.04 29.37 -39.61
CA GLU O 139 37.22 28.20 -39.88
C GLU O 139 35.77 28.61 -39.93
N LEU O 140 35.04 28.10 -40.92
CA LEU O 140 33.63 28.37 -41.09
C LEU O 140 32.85 27.07 -41.21
N ARG O 141 31.59 27.11 -40.79
CA ARG O 141 30.69 25.97 -40.89
C ARG O 141 29.51 26.39 -41.75
N TYR O 142 29.27 25.65 -42.83
CA TYR O 142 28.25 25.99 -43.82
C TYR O 142 27.14 24.96 -43.81
N GLN O 143 26.07 25.27 -44.54
CA GLN O 143 24.88 24.43 -44.56
C GLN O 143 24.87 23.43 -45.71
N ASP O 144 25.28 23.85 -46.90
CA ASP O 144 25.20 22.99 -48.07
C ASP O 144 26.38 23.26 -48.99
N MET O 145 26.78 22.24 -49.74
CA MET O 145 27.86 22.33 -50.70
C MET O 145 27.34 21.93 -52.07
N ARG O 146 27.84 22.60 -53.11
CA ARG O 146 27.45 22.30 -54.47
C ARG O 146 28.58 22.64 -55.41
N TRP O 147 28.98 21.68 -56.23
CA TRP O 147 30.11 21.84 -57.14
C TRP O 147 29.61 22.06 -58.57
N LEU O 148 30.30 22.92 -59.30
CA LEU O 148 30.01 23.17 -60.70
C LEU O 148 31.31 23.19 -61.49
N GLY O 149 31.23 22.86 -62.76
CA GLY O 149 32.41 22.91 -63.61
C GLY O 149 32.56 21.70 -64.52
N VAL O 150 33.60 21.72 -65.36
CA VAL O 150 33.86 20.60 -66.26
C VAL O 150 34.78 19.54 -65.64
N LYS O 151 35.40 19.85 -64.50
CA LYS O 151 36.28 18.91 -63.82
C LYS O 151 35.88 18.81 -62.35
N VAL O 152 36.24 17.69 -61.75
CA VAL O 152 35.94 17.46 -60.34
C VAL O 152 36.74 16.27 -59.82
N TYR P 5 55.73 -20.46 -57.71
CA TYR P 5 55.60 -19.69 -56.48
C TYR P 5 55.93 -18.22 -56.71
N THR P 6 56.16 -17.86 -57.96
CA THR P 6 56.57 -16.50 -58.29
C THR P 6 55.50 -15.52 -57.88
N PRO P 7 55.81 -14.53 -57.03
CA PRO P 7 54.79 -13.61 -56.54
C PRO P 7 54.48 -12.52 -57.57
N SER P 8 53.41 -11.78 -57.28
CA SER P 8 52.88 -10.78 -58.19
C SER P 8 53.12 -9.38 -57.61
N VAL P 9 53.48 -8.45 -58.49
CA VAL P 9 53.67 -7.06 -58.11
C VAL P 9 52.31 -6.44 -57.81
N SER P 10 52.32 -5.28 -57.16
CA SER P 10 51.07 -4.64 -56.71
C SER P 10 50.86 -3.26 -57.32
N HIS P 11 51.51 -2.97 -58.45
CA HIS P 11 51.37 -1.66 -59.09
C HIS P 11 50.73 -1.73 -60.46
N ARG P 12 50.16 -2.88 -60.84
CA ARG P 12 49.42 -3.02 -62.08
C ARG P 12 48.05 -3.61 -61.73
N PHE P 13 47.00 -2.82 -61.90
CA PHE P 13 45.67 -3.21 -61.49
C PHE P 13 44.64 -2.40 -62.26
N ILE P 14 43.40 -2.88 -62.24
CA ILE P 14 42.30 -2.19 -62.91
C ILE P 14 41.03 -2.43 -62.12
N ALA P 15 40.13 -1.46 -62.17
CA ALA P 15 38.83 -1.56 -61.52
C ALA P 15 37.75 -1.15 -62.51
N SER P 16 36.61 -1.84 -62.45
CA SER P 16 35.49 -1.57 -63.34
C SER P 16 34.22 -1.42 -62.54
N PHE P 17 33.40 -0.45 -62.93
CA PHE P 17 32.12 -0.19 -62.27
C PHE P 17 30.99 -0.48 -63.25
N LEU P 18 29.99 -1.22 -62.79
CA LEU P 18 28.82 -1.55 -63.59
C LEU P 18 27.61 -0.84 -62.98
N PHE P 19 26.96 0.00 -63.78
CA PHE P 19 25.77 0.73 -63.37
C PHE P 19 24.59 0.17 -64.16
N ASN P 20 23.68 -0.51 -63.48
CA ASN P 20 22.55 -1.19 -64.13
C ASN P 20 23.04 -2.16 -65.20
N ASN P 21 24.11 -2.90 -64.88
CA ASN P 21 24.71 -3.88 -65.78
C ASN P 21 25.27 -3.25 -67.04
N ILE P 22 25.79 -2.02 -66.92
CA ILE P 22 26.53 -1.36 -68.00
C ILE P 22 27.89 -0.96 -67.44
N PRO P 23 28.99 -1.53 -67.93
CA PRO P 23 30.31 -1.12 -67.43
C PRO P 23 30.65 0.30 -67.85
N SER P 24 31.43 0.97 -67.00
CA SER P 24 31.86 2.33 -67.27
C SER P 24 33.26 2.30 -67.84
N PRO P 25 33.46 2.69 -69.11
CA PRO P 25 34.79 2.58 -69.72
C PRO P 25 35.77 3.66 -69.29
N LEU P 26 35.32 4.74 -68.66
CA LEU P 26 36.17 5.87 -68.31
C LEU P 26 36.57 5.86 -66.84
N ASP P 27 36.23 4.83 -66.09
CA ASP P 27 36.49 4.79 -64.65
C ASP P 27 37.37 3.60 -64.28
N ILE P 28 38.44 3.37 -65.04
CA ILE P 28 39.30 2.21 -64.82
C ILE P 28 40.68 2.57 -64.31
N ALA P 29 41.04 3.85 -64.28
CA ALA P 29 42.36 4.29 -63.88
C ALA P 29 42.29 4.91 -62.49
N PHE P 30 43.06 4.36 -61.55
CA PHE P 30 43.08 4.86 -60.18
C PHE P 30 44.52 4.88 -59.67
N GLN P 31 44.82 5.89 -58.86
CA GLN P 31 46.15 6.00 -58.27
C GLN P 31 46.36 4.96 -57.17
N ARG P 32 45.32 4.63 -56.41
CA ARG P 32 45.45 3.69 -55.30
C ARG P 32 44.11 3.05 -55.02
N ILE P 33 44.12 1.76 -54.74
CA ILE P 33 42.96 1.03 -54.25
C ILE P 33 43.37 0.29 -53.00
N SER P 34 42.60 0.47 -51.92
CA SER P 34 42.94 -0.15 -50.65
C SER P 34 42.70 -1.65 -50.72
N GLY P 35 43.36 -2.37 -49.81
CA GLY P 35 43.21 -3.81 -49.77
C GLY P 35 41.84 -4.23 -49.27
N LEU P 36 41.41 -5.41 -49.70
CA LEU P 36 40.12 -5.95 -49.34
C LEU P 36 40.29 -7.03 -48.27
N SER P 37 39.50 -6.96 -47.22
CA SER P 37 39.65 -7.83 -46.08
C SER P 37 38.29 -8.40 -45.64
N ARG P 38 38.32 -9.65 -45.19
CA ARG P 38 37.18 -10.29 -44.57
C ARG P 38 37.59 -10.80 -43.19
N GLU P 39 36.70 -10.64 -42.21
CA GLU P 39 36.98 -11.06 -40.85
C GLU P 39 35.78 -11.81 -40.29
N LEU P 40 36.05 -12.97 -39.69
CA LEU P 40 35.02 -13.73 -38.98
C LEU P 40 35.07 -13.32 -37.52
N GLN P 41 34.01 -12.66 -37.06
CA GLN P 41 33.97 -12.22 -35.67
C GLN P 41 33.77 -13.41 -34.74
N THR P 42 34.49 -13.39 -33.62
CA THR P 42 34.44 -14.48 -32.66
C THR P 42 34.39 -13.91 -31.25
N THR P 43 33.81 -14.70 -30.34
CA THR P 43 33.83 -14.40 -28.92
C THR P 43 34.44 -15.58 -28.17
N GLN P 44 35.32 -15.28 -27.22
CA GLN P 44 35.98 -16.31 -26.45
C GLN P 44 35.08 -16.77 -25.31
N TYR P 45 34.95 -18.08 -25.15
CA TYR P 45 34.17 -18.66 -24.06
C TYR P 45 35.08 -19.43 -23.11
N SER P 46 34.79 -19.34 -21.83
CA SER P 46 35.54 -20.05 -20.79
C SER P 46 34.61 -21.01 -20.06
N GLN P 47 35.07 -22.24 -19.87
CA GLN P 47 34.29 -23.25 -19.17
C GLN P 47 34.49 -23.10 -17.66
N GLY P 48 33.97 -24.06 -16.90
CA GLY P 48 34.10 -24.03 -15.47
C GLY P 48 35.45 -24.49 -14.98
N GLY P 49 35.80 -25.75 -15.25
CA GLY P 49 37.05 -26.32 -14.82
C GLY P 49 38.16 -26.31 -15.84
N GLU P 50 37.93 -25.74 -17.01
CA GLU P 50 38.93 -25.69 -18.07
C GLU P 50 39.70 -24.37 -17.93
N ASN P 51 40.90 -24.44 -17.37
CA ASN P 51 41.70 -23.25 -17.10
C ASN P 51 43.00 -23.21 -17.89
N ALA P 52 43.15 -24.05 -18.91
CA ALA P 52 44.37 -24.09 -19.69
C ALA P 52 44.15 -24.02 -21.19
N ARG P 53 42.93 -24.21 -21.68
CA ARG P 53 42.62 -24.12 -23.09
C ARG P 53 41.63 -22.99 -23.34
N ASN P 54 41.48 -22.63 -24.61
CA ASN P 54 40.58 -21.57 -25.02
C ASN P 54 39.58 -22.11 -26.04
N VAL P 55 38.38 -21.55 -26.03
CA VAL P 55 37.32 -21.91 -26.97
C VAL P 55 36.86 -20.64 -27.67
N TRP P 56 36.79 -20.70 -29.00
CA TRP P 56 36.37 -19.56 -29.81
C TRP P 56 35.11 -19.94 -30.58
N LEU P 57 34.09 -19.09 -30.50
CA LEU P 57 32.80 -19.36 -31.12
C LEU P 57 32.58 -18.39 -32.28
N ALA P 58 32.22 -18.93 -33.43
CA ALA P 58 32.07 -18.13 -34.65
C ALA P 58 30.80 -17.29 -34.60
N GLU P 59 30.80 -16.24 -35.41
CA GLU P 59 29.70 -15.28 -35.49
C GLU P 59 29.60 -14.80 -36.94
N LYS P 60 28.94 -13.67 -37.15
CA LYS P 60 28.78 -13.12 -38.48
C LYS P 60 30.12 -12.67 -39.05
N ILE P 61 30.15 -12.49 -40.37
CA ILE P 61 31.36 -12.12 -41.09
C ILE P 61 31.30 -10.63 -41.43
N GLN P 62 32.40 -9.92 -41.16
CA GLN P 62 32.49 -8.48 -41.39
C GLN P 62 33.35 -8.22 -42.61
N HIS P 63 32.79 -7.48 -43.57
CA HIS P 63 33.52 -7.04 -44.75
C HIS P 63 34.08 -5.65 -44.53
N GLY P 64 35.24 -5.39 -45.14
CA GLY P 64 35.83 -4.08 -45.09
C GLY P 64 35.22 -3.13 -46.09
N SER P 65 35.79 -1.92 -46.16
CA SER P 65 35.32 -0.91 -47.08
C SER P 65 36.29 -0.77 -48.26
N LEU P 66 35.79 -0.18 -49.34
CA LEU P 66 36.56 0.04 -50.55
C LEU P 66 36.97 1.50 -50.63
N HIS P 67 38.26 1.74 -50.75
CA HIS P 67 38.81 3.09 -50.85
C HIS P 67 39.53 3.24 -52.18
N LEU P 68 39.25 4.33 -52.89
CA LEU P 68 39.88 4.62 -54.16
C LEU P 68 40.47 6.03 -54.13
N GLU P 69 41.52 6.22 -54.92
CA GLU P 69 42.18 7.51 -55.07
C GLU P 69 42.32 7.83 -56.55
N ARG P 70 42.05 9.08 -56.91
CA ARG P 70 42.06 9.49 -58.30
C ARG P 70 42.23 10.99 -58.38
N GLY P 71 42.93 11.44 -59.43
CA GLY P 71 43.10 12.85 -59.64
C GLY P 71 41.86 13.51 -60.22
N VAL P 72 41.88 14.85 -60.21
CA VAL P 72 40.75 15.62 -60.73
C VAL P 72 40.78 15.56 -62.25
N MET P 73 39.68 15.13 -62.84
CA MET P 73 39.60 14.92 -64.29
C MET P 73 38.19 15.28 -64.74
N THR P 74 37.90 15.00 -66.02
CA THR P 74 36.60 15.29 -66.59
C THR P 74 35.53 14.44 -65.92
N VAL P 75 34.28 14.95 -65.96
CA VAL P 75 33.17 14.27 -65.31
C VAL P 75 32.93 12.93 -66.00
N THR P 76 32.79 11.87 -65.20
CA THR P 76 32.55 10.52 -65.68
C THR P 76 31.28 9.97 -65.02
N PRO P 77 30.73 8.86 -65.51
CA PRO P 77 29.54 8.29 -64.85
C PRO P 77 29.72 7.99 -63.37
N LEU P 78 30.92 7.57 -62.96
CA LEU P 78 31.16 7.32 -61.54
C LEU P 78 31.01 8.58 -60.72
N THR P 79 31.50 9.70 -61.23
CA THR P 79 31.36 10.98 -60.53
C THR P 79 29.89 11.37 -60.40
N LEU P 80 29.10 11.19 -61.46
CA LEU P 80 27.71 11.59 -61.42
C LEU P 80 26.92 10.77 -60.40
N MET P 81 27.22 9.47 -60.30
CA MET P 81 26.57 8.65 -59.28
C MET P 81 26.94 9.11 -57.88
N PHE P 82 28.22 9.43 -57.66
CA PHE P 82 28.66 9.88 -56.35
C PHE P 82 28.02 11.20 -55.97
N ASP P 83 27.92 12.12 -56.93
CA ASP P 83 27.29 13.41 -56.67
C ASP P 83 25.82 13.26 -56.34
N ARG P 84 25.12 12.38 -57.06
CA ARG P 84 23.69 12.22 -56.84
C ARG P 84 23.40 11.68 -55.44
N VAL P 85 24.14 10.68 -55.00
CA VAL P 85 23.91 10.11 -53.69
C VAL P 85 24.21 11.12 -52.59
N LEU P 86 25.34 11.84 -52.71
CA LEU P 86 25.75 12.79 -51.71
C LEU P 86 24.99 14.12 -51.80
N ARG P 87 24.16 14.30 -52.82
CA ARG P 87 23.29 15.47 -52.90
C ARG P 87 21.98 15.28 -52.16
N GLY P 88 21.69 14.07 -51.70
CA GLY P 88 20.46 13.78 -51.01
C GLY P 88 19.39 13.10 -51.84
N GLU P 89 19.78 12.40 -52.90
CA GLU P 89 18.84 11.69 -53.75
C GLU P 89 18.75 10.22 -53.32
N LYS P 90 17.91 9.47 -54.02
CA LYS P 90 17.74 8.06 -53.69
C LYS P 90 19.05 7.30 -53.86
N ALA P 91 19.35 6.46 -52.87
CA ALA P 91 20.57 5.67 -52.90
C ALA P 91 20.52 4.66 -54.05
N VAL P 92 21.68 4.42 -54.66
CA VAL P 92 21.81 3.49 -55.77
C VAL P 92 23.02 2.60 -55.53
N TYR P 93 22.91 1.34 -55.91
CA TYR P 93 24.00 0.38 -55.76
C TYR P 93 24.80 0.28 -57.04
N ALA P 94 26.08 -0.09 -56.88
CA ALA P 94 26.95 -0.34 -58.01
C ALA P 94 27.75 -1.61 -57.76
N ASP P 95 28.14 -2.27 -58.84
CA ASP P 95 28.95 -3.48 -58.77
C ASP P 95 30.36 -3.17 -59.25
N VAL P 96 31.35 -3.62 -58.50
CA VAL P 96 32.75 -3.31 -58.75
C VAL P 96 33.52 -4.61 -58.95
N VAL P 97 34.34 -4.64 -59.99
CA VAL P 97 35.24 -5.76 -60.26
C VAL P 97 36.66 -5.23 -60.22
N ILE P 98 37.44 -5.70 -59.25
CA ILE P 98 38.84 -5.32 -59.11
C ILE P 98 39.69 -6.45 -59.67
N MET P 99 40.66 -6.11 -60.52
CA MET P 99 41.44 -7.10 -61.24
C MET P 99 42.93 -6.80 -61.09
N LEU P 100 43.70 -7.85 -60.84
CA LEU P 100 45.16 -7.75 -60.79
C LEU P 100 45.72 -8.32 -62.08
N LEU P 101 46.49 -7.52 -62.80
CA LEU P 101 46.94 -7.86 -64.15
C LEU P 101 48.37 -8.34 -64.15
N ASN P 102 48.68 -9.22 -65.10
CA ASN P 102 50.04 -9.67 -65.34
C ASN P 102 50.61 -8.94 -66.56
N GLU P 103 51.78 -9.38 -67.03
CA GLU P 103 52.48 -8.67 -68.09
C GLU P 103 51.72 -8.69 -69.42
N ASN P 104 50.73 -9.56 -69.56
CA ASN P 104 49.93 -9.64 -70.79
C ASN P 104 48.53 -9.07 -70.61
N SER P 105 48.31 -8.28 -69.57
CA SER P 105 47.00 -7.68 -69.27
C SER P 105 45.93 -8.76 -69.11
N VAL P 106 46.31 -9.87 -68.49
CA VAL P 106 45.39 -10.96 -68.17
C VAL P 106 45.17 -10.96 -66.67
N PRO P 107 43.93 -10.90 -66.19
CA PRO P 107 43.70 -10.87 -64.75
C PRO P 107 43.99 -12.19 -64.07
N VAL P 108 45.12 -12.27 -63.36
CA VAL P 108 45.46 -13.49 -62.62
C VAL P 108 44.54 -13.64 -61.42
N ALA P 109 44.23 -12.54 -60.74
CA ALA P 109 43.34 -12.53 -59.60
C ALA P 109 42.30 -11.43 -59.78
N SER P 110 41.09 -11.68 -59.30
CA SER P 110 40.03 -10.70 -59.43
C SER P 110 39.07 -10.86 -58.26
N TRP P 111 38.58 -9.72 -57.74
CA TRP P 111 37.61 -9.70 -56.65
C TRP P 111 36.39 -8.92 -57.11
N THR P 112 35.21 -9.49 -56.89
CA THR P 112 33.96 -8.85 -57.24
C THR P 112 33.20 -8.45 -55.97
N LEU P 113 32.58 -7.27 -56.01
CA LEU P 113 31.83 -6.73 -54.89
C LEU P 113 30.40 -6.48 -55.32
N SER P 114 29.45 -6.89 -54.49
CA SER P 114 28.03 -6.76 -54.79
C SER P 114 27.43 -5.60 -54.01
N ASN P 115 26.66 -4.76 -54.71
CA ASN P 115 25.87 -3.70 -54.09
C ASN P 115 26.75 -2.74 -53.28
N ALA P 116 27.64 -2.05 -53.99
CA ALA P 116 28.53 -1.09 -53.36
C ALA P 116 27.84 0.26 -53.25
N LEU P 117 27.81 0.82 -52.04
CA LEU P 117 27.11 2.07 -51.78
C LEU P 117 28.12 3.20 -51.61
N PRO P 118 28.06 4.25 -52.42
CA PRO P 118 28.94 5.41 -52.19
C PRO P 118 28.56 6.12 -50.90
N VAL P 119 29.55 6.33 -50.03
CA VAL P 119 29.27 6.93 -48.73
C VAL P 119 30.17 8.11 -48.40
N ARG P 120 31.31 8.31 -49.07
CA ARG P 120 32.18 9.42 -48.72
C ARG P 120 32.96 9.88 -49.94
N TRP P 121 33.13 11.20 -50.05
CA TRP P 121 33.98 11.81 -51.07
C TRP P 121 34.72 12.95 -50.42
N SER P 122 36.05 12.92 -50.48
CA SER P 122 36.89 13.98 -49.96
C SER P 122 37.89 14.38 -51.03
N THR P 123 38.38 15.62 -50.91
CA THR P 123 39.36 16.15 -51.84
C THR P 123 40.56 16.67 -51.06
N GLY P 124 41.69 16.77 -51.75
CA GLY P 124 42.90 17.24 -51.12
C GLY P 124 42.87 18.73 -50.85
N ASP P 125 43.86 19.17 -50.07
CA ASP P 125 43.93 20.57 -49.68
C ASP P 125 44.47 21.43 -50.82
N PHE P 126 43.98 22.66 -50.88
CA PHE P 126 44.52 23.67 -51.79
C PHE P 126 45.66 24.36 -51.05
N ASP P 127 46.89 24.01 -51.39
CA ASP P 127 48.08 24.53 -50.72
C ASP P 127 48.91 25.31 -51.72
N ALA P 128 49.24 26.55 -51.37
CA ALA P 128 49.98 27.42 -52.27
C ALA P 128 51.47 27.12 -52.31
N ASN P 129 51.97 26.32 -51.38
CA ASN P 129 53.39 25.98 -51.33
C ASN P 129 53.68 24.56 -51.81
N SER P 130 52.68 23.87 -52.34
CA SER P 130 52.80 22.47 -52.69
C SER P 130 53.14 22.28 -54.16
N ASN P 131 53.68 21.11 -54.47
CA ASN P 131 53.91 20.64 -55.85
C ASN P 131 53.29 19.25 -55.92
N ALA P 132 51.99 19.21 -56.18
CA ALA P 132 51.27 17.95 -56.13
C ALA P 132 50.00 18.05 -56.97
N VAL P 133 49.44 16.88 -57.27
CA VAL P 133 48.21 16.79 -58.05
C VAL P 133 47.03 16.70 -57.09
N LEU P 134 46.01 17.52 -57.33
CA LEU P 134 44.79 17.44 -56.54
C LEU P 134 44.14 16.07 -56.73
N VAL P 135 43.87 15.39 -55.63
CA VAL P 135 43.45 14.00 -55.64
C VAL P 135 42.13 13.86 -54.90
N ASN P 136 41.17 13.19 -55.52
CA ASN P 136 39.91 12.86 -54.86
C ASN P 136 40.03 11.52 -54.15
N SER P 137 39.39 11.43 -52.98
CA SER P 137 39.37 10.20 -52.20
C SER P 137 37.93 9.74 -52.04
N LEU P 138 37.63 8.55 -52.55
CA LEU P 138 36.29 7.99 -52.50
C LEU P 138 36.28 6.74 -51.62
N GLU P 139 35.15 6.52 -50.96
CA GLU P 139 34.96 5.33 -50.13
C GLU P 139 33.59 4.75 -50.40
N LEU P 140 33.53 3.43 -50.58
CA LEU P 140 32.28 2.72 -50.81
C LEU P 140 32.15 1.59 -49.81
N ARG P 141 30.91 1.24 -49.49
CA ARG P 141 30.61 0.12 -48.61
C ARG P 141 29.73 -0.87 -49.35
N TYR P 142 30.14 -2.13 -49.38
CA TYR P 142 29.48 -3.16 -50.17
C TYR P 142 28.93 -4.24 -49.26
N GLN P 143 28.11 -5.11 -49.86
CA GLN P 143 27.41 -6.14 -49.10
C GLN P 143 28.16 -7.47 -49.08
N ASP P 144 28.83 -7.83 -50.18
CA ASP P 144 29.46 -9.13 -50.29
C ASP P 144 30.72 -9.01 -51.13
N MET P 145 31.64 -9.94 -50.92
CA MET P 145 32.90 -10.00 -51.65
C MET P 145 33.09 -11.42 -52.17
N ARG P 146 33.69 -11.53 -53.35
CA ARG P 146 33.98 -12.85 -53.92
C ARG P 146 35.09 -12.75 -54.95
N TRP P 147 36.04 -13.66 -54.86
CA TRP P 147 37.27 -13.65 -55.65
C TRP P 147 37.26 -14.77 -56.68
N LEU P 148 37.70 -14.47 -57.89
CA LEU P 148 37.85 -15.44 -58.96
C LEU P 148 39.24 -15.32 -59.57
N GLY P 149 39.75 -16.44 -60.07
CA GLY P 149 41.06 -16.42 -60.70
C GLY P 149 41.92 -17.59 -60.34
N VAL P 150 43.11 -17.68 -60.95
CA VAL P 150 44.04 -18.76 -60.66
C VAL P 150 44.97 -18.45 -59.50
N LYS P 151 45.02 -17.20 -59.05
CA LYS P 151 45.89 -16.79 -57.96
C LYS P 151 45.09 -15.98 -56.94
N VAL P 152 45.59 -15.96 -55.71
CA VAL P 152 44.98 -15.18 -54.64
C VAL P 152 45.95 -15.07 -53.47
N TYR Q 5 75.32 -22.73 -25.50
CA TYR Q 5 74.57 -21.50 -25.28
C TYR Q 5 74.36 -20.74 -26.57
N THR Q 6 74.85 -21.30 -27.67
CA THR Q 6 74.80 -20.62 -28.96
C THR Q 6 73.34 -20.39 -29.37
N PRO Q 7 72.93 -19.16 -29.61
CA PRO Q 7 71.53 -18.89 -29.94
C PRO Q 7 71.24 -19.20 -31.40
N SER Q 8 69.95 -19.15 -31.74
CA SER Q 8 69.46 -19.52 -33.05
C SER Q 8 68.94 -18.30 -33.79
N VAL Q 9 69.12 -18.29 -35.11
CA VAL Q 9 68.63 -17.20 -35.95
C VAL Q 9 67.13 -17.36 -36.13
N SER Q 10 66.47 -16.32 -36.64
CA SER Q 10 65.02 -16.32 -36.76
C SER Q 10 64.54 -16.17 -38.20
N HIS Q 11 65.40 -16.47 -39.18
CA HIS Q 11 65.04 -16.31 -40.59
C HIS Q 11 64.99 -17.63 -41.34
N ARG Q 12 64.95 -18.75 -40.62
CA ARG Q 12 64.83 -20.07 -41.23
C ARG Q 12 63.79 -20.85 -40.43
N PHE Q 13 62.63 -21.10 -41.05
CA PHE Q 13 61.50 -21.69 -40.36
C PHE Q 13 60.58 -22.35 -41.36
N ILE Q 14 59.72 -23.23 -40.87
CA ILE Q 14 58.74 -23.93 -41.68
C ILE Q 14 57.43 -24.02 -40.90
N ALA Q 15 56.33 -24.07 -41.64
CA ALA Q 15 55.00 -24.23 -41.04
C ALA Q 15 54.20 -25.23 -41.86
N SER Q 16 53.58 -26.18 -41.18
CA SER Q 16 52.81 -27.22 -41.83
C SER Q 16 51.38 -27.22 -41.30
N PHE Q 17 50.42 -27.29 -42.21
CA PHE Q 17 49.00 -27.34 -41.88
C PHE Q 17 48.46 -28.74 -42.18
N LEU Q 18 47.73 -29.30 -41.23
CA LEU Q 18 47.11 -30.60 -41.39
C LEU Q 18 45.60 -30.45 -41.45
N PHE Q 19 45.00 -30.91 -42.55
CA PHE Q 19 43.55 -30.90 -42.72
C PHE Q 19 43.07 -32.34 -42.73
N ASN Q 20 42.29 -32.71 -41.72
CA ASN Q 20 41.85 -34.09 -41.52
C ASN Q 20 43.04 -35.05 -41.50
N ASN Q 21 44.05 -34.67 -40.72
CA ASN Q 21 45.28 -35.46 -40.56
C ASN Q 21 45.95 -35.75 -41.90
N ILE Q 22 45.87 -34.79 -42.81
CA ILE Q 22 46.60 -34.87 -44.07
C ILE Q 22 47.42 -33.59 -44.24
N PRO Q 23 48.74 -33.66 -44.16
CA PRO Q 23 49.55 -32.44 -44.28
C PRO Q 23 49.46 -31.83 -45.67
N SER Q 24 49.58 -30.51 -45.72
CA SER Q 24 49.54 -29.79 -46.98
C SER Q 24 50.96 -29.51 -47.44
N PRO Q 25 51.41 -30.08 -48.56
CA PRO Q 25 52.81 -29.89 -48.97
C PRO Q 25 53.09 -28.54 -49.62
N LEU Q 26 52.07 -27.82 -50.07
CA LEU Q 26 52.27 -26.56 -50.78
C LEU Q 26 52.13 -25.34 -49.88
N ASP Q 27 51.96 -25.54 -48.57
CA ASP Q 27 51.71 -24.44 -47.66
C ASP Q 27 52.77 -24.34 -46.58
N ILE Q 28 54.05 -24.40 -46.98
CA ILE Q 28 55.15 -24.41 -46.02
C ILE Q 28 56.03 -23.18 -46.09
N ALA Q 29 55.82 -22.31 -47.09
CA ALA Q 29 56.67 -21.13 -47.29
C ALA Q 29 55.90 -19.88 -46.88
N PHE Q 30 56.46 -19.12 -45.95
CA PHE Q 30 55.83 -17.89 -45.47
C PHE Q 30 56.88 -16.81 -45.28
N GLN Q 31 56.48 -15.56 -45.53
CA GLN Q 31 57.38 -14.43 -45.38
C GLN Q 31 57.57 -14.06 -43.90
N ARG Q 32 56.52 -14.18 -43.10
CA ARG Q 32 56.58 -13.81 -41.70
C ARG Q 32 55.59 -14.66 -40.92
N ILE Q 33 56.00 -15.09 -39.72
CA ILE Q 33 55.12 -15.73 -38.76
C ILE Q 33 55.31 -15.04 -37.42
N SER Q 34 54.22 -14.57 -36.83
CA SER Q 34 54.30 -13.88 -35.56
C SER Q 34 54.69 -14.83 -34.44
N GLY Q 35 55.24 -14.26 -33.38
CA GLY Q 35 55.63 -15.07 -32.23
C GLY Q 35 54.43 -15.62 -31.48
N LEU Q 36 54.65 -16.73 -30.81
CA LEU Q 36 53.61 -17.40 -30.03
C LEU Q 36 53.84 -17.14 -28.54
N SER Q 37 52.77 -16.74 -27.85
CA SER Q 37 52.87 -16.35 -26.45
C SER Q 37 51.76 -16.99 -25.64
N ARG Q 38 52.07 -17.28 -24.37
CA ARG Q 38 51.08 -17.72 -23.40
C ARG Q 38 51.17 -16.81 -22.18
N GLU Q 39 50.00 -16.43 -21.66
CA GLU Q 39 49.95 -15.55 -20.50
C GLU Q 39 49.04 -16.15 -19.43
N LEU Q 40 49.49 -16.09 -18.19
CA LEU Q 40 48.69 -16.52 -17.04
C LEU Q 40 48.05 -15.29 -16.43
N GLN Q 41 46.74 -15.15 -16.61
CA GLN Q 41 46.03 -14.00 -16.06
C GLN Q 41 46.00 -14.08 -14.54
N THR Q 42 46.21 -12.92 -13.90
CA THR Q 42 46.28 -12.86 -12.45
C THR Q 42 45.52 -11.64 -11.97
N THR Q 43 45.01 -11.73 -10.74
CA THR Q 43 44.39 -10.60 -10.06
C THR Q 43 45.14 -10.33 -8.77
N GLN Q 44 45.44 -9.07 -8.52
CA GLN Q 44 46.13 -8.68 -7.29
C GLN Q 44 45.13 -8.56 -6.15
N TYR Q 45 45.46 -9.16 -5.01
CA TYR Q 45 44.64 -9.10 -3.82
C TYR Q 45 45.41 -8.39 -2.71
N SER Q 46 44.71 -7.56 -1.95
CA SER Q 46 45.29 -6.83 -0.83
C SER Q 46 44.61 -7.24 0.45
N GLN Q 47 45.40 -7.60 1.46
CA GLN Q 47 44.87 -8.02 2.76
C GLN Q 47 44.51 -6.78 3.58
N GLY Q 48 44.11 -7.03 4.83
CA GLY Q 48 43.75 -5.95 5.72
C GLY Q 48 44.94 -5.24 6.31
N GLY Q 49 45.76 -5.96 7.07
CA GLY Q 49 46.91 -5.39 7.72
C GLY Q 49 48.20 -5.46 6.95
N GLU Q 50 48.19 -6.03 5.74
CA GLU Q 50 49.40 -6.18 4.93
C GLU Q 50 49.50 -4.99 3.99
N ASN Q 51 50.36 -4.05 4.31
CA ASN Q 51 50.52 -2.83 3.53
C ASN Q 51 51.88 -2.73 2.83
N ALA Q 52 52.69 -3.78 2.90
CA ALA Q 52 54.04 -3.75 2.34
C ALA Q 52 54.33 -4.86 1.35
N ARG Q 53 53.41 -5.81 1.15
CA ARG Q 53 53.62 -6.93 0.24
C ARG Q 53 52.42 -7.05 -0.69
N ASN Q 54 52.63 -7.77 -1.80
CA ASN Q 54 51.60 -8.01 -2.79
C ASN Q 54 51.34 -9.51 -2.89
N VAL Q 55 50.09 -9.85 -3.22
CA VAL Q 55 49.67 -11.24 -3.41
C VAL Q 55 49.00 -11.34 -4.76
N TRP Q 56 49.43 -12.29 -5.59
CA TRP Q 56 48.91 -12.49 -6.92
C TRP Q 56 48.22 -13.85 -6.98
N LEU Q 57 46.98 -13.87 -7.48
CA LEU Q 57 46.17 -15.07 -7.55
C LEU Q 57 46.06 -15.54 -9.00
N ALA Q 58 46.35 -16.81 -9.23
CA ALA Q 58 46.35 -17.35 -10.58
C ALA Q 58 44.92 -17.54 -11.09
N GLU Q 59 44.80 -17.58 -12.41
CA GLU Q 59 43.52 -17.68 -13.11
C GLU Q 59 43.76 -18.49 -14.38
N LYS Q 60 42.84 -18.38 -15.34
CA LYS Q 60 42.96 -19.11 -16.58
C LYS Q 60 44.15 -18.62 -17.41
N ILE Q 61 44.51 -19.40 -18.42
CA ILE Q 61 45.65 -19.12 -19.28
C ILE Q 61 45.14 -18.62 -20.61
N GLN Q 62 45.72 -17.54 -21.12
CA GLN Q 62 45.30 -16.89 -22.36
C GLN Q 62 46.33 -17.14 -23.45
N HIS Q 63 45.89 -17.71 -24.56
CA HIS Q 63 46.75 -17.96 -25.70
C HIS Q 63 46.63 -16.83 -26.71
N GLY Q 64 47.74 -16.56 -27.40
CA GLY Q 64 47.75 -15.57 -28.45
C GLY Q 64 47.22 -16.11 -29.76
N SER Q 65 47.25 -15.25 -30.78
CA SER Q 65 46.81 -15.63 -32.11
C SER Q 65 48.00 -15.93 -33.00
N LEU Q 66 47.72 -16.58 -34.12
CA LEU Q 66 48.73 -16.93 -35.11
C LEU Q 66 48.57 -16.03 -36.32
N HIS Q 67 49.62 -15.30 -36.66
CA HIS Q 67 49.62 -14.39 -37.80
C HIS Q 67 50.63 -14.88 -38.83
N LEU Q 68 50.22 -14.92 -40.10
CA LEU Q 68 51.07 -15.32 -41.19
C LEU Q 68 50.99 -14.31 -42.31
N GLU Q 69 52.11 -14.13 -43.02
CA GLU Q 69 52.17 -13.29 -44.21
C GLU Q 69 52.73 -14.11 -45.37
N ARG Q 70 52.13 -13.94 -46.54
CA ARG Q 70 52.53 -14.72 -47.71
C ARG Q 70 52.17 -13.93 -48.96
N GLY Q 71 52.96 -14.12 -50.01
CA GLY Q 71 52.68 -13.47 -51.27
C GLY Q 71 51.53 -14.13 -52.02
N VAL Q 72 51.05 -13.43 -53.03
CA VAL Q 72 49.97 -13.93 -53.87
C VAL Q 72 50.52 -15.00 -54.80
N MET Q 73 49.95 -16.19 -54.75
CA MET Q 73 50.44 -17.33 -55.51
C MET Q 73 49.25 -18.17 -55.95
N THR Q 74 49.55 -19.33 -56.53
CA THR Q 74 48.50 -20.22 -57.00
C THR Q 74 47.66 -20.74 -55.83
N VAL Q 75 46.46 -21.19 -56.14
CA VAL Q 75 45.53 -21.64 -55.11
C VAL Q 75 46.02 -22.92 -54.48
N THR Q 76 46.04 -22.95 -53.15
CA THR Q 76 46.49 -24.07 -52.36
C THR Q 76 45.38 -24.49 -51.39
N PRO Q 77 45.45 -25.71 -50.84
CA PRO Q 77 44.40 -26.15 -49.91
C PRO Q 77 44.21 -25.22 -48.72
N LEU Q 78 45.26 -24.55 -48.24
CA LEU Q 78 45.10 -23.59 -47.17
C LEU Q 78 44.21 -22.42 -47.59
N THR Q 79 44.40 -21.94 -48.82
CA THR Q 79 43.57 -20.85 -49.32
C THR Q 79 42.11 -21.27 -49.43
N LEU Q 80 41.86 -22.47 -49.95
CA LEU Q 80 40.49 -22.94 -50.12
C LEU Q 80 39.78 -23.08 -48.78
N MET Q 81 40.50 -23.54 -47.75
CA MET Q 81 39.92 -23.61 -46.41
C MET Q 81 39.55 -22.23 -45.91
N PHE Q 82 40.44 -21.26 -46.09
CA PHE Q 82 40.16 -19.90 -45.63
C PHE Q 82 38.98 -19.30 -46.37
N ASP Q 83 38.90 -19.53 -47.67
CA ASP Q 83 37.79 -18.97 -48.46
C ASP Q 83 36.45 -19.56 -48.03
N ARG Q 84 36.43 -20.87 -47.73
CA ARG Q 84 35.18 -21.51 -47.34
C ARG Q 84 34.67 -20.96 -46.02
N VAL Q 85 35.56 -20.78 -45.03
CA VAL Q 85 35.14 -20.29 -43.73
C VAL Q 85 34.63 -18.86 -43.82
N LEU Q 86 35.32 -18.03 -44.58
CA LEU Q 86 34.94 -16.62 -44.71
C LEU Q 86 33.85 -16.39 -45.74
N ARG Q 87 33.38 -17.45 -46.41
CA ARG Q 87 32.22 -17.36 -47.29
C ARG Q 87 30.91 -17.65 -46.58
N GLY Q 88 30.96 -17.93 -45.28
CA GLY Q 88 29.76 -18.24 -44.53
C GLY Q 88 29.44 -19.72 -44.41
N GLU Q 89 30.38 -20.59 -44.77
CA GLU Q 89 30.16 -22.03 -44.66
C GLU Q 89 30.48 -22.49 -43.24
N LYS Q 90 30.33 -23.79 -43.00
CA LYS Q 90 30.57 -24.34 -41.67
C LYS Q 90 32.03 -24.18 -41.28
N ALA Q 91 32.25 -23.81 -40.01
CA ALA Q 91 33.60 -23.64 -39.51
C ALA Q 91 34.32 -24.98 -39.46
N VAL Q 92 35.62 -24.96 -39.75
CA VAL Q 92 36.45 -26.15 -39.74
C VAL Q 92 37.78 -25.84 -39.08
N TYR Q 93 38.35 -26.84 -38.43
CA TYR Q 93 39.59 -26.70 -37.66
C TYR Q 93 40.78 -27.22 -38.46
N ALA Q 94 41.96 -26.76 -38.06
CA ALA Q 94 43.21 -27.24 -38.64
C ALA Q 94 44.27 -27.29 -37.55
N ASP Q 95 45.24 -28.18 -37.73
CA ASP Q 95 46.37 -28.33 -36.81
C ASP Q 95 47.62 -27.81 -37.49
N VAL Q 96 48.38 -26.99 -36.77
CA VAL Q 96 49.54 -26.31 -37.32
C VAL Q 96 50.77 -26.68 -36.52
N VAL Q 97 51.86 -26.99 -37.22
CA VAL Q 97 53.16 -27.26 -36.59
C VAL Q 97 54.14 -26.24 -37.13
N ILE Q 98 54.72 -25.44 -36.24
CA ILE Q 98 55.74 -24.45 -36.58
C ILE Q 98 57.07 -24.98 -36.09
N MET Q 99 58.05 -25.05 -37.00
CA MET Q 99 59.35 -25.62 -36.69
C MET Q 99 60.45 -24.61 -37.00
N LEU Q 100 61.41 -24.52 -36.09
CA LEU Q 100 62.61 -23.70 -36.29
C LEU Q 100 63.74 -24.61 -36.74
N LEU Q 101 64.26 -24.36 -37.94
CA LEU Q 101 65.24 -25.25 -38.56
C LEU Q 101 66.66 -24.74 -38.33
N ASN Q 102 67.60 -25.68 -38.25
CA ASN Q 102 69.01 -25.39 -38.17
C ASN Q 102 69.65 -25.58 -39.55
N GLU Q 103 70.99 -25.54 -39.59
CA GLU Q 103 71.70 -25.59 -40.85
C GLU Q 103 71.51 -26.90 -41.60
N ASN Q 104 71.06 -27.96 -40.92
CA ASN Q 104 70.84 -29.26 -41.54
C ASN Q 104 69.35 -29.55 -41.74
N SER Q 105 68.51 -28.51 -41.68
CA SER Q 105 67.05 -28.66 -41.83
C SER Q 105 66.49 -29.65 -40.81
N VAL Q 106 67.00 -29.57 -39.58
CA VAL Q 106 66.52 -30.37 -38.46
C VAL Q 106 65.79 -29.42 -37.50
N PRO Q 107 64.54 -29.67 -37.15
CA PRO Q 107 63.83 -28.75 -36.26
C PRO Q 107 64.34 -28.82 -34.84
N VAL Q 108 65.10 -27.80 -34.43
CA VAL Q 108 65.60 -27.74 -33.06
C VAL Q 108 64.45 -27.44 -32.09
N ALA Q 109 63.53 -26.56 -32.49
CA ALA Q 109 62.37 -26.22 -31.69
C ALA Q 109 61.13 -26.32 -32.56
N SER Q 110 60.02 -26.72 -31.94
CA SER Q 110 58.77 -26.88 -32.67
C SER Q 110 57.60 -26.57 -31.75
N TRP Q 111 56.58 -25.94 -32.32
CA TRP Q 111 55.34 -25.65 -31.61
C TRP Q 111 54.17 -26.19 -32.41
N THR Q 112 53.26 -26.89 -31.75
CA THR Q 112 52.07 -27.42 -32.40
C THR Q 112 50.83 -26.78 -31.78
N LEU Q 113 49.94 -26.29 -32.64
CA LEU Q 113 48.71 -25.62 -32.22
C LEU Q 113 47.52 -26.49 -32.59
N SER Q 114 46.59 -26.65 -31.64
CA SER Q 114 45.45 -27.54 -31.81
C SER Q 114 44.20 -26.73 -32.15
N ASN Q 115 43.47 -27.17 -33.17
CA ASN Q 115 42.16 -26.61 -33.52
C ASN Q 115 42.26 -25.12 -33.83
N ALA Q 116 43.06 -24.79 -34.84
CA ALA Q 116 43.21 -23.41 -35.28
C ALA Q 116 42.07 -23.03 -36.21
N LEU Q 117 41.42 -21.90 -35.91
CA LEU Q 117 40.25 -21.45 -36.66
C LEU Q 117 40.61 -20.23 -37.49
N PRO Q 118 40.45 -20.27 -38.81
CA PRO Q 118 40.67 -19.06 -39.62
C PRO Q 118 39.66 -17.99 -39.28
N VAL Q 119 40.13 -16.76 -39.08
CA VAL Q 119 39.26 -15.69 -38.62
C VAL Q 119 39.45 -14.40 -39.42
N ARG Q 120 40.54 -14.31 -40.17
CA ARG Q 120 40.79 -13.08 -40.91
C ARG Q 120 41.67 -13.35 -42.12
N TRP Q 121 41.35 -12.67 -43.23
CA TRP Q 121 42.18 -12.66 -44.42
C TRP Q 121 42.17 -11.24 -44.96
N SER Q 122 43.36 -10.64 -45.08
CA SER Q 122 43.50 -9.30 -45.61
C SER Q 122 44.61 -9.26 -46.63
N THR Q 123 44.50 -8.35 -47.59
CA THR Q 123 45.47 -8.21 -48.65
C THR Q 123 46.04 -6.79 -48.64
N GLY Q 124 47.20 -6.63 -49.25
CA GLY Q 124 47.84 -5.33 -49.31
C GLY Q 124 47.15 -4.40 -50.28
N ASP Q 125 47.61 -3.15 -50.28
CA ASP Q 125 47.01 -2.12 -51.12
C ASP Q 125 47.53 -2.22 -52.55
N PHE Q 126 46.66 -1.86 -53.49
CA PHE Q 126 47.04 -1.71 -54.90
C PHE Q 126 47.52 -0.28 -55.10
N ASP Q 127 48.83 -0.09 -55.02
CA ASP Q 127 49.43 1.23 -55.13
C ASP Q 127 50.19 1.34 -56.43
N ALA Q 128 49.85 2.35 -57.23
CA ALA Q 128 50.46 2.54 -58.54
C ALA Q 128 51.87 3.09 -58.47
N ASN Q 129 52.28 3.64 -57.33
CA ASN Q 129 53.62 4.23 -57.17
C ASN Q 129 54.59 3.29 -56.46
N SER Q 130 54.15 2.10 -56.08
CA SER Q 130 54.94 1.22 -55.23
C SER Q 130 55.80 0.27 -56.05
N ASN Q 131 56.82 -0.27 -55.40
CA ASN Q 131 57.66 -1.36 -55.93
C ASN Q 131 57.65 -2.44 -54.85
N ALA Q 132 56.62 -3.29 -54.87
CA ALA Q 132 56.44 -4.24 -53.79
C ALA Q 132 55.62 -5.41 -54.28
N VAL Q 133 55.67 -6.50 -53.51
CA VAL Q 133 54.93 -7.72 -53.80
C VAL Q 133 53.62 -7.69 -53.04
N LEU Q 134 52.52 -7.98 -53.72
CA LEU Q 134 51.23 -8.10 -53.06
C LEU Q 134 51.27 -9.24 -52.05
N VAL Q 135 50.95 -8.92 -50.79
CA VAL Q 135 51.12 -9.84 -49.68
C VAL Q 135 49.78 -10.05 -48.99
N ASN Q 136 49.41 -11.31 -48.79
CA ASN Q 136 48.23 -11.66 -48.01
C ASN Q 136 48.59 -11.78 -46.54
N SER Q 137 47.66 -11.38 -45.68
CA SER Q 137 47.83 -11.47 -44.23
C SER Q 137 46.73 -12.35 -43.67
N LEU Q 138 47.12 -13.44 -43.00
CA LEU Q 138 46.18 -14.40 -42.44
C LEU Q 138 46.31 -14.40 -40.92
N GLU Q 139 45.18 -14.62 -40.25
CA GLU Q 139 45.14 -14.71 -38.80
C GLU Q 139 44.28 -15.89 -38.38
N LEU Q 140 44.76 -16.63 -37.39
CA LEU Q 140 44.05 -17.80 -36.88
C LEU Q 140 44.03 -17.75 -35.36
N ARG Q 141 43.02 -18.39 -34.78
CA ARG Q 141 42.88 -18.49 -33.33
C ARG Q 141 42.75 -19.96 -32.97
N TYR Q 142 43.62 -20.43 -32.09
CA TYR Q 142 43.70 -21.84 -31.73
C TYR Q 142 43.31 -22.05 -30.28
N GLN Q 143 43.14 -23.32 -29.92
CA GLN Q 143 42.67 -23.69 -28.58
C GLN Q 143 43.81 -24.00 -27.63
N ASP Q 144 44.89 -24.62 -28.12
CA ASP Q 144 45.98 -25.03 -27.26
C ASP Q 144 47.30 -24.91 -28.02
N MET Q 145 48.38 -24.78 -27.26
CA MET Q 145 49.72 -24.74 -27.80
C MET Q 145 50.60 -25.71 -27.03
N ARG Q 146 51.50 -26.38 -27.73
CA ARG Q 146 52.44 -27.30 -27.11
C ARG Q 146 53.75 -27.27 -27.88
N TRP Q 147 54.85 -27.25 -27.15
CA TRP Q 147 56.17 -27.17 -27.76
C TRP Q 147 56.95 -28.44 -27.51
N LEU Q 148 57.64 -28.92 -28.54
CA LEU Q 148 58.51 -30.08 -28.45
C LEU Q 148 59.83 -29.77 -29.13
N GLY Q 149 60.91 -30.27 -28.57
CA GLY Q 149 62.21 -30.07 -29.17
C GLY Q 149 63.29 -30.02 -28.10
N VAL Q 150 64.53 -29.83 -28.58
CA VAL Q 150 65.67 -29.75 -27.68
C VAL Q 150 65.99 -28.32 -27.28
N LYS Q 151 65.37 -27.32 -27.90
CA LYS Q 151 65.62 -25.93 -27.60
C LYS Q 151 64.30 -25.18 -27.51
N VAL Q 152 64.33 -24.07 -26.79
CA VAL Q 152 63.16 -23.21 -26.62
C VAL Q 152 63.57 -21.86 -26.06
N TYR R 5 82.13 8.42 -5.22
CA TYR R 5 80.94 8.79 -5.98
C TYR R 5 80.97 8.16 -7.36
N THR R 6 81.96 7.32 -7.61
CA THR R 6 82.14 6.74 -8.94
C THR R 6 80.93 5.90 -9.32
N PRO R 7 80.27 6.18 -10.44
CA PRO R 7 79.05 5.46 -10.81
C PRO R 7 79.36 4.08 -11.37
N SER R 8 78.32 3.27 -11.46
CA SER R 8 78.42 1.89 -11.92
C SER R 8 77.73 1.74 -13.28
N VAL R 9 78.33 0.94 -14.15
CA VAL R 9 77.78 0.68 -15.46
C VAL R 9 76.65 -0.33 -15.34
N SER R 10 75.85 -0.49 -16.40
CA SER R 10 74.65 -1.31 -16.34
C SER R 10 74.67 -2.45 -17.36
N HIS R 11 75.85 -2.90 -17.78
CA HIS R 11 75.94 -3.99 -18.75
C HIS R 11 76.65 -5.21 -18.21
N ARG R 12 76.90 -5.27 -16.90
CA ARG R 12 77.46 -6.45 -16.25
C ARG R 12 76.57 -6.80 -15.07
N PHE R 13 75.87 -7.92 -15.16
CA PHE R 13 74.88 -8.30 -14.16
C PHE R 13 74.68 -9.81 -14.22
N ILE R 14 74.03 -10.34 -13.19
CA ILE R 14 73.75 -11.76 -13.12
C ILE R 14 72.49 -11.96 -12.29
N ALA R 15 71.73 -13.00 -12.64
CA ALA R 15 70.50 -13.36 -11.93
C ALA R 15 70.51 -14.85 -11.63
N SER R 16 70.10 -15.19 -10.42
CA SER R 16 70.08 -16.59 -9.98
C SER R 16 68.68 -16.94 -9.51
N PHE R 17 68.17 -18.07 -10.00
CA PHE R 17 66.86 -18.57 -9.62
C PHE R 17 67.02 -19.73 -8.66
N LEU R 18 66.28 -19.71 -7.56
CA LEU R 18 66.31 -20.78 -6.57
C LEU R 18 64.96 -21.49 -6.58
N PHE R 19 64.98 -22.76 -6.99
CA PHE R 19 63.79 -23.61 -6.97
C PHE R 19 63.93 -24.59 -5.83
N ASN R 20 63.04 -24.48 -4.85
CA ASN R 20 63.08 -25.31 -3.64
C ASN R 20 64.43 -25.19 -2.94
N ASN R 21 64.90 -23.95 -2.80
CA ASN R 21 66.16 -23.64 -2.14
C ASN R 21 67.35 -24.29 -2.84
N ILE R 22 67.23 -24.52 -4.15
CA ILE R 22 68.34 -25.07 -4.94
C ILE R 22 68.61 -24.13 -6.11
N PRO R 23 69.78 -23.48 -6.15
CA PRO R 23 70.05 -22.57 -7.26
C PRO R 23 70.20 -23.30 -8.58
N SER R 24 69.83 -22.63 -9.66
CA SER R 24 69.95 -23.18 -11.01
C SER R 24 71.21 -22.63 -11.66
N PRO R 25 72.21 -23.46 -11.94
CA PRO R 25 73.47 -22.93 -12.47
C PRO R 25 73.42 -22.53 -13.94
N LEU R 26 72.44 -22.99 -14.69
CA LEU R 26 72.37 -22.73 -16.13
C LEU R 26 71.49 -21.54 -16.48
N ASP R 27 70.97 -20.81 -15.49
CA ASP R 27 70.02 -19.75 -15.75
C ASP R 27 70.52 -18.41 -15.22
N ILE R 28 71.78 -18.08 -15.51
CA ILE R 28 72.39 -16.86 -15.00
C ILE R 28 72.65 -15.82 -16.08
N ALA R 29 72.61 -16.19 -17.35
CA ALA R 29 72.94 -15.26 -18.44
C ALA R 29 71.66 -14.78 -19.11
N PHE R 30 71.47 -13.47 -19.13
CA PHE R 30 70.30 -12.86 -19.74
C PHE R 30 70.72 -11.65 -20.56
N GLN R 31 70.01 -11.41 -21.66
CA GLN R 31 70.32 -10.28 -22.51
C GLN R 31 69.90 -8.96 -21.87
N ARG R 32 68.79 -8.96 -21.15
CA ARG R 32 68.28 -7.73 -20.54
C ARG R 32 67.41 -8.09 -19.34
N ILE R 33 67.52 -7.29 -18.28
CA ILE R 33 66.64 -7.39 -17.12
C ILE R 33 66.08 -6.00 -16.85
N SER R 34 64.76 -5.89 -16.76
CA SER R 34 64.12 -4.60 -16.55
C SER R 34 64.41 -4.08 -15.14
N GLY R 35 64.31 -2.77 -14.98
CA GLY R 35 64.56 -2.17 -13.69
C GLY R 35 63.47 -2.49 -12.69
N LEU R 36 63.86 -2.55 -11.42
CA LEU R 36 62.95 -2.87 -10.32
C LEU R 36 62.51 -1.57 -9.65
N SER R 37 61.21 -1.44 -9.39
CA SER R 37 60.64 -0.22 -8.84
C SER R 37 59.69 -0.54 -7.71
N ARG R 38 59.61 0.38 -6.75
CA ARG R 38 58.64 0.35 -5.66
C ARG R 38 57.95 1.69 -5.60
N GLU R 39 56.64 1.66 -5.37
CA GLU R 39 55.84 2.88 -5.32
C GLU R 39 54.94 2.84 -4.09
N LEU R 40 54.88 3.97 -3.38
CA LEU R 40 53.97 4.14 -2.25
C LEU R 40 52.74 4.87 -2.78
N GLN R 41 51.63 4.13 -2.91
CA GLN R 41 50.41 4.72 -3.43
C GLN R 41 49.83 5.70 -2.40
N THR R 42 49.41 6.87 -2.89
CA THR R 42 48.90 7.92 -2.03
C THR R 42 47.65 8.52 -2.66
N THR R 43 46.80 9.10 -1.81
CA THR R 43 45.67 9.89 -2.25
C THR R 43 45.76 11.28 -1.63
N GLN R 44 45.43 12.29 -2.42
CA GLN R 44 45.50 13.66 -1.95
C GLN R 44 44.20 14.05 -1.26
N TYR R 45 44.30 14.60 -0.06
CA TYR R 45 43.16 15.08 0.69
C TYR R 45 43.22 16.59 0.81
N SER R 46 42.05 17.23 0.73
CA SER R 46 41.93 18.68 0.84
C SER R 46 41.03 19.01 2.01
N GLN R 47 41.47 19.94 2.86
CA GLN R 47 40.68 20.36 4.00
C GLN R 47 39.63 21.38 3.57
N GLY R 48 38.94 21.96 4.55
CA GLY R 48 37.92 22.94 4.27
C GLY R 48 38.48 24.31 3.95
N GLY R 49 39.16 24.92 4.92
CA GLY R 49 39.72 26.25 4.74
C GLY R 49 41.15 26.29 4.27
N GLU R 50 41.74 25.16 3.91
CA GLU R 50 43.12 25.09 3.45
C GLU R 50 43.12 25.07 1.93
N ASN R 51 43.44 26.21 1.32
CA ASN R 51 43.41 26.37 -0.13
C ASN R 51 44.79 26.60 -0.73
N ALA R 52 45.84 26.58 0.08
CA ALA R 52 47.18 26.88 -0.41
C ALA R 52 48.18 25.75 -0.20
N ARG R 53 47.85 24.73 0.56
CA ARG R 53 48.73 23.60 0.81
C ARG R 53 48.06 22.30 0.40
N ASN R 54 48.87 21.25 0.27
CA ASN R 54 48.40 19.93 -0.09
C ASN R 54 48.73 18.94 1.02
N VAL R 55 47.93 17.89 1.12
CA VAL R 55 48.14 16.82 2.08
C VAL R 55 48.08 15.50 1.34
N TRP R 56 49.08 14.66 1.54
CA TRP R 56 49.16 13.35 0.90
C TRP R 56 49.11 12.27 1.97
N LEU R 57 48.20 11.31 1.80
CA LEU R 57 47.99 10.24 2.76
C LEU R 57 48.53 8.94 2.19
N ALA R 58 49.36 8.25 2.98
CA ALA R 58 50.01 7.05 2.51
C ALA R 58 49.04 5.86 2.52
N GLU R 59 49.38 4.85 1.73
CA GLU R 59 48.58 3.64 1.56
C GLU R 59 49.54 2.48 1.35
N LYS R 60 49.03 1.37 0.82
CA LYS R 60 49.84 0.19 0.58
C LYS R 60 50.94 0.50 -0.44
N ILE R 61 51.89 -0.43 -0.54
CA ILE R 61 53.06 -0.30 -1.40
C ILE R 61 52.89 -1.24 -2.58
N GLN R 62 53.17 -0.74 -3.79
CA GLN R 62 53.03 -1.49 -5.02
C GLN R 62 54.41 -1.84 -5.58
N HIS R 63 54.62 -3.10 -5.88
CA HIS R 63 55.85 -3.57 -6.50
C HIS R 63 55.66 -3.70 -8.01
N GLY R 64 56.75 -3.56 -8.74
CA GLY R 64 56.73 -3.73 -10.17
C GLY R 64 56.88 -5.19 -10.57
N SER R 65 56.96 -5.41 -11.87
CA SER R 65 57.16 -6.74 -12.44
C SER R 65 58.61 -6.94 -12.85
N LEU R 66 58.98 -8.19 -13.06
CA LEU R 66 60.33 -8.56 -13.45
C LEU R 66 60.29 -9.13 -14.87
N HIS R 67 60.94 -8.44 -15.81
CA HIS R 67 60.98 -8.85 -17.20
C HIS R 67 62.42 -9.24 -17.56
N LEU R 68 62.54 -10.37 -18.26
CA LEU R 68 63.84 -10.84 -18.74
C LEU R 68 63.75 -11.17 -20.22
N GLU R 69 64.88 -11.09 -20.90
CA GLU R 69 64.99 -11.51 -22.29
C GLU R 69 66.18 -12.44 -22.44
N ARG R 70 66.01 -13.47 -23.25
CA ARG R 70 67.05 -14.48 -23.43
C ARG R 70 66.85 -15.14 -24.78
N GLY R 71 67.94 -15.53 -25.42
CA GLY R 71 67.86 -16.23 -26.68
C GLY R 71 67.45 -17.67 -26.51
N VAL R 72 67.04 -18.28 -27.63
CA VAL R 72 66.65 -19.68 -27.63
C VAL R 72 67.88 -20.55 -27.40
N MET R 73 67.79 -21.45 -26.43
CA MET R 73 68.93 -22.29 -26.07
C MET R 73 68.40 -23.61 -25.54
N THR R 74 69.31 -24.42 -24.98
CA THR R 74 68.97 -25.74 -24.48
C THR R 74 68.01 -25.62 -23.28
N VAL R 75 67.14 -26.62 -23.13
CA VAL R 75 66.16 -26.62 -22.06
C VAL R 75 66.87 -26.57 -20.70
N THR R 76 66.39 -25.70 -19.83
CA THR R 76 66.96 -25.48 -18.51
C THR R 76 65.87 -25.59 -17.45
N PRO R 77 66.22 -25.75 -16.18
CA PRO R 77 65.18 -25.83 -15.14
C PRO R 77 64.24 -24.62 -15.11
N LEU R 78 64.74 -23.43 -15.44
CA LEU R 78 63.84 -22.28 -15.52
C LEU R 78 62.80 -22.45 -16.62
N THR R 79 63.22 -22.98 -17.76
CA THR R 79 62.27 -23.24 -18.85
C THR R 79 61.22 -24.26 -18.44
N LEU R 80 61.64 -25.33 -17.77
CA LEU R 80 60.69 -26.38 -17.39
C LEU R 80 59.65 -25.86 -16.41
N MET R 81 60.08 -25.02 -15.45
CA MET R 81 59.12 -24.43 -14.52
C MET R 81 58.11 -23.56 -15.25
N PHE R 82 58.59 -22.73 -16.18
CA PHE R 82 57.69 -21.85 -16.92
C PHE R 82 56.68 -22.64 -17.74
N ASP R 83 57.15 -23.71 -18.39
CA ASP R 83 56.25 -24.53 -19.20
C ASP R 83 55.18 -25.20 -18.34
N ARG R 84 55.57 -25.70 -17.17
CA ARG R 84 54.63 -26.39 -16.30
C ARG R 84 53.52 -25.45 -15.83
N VAL R 85 53.88 -24.24 -15.44
CA VAL R 85 52.89 -23.28 -14.95
C VAL R 85 51.94 -22.87 -16.08
N LEU R 86 52.48 -22.63 -17.26
CA LEU R 86 51.67 -22.19 -18.39
C LEU R 86 50.99 -23.35 -19.12
N ARG R 87 51.22 -24.58 -18.70
CA ARG R 87 50.49 -25.72 -19.23
C ARG R 87 49.22 -26.02 -18.44
N GLY R 88 48.95 -25.28 -17.38
CA GLY R 88 47.79 -25.50 -16.55
C GLY R 88 48.03 -26.32 -15.30
N GLU R 89 49.29 -26.60 -14.95
CA GLU R 89 49.59 -27.36 -13.75
C GLU R 89 49.58 -26.43 -12.53
N LYS R 90 49.81 -27.01 -11.36
CA LYS R 90 49.77 -26.24 -10.13
C LYS R 90 50.84 -25.16 -10.14
N ALA R 91 50.46 -23.96 -9.69
CA ALA R 91 51.39 -22.85 -9.64
C ALA R 91 52.48 -23.09 -8.62
N VAL R 92 53.70 -22.67 -8.95
CA VAL R 92 54.85 -22.81 -8.07
C VAL R 92 55.58 -21.48 -8.00
N TYR R 93 56.26 -21.26 -6.89
CA TYR R 93 57.00 -20.03 -6.66
C TYR R 93 58.50 -20.26 -6.86
N ALA R 94 59.22 -19.16 -7.03
CA ALA R 94 60.67 -19.21 -7.15
C ALA R 94 61.24 -17.92 -6.55
N ASP R 95 62.48 -18.02 -6.07
CA ASP R 95 63.20 -16.89 -5.49
C ASP R 95 64.29 -16.46 -6.45
N VAL R 96 64.38 -15.16 -6.69
CA VAL R 96 65.33 -14.59 -7.64
C VAL R 96 66.25 -13.64 -6.91
N VAL R 97 67.54 -13.69 -7.24
CA VAL R 97 68.54 -12.77 -6.71
C VAL R 97 69.23 -12.12 -7.90
N ILE R 98 69.06 -10.81 -8.04
CA ILE R 98 69.71 -10.03 -9.09
C ILE R 98 70.93 -9.36 -8.50
N MET R 99 72.06 -9.43 -9.19
CA MET R 99 73.30 -8.88 -8.70
C MET R 99 73.94 -8.00 -9.77
N LEU R 100 74.44 -6.84 -9.34
CA LEU R 100 75.22 -5.96 -10.20
C LEU R 100 76.69 -6.15 -9.86
N LEU R 101 77.47 -6.59 -10.84
CA LEU R 101 78.85 -6.99 -10.62
C LEU R 101 79.82 -5.88 -10.98
N ASN R 102 80.96 -5.86 -10.30
CA ASN R 102 82.04 -4.93 -10.58
C ASN R 102 83.14 -5.67 -11.37
N GLU R 103 84.29 -5.01 -11.52
CA GLU R 103 85.36 -5.56 -12.35
C GLU R 103 85.92 -6.87 -11.80
N ASN R 104 85.69 -7.17 -10.52
CA ASN R 104 86.19 -8.40 -9.91
C ASN R 104 85.09 -9.43 -9.70
N SER R 105 83.95 -9.27 -10.38
CA SER R 105 82.81 -10.17 -10.24
C SER R 105 82.34 -10.26 -8.79
N VAL R 106 82.37 -9.13 -8.10
CA VAL R 106 81.87 -9.00 -6.74
C VAL R 106 80.57 -8.20 -6.79
N PRO R 107 79.46 -8.71 -6.26
CA PRO R 107 78.20 -7.98 -6.36
C PRO R 107 78.17 -6.74 -5.47
N VAL R 108 78.30 -5.57 -6.07
CA VAL R 108 78.23 -4.33 -5.29
C VAL R 108 76.81 -4.06 -4.83
N ALA R 109 75.82 -4.41 -5.64
CA ALA R 109 74.42 -4.21 -5.30
C ALA R 109 73.65 -5.47 -5.67
N SER R 110 72.70 -5.85 -4.82
CA SER R 110 71.92 -7.05 -5.06
C SER R 110 70.49 -6.84 -4.60
N TRP R 111 69.54 -7.39 -5.37
CA TRP R 111 68.12 -7.35 -5.03
C TRP R 111 67.59 -8.76 -4.97
N THR R 112 66.83 -9.07 -3.92
CA THR R 112 66.20 -10.38 -3.77
C THR R 112 64.69 -10.23 -3.88
N LEU R 113 64.07 -11.17 -4.58
CA LEU R 113 62.63 -11.18 -4.79
C LEU R 113 62.04 -12.45 -4.20
N SER R 114 60.97 -12.31 -3.43
CA SER R 114 60.34 -13.43 -2.74
C SER R 114 59.11 -13.89 -3.51
N ASN R 115 59.02 -15.20 -3.75
CA ASN R 115 57.83 -15.84 -4.30
C ASN R 115 57.45 -15.23 -5.65
N ALA R 116 58.34 -15.40 -6.62
CA ALA R 116 58.09 -14.92 -7.98
C ALA R 116 57.27 -15.95 -8.75
N LEU R 117 56.23 -15.47 -9.44
CA LEU R 117 55.29 -16.34 -10.13
C LEU R 117 55.41 -16.14 -11.64
N PRO R 118 55.75 -17.18 -12.40
CA PRO R 118 55.76 -17.03 -13.87
C PRO R 118 54.36 -16.76 -14.40
N VAL R 119 54.24 -15.72 -15.23
CA VAL R 119 52.91 -15.31 -15.69
C VAL R 119 52.88 -15.10 -17.20
N ARG R 120 54.04 -15.04 -17.85
CA ARG R 120 54.04 -14.78 -19.28
C ARG R 120 55.33 -15.30 -19.92
N TRP R 121 55.18 -16.01 -21.04
CA TRP R 121 56.27 -16.39 -21.91
C TRP R 121 55.92 -15.98 -23.32
N SER R 122 56.83 -15.29 -23.99
CA SER R 122 56.62 -14.85 -25.37
C SER R 122 57.91 -15.02 -26.15
N THR R 123 57.77 -15.11 -27.47
CA THR R 123 58.90 -15.28 -28.36
C THR R 123 58.80 -14.29 -29.52
N GLY R 124 59.95 -14.01 -30.13
CA GLY R 124 59.99 -13.07 -31.23
C GLY R 124 59.40 -13.63 -32.51
N ASP R 125 59.26 -12.75 -33.49
CA ASP R 125 58.65 -13.12 -34.76
C ASP R 125 59.64 -13.88 -35.64
N PHE R 126 59.11 -14.79 -36.44
CA PHE R 126 59.88 -15.48 -37.46
C PHE R 126 59.86 -14.63 -38.73
N ASP R 127 60.94 -13.89 -38.96
CA ASP R 127 61.05 -12.99 -40.10
C ASP R 127 62.04 -13.55 -41.09
N ALA R 128 61.59 -13.74 -42.33
CA ALA R 128 62.46 -14.23 -43.39
C ALA R 128 63.46 -13.19 -43.87
N ASN R 129 63.23 -11.91 -43.57
CA ASN R 129 64.10 -10.83 -44.02
C ASN R 129 65.02 -10.30 -42.93
N SER R 130 65.03 -10.94 -41.76
CA SER R 130 65.73 -10.39 -40.60
C SER R 130 67.11 -11.01 -40.44
N ASN R 131 67.95 -10.29 -39.70
CA ASN R 131 69.27 -10.76 -39.25
C ASN R 131 69.30 -10.54 -37.74
N ALA R 132 68.76 -11.49 -36.99
CA ALA R 132 68.62 -11.30 -35.55
C ALA R 132 68.50 -12.66 -34.88
N VAL R 133 68.71 -12.64 -33.57
CA VAL R 133 68.62 -13.85 -32.75
C VAL R 133 67.21 -13.96 -32.19
N LEU R 134 66.63 -15.15 -32.31
CA LEU R 134 65.33 -15.39 -31.70
C LEU R 134 65.43 -15.24 -30.18
N VAL R 135 64.55 -14.42 -29.62
CA VAL R 135 64.64 -14.00 -28.23
C VAL R 135 63.35 -14.33 -27.51
N ASN R 136 63.47 -15.01 -26.37
CA ASN R 136 62.33 -15.25 -25.49
C ASN R 136 62.18 -14.10 -24.50
N SER R 137 60.94 -13.75 -24.21
CA SER R 137 60.62 -12.70 -23.24
C SER R 137 59.82 -13.32 -22.10
N LEU R 138 60.35 -13.23 -20.89
CA LEU R 138 59.71 -13.79 -19.71
C LEU R 138 59.35 -12.67 -18.75
N GLU R 139 58.22 -12.82 -18.06
CA GLU R 139 57.79 -11.87 -17.06
C GLU R 139 57.29 -12.62 -15.83
N LEU R 140 57.71 -12.15 -14.65
CA LEU R 140 57.31 -12.75 -13.39
C LEU R 140 56.74 -11.67 -12.48
N ARG R 141 55.82 -12.08 -11.61
CA ARG R 141 55.23 -11.21 -10.60
C ARG R 141 55.55 -11.76 -9.23
N TYR R 142 56.22 -10.97 -8.41
CA TYR R 142 56.71 -11.40 -7.11
C TYR R 142 55.95 -10.68 -6.00
N GLN R 143 56.16 -11.17 -4.78
CA GLN R 143 55.45 -10.66 -3.60
C GLN R 143 56.16 -9.52 -2.90
N ASP R 144 57.47 -9.63 -2.69
CA ASP R 144 58.20 -8.64 -1.92
C ASP R 144 59.61 -8.47 -2.47
N MET R 145 60.14 -7.26 -2.32
CA MET R 145 61.51 -6.92 -2.72
C MET R 145 62.24 -6.32 -1.53
N ARG R 146 63.49 -6.74 -1.34
CA ARG R 146 64.38 -6.07 -0.40
C ARG R 146 65.83 -6.29 -0.81
N TRP R 147 66.57 -5.19 -0.86
CA TRP R 147 67.90 -5.13 -1.44
C TRP R 147 68.98 -5.22 -0.37
N LEU R 148 70.13 -5.75 -0.77
CA LEU R 148 71.30 -5.83 0.10
C LEU R 148 72.53 -5.41 -0.70
N GLY R 149 73.49 -4.82 0.00
CA GLY R 149 74.74 -4.44 -0.65
C GLY R 149 75.32 -3.13 -0.15
N VAL R 150 76.51 -2.79 -0.64
CA VAL R 150 77.16 -1.53 -0.26
C VAL R 150 76.78 -0.39 -1.19
N LYS R 151 76.14 -0.68 -2.34
CA LYS R 151 75.73 0.33 -3.29
C LYS R 151 74.27 0.12 -3.64
N VAL R 152 73.63 1.19 -4.09
CA VAL R 152 72.22 1.13 -4.47
C VAL R 152 71.83 2.38 -5.27
N SER S 2 40.99 37.89 6.65
CA SER S 2 41.02 38.03 8.09
C SER S 2 41.41 39.44 8.50
N LEU S 3 41.55 39.68 9.80
CA LEU S 3 41.86 41.00 10.32
C LEU S 3 43.06 41.04 11.24
N ILE S 4 43.38 39.95 11.92
CA ILE S 4 44.46 39.96 12.91
C ILE S 4 45.49 38.88 12.58
N GLU S 5 45.03 37.63 12.45
CA GLU S 5 45.93 36.52 12.21
C GLU S 5 45.29 35.59 11.17
N ARG S 6 46.01 34.51 10.84
CA ARG S 6 45.55 33.58 9.81
C ARG S 6 45.52 32.15 10.35
N GLY S 7 45.00 31.97 11.55
CA GLY S 7 44.82 30.63 12.08
C GLY S 7 43.66 29.91 11.40
N LEU S 8 43.74 28.59 11.38
CA LEU S 8 42.74 27.76 10.72
C LEU S 8 41.69 27.33 11.74
N SER S 9 40.47 27.81 11.57
CA SER S 9 39.37 27.41 12.43
C SER S 9 38.98 25.97 12.16
N LYS S 10 38.58 25.26 13.21
CA LYS S 10 38.24 23.84 13.13
C LYS S 10 36.78 23.63 13.49
N LEU S 11 36.11 22.76 12.74
CA LEU S 11 34.72 22.43 13.00
C LEU S 11 34.59 21.67 14.31
N THR S 12 33.55 22.01 15.08
CA THR S 12 33.34 21.43 16.40
C THR S 12 31.94 20.85 16.50
N LEU S 13 31.81 19.76 17.26
CA LEU S 13 30.54 19.09 17.50
C LEU S 13 30.34 18.97 19.01
N THR S 14 29.22 19.49 19.50
CA THR S 14 28.90 19.47 20.92
C THR S 14 27.55 18.79 21.14
N ALA S 15 27.44 18.09 22.26
CA ALA S 15 26.24 17.33 22.58
C ALA S 15 25.63 17.82 23.89
N PHE S 16 24.31 17.72 23.99
CA PHE S 16 23.58 18.10 25.18
C PHE S 16 22.49 17.07 25.44
N LYS S 17 22.08 16.96 26.71
CA LYS S 17 20.99 16.07 27.05
C LYS S 17 19.63 16.65 26.67
N ASP S 18 19.46 17.96 26.81
CA ASP S 18 18.17 18.61 26.66
C ASP S 18 18.16 19.49 25.42
N ARG S 19 16.96 20.00 25.11
CA ARG S 19 16.78 20.79 23.90
C ARG S 19 17.38 22.18 24.04
N GLU S 20 17.33 22.76 25.23
CA GLU S 20 17.83 24.11 25.46
C GLU S 20 19.34 24.14 25.72
N GLY S 21 20.00 23.00 25.73
CA GLY S 21 21.44 22.96 25.92
C GLY S 21 21.91 23.39 27.29
N LYS S 22 21.18 23.02 28.34
CA LYS S 22 21.55 23.40 29.70
C LYS S 22 22.42 22.36 30.39
N ILE S 23 22.60 21.18 29.80
CA ILE S 23 23.42 20.12 30.39
C ILE S 23 24.34 19.61 29.28
N SER S 24 25.60 20.01 29.32
CA SER S 24 26.56 19.54 28.33
C SER S 24 26.96 18.10 28.59
N VAL S 25 27.20 17.36 27.52
CA VAL S 25 27.60 15.96 27.58
C VAL S 25 29.05 15.78 27.16
N GLY S 26 29.45 16.39 26.05
CA GLY S 26 30.81 16.26 25.56
C GLY S 26 30.99 17.07 24.31
N SER S 27 32.20 17.00 23.76
CA SER S 27 32.54 17.76 22.57
C SER S 27 33.60 17.00 21.78
N LEU S 28 33.69 17.33 20.50
CA LEU S 28 34.68 16.73 19.62
C LEU S 28 35.07 17.73 18.55
N GLN S 29 36.36 17.98 18.41
CA GLN S 29 36.89 18.88 17.40
C GLN S 29 37.43 18.05 16.25
N ALA S 30 36.93 18.32 15.04
CA ALA S 30 37.36 17.55 13.87
C ALA S 30 38.83 17.81 13.57
N MET S 31 39.57 16.74 13.31
CA MET S 31 40.98 16.87 12.96
C MET S 31 41.18 17.29 11.51
N TYR S 32 40.17 17.14 10.67
CA TYR S 32 40.21 17.62 9.29
C TYR S 32 38.86 18.23 8.96
N ASN S 33 38.86 19.49 8.53
CA ASN S 33 37.62 20.14 8.17
C ASN S 33 37.05 19.51 6.90
N PRO S 34 35.73 19.37 6.80
CA PRO S 34 35.14 18.87 5.56
C PRO S 34 35.28 19.88 4.43
N ASP S 35 35.39 19.38 3.21
CA ASP S 35 35.55 20.22 2.04
C ASP S 35 34.23 20.57 1.38
N ALA S 36 33.10 20.11 1.91
CA ALA S 36 31.80 20.41 1.35
C ALA S 36 30.74 20.22 2.41
N ILE S 37 29.73 21.09 2.39
CA ILE S 37 28.60 21.02 3.32
C ILE S 37 27.33 21.26 2.53
N GLN S 38 26.32 20.42 2.76
CA GLN S 38 25.05 20.50 2.04
C GLN S 38 23.91 20.77 3.02
N LEU S 39 23.05 21.71 2.67
CA LEU S 39 21.85 22.03 3.43
C LEU S 39 20.63 21.80 2.55
N ASP S 40 19.63 21.09 3.07
CA ASP S 40 18.45 20.72 2.30
C ASP S 40 17.19 21.22 3.00
N TYR S 41 16.33 21.90 2.25
CA TYR S 41 15.03 22.36 2.74
C TYR S 41 13.95 21.85 1.82
N GLN S 42 12.91 21.26 2.41
CA GLN S 42 11.76 20.77 1.67
C GLN S 42 10.48 21.28 2.32
N THR S 43 9.44 21.42 1.50
CA THR S 43 8.13 21.84 1.98
C THR S 43 7.06 21.32 1.03
N HIS S 44 5.98 20.81 1.60
CA HIS S 44 4.96 20.09 0.85
C HIS S 44 3.66 20.88 0.78
N TYR S 45 2.99 20.80 -0.37
CA TYR S 45 1.71 21.44 -0.59
C TYR S 45 0.71 20.42 -1.10
N GLN S 46 -0.56 20.64 -0.76
CA GLN S 46 -1.65 19.81 -1.23
C GLN S 46 -2.56 20.66 -2.11
N GLN S 47 -2.91 20.12 -3.28
CA GLN S 47 -3.77 20.86 -4.20
C GLN S 47 -5.19 20.93 -3.66
N ASP S 48 -5.85 22.04 -3.94
CA ASP S 48 -7.22 22.27 -3.50
C ASP S 48 -8.19 21.76 -4.57
N GLU S 49 -9.14 20.92 -4.15
CA GLU S 49 -10.15 20.39 -5.04
C GLU S 49 -11.51 20.94 -4.63
N SER S 50 -12.23 21.52 -5.58
CA SER S 50 -13.52 22.14 -5.31
C SER S 50 -14.51 21.72 -6.39
N VAL S 51 -15.77 21.56 -5.99
CA VAL S 51 -16.81 21.17 -6.94
C VAL S 51 -17.45 22.35 -7.64
N ASN S 52 -17.35 23.57 -7.07
CA ASN S 52 -17.98 24.74 -7.66
C ASN S 52 -16.99 25.84 -8.01
N HIS S 53 -15.72 25.72 -7.63
CA HIS S 53 -14.70 26.72 -7.93
C HIS S 53 -13.75 26.17 -8.98
N THR S 54 -13.47 26.98 -9.99
CA THR S 54 -12.48 26.64 -11.01
C THR S 54 -11.11 27.19 -10.70
N ARG S 55 -10.93 27.79 -9.52
CA ARG S 55 -9.63 28.33 -9.13
C ARG S 55 -8.60 27.22 -9.00
N LYS S 56 -7.36 27.54 -9.35
CA LYS S 56 -6.24 26.64 -9.16
C LYS S 56 -5.40 27.14 -8.00
N SER S 57 -5.29 26.34 -6.95
CA SER S 57 -4.55 26.75 -5.77
C SER S 57 -4.13 25.52 -4.98
N SER S 58 -3.10 25.68 -4.17
CA SER S 58 -2.61 24.63 -3.29
C SER S 58 -2.35 25.22 -1.90
N HIS S 59 -2.57 24.42 -0.88
CA HIS S 59 -2.41 24.86 0.49
C HIS S 59 -1.28 24.10 1.18
N TYR S 60 -0.65 24.77 2.14
CA TYR S 60 0.60 24.32 2.72
C TYR S 60 0.37 23.17 3.69
N VAL S 61 1.15 22.10 3.54
CA VAL S 61 1.16 20.98 4.46
C VAL S 61 2.53 20.97 5.15
N SER S 62 2.61 20.25 6.26
CA SER S 62 3.80 20.29 7.11
C SER S 62 5.07 19.99 6.32
N SER S 63 6.09 20.83 6.53
CA SER S 63 7.39 20.73 5.86
C SER S 63 8.36 19.90 6.70
N PRO S 64 9.09 18.98 6.09
CA PRO S 64 10.05 18.19 6.86
C PRO S 64 11.17 19.08 7.38
N PRO S 65 11.80 18.68 8.48
CA PRO S 65 12.88 19.49 9.04
C PRO S 65 14.09 19.54 8.13
N ALA S 66 14.86 20.61 8.25
CA ALA S 66 16.04 20.79 7.41
C ALA S 66 17.08 19.72 7.69
N GLY S 67 17.80 19.32 6.64
CA GLY S 67 18.82 18.31 6.74
C GLY S 67 20.21 18.87 6.46
N LEU S 68 21.20 18.30 7.11
CA LEU S 68 22.59 18.70 6.95
C LEU S 68 23.44 17.45 6.78
N SER S 69 24.47 17.52 5.93
CA SER S 69 25.31 16.36 5.66
C SER S 69 26.77 16.77 5.59
N LEU S 70 27.63 15.98 6.21
CA LEU S 70 29.07 16.21 6.22
C LEU S 70 29.79 14.89 6.03
N VAL S 71 31.07 14.98 5.67
CA VAL S 71 31.97 13.84 5.62
C VAL S 71 33.25 14.23 6.34
N LEU S 72 33.61 13.47 7.37
CA LEU S 72 34.81 13.71 8.15
C LEU S 72 35.83 12.61 7.89
N LEU S 73 37.10 12.98 7.85
CA LEU S 73 38.18 12.03 7.61
C LEU S 73 39.08 11.97 8.83
N PHE S 74 39.38 10.76 9.30
CA PHE S 74 40.26 10.52 10.43
C PHE S 74 41.46 9.71 9.96
N ASP S 75 42.66 10.18 10.30
CA ASP S 75 43.89 9.52 9.91
C ASP S 75 44.82 9.41 11.11
N ALA S 76 45.58 8.32 11.17
CA ALA S 76 46.54 8.11 12.25
C ALA S 76 47.84 7.50 11.73
N SER S 77 48.17 7.76 10.46
CA SER S 77 49.37 7.20 9.84
C SER S 77 50.40 8.24 9.48
N MET S 78 49.99 9.41 9.02
CA MET S 78 50.92 10.44 8.62
C MET S 78 51.56 11.08 9.85
N PRO S 79 52.75 11.67 9.69
CA PRO S 79 53.41 12.31 10.83
C PRO S 79 52.57 13.44 11.42
N GLY S 80 52.62 13.57 12.74
CA GLY S 80 51.87 14.58 13.45
C GLY S 80 50.47 14.20 13.83
N ASN S 81 49.98 13.04 13.37
CA ASN S 81 48.63 12.56 13.70
C ASN S 81 48.78 11.48 14.75
N ASN S 82 48.79 11.88 16.02
CA ASN S 82 49.04 10.96 17.13
C ASN S 82 47.78 10.55 17.87
N ILE S 83 46.67 11.27 17.71
CA ILE S 83 45.42 10.89 18.35
C ILE S 83 44.87 9.66 17.64
N PRO S 84 44.63 8.56 18.37
CA PRO S 84 44.18 7.33 17.70
C PRO S 84 42.81 7.51 17.03
N VAL S 85 42.63 6.78 15.93
CA VAL S 85 41.37 6.86 15.19
C VAL S 85 40.22 6.27 16.02
N GLU S 86 40.49 5.19 16.76
CA GLU S 86 39.45 4.56 17.55
C GLU S 86 38.89 5.51 18.60
N THR S 87 39.76 6.27 19.25
CA THR S 87 39.31 7.21 20.28
C THR S 87 38.40 8.28 19.67
N GLN S 88 38.78 8.83 18.51
CA GLN S 88 37.98 9.86 17.88
C GLN S 88 36.62 9.31 17.43
N LEU S 89 36.62 8.11 16.85
CA LEU S 89 35.36 7.51 16.41
C LEU S 89 34.47 7.15 17.59
N THR S 90 35.06 6.67 18.69
CA THR S 90 34.28 6.36 19.88
C THR S 90 33.62 7.62 20.44
N THR S 91 34.36 8.73 20.47
CA THR S 91 33.79 9.98 20.95
C THR S 91 32.68 10.47 20.03
N LEU S 92 32.88 10.34 18.71
CA LEU S 92 31.92 10.87 17.75
C LEU S 92 30.58 10.16 17.86
N LYS S 93 30.59 8.84 17.97
CA LYS S 93 29.34 8.08 18.05
C LYS S 93 28.65 8.36 19.39
N ALA S 94 29.41 8.38 20.48
CA ALA S 94 28.82 8.58 21.80
C ALA S 94 28.09 9.90 21.90
N LEU S 95 28.54 10.91 21.14
CA LEU S 95 27.81 12.17 21.10
C LEU S 95 26.50 12.02 20.34
N CYS S 96 26.47 11.14 19.35
CA CYS S 96 25.29 10.95 18.50
C CYS S 96 24.38 9.83 18.99
N ALA S 97 24.72 9.16 20.08
CA ALA S 97 23.99 7.99 20.52
C ALA S 97 22.82 8.38 21.42
N VAL S 98 22.13 7.40 21.98
CA VAL S 98 20.99 7.62 22.84
C VAL S 98 21.48 7.82 24.27
N ASP S 99 20.99 8.88 24.90
CA ASP S 99 21.40 9.17 26.27
C ASP S 99 20.78 8.16 27.23
N PRO S 100 21.55 7.56 28.14
CA PRO S 100 20.97 6.59 29.07
C PRO S 100 20.00 7.18 30.07
N SER S 101 20.00 8.51 30.27
CA SER S 101 19.10 9.11 31.24
C SER S 101 17.80 9.57 30.60
N THR S 102 17.85 10.18 29.43
CA THR S 102 16.65 10.67 28.76
C THR S 102 16.05 9.67 27.79
N HIS S 103 16.76 8.59 27.47
CA HIS S 103 16.31 7.57 26.53
C HIS S 103 16.07 8.12 25.14
N VAL S 104 16.63 9.28 24.84
CA VAL S 104 16.54 9.88 23.50
C VAL S 104 17.93 10.31 23.08
N PRO S 105 18.18 10.38 21.77
CA PRO S 105 19.50 10.82 21.30
C PRO S 105 19.80 12.26 21.72
N HIS S 106 21.10 12.55 21.86
CA HIS S 106 21.55 13.86 22.32
C HIS S 106 21.19 14.94 21.31
N PHE S 107 21.13 16.17 21.79
CA PHE S 107 20.94 17.35 20.95
C PHE S 107 22.31 17.93 20.61
N LEU S 108 22.55 18.19 19.33
CA LEU S 108 23.87 18.54 18.85
C LEU S 108 23.91 19.99 18.37
N LYS S 109 25.12 20.56 18.41
CA LYS S 109 25.40 21.89 17.90
C LYS S 109 26.66 21.83 17.06
N ILE S 110 26.60 22.39 15.85
CA ILE S 110 27.72 22.40 14.92
C ILE S 110 28.18 23.84 14.74
N LYS S 111 29.41 24.13 15.15
CA LYS S 111 30.00 25.45 15.00
C LYS S 111 31.32 25.32 14.24
N TRP S 112 31.56 26.28 13.34
CA TRP S 112 32.82 26.28 12.58
C TRP S 112 33.09 27.71 12.14
N GLY S 113 33.96 28.40 12.88
CA GLY S 113 34.46 29.70 12.45
C GLY S 113 33.35 30.71 12.23
N LYS S 114 33.47 31.45 11.14
CA LYS S 114 32.50 32.48 10.76
C LYS S 114 31.39 31.93 9.88
N MET S 115 31.36 30.62 9.65
CA MET S 115 30.31 30.03 8.83
C MET S 115 28.97 30.17 9.51
N ARG S 116 27.99 30.70 8.79
CA ARG S 116 26.64 30.90 9.31
C ARG S 116 25.71 29.90 8.66
N TRP S 117 25.11 29.04 9.48
CA TRP S 117 24.20 28.00 9.00
C TRP S 117 22.79 28.59 8.88
N GLU S 118 22.65 29.49 7.90
CA GLU S 118 21.40 30.17 7.62
C GLU S 118 20.87 30.98 8.80
N ASN S 119 21.56 32.09 9.11
CA ASN S 119 21.21 33.14 10.06
C ASN S 119 21.61 32.80 11.50
N LYS S 120 22.22 31.64 11.75
CA LYS S 120 22.75 31.34 13.07
C LYS S 120 24.16 30.80 12.93
N SER S 121 24.97 31.07 13.95
CA SER S 121 26.35 30.62 13.97
C SER S 121 26.49 29.13 14.24
N TYR S 122 25.37 28.44 14.46
CA TYR S 122 25.38 27.02 14.78
C TYR S 122 24.23 26.34 14.07
N PHE S 123 24.39 25.04 13.83
CA PHE S 123 23.29 24.20 13.37
C PHE S 123 22.84 23.33 14.54
N ALA S 124 21.59 23.48 14.94
CA ALA S 124 21.02 22.74 16.05
C ALA S 124 20.18 21.59 15.51
N GLY S 125 20.49 20.38 15.92
CA GLY S 125 19.76 19.24 15.43
C GLY S 125 20.20 17.96 16.09
N ARG S 126 19.76 16.85 15.51
CA ARG S 126 20.05 15.53 16.04
C ARG S 126 20.51 14.63 14.90
N ALA S 127 21.47 13.76 15.20
CA ALA S 127 21.99 12.86 14.17
C ALA S 127 20.89 11.91 13.70
N SER S 128 20.78 11.76 12.38
CA SER S 128 19.85 10.82 11.78
C SER S 128 20.54 9.71 11.01
N GLY S 129 21.85 9.74 10.87
CA GLY S 129 22.58 8.70 10.18
C GLY S 129 24.08 8.85 10.38
N LEU S 130 24.80 7.73 10.42
CA LEU S 130 26.24 7.75 10.61
C LEU S 130 26.82 6.48 10.01
N THR S 131 27.59 6.63 8.93
CA THR S 131 28.24 5.52 8.27
C THR S 131 29.75 5.68 8.40
N ILE S 132 30.43 4.62 8.83
CA ILE S 132 31.87 4.64 9.05
C ILE S 132 32.51 3.59 8.15
N ASN S 133 33.51 4.00 7.39
CA ASN S 133 34.24 3.11 6.49
C ASN S 133 35.70 3.06 6.91
N TYR S 134 36.14 1.90 7.38
CA TYR S 134 37.56 1.67 7.64
C TYR S 134 38.23 1.19 6.37
N THR S 135 39.38 1.76 6.04
CA THR S 135 40.05 1.46 4.79
C THR S 135 41.52 1.11 4.94
N LEU S 136 42.15 1.37 6.08
CA LEU S 136 43.55 1.05 6.29
C LEU S 136 43.75 0.57 7.72
N PHE S 137 44.52 -0.49 7.88
CA PHE S 137 44.79 -1.08 9.18
C PHE S 137 46.28 -1.36 9.31
N ASP S 138 46.73 -1.43 10.56
CA ASP S 138 48.10 -1.82 10.86
C ASP S 138 48.20 -3.34 10.95
N ARG S 139 49.39 -3.84 11.26
CA ARG S 139 49.58 -5.28 11.36
C ARG S 139 48.85 -5.89 12.55
N ASP S 140 48.59 -5.10 13.59
CA ASP S 140 47.78 -5.54 14.72
C ASP S 140 46.34 -5.10 14.59
N ALA S 141 45.88 -4.78 13.38
CA ALA S 141 44.52 -4.40 13.05
C ALA S 141 44.11 -3.07 13.68
N THR S 142 45.05 -2.22 14.01
CA THR S 142 44.72 -0.87 14.45
C THR S 142 44.25 -0.06 13.24
N PRO S 143 43.07 0.55 13.30
CA PRO S 143 42.56 1.31 12.14
C PRO S 143 43.38 2.58 11.93
N LEU S 144 43.93 2.73 10.72
CA LEU S 144 44.76 3.88 10.39
C LEU S 144 44.01 4.96 9.65
N ARG S 145 43.05 4.60 8.81
CA ARG S 145 42.26 5.56 8.07
C ARG S 145 40.79 5.18 8.15
N ALA S 146 39.93 6.19 8.34
CA ALA S 146 38.50 5.96 8.38
C ALA S 146 37.78 7.26 8.05
N SER S 147 36.63 7.14 7.39
CA SER S 147 35.81 8.28 7.04
C SER S 147 34.40 8.07 7.57
N ALA S 148 33.83 9.10 8.16
CA ALA S 148 32.48 9.05 8.73
C ALA S 148 31.58 9.99 7.96
N THR S 149 30.46 9.45 7.46
CA THR S 149 29.45 10.24 6.77
C THR S 149 28.33 10.53 7.76
N LEU S 150 28.10 11.82 8.03
CA LEU S 150 27.19 12.26 9.08
C LEU S 150 26.07 13.08 8.48
N SER S 151 24.84 12.85 8.96
CA SER S 151 23.67 13.58 8.48
C SER S 151 22.75 13.86 9.66
N LEU S 152 22.37 15.14 9.82
CA LEU S 152 21.53 15.57 10.92
C LEU S 152 20.22 16.13 10.40
N VAL S 153 19.26 16.27 11.30
CA VAL S 153 17.98 16.92 11.03
C VAL S 153 17.77 18.00 12.08
N ALA S 154 17.29 19.16 11.64
CA ALA S 154 17.21 20.33 12.51
C ALA S 154 16.22 20.10 13.65
N ASP S 155 16.64 20.44 14.87
CA ASP S 155 15.78 20.41 16.06
C ASP S 155 16.19 21.60 16.93
N GLU S 156 15.49 22.72 16.75
CA GLU S 156 15.87 23.97 17.39
C GLU S 156 15.26 24.07 18.80
N SER S 157 15.68 25.11 19.52
CA SER S 157 15.19 25.36 20.86
C SER S 157 13.85 26.08 20.81
N PHE S 158 13.01 25.80 21.80
CA PHE S 158 11.68 26.41 21.85
C PHE S 158 11.74 27.87 22.27
N VAL S 159 12.70 28.23 23.11
CA VAL S 159 12.78 29.59 23.61
C VAL S 159 13.19 30.55 22.49
N ILE S 160 14.16 30.14 21.67
CA ILE S 160 14.61 30.98 20.57
C ILE S 160 13.52 31.10 19.52
N GLN S 161 12.78 30.01 19.27
CA GLN S 161 11.70 30.05 18.30
C GLN S 161 10.61 31.01 18.74
N ALA S 162 10.26 30.99 20.03
CA ALA S 162 9.20 31.86 20.53
C ALA S 162 9.62 33.33 20.45
N THR S 163 10.86 33.63 20.82
CA THR S 163 11.32 35.02 20.80
C THR S 163 11.37 35.57 19.39
N GLU S 164 11.89 34.78 18.45
CA GLU S 164 11.94 35.23 17.06
C GLU S 164 10.54 35.39 16.48
N GLN S 165 9.60 34.57 16.94
CA GLN S 165 8.23 34.65 16.44
C GLN S 165 7.59 35.98 16.82
N GLN S 166 7.69 36.37 18.09
CA GLN S 166 7.08 37.61 18.55
C GLN S 166 7.87 38.84 18.15
N LEU S 167 9.14 38.68 17.76
CA LEU S 167 9.91 39.83 17.27
C LEU S 167 9.42 40.25 15.90
N LYS S 168 9.13 39.29 15.02
CA LYS S 168 8.70 39.59 13.67
C LYS S 168 7.20 39.85 13.57
N SER S 169 6.43 39.37 14.53
CA SER S 169 4.99 39.61 14.60
C SER S 169 4.67 40.11 16.00
N PRO S 170 5.00 41.38 16.28
CA PRO S 170 4.86 41.88 17.65
C PRO S 170 3.40 41.94 18.06
N PRO S 171 3.11 41.74 19.36
CA PRO S 171 1.72 41.92 19.81
C PRO S 171 1.23 43.35 19.66
N VAL S 172 2.10 44.33 19.88
CA VAL S 172 1.77 45.73 19.73
C VAL S 172 2.80 46.38 18.83
N THR S 173 2.34 47.14 17.85
CA THR S 173 3.22 47.85 16.93
C THR S 173 3.01 49.35 17.04
N THR S 174 4.04 50.10 16.68
CA THR S 174 4.01 51.56 16.77
C THR S 174 4.38 52.15 15.42
N VAL S 175 3.70 53.24 15.06
CA VAL S 175 3.91 53.89 13.78
C VAL S 175 4.03 55.39 14.01
N SER S 176 4.64 56.07 13.05
CA SER S 176 4.81 57.51 13.08
C SER S 176 4.03 58.14 11.94
N VAL S 177 3.37 59.26 12.21
CA VAL S 177 2.51 59.93 11.25
C VAL S 177 3.33 60.92 10.45
N THR S 178 3.29 60.77 9.13
CA THR S 178 3.95 61.70 8.21
C THR S 178 2.89 62.52 7.48
N ASP S 179 3.34 63.35 6.55
CA ASP S 179 2.46 64.28 5.87
C ASP S 179 1.55 63.55 4.89
N MET S 180 0.34 64.10 4.71
CA MET S 180 -0.63 63.60 3.73
C MET S 180 -0.99 62.14 3.97
N LEU S 181 -1.08 61.73 5.23
CA LEU S 181 -1.49 60.38 5.59
C LEU S 181 -2.94 60.38 6.06
N THR S 182 -3.67 59.35 5.67
CA THR S 182 -5.04 59.14 6.11
C THR S 182 -5.11 57.96 7.07
N LEU S 183 -6.18 57.91 7.85
CA LEU S 183 -6.33 56.81 8.80
C LEU S 183 -6.35 55.44 8.15
N PRO S 184 -7.05 55.20 7.03
CA PRO S 184 -6.91 53.89 6.37
C PRO S 184 -5.49 53.57 5.94
N LEU S 185 -4.74 54.58 5.49
CA LEU S 185 -3.35 54.35 5.11
C LEU S 185 -2.50 53.99 6.33
N ILE S 186 -2.74 54.66 7.45
CA ILE S 186 -1.99 54.38 8.67
C ILE S 186 -2.26 52.95 9.14
N ALA S 187 -3.52 52.51 9.06
CA ALA S 187 -3.87 51.17 9.48
C ALA S 187 -3.17 50.11 8.64
N LEU S 188 -3.06 50.35 7.34
CA LEU S 188 -2.37 49.40 6.47
C LEU S 188 -0.90 49.27 6.86
N GLY S 189 -0.23 50.40 7.06
CA GLY S 189 1.16 50.36 7.47
C GLY S 189 1.35 49.76 8.85
N ALA S 190 0.52 50.16 9.81
CA ALA S 190 0.63 49.63 11.16
C ALA S 190 0.23 48.16 11.21
N GLY S 191 -0.79 47.78 10.46
CA GLY S 191 -1.30 46.43 10.50
C GLY S 191 -0.55 45.42 9.66
N ALA S 192 0.52 45.83 8.98
CA ALA S 192 1.28 44.90 8.16
C ALA S 192 1.93 43.80 9.00
N SER S 193 2.54 44.18 10.12
CA SER S 193 3.22 43.20 10.96
C SER S 193 2.24 42.38 11.80
N LEU S 194 1.09 42.94 12.13
CA LEU S 194 0.14 42.25 12.99
C LEU S 194 -0.41 41.01 12.31
N ALA S 195 -0.72 39.99 13.11
CA ALA S 195 -1.18 38.72 12.58
C ALA S 195 -2.52 38.87 11.86
N SER S 196 -3.44 39.62 12.45
CA SER S 196 -4.78 39.78 11.89
C SER S 196 -5.03 41.17 11.32
N GLY S 197 -4.01 42.01 11.24
CA GLY S 197 -4.20 43.36 10.75
C GLY S 197 -4.99 44.20 11.73
N ILE S 198 -5.49 45.32 11.22
CA ILE S 198 -6.31 46.24 12.01
C ILE S 198 -7.14 47.07 11.05
N ASP S 199 -8.32 47.47 11.51
CA ASP S 199 -9.21 48.33 10.74
C ASP S 199 -9.11 49.76 11.25
N TYR S 200 -9.56 50.70 10.41
CA TYR S 200 -9.39 52.11 10.73
C TYR S 200 -10.22 52.52 11.94
N LEU S 201 -11.35 51.85 12.16
CA LEU S 201 -12.17 52.17 13.32
C LEU S 201 -11.55 51.64 14.61
N SER S 202 -11.03 50.41 14.57
CA SER S 202 -10.38 49.84 15.74
C SER S 202 -9.12 50.62 16.09
N LEU S 203 -8.36 51.04 15.07
CA LEU S 203 -7.14 51.81 15.32
C LEU S 203 -7.46 53.15 15.96
N ALA S 204 -8.54 53.79 15.52
CA ALA S 204 -8.94 55.07 16.11
C ALA S 204 -9.35 54.88 17.57
N TRP S 205 -10.09 53.81 17.86
CA TRP S 205 -10.55 53.58 19.23
C TRP S 205 -9.37 53.31 20.17
N GLN S 206 -8.38 52.54 19.71
CA GLN S 206 -7.26 52.21 20.57
C GLN S 206 -6.42 53.44 20.89
N ASN S 207 -6.38 54.41 19.99
CA ASN S 207 -5.59 55.62 20.18
C ASN S 207 -6.40 56.77 20.76
N ASP S 208 -7.67 56.55 21.09
CA ASP S 208 -8.53 57.56 21.70
C ASP S 208 -8.64 58.81 20.82
N LEU S 209 -8.76 58.60 19.51
CA LEU S 209 -8.88 59.72 18.60
C LEU S 209 -10.26 60.35 18.72
N ASP S 210 -10.31 61.68 18.69
CA ASP S 210 -11.58 62.39 18.77
C ASP S 210 -12.36 62.29 17.47
N ASN S 211 -11.66 62.15 16.35
CA ASN S 211 -12.30 61.94 15.05
C ASN S 211 -11.31 61.19 14.17
N LEU S 212 -11.76 60.83 12.96
CA LEU S 212 -10.93 60.04 12.06
C LEU S 212 -9.74 60.82 11.50
N ASP S 213 -9.69 62.13 11.70
CA ASP S 213 -8.58 62.95 11.24
C ASP S 213 -7.85 63.62 12.41
N ASP S 214 -8.06 63.13 13.64
CA ASP S 214 -7.51 63.79 14.82
C ASP S 214 -6.09 63.28 15.08
N PHE S 215 -5.19 63.66 14.17
CA PHE S 215 -3.77 63.40 14.36
C PHE S 215 -2.99 64.39 13.51
N THR S 216 -1.76 64.67 13.94
CA THR S 216 -0.89 65.62 13.28
C THR S 216 0.42 64.95 12.92
N PRO S 217 1.12 65.45 11.89
CA PRO S 217 2.42 64.87 11.54
C PRO S 217 3.39 64.98 12.71
N GLY S 218 4.23 63.95 12.86
CA GLY S 218 5.14 63.84 13.98
C GLY S 218 4.57 63.10 15.16
N GLN S 219 3.25 62.92 15.23
CA GLN S 219 2.65 62.14 16.29
C GLN S 219 2.87 60.65 16.07
N THR S 220 2.81 59.89 17.15
CA THR S 220 2.98 58.45 17.11
C THR S 220 1.68 57.75 17.52
N LEU S 221 1.37 56.68 16.81
CA LEU S 221 0.16 55.90 17.07
C LEU S 221 0.54 54.43 17.33
N GLN S 222 -0.35 53.72 18.00
CA GLN S 222 -0.11 52.34 18.38
C GLN S 222 -1.24 51.47 17.88
N ALA S 223 -0.92 50.19 17.64
CA ALA S 223 -1.89 49.22 17.18
C ALA S 223 -1.64 47.89 17.87
N GLN S 224 -2.70 47.33 18.44
CA GLN S 224 -2.65 46.03 19.10
C GLN S 224 -3.23 44.96 18.17
N GLU S 225 -3.35 43.75 18.69
CA GLU S 225 -3.80 42.60 17.91
C GLU S 225 -5.23 42.75 17.41
N SER T 2 18.98 44.62 -28.93
CA SER T 2 18.23 45.55 -28.10
C SER T 2 17.82 46.77 -28.92
N LEU T 3 17.41 47.83 -28.23
CA LEU T 3 16.93 49.04 -28.89
C LEU T 3 17.64 50.32 -28.49
N ILE T 4 18.09 50.44 -27.24
CA ILE T 4 18.69 51.66 -26.74
C ILE T 4 20.07 51.42 -26.16
N GLU T 5 20.20 50.47 -25.23
CA GLU T 5 21.48 50.20 -24.59
C GLU T 5 21.65 48.69 -24.47
N ARG T 6 22.74 48.28 -23.81
CA ARG T 6 23.10 46.87 -23.67
C ARG T 6 23.45 46.55 -22.23
N GLY T 7 22.62 47.00 -21.29
CA GLY T 7 22.77 46.58 -19.92
C GLY T 7 22.32 45.14 -19.72
N LEU T 8 22.93 44.48 -18.74
CA LEU T 8 22.63 43.08 -18.46
C LEU T 8 21.51 43.01 -17.43
N SER T 9 20.34 42.55 -17.86
CA SER T 9 19.22 42.39 -16.95
C SER T 9 19.50 41.29 -15.94
N LYS T 10 19.05 41.52 -14.70
CA LYS T 10 19.32 40.60 -13.60
C LYS T 10 18.01 39.99 -13.11
N LEU T 11 18.09 38.73 -12.68
CA LEU T 11 16.93 38.03 -12.16
C LEU T 11 16.63 38.48 -10.73
N THR T 12 15.35 38.68 -10.43
CA THR T 12 14.93 39.20 -9.15
C THR T 12 13.92 38.26 -8.50
N LEU T 13 13.98 38.15 -7.18
CA LEU T 13 13.06 37.35 -6.39
C LEU T 13 12.39 38.25 -5.36
N THR T 14 11.06 38.27 -5.37
CA THR T 14 10.28 39.12 -4.46
C THR T 14 9.31 38.24 -3.68
N ALA T 15 9.10 38.58 -2.41
CA ALA T 15 8.25 37.79 -1.53
C ALA T 15 7.12 38.65 -0.98
N PHE T 16 5.95 38.03 -0.81
CA PHE T 16 4.79 38.67 -0.24
C PHE T 16 4.14 37.73 0.77
N LYS T 17 3.41 38.32 1.72
CA LYS T 17 2.69 37.51 2.69
C LYS T 17 1.43 36.89 2.10
N ASP T 18 0.74 37.62 1.23
CA ASP T 18 -0.57 37.21 0.74
C ASP T 18 -0.49 36.81 -0.73
N ARG T 19 -1.56 36.16 -1.19
CA ARG T 19 -1.59 35.65 -2.56
C ARG T 19 -1.68 36.79 -3.57
N GLU T 20 -2.37 37.86 -3.23
CA GLU T 20 -2.56 38.97 -4.16
C GLU T 20 -1.36 39.93 -4.19
N GLY T 21 -0.34 39.69 -3.38
CA GLY T 21 0.85 40.51 -3.41
C GLY T 21 0.66 41.95 -3.01
N LYS T 22 -0.10 42.20 -1.95
CA LYS T 22 -0.35 43.56 -1.48
C LYS T 22 0.47 43.92 -0.25
N ILE T 23 1.25 43.00 0.30
CA ILE T 23 2.10 43.26 1.45
C ILE T 23 3.48 42.69 1.11
N SER T 24 4.39 43.55 0.66
CA SER T 24 5.73 43.10 0.33
C SER T 24 6.52 42.74 1.57
N VAL T 25 7.38 41.73 1.42
CA VAL T 25 8.24 41.26 2.50
C VAL T 25 9.69 41.66 2.27
N GLY T 26 10.19 41.43 1.07
CA GLY T 26 11.57 41.75 0.74
C GLY T 26 11.86 41.37 -0.69
N SER T 27 13.12 41.54 -1.06
CA SER T 27 13.54 41.24 -2.42
C SER T 27 15.00 40.83 -2.42
N LEU T 28 15.40 40.11 -3.47
CA LEU T 28 16.78 39.69 -3.64
C LEU T 28 17.09 39.64 -5.13
N GLN T 29 18.19 40.29 -5.52
CA GLN T 29 18.64 40.29 -6.90
C GLN T 29 19.82 39.34 -7.04
N ALA T 30 19.71 38.40 -7.99
CA ALA T 30 20.77 37.41 -8.17
C ALA T 30 22.04 38.08 -8.70
N MET T 31 23.17 37.72 -8.11
CA MET T 31 24.45 38.24 -8.57
C MET T 31 24.93 37.56 -9.84
N TYR T 32 24.41 36.38 -10.16
CA TYR T 32 24.72 35.68 -11.40
C TYR T 32 23.43 35.08 -11.95
N ASN T 33 23.12 35.38 -13.20
CA ASN T 33 21.93 34.83 -13.81
C ASN T 33 22.11 33.33 -14.06
N PRO T 34 21.06 32.54 -13.90
CA PRO T 34 21.16 31.12 -14.26
C PRO T 34 21.27 30.94 -15.76
N ASP T 35 21.98 29.89 -16.17
CA ASP T 35 22.18 29.60 -17.57
C ASP T 35 21.14 28.64 -18.14
N ALA T 36 20.20 28.18 -17.33
CA ALA T 36 19.16 27.29 -17.80
C ALA T 36 17.96 27.38 -16.88
N ILE T 37 16.77 27.41 -17.46
CA ILE T 37 15.52 27.49 -16.72
C ILE T 37 14.56 26.44 -17.27
N GLN T 38 13.97 25.65 -16.39
CA GLN T 38 13.09 24.55 -16.79
C GLN T 38 11.68 24.80 -16.28
N LEU T 39 10.69 24.59 -17.14
CA LEU T 39 9.29 24.68 -16.79
C LEU T 39 8.64 23.32 -17.07
N ASP T 40 7.80 22.86 -16.14
CA ASP T 40 7.21 21.54 -16.23
C ASP T 40 5.70 21.63 -16.09
N TYR T 41 4.97 20.99 -16.99
CA TYR T 41 3.52 20.88 -16.93
C TYR T 41 3.11 19.43 -17.01
N GLN T 42 2.24 19.00 -16.10
CA GLN T 42 1.70 17.64 -16.09
C GLN T 42 0.20 17.70 -15.91
N THR T 43 -0.48 16.71 -16.49
CA THR T 43 -1.92 16.60 -16.35
C THR T 43 -2.31 15.13 -16.43
N HIS T 44 -3.27 14.73 -15.60
CA HIS T 44 -3.60 13.32 -15.41
C HIS T 44 -5.00 13.04 -15.93
N TYR T 45 -5.17 11.86 -16.52
CA TYR T 45 -6.45 11.41 -17.04
C TYR T 45 -6.79 10.05 -16.45
N GLN T 46 -8.07 9.74 -16.41
CA GLN T 46 -8.57 8.44 -15.95
C GLN T 46 -9.34 7.79 -17.08
N GLN T 47 -9.02 6.54 -17.38
CA GLN T 47 -9.69 5.83 -18.44
C GLN T 47 -11.14 5.51 -18.05
N ASP T 48 -12.04 5.60 -19.02
CA ASP T 48 -13.44 5.33 -18.79
C ASP T 48 -13.72 3.84 -18.97
N GLU T 49 -14.33 3.23 -17.96
CA GLU T 49 -14.70 1.82 -18.00
C GLU T 49 -16.23 1.71 -18.04
N SER T 50 -16.73 1.00 -19.03
CA SER T 50 -18.17 0.83 -19.20
C SER T 50 -18.49 -0.63 -19.47
N VAL T 51 -19.66 -1.07 -19.00
CA VAL T 51 -20.07 -2.46 -19.19
C VAL T 51 -20.85 -2.66 -20.49
N ASN T 52 -21.41 -1.60 -21.07
CA ASN T 52 -22.21 -1.71 -22.27
C ASN T 52 -21.67 -0.91 -23.45
N HIS T 53 -20.66 -0.08 -23.25
CA HIS T 53 -20.06 0.71 -24.31
C HIS T 53 -18.68 0.19 -24.65
N THR T 54 -18.37 0.13 -25.94
CA THR T 54 -17.05 -0.28 -26.41
C THR T 54 -16.16 0.90 -26.78
N ARG T 55 -16.60 2.12 -26.49
CA ARG T 55 -15.80 3.30 -26.77
C ARG T 55 -14.53 3.29 -25.94
N LYS T 56 -13.47 3.89 -26.48
CA LYS T 56 -12.23 4.12 -25.75
C LYS T 56 -12.11 5.61 -25.49
N SER T 57 -12.09 6.00 -24.21
CA SER T 57 -12.03 7.40 -23.85
C SER T 57 -11.50 7.52 -22.43
N SER T 58 -10.90 8.67 -22.14
CA SER T 58 -10.41 9.01 -20.82
C SER T 58 -10.87 10.40 -20.45
N HIS T 59 -11.21 10.61 -19.19
CA HIS T 59 -11.70 11.89 -18.71
C HIS T 59 -10.66 12.55 -17.81
N TYR T 60 -10.71 13.88 -17.78
CA TYR T 60 -9.65 14.67 -17.16
C TYR T 60 -9.74 14.62 -15.64
N VAL T 61 -8.59 14.54 -15.00
CA VAL T 61 -8.47 14.55 -13.54
C VAL T 61 -7.50 15.68 -13.18
N SER T 62 -7.60 16.13 -11.93
CA SER T 62 -6.86 17.31 -11.47
C SER T 62 -5.38 17.22 -11.82
N SER T 63 -4.88 18.25 -12.51
CA SER T 63 -3.49 18.35 -12.95
C SER T 63 -2.63 18.98 -11.86
N PRO T 64 -1.43 18.46 -11.63
CA PRO T 64 -0.57 19.07 -10.62
C PRO T 64 -0.13 20.46 -11.05
N PRO T 65 0.19 21.33 -10.10
CA PRO T 65 0.61 22.68 -10.46
C PRO T 65 1.93 22.69 -11.19
N ALA T 66 2.13 23.74 -11.99
CA ALA T 66 3.35 23.86 -12.77
C ALA T 66 4.56 24.03 -11.87
N GLY T 67 5.69 23.50 -12.31
CA GLY T 67 6.93 23.56 -11.55
C GLY T 67 7.99 24.35 -12.29
N LEU T 68 8.87 24.98 -11.52
CA LEU T 68 9.97 25.77 -12.05
C LEU T 68 11.23 25.44 -11.27
N SER T 69 12.36 25.35 -11.96
CA SER T 69 13.62 24.98 -11.32
C SER T 69 14.73 25.91 -11.77
N LEU T 70 15.57 26.32 -10.82
CA LEU T 70 16.69 27.21 -11.09
C LEU T 70 17.90 26.74 -10.29
N VAL T 71 19.08 27.19 -10.74
CA VAL T 71 20.32 27.02 -10.00
C VAL T 71 21.03 28.37 -9.98
N LEU T 72 21.29 28.88 -8.79
CA LEU T 72 21.98 30.15 -8.60
C LEU T 72 23.35 29.90 -7.99
N LEU T 73 24.33 30.70 -8.40
CA LEU T 73 25.70 30.58 -7.90
C LEU T 73 26.08 31.87 -7.18
N PHE T 74 26.62 31.73 -5.98
CA PHE T 74 27.08 32.85 -5.17
C PHE T 74 28.57 32.72 -4.92
N ASP T 75 29.32 33.77 -5.20
CA ASP T 75 30.76 33.78 -5.01
C ASP T 75 31.17 35.07 -4.30
N ALA T 76 32.20 34.96 -3.45
CA ALA T 76 32.72 36.12 -2.74
C ALA T 76 34.24 36.09 -2.68
N SER T 77 34.88 35.47 -3.66
CA SER T 77 36.34 35.33 -3.69
C SER T 77 37.00 36.12 -4.80
N MET T 78 36.38 36.19 -5.97
CA MET T 78 36.96 36.90 -7.10
C MET T 78 36.84 38.42 -6.91
N PRO T 79 37.68 39.20 -7.57
CA PRO T 79 37.60 40.66 -7.42
C PRO T 79 36.26 41.20 -7.88
N GLY T 80 35.78 42.22 -7.17
CA GLY T 80 34.52 42.85 -7.46
C GLY T 80 33.32 42.23 -6.79
N ASN T 81 33.48 41.09 -6.12
CA ASN T 81 32.40 40.40 -5.43
C ASN T 81 32.56 40.67 -3.94
N ASN T 82 31.95 41.75 -3.47
CA ASN T 82 32.14 42.20 -2.10
C ASN T 82 30.99 41.85 -1.17
N ILE T 83 29.83 41.47 -1.71
CA ILE T 83 28.69 41.07 -0.88
C ILE T 83 28.97 39.68 -0.32
N PRO T 84 28.94 39.49 0.99
CA PRO T 84 29.22 38.17 1.56
C PRO T 84 28.19 37.14 1.09
N VAL T 85 28.67 35.90 0.94
CA VAL T 85 27.80 34.81 0.52
C VAL T 85 26.73 34.54 1.56
N GLU T 86 27.11 34.56 2.84
CA GLU T 86 26.16 34.24 3.90
C GLU T 86 25.00 35.23 3.94
N THR T 87 25.28 36.51 3.64
CA THR T 87 24.21 37.51 3.62
C THR T 87 23.21 37.20 2.52
N GLN T 88 23.69 36.86 1.34
CA GLN T 88 22.78 36.56 0.23
C GLN T 88 22.01 35.27 0.48
N LEU T 89 22.67 34.26 1.05
CA LEU T 89 21.99 33.00 1.33
C LEU T 89 20.96 33.16 2.45
N THR T 90 21.24 34.02 3.42
CA THR T 90 20.27 34.30 4.48
C THR T 90 19.02 34.95 3.90
N THR T 91 19.21 35.94 3.02
CA THR T 91 18.07 36.62 2.41
C THR T 91 17.25 35.67 1.56
N LEU T 92 17.92 34.83 0.77
CA LEU T 92 17.21 33.91 -0.13
C LEU T 92 16.35 32.93 0.66
N LYS T 93 16.91 32.37 1.73
CA LYS T 93 16.14 31.41 2.53
C LYS T 93 15.00 32.09 3.28
N ALA T 94 15.23 33.31 3.77
CA ALA T 94 14.20 34.02 4.51
C ALA T 94 12.99 34.31 3.62
N LEU T 95 13.22 34.58 2.34
CA LEU T 95 12.12 34.82 1.43
C LEU T 95 11.32 33.56 1.15
N CYS T 96 11.96 32.40 1.22
CA CYS T 96 11.32 31.13 0.92
C CYS T 96 10.78 30.43 2.16
N ALA T 97 10.85 31.07 3.32
CA ALA T 97 10.52 30.43 4.59
C ALA T 97 9.08 30.70 4.98
N VAL T 98 8.68 30.12 6.11
CA VAL T 98 7.32 30.27 6.63
C VAL T 98 7.20 31.64 7.29
N ASP T 99 6.14 32.37 6.94
CA ASP T 99 5.93 33.69 7.52
C ASP T 99 5.51 33.57 8.98
N PRO T 100 6.08 34.36 9.88
CA PRO T 100 5.70 34.26 11.30
C PRO T 100 4.28 34.72 11.58
N SER T 101 3.64 35.46 10.67
CA SER T 101 2.29 35.96 10.88
C SER T 101 1.23 35.06 10.27
N THR T 102 1.38 34.70 9.00
CA THR T 102 0.41 33.86 8.32
C THR T 102 0.62 32.37 8.55
N HIS T 103 1.76 31.99 9.13
CA HIS T 103 2.11 30.59 9.38
C HIS T 103 2.18 29.76 8.11
N VAL T 104 2.29 30.41 6.96
CA VAL T 104 2.47 29.72 5.69
C VAL T 104 3.62 30.38 4.95
N PRO T 105 4.28 29.65 4.05
CA PRO T 105 5.40 30.23 3.31
C PRO T 105 4.96 31.39 2.43
N HIS T 106 5.89 32.31 2.19
CA HIS T 106 5.61 33.50 1.42
C HIS T 106 5.25 33.16 -0.02
N PHE T 107 4.55 34.09 -0.67
CA PHE T 107 4.26 33.99 -2.09
C PHE T 107 5.33 34.76 -2.87
N LEU T 108 5.89 34.13 -3.90
CA LEU T 108 7.07 34.65 -4.58
C LEU T 108 6.74 35.07 -6.00
N LYS T 109 7.54 36.00 -6.51
CA LYS T 109 7.48 36.45 -7.90
C LYS T 109 8.88 36.41 -8.48
N ILE T 110 9.02 35.84 -9.67
CA ILE T 110 10.30 35.76 -10.37
C ILE T 110 10.20 36.63 -11.62
N LYS T 111 11.07 37.63 -11.71
CA LYS T 111 11.11 38.51 -12.86
C LYS T 111 12.53 38.56 -13.42
N TRP T 112 12.65 38.58 -14.75
CA TRP T 112 13.96 38.66 -15.39
C TRP T 112 13.77 39.27 -16.77
N GLY T 113 14.03 40.58 -16.88
CA GLY T 113 14.10 41.22 -18.17
C GLY T 113 12.87 41.01 -19.03
N LYS T 114 13.10 40.66 -20.28
CA LYS T 114 12.03 40.42 -21.25
C LYS T 114 11.55 38.97 -21.26
N MET T 115 12.08 38.15 -20.36
CA MET T 115 11.70 36.74 -20.32
C MET T 115 10.24 36.60 -19.88
N ARG T 116 9.48 35.81 -20.62
CA ARG T 116 8.07 35.58 -20.34
C ARG T 116 7.88 34.14 -19.89
N TRP T 117 7.28 33.96 -18.72
CA TRP T 117 7.08 32.63 -18.14
C TRP T 117 5.66 32.15 -18.46
N GLU T 118 5.50 31.69 -19.70
CA GLU T 118 4.20 31.23 -20.20
C GLU T 118 3.17 32.35 -20.12
N ASN T 119 3.33 33.37 -20.95
CA ASN T 119 2.39 34.46 -21.23
C ASN T 119 2.40 35.55 -20.17
N LYS T 120 3.20 35.42 -19.11
CA LYS T 120 3.29 36.47 -18.10
C LYS T 120 4.75 36.82 -17.87
N SER T 121 4.98 38.09 -17.51
CA SER T 121 6.32 38.59 -17.23
C SER T 121 6.89 38.06 -15.92
N TYR T 122 6.09 37.37 -15.13
CA TYR T 122 6.52 36.87 -13.82
C TYR T 122 6.03 35.45 -13.65
N PHE T 123 6.70 34.71 -12.78
CA PHE T 123 6.26 33.39 -12.34
C PHE T 123 5.80 33.51 -10.90
N ALA T 124 4.51 33.28 -10.68
CA ALA T 124 3.91 33.38 -9.34
C ALA T 124 3.84 31.99 -8.73
N GLY T 125 4.44 31.84 -7.57
CA GLY T 125 4.43 30.54 -6.91
C GLY T 125 5.06 30.60 -5.54
N ARG T 126 5.31 29.42 -4.99
CA ARG T 126 5.89 29.26 -3.67
C ARG T 126 7.01 28.25 -3.74
N ALA T 127 8.02 28.45 -2.89
CA ALA T 127 9.16 27.54 -2.87
C ALA T 127 8.72 26.15 -2.41
N SER T 128 9.19 25.12 -3.12
CA SER T 128 8.94 23.75 -2.73
C SER T 128 10.21 22.96 -2.44
N GLY T 129 11.38 23.57 -2.56
CA GLY T 129 12.63 22.91 -2.29
C GLY T 129 13.81 23.85 -2.45
N LEU T 130 14.79 23.75 -1.57
CA LEU T 130 15.97 24.63 -1.62
C LEU T 130 17.16 23.86 -1.09
N THR T 131 18.10 23.53 -1.98
CA THR T 131 19.31 22.81 -1.61
C THR T 131 20.51 23.72 -1.81
N ILE T 132 21.39 23.76 -0.81
CA ILE T 132 22.56 24.63 -0.82
C ILE T 132 23.79 23.76 -0.63
N ASN T 133 24.79 23.96 -1.49
CA ASN T 133 26.06 23.26 -1.40
C ASN T 133 27.18 24.28 -1.21
N TYR T 134 27.91 24.17 -0.11
CA TYR T 134 29.08 24.99 0.13
C TYR T 134 30.31 24.23 -0.33
N THR T 135 31.13 24.87 -1.17
CA THR T 135 32.24 24.20 -1.80
C THR T 135 33.60 24.85 -1.55
N LEU T 136 33.64 26.06 -0.98
CA LEU T 136 34.90 26.73 -0.72
C LEU T 136 34.77 27.58 0.53
N PHE T 137 35.81 27.55 1.36
CA PHE T 137 35.80 28.27 2.62
C PHE T 137 37.13 28.98 2.80
N ASP T 138 37.11 30.07 3.56
CA ASP T 138 38.33 30.78 3.93
C ASP T 138 38.94 30.12 5.16
N ARG T 139 40.05 30.69 5.64
CA ARG T 139 40.73 30.11 6.79
C ARG T 139 39.93 30.28 8.07
N ASP T 140 39.10 31.32 8.15
CA ASP T 140 38.18 31.50 9.26
C ASP T 140 36.80 30.92 8.98
N ALA T 141 36.72 29.97 8.06
CA ALA T 141 35.50 29.24 7.71
C ALA T 141 34.44 30.12 7.06
N THR T 142 34.83 31.28 6.55
CA THR T 142 33.89 32.11 5.81
C THR T 142 33.57 31.45 4.47
N PRO T 143 32.30 31.21 4.13
CA PRO T 143 32.00 30.58 2.85
C PRO T 143 32.30 31.51 1.69
N LEU T 144 33.07 31.02 0.73
CA LEU T 144 33.45 31.81 -0.44
C LEU T 144 32.65 31.47 -1.68
N ARG T 145 32.23 30.21 -1.83
CA ARG T 145 31.44 29.79 -2.98
C ARG T 145 30.33 28.87 -2.51
N ALA T 146 29.13 29.07 -3.06
CA ALA T 146 27.99 28.23 -2.74
C ALA T 146 26.97 28.35 -3.86
N SER T 147 26.28 27.25 -4.13
CA SER T 147 25.26 27.20 -5.17
C SER T 147 23.95 26.74 -4.55
N ALA T 148 22.86 27.43 -4.87
CA ALA T 148 21.53 27.11 -4.37
C ALA T 148 20.66 26.59 -5.50
N THR T 149 20.09 25.40 -5.31
CA THR T 149 19.15 24.83 -6.26
C THR T 149 17.74 25.12 -5.76
N LEU T 150 16.96 25.81 -6.59
CA LEU T 150 15.66 26.32 -6.19
C LEU T 150 14.59 25.73 -7.09
N SER T 151 13.46 25.35 -6.49
CA SER T 151 12.33 24.79 -7.23
C SER T 151 11.04 25.28 -6.62
N LEU T 152 10.17 25.84 -7.45
CA LEU T 152 8.90 26.40 -7.01
C LEU T 152 7.74 25.68 -7.68
N VAL T 153 6.56 25.88 -7.12
CA VAL T 153 5.31 25.38 -7.68
C VAL T 153 4.37 26.55 -7.87
N ALA T 154 3.67 26.57 -9.00
CA ALA T 154 2.86 27.73 -9.36
C ALA T 154 1.71 27.93 -8.37
N ASP T 155 1.49 29.19 -7.98
CA ASP T 155 0.36 29.55 -7.13
C ASP T 155 -0.04 30.97 -7.51
N GLU T 156 -1.03 31.09 -8.39
CA GLU T 156 -1.39 32.36 -8.99
C GLU T 156 -2.46 33.08 -8.16
N SER T 157 -2.65 34.36 -8.46
CA SER T 157 -3.64 35.17 -7.78
C SER T 157 -5.04 34.83 -8.25
N PHE T 158 -6.00 34.93 -7.33
CA PHE T 158 -7.39 34.60 -7.65
C PHE T 158 -8.05 35.66 -8.51
N VAL T 159 -7.65 36.92 -8.35
CA VAL T 159 -8.27 38.01 -9.11
C VAL T 159 -7.88 37.91 -10.58
N ILE T 160 -6.61 37.61 -10.86
CA ILE T 160 -6.16 37.50 -12.25
C ILE T 160 -6.81 36.29 -12.92
N GLN T 161 -6.96 35.20 -12.18
CA GLN T 161 -7.60 34.01 -12.74
C GLN T 161 -9.06 34.27 -13.11
N ALA T 162 -9.77 35.01 -12.25
CA ALA T 162 -11.17 35.29 -12.52
C ALA T 162 -11.35 36.17 -13.75
N THR T 163 -10.51 37.21 -13.88
CA THR T 163 -10.64 38.11 -15.02
C THR T 163 -10.34 37.40 -16.34
N GLU T 164 -9.28 36.59 -16.36
CA GLU T 164 -8.93 35.85 -17.57
C GLU T 164 -10.02 34.84 -17.92
N GLN T 165 -10.68 34.27 -16.92
CA GLN T 165 -11.73 33.29 -17.17
C GLN T 165 -12.91 33.94 -17.89
N GLN T 166 -13.38 35.08 -17.39
CA GLN T 166 -14.52 35.74 -18.01
C GLN T 166 -14.15 36.50 -19.28
N LEU T 167 -12.85 36.73 -19.52
CA LEU T 167 -12.44 37.35 -20.77
C LEU T 167 -12.58 36.38 -21.94
N LYS T 168 -12.14 35.14 -21.75
CA LYS T 168 -12.19 34.13 -22.81
C LYS T 168 -13.54 33.43 -22.88
N SER T 169 -14.35 33.52 -21.83
CA SER T 169 -15.70 32.95 -21.81
C SER T 169 -16.64 34.03 -21.31
N PRO T 170 -16.94 35.02 -22.14
CA PRO T 170 -17.71 36.16 -21.67
C PRO T 170 -19.12 35.75 -21.30
N PRO T 171 -19.72 36.39 -20.29
CA PRO T 171 -21.14 36.12 -20.00
C PRO T 171 -22.05 36.48 -21.15
N VAL T 172 -21.75 37.55 -21.88
CA VAL T 172 -22.51 37.97 -23.04
C VAL T 172 -21.55 38.17 -24.21
N THR T 173 -21.93 37.68 -25.38
CA THR T 173 -21.12 37.82 -26.58
C THR T 173 -21.93 38.55 -27.66
N THR T 174 -21.21 39.24 -28.54
CA THR T 174 -21.80 40.02 -29.61
C THR T 174 -21.27 39.57 -30.95
N VAL T 175 -22.14 39.55 -31.96
CA VAL T 175 -21.79 39.09 -33.29
C VAL T 175 -22.29 40.10 -34.31
N SER T 176 -21.71 40.02 -35.50
CA SER T 176 -22.10 40.88 -36.62
C SER T 176 -22.63 40.00 -37.75
N VAL T 177 -23.70 40.45 -38.38
CA VAL T 177 -24.39 39.68 -39.41
C VAL T 177 -23.79 40.05 -40.77
N THR T 178 -23.37 39.04 -41.51
CA THR T 178 -22.84 39.20 -42.86
C THR T 178 -23.79 38.57 -43.87
N ASP T 179 -23.39 38.61 -45.14
CA ASP T 179 -24.26 38.15 -46.21
C ASP T 179 -24.47 36.64 -46.16
N MET T 180 -25.66 36.21 -46.55
CA MET T 180 -26.02 34.79 -46.66
C MET T 180 -25.75 34.02 -45.37
N LEU T 181 -26.14 34.62 -44.24
CA LEU T 181 -26.08 33.96 -42.95
C LEU T 181 -27.48 33.56 -42.51
N THR T 182 -27.57 32.41 -41.85
CA THR T 182 -28.82 31.93 -41.28
C THR T 182 -28.74 31.96 -39.76
N LEU T 183 -29.91 31.91 -39.13
CA LEU T 183 -29.94 31.93 -37.66
C LEU T 183 -29.19 30.77 -37.04
N PRO T 184 -29.30 29.52 -37.50
CA PRO T 184 -28.44 28.47 -36.93
C PRO T 184 -26.95 28.75 -37.11
N LEU T 185 -26.55 29.36 -38.23
CA LEU T 185 -25.15 29.71 -38.43
C LEU T 185 -24.71 30.79 -37.44
N ILE T 186 -25.56 31.79 -37.22
CA ILE T 186 -25.22 32.85 -36.27
C ILE T 186 -25.08 32.29 -34.86
N ALA T 187 -25.98 31.40 -34.47
CA ALA T 187 -25.93 30.83 -33.13
C ALA T 187 -24.66 30.01 -32.92
N LEU T 188 -24.18 29.34 -33.97
CA LEU T 188 -22.94 28.58 -33.86
C LEU T 188 -21.75 29.49 -33.62
N GLY T 189 -21.64 30.56 -34.40
CA GLY T 189 -20.54 31.49 -34.21
C GLY T 189 -20.63 32.23 -32.89
N ALA T 190 -21.83 32.70 -32.54
CA ALA T 190 -22.00 33.42 -31.28
C ALA T 190 -21.85 32.47 -30.09
N GLY T 191 -22.37 31.26 -30.20
CA GLY T 191 -22.34 30.30 -29.12
C GLY T 191 -21.02 29.57 -28.93
N ALA T 192 -20.04 29.80 -29.81
CA ALA T 192 -18.75 29.13 -29.67
C ALA T 192 -18.04 29.56 -28.39
N SER T 193 -18.06 30.86 -28.08
CA SER T 193 -17.35 31.36 -26.91
C SER T 193 -18.12 31.12 -25.63
N LEU T 194 -19.45 31.00 -25.71
CA LEU T 194 -20.26 30.79 -24.52
C LEU T 194 -20.01 29.42 -23.92
N ALA T 195 -20.19 29.33 -22.60
CA ALA T 195 -19.93 28.09 -21.89
C ALA T 195 -20.88 26.97 -22.33
N SER T 196 -22.17 27.28 -22.47
CA SER T 196 -23.17 26.29 -22.77
C SER T 196 -23.73 26.41 -24.19
N GLY T 197 -23.14 27.26 -25.02
CA GLY T 197 -23.67 27.44 -26.35
C GLY T 197 -25.02 28.17 -26.32
N ILE T 198 -25.71 28.11 -27.46
CA ILE T 198 -27.02 28.74 -27.59
C ILE T 198 -27.73 28.11 -28.76
N ASP T 199 -29.05 28.02 -28.67
CA ASP T 199 -29.89 27.51 -29.74
C ASP T 199 -30.52 28.66 -30.52
N TYR T 200 -30.97 28.34 -31.73
CA TYR T 200 -31.47 29.39 -32.62
C TYR T 200 -32.74 30.02 -32.07
N LEU T 201 -33.57 29.24 -31.37
CA LEU T 201 -34.78 29.81 -30.78
C LEU T 201 -34.45 30.75 -29.64
N SER T 202 -33.52 30.36 -28.77
CA SER T 202 -33.12 31.23 -27.66
C SER T 202 -32.45 32.49 -28.16
N LEU T 203 -31.60 32.37 -29.18
CA LEU T 203 -30.96 33.54 -29.75
C LEU T 203 -31.97 34.50 -30.36
N ALA T 204 -32.99 33.96 -31.03
CA ALA T 204 -34.02 34.81 -31.60
C ALA T 204 -34.82 35.52 -30.52
N TRP T 205 -35.16 34.82 -29.44
CA TRP T 205 -35.94 35.43 -28.37
C TRP T 205 -35.18 36.54 -27.67
N GLN T 206 -33.88 36.34 -27.44
CA GLN T 206 -33.09 37.35 -26.73
C GLN T 206 -32.97 38.63 -27.54
N ASN T 207 -32.90 38.52 -28.86
CA ASN T 207 -32.75 39.69 -29.72
C ASN T 207 -34.08 40.28 -30.16
N ASP T 208 -35.20 39.73 -29.70
CA ASP T 208 -36.54 40.25 -30.01
C ASP T 208 -36.80 40.25 -31.51
N LEU T 209 -36.38 39.20 -32.18
CA LEU T 209 -36.62 39.08 -33.62
C LEU T 209 -38.09 38.80 -33.89
N ASP T 210 -38.61 39.41 -34.96
CA ASP T 210 -40.00 39.18 -35.33
C ASP T 210 -40.18 37.81 -35.97
N ASN T 211 -39.15 37.30 -36.64
CA ASN T 211 -39.18 35.98 -37.23
C ASN T 211 -37.74 35.45 -37.28
N LEU T 212 -37.59 34.21 -37.74
CA LEU T 212 -36.27 33.58 -37.75
C LEU T 212 -35.35 34.18 -38.80
N ASP T 213 -35.85 35.02 -39.70
CA ASP T 213 -35.02 35.70 -40.70
C ASP T 213 -35.06 37.21 -40.55
N ASP T 214 -35.44 37.71 -39.37
CA ASP T 214 -35.65 39.14 -39.16
C ASP T 214 -34.33 39.82 -38.78
N PHE T 215 -33.40 39.79 -39.72
CA PHE T 215 -32.14 40.51 -39.57
C PHE T 215 -31.58 40.82 -40.94
N THR T 216 -30.75 41.86 -40.99
CA THR T 216 -30.16 42.33 -42.22
C THR T 216 -28.64 42.37 -42.08
N PRO T 217 -27.91 42.26 -43.18
CA PRO T 217 -26.45 42.35 -43.11
C PRO T 217 -26.00 43.68 -42.51
N GLY T 218 -24.95 43.63 -41.71
CA GLY T 218 -24.46 44.78 -40.98
C GLY T 218 -25.07 44.97 -39.61
N GLN T 219 -26.19 44.31 -39.33
CA GLN T 219 -26.79 44.38 -38.00
C GLN T 219 -25.98 43.57 -37.01
N THR T 220 -26.11 43.94 -35.73
CA THR T 220 -25.41 43.26 -34.64
C THR T 220 -26.41 42.54 -33.76
N LEU T 221 -26.01 41.36 -33.28
CA LEU T 221 -26.84 40.54 -32.42
C LEU T 221 -26.06 40.18 -31.16
N GLN T 222 -26.78 39.89 -30.09
CA GLN T 222 -26.19 39.55 -28.81
C GLN T 222 -26.66 38.17 -28.37
N ALA T 223 -25.81 37.50 -27.60
CA ALA T 223 -26.12 36.18 -27.06
C ALA T 223 -25.65 36.11 -25.61
N GLN T 224 -26.55 35.72 -24.73
CA GLN T 224 -26.25 35.57 -23.31
C GLN T 224 -26.04 34.09 -23.00
N GLU T 225 -25.85 33.79 -21.71
CA GLU T 225 -25.54 32.44 -21.26
C GLU T 225 -26.57 31.40 -21.71
N SER U 2 8.92 12.00 -54.10
CA SER U 2 7.92 12.99 -54.48
C SER U 2 7.49 12.81 -55.92
N LEU U 3 6.45 13.54 -56.33
CA LEU U 3 5.89 13.42 -57.66
C LEU U 3 5.88 14.72 -58.46
N ILE U 4 5.76 15.87 -57.79
CA ILE U 4 5.63 17.16 -58.47
C ILE U 4 6.71 18.13 -58.03
N GLU U 5 6.82 18.38 -56.73
CA GLU U 5 7.77 19.34 -56.18
C GLU U 5 8.52 18.71 -55.01
N ARG U 6 9.34 19.51 -54.34
CA ARG U 6 10.18 19.03 -53.25
C ARG U 6 10.16 19.99 -52.07
N GLY U 7 8.99 20.53 -51.75
CA GLY U 7 8.86 21.34 -50.56
C GLY U 7 8.89 20.49 -49.30
N LEU U 8 9.32 21.10 -48.21
CA LEU U 8 9.45 20.40 -46.93
C LEU U 8 8.17 20.58 -46.13
N SER U 9 7.49 19.46 -45.86
CA SER U 9 6.28 19.50 -45.05
C SER U 9 6.63 19.78 -43.60
N LYS U 10 5.77 20.57 -42.94
CA LYS U 10 5.99 20.98 -41.56
C LYS U 10 4.92 20.39 -40.66
N LEU U 11 5.33 19.98 -39.46
CA LEU U 11 4.39 19.44 -38.49
C LEU U 11 3.46 20.52 -37.97
N THR U 12 2.19 20.15 -37.76
CA THR U 12 1.17 21.11 -37.34
C THR U 12 0.42 20.56 -36.14
N LEU U 13 0.08 21.46 -35.21
CA LEU U 13 -0.69 21.12 -34.02
C LEU U 13 -1.95 21.98 -34.00
N THR U 14 -3.11 21.33 -33.97
CA THR U 14 -4.39 22.02 -33.96
C THR U 14 -5.16 21.64 -32.69
N ALA U 15 -5.90 22.60 -32.14
CA ALA U 15 -6.62 22.41 -30.89
C ALA U 15 -8.11 22.64 -31.11
N PHE U 16 -8.92 21.82 -30.45
CA PHE U 16 -10.38 21.93 -30.52
C PHE U 16 -10.96 21.89 -29.11
N LYS U 17 -12.13 22.49 -28.96
CA LYS U 17 -12.82 22.48 -27.67
C LYS U 17 -13.45 21.13 -27.39
N ASP U 18 -13.98 20.47 -28.40
CA ASP U 18 -14.78 19.26 -28.24
C ASP U 18 -14.07 18.06 -28.84
N ARG U 19 -14.64 16.88 -28.58
CA ARG U 19 -14.03 15.64 -29.04
C ARG U 19 -14.18 15.48 -30.55
N GLU U 20 -15.29 15.95 -31.11
CA GLU U 20 -15.57 15.77 -32.53
C GLU U 20 -14.90 16.82 -33.41
N GLY U 21 -14.18 17.76 -32.83
CA GLY U 21 -13.50 18.79 -33.61
C GLY U 21 -14.43 19.74 -34.35
N LYS U 22 -15.49 20.20 -33.68
CA LYS U 22 -16.42 21.15 -34.28
C LYS U 22 -16.05 22.60 -34.00
N ILE U 23 -15.39 22.88 -32.89
CA ILE U 23 -15.05 24.23 -32.49
C ILE U 23 -13.53 24.34 -32.47
N SER U 24 -12.97 24.95 -33.50
CA SER U 24 -11.52 25.16 -33.54
C SER U 24 -11.11 26.24 -32.55
N VAL U 25 -9.94 26.06 -31.93
CA VAL U 25 -9.41 26.99 -30.95
C VAL U 25 -8.20 27.72 -31.49
N GLY U 26 -7.28 27.00 -32.11
CA GLY U 26 -6.08 27.62 -32.65
C GLY U 26 -5.21 26.57 -33.31
N SER U 27 -4.06 27.03 -33.82
CA SER U 27 -3.14 26.13 -34.49
C SER U 27 -1.72 26.66 -34.32
N LEU U 28 -0.76 25.76 -34.47
CA LEU U 28 0.65 26.10 -34.39
C LEU U 28 1.43 25.22 -35.35
N GLN U 29 2.25 25.83 -36.19
CA GLN U 29 3.11 25.12 -37.10
C GLN U 29 4.54 25.13 -36.57
N ALA U 30 5.13 23.94 -36.43
CA ALA U 30 6.47 23.85 -35.87
C ALA U 30 7.49 24.48 -36.81
N MET U 31 8.41 25.25 -36.24
CA MET U 31 9.45 25.89 -37.04
C MET U 31 10.62 24.96 -37.32
N TYR U 32 10.72 23.85 -36.58
CA TYR U 32 11.66 22.78 -36.90
C TYR U 32 10.96 21.45 -36.70
N ASN U 33 11.05 20.58 -37.70
CA ASN U 33 10.44 19.26 -37.58
C ASN U 33 11.19 18.42 -36.56
N PRO U 34 10.49 17.60 -35.78
CA PRO U 34 11.18 16.65 -34.90
C PRO U 34 11.89 15.58 -35.70
N ASP U 35 13.02 15.12 -35.17
CA ASP U 35 13.82 14.12 -35.86
C ASP U 35 13.51 12.70 -35.40
N ALA U 36 12.56 12.52 -34.48
CA ALA U 36 12.20 11.19 -34.02
C ALA U 36 10.82 11.27 -33.36
N ILE U 37 10.00 10.26 -33.61
CA ILE U 37 8.65 10.17 -33.06
C ILE U 37 8.46 8.77 -32.51
N GLN U 38 7.96 8.67 -31.28
CA GLN U 38 7.75 7.39 -30.61
C GLN U 38 6.27 7.17 -30.36
N LEU U 39 5.78 5.98 -30.70
CA LEU U 39 4.42 5.55 -30.42
C LEU U 39 4.46 4.35 -29.49
N ASP U 40 3.57 4.34 -28.51
CA ASP U 40 3.57 3.29 -27.49
C ASP U 40 2.18 2.70 -27.35
N TYR U 41 2.11 1.37 -27.38
CA TYR U 41 0.87 0.63 -27.15
C TYR U 41 1.09 -0.38 -26.04
N GLN U 42 0.19 -0.40 -25.07
CA GLN U 42 0.24 -1.34 -23.97
C GLN U 42 -1.14 -1.97 -23.77
N THR U 43 -1.15 -3.20 -23.25
CA THR U 43 -2.39 -3.89 -22.96
C THR U 43 -2.13 -4.91 -21.86
N HIS U 44 -3.05 -4.96 -20.89
CA HIS U 44 -2.86 -5.73 -19.67
C HIS U 44 -3.77 -6.95 -19.67
N TYR U 45 -3.25 -8.05 -19.13
CA TYR U 45 -4.00 -9.29 -18.99
C TYR U 45 -3.95 -9.75 -17.55
N GLN U 46 -4.98 -10.46 -17.12
CA GLN U 46 -5.04 -11.06 -15.79
C GLN U 46 -5.11 -12.57 -15.94
N GLN U 47 -4.27 -13.28 -15.19
CA GLN U 47 -4.25 -14.72 -15.25
C GLN U 47 -5.50 -15.32 -14.62
N ASP U 48 -5.96 -16.44 -15.17
CA ASP U 48 -7.15 -17.12 -14.67
C ASP U 48 -6.74 -18.15 -13.63
N GLU U 49 -7.36 -18.07 -12.46
CA GLU U 49 -7.14 -19.00 -11.36
C GLU U 49 -8.39 -19.83 -11.16
N SER U 50 -8.24 -21.15 -11.22
CA SER U 50 -9.37 -22.06 -11.08
C SER U 50 -9.00 -23.17 -10.11
N VAL U 51 -10.01 -23.65 -9.37
CA VAL U 51 -9.78 -24.71 -8.40
C VAL U 51 -9.93 -26.11 -8.99
N ASN U 52 -10.63 -26.25 -10.11
CA ASN U 52 -10.87 -27.55 -10.71
C ASN U 52 -10.29 -27.71 -12.11
N HIS U 53 -9.76 -26.64 -12.71
CA HIS U 53 -9.19 -26.68 -14.05
C HIS U 53 -7.68 -26.50 -13.98
N THR U 54 -6.96 -27.31 -14.73
CA THR U 54 -5.52 -27.18 -14.84
C THR U 54 -5.11 -26.37 -16.07
N ARG U 55 -6.08 -25.82 -16.81
CA ARG U 55 -5.77 -25.02 -17.97
C ARG U 55 -5.00 -23.76 -17.58
N LYS U 56 -4.09 -23.35 -18.46
CA LYS U 56 -3.34 -22.10 -18.29
C LYS U 56 -3.89 -21.09 -19.29
N SER U 57 -4.42 -19.97 -18.78
CA SER U 57 -5.00 -18.96 -19.64
C SER U 57 -5.08 -17.64 -18.88
N SER U 58 -5.09 -16.55 -19.65
CA SER U 58 -5.26 -15.23 -19.09
C SER U 58 -6.30 -14.47 -19.91
N HIS U 59 -7.08 -13.64 -19.24
CA HIS U 59 -8.14 -12.88 -19.90
C HIS U 59 -7.78 -11.40 -19.93
N TYR U 60 -8.35 -10.70 -20.91
CA TYR U 60 -7.96 -9.34 -21.24
C TYR U 60 -8.55 -8.34 -20.24
N VAL U 61 -7.73 -7.37 -19.86
CA VAL U 61 -8.15 -6.28 -18.98
C VAL U 61 -7.85 -4.97 -19.70
N SER U 62 -8.52 -3.90 -19.27
CA SER U 62 -8.48 -2.62 -19.96
C SER U 62 -7.06 -2.20 -20.32
N SER U 63 -6.87 -1.84 -21.59
CA SER U 63 -5.55 -1.41 -22.07
C SER U 63 -5.43 0.10 -21.95
N PRO U 64 -4.29 0.61 -21.49
CA PRO U 64 -4.12 2.06 -21.40
C PRO U 64 -4.10 2.68 -22.78
N PRO U 65 -4.46 3.96 -22.89
CA PRO U 65 -4.47 4.62 -24.19
C PRO U 65 -3.07 4.77 -24.77
N ALA U 66 -3.01 4.84 -26.10
CA ALA U 66 -1.73 4.97 -26.78
C ALA U 66 -1.06 6.29 -26.44
N GLY U 67 0.27 6.28 -26.43
CA GLY U 67 1.05 7.45 -26.09
C GLY U 67 1.92 7.89 -27.26
N LEU U 68 2.18 9.19 -27.32
CA LEU U 68 3.00 9.79 -28.35
C LEU U 68 4.03 10.71 -27.69
N SER U 69 5.19 10.83 -28.31
CA SER U 69 6.27 11.64 -27.75
C SER U 69 6.99 12.38 -28.87
N LEU U 70 7.25 13.67 -28.64
CA LEU U 70 7.99 14.51 -29.57
C LEU U 70 8.88 15.46 -28.79
N VAL U 71 9.87 16.01 -29.49
CA VAL U 71 10.70 17.09 -28.98
C VAL U 71 10.79 18.16 -30.06
N LEU U 72 10.35 19.38 -29.73
CA LEU U 72 10.40 20.49 -30.66
C LEU U 72 11.47 21.47 -30.22
N LEU U 73 12.16 22.07 -31.19
CA LEU U 73 13.21 23.04 -30.94
C LEU U 73 12.80 24.39 -31.49
N PHE U 74 12.96 25.43 -30.69
CA PHE U 74 12.64 26.80 -31.09
C PHE U 74 13.89 27.65 -30.98
N ASP U 75 14.17 28.43 -32.01
CA ASP U 75 15.37 29.26 -32.06
C ASP U 75 14.99 30.65 -32.57
N ALA U 76 15.68 31.67 -32.05
CA ALA U 76 15.47 33.04 -32.47
C ALA U 76 16.80 33.80 -32.58
N SER U 77 17.88 33.09 -32.84
CA SER U 77 19.21 33.68 -32.91
C SER U 77 19.82 33.64 -34.30
N MET U 78 19.61 32.57 -35.04
CA MET U 78 20.19 32.45 -36.37
C MET U 78 19.44 33.32 -37.37
N PRO U 79 20.10 33.73 -38.46
CA PRO U 79 19.41 34.55 -39.46
C PRO U 79 18.23 33.82 -40.07
N GLY U 80 17.16 34.58 -40.35
CA GLY U 80 15.95 34.03 -40.90
C GLY U 80 14.95 33.56 -39.88
N ASN U 81 15.33 33.48 -38.61
CA ASN U 81 14.42 33.05 -37.54
C ASN U 81 13.97 34.31 -36.81
N ASN U 82 12.92 34.94 -37.32
CA ASN U 82 12.46 36.23 -36.81
C ASN U 82 11.28 36.12 -35.86
N ILE U 83 10.59 34.99 -35.84
CA ILE U 83 9.44 34.82 -34.95
C ILE U 83 9.96 34.60 -33.53
N PRO U 84 9.55 35.40 -32.56
CA PRO U 84 10.09 35.28 -31.20
C PRO U 84 9.77 33.92 -30.58
N VAL U 85 10.69 33.46 -29.73
CA VAL U 85 10.52 32.17 -29.07
C VAL U 85 9.36 32.22 -28.07
N GLU U 86 9.21 33.35 -27.37
CA GLU U 86 8.14 33.48 -26.38
C GLU U 86 6.78 33.33 -27.03
N THR U 87 6.59 33.92 -28.22
CA THR U 87 5.30 33.85 -28.89
C THR U 87 4.95 32.40 -29.25
N GLN U 88 5.93 31.65 -29.76
CA GLN U 88 5.66 30.26 -30.11
C GLN U 88 5.37 29.41 -28.87
N LEU U 89 6.13 29.63 -27.80
CA LEU U 89 5.91 28.85 -26.58
C LEU U 89 4.58 29.20 -25.94
N THR U 90 4.18 30.48 -26.01
CA THR U 90 2.88 30.88 -25.50
C THR U 90 1.75 30.18 -26.25
N THR U 91 1.87 30.12 -27.59
CA THR U 91 0.86 29.45 -28.39
C THR U 91 0.82 27.96 -28.10
N LEU U 92 1.99 27.33 -27.97
CA LEU U 92 2.05 25.89 -27.74
C LEU U 92 1.38 25.51 -26.42
N LYS U 93 1.65 26.28 -25.37
CA LYS U 93 1.05 25.98 -24.08
C LYS U 93 -0.46 26.23 -24.09
N ALA U 94 -0.88 27.31 -24.75
CA ALA U 94 -2.31 27.65 -24.79
C ALA U 94 -3.13 26.56 -25.47
N LEU U 95 -2.54 25.85 -26.43
CA LEU U 95 -3.26 24.77 -27.09
C LEU U 95 -3.36 23.54 -26.21
N CYS U 96 -2.39 23.34 -25.30
CA CYS U 96 -2.36 22.18 -24.43
C CYS U 96 -2.97 22.46 -23.06
N ALA U 97 -3.55 23.63 -22.85
CA ALA U 97 -4.01 24.05 -21.54
C ALA U 97 -5.49 23.72 -21.35
N VAL U 98 -6.01 24.06 -20.17
CA VAL U 98 -7.40 23.83 -19.82
C VAL U 98 -8.26 24.92 -20.46
N ASP U 99 -9.31 24.51 -21.13
CA ASP U 99 -10.20 25.47 -21.77
C ASP U 99 -11.08 26.16 -20.73
N PRO U 100 -11.14 27.50 -20.74
CA PRO U 100 -11.99 28.19 -19.76
C PRO U 100 -13.47 27.86 -19.87
N SER U 101 -13.95 27.45 -21.05
CA SER U 101 -15.36 27.16 -21.23
C SER U 101 -15.74 25.75 -20.81
N THR U 102 -15.00 24.75 -21.27
CA THR U 102 -15.30 23.36 -20.97
C THR U 102 -14.63 22.86 -19.69
N HIS U 103 -13.71 23.64 -19.11
CA HIS U 103 -13.00 23.29 -17.88
C HIS U 103 -12.18 22.01 -18.04
N VAL U 104 -11.92 21.58 -19.26
CA VAL U 104 -11.09 20.41 -19.53
C VAL U 104 -10.08 20.78 -20.61
N PRO U 105 -8.94 20.12 -20.69
CA PRO U 105 -7.94 20.47 -21.71
C PRO U 105 -8.47 20.24 -23.12
N HIS U 106 -7.91 21.00 -24.06
CA HIS U 106 -8.33 20.93 -25.45
C HIS U 106 -8.03 19.57 -26.04
N PHE U 107 -8.73 19.25 -27.14
CA PHE U 107 -8.44 18.06 -27.92
C PHE U 107 -7.54 18.46 -29.09
N LEU U 108 -6.46 17.71 -29.28
CA LEU U 108 -5.40 18.07 -30.21
C LEU U 108 -5.38 17.13 -31.41
N LYS U 109 -4.87 17.64 -32.52
CA LYS U 109 -4.64 16.87 -33.73
C LYS U 109 -3.25 17.17 -34.24
N ILE U 110 -2.48 16.13 -34.54
CA ILE U 110 -1.11 16.26 -35.04
C ILE U 110 -1.10 15.78 -36.49
N LYS U 111 -0.67 16.64 -37.39
CA LYS U 111 -0.58 16.31 -38.81
C LYS U 111 0.81 16.63 -39.32
N TRP U 112 1.36 15.75 -40.16
CA TRP U 112 2.68 15.97 -40.75
C TRP U 112 2.73 15.23 -42.08
N GLY U 113 2.48 15.95 -43.17
CA GLY U 113 2.72 15.42 -44.51
C GLY U 113 2.01 14.10 -44.75
N LYS U 114 2.75 13.16 -45.33
CA LYS U 114 2.24 11.83 -45.64
C LYS U 114 2.43 10.84 -44.49
N MET U 115 2.90 11.30 -43.34
CA MET U 115 3.10 10.42 -42.20
C MET U 115 1.75 9.93 -41.68
N ARG U 116 1.66 8.63 -41.45
CA ARG U 116 0.43 8.01 -40.97
C ARG U 116 0.64 7.48 -39.56
N TRP U 117 -0.23 7.89 -38.65
CA TRP U 117 -0.13 7.50 -37.24
C TRP U 117 -1.05 6.31 -36.98
N GLU U 118 -0.61 5.15 -37.44
CA GLU U 118 -1.37 3.91 -37.32
C GLU U 118 -2.72 4.03 -38.04
N ASN U 119 -2.68 4.09 -39.37
CA ASN U 119 -3.81 4.02 -40.29
C ASN U 119 -4.56 5.34 -40.42
N LYS U 120 -4.15 6.40 -39.73
CA LYS U 120 -4.79 7.70 -39.86
C LYS U 120 -3.74 8.77 -40.09
N SER U 121 -4.13 9.80 -40.85
CA SER U 121 -3.26 10.91 -41.17
C SER U 121 -3.02 11.85 -39.99
N TYR U 122 -3.73 11.64 -38.87
CA TYR U 122 -3.60 12.50 -37.71
C TYR U 122 -3.53 11.62 -36.46
N PHE U 123 -2.96 12.19 -35.41
CA PHE U 123 -2.99 11.58 -34.09
C PHE U 123 -3.93 12.41 -33.22
N ALA U 124 -5.06 11.82 -32.84
CA ALA U 124 -6.05 12.50 -32.02
C ALA U 124 -5.80 12.17 -30.55
N GLY U 125 -5.64 13.20 -29.73
CA GLY U 125 -5.38 12.96 -28.33
C GLY U 125 -5.32 14.27 -27.56
N ARG U 126 -4.85 14.15 -26.32
CA ARG U 126 -4.75 15.29 -25.41
C ARG U 126 -3.38 15.28 -24.76
N ALA U 127 -2.87 16.47 -24.47
CA ALA U 127 -1.55 16.58 -23.85
C ALA U 127 -1.56 15.98 -22.46
N SER U 128 -0.48 15.26 -22.13
CA SER U 128 -0.29 14.71 -20.79
C SER U 128 0.97 15.19 -20.11
N GLY U 129 1.84 15.92 -20.81
CA GLY U 129 3.05 16.46 -20.22
C GLY U 129 3.74 17.42 -21.17
N LEU U 130 4.28 18.51 -20.63
CA LEU U 130 4.96 19.50 -21.45
C LEU U 130 6.10 20.09 -20.63
N THR U 131 7.33 19.84 -21.07
CA THR U 131 8.52 20.34 -20.40
C THR U 131 9.26 21.28 -21.34
N ILE U 132 9.58 22.47 -20.84
CA ILE U 132 10.28 23.49 -21.62
C ILE U 132 11.61 23.79 -20.95
N ASN U 133 12.69 23.69 -21.70
CA ASN U 133 14.03 24.00 -21.21
C ASN U 133 14.56 25.21 -21.96
N TYR U 134 14.86 26.27 -21.23
CA TYR U 134 15.49 27.45 -21.81
C TYR U 134 17.00 27.34 -21.61
N THR U 135 17.75 27.50 -22.70
CA THR U 135 19.19 27.29 -22.65
C THR U 135 20.02 28.48 -23.12
N LEU U 136 19.42 29.46 -23.80
CA LEU U 136 20.16 30.62 -24.27
C LEU U 136 19.30 31.86 -24.13
N PHE U 137 19.91 32.95 -23.66
CA PHE U 137 19.21 34.20 -23.42
C PHE U 137 20.03 35.36 -23.98
N ASP U 138 19.34 36.46 -24.24
CA ASP U 138 20.00 37.68 -24.66
C ASP U 138 20.35 38.52 -23.43
N ARG U 139 20.94 39.69 -23.66
CA ARG U 139 21.34 40.55 -22.55
C ARG U 139 20.12 41.08 -21.79
N ASP U 140 19.01 41.33 -22.49
CA ASP U 140 17.75 41.70 -21.85
C ASP U 140 16.92 40.50 -21.47
N ALA U 141 17.53 39.31 -21.35
CA ALA U 141 16.89 38.08 -20.92
C ALA U 141 15.85 37.57 -21.91
N THR U 142 15.90 38.00 -23.16
CA THR U 142 15.02 37.45 -24.17
C THR U 142 15.45 36.02 -24.49
N PRO U 143 14.57 35.04 -24.38
CA PRO U 143 14.99 33.65 -24.65
C PRO U 143 15.26 33.45 -26.13
N LEU U 144 16.45 32.91 -26.43
CA LEU U 144 16.87 32.68 -27.80
C LEU U 144 16.77 31.23 -28.23
N ARG U 145 16.98 30.29 -27.32
CA ARG U 145 16.87 28.87 -27.62
C ARG U 145 16.06 28.18 -26.54
N ALA U 146 15.14 27.31 -26.96
CA ALA U 146 14.32 26.55 -26.03
C ALA U 146 13.86 25.27 -26.71
N SER U 147 13.74 24.20 -25.94
CA SER U 147 13.27 22.92 -26.43
C SER U 147 12.09 22.47 -25.60
N ALA U 148 11.04 21.98 -26.26
CA ALA U 148 9.83 21.54 -25.60
C ALA U 148 9.64 20.05 -25.84
N THR U 149 9.50 19.29 -24.75
CA THR U 149 9.18 17.86 -24.82
C THR U 149 7.68 17.69 -24.63
N LEU U 150 7.02 17.12 -25.62
CA LEU U 150 5.57 17.02 -25.64
C LEU U 150 5.15 15.55 -25.70
N SER U 151 4.21 15.18 -24.85
CA SER U 151 3.70 13.81 -24.82
C SER U 151 2.18 13.85 -24.72
N LEU U 152 1.52 13.13 -25.62
CA LEU U 152 0.06 13.06 -25.67
C LEU U 152 -0.42 11.65 -25.42
N VAL U 153 -1.70 11.53 -25.05
CA VAL U 153 -2.38 10.26 -24.90
C VAL U 153 -3.60 10.28 -25.82
N ALA U 154 -3.82 9.16 -26.52
CA ALA U 154 -4.83 9.12 -27.56
C ALA U 154 -6.23 9.32 -26.97
N ASP U 155 -7.04 10.11 -27.67
CA ASP U 155 -8.44 10.34 -27.31
C ASP U 155 -9.19 10.60 -28.61
N GLU U 156 -9.78 9.55 -29.16
CA GLU U 156 -10.37 9.60 -30.49
C GLU U 156 -11.84 10.02 -30.42
N SER U 157 -12.40 10.31 -31.58
CA SER U 157 -13.80 10.69 -31.70
C SER U 157 -14.70 9.46 -31.61
N PHE U 158 -15.89 9.67 -31.02
CA PHE U 158 -16.82 8.56 -30.85
C PHE U 158 -17.51 8.19 -32.15
N VAL U 159 -17.69 9.16 -33.06
CA VAL U 159 -18.38 8.87 -34.31
C VAL U 159 -17.52 7.99 -35.21
N ILE U 160 -16.21 8.28 -35.28
CA ILE U 160 -15.33 7.47 -36.11
C ILE U 160 -15.19 6.06 -35.54
N GLN U 161 -15.13 5.95 -34.21
CA GLN U 161 -15.04 4.64 -33.58
C GLN U 161 -16.27 3.79 -33.88
N ALA U 162 -17.46 4.41 -33.81
CA ALA U 162 -18.69 3.67 -34.07
C ALA U 162 -18.75 3.18 -35.52
N THR U 163 -18.37 4.03 -36.47
CA THR U 163 -18.42 3.63 -37.87
C THR U 163 -17.44 2.52 -38.17
N GLU U 164 -16.21 2.62 -37.66
CA GLU U 164 -15.23 1.57 -37.89
C GLU U 164 -15.65 0.26 -37.24
N GLN U 165 -16.37 0.34 -36.12
CA GLN U 165 -16.84 -0.86 -35.44
C GLN U 165 -17.85 -1.61 -36.30
N GLN U 166 -18.88 -0.90 -36.80
CA GLN U 166 -19.90 -1.54 -37.60
C GLN U 166 -19.43 -1.85 -39.02
N LEU U 167 -18.24 -1.39 -39.40
CA LEU U 167 -17.70 -1.73 -40.72
C LEU U 167 -17.04 -3.10 -40.69
N LYS U 168 -16.20 -3.35 -39.70
CA LYS U 168 -15.50 -4.62 -39.60
C LYS U 168 -16.38 -5.72 -39.00
N SER U 169 -17.46 -5.36 -38.31
CA SER U 169 -18.41 -6.30 -37.74
C SER U 169 -19.81 -5.85 -38.17
N PRO U 170 -20.17 -6.06 -39.43
CA PRO U 170 -21.43 -5.53 -39.93
C PRO U 170 -22.62 -6.20 -39.25
N PRO U 171 -23.76 -5.51 -39.15
CA PRO U 171 -24.95 -6.16 -38.62
C PRO U 171 -25.50 -7.24 -39.54
N VAL U 172 -25.41 -7.04 -40.85
CA VAL U 172 -25.86 -8.01 -41.84
C VAL U 172 -24.73 -8.23 -42.83
N THR U 173 -24.43 -9.50 -43.12
CA THR U 173 -23.38 -9.85 -44.07
C THR U 173 -23.97 -10.61 -45.25
N THR U 174 -23.29 -10.56 -46.38
CA THR U 174 -23.74 -11.18 -47.61
C THR U 174 -22.65 -12.09 -48.15
N VAL U 175 -23.05 -13.26 -48.64
CA VAL U 175 -22.13 -14.28 -49.13
C VAL U 175 -22.61 -14.75 -50.50
N SER U 176 -21.66 -15.16 -51.34
CA SER U 176 -21.95 -15.70 -52.65
C SER U 176 -21.67 -17.21 -52.65
N VAL U 177 -22.57 -17.96 -53.25
CA VAL U 177 -22.49 -19.42 -53.25
C VAL U 177 -21.66 -19.89 -54.43
N THR U 178 -20.66 -20.73 -54.16
CA THR U 178 -19.81 -21.31 -55.18
C THR U 178 -20.07 -22.81 -55.26
N ASP U 179 -19.30 -23.48 -56.11
CA ASP U 179 -19.53 -24.90 -56.38
C ASP U 179 -19.15 -25.75 -55.18
N MET U 180 -19.91 -26.83 -54.98
CA MET U 180 -19.62 -27.84 -53.96
C MET U 180 -19.52 -27.24 -52.57
N LEU U 181 -20.43 -26.31 -52.27
CA LEU U 181 -20.55 -25.75 -50.93
C LEU U 181 -21.76 -26.34 -50.23
N THR U 182 -21.62 -26.56 -48.93
CA THR U 182 -22.71 -27.04 -48.10
C THR U 182 -23.17 -25.93 -47.16
N LEU U 183 -24.41 -26.07 -46.66
CA LEU U 183 -24.97 -25.06 -45.78
C LEU U 183 -24.11 -24.82 -44.53
N PRO U 184 -23.57 -25.83 -43.84
CA PRO U 184 -22.66 -25.51 -42.72
C PRO U 184 -21.43 -24.73 -43.14
N LEU U 185 -20.90 -24.98 -44.34
CA LEU U 185 -19.74 -24.22 -44.80
C LEU U 185 -20.10 -22.77 -45.09
N ILE U 186 -21.29 -22.54 -45.65
CA ILE U 186 -21.73 -21.16 -45.90
C ILE U 186 -21.89 -20.40 -44.59
N ALA U 187 -22.43 -21.07 -43.56
CA ALA U 187 -22.62 -20.42 -42.27
C ALA U 187 -21.28 -20.03 -41.66
N LEU U 188 -20.26 -20.89 -41.78
CA LEU U 188 -18.94 -20.56 -41.26
C LEU U 188 -18.36 -19.34 -41.95
N GLY U 189 -18.44 -19.29 -43.29
CA GLY U 189 -17.94 -18.15 -44.02
C GLY U 189 -18.72 -16.89 -43.75
N ALA U 190 -20.05 -16.99 -43.76
CA ALA U 190 -20.89 -15.82 -43.50
C ALA U 190 -20.80 -15.38 -42.05
N GLY U 191 -20.75 -16.34 -41.12
CA GLY U 191 -20.73 -16.03 -39.71
C GLY U 191 -19.39 -15.64 -39.15
N ALA U 192 -18.33 -15.65 -39.97
CA ALA U 192 -17.01 -15.26 -39.48
C ALA U 192 -16.99 -13.79 -39.09
N SER U 193 -17.59 -12.93 -39.90
CA SER U 193 -17.60 -11.49 -39.62
C SER U 193 -18.59 -11.12 -38.52
N LEU U 194 -19.67 -11.88 -38.38
CA LEU U 194 -20.69 -11.57 -37.40
C LEU U 194 -20.15 -11.73 -35.98
N ALA U 195 -20.70 -10.94 -35.06
CA ALA U 195 -20.24 -10.95 -33.69
C ALA U 195 -20.50 -12.30 -33.01
N SER U 196 -21.70 -12.86 -33.21
CA SER U 196 -22.10 -14.10 -32.55
C SER U 196 -22.13 -15.28 -33.50
N GLY U 197 -21.67 -15.12 -34.74
CA GLY U 197 -21.74 -16.22 -35.67
C GLY U 197 -23.17 -16.51 -36.09
N ILE U 198 -23.35 -17.68 -36.68
CA ILE U 198 -24.67 -18.12 -37.13
C ILE U 198 -24.64 -19.64 -37.28
N ASP U 199 -25.79 -20.27 -37.06
CA ASP U 199 -25.94 -21.70 -37.25
C ASP U 199 -26.64 -21.98 -38.57
N TYR U 200 -26.50 -23.22 -39.05
CA TYR U 200 -27.01 -23.56 -40.38
C TYR U 200 -28.53 -23.50 -40.42
N LEU U 201 -29.19 -23.80 -39.30
CA LEU U 201 -30.65 -23.72 -39.28
C LEU U 201 -31.12 -22.28 -39.32
N SER U 202 -30.49 -21.39 -38.54
CA SER U 202 -30.88 -19.99 -38.55
C SER U 202 -30.61 -19.36 -39.91
N LEU U 203 -29.49 -19.70 -40.54
CA LEU U 203 -29.18 -19.17 -41.86
C LEU U 203 -30.21 -19.61 -42.90
N ALA U 204 -30.65 -20.86 -42.82
CA ALA U 204 -31.66 -21.35 -43.75
C ALA U 204 -32.99 -20.63 -43.56
N TRP U 205 -33.38 -20.38 -42.30
CA TRP U 205 -34.65 -19.72 -42.03
C TRP U 205 -34.65 -18.28 -42.52
N GLN U 206 -33.53 -17.57 -42.36
CA GLN U 206 -33.47 -16.17 -42.76
C GLN U 206 -33.56 -16.02 -44.28
N ASN U 207 -33.09 -17.01 -45.02
CA ASN U 207 -33.10 -16.96 -46.48
C ASN U 207 -34.32 -17.64 -47.09
N ASP U 208 -35.25 -18.13 -46.27
CA ASP U 208 -36.47 -18.77 -46.74
C ASP U 208 -36.18 -19.96 -47.65
N LEU U 209 -35.15 -20.73 -47.28
CA LEU U 209 -34.80 -21.91 -48.05
C LEU U 209 -35.86 -23.00 -47.89
N ASP U 210 -36.19 -23.67 -49.00
CA ASP U 210 -37.17 -24.75 -48.94
C ASP U 210 -36.59 -25.99 -48.29
N ASN U 211 -35.27 -26.18 -48.35
CA ASN U 211 -34.59 -27.28 -47.69
C ASN U 211 -33.15 -26.85 -47.46
N LEU U 212 -32.37 -27.74 -46.83
CA LEU U 212 -31.00 -27.41 -46.49
C LEU U 212 -30.07 -27.36 -47.70
N ASP U 213 -30.53 -27.82 -48.87
CA ASP U 213 -29.73 -27.76 -50.09
C ASP U 213 -30.39 -26.88 -51.14
N ASP U 214 -31.31 -26.01 -50.74
CA ASP U 214 -32.09 -25.20 -51.68
C ASP U 214 -31.31 -23.94 -52.05
N PHE U 215 -30.19 -24.15 -52.74
CA PHE U 215 -29.43 -23.05 -53.30
C PHE U 215 -28.61 -23.58 -54.47
N THR U 216 -28.27 -22.68 -55.38
CA THR U 216 -27.51 -23.00 -56.58
C THR U 216 -26.27 -22.14 -56.65
N PRO U 217 -25.22 -22.61 -57.32
CA PRO U 217 -24.02 -21.78 -57.48
C PRO U 217 -24.34 -20.48 -58.19
N GLY U 218 -23.69 -19.40 -57.76
CA GLY U 218 -23.97 -18.08 -58.24
C GLY U 218 -25.05 -17.33 -57.49
N GLN U 219 -25.74 -17.99 -56.57
CA GLN U 219 -26.76 -17.34 -55.76
C GLN U 219 -26.10 -16.62 -54.59
N THR U 220 -26.83 -15.65 -54.03
CA THR U 220 -26.36 -14.87 -52.90
C THR U 220 -27.25 -15.12 -51.70
N LEU U 221 -26.63 -15.27 -50.53
CA LEU U 221 -27.34 -15.47 -49.28
C LEU U 221 -26.97 -14.36 -48.31
N GLN U 222 -27.83 -14.14 -47.33
CA GLN U 222 -27.62 -13.11 -46.33
C GLN U 222 -27.66 -13.73 -44.93
N ALA U 223 -26.92 -13.10 -44.01
CA ALA U 223 -26.89 -13.54 -42.63
C ALA U 223 -26.94 -12.33 -41.72
N GLN U 224 -27.92 -12.31 -40.81
CA GLN U 224 -28.09 -11.24 -39.84
C GLN U 224 -27.45 -11.64 -38.51
N GLU U 225 -27.64 -10.80 -37.51
CA GLU U 225 -26.99 -10.97 -36.22
C GLU U 225 -27.30 -12.32 -35.58
N SER V 2 21.72 -27.12 -44.23
CA SER V 2 20.51 -27.47 -44.97
C SER V 2 20.68 -28.79 -45.70
N LEU V 3 19.67 -29.18 -46.48
CA LEU V 3 19.70 -30.45 -47.19
C LEU V 3 19.46 -30.32 -48.68
N ILE V 4 18.71 -29.32 -49.13
CA ILE V 4 18.35 -29.22 -50.54
C ILE V 4 18.79 -27.87 -51.10
N GLU V 5 18.34 -26.78 -50.49
CA GLU V 5 18.62 -25.44 -50.97
C GLU V 5 19.01 -24.55 -49.79
N ARG V 6 19.31 -23.29 -50.08
CA ARG V 6 19.81 -22.35 -49.08
C ARG V 6 19.01 -21.05 -49.11
N GLY V 7 17.69 -21.17 -49.16
CA GLY V 7 16.85 -20.00 -49.05
C GLY V 7 16.76 -19.50 -47.62
N LEU V 8 16.50 -18.21 -47.47
CA LEU V 8 16.44 -17.56 -46.16
C LEU V 8 14.99 -17.57 -45.68
N SER V 9 14.72 -18.32 -44.62
CA SER V 9 13.39 -18.35 -44.03
C SER V 9 13.10 -17.02 -43.35
N LYS V 10 11.84 -16.60 -43.42
CA LYS V 10 11.41 -15.31 -42.88
C LYS V 10 10.40 -15.52 -41.75
N LEU V 11 10.55 -14.74 -40.70
CA LEU V 11 9.63 -14.81 -39.57
C LEU V 11 8.24 -14.31 -39.98
N THR V 12 7.21 -15.00 -39.50
CA THR V 12 5.83 -14.69 -39.87
C THR V 12 4.99 -14.50 -38.62
N LEU V 13 4.01 -13.60 -38.72
CA LEU V 13 3.08 -13.31 -37.65
C LEU V 13 1.66 -13.47 -38.18
N THR V 14 0.87 -14.32 -37.53
CA THR V 14 -0.50 -14.59 -37.93
C THR V 14 -1.45 -14.31 -36.78
N ALA V 15 -2.65 -13.81 -37.12
CA ALA V 15 -3.64 -13.44 -36.13
C ALA V 15 -4.92 -14.26 -36.31
N PHE V 16 -5.60 -14.50 -35.20
CA PHE V 16 -6.86 -15.22 -35.20
C PHE V 16 -7.83 -14.56 -34.24
N LYS V 17 -9.12 -14.75 -34.48
CA LYS V 17 -10.13 -14.21 -33.57
C LYS V 17 -10.24 -15.04 -32.30
N ASP V 18 -10.11 -16.35 -32.41
CA ASP V 18 -10.38 -17.26 -31.31
C ASP V 18 -9.10 -17.93 -30.83
N ARG V 19 -9.23 -18.68 -29.74
CA ARG V 19 -8.08 -19.32 -29.11
C ARG V 19 -7.59 -20.52 -29.91
N GLU V 20 -8.50 -21.25 -30.56
CA GLU V 20 -8.14 -22.45 -31.29
C GLU V 20 -7.72 -22.18 -32.73
N GLY V 21 -7.66 -20.91 -33.14
CA GLY V 21 -7.25 -20.57 -34.49
C GLY V 21 -8.22 -21.01 -35.56
N LYS V 22 -9.52 -20.97 -35.28
CA LYS V 22 -10.52 -21.36 -36.27
C LYS V 22 -10.73 -20.30 -37.34
N ILE V 23 -10.68 -19.02 -36.97
CA ILE V 23 -10.98 -17.92 -37.89
C ILE V 23 -9.72 -17.08 -38.04
N SER V 24 -9.10 -17.16 -39.21
CA SER V 24 -7.93 -16.34 -39.48
C SER V 24 -8.33 -14.89 -39.74
N VAL V 25 -7.46 -13.97 -39.33
CA VAL V 25 -7.68 -12.54 -39.50
C VAL V 25 -6.73 -11.96 -40.53
N GLY V 26 -5.45 -12.27 -40.43
CA GLY V 26 -4.46 -11.74 -41.34
C GLY V 26 -3.09 -12.28 -41.02
N SER V 27 -2.11 -11.84 -41.79
CA SER V 27 -0.75 -12.30 -41.62
C SER V 27 0.21 -11.20 -42.05
N LEU V 28 1.44 -11.29 -41.55
CA LEU V 28 2.49 -10.34 -41.89
C LEU V 28 3.83 -11.04 -41.85
N GLN V 29 4.58 -10.94 -42.94
CA GLN V 29 5.91 -11.52 -43.04
C GLN V 29 6.93 -10.42 -42.83
N ALA V 30 7.83 -10.63 -41.86
CA ALA V 30 8.83 -9.61 -41.54
C ALA V 30 9.80 -9.45 -42.70
N MET V 31 10.09 -8.20 -43.06
CA MET V 31 11.04 -7.93 -44.13
C MET V 31 12.48 -8.06 -43.67
N TYR V 32 12.73 -8.04 -42.37
CA TYR V 32 14.05 -8.29 -41.81
C TYR V 32 13.89 -9.16 -40.57
N ASN V 33 14.58 -10.29 -40.56
CA ASN V 33 14.51 -11.18 -39.40
C ASN V 33 15.20 -10.53 -38.20
N PRO V 34 14.66 -10.70 -36.99
CA PRO V 34 15.35 -10.19 -35.81
C PRO V 34 16.63 -10.96 -35.55
N ASP V 35 17.62 -10.27 -34.97
CA ASP V 35 18.90 -10.87 -34.67
C ASP V 35 18.98 -11.44 -33.25
N ALA V 36 17.90 -11.34 -32.48
CA ALA V 36 17.90 -11.87 -31.12
C ALA V 36 16.46 -12.11 -30.68
N ILE V 37 16.25 -13.18 -29.92
CA ILE V 37 14.94 -13.54 -29.39
C ILE V 37 15.12 -13.96 -27.93
N GLN V 38 14.27 -13.45 -27.05
CA GLN V 38 14.35 -13.73 -25.63
C GLN V 38 13.07 -14.42 -25.16
N LEU V 39 13.23 -15.49 -24.39
CA LEU V 39 12.11 -16.20 -23.78
C LEU V 39 12.29 -16.16 -22.27
N ASP V 40 11.22 -15.79 -21.55
CA ASP V 40 11.28 -15.61 -20.11
C ASP V 40 10.24 -16.49 -19.44
N TYR V 41 10.67 -17.25 -18.44
CA TYR V 41 9.79 -18.09 -17.62
C TYR V 41 9.98 -17.72 -16.16
N GLN V 42 8.86 -17.52 -15.46
CA GLN V 42 8.88 -17.22 -14.04
C GLN V 42 7.88 -18.12 -13.32
N THR V 43 8.17 -18.41 -12.04
CA THR V 43 7.28 -19.19 -11.21
C THR V 43 7.50 -18.82 -9.75
N HIS V 44 6.41 -18.68 -9.02
CA HIS V 44 6.44 -18.13 -7.68
C HIS V 44 6.12 -19.21 -6.64
N TYR V 45 6.78 -19.11 -5.49
CA TYR V 45 6.57 -20.01 -4.37
C TYR V 45 6.31 -19.21 -3.11
N GLN V 46 5.52 -19.78 -2.21
CA GLN V 46 5.24 -19.19 -0.91
C GLN V 46 5.81 -20.09 0.17
N GLN V 47 6.54 -19.51 1.11
CA GLN V 47 7.13 -20.28 2.18
C GLN V 47 6.06 -20.79 3.14
N ASP V 48 6.28 -21.98 3.69
CA ASP V 48 5.34 -22.59 4.62
C ASP V 48 5.72 -22.20 6.04
N GLU V 49 4.75 -21.66 6.78
CA GLU V 49 4.93 -21.27 8.17
C GLU V 49 4.12 -22.22 9.05
N SER V 50 4.77 -22.80 10.05
CA SER V 50 4.11 -23.75 10.94
C SER V 50 4.52 -23.44 12.38
N VAL V 51 3.57 -23.66 13.29
CA VAL V 51 3.83 -23.40 14.70
C VAL V 51 4.44 -24.59 15.43
N ASN V 52 4.29 -25.80 14.89
CA ASN V 52 4.82 -27.00 15.54
C ASN V 52 5.83 -27.76 14.69
N HIS V 53 6.03 -27.39 13.44
CA HIS V 53 6.98 -28.05 12.56
C HIS V 53 8.18 -27.13 12.31
N THR V 54 9.38 -27.69 12.43
CA THR V 54 10.60 -26.97 12.12
C THR V 54 11.08 -27.20 10.70
N ARG V 55 10.29 -27.91 9.90
CA ARG V 55 10.65 -28.17 8.51
C ARG V 55 10.72 -26.86 7.72
N LYS V 56 11.64 -26.80 6.78
CA LYS V 56 11.75 -25.68 5.85
C LYS V 56 11.25 -26.14 4.49
N SER V 57 10.19 -25.50 4.01
CA SER V 57 9.60 -25.88 2.74
C SER V 57 8.79 -24.72 2.19
N SER V 58 8.60 -24.73 0.87
CA SER V 58 7.79 -23.74 0.18
C SER V 58 6.86 -24.44 -0.79
N HIS V 59 5.67 -23.88 -0.98
CA HIS V 59 4.67 -24.47 -1.85
C HIS V 59 4.39 -23.57 -3.04
N TYR V 60 4.01 -24.20 -4.15
CA TYR V 60 3.94 -23.54 -5.44
C TYR V 60 2.72 -22.64 -5.54
N VAL V 61 2.93 -21.40 -5.98
CA VAL V 61 1.86 -20.46 -6.27
C VAL V 61 1.87 -20.22 -7.78
N SER V 62 0.76 -19.67 -8.28
CA SER V 62 0.56 -19.54 -9.72
C SER V 62 1.73 -18.82 -10.40
N SER V 63 2.21 -19.41 -11.50
CA SER V 63 3.33 -18.89 -12.29
C SER V 63 2.82 -17.98 -13.39
N PRO V 64 3.45 -16.82 -13.61
CA PRO V 64 3.01 -15.95 -14.68
C PRO V 64 3.26 -16.59 -16.03
N PRO V 65 2.50 -16.22 -17.06
CA PRO V 65 2.70 -16.82 -18.38
C PRO V 65 4.03 -16.41 -18.99
N ALA V 66 4.53 -17.27 -19.87
CA ALA V 66 5.82 -17.04 -20.51
C ALA V 66 5.77 -15.79 -21.38
N GLY V 67 6.90 -15.09 -21.45
CA GLY V 67 7.00 -13.87 -22.23
C GLY V 67 8.00 -14.03 -23.36
N LEU V 68 7.73 -13.33 -24.46
CA LEU V 68 8.59 -13.34 -25.64
C LEU V 68 8.80 -11.90 -26.09
N SER V 69 10.00 -11.60 -26.58
CA SER V 69 10.32 -10.24 -27.00
C SER V 69 11.13 -10.25 -28.29
N LEU V 70 10.75 -9.38 -29.22
CA LEU V 70 11.43 -9.25 -30.50
C LEU V 70 11.60 -7.78 -30.83
N VAL V 71 12.50 -7.50 -31.77
CA VAL V 71 12.65 -6.17 -32.34
C VAL V 71 12.70 -6.33 -33.86
N LEU V 72 11.78 -5.66 -34.56
CA LEU V 72 11.70 -5.71 -36.01
C LEU V 72 12.09 -4.37 -36.60
N LEU V 73 12.79 -4.40 -37.72
CA LEU V 73 13.23 -3.19 -38.41
C LEU V 73 12.55 -3.10 -39.77
N PHE V 74 11.99 -1.92 -40.06
CA PHE V 74 11.34 -1.66 -41.34
C PHE V 74 12.07 -0.51 -42.03
N ASP V 75 12.42 -0.71 -43.30
CA ASP V 75 13.14 0.29 -44.07
C ASP V 75 12.48 0.44 -45.44
N ALA V 76 12.50 1.67 -45.96
CA ALA V 76 11.94 1.95 -47.28
C ALA V 76 12.82 2.91 -48.06
N SER V 77 14.10 2.96 -47.77
CA SER V 77 15.03 3.88 -48.42
C SER V 77 16.07 3.20 -49.29
N MET V 78 16.55 2.02 -48.89
CA MET V 78 17.56 1.33 -49.66
C MET V 78 16.95 0.69 -50.91
N PRO V 79 17.76 0.44 -51.94
CA PRO V 79 17.21 -0.17 -53.16
C PRO V 79 16.63 -1.55 -52.88
N GLY V 80 15.54 -1.85 -53.58
CA GLY V 80 14.85 -3.12 -53.43
C GLY V 80 13.80 -3.15 -52.33
N ASN V 81 13.70 -2.09 -51.53
CA ASN V 81 12.71 -2.02 -50.45
C ASN V 81 11.59 -1.10 -50.92
N ASN V 82 10.61 -1.67 -51.61
CA ASN V 82 9.55 -0.89 -52.23
C ASN V 82 8.25 -0.91 -51.44
N ILE V 83 8.08 -1.85 -50.52
CA ILE V 83 6.86 -1.90 -49.70
C ILE V 83 6.92 -0.76 -48.69
N PRO V 84 5.92 0.13 -48.67
CA PRO V 84 5.99 1.29 -47.77
C PRO V 84 6.02 0.88 -46.30
N VAL V 85 6.70 1.69 -45.50
CA VAL V 85 6.81 1.42 -44.07
C VAL V 85 5.45 1.57 -43.39
N GLU V 86 4.66 2.56 -43.83
CA GLU V 86 3.36 2.80 -43.19
C GLU V 86 2.44 1.60 -43.36
N THR V 87 2.45 0.98 -44.54
CA THR V 87 1.60 -0.19 -44.78
C THR V 87 1.99 -1.34 -43.86
N GLN V 88 3.29 -1.59 -43.71
CA GLN V 88 3.74 -2.68 -42.85
C GLN V 88 3.39 -2.42 -41.39
N LEU V 89 3.60 -1.20 -40.93
CA LEU V 89 3.28 -0.87 -39.54
C LEU V 89 1.77 -0.92 -39.30
N THR V 90 0.97 -0.49 -40.27
CA THR V 90 -0.48 -0.57 -40.12
C THR V 90 -0.93 -2.02 -40.01
N THR V 91 -0.38 -2.90 -40.84
CA THR V 91 -0.73 -4.32 -40.77
C THR V 91 -0.30 -4.91 -39.43
N LEU V 92 0.90 -4.57 -38.97
CA LEU V 92 1.42 -5.16 -37.73
C LEU V 92 0.57 -4.78 -36.53
N LYS V 93 0.18 -3.51 -36.45
CA LYS V 93 -0.61 -3.06 -35.30
C LYS V 93 -2.03 -3.63 -35.37
N ALA V 94 -2.61 -3.72 -36.56
CA ALA V 94 -3.96 -4.25 -36.70
C ALA V 94 -4.03 -5.70 -36.21
N LEU V 95 -2.97 -6.47 -36.43
CA LEU V 95 -2.96 -7.85 -35.96
C LEU V 95 -2.92 -7.93 -34.45
N CYS V 96 -2.26 -6.97 -33.81
CA CYS V 96 -2.10 -6.95 -32.36
C CYS V 96 -3.21 -6.19 -31.65
N ALA V 97 -4.17 -5.64 -32.39
CA ALA V 97 -5.17 -4.76 -31.81
C ALA V 97 -6.36 -5.57 -31.29
N VAL V 98 -7.39 -4.87 -30.82
CA VAL V 98 -8.58 -5.49 -30.28
C VAL V 98 -9.55 -5.78 -31.41
N ASP V 99 -10.06 -7.01 -31.47
CA ASP V 99 -10.98 -7.39 -32.52
C ASP V 99 -12.33 -6.71 -32.29
N PRO V 100 -12.92 -6.08 -33.32
CA PRO V 100 -14.22 -5.43 -33.13
C PRO V 100 -15.36 -6.39 -32.84
N SER V 101 -15.20 -7.68 -33.14
CA SER V 101 -16.28 -8.64 -32.92
C SER V 101 -16.21 -9.30 -31.57
N THR V 102 -15.01 -9.68 -31.12
CA THR V 102 -14.84 -10.36 -29.84
C THR V 102 -14.52 -9.41 -28.70
N HIS V 103 -14.20 -8.15 -29.00
CA HIS V 103 -13.84 -7.14 -28.00
C HIS V 103 -12.61 -7.53 -27.18
N VAL V 104 -11.82 -8.46 -27.69
CA VAL V 104 -10.56 -8.85 -27.05
C VAL V 104 -9.46 -8.85 -28.11
N PRO V 105 -8.20 -8.68 -27.73
CA PRO V 105 -7.13 -8.69 -28.73
C PRO V 105 -7.00 -10.05 -29.40
N HIS V 106 -6.48 -10.03 -30.63
CA HIS V 106 -6.35 -11.24 -31.43
C HIS V 106 -5.36 -12.22 -30.79
N PHE V 107 -5.50 -13.48 -31.17
CA PHE V 107 -4.56 -14.52 -30.77
C PHE V 107 -3.52 -14.70 -31.87
N LEU V 108 -2.25 -14.71 -31.50
CA LEU V 108 -1.16 -14.64 -32.45
C LEU V 108 -0.38 -15.95 -32.49
N LYS V 109 0.27 -16.19 -33.62
CA LYS V 109 1.16 -17.33 -33.81
C LYS V 109 2.43 -16.83 -34.49
N ILE V 110 3.58 -17.20 -33.93
CA ILE V 110 4.88 -16.80 -34.46
C ILE V 110 5.59 -18.03 -34.98
N LYS V 111 5.85 -18.06 -36.29
CA LYS V 111 6.57 -19.16 -36.92
C LYS V 111 7.77 -18.60 -37.66
N TRP V 112 8.89 -19.32 -37.58
CA TRP V 112 10.11 -18.90 -38.29
C TRP V 112 10.96 -20.15 -38.52
N GLY V 113 10.88 -20.70 -39.74
CA GLY V 113 11.78 -21.76 -40.14
C GLY V 113 11.73 -22.96 -39.23
N LYS V 114 12.92 -23.48 -38.92
CA LYS V 114 13.06 -24.65 -38.04
C LYS V 114 13.20 -24.27 -36.58
N MET V 115 13.05 -22.99 -36.24
CA MET V 115 13.16 -22.56 -34.87
C MET V 115 12.01 -23.12 -34.04
N ARG V 116 12.34 -23.73 -32.90
CA ARG V 116 11.35 -24.32 -32.02
C ARG V 116 11.26 -23.50 -30.75
N TRP V 117 10.05 -23.01 -30.47
CA TRP V 117 9.81 -22.15 -29.30
C TRP V 117 9.40 -23.02 -28.12
N GLU V 118 10.40 -23.72 -27.57
CA GLU V 118 10.19 -24.61 -26.44
C GLU V 118 9.21 -25.73 -26.80
N ASN V 119 9.64 -26.63 -27.68
CA ASN V 119 8.99 -27.90 -28.05
C ASN V 119 7.88 -27.71 -29.09
N LYS V 120 7.58 -26.49 -29.53
CA LYS V 120 6.59 -26.30 -30.57
C LYS V 120 7.18 -25.40 -31.66
N SER V 121 6.70 -25.63 -32.89
CA SER V 121 7.15 -24.86 -34.04
C SER V 121 6.61 -23.44 -34.05
N TYR V 122 5.73 -23.10 -33.11
CA TYR V 122 5.12 -21.79 -33.05
C TYR V 122 5.06 -21.31 -31.62
N PHE V 123 5.01 -19.99 -31.44
CA PHE V 123 4.72 -19.38 -30.15
C PHE V 123 3.30 -18.84 -30.20
N ALA V 124 2.44 -19.35 -29.33
CA ALA V 124 1.04 -18.95 -29.28
C ALA V 124 0.86 -17.98 -28.12
N GLY V 125 0.33 -16.80 -28.40
CA GLY V 125 0.15 -15.82 -27.36
C GLY V 125 -0.55 -14.59 -27.88
N ARG V 126 -0.50 -13.54 -27.05
CA ARG V 126 -1.17 -12.28 -27.36
C ARG V 126 -0.20 -11.14 -27.07
N ALA V 127 -0.25 -10.11 -27.90
CA ALA V 127 0.63 -8.96 -27.73
C ALA V 127 0.33 -8.27 -26.41
N SER V 128 1.39 -7.96 -25.66
CA SER V 128 1.26 -7.20 -24.43
C SER V 128 1.95 -5.85 -24.48
N GLY V 129 2.64 -5.52 -25.56
CA GLY V 129 3.30 -4.24 -25.70
C GLY V 129 3.84 -4.04 -27.10
N LEU V 130 3.84 -2.80 -27.58
CA LEU V 130 4.32 -2.50 -28.92
C LEU V 130 4.79 -1.04 -28.95
N THR V 131 6.08 -0.84 -29.11
CA THR V 131 6.67 0.49 -29.19
C THR V 131 7.27 0.68 -30.57
N ILE V 132 6.94 1.79 -31.21
CA ILE V 132 7.38 2.10 -32.57
C ILE V 132 8.17 3.40 -32.53
N ASN V 133 9.38 3.37 -33.10
CA ASN V 133 10.25 4.53 -33.14
C ASN V 133 10.53 4.88 -34.60
N TYR V 134 10.02 6.03 -35.04
CA TYR V 134 10.35 6.57 -36.35
C TYR V 134 11.63 7.38 -36.24
N THR V 135 12.56 7.15 -37.16
CA THR V 135 13.87 7.81 -37.09
C THR V 135 14.30 8.49 -38.39
N LEU V 136 13.65 8.21 -39.51
CA LEU V 136 14.01 8.84 -40.78
C LEU V 136 12.75 9.13 -41.56
N PHE V 137 12.69 10.32 -42.16
CA PHE V 137 11.54 10.77 -42.93
C PHE V 137 12.01 11.38 -44.23
N ASP V 138 11.10 11.38 -45.21
CA ASP V 138 11.36 12.05 -46.47
C ASP V 138 10.94 13.52 -46.38
N ARG V 139 11.06 14.24 -47.50
CA ARG V 139 10.73 15.66 -47.48
C ARG V 139 9.23 15.87 -47.33
N ASP V 140 8.41 14.90 -47.75
CA ASP V 140 6.97 14.94 -47.54
C ASP V 140 6.56 14.18 -46.29
N ALA V 141 7.49 13.96 -45.36
CA ALA V 141 7.26 13.31 -44.08
C ALA V 141 6.87 11.84 -44.22
N THR V 142 7.21 11.20 -45.33
CA THR V 142 7.02 9.76 -45.45
C THR V 142 8.05 9.05 -44.57
N PRO V 143 7.63 8.17 -43.66
CA PRO V 143 8.59 7.49 -42.79
C PRO V 143 9.45 6.51 -43.58
N LEU V 144 10.76 6.67 -43.49
CA LEU V 144 11.71 5.83 -44.22
C LEU V 144 12.29 4.71 -43.38
N ARG V 145 12.49 4.95 -42.08
CA ARG V 145 13.03 3.93 -41.18
C ARG V 145 12.22 3.93 -39.90
N ALA V 146 11.93 2.73 -39.40
CA ALA V 146 11.19 2.58 -38.15
C ALA V 146 11.49 1.21 -37.57
N SER V 147 11.53 1.15 -36.24
CA SER V 147 11.75 -0.10 -35.52
C SER V 147 10.63 -0.32 -34.54
N ALA V 148 10.11 -1.55 -34.49
CA ALA V 148 9.02 -1.92 -33.61
C ALA V 148 9.51 -2.93 -32.58
N THR V 149 9.32 -2.62 -31.31
CA THR V 149 9.67 -3.52 -30.21
C THR V 149 8.39 -4.22 -29.76
N LEU V 150 8.37 -5.55 -29.89
CA LEU V 150 7.17 -6.34 -29.67
C LEU V 150 7.40 -7.33 -28.53
N SER V 151 6.39 -7.49 -27.67
CA SER V 151 6.46 -8.40 -26.55
C SER V 151 5.12 -9.07 -26.36
N LEU V 152 5.12 -10.41 -26.30
CA LEU V 152 3.91 -11.20 -26.17
C LEU V 152 3.92 -11.98 -24.86
N VAL V 153 2.75 -12.49 -24.50
CA VAL V 153 2.59 -13.39 -23.36
C VAL V 153 1.86 -14.63 -23.84
N ALA V 154 2.30 -15.80 -23.37
CA ALA V 154 1.80 -17.06 -23.92
C ALA V 154 0.33 -17.26 -23.57
N ASP V 155 -0.46 -17.67 -24.58
CA ASP V 155 -1.86 -18.04 -24.41
C ASP V 155 -2.13 -19.21 -25.36
N GLU V 156 -2.00 -20.42 -24.86
CA GLU V 156 -2.09 -21.61 -25.67
C GLU V 156 -3.53 -22.08 -25.84
N SER V 157 -3.72 -23.06 -26.71
CA SER V 157 -5.03 -23.63 -26.97
C SER V 157 -5.40 -24.64 -25.88
N PHE V 158 -6.70 -24.72 -25.60
CA PHE V 158 -7.17 -25.63 -24.55
C PHE V 158 -7.14 -27.08 -25.02
N VAL V 159 -7.36 -27.31 -26.31
CA VAL V 159 -7.41 -28.68 -26.82
C VAL V 159 -6.03 -29.32 -26.79
N ILE V 160 -5.00 -28.56 -27.16
CA ILE V 160 -3.65 -29.11 -27.14
C ILE V 160 -3.19 -29.33 -25.71
N GLN V 161 -3.57 -28.43 -24.80
CA GLN V 161 -3.20 -28.59 -23.40
C GLN V 161 -3.82 -29.84 -22.80
N ALA V 162 -5.10 -30.10 -23.12
CA ALA V 162 -5.77 -31.27 -22.58
C ALA V 162 -5.16 -32.57 -23.13
N THR V 163 -4.86 -32.60 -24.43
CA THR V 163 -4.30 -33.81 -25.02
C THR V 163 -2.91 -34.12 -24.45
N GLU V 164 -2.07 -33.09 -24.33
CA GLU V 164 -0.74 -33.31 -23.78
C GLU V 164 -0.82 -33.72 -22.31
N GLN V 165 -1.83 -33.24 -21.60
CA GLN V 165 -1.98 -33.58 -20.19
C GLN V 165 -2.26 -35.07 -20.01
N GLN V 166 -3.21 -35.60 -20.77
CA GLN V 166 -3.58 -37.01 -20.65
C GLN V 166 -2.58 -37.94 -21.33
N LEU V 167 -1.72 -37.41 -22.21
CA LEU V 167 -0.68 -38.24 -22.80
C LEU V 167 0.39 -38.57 -21.78
N LYS V 168 0.78 -37.58 -20.96
CA LYS V 168 1.84 -37.78 -19.98
C LYS V 168 1.33 -38.38 -18.68
N SER V 169 0.04 -38.26 -18.41
CA SER V 169 -0.60 -38.85 -17.23
C SER V 169 -1.82 -39.64 -17.71
N PRO V 170 -1.60 -40.80 -18.32
CA PRO V 170 -2.71 -41.52 -18.94
C PRO V 170 -3.70 -42.00 -17.89
N PRO V 171 -5.00 -42.06 -18.23
CA PRO V 171 -5.95 -42.65 -17.28
C PRO V 171 -5.69 -44.10 -16.99
N VAL V 172 -5.26 -44.86 -17.99
CA VAL V 172 -4.92 -46.28 -17.84
C VAL V 172 -3.53 -46.50 -18.39
N THR V 173 -2.70 -47.20 -17.63
CA THR V 173 -1.33 -47.52 -18.05
C THR V 173 -1.17 -49.03 -18.14
N THR V 174 -0.21 -49.44 -18.97
CA THR V 174 0.06 -50.85 -19.21
C THR V 174 1.54 -51.13 -18.95
N VAL V 175 1.82 -52.30 -18.38
CA VAL V 175 3.18 -52.68 -18.03
C VAL V 175 3.40 -54.12 -18.47
N SER V 176 4.67 -54.47 -18.63
CA SER V 176 5.08 -55.82 -19.00
C SER V 176 5.87 -56.45 -17.86
N VAL V 177 5.62 -57.72 -17.60
CA VAL V 177 6.23 -58.42 -16.49
C VAL V 177 7.53 -59.05 -16.96
N THR V 178 8.63 -58.74 -16.26
CA THR V 178 9.93 -59.32 -16.53
C THR V 178 10.30 -60.26 -15.39
N ASP V 179 11.51 -60.81 -15.47
CA ASP V 179 11.94 -61.81 -14.49
C ASP V 179 12.20 -61.19 -13.13
N MET V 180 11.96 -61.99 -12.09
CA MET V 180 12.25 -61.61 -10.71
C MET V 180 11.53 -60.32 -10.29
N LEU V 181 10.30 -60.15 -10.75
CA LEU V 181 9.48 -59.01 -10.37
C LEU V 181 8.43 -59.44 -9.35
N THR V 182 8.18 -58.57 -8.38
CA THR V 182 7.15 -58.78 -7.38
C THR V 182 6.00 -57.81 -7.61
N LEU V 183 4.84 -58.14 -7.06
CA LEU V 183 3.68 -57.28 -7.22
C LEU V 183 3.89 -55.87 -6.69
N PRO V 184 4.49 -55.65 -5.51
CA PRO V 184 4.77 -54.26 -5.11
C PRO V 184 5.71 -53.54 -6.07
N LEU V 185 6.68 -54.24 -6.64
CA LEU V 185 7.56 -53.62 -7.63
C LEU V 185 6.81 -53.25 -8.90
N ILE V 186 5.89 -54.12 -9.34
CA ILE V 186 5.11 -53.84 -10.54
C ILE V 186 4.23 -52.62 -10.32
N ALA V 187 3.64 -52.49 -9.13
CA ALA V 187 2.78 -51.35 -8.84
C ALA V 187 3.57 -50.05 -8.87
N LEU V 188 4.81 -50.06 -8.37
CA LEU V 188 5.63 -48.86 -8.39
C LEU V 188 5.91 -48.42 -9.83
N GLY V 189 6.30 -49.37 -10.69
CA GLY V 189 6.55 -49.03 -12.08
C GLY V 189 5.30 -48.61 -12.82
N ALA V 190 4.20 -49.35 -12.62
CA ALA V 190 2.95 -49.02 -13.29
C ALA V 190 2.36 -47.72 -12.75
N GLY V 191 2.45 -47.50 -11.45
CA GLY V 191 1.86 -46.34 -10.82
C GLY V 191 2.67 -45.06 -10.91
N ALA V 192 3.83 -45.09 -11.56
CA ALA V 192 4.65 -43.89 -11.68
C ALA V 192 3.94 -42.82 -12.49
N SER V 193 3.34 -43.21 -13.62
CA SER V 193 2.67 -42.23 -14.48
C SER V 193 1.33 -41.80 -13.93
N LEU V 194 0.65 -42.66 -13.19
CA LEU V 194 -0.68 -42.35 -12.68
C LEU V 194 -0.64 -41.20 -11.69
N ALA V 195 -1.72 -40.41 -11.68
CA ALA V 195 -1.78 -39.23 -10.82
C ALA V 195 -1.71 -39.60 -9.34
N SER V 196 -2.43 -40.64 -8.94
CA SER V 196 -2.50 -41.04 -7.53
C SER V 196 -1.78 -42.35 -7.25
N GLY V 197 -1.06 -42.89 -8.23
CA GLY V 197 -0.37 -44.14 -8.00
C GLY V 197 -1.37 -45.30 -7.90
N ILE V 198 -0.86 -46.43 -7.41
CA ILE V 198 -1.68 -47.61 -7.23
C ILE V 198 -1.03 -48.48 -6.17
N ASP V 199 -1.85 -49.22 -5.43
CA ASP V 199 -1.37 -50.15 -4.42
C ASP V 199 -1.41 -51.58 -4.96
N TYR V 200 -0.64 -52.46 -4.30
CA TYR V 200 -0.49 -53.81 -4.81
C TYR V 200 -1.80 -54.59 -4.74
N LEU V 201 -2.65 -54.26 -3.78
CA LEU V 201 -3.95 -54.94 -3.67
C LEU V 201 -4.90 -54.47 -4.76
N SER V 202 -4.95 -53.16 -5.00
CA SER V 202 -5.81 -52.62 -6.04
C SER V 202 -5.36 -53.11 -7.42
N LEU V 203 -4.05 -53.16 -7.64
CA LEU V 203 -3.53 -53.64 -8.92
C LEU V 203 -3.90 -55.10 -9.16
N ALA V 204 -3.83 -55.92 -8.10
CA ALA V 204 -4.20 -57.33 -8.24
C ALA V 204 -5.70 -57.47 -8.56
N TRP V 205 -6.54 -56.67 -7.90
CA TRP V 205 -7.97 -56.76 -8.14
C TRP V 205 -8.33 -56.35 -9.56
N GLN V 206 -7.69 -55.30 -10.08
CA GLN V 206 -8.02 -54.84 -11.42
C GLN V 206 -7.62 -55.85 -12.48
N ASN V 207 -6.59 -56.64 -12.22
CA ASN V 207 -6.10 -57.63 -13.18
C ASN V 207 -6.67 -59.02 -12.93
N ASP V 208 -7.57 -59.17 -11.95
CA ASP V 208 -8.23 -60.44 -11.66
C ASP V 208 -7.21 -61.53 -11.32
N LEU V 209 -6.18 -61.17 -10.56
CA LEU V 209 -5.17 -62.13 -10.18
C LEU V 209 -5.73 -63.10 -9.14
N ASP V 210 -5.39 -64.38 -9.29
CA ASP V 210 -5.85 -65.38 -8.33
C ASP V 210 -5.09 -65.29 -7.02
N ASN V 211 -3.85 -64.81 -7.05
CA ASN V 211 -3.06 -64.58 -5.85
C ASN V 211 -2.05 -63.49 -6.17
N LEU V 212 -1.30 -63.08 -5.14
CA LEU V 212 -0.36 -61.99 -5.30
C LEU V 212 0.85 -62.35 -6.17
N ASP V 213 1.02 -63.63 -6.51
CA ASP V 213 2.11 -64.06 -7.37
C ASP V 213 1.60 -64.69 -8.66
N ASP V 214 0.33 -64.46 -9.01
CA ASP V 214 -0.30 -65.13 -10.15
C ASP V 214 -0.03 -64.34 -11.42
N PHE V 215 1.25 -64.34 -11.81
CA PHE V 215 1.66 -63.76 -13.09
C PHE V 215 2.98 -64.39 -13.51
N THR V 216 3.21 -64.43 -14.81
CA THR V 216 4.40 -65.02 -15.39
C THR V 216 5.13 -64.00 -16.25
N PRO V 217 6.44 -64.15 -16.42
CA PRO V 217 7.18 -63.22 -17.30
C PRO V 217 6.63 -63.26 -18.71
N GLY V 218 6.60 -62.09 -19.35
CA GLY V 218 6.01 -61.93 -20.66
C GLY V 218 4.55 -61.53 -20.64
N GLN V 219 3.87 -61.69 -19.50
CA GLN V 219 2.50 -61.26 -19.37
C GLN V 219 2.42 -59.74 -19.24
N THR V 220 1.27 -59.19 -19.60
CA THR V 220 1.02 -57.76 -19.51
C THR V 220 -0.07 -57.48 -18.50
N LEU V 221 0.13 -56.42 -17.71
CA LEU V 221 -0.81 -56.01 -16.68
C LEU V 221 -1.23 -54.57 -16.93
N GLN V 222 -2.38 -54.20 -16.36
CA GLN V 222 -2.95 -52.87 -16.55
C GLN V 222 -3.23 -52.24 -15.20
N ALA V 223 -3.19 -50.90 -15.18
CA ALA V 223 -3.45 -50.14 -13.96
C ALA V 223 -4.28 -48.90 -14.31
N GLN V 224 -5.37 -48.71 -13.60
CA GLN V 224 -6.24 -47.56 -13.78
C GLN V 224 -5.97 -46.53 -12.67
N GLU V 225 -6.76 -45.48 -12.66
CA GLU V 225 -6.57 -44.37 -11.72
C GLU V 225 -6.69 -44.82 -10.27
N SER W 2 44.32 -33.80 -9.33
CA SER W 2 43.49 -34.97 -8.99
C SER W 2 44.37 -36.09 -8.44
N LEU W 3 43.85 -37.31 -8.48
CA LEU W 3 44.53 -38.47 -7.93
C LEU W 3 44.82 -39.57 -8.93
N ILE W 4 43.96 -39.77 -9.94
CA ILE W 4 44.10 -40.87 -10.88
C ILE W 4 44.15 -40.38 -12.32
N GLU W 5 43.16 -39.58 -12.74
CA GLU W 5 43.07 -39.10 -14.10
C GLU W 5 42.73 -37.62 -14.09
N ARG W 6 42.52 -37.06 -15.29
CA ARG W 6 42.21 -35.64 -15.45
C ARG W 6 41.04 -35.45 -16.41
N GLY W 7 39.98 -36.22 -16.21
CA GLY W 7 38.76 -35.98 -16.95
C GLY W 7 38.04 -34.75 -16.44
N LEU W 8 37.29 -34.11 -17.34
CA LEU W 8 36.56 -32.89 -17.01
C LEU W 8 35.17 -33.25 -16.53
N SER W 9 34.91 -33.04 -15.24
CA SER W 9 33.59 -33.32 -14.69
C SER W 9 32.57 -32.34 -15.26
N LYS W 10 31.36 -32.85 -15.50
CA LYS W 10 30.30 -32.07 -16.13
C LYS W 10 29.15 -31.88 -15.14
N LEU W 11 28.50 -30.72 -15.24
CA LEU W 11 27.36 -30.42 -14.39
C LEU W 11 26.12 -31.13 -14.88
N THR W 12 25.35 -31.68 -13.95
CA THR W 12 24.17 -32.48 -14.28
C THR W 12 22.94 -31.92 -13.58
N LEU W 13 21.81 -31.99 -14.26
CA LEU W 13 20.52 -31.59 -13.72
C LEU W 13 19.56 -32.76 -13.77
N THR W 14 18.98 -33.11 -12.63
CA THR W 14 18.06 -34.24 -12.53
C THR W 14 16.75 -33.76 -11.93
N ALA W 15 15.64 -34.33 -12.42
CA ALA W 15 14.31 -33.92 -11.99
C ALA W 15 13.55 -35.10 -11.41
N PHE W 16 12.74 -34.81 -10.39
CA PHE W 16 11.90 -35.82 -9.75
C PHE W 16 10.51 -35.22 -9.54
N LYS W 17 9.51 -36.10 -9.45
CA LYS W 17 8.15 -35.65 -9.19
C LYS W 17 7.96 -35.28 -7.72
N ASP W 18 8.59 -36.02 -6.81
CA ASP W 18 8.34 -35.88 -5.38
C ASP W 18 9.54 -35.26 -4.68
N ARG W 19 9.30 -34.82 -3.44
CA ARG W 19 10.34 -34.15 -2.67
C ARG W 19 11.46 -35.10 -2.28
N GLU W 20 11.13 -36.35 -2.01
CA GLU W 20 12.11 -37.33 -1.56
C GLU W 20 12.91 -37.94 -2.72
N GLY W 21 12.61 -37.57 -3.95
CA GLY W 21 13.36 -38.06 -5.10
C GLY W 21 13.27 -39.55 -5.34
N LYS W 22 12.07 -40.12 -5.25
CA LYS W 22 11.88 -41.54 -5.46
C LYS W 22 11.27 -41.88 -6.81
N ILE W 23 10.89 -40.88 -7.60
CA ILE W 23 10.33 -41.08 -8.94
C ILE W 23 11.10 -40.15 -9.87
N SER W 24 12.10 -40.68 -10.55
CA SER W 24 12.90 -39.88 -11.47
C SER W 24 12.08 -39.53 -12.72
N VAL W 25 12.33 -38.33 -13.24
CA VAL W 25 11.67 -37.83 -14.43
C VAL W 25 12.61 -37.83 -15.63
N GLY W 26 13.83 -37.31 -15.44
CA GLY W 26 14.79 -37.24 -16.52
C GLY W 26 16.06 -36.59 -16.03
N SER W 27 16.98 -36.37 -16.97
CA SER W 27 18.26 -35.77 -16.63
C SER W 27 18.81 -35.03 -17.84
N LEU W 28 19.70 -34.08 -17.57
CA LEU W 28 20.36 -33.31 -18.61
C LEU W 28 21.76 -32.97 -18.16
N GLN W 29 22.74 -33.26 -19.00
CA GLN W 29 24.14 -32.94 -18.73
C GLN W 29 24.54 -31.71 -19.53
N ALA W 30 25.08 -30.70 -18.85
CA ALA W 30 25.47 -29.47 -19.51
C ALA W 30 26.63 -29.71 -20.46
N MET W 31 26.55 -29.17 -21.67
CA MET W 31 27.64 -29.28 -22.63
C MET W 31 28.77 -28.32 -22.33
N TYR W 32 28.53 -27.28 -21.55
CA TYR W 32 29.56 -26.34 -21.12
C TYR W 32 29.32 -26.00 -19.66
N ASN W 33 30.34 -26.20 -18.83
CA ASN W 33 30.20 -25.87 -17.43
C ASN W 33 30.13 -24.35 -17.24
N PRO W 34 29.33 -23.87 -16.29
CA PRO W 34 29.33 -22.44 -15.99
C PRO W 34 30.63 -22.01 -15.33
N ASP W 35 31.04 -20.77 -15.60
CA ASP W 35 32.26 -20.24 -15.05
C ASP W 35 32.06 -19.50 -13.73
N ALA W 36 30.83 -19.42 -13.24
CA ALA W 36 30.56 -18.74 -11.98
C ALA W 36 29.25 -19.26 -11.41
N ILE W 37 29.24 -19.50 -10.11
CA ILE W 37 28.07 -19.99 -9.40
C ILE W 37 27.87 -19.15 -8.15
N GLN W 38 26.65 -18.66 -7.94
CA GLN W 38 26.33 -17.77 -6.84
C GLN W 38 25.33 -18.43 -5.90
N LEU W 39 25.59 -18.35 -4.60
CA LEU W 39 24.69 -18.84 -3.57
C LEU W 39 24.31 -17.66 -2.67
N ASP W 40 23.03 -17.56 -2.33
CA ASP W 40 22.51 -16.43 -1.58
C ASP W 40 21.74 -16.92 -0.36
N TYR W 41 22.04 -16.34 0.81
CA TYR W 41 21.32 -16.63 2.04
C TYR W 41 20.85 -15.31 2.64
N GLN W 42 19.58 -15.26 3.02
CA GLN W 42 19.01 -14.08 3.67
C GLN W 42 18.20 -14.54 4.88
N THR W 43 18.15 -13.67 5.90
CA THR W 43 17.37 -13.94 7.09
C THR W 43 16.90 -12.61 7.68
N HIS W 44 15.67 -12.59 8.17
CA HIS W 44 15.00 -11.37 8.58
C HIS W 44 14.78 -11.37 10.08
N TYR W 45 14.91 -10.18 10.68
CA TYR W 45 14.68 -9.99 12.10
C TYR W 45 13.70 -8.86 12.32
N GLN W 46 13.00 -8.89 13.45
CA GLN W 46 12.08 -7.84 13.84
C GLN W 46 12.54 -7.24 15.16
N GLN W 47 12.65 -5.91 15.20
CA GLN W 47 13.09 -5.25 16.41
C GLN W 47 12.04 -5.36 17.51
N ASP W 48 12.50 -5.53 18.74
CA ASP W 48 11.61 -5.65 19.89
C ASP W 48 11.28 -4.27 20.43
N GLU W 49 9.99 -3.99 20.56
CA GLU W 49 9.51 -2.73 21.12
C GLU W 49 8.84 -2.98 22.46
N SER W 50 9.30 -2.27 23.48
CA SER W 50 8.77 -2.46 24.84
C SER W 50 8.50 -1.09 25.45
N VAL W 51 7.47 -1.02 26.30
CA VAL W 51 7.12 0.22 26.95
C VAL W 51 7.83 0.42 28.28
N ASN W 52 8.35 -0.65 28.88
CA ASN W 52 9.02 -0.56 30.18
C ASN W 52 10.47 -1.02 30.16
N HIS W 53 10.95 -1.59 29.07
CA HIS W 53 12.33 -2.05 28.95
C HIS W 53 13.09 -1.16 27.98
N THR W 54 14.32 -0.83 28.35
CA THR W 54 15.20 -0.04 27.51
C THR W 54 16.21 -0.89 26.74
N ARG W 55 16.07 -2.22 26.80
CA ARG W 55 16.97 -3.10 26.07
C ARG W 55 16.80 -2.90 24.57
N LYS W 56 17.88 -3.13 23.84
CA LYS W 56 17.85 -3.15 22.38
C LYS W 56 18.05 -4.59 21.93
N SER W 57 17.05 -5.14 21.24
CA SER W 57 17.12 -6.53 20.80
C SER W 57 16.15 -6.72 19.64
N SER W 58 16.45 -7.73 18.83
CA SER W 58 15.60 -8.11 17.71
C SER W 58 15.43 -9.63 17.72
N HIS W 59 14.24 -10.09 17.37
CA HIS W 59 13.93 -11.51 17.37
C HIS W 59 13.77 -12.02 15.95
N TYR W 60 14.07 -13.30 15.77
CA TYR W 60 14.19 -13.90 14.45
C TYR W 60 12.82 -14.09 13.80
N VAL W 61 12.76 -13.82 12.49
CA VAL W 61 11.57 -14.02 11.68
C VAL W 61 11.95 -14.92 10.51
N SER W 62 10.94 -15.56 9.92
CA SER W 62 11.17 -16.57 8.89
C SER W 62 12.10 -16.06 7.80
N SER W 63 13.16 -16.82 7.54
CA SER W 63 14.18 -16.51 6.55
C SER W 63 13.78 -17.06 5.18
N PRO W 64 13.98 -16.31 4.11
CA PRO W 64 13.64 -16.82 2.79
C PRO W 64 14.54 -17.98 2.42
N PRO W 65 14.08 -18.87 1.55
CA PRO W 65 14.91 -20.02 1.16
C PRO W 65 16.12 -19.59 0.37
N ALA W 66 17.17 -20.42 0.43
CA ALA W 66 18.41 -20.12 -0.27
C ALA W 66 18.20 -20.12 -1.77
N GLY W 67 18.95 -19.26 -2.45
CA GLY W 67 18.85 -19.12 -3.90
C GLY W 67 20.15 -19.51 -4.57
N LEU W 68 20.03 -20.02 -5.80
CA LEU W 68 21.17 -20.42 -6.61
C LEU W 68 20.97 -19.91 -8.02
N SER W 69 22.04 -19.44 -8.65
CA SER W 69 21.95 -18.87 -9.99
C SER W 69 23.06 -19.41 -10.87
N LEU W 70 22.72 -19.74 -12.12
CA LEU W 70 23.65 -20.28 -13.09
C LEU W 70 23.39 -19.64 -14.45
N VAL W 71 24.41 -19.71 -15.31
CA VAL W 71 24.27 -19.36 -16.71
C VAL W 71 24.90 -20.47 -17.54
N LEU W 72 24.12 -21.09 -18.41
CA LEU W 72 24.57 -22.15 -19.29
C LEU W 72 24.58 -21.66 -20.73
N LEU W 73 25.57 -22.11 -21.49
CA LEU W 73 25.71 -21.74 -22.90
C LEU W 73 25.57 -22.99 -23.76
N PHE W 74 24.74 -22.90 -24.79
CA PHE W 74 24.52 -23.98 -25.74
C PHE W 74 24.93 -23.52 -27.13
N ASP W 75 25.76 -24.30 -27.80
CA ASP W 75 26.24 -23.98 -29.14
C ASP W 75 26.13 -25.22 -30.03
N ALA W 76 25.82 -25.00 -31.30
CA ALA W 76 25.72 -26.07 -32.27
C ALA W 76 26.33 -25.68 -33.61
N SER W 77 27.30 -24.78 -33.60
CA SER W 77 27.94 -24.28 -34.82
C SER W 77 29.38 -24.71 -34.97
N MET W 78 30.14 -24.77 -33.88
CA MET W 78 31.54 -25.13 -33.95
C MET W 78 31.70 -26.64 -34.15
N PRO W 79 32.84 -27.08 -34.68
CA PRO W 79 33.04 -28.51 -34.90
C PRO W 79 32.97 -29.30 -33.60
N GLY W 80 32.39 -30.50 -33.69
CA GLY W 80 32.25 -31.37 -32.54
C GLY W 80 30.99 -31.18 -31.74
N ASN W 81 30.21 -30.14 -32.04
CA ASN W 81 28.96 -29.85 -31.33
C ASN W 81 27.81 -30.29 -32.23
N ASN W 82 27.40 -31.55 -32.09
CA ASN W 82 26.42 -32.13 -32.98
C ASN W 82 25.02 -32.22 -32.39
N ILE W 83 24.89 -32.07 -31.07
CA ILE W 83 23.56 -32.08 -30.43
C ILE W 83 22.86 -30.77 -30.73
N PRO W 84 21.67 -30.79 -31.31
CA PRO W 84 20.97 -29.54 -31.63
C PRO W 84 20.67 -28.74 -30.37
N VAL W 85 20.70 -27.41 -30.52
CA VAL W 85 20.42 -26.52 -29.41
C VAL W 85 18.98 -26.68 -28.95
N GLU W 86 18.05 -26.80 -29.90
CA GLU W 86 16.63 -26.89 -29.54
C GLU W 86 16.34 -28.13 -28.71
N THR W 87 17.02 -29.24 -28.99
CA THR W 87 16.82 -30.45 -28.21
C THR W 87 17.26 -30.24 -26.76
N GLN W 88 18.42 -29.63 -26.56
CA GLN W 88 18.90 -29.40 -25.20
C GLN W 88 18.01 -28.39 -24.46
N LEU W 89 17.56 -27.35 -25.15
CA LEU W 89 16.71 -26.36 -24.51
C LEU W 89 15.33 -26.93 -24.19
N THR W 90 14.84 -27.82 -25.03
CA THR W 90 13.56 -28.49 -24.74
C THR W 90 13.68 -29.35 -23.50
N THR W 91 14.75 -30.12 -23.37
CA THR W 91 14.95 -30.96 -22.20
C THR W 91 15.10 -30.12 -20.94
N LEU W 92 15.87 -29.03 -21.02
CA LEU W 92 16.11 -28.20 -19.84
C LEU W 92 14.80 -27.60 -19.32
N LYS W 93 13.97 -27.08 -20.22
CA LYS W 93 12.70 -26.49 -19.80
C LYS W 93 11.76 -27.55 -19.25
N ALA W 94 11.71 -28.72 -19.89
CA ALA W 94 10.80 -29.78 -19.45
C ALA W 94 11.11 -30.22 -18.03
N LEU W 95 12.39 -30.20 -17.65
CA LEU W 95 12.76 -30.58 -16.29
C LEU W 95 12.32 -29.52 -15.27
N CYS W 96 12.25 -28.25 -15.71
CA CYS W 96 11.91 -27.15 -14.82
C CYS W 96 10.42 -26.79 -14.86
N ALA W 97 9.61 -27.57 -15.57
CA ALA W 97 8.23 -27.22 -15.81
C ALA W 97 7.30 -27.91 -14.80
N VAL W 98 6.02 -27.60 -14.90
CA VAL W 98 5.01 -28.16 -14.00
C VAL W 98 4.72 -29.59 -14.42
N ASP W 99 4.73 -30.50 -13.46
CA ASP W 99 4.47 -31.90 -13.75
C ASP W 99 2.99 -32.10 -14.07
N PRO W 100 2.66 -32.84 -15.13
CA PRO W 100 1.24 -33.06 -15.45
C PRO W 100 0.49 -33.89 -14.43
N SER W 101 1.18 -34.63 -13.57
CA SER W 101 0.53 -35.48 -12.58
C SER W 101 0.36 -34.79 -11.23
N THR W 102 1.44 -34.22 -10.69
CA THR W 102 1.39 -33.56 -9.39
C THR W 102 0.91 -32.12 -9.47
N HIS W 103 0.82 -31.54 -10.67
CA HIS W 103 0.40 -30.16 -10.89
C HIS W 103 1.33 -29.16 -10.22
N VAL W 104 2.53 -29.58 -9.85
CA VAL W 104 3.54 -28.69 -9.29
C VAL W 104 4.84 -28.92 -10.03
N PRO W 105 5.73 -27.92 -10.06
CA PRO W 105 7.00 -28.09 -10.75
C PRO W 105 7.86 -29.19 -10.11
N HIS W 106 8.71 -29.79 -10.93
CA HIS W 106 9.54 -30.91 -10.49
C HIS W 106 10.53 -30.45 -9.43
N PHE W 107 11.04 -31.42 -8.67
CA PHE W 107 12.11 -31.19 -7.72
C PHE W 107 13.44 -31.55 -8.37
N LEU W 108 14.41 -30.65 -8.26
CA LEU W 108 15.65 -30.74 -9.02
C LEU W 108 16.84 -31.03 -8.12
N LYS W 109 17.86 -31.63 -8.71
CA LYS W 109 19.14 -31.86 -8.05
C LYS W 109 20.25 -31.40 -8.98
N ILE W 110 21.20 -30.65 -8.43
CA ILE W 110 22.35 -30.15 -9.18
C ILE W 110 23.60 -30.81 -8.63
N LYS W 111 24.31 -31.54 -9.48
CA LYS W 111 25.55 -32.22 -9.09
C LYS W 111 26.65 -31.83 -10.05
N TRP W 112 27.85 -31.62 -9.51
CA TRP W 112 29.01 -31.27 -10.33
C TRP W 112 30.27 -31.69 -9.59
N GLY W 113 30.81 -32.85 -9.95
CA GLY W 113 32.13 -33.25 -9.47
C GLY W 113 32.26 -33.22 -7.97
N LYS W 114 33.36 -32.64 -7.50
CA LYS W 114 33.66 -32.51 -6.08
C LYS W 114 33.06 -31.26 -5.46
N MET W 115 32.32 -30.47 -6.23
CA MET W 115 31.77 -29.23 -5.72
C MET W 115 30.70 -29.52 -4.66
N ARG W 116 30.81 -28.85 -3.52
CA ARG W 116 29.88 -29.03 -2.41
C ARG W 116 29.06 -27.76 -2.24
N TRP W 117 27.74 -27.91 -2.25
CA TRP W 117 26.81 -26.79 -2.15
C TRP W 117 26.34 -26.66 -0.70
N GLU W 118 27.21 -26.07 0.11
CA GLU W 118 26.95 -25.90 1.54
C GLU W 118 26.74 -27.26 2.22
N ASN W 119 27.81 -28.05 2.30
CA ASN W 119 27.93 -29.28 3.07
C ASN W 119 27.29 -30.48 2.37
N LYS W 120 26.67 -30.32 1.21
CA LYS W 120 26.10 -31.44 0.48
C LYS W 120 26.62 -31.45 -0.96
N SER W 121 26.74 -32.65 -1.51
CA SER W 121 27.22 -32.81 -2.88
C SER W 121 26.20 -32.35 -3.92
N TYR W 122 24.98 -32.04 -3.50
CA TYR W 122 23.93 -31.66 -4.41
C TYR W 122 23.20 -30.44 -3.87
N PHE W 123 22.59 -29.68 -4.77
CA PHE W 123 21.69 -28.60 -4.40
C PHE W 123 20.27 -29.04 -4.71
N ALA W 124 19.45 -29.17 -3.67
CA ALA W 124 18.06 -29.61 -3.82
C ALA W 124 17.16 -28.38 -3.85
N GLY W 125 16.36 -28.26 -4.90
CA GLY W 125 15.48 -27.13 -5.01
C GLY W 125 14.60 -27.23 -6.23
N ARG W 126 13.94 -26.12 -6.54
CA ARG W 126 13.02 -26.02 -7.65
C ARG W 126 13.31 -24.76 -8.43
N ALA W 127 13.08 -24.82 -9.74
CA ALA W 127 13.33 -23.66 -10.60
C ALA W 127 12.40 -22.52 -10.24
N SER W 128 12.95 -21.31 -10.15
CA SER W 128 12.17 -20.11 -9.91
C SER W 128 12.29 -19.09 -11.03
N GLY W 129 13.04 -19.37 -12.07
CA GLY W 129 13.21 -18.47 -13.19
C GLY W 129 14.10 -19.05 -14.26
N LEU W 130 13.76 -18.84 -15.53
CA LEU W 130 14.53 -19.38 -16.64
C LEU W 130 14.40 -18.44 -17.82
N THR W 131 15.50 -17.77 -18.17
CA THR W 131 15.54 -16.84 -19.28
C THR W 131 16.45 -17.39 -20.37
N ILE W 132 15.96 -17.40 -21.60
CA ILE W 132 16.68 -17.95 -22.74
C ILE W 132 16.88 -16.84 -23.76
N ASN W 133 18.12 -16.65 -24.20
CA ASN W 133 18.45 -15.67 -25.23
C ASN W 133 19.02 -16.38 -26.44
N TYR W 134 18.36 -16.22 -27.58
CA TYR W 134 18.86 -16.74 -28.84
C TYR W 134 19.62 -15.64 -29.56
N THR W 135 20.86 -15.94 -29.99
CA THR W 135 21.72 -14.93 -30.55
C THR W 135 22.28 -15.26 -31.92
N LEU W 136 22.10 -16.48 -32.42
CA LEU W 136 22.62 -16.85 -33.74
C LEU W 136 21.70 -17.88 -34.35
N PHE W 137 21.41 -17.72 -35.64
CA PHE W 137 20.51 -18.59 -36.36
C PHE W 137 21.11 -18.96 -37.70
N ASP W 138 20.72 -20.13 -38.21
CA ASP W 138 21.11 -20.56 -39.54
C ASP W 138 20.15 -19.97 -40.57
N ARG W 139 20.38 -20.30 -41.85
CA ARG W 139 19.53 -19.74 -42.90
C ARG W 139 18.13 -20.30 -42.86
N ASP W 140 17.95 -21.51 -42.32
CA ASP W 140 16.63 -22.08 -42.09
C ASP W 140 16.12 -21.82 -40.69
N ALA W 141 16.63 -20.79 -40.02
CA ALA W 141 16.22 -20.35 -38.70
C ALA W 141 16.53 -21.36 -37.60
N THR W 142 17.43 -22.29 -37.85
CA THR W 142 17.87 -23.21 -36.80
C THR W 142 18.72 -22.46 -35.80
N PRO W 143 18.39 -22.50 -34.50
CA PRO W 143 19.21 -21.77 -33.52
C PRO W 143 20.58 -22.43 -33.36
N LEU W 144 21.62 -21.62 -33.49
CA LEU W 144 22.99 -22.11 -33.37
C LEU W 144 23.63 -21.79 -32.03
N ARG W 145 23.26 -20.68 -31.41
CA ARG W 145 23.80 -20.31 -30.11
C ARG W 145 22.68 -19.76 -29.24
N ALA W 146 22.68 -20.18 -27.97
CA ALA W 146 21.69 -19.72 -27.02
C ALA W 146 22.25 -19.91 -25.61
N SER W 147 21.89 -18.98 -24.72
CA SER W 147 22.32 -19.03 -23.33
C SER W 147 21.10 -19.00 -22.44
N ALA W 148 21.07 -19.88 -21.44
CA ALA W 148 19.96 -19.98 -20.50
C ALA W 148 20.43 -19.53 -19.13
N THR W 149 19.72 -18.56 -18.55
CA THR W 149 19.98 -18.09 -17.19
C THR W 149 19.01 -18.79 -16.26
N LEU W 150 19.54 -19.54 -15.29
CA LEU W 150 18.76 -20.40 -14.43
C LEU W 150 18.92 -19.97 -12.98
N SER W 151 17.81 -19.96 -12.25
CA SER W 151 17.81 -19.61 -10.84
C SER W 151 16.84 -20.50 -10.09
N LEU W 152 17.31 -21.12 -9.01
CA LEU W 152 16.51 -22.03 -8.21
C LEU W 152 16.39 -21.52 -6.79
N VAL W 153 15.43 -22.10 -6.06
CA VAL W 153 15.25 -21.84 -4.64
C VAL W 153 15.29 -23.18 -3.91
N ALA W 154 15.96 -23.20 -2.77
CA ALA W 154 16.20 -24.45 -2.06
C ALA W 154 14.90 -25.08 -1.57
N ASP W 155 14.78 -26.39 -1.75
CA ASP W 155 13.63 -27.14 -1.26
C ASP W 155 14.13 -28.55 -0.93
N GLU W 156 14.49 -28.77 0.34
CA GLU W 156 15.16 -30.00 0.74
C GLU W 156 14.15 -31.07 1.15
N SER W 157 14.65 -32.29 1.27
CA SER W 157 13.82 -33.42 1.68
C SER W 157 13.52 -33.37 3.17
N PHE W 158 12.33 -33.85 3.54
CA PHE W 158 11.92 -33.82 4.93
C PHE W 158 12.63 -34.87 5.77
N VAL W 159 12.98 -36.00 5.16
CA VAL W 159 13.63 -37.08 5.90
C VAL W 159 15.05 -36.68 6.29
N ILE W 160 15.77 -36.04 5.37
CA ILE W 160 17.14 -35.61 5.67
C ILE W 160 17.14 -34.53 6.74
N GLN W 161 16.16 -33.62 6.67
CA GLN W 161 16.07 -32.56 7.66
C GLN W 161 15.81 -33.11 9.06
N ALA W 162 14.94 -34.12 9.15
CA ALA W 162 14.62 -34.70 10.45
C ALA W 162 15.83 -35.41 11.06
N THR W 163 16.56 -36.16 10.25
CA THR W 163 17.72 -36.90 10.77
C THR W 163 18.81 -35.94 11.26
N GLU W 164 19.09 -34.90 10.48
CA GLU W 164 20.10 -33.93 10.87
C GLU W 164 19.68 -33.17 12.13
N GLN W 165 18.39 -32.95 12.30
CA GLN W 165 17.91 -32.24 13.48
C GLN W 165 18.17 -33.05 14.75
N GLN W 166 17.79 -34.32 14.75
CA GLN W 166 17.99 -35.16 15.93
C GLN W 166 19.44 -35.59 16.10
N LEU W 167 20.27 -35.45 15.07
CA LEU W 167 21.69 -35.76 15.23
C LEU W 167 22.39 -34.70 16.05
N LYS W 168 22.11 -33.42 15.76
CA LYS W 168 22.76 -32.32 16.47
C LYS W 168 22.06 -31.97 17.77
N SER W 169 20.82 -32.41 17.96
CA SER W 169 20.06 -32.19 19.19
C SER W 169 19.47 -33.54 19.60
N PRO W 170 20.31 -34.44 20.11
CA PRO W 170 19.84 -35.80 20.38
C PRO W 170 18.80 -35.81 21.48
N PRO W 171 17.83 -36.73 21.42
CA PRO W 171 16.89 -36.87 22.55
C PRO W 171 17.58 -37.26 23.84
N VAL W 172 18.62 -38.08 23.77
CA VAL W 172 19.38 -38.52 24.93
C VAL W 172 20.86 -38.30 24.63
N THR W 173 21.59 -37.76 25.60
CA THR W 173 23.02 -37.51 25.46
C THR W 173 23.77 -38.24 26.57
N THR W 174 25.03 -38.57 26.27
CA THR W 174 25.88 -39.32 27.19
C THR W 174 27.17 -38.54 27.44
N VAL W 175 27.64 -38.59 28.69
CA VAL W 175 28.81 -37.84 29.11
C VAL W 175 29.72 -38.78 29.91
N SER W 176 31.01 -38.46 29.91
CA SER W 176 32.01 -39.21 30.67
C SER W 176 32.55 -38.33 31.78
N VAL W 177 32.69 -38.92 32.96
CA VAL W 177 33.09 -38.19 34.16
C VAL W 177 34.61 -38.20 34.27
N THR W 178 35.19 -37.00 34.41
CA THR W 178 36.62 -36.84 34.59
C THR W 178 36.92 -36.31 36.00
N ASP W 179 38.19 -36.05 36.26
CA ASP W 179 38.63 -35.66 37.60
C ASP W 179 38.11 -34.27 37.97
N MET W 180 37.82 -34.10 39.25
CA MET W 180 37.42 -32.81 39.82
C MET W 180 36.22 -32.21 39.10
N LEU W 181 35.24 -33.05 38.78
CA LEU W 181 33.98 -32.61 38.20
C LEU W 181 32.88 -32.64 39.25
N THR W 182 32.00 -31.64 39.21
CA THR W 182 30.85 -31.58 40.08
C THR W 182 29.58 -31.82 39.26
N LEU W 183 28.51 -32.16 39.97
CA LEU W 183 27.24 -32.40 39.30
C LEU W 183 26.73 -31.20 38.50
N PRO W 184 26.78 -29.96 39.01
CA PRO W 184 26.41 -28.82 38.15
C PRO W 184 27.28 -28.69 36.91
N LEU W 185 28.57 -29.02 37.02
CA LEU W 185 29.44 -28.97 35.85
C LEU W 185 29.06 -30.05 34.84
N ILE W 186 28.73 -31.25 35.31
CA ILE W 186 28.33 -32.33 34.41
C ILE W 186 27.03 -31.95 33.69
N ALA W 187 26.08 -31.38 34.41
CA ALA W 187 24.80 -31.02 33.80
C ALA W 187 24.98 -29.96 32.73
N LEU W 188 25.93 -29.04 32.92
CA LEU W 188 26.18 -28.01 31.91
C LEU W 188 26.74 -28.63 30.63
N GLY W 189 27.72 -29.51 30.76
CA GLY W 189 28.27 -30.17 29.58
C GLY W 189 27.28 -31.09 28.91
N ALA W 190 26.57 -31.89 29.70
CA ALA W 190 25.58 -32.80 29.13
C ALA W 190 24.38 -32.03 28.57
N GLY W 191 23.95 -30.99 29.26
CA GLY W 191 22.80 -30.23 28.84
C GLY W 191 23.04 -29.22 27.73
N ALA W 192 24.28 -29.07 27.27
CA ALA W 192 24.56 -28.13 26.19
C ALA W 192 23.88 -28.56 24.89
N SER W 193 23.92 -29.85 24.57
CA SER W 193 23.34 -30.33 23.32
C SER W 193 21.83 -30.48 23.41
N LEU W 194 21.30 -30.68 24.60
CA LEU W 194 19.86 -30.86 24.76
C LEU W 194 19.11 -29.58 24.46
N ALA W 195 17.87 -29.73 23.99
CA ALA W 195 17.07 -28.57 23.60
C ALA W 195 16.75 -27.68 24.80
N SER W 196 16.38 -28.27 25.93
CA SER W 196 15.96 -27.53 27.10
C SER W 196 16.96 -27.58 28.24
N GLY W 197 18.15 -28.12 28.01
CA GLY W 197 19.11 -28.22 29.08
C GLY W 197 18.67 -29.26 30.12
N ILE W 198 19.33 -29.21 31.28
CA ILE W 198 19.02 -30.12 32.37
C ILE W 198 19.57 -29.52 33.65
N ASP W 199 18.88 -29.77 34.76
CA ASP W 199 19.31 -29.33 36.08
C ASP W 199 19.99 -30.47 36.82
N TYR W 200 20.76 -30.10 37.84
CA TYR W 200 21.57 -31.09 38.55
C TYR W 200 20.69 -32.09 39.29
N LEU W 201 19.53 -31.65 39.78
CA LEU W 201 18.62 -32.59 40.46
C LEU W 201 18.02 -33.58 39.48
N SER W 202 17.58 -33.10 38.31
CA SER W 202 17.00 -34.00 37.31
C SER W 202 18.06 -34.97 36.78
N LEU W 203 19.28 -34.49 36.57
CA LEU W 203 20.35 -35.37 36.11
C LEU W 203 20.67 -36.44 37.14
N ALA W 204 20.65 -36.08 38.42
CA ALA W 204 20.91 -37.06 39.47
C ALA W 204 19.80 -38.11 39.52
N TRP W 205 18.54 -37.68 39.40
CA TRP W 205 17.42 -38.61 39.46
C TRP W 205 17.44 -39.59 38.30
N GLN W 206 17.77 -39.12 37.10
CA GLN W 206 17.75 -39.99 35.93
C GLN W 206 18.81 -41.07 36.02
N ASN W 207 19.95 -40.76 36.63
CA ASN W 207 21.05 -41.72 36.75
C ASN W 207 20.98 -42.55 38.02
N ASP W 208 19.95 -42.37 38.84
CA ASP W 208 19.77 -43.15 40.07
C ASP W 208 20.95 -42.99 41.02
N LEU W 209 21.45 -41.76 41.13
CA LEU W 209 22.56 -41.49 42.04
C LEU W 209 22.08 -41.55 43.49
N ASP W 210 22.92 -42.11 44.35
CA ASP W 210 22.57 -42.18 45.77
C ASP W 210 22.72 -40.81 46.44
N ASN W 211 23.61 -39.97 45.94
CA ASN W 211 23.78 -38.62 46.45
C ASN W 211 24.33 -37.76 45.32
N LEU W 212 24.49 -36.47 45.59
CA LEU W 212 24.93 -35.54 44.55
C LEU W 212 26.39 -35.72 44.17
N ASP W 213 27.14 -36.52 44.92
CA ASP W 213 28.54 -36.81 44.59
C ASP W 213 28.76 -38.30 44.32
N ASP W 214 27.70 -39.04 44.01
CA ASP W 214 27.79 -40.49 43.87
C ASP W 214 28.20 -40.87 42.45
N PHE W 215 29.42 -40.48 42.10
CA PHE W 215 30.02 -40.87 40.84
C PHE W 215 31.53 -40.83 40.97
N THR W 216 32.20 -41.61 40.13
CA THR W 216 33.64 -41.73 40.13
C THR W 216 34.19 -41.42 38.76
N PRO W 217 35.44 -40.98 38.67
CA PRO W 217 36.05 -40.71 37.35
C PRO W 217 36.05 -41.95 36.49
N GLY W 218 35.80 -41.77 35.19
CA GLY W 218 35.68 -42.85 34.26
C GLY W 218 34.28 -43.38 34.09
N GLN W 219 33.37 -43.07 35.03
CA GLN W 219 31.99 -43.49 34.90
C GLN W 219 31.28 -42.66 33.83
N THR W 220 30.22 -43.23 33.26
CA THR W 220 29.42 -42.56 32.24
C THR W 220 28.03 -42.25 32.78
N LEU W 221 27.50 -41.10 32.38
CA LEU W 221 26.20 -40.65 32.81
C LEU W 221 25.37 -40.29 31.59
N GLN W 222 24.05 -40.38 31.73
CA GLN W 222 23.12 -40.10 30.65
C GLN W 222 22.20 -38.97 31.04
N ALA W 223 21.75 -38.21 30.04
CA ALA W 223 20.82 -37.11 30.24
C ALA W 223 19.76 -37.14 29.15
N GLN W 224 18.50 -37.10 29.56
CA GLN W 224 17.37 -37.08 28.64
C GLN W 224 16.82 -35.66 28.52
N GLU W 225 15.73 -35.53 27.78
CA GLU W 225 15.12 -34.23 27.51
C GLU W 225 14.77 -33.47 28.79
N SER X 2 53.62 -1.27 16.62
CA SER X 2 53.71 -2.39 17.54
C SER X 2 54.73 -2.13 18.64
N LEU X 3 54.79 -3.02 19.62
CA LEU X 3 55.67 -2.87 20.77
C LEU X 3 56.65 -4.01 20.97
N ILE X 4 56.31 -5.23 20.57
CA ILE X 4 57.16 -6.38 20.85
C ILE X 4 57.51 -7.10 19.56
N GLU X 5 56.51 -7.52 18.80
CA GLU X 5 56.71 -8.26 17.56
C GLU X 5 55.85 -7.65 16.46
N ARG X 6 55.86 -8.29 15.29
CA ARG X 6 55.15 -7.79 14.12
C ARG X 6 54.34 -8.88 13.45
N GLY X 7 53.71 -9.74 14.26
CA GLY X 7 52.81 -10.72 13.69
C GLY X 7 51.53 -10.09 13.17
N LEU X 8 50.95 -10.72 12.15
CA LEU X 8 49.74 -10.23 11.52
C LEU X 8 48.52 -10.82 12.21
N SER X 9 47.70 -9.97 12.82
CA SER X 9 46.48 -10.43 13.46
C SER X 9 45.45 -10.83 12.41
N LYS X 10 44.69 -11.89 12.71
CA LYS X 10 43.70 -12.43 11.80
C LYS X 10 42.31 -12.27 12.37
N LEU X 11 41.35 -11.97 11.50
CA LEU X 11 39.96 -11.81 11.93
C LEU X 11 39.38 -13.16 12.31
N THR X 12 38.55 -13.15 13.35
CA THR X 12 37.97 -14.38 13.89
C THR X 12 36.46 -14.22 14.04
N LEU X 13 35.73 -15.30 13.76
CA LEU X 13 34.29 -15.35 13.90
C LEU X 13 33.93 -16.48 14.85
N THR X 14 33.22 -16.15 15.93
CA THR X 14 32.82 -17.12 16.93
C THR X 14 31.30 -17.14 17.04
N ALA X 15 30.74 -18.33 17.26
CA ALA X 15 29.29 -18.51 17.31
C ALA X 15 28.88 -19.07 18.65
N PHE X 16 27.75 -18.59 19.17
CA PHE X 16 27.20 -19.04 20.44
C PHE X 16 25.72 -19.35 20.27
N LYS X 17 25.22 -20.24 21.12
CA LYS X 17 23.80 -20.59 21.09
C LYS X 17 22.94 -19.50 21.70
N ASP X 18 23.42 -18.85 22.75
CA ASP X 18 22.63 -17.91 23.53
C ASP X 18 23.17 -16.50 23.39
N ARG X 19 22.39 -15.54 23.93
CA ARG X 19 22.75 -14.14 23.81
C ARG X 19 23.95 -13.80 24.70
N GLU X 20 24.07 -14.45 25.86
CA GLU X 20 25.12 -14.13 26.80
C GLU X 20 26.44 -14.83 26.50
N GLY X 21 26.48 -15.65 25.46
CA GLY X 21 27.71 -16.34 25.10
C GLY X 21 28.17 -17.38 26.11
N LYS X 22 27.25 -18.18 26.63
CA LYS X 22 27.59 -19.23 27.59
C LYS X 22 27.87 -20.57 26.92
N ILE X 23 27.27 -20.83 25.77
CA ILE X 23 27.41 -22.11 25.08
C ILE X 23 28.09 -21.84 23.75
N SER X 24 29.39 -22.13 23.66
CA SER X 24 30.10 -21.97 22.41
C SER X 24 29.69 -23.04 21.41
N VAL X 25 29.63 -22.67 20.14
CA VAL X 25 29.25 -23.58 19.06
C VAL X 25 30.43 -23.91 18.16
N GLY X 26 31.19 -22.89 17.78
CA GLY X 26 32.35 -23.10 16.92
C GLY X 26 33.03 -21.79 16.64
N SER X 27 34.09 -21.87 15.83
CA SER X 27 34.86 -20.68 15.49
C SER X 27 35.46 -20.86 14.11
N LEU X 28 35.79 -19.74 13.48
CA LEU X 28 36.42 -19.73 12.18
C LEU X 28 37.37 -18.55 12.10
N GLN X 29 38.62 -18.80 11.70
CA GLN X 29 39.61 -17.76 11.51
C GLN X 29 39.78 -17.51 10.02
N ALA X 30 39.62 -16.25 9.61
CA ALA X 30 39.71 -15.91 8.21
C ALA X 30 41.12 -16.12 7.69
N MET X 31 41.23 -16.72 6.50
CA MET X 31 42.54 -16.96 5.89
C MET X 31 43.06 -15.73 5.16
N TYR X 32 42.20 -14.76 4.87
CA TYR X 32 42.62 -13.45 4.38
C TYR X 32 41.81 -12.38 5.09
N ASN X 33 42.49 -11.37 5.61
CA ASN X 33 41.79 -10.28 6.29
C ASN X 33 41.04 -9.44 5.27
N PRO X 34 39.85 -8.95 5.62
CA PRO X 34 39.16 -8.00 4.74
C PRO X 34 39.90 -6.68 4.67
N ASP X 35 39.83 -6.04 3.51
CA ASP X 35 40.53 -4.78 3.30
C ASP X 35 39.65 -3.56 3.56
N ALA X 36 38.39 -3.76 3.95
CA ALA X 36 37.50 -2.65 4.25
C ALA X 36 36.34 -3.16 5.09
N ILE X 37 35.95 -2.36 6.09
CA ILE X 37 34.85 -2.69 6.99
C ILE X 37 33.95 -1.47 7.09
N GLN X 38 32.63 -1.69 6.96
CA GLN X 38 31.66 -0.61 7.00
C GLN X 38 30.73 -0.80 8.18
N LEU X 39 30.52 0.26 8.95
CA LEU X 39 29.57 0.29 10.05
C LEU X 39 28.50 1.32 9.75
N ASP X 40 27.25 0.96 10.02
CA ASP X 40 26.11 1.81 9.68
C ASP X 40 25.23 2.01 10.90
N TYR X 41 24.89 3.28 11.18
CA TYR X 41 23.97 3.63 12.25
C TYR X 41 22.86 4.49 11.67
N GLN X 42 21.61 4.15 12.01
CA GLN X 42 20.45 4.91 11.57
C GLN X 42 19.52 5.13 12.75
N THR X 43 18.77 6.23 12.70
CA THR X 43 17.80 6.55 13.73
C THR X 43 16.70 7.42 13.13
N HIS X 44 15.46 7.08 13.44
CA HIS X 44 14.29 7.69 12.81
C HIS X 44 13.59 8.64 13.78
N TYR X 45 13.08 9.73 13.24
CA TYR X 45 12.32 10.71 14.00
C TYR X 45 11.00 10.96 13.32
N GLN X 46 9.99 11.32 14.12
CA GLN X 46 8.67 11.68 13.62
C GLN X 46 8.39 13.13 13.98
N GLN X 47 7.94 13.90 12.99
CA GLN X 47 7.64 15.31 13.22
C GLN X 47 6.40 15.47 14.08
N ASP X 48 6.40 16.51 14.90
CA ASP X 48 5.28 16.79 15.79
C ASP X 48 4.29 17.72 15.09
N GLU X 49 3.03 17.32 15.05
CA GLU X 49 1.96 18.11 14.46
C GLU X 49 1.02 18.57 15.57
N SER X 50 0.81 19.87 15.67
CA SER X 50 -0.03 20.44 16.71
C SER X 50 -0.98 21.46 16.09
N VAL X 51 -2.18 21.56 16.67
CA VAL X 51 -3.18 22.48 16.16
C VAL X 51 -3.09 23.88 16.79
N ASN X 52 -2.46 24.00 17.95
CA ASN X 52 -2.37 25.27 18.65
C ASN X 52 -0.94 25.78 18.85
N HIS X 53 0.07 24.97 18.51
CA HIS X 53 1.47 25.36 18.68
C HIS X 53 2.11 25.54 17.32
N THR X 54 2.88 26.62 17.16
CA THR X 54 3.65 26.86 15.96
C THR X 54 5.08 26.36 16.07
N ARG X 55 5.42 25.70 17.17
CA ARG X 55 6.76 25.17 17.35
C ARG X 55 7.08 24.11 16.29
N LYS X 56 8.35 24.07 15.88
CA LYS X 56 8.84 23.04 14.99
C LYS X 56 9.72 22.09 15.78
N SER X 57 9.33 20.82 15.84
CA SER X 57 10.05 19.83 16.61
C SER X 57 9.69 18.44 16.12
N SER X 58 10.61 17.50 16.34
CA SER X 58 10.39 16.11 16.02
C SER X 58 10.83 15.26 17.20
N HIS X 59 10.11 14.16 17.42
CA HIS X 59 10.39 13.27 18.54
C HIS X 59 10.95 11.94 18.03
N TYR X 60 11.71 11.28 18.90
CA TYR X 60 12.51 10.12 18.51
C TYR X 60 11.64 8.88 18.39
N VAL X 61 11.90 8.09 17.35
CA VAL X 61 11.23 6.81 17.13
C VAL X 61 12.31 5.74 17.02
N SER X 62 11.91 4.49 17.26
CA SER X 62 12.87 3.38 17.37
C SER X 62 13.86 3.36 16.23
N SER X 63 15.15 3.28 16.58
CA SER X 63 16.27 3.25 15.64
C SER X 63 16.59 1.81 15.25
N PRO X 64 16.82 1.53 13.98
CA PRO X 64 17.16 0.18 13.58
C PRO X 64 18.52 -0.22 14.13
N PRO X 65 18.77 -1.51 14.32
CA PRO X 65 20.05 -1.95 14.86
C PRO X 65 21.20 -1.67 13.91
N ALA X 66 22.39 -1.51 14.48
CA ALA X 66 23.58 -1.22 13.69
C ALA X 66 23.90 -2.37 12.75
N GLY X 67 24.48 -2.02 11.60
CA GLY X 67 24.83 -3.00 10.59
C GLY X 67 26.32 -3.04 10.34
N LEU X 68 26.81 -4.21 9.94
CA LEU X 68 28.21 -4.43 9.65
C LEU X 68 28.32 -5.15 8.31
N SER X 69 29.40 -4.88 7.59
CA SER X 69 29.59 -5.48 6.27
C SER X 69 31.06 -5.84 6.07
N LEU X 70 31.29 -7.05 5.54
CA LEU X 70 32.63 -7.53 5.24
C LEU X 70 32.58 -8.33 3.95
N VAL X 71 33.76 -8.51 3.35
CA VAL X 71 33.95 -9.42 2.23
C VAL X 71 35.19 -10.26 2.52
N LEU X 72 35.02 -11.58 2.55
CA LEU X 72 36.11 -12.50 2.80
C LEU X 72 36.45 -13.25 1.52
N LEU X 73 37.74 -13.49 1.30
CA LEU X 73 38.22 -14.20 0.12
C LEU X 73 38.85 -15.51 0.55
N PHE X 74 38.49 -16.59 -0.13
CA PHE X 74 39.03 -17.92 0.13
C PHE X 74 39.69 -18.44 -1.13
N ASP X 75 40.91 -18.96 -0.98
CA ASP X 75 41.68 -19.46 -2.12
C ASP X 75 42.30 -20.80 -1.76
N ALA X 76 42.40 -21.68 -2.75
CA ALA X 76 43.02 -22.98 -2.57
C ALA X 76 43.88 -23.36 -3.77
N SER X 77 44.41 -22.38 -4.48
CA SER X 77 45.20 -22.61 -5.68
C SER X 77 46.66 -22.21 -5.53
N MET X 78 46.94 -21.14 -4.83
CA MET X 78 48.31 -20.67 -4.67
C MET X 78 49.06 -21.54 -3.67
N PRO X 79 50.39 -21.61 -3.77
CA PRO X 79 51.16 -22.41 -2.82
C PRO X 79 50.98 -21.92 -1.39
N GLY X 80 50.95 -22.87 -0.45
CA GLY X 80 50.75 -22.56 0.94
C GLY X 80 49.31 -22.51 1.39
N ASN X 81 48.36 -22.53 0.45
CA ASN X 81 46.93 -22.50 0.78
C ASN X 81 46.41 -23.93 0.63
N ASN X 82 46.55 -24.72 1.69
CA ASN X 82 46.23 -26.14 1.65
C ASN X 82 44.86 -26.47 2.22
N ILE X 83 44.25 -25.56 2.98
CA ILE X 83 42.94 -25.82 3.57
C ILE X 83 41.89 -25.68 2.47
N PRO X 84 41.07 -26.70 2.23
CA PRO X 84 40.10 -26.65 1.13
C PRO X 84 39.09 -25.52 1.30
N VAL X 85 38.65 -24.98 0.17
CA VAL X 85 37.68 -23.88 0.19
C VAL X 85 36.33 -24.37 0.70
N GLU X 86 35.94 -25.59 0.33
CA GLU X 86 34.64 -26.12 0.75
C GLU X 86 34.57 -26.23 2.26
N THR X 87 35.65 -26.65 2.91
CA THR X 87 35.65 -26.81 4.36
C THR X 87 35.45 -25.46 5.05
N GLN X 88 36.13 -24.42 4.56
CA GLN X 88 35.97 -23.10 5.17
C GLN X 88 34.58 -22.55 4.94
N LEU X 89 34.03 -22.72 3.75
CA LEU X 89 32.69 -22.21 3.45
C LEU X 89 31.63 -22.98 4.24
N THR X 90 31.84 -24.29 4.43
CA THR X 90 30.91 -25.06 5.25
C THR X 90 30.90 -24.56 6.69
N THR X 91 32.09 -24.29 7.24
CA THR X 91 32.17 -23.78 8.60
C THR X 91 31.53 -22.40 8.71
N LEU X 92 31.79 -21.53 7.74
CA LEU X 92 31.26 -20.17 7.79
C LEU X 92 29.73 -20.17 7.79
N LYS X 93 29.13 -20.99 6.94
CA LYS X 93 27.67 -21.04 6.89
C LYS X 93 27.10 -21.68 8.16
N ALA X 94 27.76 -22.71 8.68
CA ALA X 94 27.25 -23.38 9.88
C ALA X 94 27.20 -22.44 11.08
N LEU X 95 28.10 -21.46 11.13
CA LEU X 95 28.08 -20.50 12.23
C LEU X 95 26.96 -19.48 12.07
N CYS X 96 26.56 -19.19 10.83
CA CYS X 96 25.53 -18.20 10.55
C CYS X 96 24.15 -18.82 10.37
N ALA X 97 24.00 -20.12 10.59
CA ALA X 97 22.77 -20.82 10.30
C ALA X 97 21.87 -20.90 11.53
N VAL X 98 20.72 -21.53 11.36
CA VAL X 98 19.74 -21.71 12.43
C VAL X 98 20.19 -22.87 13.31
N ASP X 99 20.21 -22.64 14.61
CA ASP X 99 20.61 -23.68 15.54
C ASP X 99 19.50 -24.71 15.70
N PRO X 100 19.80 -26.01 15.55
CA PRO X 100 18.75 -27.03 15.71
C PRO X 100 18.12 -27.07 17.09
N SER X 101 18.82 -26.62 18.13
CA SER X 101 18.28 -26.66 19.48
C SER X 101 17.40 -25.46 19.80
N THR X 102 17.88 -24.25 19.55
CA THR X 102 17.14 -23.03 19.86
C THR X 102 16.21 -22.59 18.74
N HIS X 103 16.31 -23.20 17.55
CA HIS X 103 15.47 -22.86 16.40
C HIS X 103 15.65 -21.41 15.95
N VAL X 104 16.72 -20.76 16.38
CA VAL X 104 17.02 -19.40 15.96
C VAL X 104 18.50 -19.34 15.57
N PRO X 105 18.90 -18.41 14.71
CA PRO X 105 20.30 -18.35 14.30
C PRO X 105 21.23 -18.04 15.47
N HIS X 106 22.47 -18.50 15.33
CA HIS X 106 23.48 -18.34 16.38
C HIS X 106 23.78 -16.87 16.61
N PHE X 107 24.34 -16.57 17.78
CA PHE X 107 24.85 -15.25 18.08
C PHE X 107 26.34 -15.22 17.82
N LEU X 108 26.80 -14.21 17.08
CA LEU X 108 28.15 -14.17 16.57
C LEU X 108 28.97 -13.08 17.26
N LYS X 109 30.28 -13.28 17.29
CA LYS X 109 31.23 -12.30 17.80
C LYS X 109 32.37 -12.17 16.79
N ILE X 110 32.71 -10.94 16.43
CA ILE X 110 33.78 -10.65 15.48
C ILE X 110 34.91 -9.97 16.23
N LYS X 111 36.10 -10.56 16.16
CA LYS X 111 37.27 -10.01 16.82
C LYS X 111 38.40 -9.89 15.81
N TRP X 112 39.15 -8.79 15.89
CA TRP X 112 40.30 -8.58 15.00
C TRP X 112 41.28 -7.66 15.71
N GLY X 113 42.30 -8.25 16.35
CA GLY X 113 43.42 -7.49 16.86
C GLY X 113 43.01 -6.37 17.78
N LYS X 114 43.59 -5.19 17.57
CA LYS X 114 43.30 -4.00 18.36
C LYS X 114 42.15 -3.19 17.79
N MET X 115 41.48 -3.67 16.75
CA MET X 115 40.37 -2.95 16.16
C MET X 115 39.21 -2.89 17.14
N ARG X 116 38.63 -1.70 17.31
CA ARG X 116 37.54 -1.47 18.23
C ARG X 116 36.28 -1.13 17.44
N TRP X 117 35.21 -1.87 17.69
CA TRP X 117 33.95 -1.70 16.97
C TRP X 117 33.02 -0.82 17.82
N GLU X 118 33.33 0.47 17.82
CA GLU X 118 32.58 1.46 18.60
C GLU X 118 32.63 1.12 20.09
N ASN X 119 33.82 1.26 20.68
CA ASN X 119 34.10 1.20 22.11
C ASN X 119 34.21 -0.23 22.64
N LYS X 120 34.06 -1.25 21.79
CA LYS X 120 34.21 -2.63 22.24
C LYS X 120 35.12 -3.37 21.29
N SER X 121 35.85 -4.34 21.84
CA SER X 121 36.80 -5.14 21.06
C SER X 121 36.11 -6.15 20.15
N TYR X 122 34.79 -6.30 20.26
CA TYR X 122 34.05 -7.25 19.47
C TYR X 122 32.79 -6.59 18.93
N PHE X 123 32.27 -7.14 17.84
CA PHE X 123 30.96 -6.78 17.32
C PHE X 123 30.01 -7.93 17.60
N ALA X 124 29.04 -7.70 18.47
CA ALA X 124 28.06 -8.72 18.83
C ALA X 124 26.83 -8.56 17.95
N GLY X 125 26.44 -9.62 17.26
CA GLY X 125 25.29 -9.55 16.40
C GLY X 125 24.97 -10.89 15.78
N ARG X 126 24.08 -10.84 14.80
CA ARG X 126 23.63 -12.04 14.10
C ARG X 126 23.66 -11.79 12.60
N ALA X 127 23.93 -12.84 11.85
CA ALA X 127 24.01 -12.72 10.40
C ALA X 127 22.65 -12.35 9.82
N SER X 128 22.66 -11.45 8.84
CA SER X 128 21.46 -11.07 8.11
C SER X 128 21.54 -11.32 6.62
N GLY X 129 22.71 -11.70 6.10
CA GLY X 129 22.87 -12.01 4.70
C GLY X 129 24.23 -12.61 4.41
N LEU X 130 24.27 -13.60 3.53
CA LEU X 130 25.52 -14.26 3.19
C LEU X 130 25.47 -14.66 1.72
N THR X 131 26.32 -14.06 0.90
CA THR X 131 26.39 -14.34 -0.52
C THR X 131 27.76 -14.92 -0.84
N ILE X 132 27.77 -16.05 -1.54
CA ILE X 132 29.00 -16.74 -1.91
C ILE X 132 29.08 -16.79 -3.43
N ASN X 133 30.18 -16.32 -3.98
CA ASN X 133 30.42 -16.35 -5.42
C ASN X 133 31.60 -17.27 -5.70
N TYR X 134 31.36 -18.33 -6.46
CA TYR X 134 32.44 -19.21 -6.91
C TYR X 134 32.90 -18.76 -8.29
N THR X 135 34.22 -18.57 -8.44
CA THR X 135 34.76 -18.03 -9.67
C THR X 135 35.83 -18.89 -10.33
N LEU X 136 36.39 -19.87 -9.63
CA LEU X 136 37.41 -20.73 -10.21
C LEU X 136 37.22 -22.15 -9.73
N PHE X 137 37.34 -23.11 -10.64
CA PHE X 137 37.13 -24.52 -10.35
C PHE X 137 38.27 -25.33 -10.95
N ASP X 138 38.46 -26.53 -10.40
CA ASP X 138 39.42 -27.48 -10.94
C ASP X 138 38.72 -28.38 -11.96
N ARG X 139 39.48 -29.32 -12.53
CA ARG X 139 38.90 -30.20 -13.53
C ARG X 139 37.85 -31.13 -12.94
N ASP X 140 38.00 -31.50 -11.67
CA ASP X 140 37.00 -32.27 -10.96
C ASP X 140 36.00 -31.39 -10.23
N ALA X 141 35.87 -30.13 -10.65
CA ALA X 141 34.90 -29.16 -10.12
C ALA X 141 35.18 -28.79 -8.66
N THR X 142 36.40 -29.01 -8.17
CA THR X 142 36.75 -28.55 -6.84
C THR X 142 36.86 -27.03 -6.85
N PRO X 143 36.13 -26.32 -5.99
CA PRO X 143 36.21 -24.85 -6.02
C PRO X 143 37.55 -24.36 -5.50
N LEU X 144 38.19 -23.52 -6.31
CA LEU X 144 39.52 -22.99 -5.98
C LEU X 144 39.48 -21.56 -5.47
N ARG X 145 38.56 -20.74 -5.96
CA ARG X 145 38.41 -19.37 -5.50
C ARG X 145 36.95 -19.07 -5.23
N ALA X 146 36.69 -18.41 -4.10
CA ALA X 146 35.35 -18.01 -3.74
C ALA X 146 35.42 -16.81 -2.80
N SER X 147 34.43 -15.93 -2.93
CA SER X 147 34.33 -14.75 -2.08
C SER X 147 32.97 -14.73 -1.41
N ALA X 148 32.96 -14.41 -0.11
CA ALA X 148 31.76 -14.39 0.69
C ALA X 148 31.51 -12.97 1.18
N THR X 149 30.32 -12.46 0.91
CA THR X 149 29.89 -11.15 1.42
C THR X 149 29.02 -11.38 2.64
N LEU X 150 29.44 -10.85 3.78
CA LEU X 150 28.79 -11.11 5.06
C LEU X 150 28.30 -9.80 5.66
N SER X 151 27.05 -9.81 6.13
CA SER X 151 26.46 -8.63 6.75
C SER X 151 25.72 -9.04 8.00
N LEU X 152 26.03 -8.39 9.12
CA LEU X 152 25.41 -8.69 10.41
C LEU X 152 24.63 -7.48 10.92
N VAL X 153 23.73 -7.75 11.85
CA VAL X 153 22.97 -6.72 12.56
C VAL X 153 23.24 -6.90 14.05
N ALA X 154 23.47 -5.78 14.74
CA ALA X 154 23.91 -5.85 16.13
C ALA X 154 22.84 -6.46 17.02
N ASP X 155 23.28 -7.32 17.94
CA ASP X 155 22.41 -7.94 18.94
C ASP X 155 23.26 -8.18 20.18
N GLU X 156 23.22 -7.23 21.11
CA GLU X 156 24.11 -7.24 22.26
C GLU X 156 23.51 -8.01 23.42
N SER X 157 24.35 -8.25 24.42
CA SER X 157 23.92 -8.95 25.63
C SER X 157 23.14 -8.01 26.55
N PHE X 158 22.16 -8.59 27.26
CA PHE X 158 21.33 -7.79 28.14
C PHE X 158 22.06 -7.41 29.42
N VAL X 159 23.00 -8.24 29.88
CA VAL X 159 23.71 -7.95 31.11
C VAL X 159 24.65 -6.77 30.94
N ILE X 160 25.36 -6.70 29.80
CA ILE X 160 26.26 -5.58 29.55
C ILE X 160 25.48 -4.30 29.37
N GLN X 161 24.33 -4.37 28.69
CA GLN X 161 23.50 -3.19 28.50
C GLN X 161 23.00 -2.64 29.83
N ALA X 162 22.58 -3.53 30.74
CA ALA X 162 22.08 -3.10 32.04
C ALA X 162 23.18 -2.42 32.86
N THR X 163 24.38 -3.00 32.86
CA THR X 163 25.47 -2.42 33.65
C THR X 163 25.88 -1.06 33.12
N GLU X 164 26.01 -0.94 31.79
CA GLU X 164 26.38 0.34 31.21
C GLU X 164 25.30 1.40 31.45
N GLN X 165 24.04 0.97 31.53
CA GLN X 165 22.95 1.90 31.78
C GLN X 165 23.05 2.50 33.18
N GLN X 166 23.22 1.64 34.19
CA GLN X 166 23.30 2.11 35.57
C GLN X 166 24.64 2.74 35.90
N LEU X 167 25.62 2.66 34.99
CA LEU X 167 26.89 3.31 35.20
C LEU X 167 26.83 4.79 34.83
N LYS X 168 26.30 5.09 33.64
CA LYS X 168 26.20 6.47 33.18
C LYS X 168 25.03 7.22 33.83
N SER X 169 24.05 6.48 34.35
CA SER X 169 22.90 7.07 35.05
C SER X 169 22.77 6.36 36.38
N PRO X 170 23.64 6.66 37.35
CA PRO X 170 23.65 5.91 38.59
C PRO X 170 22.38 6.16 39.39
N PRO X 171 21.96 5.19 40.21
CA PRO X 171 20.82 5.45 41.09
C PRO X 171 21.11 6.49 42.17
N VAL X 172 22.32 6.51 42.70
CA VAL X 172 22.73 7.49 43.71
C VAL X 172 24.03 8.11 43.25
N THR X 173 24.10 9.44 43.31
CA THR X 173 25.29 10.18 42.92
C THR X 173 25.85 10.94 44.11
N THR X 174 27.15 11.24 44.05
CA THR X 174 27.86 11.90 45.13
C THR X 174 28.58 13.12 44.60
N VAL X 175 28.54 14.22 45.35
CA VAL X 175 29.13 15.48 44.94
C VAL X 175 29.97 16.03 46.09
N SER X 176 31.01 16.78 45.74
CA SER X 176 31.89 17.42 46.70
C SER X 176 31.64 18.93 46.68
N VAL X 177 31.55 19.52 47.86
CA VAL X 177 31.22 20.92 48.01
C VAL X 177 32.50 21.75 47.92
N THR X 178 32.50 22.76 47.05
CA THR X 178 33.61 23.67 46.91
C THR X 178 33.19 25.06 47.40
N ASP X 179 34.10 26.02 47.24
CA ASP X 179 33.89 27.35 47.78
C ASP X 179 32.81 28.10 46.99
N MET X 180 32.03 28.91 47.72
CA MET X 180 31.03 29.81 47.13
C MET X 180 30.02 29.04 46.27
N LEU X 181 29.59 27.89 46.77
CA LEU X 181 28.52 27.12 46.15
C LEU X 181 27.24 27.28 46.95
N THR X 182 26.12 27.33 46.23
CA THR X 182 24.81 27.40 46.84
C THR X 182 24.07 26.09 46.62
N LEU X 183 23.06 25.84 47.47
CA LEU X 183 22.30 24.60 47.36
C LEU X 183 21.66 24.40 46.00
N PRO X 184 21.05 25.40 45.34
CA PRO X 184 20.57 25.15 43.97
C PRO X 184 21.67 24.77 43.00
N LEU X 185 22.87 25.31 43.16
CA LEU X 185 23.97 24.94 42.27
C LEU X 185 24.41 23.51 42.51
N ILE X 186 24.44 23.07 43.76
CA ILE X 186 24.80 21.68 44.06
C ILE X 186 23.79 20.73 43.45
N ALA X 187 22.50 21.08 43.52
CA ALA X 187 21.46 20.23 42.96
C ALA X 187 21.62 20.08 41.45
N LEU X 188 21.96 21.18 40.77
CA LEU X 188 22.17 21.11 39.32
C LEU X 188 23.33 20.19 38.97
N GLY X 189 24.45 20.33 39.68
CA GLY X 189 25.60 19.46 39.42
C GLY X 189 25.32 18.02 39.79
N ALA X 190 24.72 17.79 40.96
CA ALA X 190 24.43 16.43 41.38
C ALA X 190 23.32 15.82 40.53
N GLY X 191 22.30 16.60 40.20
CA GLY X 191 21.17 16.11 39.44
C GLY X 191 21.37 15.98 37.96
N ALA X 192 22.54 16.37 37.45
CA ALA X 192 22.80 16.25 36.01
C ALA X 192 22.83 14.79 35.59
N SER X 193 23.48 13.94 36.37
CA SER X 193 23.59 12.53 36.03
C SER X 193 22.30 11.76 36.30
N LEU X 194 21.52 12.21 37.28
CA LEU X 194 20.29 11.50 37.63
C LEU X 194 19.27 11.58 36.51
N ALA X 195 18.43 10.54 36.42
CA ALA X 195 17.44 10.47 35.36
C ALA X 195 16.41 11.59 35.46
N SER X 196 15.92 11.87 36.67
CA SER X 196 14.87 12.85 36.88
C SER X 196 15.38 14.12 37.55
N GLY X 197 16.69 14.26 37.72
CA GLY X 197 17.20 15.44 38.39
C GLY X 197 16.85 15.42 39.87
N ILE X 198 16.99 16.59 40.49
CA ILE X 198 16.69 16.75 41.91
C ILE X 198 16.45 18.22 42.18
N ASP X 199 15.61 18.52 43.16
CA ASP X 199 15.35 19.88 43.59
C ASP X 199 16.11 20.17 44.88
N TYR X 200 16.27 21.45 45.16
CA TYR X 200 17.11 21.85 46.29
C TYR X 200 16.49 21.43 47.63
N LEU X 201 15.17 21.39 47.70
CA LEU X 201 14.52 20.95 48.93
C LEU X 201 14.71 19.45 49.15
N SER X 202 14.53 18.65 48.10
CA SER X 202 14.73 17.21 48.23
C SER X 202 16.17 16.87 48.57
N LEU X 203 17.12 17.57 47.95
CA LEU X 203 18.53 17.34 48.24
C LEU X 203 18.86 17.66 49.70
N ALA X 204 18.28 18.74 50.23
CA ALA X 204 18.52 19.09 51.62
C ALA X 204 17.95 18.04 52.56
N TRP X 205 16.76 17.52 52.26
CA TRP X 205 16.13 16.53 53.12
C TRP X 205 16.91 15.23 53.15
N GLN X 206 17.43 14.80 52.00
CA GLN X 206 18.16 13.54 51.94
C GLN X 206 19.46 13.60 52.72
N ASN X 207 20.07 14.77 52.82
CA ASN X 207 21.33 14.94 53.53
C ASN X 207 21.16 15.38 54.98
N ASP X 208 19.92 15.48 55.46
CA ASP X 208 19.63 15.86 56.83
C ASP X 208 20.24 17.22 57.18
N LEU X 209 20.18 18.16 56.25
CA LEU X 209 20.71 19.49 56.49
C LEU X 209 19.84 20.24 57.49
N ASP X 210 20.49 20.97 58.41
CA ASP X 210 19.73 21.76 59.38
C ASP X 210 19.12 23.00 58.75
N ASN X 211 19.72 23.50 57.67
CA ASN X 211 19.16 24.63 56.93
C ASN X 211 19.71 24.54 55.51
N LEU X 212 19.29 25.49 54.67
CA LEU X 212 19.67 25.46 53.27
C LEU X 212 21.14 25.82 53.05
N ASP X 213 21.84 26.33 54.07
CA ASP X 213 23.26 26.64 53.96
C ASP X 213 24.09 25.80 54.92
N ASP X 214 23.55 24.67 55.39
CA ASP X 214 24.23 23.85 56.39
C ASP X 214 25.20 22.89 55.71
N PHE X 215 26.23 23.47 55.11
CA PHE X 215 27.33 22.69 54.55
C PHE X 215 28.57 23.58 54.50
N THR X 216 29.73 22.93 54.49
CA THR X 216 31.01 23.60 54.48
C THR X 216 31.83 23.09 53.31
N PRO X 217 32.76 23.90 52.80
CA PRO X 217 33.64 23.43 51.72
C PRO X 217 34.43 22.20 52.15
N GLY X 218 34.60 21.27 51.22
CA GLY X 218 35.23 20.00 51.50
C GLY X 218 34.29 18.91 51.96
N GLN X 219 33.03 19.24 52.22
CA GLN X 219 32.04 18.25 52.59
C GLN X 219 31.50 17.54 51.36
N THR X 220 30.94 16.36 51.57
CA THR X 220 30.36 15.56 50.50
C THR X 220 28.86 15.39 50.72
N LEU X 221 28.10 15.52 49.65
CA LEU X 221 26.65 15.35 49.69
C LEU X 221 26.25 14.23 48.73
N GLN X 222 25.08 13.66 48.98
CA GLN X 222 24.57 12.58 48.16
C GLN X 222 23.19 12.96 47.61
N ALA X 223 22.88 12.40 46.43
CA ALA X 223 21.59 12.63 45.80
C ALA X 223 21.08 11.32 45.23
N GLN X 224 19.87 10.93 45.62
CA GLN X 224 19.23 9.72 45.15
C GLN X 224 18.26 10.06 44.02
N GLU X 225 17.52 9.06 43.57
CA GLU X 225 16.65 9.20 42.41
C GLU X 225 15.62 10.32 42.57
N THR Y 2 28.20 -50.11 31.98
CA THR Y 2 28.00 -49.11 30.93
C THR Y 2 27.35 -49.73 29.70
N ASN Y 3 27.54 -51.04 29.53
CA ASN Y 3 26.90 -51.73 28.42
C ASN Y 3 25.38 -51.74 28.55
N LYS Y 4 24.88 -51.79 29.78
CA LYS Y 4 23.44 -51.66 29.99
C LYS Y 4 22.94 -50.28 29.59
N ILE Y 5 23.73 -49.25 29.90
CA ILE Y 5 23.32 -47.88 29.59
C ILE Y 5 23.24 -47.69 28.07
N LEU Y 6 24.24 -48.18 27.35
CA LEU Y 6 24.23 -48.06 25.89
C LEU Y 6 23.12 -48.88 25.27
N ALA Y 7 22.87 -50.08 25.80
CA ALA Y 7 21.83 -50.93 25.24
C ALA Y 7 20.45 -50.30 25.39
N ASP Y 8 20.18 -49.68 26.53
CA ASP Y 8 18.89 -49.04 26.74
C ASP Y 8 18.70 -47.85 25.82
N ILE Y 9 19.77 -47.08 25.58
CA ILE Y 9 19.65 -45.88 24.76
C ILE Y 9 19.42 -46.25 23.30
N TYR Y 10 20.17 -47.24 22.80
CA TYR Y 10 20.17 -47.53 21.37
C TYR Y 10 19.32 -48.74 20.98
N GLY Y 11 18.99 -49.60 21.92
CA GLY Y 11 18.04 -50.68 21.67
C GLY Y 11 18.73 -52.03 21.56
N ARG Y 12 17.88 -53.07 21.55
CA ARG Y 12 18.31 -54.45 21.43
C ARG Y 12 17.47 -55.12 20.35
N GLY Y 13 18.08 -56.07 19.63
CA GLY Y 13 17.37 -56.75 18.57
C GLY Y 13 18.10 -58.00 18.12
N TRP Y 14 17.52 -58.66 17.12
CA TRP Y 14 18.11 -59.88 16.59
C TRP Y 14 19.47 -59.60 15.97
N ALA Y 15 20.40 -60.51 16.18
CA ALA Y 15 21.72 -60.40 15.59
C ALA Y 15 21.69 -60.83 14.12
N PHE Y 16 22.65 -60.33 13.35
CA PHE Y 16 22.74 -60.66 11.93
C PHE Y 16 24.10 -61.27 11.63
N PRO Y 17 24.17 -62.40 10.93
CA PRO Y 17 23.04 -63.19 10.42
C PRO Y 17 22.36 -63.97 11.54
N PRO Y 18 21.12 -64.38 11.36
CA PRO Y 18 20.41 -65.07 12.44
C PRO Y 18 21.13 -66.34 12.87
N GLN Y 19 21.17 -66.56 14.19
CA GLN Y 19 21.76 -67.74 14.78
C GLN Y 19 20.81 -68.30 15.82
N PHE Y 20 20.86 -69.62 16.00
CA PHE Y 20 19.92 -70.32 16.87
C PHE Y 20 20.69 -71.24 17.81
N PHE Y 21 20.20 -71.38 19.04
CA PHE Y 21 20.82 -72.24 20.03
C PHE Y 21 19.75 -73.02 20.76
N ILE Y 22 20.10 -74.22 21.21
CA ILE Y 22 19.29 -75.01 22.13
C ILE Y 22 20.18 -75.47 23.26
N GLY Y 23 19.79 -75.15 24.49
CA GLY Y 23 20.58 -75.51 25.64
C GLY Y 23 20.50 -77.00 25.95
N GLU Y 24 21.44 -77.46 26.76
CA GLU Y 24 21.49 -78.86 27.13
C GLU Y 24 20.36 -79.22 28.08
N ARG Y 25 19.94 -80.48 28.03
CA ARG Y 25 18.85 -80.94 28.88
C ARG Y 25 19.29 -81.01 30.33
N ILE Y 26 18.32 -80.82 31.23
CA ILE Y 26 18.57 -80.82 32.67
C ILE Y 26 18.23 -82.20 33.21
N PRO Y 27 19.17 -82.89 33.86
CA PRO Y 27 18.82 -84.15 34.53
C PRO Y 27 18.06 -83.91 35.82
N TYR Y 28 16.74 -83.73 35.72
CA TYR Y 28 15.93 -83.33 36.86
C TYR Y 28 15.96 -84.35 37.99
N GLU Y 29 16.26 -85.61 37.70
CA GLU Y 29 16.27 -86.66 38.72
C GLU Y 29 17.51 -86.62 39.60
N ASP Y 30 18.32 -85.56 39.52
CA ASP Y 30 19.54 -85.44 40.30
C ASP Y 30 19.50 -84.35 41.36
N TYR Y 31 18.52 -83.46 41.31
CA TYR Y 31 18.45 -82.30 42.20
C TYR Y 31 17.18 -82.40 43.03
N SER Y 32 17.30 -82.97 44.23
CA SER Y 32 16.18 -83.09 45.15
C SER Y 32 16.62 -82.77 46.57
N SER Y 33 17.55 -81.83 46.72
CA SER Y 33 18.07 -81.47 48.03
C SER Y 33 18.37 -79.98 48.05
N ASP Y 34 17.77 -79.27 49.00
CA ASP Y 34 18.00 -77.84 49.13
C ASP Y 34 19.46 -77.58 49.47
N LEU Y 35 20.03 -76.53 48.86
CA LEU Y 35 21.42 -76.19 49.12
C LEU Y 35 21.61 -75.64 50.53
N ASN Y 36 20.66 -74.83 51.00
CA ASN Y 36 20.78 -74.23 52.33
C ASN Y 36 20.76 -75.29 53.43
N LYS Y 37 19.88 -76.29 53.30
CA LYS Y 37 19.87 -77.37 54.27
C LYS Y 37 21.11 -78.22 54.14
N TYR Y 38 21.61 -78.41 52.92
CA TYR Y 38 22.80 -79.23 52.71
C TYR Y 38 24.03 -78.57 53.34
N LEU Y 39 24.19 -77.26 53.13
CA LEU Y 39 25.31 -76.55 53.75
C LEU Y 39 25.18 -76.53 55.27
N SER Y 40 23.96 -76.31 55.78
CA SER Y 40 23.75 -76.32 57.22
C SER Y 40 24.02 -77.71 57.81
N GLU Y 41 23.62 -78.76 57.09
CA GLU Y 41 23.89 -80.12 57.56
C GLU Y 41 25.38 -80.39 57.63
N LYS Y 42 26.14 -79.90 56.64
CA LYS Y 42 27.59 -80.08 56.62
C LYS Y 42 28.32 -79.12 57.54
N LYS Y 43 27.61 -78.49 58.48
CA LYS Y 43 28.20 -77.65 59.54
C LYS Y 43 29.14 -76.59 58.98
N ILE Y 44 28.88 -76.16 57.75
CA ILE Y 44 29.62 -75.04 57.17
C ILE Y 44 29.22 -73.79 57.95
N GLU Y 45 30.08 -72.77 57.96
CA GLU Y 45 29.84 -71.62 58.82
C GLU Y 45 28.57 -70.89 58.42
N ALA Y 46 27.93 -70.26 59.41
CA ALA Y 46 26.66 -69.57 59.18
C ALA Y 46 26.85 -68.38 58.24
N GLU Y 47 27.93 -67.61 58.43
CA GLU Y 47 28.17 -66.47 57.56
C GLU Y 47 28.57 -66.90 56.16
N GLN Y 48 28.90 -68.19 55.96
CA GLN Y 48 29.17 -68.69 54.62
C GLN Y 48 27.89 -68.81 53.81
N ILE Y 49 26.74 -69.03 54.47
CA ILE Y 49 25.48 -69.16 53.76
C ILE Y 49 25.16 -67.89 52.98
N VAL Y 50 25.27 -66.73 53.64
CA VAL Y 50 24.95 -65.48 52.97
C VAL Y 50 25.99 -65.16 51.91
N LYS Y 51 27.27 -65.43 52.19
CA LYS Y 51 28.30 -65.20 51.18
C LYS Y 51 28.13 -66.16 50.00
N ILE Y 52 27.73 -67.41 50.28
CA ILE Y 52 27.47 -68.36 49.20
C ILE Y 52 26.31 -67.87 48.34
N GLN Y 53 25.22 -67.47 48.99
CA GLN Y 53 24.03 -67.04 48.25
C GLN Y 53 24.28 -65.74 47.50
N ALA Y 54 25.10 -64.85 48.06
CA ALA Y 54 25.45 -63.62 47.36
C ALA Y 54 26.21 -63.92 46.08
N CYS Y 55 27.11 -64.91 46.11
CA CYS Y 55 27.83 -65.30 44.91
C CYS Y 55 26.89 -65.87 43.85
N ILE Y 56 25.92 -66.68 44.28
CA ILE Y 56 24.96 -67.24 43.33
C ILE Y 56 24.14 -66.13 42.70
N LYS Y 57 23.64 -65.20 43.52
CA LYS Y 57 22.80 -64.12 43.01
C LYS Y 57 23.59 -63.22 42.06
N GLU Y 58 24.84 -62.90 42.41
CA GLU Y 58 25.64 -62.03 41.56
C GLU Y 58 25.95 -62.68 40.22
N SER Y 59 26.33 -63.97 40.25
CA SER Y 59 26.68 -64.65 39.01
C SER Y 59 25.47 -64.81 38.10
N VAL Y 60 24.31 -65.13 38.67
CA VAL Y 60 23.09 -65.25 37.88
C VAL Y 60 22.70 -63.90 37.30
N MET Y 61 22.81 -62.84 38.10
CA MET Y 61 22.43 -61.51 37.61
C MET Y 61 23.30 -61.07 36.45
N CYS Y 62 24.59 -61.40 36.49
CA CYS Y 62 25.45 -61.14 35.34
C CYS Y 62 25.00 -61.93 34.12
N TYR Y 63 24.59 -63.18 34.33
CA TYR Y 63 24.06 -63.97 33.22
C TYR Y 63 22.76 -63.39 32.70
N ASP Y 64 21.88 -62.93 33.58
CA ASP Y 64 20.61 -62.33 33.20
C ASP Y 64 20.14 -61.46 34.35
N PHE Y 65 20.12 -60.14 34.15
CA PHE Y 65 19.88 -59.21 35.25
C PHE Y 65 18.40 -59.02 35.55
N HIS Y 66 17.51 -59.65 34.80
CA HIS Y 66 16.09 -59.64 35.14
C HIS Y 66 15.69 -60.81 36.01
N ALA Y 67 16.63 -61.65 36.41
CA ALA Y 67 16.34 -62.86 37.16
C ALA Y 67 16.01 -62.55 38.61
N LYS Y 68 15.21 -63.43 39.22
CA LYS Y 68 14.90 -63.37 40.64
C LYS Y 68 14.91 -64.80 41.17
N ILE Y 69 15.90 -65.13 41.99
CA ILE Y 69 16.10 -66.50 42.43
C ILE Y 69 14.94 -66.92 43.32
N THR Y 70 14.38 -68.09 43.04
CA THR Y 70 13.30 -68.65 43.84
C THR Y 70 13.69 -69.91 44.60
N SER Y 71 14.57 -70.74 44.04
CA SER Y 71 14.98 -71.97 44.70
C SER Y 71 16.35 -72.37 44.17
N THR Y 72 17.00 -73.27 44.91
CA THR Y 72 18.30 -73.78 44.53
C THR Y 72 18.47 -75.19 45.09
N GLN Y 73 19.17 -76.03 44.34
CA GLN Y 73 19.30 -77.43 44.68
C GLN Y 73 20.69 -77.94 44.33
N VAL Y 74 21.05 -79.08 44.91
CA VAL Y 74 22.36 -79.68 44.73
C VAL Y 74 22.20 -81.03 44.06
N SER Y 75 23.10 -81.34 43.13
CA SER Y 75 23.11 -82.65 42.50
C SER Y 75 23.49 -83.72 43.52
N LYS Y 76 22.76 -84.84 43.50
CA LYS Y 76 23.00 -85.91 44.44
C LYS Y 76 24.31 -86.66 44.18
N GLN Y 77 24.92 -86.48 43.01
CA GLN Y 77 26.13 -87.19 42.66
C GLN Y 77 27.39 -86.37 42.93
N THR Y 78 27.27 -85.26 43.64
CA THR Y 78 28.42 -84.42 44.02
C THR Y 78 28.27 -84.10 45.50
N ASN Y 79 28.85 -84.95 46.35
CA ASN Y 79 28.83 -84.76 47.80
C ASN Y 79 30.17 -84.17 48.23
N LEU Y 80 30.31 -82.87 47.98
CA LEU Y 80 31.53 -82.11 48.30
C LEU Y 80 32.72 -82.72 47.56
N PRO Y 83 33.76 -78.95 43.88
CA PRO Y 83 32.97 -79.04 42.64
C PRO Y 83 31.54 -79.49 42.90
N LEU Y 84 30.65 -78.53 43.10
CA LEU Y 84 29.24 -78.78 43.39
C LEU Y 84 28.39 -78.39 42.18
N ASN Y 85 27.43 -79.25 41.85
CA ASN Y 85 26.53 -79.00 40.73
C ASN Y 85 25.19 -78.52 41.27
N ILE Y 86 24.79 -77.31 40.84
CA ILE Y 86 23.59 -76.64 41.35
C ILE Y 86 22.64 -76.36 40.19
N LEU Y 87 21.37 -76.69 40.39
CA LEU Y 87 20.30 -76.30 39.48
C LEU Y 87 19.57 -75.11 40.07
N VAL Y 88 19.61 -73.98 39.36
CA VAL Y 88 19.08 -72.71 39.86
C VAL Y 88 17.74 -72.46 39.20
N THR Y 89 16.75 -72.08 40.00
CA THR Y 89 15.41 -71.75 39.52
C THR Y 89 15.13 -70.29 39.80
N TYR Y 90 14.66 -69.57 38.79
CA TYR Y 90 14.44 -68.13 38.91
C TYR Y 90 13.24 -67.72 38.08
N THR Y 91 12.73 -66.54 38.36
CA THR Y 91 11.67 -65.92 37.59
C THR Y 91 12.15 -64.58 37.04
N LEU Y 92 11.70 -64.22 35.85
CA LEU Y 92 12.14 -63.01 35.18
C LEU Y 92 11.21 -61.87 35.56
N GLY Y 93 11.76 -60.89 36.28
CA GLY Y 93 10.97 -59.73 36.68
C GLY Y 93 9.78 -60.12 37.53
N ASP Y 94 8.66 -59.44 37.31
CA ASP Y 94 7.41 -59.73 37.99
C ASP Y 94 6.52 -60.66 37.19
N SER Y 95 7.09 -61.44 36.27
CA SER Y 95 6.32 -62.34 35.43
C SER Y 95 6.00 -63.63 36.18
N GLU Y 96 5.18 -64.46 35.54
CA GLU Y 96 4.83 -65.78 36.06
C GLU Y 96 5.65 -66.90 35.41
N ILE Y 97 6.64 -66.55 34.61
CA ILE Y 97 7.44 -67.52 33.88
C ILE Y 97 8.64 -67.90 34.73
N SER Y 98 8.96 -69.20 34.76
CA SER Y 98 10.09 -69.72 35.51
C SER Y 98 11.02 -70.47 34.57
N GLN Y 99 12.31 -70.42 34.88
CA GLN Y 99 13.33 -71.08 34.08
C GLN Y 99 14.37 -71.70 35.00
N LYS Y 100 15.10 -72.67 34.47
CA LYS Y 100 16.12 -73.38 35.23
C LYS Y 100 17.46 -73.29 34.51
N ILE Y 101 18.53 -73.38 35.28
CA ILE Y 101 19.88 -73.20 34.76
C ILE Y 101 20.85 -73.94 35.66
N GLN Y 102 21.78 -74.67 35.04
CA GLN Y 102 22.81 -75.38 35.79
C GLN Y 102 23.95 -74.45 36.16
N GLY Y 103 24.74 -74.90 37.13
CA GLY Y 103 25.90 -74.13 37.57
C GLY Y 103 26.84 -74.99 38.37
N VAL Y 104 28.04 -74.45 38.59
CA VAL Y 104 29.09 -75.12 39.36
C VAL Y 104 29.55 -74.18 40.46
N LEU Y 105 29.50 -74.66 41.70
CA LEU Y 105 29.90 -73.88 42.86
C LEU Y 105 31.18 -74.46 43.46
N ARG Y 106 32.06 -73.57 43.91
CA ARG Y 106 33.34 -73.97 44.46
C ARG Y 106 33.59 -73.24 45.76
N VAL Y 107 33.91 -73.99 46.81
CA VAL Y 107 34.15 -73.40 48.13
C VAL Y 107 35.62 -73.51 48.50
N PRO Y 112 37.29 -67.17 48.95
CA PRO Y 112 35.94 -66.74 48.62
C PRO Y 112 35.22 -67.72 47.69
N PRO Y 113 33.91 -67.89 47.88
CA PRO Y 113 33.17 -68.82 47.02
C PRO Y 113 33.10 -68.33 45.58
N GLN Y 114 33.13 -69.29 44.66
CA GLN Y 114 33.05 -69.00 43.23
C GLN Y 114 31.94 -69.83 42.61
N PHE Y 115 31.15 -69.21 41.74
CA PHE Y 115 30.06 -69.87 41.04
C PHE Y 115 30.24 -69.67 39.54
N SER Y 116 30.13 -70.75 38.78
CA SER Y 116 30.27 -70.71 37.33
C SER Y 116 29.02 -71.27 36.68
N ILE Y 117 28.68 -70.73 35.52
CA ILE Y 117 27.49 -71.12 34.77
C ILE Y 117 27.91 -72.04 33.63
N LYS Y 118 27.11 -73.09 33.39
CA LYS Y 118 27.37 -73.98 32.26
C LYS Y 118 27.37 -73.19 30.96
N ASP Y 119 28.30 -73.54 30.07
CA ASP Y 119 28.55 -72.72 28.88
C ASP Y 119 27.34 -72.69 27.96
N ASN Y 120 26.79 -73.86 27.62
CA ASN Y 120 25.69 -73.97 26.67
C ASN Y 120 24.41 -74.20 27.45
N SER Y 121 23.79 -73.12 27.91
CA SER Y 121 22.59 -73.19 28.73
C SER Y 121 21.40 -72.41 28.19
N ARG Y 122 21.62 -71.45 27.30
CA ARG Y 122 20.54 -70.60 26.81
C ARG Y 122 19.96 -71.15 25.52
N THR Y 123 18.64 -71.05 25.38
CA THR Y 123 17.92 -71.49 24.19
C THR Y 123 17.24 -70.29 23.56
N GLY Y 124 17.48 -70.08 22.27
CA GLY Y 124 16.84 -68.99 21.57
C GLY Y 124 17.77 -68.44 20.50
N ILE Y 125 17.63 -67.13 20.28
CA ILE Y 125 18.37 -66.43 19.24
C ILE Y 125 19.53 -65.67 19.85
N ALA Y 126 20.43 -65.20 19.00
CA ALA Y 126 21.48 -64.28 19.41
C ALA Y 126 20.99 -62.85 19.22
N ILE Y 127 21.34 -61.99 20.18
CA ILE Y 127 20.85 -60.62 20.19
C ILE Y 127 22.02 -59.67 20.08
N ALA Y 128 21.74 -58.47 19.54
CA ALA Y 128 22.71 -57.40 19.42
C ALA Y 128 22.28 -56.23 20.26
N GLU Y 129 23.20 -55.68 21.04
CA GLU Y 129 22.90 -54.65 22.03
C GLU Y 129 23.69 -53.39 21.74
N GLY Y 130 23.05 -52.23 21.89
CA GLY Y 130 23.72 -50.95 21.88
C GLY Y 130 24.58 -50.67 20.67
N THR Y 131 25.88 -50.52 20.90
CA THR Y 131 26.80 -50.18 19.80
C THR Y 131 26.84 -51.28 18.75
N GLN Y 132 26.78 -52.54 19.18
CA GLN Y 132 26.77 -53.64 18.21
C GLN Y 132 25.52 -53.60 17.35
N ASN Y 133 24.39 -53.18 17.92
CA ASN Y 133 23.14 -53.15 17.16
C ASN Y 133 23.21 -52.13 16.02
N VAL Y 134 23.68 -50.92 16.32
CA VAL Y 134 23.74 -49.89 15.29
C VAL Y 134 24.84 -50.20 14.28
N LEU Y 135 25.98 -50.73 14.74
CA LEU Y 135 27.02 -51.14 13.81
C LEU Y 135 26.53 -52.21 12.86
N GLN Y 136 25.80 -53.19 13.38
CA GLN Y 136 25.21 -54.22 12.53
C GLN Y 136 24.14 -53.63 11.62
N SER Y 137 23.43 -52.61 12.09
CA SER Y 137 22.37 -51.99 11.29
C SER Y 137 22.95 -51.36 10.03
N ILE Y 138 24.09 -50.69 10.13
CA ILE Y 138 24.73 -50.10 8.96
C ILE Y 138 25.20 -51.19 8.01
N ASN Y 139 25.69 -52.31 8.56
CA ASN Y 139 26.18 -53.39 7.73
C ASN Y 139 25.07 -53.97 6.86
N ILE Y 140 23.88 -54.14 7.43
CA ILE Y 140 22.75 -54.67 6.67
C ILE Y 140 22.37 -53.73 5.54
N LEU Y 141 22.46 -52.41 5.78
CA LEU Y 141 22.13 -51.44 4.75
C LEU Y 141 23.06 -51.56 3.56
N PHE Y 142 24.36 -51.79 3.80
CA PHE Y 142 25.31 -51.90 2.71
C PHE Y 142 25.05 -53.13 1.87
N LEU Y 143 24.63 -54.23 2.50
CA LEU Y 143 24.46 -55.50 1.79
C LEU Y 143 23.09 -55.65 1.14
N THR Y 144 22.19 -54.68 1.31
CA THR Y 144 20.86 -54.74 0.74
C THR Y 144 20.74 -53.75 -0.42
N GLU Y 145 20.23 -54.24 -1.54
CA GLU Y 145 19.99 -53.39 -2.70
C GLU Y 145 18.51 -53.02 -2.78
N PRO Y 146 18.20 -51.80 -3.23
CA PRO Y 146 16.80 -51.40 -3.33
C PRO Y 146 16.02 -52.32 -4.26
N GLY Y 147 14.77 -52.57 -3.89
CA GLY Y 147 13.93 -53.51 -4.61
C GLY Y 147 13.96 -54.93 -4.10
N GLU Y 148 14.81 -55.23 -3.12
CA GLU Y 148 14.89 -56.57 -2.57
C GLU Y 148 13.94 -56.77 -1.39
N ARG Y 149 13.77 -55.76 -0.55
CA ARG Y 149 12.86 -55.85 0.58
C ARG Y 149 11.42 -55.74 0.10
N ILE Y 150 10.58 -56.69 0.51
CA ILE Y 150 9.19 -56.70 0.08
C ILE Y 150 8.43 -55.58 0.78
N MET Y 151 7.66 -54.82 0.00
CA MET Y 151 6.86 -53.69 0.49
C MET Y 151 7.72 -52.58 1.07
N ARG Y 152 9.04 -52.72 0.96
CA ARG Y 152 10.00 -51.72 1.40
C ARG Y 152 11.02 -51.47 0.30
N GLU Y 153 10.51 -51.27 -0.92
CA GLU Y 153 11.35 -51.26 -2.11
C GLU Y 153 12.40 -50.15 -2.09
N ASP Y 154 12.18 -49.09 -1.31
CA ASP Y 154 13.14 -47.99 -1.26
C ASP Y 154 14.35 -48.33 -0.41
N TYR Y 155 14.20 -49.20 0.58
CA TYR Y 155 15.27 -49.46 1.52
C TYR Y 155 16.46 -50.13 0.83
N GLY Y 156 17.66 -49.73 1.21
CA GLY Y 156 18.89 -50.28 0.68
C GLY Y 156 19.86 -49.17 0.36
N CYS Y 157 21.13 -49.55 0.16
CA CYS Y 157 22.17 -48.60 -0.21
C CYS Y 157 22.25 -48.44 -1.73
N GLY Y 158 22.48 -49.54 -2.44
CA GLY Y 158 22.50 -49.50 -3.89
C GLY Y 158 23.87 -49.21 -4.47
N LEU Y 159 24.90 -49.85 -3.95
CA LEU Y 159 26.25 -49.68 -4.47
C LEU Y 159 26.52 -50.54 -5.70
N ASN Y 160 25.60 -51.44 -6.06
CA ASN Y 160 25.76 -52.24 -7.27
C ASN Y 160 25.76 -51.39 -8.53
N ASP Y 161 25.14 -50.21 -8.48
CA ASP Y 161 25.06 -49.35 -9.66
C ASP Y 161 26.41 -48.79 -10.07
N TYR Y 162 27.38 -48.77 -9.16
CA TYR Y 162 28.70 -48.21 -9.44
C TYR Y 162 29.72 -49.27 -9.85
N LEU Y 163 29.31 -50.53 -9.97
CA LEU Y 163 30.22 -51.57 -10.41
C LEU Y 163 30.52 -51.43 -11.89
N PHE Y 164 31.69 -51.93 -12.30
CA PHE Y 164 32.19 -51.95 -13.67
C PHE Y 164 32.48 -50.56 -14.22
N ALA Y 165 32.36 -49.51 -13.42
CA ALA Y 165 32.77 -48.18 -13.85
C ALA Y 165 34.29 -48.04 -13.73
N ASN Y 166 34.85 -47.21 -14.59
CA ASN Y 166 36.29 -46.98 -14.56
C ASN Y 166 36.70 -46.35 -13.25
N ILE Y 167 37.77 -46.88 -12.66
CA ILE Y 167 38.26 -46.37 -11.38
C ILE Y 167 38.88 -45.00 -11.64
N SER Y 168 38.22 -43.95 -11.15
CA SER Y 168 38.63 -42.58 -11.42
C SER Y 168 38.13 -41.70 -10.29
N ASP Y 169 38.65 -40.47 -10.25
CA ASP Y 169 38.29 -39.54 -9.19
C ASP Y 169 36.79 -39.29 -9.15
N GLU Y 170 36.14 -39.33 -10.31
CA GLU Y 170 34.68 -39.18 -10.33
C GLU Y 170 33.99 -40.34 -9.64
N LEU Y 171 34.49 -41.56 -9.82
CA LEU Y 171 33.85 -42.72 -9.21
C LEU Y 171 34.00 -42.72 -7.70
N MET Y 172 35.19 -42.38 -7.20
CA MET Y 172 35.42 -42.41 -5.76
C MET Y 172 34.56 -41.38 -5.04
N THR Y 173 34.39 -40.20 -5.64
CA THR Y 173 33.54 -39.19 -5.02
C THR Y 173 32.07 -39.58 -5.11
N ASP Y 174 31.66 -40.21 -6.21
CA ASP Y 174 30.29 -40.67 -6.34
C ASP Y 174 29.95 -41.73 -5.29
N ILE Y 175 30.90 -42.64 -5.03
CA ILE Y 175 30.68 -43.67 -4.01
C ILE Y 175 30.60 -43.03 -2.62
N GLN Y 176 31.52 -42.12 -2.33
CA GLN Y 176 31.57 -41.52 -0.99
C GLN Y 176 30.31 -40.71 -0.70
N THR Y 177 29.86 -39.90 -1.67
CA THR Y 177 28.68 -39.08 -1.44
C THR Y 177 27.41 -39.92 -1.40
N HIS Y 178 27.39 -41.03 -2.15
CA HIS Y 178 26.24 -41.93 -2.10
C HIS Y 178 26.06 -42.53 -0.72
N ILE Y 179 27.16 -42.95 -0.09
CA ILE Y 179 27.08 -43.55 1.24
C ILE Y 179 26.59 -42.54 2.26
N GLU Y 180 27.05 -41.29 2.14
CA GLU Y 180 26.65 -40.26 3.09
C GLU Y 180 25.14 -40.03 3.07
N GLU Y 181 24.56 -40.00 1.86
CA GLU Y 181 23.14 -39.69 1.74
C GLU Y 181 22.28 -40.87 2.21
N ARG Y 182 22.70 -42.10 1.92
CA ARG Y 182 21.87 -43.25 2.26
C ARG Y 182 21.89 -43.52 3.77
N VAL Y 183 23.03 -43.32 4.42
CA VAL Y 183 23.10 -43.55 5.87
C VAL Y 183 22.27 -42.51 6.61
N LEU Y 184 22.27 -41.26 6.12
CA LEU Y 184 21.43 -40.23 6.73
C LEU Y 184 19.96 -40.59 6.62
N ARG Y 185 19.56 -41.19 5.51
CA ARG Y 185 18.14 -41.45 5.27
C ARG Y 185 17.64 -42.63 6.08
N TYR Y 186 18.46 -43.68 6.24
CA TYR Y 186 17.99 -44.96 6.78
C TYR Y 186 18.68 -45.35 8.08
N GLU Y 187 19.42 -44.44 8.69
CA GLU Y 187 20.06 -44.78 9.96
C GLU Y 187 20.24 -43.53 10.81
N PRO Y 188 19.23 -43.14 11.58
CA PRO Y 188 19.34 -41.91 12.37
C PRO Y 188 20.20 -42.02 13.61
N ARG Y 189 20.46 -43.23 14.11
CA ARG Y 189 21.21 -43.39 15.35
C ARG Y 189 22.72 -43.30 15.14
N ALA Y 190 23.19 -43.18 13.90
CA ALA Y 190 24.61 -43.13 13.61
C ALA Y 190 24.92 -41.90 12.78
N GLU Y 191 26.15 -41.40 12.96
CA GLU Y 191 26.64 -40.25 12.21
C GLU Y 191 27.97 -40.62 11.59
N ILE Y 192 28.09 -40.46 10.28
CA ILE Y 192 29.30 -40.82 9.56
C ILE Y 192 30.29 -39.66 9.66
N THR Y 193 31.50 -39.96 10.13
CA THR Y 193 32.50 -38.92 10.34
C THR Y 193 33.60 -38.91 9.27
N SER Y 194 33.84 -40.03 8.60
CA SER Y 194 34.88 -40.07 7.58
C SER Y 194 34.64 -41.26 6.67
N ILE Y 195 34.89 -41.05 5.37
CA ILE Y 195 34.85 -42.12 4.37
C ILE Y 195 36.12 -42.03 3.54
N GLN Y 196 36.84 -43.14 3.43
CA GLN Y 196 38.08 -43.21 2.67
C GLN Y 196 37.97 -44.31 1.63
N VAL Y 197 38.22 -43.97 0.37
CA VAL Y 197 38.15 -44.91 -0.74
C VAL Y 197 39.54 -45.05 -1.33
N ASN Y 198 40.01 -46.29 -1.45
CA ASN Y 198 41.34 -46.58 -1.97
C ASN Y 198 41.27 -47.79 -2.88
N GLN Y 199 42.23 -47.86 -3.81
CA GLN Y 199 42.35 -48.97 -4.74
C GLN Y 199 43.42 -49.93 -4.23
N ARG Y 200 43.10 -51.22 -4.18
CA ARG Y 200 44.02 -52.20 -3.66
C ARG Y 200 45.17 -52.43 -4.64
N THR Y 201 46.39 -52.55 -4.09
CA THR Y 201 47.56 -52.74 -4.95
C THR Y 201 47.63 -54.16 -5.49
N ASN Y 202 47.33 -55.16 -4.66
CA ASN Y 202 47.44 -56.55 -5.10
C ASN Y 202 46.29 -56.93 -6.03
N LEU Y 203 45.12 -56.31 -5.87
CA LEU Y 203 43.97 -56.54 -6.74
C LEU Y 203 43.55 -55.21 -7.32
N PRO Y 204 44.05 -54.86 -8.52
CA PRO Y 204 43.78 -53.52 -9.07
C PRO Y 204 42.33 -53.25 -9.39
N SER Y 205 41.50 -54.28 -9.53
CA SER Y 205 40.11 -54.10 -9.96
C SER Y 205 39.15 -53.96 -8.79
N THR Y 206 39.62 -53.93 -7.56
CA THR Y 206 38.77 -53.87 -6.38
C THR Y 206 39.02 -52.56 -5.63
N LEU Y 207 37.96 -52.01 -5.05
CA LEU Y 207 38.00 -50.78 -4.28
C LEU Y 207 37.72 -51.08 -2.81
N HIS Y 208 38.54 -50.51 -1.93
CA HIS Y 208 38.36 -50.66 -0.49
C HIS Y 208 37.80 -49.36 0.08
N VAL Y 209 36.66 -49.46 0.76
CA VAL Y 209 36.00 -48.30 1.34
C VAL Y 209 36.08 -48.43 2.86
N GLN Y 210 36.62 -47.40 3.49
CA GLN Y 210 36.73 -47.34 4.95
C GLN Y 210 35.72 -46.33 5.46
N VAL Y 211 34.80 -46.77 6.32
CA VAL Y 211 33.74 -45.94 6.85
C VAL Y 211 33.90 -45.88 8.37
N THR Y 212 33.82 -44.68 8.92
CA THR Y 212 34.00 -44.45 10.35
C THR Y 212 32.80 -43.71 10.89
N TYR Y 213 32.17 -44.27 11.92
CA TYR Y 213 30.90 -43.77 12.43
C TYR Y 213 30.99 -43.44 13.91
N ALA Y 214 30.10 -42.58 14.36
CA ALA Y 214 29.97 -42.22 15.77
C ALA Y 214 28.51 -42.26 16.16
N LEU Y 215 28.26 -42.56 17.43
CA LEU Y 215 26.90 -42.67 17.92
C LEU Y 215 26.26 -41.29 18.08
N ARG Y 216 24.93 -41.28 18.06
CA ARG Y 216 24.16 -40.05 18.22
C ARG Y 216 24.22 -39.59 19.67
N GLY Y 217 24.74 -38.38 19.88
CA GLY Y 217 24.83 -37.83 21.23
C GLY Y 217 25.86 -38.51 22.10
N SER Y 218 26.87 -39.15 21.51
CA SER Y 218 27.86 -39.86 22.30
C SER Y 218 28.77 -38.91 23.09
N ASP Y 219 28.84 -37.65 22.68
CA ASP Y 219 29.66 -36.67 23.37
C ASP Y 219 28.81 -35.71 24.19
N THR Z 2 -3.41 -60.83 -24.78
CA THR Z 2 -3.07 -59.41 -24.61
C THR Z 2 -3.88 -58.54 -25.57
N ASN Z 3 -4.36 -59.13 -26.66
CA ASN Z 3 -5.18 -58.39 -27.60
C ASN Z 3 -6.51 -57.99 -26.98
N LYS Z 4 -7.04 -58.82 -26.08
CA LYS Z 4 -8.26 -58.46 -25.35
C LYS Z 4 -8.02 -57.24 -24.46
N ILE Z 5 -6.87 -57.19 -23.79
CA ILE Z 5 -6.58 -56.08 -22.89
C ILE Z 5 -6.47 -54.77 -23.66
N LEU Z 6 -5.75 -54.80 -24.79
CA LEU Z 6 -5.59 -53.59 -25.60
C LEU Z 6 -6.93 -53.14 -26.18
N ALA Z 7 -7.76 -54.08 -26.61
CA ALA Z 7 -9.05 -53.73 -27.19
C ALA Z 7 -9.94 -53.04 -26.16
N ASP Z 8 -9.94 -53.52 -24.93
CA ASP Z 8 -10.75 -52.89 -23.89
C ASP Z 8 -10.23 -51.50 -23.56
N ILE Z 9 -8.92 -51.33 -23.51
CA ILE Z 9 -8.35 -50.04 -23.12
C ILE Z 9 -8.58 -49.00 -24.21
N TYR Z 10 -8.31 -49.36 -25.46
CA TYR Z 10 -8.33 -48.40 -26.56
C TYR Z 10 -9.62 -48.41 -27.37
N GLY Z 11 -10.58 -49.25 -27.01
CA GLY Z 11 -11.86 -49.28 -27.70
C GLY Z 11 -11.83 -50.10 -28.97
N ARG Z 12 -13.00 -50.20 -29.59
CA ARG Z 12 -13.15 -50.98 -30.81
C ARG Z 12 -14.35 -50.45 -31.59
N GLY Z 13 -14.30 -50.61 -32.90
CA GLY Z 13 -15.35 -50.09 -33.74
C GLY Z 13 -15.22 -50.59 -35.16
N TRP Z 14 -15.94 -49.91 -36.06
CA TRP Z 14 -15.96 -50.33 -37.46
C TRP Z 14 -14.57 -50.22 -38.09
N ALA Z 15 -14.27 -51.15 -38.99
CA ALA Z 15 -13.02 -51.14 -39.73
C ALA Z 15 -13.15 -50.29 -40.98
N PHE Z 16 -12.03 -49.70 -41.40
CA PHE Z 16 -11.99 -48.83 -42.56
C PHE Z 16 -11.07 -49.43 -43.62
N PRO Z 17 -11.50 -49.48 -44.88
CA PRO Z 17 -12.80 -49.05 -45.41
C PRO Z 17 -13.90 -50.03 -45.04
N PRO Z 18 -15.17 -49.59 -45.03
CA PRO Z 18 -16.25 -50.48 -44.61
C PRO Z 18 -16.31 -51.74 -45.45
N GLN Z 19 -16.51 -52.87 -44.78
CA GLN Z 19 -16.63 -54.16 -45.42
C GLN Z 19 -17.83 -54.90 -44.84
N PHE Z 20 -18.46 -55.73 -45.68
CA PHE Z 20 -19.69 -56.41 -45.31
C PHE Z 20 -19.57 -57.89 -45.62
N PHE Z 21 -20.15 -58.72 -44.76
CA PHE Z 21 -20.12 -60.16 -44.93
C PHE Z 21 -21.51 -60.72 -44.65
N ILE Z 22 -21.84 -61.82 -45.34
CA ILE Z 22 -23.02 -62.61 -45.05
C ILE Z 22 -22.59 -64.07 -44.95
N GLY Z 23 -22.88 -64.70 -43.81
CA GLY Z 23 -22.47 -66.07 -43.62
C GLY Z 23 -23.25 -67.04 -44.47
N GLU Z 24 -22.70 -68.24 -44.61
CA GLU Z 24 -23.33 -69.27 -45.41
C GLU Z 24 -24.59 -69.78 -44.73
N ARG Z 25 -25.55 -70.23 -45.55
CA ARG Z 25 -26.83 -70.69 -45.02
C ARG Z 25 -26.66 -72.03 -44.29
N ILE Z 26 -27.37 -72.17 -43.18
CA ILE Z 26 -27.29 -73.39 -42.39
C ILE Z 26 -28.34 -74.38 -42.88
N PRO Z 27 -27.96 -75.58 -43.30
CA PRO Z 27 -28.96 -76.60 -43.65
C PRO Z 27 -29.59 -77.21 -42.42
N TYR Z 28 -30.62 -76.54 -41.89
CA TYR Z 28 -31.22 -76.93 -40.61
C TYR Z 28 -31.81 -78.33 -40.64
N GLU Z 29 -32.12 -78.87 -41.81
CA GLU Z 29 -32.75 -80.18 -41.91
C GLU Z 29 -31.76 -81.33 -41.74
N ASP Z 30 -30.54 -81.07 -41.28
CA ASP Z 30 -29.54 -82.10 -41.10
C ASP Z 30 -29.13 -82.33 -39.65
N TYR Z 31 -29.42 -81.40 -38.75
CA TYR Z 31 -28.97 -81.47 -37.36
C TYR Z 31 -30.19 -81.70 -36.47
N SER Z 32 -30.49 -82.97 -36.19
CA SER Z 32 -31.61 -83.33 -35.33
C SER Z 32 -31.21 -84.46 -34.38
N SER Z 33 -29.98 -84.41 -33.86
CA SER Z 33 -29.49 -85.44 -32.97
C SER Z 33 -28.47 -84.83 -32.02
N ASP Z 34 -28.74 -84.93 -30.72
CA ASP Z 34 -27.85 -84.37 -29.72
C ASP Z 34 -26.49 -85.08 -29.75
N LEU Z 35 -25.41 -84.29 -29.61
CA LEU Z 35 -24.07 -84.85 -29.70
C LEU Z 35 -23.76 -85.75 -28.51
N ASN Z 36 -24.15 -85.34 -27.30
CA ASN Z 36 -23.85 -86.14 -26.11
C ASN Z 36 -24.54 -87.49 -26.18
N LYS Z 37 -25.79 -87.52 -26.64
CA LYS Z 37 -26.47 -88.80 -26.83
C LYS Z 37 -25.78 -89.61 -27.91
N TYR Z 38 -25.37 -88.96 -29.00
CA TYR Z 38 -24.72 -89.67 -30.09
C TYR Z 38 -23.39 -90.27 -29.65
N LEU Z 39 -22.60 -89.50 -28.89
CA LEU Z 39 -21.32 -90.01 -28.41
C LEU Z 39 -21.52 -91.18 -27.45
N SER Z 40 -22.48 -91.06 -26.53
CA SER Z 40 -22.74 -92.16 -25.61
C SER Z 40 -23.24 -93.40 -26.35
N GLU Z 41 -24.08 -93.21 -27.35
CA GLU Z 41 -24.57 -94.35 -28.14
C GLU Z 41 -23.43 -95.04 -28.88
N LYS Z 42 -22.42 -94.29 -29.29
CA LYS Z 42 -21.28 -94.86 -30.01
C LYS Z 42 -20.23 -95.45 -29.07
N LYS Z 43 -20.59 -95.71 -27.82
CA LYS Z 43 -19.71 -96.36 -26.84
C LYS Z 43 -18.41 -95.60 -26.67
N ILE Z 44 -18.51 -94.27 -26.69
CA ILE Z 44 -17.34 -93.42 -26.45
C ILE Z 44 -17.06 -93.44 -24.96
N GLU Z 45 -15.80 -93.20 -24.59
CA GLU Z 45 -15.45 -93.15 -23.18
C GLU Z 45 -16.13 -91.96 -22.51
N ALA Z 46 -16.56 -92.18 -21.26
CA ALA Z 46 -17.25 -91.12 -20.52
C ALA Z 46 -16.35 -89.91 -20.31
N GLU Z 47 -15.08 -90.13 -19.98
CA GLU Z 47 -14.18 -89.01 -19.77
C GLU Z 47 -13.83 -88.35 -21.09
N GLN Z 48 -13.90 -89.06 -22.21
CA GLN Z 48 -13.70 -88.43 -23.51
C GLN Z 48 -14.77 -87.38 -23.79
N ILE Z 49 -15.98 -87.55 -23.23
CA ILE Z 49 -17.07 -86.60 -23.50
C ILE Z 49 -16.74 -85.23 -22.94
N VAL Z 50 -16.24 -85.16 -21.71
CA VAL Z 50 -15.94 -83.86 -21.12
C VAL Z 50 -14.79 -83.19 -21.86
N LYS Z 51 -13.87 -83.98 -22.42
CA LYS Z 51 -12.84 -83.41 -23.28
C LYS Z 51 -13.44 -82.95 -24.61
N ILE Z 52 -14.44 -83.67 -25.12
CA ILE Z 52 -15.14 -83.23 -26.32
C ILE Z 52 -15.80 -81.88 -26.08
N GLN Z 53 -16.53 -81.76 -24.98
CA GLN Z 53 -17.25 -80.52 -24.69
C GLN Z 53 -16.28 -79.38 -24.36
N ALA Z 54 -15.18 -79.68 -23.66
CA ALA Z 54 -14.20 -78.65 -23.34
C ALA Z 54 -13.57 -78.09 -24.61
N CYS Z 55 -13.31 -78.96 -25.60
CA CYS Z 55 -12.71 -78.50 -26.85
C CYS Z 55 -13.66 -77.59 -27.62
N ILE Z 56 -14.93 -77.97 -27.71
CA ILE Z 56 -15.91 -77.14 -28.42
C ILE Z 56 -16.07 -75.80 -27.72
N LYS Z 57 -16.15 -75.83 -26.39
CA LYS Z 57 -16.28 -74.58 -25.63
C LYS Z 57 -15.06 -73.69 -25.85
N GLU Z 58 -13.86 -74.27 -25.85
CA GLU Z 58 -12.65 -73.48 -26.08
C GLU Z 58 -12.61 -72.91 -27.49
N SER Z 59 -12.98 -73.72 -28.49
CA SER Z 59 -12.97 -73.23 -29.87
C SER Z 59 -13.96 -72.10 -30.07
N VAL Z 60 -15.16 -72.24 -29.50
CA VAL Z 60 -16.14 -71.15 -29.54
C VAL Z 60 -15.67 -69.97 -28.70
N MET Z 61 -14.95 -70.26 -27.61
CA MET Z 61 -14.40 -69.19 -26.78
C MET Z 61 -13.56 -68.23 -27.62
N CYS Z 62 -12.69 -68.78 -28.48
CA CYS Z 62 -11.85 -67.95 -29.32
C CYS Z 62 -12.66 -67.24 -30.40
N TYR Z 63 -13.64 -67.94 -30.98
CA TYR Z 63 -14.43 -67.36 -32.05
C TYR Z 63 -15.22 -66.14 -31.56
N ASP Z 64 -15.85 -66.25 -30.40
CA ASP Z 64 -16.62 -65.15 -29.84
C ASP Z 64 -16.66 -65.35 -28.34
N PHE Z 65 -15.94 -64.51 -27.60
CA PHE Z 65 -15.74 -64.78 -26.18
C PHE Z 65 -16.95 -64.43 -25.32
N HIS Z 66 -17.97 -63.80 -25.88
CA HIS Z 66 -19.22 -63.55 -25.15
C HIS Z 66 -20.21 -64.68 -25.29
N ALA Z 67 -19.86 -65.75 -26.00
CA ALA Z 67 -20.78 -66.84 -26.27
C ALA Z 67 -21.05 -67.66 -25.02
N LYS Z 68 -22.17 -68.39 -25.04
CA LYS Z 68 -22.57 -69.28 -23.95
C LYS Z 68 -23.33 -70.44 -24.58
N ILE Z 69 -22.68 -71.60 -24.66
CA ILE Z 69 -23.22 -72.72 -25.43
C ILE Z 69 -24.47 -73.27 -24.74
N THR Z 70 -25.54 -73.47 -25.52
CA THR Z 70 -26.78 -74.03 -25.01
C THR Z 70 -27.19 -75.34 -25.66
N SER Z 71 -26.71 -75.64 -26.87
CA SER Z 71 -27.09 -76.87 -27.55
C SER Z 71 -25.97 -77.31 -28.47
N THR Z 72 -25.99 -78.59 -28.83
CA THR Z 72 -25.00 -79.17 -29.73
C THR Z 72 -25.65 -80.32 -30.48
N GLN Z 73 -25.56 -80.29 -31.81
CA GLN Z 73 -26.21 -81.28 -32.65
C GLN Z 73 -25.25 -81.75 -33.74
N VAL Z 74 -25.50 -82.96 -34.23
CA VAL Z 74 -24.64 -83.61 -35.21
C VAL Z 74 -25.41 -83.76 -36.52
N SER Z 75 -24.74 -83.48 -37.64
CA SER Z 75 -25.34 -83.70 -38.94
C SER Z 75 -25.53 -85.19 -39.19
N LYS Z 76 -26.68 -85.55 -39.77
CA LYS Z 76 -26.98 -86.94 -40.06
C LYS Z 76 -26.24 -87.47 -41.29
N GLN Z 77 -25.65 -86.60 -42.09
CA GLN Z 77 -24.88 -87.04 -43.25
C GLN Z 77 -23.46 -87.44 -42.91
N THR Z 78 -23.03 -87.25 -41.65
CA THR Z 78 -21.68 -87.61 -41.21
C THR Z 78 -21.82 -88.51 -39.99
N ASN Z 79 -21.78 -89.82 -40.22
CA ASN Z 79 -21.84 -90.80 -39.14
C ASN Z 79 -20.45 -91.40 -38.96
N LEU Z 80 -19.65 -90.74 -38.13
CA LEU Z 80 -18.25 -91.08 -37.88
C LEU Z 80 -17.45 -91.01 -39.17
N PRO Z 83 -14.59 -87.11 -39.23
CA PRO Z 83 -15.17 -85.84 -39.70
C PRO Z 83 -16.63 -85.69 -39.31
N LEU Z 84 -16.89 -85.07 -38.16
CA LEU Z 84 -18.24 -84.88 -37.65
C LEU Z 84 -18.65 -83.43 -37.84
N ASN Z 85 -19.78 -83.22 -38.51
CA ASN Z 85 -20.32 -81.89 -38.74
C ASN Z 85 -21.25 -81.53 -37.58
N ILE Z 86 -20.98 -80.40 -36.95
CA ILE Z 86 -21.63 -80.01 -35.71
C ILE Z 86 -22.27 -78.65 -35.87
N LEU Z 87 -23.50 -78.50 -35.35
CA LEU Z 87 -24.19 -77.22 -35.29
C LEU Z 87 -24.26 -76.79 -33.84
N VAL Z 88 -23.60 -75.68 -33.52
CA VAL Z 88 -23.49 -75.19 -32.15
C VAL Z 88 -24.48 -74.05 -31.95
N THR Z 89 -25.23 -74.10 -30.86
CA THR Z 89 -26.18 -73.06 -30.50
C THR Z 89 -25.74 -72.40 -29.22
N TYR Z 90 -25.64 -71.06 -29.24
CA TYR Z 90 -25.15 -70.31 -28.09
C TYR Z 90 -25.95 -69.03 -27.94
N THR Z 91 -25.84 -68.44 -26.76
CA THR Z 91 -26.44 -67.13 -26.47
C THR Z 91 -25.33 -66.16 -26.07
N LEU Z 92 -25.43 -64.94 -26.56
CA LEU Z 92 -24.41 -63.92 -26.31
C LEU Z 92 -24.65 -63.29 -24.95
N GLY Z 93 -23.77 -63.58 -23.99
CA GLY Z 93 -23.87 -63.01 -22.66
C GLY Z 93 -25.17 -63.39 -21.99
N ASP Z 94 -25.71 -62.45 -21.22
CA ASP Z 94 -26.99 -62.63 -20.53
C ASP Z 94 -28.17 -62.15 -21.36
N SER Z 95 -27.99 -62.05 -22.68
CA SER Z 95 -29.06 -61.56 -23.55
C SER Z 95 -30.00 -62.69 -23.91
N GLU Z 96 -31.07 -62.34 -24.62
CA GLU Z 96 -32.03 -63.30 -25.14
C GLU Z 96 -31.79 -63.65 -26.60
N ILE Z 97 -30.71 -63.14 -27.19
CA ILE Z 97 -30.40 -63.36 -28.59
C ILE Z 97 -29.64 -64.67 -28.73
N SER Z 98 -30.09 -65.52 -29.64
CA SER Z 98 -29.46 -66.81 -29.90
C SER Z 98 -28.96 -66.86 -31.34
N GLN Z 99 -27.83 -67.53 -31.53
CA GLN Z 99 -27.20 -67.65 -32.84
C GLN Z 99 -26.71 -69.07 -33.02
N LYS Z 100 -26.52 -69.45 -34.28
CA LYS Z 100 -26.09 -70.80 -34.64
C LYS Z 100 -24.84 -70.72 -35.50
N ILE Z 101 -24.03 -71.77 -35.43
CA ILE Z 101 -22.72 -71.78 -36.08
C ILE Z 101 -22.33 -73.22 -36.37
N GLN Z 102 -21.85 -73.47 -37.58
CA GLN Z 102 -21.40 -74.79 -37.96
C GLN Z 102 -19.97 -75.04 -37.48
N GLY Z 103 -19.62 -76.32 -37.40
CA GLY Z 103 -18.28 -76.70 -36.97
C GLY Z 103 -17.96 -78.11 -37.41
N VAL Z 104 -16.68 -78.44 -37.33
CA VAL Z 104 -16.18 -79.77 -37.70
C VAL Z 104 -15.43 -80.35 -36.50
N LEU Z 105 -15.83 -81.54 -36.08
CA LEU Z 105 -15.22 -82.23 -34.94
C LEU Z 105 -14.55 -83.50 -35.42
N ARG Z 106 -13.31 -83.70 -34.98
CA ARG Z 106 -12.54 -84.90 -35.32
C ARG Z 106 -12.00 -85.53 -34.05
N VAL Z 107 -12.08 -86.85 -33.98
CA VAL Z 107 -11.61 -87.58 -32.81
C VAL Z 107 -10.52 -88.58 -33.20
N PRO Z 112 -5.71 -86.21 -29.04
CA PRO Z 112 -6.65 -85.23 -28.50
C PRO Z 112 -7.59 -84.66 -29.57
N PRO Z 113 -8.84 -84.39 -29.20
CA PRO Z 113 -9.79 -83.86 -30.18
C PRO Z 113 -9.58 -82.38 -30.43
N GLN Z 114 -9.89 -81.97 -31.66
CA GLN Z 114 -9.87 -80.57 -32.03
C GLN Z 114 -11.15 -80.21 -32.78
N PHE Z 115 -11.58 -78.97 -32.61
CA PHE Z 115 -12.82 -78.47 -33.19
C PHE Z 115 -12.52 -77.29 -34.09
N SER Z 116 -13.02 -77.34 -35.31
CA SER Z 116 -12.79 -76.28 -36.29
C SER Z 116 -14.11 -75.62 -36.67
N ILE Z 117 -14.02 -74.34 -36.99
CA ILE Z 117 -15.19 -73.53 -37.36
C ILE Z 117 -15.18 -73.32 -38.86
N LYS Z 118 -16.36 -73.31 -39.46
CA LYS Z 118 -16.49 -72.99 -40.87
C LYS Z 118 -15.93 -71.60 -41.14
N ASP Z 119 -15.23 -71.46 -42.26
CA ASP Z 119 -14.49 -70.22 -42.52
C ASP Z 119 -15.42 -69.02 -42.70
N ASN Z 120 -16.45 -69.16 -43.54
CA ASN Z 120 -17.36 -68.07 -43.83
C ASN Z 120 -18.66 -68.29 -43.07
N SER Z 121 -18.66 -67.86 -41.80
CA SER Z 121 -19.80 -68.03 -40.93
C SER Z 121 -20.31 -66.73 -40.30
N ARG Z 122 -19.54 -65.65 -40.37
CA ARG Z 122 -19.92 -64.40 -39.73
C ARG Z 122 -20.64 -63.49 -40.71
N THR Z 123 -21.72 -62.88 -40.24
CA THR Z 123 -22.49 -61.92 -41.01
C THR Z 123 -22.50 -60.59 -40.27
N GLY Z 124 -22.12 -59.53 -40.96
CA GLY Z 124 -22.07 -58.21 -40.36
C GLY Z 124 -20.95 -57.39 -40.98
N ILE Z 125 -20.34 -56.56 -40.15
CA ILE Z 125 -19.29 -55.66 -40.57
C ILE Z 125 -17.95 -56.16 -40.03
N ALA Z 126 -16.87 -55.65 -40.63
CA ALA Z 126 -15.53 -55.89 -40.12
C ALA Z 126 -15.22 -54.85 -39.05
N ILE Z 127 -14.63 -55.31 -37.95
CA ILE Z 127 -14.35 -54.43 -36.82
C ILE Z 127 -12.85 -54.33 -36.61
N ALA Z 128 -12.42 -53.19 -36.08
CA ALA Z 128 -11.03 -52.93 -35.74
C ALA Z 128 -10.91 -52.78 -34.23
N GLU Z 129 -9.88 -53.40 -33.65
CA GLU Z 129 -9.78 -53.53 -32.21
C GLU Z 129 -8.40 -53.05 -31.75
N GLY Z 130 -8.37 -52.40 -30.58
CA GLY Z 130 -7.12 -52.12 -29.91
C GLY Z 130 -6.18 -51.26 -30.73
N THR Z 131 -4.99 -51.80 -30.97
CA THR Z 131 -3.96 -51.05 -31.71
C THR Z 131 -4.42 -50.75 -33.13
N GLN Z 132 -5.07 -51.72 -33.78
CA GLN Z 132 -5.52 -51.50 -35.15
C GLN Z 132 -6.53 -50.36 -35.23
N ASN Z 133 -7.33 -50.19 -34.17
CA ASN Z 133 -8.28 -49.07 -34.15
C ASN Z 133 -7.55 -47.73 -34.14
N VAL Z 134 -6.48 -47.62 -33.36
CA VAL Z 134 -5.73 -46.37 -33.28
C VAL Z 134 -4.97 -46.13 -34.58
N LEU Z 135 -4.35 -47.18 -35.12
CA LEU Z 135 -3.62 -47.04 -36.38
C LEU Z 135 -4.55 -46.62 -37.51
N GLN Z 136 -5.73 -47.24 -37.58
CA GLN Z 136 -6.71 -46.87 -38.60
C GLN Z 136 -7.21 -45.44 -38.39
N SER Z 137 -7.35 -45.02 -37.13
CA SER Z 137 -7.85 -43.69 -36.84
C SER Z 137 -6.93 -42.61 -37.40
N ILE Z 138 -5.61 -42.81 -37.28
CA ILE Z 138 -4.67 -41.84 -37.84
C ILE Z 138 -4.72 -41.85 -39.36
N ASN Z 139 -4.91 -43.04 -39.95
CA ASN Z 139 -4.99 -43.13 -41.41
C ASN Z 139 -6.17 -42.35 -41.96
N ILE Z 140 -7.31 -42.42 -41.29
CA ILE Z 140 -8.49 -41.67 -41.73
C ILE Z 140 -8.22 -40.18 -41.65
N LEU Z 141 -7.49 -39.74 -40.63
CA LEU Z 141 -7.19 -38.32 -40.48
C LEU Z 141 -6.35 -37.80 -41.65
N PHE Z 142 -5.38 -38.60 -42.11
CA PHE Z 142 -4.52 -38.16 -43.20
C PHE Z 142 -5.31 -38.04 -44.50
N LEU Z 143 -6.28 -38.92 -44.73
CA LEU Z 143 -7.00 -38.97 -45.98
C LEU Z 143 -8.20 -38.05 -46.03
N THR Z 144 -8.48 -37.31 -44.96
CA THR Z 144 -9.63 -36.41 -44.91
C THR Z 144 -9.14 -34.96 -44.92
N GLU Z 145 -9.72 -34.15 -45.79
CA GLU Z 145 -9.36 -32.74 -45.79
C GLU Z 145 -10.42 -31.93 -45.06
N PRO Z 146 -10.01 -30.86 -44.37
CA PRO Z 146 -10.99 -30.05 -43.64
C PRO Z 146 -12.04 -29.47 -44.58
N GLY Z 147 -13.28 -29.48 -44.11
CA GLY Z 147 -14.41 -29.06 -44.91
C GLY Z 147 -15.15 -30.19 -45.60
N GLU Z 148 -14.57 -31.39 -45.65
CA GLU Z 148 -15.24 -32.52 -46.28
C GLU Z 148 -16.32 -33.13 -45.39
N ARG Z 149 -16.12 -33.11 -44.08
CA ARG Z 149 -17.06 -33.72 -43.15
C ARG Z 149 -18.21 -32.76 -42.84
N ILE Z 150 -19.44 -33.25 -42.97
CA ILE Z 150 -20.60 -32.43 -42.69
C ILE Z 150 -20.71 -32.17 -41.19
N MET Z 151 -20.97 -30.93 -40.81
CA MET Z 151 -21.06 -30.46 -39.44
C MET Z 151 -19.77 -30.66 -38.66
N ARG Z 152 -18.70 -31.06 -39.32
CA ARG Z 152 -17.38 -31.29 -38.72
C ARG Z 152 -16.31 -30.65 -39.59
N GLU Z 153 -16.52 -29.40 -39.97
CA GLU Z 153 -15.78 -28.76 -41.04
C GLU Z 153 -14.30 -28.57 -40.74
N ASP Z 154 -13.86 -28.74 -39.49
CA ASP Z 154 -12.45 -28.59 -39.18
C ASP Z 154 -11.71 -29.92 -39.14
N TYR Z 155 -12.42 -31.03 -38.99
CA TYR Z 155 -11.76 -32.33 -38.88
C TYR Z 155 -11.01 -32.65 -40.17
N GLY Z 156 -9.80 -33.20 -40.01
CA GLY Z 156 -8.96 -33.52 -41.15
C GLY Z 156 -7.55 -33.02 -40.95
N CYS Z 157 -6.63 -33.44 -41.82
CA CYS Z 157 -5.24 -33.01 -41.72
C CYS Z 157 -4.99 -31.75 -42.53
N GLY Z 158 -5.25 -31.80 -43.83
CA GLY Z 158 -5.07 -30.64 -44.68
C GLY Z 158 -3.73 -30.59 -45.38
N LEU Z 159 -3.24 -31.75 -45.82
CA LEU Z 159 -1.97 -31.81 -46.52
C LEU Z 159 -2.07 -31.42 -47.99
N ASN Z 160 -3.28 -31.20 -48.50
CA ASN Z 160 -3.44 -30.75 -49.87
C ASN Z 160 -2.87 -29.36 -50.09
N ASP Z 161 -2.74 -28.56 -49.03
CA ASP Z 161 -2.24 -27.20 -49.17
C ASP Z 161 -0.75 -27.16 -49.49
N TYR Z 162 -0.03 -28.26 -49.29
CA TYR Z 162 1.40 -28.31 -49.52
C TYR Z 162 1.76 -28.92 -50.87
N LEU Z 163 0.77 -29.30 -51.67
CA LEU Z 163 1.05 -29.80 -53.01
C LEU Z 163 1.48 -28.66 -53.93
N PHE Z 164 2.29 -29.00 -54.93
CA PHE Z 164 2.81 -28.09 -55.94
C PHE Z 164 3.78 -27.06 -55.37
N ALA Z 165 4.21 -27.23 -54.13
CA ALA Z 165 5.24 -26.37 -53.57
C ALA Z 165 6.62 -26.94 -53.90
N ASN Z 166 7.60 -26.04 -54.04
CA ASN Z 166 8.95 -26.47 -54.35
C ASN Z 166 9.50 -27.34 -53.24
N ILE Z 167 10.09 -28.47 -53.61
CA ILE Z 167 10.65 -29.39 -52.62
C ILE Z 167 11.90 -28.77 -52.04
N SER Z 168 11.86 -28.45 -50.75
CA SER Z 168 12.95 -27.73 -50.11
C SER Z 168 12.89 -28.02 -48.61
N ASP Z 169 13.86 -27.45 -47.88
CA ASP Z 169 13.89 -27.61 -46.43
C ASP Z 169 12.67 -26.96 -45.79
N GLU Z 170 12.22 -25.82 -46.33
CA GLU Z 170 11.06 -25.15 -45.78
C GLU Z 170 9.81 -26.01 -45.91
N LEU Z 171 9.62 -26.66 -47.06
CA LEU Z 171 8.45 -27.51 -47.23
C LEU Z 171 8.50 -28.74 -46.32
N MET Z 172 9.67 -29.35 -46.17
CA MET Z 172 9.79 -30.51 -45.30
C MET Z 172 9.52 -30.16 -43.85
N THR Z 173 10.00 -29.01 -43.40
CA THR Z 173 9.72 -28.57 -42.04
C THR Z 173 8.23 -28.30 -41.84
N ASP Z 174 7.59 -27.66 -42.82
CA ASP Z 174 6.17 -27.33 -42.70
C ASP Z 174 5.31 -28.58 -42.64
N ILE Z 175 5.63 -29.58 -43.48
CA ILE Z 175 4.85 -30.81 -43.49
C ILE Z 175 4.98 -31.54 -42.16
N GLN Z 176 6.20 -31.63 -41.64
CA GLN Z 176 6.42 -32.36 -40.40
C GLN Z 176 5.71 -31.72 -39.22
N THR Z 177 5.81 -30.39 -39.10
CA THR Z 177 5.19 -29.71 -37.96
C THR Z 177 3.67 -29.69 -38.11
N HIS Z 178 3.16 -29.67 -39.34
CA HIS Z 178 1.73 -29.71 -39.55
C HIS Z 178 1.13 -31.03 -39.07
N ILE Z 179 1.82 -32.13 -39.34
CA ILE Z 179 1.32 -33.44 -38.91
C ILE Z 179 1.30 -33.53 -37.40
N GLU Z 180 2.35 -33.02 -36.75
CA GLU Z 180 2.42 -33.09 -35.29
C GLU Z 180 1.26 -32.33 -34.65
N GLU Z 181 0.93 -31.15 -35.18
CA GLU Z 181 -0.12 -30.34 -34.57
C GLU Z 181 -1.49 -30.98 -34.75
N ARG Z 182 -1.77 -31.51 -35.94
CA ARG Z 182 -3.10 -32.05 -36.21
C ARG Z 182 -3.36 -33.33 -35.42
N VAL Z 183 -2.35 -34.18 -35.29
CA VAL Z 183 -2.53 -35.43 -34.55
C VAL Z 183 -2.79 -35.13 -33.07
N LEU Z 184 -2.11 -34.12 -32.52
CA LEU Z 184 -2.34 -33.74 -31.14
C LEU Z 184 -3.78 -33.26 -30.94
N ARG Z 185 -4.38 -32.68 -31.97
CA ARG Z 185 -5.70 -32.08 -31.82
C ARG Z 185 -6.81 -33.12 -32.00
N TYR Z 186 -6.59 -34.14 -32.83
CA TYR Z 186 -7.67 -35.02 -33.25
C TYR Z 186 -7.38 -36.49 -32.96
N GLU Z 187 -6.36 -36.79 -32.19
CA GLU Z 187 -6.10 -38.19 -31.84
C GLU Z 187 -5.34 -38.27 -30.52
N PRO Z 188 -6.05 -38.31 -29.38
CA PRO Z 188 -5.36 -38.34 -28.08
C PRO Z 188 -4.85 -39.70 -27.68
N ARG Z 189 -5.30 -40.78 -28.33
CA ARG Z 189 -4.87 -42.12 -27.95
C ARG Z 189 -3.49 -42.48 -28.48
N ALA Z 190 -2.90 -41.65 -29.32
CA ALA Z 190 -1.62 -41.95 -29.94
C ALA Z 190 -0.64 -40.82 -29.68
N GLU Z 191 0.66 -41.17 -29.66
CA GLU Z 191 1.73 -40.22 -29.49
C GLU Z 191 2.70 -40.37 -30.65
N ILE Z 192 2.94 -39.29 -31.38
CA ILE Z 192 3.86 -39.31 -32.50
C ILE Z 192 5.29 -39.19 -31.99
N THR Z 193 6.14 -40.13 -32.38
CA THR Z 193 7.51 -40.17 -31.88
C THR Z 193 8.55 -39.74 -32.90
N SER Z 194 8.27 -39.87 -34.19
CA SER Z 194 9.23 -39.48 -35.22
C SER Z 194 8.51 -39.27 -36.54
N ILE Z 195 8.97 -38.28 -37.30
CA ILE Z 195 8.43 -38.00 -38.64
C ILE Z 195 9.63 -37.81 -39.57
N GLN Z 196 9.67 -38.59 -40.64
CA GLN Z 196 10.76 -38.52 -41.62
C GLN Z 196 10.17 -38.21 -42.99
N VAL Z 197 10.70 -37.18 -43.64
CA VAL Z 197 10.27 -36.76 -44.97
C VAL Z 197 11.46 -36.91 -45.90
N ASN Z 198 11.28 -37.68 -46.97
CA ASN Z 198 12.35 -37.93 -47.94
C ASN Z 198 11.79 -37.85 -49.35
N GLN Z 199 12.65 -37.47 -50.28
CA GLN Z 199 12.28 -37.36 -51.69
C GLN Z 199 12.66 -38.65 -52.41
N ARG Z 200 11.72 -39.21 -53.16
CA ARG Z 200 11.96 -40.47 -53.87
C ARG Z 200 12.93 -40.25 -55.01
N THR Z 201 13.87 -41.18 -55.16
CA THR Z 201 14.87 -41.06 -56.23
C THR Z 201 14.28 -41.39 -57.59
N ASN Z 202 13.47 -42.45 -57.67
CA ASN Z 202 12.90 -42.84 -58.95
C ASN Z 202 11.78 -41.91 -59.38
N LEU Z 203 11.09 -41.28 -58.43
CA LEU Z 203 10.02 -40.33 -58.70
C LEU Z 203 10.37 -39.01 -58.00
N PRO Z 204 11.10 -38.13 -58.68
CA PRO Z 204 11.60 -36.93 -58.00
C PRO Z 204 10.53 -35.98 -57.51
N SER Z 205 9.31 -36.05 -58.03
CA SER Z 205 8.27 -35.10 -57.68
C SER Z 205 7.39 -35.56 -56.53
N THR Z 206 7.67 -36.72 -55.93
CA THR Z 206 6.87 -37.26 -54.86
C THR Z 206 7.66 -37.30 -53.56
N LEU Z 207 6.99 -36.98 -52.46
CA LEU Z 207 7.59 -36.98 -51.13
C LEU Z 207 7.05 -38.17 -50.34
N HIS Z 208 7.94 -38.88 -49.67
CA HIS Z 208 7.58 -40.01 -48.81
C HIS Z 208 7.70 -39.59 -47.36
N VAL Z 209 6.61 -39.73 -46.61
CA VAL Z 209 6.56 -39.35 -45.21
C VAL Z 209 6.45 -40.62 -44.38
N GLN Z 210 7.38 -40.78 -43.44
CA GLN Z 210 7.39 -41.91 -42.52
C GLN Z 210 7.01 -41.42 -41.14
N VAL Z 211 5.93 -41.97 -40.60
CA VAL Z 211 5.39 -41.54 -39.31
C VAL Z 211 5.43 -42.72 -38.35
N THR Z 212 5.94 -42.49 -37.15
CA THR Z 212 6.08 -43.51 -36.13
C THR Z 212 5.30 -43.08 -34.89
N TYR Z 213 4.44 -43.96 -34.39
CA TYR Z 213 3.53 -43.61 -33.31
C TYR Z 213 3.63 -44.65 -32.20
N ALA Z 214 3.32 -44.21 -30.98
CA ALA Z 214 3.26 -45.08 -29.82
C ALA Z 214 1.94 -44.87 -29.09
N LEU Z 215 1.44 -45.94 -28.47
CA LEU Z 215 0.15 -45.88 -27.81
C LEU Z 215 0.24 -45.12 -26.50
N ARG Z 216 -0.91 -44.57 -26.08
CA ARG Z 216 -0.98 -43.79 -24.86
C ARG Z 216 -0.80 -44.70 -23.65
N GLY Z 217 0.22 -44.42 -22.84
CA GLY Z 217 0.47 -45.21 -21.65
C GLY Z 217 0.97 -46.61 -21.93
N SER Z 218 1.58 -46.84 -23.09
CA SER Z 218 2.02 -48.19 -23.44
C SER Z 218 3.21 -48.63 -22.60
N ASP Z 219 4.16 -47.74 -22.36
CA ASP Z 219 5.35 -48.07 -21.58
C ASP Z 219 5.02 -48.23 -20.10
N THR AA 2 -31.36 -10.64 -56.94
CA THR AA 2 -30.41 -10.20 -55.93
C THR AA 2 -30.56 -8.71 -55.65
N ASN AA 3 -31.15 -7.99 -56.59
CA ASN AA 3 -31.39 -6.56 -56.37
C ASN AA 3 -32.37 -6.33 -55.23
N LYS AA 4 -33.34 -7.21 -55.06
CA LYS AA 4 -34.25 -7.11 -53.92
C LYS AA 4 -33.50 -7.30 -52.61
N ILE AA 5 -32.58 -8.25 -52.56
CA ILE AA 5 -31.84 -8.52 -51.34
C ILE AA 5 -30.99 -7.31 -50.95
N LEU AA 6 -30.30 -6.71 -51.93
CA LEU AA 6 -29.48 -5.55 -51.65
C LEU AA 6 -30.33 -4.35 -51.23
N ALA AA 7 -31.50 -4.18 -51.86
CA ALA AA 7 -32.36 -3.06 -51.54
C ALA AA 7 -32.85 -3.14 -50.09
N ASP AA 8 -33.23 -4.33 -49.65
CA ASP AA 8 -33.70 -4.49 -48.28
C ASP AA 8 -32.58 -4.24 -47.27
N ILE AA 9 -31.36 -4.67 -47.59
CA ILE AA 9 -30.26 -4.54 -46.65
C ILE AA 9 -29.84 -3.08 -46.51
N TYR AA 10 -29.72 -2.36 -47.63
CA TYR AA 10 -29.19 -1.01 -47.63
C TYR AA 10 -30.26 0.07 -47.71
N GLY AA 11 -31.53 -0.30 -47.84
CA GLY AA 11 -32.60 0.69 -47.84
C GLY AA 11 -32.84 1.29 -49.20
N ARG AA 12 -33.89 2.10 -49.26
CA ARG AA 12 -34.26 2.77 -50.49
C ARG AA 12 -34.88 4.12 -50.17
N GLY AA 13 -34.80 5.04 -51.13
CA GLY AA 13 -35.29 6.39 -50.92
C GLY AA 13 -35.33 7.16 -52.21
N TRP AA 14 -35.55 8.47 -52.09
CA TRP AA 14 -35.66 9.33 -53.25
C TRP AA 14 -34.37 9.35 -54.05
N ALA AA 15 -34.51 9.43 -55.37
CA ALA AA 15 -33.36 9.53 -56.25
C ALA AA 15 -32.89 10.98 -56.36
N PHE AA 16 -31.60 11.16 -56.62
CA PHE AA 16 -31.01 12.48 -56.75
C PHE AA 16 -30.45 12.65 -58.15
N PRO AA 17 -30.74 13.77 -58.83
CA PRO AA 17 -31.58 14.89 -58.39
C PRO AA 17 -33.06 14.52 -58.47
N PRO AA 18 -33.92 15.21 -57.73
CA PRO AA 18 -35.35 14.84 -57.72
C PRO AA 18 -35.96 14.87 -59.11
N GLN AA 19 -36.74 13.85 -59.42
CA GLN AA 19 -37.45 13.75 -60.68
C GLN AA 19 -38.90 13.36 -60.42
N PHE AA 20 -39.79 13.80 -61.31
CA PHE AA 20 -41.21 13.59 -61.13
C PHE AA 20 -41.82 13.04 -62.41
N PHE AA 21 -42.82 12.17 -62.25
CA PHE AA 21 -43.51 11.56 -63.38
C PHE AA 21 -45.01 11.58 -63.13
N ILE AA 22 -45.77 11.69 -64.21
CA ILE AA 22 -47.22 11.50 -64.18
C ILE AA 22 -47.57 10.51 -65.27
N GLY AA 23 -48.26 9.43 -64.90
CA GLY AA 23 -48.62 8.42 -65.87
C GLY AA 23 -49.71 8.87 -66.81
N GLU AA 24 -49.82 8.16 -67.93
CA GLU AA 24 -50.82 8.50 -68.93
C GLU AA 24 -52.21 8.17 -68.42
N ARG AA 25 -53.19 8.94 -68.91
CA ARG AA 25 -54.57 8.76 -68.48
C ARG AA 25 -55.14 7.44 -69.01
N ILE AA 26 -55.97 6.80 -68.20
CA ILE AA 26 -56.58 5.52 -68.54
C ILE AA 26 -57.93 5.81 -69.18
N PRO AA 27 -58.17 5.40 -70.43
CA PRO AA 27 -59.51 5.55 -71.01
C PRO AA 27 -60.49 4.53 -70.44
N TYR AA 28 -61.08 4.85 -69.29
CA TYR AA 28 -61.90 3.90 -68.55
C TYR AA 28 -63.11 3.42 -69.33
N GLU AA 29 -63.53 4.15 -70.36
CA GLU AA 29 -64.71 3.79 -71.13
C GLU AA 29 -64.44 2.70 -72.17
N ASP AA 30 -63.30 2.01 -72.08
CA ASP AA 30 -62.96 0.97 -73.04
C ASP AA 30 -62.85 -0.43 -72.44
N TYR AA 31 -62.75 -0.55 -71.12
CA TYR AA 31 -62.52 -1.83 -70.47
C TYR AA 31 -63.76 -2.18 -69.65
N SER AA 32 -64.69 -2.94 -70.26
CA SER AA 32 -65.91 -3.39 -69.60
C SER AA 32 -66.19 -4.83 -69.94
N SER AA 33 -65.14 -5.65 -70.03
CA SER AA 33 -65.30 -7.06 -70.37
C SER AA 33 -64.20 -7.86 -69.67
N ASP AA 34 -64.61 -8.84 -68.88
CA ASP AA 34 -63.65 -9.64 -68.13
C ASP AA 34 -62.75 -10.45 -69.05
N LEU AA 35 -61.47 -10.54 -68.68
CA LEU AA 35 -60.50 -11.25 -69.51
C LEU AA 35 -60.82 -12.74 -69.60
N ASN AA 36 -61.12 -13.36 -68.46
CA ASN AA 36 -61.38 -14.79 -68.46
C ASN AA 36 -62.65 -15.13 -69.24
N LYS AA 37 -63.69 -14.32 -69.09
CA LYS AA 37 -64.92 -14.56 -69.83
C LYS AA 37 -64.71 -14.35 -71.32
N TYR AA 38 -63.89 -13.36 -71.70
CA TYR AA 38 -63.57 -13.15 -73.11
C TYR AA 38 -62.78 -14.33 -73.67
N LEU AA 39 -61.79 -14.83 -72.92
CA LEU AA 39 -61.01 -15.96 -73.38
C LEU AA 39 -61.87 -17.20 -73.55
N SER AA 40 -62.71 -17.50 -72.56
CA SER AA 40 -63.58 -18.67 -72.65
C SER AA 40 -64.56 -18.54 -73.81
N GLU AA 41 -65.10 -17.34 -74.01
CA GLU AA 41 -66.04 -17.13 -75.12
C GLU AA 41 -65.36 -17.33 -76.47
N LYS AA 42 -64.08 -17.00 -76.58
CA LYS AA 42 -63.34 -17.16 -77.83
C LYS AA 42 -62.80 -18.56 -78.03
N LYS AA 43 -63.33 -19.54 -77.30
CA LYS AA 43 -62.96 -20.96 -77.45
C LYS AA 43 -61.46 -21.16 -77.29
N ILE AA 44 -60.89 -20.51 -76.27
CA ILE AA 44 -59.49 -20.69 -75.92
C ILE AA 44 -59.41 -21.93 -75.04
N GLU AA 45 -58.24 -22.58 -75.05
CA GLU AA 45 -58.05 -23.74 -74.21
C GLU AA 45 -58.06 -23.34 -72.74
N ALA AA 46 -58.73 -24.15 -71.91
CA ALA AA 46 -58.76 -23.87 -70.49
C ALA AA 46 -57.36 -23.95 -69.89
N GLU AA 47 -56.52 -24.85 -70.39
CA GLU AA 47 -55.15 -24.94 -69.89
C GLU AA 47 -54.37 -23.68 -70.27
N GLN AA 48 -54.66 -23.10 -71.44
CA GLN AA 48 -54.03 -21.85 -71.83
C GLN AA 48 -54.37 -20.72 -70.87
N ILE AA 49 -55.55 -20.77 -70.25
CA ILE AA 49 -56.01 -19.68 -69.40
C ILE AA 49 -55.11 -19.51 -68.18
N VAL AA 50 -54.76 -20.63 -67.53
CA VAL AA 50 -53.90 -20.54 -66.35
C VAL AA 50 -52.51 -20.04 -66.73
N LYS AA 51 -52.02 -20.43 -67.92
CA LYS AA 51 -50.79 -19.84 -68.42
C LYS AA 51 -50.97 -18.35 -68.72
N ILE AA 52 -52.15 -17.98 -69.23
CA ILE AA 52 -52.43 -16.57 -69.48
C ILE AA 52 -52.35 -15.78 -68.17
N GLN AA 53 -53.02 -16.28 -67.12
CA GLN AA 53 -53.04 -15.57 -65.85
C GLN AA 53 -51.66 -15.57 -65.19
N ALA AA 54 -50.92 -16.67 -65.33
CA ALA AA 54 -49.57 -16.73 -64.77
C ALA AA 54 -48.66 -15.70 -65.41
N CYS AA 55 -48.80 -15.49 -66.73
CA CYS AA 55 -48.01 -14.48 -67.41
C CYS AA 55 -48.35 -13.08 -66.91
N ILE AA 56 -49.64 -12.81 -66.69
CA ILE AA 56 -50.04 -11.51 -66.17
C ILE AA 56 -49.46 -11.30 -64.78
N LYS AA 57 -49.57 -12.31 -63.92
CA LYS AA 57 -49.10 -12.17 -62.54
C LYS AA 57 -47.59 -11.98 -62.50
N GLU AA 58 -46.85 -12.72 -63.33
CA GLU AA 58 -45.40 -12.60 -63.33
C GLU AA 58 -44.96 -11.23 -63.83
N SER AA 59 -45.60 -10.73 -64.90
CA SER AA 59 -45.21 -9.44 -65.45
C SER AA 59 -45.52 -8.30 -64.48
N VAL AA 60 -46.67 -8.37 -63.80
CA VAL AA 60 -47.01 -7.35 -62.82
C VAL AA 60 -46.06 -7.42 -61.63
N MET AA 61 -45.68 -8.63 -61.23
CA MET AA 61 -44.78 -8.78 -60.08
C MET AA 61 -43.44 -8.12 -60.34
N CYS AA 62 -42.91 -8.27 -61.56
CA CYS AA 62 -41.68 -7.57 -61.91
C CYS AA 62 -41.89 -6.05 -61.88
N TYR AA 63 -43.05 -5.60 -62.37
CA TYR AA 63 -43.36 -4.17 -62.32
C TYR AA 63 -43.48 -3.67 -60.89
N ASP AA 64 -44.17 -4.44 -60.03
CA ASP AA 64 -44.32 -4.06 -58.63
C ASP AA 64 -44.62 -5.34 -57.85
N PHE AA 65 -43.65 -5.80 -57.05
CA PHE AA 65 -43.76 -7.09 -56.41
C PHE AA 65 -44.70 -7.09 -55.21
N HIS AA 66 -45.16 -5.93 -54.75
CA HIS AA 66 -46.15 -5.85 -53.70
C HIS AA 66 -47.58 -5.97 -54.22
N ALA AA 67 -47.75 -6.06 -55.54
CA ALA AA 67 -49.08 -6.05 -56.13
C ALA AA 67 -49.82 -7.35 -55.87
N LYS AA 68 -51.15 -7.28 -55.98
CA LYS AA 68 -52.03 -8.42 -55.81
C LYS AA 68 -53.21 -8.24 -56.75
N ILE AA 69 -53.26 -9.05 -57.81
CA ILE AA 69 -54.23 -8.84 -58.88
C ILE AA 69 -55.64 -9.11 -58.36
N THR AA 70 -56.57 -8.20 -58.66
CA THR AA 70 -57.96 -8.34 -58.29
C THR AA 70 -58.92 -8.34 -59.46
N SER AA 71 -58.55 -7.75 -60.60
CA SER AA 71 -59.46 -7.69 -61.74
C SER AA 71 -58.64 -7.65 -63.02
N THR AA 72 -59.29 -8.03 -64.13
CA THR AA 72 -58.66 -8.02 -65.44
C THR AA 72 -59.75 -7.77 -66.48
N GLN AA 73 -59.51 -6.79 -67.36
CA GLN AA 73 -60.51 -6.39 -68.34
C GLN AA 73 -59.86 -6.20 -69.70
N VAL AA 74 -60.72 -6.19 -70.73
CA VAL AA 74 -60.28 -6.13 -72.13
C VAL AA 74 -60.75 -4.83 -72.74
N SER AA 75 -59.89 -4.21 -73.54
CA SER AA 75 -60.30 -3.06 -74.33
C SER AA 75 -61.23 -3.51 -75.45
N LYS AA 76 -62.36 -2.83 -75.60
CA LYS AA 76 -63.33 -3.21 -76.62
C LYS AA 76 -62.86 -2.89 -78.03
N GLN AA 77 -61.83 -2.06 -78.19
CA GLN AA 77 -61.32 -1.70 -79.50
C GLN AA 77 -60.27 -2.67 -80.01
N THR AA 78 -59.96 -3.72 -79.26
CA THR AA 78 -58.98 -4.74 -79.65
C THR AA 78 -59.66 -6.09 -79.50
N ASN AA 79 -60.25 -6.59 -80.58
CA ASN AA 79 -60.89 -7.90 -80.59
C ASN AA 79 -59.99 -8.87 -81.36
N LEU AA 80 -59.08 -9.49 -80.62
CA LEU AA 80 -58.06 -10.39 -81.16
C LEU AA 80 -57.16 -9.65 -82.17
N PRO AA 83 -52.62 -8.64 -80.52
CA PRO AA 83 -52.47 -7.41 -79.73
C PRO AA 83 -53.72 -7.08 -78.91
N LEU AA 84 -53.70 -7.45 -77.64
CA LEU AA 84 -54.82 -7.24 -76.73
C LEU AA 84 -54.45 -6.23 -75.67
N ASN AA 85 -55.32 -5.25 -75.45
CA ASN AA 85 -55.10 -4.20 -74.45
C ASN AA 85 -55.87 -4.57 -73.18
N ILE AA 86 -55.15 -4.70 -72.08
CA ILE AA 86 -55.70 -5.18 -70.82
C ILE AA 86 -55.50 -4.12 -69.74
N LEU AA 87 -56.55 -3.84 -68.99
CA LEU AA 87 -56.48 -2.98 -67.82
C LEU AA 87 -56.46 -3.87 -66.57
N VAL AA 88 -55.37 -3.79 -65.80
CA VAL AA 88 -55.16 -4.64 -64.64
C VAL AA 88 -55.43 -3.83 -63.39
N THR AA 89 -56.23 -4.39 -62.49
CA THR AA 89 -56.53 -3.78 -61.20
C THR AA 89 -55.90 -4.62 -60.10
N TYR AA 90 -55.13 -3.98 -59.22
CA TYR AA 90 -54.43 -4.68 -58.16
C TYR AA 90 -54.46 -3.86 -56.89
N THR AA 91 -54.18 -4.53 -55.78
CA THR AA 91 -54.05 -3.89 -54.47
C THR AA 91 -52.66 -4.16 -53.92
N LEU AA 92 -52.08 -3.15 -53.27
CA LEU AA 92 -50.71 -3.26 -52.75
C LEU AA 92 -50.73 -3.91 -51.39
N GLY AA 93 -50.19 -5.12 -51.29
CA GLY AA 93 -50.12 -5.81 -50.02
C GLY AA 93 -51.49 -6.03 -49.43
N ASP AA 94 -51.58 -5.85 -48.11
CA ASP AA 94 -52.84 -5.98 -47.37
C ASP AA 94 -53.54 -4.65 -47.18
N SER AA 95 -53.16 -3.62 -47.93
CA SER AA 95 -53.75 -2.30 -47.79
C SER AA 95 -55.10 -2.23 -48.48
N GLU AA 96 -55.79 -1.12 -48.27
CA GLU AA 96 -57.06 -0.85 -48.90
C GLU AA 96 -56.94 0.00 -50.15
N ILE AA 97 -55.72 0.33 -50.56
CA ILE AA 97 -55.48 1.16 -51.73
C ILE AA 97 -55.48 0.28 -52.98
N SER AA 98 -56.08 0.79 -54.05
CA SER AA 98 -56.17 0.08 -55.32
C SER AA 98 -55.66 0.97 -56.44
N GLN AA 99 -54.97 0.37 -57.40
CA GLN AA 99 -54.42 1.10 -58.53
C GLN AA 99 -54.68 0.31 -59.80
N LYS AA 100 -54.69 1.02 -60.92
CA LYS AA 100 -54.95 0.43 -62.23
C LYS AA 100 -53.75 0.67 -63.14
N ILE AA 101 -53.55 -0.25 -64.08
CA ILE AA 101 -52.38 -0.22 -64.96
C ILE AA 101 -52.76 -0.86 -66.28
N GLN AA 102 -52.29 -0.26 -67.38
CA GLN AA 102 -52.53 -0.79 -68.71
C GLN AA 102 -51.48 -1.83 -69.08
N GLY AA 103 -51.83 -2.70 -70.02
CA GLY AA 103 -50.92 -3.72 -70.48
C GLY AA 103 -51.32 -4.25 -71.83
N VAL AA 104 -50.37 -4.91 -72.49
CA VAL AA 104 -50.56 -5.50 -73.80
C VAL AA 104 -50.27 -6.99 -73.70
N LEU AA 105 -51.25 -7.81 -74.09
CA LEU AA 105 -51.13 -9.26 -74.05
C LEU AA 105 -51.04 -9.80 -75.47
N ARG AA 106 -50.09 -10.71 -75.69
CA ARG AA 106 -49.87 -11.30 -77.01
C ARG AA 106 -49.99 -12.82 -76.89
N VAL AA 107 -50.81 -13.41 -77.76
CA VAL AA 107 -51.02 -14.85 -77.74
C VAL AA 107 -50.46 -15.48 -79.02
N PRO AA 112 -45.78 -19.34 -76.38
CA PRO AA 112 -46.14 -18.93 -75.01
C PRO AA 112 -46.68 -17.50 -74.97
N PRO AA 113 -47.63 -17.25 -74.08
CA PRO AA 113 -48.20 -15.89 -73.98
C PRO AA 113 -47.18 -14.89 -73.46
N GLN AA 114 -47.32 -13.65 -73.95
CA GLN AA 114 -46.45 -12.55 -73.54
C GLN AA 114 -47.30 -11.37 -73.10
N PHE AA 115 -46.88 -10.73 -72.01
CA PHE AA 115 -47.56 -9.56 -71.48
C PHE AA 115 -46.57 -8.43 -71.33
N SER AA 116 -46.93 -7.26 -71.86
CA SER AA 116 -46.08 -6.07 -71.79
C SER AA 116 -46.84 -4.94 -71.11
N ILE AA 117 -46.09 -4.10 -70.42
CA ILE AA 117 -46.65 -2.99 -69.65
C ILE AA 117 -46.40 -1.69 -70.42
N LYS AA 118 -47.38 -0.79 -70.38
CA LYS AA 118 -47.19 0.54 -70.98
C LYS AA 118 -46.02 1.25 -70.32
N ASP AA 119 -45.25 1.99 -71.13
CA ASP AA 119 -44.00 2.55 -70.66
C ASP AA 119 -44.21 3.64 -69.62
N ASN AA 120 -44.97 4.68 -69.97
CA ASN AA 120 -45.16 5.84 -69.09
C ASN AA 120 -46.43 5.64 -68.28
N SER AA 121 -46.38 4.68 -67.36
CA SER AA 121 -47.53 4.34 -66.54
C SER AA 121 -47.37 4.66 -65.06
N ARG AA 122 -46.17 5.02 -64.62
CA ARG AA 122 -45.93 5.30 -63.21
C ARG AA 122 -46.00 6.78 -62.93
N THR AA 123 -46.67 7.14 -61.83
CA THR AA 123 -46.77 8.52 -61.36
C THR AA 123 -46.17 8.60 -59.97
N GLY AA 124 -45.25 9.53 -59.78
CA GLY AA 124 -44.60 9.68 -58.50
C GLY AA 124 -43.17 10.18 -58.69
N ILE AA 125 -42.29 9.70 -57.84
CA ILE AA 125 -40.90 10.11 -57.85
C ILE AA 125 -40.03 8.95 -58.33
N ALA AA 126 -38.77 9.26 -58.62
CA ALA AA 126 -37.77 8.24 -58.89
C ALA AA 126 -37.09 7.84 -57.59
N ILE AA 127 -36.86 6.54 -57.43
CA ILE AA 127 -36.30 6.02 -56.20
C ILE AA 127 -34.96 5.35 -56.50
N ALA AA 128 -34.06 5.38 -55.51
CA ALA AA 128 -32.77 4.72 -55.57
C ALA AA 128 -32.75 3.58 -54.56
N GLU AA 129 -32.24 2.43 -54.98
CA GLU AA 129 -32.32 1.21 -54.19
C GLU AA 129 -30.94 0.59 -54.03
N GLY AA 130 -30.68 0.06 -52.84
CA GLY AA 130 -29.51 -0.79 -52.63
C GLY AA 130 -28.21 -0.07 -52.93
N THR AA 131 -27.45 -0.63 -53.88
CA THR AA 131 -26.15 -0.07 -54.23
C THR AA 131 -26.28 1.35 -54.77
N GLN AA 132 -27.29 1.60 -55.60
CA GLN AA 132 -27.48 2.94 -56.14
C GLN AA 132 -27.76 3.95 -55.05
N ASN AA 133 -28.42 3.52 -53.96
CA ASN AA 133 -28.68 4.42 -52.85
C ASN AA 133 -27.38 4.84 -52.18
N VAL AA 134 -26.46 3.90 -51.97
CA VAL AA 134 -25.19 4.22 -51.32
C VAL AA 134 -24.32 5.07 -52.25
N LEU AA 135 -24.26 4.71 -53.53
CA LEU AA 135 -23.48 5.48 -54.49
C LEU AA 135 -23.98 6.91 -54.59
N GLN AA 136 -25.30 7.08 -54.66
CA GLN AA 136 -25.89 8.41 -54.69
C GLN AA 136 -25.63 9.15 -53.38
N SER AA 137 -25.62 8.42 -52.26
CA SER AA 137 -25.39 9.05 -50.96
C SER AA 137 -24.02 9.70 -50.90
N ILE AA 138 -23.00 9.02 -51.41
CA ILE AA 138 -21.66 9.59 -51.41
C ILE AA 138 -21.58 10.78 -52.36
N ASN AA 139 -22.28 10.70 -53.49
CA ASN AA 139 -22.26 11.79 -54.47
C ASN AA 139 -22.83 13.07 -53.87
N ILE AA 140 -23.90 12.96 -53.08
CA ILE AA 140 -24.50 14.14 -52.45
C ILE AA 140 -23.53 14.74 -51.44
N LEU AA 141 -22.76 13.90 -50.76
CA LEU AA 141 -21.81 14.39 -49.76
C LEU AA 141 -20.73 15.26 -50.41
N PHE AA 142 -20.26 14.87 -51.60
CA PHE AA 142 -19.21 15.63 -52.26
C PHE AA 142 -19.71 16.98 -52.74
N LEU AA 143 -20.97 17.05 -53.18
CA LEU AA 143 -21.51 18.27 -53.76
C LEU AA 143 -22.06 19.23 -52.71
N THR AA 144 -22.05 18.86 -51.43
CA THR AA 144 -22.56 19.71 -50.37
C THR AA 144 -21.41 20.24 -49.54
N GLU AA 145 -21.42 21.55 -49.30
CA GLU AA 145 -20.41 22.14 -48.46
C GLU AA 145 -20.97 22.43 -47.08
N PRO AA 146 -20.16 22.32 -46.03
CA PRO AA 146 -20.65 22.56 -44.67
C PRO AA 146 -21.20 23.98 -44.53
N GLY AA 147 -22.29 24.09 -43.78
CA GLY AA 147 -22.98 25.36 -43.62
C GLY AA 147 -24.11 25.58 -44.59
N GLU AA 148 -24.26 24.73 -45.61
CA GLU AA 148 -25.35 24.92 -46.57
C GLU AA 148 -26.65 24.31 -46.06
N ARG AA 149 -26.58 23.19 -45.37
CA ARG AA 149 -27.77 22.53 -44.85
C ARG AA 149 -28.30 23.30 -43.64
N ILE AA 150 -29.61 23.54 -43.61
CA ILE AA 150 -30.21 24.26 -42.50
C ILE AA 150 -30.29 23.34 -41.29
N MET AA 151 -29.93 23.87 -40.12
CA MET AA 151 -29.87 23.14 -38.86
C MET AA 151 -28.92 21.96 -38.88
N ARG AA 152 -28.12 21.84 -39.94
CA ARG AA 152 -27.17 20.74 -40.10
C ARG AA 152 -25.85 21.29 -40.61
N GLU AA 153 -25.36 22.33 -39.95
CA GLU AA 153 -24.30 23.16 -40.50
C GLU AA 153 -22.95 22.46 -40.62
N ASP AA 154 -22.83 21.22 -40.16
CA ASP AA 154 -21.56 20.51 -40.29
C ASP AA 154 -21.57 19.46 -41.39
N TYR AA 155 -22.74 19.03 -41.84
CA TYR AA 155 -22.82 18.02 -42.89
C TYR AA 155 -22.24 18.55 -44.19
N GLY AA 156 -21.43 17.72 -44.85
CA GLY AA 156 -20.83 18.09 -46.12
C GLY AA 156 -19.38 17.65 -46.20
N CYS AA 157 -18.81 17.64 -47.40
CA CYS AA 157 -17.42 17.25 -47.57
C CYS AA 157 -16.48 18.41 -47.27
N GLY AA 158 -16.63 19.51 -48.00
CA GLY AA 158 -15.82 20.69 -47.77
C GLY AA 158 -14.55 20.72 -48.58
N LEU AA 159 -14.65 20.35 -49.86
CA LEU AA 159 -13.51 20.38 -50.76
C LEU AA 159 -13.25 21.75 -51.36
N ASN AA 160 -14.15 22.71 -51.14
CA ASN AA 160 -13.92 24.07 -51.63
C ASN AA 160 -12.71 24.73 -50.99
N ASP AA 161 -12.28 24.25 -49.83
CA ASP AA 161 -11.15 24.85 -49.13
C ASP AA 161 -9.82 24.54 -49.79
N TYR AA 162 -9.78 23.62 -50.75
CA TYR AA 162 -8.55 23.24 -51.43
C TYR AA 162 -8.46 23.82 -52.83
N LEU AA 163 -9.40 24.67 -53.23
CA LEU AA 163 -9.30 25.32 -54.52
C LEU AA 163 -8.28 26.44 -54.48
N PHE AA 164 -7.69 26.74 -55.64
CA PHE AA 164 -6.68 27.77 -55.85
C PHE AA 164 -5.38 27.50 -55.12
N ALA AA 165 -5.24 26.33 -54.49
CA ALA AA 165 -3.96 25.95 -53.89
C ALA AA 165 -3.04 25.38 -54.97
N ASN AA 166 -1.74 25.56 -54.77
CA ASN AA 166 -0.76 25.07 -55.72
C ASN AA 166 -0.85 23.56 -55.83
N ILE AA 167 -0.88 23.05 -57.06
CA ILE AA 167 -0.95 21.61 -57.29
C ILE AA 167 0.39 21.01 -56.90
N SER AA 168 0.41 20.23 -55.83
CA SER AA 168 1.64 19.69 -55.28
C SER AA 168 1.31 18.41 -54.52
N ASP AA 169 2.37 17.71 -54.10
CA ASP AA 169 2.17 16.47 -53.34
C ASP AA 169 1.45 16.75 -52.03
N GLU AA 170 1.69 17.92 -51.44
CA GLU AA 170 0.99 18.28 -50.20
C GLU AA 170 -0.51 18.43 -50.44
N LEU AA 171 -0.90 19.07 -51.54
CA LEU AA 171 -2.33 19.24 -51.82
C LEU AA 171 -3.00 17.91 -52.14
N MET AA 172 -2.32 17.06 -52.91
CA MET AA 172 -2.91 15.77 -53.26
C MET AA 172 -3.08 14.89 -52.03
N THR AA 173 -2.12 14.92 -51.11
CA THR AA 173 -2.26 14.18 -49.87
C THR AA 173 -3.41 14.71 -49.03
N ASP AA 174 -3.54 16.04 -48.93
CA ASP AA 174 -4.59 16.63 -48.13
C ASP AA 174 -5.97 16.28 -48.66
N ILE AA 175 -6.14 16.29 -49.98
CA ILE AA 175 -7.44 15.99 -50.58
C ILE AA 175 -7.81 14.54 -50.30
N GLN AA 176 -6.85 13.62 -50.45
CA GLN AA 176 -7.13 12.20 -50.26
C GLN AA 176 -7.54 11.91 -48.81
N THR AA 177 -6.79 12.45 -47.85
CA THR AA 177 -7.10 12.19 -46.44
C THR AA 177 -8.39 12.86 -46.02
N HIS AA 178 -8.69 14.03 -46.59
CA HIS AA 178 -9.94 14.71 -46.26
C HIS AA 178 -11.16 13.91 -46.69
N ILE AA 179 -11.09 13.30 -47.87
CA ILE AA 179 -12.21 12.47 -48.34
C ILE AA 179 -12.42 11.28 -47.42
N GLU AA 180 -11.32 10.64 -47.00
CA GLU AA 180 -11.43 9.47 -46.15
C GLU AA 180 -12.10 9.78 -44.83
N GLU AA 181 -11.73 10.91 -44.22
CA GLU AA 181 -12.29 11.26 -42.91
C GLU AA 181 -13.77 11.59 -43.00
N ARG AA 182 -14.19 12.31 -44.04
CA ARG AA 182 -15.57 12.75 -44.13
C ARG AA 182 -16.51 11.60 -44.46
N VAL AA 183 -16.06 10.66 -45.31
CA VAL AA 183 -16.90 9.52 -45.66
C VAL AA 183 -17.08 8.60 -44.45
N LEU AA 184 -16.03 8.45 -43.64
CA LEU AA 184 -16.15 7.66 -42.42
C LEU AA 184 -17.16 8.28 -41.47
N ARG AA 185 -17.22 9.61 -41.42
CA ARG AA 185 -18.10 10.29 -40.48
C ARG AA 185 -19.55 10.24 -40.93
N TYR AA 186 -19.80 10.34 -42.23
CA TYR AA 186 -21.15 10.63 -42.73
C TYR AA 186 -21.69 9.56 -43.68
N GLU AA 187 -21.01 8.42 -43.81
CA GLU AA 187 -21.50 7.34 -44.66
C GLU AA 187 -21.05 6.01 -44.10
N PRO AA 188 -21.78 5.48 -43.10
CA PRO AA 188 -21.39 4.20 -42.51
C PRO AA 188 -21.66 2.99 -43.39
N ARG AA 189 -22.50 3.12 -44.41
CA ARG AA 189 -22.85 1.98 -45.25
C ARG AA 189 -21.79 1.68 -46.32
N ALA AA 190 -20.81 2.55 -46.49
CA ALA AA 190 -19.80 2.38 -47.53
C ALA AA 190 -18.41 2.33 -46.90
N GLU AA 191 -17.48 1.69 -47.62
CA GLU AA 191 -16.09 1.63 -47.22
C GLU AA 191 -15.23 2.05 -48.39
N ILE AA 192 -14.38 3.05 -48.17
CA ILE AA 192 -13.49 3.54 -49.22
C ILE AA 192 -12.25 2.66 -49.26
N THR AA 193 -11.95 2.13 -50.44
CA THR AA 193 -10.82 1.22 -50.60
C THR AA 193 -9.61 1.86 -51.27
N SER AA 194 -9.81 2.89 -52.09
CA SER AA 194 -8.70 3.53 -52.76
C SER AA 194 -9.12 4.92 -53.22
N ILE AA 195 -8.17 5.86 -53.20
CA ILE AA 195 -8.37 7.20 -53.72
C ILE AA 195 -7.17 7.56 -54.59
N GLN AA 196 -7.43 7.99 -55.82
CA GLN AA 196 -6.39 8.37 -56.76
C GLN AA 196 -6.61 9.82 -57.18
N VAL AA 197 -5.56 10.64 -57.05
CA VAL AA 197 -5.60 12.04 -57.43
C VAL AA 197 -4.57 12.26 -58.54
N ASN AA 198 -5.02 12.81 -59.67
CA ASN AA 198 -4.15 13.02 -60.81
C ASN AA 198 -4.46 14.37 -61.44
N GLN AA 199 -3.45 14.94 -62.10
CA GLN AA 199 -3.59 16.20 -62.81
C GLN AA 199 -3.83 15.93 -64.29
N ARG AA 200 -4.85 16.57 -64.84
CA ARG AA 200 -5.19 16.36 -66.25
C ARG AA 200 -4.15 17.03 -67.15
N THR AA 201 -3.76 16.31 -68.21
CA THR AA 201 -2.77 16.84 -69.13
C THR AA 201 -3.35 17.93 -70.02
N ASN AA 202 -4.56 17.74 -70.52
CA ASN AA 202 -5.16 18.74 -71.41
C ASN AA 202 -5.61 19.97 -70.65
N LEU AA 203 -5.95 19.83 -69.37
CA LEU AA 203 -6.36 20.94 -68.51
C LEU AA 203 -5.47 20.93 -67.28
N PRO AA 204 -4.35 21.64 -67.33
CA PRO AA 204 -3.37 21.54 -66.23
C PRO AA 204 -3.86 22.06 -64.90
N SER AA 205 -4.91 22.88 -64.87
CA SER AA 205 -5.37 23.50 -63.64
C SER AA 205 -6.48 22.72 -62.94
N THR AA 206 -6.84 21.55 -63.46
CA THR AA 206 -7.90 20.74 -62.88
C THR AA 206 -7.35 19.43 -62.35
N LEU AA 207 -7.93 18.95 -61.26
CA LEU AA 207 -7.53 17.70 -60.63
C LEU AA 207 -8.65 16.67 -60.77
N HIS AA 208 -8.28 15.44 -61.10
CA HIS AA 208 -9.23 14.34 -61.24
C HIS AA 208 -9.03 13.40 -60.07
N VAL AA 209 -10.10 13.15 -59.31
CA VAL AA 209 -10.07 12.29 -58.14
C VAL AA 209 -10.86 11.03 -58.45
N GLN AA 210 -10.21 9.88 -58.32
CA GLN AA 210 -10.83 8.58 -58.53
C GLN AA 210 -11.05 7.92 -57.19
N VAL AA 211 -12.31 7.69 -56.84
CA VAL AA 211 -12.68 7.10 -55.56
C VAL AA 211 -13.36 5.76 -55.82
N THR AA 212 -12.90 4.72 -55.14
CA THR AA 212 -13.43 3.37 -55.29
C THR AA 212 -13.94 2.90 -53.94
N TYR AA 213 -15.19 2.46 -53.90
CA TYR AA 213 -15.86 2.14 -52.65
C TYR AA 213 -16.39 0.70 -52.69
N ALA AA 214 -16.59 0.14 -51.50
CA ALA AA 214 -17.18 -1.17 -51.33
C ALA AA 214 -18.29 -1.10 -50.29
N LEU AA 215 -19.27 -1.97 -50.42
CA LEU AA 215 -20.41 -1.97 -49.52
C LEU AA 215 -20.08 -2.66 -48.21
N ARG AA 216 -20.79 -2.25 -47.15
CA ARG AA 216 -20.58 -2.81 -45.83
C ARG AA 216 -21.02 -4.26 -45.79
N GLY AA 217 -20.13 -5.15 -45.39
CA GLY AA 217 -20.46 -6.56 -45.32
C GLY AA 217 -20.67 -7.23 -46.66
N SER AA 218 -20.08 -6.68 -47.72
CA SER AA 218 -20.32 -7.22 -49.06
C SER AA 218 -19.64 -8.57 -49.25
N ASP AA 219 -18.40 -8.71 -48.79
CA ASP AA 219 -17.66 -9.96 -48.96
C ASP AA 219 -18.15 -11.02 -47.99
N THR BA 2 -27.25 50.38 -32.52
CA THR BA 2 -26.28 49.46 -31.93
C THR BA 2 -25.69 50.04 -30.65
N ASN BA 3 -25.78 51.37 -30.49
CA ASN BA 3 -25.28 52.01 -29.28
C ASN BA 3 -26.11 51.60 -28.06
N LYS BA 4 -27.40 51.35 -28.25
CA LYS BA 4 -28.22 50.88 -27.14
C LYS BA 4 -27.81 49.49 -26.70
N ILE BA 5 -27.47 48.63 -27.65
CA ILE BA 5 -27.05 47.26 -27.32
C ILE BA 5 -25.76 47.29 -26.52
N LEU BA 6 -24.79 48.08 -26.97
CA LEU BA 6 -23.52 48.18 -26.25
C LEU BA 6 -23.70 48.79 -24.87
N ALA BA 7 -24.57 49.80 -24.75
CA ALA BA 7 -24.79 50.45 -23.47
C ALA BA 7 -25.38 49.47 -22.46
N ASP BA 8 -26.31 48.62 -22.89
CA ASP BA 8 -26.92 47.66 -21.96
C ASP BA 8 -25.91 46.61 -21.53
N ILE BA 9 -25.05 46.16 -22.44
CA ILE BA 9 -24.09 45.11 -22.11
C ILE BA 9 -23.03 45.62 -21.16
N TYR BA 10 -22.50 46.82 -21.41
CA TYR BA 10 -21.35 47.33 -20.66
C TYR BA 10 -21.71 48.32 -19.56
N GLY BA 11 -22.88 48.96 -19.64
CA GLY BA 11 -23.37 49.79 -18.56
C GLY BA 11 -23.25 51.27 -18.87
N ARG BA 12 -23.86 52.05 -17.99
CA ARG BA 12 -23.84 53.51 -18.07
C ARG BA 12 -23.46 54.08 -16.71
N GLY BA 13 -22.85 55.26 -16.74
CA GLY BA 13 -22.44 55.90 -15.51
C GLY BA 13 -22.04 57.34 -15.74
N TRP BA 14 -21.58 57.97 -14.66
CA TRP BA 14 -21.17 59.37 -14.73
C TRP BA 14 -19.97 59.52 -15.66
N ALA BA 15 -19.95 60.61 -16.42
CA ALA BA 15 -18.83 60.90 -17.30
C ALA BA 15 -17.69 61.52 -16.51
N PHE BA 16 -16.48 61.38 -17.03
CA PHE BA 16 -15.29 61.93 -16.39
C PHE BA 16 -14.59 62.90 -17.34
N PRO BA 17 -14.23 64.10 -16.88
CA PRO BA 17 -14.46 64.66 -15.55
C PRO BA 17 -15.93 65.07 -15.38
N PRO BA 18 -16.42 65.18 -14.15
CA PRO BA 18 -17.83 65.50 -13.95
C PRO BA 18 -18.21 66.83 -14.59
N GLN BA 19 -19.37 66.85 -15.23
CA GLN BA 19 -19.92 68.04 -15.86
C GLN BA 19 -21.37 68.19 -15.46
N PHE BA 20 -21.82 69.43 -15.37
CA PHE BA 20 -23.16 69.75 -14.89
C PHE BA 20 -23.86 70.68 -15.86
N PHE BA 21 -25.16 70.48 -16.05
CA PHE BA 21 -25.96 71.28 -16.94
C PHE BA 21 -27.27 71.66 -16.26
N ILE BA 22 -27.78 72.84 -16.61
CA ILE BA 22 -29.12 73.27 -16.22
C ILE BA 22 -29.82 73.77 -17.47
N GLY BA 23 -30.98 73.18 -17.78
CA GLY BA 23 -31.70 73.56 -18.97
C GLY BA 23 -32.31 74.94 -18.87
N GLU BA 24 -32.65 75.50 -20.03
CA GLU BA 24 -33.24 76.83 -20.07
C GLU BA 24 -34.65 76.82 -19.48
N ARG BA 25 -35.04 77.96 -18.92
CA ARG BA 25 -36.35 78.06 -18.29
C ARG BA 25 -37.45 78.02 -19.34
N ILE BA 26 -38.55 77.34 -19.00
CA ILE BA 26 -39.70 77.22 -19.89
C ILE BA 26 -40.65 78.38 -19.63
N PRO BA 27 -41.03 79.15 -20.65
CA PRO BA 27 -42.09 80.17 -20.50
C PRO BA 27 -43.48 79.54 -20.52
N TYR BA 28 -43.91 79.07 -19.36
CA TYR BA 28 -45.17 78.33 -19.26
C TYR BA 28 -46.39 79.16 -19.66
N GLU BA 29 -46.27 80.49 -19.62
CA GLU BA 29 -47.41 81.36 -19.95
C GLU BA 29 -47.62 81.51 -21.44
N ASP BA 30 -47.00 80.68 -22.27
CA ASP BA 30 -47.15 80.76 -23.71
C ASP BA 30 -47.80 79.54 -24.35
N TYR BA 31 -47.91 78.43 -23.63
CA TYR BA 31 -48.41 77.17 -24.18
C TYR BA 31 -49.71 76.82 -23.46
N SER BA 32 -50.83 77.25 -24.04
CA SER BA 32 -52.16 76.96 -23.49
C SER BA 32 -53.13 76.58 -24.59
N SER BA 33 -52.66 75.83 -25.59
CA SER BA 33 -53.50 75.43 -26.70
C SER BA 33 -53.02 74.09 -27.23
N ASP BA 34 -53.95 73.13 -27.34
CA ASP BA 34 -53.59 71.80 -27.82
C ASP BA 34 -53.11 71.86 -29.26
N LEU BA 35 -52.11 71.04 -29.58
CA LEU BA 35 -51.59 71.00 -30.94
C LEU BA 35 -52.57 70.36 -31.91
N ASN BA 36 -53.20 69.26 -31.48
CA ASN BA 36 -54.16 68.58 -32.35
C ASN BA 36 -55.36 69.46 -32.65
N LYS BA 37 -55.88 70.17 -31.64
CA LYS BA 37 -57.00 71.08 -31.88
C LYS BA 37 -56.57 72.27 -32.74
N TYR BA 38 -55.34 72.75 -32.56
CA TYR BA 38 -54.83 73.81 -33.39
C TYR BA 38 -54.67 73.35 -34.84
N LEU BA 39 -54.13 72.14 -35.03
CA LEU BA 39 -53.95 71.62 -36.40
C LEU BA 39 -55.29 71.41 -37.09
N SER BA 40 -56.27 70.84 -36.38
CA SER BA 40 -57.58 70.64 -36.98
C SER BA 40 -58.25 71.97 -37.30
N GLU BA 41 -58.11 72.96 -36.42
CA GLU BA 41 -58.70 74.27 -36.67
C GLU BA 41 -58.10 74.94 -37.89
N LYS BA 42 -56.81 74.72 -38.15
CA LYS BA 42 -56.14 75.30 -39.31
C LYS BA 42 -56.37 74.50 -40.60
N LYS BA 43 -57.40 73.64 -40.61
CA LYS BA 43 -57.78 72.89 -41.80
C LYS BA 43 -56.63 72.04 -42.34
N ILE BA 44 -55.82 71.50 -41.43
CA ILE BA 44 -54.75 70.61 -41.82
C ILE BA 44 -55.35 69.25 -42.16
N GLU BA 45 -54.63 68.49 -42.99
CA GLU BA 45 -55.12 67.19 -43.42
C GLU BA 45 -55.17 66.23 -42.24
N ALA BA 46 -56.22 65.40 -42.20
CA ALA BA 46 -56.35 64.43 -41.13
C ALA BA 46 -55.21 63.42 -41.15
N GLU BA 47 -54.80 62.99 -42.34
CA GLU BA 47 -53.67 62.08 -42.44
C GLU BA 47 -52.36 62.79 -42.07
N GLN BA 48 -52.30 64.11 -42.23
CA GLN BA 48 -51.10 64.83 -41.84
C GLN BA 48 -50.90 64.83 -40.34
N ILE BA 49 -51.99 64.73 -39.57
CA ILE BA 49 -51.90 64.78 -38.12
C ILE BA 49 -51.13 63.59 -37.57
N VAL BA 50 -51.43 62.39 -38.07
CA VAL BA 50 -50.75 61.20 -37.57
C VAL BA 50 -49.29 61.22 -37.99
N LYS BA 51 -48.97 61.72 -39.19
CA LYS BA 51 -47.57 61.92 -39.55
C LYS BA 51 -46.94 62.99 -38.68
N ILE BA 52 -47.70 64.02 -38.31
CA ILE BA 52 -47.19 65.03 -37.39
C ILE BA 52 -46.85 64.39 -36.05
N GLN BA 53 -47.77 63.59 -35.50
CA GLN BA 53 -47.55 62.99 -34.19
C GLN BA 53 -46.46 61.95 -34.23
N ALA BA 54 -46.34 61.22 -35.35
CA ALA BA 54 -45.27 60.24 -35.48
C ALA BA 54 -43.90 60.91 -35.45
N CYS BA 55 -43.79 62.08 -36.09
CA CYS BA 55 -42.52 62.81 -36.07
C CYS BA 55 -42.17 63.26 -34.66
N ILE BA 56 -43.17 63.73 -33.90
CA ILE BA 56 -42.92 64.16 -32.53
C ILE BA 56 -42.43 62.99 -31.68
N LYS BA 57 -43.14 61.86 -31.77
CA LYS BA 57 -42.77 60.71 -30.96
C LYS BA 57 -41.39 60.18 -31.32
N GLU BA 58 -41.08 60.13 -32.63
CA GLU BA 58 -39.78 59.64 -33.05
C GLU BA 58 -38.66 60.56 -32.59
N SER BA 59 -38.85 61.87 -32.71
CA SER BA 59 -37.81 62.81 -32.30
C SER BA 59 -37.61 62.78 -30.79
N VAL BA 60 -38.70 62.68 -30.02
CA VAL BA 60 -38.58 62.58 -28.58
C VAL BA 60 -37.91 61.27 -28.19
N MET BA 61 -38.24 60.18 -28.87
CA MET BA 61 -37.66 58.88 -28.55
C MET BA 61 -36.14 58.89 -28.74
N CYS BA 62 -35.67 59.55 -29.80
CA CYS BA 62 -34.22 59.70 -29.97
C CYS BA 62 -33.62 60.52 -28.84
N TYR BA 63 -34.32 61.57 -28.40
CA TYR BA 63 -33.85 62.36 -27.28
C TYR BA 63 -33.82 61.54 -25.99
N ASP BA 64 -34.87 60.76 -25.74
CA ASP BA 64 -34.94 59.93 -24.54
C ASP BA 64 -35.91 58.80 -24.83
N PHE BA 65 -35.39 57.58 -24.98
CA PHE BA 65 -36.20 56.46 -25.46
C PHE BA 65 -37.12 55.90 -24.38
N HIS BA 66 -36.97 56.31 -23.12
CA HIS BA 66 -37.89 55.91 -22.06
C HIS BA 66 -39.12 56.81 -21.98
N ALA BA 67 -39.20 57.84 -22.81
CA ALA BA 67 -40.28 58.81 -22.72
C ALA BA 67 -41.60 58.22 -23.19
N LYS BA 68 -42.69 58.79 -22.68
CA LYS BA 68 -44.04 58.42 -23.09
C LYS BA 68 -44.87 59.69 -23.16
N ILE BA 69 -45.17 60.14 -24.38
CA ILE BA 69 -45.78 61.45 -24.59
C ILE BA 69 -47.20 61.45 -24.04
N THR BA 70 -47.52 62.48 -23.24
CA THR BA 70 -48.85 62.63 -22.68
C THR BA 70 -49.57 63.90 -23.10
N SER BA 71 -48.86 64.93 -23.54
CA SER BA 71 -49.49 66.18 -23.92
C SER BA 71 -48.64 66.90 -24.95
N THR BA 72 -49.27 67.81 -25.69
CA THR BA 72 -48.59 68.62 -26.69
C THR BA 72 -49.31 69.96 -26.79
N GLN BA 73 -48.56 71.05 -26.81
CA GLN BA 73 -49.13 72.38 -26.85
C GLN BA 73 -48.32 73.26 -27.79
N VAL BA 74 -48.94 74.35 -28.24
CA VAL BA 74 -48.35 75.28 -29.19
C VAL BA 74 -48.18 76.64 -28.51
N SER BA 75 -47.03 77.26 -28.76
CA SER BA 75 -46.82 78.62 -28.27
C SER BA 75 -47.75 79.60 -28.97
N LYS BA 76 -48.34 80.50 -28.20
CA LYS BA 76 -49.26 81.49 -28.75
C LYS BA 76 -48.56 82.56 -29.57
N GLN BA 77 -47.25 82.71 -29.45
CA GLN BA 77 -46.50 83.72 -30.19
C GLN BA 77 -46.04 83.22 -31.55
N THR BA 78 -46.37 81.98 -31.92
CA THR BA 78 -46.00 81.41 -33.22
C THR BA 78 -47.28 80.85 -33.83
N ASN BA 79 -47.95 81.65 -34.66
CA ASN BA 79 -49.16 81.24 -35.34
C ASN BA 79 -48.81 80.99 -36.81
N LEU BA 80 -48.40 79.76 -37.09
CA LEU BA 80 -47.93 79.34 -38.42
C LEU BA 80 -46.70 80.15 -38.84
N PRO BA 83 -42.43 77.67 -38.67
CA PRO BA 83 -41.75 77.63 -37.38
C PRO BA 83 -42.72 77.65 -36.20
N LEU BA 84 -43.03 76.46 -35.68
CA LEU BA 84 -43.97 76.30 -34.57
C LEU BA 84 -43.22 75.87 -33.32
N ASN BA 85 -43.51 76.54 -32.20
CA ASN BA 85 -42.88 76.26 -30.92
C ASN BA 85 -43.82 75.37 -30.12
N ILE BA 86 -43.33 74.21 -29.69
CA ILE BA 86 -44.15 73.18 -29.06
C ILE BA 86 -43.54 72.81 -27.72
N LEU BA 87 -44.39 72.72 -26.69
CA LEU BA 87 -44.00 72.22 -25.38
C LEU BA 87 -44.53 70.79 -25.22
N VAL BA 88 -43.62 69.84 -25.05
CA VAL BA 88 -43.96 68.42 -24.99
C VAL BA 88 -43.93 67.98 -23.53
N THR BA 89 -44.97 67.27 -23.11
CA THR BA 89 -45.06 66.71 -21.77
C THR BA 89 -45.08 65.19 -21.87
N TYR BA 90 -44.17 64.54 -21.14
CA TYR BA 90 -44.03 63.10 -21.21
C TYR BA 90 -43.77 62.55 -19.81
N THR BA 91 -43.93 61.23 -19.68
CA THR BA 91 -43.61 60.51 -18.46
C THR BA 91 -42.59 59.42 -18.78
N LEU BA 92 -41.65 59.21 -17.86
CA LEU BA 92 -40.57 58.26 -18.07
C LEU BA 92 -41.02 56.87 -17.66
N GLY BA 93 -41.12 55.96 -18.63
CA GLY BA 93 -41.52 54.59 -18.34
C GLY BA 93 -42.89 54.53 -17.68
N ASP BA 94 -42.99 53.72 -16.63
CA ASP BA 94 -44.22 53.56 -15.88
C ASP BA 94 -44.22 54.39 -14.59
N SER BA 95 -43.26 55.31 -14.46
CA SER BA 95 -43.16 56.13 -13.27
C SER BA 95 -44.20 57.25 -13.30
N GLU BA 96 -44.33 57.93 -12.17
CA GLU BA 96 -45.20 59.09 -12.04
C GLU BA 96 -44.46 60.40 -12.29
N ILE BA 97 -43.15 60.34 -12.57
CA ILE BA 97 -42.38 61.55 -12.81
C ILE BA 97 -42.70 62.09 -14.19
N SER BA 98 -43.03 63.38 -14.27
CA SER BA 98 -43.35 64.05 -15.51
C SER BA 98 -42.34 65.14 -15.78
N GLN BA 99 -42.02 65.35 -17.06
CA GLN BA 99 -41.04 66.37 -17.46
C GLN BA 99 -41.55 67.06 -18.71
N LYS BA 100 -41.00 68.26 -18.95
CA LYS BA 100 -41.38 69.09 -20.08
C LYS BA 100 -40.15 69.42 -20.91
N ILE BA 101 -40.37 69.65 -22.21
CA ILE BA 101 -39.29 69.87 -23.15
C ILE BA 101 -39.81 70.70 -24.31
N GLN BA 102 -39.07 71.75 -24.67
CA GLN BA 102 -39.44 72.58 -25.80
C GLN BA 102 -39.02 71.93 -27.12
N GLY BA 103 -39.70 72.32 -28.19
CA GLY BA 103 -39.37 71.81 -29.51
C GLY BA 103 -39.84 72.77 -30.59
N VAL BA 104 -39.33 72.53 -31.79
CA VAL BA 104 -39.68 73.34 -32.96
C VAL BA 104 -40.19 72.39 -34.04
N LEU BA 105 -41.41 72.64 -34.50
CA LEU BA 105 -42.05 71.83 -35.52
C LEU BA 105 -42.13 72.60 -36.83
N ARG BA 106 -41.75 71.95 -37.93
CA ARG BA 106 -41.73 72.57 -39.24
C ARG BA 106 -42.57 71.75 -40.20
N VAL BA 107 -43.50 72.41 -40.88
CA VAL BA 107 -44.39 71.73 -41.82
C VAL BA 107 -44.06 72.16 -43.25
N PRO BA 112 -42.29 66.33 -45.91
CA PRO BA 112 -42.49 65.65 -44.63
C PRO BA 112 -42.23 66.57 -43.44
N PRO BA 113 -42.98 66.40 -42.36
CA PRO BA 113 -42.79 67.26 -41.18
C PRO BA 113 -41.46 66.99 -40.50
N GLN BA 114 -40.92 68.05 -39.90
CA GLN BA 114 -39.66 67.97 -39.17
C GLN BA 114 -39.84 68.54 -37.78
N PHE BA 115 -39.25 67.88 -36.79
CA PHE BA 115 -39.32 68.31 -35.40
C PHE BA 115 -37.90 68.35 -34.84
N SER BA 116 -37.57 69.45 -34.18
CA SER BA 116 -36.25 69.64 -33.58
C SER BA 116 -36.39 69.99 -32.10
N ILE BA 117 -35.36 69.68 -31.34
CA ILE BA 117 -35.33 69.90 -29.89
C ILE BA 117 -34.39 71.05 -29.58
N LYS BA 118 -34.78 71.88 -28.63
CA LYS BA 118 -33.91 72.96 -28.17
C LYS BA 118 -32.57 72.38 -27.68
N ASP BA 119 -31.49 73.06 -28.05
CA ASP BA 119 -30.15 72.50 -27.81
C ASP BA 119 -29.86 72.35 -26.33
N ASN BA 120 -30.17 73.36 -25.52
CA ASN BA 120 -29.87 73.35 -24.09
C ASN BA 120 -31.19 73.13 -23.34
N SER BA 121 -31.55 71.87 -23.17
CA SER BA 121 -32.81 71.50 -22.53
C SER BA 121 -32.67 70.53 -21.37
N ARG BA 122 -31.61 69.73 -21.31
CA ARG BA 122 -31.45 68.74 -20.26
C ARG BA 122 -30.71 69.35 -19.08
N THR BA 123 -31.12 68.96 -17.87
CA THR BA 123 -30.49 69.39 -16.64
C THR BA 123 -30.00 68.16 -15.88
N GLY BA 124 -28.73 68.17 -15.50
CA GLY BA 124 -28.17 67.05 -14.77
C GLY BA 124 -26.71 66.87 -15.15
N ILE BA 125 -26.22 65.66 -14.93
CA ILE BA 125 -24.84 65.29 -15.21
C ILE BA 125 -24.71 64.76 -16.63
N ALA BA 126 -23.50 64.72 -17.14
CA ALA BA 126 -23.20 64.02 -18.39
C ALA BA 126 -22.90 62.56 -18.11
N ILE BA 127 -23.38 61.68 -18.97
CA ILE BA 127 -23.27 60.25 -18.76
C ILE BA 127 -22.40 59.63 -19.85
N ALA BA 128 -21.75 58.53 -19.50
CA ALA BA 128 -20.94 57.75 -20.43
C ALA BA 128 -21.55 56.36 -20.59
N GLU BA 129 -21.67 55.91 -21.84
CA GLU BA 129 -22.41 54.69 -22.15
C GLU BA 129 -21.55 53.76 -22.98
N GLY BA 130 -21.67 52.45 -22.72
CA GLY BA 130 -21.12 51.45 -23.59
C GLY BA 130 -19.61 51.56 -23.72
N THR BA 131 -19.15 51.70 -24.97
CA THR BA 131 -17.71 51.74 -25.23
C THR BA 131 -17.06 52.93 -24.55
N GLN BA 132 -17.72 54.09 -24.58
CA GLN BA 132 -17.15 55.27 -23.94
C GLN BA 132 -16.97 55.05 -22.44
N ASN BA 133 -17.88 54.31 -21.81
CA ASN BA 133 -17.74 54.01 -20.39
C ASN BA 133 -16.49 53.19 -20.11
N VAL BA 134 -16.22 52.20 -20.96
CA VAL BA 134 -15.04 51.36 -20.76
C VAL BA 134 -13.76 52.15 -21.06
N LEU BA 135 -13.78 52.93 -22.15
CA LEU BA 135 -12.61 53.73 -22.48
C LEU BA 135 -12.29 54.74 -21.39
N GLN BA 136 -13.33 55.39 -20.86
CA GLN BA 136 -13.13 56.33 -19.76
C GLN BA 136 -12.65 55.62 -18.50
N SER BA 137 -13.13 54.39 -18.28
CA SER BA 137 -12.75 53.65 -17.09
C SER BA 137 -11.24 53.38 -17.05
N ILE BA 138 -10.66 53.02 -18.20
CA ILE BA 138 -9.23 52.77 -18.25
C ILE BA 138 -8.46 54.08 -18.05
N ASN BA 139 -9.00 55.19 -18.56
CA ASN BA 139 -8.33 56.48 -18.41
C ASN BA 139 -8.22 56.87 -16.94
N ILE BA 140 -9.27 56.63 -16.16
CA ILE BA 140 -9.24 56.97 -14.74
C ILE BA 140 -8.19 56.14 -14.02
N LEU BA 141 -8.04 54.88 -14.43
CA LEU BA 141 -7.04 54.01 -13.78
C LEU BA 141 -5.64 54.53 -14.00
N PHE BA 142 -5.34 55.06 -15.19
CA PHE BA 142 -4.01 55.57 -15.46
C PHE BA 142 -3.71 56.82 -14.64
N LEU BA 143 -4.71 57.64 -14.40
CA LEU BA 143 -4.51 58.93 -13.73
C LEU BA 143 -4.60 58.83 -12.21
N THR BA 144 -4.87 57.65 -11.66
CA THR BA 144 -4.97 57.47 -10.22
C THR BA 144 -3.78 56.69 -9.69
N GLU BA 145 -3.16 57.20 -8.65
CA GLU BA 145 -2.07 56.48 -8.02
C GLU BA 145 -2.57 55.76 -6.77
N PRO BA 146 -2.02 54.59 -6.48
CA PRO BA 146 -2.45 53.85 -5.28
C PRO BA 146 -2.22 54.66 -4.01
N GLY BA 147 -3.18 54.56 -3.10
CA GLY BA 147 -3.16 55.34 -1.88
C GLY BA 147 -3.93 56.64 -1.96
N GLU BA 148 -4.41 57.03 -3.14
CA GLU BA 148 -5.17 58.27 -3.26
C GLU BA 148 -6.65 58.06 -2.96
N ARG BA 149 -7.20 56.90 -3.29
CA ARG BA 149 -8.61 56.62 -3.04
C ARG BA 149 -8.81 56.23 -1.58
N ILE BA 150 -9.77 56.89 -0.92
CA ILE BA 150 -10.03 56.61 0.48
C ILE BA 150 -10.69 55.24 0.62
N MET BA 151 -10.21 54.45 1.57
CA MET BA 151 -10.66 53.07 1.81
C MET BA 151 -10.47 52.17 0.60
N ARG BA 152 -9.71 52.62 -0.40
CA ARG BA 152 -9.47 51.87 -1.63
C ARG BA 152 -8.00 51.99 -1.99
N GLU BA 153 -7.14 51.78 -1.01
CA GLU BA 153 -5.74 52.20 -1.10
C GLU BA 153 -4.94 51.43 -2.13
N ASP BA 154 -5.46 50.34 -2.69
CA ASP BA 154 -4.73 49.60 -3.72
C ASP BA 154 -5.15 49.97 -5.13
N TYR BA 155 -6.31 50.60 -5.31
CA TYR BA 155 -6.79 50.94 -6.64
C TYR BA 155 -5.88 51.98 -7.29
N GLY BA 156 -5.59 51.78 -8.57
CA GLY BA 156 -4.73 52.68 -9.31
C GLY BA 156 -3.70 51.95 -10.15
N CYS BA 157 -3.06 52.67 -11.07
CA CYS BA 157 -2.02 52.06 -11.90
C CYS BA 157 -0.66 52.15 -11.23
N GLY BA 158 -0.22 53.36 -10.90
CA GLY BA 158 1.04 53.54 -10.21
C GLY BA 158 2.23 53.69 -11.13
N LEU BA 159 2.07 54.49 -12.17
CA LEU BA 159 3.17 54.73 -13.11
C LEU BA 159 4.14 55.79 -12.61
N ASN BA 160 3.84 56.46 -11.50
CA ASN BA 160 4.75 57.45 -10.94
C ASN BA 160 6.06 56.83 -10.47
N ASP BA 161 6.07 55.53 -10.16
CA ASP BA 161 7.28 54.87 -9.67
C ASP BA 161 8.35 54.75 -10.75
N TYR BA 162 7.97 54.84 -12.02
CA TYR BA 162 8.92 54.71 -13.12
C TYR BA 162 9.44 56.05 -13.64
N LEU BA 163 9.05 57.15 -13.01
CA LEU BA 163 9.57 58.45 -13.41
C LEU BA 163 11.02 58.60 -12.96
N PHE BA 164 11.77 59.41 -13.72
CA PHE BA 164 13.17 59.74 -13.49
C PHE BA 164 14.10 58.55 -13.67
N ALA BA 165 13.60 57.40 -14.11
CA ALA BA 165 14.46 56.29 -14.46
C ALA BA 165 15.07 56.51 -15.84
N ASN BA 166 16.28 56.00 -16.04
CA ASN BA 166 16.95 56.13 -17.32
C ASN BA 166 16.13 55.45 -18.41
N ILE BA 167 15.95 56.14 -19.53
CA ILE BA 167 15.18 55.59 -20.65
C ILE BA 167 16.00 54.46 -21.27
N SER BA 168 15.57 53.23 -21.07
CA SER BA 168 16.30 52.06 -21.52
C SER BA 168 15.32 50.93 -21.76
N ASP BA 169 15.81 49.87 -22.42
CA ASP BA 169 14.95 48.73 -22.73
C ASP BA 169 14.35 48.11 -21.49
N GLU BA 170 15.07 48.17 -20.37
CA GLU BA 170 14.52 47.67 -19.12
C GLU BA 170 13.32 48.49 -18.66
N LEU BA 171 13.40 49.83 -18.81
CA LEU BA 171 12.30 50.68 -18.39
C LEU BA 171 11.07 50.48 -19.25
N MET BA 172 11.25 50.40 -20.57
CA MET BA 172 10.11 50.22 -21.47
C MET BA 172 9.45 48.86 -21.25
N THR BA 173 10.25 47.84 -20.97
CA THR BA 173 9.68 46.53 -20.64
C THR BA 173 8.90 46.60 -19.33
N ASP BA 174 9.43 47.28 -18.32
CA ASP BA 174 8.75 47.37 -17.03
C ASP BA 174 7.43 48.11 -17.15
N ILE BA 175 7.41 49.20 -17.93
CA ILE BA 175 6.19 49.98 -18.09
C ILE BA 175 5.11 49.16 -18.77
N GLN BA 176 5.48 48.46 -19.86
CA GLN BA 176 4.50 47.70 -20.63
C GLN BA 176 3.89 46.57 -19.81
N THR BA 177 4.72 45.84 -19.07
CA THR BA 177 4.20 44.72 -18.29
C THR BA 177 3.40 45.21 -17.09
N HIS BA 178 3.77 46.37 -16.53
CA HIS BA 178 3.01 46.92 -15.42
C HIS BA 178 1.59 47.28 -15.84
N ILE BA 179 1.43 47.86 -17.02
CA ILE BA 179 0.10 48.25 -17.50
C ILE BA 179 -0.76 47.01 -17.71
N GLU BA 180 -0.17 45.96 -18.27
CA GLU BA 180 -0.93 44.74 -18.57
C GLU BA 180 -1.48 44.12 -17.29
N GLU BA 181 -0.69 44.11 -16.22
CA GLU BA 181 -1.12 43.48 -14.98
C GLU BA 181 -2.18 44.30 -14.26
N ARG BA 182 -2.05 45.63 -14.29
CA ARG BA 182 -3.00 46.46 -13.56
C ARG BA 182 -4.35 46.53 -14.24
N VAL BA 183 -4.37 46.53 -15.58
CA VAL BA 183 -5.64 46.56 -16.30
C VAL BA 183 -6.39 45.25 -16.11
N LEU BA 184 -5.67 44.13 -16.07
CA LEU BA 184 -6.29 42.84 -15.81
C LEU BA 184 -6.95 42.82 -14.44
N ARG BA 185 -6.32 43.46 -13.45
CA ARG BA 185 -6.81 43.38 -12.08
C ARG BA 185 -8.03 44.27 -11.86
N TYR BA 186 -8.07 45.45 -12.49
CA TYR BA 186 -9.06 46.46 -12.15
C TYR BA 186 -9.98 46.83 -13.29
N GLU BA 187 -9.94 46.11 -14.41
CA GLU BA 187 -10.82 46.40 -15.54
C GLU BA 187 -11.14 45.11 -16.26
N PRO BA 188 -12.14 44.36 -15.80
CA PRO BA 188 -12.48 43.08 -16.45
C PRO BA 188 -13.26 43.24 -17.74
N ARG BA 189 -13.83 44.41 -18.01
CA ARG BA 189 -14.64 44.60 -19.21
C ARG BA 189 -13.81 44.87 -20.45
N ALA BA 190 -12.49 45.02 -20.33
CA ALA BA 190 -11.63 45.37 -21.44
C ALA BA 190 -10.46 44.39 -21.50
N GLU BA 191 -9.92 44.24 -22.71
CA GLU BA 191 -8.77 43.38 -22.96
C GLU BA 191 -7.73 44.18 -23.74
N ILE BA 192 -6.51 44.22 -23.23
CA ILE BA 192 -5.42 44.96 -23.86
C ILE BA 192 -4.79 44.07 -24.93
N THR BA 193 -4.73 44.58 -26.16
CA THR BA 193 -4.21 43.81 -27.28
C THR BA 193 -2.82 44.24 -27.72
N SER BA 194 -2.39 45.47 -27.43
CA SER BA 194 -1.08 45.92 -27.84
C SER BA 194 -0.67 47.12 -26.99
N ILE BA 195 0.61 47.17 -26.63
CA ILE BA 195 1.20 48.31 -25.93
C ILE BA 195 2.48 48.69 -26.65
N GLN BA 196 2.60 49.97 -27.00
CA GLN BA 196 3.77 50.48 -27.70
C GLN BA 196 4.35 51.65 -26.92
N VAL BA 197 5.64 51.57 -26.60
CA VAL BA 197 6.35 52.61 -25.87
C VAL BA 197 7.44 53.18 -26.78
N ASN BA 198 7.46 54.49 -26.94
CA ASN BA 198 8.43 55.16 -27.79
C ASN BA 198 8.90 56.44 -27.13
N GLN BA 199 10.12 56.86 -27.47
CA GLN BA 199 10.69 58.10 -26.98
C GLN BA 199 10.50 59.18 -28.02
N ARG BA 200 9.98 60.33 -27.59
CA ARG BA 200 9.70 61.43 -28.51
C ARG BA 200 11.00 62.09 -28.96
N THR BA 201 11.05 62.42 -30.25
CA THR BA 201 12.25 63.02 -30.82
C THR BA 201 12.40 64.48 -30.39
N ASN BA 202 11.30 65.24 -30.41
CA ASN BA 202 11.38 66.65 -30.07
C ASN BA 202 11.55 66.86 -28.57
N LEU BA 203 11.05 65.94 -27.75
CA LEU BA 203 11.19 65.99 -26.30
C LEU BA 203 11.84 64.70 -25.85
N PRO BA 204 13.18 64.67 -25.75
CA PRO BA 204 13.88 63.41 -25.46
C PRO BA 204 13.57 62.84 -24.08
N SER BA 205 13.08 63.64 -23.14
CA SER BA 205 12.88 63.20 -21.77
C SER BA 205 11.48 62.66 -21.51
N THR BA 206 10.63 62.58 -22.53
CA THR BA 206 9.25 62.14 -22.37
C THR BA 206 9.02 60.85 -23.14
N LEU BA 207 8.21 59.96 -22.57
CA LEU BA 207 7.88 58.68 -23.17
C LEU BA 207 6.42 58.67 -23.59
N HIS BA 208 6.15 58.21 -24.81
CA HIS BA 208 4.80 58.10 -25.33
C HIS BA 208 4.39 56.63 -25.31
N VAL BA 209 3.26 56.34 -24.67
CA VAL BA 209 2.75 54.98 -24.54
C VAL BA 209 1.45 54.90 -25.33
N GLN BA 210 1.39 53.95 -26.26
CA GLN BA 210 0.20 53.70 -27.06
C GLN BA 210 -0.43 52.39 -26.58
N VAL BA 211 -1.68 52.48 -26.14
CA VAL BA 211 -2.41 51.33 -25.63
C VAL BA 211 -3.63 51.10 -26.51
N THR BA 212 -3.84 49.85 -26.91
CA THR BA 212 -4.92 49.46 -27.79
C THR BA 212 -5.73 48.38 -27.11
N TYR BA 213 -7.03 48.60 -26.96
CA TYR BA 213 -7.90 47.74 -26.17
C TYR BA 213 -9.06 47.22 -27.02
N ALA BA 214 -9.59 46.07 -26.60
CA ALA BA 214 -10.75 45.46 -27.22
C ALA BA 214 -11.76 45.09 -26.14
N LEU BA 215 -13.04 45.16 -26.50
CA LEU BA 215 -14.10 44.90 -25.54
C LEU BA 215 -14.27 43.41 -25.31
N ARG BA 216 -14.81 43.07 -24.14
CA ARG BA 216 -15.01 41.67 -23.76
C ARG BA 216 -16.12 41.05 -24.59
N GLY BA 217 -15.79 39.99 -25.32
CA GLY BA 217 -16.78 39.33 -26.15
C GLY BA 217 -17.22 40.10 -27.36
N SER BA 218 -16.40 41.04 -27.84
CA SER BA 218 -16.79 41.88 -28.97
C SER BA 218 -16.83 41.07 -30.27
N ASP BA 219 -15.85 40.20 -30.47
CA ASP BA 219 -15.78 39.40 -31.69
C ASP BA 219 -16.84 38.29 -31.69
N THR CA 2 4.81 61.07 23.95
CA THR CA 2 5.16 59.79 23.36
C THR CA 2 5.85 58.89 24.39
N ASN CA 3 6.43 59.50 25.43
CA ASN CA 3 7.06 58.71 26.48
C ASN CA 3 6.03 57.92 27.26
N LYS CA 4 4.82 58.44 27.40
CA LYS CA 4 3.75 57.68 28.04
C LYS CA 4 3.39 56.44 27.23
N ILE CA 5 3.33 56.58 25.89
CA ILE CA 5 2.96 55.45 25.05
C ILE CA 5 4.00 54.35 25.13
N LEU CA 6 5.29 54.72 25.07
CA LEU CA 6 6.35 53.72 25.15
C LEU CA 6 6.38 53.04 26.50
N ALA CA 7 6.15 53.81 27.57
CA ALA CA 7 6.16 53.24 28.91
C ALA CA 7 5.07 52.20 29.08
N ASP CA 8 3.87 52.47 28.55
CA ASP CA 8 2.77 51.51 28.66
C ASP CA 8 3.06 50.26 27.86
N ILE CA 9 3.65 50.42 26.66
CA ILE CA 9 3.89 49.27 25.79
C ILE CA 9 4.98 48.37 26.37
N TYR CA 10 6.09 48.98 26.81
CA TYR CA 10 7.27 48.22 27.23
C TYR CA 10 7.38 48.05 28.74
N GLY CA 11 6.46 48.60 29.51
CA GLY CA 11 6.47 48.41 30.95
C GLY CA 11 7.38 49.39 31.67
N ARG CA 12 7.35 49.29 33.00
CA ARG CA 12 8.15 50.17 33.84
C ARG CA 12 8.45 49.45 35.15
N GLY CA 13 9.59 49.78 35.74
CA GLY CA 13 10.00 49.13 36.96
C GLY CA 13 11.14 49.86 37.62
N TRP CA 14 11.77 49.19 38.58
CA TRP CA 14 12.85 49.80 39.34
C TRP CA 14 14.03 50.12 38.44
N ALA CA 15 14.71 51.23 38.74
CA ALA CA 15 15.89 51.63 38.01
C ALA CA 15 17.13 50.97 38.60
N PHE CA 16 18.13 50.75 37.74
CA PHE CA 16 19.36 50.10 38.14
C PHE CA 16 20.53 51.06 37.95
N PRO CA 17 21.42 51.19 38.95
CA PRO CA 17 21.42 50.54 40.26
C PRO CA 17 20.35 51.14 41.18
N PRO CA 18 19.91 50.41 42.19
CA PRO CA 18 18.84 50.92 43.05
C PRO CA 18 19.23 52.24 43.70
N GLN CA 19 18.27 53.18 43.72
CA GLN CA 19 18.46 54.48 44.32
C GLN CA 19 17.25 54.80 45.19
N PHE CA 20 17.49 55.56 46.26
CA PHE CA 20 16.46 55.85 47.25
C PHE CA 20 16.42 57.35 47.51
N PHE CA 21 15.22 57.87 47.71
CA PHE CA 21 15.01 59.28 48.00
C PHE CA 21 14.01 59.43 49.14
N ILE CA 22 14.20 60.51 49.91
CA ILE CA 22 13.23 60.93 50.92
C ILE CA 22 12.97 62.41 50.71
N GLY CA 23 11.71 62.78 50.50
CA GLY CA 23 11.37 64.16 50.26
C GLY CA 23 11.53 65.03 51.49
N GLU CA 24 11.60 66.33 51.26
CA GLU CA 24 11.75 67.28 52.36
C GLU CA 24 10.48 67.36 53.19
N ARG CA 25 10.66 67.66 54.47
CA ARG CA 25 9.53 67.72 55.39
C ARG CA 25 8.65 68.93 55.08
N ILE CA 26 7.34 68.74 55.18
CA ILE CA 26 6.37 69.80 54.90
C ILE CA 26 6.10 70.55 56.20
N PRO CA 27 6.33 71.86 56.25
CA PRO CA 27 5.95 72.63 57.45
C PRO CA 27 4.45 72.86 57.49
N TYR CA 28 3.71 71.90 58.04
CA TYR CA 28 2.25 71.93 57.99
C TYR CA 28 1.66 73.13 58.72
N GLU CA 29 2.41 73.75 59.63
CA GLU CA 29 1.89 74.86 60.42
C GLU CA 29 1.91 76.18 59.66
N ASP CA 30 2.10 76.16 58.34
CA ASP CA 30 2.13 77.37 57.54
C ASP CA 30 1.00 77.48 56.52
N TYR CA 31 0.33 76.38 56.18
CA TYR CA 31 -0.70 76.36 55.15
C TYR CA 31 -2.05 76.13 55.81
N SER CA 32 -2.73 77.23 56.13
CA SER CA 32 -4.07 77.18 56.74
C SER CA 32 -4.98 78.22 56.10
N SER CA 33 -4.88 78.40 54.79
CA SER CA 33 -5.70 79.38 54.08
C SER CA 33 -5.91 78.90 52.65
N ASP CA 34 -7.17 78.75 52.27
CA ASP CA 34 -7.49 78.28 50.93
C ASP CA 34 -7.05 79.30 49.89
N LEU CA 35 -6.52 78.80 48.77
CA LEU CA 35 -5.99 79.68 47.74
C LEU CA 35 -7.10 80.45 47.03
N ASN CA 36 -8.21 79.79 46.72
CA ASN CA 36 -9.30 80.45 46.01
C ASN CA 36 -9.88 81.58 46.84
N LYS CA 37 -10.03 81.37 48.15
CA LYS CA 37 -10.47 82.45 49.02
C LYS CA 37 -9.43 83.56 49.08
N TYR CA 38 -8.15 83.19 49.12
CA TYR CA 38 -7.10 84.20 49.18
C TYR CA 38 -7.05 85.03 47.90
N LEU CA 39 -7.18 84.38 46.75
CA LEU CA 39 -7.18 85.11 45.48
C LEU CA 39 -8.39 86.03 45.38
N SER CA 40 -9.57 85.55 45.77
CA SER CA 40 -10.76 86.39 45.73
C SER CA 40 -10.64 87.57 46.70
N GLU CA 41 -10.07 87.33 47.88
CA GLU CA 41 -9.87 88.42 48.84
C GLU CA 41 -8.91 89.46 48.31
N LYS CA 42 -7.92 89.05 47.52
CA LYS CA 42 -6.95 89.97 46.93
C LYS CA 42 -7.45 90.65 45.66
N LYS CA 43 -8.76 90.64 45.43
CA LYS CA 43 -9.38 91.33 44.31
C LYS CA 43 -8.78 90.90 42.97
N ILE CA 44 -8.47 89.61 42.88
CA ILE CA 44 -7.96 89.06 41.62
C ILE CA 44 -9.11 88.94 40.64
N GLU CA 45 -8.80 88.96 39.34
CA GLU CA 45 -9.83 88.80 38.34
C GLU CA 45 -10.42 87.39 38.40
N ALA CA 46 -11.73 87.30 38.16
CA ALA CA 46 -12.43 86.03 38.27
C ALA CA 46 -11.90 85.02 37.26
N GLU CA 47 -11.68 85.46 36.02
CA GLU CA 47 -11.16 84.56 35.00
C GLU CA 47 -9.68 84.26 35.19
N GLN CA 48 -8.97 85.06 36.00
CA GLN CA 48 -7.61 84.68 36.38
C GLN CA 48 -7.61 83.46 37.28
N ILE CA 49 -8.66 83.28 38.08
CA ILE CA 49 -8.71 82.17 39.02
C ILE CA 49 -8.73 80.84 38.27
N VAL CA 50 -9.56 80.72 37.23
CA VAL CA 50 -9.60 79.46 36.48
C VAL CA 50 -8.29 79.23 35.74
N LYS CA 51 -7.65 80.31 35.26
CA LYS CA 51 -6.31 80.16 34.70
C LYS CA 51 -5.29 79.79 35.76
N ILE CA 52 -5.47 80.30 36.99
CA ILE CA 52 -4.61 79.89 38.09
C ILE CA 52 -4.74 78.39 38.33
N GLN CA 53 -5.98 77.91 38.44
CA GLN CA 53 -6.20 76.50 38.75
C GLN CA 53 -5.77 75.61 37.58
N ALA CA 54 -5.95 76.07 36.35
CA ALA CA 54 -5.51 75.30 35.19
C ALA CA 54 -4.00 75.11 35.19
N CYS CA 55 -3.25 76.15 35.56
CA CYS CA 55 -1.80 76.04 35.60
C CYS CA 55 -1.34 75.05 36.66
N ILE CA 56 -1.95 75.09 37.85
CA ILE CA 56 -1.58 74.15 38.91
C ILE CA 56 -1.92 72.72 38.49
N LYS CA 57 -3.11 72.54 37.92
CA LYS CA 57 -3.52 71.20 37.47
C LYS CA 57 -2.57 70.67 36.41
N GLU CA 58 -2.18 71.52 35.46
CA GLU CA 58 -1.26 71.10 34.42
C GLU CA 58 0.12 70.77 34.98
N SER CA 59 0.62 71.60 35.90
CA SER CA 59 1.94 71.34 36.49
C SER CA 59 1.95 70.03 37.28
N VAL CA 60 0.89 69.78 38.05
CA VAL CA 60 0.76 68.51 38.75
C VAL CA 60 0.54 67.37 37.76
N MET CA 61 -0.16 67.66 36.66
CA MET CA 61 -0.37 66.65 35.63
C MET CA 61 0.95 66.07 35.16
N CYS CA 62 1.94 66.93 34.92
CA CYS CA 62 3.25 66.47 34.47
C CYS CA 62 4.00 65.75 35.58
N TYR CA 63 3.90 66.26 36.82
CA TYR CA 63 4.62 65.66 37.93
C TYR CA 63 4.15 64.24 38.19
N ASP CA 64 2.84 64.02 38.19
CA ASP CA 64 2.29 62.68 38.43
C ASP CA 64 0.92 62.65 37.77
N PHE CA 65 0.80 61.91 36.67
CA PHE CA 65 -0.39 62.00 35.85
C PHE CA 65 -1.58 61.25 36.42
N HIS CA 66 -1.39 60.47 37.49
CA HIS CA 66 -2.50 59.82 38.17
C HIS CA 66 -3.11 60.68 39.27
N ALA CA 67 -2.60 61.89 39.46
CA ALA CA 67 -3.05 62.74 40.55
C ALA CA 67 -4.46 63.29 40.30
N LYS CA 68 -5.11 63.70 41.38
CA LYS CA 68 -6.44 64.29 41.33
C LYS CA 68 -6.53 65.31 42.45
N ILE CA 69 -6.46 66.59 42.12
CA ILE CA 69 -6.31 67.64 43.12
C ILE CA 69 -7.59 67.76 43.94
N THR CA 70 -7.43 67.79 45.27
CA THR CA 70 -8.55 67.94 46.18
C THR CA 70 -8.49 69.20 47.05
N SER CA 71 -7.32 69.79 47.25
CA SER CA 71 -7.19 70.97 48.09
C SER CA 71 -6.02 71.80 47.63
N THR CA 72 -6.03 73.07 48.03
CA THR CA 72 -4.96 74.01 47.70
C THR CA 72 -4.88 75.07 48.78
N GLN CA 73 -3.69 75.25 49.35
CA GLN CA 73 -3.50 76.17 50.46
C GLN CA 73 -2.25 77.02 50.23
N VAL CA 74 -2.23 78.19 50.86
CA VAL CA 74 -1.16 79.17 50.70
C VAL CA 74 -0.42 79.31 52.02
N SER CA 75 0.91 79.38 51.93
CA SER CA 75 1.72 79.64 53.11
C SER CA 75 1.48 81.05 53.62
N LYS CA 76 1.39 81.19 54.94
CA LYS CA 76 1.15 82.49 55.55
C LYS CA 76 2.40 83.36 55.59
N GLN CA 77 3.59 82.79 55.34
CA GLN CA 77 4.81 83.58 55.31
C GLN CA 77 5.05 84.25 53.96
N THR CA 78 4.19 84.00 52.97
CA THR CA 78 4.32 84.60 51.65
C THR CA 78 2.98 85.26 51.31
N ASN CA 79 2.87 86.55 51.60
CA ASN CA 79 1.67 87.32 51.29
C ASN CA 79 1.98 88.21 50.08
N LEU CA 80 1.75 87.64 48.89
CA LEU CA 80 2.07 88.29 47.62
C LEU CA 80 3.57 88.57 47.51
N PRO CA 83 5.92 85.56 44.38
CA PRO CA 83 6.32 84.24 44.88
C PRO CA 83 5.40 83.71 45.97
N LEU CA 84 4.43 82.88 45.58
CA LEU CA 84 3.46 82.31 46.49
C LEU CA 84 3.79 80.85 46.75
N ASN CA 85 3.91 80.48 48.02
CA ASN CA 85 4.20 79.11 48.40
C ASN CA 85 2.88 78.37 48.58
N ILE CA 86 2.74 77.24 47.89
CA ILE CA 86 1.47 76.54 47.79
C ILE CA 86 1.67 75.08 48.23
N LEU CA 87 0.71 74.58 49.01
CA LEU CA 87 0.67 73.17 49.40
C LEU CA 87 -0.52 72.52 48.69
N VAL CA 88 -0.22 71.59 47.79
CA VAL CA 88 -1.22 70.94 46.95
C VAL CA 88 -1.54 69.58 47.54
N THR CA 89 -2.83 69.28 47.67
CA THR CA 89 -3.30 67.99 48.16
C THR CA 89 -4.05 67.27 47.06
N TYR CA 90 -3.66 66.03 46.79
CA TYR CA 90 -4.25 65.26 45.70
C TYR CA 90 -4.42 63.81 46.13
N THR CA 91 -5.24 63.09 45.37
CA THR CA 91 -5.42 61.65 45.56
C THR CA 91 -5.06 60.94 44.27
N LEU CA 92 -4.36 59.81 44.41
CA LEU CA 92 -3.87 59.06 43.26
C LEU CA 92 -5.00 58.19 42.72
N GLY CA 93 -5.51 58.53 41.54
CA GLY CA 93 -6.56 57.76 40.92
C GLY CA 93 -7.81 57.72 41.76
N ASP CA 94 -8.49 56.57 41.72
CA ASP CA 94 -9.68 56.33 42.51
C ASP CA 94 -9.37 55.70 43.87
N SER CA 95 -8.14 55.84 44.35
CA SER CA 95 -7.73 55.23 45.61
C SER CA 95 -8.13 56.13 46.77
N GLU CA 96 -7.92 55.62 47.99
CA GLU CA 96 -8.14 56.37 49.21
C GLU CA 96 -6.87 57.00 49.74
N ILE CA 97 -5.75 56.88 49.03
CA ILE CA 97 -4.47 57.39 49.47
C ILE CA 97 -4.33 58.84 49.06
N SER CA 98 -3.93 59.69 50.00
CA SER CA 98 -3.74 61.10 49.76
C SER CA 98 -2.29 61.48 50.04
N GLN CA 99 -1.79 62.44 49.25
CA GLN CA 99 -0.41 62.90 49.38
C GLN CA 99 -0.38 64.41 49.26
N LYS CA 100 0.71 65.00 49.75
CA LYS CA 100 0.87 66.45 49.75
C LYS CA 100 2.18 66.81 49.07
N ILE CA 101 2.22 68.01 48.50
CA ILE CA 101 3.36 68.44 47.69
C ILE CA 101 3.42 69.96 47.70
N GLN CA 102 4.62 70.50 47.91
CA GLN CA 102 4.83 71.94 47.90
C GLN CA 102 4.98 72.45 46.47
N GLY CA 103 4.68 73.74 46.30
CA GLY CA 103 4.81 74.38 45.01
C GLY CA 103 4.99 75.87 45.16
N VAL CA 104 5.39 76.51 44.06
CA VAL CA 104 5.61 77.95 44.00
C VAL CA 104 4.76 78.51 42.87
N LEU CA 105 3.90 79.46 43.20
CA LEU CA 105 3.00 80.11 42.24
C LEU CA 105 3.43 81.55 42.03
N ARG CA 106 3.39 81.99 40.78
CA ARG CA 106 3.82 83.33 40.40
C ARG CA 106 2.78 83.93 39.46
N VAL CA 107 2.44 85.20 39.69
CA VAL CA 107 1.47 85.88 38.86
C VAL CA 107 2.04 87.16 38.28
N PRO CA 112 1.14 85.41 31.80
CA PRO CA 112 0.53 84.15 32.21
C PRO CA 112 1.18 83.57 33.46
N PRO CA 113 0.37 82.96 34.35
CA PRO CA 113 0.93 82.37 35.56
C PRO CA 113 1.75 81.13 35.25
N GLN CA 114 2.72 80.85 36.12
CA GLN CA 114 3.49 79.62 36.05
C GLN CA 114 3.55 79.01 37.44
N PHE CA 115 3.59 77.69 37.49
CA PHE CA 115 3.62 76.95 38.75
C PHE CA 115 4.80 75.99 38.72
N SER CA 116 5.63 76.05 39.76
CA SER CA 116 6.82 75.21 39.85
C SER CA 116 6.72 74.32 41.08
N ILE CA 117 7.37 73.16 41.00
CA ILE CA 117 7.35 72.16 42.06
C ILE CA 117 8.71 72.18 42.76
N LYS CA 118 8.70 71.98 44.07
CA LYS CA 118 9.95 71.85 44.82
C LYS CA 118 10.76 70.69 44.27
N ASP CA 119 12.08 70.88 44.18
CA ASP CA 119 12.93 69.92 43.48
C ASP CA 119 12.96 68.58 44.20
N ASN CA 120 13.21 68.58 45.51
CA ASN CA 120 13.34 67.34 46.27
C ASN CA 120 12.04 67.13 47.05
N SER CA 121 11.05 66.56 46.36
CA SER CA 121 9.74 66.31 46.94
C SER CA 121 9.31 64.84 46.90
N ARG CA 122 9.96 64.02 46.10
CA ARG CA 122 9.55 62.62 45.93
C ARG CA 122 10.31 61.72 46.90
N THR CA 123 9.59 60.80 47.51
CA THR CA 123 10.15 59.80 48.40
C THR CA 123 9.84 58.41 47.85
N GLY CA 124 10.86 57.60 47.70
CA GLY CA 124 10.69 56.26 47.16
C GLY CA 124 11.92 55.83 46.39
N ILE CA 125 11.68 55.07 45.33
CA ILE CA 125 12.73 54.54 44.50
C ILE CA 125 12.74 55.25 43.16
N ALA CA 126 13.85 55.13 42.44
CA ALA CA 126 13.94 55.61 41.08
C ALA CA 126 13.42 54.54 40.13
N ILE CA 127 12.61 54.96 39.16
CA ILE CA 127 11.97 54.03 38.24
C ILE CA 127 12.48 54.27 36.83
N ALA CA 128 12.50 53.20 36.03
CA ALA CA 128 12.88 53.25 34.62
C ALA CA 128 11.67 52.90 33.78
N GLU CA 129 11.46 53.66 32.71
CA GLU CA 129 10.23 53.61 31.93
C GLU CA 129 10.54 53.41 30.46
N GLY CA 130 9.73 52.60 29.79
CA GLY CA 130 9.75 52.53 28.34
C GLY CA 130 11.10 52.08 27.79
N THR CA 131 11.68 52.95 26.95
CA THR CA 131 12.94 52.62 26.30
C THR CA 131 14.06 52.44 27.33
N GLN CA 132 14.10 53.28 28.36
CA GLN CA 132 15.13 53.16 29.38
C GLN CA 132 15.04 51.83 30.11
N ASN CA 133 13.83 51.30 30.27
CA ASN CA 133 13.67 50.00 30.91
C ASN CA 133 14.30 48.90 30.08
N VAL CA 134 14.12 48.94 28.76
CA VAL CA 134 14.69 47.91 27.90
C VAL CA 134 16.20 48.04 27.82
N LEU CA 135 16.70 49.27 27.69
CA LEU CA 135 18.14 49.49 27.65
C LEU CA 135 18.81 49.03 28.94
N GLN CA 136 18.21 49.37 30.08
CA GLN CA 136 18.75 48.94 31.36
C GLN CA 136 18.70 47.42 31.50
N SER CA 137 17.66 46.80 30.94
CA SER CA 137 17.51 45.36 31.05
C SER CA 137 18.66 44.62 30.39
N ILE CA 138 19.09 45.10 29.22
CA ILE CA 138 20.22 44.47 28.54
C ILE CA 138 21.51 44.71 29.31
N ASN CA 139 21.65 45.89 29.92
CA ASN CA 139 22.85 46.19 30.69
C ASN CA 139 23.00 45.24 31.87
N ILE CA 140 21.89 44.92 32.54
CA ILE CA 140 21.95 43.99 33.66
C ILE CA 140 22.37 42.61 33.17
N LEU CA 141 21.92 42.22 31.98
CA LEU CA 141 22.29 40.92 31.44
C LEU CA 141 23.78 40.80 31.21
N PHE CA 142 24.41 41.86 30.71
CA PHE CA 142 25.84 41.82 30.43
C PHE CA 142 26.65 41.71 31.71
N LEU CA 143 26.19 42.34 32.79
CA LEU CA 143 26.94 42.40 34.03
C LEU CA 143 26.68 41.22 34.96
N THR CA 144 25.83 40.28 34.58
CA THR CA 144 25.50 39.13 35.40
C THR CA 144 26.07 37.86 34.77
N GLU CA 145 26.77 37.08 35.58
CA GLU CA 145 27.29 35.82 35.06
C GLU CA 145 26.39 34.66 35.49
N PRO CA 146 26.23 33.65 34.64
CA PRO CA 146 25.39 32.51 35.01
C PRO CA 146 25.87 31.84 36.29
N GLY CA 147 24.92 31.47 37.14
CA GLY CA 147 25.23 30.92 38.44
C GLY CA 147 25.21 31.92 39.58
N GLU CA 148 25.20 33.22 39.28
CA GLU CA 148 25.17 34.22 40.33
C GLU CA 148 23.77 34.40 40.91
N ARG CA 149 22.73 34.25 40.10
CA ARG CA 149 21.36 34.46 40.56
C ARG CA 149 20.84 33.22 41.25
N ILE CA 150 20.28 33.39 42.45
CA ILE CA 150 19.74 32.27 43.19
C ILE CA 150 18.46 31.77 42.53
N MET CA 151 18.36 30.45 42.36
CA MET CA 151 17.22 29.78 41.74
C MET CA 151 17.05 30.18 40.27
N ARG CA 152 18.01 30.93 39.74
CA ARG CA 152 18.03 31.40 38.36
C ARG CA 152 19.41 31.20 37.77
N GLU CA 153 19.95 29.98 37.94
CA GLU CA 153 21.37 29.73 37.71
C GLU CA 153 21.79 29.85 36.26
N ASP CA 154 20.84 29.91 35.32
CA ASP CA 154 21.19 30.06 33.91
C ASP CA 154 21.16 31.50 33.42
N TYR CA 155 20.48 32.39 34.14
CA TYR CA 155 20.37 33.77 33.70
C TYR CA 155 21.74 34.45 33.71
N GLY CA 156 21.98 35.27 32.69
CA GLY CA 156 23.24 35.96 32.53
C GLY CA 156 23.81 35.75 31.13
N CYS CA 157 24.86 36.52 30.85
CA CYS CA 157 25.51 36.47 29.55
C CYS CA 157 26.65 35.45 29.54
N GLY CA 158 27.64 35.64 30.42
CA GLY CA 158 28.74 34.70 30.51
C GLY CA 158 29.94 35.09 29.67
N LEU CA 159 30.25 36.39 29.64
CA LEU CA 159 31.40 36.86 28.88
C LEU CA 159 32.72 36.69 29.62
N ASN CA 160 32.68 36.25 30.89
CA ASN CA 160 33.92 35.99 31.62
C ASN CA 160 34.69 34.83 31.02
N ASP CA 161 34.02 33.93 30.28
CA ASP CA 161 34.71 32.78 29.72
C ASP CA 161 35.65 33.16 28.58
N TYR CA 162 35.52 34.36 28.02
CA TYR CA 162 36.34 34.80 26.91
C TYR CA 162 37.52 35.67 27.34
N LEU CA 163 37.67 35.91 28.64
CA LEU CA 163 38.83 36.66 29.13
C LEU CA 163 40.09 35.81 29.02
N PHE CA 164 41.22 36.48 28.87
CA PHE CA 164 42.56 35.90 28.77
C PHE CA 164 42.74 35.06 27.51
N ALA CA 165 41.81 35.12 26.57
CA ALA CA 165 42.01 34.49 25.28
C ALA CA 165 42.75 35.42 24.34
N ASN CA 166 43.52 34.83 23.42
CA ASN CA 166 44.28 35.64 22.47
C ASN CA 166 43.34 36.45 21.59
N ILE CA 167 43.63 37.75 21.45
CA ILE CA 167 42.80 38.62 20.64
C ILE CA 167 43.00 38.24 19.18
N SER CA 168 41.94 37.73 18.55
CA SER CA 168 42.04 37.16 17.21
C SER CA 168 40.67 37.23 16.56
N ASP CA 169 40.63 36.83 15.27
CA ASP CA 169 39.36 36.78 14.56
C ASP CA 169 38.42 35.76 15.18
N GLU CA 170 38.97 34.63 15.65
CA GLU CA 170 38.14 33.62 16.29
C GLU CA 170 37.49 34.15 17.56
N LEU CA 171 38.23 34.89 18.37
CA LEU CA 171 37.66 35.44 19.59
C LEU CA 171 36.60 36.48 19.30
N MET CA 172 36.83 37.34 18.31
CA MET CA 172 35.85 38.37 17.96
C MET CA 172 34.56 37.74 17.44
N THR CA 173 34.67 36.69 16.64
CA THR CA 173 33.48 36.00 16.16
C THR CA 173 32.72 35.34 17.31
N ASP CA 174 33.45 34.71 18.23
CA ASP CA 174 32.79 34.03 19.35
C ASP CA 174 32.06 35.00 20.25
N ILE CA 175 32.67 36.16 20.52
CA ILE CA 175 32.03 37.15 21.39
C ILE CA 175 30.76 37.69 20.75
N GLN CA 176 30.83 38.00 19.45
CA GLN CA 176 29.68 38.57 18.76
C GLN CA 176 28.51 37.60 18.72
N THR CA 177 28.77 36.34 18.38
CA THR CA 177 27.69 35.36 18.27
C THR CA 177 27.15 34.99 19.64
N HIS CA 178 28.00 35.03 20.67
CA HIS CA 178 27.53 34.74 22.02
C HIS CA 178 26.53 35.78 22.49
N ILE CA 179 26.80 37.05 22.20
CA ILE CA 179 25.88 38.12 22.61
C ILE CA 179 24.54 37.98 21.91
N GLU CA 180 24.56 37.65 20.62
CA GLU CA 180 23.33 37.50 19.86
C GLU CA 180 22.44 36.40 20.44
N GLU CA 181 23.05 35.28 20.81
CA GLU CA 181 22.27 34.14 21.30
C GLU CA 181 21.66 34.44 22.67
N ARG CA 182 22.43 35.06 23.56
CA ARG CA 182 21.94 35.29 24.92
C ARG CA 182 20.83 36.33 24.95
N VAL CA 183 20.95 37.38 24.14
CA VAL CA 183 19.91 38.41 24.12
C VAL CA 183 18.61 37.85 23.59
N LEU CA 184 18.69 36.96 22.59
CA LEU CA 184 17.48 36.33 22.06
C LEU CA 184 16.80 35.49 23.13
N ARG CA 185 17.57 34.95 24.08
CA ARG CA 185 17.01 34.03 25.06
C ARG CA 185 16.42 34.78 26.25
N TYR CA 186 16.96 35.93 26.59
CA TYR CA 186 16.64 36.58 27.86
C TYR CA 186 16.16 38.02 27.69
N GLU CA 187 15.85 38.45 26.48
CA GLU CA 187 15.33 39.79 26.29
C GLU CA 187 14.50 39.85 25.00
N PRO CA 188 13.21 39.54 25.07
CA PRO CA 188 12.37 39.55 23.86
C PRO CA 188 11.91 40.93 23.44
N ARG CA 189 12.00 41.94 24.30
CA ARG CA 189 11.53 43.28 23.96
C ARG CA 189 12.51 44.04 23.08
N ALA CA 190 13.71 43.51 22.84
CA ALA CA 190 14.73 44.21 22.09
C ALA CA 190 15.22 43.34 20.94
N GLU CA 191 15.68 43.99 19.89
CA GLU CA 191 16.26 43.32 18.73
C GLU CA 191 17.65 43.88 18.48
N ILE CA 192 18.64 43.00 18.44
CA ILE CA 192 20.02 43.41 18.19
C ILE CA 192 20.23 43.54 16.68
N THR CA 193 20.71 44.69 16.24
CA THR CA 193 20.87 44.96 14.82
C THR CA 193 22.32 45.05 14.37
N SER CA 194 23.27 45.26 15.28
CA SER CA 194 24.67 45.33 14.89
C SER CA 194 25.53 45.13 16.13
N ILE CA 195 26.64 44.42 15.96
CA ILE CA 195 27.64 44.21 17.01
C ILE CA 195 29.00 44.45 16.40
N GLN CA 196 29.77 45.37 17.00
CA GLN CA 196 31.10 45.72 16.54
C GLN CA 196 32.10 45.48 17.65
N VAL CA 197 33.16 44.71 17.35
CA VAL CA 197 34.21 44.42 18.31
C VAL CA 197 35.52 44.99 17.75
N ASN CA 198 36.17 45.84 18.54
CA ASN CA 198 37.41 46.48 18.12
C ASN CA 198 38.40 46.46 19.27
N GLN CA 199 39.68 46.46 18.94
CA GLN CA 199 40.76 46.48 19.91
C GLN CA 199 41.23 47.91 20.12
N ARG CA 200 41.32 48.32 21.38
CA ARG CA 200 41.73 49.69 21.70
C ARG CA 200 43.20 49.90 21.38
N THR CA 201 43.52 51.04 20.77
CA THR CA 201 44.90 51.34 20.41
C THR CA 201 45.73 51.71 21.63
N ASN CA 202 45.19 52.53 22.53
CA ASN CA 202 45.94 52.96 23.70
C ASN CA 202 46.05 51.85 24.74
N LEU CA 203 45.08 50.94 24.78
CA LEU CA 203 45.09 49.80 25.69
C LEU CA 203 44.96 48.54 24.86
N PRO CA 204 46.08 47.95 24.43
CA PRO CA 204 46.02 46.83 23.48
C PRO CA 204 45.35 45.58 24.03
N SER CA 205 45.25 45.43 25.34
CA SER CA 205 44.72 44.21 25.93
C SER CA 205 43.22 44.26 26.20
N THR CA 206 42.55 45.35 25.84
CA THR CA 206 41.13 45.52 26.10
C THR CA 206 40.35 45.56 24.79
N LEU CA 207 39.18 44.92 24.80
CA LEU CA 207 38.30 44.88 23.64
C LEU CA 207 37.10 45.76 23.89
N HIS CA 208 36.72 46.57 22.90
CA HIS CA 208 35.56 47.44 22.97
C HIS CA 208 34.45 46.85 22.10
N VAL CA 209 33.30 46.60 22.70
CA VAL CA 209 32.17 46.01 22.01
C VAL CA 209 31.08 47.07 21.89
N GLN CA 210 30.63 47.31 20.65
CA GLN CA 210 29.58 48.27 20.37
C GLN CA 210 28.33 47.50 19.97
N VAL CA 211 27.25 47.69 20.72
CA VAL CA 211 26.01 46.97 20.52
C VAL CA 211 24.91 47.98 20.21
N THR CA 212 24.15 47.71 19.15
CA THR CA 212 23.09 48.59 18.69
C THR CA 212 21.79 47.81 18.66
N TYR CA 213 20.75 48.35 19.30
CA TYR CA 213 19.50 47.62 19.49
C TYR CA 213 18.33 48.46 19.03
N ALA CA 214 17.25 47.77 18.65
CA ALA CA 214 15.99 48.41 18.27
C ALA CA 214 14.86 47.77 19.04
N LEU CA 215 13.83 48.56 19.31
CA LEU CA 215 12.71 48.09 20.10
C LEU CA 215 11.79 47.18 19.28
N ARG CA 216 11.07 46.31 20.00
CA ARG CA 216 10.18 45.36 19.34
C ARG CA 216 8.99 46.09 18.75
N GLY CA 217 8.80 45.96 17.43
CA GLY CA 217 7.69 46.61 16.77
C GLY CA 217 7.80 48.12 16.68
N SER CA 218 9.01 48.66 16.74
CA SER CA 218 9.18 50.11 16.73
C SER CA 218 8.86 50.71 15.36
N ASP CA 219 9.29 50.04 14.29
CA ASP CA 219 9.06 50.55 12.95
C ASP CA 219 7.59 50.38 12.54
N THR DA 2 32.69 10.86 56.17
CA THR DA 2 32.35 10.53 54.79
C THR DA 2 32.41 9.03 54.54
N ASN DA 3 33.13 8.32 55.41
CA ASN DA 3 33.21 6.87 55.30
C ASN DA 3 31.84 6.23 55.55
N LYS DA 4 31.04 6.81 56.45
CA LYS DA 4 29.69 6.32 56.66
C LYS DA 4 28.83 6.49 55.41
N ILE DA 5 28.97 7.63 54.74
CA ILE DA 5 28.17 7.89 53.54
C ILE DA 5 28.51 6.88 52.44
N LEU DA 6 29.81 6.63 52.23
CA LEU DA 6 30.21 5.67 51.21
C LEU DA 6 29.77 4.26 51.57
N ALA DA 7 29.85 3.90 52.86
CA ALA DA 7 29.47 2.55 53.27
C ALA DA 7 28.00 2.30 53.02
N ASP DA 8 27.14 3.29 53.30
CA ASP DA 8 25.71 3.11 53.07
C ASP DA 8 25.40 3.00 51.58
N ILE DA 9 26.10 3.77 50.74
CA ILE DA 9 25.81 3.76 49.32
C ILE DA 9 26.23 2.45 48.68
N TYR DA 10 27.43 1.96 49.01
CA TYR DA 10 27.99 0.80 48.35
C TYR DA 10 27.87 -0.49 49.15
N GLY DA 11 27.29 -0.43 50.35
CA GLY DA 11 27.08 -1.63 51.14
C GLY DA 11 28.30 -2.07 51.92
N ARG DA 12 28.10 -3.11 52.71
CA ARG DA 12 29.17 -3.66 53.52
C ARG DA 12 28.95 -5.16 53.71
N GLY DA 13 30.04 -5.87 53.96
CA GLY DA 13 29.98 -7.31 54.10
C GLY DA 13 31.27 -7.86 54.64
N TRP DA 14 31.39 -9.18 54.58
CA TRP DA 14 32.56 -9.86 55.11
C TRP DA 14 33.82 -9.44 54.38
N ALA DA 15 34.92 -9.36 55.13
CA ALA DA 15 36.21 -9.04 54.54
C ALA DA 15 36.86 -10.29 53.98
N PHE DA 16 37.71 -10.11 52.96
CA PHE DA 16 38.41 -11.19 52.32
C PHE DA 16 39.90 -11.03 52.49
N PRO DA 17 40.63 -12.07 52.90
CA PRO DA 17 40.17 -13.41 53.25
C PRO DA 17 39.48 -13.42 54.60
N PRO DA 18 38.64 -14.40 54.90
CA PRO DA 18 37.91 -14.40 56.18
C PRO DA 18 38.85 -14.38 57.36
N GLN DA 19 38.52 -13.54 58.35
CA GLN DA 19 39.28 -13.44 59.59
C GLN DA 19 38.32 -13.46 60.77
N PHE DA 20 38.80 -13.97 61.89
CA PHE DA 20 37.97 -14.16 63.07
C PHE DA 20 38.66 -13.58 64.30
N PHE DA 21 37.87 -13.02 65.21
CA PHE DA 21 38.40 -12.44 66.44
C PHE DA 21 37.52 -12.88 67.60
N ILE DA 22 38.14 -13.00 68.77
CA ILE DA 22 37.43 -13.19 70.03
C ILE DA 22 37.98 -12.16 71.02
N GLY DA 23 37.09 -11.36 71.59
CA GLY DA 23 37.51 -10.33 72.51
C GLY DA 23 37.96 -10.90 73.84
N GLU DA 24 38.70 -10.07 74.57
CA GLU DA 24 39.21 -10.48 75.88
C GLU DA 24 38.07 -10.61 76.89
N ARG DA 25 38.24 -11.52 77.84
CA ARG DA 25 37.22 -11.76 78.84
C ARG DA 25 37.10 -10.57 79.79
N ILE DA 26 35.88 -10.27 80.20
CA ILE DA 26 35.60 -9.15 81.09
C ILE DA 26 35.63 -9.68 82.52
N PRO DA 27 36.50 -9.14 83.39
CA PRO DA 27 36.45 -9.54 84.81
C PRO DA 27 35.27 -8.89 85.53
N TYR DA 28 34.10 -9.52 85.44
CA TYR DA 28 32.87 -8.92 85.93
C TYR DA 28 32.89 -8.66 87.43
N GLU DA 29 33.77 -9.31 88.18
CA GLU DA 29 33.83 -9.14 89.62
C GLU DA 29 34.58 -7.88 90.06
N ASP DA 30 34.83 -6.95 89.14
CA ASP DA 30 35.55 -5.72 89.46
C ASP DA 30 34.73 -4.45 89.29
N TYR DA 31 33.61 -4.50 88.58
CA TYR DA 31 32.82 -3.31 88.27
C TYR DA 31 31.48 -3.42 88.99
N SER DA 32 31.42 -2.84 90.19
CA SER DA 32 30.19 -2.82 90.99
C SER DA 32 30.00 -1.45 91.64
N SER DA 33 30.33 -0.39 90.89
CA SER DA 33 30.20 0.97 91.40
C SER DA 33 29.88 1.90 90.25
N ASP DA 34 28.77 2.63 90.36
CA ASP DA 34 28.33 3.52 89.29
C ASP DA 34 29.35 4.65 89.09
N LEU DA 35 29.55 5.01 87.82
CA LEU DA 35 30.54 6.04 87.49
C LEU DA 35 30.12 7.41 88.01
N ASN DA 36 28.85 7.78 87.80
CA ASN DA 36 28.38 9.09 88.24
C ASN DA 36 28.42 9.22 89.75
N LYS DA 37 28.02 8.17 90.47
CA LYS DA 37 28.07 8.21 91.93
C LYS DA 37 29.50 8.28 92.44
N TYR DA 38 30.42 7.59 91.76
CA TYR DA 38 31.83 7.68 92.13
C TYR DA 38 32.38 9.08 91.90
N LEU DA 39 32.04 9.69 90.76
CA LEU DA 39 32.52 11.03 90.47
C LEU DA 39 31.97 12.04 91.46
N SER DA 40 30.69 11.97 91.78
CA SER DA 40 30.09 12.90 92.73
C SER DA 40 30.70 12.71 94.13
N GLU DA 41 30.92 11.47 94.53
CA GLU DA 41 31.48 11.20 95.85
C GLU DA 41 32.90 11.73 95.97
N LYS DA 42 33.68 11.65 94.89
CA LYS DA 42 35.06 12.15 94.89
C LYS DA 42 35.15 13.65 94.71
N LYS DA 43 34.05 14.37 94.93
CA LYS DA 43 34.02 15.83 94.85
C LYS DA 43 34.54 16.32 93.50
N ILE DA 44 34.02 15.73 92.44
CA ILE DA 44 34.28 16.21 91.09
C ILE DA 44 33.25 17.27 90.76
N GLU DA 45 33.61 18.17 89.84
CA GLU DA 45 32.69 19.23 89.41
C GLU DA 45 31.50 18.63 88.69
N ALA DA 46 30.32 19.15 89.01
CA ALA DA 46 29.11 18.75 88.31
C ALA DA 46 29.11 19.25 86.86
N GLU DA 47 29.83 20.35 86.58
CA GLU DA 47 30.03 20.72 85.18
C GLU DA 47 31.03 19.78 84.51
N GLN DA 48 31.87 19.10 85.29
CA GLN DA 48 32.74 18.13 84.65
C GLN DA 48 31.97 16.89 84.21
N ILE DA 49 30.95 16.49 84.97
CA ILE DA 49 30.30 15.20 84.76
C ILE DA 49 29.69 15.12 83.38
N VAL DA 50 28.99 16.18 82.96
CA VAL DA 50 28.40 16.17 81.61
C VAL DA 50 29.48 16.11 80.54
N LYS DA 51 30.63 16.77 80.77
CA LYS DA 51 31.75 16.63 79.85
C LYS DA 51 32.31 15.23 79.87
N ILE DA 52 32.38 14.61 81.06
CA ILE DA 52 32.86 13.23 81.15
C ILE DA 52 31.93 12.29 80.38
N GLN DA 53 30.62 12.43 80.59
CA GLN DA 53 29.66 11.55 79.91
C GLN DA 53 29.67 11.78 78.42
N ALA DA 54 29.83 13.04 77.99
CA ALA DA 54 29.90 13.32 76.55
C ALA DA 54 31.13 12.66 75.93
N CYS DA 55 32.25 12.65 76.64
CA CYS DA 55 33.44 11.98 76.13
C CYS DA 55 33.21 10.48 75.99
N ILE DA 56 32.52 9.87 76.97
CA ILE DA 56 32.23 8.44 76.88
C ILE DA 56 31.34 8.16 75.67
N LYS DA 57 30.28 8.97 75.51
CA LYS DA 57 29.35 8.76 74.41
C LYS DA 57 30.01 8.93 73.06
N GLU DA 58 30.87 9.95 72.94
CA GLU DA 58 31.54 10.20 71.67
C GLU DA 58 32.51 9.07 71.31
N SER DA 59 33.29 8.60 72.29
CA SER DA 59 34.25 7.53 72.02
C SER DA 59 33.54 6.23 71.68
N VAL DA 60 32.45 5.93 72.37
CA VAL DA 60 31.67 4.73 72.05
C VAL DA 60 31.05 4.85 70.66
N MET DA 61 30.56 6.04 70.31
CA MET DA 61 29.93 6.25 69.01
C MET DA 61 30.90 5.97 67.87
N CYS DA 62 32.15 6.41 68.02
CA CYS DA 62 33.17 6.09 67.01
C CYS DA 62 33.43 4.60 66.95
N TYR DA 63 33.46 3.94 68.12
CA TYR DA 63 33.65 2.49 68.15
C TYR DA 63 32.48 1.77 67.49
N ASP DA 64 31.25 2.20 67.76
CA ASP DA 64 30.06 1.59 67.18
C ASP DA 64 28.95 2.63 67.23
N PHE DA 65 28.58 3.17 66.08
CA PHE DA 65 27.64 4.29 66.04
C PHE DA 65 26.20 3.87 66.26
N HIS DA 66 25.89 2.58 66.27
CA HIS DA 66 24.56 2.12 66.62
C HIS DA 66 24.36 1.95 68.11
N ALA DA 67 25.39 2.19 68.92
CA ALA DA 67 25.33 1.92 70.35
C ALA DA 67 24.44 2.94 71.05
N LYS DA 68 23.91 2.54 72.20
CA LYS DA 68 23.09 3.39 73.05
C LYS DA 68 23.43 3.06 74.50
N ILE DA 69 24.16 3.97 75.16
CA ILE DA 69 24.73 3.66 76.47
C ILE DA 69 23.62 3.58 77.51
N THR DA 70 23.65 2.51 78.32
CA THR DA 70 22.68 2.31 79.39
C THR DA 70 23.28 2.27 80.78
N SER DA 71 24.57 1.94 80.92
CA SER DA 71 25.18 1.81 82.24
C SER DA 71 26.66 2.16 82.15
N THR DA 72 27.22 2.51 83.30
CA THR DA 72 28.64 2.86 83.42
C THR DA 72 29.11 2.49 84.81
N GLN DA 73 30.24 1.78 84.89
CA GLN DA 73 30.73 1.29 86.17
C GLN DA 73 32.25 1.45 86.23
N VAL DA 74 32.78 1.40 87.45
CA VAL DA 74 34.18 1.66 87.73
C VAL DA 74 34.81 0.39 88.28
N SER DA 75 36.04 0.11 87.84
CA SER DA 75 36.81 -0.99 88.42
C SER DA 75 37.27 -0.61 89.82
N LYS DA 76 37.06 -1.53 90.77
CA LYS DA 76 37.44 -1.28 92.16
C LYS DA 76 38.94 -1.32 92.39
N GLN DA 77 39.73 -1.82 91.45
CA GLN DA 77 41.18 -1.82 91.56
C GLN DA 77 41.82 -0.55 91.03
N THR DA 78 41.03 0.41 90.56
CA THR DA 78 41.55 1.70 90.08
C THR DA 78 40.78 2.80 90.80
N ASN DA 79 41.34 3.28 91.90
CA ASN DA 79 40.75 4.37 92.67
C ASN DA 79 41.58 5.63 92.41
N LEU DA 80 41.21 6.35 91.35
CA LEU DA 80 41.92 7.54 90.90
C LEU DA 80 43.37 7.19 90.56
N PRO DA 83 44.20 7.17 85.65
CA PRO DA 83 43.88 5.94 84.92
C PRO DA 83 42.72 5.17 85.55
N LEU DA 84 41.55 5.30 84.95
CA LEU DA 84 40.32 4.68 85.45
C LEU DA 84 39.87 3.61 84.47
N ASN DA 85 39.45 2.46 84.98
CA ASN DA 85 38.95 1.36 84.17
C ASN DA 85 37.43 1.33 84.27
N ILE DA 86 36.75 1.43 83.12
CA ILE DA 86 35.30 1.56 83.06
C ILE DA 86 34.73 0.44 82.20
N LEU DA 87 33.67 -0.18 82.70
CA LEU DA 87 32.89 -1.15 81.95
C LEU DA 87 31.60 -0.48 81.47
N VAL DA 88 31.46 -0.35 80.15
CA VAL DA 88 30.35 0.37 79.54
C VAL DA 88 29.34 -0.65 79.01
N THR DA 89 28.07 -0.45 79.36
CA THR DA 89 26.98 -1.29 78.89
C THR DA 89 26.10 -0.49 77.95
N TYR DA 90 25.83 -1.05 76.77
CA TYR DA 90 25.05 -0.37 75.76
C TYR DA 90 24.13 -1.35 75.06
N THR DA 91 23.13 -0.81 74.37
CA THR DA 91 22.22 -1.58 73.54
C THR DA 91 22.29 -1.07 72.11
N LEU DA 92 22.23 -1.99 71.16
CA LEU DA 92 22.36 -1.63 69.75
C LEU DA 92 21.01 -1.21 69.20
N GLY DA 93 20.88 0.07 68.86
CA GLY DA 93 19.65 0.56 68.28
C GLY DA 93 18.45 0.36 69.20
N ASP DA 94 17.35 -0.10 68.62
CA ASP DA 94 16.13 -0.37 69.36
C ASP DA 94 15.99 -1.84 69.74
N SER DA 95 17.03 -2.64 69.55
CA SER DA 95 16.98 -4.06 69.86
C SER DA 95 17.10 -4.28 71.37
N GLU DA 96 16.86 -5.53 71.78
CA GLU DA 96 17.02 -5.94 73.16
C GLU DA 96 18.41 -6.51 73.44
N ILE DA 97 19.26 -6.62 72.43
CA ILE DA 97 20.60 -7.18 72.62
C ILE DA 97 21.46 -6.17 73.36
N SER DA 98 22.16 -6.63 74.38
CA SER DA 98 23.04 -5.79 75.19
C SER DA 98 24.45 -6.36 75.16
N GLN DA 99 25.44 -5.47 75.07
CA GLN DA 99 26.83 -5.85 75.05
C GLN DA 99 27.63 -4.96 76.00
N LYS DA 100 28.76 -5.50 76.48
CA LYS DA 100 29.61 -4.80 77.41
C LYS DA 100 30.99 -4.60 76.79
N ILE DA 101 31.65 -3.52 77.19
CA ILE DA 101 32.93 -3.13 76.61
C ILE DA 101 33.76 -2.42 77.68
N GLN DA 102 35.05 -2.71 77.71
CA GLN DA 102 35.96 -2.06 78.64
C GLN DA 102 36.49 -0.75 78.06
N GLY DA 103 36.91 0.13 78.95
CA GLY DA 103 37.45 1.41 78.54
C GLY DA 103 38.32 2.01 79.61
N VAL DA 104 39.13 2.98 79.20
CA VAL DA 104 40.04 3.70 80.10
C VAL DA 104 39.73 5.18 80.00
N LEU DA 105 39.42 5.80 81.14
CA LEU DA 105 39.10 7.22 81.23
C LEU DA 105 40.23 7.94 81.93
N ARG DA 106 40.63 9.09 81.37
CA ARG DA 106 41.71 9.90 81.93
C ARG DA 106 41.18 11.30 82.20
N VAL DA 107 41.40 11.79 83.41
CA VAL DA 107 40.95 13.12 83.80
C VAL DA 107 42.13 14.05 84.02
N PRO DA 112 40.87 18.47 79.35
CA PRO DA 112 39.65 17.76 78.95
C PRO DA 112 39.73 16.26 79.17
N PRO DA 113 38.63 15.63 79.54
CA PRO DA 113 38.63 14.18 79.77
C PRO DA 113 38.89 13.41 78.48
N GLN DA 114 39.57 12.28 78.62
CA GLN DA 114 39.88 11.40 77.51
C GLN DA 114 39.42 9.99 77.84
N PHE DA 115 38.83 9.33 76.84
CA PHE DA 115 38.36 7.96 76.99
C PHE DA 115 38.96 7.10 75.90
N SER DA 116 39.52 5.95 76.27
CA SER DA 116 40.13 5.03 75.33
C SER DA 116 39.49 3.66 75.48
N ILE DA 117 39.47 2.91 74.39
CA ILE DA 117 38.85 1.59 74.33
C ILE DA 117 39.94 0.53 74.29
N LYS DA 118 39.69 -0.58 74.98
CA LYS DA 118 40.62 -1.71 74.92
C LYS DA 118 40.75 -2.20 73.48
N ASP DA 119 41.97 -2.60 73.10
CA ASP DA 119 42.26 -2.89 71.70
C ASP DA 119 41.53 -4.13 71.22
N ASN DA 120 41.73 -5.27 71.90
CA ASN DA 120 41.16 -6.55 71.46
C ASN DA 120 39.85 -6.77 72.21
N SER DA 121 38.84 -5.98 71.86
CA SER DA 121 37.55 -6.03 72.52
C SER DA 121 36.42 -6.54 71.64
N ARG DA 122 36.63 -6.70 70.34
CA ARG DA 122 35.59 -7.10 69.42
C ARG DA 122 35.70 -8.58 69.09
N THR DA 123 34.56 -9.27 69.14
CA THR DA 123 34.47 -10.68 68.76
C THR DA 123 33.55 -10.79 67.56
N GLY DA 124 34.03 -11.46 66.51
CA GLY DA 124 33.26 -11.61 65.30
C GLY DA 124 34.17 -11.71 64.10
N ILE DA 125 33.69 -11.18 62.99
CA ILE DA 125 34.41 -11.22 61.73
C ILE DA 125 34.94 -9.83 61.39
N ALA DA 126 35.81 -9.77 60.40
CA ALA DA 126 36.23 -8.51 59.82
C ALA DA 126 35.31 -8.15 58.66
N ILE DA 127 34.94 -6.87 58.58
CA ILE DA 127 34.00 -6.41 57.57
C ILE DA 127 34.69 -5.40 56.66
N ALA DA 128 34.24 -5.36 55.41
CA ALA DA 128 34.69 -4.39 54.42
C ALA DA 128 33.55 -3.45 54.09
N GLU DA 129 33.85 -2.15 54.02
CA GLU DA 129 32.83 -1.13 53.89
C GLU DA 129 33.15 -0.22 52.71
N GLY DA 130 32.10 0.18 51.99
CA GLY DA 130 32.23 1.25 51.00
C GLY DA 130 33.24 0.93 49.92
N THR DA 131 34.24 1.79 49.81
CA THR DA 131 35.26 1.64 48.77
C THR DA 131 36.02 0.33 48.93
N GLN DA 132 36.35 -0.03 50.17
CA GLN DA 132 37.07 -1.29 50.40
C GLN DA 132 36.25 -2.49 49.94
N ASN DA 133 34.92 -2.40 50.07
CA ASN DA 133 34.07 -3.50 49.61
C ASN DA 133 34.17 -3.68 48.11
N VAL DA 134 34.16 -2.58 47.35
CA VAL DA 134 34.25 -2.67 45.90
C VAL DA 134 35.63 -3.12 45.47
N LEU DA 135 36.67 -2.57 46.10
CA LEU DA 135 38.04 -2.97 45.77
C LEU DA 135 38.26 -4.45 46.03
N GLN DA 136 37.79 -4.93 47.19
CA GLN DA 136 37.88 -6.35 47.50
C GLN DA 136 37.06 -7.18 46.54
N SER DA 137 35.92 -6.65 46.10
CA SER DA 137 35.04 -7.38 45.19
C SER DA 137 35.75 -7.69 43.88
N ILE DA 138 36.48 -6.70 43.35
CA ILE DA 138 37.21 -6.92 42.10
C ILE DA 138 38.36 -7.89 42.31
N ASN DA 139 39.00 -7.83 43.48
CA ASN DA 139 40.12 -8.73 43.77
C ASN DA 139 39.67 -10.19 43.79
N ILE DA 140 38.49 -10.46 44.34
CA ILE DA 140 37.98 -11.83 44.37
C ILE DA 140 37.68 -12.31 42.96
N LEU DA 141 37.22 -11.42 42.09
CA LEU DA 141 36.90 -11.80 40.72
C LEU DA 141 38.15 -12.27 39.98
N PHE DA 142 39.29 -11.60 40.20
CA PHE DA 142 40.51 -11.96 39.50
C PHE DA 142 41.03 -13.32 39.96
N LEU DA 143 40.88 -13.63 41.25
CA LEU DA 143 41.44 -14.84 41.82
C LEU DA 143 40.53 -16.06 41.65
N THR DA 144 39.34 -15.89 41.07
CA THR DA 144 38.41 -16.99 40.87
C THR DA 144 38.33 -17.34 39.40
N GLU DA 145 38.45 -18.62 39.10
CA GLU DA 145 38.31 -19.07 37.73
C GLU DA 145 36.94 -19.69 37.51
N PRO DA 146 36.38 -19.53 36.31
CA PRO DA 146 35.04 -20.09 36.05
C PRO DA 146 35.02 -21.59 36.23
N GLY DA 147 33.93 -22.09 36.80
CA GLY DA 147 33.80 -23.50 37.13
C GLY DA 147 34.19 -23.85 38.55
N GLU DA 148 34.80 -22.92 39.30
CA GLU DA 148 35.19 -23.22 40.67
C GLU DA 148 34.03 -23.04 41.64
N ARG DA 149 33.18 -22.05 41.41
CA ARG DA 149 32.05 -21.80 42.28
C ARG DA 149 30.96 -22.83 42.04
N ILE DA 150 30.43 -23.41 43.12
CA ILE DA 150 29.38 -24.41 43.00
C ILE DA 150 28.07 -23.73 42.62
N MET DA 151 27.36 -24.33 41.66
CA MET DA 151 26.12 -23.81 41.11
C MET DA 151 26.26 -22.44 40.47
N ARG DA 152 27.50 -21.97 40.29
CA ARG DA 152 27.78 -20.66 39.72
C ARG DA 152 28.95 -20.79 38.74
N GLU DA 153 28.84 -21.77 37.83
CA GLU DA 153 29.98 -22.22 37.04
C GLU DA 153 30.47 -21.21 36.02
N ASP DA 154 29.89 -20.00 35.97
CA ASP DA 154 30.37 -18.99 35.03
C ASP DA 154 31.05 -17.82 35.72
N TYR DA 155 30.82 -17.63 37.02
CA TYR DA 155 31.43 -16.53 37.74
C TYR DA 155 32.94 -16.70 37.79
N GLY DA 156 33.66 -15.61 37.55
CA GLY DA 156 35.11 -15.64 37.56
C GLY DA 156 35.71 -14.85 36.41
N CYS DA 157 37.00 -14.51 36.51
CA CYS DA 157 37.64 -13.76 35.44
C CYS DA 157 38.09 -14.69 34.31
N GLY DA 158 38.93 -15.67 34.64
CA GLY DA 158 39.37 -16.63 33.65
C GLY DA 158 40.65 -16.23 32.94
N LEU DA 159 41.61 -15.72 33.70
CA LEU DA 159 42.90 -15.32 33.15
C LEU DA 159 43.87 -16.48 33.02
N ASN DA 160 43.52 -17.66 33.54
CA ASN DA 160 44.39 -18.83 33.38
C ASN DA 160 44.53 -19.26 31.93
N ASP DA 161 43.60 -18.87 31.07
CA ASP DA 161 43.64 -19.27 29.66
C ASP DA 161 44.72 -18.53 28.87
N TYR DA 162 45.34 -17.51 29.45
CA TYR DA 162 46.37 -16.74 28.77
C TYR DA 162 47.77 -17.06 29.28
N LEU DA 163 47.91 -18.05 30.16
CA LEU DA 163 49.22 -18.46 30.61
C LEU DA 163 49.91 -19.28 29.53
N PHE DA 164 51.25 -19.25 29.55
CA PHE DA 164 52.13 -19.95 28.62
C PHE DA 164 52.00 -19.47 27.18
N ALA DA 165 51.24 -18.42 26.93
CA ALA DA 165 51.19 -17.83 25.59
C ALA DA 165 52.39 -16.90 25.40
N ASN DA 166 52.82 -16.78 24.15
CA ASN DA 166 53.96 -15.92 23.84
C ASN DA 166 53.64 -14.48 24.20
N ILE DA 167 54.56 -13.82 24.88
CA ILE DA 167 54.37 -12.43 25.28
C ILE DA 167 54.48 -11.58 24.02
N SER DA 168 53.36 -10.99 23.60
CA SER DA 168 53.29 -10.25 22.35
C SER DA 168 52.18 -9.22 22.46
N ASP DA 169 52.12 -8.34 21.46
CA ASP DA 169 51.08 -7.32 21.44
C ASP DA 169 49.69 -7.95 21.38
N GLU DA 170 49.57 -9.11 20.73
CA GLU DA 170 48.28 -9.80 20.68
C GLU DA 170 47.86 -10.28 22.06
N LEU DA 171 48.80 -10.83 22.84
CA LEU DA 171 48.46 -11.32 24.17
C LEU DA 171 48.12 -10.16 25.10
N MET DA 172 48.87 -9.06 25.02
CA MET DA 172 48.59 -7.91 25.89
C MET DA 172 47.23 -7.30 25.58
N THR DA 173 46.87 -7.23 24.30
CA THR DA 173 45.55 -6.73 23.93
C THR DA 173 44.45 -7.65 24.44
N ASP DA 174 44.65 -8.97 24.31
CA ASP DA 174 43.63 -9.92 24.74
C ASP DA 174 43.39 -9.85 26.24
N ILE DA 175 44.46 -9.70 27.02
CA ILE DA 175 44.33 -9.64 28.47
C ILE DA 175 43.57 -8.39 28.88
N GLN DA 176 43.89 -7.25 28.26
CA GLN DA 176 43.25 -5.99 28.62
C GLN DA 176 41.75 -6.03 28.31
N THR DA 177 41.38 -6.51 27.12
CA THR DA 177 39.97 -6.54 26.75
C THR DA 177 39.20 -7.56 27.56
N HIS DA 178 39.85 -8.67 27.92
CA HIS DA 178 39.18 -9.69 28.74
C HIS DA 178 38.82 -9.15 30.11
N ILE DA 179 39.71 -8.38 30.72
CA ILE DA 179 39.43 -7.80 32.03
C ILE DA 179 38.25 -6.84 31.95
N GLU DA 180 38.21 -6.02 30.89
CA GLU DA 180 37.14 -5.05 30.75
C GLU DA 180 35.78 -5.71 30.64
N GLU DA 181 35.69 -6.79 29.86
CA GLU DA 181 34.40 -7.46 29.66
C GLU DA 181 33.91 -8.12 30.93
N ARG DA 182 34.81 -8.76 31.69
CA ARG DA 182 34.38 -9.51 32.86
C ARG DA 182 33.97 -8.60 34.00
N VAL DA 183 34.66 -7.47 34.16
CA VAL DA 183 34.30 -6.52 35.23
C VAL DA 183 32.96 -5.88 34.93
N LEU DA 184 32.69 -5.58 33.66
CA LEU DA 184 31.40 -5.05 33.28
C LEU DA 184 30.28 -6.03 33.60
N ARG DA 185 30.54 -7.32 33.42
CA ARG DA 185 29.51 -8.32 33.63
C ARG DA 185 29.24 -8.57 35.12
N TYR DA 186 30.28 -8.53 35.95
CA TYR DA 186 30.19 -9.06 37.30
C TYR DA 186 30.49 -8.03 38.39
N GLU DA 187 30.66 -6.75 38.05
CA GLU DA 187 30.91 -5.72 39.05
C GLU DA 187 30.28 -4.42 38.60
N PRO DA 188 28.97 -4.25 38.81
CA PRO DA 188 28.30 -3.02 38.37
C PRO DA 188 28.64 -1.80 39.20
N ARG DA 189 29.20 -1.97 40.40
CA ARG DA 189 29.49 -0.83 41.27
C ARG DA 189 30.79 -0.12 40.92
N ALA DA 190 31.58 -0.67 40.00
CA ALA DA 190 32.88 -0.11 39.67
C ALA DA 190 32.95 0.17 38.18
N GLU DA 191 33.80 1.13 37.83
CA GLU DA 191 34.06 1.49 36.43
C GLU DA 191 35.56 1.46 36.20
N ILE DA 192 35.99 0.68 35.21
CA ILE DA 192 37.41 0.57 34.90
C ILE DA 192 37.81 1.74 34.01
N THR DA 193 38.82 2.49 34.43
CA THR DA 193 39.25 3.67 33.69
C THR DA 193 40.49 3.45 32.84
N SER DA 194 41.37 2.54 33.24
CA SER DA 194 42.58 2.27 32.46
C SER DA 194 43.14 0.92 32.86
N ILE DA 195 43.76 0.25 31.89
CA ILE DA 195 44.46 -1.01 32.11
C ILE DA 195 45.82 -0.92 31.44
N GLN DA 196 46.88 -1.21 32.19
CA GLN DA 196 48.24 -1.17 31.69
C GLN DA 196 48.86 -2.55 31.86
N VAL DA 197 49.41 -3.09 30.77
CA VAL DA 197 50.07 -4.39 30.77
C VAL DA 197 51.53 -4.17 30.40
N ASN DA 198 52.44 -4.65 31.25
CA ASN DA 198 53.87 -4.47 31.01
C ASN DA 198 54.61 -5.74 31.39
N GLN DA 199 55.76 -5.94 30.76
CA GLN DA 199 56.63 -7.07 31.03
C GLN DA 199 57.72 -6.66 31.99
N ARG DA 200 57.94 -7.46 33.03
CA ARG DA 200 58.94 -7.13 34.03
C ARG DA 200 60.34 -7.37 33.49
N THR DA 201 61.25 -6.43 33.77
CA THR DA 201 62.62 -6.55 33.27
C THR DA 201 63.40 -7.61 34.04
N ASN DA 202 63.24 -7.66 35.37
CA ASN DA 202 63.99 -8.62 36.17
C ASN DA 202 63.44 -10.03 36.01
N LEU DA 203 62.15 -10.17 35.70
CA LEU DA 203 61.51 -11.46 35.48
C LEU DA 203 60.83 -11.41 34.11
N PRO DA 204 61.54 -11.81 33.06
CA PRO DA 204 61.00 -11.64 31.69
C PRO DA 204 59.77 -12.45 31.40
N SER DA 205 59.49 -13.49 32.17
CA SER DA 205 58.37 -14.39 31.88
C SER DA 205 57.09 -14.01 32.62
N THR DA 206 57.08 -12.91 33.36
CA THR DA 206 55.91 -12.48 34.12
C THR DA 206 55.38 -11.17 33.57
N LEU DA 207 54.06 -11.02 33.62
CA LEU DA 207 53.39 -9.81 33.15
C LEU DA 207 52.76 -9.10 34.34
N HIS DA 208 52.90 -7.77 34.37
CA HIS DA 208 52.33 -6.93 35.42
C HIS DA 208 51.17 -6.15 34.82
N VAL DA 209 49.99 -6.28 35.42
CA VAL DA 209 48.78 -5.62 34.95
C VAL DA 209 48.38 -4.57 35.98
N GLN DA 210 48.27 -3.33 35.52
CA GLN DA 210 47.85 -2.22 36.36
C GLN DA 210 46.43 -1.83 35.99
N VAL DA 211 45.52 -1.90 36.95
CA VAL DA 211 44.11 -1.62 36.73
C VAL DA 211 43.70 -0.47 37.65
N THR DA 212 43.06 0.55 37.07
CA THR DA 212 42.59 1.71 37.80
C THR DA 212 41.09 1.79 37.67
N TYR DA 213 40.39 1.89 38.80
CA TYR DA 213 38.94 1.85 38.82
C TYR DA 213 38.39 3.08 39.51
N ALA DA 214 37.14 3.42 39.16
CA ALA DA 214 36.41 4.51 39.79
C ALA DA 214 35.04 4.00 40.23
N LEU DA 215 34.51 4.63 41.28
CA LEU DA 215 33.24 4.19 41.84
C LEU DA 215 32.08 4.74 41.02
N ARG DA 216 30.97 4.01 41.06
CA ARG DA 216 29.78 4.39 40.30
C ARG DA 216 29.18 5.67 40.89
N GLY DA 217 29.03 6.69 40.06
CA GLY DA 217 28.49 7.95 40.51
C GLY DA 217 29.38 8.74 41.45
N SER DA 218 30.70 8.51 41.39
CA SER DA 218 31.61 9.17 42.32
C SER DA 218 31.73 10.65 42.02
N ASP DA 219 31.85 11.03 40.75
CA ASP DA 219 32.01 12.42 40.37
C ASP DA 219 30.69 13.18 40.47
N ALA EA 4 -12.70 -56.72 17.11
CA ALA EA 4 -11.92 -55.89 16.19
C ALA EA 4 -12.84 -55.22 15.16
N GLU EA 5 -12.24 -54.38 14.32
CA GLU EA 5 -13.02 -53.71 13.29
C GLU EA 5 -13.48 -54.66 12.20
N LEU EA 6 -12.68 -55.69 11.91
CA LEU EA 6 -13.07 -56.66 10.88
C LEU EA 6 -14.33 -57.41 11.27
N ASP EA 7 -14.45 -57.80 12.55
CA ASP EA 7 -15.63 -58.52 12.99
C ASP EA 7 -16.89 -57.66 12.90
N ASN EA 8 -16.76 -56.36 13.21
CA ASN EA 8 -17.92 -55.48 13.17
C ASN EA 8 -18.49 -55.37 11.76
N LYS EA 9 -17.63 -55.20 10.76
CA LYS EA 9 -18.10 -55.07 9.39
C LYS EA 9 -18.40 -56.41 8.72
N LEU EA 10 -18.01 -57.52 9.34
CA LEU EA 10 -18.33 -58.84 8.81
C LEU EA 10 -19.68 -59.35 9.32
N SER EA 11 -19.94 -59.18 10.61
CA SER EA 11 -21.20 -59.63 11.19
C SER EA 11 -22.39 -58.82 10.68
N ALA EA 12 -22.14 -57.62 10.12
CA ALA EA 12 -23.22 -56.80 9.59
C ALA EA 12 -23.77 -57.32 8.28
N ILE EA 13 -22.99 -58.10 7.54
CA ILE EA 13 -23.42 -58.62 6.24
C ILE EA 13 -23.45 -60.13 6.17
N VAL EA 14 -22.96 -60.83 7.18
CA VAL EA 14 -22.94 -62.29 7.21
C VAL EA 14 -23.65 -62.75 8.47
N PRO EA 15 -24.67 -63.60 8.36
CA PRO EA 15 -25.33 -64.12 9.57
C PRO EA 15 -24.49 -65.20 10.25
N ASP EA 16 -23.57 -64.79 11.12
CA ASP EA 16 -22.64 -65.72 11.74
C ASP EA 16 -23.38 -66.84 12.47
N THR EA 17 -22.92 -68.07 12.27
CA THR EA 17 -23.58 -69.26 12.78
C THR EA 17 -22.70 -69.96 13.81
N VAL EA 18 -23.30 -70.96 14.47
CA VAL EA 18 -22.58 -71.73 15.48
C VAL EA 18 -21.52 -72.62 14.83
N PHE EA 19 -21.86 -73.23 13.70
CA PHE EA 19 -20.93 -74.14 13.05
C PHE EA 19 -19.70 -73.39 12.55
N LYS EA 20 -18.54 -74.01 12.73
CA LYS EA 20 -17.26 -73.43 12.32
C LYS EA 20 -16.58 -74.36 11.34
N LEU EA 21 -16.22 -73.83 10.17
CA LEU EA 21 -15.50 -74.63 9.18
C LEU EA 21 -14.13 -75.05 9.71
N ASP EA 22 -13.43 -74.13 10.38
CA ASP EA 22 -12.15 -74.42 11.00
C ASP EA 22 -12.23 -73.95 12.45
N GLU EA 23 -12.49 -74.88 13.36
CA GLU EA 23 -12.69 -74.57 14.78
C GLU EA 23 -11.42 -74.72 15.60
N ARG EA 24 -10.30 -75.07 14.98
CA ARG EA 24 -9.06 -75.29 15.72
C ARG EA 24 -8.62 -74.00 16.42
N SER EA 25 -8.27 -74.12 17.69
CA SER EA 25 -7.90 -72.99 18.51
C SER EA 25 -6.38 -72.82 18.51
N THR EA 26 -5.91 -71.82 19.27
CA THR EA 26 -4.47 -71.59 19.38
C THR EA 26 -3.77 -72.75 20.06
N LEU EA 27 -4.45 -73.43 20.99
CA LEU EA 27 -3.87 -74.60 21.63
C LEU EA 27 -3.64 -75.72 20.63
N ASP EA 28 -4.60 -75.95 19.74
CA ASP EA 28 -4.45 -76.99 18.72
C ASP EA 28 -3.33 -76.66 17.75
N ILE EA 29 -3.20 -75.40 17.37
CA ILE EA 29 -2.12 -74.99 16.48
C ILE EA 29 -0.76 -75.19 17.15
N LEU EA 30 -0.66 -74.82 18.43
CA LEU EA 30 0.59 -75.02 19.16
C LEU EA 30 0.90 -76.50 19.31
N ASN EA 31 -0.11 -77.33 19.56
CA ASN EA 31 0.11 -78.76 19.63
C ASN EA 31 0.59 -79.31 18.30
N TRP EA 32 0.03 -78.81 17.20
CA TRP EA 32 0.49 -79.23 15.88
C TRP EA 32 1.95 -78.87 15.67
N LEU EA 33 2.34 -77.66 16.08
CA LEU EA 33 3.73 -77.23 15.93
C LEU EA 33 4.67 -78.10 16.75
N LYS EA 34 4.26 -78.48 17.96
CA LYS EA 34 5.09 -79.33 18.80
C LYS EA 34 5.36 -80.67 18.13
N ALA EA 35 4.31 -81.28 17.55
CA ALA EA 35 4.50 -82.54 16.85
C ALA EA 35 5.27 -82.35 15.55
N TYR EA 36 4.98 -81.27 14.82
CA TYR EA 36 5.65 -81.02 13.55
C TYR EA 36 7.13 -80.76 13.75
N ALA EA 37 7.49 -79.97 14.76
CA ALA EA 37 8.89 -79.64 15.01
C ALA EA 37 9.66 -80.78 15.66
N GLU EA 38 8.96 -81.81 16.15
CA GLU EA 38 9.65 -82.95 16.74
C GLU EA 38 10.41 -83.77 15.70
N LYS EA 39 10.12 -83.55 14.41
CA LYS EA 39 10.73 -84.33 13.34
C LYS EA 39 11.87 -83.62 12.64
N ILE EA 40 12.00 -82.31 12.82
CA ILE EA 40 13.07 -81.53 12.19
C ILE EA 40 14.29 -81.57 13.11
N PRO EA 41 15.39 -82.18 12.69
CA PRO EA 41 16.56 -82.29 13.58
C PRO EA 41 17.36 -81.01 13.64
N PHE EA 42 17.76 -80.64 14.86
CA PHE EA 42 18.66 -79.51 15.05
C PHE EA 42 20.09 -79.93 14.76
N ASP EA 43 20.58 -80.95 15.46
CA ASP EA 43 21.82 -81.63 15.12
C ASP EA 43 21.66 -83.11 15.48
N GLN EA 44 22.48 -83.94 14.84
CA GLN EA 44 22.36 -85.38 15.03
C GLN EA 44 23.38 -85.97 16.00
N ASP EA 45 24.47 -85.26 16.28
CA ASP EA 45 25.40 -85.72 17.32
C ASP EA 45 24.70 -85.79 18.67
N LYS EA 46 23.91 -84.77 19.00
CA LYS EA 46 22.99 -84.82 20.11
C LYS EA 46 21.60 -85.17 19.59
N ASN EA 47 20.70 -85.49 20.52
CA ASN EA 47 19.31 -85.79 20.15
C ASN EA 47 18.46 -84.53 20.33
N GLN EA 48 18.80 -83.52 19.53
CA GLN EA 48 18.15 -82.22 19.59
C GLN EA 48 17.26 -82.03 18.38
N PHE EA 49 16.00 -81.67 18.62
CA PHE EA 49 15.05 -81.37 17.57
C PHE EA 49 14.42 -80.02 17.84
N TRP EA 50 13.87 -79.41 16.78
CA TRP EA 50 13.38 -78.04 16.88
C TRP EA 50 12.24 -77.88 17.86
N ASP EA 51 11.57 -78.97 18.25
CA ASP EA 51 10.48 -78.86 19.22
C ASP EA 51 10.97 -78.37 20.56
N SER EA 52 12.22 -78.66 20.92
CA SER EA 52 12.80 -78.14 22.15
C SER EA 52 13.25 -76.69 22.02
N PHE EA 53 13.23 -76.14 20.83
CA PHE EA 53 13.56 -74.74 20.60
C PHE EA 53 12.34 -73.83 20.74
N TYR EA 54 11.20 -74.25 20.19
CA TYR EA 54 9.98 -73.46 20.32
C TYR EA 54 9.39 -73.59 21.72
N PHE EA 55 9.60 -74.73 22.38
CA PHE EA 55 9.15 -74.97 23.74
C PHE EA 55 10.40 -75.20 24.60
N ILE EA 56 10.72 -74.24 25.45
CA ILE EA 56 11.99 -74.26 26.18
C ILE EA 56 11.86 -75.16 27.40
N GLN EA 57 12.73 -76.16 27.47
CA GLN EA 57 12.82 -77.08 28.61
C GLN EA 57 11.47 -77.73 28.93
N GLU EA 58 10.99 -77.51 30.14
CA GLU EA 58 9.74 -78.13 30.59
C GLU EA 58 8.55 -77.19 30.34
N ASN EA 59 8.36 -76.85 29.07
CA ASN EA 59 7.26 -76.00 28.64
C ASN EA 59 6.28 -76.83 27.81
N THR EA 60 5.00 -76.68 28.10
CA THR EA 60 3.94 -77.35 27.39
C THR EA 60 3.12 -76.35 26.58
N PRO EA 61 2.45 -76.80 25.52
CA PRO EA 61 1.59 -75.87 24.76
C PRO EA 61 0.51 -75.23 25.60
N GLU EA 62 0.06 -75.89 26.68
CA GLU EA 62 -0.93 -75.30 27.56
C GLU EA 62 -0.39 -74.03 28.22
N GLU EA 63 0.86 -74.07 28.68
CA GLU EA 63 1.45 -72.89 29.32
C GLU EA 63 1.61 -71.76 28.32
N LEU EA 64 2.09 -72.06 27.11
CA LEU EA 64 2.28 -71.02 26.11
C LEU EA 64 0.95 -70.41 25.68
N GLU EA 65 -0.09 -71.23 25.58
CA GLU EA 65 -1.41 -70.72 25.21
C GLU EA 65 -1.92 -69.75 26.26
N ASP EA 66 -1.67 -70.05 27.54
CA ASP EA 66 -2.09 -69.15 28.61
C ASP EA 66 -1.39 -67.80 28.51
N ILE EA 67 -0.09 -67.81 28.22
CA ILE EA 67 0.65 -66.56 28.09
C ILE EA 67 0.15 -65.78 26.89
N TYR EA 68 -0.14 -66.47 25.79
CA TYR EA 68 -0.61 -65.79 24.58
C TYR EA 68 -1.93 -65.08 24.82
N GLN EA 69 -2.84 -65.69 25.58
CA GLN EA 69 -4.13 -65.07 25.84
C GLN EA 69 -4.01 -63.88 26.77
N HIS EA 70 -3.09 -63.91 27.72
CA HIS EA 70 -2.89 -62.82 28.68
C HIS EA 70 -1.48 -62.28 28.50
N ALA EA 71 -1.35 -61.20 27.72
CA ALA EA 71 -0.03 -60.63 27.45
C ALA EA 71 0.59 -60.00 28.68
N ASN EA 72 -0.21 -59.63 29.68
CA ASN EA 72 0.32 -58.92 30.83
C ASN EA 72 1.21 -59.80 31.70
N LYS EA 73 0.95 -61.10 31.77
CA LYS EA 73 1.67 -61.98 32.67
C LYS EA 73 3.06 -62.33 32.19
N ALA EA 74 3.57 -61.63 31.18
CA ALA EA 74 4.97 -61.72 30.79
C ALA EA 74 5.73 -60.42 30.92
N ASP EA 75 5.03 -59.27 30.97
CA ASP EA 75 5.59 -57.93 31.10
C ASP EA 75 6.86 -57.76 30.26
N GLY EA 76 6.75 -58.13 28.99
CA GLY EA 76 7.83 -57.87 28.05
C GLY EA 76 9.11 -58.62 28.31
N LEU EA 77 9.04 -59.82 28.89
CA LEU EA 77 10.23 -60.61 29.14
C LEU EA 77 10.16 -62.00 28.53
N LEU EA 78 9.16 -62.25 27.68
CA LEU EA 78 9.12 -63.50 26.93
C LEU EA 78 10.27 -63.55 25.94
N PRO EA 79 10.85 -64.73 25.71
CA PRO EA 79 11.94 -64.86 24.74
C PRO EA 79 11.50 -64.38 23.37
N PRO EA 80 12.37 -63.67 22.64
CA PRO EA 80 11.96 -63.05 21.38
C PRO EA 80 11.44 -64.03 20.34
N HIS EA 81 12.00 -65.23 20.27
CA HIS EA 81 11.58 -66.16 19.22
C HIS EA 81 10.17 -66.69 19.48
N GLN EA 82 9.76 -66.80 20.74
CA GLN EA 82 8.39 -67.18 21.04
C GLN EA 82 7.43 -66.03 20.75
N ALA EA 83 7.86 -64.79 20.95
CA ALA EA 83 7.06 -63.65 20.54
C ALA EA 83 6.90 -63.61 19.03
N PHE EA 84 7.90 -64.13 18.30
CA PHE EA 84 7.78 -64.26 16.86
C PHE EA 84 6.64 -65.21 16.48
N VAL EA 85 6.55 -66.33 17.20
CA VAL EA 85 5.48 -67.30 16.94
C VAL EA 85 4.12 -66.69 17.29
N PHE EA 86 4.04 -66.00 18.43
CA PHE EA 86 2.79 -65.36 18.82
C PHE EA 86 2.37 -64.31 17.81
N ALA EA 87 3.32 -63.55 17.29
CA ALA EA 87 3.01 -62.56 16.27
C ALA EA 87 2.47 -63.20 15.01
N PHE EA 88 3.06 -64.33 14.60
CA PHE EA 88 2.58 -65.02 13.41
C PHE EA 88 1.18 -65.57 13.61
N LEU EA 89 0.88 -66.08 14.81
CA LEU EA 89 -0.45 -66.59 15.08
C LEU EA 89 -1.50 -65.49 14.99
N LYS EA 90 -1.14 -64.28 15.43
CA LYS EA 90 -2.06 -63.15 15.29
C LYS EA 90 -2.32 -62.83 13.82
N LEU EA 91 -1.29 -63.00 12.97
CA LEU EA 91 -1.47 -62.74 11.54
C LEU EA 91 -2.49 -63.69 10.94
N LEU EA 92 -2.44 -64.98 11.31
CA LEU EA 92 -3.32 -65.97 10.72
C LEU EA 92 -4.77 -65.84 11.21
N GLU EA 93 -5.01 -65.09 12.28
CA GLU EA 93 -6.36 -64.98 12.81
C GLU EA 93 -7.30 -64.31 11.82
N THR EA 94 -6.79 -63.37 11.03
CA THR EA 94 -7.63 -62.69 10.05
C THR EA 94 -8.07 -63.63 8.94
N SER EA 95 -7.16 -64.47 8.44
CA SER EA 95 -7.53 -65.43 7.41
C SER EA 95 -8.51 -66.46 7.95
N ASN EA 96 -8.33 -66.90 9.18
CA ASN EA 96 -9.26 -67.86 9.78
C ASN EA 96 -10.64 -67.26 9.92
N ARG EA 97 -10.72 -65.98 10.33
CA ARG EA 97 -12.01 -65.33 10.49
C ARG EA 97 -12.75 -65.23 9.17
N LEU EA 98 -12.03 -64.90 8.09
CA LEU EA 98 -12.67 -64.76 6.78
C LEU EA 98 -13.19 -66.09 6.27
N LEU EA 99 -12.42 -67.16 6.48
CA LEU EA 99 -12.84 -68.48 6.00
C LEU EA 99 -14.09 -68.96 6.71
N ASN EA 100 -14.21 -68.69 8.01
CA ASN EA 100 -15.33 -69.19 8.80
C ASN EA 100 -16.66 -68.54 8.43
N THR EA 101 -16.66 -67.54 7.55
CA THR EA 101 -17.89 -66.92 7.09
C THR EA 101 -18.49 -67.61 5.88
N PHE EA 102 -17.83 -68.63 5.35
CA PHE EA 102 -18.29 -69.29 4.13
C PHE EA 102 -19.49 -70.20 4.35
N PRO EA 103 -19.58 -70.97 5.45
CA PRO EA 103 -20.80 -71.76 5.67
C PRO EA 103 -22.08 -70.93 5.66
N ALA EA 104 -22.04 -69.72 6.18
CA ALA EA 104 -23.23 -68.88 6.19
C ALA EA 104 -23.52 -68.33 4.79
N ARG EA 105 -22.49 -67.90 4.07
CA ARG EA 105 -22.68 -67.39 2.72
C ARG EA 105 -23.08 -68.51 1.76
N HIS EA 106 -22.63 -69.73 2.02
CA HIS EA 106 -22.99 -70.85 1.17
C HIS EA 106 -24.48 -71.15 1.26
N ARG EA 107 -25.03 -71.17 2.47
CA ARG EA 107 -26.46 -71.45 2.64
C ARG EA 107 -27.32 -70.34 2.05
N ASP EA 108 -26.89 -69.09 2.20
CA ASP EA 108 -27.65 -67.98 1.65
C ASP EA 108 -27.70 -68.06 0.12
N LEU EA 109 -26.59 -68.46 -0.50
CA LEU EA 109 -26.57 -68.61 -1.95
C LEU EA 109 -27.55 -69.67 -2.42
N TYR EA 110 -27.65 -70.79 -1.67
CA TYR EA 110 -28.55 -71.86 -2.05
C TYR EA 110 -30.01 -71.44 -1.89
N TYR EA 111 -30.35 -70.83 -0.76
CA TYR EA 111 -31.74 -70.50 -0.48
C TYR EA 111 -32.23 -69.34 -1.35
N ARG EA 112 -31.40 -68.30 -1.51
CA ARG EA 112 -31.87 -67.06 -2.11
C ARG EA 112 -31.62 -66.99 -3.61
N GLU EA 113 -30.51 -67.54 -4.09
CA GLU EA 113 -30.17 -67.41 -5.50
C GLU EA 113 -30.67 -68.59 -6.33
N LEU EA 114 -30.43 -69.82 -5.85
CA LEU EA 114 -30.89 -70.99 -6.60
C LEU EA 114 -32.39 -71.21 -6.43
N LEU EA 115 -32.84 -71.43 -5.19
CA LEU EA 115 -34.25 -71.67 -4.94
C LEU EA 115 -35.08 -70.40 -5.04
N GLY EA 116 -34.46 -69.23 -4.98
CA GLY EA 116 -35.17 -67.98 -5.16
C GLY EA 116 -36.21 -67.68 -4.10
N LEU EA 117 -35.91 -67.95 -2.85
CA LEU EA 117 -36.83 -67.69 -1.75
C LEU EA 117 -36.44 -66.40 -1.03
N SER EA 118 -37.45 -65.67 -0.56
CA SER EA 118 -37.24 -64.40 0.12
C SER EA 118 -38.12 -64.34 1.36
N PRO EA 119 -37.71 -63.59 2.39
CA PRO EA 119 -38.52 -63.48 3.60
C PRO EA 119 -39.86 -62.80 3.31
N ARG EA 120 -40.87 -63.21 4.06
CA ARG EA 120 -42.20 -62.64 3.90
C ARG EA 120 -42.25 -61.24 4.50
N LYS EA 121 -43.02 -60.37 3.86
CA LYS EA 121 -43.17 -58.99 4.30
C LYS EA 121 -44.26 -58.88 5.37
N ALA EA 122 -44.27 -57.74 6.04
CA ALA EA 122 -45.22 -57.51 7.13
C ALA EA 122 -46.65 -57.39 6.59
N GLN EA 123 -47.61 -57.70 7.45
CA GLN EA 123 -49.03 -57.66 7.10
C GLN EA 123 -49.68 -56.49 7.81
N ALA EA 124 -50.48 -55.72 7.07
CA ALA EA 124 -51.17 -54.58 7.64
C ALA EA 124 -52.36 -55.04 8.47
N ASP EA 125 -52.50 -54.49 9.67
CA ASP EA 125 -53.59 -54.86 10.56
C ASP EA 125 -54.83 -54.02 10.26
N SER EA 126 -55.96 -54.49 10.77
CA SER EA 126 -57.24 -53.82 10.58
C SER EA 126 -57.89 -53.56 11.93
N VAL EA 127 -58.66 -52.46 11.99
CA VAL EA 127 -59.34 -52.05 13.22
C VAL EA 127 -60.73 -51.55 12.86
N ALA EA 128 -61.60 -51.54 13.87
CA ALA EA 128 -62.97 -51.07 13.72
C ALA EA 128 -63.16 -49.78 14.50
N LEU EA 129 -63.71 -48.77 13.84
CA LEU EA 129 -63.87 -47.44 14.43
C LEU EA 129 -65.34 -47.05 14.47
N GLY EA 130 -65.77 -46.55 15.62
CA GLY EA 130 -67.10 -45.98 15.77
C GLY EA 130 -67.01 -44.46 15.76
N ILE EA 131 -67.93 -43.83 15.04
CA ILE EA 131 -67.91 -42.39 14.80
C ILE EA 131 -69.10 -41.76 15.49
N THR EA 132 -68.86 -40.63 16.16
CA THR EA 132 -69.90 -39.81 16.73
C THR EA 132 -69.87 -38.44 16.06
N LEU EA 133 -71.02 -37.99 15.57
CA LEU EA 133 -71.10 -36.73 14.87
C LEU EA 133 -71.43 -35.59 15.84
N ASN EA 134 -70.97 -34.40 15.48
CA ASN EA 134 -71.32 -33.22 16.27
C ASN EA 134 -72.82 -32.93 16.15
N THR EA 135 -73.36 -32.27 17.17
CA THR EA 135 -74.81 -32.15 17.31
C THR EA 135 -75.45 -31.32 16.21
N ASP EA 136 -74.66 -30.56 15.44
CA ASP EA 136 -75.22 -29.71 14.41
C ASP EA 136 -75.29 -30.36 13.03
N ASN EA 137 -74.91 -31.64 12.91
CA ASN EA 137 -74.98 -32.36 11.64
C ASN EA 137 -75.98 -33.50 11.78
N ALA EA 138 -77.00 -33.49 10.91
CA ALA EA 138 -77.96 -34.59 10.89
C ALA EA 138 -77.36 -35.83 10.24
N GLU EA 139 -76.64 -35.66 9.13
CA GLU EA 139 -75.99 -36.74 8.43
C GLU EA 139 -74.67 -36.26 7.85
N TYR EA 140 -73.67 -37.13 7.88
CA TYR EA 140 -72.38 -36.83 7.28
C TYR EA 140 -71.88 -38.03 6.50
N LEU EA 141 -71.13 -37.76 5.44
CA LEU EA 141 -70.55 -38.80 4.60
C LEU EA 141 -69.03 -38.76 4.78
N ILE EA 142 -68.47 -39.88 5.21
CA ILE EA 142 -67.02 -40.03 5.35
C ILE EA 142 -66.52 -40.85 4.17
N PRO EA 143 -65.83 -40.24 3.21
CA PRO EA 143 -65.46 -40.98 1.99
C PRO EA 143 -64.39 -42.02 2.25
N LYS EA 144 -64.34 -43.02 1.38
CA LYS EA 144 -63.31 -44.03 1.44
C LYS EA 144 -61.93 -43.39 1.25
N GLY EA 145 -61.00 -43.78 2.10
CA GLY EA 145 -59.66 -43.22 2.08
C GLY EA 145 -59.38 -42.18 3.13
N THR EA 146 -60.31 -41.95 4.05
CA THR EA 146 -60.07 -41.00 5.13
C THR EA 146 -58.99 -41.52 6.06
N LEU EA 147 -58.13 -40.62 6.52
CA LEU EA 147 -56.98 -40.98 7.35
C LEU EA 147 -57.29 -40.71 8.82
N PHE EA 148 -56.93 -41.67 9.67
CA PHE EA 148 -57.12 -41.56 11.11
C PHE EA 148 -55.80 -41.76 11.81
N ASP EA 149 -55.61 -41.08 12.93
CA ASP EA 149 -54.33 -41.06 13.65
C ASP EA 149 -54.42 -41.96 14.86
N ALA EA 150 -53.41 -42.81 15.03
CA ALA EA 150 -53.31 -43.71 16.17
C ALA EA 150 -52.12 -43.39 17.06
N GLY EA 151 -51.51 -42.23 16.91
CA GLY EA 151 -50.34 -41.86 17.70
C GLY EA 151 -49.04 -42.21 17.02
N GLN EA 152 -48.08 -42.72 17.80
CA GLN EA 152 -46.78 -43.11 17.27
C GLN EA 152 -46.35 -44.41 17.91
N ASP EA 153 -45.39 -45.08 17.27
CA ASP EA 153 -44.84 -46.32 17.78
C ASP EA 153 -43.79 -46.00 18.86
N SER EA 154 -43.04 -47.01 19.29
CA SER EA 154 -42.02 -46.79 20.30
C SER EA 154 -40.91 -45.87 19.80
N VAL EA 155 -40.49 -46.05 18.54
CA VAL EA 155 -39.41 -45.23 17.98
C VAL EA 155 -39.88 -43.87 17.52
N GLY EA 156 -41.18 -43.59 17.57
CA GLY EA 156 -41.71 -42.27 17.25
C GLY EA 156 -42.31 -42.14 15.86
N ASN EA 157 -42.24 -43.16 15.03
CA ASN EA 157 -42.85 -43.09 13.71
C ASN EA 157 -44.37 -43.03 13.86
N PRO EA 158 -45.05 -42.10 13.18
CA PRO EA 158 -46.51 -42.00 13.32
C PRO EA 158 -47.22 -43.20 12.75
N LEU EA 159 -48.38 -43.50 13.32
CA LEU EA 159 -49.25 -44.58 12.87
C LEU EA 159 -50.52 -43.98 12.29
N GLN EA 160 -50.85 -44.36 11.06
CA GLN EA 160 -52.02 -43.85 10.37
C GLN EA 160 -52.80 -45.01 9.76
N TYR EA 161 -54.12 -44.86 9.74
CA TYR EA 161 -55.03 -45.87 9.19
C TYR EA 161 -55.92 -45.22 8.14
N THR EA 162 -56.28 -46.01 7.13
CA THR EA 162 -57.08 -45.54 6.01
C THR EA 162 -58.44 -46.23 6.04
N SER EA 163 -59.51 -45.44 5.98
CA SER EA 163 -60.85 -46.00 5.92
C SER EA 163 -61.04 -46.78 4.62
N GLU EA 164 -61.80 -47.87 4.71
CA GLU EA 164 -61.96 -48.79 3.60
C GLU EA 164 -63.30 -48.66 2.87
N THR EA 165 -64.30 -48.04 3.48
CA THR EA 165 -65.61 -47.95 2.87
C THR EA 165 -66.27 -46.64 3.29
N ASP EA 166 -67.06 -46.06 2.38
CA ASP EA 166 -67.83 -44.87 2.70
C ASP EA 166 -68.79 -45.16 3.85
N LEU EA 167 -68.91 -44.20 4.76
CA LEU EA 167 -69.79 -44.30 5.92
C LEU EA 167 -70.74 -43.12 5.93
N LEU EA 168 -72.03 -43.40 6.09
CA LEU EA 168 -73.06 -42.37 6.19
C LEU EA 168 -73.50 -42.32 7.65
N ALA EA 169 -72.77 -41.53 8.44
CA ALA EA 169 -73.01 -41.46 9.87
C ALA EA 169 -74.21 -40.59 10.18
N ASN EA 170 -74.81 -40.82 11.35
CA ASN EA 170 -75.95 -40.05 11.82
C ASN EA 170 -75.79 -39.84 13.33
N GLN EA 171 -76.84 -39.32 13.96
CA GLN EA 171 -76.81 -39.01 15.38
C GLN EA 171 -77.32 -40.16 16.25
N GLY EA 172 -77.65 -41.29 15.67
CA GLY EA 172 -78.22 -42.39 16.43
C GLY EA 172 -77.19 -43.09 17.30
N GLU EA 173 -77.69 -44.02 18.11
CA GLU EA 173 -76.83 -44.81 18.98
C GLU EA 173 -77.57 -46.08 19.38
N LEU EA 174 -76.89 -47.22 19.33
CA LEU EA 174 -77.48 -48.46 19.79
C LEU EA 174 -77.58 -48.46 21.31
N THR EA 175 -78.77 -48.74 21.83
CA THR EA 175 -79.03 -48.60 23.26
C THR EA 175 -79.57 -49.85 23.93
N ASP EA 176 -80.34 -50.68 23.22
CA ASP EA 176 -81.03 -51.80 23.85
C ASP EA 176 -80.76 -53.08 23.08
N LEU EA 177 -80.83 -54.20 23.81
CA LEU EA 177 -80.62 -55.53 23.22
C LEU EA 177 -81.29 -56.55 24.13
N ARG EA 178 -82.34 -57.20 23.64
CA ARG EA 178 -83.08 -58.20 24.39
C ARG EA 178 -83.30 -59.43 23.52
N TRP EA 179 -83.66 -60.52 24.18
CA TRP EA 179 -84.02 -61.75 23.46
C TRP EA 179 -84.86 -62.63 24.37
N TYR EA 180 -85.56 -63.57 23.76
CA TYR EA 180 -86.23 -64.65 24.49
C TYR EA 180 -85.90 -65.96 23.80
N ARG EA 181 -85.87 -67.04 24.60
CA ARG EA 181 -85.40 -68.33 24.12
C ARG EA 181 -86.40 -69.41 24.50
N LYS EA 182 -86.16 -70.61 23.99
CA LYS EA 182 -87.04 -71.76 24.20
C LYS EA 182 -86.62 -72.56 25.43
N ASP EA 183 -87.59 -73.22 26.05
CA ASP EA 183 -87.33 -74.10 27.17
C ASP EA 183 -88.40 -75.18 27.27
N SER EA 186 -91.40 -73.67 28.07
CA SER EA 186 -91.96 -72.35 27.76
C SER EA 186 -90.90 -71.44 27.15
N TRP EA 187 -90.94 -70.16 27.50
CA TRP EA 187 -90.01 -69.17 26.99
C TRP EA 187 -89.58 -68.24 28.11
N GLN EA 188 -88.30 -67.90 28.13
CA GLN EA 188 -87.73 -66.97 29.09
C GLN EA 188 -87.07 -65.82 28.36
N SER EA 189 -87.25 -64.61 28.88
CA SER EA 189 -86.72 -63.40 28.25
C SER EA 189 -85.71 -62.73 29.18
N THR EA 190 -84.79 -61.99 28.58
CA THR EA 190 -83.76 -61.28 29.34
C THR EA 190 -83.38 -60.01 28.59
N ILE EA 191 -82.78 -59.08 29.32
CA ILE EA 191 -82.36 -57.80 28.76
C ILE EA 191 -80.89 -57.58 29.10
N PRO EA 192 -79.95 -58.15 28.33
CA PRO EA 192 -78.53 -57.94 28.62
C PRO EA 192 -78.09 -56.49 28.57
N LEU EA 193 -78.67 -55.69 27.67
CA LEU EA 193 -78.24 -54.31 27.49
C LEU EA 193 -79.46 -53.39 27.38
N SER EA 194 -79.37 -52.22 28.01
CA SER EA 194 -80.41 -51.22 27.94
C SER EA 194 -79.85 -49.90 28.45
N LEU EA 195 -80.12 -48.81 27.72
CA LEU EA 195 -79.62 -47.50 28.13
C LEU EA 195 -80.66 -46.67 28.88
N SER EA 196 -81.95 -46.88 28.61
CA SER EA 196 -82.97 -46.25 29.44
C SER EA 196 -82.84 -46.72 30.88
N ASP EA 197 -82.65 -48.01 31.09
CA ASP EA 197 -82.20 -48.54 32.35
C ASP EA 197 -80.67 -48.46 32.43
N ASN EA 198 -80.12 -48.79 33.59
CA ASN EA 198 -78.68 -48.77 33.79
C ASN EA 198 -78.05 -50.15 33.69
N ILE EA 199 -78.57 -51.00 32.81
CA ILE EA 199 -78.04 -52.34 32.60
C ILE EA 199 -77.10 -52.29 31.40
N ALA EA 200 -75.85 -52.69 31.61
CA ALA EA 200 -74.84 -52.65 30.57
C ALA EA 200 -74.34 -54.05 30.26
N LEU EA 201 -73.81 -54.21 29.05
CA LEU EA 201 -73.27 -55.49 28.63
C LEU EA 201 -72.05 -55.84 29.48
N PRO EA 202 -71.92 -57.10 29.91
CA PRO EA 202 -70.70 -57.51 30.62
C PRO EA 202 -69.47 -57.35 29.75
N GLU EA 203 -68.35 -57.03 30.40
CA GLU EA 203 -67.12 -56.76 29.66
C GLU EA 203 -66.62 -57.98 28.89
N ASN EA 204 -66.99 -59.17 29.34
CA ASN EA 204 -66.61 -60.39 28.64
C ASN EA 204 -67.56 -60.74 27.50
N GLY EA 205 -68.66 -60.01 27.36
CA GLY EA 205 -69.68 -60.37 26.40
C GLY EA 205 -70.60 -61.44 26.94
N ILE EA 206 -71.56 -61.84 26.11
CA ILE EA 206 -72.56 -62.81 26.49
C ILE EA 206 -72.74 -63.81 25.35
N GLN EA 207 -72.78 -65.09 25.69
CA GLN EA 207 -73.11 -66.12 24.70
C GLN EA 207 -74.56 -65.96 24.28
N LEU EA 208 -74.81 -66.03 22.98
CA LEU EA 208 -76.15 -65.81 22.47
C LEU EA 208 -77.10 -66.90 22.95
N PHE EA 209 -78.28 -66.47 23.40
CA PHE EA 209 -79.34 -67.38 23.85
C PHE EA 209 -78.85 -68.31 24.96
N SER EA 210 -78.10 -67.75 25.90
CA SER EA 210 -77.58 -68.53 27.03
C SER EA 210 -78.31 -68.15 28.30
N PRO EA 211 -78.48 -69.08 29.24
CA PRO EA 211 -79.17 -68.76 30.49
C PRO EA 211 -78.42 -67.70 31.28
N THR EA 212 -79.19 -66.78 31.87
CA THR EA 212 -78.62 -65.71 32.69
C THR EA 212 -79.27 -65.69 34.07
N ALA EA 213 -78.97 -64.67 34.87
CA ALA EA 213 -79.51 -64.58 36.22
C ALA EA 213 -80.91 -63.97 36.26
N ASN EA 214 -81.37 -63.34 35.19
CA ASN EA 214 -82.66 -62.65 35.17
C ASN EA 214 -83.56 -63.23 34.09
N ASP EA 215 -83.58 -64.55 33.95
CA ASP EA 215 -84.42 -65.22 32.97
C ASP EA 215 -85.87 -65.17 33.46
N VAL EA 216 -86.64 -64.23 32.91
CA VAL EA 216 -88.04 -64.06 33.30
C VAL EA 216 -88.92 -64.87 32.35
N ALA EA 217 -89.77 -65.71 32.92
CA ALA EA 217 -90.68 -66.50 32.10
C ALA EA 217 -91.67 -65.60 31.37
N VAL EA 218 -92.00 -65.99 30.14
CA VAL EA 218 -92.89 -65.17 29.31
C VAL EA 218 -94.31 -65.32 29.80
N LEU EA 219 -94.97 -64.21 30.07
CA LEU EA 219 -96.34 -64.18 30.53
C LEU EA 219 -97.28 -63.92 29.36
N SER EA 220 -98.31 -64.75 29.23
CA SER EA 220 -99.32 -64.59 28.20
C SER EA 220 -100.65 -64.23 28.86
N GLY EA 221 -101.24 -63.11 28.45
CA GLY EA 221 -102.47 -62.65 29.05
C GLY EA 221 -102.99 -61.38 28.41
N TYR EA 222 -103.60 -60.50 29.22
CA TYR EA 222 -104.20 -59.29 28.70
C TYR EA 222 -103.91 -58.13 29.64
N LEU EA 223 -103.86 -56.92 29.07
CA LEU EA 223 -103.73 -55.68 29.82
C LEU EA 223 -105.04 -54.94 29.74
N ILE EA 224 -105.68 -54.72 30.89
CA ILE EA 224 -107.01 -54.14 30.97
C ILE EA 224 -106.89 -52.69 31.40
N LYS EA 225 -107.45 -51.78 30.59
CA LYS EA 225 -107.39 -50.34 30.82
C LYS EA 225 -108.81 -49.85 31.07
N SER EA 226 -109.08 -49.42 32.30
CA SER EA 226 -110.41 -48.96 32.66
C SER EA 226 -110.32 -47.82 33.65
N SER EA 227 -111.33 -46.95 33.62
CA SER EA 227 -111.38 -45.80 34.51
C SER EA 227 -112.06 -46.10 35.85
N LEU EA 228 -112.67 -47.27 35.98
CA LEU EA 228 -113.35 -47.64 37.22
C LEU EA 228 -112.42 -48.23 38.26
N PHE EA 229 -111.12 -48.33 37.95
CA PHE EA 229 -110.14 -48.93 38.84
C PHE EA 229 -109.50 -47.93 39.80
N SER EA 230 -110.16 -46.79 40.06
CA SER EA 230 -109.59 -45.78 40.96
C SER EA 230 -109.40 -46.35 42.36
N MET EA 231 -110.49 -46.72 43.01
CA MET EA 231 -110.48 -47.59 44.18
C MET EA 231 -109.62 -47.01 45.30
N PRO EA 232 -110.03 -45.92 45.95
CA PRO EA 232 -109.13 -45.24 46.90
C PRO EA 232 -108.67 -46.10 48.07
N GLU EA 233 -109.59 -46.64 48.86
CA GLU EA 233 -109.20 -47.46 50.00
C GLU EA 233 -110.36 -48.38 50.38
N GLY EA 234 -110.10 -49.23 51.37
CA GLY EA 234 -111.04 -50.25 51.80
C GLY EA 234 -110.70 -51.61 51.22
N GLU EA 235 -111.64 -52.54 51.40
CA GLU EA 235 -111.51 -53.86 50.80
C GLU EA 235 -112.13 -53.82 49.40
N ARG EA 236 -111.33 -54.13 48.39
CA ARG EA 236 -111.72 -53.96 47.01
C ARG EA 236 -111.78 -55.31 46.31
N HIS EA 237 -112.87 -55.54 45.59
CA HIS EA 237 -113.09 -56.79 44.86
C HIS EA 237 -113.36 -56.49 43.40
N ILE EA 238 -112.65 -57.17 42.51
CA ILE EA 238 -112.83 -57.03 41.07
C ILE EA 238 -113.13 -58.41 40.49
N THR EA 239 -114.19 -58.50 39.70
CA THR EA 239 -114.61 -59.73 39.06
C THR EA 239 -114.53 -59.56 37.55
N LEU EA 240 -113.84 -60.48 36.89
CA LEU EA 240 -113.63 -60.44 35.45
C LEU EA 240 -114.42 -61.56 34.80
N THR EA 241 -115.22 -61.23 33.79
CA THR EA 241 -116.04 -62.19 33.08
C THR EA 241 -115.42 -62.47 31.72
N LEU EA 242 -114.97 -63.71 31.52
CA LEU EA 242 -114.35 -64.11 30.27
C LEU EA 242 -115.41 -64.61 29.27
N GLU EA 243 -115.06 -64.54 27.99
CA GLU EA 243 -116.00 -64.92 26.95
C GLU EA 243 -116.21 -66.43 26.89
N ASN EA 244 -115.20 -67.21 27.24
CA ASN EA 244 -115.26 -68.66 27.16
C ASN EA 244 -114.93 -69.27 28.51
N ASP EA 245 -115.53 -70.43 28.78
CA ASP EA 245 -115.24 -71.16 30.01
C ASP EA 245 -113.79 -71.63 29.99
N TRP EA 246 -113.02 -71.23 31.00
CA TRP EA 246 -111.61 -71.53 31.07
C TRP EA 246 -111.33 -72.47 32.25
N GLU EA 247 -110.67 -73.59 31.97
CA GLU EA 247 -110.29 -74.56 32.98
C GLU EA 247 -108.79 -74.48 33.18
N GLY EA 248 -108.36 -74.04 34.35
CA GLY EA 248 -106.94 -73.90 34.62
C GLY EA 248 -106.69 -73.67 36.09
N GLN EA 249 -105.42 -73.81 36.46
CA GLN EA 249 -105.02 -73.65 37.85
C GLN EA 249 -105.15 -72.19 38.29
N ALA EA 250 -105.68 -71.99 39.50
CA ALA EA 250 -105.81 -70.64 40.04
C ALA EA 250 -104.46 -70.07 40.43
N GLU EA 251 -103.58 -70.91 41.01
CA GLU EA 251 -102.29 -70.43 41.47
C GLU EA 251 -101.35 -70.06 40.33
N HIS EA 252 -101.64 -70.51 39.11
CA HIS EA 252 -100.79 -70.18 37.96
C HIS EA 252 -101.00 -68.76 37.45
N LEU EA 253 -102.07 -68.09 37.85
CA LEU EA 253 -102.33 -66.74 37.39
C LEU EA 253 -101.41 -65.74 38.08
N THR EA 254 -101.31 -64.56 37.48
CA THR EA 254 -100.47 -63.49 38.03
C THR EA 254 -101.13 -62.17 37.69
N ALA EA 255 -101.81 -61.57 38.68
CA ALA EA 255 -102.56 -60.34 38.49
C ALA EA 255 -101.93 -59.23 39.31
N LYS EA 256 -101.60 -58.12 38.65
CA LYS EA 256 -101.03 -56.95 39.31
C LYS EA 256 -101.79 -55.70 38.87
N ILE EA 257 -101.87 -54.73 39.77
CA ILE EA 257 -102.57 -53.47 39.52
C ILE EA 257 -101.55 -52.34 39.54
N SER EA 258 -101.74 -51.37 38.65
CA SER EA 258 -100.84 -50.23 38.58
C SER EA 258 -101.24 -49.19 39.63
N THR EA 259 -100.27 -48.80 40.45
CA THR EA 259 -100.44 -47.76 41.47
C THR EA 259 -99.22 -46.84 41.38
N GLY EA 260 -99.33 -45.77 40.60
CA GLY EA 260 -98.20 -44.88 40.40
C GLY EA 260 -97.05 -45.58 39.73
N ASP EA 261 -95.98 -45.84 40.49
CA ASP EA 261 -94.81 -46.53 39.99
C ASP EA 261 -94.63 -47.92 40.62
N HIS EA 262 -95.69 -48.48 41.18
CA HIS EA 262 -95.62 -49.76 41.87
C HIS EA 262 -96.60 -50.75 41.26
N TRP EA 263 -96.20 -52.02 41.24
CA TRP EA 263 -97.05 -53.13 40.82
C TRP EA 263 -97.53 -53.85 42.07
N LEU EA 264 -98.78 -53.60 42.46
CA LEU EA 264 -99.35 -54.25 43.64
C LEU EA 264 -100.00 -55.57 43.25
N SER EA 265 -99.61 -56.63 43.94
CA SER EA 265 -100.18 -57.94 43.67
C SER EA 265 -101.59 -58.05 44.22
N LEU EA 266 -102.38 -58.94 43.62
CA LEU EA 266 -103.74 -59.20 44.04
C LEU EA 266 -103.88 -60.67 44.43
N SER EA 267 -104.62 -60.91 45.51
CA SER EA 267 -104.88 -62.27 45.97
C SER EA 267 -105.99 -62.87 45.14
N VAL EA 268 -105.64 -63.79 44.24
CA VAL EA 268 -106.64 -64.44 43.41
C VAL EA 268 -107.48 -65.39 44.27
N ASN EA 269 -108.76 -65.49 43.94
CA ASN EA 269 -109.66 -66.34 44.71
C ASN EA 269 -109.38 -67.80 44.36
N PRO EA 270 -108.96 -68.63 45.31
CA PRO EA 270 -108.58 -70.01 44.96
C PRO EA 270 -109.75 -70.92 44.63
N ASN EA 271 -110.98 -70.56 45.01
CA ASN EA 271 -112.12 -71.43 44.74
C ASN EA 271 -112.34 -71.60 43.24
N ARG EA 272 -112.25 -70.51 42.48
CA ARG EA 272 -112.39 -70.53 41.03
C ARG EA 272 -113.72 -71.16 40.60
N THR EA 273 -114.78 -70.86 41.34
CA THR EA 273 -116.09 -71.41 41.04
C THR EA 273 -116.66 -70.78 39.77
N ASN EA 274 -117.64 -71.48 39.19
CA ASN EA 274 -118.38 -71.07 37.99
C ASN EA 274 -117.52 -71.19 36.74
N LYS EA 275 -116.22 -71.44 36.92
CA LYS EA 275 -115.32 -71.80 35.84
C LYS EA 275 -115.23 -70.72 34.74
N ASN EA 276 -115.89 -69.59 34.94
CA ASN EA 276 -115.99 -68.58 33.91
C ASN EA 276 -115.65 -67.17 34.40
N THR EA 277 -115.25 -67.02 35.65
CA THR EA 277 -114.93 -65.70 36.19
C THR EA 277 -113.67 -65.79 37.04
N ILE EA 278 -112.96 -64.67 37.13
CA ILE EA 278 -111.78 -64.54 37.96
C ILE EA 278 -112.05 -63.45 38.99
N GLU EA 279 -111.81 -63.75 40.26
CA GLU EA 279 -112.06 -62.83 41.36
C GLU EA 279 -110.75 -62.37 41.96
N LEU EA 280 -110.58 -61.05 42.08
CA LEU EA 280 -109.38 -60.46 42.64
C LEU EA 280 -109.76 -59.58 43.82
N GLU EA 281 -108.98 -59.70 44.91
CA GLU EA 281 -109.27 -59.00 46.15
C GLU EA 281 -108.11 -58.10 46.53
N LEU EA 282 -108.44 -56.98 47.18
CA LEU EA 282 -107.45 -56.06 47.74
C LEU EA 282 -107.85 -55.71 49.16
N SER EA 283 -106.87 -55.68 50.05
CA SER EA 283 -107.13 -55.36 51.45
C SER EA 283 -107.08 -53.86 51.68
N SER EA 284 -107.66 -53.44 52.81
CA SER EA 284 -107.65 -52.03 53.18
C SER EA 284 -106.24 -51.54 53.50
N THR EA 285 -105.31 -52.44 53.84
CA THR EA 285 -103.94 -52.06 54.13
C THR EA 285 -103.18 -51.69 52.86
N ASP EA 286 -103.68 -52.07 51.69
CA ASP EA 286 -102.94 -51.88 50.46
C ASP EA 286 -102.91 -50.41 50.04
N ASP EA 287 -101.90 -50.07 49.25
CA ASP EA 287 -101.73 -48.71 48.76
C ASP EA 287 -102.90 -48.35 47.84
N PRO EA 288 -103.42 -47.12 47.93
CA PRO EA 288 -104.46 -46.68 46.99
C PRO EA 288 -103.99 -46.82 45.55
N ILE EA 289 -104.93 -47.21 44.68
CA ILE EA 289 -104.64 -47.42 43.27
C ILE EA 289 -104.66 -46.10 42.53
N SER EA 290 -103.61 -45.83 41.77
CA SER EA 290 -103.45 -44.61 41.01
C SER EA 290 -103.07 -44.94 39.58
N PRO EA 291 -103.37 -44.05 38.63
CA PRO EA 291 -102.97 -44.28 37.24
C PRO EA 291 -101.47 -44.42 37.13
N PRO EA 292 -100.99 -45.30 36.24
CA PRO EA 292 -99.55 -45.52 36.14
C PRO EA 292 -98.81 -44.30 35.62
N ASP EA 293 -97.58 -44.14 36.09
CA ASP EA 293 -96.73 -43.02 35.68
C ASP EA 293 -95.30 -43.55 35.60
N ASN EA 294 -94.82 -43.78 34.39
CA ASN EA 294 -93.49 -44.34 34.13
C ASN EA 294 -93.32 -45.73 34.74
N LEU EA 295 -94.42 -46.45 34.95
CA LEU EA 295 -94.36 -47.80 35.49
C LEU EA 295 -93.96 -48.75 34.37
N ASP EA 296 -92.69 -49.18 34.40
CA ASP EA 296 -92.06 -49.98 33.35
C ASP EA 296 -92.49 -49.52 31.95
N GLY EA 297 -92.38 -48.22 31.72
CA GLY EA 297 -92.56 -47.67 30.38
C GLY EA 297 -93.90 -47.04 30.11
N MET EA 298 -94.99 -47.66 30.58
CA MET EA 298 -96.32 -47.20 30.23
C MET EA 298 -96.73 -46.01 31.09
N THR EA 299 -97.50 -45.11 30.47
CA THR EA 299 -98.08 -43.95 31.16
C THR EA 299 -99.51 -43.82 30.69
N PHE EA 300 -100.46 -43.94 31.61
CA PHE EA 300 -101.88 -43.89 31.28
C PHE EA 300 -102.61 -42.96 32.25
N ASP EA 301 -103.70 -42.37 31.76
CA ASP EA 301 -104.50 -41.46 32.56
C ASP EA 301 -105.34 -42.19 33.61
N ILE EA 302 -105.53 -43.49 33.46
CA ILE EA 302 -106.31 -44.27 34.44
C ILE EA 302 -105.62 -45.60 34.69
N PRO EA 303 -105.82 -46.18 35.86
CA PRO EA 303 -105.07 -47.38 36.23
C PRO EA 303 -105.34 -48.56 35.31
N VAL EA 304 -104.36 -49.45 35.23
CA VAL EA 304 -104.43 -50.61 34.36
C VAL EA 304 -104.27 -51.88 35.20
N LEU EA 305 -104.79 -52.98 34.67
CA LEU EA 305 -104.70 -54.29 35.29
C LEU EA 305 -103.94 -55.21 34.35
N LYS EA 306 -102.88 -55.83 34.85
CA LYS EA 306 -102.09 -56.79 34.09
C LYS EA 306 -102.38 -58.19 34.62
N LEU EA 307 -102.92 -59.05 33.76
CA LEU EA 307 -103.26 -60.42 34.12
C LEU EA 307 -102.76 -61.36 33.06
N GLY EA 308 -102.13 -62.45 33.49
CA GLY EA 308 -101.59 -63.43 32.56
C GLY EA 308 -101.08 -64.64 33.31
N THR EA 309 -100.73 -65.66 32.54
CA THR EA 309 -100.24 -66.92 33.08
C THR EA 309 -99.16 -67.46 32.15
N THR EA 310 -98.77 -68.72 32.37
CA THR EA 310 -97.73 -69.34 31.58
C THR EA 310 -97.90 -70.84 31.61
N GLN EA 311 -97.22 -71.51 30.66
CA GLN EA 311 -97.17 -72.97 30.50
C GLN EA 311 -98.51 -73.65 30.77
N LYS EA 312 -99.59 -73.08 30.27
CA LYS EA 312 -100.93 -73.60 30.50
C LYS EA 312 -101.85 -73.01 29.44
N PRO EA 313 -103.07 -73.56 29.29
CA PRO EA 313 -104.01 -73.00 28.31
C PRO EA 313 -104.28 -71.52 28.57
N MET EA 314 -104.40 -70.77 27.48
CA MET EA 314 -104.50 -69.33 27.58
C MET EA 314 -105.87 -68.89 28.10
N LEU EA 315 -105.91 -67.68 28.65
CA LEU EA 315 -107.14 -67.09 29.12
C LEU EA 315 -107.93 -66.53 27.94
N PRO EA 316 -109.25 -66.72 27.91
CA PRO EA 316 -110.07 -66.04 26.91
C PRO EA 316 -110.11 -64.54 27.17
N LYS EA 317 -110.56 -63.81 26.15
CA LYS EA 317 -110.61 -62.36 26.26
C LYS EA 317 -111.58 -61.92 27.36
N ILE EA 318 -111.20 -60.87 28.08
CA ILE EA 318 -112.06 -60.34 29.14
C ILE EA 318 -113.18 -59.54 28.52
N THR EA 319 -114.42 -59.85 28.92
CA THR EA 319 -115.60 -59.22 28.35
C THR EA 319 -116.43 -58.43 29.35
N GLY EA 320 -116.27 -58.68 30.65
CA GLY EA 320 -117.07 -57.98 31.65
C GLY EA 320 -116.27 -57.76 32.91
N ILE EA 321 -116.50 -56.60 33.53
CA ILE EA 321 -115.83 -56.21 34.76
C ILE EA 321 -116.88 -55.82 35.78
N GLU EA 322 -116.77 -56.37 36.99
CA GLU EA 322 -117.69 -56.04 38.08
C GLU EA 322 -116.89 -55.51 39.26
N ILE EA 323 -117.45 -54.51 39.94
CA ILE EA 323 -116.74 -53.73 40.94
C ILE EA 323 -117.52 -53.80 42.24
N ASN EA 324 -116.81 -54.05 43.35
CA ASN EA 324 -117.43 -54.09 44.68
C ASN EA 324 -116.45 -53.53 45.70
N ILE EA 325 -116.93 -52.55 46.48
CA ILE EA 325 -116.14 -51.95 47.55
C ILE EA 325 -116.98 -51.91 48.81
N ASN EA 326 -116.35 -52.13 49.96
CA ASN EA 326 -116.98 -51.92 51.26
C ASN EA 326 -116.03 -51.10 52.12
N GLY EA 327 -116.56 -50.06 52.76
CA GLY EA 327 -115.76 -49.16 53.55
C GLY EA 327 -116.20 -47.72 53.40
N ASN EA 328 -116.39 -47.03 54.53
CA ASN EA 328 -116.92 -45.68 54.56
C ASN EA 328 -115.84 -44.62 54.76
N ARG EA 329 -114.57 -44.99 54.67
CA ARG EA 329 -113.50 -44.06 54.98
C ARG EA 329 -113.31 -42.98 53.91
N SER EA 330 -113.98 -43.09 52.77
CA SER EA 330 -113.89 -42.10 51.71
C SER EA 330 -115.28 -41.71 51.22
N VAL EA 331 -116.19 -41.47 52.17
CA VAL EA 331 -117.55 -41.06 51.86
C VAL EA 331 -117.81 -39.75 52.59
N ARG EA 332 -118.24 -38.74 51.83
CA ARG EA 332 -118.62 -37.46 52.41
C ARG EA 332 -120.05 -37.55 52.93
N TYR EA 333 -120.22 -37.44 54.24
CA TYR EA 333 -121.53 -37.57 54.86
C TYR EA 333 -121.82 -36.32 55.68
N ALA EA 334 -123.02 -35.76 55.49
CA ALA EA 334 -123.40 -34.55 56.20
C ALA EA 334 -124.92 -34.49 56.30
N SER EA 335 -125.42 -34.17 57.49
CA SER EA 335 -126.85 -34.00 57.71
C SER EA 335 -127.20 -32.51 57.64
N ASP EA 336 -128.45 -32.18 58.00
CA ASP EA 336 -128.85 -30.78 58.00
C ASP EA 336 -128.11 -29.97 59.06
N GLY EA 337 -127.78 -30.60 60.19
CA GLY EA 337 -127.06 -29.88 61.23
C GLY EA 337 -125.66 -29.49 60.81
N GLY EA 338 -124.98 -30.34 60.04
CA GLY EA 338 -123.63 -30.04 59.60
C GLY EA 338 -122.97 -31.26 58.99
N ILE EA 339 -121.64 -31.26 59.06
CA ILE EA 339 -120.82 -32.34 58.53
C ILE EA 339 -120.32 -33.18 59.71
N GLU EA 340 -120.59 -34.49 59.65
CA GLU EA 340 -120.17 -35.41 60.69
C GLU EA 340 -119.41 -36.58 60.05
N GLN EA 341 -118.48 -37.13 60.81
CA GLN EA 341 -117.71 -38.28 60.36
C GLN EA 341 -118.56 -39.54 60.47
N THR EA 342 -118.56 -40.35 59.41
CA THR EA 342 -119.33 -41.58 59.41
C THR EA 342 -118.73 -42.65 60.33
N ASP EA 343 -117.50 -42.45 60.81
CA ASP EA 343 -116.85 -43.37 61.73
C ASP EA 343 -117.00 -42.95 63.19
N THR EA 344 -117.73 -41.88 63.46
CA THR EA 344 -117.94 -41.38 64.81
C THR EA 344 -119.43 -41.29 65.10
N THR EA 345 -119.75 -40.98 66.35
CA THR EA 345 -121.14 -40.85 66.77
C THR EA 345 -121.79 -39.66 66.10
N SER EA 346 -123.04 -39.83 65.66
CA SER EA 346 -123.76 -38.76 64.98
C SER EA 346 -125.25 -39.04 65.06
N SER EA 347 -126.03 -37.99 64.83
CA SER EA 347 -127.48 -38.09 64.74
C SER EA 347 -127.89 -37.82 63.30
N PRO EA 348 -128.20 -38.86 62.52
CA PRO EA 348 -128.47 -38.65 61.09
C PRO EA 348 -129.65 -37.74 60.79
N PHE EA 349 -130.68 -37.76 61.63
CA PHE EA 349 -131.90 -37.01 61.37
C PHE EA 349 -132.09 -35.84 62.33
N GLY EA 350 -131.02 -35.43 63.03
CA GLY EA 350 -131.11 -34.32 63.96
C GLY EA 350 -131.72 -34.73 65.28
N GLN EA 351 -131.81 -33.74 66.18
CA GLN EA 351 -132.35 -33.95 67.52
C GLN EA 351 -133.85 -33.76 67.58
N SER EA 352 -134.49 -33.35 66.48
CA SER EA 352 -135.95 -33.23 66.42
C SER EA 352 -136.39 -33.49 64.98
N PRO EA 353 -136.31 -34.74 64.54
CA PRO EA 353 -136.60 -35.04 63.13
C PRO EA 353 -138.07 -34.82 62.80
N SER EA 354 -138.32 -34.47 61.54
CA SER EA 354 -139.66 -34.33 60.99
C SER EA 354 -139.66 -34.94 59.59
N LEU EA 355 -140.83 -34.93 58.96
CA LEU EA 355 -140.94 -35.46 57.60
C LEU EA 355 -140.09 -34.63 56.65
N GLY EA 356 -139.28 -35.31 55.84
CA GLY EA 356 -138.38 -34.65 54.92
C GLY EA 356 -136.99 -34.39 55.46
N SER EA 357 -136.75 -34.58 56.76
CA SER EA 357 -135.43 -34.42 57.31
C SER EA 357 -134.52 -35.58 56.91
N GLY EA 358 -133.23 -35.31 56.83
CA GLY EA 358 -132.30 -36.35 56.47
C GLY EA 358 -130.89 -35.84 56.27
N PHE EA 359 -130.10 -36.60 55.52
CA PHE EA 359 -128.69 -36.32 55.32
C PHE EA 359 -128.34 -36.52 53.86
N ASN EA 360 -127.11 -36.18 53.50
CA ASN EA 360 -126.62 -36.28 52.12
C ASN EA 360 -125.28 -37.00 52.10
N LEU EA 361 -125.04 -37.74 51.02
CA LEU EA 361 -123.81 -38.49 50.84
C LEU EA 361 -123.29 -38.33 49.43
N VAL EA 362 -121.97 -38.46 49.29
CA VAL EA 362 -121.31 -38.45 47.98
C VAL EA 362 -119.97 -39.12 48.13
N ALA EA 363 -119.45 -39.66 47.03
CA ALA EA 363 -118.17 -40.33 47.01
C ALA EA 363 -117.58 -40.25 45.61
N PRO EA 364 -116.27 -40.04 45.48
CA PRO EA 364 -115.68 -39.95 44.14
C PRO EA 364 -115.86 -41.21 43.31
N GLU EA 365 -115.93 -42.38 43.95
CA GLU EA 365 -116.08 -43.63 43.20
C GLU EA 365 -117.41 -43.68 42.44
N TRP EA 366 -118.45 -43.04 42.99
CA TRP EA 366 -119.76 -43.12 42.36
C TRP EA 366 -119.82 -42.30 41.07
N TYR EA 367 -119.02 -41.24 40.98
CA TYR EA 367 -119.03 -40.40 39.80
C TYR EA 367 -118.44 -41.16 38.61
N GLY EA 368 -119.10 -41.02 37.45
CA GLY EA 368 -118.69 -41.71 36.25
C GLY EA 368 -119.29 -43.08 36.06
N THR EA 369 -120.07 -43.58 37.03
CA THR EA 369 -120.68 -44.89 36.94
C THR EA 369 -122.11 -44.77 36.41
N GLU EA 370 -122.78 -45.91 36.30
CA GLU EA 370 -124.14 -45.95 35.78
C GLU EA 370 -124.82 -47.23 36.26
N ASN EA 371 -126.08 -47.11 36.68
CA ASN EA 371 -126.86 -48.24 37.17
C ASN EA 371 -126.14 -48.97 38.30
N ALA EA 372 -125.52 -48.20 39.20
CA ALA EA 372 -124.75 -48.77 40.29
C ALA EA 372 -125.66 -49.15 41.45
N THR EA 373 -125.07 -49.75 42.48
CA THR EA 373 -125.79 -50.17 43.68
C THR EA 373 -125.06 -49.67 44.91
N LEU EA 374 -125.80 -49.06 45.83
CA LEU EA 374 -125.25 -48.52 47.06
C LEU EA 374 -125.95 -49.17 48.24
N THR EA 375 -125.17 -49.60 49.24
CA THR EA 375 -125.69 -50.27 50.41
C THR EA 375 -125.18 -49.59 51.66
N MET EA 376 -126.08 -49.32 52.60
CA MET EA 376 -125.75 -48.63 53.84
C MET EA 376 -126.26 -49.44 55.03
N THR EA 377 -125.43 -49.55 56.06
CA THR EA 377 -125.81 -50.25 57.28
C THR EA 377 -125.47 -49.37 58.48
N PRO EA 378 -126.48 -48.77 59.14
CA PRO EA 378 -126.20 -47.94 60.30
C PRO EA 378 -126.18 -48.73 61.60
N GLN EA 379 -125.19 -48.43 62.44
CA GLN EA 379 -125.05 -49.08 63.74
C GLN EA 379 -125.84 -48.27 64.76
N TRP EA 380 -127.06 -48.72 65.02
CA TRP EA 380 -127.94 -48.00 65.95
C TRP EA 380 -127.47 -48.15 67.38
N VAL EA 381 -127.76 -47.13 68.19
CA VAL EA 381 -127.39 -47.11 69.60
C VAL EA 381 -128.56 -46.57 70.41
N GLY EA 382 -128.78 -47.14 71.59
CA GLY EA 382 -129.87 -46.72 72.44
C GLY EA 382 -131.25 -47.06 71.92
N LEU EA 383 -131.39 -48.23 71.31
CA LEU EA 383 -132.71 -48.69 70.87
C LEU EA 383 -133.51 -49.23 72.06
N PRO EA 384 -134.84 -49.07 72.03
CA PRO EA 384 -135.66 -49.60 73.13
C PRO EA 384 -135.56 -51.12 73.20
N THR EA 385 -135.64 -51.63 74.42
CA THR EA 385 -135.57 -53.07 74.65
C THR EA 385 -136.85 -53.78 74.22
N SER EA 386 -137.91 -53.05 73.90
CA SER EA 386 -139.18 -53.60 73.45
C SER EA 386 -139.54 -52.99 72.10
N SER EA 387 -140.68 -53.41 71.57
CA SER EA 387 -141.14 -52.91 70.28
C SER EA 387 -141.50 -51.43 70.37
N PHE EA 388 -141.38 -50.74 69.24
CA PHE EA 388 -141.77 -49.33 69.19
C PHE EA 388 -143.25 -49.15 69.51
N SER EA 389 -144.08 -50.11 69.14
CA SER EA 389 -145.49 -50.07 69.52
C SER EA 389 -145.65 -50.09 71.03
N THR EA 390 -144.89 -50.95 71.71
CA THR EA 390 -144.91 -50.96 73.17
C THR EA 390 -144.34 -49.67 73.74
N TRP EA 391 -143.22 -49.19 73.19
CA TRP EA 391 -142.62 -47.95 73.67
C TRP EA 391 -143.53 -46.76 73.42
N TYR EA 392 -144.08 -46.66 72.21
CA TYR EA 392 -145.02 -45.58 71.87
C TYR EA 392 -146.46 -46.05 72.06
N ASP EA 393 -146.76 -46.50 73.28
CA ASP EA 393 -148.06 -47.10 73.55
C ASP EA 393 -149.16 -46.05 73.59
N LYS EA 394 -148.92 -44.93 74.27
CA LYS EA 394 -149.95 -43.93 74.49
C LYS EA 394 -150.06 -42.90 73.37
N TYR EA 395 -149.12 -42.90 72.42
CA TYR EA 395 -149.17 -41.94 71.34
C TYR EA 395 -150.30 -42.29 70.36
N ASN EA 396 -150.96 -41.26 69.85
CA ASN EA 396 -152.08 -41.44 68.94
C ASN EA 396 -151.72 -40.87 67.57
N PRO EA 397 -151.71 -41.68 66.50
CA PRO EA 397 -151.99 -43.12 66.46
C PRO EA 397 -150.84 -43.96 67.02
N LYS EA 398 -151.13 -45.17 67.47
CA LYS EA 398 -150.10 -46.06 68.03
C LYS EA 398 -149.37 -46.76 66.89
N PRO EA 399 -148.04 -46.63 66.80
CA PRO EA 399 -147.28 -47.20 65.66
C PRO EA 399 -146.97 -48.69 65.81
N ALA EA 400 -147.95 -49.52 65.46
CA ALA EA 400 -147.77 -50.96 65.46
C ALA EA 400 -146.95 -51.39 64.24
N SER EA 401 -146.47 -52.64 64.29
CA SER EA 401 -145.76 -53.26 63.17
C SER EA 401 -144.52 -52.44 62.78
N ASN EA 402 -143.56 -52.44 63.71
CA ASN EA 402 -142.30 -51.72 63.55
C ASN EA 402 -141.76 -51.81 62.14
N GLY EA 403 -141.54 -50.65 61.53
CA GLY EA 403 -141.17 -50.58 60.12
C GLY EA 403 -141.95 -49.49 59.41
N VAL EA 404 -142.85 -48.83 60.14
CA VAL EA 404 -143.59 -47.71 59.58
C VAL EA 404 -142.68 -46.53 59.30
N PHE EA 405 -141.51 -46.48 59.94
CA PHE EA 405 -140.51 -45.45 59.66
C PHE EA 405 -139.84 -45.80 58.34
N LYS EA 406 -140.12 -44.99 57.31
CA LYS EA 406 -139.64 -45.26 55.96
C LYS EA 406 -138.76 -44.12 55.48
N VAL EA 407 -137.88 -44.44 54.54
CA VAL EA 407 -136.91 -43.48 54.00
C VAL EA 407 -137.04 -43.45 52.48
N GLN EA 408 -136.60 -42.33 51.90
CA GLN EA 408 -136.60 -42.13 50.46
C GLN EA 408 -135.23 -41.65 50.02
N GLY EA 409 -134.84 -42.02 48.81
CA GLY EA 409 -133.56 -41.64 48.24
C GLY EA 409 -133.74 -40.67 47.09
N TYR EA 410 -132.95 -39.60 47.10
CA TYR EA 410 -133.01 -38.58 46.06
C TYR EA 410 -131.60 -38.30 45.52
N LEU EA 411 -131.54 -38.03 44.22
CA LEU EA 411 -130.34 -37.54 43.57
C LEU EA 411 -130.50 -36.03 43.42
N VAL EA 412 -129.72 -35.27 44.19
CA VAL EA 412 -129.88 -33.82 44.29
C VAL EA 412 -128.82 -33.14 43.45
N THR EA 413 -129.27 -32.32 42.50
CA THR EA 413 -128.40 -31.47 41.70
C THR EA 413 -128.85 -30.03 41.85
N SER EA 414 -128.00 -29.11 41.40
CA SER EA 414 -128.33 -27.70 41.48
C SER EA 414 -129.53 -27.32 40.62
N GLN EA 415 -129.89 -28.16 39.66
CA GLN EA 415 -131.01 -27.89 38.76
C GLN EA 415 -132.33 -28.43 39.28
N LYS EA 416 -132.33 -29.67 39.78
CA LYS EA 416 -133.57 -30.33 40.19
C LYS EA 416 -133.21 -31.51 41.09
N ARG EA 417 -134.26 -32.14 41.62
CA ARG EA 417 -134.14 -33.35 42.41
C ARG EA 417 -134.82 -34.50 41.68
N ASP EA 418 -134.23 -35.69 41.78
CA ASP EA 418 -134.77 -36.88 41.14
C ASP EA 418 -135.00 -37.96 42.20
N VAL EA 419 -136.03 -38.76 41.98
CA VAL EA 419 -136.42 -39.81 42.93
C VAL EA 419 -135.74 -41.11 42.54
N LEU EA 420 -135.12 -41.76 43.51
CA LEU EA 420 -134.41 -43.01 43.31
C LEU EA 420 -135.27 -44.19 43.73
N ASN EA 421 -134.88 -45.38 43.25
CA ASN EA 421 -135.53 -46.64 43.60
C ASN EA 421 -137.01 -46.65 43.23
N ASP EA 422 -137.37 -45.90 42.18
CA ASP EA 422 -138.74 -45.84 41.68
C ASP EA 422 -139.72 -45.44 42.79
N ALA EA 423 -139.32 -44.45 43.58
CA ALA EA 423 -140.15 -43.83 44.62
C ALA EA 423 -140.54 -44.79 45.74
N LYS EA 424 -139.96 -45.98 45.79
CA LYS EA 424 -140.27 -46.91 46.86
C LYS EA 424 -139.62 -46.46 48.16
N SER EA 425 -140.19 -46.91 49.28
CA SER EA 425 -139.70 -46.59 50.61
C SER EA 425 -139.22 -47.85 51.30
N GLN EA 426 -138.16 -47.72 52.09
CA GLN EA 426 -137.56 -48.84 52.79
C GLN EA 426 -137.69 -48.65 54.30
N PRO EA 427 -137.94 -49.73 55.05
CA PRO EA 427 -138.08 -49.60 56.51
C PRO EA 427 -136.73 -49.53 57.19
N LEU EA 428 -136.59 -48.56 58.09
CA LEU EA 428 -135.35 -48.43 58.85
C LEU EA 428 -135.14 -49.62 59.78
N PHE EA 429 -136.21 -50.09 60.41
CA PHE EA 429 -136.13 -51.16 61.40
C PHE EA 429 -137.06 -52.30 61.01
N ASP EA 430 -136.79 -53.47 61.58
CA ASP EA 430 -137.60 -54.66 61.33
C ASP EA 430 -137.62 -55.53 62.57
N GLY EA 431 -138.59 -56.43 62.62
CA GLY EA 431 -138.75 -57.34 63.74
C GLY EA 431 -139.94 -56.98 64.61
N THR EA 432 -140.56 -58.02 65.17
CA THR EA 432 -141.73 -57.81 66.02
C THR EA 432 -141.34 -57.48 67.45
N GLY EA 433 -140.18 -57.93 67.91
CA GLY EA 433 -139.70 -57.59 69.24
C GLY EA 433 -139.02 -56.25 69.26
N ALA EA 434 -137.84 -56.18 69.87
CA ALA EA 434 -137.07 -54.94 69.85
C ALA EA 434 -136.68 -54.62 68.41
N PRO EA 435 -136.63 -53.34 68.03
CA PRO EA 435 -136.28 -52.99 66.64
C PRO EA 435 -134.89 -53.48 66.27
N GLN EA 436 -134.75 -53.93 65.03
CA GLN EA 436 -133.49 -54.43 64.50
C GLN EA 436 -133.09 -53.60 63.30
N GLY EA 437 -131.87 -53.08 63.32
CA GLY EA 437 -131.38 -52.33 62.17
C GLY EA 437 -131.22 -53.21 60.95
N GLN EA 438 -131.49 -52.63 59.79
CA GLN EA 438 -131.37 -53.35 58.53
C GLN EA 438 -130.73 -52.45 57.48
N SER EA 439 -130.13 -53.08 56.48
CA SER EA 439 -129.42 -52.34 55.44
C SER EA 439 -130.41 -51.66 54.49
N LEU EA 440 -129.91 -50.64 53.79
CA LEU EA 440 -130.69 -49.87 52.85
C LEU EA 440 -129.99 -49.87 51.50
N THR EA 441 -130.74 -50.15 50.43
CA THR EA 441 -130.17 -50.31 49.11
C THR EA 441 -130.79 -49.31 48.15
N PHE EA 442 -129.96 -48.70 47.31
CA PHE EA 442 -130.40 -47.73 46.31
C PHE EA 442 -129.70 -48.00 45.00
N ILE EA 443 -130.35 -47.60 43.90
CA ILE EA 443 -129.82 -47.73 42.55
C ILE EA 443 -129.64 -46.33 41.97
N LEU EA 444 -128.43 -46.04 41.49
CA LEU EA 444 -128.18 -44.69 41.01
C LEU EA 444 -128.24 -44.65 39.49
N PRO EA 445 -128.66 -43.51 38.92
CA PRO EA 445 -128.66 -43.37 37.47
C PRO EA 445 -127.28 -43.03 36.93
N ALA EA 446 -127.19 -42.72 35.64
CA ALA EA 446 -125.92 -42.31 35.04
C ALA EA 446 -125.42 -41.03 35.67
N MET EA 447 -124.32 -41.11 36.42
CA MET EA 447 -123.76 -39.98 37.16
C MET EA 447 -122.44 -39.58 36.52
N HIS EA 448 -122.51 -38.71 35.53
CA HIS EA 448 -121.33 -38.22 34.80
C HIS EA 448 -121.16 -36.74 35.16
N TYR EA 449 -120.43 -36.50 36.25
CA TYR EA 449 -120.21 -35.15 36.75
C TYR EA 449 -118.74 -35.00 37.13
N PRO EA 450 -118.21 -33.78 37.05
CA PRO EA 450 -116.80 -33.57 37.43
C PRO EA 450 -116.60 -33.74 38.93
N LEU EA 451 -115.38 -34.13 39.29
CA LEU EA 451 -115.02 -34.38 40.67
C LEU EA 451 -114.55 -33.10 41.35
N THR EA 452 -114.99 -32.89 42.59
CA THR EA 452 -114.60 -31.75 43.41
C THR EA 452 -113.88 -32.24 44.65
N ASP EA 453 -113.53 -31.29 45.53
CA ASP EA 453 -112.80 -31.60 46.75
C ASP EA 453 -113.48 -31.06 48.00
N SER EA 454 -114.66 -30.45 47.86
CA SER EA 454 -115.34 -29.89 49.02
C SER EA 454 -115.80 -31.00 49.94
N PRO EA 455 -115.48 -30.95 51.24
CA PRO EA 455 -115.93 -32.01 52.15
C PRO EA 455 -117.44 -32.15 52.24
N SER EA 456 -118.18 -31.04 52.14
CA SER EA 456 -119.63 -31.12 52.23
C SER EA 456 -120.20 -31.66 50.92
N PRO EA 457 -121.01 -32.72 50.97
CA PRO EA 457 -121.59 -33.25 49.73
C PRO EA 457 -122.53 -32.29 49.02
N ASN EA 458 -123.03 -31.27 49.72
CA ASN EA 458 -123.96 -30.33 49.10
C ASN EA 458 -123.29 -29.54 47.97
N GLU EA 459 -122.04 -29.14 48.17
CA GLU EA 459 -121.33 -28.37 47.15
C GLU EA 459 -121.06 -29.18 45.89
N TRP EA 460 -121.08 -30.51 45.97
CA TRP EA 460 -120.84 -31.32 44.80
C TRP EA 460 -121.97 -31.15 43.79
N PRO EA 461 -121.68 -31.30 42.50
CA PRO EA 461 -122.76 -31.16 41.49
C PRO EA 461 -123.89 -32.14 41.68
N ALA EA 462 -123.61 -33.36 42.14
CA ALA EA 462 -124.63 -34.36 42.41
C ALA EA 462 -124.34 -35.00 43.75
N SER EA 463 -125.40 -35.38 44.46
CA SER EA 463 -125.28 -36.02 45.76
C SER EA 463 -126.49 -36.90 46.01
N VAL EA 464 -126.35 -37.82 46.96
CA VAL EA 464 -127.41 -38.75 47.32
C VAL EA 464 -128.00 -38.29 48.65
N ARG EA 465 -129.31 -38.02 48.66
CA ARG EA 465 -130.01 -37.52 49.83
C ARG EA 465 -131.02 -38.56 50.30
N ILE EA 466 -130.99 -38.84 51.60
CA ILE EA 466 -131.92 -39.77 52.24
C ILE EA 466 -132.83 -38.96 53.17
N GLU EA 467 -134.13 -39.19 53.09
CA GLU EA 467 -135.11 -38.42 53.84
C GLU EA 467 -136.15 -39.35 54.46
N LEU EA 468 -136.69 -38.94 55.60
CA LEU EA 468 -137.81 -39.64 56.20
C LEU EA 468 -139.05 -39.51 55.31
N ALA EA 469 -139.85 -40.57 55.25
CA ALA EA 469 -140.92 -40.65 54.26
C ALA EA 469 -142.31 -40.63 54.88
N GLU EA 470 -142.64 -41.58 55.76
CA GLU EA 470 -144.03 -41.78 56.16
C GLU EA 470 -144.36 -41.20 57.53
N GLN EA 471 -143.67 -41.63 58.58
CA GLN EA 471 -144.09 -41.34 59.95
C GLN EA 471 -142.91 -40.86 60.77
N ASP EA 472 -143.12 -39.77 61.51
CA ASP EA 472 -142.12 -39.22 62.42
C ASP EA 472 -142.05 -40.04 63.70
N PHE EA 473 -140.98 -39.82 64.47
CA PHE EA 473 -140.82 -40.47 65.76
C PHE EA 473 -141.66 -39.83 66.86
N MET EA 474 -142.61 -38.97 66.48
CA MET EA 474 -143.54 -38.34 67.41
C MET EA 474 -142.82 -37.52 68.47
N HIS EA 475 -142.04 -36.54 68.01
CA HIS EA 475 -141.50 -35.52 68.87
C HIS EA 475 -142.47 -34.36 69.07
N ALA EA 476 -143.25 -34.06 68.03
CA ALA EA 476 -144.29 -33.03 68.16
C ALA EA 476 -145.39 -33.48 69.12
N GLN EA 477 -145.80 -34.74 69.03
CA GLN EA 477 -146.84 -35.25 69.92
C GLN EA 477 -146.37 -35.24 71.37
N TYR EA 478 -145.12 -35.64 71.61
CA TYR EA 478 -144.59 -35.64 72.97
C TYR EA 478 -144.55 -34.24 73.55
N TRP EA 479 -144.14 -33.26 72.74
CA TRP EA 479 -144.14 -31.88 73.22
C TRP EA 479 -145.55 -31.35 73.39
N GLN EA 480 -146.51 -31.87 72.62
CA GLN EA 480 -147.89 -31.43 72.75
C GLN EA 480 -148.48 -31.82 74.10
N ASN EA 481 -148.34 -33.09 74.48
CA ASN EA 481 -148.90 -33.62 75.73
C ASN EA 481 -147.82 -34.41 76.45
N PRO EA 482 -146.88 -33.73 77.11
CA PRO EA 482 -145.75 -34.43 77.76
C PRO EA 482 -146.11 -35.03 79.11
N THR EA 483 -147.00 -36.02 79.09
CA THR EA 483 -147.35 -36.75 80.30
C THR EA 483 -147.81 -38.15 79.92
N ASP EA 484 -147.51 -39.12 80.79
CA ASP EA 484 -147.88 -40.52 80.59
C ASP EA 484 -147.27 -41.09 79.31
N LYS EA 485 -146.15 -40.53 78.87
CA LYS EA 485 -145.45 -41.00 77.68
C LYS EA 485 -143.96 -41.12 77.98
N ASN EA 486 -143.31 -42.05 77.28
CA ASN EA 486 -141.86 -42.16 77.36
C ASN EA 486 -141.22 -41.11 76.47
N VAL EA 487 -139.92 -40.90 76.69
CA VAL EA 487 -139.18 -39.95 75.84
C VAL EA 487 -139.10 -40.51 74.43
N PRO EA 488 -139.48 -39.75 73.40
CA PRO EA 488 -139.43 -40.27 72.03
C PRO EA 488 -138.01 -40.59 71.63
N TYR EA 489 -137.87 -41.65 70.83
CA TYR EA 489 -136.54 -42.11 70.44
C TYR EA 489 -135.93 -41.15 69.41
N THR EA 490 -134.70 -40.72 69.68
CA THR EA 490 -133.97 -39.88 68.74
C THR EA 490 -132.92 -40.73 68.04
N PRO EA 491 -132.99 -40.90 66.72
CA PRO EA 491 -132.03 -41.76 66.02
C PRO EA 491 -130.60 -41.31 66.22
N GLN EA 492 -129.78 -42.21 66.74
CA GLN EA 492 -128.36 -41.96 66.97
C GLN EA 492 -127.55 -43.08 66.35
N ILE EA 493 -126.47 -42.72 65.67
CA ILE EA 493 -125.61 -43.66 64.96
C ILE EA 493 -124.20 -43.56 65.54
N SER EA 494 -123.60 -44.71 65.82
CA SER EA 494 -122.18 -44.76 66.18
C SER EA 494 -121.29 -44.89 64.96
N ALA EA 495 -121.76 -45.63 63.95
CA ALA EA 495 -121.01 -45.78 62.71
C ALA EA 495 -121.99 -46.13 61.60
N LEU EA 496 -121.55 -45.94 60.37
CA LEU EA 496 -122.37 -46.24 59.19
C LEU EA 496 -121.51 -46.95 58.16
N GLN EA 497 -121.79 -48.23 57.94
CA GLN EA 497 -121.02 -49.02 56.98
C GLN EA 497 -121.58 -48.79 55.57
N ILE EA 498 -120.67 -48.58 54.62
CA ILE EA 498 -121.03 -48.27 53.25
C ILE EA 498 -120.43 -49.32 52.32
N GLN EA 499 -121.26 -49.87 51.43
CA GLN EA 499 -120.81 -50.82 50.42
C GLN EA 499 -121.29 -50.34 49.06
N PHE EA 500 -120.42 -50.45 48.05
CA PHE EA 500 -120.71 -49.95 46.72
C PHE EA 500 -120.45 -51.05 45.70
N SER EA 501 -121.26 -51.08 44.64
CA SER EA 501 -121.12 -52.08 43.59
C SER EA 501 -121.58 -51.48 42.27
N THR EA 502 -120.92 -51.89 41.19
CA THR EA 502 -121.26 -51.43 39.85
C THR EA 502 -120.72 -52.42 38.83
N THR EA 503 -121.23 -52.30 37.61
CA THR EA 503 -120.82 -53.14 36.49
C THR EA 503 -120.34 -52.26 35.35
N ALA EA 504 -119.24 -52.68 34.72
CA ALA EA 504 -118.61 -51.88 33.68
C ALA EA 504 -119.33 -52.06 32.35
N LYS EA 505 -119.67 -50.93 31.73
CA LYS EA 505 -120.20 -50.96 30.38
C LYS EA 505 -119.10 -51.27 29.38
N PRO EA 506 -119.44 -51.78 28.20
CA PRO EA 506 -118.40 -52.16 27.23
C PRO EA 506 -117.50 -51.00 26.81
N GLU EA 507 -117.99 -49.76 26.90
CA GLU EA 507 -117.22 -48.60 26.50
C GLU EA 507 -116.34 -48.05 27.61
N GLN EA 508 -116.36 -48.65 28.79
CA GLN EA 508 -115.60 -48.15 29.93
C GLN EA 508 -114.28 -48.89 30.16
N PHE EA 509 -113.95 -49.86 29.31
CA PHE EA 509 -112.72 -50.62 29.52
C PHE EA 509 -112.18 -51.09 28.17
N THR EA 510 -110.86 -51.33 28.14
CA THR EA 510 -110.17 -51.75 26.93
C THR EA 510 -109.22 -52.88 27.27
N VAL EA 511 -109.09 -53.84 26.36
CA VAL EA 511 -108.29 -55.04 26.56
C VAL EA 511 -107.21 -55.08 25.48
N TYR EA 512 -105.97 -55.35 25.90
CA TYR EA 512 -104.84 -55.48 24.99
C TYR EA 512 -104.17 -56.83 25.16
N PRO EA 513 -103.93 -57.58 24.09
CA PRO EA 513 -103.20 -58.84 24.21
C PRO EA 513 -101.74 -58.58 24.60
N LEU EA 514 -101.15 -59.56 25.26
CA LEU EA 514 -99.80 -59.44 25.82
C LEU EA 514 -98.77 -60.05 24.88
N THR EA 515 -97.62 -59.40 24.82
CA THR EA 515 -96.45 -59.85 24.07
C THR EA 515 -95.24 -59.78 24.99
N PRO EA 516 -94.17 -60.51 24.66
CA PRO EA 516 -93.05 -60.64 25.62
C PRO EA 516 -92.44 -59.32 26.07
N PHE EA 517 -92.60 -58.23 25.32
CA PHE EA 517 -92.04 -56.96 25.75
C PHE EA 517 -93.02 -55.81 25.54
N GLY EA 518 -94.32 -56.09 25.57
CA GLY EA 518 -95.31 -55.03 25.39
C GLY EA 518 -96.68 -55.62 25.17
N TRP EA 519 -97.53 -54.83 24.52
CA TRP EA 519 -98.89 -55.24 24.21
C TRP EA 519 -99.23 -54.85 22.78
N ALA EA 520 -99.99 -55.72 22.10
CA ALA EA 520 -100.47 -55.40 20.77
C ALA EA 520 -101.76 -54.59 20.86
N ASN EA 521 -102.21 -54.09 19.71
CA ASN EA 521 -103.43 -53.29 19.68
C ASN EA 521 -104.65 -54.19 19.87
N THR EA 522 -105.79 -53.56 20.14
CA THR EA 522 -107.03 -54.28 20.36
C THR EA 522 -107.47 -55.01 19.09
N ASN EA 523 -108.12 -56.14 19.27
CA ASN EA 523 -108.63 -56.97 18.17
C ASN EA 523 -107.52 -57.43 17.24
N GLU EA 524 -106.32 -57.62 17.78
CA GLU EA 524 -105.17 -58.09 17.02
C GLU EA 524 -104.59 -59.32 17.69
N ASP EA 525 -104.33 -60.36 16.90
CA ASP EA 525 -103.73 -61.57 17.42
C ASP EA 525 -102.23 -61.34 17.64
N PRO EA 526 -101.72 -61.56 18.86
CA PRO EA 526 -100.28 -61.35 19.08
C PRO EA 526 -99.46 -62.33 18.27
N PRO EA 527 -98.25 -61.95 17.86
CA PRO EA 527 -97.42 -62.86 17.08
C PRO EA 527 -97.10 -64.13 17.85
N SER EA 528 -97.08 -65.25 17.13
CA SER EA 528 -96.83 -66.54 17.73
C SER EA 528 -95.34 -66.81 17.86
N PHE EA 529 -94.97 -67.53 18.92
CA PHE EA 529 -93.57 -67.88 19.17
C PHE EA 529 -93.29 -69.23 18.52
N THR EA 530 -92.42 -69.23 17.52
CA THR EA 530 -92.03 -70.47 16.84
C THR EA 530 -90.51 -70.60 16.83
N ASN EA 531 -89.81 -69.47 16.83
CA ASN EA 531 -88.36 -69.44 16.78
C ASN EA 531 -87.85 -68.47 17.83
N ASP EA 532 -86.58 -68.63 18.21
CA ASP EA 532 -85.94 -67.68 19.10
C ASP EA 532 -85.76 -66.34 18.41
N ALA EA 533 -85.88 -65.26 19.17
CA ALA EA 533 -85.85 -63.91 18.64
C ALA EA 533 -84.83 -63.07 19.38
N LEU EA 534 -84.16 -62.18 18.65
CA LEU EA 534 -83.22 -61.23 19.21
C LEU EA 534 -83.63 -59.83 18.77
N TYR EA 535 -83.57 -58.87 19.69
CA TYR EA 535 -84.06 -57.52 19.44
C TYR EA 535 -82.93 -56.51 19.57
N LEU EA 536 -83.02 -55.45 18.76
CA LEU EA 536 -82.07 -54.34 18.80
C LEU EA 536 -82.84 -53.03 18.77
N GLY EA 537 -82.38 -52.07 19.55
CA GLY EA 537 -83.05 -50.78 19.66
C GLY EA 537 -82.12 -49.62 19.41
N PHE EA 538 -82.64 -48.62 18.69
CA PHE EA 538 -81.87 -47.42 18.35
C PHE EA 538 -82.73 -46.20 18.67
N THR EA 539 -82.11 -45.20 19.30
CA THR EA 539 -82.86 -44.07 19.84
C THR EA 539 -82.91 -42.87 18.89
N ASN EA 540 -81.75 -42.31 18.55
CA ASN EA 540 -81.67 -41.02 17.88
C ASN EA 540 -81.52 -41.15 16.36
N VAL EA 541 -82.10 -42.17 15.77
CA VAL EA 541 -82.05 -42.36 14.33
C VAL EA 541 -83.38 -41.93 13.74
N LEU EA 542 -83.38 -41.60 12.45
CA LEU EA 542 -84.58 -41.21 11.73
C LEU EA 542 -84.84 -42.20 10.60
N PRO EA 543 -86.12 -42.41 10.25
CA PRO EA 543 -86.42 -43.28 9.10
C PRO EA 543 -85.81 -42.73 7.82
N GLY EA 544 -85.33 -43.64 6.98
CA GLY EA 544 -84.62 -43.28 5.77
C GLY EA 544 -83.12 -43.16 5.92
N GLN EA 545 -82.61 -43.22 7.15
CA GLN EA 545 -81.17 -43.19 7.40
C GLN EA 545 -80.60 -44.59 7.33
N THR EA 546 -79.27 -44.68 7.36
CA THR EA 546 -78.56 -45.93 7.23
C THR EA 546 -78.04 -46.39 8.60
N LEU EA 547 -78.34 -47.63 8.96
CA LEU EA 547 -77.84 -48.22 10.20
C LEU EA 547 -76.56 -48.98 9.87
N SER EA 548 -75.43 -48.51 10.40
CA SER EA 548 -74.14 -49.14 10.18
C SER EA 548 -73.63 -49.69 11.50
N LEU EA 549 -73.38 -51.00 11.52
CA LEU EA 549 -72.96 -51.69 12.73
C LEU EA 549 -71.77 -52.60 12.43
N TYR EA 550 -71.00 -52.88 13.50
CA TYR EA 550 -69.92 -53.85 13.45
C TYR EA 550 -70.12 -54.85 14.58
N TRP EA 551 -70.10 -56.13 14.23
CA TRP EA 551 -70.22 -57.21 15.20
C TRP EA 551 -68.84 -57.79 15.49
N GLN EA 552 -68.56 -58.03 16.76
CA GLN EA 552 -67.39 -58.81 17.17
C GLN EA 552 -67.89 -60.13 17.72
N LEU EA 553 -67.60 -61.22 17.02
CA LEU EA 553 -68.17 -62.52 17.33
C LEU EA 553 -67.07 -63.58 17.32
N GLU EA 554 -67.41 -64.73 17.88
CA GLU EA 554 -66.63 -65.96 17.73
C GLU EA 554 -67.64 -67.04 17.38
N GLY EA 555 -67.93 -67.19 16.09
CA GLY EA 555 -68.96 -68.09 15.65
C GLY EA 555 -68.47 -69.51 15.44
N PHE EA 556 -69.43 -70.43 15.39
CA PHE EA 556 -69.12 -71.84 15.16
C PHE EA 556 -70.00 -72.39 14.03
N LYS EA 557 -71.16 -71.78 13.82
CA LYS EA 557 -72.08 -72.21 12.78
C LYS EA 557 -72.77 -70.99 12.20
N ALA EA 558 -73.29 -71.14 10.99
CA ALA EA 558 -74.04 -70.09 10.31
C ALA EA 558 -75.52 -70.27 10.64
N LEU EA 559 -76.09 -69.32 11.37
CA LEU EA 559 -77.48 -69.42 11.79
C LEU EA 559 -78.41 -69.07 10.63
N ASN EA 560 -79.67 -69.46 10.78
CA ASN EA 560 -80.74 -69.11 9.84
C ASN EA 560 -81.48 -67.92 10.43
N LEU EA 561 -81.24 -66.73 9.89
CA LEU EA 561 -81.77 -65.50 10.44
C LEU EA 561 -82.77 -64.87 9.47
N SER EA 562 -83.83 -64.30 10.02
CA SER EA 562 -84.78 -63.49 9.28
C SER EA 562 -84.96 -62.17 10.03
N TRP EA 563 -84.80 -61.06 9.33
CA TRP EA 563 -84.77 -59.75 9.94
C TRP EA 563 -86.09 -59.02 9.75
N PHE EA 564 -86.57 -58.39 10.82
CA PHE EA 564 -87.82 -57.65 10.81
C PHE EA 564 -87.62 -56.31 11.50
N TYR EA 565 -88.47 -55.35 11.14
CA TYR EA 565 -88.46 -54.03 11.75
C TYR EA 565 -89.88 -53.66 12.16
N LEU EA 566 -89.98 -52.85 13.21
CA LEU EA 566 -91.27 -52.42 13.74
C LEU EA 566 -91.80 -51.25 12.92
N ASN EA 567 -92.98 -51.42 12.32
CA ASN EA 567 -93.58 -50.41 11.46
C ASN EA 567 -94.69 -49.69 12.22
N GLN EA 568 -95.28 -48.70 11.56
CA GLN EA 568 -96.35 -47.92 12.17
C GLN EA 568 -97.61 -48.74 12.39
N SER EA 569 -97.78 -49.83 11.66
CA SER EA 569 -98.95 -50.69 11.80
C SER EA 569 -98.82 -51.70 12.94
N ASN EA 570 -97.87 -51.49 13.85
CA ASN EA 570 -97.67 -52.35 15.02
C ASN EA 570 -97.43 -53.81 14.59
N THR EA 571 -96.64 -53.98 13.53
CA THR EA 571 -96.31 -55.32 13.05
C THR EA 571 -94.81 -55.44 12.80
N TRP EA 572 -94.38 -56.57 12.23
CA TRP EA 572 -92.98 -56.82 11.94
C TRP EA 572 -92.82 -56.92 10.42
N GLY EA 573 -92.43 -55.82 9.79
CA GLY EA 573 -92.20 -55.82 8.35
C GLY EA 573 -90.89 -56.49 8.02
N SER EA 574 -90.87 -57.18 6.87
CA SER EA 574 -89.68 -57.90 6.45
C SER EA 574 -88.56 -56.93 6.10
N LEU EA 575 -87.33 -57.29 6.46
CA LEU EA 575 -86.18 -56.44 6.26
C LEU EA 575 -85.04 -57.12 5.51
N ASP EA 576 -85.20 -58.40 5.13
CA ASP EA 576 -84.10 -59.13 4.51
C ASP EA 576 -83.65 -58.53 3.19
N GLN EA 577 -84.51 -57.77 2.51
CA GLN EA 577 -84.13 -57.20 1.23
C GLN EA 577 -83.17 -56.03 1.37
N LEU EA 578 -83.02 -55.48 2.57
CA LEU EA 578 -82.17 -54.32 2.78
C LEU EA 578 -80.97 -54.61 3.69
N VAL EA 579 -80.67 -55.87 3.95
CA VAL EA 579 -79.60 -56.25 4.87
C VAL EA 579 -78.35 -56.55 4.06
N ASP EA 580 -77.26 -55.87 4.39
CA ASP EA 580 -75.95 -56.11 3.80
C ASP EA 580 -75.10 -56.77 4.87
N ASP EA 581 -75.19 -58.09 4.97
CA ASP EA 581 -74.54 -58.85 6.03
C ASP EA 581 -73.15 -59.27 5.60
N GLN EA 582 -72.13 -58.74 6.27
CA GLN EA 582 -70.75 -59.17 6.06
C GLN EA 582 -70.28 -60.14 7.13
N THR EA 583 -71.14 -60.49 8.09
CA THR EA 583 -70.80 -61.43 9.14
C THR EA 583 -71.16 -62.87 8.79
N HIS EA 584 -71.70 -63.10 7.60
CA HIS EA 584 -72.10 -64.44 7.13
C HIS EA 584 -73.06 -65.10 8.11
N ASN EA 585 -74.19 -64.42 8.33
CA ASN EA 585 -75.24 -64.91 9.21
C ASN EA 585 -74.71 -65.16 10.62
N LEU EA 586 -74.03 -64.15 11.17
CA LEU EA 586 -73.50 -64.20 12.53
C LEU EA 586 -72.54 -65.38 12.73
N PHE EA 587 -71.61 -65.52 11.78
CA PHE EA 587 -70.59 -66.56 11.86
C PHE EA 587 -69.20 -66.03 12.21
N ASP EA 588 -68.90 -64.79 11.85
CA ASP EA 588 -67.61 -64.20 12.17
C ASP EA 588 -67.77 -62.69 12.22
N GLN EA 589 -66.79 -62.03 12.82
CA GLN EA 589 -66.86 -60.58 13.00
C GLN EA 589 -66.85 -59.87 11.66
N GLY EA 590 -67.63 -58.80 11.57
CA GLY EA 590 -67.70 -58.03 10.34
C GLY EA 590 -68.65 -56.88 10.48
N THR EA 591 -68.91 -56.21 9.35
CA THR EA 591 -69.82 -55.08 9.31
C THR EA 591 -71.24 -55.55 9.02
N TRP EA 592 -72.19 -54.65 9.27
CA TRP EA 592 -73.62 -54.98 9.11
C TRP EA 592 -74.36 -53.67 8.88
N ARG EA 593 -74.90 -53.50 7.68
CA ARG EA 593 -75.51 -52.24 7.29
C ARG EA 593 -76.92 -52.48 6.76
N THR EA 594 -77.82 -51.54 7.07
CA THR EA 594 -79.20 -51.59 6.61
C THR EA 594 -79.70 -50.19 6.37
N LEU EA 595 -80.78 -50.09 5.61
CA LEU EA 595 -81.51 -48.84 5.41
C LEU EA 595 -82.81 -48.91 6.19
N LEU EA 596 -83.03 -47.94 7.07
CA LEU EA 596 -84.24 -47.92 7.88
C LEU EA 596 -85.42 -47.54 7.02
N PRO EA 597 -86.48 -48.37 6.95
CA PRO EA 597 -87.62 -48.04 6.10
C PRO EA 597 -88.33 -46.79 6.57
N GLN EA 598 -89.01 -46.14 5.63
CA GLN EA 598 -89.68 -44.87 5.90
C GLN EA 598 -90.82 -45.02 6.90
N ASP EA 599 -91.38 -46.21 7.05
CA ASP EA 599 -92.54 -46.43 7.91
C ASP EA 599 -92.16 -47.02 9.25
N ALA EA 600 -90.89 -46.98 9.63
CA ALA EA 600 -90.49 -47.45 10.95
C ALA EA 600 -91.07 -46.54 12.02
N SER EA 601 -91.47 -47.15 13.14
CA SER EA 601 -92.16 -46.44 14.20
C SER EA 601 -91.42 -46.59 15.52
N ASN EA 602 -91.32 -45.49 16.27
CA ASN EA 602 -90.82 -45.50 17.64
C ASN EA 602 -91.93 -45.27 18.65
N GLN EA 603 -93.18 -45.36 18.24
CA GLN EA 603 -94.32 -45.18 19.13
C GLN EA 603 -95.18 -46.43 19.25
N ALA EA 604 -94.85 -47.50 18.55
CA ALA EA 604 -95.65 -48.72 18.62
C ALA EA 604 -95.57 -49.34 20.00
N THR EA 605 -96.64 -50.03 20.38
CA THR EA 605 -96.77 -50.58 21.73
C THR EA 605 -96.23 -52.01 21.84
N LEU EA 606 -95.73 -52.60 20.75
CA LEU EA 606 -95.19 -53.94 20.83
C LEU EA 606 -93.95 -53.99 21.73
N MET EA 607 -93.10 -52.98 21.65
CA MET EA 607 -91.89 -52.87 22.43
C MET EA 607 -91.82 -51.49 23.04
N PRO EA 608 -90.95 -51.27 24.04
CA PRO EA 608 -90.88 -49.95 24.69
C PRO EA 608 -90.68 -48.83 23.68
N THR EA 609 -91.41 -47.73 23.88
CA THR EA 609 -91.45 -46.64 22.94
C THR EA 609 -90.20 -45.78 23.02
N GLY EA 610 -90.06 -44.88 22.06
CA GLY EA 610 -88.93 -43.97 21.99
C GLY EA 610 -87.73 -44.51 21.25
N ARG EA 611 -87.72 -45.79 20.88
CA ARG EA 611 -86.60 -46.39 20.18
C ARG EA 611 -87.13 -47.24 19.04
N TYR EA 612 -86.52 -47.07 17.85
CA TYR EA 612 -86.82 -47.96 16.74
C TYR EA 612 -86.26 -49.35 17.03
N TRP EA 613 -86.97 -50.38 16.58
CA TRP EA 613 -86.66 -51.75 16.96
C TRP EA 613 -86.43 -52.61 15.72
N LEU EA 614 -85.41 -53.45 15.79
CA LEU EA 614 -85.17 -54.50 14.81
C LEU EA 614 -85.23 -55.86 15.49
N LYS EA 615 -85.79 -56.84 14.79
CA LYS EA 615 -85.99 -58.17 15.35
C LYS EA 615 -85.44 -59.21 14.38
N ALA EA 616 -84.66 -60.14 14.91
CA ALA EA 616 -84.09 -61.24 14.13
C ALA EA 616 -84.66 -62.55 14.65
N GLU EA 617 -85.22 -63.35 13.74
CA GLU EA 617 -85.76 -64.65 14.08
C GLU EA 617 -84.77 -65.73 13.66
N ILE EA 618 -84.39 -66.58 14.61
CA ILE EA 618 -83.36 -67.59 14.41
C ILE EA 618 -83.97 -68.97 14.61
N THR EA 619 -83.78 -69.84 13.63
CA THR EA 619 -84.18 -71.23 13.78
C THR EA 619 -83.42 -71.85 14.95
N HIS EA 620 -84.16 -72.53 15.83
CA HIS EA 620 -83.59 -73.02 17.07
C HIS EA 620 -82.47 -74.03 16.81
N GLN EA 621 -81.37 -73.87 17.53
CA GLN EA 621 -80.24 -74.80 17.46
C GLN EA 621 -80.24 -75.66 18.72
N ALA EA 622 -80.21 -76.97 18.55
CA ALA EA 622 -80.31 -77.87 19.69
C ALA EA 622 -79.12 -77.72 20.63
N GLU EA 623 -77.90 -77.60 20.08
CA GLU EA 623 -76.72 -77.38 20.89
C GLU EA 623 -76.63 -75.91 21.29
N SER EA 624 -76.58 -75.66 22.60
CA SER EA 624 -76.49 -74.30 23.09
C SER EA 624 -75.11 -73.68 22.88
N GLN EA 625 -74.09 -74.49 22.60
CA GLN EA 625 -72.75 -73.99 22.40
C GLN EA 625 -72.48 -73.57 20.96
N ASP EA 626 -73.41 -73.83 20.04
CA ASP EA 626 -73.22 -73.43 18.65
C ASP EA 626 -73.49 -71.95 18.42
N TYR EA 627 -74.20 -71.29 19.33
CA TYR EA 627 -74.50 -69.88 19.16
C TYR EA 627 -73.24 -69.03 19.34
N PRO EA 628 -73.14 -67.92 18.63
CA PRO EA 628 -71.94 -67.08 18.73
C PRO EA 628 -71.85 -66.39 20.08
N LYS EA 629 -70.62 -65.97 20.42
CA LYS EA 629 -70.34 -65.27 21.66
C LYS EA 629 -70.15 -63.79 21.35
N ILE EA 630 -71.24 -63.03 21.43
CA ILE EA 630 -71.18 -61.60 21.20
C ILE EA 630 -70.45 -60.93 22.35
N LYS EA 631 -69.50 -60.06 22.03
CA LYS EA 631 -68.76 -59.31 23.04
C LYS EA 631 -68.83 -57.80 22.82
N GLY EA 632 -69.66 -57.34 21.88
CA GLY EA 632 -69.81 -55.92 21.66
C GLY EA 632 -70.31 -55.57 20.27
N ILE EA 633 -71.13 -54.54 20.18
CA ILE EA 633 -71.65 -54.05 18.90
C ILE EA 633 -71.34 -52.56 18.80
N LEU EA 634 -70.80 -52.15 17.65
CA LEU EA 634 -70.39 -50.77 17.42
C LEU EA 634 -71.35 -50.10 16.46
N TYR EA 635 -71.83 -48.91 16.81
CA TYR EA 635 -72.71 -48.13 15.96
C TYR EA 635 -71.90 -47.11 15.17
N ASN EA 636 -72.39 -46.78 13.97
CA ASN EA 636 -71.71 -45.86 13.06
C ASN EA 636 -70.30 -46.35 12.77
N ALA EA 637 -70.16 -47.65 12.56
CA ALA EA 637 -68.86 -48.30 12.52
C ALA EA 637 -68.28 -48.30 11.11
N ALA EA 638 -66.95 -48.33 11.06
CA ALA EA 638 -66.21 -48.42 9.81
C ALA EA 638 -64.91 -49.17 10.08
N THR EA 639 -64.29 -49.66 9.00
CA THR EA 639 -63.08 -50.46 9.10
C THR EA 639 -61.92 -49.71 8.46
N ALA EA 640 -60.78 -49.71 9.14
CA ALA EA 640 -59.58 -49.04 8.66
C ALA EA 640 -58.40 -50.00 8.68
N THR EA 641 -57.41 -49.71 7.85
CA THR EA 641 -56.23 -50.56 7.70
C THR EA 641 -54.98 -49.69 7.75
N LEU EA 642 -53.91 -50.26 8.31
CA LEU EA 642 -52.66 -49.53 8.45
C LEU EA 642 -52.02 -49.27 7.08
N ILE EA 643 -51.31 -48.15 6.99
CA ILE EA 643 -50.57 -47.78 5.80
C ILE EA 643 -49.10 -47.64 6.15
N ASN EA 644 -48.25 -47.82 5.14
CA ASN EA 644 -46.80 -47.77 5.30
C ASN EA 644 -46.33 -48.77 6.36
N ALA EA 645 -46.76 -50.02 6.20
CA ALA EA 645 -46.44 -51.05 7.17
C ALA EA 645 -44.95 -51.37 7.19
N GLU EA 646 -44.25 -51.16 6.08
CA GLU EA 646 -42.83 -51.46 6.01
C GLU EA 646 -41.97 -50.51 6.83
N LEU EA 647 -42.53 -49.41 7.31
CA LEU EA 647 -41.79 -48.44 8.11
C LEU EA 647 -42.12 -48.51 9.59
N VAL EA 648 -42.81 -49.57 10.03
CA VAL EA 648 -43.26 -49.70 11.40
C VAL EA 648 -42.44 -50.78 12.09
N GLU EA 649 -42.23 -50.59 13.40
CA GLU EA 649 -41.48 -51.55 14.19
C GLU EA 649 -42.26 -52.87 14.33
N THR EA 650 -41.52 -53.93 14.64
CA THR EA 650 -42.11 -55.27 14.64
C THR EA 650 -43.02 -55.51 15.84
N ASP EA 651 -42.71 -54.92 17.00
CA ASP EA 651 -43.50 -55.18 18.20
C ASP EA 651 -44.94 -54.69 18.04
N HIS EA 652 -45.16 -53.69 17.19
CA HIS EA 652 -46.53 -53.24 16.94
C HIS EA 652 -47.39 -54.35 16.35
N PHE EA 653 -46.84 -55.10 15.40
CA PHE EA 653 -47.57 -56.22 14.82
C PHE EA 653 -47.69 -57.38 15.81
N ILE EA 654 -46.69 -57.57 16.68
CA ILE EA 654 -46.71 -58.70 17.60
C ILE EA 654 -47.82 -58.54 18.63
N ASN EA 655 -47.92 -57.36 19.22
CA ASN EA 655 -48.91 -57.13 20.27
C ASN EA 655 -50.23 -56.62 19.72
N GLY EA 656 -50.21 -55.85 18.64
CA GLY EA 656 -51.42 -55.24 18.13
C GLY EA 656 -51.67 -53.87 18.75
N LEU EA 657 -52.50 -53.10 18.07
CA LEU EA 657 -52.80 -51.75 18.55
C LEU EA 657 -53.70 -51.82 19.78
N PRO EA 658 -53.31 -51.20 20.89
CA PRO EA 658 -54.16 -51.23 22.08
C PRO EA 658 -55.47 -50.49 21.85
N ALA EA 659 -56.47 -50.88 22.65
CA ALA EA 659 -57.78 -50.28 22.53
C ALA EA 659 -57.75 -48.81 22.93
N ASP EA 660 -58.70 -48.04 22.40
CA ASP EA 660 -58.78 -46.59 22.61
C ASP EA 660 -57.48 -45.89 22.21
N SER EA 661 -57.01 -46.16 21.00
CA SER EA 661 -55.83 -45.47 20.48
C SER EA 661 -56.21 -44.37 19.50
N ILE EA 662 -57.09 -44.67 18.54
CA ILE EA 662 -57.57 -43.65 17.61
C ILE EA 662 -58.68 -42.85 18.28
N THR EA 663 -58.54 -41.53 18.30
CA THR EA 663 -59.54 -40.67 18.89
C THR EA 663 -59.97 -39.57 17.92
N GLN EA 664 -59.04 -39.11 17.09
CA GLN EA 664 -59.32 -38.05 16.13
C GLN EA 664 -58.68 -38.40 14.79
N PRO EA 665 -59.27 -37.93 13.69
CA PRO EA 665 -58.65 -38.19 12.38
C PRO EA 665 -57.38 -37.39 12.18
N VAL EA 666 -56.60 -37.81 11.19
CA VAL EA 666 -55.35 -37.11 10.86
C VAL EA 666 -55.65 -35.68 10.42
N ASN EA 667 -56.63 -35.53 9.53
CA ASN EA 667 -57.06 -34.21 9.06
C ASN EA 667 -58.25 -33.75 9.89
N ALA EA 668 -58.20 -32.52 10.36
CA ALA EA 668 -59.25 -32.01 11.23
C ALA EA 668 -60.54 -31.81 10.44
N LEU EA 669 -61.64 -32.38 10.97
CA LEU EA 669 -62.96 -32.23 10.39
C LEU EA 669 -63.90 -31.75 11.49
N VAL EA 670 -64.56 -30.61 11.26
CA VAL EA 670 -65.38 -29.99 12.29
C VAL EA 670 -66.67 -30.73 12.56
N ALA EA 671 -67.07 -31.66 11.68
CA ALA EA 671 -68.31 -32.40 11.84
C ALA EA 671 -68.13 -33.71 12.59
N ILE EA 672 -66.92 -34.03 13.05
CA ILE EA 672 -66.63 -35.31 13.68
C ILE EA 672 -66.27 -35.06 15.14
N ASP EA 673 -66.97 -35.74 16.03
CA ASP EA 673 -66.68 -35.73 17.46
C ASP EA 673 -65.72 -36.89 17.77
N SER EA 674 -65.58 -37.24 19.04
CA SER EA 674 -64.65 -38.29 19.45
C SER EA 674 -64.95 -39.60 18.71
N ILE EA 675 -63.90 -40.39 18.51
CA ILE EA 675 -63.96 -41.67 17.81
C ILE EA 675 -63.78 -42.79 18.83
N ASN EA 676 -64.63 -43.80 18.75
CA ASN EA 676 -64.63 -44.92 19.69
C ASN EA 676 -63.94 -46.11 19.06
N GLN EA 677 -62.92 -46.64 19.76
CA GLN EA 677 -62.18 -47.82 19.33
C GLN EA 677 -62.17 -48.80 20.49
N PRO EA 678 -63.28 -49.50 20.72
CA PRO EA 678 -63.39 -50.33 21.93
C PRO EA 678 -62.38 -51.47 21.99
N TRP EA 679 -61.94 -51.99 20.86
CA TRP EA 679 -61.16 -53.22 20.83
C TRP EA 679 -59.83 -53.02 20.11
N VAL EA 680 -59.00 -54.06 20.19
CA VAL EA 680 -57.65 -54.03 19.64
C VAL EA 680 -57.69 -54.36 18.15
N SER EA 681 -56.58 -54.13 17.46
CA SER EA 681 -56.49 -54.46 16.04
C SER EA 681 -56.34 -55.97 15.86
N TRP EA 682 -56.35 -56.40 14.60
CA TRP EA 682 -56.29 -57.81 14.28
C TRP EA 682 -55.71 -57.99 12.88
N ASN EA 683 -55.43 -59.24 12.54
CA ASN EA 683 -54.91 -59.62 11.22
C ASN EA 683 -53.58 -58.91 10.93
N GLY EA 684 -52.75 -58.79 11.96
CA GLY EA 684 -51.43 -58.18 11.83
C GLY EA 684 -50.34 -59.24 11.97
N ARG EA 685 -49.24 -59.04 11.25
CA ARG EA 685 -48.14 -59.99 11.27
C ARG EA 685 -46.85 -59.28 10.93
N PRO EA 686 -45.82 -59.38 11.78
CA PRO EA 686 -44.54 -58.73 11.47
C PRO EA 686 -43.81 -59.47 10.36
N GLU EA 687 -42.85 -58.76 9.76
CA GLU EA 687 -42.05 -59.36 8.70
C GLU EA 687 -41.18 -60.47 9.25
N GLU EA 688 -40.87 -61.44 8.38
CA GLU EA 688 -40.13 -62.61 8.81
C GLU EA 688 -38.71 -62.25 9.20
N THR EA 689 -38.27 -62.74 10.36
CA THR EA 689 -36.89 -62.60 10.76
C THR EA 689 -36.03 -63.65 10.06
N GLU EA 690 -34.71 -63.42 10.07
CA GLU EA 690 -33.81 -64.33 9.37
C GLU EA 690 -33.85 -65.72 9.97
N GLN EA 691 -33.88 -65.83 11.30
CA GLN EA 691 -33.93 -67.13 11.94
C GLN EA 691 -35.22 -67.87 11.62
N ALA EA 692 -36.35 -67.15 11.61
CA ALA EA 692 -37.62 -67.77 11.25
C ALA EA 692 -37.65 -68.15 9.79
N PHE EA 693 -37.01 -67.35 8.93
CA PHE EA 693 -36.99 -67.64 7.50
C PHE EA 693 -36.26 -68.96 7.23
N LEU EA 694 -35.12 -69.17 7.88
CA LEU EA 694 -34.38 -70.42 7.68
C LEU EA 694 -35.17 -71.60 8.21
N THR EA 695 -35.85 -71.43 9.35
CA THR EA 695 -36.65 -72.52 9.91
C THR EA 695 -37.79 -72.90 8.98
N ARG EA 696 -38.50 -71.90 8.44
CA ARG EA 696 -39.62 -72.19 7.56
C ARG EA 696 -39.17 -72.89 6.28
N VAL EA 697 -38.07 -72.43 5.69
CA VAL EA 697 -37.58 -73.03 4.45
C VAL EA 697 -37.14 -74.47 4.70
N SER EA 698 -36.44 -74.70 5.82
CA SER EA 698 -35.97 -76.05 6.13
C SER EA 698 -37.15 -77.01 6.30
N ALA EA 699 -38.22 -76.54 6.96
CA ALA EA 699 -39.42 -77.37 7.10
C ALA EA 699 -40.06 -77.63 5.75
N ARG EA 700 -40.11 -76.62 4.88
CA ARG EA 700 -40.74 -76.78 3.58
C ARG EA 700 -40.00 -77.80 2.73
N LEU EA 701 -38.66 -77.77 2.76
CA LEU EA 701 -37.89 -78.72 1.97
C LEU EA 701 -38.04 -80.15 2.49
N SER EA 702 -38.54 -80.31 3.72
CA SER EA 702 -38.62 -81.64 4.30
C SER EA 702 -39.93 -82.34 3.94
N HIS EA 703 -41.05 -81.63 4.09
CA HIS EA 703 -42.35 -82.22 3.83
C HIS EA 703 -42.97 -81.83 2.51
N ARG EA 704 -42.42 -80.84 1.82
CA ARG EA 704 -42.86 -80.46 0.47
C ARG EA 704 -44.35 -80.12 0.42
N ASN EA 705 -44.88 -79.57 1.50
CA ASN EA 705 -46.29 -79.15 1.59
C ASN EA 705 -47.25 -80.32 1.37
N ARG EA 706 -46.84 -81.53 1.76
CA ARG EA 706 -47.67 -82.71 1.61
C ARG EA 706 -47.58 -83.55 2.87
N VAL EA 707 -48.60 -84.37 3.08
CA VAL EA 707 -48.74 -85.19 4.29
C VAL EA 707 -48.48 -86.64 3.91
N LEU EA 708 -47.41 -87.21 4.46
CA LEU EA 708 -47.19 -88.65 4.35
C LEU EA 708 -46.89 -89.30 5.69
N SER EA 709 -46.14 -88.63 6.56
CA SER EA 709 -45.72 -89.19 7.83
C SER EA 709 -46.34 -88.44 8.98
N TRP EA 710 -46.20 -89.00 10.18
CA TRP EA 710 -46.77 -88.36 11.38
C TRP EA 710 -46.13 -87.01 11.64
N ASP EA 711 -44.82 -86.90 11.44
CA ASP EA 711 -44.14 -85.62 11.64
C ASP EA 711 -44.65 -84.57 10.65
N ASN EA 712 -44.99 -84.99 9.44
CA ASN EA 712 -45.54 -84.05 8.46
C ASN EA 712 -46.88 -83.50 8.93
N ILE EA 713 -47.72 -84.35 9.53
CA ILE EA 713 -49.02 -83.91 10.00
C ILE EA 713 -48.85 -82.89 11.13
N VAL EA 714 -47.99 -83.19 12.09
CA VAL EA 714 -47.81 -82.30 13.24
C VAL EA 714 -47.22 -80.97 12.80
N THR EA 715 -46.20 -81.02 11.92
CA THR EA 715 -45.53 -79.80 11.50
C THR EA 715 -46.47 -78.89 10.72
N LEU EA 716 -47.22 -79.45 9.76
CA LEU EA 716 -48.09 -78.64 8.93
C LEU EA 716 -49.27 -78.08 9.70
N LEU EA 717 -49.84 -78.88 10.61
CA LEU EA 717 -50.99 -78.42 11.38
C LEU EA 717 -50.62 -77.26 12.29
N LYS EA 718 -49.47 -77.34 12.95
CA LYS EA 718 -49.07 -76.27 13.87
C LYS EA 718 -48.72 -74.99 13.12
N GLU EA 719 -48.19 -75.12 11.91
CA GLU EA 719 -47.91 -73.93 11.10
C GLU EA 719 -49.21 -73.22 10.71
N GLN EA 720 -50.22 -73.97 10.29
CA GLN EA 720 -51.44 -73.37 9.78
C GLN EA 720 -52.30 -72.79 10.89
N PHE EA 721 -52.45 -73.52 12.00
CA PHE EA 721 -53.39 -73.15 13.05
C PHE EA 721 -52.62 -72.68 14.28
N VAL EA 722 -52.96 -71.48 14.77
CA VAL EA 722 -52.28 -70.91 15.92
C VAL EA 722 -52.93 -71.32 17.24
N SER EA 723 -54.09 -71.96 17.21
CA SER EA 723 -54.76 -72.39 18.42
C SER EA 723 -54.21 -73.69 18.99
N LEU EA 724 -53.27 -74.33 18.29
CA LEU EA 724 -52.73 -75.62 18.72
C LEU EA 724 -51.48 -75.41 19.56
N PHE EA 725 -51.43 -76.11 20.69
CA PHE EA 725 -50.21 -76.14 21.50
C PHE EA 725 -49.35 -77.35 21.17
N ASP EA 726 -49.97 -78.51 20.98
CA ASP EA 726 -49.24 -79.72 20.60
C ASP EA 726 -50.21 -80.70 19.99
N VAL EA 727 -49.67 -81.58 19.14
CA VAL EA 727 -50.43 -82.63 18.48
C VAL EA 727 -49.76 -83.95 18.75
N LYS EA 728 -50.55 -84.94 19.18
CA LYS EA 728 -50.03 -86.26 19.52
C LYS EA 728 -50.50 -87.29 18.50
N TYR EA 729 -49.66 -88.29 18.26
CA TYR EA 729 -49.95 -89.39 17.36
C TYR EA 729 -49.69 -90.71 18.07
N PRO EA 730 -50.27 -91.81 17.59
CA PRO EA 730 -50.15 -93.09 18.32
C PRO EA 730 -48.70 -93.52 18.48
N SER EA 731 -48.45 -94.23 19.60
CA SER EA 731 -47.12 -94.69 19.94
C SER EA 731 -46.65 -95.74 18.93
N ALA EA 732 -45.37 -96.11 19.04
CA ALA EA 732 -44.77 -97.06 18.12
C ALA EA 732 -45.30 -98.48 18.29
N SER EA 733 -46.01 -98.76 19.38
CA SER EA 733 -46.55 -100.09 19.59
C SER EA 733 -47.71 -100.43 18.65
N GLU EA 734 -48.26 -99.43 17.95
CA GLU EA 734 -49.38 -99.66 17.04
C GLU EA 734 -48.97 -99.70 15.58
N LEU EA 735 -47.75 -99.30 15.24
CA LEU EA 735 -47.28 -99.47 13.87
C LEU EA 735 -47.04 -100.93 13.52
N THR EA 736 -46.97 -101.81 14.51
CA THR EA 736 -46.84 -103.24 14.29
C THR EA 736 -48.18 -103.96 14.28
N LYS EA 737 -49.28 -103.23 14.47
CA LYS EA 737 -50.60 -103.86 14.47
C LYS EA 737 -50.92 -104.42 13.10
N ILE EA 738 -51.28 -105.70 13.07
CA ILE EA 738 -51.43 -106.45 11.82
C ILE EA 738 -52.76 -106.14 11.13
N PRO EA 739 -53.91 -106.08 11.84
CA PRO EA 739 -55.18 -105.76 11.14
C PRO EA 739 -55.22 -104.38 10.51
N ALA EA 740 -54.12 -103.63 10.61
CA ALA EA 740 -54.01 -102.28 10.07
C ALA EA 740 -54.99 -101.35 10.77
N GLN EA 741 -55.15 -100.12 10.25
CA GLN EA 741 -56.01 -99.14 10.90
C GLN EA 741 -56.76 -98.35 9.84
N LYS EA 742 -58.09 -98.38 9.91
CA LYS EA 742 -58.90 -97.53 9.05
C LYS EA 742 -58.58 -96.05 9.24
N GLU EA 743 -58.55 -95.59 10.49
CA GLU EA 743 -58.51 -94.17 10.80
C GLU EA 743 -57.20 -93.84 11.51
N GLN EA 744 -56.55 -92.76 11.08
CA GLN EA 744 -55.38 -92.23 11.76
C GLN EA 744 -55.84 -91.21 12.79
N GLN EA 745 -55.71 -91.57 14.06
CA GLN EA 745 -56.26 -90.77 15.15
C GLN EA 745 -55.16 -89.94 15.79
N LEU EA 746 -55.37 -88.63 15.86
CA LEU EA 746 -54.45 -87.72 16.50
C LEU EA 746 -55.15 -87.04 17.68
N ILE EA 747 -54.34 -86.52 18.60
CA ILE EA 747 -54.85 -85.83 19.78
C ILE EA 747 -54.31 -84.41 19.75
N ALA EA 748 -55.21 -83.43 19.80
CA ALA EA 748 -54.85 -82.02 19.72
C ALA EA 748 -55.02 -81.40 21.10
N ILE EA 749 -53.93 -80.90 21.67
CA ILE EA 749 -53.96 -80.17 22.93
C ILE EA 749 -53.94 -78.68 22.61
N PRO EA 750 -55.06 -77.97 22.74
CA PRO EA 750 -55.08 -76.55 22.37
C PRO EA 750 -54.50 -75.67 23.47
N ASP EA 751 -54.05 -74.50 23.04
CA ASP EA 751 -53.61 -73.48 23.98
C ASP EA 751 -54.80 -73.01 24.81
N SER EA 752 -54.56 -72.80 26.11
CA SER EA 752 -55.64 -72.42 27.01
C SER EA 752 -56.26 -71.08 26.63
N ARG EA 753 -55.51 -70.22 25.94
CA ARG EA 753 -56.06 -68.94 25.52
C ARG EA 753 -57.19 -69.11 24.50
N TYR EA 754 -57.14 -70.18 23.70
CA TYR EA 754 -58.12 -70.43 22.65
C TYR EA 754 -59.14 -71.49 23.03
N LYS EA 755 -59.21 -71.87 24.31
CA LYS EA 755 -60.11 -72.92 24.73
C LYS EA 755 -61.57 -72.48 24.58
N ASP EA 756 -62.43 -73.46 24.33
CA ASP EA 756 -63.86 -73.23 24.19
C ASP EA 756 -64.63 -73.49 25.47
N ASN EA 757 -63.93 -73.82 26.56
CA ASN EA 757 -64.60 -74.11 27.82
C ASN EA 757 -64.04 -73.23 28.94
N ASP EA 758 -64.42 -73.53 30.18
CA ASP EA 758 -64.02 -72.69 31.31
C ASP EA 758 -62.73 -73.16 31.98
N ASP EA 759 -62.45 -74.45 31.98
CA ASP EA 759 -61.30 -74.99 32.69
C ASP EA 759 -60.03 -74.72 31.89
N ALA EA 760 -59.09 -74.00 32.50
CA ALA EA 760 -57.82 -73.70 31.83
C ALA EA 760 -56.90 -74.91 31.81
N LEU EA 761 -56.99 -75.78 32.83
CA LEU EA 761 -56.13 -76.96 32.88
C LEU EA 761 -56.56 -78.04 31.89
N ARG EA 762 -57.81 -78.04 31.46
CA ARG EA 762 -58.34 -79.04 30.54
C ARG EA 762 -59.01 -78.34 29.37
N PRO EA 763 -58.22 -77.72 28.48
CA PRO EA 763 -58.82 -77.00 27.35
C PRO EA 763 -59.51 -77.96 26.39
N ILE EA 764 -60.62 -77.48 25.82
CA ILE EA 764 -61.42 -78.24 24.88
C ILE EA 764 -61.76 -77.33 23.71
N LEU EA 765 -61.59 -77.83 22.49
CA LEU EA 765 -61.91 -77.08 21.29
C LEU EA 765 -63.31 -77.44 20.80
N ASN EA 766 -63.98 -76.46 20.21
CA ASN EA 766 -65.31 -76.69 19.65
C ASN EA 766 -65.21 -77.70 18.50
N PRO EA 767 -66.19 -78.60 18.37
CA PRO EA 767 -66.13 -79.57 17.27
C PRO EA 767 -66.10 -78.94 15.89
N ALA EA 768 -66.67 -77.74 15.74
CA ALA EA 768 -66.59 -77.04 14.46
C ALA EA 768 -65.14 -76.71 14.11
N ARG EA 769 -64.36 -76.29 15.11
CA ARG EA 769 -62.94 -75.99 14.86
C ARG EA 769 -62.19 -77.23 14.43
N LEU EA 770 -62.43 -78.36 15.10
CA LEU EA 770 -61.71 -79.59 14.76
C LEU EA 770 -62.05 -80.06 13.36
N ALA EA 771 -63.29 -79.86 12.93
CA ALA EA 771 -63.68 -80.26 11.58
C ALA EA 771 -62.92 -79.48 10.52
N GLU EA 772 -62.66 -78.19 10.79
CA GLU EA 772 -61.91 -77.38 9.83
C GLU EA 772 -60.48 -77.88 9.67
N MET EA 773 -59.84 -78.26 10.78
CA MET EA 773 -58.49 -78.80 10.68
C MET EA 773 -58.46 -80.11 9.91
N VAL EA 774 -59.45 -80.98 10.15
CA VAL EA 774 -59.52 -82.24 9.42
C VAL EA 774 -59.72 -81.99 7.94
N ASP EA 775 -60.61 -81.05 7.59
CA ASP EA 775 -60.84 -80.71 6.20
C ASP EA 775 -59.58 -80.15 5.56
N TRP EA 776 -58.89 -79.24 6.26
CA TRP EA 776 -57.69 -78.61 5.70
C TRP EA 776 -56.57 -79.63 5.51
N ILE EA 777 -56.37 -80.50 6.51
CA ILE EA 777 -55.25 -81.45 6.42
C ILE EA 777 -55.53 -82.54 5.39
N SER EA 778 -56.79 -82.92 5.20
CA SER EA 778 -57.12 -83.97 4.24
C SER EA 778 -56.86 -83.54 2.80
N GLN EA 779 -56.79 -82.24 2.54
CA GLN EA 779 -56.55 -81.74 1.19
C GLN EA 779 -55.13 -81.99 0.72
N LEU EA 780 -54.21 -82.34 1.62
CA LEU EA 780 -52.80 -82.56 1.28
C LEU EA 780 -52.37 -83.99 1.60
N SER EA 781 -53.31 -84.92 1.62
CA SER EA 781 -53.05 -86.31 1.95
C SER EA 781 -53.47 -87.21 0.80
N SER EA 782 -53.02 -88.46 0.88
CA SER EA 782 -53.46 -89.45 -0.10
C SER EA 782 -54.96 -89.70 0.06
N PRO EA 783 -55.68 -89.96 -1.03
CA PRO EA 783 -57.13 -90.18 -0.92
C PRO EA 783 -57.50 -91.40 -0.11
N TRP EA 784 -56.57 -92.34 0.11
CA TRP EA 784 -56.85 -93.56 0.85
C TRP EA 784 -56.53 -93.44 2.33
N THR EA 785 -56.56 -92.24 2.88
CA THR EA 785 -56.30 -92.01 4.30
C THR EA 785 -57.47 -91.25 4.91
N THR EA 786 -57.68 -91.46 6.21
CA THR EA 786 -58.72 -90.78 6.97
C THR EA 786 -58.12 -90.32 8.28
N LEU EA 787 -57.79 -89.03 8.36
CA LEU EA 787 -57.20 -88.46 9.57
C LEU EA 787 -58.31 -87.89 10.45
N LYS EA 788 -58.29 -88.26 11.73
CA LYS EA 788 -59.27 -87.77 12.69
C LYS EA 788 -58.53 -87.08 13.83
N ILE EA 789 -58.99 -85.89 14.19
CA ILE EA 789 -58.42 -85.10 15.28
C ILE EA 789 -59.48 -84.96 16.36
N ASN EA 790 -59.12 -85.31 17.59
CA ASN EA 790 -60.06 -85.39 18.68
C ASN EA 790 -59.50 -84.71 19.92
N ASN EA 791 -60.41 -84.27 20.79
CA ASN EA 791 -59.99 -83.66 22.05
C ASN EA 791 -59.35 -84.71 22.95
N PRO EA 792 -58.36 -84.31 23.75
CA PRO EA 792 -57.68 -85.28 24.62
C PRO EA 792 -58.58 -85.74 25.75
N THR EA 793 -58.25 -86.91 26.29
CA THR EA 793 -58.92 -87.47 27.45
C THR EA 793 -58.00 -87.27 28.66
N TYR EA 794 -58.31 -86.28 29.47
CA TYR EA 794 -57.45 -85.91 30.60
C TYR EA 794 -57.62 -86.92 31.73
N VAL EA 795 -56.49 -87.39 32.27
CA VAL EA 795 -56.48 -88.35 33.36
C VAL EA 795 -55.72 -87.73 34.53
N ASP EA 796 -56.35 -87.68 35.69
CA ASP EA 796 -55.70 -87.14 36.88
C ASP EA 796 -54.63 -88.09 37.39
N VAL EA 797 -53.52 -87.53 37.85
CA VAL EA 797 -52.42 -88.30 38.44
C VAL EA 797 -52.18 -87.71 39.82
N LEU EA 798 -52.68 -88.38 40.85
CA LEU EA 798 -52.51 -87.88 42.22
C LEU EA 798 -51.05 -87.97 42.63
N ILE EA 799 -50.52 -86.85 43.13
CA ILE EA 799 -49.13 -86.77 43.54
C ILE EA 799 -49.11 -86.33 45.00
N SER EA 800 -48.47 -87.14 45.86
CA SER EA 800 -48.34 -86.84 47.27
C SER EA 800 -46.89 -87.02 47.68
N TYR EA 801 -46.34 -86.03 48.37
CA TYR EA 801 -44.95 -86.06 48.80
C TYR EA 801 -44.85 -85.61 50.25
N GLN EA 802 -43.88 -86.19 50.97
CA GLN EA 802 -43.52 -85.74 52.30
C GLN EA 802 -42.25 -84.91 52.21
N LEU EA 803 -42.28 -83.73 52.82
CA LEU EA 803 -41.29 -82.69 52.52
C LEU EA 803 -40.67 -82.16 53.79
N VAL EA 804 -39.45 -81.64 53.63
CA VAL EA 804 -38.76 -80.86 54.65
C VAL EA 804 -38.42 -79.51 54.04
N PHE EA 805 -39.00 -78.45 54.58
CA PHE EA 805 -38.83 -77.13 54.02
C PHE EA 805 -37.63 -76.42 54.63
N VAL EA 806 -37.17 -75.37 53.95
CA VAL EA 806 -36.09 -74.55 54.48
C VAL EA 806 -36.56 -73.86 55.75
N THR EA 807 -35.68 -73.81 56.75
CA THR EA 807 -36.05 -73.29 58.06
C THR EA 807 -36.54 -71.84 57.95
N GLY EA 808 -37.64 -71.55 58.63
CA GLY EA 808 -38.23 -70.24 58.61
C GLY EA 808 -39.40 -70.05 57.66
N ILE EA 809 -39.73 -71.07 56.87
CA ILE EA 809 -40.80 -71.00 55.88
C ILE EA 809 -41.97 -71.82 56.37
N ASN EA 810 -43.16 -71.22 56.38
CA ASN EA 810 -44.36 -71.92 56.81
C ASN EA 810 -44.67 -73.05 55.84
N PRO EA 811 -44.93 -74.26 56.34
CA PRO EA 811 -45.14 -75.40 55.42
C PRO EA 811 -46.31 -75.22 54.47
N ASP EA 812 -47.41 -74.60 54.92
CA ASP EA 812 -48.55 -74.41 54.04
C ASP EA 812 -48.22 -73.46 52.89
N TYR EA 813 -47.50 -72.38 53.19
CA TYR EA 813 -47.08 -71.47 52.12
C TYR EA 813 -46.13 -72.15 51.14
N GLY EA 814 -45.19 -72.94 51.65
CA GLY EA 814 -44.26 -73.63 50.78
C GLY EA 814 -44.95 -74.66 49.90
N ARG EA 815 -45.93 -75.37 50.46
CA ARG EA 815 -46.67 -76.34 49.67
C ARG EA 815 -47.49 -75.66 48.58
N HIS EA 816 -48.08 -74.51 48.90
CA HIS EA 816 -48.87 -73.78 47.90
C HIS EA 816 -48.00 -73.32 46.74
N GLN EA 817 -46.81 -72.80 47.03
CA GLN EA 817 -45.93 -72.34 45.96
C GLN EA 817 -45.41 -73.50 45.13
N LEU EA 818 -45.18 -74.65 45.76
CA LEU EA 818 -44.70 -75.82 45.02
C LEU EA 818 -45.75 -76.31 44.03
N GLN EA 819 -47.02 -76.22 44.38
CA GLN EA 819 -48.08 -76.62 43.45
C GLN EA 819 -48.06 -75.75 42.21
N GLN EA 820 -47.89 -74.44 42.38
CA GLN EA 820 -47.86 -73.54 41.23
C GLN EA 820 -46.67 -73.82 40.32
N GLU EA 821 -45.51 -74.09 40.91
CA GLU EA 821 -44.32 -74.37 40.12
C GLU EA 821 -44.47 -75.65 39.32
N LEU EA 822 -45.00 -76.70 39.95
CA LEU EA 822 -45.15 -77.97 39.25
C LEU EA 822 -46.24 -77.91 38.19
N SER EA 823 -47.33 -77.18 38.47
CA SER EA 823 -48.37 -77.00 37.46
C SER EA 823 -47.83 -76.27 36.25
N ARG EA 824 -46.99 -75.26 36.46
CA ARG EA 824 -46.35 -74.57 35.35
C ARG EA 824 -45.45 -75.51 34.55
N LYS EA 825 -44.71 -76.37 35.26
CA LYS EA 825 -43.76 -77.24 34.58
C LYS EA 825 -44.46 -78.36 33.81
N TYR EA 826 -45.43 -79.01 34.43
CA TYR EA 826 -46.01 -80.23 33.86
C TYR EA 826 -47.35 -79.99 33.17
N MET EA 827 -47.85 -78.76 33.18
CA MET EA 827 -49.05 -78.38 32.41
C MET EA 827 -48.75 -77.08 31.67
N PRO EA 828 -47.84 -77.12 30.70
CA PRO EA 828 -47.40 -75.87 30.05
C PRO EA 828 -48.51 -75.13 29.33
N TRP EA 829 -49.51 -75.83 28.79
CA TRP EA 829 -50.57 -75.18 28.05
C TRP EA 829 -51.43 -74.27 28.91
N ALA EA 830 -51.41 -74.48 30.23
CA ALA EA 830 -52.27 -73.69 31.11
C ALA EA 830 -51.78 -72.26 31.25
N GLU EA 831 -50.47 -72.06 31.43
CA GLU EA 831 -49.90 -70.75 31.70
C GLU EA 831 -49.42 -70.14 30.39
N ASP EA 832 -50.38 -69.67 29.59
CA ASP EA 832 -50.17 -68.90 28.35
C ASP EA 832 -49.14 -69.54 27.42
N SER EA 833 -48.91 -70.84 27.55
CA SER EA 833 -48.11 -71.64 26.61
C SER EA 833 -46.83 -70.92 26.18
N ALA EA 834 -45.97 -70.67 27.16
CA ALA EA 834 -44.73 -69.95 26.92
C ALA EA 834 -43.48 -70.83 26.99
N ILE EA 835 -43.62 -72.07 27.46
CA ILE EA 835 -42.48 -72.96 27.62
C ILE EA 835 -42.76 -74.27 26.90
N GLY EA 836 -41.80 -74.72 26.08
CA GLY EA 836 -41.93 -75.99 25.40
C GLY EA 836 -41.60 -77.16 26.30
N VAL EA 837 -42.62 -77.92 26.68
CA VAL EA 837 -42.46 -79.05 27.60
C VAL EA 837 -43.13 -80.26 26.97
N THR EA 838 -42.74 -81.45 27.43
CA THR EA 838 -43.31 -82.70 26.92
C THR EA 838 -44.84 -82.64 26.91
N THR EA 839 -45.42 -83.27 25.89
CA THR EA 839 -46.85 -83.18 25.65
C THR EA 839 -47.64 -84.16 26.51
N GLY EA 840 -47.41 -84.14 27.82
CA GLY EA 840 -48.14 -84.99 28.74
C GLY EA 840 -48.06 -86.46 28.42
N ASN EA 841 -46.87 -86.95 28.07
CA ASN EA 841 -46.69 -88.35 27.69
C ASN EA 841 -46.33 -89.21 28.89
N ARG EA 842 -45.24 -88.88 29.58
CA ARG EA 842 -44.77 -89.67 30.70
C ARG EA 842 -44.39 -88.76 31.85
N ILE EA 843 -44.45 -89.31 33.06
CA ILE EA 843 -44.03 -88.63 34.28
C ILE EA 843 -42.99 -89.53 34.94
N ASP EA 844 -41.71 -89.24 34.73
CA ASP EA 844 -40.64 -90.04 35.29
C ASP EA 844 -40.45 -89.70 36.77
N TYR EA 845 -40.20 -90.73 37.57
CA TYR EA 845 -40.17 -90.56 39.02
C TYR EA 845 -39.01 -89.66 39.46
N TYR EA 846 -37.80 -89.96 39.01
CA TYR EA 846 -36.63 -89.28 39.53
C TYR EA 846 -36.42 -87.90 38.92
N PRO EA 847 -36.63 -87.70 37.61
CA PRO EA 847 -36.64 -86.31 37.11
C PRO EA 847 -37.65 -85.42 37.79
N LEU EA 848 -38.83 -85.97 38.13
CA LEU EA 848 -39.79 -85.22 38.92
C LEU EA 848 -39.26 -84.92 40.31
N LEU EA 849 -38.57 -85.89 40.92
CA LEU EA 849 -37.99 -85.67 42.24
C LEU EA 849 -36.93 -84.58 42.19
N ALA EA 850 -36.10 -84.56 41.13
CA ALA EA 850 -35.12 -83.50 40.98
C ALA EA 850 -35.78 -82.14 40.81
N THR EA 851 -36.90 -82.10 40.08
CA THR EA 851 -37.61 -80.84 39.87
C THR EA 851 -38.12 -80.26 41.19
N ILE EA 852 -38.64 -81.13 42.07
CA ILE EA 852 -39.19 -80.66 43.34
C ILE EA 852 -38.09 -80.08 44.20
N GLN EA 853 -36.93 -80.75 44.26
CA GLN EA 853 -35.85 -80.31 45.14
C GLN EA 853 -35.12 -79.08 44.63
N GLN EA 854 -35.37 -78.66 43.38
CA GLN EA 854 -34.74 -77.47 42.85
C GLN EA 854 -35.38 -76.18 43.35
N SER EA 855 -36.57 -76.26 43.94
CA SER EA 855 -37.21 -75.06 44.45
C SER EA 855 -36.41 -74.48 45.61
N PRO EA 856 -36.24 -73.16 45.67
CA PRO EA 856 -35.47 -72.57 46.78
C PRO EA 856 -36.08 -72.79 48.14
N LEU EA 857 -37.38 -73.08 48.21
CA LEU EA 857 -38.06 -73.30 49.48
C LEU EA 857 -37.97 -74.74 49.98
N VAL EA 858 -37.48 -75.65 49.15
CA VAL EA 858 -37.45 -77.08 49.47
C VAL EA 858 -36.04 -77.47 49.89
N GLU EA 859 -35.92 -78.13 51.03
CA GLU EA 859 -34.62 -78.59 51.53
C GLU EA 859 -34.34 -80.03 51.14
N ARG EA 860 -35.33 -80.92 51.27
CA ARG EA 860 -35.14 -82.34 51.01
C ARG EA 860 -36.49 -83.02 50.88
N VAL EA 861 -36.59 -83.95 49.94
CA VAL EA 861 -37.79 -84.75 49.74
C VAL EA 861 -37.58 -86.09 50.43
N THR EA 862 -38.45 -86.43 51.38
CA THR EA 862 -38.30 -87.67 52.13
C THR EA 862 -39.14 -88.80 51.58
N ASN EA 863 -40.22 -88.49 50.85
CA ASN EA 863 -41.10 -89.51 50.30
C ASN EA 863 -41.87 -88.91 49.14
N LEU EA 864 -42.04 -89.68 48.07
CA LEU EA 864 -42.77 -89.26 46.89
C LEU EA 864 -43.57 -90.43 46.35
N THR EA 865 -44.82 -90.17 45.97
CA THR EA 865 -45.71 -91.21 45.49
C THR EA 865 -46.60 -90.65 44.39
N LEU EA 866 -46.75 -91.41 43.31
CA LEU EA 866 -47.63 -91.06 42.20
C LEU EA 866 -48.67 -92.14 42.04
N LYS EA 867 -49.94 -91.73 41.90
CA LYS EA 867 -51.05 -92.66 41.77
C LYS EA 867 -51.96 -92.18 40.65
N LYS EA 868 -52.26 -93.06 39.70
CA LYS EA 868 -53.15 -92.71 38.61
C LYS EA 868 -54.60 -92.69 39.09
N SER EA 869 -55.50 -92.33 38.17
CA SER EA 869 -56.90 -92.16 38.54
C SER EA 869 -57.52 -93.46 39.04
N SER EA 870 -57.26 -94.57 38.35
CA SER EA 870 -57.85 -95.86 38.69
C SER EA 870 -56.86 -96.86 39.25
N GLN EA 871 -55.64 -96.90 38.72
CA GLN EA 871 -54.66 -97.90 39.15
C GLN EA 871 -54.18 -97.60 40.57
N THR EA 872 -53.59 -98.62 41.19
CA THR EA 872 -53.04 -98.48 42.53
C THR EA 872 -51.80 -97.60 42.51
N ALA EA 873 -51.45 -97.07 43.67
CA ALA EA 873 -50.27 -96.22 43.79
C ALA EA 873 -49.01 -97.02 43.51
N GLY EA 874 -48.11 -96.42 42.73
CA GLY EA 874 -46.88 -97.08 42.37
C GLY EA 874 -45.86 -97.08 43.50
N ALA EA 875 -44.82 -97.88 43.30
CA ALA EA 875 -43.74 -97.99 44.28
C ALA EA 875 -42.71 -96.90 44.02
N VAL EA 876 -41.57 -96.98 44.73
CA VAL EA 876 -40.52 -96.00 44.55
C VAL EA 876 -39.84 -96.20 43.20
N GLY EA 877 -39.74 -95.14 42.42
CA GLY EA 877 -39.10 -95.23 41.12
C GLY EA 877 -39.98 -95.73 40.00
N ASP EA 878 -41.29 -95.70 40.17
CA ASP EA 878 -42.22 -96.15 39.14
C ASP EA 878 -42.76 -94.94 38.39
N SER EA 879 -42.58 -94.94 37.07
CA SER EA 879 -43.09 -93.86 36.23
C SER EA 879 -44.56 -94.10 35.93
N VAL EA 880 -45.18 -93.13 35.24
CA VAL EA 880 -46.58 -93.20 34.87
C VAL EA 880 -46.69 -93.04 33.37
N GLU EA 881 -47.33 -94.00 32.71
CA GLU EA 881 -47.55 -93.96 31.28
C GLU EA 881 -48.96 -93.43 30.98
N ALA EA 882 -49.17 -93.07 29.72
CA ALA EA 882 -50.47 -92.60 29.26
C ALA EA 882 -50.81 -93.30 27.95
N ALA EA 883 -52.11 -93.54 27.75
CA ALA EA 883 -52.56 -94.12 26.50
C ALA EA 883 -52.40 -93.10 25.36
N ASP EA 884 -52.57 -93.58 24.13
CA ASP EA 884 -52.37 -92.73 22.97
C ASP EA 884 -53.39 -91.60 22.88
N ASN EA 885 -54.48 -91.67 23.65
CA ASN EA 885 -55.50 -90.64 23.66
C ASN EA 885 -55.61 -89.93 25.01
N GLU EA 886 -54.60 -90.08 25.87
CA GLU EA 886 -54.65 -89.55 27.22
C GLU EA 886 -53.59 -88.47 27.42
N VAL EA 887 -53.92 -87.51 28.27
CA VAL EA 887 -52.99 -86.48 28.71
C VAL EA 887 -53.01 -86.44 30.22
N LEU EA 888 -51.85 -86.63 30.85
CA LEU EA 888 -51.77 -86.68 32.31
C LEU EA 888 -51.81 -85.28 32.90
N ILE EA 889 -52.51 -85.15 34.02
CA ILE EA 889 -52.65 -83.88 34.71
C ILE EA 889 -52.41 -84.10 36.20
N LEU EA 890 -51.51 -83.31 36.78
CA LEU EA 890 -51.22 -83.42 38.20
C LEU EA 890 -52.36 -82.85 39.04
N VAL EA 891 -52.74 -83.58 40.08
CA VAL EA 891 -53.74 -83.13 41.03
C VAL EA 891 -53.21 -83.36 42.44
N TRP EA 892 -53.75 -82.59 43.38
CA TRP EA 892 -53.31 -82.67 44.77
C TRP EA 892 -54.46 -83.02 45.70
N ALA FA 4 4.84 -23.41 55.76
CA ALA FA 4 5.46 -23.22 54.45
C ALA FA 4 4.73 -24.01 53.38
N GLU FA 5 5.22 -23.93 52.14
CA GLU FA 5 4.60 -24.66 51.05
C GLU FA 5 4.93 -26.15 51.12
N LEU FA 6 6.10 -26.50 51.67
CA LEU FA 6 6.48 -27.90 51.78
C LEU FA 6 5.53 -28.66 52.71
N ASP FA 7 5.14 -28.03 53.82
CA ASP FA 7 4.24 -28.69 54.77
C ASP FA 7 2.88 -28.96 54.14
N ASN FA 8 2.38 -28.01 53.34
CA ASN FA 8 1.06 -28.17 52.74
C ASN FA 8 1.01 -29.37 51.81
N LYS FA 9 2.03 -29.54 50.97
CA LYS FA 9 2.05 -30.66 50.03
C LYS FA 9 2.51 -31.96 50.66
N LEU FA 10 3.08 -31.92 51.87
CA LEU FA 10 3.48 -33.14 52.57
C LEU FA 10 2.34 -33.72 53.40
N SER FA 11 1.61 -32.87 54.10
CA SER FA 11 0.49 -33.34 54.92
C SER FA 11 -0.67 -33.87 54.07
N ALA FA 12 -0.69 -33.56 52.78
CA ALA FA 12 -1.76 -34.04 51.91
C ALA FA 12 -1.58 -35.52 51.59
N ILE FA 13 -0.35 -36.02 51.61
CA ILE FA 13 -0.07 -37.41 51.26
C ILE FA 13 0.51 -38.21 52.42
N VAL FA 14 0.82 -37.57 53.55
CA VAL FA 14 1.39 -38.26 54.71
C VAL FA 14 0.49 -37.99 55.91
N PRO FA 15 -0.03 -39.01 56.57
CA PRO FA 15 -0.82 -38.78 57.80
C PRO FA 15 0.07 -38.45 58.98
N ASP FA 16 0.41 -37.17 59.14
CA ASP FA 16 1.35 -36.74 60.17
C ASP FA 16 0.88 -37.18 61.55
N THR FA 17 1.82 -37.70 62.34
CA THR FA 17 1.54 -38.29 63.64
C THR FA 17 2.21 -37.47 64.74
N VAL FA 18 1.86 -37.81 65.99
CA VAL FA 18 2.43 -37.14 67.14
C VAL FA 18 3.91 -37.53 67.30
N PHE FA 19 4.23 -38.81 67.12
CA PHE FA 19 5.59 -39.27 67.31
C PHE FA 19 6.52 -38.64 66.28
N LYS FA 20 7.69 -38.20 66.75
CA LYS FA 20 8.69 -37.57 65.92
C LYS FA 20 9.97 -38.38 65.99
N LEU FA 21 10.50 -38.77 64.82
CA LEU FA 21 11.75 -39.53 64.79
C LEU FA 21 12.90 -38.70 65.33
N ASP FA 22 12.96 -37.42 64.96
CA ASP FA 22 13.97 -36.49 65.46
C ASP FA 22 13.24 -35.26 65.99
N GLU FA 23 13.04 -35.21 67.30
CA GLU FA 23 12.26 -34.16 67.94
C GLU FA 23 13.12 -33.03 68.49
N ARG FA 24 14.43 -33.07 68.30
CA ARG FA 24 15.31 -32.04 68.83
C ARG FA 24 14.96 -30.68 68.21
N SER FA 25 14.82 -29.68 69.07
CA SER FA 25 14.45 -28.35 68.63
C SER FA 25 15.69 -27.50 68.40
N THR FA 26 15.48 -26.23 68.06
CA THR FA 26 16.60 -25.32 67.83
C THR FA 26 17.42 -25.10 69.10
N LEU FA 27 16.76 -25.11 70.26
CA LEU FA 27 17.49 -24.97 71.52
C LEU FA 27 18.44 -26.13 71.73
N ASP FA 28 17.99 -27.35 71.44
CA ASP FA 28 18.85 -28.52 71.59
C ASP FA 28 20.04 -28.46 70.65
N ILE FA 29 19.83 -28.00 69.42
CA ILE FA 29 20.93 -27.86 68.46
C ILE FA 29 21.93 -26.83 68.95
N LEU FA 30 21.45 -25.70 69.45
CA LEU FA 30 22.34 -24.66 69.95
C LEU FA 30 23.12 -25.14 71.17
N ASN FA 31 22.47 -25.91 72.05
CA ASN FA 31 23.17 -26.47 73.19
C ASN FA 31 24.27 -27.43 72.75
N TRP FA 32 24.00 -28.24 71.72
CA TRP FA 32 25.01 -29.13 71.18
C TRP FA 32 26.17 -28.35 70.60
N LEU FA 33 25.89 -27.25 69.90
CA LEU FA 33 26.96 -26.42 69.33
C LEU FA 33 27.81 -25.80 70.43
N LYS FA 34 27.18 -25.37 71.53
CA LYS FA 34 27.92 -24.79 72.64
C LYS FA 34 28.90 -25.80 73.23
N ALA FA 35 28.44 -27.04 73.43
CA ALA FA 35 29.32 -28.07 73.96
C ALA FA 35 30.36 -28.50 72.92
N TYR FA 36 29.96 -28.58 71.65
CA TYR FA 36 30.89 -29.01 70.61
C TYR FA 36 32.01 -28.01 70.41
N ALA FA 37 31.67 -26.72 70.34
CA ALA FA 37 32.68 -25.69 70.11
C ALA FA 37 33.58 -25.48 71.34
N GLU FA 38 33.18 -26.00 72.50
CA GLU FA 38 34.01 -25.87 73.69
C GLU FA 38 35.30 -26.68 73.59
N LYS FA 39 35.38 -27.61 72.65
CA LYS FA 39 36.55 -28.46 72.50
C LYS FA 39 37.51 -27.98 71.42
N ILE FA 40 37.11 -27.03 70.57
CA ILE FA 40 37.95 -26.55 69.49
C ILE FA 40 38.69 -25.31 69.98
N PRO FA 41 40.01 -25.34 70.06
CA PRO FA 41 40.74 -24.18 70.60
C PRO FA 41 40.91 -23.08 69.57
N PHE FA 42 40.69 -21.85 70.01
CA PHE FA 42 40.95 -20.68 69.17
C PHE FA 42 42.44 -20.34 69.19
N ASP FA 43 42.99 -20.17 70.38
CA ASP FA 43 44.44 -20.11 70.57
C ASP FA 43 44.76 -20.68 71.95
N GLN FA 44 45.99 -21.17 72.10
CA GLN FA 44 46.37 -21.85 73.33
C GLN FA 44 47.14 -20.96 74.30
N ASP FA 45 47.70 -19.85 73.84
CA ASP FA 45 48.33 -18.90 74.76
C ASP FA 45 47.31 -18.36 75.75
N LYS FA 46 46.12 -18.00 75.25
CA LYS FA 46 44.98 -17.71 76.10
C LYS FA 46 44.10 -18.96 76.20
N ASN FA 47 43.12 -18.91 77.10
CA ASN FA 47 42.17 -19.99 77.24
C ASN FA 47 40.89 -19.66 76.47
N GLN FA 48 41.06 -19.60 75.14
CA GLN FA 48 39.99 -19.21 74.23
C GLN FA 48 39.58 -20.40 73.38
N PHE FA 49 38.30 -20.70 73.36
CA PHE FA 49 37.74 -21.75 72.53
C PHE FA 49 36.59 -21.16 71.72
N TRP FA 50 36.22 -21.87 70.65
CA TRP FA 50 35.25 -21.35 69.71
C TRP FA 50 33.87 -21.17 70.32
N ASP FA 51 33.60 -21.76 71.48
CA ASP FA 51 32.30 -21.57 72.11
C ASP FA 51 32.07 -20.13 72.52
N SER FA 52 33.13 -19.39 72.83
CA SER FA 52 33.00 -17.98 73.14
C SER FA 52 32.89 -17.11 71.90
N PHE FA 53 33.07 -17.68 70.72
CA PHE FA 53 32.90 -16.96 69.46
C PHE FA 53 31.47 -17.02 68.96
N TYR FA 54 30.84 -18.19 69.04
CA TYR FA 54 29.45 -18.32 68.62
C TYR FA 54 28.50 -17.71 69.65
N PHE FA 55 28.88 -17.74 70.92
CA PHE FA 55 28.10 -17.14 72.00
C PHE FA 55 28.96 -16.03 72.61
N ILE FA 56 28.57 -14.79 72.36
CA ILE FA 56 29.41 -13.64 72.71
C ILE FA 56 29.25 -13.32 74.19
N GLN FA 57 30.37 -13.33 74.91
CA GLN FA 57 30.41 -12.96 76.32
C GLN FA 57 29.39 -13.75 77.15
N GLU FA 58 28.48 -13.04 77.81
CA GLU FA 58 27.48 -13.67 78.67
C GLU FA 58 26.21 -13.98 77.91
N ASN FA 59 26.34 -14.73 76.81
CA ASN FA 59 25.21 -15.16 76.02
C ASN FA 59 24.96 -16.65 76.26
N THR FA 60 23.70 -17.02 76.35
CA THR FA 60 23.29 -18.40 76.55
C THR FA 60 22.47 -18.89 75.36
N PRO FA 61 22.44 -20.21 75.13
CA PRO FA 61 21.61 -20.72 74.02
C PRO FA 61 20.14 -20.36 74.18
N GLU FA 62 19.66 -20.17 75.40
CA GLU FA 62 18.28 -19.74 75.60
C GLU FA 62 18.04 -18.36 74.99
N GLU FA 63 18.99 -17.44 75.19
CA GLU FA 63 18.82 -16.08 74.65
C GLU FA 63 18.86 -16.08 73.13
N LEU FA 64 19.81 -16.81 72.54
CA LEU FA 64 19.93 -16.86 71.08
C LEU FA 64 18.71 -17.52 70.46
N GLU FA 65 18.17 -18.55 71.13
CA GLU FA 65 16.98 -19.21 70.60
C GLU FA 65 15.79 -18.25 70.56
N ASP FA 66 15.67 -17.39 71.58
CA ASP FA 66 14.59 -16.41 71.59
C ASP FA 66 14.71 -15.44 70.42
N ILE FA 67 15.94 -14.98 70.14
CA ILE FA 67 16.15 -14.07 69.02
C ILE FA 67 15.83 -14.75 67.70
N TYR FA 68 16.23 -16.02 67.57
CA TYR FA 68 15.99 -16.75 66.32
C TYR FA 68 14.51 -16.89 66.03
N GLN FA 69 13.70 -17.10 67.07
CA GLN FA 69 12.27 -17.29 66.85
C GLN FA 69 11.60 -15.96 66.47
N HIS FA 70 12.05 -14.86 67.03
CA HIS FA 70 11.48 -13.53 66.78
C HIS FA 70 12.55 -12.67 66.11
N ALA FA 71 12.49 -12.59 64.78
CA ALA FA 71 13.50 -11.83 64.04
C ALA FA 71 13.37 -10.33 64.26
N ASN FA 72 12.21 -9.85 64.72
CA ASN FA 72 12.00 -8.41 64.82
C ASN FA 72 12.81 -7.79 65.96
N LYS FA 73 13.05 -8.52 67.04
CA LYS FA 73 13.70 -7.95 68.21
C LYS FA 73 15.21 -7.77 68.02
N ALA FA 74 15.72 -7.93 66.81
CA ALA FA 74 17.10 -7.56 66.50
C ALA FA 74 17.21 -6.40 65.53
N ASP FA 75 16.15 -6.14 64.76
CA ASP FA 75 16.07 -5.06 63.77
C ASP FA 75 17.37 -4.89 63.00
N GLY FA 76 17.86 -6.00 62.46
CA GLY FA 76 19.00 -5.95 61.55
C GLY FA 76 20.32 -5.59 62.18
N LEU FA 77 20.47 -5.77 63.49
CA LEU FA 77 21.72 -5.43 64.18
C LEU FA 77 22.36 -6.63 64.85
N LEU FA 78 21.90 -7.84 64.57
CA LEU FA 78 22.58 -9.03 65.07
C LEU FA 78 23.95 -9.16 64.42
N PRO FA 79 24.95 -9.62 65.17
CA PRO FA 79 26.28 -9.82 64.57
C PRO FA 79 26.22 -10.76 63.39
N PRO FA 80 26.96 -10.48 62.32
CA PRO FA 80 26.82 -11.27 61.08
C PRO FA 80 27.11 -12.75 61.24
N HIS FA 81 28.07 -13.11 62.08
CA HIS FA 81 28.44 -14.52 62.18
C HIS FA 81 27.34 -15.33 62.88
N GLN FA 82 26.61 -14.71 63.80
CA GLN FA 82 25.47 -15.39 64.39
C GLN FA 82 24.31 -15.48 63.41
N ALA FA 83 24.14 -14.47 62.56
CA ALA FA 83 23.16 -14.55 61.49
C ALA FA 83 23.52 -15.67 60.51
N PHE FA 84 24.81 -15.94 60.35
CA PHE FA 84 25.24 -17.09 59.55
C PHE FA 84 24.75 -18.39 60.15
N VAL FA 85 24.85 -18.51 61.48
CA VAL FA 85 24.39 -19.73 62.15
C VAL FA 85 22.88 -19.87 62.02
N PHE FA 86 22.15 -18.78 62.20
CA PHE FA 86 20.69 -18.84 62.08
C PHE FA 86 20.28 -19.21 60.67
N ALA FA 87 20.99 -18.71 59.67
CA ALA FA 87 20.68 -19.06 58.28
C ALA FA 87 20.89 -20.55 58.04
N PHE FA 88 21.97 -21.11 58.56
CA PHE FA 88 22.23 -22.53 58.38
C PHE FA 88 21.18 -23.38 59.06
N LEU FA 89 20.74 -22.99 60.27
CA LEU FA 89 19.71 -23.74 60.95
C LEU FA 89 18.41 -23.74 60.16
N LYS FA 90 18.12 -22.65 59.47
CA LYS FA 90 16.95 -22.60 58.60
C LYS FA 90 17.06 -23.59 57.45
N LEU FA 91 18.28 -23.77 56.92
CA LEU FA 91 18.50 -24.71 55.83
C LEU FA 91 18.21 -26.14 56.27
N LEU FA 92 18.63 -26.51 57.48
CA LEU FA 92 18.45 -27.88 57.94
C LEU FA 92 17.01 -28.20 58.32
N GLU FA 93 16.15 -27.19 58.44
CA GLU FA 93 14.76 -27.43 58.81
C GLU FA 93 14.05 -28.27 57.75
N THR FA 94 14.34 -28.03 56.47
CA THR FA 94 13.71 -28.79 55.41
C THR FA 94 14.08 -30.26 55.47
N SER FA 95 15.36 -30.56 55.73
CA SER FA 95 15.78 -31.96 55.84
C SER FA 95 15.13 -32.64 57.04
N ASN FA 96 15.03 -31.93 58.16
CA ASN FA 96 14.39 -32.50 59.35
C ASN FA 96 12.92 -32.79 59.09
N ARG FA 97 12.24 -31.89 58.37
CA ARG FA 97 10.83 -32.08 58.08
C ARG FA 97 10.60 -33.32 57.24
N LEU FA 98 11.45 -33.56 56.24
CA LEU FA 98 11.29 -34.72 55.38
C LEU FA 98 11.51 -36.02 56.14
N LEU FA 99 12.51 -36.04 57.02
CA LEU FA 99 12.81 -37.25 57.78
C LEU FA 99 11.66 -37.62 58.72
N ASN FA 100 11.03 -36.63 59.34
CA ASN FA 100 9.99 -36.87 60.32
C ASN FA 100 8.70 -37.42 59.70
N THR FA 101 8.64 -37.57 58.39
CA THR FA 101 7.50 -38.17 57.72
C THR FA 101 7.64 -39.67 57.53
N PHE FA 102 8.77 -40.25 57.94
CA PHE FA 102 9.06 -41.65 57.71
C PHE FA 102 8.29 -42.59 58.63
N PRO FA 103 8.15 -42.30 59.94
CA PRO FA 103 7.34 -43.19 60.78
C PRO FA 103 5.92 -43.39 60.28
N ALA FA 104 5.30 -42.35 59.74
CA ALA FA 104 3.96 -42.49 59.20
C ALA FA 104 3.96 -43.30 57.91
N ARG FA 105 4.99 -43.12 57.08
CA ARG FA 105 5.09 -43.89 55.85
C ARG FA 105 5.49 -45.32 56.11
N HIS FA 106 6.25 -45.55 57.19
CA HIS FA 106 6.63 -46.92 57.56
C HIS FA 106 5.41 -47.73 57.96
N ARG FA 107 4.51 -47.15 58.75
CA ARG FA 107 3.33 -47.87 59.19
C ARG FA 107 2.39 -48.17 58.03
N ASP FA 108 2.24 -47.22 57.11
CA ASP FA 108 1.38 -47.43 55.96
C ASP FA 108 1.89 -48.57 55.08
N LEU FA 109 3.21 -48.65 54.92
CA LEU FA 109 3.78 -49.73 54.12
C LEU FA 109 3.51 -51.09 54.75
N TYR FA 110 3.58 -51.18 56.08
CA TYR FA 110 3.37 -52.45 56.76
C TYR FA 110 1.91 -52.89 56.65
N TYR FA 111 0.97 -51.98 56.94
CA TYR FA 111 -0.44 -52.36 56.96
C TYR FA 111 -0.96 -52.62 55.55
N ARG FA 112 -0.66 -51.74 54.61
CA ARG FA 112 -1.31 -51.77 53.30
C ARG FA 112 -0.61 -52.67 52.30
N GLU FA 113 0.72 -52.73 52.34
CA GLU FA 113 1.45 -53.48 51.31
C GLU FA 113 1.75 -54.91 51.73
N LEU FA 114 2.28 -55.10 52.94
CA LEU FA 114 2.58 -56.46 53.41
C LEU FA 114 1.30 -57.18 53.81
N LEU FA 115 0.57 -56.65 54.78
CA LEU FA 115 -0.65 -57.29 55.25
C LEU FA 115 -1.80 -57.16 54.27
N GLY FA 116 -1.74 -56.21 53.35
CA GLY FA 116 -2.79 -56.06 52.35
C GLY FA 116 -4.14 -55.70 52.91
N LEU FA 117 -4.18 -54.81 53.89
CA LEU FA 117 -5.43 -54.36 54.50
C LEU FA 117 -5.82 -52.99 53.96
N SER FA 118 -7.12 -52.81 53.72
CA SER FA 118 -7.64 -51.56 53.19
C SER FA 118 -8.84 -51.12 54.00
N PRO FA 119 -9.09 -49.81 54.06
CA PRO FA 119 -10.27 -49.32 54.79
C PRO FA 119 -11.56 -49.81 54.18
N ARG FA 120 -12.57 -50.01 55.03
CA ARG FA 120 -13.87 -50.47 54.57
C ARG FA 120 -14.61 -49.35 53.85
N LYS FA 121 -15.50 -49.75 52.94
CA LYS FA 121 -16.27 -48.81 52.15
C LYS FA 121 -17.61 -48.51 52.82
N ALA FA 122 -18.28 -47.47 52.32
CA ALA FA 122 -19.55 -47.05 52.88
C ALA FA 122 -20.63 -48.09 52.58
N GLN FA 123 -21.63 -48.13 53.46
CA GLN FA 123 -22.74 -49.07 53.36
C GLN FA 123 -24.01 -48.32 52.98
N ALA FA 124 -24.71 -48.80 51.96
CA ALA FA 124 -25.94 -48.18 51.51
C ALA FA 124 -27.06 -48.47 52.50
N ASP FA 125 -27.84 -47.42 52.82
CA ASP FA 125 -28.94 -47.57 53.76
C ASP FA 125 -30.21 -47.96 53.03
N SER FA 126 -31.22 -48.35 53.81
CA SER FA 126 -32.51 -48.77 53.28
C SER FA 126 -33.62 -48.06 54.01
N VAL FA 127 -34.74 -47.86 53.32
CA VAL FA 127 -35.90 -47.17 53.87
C VAL FA 127 -37.17 -47.81 53.31
N ALA FA 128 -38.26 -47.67 54.06
CA ALA FA 128 -39.55 -48.20 53.68
C ALA FA 128 -40.46 -47.07 53.23
N LEU FA 129 -41.08 -47.25 52.07
CA LEU FA 129 -41.91 -46.22 51.45
C LEU FA 129 -43.33 -46.73 51.26
N GLY FA 130 -44.30 -45.89 51.60
CA GLY FA 130 -45.70 -46.17 51.33
C GLY FA 130 -46.16 -45.39 50.11
N ILE FA 131 -47.00 -46.02 49.31
CA ILE FA 131 -47.44 -45.46 48.03
C ILE FA 131 -48.94 -45.24 48.08
N THR FA 132 -49.37 -44.05 47.66
CA THR FA 132 -50.78 -43.73 47.48
C THR FA 132 -51.04 -43.50 46.00
N LEU FA 133 -52.01 -44.20 45.45
CA LEU FA 133 -52.34 -44.10 44.05
C LEU FA 133 -53.37 -43.00 43.81
N ASN FA 134 -53.32 -42.42 42.62
CA ASN FA 134 -54.33 -41.43 42.24
C ASN FA 134 -55.70 -42.11 42.09
N THR FA 135 -56.75 -41.32 42.24
CA THR FA 135 -58.10 -41.86 42.38
C THR FA 135 -58.59 -42.55 41.11
N ASP FA 136 -57.93 -42.35 39.97
CA ASP FA 136 -58.40 -42.91 38.71
C ASP FA 136 -57.75 -44.25 38.37
N ASN FA 137 -56.90 -44.80 39.25
CA ASN FA 137 -56.26 -46.08 39.01
C ASN FA 137 -56.73 -47.08 40.06
N ALA FA 138 -57.32 -48.18 39.61
CA ALA FA 138 -57.70 -49.25 40.53
C ALA FA 138 -56.48 -50.01 41.03
N GLU FA 139 -55.57 -50.36 40.12
CA GLU FA 139 -54.34 -51.06 40.46
C GLU FA 139 -53.21 -50.53 39.61
N TYR FA 140 -52.02 -50.44 40.21
CA TYR FA 140 -50.83 -50.04 39.48
C TYR FA 140 -49.67 -50.94 39.87
N LEU FA 141 -48.78 -51.18 38.91
CA LEU FA 141 -47.60 -51.99 39.13
C LEU FA 141 -46.37 -51.08 39.09
N ILE FA 142 -45.60 -51.08 40.17
CA ILE FA 142 -44.35 -50.32 40.25
C ILE FA 142 -43.21 -51.32 40.13
N PRO FA 143 -42.51 -51.37 39.00
CA PRO FA 143 -41.50 -52.41 38.79
C PRO FA 143 -40.26 -52.21 39.66
N LYS FA 144 -39.55 -53.31 39.86
CA LYS FA 144 -38.28 -53.27 40.57
C LYS FA 144 -37.29 -52.39 39.83
N GLY FA 145 -36.62 -51.52 40.57
CA GLY FA 145 -35.68 -50.59 39.99
C GLY FA 145 -36.18 -49.17 39.83
N THR FA 146 -37.40 -48.88 40.28
CA THR FA 146 -37.92 -47.52 40.22
C THR FA 146 -37.10 -46.60 41.11
N LEU FA 147 -36.85 -45.39 40.62
CA LEU FA 147 -36.01 -44.42 41.32
C LEU FA 147 -36.88 -43.42 42.07
N PHE FA 148 -36.50 -43.15 43.32
CA PHE FA 148 -37.21 -42.20 44.17
C PHE FA 148 -36.24 -41.12 44.64
N ASP FA 149 -36.76 -39.90 44.77
CA ASP FA 149 -35.93 -38.75 45.11
C ASP FA 149 -36.06 -38.41 46.59
N ALA FA 150 -34.91 -38.16 47.22
CA ALA FA 150 -34.86 -37.80 48.63
C ALA FA 150 -34.25 -36.41 48.86
N GLY FA 151 -34.11 -35.61 47.81
CA GLY FA 151 -33.52 -34.30 47.93
C GLY FA 151 -32.04 -34.29 47.68
N GLN FA 152 -31.28 -33.53 48.46
CA GLN FA 152 -29.84 -33.44 48.32
C GLN FA 152 -29.19 -33.44 49.70
N ASP FA 153 -27.91 -33.76 49.72
CA ASP FA 153 -27.14 -33.74 50.95
C ASP FA 153 -26.72 -32.31 51.28
N SER FA 154 -25.84 -32.15 52.28
CA SER FA 154 -25.40 -30.81 52.65
C SER FA 154 -24.62 -30.13 51.53
N VAL FA 155 -23.74 -30.88 50.87
CA VAL FA 155 -22.92 -30.30 49.80
C VAL FA 155 -23.69 -30.10 48.50
N GLY FA 156 -24.86 -30.72 48.36
CA GLY FA 156 -25.70 -30.52 47.19
C GLY FA 156 -25.84 -31.72 46.29
N ASN FA 157 -25.11 -32.80 46.54
CA ASN FA 157 -25.25 -33.99 45.72
C ASN FA 157 -26.62 -34.61 45.92
N PRO FA 158 -27.35 -34.93 44.85
CA PRO FA 158 -28.68 -35.50 45.02
C PRO FA 158 -28.65 -36.89 45.63
N LEU FA 159 -29.74 -37.22 46.33
CA LEU FA 159 -29.91 -38.53 46.95
C LEU FA 159 -31.03 -39.27 46.23
N GLN FA 160 -30.74 -40.49 45.77
CA GLN FA 160 -31.70 -41.30 45.06
C GLN FA 160 -31.72 -42.72 45.62
N TYR FA 161 -32.91 -43.32 45.62
CA TYR FA 161 -33.11 -44.68 46.11
C TYR FA 161 -33.76 -45.52 45.04
N THR FA 162 -33.45 -46.82 45.05
CA THR FA 162 -33.93 -47.76 44.06
C THR FA 162 -34.85 -48.78 44.73
N SER FA 163 -36.04 -48.96 44.16
CA SER FA 163 -36.96 -49.95 44.67
C SER FA 163 -36.39 -51.36 44.48
N GLU FA 164 -36.66 -52.22 45.45
CA GLU FA 164 -36.08 -53.56 45.47
C GLU FA 164 -37.03 -54.66 45.02
N THR FA 165 -38.34 -54.42 45.01
CA THR FA 165 -39.31 -55.45 44.67
C THR FA 165 -40.50 -54.82 43.98
N ASP FA 166 -41.07 -55.54 43.02
CA ASP FA 166 -42.29 -55.09 42.37
C ASP FA 166 -43.41 -54.93 43.39
N LEU FA 167 -44.18 -53.86 43.24
CA LEU FA 167 -45.31 -53.57 44.13
C LEU FA 167 -46.57 -53.43 43.30
N LEU FA 168 -47.62 -54.13 43.72
CA LEU FA 168 -48.93 -54.05 43.07
C LEU FA 168 -49.84 -53.25 44.01
N ALA FA 169 -49.80 -51.93 43.87
CA ALA FA 169 -50.52 -51.04 44.75
C ALA FA 169 -51.99 -50.97 44.38
N ASN FA 170 -52.81 -50.53 45.34
CA ASN FA 170 -54.23 -50.36 45.13
C ASN FA 170 -54.68 -49.12 45.90
N GLN FA 171 -56.00 -48.93 45.98
CA GLN FA 171 -56.57 -47.75 46.62
C GLN FA 171 -56.88 -47.96 48.10
N GLY FA 172 -56.53 -49.12 48.65
CA GLY FA 172 -56.88 -49.41 50.03
C GLY FA 172 -56.01 -48.67 51.03
N GLU FA 173 -56.38 -48.82 52.31
CA GLU FA 173 -55.63 -48.20 53.39
C GLU FA 173 -55.93 -48.95 54.68
N LEU FA 174 -54.89 -49.20 55.46
CA LEU FA 174 -55.07 -49.84 56.76
C LEU FA 174 -55.68 -48.83 57.73
N THR FA 175 -56.76 -49.22 58.40
CA THR FA 175 -57.53 -48.29 59.21
C THR FA 175 -57.75 -48.72 60.64
N ASP FA 176 -57.83 -50.03 60.92
CA ASP FA 176 -58.22 -50.51 62.24
C ASP FA 176 -57.24 -51.55 62.73
N LEU FA 177 -57.08 -51.60 64.06
CA LEU FA 177 -56.22 -52.58 64.71
C LEU FA 177 -56.76 -52.83 66.11
N ARG FA 178 -57.17 -54.06 66.38
CA ARG FA 178 -57.74 -54.43 67.68
C ARG FA 178 -57.19 -55.78 68.10
N TRP FA 179 -57.30 -56.07 69.39
CA TRP FA 179 -56.93 -57.37 69.92
C TRP FA 179 -57.62 -57.59 71.25
N TYR FA 180 -57.64 -58.85 71.68
CA TYR FA 180 -58.06 -59.20 73.03
C TYR FA 180 -57.04 -60.18 73.61
N ARG FA 181 -56.90 -60.17 74.93
CA ARG FA 181 -55.85 -60.93 75.60
C ARG FA 181 -56.43 -61.72 76.75
N LYS FA 182 -55.64 -62.69 77.22
CA LYS FA 182 -56.04 -63.56 78.32
C LYS FA 182 -55.77 -62.91 79.66
N ASP FA 183 -56.57 -63.29 80.65
CA ASP FA 183 -56.38 -62.83 82.03
C ASP FA 183 -56.91 -63.86 83.03
N SER FA 186 -60.29 -63.97 82.71
CA SER FA 186 -61.17 -63.78 81.56
C SER FA 186 -60.41 -63.21 80.37
N TRP FA 187 -61.06 -62.33 79.62
CA TRP FA 187 -60.46 -61.72 78.45
C TRP FA 187 -60.83 -60.24 78.40
N GLN FA 188 -59.86 -59.40 78.02
CA GLN FA 188 -60.06 -57.97 77.86
C GLN FA 188 -59.66 -57.57 76.44
N SER FA 189 -60.45 -56.69 75.84
CA SER FA 189 -60.23 -56.24 74.47
C SER FA 189 -59.95 -54.74 74.46
N THR FA 190 -59.27 -54.30 73.40
CA THR FA 190 -58.92 -52.90 73.25
C THR FA 190 -58.81 -52.57 71.76
N ILE FA 191 -58.90 -51.27 71.47
CA ILE FA 191 -58.82 -50.78 70.10
C ILE FA 191 -57.76 -49.68 70.03
N PRO FA 192 -56.48 -50.05 69.91
CA PRO FA 192 -55.43 -49.02 69.81
C PRO FA 192 -55.58 -48.09 68.62
N LEU FA 193 -56.09 -48.58 67.49
CA LEU FA 193 -56.15 -47.79 66.27
C LEU FA 193 -57.50 -48.00 65.59
N SER FA 194 -58.08 -46.90 65.08
CA SER FA 194 -59.31 -46.95 64.32
C SER FA 194 -59.45 -45.65 63.55
N LEU FA 195 -59.94 -45.75 62.31
CA LEU FA 195 -60.13 -44.57 61.47
C LEU FA 195 -61.58 -44.11 61.43
N SER FA 196 -62.54 -45.04 61.51
CA SER FA 196 -63.94 -44.63 61.65
C SER FA 196 -64.13 -43.82 62.93
N ASP FA 197 -63.55 -44.29 64.03
CA ASP FA 197 -63.39 -43.49 65.23
C ASP FA 197 -62.12 -42.65 65.09
N ASN FA 198 -61.93 -41.71 66.01
CA ASN FA 198 -60.77 -40.82 65.99
C ASN FA 198 -59.68 -41.28 66.95
N ILE FA 199 -59.51 -42.59 67.09
CA ILE FA 199 -58.49 -43.16 67.95
C ILE FA 199 -57.28 -43.50 67.08
N ALA FA 200 -56.14 -42.88 67.37
CA ALA FA 200 -54.94 -43.07 66.59
C ALA FA 200 -53.87 -43.76 67.42
N LEU FA 201 -52.95 -44.42 66.72
CA LEU FA 201 -51.86 -45.12 67.39
C LEU FA 201 -50.94 -44.12 68.09
N PRO FA 202 -50.51 -44.41 69.31
CA PRO FA 202 -49.55 -43.52 69.98
C PRO FA 202 -48.26 -43.41 69.20
N GLU FA 203 -47.64 -42.22 69.25
CA GLU FA 203 -46.43 -41.97 68.47
C GLU FA 203 -45.28 -42.86 68.92
N ASN FA 204 -45.30 -43.33 70.16
CA ASN FA 204 -44.26 -44.22 70.66
C ASN FA 204 -44.52 -45.68 70.28
N GLY FA 205 -45.68 -46.00 69.73
CA GLY FA 205 -46.05 -47.37 69.48
C GLY FA 205 -46.65 -48.02 70.72
N ILE FA 206 -47.05 -49.27 70.57
CA ILE FA 206 -47.69 -50.02 71.63
C ILE FA 206 -47.08 -51.41 71.69
N GLN FA 207 -46.74 -51.85 72.91
CA GLN FA 207 -46.30 -53.22 73.11
C GLN FA 207 -47.47 -54.16 72.85
N LEU FA 208 -47.21 -55.24 72.12
CA LEU FA 208 -48.27 -56.16 71.74
C LEU FA 208 -48.83 -56.86 72.98
N PHE FA 209 -50.17 -56.93 73.05
CA PHE FA 209 -50.87 -57.62 74.13
C PHE FA 209 -50.47 -57.07 75.50
N SER FA 210 -50.36 -55.74 75.60
CA SER FA 210 -50.03 -55.10 76.85
C SER FA 210 -51.25 -54.37 77.43
N PRO FA 211 -51.35 -54.29 78.75
CA PRO FA 211 -52.50 -53.60 79.35
C PRO FA 211 -52.54 -52.13 78.94
N THR FA 212 -53.74 -51.64 78.67
CA THR FA 212 -53.94 -50.23 78.31
C THR FA 212 -54.98 -49.58 79.23
N ALA FA 213 -55.36 -48.35 78.91
CA ALA FA 213 -56.31 -47.61 79.74
C ALA FA 213 -57.77 -47.95 79.44
N ASN FA 214 -58.05 -48.62 78.33
CA ASN FA 214 -59.41 -48.92 77.91
C ASN FA 214 -59.62 -50.42 77.74
N ASP FA 215 -59.11 -51.21 78.69
CA ASP FA 215 -59.25 -52.66 78.64
C ASP FA 215 -60.67 -53.03 79.03
N VAL FA 216 -61.52 -53.31 78.04
CA VAL FA 216 -62.91 -53.66 78.27
C VAL FA 216 -63.02 -55.18 78.38
N ALA FA 217 -63.65 -55.64 79.45
CA ALA FA 217 -63.85 -57.07 79.64
C ALA FA 217 -64.76 -57.62 78.56
N VAL FA 218 -64.48 -58.85 78.13
CA VAL FA 218 -65.24 -59.47 77.05
C VAL FA 218 -66.59 -59.93 77.60
N LEU FA 219 -67.67 -59.50 76.93
CA LEU FA 219 -69.02 -59.84 77.32
C LEU FA 219 -69.52 -61.01 76.47
N SER FA 220 -70.04 -62.04 77.14
CA SER FA 220 -70.64 -63.18 76.47
C SER FA 220 -72.13 -63.20 76.74
N GLY FA 221 -72.93 -63.21 75.68
CA GLY FA 221 -74.36 -63.17 75.82
C GLY FA 221 -75.09 -63.23 74.49
N TYR FA 222 -76.21 -62.52 74.37
CA TYR FA 222 -77.03 -62.56 73.17
C TYR FA 222 -77.54 -61.17 72.84
N LEU FA 223 -77.76 -60.94 71.55
CA LEU FA 223 -78.37 -59.71 71.05
C LEU FA 223 -79.76 -60.06 70.52
N ILE FA 224 -80.78 -59.43 71.08
CA ILE FA 224 -82.18 -59.76 70.79
C ILE FA 224 -82.77 -58.67 69.92
N LYS FA 225 -83.35 -59.07 68.79
CA LYS FA 225 -83.93 -58.16 67.81
C LYS FA 225 -85.42 -58.45 67.72
N SER FA 226 -86.24 -57.62 68.36
CA SER FA 226 -87.68 -57.81 68.38
C SER FA 226 -88.39 -56.49 68.13
N SER FA 227 -89.48 -56.55 67.35
CA SER FA 227 -90.23 -55.35 67.02
C SER FA 227 -91.16 -54.89 68.14
N LEU FA 228 -91.37 -55.72 69.15
CA LEU FA 228 -92.25 -55.36 70.26
C LEU FA 228 -91.58 -54.45 71.27
N PHE FA 229 -90.34 -54.06 71.04
CA PHE FA 229 -89.57 -53.23 71.96
C PHE FA 229 -89.77 -51.73 71.73
N SER FA 230 -90.88 -51.32 71.13
CA SER FA 230 -91.14 -49.90 70.89
C SER FA 230 -91.16 -49.13 72.22
N MET FA 231 -92.15 -49.42 73.07
CA MET FA 231 -92.21 -48.99 74.46
C MET FA 231 -91.94 -47.50 74.61
N PRO FA 232 -92.89 -46.64 74.22
CA PRO FA 232 -92.62 -45.19 74.22
C PRO FA 232 -92.32 -44.60 75.59
N GLU FA 233 -93.22 -44.79 76.56
CA GLU FA 233 -93.00 -44.21 77.89
C GLU FA 233 -93.80 -45.00 78.91
N GLY FA 234 -93.59 -44.65 80.18
CA GLY FA 234 -94.23 -45.33 81.29
C GLY FA 234 -93.27 -46.28 81.98
N GLU FA 235 -93.85 -47.12 82.85
CA GLU FA 235 -93.10 -48.17 83.52
C GLU FA 235 -93.13 -49.42 82.66
N ARG FA 236 -91.97 -49.83 82.17
CA ARG FA 236 -91.86 -50.91 81.20
C ARG FA 236 -91.14 -52.10 81.82
N HIS FA 237 -91.70 -53.29 81.60
CA HIS FA 237 -91.14 -54.53 82.13
C HIS FA 237 -90.97 -55.53 81.00
N ILE FA 238 -89.80 -56.15 80.92
CA ILE FA 238 -89.50 -57.17 79.92
C ILE FA 238 -89.06 -58.43 80.65
N THR FA 239 -89.65 -59.55 80.30
CA THR FA 239 -89.33 -60.85 80.89
C THR FA 239 -88.81 -61.77 79.81
N LEU FA 240 -87.66 -62.39 80.06
CA LEU FA 240 -87.00 -63.27 79.10
C LEU FA 240 -87.05 -64.70 79.63
N THR FA 241 -87.54 -65.62 78.81
CA THR FA 241 -87.62 -67.03 79.17
C THR FA 241 -86.49 -67.78 78.48
N LEU FA 242 -85.60 -68.36 79.29
CA LEU FA 242 -84.47 -69.12 78.77
C LEU FA 242 -84.83 -70.59 78.64
N GLU FA 243 -84.15 -71.26 77.71
CA GLU FA 243 -84.45 -72.67 77.43
C GLU FA 243 -84.02 -73.58 78.57
N ASN FA 244 -82.97 -73.21 79.30
CA ASN FA 244 -82.44 -74.03 80.37
C ASN FA 244 -82.39 -73.23 81.67
N ASP FA 245 -82.54 -73.95 82.78
CA ASP FA 245 -82.45 -73.32 84.10
C ASP FA 245 -81.03 -72.80 84.32
N TRP FA 246 -80.90 -71.50 84.55
CA TRP FA 246 -79.60 -70.85 84.71
C TRP FA 246 -79.42 -70.41 86.15
N GLU FA 247 -78.31 -70.83 86.75
CA GLU FA 247 -77.95 -70.44 88.11
C GLU FA 247 -76.75 -69.51 88.04
N GLY FA 248 -76.96 -68.25 88.42
CA GLY FA 248 -75.89 -67.28 88.35
C GLY FA 248 -76.25 -66.02 89.09
N GLN FA 249 -75.24 -65.16 89.27
CA GLN FA 249 -75.43 -63.93 90.01
C GLN FA 249 -76.22 -62.92 89.18
N ALA FA 250 -77.22 -62.29 89.81
CA ALA FA 250 -78.00 -61.28 89.12
C ALA FA 250 -77.18 -60.02 88.82
N GLU FA 251 -76.32 -59.62 89.77
CA GLU FA 251 -75.54 -58.41 89.59
C GLU FA 251 -74.48 -58.55 88.52
N HIS FA 252 -74.14 -59.78 88.12
CA HIS FA 252 -73.13 -59.99 87.08
C HIS FA 252 -73.66 -59.73 85.68
N LEU FA 253 -74.97 -59.64 85.51
CA LEU FA 253 -75.54 -59.40 84.19
C LEU FA 253 -75.36 -57.95 83.77
N THR FA 254 -75.54 -57.69 82.48
CA THR FA 254 -75.40 -56.35 81.91
C THR FA 254 -76.37 -56.25 80.74
N ALA FA 255 -77.52 -55.61 80.97
CA ALA FA 255 -78.56 -55.48 79.97
C ALA FA 255 -78.71 -54.02 79.58
N LYS FA 256 -78.61 -53.74 78.27
CA LYS FA 256 -78.79 -52.41 77.74
C LYS FA 256 -79.74 -52.45 76.55
N ILE FA 257 -80.51 -51.39 76.39
CA ILE FA 257 -81.50 -51.27 75.32
C ILE FA 257 -81.06 -50.16 74.38
N SER FA 258 -81.30 -50.36 73.09
CA SER FA 258 -80.93 -49.37 72.09
C SER FA 258 -82.02 -48.31 71.97
N THR FA 259 -81.64 -47.04 72.11
CA THR FA 259 -82.54 -45.91 71.93
C THR FA 259 -81.82 -44.89 71.07
N GLY FA 260 -82.08 -44.92 69.76
CA GLY FA 260 -81.39 -44.03 68.86
C GLY FA 260 -79.89 -44.28 68.84
N ASP FA 261 -79.13 -43.35 69.43
CA ASP FA 261 -77.68 -43.46 69.54
C ASP FA 261 -77.21 -43.62 70.97
N HIS FA 262 -78.06 -44.10 71.86
CA HIS FA 262 -77.73 -44.24 73.26
C HIS FA 262 -77.99 -45.67 73.73
N TRP FA 263 -77.17 -46.12 74.68
CA TRP FA 263 -77.35 -47.41 75.34
C TRP FA 263 -77.91 -47.14 76.73
N LEU FA 264 -79.21 -47.36 76.90
CA LEU FA 264 -79.87 -47.15 78.18
C LEU FA 264 -79.81 -48.42 79.02
N SER FA 265 -79.30 -48.29 80.24
CA SER FA 265 -79.19 -49.42 81.14
C SER FA 265 -80.56 -49.81 81.70
N LEU FA 266 -80.68 -51.07 82.10
CA LEU FA 266 -81.90 -51.60 82.69
C LEU FA 266 -81.59 -52.14 84.08
N SER FA 267 -82.50 -51.87 85.02
CA SER FA 267 -82.36 -52.37 86.38
C SER FA 267 -82.81 -53.82 86.43
N VAL FA 268 -81.85 -54.74 86.53
CA VAL FA 268 -82.17 -56.16 86.61
C VAL FA 268 -82.85 -56.45 87.94
N ASN FA 269 -83.79 -57.39 87.92
CA ASN FA 269 -84.51 -57.76 89.13
C ASN FA 269 -83.60 -58.62 90.00
N PRO FA 270 -83.26 -58.19 91.22
CA PRO FA 270 -82.29 -58.96 92.01
C PRO FA 270 -82.85 -60.24 92.62
N ASN FA 271 -84.18 -60.40 92.68
CA ASN FA 271 -84.74 -61.60 93.29
C ASN FA 271 -84.36 -62.85 92.50
N ARG FA 272 -84.41 -62.79 91.17
CA ARG FA 272 -84.03 -63.89 90.30
C ARG FA 272 -84.78 -65.17 90.64
N THR FA 273 -86.06 -65.03 90.96
CA THR FA 273 -86.89 -66.18 91.30
C THR FA 273 -87.17 -67.03 90.07
N ASN FA 274 -87.56 -68.29 90.34
CA ASN FA 274 -87.94 -69.28 89.32
C ASN FA 274 -86.73 -69.79 88.56
N LYS FA 275 -85.57 -69.14 88.75
CA LYS FA 275 -84.28 -69.62 88.26
C LYS FA 275 -84.23 -69.78 86.74
N ASN FA 276 -85.31 -69.39 86.05
CA ASN FA 276 -85.42 -69.64 84.62
C ASN FA 276 -85.84 -68.42 83.83
N THR FA 277 -85.97 -67.25 84.46
CA THR FA 277 -86.37 -66.04 83.76
C THR FA 277 -85.55 -64.86 84.27
N ILE FA 278 -85.40 -63.87 83.40
CA ILE FA 278 -84.72 -62.62 83.72
C ILE FA 278 -85.71 -61.49 83.53
N GLU FA 279 -85.82 -60.63 84.55
CA GLU FA 279 -86.77 -59.53 84.54
C GLU FA 279 -86.03 -58.21 84.44
N LEU FA 280 -86.42 -57.38 83.48
CA LEU FA 280 -85.82 -56.08 83.26
C LEU FA 280 -86.87 -55.00 83.38
N GLU FA 281 -86.52 -53.90 84.05
CA GLU FA 281 -87.46 -52.82 84.33
C GLU FA 281 -86.93 -51.50 83.76
N LEU FA 282 -87.86 -50.64 83.35
CA LEU FA 282 -87.55 -49.30 82.90
C LEU FA 282 -88.51 -48.32 83.56
N SER FA 283 -87.98 -47.22 84.06
CA SER FA 283 -88.79 -46.21 84.72
C SER FA 283 -89.40 -45.26 83.70
N SER FA 284 -90.43 -44.53 84.15
CA SER FA 284 -91.08 -43.55 83.29
C SER FA 284 -90.17 -42.37 82.98
N THR FA 285 -89.14 -42.13 83.79
CA THR FA 285 -88.20 -41.04 83.55
C THR FA 285 -87.24 -41.35 82.41
N ASP FA 286 -87.12 -42.62 82.01
CA ASP FA 286 -86.14 -43.01 81.01
C ASP FA 286 -86.57 -42.54 79.62
N ASP FA 287 -85.58 -42.42 78.74
CA ASP FA 287 -85.83 -41.96 77.38
C ASP FA 287 -86.66 -42.99 76.63
N PRO FA 288 -87.53 -42.57 75.71
CA PRO FA 288 -88.26 -43.53 74.88
C PRO FA 288 -87.31 -44.41 74.08
N ILE FA 289 -87.71 -45.67 73.90
CA ILE FA 289 -86.90 -46.64 73.18
C ILE FA 289 -87.15 -46.48 71.68
N SER FA 290 -86.08 -46.35 70.92
CA SER FA 290 -86.13 -46.15 69.47
C SER FA 290 -85.19 -47.13 68.80
N PRO FA 291 -85.44 -47.48 67.55
CA PRO FA 291 -84.52 -48.37 66.82
C PRO FA 291 -83.14 -47.77 66.73
N PRO FA 292 -82.09 -48.60 66.81
CA PRO FA 292 -80.73 -48.06 66.79
C PRO FA 292 -80.39 -47.42 65.46
N ASP FA 293 -79.54 -46.40 65.51
CA ASP FA 293 -79.10 -45.69 64.31
C ASP FA 293 -77.65 -45.26 64.55
N ASN FA 294 -76.71 -45.98 63.94
CA ASN FA 294 -75.27 -45.76 64.09
C ASN FA 294 -74.82 -45.92 65.54
N LEU FA 295 -75.55 -46.71 66.32
CA LEU FA 295 -75.17 -46.99 67.70
C LEU FA 295 -74.12 -48.09 67.70
N ASP FA 296 -72.87 -47.73 68.00
CA ASP FA 296 -71.71 -48.61 67.90
C ASP FA 296 -71.78 -49.51 66.66
N GLY FA 297 -72.07 -48.89 65.53
CA GLY FA 297 -72.03 -49.58 64.25
C GLY FA 297 -73.35 -50.14 63.76
N MET FA 298 -74.13 -50.76 64.64
CA MET FA 298 -75.35 -51.43 64.20
C MET FA 298 -76.41 -50.42 63.80
N THR FA 299 -77.17 -50.77 62.77
CA THR FA 299 -78.31 -49.97 62.30
C THR FA 299 -79.45 -50.93 62.01
N PHE FA 300 -80.52 -50.85 62.80
CA PHE FA 300 -81.65 -51.75 62.67
C PHE FA 300 -82.94 -50.96 62.62
N ASP FA 301 -83.92 -51.50 61.89
CA ASP FA 301 -85.22 -50.87 61.77
C ASP FA 301 -86.03 -50.94 63.05
N ILE FA 302 -85.66 -51.83 63.97
CA ILE FA 302 -86.39 -51.99 65.24
C ILE FA 302 -85.39 -52.11 66.38
N PRO FA 303 -85.82 -51.72 67.58
CA PRO FA 303 -84.89 -51.69 68.71
C PRO FA 303 -84.35 -53.07 69.05
N VAL FA 304 -83.12 -53.08 69.59
CA VAL FA 304 -82.44 -54.30 69.96
C VAL FA 304 -82.10 -54.28 71.44
N LEU FA 305 -81.95 -55.47 72.01
CA LEU FA 305 -81.62 -55.64 73.42
C LEU FA 305 -80.29 -56.39 73.50
N LYS FA 306 -79.33 -55.82 74.21
CA LYS FA 306 -78.03 -56.44 74.40
C LYS FA 306 -77.92 -56.93 75.85
N LEU FA 307 -77.71 -58.23 76.01
CA LEU FA 307 -77.62 -58.86 77.33
C LEU FA 307 -76.45 -59.83 77.35
N GLY FA 308 -75.67 -59.77 78.41
CA GLY FA 308 -74.52 -60.65 78.54
C GLY FA 308 -73.89 -60.51 79.90
N THR FA 309 -72.92 -61.37 80.16
CA THR FA 309 -72.21 -61.39 81.43
C THR FA 309 -70.76 -61.78 81.17
N THR FA 310 -70.03 -62.07 82.25
CA THR FA 310 -68.62 -62.41 82.14
C THR FA 310 -68.20 -63.25 83.34
N GLN FA 311 -67.04 -63.91 83.19
CA GLN FA 311 -66.41 -64.74 84.22
C GLN FA 311 -67.40 -65.57 85.03
N LYS FA 312 -68.37 -66.17 84.35
CA LYS FA 312 -69.40 -66.95 85.01
C LYS FA 312 -70.08 -67.84 83.97
N PRO FA 313 -70.84 -68.84 84.40
CA PRO FA 313 -71.52 -69.71 83.43
C PRO FA 313 -72.41 -68.92 82.48
N MET FA 314 -72.42 -69.35 81.22
CA MET FA 314 -73.07 -68.59 80.17
C MET FA 314 -74.60 -68.70 80.29
N LEU FA 315 -75.27 -67.70 79.73
CA LEU FA 315 -76.73 -67.71 79.67
C LEU FA 315 -77.21 -68.67 78.58
N PRO FA 316 -78.27 -69.44 78.85
CA PRO FA 316 -78.89 -70.21 77.78
C PRO FA 316 -79.58 -69.31 76.77
N LYS FA 317 -79.85 -69.87 75.60
CA LYS FA 317 -80.49 -69.10 74.54
C LYS FA 317 -81.87 -68.63 74.97
N ILE FA 318 -82.19 -67.37 74.64
CA ILE FA 318 -83.50 -66.82 74.96
C ILE FA 318 -84.55 -67.44 74.05
N THR FA 319 -85.64 -67.91 74.64
CA THR FA 319 -86.69 -68.59 73.90
C THR FA 319 -88.05 -67.90 73.95
N GLY FA 320 -88.30 -67.05 74.94
CA GLY FA 320 -89.57 -66.38 75.05
C GLY FA 320 -89.41 -65.00 75.64
N ILE FA 321 -90.25 -64.07 75.15
CA ILE FA 321 -90.25 -62.68 75.60
C ILE FA 321 -91.66 -62.30 76.01
N GLU FA 322 -91.79 -61.71 77.19
CA GLU FA 322 -93.06 -61.20 77.68
C GLU FA 322 -92.91 -59.71 77.96
N ILE FA 323 -93.95 -58.94 77.63
CA ILE FA 323 -93.87 -57.48 77.65
C ILE FA 323 -95.02 -56.96 78.49
N ASN FA 324 -94.72 -56.02 79.39
CA ASN FA 324 -95.70 -55.42 80.28
C ASN FA 324 -95.45 -53.93 80.42
N ILE FA 325 -96.48 -53.13 80.16
CA ILE FA 325 -96.42 -51.68 80.31
C ILE FA 325 -97.62 -51.22 81.11
N ASN FA 326 -97.39 -50.23 81.98
CA ASN FA 326 -98.48 -49.56 82.68
C ASN FA 326 -98.27 -48.05 82.55
N GLY FA 327 -99.36 -47.34 82.30
CA GLY FA 327 -99.28 -45.90 82.04
C GLY FA 327 -100.16 -45.49 80.88
N ASN FA 328 -100.96 -44.44 81.08
CA ASN FA 328 -101.94 -44.00 80.09
C ASN FA 328 -101.48 -42.77 79.32
N ARG FA 329 -100.22 -42.37 79.44
CA ARG FA 329 -99.75 -41.14 78.84
C ARG FA 329 -99.64 -41.22 77.31
N SER FA 330 -99.77 -42.41 76.73
CA SER FA 330 -99.72 -42.58 75.27
C SER FA 330 -100.90 -43.41 74.79
N VAL FA 331 -102.09 -43.11 75.29
CA VAL FA 331 -103.31 -43.81 74.89
C VAL FA 331 -104.28 -42.77 74.35
N ARG FA 332 -104.76 -43.00 73.13
CA ARG FA 332 -105.76 -42.13 72.53
C ARG FA 332 -107.14 -42.53 73.05
N TYR FA 333 -107.79 -41.63 73.78
CA TYR FA 333 -109.08 -41.90 74.40
C TYR FA 333 -110.09 -40.85 73.96
N ALA FA 334 -111.27 -41.30 73.54
CA ALA FA 334 -112.30 -40.39 73.07
C ALA FA 334 -113.66 -41.05 73.25
N SER FA 335 -114.63 -40.29 73.77
CA SER FA 335 -115.98 -40.76 73.92
C SER FA 335 -116.83 -40.27 72.75
N ASP FA 336 -118.15 -40.47 72.83
CA ASP FA 336 -119.04 -39.98 71.78
C ASP FA 336 -119.06 -38.46 71.72
N GLY FA 337 -118.94 -37.81 72.89
CA GLY FA 337 -118.94 -36.35 72.91
C GLY FA 337 -117.74 -35.75 72.21
N GLY FA 338 -116.57 -36.37 72.35
CA GLY FA 338 -115.38 -35.86 71.72
C GLY FA 338 -114.13 -36.56 72.22
N ILE FA 339 -113.02 -35.84 72.18
CA ILE FA 339 -111.73 -36.36 72.62
C ILE FA 339 -111.38 -35.71 73.95
N GLU FA 340 -111.11 -36.53 74.95
CA GLU FA 340 -110.73 -36.06 76.28
C GLU FA 340 -109.42 -36.72 76.69
N GLN FA 341 -108.65 -35.99 77.51
CA GLN FA 341 -107.40 -36.52 78.02
C GLN FA 341 -107.68 -37.50 79.16
N THR FA 342 -107.02 -38.66 79.11
CA THR FA 342 -107.21 -39.67 80.15
C THR FA 342 -106.61 -39.24 81.49
N ASP FA 343 -105.80 -38.19 81.51
CA ASP FA 343 -105.22 -37.68 82.75
C ASP FA 343 -106.00 -36.52 83.34
N THR FA 344 -107.15 -36.16 82.75
CA THR FA 344 -107.99 -35.08 83.23
C THR FA 344 -109.40 -35.60 83.48
N THR FA 345 -110.23 -34.74 84.05
CA THR FA 345 -111.61 -35.11 84.35
C THR FA 345 -112.39 -35.31 83.06
N SER FA 346 -113.23 -36.34 83.04
CA SER FA 346 -114.01 -36.65 81.85
C SER FA 346 -115.23 -37.47 82.26
N SER FA 347 -116.22 -37.50 81.37
CA SER FA 347 -117.40 -38.35 81.52
C SER FA 347 -117.36 -39.43 80.45
N PRO FA 348 -116.95 -40.66 80.79
CA PRO FA 348 -116.77 -41.69 79.75
C PRO FA 348 -118.02 -42.02 78.96
N PHE FA 349 -119.20 -41.96 79.60
CA PHE FA 349 -120.44 -42.37 78.96
C PHE FA 349 -121.37 -41.19 78.68
N GLY FA 350 -120.85 -39.96 78.72
CA GLY FA 350 -121.65 -38.79 78.46
C GLY FA 350 -122.48 -38.38 79.67
N GLN FA 351 -123.23 -37.30 79.48
CA GLN FA 351 -124.08 -36.74 80.53
C GLN FA 351 -125.46 -37.38 80.57
N SER FA 352 -125.80 -38.20 79.59
CA SER FA 352 -127.08 -38.93 79.57
C SER FA 352 -126.86 -40.28 78.92
N PRO FA 353 -126.18 -41.19 79.62
CA PRO FA 353 -125.84 -42.49 79.00
C PRO FA 353 -127.07 -43.34 78.75
N SER FA 354 -126.96 -44.20 77.74
CA SER FA 354 -127.97 -45.18 77.40
C SER FA 354 -127.27 -46.47 76.97
N LEU FA 355 -128.06 -47.50 76.68
CA LEU FA 355 -127.49 -48.76 76.22
C LEU FA 355 -126.75 -48.56 74.91
N GLY FA 356 -125.52 -49.06 74.83
CA GLY FA 356 -124.69 -48.90 73.67
C GLY FA 356 -123.78 -47.70 73.68
N SER FA 357 -123.96 -46.78 74.63
CA SER FA 357 -123.08 -45.62 74.73
C SER FA 357 -121.73 -46.04 75.31
N GLY FA 358 -120.68 -45.31 74.92
CA GLY FA 358 -119.35 -45.62 75.41
C GLY FA 358 -118.29 -44.78 74.76
N PHE FA 359 -117.07 -45.29 74.81
CA PHE FA 359 -115.88 -44.57 74.33
C PHE FA 359 -115.01 -45.54 73.53
N ASN FA 360 -113.95 -44.99 72.93
CA ASN FA 360 -113.03 -45.75 72.10
C ASN FA 360 -111.60 -45.46 72.53
N LEU FA 361 -110.74 -46.47 72.39
CA LEU FA 361 -109.33 -46.35 72.75
C LEU FA 361 -108.46 -47.00 71.68
N VAL FA 362 -107.22 -46.51 71.60
CA VAL FA 362 -106.21 -47.08 70.71
C VAL FA 362 -104.86 -46.65 71.21
N ALA FA 363 -103.83 -47.45 70.89
CA ALA FA 363 -102.46 -47.15 71.29
C ALA FA 363 -101.52 -47.79 70.28
N PRO FA 364 -100.43 -47.12 69.92
CA PRO FA 364 -99.49 -47.70 68.96
C PRO FA 364 -98.88 -49.02 69.41
N GLU FA 365 -98.71 -49.21 70.72
CA GLU FA 365 -98.11 -50.45 71.22
C GLU FA 365 -98.98 -51.66 70.91
N TRP FA 366 -100.30 -51.48 70.87
CA TRP FA 366 -101.18 -52.62 70.66
C TRP FA 366 -101.11 -53.14 69.23
N TYR FA 367 -100.82 -52.27 68.27
CA TYR FA 367 -100.75 -52.69 66.88
C TYR FA 367 -99.54 -53.60 66.66
N GLY FA 368 -99.74 -54.67 65.89
CA GLY FA 368 -98.70 -55.63 65.63
C GLY FA 368 -98.63 -56.77 66.63
N THR FA 369 -99.45 -56.75 67.68
CA THR FA 369 -99.45 -57.78 68.70
C THR FA 369 -100.55 -58.81 68.40
N GLU FA 370 -100.66 -59.80 69.27
CA GLU FA 370 -101.64 -60.87 69.09
C GLU FA 370 -101.90 -61.53 70.44
N ASN FA 371 -103.18 -61.79 70.72
CA ASN FA 371 -103.60 -62.42 71.97
C ASN FA 371 -103.09 -61.66 73.18
N ALA FA 372 -103.13 -60.33 73.10
CA ALA FA 372 -102.62 -59.48 74.16
C ALA FA 372 -103.67 -59.30 75.25
N THR FA 373 -103.26 -58.63 76.34
CA THR FA 373 -104.13 -58.36 77.47
C THR FA 373 -104.12 -56.88 77.77
N LEU FA 374 -105.31 -56.29 77.96
CA LEU FA 374 -105.46 -54.88 78.25
C LEU FA 374 -106.23 -54.73 79.56
N THR FA 375 -105.73 -53.86 80.43
CA THR FA 375 -106.32 -53.64 81.75
C THR FA 375 -106.57 -52.16 81.95
N MET FA 376 -107.76 -51.82 82.43
CA MET FA 376 -108.18 -50.43 82.64
C MET FA 376 -108.70 -50.28 84.06
N THR FA 377 -108.30 -49.20 84.72
CA THR FA 377 -108.77 -48.89 86.07
C THR FA 377 -109.24 -47.45 86.11
N PRO FA 378 -110.55 -47.19 86.16
CA PRO FA 378 -111.04 -45.81 86.21
C PRO FA 378 -111.18 -45.29 87.64
N GLN FA 379 -110.73 -44.06 87.84
CA GLN FA 379 -110.79 -43.41 89.14
C GLN FA 379 -112.13 -42.67 89.25
N TRP FA 380 -113.11 -43.33 89.86
CA TRP FA 380 -114.45 -42.75 89.96
C TRP FA 380 -114.47 -41.58 90.94
N VAL FA 381 -115.40 -40.66 90.70
CA VAL FA 381 -115.55 -39.47 91.53
C VAL FA 381 -117.04 -39.22 91.73
N GLY FA 382 -117.40 -38.79 92.94
CA GLY FA 382 -118.79 -38.52 93.26
C GLY FA 382 -119.69 -39.74 93.33
N LEU FA 383 -119.17 -40.85 93.86
CA LEU FA 383 -119.98 -42.03 94.05
C LEU FA 383 -120.87 -41.88 95.29
N PRO FA 384 -122.06 -42.46 95.27
CA PRO FA 384 -122.93 -42.40 96.46
C PRO FA 384 -122.30 -43.11 97.64
N THR FA 385 -122.58 -42.58 98.84
CA THR FA 385 -122.06 -43.17 100.06
C THR FA 385 -122.75 -44.48 100.44
N SER FA 386 -123.84 -44.82 99.76
CA SER FA 386 -124.58 -46.05 100.01
C SER FA 386 -124.67 -46.85 98.71
N SER FA 387 -125.28 -48.03 98.81
CA SER FA 387 -125.43 -48.90 97.65
C SER FA 387 -126.35 -48.26 96.62
N PHE FA 388 -126.11 -48.61 95.35
CA PHE FA 388 -126.97 -48.11 94.27
C PHE FA 388 -128.41 -48.56 94.45
N SER FA 389 -128.62 -49.73 95.04
CA SER FA 389 -129.98 -50.16 95.37
C SER FA 389 -130.64 -49.20 96.35
N THR FA 390 -129.89 -48.77 97.37
CA THR FA 390 -130.41 -47.77 98.30
C THR FA 390 -130.60 -46.42 97.62
N TRP FA 391 -129.64 -45.99 96.81
CA TRP FA 391 -129.74 -44.72 96.12
C TRP FA 391 -130.88 -44.74 95.11
N TYR FA 392 -130.99 -45.81 94.33
CA TYR FA 392 -132.08 -45.97 93.36
C TYR FA 392 -133.21 -46.80 93.96
N ASP FA 393 -133.72 -46.32 95.10
CA ASP FA 393 -134.70 -47.09 95.85
C ASP FA 393 -136.06 -47.10 95.16
N LYS FA 394 -136.51 -45.94 94.70
CA LYS FA 394 -137.86 -45.81 94.16
C LYS FA 394 -137.95 -46.11 92.66
N TYR FA 395 -136.83 -46.31 91.98
CA TYR FA 395 -136.87 -46.60 90.55
C TYR FA 395 -137.35 -48.02 90.31
N ASN FA 396 -138.14 -48.20 89.26
CA ASN FA 396 -138.73 -49.49 88.92
C ASN FA 396 -138.15 -49.98 87.60
N PRO FA 397 -137.46 -51.12 87.55
CA PRO FA 397 -137.15 -52.04 88.67
C PRO FA 397 -136.05 -51.49 89.57
N LYS FA 398 -135.99 -51.94 90.82
CA LYS FA 398 -134.96 -51.48 91.74
C LYS FA 398 -133.67 -52.25 91.51
N PRO FA 399 -132.54 -51.57 91.25
CA PRO FA 399 -131.28 -52.26 90.91
C PRO FA 399 -130.50 -52.77 92.12
N ALA FA 400 -130.91 -53.93 92.62
CA ALA FA 400 -130.20 -54.57 93.71
C ALA FA 400 -128.93 -55.25 93.20
N SER FA 401 -128.06 -55.63 94.14
CA SER FA 401 -126.84 -56.36 93.85
C SER FA 401 -125.94 -55.59 92.87
N ASN FA 402 -125.42 -54.48 93.38
CA ASN FA 402 -124.56 -53.58 92.62
C ASN FA 402 -123.58 -54.35 91.74
N GLY FA 403 -123.61 -54.06 90.44
CA GLY FA 403 -122.85 -54.81 89.47
C GLY FA 403 -123.68 -55.13 88.25
N VAL FA 404 -124.95 -54.72 88.28
CA VAL FA 404 -125.82 -54.91 87.13
C VAL FA 404 -125.40 -54.03 85.96
N PHE FA 405 -124.61 -52.98 86.22
CA PHE FA 405 -124.07 -52.15 85.16
C PHE FA 405 -122.90 -52.90 84.52
N LYS FA 406 -123.11 -53.38 83.30
CA LYS FA 406 -122.13 -54.21 82.62
C LYS FA 406 -121.64 -53.51 81.36
N VAL FA 407 -120.45 -53.89 80.92
CA VAL FA 407 -119.81 -53.29 79.76
C VAL FA 407 -119.40 -54.38 78.79
N GLN FA 408 -119.23 -54.01 77.52
CA GLN FA 408 -118.81 -54.91 76.47
C GLN FA 408 -117.67 -54.27 75.69
N GLY FA 409 -116.77 -55.11 75.18
CA GLY FA 409 -115.62 -54.65 74.42
C GLY FA 409 -115.74 -55.07 72.96
N TYR FA 410 -115.45 -54.12 72.06
CA TYR FA 410 -115.52 -54.37 70.63
C TYR FA 410 -114.25 -53.89 69.95
N LEU FA 411 -113.86 -54.63 68.91
CA LEU FA 411 -112.80 -54.21 67.99
C LEU FA 411 -113.47 -53.63 66.77
N VAL FA 412 -113.34 -52.32 66.56
CA VAL FA 412 -114.07 -51.60 65.53
C VAL FA 412 -113.13 -51.30 64.38
N THR FA 413 -113.50 -51.76 63.19
CA THR FA 413 -112.78 -51.45 61.96
C THR FA 413 -113.77 -50.88 60.95
N SER FA 414 -113.22 -50.36 59.84
CA SER FA 414 -114.07 -49.80 58.80
C SER FA 414 -114.98 -50.83 58.17
N GLN FA 415 -114.64 -52.11 58.26
CA GLN FA 415 -115.42 -53.15 57.62
C GLN FA 415 -116.53 -53.69 58.51
N LYS FA 416 -116.24 -53.97 59.78
CA LYS FA 416 -117.19 -54.61 60.67
C LYS FA 416 -116.74 -54.40 62.10
N ARG FA 417 -117.57 -54.86 63.04
CA ARG FA 417 -117.25 -54.84 64.46
C ARG FA 417 -117.15 -56.27 64.95
N ASP FA 418 -116.18 -56.53 65.84
CA ASP FA 418 -115.97 -57.85 66.41
C ASP FA 418 -116.11 -57.77 67.93
N VAL FA 419 -116.66 -58.85 68.50
CA VAL FA 419 -116.94 -58.90 69.93
C VAL FA 419 -115.75 -59.51 70.65
N LEU FA 420 -115.28 -58.83 71.69
CA LEU FA 420 -114.14 -59.27 72.48
C LEU FA 420 -114.60 -60.03 73.71
N ASN FA 421 -113.66 -60.77 74.30
CA ASN FA 421 -113.88 -61.51 75.55
C ASN FA 421 -115.03 -62.51 75.43
N ASP FA 422 -115.24 -63.03 74.23
CA ASP FA 422 -116.27 -64.04 73.98
C ASP FA 422 -117.66 -63.56 74.44
N ALA FA 423 -117.96 -62.30 74.14
CA ALA FA 423 -119.26 -61.68 74.37
C ALA FA 423 -119.62 -61.58 75.86
N LYS FA 424 -118.68 -61.81 76.75
CA LYS FA 424 -118.96 -61.69 78.18
C LYS FA 424 -119.03 -60.22 78.58
N SER FA 425 -119.67 -59.97 79.72
CA SER FA 425 -119.82 -58.63 80.25
C SER FA 425 -119.17 -58.54 81.63
N GLN FA 426 -118.61 -57.38 81.94
CA GLN FA 426 -117.92 -57.16 83.19
C GLN FA 426 -118.62 -56.08 84.01
N PRO FA 427 -118.69 -56.23 85.33
CA PRO FA 427 -119.36 -55.21 86.16
C PRO FA 427 -118.44 -54.03 86.43
N LEU FA 428 -118.99 -52.82 86.25
CA LEU FA 428 -118.22 -51.61 86.52
C LEU FA 428 -117.91 -51.49 88.01
N PHE FA 429 -118.87 -51.82 88.87
CA PHE FA 429 -118.72 -51.66 90.31
C PHE FA 429 -118.97 -52.97 91.02
N ASP FA 430 -118.49 -53.06 92.26
CA ASP FA 430 -118.66 -54.24 93.08
C ASP FA 430 -118.77 -53.83 94.54
N GLY FA 431 -119.28 -54.74 95.35
CA GLY FA 431 -119.44 -54.50 96.77
C GLY FA 431 -120.89 -54.32 97.16
N THR FA 432 -121.24 -54.78 98.36
CA THR FA 432 -122.61 -54.67 98.84
C THR FA 432 -122.89 -53.31 99.46
N GLY FA 433 -121.87 -52.61 99.97
CA GLY FA 433 -122.06 -51.28 100.49
C GLY FA 433 -122.00 -50.24 99.41
N ALA FA 434 -121.23 -49.18 99.63
CA ALA FA 434 -121.03 -48.19 98.59
C ALA FA 434 -120.31 -48.83 97.40
N PRO FA 435 -120.61 -48.41 96.17
CA PRO FA 435 -119.96 -49.02 95.00
C PRO FA 435 -118.45 -48.83 95.04
N GLN FA 436 -117.74 -49.87 94.61
CA GLN FA 436 -116.28 -49.86 94.55
C GLN FA 436 -115.85 -50.07 93.11
N GLY FA 437 -114.99 -49.17 92.61
CA GLY FA 437 -114.47 -49.32 91.27
C GLY FA 437 -113.57 -50.54 91.16
N GLN FA 438 -113.63 -51.20 90.00
CA GLN FA 438 -112.83 -52.39 89.75
C GLN FA 438 -112.28 -52.33 88.33
N SER FA 439 -111.18 -53.05 88.13
CA SER FA 439 -110.51 -53.03 86.84
C SER FA 439 -111.30 -53.84 85.80
N LEU FA 440 -110.98 -53.58 84.53
CA LEU FA 440 -111.62 -54.24 83.41
C LEU FA 440 -110.55 -54.83 82.51
N THR FA 441 -110.73 -56.08 82.10
CA THR FA 441 -109.73 -56.82 81.34
C THR FA 441 -110.32 -57.30 80.03
N PHE FA 442 -109.55 -57.16 78.96
CA PHE FA 442 -109.95 -57.60 77.63
C PHE FA 442 -108.79 -58.30 76.94
N ILE FA 443 -109.13 -59.19 76.00
CA ILE FA 443 -108.15 -59.92 75.21
C ILE FA 443 -108.33 -59.52 73.76
N LEU FA 444 -107.24 -59.10 73.10
CA LEU FA 444 -107.36 -58.60 71.75
C LEU FA 444 -106.92 -59.67 70.74
N PRO FA 445 -107.54 -59.67 69.55
CA PRO FA 445 -107.09 -60.59 68.50
C PRO FA 445 -105.84 -60.09 67.80
N ALA FA 446 -105.43 -60.78 66.74
CA ALA FA 446 -104.27 -60.35 65.96
C ALA FA 446 -104.54 -59.00 65.29
N MET FA 447 -103.88 -57.96 65.78
CA MET FA 447 -104.08 -56.59 65.28
C MET FA 447 -102.85 -56.20 64.47
N HIS FA 448 -102.89 -56.51 63.17
CA HIS FA 448 -101.81 -56.18 62.24
C HIS FA 448 -102.32 -55.07 61.31
N TYR FA 449 -102.17 -53.83 61.76
CA TYR FA 449 -102.63 -52.67 61.00
C TYR FA 449 -101.57 -51.59 61.00
N PRO FA 450 -101.53 -50.75 59.97
CA PRO FA 450 -100.53 -49.69 59.92
C PRO FA 450 -100.79 -48.61 60.97
N LEU FA 451 -99.73 -47.93 61.36
CA LEU FA 451 -99.79 -46.89 62.39
C LEU FA 451 -100.16 -45.55 61.76
N THR FA 452 -101.03 -44.81 62.43
CA THR FA 452 -101.43 -43.46 62.05
C THR FA 452 -101.04 -42.48 63.15
N ASP FA 453 -101.39 -41.21 62.96
CA ASP FA 453 -101.06 -40.17 63.91
C ASP FA 453 -102.28 -39.34 64.33
N SER FA 454 -103.47 -39.71 63.87
CA SER FA 454 -104.67 -38.95 64.23
C SER FA 454 -104.97 -39.11 65.72
N PRO FA 455 -105.17 -38.02 66.45
CA PRO FA 455 -105.47 -38.15 67.89
C PRO FA 455 -106.74 -38.93 68.18
N SER FA 456 -107.75 -38.82 67.33
CA SER FA 456 -109.00 -39.52 67.56
C SER FA 456 -108.84 -41.01 67.21
N PRO FA 457 -109.13 -41.91 68.15
CA PRO FA 457 -109.00 -43.35 67.84
C PRO FA 457 -109.94 -43.82 66.74
N ASN FA 458 -111.00 -43.07 66.43
CA ASN FA 458 -111.94 -43.49 65.40
C ASN FA 458 -111.27 -43.55 64.03
N GLU FA 459 -110.43 -42.56 63.72
CA GLU FA 459 -109.77 -42.52 62.41
C GLU FA 459 -108.78 -43.67 62.21
N TRP FA 460 -108.33 -44.30 63.30
CA TRP FA 460 -107.40 -45.41 63.17
C TRP FA 460 -108.09 -46.60 62.51
N PRO FA 461 -107.34 -47.44 61.79
CA PRO FA 461 -107.95 -48.60 61.15
C PRO FA 461 -108.64 -49.54 62.13
N ALA FA 462 -108.10 -49.69 63.33
CA ALA FA 462 -108.71 -50.53 64.36
C ALA FA 462 -108.70 -49.77 65.68
N SER FA 463 -109.74 -49.98 66.48
CA SER FA 463 -109.85 -49.32 67.78
C SER FA 463 -110.62 -50.24 68.73
N VAL FA 464 -110.46 -49.97 70.02
CA VAL FA 464 -111.11 -50.74 71.08
C VAL FA 464 -112.25 -49.88 71.61
N ARG FA 465 -113.47 -50.39 71.51
CA ARG FA 465 -114.67 -49.67 71.92
C ARG FA 465 -115.31 -50.38 73.11
N ILE FA 466 -115.64 -49.60 74.15
CA ILE FA 466 -116.31 -50.10 75.34
C ILE FA 466 -117.72 -49.50 75.36
N GLU FA 467 -118.71 -50.35 75.60
CA GLU FA 467 -120.10 -49.93 75.56
C GLU FA 467 -120.87 -50.49 76.76
N LEU FA 468 -121.87 -49.75 77.21
CA LEU FA 468 -122.77 -50.24 78.24
C LEU FA 468 -123.58 -51.41 77.70
N ALA FA 469 -123.84 -52.41 78.55
CA ALA FA 469 -124.39 -53.68 78.09
C ALA FA 469 -125.81 -53.94 78.61
N GLU FA 470 -126.03 -53.98 79.91
CA GLU FA 470 -127.28 -54.49 80.46
C GLU FA 470 -128.25 -53.41 80.89
N GLN FA 471 -127.85 -52.55 81.83
CA GLN FA 471 -128.78 -51.66 82.51
C GLN FA 471 -128.24 -50.24 82.53
N ASP FA 472 -129.10 -49.29 82.19
CA ASP FA 472 -128.77 -47.88 82.24
C ASP FA 472 -128.84 -47.36 83.67
N PHE FA 473 -128.26 -46.17 83.89
CA PHE FA 473 -128.31 -45.53 85.20
C PHE FA 473 -129.66 -44.88 85.47
N MET FA 474 -130.68 -45.19 84.67
CA MET FA 474 -132.04 -44.69 84.85
C MET FA 474 -132.08 -43.16 84.84
N HIS FA 475 -131.67 -42.60 83.70
CA HIS FA 475 -131.88 -41.19 83.42
C HIS FA 475 -133.22 -40.95 82.74
N ALA FA 476 -133.68 -41.91 81.92
CA ALA FA 476 -134.98 -41.80 81.30
C ALA FA 476 -136.10 -41.91 82.34
N GLN FA 477 -135.96 -42.83 83.29
CA GLN FA 477 -136.96 -42.97 84.34
C GLN FA 477 -137.05 -41.72 85.20
N TYR FA 478 -135.90 -41.14 85.53
CA TYR FA 478 -135.89 -39.93 86.35
C TYR FA 478 -136.57 -38.78 85.62
N TRP FA 479 -136.32 -38.63 84.32
CA TRP FA 479 -136.92 -37.54 83.58
C TRP FA 479 -138.42 -37.75 83.38
N GLN FA 480 -138.88 -39.01 83.36
CA GLN FA 480 -140.29 -39.28 83.18
C GLN FA 480 -141.10 -38.92 84.41
N ASN FA 481 -140.61 -39.29 85.60
CA ASN FA 481 -141.28 -39.02 86.87
C ASN FA 481 -140.28 -38.42 87.84
N PRO FA 482 -139.95 -37.14 87.69
CA PRO FA 482 -138.93 -36.50 88.53
C PRO FA 482 -139.46 -36.06 89.89
N THR FA 483 -139.86 -37.03 90.70
CA THR FA 483 -140.31 -36.75 92.06
C THR FA 483 -140.06 -37.98 92.93
N ASP FA 484 -139.74 -37.72 94.20
CA ASP FA 484 -139.46 -38.78 95.18
C ASP FA 484 -138.29 -39.65 94.74
N LYS FA 485 -137.37 -39.09 93.95
CA LYS FA 485 -136.19 -39.80 93.49
C LYS FA 485 -134.97 -38.92 93.64
N ASN FA 486 -133.83 -39.55 93.89
CA ASN FA 486 -132.56 -38.83 93.90
C ASN FA 486 -132.09 -38.59 92.47
N VAL FA 487 -131.16 -37.67 92.32
CA VAL FA 487 -130.58 -37.41 90.99
C VAL FA 487 -129.82 -38.65 90.53
N PRO FA 488 -130.06 -39.14 89.31
CA PRO FA 488 -129.36 -40.33 88.85
C PRO FA 488 -127.87 -40.08 88.72
N TYR FA 489 -127.08 -41.11 89.00
CA TYR FA 489 -125.63 -40.95 88.98
C TYR FA 489 -125.12 -40.85 87.56
N THR FA 490 -124.32 -39.82 87.29
CA THR FA 490 -123.68 -39.67 86.00
C THR FA 490 -122.22 -40.08 86.12
N PRO FA 491 -121.78 -41.11 85.41
CA PRO FA 491 -120.39 -41.58 85.55
C PRO FA 491 -119.40 -40.48 85.20
N GLN FA 492 -118.56 -40.13 86.18
CA GLN FA 492 -117.51 -39.13 86.00
C GLN FA 492 -116.18 -39.74 86.40
N ILE FA 493 -115.14 -39.43 85.62
CA ILE FA 493 -113.82 -40.02 85.81
C ILE FA 493 -112.79 -38.90 85.89
N SER FA 494 -111.96 -38.95 86.92
CA SER FA 494 -110.84 -38.01 87.06
C SER FA 494 -109.60 -38.50 86.32
N ALA FA 495 -109.34 -39.81 86.34
CA ALA FA 495 -108.20 -40.39 85.63
C ALA FA 495 -108.52 -41.85 85.32
N LEU FA 496 -107.82 -42.37 84.32
CA LEU FA 496 -108.02 -43.75 83.88
C LEU FA 496 -106.66 -44.40 83.71
N GLN FA 497 -106.33 -45.35 84.57
CA GLN FA 497 -105.06 -46.05 84.50
C GLN FA 497 -105.14 -47.18 83.48
N ILE FA 498 -104.09 -47.31 82.67
CA ILE FA 498 -104.04 -48.29 81.58
C ILE FA 498 -102.81 -49.15 81.77
N GLN FA 499 -102.99 -50.46 81.67
CA GLN FA 499 -101.90 -51.43 81.72
C GLN FA 499 -102.02 -52.38 80.54
N PHE FA 500 -100.89 -52.72 79.93
CA PHE FA 500 -100.86 -53.55 78.73
C PHE FA 500 -99.88 -54.69 78.92
N SER FA 501 -100.21 -55.85 78.38
CA SER FA 501 -99.36 -57.03 78.47
C SER FA 501 -99.51 -57.87 77.21
N THR FA 502 -98.41 -58.50 76.80
CA THR FA 502 -98.41 -59.35 75.62
C THR FA 502 -97.23 -60.32 75.71
N THR FA 503 -97.31 -61.37 74.90
CA THR FA 503 -96.26 -62.38 74.81
C THR FA 503 -95.79 -62.48 73.37
N ALA FA 504 -94.47 -62.56 73.20
CA ALA FA 504 -93.87 -62.56 71.86
C ALA FA 504 -94.00 -63.94 71.22
N LYS FA 505 -94.50 -63.96 69.99
CA LYS FA 505 -94.51 -65.17 69.20
C LYS FA 505 -93.09 -65.48 68.73
N PRO FA 506 -92.80 -66.76 68.41
CA PRO FA 506 -91.43 -67.11 68.00
C PRO FA 506 -90.95 -66.40 66.74
N GLU FA 507 -91.86 -65.89 65.91
CA GLU FA 507 -91.48 -65.21 64.68
C GLU FA 507 -91.32 -63.70 64.86
N GLN FA 508 -91.49 -63.19 66.07
CA GLN FA 508 -91.42 -61.75 66.32
C GLN FA 508 -90.08 -61.32 66.92
N PHE FA 509 -89.15 -62.24 67.14
CA PHE FA 509 -87.87 -61.87 67.73
C PHE FA 509 -86.78 -62.77 67.21
N THR FA 510 -85.55 -62.25 67.22
CA THR FA 510 -84.37 -62.97 66.77
C THR FA 510 -83.27 -62.84 67.80
N VAL FA 511 -82.43 -63.88 67.90
CA VAL FA 511 -81.37 -63.95 68.90
C VAL FA 511 -80.05 -64.19 68.17
N TYR FA 512 -79.02 -63.43 68.54
CA TYR FA 512 -77.70 -63.57 67.95
C TYR FA 512 -76.66 -63.80 69.06
N PRO FA 513 -75.80 -64.80 68.94
CA PRO FA 513 -74.72 -64.97 69.92
C PRO FA 513 -73.72 -63.83 69.83
N LEU FA 514 -73.07 -63.57 70.96
CA LEU FA 514 -72.16 -62.43 71.08
C LEU FA 514 -70.71 -62.86 70.91
N THR FA 515 -69.95 -62.03 70.20
CA THR FA 515 -68.52 -62.20 69.99
C THR FA 515 -67.82 -60.90 70.40
N PRO FA 516 -66.51 -60.95 70.67
CA PRO FA 516 -65.84 -59.79 71.28
C PRO FA 516 -65.97 -58.49 70.48
N PHE FA 517 -66.27 -58.55 69.18
CA PHE FA 517 -66.42 -57.32 68.41
C PHE FA 517 -67.62 -57.38 67.48
N GLY FA 518 -68.64 -58.17 67.82
CA GLY FA 518 -69.82 -58.26 66.99
C GLY FA 518 -70.72 -59.41 67.42
N TRP FA 519 -71.52 -59.89 66.48
CA TRP FA 519 -72.42 -61.00 66.74
C TRP FA 519 -72.41 -61.96 65.56
N ALA FA 520 -72.46 -63.26 65.87
CA ALA FA 520 -72.56 -64.27 64.82
C ALA FA 520 -74.00 -64.43 64.37
N ASN FA 521 -74.18 -65.21 63.31
CA ASN FA 521 -75.53 -65.44 62.79
C ASN FA 521 -76.31 -66.37 63.72
N THR FA 522 -77.62 -66.43 63.49
CA THR FA 522 -78.49 -67.27 64.29
C THR FA 522 -78.15 -68.74 64.10
N ASN FA 523 -78.35 -69.52 65.17
CA ASN FA 523 -78.10 -70.97 65.16
C ASN FA 523 -76.64 -71.29 64.82
N GLU FA 524 -75.72 -70.41 65.19
CA GLU FA 524 -74.30 -70.61 64.97
C GLU FA 524 -73.56 -70.48 66.30
N ASP FA 525 -72.69 -71.43 66.58
CA ASP FA 525 -71.88 -71.37 67.79
C ASP FA 525 -70.76 -70.35 67.61
N PRO FA 526 -70.63 -69.35 68.48
CA PRO FA 526 -69.57 -68.37 68.32
C PRO FA 526 -68.20 -69.02 68.48
N PRO FA 527 -67.17 -68.49 67.83
CA PRO FA 527 -65.83 -69.08 67.96
C PRO FA 527 -65.35 -69.04 69.40
N SER FA 528 -64.66 -70.10 69.80
CA SER FA 528 -64.16 -70.22 71.17
C SER FA 528 -62.83 -69.51 71.32
N PHE FA 529 -62.60 -68.96 72.51
CA PHE FA 529 -61.36 -68.27 72.82
C PHE FA 529 -60.38 -69.26 73.44
N THR FA 530 -59.29 -69.53 72.74
CA THR FA 530 -58.26 -70.44 73.23
C THR FA 530 -56.89 -69.77 73.19
N ASN FA 531 -56.72 -68.85 72.24
CA ASN FA 531 -55.47 -68.12 72.06
C ASN FA 531 -55.76 -66.64 71.91
N ASP FA 532 -54.74 -65.83 72.16
CA ASP FA 532 -54.85 -64.40 71.93
C ASP FA 532 -54.97 -64.11 70.44
N ALA FA 533 -55.77 -63.10 70.11
CA ALA FA 533 -56.06 -62.77 68.71
C ALA FA 533 -55.79 -61.31 68.46
N LEU FA 534 -55.28 -61.01 67.26
CA LEU FA 534 -55.01 -59.65 66.82
C LEU FA 534 -55.70 -59.44 65.48
N TYR FA 535 -56.36 -58.29 65.32
CA TYR FA 535 -57.18 -58.03 64.15
C TYR FA 535 -56.64 -56.85 63.35
N LEU FA 536 -56.83 -56.92 62.03
CA LEU FA 536 -56.44 -55.86 61.11
C LEU FA 536 -57.59 -55.59 60.16
N GLY FA 537 -57.83 -54.31 59.87
CA GLY FA 537 -58.94 -53.91 59.03
C GLY FA 537 -58.50 -53.02 57.88
N PHE FA 538 -59.06 -53.29 56.70
CA PHE FA 538 -58.74 -52.55 55.49
C PHE FA 538 -60.04 -52.14 54.82
N THR FA 539 -60.11 -50.88 54.38
CA THR FA 539 -61.37 -50.31 53.90
C THR FA 539 -61.54 -50.39 52.38
N ASN FA 540 -60.64 -49.75 51.64
CA ASN FA 540 -60.83 -49.52 50.22
C ASN FA 540 -60.17 -50.58 49.35
N VAL FA 541 -60.06 -51.82 49.83
CA VAL FA 541 -59.46 -52.89 49.07
C VAL FA 541 -60.57 -53.73 48.45
N LEU FA 542 -60.25 -54.47 47.40
CA LEU FA 542 -61.19 -55.37 46.76
C LEU FA 542 -60.64 -56.80 46.81
N PRO FA 543 -61.52 -57.79 46.87
CA PRO FA 543 -61.04 -59.18 46.85
C PRO FA 543 -60.28 -59.49 45.58
N GLY FA 544 -59.23 -60.28 45.71
CA GLY FA 544 -58.33 -60.57 44.61
C GLY FA 544 -57.15 -59.63 44.48
N GLN FA 545 -57.12 -58.56 45.27
CA GLN FA 545 -55.99 -57.64 45.28
C GLN FA 545 -54.93 -58.13 46.28
N THR FA 546 -53.78 -57.47 46.25
CA THR FA 546 -52.65 -57.85 47.09
C THR FA 546 -52.49 -56.86 48.24
N LEU FA 547 -52.43 -57.38 49.45
CA LEU FA 547 -52.20 -56.57 50.64
C LEU FA 547 -50.70 -56.57 50.94
N SER FA 548 -50.04 -55.43 50.77
CA SER FA 548 -48.62 -55.28 51.01
C SER FA 548 -48.41 -54.36 52.21
N LEU FA 549 -47.73 -54.88 53.23
CA LEU FA 549 -47.52 -54.13 54.46
C LEU FA 549 -46.05 -54.21 54.87
N TYR FA 550 -45.63 -53.22 55.65
CA TYR FA 550 -44.32 -53.21 56.28
C TYR FA 550 -44.50 -53.03 57.78
N TRP FA 551 -43.85 -53.87 58.57
CA TRP FA 551 -43.92 -53.82 60.02
C TRP FA 551 -42.62 -53.24 60.57
N GLN FA 552 -42.72 -52.34 61.53
CA GLN FA 552 -41.58 -51.86 62.29
C GLN FA 552 -41.73 -52.35 63.72
N LEU FA 553 -40.93 -53.34 64.10
CA LEU FA 553 -41.03 -53.98 65.39
C LEU FA 553 -39.66 -54.02 66.06
N GLU FA 554 -39.65 -54.42 67.32
CA GLU FA 554 -38.44 -54.78 68.05
C GLU FA 554 -38.75 -56.09 68.75
N GLY FA 555 -38.53 -57.20 68.04
CA GLY FA 555 -38.92 -58.49 68.55
C GLY FA 555 -37.90 -59.12 69.47
N PHE FA 556 -38.35 -60.12 70.22
CA PHE FA 556 -37.49 -60.84 71.14
C PHE FA 556 -37.64 -62.34 70.93
N LYS FA 557 -38.80 -62.77 70.43
CA LYS FA 557 -39.07 -64.17 70.18
C LYS FA 557 -39.93 -64.30 68.94
N ALA FA 558 -39.89 -65.49 68.34
CA ALA FA 558 -40.71 -65.81 67.17
C ALA FA 558 -42.01 -66.43 67.65
N LEU FA 559 -43.12 -65.72 67.44
CA LEU FA 559 -44.41 -66.18 67.91
C LEU FA 559 -44.94 -67.29 67.00
N ASN FA 560 -45.94 -68.00 67.50
CA ASN FA 560 -46.68 -69.00 66.74
C ASN FA 560 -47.97 -68.36 66.26
N LEU FA 561 -48.01 -68.00 64.97
CA LEU FA 561 -49.13 -67.26 64.41
C LEU FA 561 -49.89 -68.11 63.41
N SER FA 562 -51.22 -67.96 63.43
CA SER FA 562 -52.10 -68.55 62.42
C SER FA 562 -52.99 -67.44 61.90
N TRP FA 563 -53.03 -67.28 60.57
CA TRP FA 563 -53.72 -66.16 59.95
C TRP FA 563 -55.06 -66.60 59.39
N PHE FA 564 -56.08 -65.77 59.61
CA PHE FA 564 -57.43 -66.03 59.12
C PHE FA 564 -58.00 -64.77 58.50
N TYR FA 565 -58.96 -64.95 57.59
CA TYR FA 565 -59.66 -63.86 56.96
C TYR FA 565 -61.16 -64.09 57.07
N LEU FA 566 -61.91 -62.99 57.15
CA LEU FA 566 -63.36 -63.05 57.30
C LEU FA 566 -63.98 -63.27 55.93
N ASN FA 567 -64.69 -64.39 55.77
CA ASN FA 567 -65.32 -64.75 54.50
C ASN FA 567 -66.80 -64.41 54.54
N GLN FA 568 -67.47 -64.66 53.40
CA GLN FA 568 -68.89 -64.37 53.29
C GLN FA 568 -69.74 -65.27 54.18
N SER FA 569 -69.23 -66.43 54.56
CA SER FA 569 -69.95 -67.35 55.42
C SER FA 569 -69.85 -67.01 56.90
N ASN FA 570 -69.41 -65.78 57.23
CA ASN FA 570 -69.31 -65.32 58.62
C ASN FA 570 -68.41 -66.24 59.44
N THR FA 571 -67.29 -66.66 58.85
CA THR FA 571 -66.33 -67.51 59.55
C THR FA 571 -64.92 -67.00 59.33
N TRP FA 572 -63.93 -67.73 59.83
CA TRP FA 572 -62.52 -67.37 59.71
C TRP FA 572 -61.83 -68.40 58.84
N GLY FA 573 -61.74 -68.13 57.54
CA GLY FA 573 -61.04 -69.02 56.64
C GLY FA 573 -59.53 -68.90 56.81
N SER FA 574 -58.85 -70.04 56.68
CA SER FA 574 -57.41 -70.08 56.87
C SER FA 574 -56.70 -69.27 55.79
N LEU FA 575 -55.63 -68.58 56.18
CA LEU FA 575 -54.88 -67.72 55.27
C LEU FA 575 -53.39 -68.05 55.21
N ASP FA 576 -52.92 -69.04 55.97
CA ASP FA 576 -51.48 -69.30 56.07
C ASP FA 576 -50.87 -69.71 54.73
N GLN FA 577 -51.68 -70.20 53.80
CA GLN FA 577 -51.14 -70.64 52.52
C GLN FA 577 -50.78 -69.48 51.61
N LEU FA 578 -51.27 -68.27 51.91
CA LEU FA 578 -51.06 -67.12 51.04
C LEU FA 578 -50.22 -66.02 51.69
N VAL FA 579 -49.60 -66.29 52.84
CA VAL FA 579 -48.83 -65.29 53.58
C VAL FA 579 -47.37 -65.39 53.18
N ASP FA 580 -46.79 -64.26 52.78
CA ASP FA 580 -45.37 -64.15 52.50
C ASP FA 580 -44.76 -63.31 53.61
N ASP FA 581 -44.38 -63.95 54.71
CA ASP FA 581 -43.92 -63.27 55.91
C ASP FA 581 -42.40 -63.09 55.84
N GLN FA 582 -41.96 -61.84 55.80
CA GLN FA 582 -40.54 -61.52 55.89
C GLN FA 582 -40.14 -61.02 57.27
N THR FA 583 -41.07 -60.97 58.21
CA THR FA 583 -40.77 -60.56 59.58
C THR FA 583 -40.44 -61.73 60.47
N HIS FA 584 -40.44 -62.96 59.94
CA HIS FA 584 -40.13 -64.16 60.70
C HIS FA 584 -41.03 -64.29 61.93
N ASN FA 585 -42.34 -64.35 61.67
CA ASN FA 585 -43.35 -64.48 62.71
C ASN FA 585 -43.24 -63.34 63.73
N LEU FA 586 -43.20 -62.11 63.22
CA LEU FA 586 -43.13 -60.90 64.04
C LEU FA 586 -41.93 -60.93 64.98
N PHE FA 587 -40.76 -61.25 64.44
CA PHE FA 587 -39.52 -61.23 65.19
C PHE FA 587 -38.65 -60.02 64.87
N ASP FA 588 -38.75 -59.45 63.67
CA ASP FA 588 -37.98 -58.28 63.31
C ASP FA 588 -38.71 -57.55 62.18
N GLN FA 589 -38.32 -56.30 61.97
CA GLN FA 589 -39.00 -55.48 60.97
C GLN FA 589 -38.81 -56.05 59.57
N GLY FA 590 -39.85 -55.95 58.77
CA GLY FA 590 -39.78 -56.48 57.41
C GLY FA 590 -41.09 -56.25 56.69
N THR FA 591 -41.19 -56.85 55.50
CA THR FA 591 -42.38 -56.75 54.67
C THR FA 591 -43.33 -57.89 54.97
N TRP FA 592 -44.58 -57.73 54.49
CA TRP FA 592 -45.63 -58.70 54.78
C TRP FA 592 -46.68 -58.56 53.69
N ARG FA 593 -46.82 -59.59 52.86
CA ARG FA 593 -47.68 -59.53 51.67
C ARG FA 593 -48.62 -60.73 51.63
N THR FA 594 -49.85 -60.47 51.22
CA THR FA 594 -50.87 -61.51 51.09
C THR FA 594 -51.76 -61.18 49.89
N LEU FA 595 -52.44 -62.22 49.40
CA LEU FA 595 -53.47 -62.07 48.38
C LEU FA 595 -54.83 -62.23 49.03
N LEU FA 596 -55.70 -61.24 48.85
CA LEU FA 596 -57.02 -61.28 49.47
C LEU FA 596 -57.89 -62.30 48.75
N PRO FA 597 -58.44 -63.29 49.45
CA PRO FA 597 -59.26 -64.30 48.77
C PRO FA 597 -60.51 -63.70 48.16
N GLN FA 598 -60.99 -64.35 47.10
CA GLN FA 598 -62.14 -63.85 46.35
C GLN FA 598 -63.42 -63.80 47.18
N ASP FA 599 -63.50 -64.59 48.26
CA ASP FA 599 -64.72 -64.68 49.05
C ASP FA 599 -64.64 -63.85 50.33
N ALA FA 600 -63.70 -62.91 50.42
CA ALA FA 600 -63.63 -62.02 51.55
C ALA FA 600 -64.86 -61.13 51.60
N SER FA 601 -65.34 -60.85 52.81
CA SER FA 601 -66.57 -60.09 53.01
C SER FA 601 -66.32 -58.87 53.87
N ASN FA 602 -66.94 -57.74 53.49
CA ASN FA 602 -66.96 -56.54 54.30
C ASN FA 602 -68.34 -56.25 54.87
N GLN FA 603 -69.27 -57.21 54.78
CA GLN FA 603 -70.61 -57.07 55.31
C GLN FA 603 -70.91 -58.05 56.43
N ALA FA 604 -69.96 -58.88 56.83
CA ALA FA 604 -70.19 -59.86 57.88
C ALA FA 604 -70.39 -59.17 59.22
N THR FA 605 -71.18 -59.82 60.09
CA THR FA 605 -71.54 -59.25 61.38
C THR FA 605 -70.58 -59.65 62.50
N LEU FA 606 -69.57 -60.45 62.22
CA LEU FA 606 -68.60 -60.82 63.25
C LEU FA 606 -67.82 -59.61 63.74
N MET FA 607 -67.46 -58.71 62.83
CA MET FA 607 -66.71 -57.51 63.13
C MET FA 607 -67.38 -56.34 62.41
N PRO FA 608 -67.05 -55.10 62.80
CA PRO FA 608 -67.72 -53.95 62.19
C PRO FA 608 -67.61 -53.95 60.67
N THR FA 609 -68.73 -53.61 60.03
CA THR FA 609 -68.87 -53.72 58.59
C THR FA 609 -68.13 -52.59 57.88
N GLY FA 610 -68.00 -52.74 56.56
CA GLY FA 610 -67.35 -51.77 55.73
C GLY FA 610 -65.85 -51.95 55.57
N ARG FA 611 -65.25 -52.85 56.32
CA ARG FA 611 -63.81 -53.10 56.27
C ARG FA 611 -63.56 -54.59 56.24
N TYR FA 612 -62.68 -55.04 55.34
CA TYR FA 612 -62.23 -56.42 55.34
C TYR FA 612 -61.32 -56.65 56.54
N TRP FA 613 -61.38 -57.85 57.11
CA TRP FA 613 -60.73 -58.14 58.38
C TRP FA 613 -59.79 -59.33 58.24
N LEU FA 614 -58.60 -59.21 58.82
CA LEU FA 614 -57.67 -60.31 59.00
C LEU FA 614 -57.46 -60.55 60.49
N LYS FA 615 -57.34 -61.81 60.87
CA LYS FA 615 -57.21 -62.19 62.26
C LYS FA 615 -56.02 -63.12 62.43
N ALA FA 616 -55.16 -62.82 63.39
CA ALA FA 616 -53.98 -63.63 63.70
C ALA FA 616 -54.15 -64.23 65.08
N GLU FA 617 -54.03 -65.56 65.17
CA GLU FA 617 -54.12 -66.27 66.43
C GLU FA 617 -52.72 -66.63 66.91
N ILE FA 618 -52.39 -66.20 68.13
CA ILE FA 618 -51.06 -66.33 68.69
C ILE FA 618 -51.13 -67.20 69.94
N THR FA 619 -50.29 -68.24 69.98
CA THR FA 619 -50.17 -69.04 71.20
C THR FA 619 -49.69 -68.15 72.34
N HIS FA 620 -50.35 -68.26 73.49
CA HIS FA 620 -50.09 -67.35 74.59
C HIS FA 620 -48.67 -67.50 75.11
N GLN FA 621 -48.02 -66.36 75.33
CA GLN FA 621 -46.67 -66.32 75.91
C GLN FA 621 -46.78 -65.86 77.36
N ALA FA 622 -46.21 -66.65 78.26
CA ALA FA 622 -46.35 -66.36 79.69
C ALA FA 622 -45.70 -65.03 80.05
N GLU FA 623 -44.50 -64.76 79.53
CA GLU FA 623 -43.84 -63.48 79.77
C GLU FA 623 -44.45 -62.40 78.88
N SER FA 624 -44.95 -61.33 79.51
CA SER FA 624 -45.55 -60.24 78.76
C SER FA 624 -44.53 -59.39 78.04
N GLN FA 625 -43.25 -59.49 78.39
CA GLN FA 625 -42.21 -58.71 77.74
C GLN FA 625 -41.65 -59.37 76.49
N ASP FA 626 -42.03 -60.61 76.19
CA ASP FA 626 -41.56 -61.28 74.99
C ASP FA 626 -42.26 -60.79 73.73
N TYR FA 627 -43.44 -60.20 73.86
CA TYR FA 627 -44.18 -59.73 72.70
C TYR FA 627 -43.47 -58.54 72.06
N PRO FA 628 -43.56 -58.40 70.73
CA PRO FA 628 -42.88 -57.30 70.06
C PRO FA 628 -43.52 -55.96 70.36
N LYS FA 629 -42.74 -54.90 70.14
CA LYS FA 629 -43.18 -53.53 70.37
C LYS FA 629 -43.45 -52.89 69.00
N ILE FA 630 -44.69 -53.02 68.53
CA ILE FA 630 -45.07 -52.42 67.27
C ILE FA 630 -45.12 -50.91 67.40
N LYS FA 631 -44.54 -50.20 66.44
CA LYS FA 631 -44.55 -48.74 66.45
C LYS FA 631 -45.11 -48.17 65.16
N GLY FA 632 -45.68 -49.00 64.29
CA GLY FA 632 -46.29 -48.51 63.06
C GLY FA 632 -46.38 -49.55 61.97
N ILE FA 633 -47.46 -49.51 61.20
CA ILE FA 633 -47.67 -50.42 60.07
C ILE FA 633 -47.95 -49.57 58.84
N LEU FA 634 -47.27 -49.89 57.74
CA LEU FA 634 -47.34 -49.11 56.50
C LEU FA 634 -48.06 -49.93 55.43
N TYR FA 635 -49.04 -49.30 54.78
CA TYR FA 635 -49.78 -49.94 53.70
C TYR FA 635 -49.17 -49.58 52.35
N ASN FA 636 -49.33 -50.49 51.39
CA ASN FA 636 -48.77 -50.32 50.05
C ASN FA 636 -47.27 -50.06 50.11
N ALA FA 637 -46.59 -50.81 50.97
CA ALA FA 637 -45.22 -50.52 51.35
C ALA FA 637 -44.23 -51.22 50.41
N ALA FA 638 -43.09 -50.57 50.21
CA ALA FA 638 -41.99 -51.11 49.43
C ALA FA 638 -40.68 -50.68 50.08
N THR FA 639 -39.60 -51.37 49.73
CA THR FA 639 -38.28 -51.12 50.30
C THR FA 639 -37.36 -50.59 49.22
N ALA FA 640 -36.63 -49.51 49.54
CA ALA FA 640 -35.71 -48.88 48.61
C ALA FA 640 -34.33 -48.76 49.25
N THR FA 641 -33.31 -48.77 48.40
CA THR FA 641 -31.92 -48.73 48.84
C THR FA 641 -31.17 -47.63 48.12
N LEU FA 642 -30.25 -46.98 48.82
CA LEU FA 642 -29.48 -45.89 48.24
C LEU FA 642 -28.56 -46.39 47.14
N ILE FA 643 -28.31 -45.51 46.16
CA ILE FA 643 -27.39 -45.78 45.07
C ILE FA 643 -26.32 -44.71 45.04
N ASN FA 644 -25.18 -45.05 44.44
CA ASN FA 644 -24.02 -44.16 44.38
C ASN FA 644 -23.60 -43.70 45.77
N ALA FA 645 -23.44 -44.68 46.67
CA ALA FA 645 -23.11 -44.37 48.06
C ALA FA 645 -21.71 -43.76 48.19
N GLU FA 646 -20.80 -44.09 47.28
CA GLU FA 646 -19.44 -43.59 47.36
C GLU FA 646 -19.34 -42.09 47.06
N LEU FA 647 -20.40 -41.48 46.54
CA LEU FA 647 -20.41 -40.06 46.24
C LEU FA 647 -21.17 -39.24 47.27
N VAL FA 648 -21.50 -39.81 48.42
CA VAL FA 648 -22.31 -39.16 49.42
C VAL FA 648 -21.42 -38.79 50.61
N GLU FA 649 -21.76 -37.68 51.26
CA GLU FA 649 -21.04 -37.24 52.44
C GLU FA 649 -21.26 -38.20 53.60
N THR FA 650 -20.31 -38.20 54.53
CA THR FA 650 -20.32 -39.18 55.62
C THR FA 650 -21.44 -38.92 56.61
N ASP FA 651 -21.77 -37.66 56.88
CA ASP FA 651 -22.76 -37.35 57.91
C ASP FA 651 -24.14 -37.89 57.55
N HIS FA 652 -24.40 -38.12 56.25
CA HIS FA 652 -25.66 -38.73 55.86
C HIS FA 652 -25.80 -40.14 56.43
N PHE FA 653 -24.70 -40.91 56.41
CA PHE FA 653 -24.73 -42.25 56.97
C PHE FA 653 -24.75 -42.23 58.49
N ILE FA 654 -24.12 -41.23 59.10
CA ILE FA 654 -24.02 -41.18 60.56
C ILE FA 654 -25.39 -40.93 61.18
N ASN FA 655 -26.11 -39.94 60.66
CA ASN FA 655 -27.40 -39.57 61.23
C ASN FA 655 -28.56 -40.35 60.61
N GLY FA 656 -28.46 -40.74 59.36
CA GLY FA 656 -29.54 -41.38 58.66
C GLY FA 656 -30.48 -40.38 58.00
N LEU FA 657 -31.29 -40.89 57.09
CA LEU FA 657 -32.21 -40.02 56.36
C LEU FA 657 -33.38 -39.63 57.26
N PRO FA 658 -33.64 -38.33 57.43
CA PRO FA 658 -34.76 -37.91 58.28
C PRO FA 658 -36.09 -38.33 57.68
N ALA FA 659 -37.09 -38.44 58.56
CA ALA FA 659 -38.42 -38.88 58.15
C ALA FA 659 -39.06 -37.86 57.21
N ASP FA 660 -39.96 -38.36 56.36
CA ASP FA 660 -40.68 -37.55 55.37
C ASP FA 660 -39.72 -36.80 54.45
N SER FA 661 -38.73 -37.52 53.91
CA SER FA 661 -37.80 -36.94 52.95
C SER FA 661 -38.21 -37.26 51.51
N ILE FA 662 -38.54 -38.52 51.24
CA ILE FA 662 -39.02 -38.90 49.92
C ILE FA 662 -40.51 -38.59 49.82
N THR FA 663 -40.89 -37.84 48.78
CA THR FA 663 -42.29 -37.49 48.58
C THR FA 663 -42.74 -37.88 47.17
N GLN FA 664 -41.86 -37.72 46.19
CA GLN FA 664 -42.17 -38.02 44.80
C GLN FA 664 -41.01 -38.80 44.19
N PRO FA 665 -41.29 -39.63 43.18
CA PRO FA 665 -40.21 -40.35 42.49
C PRO FA 665 -39.35 -39.41 41.66
N VAL FA 666 -38.18 -39.91 41.29
CA VAL FA 666 -37.27 -39.13 40.46
C VAL FA 666 -37.91 -38.84 39.10
N ASN FA 667 -38.50 -39.85 38.50
CA ASN FA 667 -39.21 -39.71 37.23
C ASN FA 667 -40.69 -39.51 37.52
N ALA FA 668 -41.28 -38.51 36.86
CA ALA FA 668 -42.68 -38.19 37.11
C ALA FA 668 -43.59 -39.31 36.59
N LEU FA 669 -44.48 -39.77 37.46
CA LEU FA 669 -45.48 -40.78 37.11
C LEU FA 669 -46.85 -40.25 37.51
N VAL FA 670 -47.77 -40.22 36.54
CA VAL FA 670 -49.07 -39.62 36.77
C VAL FA 670 -49.88 -40.41 37.79
N ALA FA 671 -49.81 -41.74 37.73
CA ALA FA 671 -50.64 -42.59 38.57
C ALA FA 671 -50.24 -42.55 40.05
N ILE FA 672 -49.11 -41.95 40.39
CA ILE FA 672 -48.57 -41.99 41.75
C ILE FA 672 -48.87 -40.66 42.42
N ASP FA 673 -49.52 -40.72 43.58
CA ASP FA 673 -49.74 -39.57 44.43
C ASP FA 673 -48.60 -39.47 45.44
N SER FA 674 -48.77 -38.69 46.51
CA SER FA 674 -47.72 -38.50 47.50
C SER FA 674 -47.24 -39.83 48.05
N ILE FA 675 -45.98 -39.85 48.50
CA ILE FA 675 -45.33 -41.03 49.05
C ILE FA 675 -45.07 -40.79 50.52
N ASN FA 676 -45.46 -41.74 51.36
CA ASN FA 676 -45.35 -41.62 52.80
C ASN FA 676 -44.12 -42.37 53.30
N GLN FA 677 -43.25 -41.65 54.03
CA GLN FA 677 -42.04 -42.22 54.61
C GLN FA 677 -42.04 -41.88 56.10
N PRO FA 678 -42.80 -42.62 56.90
CA PRO FA 678 -42.97 -42.25 58.31
C PRO FA 678 -41.69 -42.25 59.13
N TRP FA 679 -40.73 -43.12 58.79
CA TRP FA 679 -39.60 -43.37 59.67
C TRP FA 679 -38.29 -43.10 58.95
N VAL FA 680 -37.20 -43.16 59.72
CA VAL FA 680 -35.86 -42.87 59.23
C VAL FA 680 -35.27 -44.10 58.56
N SER FA 681 -34.16 -43.92 57.84
CA SER FA 681 -33.48 -45.02 57.19
C SER FA 681 -32.69 -45.85 58.21
N TRP FA 682 -32.11 -46.95 57.74
CA TRP FA 682 -31.41 -47.86 58.62
C TRP FA 682 -30.38 -48.64 57.80
N ASN FA 683 -29.54 -49.39 58.51
CA ASN FA 683 -28.52 -50.26 57.90
C ASN FA 683 -27.53 -49.45 57.08
N GLY FA 684 -27.24 -48.24 57.52
CA GLY FA 684 -26.27 -47.38 56.87
C GLY FA 684 -25.00 -47.27 57.70
N ARG FA 685 -23.88 -47.11 57.01
CA ARG FA 685 -22.58 -47.01 57.68
C ARG FA 685 -21.59 -46.24 56.80
N PRO FA 686 -20.99 -45.18 57.31
CA PRO FA 686 -20.03 -44.42 56.49
C PRO FA 686 -18.73 -45.20 56.31
N GLU FA 687 -17.98 -44.78 55.29
CA GLU FA 687 -16.69 -45.40 55.02
C GLU FA 687 -15.71 -45.12 56.16
N GLU FA 688 -14.79 -46.05 56.37
CA GLU FA 688 -13.85 -45.96 57.49
C GLU FA 688 -12.91 -44.78 57.30
N THR FA 689 -12.74 -44.00 58.36
CA THR FA 689 -11.73 -42.95 58.36
C THR FA 689 -10.36 -43.56 58.64
N GLU FA 690 -9.31 -42.77 58.37
CA GLU FA 690 -7.96 -43.27 58.56
C GLU FA 690 -7.67 -43.60 60.03
N GLN FA 691 -8.13 -42.74 60.95
CA GLN FA 691 -7.92 -43.01 62.36
C GLN FA 691 -8.65 -44.27 62.81
N ALA FA 692 -9.88 -44.45 62.34
CA ALA FA 692 -10.62 -45.66 62.67
C ALA FA 692 -9.97 -46.90 62.07
N PHE FA 693 -9.43 -46.78 60.85
CA PHE FA 693 -8.80 -47.92 60.20
C PHE FA 693 -7.59 -48.40 60.98
N LEU FA 694 -6.76 -47.46 61.45
CA LEU FA 694 -5.58 -47.85 62.23
C LEU FA 694 -5.98 -48.49 63.55
N THR FA 695 -7.03 -47.95 64.20
CA THR FA 695 -7.48 -48.52 65.46
C THR FA 695 -7.99 -49.94 65.28
N ARG FA 696 -8.78 -50.19 64.23
CA ARG FA 696 -9.34 -51.51 64.02
C ARG FA 696 -8.24 -52.53 63.71
N VAL FA 697 -7.26 -52.14 62.90
CA VAL FA 697 -6.19 -53.07 62.54
C VAL FA 697 -5.34 -53.39 63.77
N SER FA 698 -5.05 -52.37 64.60
CA SER FA 698 -4.26 -52.61 65.80
C SER FA 698 -4.97 -53.58 66.74
N ALA FA 699 -6.29 -53.43 66.90
CA ALA FA 699 -7.05 -54.35 67.74
C ALA FA 699 -7.04 -55.76 67.14
N ARG FA 700 -7.18 -55.88 65.82
CA ARG FA 700 -7.23 -57.19 65.18
C ARG FA 700 -5.93 -57.95 65.38
N LEU FA 701 -4.79 -57.28 65.25
CA LEU FA 701 -3.51 -57.93 65.45
C LEU FA 701 -3.31 -58.35 66.91
N SER FA 702 -3.99 -57.68 67.84
CA SER FA 702 -3.78 -57.96 69.26
C SER FA 702 -4.50 -59.25 69.68
N HIS FA 703 -5.74 -59.43 69.22
CA HIS FA 703 -6.54 -60.56 69.67
C HIS FA 703 -6.78 -61.62 68.60
N ARG FA 704 -6.48 -61.33 67.33
CA ARG FA 704 -6.54 -62.32 66.26
C ARG FA 704 -7.92 -62.95 66.13
N ASN FA 705 -8.96 -62.18 66.42
CA ASN FA 705 -10.36 -62.61 66.29
C ASN FA 705 -10.65 -63.84 67.16
N ARG FA 706 -9.99 -63.95 68.31
CA ARG FA 706 -10.21 -65.06 69.22
C ARG FA 706 -10.26 -64.54 70.64
N VAL FA 707 -10.91 -65.31 71.50
CA VAL FA 707 -11.11 -64.94 72.90
C VAL FA 707 -10.22 -65.83 73.77
N LEU FA 708 -9.25 -65.21 74.42
CA LEU FA 708 -8.49 -65.90 75.46
C LEU FA 708 -8.44 -65.12 76.76
N SER FA 709 -8.30 -63.81 76.70
CA SER FA 709 -8.18 -62.97 77.89
C SER FA 709 -9.44 -62.12 78.05
N TRP FA 710 -9.54 -61.49 79.22
CA TRP FA 710 -10.71 -60.66 79.51
C TRP FA 710 -10.78 -59.46 78.57
N ASP FA 711 -9.64 -58.86 78.24
CA ASP FA 711 -9.64 -57.73 77.33
C ASP FA 711 -10.11 -58.14 75.94
N ASN FA 712 -9.81 -59.37 75.53
CA ASN FA 712 -10.29 -59.87 74.25
C ASN FA 712 -11.82 -59.95 74.22
N ILE FA 713 -12.43 -60.38 75.33
CA ILE FA 713 -13.89 -60.46 75.40
C ILE FA 713 -14.50 -59.07 75.32
N VAL FA 714 -13.96 -58.13 76.08
CA VAL FA 714 -14.52 -56.78 76.11
C VAL FA 714 -14.34 -56.10 74.75
N THR FA 715 -13.17 -56.26 74.15
CA THR FA 715 -12.90 -55.62 72.86
C THR FA 715 -13.80 -56.18 71.76
N LEU FA 716 -13.90 -57.50 71.68
CA LEU FA 716 -14.66 -58.12 70.60
C LEU FA 716 -16.17 -57.88 70.78
N LEU FA 717 -16.65 -57.93 72.02
CA LEU FA 717 -18.08 -57.73 72.26
C LEU FA 717 -18.52 -56.31 71.91
N LYS FA 718 -17.72 -55.32 72.29
CA LYS FA 718 -18.09 -53.93 72.01
C LYS FA 718 -18.02 -53.62 70.52
N GLU FA 719 -17.11 -54.27 69.79
CA GLU FA 719 -17.04 -54.10 68.36
C GLU FA 719 -18.30 -54.63 67.68
N GLN FA 720 -18.75 -55.82 68.08
CA GLN FA 720 -19.84 -56.49 67.38
C GLN FA 720 -21.19 -55.84 67.70
N PHE FA 721 -21.42 -55.51 68.97
CA PHE FA 721 -22.73 -55.05 69.43
C PHE FA 721 -22.67 -53.57 69.78
N VAL FA 722 -23.57 -52.79 69.19
CA VAL FA 722 -23.60 -51.34 69.42
C VAL FA 722 -24.43 -50.96 70.63
N SER FA 723 -25.15 -51.91 71.23
CA SER FA 723 -25.99 -51.62 72.39
C SER FA 723 -25.23 -51.65 73.71
N LEU FA 724 -23.92 -51.90 73.68
CA LEU FA 724 -23.13 -52.01 74.89
C LEU FA 724 -22.41 -50.70 75.17
N PHE FA 725 -22.49 -50.24 76.41
CA PHE FA 725 -21.72 -49.09 76.86
C PHE FA 725 -20.40 -49.52 77.49
N ASP FA 726 -20.42 -50.54 78.34
CA ASP FA 726 -19.21 -51.06 78.95
C ASP FA 726 -19.46 -52.49 79.40
N VAL FA 727 -18.38 -53.26 79.50
CA VAL FA 727 -18.42 -54.64 79.95
C VAL FA 727 -17.43 -54.79 81.09
N LYS FA 728 -17.89 -55.38 82.19
CA LYS FA 728 -17.06 -55.56 83.38
C LYS FA 728 -16.75 -57.04 83.58
N TYR FA 729 -15.55 -57.31 84.08
CA TYR FA 729 -15.09 -58.66 84.38
C TYR FA 729 -14.60 -58.71 85.83
N PRO FA 730 -14.51 -59.92 86.43
CA PRO FA 730 -14.14 -60.02 87.85
C PRO FA 730 -12.84 -59.30 88.19
N SER FA 731 -12.72 -58.90 89.46
CA SER FA 731 -11.58 -58.12 89.91
C SER FA 731 -10.33 -59.01 90.02
N ALA FA 732 -9.22 -58.38 90.40
CA ALA FA 732 -7.95 -59.07 90.56
C ALA FA 732 -7.90 -59.91 91.83
N SER FA 733 -8.93 -59.85 92.68
CA SER FA 733 -8.96 -60.68 93.88
C SER FA 733 -9.43 -62.10 93.61
N GLU FA 734 -9.85 -62.41 92.39
CA GLU FA 734 -10.46 -63.71 92.09
C GLU FA 734 -9.61 -64.60 91.19
N LEU FA 735 -8.51 -64.09 90.61
CA LEU FA 735 -7.68 -64.97 89.82
C LEU FA 735 -6.84 -65.90 90.69
N THR FA 736 -6.81 -65.68 92.00
CA THR FA 736 -6.12 -66.56 92.94
C THR FA 736 -7.06 -67.51 93.65
N LYS FA 737 -8.33 -67.56 93.25
CA LYS FA 737 -9.27 -68.49 93.85
C LYS FA 737 -8.90 -69.92 93.50
N ILE FA 738 -8.46 -70.67 94.50
CA ILE FA 738 -7.95 -72.02 94.32
C ILE FA 738 -8.99 -72.96 93.71
N PRO FA 739 -10.25 -72.98 94.18
CA PRO FA 739 -11.24 -73.89 93.57
C PRO FA 739 -11.55 -73.61 92.11
N ALA FA 740 -10.91 -72.61 91.50
CA ALA FA 740 -11.16 -72.27 90.09
C ALA FA 740 -12.61 -71.83 89.91
N GLN FA 741 -13.06 -71.72 88.67
CA GLN FA 741 -14.40 -71.21 88.40
C GLN FA 741 -14.99 -71.93 87.19
N LYS FA 742 -16.16 -72.53 87.38
CA LYS FA 742 -16.91 -73.08 86.26
C LYS FA 742 -17.19 -72.02 85.21
N GLU FA 743 -17.71 -70.88 85.63
CA GLU FA 743 -18.30 -69.91 84.73
C GLU FA 743 -17.56 -68.59 84.81
N GLN FA 744 -17.33 -68.00 83.66
CA GLN FA 744 -16.72 -66.69 83.53
C GLN FA 744 -17.87 -65.67 83.46
N GLN FA 745 -18.07 -64.94 84.54
CA GLN FA 745 -19.22 -64.08 84.71
C GLN FA 745 -18.85 -62.64 84.37
N LEU FA 746 -19.58 -62.04 83.44
CA LEU FA 746 -19.38 -60.65 83.04
C LEU FA 746 -20.59 -59.82 83.43
N ILE FA 747 -20.39 -58.51 83.43
CA ILE FA 747 -21.47 -57.56 83.68
C ILE FA 747 -21.51 -56.58 82.52
N ALA FA 748 -22.66 -56.48 81.88
CA ALA FA 748 -22.83 -55.64 80.69
C ALA FA 748 -23.71 -54.46 81.06
N ILE FA 749 -23.14 -53.26 81.02
CA ILE FA 749 -23.89 -52.02 81.23
C ILE FA 749 -24.31 -51.51 79.85
N PRO FA 750 -25.59 -51.55 79.51
CA PRO FA 750 -26.02 -51.13 78.18
C PRO FA 750 -26.25 -49.63 78.09
N ASP FA 751 -26.17 -49.13 76.86
CA ASP FA 751 -26.50 -47.74 76.60
C ASP FA 751 -27.98 -47.50 76.87
N SER FA 752 -28.29 -46.37 77.50
CA SER FA 752 -29.67 -46.08 77.86
C SER FA 752 -30.58 -45.96 76.65
N ARG FA 753 -30.03 -45.66 75.48
CA ARG FA 753 -30.85 -45.56 74.28
C ARG FA 753 -31.41 -46.91 73.87
N TYR FA 754 -30.72 -48.00 74.17
CA TYR FA 754 -31.12 -49.33 73.78
C TYR FA 754 -31.71 -50.13 74.95
N LYS FA 755 -32.07 -49.47 76.04
CA LYS FA 755 -32.59 -50.18 77.20
C LYS FA 755 -33.95 -50.79 76.90
N ASP FA 756 -34.24 -51.90 77.57
CA ASP FA 756 -35.51 -52.59 77.43
C ASP FA 756 -36.52 -52.22 78.52
N ASN FA 757 -36.16 -51.28 79.40
CA ASN FA 757 -37.05 -50.87 80.48
C ASN FA 757 -37.27 -49.37 80.46
N ASP FA 758 -37.90 -48.83 81.51
CA ASP FA 758 -38.28 -47.43 81.54
C ASP FA 758 -37.21 -46.54 82.18
N ASP FA 759 -36.50 -47.05 83.19
CA ASP FA 759 -35.55 -46.23 83.93
C ASP FA 759 -34.29 -46.02 83.11
N ALA FA 760 -33.94 -44.76 82.87
CA ALA FA 760 -32.73 -44.44 82.12
C ALA FA 760 -31.48 -44.62 82.96
N LEU FA 761 -31.57 -44.42 84.27
CA LEU FA 761 -30.40 -44.56 85.14
C LEU FA 761 -30.01 -46.01 85.36
N ARG FA 762 -30.94 -46.94 85.21
CA ARG FA 762 -30.70 -48.37 85.44
C ARG FA 762 -31.15 -49.16 84.22
N PRO FA 763 -30.44 -49.04 83.10
CA PRO FA 763 -30.85 -49.77 81.90
C PRO FA 763 -30.75 -51.28 82.09
N ILE FA 764 -31.69 -51.99 81.49
CA ILE FA 764 -31.74 -53.45 81.56
C ILE FA 764 -31.98 -53.97 80.14
N LEU FA 765 -31.20 -54.97 79.75
CA LEU FA 765 -31.35 -55.58 78.43
C LEU FA 765 -32.25 -56.81 78.52
N ASN FA 766 -32.99 -57.05 77.45
CA ASN FA 766 -33.85 -58.22 77.39
C ASN FA 766 -33.01 -59.49 77.43
N PRO FA 767 -33.47 -60.54 78.12
CA PRO FA 767 -32.68 -61.78 78.18
C PRO FA 767 -32.41 -62.39 76.81
N ALA FA 768 -33.29 -62.15 75.83
CA ALA FA 768 -33.03 -62.64 74.48
C ALA FA 768 -31.79 -62.00 73.89
N ARG FA 769 -31.59 -60.70 74.13
CA ARG FA 769 -30.40 -60.02 73.63
C ARG FA 769 -29.13 -60.58 74.27
N LEU FA 770 -29.17 -60.83 75.58
CA LEU FA 770 -28.00 -61.37 76.27
C LEU FA 770 -27.65 -62.76 75.77
N ALA FA 771 -28.67 -63.57 75.46
CA ALA FA 771 -28.41 -64.91 74.94
C ALA FA 771 -27.72 -64.86 73.58
N GLU FA 772 -28.10 -63.89 72.74
CA GLU FA 772 -27.44 -63.74 71.44
C GLU FA 772 -25.97 -63.38 71.61
N MET FA 773 -25.66 -62.52 72.59
CA MET FA 773 -24.27 -62.17 72.85
C MET FA 773 -23.47 -63.40 73.29
N VAL FA 774 -24.04 -64.22 74.16
CA VAL FA 774 -23.34 -65.39 74.67
C VAL FA 774 -23.07 -66.37 73.53
N ASP FA 775 -24.08 -66.60 72.68
CA ASP FA 775 -23.92 -67.52 71.56
C ASP FA 775 -22.84 -67.04 70.60
N TRP FA 776 -22.83 -65.74 70.31
CA TRP FA 776 -21.83 -65.20 69.39
C TRP FA 776 -20.43 -65.28 69.99
N ILE FA 777 -20.27 -64.89 71.25
CA ILE FA 777 -18.95 -64.86 71.85
C ILE FA 777 -18.40 -66.26 72.08
N SER FA 778 -19.27 -67.24 72.36
CA SER FA 778 -18.81 -68.60 72.60
C SER FA 778 -18.23 -69.25 71.35
N GLN FA 779 -18.57 -68.73 70.17
CA GLN FA 779 -18.06 -69.30 68.92
C GLN FA 779 -16.58 -69.02 68.70
N LEU FA 780 -16.00 -68.08 69.43
CA LEU FA 780 -14.59 -67.73 69.28
C LEU FA 780 -13.79 -68.07 70.53
N SER FA 781 -14.28 -68.95 71.38
CA SER FA 781 -13.61 -69.30 72.63
C SER FA 781 -13.26 -70.78 72.63
N SER FA 782 -12.42 -71.15 73.59
CA SER FA 782 -12.11 -72.55 73.79
C SER FA 782 -13.36 -73.31 74.22
N PRO FA 783 -13.51 -74.57 73.79
CA PRO FA 783 -14.71 -75.33 74.16
C PRO FA 783 -14.86 -75.56 75.65
N TRP FA 784 -13.79 -75.43 76.43
CA TRP FA 784 -13.83 -75.67 77.87
C TRP FA 784 -14.12 -74.40 78.67
N THR FA 785 -14.73 -73.39 78.04
CA THR FA 785 -15.08 -72.15 78.72
C THR FA 785 -16.58 -71.91 78.59
N THR FA 786 -17.17 -71.35 79.64
CA THR FA 786 -18.59 -71.00 79.67
C THR FA 786 -18.71 -69.56 80.12
N LEU FA 787 -18.86 -68.65 79.15
CA LEU FA 787 -19.00 -67.23 79.45
C LEU FA 787 -20.47 -66.89 79.63
N LYS FA 788 -20.78 -66.14 80.69
CA LYS FA 788 -22.14 -65.72 80.98
C LYS FA 788 -22.17 -64.21 81.10
N ILE FA 789 -23.16 -63.59 80.45
CA ILE FA 789 -23.35 -62.14 80.47
C ILE FA 789 -24.66 -61.84 81.14
N ASN FA 790 -24.64 -60.96 82.14
CA ASN FA 790 -25.81 -60.71 82.97
C ASN FA 790 -25.98 -59.21 83.17
N ASN FA 791 -27.21 -58.82 83.49
CA ASN FA 791 -27.50 -57.42 83.78
C ASN FA 791 -26.85 -57.02 85.10
N PRO FA 792 -26.41 -55.76 85.21
CA PRO FA 792 -25.77 -55.32 86.46
C PRO FA 792 -26.76 -55.23 87.61
N THR FA 793 -26.22 -55.33 88.82
CA THR FA 793 -26.99 -55.14 90.05
C THR FA 793 -26.68 -53.74 90.57
N TYR FA 794 -27.60 -52.82 90.34
CA TYR FA 794 -27.37 -51.42 90.71
C TYR FA 794 -27.50 -51.24 92.21
N VAL FA 795 -26.57 -50.49 92.79
CA VAL FA 795 -26.55 -50.21 94.22
C VAL FA 795 -26.54 -48.70 94.41
N ASP FA 796 -27.51 -48.19 95.16
CA ASP FA 796 -27.57 -46.76 95.44
C ASP FA 796 -26.48 -46.36 96.42
N VAL FA 797 -25.87 -45.20 96.17
CA VAL FA 797 -24.84 -44.64 97.05
C VAL FA 797 -25.34 -43.26 97.45
N LEU FA 798 -25.83 -43.13 98.67
CA LEU FA 798 -26.35 -41.84 99.13
C LEU FA 798 -25.21 -40.85 99.31
N ILE FA 799 -25.37 -39.66 98.72
CA ILE FA 799 -24.38 -38.61 98.79
C ILE FA 799 -25.03 -37.37 99.40
N SER FA 800 -24.38 -36.80 100.40
CA SER FA 800 -24.86 -35.60 101.05
C SER FA 800 -23.69 -34.68 101.33
N TYR FA 801 -23.83 -33.40 100.98
CA TYR FA 801 -22.78 -32.43 101.17
C TYR FA 801 -23.35 -31.14 101.74
N GLN FA 802 -22.55 -30.46 102.56
CA GLN FA 802 -22.86 -29.12 103.05
C GLN FA 802 -22.06 -28.13 102.21
N LEU FA 803 -22.73 -27.11 101.70
CA LEU FA 803 -22.19 -26.29 100.63
C LEU FA 803 -22.31 -24.82 100.94
N VAL FA 804 -21.39 -24.05 100.35
CA VAL FA 804 -21.45 -22.59 100.33
C VAL FA 804 -21.45 -22.18 98.86
N PHE FA 805 -22.52 -21.52 98.44
CA PHE FA 805 -22.67 -21.16 97.03
C PHE FA 805 -22.13 -19.75 96.78
N VAL FA 806 -21.90 -19.47 95.50
CA VAL FA 806 -21.48 -18.13 95.09
C VAL FA 806 -22.59 -17.13 95.41
N THR FA 807 -22.21 -15.96 95.91
CA THR FA 807 -23.18 -14.97 96.34
C THR FA 807 -24.11 -14.58 95.19
N GLY FA 808 -25.41 -14.49 95.50
CA GLY FA 808 -26.42 -14.13 94.53
C GLY FA 808 -27.13 -15.31 93.90
N ILE FA 809 -26.74 -16.54 94.23
CA ILE FA 809 -27.32 -17.74 93.65
C ILE FA 809 -28.19 -18.42 94.70
N ASN FA 810 -29.44 -18.69 94.35
CA ASN FA 810 -30.35 -19.35 95.28
C ASN FA 810 -29.87 -20.78 95.55
N PRO FA 811 -29.80 -21.18 96.82
CA PRO FA 811 -29.24 -22.53 97.12
C PRO FA 811 -30.00 -23.67 96.49
N ASP FA 812 -31.34 -23.58 96.39
CA ASP FA 812 -32.11 -24.67 95.79
C ASP FA 812 -31.78 -24.81 94.32
N TYR FA 813 -31.65 -23.69 93.59
CA TYR FA 813 -31.25 -23.76 92.19
C TYR FA 813 -29.84 -24.31 92.05
N GLY FA 814 -28.93 -23.90 92.92
CA GLY FA 814 -27.56 -24.39 92.86
C GLY FA 814 -27.48 -25.89 93.12
N ARG FA 815 -28.25 -26.39 94.08
CA ARG FA 815 -28.25 -27.82 94.37
C ARG FA 815 -28.83 -28.62 93.20
N HIS FA 816 -29.89 -28.10 92.57
CA HIS FA 816 -30.51 -28.79 91.46
C HIS FA 816 -29.54 -28.92 90.29
N GLN FA 817 -28.81 -27.85 89.98
CA GLN FA 817 -27.86 -27.90 88.87
C GLN FA 817 -26.69 -28.81 89.20
N LEU FA 818 -26.27 -28.85 90.47
CA LEU FA 818 -25.17 -29.73 90.86
C LEU FA 818 -25.55 -31.19 90.69
N GLN FA 819 -26.81 -31.54 90.96
CA GLN FA 819 -27.25 -32.92 90.78
C GLN FA 819 -27.13 -33.33 89.32
N GLN FA 820 -27.53 -32.45 88.40
CA GLN FA 820 -27.44 -32.77 86.98
C GLN FA 820 -25.99 -32.93 86.53
N GLU FA 821 -25.11 -32.07 87.02
CA GLU FA 821 -23.69 -32.16 86.64
C GLU FA 821 -23.06 -33.44 87.15
N LEU FA 822 -23.35 -33.82 88.40
CA LEU FA 822 -22.76 -35.02 88.97
C LEU FA 822 -23.35 -36.27 88.34
N SER FA 823 -24.65 -36.27 88.05
CA SER FA 823 -25.27 -37.40 87.38
C SER FA 823 -24.65 -37.62 86.01
N ARG FA 824 -24.38 -36.54 85.28
CA ARG FA 824 -23.72 -36.65 83.99
C ARG FA 824 -22.32 -37.25 84.13
N LYS FA 825 -21.59 -36.83 85.15
CA LYS FA 825 -20.21 -37.28 85.31
C LYS FA 825 -20.14 -38.75 85.73
N TYR FA 826 -20.92 -39.13 86.75
CA TYR FA 826 -20.79 -40.44 87.36
C TYR FA 826 -21.81 -41.46 86.85
N MET FA 827 -22.69 -41.07 85.95
CA MET FA 827 -23.62 -41.99 85.29
C MET FA 827 -23.59 -41.70 83.80
N PRO FA 828 -22.47 -41.97 83.14
CA PRO FA 828 -22.32 -41.57 81.72
C PRO FA 828 -23.31 -42.23 80.79
N TRP FA 829 -23.74 -43.46 81.09
CA TRP FA 829 -24.66 -44.17 80.21
C TRP FA 829 -26.02 -43.51 80.13
N ALA FA 830 -26.39 -42.70 81.12
CA ALA FA 830 -27.72 -42.10 81.15
C ALA FA 830 -27.88 -41.02 80.10
N GLU FA 831 -26.87 -40.17 79.92
CA GLU FA 831 -26.97 -39.01 79.03
C GLU FA 831 -26.34 -39.38 77.69
N ASP FA 832 -27.10 -40.18 76.92
CA ASP FA 832 -26.81 -40.55 75.54
C ASP FA 832 -25.36 -41.04 75.33
N SER FA 833 -24.70 -41.49 76.40
CA SER FA 833 -23.41 -42.18 76.34
C SER FA 833 -22.43 -41.47 75.40
N ALA FA 834 -22.07 -40.24 75.78
CA ALA FA 834 -21.19 -39.42 74.97
C ALA FA 834 -19.83 -39.18 75.60
N ILE FA 835 -19.63 -39.57 76.86
CA ILE FA 835 -18.38 -39.32 77.58
C ILE FA 835 -17.88 -40.63 78.15
N GLY FA 836 -16.59 -40.92 77.93
CA GLY FA 836 -15.97 -42.10 78.48
C GLY FA 836 -15.55 -41.91 79.93
N VAL FA 837 -16.27 -42.56 80.84
CA VAL FA 837 -16.04 -42.43 82.27
C VAL FA 837 -15.95 -43.84 82.86
N THR FA 838 -15.32 -43.95 84.03
CA THR FA 838 -15.17 -45.23 84.71
C THR FA 838 -16.49 -45.98 84.76
N THR FA 839 -16.41 -47.30 84.66
CA THR FA 839 -17.58 -48.15 84.55
C THR FA 839 -18.22 -48.44 85.90
N GLY FA 840 -18.47 -47.40 86.68
CA GLY FA 840 -19.11 -47.57 87.98
C GLY FA 840 -18.35 -48.48 88.92
N ASN FA 841 -17.03 -48.37 88.96
CA ASN FA 841 -16.21 -49.25 89.78
C ASN FA 841 -15.99 -48.67 91.18
N ARG FA 842 -15.43 -47.47 91.26
CA ARG FA 842 -15.10 -46.85 92.54
C ARG FA 842 -15.54 -45.40 92.52
N ILE FA 843 -15.73 -44.84 93.72
CA ILE FA 843 -16.04 -43.43 93.91
C ILE FA 843 -15.04 -42.93 94.94
N ASP FA 844 -14.01 -42.21 94.49
CA ASP FA 844 -12.98 -41.71 95.39
C ASP FA 844 -13.45 -40.42 96.04
N TYR FA 845 -13.08 -40.24 97.31
CA TYR FA 845 -13.62 -39.14 98.10
C TYR FA 845 -13.12 -37.79 97.58
N TYR FA 846 -11.81 -37.64 97.40
CA TYR FA 846 -11.24 -36.34 97.08
C TYR FA 846 -11.39 -35.97 95.62
N PRO FA 847 -11.19 -36.88 94.66
CA PRO FA 847 -11.54 -36.55 93.27
C PRO FA 847 -13.00 -36.13 93.11
N LEU FA 848 -13.92 -36.75 93.85
CA LEU FA 848 -15.30 -36.30 93.84
C LEU FA 848 -15.45 -34.92 94.44
N LEU FA 849 -14.71 -34.65 95.52
CA LEU FA 849 -14.74 -33.31 96.12
C LEU FA 849 -14.23 -32.25 95.16
N ALA FA 850 -13.15 -32.56 94.43
CA ALA FA 850 -12.64 -31.64 93.42
C ALA FA 850 -13.66 -31.42 92.31
N THR FA 851 -14.36 -32.48 91.91
CA THR FA 851 -15.37 -32.36 90.86
C THR FA 851 -16.49 -31.41 91.29
N ILE FA 852 -16.93 -31.51 92.55
CA ILE FA 852 -18.01 -30.66 93.03
C ILE FA 852 -17.57 -29.19 93.03
N GLN FA 853 -16.35 -28.93 93.49
CA GLN FA 853 -15.88 -27.55 93.61
C GLN FA 853 -15.53 -26.93 92.27
N GLN FA 854 -15.49 -27.71 91.19
CA GLN FA 854 -15.21 -27.15 89.87
C GLN FA 854 -16.43 -26.47 89.25
N SER FA 855 -17.62 -26.69 89.79
CA SER FA 855 -18.80 -26.04 89.26
C SER FA 855 -18.72 -24.54 89.47
N PRO FA 856 -19.11 -23.73 88.47
CA PRO FA 856 -19.03 -22.28 88.62
C PRO FA 856 -19.93 -21.74 89.72
N LEU FA 857 -20.97 -22.47 90.12
CA LEU FA 857 -21.89 -22.02 91.15
C LEU FA 857 -21.44 -22.35 92.55
N VAL FA 858 -20.39 -23.14 92.71
CA VAL FA 858 -19.94 -23.63 94.01
C VAL FA 858 -18.74 -22.82 94.46
N GLU FA 859 -18.81 -22.29 95.68
CA GLU FA 859 -17.71 -21.51 96.25
C GLU FA 859 -16.76 -22.38 97.08
N ARG FA 860 -17.31 -23.22 97.96
CA ARG FA 860 -16.49 -24.05 98.83
C ARG FA 860 -17.35 -25.16 99.41
N VAL FA 861 -16.79 -26.36 99.47
CA VAL FA 861 -17.45 -27.51 100.09
C VAL FA 861 -16.99 -27.59 101.54
N THR FA 862 -17.94 -27.56 102.47
CA THR FA 862 -17.59 -27.60 103.89
C THR FA 862 -17.72 -29.00 104.48
N ASN FA 863 -18.52 -29.87 103.88
CA ASN FA 863 -18.72 -31.22 104.40
C ASN FA 863 -19.17 -32.12 103.27
N LEU FA 864 -18.70 -33.38 103.29
CA LEU FA 864 -19.07 -34.36 102.29
C LEU FA 864 -19.16 -35.73 102.95
N THR FA 865 -20.18 -36.50 102.58
CA THR FA 865 -20.39 -37.82 103.16
C THR FA 865 -20.97 -38.75 102.10
N LEU FA 866 -20.43 -39.97 102.04
CA LEU FA 866 -20.93 -41.00 101.13
C LEU FA 866 -21.36 -42.21 101.95
N LYS FA 867 -22.58 -42.68 101.70
CA LYS FA 867 -23.13 -43.83 102.41
C LYS FA 867 -23.71 -44.81 101.41
N LYS FA 868 -23.31 -46.07 101.52
CA LYS FA 868 -23.83 -47.10 100.63
C LYS FA 868 -25.26 -47.47 101.03
N SER FA 869 -25.84 -48.41 100.28
CA SER FA 869 -27.24 -48.76 100.49
C SER FA 869 -27.46 -49.37 101.87
N SER FA 870 -26.58 -50.27 102.29
CA SER FA 870 -26.74 -50.97 103.56
C SER FA 870 -25.68 -50.60 104.59
N GLN FA 871 -24.44 -50.37 104.17
CA GLN FA 871 -23.36 -50.10 105.09
C GLN FA 871 -23.52 -48.72 105.74
N THR FA 872 -22.83 -48.53 106.85
CA THR FA 872 -22.87 -47.25 107.56
C THR FA 872 -22.12 -46.19 106.76
N ALA FA 873 -22.42 -44.93 107.08
CA ALA FA 873 -21.77 -43.82 106.41
C ALA FA 873 -20.28 -43.80 106.71
N GLY FA 874 -19.48 -43.58 105.66
CA GLY FA 874 -18.05 -43.55 105.83
C GLY FA 874 -17.55 -42.26 106.44
N ALA FA 875 -16.30 -42.27 106.88
CA ALA FA 875 -15.68 -41.11 107.48
C ALA FA 875 -15.11 -40.20 106.39
N VAL FA 876 -14.38 -39.17 106.78
CA VAL FA 876 -13.78 -38.25 105.82
C VAL FA 876 -12.65 -38.95 105.10
N GLY FA 877 -12.69 -38.91 103.76
CA GLY FA 877 -11.66 -39.53 102.96
C GLY FA 877 -11.86 -41.00 102.68
N ASP FA 878 -13.04 -41.55 102.94
CA ASP FA 878 -13.35 -42.95 102.71
C ASP FA 878 -14.00 -43.10 101.34
N SER FA 879 -13.38 -43.91 100.48
CA SER FA 879 -13.95 -44.19 99.16
C SER FA 879 -15.01 -45.28 99.27
N VAL FA 880 -15.67 -45.56 98.15
CA VAL FA 880 -16.73 -46.57 98.09
C VAL FA 880 -16.35 -47.57 97.02
N GLU FA 881 -16.34 -48.84 97.38
CA GLU FA 881 -16.06 -49.93 96.46
C GLU FA 881 -17.35 -50.54 95.94
N ALA FA 882 -17.21 -51.51 95.04
CA ALA FA 882 -18.34 -52.22 94.48
C ALA FA 882 -17.94 -53.66 94.21
N ALA FA 883 -18.91 -54.57 94.35
CA ALA FA 883 -18.65 -55.96 94.04
C ALA FA 883 -18.53 -56.16 92.53
N ASP FA 884 -18.08 -57.35 92.14
CA ASP FA 884 -17.85 -57.63 90.73
C ASP FA 884 -19.12 -57.60 89.90
N ASN FA 885 -20.29 -57.64 90.54
CA ASN FA 885 -21.56 -57.60 89.84
C ASN FA 885 -22.37 -56.35 90.16
N GLU FA 886 -21.74 -55.32 90.71
CA GLU FA 886 -22.43 -54.13 91.17
C GLU FA 886 -22.01 -52.91 90.36
N VAL FA 887 -22.95 -51.98 90.20
CA VAL FA 887 -22.69 -50.69 89.57
C VAL FA 887 -23.25 -49.62 90.49
N LEU FA 888 -22.40 -48.70 90.94
CA LEU FA 888 -22.80 -47.68 91.89
C LEU FA 888 -23.56 -46.56 91.19
N ILE FA 889 -24.61 -46.07 91.84
CA ILE FA 889 -25.44 -44.99 91.32
C ILE FA 889 -25.65 -43.96 92.42
N LEU FA 890 -25.33 -42.71 92.12
CA LEU FA 890 -25.53 -41.64 93.08
C LEU FA 890 -27.02 -41.35 93.27
N VAL FA 891 -27.42 -41.17 94.52
CA VAL FA 891 -28.79 -40.81 94.85
C VAL FA 891 -28.75 -39.65 95.85
N TRP FA 892 -29.85 -38.90 95.89
CA TRP FA 892 -29.93 -37.74 96.75
C TRP FA 892 -31.15 -37.81 97.68
N ALA GA 4 -6.04 29.32 52.74
CA ALA GA 4 -5.17 28.82 51.69
C ALA GA 4 -5.11 27.30 51.70
N GLU GA 5 -4.30 26.73 50.80
CA GLU GA 5 -4.16 25.28 50.76
C GLU GA 5 -3.33 24.76 51.93
N LEU GA 6 -2.39 25.55 52.42
CA LEU GA 6 -1.56 25.12 53.55
C LEU GA 6 -2.42 24.92 54.80
N ASP GA 7 -3.37 25.82 55.05
CA ASP GA 7 -4.22 25.69 56.23
C ASP GA 7 -5.09 24.44 56.17
N ASN GA 8 -5.60 24.12 54.97
CA ASN GA 8 -6.47 22.95 54.83
C ASN GA 8 -5.75 21.66 55.19
N LYS GA 9 -4.52 21.48 54.70
CA LYS GA 9 -3.78 20.26 54.96
C LYS GA 9 -3.09 20.26 56.32
N LEU GA 10 -3.04 21.41 57.01
CA LEU GA 10 -2.48 21.45 58.35
C LEU GA 10 -3.53 21.19 59.42
N SER GA 11 -4.73 21.74 59.26
CA SER GA 11 -5.81 21.51 60.22
C SER GA 11 -6.30 20.07 60.21
N ALA GA 12 -6.00 19.31 59.16
CA ALA GA 12 -6.43 17.92 59.11
C ALA GA 12 -5.59 17.04 60.01
N ILE GA 13 -4.34 17.43 60.28
CA ILE GA 13 -3.44 16.64 61.11
C ILE GA 13 -3.04 17.33 62.39
N VAL GA 14 -3.39 18.59 62.59
CA VAL GA 14 -3.05 19.33 63.79
C VAL GA 14 -4.33 19.85 64.42
N PRO GA 15 -4.63 19.53 65.68
CA PRO GA 15 -5.80 20.11 66.35
C PRO GA 15 -5.56 21.54 66.76
N ASP GA 16 -5.80 22.49 65.86
CA ASP GA 16 -5.50 23.90 66.10
C ASP GA 16 -6.19 24.39 67.37
N THR GA 17 -5.45 25.12 68.19
CA THR GA 17 -5.92 25.59 69.50
C THR GA 17 -6.04 27.10 69.50
N VAL GA 18 -6.64 27.61 70.58
CA VAL GA 18 -6.80 29.05 70.73
C VAL GA 18 -5.46 29.72 71.00
N PHE GA 19 -4.63 29.12 71.85
CA PHE GA 19 -3.35 29.72 72.20
C PHE GA 19 -2.44 29.80 70.99
N LYS GA 20 -1.80 30.96 70.83
CA LYS GA 20 -0.88 31.21 69.73
C LYS GA 20 0.51 31.47 70.28
N LEU GA 21 1.49 30.72 69.78
CA LEU GA 21 2.87 30.94 70.20
C LEU GA 21 3.36 32.32 69.77
N ASP GA 22 3.02 32.74 68.55
CA ASP GA 22 3.36 34.06 68.04
C ASP GA 22 2.08 34.69 67.50
N GLU GA 23 1.44 35.50 68.33
CA GLU GA 23 0.16 36.11 67.98
C GLU GA 23 0.31 37.51 67.38
N ARG GA 24 1.53 37.99 67.20
CA ARG GA 24 1.74 39.32 66.65
C ARG GA 24 1.16 39.41 65.25
N SER GA 25 0.37 40.47 65.00
CA SER GA 25 -0.31 40.66 63.75
C SER GA 25 0.52 41.57 62.83
N THR GA 26 -0.04 41.88 61.67
CA THR GA 26 0.65 42.76 60.72
C THR GA 26 0.82 44.16 61.28
N LEU GA 27 -0.14 44.63 62.09
CA LEU GA 27 -0.01 45.95 62.70
C LEU GA 27 1.19 46.00 63.64
N ASP GA 28 1.38 44.94 64.44
CA ASP GA 28 2.51 44.90 65.36
C ASP GA 28 3.83 44.86 64.61
N ILE GA 29 3.89 44.12 63.50
CA ILE GA 29 5.10 44.07 62.70
C ILE GA 29 5.40 45.44 62.10
N LEU GA 30 4.38 46.12 61.59
CA LEU GA 30 4.58 47.45 61.02
C LEU GA 30 5.04 48.44 62.09
N ASN GA 31 4.47 48.34 63.29
CA ASN GA 31 4.92 49.21 64.38
C ASN GA 31 6.37 48.94 64.75
N TRP GA 32 6.79 47.67 64.72
CA TRP GA 32 8.18 47.34 64.97
C TRP GA 32 9.09 47.94 63.90
N LEU GA 33 8.67 47.87 62.63
CA LEU GA 33 9.47 48.44 61.56
C LEU GA 33 9.60 49.95 61.71
N LYS GA 34 8.53 50.62 62.15
CA LYS GA 34 8.59 52.06 62.36
C LYS GA 34 9.61 52.41 63.43
N ALA GA 35 9.60 51.68 64.55
CA ALA GA 35 10.57 51.94 65.61
C ALA GA 35 11.97 51.52 65.20
N TYR GA 36 12.09 50.40 64.49
CA TYR GA 36 13.40 49.91 64.09
C TYR GA 36 14.07 50.84 63.09
N ALA GA 37 13.31 51.30 62.09
CA ALA GA 37 13.85 52.18 61.07
C ALA GA 37 14.06 53.61 61.55
N GLU GA 38 13.50 53.97 62.71
CA GLU GA 38 13.75 55.30 63.26
C GLU GA 38 15.19 55.49 63.69
N LYS GA 39 15.95 54.40 63.83
CA LYS GA 39 17.33 54.47 64.28
C LYS GA 39 18.34 54.50 63.15
N ILE GA 40 17.99 53.96 61.98
CA ILE GA 40 18.92 53.93 60.85
C ILE GA 40 18.92 55.30 60.17
N PRO GA 41 20.04 55.99 60.10
CA PRO GA 41 20.06 57.32 59.50
C PRO GA 41 20.15 57.26 57.99
N PHE GA 42 19.35 58.11 57.34
CA PHE GA 42 19.42 58.25 55.88
C PHE GA 42 20.59 59.15 55.50
N ASP GA 43 20.55 60.40 55.95
CA ASP GA 43 21.70 61.29 55.90
C ASP GA 43 21.72 62.13 57.17
N GLN GA 44 22.92 62.55 57.58
CA GLN GA 44 23.07 63.25 58.84
C GLN GA 44 23.07 64.77 58.71
N ASP GA 45 23.31 65.30 57.51
CA ASP GA 45 23.18 66.74 57.32
C ASP GA 45 21.77 67.21 57.61
N LYS GA 46 20.77 66.47 57.13
CA LYS GA 46 19.39 66.64 57.55
C LYS GA 46 19.09 65.64 58.66
N ASN GA 47 17.93 65.83 59.29
CA ASN GA 47 17.46 64.89 60.31
C ASN GA 47 16.50 63.89 59.68
N GLN GA 48 17.03 63.11 58.73
CA GLN GA 48 16.26 62.14 57.97
C GLN GA 48 16.64 60.74 58.39
N PHE GA 49 15.65 59.91 58.68
CA PHE GA 49 15.85 58.52 59.03
C PHE GA 49 14.94 57.65 58.17
N TRP GA 50 15.28 56.37 58.10
CA TRP GA 50 14.59 55.46 57.18
C TRP GA 50 13.12 55.30 57.53
N ASP GA 51 12.69 55.67 58.73
CA ASP GA 51 11.29 55.51 59.10
C ASP GA 51 10.40 56.41 58.25
N SER GA 52 10.91 57.55 57.80
CA SER GA 52 10.15 58.41 56.91
C SER GA 52 10.16 57.91 55.46
N PHE GA 53 10.99 56.92 55.16
CA PHE GA 53 10.99 56.32 53.84
C PHE GA 53 9.93 55.24 53.72
N TYR GA 54 9.80 54.39 54.74
CA TYR GA 54 8.78 53.35 54.72
C TYR GA 54 7.39 53.91 54.97
N PHE GA 55 7.29 54.98 55.76
CA PHE GA 55 6.04 55.65 56.05
C PHE GA 55 6.14 57.06 55.50
N ILE GA 56 5.42 57.34 54.41
CA ILE GA 56 5.58 58.58 53.68
C ILE GA 56 4.80 59.69 54.38
N GLN GA 57 5.52 60.75 54.75
CA GLN GA 57 4.93 61.95 55.37
C GLN GA 57 4.07 61.60 56.57
N GLU GA 58 2.78 61.95 56.50
CA GLU GA 58 1.86 61.71 57.61
C GLU GA 58 1.14 60.37 57.44
N ASN GA 59 1.93 59.32 57.39
CA ASN GA 59 1.43 57.95 57.31
C ASN GA 59 1.68 57.23 58.61
N THR GA 60 0.67 56.53 59.11
CA THR GA 60 0.76 55.75 60.33
C THR GA 60 0.68 54.26 59.99
N PRO GA 61 1.23 53.40 60.86
CA PRO GA 61 1.09 51.95 60.61
C PRO GA 61 -0.34 51.49 60.54
N GLU GA 62 -1.26 52.18 61.22
CA GLU GA 62 -2.68 51.84 61.13
C GLU GA 62 -3.20 52.02 59.71
N GLU GA 63 -2.82 53.12 59.05
CA GLU GA 63 -3.28 53.36 57.68
C GLU GA 63 -2.72 52.31 56.72
N LEU GA 64 -1.42 51.98 56.86
CA LEU GA 64 -0.83 51.00 55.96
C LEU GA 64 -1.40 49.61 56.19
N GLU GA 65 -1.71 49.28 57.45
CA GLU GA 65 -2.30 47.99 57.75
C GLU GA 65 -3.67 47.84 57.09
N ASP GA 66 -4.44 48.92 57.05
CA ASP GA 66 -5.75 48.88 56.40
C ASP GA 66 -5.60 48.62 54.90
N ILE GA 67 -4.61 49.26 54.27
CA ILE GA 67 -4.39 49.04 52.84
C ILE GA 67 -3.94 47.61 52.58
N TYR GA 68 -3.09 47.08 53.45
CA TYR GA 68 -2.60 45.71 53.27
C TYR GA 68 -3.74 44.70 53.33
N GLN GA 69 -4.71 44.92 54.21
CA GLN GA 69 -5.82 43.98 54.35
C GLN GA 69 -6.75 44.05 53.14
N HIS GA 70 -6.96 45.24 52.59
CA HIS GA 70 -7.85 45.43 51.45
C HIS GA 70 -7.03 45.95 50.27
N ALA GA 71 -6.66 45.05 49.36
CA ALA GA 71 -5.84 45.43 48.22
C ALA GA 71 -6.60 46.29 47.21
N ASN GA 72 -7.93 46.26 47.23
CA ASN GA 72 -8.70 46.97 46.22
C ASN GA 72 -8.62 48.47 46.40
N LYS GA 73 -8.46 48.96 47.62
CA LYS GA 73 -8.53 50.39 47.90
C LYS GA 73 -7.27 51.14 47.49
N ALA GA 74 -6.38 50.52 46.72
CA ALA GA 74 -5.25 51.20 46.12
C ALA GA 74 -5.27 51.19 44.60
N ASP GA 75 -6.05 50.29 43.98
CA ASP GA 75 -6.16 50.13 42.52
C ASP GA 75 -4.81 50.30 41.82
N GLY GA 76 -3.81 49.59 42.33
CA GLY GA 76 -2.52 49.53 41.68
C GLY GA 76 -1.78 50.85 41.63
N LEU GA 77 -1.90 51.69 42.66
CA LEU GA 77 -1.20 52.96 42.70
C LEU GA 77 -0.42 53.17 43.99
N LEU GA 78 -0.26 52.12 44.81
CA LEU GA 78 0.59 52.21 45.97
C LEU GA 78 2.05 52.36 45.52
N PRO GA 79 2.85 53.13 46.25
CA PRO GA 79 4.27 53.27 45.89
C PRO GA 79 4.97 51.92 45.86
N PRO GA 80 5.86 51.71 44.89
CA PRO GA 80 6.45 50.38 44.71
C PRO GA 80 7.19 49.86 45.93
N HIS GA 81 7.89 50.73 46.67
CA HIS GA 81 8.68 50.25 47.79
C HIS GA 81 7.80 49.77 48.94
N GLN GA 82 6.60 50.33 49.08
CA GLN GA 82 5.67 49.82 50.09
C GLN GA 82 5.04 48.51 49.65
N ALA GA 83 4.82 48.34 48.35
CA ALA GA 83 4.39 47.04 47.85
C ALA GA 83 5.46 45.99 48.08
N PHE GA 84 6.73 46.40 48.09
CA PHE GA 84 7.82 45.50 48.43
C PHE GA 84 7.67 45.00 49.87
N VAL GA 85 7.34 45.91 50.79
CA VAL GA 85 7.16 45.53 52.19
C VAL GA 85 5.96 44.60 52.34
N PHE GA 86 4.86 44.92 51.65
CA PHE GA 86 3.67 44.08 51.74
C PHE GA 86 3.94 42.68 51.19
N ALA GA 87 4.69 42.60 50.09
CA ALA GA 87 5.05 41.29 49.54
C ALA GA 87 5.90 40.49 50.52
N PHE GA 88 6.84 41.16 51.18
CA PHE GA 88 7.69 40.46 52.16
C PHE GA 88 6.87 39.96 53.34
N LEU GA 89 5.91 40.76 53.81
CA LEU GA 89 5.07 40.32 54.92
C LEU GA 89 4.24 39.11 54.55
N LYS GA 90 3.80 39.04 53.28
CA LYS GA 90 3.07 37.86 52.82
C LYS GA 90 3.96 36.63 52.85
N LEU GA 91 5.24 36.77 52.54
CA LEU GA 91 6.16 35.64 52.55
C LEU GA 91 6.30 35.06 53.96
N LEU GA 92 6.39 35.92 54.96
CA LEU GA 92 6.60 35.47 56.34
C LEU GA 92 5.37 34.79 56.93
N GLU GA 93 4.20 34.93 56.30
CA GLU GA 93 2.98 34.37 56.87
C GLU GA 93 3.04 32.85 56.92
N THR GA 94 3.72 32.23 55.96
CA THR GA 94 3.81 30.77 55.94
C THR GA 94 4.64 30.25 57.10
N SER GA 95 5.78 30.88 57.38
CA SER GA 95 6.61 30.46 58.50
C SER GA 95 5.89 30.67 59.83
N ASN GA 96 5.17 31.79 59.95
CA ASN GA 96 4.40 32.05 61.18
C ASN GA 96 3.31 31.00 61.38
N ARG GA 97 2.65 30.60 60.29
CA ARG GA 97 1.60 29.60 60.39
C ARG GA 97 2.16 28.26 60.86
N LEU GA 98 3.32 27.86 60.33
CA LEU GA 98 3.91 26.58 60.69
C LEU GA 98 4.34 26.57 62.16
N LEU GA 99 4.90 27.69 62.64
CA LEU GA 99 5.35 27.76 64.02
C LEU GA 99 4.19 27.64 65.00
N ASN GA 100 3.05 28.24 64.67
CA ASN GA 100 1.90 28.25 65.57
C ASN GA 100 1.23 26.89 65.69
N THR GA 101 1.71 25.87 65.00
CA THR GA 101 1.19 24.52 65.13
C THR GA 101 1.95 23.68 66.16
N PHE GA 102 3.00 24.23 66.75
CA PHE GA 102 3.85 23.50 67.69
C PHE GA 102 3.20 23.32 69.06
N PRO GA 103 2.51 24.32 69.62
CA PRO GA 103 1.82 24.08 70.90
C PRO GA 103 0.87 22.91 70.87
N ALA GA 104 0.16 22.71 69.76
CA ALA GA 104 -0.76 21.57 69.67
C ALA GA 104 0.00 20.26 69.50
N ARG GA 105 1.09 20.28 68.73
CA ARG GA 105 1.89 19.06 68.56
C ARG GA 105 2.71 18.75 69.80
N HIS GA 106 3.04 19.77 70.60
CA HIS GA 106 3.78 19.54 71.83
C HIS GA 106 2.93 18.78 72.85
N ARG GA 107 1.68 19.22 73.04
CA ARG GA 107 0.80 18.55 73.99
C ARG GA 107 0.49 17.13 73.55
N ASP GA 108 0.28 16.93 72.24
CA ASP GA 108 -0.04 15.59 71.74
C ASP GA 108 1.12 14.63 71.99
N LEU GA 109 2.36 15.11 71.82
CA LEU GA 109 3.52 14.26 72.08
C LEU GA 109 3.59 13.86 73.56
N TYR GA 110 3.25 14.79 74.46
CA TYR GA 110 3.31 14.49 75.89
C TYR GA 110 2.24 13.49 76.29
N TYR GA 111 1.01 13.69 75.85
CA TYR GA 111 -0.09 12.82 76.27
C TYR GA 111 0.01 11.43 75.65
N ARG GA 112 0.33 11.38 74.35
CA ARG GA 112 0.21 10.13 73.62
C ARG GA 112 1.50 9.31 73.61
N GLU GA 113 2.66 9.96 73.55
CA GLU GA 113 3.91 9.23 73.42
C GLU GA 113 4.57 8.96 74.76
N LEU GA 114 4.67 9.97 75.62
CA LEU GA 114 5.28 9.77 76.93
C LEU GA 114 4.32 9.06 77.88
N LEU GA 115 3.16 9.67 78.16
CA LEU GA 115 2.20 9.08 79.07
C LEU GA 115 1.50 7.87 78.46
N GLY GA 116 1.50 7.74 77.13
CA GLY GA 116 0.90 6.59 76.49
C GLY GA 116 -0.59 6.46 76.64
N LEU GA 117 -1.30 7.58 76.61
CA LEU GA 117 -2.76 7.58 76.74
C LEU GA 117 -3.40 7.70 75.36
N SER GA 118 -4.58 7.10 75.23
CA SER GA 118 -5.30 7.07 73.97
C SER GA 118 -6.79 7.27 74.23
N PRO GA 119 -7.51 7.81 73.25
CA PRO GA 119 -8.97 7.97 73.42
C PRO GA 119 -9.66 6.61 73.55
N ARG GA 120 -10.76 6.61 74.30
CA ARG GA 120 -11.53 5.40 74.51
C ARG GA 120 -12.36 5.06 73.27
N LYS GA 121 -12.58 3.78 73.06
CA LYS GA 121 -13.36 3.29 71.93
C LYS GA 121 -14.85 3.24 72.28
N ALA GA 122 -15.68 3.06 71.25
CA ALA GA 122 -17.12 3.04 71.43
C ALA GA 122 -17.55 1.77 72.16
N GLN GA 123 -18.69 1.87 72.83
CA GLN GA 123 -19.27 0.76 73.58
C GLN GA 123 -20.51 0.26 72.87
N ALA GA 124 -20.62 -1.06 72.71
CA ALA GA 124 -21.76 -1.65 72.03
C ALA GA 124 -22.97 -1.68 72.95
N ASP GA 125 -24.14 -1.33 72.40
CA ASP GA 125 -25.37 -1.30 73.16
C ASP GA 125 -26.07 -2.66 73.10
N SER GA 126 -27.09 -2.82 73.95
CA SER GA 126 -27.84 -4.06 74.04
C SER GA 126 -29.33 -3.78 74.01
N VAL GA 127 -30.09 -4.74 73.50
CA VAL GA 127 -31.55 -4.65 73.42
C VAL GA 127 -32.16 -5.96 73.88
N ALA GA 128 -33.44 -5.90 74.23
CA ALA GA 128 -34.23 -7.07 74.58
C ALA GA 128 -35.29 -7.30 73.52
N LEU GA 129 -35.29 -8.51 72.94
CA LEU GA 129 -36.17 -8.83 71.83
C LEU GA 129 -37.14 -9.93 72.22
N GLY GA 130 -38.42 -9.72 71.92
CA GLY GA 130 -39.45 -10.73 72.08
C GLY GA 130 -39.75 -11.38 70.74
N ILE GA 131 -39.89 -12.71 70.76
CA ILE GA 131 -40.06 -13.49 69.55
C ILE GA 131 -41.43 -14.13 69.55
N THR GA 132 -42.14 -14.01 68.43
CA THR GA 132 -43.41 -14.69 68.22
C THR GA 132 -43.23 -15.72 67.11
N LEU GA 133 -43.59 -16.97 67.39
CA LEU GA 133 -43.41 -18.05 66.43
C LEU GA 133 -44.62 -18.16 65.52
N ASN GA 134 -44.40 -18.69 64.32
CA ASN GA 134 -45.50 -18.96 63.41
C ASN GA 134 -46.36 -20.09 63.97
N THR GA 135 -47.64 -20.11 63.55
CA THR GA 135 -48.62 -20.97 64.17
C THR GA 135 -48.36 -22.46 63.95
N ASP GA 136 -47.49 -22.82 63.01
CA ASP GA 136 -47.24 -24.22 62.70
C ASP GA 136 -46.05 -24.81 63.45
N ASN GA 137 -45.43 -24.05 64.36
CA ASN GA 137 -44.30 -24.54 65.14
C ASN GA 137 -44.68 -24.57 66.61
N ALA GA 138 -44.59 -25.75 67.23
CA ALA GA 138 -44.85 -25.85 68.66
C ALA GA 138 -43.68 -25.29 69.47
N GLU GA 139 -42.46 -25.60 69.07
CA GLU GA 139 -41.26 -25.09 69.72
C GLU GA 139 -40.18 -24.86 68.68
N TYR GA 140 -39.41 -23.79 68.89
CA TYR GA 140 -38.28 -23.49 68.02
C TYR GA 140 -37.08 -23.11 68.87
N LEU GA 141 -35.89 -23.45 68.37
CA LEU GA 141 -34.64 -23.13 69.04
C LEU GA 141 -33.91 -22.08 68.21
N ILE GA 142 -33.62 -20.94 68.82
CA ILE GA 142 -32.87 -19.86 68.19
C ILE GA 142 -31.45 -19.90 68.75
N PRO GA 143 -30.46 -20.33 67.98
CA PRO GA 143 -29.12 -20.51 68.54
C PRO GA 143 -28.44 -19.19 68.86
N LYS GA 144 -27.46 -19.26 69.75
CA LYS GA 144 -26.65 -18.10 70.07
C LYS GA 144 -25.87 -17.65 68.84
N GLY GA 145 -25.89 -16.34 68.59
CA GLY GA 145 -25.23 -15.78 67.43
C GLY GA 145 -26.15 -15.45 66.27
N THR GA 146 -27.46 -15.61 66.42
CA THR GA 146 -28.39 -15.25 65.37
C THR GA 146 -28.37 -13.75 65.14
N LEU GA 147 -28.41 -13.35 63.88
CA LEU GA 147 -28.31 -11.94 63.50
C LEU GA 147 -29.70 -11.35 63.28
N PHE GA 148 -29.90 -10.14 63.79
CA PHE GA 148 -31.15 -9.42 63.64
C PHE GA 148 -30.88 -8.06 63.02
N ASP GA 149 -31.84 -7.56 62.25
CA ASP GA 149 -31.67 -6.34 61.48
C ASP GA 149 -32.40 -5.19 62.17
N ALA GA 150 -31.71 -4.06 62.31
CA ALA GA 150 -32.28 -2.86 62.92
C ALA GA 150 -32.38 -1.70 61.94
N GLY GA 151 -32.21 -1.95 60.65
CA GLY GA 151 -32.26 -0.88 59.66
C GLY GA 151 -30.90 -0.32 59.32
N GLN GA 152 -30.82 1.01 59.20
CA GLN GA 152 -29.57 1.69 58.89
C GLN GA 152 -29.48 2.97 59.70
N ASP GA 153 -28.26 3.47 59.84
CA ASP GA 153 -28.01 4.72 60.54
C ASP GA 153 -28.29 5.88 59.59
N SER GA 154 -27.93 7.10 60.01
CA SER GA 154 -28.18 8.27 59.17
C SER GA 154 -27.37 8.21 57.88
N VAL GA 155 -26.12 7.77 57.96
CA VAL GA 155 -25.26 7.72 56.78
C VAL GA 155 -25.53 6.50 55.90
N GLY GA 156 -26.38 5.58 56.36
CA GLY GA 156 -26.77 4.43 55.56
C GLY GA 156 -26.10 3.13 55.92
N ASN GA 157 -25.14 3.12 56.84
CA ASN GA 157 -24.51 1.87 57.23
C ASN GA 157 -25.52 0.99 57.96
N PRO GA 158 -25.64 -0.28 57.59
CA PRO GA 158 -26.62 -1.15 58.24
C PRO GA 158 -26.27 -1.41 59.69
N LEU GA 159 -27.32 -1.63 60.49
CA LEU GA 159 -27.18 -1.96 61.91
C LEU GA 159 -27.61 -3.39 62.14
N GLN GA 160 -26.76 -4.18 62.77
CA GLN GA 160 -27.03 -5.58 63.05
C GLN GA 160 -26.74 -5.89 64.51
N TYR GA 161 -27.51 -6.82 65.06
CA TYR GA 161 -27.36 -7.25 66.44
C TYR GA 161 -27.23 -8.76 66.49
N THR GA 162 -26.47 -9.24 67.48
CA THR GA 162 -26.19 -10.66 67.64
C THR GA 162 -26.82 -11.16 68.93
N SER GA 163 -27.59 -12.24 68.82
CA SER GA 163 -28.18 -12.86 70.01
C SER GA 163 -27.08 -13.43 70.91
N GLU GA 164 -27.30 -13.32 72.22
CA GLU GA 164 -26.29 -13.69 73.20
C GLU GA 164 -26.54 -15.04 73.85
N THR GA 165 -27.76 -15.57 73.78
CA THR GA 165 -28.08 -16.82 74.46
C THR GA 165 -29.13 -17.56 73.65
N ASP GA 166 -29.05 -18.89 73.65
CA ASP GA 166 -30.05 -19.71 72.99
C ASP GA 166 -31.43 -19.46 73.60
N LEU GA 167 -32.44 -19.41 72.75
CA LEU GA 167 -33.81 -19.20 73.17
C LEU GA 167 -34.68 -20.34 72.65
N LEU GA 168 -35.45 -20.95 73.56
CA LEU GA 168 -36.38 -22.02 73.21
C LEU GA 168 -37.79 -21.42 73.24
N ALA GA 169 -38.20 -20.85 72.12
CA ALA GA 169 -39.47 -20.15 72.03
C ALA GA 169 -40.64 -21.13 71.89
N ASN GA 170 -41.83 -20.66 72.24
CA ASN GA 170 -43.05 -21.43 72.11
C ASN GA 170 -44.17 -20.49 71.69
N GLN GA 171 -45.40 -21.00 71.70
CA GLN GA 171 -46.57 -20.23 71.28
C GLN GA 171 -47.24 -19.48 72.41
N GLY GA 172 -46.69 -19.54 73.63
CA GLY GA 172 -47.34 -18.91 74.76
C GLY GA 172 -47.21 -17.39 74.73
N GLU GA 173 -47.89 -16.76 75.70
CA GLU GA 173 -47.86 -15.31 75.83
C GLU GA 173 -48.29 -14.94 77.24
N LEU GA 174 -47.54 -14.04 77.87
CA LEU GA 174 -47.95 -13.53 79.18
C LEU GA 174 -49.18 -12.66 79.02
N THR GA 175 -50.20 -12.92 79.84
CA THR GA 175 -51.48 -12.26 79.64
C THR GA 175 -52.00 -11.55 80.88
N ASP GA 176 -51.72 -12.11 82.07
CA ASP GA 176 -52.31 -11.62 83.29
C ASP GA 176 -51.24 -11.30 84.32
N LEU GA 177 -51.53 -10.32 85.17
CA LEU GA 177 -50.65 -9.93 86.26
C LEU GA 177 -51.51 -9.31 87.36
N ARG GA 178 -51.49 -9.93 88.54
CA ARG GA 178 -52.28 -9.47 89.67
C ARG GA 178 -51.48 -9.69 90.96
N TRP GA 179 -51.84 -8.94 91.99
CA TRP GA 179 -51.21 -9.11 93.29
C TRP GA 179 -52.13 -8.54 94.36
N TYR GA 180 -51.83 -8.92 95.61
CA TYR GA 180 -52.51 -8.36 96.77
C TYR GA 180 -51.46 -7.97 97.81
N ARG GA 181 -51.80 -6.99 98.64
CA ARG GA 181 -50.84 -6.40 99.56
C ARG GA 181 -51.44 -6.31 100.96
N LYS GA 182 -50.56 -6.09 101.93
CA LYS GA 182 -50.94 -5.97 103.33
C LYS GA 182 -51.42 -4.56 103.64
N ASP GA 183 -52.31 -4.46 104.63
CA ASP GA 183 -52.78 -3.16 105.13
C ASP GA 183 -53.19 -3.27 106.59
N SER GA 186 -55.93 -5.20 106.85
CA SER GA 186 -56.39 -6.34 106.06
C SER GA 186 -55.54 -6.49 104.80
N TRP GA 187 -56.18 -6.91 103.71
CA TRP GA 187 -55.50 -7.12 102.44
C TRP GA 187 -56.35 -6.59 101.31
N GLN GA 188 -55.71 -5.95 100.34
CA GLN GA 188 -56.37 -5.44 99.14
C GLN GA 188 -55.70 -6.01 97.90
N SER GA 189 -56.51 -6.38 96.92
CA SER GA 189 -56.02 -6.99 95.69
C SER GA 189 -56.34 -6.11 94.49
N THR GA 190 -55.54 -6.26 93.43
CA THR GA 190 -55.73 -5.49 92.22
C THR GA 190 -55.24 -6.30 91.03
N ILE GA 191 -55.69 -5.90 89.85
CA ILE GA 191 -55.32 -6.58 88.61
C ILE GA 191 -54.79 -5.55 87.62
N PRO GA 192 -53.52 -5.17 87.70
CA PRO GA 192 -52.98 -4.19 86.76
C PRO GA 192 -53.05 -4.63 85.30
N LEU GA 193 -52.90 -5.92 85.02
CA LEU GA 193 -52.85 -6.41 83.65
C LEU GA 193 -53.71 -7.66 83.50
N SER GA 194 -54.42 -7.76 82.40
CA SER GA 194 -55.22 -8.94 82.07
C SER GA 194 -55.59 -8.87 80.60
N LEU GA 195 -55.51 -10.01 79.91
CA LEU GA 195 -55.87 -10.08 78.50
C LEU GA 195 -57.27 -10.62 78.26
N SER GA 196 -57.76 -11.51 79.12
CA SER GA 196 -59.16 -11.91 79.03
C SER GA 196 -60.07 -10.71 79.23
N ASP GA 197 -59.77 -9.87 80.21
CA ASP GA 197 -60.35 -8.55 80.32
C ASP GA 197 -59.54 -7.58 79.46
N ASN GA 198 -60.04 -6.36 79.32
CA ASN GA 198 -59.37 -5.33 78.53
C ASN GA 198 -58.58 -4.35 79.39
N ILE GA 199 -57.99 -4.84 80.48
CA ILE GA 199 -57.18 -4.02 81.36
C ILE GA 199 -55.72 -4.21 80.99
N ALA GA 200 -55.05 -3.13 80.62
CA ALA GA 200 -53.66 -3.18 80.18
C ALA GA 200 -52.78 -2.39 81.13
N LEU GA 201 -51.49 -2.74 81.12
CA LEU GA 201 -50.53 -2.05 81.96
C LEU GA 201 -50.40 -0.59 81.51
N PRO GA 202 -50.34 0.36 82.45
CA PRO GA 202 -50.11 1.75 82.06
C PRO GA 202 -48.75 1.91 81.38
N GLU GA 203 -48.69 2.88 80.47
CA GLU GA 203 -47.48 3.07 79.67
C GLU GA 203 -46.28 3.47 80.54
N ASN GA 204 -46.53 4.06 81.71
CA ASN GA 204 -45.46 4.44 82.61
C ASN GA 204 -45.02 3.33 83.53
N GLY GA 205 -45.71 2.19 83.53
CA GLY GA 205 -45.44 1.13 84.48
C GLY GA 205 -46.13 1.38 85.80
N ILE GA 206 -45.95 0.43 86.71
CA ILE GA 206 -46.58 0.49 88.03
C ILE GA 206 -45.54 0.15 89.09
N GLN GA 207 -45.49 0.94 90.15
CA GLN GA 207 -44.66 0.61 91.29
C GLN GA 207 -45.21 -0.63 91.97
N LEU GA 208 -44.33 -1.58 92.30
CA LEU GA 208 -44.78 -2.84 92.87
C LEU GA 208 -45.42 -2.62 94.23
N PHE GA 209 -46.56 -3.27 94.45
CA PHE GA 209 -47.28 -3.23 95.72
C PHE GA 209 -47.61 -1.80 96.14
N SER GA 210 -48.07 -0.99 95.18
CA SER GA 210 -48.45 0.39 95.45
C SER GA 210 -49.96 0.56 95.32
N PRO GA 211 -50.56 1.46 96.09
CA PRO GA 211 -52.01 1.65 96.03
C PRO GA 211 -52.45 2.11 94.64
N THR GA 212 -53.59 1.56 94.19
CA THR GA 212 -54.16 1.93 92.90
C THR GA 212 -55.60 2.38 93.06
N ALA GA 213 -56.30 2.57 91.94
CA ALA GA 213 -57.68 3.05 91.96
C ALA GA 213 -58.70 1.93 92.10
N ASN GA 214 -58.29 0.66 92.00
CA ASN GA 214 -59.20 -0.47 92.07
C ASN GA 214 -58.77 -1.45 93.16
N ASP GA 215 -58.37 -0.93 94.31
CA ASP GA 215 -57.95 -1.76 95.44
C ASP GA 215 -59.19 -2.38 96.08
N VAL GA 216 -59.43 -3.66 95.81
CA VAL GA 216 -60.58 -4.38 96.34
C VAL GA 216 -60.14 -5.12 97.60
N ALA GA 217 -60.87 -4.91 98.69
CA ALA GA 217 -60.57 -5.61 99.93
C ALA GA 217 -60.78 -7.11 99.76
N VAL GA 218 -59.93 -7.89 100.40
CA VAL GA 218 -59.97 -9.34 100.25
C VAL GA 218 -61.14 -9.88 101.06
N LEU GA 219 -62.02 -10.62 100.40
CA LEU GA 219 -63.19 -11.22 101.02
C LEU GA 219 -62.89 -12.66 101.39
N SER GA 220 -63.14 -13.01 102.65
CA SER GA 220 -62.97 -14.37 103.14
C SER GA 220 -64.34 -14.94 103.50
N GLY GA 221 -64.67 -16.09 102.91
CA GLY GA 221 -65.97 -16.69 103.13
C GLY GA 221 -66.11 -18.02 102.40
N TYR GA 222 -67.31 -18.30 101.91
CA TYR GA 222 -67.59 -19.58 101.27
C TYR GA 222 -68.45 -19.36 100.03
N LEU GA 223 -68.27 -20.25 99.06
CA LEU GA 223 -69.08 -20.28 97.84
C LEU GA 223 -69.97 -21.52 97.91
N ILE GA 224 -71.28 -21.30 97.87
CA ILE GA 224 -72.27 -22.36 98.06
C ILE GA 224 -72.89 -22.70 96.71
N LYS GA 225 -72.81 -23.98 96.34
CA LYS GA 225 -73.32 -24.47 95.07
C LYS GA 225 -74.47 -25.43 95.36
N SER GA 226 -75.69 -25.03 95.03
CA SER GA 226 -76.86 -25.84 95.31
C SER GA 226 -77.85 -25.73 94.17
N SER GA 227 -78.62 -26.80 93.97
CA SER GA 227 -79.63 -26.83 92.91
C SER GA 227 -80.98 -26.28 93.36
N LEU GA 228 -81.16 -26.04 94.66
CA LEU GA 228 -82.42 -25.53 95.17
C LEU GA 228 -82.54 -24.01 95.03
N PHE GA 229 -81.52 -23.34 94.51
CA PHE GA 229 -81.50 -21.89 94.41
C PHE GA 229 -82.16 -21.38 93.13
N SER GA 230 -83.02 -22.18 92.50
CA SER GA 230 -83.68 -21.74 91.27
C SER GA 230 -84.50 -20.47 91.51
N MET GA 231 -85.55 -20.59 92.31
CA MET GA 231 -86.28 -19.46 92.90
C MET GA 231 -86.68 -18.44 91.84
N PRO GA 232 -87.67 -18.73 90.99
CA PRO GA 232 -88.00 -17.82 89.89
C PRO GA 232 -88.41 -16.42 90.32
N GLU GA 233 -89.46 -16.28 91.13
CA GLU GA 233 -89.95 -14.96 91.51
C GLU GA 233 -90.66 -15.04 92.85
N GLY GA 234 -91.08 -13.89 93.34
CA GLY GA 234 -91.69 -13.78 94.66
C GLY GA 234 -90.69 -13.28 95.68
N GLU GA 235 -91.13 -13.32 96.95
CA GLU GA 235 -90.25 -13.01 98.07
C GLU GA 235 -89.55 -14.28 98.51
N ARG GA 236 -88.23 -14.30 98.42
CA ARG GA 236 -87.45 -15.50 98.65
C ARG GA 236 -86.57 -15.31 99.89
N HIS GA 237 -86.58 -16.32 100.76
CA HIS GA 237 -85.81 -16.29 102.00
C HIS GA 237 -84.91 -17.50 102.04
N ILE GA 238 -83.63 -17.27 102.34
CA ILE GA 238 -82.63 -18.33 102.45
C ILE GA 238 -82.01 -18.25 103.84
N THR GA 239 -81.96 -19.39 104.52
CA THR GA 239 -81.40 -19.47 105.87
C THR GA 239 -80.27 -20.49 105.86
N LEU GA 240 -79.10 -20.07 106.32
CA LEU GA 240 -77.92 -20.92 106.37
C LEU GA 240 -77.61 -21.26 107.82
N THR GA 241 -77.42 -22.53 108.10
CA THR GA 241 -77.07 -23.00 109.45
C THR GA 241 -75.59 -23.30 109.50
N LEU GA 242 -74.86 -22.57 110.33
CA LEU GA 242 -73.43 -22.76 110.49
C LEU GA 242 -73.13 -23.78 111.57
N GLU GA 243 -71.96 -24.40 111.47
CA GLU GA 243 -71.59 -25.46 112.40
C GLU GA 243 -71.27 -24.91 113.78
N ASN GA 244 -70.78 -23.68 113.86
CA ASN GA 244 -70.38 -23.07 115.13
C ASN GA 244 -71.10 -21.75 115.32
N ASP GA 245 -71.35 -21.41 116.59
CA ASP GA 245 -71.96 -20.13 116.92
C ASP GA 245 -71.00 -19.01 116.57
N TRP GA 246 -71.43 -18.11 115.69
CA TRP GA 246 -70.58 -17.03 115.19
C TRP GA 246 -71.11 -15.69 115.69
N GLU GA 247 -70.23 -14.93 116.34
CA GLU GA 247 -70.56 -13.59 116.85
C GLU GA 247 -69.86 -12.58 115.96
N GLY GA 248 -70.64 -11.80 115.22
CA GLY GA 248 -70.06 -10.82 114.33
C GLY GA 248 -71.11 -9.85 113.83
N GLN GA 249 -70.63 -8.75 113.26
CA GLN GA 249 -71.52 -7.71 112.76
C GLN GA 249 -72.28 -8.18 111.53
N ALA GA 250 -73.58 -7.86 111.50
CA ALA GA 250 -74.40 -8.23 110.36
C ALA GA 250 -74.07 -7.38 109.13
N GLU GA 251 -73.79 -6.10 109.34
CA GLU GA 251 -73.51 -5.20 108.22
C GLU GA 251 -72.16 -5.51 107.56
N HIS GA 252 -71.28 -6.25 108.22
CA HIS GA 252 -69.98 -6.57 107.65
C HIS GA 252 -70.05 -7.68 106.62
N LEU GA 253 -71.16 -8.42 106.55
CA LEU GA 253 -71.29 -9.51 105.59
C LEU GA 253 -71.54 -8.96 104.19
N THR GA 254 -71.33 -9.83 103.20
CA THR GA 254 -71.53 -9.45 101.80
C THR GA 254 -72.01 -10.71 101.06
N ALA GA 255 -73.31 -10.78 100.82
CA ALA GA 255 -73.93 -11.94 100.19
C ALA GA 255 -74.47 -11.56 98.82
N LYS GA 256 -74.07 -12.29 97.79
CA LYS GA 256 -74.54 -12.08 96.43
C LYS GA 256 -74.96 -13.42 95.83
N ILE GA 257 -75.93 -13.37 94.94
CA ILE GA 257 -76.46 -14.55 94.26
C ILE GA 257 -76.21 -14.43 92.77
N SER GA 258 -75.81 -15.53 92.15
CA SER GA 258 -75.54 -15.54 90.72
C SER GA 258 -76.84 -15.64 89.93
N THR GA 259 -77.03 -14.69 89.01
CA THR GA 259 -78.19 -14.69 88.10
C THR GA 259 -77.66 -14.41 86.71
N GLY GA 260 -77.38 -15.47 85.94
CA GLY GA 260 -76.80 -15.30 84.63
C GLY GA 260 -75.44 -14.65 84.67
N ASP GA 261 -75.36 -13.38 84.25
CA ASP GA 261 -74.11 -12.63 84.27
C ASP GA 261 -74.15 -11.47 85.27
N HIS GA 262 -75.05 -11.52 86.24
CA HIS GA 262 -75.22 -10.45 87.21
C HIS GA 262 -75.05 -10.99 88.63
N TRP GA 263 -74.48 -10.16 89.50
CA TRP GA 263 -74.35 -10.45 90.92
C TRP GA 263 -75.41 -9.63 91.64
N LEU GA 264 -76.49 -10.30 92.07
CA LEU GA 264 -77.57 -9.64 92.78
C LEU GA 264 -77.31 -9.65 94.27
N SER GA 265 -77.37 -8.48 94.89
CA SER GA 265 -77.16 -8.36 96.32
C SER GA 265 -78.38 -8.85 97.08
N LEU GA 266 -78.14 -9.28 98.32
CA LEU GA 266 -79.20 -9.75 99.21
C LEU GA 266 -79.20 -8.91 100.48
N SER GA 267 -80.40 -8.58 100.95
CA SER GA 267 -80.56 -7.79 102.17
C SER GA 267 -80.41 -8.73 103.37
N VAL GA 268 -79.27 -8.66 104.05
CA VAL GA 268 -79.05 -9.50 105.22
C VAL GA 268 -79.97 -9.06 106.35
N ASN GA 269 -80.42 -10.03 107.14
CA ASN GA 269 -81.32 -9.73 108.25
C ASN GA 269 -80.52 -9.10 109.38
N PRO GA 270 -80.81 -7.85 109.77
CA PRO GA 270 -79.97 -7.18 110.77
C PRO GA 270 -80.16 -7.70 112.19
N ASN GA 271 -81.26 -8.42 112.47
CA ASN GA 271 -81.49 -8.89 113.84
C ASN GA 271 -80.41 -9.87 114.27
N ARG GA 272 -80.03 -10.79 113.38
CA ARG GA 272 -78.98 -11.78 113.66
C ARG GA 272 -79.28 -12.59 114.92
N THR GA 273 -80.55 -12.95 115.10
CA THR GA 273 -80.96 -13.70 116.27
C THR GA 273 -80.45 -15.14 116.19
N ASN GA 274 -80.39 -15.77 117.36
CA ASN GA 274 -79.99 -17.16 117.55
C ASN GA 274 -78.49 -17.36 117.34
N LYS GA 275 -77.81 -16.31 116.84
CA LYS GA 275 -76.36 -16.25 116.79
C LYS GA 275 -75.74 -17.38 115.97
N ASN GA 276 -76.57 -18.22 115.35
CA ASN GA 276 -76.08 -19.41 114.66
C ASN GA 276 -76.61 -19.56 113.25
N THR GA 277 -77.38 -18.59 112.75
CA THR GA 277 -77.94 -18.67 111.41
C THR GA 277 -77.86 -17.30 110.74
N ILE GA 278 -77.79 -17.32 109.41
CA ILE GA 278 -77.79 -16.11 108.60
C ILE GA 278 -79.00 -16.15 107.70
N GLU GA 279 -79.77 -15.06 107.69
CA GLU GA 279 -81.01 -14.97 106.93
C GLU GA 279 -80.84 -13.96 105.79
N LEU GA 280 -81.13 -14.38 104.57
CA LEU GA 280 -81.05 -13.54 103.40
C LEU GA 280 -82.41 -13.46 102.73
N GLU GA 281 -82.79 -12.26 102.30
CA GLU GA 281 -84.09 -12.02 101.69
C GLU GA 281 -83.92 -11.49 100.27
N LEU GA 282 -84.88 -11.83 99.42
CA LEU GA 282 -84.92 -11.35 98.06
C LEU GA 282 -86.33 -10.85 97.75
N SER GA 283 -86.43 -9.66 97.16
CA SER GA 283 -87.73 -9.08 96.88
C SER GA 283 -88.30 -9.63 95.58
N SER GA 284 -89.61 -9.46 95.41
CA SER GA 284 -90.28 -9.89 94.20
C SER GA 284 -89.93 -9.02 93.00
N THR GA 285 -89.42 -7.81 93.24
CA THR GA 285 -89.02 -6.94 92.15
C THR GA 285 -87.70 -7.36 91.51
N ASP GA 286 -86.94 -8.23 92.18
CA ASP GA 286 -85.59 -8.54 91.75
C ASP GA 286 -85.58 -9.54 90.60
N ASP GA 287 -84.44 -9.58 89.91
CA ASP GA 287 -84.28 -10.44 88.74
C ASP GA 287 -84.38 -11.91 89.17
N PRO GA 288 -85.08 -12.75 88.41
CA PRO GA 288 -85.08 -14.19 88.70
C PRO GA 288 -83.68 -14.78 88.73
N ILE GA 289 -83.47 -15.73 89.63
CA ILE GA 289 -82.16 -16.34 89.82
C ILE GA 289 -81.95 -17.40 88.74
N SER GA 290 -80.78 -17.35 88.09
CA SER GA 290 -80.41 -18.29 87.04
C SER GA 290 -79.00 -18.80 87.30
N PRO GA 291 -78.66 -19.99 86.79
CA PRO GA 291 -77.30 -20.50 86.95
C PRO GA 291 -76.29 -19.57 86.31
N PRO GA 292 -75.11 -19.42 86.90
CA PRO GA 292 -74.13 -18.48 86.36
C PRO GA 292 -73.61 -18.91 85.01
N ASP GA 293 -73.28 -17.92 84.18
CA ASP GA 293 -72.73 -18.18 82.85
C ASP GA 293 -71.74 -17.06 82.54
N ASN GA 294 -70.45 -17.39 82.62
CA ASN GA 294 -69.35 -16.45 82.42
C ASN GA 294 -69.38 -15.30 83.42
N LEU GA 295 -70.01 -15.52 84.58
CA LEU GA 295 -70.04 -14.51 85.64
C LEU GA 295 -68.71 -14.54 86.37
N ASP GA 296 -67.89 -13.52 86.15
CA ASP GA 296 -66.50 -13.44 86.64
C ASP GA 296 -65.80 -14.80 86.56
N GLY GA 297 -65.93 -15.43 85.40
CA GLY GA 297 -65.18 -16.63 85.10
C GLY GA 297 -65.91 -17.95 85.32
N MET GA 298 -66.64 -18.07 86.42
CA MET GA 298 -67.26 -19.34 86.77
C MET GA 298 -68.48 -19.63 85.88
N THR GA 299 -68.65 -20.90 85.55
CA THR GA 299 -69.81 -21.38 84.80
C THR GA 299 -70.31 -22.63 85.50
N PHE GA 300 -71.56 -22.60 85.96
CA PHE GA 300 -72.13 -23.73 86.69
C PHE GA 300 -73.53 -24.02 86.17
N ASP GA 301 -73.94 -25.28 86.31
CA ASP GA 301 -75.27 -25.70 85.86
C ASP GA 301 -76.38 -25.23 86.79
N ILE GA 302 -76.05 -24.85 88.03
CA ILE GA 302 -77.05 -24.35 88.97
C ILE GA 302 -76.50 -23.15 89.71
N PRO GA 303 -77.38 -22.27 90.18
CA PRO GA 303 -76.93 -21.00 90.77
C PRO GA 303 -76.08 -21.21 92.01
N VAL GA 304 -75.19 -20.24 92.24
CA VAL GA 304 -74.26 -20.27 93.36
C VAL GA 304 -74.50 -19.05 94.24
N LEU GA 305 -74.13 -19.19 95.51
CA LEU GA 305 -74.24 -18.12 96.50
C LEU GA 305 -72.85 -17.79 97.01
N LYS GA 306 -72.47 -16.52 96.93
CA LYS GA 306 -71.17 -16.05 97.41
C LYS GA 306 -71.39 -15.26 98.69
N LEU GA 307 -70.81 -15.73 99.79
CA LEU GA 307 -70.95 -15.10 101.09
C LEU GA 307 -69.58 -14.99 101.74
N GLY GA 308 -69.28 -13.81 102.28
CA GLY GA 308 -67.99 -13.60 102.92
C GLY GA 308 -67.97 -12.25 103.61
N THR GA 309 -66.91 -12.03 104.38
CA THR GA 309 -66.72 -10.80 105.13
C THR GA 309 -65.25 -10.44 105.12
N THR GA 310 -64.87 -9.48 105.96
CA THR GA 310 -63.49 -9.01 106.02
C THR GA 310 -63.23 -8.42 107.39
N GLN GA 311 -61.93 -8.27 107.71
CA GLN GA 311 -61.41 -7.67 108.93
C GLN GA 311 -62.23 -8.02 110.17
N LYS GA 312 -62.61 -9.28 110.30
CA LYS GA 312 -63.45 -9.73 111.42
C LYS GA 312 -63.31 -11.23 111.54
N PRO GA 313 -63.75 -11.82 112.66
CA PRO GA 313 -63.67 -13.28 112.79
C PRO GA 313 -64.41 -14.00 111.67
N MET GA 314 -63.83 -15.12 111.23
CA MET GA 314 -64.32 -15.80 110.05
C MET GA 314 -65.63 -16.53 110.32
N LEU GA 315 -66.37 -16.76 109.25
CA LEU GA 315 -67.61 -17.52 109.33
C LEU GA 315 -67.30 -19.02 109.41
N PRO GA 316 -68.03 -19.76 110.24
CA PRO GA 316 -67.92 -21.22 110.21
C PRO GA 316 -68.50 -21.78 108.92
N LYS GA 317 -68.14 -23.04 108.63
CA LYS GA 317 -68.62 -23.68 107.41
C LYS GA 317 -70.14 -23.82 107.44
N ILE GA 318 -70.76 -23.60 106.28
CA ILE GA 318 -72.21 -23.74 106.16
C ILE GA 318 -72.57 -25.22 106.17
N THR GA 319 -73.53 -25.60 107.01
CA THR GA 319 -73.92 -26.98 107.17
C THR GA 319 -75.36 -27.28 106.79
N GLY GA 320 -76.24 -26.28 106.77
CA GLY GA 320 -77.62 -26.51 106.42
C GLY GA 320 -78.20 -25.31 105.69
N ILE GA 321 -79.13 -25.61 104.77
CA ILE GA 321 -79.79 -24.59 103.96
C ILE GA 321 -81.30 -24.81 104.06
N GLU GA 322 -82.03 -23.73 104.34
CA GLU GA 322 -83.48 -23.76 104.38
C GLU GA 322 -84.02 -22.72 103.41
N ILE GA 323 -85.05 -23.10 102.65
CA ILE GA 323 -85.58 -22.30 101.56
C ILE GA 323 -87.05 -22.01 101.85
N ASN GA 324 -87.45 -20.75 101.67
CA ASN GA 324 -88.83 -20.33 101.86
C ASN GA 324 -89.23 -19.35 100.76
N ILE GA 325 -90.33 -19.66 100.08
CA ILE GA 325 -90.87 -18.79 99.03
C ILE GA 325 -92.35 -18.57 99.31
N ASN GA 326 -92.80 -17.34 99.08
CA ASN GA 326 -94.22 -17.03 99.11
C ASN GA 326 -94.56 -16.26 97.84
N GLY GA 327 -95.68 -16.61 97.22
CA GLY GA 327 -96.06 -16.03 95.95
C GLY GA 327 -96.58 -17.07 94.98
N ASN GA 328 -97.73 -16.82 94.38
CA ASN GA 328 -98.41 -17.77 93.51
C ASN GA 328 -98.23 -17.45 92.03
N ARG GA 329 -97.34 -16.53 91.68
CA ARG GA 329 -97.21 -16.08 90.31
C ARG GA 329 -96.58 -17.10 89.38
N SER GA 330 -96.04 -18.20 89.92
CA SER GA 330 -95.45 -19.26 89.11
C SER GA 330 -95.96 -20.63 89.56
N VAL GA 331 -97.26 -20.74 89.78
CA VAL GA 331 -97.89 -21.99 90.17
C VAL GA 331 -98.94 -22.33 89.13
N ARG GA 332 -98.85 -23.54 88.57
CA ARG GA 332 -99.83 -24.02 87.61
C ARG GA 332 -101.04 -24.57 88.37
N TYR GA 333 -102.18 -23.91 88.22
CA TYR GA 333 -103.39 -24.28 88.93
C TYR GA 333 -104.51 -24.54 87.93
N ALA GA 334 -105.21 -25.65 88.10
CA ALA GA 334 -106.30 -26.02 87.20
C ALA GA 334 -107.27 -26.94 87.93
N SER GA 335 -108.55 -26.66 87.77
CA SER GA 335 -109.60 -27.50 88.36
C SER GA 335 -110.12 -28.48 87.32
N ASP GA 336 -111.20 -29.19 87.64
CA ASP GA 336 -111.80 -30.11 86.69
C ASP GA 336 -112.39 -29.38 85.49
N GLY GA 337 -112.92 -28.17 85.70
CA GLY GA 337 -113.49 -27.42 84.59
C GLY GA 337 -112.45 -27.01 83.57
N GLY GA 338 -111.26 -26.62 84.03
CA GLY GA 338 -110.22 -26.19 83.11
C GLY GA 338 -109.05 -25.56 83.85
N ILE GA 339 -108.37 -24.66 83.17
CA ILE GA 339 -107.20 -23.97 83.70
C ILE GA 339 -107.61 -22.54 84.03
N GLU GA 340 -107.38 -22.13 85.28
CA GLU GA 340 -107.69 -20.78 85.73
C GLU GA 340 -106.46 -20.17 86.40
N GLN GA 341 -106.35 -18.85 86.29
CA GLN GA 341 -105.25 -18.12 86.92
C GLN GA 341 -105.51 -18.00 88.41
N THR GA 342 -104.50 -18.29 89.22
CA THR GA 342 -104.63 -18.19 90.66
C THR GA 342 -104.72 -16.75 91.16
N ASP GA 343 -104.43 -15.78 90.29
CA ASP GA 343 -104.53 -14.36 90.64
C ASP GA 343 -105.84 -13.74 90.20
N THR GA 344 -106.77 -14.52 89.64
CA THR GA 344 -108.06 -14.04 89.19
C THR GA 344 -109.16 -14.84 89.85
N THR GA 345 -110.40 -14.40 89.63
CA THR GA 345 -111.55 -15.08 90.20
C THR GA 345 -111.73 -16.46 89.59
N SER GA 346 -112.05 -17.44 90.44
CA SER GA 346 -112.23 -18.80 89.98
C SER GA 346 -113.10 -19.56 90.98
N SER GA 347 -113.62 -20.70 90.53
CA SER GA 347 -114.36 -21.62 91.38
C SER GA 347 -113.56 -22.89 91.53
N PRO GA 348 -112.87 -23.10 92.65
CA PRO GA 348 -111.96 -24.26 92.77
C PRO GA 348 -112.65 -25.60 92.64
N PHE GA 349 -113.90 -25.72 93.10
CA PHE GA 349 -114.60 -27.00 93.13
C PHE GA 349 -115.75 -27.05 92.13
N GLY GA 350 -115.78 -26.14 91.16
CA GLY GA 350 -116.83 -26.14 90.17
C GLY GA 350 -118.11 -25.51 90.67
N GLN GA 351 -119.09 -25.46 89.79
CA GLN GA 351 -120.39 -24.87 90.08
C GLN GA 351 -121.36 -25.87 90.72
N SER GA 352 -120.98 -27.14 90.81
CA SER GA 352 -121.80 -28.16 91.47
C SER GA 352 -120.86 -29.20 92.09
N PRO GA 353 -120.17 -28.82 93.17
CA PRO GA 353 -119.17 -29.73 93.75
C PRO GA 353 -119.83 -30.97 94.35
N SER GA 354 -119.07 -32.06 94.35
CA SER GA 354 -119.46 -33.31 94.99
C SER GA 354 -118.23 -33.92 95.66
N LEU GA 355 -118.43 -35.08 96.29
CA LEU GA 355 -117.31 -35.75 96.94
C LEU GA 355 -116.29 -36.18 95.90
N GLY GA 356 -115.02 -35.87 96.17
CA GLY GA 356 -113.94 -36.18 95.24
C GLY GA 356 -113.63 -35.10 94.23
N SER GA 357 -114.43 -34.05 94.15
CA SER GA 357 -114.13 -32.96 93.25
C SER GA 357 -113.02 -32.08 93.81
N GLY GA 358 -112.29 -31.42 92.92
CA GLY GA 358 -111.22 -30.56 93.36
C GLY GA 358 -110.39 -30.06 92.20
N PHE GA 359 -109.14 -29.69 92.51
CA PHE GA 359 -108.23 -29.10 91.55
C PHE GA 359 -106.85 -29.72 91.71
N ASN GA 360 -105.92 -29.31 90.85
CA ASN GA 360 -104.55 -29.79 90.87
C ASN GA 360 -103.58 -28.62 90.81
N LEU GA 361 -102.44 -28.78 91.46
CA LEU GA 361 -101.40 -27.76 91.49
C LEU GA 361 -100.05 -28.38 91.20
N VAL GA 362 -99.14 -27.57 90.65
CA VAL GA 362 -97.77 -27.99 90.41
C VAL GA 362 -96.92 -26.73 90.26
N ALA GA 363 -95.62 -26.86 90.54
CA ALA GA 363 -94.69 -25.76 90.44
C ALA GA 363 -93.29 -26.31 90.22
N PRO GA 364 -92.48 -25.68 89.38
CA PRO GA 364 -91.12 -26.19 89.14
C PRO GA 364 -90.26 -26.24 90.39
N GLU GA 365 -90.48 -25.32 91.34
CA GLU GA 365 -89.66 -25.31 92.55
C GLU GA 365 -89.85 -26.58 93.38
N TRP GA 366 -91.03 -27.19 93.31
CA TRP GA 366 -91.28 -28.38 94.12
C TRP GA 366 -90.54 -29.60 93.59
N TYR GA 367 -90.27 -29.63 92.29
CA TYR GA 367 -89.57 -30.77 91.71
C TYR GA 367 -88.13 -30.83 92.20
N GLY GA 368 -87.68 -32.04 92.55
CA GLY GA 368 -86.33 -32.23 93.05
C GLY GA 368 -86.18 -32.08 94.55
N THR GA 369 -87.24 -31.71 95.27
CA THR GA 369 -87.19 -31.53 96.71
C THR GA 369 -87.64 -32.80 97.41
N GLU GA 370 -87.64 -32.76 98.74
CA GLU GA 370 -88.02 -33.91 99.54
C GLU GA 370 -88.46 -33.44 100.93
N ASN GA 371 -89.56 -34.01 101.42
CA ASN GA 371 -90.10 -33.66 102.74
C ASN GA 371 -90.37 -32.17 102.86
N ALA GA 372 -90.88 -31.58 101.78
CA ALA GA 372 -91.14 -30.15 101.74
C ALA GA 372 -92.48 -29.82 102.38
N THR GA 373 -92.74 -28.53 102.54
CA THR GA 373 -93.97 -28.02 103.13
C THR GA 373 -94.63 -27.06 102.17
N LEU GA 374 -95.93 -27.23 101.94
CA LEU GA 374 -96.69 -26.39 101.04
C LEU GA 374 -97.86 -25.77 101.80
N THR GA 375 -98.05 -24.46 101.65
CA THR GA 375 -99.10 -23.73 102.34
C THR GA 375 -99.92 -22.95 101.32
N MET GA 376 -101.24 -23.08 101.40
CA MET GA 376 -102.16 -22.37 100.53
C MET GA 376 -103.20 -21.63 101.36
N THR GA 377 -103.51 -20.41 100.96
CA THR GA 377 -104.52 -19.58 101.63
C THR GA 377 -105.48 -19.03 100.58
N PRO GA 378 -106.72 -19.51 100.53
CA PRO GA 378 -107.67 -19.00 99.55
C PRO GA 378 -108.45 -17.81 100.06
N GLN GA 379 -108.60 -16.81 99.19
CA GLN GA 379 -109.36 -15.60 99.51
C GLN GA 379 -110.81 -15.83 99.13
N TRP GA 380 -111.61 -16.24 100.12
CA TRP GA 380 -113.01 -16.55 99.87
C TRP GA 380 -113.82 -15.28 99.60
N VAL GA 381 -114.87 -15.43 98.80
CA VAL GA 381 -115.74 -14.32 98.43
C VAL GA 381 -117.18 -14.81 98.49
N GLY GA 382 -118.07 -13.94 98.95
CA GLY GA 382 -119.49 -14.28 99.06
C GLY GA 382 -119.80 -15.31 100.12
N LEU GA 383 -119.12 -15.23 101.26
CA LEU GA 383 -119.44 -16.11 102.37
C LEU GA 383 -120.68 -15.62 103.11
N PRO GA 384 -121.48 -16.54 103.66
CA PRO GA 384 -122.66 -16.12 104.42
C PRO GA 384 -122.28 -15.31 105.65
N THR GA 385 -123.14 -14.35 106.00
CA THR GA 385 -122.89 -13.51 107.17
C THR GA 385 -123.15 -14.25 108.48
N SER GA 386 -123.72 -15.44 108.43
CA SER GA 386 -123.98 -16.26 109.61
C SER GA 386 -123.29 -17.60 109.45
N SER GA 387 -123.45 -18.46 110.46
CA SER GA 387 -122.83 -19.78 110.42
C SER GA 387 -123.48 -20.63 109.35
N PHE GA 388 -122.71 -21.59 108.83
CA PHE GA 388 -123.24 -22.53 107.85
C PHE GA 388 -124.38 -23.35 108.42
N SER GA 389 -124.33 -23.64 109.73
CA SER GA 389 -125.45 -24.31 110.38
C SER GA 389 -126.71 -23.47 110.31
N THR GA 390 -126.58 -22.16 110.55
CA THR GA 390 -127.72 -21.27 110.40
C THR GA 390 -128.16 -21.17 108.94
N TRP GA 391 -127.20 -21.03 108.02
CA TRP GA 391 -127.55 -20.92 106.61
C TRP GA 391 -128.18 -22.21 106.10
N TYR GA 392 -127.60 -23.35 106.45
CA TYR GA 392 -128.14 -24.66 106.06
C TYR GA 392 -129.02 -25.21 107.17
N ASP GA 393 -130.02 -24.43 107.57
CA ASP GA 393 -130.84 -24.78 108.73
C ASP GA 393 -131.76 -25.95 108.43
N LYS GA 394 -132.43 -25.92 107.27
CA LYS GA 394 -133.45 -26.91 106.96
C LYS GA 394 -132.90 -28.15 106.26
N TYR GA 395 -131.63 -28.14 105.86
CA TYR GA 395 -131.07 -29.31 105.20
C TYR GA 395 -130.84 -30.45 106.18
N ASN GA 396 -131.10 -31.68 105.72
CA ASN GA 396 -130.98 -32.86 106.55
C ASN GA 396 -129.84 -33.73 106.03
N PRO GA 397 -128.80 -34.01 106.83
CA PRO GA 397 -128.56 -33.53 108.19
C PRO GA 397 -128.11 -32.06 108.24
N LYS GA 398 -128.32 -31.40 109.38
CA LYS GA 398 -127.92 -30.01 109.52
C LYS GA 398 -126.44 -29.92 109.88
N PRO GA 399 -125.64 -29.18 109.12
CA PRO GA 399 -124.17 -29.11 109.34
C PRO GA 399 -123.77 -28.17 110.48
N ALA GA 400 -123.85 -28.69 111.71
CA ALA GA 400 -123.39 -27.93 112.86
C ALA GA 400 -121.87 -27.96 112.93
N SER GA 401 -121.31 -27.03 113.72
CA SER GA 401 -119.88 -26.96 113.98
C SER GA 401 -119.08 -26.81 112.68
N ASN GA 402 -119.26 -25.63 112.07
CA ASN GA 402 -118.61 -25.27 110.81
C ASN GA 402 -117.17 -25.76 110.76
N GLY GA 403 -116.86 -26.54 109.72
CA GLY GA 403 -115.57 -27.20 109.62
C GLY GA 403 -115.73 -28.64 109.18
N VAL GA 404 -116.98 -29.07 109.00
CA VAL GA 404 -117.24 -30.42 108.50
C VAL GA 404 -116.79 -30.57 107.05
N PHE GA 405 -116.63 -29.47 106.33
CA PHE GA 405 -116.11 -29.51 104.97
C PHE GA 405 -114.61 -29.75 105.05
N LYS GA 406 -114.17 -30.93 104.62
CA LYS GA 406 -112.79 -31.35 104.76
C LYS GA 406 -112.19 -31.63 103.38
N VAL GA 407 -110.88 -31.51 103.30
CA VAL GA 407 -110.14 -31.68 102.05
C VAL GA 407 -109.04 -32.71 102.25
N GLN GA 408 -108.61 -33.33 101.16
CA GLN GA 408 -107.55 -34.31 101.17
C GLN GA 408 -106.53 -33.96 100.08
N GLY GA 409 -105.27 -34.29 100.33
CA GLY GA 409 -104.19 -34.03 99.39
C GLY GA 409 -103.67 -35.32 98.79
N TYR GA 410 -103.49 -35.32 97.47
CA TYR GA 410 -103.01 -36.48 96.75
C TYR GA 410 -101.84 -36.10 95.84
N LEU GA 411 -100.91 -37.03 95.69
CA LEU GA 411 -99.83 -36.92 94.71
C LEU GA 411 -100.20 -37.82 93.54
N VAL GA 412 -100.52 -37.20 92.40
CA VAL GA 412 -101.07 -37.89 91.24
C VAL GA 412 -99.97 -38.05 90.20
N THR GA 413 -99.69 -39.30 89.83
CA THR GA 413 -98.76 -39.62 88.76
C THR GA 413 -99.45 -40.54 87.76
N SER GA 414 -98.74 -40.80 86.66
CA SER GA 414 -99.29 -41.68 85.64
C SER GA 414 -99.48 -43.10 86.13
N GLN GA 415 -98.75 -43.51 87.17
CA GLN GA 415 -98.79 -44.88 87.65
C GLN GA 415 -99.90 -45.10 88.68
N LYS GA 416 -99.99 -44.21 89.67
CA LYS GA 416 -100.92 -44.40 90.79
C LYS GA 416 -101.12 -43.06 91.48
N ARG GA 417 -101.96 -43.07 92.51
CA ARG GA 417 -102.18 -41.93 93.38
C ARG GA 417 -101.73 -42.25 94.79
N ASP GA 418 -101.11 -41.28 95.44
CA ASP GA 418 -100.62 -41.45 96.81
C ASP GA 418 -101.28 -40.42 97.72
N VAL GA 419 -101.54 -40.84 98.95
CA VAL GA 419 -102.23 -40.00 99.93
C VAL GA 419 -101.22 -39.21 100.72
N LEU GA 420 -101.43 -37.90 100.82
CA LEU GA 420 -100.55 -37.01 101.55
C LEU GA 420 -101.07 -36.75 102.96
N ASN GA 421 -100.19 -36.23 103.80
CA ASN GA 421 -100.52 -35.83 105.17
C ASN GA 421 -101.08 -37.00 106.00
N ASP GA 422 -100.64 -38.22 105.67
CA ASP GA 422 -101.07 -39.43 106.38
C ASP GA 422 -102.58 -39.55 106.43
N ALA GA 423 -103.24 -39.28 105.30
CA ALA GA 423 -104.67 -39.46 105.09
C ALA GA 423 -105.53 -38.56 105.99
N LYS GA 424 -104.92 -37.58 106.65
CA LYS GA 424 -105.70 -36.66 107.49
C LYS GA 424 -106.44 -35.66 106.61
N SER GA 425 -107.50 -35.09 107.19
CA SER GA 425 -108.32 -34.10 106.50
C SER GA 425 -108.25 -32.77 107.24
N GLN GA 426 -108.33 -31.67 106.48
CA GLN GA 426 -108.23 -30.34 107.04
C GLN GA 426 -109.52 -29.57 106.80
N PRO GA 427 -109.96 -28.76 107.76
CA PRO GA 427 -111.21 -28.00 107.57
C PRO GA 427 -110.97 -26.75 106.72
N LEU GA 428 -111.83 -26.56 105.72
CA LEU GA 428 -111.73 -25.36 104.89
C LEU GA 428 -112.02 -24.10 105.69
N PHE GA 429 -113.01 -24.14 106.57
CA PHE GA 429 -113.45 -22.98 107.33
C PHE GA 429 -113.39 -23.27 108.82
N ASP GA 430 -113.43 -22.20 109.60
CA ASP GA 430 -113.40 -22.31 111.06
C ASP GA 430 -114.15 -21.14 111.66
N GLY GA 431 -114.51 -21.29 112.93
CA GLY GA 431 -115.23 -20.27 113.65
C GLY GA 431 -116.69 -20.61 113.85
N THR GA 432 -117.24 -20.17 114.98
CA THR GA 432 -118.64 -20.45 115.31
C THR GA 432 -119.59 -19.44 114.67
N GLY GA 433 -119.13 -18.23 114.39
CA GLY GA 433 -119.96 -17.26 113.71
C GLY GA 433 -119.95 -17.44 112.21
N ALA GA 434 -119.73 -16.37 111.47
CA ALA GA 434 -119.58 -16.50 110.03
C ALA GA 434 -118.33 -17.31 109.72
N PRO GA 435 -118.33 -18.12 108.66
CA PRO GA 435 -117.16 -18.93 108.34
C PRO GA 435 -115.93 -18.08 108.07
N GLN GA 436 -114.78 -18.56 108.53
CA GLN GA 436 -113.51 -17.88 108.35
C GLN GA 436 -112.55 -18.78 107.59
N GLY GA 437 -112.00 -18.26 106.50
CA GLY GA 437 -111.03 -19.03 105.73
C GLY GA 437 -109.76 -19.25 106.51
N GLN GA 438 -109.15 -20.43 106.32
CA GLN GA 438 -107.92 -20.78 107.00
C GLN GA 438 -106.98 -21.46 106.02
N SER GA 439 -105.69 -21.40 106.32
CA SER GA 439 -104.67 -21.94 105.44
C SER GA 439 -104.69 -23.47 105.48
N LEU GA 440 -104.08 -24.07 104.45
CA LEU GA 440 -104.01 -25.51 104.31
C LEU GA 440 -102.55 -25.91 104.10
N THR GA 441 -102.10 -26.90 104.85
CA THR GA 441 -100.71 -27.32 104.85
C THR GA 441 -100.58 -28.78 104.44
N PHE GA 442 -99.61 -29.07 103.59
CA PHE GA 442 -99.35 -30.42 103.13
C PHE GA 442 -97.85 -30.70 103.12
N ILE GA 443 -97.49 -31.96 103.26
CA ILE GA 443 -96.10 -32.41 103.25
C ILE GA 443 -95.91 -33.32 102.05
N LEU GA 444 -94.91 -33.01 101.21
CA LEU GA 444 -94.72 -33.75 99.98
C LEU GA 444 -93.58 -34.77 100.13
N PRO GA 445 -93.69 -35.92 99.47
CA PRO GA 445 -92.62 -36.92 99.54
C PRO GA 445 -91.48 -36.61 98.59
N ALA GA 446 -90.51 -37.52 98.49
CA ALA GA 446 -89.39 -37.37 97.56
C ALA GA 446 -89.92 -37.25 96.13
N MET GA 447 -89.73 -36.08 95.52
CA MET GA 447 -90.35 -35.74 94.25
C MET GA 447 -89.24 -35.43 93.24
N HIS GA 448 -88.73 -36.47 92.59
CA HIS GA 448 -87.63 -36.35 91.63
C HIS GA 448 -88.17 -36.69 90.24
N TYR GA 449 -88.65 -35.68 89.54
CA TYR GA 449 -89.24 -35.86 88.22
C TYR GA 449 -88.71 -34.78 87.29
N PRO GA 450 -88.66 -35.06 85.99
CA PRO GA 450 -88.17 -34.06 85.02
C PRO GA 450 -89.14 -32.90 84.89
N LEU GA 451 -88.60 -31.75 84.50
CA LEU GA 451 -89.39 -30.54 84.34
C LEU GA 451 -90.04 -30.51 82.97
N THR GA 452 -91.29 -30.04 82.93
CA THR GA 452 -92.03 -29.85 81.69
C THR GA 452 -92.45 -28.38 81.57
N ASP GA 453 -93.15 -28.06 80.49
CA ASP GA 453 -93.58 -26.70 80.22
C ASP GA 453 -95.08 -26.59 79.99
N SER GA 454 -95.82 -27.68 80.12
CA SER GA 454 -97.26 -27.64 79.87
C SER GA 454 -97.96 -26.84 80.96
N PRO GA 455 -98.78 -25.85 80.60
CA PRO GA 455 -99.48 -25.06 81.63
C PRO GA 455 -100.39 -25.89 82.52
N SER GA 456 -101.02 -26.93 81.98
CA SER GA 456 -101.92 -27.75 82.78
C SER GA 456 -101.10 -28.68 83.68
N PRO GA 457 -101.33 -28.66 84.99
CA PRO GA 457 -100.57 -29.54 85.89
C PRO GA 457 -100.83 -31.03 85.64
N ASN GA 458 -101.91 -31.38 84.96
CA ASN GA 458 -102.21 -32.78 84.72
C ASN GA 458 -101.15 -33.43 83.83
N GLU GA 459 -100.68 -32.72 82.81
CA GLU GA 459 -99.68 -33.28 81.90
C GLU GA 459 -98.34 -33.50 82.58
N TRP GA 460 -98.08 -32.85 83.71
CA TRP GA 460 -96.82 -33.03 84.42
C TRP GA 460 -96.74 -34.46 84.98
N PRO GA 461 -95.54 -35.01 85.10
CA PRO GA 461 -95.41 -36.37 85.65
C PRO GA 461 -95.97 -36.49 87.06
N ALA GA 462 -95.84 -35.46 87.89
CA ALA GA 462 -96.38 -35.46 89.23
C ALA GA 462 -97.08 -34.15 89.49
N SER GA 463 -98.20 -34.20 90.23
CA SER GA 463 -98.96 -33.02 90.57
C SER GA 463 -99.62 -33.22 91.93
N VAL GA 464 -100.03 -32.12 92.53
CA VAL GA 464 -100.67 -32.12 93.84
C VAL GA 464 -102.16 -31.86 93.63
N ARG GA 465 -102.98 -32.82 94.05
CA ARG GA 465 -104.42 -32.76 93.86
C ARG GA 465 -105.12 -32.60 95.21
N ILE GA 466 -106.06 -31.66 95.29
CA ILE GA 466 -106.85 -31.42 96.49
C ILE GA 466 -108.30 -31.79 96.17
N GLU GA 467 -108.94 -32.53 97.06
CA GLU GA 467 -110.29 -33.05 96.84
C GLU GA 467 -111.13 -32.88 98.09
N LEU GA 468 -112.43 -32.71 97.89
CA LEU GA 468 -113.37 -32.70 99.01
C LEU GA 468 -113.46 -34.09 99.62
N ALA GA 469 -113.58 -34.15 100.95
CA ALA GA 469 -113.44 -35.41 101.67
C ALA GA 469 -114.73 -35.89 102.33
N GLU GA 470 -115.33 -35.09 103.22
CA GLU GA 470 -116.39 -35.60 104.08
C GLU GA 470 -117.79 -35.26 103.60
N GLN GA 471 -118.11 -33.98 103.46
CA GLN GA 471 -119.48 -33.55 103.25
C GLN GA 471 -119.56 -32.49 102.16
N ASP GA 472 -120.53 -32.67 101.26
CA ASP GA 472 -120.79 -31.73 100.19
C ASP GA 472 -121.56 -30.51 100.72
N PHE GA 473 -121.58 -29.45 99.91
CA PHE GA 473 -122.34 -28.25 100.23
C PHE GA 473 -123.84 -28.43 100.01
N MET GA 474 -124.29 -29.66 99.78
CA MET GA 474 -125.70 -29.99 99.60
C MET GA 474 -126.31 -29.21 98.43
N HIS GA 475 -125.72 -29.40 97.26
CA HIS GA 475 -126.35 -28.99 96.01
C HIS GA 475 -127.35 -30.03 95.52
N ALA GA 476 -127.09 -31.31 95.80
CA ALA GA 476 -128.04 -32.36 95.44
C ALA GA 476 -129.30 -32.26 96.29
N GLN GA 477 -129.15 -32.01 97.59
CA GLN GA 477 -130.32 -31.88 98.46
C GLN GA 477 -131.17 -30.69 98.05
N TYR GA 478 -130.54 -29.56 97.71
CA TYR GA 478 -131.28 -28.38 97.30
C TYR GA 478 -132.07 -28.65 96.02
N TRP GA 479 -131.45 -29.35 95.06
CA TRP GA 479 -132.16 -29.66 93.83
C TRP GA 479 -133.26 -30.70 94.06
N GLN GA 480 -133.10 -31.55 95.07
CA GLN GA 480 -134.11 -32.57 95.35
C GLN GA 480 -135.39 -31.94 95.90
N ASN GA 481 -135.26 -31.04 96.87
CA ASN GA 481 -136.40 -30.38 97.50
C ASN GA 481 -136.14 -28.89 97.55
N PRO GA 482 -136.32 -28.18 96.42
CA PRO GA 482 -135.99 -26.75 96.36
C PRO GA 482 -137.09 -25.85 96.92
N THR GA 483 -137.32 -25.97 98.23
CA THR GA 483 -138.27 -25.10 98.90
C THR GA 483 -137.87 -24.95 100.36
N ASP GA 484 -138.11 -23.77 100.91
CA ASP GA 484 -137.80 -23.42 102.29
C ASP GA 484 -136.31 -23.58 102.61
N LYS GA 485 -135.45 -23.47 101.61
CA LYS GA 485 -134.01 -23.57 101.79
C LYS GA 485 -133.32 -22.40 101.09
N ASN GA 486 -132.22 -21.95 101.66
CA ASN GA 486 -131.40 -20.94 100.99
C ASN GA 486 -130.60 -21.59 99.87
N VAL GA 487 -130.11 -20.76 98.96
CA VAL GA 487 -129.28 -21.26 97.87
C VAL GA 487 -127.99 -21.84 98.44
N PRO GA 488 -127.59 -23.05 98.04
CA PRO GA 488 -126.36 -23.63 98.59
C PRO GA 488 -125.14 -22.82 98.18
N TYR GA 489 -124.16 -22.77 99.07
CA TYR GA 489 -122.97 -21.97 98.83
C TYR GA 489 -122.07 -22.64 97.79
N THR GA 490 -121.68 -21.87 96.77
CA THR GA 490 -120.74 -22.35 95.78
C THR GA 490 -119.38 -21.74 96.05
N PRO GA 491 -118.36 -22.55 96.36
CA PRO GA 491 -117.04 -21.99 96.69
C PRO GA 491 -116.48 -21.16 95.53
N GLN GA 492 -116.20 -19.89 95.82
CA GLN GA 492 -115.62 -18.97 94.85
C GLN GA 492 -114.36 -18.35 95.45
N ILE GA 493 -113.29 -18.32 94.66
CA ILE GA 493 -112.00 -17.79 95.09
C ILE GA 493 -111.66 -16.59 94.22
N SER GA 494 -111.28 -15.48 94.85
CA SER GA 494 -110.74 -14.34 94.13
C SER GA 494 -109.24 -14.47 93.90
N ALA GA 495 -108.51 -15.02 94.88
CA ALA GA 495 -107.08 -15.26 94.74
C ALA GA 495 -106.70 -16.38 95.69
N LEU GA 496 -105.54 -17.00 95.41
CA LEU GA 496 -105.04 -18.10 96.23
C LEU GA 496 -103.56 -17.86 96.49
N GLN GA 497 -103.23 -17.56 97.74
CA GLN GA 497 -101.84 -17.33 98.12
C GLN GA 497 -101.13 -18.65 98.37
N ILE GA 498 -99.91 -18.77 97.83
CA ILE GA 498 -99.13 -20.00 97.90
C ILE GA 498 -97.80 -19.69 98.56
N GLN GA 499 -97.44 -20.49 99.56
CA GLN GA 499 -96.15 -20.40 100.22
C GLN GA 499 -95.49 -21.76 100.24
N PHE GA 500 -94.19 -21.80 99.99
CA PHE GA 500 -93.44 -23.04 99.87
C PHE GA 500 -92.21 -22.99 100.78
N SER GA 501 -91.89 -24.13 101.37
CA SER GA 501 -90.74 -24.24 102.27
C SER GA 501 -90.12 -25.63 102.13
N THR GA 502 -88.80 -25.68 102.27
CA THR GA 502 -88.07 -26.93 102.18
C THR GA 502 -86.73 -26.79 102.89
N THR GA 503 -86.12 -27.93 103.18
CA THR GA 503 -84.80 -27.99 103.81
C THR GA 503 -83.86 -28.81 102.95
N ALA GA 504 -82.64 -28.32 102.78
CA ALA GA 504 -81.68 -28.96 101.88
C ALA GA 504 -81.05 -30.18 102.55
N LYS GA 505 -81.05 -31.30 101.83
CA LYS GA 505 -80.32 -32.47 102.27
C LYS GA 505 -78.82 -32.25 102.10
N PRO GA 506 -77.99 -32.97 102.87
CA PRO GA 506 -76.55 -32.75 102.79
C PRO GA 506 -75.96 -33.03 101.41
N GLU GA 507 -76.63 -33.80 100.57
CA GLU GA 507 -76.14 -34.13 99.24
C GLU GA 507 -76.63 -33.17 98.17
N GLN GA 508 -77.38 -32.14 98.54
CA GLN GA 508 -77.96 -31.21 97.58
C GLN GA 508 -77.18 -29.91 97.47
N PHE GA 509 -76.08 -29.74 98.21
CA PHE GA 509 -75.34 -28.50 98.18
C PHE GA 509 -73.87 -28.77 98.47
N THR GA 510 -73.02 -27.86 97.99
CA THR GA 510 -71.58 -27.96 98.16
C THR GA 510 -71.04 -26.60 98.61
N VAL GA 511 -69.96 -26.64 99.39
CA VAL GA 511 -69.35 -25.45 99.98
C VAL GA 511 -67.88 -25.43 99.59
N TYR GA 512 -67.39 -24.26 99.17
CA TYR GA 512 -66.01 -24.06 98.80
C TYR GA 512 -65.42 -22.89 99.57
N PRO GA 513 -64.25 -23.05 100.20
CA PRO GA 513 -63.60 -21.90 100.84
C PRO GA 513 -63.14 -20.88 99.82
N LEU GA 514 -63.07 -19.63 100.25
CA LEU GA 514 -62.76 -18.51 99.38
C LEU GA 514 -61.29 -18.13 99.47
N THR GA 515 -60.69 -17.86 98.32
CA THR GA 515 -59.33 -17.36 98.17
C THR GA 515 -59.36 -16.06 97.40
N PRO GA 516 -58.30 -15.24 97.48
CA PRO GA 516 -58.39 -13.88 96.90
C PRO GA 516 -58.72 -13.84 95.42
N PHE GA 517 -58.52 -14.92 94.66
CA PHE GA 517 -58.85 -14.90 93.24
C PHE GA 517 -59.55 -16.17 92.80
N GLY GA 518 -60.24 -16.85 93.72
CA GLY GA 518 -60.94 -18.07 93.36
C GLY GA 518 -61.41 -18.80 94.61
N TRP GA 519 -61.62 -20.10 94.46
CA TRP GA 519 -62.05 -20.94 95.56
C TRP GA 519 -61.26 -22.24 95.56
N ALA GA 520 -60.93 -22.73 96.76
CA ALA GA 520 -60.27 -24.01 96.89
C ALA GA 520 -61.30 -25.14 96.87
N ASN GA 521 -60.81 -26.37 96.82
CA ASN GA 521 -61.70 -27.51 96.79
C ASN GA 521 -62.34 -27.73 98.16
N THR GA 522 -63.36 -28.59 98.19
CA THR GA 522 -64.05 -28.90 99.41
C THR GA 522 -63.13 -29.62 100.39
N ASN GA 523 -63.37 -29.38 101.68
CA ASN GA 523 -62.60 -29.98 102.77
C ASN GA 523 -61.12 -29.63 102.69
N GLU GA 524 -60.77 -28.50 102.09
CA GLU GA 524 -59.40 -28.04 102.00
C GLU GA 524 -59.28 -26.68 102.67
N ASP GA 525 -58.26 -26.54 103.50
CA ASP GA 525 -58.01 -25.26 104.16
C ASP GA 525 -57.36 -24.30 103.17
N PRO GA 526 -57.93 -23.12 102.94
CA PRO GA 526 -57.31 -22.18 102.00
C PRO GA 526 -55.96 -21.71 102.51
N PRO GA 527 -55.03 -21.40 101.62
CA PRO GA 527 -53.71 -20.93 102.06
C PRO GA 527 -53.82 -19.64 102.86
N SER GA 528 -52.98 -19.53 103.89
CA SER GA 528 -52.99 -18.38 104.78
C SER GA 528 -52.15 -17.25 104.20
N PHE GA 529 -52.57 -16.02 104.48
CA PHE GA 529 -51.86 -14.83 104.01
C PHE GA 529 -50.86 -14.42 105.09
N THR GA 530 -49.57 -14.50 104.75
CA THR GA 530 -48.51 -14.11 105.67
C THR GA 530 -47.57 -13.11 105.00
N ASN GA 531 -47.45 -13.21 103.67
CA ASN GA 531 -46.58 -12.34 102.90
C ASN GA 531 -47.34 -11.84 101.67
N ASP GA 532 -46.86 -10.73 101.12
CA ASP GA 532 -47.40 -10.21 99.88
C ASP GA 532 -47.09 -11.17 98.73
N ALA GA 533 -48.04 -11.29 97.80
CA ALA GA 533 -47.93 -12.26 96.72
C ALA GA 533 -48.19 -11.57 95.39
N LEU GA 534 -47.42 -11.97 94.38
CA LEU GA 534 -47.56 -11.47 93.01
C LEU GA 534 -47.80 -12.65 92.09
N TYR GA 535 -48.74 -12.50 91.16
CA TYR GA 535 -49.15 -13.60 90.29
C TYR GA 535 -48.85 -13.29 88.84
N LEU GA 536 -48.56 -14.33 88.07
CA LEU GA 536 -48.33 -14.23 86.63
C LEU GA 536 -49.10 -15.33 85.91
N GLY GA 537 -49.66 -15.00 84.77
CA GLY GA 537 -50.49 -15.95 84.02
C GLY GA 537 -50.05 -16.06 82.58
N PHE GA 538 -50.03 -17.30 82.08
CA PHE GA 538 -49.64 -17.60 80.71
C PHE GA 538 -50.70 -18.49 80.09
N THR GA 539 -51.08 -18.19 78.84
CA THR GA 539 -52.23 -18.85 78.22
C THR GA 539 -51.82 -20.04 77.35
N ASN GA 540 -51.02 -19.80 76.31
CA ASN GA 540 -50.79 -20.78 75.25
C ASN GA 540 -49.49 -21.56 75.46
N VAL GA 541 -49.10 -21.80 76.70
CA VAL GA 541 -47.90 -22.56 77.01
C VAL GA 541 -48.33 -23.97 77.41
N LEU GA 542 -47.43 -24.92 77.26
CA LEU GA 542 -47.68 -26.30 77.63
C LEU GA 542 -46.70 -26.73 78.73
N PRO GA 543 -47.11 -27.65 79.60
CA PRO GA 543 -46.18 -28.15 80.61
C PRO GA 543 -44.98 -28.82 79.96
N GLY GA 544 -43.81 -28.64 80.58
CA GLY GA 544 -42.56 -29.12 80.04
C GLY GA 544 -41.84 -28.13 79.14
N GLN GA 545 -42.48 -27.02 78.79
CA GLN GA 545 -41.83 -25.98 78.00
C GLN GA 545 -41.09 -25.00 78.91
N THR GA 546 -40.33 -24.11 78.29
CA THR GA 546 -39.50 -23.15 79.01
C THR GA 546 -40.13 -21.77 78.94
N LEU GA 547 -40.30 -21.15 80.10
CA LEU GA 547 -40.80 -19.78 80.19
C LEU GA 547 -39.61 -18.83 80.23
N SER GA 548 -39.45 -18.04 79.17
CA SER GA 548 -38.35 -17.08 79.07
C SER GA 548 -38.93 -15.67 79.11
N LEU GA 549 -38.51 -14.88 80.09
CA LEU GA 549 -39.02 -13.54 80.28
C LEU GA 549 -37.87 -12.56 80.48
N TYR GA 550 -38.16 -11.28 80.21
CA TYR GA 550 -37.26 -10.18 80.48
C TYR GA 550 -37.99 -9.12 81.28
N TRP GA 551 -37.38 -8.70 82.39
CA TRP GA 551 -37.95 -7.67 83.25
C TRP GA 551 -37.22 -6.36 82.99
N GLN GA 552 -37.97 -5.26 82.96
CA GLN GA 552 -37.40 -3.92 83.03
C GLN GA 552 -37.83 -3.29 84.33
N LEU GA 553 -36.86 -3.03 85.20
CA LEU GA 553 -37.11 -2.55 86.55
C LEU GA 553 -36.21 -1.37 86.86
N GLU GA 554 -36.52 -0.69 87.95
CA GLU GA 554 -35.60 0.28 88.58
C GLU GA 554 -35.63 -0.06 90.07
N GLY GA 555 -34.78 -1.00 90.45
CA GLY GA 555 -34.80 -1.52 91.81
C GLY GA 555 -33.98 -0.70 92.79
N PHE GA 556 -34.24 -0.92 94.07
CA PHE GA 556 -33.53 -0.23 95.12
C PHE GA 556 -33.03 -1.22 96.17
N LYS GA 557 -33.70 -2.36 96.27
CA LYS GA 557 -33.32 -3.39 97.23
C LYS GA 557 -33.60 -4.76 96.62
N ALA GA 558 -32.92 -5.77 97.15
CA ALA GA 558 -33.10 -7.15 96.73
C ALA GA 558 -34.16 -7.79 97.60
N LEU GA 559 -35.32 -8.07 97.02
CA LEU GA 559 -36.42 -8.65 97.77
C LEU GA 559 -36.16 -10.12 98.08
N ASN GA 560 -36.88 -10.62 99.08
CA ASN GA 560 -36.86 -12.03 99.44
C ASN GA 560 -38.04 -12.70 98.76
N LEU GA 561 -37.79 -13.45 97.70
CA LEU GA 561 -38.83 -14.03 96.87
C LEU GA 561 -38.82 -15.55 96.97
N SER GA 562 -40.02 -16.13 96.98
CA SER GA 562 -40.20 -17.57 96.88
C SER GA 562 -41.21 -17.83 95.77
N TRP GA 563 -40.86 -18.70 94.83
CA TRP GA 563 -41.66 -18.91 93.64
C TRP GA 563 -42.47 -20.20 93.74
N PHE GA 564 -43.73 -20.12 93.33
CA PHE GA 564 -44.64 -21.26 93.36
C PHE GA 564 -45.39 -21.34 92.05
N TYR GA 565 -45.83 -22.56 91.72
CA TYR GA 565 -46.63 -22.79 90.52
C TYR GA 565 -47.86 -23.60 90.89
N LEU GA 566 -48.94 -23.38 90.14
CA LEU GA 566 -50.20 -24.06 90.39
C LEU GA 566 -50.19 -25.43 89.75
N ASN GA 567 -50.36 -26.47 90.55
CA ASN GA 567 -50.34 -27.85 90.08
C ASN GA 567 -51.76 -28.40 89.98
N GLN GA 568 -51.86 -29.64 89.52
CA GLN GA 568 -53.16 -30.27 89.35
C GLN GA 568 -53.85 -30.54 90.68
N SER GA 569 -53.10 -30.62 91.77
CA SER GA 569 -53.67 -30.86 93.09
C SER GA 569 -54.22 -29.61 93.75
N ASN GA 570 -54.40 -28.53 92.98
CA ASN GA 570 -54.96 -27.27 93.48
C ASN GA 570 -54.13 -26.72 94.64
N THR GA 571 -52.80 -26.87 94.55
CA THR GA 571 -51.89 -26.32 95.54
C THR GA 571 -50.82 -25.46 94.87
N TRP GA 572 -49.87 -24.98 95.65
CA TRP GA 572 -48.77 -24.17 95.15
C TRP GA 572 -47.47 -24.95 95.33
N GLY GA 573 -47.05 -25.64 94.28
CA GLY GA 573 -45.80 -26.37 94.32
C GLY GA 573 -44.60 -25.43 94.23
N SER GA 574 -43.53 -25.80 94.93
CA SER GA 574 -42.35 -24.96 94.96
C SER GA 574 -41.66 -24.95 93.60
N LEU GA 575 -41.16 -23.77 93.21
CA LEU GA 575 -40.54 -23.58 91.91
C LEU GA 575 -39.10 -23.06 91.99
N ASP GA 576 -38.59 -22.79 93.20
CA ASP GA 576 -37.29 -22.16 93.34
C ASP GA 576 -36.15 -22.98 92.75
N GLN GA 577 -36.33 -24.30 92.65
CA GLN GA 577 -35.25 -25.15 92.13
C GLN GA 577 -35.07 -25.01 90.64
N LEU GA 578 -36.02 -24.39 89.93
CA LEU GA 578 -35.96 -24.29 88.48
C LEU GA 578 -35.92 -22.85 87.99
N VAL GA 579 -35.60 -21.91 88.87
CA VAL GA 579 -35.61 -20.49 88.52
C VAL GA 579 -34.18 -20.06 88.19
N ASP GA 580 -34.01 -19.47 87.01
CA ASP GA 580 -32.74 -18.89 86.59
C ASP GA 580 -32.93 -17.37 86.58
N ASP GA 581 -32.72 -16.75 87.74
CA ASP GA 581 -32.98 -15.33 87.93
C ASP GA 581 -31.72 -14.53 87.61
N GLN GA 582 -31.79 -13.69 86.58
CA GLN GA 582 -30.73 -12.75 86.27
C GLN GA 582 -31.06 -11.33 86.71
N THR GA 583 -32.19 -11.14 87.38
CA THR GA 583 -32.57 -9.82 87.90
C THR GA 583 -32.11 -9.60 89.33
N HIS GA 584 -31.42 -10.58 89.93
CA HIS GA 584 -30.92 -10.50 91.30
C HIS GA 584 -32.06 -10.19 92.28
N ASN GA 585 -33.08 -11.04 92.24
CA ASN GA 585 -34.25 -10.93 93.12
C ASN GA 585 -34.95 -9.58 92.91
N LEU GA 586 -35.34 -9.34 91.66
CA LEU GA 586 -36.11 -8.15 91.29
C LEU GA 586 -35.38 -6.86 91.68
N PHE GA 587 -34.07 -6.83 91.44
CA PHE GA 587 -33.26 -5.67 91.77
C PHE GA 587 -32.87 -4.83 90.57
N ASP GA 588 -32.72 -5.44 89.39
CA ASP GA 588 -32.37 -4.69 88.20
C ASP GA 588 -32.86 -5.47 86.98
N GLN GA 589 -32.92 -4.78 85.85
CA GLN GA 589 -33.45 -5.38 84.63
C GLN GA 589 -32.59 -6.55 84.18
N GLY GA 590 -33.24 -7.59 83.68
CA GLY GA 590 -32.52 -8.76 83.22
C GLY GA 590 -33.46 -9.83 82.72
N THR GA 591 -32.91 -10.98 82.41
CA THR GA 591 -33.67 -12.12 81.93
C THR GA 591 -34.17 -12.96 83.11
N TRP GA 592 -35.12 -13.84 82.82
CA TRP GA 592 -35.75 -14.66 83.85
C TRP GA 592 -36.34 -15.88 83.17
N ARG GA 593 -35.77 -17.05 83.44
CA ARG GA 593 -36.13 -18.28 82.73
C ARG GA 593 -36.47 -19.38 83.72
N THR GA 594 -37.50 -20.15 83.40
CA THR GA 594 -37.93 -21.28 84.21
C THR GA 594 -38.42 -22.40 83.30
N LEU GA 595 -38.47 -23.60 83.86
CA LEU GA 595 -39.06 -24.76 83.18
C LEU GA 595 -40.39 -25.06 83.84
N LEU GA 596 -41.45 -25.10 83.05
CA LEU GA 596 -42.78 -25.36 83.58
C LEU GA 596 -42.89 -26.84 83.98
N PRO GA 597 -43.24 -27.14 85.23
CA PRO GA 597 -43.32 -28.55 85.64
C PRO GA 597 -44.41 -29.30 84.90
N GLN GA 598 -44.23 -30.62 84.81
CA GLN GA 598 -45.14 -31.46 84.03
C GLN GA 598 -46.55 -31.44 84.61
N ASP GA 599 -46.70 -31.21 85.91
CA ASP GA 599 -47.99 -31.31 86.58
C ASP GA 599 -48.67 -29.96 86.76
N ALA GA 600 -48.23 -28.95 86.02
CA ALA GA 600 -48.91 -27.65 86.07
C ALA GA 600 -50.30 -27.77 85.46
N SER GA 601 -51.25 -27.05 86.03
CA SER GA 601 -52.65 -27.14 85.63
C SER GA 601 -53.20 -25.77 85.27
N ASN GA 602 -54.03 -25.74 84.22
CA ASN GA 602 -54.80 -24.56 83.86
C ASN GA 602 -56.29 -24.73 84.11
N GLN GA 603 -56.67 -25.75 84.87
CA GLN GA 603 -58.06 -26.01 85.21
C GLN GA 603 -58.35 -25.84 86.70
N ALA GA 604 -57.33 -25.54 87.50
CA ALA GA 604 -57.52 -25.41 88.94
C ALA GA 604 -58.40 -24.20 89.26
N THR GA 605 -59.11 -24.29 90.38
CA THR GA 605 -60.08 -23.27 90.77
C THR GA 605 -59.49 -22.22 91.70
N LEU GA 606 -58.21 -22.32 92.06
CA LEU GA 606 -57.59 -21.30 92.90
C LEU GA 606 -57.54 -19.96 92.19
N MET GA 607 -57.25 -19.97 90.88
CA MET GA 607 -57.17 -18.79 90.05
C MET GA 607 -57.99 -19.02 88.79
N PRO GA 608 -58.31 -17.97 88.04
CA PRO GA 608 -59.12 -18.14 86.83
C PRO GA 608 -58.52 -19.17 85.88
N THR GA 609 -59.39 -20.01 85.33
CA THR GA 609 -58.96 -21.14 84.53
C THR GA 609 -58.50 -20.71 83.14
N GLY GA 610 -57.88 -21.64 82.43
CA GLY GA 610 -57.40 -21.40 81.08
C GLY GA 610 -55.99 -20.87 80.99
N ARG GA 611 -55.39 -20.48 82.11
CA ARG GA 611 -54.04 -19.93 82.12
C ARG GA 611 -53.24 -20.57 83.25
N TYR GA 612 -52.01 -20.97 82.95
CA TYR GA 612 -51.10 -21.44 83.99
C TYR GA 612 -50.64 -20.26 84.83
N TRP GA 613 -50.46 -20.50 86.13
CA TRP GA 613 -50.21 -19.43 87.08
C TRP GA 613 -48.92 -19.67 87.85
N LEU GA 614 -48.14 -18.61 88.02
CA LEU GA 614 -46.98 -18.61 88.89
C LEU GA 614 -47.19 -17.58 90.00
N LYS GA 615 -46.77 -17.93 91.21
CA LYS GA 615 -46.97 -17.09 92.38
C LYS GA 615 -45.64 -16.84 93.06
N ALA GA 616 -45.34 -15.57 93.35
CA ALA GA 616 -44.13 -15.17 94.05
C ALA GA 616 -44.51 -14.59 95.40
N GLU GA 617 -43.95 -15.14 96.47
CA GLU GA 617 -44.19 -14.66 97.82
C GLU GA 617 -43.02 -13.79 98.26
N ILE GA 618 -43.31 -12.56 98.66
CA ILE GA 618 -42.30 -11.58 99.01
C ILE GA 618 -42.45 -11.19 100.47
N THR GA 619 -41.37 -11.27 101.22
CA THR GA 619 -41.38 -10.78 102.60
C THR GA 619 -41.67 -9.28 102.59
N HIS GA 620 -42.61 -8.87 103.44
CA HIS GA 620 -43.12 -7.51 103.41
C HIS GA 620 -42.02 -6.51 103.73
N GLN GA 621 -41.96 -5.44 102.94
CA GLN GA 621 -41.02 -4.34 103.15
C GLN GA 621 -41.76 -3.16 103.75
N ALA GA 622 -41.22 -2.62 104.84
CA ALA GA 622 -41.91 -1.53 105.55
C ALA GA 622 -42.03 -0.29 104.66
N GLU GA 623 -40.96 0.05 103.94
CA GLU GA 623 -40.98 1.22 103.08
C GLU GA 623 -41.60 0.87 101.74
N SER GA 624 -42.66 1.58 101.36
CA SER GA 624 -43.34 1.32 100.10
C SER GA 624 -42.54 1.76 98.89
N GLN GA 625 -41.51 2.61 99.09
CA GLN GA 625 -40.69 3.08 97.99
C GLN GA 625 -39.53 2.15 97.67
N ASP GA 626 -39.29 1.12 98.48
CA ASP GA 626 -38.21 0.18 98.22
C ASP GA 626 -38.57 -0.82 97.12
N TYR GA 627 -39.85 -1.01 96.84
CA TYR GA 627 -40.25 -1.96 95.81
C TYR GA 627 -39.87 -1.44 94.43
N PRO GA 628 -39.56 -2.34 93.49
CA PRO GA 628 -39.17 -1.90 92.16
C PRO GA 628 -40.34 -1.32 91.37
N LYS GA 629 -39.99 -0.59 90.31
CA LYS GA 629 -40.97 0.04 89.43
C LYS GA 629 -40.97 -0.72 88.11
N ILE GA 630 -41.82 -1.75 88.03
CA ILE GA 630 -41.94 -2.54 86.81
C ILE GA 630 -42.61 -1.68 85.74
N LYS GA 631 -42.05 -1.71 84.53
CA LYS GA 631 -42.61 -0.97 83.40
C LYS GA 631 -42.87 -1.84 82.19
N GLY GA 632 -42.76 -3.17 82.34
CA GLY GA 632 -43.04 -4.07 81.23
C GLY GA 632 -42.33 -5.40 81.33
N ILE GA 633 -42.99 -6.46 80.91
CA ILE GA 633 -42.44 -7.81 80.91
C ILE GA 633 -42.56 -8.38 79.50
N LEU GA 634 -41.46 -8.91 78.98
CA LEU GA 634 -41.41 -9.46 77.63
C LEU GA 634 -41.40 -10.98 77.68
N TYR GA 635 -42.26 -11.60 76.89
CA TYR GA 635 -42.30 -13.05 76.79
C TYR GA 635 -41.46 -13.51 75.60
N ASN GA 636 -40.91 -14.72 75.71
CA ASN GA 636 -40.03 -15.29 74.69
C ASN GA 636 -38.87 -14.34 74.40
N ALA GA 637 -38.27 -13.82 75.46
CA ALA GA 637 -37.33 -12.72 75.36
C ALA GA 637 -35.90 -13.21 75.23
N ALA GA 638 -35.10 -12.46 74.47
CA ALA GA 638 -33.68 -12.71 74.31
C ALA GA 638 -32.95 -11.38 74.32
N THR GA 639 -31.63 -11.44 74.42
CA THR GA 639 -30.79 -10.26 74.49
C THR GA 639 -29.85 -10.24 73.30
N ALA GA 640 -29.73 -9.08 72.64
CA ALA GA 640 -28.88 -8.92 71.48
C ALA GA 640 -27.94 -7.74 71.69
N THR GA 641 -26.77 -7.80 71.06
CA THR GA 641 -25.75 -6.78 71.20
C THR GA 641 -25.26 -6.36 69.82
N LEU GA 642 -24.93 -5.08 69.69
CA LEU GA 642 -24.48 -4.53 68.42
C LEU GA 642 -23.14 -5.12 68.01
N ILE GA 643 -22.93 -5.23 66.70
CA ILE GA 643 -21.68 -5.70 66.13
C ILE GA 643 -21.14 -4.62 65.19
N ASN GA 644 -19.82 -4.64 65.00
CA ASN GA 644 -19.12 -3.65 64.19
C ASN GA 644 -19.41 -2.23 64.69
N ALA GA 645 -19.20 -2.03 65.99
CA ALA GA 645 -19.49 -0.74 66.60
C ALA GA 645 -18.56 0.36 66.10
N GLU GA 646 -17.35 -0.02 65.65
CA GLU GA 646 -16.38 0.97 65.18
C GLU GA 646 -16.76 1.59 63.85
N LEU GA 647 -17.77 1.06 63.16
CA LEU GA 647 -18.20 1.59 61.87
C LEU GA 647 -19.52 2.33 61.96
N VAL GA 648 -19.99 2.64 63.16
CA VAL GA 648 -21.29 3.28 63.36
C VAL GA 648 -21.08 4.75 63.74
N GLU GA 649 -22.00 5.59 63.30
CA GLU GA 649 -21.96 7.00 63.63
C GLU GA 649 -22.18 7.22 65.12
N THR GA 650 -21.67 8.35 65.61
CA THR GA 650 -21.68 8.60 67.06
C THR GA 650 -23.07 8.91 67.58
N ASP GA 651 -23.93 9.55 66.77
CA ASP GA 651 -25.25 9.93 67.25
C ASP GA 651 -26.10 8.72 67.60
N HIS GA 652 -25.81 7.57 67.00
CA HIS GA 652 -26.53 6.36 67.35
C HIS GA 652 -26.30 5.97 68.80
N PHE GA 653 -25.06 6.12 69.28
CA PHE GA 653 -24.76 5.80 70.67
C PHE GA 653 -25.31 6.86 71.61
N ILE GA 654 -25.35 8.12 71.17
CA ILE GA 654 -25.79 9.20 72.04
C ILE GA 654 -27.27 9.07 72.37
N ASN GA 655 -28.09 8.81 71.35
CA ASN GA 655 -29.53 8.72 71.55
C ASN GA 655 -30.01 7.30 71.87
N GLY GA 656 -29.37 6.30 71.29
CA GLY GA 656 -29.80 4.93 71.45
C GLY GA 656 -30.79 4.52 70.38
N LEU GA 657 -30.94 3.21 70.23
CA LEU GA 657 -31.83 2.68 69.20
C LEU GA 657 -33.29 2.91 69.60
N PRO GA 658 -34.09 3.56 68.76
CA PRO GA 658 -35.49 3.79 69.11
C PRO GA 658 -36.28 2.49 69.17
N ALA GA 659 -37.38 2.55 69.92
CA ALA GA 659 -38.23 1.39 70.09
C ALA GA 659 -38.86 0.98 68.76
N ASP GA 660 -39.16 -0.32 68.65
CA ASP GA 660 -39.77 -0.90 67.46
C ASP GA 660 -38.92 -0.67 66.21
N SER GA 661 -37.62 -0.93 66.34
CA SER GA 661 -36.70 -0.82 65.20
C SER GA 661 -36.39 -2.19 64.60
N ILE GA 662 -36.19 -3.20 65.44
CA ILE GA 662 -35.95 -4.56 64.96
C ILE GA 662 -37.29 -5.26 64.80
N THR GA 663 -37.57 -5.73 63.60
CA THR GA 663 -38.78 -6.51 63.35
C THR GA 663 -38.50 -7.88 62.74
N GLN GA 664 -37.56 -7.96 61.80
CA GLN GA 664 -37.22 -9.21 61.14
C GLN GA 664 -35.75 -9.51 61.36
N PRO GA 665 -35.38 -10.79 61.39
CA PRO GA 665 -33.96 -11.15 61.45
C PRO GA 665 -33.25 -10.85 60.14
N VAL GA 666 -31.92 -10.80 60.22
CA VAL GA 666 -31.11 -10.54 59.02
C VAL GA 666 -31.31 -11.66 58.00
N ASN GA 667 -31.26 -12.90 58.46
CA ASN GA 667 -31.48 -14.06 57.61
C ASN GA 667 -32.93 -14.51 57.76
N ALA GA 668 -33.59 -14.76 56.63
CA ALA GA 668 -34.99 -15.13 56.66
C ALA GA 668 -35.17 -16.51 57.28
N LEU GA 669 -36.06 -16.60 58.27
CA LEU GA 669 -36.41 -17.86 58.91
C LEU GA 669 -37.93 -18.01 58.88
N VAL GA 670 -38.41 -19.12 58.33
CA VAL GA 670 -39.83 -19.32 58.11
C VAL GA 670 -40.59 -19.58 59.41
N ALA GA 671 -39.90 -19.91 60.49
CA ALA GA 671 -40.54 -20.22 61.77
C ALA GA 671 -40.74 -19.00 62.65
N ILE GA 672 -40.26 -17.82 62.24
CA ILE GA 672 -40.26 -16.63 63.07
C ILE GA 672 -41.25 -15.62 62.48
N ASP GA 673 -42.19 -15.18 63.31
CA ASP GA 673 -43.11 -14.10 62.97
C ASP GA 673 -42.50 -12.78 63.43
N SER GA 674 -43.30 -11.72 63.50
CA SER GA 674 -42.80 -10.41 63.89
C SER GA 674 -42.07 -10.47 65.23
N ILE GA 675 -41.13 -9.54 65.42
CA ILE GA 675 -40.32 -9.44 66.61
C ILE GA 675 -40.66 -8.14 67.33
N ASN GA 676 -40.92 -8.23 68.63
CA ASN GA 676 -41.34 -7.10 69.43
C ASN GA 676 -40.15 -6.51 70.15
N GLN GA 677 -39.93 -5.20 69.99
CA GLN GA 677 -38.86 -4.47 70.65
C GLN GA 677 -39.49 -3.28 71.37
N PRO GA 678 -40.14 -3.51 72.50
CA PRO GA 678 -40.93 -2.43 73.13
C PRO GA 678 -40.10 -1.24 73.60
N TRP GA 679 -38.82 -1.43 73.89
CA TRP GA 679 -38.04 -0.42 74.58
C TRP GA 679 -36.77 -0.10 73.80
N VAL GA 680 -36.09 0.96 74.25
CA VAL GA 680 -34.90 1.48 73.59
C VAL GA 680 -33.67 0.70 74.05
N SER GA 681 -32.55 0.90 73.36
CA SER GA 681 -31.30 0.23 73.72
C SER GA 681 -30.70 0.87 74.97
N TRP GA 682 -29.63 0.25 75.47
CA TRP GA 682 -28.98 0.71 76.68
C TRP GA 682 -27.53 0.27 76.68
N ASN GA 683 -26.75 0.83 77.61
CA ASN GA 683 -25.35 0.47 77.80
C ASN GA 683 -24.52 0.79 76.55
N GLY GA 684 -24.86 1.89 75.88
CA GLY GA 684 -24.13 2.34 74.71
C GLY GA 684 -23.36 3.61 75.02
N ARG GA 685 -22.21 3.78 74.37
CA ARG GA 685 -21.36 4.94 74.60
C ARG GA 685 -20.54 5.23 73.37
N PRO GA 686 -20.59 6.44 72.82
CA PRO GA 686 -19.78 6.77 71.66
C PRO GA 686 -18.31 6.89 72.02
N GLU GA 687 -17.47 6.76 70.98
CA GLU GA 687 -16.04 6.86 71.19
C GLU GA 687 -15.66 8.29 71.59
N GLU GA 688 -14.58 8.40 72.35
CA GLU GA 688 -14.17 9.70 72.89
C GLU GA 688 -13.75 10.65 71.78
N THR GA 689 -14.22 11.89 71.88
CA THR GA 689 -13.76 12.94 70.98
C THR GA 689 -12.46 13.54 71.51
N GLU GA 690 -11.78 14.27 70.63
CA GLU GA 690 -10.48 14.84 71.01
C GLU GA 690 -10.61 15.83 72.15
N GLN GA 691 -11.65 16.69 72.11
CA GLN GA 691 -11.85 17.65 73.18
C GLN GA 691 -12.17 16.95 74.50
N ALA GA 692 -13.01 15.90 74.45
CA ALA GA 692 -13.31 15.13 75.65
C ALA GA 692 -12.08 14.40 76.15
N PHE GA 693 -11.25 13.90 75.24
CA PHE GA 693 -10.04 13.18 75.64
C PHE GA 693 -9.08 14.08 76.41
N LEU GA 694 -8.88 15.30 75.91
CA LEU GA 694 -8.00 16.23 76.59
C LEU GA 694 -8.55 16.63 77.96
N THR GA 695 -9.87 16.82 78.05
CA THR GA 695 -10.48 17.18 79.32
C THR GA 695 -10.30 16.08 80.35
N ARG GA 696 -10.56 14.82 79.96
CA ARG GA 696 -10.47 13.71 80.90
C ARG GA 696 -9.04 13.51 81.38
N VAL GA 697 -8.07 13.60 80.48
CA VAL GA 697 -6.67 13.40 80.86
C VAL GA 697 -6.22 14.50 81.80
N SER GA 698 -6.62 15.75 81.53
CA SER GA 698 -6.25 16.86 82.39
C SER GA 698 -6.81 16.68 83.80
N ALA GA 699 -8.06 16.21 83.90
CA ALA GA 699 -8.65 15.94 85.20
C ALA GA 699 -7.91 14.82 85.93
N ARG GA 700 -7.53 13.76 85.20
CA ARG GA 700 -6.85 12.64 85.82
C ARG GA 700 -5.50 13.05 86.40
N LEU GA 701 -4.76 13.88 85.67
CA LEU GA 701 -3.46 14.33 86.17
C LEU GA 701 -3.59 15.23 87.38
N SER GA 702 -4.77 15.79 87.61
CA SER GA 702 -4.94 16.75 88.71
C SER GA 702 -5.26 16.05 90.02
N HIS GA 703 -6.16 15.06 89.99
CA HIS GA 703 -6.59 14.38 91.20
C HIS GA 703 -6.02 12.98 91.35
N ARG GA 704 -5.44 12.40 90.30
CA ARG GA 704 -4.76 11.10 90.37
C ARG GA 704 -5.66 9.99 90.88
N ASN GA 705 -6.96 10.07 90.56
CA ASN GA 705 -7.94 9.06 90.93
C ASN GA 705 -8.04 8.87 92.45
N ARG GA 706 -7.76 9.93 93.21
CA ARG GA 706 -7.84 9.87 94.66
C ARG GA 706 -8.52 11.12 95.18
N VAL GA 707 -9.09 11.00 96.38
CA VAL GA 707 -9.89 12.06 96.97
C VAL GA 707 -9.11 12.68 98.13
N LEU GA 708 -8.76 13.95 97.99
CA LEU GA 708 -8.22 14.71 99.11
C LEU GA 708 -8.93 16.03 99.33
N SER GA 709 -9.31 16.72 98.26
CA SER GA 709 -9.91 18.04 98.36
C SER GA 709 -11.36 17.99 97.93
N TRP GA 710 -12.07 19.10 98.20
CA TRP GA 710 -13.48 19.19 97.83
C TRP GA 710 -13.67 19.11 96.32
N ASP GA 711 -12.77 19.74 95.56
CA ASP GA 711 -12.85 19.68 94.10
C ASP GA 711 -12.65 18.26 93.59
N ASN GA 712 -11.80 17.49 94.25
CA ASN GA 712 -11.59 16.10 93.87
C ASN GA 712 -12.87 15.28 94.04
N ILE GA 713 -13.59 15.53 95.14
CA ILE GA 713 -14.84 14.79 95.38
C ILE GA 713 -15.87 15.13 94.31
N VAL GA 714 -16.03 16.42 94.02
CA VAL GA 714 -17.04 16.85 93.05
C VAL GA 714 -16.70 16.33 91.66
N THR GA 715 -15.42 16.44 91.26
CA THR GA 715 -15.02 16.03 89.93
C THR GA 715 -15.19 14.52 89.74
N LEU GA 716 -14.76 13.73 90.72
CA LEU GA 716 -14.82 12.28 90.58
C LEU GA 716 -16.25 11.77 90.66
N LEU GA 717 -17.08 12.35 91.54
CA LEU GA 717 -18.45 11.90 91.67
C LEU GA 717 -19.24 12.17 90.39
N LYS GA 718 -19.06 13.35 89.80
CA LYS GA 718 -19.81 13.68 88.58
C LYS GA 718 -19.35 12.83 87.41
N GLU GA 719 -18.07 12.46 87.37
CA GLU GA 719 -17.59 11.57 86.31
C GLU GA 719 -18.22 10.20 86.41
N GLN GA 720 -18.28 9.64 87.63
CA GLN GA 720 -18.71 8.27 87.80
C GLN GA 720 -20.22 8.12 87.64
N PHE GA 721 -21.00 9.04 88.20
CA PHE GA 721 -22.45 8.92 88.26
C PHE GA 721 -23.08 9.95 87.33
N VAL GA 722 -23.95 9.47 86.43
CA VAL GA 722 -24.60 10.35 85.46
C VAL GA 722 -25.87 10.98 85.99
N SER GA 723 -26.35 10.55 87.16
CA SER GA 723 -27.57 11.10 87.72
C SER GA 723 -27.36 12.39 88.49
N LEU GA 724 -26.11 12.84 88.62
CA LEU GA 724 -25.79 14.04 89.39
C LEU GA 724 -25.77 15.25 88.47
N PHE GA 725 -26.44 16.33 88.92
CA PHE GA 725 -26.36 17.61 88.22
C PHE GA 725 -25.31 18.51 88.83
N ASP GA 726 -25.23 18.56 90.16
CA ASP GA 726 -24.20 19.35 90.83
C ASP GA 726 -24.04 18.82 92.25
N VAL GA 727 -22.83 18.99 92.78
CA VAL GA 727 -22.50 18.58 94.14
C VAL GA 727 -21.99 19.81 94.88
N LYS GA 728 -22.56 20.08 96.05
CA LYS GA 728 -22.19 21.22 96.86
C LYS GA 728 -21.41 20.78 98.09
N TYR GA 729 -20.47 21.60 98.52
CA TYR GA 729 -19.68 21.39 99.71
C TYR GA 729 -19.70 22.62 100.58
N PRO GA 730 -19.42 22.50 101.90
CA PRO GA 730 -19.57 23.63 102.81
C PRO GA 730 -18.81 24.88 102.40
N SER GA 731 -19.30 26.04 102.83
CA SER GA 731 -18.69 27.30 102.50
C SER GA 731 -17.35 27.46 103.22
N ALA GA 732 -16.60 28.48 102.83
CA ALA GA 732 -15.28 28.73 103.41
C ALA GA 732 -15.34 29.19 104.85
N SER GA 733 -16.53 29.54 105.37
CA SER GA 733 -16.64 29.97 106.75
C SER GA 733 -16.45 28.83 107.74
N GLU GA 734 -16.64 27.59 107.30
CA GLU GA 734 -16.54 26.44 108.19
C GLU GA 734 -15.17 25.79 108.20
N LEU GA 735 -14.24 26.25 107.35
CA LEU GA 735 -12.89 25.71 107.40
C LEU GA 735 -12.07 26.29 108.52
N THR GA 736 -12.56 27.33 109.21
CA THR GA 736 -11.92 27.88 110.38
C THR GA 736 -12.53 27.37 111.69
N LYS GA 737 -13.47 26.42 111.60
CA LYS GA 737 -14.12 25.88 112.79
C LYS GA 737 -13.10 25.13 113.64
N ILE GA 738 -12.81 25.66 114.83
CA ILE GA 738 -11.80 25.05 115.70
C ILE GA 738 -12.15 23.62 116.10
N PRO GA 739 -13.38 23.31 116.53
CA PRO GA 739 -13.68 21.93 116.95
C PRO GA 739 -13.55 20.89 115.84
N ALA GA 740 -13.15 21.27 114.63
CA ALA GA 740 -13.05 20.37 113.49
C ALA GA 740 -14.41 19.80 113.13
N GLN GA 741 -14.46 18.81 112.26
CA GLN GA 741 -15.73 18.24 111.83
C GLN GA 741 -15.64 16.72 111.81
N LYS GA 742 -16.61 16.07 112.47
CA LYS GA 742 -16.70 14.62 112.42
C LYS GA 742 -16.88 14.10 111.01
N GLU GA 743 -17.81 14.69 110.26
CA GLU GA 743 -18.21 14.19 108.96
C GLU GA 743 -18.09 15.28 107.91
N GLN GA 744 -17.72 14.88 106.70
CA GLN GA 744 -17.67 15.80 105.56
C GLN GA 744 -19.00 15.69 104.82
N GLN GA 745 -19.80 16.75 104.88
CA GLN GA 745 -21.17 16.73 104.39
C GLN GA 745 -21.26 17.42 103.04
N LEU GA 746 -21.80 16.72 102.05
CA LEU GA 746 -22.04 17.28 100.72
C LEU GA 746 -23.53 17.31 100.44
N ILE GA 747 -23.90 18.11 99.44
CA ILE GA 747 -25.28 18.21 98.99
C ILE GA 747 -25.31 17.87 97.51
N ALA GA 748 -26.13 16.89 97.14
CA ALA GA 748 -26.21 16.40 95.78
C ALA GA 748 -27.54 16.83 95.18
N ILE GA 749 -27.48 17.71 94.18
CA ILE GA 749 -28.66 18.12 93.42
C ILE GA 749 -28.74 17.20 92.19
N PRO GA 750 -29.72 16.31 92.11
CA PRO GA 750 -29.79 15.39 90.99
C PRO GA 750 -30.54 15.97 89.80
N ASP GA 751 -30.24 15.42 88.63
CA ASP GA 751 -30.96 15.77 87.41
C ASP GA 751 -32.41 15.33 87.55
N SER GA 752 -33.33 16.18 87.08
CA SER GA 752 -34.76 15.87 87.21
C SER GA 752 -35.15 14.62 86.43
N ARG GA 753 -34.38 14.24 85.40
CA ARG GA 753 -34.69 13.04 84.65
C ARG GA 753 -34.53 11.78 85.51
N TYR GA 754 -33.61 11.80 86.47
CA TYR GA 754 -33.32 10.64 87.29
C TYR GA 754 -33.92 10.75 88.69
N LYS GA 755 -34.85 11.68 88.90
CA LYS GA 755 -35.43 11.86 90.23
C LYS GA 755 -36.28 10.66 90.63
N ASP GA 756 -36.35 10.43 91.94
CA ASP GA 756 -37.12 9.33 92.51
C ASP GA 756 -38.48 9.77 93.02
N ASN GA 757 -38.89 11.00 92.70
CA ASN GA 757 -40.17 11.51 93.17
C ASN GA 757 -40.92 12.19 92.03
N ASP GA 758 -42.01 12.90 92.35
CA ASP GA 758 -42.87 13.47 91.33
C ASP GA 758 -42.53 14.92 90.98
N ASP GA 759 -42.02 15.69 91.95
CA ASP GA 759 -41.77 17.11 91.73
C ASP GA 759 -40.48 17.29 90.93
N ALA GA 760 -40.59 17.93 89.77
CA ALA GA 760 -39.42 18.18 88.94
C ALA GA 760 -38.56 19.31 89.49
N LEU GA 761 -39.17 20.29 90.14
CA LEU GA 761 -38.41 21.41 90.68
C LEU GA 761 -37.61 21.02 91.92
N ARG GA 762 -38.02 19.96 92.61
CA ARG GA 762 -37.35 19.51 93.84
C ARG GA 762 -37.03 18.02 93.70
N PRO GA 763 -36.07 17.67 92.86
CA PRO GA 763 -35.73 16.25 92.70
C PRO GA 763 -35.15 15.67 93.97
N ILE GA 764 -35.48 14.40 94.23
CA ILE GA 764 -35.02 13.67 95.41
C ILE GA 764 -34.51 12.32 94.96
N LEU GA 765 -33.32 11.94 95.42
CA LEU GA 765 -32.73 10.65 95.11
C LEU GA 765 -33.10 9.63 96.18
N ASN GA 766 -33.26 8.39 95.76
CA ASN GA 766 -33.54 7.30 96.70
C ASN GA 766 -32.34 7.12 97.64
N PRO GA 767 -32.58 6.81 98.91
CA PRO GA 767 -31.45 6.59 99.83
C PRO GA 767 -30.52 5.47 99.40
N ALA GA 768 -31.03 4.48 98.65
CA ALA GA 768 -30.17 3.44 98.13
C ALA GA 768 -29.13 4.01 97.17
N ARG GA 769 -29.55 4.94 96.30
CA ARG GA 769 -28.62 5.55 95.37
C ARG GA 769 -27.54 6.35 96.10
N LEU GA 770 -27.93 7.11 97.13
CA LEU GA 770 -26.96 7.88 97.89
C LEU GA 770 -25.98 6.97 98.62
N ALA GA 771 -26.46 5.82 99.11
CA ALA GA 771 -25.57 4.89 99.80
C ALA GA 771 -24.50 4.35 98.87
N GLU GA 772 -24.86 4.05 97.62
CA GLU GA 772 -23.87 3.57 96.65
C GLU GA 772 -22.84 4.64 96.35
N MET GA 773 -23.27 5.90 96.25
CA MET GA 773 -22.32 6.99 96.02
C MET GA 773 -21.32 7.11 97.15
N VAL GA 774 -21.80 7.00 98.40
CA VAL GA 774 -20.91 7.09 99.55
C VAL GA 774 -19.93 5.93 99.55
N ASP GA 775 -20.41 4.72 99.25
CA ASP GA 775 -19.55 3.56 99.25
C ASP GA 775 -18.47 3.70 98.18
N TRP GA 776 -18.85 4.12 96.98
CA TRP GA 776 -17.88 4.23 95.89
C TRP GA 776 -16.83 5.30 96.19
N ILE GA 777 -17.25 6.45 96.71
CA ILE GA 777 -16.32 7.54 96.95
C ILE GA 777 -15.41 7.25 98.13
N SER GA 778 -15.89 6.49 99.12
CA SER GA 778 -15.08 6.19 100.28
C SER GA 778 -13.91 5.27 99.95
N GLN GA 779 -13.99 4.52 98.85
CA GLN GA 779 -12.92 3.61 98.46
C GLN GA 779 -11.67 4.33 97.98
N LEU GA 780 -11.77 5.63 97.68
CA LEU GA 780 -10.64 6.41 97.20
C LEU GA 780 -10.25 7.53 98.17
N SER GA 781 -10.66 7.42 99.42
CA SER GA 781 -10.39 8.44 100.42
C SER GA 781 -9.51 7.88 101.53
N SER GA 782 -8.96 8.79 102.33
CA SER GA 782 -8.20 8.37 103.50
C SER GA 782 -9.14 7.66 104.48
N PRO GA 783 -8.64 6.64 105.20
CA PRO GA 783 -9.52 5.90 106.11
C PRO GA 783 -10.05 6.73 107.27
N TRP GA 784 -9.43 7.88 107.56
CA TRP GA 784 -9.86 8.72 108.67
C TRP GA 784 -10.85 9.81 108.23
N THR GA 785 -11.59 9.57 107.16
CA THR GA 785 -12.59 10.51 106.67
C THR GA 785 -13.93 9.81 106.56
N THR GA 786 -15.01 10.58 106.74
CA THR GA 786 -16.37 10.09 106.62
C THR GA 786 -17.15 11.07 105.75
N LEU GA 787 -17.35 10.70 104.49
CA LEU GA 787 -18.10 11.53 103.56
C LEU GA 787 -19.56 11.11 103.54
N LYS GA 788 -20.46 12.07 103.68
CA LYS GA 788 -21.90 11.82 103.65
C LYS GA 788 -22.53 12.67 102.57
N ILE GA 789 -23.37 12.06 101.76
CA ILE GA 789 -24.09 12.73 100.68
C ILE GA 789 -25.58 12.69 100.99
N ASN GA 790 -26.22 13.84 100.96
CA ASN GA 790 -27.61 13.97 101.39
C ASN GA 790 -28.40 14.77 100.38
N ASN GA 791 -29.71 14.54 100.39
CA ASN GA 791 -30.60 15.31 99.53
C ASN GA 791 -30.65 16.77 99.99
N PRO GA 792 -30.79 17.70 99.06
CA PRO GA 792 -30.82 19.12 99.43
C PRO GA 792 -32.09 19.49 100.17
N THR GA 793 -32.01 20.58 100.92
CA THR GA 793 -33.16 21.16 101.62
C THR GA 793 -33.59 22.39 100.83
N TYR GA 794 -34.69 22.26 100.09
CA TYR GA 794 -35.14 23.33 99.21
C TYR GA 794 -35.85 24.42 100.02
N VAL GA 795 -35.51 25.68 99.75
CA VAL GA 795 -36.09 26.82 100.41
C VAL GA 795 -36.71 27.73 99.36
N ASP GA 796 -37.99 28.04 99.52
CA ASP GA 796 -38.67 28.93 98.59
C ASP GA 796 -38.22 30.36 98.80
N VAL GA 797 -38.05 31.09 97.71
CA VAL GA 797 -37.69 32.51 97.73
C VAL GA 797 -38.78 33.24 96.95
N LEU GA 798 -39.66 33.93 97.66
CA LEU GA 798 -40.75 34.64 97.01
C LEU GA 798 -40.21 35.85 96.25
N ILE GA 799 -40.52 35.93 94.97
CA ILE GA 799 -40.08 37.01 94.11
C ILE GA 799 -41.31 37.71 93.57
N SER GA 800 -41.42 39.02 93.82
CA SER GA 800 -42.52 39.83 93.34
C SER GA 800 -41.96 41.09 92.70
N TYR GA 801 -42.41 41.40 91.50
CA TYR GA 801 -41.93 42.56 90.76
C TYR GA 801 -43.11 43.32 90.16
N GLN GA 802 -42.95 44.64 90.07
CA GLN GA 802 -43.89 45.50 89.36
C GLN GA 802 -43.29 45.85 88.01
N LEU GA 803 -44.08 45.68 86.95
CA LEU GA 803 -43.55 45.63 85.60
C LEU GA 803 -44.31 46.55 84.67
N VAL GA 804 -43.61 46.98 83.62
CA VAL GA 804 -44.21 47.68 82.48
C VAL GA 804 -43.87 46.86 81.24
N PHE GA 805 -44.89 46.35 80.58
CA PHE GA 805 -44.69 45.47 79.42
C PHE GA 805 -44.65 46.29 78.14
N VAL GA 806 -44.13 45.66 77.08
CA VAL GA 806 -44.13 46.28 75.77
C VAL GA 806 -45.56 46.48 75.30
N THR GA 807 -45.82 47.63 74.68
CA THR GA 807 -47.18 47.98 74.29
C THR GA 807 -47.76 46.95 73.34
N GLY GA 808 -49.01 46.56 73.58
CA GLY GA 808 -49.69 45.57 72.78
C GLY GA 808 -49.66 44.15 73.32
N ILE GA 809 -49.00 43.93 74.45
CA ILE GA 809 -48.86 42.60 75.04
C ILE GA 809 -49.71 42.54 76.30
N ASN GA 810 -50.55 41.52 76.40
CA ASN GA 810 -51.39 41.36 77.57
C ASN GA 810 -50.53 41.08 78.80
N PRO GA 811 -50.74 41.78 79.92
CA PRO GA 811 -49.86 41.58 81.09
C PRO GA 811 -49.86 40.17 81.63
N ASP GA 812 -51.01 39.48 81.62
CA ASP GA 812 -51.05 38.12 82.15
C ASP GA 812 -50.21 37.17 81.30
N TYR GA 813 -50.28 37.30 79.97
CA TYR GA 813 -49.45 36.49 79.11
C TYR GA 813 -47.97 36.80 79.32
N GLY GA 814 -47.62 38.08 79.44
CA GLY GA 814 -46.24 38.44 79.66
C GLY GA 814 -45.70 37.94 80.98
N ARG GA 815 -46.52 38.01 82.03
CA ARG GA 815 -46.09 37.51 83.33
C ARG GA 815 -45.89 36.00 83.30
N HIS GA 816 -46.77 35.27 82.61
CA HIS GA 816 -46.63 33.82 82.53
C HIS GA 816 -45.34 33.43 81.82
N GLN GA 817 -45.02 34.10 80.72
CA GLN GA 817 -43.80 33.76 79.98
C GLN GA 817 -42.56 34.11 80.78
N LEU GA 818 -42.61 35.20 81.57
CA LEU GA 818 -41.47 35.56 82.39
C LEU GA 818 -41.18 34.52 83.45
N GLN GA 819 -42.22 33.90 84.00
CA GLN GA 819 -42.01 32.84 84.99
C GLN GA 819 -41.27 31.66 84.37
N GLN GA 820 -41.63 31.28 83.14
CA GLN GA 820 -40.97 30.16 82.49
C GLN GA 820 -39.50 30.48 82.21
N GLU GA 821 -39.22 31.71 81.79
CA GLU GA 821 -37.84 32.09 81.49
C GLU GA 821 -36.98 32.10 82.74
N LEU GA 822 -37.52 32.64 83.84
CA LEU GA 822 -36.74 32.71 85.08
C LEU GA 822 -36.55 31.33 85.70
N SER GA 823 -37.59 30.49 85.62
CA SER GA 823 -37.46 29.12 86.13
C SER GA 823 -36.39 28.36 85.38
N ARG GA 824 -36.31 28.55 84.07
CA ARG GA 824 -35.26 27.93 83.27
C ARG GA 824 -33.89 28.43 83.69
N LYS GA 825 -33.77 29.73 83.95
CA LYS GA 825 -32.47 30.31 84.27
C LYS GA 825 -31.99 29.90 85.66
N TYR GA 826 -32.87 30.01 86.66
CA TYR GA 826 -32.47 29.84 88.05
C TYR GA 826 -32.77 28.46 88.62
N MET GA 827 -33.37 27.57 87.83
CA MET GA 827 -33.59 26.19 88.21
C MET GA 827 -33.17 25.31 87.04
N PRO GA 828 -31.88 25.27 86.72
CA PRO GA 828 -31.44 24.56 85.51
C PRO GA 828 -31.72 23.06 85.53
N TRP GA 829 -31.73 22.44 86.71
CA TRP GA 829 -31.95 21.00 86.79
C TRP GA 829 -33.36 20.60 86.36
N ALA GA 830 -34.31 21.54 86.36
CA ALA GA 830 -35.68 21.19 86.04
C ALA GA 830 -35.87 20.93 84.55
N GLU GA 831 -35.27 21.76 83.70
CA GLU GA 831 -35.47 21.67 82.25
C GLU GA 831 -34.34 20.86 81.64
N ASP GA 832 -34.42 19.54 81.85
CA ASP GA 832 -33.53 18.53 81.24
C ASP GA 832 -32.05 18.87 81.36
N SER GA 833 -31.68 19.72 82.31
CA SER GA 833 -30.29 20.00 82.69
C SER GA 833 -29.40 20.20 81.47
N ALA GA 834 -29.70 21.26 80.71
CA ALA GA 834 -28.98 21.55 79.49
C ALA GA 834 -28.11 22.79 79.56
N ILE GA 835 -28.20 23.57 80.64
CA ILE GA 835 -27.45 24.82 80.78
C ILE GA 835 -26.71 24.79 82.11
N GLY GA 836 -25.42 25.12 82.08
CA GLY GA 836 -24.64 25.21 83.29
C GLY GA 836 -24.83 26.52 84.02
N VAL GA 837 -25.53 26.48 85.14
CA VAL GA 837 -25.87 27.67 85.91
C VAL GA 837 -25.48 27.42 87.36
N THR GA 838 -25.31 28.51 88.12
CA THR GA 838 -24.95 28.43 89.53
C THR GA 838 -25.83 27.42 90.26
N THR GA 839 -25.23 26.72 91.22
CA THR GA 839 -25.90 25.63 91.92
C THR GA 839 -26.76 26.13 93.07
N GLY GA 840 -27.63 27.09 92.80
CA GLY GA 840 -28.54 27.59 93.82
C GLY GA 840 -27.86 28.14 95.05
N ASN GA 841 -26.77 28.90 94.86
CA ASN GA 841 -26.01 29.44 95.98
C ASN GA 841 -26.52 30.83 96.40
N ARG GA 842 -26.51 31.77 95.46
CA ARG GA 842 -26.91 33.14 95.75
C ARG GA 842 -27.83 33.65 94.65
N ILE GA 843 -28.62 34.65 95.01
CA ILE GA 843 -29.49 35.36 94.06
C ILE GA 843 -29.17 36.84 94.21
N ASP GA 844 -28.37 37.37 93.29
CA ASP GA 844 -27.98 38.78 93.37
C ASP GA 844 -29.08 39.65 92.79
N TYR GA 845 -29.30 40.79 93.46
CA TYR GA 845 -30.46 41.64 93.13
C TYR GA 845 -30.35 42.20 91.72
N TYR GA 846 -29.24 42.86 91.40
CA TYR GA 846 -29.13 43.58 90.14
C TYR GA 846 -28.88 42.67 88.94
N PRO GA 847 -28.05 41.64 89.05
CA PRO GA 847 -28.00 40.66 87.95
C PRO GA 847 -29.35 40.02 87.66
N LEU GA 848 -30.15 39.77 88.69
CA LEU GA 848 -31.51 39.29 88.47
C LEU GA 848 -32.36 40.36 87.79
N LEU GA 849 -32.17 41.62 88.17
CA LEU GA 849 -32.90 42.71 87.53
C LEU GA 849 -32.54 42.81 86.05
N ALA GA 850 -31.26 42.65 85.72
CA ALA GA 850 -30.84 42.68 84.33
C ALA GA 850 -31.43 41.52 83.55
N THR GA 851 -31.52 40.33 84.18
CA THR GA 851 -32.08 39.18 83.51
C THR GA 851 -33.56 39.40 83.16
N ILE GA 852 -34.31 40.01 84.08
CA ILE GA 852 -35.73 40.26 83.84
C ILE GA 852 -35.91 41.24 82.70
N GLN GA 853 -35.12 42.30 82.67
CA GLN GA 853 -35.27 43.34 81.65
C GLN GA 853 -34.76 42.92 80.28
N GLN GA 854 -34.06 41.78 80.19
CA GLN GA 854 -33.58 41.30 78.90
C GLN GA 854 -34.66 40.61 78.09
N SER GA 855 -35.80 40.29 78.68
CA SER GA 855 -36.86 39.62 77.96
C SER GA 855 -37.44 40.56 76.90
N PRO GA 856 -37.73 40.05 75.69
CA PRO GA 856 -38.29 40.92 74.65
C PRO GA 856 -39.65 41.49 75.00
N LEU GA 857 -40.38 40.89 75.94
CA LEU GA 857 -41.70 41.36 76.32
C LEU GA 857 -41.66 42.40 77.44
N VAL GA 858 -40.49 42.66 78.02
CA VAL GA 858 -40.37 43.54 79.18
C VAL GA 858 -39.80 44.88 78.72
N GLU GA 859 -40.46 45.97 79.10
CA GLU GA 859 -40.02 47.31 78.75
C GLU GA 859 -39.18 47.93 79.86
N ARG GA 860 -39.64 47.84 81.11
CA ARG GA 860 -38.94 48.44 82.24
C ARG GA 860 -39.45 47.82 83.53
N VAL GA 861 -38.53 47.57 84.46
CA VAL GA 861 -38.88 47.08 85.79
C VAL GA 861 -38.94 48.27 86.73
N THR GA 862 -40.08 48.44 87.39
CA THR GA 862 -40.27 49.58 88.30
C THR GA 862 -40.03 49.22 89.76
N ASN GA 863 -40.19 47.95 90.13
CA ASN GA 863 -39.99 47.52 91.50
C ASN GA 863 -39.68 46.04 91.53
N LEU GA 864 -38.77 45.64 92.42
CA LEU GA 864 -38.37 44.25 92.57
C LEU GA 864 -38.13 43.95 94.04
N THR GA 865 -38.63 42.80 94.49
CA THR GA 865 -38.52 42.43 95.89
C THR GA 865 -38.29 40.92 96.00
N LEU GA 866 -37.35 40.52 96.85
CA LEU GA 866 -37.09 39.11 97.13
C LEU GA 866 -37.28 38.86 98.62
N LYS GA 867 -38.05 37.83 98.95
CA LYS GA 867 -38.34 37.50 100.33
C LYS GA 867 -38.13 36.00 100.53
N LYS GA 868 -37.35 35.64 101.53
CA LYS GA 868 -37.11 34.23 101.82
C LYS GA 868 -38.35 33.61 102.47
N SER GA 869 -38.26 32.30 102.76
CA SER GA 869 -39.41 31.57 103.27
C SER GA 869 -39.87 32.11 104.62
N SER GA 870 -38.92 32.38 105.53
CA SER GA 870 -39.24 32.84 106.87
C SER GA 870 -38.79 34.27 107.15
N GLN GA 871 -37.65 34.68 106.61
CA GLN GA 871 -37.13 36.01 106.89
C GLN GA 871 -38.00 37.09 106.23
N THR GA 872 -37.86 38.30 106.74
CA THR GA 872 -38.60 39.43 106.20
C THR GA 872 -38.08 39.81 104.82
N ALA GA 873 -38.92 40.50 104.05
CA ALA GA 873 -38.53 40.92 102.71
C ALA GA 873 -37.39 41.92 102.77
N GLY GA 874 -36.41 41.73 101.89
CA GLY GA 874 -35.26 42.61 101.85
C GLY GA 874 -35.55 43.93 101.18
N ALA GA 875 -34.59 44.85 101.33
CA ALA GA 875 -34.70 46.18 100.73
C ALA GA 875 -34.18 46.14 99.30
N VAL GA 876 -34.05 47.31 98.69
CA VAL GA 876 -33.57 47.39 97.32
C VAL GA 876 -32.07 47.07 97.29
N GLY GA 877 -31.69 46.12 96.44
CA GLY GA 877 -30.30 45.74 96.31
C GLY GA 877 -29.81 44.73 97.32
N ASP GA 878 -30.71 44.01 97.97
CA ASP GA 878 -30.35 43.01 98.98
C ASP GA 878 -30.33 41.64 98.33
N SER GA 879 -29.19 40.96 98.40
CA SER GA 879 -29.06 39.61 97.88
C SER GA 879 -29.65 38.60 98.87
N VAL GA 880 -29.74 37.35 98.43
CA VAL GA 880 -30.27 36.26 99.24
C VAL GA 880 -29.20 35.18 99.31
N GLU GA 881 -28.83 34.80 100.53
CA GLU GA 881 -27.87 33.73 100.76
C GLU GA 881 -28.59 32.43 101.09
N ALA GA 882 -27.85 31.34 101.01
CA ALA GA 882 -28.37 30.01 101.34
C ALA GA 882 -27.37 29.30 102.25
N ALA GA 883 -27.90 28.50 103.16
CA ALA GA 883 -27.06 27.70 104.03
C ALA GA 883 -26.37 26.60 103.21
N ASP GA 884 -25.36 25.97 103.83
CA ASP GA 884 -24.57 24.97 103.13
C ASP GA 884 -25.39 23.76 102.72
N ASN GA 885 -26.56 23.56 103.33
CA ASN GA 885 -27.44 22.44 102.99
C ASN GA 885 -28.72 22.89 102.30
N GLU GA 886 -28.76 24.13 101.80
CA GLU GA 886 -29.97 24.69 101.22
C GLU GA 886 -29.78 24.98 99.74
N VAL GA 887 -30.87 24.85 98.99
CA VAL GA 887 -30.93 25.21 97.58
C VAL GA 887 -32.13 26.12 97.39
N LEU GA 888 -31.90 27.31 96.84
CA LEU GA 888 -32.96 28.30 96.68
C LEU GA 888 -33.80 28.00 95.46
N ILE GA 889 -35.11 28.18 95.58
CA ILE GA 889 -36.06 27.95 94.50
C ILE GA 889 -37.01 29.13 94.42
N LEU GA 890 -37.15 29.70 93.23
CA LEU GA 890 -38.05 30.83 93.03
C LEU GA 890 -39.50 30.37 93.06
N VAL GA 891 -40.35 31.16 93.73
CA VAL GA 891 -41.78 30.91 93.77
C VAL GA 891 -42.51 32.22 93.50
N TRP GA 892 -43.74 32.09 93.02
CA TRP GA 892 -44.54 33.27 92.69
C TRP GA 892 -45.87 33.26 93.43
N ALA HA 4 -34.41 48.62 11.10
CA ALA HA 4 -33.07 48.16 10.76
C ALA HA 4 -32.42 47.44 11.93
N GLU HA 5 -31.22 46.92 11.71
CA GLU HA 5 -30.50 46.22 12.78
C GLU HA 5 -30.00 47.19 13.85
N LEU HA 6 -29.65 48.41 13.45
CA LEU HA 6 -29.18 49.39 14.42
C LEU HA 6 -30.26 49.74 15.44
N ASP HA 7 -31.50 49.90 14.98
CA ASP HA 7 -32.60 50.23 15.88
C ASP HA 7 -32.85 49.11 16.90
N ASN HA 8 -32.75 47.86 16.45
CA ASN HA 8 -33.01 46.73 17.34
C ASN HA 8 -32.01 46.69 18.50
N LYS HA 9 -30.73 46.88 18.21
CA LYS HA 9 -29.72 46.85 19.26
C LYS HA 9 -29.61 48.15 20.04
N LEU HA 10 -30.22 49.23 19.56
CA LEU HA 10 -30.25 50.49 20.30
C LEU HA 10 -31.40 50.56 21.28
N SER HA 11 -32.60 50.15 20.86
CA SER HA 11 -33.76 50.18 21.74
C SER HA 11 -33.63 49.17 22.88
N ALA HA 12 -32.76 48.18 22.76
CA ALA HA 12 -32.58 47.20 23.82
C ALA HA 12 -31.81 47.75 25.01
N ILE HA 13 -31.02 48.81 24.81
CA ILE HA 13 -30.22 49.38 25.89
C ILE HA 13 -30.55 50.83 26.17
N VAL HA 14 -31.38 51.49 25.36
CA VAL HA 14 -31.76 52.87 25.56
C VAL HA 14 -33.28 52.97 25.63
N PRO HA 15 -33.85 53.54 26.69
CA PRO HA 15 -35.30 53.71 26.74
C PRO HA 15 -35.78 54.85 25.86
N ASP HA 16 -36.02 54.54 24.58
CA ASP HA 16 -36.38 55.57 23.62
C ASP HA 16 -37.61 56.35 24.06
N THR HA 17 -37.55 57.67 23.94
CA THR HA 17 -38.57 58.58 24.45
C THR HA 17 -39.25 59.31 23.30
N VAL HA 18 -40.33 60.02 23.65
CA VAL HA 18 -41.07 60.78 22.65
C VAL HA 18 -40.26 61.99 22.18
N PHE HA 19 -39.59 62.67 23.10
CA PHE HA 19 -38.84 63.87 22.75
C PHE HA 19 -37.69 63.53 21.82
N LYS HA 20 -37.48 64.38 20.83
CA LYS HA 20 -36.42 64.20 19.84
C LYS HA 20 -35.50 65.40 19.86
N LEU HA 21 -34.20 65.16 20.04
CA LEU HA 21 -33.23 66.25 20.01
C LEU HA 21 -33.19 66.91 18.64
N ASP HA 22 -33.23 66.11 17.57
CA ASP HA 22 -33.27 66.61 16.21
C ASP HA 22 -34.45 65.92 15.51
N GLU HA 23 -35.58 66.62 15.43
CA GLU HA 23 -36.81 66.07 14.88
C GLU HA 23 -37.00 66.40 13.40
N ARG HA 24 -36.06 67.11 12.79
CA ARG HA 24 -36.21 67.51 11.39
C ARG HA 24 -36.29 66.28 10.49
N SER HA 25 -37.27 66.29 9.59
CA SER HA 25 -37.53 65.18 8.70
C SER HA 25 -36.82 65.40 7.36
N THR HA 26 -37.02 64.44 6.44
CA THR HA 26 -36.42 64.56 5.12
C THR HA 26 -36.99 65.75 4.36
N LEU HA 27 -38.26 66.09 4.59
CA LEU HA 27 -38.84 67.25 3.95
C LEU HA 27 -38.15 68.53 4.41
N ASP HA 28 -37.87 68.65 5.70
CA ASP HA 28 -37.19 69.83 6.22
C ASP HA 28 -35.78 69.95 5.67
N ILE HA 29 -35.08 68.81 5.56
CA ILE HA 29 -33.73 68.83 5.00
C ILE HA 29 -33.77 69.25 3.53
N LEU HA 30 -34.73 68.73 2.77
CA LEU HA 30 -34.86 69.12 1.37
C LEU HA 30 -35.21 70.60 1.24
N ASN HA 31 -36.08 71.10 2.11
CA ASN HA 31 -36.41 72.52 2.10
C ASN HA 31 -35.19 73.36 2.43
N TRP HA 32 -34.36 72.91 3.37
CA TRP HA 32 -33.12 73.62 3.67
C TRP HA 32 -32.20 73.66 2.44
N LEU HA 33 -32.08 72.54 1.73
CA LEU HA 33 -31.23 72.50 0.56
C LEU HA 33 -31.74 73.44 -0.54
N LYS HA 34 -33.06 73.51 -0.71
CA LYS HA 34 -33.63 74.41 -1.71
C LYS HA 34 -33.28 75.86 -1.41
N ALA HA 35 -33.39 76.27 -0.14
CA ALA HA 35 -33.02 77.63 0.21
C ALA HA 35 -31.51 77.83 0.15
N TYR HA 36 -30.74 76.84 0.60
CA TYR HA 36 -29.29 76.96 0.60
C TYR HA 36 -28.74 77.05 -0.82
N ALA HA 37 -29.26 76.22 -1.73
CA ALA HA 37 -28.76 76.22 -3.10
C ALA HA 37 -29.25 77.41 -3.91
N GLU HA 38 -30.25 78.14 -3.42
CA GLU HA 38 -30.71 79.35 -4.10
C GLU HA 38 -29.66 80.45 -4.10
N LYS HA 39 -28.65 80.35 -3.23
CA LYS HA 39 -27.64 81.38 -3.11
C LYS HA 39 -26.39 81.12 -3.93
N ILE HA 40 -26.14 79.86 -4.31
CA ILE HA 40 -24.94 79.50 -5.07
C ILE HA 40 -25.23 79.71 -6.55
N PRO HA 41 -24.53 80.62 -7.22
CA PRO HA 41 -24.81 80.88 -8.63
C PRO HA 41 -24.20 79.84 -9.55
N PHE HA 42 -24.98 79.41 -10.54
CA PHE HA 42 -24.47 78.52 -11.58
C PHE HA 42 -23.68 79.32 -12.61
N ASP HA 43 -24.34 80.31 -13.23
CA ASP HA 43 -23.66 81.32 -14.04
C ASP HA 43 -24.40 82.63 -13.85
N GLN HA 44 -23.71 83.73 -14.12
CA GLN HA 44 -24.26 85.05 -13.89
C GLN HA 44 -24.81 85.72 -15.15
N ASP HA 45 -24.40 85.27 -16.33
CA ASP HA 45 -25.00 85.79 -17.56
C ASP HA 45 -26.49 85.48 -17.60
N LYS HA 46 -26.86 84.27 -17.24
CA LYS HA 46 -28.24 83.91 -16.97
C LYS HA 46 -28.50 84.00 -15.46
N ASN HA 47 -29.77 83.93 -15.08
CA ASN HA 47 -30.14 83.92 -13.67
C ASN HA 47 -30.35 82.48 -13.22
N GLN HA 48 -29.26 81.72 -13.26
CA GLN HA 48 -29.27 80.30 -12.93
C GLN HA 48 -28.56 80.07 -11.60
N PHE HA 49 -29.25 79.39 -10.69
CA PHE HA 49 -28.69 79.03 -9.41
C PHE HA 49 -28.86 77.54 -9.19
N TRP HA 50 -28.04 76.98 -8.29
CA TRP HA 50 -28.00 75.53 -8.12
C TRP HA 50 -29.31 74.94 -7.63
N ASP HA 51 -30.22 75.78 -7.09
CA ASP HA 51 -31.50 75.26 -6.63
C ASP HA 51 -32.32 74.69 -7.77
N SER HA 52 -32.15 75.22 -8.98
CA SER HA 52 -32.84 74.68 -10.15
C SER HA 52 -32.16 73.44 -10.70
N PHE HA 53 -30.99 73.07 -10.18
CA PHE HA 53 -30.31 71.85 -10.56
C PHE HA 53 -30.75 70.67 -9.71
N TYR HA 54 -30.87 70.86 -8.40
CA TYR HA 54 -31.34 69.79 -7.53
C TYR HA 54 -32.83 69.56 -7.68
N PHE HA 55 -33.59 70.60 -8.01
CA PHE HA 55 -35.02 70.52 -8.24
C PHE HA 55 -35.28 70.92 -9.69
N ILE HA 56 -35.64 69.95 -10.52
CA ILE HA 56 -35.72 70.15 -11.96
C ILE HA 56 -37.04 70.82 -12.30
N GLN HA 57 -36.97 71.99 -12.94
CA GLN HA 57 -38.13 72.72 -13.43
C GLN HA 57 -39.16 72.97 -12.34
N GLU HA 58 -40.38 72.47 -12.53
CA GLU HA 58 -41.46 72.68 -11.57
C GLU HA 58 -41.54 71.52 -10.58
N ASN HA 59 -40.44 71.34 -9.86
CA ASN HA 59 -40.35 70.32 -8.82
C ASN HA 59 -40.26 70.99 -7.46
N THR HA 60 -41.05 70.48 -6.51
CA THR HA 60 -41.06 70.97 -5.15
C THR HA 60 -40.48 69.93 -4.20
N PRO HA 61 -39.96 70.35 -3.05
CA PRO HA 61 -39.46 69.36 -2.08
C PRO HA 61 -40.50 68.35 -1.64
N GLU HA 62 -41.79 68.71 -1.68
CA GLU HA 62 -42.84 67.77 -1.34
C GLU HA 62 -42.86 66.60 -2.31
N GLU HA 63 -42.72 66.87 -3.61
CA GLU HA 63 -42.71 65.80 -4.60
C GLU HA 63 -41.50 64.90 -4.43
N LEU HA 64 -40.32 65.49 -4.21
CA LEU HA 64 -39.12 64.68 -4.05
C LEU HA 64 -39.18 63.84 -2.78
N GLU HA 65 -39.75 64.39 -1.70
CA GLU HA 65 -39.89 63.62 -0.47
C GLU HA 65 -40.79 62.42 -0.68
N ASP HA 66 -41.85 62.57 -1.47
CA ASP HA 66 -42.73 61.44 -1.75
C ASP HA 66 -42.01 60.34 -2.51
N ILE HA 67 -41.19 60.72 -3.50
CA ILE HA 67 -40.43 59.73 -4.25
C ILE HA 67 -39.41 59.03 -3.35
N TYR HA 68 -38.77 59.79 -2.47
CA TYR HA 68 -37.77 59.19 -1.59
C TYR HA 68 -38.38 58.15 -0.67
N GLN HA 69 -39.59 58.40 -0.17
CA GLN HA 69 -40.23 57.46 0.74
C GLN HA 69 -40.67 56.19 0.01
N HIS HA 70 -41.08 56.30 -1.24
CA HIS HA 70 -41.55 55.16 -2.03
C HIS HA 70 -40.63 55.01 -3.23
N ALA HA 71 -39.64 54.12 -3.13
CA ALA HA 71 -38.69 53.94 -4.22
C ALA HA 71 -39.33 53.30 -5.44
N ASN HA 72 -40.47 52.62 -5.30
CA ASN HA 72 -41.04 51.88 -6.40
C ASN HA 72 -41.61 52.80 -7.48
N LYS HA 73 -42.12 53.97 -7.11
CA LYS HA 73 -42.81 54.82 -8.06
C LYS HA 73 -41.86 55.56 -9.00
N ALA HA 74 -40.55 55.28 -8.95
CA ALA HA 74 -39.62 55.78 -9.94
C ALA HA 74 -39.11 54.69 -10.88
N ASP HA 75 -39.20 53.42 -10.47
CA ASP HA 75 -38.74 52.25 -11.22
C ASP HA 75 -37.42 52.51 -11.95
N GLY HA 76 -36.45 53.02 -11.19
CA GLY HA 76 -35.11 53.18 -11.69
C GLY HA 76 -34.96 54.16 -12.83
N LEU HA 77 -35.77 55.21 -12.87
CA LEU HA 77 -35.66 56.23 -13.90
C LEU HA 77 -35.51 57.63 -13.34
N LEU HA 78 -35.26 57.76 -12.03
CA LEU HA 78 -34.96 59.05 -11.45
C LEU HA 78 -33.60 59.54 -11.97
N PRO HA 79 -33.44 60.85 -12.18
CA PRO HA 79 -32.15 61.38 -12.63
C PRO HA 79 -31.05 61.02 -11.66
N PRO HA 80 -29.86 60.67 -12.18
CA PRO HA 80 -28.81 60.15 -11.29
C PRO HA 80 -28.38 61.12 -10.19
N HIS HA 81 -28.36 62.42 -10.46
CA HIS HA 81 -27.88 63.36 -9.46
C HIS HA 81 -28.85 63.48 -8.29
N GLN HA 82 -30.14 63.28 -8.53
CA GLN HA 82 -31.10 63.26 -7.43
C GLN HA 82 -30.99 61.97 -6.63
N ALA HA 83 -30.66 60.87 -7.29
CA ALA HA 83 -30.38 59.63 -6.58
C ALA HA 83 -29.13 59.79 -5.71
N PHE HA 84 -28.20 60.63 -6.14
CA PHE HA 84 -27.04 60.95 -5.32
C PHE HA 84 -27.46 61.63 -4.03
N VAL HA 85 -28.38 62.58 -4.12
CA VAL HA 85 -28.87 63.27 -2.92
C VAL HA 85 -29.62 62.31 -2.02
N PHE HA 86 -30.46 61.45 -2.61
CA PHE HA 86 -31.20 60.48 -1.80
C PHE HA 86 -30.26 59.51 -1.11
N ALA HA 87 -29.19 59.10 -1.79
CA ALA HA 87 -28.20 58.22 -1.18
C ALA HA 87 -27.52 58.89 0.00
N PHE HA 88 -27.18 60.18 -0.15
CA PHE HA 88 -26.54 60.90 0.95
C PHE HA 88 -27.47 61.04 2.14
N LEU HA 89 -28.75 61.29 1.89
CA LEU HA 89 -29.71 61.41 2.99
C LEU HA 89 -29.82 60.10 3.77
N LYS HA 90 -29.74 58.97 3.07
CA LYS HA 90 -29.74 57.68 3.76
C LYS HA 90 -28.51 57.53 4.64
N LEU HA 91 -27.36 58.07 4.19
CA LEU HA 91 -26.15 57.99 5.00
C LEU HA 91 -26.31 58.74 6.32
N LEU HA 92 -26.93 59.93 6.28
CA LEU HA 92 -27.06 60.75 7.48
C LEU HA 92 -28.08 60.20 8.47
N GLU HA 93 -28.92 59.25 8.05
CA GLU HA 93 -29.95 58.74 8.94
C GLU HA 93 -29.34 58.01 10.13
N THR HA 94 -28.20 57.35 9.93
CA THR HA 94 -27.56 56.64 11.03
C THR HA 94 -27.03 57.59 12.08
N SER HA 95 -26.41 58.69 11.67
CA SER HA 95 -25.91 59.68 12.62
C SER HA 95 -27.06 60.34 13.37
N ASN HA 96 -28.16 60.63 12.68
CA ASN HA 96 -29.32 61.22 13.33
C ASN HA 96 -29.91 60.29 14.37
N ARG HA 97 -29.98 58.98 14.05
CA ARG HA 97 -30.52 58.02 14.99
C ARG HA 97 -29.68 57.93 16.25
N LEU HA 98 -28.35 57.96 16.10
CA LEU HA 98 -27.47 57.86 17.27
C LEU HA 98 -27.59 59.08 18.16
N LEU HA 99 -27.70 60.26 17.55
CA LEU HA 99 -27.79 61.49 18.34
C LEU HA 99 -29.07 61.54 19.15
N ASN HA 100 -30.18 61.06 18.58
CA ASN HA 100 -31.48 61.14 19.24
C ASN HA 100 -31.58 60.25 20.47
N THR HA 101 -30.58 59.42 20.75
CA THR HA 101 -30.57 58.58 21.94
C THR HA 101 -29.97 59.28 23.15
N PHE HA 102 -29.47 60.50 22.99
CA PHE HA 102 -28.78 61.20 24.06
C PHE HA 102 -29.72 61.74 25.13
N PRO HA 103 -30.90 62.29 24.79
CA PRO HA 103 -31.82 62.71 25.85
C PRO HA 103 -32.17 61.61 26.84
N ALA HA 104 -32.31 60.37 26.37
CA ALA HA 104 -32.64 59.27 27.28
C ALA HA 104 -31.42 58.89 28.12
N ARG HA 105 -30.23 58.84 27.51
CA ARG HA 105 -29.03 58.50 28.26
C ARG HA 105 -28.65 59.61 29.23
N HIS HA 106 -28.98 60.85 28.89
CA HIS HA 106 -28.68 61.97 29.78
C HIS HA 106 -29.48 61.87 31.07
N ARG HA 107 -30.78 61.56 30.96
CA ARG HA 107 -31.62 61.46 32.14
C ARG HA 107 -31.21 60.28 33.02
N ASP HA 108 -30.85 59.16 32.39
CA ASP HA 108 -30.43 57.99 33.15
C ASP HA 108 -29.16 58.27 33.94
N LEU HA 109 -28.23 59.03 33.35
CA LEU HA 109 -27.01 59.40 34.05
C LEU HA 109 -27.31 60.24 35.28
N TYR HA 110 -28.26 61.17 35.17
CA TYR HA 110 -28.61 62.03 36.30
C TYR HA 110 -29.28 61.24 37.41
N TYR HA 111 -30.26 60.41 37.07
CA TYR HA 111 -31.02 59.70 38.09
C TYR HA 111 -30.20 58.60 38.75
N ARG HA 112 -29.45 57.84 37.96
CA ARG HA 112 -28.82 56.62 38.47
C ARG HA 112 -27.41 56.84 38.97
N GLU HA 113 -26.64 57.71 38.32
CA GLU HA 113 -25.24 57.89 38.69
C GLU HA 113 -25.04 59.01 39.70
N LEU HA 114 -25.65 60.18 39.45
CA LEU HA 114 -25.48 61.30 40.37
C LEU HA 114 -26.35 61.11 41.62
N LEU HA 115 -27.67 61.03 41.43
CA LEU HA 115 -28.57 60.87 42.57
C LEU HA 115 -28.52 59.47 43.16
N GLY HA 116 -28.02 58.49 42.41
CA GLY HA 116 -27.87 57.14 42.93
C GLY HA 116 -29.17 56.43 43.27
N LEU HA 117 -30.19 56.59 42.44
CA LEU HA 117 -31.48 55.96 42.67
C LEU HA 117 -31.61 54.71 41.79
N SER HA 118 -32.28 53.69 42.32
CA SER HA 118 -32.47 52.43 41.63
C SER HA 118 -33.91 51.96 41.79
N PRO HA 119 -34.42 51.20 40.82
CA PRO HA 119 -35.79 50.70 40.92
C PRO HA 119 -35.97 49.77 42.11
N ARG HA 120 -37.17 49.79 42.68
CA ARG HA 120 -37.47 48.93 43.82
C ARG HA 120 -37.66 47.49 43.37
N LYS HA 121 -37.24 46.57 44.22
CA LYS HA 121 -37.34 45.14 43.93
C LYS HA 121 -38.71 44.61 44.33
N ALA HA 122 -39.02 43.41 43.85
CA ALA HA 122 -40.31 42.80 44.11
C ALA HA 122 -40.45 42.42 45.58
N GLN HA 123 -41.69 42.35 46.05
CA GLN HA 123 -42.01 42.01 47.42
C GLN HA 123 -42.62 40.62 47.48
N ALA HA 124 -42.14 39.80 48.41
CA ALA HA 124 -42.64 38.44 48.57
C ALA HA 124 -44.00 38.47 49.26
N ASP HA 125 -44.97 37.74 48.71
CA ASP HA 125 -46.30 37.69 49.28
C ASP HA 125 -46.38 36.62 50.38
N SER HA 126 -47.44 36.71 51.17
CA SER HA 126 -47.67 35.78 52.27
C SER HA 126 -49.06 35.17 52.14
N VAL HA 127 -49.18 33.92 52.61
CA VAL HA 127 -50.43 33.17 52.54
C VAL HA 127 -50.61 32.40 53.84
N ALA HA 128 -51.86 32.03 54.11
CA ALA HA 128 -52.22 31.27 55.29
C ALA HA 128 -52.66 29.87 54.89
N LEU HA 129 -52.08 28.86 55.53
CA LEU HA 129 -52.33 27.47 55.18
C LEU HA 129 -52.92 26.72 56.37
N GLY HA 130 -53.98 25.96 56.12
CA GLY HA 130 -54.55 25.07 57.10
C GLY HA 130 -54.13 23.63 56.81
N ILE HA 131 -53.75 22.91 57.86
CA ILE HA 131 -53.18 21.58 57.75
C ILE HA 131 -54.15 20.57 58.34
N THR HA 132 -54.33 19.45 57.64
CA THR HA 132 -55.09 18.32 58.15
C THR HA 132 -54.15 17.11 58.24
N LEU HA 133 -54.12 16.49 59.40
CA LEU HA 133 -53.24 15.35 59.63
C LEU HA 133 -53.94 14.05 59.28
N ASN HA 134 -53.14 13.07 58.87
CA ASN HA 134 -53.67 11.74 58.62
C ASN HA 134 -54.15 11.11 59.92
N THR HA 135 -55.13 10.21 59.80
CA THR HA 135 -55.84 9.69 60.96
C THR HA 135 -54.97 8.89 61.92
N ASP HA 136 -53.77 8.48 61.51
CA ASP HA 136 -52.91 7.67 62.37
C ASP HA 136 -51.92 8.50 63.19
N ASN HA 137 -51.97 9.82 63.11
CA ASN HA 137 -51.08 10.69 63.88
C ASN HA 137 -51.92 11.51 64.85
N ALA HA 138 -51.61 11.38 66.15
CA ALA HA 138 -52.30 12.20 67.14
C ALA HA 138 -51.78 13.63 67.12
N GLU HA 139 -50.46 13.80 67.01
CA GLU HA 139 -49.84 15.11 66.95
C GLU HA 139 -48.64 15.05 66.02
N TYR HA 140 -48.44 16.13 65.28
CA TYR HA 140 -47.28 16.25 64.40
C TYR HA 140 -46.69 17.64 64.53
N LEU HA 141 -45.38 17.73 64.35
CA LEU HA 141 -44.64 18.99 64.41
C LEU HA 141 -44.13 19.30 63.01
N ILE HA 142 -44.52 20.45 62.48
CA ILE HA 142 -44.06 20.93 61.18
C ILE HA 142 -43.01 22.02 61.44
N PRO HA 143 -41.73 21.75 61.23
CA PRO HA 143 -40.70 22.72 61.60
C PRO HA 143 -40.71 23.96 60.70
N LYS HA 144 -40.18 25.04 61.24
CA LYS HA 144 -40.03 26.26 60.47
C LYS HA 144 -39.11 26.02 59.28
N GLY HA 145 -39.52 26.50 58.12
CA GLY HA 145 -38.77 26.30 56.89
C GLY HA 145 -39.30 25.21 55.99
N THR HA 146 -40.44 24.61 56.31
CA THR HA 146 -41.04 23.61 55.44
C THR HA 146 -41.49 24.25 54.14
N LEU HA 147 -41.29 23.53 53.04
CA LEU HA 147 -41.58 24.03 51.70
C LEU HA 147 -42.92 23.49 51.21
N PHE HA 148 -43.74 24.36 50.64
CA PHE HA 148 -45.04 24.00 50.10
C PHE HA 148 -45.11 24.42 48.64
N ASP HA 149 -45.82 23.63 47.84
CA ASP HA 149 -45.87 23.83 46.40
C ASP HA 149 -47.18 24.49 46.01
N ALA HA 150 -47.09 25.53 45.18
CA ALA HA 150 -48.26 26.25 44.68
C ALA HA 150 -48.43 26.11 43.17
N GLY HA 151 -47.73 25.17 42.55
CA GLY HA 151 -47.82 24.99 41.12
C GLY HA 151 -46.74 25.75 40.36
N GLN HA 152 -47.12 26.36 39.23
CA GLN HA 152 -46.18 27.12 38.42
C GLN HA 152 -46.88 28.38 37.94
N ASP HA 153 -46.06 29.35 37.51
CA ASP HA 153 -46.58 30.60 36.97
C ASP HA 153 -46.96 30.39 35.51
N SER HA 154 -47.24 31.49 34.80
CA SER HA 154 -47.63 31.37 33.39
C SER HA 154 -46.48 30.85 32.54
N VAL HA 155 -45.25 31.31 32.82
CA VAL HA 155 -44.10 30.88 32.03
C VAL HA 155 -43.55 29.52 32.45
N GLY HA 156 -44.08 28.94 33.52
CA GLY HA 156 -43.72 27.60 33.92
C GLY HA 156 -42.76 27.51 35.10
N ASN HA 157 -42.26 28.64 35.59
CA ASN HA 157 -41.38 28.61 36.76
C ASN HA 157 -42.15 28.16 37.99
N PRO HA 158 -41.64 27.20 38.75
CA PRO HA 158 -42.38 26.71 39.93
C PRO HA 158 -42.50 27.78 41.00
N LEU HA 159 -43.58 27.69 41.77
CA LEU HA 159 -43.84 28.57 42.90
C LEU HA 159 -43.75 27.77 44.18
N GLN HA 160 -42.92 28.24 45.13
CA GLN HA 160 -42.72 27.56 46.39
C GLN HA 160 -42.82 28.57 47.54
N TYR HA 161 -43.35 28.10 48.66
CA TYR HA 161 -43.52 28.93 49.85
C TYR HA 161 -42.86 28.25 51.04
N THR HA 162 -42.32 29.06 51.94
CA THR HA 162 -41.59 28.59 53.11
C THR HA 162 -42.39 28.91 54.37
N SER HA 163 -42.62 27.89 55.19
CA SER HA 163 -43.29 28.10 56.47
C SER HA 163 -42.46 28.98 57.38
N GLU HA 164 -43.14 29.82 58.16
CA GLU HA 164 -42.48 30.83 58.97
C GLU HA 164 -42.41 30.49 60.45
N THR HA 165 -43.20 29.53 60.92
CA THR HA 165 -43.24 29.23 62.34
C THR HA 165 -43.58 27.75 62.52
N ASP HA 166 -42.99 27.14 63.54
CA ASP HA 166 -43.32 25.75 63.88
C ASP HA 166 -44.80 25.62 64.20
N LEU HA 167 -45.40 24.54 63.72
CA LEU HA 167 -46.81 24.26 63.95
C LEU HA 167 -46.95 22.89 64.58
N LEU HA 168 -47.73 22.80 65.66
CA LEU HA 168 -48.01 21.56 66.34
C LEU HA 168 -49.46 21.18 66.01
N ALA HA 169 -49.63 20.49 64.89
CA ALA HA 169 -50.94 20.15 64.39
C ALA HA 169 -51.53 18.97 65.15
N ASN HA 170 -52.86 18.87 65.13
CA ASN HA 170 -53.57 17.77 65.77
C ASN HA 170 -54.75 17.40 64.88
N GLN HA 171 -55.62 16.54 65.40
CA GLN HA 171 -56.77 16.05 64.64
C GLN HA 171 -58.03 16.89 64.83
N GLY HA 172 -57.95 17.98 65.57
CA GLY HA 172 -59.12 18.77 65.86
C GLY HA 172 -59.60 19.57 64.65
N GLU HA 173 -60.75 20.21 64.82
CA GLU HA 173 -61.32 21.06 63.78
C GLU HA 173 -62.30 22.02 64.41
N LEU HA 174 -62.24 23.28 64.02
CA LEU HA 174 -63.20 24.27 64.49
C LEU HA 174 -64.56 24.02 63.84
N THR HA 175 -65.60 23.92 64.66
CA THR HA 175 -66.91 23.50 64.18
C THR HA 175 -68.04 24.46 64.51
N ASP HA 176 -67.96 25.18 65.63
CA ASP HA 176 -69.08 25.98 66.10
C ASP HA 176 -68.64 27.40 66.42
N LEU HA 177 -69.57 28.34 66.28
CA LEU HA 177 -69.31 29.75 66.59
C LEU HA 177 -70.63 30.42 66.89
N ARG HA 178 -70.81 30.86 68.13
CA ARG HA 178 -72.04 31.49 68.58
C ARG HA 178 -71.70 32.76 69.36
N TRP HA 179 -72.69 33.63 69.50
CA TRP HA 179 -72.54 34.82 70.32
C TRP HA 179 -73.92 35.31 70.75
N TYR HA 180 -73.93 36.15 71.79
CA TYR HA 180 -75.11 36.90 72.17
C TYR HA 180 -74.71 38.35 72.41
N ARG HA 181 -75.64 39.26 72.17
CA ARG HA 181 -75.35 40.69 72.18
C ARG HA 181 -76.39 41.42 73.02
N LYS HA 182 -76.14 42.71 73.24
CA LYS HA 182 -76.99 43.55 74.07
C LYS HA 182 -78.05 44.24 73.24
N ASP HA 183 -79.18 44.54 73.88
CA ASP HA 183 -80.26 45.28 73.23
C ASP HA 183 -81.08 46.04 74.27
N SER HA 186 -82.71 43.74 76.25
CA SER HA 186 -82.37 42.39 76.69
C SER HA 186 -81.16 41.87 75.93
N TRP HA 187 -81.17 40.57 75.62
CA TRP HA 187 -80.07 39.94 74.91
C TRP HA 187 -80.62 38.99 73.86
N GLN HA 188 -79.98 38.97 72.70
CA GLN HA 188 -80.34 38.07 71.60
C GLN HA 188 -79.13 37.24 71.21
N SER HA 189 -79.35 35.97 70.92
CA SER HA 189 -78.28 35.04 70.58
C SER HA 189 -78.47 34.52 69.17
N THR HA 190 -77.36 34.10 68.55
CA THR HA 190 -77.37 33.58 67.20
C THR HA 190 -76.26 32.56 67.04
N ILE HA 191 -76.39 31.71 66.04
CA ILE HA 191 -75.40 30.67 65.75
C ILE HA 191 -75.00 30.78 64.28
N PRO HA 192 -74.06 31.67 63.94
CA PRO HA 192 -73.64 31.78 62.54
C PRO HA 192 -73.04 30.50 61.97
N LEU HA 193 -72.32 29.73 62.78
CA LEU HA 193 -71.63 28.54 62.30
C LEU HA 193 -71.85 27.38 63.27
N SER HA 194 -72.07 26.19 62.71
CA SER HA 194 -72.21 24.97 63.50
C SER HA 194 -72.07 23.78 62.56
N LEU HA 195 -71.30 22.78 62.99
CA LEU HA 195 -71.10 21.58 62.17
C LEU HA 195 -72.00 20.42 62.58
N SER HA 196 -72.39 20.34 63.85
CA SER HA 196 -73.40 19.36 64.24
C SER HA 196 -74.70 19.63 63.51
N ASP HA 197 -75.12 20.89 63.43
CA ASP HA 197 -76.14 21.33 62.51
C ASP HA 197 -75.51 21.62 61.15
N ASN HA 198 -76.35 21.89 60.16
CA ASN HA 198 -75.88 22.19 58.81
C ASN HA 198 -75.87 23.68 58.52
N ILE HA 199 -75.55 24.49 59.52
CA ILE HA 199 -75.46 25.95 59.37
C ILE HA 199 -74.01 26.32 59.14
N ALA HA 200 -73.74 26.98 58.02
CA ALA HA 200 -72.38 27.34 57.63
C ALA HA 200 -72.25 28.86 57.57
N LEU HA 201 -71.01 29.32 57.72
CA LEU HA 201 -70.73 30.75 57.64
C LEU HA 201 -71.01 31.25 56.23
N PRO HA 202 -71.63 32.42 56.09
CA PRO HA 202 -71.82 32.99 54.75
C PRO HA 202 -70.48 33.28 54.09
N GLU HA 203 -70.46 33.15 52.75
CA GLU HA 203 -69.23 33.31 52.01
C GLU HA 203 -68.64 34.72 52.13
N ASN HA 204 -69.47 35.72 52.42
CA ASN HA 204 -69.00 37.08 52.61
C ASN HA 204 -68.53 37.35 54.04
N GLY HA 205 -68.70 36.40 54.94
CA GLY HA 205 -68.41 36.63 56.34
C GLY HA 205 -69.56 37.34 57.04
N ILE HA 206 -69.36 37.61 58.31
CA ILE HA 206 -70.37 38.24 59.14
C ILE HA 206 -69.72 39.32 60.00
N GLN HA 207 -70.34 40.49 60.05
CA GLN HA 207 -69.89 41.54 60.96
C GLN HA 207 -70.12 41.08 62.40
N LEU HA 208 -69.13 41.28 63.25
CA LEU HA 208 -69.22 40.81 64.63
C LEU HA 208 -70.33 41.55 65.38
N PHE HA 209 -71.13 40.78 66.12
CA PHE HA 209 -72.21 41.33 66.95
C PHE HA 209 -73.18 42.18 66.12
N SER HA 210 -73.53 41.68 64.93
CA SER HA 210 -74.46 42.39 64.07
C SER HA 210 -75.79 41.65 64.01
N PRO HA 211 -76.90 42.37 63.86
CA PRO HA 211 -78.21 41.71 63.79
C PRO HA 211 -78.30 40.75 62.61
N THR HA 212 -78.92 39.60 62.85
CA THR HA 212 -79.11 38.60 61.81
C THR HA 212 -80.58 38.21 61.72
N ALA HA 213 -80.89 37.19 60.91
CA ALA HA 213 -82.26 36.76 60.72
C ALA HA 213 -82.78 35.82 61.80
N ASN HA 214 -81.89 35.26 62.63
CA ASN HA 214 -82.27 34.30 63.64
C ASN HA 214 -81.88 34.78 65.04
N ASP HA 215 -82.09 36.07 65.31
CA ASP HA 215 -81.78 36.64 66.62
C ASP HA 215 -82.84 36.16 67.62
N VAL HA 216 -82.47 35.16 68.41
CA VAL HA 216 -83.38 34.58 69.41
C VAL HA 216 -83.15 35.27 70.74
N ALA HA 217 -84.22 35.80 71.33
CA ALA HA 217 -84.11 36.45 72.61
C ALA HA 217 -83.69 35.47 73.69
N VAL HA 218 -82.87 35.93 74.63
CA VAL HA 218 -82.35 35.06 75.67
C VAL HA 218 -83.43 34.78 76.70
N LEU HA 219 -83.67 33.49 76.95
CA LEU HA 219 -84.67 33.06 77.92
C LEU HA 219 -84.00 32.76 79.25
N SER HA 220 -84.55 33.31 80.32
CA SER HA 220 -84.07 33.06 81.67
C SER HA 220 -85.14 32.29 82.44
N GLY HA 221 -84.77 31.13 82.99
CA GLY HA 221 -85.71 30.30 83.70
C GLY HA 221 -85.07 29.05 84.27
N TYR HA 222 -85.82 27.94 84.27
CA TYR HA 222 -85.34 26.70 84.85
C TYR HA 222 -85.74 25.52 83.97
N LEU HA 223 -84.92 24.47 84.03
CA LEU HA 223 -85.20 23.20 83.37
C LEU HA 223 -85.54 22.18 84.45
N ILE HA 224 -86.74 21.63 84.39
CA ILE HA 224 -87.25 20.73 85.42
C ILE HA 224 -87.22 19.31 84.90
N LYS HA 225 -86.53 18.43 85.63
CA LYS HA 225 -86.36 17.02 85.25
C LYS HA 225 -87.08 16.17 86.29
N SER HA 226 -88.15 15.50 85.86
CA SER HA 226 -88.94 14.69 86.78
C SER HA 226 -89.47 13.47 86.06
N SER HA 227 -89.68 12.38 86.80
CA SER HA 227 -90.18 11.14 86.24
C SER HA 227 -91.71 11.07 86.22
N LEU HA 228 -92.38 12.02 86.88
CA LEU HA 228 -93.84 12.02 86.93
C LEU HA 228 -94.47 12.67 85.70
N PHE HA 229 -93.67 13.14 84.76
CA PHE HA 229 -94.16 13.82 83.57
C PHE HA 229 -94.48 12.88 82.42
N SER HA 230 -94.77 11.60 82.70
CA SER HA 230 -95.05 10.64 81.64
C SER HA 230 -96.26 11.07 80.82
N MET HA 231 -97.43 11.13 81.46
CA MET HA 231 -98.65 11.72 80.90
C MET HA 231 -99.00 11.13 79.54
N PRO HA 232 -99.48 9.88 79.48
CA PRO HA 232 -99.75 9.25 78.18
C PRO HA 232 -100.76 10.01 77.33
N GLU HA 233 -101.98 10.23 77.85
CA GLU HA 233 -103.00 10.94 77.09
C GLU HA 233 -104.04 11.49 78.06
N GLY HA 234 -104.99 12.24 77.51
CA GLY HA 234 -106.00 12.91 78.30
C GLY HA 234 -105.68 14.38 78.48
N GLU HA 235 -106.45 15.01 79.36
CA GLU HA 235 -106.21 16.39 79.75
C GLU HA 235 -105.28 16.38 80.96
N ARG HA 236 -104.11 17.00 80.83
CA ARG HA 236 -103.08 16.97 81.84
C ARG HA 236 -102.84 18.36 82.40
N HIS HA 237 -102.79 18.46 83.72
CA HIS HA 237 -102.57 19.72 84.41
C HIS HA 237 -101.35 19.59 85.31
N ILE HA 238 -100.43 20.54 85.20
CA ILE HA 238 -99.22 20.58 86.01
C ILE HA 238 -99.20 21.91 86.76
N THR HA 239 -99.02 21.84 88.07
CA THR HA 239 -98.97 23.03 88.92
C THR HA 239 -97.59 23.11 89.56
N LEU HA 240 -96.93 24.26 89.41
CA LEU HA 240 -95.58 24.49 89.92
C LEU HA 240 -95.65 25.46 91.08
N THR HA 241 -95.06 25.07 92.21
CA THR HA 241 -95.04 25.90 93.41
C THR HA 241 -93.66 26.53 93.56
N LEU HA 242 -93.60 27.85 93.46
CA LEU HA 242 -92.36 28.58 93.59
C LEU HA 242 -92.09 28.96 95.05
N GLU HA 243 -90.80 29.13 95.35
CA GLU HA 243 -90.41 29.41 96.74
C GLU HA 243 -90.83 30.81 97.17
N ASN HA 244 -90.88 31.76 96.24
CA ASN HA 244 -91.19 33.14 96.55
C ASN HA 244 -92.37 33.62 95.70
N ASP HA 245 -93.15 34.54 96.26
CA ASP HA 245 -94.27 35.12 95.52
C ASP HA 245 -93.72 35.94 94.35
N TRP HA 246 -94.16 35.61 93.14
CA TRP HA 246 -93.68 36.23 91.93
C TRP HA 246 -94.80 37.02 91.27
N GLU HA 247 -94.54 38.30 91.00
CA GLU HA 247 -95.49 39.17 90.33
C GLU HA 247 -94.98 39.45 88.92
N GLY HA 248 -95.70 38.94 87.93
CA GLY HA 248 -95.28 39.13 86.55
C GLY HA 248 -96.38 38.75 85.59
N GLN HA 249 -96.17 39.14 84.33
CA GLN HA 249 -97.16 38.89 83.30
C GLN HA 249 -97.23 37.40 82.97
N ALA HA 250 -98.46 36.90 82.82
CA ALA HA 250 -98.64 35.49 82.47
C ALA HA 250 -98.25 35.22 81.02
N GLU HA 251 -98.57 36.15 80.12
CA GLU HA 251 -98.28 35.96 78.70
C GLU HA 251 -96.78 35.99 78.39
N HIS HA 252 -95.97 36.53 79.30
CA HIS HA 252 -94.53 36.59 79.07
C HIS HA 252 -93.83 35.26 79.28
N LEU HA 253 -94.48 34.29 79.91
CA LEU HA 253 -93.86 33.00 80.17
C LEU HA 253 -93.81 32.18 78.87
N THR HA 254 -92.96 31.15 78.90
CA THR HA 254 -92.79 30.26 77.75
C THR HA 254 -92.46 28.88 78.29
N ALA HA 255 -93.46 28.00 78.32
CA ALA HA 255 -93.33 26.66 78.87
C ALA HA 255 -93.49 25.63 77.77
N LYS HA 256 -92.50 24.75 77.63
CA LYS HA 256 -92.53 23.67 76.65
C LYS HA 256 -92.16 22.36 77.33
N ILE HA 257 -92.74 21.27 76.83
CA ILE HA 257 -92.52 19.93 77.37
C ILE HA 257 -91.81 19.10 76.30
N SER HA 258 -90.89 18.25 76.75
CA SER HA 258 -90.15 17.39 75.85
C SER HA 258 -90.97 16.15 75.52
N THR HA 259 -91.17 15.89 74.23
CA THR HA 259 -91.84 14.69 73.74
C THR HA 259 -91.01 14.14 72.59
N GLY HA 260 -90.13 13.19 72.91
CA GLY HA 260 -89.24 12.65 71.89
C GLY HA 260 -88.31 13.70 71.32
N ASP HA 261 -88.57 14.11 70.08
CA ASP HA 261 -87.79 15.14 69.41
C ASP HA 261 -88.59 16.41 69.16
N HIS HA 262 -89.70 16.61 69.89
CA HIS HA 262 -90.57 17.75 69.68
C HIS HA 262 -90.72 18.54 70.98
N TRP HA 263 -90.84 19.86 70.83
CA TRP HA 263 -91.12 20.77 71.93
C TRP HA 263 -92.60 21.15 71.84
N LEU HA 264 -93.42 20.56 72.69
CA LEU HA 264 -94.85 20.85 72.71
C LEU HA 264 -95.13 22.01 73.66
N SER HA 265 -95.82 23.03 73.14
CA SER HA 265 -96.15 24.19 73.96
C SER HA 265 -97.27 23.85 74.93
N LEU HA 266 -97.33 24.61 76.03
CA LEU HA 266 -98.35 24.46 77.05
C LEU HA 266 -99.12 25.76 77.20
N SER HA 267 -100.44 25.65 77.35
CA SER HA 267 -101.28 26.83 77.54
C SER HA 267 -101.21 27.25 79.00
N VAL HA 268 -100.49 28.36 79.27
CA VAL HA 268 -100.38 28.86 80.63
C VAL HA 268 -101.73 29.42 81.07
N ASN HA 269 -102.03 29.25 82.35
CA ASN HA 269 -103.29 29.73 82.90
C ASN HA 269 -103.24 31.24 83.05
N PRO HA 270 -104.08 32.00 82.35
CA PRO HA 270 -103.95 33.46 82.40
C PRO HA 270 -104.40 34.09 83.70
N ASN HA 271 -105.19 33.38 84.53
CA ASN HA 271 -105.66 33.97 85.77
C ASN HA 271 -104.52 34.30 86.71
N ARG HA 272 -103.55 33.40 86.83
CA ARG HA 272 -102.36 33.60 87.66
C ARG HA 272 -102.74 33.94 89.10
N THR HA 273 -103.77 33.27 89.62
CA THR HA 273 -104.21 33.53 90.98
C THR HA 273 -103.21 32.97 91.99
N ASN HA 274 -103.32 33.49 93.22
CA ASN HA 274 -102.51 33.10 94.37
C ASN HA 274 -101.08 33.60 94.26
N LYS HA 275 -100.73 34.13 93.08
CA LYS HA 275 -99.47 34.86 92.87
C LYS HA 275 -98.23 34.02 93.17
N ASN HA 276 -98.42 32.74 93.48
CA ASN HA 276 -97.31 31.89 93.91
C ASN HA 276 -97.24 30.56 93.18
N THR HA 277 -98.10 30.34 92.19
CA THR HA 277 -98.11 29.08 91.46
C THR HA 277 -98.31 29.34 89.98
N ILE HA 278 -97.80 28.43 89.15
CA ILE HA 278 -97.97 28.47 87.71
C ILE HA 278 -98.69 27.21 87.29
N GLU HA 279 -99.76 27.38 86.51
CA GLU HA 279 -100.60 26.27 86.07
C GLU HA 279 -100.41 26.06 84.57
N LEU HA 280 -100.13 24.83 84.18
CA LEU HA 280 -99.93 24.47 82.79
C LEU HA 280 -100.92 23.36 82.40
N GLU HA 281 -101.52 23.50 81.23
CA GLU HA 281 -102.55 22.58 80.77
C GLU HA 281 -102.15 21.94 79.45
N LEU HA 282 -102.58 20.70 79.25
CA LEU HA 282 -102.39 19.98 78.00
C LEU HA 282 -103.71 19.34 77.61
N SER HA 283 -104.05 19.44 76.32
CA SER HA 283 -105.29 18.86 75.82
C SER HA 283 -105.09 17.38 75.46
N SER HA 284 -106.21 16.67 75.36
CA SER HA 284 -106.17 15.27 74.95
C SER HA 284 -105.72 15.09 73.51
N THR HA 285 -105.84 16.13 72.69
CA THR HA 285 -105.38 16.06 71.30
C THR HA 285 -103.86 16.08 71.19
N ASP HA 286 -103.16 16.50 72.24
CA ASP HA 286 -101.72 16.69 72.17
C ASP HA 286 -100.99 15.35 72.13
N ASP HA 287 -99.78 15.39 71.59
CA ASP HA 287 -98.94 14.21 71.48
C ASP HA 287 -98.59 13.70 72.87
N PRO HA 288 -98.57 12.39 73.09
CA PRO HA 288 -98.11 11.85 74.38
C PRO HA 288 -96.69 12.31 74.70
N ILE HA 289 -96.45 12.58 75.98
CA ILE HA 289 -95.17 13.08 76.44
C ILE HA 289 -94.21 11.90 76.61
N SER HA 290 -93.03 12.01 76.04
CA SER HA 290 -91.99 10.99 76.08
C SER HA 290 -90.68 11.62 76.51
N PRO HA 291 -89.78 10.84 77.08
CA PRO HA 291 -88.45 11.37 77.45
C PRO HA 291 -87.73 11.90 76.23
N PRO HA 292 -86.97 12.97 76.37
CA PRO HA 292 -86.30 13.58 75.21
C PRO HA 292 -85.23 12.65 74.65
N ASP HA 293 -85.05 12.74 73.33
CA ASP HA 293 -84.04 11.95 72.64
C ASP HA 293 -83.48 12.81 71.50
N ASN HA 294 -82.28 13.34 71.72
CA ASN HA 294 -81.60 14.24 70.78
C ASN HA 294 -82.42 15.51 70.53
N LEU HA 295 -83.25 15.90 71.50
CA LEU HA 295 -84.03 17.13 71.39
C LEU HA 295 -83.12 18.30 71.72
N ASP HA 296 -82.69 19.01 70.68
CA ASP HA 296 -81.71 20.10 70.75
C ASP HA 296 -80.57 19.77 71.72
N GLY HA 297 -80.02 18.57 71.57
CA GLY HA 297 -78.81 18.20 72.27
C GLY HA 297 -78.99 17.31 73.48
N MET HA 298 -80.01 17.57 74.29
CA MET HA 298 -80.19 16.85 75.54
C MET HA 298 -80.82 15.48 75.30
N THR HA 299 -80.41 14.51 76.12
CA THR HA 299 -80.97 13.15 76.11
C THR HA 299 -81.17 12.74 77.56
N PHE HA 300 -82.42 12.50 77.94
CA PHE HA 300 -82.74 12.14 79.33
C PHE HA 300 -83.66 10.94 79.35
N ASP HA 301 -83.56 10.17 80.44
CA ASP HA 301 -84.40 8.98 80.60
C ASP HA 301 -85.84 9.31 80.91
N ILE HA 302 -86.13 10.53 81.36
CA ILE HA 302 -87.50 10.94 81.67
C ILE HA 302 -87.73 12.35 81.16
N PRO HA 303 -88.98 12.68 80.85
CA PRO HA 303 -89.27 13.96 80.19
C PRO HA 303 -88.89 15.16 81.06
N VAL HA 304 -88.60 16.27 80.39
CA VAL HA 304 -88.17 17.51 81.04
C VAL HA 304 -89.14 18.62 80.68
N LEU HA 305 -89.19 19.62 81.55
CA LEU HA 305 -90.01 20.81 81.36
C LEU HA 305 -89.09 22.03 81.30
N LYS HA 306 -89.22 22.81 80.23
CA LYS HA 306 -88.44 24.03 80.07
C LYS HA 306 -89.38 25.23 80.27
N LEU HA 307 -89.08 26.04 81.27
CA LEU HA 307 -89.88 27.20 81.60
C LEU HA 307 -88.98 28.40 81.82
N GLY HA 308 -89.35 29.53 81.22
CA GLY HA 308 -88.55 30.74 81.34
C GLY HA 308 -89.27 31.91 80.73
N THR HA 309 -88.70 33.09 80.96
CA THR HA 309 -89.27 34.34 80.46
C THR HA 309 -88.12 35.26 80.05
N THR HA 310 -88.45 36.52 79.81
CA THR HA 310 -87.47 37.50 79.37
C THR HA 310 -87.93 38.90 79.74
N GLN HA 311 -86.98 39.84 79.71
CA GLN HA 311 -87.19 41.27 79.96
C GLN HA 311 -88.18 41.55 81.09
N LYS HA 312 -88.07 40.81 82.18
CA LYS HA 312 -88.99 40.94 83.30
C LYS HA 312 -88.35 40.30 84.52
N PRO HA 313 -88.88 40.55 85.72
CA PRO HA 313 -88.31 39.93 86.92
C PRO HA 313 -88.29 38.41 86.82
N MET HA 314 -87.22 37.82 87.33
CA MET HA 314 -86.98 36.40 87.16
C MET HA 314 -87.93 35.57 88.02
N LEU HA 315 -88.13 34.32 87.59
CA LEU HA 315 -88.93 33.38 88.35
C LEU HA 315 -88.12 32.82 89.53
N PRO HA 316 -88.72 32.69 90.70
CA PRO HA 316 -88.05 31.98 91.79
C PRO HA 316 -87.92 30.50 91.48
N LYS HA 317 -87.06 29.83 92.25
CA LYS HA 317 -86.81 28.41 92.03
C LYS HA 317 -88.08 27.60 92.26
N ILE HA 318 -88.28 26.57 91.44
CA ILE HA 318 -89.44 25.70 91.59
C ILE HA 318 -89.20 24.75 92.74
N THR HA 319 -90.17 24.68 93.66
CA THR HA 319 -90.04 23.86 94.86
C THR HA 319 -91.08 22.76 94.98
N GLY HA 320 -92.18 22.83 94.25
CA GLY HA 320 -93.22 21.82 94.34
C GLY HA 320 -93.91 21.62 93.01
N ILE HA 321 -94.25 20.36 92.75
CA ILE HA 321 -94.92 19.97 91.51
C ILE HA 321 -96.17 19.18 91.89
N GLU HA 322 -97.30 19.55 91.29
CA GLU HA 322 -98.56 18.84 91.50
C GLU HA 322 -99.10 18.37 90.16
N ILE HA 323 -99.66 17.16 90.14
CA ILE HA 323 -100.04 16.48 88.92
C ILE HA 323 -101.52 16.16 88.98
N ASN HA 324 -102.24 16.42 87.88
CA ASN HA 324 -103.66 16.09 87.78
C ASN HA 324 -103.98 15.63 86.36
N ILE HA 325 -104.61 14.47 86.25
CA ILE HA 325 -105.05 13.92 84.97
C ILE HA 325 -106.50 13.48 85.10
N ASN HA 326 -107.26 13.70 84.02
CA ASN HA 326 -108.60 13.14 83.91
C ASN HA 326 -108.73 12.47 82.55
N GLY HA 327 -109.27 11.25 82.55
CA GLY HA 327 -109.37 10.46 81.34
C GLY HA 327 -109.08 8.99 81.58
N ASN HA 328 -109.97 8.12 81.09
CA ASN HA 328 -109.89 6.69 81.33
C ASN HA 328 -109.32 5.91 80.15
N ARG HA 329 -108.76 6.61 79.16
CA ARG HA 329 -108.33 5.93 77.93
C ARG HA 329 -107.07 5.10 78.13
N SER HA 330 -106.40 5.20 79.27
CA SER HA 330 -105.20 4.41 79.56
C SER HA 330 -105.30 3.76 80.93
N VAL HA 331 -106.47 3.19 81.23
CA VAL HA 331 -106.70 2.51 82.49
C VAL HA 331 -107.10 1.08 82.18
N ARG HA 332 -106.39 0.12 82.77
CA ARG HA 332 -106.74 -1.28 82.64
C ARG HA 332 -107.84 -1.63 83.64
N TYR HA 333 -109.02 -1.96 83.15
CA TYR HA 333 -110.17 -2.25 84.00
C TYR HA 333 -110.69 -3.65 83.66
N ALA HA 334 -110.93 -4.44 84.69
CA ALA HA 334 -111.42 -5.81 84.49
C ALA HA 334 -112.16 -6.26 85.74
N SER HA 335 -113.31 -6.88 85.55
CA SER HA 335 -114.10 -7.43 86.65
C SER HA 335 -113.81 -8.92 86.78
N ASP HA 336 -114.59 -9.60 87.63
CA ASP HA 336 -114.43 -11.04 87.78
C ASP HA 336 -114.80 -11.79 86.52
N GLY HA 337 -115.79 -11.28 85.77
CA GLY HA 337 -116.18 -11.94 84.53
C GLY HA 337 -115.10 -11.91 83.49
N GLY HA 338 -114.37 -10.80 83.38
CA GLY HA 338 -113.31 -10.70 82.39
C GLY HA 338 -112.81 -9.28 82.28
N ILE HA 339 -112.28 -8.96 81.10
CA ILE HA 339 -111.73 -7.63 80.81
C ILE HA 339 -112.73 -6.89 79.94
N GLU HA 340 -113.13 -5.70 80.38
CA GLU HA 340 -114.06 -4.85 79.66
C GLU HA 340 -113.47 -3.46 79.49
N GLN HA 341 -113.84 -2.81 78.39
CA GLN HA 341 -113.40 -1.45 78.13
C GLN HA 341 -114.18 -0.48 78.99
N THR HA 342 -113.47 0.46 79.62
CA THR HA 342 -114.12 1.46 80.46
C THR HA 342 -114.90 2.48 79.65
N ASP HA 343 -114.73 2.52 78.34
CA ASP HA 343 -115.48 3.42 77.47
C ASP HA 343 -116.69 2.78 76.84
N THR HA 344 -116.99 1.52 77.18
CA THR HA 344 -118.13 0.80 76.63
C THR HA 344 -119.01 0.30 77.76
N THR HA 345 -120.16 -0.26 77.38
CA THR HA 345 -121.10 -0.79 78.35
C THR HA 345 -120.50 -2.00 79.07
N SER HA 346 -120.71 -2.07 80.38
CA SER HA 346 -120.19 -3.17 81.17
C SER HA 346 -120.99 -3.29 82.46
N SER HA 347 -120.87 -4.46 83.09
CA SER HA 347 -121.45 -4.70 84.41
C SER HA 347 -120.31 -4.84 85.42
N PRO HA 348 -120.03 -3.81 86.21
CA PRO HA 348 -118.86 -3.87 87.10
C PRO HA 348 -118.90 -4.99 88.13
N PHE HA 349 -120.09 -5.35 88.62
CA PHE HA 349 -120.21 -6.33 89.69
C PHE HA 349 -120.84 -7.64 89.21
N GLY HA 350 -120.87 -7.87 87.91
CA GLY HA 350 -121.43 -9.09 87.37
C GLY HA 350 -122.95 -9.06 87.31
N GLN HA 351 -123.51 -10.15 86.80
CA GLN HA 351 -124.95 -10.30 86.66
C GLN HA 351 -125.63 -10.86 87.90
N SER HA 352 -124.85 -11.24 88.92
CA SER HA 352 -125.41 -11.72 90.19
C SER HA 352 -124.42 -11.36 91.30
N PRO HA 353 -124.32 -10.07 91.64
CA PRO HA 353 -123.32 -9.64 92.62
C PRO HA 353 -123.62 -10.18 94.01
N SER HA 354 -122.56 -10.36 94.78
CA SER HA 354 -122.63 -10.74 96.18
C SER HA 354 -121.57 -9.97 96.95
N LEU HA 355 -121.55 -10.16 98.28
CA LEU HA 355 -120.54 -9.49 99.10
C LEU HA 355 -119.15 -9.94 98.69
N GLY HA 356 -118.26 -8.98 98.48
CA GLY HA 356 -116.91 -9.25 98.04
C GLY HA 356 -116.69 -9.22 96.55
N SER HA 357 -117.76 -9.17 95.75
CA SER HA 357 -117.61 -9.09 94.31
C SER HA 357 -117.16 -7.68 93.90
N GLY HA 358 -116.47 -7.61 92.78
CA GLY HA 358 -116.00 -6.31 92.31
C GLY HA 358 -115.09 -6.44 91.11
N PHE HA 359 -114.28 -5.40 90.90
CA PHE HA 359 -113.42 -5.29 89.74
C PHE HA 359 -112.05 -4.79 90.19
N ASN HA 360 -111.12 -4.74 89.24
CA ASN HA 360 -109.75 -4.30 89.50
C ASN HA 360 -109.33 -3.26 88.47
N LEU HA 361 -108.50 -2.32 88.91
CA LEU HA 361 -107.99 -1.26 88.05
C LEU HA 361 -106.49 -1.10 88.24
N VAL HA 362 -105.83 -0.66 87.18
CA VAL HA 362 -104.40 -0.34 87.24
C VAL HA 362 -104.09 0.61 86.09
N ALA HA 363 -103.04 1.42 86.26
CA ALA HA 363 -102.62 2.37 85.26
C ALA HA 363 -101.14 2.63 85.43
N PRO HA 364 -100.39 2.78 84.32
CA PRO HA 364 -98.95 3.04 84.44
C PRO HA 364 -98.61 4.33 85.19
N GLU HA 365 -99.49 5.34 85.12
CA GLU HA 365 -99.20 6.60 85.79
C GLU HA 365 -99.15 6.45 87.30
N TRP HA 366 -99.92 5.49 87.85
CA TRP HA 366 -99.97 5.34 89.30
C TRP HA 366 -98.69 4.73 89.85
N TYR HA 367 -97.99 3.93 89.04
CA TYR HA 367 -96.76 3.30 89.50
C TYR HA 367 -95.66 4.35 89.69
N GLY HA 368 -94.93 4.22 90.78
CA GLY HA 368 -93.88 5.16 91.11
C GLY HA 368 -94.32 6.36 91.94
N THR HA 369 -95.62 6.50 92.21
CA THR HA 369 -96.14 7.61 92.98
C THR HA 369 -96.28 7.22 94.44
N GLU HA 370 -96.76 8.17 95.25
CA GLU HA 370 -96.92 7.94 96.68
C GLU HA 370 -97.95 8.93 97.22
N ASN HA 371 -98.85 8.44 98.08
CA ASN HA 371 -99.90 9.26 98.68
C ASN HA 371 -100.74 9.96 97.62
N ALA HA 372 -101.04 9.25 96.55
CA ALA HA 372 -101.79 9.80 95.43
C ALA HA 372 -103.29 9.76 95.71
N THR HA 373 -104.06 10.37 94.81
CA THR HA 373 -105.51 10.42 94.92
C THR HA 373 -106.12 9.92 93.61
N LEU HA 374 -107.09 9.02 93.72
CA LEU HA 374 -107.77 8.44 92.57
C LEU HA 374 -109.27 8.70 92.70
N THR HA 375 -109.88 9.15 91.61
CA THR HA 375 -111.31 9.49 91.59
C THR HA 375 -111.99 8.73 90.45
N MET HA 376 -113.10 8.08 90.76
CA MET HA 376 -113.88 7.32 89.79
C MET HA 376 -115.31 7.84 89.77
N THR HA 377 -115.86 8.00 88.58
CA THR HA 377 -117.25 8.43 88.40
C THR HA 377 -117.93 7.51 87.40
N PRO HA 378 -118.80 6.60 87.84
CA PRO HA 378 -119.48 5.70 86.91
C PRO HA 378 -120.78 6.28 86.39
N GLN HA 379 -121.00 6.11 85.08
CA GLN HA 379 -122.22 6.58 84.43
C GLN HA 379 -123.25 5.45 84.50
N TRP HA 380 -124.13 5.53 85.50
CA TRP HA 380 -125.13 4.50 85.71
C TRP HA 380 -126.20 4.55 84.62
N VAL HA 381 -126.77 3.38 84.32
CA VAL HA 381 -127.82 3.24 83.32
C VAL HA 381 -128.90 2.32 83.87
N GLY HA 382 -130.15 2.64 83.56
CA GLY HA 382 -131.28 1.84 84.03
C GLY HA 382 -131.51 1.90 85.52
N LEU HA 383 -131.35 3.07 86.12
CA LEU HA 383 -131.66 3.24 87.53
C LEU HA 383 -133.17 3.38 87.73
N PRO HA 384 -133.69 2.91 88.86
CA PRO HA 384 -135.12 3.06 89.13
C PRO HA 384 -135.53 4.52 89.23
N THR HA 385 -136.75 4.81 88.78
CA THR HA 385 -137.26 6.17 88.84
C THR HA 385 -137.64 6.60 90.26
N SER HA 386 -137.65 5.67 91.21
CA SER HA 386 -137.94 5.95 92.61
C SER HA 386 -136.80 5.47 93.48
N SER HA 387 -136.94 5.67 94.79
CA SER HA 387 -135.90 5.27 95.72
C SER HA 387 -135.77 3.76 95.77
N PHE HA 388 -134.57 3.28 96.11
CA PHE HA 388 -134.35 1.85 96.26
C PHE HA 388 -135.23 1.26 97.36
N SER HA 389 -135.52 2.05 98.40
CA SER HA 389 -136.45 1.59 99.43
C SER HA 389 -137.83 1.35 98.85
N THR HA 390 -138.30 2.26 97.98
CA THR HA 390 -139.57 2.04 97.30
C THR HA 390 -139.49 0.86 96.35
N TRP HA 391 -138.41 0.76 95.58
CA TRP HA 391 -138.26 -0.35 94.65
C TRP HA 391 -138.15 -1.68 95.38
N TYR HA 392 -137.33 -1.74 96.42
CA TYR HA 392 -137.17 -2.95 97.24
C TYR HA 392 -138.09 -2.89 98.46
N ASP HA 393 -139.39 -2.70 98.19
CA ASP HA 393 -140.34 -2.49 99.28
C ASP HA 393 -140.59 -3.78 100.06
N LYS HA 394 -140.80 -4.89 99.36
CA LYS HA 394 -141.19 -6.13 100.00
C LYS HA 394 -140.01 -6.98 100.46
N TYR HA 395 -138.79 -6.61 100.12
CA TYR HA 395 -137.63 -7.38 100.54
C TYR HA 395 -137.36 -7.18 102.02
N ASN HA 396 -136.96 -8.26 102.69
CA ASN HA 396 -136.70 -8.23 104.12
C ASN HA 396 -135.22 -8.48 104.38
N PRO HA 397 -134.50 -7.54 105.00
CA PRO HA 397 -134.94 -6.22 105.48
C PRO HA 397 -135.13 -5.22 104.35
N LYS HA 398 -135.95 -4.20 104.56
CA LYS HA 398 -136.19 -3.19 103.54
C LYS HA 398 -135.05 -2.17 103.56
N PRO HA 399 -134.38 -1.93 102.43
CA PRO HA 399 -133.21 -1.02 102.40
C PRO HA 399 -133.58 0.45 102.29
N ALA HA 400 -133.90 1.05 103.44
CA ALA HA 400 -134.17 2.48 103.49
C ALA HA 400 -132.87 3.27 103.43
N SER HA 401 -133.02 4.58 103.17
CA SER HA 401 -131.89 5.51 103.19
C SER HA 401 -130.80 5.09 102.19
N ASN HA 402 -131.17 5.20 100.91
CA ASN HA 402 -130.30 4.84 99.79
C ASN HA 402 -128.86 5.28 100.03
N GLY HA 403 -127.95 4.31 99.97
CA GLY HA 403 -126.57 4.55 100.33
C GLY HA 403 -126.03 3.42 101.17
N VAL HA 404 -126.89 2.45 101.49
CA VAL HA 404 -126.45 1.27 102.23
C VAL HA 404 -125.52 0.40 101.40
N PHE HA 405 -125.53 0.58 100.07
CA PHE HA 405 -124.60 -0.12 99.20
C PHE HA 405 -123.24 0.56 99.31
N LYS HA 406 -122.29 -0.12 99.92
CA LYS HA 406 -120.98 0.45 100.20
C LYS HA 406 -119.89 -0.35 99.51
N VAL HA 407 -118.77 0.31 99.26
CA VAL HA 407 -117.65 -0.29 98.54
C VAL HA 407 -116.39 -0.13 99.37
N GLN HA 408 -115.42 -1.00 99.11
CA GLN HA 408 -114.13 -0.98 99.79
C GLN HA 408 -113.02 -1.05 98.74
N GLY HA 409 -111.90 -0.40 99.03
CA GLY HA 409 -110.76 -0.37 98.13
C GLY HA 409 -109.60 -1.17 98.71
N TYR HA 410 -108.99 -1.99 97.86
CA TYR HA 410 -107.87 -2.83 98.26
C TYR HA 410 -106.72 -2.67 97.27
N LEU HA 411 -105.50 -2.71 97.81
CA LEU HA 411 -104.29 -2.80 97.00
C LEU HA 411 -103.85 -4.26 96.99
N VAL HA 412 -104.00 -4.91 95.83
CA VAL HA 412 -103.81 -6.36 95.71
C VAL HA 412 -102.44 -6.62 95.10
N THR HA 413 -101.62 -7.37 95.82
CA THR HA 413 -100.35 -7.86 95.30
C THR HA 413 -100.33 -9.38 95.40
N SER HA 414 -99.32 -9.98 94.77
CA SER HA 414 -99.20 -11.44 94.80
C SER HA 414 -98.92 -11.96 96.20
N GLN HA 415 -98.49 -11.10 97.12
CA GLN HA 415 -98.15 -11.50 98.47
C GLN HA 415 -99.35 -11.40 99.41
N LYS HA 416 -100.04 -10.27 99.40
CA LYS HA 416 -101.10 -10.00 100.36
C LYS HA 416 -102.01 -8.91 99.81
N ARG HA 417 -103.08 -8.63 100.53
CA ARG HA 417 -104.00 -7.56 100.22
C ARG HA 417 -103.96 -6.51 101.34
N ASP HA 418 -103.99 -5.25 100.96
CA ASP HA 418 -103.98 -4.14 101.91
C ASP HA 418 -105.26 -3.32 101.76
N VAL HA 419 -105.74 -2.80 102.88
CA VAL HA 419 -106.98 -2.04 102.92
C VAL HA 419 -106.68 -0.57 102.70
N LEU HA 420 -107.40 0.06 101.79
CA LEU HA 420 -107.21 1.47 101.47
C LEU HA 420 -108.26 2.33 102.18
N ASN HA 421 -107.96 3.63 102.25
CA ASN HA 421 -108.87 4.62 102.83
C ASN HA 421 -109.21 4.32 104.28
N ASP HA 422 -108.27 3.68 104.99
CA ASP HA 422 -108.42 3.35 106.42
C ASP HA 422 -109.70 2.56 106.67
N ALA HA 423 -109.97 1.59 105.79
CA ALA HA 423 -111.07 0.63 105.91
C ALA HA 423 -112.45 1.29 105.85
N LYS HA 424 -112.53 2.57 105.50
CA LYS HA 424 -113.83 3.22 105.39
C LYS HA 424 -114.55 2.76 104.13
N SER HA 425 -115.87 2.89 104.15
CA SER HA 425 -116.72 2.50 103.03
C SER HA 425 -117.43 3.72 102.47
N GLN HA 426 -117.60 3.74 101.15
CA GLN HA 426 -118.22 4.86 100.47
C GLN HA 426 -119.54 4.43 99.83
N PRO HA 427 -120.56 5.29 99.84
CA PRO HA 427 -121.85 4.91 99.25
C PRO HA 427 -121.83 5.07 97.73
N LEU HA 428 -122.31 4.04 97.03
CA LEU HA 428 -122.39 4.12 95.58
C LEU HA 428 -123.39 5.18 95.13
N PHE HA 429 -124.53 5.27 95.81
CA PHE HA 429 -125.60 6.16 95.42
C PHE HA 429 -125.96 7.09 96.58
N ASP HA 430 -126.63 8.19 96.26
CA ASP HA 430 -127.06 9.15 97.26
C ASP HA 430 -128.35 9.80 96.80
N GLY HA 431 -129.05 10.41 97.74
CA GLY HA 431 -130.29 11.09 97.47
C GLY HA 431 -131.48 10.32 98.03
N THR HA 432 -132.50 11.07 98.46
CA THR HA 432 -133.69 10.46 99.03
C THR HA 432 -134.68 10.03 97.94
N GLY HA 433 -134.66 10.67 96.78
CA GLY HA 433 -135.52 10.27 95.69
C GLY HA 433 -134.91 9.14 94.89
N ALA HA 434 -134.90 9.29 93.56
CA ALA HA 434 -134.24 8.30 92.73
C ALA HA 434 -132.74 8.30 93.03
N PRO HA 435 -132.08 7.14 92.98
CA PRO HA 435 -130.65 7.10 93.30
C PRO HA 435 -129.83 7.96 92.34
N GLN HA 436 -128.81 8.62 92.89
CA GLN HA 436 -127.93 9.48 92.13
C GLN HA 436 -126.50 8.97 92.25
N GLY HA 437 -125.84 8.76 91.11
CA GLY HA 437 -124.46 8.32 91.12
C GLY HA 437 -123.55 9.40 91.71
N GLN HA 438 -122.52 8.95 92.42
CA GLN HA 438 -121.56 9.86 93.04
C GLN HA 438 -120.16 9.30 92.85
N SER HA 439 -119.18 10.20 92.90
CA SER HA 439 -117.80 9.82 92.69
C SER HA 439 -117.24 9.05 93.88
N LEU HA 440 -116.16 8.32 93.63
CA LEU HA 440 -115.50 7.51 94.64
C LEU HA 440 -114.02 7.89 94.68
N THR HA 441 -113.51 8.14 95.88
CA THR HA 441 -112.15 8.64 96.07
C THR HA 441 -111.35 7.68 96.93
N PHE HA 442 -110.10 7.43 96.52
CA PHE HA 442 -109.21 6.54 97.25
C PHE HA 442 -107.83 7.16 97.32
N ILE HA 443 -107.08 6.78 98.36
CA ILE HA 443 -105.71 7.24 98.56
C ILE HA 443 -104.79 6.04 98.49
N LEU HA 444 -103.76 6.12 97.63
CA LEU HA 444 -102.90 4.98 97.44
C LEU HA 444 -101.60 5.13 98.22
N PRO HA 445 -101.03 4.02 98.70
CA PRO HA 445 -99.73 4.09 99.38
C PRO HA 445 -98.58 4.20 98.39
N ALA HA 446 -97.34 4.12 98.88
CA ALA HA 446 -96.17 4.15 98.01
C ALA HA 446 -96.17 2.93 97.08
N MET HA 447 -96.36 3.17 95.79
CA MET HA 447 -96.48 2.11 94.79
C MET HA 447 -95.24 2.16 93.90
N HIS HA 448 -94.19 1.45 94.32
CA HIS HA 448 -92.93 1.38 93.58
C HIS HA 448 -92.79 -0.04 93.02
N TYR HA 449 -93.36 -0.25 91.84
CA TYR HA 449 -93.36 -1.55 91.19
C TYR HA 449 -93.00 -1.40 89.72
N PRO HA 450 -92.40 -2.42 89.12
CA PRO HA 450 -92.06 -2.35 87.69
C PRO HA 450 -93.31 -2.35 86.82
N LEU HA 451 -93.17 -1.74 85.65
CA LEU HA 451 -94.27 -1.61 84.71
C LEU HA 451 -94.34 -2.82 83.78
N THR HA 452 -95.55 -3.31 83.55
CA THR HA 452 -95.80 -4.43 82.66
C THR HA 452 -96.70 -3.97 81.50
N ASP HA 453 -97.03 -4.90 80.62
CA ASP HA 453 -97.85 -4.62 79.45
C ASP HA 453 -99.09 -5.49 79.36
N SER HA 454 -99.34 -6.34 80.35
CA SER HA 454 -100.50 -7.22 80.31
C SER HA 454 -101.78 -6.40 80.43
N PRO HA 455 -102.74 -6.58 79.52
CA PRO HA 455 -103.99 -5.81 79.62
C PRO HA 455 -104.76 -6.06 80.90
N SER HA 456 -104.73 -7.28 81.43
CA SER HA 456 -105.47 -7.58 82.65
C SER HA 456 -104.72 -7.02 83.85
N PRO HA 457 -105.38 -6.20 84.68
CA PRO HA 457 -104.70 -5.65 85.86
C PRO HA 457 -104.27 -6.70 86.87
N ASN HA 458 -104.83 -7.92 86.81
CA ASN HA 458 -104.47 -8.95 87.77
C ASN HA 458 -103.01 -9.37 87.61
N GLU HA 459 -102.52 -9.47 86.37
CA GLU HA 459 -101.15 -9.88 86.14
C GLU HA 459 -100.14 -8.85 86.64
N TRP HA 460 -100.55 -7.60 86.82
CA TRP HA 460 -99.64 -6.58 87.30
C TRP HA 460 -99.23 -6.87 88.74
N PRO HA 461 -98.01 -6.47 89.13
CA PRO HA 461 -97.59 -6.71 90.52
C PRO HA 461 -98.50 -6.09 91.56
N ALA HA 462 -99.06 -4.92 91.27
CA ALA HA 462 -99.99 -4.25 92.17
C ALA HA 462 -101.19 -3.77 91.37
N SER HA 463 -102.37 -3.79 91.99
CA SER HA 463 -103.59 -3.34 91.36
C SER HA 463 -104.55 -2.83 92.42
N VAL HA 464 -105.53 -2.05 91.98
CA VAL HA 464 -106.54 -1.47 92.86
C VAL HA 464 -107.84 -2.24 92.65
N ARG HA 465 -108.34 -2.84 93.73
CA ARG HA 465 -109.54 -3.66 93.69
C ARG HA 465 -110.65 -3.00 94.49
N ILE HA 466 -111.84 -2.91 93.88
CA ILE HA 466 -113.02 -2.35 94.53
C ILE HA 466 -114.02 -3.48 94.74
N GLU HA 467 -114.58 -3.58 95.94
CA GLU HA 467 -115.47 -4.66 96.30
C GLU HA 467 -116.69 -4.13 97.05
N LEU HA 468 -117.82 -4.81 96.89
CA LEU HA 468 -119.00 -4.50 97.68
C LEU HA 468 -118.75 -4.82 99.15
N ALA HA 469 -119.31 -3.99 100.03
CA ALA HA 469 -118.94 -4.05 101.45
C ALA HA 469 -120.08 -4.49 102.34
N GLU HA 470 -121.22 -3.79 102.34
CA GLU HA 470 -122.23 -3.99 103.37
C GLU HA 470 -123.41 -4.83 102.91
N GLN HA 471 -124.12 -4.40 101.87
CA GLN HA 471 -125.41 -4.98 101.52
C GLN HA 471 -125.49 -5.27 100.03
N ASP HA 472 -125.95 -6.48 99.71
CA ASP HA 472 -126.16 -6.90 98.33
C ASP HA 472 -127.46 -6.29 97.79
N PHE HA 473 -127.60 -6.35 96.45
CA PHE HA 473 -128.80 -5.88 95.79
C PHE HA 473 -129.96 -6.87 95.91
N MET HA 474 -129.84 -7.88 96.78
CA MET HA 474 -130.88 -8.88 97.04
C MET HA 474 -131.27 -9.61 95.76
N HIS HA 475 -130.28 -10.29 95.17
CA HIS HA 475 -130.55 -11.26 94.12
C HIS HA 475 -130.86 -12.64 94.70
N ALA HA 476 -130.23 -12.98 95.83
CA ALA HA 476 -130.54 -14.23 96.51
C ALA HA 476 -131.96 -14.21 97.06
N GLN HA 477 -132.37 -13.09 97.66
CA GLN HA 477 -133.73 -13.00 98.20
C GLN HA 477 -134.76 -13.09 97.09
N TYR HA 478 -134.52 -12.44 95.95
CA TYR HA 478 -135.47 -12.52 94.84
C TYR HA 478 -135.60 -13.94 94.32
N TRP HA 479 -134.49 -14.65 94.21
CA TRP HA 479 -134.56 -16.04 93.78
C TRP HA 479 -135.19 -16.94 94.84
N GLN HA 480 -135.09 -16.55 96.11
CA GLN HA 480 -135.68 -17.33 97.19
C GLN HA 480 -137.20 -17.30 97.10
N ASN HA 481 -137.79 -16.12 96.99
CA ASN HA 481 -139.24 -15.94 96.94
C ASN HA 481 -139.59 -15.01 95.78
N PRO HA 482 -139.59 -15.54 94.55
CA PRO HA 482 -139.81 -14.69 93.36
C PRO HA 482 -141.29 -14.40 93.11
N THR HA 483 -141.90 -13.67 94.04
CA THR HA 483 -143.27 -13.23 93.88
C THR HA 483 -143.49 -11.95 94.68
N ASP HA 484 -144.34 -11.08 94.15
CA ASP HA 484 -144.67 -9.79 94.74
C ASP HA 484 -143.43 -8.91 94.93
N LYS HA 485 -142.39 -9.12 94.13
CA LYS HA 485 -141.18 -8.32 94.19
C LYS HA 485 -140.79 -7.88 92.78
N ASN HA 486 -140.18 -6.71 92.69
CA ASN HA 486 -139.64 -6.24 91.43
C ASN HA 486 -138.33 -6.96 91.12
N VAL HA 487 -137.91 -6.87 89.87
CA VAL HA 487 -136.62 -7.47 89.48
C VAL HA 487 -135.49 -6.71 90.17
N PRO HA 488 -134.59 -7.38 90.87
CA PRO HA 488 -133.50 -6.67 91.56
C PRO HA 488 -132.61 -5.94 90.56
N TYR HA 489 -132.13 -4.77 90.97
CA TYR HA 489 -131.32 -3.95 90.08
C TYR HA 489 -129.94 -4.56 89.90
N THR HA 490 -129.53 -4.71 88.65
CA THR HA 490 -128.19 -5.19 88.32
C THR HA 490 -127.34 -4.00 87.89
N PRO HA 491 -126.27 -3.68 88.62
CA PRO HA 491 -125.46 -2.51 88.27
C PRO HA 491 -124.89 -2.62 86.86
N GLN HA 492 -125.21 -1.64 86.02
CA GLN HA 492 -124.72 -1.56 84.66
C GLN HA 492 -124.09 -0.19 84.43
N ILE HA 493 -122.94 -0.18 83.78
CA ILE HA 493 -122.18 1.04 83.52
C ILE HA 493 -122.03 1.21 82.01
N SER HA 494 -122.31 2.42 81.52
CA SER HA 494 -122.02 2.76 80.14
C SER HA 494 -120.59 3.29 79.97
N ALA HA 495 -120.11 4.04 80.96
CA ALA HA 495 -118.75 4.56 80.94
C ALA HA 495 -118.32 4.82 82.38
N LEU HA 496 -116.99 4.91 82.57
CA LEU HA 496 -116.42 5.16 83.88
C LEU HA 496 -115.34 6.23 83.73
N GLN HA 497 -115.56 7.40 84.30
CA GLN HA 497 -114.60 8.49 84.22
C GLN HA 497 -113.56 8.36 85.33
N ILE HA 498 -112.29 8.52 84.97
CA ILE HA 498 -111.17 8.34 85.90
C ILE HA 498 -110.39 9.64 85.98
N GLN HA 499 -110.12 10.09 87.21
CA GLN HA 499 -109.29 11.26 87.45
C GLN HA 499 -108.21 10.88 88.47
N PHE HA 500 -106.99 11.35 88.21
CA PHE HA 500 -105.84 11.01 89.03
C PHE HA 500 -105.11 12.28 89.45
N SER HA 501 -104.57 12.25 90.67
CA SER HA 501 -103.84 13.40 91.20
C SER HA 501 -102.75 12.91 92.15
N THR HA 502 -101.63 13.62 92.15
CA THR HA 502 -100.52 13.30 93.02
C THR HA 502 -99.64 14.53 93.21
N THR HA 503 -98.79 14.48 94.22
CA THR HA 503 -97.86 15.55 94.54
C THR HA 503 -96.44 15.00 94.53
N ALA HA 504 -95.52 15.76 93.95
CA ALA HA 504 -94.15 15.30 93.79
C ALA HA 504 -93.35 15.49 95.07
N LYS HA 505 -92.69 14.42 95.50
CA LYS HA 505 -91.77 14.51 96.63
C LYS HA 505 -90.49 15.24 96.20
N PRO HA 506 -89.75 15.82 97.15
CA PRO HA 506 -88.54 16.57 96.76
C PRO HA 506 -87.51 15.75 96.03
N GLU HA 507 -87.50 14.42 96.22
CA GLU HA 507 -86.52 13.55 95.58
C GLU HA 507 -86.95 13.08 94.20
N GLN HA 508 -88.13 13.50 93.73
CA GLN HA 508 -88.65 13.03 92.45
C GLN HA 508 -88.46 14.03 91.32
N PHE HA 509 -87.83 15.17 91.57
CA PHE HA 509 -87.65 16.17 90.52
C PHE HA 509 -86.38 16.96 90.78
N THR HA 510 -85.81 17.50 89.70
CA THR HA 510 -84.57 18.27 89.76
C THR HA 510 -84.74 19.53 88.93
N VAL HA 511 -84.12 20.62 89.40
CA VAL HA 511 -84.23 21.93 88.78
C VAL HA 511 -82.84 22.41 88.38
N TYR HA 512 -82.72 22.90 87.15
CA TYR HA 512 -81.47 23.44 86.64
C TYR HA 512 -81.67 24.88 86.18
N PRO HA 513 -80.81 25.81 86.61
CA PRO HA 513 -80.91 27.19 86.09
C PRO HA 513 -80.56 27.24 84.61
N LEU HA 514 -81.11 28.24 83.93
CA LEU HA 514 -80.96 28.37 82.49
C LEU HA 514 -79.85 29.35 82.14
N THR HA 515 -79.13 29.03 81.06
CA THR HA 515 -78.08 29.86 80.49
C THR HA 515 -78.32 29.97 78.98
N PRO HA 516 -77.73 30.97 78.32
CA PRO HA 516 -78.09 31.23 76.92
C PRO HA 516 -77.89 30.05 75.98
N PHE HA 517 -77.04 29.07 76.33
CA PHE HA 517 -76.88 27.92 75.46
C PHE HA 517 -76.84 26.60 76.22
N GLY HA 518 -77.50 26.53 77.37
CA GLY HA 518 -77.50 25.31 78.15
C GLY HA 518 -78.07 25.55 79.53
N TRP HA 519 -77.68 24.69 80.47
CA TRP HA 519 -78.12 24.81 81.85
C TRP HA 519 -76.94 24.56 82.78
N ALA HA 520 -76.89 25.32 83.88
CA ALA HA 520 -75.88 25.09 84.90
C ALA HA 520 -76.33 23.98 85.84
N ASN HA 521 -75.42 23.55 86.70
CA ASN HA 521 -75.73 22.49 87.65
C ASN HA 521 -76.66 23.02 88.75
N THR HA 522 -77.22 22.09 89.51
CA THR HA 522 -78.15 22.45 90.58
C THR HA 522 -77.41 23.21 91.68
N ASN HA 523 -78.15 24.12 92.33
CA ASN HA 523 -77.63 24.94 93.42
C ASN HA 523 -76.44 25.79 92.97
N GLU HA 524 -76.44 26.20 91.71
CA GLU HA 524 -75.38 27.05 91.17
C GLU HA 524 -76.02 28.27 90.52
N ASP HA 525 -75.47 29.44 90.84
CA ASP HA 525 -75.96 30.68 90.23
C ASP HA 525 -75.44 30.79 88.80
N PRO HA 526 -76.31 30.96 87.81
CA PRO HA 526 -75.83 31.08 86.44
C PRO HA 526 -75.01 32.34 86.25
N PRO HA 527 -74.03 32.33 85.35
CA PRO HA 527 -73.21 33.52 85.14
C PRO HA 527 -74.05 34.71 84.69
N SER HA 528 -73.69 35.89 85.18
CA SER HA 528 -74.43 37.11 84.88
C SER HA 528 -73.94 37.72 83.57
N PHE HA 529 -74.87 38.32 82.83
CA PHE HA 529 -74.56 38.97 81.56
C PHE HA 529 -74.22 40.43 81.83
N THR HA 530 -72.97 40.80 81.56
CA THR HA 530 -72.52 42.17 81.74
C THR HA 530 -71.87 42.69 80.46
N ASN HA 531 -71.28 41.77 79.68
CA ASN HA 531 -70.61 42.11 78.45
C ASN HA 531 -71.04 41.15 77.35
N ASP HA 532 -70.84 41.57 76.11
CA ASP HA 532 -71.10 40.69 74.97
C ASP HA 532 -70.09 39.55 74.96
N ALA HA 533 -70.54 38.38 74.53
CA ALA HA 533 -69.73 37.17 74.56
C ALA HA 533 -69.71 36.50 73.20
N LEU HA 534 -68.57 35.92 72.85
CA LEU HA 534 -68.39 35.16 71.63
C LEU HA 534 -67.84 33.78 71.98
N TYR HA 535 -68.38 32.75 71.34
CA TYR HA 535 -68.04 31.37 71.68
C TYR HA 535 -67.41 30.67 70.49
N LEU HA 536 -66.48 29.75 70.81
CA LEU HA 536 -65.82 28.92 69.80
C LEU HA 536 -65.80 27.47 70.28
N GLY HA 537 -66.05 26.55 69.37
CA GLY HA 537 -66.12 25.13 69.71
C GLY HA 537 -65.21 24.29 68.85
N PHE HA 538 -64.56 23.31 69.49
CA PHE HA 538 -63.64 22.40 68.83
C PHE HA 538 -63.98 20.98 69.22
N THR HA 539 -64.01 20.07 68.24
CA THR HA 539 -64.52 18.73 68.46
C THR HA 539 -63.44 17.71 68.78
N ASN HA 540 -62.49 17.52 67.86
CA ASN HA 540 -61.55 16.40 67.92
C ASN HA 540 -60.21 16.78 68.55
N VAL HA 541 -60.21 17.69 69.49
CA VAL HA 541 -59.00 18.11 70.17
C VAL HA 541 -58.96 17.45 71.54
N LEU HA 542 -57.76 17.34 72.10
CA LEU HA 542 -57.58 16.77 73.43
C LEU HA 542 -56.97 17.82 74.36
N PRO HA 543 -57.27 17.76 75.66
CA PRO HA 543 -56.63 18.68 76.60
C PRO HA 543 -55.12 18.50 76.60
N GLY HA 544 -54.41 19.62 76.74
CA GLY HA 544 -52.97 19.63 76.65
C GLY HA 544 -52.41 19.86 75.27
N GLN HA 545 -53.26 19.86 74.25
CA GLN HA 545 -52.83 20.15 72.88
C GLN HA 545 -52.87 21.65 72.62
N THR HA 546 -52.34 22.05 71.47
CA THR HA 546 -52.22 23.46 71.11
C THR HA 546 -53.27 23.81 70.07
N LEU HA 547 -54.03 24.87 70.34
CA LEU HA 547 -55.03 25.38 69.40
C LEU HA 547 -54.37 26.48 68.57
N SER HA 548 -54.20 26.22 67.27
CA SER HA 548 -53.59 27.17 66.35
C SER HA 548 -54.65 27.64 65.37
N LEU HA 549 -54.89 28.95 65.33
CA LEU HA 549 -55.92 29.53 64.48
C LEU HA 549 -55.36 30.73 63.73
N TYR HA 550 -56.00 31.03 62.60
CA TYR HA 550 -55.73 32.23 61.83
C TYR HA 550 -57.04 32.98 61.61
N TRP HA 551 -57.05 34.27 61.94
CA TRP HA 551 -58.22 35.13 61.74
C TRP HA 551 -58.00 35.98 60.49
N GLN HA 552 -59.04 36.11 59.69
CA GLN HA 552 -59.06 37.07 58.59
C GLN HA 552 -60.10 38.13 58.95
N LEU HA 553 -59.63 39.35 59.20
CA LEU HA 553 -60.46 40.42 59.73
C LEU HA 553 -60.24 41.70 58.95
N GLU HA 554 -61.15 42.65 59.14
CA GLU HA 554 -60.98 44.03 58.72
C GLU HA 554 -61.39 44.87 59.92
N GLY HA 555 -60.44 45.12 60.81
CA GLY HA 555 -60.75 45.79 62.05
C GLY HA 555 -60.69 47.30 61.94
N PHE HA 556 -61.30 47.96 62.94
CA PHE HA 556 -61.31 49.42 62.99
C PHE HA 556 -60.87 49.89 64.36
N LYS HA 557 -61.05 49.05 65.38
CA LYS HA 557 -60.66 49.39 66.74
C LYS HA 557 -60.17 48.12 67.45
N ALA HA 558 -59.39 48.33 68.49
CA ALA HA 558 -58.87 47.24 69.31
C ALA HA 558 -59.85 47.00 70.46
N LEU HA 559 -60.50 45.84 70.45
CA LEU HA 559 -61.49 45.52 71.47
C LEU HA 559 -60.82 45.12 72.77
N ASN HA 560 -61.60 45.19 73.86
CA ASN HA 560 -61.16 44.71 75.17
C ASN HA 560 -61.71 43.30 75.35
N LEU HA 561 -60.83 42.31 75.22
CA LEU HA 561 -61.23 40.91 75.24
C LEU HA 561 -60.68 40.20 76.47
N SER HA 562 -61.49 39.31 77.02
CA SER HA 562 -61.07 38.41 78.10
C SER HA 562 -61.47 37.00 77.69
N TRP HA 563 -60.52 36.08 77.74
CA TRP HA 563 -60.71 34.73 77.21
C TRP HA 563 -60.95 33.74 78.34
N PHE HA 564 -61.93 32.86 78.14
CA PHE HA 564 -62.28 31.84 79.11
C PHE HA 564 -62.45 30.51 78.41
N TYR HA 565 -62.28 29.43 79.17
CA TYR HA 565 -62.48 28.08 78.68
C TYR HA 565 -63.37 27.31 79.65
N LEU HA 566 -64.11 26.34 79.11
CA LEU HA 566 -65.02 25.55 79.91
C LEU HA 566 -64.26 24.42 80.58
N ASN HA 567 -64.31 24.38 81.91
CA ASN HA 567 -63.59 23.39 82.70
C ASN HA 567 -64.56 22.31 83.18
N GLN HA 568 -64.00 21.30 83.87
CA GLN HA 568 -64.81 20.21 84.38
C GLN HA 568 -65.75 20.65 85.48
N SER HA 569 -65.47 21.77 86.15
CA SER HA 569 -66.32 22.28 87.22
C SER HA 569 -67.49 23.10 86.69
N ASN HA 570 -67.81 23.00 85.41
CA ASN HA 570 -68.93 23.71 84.80
C ASN HA 570 -68.83 25.22 85.01
N THR HA 571 -67.61 25.74 84.87
CA THR HA 571 -67.38 27.18 85.01
C THR HA 571 -66.53 27.70 83.86
N TRP HA 572 -66.13 28.97 83.93
CA TRP HA 572 -65.31 29.60 82.90
C TRP HA 572 -63.97 29.96 83.51
N GLY HA 573 -62.98 29.10 83.31
CA GLY HA 573 -61.64 29.37 83.81
C GLY HA 573 -60.93 30.39 82.94
N SER HA 574 -60.11 31.22 83.58
CA SER HA 574 -59.40 32.27 82.86
C SER HA 574 -58.36 31.66 81.93
N LEU HA 575 -58.23 32.26 80.74
CA LEU HA 575 -57.32 31.77 79.71
C LEU HA 575 -56.35 32.80 79.20
N ASP HA 576 -56.40 34.05 79.70
CA ASP HA 576 -55.58 35.12 79.17
C ASP HA 576 -54.08 34.85 79.32
N GLN HA 577 -53.69 34.01 80.28
CA GLN HA 577 -52.28 33.74 80.50
C GLN HA 577 -51.68 32.85 79.42
N LEU HA 578 -52.52 32.18 78.63
CA LEU HA 578 -52.04 31.24 77.62
C LEU HA 578 -52.37 31.68 76.20
N VAL HA 579 -52.77 32.92 75.99
CA VAL HA 579 -53.20 33.41 74.68
C VAL HA 579 -52.02 34.14 74.04
N ASP HA 580 -51.65 33.70 72.84
CA ASP HA 580 -50.62 34.35 72.03
C ASP HA 580 -51.34 35.03 70.87
N ASP HA 581 -51.79 36.26 71.10
CA ASP HA 581 -52.61 36.99 70.14
C ASP HA 581 -51.73 37.80 69.21
N GLN HA 582 -51.72 37.45 67.93
CA GLN HA 582 -51.05 38.23 66.91
C GLN HA 582 -52.00 39.11 66.12
N THR HA 583 -53.29 39.10 66.46
CA THR HA 583 -54.28 39.92 65.79
C THR HA 583 -54.49 41.27 66.50
N HIS HA 584 -53.76 41.53 67.57
CA HIS HA 584 -53.85 42.78 68.33
C HIS HA 584 -55.29 43.03 68.79
N ASN HA 585 -55.81 42.07 69.55
CA ASN HA 585 -57.17 42.15 70.11
C ASN HA 585 -58.21 42.31 69.01
N LEU HA 586 -58.14 41.43 68.01
CA LEU HA 586 -59.08 41.40 66.90
C LEU HA 586 -59.12 42.73 66.15
N PHE HA 587 -57.93 43.24 65.82
CA PHE HA 587 -57.81 44.48 65.07
C PHE HA 587 -57.37 44.27 63.62
N ASP HA 588 -56.61 43.20 63.35
CA ASP HA 588 -56.18 42.91 61.99
C ASP HA 588 -55.91 41.42 61.88
N GLN HA 589 -55.84 40.94 60.64
CA GLN HA 589 -55.67 39.52 60.41
C GLN HA 589 -54.34 39.03 60.94
N GLY HA 590 -54.34 37.83 61.50
CA GLY HA 590 -53.11 37.26 62.04
C GLY HA 590 -53.36 35.89 62.62
N THR HA 591 -52.34 35.36 63.29
CA THR HA 591 -52.42 34.05 63.93
C THR HA 591 -52.92 34.20 65.36
N TRP HA 592 -53.32 33.06 65.93
CA TRP HA 592 -53.90 33.06 67.28
C TRP HA 592 -53.71 31.65 67.84
N ARG HA 593 -52.86 31.54 68.86
CA ARG HA 593 -52.48 30.23 69.39
C ARG HA 593 -52.71 30.19 70.90
N THR HA 594 -53.14 29.02 71.38
CA THR HA 594 -53.37 28.80 72.80
C THR HA 594 -53.03 27.36 73.15
N LEU HA 595 -52.83 27.12 74.43
CA LEU HA 595 -52.66 25.77 74.97
C LEU HA 595 -53.93 25.40 75.72
N LEU HA 596 -54.54 24.29 75.35
CA LEU HA 596 -55.77 23.85 76.00
C LEU HA 596 -55.45 23.32 77.38
N PRO HA 597 -56.07 23.87 78.44
CA PRO HA 597 -55.76 23.40 79.79
C PRO HA 597 -56.16 21.95 80.00
N GLN HA 598 -55.48 21.29 80.93
CA GLN HA 598 -55.70 19.87 81.19
C GLN HA 598 -57.10 19.58 81.71
N ASP HA 599 -57.76 20.57 82.32
CA ASP HA 599 -59.07 20.36 82.92
C ASP HA 599 -60.22 20.83 82.05
N ALA HA 600 -59.97 21.04 80.75
CA ALA HA 600 -61.04 21.40 79.84
C ALA HA 600 -62.01 20.22 79.69
N SER HA 601 -63.29 20.54 79.59
CA SER HA 601 -64.35 19.53 79.56
C SER HA 601 -65.19 19.67 78.30
N ASN HA 602 -65.52 18.52 77.71
CA ASN HA 602 -66.48 18.46 76.61
C ASN HA 602 -67.78 17.81 77.03
N GLN HA 603 -68.01 17.65 78.34
CA GLN HA 603 -69.23 17.06 78.87
C GLN HA 603 -70.03 18.02 79.74
N ALA HA 604 -69.55 19.25 79.94
CA ALA HA 604 -70.25 20.20 80.77
C ALA HA 604 -71.58 20.60 80.13
N THR HA 605 -72.55 20.94 80.98
CA THR HA 605 -73.90 21.24 80.52
C THR HA 605 -74.12 22.72 80.21
N LEU HA 606 -73.10 23.57 80.40
CA LEU HA 606 -73.26 24.98 80.08
C LEU HA 606 -73.50 25.21 78.60
N MET HA 607 -72.82 24.45 77.75
CA MET HA 607 -72.93 24.53 76.31
C MET HA 607 -73.07 23.13 75.75
N PRO HA 608 -73.50 22.99 74.48
CA PRO HA 608 -73.70 21.66 73.92
C PRO HA 608 -72.47 20.78 74.06
N THR HA 609 -72.69 19.52 74.42
CA THR HA 609 -71.62 18.59 74.76
C THR HA 609 -70.93 18.08 73.51
N GLY HA 610 -69.82 17.39 73.72
CA GLY HA 610 -69.04 16.81 72.65
C GLY HA 610 -68.00 17.73 72.04
N ARG HA 611 -67.99 19.02 72.40
CA ARG HA 611 -67.05 19.97 71.86
C ARG HA 611 -66.49 20.82 72.99
N TYR HA 612 -65.17 20.99 73.02
CA TYR HA 612 -64.56 21.93 73.95
C TYR HA 612 -64.90 23.35 73.53
N TRP HA 613 -65.09 24.23 74.52
CA TRP HA 613 -65.62 25.57 74.27
C TRP HA 613 -64.67 26.63 74.79
N LEU HA 614 -64.48 27.68 74.01
CA LEU HA 614 -63.79 28.88 74.43
C LEU HA 614 -64.75 30.07 74.36
N LYS HA 615 -64.63 30.97 75.33
CA LYS HA 615 -65.53 32.12 75.42
C LYS HA 615 -64.71 33.39 75.57
N ALA HA 616 -65.05 34.40 74.77
CA ALA HA 616 -64.40 35.71 74.81
C ALA HA 616 -65.42 36.75 75.26
N GLU HA 617 -65.08 37.51 76.30
CA GLU HA 617 -65.93 38.57 76.80
C GLU HA 617 -65.41 39.91 76.31
N ILE HA 618 -66.27 40.68 75.64
CA ILE HA 618 -65.89 41.93 75.00
C ILE HA 618 -66.67 43.06 75.64
N THR HA 619 -65.95 44.10 76.07
CA THR HA 619 -66.61 45.30 76.56
C THR HA 619 -67.43 45.91 75.43
N HIS HA 620 -68.68 46.26 75.75
CA HIS HA 620 -69.63 46.67 74.72
C HIS HA 620 -69.16 47.96 74.04
N GLN HA 621 -69.25 47.98 72.72
CA GLN HA 621 -68.93 49.16 71.92
C GLN HA 621 -70.23 49.79 71.42
N ALA HA 622 -70.40 51.08 71.69
CA ALA HA 622 -71.65 51.75 71.35
C ALA HA 622 -71.89 51.76 69.85
N GLU HA 623 -70.86 52.03 69.05
CA GLU HA 623 -70.99 51.99 67.61
C GLU HA 623 -70.92 50.55 67.11
N SER HA 624 -71.97 50.13 66.40
CA SER HA 624 -72.02 48.77 65.88
C SER HA 624 -71.07 48.55 64.70
N GLN HA 625 -70.59 49.62 64.09
CA GLN HA 625 -69.70 49.50 62.94
C GLN HA 625 -68.23 49.38 63.34
N ASP HA 626 -67.91 49.54 64.62
CA ASP HA 626 -66.53 49.41 65.07
C ASP HA 626 -66.08 47.95 65.20
N TYR HA 627 -67.01 47.02 65.26
CA TYR HA 627 -66.65 45.62 65.40
C TYR HA 627 -66.04 45.09 64.11
N PRO HA 628 -65.11 44.15 64.19
CA PRO HA 628 -64.46 43.63 62.98
C PRO HA 628 -65.41 42.79 62.15
N LYS HA 629 -65.05 42.63 60.88
CA LYS HA 629 -65.84 41.85 59.93
C LYS HA 629 -65.12 40.53 59.69
N ILE HA 630 -65.47 39.52 60.49
CA ILE HA 630 -64.89 38.20 60.34
C ILE HA 630 -65.40 37.56 59.06
N LYS HA 631 -64.48 37.04 58.24
CA LYS HA 631 -64.85 36.35 57.02
C LYS HA 631 -64.32 34.92 56.96
N GLY HA 632 -63.76 34.41 58.04
CA GLY HA 632 -63.29 33.05 58.08
C GLY HA 632 -62.22 32.79 59.13
N ILE HA 633 -62.24 31.61 59.73
CA ILE HA 633 -61.25 31.20 60.72
C ILE HA 633 -60.66 29.87 60.28
N LEU HA 634 -59.34 29.77 60.32
CA LEU HA 634 -58.62 28.59 59.86
C LEU HA 634 -58.03 27.85 61.06
N TYR HA 635 -58.27 26.54 61.13
CA TYR HA 635 -57.72 25.71 62.19
C TYR HA 635 -56.42 25.07 61.71
N ASN HA 636 -55.53 24.78 62.66
CA ASN HA 636 -54.22 24.21 62.37
C ASN HA 636 -53.46 25.07 61.37
N ALA HA 637 -53.54 26.39 61.55
CA ALA HA 637 -53.10 27.33 60.54
C ALA HA 637 -51.62 27.68 60.72
N ALA HA 638 -51.00 28.05 59.60
CA ALA HA 638 -49.62 28.50 59.58
C ALA HA 638 -49.46 29.51 58.44
N THR HA 639 -48.38 30.29 58.50
CA THR HA 639 -48.13 31.34 57.53
C THR HA 639 -46.89 31.00 56.72
N ALA HA 640 -46.97 31.19 55.41
CA ALA HA 640 -45.86 30.91 54.50
C ALA HA 640 -45.60 32.12 53.62
N THR HA 641 -44.37 32.21 53.12
CA THR HA 641 -43.93 33.33 52.31
C THR HA 641 -43.21 32.81 51.07
N LEU HA 642 -43.37 33.53 49.96
CA LEU HA 642 -42.76 33.14 48.70
C LEU HA 642 -41.23 33.24 48.78
N ILE HA 643 -40.57 32.37 48.02
CA ILE HA 643 -39.11 32.38 47.92
C ILE HA 643 -38.73 32.56 46.45
N ASN HA 644 -37.53 33.07 46.24
CA ASN HA 644 -37.01 33.36 44.90
C ASN HA 644 -37.98 34.26 44.13
N ALA HA 645 -38.36 35.37 44.77
CA ALA HA 645 -39.32 36.29 44.16
C ALA HA 645 -38.75 36.97 42.94
N GLU HA 646 -37.43 37.10 42.84
CA GLU HA 646 -36.81 37.76 41.71
C GLU HA 646 -36.91 36.95 40.42
N LEU HA 647 -37.28 35.68 40.49
CA LEU HA 647 -37.40 34.82 39.32
C LEU HA 647 -38.85 34.60 38.90
N VAL HA 648 -39.79 35.37 39.45
CA VAL HA 648 -41.20 35.18 39.19
C VAL HA 648 -41.71 36.31 38.30
N GLU HA 649 -42.69 35.99 37.48
CA GLU HA 649 -43.30 36.98 36.59
C GLU HA 649 -44.07 38.02 37.38
N THR HA 650 -44.28 39.18 36.76
CA THR HA 650 -44.87 40.31 37.47
C THR HA 650 -46.37 40.15 37.70
N ASP HA 651 -47.09 39.49 36.79
CA ASP HA 651 -48.54 39.36 36.94
C ASP HA 651 -48.91 38.55 38.18
N HIS HA 652 -48.02 37.68 38.65
CA HIS HA 652 -48.29 36.94 39.87
C HIS HA 652 -48.44 37.87 41.06
N PHE HA 653 -47.57 38.88 41.15
CA PHE HA 653 -47.68 39.86 42.23
C PHE HA 653 -48.86 40.79 42.03
N ILE HA 654 -49.22 41.08 40.78
CA ILE HA 654 -50.30 42.03 40.51
C ILE HA 654 -51.64 41.45 40.95
N ASN HA 655 -51.91 40.20 40.58
CA ASN HA 655 -53.19 39.57 40.90
C ASN HA 655 -53.18 38.84 42.23
N GLY HA 656 -52.03 38.27 42.61
CA GLY HA 656 -51.97 37.46 43.81
C GLY HA 656 -52.28 36.00 43.53
N LEU HA 657 -51.87 35.15 44.45
CA LEU HA 657 -52.08 33.71 44.29
C LEU HA 657 -53.55 33.38 44.48
N PRO HA 658 -54.18 32.72 43.51
CA PRO HA 658 -55.60 32.36 43.67
C PRO HA 658 -55.80 31.36 44.80
N ALA HA 659 -57.02 31.37 45.34
CA ALA HA 659 -57.36 30.48 46.44
C ALA HA 659 -57.31 29.02 46.00
N ASP HA 660 -57.08 28.14 46.96
CA ASP HA 660 -56.94 26.69 46.72
C ASP HA 660 -55.85 26.41 45.68
N SER HA 661 -54.66 26.96 45.90
CA SER HA 661 -53.53 26.67 45.04
C SER HA 661 -52.57 25.66 45.67
N ILE HA 662 -52.21 25.87 46.93
CA ILE HA 662 -51.37 24.92 47.64
C ILE HA 662 -52.24 23.78 48.17
N THR HA 663 -51.86 22.55 47.84
CA THR HA 663 -52.60 21.39 48.29
C THR HA 663 -51.68 20.37 48.96
N GLN HA 664 -50.44 20.28 48.50
CA GLN HA 664 -49.47 19.35 49.04
C GLN HA 664 -48.13 20.04 49.19
N PRO HA 665 -47.31 19.61 50.16
CA PRO HA 665 -45.97 20.20 50.30
C PRO HA 665 -45.04 19.78 49.18
N VAL HA 666 -43.95 20.52 49.05
CA VAL HA 666 -42.95 20.21 48.03
C VAL HA 666 -42.34 18.84 48.29
N ASN HA 667 -41.97 18.57 49.53
CA ASN HA 667 -41.43 17.28 49.94
C ASN HA 667 -42.55 16.42 50.50
N ALA HA 668 -42.63 15.17 50.04
CA ALA HA 668 -43.71 14.29 50.45
C ALA HA 668 -43.56 13.90 51.92
N LEU HA 669 -44.62 14.11 52.69
CA LEU HA 669 -44.67 13.72 54.09
C LEU HA 669 -45.92 12.88 54.30
N VAL HA 670 -45.73 11.66 54.81
CA VAL HA 670 -46.83 10.70 54.93
C VAL HA 670 -47.82 11.06 56.03
N ALA HA 671 -47.46 11.97 56.93
CA ALA HA 671 -48.33 12.35 58.04
C ALA HA 671 -49.22 13.54 57.71
N ILE HA 672 -49.16 14.07 56.49
CA ILE HA 672 -49.90 15.27 56.12
C ILE HA 672 -50.94 14.91 55.07
N ASP HA 673 -52.19 15.25 55.35
CA ASP HA 673 -53.29 15.10 54.40
C ASP HA 673 -53.41 16.40 53.60
N SER HA 674 -54.54 16.58 52.91
CA SER HA 674 -54.74 17.76 52.08
C SER HA 674 -54.56 19.05 52.89
N ILE HA 675 -54.12 20.10 52.19
CA ILE HA 675 -53.87 21.41 52.78
C ILE HA 675 -54.94 22.38 52.29
N ASN HA 676 -55.49 23.15 53.21
CA ASN HA 676 -56.59 24.08 52.93
C ASN HA 676 -56.03 25.49 52.81
N GLN HA 677 -56.31 26.14 51.68
CA GLN HA 677 -55.91 27.52 51.41
C GLN HA 677 -57.15 28.28 50.99
N PRO HA 678 -58.01 28.64 51.94
CA PRO HA 678 -59.31 29.24 51.58
C PRO HA 678 -59.20 30.56 50.85
N TRP HA 679 -58.15 31.34 51.09
CA TRP HA 679 -58.09 32.71 50.62
C TRP HA 679 -56.84 32.96 49.78
N VAL HA 680 -56.80 34.15 49.18
CA VAL HA 680 -55.72 34.54 48.28
C VAL HA 680 -54.53 35.07 49.09
N SER HA 681 -53.39 35.22 48.43
CA SER HA 681 -52.22 35.77 49.08
C SER HA 681 -52.36 37.28 49.26
N TRP HA 682 -51.38 37.88 49.94
CA TRP HA 682 -51.44 39.29 50.26
C TRP HA 682 -50.02 39.81 50.46
N ASN HA 683 -49.91 41.13 50.56
CA ASN HA 683 -48.63 41.81 50.81
C ASN HA 683 -47.62 41.52 49.70
N GLY HA 684 -48.10 41.44 48.47
CA GLY HA 684 -47.25 41.21 47.31
C GLY HA 684 -47.16 42.47 46.46
N ARG HA 685 -46.02 42.66 45.81
CA ARG HA 685 -45.79 43.84 45.00
C ARG HA 685 -44.75 43.52 43.93
N PRO HA 686 -45.05 43.76 42.66
CA PRO HA 686 -44.06 43.51 41.61
C PRO HA 686 -42.96 44.55 41.62
N GLU HA 687 -41.85 44.20 40.98
CA GLU HA 687 -40.73 45.12 40.89
C GLU HA 687 -41.10 46.33 40.03
N GLU HA 688 -40.45 47.46 40.33
CA GLU HA 688 -40.78 48.70 39.66
C GLU HA 688 -40.41 48.65 38.19
N THR HA 689 -41.34 49.05 37.33
CA THR HA 689 -41.04 49.20 35.92
C THR HA 689 -40.31 50.52 35.68
N GLU HA 690 -39.68 50.63 34.50
CA GLU HA 690 -38.92 51.83 34.19
C GLU HA 690 -39.79 53.06 34.15
N GLN HA 691 -40.99 52.95 33.54
CA GLN HA 691 -41.88 54.10 33.47
C GLN HA 691 -42.34 54.53 34.86
N ALA HA 692 -42.66 53.57 35.72
CA ALA HA 692 -43.06 53.90 37.08
C ALA HA 692 -41.90 54.48 37.88
N PHE HA 693 -40.69 53.99 37.62
CA PHE HA 693 -39.51 54.49 38.33
C PHE HA 693 -39.28 55.97 38.03
N LEU HA 694 -39.40 56.35 36.76
CA LEU HA 694 -39.21 57.76 36.41
C LEU HA 694 -40.31 58.62 37.01
N THR HA 695 -41.55 58.12 37.02
CA THR HA 695 -42.65 58.88 37.60
C THR HA 695 -42.45 59.10 39.08
N ARG HA 696 -42.04 58.05 39.81
CA ARG HA 696 -41.85 58.18 41.25
C ARG HA 696 -40.72 59.15 41.58
N VAL HA 697 -39.61 59.07 40.85
CA VAL HA 697 -38.48 59.95 41.12
C VAL HA 697 -38.85 61.40 40.82
N SER HA 698 -39.57 61.64 39.72
CA SER HA 698 -39.97 62.99 39.37
C SER HA 698 -40.87 63.59 40.44
N ALA HA 699 -41.80 62.79 40.97
CA ALA HA 699 -42.65 63.26 42.07
C ALA HA 699 -41.83 63.55 43.31
N ARG HA 700 -40.86 62.70 43.62
CA ARG HA 700 -40.05 62.89 44.82
C ARG HA 700 -39.24 64.18 44.74
N LEU HA 701 -38.67 64.48 43.57
CA LEU HA 701 -37.88 65.70 43.42
C LEU HA 701 -38.75 66.95 43.51
N SER HA 702 -40.07 66.79 43.37
CA SER HA 702 -40.94 67.96 43.35
C SER HA 702 -41.38 68.35 44.76
N HIS HA 703 -41.82 67.38 45.56
CA HIS HA 703 -42.33 67.66 46.90
C HIS HA 703 -41.35 67.34 48.02
N ARG HA 704 -40.27 66.62 47.72
CA ARG HA 704 -39.21 66.35 48.70
C ARG HA 704 -39.74 65.67 49.96
N ASN HA 705 -40.77 64.85 49.81
CA ASN HA 705 -41.36 64.08 50.91
C ASN HA 705 -41.87 65.00 52.02
N ARG HA 706 -42.34 66.19 51.67
CA ARG HA 706 -42.87 67.14 52.63
C ARG HA 706 -44.12 67.78 52.07
N VAL HA 707 -44.96 68.29 52.97
CA VAL HA 707 -46.26 68.86 52.62
C VAL HA 707 -46.19 70.37 52.79
N LEU HA 708 -46.33 71.10 51.70
CA LEU HA 708 -46.50 72.54 51.77
C LEU HA 708 -47.68 73.04 50.96
N SER HA 709 -47.93 72.46 49.80
CA SER HA 709 -48.98 72.91 48.90
C SER HA 709 -50.06 71.86 48.78
N TRP HA 710 -51.18 72.25 48.15
CA TRP HA 710 -52.30 71.34 47.97
C TRP HA 710 -51.91 70.15 47.09
N ASP HA 711 -51.13 70.40 46.04
CA ASP HA 711 -50.69 69.31 45.17
C ASP HA 711 -49.81 68.33 45.94
N ASN HA 712 -49.01 68.83 46.87
CA ASN HA 712 -48.18 67.94 47.69
C ASN HA 712 -49.03 67.01 48.54
N ILE HA 713 -50.13 67.53 49.10
CA ILE HA 713 -51.00 66.70 49.92
C ILE HA 713 -51.65 65.61 49.08
N VAL HA 714 -52.17 65.97 47.91
CA VAL HA 714 -52.86 65.00 47.07
C VAL HA 714 -51.89 63.93 46.57
N THR HA 715 -50.70 64.36 46.13
CA THR HA 715 -49.74 63.42 45.58
C THR HA 715 -49.25 62.43 46.64
N LEU HA 716 -48.90 62.93 47.82
CA LEU HA 716 -48.36 62.06 48.85
C LEU HA 716 -49.41 61.11 49.41
N LEU HA 717 -50.64 61.61 49.59
CA LEU HA 717 -51.70 60.76 50.14
C LEU HA 717 -52.03 59.61 49.21
N LYS HA 718 -52.12 59.88 47.90
CA LYS HA 718 -52.47 58.81 46.96
C LYS HA 718 -51.35 57.79 46.84
N GLU HA 719 -50.10 58.22 46.98
CA GLU HA 719 -48.99 57.27 46.96
C GLU HA 719 -49.05 56.33 48.15
N GLN HA 720 -49.32 56.85 49.34
CA GLN HA 720 -49.26 56.05 50.55
C GLN HA 720 -50.47 55.12 50.68
N PHE HA 721 -51.66 55.62 50.38
CA PHE HA 721 -52.90 54.88 50.62
C PHE HA 721 -53.50 54.44 49.29
N VAL HA 722 -53.77 53.13 49.17
CA VAL HA 722 -54.33 52.58 47.95
C VAL HA 722 -55.85 52.62 47.93
N SER HA 723 -56.49 52.95 49.04
CA SER HA 723 -57.95 53.01 49.10
C SER HA 723 -58.51 54.31 48.54
N LEU HA 724 -57.66 55.26 48.17
CA LEU HA 724 -58.10 56.56 47.68
C LEU HA 724 -58.23 56.55 46.16
N PHE HA 725 -59.36 57.06 45.67
CA PHE HA 725 -59.52 57.27 44.24
C PHE HA 725 -59.16 58.68 43.83
N ASP HA 726 -59.56 59.68 44.62
CA ASP HA 726 -59.20 61.06 44.36
C ASP HA 726 -59.34 61.87 45.65
N VAL HA 727 -58.59 62.96 45.72
CA VAL HA 727 -58.62 63.87 46.86
C VAL HA 727 -58.90 65.27 46.34
N LYS HA 728 -59.85 65.95 46.95
CA LYS HA 728 -60.25 67.29 46.55
C LYS HA 728 -59.83 68.30 47.61
N TYR HA 729 -59.49 69.51 47.15
CA TYR HA 729 -59.12 70.61 48.01
C TYR HA 729 -59.95 71.84 47.63
N PRO HA 730 -60.05 72.84 48.53
CA PRO HA 730 -60.94 73.98 48.26
C PRO HA 730 -60.57 74.71 46.98
N SER HA 731 -61.60 75.28 46.36
CA SER HA 731 -61.45 75.95 45.07
C SER HA 731 -60.62 77.23 45.22
N ALA HA 732 -60.39 77.90 44.10
CA ALA HA 732 -59.59 79.11 44.06
C ALA HA 732 -60.34 80.33 44.59
N SER HA 733 -61.61 80.19 44.96
CA SER HA 733 -62.35 81.31 45.51
C SER HA 733 -62.07 81.52 46.99
N GLU HA 734 -61.29 80.65 47.63
CA GLU HA 734 -61.06 80.73 49.06
C GLU HA 734 -59.63 81.11 49.45
N LEU HA 735 -58.68 81.14 48.50
CA LEU HA 735 -57.35 81.61 48.86
C LEU HA 735 -57.32 83.11 49.10
N THR HA 736 -58.36 83.83 48.69
CA THR HA 736 -58.48 85.26 48.95
C THR HA 736 -59.30 85.55 50.21
N LYS HA 737 -59.76 84.53 50.92
CA LYS HA 737 -60.51 84.75 52.15
C LYS HA 737 -59.62 85.41 53.19
N ILE HA 738 -60.03 86.57 53.66
CA ILE HA 738 -59.21 87.43 54.50
C ILE HA 738 -59.13 86.92 55.94
N PRO HA 739 -60.24 86.47 56.58
CA PRO HA 739 -60.11 85.96 57.96
C PRO HA 739 -59.25 84.71 58.07
N ALA HA 740 -58.67 84.25 56.96
CA ALA HA 740 -57.84 83.06 56.91
C ALA HA 740 -58.65 81.82 57.26
N GLN HA 741 -57.99 80.68 57.41
CA GLN HA 741 -58.68 79.43 57.70
C GLN HA 741 -57.90 78.66 58.75
N LYS HA 742 -58.57 78.33 59.86
CA LYS HA 742 -57.94 77.55 60.91
C LYS HA 742 -57.56 76.16 60.43
N GLU HA 743 -58.45 75.52 59.67
CA GLU HA 743 -58.29 74.13 59.28
C GLU HA 743 -58.26 74.02 57.76
N GLN HA 744 -57.41 73.14 57.25
CA GLN HA 744 -57.37 72.84 55.83
C GLN HA 744 -58.22 71.60 55.58
N GLN HA 745 -59.34 71.78 54.89
CA GLN HA 745 -60.33 70.72 54.72
C GLN HA 745 -60.20 70.11 53.33
N LEU HA 746 -60.02 68.79 53.28
CA LEU HA 746 -59.95 68.05 52.04
C LEU HA 746 -61.10 67.06 51.98
N ILE HA 747 -61.42 66.63 50.76
CA ILE HA 747 -62.48 65.65 50.52
C ILE HA 747 -61.86 64.44 49.85
N ALA HA 748 -62.06 63.27 50.46
CA ALA HA 748 -61.49 62.01 49.98
C ALA HA 748 -62.60 61.18 49.36
N ILE HA 749 -62.48 60.88 48.08
CA ILE HA 749 -63.41 59.99 47.38
C ILE HA 749 -62.75 58.62 47.30
N PRO HA 750 -63.18 57.64 48.09
CA PRO HA 750 -62.53 56.33 48.08
C PRO HA 750 -62.99 55.47 46.92
N ASP HA 751 -62.13 54.52 46.56
CA ASP HA 751 -62.50 53.51 45.58
C ASP HA 751 -63.63 52.65 46.13
N SER HA 752 -64.60 52.31 45.28
CA SER HA 752 -65.75 51.55 45.72
C SER HA 752 -65.37 50.17 46.23
N ARG HA 753 -64.23 49.63 45.80
CA ARG HA 753 -63.79 48.33 46.28
C ARG HA 753 -63.44 48.37 47.77
N TYR HA 754 -63.00 49.52 48.27
CA TYR HA 754 -62.59 49.67 49.66
C TYR HA 754 -63.63 50.39 50.51
N LYS HA 755 -64.85 50.54 50.01
CA LYS HA 755 -65.88 51.26 50.75
C LYS HA 755 -66.28 50.50 52.01
N ASP HA 756 -66.68 51.26 53.02
CA ASP HA 756 -67.14 50.71 54.29
C ASP HA 756 -68.64 50.58 54.37
N ASN HA 757 -69.37 50.90 53.30
CA ASN HA 757 -70.82 50.83 53.30
C ASN HA 757 -71.31 49.96 52.15
N ASP HA 758 -72.63 49.97 51.92
CA ASP HA 758 -73.22 49.09 50.91
C ASP HA 758 -73.35 49.76 49.54
N ASP HA 759 -73.55 51.07 49.50
CA ASP HA 759 -73.78 51.76 48.24
C ASP HA 759 -72.46 51.95 47.49
N ALA HA 760 -72.40 51.40 46.28
CA ALA HA 760 -71.19 51.54 45.46
C ALA HA 760 -71.07 52.92 44.86
N LEU HA 761 -72.19 53.58 44.57
CA LEU HA 761 -72.15 54.91 43.97
C LEU HA 761 -71.76 55.97 44.98
N ARG HA 762 -71.94 55.73 46.27
CA ARG HA 762 -71.63 56.69 47.32
C ARG HA 762 -70.73 56.02 48.36
N PRO HA 763 -69.48 55.77 48.02
CA PRO HA 763 -68.58 55.10 48.97
C PRO HA 763 -68.30 55.98 50.17
N ILE HA 764 -68.18 55.33 51.33
CA ILE HA 764 -67.90 56.01 52.60
C ILE HA 764 -66.81 55.23 53.32
N LEU HA 765 -65.81 55.93 53.83
CA LEU HA 765 -64.74 55.31 54.58
C LEU HA 765 -65.01 55.38 56.08
N ASN HA 766 -64.56 54.36 56.80
CA ASN HA 766 -64.71 54.34 58.24
C ASN HA 766 -63.92 55.50 58.87
N PRO HA 767 -64.47 56.14 59.90
CA PRO HA 767 -63.73 57.25 60.53
C PRO HA 767 -62.37 56.85 61.08
N ALA HA 768 -62.20 55.59 61.46
CA ALA HA 768 -60.88 55.12 61.90
C ALA HA 768 -59.87 55.22 60.78
N ARG HA 769 -60.28 54.86 59.56
CA ARG HA 769 -59.37 54.96 58.41
C ARG HA 769 -58.97 56.40 58.15
N LEU HA 770 -59.93 57.32 58.21
CA LEU HA 770 -59.63 58.72 57.93
C LEU HA 770 -58.68 59.31 58.97
N ALA HA 771 -58.81 58.86 60.22
CA ALA HA 771 -57.92 59.36 61.27
C ALA HA 771 -56.47 58.95 61.00
N GLU HA 772 -56.28 57.75 60.46
CA GLU HA 772 -54.91 57.29 60.16
C GLU HA 772 -54.27 58.15 59.09
N MET HA 773 -55.03 58.50 58.05
CA MET HA 773 -54.49 59.38 57.00
C MET HA 773 -54.14 60.75 57.55
N VAL HA 774 -55.00 61.30 58.42
CA VAL HA 774 -54.72 62.60 59.02
C VAL HA 774 -53.46 62.53 59.87
N ASP HA 775 -53.32 61.46 60.66
CA ASP HA 775 -52.13 61.29 61.48
C ASP HA 775 -50.89 61.16 60.62
N TRP HA 776 -50.97 60.35 59.56
CA TRP HA 776 -49.80 60.13 58.70
C TRP HA 776 -49.40 61.41 57.97
N ILE HA 777 -50.37 62.16 57.45
CA ILE HA 777 -50.05 63.34 56.67
C ILE HA 777 -49.55 64.47 57.56
N SER HA 778 -50.04 64.55 58.80
CA SER HA 778 -49.61 65.61 59.70
C SER HA 778 -48.15 65.48 60.11
N GLN HA 779 -47.57 64.29 59.99
CA GLN HA 779 -46.18 64.08 60.35
C GLN HA 779 -45.21 64.73 59.38
N LEU HA 780 -45.67 65.17 58.22
CA LEU HA 780 -44.82 65.78 57.20
C LEU HA 780 -45.24 67.20 56.88
N SER HA 781 -45.91 67.86 57.82
CA SER HA 781 -46.42 69.21 57.63
C SER HA 781 -45.84 70.14 58.69
N SER HA 782 -46.02 71.43 58.46
CA SER HA 782 -45.61 72.41 59.45
C SER HA 782 -46.48 72.26 60.70
N PRO HA 783 -45.91 72.50 61.89
CA PRO HA 783 -46.70 72.32 63.12
C PRO HA 783 -47.87 73.29 63.24
N TRP HA 784 -47.89 74.37 62.47
CA TRP HA 784 -48.95 75.37 62.54
C TRP HA 784 -50.06 75.11 61.52
N THR HA 785 -50.24 73.87 61.09
CA THR HA 785 -51.29 73.51 60.16
C THR HA 785 -52.15 72.40 60.75
N THR HA 786 -53.41 72.36 60.34
CA THR HA 786 -54.36 71.34 60.79
C THR HA 786 -55.12 70.84 59.56
N LEU HA 787 -54.71 69.70 59.03
CA LEU HA 787 -55.36 69.11 57.86
C LEU HA 787 -56.45 68.16 58.31
N LYS HA 788 -57.64 68.33 57.74
CA LYS HA 788 -58.79 67.47 58.03
C LYS HA 788 -59.27 66.83 56.74
N ILE HA 789 -59.50 65.52 56.80
CA ILE HA 789 -59.99 64.75 55.66
C ILE HA 789 -61.36 64.19 56.03
N ASN HA 790 -62.34 64.43 55.17
CA ASN HA 790 -63.72 64.10 55.48
C ASN HA 790 -64.37 63.41 54.29
N ASN HA 791 -65.41 62.64 54.58
CA ASN HA 791 -66.16 61.97 53.54
C ASN HA 791 -66.92 63.00 52.70
N PRO HA 792 -67.07 62.75 51.41
CA PRO HA 792 -67.78 63.70 50.54
C PRO HA 792 -69.26 63.76 50.84
N THR HA 793 -69.87 64.89 50.46
CA THR HA 793 -71.31 65.08 50.57
C THR HA 793 -71.88 64.93 49.16
N TYR HA 794 -72.49 63.78 48.89
CA TYR HA 794 -72.99 63.49 47.56
C TYR HA 794 -74.29 64.24 47.30
N VAL HA 795 -74.37 64.88 46.14
CA VAL HA 795 -75.54 65.65 45.73
C VAL HA 795 -76.06 65.07 44.42
N ASP HA 796 -77.33 64.70 44.40
CA ASP HA 796 -77.94 64.17 43.19
C ASP HA 796 -78.14 65.27 42.16
N VAL HA 797 -77.92 64.93 40.89
CA VAL HA 797 -78.13 65.85 39.77
C VAL HA 797 -79.07 65.14 38.81
N LEU HA 798 -80.34 65.51 38.84
CA LEU HA 798 -81.32 64.87 37.96
C LEU HA 798 -81.06 65.25 36.51
N ILE HA 799 -80.97 64.25 35.65
CA ILE HA 799 -80.70 64.44 34.23
C ILE HA 799 -81.84 63.82 33.45
N SER HA 800 -82.50 64.62 32.62
CA SER HA 800 -83.59 64.16 31.77
C SER HA 800 -83.35 64.63 30.35
N TYR HA 801 -83.45 63.71 29.39
CA TYR HA 801 -83.23 64.03 27.99
C TYR HA 801 -84.33 63.41 27.13
N GLN HA 802 -84.65 64.09 26.04
CA GLN HA 802 -85.55 63.55 25.02
C GLN HA 802 -84.70 63.08 23.85
N LEU HA 803 -84.94 61.86 23.40
CA LEU HA 803 -83.99 61.17 22.54
C LEU HA 803 -84.67 60.62 21.29
N VAL HA 804 -83.88 60.43 20.25
CA VAL HA 804 -84.26 59.71 19.05
C VAL HA 804 -83.25 58.59 18.86
N PHE HA 805 -83.72 57.34 18.93
CA PHE HA 805 -82.83 56.20 18.86
C PHE HA 805 -82.66 55.73 17.42
N VAL HA 806 -81.60 54.96 17.19
CA VAL HA 806 -81.37 54.37 15.88
C VAL HA 806 -82.51 53.39 15.58
N THR HA 807 -82.97 53.41 14.33
CA THR HA 807 -84.14 52.61 13.95
C THR HA 807 -83.90 51.14 14.21
N GLY HA 808 -84.90 50.48 14.78
CA GLY HA 808 -84.82 49.07 15.11
C GLY HA 808 -84.46 48.76 16.55
N ILE HA 809 -84.17 49.77 17.36
CA ILE HA 809 -83.78 49.57 18.76
C ILE HA 809 -84.92 50.00 19.66
N ASN HA 810 -85.29 49.13 20.59
CA ASN HA 810 -86.38 49.44 21.51
C ASN HA 810 -85.96 50.59 22.42
N PRO HA 811 -86.80 51.62 22.57
CA PRO HA 811 -86.39 52.79 23.38
C PRO HA 811 -86.03 52.47 24.82
N ASP HA 812 -86.75 51.53 25.45
CA ASP HA 812 -86.45 51.20 26.84
C ASP HA 812 -85.07 50.55 26.96
N TYR HA 813 -84.74 49.65 26.04
CA TYR HA 813 -83.42 49.03 26.06
C TYR HA 813 -82.33 50.06 25.82
N GLY HA 814 -82.55 50.97 24.87
CA GLY HA 814 -81.55 51.99 24.60
C GLY HA 814 -81.35 52.95 25.77
N ARG HA 815 -82.44 53.30 26.44
CA ARG HA 815 -82.33 54.16 27.62
C ARG HA 815 -81.58 53.47 28.74
N HIS HA 816 -81.82 52.18 28.93
CA HIS HA 816 -81.14 51.43 29.99
C HIS HA 816 -79.64 51.38 29.73
N GLN HA 817 -79.23 51.13 28.48
CA GLN HA 817 -77.81 51.07 28.16
C GLN HA 817 -77.15 52.43 28.29
N LEU HA 818 -77.88 53.50 27.97
CA LEU HA 818 -77.32 54.84 28.08
C LEU HA 818 -77.04 55.20 29.53
N GLN HA 819 -77.89 54.74 30.45
CA GLN HA 819 -77.65 55.00 31.87
C GLN HA 819 -76.36 54.36 32.33
N GLN HA 820 -76.10 53.13 31.90
CA GLN HA 820 -74.87 52.44 32.30
C GLN HA 820 -73.64 53.14 31.75
N GLU HA 821 -73.70 53.59 30.50
CA GLU HA 821 -72.56 54.27 29.90
C GLU HA 821 -72.25 55.58 30.61
N LEU HA 822 -73.29 56.36 30.92
CA LEU HA 822 -73.07 57.65 31.57
C LEU HA 822 -72.61 57.47 33.01
N SER HA 823 -73.15 56.46 33.71
CA SER HA 823 -72.70 56.18 35.07
C SER HA 823 -71.23 55.79 35.09
N ARG HA 824 -70.80 55.00 34.11
CA ARG HA 824 -69.39 54.67 33.99
C ARG HA 824 -68.54 55.91 33.74
N LYS HA 825 -69.03 56.82 32.88
CA LYS HA 825 -68.25 57.99 32.52
C LYS HA 825 -68.16 58.99 33.66
N TYR HA 826 -69.29 59.29 34.30
CA TYR HA 826 -69.35 60.39 35.26
C TYR HA 826 -69.29 59.93 36.71
N MET HA 827 -69.22 58.63 36.96
CA MET HA 827 -68.98 58.09 38.30
C MET HA 827 -67.89 57.03 38.21
N PRO HA 828 -66.66 57.43 37.90
CA PRO HA 828 -65.60 56.44 37.65
C PRO HA 828 -65.28 55.57 38.84
N TRP HA 829 -65.43 56.07 40.07
CA TRP HA 829 -65.09 55.29 41.24
C TRP HA 829 -66.00 54.08 41.44
N ALA HA 830 -67.18 54.09 40.81
CA ALA HA 830 -68.12 52.99 41.01
C ALA HA 830 -67.66 51.72 40.31
N GLU HA 831 -67.20 51.84 39.06
CA GLU HA 831 -66.86 50.68 38.25
C GLU HA 831 -65.36 50.41 38.37
N ASP HA 832 -64.98 49.83 39.52
CA ASP HA 832 -63.63 49.34 39.82
C ASP HA 832 -62.52 50.34 39.49
N SER HA 833 -62.86 51.63 39.41
CA SER HA 833 -61.90 52.73 39.30
C SER HA 833 -60.79 52.42 38.29
N ALA HA 834 -61.19 52.24 37.04
CA ALA HA 834 -60.26 51.89 35.97
C ALA HA 834 -59.99 53.04 35.00
N ILE HA 835 -60.75 54.13 35.07
CA ILE HA 835 -60.62 55.25 34.14
C ILE HA 835 -60.43 56.53 34.93
N GLY HA 836 -59.43 57.32 34.56
CA GLY HA 836 -59.21 58.60 35.19
C GLY HA 836 -60.12 59.67 34.64
N VAL HA 837 -61.10 60.10 35.45
CA VAL HA 837 -62.11 61.07 35.04
C VAL HA 837 -62.15 62.16 36.10
N THR HA 838 -62.66 63.33 35.72
CA THR HA 838 -62.79 64.45 36.64
C THR HA 838 -63.43 64.03 37.96
N THR HA 839 -62.97 64.64 39.04
CA THR HA 839 -63.37 64.22 40.38
C THR HA 839 -64.71 64.83 40.80
N GLY HA 840 -65.72 64.69 39.96
CA GLY HA 840 -67.05 65.18 40.28
C GLY HA 840 -67.10 66.67 40.58
N ASN HA 841 -66.39 67.48 39.79
CA ASN HA 841 -66.33 68.91 40.03
C ASN HA 841 -67.43 69.65 39.27
N ARG HA 842 -67.47 69.50 37.95
CA ARG HA 842 -68.42 70.21 37.12
C ARG HA 842 -69.03 69.26 36.10
N ILE HA 843 -70.22 69.60 35.64
CA ILE HA 843 -70.91 68.88 34.58
C ILE HA 843 -71.24 69.89 33.51
N ASP HA 844 -70.44 69.94 32.45
CA ASP HA 844 -70.65 70.89 31.38
C ASP HA 844 -71.75 70.39 30.44
N TYR HA 845 -72.60 71.34 30.00
CA TYR HA 845 -73.79 70.96 29.24
C TYR HA 845 -73.43 70.31 27.91
N TYR HA 846 -72.59 70.98 27.12
CA TYR HA 846 -72.36 70.54 25.76
C TYR HA 846 -71.40 69.35 25.66
N PRO HA 847 -70.31 69.31 26.44
CA PRO HA 847 -69.54 68.06 26.49
C PRO HA 847 -70.35 66.86 26.91
N LEU HA 848 -71.29 67.03 27.84
CA LEU HA 848 -72.21 65.96 28.18
C LEU HA 848 -73.10 65.60 27.01
N LEU HA 849 -73.58 66.60 26.27
CA LEU HA 849 -74.40 66.35 25.09
C LEU HA 849 -73.63 65.57 24.04
N ALA HA 850 -72.35 65.92 23.83
CA ALA HA 850 -71.52 65.17 22.90
C ALA HA 850 -71.33 63.74 23.35
N THR HA 851 -71.17 63.53 24.66
CA THR HA 851 -70.99 62.18 25.18
C THR HA 851 -72.21 61.31 24.91
N ILE HA 852 -73.41 61.87 25.07
CA ILE HA 852 -74.63 61.10 24.86
C ILE HA 852 -74.75 60.68 23.40
N GLN HA 853 -74.46 61.60 22.47
CA GLN HA 853 -74.64 61.31 21.05
C GLN HA 853 -73.56 60.40 20.48
N GLN HA 854 -72.51 60.11 21.24
CA GLN HA 854 -71.46 59.21 20.77
C GLN HA 854 -71.86 57.75 20.89
N SER HA 855 -72.91 57.43 21.65
CA SER HA 855 -73.33 56.05 21.78
C SER HA 855 -73.85 55.54 20.44
N PRO HA 856 -73.51 54.30 20.06
CA PRO HA 856 -73.98 53.77 18.77
C PRO HA 856 -75.48 53.63 18.68
N LEU HA 857 -76.18 53.55 19.81
CA LEU HA 857 -77.64 53.42 19.82
C LEU HA 857 -78.37 54.75 19.71
N VAL HA 858 -77.66 55.86 19.84
CA VAL HA 858 -78.27 57.19 19.87
C VAL HA 858 -78.10 57.84 18.51
N GLU HA 859 -79.20 58.34 17.95
CA GLU HA 859 -79.18 59.02 16.67
C GLU HA 859 -79.06 60.54 16.82
N ARG HA 860 -79.84 61.12 17.72
CA ARG HA 860 -79.84 62.57 17.90
C ARG HA 860 -80.52 62.91 19.22
N VAL HA 861 -79.97 63.90 19.91
CA VAL HA 861 -80.57 64.40 21.15
C VAL HA 861 -81.38 65.64 20.83
N THR HA 862 -82.67 65.60 21.18
CA THR HA 862 -83.56 66.71 20.87
C THR HA 862 -83.74 67.68 22.04
N ASN HA 863 -83.50 67.22 23.27
CA ASN HA 863 -83.67 68.06 24.44
C ASN HA 863 -82.86 67.46 25.59
N LEU HA 864 -82.22 68.32 26.36
CA LEU HA 864 -81.42 67.90 27.50
C LEU HA 864 -81.59 68.91 28.63
N THR HA 865 -81.73 68.40 29.86
CA THR HA 865 -81.97 69.25 31.02
C THR HA 865 -81.27 68.66 32.23
N LEU HA 866 -80.60 69.51 32.99
CA LEU HA 866 -79.94 69.12 34.24
C LEU HA 866 -80.53 69.92 35.38
N LYS HA 867 -80.87 69.24 36.46
CA LYS HA 867 -81.48 69.88 37.63
C LYS HA 867 -80.79 69.36 38.88
N LYS HA 868 -80.33 70.27 39.73
CA LYS HA 868 -79.68 69.88 40.98
C LYS HA 868 -80.74 69.42 41.99
N SER HA 869 -80.26 68.99 43.16
CA SER HA 869 -81.15 68.42 44.16
C SER HA 869 -82.17 69.45 44.65
N SER HA 870 -81.73 70.68 44.92
CA SER HA 870 -82.60 71.72 45.46
C SER HA 870 -82.90 72.84 44.48
N GLN HA 871 -81.92 73.25 43.69
CA GLN HA 871 -82.11 74.37 42.79
C GLN HA 871 -83.04 74.01 41.64
N THR HA 872 -83.57 75.04 40.99
CA THR HA 872 -84.45 74.84 39.85
C THR HA 872 -83.66 74.31 38.66
N ALA HA 873 -84.39 73.71 37.71
CA ALA HA 873 -83.77 73.17 36.51
C ALA HA 873 -83.16 74.29 35.67
N GLY HA 874 -81.95 74.05 35.19
CA GLY HA 874 -81.26 75.05 34.40
C GLY HA 874 -81.78 75.13 32.98
N ALA HA 875 -81.35 76.18 32.29
CA ALA HA 875 -81.75 76.41 30.91
C ALA HA 875 -80.80 75.66 29.97
N VAL HA 876 -80.92 75.92 28.67
CA VAL HA 876 -80.06 75.26 27.69
C VAL HA 876 -78.65 75.83 27.79
N GLY HA 877 -77.66 74.95 27.92
CA GLY HA 877 -76.28 75.38 28.01
C GLY HA 877 -75.83 75.81 29.38
N ASP HA 878 -76.55 75.43 30.43
CA ASP HA 878 -76.18 75.80 31.80
C ASP HA 878 -75.47 74.62 32.45
N SER HA 879 -74.25 74.86 32.92
CA SER HA 879 -73.48 73.83 33.61
C SER HA 879 -73.94 73.72 35.07
N VAL HA 880 -73.38 72.75 35.78
CA VAL HA 880 -73.69 72.52 37.18
C VAL HA 880 -72.39 72.57 37.98
N GLU HA 881 -72.36 73.42 38.99
CA GLU HA 881 -71.21 73.53 39.88
C GLU HA 881 -71.43 72.72 41.15
N ALA HA 882 -70.35 72.51 41.89
CA ALA HA 882 -70.41 71.81 43.16
C ALA HA 882 -69.61 72.59 44.19
N ALA HA 883 -70.07 72.53 45.44
CA ALA HA 883 -69.33 73.15 46.53
C ALA HA 883 -68.03 72.38 46.79
N ASP HA 884 -67.17 72.99 47.62
CA ASP HA 884 -65.86 72.40 47.87
C ASP HA 884 -65.96 71.08 48.63
N ASN HA 885 -67.13 70.77 49.21
CA ASN HA 885 -67.32 69.52 49.94
C ASN HA 885 -68.35 68.61 49.26
N GLU HA 886 -68.69 68.88 48.01
CA GLU HA 886 -69.74 68.16 47.30
C GLU HA 886 -69.18 67.37 46.14
N VAL HA 887 -69.82 66.23 45.85
CA VAL HA 887 -69.53 65.42 44.69
C VAL HA 887 -70.85 65.16 43.98
N LEU HA 888 -70.92 65.51 42.69
CA LEU HA 888 -72.14 65.38 41.93
C LEU HA 888 -72.33 63.93 41.46
N ILE HA 889 -73.58 63.46 41.52
CA ILE HA 889 -73.92 62.10 41.11
C ILE HA 889 -75.15 62.16 40.22
N LEU HA 890 -75.06 61.55 39.04
CA LEU HA 890 -76.18 61.52 38.12
C LEU HA 890 -77.27 60.56 38.62
N VAL HA 891 -78.51 61.02 38.55
CA VAL HA 891 -79.67 60.19 38.89
C VAL HA 891 -80.71 60.34 37.79
N TRP HA 892 -81.56 59.33 37.68
CA TRP HA 892 -82.58 59.30 36.64
C TRP HA 892 -83.99 59.21 37.24
N ALA IA 4 -51.78 15.34 -27.63
CA ALA IA 4 -50.34 15.50 -27.57
C ALA IA 4 -49.93 16.24 -26.30
N GLU IA 5 -48.62 16.47 -26.14
CA GLU IA 5 -48.14 17.19 -24.97
C GLU IA 5 -48.42 18.68 -25.07
N LEU IA 6 -48.47 19.21 -26.29
CA LEU IA 6 -48.74 20.64 -26.46
C LEU IA 6 -50.15 20.98 -25.98
N ASP IA 7 -51.12 20.13 -26.27
CA ASP IA 7 -52.50 20.40 -25.86
C ASP IA 7 -52.63 20.40 -24.34
N ASN IA 8 -51.91 19.50 -23.66
CA ASN IA 8 -52.02 19.41 -22.21
C ASN IA 8 -51.54 20.69 -21.54
N LYS IA 9 -50.41 21.23 -21.99
CA LYS IA 9 -49.87 22.44 -21.39
C LYS IA 9 -50.53 23.71 -21.90
N LEU IA 10 -51.31 23.63 -22.98
CA LEU IA 10 -52.04 24.79 -23.48
C LEU IA 10 -53.40 24.94 -22.81
N SER IA 11 -54.12 23.84 -22.64
CA SER IA 11 -55.43 23.89 -22.00
C SER IA 11 -55.34 24.24 -20.52
N ALA IA 12 -54.16 24.13 -19.92
CA ALA IA 12 -54.00 24.46 -18.51
C ALA IA 12 -54.01 25.97 -18.28
N ILE IA 13 -53.61 26.74 -19.29
CA ILE IA 13 -53.53 28.19 -19.15
C ILE IA 13 -54.47 28.93 -20.10
N VAL IA 14 -55.15 28.24 -20.99
CA VAL IA 14 -56.08 28.86 -21.95
C VAL IA 14 -57.44 28.20 -21.79
N PRO IA 15 -58.49 28.94 -21.51
CA PRO IA 15 -59.85 28.35 -21.46
C PRO IA 15 -60.39 28.07 -22.85
N ASP IA 16 -60.06 26.91 -23.41
CA ASP IA 16 -60.43 26.58 -24.78
C ASP IA 16 -61.94 26.68 -24.98
N THR IA 17 -62.33 27.30 -26.10
CA THR IA 17 -63.72 27.60 -26.39
C THR IA 17 -64.18 26.82 -27.62
N VAL IA 18 -65.49 26.87 -27.87
CA VAL IA 18 -66.07 26.20 -29.02
C VAL IA 18 -65.66 26.92 -30.31
N PHE IA 19 -65.67 28.24 -30.31
CA PHE IA 19 -65.35 29.00 -31.50
C PHE IA 19 -63.90 28.78 -31.91
N LYS IA 20 -63.68 28.57 -33.21
CA LYS IA 20 -62.36 28.34 -33.77
C LYS IA 20 -62.06 29.43 -34.78
N LEU IA 21 -60.91 30.10 -34.62
CA LEU IA 21 -60.53 31.14 -35.57
C LEU IA 21 -60.28 30.56 -36.95
N ASP IA 22 -59.62 29.40 -37.01
CA ASP IA 22 -59.37 28.68 -38.26
C ASP IA 22 -59.85 27.24 -38.06
N GLU IA 23 -61.06 26.95 -38.54
CA GLU IA 23 -61.69 25.65 -38.33
C GLU IA 23 -61.51 24.71 -39.50
N ARG IA 24 -60.77 25.10 -40.54
CA ARG IA 24 -60.59 24.25 -41.70
C ARG IA 24 -59.87 22.96 -41.31
N SER IA 25 -60.43 21.84 -41.75
CA SER IA 25 -59.89 20.54 -41.41
C SER IA 25 -58.92 20.06 -42.50
N THR IA 26 -58.41 18.85 -42.35
CA THR IA 26 -57.49 18.29 -43.33
C THR IA 26 -58.17 18.09 -44.68
N LEU IA 27 -59.47 17.76 -44.68
CA LEU IA 27 -60.20 17.63 -45.93
C LEU IA 27 -60.25 18.95 -46.69
N ASP IA 28 -60.50 20.05 -45.97
CA ASP IA 28 -60.54 21.36 -46.62
C ASP IA 28 -59.19 21.73 -47.20
N ILE IA 29 -58.11 21.42 -46.49
CA ILE IA 29 -56.77 21.70 -46.99
C ILE IA 29 -56.49 20.89 -48.24
N LEU IA 30 -56.85 19.61 -48.24
CA LEU IA 30 -56.63 18.76 -49.41
C LEU IA 30 -57.46 19.24 -50.60
N ASN IA 31 -58.70 19.68 -50.35
CA ASN IA 31 -59.51 20.22 -51.42
C ASN IA 31 -58.88 21.48 -52.01
N TRP IA 32 -58.32 22.33 -51.15
CA TRP IA 32 -57.63 23.52 -51.64
C TRP IA 32 -56.42 23.15 -52.49
N LEU IA 33 -55.68 22.13 -52.06
CA LEU IA 33 -54.51 21.69 -52.83
C LEU IA 33 -54.93 21.13 -54.19
N LYS IA 34 -56.05 20.41 -54.24
CA LYS IA 34 -56.52 19.87 -55.50
C LYS IA 34 -56.86 21.00 -56.48
N ALA IA 35 -57.55 22.03 -56.00
CA ALA IA 35 -57.87 23.16 -56.86
C ALA IA 35 -56.63 23.98 -57.19
N TYR IA 36 -55.72 24.15 -56.22
CA TYR IA 36 -54.52 24.95 -56.45
C TYR IA 36 -53.61 24.29 -57.47
N ALA IA 37 -53.37 22.99 -57.34
CA ALA IA 37 -52.49 22.28 -58.26
C ALA IA 37 -53.08 22.14 -59.65
N GLU IA 38 -54.39 22.33 -59.79
CA GLU IA 38 -55.02 22.26 -61.11
C GLU IA 38 -54.55 23.38 -62.02
N LYS IA 39 -53.94 24.43 -61.49
CA LYS IA 39 -53.50 25.57 -62.28
C LYS IA 39 -52.04 25.49 -62.70
N ILE IA 40 -51.25 24.62 -62.08
CA ILE IA 40 -49.82 24.51 -62.36
C ILE IA 40 -49.63 23.44 -63.43
N PRO IA 41 -49.13 23.78 -64.61
CA PRO IA 41 -48.98 22.78 -65.66
C PRO IA 41 -47.74 21.92 -65.48
N PHE IA 42 -47.92 20.62 -65.69
CA PHE IA 42 -46.79 19.70 -65.68
C PHE IA 42 -46.05 19.73 -67.02
N ASP IA 43 -46.78 19.51 -68.11
CA ASP IA 43 -46.30 19.78 -69.45
C ASP IA 43 -47.49 20.20 -70.31
N GLN IA 44 -47.21 20.96 -71.36
CA GLN IA 44 -48.27 21.52 -72.19
C GLN IA 44 -48.55 20.72 -73.46
N ASP IA 45 -47.62 19.86 -73.89
CA ASP IA 45 -47.91 18.97 -75.01
C ASP IA 45 -49.08 18.05 -74.69
N LYS IA 46 -49.08 17.49 -73.48
CA LYS IA 46 -50.24 16.81 -72.94
C LYS IA 46 -51.03 17.77 -72.05
N ASN IA 47 -52.22 17.34 -71.65
CA ASN IA 47 -53.03 18.12 -70.73
C ASN IA 47 -52.84 17.60 -69.31
N GLN IA 48 -51.62 17.78 -68.82
CA GLN IA 48 -51.21 17.27 -67.52
C GLN IA 48 -50.94 18.45 -66.58
N PHE IA 49 -51.57 18.41 -65.42
CA PHE IA 49 -51.36 19.40 -64.38
C PHE IA 49 -51.02 18.68 -63.08
N TRP IA 50 -50.43 19.44 -62.14
CA TRP IA 50 -49.92 18.82 -60.93
C TRP IA 50 -51.01 18.22 -60.05
N ASP IA 51 -52.27 18.54 -60.30
CA ASP IA 51 -53.35 17.95 -59.50
C ASP IA 51 -53.44 16.45 -59.71
N SER IA 52 -53.06 15.97 -60.89
CA SER IA 52 -53.04 14.53 -61.15
C SER IA 52 -51.80 13.85 -60.58
N PHE IA 53 -50.84 14.63 -60.07
CA PHE IA 53 -49.65 14.08 -59.42
C PHE IA 53 -49.87 13.86 -57.94
N TYR IA 54 -50.50 14.81 -57.26
CA TYR IA 54 -50.78 14.65 -55.84
C TYR IA 54 -51.93 13.68 -55.61
N PHE IA 55 -52.88 13.62 -56.54
CA PHE IA 55 -54.00 12.68 -56.48
C PHE IA 55 -53.88 11.74 -57.68
N ILE IA 56 -53.52 10.50 -57.41
CA ILE IA 56 -53.17 9.56 -58.47
C ILE IA 56 -54.44 8.99 -59.10
N GLN IA 57 -54.57 9.16 -60.41
CA GLN IA 57 -55.69 8.63 -61.19
C GLN IA 57 -57.04 9.00 -60.59
N GLU IA 58 -57.84 8.00 -60.23
CA GLU IA 58 -59.17 8.22 -59.69
C GLU IA 58 -59.15 8.32 -58.17
N ASN IA 59 -58.33 9.22 -57.64
CA ASN IA 59 -58.26 9.48 -56.22
C ASN IA 59 -58.94 10.81 -55.91
N THR IA 60 -59.67 10.84 -54.80
CA THR IA 60 -60.36 12.03 -54.34
C THR IA 60 -59.81 12.47 -52.99
N PRO IA 61 -59.95 13.76 -52.65
CA PRO IA 61 -59.49 14.21 -51.33
C PRO IA 61 -60.18 13.48 -50.19
N GLU IA 62 -61.40 12.99 -50.40
CA GLU IA 62 -62.08 12.21 -49.37
C GLU IA 62 -61.32 10.92 -49.07
N GLU IA 63 -60.84 10.24 -50.12
CA GLU IA 63 -60.12 8.98 -49.91
C GLU IA 63 -58.79 9.22 -49.22
N LEU IA 64 -58.04 10.24 -49.64
CA LEU IA 64 -56.74 10.53 -49.03
C LEU IA 64 -56.90 10.96 -47.58
N GLU IA 65 -57.97 11.71 -47.28
CA GLU IA 65 -58.22 12.12 -45.90
C GLU IA 65 -58.46 10.91 -45.01
N ASP IA 66 -59.18 9.91 -45.52
CA ASP IA 66 -59.42 8.70 -44.74
C ASP IA 66 -58.12 7.97 -44.42
N ILE IA 67 -57.23 7.88 -45.40
CA ILE IA 67 -55.94 7.22 -45.18
C ILE IA 67 -55.12 8.00 -44.17
N TYR IA 68 -55.14 9.33 -44.26
CA TYR IA 68 -54.33 10.14 -43.35
C TYR IA 68 -54.78 9.98 -41.90
N GLN IA 69 -56.08 9.79 -41.68
CA GLN IA 69 -56.58 9.64 -40.31
C GLN IA 69 -56.22 8.27 -39.75
N HIS IA 70 -56.22 7.24 -40.59
CA HIS IA 70 -55.94 5.87 -40.17
C HIS IA 70 -54.69 5.40 -40.90
N ALA IA 71 -53.54 5.51 -40.24
CA ALA IA 71 -52.27 5.14 -40.87
C ALA IA 71 -52.14 3.64 -41.08
N ASN IA 72 -52.90 2.83 -40.35
CA ASN IA 72 -52.74 1.39 -40.43
C ASN IA 72 -53.22 0.83 -41.77
N LYS IA 73 -54.22 1.46 -42.39
CA LYS IA 73 -54.82 0.92 -43.60
C LYS IA 73 -53.96 1.13 -44.84
N ALA IA 74 -52.71 1.55 -44.67
CA ALA IA 74 -51.74 1.57 -45.77
C ALA IA 74 -50.56 0.64 -45.55
N ASP IA 75 -50.28 0.25 -44.30
CA ASP IA 75 -49.19 -0.65 -43.92
C ASP IA 75 -47.91 -0.36 -44.71
N GLY IA 76 -47.51 0.90 -44.70
CA GLY IA 76 -46.22 1.28 -45.25
C GLY IA 76 -46.09 1.17 -46.75
N LEU IA 77 -47.20 1.18 -47.48
CA LEU IA 77 -47.15 1.06 -48.94
C LEU IA 77 -47.76 2.26 -49.65
N LEU IA 78 -48.02 3.34 -48.94
CA LEU IA 78 -48.45 4.57 -49.59
C LEU IA 78 -47.31 5.14 -50.43
N PRO IA 79 -47.62 5.72 -51.59
CA PRO IA 79 -46.58 6.34 -52.42
C PRO IA 79 -45.83 7.40 -51.65
N PRO IA 80 -44.50 7.46 -51.82
CA PRO IA 80 -43.69 8.36 -50.98
C PRO IA 80 -44.07 9.83 -51.09
N HIS IA 81 -44.46 10.31 -52.27
CA HIS IA 81 -44.74 11.73 -52.43
C HIS IA 81 -46.01 12.12 -51.70
N GLN IA 82 -46.98 11.21 -51.60
CA GLN IA 82 -48.16 11.49 -50.80
C GLN IA 82 -47.85 11.43 -49.31
N ALA IA 83 -46.94 10.55 -48.90
CA ALA IA 83 -46.47 10.55 -47.53
C ALA IA 83 -45.74 11.85 -47.20
N PHE IA 84 -45.10 12.46 -48.20
CA PHE IA 84 -44.50 13.77 -48.01
C PHE IA 84 -45.56 14.81 -47.68
N VAL IA 85 -46.69 14.75 -48.39
CA VAL IA 85 -47.78 15.71 -48.14
C VAL IA 85 -48.37 15.49 -46.75
N PHE IA 86 -48.58 14.24 -46.37
CA PHE IA 86 -49.13 13.94 -45.06
C PHE IA 86 -48.18 14.41 -43.95
N ALA IA 87 -46.88 14.25 -44.16
CA ALA IA 87 -45.90 14.72 -43.17
C ALA IA 87 -45.97 16.23 -43.00
N PHE IA 88 -46.09 16.96 -44.12
CA PHE IA 88 -46.16 18.42 -44.03
C PHE IA 88 -47.43 18.87 -43.33
N LEU IA 89 -48.56 18.21 -43.61
CA LEU IA 89 -49.80 18.57 -42.93
C LEU IA 89 -49.69 18.36 -41.42
N LYS IA 90 -48.95 17.35 -41.00
CA LYS IA 90 -48.70 17.14 -39.58
C LYS IA 90 -47.91 18.29 -38.98
N LEU IA 91 -46.96 18.83 -39.75
CA LEU IA 91 -46.15 19.95 -39.27
C LEU IA 91 -47.01 21.19 -39.02
N LEU IA 92 -47.96 21.47 -39.90
CA LEU IA 92 -48.78 22.67 -39.77
C LEU IA 92 -49.82 22.56 -38.67
N GLU IA 93 -50.05 21.36 -38.13
CA GLU IA 93 -51.04 21.19 -37.08
C GLU IA 93 -50.65 21.97 -35.83
N THR IA 94 -49.36 22.01 -35.50
CA THR IA 94 -48.91 22.74 -34.32
C THR IA 94 -49.16 24.23 -34.45
N SER IA 95 -48.90 24.79 -35.64
CA SER IA 95 -49.15 26.22 -35.85
C SER IA 95 -50.64 26.53 -35.77
N ASN IA 96 -51.48 25.66 -36.34
CA ASN IA 96 -52.93 25.88 -36.27
C ASN IA 96 -53.42 25.82 -34.83
N ARG IA 97 -52.87 24.90 -34.02
CA ARG IA 97 -53.30 24.78 -32.64
C ARG IA 97 -52.98 26.03 -31.85
N LEU IA 98 -51.80 26.62 -32.07
CA LEU IA 98 -51.42 27.82 -31.34
C LEU IA 98 -52.30 29.00 -31.71
N LEU IA 99 -52.62 29.15 -33.00
CA LEU IA 99 -53.45 30.26 -33.43
C LEU IA 99 -54.86 30.19 -32.84
N ASN IA 100 -55.42 29.00 -32.75
CA ASN IA 100 -56.78 28.82 -32.28
C ASN IA 100 -56.95 29.11 -30.79
N THR IA 101 -55.87 29.45 -30.09
CA THR IA 101 -55.96 29.83 -28.69
C THR IA 101 -56.10 31.33 -28.50
N PHE IA 102 -56.12 32.11 -29.58
CA PHE IA 102 -56.12 33.56 -29.51
C PHE IA 102 -57.49 34.13 -29.15
N PRO IA 103 -58.61 33.62 -29.71
CA PRO IA 103 -59.92 34.16 -29.29
C PRO IA 103 -60.16 34.07 -27.79
N ALA IA 104 -59.70 32.99 -27.15
CA ALA IA 104 -59.87 32.88 -25.70
C ALA IA 104 -58.95 33.85 -24.96
N ARG IA 105 -57.74 34.05 -25.48
CA ARG IA 105 -56.82 34.99 -24.85
C ARG IA 105 -57.23 36.43 -25.12
N HIS IA 106 -57.88 36.67 -26.26
CA HIS IA 106 -58.37 38.02 -26.57
C HIS IA 106 -59.46 38.44 -25.58
N ARG IA 107 -60.39 37.54 -25.27
CA ARG IA 107 -61.48 37.88 -24.36
C ARG IA 107 -60.95 38.10 -22.95
N ASP IA 108 -59.99 37.29 -22.51
CA ASP IA 108 -59.43 37.46 -21.18
C ASP IA 108 -58.73 38.79 -21.03
N LEU IA 109 -58.03 39.23 -22.08
CA LEU IA 109 -57.36 40.53 -22.03
C LEU IA 109 -58.36 41.67 -21.89
N TYR IA 110 -59.50 41.57 -22.59
CA TYR IA 110 -60.49 42.63 -22.54
C TYR IA 110 -61.15 42.70 -21.17
N TYR IA 111 -61.59 41.57 -20.64
CA TYR IA 111 -62.31 41.57 -19.37
C TYR IA 111 -61.40 41.90 -18.20
N ARG IA 112 -60.23 41.27 -18.13
CA ARG IA 112 -59.40 41.34 -16.94
C ARG IA 112 -58.43 42.51 -16.93
N GLU IA 113 -57.90 42.91 -18.07
CA GLU IA 113 -56.89 43.95 -18.11
C GLU IA 113 -57.48 45.34 -18.36
N LEU IA 114 -58.33 45.47 -19.37
CA LEU IA 114 -58.94 46.77 -19.64
C LEU IA 114 -60.03 47.09 -18.63
N LEU IA 115 -61.06 46.25 -18.55
CA LEU IA 115 -62.15 46.49 -17.63
C LEU IA 115 -61.78 46.23 -16.18
N GLY IA 116 -60.72 45.47 -15.93
CA GLY IA 116 -60.28 45.21 -14.57
C GLY IA 116 -61.27 44.45 -13.72
N LEU IA 117 -61.92 43.44 -14.29
CA LEU IA 117 -62.88 42.62 -13.58
C LEU IA 117 -62.25 41.29 -13.18
N SER IA 118 -62.58 40.84 -11.97
CA SER IA 118 -62.04 39.58 -11.45
C SER IA 118 -63.16 38.74 -10.87
N PRO IA 119 -62.99 37.42 -10.88
CA PRO IA 119 -64.02 36.55 -10.29
C PRO IA 119 -64.19 36.79 -8.80
N ARG IA 120 -65.41 36.60 -8.32
CA ARG IA 120 -65.70 36.78 -6.90
C ARG IA 120 -65.13 35.64 -6.08
N LYS IA 121 -64.83 35.93 -4.81
CA LYS IA 121 -64.26 34.96 -3.91
C LYS IA 121 -65.35 34.25 -3.11
N ALA IA 122 -64.96 33.15 -2.46
CA ALA IA 122 -65.89 32.36 -1.69
C ALA IA 122 -66.37 33.13 -0.46
N GLN IA 123 -67.58 32.79 -0.02
CA GLN IA 123 -68.22 33.43 1.13
C GLN IA 123 -68.26 32.45 2.29
N ALA IA 124 -67.81 32.90 3.46
CA ALA IA 124 -67.80 32.06 4.65
C ALA IA 124 -69.23 31.91 5.19
N ASP IA 125 -69.59 30.67 5.54
CA ASP IA 125 -70.92 30.40 6.06
C ASP IA 125 -70.95 30.57 7.58
N SER IA 126 -72.17 30.58 8.12
CA SER IA 126 -72.37 30.74 9.55
C SER IA 126 -73.32 29.68 10.06
N VAL IA 127 -73.16 29.31 11.33
CA VAL IA 127 -73.98 28.27 11.96
C VAL IA 127 -74.21 28.66 13.42
N ALA IA 128 -75.31 28.14 13.98
CA ALA IA 128 -75.68 28.39 15.35
C ALA IA 128 -75.41 27.15 16.19
N LEU IA 129 -74.73 27.34 17.31
CA LEU IA 129 -74.31 26.24 18.17
C LEU IA 129 -74.89 26.40 19.57
N GLY IA 130 -75.41 25.31 20.11
CA GLY IA 130 -75.86 25.27 21.50
C GLY IA 130 -74.81 24.59 22.36
N ILE IA 131 -74.65 25.11 23.57
CA ILE IA 131 -73.60 24.66 24.48
C ILE IA 131 -74.25 24.06 25.72
N THR IA 132 -73.79 22.88 26.12
CA THR IA 132 -74.16 22.25 27.37
C THR IA 132 -72.95 22.18 28.28
N LEU IA 133 -73.08 22.69 29.49
CA LEU IA 133 -71.99 22.72 30.43
C LEU IA 133 -71.96 21.46 31.28
N ASN IA 134 -70.77 21.08 31.72
CA ASN IA 134 -70.64 19.95 32.63
C ASN IA 134 -71.28 20.29 33.97
N THR IA 135 -71.69 19.24 34.70
CA THR IA 135 -72.51 19.41 35.88
C THR IA 135 -71.81 20.13 37.03
N ASP IA 136 -70.48 20.26 36.98
CA ASP IA 136 -69.75 20.89 38.07
C ASP IA 136 -69.51 22.38 37.88
N ASN IA 137 -70.02 22.98 36.80
CA ASN IA 137 -69.85 24.40 36.55
C ASN IA 137 -71.21 25.09 36.60
N ALA IA 138 -71.35 26.07 37.48
CA ALA IA 138 -72.58 26.86 37.54
C ALA IA 138 -72.67 27.83 36.36
N GLU IA 139 -71.57 28.49 36.03
CA GLU IA 139 -71.50 29.42 34.92
C GLU IA 139 -70.12 29.33 34.28
N TYR IA 140 -70.10 29.44 32.95
CA TYR IA 140 -68.85 29.46 32.22
C TYR IA 140 -68.90 30.55 31.16
N LEU IA 141 -67.74 31.15 30.89
CA LEU IA 141 -67.61 32.19 29.88
C LEU IA 141 -66.81 31.63 28.71
N ILE IA 142 -67.40 31.66 27.52
CA ILE IA 142 -66.74 31.22 26.30
C ILE IA 142 -66.37 32.48 25.51
N PRO IA 143 -65.10 32.86 25.46
CA PRO IA 143 -64.74 34.14 24.85
C PRO IA 143 -64.89 34.13 23.33
N LYS IA 144 -65.02 35.34 22.78
CA LYS IA 144 -65.07 35.50 21.34
C LYS IA 144 -63.77 35.01 20.71
N GLY IA 145 -63.90 34.23 19.64
CA GLY IA 145 -62.75 33.66 18.97
C GLY IA 145 -62.49 32.20 19.27
N THR IA 146 -63.34 31.56 20.06
CA THR IA 146 -63.18 30.14 20.35
C THR IA 146 -63.36 29.33 19.07
N LEU IA 147 -62.53 28.30 18.91
CA LEU IA 147 -62.52 27.48 17.70
C LEU IA 147 -63.31 26.20 17.93
N PHE IA 148 -64.16 25.84 16.98
CA PHE IA 148 -64.96 24.63 17.04
C PHE IA 148 -64.68 23.78 15.82
N ASP IA 149 -64.69 22.46 16.01
CA ASP IA 149 -64.34 21.51 14.97
C ASP IA 149 -65.58 20.95 14.32
N ALA IA 150 -65.57 20.89 12.98
CA ALA IA 150 -66.67 20.34 12.21
C ALA IA 150 -66.26 19.14 11.37
N GLY IA 151 -65.10 18.56 11.63
CA GLY IA 151 -64.63 17.42 10.86
C GLY IA 151 -63.75 17.83 9.70
N GLN IA 152 -63.91 17.16 8.57
CA GLN IA 152 -63.12 17.45 7.37
C GLN IA 152 -64.03 17.41 6.15
N ASP IA 153 -63.56 18.03 5.07
CA ASP IA 153 -64.28 18.03 3.81
C ASP IA 153 -64.02 16.71 3.08
N SER IA 154 -64.46 16.63 1.82
CA SER IA 154 -64.25 15.40 1.06
C SER IA 154 -62.78 15.11 0.83
N VAL IA 155 -62.00 16.14 0.49
CA VAL IA 155 -60.57 15.95 0.22
C VAL IA 155 -59.74 15.76 1.48
N GLY IA 156 -60.29 16.08 2.65
CA GLY IA 156 -59.61 15.85 3.91
C GLY IA 156 -59.18 17.10 4.64
N ASN IA 157 -59.35 18.28 4.05
CA ASN IA 157 -58.99 19.52 4.74
C ASN IA 157 -59.93 19.74 5.92
N PRO IA 158 -59.41 20.03 7.12
CA PRO IA 158 -60.27 20.21 8.28
C PRO IA 158 -61.14 21.45 8.16
N LEU IA 159 -62.30 21.41 8.80
CA LEU IA 159 -63.22 22.52 8.85
C LEU IA 159 -63.29 23.06 10.28
N GLN IA 160 -63.07 24.36 10.43
CA GLN IA 160 -63.07 25.01 11.72
C GLN IA 160 -63.92 26.28 11.67
N TYR IA 161 -64.59 26.56 12.79
CA TYR IA 161 -65.44 27.73 12.93
C TYR IA 161 -65.01 28.54 14.13
N THR IA 162 -65.21 29.85 14.04
CA THR IA 162 -64.79 30.79 15.08
C THR IA 162 -66.03 31.44 15.70
N SER IA 163 -66.11 31.40 17.03
CA SER IA 163 -67.20 32.04 17.73
C SER IA 163 -67.13 33.56 17.54
N GLU IA 164 -68.31 34.18 17.43
CA GLU IA 164 -68.39 35.60 17.12
C GLU IA 164 -68.70 36.48 18.32
N THR IA 165 -69.20 35.93 19.42
CA THR IA 165 -69.59 36.73 20.57
C THR IA 165 -69.37 35.93 21.84
N ASP IA 166 -68.97 36.62 22.90
CA ASP IA 166 -68.84 35.98 24.20
C ASP IA 166 -70.17 35.40 24.65
N LEU IA 167 -70.12 34.21 25.23
CA LEU IA 167 -71.31 33.53 25.72
C LEU IA 167 -71.11 33.21 27.20
N LEU IA 168 -72.11 33.55 28.01
CA LEU IA 168 -72.10 33.24 29.44
C LEU IA 168 -73.12 32.11 29.65
N ALA IA 169 -72.65 30.88 29.49
CA ALA IA 169 -73.51 29.71 29.55
C ALA IA 169 -73.82 29.34 30.99
N ASN IA 170 -74.90 28.57 31.17
CA ASN IA 170 -75.31 28.10 32.47
C ASN IA 170 -75.86 26.68 32.31
N GLN IA 171 -76.46 26.16 33.37
CA GLN IA 171 -76.98 24.79 33.38
C GLN IA 171 -78.43 24.70 32.97
N GLY IA 172 -79.06 25.81 32.58
CA GLY IA 172 -80.47 25.79 32.24
C GLY IA 172 -80.76 25.15 30.91
N GLU IA 173 -82.05 25.02 30.62
CA GLU IA 173 -82.50 24.46 29.35
C GLU IA 173 -83.93 24.91 29.10
N LEU IA 174 -84.22 25.29 27.86
CA LEU IA 174 -85.58 25.65 27.49
C LEU IA 174 -86.44 24.40 27.39
N THR IA 175 -87.58 24.40 28.05
CA THR IA 175 -88.39 23.19 28.17
C THR IA 175 -89.83 23.34 27.75
N ASP IA 176 -90.43 24.53 27.88
CA ASP IA 176 -91.86 24.68 27.66
C ASP IA 176 -92.13 25.86 26.73
N LEU IA 177 -93.24 25.77 25.99
CA LEU IA 177 -93.66 26.83 25.08
C LEU IA 177 -95.16 26.70 24.89
N ARG IA 178 -95.92 27.69 25.35
CA ARG IA 178 -97.37 27.72 25.24
C ARG IA 178 -97.82 29.10 24.78
N TRP IA 179 -99.05 29.16 24.28
CA TRP IA 179 -99.64 30.42 23.89
C TRP IA 179 -101.16 30.28 23.88
N TYR IA 180 -101.84 31.42 23.88
CA TYR IA 180 -103.27 31.47 23.62
C TYR IA 180 -103.55 32.57 22.61
N ARG IA 181 -104.62 32.40 21.85
CA ARG IA 181 -104.92 33.28 20.73
C ARG IA 181 -106.37 33.73 20.79
N LYS IA 182 -106.67 34.78 20.02
CA LYS IA 182 -108.00 35.36 19.97
C LYS IA 182 -108.88 34.60 18.99
N ASP IA 183 -110.19 34.62 19.25
CA ASP IA 183 -111.18 34.02 18.35
C ASP IA 183 -112.52 34.73 18.49
N SER IA 186 -113.76 34.05 21.57
CA SER IA 186 -113.13 33.82 22.85
C SER IA 186 -111.62 33.65 22.69
N TRP IA 187 -111.04 32.73 23.47
CA TRP IA 187 -109.61 32.46 23.43
C TRP IA 187 -109.36 30.98 23.55
N GLN IA 188 -108.40 30.48 22.78
CA GLN IA 188 -107.99 29.08 22.81
C GLN IA 188 -106.50 28.99 23.09
N SER IA 189 -106.11 28.04 23.94
CA SER IA 189 -104.73 27.88 24.35
C SER IA 189 -104.21 26.52 23.90
N THR IA 190 -102.89 26.43 23.73
CA THR IA 190 -102.26 25.19 23.30
C THR IA 190 -100.85 25.12 23.87
N ILE IA 191 -100.30 23.92 23.91
CA ILE IA 191 -98.96 23.67 24.42
C ILE IA 191 -98.17 22.89 23.39
N PRO IA 192 -97.60 23.55 22.38
CA PRO IA 192 -96.80 22.83 21.37
C PRO IA 192 -95.61 22.08 21.94
N LEU IA 193 -94.96 22.60 22.99
CA LEU IA 193 -93.75 22.01 23.53
C LEU IA 193 -93.82 21.97 25.05
N SER IA 194 -93.36 20.86 25.63
CA SER IA 194 -93.26 20.72 27.07
C SER IA 194 -92.33 19.56 27.38
N LEU IA 195 -91.49 19.72 28.40
CA LEU IA 195 -90.58 18.66 28.80
C LEU IA 195 -91.06 17.87 30.02
N SER IA 196 -91.78 18.51 30.94
CA SER IA 196 -92.41 17.75 32.02
C SER IA 196 -93.40 16.74 31.46
N ASP IA 197 -94.21 17.17 30.50
CA ASP IA 197 -94.97 16.26 29.65
C ASP IA 197 -94.09 15.80 28.50
N ASN IA 198 -94.57 14.80 27.76
CA ASN IA 198 -93.81 14.24 26.64
C ASN IA 198 -94.28 14.80 25.31
N ILE IA 199 -94.67 16.08 25.28
CA ILE IA 199 -95.10 16.75 24.05
C ILE IA 199 -93.90 17.49 23.49
N ALA IA 200 -93.49 17.12 22.28
CA ALA IA 200 -92.33 17.71 21.63
C ALA IA 200 -92.75 18.53 20.42
N LEU IA 201 -91.92 19.50 20.08
CA LEU IA 201 -92.19 20.36 18.93
C LEU IA 201 -92.12 19.53 17.65
N PRO IA 202 -93.05 19.73 16.71
CA PRO IA 202 -92.99 19.02 15.44
C PRO IA 202 -91.71 19.36 14.68
N GLU IA 203 -91.20 18.35 13.95
CA GLU IA 203 -89.93 18.53 13.25
C GLU IA 203 -90.03 19.59 12.17
N ASN IA 204 -91.23 19.85 11.65
CA ASN IA 204 -91.42 20.89 10.64
C ASN IA 204 -91.57 22.28 11.25
N GLY IA 205 -91.69 22.38 12.57
CA GLY IA 205 -91.98 23.64 13.21
C GLY IA 205 -93.46 23.94 13.21
N ILE IA 206 -93.82 25.05 13.84
CA ILE IA 206 -95.21 25.45 13.98
C ILE IA 206 -95.35 26.92 13.63
N GLN IA 207 -96.35 27.24 12.82
CA GLN IA 207 -96.66 28.64 12.55
C GLN IA 207 -97.19 29.30 13.82
N LEU IA 208 -96.70 30.50 14.11
CA LEU IA 208 -97.07 31.18 15.34
C LEU IA 208 -98.56 31.52 15.34
N PHE IA 209 -99.23 31.24 16.46
CA PHE IA 209 -100.64 31.56 16.65
C PHE IA 209 -101.51 30.94 15.57
N SER IA 210 -101.22 29.69 15.22
CA SER IA 210 -102.00 28.96 14.23
C SER IA 210 -102.84 27.89 14.90
N PRO IA 211 -104.02 27.58 14.34
CA PRO IA 211 -104.86 26.53 14.93
C PRO IA 211 -104.16 25.19 14.95
N THR IA 212 -104.35 24.45 16.05
CA THR IA 212 -103.77 23.12 16.18
C THR IA 212 -104.86 22.10 16.53
N ALA IA 213 -104.46 20.87 16.83
CA ALA IA 213 -105.40 19.81 17.14
C ALA IA 213 -105.87 19.81 18.59
N ASN IA 214 -105.20 20.54 19.48
CA ASN IA 214 -105.52 20.56 20.90
C ASN IA 214 -105.83 21.97 21.38
N ASP IA 215 -106.62 22.71 20.60
CA ASP IA 215 -107.00 24.08 20.96
C ASP IA 215 -108.05 24.01 22.06
N VAL IA 216 -107.64 24.23 23.30
CA VAL IA 216 -108.54 24.19 24.44
C VAL IA 216 -109.06 25.60 24.71
N ALA IA 217 -110.38 25.72 24.80
CA ALA IA 217 -110.98 27.01 25.10
C ALA IA 217 -110.59 27.48 26.49
N VAL IA 218 -110.40 28.78 26.65
CA VAL IA 218 -109.96 29.35 27.91
C VAL IA 218 -111.13 29.36 28.88
N LEU IA 219 -110.92 28.79 30.06
CA LEU IA 219 -111.94 28.72 31.10
C LEU IA 219 -111.72 29.84 32.11
N SER IA 220 -112.77 30.60 32.39
CA SER IA 220 -112.74 31.65 33.39
C SER IA 220 -113.64 31.26 34.56
N GLY IA 221 -113.08 31.22 35.76
CA GLY IA 221 -113.82 30.81 36.93
C GLY IA 221 -113.01 30.89 38.20
N TYR IA 222 -113.23 29.95 39.12
CA TYR IA 222 -112.56 29.97 40.41
C TYR IA 222 -112.16 28.55 40.80
N LEU IA 223 -111.08 28.47 41.59
CA LEU IA 223 -110.61 27.22 42.17
C LEU IA 223 -110.85 27.29 43.68
N ILE IA 224 -111.63 26.34 44.20
CA ILE IA 224 -112.08 26.36 45.59
C ILE IA 224 -111.32 25.30 46.36
N LYS IA 225 -110.70 25.71 47.47
CA LYS IA 225 -109.88 24.83 48.31
C LYS IA 225 -110.53 24.76 49.68
N SER IA 226 -111.24 23.66 49.95
CA SER IA 226 -111.95 23.49 51.22
C SER IA 226 -111.72 22.08 51.75
N SER IA 227 -111.58 21.99 53.07
CA SER IA 227 -111.33 20.70 53.72
C SER IA 227 -112.59 19.86 53.90
N LEU IA 228 -113.77 20.46 53.69
CA LEU IA 228 -115.03 19.73 53.85
C LEU IA 228 -115.37 18.87 52.64
N PHE IA 229 -114.51 18.83 51.63
CA PHE IA 229 -114.78 18.10 50.40
C PHE IA 229 -114.29 16.66 50.45
N SER IA 230 -114.17 16.07 51.64
CA SER IA 230 -113.70 14.69 51.77
C SER IA 230 -114.65 13.75 51.04
N MET IA 231 -115.89 13.64 51.51
CA MET IA 231 -117.00 12.99 50.82
C MET IA 231 -116.62 11.58 50.36
N PRO IA 232 -116.49 10.60 51.26
CA PRO IA 232 -116.04 9.27 50.86
C PRO IA 232 -116.93 8.58 49.83
N GLU IA 233 -118.21 8.41 50.15
CA GLU IA 233 -119.12 7.72 49.23
C GLU IA 233 -120.55 8.14 49.52
N GLY IA 234 -121.46 7.68 48.66
CA GLY IA 234 -122.86 8.03 48.76
C GLY IA 234 -123.25 9.10 47.75
N GLU IA 235 -124.45 9.63 47.95
CA GLU IA 235 -124.94 10.73 47.13
C GLU IA 235 -124.52 12.05 47.78
N ARG IA 236 -123.67 12.79 47.10
CA ARG IA 236 -123.07 13.99 47.63
C ARG IA 236 -123.59 15.21 46.89
N HIS IA 237 -123.99 16.24 47.65
CA HIS IA 237 -124.52 17.48 47.09
C HIS IA 237 -123.72 18.65 47.64
N ILE IA 238 -123.28 19.53 46.74
CA ILE IA 238 -122.54 20.73 47.11
C ILE IA 238 -123.30 21.93 46.56
N THR IA 239 -123.53 22.92 47.41
CA THR IA 239 -124.24 24.14 47.05
C THR IA 239 -123.30 25.32 47.26
N LEU IA 240 -123.14 26.15 46.22
CA LEU IA 240 -122.25 27.30 46.25
C LEU IA 240 -123.07 28.57 46.25
N THR IA 241 -122.80 29.46 47.21
CA THR IA 241 -123.51 30.73 47.32
C THR IA 241 -122.60 31.83 46.79
N LEU IA 242 -123.05 32.49 45.72
CA LEU IA 242 -122.29 33.57 45.11
C LEU IA 242 -122.70 34.91 45.69
N GLU IA 243 -121.77 35.86 45.66
CA GLU IA 243 -122.01 37.16 46.26
C GLU IA 243 -123.03 37.98 45.47
N ASN IA 244 -123.11 37.78 44.16
CA ASN IA 244 -124.00 38.54 43.30
C ASN IA 244 -124.90 37.59 42.52
N ASP IA 245 -126.10 38.07 42.22
CA ASP IA 245 -127.04 37.30 41.41
C ASP IA 245 -126.48 37.12 40.00
N TRP IA 246 -126.30 35.88 39.58
CA TRP IA 246 -125.70 35.55 38.29
C TRP IA 246 -126.75 34.95 37.37
N GLU IA 247 -126.89 35.54 36.19
CA GLU IA 247 -127.82 35.06 35.16
C GLU IA 247 -127.00 34.48 34.02
N GLY IA 248 -127.09 33.16 33.83
CA GLY IA 248 -126.32 32.52 32.79
C GLY IA 248 -126.82 31.10 32.56
N GLN IA 249 -126.31 30.51 31.48
CA GLN IA 249 -126.73 29.16 31.11
C GLN IA 249 -126.11 28.13 32.04
N ALA IA 250 -126.94 27.19 32.49
CA ALA IA 250 -126.43 26.12 33.36
C ALA IA 250 -125.51 25.18 32.61
N GLU IA 251 -125.85 24.86 31.35
CA GLU IA 251 -125.04 23.92 30.59
C GLU IA 251 -123.68 24.48 30.21
N HIS IA 252 -123.49 25.80 30.29
CA HIS IA 252 -122.22 26.40 29.95
C HIS IA 252 -121.17 26.23 31.04
N LEU IA 253 -121.58 25.84 32.24
CA LEU IA 253 -120.64 25.67 33.35
C LEU IA 253 -119.83 24.39 33.17
N THR IA 254 -118.73 24.29 33.91
CA THR IA 254 -117.85 23.12 33.86
C THR IA 254 -117.24 22.96 35.25
N ALA IA 255 -117.78 22.03 36.03
CA ALA IA 255 -117.35 21.79 37.40
C ALA IA 255 -116.71 20.42 37.50
N LYS IA 256 -115.47 20.38 38.01
CA LYS IA 256 -114.76 19.14 38.22
C LYS IA 256 -114.16 19.12 39.62
N ILE IA 257 -114.09 17.93 40.21
CA ILE IA 257 -113.58 17.73 41.56
C ILE IA 257 -112.30 16.91 41.48
N SER IA 258 -111.34 17.25 42.32
CA SER IA 258 -110.07 16.53 42.35
C SER IA 258 -110.20 15.27 43.19
N THR IA 259 -109.82 14.13 42.60
CA THR IA 259 -109.80 12.85 43.29
C THR IA 259 -108.47 12.17 42.94
N GLY IA 260 -107.47 12.33 43.79
CA GLY IA 260 -106.17 11.78 43.51
C GLY IA 260 -105.56 12.38 42.26
N ASP IA 261 -105.50 11.60 41.18
CA ASP IA 261 -104.97 12.05 39.90
C ASP IA 261 -106.05 12.11 38.82
N HIS IA 262 -107.32 12.23 39.20
CA HIS IA 262 -108.41 12.24 38.25
C HIS IA 262 -109.29 13.46 38.47
N TRP IA 263 -109.85 13.96 37.37
CA TRP IA 263 -110.83 15.05 37.39
C TRP IA 263 -112.20 14.45 37.17
N LEU IA 264 -112.97 14.33 38.24
CA LEU IA 264 -114.32 13.76 38.16
C LEU IA 264 -115.33 14.86 37.89
N SER IA 265 -116.13 14.68 36.84
CA SER IA 265 -117.13 15.67 36.49
C SER IA 265 -118.31 15.62 37.46
N LEU IA 266 -119.02 16.74 37.55
CA LEU IA 266 -120.20 16.86 38.39
C LEU IA 266 -121.41 17.24 37.54
N SER IA 267 -122.55 16.62 37.84
CA SER IA 267 -123.78 16.93 37.11
C SER IA 267 -124.38 18.19 37.70
N VAL IA 268 -124.28 19.30 36.95
CA VAL IA 268 -124.83 20.56 37.41
C VAL IA 268 -126.36 20.48 37.40
N ASN IA 269 -126.99 21.16 38.36
CA ASN IA 269 -128.44 21.14 38.44
C ASN IA 269 -129.02 22.07 37.37
N PRO IA 270 -129.79 21.56 36.42
CA PRO IA 270 -130.25 22.41 35.31
C PRO IA 270 -131.33 23.41 35.70
N ASN IA 271 -132.00 23.23 36.83
CA ASN IA 271 -133.07 24.15 37.22
C ASN IA 271 -132.54 25.55 37.44
N ARG IA 272 -131.40 25.67 38.13
CA ARG IA 272 -130.75 26.96 38.38
C ARG IA 272 -131.69 27.95 39.06
N THR IA 273 -132.50 27.45 39.99
CA THR IA 273 -133.44 28.29 40.70
C THR IA 273 -132.71 29.22 41.67
N ASN IA 274 -133.42 30.29 42.07
CA ASN IA 274 -132.97 31.30 43.02
C ASN IA 274 -131.90 32.20 42.42
N LYS IA 275 -131.40 31.84 41.24
CA LYS IA 275 -130.53 32.69 40.44
C LYS IA 275 -129.24 33.08 41.14
N ASN IA 276 -129.01 32.55 42.35
CA ASN IA 276 -127.90 32.97 43.18
C ASN IA 276 -127.09 31.80 43.74
N THR IA 277 -127.40 30.57 43.37
CA THR IA 277 -126.68 29.41 43.87
C THR IA 277 -126.46 28.41 42.75
N ILE IA 278 -125.39 27.63 42.89
CA ILE IA 278 -125.07 26.56 41.96
C ILE IA 278 -125.06 25.25 42.74
N GLU IA 279 -125.77 24.25 42.21
CA GLU IA 279 -125.92 22.96 42.88
C GLU IA 279 -125.17 21.90 42.09
N LEU IA 280 -124.31 21.14 42.77
CA LEU IA 280 -123.52 20.08 42.16
C LEU IA 280 -123.83 18.76 42.85
N GLU IA 281 -123.98 17.71 42.07
CA GLU IA 281 -124.37 16.40 42.58
C GLU IA 281 -123.32 15.36 42.20
N LEU IA 282 -123.17 14.36 43.07
CA LEU IA 282 -122.31 13.22 42.83
C LEU IA 282 -123.05 11.95 43.18
N SER IA 283 -122.98 10.95 42.31
CA SER IA 283 -123.66 9.68 42.55
C SER IA 283 -122.81 8.77 43.44
N SER IA 284 -123.47 7.76 44.00
CA SER IA 284 -122.77 6.79 44.83
C SER IA 284 -121.81 5.93 44.03
N THR IA 285 -122.00 5.84 42.71
CA THR IA 285 -121.11 5.06 41.87
C THR IA 285 -119.78 5.75 41.63
N ASP IA 286 -119.70 7.06 41.90
CA ASP IA 286 -118.50 7.82 41.60
C ASP IA 286 -117.37 7.48 42.57
N ASP IA 287 -116.15 7.72 42.11
CA ASP IA 287 -114.97 7.44 42.91
C ASP IA 287 -114.94 8.33 44.15
N PRO IA 288 -114.43 7.84 45.28
CA PRO IA 288 -114.28 8.71 46.46
C PRO IA 288 -113.38 9.90 46.16
N ILE IA 289 -113.72 11.03 46.76
CA ILE IA 289 -112.96 12.28 46.56
C ILE IA 289 -111.76 12.28 47.48
N SER IA 290 -110.59 12.53 46.91
CA SER IA 290 -109.32 12.55 47.62
C SER IA 290 -108.56 13.82 47.27
N PRO IA 291 -107.68 14.28 48.15
CA PRO IA 291 -106.87 15.47 47.84
C PRO IA 291 -106.03 15.25 46.60
N PRO IA 292 -105.85 16.28 45.78
CA PRO IA 292 -105.09 16.11 44.53
C PRO IA 292 -103.64 15.79 44.79
N ASP IA 293 -103.06 15.01 43.88
CA ASP IA 293 -101.66 14.63 43.97
C ASP IA 293 -101.12 14.53 42.54
N ASN IA 294 -100.34 15.53 42.14
CA ASN IA 294 -99.79 15.65 40.79
C ASN IA 294 -100.87 15.70 39.72
N LEU IA 295 -102.06 16.18 40.09
CA LEU IA 295 -103.17 16.34 39.14
C LEU IA 295 -102.98 17.64 38.40
N ASP IA 296 -102.59 17.57 37.13
CA ASP IA 296 -102.21 18.71 36.29
C ASP IA 296 -101.39 19.73 37.08
N GLY IA 297 -100.39 19.24 37.80
CA GLY IA 297 -99.45 20.10 38.48
C GLY IA 297 -99.74 20.38 39.93
N MET IA 298 -100.99 20.66 40.27
CA MET IA 298 -101.32 21.07 41.63
C MET IA 298 -101.20 19.89 42.60
N THR IA 299 -100.73 20.20 43.81
CA THR IA 299 -100.64 19.22 44.89
C THR IA 299 -101.13 19.90 46.16
N PHE IA 300 -102.25 19.41 46.70
CA PHE IA 300 -102.86 20.02 47.87
C PHE IA 300 -103.19 18.96 48.90
N ASP IA 301 -103.13 19.35 50.18
CA ASP IA 301 -103.44 18.43 51.27
C ASP IA 301 -104.92 18.11 51.36
N ILE IA 302 -105.77 18.91 50.72
CA ILE IA 302 -107.21 18.70 50.77
C ILE IA 302 -107.80 18.89 49.38
N PRO IA 303 -108.93 18.23 49.09
CA PRO IA 303 -109.49 18.27 47.74
C PRO IA 303 -109.88 19.68 47.31
N VAL IA 304 -109.81 19.90 46.00
CA VAL IA 304 -110.12 21.20 45.41
C VAL IA 304 -111.25 21.03 44.41
N LEU IA 305 -111.97 22.12 44.16
CA LEU IA 305 -113.08 22.16 43.22
C LEU IA 305 -112.76 23.20 42.15
N LYS IA 306 -112.80 22.78 40.89
CA LYS IA 306 -112.55 23.68 39.77
C LYS IA 306 -113.87 23.95 39.07
N LEU IA 307 -114.24 25.23 38.99
CA LEU IA 307 -115.49 25.65 38.38
C LEU IA 307 -115.23 26.87 37.50
N GLY IA 308 -115.79 26.86 36.30
CA GLY IA 308 -115.61 27.96 35.38
C GLY IA 308 -116.48 27.77 34.15
N THR IA 309 -116.49 28.81 33.31
CA THR IA 309 -117.28 28.81 32.09
C THR IA 309 -116.51 29.57 31.02
N THR IA 310 -117.18 29.88 29.91
CA THR IA 310 -116.55 30.57 28.80
C THR IA 310 -117.62 31.30 27.99
N GLN IA 311 -117.15 32.23 27.16
CA GLN IA 311 -117.95 33.03 26.23
C GLN IA 311 -119.29 33.47 26.83
N LYS IA 312 -119.27 33.91 28.08
CA LYS IA 312 -120.50 34.30 28.77
C LYS IA 312 -120.11 35.14 29.98
N PRO IA 313 -121.06 35.85 30.58
CA PRO IA 313 -120.74 36.66 31.77
C PRO IA 313 -120.13 35.82 32.87
N MET IA 314 -119.15 36.41 33.56
CA MET IA 314 -118.35 35.69 34.52
C MET IA 314 -119.14 35.39 35.79
N LEU IA 315 -118.71 34.35 36.50
CA LEU IA 315 -119.31 34.00 37.78
C LEU IA 315 -118.82 34.96 38.87
N PRO IA 316 -119.71 35.40 39.75
CA PRO IA 316 -119.26 36.14 40.93
C PRO IA 316 -118.47 35.24 41.88
N LYS IA 317 -117.72 35.89 42.77
CA LYS IA 317 -116.89 35.15 43.72
C LYS IA 317 -117.76 34.29 44.62
N ILE IA 318 -117.28 33.08 44.89
CA ILE IA 318 -118.01 32.16 45.77
C ILE IA 318 -117.84 32.63 47.22
N THR IA 319 -118.96 32.72 47.93
CA THR IA 319 -118.95 33.21 49.31
C THR IA 319 -119.42 32.20 50.34
N GLY IA 320 -120.15 31.17 49.95
CA GLY IA 320 -120.64 30.18 50.89
C GLY IA 320 -120.72 28.81 50.26
N ILE IA 321 -120.48 27.79 51.08
CA ILE IA 321 -120.50 26.40 50.66
C ILE IA 321 -121.39 25.63 51.63
N GLU IA 322 -122.33 24.85 51.09
CA GLU IA 322 -123.20 24.00 51.89
C GLU IA 322 -123.01 22.56 51.43
N ILE IA 323 -122.91 21.64 52.40
CA ILE IA 323 -122.56 20.24 52.15
C ILE IA 323 -123.73 19.37 52.58
N ASN IA 324 -124.09 18.40 51.74
CA ASN IA 324 -125.16 17.45 52.04
C ASN IA 324 -124.80 16.07 51.54
N ILE IA 325 -124.83 15.08 52.44
CA ILE IA 325 -124.57 13.69 52.10
C ILE IA 325 -125.69 12.84 52.66
N ASN IA 326 -126.08 11.81 51.90
CA ASN IA 326 -127.00 10.80 52.39
C ASN IA 326 -126.42 9.43 52.06
N GLY IA 327 -126.50 8.51 53.01
CA GLY IA 327 -125.91 7.20 52.85
C GLY IA 327 -125.19 6.75 54.10
N ASN IA 328 -125.45 5.53 54.54
CA ASN IA 328 -124.92 5.00 55.80
C ASN IA 328 -123.75 4.05 55.59
N ARG IA 329 -123.21 3.97 54.37
CA ARG IA 329 -122.17 2.99 54.07
C ARG IA 329 -120.84 3.28 54.75
N SER IA 330 -120.67 4.47 55.34
CA SER IA 330 -119.43 4.85 56.01
C SER IA 330 -119.74 5.45 57.38
N VAL IA 331 -120.64 4.80 58.13
CA VAL IA 331 -121.00 5.24 59.47
C VAL IA 331 -120.70 4.08 60.43
N ARG IA 332 -119.91 4.37 61.46
CA ARG IA 332 -119.61 3.38 62.49
C ARG IA 332 -120.77 3.35 63.48
N TYR IA 333 -121.46 2.22 63.56
CA TYR IA 333 -122.63 2.08 64.42
C TYR IA 333 -122.43 0.88 65.34
N ALA IA 334 -122.69 1.08 66.63
CA ALA IA 334 -122.52 0.02 67.61
C ALA IA 334 -123.43 0.29 68.79
N SER IA 335 -124.11 -0.76 69.26
CA SER IA 335 -124.96 -0.67 70.44
C SER IA 335 -124.19 -1.18 71.65
N ASP IA 336 -124.90 -1.33 72.78
CA ASP IA 336 -124.27 -1.86 73.97
C ASP IA 336 -123.86 -3.32 73.79
N GLY IA 337 -124.65 -4.09 73.04
CA GLY IA 337 -124.31 -5.48 72.81
C GLY IA 337 -123.03 -5.66 72.02
N GLY IA 338 -122.79 -4.78 71.04
CA GLY IA 338 -121.59 -4.90 70.24
C GLY IA 338 -121.65 -3.99 69.02
N ILE IA 339 -120.93 -4.37 67.98
CA ILE IA 339 -120.86 -3.63 66.72
C ILE IA 339 -121.70 -4.37 65.71
N GLU IA 340 -122.65 -3.65 65.10
CA GLU IA 340 -123.52 -4.21 64.07
C GLU IA 340 -123.47 -3.32 62.83
N GLN IA 341 -123.65 -3.95 61.68
CA GLN IA 341 -123.67 -3.21 60.41
C GLN IA 341 -125.02 -2.52 60.25
N THR IA 342 -124.98 -1.24 59.88
CA THR IA 342 -126.21 -0.47 59.69
C THR IA 342 -126.99 -0.93 58.46
N ASP IA 343 -126.39 -1.74 57.59
CA ASP IA 343 -127.08 -2.27 56.42
C ASP IA 343 -127.65 -3.66 56.64
N THR IA 344 -127.56 -4.18 57.86
CA THR IA 344 -128.07 -5.50 58.20
C THR IA 344 -129.04 -5.39 59.37
N THR IA 345 -129.69 -6.51 59.68
CA THR IA 345 -130.63 -6.55 60.78
C THR IA 345 -129.92 -6.35 62.11
N SER IA 346 -130.53 -5.56 62.99
CA SER IA 346 -129.93 -5.29 64.29
C SER IA 346 -131.01 -4.86 65.27
N SER IA 347 -130.69 -4.95 66.55
CA SER IA 347 -131.54 -4.46 67.63
C SER IA 347 -130.87 -3.25 68.27
N PRO IA 348 -131.29 -2.03 67.94
CA PRO IA 348 -130.57 -0.84 68.44
C PRO IA 348 -130.54 -0.72 69.95
N PHE IA 349 -131.58 -1.16 70.65
CA PHE IA 349 -131.67 -0.99 72.09
C PHE IA 349 -131.56 -2.31 72.85
N GLY IA 350 -131.05 -3.35 72.19
CA GLY IA 350 -130.89 -4.63 72.84
C GLY IA 350 -132.20 -5.41 72.91
N GLN IA 351 -132.10 -6.61 73.49
CA GLN IA 351 -133.23 -7.50 73.63
C GLN IA 351 -134.03 -7.25 74.90
N SER IA 352 -133.56 -6.37 75.78
CA SER IA 352 -134.28 -6.01 76.99
C SER IA 352 -133.95 -4.56 77.33
N PRO IA 353 -134.48 -3.62 76.55
CA PRO IA 353 -134.12 -2.21 76.74
C PRO IA 353 -134.65 -1.65 78.06
N SER IA 354 -133.94 -0.66 78.58
CA SER IA 354 -134.34 0.09 79.76
C SER IA 354 -133.98 1.55 79.55
N LEU IA 355 -134.34 2.38 80.52
CA LEU IA 355 -134.00 3.80 80.43
C LEU IA 355 -132.49 3.98 80.42
N GLY IA 356 -132.01 4.77 79.46
CA GLY IA 356 -130.58 5.00 79.29
C GLY IA 356 -129.90 4.06 78.31
N SER IA 357 -130.58 3.00 77.87
CA SER IA 357 -129.99 2.11 76.88
C SER IA 357 -130.00 2.75 75.51
N GLY IA 358 -129.03 2.37 74.68
CA GLY IA 358 -128.95 2.92 73.35
C GLY IA 358 -127.70 2.49 72.62
N PHE IA 359 -127.33 3.28 71.62
CA PHE IA 359 -126.22 2.95 70.72
C PHE IA 359 -125.38 4.21 70.49
N ASN IA 360 -124.26 4.04 69.79
CA ASN IA 360 -123.34 5.11 69.50
C ASN IA 360 -123.00 5.13 68.02
N LEU IA 361 -122.75 6.33 67.49
CA LEU IA 361 -122.41 6.51 66.09
C LEU IA 361 -121.27 7.50 65.95
N VAL IA 362 -120.53 7.35 64.84
CA VAL IA 362 -119.46 8.28 64.49
C VAL IA 362 -119.19 8.13 63.01
N ALA IA 363 -118.64 9.19 62.40
CA ALA IA 363 -118.32 9.19 60.99
C ALA IA 363 -117.20 10.18 60.75
N PRO IA 364 -116.24 9.86 59.87
CA PRO IA 364 -115.13 10.80 59.62
C PRO IA 364 -115.58 12.13 59.06
N GLU IA 365 -116.69 12.17 58.33
CA GLU IA 365 -117.16 13.43 57.75
C GLU IA 365 -117.58 14.42 58.83
N TRP IA 366 -118.06 13.93 59.96
CA TRP IA 366 -118.55 14.84 61.00
C TRP IA 366 -117.42 15.56 61.71
N TYR IA 367 -116.24 14.94 61.79
CA TYR IA 367 -115.11 15.57 62.44
C TYR IA 367 -114.63 16.78 61.65
N GLY IA 368 -114.30 17.85 62.36
CA GLY IA 368 -113.87 19.08 61.74
C GLY IA 368 -114.99 20.03 61.34
N THR IA 369 -116.24 19.65 61.56
CA THR IA 369 -117.39 20.49 61.23
C THR IA 369 -117.86 21.24 62.46
N GLU IA 370 -118.90 22.04 62.29
CA GLU IA 370 -119.45 22.84 63.37
C GLU IA 370 -120.89 23.22 63.05
N ASN IA 371 -121.76 23.10 64.05
CA ASN IA 371 -123.18 23.43 63.91
C ASN IA 371 -123.82 22.65 62.75
N ALA IA 372 -123.45 21.37 62.64
CA ALA IA 372 -123.93 20.53 61.57
C ALA IA 372 -125.29 19.92 61.90
N THR IA 373 -125.88 19.23 60.94
CA THR IA 373 -127.18 18.59 61.09
C THR IA 373 -127.06 17.13 60.71
N LEU IA 374 -127.59 16.25 61.57
CA LEU IA 374 -127.56 14.81 61.36
C LEU IA 374 -128.99 14.28 61.36
N THR IA 375 -129.31 13.45 60.38
CA THR IA 375 -130.66 12.89 60.22
C THR IA 375 -130.57 11.38 60.13
N MET IA 376 -131.42 10.69 60.87
CA MET IA 376 -131.45 9.24 60.92
C MET IA 376 -132.86 8.75 60.66
N THR IA 377 -132.99 7.71 59.84
CA THR IA 377 -134.29 7.10 59.54
C THR IA 377 -134.17 5.59 59.72
N PRO IA 378 -134.73 5.02 60.79
CA PRO IA 378 -134.64 3.56 60.98
C PRO IA 378 -135.82 2.83 60.33
N GLN IA 379 -135.48 1.73 59.67
CA GLN IA 379 -136.47 0.89 58.99
C GLN IA 379 -136.97 -0.15 59.98
N TRP IA 380 -138.09 0.13 60.64
CA TRP IA 380 -138.62 -0.76 61.65
C TRP IA 380 -139.19 -2.03 61.03
N VAL IA 381 -139.16 -3.11 61.80
CA VAL IA 381 -139.65 -4.42 61.36
C VAL IA 381 -140.42 -5.04 62.51
N GLY IA 382 -141.51 -5.73 62.18
CA GLY IA 382 -142.33 -6.38 63.19
C GLY IA 382 -143.08 -5.43 64.10
N LEU IA 383 -143.59 -4.33 63.56
CA LEU IA 383 -144.41 -3.42 64.34
C LEU IA 383 -145.82 -3.98 64.49
N PRO IA 384 -146.48 -3.71 65.61
CA PRO IA 384 -147.86 -4.16 65.78
C PRO IA 384 -148.80 -3.50 64.77
N THR IA 385 -149.82 -4.25 64.36
CA THR IA 385 -150.79 -3.75 63.40
C THR IA 385 -151.74 -2.73 64.01
N SER IA 386 -151.73 -2.56 65.33
CA SER IA 386 -152.56 -1.60 66.03
C SER IA 386 -151.70 -0.67 66.86
N SER IA 387 -152.34 0.29 67.52
CA SER IA 387 -151.62 1.26 68.33
C SER IA 387 -150.96 0.57 69.52
N PHE IA 388 -149.85 1.16 69.99
CA PHE IA 388 -149.18 0.62 71.17
C PHE IA 388 -150.09 0.67 72.39
N SER IA 389 -150.98 1.65 72.47
CA SER IA 389 -151.96 1.68 73.55
C SER IA 389 -152.86 0.46 73.50
N THR IA 390 -153.31 0.07 72.30
CA THR IA 390 -154.09 -1.15 72.15
C THR IA 390 -153.25 -2.38 72.45
N TRP IA 391 -152.02 -2.43 71.93
CA TRP IA 391 -151.15 -3.57 72.19
C TRP IA 391 -150.79 -3.69 73.66
N TYR IA 392 -150.43 -2.57 74.29
CA TYR IA 392 -150.11 -2.54 75.72
C TYR IA 392 -151.34 -2.12 76.52
N ASP IA 393 -152.43 -2.88 76.34
CA ASP IA 393 -153.70 -2.48 76.93
C ASP IA 393 -153.71 -2.71 78.44
N LYS IA 394 -153.21 -3.86 78.89
CA LYS IA 394 -153.31 -4.24 80.29
C LYS IA 394 -152.14 -3.76 81.14
N TYR IA 395 -151.11 -3.20 80.54
CA TYR IA 395 -149.96 -2.72 81.31
C TYR IA 395 -150.32 -1.44 82.06
N ASN IA 396 -149.80 -1.32 83.27
CA ASN IA 396 -150.08 -0.18 84.13
C ASN IA 396 -148.81 0.62 84.35
N PRO IA 397 -148.75 1.91 83.95
CA PRO IA 397 -149.81 2.68 83.27
C PRO IA 397 -149.96 2.30 81.80
N LYS IA 398 -151.11 2.59 81.20
CA LYS IA 398 -151.35 2.25 79.81
C LYS IA 398 -150.77 3.34 78.91
N PRO IA 399 -149.88 3.02 77.98
CA PRO IA 399 -149.19 4.04 77.15
C PRO IA 399 -150.01 4.53 75.97
N ALA IA 400 -150.92 5.46 76.25
CA ALA IA 400 -151.71 6.08 75.19
C ALA IA 400 -150.87 7.11 74.44
N SER IA 401 -151.40 7.55 73.29
CA SER IA 401 -150.80 8.61 72.49
C SER IA 401 -149.37 8.24 72.08
N ASN IA 402 -149.30 7.23 71.21
CA ASN IA 402 -148.04 6.70 70.70
C ASN IA 402 -147.05 7.81 70.39
N GLY IA 403 -145.87 7.73 71.00
CA GLY IA 403 -144.89 8.79 70.93
C GLY IA 403 -144.29 9.07 72.29
N VAL IA 404 -144.77 8.35 73.31
CA VAL IA 404 -144.21 8.48 74.64
C VAL IA 404 -142.80 7.92 74.72
N PHE IA 405 -142.41 7.08 73.76
CA PHE IA 405 -141.05 6.58 73.67
C PHE IA 405 -140.18 7.69 73.09
N LYS IA 406 -139.31 8.26 73.92
CA LYS IA 406 -138.50 9.39 73.53
C LYS IA 406 -137.02 9.03 73.61
N VAL IA 407 -136.22 9.76 72.84
CA VAL IA 407 -134.79 9.51 72.76
C VAL IA 407 -134.03 10.81 73.03
N GLN IA 408 -132.78 10.67 73.45
CA GLN IA 408 -131.91 11.81 73.74
C GLN IA 408 -130.58 11.60 73.04
N GLY IA 409 -129.96 12.69 72.61
CA GLY IA 409 -128.68 12.65 71.92
C GLY IA 409 -127.58 13.23 72.80
N TYR IA 410 -126.45 12.54 72.86
CA TYR IA 410 -125.32 12.96 73.67
C TYR IA 410 -124.05 12.92 72.84
N LEU IA 411 -123.16 13.87 73.14
CA LEU IA 411 -121.79 13.87 72.61
C LEU IA 411 -120.88 13.31 73.69
N VAL IA 412 -120.32 12.13 73.46
CA VAL IA 412 -119.57 11.39 74.46
C VAL IA 412 -118.09 11.53 74.15
N THR IA 413 -117.33 12.06 75.11
CA THR IA 413 -115.89 12.12 75.04
C THR IA 413 -115.29 11.49 76.28
N SER IA 414 -113.97 11.31 76.27
CA SER IA 414 -113.29 10.71 77.41
C SER IA 414 -113.40 11.56 78.66
N GLN IA 415 -113.68 12.85 78.53
CA GLN IA 415 -113.73 13.76 79.66
C GLN IA 415 -115.12 13.85 80.27
N LYS IA 416 -116.15 14.02 79.45
CA LYS IA 416 -117.50 14.27 79.94
C LYS IA 416 -118.48 13.97 78.83
N ARG IA 417 -119.77 14.05 79.15
CA ARG IA 417 -120.85 13.91 78.20
C ARG IA 417 -121.59 15.23 78.07
N ASP IA 418 -121.99 15.57 76.85
CA ASP IA 418 -122.72 16.81 76.59
C ASP IA 418 -124.07 16.48 75.97
N VAL IA 419 -125.07 17.28 76.32
CA VAL IA 419 -126.44 17.06 75.88
C VAL IA 419 -126.68 17.82 74.59
N LEU IA 420 -127.20 17.14 73.58
CA LEU IA 420 -127.49 17.74 72.29
C LEU IA 420 -128.95 18.15 72.20
N ASN IA 421 -129.23 19.01 71.21
CA ASN IA 421 -130.59 19.48 70.91
C ASN IA 421 -131.24 20.17 72.10
N ASP IA 422 -130.43 20.79 72.95
CA ASP IA 422 -130.91 21.54 74.11
C ASP IA 422 -131.80 20.67 75.01
N ALA IA 423 -131.36 19.43 75.23
CA ALA IA 423 -131.98 18.48 76.14
C ALA IA 423 -133.39 18.08 75.73
N LYS IA 424 -133.81 18.40 74.51
CA LYS IA 424 -135.13 18.00 74.06
C LYS IA 424 -135.14 16.52 73.70
N SER IA 425 -136.35 15.95 73.66
CA SER IA 425 -136.54 14.55 73.33
C SER IA 425 -137.43 14.43 72.10
N GLN IA 426 -137.16 13.40 71.29
CA GLN IA 426 -137.88 13.18 70.06
C GLN IA 426 -138.62 11.84 70.11
N PRO IA 427 -139.83 11.78 69.55
CA PRO IA 427 -140.59 10.52 69.58
C PRO IA 427 -140.12 9.56 68.48
N LEU IA 428 -139.91 8.30 68.86
CA LEU IA 428 -139.52 7.30 67.88
C LEU IA 428 -140.62 7.04 66.87
N PHE IA 429 -141.87 6.99 67.33
CA PHE IA 429 -143.00 6.65 66.49
C PHE IA 429 -144.05 7.74 66.56
N ASP IA 430 -144.93 7.76 65.56
CA ASP IA 430 -146.02 8.74 65.49
C ASP IA 430 -147.22 8.09 64.82
N GLY IA 431 -148.37 8.72 65.00
CA GLY IA 431 -149.60 8.24 64.42
C GLY IA 431 -150.54 7.64 65.46
N THR IA 432 -151.83 7.82 65.23
CA THR IA 432 -152.83 7.31 66.17
C THR IA 432 -153.15 5.84 65.92
N GLY IA 433 -152.97 5.36 64.69
CA GLY IA 433 -153.18 3.96 64.40
C GLY IA 433 -151.95 3.13 64.72
N ALA IA 434 -151.54 2.27 63.79
CA ALA IA 434 -150.30 1.53 63.98
C ALA IA 434 -149.12 2.49 64.02
N PRO IA 435 -148.09 2.20 64.81
CA PRO IA 435 -146.96 3.13 64.90
C PRO IA 435 -146.27 3.32 63.57
N GLN IA 436 -145.84 4.55 63.31
CA GLN IA 436 -145.15 4.91 62.08
C GLN IA 436 -143.76 5.44 62.42
N GLY IA 437 -142.75 4.86 61.79
CA GLY IA 437 -141.40 5.33 62.02
C GLY IA 437 -141.20 6.74 61.47
N GLN IA 438 -140.39 7.52 62.18
CA GLN IA 438 -140.12 8.90 61.79
C GLN IA 438 -138.64 9.19 61.99
N SER IA 439 -138.15 10.18 61.25
CA SER IA 439 -136.74 10.53 61.30
C SER IA 439 -136.39 11.25 62.59
N LEU IA 440 -135.10 11.29 62.89
CA LEU IA 440 -134.57 11.92 64.09
C LEU IA 440 -133.46 12.88 63.69
N THR IA 441 -133.51 14.09 64.23
CA THR IA 441 -132.59 15.15 63.85
C THR IA 441 -131.82 15.66 65.05
N PHE IA 442 -130.53 15.89 64.88
CA PHE IA 442 -129.66 16.40 65.93
C PHE IA 442 -128.72 17.46 65.37
N ILE IA 443 -128.28 18.36 66.25
CA ILE IA 443 -127.34 19.41 65.90
C ILE IA 443 -126.07 19.20 66.70
N LEU IA 444 -124.92 19.17 66.01
CA LEU IA 444 -123.68 18.87 66.70
C LEU IA 444 -122.90 20.15 66.96
N PRO IA 445 -122.14 20.18 68.06
CA PRO IA 445 -121.28 21.35 68.33
C PRO IA 445 -119.98 21.30 67.53
N ALA IA 446 -119.07 22.22 67.83
CA ALA IA 446 -117.78 22.26 67.14
C ALA IA 446 -116.99 21.00 67.44
N MET IA 447 -116.85 20.12 66.46
CA MET IA 447 -116.24 18.80 66.63
C MET IA 447 -114.89 18.81 65.92
N HIS IA 448 -113.86 19.24 66.64
CA HIS IA 448 -112.50 19.33 66.13
C HIS IA 448 -111.66 18.28 66.86
N TYR IA 449 -111.63 17.06 66.33
CA TYR IA 449 -110.91 15.96 66.92
C TYR IA 449 -110.16 15.20 65.85
N PRO IA 450 -109.04 14.55 66.19
CA PRO IA 450 -108.30 13.78 65.19
C PRO IA 450 -109.06 12.54 64.74
N LEU IA 451 -108.74 12.09 63.53
CA LEU IA 451 -109.39 10.93 62.94
C LEU IA 451 -108.68 9.65 63.37
N THR IA 452 -109.47 8.62 63.67
CA THR IA 452 -108.97 7.29 64.01
C THR IA 452 -109.51 6.29 62.99
N ASP IA 453 -109.19 5.01 63.21
CA ASP IA 453 -109.60 3.95 62.31
C ASP IA 453 -110.30 2.80 63.04
N SER IA 454 -110.52 2.92 64.34
CA SER IA 454 -111.16 1.85 65.09
C SER IA 454 -112.62 1.71 64.64
N PRO IA 455 -113.07 0.50 64.30
CA PRO IA 455 -114.48 0.33 63.89
C PRO IA 455 -115.48 0.72 64.95
N SER IA 456 -115.16 0.48 66.22
CA SER IA 456 -116.10 0.82 67.29
C SER IA 456 -116.09 2.33 67.54
N PRO IA 457 -117.25 2.99 67.49
CA PRO IA 457 -117.28 4.43 67.73
C PRO IA 457 -116.87 4.83 69.14
N ASN IA 458 -116.88 3.89 70.09
CA ASN IA 458 -116.51 4.22 71.46
C ASN IA 458 -115.03 4.63 71.56
N GLU IA 459 -114.15 3.95 70.83
CA GLU IA 459 -112.73 4.27 70.89
C GLU IA 459 -112.41 5.64 70.31
N TRP IA 460 -113.31 6.20 69.48
CA TRP IA 460 -113.06 7.51 68.91
C TRP IA 460 -113.09 8.58 70.00
N PRO IA 461 -112.35 9.67 69.82
CA PRO IA 461 -112.34 10.73 70.84
C PRO IA 461 -113.73 11.31 71.09
N ALA IA 462 -114.57 11.41 70.07
CA ALA IA 462 -115.93 11.90 70.21
C ALA IA 462 -116.88 10.99 69.45
N SER IA 463 -118.08 10.80 70.00
CA SER IA 463 -119.08 9.97 69.38
C SER IA 463 -120.47 10.51 69.72
N VAL IA 464 -121.44 10.10 68.92
CA VAL IA 464 -122.83 10.51 69.08
C VAL IA 464 -123.59 9.34 69.68
N ARG IA 465 -124.16 9.53 70.86
CA ARG IA 465 -124.87 8.49 71.58
C ARG IA 465 -126.36 8.83 71.67
N ILE IA 466 -127.20 7.85 71.33
CA ILE IA 466 -128.65 7.99 71.42
C ILE IA 466 -129.14 7.06 72.53
N GLU IA 467 -130.00 7.59 73.40
CA GLU IA 467 -130.47 6.84 74.56
C GLU IA 467 -131.97 7.02 74.73
N LEU IA 468 -132.62 5.99 75.27
CA LEU IA 468 -134.03 6.09 75.62
C LEU IA 468 -134.21 7.10 76.75
N ALA IA 469 -135.32 7.85 76.70
CA ALA IA 469 -135.47 9.00 77.59
C ALA IA 469 -136.60 8.83 78.61
N GLU IA 470 -137.84 8.61 78.17
CA GLU IA 470 -138.98 8.72 79.06
C GLU IA 470 -139.51 7.36 79.53
N GLN IA 471 -139.94 6.50 78.60
CA GLN IA 471 -140.70 5.32 78.95
C GLN IA 471 -140.15 4.09 78.25
N ASP IA 472 -139.97 3.01 79.01
CA ASP IA 472 -139.53 1.73 78.49
C ASP IA 472 -140.68 1.02 77.77
N PHE IA 473 -140.32 0.00 76.99
CA PHE IA 473 -141.31 -0.83 76.32
C PHE IA 473 -141.98 -1.83 77.25
N MET IA 474 -141.79 -1.67 78.57
CA MET IA 474 -142.42 -2.50 79.59
C MET IA 474 -142.05 -3.98 79.41
N HIS IA 475 -140.75 -4.24 79.47
CA HIS IA 475 -140.26 -5.60 79.58
C HIS IA 475 -140.21 -6.05 81.04
N ALA IA 476 -139.93 -5.13 81.95
CA ALA IA 476 -139.95 -5.45 83.37
C ALA IA 476 -141.36 -5.77 83.85
N GLN IA 477 -142.35 -4.99 83.40
CA GLN IA 477 -143.73 -5.26 83.78
C GLN IA 477 -144.20 -6.61 83.25
N TYR IA 478 -143.84 -6.94 82.01
CA TYR IA 478 -144.24 -8.22 81.44
C TYR IA 478 -143.64 -9.39 82.22
N TRP IA 479 -142.36 -9.25 82.62
CA TRP IA 479 -141.75 -10.30 83.43
C TRP IA 479 -142.30 -10.32 84.85
N GLN IA 480 -142.82 -9.19 85.33
CA GLN IA 480 -143.39 -9.15 86.68
C GLN IA 480 -144.68 -9.96 86.76
N ASN IA 481 -145.59 -9.74 85.80
CA ASN IA 481 -146.90 -10.41 85.77
C ASN IA 481 -147.14 -10.93 84.36
N PRO IA 482 -146.52 -12.04 83.99
CA PRO IA 482 -146.63 -12.56 82.60
C PRO IA 482 -147.92 -13.32 82.34
N THR IA 483 -149.04 -12.61 82.42
CA THR IA 483 -150.34 -13.19 82.10
C THR IA 483 -151.28 -12.09 81.63
N ASP IA 484 -152.16 -12.44 80.69
CA ASP IA 484 -153.13 -11.50 80.12
C ASP IA 484 -152.45 -10.30 79.48
N LYS IA 485 -151.22 -10.47 79.01
CA LYS IA 485 -150.48 -9.41 78.33
C LYS IA 485 -149.84 -9.97 77.07
N ASN IA 486 -149.74 -9.13 76.04
CA ASN IA 486 -149.01 -9.51 74.84
C ASN IA 486 -147.51 -9.42 75.09
N VAL IA 487 -146.75 -10.07 74.21
CA VAL IA 487 -145.29 -9.99 74.31
C VAL IA 487 -144.85 -8.55 74.05
N PRO IA 488 -144.03 -7.96 74.92
CA PRO IA 488 -143.61 -6.58 74.69
C PRO IA 488 -142.78 -6.45 73.43
N TYR IA 489 -142.92 -5.31 72.76
CA TYR IA 489 -142.25 -5.09 71.49
C TYR IA 489 -140.76 -4.83 71.71
N THR IA 490 -139.92 -5.64 71.05
CA THR IA 490 -138.48 -5.43 71.09
C THR IA 490 -138.07 -4.69 69.83
N PRO IA 491 -137.51 -3.49 69.94
CA PRO IA 491 -137.14 -2.71 68.74
C PRO IA 491 -136.13 -3.46 67.89
N GLN IA 492 -136.52 -3.74 66.65
CA GLN IA 492 -135.66 -4.41 65.67
C GLN IA 492 -135.57 -3.54 64.42
N ILE IA 493 -134.36 -3.47 63.85
CA ILE IA 493 -134.09 -2.60 62.71
C ILE IA 493 -133.44 -3.43 61.62
N SER IA 494 -133.97 -3.33 60.41
CA SER IA 494 -133.35 -3.96 59.25
C SER IA 494 -132.30 -3.09 58.60
N ALA IA 495 -132.53 -1.78 58.56
CA ALA IA 495 -131.56 -0.84 58.01
C ALA IA 495 -131.78 0.52 58.65
N LEU IA 496 -130.75 1.36 58.60
CA LEU IA 496 -130.79 2.69 59.19
C LEU IA 496 -130.19 3.67 58.19
N GLN IA 497 -131.04 4.54 57.64
CA GLN IA 497 -130.59 5.54 56.68
C GLN IA 497 -130.03 6.74 57.41
N ILE IA 498 -128.90 7.25 56.91
CA ILE IA 498 -128.18 8.35 57.55
C ILE IA 498 -128.01 9.47 56.51
N GLN IA 499 -128.34 10.69 56.91
CA GLN IA 499 -128.13 11.88 56.09
C GLN IA 499 -127.40 12.93 56.91
N PHE IA 500 -126.46 13.62 56.28
CA PHE IA 500 -125.63 14.61 56.96
C PHE IA 500 -125.64 15.91 56.19
N SER IA 501 -125.59 17.03 56.91
CA SER IA 501 -125.58 18.35 56.31
C SER IA 501 -124.78 19.31 57.18
N THR IA 502 -124.10 20.24 56.52
CA THR IA 502 -123.30 21.24 57.22
C THR IA 502 -123.09 22.44 56.30
N THR IA 503 -122.69 23.55 56.91
CA THR IA 503 -122.40 24.79 56.19
C THR IA 503 -120.98 25.22 56.49
N ALA IA 504 -120.26 25.65 55.45
CA ALA IA 504 -118.85 26.00 55.58
C ALA IA 504 -118.69 27.37 56.20
N LYS IA 505 -117.86 27.45 57.24
CA LYS IA 505 -117.49 28.74 57.80
C LYS IA 505 -116.53 29.46 56.85
N PRO IA 506 -116.44 30.79 56.95
CA PRO IA 506 -115.57 31.52 56.01
C PRO IA 506 -114.11 31.14 56.11
N GLU IA 507 -113.66 30.56 57.22
CA GLU IA 507 -112.26 30.18 57.38
C GLU IA 507 -111.97 28.76 56.93
N GLN IA 508 -112.96 28.03 56.42
CA GLN IA 508 -112.79 26.65 56.02
C GLN IA 508 -112.61 26.47 54.51
N PHE IA 509 -112.61 27.55 53.74
CA PHE IA 509 -112.48 27.43 52.29
C PHE IA 509 -111.76 28.64 51.73
N THR IA 510 -111.10 28.44 50.59
CA THR IA 510 -110.38 29.49 49.90
C THR IA 510 -110.75 29.48 48.43
N VAL IA 511 -110.73 30.67 47.82
CA VAL IA 511 -111.13 30.85 46.42
C VAL IA 511 -109.98 31.52 45.68
N TYR IA 512 -109.65 31.00 44.50
CA TYR IA 512 -108.60 31.54 43.66
C TYR IA 512 -109.16 31.85 42.27
N PRO IA 513 -108.93 33.04 41.73
CA PRO IA 513 -109.34 33.32 40.36
C PRO IA 513 -108.55 32.50 39.36
N LEU IA 514 -109.17 32.23 38.21
CA LEU IA 514 -108.59 31.35 37.21
C LEU IA 514 -107.90 32.16 36.12
N THR IA 515 -106.77 31.65 35.66
CA THR IA 515 -105.99 32.19 34.56
C THR IA 515 -105.71 31.07 33.57
N PRO IA 516 -105.39 31.41 32.31
CA PRO IA 516 -105.32 30.38 31.27
C PRO IA 516 -104.38 29.22 31.57
N PHE IA 517 -103.41 29.38 32.48
CA PHE IA 517 -102.51 28.29 32.80
C PHE IA 517 -102.25 28.17 34.29
N GLY IA 518 -103.21 28.59 35.11
CA GLY IA 518 -103.04 28.49 36.55
C GLY IA 518 -104.08 29.33 37.27
N TRP IA 519 -103.72 29.74 38.48
CA TRP IA 519 -104.62 30.56 39.31
C TRP IA 519 -103.83 31.66 40.00
N ALA IA 520 -104.42 32.84 40.09
CA ALA IA 520 -103.82 33.94 40.82
C ALA IA 520 -104.11 33.80 42.31
N ASN IA 521 -103.46 34.66 43.10
CA ASN IA 521 -103.66 34.62 44.54
C ASN IA 521 -105.03 35.18 44.90
N THR IA 522 -105.42 34.96 46.16
CA THR IA 522 -106.71 35.42 46.65
C THR IA 522 -106.76 36.95 46.68
N ASN IA 523 -107.95 37.49 46.45
CA ASN IA 523 -108.20 38.94 46.45
C ASN IA 523 -107.35 39.65 45.40
N GLU IA 524 -107.05 38.98 44.30
CA GLU IA 524 -106.28 39.57 43.21
C GLU IA 524 -107.07 39.42 41.92
N ASP IA 525 -107.16 40.51 41.16
CA ASP IA 525 -107.83 40.47 39.87
C ASP IA 525 -106.93 39.81 38.85
N PRO IA 526 -107.38 38.75 38.16
CA PRO IA 526 -106.53 38.10 37.18
C PRO IA 526 -106.23 39.03 36.02
N PRO IA 527 -105.08 38.88 35.37
CA PRO IA 527 -104.74 39.75 34.24
C PRO IA 527 -105.77 39.62 33.11
N SER IA 528 -106.08 40.74 32.48
CA SER IA 528 -107.06 40.78 31.41
C SER IA 528 -106.43 40.41 30.08
N PHE IA 529 -107.22 39.76 29.23
CA PHE IA 529 -106.78 39.36 27.91
C PHE IA 529 -107.12 40.46 26.91
N THR IA 530 -106.10 41.10 26.34
CA THR IA 530 -106.30 42.15 25.35
C THR IA 530 -105.49 41.85 24.10
N ASN IA 531 -104.37 41.15 24.27
CA ASN IA 531 -103.49 40.79 23.17
C ASN IA 531 -103.12 39.32 23.27
N ASP IA 532 -102.68 38.76 22.15
CA ASP IA 532 -102.18 37.40 22.14
C ASP IA 532 -100.88 37.31 22.92
N ALA IA 533 -100.69 36.19 23.62
CA ALA IA 533 -99.54 36.02 24.49
C ALA IA 533 -98.83 34.71 24.17
N LEU IA 534 -97.50 34.73 24.24
CA LEU IA 534 -96.66 33.56 24.04
C LEU IA 534 -95.75 33.40 25.24
N TYR IA 535 -95.60 32.17 25.72
CA TYR IA 535 -94.89 31.88 26.95
C TYR IA 535 -93.66 31.02 26.69
N LEU IA 536 -92.63 31.22 27.50
CA LEU IA 536 -91.41 30.42 27.46
C LEU IA 536 -91.02 30.03 28.88
N GLY IA 537 -90.55 28.79 29.04
CA GLY IA 537 -90.21 28.27 30.35
C GLY IA 537 -88.81 27.69 30.39
N PHE IA 538 -88.12 27.93 31.49
CA PHE IA 538 -86.75 27.48 31.69
C PHE IA 538 -86.64 26.83 33.06
N THR IA 539 -85.95 25.69 33.14
CA THR IA 539 -85.94 24.89 34.36
C THR IA 539 -84.75 25.19 35.26
N ASN IA 540 -83.53 24.94 34.77
CA ASN IA 540 -82.35 24.89 35.61
C ASN IA 540 -81.57 26.20 35.62
N VAL IA 541 -82.24 27.33 35.45
CA VAL IA 541 -81.60 28.62 35.46
C VAL IA 541 -81.78 29.25 36.85
N LEU IA 542 -80.94 30.22 37.17
CA LEU IA 542 -81.03 30.95 38.43
C LEU IA 542 -81.19 32.43 38.14
N PRO IA 543 -81.87 33.17 39.02
CA PRO IA 543 -81.98 34.62 38.84
C PRO IA 543 -80.61 35.28 38.84
N GLY IA 544 -80.46 36.28 37.97
CA GLY IA 544 -79.18 36.93 37.77
C GLY IA 544 -78.33 36.34 36.68
N GLN IA 545 -78.72 35.21 36.12
CA GLN IA 545 -78.01 34.60 34.99
C GLN IA 545 -78.52 35.17 33.68
N THR IA 546 -77.84 34.84 32.60
CA THR IA 546 -78.16 35.35 31.28
C THR IA 546 -78.84 34.28 30.44
N LEU IA 547 -79.99 34.63 29.86
CA LEU IA 547 -80.70 33.73 28.96
C LEU IA 547 -80.29 34.06 27.53
N SER IA 548 -79.58 33.15 26.89
CA SER IA 548 -79.12 33.33 25.52
C SER IA 548 -79.82 32.31 24.63
N LEU IA 549 -80.55 32.82 23.63
CA LEU IA 549 -81.33 31.98 22.73
C LEU IA 549 -81.06 32.36 21.28
N TYR IA 550 -81.30 31.40 20.39
CA TYR IA 550 -81.27 31.62 18.95
C TYR IA 550 -82.59 31.18 18.36
N TRP IA 551 -83.19 32.04 17.55
CA TRP IA 551 -84.47 31.76 16.89
C TRP IA 551 -84.21 31.46 15.43
N GLN IA 552 -84.87 30.42 14.92
CA GLN IA 552 -84.89 30.13 13.49
C GLN IA 552 -86.31 30.33 12.99
N LEU IA 553 -86.54 31.42 12.27
CA LEU IA 553 -87.87 31.81 11.82
C LEU IA 553 -87.84 32.09 10.33
N GLU IA 554 -89.03 32.30 9.77
CA GLU IA 554 -89.21 32.83 8.42
C GLU IA 554 -90.28 33.91 8.55
N GLY IA 555 -89.85 35.12 8.88
CA GLY IA 555 -90.79 36.19 9.16
C GLY IA 555 -91.28 36.90 7.92
N PHE IA 556 -92.38 37.64 8.10
CA PHE IA 556 -92.97 38.41 7.01
C PHE IA 556 -93.23 39.84 7.47
N LYS IA 557 -93.41 40.04 8.77
CA LYS IA 557 -93.66 41.35 9.33
C LYS IA 557 -93.00 41.45 10.70
N ALA IA 558 -92.77 42.69 11.13
CA ALA IA 558 -92.19 42.96 12.45
C ALA IA 558 -93.33 43.16 13.44
N LEU IA 559 -93.47 42.23 14.37
CA LEU IA 559 -94.55 42.29 15.34
C LEU IA 559 -94.28 43.35 16.40
N ASN IA 560 -95.34 43.71 17.13
CA ASN IA 560 -95.23 44.61 18.28
C ASN IA 560 -95.23 43.74 19.53
N LEU IA 561 -94.06 43.58 20.14
CA LEU IA 561 -93.87 42.67 21.26
C LEU IA 561 -93.56 43.44 22.53
N SER IA 562 -94.13 42.97 23.64
CA SER IA 562 -93.79 43.46 24.97
C SER IA 562 -93.45 42.25 25.83
N TRP IA 563 -92.30 42.29 26.49
CA TRP IA 563 -91.79 41.14 27.22
C TRP IA 563 -91.99 41.31 28.71
N PHE IA 564 -92.43 40.23 29.36
CA PHE IA 564 -92.67 40.23 30.80
C PHE IA 564 -92.07 38.97 31.40
N TYR IA 565 -91.75 39.04 32.69
CA TYR IA 565 -91.24 37.91 33.45
C TYR IA 565 -92.06 37.74 34.71
N LEU IA 566 -92.19 36.49 35.16
CA LEU IA 566 -92.96 36.17 36.34
C LEU IA 566 -92.12 36.43 37.59
N ASN IA 567 -92.57 37.34 38.43
CA ASN IA 567 -91.85 37.74 39.63
C ASN IA 567 -92.43 37.03 40.86
N GLN IA 568 -91.81 37.28 42.01
CA GLN IA 568 -92.26 36.66 43.25
C GLN IA 568 -93.63 37.19 43.69
N SER IA 569 -94.02 38.37 43.23
CA SER IA 569 -95.31 38.95 43.58
C SER IA 569 -96.45 38.42 42.72
N ASN IA 570 -96.24 37.32 42.00
CA ASN IA 570 -97.28 36.69 41.18
C ASN IA 570 -97.84 37.67 40.15
N THR IA 571 -96.96 38.43 39.52
CA THR IA 571 -97.34 39.39 38.49
C THR IA 571 -96.39 39.26 37.31
N TRP IA 572 -96.56 40.15 36.33
CA TRP IA 572 -95.74 40.16 35.13
C TRP IA 572 -94.94 41.46 35.10
N GLY IA 573 -93.71 41.41 35.61
CA GLY IA 573 -92.85 42.57 35.56
C GLY IA 573 -92.31 42.80 34.16
N SER IA 574 -92.18 44.08 33.80
CA SER IA 574 -91.72 44.43 32.47
C SER IA 574 -90.27 44.00 32.26
N LEU IA 575 -89.97 43.55 31.05
CA LEU IA 575 -88.64 43.05 30.71
C LEU IA 575 -88.01 43.74 29.50
N ASP IA 576 -88.71 44.69 28.87
CA ASP IA 576 -88.22 45.28 27.63
C ASP IA 576 -86.90 46.02 27.80
N GLN IA 577 -86.57 46.44 29.02
CA GLN IA 577 -85.34 47.18 29.24
C GLN IA 577 -84.11 46.29 29.20
N LEU IA 578 -84.28 44.96 29.29
CA LEU IA 578 -83.16 44.04 29.37
C LEU IA 578 -83.08 43.10 28.16
N VAL IA 579 -83.86 43.34 27.12
CA VAL IA 579 -83.92 42.47 25.95
C VAL IA 579 -82.95 42.98 24.90
N ASP IA 580 -82.07 42.10 24.41
CA ASP IA 580 -81.17 42.39 23.31
C ASP IA 580 -81.66 41.57 22.12
N ASP IA 581 -82.60 42.12 21.37
CA ASP IA 581 -83.26 41.41 20.28
C ASP IA 581 -82.49 41.62 18.98
N GLN IA 582 -81.95 40.53 18.43
CA GLN IA 582 -81.32 40.57 17.13
C GLN IA 582 -82.21 39.99 16.03
N THR IA 583 -83.42 39.56 16.37
CA THR IA 583 -84.37 39.04 15.39
C THR IA 583 -85.29 40.11 14.83
N HIS IA 584 -85.13 41.37 15.28
CA HIS IA 584 -85.95 42.49 14.83
C HIS IA 584 -87.44 42.21 15.03
N ASN IA 585 -87.80 41.97 16.29
CA ASN IA 585 -89.18 41.69 16.68
C ASN IA 585 -89.73 40.48 15.93
N LEU IA 586 -88.96 39.39 15.96
CA LEU IA 586 -89.35 38.13 15.32
C LEU IA 586 -89.64 38.30 13.84
N PHE IA 587 -88.72 38.98 13.14
CA PHE IA 587 -88.82 39.16 11.70
C PHE IA 587 -87.87 38.27 10.92
N ASP IA 588 -86.73 37.89 11.49
CA ASP IA 588 -85.78 37.01 10.84
C ASP IA 588 -84.96 36.30 11.90
N GLN IA 589 -84.29 35.22 11.50
CA GLN IA 589 -83.53 34.41 12.43
C GLN IA 589 -82.38 35.21 13.03
N GLY IA 590 -82.12 34.98 14.30
CA GLY IA 590 -81.06 35.70 14.98
C GLY IA 590 -80.95 35.27 16.42
N THR IA 591 -80.12 35.99 17.17
CA THR IA 591 -79.90 35.73 18.59
C THR IA 591 -80.87 36.54 19.44
N TRP IA 592 -80.96 36.16 20.71
CA TRP IA 592 -81.91 36.77 21.63
C TRP IA 592 -81.40 36.54 23.04
N ARG IA 593 -80.99 37.62 23.72
CA ARG IA 593 -80.33 37.52 25.02
C ARG IA 593 -81.02 38.44 26.03
N THR IA 594 -81.14 37.95 27.26
CA THR IA 594 -81.72 38.70 28.35
C THR IA 594 -81.00 38.36 29.65
N LEU IA 595 -81.14 39.24 30.64
CA LEU IA 595 -80.67 39.01 31.98
C LEU IA 595 -81.87 38.72 32.87
N LEU IA 596 -81.86 37.59 33.55
CA LEU IA 596 -82.98 37.21 34.40
C LEU IA 596 -82.99 38.08 35.65
N PRO IA 597 -84.09 38.78 35.93
CA PRO IA 597 -84.13 39.65 37.12
C PRO IA 597 -83.98 38.86 38.41
N GLN IA 598 -83.45 39.52 39.43
CA GLN IA 598 -83.18 38.86 40.71
C GLN IA 598 -84.45 38.38 41.40
N ASP IA 599 -85.61 38.95 41.07
CA ASP IA 599 -86.86 38.62 41.74
C ASP IA 599 -87.71 37.65 40.94
N ALA IA 600 -87.14 36.98 39.95
CA ALA IA 600 -87.87 35.97 39.21
C ALA IA 600 -88.24 34.80 40.12
N SER IA 601 -89.42 34.24 39.90
CA SER IA 601 -89.94 33.18 40.76
C SER IA 601 -90.27 31.94 39.94
N ASN IA 602 -89.94 30.77 40.49
CA ASN IA 602 -90.34 29.49 39.94
C ASN IA 602 -91.37 28.80 40.82
N GLN IA 603 -91.93 29.50 41.81
CA GLN IA 603 -92.95 28.95 42.69
C GLN IA 603 -94.29 29.64 42.56
N ALA IA 604 -94.41 30.62 41.66
CA ALA IA 604 -95.66 31.35 41.52
C ALA IA 604 -96.76 30.44 40.97
N THR IA 605 -98.00 30.72 41.37
CA THR IA 605 -99.14 29.90 41.00
C THR IA 605 -99.81 30.36 39.72
N LEU IA 606 -99.33 31.42 39.08
CA LEU IA 606 -99.94 31.88 37.83
C LEU IA 606 -99.82 30.83 36.75
N MET IA 607 -98.67 30.19 36.65
CA MET IA 607 -98.39 29.17 35.64
C MET IA 607 -97.58 28.06 36.30
N PRO IA 608 -97.48 26.89 35.67
CA PRO IA 608 -96.91 25.72 36.37
C PRO IA 608 -95.56 26.00 37.00
N THR IA 609 -95.38 25.49 38.21
CA THR IA 609 -94.22 25.77 39.03
C THR IA 609 -93.01 24.95 38.58
N GLY IA 610 -91.85 25.27 39.17
CA GLY IA 610 -90.62 24.59 38.86
C GLY IA 610 -89.87 25.17 37.67
N ARG IA 611 -90.46 26.12 36.96
CA ARG IA 611 -89.84 26.73 35.78
C ARG IA 611 -90.05 28.23 35.84
N TYR IA 612 -88.98 28.97 35.55
CA TYR IA 612 -89.11 30.42 35.35
C TYR IA 612 -89.79 30.68 34.01
N TRP IA 613 -90.62 31.71 33.97
CA TRP IA 613 -91.47 31.96 32.81
C TRP IA 613 -91.24 33.35 32.26
N LEU IA 614 -91.22 33.46 30.93
CA LEU IA 614 -91.25 34.72 30.23
C LEU IA 614 -92.51 34.78 29.37
N LYS IA 615 -93.08 35.98 29.26
CA LYS IA 615 -94.32 36.17 28.52
C LYS IA 615 -94.16 37.32 27.54
N ALA IA 616 -94.55 37.09 26.30
CA ALA IA 616 -94.50 38.10 25.25
C ALA IA 616 -95.92 38.44 24.81
N GLU IA 617 -96.27 39.72 24.86
CA GLU IA 617 -97.57 40.19 24.45
C GLU IA 617 -97.46 40.80 23.05
N ILE IA 618 -98.26 40.29 22.12
CA ILE IA 618 -98.19 40.67 20.72
C ILE IA 618 -99.52 41.29 20.31
N THR IA 619 -99.46 42.49 19.72
CA THR IA 619 -100.65 43.10 19.15
C THR IA 619 -101.20 42.21 18.05
N HIS IA 620 -102.51 41.97 18.09
CA HIS IA 620 -103.13 41.02 17.18
C HIS IA 620 -102.97 41.46 15.73
N GLN IA 621 -102.60 40.51 14.87
CA GLN IA 621 -102.43 40.75 13.45
C GLN IA 621 -103.64 40.19 12.71
N ALA IA 622 -104.18 40.99 11.78
CA ALA IA 622 -105.40 40.58 11.08
C ALA IA 622 -105.17 39.32 10.25
N GLU IA 623 -104.04 39.24 9.56
CA GLU IA 623 -103.76 38.10 8.70
C GLU IA 623 -103.00 37.03 9.50
N SER IA 624 -103.52 35.80 9.46
CA SER IA 624 -102.90 34.71 10.19
C SER IA 624 -101.59 34.25 9.56
N GLN IA 625 -101.34 34.57 8.30
CA GLN IA 625 -100.12 34.17 7.63
C GLN IA 625 -98.98 35.16 7.85
N ASP IA 626 -99.24 36.30 8.48
CA ASP IA 626 -98.17 37.26 8.75
C ASP IA 626 -97.27 36.82 9.90
N TYR IA 627 -97.77 35.94 10.77
CA TYR IA 627 -96.97 35.47 11.88
C TYR IA 627 -95.82 34.60 11.41
N PRO IA 628 -94.68 34.63 12.10
CA PRO IA 628 -93.53 33.84 11.66
C PRO IA 628 -93.75 32.35 11.87
N LYS IA 629 -92.94 31.57 11.16
CA LYS IA 629 -92.99 30.11 11.22
C LYS IA 629 -91.77 29.63 12.01
N ILE IA 630 -91.95 29.52 13.33
CA ILE IA 630 -90.87 29.05 14.20
C ILE IA 630 -90.65 27.56 13.95
N LYS IA 631 -89.39 27.17 13.78
CA LYS IA 631 -89.04 25.76 13.59
C LYS IA 631 -88.02 25.27 14.61
N GLY IA 632 -87.74 26.06 15.64
CA GLY IA 632 -86.82 25.62 16.68
C GLY IA 632 -86.18 26.76 17.45
N ILE IA 633 -85.97 26.57 18.74
CA ILE IA 633 -85.32 27.54 19.60
C ILE IA 633 -84.17 26.85 20.31
N LEU IA 634 -83.00 27.49 20.30
CA LEU IA 634 -81.77 26.91 20.85
C LEU IA 634 -81.37 27.67 22.10
N TYR IA 635 -81.08 26.93 23.17
CA TYR IA 635 -80.63 27.52 24.43
C TYR IA 635 -79.11 27.52 24.50
N ASN IA 636 -78.58 28.50 25.24
CA ASN IA 636 -77.13 28.68 25.38
C ASN IA 636 -76.46 28.79 24.02
N ALA IA 637 -77.09 29.54 23.12
CA ALA IA 637 -76.72 29.56 21.72
C ALA IA 637 -75.67 30.60 21.42
N ALA IA 638 -74.82 30.30 20.44
CA ALA IA 638 -73.81 31.21 19.94
C ALA IA 638 -73.69 31.01 18.43
N THR IA 639 -73.07 32.00 17.77
CA THR IA 639 -72.93 32.00 16.32
C THR IA 639 -71.46 31.88 15.97
N ALA IA 640 -71.15 30.98 15.03
CA ALA IA 640 -69.78 30.74 14.58
C ALA IA 640 -69.70 30.87 13.07
N THR IA 641 -68.51 31.26 12.60
CA THR IA 641 -68.28 31.50 11.18
C THR IA 641 -67.05 30.74 10.72
N LEU IA 642 -67.09 30.25 9.49
CA LEU IA 642 -65.98 29.48 8.94
C LEU IA 642 -64.75 30.34 8.75
N ILE IA 643 -63.58 29.71 8.89
CA ILE IA 643 -62.30 30.37 8.66
C ILE IA 643 -61.54 29.61 7.59
N ASN IA 644 -60.60 30.30 6.95
CA ASN IA 644 -59.81 29.74 5.85
C ASN IA 644 -60.72 29.21 4.74
N ALA IA 645 -61.67 30.03 4.31
CA ALA IA 645 -62.64 29.62 3.31
C ALA IA 645 -61.98 29.37 1.95
N GLU IA 646 -60.88 30.05 1.67
CA GLU IA 646 -60.22 29.90 0.37
C GLU IA 646 -59.56 28.53 0.22
N LEU IA 647 -59.42 27.75 1.28
CA LEU IA 647 -58.81 26.44 1.22
C LEU IA 647 -59.83 25.31 1.25
N VAL IA 648 -61.11 25.62 1.08
CA VAL IA 648 -62.17 24.63 1.18
C VAL IA 648 -62.72 24.33 -0.21
N GLU IA 649 -63.15 23.08 -0.38
CA GLU IA 649 -63.74 22.66 -1.65
C GLU IA 649 -65.08 23.35 -1.87
N THR IA 650 -65.46 23.45 -3.16
CA THR IA 650 -66.65 24.22 -3.52
C THR IA 650 -67.94 23.55 -3.07
N ASP IA 651 -68.00 22.22 -3.09
CA ASP IA 651 -69.24 21.52 -2.78
C ASP IA 651 -69.68 21.77 -1.33
N HIS IA 652 -68.74 22.10 -0.45
CA HIS IA 652 -69.11 22.44 0.92
C HIS IA 652 -70.00 23.67 0.97
N PHE IA 653 -69.68 24.68 0.15
CA PHE IA 653 -70.52 25.88 0.10
C PHE IA 653 -71.84 25.62 -0.62
N ILE IA 654 -71.83 24.73 -1.61
CA ILE IA 654 -73.03 24.50 -2.41
C ILE IA 654 -74.11 23.82 -1.57
N ASN IA 655 -73.74 22.78 -0.84
CA ASN IA 655 -74.71 22.02 -0.05
C ASN IA 655 -74.87 22.56 1.36
N GLY IA 656 -73.84 23.16 1.92
CA GLY IA 656 -73.87 23.61 3.29
C GLY IA 656 -73.47 22.51 4.27
N LEU IA 657 -73.19 22.92 5.49
CA LEU IA 657 -72.74 21.99 6.51
C LEU IA 657 -73.93 21.17 7.02
N PRO IA 658 -73.86 19.84 6.97
CA PRO IA 658 -74.98 19.03 7.47
C PRO IA 658 -75.15 19.19 8.98
N ALA IA 659 -76.38 18.93 9.42
CA ALA IA 659 -76.72 19.07 10.82
C ALA IA 659 -75.95 18.08 11.68
N ASP IA 660 -75.73 18.46 12.95
CA ASP IA 660 -75.00 17.64 13.91
C ASP IA 660 -73.60 17.30 13.40
N SER IA 661 -72.87 18.33 12.96
CA SER IA 661 -71.49 18.14 12.54
C SER IA 661 -70.51 18.56 13.63
N ILE IA 662 -70.72 19.73 14.22
CA ILE IA 662 -69.89 20.18 15.34
C ILE IA 662 -70.38 19.52 16.62
N THR IA 663 -69.48 18.87 17.33
CA THR IA 663 -69.83 18.22 18.59
C THR IA 663 -68.91 18.68 19.71
N GLN IA 664 -67.64 18.89 19.41
CA GLN IA 664 -66.65 19.31 20.39
C GLN IA 664 -65.80 20.44 19.81
N PRO IA 665 -65.27 21.31 20.66
CA PRO IA 665 -64.38 22.36 20.16
C PRO IA 665 -63.05 21.80 19.68
N VAL IA 666 -62.34 22.62 18.92
CA VAL IA 666 -61.01 22.23 18.42
C VAL IA 666 -60.06 21.99 19.59
N ASN IA 667 -60.04 22.91 20.55
CA ASN IA 667 -59.23 22.79 21.74
C ASN IA 667 -60.08 22.19 22.86
N ALA IA 668 -59.52 21.18 23.53
CA ALA IA 668 -60.27 20.49 24.58
C ALA IA 668 -60.51 21.41 25.77
N LEU IA 669 -61.77 21.51 26.19
CA LEU IA 669 -62.15 22.27 27.37
C LEU IA 669 -62.97 21.37 28.28
N VAL IA 670 -62.54 21.27 29.54
CA VAL IA 670 -63.16 20.32 30.46
C VAL IA 670 -64.59 20.73 30.78
N ALA IA 671 -64.83 22.03 30.95
CA ALA IA 671 -66.14 22.51 31.38
C ALA IA 671 -67.22 22.36 30.33
N ILE IA 672 -66.87 22.01 29.10
CA ILE IA 672 -67.81 21.99 27.98
C ILE IA 672 -68.20 20.54 27.71
N ASP IA 673 -69.50 20.26 27.72
CA ASP IA 673 -70.05 18.97 27.33
C ASP IA 673 -70.39 19.02 25.84
N SER IA 674 -71.19 18.07 25.36
CA SER IA 674 -71.53 18.00 23.95
C SER IA 674 -72.14 19.31 23.46
N ILE IA 675 -71.97 19.57 22.16
CA ILE IA 675 -72.45 20.78 21.51
C ILE IA 675 -73.55 20.40 20.54
N ASN IA 676 -74.68 21.09 20.62
CA ASN IA 676 -75.84 20.78 19.80
C ASN IA 676 -75.91 21.73 18.60
N GLN IA 677 -75.99 21.15 17.41
CA GLN IA 677 -76.10 21.91 16.16
C GLN IA 677 -77.30 21.36 15.40
N PRO IA 678 -78.51 21.76 15.77
CA PRO IA 678 -79.71 21.15 15.19
C PRO IA 678 -79.85 21.36 13.69
N TRP IA 679 -79.36 22.48 13.15
CA TRP IA 679 -79.67 22.88 11.79
C TRP IA 679 -78.41 23.05 10.96
N VAL IA 680 -78.62 23.24 9.66
CA VAL IA 680 -77.52 23.38 8.70
C VAL IA 680 -76.99 24.80 8.70
N SER IA 681 -75.84 25.01 8.06
CA SER IA 681 -75.25 26.33 7.95
C SER IA 681 -75.99 27.16 6.89
N TRP IA 682 -75.60 28.43 6.79
CA TRP IA 682 -76.27 29.35 5.90
C TRP IA 682 -75.30 30.47 5.51
N ASN IA 683 -75.73 31.29 4.56
CA ASN IA 683 -74.98 32.47 4.10
C ASN IA 683 -73.63 32.06 3.52
N GLY IA 684 -73.59 30.91 2.88
CA GLY IA 684 -72.38 30.42 2.23
C GLY IA 684 -72.50 30.50 0.71
N ARG IA 685 -71.38 30.74 0.06
CA ARG IA 685 -71.36 30.85 -1.40
C ARG IA 685 -69.98 30.50 -1.94
N PRO IA 686 -69.89 29.55 -2.86
CA PRO IA 686 -68.57 29.19 -3.42
C PRO IA 686 -68.04 30.28 -4.33
N GLU IA 687 -66.72 30.21 -4.55
CA GLU IA 687 -66.08 31.17 -5.44
C GLU IA 687 -66.56 30.97 -6.87
N GLU IA 688 -66.56 32.06 -7.63
CA GLU IA 688 -67.09 32.04 -8.99
C GLU IA 688 -66.23 31.19 -9.90
N THR IA 689 -66.87 30.31 -10.67
CA THR IA 689 -66.17 29.56 -11.70
C THR IA 689 -65.96 30.44 -12.93
N GLU IA 690 -65.07 29.99 -13.82
CA GLU IA 690 -64.76 30.78 -15.01
C GLU IA 690 -65.98 30.94 -15.91
N GLN IA 691 -66.76 29.88 -16.09
CA GLN IA 691 -67.96 29.97 -16.91
C GLN IA 691 -68.97 30.92 -16.31
N ALA IA 692 -69.15 30.86 -14.99
CA ALA IA 692 -70.07 31.79 -14.33
C ALA IA 692 -69.57 33.23 -14.42
N PHE IA 693 -68.25 33.42 -14.31
CA PHE IA 693 -67.70 34.77 -14.37
C PHE IA 693 -67.96 35.41 -15.72
N LEU IA 694 -67.76 34.66 -16.81
CA LEU IA 694 -68.01 35.20 -18.14
C LEU IA 694 -69.48 35.51 -18.34
N THR IA 695 -70.37 34.65 -17.83
CA THR IA 695 -71.80 34.88 -17.97
C THR IA 695 -72.22 36.15 -17.22
N ARG IA 696 -71.73 36.34 -16.01
CA ARG IA 696 -72.11 37.51 -15.22
C ARG IA 696 -71.62 38.80 -15.87
N VAL IA 697 -70.39 38.79 -16.38
CA VAL IA 697 -69.84 40.00 -17.00
C VAL IA 697 -70.60 40.33 -18.28
N SER IA 698 -70.95 39.32 -19.07
CA SER IA 698 -71.69 39.55 -20.30
C SER IA 698 -73.06 40.16 -20.00
N ALA IA 699 -73.74 39.68 -18.96
CA ALA IA 699 -75.02 40.26 -18.57
C ALA IA 699 -74.85 41.69 -18.08
N ARG IA 700 -73.79 41.96 -17.31
CA ARG IA 700 -73.59 43.29 -16.76
C ARG IA 700 -73.38 44.32 -17.87
N LEU IA 701 -72.60 43.97 -18.89
CA LEU IA 701 -72.37 44.89 -19.99
C LEU IA 701 -73.63 45.13 -20.81
N SER IA 702 -74.58 44.19 -20.77
CA SER IA 702 -75.78 44.32 -21.59
C SER IA 702 -76.77 45.31 -20.97
N HIS IA 703 -76.98 45.22 -19.66
CA HIS IA 703 -78.01 46.03 -19.01
C HIS IA 703 -77.45 47.14 -18.13
N ARG IA 704 -76.15 47.13 -17.82
CA ARG IA 704 -75.49 48.21 -17.10
C ARG IA 704 -76.15 48.49 -15.75
N ASN IA 705 -76.68 47.44 -15.11
CA ASN IA 705 -77.29 47.54 -13.78
C ASN IA 705 -78.46 48.50 -13.75
N ARG IA 706 -79.19 48.63 -14.86
CA ARG IA 706 -80.34 49.49 -14.95
C ARG IA 706 -81.47 48.78 -15.68
N VAL IA 707 -82.69 49.21 -15.40
CA VAL IA 707 -83.89 48.60 -15.96
C VAL IA 707 -84.46 49.53 -17.02
N LEU IA 708 -84.45 49.09 -18.26
CA LEU IA 708 -85.16 49.78 -19.32
C LEU IA 708 -86.09 48.86 -20.10
N SER IA 709 -85.65 47.65 -20.40
CA SER IA 709 -86.42 46.70 -21.21
C SER IA 709 -86.91 45.56 -20.33
N TRP IA 710 -87.80 44.74 -20.89
CA TRP IA 710 -88.35 43.62 -20.15
C TRP IA 710 -87.28 42.60 -19.80
N ASP IA 711 -86.34 42.35 -20.72
CA ASP IA 711 -85.27 41.40 -20.45
C ASP IA 711 -84.40 41.87 -19.29
N ASN IA 712 -84.23 43.19 -19.16
CA ASN IA 712 -83.46 43.72 -18.03
C ASN IA 712 -84.13 43.39 -16.70
N ILE IA 713 -85.46 43.52 -16.64
CA ILE IA 713 -86.18 43.22 -15.41
C ILE IA 713 -86.06 41.74 -15.07
N VAL IA 714 -86.23 40.88 -16.06
CA VAL IA 714 -86.14 39.43 -15.83
C VAL IA 714 -84.73 39.04 -15.41
N THR IA 715 -83.73 39.60 -16.10
CA THR IA 715 -82.33 39.25 -15.81
C THR IA 715 -81.93 39.71 -14.41
N LEU IA 716 -82.24 40.96 -14.07
CA LEU IA 716 -81.80 41.51 -12.80
C LEU IA 716 -82.54 40.91 -11.63
N LEU IA 717 -83.84 40.64 -11.79
CA LEU IA 717 -84.63 40.06 -10.71
C LEU IA 717 -84.16 38.65 -10.39
N LYS IA 718 -83.90 37.83 -11.42
CA LYS IA 718 -83.47 36.46 -11.17
C LYS IA 718 -82.08 36.41 -10.56
N GLU IA 719 -81.22 37.37 -10.90
CA GLU IA 719 -79.89 37.43 -10.28
C GLU IA 719 -80.00 37.74 -8.80
N GLN IA 720 -80.85 38.70 -8.43
CA GLN IA 720 -80.89 39.16 -7.05
C GLN IA 720 -81.60 38.16 -6.14
N PHE IA 721 -82.71 37.60 -6.60
CA PHE IA 721 -83.56 36.76 -5.76
C PHE IA 721 -83.47 35.31 -6.21
N VAL IA 722 -83.15 34.42 -5.25
CA VAL IA 722 -83.01 33.00 -5.54
C VAL IA 722 -84.33 32.25 -5.47
N SER IA 723 -85.40 32.89 -5.01
CA SER IA 723 -86.70 32.24 -4.88
C SER IA 723 -87.51 32.26 -6.17
N LEU IA 724 -86.97 32.84 -7.24
CA LEU IA 724 -87.69 32.96 -8.50
C LEU IA 724 -87.29 31.84 -9.44
N PHE IA 725 -88.29 31.19 -10.04
CA PHE IA 725 -88.04 30.22 -11.10
C PHE IA 725 -88.11 30.85 -12.48
N ASP IA 726 -89.10 31.70 -12.71
CA ASP IA 726 -89.22 32.42 -13.98
C ASP IA 726 -90.09 33.65 -13.77
N VAL IA 727 -89.89 34.64 -14.64
CA VAL IA 727 -90.64 35.89 -14.62
C VAL IA 727 -91.23 36.11 -16.00
N LYS IA 728 -92.52 36.40 -16.05
CA LYS IA 728 -93.23 36.60 -17.31
C LYS IA 728 -93.63 38.06 -17.45
N TYR IA 729 -93.61 38.54 -18.70
CA TYR IA 729 -94.00 39.89 -19.04
C TYR IA 729 -95.03 39.85 -20.15
N PRO IA 730 -95.82 40.93 -20.34
CA PRO IA 730 -96.90 40.91 -21.34
C PRO IA 730 -96.45 40.50 -22.74
N SER IA 731 -97.39 39.96 -23.52
CA SER IA 731 -97.08 39.48 -24.86
C SER IA 731 -96.86 40.65 -25.81
N ALA IA 732 -96.50 40.31 -27.05
CA ALA IA 732 -96.24 41.31 -28.08
C ALA IA 732 -97.50 42.01 -28.57
N SER IA 733 -98.68 41.49 -28.21
CA SER IA 733 -99.94 42.10 -28.63
C SER IA 733 -100.30 43.33 -27.83
N GLU IA 734 -99.57 43.64 -26.76
CA GLU IA 734 -99.89 44.78 -25.91
C GLU IA 734 -98.96 45.97 -26.09
N LEU IA 735 -97.80 45.77 -26.74
CA LEU IA 735 -96.94 46.91 -27.05
C LEU IA 735 -97.55 47.81 -28.11
N THR IA 736 -98.56 47.34 -28.83
CA THR IA 736 -99.27 48.15 -29.82
C THR IA 736 -100.49 48.84 -29.24
N LYS IA 737 -100.79 48.65 -27.95
CA LYS IA 737 -101.94 49.29 -27.34
C LYS IA 737 -101.78 50.80 -27.34
N ILE IA 738 -102.80 51.51 -27.79
CA ILE IA 738 -102.75 52.96 -27.98
C ILE IA 738 -102.91 53.71 -26.66
N PRO IA 739 -103.88 53.37 -25.79
CA PRO IA 739 -104.01 54.12 -24.53
C PRO IA 739 -102.82 53.97 -23.59
N ALA IA 740 -101.77 53.24 -23.99
CA ALA IA 740 -100.59 53.01 -23.17
C ALA IA 740 -100.95 52.23 -21.92
N GLN IA 741 -100.02 52.11 -20.98
CA GLN IA 741 -100.26 51.35 -19.75
C GLN IA 741 -99.64 52.09 -18.58
N LYS IA 742 -100.46 52.40 -17.58
CA LYS IA 742 -99.96 53.07 -16.38
C LYS IA 742 -98.97 52.18 -15.63
N GLU IA 743 -99.28 50.89 -15.51
CA GLU IA 743 -98.48 49.97 -14.72
C GLU IA 743 -97.89 48.88 -15.60
N GLN IA 744 -96.70 48.41 -15.25
CA GLN IA 744 -96.06 47.30 -15.93
C GLN IA 744 -96.26 46.07 -15.06
N GLN IA 745 -97.03 45.10 -15.56
CA GLN IA 745 -97.43 43.94 -14.78
C GLN IA 745 -96.60 42.73 -15.17
N LEU IA 746 -95.98 42.11 -14.16
CA LEU IA 746 -95.18 40.91 -14.35
C LEU IA 746 -95.82 39.75 -13.61
N ILE IA 747 -95.48 38.53 -14.02
CA ILE IA 747 -95.93 37.32 -13.37
C ILE IA 747 -94.70 36.56 -12.90
N ALA IA 748 -94.62 36.30 -11.60
CA ALA IA 748 -93.47 35.63 -11.00
C ALA IA 748 -93.88 34.23 -10.59
N ILE IA 749 -93.31 33.23 -11.27
CA ILE IA 749 -93.50 31.83 -10.90
C ILE IA 749 -92.37 31.45 -9.95
N PRO IA 750 -92.65 31.22 -8.68
CA PRO IA 750 -91.59 30.91 -7.72
C PRO IA 750 -91.24 29.43 -7.71
N ASP IA 751 -90.02 29.16 -7.24
CA ASP IA 751 -89.59 27.78 -7.04
C ASP IA 751 -90.42 27.15 -5.93
N SER IA 752 -90.82 25.89 -6.14
CA SER IA 752 -91.67 25.22 -5.17
C SER IA 752 -90.99 25.05 -3.81
N ARG IA 753 -89.67 25.08 -3.77
CA ARG IA 753 -88.97 24.96 -2.49
C ARG IA 753 -89.20 26.17 -1.61
N TYR IA 754 -89.42 27.34 -2.20
CA TYR IA 754 -89.60 28.58 -1.45
C TYR IA 754 -91.05 29.03 -1.39
N LYS IA 755 -91.99 28.14 -1.72
CA LYS IA 755 -93.40 28.52 -1.72
C LYS IA 755 -93.89 28.81 -0.31
N ASP IA 756 -94.88 29.70 -0.22
CA ASP IA 756 -95.49 30.07 1.05
C ASP IA 756 -96.76 29.30 1.34
N ASN IA 757 -97.13 28.37 0.46
CA ASN IA 757 -98.36 27.60 0.65
C ASN IA 757 -98.07 26.10 0.61
N ASP IA 758 -99.12 25.29 0.58
CA ASP IA 758 -98.97 23.84 0.67
C ASP IA 758 -98.84 23.16 -0.68
N ASP IA 759 -99.52 23.66 -1.71
CA ASP IA 759 -99.55 23.01 -3.01
C ASP IA 759 -98.21 23.24 -3.74
N ALA IA 760 -97.54 22.14 -4.10
CA ALA IA 760 -96.29 22.26 -4.83
C ALA IA 760 -96.49 22.60 -6.30
N LEU IA 761 -97.63 22.21 -6.87
CA LEU IA 761 -97.90 22.50 -8.28
C LEU IA 761 -98.27 23.95 -8.51
N ARG IA 762 -98.78 24.64 -7.49
CA ARG IA 762 -99.23 26.03 -7.60
C ARG IA 762 -98.57 26.86 -6.50
N PRO IA 763 -97.27 27.08 -6.60
CA PRO IA 763 -96.58 27.86 -5.56
C PRO IA 763 -97.08 29.29 -5.52
N ILE IA 764 -97.15 29.84 -4.31
CA ILE IA 764 -97.59 31.21 -4.08
C ILE IA 764 -96.61 31.87 -3.11
N LEU IA 765 -96.17 33.07 -3.43
CA LEU IA 765 -95.25 33.82 -2.58
C LEU IA 765 -96.03 34.75 -1.67
N ASN IA 766 -95.50 34.97 -0.47
CA ASN IA 766 -96.12 35.88 0.47
C ASN IA 766 -96.10 37.29 -0.08
N PRO IA 767 -97.16 38.07 0.13
CA PRO IA 767 -97.17 39.45 -0.40
C PRO IA 767 -96.04 40.31 0.15
N ALA IA 768 -95.53 40.01 1.34
CA ALA IA 768 -94.39 40.74 1.87
C ALA IA 768 -93.16 40.53 0.99
N ARG IA 769 -92.95 39.29 0.52
CA ARG IA 769 -91.82 39.02 -0.36
C ARG IA 769 -91.95 39.78 -1.68
N LEU IA 770 -93.14 39.80 -2.27
CA LEU IA 770 -93.33 40.48 -3.54
C LEU IA 770 -93.09 41.97 -3.42
N ALA IA 771 -93.47 42.56 -2.28
CA ALA IA 771 -93.24 43.99 -2.07
C ALA IA 771 -91.76 44.32 -2.03
N GLU IA 772 -90.95 43.42 -1.46
CA GLU IA 772 -89.51 43.64 -1.39
C GLU IA 772 -88.89 43.67 -2.79
N MET IA 773 -89.33 42.77 -3.66
CA MET IA 773 -88.82 42.77 -5.03
C MET IA 773 -89.21 44.05 -5.76
N VAL IA 774 -90.44 44.52 -5.57
CA VAL IA 774 -90.89 45.74 -6.23
C VAL IA 774 -90.06 46.93 -5.76
N ASP IA 775 -89.82 47.02 -4.45
CA ASP IA 775 -89.01 48.11 -3.92
C ASP IA 775 -87.59 48.06 -4.45
N TRP IA 776 -87.01 46.86 -4.52
CA TRP IA 776 -85.65 46.73 -5.02
C TRP IA 776 -85.56 47.05 -6.49
N ILE IA 777 -86.49 46.55 -7.30
CA ILE IA 777 -86.42 46.75 -8.74
C ILE IA 777 -86.72 48.20 -9.11
N SER IA 778 -87.57 48.88 -8.35
CA SER IA 778 -87.91 50.27 -8.66
C SER IA 778 -86.74 51.21 -8.47
N GLN IA 779 -85.75 50.82 -7.66
CA GLN IA 779 -84.59 51.67 -7.41
C GLN IA 779 -83.68 51.80 -8.63
N LEU IA 780 -83.83 50.92 -9.63
CA LEU IA 780 -83.00 50.96 -10.82
C LEU IA 780 -83.79 51.28 -12.07
N SER IA 781 -84.96 51.89 -11.93
CA SER IA 781 -85.83 52.20 -13.05
C SER IA 781 -86.05 53.71 -13.14
N SER IA 782 -86.60 54.13 -14.27
CA SER IA 782 -86.97 55.52 -14.43
C SER IA 782 -88.09 55.87 -13.45
N PRO IA 783 -88.11 57.09 -12.93
CA PRO IA 783 -89.14 57.47 -11.95
C PRO IA 783 -90.55 57.43 -12.52
N TRP IA 784 -90.72 57.46 -13.83
CA TRP IA 784 -92.03 57.45 -14.46
C TRP IA 784 -92.53 56.05 -14.78
N THR IA 785 -92.02 55.03 -14.10
CA THR IA 785 -92.45 53.66 -14.30
C THR IA 785 -92.94 53.08 -12.98
N THR IA 786 -93.96 52.23 -13.06
CA THR IA 786 -94.52 51.56 -11.89
C THR IA 786 -94.62 50.07 -12.22
N LEU IA 787 -93.62 49.31 -11.81
CA LEU IA 787 -93.59 47.87 -12.04
C LEU IA 787 -94.34 47.16 -10.91
N LYS IA 788 -95.17 46.20 -11.27
CA LYS IA 788 -95.93 45.41 -10.32
C LYS IA 788 -95.65 43.93 -10.55
N ILE IA 789 -95.33 43.21 -9.48
CA ILE IA 789 -95.08 41.78 -9.53
C ILE IA 789 -96.20 41.08 -8.78
N ASN IA 790 -96.83 40.09 -9.42
CA ASN IA 790 -98.01 39.44 -8.90
C ASN IA 790 -97.90 37.94 -9.05
N ASN IA 791 -98.61 37.22 -8.18
CA ASN IA 791 -98.65 35.78 -8.26
C ASN IA 791 -99.40 35.33 -9.51
N PRO IA 792 -99.00 34.22 -10.11
CA PRO IA 792 -99.66 33.74 -11.32
C PRO IA 792 -101.08 33.25 -11.03
N THR IA 793 -101.90 33.29 -12.08
CA THR IA 793 -103.26 32.75 -12.04
C THR IA 793 -103.23 31.41 -12.75
N TYR IA 794 -103.20 30.33 -11.98
CA TYR IA 794 -103.07 29.00 -12.56
C TYR IA 794 -104.38 28.56 -13.20
N VAL IA 795 -104.28 27.99 -14.40
CA VAL IA 795 -105.44 27.51 -15.15
C VAL IA 795 -105.22 26.04 -15.47
N ASP IA 796 -106.17 25.20 -15.07
CA ASP IA 796 -106.09 23.78 -15.36
C ASP IA 796 -106.35 23.52 -16.84
N VAL IA 797 -105.58 22.60 -17.42
CA VAL IA 797 -105.74 22.18 -18.81
C VAL IA 797 -105.97 20.68 -18.79
N LEU IA 798 -107.21 20.25 -18.97
CA LEU IA 798 -107.52 18.83 -18.93
C LEU IA 798 -106.92 18.14 -20.15
N ILE IA 799 -106.19 17.05 -19.90
CA ILE IA 799 -105.55 16.27 -20.95
C ILE IA 799 -106.06 14.84 -20.87
N SER IA 800 -106.49 14.30 -22.00
CA SER IA 800 -106.97 12.93 -22.08
C SER IA 800 -106.46 12.30 -23.36
N TYR IA 801 -105.91 11.09 -23.26
CA TYR IA 801 -105.37 10.39 -24.40
C TYR IA 801 -105.80 8.94 -24.37
N GLN IA 802 -105.99 8.36 -25.56
CA GLN IA 802 -106.20 6.93 -25.73
C GLN IA 802 -104.88 6.30 -26.16
N LEU IA 803 -104.49 5.23 -25.48
CA LEU IA 803 -103.12 4.75 -25.56
C LEU IA 803 -103.08 3.26 -25.83
N VAL IA 804 -101.97 2.84 -26.45
CA VAL IA 804 -101.62 1.43 -26.60
C VAL IA 804 -100.26 1.25 -25.97
N PHE IA 805 -100.20 0.42 -24.92
CA PHE IA 805 -98.96 0.25 -24.17
C PHE IA 805 -98.16 -0.93 -24.71
N VAL IA 806 -96.88 -0.96 -24.34
CA VAL IA 806 -96.01 -2.07 -24.71
C VAL IA 806 -96.53 -3.34 -24.05
N THR IA 807 -96.50 -4.44 -24.79
CA THR IA 807 -97.06 -5.70 -24.31
C THR IA 807 -96.38 -6.13 -23.01
N GLY IA 808 -97.19 -6.59 -22.06
CA GLY IA 808 -96.71 -7.03 -20.77
C GLY IA 808 -96.77 -5.99 -19.67
N ILE IA 809 -97.19 -4.77 -19.99
CA ILE IA 809 -97.24 -3.68 -19.02
C ILE IA 809 -98.70 -3.40 -18.68
N ASN IA 810 -99.01 -3.40 -17.39
CA ASN IA 810 -100.38 -3.12 -16.95
C ASN IA 810 -100.76 -1.68 -17.30
N PRO IA 811 -101.93 -1.46 -17.91
CA PRO IA 811 -102.27 -0.09 -18.33
C PRO IA 811 -102.34 0.92 -17.20
N ASP IA 812 -102.82 0.51 -16.02
CA ASP IA 812 -102.91 1.45 -14.90
C ASP IA 812 -101.53 1.89 -14.45
N TYR IA 813 -100.57 0.96 -14.38
CA TYR IA 813 -99.21 1.33 -14.04
C TYR IA 813 -98.60 2.23 -15.11
N GLY IA 814 -98.85 1.93 -16.38
CA GLY IA 814 -98.32 2.75 -17.44
C GLY IA 814 -98.87 4.17 -17.42
N ARG IA 815 -100.17 4.31 -17.15
CA ARG IA 815 -100.77 5.64 -17.08
C ARG IA 815 -100.22 6.43 -15.89
N HIS IA 816 -100.01 5.76 -14.75
CA HIS IA 816 -99.49 6.44 -13.58
C HIS IA 816 -98.09 6.98 -13.83
N GLN IA 817 -97.23 6.17 -14.46
CA GLN IA 817 -95.87 6.62 -14.75
C GLN IA 817 -95.86 7.74 -15.78
N LEU IA 818 -96.79 7.69 -16.75
CA LEU IA 818 -96.85 8.75 -17.76
C LEU IA 818 -97.24 10.08 -17.13
N GLN IA 819 -98.12 10.06 -16.12
CA GLN IA 819 -98.49 11.30 -15.45
C GLN IA 819 -97.28 11.94 -14.78
N GLN IA 820 -96.45 11.14 -14.13
CA GLN IA 820 -95.26 11.67 -13.47
C GLN IA 820 -94.28 12.25 -14.48
N GLU IA 821 -94.10 11.57 -15.61
CA GLU IA 821 -93.17 12.07 -16.63
C GLU IA 821 -93.65 13.38 -17.23
N LEU IA 822 -94.95 13.47 -17.53
CA LEU IA 822 -95.47 14.69 -18.14
C LEU IA 822 -95.50 15.84 -17.14
N SER IA 823 -95.82 15.55 -15.87
CA SER IA 823 -95.80 16.58 -14.85
C SER IA 823 -94.40 17.15 -14.69
N ARG IA 824 -93.38 16.29 -14.73
CA ARG IA 824 -92.00 16.77 -14.66
C ARG IA 824 -91.65 17.65 -15.85
N LYS IA 825 -92.11 17.29 -17.04
CA LYS IA 825 -91.75 18.03 -18.23
C LYS IA 825 -92.45 19.39 -18.28
N TYR IA 826 -93.76 19.40 -18.04
CA TYR IA 826 -94.56 20.61 -18.25
C TYR IA 826 -94.82 21.41 -16.98
N MET IA 827 -94.34 20.94 -15.84
CA MET IA 827 -94.41 21.70 -14.58
C MET IA 827 -93.03 21.65 -13.93
N PRO IA 828 -92.04 22.28 -14.55
CA PRO IA 828 -90.65 22.14 -14.04
C PRO IA 828 -90.44 22.67 -12.64
N TRP IA 829 -91.19 23.70 -12.23
CA TRP IA 829 -91.02 24.29 -10.91
C TRP IA 829 -91.39 23.32 -9.79
N ALA IA 830 -92.21 22.30 -10.08
CA ALA IA 830 -92.67 21.40 -9.03
C ALA IA 830 -91.56 20.49 -8.55
N GLU IA 831 -90.76 19.94 -9.47
CA GLU IA 831 -89.74 18.95 -9.11
C GLU IA 831 -88.40 19.66 -8.94
N ASP IA 832 -88.27 20.35 -7.81
CA ASP IA 832 -87.03 20.99 -7.33
C ASP IA 832 -86.34 21.84 -8.41
N SER IA 833 -87.08 22.27 -9.43
CA SER IA 833 -86.63 23.26 -10.41
C SER IA 833 -85.22 22.96 -10.92
N ALA IA 834 -85.08 21.82 -11.59
CA ALA IA 834 -83.79 21.36 -12.08
C ALA IA 834 -83.68 21.38 -13.60
N ILE IA 835 -84.77 21.62 -14.32
CA ILE IA 835 -84.78 21.58 -15.78
C ILE IA 835 -85.37 22.89 -16.30
N GLY IA 836 -84.68 23.51 -17.26
CA GLY IA 836 -85.18 24.71 -17.88
C GLY IA 836 -86.20 24.43 -18.97
N VAL IA 837 -87.46 24.73 -18.70
CA VAL IA 837 -88.57 24.45 -19.61
C VAL IA 837 -89.38 25.73 -19.75
N THR IA 838 -90.14 25.81 -20.85
CA THR IA 838 -90.98 26.98 -21.12
C THR IA 838 -91.80 27.37 -19.89
N THR IA 839 -92.00 28.66 -19.71
CA THR IA 839 -92.63 29.20 -18.51
C THR IA 839 -94.15 29.12 -18.58
N GLY IA 840 -94.68 27.95 -18.89
CA GLY IA 840 -96.12 27.75 -18.95
C GLY IA 840 -96.83 28.67 -19.92
N ASN IA 841 -96.25 28.89 -21.09
CA ASN IA 841 -96.82 29.82 -22.07
C ASN IA 841 -97.78 29.11 -23.02
N ARG IA 842 -97.30 28.09 -23.72
CA ARG IA 842 -98.11 27.38 -24.71
C ARG IA 842 -97.92 25.89 -24.56
N ILE IA 843 -98.90 25.14 -25.03
CA ILE IA 843 -98.86 23.68 -25.08
C ILE IA 843 -99.19 23.29 -26.51
N ASP IA 844 -98.16 22.93 -27.28
CA ASP IA 844 -98.36 22.57 -28.67
C ASP IA 844 -98.81 21.11 -28.79
N TYR IA 845 -99.71 20.85 -29.74
CA TYR IA 845 -100.34 19.55 -29.83
C TYR IA 845 -99.34 18.45 -30.20
N TYR IA 846 -98.58 18.66 -31.27
CA TYR IA 846 -97.73 17.61 -31.80
C TYR IA 846 -96.44 17.42 -31.01
N PRO IA 847 -95.75 18.50 -30.58
CA PRO IA 847 -94.62 18.29 -29.67
C PRO IA 847 -95.02 17.55 -28.39
N LEU IA 848 -96.22 17.82 -27.87
CA LEU IA 848 -96.71 17.04 -26.73
C LEU IA 848 -96.95 15.59 -27.11
N LEU IA 849 -97.49 15.36 -28.31
CA LEU IA 849 -97.69 13.98 -28.76
C LEU IA 849 -96.37 13.23 -28.90
N ALA IA 850 -95.34 13.91 -29.43
CA ALA IA 850 -94.02 13.30 -29.52
C ALA IA 850 -93.46 13.00 -28.14
N THR IA 851 -93.69 13.90 -27.18
CA THR IA 851 -93.20 13.68 -25.82
C THR IA 851 -93.83 12.45 -25.20
N ILE IA 852 -95.13 12.24 -25.42
CA ILE IA 852 -95.80 11.09 -24.85
C ILE IA 852 -95.25 9.79 -25.44
N GLN IA 853 -95.04 9.77 -26.75
CA GLN IA 853 -94.60 8.55 -27.42
C GLN IA 853 -93.13 8.24 -27.17
N GLN IA 854 -92.38 9.16 -26.57
CA GLN IA 854 -90.98 8.89 -26.25
C GLN IA 854 -90.81 8.03 -25.01
N SER IA 855 -91.86 7.87 -24.21
CA SER IA 855 -91.76 7.03 -23.02
C SER IA 855 -91.53 5.58 -23.42
N PRO IA 856 -90.64 4.87 -22.71
CA PRO IA 856 -90.38 3.47 -23.08
C PRO IA 856 -91.58 2.56 -22.91
N LEU IA 857 -92.57 2.95 -22.10
CA LEU IA 857 -93.75 2.14 -21.87
C LEU IA 857 -94.85 2.37 -22.89
N VAL IA 858 -94.71 3.35 -23.77
CA VAL IA 858 -95.76 3.73 -24.71
C VAL IA 858 -95.42 3.19 -26.08
N GLU IA 859 -96.37 2.49 -26.69
CA GLU IA 859 -96.19 1.92 -28.02
C GLU IA 859 -96.70 2.86 -29.12
N ARG IA 860 -97.90 3.40 -28.95
CA ARG IA 860 -98.50 4.27 -29.95
C ARG IA 860 -99.65 5.03 -29.32
N VAL IA 861 -99.76 6.32 -29.67
CA VAL IA 861 -100.86 7.15 -29.22
C VAL IA 861 -101.94 7.14 -30.30
N THR IA 862 -103.16 6.74 -29.93
CA THR IA 862 -104.24 6.66 -30.90
C THR IA 862 -105.15 7.87 -30.88
N ASN IA 863 -105.20 8.59 -29.76
CA ASN IA 863 -106.06 9.76 -29.65
C ASN IA 863 -105.51 10.68 -28.57
N LEU IA 864 -105.64 11.99 -28.80
CA LEU IA 864 -105.18 13.00 -27.85
C LEU IA 864 -106.13 14.19 -27.90
N THR IA 865 -106.44 14.73 -26.72
CA THR IA 865 -107.36 15.85 -26.63
C THR IA 865 -106.95 16.76 -25.48
N LEU IA 866 -106.95 18.07 -25.72
CA LEU IA 866 -106.65 19.07 -24.72
C LEU IA 866 -107.84 19.99 -24.55
N LYS IA 867 -108.27 20.18 -23.31
CA LYS IA 867 -109.41 21.04 -23.01
C LYS IA 867 -109.06 21.99 -21.88
N LYS IA 868 -109.28 23.28 -22.08
CA LYS IA 868 -108.99 24.26 -21.06
C LYS IA 868 -110.07 24.20 -19.96
N SER IA 869 -109.90 25.07 -18.96
CA SER IA 869 -110.79 25.03 -17.80
C SER IA 869 -112.23 25.35 -18.18
N SER IA 870 -112.43 26.37 -19.01
CA SER IA 870 -113.77 26.81 -19.39
C SER IA 870 -114.10 26.57 -20.85
N GLN IA 871 -113.13 26.72 -21.75
CA GLN IA 871 -113.39 26.58 -23.17
C GLN IA 871 -113.67 25.14 -23.55
N THR IA 872 -114.29 24.96 -24.71
CA THR IA 872 -114.60 23.63 -25.21
C THR IA 872 -113.31 22.91 -25.63
N ALA IA 873 -113.40 21.58 -25.71
CA ALA IA 873 -112.27 20.77 -26.11
C ALA IA 873 -111.86 21.08 -27.54
N GLY IA 874 -110.55 21.22 -27.76
CA GLY IA 874 -110.07 21.52 -29.09
C GLY IA 874 -110.06 20.31 -30.00
N ALA IA 875 -109.88 20.57 -31.29
CA ALA IA 875 -109.84 19.52 -32.29
C ALA IA 875 -108.42 18.96 -32.38
N VAL IA 876 -108.19 18.09 -33.37
CA VAL IA 876 -106.86 17.50 -33.54
C VAL IA 876 -105.91 18.56 -34.07
N GLY IA 877 -104.77 18.72 -33.40
CA GLY IA 877 -103.78 19.69 -33.81
C GLY IA 877 -103.98 21.09 -33.27
N ASP IA 878 -104.87 21.27 -32.30
CA ASP IA 878 -105.15 22.58 -31.72
C ASP IA 878 -104.29 22.76 -30.48
N SER IA 879 -103.48 23.82 -30.47
CA SER IA 879 -102.66 24.14 -29.31
C SER IA 879 -103.49 24.90 -28.28
N VAL IA 880 -102.89 25.17 -27.12
CA VAL IA 880 -103.55 25.89 -26.03
C VAL IA 880 -102.71 27.11 -25.68
N GLU IA 881 -103.35 28.28 -25.69
CA GLU IA 881 -102.70 29.52 -25.32
C GLU IA 881 -102.96 29.86 -23.86
N ALA IA 882 -102.34 30.93 -23.40
CA ALA IA 882 -102.53 31.42 -22.04
C ALA IA 882 -102.49 32.94 -22.05
N ALA IA 883 -103.26 33.54 -21.16
CA ALA IA 883 -103.23 34.99 -21.01
C ALA IA 883 -101.91 35.43 -20.38
N ASP IA 884 -101.68 36.74 -20.40
CA ASP IA 884 -100.42 37.28 -19.88
C ASP IA 884 -100.26 37.05 -18.39
N ASN IA 885 -101.34 36.72 -17.67
CA ASN IA 885 -101.29 36.48 -16.24
C ASN IA 885 -101.62 35.04 -15.89
N GLU IA 886 -101.56 34.13 -16.85
CA GLU IA 886 -101.97 32.74 -16.65
C GLU IA 886 -100.78 31.81 -16.80
N VAL IA 887 -100.82 30.70 -16.06
CA VAL IA 887 -99.84 29.62 -16.16
C VAL IA 887 -100.62 28.32 -16.28
N LEU IA 888 -100.40 27.59 -17.37
CA LEU IA 888 -101.15 26.37 -17.63
C LEU IA 888 -100.60 25.21 -16.81
N ILE IA 889 -101.50 24.38 -16.29
CA ILE IA 889 -101.15 23.22 -15.49
C ILE IA 889 -101.93 22.03 -15.99
N LEU IA 890 -101.23 20.95 -16.31
CA LEU IA 890 -101.88 19.73 -16.75
C LEU IA 890 -102.62 19.06 -15.60
N VAL IA 891 -103.84 18.60 -15.88
CA VAL IA 891 -104.64 17.87 -14.92
C VAL IA 891 -105.20 16.62 -15.60
N TRP IA 892 -105.53 15.63 -14.78
CA TRP IA 892 -106.02 14.36 -15.30
C TRP IA 892 -107.37 14.00 -14.69
N ALA JA 4 -40.91 -37.39 -24.61
CA ALA JA 4 -39.74 -36.54 -24.78
C ALA JA 4 -40.11 -35.07 -24.62
N GLU JA 5 -39.12 -34.20 -24.79
CA GLU JA 5 -39.38 -32.76 -24.68
C GLU JA 5 -40.15 -32.23 -25.88
N LEU JA 6 -39.96 -32.84 -27.05
CA LEU JA 6 -40.68 -32.38 -28.24
C LEU JA 6 -42.19 -32.59 -28.08
N ASP JA 7 -42.59 -33.72 -27.51
CA ASP JA 7 -44.02 -33.98 -27.33
C ASP JA 7 -44.66 -33.00 -26.36
N ASN JA 8 -43.93 -32.63 -25.30
CA ASN JA 8 -44.49 -31.71 -24.31
C ASN JA 8 -44.80 -30.35 -24.91
N LYS JA 9 -43.87 -29.81 -25.70
CA LYS JA 9 -44.07 -28.49 -26.29
C LYS JA 9 -44.94 -28.52 -27.54
N LEU JA 10 -45.24 -29.71 -28.09
CA LEU JA 10 -46.13 -29.81 -29.23
C LEU JA 10 -47.59 -29.98 -28.80
N SER JA 11 -47.83 -30.78 -27.76
CA SER JA 11 -49.19 -30.97 -27.27
C SER JA 11 -49.77 -29.71 -26.63
N ALA JA 12 -48.91 -28.76 -26.26
CA ALA JA 12 -49.40 -27.51 -25.66
C ALA JA 12 -50.03 -26.60 -26.69
N ILE JA 13 -49.62 -26.71 -27.96
CA ILE JA 13 -50.13 -25.85 -29.02
C ILE JA 13 -50.89 -26.60 -30.09
N VAL JA 14 -50.90 -27.92 -30.06
CA VAL JA 14 -51.61 -28.73 -31.05
C VAL JA 14 -52.58 -29.64 -30.33
N PRO JA 15 -53.88 -29.59 -30.63
CA PRO JA 15 -54.83 -30.54 -30.03
C PRO JA 15 -54.73 -31.91 -30.65
N ASP JA 16 -53.82 -32.74 -30.14
CA ASP JA 16 -53.55 -34.05 -30.73
C ASP JA 16 -54.83 -34.88 -30.82
N THR JA 17 -55.03 -35.52 -31.97
CA THR JA 17 -56.24 -36.27 -32.26
C THR JA 17 -55.93 -37.76 -32.38
N VAL JA 18 -56.99 -38.56 -32.46
CA VAL JA 18 -56.84 -39.99 -32.61
C VAL JA 18 -56.31 -40.34 -34.00
N PHE JA 19 -56.83 -39.68 -35.03
CA PHE JA 19 -56.43 -39.99 -36.39
C PHE JA 19 -54.95 -39.67 -36.61
N LYS JA 20 -54.25 -40.59 -37.26
CA LYS JA 20 -52.84 -40.45 -37.55
C LYS JA 20 -52.63 -40.44 -39.05
N LEU JA 21 -51.96 -39.39 -39.55
CA LEU JA 21 -51.65 -39.33 -40.98
C LEU JA 21 -50.73 -40.46 -41.39
N ASP JA 22 -49.72 -40.77 -40.58
CA ASP JA 22 -48.80 -41.88 -40.82
C ASP JA 22 -48.74 -42.71 -39.55
N GLU JA 23 -49.54 -43.77 -39.51
CA GLU JA 23 -49.65 -44.62 -38.33
C GLU JA 23 -48.72 -45.83 -38.38
N ARG JA 24 -47.91 -45.97 -39.42
CA ARG JA 24 -47.01 -47.11 -39.53
C ARG JA 24 -46.04 -47.13 -38.36
N SER JA 25 -45.91 -48.29 -37.72
CA SER JA 25 -45.08 -48.46 -36.56
C SER JA 25 -43.70 -49.00 -36.97
N THR JA 26 -42.86 -49.26 -35.96
CA THR JA 26 -41.53 -49.78 -36.24
C THR JA 26 -41.59 -51.17 -36.86
N LEU JA 27 -42.59 -51.98 -36.49
CA LEU JA 27 -42.73 -53.29 -37.09
C LEU JA 27 -43.01 -53.19 -38.59
N ASP JA 28 -43.88 -52.24 -38.98
CA ASP JA 28 -44.18 -52.06 -40.40
C ASP JA 28 -42.96 -51.59 -41.17
N ILE JA 29 -42.16 -50.70 -40.57
CA ILE JA 29 -40.95 -50.24 -41.22
C ILE JA 29 -39.96 -51.38 -41.40
N LEU JA 30 -39.80 -52.21 -40.37
CA LEU JA 30 -38.89 -53.35 -40.47
C LEU JA 30 -39.36 -54.34 -41.53
N ASN JA 31 -40.68 -54.57 -41.61
CA ASN JA 31 -41.21 -55.45 -42.64
C ASN JA 31 -40.95 -54.88 -44.03
N TRP JA 32 -41.06 -53.56 -44.19
CA TRP JA 32 -40.74 -52.94 -45.46
C TRP JA 32 -39.27 -53.14 -45.83
N LEU JA 33 -38.38 -52.98 -44.84
CA LEU JA 33 -36.95 -53.17 -45.10
C LEU JA 33 -36.65 -54.61 -45.51
N LYS JA 34 -37.33 -55.57 -44.88
CA LYS JA 34 -37.14 -56.97 -45.26
C LYS JA 34 -37.52 -57.21 -46.71
N ALA JA 35 -38.67 -56.67 -47.13
CA ALA JA 35 -39.10 -56.84 -48.51
C ALA JA 35 -38.24 -56.03 -49.46
N TYR JA 36 -37.86 -54.82 -49.06
CA TYR JA 36 -37.06 -53.96 -49.94
C TYR JA 36 -35.66 -54.55 -50.16
N ALA JA 37 -35.02 -55.03 -49.10
CA ALA JA 37 -33.68 -55.58 -49.21
C ALA JA 37 -33.66 -56.95 -49.84
N GLU JA 38 -34.81 -57.61 -49.99
CA GLU JA 38 -34.85 -58.91 -50.65
C GLU JA 38 -34.53 -58.82 -52.13
N LYS JA 39 -34.55 -57.62 -52.71
CA LYS JA 39 -34.30 -57.45 -54.13
C LYS JA 39 -32.88 -57.00 -54.44
N ILE JA 40 -32.17 -56.40 -53.48
CA ILE JA 40 -30.79 -55.96 -53.71
C ILE JA 40 -29.87 -57.17 -53.58
N PRO JA 41 -29.15 -57.54 -54.63
CA PRO JA 41 -28.30 -58.74 -54.55
C PRO JA 41 -26.96 -58.43 -53.88
N PHE JA 42 -26.55 -59.35 -53.00
CA PHE JA 42 -25.22 -59.25 -52.39
C PHE JA 42 -24.16 -59.77 -53.34
N ASP JA 43 -24.26 -61.05 -53.72
CA ASP JA 43 -23.49 -61.61 -54.82
C ASP JA 43 -24.39 -62.59 -55.58
N GLN JA 44 -24.11 -62.76 -56.87
CA GLN JA 44 -24.96 -63.57 -57.72
C GLN JA 44 -24.46 -65.01 -57.88
N ASP JA 45 -23.20 -65.29 -57.57
CA ASP JA 45 -22.73 -66.67 -57.60
C ASP JA 45 -23.48 -67.51 -56.58
N LYS JA 46 -23.70 -66.98 -55.39
CA LYS JA 46 -24.62 -67.54 -54.43
C LYS JA 46 -25.96 -66.83 -54.55
N ASN JA 47 -26.97 -67.38 -53.88
CA ASN JA 47 -28.29 -66.74 -53.82
C ASN JA 47 -28.41 -65.93 -52.54
N GLN JA 48 -27.55 -64.92 -52.43
CA GLN JA 48 -27.48 -64.07 -51.25
C GLN JA 48 -28.02 -62.69 -51.58
N PHE JA 49 -28.91 -62.19 -50.74
CA PHE JA 49 -29.47 -60.86 -50.88
C PHE JA 49 -29.34 -60.13 -49.55
N TRP JA 50 -29.45 -58.81 -49.61
CA TRP JA 50 -29.19 -57.97 -48.44
C TRP JA 50 -30.18 -58.23 -47.31
N ASP JA 51 -31.31 -58.86 -47.58
CA ASP JA 51 -32.29 -59.12 -46.53
C ASP JA 51 -31.72 -60.07 -45.48
N SER JA 52 -30.82 -60.98 -45.88
CA SER JA 52 -30.18 -61.86 -44.91
C SER JA 52 -29.05 -61.17 -44.16
N PHE JA 53 -28.66 -59.96 -44.57
CA PHE JA 53 -27.67 -59.19 -43.84
C PHE JA 53 -28.31 -58.40 -42.71
N TYR JA 54 -29.45 -57.77 -42.96
CA TYR JA 54 -30.14 -57.02 -41.92
C TYR JA 54 -30.83 -57.94 -40.93
N PHE JA 55 -31.30 -59.11 -41.39
CA PHE JA 55 -31.93 -60.10 -40.54
C PHE JA 55 -31.06 -61.35 -40.57
N ILE JA 56 -30.37 -61.63 -39.47
CA ILE JA 56 -29.35 -62.68 -39.43
C ILE JA 56 -30.03 -64.03 -39.27
N GLN JA 57 -29.78 -64.93 -40.22
CA GLN JA 57 -30.27 -66.30 -40.19
C GLN JA 57 -31.78 -66.37 -39.97
N GLU JA 58 -32.20 -67.00 -38.88
CA GLU JA 58 -33.61 -67.17 -38.58
C GLU JA 58 -34.13 -66.05 -37.69
N ASN JA 59 -33.99 -64.83 -38.19
CA ASN JA 59 -34.48 -63.63 -37.51
C ASN JA 59 -35.67 -63.07 -38.26
N THR JA 60 -36.71 -62.73 -37.52
CA THR JA 60 -37.92 -62.14 -38.07
C THR JA 60 -38.04 -60.69 -37.61
N PRO JA 61 -38.75 -59.86 -38.38
CA PRO JA 61 -38.96 -58.46 -37.93
C PRO JA 61 -39.65 -58.37 -36.59
N GLU JA 62 -40.47 -59.36 -36.22
CA GLU JA 62 -41.09 -59.36 -34.90
C GLU JA 62 -40.05 -59.45 -33.80
N GLU JA 63 -39.05 -60.31 -33.97
CA GLU JA 63 -38.01 -60.45 -32.95
C GLU JA 63 -37.19 -59.18 -32.82
N LEU JA 64 -36.82 -58.56 -33.95
CA LEU JA 64 -36.02 -57.34 -33.88
C LEU JA 64 -36.82 -56.19 -33.29
N GLU JA 65 -38.13 -56.13 -33.59
CA GLU JA 65 -38.96 -55.09 -33.03
C GLU JA 65 -39.04 -55.18 -31.51
N ASP JA 66 -39.08 -56.41 -30.98
CA ASP JA 66 -39.10 -56.58 -29.53
C ASP JA 66 -37.80 -56.08 -28.90
N ILE JA 67 -36.67 -56.36 -29.54
CA ILE JA 67 -35.38 -55.89 -29.01
C ILE JA 67 -35.32 -54.36 -29.06
N TYR JA 68 -35.83 -53.77 -30.14
CA TYR JA 68 -35.79 -52.32 -30.27
C TYR JA 68 -36.59 -51.63 -29.17
N GLN JA 69 -37.73 -52.22 -28.78
CA GLN JA 69 -38.56 -51.61 -27.75
C GLN JA 69 -37.93 -51.73 -26.37
N HIS JA 70 -37.24 -52.83 -26.10
CA HIS JA 70 -36.61 -53.09 -24.81
C HIS JA 70 -35.10 -53.20 -25.02
N ALA JA 71 -34.38 -52.11 -24.79
CA ALA JA 71 -32.93 -52.10 -25.00
C ALA JA 71 -32.18 -52.96 -23.99
N ASN JA 72 -32.80 -53.27 -22.85
CA ASN JA 72 -32.09 -53.98 -21.79
C ASN JA 72 -31.83 -55.44 -22.17
N LYS JA 73 -32.70 -56.04 -22.97
CA LYS JA 73 -32.62 -57.47 -23.26
C LYS JA 73 -31.52 -57.82 -24.26
N ALA JA 74 -30.62 -56.87 -24.57
CA ALA JA 74 -29.44 -57.16 -25.35
C ALA JA 74 -28.14 -56.93 -24.60
N ASP JA 75 -28.16 -56.14 -23.52
CA ASP JA 75 -27.00 -55.80 -22.70
C ASP JA 75 -25.74 -55.55 -23.54
N GLY JA 76 -25.90 -54.71 -24.55
CA GLY JA 76 -24.76 -54.24 -25.32
C GLY JA 76 -24.09 -55.27 -26.19
N LEU JA 77 -24.80 -56.31 -26.60
CA LEU JA 77 -24.23 -57.36 -27.43
C LEU JA 77 -24.96 -57.55 -28.75
N LEU JA 78 -25.84 -56.62 -29.11
CA LEU JA 78 -26.45 -56.65 -30.43
C LEU JA 78 -25.40 -56.37 -31.51
N PRO JA 79 -25.49 -57.02 -32.66
CA PRO JA 79 -24.53 -56.76 -33.74
C PRO JA 79 -24.53 -55.29 -34.12
N PRO JA 80 -23.35 -54.72 -34.40
CA PRO JA 80 -23.27 -53.27 -34.63
C PRO JA 80 -24.12 -52.78 -35.78
N HIS JA 81 -24.23 -53.55 -36.87
CA HIS JA 81 -24.97 -53.05 -38.03
C HIS JA 81 -26.47 -52.99 -37.76
N GLN JA 82 -26.98 -53.84 -36.86
CA GLN JA 82 -28.39 -53.73 -36.48
C GLN JA 82 -28.62 -52.57 -35.53
N ALA JA 83 -27.63 -52.26 -34.69
CA ALA JA 83 -27.71 -51.05 -33.88
C ALA JA 83 -27.70 -49.81 -34.76
N PHE JA 84 -27.05 -49.90 -35.92
CA PHE JA 84 -27.09 -48.82 -36.89
C PHE JA 84 -28.51 -48.59 -37.38
N VAL JA 85 -29.22 -49.68 -37.68
CA VAL JA 85 -30.61 -49.56 -38.14
C VAL JA 85 -31.49 -48.99 -37.04
N PHE JA 86 -31.31 -49.46 -35.81
CA PHE JA 86 -32.12 -48.97 -34.70
C PHE JA 86 -31.88 -47.49 -34.46
N ALA JA 87 -30.61 -47.05 -34.57
CA ALA JA 87 -30.30 -45.63 -34.41
C ALA JA 87 -30.97 -44.80 -35.50
N PHE JA 88 -30.96 -45.30 -36.74
CA PHE JA 88 -31.61 -44.58 -37.83
C PHE JA 88 -33.11 -44.47 -37.62
N LEU JA 89 -33.74 -45.54 -37.14
CA LEU JA 89 -35.18 -45.50 -36.88
C LEU JA 89 -35.51 -44.48 -35.81
N LYS JA 90 -34.64 -44.34 -34.81
CA LYS JA 90 -34.85 -43.33 -33.78
C LYS JA 90 -34.80 -41.92 -34.38
N LEU JA 91 -33.92 -41.71 -35.35
CA LEU JA 91 -33.81 -40.39 -35.98
C LEU JA 91 -35.11 -40.01 -36.70
N LEU JA 92 -35.72 -40.96 -37.39
CA LEU JA 92 -36.93 -40.67 -38.17
C LEU JA 92 -38.15 -40.42 -37.29
N GLU JA 93 -38.08 -40.76 -36.01
CA GLU JA 93 -39.25 -40.61 -35.14
C GLU JA 93 -39.65 -39.14 -34.99
N THR JA 94 -38.67 -38.23 -35.03
CA THR JA 94 -38.98 -36.81 -34.87
C THR JA 94 -39.74 -36.28 -36.08
N SER JA 95 -39.32 -36.65 -37.29
CA SER JA 95 -40.03 -36.20 -38.48
C SER JA 95 -41.45 -36.79 -38.53
N ASN JA 96 -41.59 -38.05 -38.13
CA ASN JA 96 -42.92 -38.67 -38.11
C ASN JA 96 -43.83 -37.96 -37.10
N ARG JA 97 -43.28 -37.59 -35.95
CA ARG JA 97 -44.08 -36.90 -34.94
C ARG JA 97 -44.56 -35.55 -35.45
N LEU JA 98 -43.70 -34.80 -36.14
CA LEU JA 98 -44.07 -33.49 -36.64
C LEU JA 98 -45.15 -33.59 -37.71
N LEU JA 99 -45.04 -34.59 -38.59
CA LEU JA 99 -46.02 -34.75 -39.66
C LEU JA 99 -47.40 -35.07 -39.11
N ASN JA 100 -47.47 -35.88 -38.06
CA ASN JA 100 -48.75 -36.30 -37.51
C ASN JA 100 -49.49 -35.19 -36.79
N THR JA 101 -48.93 -33.99 -36.71
CA THR JA 101 -49.61 -32.85 -36.12
C THR JA 101 -50.37 -32.01 -37.15
N PHE JA 102 -50.29 -32.36 -38.43
CA PHE JA 102 -50.90 -31.59 -39.50
C PHE JA 102 -52.41 -31.78 -39.59
N PRO JA 103 -52.95 -33.00 -39.40
CA PRO JA 103 -54.41 -33.13 -39.39
C PRO JA 103 -55.10 -32.23 -38.38
N ALA JA 104 -54.51 -32.05 -37.20
CA ALA JA 104 -55.12 -31.18 -36.20
C ALA JA 104 -54.95 -29.71 -36.58
N ARG JA 105 -53.81 -29.34 -37.15
CA ARG JA 105 -53.61 -27.96 -37.57
C ARG JA 105 -54.40 -27.64 -38.84
N HIS JA 106 -54.69 -28.65 -39.66
CA HIS JA 106 -55.49 -28.43 -40.86
C HIS JA 106 -56.93 -28.06 -40.50
N ARG JA 107 -57.53 -28.81 -39.59
CA ARG JA 107 -58.90 -28.54 -39.19
C ARG JA 107 -59.01 -27.19 -38.49
N ASP JA 108 -58.03 -26.85 -37.65
CA ASP JA 108 -58.06 -25.58 -36.95
C ASP JA 108 -58.00 -24.41 -37.91
N LEU JA 109 -57.20 -24.54 -38.97
CA LEU JA 109 -57.12 -23.48 -39.97
C LEU JA 109 -58.46 -23.30 -40.69
N TYR JA 110 -59.16 -24.40 -40.95
CA TYR JA 110 -60.44 -24.32 -41.66
C TYR JA 110 -61.51 -23.68 -40.78
N TYR JA 111 -61.63 -24.11 -39.53
CA TYR JA 111 -62.69 -23.62 -38.66
C TYR JA 111 -62.44 -22.17 -38.25
N ARG JA 112 -61.21 -21.83 -37.88
CA ARG JA 112 -60.93 -20.55 -37.24
C ARG JA 112 -60.56 -19.46 -38.23
N GLU JA 113 -59.83 -19.79 -39.30
CA GLU JA 113 -59.35 -18.76 -40.21
C GLU JA 113 -60.28 -18.54 -41.39
N LEU JA 114 -60.73 -19.61 -42.04
CA LEU JA 114 -61.65 -19.47 -43.16
C LEU JA 114 -63.06 -19.16 -42.69
N LEU JA 115 -63.65 -20.07 -41.91
CA LEU JA 115 -65.01 -19.86 -41.44
C LEU JA 115 -65.10 -18.81 -40.34
N GLY JA 116 -63.99 -18.48 -39.70
CA GLY JA 116 -63.98 -17.42 -38.70
C GLY JA 116 -64.80 -17.70 -37.47
N LEU JA 117 -64.82 -18.95 -37.00
CA LEU JA 117 -65.56 -19.34 -35.81
C LEU JA 117 -64.63 -19.41 -34.61
N SER JA 118 -65.18 -19.08 -33.43
CA SER JA 118 -64.41 -19.05 -32.20
C SER JA 118 -65.23 -19.65 -31.07
N PRO JA 119 -64.59 -20.21 -30.06
CA PRO JA 119 -65.34 -20.74 -28.90
C PRO JA 119 -66.09 -19.64 -28.17
N ARG JA 120 -67.22 -20.02 -27.59
CA ARG JA 120 -68.04 -19.08 -26.84
C ARG JA 120 -67.42 -18.78 -25.48
N LYS JA 121 -67.65 -17.57 -25.00
CA LYS JA 121 -67.14 -17.13 -23.70
C LYS JA 121 -68.12 -17.50 -22.58
N ALA JA 122 -67.63 -17.39 -21.34
CA ALA JA 122 -68.43 -17.75 -20.18
C ALA JA 122 -69.55 -16.74 -19.96
N GLN JA 123 -70.62 -17.22 -19.33
CA GLN JA 123 -71.80 -16.41 -19.03
C GLN JA 123 -71.86 -16.14 -17.54
N ALA JA 124 -72.09 -14.88 -17.17
CA ALA JA 124 -72.15 -14.50 -15.77
C ALA JA 124 -73.49 -14.91 -15.17
N ASP JA 125 -73.44 -15.44 -13.94
CA ASP JA 125 -74.63 -15.89 -13.25
C ASP JA 125 -75.23 -14.76 -12.42
N SER JA 126 -76.44 -14.99 -11.92
CA SER JA 126 -77.16 -14.00 -11.14
C SER JA 126 -77.72 -14.63 -9.88
N VAL JA 127 -77.86 -13.81 -8.84
CA VAL JA 127 -78.40 -14.25 -7.55
C VAL JA 127 -79.39 -13.22 -7.05
N ALA JA 128 -80.25 -13.65 -6.12
CA ALA JA 128 -81.19 -12.77 -5.44
C ALA JA 128 -80.79 -12.65 -3.98
N LEU JA 129 -80.61 -11.42 -3.51
CA LEU JA 129 -80.11 -11.16 -2.17
C LEU JA 129 -81.15 -10.41 -1.35
N GLY JA 130 -81.40 -10.88 -0.13
CA GLY JA 130 -82.24 -10.18 0.82
C GLY JA 130 -81.37 -9.43 1.82
N ILE JA 131 -81.77 -8.21 2.14
CA ILE JA 131 -81.00 -7.31 2.98
C ILE JA 131 -81.76 -7.04 4.26
N THR JA 132 -81.08 -7.19 5.39
CA THR JA 132 -81.62 -6.81 6.70
C THR JA 132 -80.83 -5.62 7.22
N LEU JA 133 -81.55 -4.56 7.59
CA LEU JA 133 -80.92 -3.33 8.05
C LEU JA 133 -80.69 -3.39 9.55
N ASN JA 134 -79.69 -2.65 10.02
CA ASN JA 134 -79.46 -2.52 11.44
C ASN JA 134 -80.60 -1.73 12.09
N THR JA 135 -80.80 -1.97 13.39
CA THR JA 135 -81.99 -1.48 14.07
C THR JA 135 -82.05 0.04 14.17
N ASP JA 136 -80.95 0.73 13.93
CA ASP JA 136 -80.91 2.19 14.07
C ASP JA 136 -81.19 2.93 12.76
N ASN JA 137 -81.50 2.24 11.67
CA ASN JA 137 -81.79 2.85 10.39
C ASN JA 137 -83.24 2.58 10.02
N ALA JA 138 -84.03 3.64 9.84
CA ALA JA 138 -85.39 3.47 9.37
C ALA JA 138 -85.43 3.09 7.90
N GLU JA 139 -84.64 3.76 7.07
CA GLU JA 139 -84.55 3.47 5.64
C GLU JA 139 -83.12 3.66 5.18
N TYR JA 140 -82.69 2.81 4.27
CA TYR JA 140 -81.38 2.91 3.67
C TYR JA 140 -81.49 2.73 2.16
N LEU JA 141 -80.62 3.42 1.43
CA LEU JA 141 -80.56 3.33 -0.03
C LEU JA 141 -79.27 2.62 -0.41
N ILE JA 142 -79.39 1.50 -1.11
CA ILE JA 142 -78.25 0.76 -1.62
C ILE JA 142 -78.12 1.06 -3.11
N PRO JA 143 -77.11 1.83 -3.53
CA PRO JA 143 -77.05 2.26 -4.94
C PRO JA 143 -76.70 1.10 -5.86
N LYS JA 144 -77.06 1.29 -7.13
CA LYS JA 144 -76.69 0.33 -8.17
C LYS JA 144 -75.18 0.27 -8.31
N GLY JA 145 -74.64 -0.94 -8.36
CA GLY JA 145 -73.21 -1.14 -8.45
C GLY JA 145 -72.53 -1.52 -7.15
N THR JA 146 -73.28 -1.70 -6.07
CA THR JA 146 -72.69 -2.12 -4.81
C THR JA 146 -72.12 -3.53 -4.94
N LEU JA 147 -70.95 -3.73 -4.36
CA LEU JA 147 -70.23 -4.99 -4.48
C LEU JA 147 -70.50 -5.87 -3.27
N PHE JA 148 -70.73 -7.16 -3.52
CA PHE JA 148 -70.97 -8.14 -2.47
C PHE JA 148 -69.98 -9.29 -2.61
N ASP JA 149 -69.61 -9.88 -1.49
CA ASP JA 149 -68.58 -10.90 -1.43
C ASP JA 149 -69.21 -12.27 -1.31
N ALA JA 150 -68.74 -13.21 -2.13
CA ALA JA 150 -69.22 -14.59 -2.11
C ALA JA 150 -68.13 -15.58 -1.72
N GLY JA 151 -67.00 -15.11 -1.21
CA GLY JA 151 -65.91 -15.99 -0.84
C GLY JA 151 -64.88 -16.15 -1.94
N GLN JA 152 -64.41 -17.38 -2.14
CA GLN JA 152 -63.42 -17.67 -3.17
C GLN JA 152 -63.77 -19.00 -3.83
N ASP JA 153 -63.23 -19.19 -5.03
CA ASP JA 153 -63.41 -20.42 -5.77
C ASP JA 153 -62.43 -21.48 -5.24
N SER JA 154 -62.33 -22.61 -5.93
CA SER JA 154 -61.43 -23.68 -5.48
C SER JA 154 -59.97 -23.22 -5.55
N VAL JA 155 -59.60 -22.51 -6.61
CA VAL JA 155 -58.21 -22.07 -6.77
C VAL JA 155 -57.88 -20.84 -5.93
N GLY JA 156 -58.87 -20.24 -5.28
CA GLY JA 156 -58.63 -19.11 -4.39
C GLY JA 156 -58.97 -17.75 -4.94
N ASN JA 157 -59.35 -17.65 -6.22
CA ASN JA 157 -59.72 -16.36 -6.78
C ASN JA 157 -61.01 -15.86 -6.12
N PRO JA 158 -61.06 -14.63 -5.65
CA PRO JA 158 -62.27 -14.13 -4.98
C PRO JA 158 -63.43 -14.01 -5.95
N LEU JA 159 -64.64 -14.18 -5.40
CA LEU JA 159 -65.88 -14.04 -6.15
C LEU JA 159 -66.62 -12.81 -5.68
N GLN JA 160 -66.99 -11.94 -6.61
CA GLN JA 160 -67.70 -10.71 -6.30
C GLN JA 160 -68.90 -10.55 -7.21
N TYR JA 161 -69.95 -9.94 -6.68
CA TYR JA 161 -71.18 -9.69 -7.40
C TYR JA 161 -71.54 -8.22 -7.32
N THR JA 162 -72.18 -7.72 -8.37
CA THR JA 162 -72.55 -6.32 -8.49
C THR JA 162 -74.07 -6.18 -8.49
N SER JA 163 -74.58 -5.33 -7.62
CA SER JA 163 -76.01 -5.05 -7.59
C SER JA 163 -76.45 -4.37 -8.88
N GLU JA 164 -77.65 -4.72 -9.34
CA GLU JA 164 -78.15 -4.26 -10.62
C GLU JA 164 -79.16 -3.13 -10.53
N THR JA 165 -79.76 -2.90 -9.37
CA THR JA 165 -80.79 -1.88 -9.24
C THR JA 165 -80.75 -1.32 -7.82
N ASP JA 166 -81.03 -0.02 -7.70
CA ASP JA 166 -81.11 0.61 -6.40
C ASP JA 166 -82.18 -0.06 -5.54
N LEU JA 167 -81.87 -0.25 -4.27
CA LEU JA 167 -82.79 -0.85 -3.31
C LEU JA 167 -83.01 0.10 -2.15
N LEU JA 168 -84.28 0.35 -1.83
CA LEU JA 168 -84.66 1.20 -0.70
C LEU JA 168 -85.15 0.28 0.40
N ALA JA 169 -84.22 -0.20 1.22
CA ALA JA 169 -84.54 -1.17 2.26
C ALA JA 169 -85.17 -0.50 3.46
N ASN JA 170 -85.87 -1.31 4.26
CA ASN JA 170 -86.50 -0.84 5.49
C ASN JA 170 -86.39 -1.95 6.52
N GLN JA 171 -87.07 -1.77 7.65
CA GLN JA 171 -87.03 -2.73 8.75
C GLN JA 171 -88.12 -3.79 8.68
N GLY JA 172 -88.94 -3.78 7.63
CA GLY JA 172 -90.04 -4.71 7.54
C GLY JA 172 -89.59 -6.13 7.23
N GLU JA 173 -90.56 -7.04 7.25
CA GLU JA 173 -90.31 -8.43 6.94
C GLU JA 173 -91.62 -9.11 6.59
N LEU JA 174 -91.62 -9.89 5.50
CA LEU JA 174 -92.80 -10.65 5.14
C LEU JA 174 -92.99 -11.79 6.15
N THR JA 175 -94.21 -11.91 6.68
CA THR JA 175 -94.43 -12.82 7.79
C THR JA 175 -95.57 -13.81 7.52
N ASP JA 176 -96.59 -13.39 6.79
CA ASP JA 176 -97.80 -14.18 6.64
C ASP JA 176 -98.13 -14.38 5.16
N LEU JA 177 -98.75 -15.52 4.86
CA LEU JA 177 -99.22 -15.84 3.52
C LEU JA 177 -100.38 -16.80 3.64
N ARG JA 178 -101.55 -16.39 3.14
CA ARG JA 178 -102.75 -17.19 3.21
C ARG JA 178 -103.57 -16.97 1.95
N TRP JA 179 -104.43 -17.93 1.64
CA TRP JA 179 -105.31 -17.81 0.49
C TRP JA 179 -106.51 -18.73 0.67
N TYR JA 180 -107.55 -18.48 -0.13
CA TYR JA 180 -108.71 -19.36 -0.19
C TYR JA 180 -109.03 -19.62 -1.66
N ARG JA 181 -109.67 -20.77 -1.91
CA ARG JA 181 -109.89 -21.23 -3.27
C ARG JA 181 -111.34 -21.67 -3.44
N LYS JA 182 -111.74 -21.81 -4.70
CA LYS JA 182 -113.09 -22.23 -5.07
C LYS JA 182 -113.22 -23.75 -5.01
N ASP JA 183 -114.44 -24.21 -4.74
CA ASP JA 183 -114.74 -25.64 -4.76
C ASP JA 183 -116.22 -25.86 -5.10
N SER JA 186 -118.13 -24.72 -2.57
CA SER JA 186 -117.92 -23.63 -1.63
C SER JA 186 -116.51 -23.09 -1.73
N TRP JA 187 -115.95 -22.69 -0.59
CA TRP JA 187 -114.61 -22.12 -0.53
C TRP JA 187 -113.87 -22.67 0.68
N GLN JA 188 -112.59 -22.98 0.50
CA GLN JA 188 -111.73 -23.46 1.57
C GLN JA 188 -110.51 -22.55 1.67
N SER JA 189 -110.09 -22.26 2.90
CA SER JA 189 -108.98 -21.37 3.16
C SER JA 189 -107.86 -22.12 3.88
N THR JA 190 -106.64 -21.62 3.73
CA THR JA 190 -105.48 -22.23 4.36
C THR JA 190 -104.44 -21.16 4.63
N ILE JA 191 -103.52 -21.47 5.54
CA ILE JA 191 -102.46 -20.54 5.93
C ILE JA 191 -101.12 -21.25 5.79
N PRO JA 192 -100.53 -21.31 4.59
CA PRO JA 192 -99.23 -21.98 4.44
C PRO JA 192 -98.12 -21.36 5.26
N LEU JA 193 -98.13 -20.05 5.46
CA LEU JA 193 -97.05 -19.36 6.15
C LEU JA 193 -97.61 -18.36 7.15
N SER JA 194 -96.99 -18.27 8.31
CA SER JA 194 -97.35 -17.29 9.33
C SER JA 194 -96.23 -17.23 10.36
N LEU JA 195 -95.90 -16.02 10.80
CA LEU JA 195 -94.85 -15.83 11.79
C LEU JA 195 -95.38 -15.62 13.20
N SER JA 196 -96.57 -15.02 13.34
CA SER JA 196 -97.21 -14.96 14.65
C SER JA 196 -97.47 -16.37 15.16
N ASP JA 197 -97.99 -17.24 14.31
CA ASP JA 197 -98.01 -18.67 14.56
C ASP JA 197 -96.67 -19.27 14.12
N ASN JA 198 -96.47 -20.55 14.44
CA ASN JA 198 -95.22 -21.25 14.10
C ASN JA 198 -95.39 -22.10 12.86
N ILE JA 199 -96.19 -21.67 11.90
CA ILE JA 199 -96.39 -22.39 10.64
C ILE JA 199 -95.48 -21.78 9.59
N ALA JA 200 -94.59 -22.59 9.03
CA ALA JA 200 -93.61 -22.14 8.06
C ALA JA 200 -93.84 -22.82 6.71
N LEU JA 201 -93.36 -22.16 5.66
CA LEU JA 201 -93.49 -22.71 4.32
C LEU JA 201 -92.69 -24.01 4.21
N PRO JA 202 -93.24 -25.04 3.58
CA PRO JA 202 -92.45 -26.26 3.35
C PRO JA 202 -91.24 -25.99 2.48
N GLU JA 203 -90.17 -26.73 2.73
CA GLU JA 203 -88.91 -26.51 2.02
C GLU JA 203 -89.03 -26.72 0.52
N ASN JA 204 -90.00 -27.53 0.07
CA ASN JA 204 -90.20 -27.77 -1.35
C ASN JA 204 -91.08 -26.73 -2.00
N GLY JA 205 -91.67 -25.81 -1.22
CA GLY JA 205 -92.63 -24.87 -1.77
C GLY JA 205 -94.01 -25.48 -1.85
N ILE JA 206 -94.96 -24.66 -2.31
CA ILE JA 206 -96.36 -25.07 -2.40
C ILE JA 206 -96.90 -24.64 -3.76
N GLN JA 207 -97.60 -25.55 -4.43
CA GLN JA 207 -98.30 -25.20 -5.66
C GLN JA 207 -99.44 -24.24 -5.32
N LEU JA 208 -99.57 -23.17 -6.10
CA LEU JA 208 -100.56 -22.15 -5.79
C LEU JA 208 -101.98 -22.72 -5.93
N PHE JA 209 -102.82 -22.41 -4.95
CA PHE JA 209 -104.23 -22.82 -4.96
C PHE JA 209 -104.38 -24.33 -5.08
N SER JA 210 -103.55 -25.08 -4.34
CA SER JA 210 -103.61 -26.53 -4.34
C SER JA 210 -104.12 -27.04 -3.01
N PRO JA 211 -104.83 -28.18 -3.00
CA PRO JA 211 -105.36 -28.71 -1.74
C PRO JA 211 -104.24 -29.04 -0.75
N THR JA 212 -104.50 -28.74 0.52
CA THR JA 212 -103.54 -29.03 1.58
C THR JA 212 -104.20 -29.85 2.69
N ALA JA 213 -103.50 -30.03 3.80
CA ALA JA 213 -104.01 -30.83 4.91
C ALA JA 213 -104.86 -30.05 5.89
N ASN JA 214 -104.91 -28.72 5.77
CA ASN JA 214 -105.66 -27.86 6.69
C ASN JA 214 -106.65 -26.99 5.94
N ASP JA 215 -107.33 -27.55 4.95
CA ASP JA 215 -108.32 -26.83 4.17
C ASP JA 215 -109.56 -26.64 5.02
N VAL JA 216 -109.75 -25.44 5.55
CA VAL JA 216 -110.89 -25.11 6.39
C VAL JA 216 -111.97 -24.47 5.52
N ALA JA 217 -113.18 -25.02 5.60
CA ALA JA 217 -114.29 -24.46 4.84
C ALA JA 217 -114.61 -23.06 5.32
N VAL JA 218 -114.98 -22.18 4.39
CA VAL JA 218 -115.24 -20.78 4.72
C VAL JA 218 -116.58 -20.68 5.43
N LEU JA 219 -116.58 -20.08 6.61
CA LEU JA 219 -117.79 -19.90 7.40
C LEU JA 219 -118.33 -18.50 7.17
N SER JA 220 -119.62 -18.41 6.84
CA SER JA 220 -120.30 -17.14 6.66
C SER JA 220 -121.35 -16.99 7.75
N GLY JA 221 -121.27 -15.89 8.49
CA GLY JA 221 -122.18 -15.65 9.60
C GLY JA 221 -121.95 -14.32 10.26
N TYR JA 222 -122.12 -14.26 11.59
CA TYR JA 222 -122.00 -13.02 12.33
C TYR JA 222 -121.26 -13.25 13.63
N LEU JA 223 -120.57 -12.21 14.08
CA LEU JA 223 -119.88 -12.20 15.37
C LEU JA 223 -120.64 -11.25 16.29
N ILE JA 224 -121.12 -11.78 17.41
CA ILE JA 224 -121.99 -11.03 18.32
C ILE JA 224 -121.18 -10.66 19.56
N LYS JA 225 -121.15 -9.36 19.87
CA LYS JA 225 -120.39 -8.83 20.99
C LYS JA 225 -121.38 -8.23 21.99
N SER JA 226 -121.56 -8.90 23.12
CA SER JA 226 -122.53 -8.45 24.12
C SER JA 226 -121.94 -8.64 25.52
N SER JA 227 -122.36 -7.75 26.44
CA SER JA 227 -121.89 -7.82 27.82
C SER JA 227 -122.74 -8.75 28.68
N LEU JA 228 -123.88 -9.21 28.18
CA LEU JA 228 -124.74 -10.10 28.94
C LEU JA 228 -124.32 -11.56 28.87
N PHE JA 229 -123.23 -11.86 28.16
CA PHE JA 229 -122.77 -13.23 27.97
C PHE JA 229 -121.83 -13.69 29.08
N SER JA 230 -121.91 -13.08 30.26
CA SER JA 230 -121.06 -13.50 31.37
C SER JA 230 -121.32 -14.96 31.73
N MET JA 231 -122.53 -15.27 32.21
CA MET JA 231 -123.05 -16.61 32.43
C MET JA 231 -122.03 -17.51 33.12
N PRO JA 232 -121.79 -17.32 34.43
CA PRO JA 232 -120.74 -18.08 35.11
C PRO JA 232 -120.92 -19.58 35.08
N GLU JA 233 -122.04 -20.09 35.61
CA GLU JA 233 -122.23 -21.54 35.67
C GLU JA 233 -123.72 -21.85 35.67
N GLY JA 234 -124.04 -23.12 35.58
CA GLY JA 234 -125.41 -23.58 35.48
C GLY JA 234 -125.78 -23.93 34.05
N GLU JA 235 -127.07 -24.18 33.84
CA GLU JA 235 -127.61 -24.42 32.52
C GLU JA 235 -127.98 -23.08 31.89
N ARG JA 236 -127.33 -22.75 30.78
CA ARG JA 236 -127.47 -21.44 30.14
C ARG JA 236 -128.12 -21.61 28.77
N HIS JA 237 -129.12 -20.77 28.50
CA HIS JA 237 -129.85 -20.79 27.24
C HIS JA 237 -129.79 -19.41 26.60
N ILE JA 238 -129.42 -19.37 25.32
CA ILE JA 238 -129.33 -18.13 24.56
C ILE JA 238 -130.24 -18.26 23.34
N THR JA 239 -131.09 -17.26 23.12
CA THR JA 239 -132.01 -17.24 22.00
C THR JA 239 -131.76 -15.98 21.19
N LEU JA 240 -131.55 -16.16 19.89
CA LEU JA 240 -131.30 -15.05 18.97
C LEU JA 240 -132.49 -14.87 18.05
N THR JA 241 -132.97 -13.64 17.93
CA THR JA 241 -134.09 -13.30 17.07
C THR JA 241 -133.56 -12.64 15.80
N LEU JA 242 -133.76 -13.30 14.66
CA LEU JA 242 -133.31 -12.79 13.38
C LEU JA 242 -134.37 -11.90 12.76
N GLU JA 243 -133.92 -11.00 11.87
CA GLU JA 243 -134.83 -10.04 11.27
C GLU JA 243 -135.75 -10.68 10.24
N ASN JA 244 -135.29 -11.75 9.60
CA ASN JA 244 -136.07 -12.41 8.55
C ASN JA 244 -136.22 -13.89 8.88
N ASP JA 245 -137.33 -14.46 8.44
CA ASP JA 245 -137.57 -15.88 8.62
C ASP JA 245 -136.57 -16.67 7.78
N TRP JA 246 -135.78 -17.52 8.45
CA TRP JA 246 -134.70 -18.26 7.80
C TRP JA 246 -135.04 -19.75 7.82
N GLU JA 247 -135.02 -20.36 6.64
CA GLU JA 247 -135.27 -21.79 6.47
C GLU JA 247 -133.95 -22.47 6.14
N GLY JA 248 -133.46 -23.29 7.06
CA GLY JA 248 -132.19 -23.96 6.84
C GLY JA 248 -131.99 -25.07 7.85
N GLN JA 249 -131.00 -25.91 7.55
CA GLN JA 249 -130.70 -27.06 8.40
C GLN JA 249 -130.10 -26.61 9.73
N ALA JA 250 -130.57 -27.24 10.81
CA ALA JA 250 -130.04 -26.92 12.13
C ALA JA 250 -128.63 -27.47 12.30
N GLU JA 251 -128.36 -28.65 11.77
CA GLU JA 251 -127.04 -29.28 11.94
C GLU JA 251 -125.96 -28.55 11.15
N HIS JA 252 -126.34 -27.73 10.17
CA HIS JA 252 -125.35 -27.01 9.37
C HIS JA 252 -124.76 -25.81 10.10
N LEU JA 253 -125.37 -25.36 11.19
CA LEU JA 253 -124.87 -24.22 11.93
C LEU JA 253 -123.63 -24.60 12.73
N THR JA 254 -122.90 -23.56 13.18
CA THR JA 254 -121.69 -23.76 13.97
C THR JA 254 -121.57 -22.57 14.91
N ALA JA 255 -121.96 -22.79 16.17
CA ALA JA 255 -121.97 -21.74 17.18
C ALA JA 255 -120.94 -22.05 18.25
N LYS JA 256 -120.06 -21.08 18.50
CA LYS JA 256 -119.04 -21.20 19.54
C LYS JA 256 -119.02 -19.93 20.38
N ILE JA 257 -118.67 -20.09 21.66
CA ILE JA 257 -118.63 -18.99 22.61
C ILE JA 257 -117.19 -18.82 23.09
N SER JA 258 -116.75 -17.57 23.22
CA SER JA 258 -115.41 -17.29 23.67
C SER JA 258 -115.33 -17.40 25.19
N THR JA 259 -114.38 -18.21 25.68
CA THR JA 259 -114.10 -18.36 27.10
C THR JA 259 -112.59 -18.29 27.28
N GLY JA 260 -112.08 -17.11 27.57
CA GLY JA 260 -110.65 -16.92 27.68
C GLY JA 260 -109.92 -17.22 26.38
N ASP JA 261 -109.21 -18.34 26.32
CA ASP JA 261 -108.49 -18.76 25.14
C ASP JA 261 -109.08 -20.03 24.52
N HIS JA 262 -110.33 -20.34 24.82
CA HIS JA 262 -110.98 -21.55 24.33
C HIS JA 262 -112.27 -21.21 23.58
N TRP JA 263 -112.55 -21.99 22.55
CA TRP JA 263 -113.80 -21.90 21.80
C TRP JA 263 -114.69 -23.04 22.25
N LEU JA 264 -115.70 -22.73 23.06
CA LEU JA 264 -116.62 -23.75 23.56
C LEU JA 264 -117.80 -23.89 22.61
N SER JA 265 -118.06 -25.12 22.19
CA SER JA 265 -119.17 -25.39 21.30
C SER JA 265 -120.50 -25.33 22.06
N LEU JA 266 -121.57 -25.04 21.31
CA LEU JA 266 -122.91 -24.99 21.86
C LEU JA 266 -123.80 -25.99 21.14
N SER JA 267 -124.65 -26.68 21.90
CA SER JA 267 -125.58 -27.63 21.33
C SER JA 267 -126.78 -26.89 20.77
N VAL JA 268 -126.85 -26.78 19.44
CA VAL JA 268 -127.97 -26.09 18.81
C VAL JA 268 -129.24 -26.90 18.99
N ASN JA 269 -130.36 -26.21 19.15
CA ASN JA 269 -131.64 -26.87 19.34
C ASN JA 269 -132.10 -27.45 18.01
N PRO JA 270 -132.26 -28.78 17.89
CA PRO JA 270 -132.60 -29.35 16.58
C PRO JA 270 -134.02 -29.12 16.13
N ASN JA 271 -134.93 -28.75 17.05
CA ASN JA 271 -136.32 -28.56 16.66
C ASN JA 271 -136.47 -27.41 15.67
N ARG JA 272 -135.76 -26.30 15.90
CA ARG JA 272 -135.78 -25.14 15.01
C ARG JA 272 -137.20 -24.63 14.78
N THR JA 273 -138.01 -24.63 15.84
CA THR JA 273 -139.39 -24.18 15.74
C THR JA 273 -139.45 -22.66 15.56
N ASN JA 274 -140.58 -22.21 15.03
CA ASN JA 274 -140.92 -20.81 14.80
C ASN JA 274 -140.12 -20.22 13.64
N LYS JA 275 -139.14 -20.98 13.14
CA LYS JA 275 -138.44 -20.67 11.90
C LYS JA 275 -137.74 -19.32 11.92
N ASN JA 276 -137.77 -18.62 13.07
CA ASN JA 276 -137.26 -17.26 13.15
C ASN JA 276 -136.30 -17.05 14.32
N THR JA 277 -135.98 -18.10 15.08
CA THR JA 277 -135.08 -17.96 16.23
C THR JA 277 -134.14 -19.14 16.27
N ILE JA 278 -132.96 -18.92 16.86
CA ILE JA 278 -131.96 -19.96 17.07
C ILE JA 278 -131.72 -20.09 18.56
N GLU JA 279 -131.77 -21.31 19.06
CA GLU JA 279 -131.64 -21.59 20.49
C GLU JA 279 -130.35 -22.35 20.73
N LEU JA 280 -129.52 -21.84 21.65
CA LEU JA 280 -128.26 -22.46 22.01
C LEU JA 280 -128.27 -22.76 23.51
N GLU JA 281 -127.77 -23.94 23.86
CA GLU JA 281 -127.76 -24.41 25.24
C GLU JA 281 -126.34 -24.66 25.71
N LEU JA 282 -126.12 -24.46 27.01
CA LEU JA 282 -124.85 -24.75 27.65
C LEU JA 282 -125.11 -25.52 28.93
N SER JA 283 -124.34 -26.58 29.16
CA SER JA 283 -124.53 -27.40 30.33
C SER JA 283 -123.77 -26.82 31.53
N SER JA 284 -124.16 -27.26 32.73
CA SER JA 284 -123.47 -26.83 33.94
C SER JA 284 -122.07 -27.40 34.05
N THR JA 285 -121.78 -28.47 33.32
CA THR JA 285 -120.44 -29.06 33.33
C THR JA 285 -119.43 -28.22 32.56
N ASP JA 286 -119.90 -27.30 31.72
CA ASP JA 286 -119.02 -26.59 30.81
C ASP JA 286 -118.25 -25.49 31.53
N ASP JA 287 -117.17 -25.06 30.88
CA ASP JA 287 -116.29 -24.04 31.43
C ASP JA 287 -117.06 -22.71 31.53
N PRO JA 288 -116.90 -21.97 32.63
CA PRO JA 288 -117.51 -20.63 32.70
C PRO JA 288 -117.06 -19.73 31.55
N ILE JA 289 -117.99 -18.91 31.08
CA ILE JA 289 -117.73 -18.03 29.94
C ILE JA 289 -116.98 -16.79 30.42
N SER JA 290 -115.89 -16.46 29.73
CA SER JA 290 -115.06 -15.32 30.05
C SER JA 290 -114.78 -14.51 28.79
N PRO JA 291 -114.50 -13.22 28.91
CA PRO JA 291 -114.15 -12.41 27.74
C PRO JA 291 -112.93 -12.96 27.05
N PRO JA 292 -112.88 -12.90 25.72
CA PRO JA 292 -111.75 -13.48 25.00
C PRO JA 292 -110.46 -12.73 25.27
N ASP JA 293 -109.35 -13.48 25.24
CA ASP JA 293 -108.03 -12.90 25.45
C ASP JA 293 -107.05 -13.68 24.57
N ASN JA 294 -106.63 -13.05 23.47
CA ASN JA 294 -105.74 -13.66 22.48
C ASN JA 294 -106.34 -14.91 21.86
N LEU JA 295 -107.67 -15.03 21.86
CA LEU JA 295 -108.34 -16.16 21.24
C LEU JA 295 -108.40 -15.91 19.73
N ASP JA 296 -107.59 -16.66 18.98
CA ASP JA 296 -107.38 -16.46 17.54
C ASP JA 296 -107.34 -14.98 17.17
N GLY JA 297 -106.55 -14.23 17.93
CA GLY JA 297 -106.27 -12.84 17.61
C GLY JA 297 -107.10 -11.79 18.32
N MET JA 298 -108.40 -12.03 18.45
CA MET JA 298 -109.28 -11.01 19.00
C MET JA 298 -109.12 -10.91 20.52
N THR JA 299 -109.25 -9.69 21.01
CA THR JA 299 -109.23 -9.41 22.45
C THR JA 299 -110.35 -8.43 22.74
N PHE JA 300 -111.30 -8.83 23.58
CA PHE JA 300 -112.45 -8.01 23.90
C PHE JA 300 -112.69 -8.00 25.40
N ASP JA 301 -113.30 -6.91 25.88
CA ASP JA 301 -113.62 -6.76 27.29
C ASP JA 301 -114.79 -7.63 27.73
N ILE JA 302 -115.61 -8.10 26.80
CA ILE JA 302 -116.75 -8.96 27.13
C ILE JA 302 -116.84 -10.09 26.12
N PRO JA 303 -117.42 -11.22 26.53
CA PRO JA 303 -117.41 -12.41 25.67
C PRO JA 303 -118.16 -12.19 24.36
N VAL JA 304 -117.73 -12.93 23.34
CA VAL JA 304 -118.29 -12.84 22.00
C VAL JA 304 -118.85 -14.19 21.60
N LEU JA 305 -119.83 -14.15 20.68
CA LEU JA 305 -120.46 -15.35 20.15
C LEU JA 305 -120.20 -15.39 18.66
N LYS JA 306 -119.65 -16.51 18.18
CA LYS JA 306 -119.38 -16.70 16.76
C LYS JA 306 -120.38 -17.71 16.21
N LEU JA 307 -121.19 -17.28 15.25
CA LEU JA 307 -122.21 -18.12 14.63
C LEU JA 307 -122.14 -17.97 13.12
N GLY JA 308 -122.20 -19.10 12.43
CA GLY JA 308 -122.13 -19.09 10.98
C GLY JA 308 -122.39 -20.47 10.43
N THR JA 309 -122.52 -20.53 9.11
CA THR JA 309 -122.78 -21.78 8.40
C THR JA 309 -122.04 -21.75 7.08
N THR JA 310 -122.36 -22.71 6.21
CA THR JA 310 -121.70 -22.82 4.92
C THR JA 310 -122.61 -23.53 3.94
N GLN JA 311 -122.29 -23.38 2.65
CA GLN JA 311 -122.97 -24.01 1.51
C GLN JA 311 -124.48 -24.07 1.68
N LYS JA 312 -125.09 -22.98 2.12
CA LYS JA 312 -126.53 -22.94 2.37
C LYS JA 312 -126.95 -21.48 2.42
N PRO JA 313 -128.26 -21.21 2.36
CA PRO JA 313 -128.73 -19.82 2.45
C PRO JA 313 -128.24 -19.15 3.72
N MET JA 314 -127.91 -17.87 3.61
CA MET JA 314 -127.25 -17.15 4.69
C MET JA 314 -128.23 -16.82 5.80
N LEU JA 315 -127.68 -16.58 6.99
CA LEU JA 315 -128.48 -16.18 8.14
C LEU JA 315 -128.78 -14.68 8.06
N PRO JA 316 -130.00 -14.27 8.39
CA PRO JA 316 -130.28 -12.84 8.53
C PRO JA 316 -129.57 -12.26 9.74
N LYS JA 317 -129.46 -10.93 9.76
CA LYS JA 317 -128.77 -10.25 10.86
C LYS JA 317 -129.50 -10.50 12.17
N ILE JA 318 -128.73 -10.70 13.23
CA ILE JA 318 -129.30 -10.90 14.56
C ILE JA 318 -129.82 -9.58 15.08
N THR JA 319 -131.07 -9.59 15.56
CA THR JA 319 -131.73 -8.37 16.03
C THR JA 319 -132.10 -8.39 17.50
N GLY JA 320 -132.22 -9.56 18.12
CA GLY JA 320 -132.58 -9.64 19.52
C GLY JA 320 -131.91 -10.81 20.20
N ILE JA 321 -131.60 -10.62 21.48
CA ILE JA 321 -130.93 -11.63 22.29
C ILE JA 321 -131.73 -11.83 23.57
N GLU JA 322 -132.00 -13.08 23.92
CA GLU JA 322 -132.68 -13.42 25.17
C GLU JA 322 -131.82 -14.41 25.94
N ILE JA 323 -131.72 -14.19 27.25
CA ILE JA 323 -130.82 -14.94 28.12
C ILE JA 323 -131.65 -15.61 29.21
N ASN JA 324 -131.39 -16.91 29.44
CA ASN JA 324 -132.06 -17.66 30.48
C ASN JA 324 -131.06 -18.54 31.21
N ILE JA 325 -131.01 -18.41 32.53
CA ILE JA 325 -130.14 -19.21 33.37
C ILE JA 325 -130.96 -19.83 34.49
N ASN JA 326 -130.69 -21.09 34.81
CA ASN JA 326 -131.25 -21.73 35.98
C ASN JA 326 -130.12 -22.37 36.76
N GLY JA 327 -130.16 -22.22 38.09
CA GLY JA 327 -129.08 -22.68 38.94
C GLY JA 327 -128.72 -21.66 40.01
N ASN JA 328 -128.65 -22.10 41.26
CA ASN JA 328 -128.43 -21.22 42.39
C ASN JA 328 -127.00 -21.26 42.91
N ARG JA 329 -126.08 -21.87 42.16
CA ARG JA 329 -124.72 -22.06 42.67
C ARG JA 329 -123.90 -20.78 42.72
N SER JA 330 -124.39 -19.68 42.15
CA SER JA 330 -123.70 -18.40 42.19
C SER JA 330 -124.66 -17.29 42.60
N VAL JA 331 -125.45 -17.55 43.64
CA VAL JA 331 -126.37 -16.57 44.19
C VAL JA 331 -126.02 -16.34 45.65
N ARG JA 332 -125.79 -15.08 46.01
CA ARG JA 332 -125.52 -14.72 47.40
C ARG JA 332 -126.84 -14.61 48.15
N TYR JA 333 -127.06 -15.51 49.11
CA TYR JA 333 -128.30 -15.56 49.88
C TYR JA 333 -127.99 -15.43 51.36
N ALA JA 334 -128.73 -14.56 52.04
CA ALA JA 334 -128.51 -14.34 53.47
C ALA JA 334 -129.80 -13.82 54.09
N SER JA 335 -130.16 -14.36 55.24
CA SER JA 335 -131.33 -13.93 55.98
C SER JA 335 -130.90 -12.95 57.08
N ASP JA 336 -131.84 -12.61 57.97
CA ASP JA 336 -131.51 -11.71 59.07
C ASP JA 336 -130.55 -12.38 60.04
N GLY JA 337 -130.66 -13.69 60.24
CA GLY JA 337 -129.77 -14.37 61.14
C GLY JA 337 -128.33 -14.36 60.68
N GLY JA 338 -128.10 -14.54 59.39
CA GLY JA 338 -126.74 -14.55 58.86
C GLY JA 338 -126.71 -14.95 57.40
N ILE JA 339 -125.61 -15.58 57.01
CA ILE JA 339 -125.39 -16.02 55.64
C ILE JA 339 -125.50 -17.54 55.62
N GLU JA 340 -126.37 -18.07 54.76
CA GLU JA 340 -126.56 -19.49 54.61
C GLU JA 340 -126.44 -19.87 53.13
N GLN JA 341 -125.97 -21.09 52.89
CA GLN JA 341 -125.85 -21.61 51.54
C GLN JA 341 -127.22 -22.02 51.02
N THR JA 342 -127.54 -21.60 49.79
CA THR JA 342 -128.82 -21.95 49.20
C THR JA 342 -128.93 -23.43 48.84
N ASP JA 343 -127.82 -24.16 48.84
CA ASP JA 343 -127.82 -25.59 48.55
C ASP JA 343 -127.86 -26.45 49.81
N THR JA 344 -127.97 -25.84 50.99
CA THR JA 344 -128.04 -26.55 52.25
C THR JA 344 -129.29 -26.15 53.01
N THR JA 345 -129.53 -26.85 54.12
CA THR JA 345 -130.70 -26.58 54.93
C THR JA 345 -130.60 -25.20 55.58
N SER JA 346 -131.71 -24.47 55.60
CA SER JA 346 -131.73 -23.14 56.17
C SER JA 346 -133.17 -22.78 56.55
N SER JA 347 -133.29 -21.75 57.39
CA SER JA 347 -134.58 -21.19 57.76
C SER JA 347 -134.67 -19.78 57.19
N PRO JA 348 -135.38 -19.58 56.07
CA PRO JA 348 -135.37 -18.26 55.41
C PRO JA 348 -135.90 -17.13 56.27
N PHE JA 349 -136.88 -17.39 57.14
CA PHE JA 349 -137.52 -16.34 57.92
C PHE JA 349 -137.19 -16.43 59.40
N GLY JA 350 -136.14 -17.17 59.76
CA GLY JA 350 -135.74 -17.29 61.14
C GLY JA 350 -136.58 -18.28 61.91
N GLN JA 351 -136.23 -18.44 63.19
CA GLN JA 351 -136.92 -19.37 64.07
C GLN JA 351 -138.15 -18.75 64.74
N SER JA 352 -138.36 -17.44 64.57
CA SER JA 352 -139.54 -16.77 65.11
C SER JA 352 -139.93 -15.64 64.15
N PRO JA 353 -140.47 -15.98 62.98
CA PRO JA 353 -140.76 -14.95 61.98
C PRO JA 353 -141.86 -14.03 62.43
N SER JA 354 -141.81 -12.79 61.93
CA SER JA 354 -142.83 -11.78 62.15
C SER JA 354 -143.02 -11.00 60.86
N LEU JA 355 -143.95 -10.04 60.88
CA LEU JA 355 -144.17 -9.19 59.71
C LEU JA 355 -142.93 -8.38 59.39
N GLY JA 356 -142.52 -8.40 58.13
CA GLY JA 356 -141.33 -7.71 57.69
C GLY JA 356 -140.06 -8.51 57.74
N SER JA 357 -140.08 -9.71 58.32
CA SER JA 357 -138.90 -10.56 58.34
C SER JA 357 -138.68 -11.21 56.99
N GLY JA 358 -137.43 -11.50 56.67
CA GLY JA 358 -137.12 -12.14 55.42
C GLY JA 358 -135.62 -12.24 55.18
N PHE JA 359 -135.26 -12.31 53.91
CA PHE JA 359 -133.87 -12.52 53.50
C PHE JA 359 -133.56 -11.62 52.31
N ASN JA 360 -132.30 -11.65 51.87
CA ASN JA 360 -131.84 -10.85 50.75
C ASN JA 360 -131.07 -11.73 49.77
N LEU JA 361 -131.16 -11.38 48.49
CA LEU JA 361 -130.49 -12.11 47.43
C LEU JA 361 -129.79 -11.14 46.50
N VAL JA 362 -128.71 -11.61 45.86
CA VAL JA 362 -128.00 -10.84 44.85
C VAL JA 362 -127.20 -11.80 44.01
N ALA JA 363 -126.90 -11.40 42.77
CA ALA JA 363 -126.12 -12.21 41.85
C ALA JA 363 -125.46 -11.30 40.83
N PRO JA 364 -124.21 -11.58 40.44
CA PRO JA 364 -123.54 -10.71 39.46
C PRO JA 364 -124.25 -10.64 38.12
N GLU JA 365 -124.95 -11.70 37.72
CA GLU JA 365 -125.63 -11.70 36.42
C GLU JA 365 -126.73 -10.65 36.37
N TRP JA 366 -127.35 -10.35 37.52
CA TRP JA 366 -128.45 -9.40 37.52
C TRP JA 366 -127.97 -7.97 37.32
N TYR JA 367 -126.75 -7.67 37.72
CA TYR JA 367 -126.22 -6.33 37.57
C TYR JA 367 -126.02 -5.98 36.10
N GLY JA 368 -126.42 -4.77 35.71
CA GLY JA 368 -126.30 -4.33 34.34
C GLY JA 368 -127.50 -4.66 33.46
N THR JA 369 -128.49 -5.38 33.98
CA THR JA 369 -129.67 -5.74 33.20
C THR JA 369 -130.78 -4.73 33.44
N GLU JA 370 -131.92 -4.99 32.81
CA GLU JA 370 -133.07 -4.10 32.91
C GLU JA 370 -134.32 -4.86 32.55
N ASN JA 371 -135.38 -4.66 33.33
CA ASN JA 371 -136.68 -5.33 33.12
C ASN JA 371 -136.53 -6.84 33.08
N ALA JA 372 -135.68 -7.37 33.95
CA ALA JA 372 -135.40 -8.80 33.98
C ALA JA 372 -136.47 -9.54 34.78
N THR JA 373 -136.39 -10.87 34.73
CA THR JA 373 -137.32 -11.74 35.44
C THR JA 373 -136.54 -12.68 36.33
N LEU JA 374 -136.96 -12.81 37.58
CA LEU JA 374 -136.31 -13.67 38.56
C LEU JA 374 -137.34 -14.66 39.10
N THR JA 375 -136.96 -15.94 39.14
CA THR JA 375 -137.83 -17.01 39.60
C THR JA 375 -137.13 -17.80 40.69
N MET JA 376 -137.81 -18.02 41.81
CA MET JA 376 -137.29 -18.79 42.92
C MET JA 376 -138.27 -19.88 43.30
N THR JA 377 -137.76 -21.07 43.60
CA THR JA 377 -138.57 -22.21 44.02
C THR JA 377 -137.97 -22.82 45.26
N PRO JA 378 -138.59 -22.66 46.44
CA PRO JA 378 -138.03 -23.24 47.66
C PRO JA 378 -138.52 -24.65 47.90
N GLN JA 379 -137.59 -25.52 48.30
CA GLN JA 379 -137.90 -26.91 48.62
C GLN JA 379 -138.27 -26.99 50.09
N TRP JA 380 -139.58 -26.94 50.37
CA TRP JA 380 -140.06 -26.95 51.75
C TRP JA 380 -139.86 -28.33 52.38
N VAL JA 381 -139.66 -28.33 53.69
CA VAL JA 381 -139.46 -29.55 54.46
C VAL JA 381 -140.26 -29.46 55.74
N GLY JA 382 -140.84 -30.58 56.16
CA GLY JA 382 -141.64 -30.62 57.37
C GLY JA 382 -142.95 -29.87 57.29
N LEU JA 383 -143.63 -29.94 56.14
CA LEU JA 383 -144.94 -29.33 56.01
C LEU JA 383 -146.00 -30.22 56.67
N PRO JA 384 -147.05 -29.63 57.21
CA PRO JA 384 -148.13 -30.43 57.81
C PRO JA 384 -148.82 -31.29 56.77
N THR JA 385 -149.25 -32.48 57.20
CA THR JA 385 -149.94 -33.40 56.31
C THR JA 385 -151.36 -32.95 55.99
N SER JA 386 -151.88 -31.94 56.68
CA SER JA 386 -153.21 -31.40 56.45
C SER JA 386 -153.10 -29.91 56.14
N SER JA 387 -154.26 -29.30 55.91
CA SER JA 387 -154.28 -27.86 55.60
C SER JA 387 -153.86 -27.05 56.81
N PHE JA 388 -153.30 -25.85 56.53
CA PHE JA 388 -152.93 -24.95 57.60
C PHE JA 388 -154.13 -24.54 58.43
N SER JA 389 -155.30 -24.43 57.81
CA SER JA 389 -156.52 -24.16 58.56
C SER JA 389 -156.81 -25.27 59.55
N THR JA 390 -156.63 -26.52 59.13
CA THR JA 390 -156.79 -27.65 60.05
C THR JA 390 -155.70 -27.64 61.12
N TRP JA 391 -154.45 -27.39 60.72
CA TRP JA 391 -153.35 -27.37 61.68
C TRP JA 391 -153.50 -26.22 62.67
N TYR JA 392 -153.83 -25.03 62.17
CA TYR JA 392 -154.07 -23.86 63.02
C TYR JA 392 -155.56 -23.71 63.31
N ASP JA 393 -156.13 -24.77 63.87
CA ASP JA 393 -157.58 -24.79 64.06
C ASP JA 393 -158.02 -23.86 65.19
N LYS JA 394 -157.32 -23.89 66.31
CA LYS JA 394 -157.73 -23.15 67.49
C LYS JA 394 -157.19 -21.72 67.54
N TYR JA 395 -156.29 -21.35 66.64
CA TYR JA 395 -155.75 -19.99 66.64
C TYR JA 395 -156.79 -19.00 66.15
N ASN JA 396 -156.80 -17.82 66.77
CA ASN JA 396 -157.76 -16.77 66.43
C ASN JA 396 -157.03 -15.58 65.84
N PRO JA 397 -157.31 -15.19 64.59
CA PRO JA 397 -158.27 -15.79 63.65
C PRO JA 397 -157.76 -17.09 63.02
N LYS JA 398 -158.66 -17.93 62.56
CA LYS JA 398 -158.28 -19.20 61.93
C LYS JA 398 -157.91 -18.97 60.47
N PRO JA 399 -156.71 -19.38 60.04
CA PRO JA 399 -156.25 -19.11 58.65
C PRO JA 399 -156.83 -20.06 57.61
N ALA JA 400 -158.05 -19.77 57.18
CA ALA JA 400 -158.66 -20.54 56.11
C ALA JA 400 -158.06 -20.15 54.77
N SER JA 401 -158.27 -21.02 53.77
CA SER JA 401 -157.84 -20.77 52.39
C SER JA 401 -156.33 -20.53 52.32
N ASN JA 402 -155.59 -21.61 52.59
CA ASN JA 402 -154.14 -21.61 52.59
C ASN JA 402 -153.56 -20.78 51.45
N GLY JA 403 -152.73 -19.81 51.80
CA GLY JA 403 -152.23 -18.84 50.83
C GLY JA 403 -152.28 -17.44 51.39
N VAL JA 404 -152.77 -17.31 52.62
CA VAL JA 404 -152.80 -16.01 53.29
C VAL JA 404 -151.39 -15.54 53.62
N PHE JA 405 -150.42 -16.44 53.67
CA PHE JA 405 -149.03 -16.07 53.88
C PHE JA 405 -148.50 -15.47 52.58
N LYS JA 406 -148.23 -14.17 52.59
CA LYS JA 406 -147.83 -13.45 51.39
C LYS JA 406 -146.46 -12.84 51.58
N VAL JA 407 -145.78 -12.62 50.46
CA VAL JA 407 -144.42 -12.08 50.47
C VAL JA 407 -144.37 -10.86 49.56
N GLN JA 408 -143.38 -10.01 49.82
CA GLN JA 408 -143.17 -8.80 49.03
C GLN JA 408 -141.70 -8.73 48.62
N GLY JA 409 -141.43 -8.11 47.48
CA GLY JA 409 -140.08 -7.97 46.96
C GLY JA 409 -139.65 -6.51 47.00
N TYR JA 410 -138.43 -6.28 47.46
CA TYR JA 410 -137.88 -4.93 47.58
C TYR JA 410 -136.49 -4.89 46.95
N LEU JA 411 -136.19 -3.75 46.33
CA LEU JA 411 -134.85 -3.43 45.85
C LEU JA 411 -134.21 -2.50 46.88
N VAL JA 412 -133.23 -3.01 47.61
CA VAL JA 412 -132.65 -2.31 48.76
C VAL JA 412 -131.31 -1.73 48.35
N THR JA 413 -131.18 -0.41 48.50
CA THR JA 413 -129.92 0.30 48.29
C THR JA 413 -129.63 1.16 49.51
N SER JA 414 -128.41 1.70 49.55
CA SER JA 414 -128.03 2.56 50.67
C SER JA 414 -128.86 3.83 50.73
N GLN JA 415 -129.47 4.23 49.62
CA GLN JA 415 -130.23 5.47 49.58
C GLN JA 415 -131.65 5.27 50.06
N LYS JA 416 -132.34 4.25 49.55
CA LYS JA 416 -133.75 4.05 49.83
C LYS JA 416 -134.11 2.62 49.46
N ARG JA 417 -135.38 2.27 49.70
CA ARG JA 417 -135.95 0.98 49.31
C ARG JA 417 -137.04 1.22 48.28
N ASP JA 418 -137.12 0.32 47.30
CA ASP JA 418 -138.12 0.41 46.25
C ASP JA 418 -138.95 -0.87 46.23
N VAL JA 419 -140.23 -0.73 45.89
CA VAL JA 419 -141.16 -1.84 45.90
C VAL JA 419 -141.20 -2.46 44.51
N LEU JA 420 -141.05 -3.79 44.45
CA LEU JA 420 -141.07 -4.53 43.21
C LEU JA 420 -142.46 -5.11 42.95
N ASN JA 421 -142.68 -5.52 41.69
CA ASN JA 421 -143.91 -6.18 41.27
C ASN JA 421 -145.14 -5.33 41.51
N ASP JA 422 -144.97 -4.00 41.50
CA ASP JA 422 -146.07 -3.05 41.70
C ASP JA 422 -146.82 -3.32 42.99
N ALA JA 423 -146.05 -3.57 44.06
CA ALA JA 423 -146.55 -3.74 45.42
C ALA JA 423 -147.48 -4.94 45.60
N LYS JA 424 -147.55 -5.83 44.61
CA LYS JA 424 -148.37 -7.02 44.75
C LYS JA 424 -147.71 -8.04 45.66
N SER JA 425 -148.52 -8.93 46.21
CA SER JA 425 -148.06 -9.98 47.11
C SER JA 425 -148.34 -11.34 46.50
N GLN JA 426 -147.43 -12.29 46.73
CA GLN JA 426 -147.56 -13.63 46.19
C GLN JA 426 -147.72 -14.65 47.32
N PRO JA 427 -148.54 -15.68 47.11
CA PRO JA 427 -148.74 -16.69 48.16
C PRO JA 427 -147.60 -17.70 48.18
N LEU JA 428 -147.06 -17.96 49.38
CA LEU JA 428 -146.01 -18.94 49.52
C LEU JA 428 -146.50 -20.34 49.20
N PHE JA 429 -147.72 -20.68 49.63
CA PHE JA 429 -148.27 -22.01 49.47
C PHE JA 429 -149.61 -21.94 48.75
N ASP JA 430 -150.04 -23.09 48.23
CA ASP JA 430 -151.31 -23.18 47.53
C ASP JA 430 -151.87 -24.59 47.71
N GLY JA 431 -153.16 -24.72 47.43
CA GLY JA 431 -153.84 -25.99 47.54
C GLY JA 431 -154.73 -26.05 48.77
N THR JA 432 -155.84 -26.78 48.63
CA THR JA 432 -156.81 -26.91 49.72
C THR JA 432 -156.44 -28.01 50.70
N GLY JA 433 -155.69 -29.02 50.27
CA GLY JA 433 -155.24 -30.05 51.16
C GLY JA 433 -153.98 -29.65 51.90
N ALA JA 434 -152.98 -30.51 51.92
CA ALA JA 434 -151.69 -30.14 52.49
C ALA JA 434 -151.08 -29.00 51.68
N PRO JA 435 -150.37 -28.08 52.33
CA PRO JA 435 -149.78 -26.95 51.58
C PRO JA 435 -148.80 -27.44 50.53
N GLN JA 436 -148.80 -26.75 49.38
CA GLN JA 436 -147.92 -27.06 48.26
C GLN JA 436 -147.07 -25.85 47.96
N GLY JA 437 -145.75 -26.04 47.92
CA GLY JA 437 -144.86 -24.96 47.57
C GLY JA 437 -145.02 -24.54 46.12
N GLN JA 438 -144.88 -23.25 45.88
CA GLN JA 438 -145.02 -22.70 44.53
C GLN JA 438 -143.92 -21.67 44.30
N SER JA 439 -143.60 -21.46 43.02
CA SER JA 439 -142.52 -20.56 42.66
C SER JA 439 -142.95 -19.11 42.88
N LEU JA 440 -141.94 -18.23 42.94
CA LEU JA 440 -142.14 -16.81 43.15
C LEU JA 440 -141.42 -16.03 42.06
N THR JA 441 -142.11 -15.09 41.45
CA THR JA 441 -141.59 -14.34 40.31
C THR JA 441 -141.55 -12.85 40.63
N PHE JA 442 -140.46 -12.21 40.23
CA PHE JA 442 -140.28 -10.77 40.44
C PHE JA 442 -139.69 -10.14 39.18
N ILE JA 443 -139.96 -8.86 39.00
CA ILE JA 443 -139.45 -8.09 37.87
C ILE JA 443 -138.55 -6.99 38.43
N LEU JA 444 -137.32 -6.92 37.91
CA LEU JA 444 -136.36 -5.97 38.45
C LEU JA 444 -136.23 -4.74 37.56
N PRO JA 445 -136.00 -3.57 38.14
CA PRO JA 445 -135.84 -2.35 37.32
C PRO JA 445 -134.44 -2.23 36.75
N ALA JA 446 -134.15 -1.09 36.10
CA ALA JA 446 -132.82 -0.83 35.56
C ALA JA 446 -131.79 -0.86 36.68
N MET JA 447 -130.90 -1.84 36.65
CA MET JA 447 -129.98 -2.13 37.75
C MET JA 447 -128.55 -2.00 37.23
N HIS JA 448 -128.02 -0.79 37.26
CA HIS JA 448 -126.68 -0.48 36.74
C HIS JA 448 -125.80 -0.09 37.93
N TYR JA 449 -125.16 -1.08 38.54
CA TYR JA 449 -124.33 -0.87 39.70
C TYR JA 449 -123.01 -1.62 39.55
N PRO JA 450 -121.94 -1.14 40.18
CA PRO JA 450 -120.65 -1.84 40.09
C PRO JA 450 -120.68 -3.17 40.82
N LEU JA 451 -119.80 -4.07 40.37
CA LEU JA 451 -119.70 -5.41 40.94
C LEU JA 451 -118.79 -5.40 42.16
N THR JA 452 -119.18 -6.16 43.17
CA THR JA 452 -118.40 -6.35 44.39
C THR JA 452 -118.11 -7.83 44.59
N ASP JA 453 -117.40 -8.14 45.67
CA ASP JA 453 -117.04 -9.52 45.98
C ASP JA 453 -117.47 -9.95 47.38
N SER JA 454 -118.19 -9.12 48.11
CA SER JA 454 -118.60 -9.47 49.46
C SER JA 454 -119.65 -10.58 49.40
N PRO JA 455 -119.46 -11.67 50.15
CA PRO JA 455 -120.46 -12.75 50.13
C PRO JA 455 -121.83 -12.31 50.61
N SER JA 456 -121.90 -11.40 51.57
CA SER JA 456 -123.19 -10.95 52.08
C SER JA 456 -123.83 -10.00 51.08
N PRO JA 457 -125.07 -10.27 50.64
CA PRO JA 457 -125.72 -9.36 49.69
C PRO JA 457 -125.99 -7.97 50.24
N ASN JA 458 -125.97 -7.80 51.56
CA ASN JA 458 -126.24 -6.49 52.15
C ASN JA 458 -125.17 -5.48 51.76
N GLU JA 459 -123.91 -5.90 51.74
CA GLU JA 459 -122.82 -4.97 51.39
C GLU JA 459 -122.88 -4.53 49.94
N TRP JA 460 -123.57 -5.26 49.08
CA TRP JA 460 -123.67 -4.87 47.68
C TRP JA 460 -124.47 -3.57 47.55
N PRO JA 461 -124.18 -2.77 46.53
CA PRO JA 461 -124.94 -1.52 46.35
C PRO JA 461 -126.43 -1.74 46.18
N ALA JA 462 -126.83 -2.82 45.52
CA ALA JA 462 -128.23 -3.15 45.33
C ALA JA 462 -128.44 -4.64 45.62
N SER JA 463 -129.58 -4.95 46.24
CA SER JA 463 -129.92 -6.33 46.56
C SER JA 463 -131.43 -6.50 46.50
N VAL JA 464 -131.85 -7.75 46.38
CA VAL JA 464 -133.27 -8.10 46.31
C VAL JA 464 -133.68 -8.68 47.65
N ARG JA 465 -134.65 -8.04 48.31
CA ARG JA 465 -135.10 -8.43 49.64
C ARG JA 465 -136.53 -8.94 49.56
N ILE JA 466 -136.78 -10.09 50.20
CA ILE JA 466 -138.10 -10.69 50.27
C ILE JA 466 -138.55 -10.65 51.72
N GLU JA 467 -139.79 -10.22 51.95
CA GLU JA 467 -140.31 -10.03 53.30
C GLU JA 467 -141.73 -10.59 53.40
N LEU JA 468 -142.09 -11.04 54.59
CA LEU JA 468 -143.46 -11.44 54.86
C LEU JA 468 -144.38 -10.23 54.83
N ALA JA 469 -145.60 -10.42 54.32
CA ALA JA 469 -146.47 -9.29 54.01
C ALA JA 469 -147.72 -9.24 54.89
N GLU JA 470 -148.55 -10.28 54.88
CA GLU JA 470 -149.90 -10.18 55.46
C GLU JA 470 -150.01 -10.79 56.84
N GLN JA 471 -149.71 -12.08 56.98
CA GLN JA 471 -150.04 -12.80 58.21
C GLN JA 471 -148.86 -13.66 58.65
N ASP JA 472 -148.57 -13.60 59.94
CA ASP JA 472 -147.52 -14.40 60.55
C ASP JA 472 -148.00 -15.83 60.77
N PHE JA 473 -147.05 -16.73 61.03
CA PHE JA 473 -147.37 -18.11 61.36
C PHE JA 473 -147.87 -18.29 62.78
N MET JA 474 -148.20 -17.19 63.46
CA MET JA 474 -148.74 -17.21 64.83
C MET JA 474 -147.81 -17.93 65.79
N HIS JA 475 -146.57 -17.42 65.87
CA HIS JA 475 -145.67 -17.80 66.95
C HIS JA 475 -145.95 -16.98 68.22
N ALA JA 476 -146.37 -15.72 68.05
CA ALA JA 476 -146.76 -14.91 69.20
C ALA JA 476 -148.01 -15.43 69.86
N GLN JA 477 -149.01 -15.84 69.06
CA GLN JA 477 -150.24 -16.38 69.62
C GLN JA 477 -149.97 -17.68 70.37
N TYR JA 478 -149.11 -18.54 69.83
CA TYR JA 478 -148.80 -19.80 70.50
C TYR JA 478 -148.11 -19.55 71.83
N TRP JA 479 -147.18 -18.58 71.87
CA TRP JA 479 -146.54 -18.25 73.14
C TRP JA 479 -147.50 -17.55 74.10
N GLN JA 480 -148.53 -16.89 73.56
CA GLN JA 480 -149.50 -16.21 74.41
C GLN JA 480 -150.34 -17.21 75.19
N ASN JA 481 -150.89 -18.22 74.51
CA ASN JA 481 -151.75 -19.24 75.12
C ASN JA 481 -151.29 -20.61 74.66
N PRO JA 482 -150.21 -21.13 75.24
CA PRO JA 482 -149.64 -22.41 74.77
C PRO JA 482 -150.38 -23.63 75.32
N THR JA 483 -151.64 -23.77 74.90
CA THR JA 483 -152.43 -24.94 75.28
C THR JA 483 -153.49 -25.18 74.21
N ASP JA 484 -153.78 -26.46 73.97
CA ASP JA 484 -154.77 -26.90 72.98
C ASP JA 484 -154.42 -26.43 71.57
N LYS JA 485 -153.14 -26.17 71.29
CA LYS JA 485 -152.70 -25.73 69.98
C LYS JA 485 -151.50 -26.58 69.55
N ASN JA 486 -151.40 -26.84 68.25
CA ASN JA 486 -150.22 -27.48 67.71
C ASN JA 486 -149.06 -26.49 67.67
N VAL JA 487 -147.85 -27.03 67.56
CA VAL JA 487 -146.66 -26.18 67.45
C VAL JA 487 -146.73 -25.38 66.15
N PRO JA 488 -146.51 -24.07 66.17
CA PRO JA 488 -146.57 -23.30 64.93
C PRO JA 488 -145.49 -23.72 63.96
N TYR JA 489 -145.81 -23.65 62.67
CA TYR JA 489 -144.88 -24.09 61.64
C TYR JA 489 -143.76 -23.07 61.47
N THR JA 490 -142.52 -23.55 61.51
CA THR JA 490 -141.36 -22.72 61.25
C THR JA 490 -140.85 -23.00 59.85
N PRO JA 491 -140.87 -22.02 58.95
CA PRO JA 491 -140.43 -22.28 57.56
C PRO JA 491 -138.98 -22.76 57.51
N GLN JA 492 -138.79 -23.95 56.94
CA GLN JA 492 -137.47 -24.54 56.77
C GLN JA 492 -137.28 -24.92 55.31
N ILE JA 493 -136.12 -24.56 54.76
CA ILE JA 493 -135.79 -24.82 53.36
C ILE JA 493 -134.59 -25.75 53.31
N SER JA 494 -134.69 -26.80 52.50
CA SER JA 494 -133.55 -27.66 52.22
C SER JA 494 -132.72 -27.13 51.05
N ALA JA 495 -133.38 -26.56 50.04
CA ALA JA 495 -132.70 -25.96 48.91
C ALA JA 495 -133.63 -24.93 48.29
N LEU JA 496 -133.04 -24.01 47.51
CA LEU JA 496 -133.78 -22.95 46.85
C LEU JA 496 -133.31 -22.85 45.41
N GLN JA 497 -134.15 -23.26 44.47
CA GLN JA 497 -133.82 -23.20 43.06
C GLN JA 497 -134.04 -21.79 42.52
N ILE JA 498 -133.08 -21.30 41.75
CA ILE JA 498 -133.10 -19.94 41.23
C ILE JA 498 -133.01 -19.99 39.72
N GLN JA 499 -133.90 -19.28 39.05
CA GLN JA 499 -133.90 -19.15 37.59
C GLN JA 499 -133.96 -17.68 37.22
N PHE JA 500 -133.17 -17.29 36.22
CA PHE JA 500 -133.05 -15.90 35.81
C PHE JA 500 -133.27 -15.78 34.32
N SER JA 501 -133.93 -14.69 33.91
CA SER JA 501 -134.21 -14.43 32.51
C SER JA 501 -134.17 -12.93 32.25
N THR JA 502 -133.72 -12.58 31.04
CA THR JA 502 -133.64 -11.17 30.64
C THR JA 502 -133.63 -11.09 29.12
N THR JA 503 -133.88 -9.89 28.62
CA THR JA 503 -133.86 -9.61 27.19
C THR JA 503 -132.90 -8.46 26.92
N ALA JA 504 -132.10 -8.60 25.88
CA ALA JA 504 -131.07 -7.62 25.57
C ALA JA 504 -131.67 -6.40 24.89
N LYS JA 505 -131.32 -5.22 25.41
CA LYS JA 505 -131.67 -3.97 24.73
C LYS JA 505 -130.81 -3.80 23.49
N PRO JA 506 -131.29 -3.02 22.51
CA PRO JA 506 -130.52 -2.85 21.26
C PRO JA 506 -129.14 -2.25 21.47
N GLU JA 507 -128.92 -1.53 22.56
CA GLU JA 507 -127.63 -0.90 22.83
C GLU JA 507 -126.68 -1.77 23.63
N GLN JA 508 -127.08 -3.00 23.95
CA GLN JA 508 -126.27 -3.90 24.77
C GLN JA 508 -125.51 -4.94 23.96
N PHE JA 509 -125.63 -4.93 22.63
CA PHE JA 509 -124.96 -5.94 21.82
C PHE JA 509 -124.62 -5.35 20.46
N THR JA 510 -123.61 -5.94 19.82
CA THR JA 510 -123.15 -5.52 18.51
C THR JA 510 -122.97 -6.75 17.61
N VAL JA 511 -123.18 -6.56 16.31
CA VAL JA 511 -123.12 -7.63 15.34
C VAL JA 511 -122.14 -7.24 14.24
N TYR JA 512 -121.26 -8.17 13.86
CA TYR JA 512 -120.29 -7.97 12.81
C TYR JA 512 -120.41 -9.05 11.76
N PRO JA 513 -120.47 -8.70 10.47
CA PRO JA 513 -120.46 -9.74 9.44
C PRO JA 513 -119.12 -10.45 9.38
N LEU JA 514 -119.16 -11.70 8.90
CA LEU JA 514 -117.99 -12.56 8.90
C LEU JA 514 -117.32 -12.58 7.53
N THR JA 515 -116.00 -12.52 7.53
CA THR JA 515 -115.15 -12.64 6.36
C THR JA 515 -114.16 -13.78 6.58
N PRO JA 516 -113.57 -14.32 5.50
CA PRO JA 516 -112.77 -15.54 5.64
C PRO JA 516 -111.63 -15.46 6.64
N PHE JA 517 -111.16 -14.25 6.99
CA PHE JA 517 -110.07 -14.14 7.96
C PHE JA 517 -110.32 -13.03 8.96
N GLY JA 518 -111.58 -12.69 9.22
CA GLY JA 518 -111.88 -11.64 10.17
C GLY JA 518 -113.34 -11.25 10.09
N TRP JA 519 -113.63 -10.01 10.52
CA TRP JA 519 -114.98 -9.49 10.49
C TRP JA 519 -114.96 -8.05 10.00
N ALA JA 520 -115.96 -7.68 9.20
CA ALA JA 520 -116.11 -6.32 8.77
C ALA JA 520 -116.83 -5.49 9.84
N ASN JA 521 -116.86 -4.18 9.62
CA ASN JA 521 -117.51 -3.29 10.58
C ASN JA 521 -119.04 -3.45 10.50
N THR JA 522 -119.71 -2.88 11.50
CA THR JA 522 -121.16 -2.94 11.54
C THR JA 522 -121.77 -2.17 10.39
N ASN JA 523 -122.93 -2.65 9.93
CA ASN JA 523 -123.68 -2.05 8.83
C ASN JA 523 -122.87 -2.00 7.53
N GLU JA 524 -121.93 -2.91 7.36
CA GLU JA 524 -121.11 -3.00 6.16
C GLU JA 524 -121.30 -4.36 5.52
N ASP JA 525 -121.55 -4.38 4.22
CA ASP JA 525 -121.69 -5.63 3.50
C ASP JA 525 -120.31 -6.25 3.27
N PRO JA 526 -120.07 -7.49 3.70
CA PRO JA 526 -118.75 -8.09 3.48
C PRO JA 526 -118.49 -8.28 2.00
N PRO JA 527 -117.22 -8.21 1.58
CA PRO JA 527 -116.91 -8.40 0.16
C PRO JA 527 -117.33 -9.78 -0.32
N SER JA 528 -117.82 -9.83 -1.56
CA SER JA 528 -118.30 -11.07 -2.15
C SER JA 528 -117.16 -11.85 -2.76
N PHE JA 529 -117.28 -13.18 -2.72
CA PHE JA 529 -116.27 -14.08 -3.28
C PHE JA 529 -116.65 -14.38 -4.73
N THR JA 530 -115.82 -13.92 -5.66
CA THR JA 530 -116.05 -14.18 -7.09
C THR JA 530 -114.81 -14.81 -7.72
N ASN JA 531 -113.64 -14.48 -7.17
CA ASN JA 531 -112.37 -14.99 -7.67
C ASN JA 531 -111.53 -15.48 -6.50
N ASP JA 532 -110.55 -16.34 -6.82
CA ASP JA 532 -109.60 -16.78 -5.82
C ASP JA 532 -108.71 -15.61 -5.40
N ALA JA 533 -108.35 -15.59 -4.11
CA ALA JA 533 -107.61 -14.49 -3.53
C ALA JA 533 -106.39 -15.00 -2.78
N LEU JA 534 -105.29 -14.28 -2.90
CA LEU JA 534 -104.05 -14.58 -2.20
C LEU JA 534 -103.66 -13.36 -1.36
N TYR JA 535 -103.22 -13.62 -0.13
CA TYR JA 535 -102.94 -12.55 0.83
C TYR JA 535 -101.46 -12.56 1.22
N LEU JA 536 -100.94 -11.37 1.51
CA LEU JA 536 -99.57 -11.20 1.98
C LEU JA 536 -99.57 -10.23 3.15
N GLY JA 537 -98.73 -10.52 4.14
CA GLY JA 537 -98.69 -9.70 5.35
C GLY JA 537 -97.28 -9.27 5.69
N PHE JA 538 -97.15 -8.00 6.09
CA PHE JA 538 -95.87 -7.41 6.47
C PHE JA 538 -96.02 -6.73 7.81
N THR JA 539 -95.04 -6.93 8.70
CA THR JA 539 -95.17 -6.49 10.08
C THR JA 539 -94.53 -5.13 10.35
N ASN JA 540 -93.21 -5.01 10.12
CA ASN JA 540 -92.45 -3.86 10.57
C ASN JA 540 -92.24 -2.82 9.47
N VAL JA 541 -93.21 -2.66 8.57
CA VAL JA 541 -93.14 -1.67 7.52
C VAL JA 541 -94.02 -0.50 7.90
N LEU JA 542 -93.74 0.67 7.33
CA LEU JA 542 -94.51 1.87 7.57
C LEU JA 542 -95.12 2.36 6.25
N PRO JA 543 -96.29 3.00 6.32
CA PRO JA 543 -96.87 3.56 5.09
C PRO JA 543 -95.95 4.59 4.47
N GLY JA 544 -95.93 4.60 3.13
CA GLY JA 544 -95.02 5.45 2.39
C GLY JA 544 -93.69 4.83 2.06
N GLN JA 545 -93.38 3.66 2.60
CA GLN JA 545 -92.17 2.93 2.28
C GLN JA 545 -92.38 2.06 1.05
N THR JA 546 -91.29 1.48 0.56
CA THR JA 546 -91.30 0.67 -0.64
C THR JA 546 -91.20 -0.81 -0.28
N LEU JA 547 -92.11 -1.62 -0.80
CA LEU JA 547 -92.08 -3.07 -0.62
C LEU JA 547 -91.34 -3.68 -1.79
N SER JA 548 -90.17 -4.24 -1.54
CA SER JA 548 -89.35 -4.87 -2.57
C SER JA 548 -89.28 -6.37 -2.30
N LEU JA 549 -89.76 -7.17 -3.25
CA LEU JA 549 -89.82 -8.62 -3.10
C LEU JA 549 -89.24 -9.30 -4.33
N TYR JA 550 -88.82 -10.55 -4.14
CA TYR JA 550 -88.38 -11.42 -5.21
C TYR JA 550 -89.14 -12.73 -5.13
N TRP JA 551 -89.71 -13.16 -6.24
CA TRP JA 551 -90.44 -14.40 -6.33
C TRP JA 551 -89.59 -15.45 -7.03
N GLN JA 552 -89.61 -16.68 -6.52
CA GLN JA 552 -89.08 -17.83 -7.24
C GLN JA 552 -90.25 -18.74 -7.60
N LEU JA 553 -90.51 -18.86 -8.90
CA LEU JA 553 -91.66 -19.59 -9.40
C LEU JA 553 -91.24 -20.55 -10.50
N GLU JA 554 -92.15 -21.45 -10.86
CA GLU JA 554 -92.05 -22.22 -12.10
C GLU JA 554 -93.43 -22.14 -12.75
N GLY JA 555 -93.63 -21.07 -13.53
CA GLY JA 555 -94.93 -20.79 -14.08
C GLY JA 555 -95.20 -21.51 -15.38
N PHE JA 556 -96.48 -21.55 -15.74
CA PHE JA 556 -96.91 -22.20 -16.98
C PHE JA 556 -97.84 -21.28 -17.77
N LYS JA 557 -98.51 -20.37 -17.07
CA LYS JA 557 -99.42 -19.42 -17.71
C LYS JA 557 -99.35 -18.10 -16.98
N ALA JA 558 -99.76 -17.03 -17.67
CA ALA JA 558 -99.82 -15.71 -17.10
C ALA JA 558 -101.20 -15.48 -16.51
N LEU JA 559 -101.28 -15.41 -15.18
CA LEU JA 559 -102.55 -15.25 -14.51
C LEU JA 559 -103.07 -13.82 -14.66
N ASN JA 560 -104.37 -13.66 -14.46
CA ASN JA 560 -105.02 -12.36 -14.43
C ASN JA 560 -105.13 -11.91 -12.98
N LEU JA 561 -104.28 -10.98 -12.59
CA LEU JA 561 -104.17 -10.56 -11.20
C LEU JA 561 -104.63 -9.12 -11.03
N SER JA 562 -105.30 -8.85 -9.91
CA SER JA 562 -105.65 -7.51 -9.50
C SER JA 562 -105.22 -7.34 -8.05
N TRP JA 563 -104.47 -6.28 -7.77
CA TRP JA 563 -103.84 -6.10 -6.48
C TRP JA 563 -104.60 -5.09 -5.63
N PHE JA 564 -104.78 -5.42 -4.36
CA PHE JA 564 -105.49 -4.56 -3.42
C PHE JA 564 -104.70 -4.46 -2.12
N TYR JA 565 -104.92 -3.37 -1.40
CA TYR JA 565 -104.30 -3.16 -0.10
C TYR JA 565 -105.36 -2.74 0.90
N LEU JA 566 -105.13 -3.11 2.16
CA LEU JA 566 -106.07 -2.81 3.23
C LEU JA 566 -105.85 -1.39 3.73
N ASN JA 567 -106.88 -0.56 3.65
CA ASN JA 567 -106.80 0.83 4.06
C ASN JA 567 -107.48 1.02 5.42
N GLN JA 568 -107.43 2.26 5.92
CA GLN JA 568 -108.01 2.57 7.22
C GLN JA 568 -109.53 2.45 7.20
N SER JA 569 -110.17 2.55 6.04
CA SER JA 569 -111.61 2.45 5.93
C SER JA 569 -112.11 1.02 5.91
N ASN JA 570 -111.26 0.05 6.26
CA ASN JA 570 -111.64 -1.36 6.32
C ASN JA 570 -112.13 -1.86 4.96
N THR JA 571 -111.50 -1.37 3.89
CA THR JA 571 -111.82 -1.83 2.54
C THR JA 571 -110.56 -2.28 1.81
N TRP JA 572 -110.70 -2.62 0.54
CA TRP JA 572 -109.57 -3.06 -0.29
C TRP JA 572 -109.36 -2.02 -1.38
N GLY JA 573 -108.42 -1.10 -1.13
CA GLY JA 573 -108.10 -0.09 -2.13
C GLY JA 573 -107.26 -0.67 -3.25
N SER JA 574 -107.48 -0.16 -4.46
CA SER JA 574 -106.77 -0.68 -5.63
C SER JA 574 -105.30 -0.32 -5.56
N LEU JA 575 -104.45 -1.26 -5.99
CA LEU JA 575 -103.01 -1.09 -5.92
C LEU JA 575 -102.32 -1.26 -7.27
N ASP JA 576 -103.07 -1.56 -8.33
CA ASP JA 576 -102.46 -1.87 -9.62
C ASP JA 576 -101.65 -0.71 -10.19
N GLN JA 577 -101.97 0.53 -9.80
CA GLN JA 577 -101.26 1.68 -10.35
C GLN JA 577 -99.85 1.82 -9.81
N LEU JA 578 -99.51 1.10 -8.74
CA LEU JA 578 -98.21 1.22 -8.10
C LEU JA 578 -97.41 -0.07 -8.11
N VAL JA 579 -97.79 -1.03 -8.95
CA VAL JA 579 -97.14 -2.34 -8.99
C VAL JA 579 -96.12 -2.35 -10.12
N ASP JA 580 -94.88 -2.69 -9.79
CA ASP JA 580 -93.82 -2.87 -10.77
C ASP JA 580 -93.52 -4.37 -10.83
N ASP JA 581 -94.28 -5.09 -11.66
CA ASP JA 581 -94.20 -6.54 -11.74
C ASP JA 581 -93.17 -6.95 -12.80
N GLN JA 582 -92.12 -7.61 -12.36
CA GLN JA 582 -91.14 -8.20 -13.26
C GLN JA 582 -91.32 -9.70 -13.40
N THR JA 583 -92.34 -10.28 -12.78
CA THR JA 583 -92.63 -11.70 -12.89
C THR JA 583 -93.61 -12.02 -14.02
N HIS JA 584 -94.06 -11.00 -14.75
CA HIS JA 584 -95.01 -11.15 -15.86
C HIS JA 584 -96.28 -11.88 -15.40
N ASN JA 585 -96.90 -11.31 -14.37
CA ASN JA 585 -98.15 -11.84 -13.80
C ASN JA 585 -97.95 -13.27 -13.29
N LEU JA 586 -96.98 -13.41 -12.39
CA LEU JA 586 -96.70 -14.69 -11.72
C LEU JA 586 -96.40 -15.79 -12.73
N PHE JA 587 -95.61 -15.46 -13.75
CA PHE JA 587 -95.25 -16.43 -14.79
C PHE JA 587 -93.83 -16.95 -14.66
N ASP JA 588 -92.90 -16.16 -14.14
CA ASP JA 588 -91.53 -16.61 -13.97
C ASP JA 588 -90.89 -15.81 -12.84
N GLN JA 589 -89.76 -16.32 -12.35
CA GLN JA 589 -89.10 -15.69 -11.22
C GLN JA 589 -88.62 -14.30 -11.57
N GLY JA 590 -88.73 -13.38 -10.61
CA GLY JA 590 -88.30 -12.01 -10.84
C GLY JA 590 -88.57 -11.17 -9.62
N THR JA 591 -88.33 -9.86 -9.78
CA THR JA 591 -88.54 -8.89 -8.72
C THR JA 591 -89.98 -8.39 -8.74
N TRP JA 592 -90.36 -7.75 -7.64
CA TRP JA 592 -91.73 -7.26 -7.47
C TRP JA 592 -91.71 -6.14 -6.46
N ARG JA 593 -91.98 -4.91 -6.91
CA ARG JA 593 -91.83 -3.72 -6.07
C ARG JA 593 -93.11 -2.90 -6.10
N THR JA 594 -93.48 -2.37 -4.93
CA THR JA 594 -94.64 -1.51 -4.79
C THR JA 594 -94.35 -0.43 -3.76
N LEU JA 595 -95.15 0.63 -3.81
CA LEU JA 595 -95.12 1.69 -2.80
C LEU JA 595 -96.35 1.55 -1.92
N LEU JA 596 -96.14 1.45 -0.62
CA LEU JA 596 -97.25 1.29 0.31
C LEU JA 596 -98.01 2.60 0.43
N PRO JA 597 -99.31 2.64 0.17
CA PRO JA 597 -100.05 3.90 0.24
C PRO JA 597 -100.07 4.46 1.66
N GLN JA 598 -100.26 5.78 1.75
CA GLN JA 598 -100.20 6.47 3.03
C GLN JA 598 -101.31 6.03 3.97
N ASP JA 599 -102.44 5.57 3.44
CA ASP JA 599 -103.61 5.25 4.24
C ASP JA 599 -103.73 3.76 4.54
N ALA JA 600 -102.64 3.01 4.37
CA ALA JA 600 -102.66 1.59 4.74
C ALA JA 600 -102.78 1.45 6.25
N SER JA 601 -103.51 0.42 6.68
CA SER JA 601 -103.81 0.24 8.10
C SER JA 601 -103.40 -1.15 8.54
N ASN JA 602 -102.85 -1.23 9.76
CA ASN JA 602 -102.57 -2.50 10.42
C ASN JA 602 -103.49 -2.74 11.61
N GLN JA 603 -104.58 -1.97 11.73
CA GLN JA 603 -105.54 -2.13 12.81
C GLN JA 603 -106.91 -2.57 12.31
N ALA JA 604 -107.09 -2.73 11.00
CA ALA JA 604 -108.38 -3.11 10.45
C ALA JA 604 -108.74 -4.53 10.87
N THR JA 605 -110.04 -4.79 10.96
CA THR JA 605 -110.55 -6.07 11.45
C THR JA 605 -110.83 -7.07 10.34
N LEU JA 606 -110.61 -6.70 9.08
CA LEU JA 606 -110.81 -7.65 7.98
C LEU JA 606 -109.83 -8.82 8.08
N MET JA 607 -108.59 -8.54 8.47
CA MET JA 607 -107.54 -9.53 8.63
C MET JA 607 -106.87 -9.32 9.98
N PRO JA 608 -106.10 -10.30 10.46
CA PRO JA 608 -105.46 -10.16 11.77
C PRO JA 608 -104.63 -8.88 11.86
N THR JA 609 -104.74 -8.21 13.01
CA THR JA 609 -104.15 -6.90 13.20
C THR JA 609 -102.64 -7.00 13.40
N GLY JA 610 -101.98 -5.84 13.35
CA GLY JA 610 -100.55 -5.76 13.54
C GLY JA 610 -99.72 -5.90 12.29
N ARG JA 611 -100.32 -6.29 11.18
CA ARG JA 611 -99.60 -6.49 9.92
C ARG JA 611 -100.38 -5.84 8.79
N TYR JA 612 -99.68 -5.11 7.93
CA TYR JA 612 -100.29 -4.59 6.71
C TYR JA 612 -100.53 -5.73 5.73
N TRP JA 613 -101.62 -5.64 4.99
CA TRP JA 613 -102.07 -6.75 4.15
C TRP JA 613 -102.23 -6.32 2.70
N LEU JA 614 -101.77 -7.17 1.78
CA LEU JA 614 -102.01 -7.01 0.36
C LEU JA 614 -102.80 -8.21 -0.14
N LYS JA 615 -103.75 -7.94 -1.03
CA LYS JA 615 -104.64 -8.98 -1.56
C LYS JA 615 -104.58 -8.99 -3.07
N ALA JA 616 -104.38 -10.17 -3.65
CA ALA JA 616 -104.35 -10.35 -5.09
C ALA JA 616 -105.54 -11.21 -5.51
N GLU JA 617 -106.35 -10.70 -6.43
CA GLU JA 617 -107.50 -11.42 -6.94
C GLU JA 617 -107.16 -12.03 -8.29
N ILE JA 618 -107.33 -13.34 -8.42
CA ILE JA 618 -106.93 -14.08 -9.61
C ILE JA 618 -108.17 -14.71 -10.23
N THR JA 619 -108.37 -14.46 -11.52
CA THR JA 619 -109.43 -15.15 -12.25
C THR JA 619 -109.18 -16.65 -12.21
N HIS JA 620 -110.23 -17.41 -11.87
CA HIS JA 620 -110.08 -18.83 -11.62
C HIS JA 620 -109.63 -19.57 -12.88
N GLN JA 621 -108.66 -20.46 -12.70
CA GLN JA 621 -108.16 -21.29 -13.78
C GLN JA 621 -108.71 -22.70 -13.60
N ALA JA 622 -109.28 -23.26 -14.68
CA ALA JA 622 -109.91 -24.56 -14.58
C ALA JA 622 -108.90 -25.65 -14.23
N GLU JA 623 -107.72 -25.61 -14.86
CA GLU JA 623 -106.70 -26.61 -14.60
C GLU JA 623 -105.90 -26.22 -13.36
N SER JA 624 -105.87 -27.12 -12.38
CA SER JA 624 -105.14 -26.85 -11.15
C SER JA 624 -103.64 -26.89 -11.32
N GLN JA 625 -103.15 -27.47 -12.42
CA GLN JA 625 -101.72 -27.56 -12.67
C GLN JA 625 -101.16 -26.34 -13.38
N ASP JA 626 -102.01 -25.41 -13.83
CA ASP JA 626 -101.55 -24.21 -14.49
C ASP JA 626 -101.00 -23.18 -13.51
N TYR JA 627 -101.37 -23.26 -12.24
CA TYR JA 627 -100.90 -22.30 -11.26
C TYR JA 627 -99.41 -22.50 -10.99
N PRO JA 628 -98.68 -21.43 -10.67
CA PRO JA 628 -97.24 -21.56 -10.43
C PRO JA 628 -96.94 -22.29 -9.13
N LYS JA 629 -95.70 -22.74 -9.03
CA LYS JA 629 -95.21 -23.46 -7.85
C LYS JA 629 -94.25 -22.53 -7.09
N ILE JA 630 -94.82 -21.74 -6.17
CA ILE JA 630 -94.01 -20.84 -5.36
C ILE JA 630 -93.17 -21.67 -4.39
N LYS JA 631 -91.88 -21.32 -4.28
CA LYS JA 631 -90.98 -22.00 -3.37
C LYS JA 631 -90.26 -21.04 -2.42
N GLY JA 632 -90.67 -19.77 -2.40
CA GLY JA 632 -90.06 -18.82 -1.49
C GLY JA 632 -90.17 -17.38 -1.96
N ILE JA 633 -90.35 -16.46 -1.02
CA ILE JA 633 -90.45 -15.03 -1.30
C ILE JA 633 -89.43 -14.31 -0.44
N LEU JA 634 -88.62 -13.45 -1.04
CA LEU JA 634 -87.57 -12.72 -0.36
C LEU JA 634 -87.99 -11.27 -0.16
N TYR JA 635 -87.84 -10.77 1.05
CA TYR JA 635 -88.12 -9.37 1.35
C TYR JA 635 -86.84 -8.55 1.27
N ASN JA 636 -87.00 -7.27 0.91
CA ASN JA 636 -85.87 -6.36 0.74
C ASN JA 636 -84.88 -6.93 -0.26
N ALA JA 637 -85.40 -7.44 -1.37
CA ALA JA 637 -84.62 -8.25 -2.30
C ALA JA 637 -84.00 -7.40 -3.40
N ALA JA 638 -82.81 -7.81 -3.83
CA ALA JA 638 -82.11 -7.20 -4.94
C ALA JA 638 -81.47 -8.29 -5.77
N THR JA 639 -80.99 -7.92 -6.96
CA THR JA 639 -80.38 -8.86 -7.89
C THR JA 639 -78.93 -8.46 -8.13
N ALA JA 640 -78.03 -9.45 -8.08
CA ALA JA 640 -76.61 -9.22 -8.28
C ALA JA 640 -76.09 -10.15 -9.37
N THR JA 641 -75.05 -9.71 -10.06
CA THR JA 641 -74.46 -10.45 -11.17
C THR JA 641 -72.95 -10.53 -10.98
N LEU JA 642 -72.38 -11.65 -11.40
CA LEU JA 642 -70.94 -11.88 -11.25
C LEU JA 642 -70.15 -10.92 -12.13
N ILE JA 643 -68.95 -10.57 -11.66
CA ILE JA 643 -68.03 -9.73 -12.39
C ILE JA 643 -66.71 -10.49 -12.56
N ASN JA 644 -65.98 -10.11 -13.60
CA ASN JA 644 -64.71 -10.77 -13.96
C ASN JA 644 -64.93 -12.27 -14.16
N ALA JA 645 -65.91 -12.60 -15.01
CA ALA JA 645 -66.24 -14.00 -15.24
C ALA JA 645 -65.13 -14.74 -15.97
N GLU JA 646 -64.30 -14.02 -16.74
CA GLU JA 646 -63.23 -14.65 -17.49
C GLU JA 646 -62.08 -15.14 -16.61
N LEU JA 647 -62.07 -14.79 -15.33
CA LEU JA 647 -61.02 -15.21 -14.42
C LEU JA 647 -61.49 -16.26 -13.43
N VAL JA 648 -62.65 -16.85 -13.65
CA VAL JA 648 -63.24 -17.82 -12.72
C VAL JA 648 -63.11 -19.21 -13.30
N GLU JA 649 -62.93 -20.18 -12.41
CA GLU JA 649 -62.84 -21.58 -12.82
C GLU JA 649 -64.17 -22.07 -13.37
N THR JA 650 -64.10 -23.10 -14.21
CA THR JA 650 -65.28 -23.55 -14.94
C THR JA 650 -66.29 -24.27 -14.03
N ASP JA 651 -65.81 -24.98 -13.01
CA ASP JA 651 -66.71 -25.74 -12.16
C ASP JA 651 -67.69 -24.85 -11.41
N HIS JA 652 -67.32 -23.58 -11.20
CA HIS JA 652 -68.25 -22.64 -10.56
C HIS JA 652 -69.49 -22.44 -11.42
N PHE JA 653 -69.31 -22.34 -12.74
CA PHE JA 653 -70.46 -22.17 -13.63
C PHE JA 653 -71.25 -23.46 -13.77
N ILE JA 654 -70.57 -24.61 -13.71
CA ILE JA 654 -71.25 -25.89 -13.91
C ILE JA 654 -72.21 -26.17 -12.77
N ASN JA 655 -71.76 -25.98 -11.53
CA ASN JA 655 -72.59 -26.28 -10.37
C ASN JA 655 -73.43 -25.09 -9.91
N GLY JA 656 -72.90 -23.88 -10.04
CA GLY JA 656 -73.58 -22.71 -9.53
C GLY JA 656 -73.18 -22.39 -8.09
N LEU JA 657 -73.44 -21.15 -7.70
CA LEU JA 657 -73.08 -20.72 -6.36
C LEU JA 657 -74.00 -21.36 -5.33
N PRO JA 658 -73.47 -22.05 -4.33
CA PRO JA 658 -74.33 -22.67 -3.32
C PRO JA 658 -75.05 -21.64 -2.48
N ALA JA 659 -76.17 -22.07 -1.89
CA ALA JA 659 -76.98 -21.19 -1.07
C ALA JA 659 -76.22 -20.77 0.18
N ASP JA 660 -76.56 -19.56 0.68
CA ASP JA 660 -75.95 -19.00 1.88
C ASP JA 660 -74.44 -18.81 1.70
N SER JA 661 -74.04 -18.26 0.55
CA SER JA 661 -72.64 -17.97 0.30
C SER JA 661 -72.32 -16.49 0.51
N ILE JA 662 -73.22 -15.61 0.11
CA ILE JA 662 -73.03 -14.17 0.33
C ILE JA 662 -73.66 -13.80 1.66
N THR JA 663 -72.85 -13.26 2.56
CA THR JA 663 -73.36 -12.77 3.84
C THR JA 663 -73.04 -11.30 4.08
N GLN JA 664 -71.82 -10.87 3.78
CA GLN JA 664 -71.41 -9.49 3.98
C GLN JA 664 -71.04 -8.86 2.63
N PRO JA 665 -71.22 -7.55 2.49
CA PRO JA 665 -70.76 -6.86 1.28
C PRO JA 665 -69.23 -6.78 1.26
N VAL JA 666 -68.71 -6.50 0.07
CA VAL JA 666 -67.26 -6.37 -0.09
C VAL JA 666 -66.74 -5.20 0.74
N ASN JA 667 -67.41 -4.06 0.65
CA ASN JA 667 -67.07 -2.88 1.42
C ASN JA 667 -67.94 -2.83 2.67
N ALA JA 668 -67.32 -2.59 3.82
CA ALA JA 668 -68.05 -2.58 5.08
C ALA JA 668 -69.01 -1.40 5.14
N LEU JA 669 -70.27 -1.69 5.44
CA LEU JA 669 -71.29 -0.66 5.62
C LEU JA 669 -71.97 -0.88 6.96
N VAL JA 670 -71.98 0.15 7.80
CA VAL JA 670 -72.48 0.01 9.17
C VAL JA 670 -73.99 -0.12 9.24
N ALA JA 671 -74.70 0.20 8.17
CA ALA JA 671 -76.16 0.15 8.16
C ALA JA 671 -76.70 -1.20 7.71
N ILE JA 672 -75.85 -2.14 7.33
CA ILE JA 672 -76.28 -3.41 6.75
C ILE JA 672 -75.96 -4.53 7.73
N ASP JA 673 -76.97 -5.30 8.07
CA ASP JA 673 -76.81 -6.52 8.87
C ASP JA 673 -76.61 -7.70 7.93
N SER JA 674 -76.78 -8.92 8.42
CA SER JA 674 -76.57 -10.11 7.60
C SER JA 674 -77.42 -10.07 6.34
N ILE JA 675 -76.94 -10.75 5.31
CA ILE JA 675 -77.59 -10.81 4.00
C ILE JA 675 -78.03 -12.26 3.77
N ASN JA 676 -79.29 -12.43 3.37
CA ASN JA 676 -79.89 -13.75 3.20
C ASN JA 676 -79.85 -14.13 1.72
N GLN JA 677 -79.27 -15.29 1.42
CA GLN JA 677 -79.20 -15.83 0.07
C GLN JA 677 -79.79 -17.24 0.10
N PRO JA 678 -81.12 -17.35 0.15
CA PRO JA 678 -81.74 -18.66 0.36
C PRO JA 678 -81.48 -19.66 -0.77
N TRP JA 679 -81.23 -19.21 -1.99
CA TRP JA 679 -81.22 -20.09 -3.14
C TRP JA 679 -79.91 -19.96 -3.91
N VAL JA 680 -79.73 -20.88 -4.86
CA VAL JA 680 -78.51 -20.97 -5.65
C VAL JA 680 -78.56 -19.99 -6.81
N SER JA 681 -77.42 -19.80 -7.48
CA SER JA 681 -77.34 -18.91 -8.63
C SER JA 681 -78.01 -19.56 -9.85
N TRP JA 682 -78.11 -18.77 -10.92
CA TRP JA 682 -78.76 -19.23 -12.13
C TRP JA 682 -78.23 -18.45 -13.32
N ASN JA 683 -78.55 -18.93 -14.53
CA ASN JA 683 -78.19 -18.27 -15.77
C ASN JA 683 -76.66 -18.19 -15.94
N GLY JA 684 -75.96 -19.22 -15.48
CA GLY JA 684 -74.53 -19.30 -15.62
C GLY JA 684 -74.14 -20.38 -16.62
N ARG JA 685 -73.03 -20.15 -17.32
CA ARG JA 685 -72.57 -21.09 -18.33
C ARG JA 685 -71.06 -20.98 -18.49
N PRO JA 686 -70.32 -22.07 -18.36
CA PRO JA 686 -68.87 -22.02 -18.55
C PRO JA 686 -68.51 -21.82 -20.00
N GLU JA 687 -67.28 -21.33 -20.21
CA GLU JA 687 -66.79 -21.10 -21.57
C GLU JA 687 -66.63 -22.44 -22.29
N GLU JA 688 -66.77 -22.39 -23.61
CA GLU JA 688 -66.74 -23.61 -24.42
C GLU JA 688 -65.36 -24.25 -24.39
N THR JA 689 -65.35 -25.57 -24.21
CA THR JA 689 -64.11 -26.33 -24.33
C THR JA 689 -63.84 -26.65 -25.80
N GLU JA 690 -62.60 -27.06 -26.07
CA GLU JA 690 -62.22 -27.34 -27.45
C GLU JA 690 -63.02 -28.49 -28.04
N GLN JA 691 -63.22 -29.57 -27.26
CA GLN JA 691 -64.00 -30.69 -27.74
C GLN JA 691 -65.45 -30.29 -28.00
N ALA JA 692 -66.03 -29.49 -27.10
CA ALA JA 692 -67.40 -29.01 -27.30
C ALA JA 692 -67.47 -28.08 -28.50
N PHE JA 693 -66.44 -27.25 -28.70
CA PHE JA 693 -66.44 -26.33 -29.83
C PHE JA 693 -66.45 -27.07 -31.16
N LEU JA 694 -65.63 -28.12 -31.28
CA LEU JA 694 -65.60 -28.89 -32.51
C LEU JA 694 -66.92 -29.61 -32.75
N THR JA 695 -67.53 -30.12 -31.68
CA THR JA 695 -68.82 -30.81 -31.82
C THR JA 695 -69.90 -29.86 -32.30
N ARG JA 696 -69.98 -28.67 -31.71
CA ARG JA 696 -71.03 -27.73 -32.07
C ARG JA 696 -70.87 -27.25 -33.51
N VAL JA 697 -69.64 -26.96 -33.93
CA VAL JA 697 -69.40 -26.48 -35.29
C VAL JA 697 -69.74 -27.56 -36.30
N SER JA 698 -69.37 -28.81 -36.00
CA SER JA 698 -69.68 -29.91 -36.91
C SER JA 698 -71.18 -30.09 -37.07
N ALA JA 699 -71.94 -29.96 -35.98
CA ALA JA 699 -73.39 -30.05 -36.07
C ALA JA 699 -73.97 -28.90 -36.88
N ARG JA 700 -73.43 -27.68 -36.70
CA ARG JA 700 -73.96 -26.53 -37.42
C ARG JA 700 -73.75 -26.68 -38.92
N LEU JA 701 -72.59 -27.18 -39.34
CA LEU JA 701 -72.33 -27.35 -40.77
C LEU JA 701 -73.21 -28.43 -41.38
N SER JA 702 -73.80 -29.30 -40.55
CA SER JA 702 -74.59 -30.41 -41.07
C SER JA 702 -76.03 -30.01 -41.32
N HIS JA 703 -76.65 -29.31 -40.37
CA HIS JA 703 -78.05 -28.94 -40.48
C HIS JA 703 -78.28 -27.48 -40.84
N ARG JA 704 -77.26 -26.63 -40.76
CA ARG JA 704 -77.34 -25.23 -41.20
C ARG JA 704 -78.45 -24.46 -40.49
N ASN JA 705 -78.72 -24.82 -39.24
CA ASN JA 705 -79.72 -24.14 -38.41
C ASN JA 705 -81.12 -24.20 -39.03
N ARG JA 706 -81.41 -25.26 -39.79
CA ARG JA 706 -82.70 -25.43 -40.43
C ARG JA 706 -83.14 -26.88 -40.27
N VAL JA 707 -84.45 -27.08 -40.34
CA VAL JA 707 -85.07 -28.38 -40.09
C VAL JA 707 -85.55 -28.95 -41.42
N LEU JA 708 -84.96 -30.06 -41.84
CA LEU JA 708 -85.51 -30.81 -42.96
C LEU JA 708 -85.68 -32.29 -42.65
N SER JA 709 -84.76 -32.89 -41.91
CA SER JA 709 -84.77 -34.32 -41.64
C SER JA 709 -85.06 -34.57 -40.17
N TRP JA 710 -85.33 -35.84 -39.85
CA TRP JA 710 -85.61 -36.22 -38.47
C TRP JA 710 -84.41 -35.97 -37.57
N ASP JA 711 -83.20 -36.24 -38.07
CA ASP JA 711 -81.99 -35.99 -37.28
C ASP JA 711 -81.82 -34.50 -37.00
N ASN JA 712 -82.21 -33.65 -37.95
CA ASN JA 712 -82.12 -32.21 -37.73
C ASN JA 712 -83.04 -31.77 -36.60
N ILE JA 713 -84.24 -32.35 -36.53
CA ILE JA 713 -85.18 -31.99 -35.46
C ILE JA 713 -84.63 -32.41 -34.10
N VAL JA 714 -84.13 -33.64 -34.01
CA VAL JA 714 -83.63 -34.16 -32.74
C VAL JA 714 -82.41 -33.37 -32.29
N THR JA 715 -81.48 -33.10 -33.21
CA THR JA 715 -80.25 -32.40 -32.85
C THR JA 715 -80.54 -30.98 -32.39
N LEU JA 716 -81.39 -30.27 -33.12
CA LEU JA 716 -81.66 -28.87 -32.79
C LEU JA 716 -82.48 -28.74 -31.51
N LEU JA 717 -83.46 -29.64 -31.31
CA LEU JA 717 -84.29 -29.56 -30.12
C LEU JA 717 -83.46 -29.82 -28.86
N LYS JA 718 -82.58 -30.82 -28.91
CA LYS JA 718 -81.78 -31.15 -27.72
C LYS JA 718 -80.78 -30.05 -27.43
N GLU JA 719 -80.27 -29.36 -28.46
CA GLU JA 719 -79.36 -28.24 -28.23
C GLU JA 719 -80.07 -27.09 -27.53
N GLN JA 720 -81.29 -26.76 -27.98
CA GLN JA 720 -81.96 -25.57 -27.49
C GLN JA 720 -82.52 -25.78 -26.09
N PHE JA 721 -83.12 -26.93 -25.83
CA PHE JA 721 -83.84 -27.19 -24.58
C PHE JA 721 -83.07 -28.20 -23.74
N VAL JA 722 -82.78 -27.82 -22.49
CA VAL JA 722 -82.01 -28.68 -21.59
C VAL JA 722 -82.88 -29.67 -20.85
N SER JA 723 -84.21 -29.56 -20.92
CA SER JA 723 -85.11 -30.48 -20.22
C SER JA 723 -85.34 -31.76 -20.98
N LEU JA 724 -84.80 -31.90 -22.19
CA LEU JA 724 -85.03 -33.08 -23.00
C LEU JA 724 -83.92 -34.11 -22.76
N PHE JA 725 -84.34 -35.37 -22.55
CA PHE JA 725 -83.39 -36.47 -22.48
C PHE JA 725 -83.21 -37.16 -23.82
N ASP JA 726 -84.31 -37.40 -24.53
CA ASP JA 726 -84.25 -37.99 -25.86
C ASP JA 726 -85.54 -37.66 -26.60
N VAL JA 727 -85.42 -37.61 -27.92
CA VAL JA 727 -86.55 -37.34 -28.80
C VAL JA 727 -86.66 -38.49 -29.79
N LYS JA 728 -87.86 -39.05 -29.91
CA LYS JA 728 -88.10 -40.19 -30.79
C LYS JA 728 -88.94 -39.75 -31.97
N TYR JA 729 -88.69 -40.37 -33.12
CA TYR JA 729 -89.41 -40.14 -34.35
C TYR JA 729 -89.88 -41.46 -34.94
N PRO JA 730 -90.91 -41.46 -35.79
CA PRO JA 730 -91.49 -42.72 -36.28
C PRO JA 730 -90.48 -43.67 -36.92
N SER JA 731 -90.79 -44.97 -36.88
CA SER JA 731 -89.92 -45.98 -37.44
C SER JA 731 -89.92 -45.90 -38.96
N ALA JA 732 -88.99 -46.64 -39.58
CA ALA JA 732 -88.84 -46.62 -41.03
C ALA JA 732 -90.02 -47.28 -41.74
N SER JA 733 -90.88 -48.00 -41.03
CA SER JA 733 -92.02 -48.65 -41.66
C SER JA 733 -93.08 -47.65 -42.12
N GLU JA 734 -93.11 -46.45 -41.54
CA GLU JA 734 -94.12 -45.46 -41.89
C GLU JA 734 -93.67 -44.51 -42.97
N LEU JA 735 -92.43 -44.61 -43.45
CA LEU JA 735 -91.99 -43.77 -44.55
C LEU JA 735 -92.48 -44.27 -45.90
N THR JA 736 -93.04 -45.49 -45.96
CA THR JA 736 -93.64 -46.01 -47.17
C THR JA 736 -95.17 -45.87 -47.18
N LYS JA 737 -95.73 -45.19 -46.19
CA LYS JA 737 -97.18 -45.01 -46.12
C LYS JA 737 -97.65 -44.16 -47.29
N ILE JA 738 -98.40 -44.78 -48.20
CA ILE JA 738 -98.86 -44.07 -49.40
C ILE JA 738 -99.73 -42.86 -49.07
N PRO JA 739 -100.72 -42.94 -48.17
CA PRO JA 739 -101.56 -41.76 -47.90
C PRO JA 739 -100.79 -40.58 -47.30
N ALA JA 740 -99.48 -40.72 -47.07
CA ALA JA 740 -98.65 -39.66 -46.51
C ALA JA 740 -99.09 -39.31 -45.10
N GLN JA 741 -98.50 -38.26 -44.51
CA GLN JA 741 -98.84 -37.85 -43.16
C GLN JA 741 -98.90 -36.34 -43.10
N LYS JA 742 -100.02 -35.81 -42.61
CA LYS JA 742 -100.17 -34.36 -42.49
C LYS JA 742 -99.37 -33.81 -41.32
N GLU JA 743 -99.27 -34.58 -40.24
CA GLU JA 743 -98.58 -34.14 -39.02
C GLU JA 743 -97.38 -35.03 -38.77
N GLN JA 744 -96.24 -34.42 -38.45
CA GLN JA 744 -95.04 -35.15 -38.07
C GLN JA 744 -95.00 -35.26 -36.56
N GLN JA 745 -95.09 -36.49 -36.06
CA GLN JA 745 -95.27 -36.74 -34.64
C GLN JA 745 -93.97 -37.22 -34.02
N LEU JA 746 -93.53 -36.55 -32.96
CA LEU JA 746 -92.35 -36.95 -32.21
C LEU JA 746 -92.76 -37.31 -30.79
N ILE JA 747 -91.86 -38.01 -30.09
CA ILE JA 747 -92.05 -38.38 -28.70
C ILE JA 747 -90.87 -37.84 -27.91
N ALA JA 748 -91.16 -37.05 -26.88
CA ALA JA 748 -90.14 -36.40 -26.07
C ALA JA 748 -90.10 -37.06 -24.70
N ILE JA 749 -88.99 -37.74 -24.41
CA ILE JA 749 -88.75 -38.31 -23.08
C ILE JA 749 -87.96 -37.27 -22.29
N PRO JA 750 -88.54 -36.64 -21.27
CA PRO JA 750 -87.83 -35.61 -20.52
C PRO JA 750 -86.99 -36.18 -19.39
N ASP JA 751 -85.98 -35.39 -19.01
CA ASP JA 751 -85.17 -35.74 -17.85
C ASP JA 751 -86.03 -35.69 -16.59
N SER JA 752 -85.83 -36.66 -15.70
CA SER JA 752 -86.63 -36.74 -14.48
C SER JA 752 -86.45 -35.53 -13.59
N ARG JA 753 -85.32 -34.82 -13.70
CA ARG JA 753 -85.11 -33.63 -12.89
C ARG JA 753 -86.08 -32.52 -13.25
N TYR JA 754 -86.50 -32.45 -14.51
CA TYR JA 754 -87.37 -31.39 -14.99
C TYR JA 754 -88.81 -31.85 -15.16
N LYS JA 755 -89.18 -32.99 -14.60
CA LYS JA 755 -90.52 -33.52 -14.78
C LYS JA 755 -91.54 -32.63 -14.06
N ASP JA 756 -92.77 -32.63 -14.59
CA ASP JA 756 -93.87 -31.85 -14.04
C ASP JA 756 -94.80 -32.69 -13.18
N ASN JA 757 -94.40 -33.92 -12.84
CA ASN JA 757 -95.24 -34.79 -12.04
C ASN JA 757 -94.42 -35.46 -10.95
N ASP JA 758 -95.00 -36.46 -10.27
CA ASP JA 758 -94.36 -37.07 -9.12
C ASP JA 758 -93.55 -38.31 -9.47
N ASP JA 759 -93.97 -39.07 -10.48
CA ASP JA 759 -93.32 -40.33 -10.80
C ASP JA 759 -92.02 -40.07 -11.55
N ALA JA 760 -90.90 -40.54 -10.99
CA ALA JA 760 -89.61 -40.36 -11.64
C ALA JA 760 -89.42 -41.31 -12.82
N LEU JA 761 -90.01 -42.50 -12.74
CA LEU JA 761 -89.87 -43.47 -13.83
C LEU JA 761 -90.69 -43.08 -15.06
N ARG JA 762 -91.73 -42.26 -14.89
CA ARG JA 762 -92.60 -41.85 -15.99
C ARG JA 762 -92.71 -40.33 -15.98
N PRO JA 763 -91.65 -39.62 -16.35
CA PRO JA 763 -91.71 -38.16 -16.35
C PRO JA 763 -92.70 -37.65 -17.39
N ILE JA 764 -93.38 -36.55 -17.04
CA ILE JA 764 -94.37 -35.92 -17.90
C ILE JA 764 -94.10 -34.43 -17.92
N LEU JA 765 -94.06 -33.84 -19.10
CA LEU JA 765 -93.85 -32.41 -19.27
C LEU JA 765 -95.19 -31.69 -19.33
N ASN JA 766 -95.21 -30.47 -18.80
CA ASN JA 766 -96.41 -29.64 -18.85
C ASN JA 766 -96.74 -29.31 -20.30
N PRO JA 767 -98.02 -29.26 -20.67
CA PRO JA 767 -98.37 -28.91 -22.06
C PRO JA 767 -97.86 -27.55 -22.48
N ALA JA 768 -97.69 -26.61 -21.54
CA ALA JA 768 -97.12 -25.32 -21.88
C ALA JA 768 -95.69 -25.47 -22.39
N ARG JA 769 -94.90 -26.33 -21.75
CA ARG JA 769 -93.53 -26.55 -22.19
C ARG JA 769 -93.49 -27.16 -23.59
N LEU JA 770 -94.36 -28.13 -23.87
CA LEU JA 770 -94.40 -28.74 -25.19
C LEU JA 770 -94.82 -27.74 -26.25
N ALA JA 771 -95.74 -26.83 -25.90
CA ALA JA 771 -96.18 -25.82 -26.87
C ALA JA 771 -95.03 -24.90 -27.26
N GLU JA 772 -94.19 -24.52 -26.30
CA GLU JA 772 -93.04 -23.67 -26.61
C GLU JA 772 -92.05 -24.40 -27.52
N MET JA 773 -91.85 -25.69 -27.29
CA MET JA 773 -90.96 -26.46 -28.15
C MET JA 773 -91.47 -26.50 -29.59
N VAL JA 774 -92.78 -26.70 -29.76
CA VAL JA 774 -93.36 -26.74 -31.10
C VAL JA 774 -93.21 -25.38 -31.77
N ASP JA 775 -93.47 -24.30 -31.03
CA ASP JA 775 -93.37 -22.96 -31.60
C ASP JA 775 -91.94 -22.68 -32.04
N TRP JA 776 -90.97 -23.00 -31.19
CA TRP JA 776 -89.56 -22.71 -31.51
C TRP JA 776 -89.10 -23.51 -32.73
N ILE JA 777 -89.47 -24.80 -32.79
CA ILE JA 777 -88.98 -25.65 -33.86
C ILE JA 777 -89.69 -25.33 -35.19
N SER JA 778 -90.93 -24.85 -35.13
CA SER JA 778 -91.66 -24.53 -36.36
C SER JA 778 -91.08 -23.32 -37.07
N GLN JA 779 -90.33 -22.47 -36.36
CA GLN JA 779 -89.75 -21.28 -36.96
C GLN JA 779 -88.61 -21.59 -37.91
N LEU JA 780 -88.08 -22.81 -37.89
CA LEU JA 780 -86.96 -23.20 -38.73
C LEU JA 780 -87.35 -24.32 -39.68
N SER JA 781 -88.65 -24.50 -39.93
CA SER JA 781 -89.15 -25.57 -40.78
C SER JA 781 -89.85 -24.96 -42.00
N SER JA 782 -90.08 -25.81 -42.98
CA SER JA 782 -90.86 -25.39 -44.14
C SER JA 782 -92.29 -25.10 -43.71
N PRO JA 783 -92.95 -24.10 -44.33
CA PRO JA 783 -94.31 -23.75 -43.90
C PRO JA 783 -95.33 -24.85 -44.13
N TRP JA 784 -95.03 -25.83 -44.97
CA TRP JA 784 -95.95 -26.91 -45.27
C TRP JA 784 -95.74 -28.13 -44.37
N THR JA 785 -95.20 -27.93 -43.17
CA THR JA 785 -94.99 -29.00 -42.22
C THR JA 785 -95.67 -28.65 -40.89
N THR JA 786 -96.10 -29.69 -40.18
CA THR JA 786 -96.73 -29.53 -38.87
C THR JA 786 -96.08 -30.54 -37.92
N LEU JA 787 -95.17 -30.05 -37.08
CA LEU JA 787 -94.48 -30.90 -36.12
C LEU JA 787 -95.21 -30.84 -34.78
N LYS JA 788 -95.50 -32.01 -34.21
CA LYS JA 788 -96.17 -32.12 -32.93
C LYS JA 788 -95.30 -32.94 -31.98
N ILE JA 789 -95.12 -32.43 -30.77
CA ILE JA 789 -94.33 -33.09 -29.74
C ILE JA 789 -95.27 -33.46 -28.60
N ASN JA 790 -95.24 -34.72 -28.19
CA ASN JA 790 -96.20 -35.26 -27.23
C ASN JA 790 -95.47 -36.07 -26.17
N ASN JA 791 -96.11 -36.18 -25.01
CA ASN JA 791 -95.58 -37.00 -23.94
C ASN JA 791 -95.63 -38.47 -24.34
N PRO JA 792 -94.66 -39.27 -23.90
CA PRO JA 792 -94.65 -40.69 -24.27
C PRO JA 792 -95.75 -41.47 -23.58
N THR JA 793 -96.09 -42.60 -24.18
CA THR JA 793 -97.06 -43.55 -23.61
C THR JA 793 -96.26 -44.72 -23.04
N TYR JA 794 -96.14 -44.76 -21.72
CA TYR JA 794 -95.32 -45.76 -21.06
C TYR JA 794 -96.06 -47.09 -21.00
N VAL JA 795 -95.36 -48.16 -21.34
CA VAL JA 795 -95.91 -49.52 -21.33
C VAL JA 795 -95.04 -50.38 -20.43
N ASP JA 796 -95.67 -51.02 -19.44
CA ASP JA 796 -94.95 -51.90 -18.54
C ASP JA 796 -94.58 -53.19 -19.24
N VAL JA 797 -93.37 -53.68 -18.96
CA VAL JA 797 -92.88 -54.96 -19.50
C VAL JA 797 -92.51 -55.81 -18.30
N LEU JA 798 -93.34 -56.79 -17.98
CA LEU JA 798 -93.08 -57.64 -16.83
C LEU JA 798 -91.89 -58.56 -17.10
N ILE JA 799 -90.90 -58.51 -16.22
CA ILE JA 799 -89.69 -59.31 -16.34
C ILE JA 799 -89.60 -60.21 -15.12
N SER JA 800 -89.54 -61.53 -15.36
CA SER JA 800 -89.41 -62.52 -14.31
C SER JA 800 -88.29 -63.48 -14.67
N TYR JA 801 -87.38 -63.72 -13.73
CA TYR JA 801 -86.25 -64.60 -13.97
C TYR JA 801 -86.06 -65.53 -12.78
N GLN JA 802 -85.59 -66.75 -13.06
CA GLN JA 802 -85.17 -67.69 -12.04
C GLN JA 802 -83.66 -67.67 -11.96
N LEU JA 803 -83.13 -67.56 -10.74
CA LEU JA 803 -81.74 -67.17 -10.54
C LEU JA 803 -81.04 -68.11 -9.57
N VAL JA 804 -79.73 -68.19 -9.73
CA VAL JA 804 -78.85 -68.84 -8.76
C VAL JA 804 -77.82 -67.80 -8.34
N PHE JA 805 -77.83 -67.45 -7.06
CA PHE JA 805 -76.96 -66.39 -6.56
C PHE JA 805 -75.63 -66.97 -6.08
N VAL JA 806 -74.65 -66.09 -5.92
CA VAL JA 806 -73.35 -66.48 -5.39
C VAL JA 806 -73.54 -66.95 -3.95
N THR JA 807 -72.84 -68.03 -3.59
CA THR JA 807 -73.02 -68.64 -2.28
C THR JA 807 -72.70 -67.65 -1.17
N GLY JA 808 -73.55 -67.63 -0.14
CA GLY JA 808 -73.40 -66.73 0.97
C GLY JA 808 -74.21 -65.46 0.89
N ILE JA 809 -74.94 -65.24 -0.19
CA ILE JA 809 -75.72 -64.02 -0.40
C ILE JA 809 -77.20 -64.36 -0.27
N ASN JA 810 -77.92 -63.61 0.56
CA ASN JA 810 -79.34 -63.84 0.74
C ASN JA 810 -80.08 -63.54 -0.55
N PRO JA 811 -80.97 -64.42 -1.01
CA PRO JA 811 -81.64 -64.19 -2.31
C PRO JA 811 -82.46 -62.92 -2.36
N ASP JA 812 -83.13 -62.54 -1.26
CA ASP JA 812 -83.94 -61.33 -1.28
C ASP JA 812 -83.08 -60.09 -1.45
N TYR JA 813 -81.92 -60.03 -0.77
CA TYR JA 813 -81.01 -58.92 -0.95
C TYR JA 813 -80.47 -58.88 -2.38
N GLY JA 814 -80.10 -60.04 -2.93
CA GLY JA 814 -79.59 -60.07 -4.28
C GLY JA 814 -80.62 -59.66 -5.31
N ARG JA 815 -81.87 -60.09 -5.12
CA ARG JA 815 -82.92 -59.69 -6.04
C ARG JA 815 -83.19 -58.20 -5.98
N HIS JA 816 -83.15 -57.61 -4.78
CA HIS JA 816 -83.38 -56.19 -4.63
C HIS JA 816 -82.30 -55.37 -5.36
N GLN JA 817 -81.04 -55.77 -5.19
CA GLN JA 817 -79.95 -55.04 -5.84
C GLN JA 817 -80.01 -55.19 -7.36
N LEU JA 818 -80.44 -56.35 -7.84
CA LEU JA 818 -80.55 -56.54 -9.29
C LEU JA 818 -81.61 -55.63 -9.89
N GLN JA 819 -82.69 -55.38 -9.17
CA GLN JA 819 -83.71 -54.45 -9.67
C GLN JA 819 -83.15 -53.04 -9.84
N GLN JA 820 -82.34 -52.59 -8.87
CA GLN JA 820 -81.76 -51.26 -8.97
C GLN JA 820 -80.79 -51.16 -10.14
N GLU JA 821 -80.00 -52.21 -10.36
CA GLU JA 821 -79.04 -52.18 -11.47
C GLU JA 821 -79.74 -52.17 -12.81
N LEU JA 822 -80.79 -52.98 -12.96
CA LEU JA 822 -81.50 -53.03 -14.25
C LEU JA 822 -82.30 -51.76 -14.50
N SER JA 823 -82.89 -51.19 -13.45
CA SER JA 823 -83.61 -49.94 -13.60
C SER JA 823 -82.68 -48.82 -14.06
N ARG JA 824 -81.47 -48.80 -13.51
CA ARG JA 824 -80.47 -47.82 -13.94
C ARG JA 824 -80.11 -48.03 -15.40
N LYS JA 825 -79.95 -49.28 -15.82
CA LYS JA 825 -79.52 -49.57 -17.18
C LYS JA 825 -80.61 -49.26 -18.21
N TYR JA 826 -81.83 -49.73 -17.95
CA TYR JA 826 -82.90 -49.67 -18.94
C TYR JA 826 -83.86 -48.51 -18.75
N MET JA 827 -83.66 -47.69 -17.71
CA MET JA 827 -84.43 -46.48 -17.51
C MET JA 827 -83.45 -45.35 -17.16
N PRO JA 828 -82.62 -44.95 -18.13
CA PRO JA 828 -81.55 -43.99 -17.82
C PRO JA 828 -82.07 -42.62 -17.37
N TRP JA 829 -83.24 -42.21 -17.83
CA TRP JA 829 -83.77 -40.90 -17.46
C TRP JA 829 -84.12 -40.79 -15.98
N ALA JA 830 -84.30 -41.93 -15.30
CA ALA JA 830 -84.71 -41.89 -13.91
C ALA JA 830 -83.57 -41.47 -12.99
N GLU JA 831 -82.37 -41.99 -13.22
CA GLU JA 831 -81.24 -41.74 -12.33
C GLU JA 831 -80.41 -40.58 -12.90
N ASP JA 832 -80.95 -39.38 -12.73
CA ASP JA 832 -80.29 -38.10 -13.05
C ASP JA 832 -79.65 -38.07 -14.44
N SER JA 833 -80.10 -38.94 -15.34
CA SER JA 833 -79.75 -38.92 -16.77
C SER JA 833 -78.25 -38.71 -16.98
N ALA JA 834 -77.47 -39.68 -16.51
CA ALA JA 834 -76.02 -39.60 -16.58
C ALA JA 834 -75.40 -40.58 -17.56
N ILE JA 835 -76.17 -41.52 -18.12
CA ILE JA 835 -75.65 -42.55 -19.01
C ILE JA 835 -76.49 -42.54 -20.29
N GLY JA 836 -75.80 -42.52 -21.44
CA GLY JA 836 -76.48 -42.60 -22.71
C GLY JA 836 -76.87 -44.01 -23.08
N VAL JA 837 -78.17 -44.31 -23.02
CA VAL JA 837 -78.69 -45.65 -23.26
C VAL JA 837 -79.82 -45.52 -24.28
N THR JA 838 -80.13 -46.64 -24.95
CA THR JA 838 -81.21 -46.67 -25.92
C THR JA 838 -82.47 -46.04 -25.37
N THR JA 839 -83.21 -45.38 -26.25
CA THR JA 839 -84.38 -44.59 -25.85
C THR JA 839 -85.63 -45.45 -25.73
N GLY JA 840 -85.54 -46.55 -24.99
CA GLY JA 840 -86.70 -47.42 -24.78
C GLY JA 840 -87.32 -47.95 -26.05
N ASN JA 841 -86.50 -48.37 -27.00
CA ASN JA 841 -87.00 -48.87 -28.28
C ASN JA 841 -87.23 -50.38 -28.25
N ARG JA 842 -86.19 -51.15 -27.95
CA ARG JA 842 -86.27 -52.60 -27.95
C ARG JA 842 -85.60 -53.15 -26.69
N ILE JA 843 -86.01 -54.36 -26.33
CA ILE JA 843 -85.40 -55.11 -25.23
C ILE JA 843 -85.03 -56.47 -25.80
N ASP JA 844 -83.75 -56.65 -26.12
CA ASP JA 844 -83.29 -57.91 -26.70
C ASP JA 844 -83.06 -58.94 -25.61
N TYR JA 845 -83.45 -60.18 -25.91
CA TYR JA 845 -83.47 -61.23 -24.88
C TYR JA 845 -82.07 -61.53 -24.38
N TYR JA 846 -81.13 -61.82 -25.28
CA TYR JA 846 -79.83 -62.32 -24.87
C TYR JA 846 -78.90 -61.21 -24.37
N PRO JA 847 -78.89 -60.02 -24.99
CA PRO JA 847 -78.16 -58.91 -24.35
C PRO JA 847 -78.66 -58.59 -22.95
N LEU JA 848 -79.96 -58.70 -22.73
CA LEU JA 848 -80.48 -58.55 -21.37
C LEU JA 848 -80.01 -59.68 -20.47
N LEU JA 849 -79.95 -60.90 -21.00
CA LEU JA 849 -79.44 -62.03 -20.23
C LEU JA 849 -77.98 -61.81 -19.84
N ALA JA 850 -77.17 -61.29 -20.76
CA ALA JA 850 -75.78 -61.01 -20.45
C ALA JA 850 -75.67 -59.92 -19.39
N THR JA 851 -76.54 -58.91 -19.45
CA THR JA 851 -76.50 -57.84 -18.45
C THR JA 851 -76.79 -58.37 -17.06
N ILE JA 852 -77.76 -59.28 -16.94
CA ILE JA 852 -78.12 -59.82 -15.64
C ILE JA 852 -76.96 -60.64 -15.07
N GLN JA 853 -76.33 -61.47 -15.90
CA GLN JA 853 -75.26 -62.34 -15.43
C GLN JA 853 -73.97 -61.61 -15.15
N GLN JA 854 -73.85 -60.34 -15.54
CA GLN JA 854 -72.65 -59.57 -15.26
C GLN JA 854 -72.59 -59.05 -13.83
N SER JA 855 -73.69 -59.12 -13.09
CA SER JA 855 -73.70 -58.63 -11.72
C SER JA 855 -72.80 -59.51 -10.85
N PRO JA 856 -72.02 -58.92 -9.95
CA PRO JA 856 -71.15 -59.74 -9.08
C PRO JA 856 -71.91 -60.68 -8.16
N LEU JA 857 -73.19 -60.41 -7.90
CA LEU JA 857 -73.99 -61.26 -7.02
C LEU JA 857 -74.68 -62.40 -7.76
N VAL JA 858 -74.61 -62.44 -9.08
CA VAL JA 858 -75.33 -63.43 -9.88
C VAL JA 858 -74.34 -64.49 -10.35
N GLU JA 859 -74.70 -65.76 -10.12
CA GLU JA 859 -73.87 -66.88 -10.54
C GLU JA 859 -74.30 -67.44 -11.89
N ARG JA 860 -75.61 -67.61 -12.10
CA ARG JA 860 -76.12 -68.20 -13.33
C ARG JA 860 -77.62 -67.95 -13.42
N VAL JA 861 -78.07 -67.60 -14.62
CA VAL JA 861 -79.50 -67.42 -14.87
C VAL JA 861 -80.05 -68.72 -15.45
N THR JA 862 -81.07 -69.27 -14.80
CA THR JA 862 -81.65 -70.53 -15.25
C THR JA 862 -82.89 -70.35 -16.11
N ASN JA 863 -83.60 -69.23 -15.96
CA ASN JA 863 -84.81 -68.98 -16.74
C ASN JA 863 -85.05 -67.47 -16.80
N LEU JA 864 -85.53 -67.01 -17.96
CA LEU JA 864 -85.82 -65.60 -18.16
C LEU JA 864 -87.06 -65.47 -19.03
N THR JA 865 -87.96 -64.56 -18.65
CA THR JA 865 -89.21 -64.39 -19.38
C THR JA 865 -89.57 -62.90 -19.40
N LEU JA 866 -89.99 -62.41 -20.56
CA LEU JA 866 -90.47 -61.04 -20.72
C LEU JA 866 -91.90 -61.07 -21.23
N LYS JA 867 -92.77 -60.33 -20.57
CA LYS JA 867 -94.18 -60.28 -20.94
C LYS JA 867 -94.63 -58.83 -20.99
N LYS JA 868 -95.25 -58.43 -22.10
CA LYS JA 868 -95.74 -57.07 -22.24
C LYS JA 868 -97.00 -56.89 -21.40
N SER JA 869 -97.51 -55.65 -21.41
CA SER JA 869 -98.66 -55.32 -20.56
C SER JA 869 -99.89 -56.13 -20.95
N SER JA 870 -100.16 -56.26 -22.24
CA SER JA 870 -101.34 -56.95 -22.73
C SER JA 870 -101.05 -58.27 -23.42
N GLN JA 871 -99.99 -58.35 -24.21
CA GLN JA 871 -99.69 -59.55 -24.97
C GLN JA 871 -99.24 -60.68 -24.06
N THR JA 872 -99.31 -61.89 -24.58
CA THR JA 872 -98.88 -63.06 -23.84
C THR JA 872 -97.36 -63.08 -23.68
N ALA JA 873 -96.91 -63.83 -22.68
CA ALA JA 873 -95.47 -63.95 -22.42
C ALA JA 873 -94.77 -64.63 -23.59
N GLY JA 874 -93.63 -64.08 -23.99
CA GLY JA 874 -92.87 -64.63 -25.09
C GLY JA 874 -92.09 -65.88 -24.72
N ALA JA 875 -91.57 -66.54 -25.74
CA ALA JA 875 -90.79 -67.75 -25.55
C ALA JA 875 -89.33 -67.37 -25.31
N VAL JA 876 -88.45 -68.37 -25.30
CA VAL JA 876 -87.03 -68.13 -25.07
C VAL JA 876 -86.43 -67.44 -26.29
N GLY JA 877 -85.75 -66.32 -26.06
CA GLY JA 877 -85.13 -65.59 -27.15
C GLY JA 877 -86.04 -64.67 -27.92
N ASP JA 878 -87.17 -64.26 -27.35
CA ASP JA 878 -88.11 -63.38 -28.00
C ASP JA 878 -87.91 -61.96 -27.50
N SER JA 879 -87.62 -61.04 -28.42
CA SER JA 879 -87.45 -59.64 -28.06
C SER JA 879 -88.81 -58.97 -27.90
N VAL JA 880 -88.79 -57.73 -27.41
CA VAL JA 880 -89.99 -56.93 -27.19
C VAL JA 880 -89.86 -55.65 -27.98
N GLU JA 881 -90.83 -55.37 -28.84
CA GLU JA 881 -90.88 -54.15 -29.63
C GLU JA 881 -91.80 -53.13 -28.97
N ALA JA 882 -91.68 -51.88 -29.41
CA ALA JA 882 -92.52 -50.80 -28.93
C ALA JA 882 -93.03 -50.00 -30.11
N ALA JA 883 -94.27 -49.49 -29.98
CA ALA JA 883 -94.83 -48.64 -31.01
C ALA JA 883 -94.09 -47.31 -31.05
N ASP JA 884 -94.34 -46.55 -32.12
CA ASP JA 884 -93.63 -45.29 -32.31
C ASP JA 884 -93.95 -44.27 -31.23
N ASN JA 885 -95.03 -44.47 -30.48
CA ASN JA 885 -95.41 -43.56 -29.40
C ASN JA 885 -95.26 -44.20 -28.03
N GLU JA 886 -94.54 -45.32 -27.94
CA GLU JA 886 -94.43 -46.08 -26.69
C GLU JA 886 -93.00 -46.09 -26.18
N VAL JA 887 -92.87 -46.12 -24.86
CA VAL JA 887 -91.59 -46.28 -24.19
C VAL JA 887 -91.72 -47.41 -23.19
N LEU JA 888 -90.85 -48.42 -23.30
CA LEU JA 888 -90.94 -49.60 -22.46
C LEU JA 888 -90.33 -49.34 -21.09
N ILE JA 889 -90.96 -49.87 -20.05
CA ILE JA 889 -90.51 -49.71 -18.67
C ILE JA 889 -90.56 -51.07 -17.99
N LEU JA 890 -89.46 -51.46 -17.38
CA LEU JA 890 -89.41 -52.75 -16.68
C LEU JA 890 -90.19 -52.67 -15.37
N VAL JA 891 -90.94 -53.73 -15.08
CA VAL JA 891 -91.67 -53.85 -13.83
C VAL JA 891 -91.43 -55.25 -13.26
N TRP JA 892 -91.59 -55.36 -11.95
CA TRP JA 892 -91.36 -56.63 -11.26
C TRP JA 892 -92.59 -57.07 -10.48
N ASP KA 5 -20.78 -60.79 -4.07
CA ASP KA 5 -20.45 -62.10 -3.52
C ASP KA 5 -18.98 -62.19 -3.14
N ALA KA 6 -18.26 -61.09 -3.29
CA ALA KA 6 -16.86 -61.00 -2.94
C ALA KA 6 -16.67 -60.06 -1.75
N LEU KA 7 -15.78 -60.44 -0.85
CA LEU KA 7 -15.52 -59.66 0.36
C LEU KA 7 -14.44 -58.60 0.17
N PHE KA 8 -13.80 -58.55 -0.99
CA PHE KA 8 -12.70 -57.60 -1.19
C PHE KA 8 -13.15 -56.15 -1.04
N PRO KA 9 -14.25 -55.69 -1.64
CA PRO KA 9 -14.63 -54.28 -1.45
C PRO KA 9 -14.94 -53.92 -0.01
N ILE KA 10 -15.21 -54.89 0.85
CA ILE KA 10 -15.55 -54.61 2.23
C ILE KA 10 -14.32 -54.63 3.13
N VAL KA 11 -13.38 -55.55 2.88
CA VAL KA 11 -12.27 -55.80 3.80
C VAL KA 11 -10.93 -55.43 3.21
N LYS KA 12 -10.91 -54.68 2.10
CA LYS KA 12 -9.64 -54.40 1.43
C LYS KA 12 -8.68 -53.58 2.30
N ASP KA 13 -9.17 -52.95 3.36
CA ASP KA 13 -8.30 -52.23 4.27
C ASP KA 13 -7.77 -53.10 5.40
N ASP KA 14 -8.47 -54.16 5.76
CA ASP KA 14 -8.00 -55.07 6.79
C ASP KA 14 -7.04 -56.13 6.26
N ILE KA 15 -6.95 -56.29 4.94
CA ILE KA 15 -6.03 -57.25 4.34
C ILE KA 15 -4.66 -56.63 4.06
N ALA KA 16 -4.55 -55.31 4.11
CA ALA KA 16 -3.32 -54.63 3.70
C ALA KA 16 -2.15 -55.06 4.57
N PHE KA 17 -0.96 -55.05 3.97
CA PHE KA 17 0.26 -55.48 4.67
C PHE KA 17 0.55 -54.58 5.85
N GLU KA 18 0.34 -53.26 5.70
CA GLU KA 18 0.63 -52.34 6.78
C GLU KA 18 -0.28 -52.57 7.99
N THR KA 19 -1.56 -52.86 7.73
CA THR KA 19 -2.49 -53.10 8.83
C THR KA 19 -2.09 -54.34 9.63
N LEU KA 20 -1.70 -55.41 8.94
CA LEU KA 20 -1.31 -56.63 9.63
C LEU KA 20 0.01 -56.46 10.37
N LEU KA 21 0.95 -55.70 9.80
CA LEU KA 21 2.23 -55.49 10.45
C LEU KA 21 2.06 -54.70 11.75
N THR KA 22 1.10 -53.77 11.77
CA THR KA 22 0.84 -53.00 12.98
C THR KA 22 0.38 -53.91 14.12
N GLN KA 23 -0.48 -54.88 13.81
CA GLN KA 23 -0.92 -55.83 14.83
C GLN KA 23 0.24 -56.68 15.32
N ALA KA 24 1.11 -57.12 14.41
CA ALA KA 24 2.23 -57.97 14.80
C ALA KA 24 3.20 -57.23 15.71
N LYS KA 25 3.47 -55.96 15.41
CA LYS KA 25 4.38 -55.19 16.25
C LYS KA 25 3.77 -54.92 17.62
N THR KA 26 2.44 -54.80 17.69
CA THR KA 26 1.78 -54.63 18.98
C THR KA 26 2.00 -55.83 19.89
N VAL KA 27 1.87 -57.04 19.33
CA VAL KA 27 2.06 -58.25 20.12
C VAL KA 27 3.50 -58.35 20.61
N ILE KA 28 4.46 -58.02 19.75
CA ILE KA 28 5.87 -58.11 20.13
C ILE KA 28 6.17 -57.15 21.28
N GLU KA 29 5.61 -55.95 21.23
CA GLU KA 29 5.79 -54.98 22.32
C GLU KA 29 5.21 -55.54 23.62
N GLN KA 30 3.97 -56.04 23.56
CA GLN KA 30 3.30 -56.53 24.77
C GLN KA 30 4.05 -57.71 25.38
N GLN KA 31 4.50 -58.64 24.56
CA GLN KA 31 5.07 -59.89 25.07
C GLN KA 31 6.56 -59.80 25.36
N SER KA 32 7.33 -59.11 24.52
CA SER KA 32 8.78 -59.09 24.64
C SER KA 32 9.32 -57.68 24.42
N GLY KA 33 8.68 -56.70 25.05
CA GLY KA 33 9.07 -55.32 24.83
C GLY KA 33 10.39 -54.94 25.46
N GLN KA 34 10.78 -55.62 26.55
CA GLN KA 34 12.02 -55.29 27.24
C GLN KA 34 13.23 -56.03 26.68
N LEU KA 35 13.03 -57.01 25.80
CA LEU KA 35 14.12 -57.75 25.20
C LEU KA 35 14.25 -57.54 23.70
N TRP KA 36 13.21 -57.03 23.05
CA TRP KA 36 13.20 -56.79 21.61
C TRP KA 36 12.62 -55.38 21.42
N SER KA 37 13.49 -54.38 21.46
CA SER KA 37 13.06 -52.99 21.39
C SER KA 37 13.35 -52.33 20.05
N ASN KA 38 14.23 -52.89 19.23
CA ASN KA 38 14.52 -52.37 17.91
C ASN KA 38 13.66 -53.12 16.90
N THR KA 39 12.64 -52.44 16.38
CA THR KA 39 11.71 -53.02 15.43
C THR KA 39 11.62 -52.16 14.18
N GLU KA 40 12.76 -51.67 13.70
CA GLU KA 40 12.80 -50.83 12.52
C GLU KA 40 13.02 -51.69 11.28
N GLU KA 41 13.27 -51.03 10.15
CA GLU KA 41 13.45 -51.74 8.88
C GLU KA 41 14.67 -52.64 8.88
N ASN KA 42 15.65 -52.37 9.74
CA ASN KA 42 16.93 -53.07 9.69
C ASN KA 42 17.00 -54.29 10.59
N ASP KA 43 16.03 -54.48 11.48
CA ASP KA 43 16.10 -55.59 12.42
C ASP KA 43 15.89 -56.92 11.69
N PRO KA 44 16.84 -57.86 11.77
CA PRO KA 44 16.65 -59.14 11.05
C PRO KA 44 15.40 -59.89 11.47
N GLY KA 45 14.98 -59.77 12.73
CA GLY KA 45 13.73 -60.38 13.14
C GLY KA 45 12.53 -59.78 12.44
N ILE KA 46 12.57 -58.48 12.17
CA ILE KA 46 11.46 -57.81 11.51
C ILE KA 46 11.36 -58.24 10.05
N THR KA 47 12.50 -58.36 9.36
CA THR KA 47 12.47 -58.73 7.96
C THR KA 47 11.88 -60.13 7.77
N LEU KA 48 12.24 -61.07 8.63
CA LEU KA 48 11.61 -62.39 8.58
C LEU KA 48 10.12 -62.29 8.85
N LEU KA 49 9.73 -61.49 9.85
CA LEU KA 49 8.32 -61.30 10.15
C LEU KA 49 7.61 -60.55 9.04
N GLU KA 50 8.27 -59.54 8.44
CA GLU KA 50 7.65 -58.79 7.36
C GLU KA 50 7.36 -59.68 6.16
N ALA KA 51 8.27 -60.60 5.84
CA ALA KA 51 8.01 -61.57 4.79
C ALA KA 51 6.80 -62.42 5.12
N CYS KA 52 6.74 -62.94 6.35
CA CYS KA 52 5.58 -63.71 6.79
C CYS KA 52 4.32 -62.85 6.78
N CYS KA 53 4.45 -61.57 7.11
CA CYS KA 53 3.29 -60.67 7.07
C CYS KA 53 2.76 -60.54 5.65
N TYR KA 54 3.66 -60.43 4.66
CA TYR KA 54 3.22 -60.39 3.27
C TYR KA 54 2.52 -61.68 2.88
N GLY KA 55 3.07 -62.83 3.32
CA GLY KA 55 2.42 -64.09 3.03
C GLY KA 55 1.05 -64.21 3.68
N ALA KA 56 0.91 -63.69 4.90
CA ALA KA 56 -0.39 -63.68 5.56
C ALA KA 56 -1.37 -62.79 4.80
N SER KA 57 -0.90 -61.65 4.31
CA SER KA 57 -1.77 -60.78 3.52
C SER KA 57 -2.18 -61.46 2.22
N ASP KA 58 -1.26 -62.18 1.58
CA ASP KA 58 -1.61 -62.92 0.38
C ASP KA 58 -2.65 -63.99 0.65
N LEU KA 59 -2.53 -64.69 1.78
CA LEU KA 59 -3.52 -65.70 2.14
C LEU KA 59 -4.89 -65.08 2.36
N ALA KA 60 -4.94 -63.93 3.03
CA ALA KA 60 -6.22 -63.28 3.29
C ALA KA 60 -6.84 -62.75 2.01
N TYR KA 61 -6.01 -62.30 1.06
CA TYR KA 61 -6.54 -61.83 -0.21
C TYR KA 61 -7.23 -62.95 -0.98
N ARG KA 62 -6.69 -64.16 -0.88
CA ARG KA 62 -7.30 -65.30 -1.57
C ARG KA 62 -8.72 -65.55 -1.05
N HIS KA 63 -8.93 -65.42 0.25
CA HIS KA 63 -10.23 -65.67 0.83
C HIS KA 63 -11.27 -64.62 0.44
N SER KA 64 -10.83 -63.45 -0.04
CA SER KA 64 -11.73 -62.36 -0.40
C SER KA 64 -12.13 -62.39 -1.86
N LEU KA 65 -11.96 -63.52 -2.53
CA LEU KA 65 -12.35 -63.68 -3.93
C LEU KA 65 -13.84 -63.96 -4.03
N PRO KA 66 -14.43 -63.82 -5.21
CA PRO KA 66 -15.88 -64.06 -5.35
C PRO KA 66 -16.27 -65.45 -4.90
N LEU KA 67 -17.44 -65.54 -4.26
CA LEU KA 67 -17.89 -66.80 -3.67
C LEU KA 67 -18.11 -67.88 -4.72
N ARG KA 68 -18.72 -67.53 -5.86
CA ARG KA 68 -19.00 -68.53 -6.87
C ARG KA 68 -17.72 -69.08 -7.51
N ASP KA 69 -16.66 -68.28 -7.54
CA ASP KA 69 -15.41 -68.75 -8.11
C ASP KA 69 -14.67 -69.69 -7.18
N LEU KA 70 -14.76 -69.46 -5.87
CA LEU KA 70 -14.10 -70.33 -4.91
C LEU KA 70 -14.80 -71.67 -4.76
N LEU KA 71 -16.05 -71.77 -5.18
CA LEU KA 71 -16.79 -73.02 -5.15
C LEU KA 71 -16.66 -73.82 -6.43
N THR KA 72 -15.82 -73.36 -7.36
CA THR KA 72 -15.66 -74.02 -8.65
C THR KA 72 -14.35 -74.79 -8.66
N PRO KA 73 -14.39 -76.11 -8.80
CA PRO KA 73 -13.14 -76.88 -8.89
C PRO KA 73 -12.52 -76.81 -10.27
N GLU KA 74 -11.48 -77.61 -10.50
CA GLU KA 74 -10.75 -77.58 -11.76
C GLU KA 74 -11.67 -77.96 -12.93
N LYS KA 75 -11.24 -77.55 -14.14
CA LYS KA 75 -12.03 -77.82 -15.33
C LYS KA 75 -12.17 -79.32 -15.58
N GLN KA 76 -11.12 -80.08 -15.30
CA GLN KA 76 -11.13 -81.52 -15.54
C GLN KA 76 -12.08 -82.26 -14.60
N GLU KA 77 -12.59 -81.61 -13.55
CA GLU KA 77 -13.52 -82.26 -12.65
C GLU KA 77 -14.97 -81.85 -12.89
N GLN KA 78 -15.20 -80.63 -13.37
CA GLN KA 78 -16.54 -80.06 -13.49
C GLN KA 78 -17.48 -80.99 -14.28
N THR KA 79 -18.51 -81.49 -13.60
CA THR KA 79 -19.40 -82.47 -14.19
C THR KA 79 -20.32 -81.81 -15.22
N LEU KA 80 -20.57 -82.52 -16.31
CA LEU KA 80 -21.46 -82.01 -17.35
C LEU KA 80 -22.89 -81.90 -16.84
N GLY KA 81 -23.55 -80.80 -17.19
CA GLY KA 81 -24.93 -80.61 -16.83
C GLY KA 81 -25.17 -80.13 -15.41
N ASP KA 82 -24.13 -79.80 -14.66
CA ASP KA 82 -24.25 -79.35 -13.29
C ASP KA 82 -23.72 -77.92 -13.17
N GLY KA 83 -23.73 -77.42 -11.94
CA GLY KA 83 -23.22 -76.08 -11.65
C GLY KA 83 -22.62 -76.06 -10.27
N ILE KA 84 -22.75 -74.91 -9.60
CA ILE KA 84 -22.25 -74.80 -8.22
C ILE KA 84 -22.92 -75.84 -7.34
N PHE KA 85 -24.21 -76.05 -7.52
CA PHE KA 85 -24.94 -77.15 -6.94
C PHE KA 85 -25.39 -78.10 -8.05
N PRO KA 86 -25.44 -79.40 -7.78
CA PRO KA 86 -25.84 -80.36 -8.82
C PRO KA 86 -27.28 -80.11 -9.28
N GLN KA 87 -27.55 -80.58 -10.50
CA GLN KA 87 -28.82 -80.25 -11.16
C GLN KA 87 -30.02 -80.73 -10.35
N GLU KA 88 -29.91 -81.89 -9.72
CA GLU KA 88 -31.04 -82.46 -8.97
C GLU KA 88 -31.41 -81.65 -7.75
N PHE KA 89 -30.58 -80.70 -7.33
CA PHE KA 89 -30.87 -79.87 -6.16
C PHE KA 89 -31.54 -78.55 -6.51
N GLY KA 90 -31.98 -78.38 -7.75
CA GLY KA 90 -32.62 -77.16 -8.17
C GLY KA 90 -34.03 -77.03 -7.62
N PRO KA 91 -34.65 -75.87 -7.87
CA PRO KA 91 -36.02 -75.65 -7.36
C PRO KA 91 -37.03 -76.64 -7.91
N GLN KA 92 -36.87 -77.09 -9.16
CA GLN KA 92 -37.83 -78.00 -9.77
C GLN KA 92 -37.82 -79.39 -9.16
N GLN KA 93 -36.80 -79.73 -8.37
CA GLN KA 93 -36.73 -81.03 -7.72
C GLN KA 93 -36.74 -80.96 -6.20
N MET KA 94 -36.46 -79.80 -5.61
CA MET KA 94 -36.39 -79.68 -4.16
C MET KA 94 -37.62 -79.02 -3.55
N LEU KA 95 -38.36 -78.23 -4.31
CA LEU KA 95 -39.58 -77.62 -3.80
C LEU KA 95 -40.84 -78.35 -4.23
N THR KA 96 -40.75 -79.19 -5.25
CA THR KA 96 -41.88 -79.98 -5.72
C THR KA 96 -41.90 -81.34 -5.04
N CYS KA 97 -42.90 -82.14 -5.36
CA CYS KA 97 -43.01 -83.48 -4.80
C CYS KA 97 -43.80 -84.36 -5.76
N GLY KA 98 -43.58 -85.67 -5.64
CA GLY KA 98 -44.27 -86.63 -6.47
C GLY KA 98 -45.76 -86.65 -6.19
N PRO KA 99 -46.54 -87.14 -7.14
CA PRO KA 99 -48.01 -87.12 -6.97
C PRO KA 99 -48.44 -87.94 -5.76
N ILE KA 100 -49.10 -87.26 -4.83
CA ILE KA 100 -49.65 -87.89 -3.62
C ILE KA 100 -51.17 -87.75 -3.58
N THR KA 101 -51.68 -86.54 -3.77
CA THR KA 101 -53.12 -86.30 -3.75
C THR KA 101 -53.74 -86.69 -5.10
N ALA KA 102 -55.06 -86.86 -5.08
CA ALA KA 102 -55.78 -87.11 -6.33
C ALA KA 102 -55.62 -85.94 -7.30
N GLU KA 103 -55.62 -84.71 -6.77
CA GLU KA 103 -55.40 -83.55 -7.62
C GLU KA 103 -53.99 -83.53 -8.20
N ASP KA 104 -53.01 -84.04 -7.45
CA ASP KA 104 -51.65 -84.13 -7.98
C ASP KA 104 -51.59 -85.04 -9.19
N TYR KA 105 -52.34 -86.15 -9.16
CA TYR KA 105 -52.39 -87.04 -10.31
C TYR KA 105 -53.08 -86.37 -11.49
N ARG KA 106 -54.03 -85.47 -11.22
CA ARG KA 106 -54.63 -84.69 -12.29
C ARG KA 106 -53.58 -83.83 -12.99
N ARG KA 107 -52.77 -83.12 -12.21
CA ARG KA 107 -51.76 -82.24 -12.79
C ARG KA 107 -50.70 -83.03 -13.55
N ALA KA 108 -50.25 -84.15 -12.98
CA ALA KA 108 -49.20 -84.94 -13.62
C ALA KA 108 -49.68 -85.57 -14.92
N LEU KA 109 -50.93 -86.05 -14.94
CA LEU KA 109 -51.44 -86.69 -16.14
C LEU KA 109 -51.79 -85.67 -17.23
N LEU KA 110 -52.20 -84.47 -16.84
CA LEU KA 110 -52.50 -83.43 -17.82
C LEU KA 110 -51.26 -82.85 -18.47
N ASP KA 111 -50.07 -83.15 -17.95
CA ASP KA 111 -48.84 -82.63 -18.51
C ASP KA 111 -48.27 -83.50 -19.62
N LEU KA 112 -48.85 -84.67 -19.87
CA LEU KA 112 -48.32 -85.56 -20.90
C LEU KA 112 -48.48 -84.93 -22.27
N HIS KA 113 -47.42 -85.04 -23.08
CA HIS KA 113 -47.39 -84.48 -24.42
C HIS KA 113 -46.92 -85.54 -25.41
N SER KA 114 -47.40 -85.42 -26.64
CA SER KA 114 -47.00 -86.36 -27.69
C SER KA 114 -45.53 -86.23 -28.07
N SER KA 115 -44.93 -85.06 -27.83
CA SER KA 115 -43.55 -84.80 -28.19
C SER KA 115 -42.59 -85.02 -27.02
N ASP KA 116 -43.06 -85.58 -25.91
CA ASP KA 116 -42.19 -85.77 -24.75
C ASP KA 116 -41.04 -86.72 -25.07
N THR KA 117 -41.34 -87.82 -25.75
CA THR KA 117 -40.34 -88.80 -26.14
C THR KA 117 -40.29 -88.91 -27.66
N ASP KA 118 -39.54 -89.89 -28.15
CA ASP KA 118 -39.55 -90.17 -29.58
C ASP KA 118 -40.94 -90.56 -30.03
N ASN KA 119 -41.35 -90.06 -31.19
CA ASN KA 119 -42.71 -90.16 -31.65
C ASN KA 119 -42.79 -90.87 -32.99
N GLU KA 120 -43.95 -91.48 -33.25
CA GLU KA 120 -44.24 -92.08 -34.54
C GLU KA 120 -44.90 -91.10 -35.51
N THR KA 121 -45.61 -90.11 -34.98
CA THR KA 121 -46.24 -89.07 -35.79
C THR KA 121 -45.81 -87.70 -35.27
N SER KA 122 -45.82 -86.71 -36.16
CA SER KA 122 -45.27 -85.39 -35.87
C SER KA 122 -46.36 -84.40 -35.47
N GLU KA 123 -47.38 -84.85 -34.76
CA GLU KA 123 -48.43 -83.99 -34.26
C GLU KA 123 -48.17 -83.66 -32.80
N ASP KA 124 -48.18 -82.37 -32.47
CA ASP KA 124 -47.94 -81.91 -31.11
C ASP KA 124 -49.28 -81.62 -30.44
N TYR KA 125 -49.57 -82.34 -29.36
CA TYR KA 125 -50.84 -82.20 -28.67
C TYR KA 125 -50.73 -82.83 -27.29
N PHE KA 126 -51.58 -82.39 -26.38
CA PHE KA 126 -51.69 -83.00 -25.07
C PHE KA 126 -52.68 -84.15 -25.11
N PHE KA 127 -52.31 -85.25 -24.46
CA PHE KA 127 -53.09 -86.48 -24.59
C PHE KA 127 -54.50 -86.31 -24.05
N PHE KA 128 -54.64 -85.83 -22.82
CA PHE KA 128 -55.93 -85.77 -22.15
C PHE KA 128 -56.36 -84.33 -21.93
N ASN KA 129 -57.65 -84.08 -22.13
CA ASN KA 129 -58.25 -82.80 -21.76
C ASN KA 129 -58.60 -82.74 -20.28
N ASP KA 130 -58.97 -83.87 -19.69
CA ASP KA 130 -59.29 -83.92 -18.26
C ASP KA 130 -59.19 -85.36 -17.79
N VAL KA 131 -58.80 -85.52 -16.52
CA VAL KA 131 -58.73 -86.83 -15.88
C VAL KA 131 -59.35 -86.70 -14.49
N ARG KA 132 -59.68 -87.84 -13.90
CA ARG KA 132 -60.22 -87.87 -12.55
C ARG KA 132 -59.84 -89.18 -11.88
N LEU KA 133 -59.12 -89.08 -10.76
CA LEU KA 133 -58.74 -90.25 -9.98
C LEU KA 133 -59.63 -90.35 -8.75
N ILE KA 134 -60.27 -91.52 -8.59
CA ILE KA 134 -61.14 -91.77 -7.46
C ILE KA 134 -60.76 -93.12 -6.86
N CYS KA 135 -61.11 -93.29 -5.58
CA CYS KA 135 -60.95 -94.59 -4.95
C CYS KA 135 -61.91 -95.59 -5.56
N GLU KA 136 -61.56 -96.86 -5.48
CA GLU KA 136 -62.41 -97.90 -6.02
C GLU KA 136 -63.76 -97.89 -5.32
N PRO KA 137 -64.87 -97.86 -6.06
CA PRO KA 137 -66.19 -97.77 -5.42
C PRO KA 137 -66.46 -98.96 -4.51
N GLU KA 138 -67.24 -98.72 -3.46
CA GLU KA 138 -67.54 -99.76 -2.49
C GLU KA 138 -68.24 -100.94 -3.14
N SER KA 139 -69.10 -100.69 -4.12
CA SER KA 139 -69.81 -101.78 -4.79
C SER KA 139 -68.85 -102.70 -5.53
N GLU KA 140 -67.86 -102.12 -6.21
CA GLU KA 140 -66.88 -102.88 -6.98
C GLU KA 140 -65.60 -103.14 -6.21
N ARG KA 141 -65.68 -103.16 -4.88
CA ARG KA 141 -64.49 -103.35 -4.05
C ARG KA 141 -63.88 -104.73 -4.27
N TYR KA 142 -62.57 -104.80 -4.13
CA TYR KA 142 -61.81 -106.04 -4.31
C TYR KA 142 -62.14 -106.98 -3.17
N LYS KA 143 -63.03 -107.94 -3.41
CA LYS KA 143 -63.48 -108.88 -2.41
C LYS KA 143 -62.97 -110.28 -2.72
N TYR KA 144 -62.67 -111.03 -1.66
CA TYR KA 144 -62.28 -112.43 -1.78
C TYR KA 144 -62.74 -113.16 -0.52
N TRP KA 145 -62.89 -114.48 -0.64
CA TRP KA 145 -63.56 -115.28 0.37
C TRP KA 145 -62.63 -116.33 0.93
N TYR KA 146 -62.80 -116.62 2.22
CA TYR KA 146 -62.05 -117.65 2.92
C TYR KA 146 -63.00 -118.75 3.36
N ASN KA 147 -62.64 -120.00 3.09
CA ASN KA 147 -63.46 -121.14 3.47
C ASN KA 147 -63.11 -121.54 4.90
N LYS KA 148 -64.12 -121.56 5.76
CA LYS KA 148 -63.89 -121.86 7.18
C LYS KA 148 -63.31 -123.27 7.36
N GLU KA 149 -63.84 -124.25 6.63
CA GLU KA 149 -63.42 -125.63 6.79
C GLU KA 149 -62.30 -126.02 5.82
N SER KA 150 -62.43 -125.63 4.56
CA SER KA 150 -61.44 -126.02 3.55
C SER KA 150 -60.09 -125.35 3.79
N ARG KA 151 -60.05 -124.23 4.51
CA ARG KA 151 -58.81 -123.50 4.79
C ARG KA 151 -58.12 -123.06 3.51
N GLU KA 152 -58.84 -122.28 2.72
CA GLU KA 152 -58.32 -121.79 1.45
C GLU KA 152 -59.06 -120.51 1.07
N TYR KA 153 -58.48 -119.77 0.13
CA TYR KA 153 -59.01 -118.49 -0.31
C TYR KA 153 -59.48 -118.58 -1.76
N SER KA 154 -60.63 -118.00 -2.05
CA SER KA 154 -61.23 -118.08 -3.37
C SER KA 154 -61.93 -116.77 -3.70
N PHE KA 155 -62.10 -116.52 -4.99
CA PHE KA 155 -62.79 -115.35 -5.49
C PHE KA 155 -64.28 -115.59 -5.73
N ILE KA 156 -64.75 -116.81 -5.52
CA ILE KA 156 -66.13 -117.19 -5.82
C ILE KA 156 -66.83 -117.51 -4.51
N GLN KA 157 -67.99 -116.89 -4.30
CA GLN KA 157 -68.77 -117.12 -3.09
C GLN KA 157 -69.58 -118.41 -3.19
N GLU KA 164 -68.76 -122.30 6.09
CA GLU KA 164 -69.17 -120.89 6.10
C GLU KA 164 -68.08 -119.99 5.54
N GLN KA 165 -68.32 -119.44 4.36
CA GLN KA 165 -67.37 -118.55 3.72
C GLN KA 165 -67.44 -117.16 4.34
N LEU KA 166 -66.28 -116.55 4.54
CA LEU KA 166 -66.18 -115.21 5.11
C LEU KA 166 -65.62 -114.24 4.08
N GLN KA 167 -65.99 -112.98 4.22
CA GLN KA 167 -65.65 -111.95 3.26
C GLN KA 167 -64.40 -111.18 3.71
N LEU KA 168 -63.49 -110.96 2.77
CA LEU KA 168 -62.29 -110.17 3.02
C LEU KA 168 -62.12 -109.14 1.90
N THR KA 169 -61.55 -107.99 2.25
CA THR KA 169 -61.45 -106.87 1.34
C THR KA 169 -60.01 -106.38 1.26
N LEU KA 170 -59.55 -106.10 0.05
CA LEU KA 170 -58.23 -105.50 -0.18
C LEU KA 170 -58.41 -104.00 -0.38
N ARG KA 171 -57.63 -103.21 0.35
CA ARG KA 171 -57.75 -101.76 0.30
C ARG KA 171 -56.67 -101.15 -0.57
N GLY KA 172 -57.03 -100.09 -1.29
CA GLY KA 172 -56.11 -99.36 -2.13
C GLY KA 172 -56.29 -99.75 -3.59
N ASN KA 173 -57.04 -98.94 -4.32
CA ASN KA 173 -57.35 -99.22 -5.72
C ASN KA 173 -57.98 -97.98 -6.36
N TYR KA 174 -57.48 -97.56 -7.51
CA TYR KA 174 -57.95 -96.34 -8.16
C TYR KA 174 -58.65 -96.67 -9.48
N TRP KA 175 -59.71 -95.92 -9.75
CA TRP KA 175 -60.37 -95.93 -11.05
C TRP KA 175 -59.98 -94.66 -11.78
N LEU KA 176 -59.34 -94.79 -12.93
CA LEU KA 176 -58.81 -93.67 -13.68
C LEU KA 176 -59.76 -93.36 -14.84
N TYR KA 177 -60.47 -92.24 -14.75
CA TYR KA 177 -61.32 -91.76 -15.82
C TYR KA 177 -60.51 -90.82 -16.71
N LEU KA 178 -60.56 -91.06 -18.01
CA LEU KA 178 -59.78 -90.29 -18.97
C LEU KA 178 -60.71 -89.61 -19.96
N LEU KA 179 -60.52 -88.31 -20.14
CA LEU KA 179 -61.25 -87.54 -21.15
C LEU KA 179 -60.26 -87.15 -22.24
N PRO KA 180 -60.28 -87.80 -23.39
CA PRO KA 180 -59.24 -87.57 -24.40
C PRO KA 180 -59.47 -86.30 -25.21
N ASN KA 181 -58.37 -85.83 -25.81
CA ASN KA 181 -58.44 -84.69 -26.71
C ASN KA 181 -58.89 -85.17 -28.10
N ARG KA 182 -58.95 -84.22 -29.04
CA ARG KA 182 -59.42 -84.56 -30.38
C ARG KA 182 -58.44 -85.47 -31.10
N GLU KA 183 -57.14 -85.14 -31.03
CA GLU KA 183 -56.14 -85.98 -31.69
C GLU KA 183 -55.99 -87.31 -30.99
N THR KA 184 -56.17 -87.35 -29.67
CA THR KA 184 -56.07 -88.60 -28.93
C THR KA 184 -57.15 -89.58 -29.36
N GLU KA 185 -58.37 -89.09 -29.57
CA GLU KA 185 -59.45 -89.96 -30.01
C GLU KA 185 -59.20 -90.51 -31.41
N ASP KA 186 -58.45 -89.77 -32.23
CA ASP KA 186 -58.12 -90.27 -33.57
C ASP KA 186 -57.25 -91.52 -33.50
N ASP KA 187 -56.27 -91.54 -32.60
CA ASP KA 187 -55.38 -92.67 -32.45
C ASP KA 187 -54.95 -92.76 -30.99
N LYS KA 188 -55.13 -93.93 -30.39
CA LYS KA 188 -54.88 -94.11 -28.96
C LYS KA 188 -53.67 -94.98 -28.64
N THR KA 189 -53.01 -95.56 -29.65
CA THR KA 189 -51.89 -96.47 -29.37
C THR KA 189 -50.75 -95.75 -28.67
N LEU KA 190 -50.39 -94.56 -29.16
CA LEU KA 190 -49.32 -93.80 -28.52
C LEU KA 190 -49.73 -93.36 -27.13
N THR KA 191 -50.98 -92.91 -26.96
CA THR KA 191 -51.44 -92.47 -25.65
C THR KA 191 -51.44 -93.62 -24.65
N GLN KA 192 -51.89 -94.80 -25.07
CA GLN KA 192 -51.95 -95.95 -24.16
C GLN KA 192 -50.55 -96.35 -23.70
N LYS KA 193 -49.59 -96.39 -24.62
CA LYS KA 193 -48.24 -96.83 -24.26
C LYS KA 193 -47.59 -95.88 -23.26
N ARG KA 194 -47.74 -94.57 -23.49
CA ARG KA 194 -47.15 -93.60 -22.58
C ARG KA 194 -47.83 -93.63 -21.21
N LEU KA 195 -49.15 -93.85 -21.19
CA LEU KA 195 -49.87 -93.90 -19.93
C LEU KA 195 -49.42 -95.08 -19.08
N ASN KA 196 -49.20 -96.24 -19.70
CA ASN KA 196 -48.77 -97.41 -18.96
C ASN KA 196 -47.39 -97.18 -18.33
N ASP KA 197 -46.48 -96.56 -19.07
CA ASP KA 197 -45.16 -96.26 -18.53
C ASP KA 197 -45.24 -95.30 -17.35
N PHE KA 198 -46.10 -94.26 -17.47
CA PHE KA 198 -46.26 -93.32 -16.37
C PHE KA 198 -46.85 -93.98 -15.15
N LEU KA 199 -47.84 -94.85 -15.34
CA LEU KA 199 -48.49 -95.51 -14.21
C LEU KA 199 -47.54 -96.47 -13.51
N LYS KA 200 -46.62 -97.08 -14.25
CA LYS KA 200 -45.67 -98.01 -13.65
C LYS KA 200 -44.71 -97.29 -12.70
N ASP KA 201 -44.19 -96.14 -13.12
CA ASP KA 201 -43.17 -95.42 -12.35
C ASP KA 201 -43.76 -94.48 -11.32
N ASN KA 202 -45.07 -94.28 -11.30
CA ASN KA 202 -45.74 -93.37 -10.38
C ASN KA 202 -46.75 -94.12 -9.53
N ARG KA 203 -46.35 -95.29 -9.04
CA ARG KA 203 -47.19 -96.11 -8.18
C ARG KA 203 -46.81 -95.87 -6.73
N ASN KA 204 -47.81 -95.58 -5.89
CA ASN KA 204 -47.58 -95.36 -4.48
C ASN KA 204 -47.60 -96.69 -3.73
N LEU KA 205 -47.11 -96.64 -2.50
CA LEU KA 205 -47.02 -97.85 -1.67
C LEU KA 205 -48.41 -98.31 -1.25
N GLY KA 206 -48.79 -99.51 -1.68
CA GLY KA 206 -50.07 -100.08 -1.31
C GLY KA 206 -51.24 -99.66 -2.18
N GLU KA 207 -51.00 -98.99 -3.30
CA GLU KA 207 -52.06 -98.52 -4.16
C GLU KA 207 -51.79 -98.92 -5.61
N SER KA 208 -52.85 -98.97 -6.40
CA SER KA 208 -52.74 -99.31 -7.82
C SER KA 208 -53.98 -98.80 -8.53
N VAL KA 209 -53.90 -98.76 -9.86
CA VAL KA 209 -55.02 -98.39 -10.72
C VAL KA 209 -55.60 -99.69 -11.25
N SER KA 210 -56.72 -100.12 -10.66
CA SER KA 210 -57.30 -101.41 -11.01
C SER KA 210 -58.22 -101.33 -12.22
N LYS KA 211 -58.52 -100.14 -12.74
CA LYS KA 211 -59.42 -100.01 -13.87
C LYS KA 211 -59.15 -98.70 -14.58
N ILE KA 212 -59.10 -98.75 -15.90
CA ILE KA 212 -58.92 -97.58 -16.74
C ILE KA 212 -60.16 -97.44 -17.61
N ILE KA 213 -60.83 -96.29 -17.51
CA ILE KA 213 -62.08 -96.05 -18.22
C ILE KA 213 -61.89 -94.86 -19.16
N TRP KA 214 -62.30 -95.03 -20.41
CA TRP KA 214 -62.24 -93.96 -21.41
C TRP KA 214 -63.65 -93.46 -21.66
N LEU KA 215 -63.84 -92.14 -21.56
CA LEU KA 215 -65.13 -91.54 -21.84
C LEU KA 215 -65.40 -91.52 -23.34
N GLN KA 216 -66.67 -91.69 -23.71
CA GLN KA 216 -66.99 -91.75 -25.13
C GLN KA 216 -67.61 -90.45 -25.60
N PRO KA 217 -67.35 -90.04 -26.84
CA PRO KA 217 -67.87 -88.76 -27.32
C PRO KA 217 -69.33 -88.87 -27.76
N VAL KA 218 -70.08 -87.80 -27.49
CA VAL KA 218 -71.44 -87.65 -27.97
C VAL KA 218 -71.52 -86.31 -28.71
N ASP KA 219 -71.98 -86.35 -29.96
CA ASP KA 219 -72.06 -85.15 -30.75
C ASP KA 219 -73.01 -84.14 -30.12
N PHE KA 220 -72.56 -82.89 -30.03
CA PHE KA 220 -73.34 -81.81 -29.43
C PHE KA 220 -73.52 -80.73 -30.49
N LEU KA 221 -74.58 -80.87 -31.28
CA LEU KA 221 -74.84 -79.95 -32.38
C LEU KA 221 -75.54 -78.71 -31.83
N LEU KA 222 -74.77 -77.66 -31.58
CA LEU KA 222 -75.30 -76.43 -31.01
C LEU KA 222 -75.83 -75.53 -32.13
N GLN KA 223 -77.03 -75.00 -31.93
CA GLN KA 223 -77.65 -74.10 -32.88
C GLN KA 223 -77.38 -72.66 -32.45
N LEU KA 224 -76.74 -71.88 -33.31
CA LEU KA 224 -76.29 -70.54 -32.96
C LEU KA 224 -76.61 -69.58 -34.10
N ASP KA 225 -77.25 -68.46 -33.76
CA ASP KA 225 -77.57 -67.41 -34.72
C ASP KA 225 -76.97 -66.11 -34.23
N ILE KA 226 -76.08 -65.52 -35.04
CA ILE KA 226 -75.30 -64.35 -34.63
C ILE KA 226 -75.45 -63.28 -35.69
N GLU KA 227 -75.72 -62.04 -35.25
CA GLU KA 227 -75.81 -60.88 -36.13
C GLU KA 227 -74.61 -59.98 -35.91
N LEU KA 228 -73.99 -59.56 -36.99
CA LEU KA 228 -72.77 -58.75 -36.94
C LEU KA 228 -73.09 -57.27 -37.02
N ASP KA 229 -72.08 -56.45 -36.72
CA ASP KA 229 -72.18 -55.01 -36.93
C ASP KA 229 -72.14 -54.70 -38.42
N ASP KA 230 -72.66 -53.53 -38.78
CA ASP KA 230 -72.75 -53.16 -40.19
C ASP KA 230 -71.39 -52.86 -40.81
N ASP KA 231 -70.37 -52.59 -40.00
CA ASP KA 231 -69.07 -52.16 -40.48
C ASP KA 231 -68.00 -53.22 -40.22
N VAL KA 232 -68.33 -54.49 -40.42
CA VAL KA 232 -67.38 -55.56 -40.19
C VAL KA 232 -66.32 -55.54 -41.29
N SER KA 233 -65.07 -55.80 -40.91
CA SER KA 233 -63.94 -55.79 -41.84
C SER KA 233 -63.47 -57.19 -42.21
N ASP KA 234 -63.14 -58.01 -41.23
CA ASP KA 234 -62.70 -59.38 -41.44
C ASP KA 234 -63.79 -60.34 -41.01
N LEU KA 235 -64.14 -61.28 -41.88
CA LEU KA 235 -65.19 -62.26 -41.61
C LEU KA 235 -64.64 -63.60 -41.14
N ALA KA 236 -63.52 -64.06 -41.73
CA ALA KA 236 -62.93 -65.31 -41.29
C ALA KA 236 -62.43 -65.20 -39.85
N ASP KA 237 -62.01 -64.01 -39.42
CA ASP KA 237 -61.53 -63.84 -38.06
C ASP KA 237 -62.64 -64.07 -37.04
N ILE KA 238 -63.85 -63.58 -37.34
CA ILE KA 238 -64.96 -63.74 -36.40
C ILE KA 238 -65.35 -65.20 -36.27
N PHE KA 239 -65.28 -65.96 -37.38
CA PHE KA 239 -65.59 -67.38 -37.31
C PHE KA 239 -64.60 -68.12 -36.41
N ALA KA 240 -63.31 -67.79 -36.51
CA ALA KA 240 -62.33 -68.38 -35.61
C ALA KA 240 -62.59 -68.00 -34.16
N GLN KA 241 -62.92 -66.73 -33.92
CA GLN KA 241 -63.21 -66.29 -32.56
C GLN KA 241 -64.45 -66.98 -32.00
N VAL KA 242 -65.48 -67.13 -32.84
CA VAL KA 242 -66.72 -67.76 -32.39
C VAL KA 242 -66.46 -69.23 -32.05
N TYR KA 243 -65.74 -69.94 -32.93
CA TYR KA 243 -65.48 -71.35 -32.69
C TYR KA 243 -64.58 -71.55 -31.47
N MET KA 244 -63.52 -70.75 -31.35
CA MET KA 244 -62.59 -70.90 -30.24
C MET KA 244 -63.28 -70.61 -28.90
N THR KA 245 -64.13 -69.59 -28.86
CA THR KA 245 -64.86 -69.28 -27.64
C THR KA 245 -65.85 -70.40 -27.30
N THR KA 246 -66.55 -70.92 -28.31
CA THR KA 246 -67.53 -71.97 -28.05
C THR KA 246 -66.87 -73.28 -27.64
N GLU KA 247 -65.75 -73.62 -28.28
CA GLU KA 247 -65.06 -74.87 -27.94
C GLU KA 247 -64.55 -74.83 -26.50
N GLN KA 248 -64.01 -73.69 -26.08
CA GLN KA 248 -63.54 -73.55 -24.70
C GLN KA 248 -64.68 -73.59 -23.71
N MET KA 249 -65.87 -73.13 -24.12
CA MET KA 249 -67.00 -73.11 -23.20
C MET KA 249 -67.56 -74.51 -22.96
N VAL KA 250 -67.33 -75.43 -23.89
CA VAL KA 250 -67.86 -76.79 -23.77
C VAL KA 250 -66.82 -77.73 -23.18
N LEU KA 251 -65.55 -77.57 -23.55
CA LEU KA 251 -64.47 -78.49 -23.19
C LEU KA 251 -63.27 -77.71 -22.67
N THR KA 252 -63.51 -76.83 -21.69
CA THR KA 252 -62.50 -75.96 -21.12
C THR KA 252 -61.21 -76.71 -20.82
N SER KA 253 -60.13 -76.28 -21.47
CA SER KA 253 -58.81 -76.86 -21.34
C SER KA 253 -58.06 -76.26 -20.15
N PRO KA 254 -57.09 -76.98 -19.60
CA PRO KA 254 -56.28 -76.40 -18.51
C PRO KA 254 -55.49 -75.21 -19.00
N LEU KA 255 -55.26 -74.27 -18.09
CA LEU KA 255 -54.49 -73.06 -18.38
C LEU KA 255 -53.10 -73.19 -17.80
N ARG KA 256 -52.10 -73.22 -18.67
CA ARG KA 256 -50.70 -73.38 -18.28
C ARG KA 256 -49.97 -72.06 -18.41
N TYR KA 257 -48.92 -71.89 -17.59
CA TYR KA 257 -48.08 -70.71 -17.64
C TYR KA 257 -46.62 -71.12 -17.47
N SER KA 258 -45.73 -70.34 -18.07
CA SER KA 258 -44.32 -70.53 -17.84
C SER KA 258 -43.92 -69.94 -16.49
N THR KA 259 -42.71 -70.29 -16.05
CA THR KA 259 -42.24 -69.81 -14.76
C THR KA 259 -42.16 -68.29 -14.71
N GLN KA 260 -41.68 -67.68 -15.81
CA GLN KA 260 -41.61 -66.22 -15.86
C GLN KA 260 -42.99 -65.59 -15.78
N ALA KA 261 -43.97 -66.17 -16.48
CA ALA KA 261 -45.32 -65.64 -16.43
C ALA KA 261 -45.92 -65.79 -15.03
N MET KA 262 -45.64 -66.92 -14.37
CA MET KA 262 -46.12 -67.11 -13.00
C MET KA 262 -45.51 -66.08 -12.06
N ILE KA 263 -44.23 -65.75 -12.26
CA ILE KA 263 -43.59 -64.69 -11.47
C ILE KA 263 -44.25 -63.35 -11.75
N GLU KA 264 -44.53 -63.06 -13.03
CA GLU KA 264 -45.14 -61.79 -13.39
C GLU KA 264 -46.54 -61.65 -12.80
N GLN KA 265 -47.23 -62.76 -12.56
CA GLN KA 265 -48.57 -62.71 -12.02
C GLN KA 265 -48.61 -62.43 -10.52
N GLY KA 266 -47.44 -62.33 -9.87
CA GLY KA 266 -47.37 -62.07 -8.45
C GLY KA 266 -47.12 -63.27 -7.58
N TYR KA 267 -46.92 -64.44 -8.16
CA TYR KA 267 -46.65 -65.64 -7.38
C TYR KA 267 -45.21 -65.65 -6.89
N SER KA 268 -44.99 -66.40 -5.81
CA SER KA 268 -43.66 -66.60 -5.25
C SER KA 268 -43.19 -68.02 -5.55
N ASN KA 269 -41.88 -68.23 -5.43
CA ASN KA 269 -41.31 -69.54 -5.72
C ASN KA 269 -41.84 -70.62 -4.79
N GLU KA 270 -42.39 -70.25 -3.65
CA GLU KA 270 -42.96 -71.24 -2.74
C GLU KA 270 -44.15 -71.96 -3.37
N GLU KA 271 -45.00 -71.22 -4.09
CA GLU KA 271 -46.20 -71.80 -4.66
C GLU KA 271 -46.09 -72.16 -6.13
N ILE KA 272 -45.12 -71.59 -6.85
CA ILE KA 272 -44.92 -71.97 -8.25
C ILE KA 272 -44.45 -73.41 -8.35
N PHE KA 273 -43.44 -73.77 -7.55
CA PHE KA 273 -42.94 -75.13 -7.52
C PHE KA 273 -43.66 -75.94 -6.43
N GLU KA 274 -44.98 -76.01 -6.57
CA GLU KA 274 -45.84 -76.73 -5.65
C GLU KA 274 -46.58 -77.82 -6.41
N GLY KA 275 -46.56 -79.03 -5.88
CA GLY KA 275 -47.13 -80.17 -6.56
C GLY KA 275 -46.12 -80.87 -7.43
N PRO KA 276 -46.59 -81.75 -8.32
CA PRO KA 276 -45.67 -82.46 -9.21
C PRO KA 276 -45.00 -81.52 -10.20
N TYR KA 277 -43.80 -81.90 -10.62
CA TYR KA 277 -43.00 -81.09 -11.53
C TYR KA 277 -43.50 -81.31 -12.95
N LEU KA 278 -44.13 -80.28 -13.52
CA LEU KA 278 -44.66 -80.34 -14.88
C LEU KA 278 -43.68 -79.71 -15.85
N HIS KA 279 -43.37 -80.42 -16.93
CA HIS KA 279 -42.38 -79.95 -17.88
C HIS KA 279 -42.92 -78.94 -18.87
N HIS KA 280 -44.24 -78.82 -19.01
CA HIS KA 280 -44.85 -78.02 -20.06
C HIS KA 280 -45.76 -76.95 -19.50
N GLY KA 281 -45.33 -76.28 -18.44
CA GLY KA 281 -46.10 -75.18 -17.88
C GLY KA 281 -46.72 -75.57 -16.54
N TRP KA 282 -46.99 -74.54 -15.74
CA TRP KA 282 -47.56 -74.71 -14.42
C TRP KA 282 -49.07 -74.51 -14.45
N ILE KA 283 -49.77 -75.26 -13.61
CA ILE KA 283 -51.23 -75.20 -13.55
C ILE KA 283 -51.64 -74.71 -12.16
N PRO KA 284 -51.78 -73.40 -11.96
CA PRO KA 284 -52.13 -72.90 -10.62
C PRO KA 284 -53.54 -73.29 -10.19
N GLU KA 285 -54.52 -73.05 -11.05
CA GLU KA 285 -55.92 -73.31 -10.75
C GLU KA 285 -56.50 -74.25 -11.79
N LEU KA 286 -57.15 -75.32 -11.31
CA LEU KA 286 -57.83 -76.27 -12.16
C LEU KA 286 -59.34 -76.10 -12.04
N SER KA 287 -60.05 -76.60 -13.04
CA SER KA 287 -61.51 -76.58 -12.99
C SER KA 287 -62.00 -77.55 -11.93
N ALA KA 288 -63.26 -77.35 -11.51
CA ALA KA 288 -63.85 -78.19 -10.49
C ALA KA 288 -63.86 -79.66 -10.93
N ALA KA 289 -63.42 -80.54 -10.04
CA ALA KA 289 -63.33 -81.95 -10.37
C ALA KA 289 -64.72 -82.55 -10.52
N LYS KA 290 -65.02 -83.08 -11.70
CA LYS KA 290 -66.32 -83.65 -11.97
C LYS KA 290 -66.40 -85.08 -11.46
N ASP KA 291 -67.63 -85.54 -11.24
CA ASP KA 291 -67.91 -86.90 -10.80
C ASP KA 291 -68.39 -87.70 -12.01
N TYR KA 292 -67.58 -88.67 -12.43
CA TYR KA 292 -67.85 -89.43 -13.64
C TYR KA 292 -68.51 -90.78 -13.36
N THR KA 293 -68.93 -91.03 -12.13
CA THR KA 293 -69.68 -92.23 -11.80
C THR KA 293 -71.18 -92.03 -11.93
N LYS KA 294 -71.61 -90.85 -12.35
CA LYS KA 294 -73.03 -90.53 -12.53
C LYS KA 294 -73.12 -89.49 -13.65
N PRO KA 295 -74.30 -89.31 -14.24
CA PRO KA 295 -74.43 -88.34 -15.33
C PRO KA 295 -73.99 -86.95 -14.91
N THR KA 296 -73.31 -86.26 -15.82
CA THR KA 296 -72.75 -84.95 -15.56
C THR KA 296 -73.61 -83.85 -16.17
N GLU KA 297 -73.23 -82.61 -15.91
CA GLU KA 297 -73.96 -81.44 -16.35
C GLU KA 297 -73.11 -80.60 -17.29
N LEU KA 298 -73.77 -79.91 -18.21
CA LEU KA 298 -73.13 -78.95 -19.10
C LEU KA 298 -73.90 -77.65 -19.05
N LYS KA 299 -73.27 -76.60 -18.55
CA LYS KA 299 -73.89 -75.29 -18.41
C LYS KA 299 -73.30 -74.36 -19.47
N LEU KA 300 -74.17 -73.70 -20.23
CA LEU KA 300 -73.75 -72.82 -21.31
C LEU KA 300 -74.48 -71.48 -21.26
N SER KA 301 -74.97 -71.09 -20.08
CA SER KA 301 -75.69 -69.84 -19.96
C SER KA 301 -74.79 -68.64 -20.19
N HIS KA 302 -73.52 -68.74 -19.81
CA HIS KA 302 -72.57 -67.64 -19.99
C HIS KA 302 -72.04 -67.54 -21.41
N LEU KA 303 -72.39 -68.47 -22.29
CA LEU KA 303 -71.95 -68.39 -23.68
C LEU KA 303 -72.46 -67.11 -24.33
N ALA KA 304 -73.64 -66.64 -23.93
CA ALA KA 304 -74.15 -65.37 -24.46
C ALA KA 304 -73.25 -64.21 -24.06
N ASN KA 305 -72.77 -64.21 -22.81
CA ASN KA 305 -71.90 -63.13 -22.35
C ASN KA 305 -70.60 -63.09 -23.13
N ARG KA 306 -69.98 -64.24 -23.35
CA ARG KA 306 -68.68 -64.28 -24.02
C ARG KA 306 -68.81 -63.99 -25.51
N LEU KA 307 -69.88 -64.47 -26.15
CA LEU KA 307 -70.05 -64.22 -27.58
C LEU KA 307 -70.28 -62.74 -27.86
N LEU KA 308 -71.09 -62.07 -27.03
CA LEU KA 308 -71.34 -60.65 -27.22
C LEU KA 308 -70.10 -59.81 -26.96
N ALA KA 309 -69.12 -60.35 -26.24
CA ALA KA 309 -67.88 -59.62 -25.98
C ALA KA 309 -66.89 -59.67 -27.13
N ILE KA 310 -67.19 -60.45 -28.17
CA ILE KA 310 -66.31 -60.51 -29.33
C ILE KA 310 -66.51 -59.23 -30.17
N PRO KA 311 -65.44 -58.51 -30.49
CA PRO KA 311 -65.60 -57.31 -31.32
C PRO KA 311 -66.11 -57.67 -32.71
N GLY KA 312 -67.16 -56.97 -33.13
CA GLY KA 312 -67.81 -57.24 -34.40
C GLY KA 312 -69.12 -58.01 -34.28
N VAL KA 313 -69.40 -58.58 -33.11
CA VAL KA 313 -70.64 -59.32 -32.89
C VAL KA 313 -71.63 -58.39 -32.21
N GLN KA 314 -72.82 -58.25 -32.80
CA GLN KA 314 -73.82 -57.31 -32.29
C GLN KA 314 -74.83 -58.00 -31.38
N ASN KA 315 -75.44 -59.08 -31.85
CA ASN KA 315 -76.56 -59.68 -31.13
C ASN KA 315 -76.60 -61.17 -31.39
N ILE KA 316 -77.26 -61.89 -30.47
CA ILE KA 316 -77.52 -63.32 -30.60
C ILE KA 316 -79.03 -63.50 -30.61
N THR KA 317 -79.53 -64.24 -31.60
CA THR KA 317 -80.97 -64.42 -31.74
C THR KA 317 -81.45 -65.83 -31.41
N ARG KA 318 -80.58 -66.82 -31.40
CA ARG KA 318 -80.98 -68.16 -31.00
C ARG KA 318 -79.78 -68.91 -30.45
N LEU KA 319 -79.96 -69.57 -29.31
CA LEU KA 319 -78.94 -70.40 -28.69
C LEU KA 319 -79.67 -71.61 -28.11
N ALA KA 320 -79.61 -72.74 -28.80
CA ALA KA 320 -80.35 -73.94 -28.41
C ALA KA 320 -79.64 -75.16 -28.95
N LEU KA 321 -80.17 -76.33 -28.63
CA LEU KA 321 -79.60 -77.62 -29.01
C LEU KA 321 -80.43 -78.21 -30.13
N GLY KA 322 -79.75 -78.65 -31.19
CA GLY KA 322 -80.43 -79.25 -32.33
C GLY KA 322 -80.77 -80.71 -32.11
N LYS KA 323 -80.53 -81.54 -33.11
CA LYS KA 323 -80.81 -82.96 -33.00
C LYS KA 323 -79.83 -83.61 -32.04
N HIS KA 324 -80.36 -84.35 -31.06
CA HIS KA 324 -79.54 -85.05 -30.08
C HIS KA 324 -80.15 -86.42 -29.83
N ASP KA 325 -79.28 -87.40 -29.61
CA ASP KA 325 -79.72 -88.75 -29.28
C ASP KA 325 -80.12 -88.80 -27.81
N GLU KA 326 -80.40 -90.00 -27.30
CA GLU KA 326 -80.89 -90.14 -25.94
C GLU KA 326 -79.82 -89.88 -24.89
N ASN KA 327 -78.55 -89.79 -25.27
CA ASN KA 327 -77.50 -89.54 -24.28
C ASN KA 327 -77.49 -88.09 -23.80
N ILE KA 328 -78.11 -87.17 -24.54
CA ILE KA 328 -78.21 -85.77 -24.13
C ILE KA 328 -79.68 -85.46 -23.87
N SER KA 329 -79.95 -84.93 -22.69
CA SER KA 329 -81.30 -84.53 -22.31
C SER KA 329 -81.27 -83.16 -21.66
N PRO KA 330 -82.30 -82.35 -21.88
CA PRO KA 330 -82.33 -81.02 -21.25
C PRO KA 330 -82.45 -81.13 -19.74
N LEU KA 331 -81.86 -80.14 -19.06
CA LEU KA 331 -81.90 -80.10 -17.61
C LEU KA 331 -83.29 -79.66 -17.14
N ALA KA 332 -83.54 -79.87 -15.85
CA ALA KA 332 -84.83 -79.54 -15.25
C ALA KA 332 -84.92 -78.03 -15.05
N ASP KA 333 -85.81 -77.38 -15.79
CA ASP KA 333 -86.14 -75.96 -15.69
C ASP KA 333 -85.01 -75.04 -16.12
N ASP KA 334 -83.87 -75.57 -16.54
CA ASP KA 334 -82.75 -74.75 -16.99
C ASP KA 334 -82.78 -74.67 -18.52
N SER KA 335 -82.87 -73.44 -19.03
CA SER KA 335 -83.03 -73.26 -20.47
C SER KA 335 -81.73 -73.53 -21.24
N TRP KA 336 -80.58 -73.30 -20.60
CA TRP KA 336 -79.29 -73.42 -21.26
C TRP KA 336 -78.38 -74.41 -20.54
N SER KA 337 -78.95 -75.52 -20.10
CA SER KA 337 -78.18 -76.59 -19.48
C SER KA 337 -78.68 -77.92 -19.98
N TRP KA 338 -77.79 -78.92 -19.98
CA TRP KA 338 -78.11 -80.23 -20.52
C TRP KA 338 -77.40 -81.30 -19.69
N THR KA 339 -78.04 -82.46 -19.57
CA THR KA 339 -77.48 -83.58 -18.82
C THR KA 339 -76.83 -84.57 -19.78
N ILE KA 340 -75.55 -84.83 -19.57
CA ILE KA 340 -74.80 -85.80 -20.36
C ILE KA 340 -74.80 -87.12 -19.63
N ALA KA 341 -75.12 -88.20 -20.36
CA ALA KA 341 -75.23 -89.51 -19.75
C ALA KA 341 -73.88 -89.97 -19.20
N GLN KA 342 -73.94 -90.85 -18.20
CA GLN KA 342 -72.74 -91.35 -17.56
C GLN KA 342 -71.83 -92.05 -18.57
N GLY KA 343 -70.53 -91.82 -18.45
CA GLY KA 343 -69.57 -92.41 -19.34
C GLY KA 343 -69.40 -91.71 -20.68
N TYR KA 344 -70.02 -90.55 -20.85
CA TYR KA 344 -69.95 -89.81 -22.11
C TYR KA 344 -69.57 -88.36 -21.85
N TYR KA 345 -68.97 -87.74 -22.87
CA TYR KA 345 -68.63 -86.34 -22.82
C TYR KA 345 -69.13 -85.64 -24.08
N PRO KA 346 -69.49 -84.37 -23.99
CA PRO KA 346 -70.04 -83.67 -25.16
C PRO KA 346 -68.92 -83.23 -26.11
N ARG KA 347 -69.08 -83.59 -27.38
CA ARG KA 347 -68.15 -83.20 -28.43
C ARG KA 347 -68.86 -82.22 -29.36
N LEU KA 348 -68.24 -81.07 -29.58
CA LEU KA 348 -68.89 -79.99 -30.30
C LEU KA 348 -68.81 -80.20 -31.80
N TRP KA 349 -69.98 -80.23 -32.45
CA TRP KA 349 -70.09 -80.23 -33.91
C TRP KA 349 -69.38 -81.43 -34.54
N GLY KA 350 -69.48 -82.58 -33.90
CA GLY KA 350 -69.08 -83.82 -34.53
C GLY KA 350 -67.57 -84.00 -34.68
N ASN KA 351 -67.22 -84.88 -35.62
CA ASN KA 351 -65.81 -85.22 -35.85
C ASN KA 351 -65.03 -84.03 -36.39
N ASP KA 352 -65.58 -83.36 -37.40
CA ASP KA 352 -64.91 -82.24 -38.05
C ASP KA 352 -65.73 -80.97 -37.84
N PRO KA 353 -65.38 -80.14 -36.86
CA PRO KA 353 -66.17 -78.93 -36.60
C PRO KA 353 -66.08 -77.92 -37.74
N LEU KA 354 -64.85 -77.60 -38.15
CA LEU KA 354 -64.65 -76.54 -39.13
C LEU KA 354 -65.32 -76.87 -40.45
N ASP KA 355 -65.30 -78.14 -40.85
CA ASP KA 355 -65.99 -78.55 -42.07
C ASP KA 355 -67.49 -78.33 -41.93
N LEU KA 356 -68.06 -78.65 -40.76
CA LEU KA 356 -69.50 -78.47 -40.55
C LEU KA 356 -69.87 -76.99 -40.57
N ILE KA 357 -69.04 -76.13 -39.98
CA ILE KA 357 -69.33 -74.70 -39.98
C ILE KA 357 -69.30 -74.14 -41.40
N SER KA 358 -68.33 -74.57 -42.21
CA SER KA 358 -68.25 -74.10 -43.59
C SER KA 358 -69.33 -74.71 -44.48
N SER KA 359 -70.05 -75.72 -44.00
CA SER KA 359 -71.05 -76.39 -44.81
C SER KA 359 -72.29 -75.51 -44.99
N SER KA 360 -73.11 -75.88 -45.97
CA SER KA 360 -74.36 -75.15 -46.20
C SER KA 360 -75.39 -75.47 -45.12
N ALA KA 361 -75.33 -76.67 -44.54
CA ALA KA 361 -76.22 -77.06 -43.45
C ALA KA 361 -75.63 -76.75 -42.08
N SER KA 362 -74.79 -75.73 -42.00
CA SER KA 362 -74.11 -75.40 -40.75
C SER KA 362 -75.13 -74.99 -39.69
N PRO KA 363 -75.03 -75.52 -38.46
CA PRO KA 363 -75.89 -75.04 -37.37
C PRO KA 363 -75.57 -73.62 -36.93
N LEU KA 364 -74.41 -73.09 -37.29
CA LEU KA 364 -74.03 -71.71 -36.99
C LEU KA 364 -74.39 -70.83 -38.17
N THR KA 365 -75.16 -69.78 -37.90
CA THR KA 365 -75.60 -68.85 -38.94
C THR KA 365 -75.16 -67.44 -38.57
N ILE KA 366 -74.43 -66.80 -39.48
CA ILE KA 366 -73.92 -65.46 -39.28
C ILE KA 366 -74.55 -64.55 -40.32
N THR KA 367 -75.16 -63.46 -39.86
CA THR KA 367 -75.89 -62.54 -40.73
C THR KA 367 -75.45 -61.12 -40.45
N ALA KA 368 -75.13 -60.38 -41.50
CA ALA KA 368 -74.80 -58.96 -41.40
C ALA KA 368 -75.72 -58.16 -42.30
N LYS KA 369 -75.87 -56.88 -41.97
CA LYS KA 369 -76.76 -55.96 -42.69
C LYS KA 369 -78.19 -56.43 -42.71
N GLY KA 370 -78.60 -57.20 -41.70
CA GLY KA 370 -79.98 -57.64 -41.60
C GLY KA 370 -80.31 -58.88 -42.40
N GLY KA 371 -79.88 -58.93 -43.66
CA GLY KA 371 -80.28 -60.04 -44.52
C GLY KA 371 -79.21 -60.57 -45.45
N VAL KA 372 -77.94 -60.45 -45.07
CA VAL KA 372 -76.83 -60.98 -45.85
C VAL KA 372 -76.20 -62.11 -45.07
N LYS KA 373 -76.17 -63.30 -45.68
CA LYS KA 373 -75.53 -64.46 -45.07
C LYS KA 373 -74.04 -64.46 -45.38
N ILE KA 374 -73.25 -64.87 -44.41
CA ILE KA 374 -71.78 -64.87 -44.51
C ILE KA 374 -71.29 -66.30 -44.51
N THR KA 375 -70.52 -66.68 -45.53
CA THR KA 375 -69.95 -68.00 -45.64
C THR KA 375 -68.45 -67.88 -45.90
N VAL KA 376 -67.67 -68.73 -45.24
CA VAL KA 376 -66.22 -68.75 -45.38
C VAL KA 376 -65.77 -70.18 -45.58
N SER KA 377 -64.75 -70.36 -46.40
CA SER KA 377 -64.19 -71.69 -46.63
C SER KA 377 -63.48 -72.19 -45.37
N LYS KA 378 -63.32 -73.50 -45.29
CA LYS KA 378 -62.69 -74.10 -44.12
C LYS KA 378 -61.24 -73.66 -43.97
N GLN KA 379 -60.54 -73.46 -45.08
CA GLN KA 379 -59.13 -73.06 -45.02
C GLN KA 379 -58.96 -71.69 -44.38
N ASP KA 380 -59.90 -70.78 -44.64
CA ASP KA 380 -59.82 -69.45 -44.04
C ASP KA 380 -59.91 -69.52 -42.52
N ILE KA 381 -60.83 -70.34 -42.00
CA ILE KA 381 -60.96 -70.48 -40.55
C ILE KA 381 -59.73 -71.16 -39.97
N GLU KA 382 -59.16 -72.13 -40.70
CA GLU KA 382 -57.95 -72.79 -40.23
C GLU KA 382 -56.79 -71.82 -40.13
N ASN KA 383 -56.68 -70.90 -41.10
CA ASN KA 383 -55.58 -69.93 -41.09
C ASN KA 383 -55.68 -69.00 -39.90
N LYS KA 384 -56.89 -68.59 -39.54
CA LYS KA 384 -57.08 -67.63 -38.45
C LYS KA 384 -56.98 -68.26 -37.07
N ILE KA 385 -56.92 -69.59 -36.97
CA ILE KA 385 -56.78 -70.26 -35.69
C ILE KA 385 -55.30 -70.37 -35.36
N ILE KA 386 -54.92 -69.86 -34.19
CA ILE KA 386 -53.53 -69.76 -33.78
C ILE KA 386 -53.21 -70.88 -32.80
N ALA KA 387 -52.16 -71.64 -33.10
CA ALA KA 387 -51.73 -72.72 -32.22
C ALA KA 387 -51.00 -72.15 -31.01
N GLU KA 388 -51.28 -72.71 -29.84
CA GLU KA 388 -50.63 -72.27 -28.62
C GLU KA 388 -49.17 -72.69 -28.61
N PRO KA 389 -48.23 -71.79 -28.30
CA PRO KA 389 -46.82 -72.18 -28.24
C PRO KA 389 -46.57 -73.18 -27.12
N LEU KA 390 -45.56 -74.02 -27.33
CA LEU KA 390 -45.25 -75.10 -26.40
C LEU KA 390 -44.28 -74.59 -25.35
N ILE KA 391 -44.71 -74.60 -24.09
CA ILE KA 391 -43.86 -74.23 -22.97
C ILE KA 391 -43.00 -75.42 -22.58
N GLU KA 392 -41.75 -75.14 -22.21
CA GLU KA 392 -40.83 -76.20 -21.77
C GLU KA 392 -39.93 -75.62 -20.69
N THR KA 393 -40.08 -76.11 -19.46
CA THR KA 393 -39.32 -75.62 -18.33
C THR KA 393 -38.12 -76.52 -18.08
N GLN KA 394 -36.93 -75.95 -18.09
CA GLN KA 394 -35.68 -76.65 -17.87
C GLN KA 394 -35.23 -76.50 -16.43
N PRO KA 395 -34.42 -77.42 -15.91
CA PRO KA 395 -33.91 -77.29 -14.55
C PRO KA 395 -33.08 -76.02 -14.39
N GLU KA 396 -33.24 -75.36 -13.24
CA GLU KA 396 -32.49 -74.15 -12.96
C GLU KA 396 -31.11 -74.49 -12.43
N LEU KA 397 -30.10 -73.73 -12.86
CA LEU KA 397 -28.72 -73.98 -12.47
C LEU KA 397 -28.03 -72.67 -12.15
N LEU KA 398 -27.09 -72.75 -11.21
CA LEU KA 398 -26.09 -71.70 -11.00
C LEU KA 398 -24.83 -72.20 -11.70
N ASN KA 399 -24.57 -71.65 -12.89
CA ASN KA 399 -23.51 -72.18 -13.74
C ASN KA 399 -22.15 -72.06 -13.06
N TRP KA 400 -21.20 -72.84 -13.57
CA TRP KA 400 -19.84 -72.81 -13.04
C TRP KA 400 -19.24 -71.42 -13.19
N GLY KA 401 -18.50 -71.00 -12.17
CA GLY KA 401 -17.72 -69.79 -12.24
C GLY KA 401 -16.38 -70.06 -12.90
N LYS KA 402 -15.44 -69.16 -12.65
CA LYS KA 402 -14.08 -69.30 -13.16
C LYS KA 402 -13.21 -69.90 -12.05
N HIS KA 403 -12.63 -71.06 -12.32
CA HIS KA 403 -11.73 -71.68 -11.36
C HIS KA 403 -10.50 -70.81 -11.17
N ARG KA 404 -10.13 -70.59 -9.92
CA ARG KA 404 -9.02 -69.73 -9.57
C ARG KA 404 -7.92 -70.54 -8.90
N LYS KA 405 -6.69 -70.33 -9.33
CA LYS KA 405 -5.56 -71.13 -8.83
C LYS KA 405 -5.21 -70.71 -7.41
N VAL KA 406 -6.11 -70.96 -6.47
CA VAL KA 406 -5.88 -70.62 -5.08
C VAL KA 406 -4.85 -71.56 -4.47
N LEU KA 407 -4.87 -72.84 -4.88
CA LEU KA 407 -3.98 -73.83 -4.27
C LEU KA 407 -2.50 -73.49 -4.48
N ASP KA 408 -2.18 -72.77 -5.55
CA ASP KA 408 -0.79 -72.45 -5.85
C ASP KA 408 -0.15 -71.70 -4.69
N TYR KA 409 1.02 -72.17 -4.26
CA TYR KA 409 1.73 -71.57 -3.14
C TYR KA 409 3.15 -71.23 -3.56
N TYR KA 410 3.64 -70.10 -3.06
CA TYR KA 410 5.00 -69.64 -3.32
C TYR KA 410 5.71 -69.46 -2.00
N PRO KA 411 6.82 -70.15 -1.76
CA PRO KA 411 7.48 -70.07 -0.45
C PRO KA 411 7.89 -68.63 -0.12
N VAL KA 412 7.73 -68.28 1.16
CA VAL KA 412 7.96 -66.89 1.58
C VAL KA 412 9.42 -66.59 1.82
N SER KA 413 10.28 -67.60 1.94
CA SER KA 413 11.70 -67.36 2.07
C SER KA 413 12.31 -66.82 0.79
N ASN KA 414 11.60 -66.94 -0.34
CA ASN KA 414 12.08 -66.41 -1.61
C ASN KA 414 12.00 -64.88 -1.67
N LYS KA 415 11.28 -64.24 -0.74
CA LYS KA 415 11.16 -62.79 -0.73
C LYS KA 415 12.24 -62.11 0.09
N LEU KA 416 13.06 -62.87 0.81
CA LEU KA 416 14.12 -62.26 1.60
C LEU KA 416 15.26 -61.80 0.69
N PRO KA 417 15.98 -60.74 1.08
CA PRO KA 417 17.10 -60.29 0.27
C PRO KA 417 18.20 -61.33 0.19
N ALA KA 418 19.03 -61.21 -0.85
CA ALA KA 418 20.05 -62.21 -1.12
C ALA KA 418 21.10 -62.31 -0.03
N CYS KA 419 21.24 -61.26 0.80
CA CYS KA 419 22.26 -61.29 1.85
C CYS KA 419 21.97 -62.29 2.94
N TYR KA 420 20.75 -62.85 3.00
CA TYR KA 420 20.41 -63.84 4.01
C TYR KA 420 20.80 -65.26 3.63
N GLY KA 421 21.24 -65.48 2.40
CA GLY KA 421 21.75 -66.78 2.01
C GLY KA 421 20.70 -67.84 1.75
N LEU KA 422 19.45 -67.45 1.54
CA LEU KA 422 18.37 -68.42 1.28
C LEU KA 422 18.09 -68.58 -0.21
N GLN KA 423 18.89 -67.96 -1.08
CA GLN KA 423 18.71 -68.08 -2.51
C GLN KA 423 19.61 -69.12 -3.15
N THR KA 424 20.85 -69.23 -2.68
CA THR KA 424 21.77 -70.25 -3.16
C THR KA 424 21.57 -71.55 -2.36
N TYR KA 425 22.06 -72.65 -2.94
CA TYR KA 425 21.95 -73.94 -2.28
C TYR KA 425 22.69 -73.91 -0.95
N ALA KA 426 22.05 -74.43 0.09
CA ALA KA 426 22.60 -74.33 1.43
C ALA KA 426 23.78 -75.29 1.60
N GLU KA 427 24.90 -74.74 2.07
CA GLU KA 427 26.09 -75.53 2.35
C GLU KA 427 26.61 -75.38 3.77
N THR KA 428 26.34 -74.26 4.43
CA THR KA 428 26.80 -74.04 5.79
C THR KA 428 25.68 -74.33 6.78
N GLN KA 429 26.08 -74.52 8.04
CA GLN KA 429 25.11 -74.81 9.09
C GLN KA 429 24.15 -73.64 9.29
N GLN KA 430 24.65 -72.41 9.16
CA GLN KA 430 23.81 -71.23 9.36
C GLN KA 430 22.67 -71.17 8.35
N GLN KA 431 22.97 -71.45 7.08
CA GLN KA 431 21.93 -71.42 6.06
C GLN KA 431 20.88 -72.51 6.30
N VAL KA 432 21.34 -73.71 6.68
CA VAL KA 432 20.40 -74.80 6.92
C VAL KA 432 19.49 -74.48 8.09
N HIS KA 433 20.06 -73.92 9.17
CA HIS KA 433 19.26 -73.59 10.35
C HIS KA 433 18.18 -72.58 10.03
N LEU KA 434 18.51 -71.56 9.22
CA LEU KA 434 17.51 -70.57 8.84
C LEU KA 434 16.40 -71.20 8.00
N HIS KA 435 16.75 -72.11 7.11
CA HIS KA 435 15.74 -72.80 6.32
C HIS KA 435 14.82 -73.64 7.20
N GLN KA 436 15.38 -74.30 8.21
CA GLN KA 436 14.57 -75.12 9.10
C GLN KA 436 13.69 -74.26 10.01
N PHE KA 437 14.17 -73.07 10.38
CA PHE KA 437 13.38 -72.18 11.20
C PHE KA 437 12.14 -71.69 10.45
N MET KA 438 12.31 -71.35 9.18
CA MET KA 438 11.19 -70.82 8.40
C MET KA 438 10.19 -71.89 8.00
N LEU KA 439 10.59 -73.16 8.01
CA LEU KA 439 9.75 -74.21 7.45
C LEU KA 439 8.38 -74.34 8.12
N PRO KA 440 8.27 -74.36 9.45
CA PRO KA 440 6.92 -74.48 10.04
C PRO KA 440 5.99 -73.34 9.66
N PHE KA 441 6.52 -72.14 9.44
CA PHE KA 441 5.68 -71.02 9.04
C PHE KA 441 5.26 -71.15 7.59
N GLU KA 442 6.15 -71.65 6.72
CA GLU KA 442 5.76 -71.93 5.35
C GLU KA 442 4.69 -73.02 5.30
N GLN KA 443 4.80 -74.01 6.18
CA GLN KA 443 3.81 -75.10 6.20
C GLN KA 443 2.43 -74.59 6.56
N MET KA 444 2.33 -73.75 7.59
CA MET KA 444 1.02 -73.28 8.03
C MET KA 444 0.42 -72.30 7.04
N LEU KA 445 1.26 -71.60 6.28
CA LEU KA 445 0.74 -70.77 5.18
C LEU KA 445 0.29 -71.63 4.02
N ALA KA 446 1.04 -72.68 3.70
CA ALA KA 446 0.65 -73.57 2.61
C ALA KA 446 -0.64 -74.31 2.92
N ASN KA 447 -0.82 -74.74 4.17
CA ASN KA 447 -2.05 -75.42 4.56
C ASN KA 447 -3.25 -74.50 4.43
N GLY KA 448 -3.09 -73.23 4.82
CA GLY KA 448 -4.18 -72.29 4.65
C GLY KA 448 -4.57 -72.11 3.19
N CYS KA 449 -3.58 -72.05 2.31
CA CYS KA 449 -3.86 -72.03 0.88
C CYS KA 449 -4.53 -73.31 0.43
N ALA KA 450 -4.06 -74.45 0.95
CA ALA KA 450 -4.66 -75.73 0.57
C ALA KA 450 -6.06 -75.88 1.14
N GLU KA 451 -6.30 -75.34 2.34
CA GLU KA 451 -7.62 -75.46 2.95
C GLU KA 451 -8.67 -74.71 2.13
N LEU KA 452 -8.33 -73.53 1.62
CA LEU KA 452 -9.27 -72.77 0.80
C LEU KA 452 -9.55 -73.48 -0.51
N ALA KA 453 -8.54 -74.14 -1.09
CA ALA KA 453 -8.75 -74.87 -2.33
C ALA KA 453 -9.62 -76.10 -2.12
N LEU KA 454 -9.73 -76.58 -0.89
CA LEU KA 454 -10.55 -77.75 -0.59
C LEU KA 454 -12.02 -77.39 -0.37
N LEU KA 455 -12.35 -76.10 -0.43
CA LEU KA 455 -13.71 -75.64 -0.12
C LEU KA 455 -14.81 -76.28 -0.96
N PRO KA 456 -14.69 -76.42 -2.28
CA PRO KA 456 -15.79 -77.08 -3.02
C PRO KA 456 -16.03 -78.51 -2.59
N LYS KA 457 -15.01 -79.21 -2.09
CA LYS KA 457 -15.20 -80.58 -1.62
C LYS KA 457 -15.69 -80.63 -0.19
N LEU KA 458 -15.29 -79.67 0.65
CA LEU KA 458 -15.70 -79.69 2.05
C LEU KA 458 -17.20 -79.49 2.20
N LEU KA 459 -17.78 -78.59 1.41
CA LEU KA 459 -19.20 -78.29 1.48
C LEU KA 459 -20.00 -78.99 0.39
N ALA KA 460 -19.42 -79.98 -0.28
CA ALA KA 460 -20.13 -80.66 -1.36
C ALA KA 460 -21.30 -81.47 -0.83
N PHE KA 461 -22.41 -81.43 -1.56
CA PHE KA 461 -23.58 -82.21 -1.19
C PHE KA 461 -23.44 -83.68 -1.53
N LYS KA 462 -22.52 -84.03 -2.45
CA LYS KA 462 -22.37 -85.40 -2.90
C LYS KA 462 -20.92 -85.65 -3.29
N GLN KA 463 -20.56 -86.92 -3.38
CA GLN KA 463 -19.21 -87.35 -3.77
C GLN KA 463 -18.15 -86.74 -2.85
N ARG KA 464 -18.40 -86.83 -1.55
CA ARG KA 464 -17.47 -86.26 -0.58
C ARG KA 464 -16.17 -87.06 -0.54
N GLY KA 465 -15.11 -86.41 -0.07
CA GLY KA 465 -13.79 -86.98 -0.06
C GLY KA 465 -13.42 -87.61 1.27
N ASN KA 466 -12.14 -87.96 1.40
CA ASN KA 466 -11.62 -88.65 2.56
C ASN KA 466 -10.94 -87.71 3.55
N THR KA 467 -10.64 -86.48 3.17
CA THR KA 467 -9.94 -85.54 4.03
C THR KA 467 -10.88 -84.45 4.52
N VAL KA 468 -10.55 -83.89 5.68
CA VAL KA 468 -11.35 -82.81 6.27
C VAL KA 468 -10.56 -81.52 6.44
N TYR KA 469 -9.24 -81.54 6.26
CA TYR KA 469 -8.41 -80.35 6.33
C TYR KA 469 -7.47 -80.33 5.14
N GLY KA 470 -7.07 -79.12 4.73
CA GLY KA 470 -6.21 -78.95 3.58
C GLY KA 470 -4.75 -78.89 3.99
N THR KA 471 -3.94 -79.72 3.34
CA THR KA 471 -2.49 -79.75 3.58
C THR KA 471 -1.78 -79.99 2.25
N GLN KA 472 -0.53 -79.55 2.19
CA GLN KA 472 0.31 -79.75 1.02
C GLN KA 472 1.75 -79.45 1.38
N TRP KA 473 2.67 -80.04 0.64
CA TRP KA 473 4.09 -79.75 0.82
C TRP KA 473 4.41 -78.39 0.22
N PRO KA 474 4.98 -77.46 0.98
CA PRO KA 474 5.15 -76.09 0.48
C PRO KA 474 6.05 -75.97 -0.75
N PHE KA 475 7.02 -76.85 -0.93
CA PHE KA 475 8.06 -76.66 -1.93
C PHE KA 475 7.84 -77.57 -3.14
N LYS KA 476 8.32 -77.11 -4.29
CA LYS KA 476 8.27 -77.84 -5.54
C LYS KA 476 9.59 -78.58 -5.75
N ALA KA 477 9.73 -79.24 -6.89
CA ALA KA 477 10.93 -80.01 -7.20
C ALA KA 477 11.99 -79.13 -7.82
N ASN KA 478 13.25 -79.56 -7.68
CA ASN KA 478 14.41 -78.84 -8.22
C ASN KA 478 14.46 -77.40 -7.71
N THR KA 479 14.20 -77.23 -6.41
CA THR KA 479 14.27 -75.93 -5.77
C THR KA 479 15.27 -75.98 -4.63
N VAL KA 480 15.71 -74.80 -4.18
CA VAL KA 480 16.65 -74.74 -3.06
C VAL KA 480 15.99 -75.23 -1.79
N GLY KA 481 14.71 -74.90 -1.59
CA GLY KA 481 14.02 -75.36 -0.40
C GLY KA 481 13.80 -76.86 -0.35
N GLN KA 482 13.55 -77.46 -1.51
CA GLN KA 482 13.33 -78.90 -1.57
C GLN KA 482 14.59 -79.68 -1.19
N GLN KA 483 15.75 -79.22 -1.66
CA GLN KA 483 17.00 -79.93 -1.39
C GLN KA 483 17.33 -79.92 0.10
N VAL KA 484 17.08 -78.80 0.78
CA VAL KA 484 17.41 -78.70 2.19
C VAL KA 484 16.60 -79.68 3.01
N HIS KA 485 15.31 -79.79 2.73
CA HIS KA 485 14.40 -80.68 3.47
C HIS KA 485 14.20 -82.01 2.76
N GLN KA 486 15.20 -82.47 2.03
CA GLN KA 486 15.06 -83.71 1.25
C GLN KA 486 14.89 -84.92 2.17
N GLU KA 487 15.66 -85.00 3.26
CA GLU KA 487 15.66 -86.18 4.10
C GLU KA 487 14.43 -86.28 4.99
N ILE KA 488 13.87 -85.16 5.44
CA ILE KA 488 12.75 -85.18 6.38
C ILE KA 488 11.40 -85.04 5.69
N MET KA 489 11.38 -84.91 4.36
CA MET KA 489 10.11 -84.75 3.66
C MET KA 489 9.16 -85.92 3.83
N PRO KA 490 9.59 -87.19 3.69
CA PRO KA 490 8.62 -88.29 3.86
C PRO KA 490 7.96 -88.33 5.23
N ASP KA 491 8.70 -87.99 6.29
CA ASP KA 491 8.12 -88.03 7.62
C ASP KA 491 7.12 -86.90 7.83
N LEU KA 492 7.46 -85.69 7.40
CA LEU KA 492 6.54 -84.56 7.54
C LEU KA 492 5.29 -84.75 6.70
N ILE KA 493 5.44 -85.27 5.48
CA ILE KA 493 4.28 -85.52 4.62
C ILE KA 493 3.39 -86.58 5.25
N LYS KA 494 3.99 -87.60 5.88
CA LYS KA 494 3.21 -88.61 6.57
C LYS KA 494 2.40 -88.00 7.70
N GLN KA 495 2.99 -87.08 8.46
CA GLN KA 495 2.26 -86.40 9.52
C GLN KA 495 1.13 -85.55 8.94
N LEU KA 496 1.38 -84.88 7.81
CA LEU KA 496 0.35 -84.05 7.18
C LEU KA 496 -0.84 -84.89 6.75
N ASN KA 497 -0.58 -86.06 6.17
CA ASN KA 497 -1.66 -86.96 5.75
C ASN KA 497 -2.42 -87.48 6.97
N ASN KA 498 -1.71 -87.82 8.04
CA ASN KA 498 -2.35 -88.36 9.23
C ASN KA 498 -3.28 -87.31 9.87
N ASP KA 499 -2.86 -86.06 9.87
CA ASP KA 499 -3.63 -85.02 10.54
C ASP KA 499 -4.82 -84.54 9.73
N SER KA 500 -4.97 -84.99 8.48
CA SER KA 500 -6.02 -84.50 7.60
C SER KA 500 -7.02 -85.57 7.19
N GLN KA 501 -6.56 -86.80 6.94
CA GLN KA 501 -7.42 -87.84 6.41
C GLN KA 501 -8.34 -88.41 7.48
N ILE KA 502 -9.59 -88.68 7.09
CA ILE KA 502 -10.52 -89.35 7.98
C ILE KA 502 -10.08 -90.80 8.22
N ASN KA 503 -9.75 -91.50 7.13
CA ASN KA 503 -9.32 -92.89 7.19
C ASN KA 503 -7.95 -93.01 6.55
N SER KA 504 -7.03 -93.68 7.25
CA SER KA 504 -5.66 -93.83 6.78
C SER KA 504 -5.22 -95.27 7.04
N ASP KA 505 -3.92 -95.52 6.89
CA ASP KA 505 -3.38 -96.85 7.16
C ASP KA 505 -3.57 -97.22 8.63
N ASP KA 506 -3.39 -96.25 9.54
CA ASP KA 506 -3.58 -96.52 10.96
C ASP KA 506 -5.03 -96.82 11.31
N GLY KA 507 -5.98 -96.43 10.44
CA GLY KA 507 -7.38 -96.70 10.66
C GLY KA 507 -8.18 -95.42 10.79
N ILE KA 508 -9.17 -95.44 11.66
CA ILE KA 508 -10.09 -94.31 11.83
C ILE KA 508 -9.44 -93.26 12.73
N HIS KA 509 -9.45 -92.02 12.26
CA HIS KA 509 -9.03 -90.89 13.07
C HIS KA 509 -10.25 -90.34 13.81
N SER KA 510 -10.22 -90.42 15.14
CA SER KA 510 -11.41 -90.12 15.93
C SER KA 510 -11.84 -88.66 15.77
N GLN KA 511 -10.88 -87.73 15.90
CA GLN KA 511 -11.22 -86.31 15.78
C GLN KA 511 -11.70 -85.97 14.38
N ASN KA 512 -11.04 -86.51 13.35
CA ASN KA 512 -11.48 -86.29 11.99
C ASN KA 512 -12.84 -86.92 11.74
N TYR KA 513 -13.09 -88.08 12.35
CA TYR KA 513 -14.40 -88.71 12.26
C TYR KA 513 -15.48 -87.81 12.87
N THR KA 514 -15.18 -87.24 14.04
CA THR KA 514 -16.15 -86.35 14.69
C THR KA 514 -16.40 -85.10 13.86
N LYS KA 515 -15.35 -84.54 13.26
CA LYS KA 515 -15.51 -83.35 12.43
C LYS KA 515 -16.39 -83.63 11.22
N GLU KA 516 -16.19 -84.77 10.57
CA GLU KA 516 -16.98 -85.10 9.39
C GLU KA 516 -18.46 -85.25 9.74
N LEU KA 517 -18.74 -85.83 10.90
CA LEU KA 517 -20.14 -85.95 11.33
C LEU KA 517 -20.77 -84.58 11.54
N SER KA 518 -20.00 -83.63 12.09
CA SER KA 518 -20.53 -82.30 12.33
C SER KA 518 -20.81 -81.57 11.02
N ILE KA 519 -19.94 -81.77 10.02
CA ILE KA 519 -20.17 -81.15 8.71
C ILE KA 519 -21.41 -81.74 8.05
N LEU KA 520 -21.57 -83.07 8.12
CA LEU KA 520 -22.75 -83.71 7.55
C LEU KA 520 -24.02 -83.25 8.26
N ASN KA 521 -23.96 -83.13 9.59
CA ASN KA 521 -25.13 -82.66 10.33
C ASN KA 521 -25.49 -81.24 9.95
N TYR KA 522 -24.48 -80.38 9.75
CA TYR KA 522 -24.74 -79.01 9.31
C TYR KA 522 -25.38 -78.98 7.94
N LEU KA 523 -24.88 -79.81 7.01
CA LEU KA 523 -25.43 -79.83 5.66
C LEU KA 523 -26.82 -80.47 5.64
N LEU KA 524 -27.04 -81.47 6.49
CA LEU KA 524 -28.36 -82.11 6.55
C LEU KA 524 -29.42 -81.14 7.07
N GLU KA 525 -29.04 -80.20 7.93
CA GLU KA 525 -29.99 -79.23 8.45
C GLU KA 525 -30.54 -78.30 7.38
N TYR KA 526 -29.92 -78.28 6.20
CA TYR KA 526 -30.47 -77.49 5.10
C TYR KA 526 -31.87 -77.97 4.74
N PHE KA 527 -32.10 -79.28 4.77
CA PHE KA 527 -33.33 -79.88 4.29
C PHE KA 527 -34.24 -80.35 5.43
N GLY KA 528 -34.05 -79.82 6.63
CA GLY KA 528 -34.96 -80.11 7.72
C GLY KA 528 -34.76 -81.42 8.41
N THR KA 529 -33.64 -82.10 8.19
CA THR KA 529 -33.34 -83.36 8.86
C THR KA 529 -32.06 -83.18 9.70
N HIS KA 530 -31.58 -84.28 10.27
CA HIS KA 530 -30.40 -84.23 11.11
C HIS KA 530 -29.69 -85.57 11.08
N ARG KA 531 -28.45 -85.56 11.57
CA ARG KA 531 -27.62 -86.75 11.60
C ARG KA 531 -28.18 -87.79 12.56
N ALA KA 532 -27.90 -89.06 12.27
CA ALA KA 532 -28.28 -90.14 13.16
C ALA KA 532 -27.30 -90.23 14.33
N ALA KA 533 -27.74 -90.91 15.39
CA ALA KA 533 -26.89 -91.09 16.55
C ALA KA 533 -25.69 -91.98 16.22
N ARG KA 534 -24.58 -91.73 16.91
CA ARG KA 534 -23.37 -92.49 16.65
C ARG KA 534 -23.60 -93.96 16.98
N PRO KA 535 -23.09 -94.88 16.16
CA PRO KA 535 -23.29 -96.31 16.45
C PRO KA 535 -22.55 -96.73 17.70
N LEU KA 536 -23.14 -97.70 18.41
CA LEU KA 536 -22.51 -98.27 19.59
C LEU KA 536 -21.97 -99.67 19.35
N THR KA 537 -22.60 -100.44 18.47
CA THR KA 537 -22.18 -101.82 18.18
C THR KA 537 -22.05 -102.07 16.68
N LEU KA 538 -21.99 -101.02 15.87
CA LEU KA 538 -21.95 -101.15 14.42
C LEU KA 538 -20.57 -100.73 13.90
N ASP KA 539 -20.41 -100.80 12.58
CA ASP KA 539 -19.14 -100.51 11.92
C ASP KA 539 -19.07 -99.01 11.60
N SER KA 540 -17.94 -98.40 11.95
CA SER KA 540 -17.77 -96.96 11.74
C SER KA 540 -17.80 -96.61 10.26
N LEU KA 541 -17.11 -97.38 9.42
CA LEU KA 541 -17.10 -97.09 8.00
C LEU KA 541 -18.48 -97.26 7.39
N ASP KA 542 -19.22 -98.30 7.79
CA ASP KA 542 -20.57 -98.48 7.29
C ASP KA 542 -21.48 -97.35 7.73
N PHE KA 543 -21.32 -96.87 8.96
CA PHE KA 543 -22.15 -95.78 9.45
C PHE KA 543 -21.94 -94.51 8.63
N LEU KA 544 -20.69 -94.20 8.28
CA LEU KA 544 -20.42 -93.02 7.48
C LEU KA 544 -21.06 -93.12 6.10
N SER KA 545 -21.08 -94.33 5.54
CA SER KA 545 -21.70 -94.51 4.22
C SER KA 545 -23.18 -94.19 4.26
N THR KA 546 -23.86 -94.56 5.34
CA THR KA 546 -25.29 -94.26 5.46
C THR KA 546 -25.53 -92.75 5.46
N GLN KA 547 -24.74 -92.01 6.24
CA GLN KA 547 -24.95 -90.58 6.36
C GLN KA 547 -24.62 -89.86 5.05
N ARG KA 548 -23.51 -90.23 4.41
CA ARG KA 548 -23.13 -89.59 3.16
C ARG KA 548 -24.15 -89.87 2.06
N GLY KA 549 -24.62 -91.12 1.97
CA GLY KA 549 -25.65 -91.44 1.00
C GLY KA 549 -26.97 -90.77 1.32
N TYR KA 550 -27.26 -90.59 2.61
CA TYR KA 550 -28.49 -89.90 3.01
C TYR KA 550 -28.50 -88.47 2.51
N LEU KA 551 -27.37 -87.77 2.65
CA LEU KA 551 -27.29 -86.39 2.20
C LEU KA 551 -27.25 -86.31 0.68
N ALA KA 552 -26.50 -87.22 0.03
CA ALA KA 552 -26.30 -87.12 -1.41
C ALA KA 552 -27.58 -87.38 -2.19
N GLN KA 553 -28.47 -88.20 -1.66
CA GLN KA 553 -29.71 -88.57 -2.35
C GLN KA 553 -30.94 -87.87 -1.78
N GLN KA 554 -30.74 -86.71 -1.14
CA GLN KA 554 -31.88 -85.99 -0.57
C GLN KA 554 -32.94 -85.61 -1.60
N PRO KA 555 -32.60 -85.09 -2.78
CA PRO KA 555 -33.68 -84.75 -3.75
C PRO KA 555 -34.53 -85.94 -4.14
N GLU KA 556 -33.90 -87.07 -4.46
CA GLU KA 556 -34.66 -88.25 -4.87
C GLU KA 556 -35.45 -88.85 -3.72
N LEU KA 557 -34.86 -88.83 -2.51
CA LEU KA 557 -35.51 -89.49 -1.38
C LEU KA 557 -36.85 -88.84 -1.03
N THR KA 558 -36.90 -87.52 -1.02
CA THR KA 558 -38.11 -86.82 -0.60
C THR KA 558 -39.10 -86.63 -1.73
N TYR KA 559 -38.62 -86.46 -2.97
CA TYR KA 559 -39.54 -86.36 -4.10
C TYR KA 559 -40.31 -87.67 -4.30
N GLN KA 560 -39.63 -88.80 -4.12
CA GLN KA 560 -40.24 -90.13 -4.23
C GLN KA 560 -40.49 -90.73 -2.85
N ARG KA 561 -40.94 -89.90 -1.91
CA ARG KA 561 -41.10 -90.34 -0.52
C ARG KA 561 -42.03 -91.54 -0.39
N ASN KA 562 -42.99 -91.68 -1.30
CA ASN KA 562 -43.99 -92.74 -1.22
C ASN KA 562 -44.00 -93.63 -2.46
N ASN KA 563 -43.01 -93.52 -3.34
CA ASN KA 563 -42.99 -94.29 -4.58
C ASN KA 563 -42.25 -95.60 -4.37
N ILE KA 564 -42.73 -96.64 -5.04
CA ILE KA 564 -42.09 -97.96 -5.02
C ILE KA 564 -42.12 -98.54 -6.43
N ARG KA 565 -40.99 -99.11 -6.84
CA ARG KA 565 -40.87 -99.75 -8.14
C ARG KA 565 -40.20 -101.11 -7.98
N ILE KA 566 -40.42 -101.97 -8.97
CA ILE KA 566 -39.87 -103.31 -8.94
C ILE KA 566 -38.36 -103.26 -9.18
N ASP KA 567 -37.62 -104.11 -8.45
CA ASP KA 567 -36.17 -104.24 -8.60
C ASP KA 567 -35.44 -102.94 -8.32
N LYS KA 568 -35.98 -102.12 -7.43
CA LYS KA 568 -35.32 -100.88 -7.02
C LYS KA 568 -35.57 -100.68 -5.53
N VAL KA 569 -34.51 -100.29 -4.82
CA VAL KA 569 -34.62 -100.05 -3.38
C VAL KA 569 -35.53 -98.86 -3.14
N SER KA 570 -36.57 -99.07 -2.34
CA SER KA 570 -37.55 -98.01 -2.10
C SER KA 570 -36.95 -96.91 -1.23
N ALA KA 571 -37.50 -95.71 -1.37
CA ALA KA 571 -37.05 -94.58 -0.56
C ALA KA 571 -37.37 -94.80 0.91
N LEU KA 572 -38.46 -95.52 1.21
CA LEU KA 572 -38.79 -95.81 2.60
C LEU KA 572 -37.70 -96.66 3.26
N GLN KA 573 -37.17 -97.65 2.53
CA GLN KA 573 -36.09 -98.46 3.07
C GLN KA 573 -34.84 -97.65 3.31
N LYS KA 574 -34.51 -96.74 2.39
CA LYS KA 574 -33.32 -95.92 2.54
C LYS KA 574 -33.45 -95.00 3.75
N ARG KA 575 -34.63 -94.43 3.96
CA ARG KA 575 -34.83 -93.54 5.10
C ARG KA 575 -34.69 -94.29 6.42
N ILE KA 576 -35.20 -95.52 6.47
CA ILE KA 576 -35.08 -96.32 7.68
C ILE KA 576 -33.61 -96.63 7.96
N ALA KA 577 -32.86 -97.00 6.92
CA ALA KA 577 -31.44 -97.30 7.08
C ALA KA 577 -30.67 -96.07 7.53
N ALA KA 578 -30.97 -94.90 6.93
CA ALA KA 578 -30.25 -93.69 7.27
C ALA KA 578 -30.51 -93.27 8.71
N ARG KA 579 -31.76 -93.37 9.17
CA ARG KA 579 -32.10 -92.97 10.53
C ARG KA 579 -31.40 -93.84 11.56
N LEU KA 580 -31.33 -95.14 11.31
CA LEU KA 580 -30.66 -96.05 12.24
C LEU KA 580 -29.16 -96.14 12.01
N GLY KA 581 -28.65 -95.60 10.91
CA GLY KA 581 -27.23 -95.68 10.63
C GLY KA 581 -26.73 -97.09 10.41
N LEU KA 582 -27.47 -97.88 9.63
CA LEU KA 582 -27.15 -99.28 9.43
C LEU KA 582 -27.35 -99.64 7.95
N GLY KA 583 -26.39 -100.37 7.40
CA GLY KA 583 -26.52 -100.87 6.05
C GLY KA 583 -26.33 -99.81 4.98
N GLY KA 584 -25.11 -99.30 4.85
CA GLY KA 584 -24.83 -98.29 3.84
C GLY KA 584 -24.73 -98.82 2.42
N LYS KA 585 -24.77 -100.14 2.25
CA LYS KA 585 -24.67 -100.72 0.92
C LYS KA 585 -25.93 -100.47 0.09
N CYS KA 586 -27.04 -100.09 0.72
CA CYS KA 586 -28.29 -99.89 0.01
C CYS KA 586 -28.43 -98.48 -0.58
N PHE KA 587 -27.43 -97.62 -0.38
CA PHE KA 587 -27.50 -96.26 -0.89
C PHE KA 587 -26.82 -96.10 -2.25
N GLU KA 588 -26.35 -97.19 -2.85
CA GLU KA 588 -25.79 -97.16 -4.19
C GLU KA 588 -26.65 -97.99 -5.12
N GLU KA 589 -26.80 -97.51 -6.36
CA GLU KA 589 -27.65 -98.18 -7.32
C GLU KA 589 -27.04 -99.53 -7.73
N THR KA 590 -27.92 -100.41 -8.24
CA THR KA 590 -27.53 -101.75 -8.68
C THR KA 590 -26.86 -102.54 -7.55
N SER KA 591 -27.38 -102.39 -6.34
CA SER KA 591 -26.87 -103.12 -5.17
C SER KA 591 -27.62 -104.44 -5.05
N LYS KA 592 -27.49 -105.25 -6.09
CA LYS KA 592 -28.15 -106.55 -6.17
C LYS KA 592 -27.29 -107.69 -5.61
N LEU KA 593 -26.09 -107.39 -5.13
CA LEU KA 593 -25.20 -108.43 -4.63
C LEU KA 593 -24.57 -108.07 -3.29
N ASP KA 594 -25.03 -107.00 -2.64
CA ASP KA 594 -24.37 -106.49 -1.45
C ASP KA 594 -24.90 -107.06 -0.15
N GLU KA 595 -25.97 -107.86 -0.19
CA GLU KA 595 -26.53 -108.53 0.99
C GLU KA 595 -26.90 -107.52 2.08
N LEU KA 596 -27.91 -106.73 1.75
CA LEU KA 596 -28.36 -105.69 2.67
C LEU KA 596 -28.81 -106.32 4.00
N PRO KA 597 -28.54 -105.65 5.12
CA PRO KA 597 -28.88 -106.26 6.43
C PRO KA 597 -30.37 -106.43 6.65
N PHE KA 598 -31.22 -105.76 5.88
CA PHE KA 598 -32.66 -105.93 6.02
C PHE KA 598 -33.32 -105.62 4.67
N TYR KA 599 -34.51 -106.17 4.49
CA TYR KA 599 -35.25 -106.04 3.24
C TYR KA 599 -36.68 -105.64 3.51
N LEU KA 600 -37.29 -104.95 2.55
CA LEU KA 600 -38.63 -104.40 2.67
C LEU KA 600 -39.51 -105.03 1.60
N ILE KA 601 -40.66 -105.58 2.01
CA ILE KA 601 -41.55 -106.31 1.12
C ILE KA 601 -42.96 -105.73 1.24
N GLU KA 602 -43.54 -105.37 0.11
CA GLU KA 602 -44.91 -104.88 0.07
C GLU KA 602 -45.85 -106.06 -0.08
N HIS KA 603 -46.80 -106.19 0.87
CA HIS KA 603 -47.65 -107.37 0.92
C HIS KA 603 -48.56 -107.48 -0.30
N ARG KA 604 -49.10 -106.34 -0.77
CA ARG KA 604 -50.06 -106.39 -1.86
C ARG KA 604 -49.46 -106.89 -3.17
N GLN KA 605 -48.13 -106.89 -3.29
CA GLN KA 605 -47.48 -107.42 -4.47
C GLN KA 605 -47.64 -108.92 -4.62
N LEU KA 606 -48.07 -109.61 -3.56
CA LEU KA 606 -48.26 -111.06 -3.58
C LEU KA 606 -49.72 -111.45 -3.79
N LEU KA 607 -50.47 -110.67 -4.56
CA LEU KA 607 -51.88 -110.95 -4.80
C LEU KA 607 -52.15 -110.92 -6.30
N PRO KA 608 -53.13 -111.68 -6.76
CA PRO KA 608 -53.49 -111.67 -8.18
C PRO KA 608 -54.57 -110.64 -8.49
N VAL KA 609 -54.62 -110.25 -9.76
CA VAL KA 609 -55.65 -109.33 -10.23
C VAL KA 609 -56.99 -110.04 -10.25
N LYS KA 610 -58.03 -109.36 -9.78
CA LYS KA 610 -59.37 -109.93 -9.80
C LYS KA 610 -59.81 -110.16 -11.24
N PRO KA 611 -60.16 -111.39 -11.61
CA PRO KA 611 -60.44 -111.69 -13.02
C PRO KA 611 -61.92 -111.51 -13.36
N ASP KA 612 -62.21 -111.63 -14.65
CA ASP KA 612 -63.59 -111.56 -15.12
C ASP KA 612 -64.34 -112.83 -14.74
N THR KA 613 -65.62 -112.67 -14.39
CA THR KA 613 -66.43 -113.79 -13.97
C THR KA 613 -66.82 -114.71 -15.12
N LYS KA 614 -66.62 -114.29 -16.36
CA LYS KA 614 -66.98 -115.15 -17.50
C LYS KA 614 -66.12 -116.40 -17.54
N PHE KA 615 -64.84 -116.27 -17.25
CA PHE KA 615 -63.88 -117.36 -17.45
C PHE KA 615 -63.72 -118.24 -16.21
N ASP KA 616 -64.67 -118.21 -15.29
CA ASP KA 616 -64.64 -119.13 -14.16
C ASP KA 616 -64.79 -120.57 -14.62
N LYS KA 617 -65.70 -120.82 -15.55
CA LYS KA 617 -65.87 -122.14 -16.14
C LYS KA 617 -64.75 -122.43 -17.12
N GLU KA 618 -64.51 -123.72 -17.35
CA GLU KA 618 -63.41 -124.14 -18.21
C GLU KA 618 -63.70 -123.81 -19.68
N GLN KA 619 -62.62 -123.61 -20.43
CA GLN KA 619 -62.71 -123.33 -21.85
C GLN KA 619 -61.62 -124.11 -22.58
N LYS KA 620 -61.81 -124.30 -23.89
CA LYS KA 620 -60.86 -125.01 -24.72
C LYS KA 620 -60.16 -124.03 -25.65
N PRO KA 621 -58.83 -123.95 -25.61
CA PRO KA 621 -58.12 -123.02 -26.50
C PRO KA 621 -58.31 -123.39 -27.96
N ASP KA 622 -58.31 -122.36 -28.81
CA ASP KA 622 -58.45 -122.55 -30.25
C ASP KA 622 -57.12 -122.60 -30.98
N LYS KA 623 -56.01 -122.39 -30.29
CA LYS KA 623 -54.68 -122.47 -30.88
C LYS KA 623 -53.65 -122.44 -29.76
N LEU KA 624 -52.60 -123.24 -29.92
CA LEU KA 624 -51.58 -123.38 -28.88
C LEU KA 624 -50.25 -123.72 -29.54
N LYS KA 625 -49.19 -123.08 -29.07
CA LYS KA 625 -47.84 -123.32 -29.57
C LYS KA 625 -46.84 -123.00 -28.47
N ILE KA 626 -45.64 -123.56 -28.61
CA ILE KA 626 -44.56 -123.38 -27.65
C ILE KA 626 -43.36 -122.79 -28.36
N LYS KA 627 -42.80 -121.72 -27.80
CA LYS KA 627 -41.64 -121.06 -28.36
C LYS KA 627 -40.54 -120.95 -27.31
N SER KA 628 -39.29 -121.10 -27.74
CA SER KA 628 -38.14 -121.02 -26.87
C SER KA 628 -37.52 -119.62 -26.99
N VAL KA 629 -37.36 -118.94 -25.86
CA VAL KA 629 -36.78 -117.60 -25.88
C VAL KA 629 -35.31 -117.68 -26.32
N PRO KA 630 -34.86 -116.82 -27.22
CA PRO KA 630 -33.47 -116.88 -27.66
C PRO KA 630 -32.50 -116.59 -26.53
N ASN KA 631 -31.33 -117.23 -26.60
CA ASN KA 631 -30.25 -117.04 -25.63
C ASN KA 631 -30.72 -117.32 -24.20
N SER KA 632 -31.58 -118.32 -24.04
CA SER KA 632 -32.06 -118.71 -22.72
C SER KA 632 -32.63 -120.12 -22.80
N LYS KA 633 -32.63 -120.79 -21.65
CA LYS KA 633 -33.18 -122.14 -21.54
C LYS KA 633 -34.69 -122.14 -21.31
N ASN KA 634 -35.30 -120.98 -21.05
CA ASN KA 634 -36.72 -120.91 -20.77
C ASN KA 634 -37.54 -121.07 -22.05
N GLN KA 635 -38.84 -121.26 -21.86
CA GLN KA 635 -39.78 -121.36 -22.98
C GLN KA 635 -41.05 -120.62 -22.62
N GLN KA 636 -41.65 -119.98 -23.61
CA GLN KA 636 -42.91 -119.26 -23.44
C GLN KA 636 -44.03 -120.04 -24.12
N LEU KA 637 -45.12 -120.27 -23.38
CA LEU KA 637 -46.26 -121.02 -23.86
C LEU KA 637 -47.33 -120.05 -24.32
N ILE KA 638 -47.67 -120.09 -25.60
CA ILE KA 638 -48.60 -119.14 -26.21
C ILE KA 638 -49.94 -119.84 -26.40
N ILE KA 639 -50.99 -119.27 -25.81
CA ILE KA 639 -52.34 -119.79 -25.93
C ILE KA 639 -53.18 -118.76 -26.67
N THR KA 640 -54.09 -119.24 -27.52
CA THR KA 640 -54.94 -118.37 -28.33
C THR KA 640 -56.39 -118.80 -28.18
N GLN KA 641 -57.24 -117.86 -27.77
CA GLN KA 641 -58.68 -118.07 -27.68
C GLN KA 641 -59.39 -116.87 -28.28
N ASN KA 642 -60.44 -117.13 -29.05
CA ASN KA 642 -61.17 -116.08 -29.73
C ASN KA 642 -62.23 -115.46 -28.83
N GLY KA 643 -62.68 -114.27 -29.21
CA GLY KA 643 -63.69 -113.56 -28.45
C GLY KA 643 -63.26 -113.20 -27.05
N THR KA 644 -62.03 -112.71 -26.90
CA THR KA 644 -61.48 -112.37 -25.59
C THR KA 644 -60.77 -111.02 -25.59
N THR KA 645 -61.12 -110.14 -26.52
CA THR KA 645 -60.45 -108.85 -26.61
C THR KA 645 -60.85 -107.95 -25.46
N GLY KA 646 -59.87 -107.36 -24.79
CA GLY KA 646 -60.14 -106.45 -23.69
C GLY KA 646 -60.80 -107.10 -22.49
N GLN KA 647 -60.61 -108.40 -22.30
CA GLN KA 647 -61.21 -109.13 -21.20
C GLN KA 647 -60.20 -109.83 -20.30
N LEU KA 648 -58.95 -109.98 -20.73
CA LEU KA 648 -57.91 -110.60 -19.93
C LEU KA 648 -56.87 -109.54 -19.56
N LEU KA 649 -56.37 -109.62 -18.34
CA LEU KA 649 -55.45 -108.62 -17.80
C LEU KA 649 -54.14 -109.29 -17.40
N TYR KA 650 -53.07 -108.48 -17.42
CA TYR KA 650 -51.79 -108.96 -16.93
C TYR KA 650 -51.88 -109.27 -15.44
N GLY KA 651 -51.18 -110.31 -15.02
CA GLY KA 651 -51.22 -110.76 -13.64
C GLY KA 651 -52.40 -111.64 -13.29
N GLN KA 652 -53.24 -111.98 -14.26
CA GLN KA 652 -54.35 -112.89 -14.01
C GLN KA 652 -53.82 -114.28 -13.74
N VAL KA 653 -54.32 -114.92 -12.68
CA VAL KA 653 -53.88 -116.26 -12.31
C VAL KA 653 -54.90 -117.29 -12.79
N ARG KA 673 -51.28 -125.25 -11.65
CA ARG KA 673 -51.72 -124.26 -10.66
C ARG KA 673 -50.74 -123.09 -10.57
N GLY KA 674 -51.26 -121.92 -10.21
CA GLY KA 674 -50.42 -120.75 -10.03
C GLY KA 674 -49.75 -120.25 -11.29
N GLN KA 675 -50.49 -120.18 -12.40
CA GLN KA 675 -49.97 -119.69 -13.66
C GLN KA 675 -50.51 -118.30 -13.92
N MET KA 676 -49.62 -117.34 -14.15
CA MET KA 676 -50.00 -115.96 -14.39
C MET KA 676 -49.90 -115.63 -15.87
N ILE KA 677 -50.93 -114.95 -16.38
CA ILE KA 677 -50.92 -114.43 -17.74
C ILE KA 677 -49.96 -113.26 -17.83
N THR KA 678 -49.05 -113.30 -18.81
CA THR KA 678 -48.02 -112.28 -18.96
C THR KA 678 -48.32 -111.30 -20.09
N ASP KA 679 -48.84 -111.76 -21.22
CA ASP KA 679 -49.12 -110.89 -22.35
C ASP KA 679 -50.60 -110.96 -22.71
N ILE KA 680 -51.09 -109.87 -23.32
CA ILE KA 680 -52.46 -109.82 -23.82
C ILE KA 680 -52.42 -109.39 -25.28
N THR KA 681 -51.33 -109.72 -25.98
CA THR KA 681 -51.17 -109.30 -27.36
C THR KA 681 -52.25 -109.92 -28.24
N GLY KA 682 -53.08 -109.08 -28.83
CA GLY KA 682 -54.17 -109.57 -29.65
C GLY KA 682 -55.13 -110.42 -28.84
N GLU KA 683 -55.47 -111.58 -29.38
CA GLU KA 683 -56.35 -112.53 -28.70
C GLU KA 683 -55.59 -113.69 -28.09
N SER KA 684 -54.28 -113.54 -27.91
CA SER KA 684 -53.42 -114.60 -27.39
C SER KA 684 -52.71 -114.13 -26.13
N PHE KA 685 -52.62 -115.02 -25.15
CA PHE KA 685 -51.91 -114.73 -23.91
C PHE KA 685 -50.78 -115.74 -23.72
N ILE KA 686 -49.69 -115.27 -23.12
CA ILE KA 686 -48.44 -116.03 -23.05
C ILE KA 686 -48.13 -116.33 -21.59
N LEU KA 687 -47.86 -117.60 -21.30
CA LEU KA 687 -47.32 -118.02 -20.02
C LEU KA 687 -45.83 -118.31 -20.17
N ASP KA 688 -45.13 -118.29 -19.04
CA ASP KA 688 -43.69 -118.46 -19.02
C ASP KA 688 -43.31 -119.64 -18.13
N THR KA 689 -42.37 -120.45 -18.62
CA THR KA 689 -41.86 -121.59 -17.85
C THR KA 689 -40.95 -121.16 -16.70
N ARG KA 690 -40.48 -119.91 -16.69
CA ARG KA 690 -39.60 -119.45 -15.63
C ARG KA 690 -40.33 -119.36 -14.30
N ASN KA 691 -41.61 -118.97 -14.31
CA ASN KA 691 -42.35 -118.76 -13.08
C ASN KA 691 -42.90 -120.06 -12.49
N SER KA 692 -42.92 -121.15 -13.25
CA SER KA 692 -43.48 -122.41 -12.78
C SER KA 692 -42.59 -123.56 -13.24
N THR KA 693 -42.02 -124.28 -12.28
CA THR KA 693 -41.24 -125.47 -12.62
C THR KA 693 -42.15 -126.60 -13.10
N ALA KA 694 -43.37 -126.68 -12.58
CA ALA KA 694 -44.31 -127.71 -13.01
C ALA KA 694 -44.62 -127.58 -14.49
N LEU KA 695 -44.82 -126.35 -14.97
CA LEU KA 695 -45.02 -126.13 -16.40
C LEU KA 695 -43.79 -126.55 -17.20
N ALA KA 696 -42.60 -126.26 -16.67
CA ALA KA 696 -41.37 -126.65 -17.34
C ALA KA 696 -41.17 -128.16 -17.36
N ARG KA 697 -41.85 -128.89 -16.48
CA ARG KA 697 -41.72 -130.34 -16.44
C ARG KA 697 -42.80 -131.05 -17.24
N SER KA 698 -44.05 -130.57 -17.16
CA SER KA 698 -45.18 -131.19 -17.86
C SER KA 698 -45.51 -130.48 -19.16
N LEU KA 699 -44.53 -129.83 -19.79
CA LEU KA 699 -44.79 -129.12 -21.04
C LEU KA 699 -45.16 -130.09 -22.16
N ILE KA 700 -44.57 -131.29 -22.15
CA ILE KA 700 -44.91 -132.26 -23.19
C ILE KA 700 -46.31 -132.82 -22.96
N ASP KA 701 -46.78 -132.86 -21.70
CA ASP KA 701 -48.10 -133.41 -21.43
C ASP KA 701 -49.20 -132.49 -21.94
N VAL KA 702 -49.10 -131.18 -21.71
CA VAL KA 702 -50.11 -130.26 -22.20
C VAL KA 702 -50.07 -130.21 -23.73
N GLN KA 703 -48.89 -130.34 -24.33
CA GLN KA 703 -48.82 -130.43 -25.78
C GLN KA 703 -49.55 -131.67 -26.30
N ASN KA 704 -49.38 -132.81 -25.61
CA ASN KA 704 -50.10 -134.01 -26.00
C ASN KA 704 -51.60 -133.84 -25.80
N ALA KA 705 -52.00 -133.23 -24.68
CA ALA KA 705 -53.43 -133.00 -24.44
C ALA KA 705 -54.03 -132.08 -25.49
N TYR KA 706 -53.27 -131.07 -25.92
CA TYR KA 706 -53.72 -130.20 -27.00
C TYR KA 706 -53.87 -130.99 -28.30
N ASN KA 707 -52.94 -131.91 -28.56
CA ASN KA 707 -53.04 -132.73 -29.76
C ASN KA 707 -54.31 -133.58 -29.72
N ASP KA 708 -54.66 -134.12 -28.57
CA ASP KA 708 -55.90 -134.84 -28.39
C ASP KA 708 -57.10 -133.92 -28.21
N GLY KA 709 -56.87 -132.61 -28.09
CA GLY KA 709 -57.95 -131.67 -27.85
C GLY KA 709 -58.63 -131.84 -26.52
N ASN KA 710 -57.86 -132.06 -25.46
CA ASN KA 710 -58.42 -132.28 -24.13
C ASN KA 710 -57.64 -131.47 -23.09
N LEU KA 711 -57.21 -130.27 -23.45
CA LEU KA 711 -56.49 -129.38 -22.55
C LEU KA 711 -57.41 -128.20 -22.23
N TYR KA 712 -57.70 -128.02 -20.95
CA TYR KA 712 -58.65 -127.02 -20.49
C TYR KA 712 -57.99 -126.06 -19.52
N TRP KA 713 -58.34 -124.77 -19.64
CA TRP KA 713 -57.84 -123.74 -18.76
C TRP KA 713 -58.99 -122.88 -18.28
N CYS KA 714 -58.86 -122.36 -17.07
CA CYS KA 714 -59.88 -121.49 -16.48
C CYS KA 714 -59.25 -120.71 -15.34
N ASN KA 715 -60.03 -119.79 -14.78
CA ASN KA 715 -59.61 -119.08 -13.59
C ASN KA 715 -59.43 -120.05 -12.44
N SER KA 716 -58.38 -119.85 -11.66
CA SER KA 716 -58.09 -120.76 -10.56
C SER KA 716 -59.19 -120.66 -9.51
N PRO KA 717 -59.89 -121.75 -9.20
CA PRO KA 717 -60.92 -121.69 -8.15
C PRO KA 717 -60.35 -121.32 -6.80
N VAL KA 718 -59.13 -121.75 -6.50
CA VAL KA 718 -58.43 -121.40 -5.26
C VAL KA 718 -57.03 -120.93 -5.64
N TRP KA 719 -56.69 -119.70 -5.27
CA TRP KA 719 -55.41 -119.13 -5.65
C TRP KA 719 -54.38 -119.14 -4.53
N MET KA 720 -54.81 -119.31 -3.28
CA MET KA 720 -53.88 -119.35 -2.16
C MET KA 720 -54.56 -120.03 -0.99
N GLU KA 721 -53.83 -120.91 -0.32
CA GLU KA 721 -54.35 -121.68 0.80
C GLU KA 721 -53.85 -121.10 2.12
N ASP KA 722 -54.42 -121.61 3.21
CA ASP KA 722 -54.04 -121.16 4.54
C ASP KA 722 -52.63 -121.63 4.87
N MET KA 723 -52.08 -121.06 5.94
CA MET KA 723 -50.71 -121.36 6.35
C MET KA 723 -50.69 -122.44 7.42
N ASP KA 724 -49.92 -123.49 7.16
CA ASP KA 724 -49.67 -124.56 8.13
C ASP KA 724 -48.17 -124.79 8.23
N TYR KA 725 -47.66 -124.85 9.45
CA TYR KA 725 -46.23 -124.92 9.69
C TYR KA 725 -45.79 -126.36 9.96
N GLN KA 726 -44.56 -126.66 9.57
CA GLN KA 726 -43.97 -127.96 9.83
C GLN KA 726 -43.67 -128.11 11.32
N LEU KA 727 -43.65 -129.37 11.78
CA LEU KA 727 -43.33 -129.69 13.17
C LEU KA 727 -41.84 -130.00 13.24
N VAL KA 728 -41.11 -129.17 13.98
CA VAL KA 728 -39.67 -129.36 14.20
C VAL KA 728 -39.40 -129.26 15.69
N TYR KA 729 -38.69 -130.25 16.23
CA TYR KA 729 -38.40 -130.31 17.65
C TYR KA 729 -37.08 -129.60 17.96
N ALA KA 730 -37.06 -128.85 19.05
CA ALA KA 730 -35.85 -128.16 19.46
C ALA KA 730 -34.86 -129.15 20.08
N SER KA 731 -33.66 -128.65 20.33
CA SER KA 731 -32.61 -129.49 20.91
C SER KA 731 -32.97 -129.89 22.33
N GLU KA 732 -32.31 -130.94 22.82
CA GLU KA 732 -32.63 -131.48 24.13
C GLU KA 732 -32.30 -130.51 25.26
N ILE KA 733 -31.43 -129.53 24.99
CA ILE KA 733 -31.09 -128.55 26.03
C ILE KA 733 -32.28 -127.68 26.34
N TYR KA 734 -33.05 -127.30 25.33
CA TYR KA 734 -34.23 -126.46 25.56
C TYR KA 734 -35.37 -127.23 26.17
N GLN KA 735 -35.37 -128.57 26.08
CA GLN KA 735 -36.45 -129.39 26.59
C GLN KA 735 -36.35 -129.49 28.12
N THR KA 736 -36.64 -128.37 28.76
CA THR KA 736 -36.67 -128.29 30.21
C THR KA 736 -38.09 -128.34 30.76
N GLY KA 737 -39.09 -128.58 29.91
CA GLY KA 737 -40.47 -128.59 30.33
C GLY KA 737 -40.88 -129.93 30.91
N THR KA 738 -42.17 -130.03 31.22
CA THR KA 738 -42.74 -131.23 31.80
C THR KA 738 -43.07 -132.23 30.69
N GLU KA 739 -43.83 -133.27 31.02
CA GLU KA 739 -44.14 -134.31 30.04
C GLU KA 739 -45.04 -133.78 28.93
N ASN KA 740 -45.86 -132.77 29.22
CA ASN KA 740 -46.76 -132.19 28.24
C ASN KA 740 -46.21 -130.90 27.62
N GLU KA 741 -44.99 -130.53 27.95
CA GLU KA 741 -44.37 -129.31 27.43
C GLU KA 741 -43.22 -129.67 26.50
N ARG KA 742 -43.28 -129.20 25.27
CA ARG KA 742 -42.21 -129.35 24.31
C ARG KA 742 -41.89 -127.98 23.70
N TRP KA 743 -40.66 -127.84 23.21
CA TRP KA 743 -40.20 -126.61 22.60
C TRP KA 743 -40.06 -126.81 21.09
N ILE KA 744 -40.70 -125.96 20.32
CA ILE KA 744 -40.71 -126.04 18.86
C ILE KA 744 -39.88 -124.88 18.33
N THR KA 745 -38.86 -125.19 17.54
CA THR KA 745 -37.94 -124.20 17.01
C THR KA 745 -38.26 -123.90 15.55
N SER KA 746 -37.98 -122.66 15.15
CA SER KA 746 -38.12 -122.28 13.75
C SER KA 746 -37.04 -122.98 12.92
N SER KA 747 -37.43 -123.45 11.74
CA SER KA 747 -36.59 -124.23 10.86
C SER KA 747 -36.64 -123.64 9.47
N PRO KA 748 -35.62 -123.89 8.64
CA PRO KA 748 -35.69 -123.43 7.24
C PRO KA 748 -36.92 -123.95 6.50
N GLN KA 749 -37.46 -125.10 6.91
CA GLN KA 749 -38.70 -125.62 6.35
C GLN KA 749 -39.95 -125.18 7.11
N SER KA 750 -39.79 -124.40 8.17
CA SER KA 750 -40.92 -123.96 9.00
C SER KA 750 -40.62 -122.59 9.58
N PRO KA 751 -41.07 -121.53 8.90
CA PRO KA 751 -40.84 -120.19 9.43
C PRO KA 751 -41.61 -119.94 10.72
N PHE KA 752 -41.05 -119.04 11.55
CA PHE KA 752 -41.70 -118.68 12.80
C PHE KA 752 -43.01 -117.94 12.51
N PRO KA 753 -44.07 -118.22 13.28
CA PRO KA 753 -45.35 -117.54 13.01
C PRO KA 753 -45.28 -116.08 13.40
N ALA KA 754 -45.73 -115.22 12.49
CA ALA KA 754 -45.65 -113.78 12.68
C ALA KA 754 -46.80 -113.21 13.50
N MET KA 755 -47.74 -114.06 13.95
CA MET KA 755 -48.91 -113.58 14.67
C MET KA 755 -49.13 -114.34 15.97
N ILE KA 756 -48.12 -115.07 16.46
CA ILE KA 756 -48.34 -115.94 17.61
C ILE KA 756 -48.70 -115.13 18.84
N GLU KA 757 -49.46 -115.76 19.74
CA GLU KA 757 -49.87 -115.14 20.99
C GLU KA 757 -50.06 -116.23 22.04
N GLU KA 758 -49.89 -115.86 23.30
CA GLU KA 758 -49.93 -116.83 24.38
C GLU KA 758 -51.35 -117.36 24.58
N ASN KA 759 -51.42 -118.60 25.09
CA ASN KA 759 -52.68 -119.29 25.38
C ASN KA 759 -53.55 -119.48 24.14
N ASP KA 760 -52.94 -119.54 22.96
CA ASP KA 760 -53.67 -119.77 21.74
C ASP KA 760 -53.77 -121.27 21.45
N GLU KA 761 -54.98 -121.73 21.13
CA GLU KA 761 -55.19 -123.15 20.89
C GLU KA 761 -54.47 -123.60 19.63
N ILE KA 762 -53.93 -124.82 19.67
CA ILE KA 762 -53.08 -125.34 18.60
C ILE KA 762 -53.61 -126.70 18.17
N THR KA 763 -53.61 -126.93 16.86
CA THR KA 763 -54.03 -128.20 16.28
C THR KA 763 -52.87 -128.80 15.49
N LEU KA 764 -52.63 -130.09 15.69
CA LEU KA 764 -51.58 -130.80 14.95
C LEU KA 764 -52.22 -131.65 13.86
N ARG KA 816 -47.24 -131.51 10.79
CA ARG KA 816 -47.65 -130.15 10.46
C ARG KA 816 -48.71 -129.66 11.41
N TRP KA 817 -48.72 -128.37 11.69
CA TRP KA 817 -49.63 -127.78 12.66
C TRP KA 817 -50.20 -126.47 12.14
N TYR KA 818 -51.31 -126.05 12.76
CA TYR KA 818 -51.97 -124.80 12.42
C TYR KA 818 -52.78 -124.37 13.63
N PHE KA 819 -53.22 -123.12 13.62
CA PHE KA 819 -54.01 -122.55 14.70
C PHE KA 819 -55.45 -123.02 14.57
N SER KA 820 -55.99 -123.59 15.66
CA SER KA 820 -57.38 -124.03 15.65
C SER KA 820 -58.33 -122.86 15.43
N SER KA 821 -58.14 -121.78 16.17
CA SER KA 821 -58.92 -120.56 15.96
C SER KA 821 -58.43 -119.88 14.70
N GLU KA 822 -59.35 -119.55 13.80
CA GLU KA 822 -59.02 -119.00 12.50
C GLU KA 822 -59.11 -117.48 12.46
N LYS KA 823 -59.28 -116.83 13.62
CA LYS KA 823 -59.38 -115.38 13.65
C LYS KA 823 -58.15 -114.71 13.04
N TYR KA 824 -57.01 -115.39 13.04
CA TYR KA 824 -55.84 -114.87 12.35
C TYR KA 824 -56.08 -114.80 10.85
N ALA KA 825 -56.92 -115.70 10.32
CA ALA KA 825 -57.18 -115.72 8.89
C ALA KA 825 -58.14 -114.61 8.46
N LEU KA 826 -59.13 -114.28 9.30
CA LEU KA 826 -60.04 -113.20 8.95
C LEU KA 826 -59.40 -111.83 9.09
N ALA KA 827 -58.31 -111.71 9.83
CA ALA KA 827 -57.59 -110.44 9.92
C ALA KA 827 -57.01 -110.09 8.56
N ASP KA 828 -57.14 -108.81 8.19
CA ASP KA 828 -56.62 -108.35 6.91
C ASP KA 828 -55.11 -108.23 6.98
N ARG KA 829 -54.42 -108.84 6.01
CA ARG KA 829 -52.96 -108.89 6.01
C ARG KA 829 -52.34 -108.28 4.77
N PHE KA 830 -53.12 -107.71 3.86
CA PHE KA 830 -52.61 -107.23 2.59
C PHE KA 830 -52.92 -105.77 2.32
N SER KA 831 -53.69 -105.10 3.18
CA SER KA 831 -54.08 -103.72 2.96
C SER KA 831 -53.10 -102.81 3.71
N PHE KA 832 -52.22 -102.14 2.96
CA PHE KA 832 -51.26 -101.18 3.50
C PHE KA 832 -50.43 -101.82 4.62
N VAL KA 833 -49.95 -103.03 4.36
CA VAL KA 833 -49.09 -103.75 5.29
C VAL KA 833 -47.77 -104.05 4.60
N VAL KA 834 -46.68 -103.83 5.31
CA VAL KA 834 -45.33 -104.02 4.77
C VAL KA 834 -44.55 -104.88 5.75
N SER KA 835 -43.73 -105.79 5.21
CA SER KA 835 -42.93 -106.71 6.02
C SER KA 835 -41.47 -106.30 5.95
N MET KA 836 -40.83 -106.23 7.11
CA MET KA 836 -39.40 -105.93 7.21
C MET KA 836 -38.68 -107.17 7.70
N VAL KA 837 -37.84 -107.75 6.86
CA VAL KA 837 -37.11 -108.97 7.18
C VAL KA 837 -35.67 -108.59 7.52
N ILE KA 838 -35.24 -108.94 8.73
CA ILE KA 838 -33.96 -108.50 9.27
C ILE KA 838 -33.12 -109.70 9.65
N ASN KA 839 -31.82 -109.60 9.42
CA ASN KA 839 -30.88 -110.59 9.92
C ASN KA 839 -30.82 -110.51 11.45
N SER KA 840 -30.72 -111.67 12.10
CA SER KA 840 -30.62 -111.73 13.55
C SER KA 840 -29.19 -111.67 14.06
N GLN KA 841 -28.20 -111.67 13.15
CA GLN KA 841 -26.82 -111.54 13.57
C GLN KA 841 -26.54 -110.18 14.19
N LEU KA 842 -27.33 -109.16 13.83
CA LEU KA 842 -27.11 -107.82 14.35
C LEU KA 842 -27.27 -107.77 15.87
N VAL KA 843 -28.31 -108.43 16.39
CA VAL KA 843 -28.56 -108.42 17.84
C VAL KA 843 -27.77 -109.49 18.57
N LYS KA 844 -26.93 -110.26 17.87
CA LYS KA 844 -26.11 -111.28 18.53
C LYS KA 844 -24.96 -110.56 19.23
N ASN KA 845 -25.10 -110.38 20.54
CA ASN KA 845 -24.09 -109.72 21.34
C ASN KA 845 -24.35 -110.01 22.81
N ASP KA 846 -23.27 -110.05 23.59
CA ASP KA 846 -23.40 -110.41 25.00
C ASP KA 846 -24.12 -109.32 25.79
N ASP KA 847 -23.87 -108.05 25.46
CA ASP KA 847 -24.39 -106.94 26.23
C ASP KA 847 -25.58 -106.25 25.57
N VAL KA 848 -26.18 -106.88 24.56
CA VAL KA 848 -27.30 -106.29 23.82
C VAL KA 848 -28.56 -107.06 24.18
N ASP KA 849 -29.57 -106.34 24.67
CA ASP KA 849 -30.88 -106.94 24.91
C ASP KA 849 -31.74 -106.71 23.67
N PRO KA 850 -32.05 -107.75 22.89
CA PRO KA 850 -32.74 -107.50 21.60
C PRO KA 850 -34.09 -106.84 21.75
N TYR KA 851 -34.86 -107.19 22.78
CA TYR KA 851 -36.23 -106.69 22.86
C TYR KA 851 -36.28 -105.22 23.27
N LYS KA 852 -35.43 -104.82 24.23
CA LYS KA 852 -35.36 -103.40 24.58
C LYS KA 852 -34.79 -102.59 23.43
N LEU KA 853 -33.77 -103.12 22.75
CA LEU KA 853 -33.20 -102.43 21.59
C LEU KA 853 -34.22 -102.31 20.46
N GLU KA 854 -35.00 -103.37 20.23
CA GLU KA 854 -36.00 -103.34 19.18
C GLU KA 854 -37.06 -102.28 19.46
N SER KA 855 -37.48 -102.15 20.73
CA SER KA 855 -38.47 -101.14 21.07
C SER KA 855 -37.95 -99.73 20.83
N TRP KA 856 -36.68 -99.48 21.16
CA TRP KA 856 -36.12 -98.15 20.93
C TRP KA 856 -36.05 -97.83 19.44
N ALA KA 857 -35.70 -98.82 18.62
CA ALA KA 857 -35.58 -98.58 17.18
C ALA KA 857 -36.93 -98.21 16.56
N LYS KA 858 -38.00 -98.85 17.02
CA LYS KA 858 -39.33 -98.51 16.52
C LYS KA 858 -39.71 -97.10 16.92
N THR KA 859 -39.35 -96.69 18.13
CA THR KA 859 -39.64 -95.32 18.57
C THR KA 859 -38.92 -94.30 17.70
N GLU KA 860 -37.66 -94.55 17.38
CA GLU KA 860 -36.90 -93.62 16.55
C GLU KA 860 -37.48 -93.56 15.13
N ILE KA 861 -37.88 -94.70 14.58
CA ILE KA 861 -38.37 -94.75 13.21
C ILE KA 861 -39.77 -94.15 13.08
N LEU KA 862 -40.55 -94.18 14.17
CA LEU KA 862 -41.98 -93.86 14.09
C LEU KA 862 -42.23 -92.46 13.54
N ALA KA 863 -41.37 -91.50 13.87
CA ALA KA 863 -41.64 -90.11 13.50
C ALA KA 863 -41.71 -89.92 12.00
N GLU KA 864 -40.81 -90.57 11.25
CA GLU KA 864 -40.76 -90.43 9.80
C GLU KA 864 -41.51 -91.54 9.07
N PHE KA 865 -42.15 -92.46 9.78
CA PHE KA 865 -42.87 -93.53 9.13
C PHE KA 865 -44.19 -93.02 8.54
N PRO KA 866 -44.63 -93.59 7.42
CA PRO KA 866 -45.93 -93.20 6.86
C PRO KA 866 -47.06 -93.46 7.84
N ALA KA 867 -48.05 -92.56 7.81
CA ALA KA 867 -49.12 -92.60 8.79
C ALA KA 867 -50.06 -93.78 8.56
N HIS KA 868 -50.34 -94.11 7.30
CA HIS KA 868 -51.34 -95.11 6.96
C HIS KA 868 -50.71 -96.47 6.65
N LEU KA 869 -49.64 -96.82 7.34
CA LEU KA 869 -48.94 -98.08 7.08
C LEU KA 869 -48.69 -98.82 8.38
N SER KA 870 -48.57 -100.14 8.26
CA SER KA 870 -48.19 -101.01 9.36
C SER KA 870 -47.03 -101.88 8.92
N MET KA 871 -46.18 -102.26 9.86
CA MET KA 871 -44.99 -103.04 9.57
C MET KA 871 -44.96 -104.30 10.41
N ILE KA 872 -44.40 -105.36 9.85
CA ILE KA 872 -44.26 -106.66 10.52
C ILE KA 872 -42.78 -107.02 10.56
N ILE KA 873 -42.30 -107.36 11.74
CA ILE KA 873 -40.88 -107.66 11.95
C ILE KA 873 -40.68 -109.17 11.86
N HIS KA 874 -39.76 -109.59 10.99
CA HIS KA 874 -39.39 -110.99 10.84
C HIS KA 874 -37.91 -111.13 11.17
N TRP KA 875 -37.61 -111.83 12.27
CA TRP KA 875 -36.23 -112.12 12.64
C TRP KA 875 -35.82 -113.45 12.00
N LEU KA 876 -34.74 -113.42 11.24
CA LEU KA 876 -34.23 -114.59 10.54
C LEU KA 876 -32.80 -114.87 10.95
N SER KA 877 -32.47 -116.14 11.14
CA SER KA 877 -31.10 -116.53 11.45
C SER KA 877 -30.20 -116.25 10.25
N PRO KA 878 -28.89 -116.09 10.49
CA PRO KA 878 -27.98 -115.76 9.38
C PRO KA 878 -27.96 -116.79 8.26
N GLU KA 879 -28.54 -117.98 8.47
CA GLU KA 879 -28.51 -119.03 7.46
C GLU KA 879 -29.70 -118.93 6.51
N ASP KA 880 -30.92 -119.00 7.04
CA ASP KA 880 -32.11 -118.90 6.20
C ASP KA 880 -32.28 -117.51 5.61
N PHE KA 881 -31.65 -116.49 6.19
CA PHE KA 881 -31.69 -115.16 5.59
C PHE KA 881 -31.06 -115.16 4.21
N LYS KA 882 -30.01 -115.96 4.02
CA LYS KA 882 -29.38 -116.05 2.70
C LYS KA 882 -30.33 -116.64 1.67
N ASP KA 883 -31.09 -117.67 2.06
CA ASP KA 883 -32.04 -118.28 1.12
C ASP KA 883 -33.13 -117.29 0.73
N PHE KA 884 -33.62 -116.50 1.69
CA PHE KA 884 -34.62 -115.49 1.38
C PHE KA 884 -34.03 -114.45 0.43
N VAL KA 885 -32.80 -114.00 0.68
CA VAL KA 885 -32.18 -112.99 -0.17
C VAL KA 885 -32.03 -113.53 -1.59
N SER KA 886 -31.57 -114.77 -1.72
CA SER KA 886 -31.41 -115.36 -3.06
C SER KA 886 -32.75 -115.48 -3.77
N THR KA 887 -33.79 -115.89 -3.03
CA THR KA 887 -35.11 -116.05 -3.63
C THR KA 887 -35.72 -114.70 -3.99
N TYR KA 888 -35.65 -113.74 -3.06
CA TYR KA 888 -36.27 -112.43 -3.30
C TYR KA 888 -35.59 -111.71 -4.45
N GLN KA 889 -34.27 -111.77 -4.54
CA GLN KA 889 -33.56 -111.12 -5.62
C GLN KA 889 -33.94 -111.72 -6.97
N ARG KA 890 -34.04 -113.05 -7.04
CA ARG KA 890 -34.44 -113.70 -8.29
C ARG KA 890 -35.88 -113.33 -8.66
N TRP KA 891 -36.76 -113.28 -7.67
CA TRP KA 891 -38.15 -112.94 -7.94
C TRP KA 891 -38.28 -111.52 -8.47
N GLN KA 892 -37.53 -110.58 -7.88
CA GLN KA 892 -37.61 -109.20 -8.33
C GLN KA 892 -36.91 -109.01 -9.68
N ASN KA 893 -35.88 -109.79 -9.96
CA ASN KA 893 -35.20 -109.68 -11.24
C ASN KA 893 -36.14 -110.07 -12.38
N ASN KA 894 -36.95 -111.10 -12.17
CA ASN KA 894 -37.87 -111.58 -13.21
C ASN KA 894 -39.03 -110.62 -13.47
N GLY KA 895 -39.19 -109.59 -12.65
CA GLY KA 895 -40.31 -108.68 -12.76
C GLY KA 895 -41.38 -108.84 -11.69
N ALA KA 896 -41.05 -109.44 -10.55
CA ALA KA 896 -42.01 -109.75 -9.51
C ALA KA 896 -43.28 -110.44 -10.01
N PRO KA 897 -43.15 -111.59 -10.69
CA PRO KA 897 -44.34 -112.33 -11.10
C PRO KA 897 -44.75 -113.38 -10.09
N LEU KA 898 -46.05 -113.69 -10.08
CA LEU KA 898 -46.56 -114.74 -9.21
C LEU KA 898 -46.08 -116.09 -9.69
N GLY KA 899 -45.55 -116.89 -8.77
CA GLY KA 899 -44.98 -118.17 -9.14
C GLY KA 899 -44.28 -118.81 -7.97
N ASP KA 900 -43.37 -119.74 -8.27
CA ASP KA 900 -42.69 -120.50 -7.24
C ASP KA 900 -41.94 -119.58 -6.28
N GLU KA 901 -41.17 -118.63 -6.84
CA GLU KA 901 -40.46 -117.68 -5.99
C GLU KA 901 -41.43 -116.79 -5.21
N ALA KA 902 -42.49 -116.32 -5.87
CA ALA KA 902 -43.48 -115.51 -5.18
C ALA KA 902 -44.20 -116.30 -4.10
N TYR KA 903 -44.58 -117.54 -4.40
CA TYR KA 903 -45.28 -118.35 -3.41
C TYR KA 903 -44.34 -118.83 -2.30
N HIS KA 904 -43.06 -119.05 -2.62
CA HIS KA 904 -42.09 -119.33 -1.57
C HIS KA 904 -41.92 -118.13 -0.65
N VAL KA 905 -41.90 -116.92 -1.23
CA VAL KA 905 -41.81 -115.70 -0.42
C VAL KA 905 -43.04 -115.58 0.47
N LEU KA 906 -44.22 -115.87 -0.08
CA LEU KA 906 -45.45 -115.82 0.72
C LEU KA 906 -45.38 -116.82 1.87
N GLU KA 907 -44.85 -118.01 1.62
CA GLU KA 907 -44.77 -119.02 2.68
C GLU KA 907 -43.83 -118.57 3.79
N THR KA 908 -42.70 -117.93 3.43
CA THR KA 908 -41.73 -117.51 4.43
C THR KA 908 -42.29 -116.44 5.37
N LEU KA 909 -43.35 -115.74 4.95
CA LEU KA 909 -43.98 -114.75 5.81
C LEU KA 909 -45.21 -115.35 6.49
N ASP LA 5 6.44 -44.22 46.13
CA ASP LA 5 7.04 -44.37 47.45
C ASP LA 5 8.23 -43.45 47.63
N ALA LA 6 8.47 -42.60 46.64
CA ALA LA 6 9.55 -41.63 46.67
C ALA LA 6 8.98 -40.22 46.74
N LEU LA 7 9.57 -39.39 47.58
CA LEU LA 7 9.10 -38.01 47.75
C LEU LA 7 9.68 -37.07 46.70
N PHE LA 8 10.63 -37.52 45.89
CA PHE LA 8 11.27 -36.62 44.93
C PHE LA 8 10.30 -36.00 43.94
N PRO LA 9 9.39 -36.74 43.29
CA PRO LA 9 8.47 -36.09 42.34
C PRO LA 9 7.57 -35.05 42.99
N ILE LA 10 7.37 -35.11 44.30
CA ILE LA 10 6.50 -34.17 44.98
C ILE LA 10 7.27 -32.93 45.44
N VAL LA 11 8.51 -33.09 45.88
CA VAL LA 11 9.26 -32.03 46.54
C VAL LA 11 10.48 -31.61 45.76
N LYS LA 12 10.58 -31.98 44.48
CA LYS LA 12 11.79 -31.68 43.72
C LYS LA 12 12.01 -30.17 43.54
N ASP LA 13 10.99 -29.36 43.79
CA ASP LA 13 11.13 -27.91 43.69
C ASP LA 13 11.54 -27.27 45.01
N ASP LA 14 11.20 -27.89 46.14
CA ASP LA 14 11.60 -27.37 47.44
C ASP LA 14 12.99 -27.82 47.86
N ILE LA 15 13.60 -28.77 47.15
CA ILE LA 15 14.95 -29.22 47.44
C ILE LA 15 15.99 -28.43 46.65
N ALA LA 16 15.57 -27.66 45.65
CA ALA LA 16 16.50 -26.99 44.75
C ALA LA 16 17.38 -26.00 45.52
N PHE LA 17 18.58 -25.80 45.00
CA PHE LA 17 19.56 -24.92 45.66
C PHE LA 17 19.06 -23.48 45.73
N GLU LA 18 18.41 -23.01 44.66
CA GLU LA 18 17.95 -21.63 44.63
C GLU LA 18 16.86 -21.37 45.65
N THR LA 19 15.97 -22.35 45.86
CA THR LA 19 14.90 -22.18 46.83
C THR LA 19 15.45 -22.04 48.25
N LEU LA 20 16.43 -22.86 48.60
CA LEU LA 20 17.00 -22.80 49.94
C LEU LA 20 17.81 -21.52 50.13
N LEU LA 21 18.52 -21.07 49.09
CA LEU LA 21 19.32 -19.86 49.21
C LEU LA 21 18.44 -18.64 49.42
N THR LA 22 17.26 -18.62 48.80
CA THR LA 22 16.33 -17.50 49.01
C THR LA 22 15.89 -17.42 50.45
N GLN LA 23 15.61 -18.58 51.08
CA GLN LA 23 15.22 -18.60 52.48
C GLN LA 23 16.37 -18.13 53.37
N ALA LA 24 17.60 -18.56 53.06
CA ALA LA 24 18.74 -18.17 53.87
C ALA LA 24 18.99 -16.67 53.78
N LYS LA 25 18.86 -16.09 52.59
CA LYS LA 25 19.08 -14.66 52.44
C LYS LA 25 18.00 -13.85 53.16
N THR LA 26 16.78 -14.40 53.25
CA THR LA 26 15.72 -13.71 53.97
C THR LA 26 16.05 -13.61 55.46
N VAL LA 27 16.59 -14.68 56.05
CA VAL LA 27 16.94 -14.65 57.46
C VAL LA 27 18.06 -13.64 57.71
N ILE LA 28 19.06 -13.61 56.82
CA ILE LA 28 20.18 -12.69 56.98
C ILE LA 28 19.68 -11.24 56.93
N GLU LA 29 18.75 -10.94 56.04
CA GLU LA 29 18.19 -9.60 55.96
C GLU LA 29 17.46 -9.26 57.25
N GLN LA 30 16.59 -10.16 57.72
CA GLN LA 30 15.77 -9.88 58.89
C GLN LA 30 16.63 -9.67 60.13
N GLN LA 31 17.65 -10.49 60.32
CA GLN LA 31 18.43 -10.45 61.56
C GLN LA 31 19.58 -9.46 61.51
N SER LA 32 20.25 -9.32 60.37
CA SER LA 32 21.46 -8.51 60.27
C SER LA 32 21.46 -7.69 58.98
N GLY LA 33 20.33 -7.04 58.70
CA GLY LA 33 20.22 -6.27 57.48
C GLY LA 33 21.02 -4.98 57.47
N GLN LA 34 21.25 -4.40 58.65
CA GLN LA 34 21.96 -3.14 58.76
C GLN LA 34 23.47 -3.30 58.92
N LEU LA 35 23.95 -4.53 59.09
CA LEU LA 35 25.37 -4.80 59.19
C LEU LA 35 25.92 -5.64 58.06
N TRP LA 36 25.08 -6.43 57.39
CA TRP LA 36 25.49 -7.30 56.28
C TRP LA 36 24.53 -7.03 55.14
N SER LA 37 24.83 -5.99 54.35
CA SER LA 37 23.95 -5.58 53.25
C SER LA 37 24.42 -6.08 51.90
N ASN LA 38 25.68 -6.45 51.74
CA ASN LA 38 26.20 -6.97 50.48
C ASN LA 38 26.04 -8.50 50.50
N THR LA 39 24.99 -8.99 49.85
CA THR LA 39 24.73 -10.42 49.72
C THR LA 39 24.86 -10.85 48.27
N GLU LA 40 25.67 -10.14 47.50
CA GLU LA 40 25.83 -10.40 46.08
C GLU LA 40 26.85 -11.51 45.85
N GLU LA 41 27.30 -11.62 44.60
CA GLU LA 41 28.09 -12.77 44.17
C GLU LA 41 29.43 -12.83 44.88
N ASN LA 42 29.99 -11.69 45.24
CA ASN LA 42 31.37 -11.57 45.67
C ASN LA 42 31.57 -11.66 47.18
N ASP LA 43 30.50 -11.67 47.96
CA ASP LA 43 30.65 -11.62 49.41
C ASP LA 43 31.22 -12.93 49.93
N PRO LA 44 32.36 -12.93 50.61
CA PRO LA 44 32.90 -14.19 51.13
C PRO LA 44 31.96 -14.91 52.08
N GLY LA 45 31.16 -14.17 52.85
CA GLY LA 45 30.17 -14.80 53.70
C GLY LA 45 29.13 -15.57 52.90
N ILE LA 46 28.75 -15.03 51.73
CA ILE LA 46 27.76 -15.70 50.90
C ILE LA 46 28.35 -16.96 50.28
N THR LA 47 29.61 -16.91 49.85
CA THR LA 47 30.24 -18.08 49.26
C THR LA 47 30.31 -19.24 50.24
N LEU LA 48 30.65 -18.94 51.51
CA LEU LA 48 30.61 -19.97 52.53
C LEU LA 48 29.19 -20.48 52.73
N LEU LA 49 28.22 -19.57 52.77
CA LEU LA 49 26.82 -19.98 52.90
C LEU LA 49 26.34 -20.74 51.67
N GLU LA 50 26.74 -20.29 50.48
CA GLU LA 50 26.34 -20.98 49.26
C GLU LA 50 26.86 -22.40 49.22
N ALA LA 51 28.09 -22.62 49.70
CA ALA LA 51 28.60 -23.98 49.80
C ALA LA 51 27.74 -24.81 50.75
N CYS LA 52 27.45 -24.27 51.94
CA CYS LA 52 26.60 -24.98 52.89
C CYS LA 52 25.19 -25.17 52.34
N CYS LA 53 24.72 -24.23 51.52
CA CYS LA 53 23.41 -24.37 50.90
C CYS LA 53 23.37 -25.58 49.96
N TYR LA 54 24.45 -25.79 49.20
CA TYR LA 54 24.52 -26.97 48.35
C TYR LA 54 24.53 -28.25 49.19
N GLY LA 55 25.27 -28.25 50.30
CA GLY LA 55 25.29 -29.42 51.15
C GLY LA 55 23.94 -29.72 51.77
N ALA LA 56 23.20 -28.67 52.15
CA ALA LA 56 21.85 -28.87 52.68
C ALA LA 56 20.94 -29.46 51.61
N SER LA 57 21.07 -28.98 50.37
CA SER LA 57 20.27 -29.53 49.28
C SER LA 57 20.62 -30.99 49.03
N ASP LA 58 21.90 -31.33 49.11
CA ASP LA 58 22.31 -32.73 48.95
C ASP LA 58 21.73 -33.59 50.06
N LEU LA 59 21.73 -33.09 51.30
CA LEU LA 59 21.13 -33.83 52.40
C LEU LA 59 19.64 -34.03 52.19
N ALA LA 60 18.96 -33.00 51.68
CA ALA LA 60 17.52 -33.11 51.47
C ALA LA 60 17.20 -34.04 50.30
N TYR LA 61 18.09 -34.11 49.31
CA TYR LA 61 17.88 -35.01 48.18
C TYR LA 61 17.94 -36.46 48.63
N ARG LA 62 18.81 -36.78 49.59
CA ARG LA 62 18.94 -38.15 50.07
C ARG LA 62 17.64 -38.62 50.72
N HIS LA 63 16.96 -37.72 51.43
CA HIS LA 63 15.73 -38.09 52.12
C HIS LA 63 14.58 -38.36 51.15
N SER LA 64 14.69 -37.89 49.91
CA SER LA 64 13.62 -38.03 48.92
C SER LA 64 13.78 -39.26 48.05
N LEU LA 65 14.58 -40.22 48.47
CA LEU LA 65 14.78 -41.47 47.75
C LEU LA 65 13.62 -42.42 48.05
N PRO LA 66 13.47 -43.50 47.26
CA PRO LA 66 12.37 -44.44 47.51
C PRO LA 66 12.43 -45.02 48.92
N LEU LA 67 11.24 -45.22 49.49
CA LEU LA 67 11.15 -45.65 50.88
C LEU LA 67 11.75 -47.04 51.08
N ARG LA 68 11.49 -47.97 50.16
CA ARG LA 68 11.99 -49.33 50.32
C ARG LA 68 13.50 -49.39 50.24
N ASP LA 69 14.12 -48.50 49.46
CA ASP LA 69 15.57 -48.50 49.34
C ASP LA 69 16.23 -47.99 50.61
N LEU LA 70 15.64 -46.98 51.25
CA LEU LA 70 16.21 -46.44 52.48
C LEU LA 70 16.05 -47.39 53.66
N LEU LA 71 15.13 -48.34 53.59
CA LEU LA 71 14.94 -49.34 54.63
C LEU LA 71 15.77 -50.59 54.39
N THR LA 72 16.71 -50.55 53.45
CA THR LA 72 17.53 -51.70 53.11
C THR LA 72 18.95 -51.48 53.60
N PRO LA 73 19.45 -52.29 54.52
CA PRO LA 73 20.84 -52.14 54.97
C PRO LA 73 21.84 -52.72 53.97
N GLU LA 74 23.11 -52.77 54.37
CA GLU LA 74 24.16 -53.24 53.47
C GLU LA 74 23.94 -54.70 53.11
N LYS LA 75 24.50 -55.09 51.95
CA LYS LA 75 24.34 -56.45 51.46
C LYS LA 75 24.93 -57.48 52.41
N GLN LA 76 26.01 -57.12 53.11
CA GLN LA 76 26.63 -58.04 54.06
C GLN LA 76 25.78 -58.28 55.29
N GLU LA 77 24.72 -57.50 55.50
CA GLU LA 77 23.85 -57.67 56.66
C GLU LA 77 22.53 -58.32 56.33
N GLN LA 78 22.01 -58.13 55.11
CA GLN LA 78 20.68 -58.59 54.73
C GLN LA 78 20.48 -60.07 55.03
N THR LA 79 19.56 -60.37 55.95
CA THR LA 79 19.37 -61.73 56.41
C THR LA 79 18.68 -62.58 55.35
N LEU LA 80 19.10 -63.83 55.22
CA LEU LA 80 18.50 -64.74 54.27
C LEU LA 80 17.06 -65.05 54.65
N GLY LA 81 16.17 -65.06 53.66
CA GLY LA 81 14.78 -65.39 53.88
C GLY LA 81 13.93 -64.28 54.45
N ASP LA 82 14.45 -63.06 54.52
CA ASP LA 82 13.72 -61.91 55.05
C ASP LA 82 13.57 -60.84 53.98
N GLY LA 83 13.01 -59.72 54.37
CA GLY LA 83 12.82 -58.58 53.48
C GLY LA 83 12.83 -57.30 54.27
N ILE LA 84 12.03 -56.33 53.82
CA ILE LA 84 11.93 -55.07 54.54
C ILE LA 84 11.45 -55.31 55.97
N PHE LA 85 10.52 -56.24 56.14
CA PHE LA 85 10.13 -56.76 57.43
C PHE LA 85 10.48 -58.24 57.51
N PRO LA 86 10.83 -58.75 58.69
CA PRO LA 86 11.20 -60.16 58.81
C PRO LA 86 10.05 -61.08 58.45
N GLN LA 87 10.40 -62.32 58.11
CA GLN LA 87 9.43 -63.26 57.56
C GLN LA 87 8.30 -63.54 58.54
N GLU LA 88 8.61 -63.63 59.83
CA GLU LA 88 7.61 -63.97 60.83
C GLU LA 88 6.56 -62.89 61.01
N PHE LA 89 6.76 -61.70 60.45
CA PHE LA 89 5.80 -60.61 60.55
C PHE LA 89 4.85 -60.56 59.36
N GLY LA 90 4.86 -61.57 58.50
CA GLY LA 90 3.99 -61.62 57.35
C GLY LA 90 2.54 -61.86 57.74
N PRO LA 91 1.63 -61.72 56.77
CA PRO LA 91 0.21 -61.94 57.08
C PRO LA 91 -0.10 -63.33 57.55
N GLN LA 92 0.63 -64.34 57.07
CA GLN LA 92 0.36 -65.72 57.46
C GLN LA 92 0.69 -65.99 58.93
N GLN LA 93 1.41 -65.09 59.59
CA GLN LA 93 1.74 -65.25 61.00
C GLN LA 93 1.17 -64.14 61.88
N MET LA 94 0.78 -63.01 61.31
CA MET LA 94 0.30 -61.87 62.09
C MET LA 94 -1.21 -61.75 62.13
N LEU LA 95 -1.91 -62.23 61.09
CA LEU LA 95 -3.37 -62.17 61.08
C LEU LA 95 -4.02 -63.47 61.50
N THR LA 96 -3.28 -64.57 61.50
CA THR LA 96 -3.80 -65.87 61.91
C THR LA 96 -3.56 -66.08 63.41
N CYS LA 97 -3.94 -67.25 63.91
CA CYS LA 97 -3.74 -67.59 65.31
C CYS LA 97 -3.72 -69.09 65.45
N GLY LA 98 -3.08 -69.56 66.51
CA GLY LA 98 -3.03 -70.97 66.81
C GLY LA 98 -4.40 -71.52 67.13
N PRO LA 99 -4.59 -72.83 66.96
CA PRO LA 99 -5.90 -73.43 67.16
C PRO LA 99 -6.39 -73.24 68.59
N ILE LA 100 -7.54 -72.58 68.73
CA ILE LA 100 -8.17 -72.34 70.02
C ILE LA 100 -9.55 -73.00 70.09
N THR LA 101 -10.38 -72.78 69.09
CA THR LA 101 -11.72 -73.35 69.05
C THR LA 101 -11.66 -74.80 68.58
N ALA LA 102 -12.76 -75.52 68.82
CA ALA LA 102 -12.87 -76.89 68.31
C ALA LA 102 -12.82 -76.90 66.79
N GLU LA 103 -13.46 -75.91 66.15
CA GLU LA 103 -13.43 -75.82 64.69
C GLU LA 103 -12.01 -75.53 64.19
N ASP LA 104 -11.23 -74.77 64.95
CA ASP LA 104 -9.86 -74.50 64.54
C ASP LA 104 -9.04 -75.78 64.48
N TYR LA 105 -9.26 -76.68 65.43
CA TYR LA 105 -8.56 -77.97 65.40
C TYR LA 105 -8.99 -78.79 64.18
N ARG LA 106 -10.25 -78.64 63.77
CA ARG LA 106 -10.69 -79.28 62.53
C ARG LA 106 -9.89 -78.78 61.34
N ARG LA 107 -9.72 -77.46 61.24
CA ARG LA 107 -8.99 -76.89 60.11
C ARG LA 107 -7.52 -77.28 60.15
N ALA LA 108 -6.91 -77.26 61.34
CA ALA LA 108 -5.49 -77.60 61.44
C ALA LA 108 -5.24 -79.07 61.12
N LEU LA 109 -6.13 -79.95 61.59
CA LEU LA 109 -5.92 -81.38 61.37
C LEU LA 109 -6.23 -81.78 59.94
N LEU LA 110 -7.18 -81.12 59.28
CA LEU LA 110 -7.50 -81.44 57.90
C LEU LA 110 -6.44 -80.98 56.92
N ASP LA 111 -5.50 -80.16 57.35
CA ASP LA 111 -4.45 -79.65 56.48
C ASP LA 111 -3.25 -80.58 56.39
N LEU LA 112 -3.18 -81.62 57.21
CA LEU LA 112 -2.04 -82.52 57.21
C LEU LA 112 -1.93 -83.25 55.88
N HIS LA 113 -0.71 -83.33 55.36
CA HIS LA 113 -0.43 -83.95 54.08
C HIS LA 113 0.71 -84.94 54.23
N SER LA 114 0.67 -86.00 53.41
CA SER LA 114 1.72 -87.00 53.46
C SER LA 114 3.07 -86.45 52.99
N SER LA 115 3.07 -85.40 52.19
CA SER LA 115 4.29 -84.82 51.64
C SER LA 115 4.82 -83.65 52.46
N ASP LA 116 4.22 -83.38 53.64
CA ASP LA 116 4.67 -82.25 54.45
C ASP LA 116 6.11 -82.40 54.87
N THR LA 117 6.51 -83.59 55.29
CA THR LA 117 7.88 -83.87 55.70
C THR LA 117 8.46 -84.97 54.82
N ASP LA 118 9.64 -85.45 55.18
CA ASP LA 118 10.21 -86.59 54.49
C ASP LA 118 9.31 -87.81 54.66
N ASN LA 119 9.14 -88.56 53.58
CA ASN LA 119 8.14 -89.63 53.52
C ASN LA 119 8.80 -90.97 53.21
N GLU LA 120 8.16 -92.04 53.68
CA GLU LA 120 8.60 -93.39 53.34
C GLU LA 120 8.02 -93.85 52.02
N THR LA 121 6.86 -93.30 51.63
CA THR LA 121 6.21 -93.64 50.37
C THR LA 121 5.89 -92.36 49.62
N SER LA 122 5.81 -92.47 48.29
CA SER LA 122 5.66 -91.31 47.41
C SER LA 122 4.21 -91.07 47.01
N GLU LA 123 3.26 -91.35 47.90
CA GLU LA 123 1.86 -91.11 47.64
C GLU LA 123 1.45 -89.77 48.26
N ASP LA 124 0.84 -88.91 47.46
CA ASP LA 124 0.40 -87.60 47.91
C ASP LA 124 -1.09 -87.65 48.22
N TYR LA 125 -1.43 -87.47 49.49
CA TYR LA 125 -2.82 -87.54 49.93
C TYR LA 125 -2.97 -86.84 51.26
N PHE LA 126 -4.19 -86.45 51.57
CA PHE LA 126 -4.53 -85.89 52.87
C PHE LA 126 -4.93 -86.99 53.83
N PHE LA 127 -4.41 -86.91 55.06
CA PHE LA 127 -4.59 -88.01 56.01
C PHE LA 127 -6.06 -88.23 56.34
N PHE LA 128 -6.76 -87.18 56.75
CA PHE LA 128 -8.11 -87.30 57.27
C PHE LA 128 -9.11 -86.62 56.34
N ASN LA 129 -10.24 -87.30 56.12
CA ASN LA 129 -11.34 -86.67 55.41
C ASN LA 129 -12.16 -85.77 56.32
N ASP LA 130 -12.27 -86.12 57.60
CA ASP LA 130 -13.01 -85.31 58.56
C ASP LA 130 -12.57 -85.70 59.96
N VAL LA 131 -12.58 -84.73 60.86
CA VAL LA 131 -12.27 -84.93 62.27
C VAL LA 131 -13.29 -84.20 63.11
N ARG LA 132 -13.37 -84.58 64.38
CA ARG LA 132 -14.28 -83.91 65.31
C ARG LA 132 -13.67 -83.96 66.70
N LEU LA 133 -13.44 -82.78 67.27
CA LEU LA 133 -12.89 -82.65 68.61
C LEU LA 133 -14.00 -82.22 69.57
N ILE LA 134 -14.21 -83.00 70.63
CA ILE LA 134 -15.25 -82.74 71.61
C ILE LA 134 -14.64 -82.82 73.00
N CYS LA 135 -15.31 -82.17 73.95
CA CYS LA 135 -14.92 -82.31 75.35
C CYS LA 135 -15.18 -83.74 75.82
N GLU LA 136 -14.45 -84.15 76.84
CA GLU LA 136 -14.61 -85.49 77.38
C GLU LA 136 -16.03 -85.67 77.91
N PRO LA 137 -16.72 -86.74 77.52
CA PRO LA 137 -18.12 -86.92 77.98
C PRO LA 137 -18.19 -87.03 79.49
N GLU LA 138 -19.32 -86.56 80.04
CA GLU LA 138 -19.51 -86.58 81.48
C GLU LA 138 -19.45 -88.01 82.03
N SER LA 139 -19.96 -88.97 81.27
CA SER LA 139 -19.96 -90.36 81.73
C SER LA 139 -18.54 -90.89 81.92
N GLU LA 140 -17.65 -90.59 80.97
CA GLU LA 140 -16.27 -91.05 81.01
C GLU LA 140 -15.32 -89.99 81.56
N ARG LA 141 -15.82 -89.12 82.43
CA ARG LA 141 -15.01 -88.03 82.96
C ARG LA 141 -13.89 -88.58 83.83
N TYR LA 142 -12.77 -87.84 83.86
CA TYR LA 142 -11.60 -88.22 84.63
C TYR LA 142 -11.90 -88.06 86.11
N LYS LA 143 -12.19 -89.18 86.78
CA LYS LA 143 -12.58 -89.18 88.18
C LYS LA 143 -11.51 -89.86 89.02
N TYR LA 144 -11.33 -89.35 90.24
CA TYR LA 144 -10.44 -89.96 91.22
C TYR LA 144 -10.99 -89.67 92.61
N TRP LA 145 -10.57 -90.49 93.57
CA TRP LA 145 -11.20 -90.52 94.88
C TRP LA 145 -10.18 -90.22 95.98
N TYR LA 146 -10.66 -89.55 97.02
CA TYR LA 146 -9.86 -89.21 98.20
C TYR LA 146 -10.42 -89.95 99.40
N ASN LA 147 -9.53 -90.55 100.19
CA ASN LA 147 -9.94 -91.28 101.39
C ASN LA 147 -9.96 -90.32 102.57
N LYS LA 148 -11.11 -90.23 103.23
CA LYS LA 148 -11.28 -89.29 104.33
C LYS LA 148 -10.31 -89.59 105.48
N GLU LA 149 -10.16 -90.87 105.82
CA GLU LA 149 -9.33 -91.26 106.96
C GLU LA 149 -7.90 -91.57 106.54
N SER LA 150 -7.72 -92.33 105.46
CA SER LA 150 -6.39 -92.73 105.03
C SER LA 150 -5.56 -91.55 104.53
N ARG LA 151 -6.20 -90.46 104.12
CA ARG LA 151 -5.52 -89.26 103.61
C ARG LA 151 -4.66 -89.60 102.40
N GLU LA 152 -5.31 -90.12 101.36
CA GLU LA 152 -4.62 -90.49 100.13
C GLU LA 152 -5.61 -90.48 98.98
N TYR LA 153 -5.08 -90.48 97.77
CA TYR LA 153 -5.88 -90.39 96.54
C TYR LA 153 -5.73 -91.68 95.74
N SER LA 154 -6.84 -92.17 95.22
CA SER LA 154 -6.87 -93.43 94.50
C SER LA 154 -7.83 -93.34 93.33
N PHE LA 155 -7.62 -94.19 92.35
CA PHE LA 155 -8.49 -94.30 91.18
C PHE LA 155 -9.58 -95.35 91.35
N ILE LA 156 -9.61 -96.05 92.48
CA ILE LA 156 -10.54 -97.15 92.71
C ILE LA 156 -11.48 -96.75 93.85
N GLN LA 157 -12.77 -96.87 93.62
CA GLN LA 157 -13.78 -96.53 94.61
C GLN LA 157 -13.96 -97.67 95.62
N GLU LA 164 -14.91 -92.81 104.37
CA GLU LA 164 -15.77 -92.27 103.31
C GLU LA 164 -14.95 -91.69 102.17
N GLN LA 165 -15.14 -92.23 100.98
CA GLN LA 165 -14.42 -91.76 99.80
C GLN LA 165 -15.22 -90.66 99.12
N LEU LA 166 -14.52 -89.60 98.70
CA LEU LA 166 -15.12 -88.47 98.03
C LEU LA 166 -14.67 -88.42 96.58
N GLN LA 167 -15.50 -87.84 95.72
CA GLN LA 167 -15.27 -87.83 94.28
C GLN LA 167 -14.64 -86.52 93.85
N LEU LA 168 -13.60 -86.63 93.01
CA LEU LA 168 -12.92 -85.47 92.45
C LEU LA 168 -12.79 -85.64 90.94
N THR LA 169 -12.88 -84.53 90.22
CA THR LA 169 -12.92 -84.56 88.76
C THR LA 169 -11.84 -83.64 88.21
N LEU LA 170 -11.12 -84.11 87.19
CA LEU LA 170 -10.14 -83.30 86.47
C LEU LA 170 -10.76 -82.72 85.22
N ARG LA 171 -10.64 -81.41 85.05
CA ARG LA 171 -11.23 -80.74 83.90
C ARG LA 171 -10.22 -80.57 82.77
N GLY LA 172 -10.71 -80.70 81.54
CA GLY LA 172 -9.92 -80.44 80.36
C GLY LA 172 -9.41 -81.72 79.74
N ASN LA 173 -10.10 -82.20 78.72
CA ASN LA 173 -9.82 -83.48 78.10
C ASN LA 173 -10.61 -83.60 76.82
N TYR LA 174 -9.96 -83.92 75.71
CA TYR LA 174 -10.60 -83.98 74.42
C TYR LA 174 -10.64 -85.41 73.91
N TRP LA 175 -11.74 -85.76 73.24
CA TRP LA 175 -11.86 -87.01 72.50
C TRP LA 175 -11.76 -86.68 71.03
N LEU LA 176 -10.76 -87.25 70.35
CA LEU LA 176 -10.47 -86.91 68.96
C LEU LA 176 -10.98 -88.05 68.07
N TYR LA 177 -12.05 -87.77 67.34
CA TYR LA 177 -12.58 -88.72 66.36
C TYR LA 177 -11.93 -88.46 65.01
N LEU LA 178 -11.44 -89.53 64.37
CA LEU LA 178 -10.74 -89.43 63.11
C LEU LA 178 -11.47 -90.24 62.05
N LEU LA 179 -11.73 -89.61 60.91
CA LEU LA 179 -12.30 -90.28 59.75
C LEU LA 179 -11.24 -90.33 58.65
N PRO LA 180 -10.59 -91.45 58.44
CA PRO LA 180 -9.45 -91.49 57.52
C PRO LA 180 -9.87 -91.53 56.07
N ASN LA 181 -8.92 -91.17 55.20
CA ASN LA 181 -9.12 -91.28 53.76
C ASN LA 181 -8.81 -92.71 53.32
N ARG LA 182 -8.88 -92.94 52.00
CA ARG LA 182 -8.67 -94.29 51.48
C ARG LA 182 -7.22 -94.73 51.65
N GLU LA 183 -6.27 -93.84 51.33
CA GLU LA 183 -4.86 -94.19 51.47
C GLU LA 183 -4.49 -94.32 52.95
N THR LA 184 -5.09 -93.52 53.81
CA THR LA 184 -4.80 -93.61 55.23
C THR LA 184 -5.22 -94.95 55.80
N GLU LA 185 -6.36 -95.47 55.37
CA GLU LA 185 -6.81 -96.77 55.85
C GLU LA 185 -5.90 -97.89 55.37
N ASP LA 186 -5.25 -97.71 54.22
CA ASP LA 186 -4.32 -98.73 53.74
C ASP LA 186 -3.12 -98.86 54.68
N ASP LA 187 -2.59 -97.74 55.16
CA ASP LA 187 -1.44 -97.76 56.06
C ASP LA 187 -1.55 -96.57 57.01
N LYS LA 188 -1.48 -96.83 58.31
CA LYS LA 188 -1.67 -95.81 59.32
C LYS LA 188 -0.42 -95.43 60.09
N THR LA 189 0.71 -96.11 59.87
CA THR LA 189 1.90 -95.85 60.66
C THR LA 189 2.40 -94.42 60.46
N LEU LA 190 2.45 -93.95 59.21
CA LEU LA 190 2.86 -92.58 58.95
C LEU LA 190 1.86 -91.59 59.52
N THR LA 191 0.57 -91.88 59.38
CA THR LA 191 -0.46 -90.98 59.91
C THR LA 191 -0.37 -90.87 61.42
N GLN LA 192 -0.17 -92.00 62.11
CA GLN LA 192 -0.09 -91.98 63.56
C GLN LA 192 1.12 -91.17 64.04
N LYS LA 193 2.27 -91.32 63.37
CA LYS LA 193 3.47 -90.61 63.79
C LYS LA 193 3.31 -89.11 63.64
N ARG LA 194 2.74 -88.67 62.51
CA ARG LA 194 2.57 -87.24 62.29
C ARG LA 194 1.52 -86.66 63.23
N LEU LA 195 0.48 -87.43 63.55
CA LEU LA 195 -0.56 -86.94 64.43
C LEU LA 195 -0.01 -86.69 65.84
N ASN LA 196 0.83 -87.60 66.33
CA ASN LA 196 1.40 -87.42 67.67
C ASN LA 196 2.28 -86.18 67.74
N ASP LA 197 3.07 -85.93 66.69
CA ASP LA 197 3.91 -84.74 66.67
C ASP LA 197 3.07 -83.47 66.68
N PHE LA 198 2.00 -83.45 65.89
CA PHE LA 198 1.13 -82.28 65.86
C PHE LA 198 0.45 -82.05 67.20
N LEU LA 199 -0.02 -83.13 67.83
CA LEU LA 199 -0.73 -82.99 69.10
C LEU LA 199 0.21 -82.49 70.20
N LYS LA 200 1.47 -82.90 70.16
CA LYS LA 200 2.42 -82.48 71.19
C LYS LA 200 2.67 -80.98 71.11
N ASP LA 201 2.83 -80.43 69.91
CA ASP LA 201 3.17 -79.03 69.73
C ASP LA 201 1.97 -78.11 69.70
N ASN LA 202 0.76 -78.64 69.66
CA ASN LA 202 -0.47 -77.84 69.62
C ASN LA 202 -1.34 -78.13 70.83
N ARG LA 203 -0.71 -78.22 71.99
CA ARG LA 203 -1.42 -78.48 73.24
C ARG LA 203 -1.68 -77.15 73.95
N ASN LA 204 -2.92 -76.95 74.37
CA ASN LA 204 -3.30 -75.74 75.08
C ASN LA 204 -3.08 -75.90 76.58
N LEU LA 205 -3.10 -74.78 77.28
CA LEU LA 205 -2.84 -74.78 78.72
C LEU LA 205 -4.00 -75.43 79.47
N GLY LA 206 -3.70 -76.52 80.18
CA GLY LA 206 -4.70 -77.21 80.96
C GLY LA 206 -5.55 -78.21 80.21
N GLU LA 207 -5.22 -78.53 78.96
CA GLU LA 207 -6.01 -79.43 78.15
C GLU LA 207 -5.11 -80.47 77.50
N SER LA 208 -5.71 -81.61 77.16
CA SER LA 208 -5.01 -82.68 76.46
C SER LA 208 -6.04 -83.58 75.79
N VAL LA 209 -5.57 -84.36 74.83
CA VAL LA 209 -6.39 -85.36 74.16
C VAL LA 209 -6.23 -86.68 74.91
N SER LA 210 -7.28 -87.08 75.63
CA SER LA 210 -7.21 -88.27 76.46
C SER LA 210 -7.60 -89.54 75.73
N LYS LA 211 -8.10 -89.44 74.50
CA LYS LA 211 -8.53 -90.61 73.76
C LYS LA 211 -8.54 -90.30 72.28
N ILE LA 212 -8.02 -91.23 71.48
CA ILE LA 212 -8.05 -91.14 70.02
C ILE LA 212 -8.87 -92.30 69.49
N ILE LA 213 -9.90 -91.99 68.70
CA ILE LA 213 -10.82 -92.99 68.18
C ILE LA 213 -10.78 -92.95 66.66
N TRP LA 214 -10.62 -94.11 66.04
CA TRP LA 214 -10.63 -94.25 64.59
C TRP LA 214 -11.95 -94.88 64.17
N LEU LA 215 -12.66 -94.21 63.26
CA LEU LA 215 -13.91 -94.75 62.76
C LEU LA 215 -13.64 -95.91 61.80
N GLN LA 216 -14.50 -96.93 61.85
CA GLN LA 216 -14.28 -98.08 61.01
C GLN LA 216 -15.18 -98.03 59.78
N PRO LA 217 -14.70 -98.52 58.64
CA PRO LA 217 -15.49 -98.43 57.40
C PRO LA 217 -16.53 -99.54 57.32
N VAL LA 218 -17.69 -99.19 56.78
CA VAL LA 218 -18.75 -100.14 56.47
C VAL LA 218 -19.07 -100.01 54.99
N ASP LA 219 -19.01 -101.14 54.27
CA ASP LA 219 -19.25 -101.11 52.83
C ASP LA 219 -20.66 -100.63 52.54
N PHE LA 220 -20.78 -99.70 51.60
CA PHE LA 220 -22.06 -99.12 51.21
C PHE LA 220 -22.25 -99.39 49.72
N LEU LA 221 -22.87 -100.52 49.41
CA LEU LA 221 -23.08 -100.94 48.03
C LEU LA 221 -24.33 -100.27 47.49
N LEU LA 222 -24.15 -99.16 46.77
CA LEU LA 222 -25.25 -98.39 46.22
C LEU LA 222 -25.66 -98.97 44.87
N GLN LA 223 -26.94 -99.32 44.74
CA GLN LA 223 -27.46 -99.83 43.49
C GLN LA 223 -27.93 -98.65 42.63
N LEU LA 224 -27.37 -98.54 41.43
CA LEU LA 224 -27.60 -97.38 40.58
C LEU LA 224 -27.86 -97.83 39.15
N ASP LA 225 -28.94 -97.32 38.55
CA ASP LA 225 -29.29 -97.59 37.17
C ASP LA 225 -29.41 -96.26 36.43
N ILE LA 226 -28.67 -96.11 35.34
CA ILE LA 226 -28.58 -94.85 34.62
C ILE LA 226 -28.77 -95.11 33.13
N GLU LA 227 -29.61 -94.30 32.49
CA GLU LA 227 -29.83 -94.37 31.05
C GLU LA 227 -29.20 -93.16 30.39
N LEU LA 228 -28.49 -93.40 29.28
CA LEU LA 228 -27.77 -92.35 28.58
C LEU LA 228 -28.58 -91.82 27.41
N ASP LA 229 -28.12 -90.69 26.87
CA ASP LA 229 -28.67 -90.16 25.62
C ASP LA 229 -28.19 -91.01 24.46
N ASP LA 230 -28.97 -90.97 23.37
CA ASP LA 230 -28.66 -91.81 22.21
C ASP LA 230 -27.38 -91.37 21.51
N ASP LA 231 -27.01 -90.10 21.60
CA ASP LA 231 -25.89 -89.54 20.87
C ASP LA 231 -24.66 -89.35 21.75
N VAL LA 232 -24.42 -90.28 22.68
CA VAL LA 232 -23.27 -90.18 23.56
C VAL LA 232 -21.99 -90.42 22.75
N SER LA 233 -20.91 -89.75 23.17
CA SER LA 233 -19.63 -89.82 22.48
C SER LA 233 -18.58 -90.55 23.30
N ASP LA 234 -18.31 -90.10 24.53
CA ASP LA 234 -17.32 -90.71 25.40
C ASP LA 234 -18.02 -91.45 26.53
N LEU LA 235 -17.66 -92.71 26.73
CA LEU LA 235 -18.27 -93.54 27.75
C LEU LA 235 -17.44 -93.63 29.03
N ALA LA 236 -16.12 -93.73 28.91
CA ALA LA 236 -15.27 -93.75 30.09
C ALA LA 236 -15.36 -92.45 30.87
N ASP LA 237 -15.59 -91.34 30.17
CA ASP LA 237 -15.74 -90.05 30.85
C ASP LA 237 -16.97 -90.03 31.76
N ILE LA 238 -18.08 -90.60 31.30
CA ILE LA 238 -19.30 -90.60 32.08
C ILE LA 238 -19.12 -91.45 33.34
N PHE LA 239 -18.40 -92.56 33.23
CA PHE LA 239 -18.15 -93.39 34.40
C PHE LA 239 -17.35 -92.63 35.46
N ALA LA 240 -16.33 -91.88 35.02
CA ALA LA 240 -15.56 -91.08 35.97
C ALA LA 240 -16.42 -89.99 36.60
N GLN LA 241 -17.26 -89.33 35.80
CA GLN LA 241 -18.13 -88.30 36.35
C GLN LA 241 -19.14 -88.89 37.32
N VAL LA 242 -19.68 -90.07 37.01
CA VAL LA 242 -20.66 -90.70 37.90
C VAL LA 242 -20.00 -91.09 39.21
N TYR LA 243 -18.81 -91.68 39.14
CA TYR LA 243 -18.13 -92.10 40.37
C TYR LA 243 -17.70 -90.91 41.21
N MET LA 244 -17.11 -89.90 40.58
CA MET LA 244 -16.64 -88.74 41.33
C MET LA 244 -17.79 -88.00 42.02
N THR LA 245 -18.91 -87.85 41.31
CA THR LA 245 -20.07 -87.20 41.91
C THR LA 245 -20.62 -88.02 43.07
N THR LA 246 -20.70 -89.34 42.90
CA THR LA 246 -21.25 -90.19 43.96
C THR LA 246 -20.33 -90.25 45.16
N GLU LA 247 -19.02 -90.32 44.93
CA GLU LA 247 -18.07 -90.37 46.05
C GLU LA 247 -18.13 -89.11 46.88
N GLN LA 248 -18.23 -87.94 46.23
CA GLN LA 248 -18.34 -86.70 46.97
C GLN LA 248 -19.66 -86.60 47.71
N MET LA 249 -20.72 -87.22 47.20
CA MET LA 249 -22.02 -87.14 47.86
C MET LA 249 -22.05 -87.96 49.14
N VAL LA 250 -21.21 -88.98 49.24
CA VAL LA 250 -21.19 -89.84 50.42
C VAL LA 250 -20.16 -89.37 51.44
N LEU LA 251 -18.99 -88.94 50.98
CA LEU LA 251 -17.85 -88.62 51.83
C LEU LA 251 -17.27 -87.26 51.44
N THR LA 252 -18.13 -86.24 51.40
CA THR LA 252 -17.77 -84.90 50.97
C THR LA 252 -16.47 -84.42 51.60
N SER LA 253 -15.49 -84.15 50.76
CA SER LA 253 -14.16 -83.68 51.16
C SER LA 253 -14.18 -82.17 51.37
N PRO LA 254 -13.28 -81.64 52.19
CA PRO LA 254 -13.18 -80.19 52.35
C PRO LA 254 -12.77 -79.53 51.04
N LEU LA 255 -13.25 -78.30 50.84
CA LEU LA 255 -12.94 -77.51 49.67
C LEU LA 255 -11.88 -76.47 50.03
N ARG LA 256 -10.73 -76.55 49.37
CA ARG LA 256 -9.61 -75.66 49.64
C ARG LA 256 -9.42 -74.69 48.48
N TYR LA 257 -8.87 -73.53 48.79
CA TYR LA 257 -8.57 -72.52 47.79
C TYR LA 257 -7.22 -71.90 48.08
N SER LA 258 -6.56 -71.42 47.02
CA SER LA 258 -5.34 -70.66 47.19
C SER LA 258 -5.67 -69.23 47.59
N THR LA 259 -4.65 -68.49 48.03
CA THR LA 259 -4.87 -67.11 48.44
C THR LA 259 -5.38 -66.26 47.28
N GLN LA 260 -4.82 -66.45 46.09
CA GLN LA 260 -5.30 -65.72 44.92
C GLN LA 260 -6.75 -66.06 44.60
N ALA LA 261 -7.11 -67.34 44.70
CA ALA LA 261 -8.49 -67.75 44.42
C ALA LA 261 -9.46 -67.13 45.42
N MET LA 262 -9.08 -67.08 46.69
CA MET LA 262 -9.94 -66.46 47.70
C MET LA 262 -10.07 -64.96 47.45
N ILE LA 263 -9.01 -64.32 46.95
CA ILE LA 263 -9.09 -62.91 46.57
C ILE LA 263 -10.07 -62.74 45.42
N GLU LA 264 -10.00 -63.63 44.42
CA GLU LA 264 -10.90 -63.54 43.28
C GLU LA 264 -12.35 -63.77 43.69
N GLN LA 265 -12.59 -64.58 44.72
CA GLN LA 265 -13.95 -64.86 45.16
C GLN LA 265 -14.58 -63.69 45.90
N GLY LA 266 -13.82 -62.64 46.18
CA GLY LA 266 -14.34 -61.46 46.85
C GLY LA 266 -13.98 -61.33 48.30
N TYR LA 267 -13.13 -62.21 48.83
CA TYR LA 267 -12.74 -62.11 50.23
C TYR LA 267 -11.67 -61.03 50.41
N SER LA 268 -11.56 -60.56 51.65
CA SER LA 268 -10.54 -59.60 52.05
C SER LA 268 -9.49 -60.30 52.90
N ASN LA 269 -8.33 -59.66 53.03
CA ASN LA 269 -7.24 -60.25 53.80
C ASN LA 269 -7.60 -60.39 55.27
N GLU LA 270 -8.61 -59.67 55.75
CA GLU LA 270 -9.03 -59.82 57.14
C GLU LA 270 -9.58 -61.21 57.42
N GLU LA 271 -10.33 -61.78 56.47
CA GLU LA 271 -10.96 -63.08 56.67
C GLU LA 271 -10.28 -64.22 55.94
N ILE LA 272 -9.39 -63.92 54.99
CA ILE LA 272 -8.61 -64.99 54.36
C ILE LA 272 -7.63 -65.58 55.36
N PHE LA 273 -6.89 -64.72 56.07
CA PHE LA 273 -5.95 -65.15 57.08
C PHE LA 273 -6.63 -65.17 58.46
N GLU LA 274 -7.67 -66.00 58.56
CA GLU LA 274 -8.46 -66.15 59.77
C GLU LA 274 -8.44 -67.61 60.18
N GLY LA 275 -8.16 -67.86 61.46
CA GLY LA 275 -8.00 -69.21 61.95
C GLY LA 275 -6.55 -69.66 61.85
N PRO LA 276 -6.31 -70.95 62.05
CA PRO LA 276 -4.94 -71.46 61.95
C PRO LA 276 -4.39 -71.33 60.54
N TYR LA 277 -3.07 -71.16 60.46
CA TYR LA 277 -2.39 -70.97 59.18
C TYR LA 277 -2.22 -72.33 58.50
N LEU LA 278 -2.96 -72.53 57.42
CA LEU LA 278 -2.93 -73.78 56.66
C LEU LA 278 -2.00 -73.64 55.47
N HIS LA 279 -1.09 -74.60 55.30
CA HIS LA 279 -0.09 -74.51 54.24
C HIS LA 279 -0.61 -74.99 52.89
N HIS LA 280 -1.69 -75.75 52.86
CA HIS LA 280 -2.15 -76.40 51.63
C HIS LA 280 -3.53 -75.93 51.22
N GLY LA 281 -3.81 -74.64 51.40
CA GLY LA 281 -5.08 -74.09 50.99
C GLY LA 281 -5.94 -73.61 52.14
N TRP LA 282 -6.82 -72.66 51.87
CA TRP LA 282 -7.70 -72.09 52.88
C TRP LA 282 -9.05 -72.79 52.84
N ILE LA 283 -9.65 -72.98 54.02
CA ILE LA 283 -10.94 -73.65 54.13
C ILE LA 283 -11.95 -72.66 54.69
N PRO LA 284 -12.65 -71.90 53.84
CA PRO LA 284 -13.60 -70.90 54.36
C PRO LA 284 -14.81 -71.52 55.02
N GLU LA 285 -15.46 -72.47 54.34
CA GLU LA 285 -16.68 -73.09 54.84
C GLU LA 285 -16.47 -74.59 54.97
N LEU LA 286 -16.87 -75.13 56.11
CA LEU LA 286 -16.78 -76.55 56.40
C LEU LA 286 -18.18 -77.16 56.46
N SER LA 287 -18.23 -78.47 56.29
CA SER LA 287 -19.49 -79.18 56.44
C SER LA 287 -19.92 -79.18 57.91
N ALA LA 288 -21.21 -79.42 58.13
CA ALA LA 288 -21.75 -79.41 59.49
C ALA LA 288 -21.04 -80.45 60.36
N ALA LA 289 -20.64 -80.03 61.55
CA ALA LA 289 -19.91 -80.91 62.45
C ALA LA 289 -20.82 -82.02 62.95
N LYS LA 290 -20.48 -83.27 62.63
CA LYS LA 290 -21.29 -84.39 63.02
C LYS LA 290 -20.99 -84.82 64.46
N ASP LA 291 -21.97 -85.47 65.08
CA ASP LA 291 -21.83 -85.99 66.43
C ASP LA 291 -21.54 -87.49 66.33
N TYR LA 292 -20.31 -87.88 66.66
CA TYR LA 292 -19.87 -89.25 66.49
C TYR LA 292 -20.02 -90.09 67.76
N THR LA 293 -20.66 -89.54 68.79
CA THR LA 293 -20.96 -90.29 70.00
C THR LA 293 -22.27 -91.07 69.90
N LYS LA 294 -22.99 -90.90 68.80
CA LYS LA 294 -24.25 -91.59 68.56
C LYS LA 294 -24.34 -91.89 67.08
N PRO LA 295 -25.22 -92.82 66.67
CA PRO LA 295 -25.30 -93.17 65.25
C PRO LA 295 -25.61 -91.95 64.38
N THR LA 296 -24.97 -91.90 63.22
CA THR LA 296 -25.04 -90.77 62.32
C THR LA 296 -26.02 -91.07 61.18
N GLU LA 297 -26.20 -90.09 60.30
CA GLU LA 297 -27.14 -90.18 59.20
C GLU LA 297 -26.42 -89.99 57.88
N LEU LA 298 -27.00 -90.54 56.81
CA LEU LA 298 -26.49 -90.37 55.46
C LEU LA 298 -27.67 -90.16 54.54
N LYS LA 299 -27.75 -88.97 53.95
CA LYS LA 299 -28.85 -88.59 53.07
C LYS LA 299 -28.33 -88.48 51.64
N LEU LA 300 -29.07 -89.06 50.70
CA LEU LA 300 -28.66 -89.10 49.30
C LEU LA 300 -29.82 -88.72 48.38
N SER LA 301 -30.78 -87.94 48.90
CA SER LA 301 -31.92 -87.55 48.07
C SER LA 301 -31.49 -86.64 46.93
N HIS LA 302 -30.50 -85.77 47.17
CA HIS LA 302 -30.03 -84.86 46.14
C HIS LA 302 -29.11 -85.51 45.12
N LEU LA 303 -28.77 -86.78 45.31
CA LEU LA 303 -27.94 -87.48 44.33
C LEU LA 303 -28.64 -87.56 42.98
N ALA LA 304 -29.97 -87.62 42.98
CA ALA LA 304 -30.72 -87.61 41.74
C ALA LA 304 -30.51 -86.31 40.97
N ASN LA 305 -30.51 -85.18 41.70
CA ASN LA 305 -30.32 -83.88 41.06
C ASN LA 305 -28.93 -83.78 40.42
N ARG LA 306 -27.89 -84.24 41.12
CA ARG LA 306 -26.54 -84.08 40.62
C ARG LA 306 -26.26 -85.03 39.46
N LEU LA 307 -26.75 -86.27 39.54
CA LEU LA 307 -26.52 -87.24 38.47
C LEU LA 307 -27.20 -86.80 37.18
N LEU LA 308 -28.42 -86.28 37.27
CA LEU LA 308 -29.14 -85.84 36.08
C LEU LA 308 -28.51 -84.61 35.45
N ALA LA 309 -27.71 -83.85 36.20
CA ALA LA 309 -27.04 -82.68 35.68
C ALA LA 309 -25.77 -83.02 34.92
N ILE LA 310 -25.33 -84.27 34.95
CA ILE LA 310 -24.13 -84.67 34.20
C ILE LA 310 -24.48 -84.69 32.71
N PRO LA 311 -23.70 -84.04 31.86
CA PRO LA 311 -23.99 -84.07 30.42
C PRO LA 311 -23.83 -85.48 29.85
N GLY LA 312 -24.84 -85.94 29.14
CA GLY LA 312 -24.86 -87.28 28.60
C GLY LA 312 -25.74 -88.26 29.35
N VAL LA 313 -26.20 -87.91 30.54
CA VAL LA 313 -27.06 -88.77 31.35
C VAL LA 313 -28.49 -88.32 31.16
N GLN LA 314 -29.36 -89.25 30.76
CA GLN LA 314 -30.74 -88.92 30.44
C GLN LA 314 -31.68 -89.12 31.63
N ASN LA 315 -31.66 -90.30 32.24
CA ASN LA 315 -32.63 -90.64 33.26
C ASN LA 315 -32.03 -91.62 34.25
N ILE LA 316 -32.60 -91.66 35.44
CA ILE LA 316 -32.25 -92.61 36.49
C ILE LA 316 -33.46 -93.46 36.77
N THR LA 317 -33.30 -94.78 36.72
CA THR LA 317 -34.42 -95.70 36.91
C THR LA 317 -34.43 -96.37 38.27
N ARG LA 318 -33.31 -96.44 38.97
CA ARG LA 318 -33.29 -97.02 40.30
C ARG LA 318 -32.18 -96.39 41.13
N LEU LA 319 -32.47 -96.14 42.40
CA LEU LA 319 -31.49 -95.63 43.35
C LEU LA 319 -31.87 -96.20 44.70
N ALA LA 320 -31.15 -97.25 45.12
CA ALA LA 320 -31.46 -97.94 46.36
C ALA LA 320 -30.18 -98.56 46.92
N LEU LA 321 -30.31 -99.20 48.07
CA LEU LA 321 -29.19 -99.81 48.77
C LEU LA 321 -29.28 -101.33 48.63
N GLY LA 322 -28.17 -101.95 48.25
CA GLY LA 322 -28.13 -103.39 48.06
C GLY LA 322 -27.95 -104.16 49.36
N LYS LA 323 -27.08 -105.16 49.34
CA LYS LA 323 -26.84 -105.96 50.53
C LYS LA 323 -26.04 -105.15 51.55
N HIS LA 324 -26.51 -105.15 52.80
CA HIS LA 324 -25.87 -104.42 53.87
C HIS LA 324 -25.96 -105.23 55.16
N ASP LA 325 -24.94 -105.11 55.99
CA ASP LA 325 -24.93 -105.79 57.28
C ASP LA 325 -25.78 -104.98 58.26
N GLU LA 326 -25.75 -105.35 59.54
CA GLU LA 326 -26.60 -104.71 60.54
C GLU LA 326 -26.16 -103.30 60.88
N ASN LA 327 -24.95 -102.89 60.47
CA ASN LA 327 -24.48 -101.55 60.80
C ASN LA 327 -25.19 -100.46 59.99
N ILE LA 328 -25.78 -100.81 58.86
CA ILE LA 328 -26.54 -99.87 58.04
C ILE LA 328 -28.00 -100.27 58.09
N SER LA 329 -28.85 -99.31 58.47
CA SER LA 329 -30.28 -99.54 58.53
C SER LA 329 -31.01 -98.37 57.87
N PRO LA 330 -32.12 -98.64 57.19
CA PRO LA 330 -32.87 -97.55 56.57
C PRO LA 330 -33.45 -96.60 57.60
N LEU LA 331 -33.54 -95.33 57.21
CA LEU LA 331 -34.10 -94.31 58.08
C LEU LA 331 -35.62 -94.45 58.16
N ALA LA 332 -36.21 -93.78 59.15
CA ALA LA 332 -37.65 -93.84 59.37
C ALA LA 332 -38.34 -92.96 58.34
N ASP LA 333 -39.11 -93.58 57.44
CA ASP LA 333 -39.95 -92.95 56.44
C ASP LA 333 -39.17 -92.23 55.35
N ASP LA 334 -37.85 -92.22 55.40
CA ASP LA 334 -37.02 -91.56 54.39
C ASP LA 334 -36.58 -92.60 53.37
N SER LA 335 -36.97 -92.41 52.11
CA SER LA 335 -36.68 -93.40 51.08
C SER LA 335 -35.22 -93.40 50.65
N TRP LA 336 -34.51 -92.30 50.85
CA TRP LA 336 -33.13 -92.17 50.39
C TRP LA 336 -32.22 -91.70 51.51
N SER LA 337 -32.46 -92.20 52.72
CA SER LA 337 -31.59 -91.92 53.86
C SER LA 337 -31.35 -93.20 54.63
N TRP LA 338 -30.21 -93.28 55.30
CA TRP LA 338 -29.81 -94.48 56.03
C TRP LA 338 -29.09 -94.07 57.31
N THR LA 339 -29.19 -94.91 58.33
CA THR LA 339 -28.53 -94.69 59.60
C THR LA 339 -27.29 -95.55 59.71
N ILE LA 340 -26.15 -94.91 59.97
CA ILE LA 340 -24.88 -95.60 60.16
C ILE LA 340 -24.64 -95.76 61.65
N ALA LA 341 -24.28 -96.97 62.07
CA ALA LA 341 -24.08 -97.25 63.48
C ALA LA 341 -22.94 -96.40 64.04
N GLN LA 342 -22.98 -96.19 65.35
CA GLN LA 342 -21.98 -95.38 66.01
C GLN LA 342 -20.58 -95.98 65.83
N GLY LA 343 -19.60 -95.12 65.61
CA GLY LA 343 -18.24 -95.56 65.42
C GLY LA 343 -17.91 -96.05 64.02
N TYR LA 344 -18.84 -95.93 63.07
CA TYR LA 344 -18.64 -96.41 61.71
C TYR LA 344 -18.96 -95.31 60.72
N TYR LA 345 -18.31 -95.39 59.56
CA TYR LA 345 -18.57 -94.47 58.47
C TYR LA 345 -18.81 -95.25 57.17
N PRO LA 346 -19.66 -94.73 56.29
CA PRO LA 346 -19.96 -95.47 55.04
C PRO LA 346 -18.81 -95.34 54.04
N ARG LA 347 -18.39 -96.48 53.49
CA ARG LA 347 -17.38 -96.54 52.45
C ARG LA 347 -18.04 -97.06 51.18
N LEU LA 348 -17.89 -96.30 50.09
CA LEU LA 348 -18.62 -96.59 48.87
C LEU LA 348 -17.95 -97.72 48.08
N TRP LA 349 -18.74 -98.76 47.79
CA TRP LA 349 -18.33 -99.83 46.88
C TRP LA 349 -17.05 -100.53 47.33
N GLY LA 350 -16.92 -100.73 48.63
CA GLY LA 350 -15.88 -101.61 49.15
C GLY LA 350 -14.47 -101.05 49.07
N ASN LA 351 -13.50 -101.98 49.12
CA ASN LA 351 -12.10 -101.60 49.12
C ASN LA 351 -11.68 -100.98 47.80
N ASP LA 352 -12.03 -101.62 46.68
CA ASP LA 352 -11.66 -101.15 45.35
C ASP LA 352 -12.92 -100.77 44.60
N PRO LA 353 -13.27 -99.49 44.53
CA PRO LA 353 -14.50 -99.09 43.83
C PRO LA 353 -14.42 -99.31 42.34
N LEU LA 354 -13.36 -98.81 41.71
CA LEU LA 354 -13.26 -98.84 40.25
C LEU LA 354 -13.25 -100.27 39.71
N ASP LA 355 -12.63 -101.19 40.45
CA ASP LA 355 -12.67 -102.59 40.05
C ASP LA 355 -14.09 -103.13 40.08
N LEU LA 356 -14.86 -102.78 41.11
CA LEU LA 356 -16.23 -103.27 41.22
C LEU LA 356 -17.11 -102.69 40.10
N ILE LA 357 -16.92 -101.42 39.76
CA ILE LA 357 -17.72 -100.81 38.69
C ILE LA 357 -17.43 -101.48 37.36
N SER LA 358 -16.18 -101.83 37.11
CA SER LA 358 -15.81 -102.49 35.87
C SER LA 358 -16.15 -103.98 35.87
N SER LA 359 -16.57 -104.52 37.01
CA SER LA 359 -16.89 -105.94 37.11
C SER LA 359 -18.23 -106.24 36.44
N SER LA 360 -18.46 -107.53 36.18
CA SER LA 360 -19.72 -107.96 35.60
C SER LA 360 -20.87 -107.88 36.61
N ALA LA 361 -20.55 -108.04 37.90
CA ALA LA 361 -21.53 -107.91 38.97
C ALA LA 361 -21.62 -106.49 39.52
N SER LA 362 -21.32 -105.50 38.70
CA SER LA 362 -21.30 -104.11 39.16
C SER LA 362 -22.70 -103.67 39.60
N PRO LA 363 -22.83 -103.06 40.77
CA PRO LA 363 -24.14 -102.49 41.15
C PRO LA 363 -24.56 -101.32 40.28
N LEU LA 364 -23.63 -100.68 39.58
CA LEU LA 364 -23.94 -99.57 38.68
C LEU LA 364 -24.15 -100.12 37.28
N THR LA 365 -25.30 -99.80 36.68
CA THR LA 365 -25.68 -100.28 35.36
C THR LA 365 -25.96 -99.08 34.47
N ILE LA 366 -25.21 -98.98 33.37
CA ILE LA 366 -25.35 -97.91 32.40
C ILE LA 366 -25.90 -98.50 31.12
N THR LA 367 -27.00 -97.93 30.62
CA THR LA 367 -27.69 -98.44 29.44
C THR LA 367 -27.93 -97.30 28.46
N ALA LA 368 -27.58 -97.52 27.21
CA ALA LA 368 -27.85 -96.56 26.14
C ALA LA 368 -28.62 -97.27 25.03
N LYS LA 369 -29.32 -96.45 24.23
CA LYS LA 369 -30.15 -96.94 23.13
C LYS LA 369 -31.22 -97.91 23.60
N GLY LA 370 -31.69 -97.77 24.83
CA GLY LA 370 -32.76 -98.59 25.34
C GLY LA 370 -32.35 -99.96 25.83
N GLY LA 371 -31.48 -100.65 25.09
CA GLY LA 371 -31.15 -102.02 25.42
C GLY LA 371 -29.71 -102.43 25.22
N VAL LA 372 -28.80 -101.47 25.19
CA VAL LA 372 -27.37 -101.76 25.02
C VAL LA 372 -26.67 -101.43 26.34
N LYS LA 373 -26.01 -102.44 26.92
CA LYS LA 373 -25.25 -102.26 28.13
C LYS LA 373 -23.85 -101.76 27.80
N ILE LA 374 -23.31 -100.91 28.67
CA ILE LA 374 -22.01 -100.29 28.45
C ILE LA 374 -21.04 -100.79 29.52
N THR LA 375 -19.92 -101.33 29.08
CA THR LA 375 -18.87 -101.83 29.95
C THR LA 375 -17.57 -101.10 29.64
N VAL LA 376 -16.90 -100.61 30.68
CA VAL LA 376 -15.66 -99.87 30.55
C VAL LA 376 -14.62 -100.49 31.47
N SER LA 377 -13.41 -100.70 30.94
CA SER LA 377 -12.35 -101.30 31.75
C SER LA 377 -11.91 -100.33 32.85
N LYS LA 378 -11.26 -100.89 33.87
CA LYS LA 378 -10.85 -100.09 35.02
C LYS LA 378 -9.82 -99.04 34.63
N GLN LA 379 -8.91 -99.38 33.71
CA GLN LA 379 -7.85 -98.45 33.35
C GLN LA 379 -8.41 -97.18 32.70
N ASP LA 380 -9.47 -97.31 31.90
CA ASP LA 380 -10.05 -96.14 31.26
C ASP LA 380 -10.63 -95.18 32.28
N ILE LA 381 -11.31 -95.71 33.30
CA ILE LA 381 -11.86 -94.84 34.34
C ILE LA 381 -10.74 -94.19 35.15
N GLU LA 382 -9.65 -94.92 35.37
CA GLU LA 382 -8.51 -94.33 36.07
C GLU LA 382 -7.91 -93.18 35.27
N ASN LA 383 -7.83 -93.33 33.95
CA ASN LA 383 -7.28 -92.27 33.11
C ASN LA 383 -8.14 -91.01 33.17
N LYS LA 384 -9.46 -91.18 33.18
CA LYS LA 384 -10.37 -90.04 33.15
C LYS LA 384 -10.52 -89.36 34.50
N ILE LA 385 -9.98 -89.91 35.57
CA ILE LA 385 -10.04 -89.31 36.90
C ILE LA 385 -8.85 -88.37 37.05
N ILE LA 386 -9.13 -87.10 37.33
CA ILE LA 386 -8.11 -86.06 37.40
C ILE LA 386 -7.75 -85.81 38.86
N ALA LA 387 -6.46 -85.86 39.16
CA ALA LA 387 -5.98 -85.60 40.51
C ALA LA 387 -5.93 -84.11 40.78
N GLU LA 388 -6.45 -83.70 41.93
CA GLU LA 388 -6.45 -82.29 42.30
C GLU LA 388 -5.02 -81.81 42.51
N PRO LA 389 -4.64 -80.66 41.96
CA PRO LA 389 -3.28 -80.15 42.17
C PRO LA 389 -3.08 -79.74 43.62
N LEU LA 390 -1.81 -79.82 44.05
CA LEU LA 390 -1.45 -79.54 45.43
C LEU LA 390 -1.16 -78.06 45.59
N ILE LA 391 -1.92 -77.40 46.45
CA ILE LA 391 -1.72 -76.00 46.77
C ILE LA 391 -0.68 -75.90 47.88
N GLU LA 392 0.17 -74.87 47.80
CA GLU LA 392 1.20 -74.63 48.81
C GLU LA 392 1.38 -73.13 48.95
N THR LA 393 0.96 -72.58 50.09
CA THR LA 393 1.04 -71.15 50.34
C THR LA 393 2.33 -70.85 51.11
N GLN LA 394 3.17 -70.01 50.52
CA GLN LA 394 4.43 -69.58 51.10
C GLN LA 394 4.26 -68.26 51.84
N PRO LA 395 5.11 -67.97 52.81
CA PRO LA 395 5.03 -66.68 53.51
C PRO LA 395 5.22 -65.51 52.55
N GLU LA 396 4.45 -64.46 52.77
CA GLU LA 396 4.56 -63.25 51.96
C GLU LA 396 5.71 -62.39 52.46
N LEU LA 397 6.40 -61.73 51.53
CA LEU LA 397 7.55 -60.91 51.86
C LEU LA 397 7.54 -59.65 51.01
N LEU LA 398 8.06 -58.57 51.59
CA LEU LA 398 8.44 -57.38 50.83
C LEU LA 398 9.96 -57.49 50.63
N ASN LA 399 10.35 -57.92 49.44
CA ASN LA 399 11.75 -58.27 49.19
C ASN LA 399 12.66 -57.05 49.39
N TRP LA 400 13.94 -57.35 49.59
CA TRP LA 400 14.93 -56.30 49.78
C TRP LA 400 14.98 -55.40 48.56
N GLY LA 401 15.12 -54.10 48.80
CA GLY LA 401 15.31 -53.12 47.75
C GLY LA 401 16.76 -53.06 47.31
N LYS LA 402 17.19 -51.85 46.95
CA LYS LA 402 18.58 -51.61 46.59
C LYS LA 402 19.21 -50.73 47.67
N HIS LA 403 20.27 -51.24 48.29
CA HIS LA 403 20.98 -50.45 49.28
C HIS LA 403 21.65 -49.25 48.62
N ARG LA 404 21.50 -48.09 49.23
CA ARG LA 404 21.97 -46.82 48.67
C ARG LA 404 22.98 -46.20 49.61
N LYS LA 405 24.10 -45.72 49.05
CA LYS LA 405 25.20 -45.19 49.85
C LYS LA 405 24.83 -43.81 50.38
N VAL LA 406 23.83 -43.79 51.25
CA VAL LA 406 23.40 -42.55 51.88
C VAL LA 406 24.43 -42.08 52.91
N LEU LA 407 25.06 -43.03 53.61
CA LEU LA 407 25.96 -42.68 54.69
C LEU LA 407 27.17 -41.88 54.21
N ASP LA 408 27.60 -42.12 52.96
CA ASP LA 408 28.80 -41.46 52.45
C ASP LA 408 28.65 -39.94 52.51
N TYR LA 409 29.67 -39.28 53.06
CA TYR LA 409 29.67 -37.83 53.22
C TYR LA 409 30.87 -37.23 52.51
N TYR LA 410 30.64 -36.11 51.84
CA TYR LA 410 31.69 -35.37 51.14
C TYR LA 410 31.79 -33.99 51.77
N PRO LA 411 32.94 -33.62 52.34
CA PRO LA 411 33.04 -32.34 53.05
C PRO LA 411 32.71 -31.16 52.15
N VAL LA 412 32.04 -30.17 52.73
CA VAL LA 412 31.56 -29.04 51.94
C VAL LA 412 32.65 -28.00 51.72
N SER LA 413 33.73 -28.03 52.50
CA SER LA 413 34.82 -27.10 52.28
C SER LA 413 35.62 -27.42 51.02
N ASN LA 414 35.40 -28.59 50.42
CA ASN LA 414 36.06 -28.95 49.17
C ASN LA 414 35.43 -28.29 47.96
N LYS LA 415 34.26 -27.69 48.10
CA LYS LA 415 33.59 -27.00 47.01
C LYS LA 415 33.97 -25.53 46.89
N LEU LA 416 34.72 -25.00 47.85
CA LEU LA 416 35.14 -23.62 47.79
C LEU LA 416 36.24 -23.44 46.75
N PRO LA 417 36.34 -22.24 46.15
CA PRO LA 417 37.40 -22.00 45.18
C PRO LA 417 38.78 -22.06 45.81
N ALA LA 418 39.78 -22.28 44.96
CA ALA LA 418 41.14 -22.48 45.45
C ALA LA 418 41.72 -21.24 46.15
N CYS LA 419 41.18 -20.06 45.87
CA CYS LA 419 41.72 -18.84 46.47
C CYS LA 419 41.46 -18.75 47.96
N TYR LA 420 40.61 -19.60 48.52
CA TYR LA 420 40.34 -19.58 49.95
C TYR LA 420 41.33 -20.38 50.78
N GLY LA 421 42.23 -21.12 50.13
CA GLY LA 421 43.29 -21.80 50.84
C GLY LA 421 42.88 -23.04 51.62
N LEU LA 422 41.72 -23.63 51.30
CA LEU LA 422 41.28 -24.84 51.98
C LEU LA 422 41.63 -26.12 51.21
N GLN LA 423 42.33 -26.00 50.09
CA GLN LA 423 42.70 -27.18 49.31
C GLN LA 423 44.09 -27.69 49.66
N THR LA 424 45.03 -26.78 49.88
CA THR LA 424 46.37 -27.17 50.30
C THR LA 424 46.42 -27.36 51.81
N TYR LA 425 47.45 -28.06 52.27
CA TYR LA 425 47.60 -28.31 53.70
C TYR LA 425 47.78 -27.00 54.45
N ALA LA 426 47.06 -26.85 55.56
CA ALA LA 426 47.06 -25.59 56.29
C ALA LA 426 48.38 -25.38 57.00
N GLU LA 427 49.00 -24.23 56.76
CA GLU LA 427 50.24 -23.86 57.43
C GLU LA 427 50.18 -22.52 58.16
N THR LA 428 49.23 -21.66 57.84
CA THR LA 428 49.09 -20.35 58.48
C THR LA 428 47.90 -20.35 59.42
N GLN LA 429 47.87 -19.36 60.31
CA GLN LA 429 46.78 -19.24 61.26
C GLN LA 429 45.46 -18.97 60.56
N GLN LA 430 45.48 -18.18 59.48
CA GLN LA 430 44.24 -17.85 58.78
C GLN LA 430 43.58 -19.08 58.20
N GLN LA 431 44.35 -19.97 57.58
CA GLN LA 431 43.79 -21.19 57.01
C GLN LA 431 43.22 -22.09 58.09
N VAL LA 432 43.93 -22.24 59.21
CA VAL LA 432 43.46 -23.09 60.30
C VAL LA 432 42.17 -22.54 60.88
N HIS LA 433 42.11 -21.22 61.07
CA HIS LA 433 40.90 -20.61 61.63
C HIS LA 433 39.69 -20.83 60.73
N LEU LA 434 39.88 -20.74 59.42
CA LEU LA 434 38.78 -20.97 58.49
C LEU LA 434 38.32 -22.43 58.55
N HIS LA 435 39.27 -23.37 58.64
CA HIS LA 435 38.90 -24.77 58.73
C HIS LA 435 38.12 -25.07 60.00
N GLN LA 436 38.49 -24.42 61.11
CA GLN LA 436 37.78 -24.67 62.36
C GLN LA 436 36.40 -24.03 62.34
N PHE LA 437 36.24 -22.91 61.63
CA PHE LA 437 34.93 -22.29 61.53
C PHE LA 437 33.94 -23.18 60.78
N MET LA 438 34.40 -23.82 59.71
CA MET LA 438 33.51 -24.66 58.91
C MET LA 438 33.19 -26.00 59.59
N LEU LA 439 34.03 -26.44 60.52
CA LEU LA 439 33.90 -27.79 61.06
C LEU LA 439 32.54 -28.07 61.71
N PRO LA 440 31.99 -27.23 62.58
CA PRO LA 440 30.68 -27.56 63.17
C PRO LA 440 29.58 -27.72 62.14
N PHE LA 441 29.64 -26.96 61.03
CA PHE LA 441 28.64 -27.11 59.99
C PHE LA 441 28.84 -28.39 59.20
N GLU LA 442 30.09 -28.81 58.99
CA GLU LA 442 30.34 -30.11 58.39
C GLU LA 442 29.83 -31.24 59.28
N GLN LA 443 30.00 -31.08 60.60
CA GLN LA 443 29.55 -32.12 61.52
C GLN LA 443 28.03 -32.29 61.48
N MET LA 444 27.29 -31.17 61.48
CA MET LA 444 25.83 -31.28 61.50
C MET LA 444 25.29 -31.76 60.17
N LEU LA 445 26.01 -31.52 59.08
CA LEU LA 445 25.63 -32.12 57.81
C LEU LA 445 25.97 -33.61 57.78
N ALA LA 446 27.13 -33.98 58.33
CA ALA LA 446 27.51 -35.39 58.38
C ALA LA 446 26.57 -36.18 59.28
N ASN LA 447 26.16 -35.58 60.41
CA ASN LA 447 25.23 -36.27 61.30
C ASN LA 447 23.88 -36.50 60.62
N GLY LA 448 23.40 -35.53 59.86
CA GLY LA 448 22.17 -35.73 59.11
C GLY LA 448 22.28 -36.88 58.12
N CYS LA 449 23.43 -36.98 57.44
CA CYS LA 449 23.65 -38.13 56.56
C CYS LA 449 23.70 -39.43 57.35
N ALA LA 450 24.37 -39.42 58.51
CA ALA LA 450 24.46 -40.62 59.32
C ALA LA 450 23.10 -40.99 59.91
N GLU LA 451 22.28 -40.00 60.23
CA GLU LA 451 20.95 -40.27 60.78
C GLU LA 451 20.08 -41.02 59.79
N LEU LA 452 20.13 -40.63 58.51
CA LEU LA 452 19.31 -41.30 57.50
C LEU LA 452 19.79 -42.72 57.26
N ALA LA 453 21.11 -42.95 57.33
CA ALA LA 453 21.64 -44.30 57.16
C ALA LA 453 21.27 -45.21 58.33
N LEU LA 454 20.95 -44.63 59.49
CA LEU LA 454 20.56 -45.42 60.65
C LEU LA 454 19.09 -45.78 60.64
N LEU LA 455 18.33 -45.32 59.65
CA LEU LA 455 16.88 -45.53 59.59
C LEU LA 455 16.46 -46.99 59.66
N PRO LA 456 17.06 -47.94 58.93
CA PRO LA 456 16.61 -49.34 59.06
C PRO LA 456 16.80 -49.90 60.46
N LYS LA 457 17.74 -49.36 61.24
CA LYS LA 457 17.94 -49.84 62.59
C LYS LA 457 17.09 -49.07 63.60
N LEU LA 458 16.73 -47.84 63.29
CA LEU LA 458 15.89 -47.06 64.19
C LEU LA 458 14.48 -47.62 64.25
N LEU LA 459 13.94 -48.06 63.12
CA LEU LA 459 12.59 -48.59 63.04
C LEU LA 459 12.55 -50.12 62.99
N ALA LA 460 13.65 -50.78 63.33
CA ALA LA 460 13.70 -52.23 63.25
C ALA LA 460 12.80 -52.86 64.30
N PHE LA 461 12.09 -53.91 63.89
CA PHE LA 461 11.25 -54.66 64.82
C PHE LA 461 12.04 -55.58 65.73
N LYS LA 462 13.25 -55.94 65.33
CA LYS LA 462 14.06 -56.89 66.09
C LYS LA 462 15.53 -56.57 65.90
N GLN LA 463 16.35 -57.11 66.80
CA GLN LA 463 17.81 -56.93 66.77
C GLN LA 463 18.19 -55.45 66.78
N ARG LA 464 17.55 -54.71 67.69
CA ARG LA 464 17.80 -53.27 67.79
C ARG LA 464 19.20 -53.00 68.31
N GLY LA 465 19.70 -51.80 68.03
CA GLY LA 465 21.05 -51.41 68.37
C GLY LA 465 21.12 -50.58 69.63
N ASN LA 466 22.31 -50.02 69.87
CA ASN LA 466 22.61 -49.23 71.05
C ASN LA 466 22.51 -47.73 70.81
N THR LA 467 22.26 -47.32 69.57
CA THR LA 467 22.31 -45.91 69.20
C THR LA 467 20.92 -45.41 68.82
N VAL LA 468 20.63 -44.17 69.16
CA VAL LA 468 19.36 -43.54 68.81
C VAL LA 468 19.51 -42.35 67.87
N TYR LA 469 20.71 -41.81 67.69
CA TYR LA 469 20.96 -40.73 66.74
C TYR LA 469 22.19 -41.06 65.92
N GLY LA 470 22.18 -40.64 64.65
CA GLY LA 470 23.28 -40.93 63.75
C GLY LA 470 24.38 -39.89 63.85
N THR LA 471 25.61 -40.37 63.99
CA THR LA 471 26.79 -39.52 64.05
C THR LA 471 27.94 -40.20 63.33
N GLN LA 472 28.89 -39.38 62.86
CA GLN LA 472 30.08 -39.88 62.20
C GLN LA 472 31.10 -38.75 62.11
N TRP LA 473 32.36 -39.13 61.90
CA TRP LA 473 33.40 -38.14 61.68
C TRP LA 473 33.38 -37.68 60.23
N PRO LA 474 33.27 -36.38 59.96
CA PRO LA 474 33.07 -35.93 58.57
C PRO LA 474 34.21 -36.25 57.63
N PHE LA 475 35.44 -36.38 58.12
CA PHE LA 475 36.61 -36.44 57.27
C PHE LA 475 37.18 -37.86 57.21
N LYS LA 476 37.81 -38.18 56.08
CA LYS LA 476 38.44 -39.47 55.87
C LYS LA 476 39.93 -39.36 56.20
N ALA LA 477 40.69 -40.41 55.91
CA ALA LA 477 42.11 -40.46 56.21
C ALA LA 477 42.93 -39.87 55.06
N ASN LA 478 44.11 -39.35 55.41
CA ASN LA 478 45.03 -38.76 54.45
C ASN LA 478 44.37 -37.64 53.65
N THR LA 479 43.58 -36.81 54.32
CA THR LA 479 42.95 -35.65 53.71
C THR LA 479 43.46 -34.39 54.38
N VAL LA 480 43.21 -33.26 53.72
CA VAL LA 480 43.62 -31.97 54.28
C VAL LA 480 42.80 -31.65 55.53
N GLY LA 481 41.52 -32.03 55.53
CA GLY LA 481 40.69 -31.78 56.70
C GLY LA 481 41.09 -32.60 57.91
N GLN LA 482 41.49 -33.85 57.69
CA GLN LA 482 41.87 -34.71 58.80
C GLN LA 482 43.13 -34.20 59.50
N GLN LA 483 44.10 -33.72 58.72
CA GLN LA 483 45.36 -33.27 59.30
C GLN LA 483 45.15 -32.05 60.19
N VAL LA 484 44.26 -31.14 59.79
CA VAL LA 484 44.02 -29.93 60.58
C VAL LA 484 43.42 -30.28 61.93
N HIS LA 485 42.44 -31.19 61.96
CA HIS LA 485 41.74 -31.57 63.18
C HIS LA 485 42.32 -32.83 63.80
N GLN LA 486 43.62 -33.07 63.62
CA GLN LA 486 44.22 -34.32 64.10
C GLN LA 486 44.20 -34.39 65.63
N GLU LA 487 44.52 -33.28 66.30
CA GLU LA 487 44.68 -33.29 67.76
C GLU LA 487 43.34 -33.28 68.50
N ILE LA 488 42.26 -32.84 67.86
CA ILE LA 488 40.97 -32.74 68.54
C ILE LA 488 40.00 -33.85 68.13
N MET LA 489 40.40 -34.74 67.22
CA MET LA 489 39.51 -35.82 66.80
C MET LA 489 39.10 -36.74 67.95
N PRO LA 490 40.00 -37.22 68.80
CA PRO LA 490 39.56 -38.11 69.89
C PRO LA 490 38.54 -37.48 70.82
N ASP LA 491 38.67 -36.20 71.12
CA ASP LA 491 37.74 -35.56 72.04
C ASP LA 491 36.37 -35.35 71.40
N LEU LA 492 36.34 -34.88 70.15
CA LEU LA 492 35.07 -34.67 69.47
C LEU LA 492 34.35 -35.98 69.21
N ILE LA 493 35.09 -37.02 68.82
CA ILE LA 493 34.47 -38.32 68.58
C ILE LA 493 33.90 -38.88 69.87
N LYS LA 494 34.60 -38.69 70.99
CA LYS LA 494 34.09 -39.11 72.29
C LYS LA 494 32.78 -38.41 72.61
N GLN LA 495 32.69 -37.11 72.31
CA GLN LA 495 31.43 -36.39 72.51
C GLN LA 495 30.34 -36.93 71.60
N LEU LA 496 30.69 -37.23 70.35
CA LEU LA 496 29.69 -37.75 69.41
C LEU LA 496 29.11 -39.07 69.90
N ASN LA 497 29.97 -39.97 70.40
CA ASN LA 497 29.49 -41.24 70.93
C ASN LA 497 28.63 -41.02 72.16
N ASN LA 498 29.03 -40.07 73.03
CA ASN LA 498 28.28 -39.82 74.25
C ASN LA 498 26.88 -39.32 73.95
N ASP LA 499 26.73 -38.50 72.90
CA ASP LA 499 25.45 -37.88 72.59
C ASP LA 499 24.54 -38.79 71.78
N SER LA 500 24.98 -39.99 71.42
CA SER LA 500 24.20 -40.88 70.56
C SER LA 500 23.90 -42.23 71.19
N GLN LA 501 24.85 -42.82 71.91
CA GLN LA 501 24.67 -44.16 72.45
C GLN LA 501 23.73 -44.16 73.64
N ILE LA 502 22.91 -45.20 73.73
CA ILE LA 502 22.05 -45.38 74.90
C ILE LA 502 22.88 -45.72 76.12
N ASN LA 503 23.81 -46.65 75.97
CA ASN LA 503 24.69 -47.08 77.05
C ASN LA 503 26.13 -46.89 76.61
N SER LA 504 26.94 -46.29 77.47
CA SER LA 504 28.33 -45.99 77.16
C SER LA 504 29.18 -46.35 78.38
N ASP LA 505 30.45 -45.93 78.34
CA ASP LA 505 31.34 -46.18 79.47
C ASP LA 505 30.85 -45.47 80.72
N ASP LA 506 30.35 -44.24 80.56
CA ASP LA 506 29.83 -43.51 81.72
C ASP LA 506 28.60 -44.19 82.31
N GLY LA 507 27.84 -44.93 81.49
CA GLY LA 507 26.68 -45.66 81.95
C GLY LA 507 25.45 -45.32 81.12
N ILE LA 508 24.32 -45.16 81.81
CA ILE LA 508 23.04 -44.93 81.15
C ILE LA 508 22.88 -43.46 80.83
N HIS LA 509 22.54 -43.16 79.58
CA HIS LA 509 22.17 -41.80 79.18
C HIS LA 509 20.67 -41.64 79.37
N SER LA 510 20.27 -40.73 80.26
CA SER LA 510 18.87 -40.62 80.64
C SER LA 510 17.99 -40.20 79.47
N GLN LA 511 18.40 -39.16 78.75
CA GLN LA 511 17.59 -38.69 77.62
C GLN LA 511 17.55 -39.73 76.51
N ASN LA 512 18.68 -40.38 76.23
CA ASN LA 512 18.70 -41.43 75.22
C ASN LA 512 17.86 -42.62 75.66
N TYR LA 513 17.85 -42.93 76.96
CA TYR LA 513 17.00 -43.99 77.48
C TYR LA 513 15.53 -43.68 77.24
N THR LA 514 15.14 -42.42 77.49
CA THR LA 514 13.75 -42.04 77.30
C THR LA 514 13.33 -42.13 75.84
N LYS LA 515 14.22 -41.72 74.92
CA LYS LA 515 13.91 -41.78 73.50
C LYS LA 515 13.70 -43.22 73.04
N GLU LA 516 14.54 -44.14 73.51
CA GLU LA 516 14.41 -45.54 73.11
C GLU LA 516 13.07 -46.12 73.59
N LEU LA 517 12.64 -45.72 74.79
CA LEU LA 517 11.33 -46.17 75.27
C LEU LA 517 10.20 -45.65 74.39
N SER LA 518 10.30 -44.40 73.94
CA SER LA 518 9.26 -43.84 73.09
C SER LA 518 9.21 -44.54 71.74
N ILE LA 519 10.37 -44.86 71.18
CA ILE LA 519 10.40 -45.58 69.90
C ILE LA 519 9.80 -46.96 70.06
N LEU LA 520 10.16 -47.66 71.14
CA LEU LA 520 9.58 -48.98 71.39
C LEU LA 520 8.08 -48.89 71.61
N ASN LA 521 7.62 -47.88 72.34
CA ASN LA 521 6.19 -47.71 72.58
C ASN LA 521 5.45 -47.42 71.28
N TYR LA 522 6.04 -46.59 70.41
CA TYR LA 522 5.41 -46.30 69.13
C TYR LA 522 5.34 -47.55 68.26
N LEU LA 523 6.40 -48.35 68.24
CA LEU LA 523 6.40 -49.58 67.45
C LEU LA 523 5.46 -50.62 68.05
N LEU LA 524 5.34 -50.66 69.38
CA LEU LA 524 4.44 -51.61 70.02
C LEU LA 524 2.99 -51.30 69.71
N GLU LA 525 2.66 -50.03 69.46
CA GLU LA 525 1.28 -49.66 69.14
C GLU LA 525 0.83 -50.21 67.79
N TYR LA 526 1.75 -50.72 66.97
CA TYR LA 526 1.35 -51.38 65.74
C TYR LA 526 0.47 -52.60 66.02
N PHE LA 527 0.78 -53.33 67.11
CA PHE LA 527 0.13 -54.60 67.40
C PHE LA 527 -0.84 -54.51 68.57
N GLY LA 528 -1.38 -53.32 68.85
CA GLY LA 528 -2.42 -53.17 69.84
C GLY LA 528 -1.97 -53.23 71.27
N THR LA 529 -0.68 -53.17 71.55
CA THR LA 529 -0.17 -53.18 72.91
C THR LA 529 0.57 -51.87 73.17
N HIS LA 530 1.20 -51.77 74.34
CA HIS LA 530 1.90 -50.55 74.70
C HIS LA 530 3.04 -50.89 75.66
N ARG LA 531 3.94 -49.92 75.84
CA ARG LA 531 5.09 -50.09 76.71
C ARG LA 531 4.66 -50.21 78.16
N ALA LA 532 5.47 -50.93 78.93
CA ALA LA 532 5.25 -51.03 80.37
C ALA LA 532 5.72 -49.75 81.07
N ALA LA 533 5.25 -49.57 82.30
CA ALA LA 533 5.66 -48.42 83.09
C ALA LA 533 7.14 -48.51 83.44
N ARG LA 534 7.76 -47.34 83.61
CA ARG LA 534 9.19 -47.31 83.91
C ARG LA 534 9.45 -47.99 85.26
N PRO LA 535 10.53 -48.75 85.38
CA PRO LA 535 10.81 -49.43 86.65
C PRO LA 535 11.15 -48.41 87.74
N LEU LA 536 10.73 -48.74 88.96
CA LEU LA 536 11.00 -47.89 90.12
C LEU LA 536 12.06 -48.45 91.04
N THR LA 537 12.17 -49.78 91.13
CA THR LA 537 13.16 -50.44 91.98
C THR LA 537 13.88 -51.56 91.25
N LEU LA 538 13.88 -51.54 89.92
CA LEU LA 538 14.47 -52.61 89.12
C LEU LA 538 15.69 -52.08 88.37
N ASP LA 539 16.28 -52.95 87.55
CA ASP LA 539 17.48 -52.62 86.79
C ASP LA 539 17.10 -52.05 85.43
N SER LA 540 17.71 -50.91 85.07
CA SER LA 540 17.37 -50.24 83.83
C SER LA 540 17.71 -51.10 82.61
N LEU LA 541 18.89 -51.73 82.60
CA LEU LA 541 19.27 -52.57 81.48
C LEU LA 541 18.36 -53.78 81.36
N ASP LA 542 18.02 -54.40 82.50
CA ASP LA 542 17.10 -55.53 82.47
C ASP LA 542 15.73 -55.12 81.97
N PHE LA 543 15.27 -53.92 82.34
CA PHE LA 543 13.97 -53.45 81.88
C PHE LA 543 13.94 -53.29 80.37
N LEU LA 544 15.02 -52.75 79.79
CA LEU LA 544 15.06 -52.57 78.34
C LEU LA 544 15.03 -53.91 77.61
N SER LA 545 15.68 -54.92 78.18
CA SER LA 545 15.69 -56.24 77.54
C SER LA 545 14.29 -56.83 77.49
N THR LA 546 13.48 -56.61 78.52
CA THR LA 546 12.10 -57.08 78.50
C THR LA 546 11.31 -56.43 77.37
N GLN LA 547 11.47 -55.12 77.20
CA GLN LA 547 10.68 -54.41 76.21
C GLN LA 547 11.12 -54.78 74.79
N ARG LA 548 12.43 -54.82 74.54
CA ARG LA 548 12.92 -55.17 73.21
C ARG LA 548 12.52 -56.59 72.83
N GLY LA 549 12.65 -57.53 73.77
CA GLY LA 549 12.22 -58.89 73.49
C GLY LA 549 10.72 -59.00 73.30
N TYR LA 550 9.95 -58.17 74.02
CA TYR LA 550 8.50 -58.16 73.85
C TYR LA 550 8.11 -57.75 72.44
N LEU LA 551 8.76 -56.71 71.92
CA LEU LA 551 8.44 -56.26 70.56
C LEU LA 551 8.93 -57.24 69.51
N ALA LA 552 10.13 -57.81 69.71
CA ALA LA 552 10.72 -58.65 68.69
C ALA LA 552 9.98 -59.97 68.52
N GLN LA 553 9.35 -60.48 69.59
CA GLN LA 553 8.68 -61.76 69.56
C GLN LA 553 7.16 -61.62 69.50
N GLN LA 554 6.66 -60.47 69.04
CA GLN LA 554 5.23 -60.28 68.90
C GLN LA 554 4.55 -61.33 68.04
N PRO LA 555 5.09 -61.73 66.88
CA PRO LA 555 4.41 -62.78 66.10
C PRO LA 555 4.24 -64.08 66.86
N GLU LA 556 5.30 -64.61 67.45
CA GLU LA 556 5.22 -65.88 68.16
C GLU LA 556 4.37 -65.77 69.41
N LEU LA 557 4.44 -64.64 70.11
CA LEU LA 557 3.73 -64.49 71.38
C LEU LA 557 2.22 -64.59 71.20
N THR LA 558 1.68 -63.92 70.17
CA THR LA 558 0.23 -63.89 70.01
C THR LA 558 -0.30 -65.09 69.24
N TYR LA 559 0.49 -65.62 68.30
CA TYR LA 559 0.07 -66.82 67.59
C TYR LA 559 -0.03 -68.00 68.55
N GLN LA 560 0.90 -68.11 69.48
CA GLN LA 560 0.92 -69.17 70.49
C GLN LA 560 0.45 -68.66 71.84
N ARG LA 561 -0.58 -67.82 71.85
CA ARG LA 561 -1.04 -67.16 73.07
C ARG LA 561 -1.40 -68.16 74.16
N ASN LA 562 -1.86 -69.36 73.79
CA ASN LA 562 -2.33 -70.34 74.75
C ASN LA 562 -1.60 -71.67 74.64
N ASN LA 563 -0.47 -71.70 73.94
CA ASN LA 563 0.28 -72.92 73.73
C ASN LA 563 1.35 -73.09 74.81
N ILE LA 564 1.54 -74.33 75.24
CA ILE LA 564 2.57 -74.67 76.23
C ILE LA 564 3.24 -75.96 75.80
N ARG LA 565 4.57 -75.98 75.83
CA ARG LA 565 5.35 -77.16 75.49
C ARG LA 565 6.40 -77.41 76.58
N ILE LA 566 6.86 -78.65 76.64
CA ILE LA 566 7.84 -79.05 77.65
C ILE LA 566 9.18 -78.42 77.32
N ASP LA 567 9.89 -77.98 78.37
CA ASP LA 567 11.24 -77.43 78.25
C ASP LA 567 11.29 -76.19 77.36
N LYS LA 568 10.21 -75.41 77.36
CA LYS LA 568 10.17 -74.16 76.61
C LYS LA 568 9.39 -73.14 77.43
N VAL LA 569 9.91 -71.91 77.47
CA VAL LA 569 9.24 -70.84 78.21
C VAL LA 569 7.93 -70.51 77.51
N SER LA 570 6.83 -70.61 78.24
CA SER LA 570 5.51 -70.39 77.67
C SER LA 570 5.31 -68.92 77.33
N ALA LA 571 4.42 -68.69 76.35
CA ALA LA 571 4.11 -67.32 75.97
C ALA LA 571 3.40 -66.57 77.08
N LEU LA 572 2.67 -67.27 77.94
CA LEU LA 572 2.02 -66.62 79.07
C LEU LA 572 3.04 -66.04 80.04
N GLN LA 573 4.12 -66.78 80.30
CA GLN LA 573 5.16 -66.26 81.18
C GLN LA 573 5.85 -65.05 80.57
N LYS LA 574 6.11 -65.08 79.27
CA LYS LA 574 6.77 -63.95 78.61
C LYS LA 574 5.92 -62.70 78.66
N ARG LA 575 4.60 -62.85 78.47
CA ARG LA 575 3.71 -61.69 78.52
C ARG LA 575 3.67 -61.09 79.92
N ILE LA 576 3.66 -61.93 80.94
CA ILE LA 576 3.65 -61.43 82.33
C ILE LA 576 4.93 -60.66 82.62
N ALA LA 577 6.08 -61.21 82.19
CA ALA LA 577 7.35 -60.54 82.42
C ALA LA 577 7.41 -59.21 81.69
N ALA LA 578 6.94 -59.17 80.44
CA ALA LA 578 6.98 -57.94 79.67
C ALA LA 578 6.10 -56.86 80.27
N ARG LA 579 4.91 -57.23 80.76
CA ARG LA 579 4.01 -56.25 81.33
C ARG LA 579 4.60 -55.61 82.58
N LEU LA 580 5.24 -56.41 83.43
CA LEU LA 580 5.85 -55.89 84.64
C LEU LA 580 7.27 -55.39 84.42
N GLY LA 581 7.85 -55.64 83.26
CA GLY LA 581 9.20 -55.17 82.98
C GLY LA 581 10.26 -55.80 83.87
N LEU LA 582 10.18 -57.12 84.07
CA LEU LA 582 11.07 -57.81 84.98
C LEU LA 582 11.52 -59.11 84.34
N GLY LA 583 12.81 -59.41 84.45
CA GLY LA 583 13.33 -60.66 83.96
C GLY LA 583 13.45 -60.76 82.45
N GLY LA 584 14.35 -59.97 81.86
CA GLY LA 584 14.57 -60.03 80.43
C GLY LA 584 15.32 -61.25 79.95
N LYS LA 585 15.83 -62.08 80.87
CA LYS LA 585 16.56 -63.28 80.48
C LYS LA 585 15.66 -64.34 79.88
N CYS LA 586 14.34 -64.26 80.10
CA CYS LA 586 13.42 -65.27 79.60
C CYS LA 586 13.01 -65.02 78.15
N PHE LA 587 13.46 -63.93 77.54
CA PHE LA 587 13.09 -63.60 76.17
C PHE LA 587 14.07 -64.12 75.14
N GLU LA 588 15.09 -64.88 75.57
CA GLU LA 588 16.03 -65.50 74.66
C GLU LA 588 15.91 -67.01 74.78
N GLU LA 589 16.03 -67.71 73.65
CA GLU LA 589 15.90 -69.15 73.63
C GLU LA 589 17.08 -69.81 74.36
N THR LA 590 16.84 -71.05 74.81
CA THR LA 590 17.82 -71.83 75.56
C THR LA 590 18.30 -71.09 76.81
N SER LA 591 17.38 -70.40 77.48
CA SER LA 591 17.69 -69.70 78.72
C SER LA 591 17.48 -70.63 79.91
N LYS LA 592 18.21 -71.74 79.86
CA LYS LA 592 18.11 -72.78 80.88
C LYS LA 592 19.07 -72.55 82.05
N LEU LA 593 19.96 -71.56 81.96
CA LEU LA 593 20.93 -71.30 83.02
C LEU LA 593 20.87 -69.87 83.53
N ASP LA 594 19.85 -69.10 83.17
CA ASP LA 594 19.84 -67.68 83.47
C ASP LA 594 19.15 -67.33 84.78
N GLU LA 595 18.55 -68.30 85.47
CA GLU LA 595 17.91 -68.08 86.78
C GLU LA 595 16.84 -66.98 86.70
N LEU LA 596 15.78 -67.32 85.97
CA LEU LA 596 14.68 -66.38 85.77
C LEU LA 596 14.08 -65.98 87.12
N PRO LA 597 13.65 -64.72 87.28
CA PRO LA 597 13.12 -64.29 88.58
C PRO LA 597 11.85 -65.01 89.00
N PHE LA 598 11.12 -65.62 88.07
CA PHE LA 598 9.92 -66.36 88.41
C PHE LA 598 9.70 -67.46 87.39
N TYR LA 599 8.91 -68.46 87.79
CA TYR LA 599 8.65 -69.62 86.95
C TYR LA 599 7.17 -69.94 86.97
N LEU LA 600 6.69 -70.57 85.90
CA LEU LA 600 5.29 -70.94 85.74
C LEU LA 600 5.19 -72.46 85.68
N ILE LA 601 4.25 -73.02 86.44
CA ILE LA 601 4.07 -74.46 86.52
C ILE LA 601 2.60 -74.77 86.22
N GLU LA 602 2.37 -75.67 85.28
CA GLU LA 602 1.02 -76.14 84.97
C GLU LA 602 0.69 -77.30 85.91
N HIS LA 603 -0.40 -77.15 86.67
CA HIS LA 603 -0.72 -78.13 87.70
C HIS LA 603 -1.05 -79.49 87.11
N ARG LA 604 -1.75 -79.52 85.97
CA ARG LA 604 -2.18 -80.78 85.38
C ARG LA 604 -0.99 -81.65 84.98
N GLN LA 605 0.18 -81.07 84.72
CA GLN LA 605 1.34 -81.84 84.34
C GLN LA 605 1.81 -82.79 85.44
N LEU LA 606 1.35 -82.58 86.68
CA LEU LA 606 1.74 -83.41 87.81
C LEU LA 606 0.70 -84.49 88.11
N LEU LA 607 0.03 -85.00 87.10
CA LEU LA 607 -0.99 -86.03 87.27
C LEU LA 607 -0.72 -87.21 86.35
N PRO LA 608 -1.12 -88.40 86.75
CA PRO LA 608 -0.94 -89.58 85.90
C PRO LA 608 -2.16 -89.81 85.00
N VAL LA 609 -1.91 -90.56 83.93
CA VAL LA 609 -2.97 -90.92 83.00
C VAL LA 609 -3.86 -91.99 83.64
N LYS LA 610 -5.17 -91.83 83.48
CA LYS LA 610 -6.10 -92.81 84.03
C LYS LA 610 -5.89 -94.16 83.34
N PRO LA 611 -5.61 -95.22 84.09
CA PRO LA 611 -5.26 -96.50 83.48
C PRO LA 611 -6.49 -97.38 83.25
N ASP LA 612 -6.25 -98.50 82.56
CA ASP LA 612 -7.29 -99.48 82.33
C ASP LA 612 -7.61 -100.24 83.62
N THR LA 613 -8.89 -100.58 83.79
CA THR LA 613 -9.32 -101.27 84.99
C THR LA 613 -8.93 -102.75 85.02
N LYS LA 614 -8.49 -103.29 83.88
CA LYS LA 614 -8.07 -104.70 83.86
C LYS LA 614 -6.80 -104.92 84.67
N PHE LA 615 -5.91 -103.93 84.72
CA PHE LA 615 -4.59 -104.10 85.29
C PHE LA 615 -4.52 -103.69 86.77
N ASP LA 616 -5.67 -103.46 87.41
CA ASP LA 616 -5.67 -103.15 88.83
C ASP LA 616 -5.10 -104.29 89.65
N LYS LA 617 -5.49 -105.52 89.33
CA LYS LA 617 -4.93 -106.69 90.00
C LYS LA 617 -3.51 -106.97 89.51
N GLU LA 618 -2.75 -107.65 90.36
CA GLU LA 618 -1.35 -107.91 90.06
C GLU LA 618 -1.20 -108.94 88.95
N GLN LA 619 -0.11 -108.83 88.19
CA GLN LA 619 0.20 -109.74 87.10
C GLN LA 619 1.68 -110.10 87.15
N LYS LA 620 2.03 -111.15 86.42
CA LYS LA 620 3.40 -111.63 86.35
C LYS LA 620 3.96 -111.40 84.94
N PRO LA 621 5.05 -110.66 84.80
CA PRO LA 621 5.63 -110.45 83.46
C PRO LA 621 6.10 -111.76 82.84
N ASP LA 622 6.00 -111.84 81.52
CA ASP LA 622 6.41 -113.01 80.77
C ASP LA 622 7.85 -112.93 80.26
N LYS LA 623 8.50 -111.78 80.42
CA LYS LA 623 9.89 -111.59 80.01
C LYS LA 623 10.38 -110.27 80.58
N LEU LA 624 11.63 -110.27 81.04
CA LEU LA 624 12.22 -109.10 81.68
C LEU LA 624 13.70 -109.06 81.37
N LYS LA 625 14.20 -107.85 81.11
CA LYS LA 625 15.62 -107.64 80.84
C LYS LA 625 16.00 -106.23 81.23
N ILE LA 626 17.30 -106.02 81.43
CA ILE LA 626 17.83 -104.72 81.83
C ILE LA 626 18.88 -104.30 80.81
N LYS LA 627 18.77 -103.07 80.32
CA LYS LA 627 19.71 -102.53 79.34
C LYS LA 627 20.24 -101.20 79.83
N SER LA 628 21.51 -100.93 79.52
CA SER LA 628 22.17 -99.69 79.89
C SER LA 628 22.20 -98.76 78.67
N VAL LA 629 21.69 -97.54 78.84
CA VAL LA 629 21.69 -96.57 77.74
C VAL LA 629 23.12 -96.18 77.42
N PRO LA 630 23.50 -96.13 76.14
CA PRO LA 630 24.88 -95.76 75.79
C PRO LA 630 25.20 -94.34 76.20
N ASN LA 631 26.48 -94.12 76.54
CA ASN LA 631 27.00 -92.80 76.93
C ASN LA 631 26.20 -92.20 78.09
N SER LA 632 25.82 -93.05 79.04
CA SER LA 632 25.09 -92.59 80.21
C SER LA 632 25.19 -93.65 81.30
N LYS LA 633 25.05 -93.19 82.55
CA LYS LA 633 25.06 -94.09 83.70
C LYS LA 633 23.69 -94.68 84.00
N ASN LA 634 22.64 -94.22 83.33
CA ASN LA 634 21.29 -94.69 83.58
C ASN LA 634 21.08 -96.07 82.95
N GLN LA 635 19.98 -96.70 83.32
CA GLN LA 635 19.59 -97.99 82.77
C GLN LA 635 18.08 -98.00 82.55
N GLN LA 636 17.64 -98.73 81.52
CA GLN LA 636 16.23 -98.86 81.20
C GLN LA 636 15.80 -100.29 81.44
N LEU LA 637 14.73 -100.45 82.22
CA LEU LA 637 14.18 -101.77 82.55
C LEU LA 637 13.03 -102.07 81.60
N ILE LA 638 13.15 -103.16 80.85
CA ILE LA 638 12.17 -103.53 79.84
C ILE LA 638 11.34 -104.69 80.36
N ILE LA 639 10.02 -104.53 80.37
CA ILE LA 639 9.08 -105.54 80.84
C ILE LA 639 8.20 -105.97 79.68
N THR LA 640 8.02 -107.28 79.54
CA THR LA 640 7.23 -107.84 78.45
C THR LA 640 6.09 -108.67 79.01
N GLN LA 641 4.87 -108.34 78.60
CA GLN LA 641 3.68 -109.09 78.96
C GLN LA 641 2.78 -109.22 77.74
N ASN LA 642 2.23 -110.42 77.56
CA ASN LA 642 1.44 -110.71 76.37
C ASN LA 642 -0.02 -110.30 76.57
N GLY LA 643 -0.73 -110.17 75.45
CA GLY LA 643 -2.13 -109.77 75.49
C GLY LA 643 -2.34 -108.38 76.04
N THR LA 644 -1.51 -107.43 75.64
CA THR LA 644 -1.57 -106.06 76.17
C THR LA 644 -1.49 -105.01 75.06
N THR LA 645 -1.78 -105.40 73.82
CA THR LA 645 -1.68 -104.45 72.71
C THR LA 645 -2.77 -103.41 72.79
N GLY LA 646 -2.39 -102.14 72.67
CA GLY LA 646 -3.35 -101.06 72.71
C GLY LA 646 -4.05 -100.90 74.05
N GLN LA 647 -3.46 -101.40 75.12
CA GLN LA 647 -4.04 -101.33 76.44
C GLN LA 647 -3.18 -100.58 77.46
N LEU LA 648 -1.93 -100.29 77.13
CA LEU LA 648 -1.05 -99.53 78.00
C LEU LA 648 -0.71 -98.19 77.34
N LEU LA 649 -0.72 -97.14 78.14
CA LEU LA 649 -0.52 -95.78 77.64
C LEU LA 649 0.71 -95.16 78.28
N TYR LA 650 1.34 -94.24 77.55
CA TYR LA 650 2.40 -93.44 78.12
C TYR LA 650 1.83 -92.56 79.24
N GLY LA 651 2.63 -92.37 80.29
CA GLY LA 651 2.16 -91.66 81.45
C GLY LA 651 1.45 -92.50 82.48
N GLN LA 652 1.29 -93.79 82.23
CA GLN LA 652 0.65 -94.67 83.20
C GLN LA 652 1.61 -94.93 84.37
N VAL LA 653 1.09 -94.79 85.59
CA VAL LA 653 1.90 -95.00 86.78
C VAL LA 653 1.61 -96.38 87.37
N ARG LA 673 7.32 -97.83 94.03
CA ARG LA 673 6.24 -96.86 93.92
C ARG LA 673 6.61 -95.72 92.98
N GLY LA 674 5.61 -95.13 92.34
CA GLY LA 674 5.85 -93.99 91.45
C GLY LA 674 6.66 -94.32 90.23
N GLN LA 675 6.37 -95.44 89.57
CA GLN LA 675 7.05 -95.83 88.35
C GLN LA 675 6.11 -95.62 87.16
N MET LA 676 6.61 -94.93 86.14
CA MET LA 676 5.79 -94.58 84.98
C MET LA 676 6.20 -95.41 83.77
N ILE LA 677 5.21 -95.89 83.03
CA ILE LA 677 5.47 -96.55 81.75
C ILE LA 677 5.88 -95.51 80.73
N THR LA 678 7.02 -95.74 80.07
CA THR LA 678 7.57 -94.79 79.12
C THR LA 678 7.36 -95.20 77.67
N ASP LA 679 7.53 -96.47 77.34
CA ASP LA 679 7.38 -96.96 75.97
C ASP LA 679 6.24 -97.97 75.88
N ILE LA 680 5.62 -98.06 74.71
CA ILE LA 680 4.59 -99.05 74.45
C ILE LA 680 4.96 -99.83 73.20
N THR LA 681 6.26 -99.94 72.94
CA THR LA 681 6.73 -100.61 71.73
C THR LA 681 6.33 -102.08 71.74
N GLY LA 682 5.48 -102.47 70.79
CA GLY LA 682 5.00 -103.84 70.75
C GLY LA 682 4.23 -104.19 72.00
N GLU LA 683 4.57 -105.34 72.59
CA GLU LA 683 3.94 -105.81 73.83
C GLU LA 683 4.83 -105.58 75.04
N SER LA 684 5.85 -104.76 74.92
CA SER LA 684 6.81 -104.51 76.00
C SER LA 684 6.81 -103.03 76.35
N PHE LA 685 6.88 -102.74 77.64
CA PHE LA 685 6.95 -101.38 78.14
C PHE LA 685 8.23 -101.20 78.94
N ILE LA 686 8.78 -99.98 78.89
CA ILE LA 686 10.10 -99.67 79.43
C ILE LA 686 9.95 -98.69 80.57
N LEU LA 687 10.63 -98.97 81.68
CA LEU LA 687 10.80 -98.03 82.78
C LEU LA 687 12.23 -97.53 82.79
N ASP LA 688 12.43 -96.35 83.37
CA ASP LA 688 13.72 -95.69 83.37
C ASP LA 688 14.21 -95.47 84.79
N THR LA 689 15.48 -95.78 85.03
CA THR LA 689 16.08 -95.57 86.35
C THR LA 689 16.30 -94.09 86.65
N ARG LA 690 16.24 -93.23 85.63
CA ARG LA 690 16.46 -91.80 85.86
C ARG LA 690 15.33 -91.18 86.68
N ASN LA 691 14.11 -91.66 86.50
CA ASN LA 691 12.95 -91.08 87.18
C ASN LA 691 12.79 -91.57 88.61
N SER LA 692 13.47 -92.66 89.00
CA SER LA 692 13.30 -93.24 90.33
C SER LA 692 14.65 -93.71 90.84
N THR LA 693 15.10 -93.12 91.95
CA THR LA 693 16.33 -93.57 92.58
C THR LA 693 16.17 -94.95 93.22
N ALA LA 694 14.98 -95.25 93.72
CA ALA LA 694 14.72 -96.55 94.33
C ALA LA 694 14.91 -97.68 93.31
N LEU LA 695 14.42 -97.48 92.09
CA LEU LA 695 14.64 -98.47 91.04
C LEU LA 695 16.13 -98.63 90.72
N ALA LA 696 16.86 -97.51 90.71
CA ALA LA 696 18.29 -97.58 90.47
C ALA LA 696 19.04 -98.28 91.60
N ARG LA 697 18.45 -98.34 92.80
CA ARG LA 697 19.09 -98.99 93.93
C ARG LA 697 18.72 -100.47 94.02
N SER LA 698 17.44 -100.79 93.92
CA SER LA 698 16.96 -102.17 94.05
C SER LA 698 16.81 -102.86 92.70
N LEU LA 699 17.65 -102.50 91.73
CA LEU LA 699 17.58 -103.14 90.41
C LEU LA 699 18.03 -104.59 90.49
N ILE LA 700 18.95 -104.91 91.40
CA ILE LA 700 19.39 -106.29 91.55
C ILE LA 700 18.33 -107.12 92.26
N ASP LA 701 17.48 -106.48 93.08
CA ASP LA 701 16.45 -107.21 93.79
C ASP LA 701 15.33 -107.66 92.86
N VAL LA 702 14.87 -106.76 91.98
CA VAL LA 702 13.84 -107.15 91.03
C VAL LA 702 14.36 -108.19 90.05
N GLN LA 703 15.64 -108.09 89.67
CA GLN LA 703 16.24 -109.12 88.82
C GLN LA 703 16.23 -110.47 89.53
N ASN LA 704 16.60 -110.48 90.82
CA ASN LA 704 16.55 -111.72 91.58
C ASN LA 704 15.12 -112.22 91.75
N ALA LA 705 14.18 -111.30 91.98
CA ALA LA 705 12.78 -111.68 92.08
C ALA LA 705 12.26 -112.27 90.78
N TYR LA 706 12.69 -111.70 89.65
CA TYR LA 706 12.34 -112.27 88.35
C TYR LA 706 12.94 -113.66 88.18
N ASN LA 707 14.17 -113.85 88.66
CA ASN LA 707 14.85 -115.13 88.50
C ASN LA 707 14.08 -116.25 89.19
N ASP LA 708 13.55 -115.99 90.38
CA ASP LA 708 12.72 -116.97 91.07
C ASP LA 708 11.24 -116.82 90.72
N GLY LA 709 10.89 -115.91 89.81
CA GLY LA 709 9.53 -115.77 89.35
C GLY LA 709 8.53 -115.27 90.38
N ASN LA 710 8.90 -114.24 91.15
CA ASN LA 710 8.00 -113.66 92.14
C ASN LA 710 8.04 -112.14 92.07
N LEU LA 711 8.08 -111.59 90.86
CA LEU LA 711 8.05 -110.16 90.63
C LEU LA 711 6.69 -109.78 90.05
N TYR LA 712 5.92 -109.00 90.79
CA TYR LA 712 4.55 -108.67 90.42
C TYR LA 712 4.40 -107.15 90.28
N TRP LA 713 3.68 -106.74 89.25
CA TRP LA 713 3.43 -105.32 89.00
C TRP LA 713 1.95 -105.12 88.69
N CYS LA 714 1.46 -103.93 89.01
CA CYS LA 714 0.07 -103.57 88.75
C CYS LA 714 -0.06 -102.05 88.82
N ASN LA 715 -1.27 -101.58 88.53
CA ASN LA 715 -1.56 -100.15 88.71
C ASN LA 715 -1.43 -99.78 90.18
N SER LA 716 -0.86 -98.61 90.43
CA SER LA 716 -0.64 -98.17 91.80
C SER LA 716 -1.99 -97.92 92.47
N PRO LA 717 -2.31 -98.63 93.56
CA PRO LA 717 -3.57 -98.37 94.26
C PRO LA 717 -3.67 -96.95 94.78
N VAL LA 718 -2.56 -96.36 95.20
CA VAL LA 718 -2.50 -94.97 95.64
C VAL LA 718 -1.34 -94.32 94.93
N TRP LA 719 -1.63 -93.27 94.15
CA TRP LA 719 -0.60 -92.61 93.36
C TRP LA 719 -0.06 -91.33 93.98
N MET LA 720 -0.79 -90.71 94.90
CA MET LA 720 -0.29 -89.52 95.58
C MET LA 720 -1.10 -89.30 96.85
N GLU LA 721 -0.41 -88.95 97.92
CA GLU LA 721 -1.00 -88.83 99.25
C GLU LA 721 -1.25 -87.38 99.61
N ASP LA 722 -1.91 -87.19 100.75
CA ASP LA 722 -2.17 -85.84 101.24
C ASP LA 722 -0.87 -85.17 101.69
N MET LA 723 -0.94 -83.86 101.85
CA MET LA 723 0.24 -83.07 102.20
C MET LA 723 0.27 -82.81 103.69
N ASP LA 724 1.40 -83.16 104.32
CA ASP LA 724 1.66 -82.88 105.73
C ASP LA 724 2.98 -82.15 105.85
N TYR LA 725 2.99 -81.06 106.61
CA TYR LA 725 4.16 -80.19 106.70
C TYR LA 725 5.00 -80.53 107.91
N GLN LA 726 6.31 -80.36 107.77
CA GLN LA 726 7.23 -80.55 108.88
C GLN LA 726 7.04 -79.45 109.92
N LEU LA 727 7.37 -79.77 111.17
CA LEU LA 727 7.29 -78.82 112.26
C LEU LA 727 8.65 -78.17 112.43
N VAL LA 728 8.70 -76.86 112.19
CA VAL LA 728 9.92 -76.07 112.34
C VAL LA 728 9.62 -74.85 113.18
N TYR LA 729 10.41 -74.62 114.22
CA TYR LA 729 10.21 -73.51 115.12
C TYR LA 729 10.98 -72.28 114.66
N ALA LA 730 10.35 -71.12 114.78
CA ALA LA 730 10.99 -69.87 114.39
C ALA LA 730 11.99 -69.44 115.47
N SER LA 731 12.76 -68.40 115.14
CA SER LA 731 13.78 -67.91 116.05
C SER LA 731 13.13 -67.27 117.28
N GLU LA 732 13.93 -67.15 118.34
CA GLU LA 732 13.43 -66.64 119.62
C GLU LA 732 12.97 -65.19 119.54
N ILE LA 733 13.44 -64.43 118.56
CA ILE LA 733 13.02 -63.04 118.42
C ILE LA 733 11.54 -62.98 118.03
N TYR LA 734 11.10 -63.89 117.15
CA TYR LA 734 9.71 -63.92 116.74
C TYR LA 734 8.79 -64.45 117.83
N GLN LA 735 9.33 -65.21 118.79
CA GLN LA 735 8.52 -65.83 119.84
C GLN LA 735 8.13 -64.78 120.87
N THR LA 736 7.23 -63.89 120.44
CA THR LA 736 6.67 -62.87 121.31
C THR LA 736 5.29 -63.24 121.83
N GLY LA 737 4.83 -64.46 121.55
CA GLY LA 737 3.52 -64.89 121.98
C GLY LA 737 3.48 -65.39 123.41
N THR LA 738 2.31 -65.86 123.81
CA THR LA 738 2.09 -66.37 125.16
C THR LA 738 2.54 -67.83 125.23
N GLU LA 739 2.18 -68.51 126.32
CA GLU LA 739 2.63 -69.89 126.49
C GLU LA 739 2.00 -70.83 125.47
N ASN LA 740 0.81 -70.51 124.99
CA ASN LA 740 0.12 -71.32 124.00
C ASN LA 740 0.32 -70.81 122.58
N GLU LA 741 1.14 -69.79 122.37
CA GLU LA 741 1.39 -69.22 121.06
C GLU LA 741 2.83 -69.45 120.67
N ARG LA 742 3.02 -70.11 119.52
CA ARG LA 742 4.35 -70.31 118.94
C ARG LA 742 4.31 -69.87 117.48
N TRP LA 743 5.46 -69.47 116.97
CA TRP LA 743 5.61 -69.03 115.59
C TRP LA 743 6.32 -70.10 114.79
N ILE LA 744 5.70 -70.51 113.68
CA ILE LA 744 6.22 -71.57 112.81
C ILE LA 744 6.66 -70.93 111.51
N THR LA 745 7.91 -71.15 111.14
CA THR LA 745 8.50 -70.55 109.95
C THR LA 745 8.63 -71.58 108.84
N SER LA 746 8.57 -71.10 107.60
CA SER LA 746 8.81 -71.95 106.45
C SER LA 746 10.28 -72.35 106.41
N SER LA 747 10.52 -73.60 106.04
CA SER LA 747 11.85 -74.20 106.01
C SER LA 747 12.05 -74.91 104.69
N PRO LA 748 13.30 -75.10 104.27
CA PRO LA 748 13.54 -75.89 103.04
C PRO LA 748 12.94 -77.29 103.10
N GLN LA 749 12.74 -77.84 104.30
CA GLN LA 749 12.07 -79.13 104.46
C GLN LA 749 10.58 -78.98 104.73
N SER LA 750 10.05 -77.75 104.75
CA SER LA 750 8.63 -77.52 105.04
C SER LA 750 8.17 -76.29 104.29
N PRO LA 751 7.59 -76.47 103.10
CA PRO LA 751 7.09 -75.32 102.34
C PRO LA 751 5.90 -74.66 103.03
N PHE LA 752 5.75 -73.37 102.78
CA PHE LA 752 4.64 -72.62 103.35
C PHE LA 752 3.33 -73.11 102.74
N PRO LA 753 2.26 -73.23 103.55
CA PRO LA 753 0.98 -73.70 103.01
C PRO LA 753 0.35 -72.65 102.10
N ALA LA 754 -0.03 -73.08 100.91
CA ALA LA 754 -0.56 -72.16 99.91
C ALA LA 754 -2.05 -71.87 100.09
N MET LA 755 -2.69 -72.43 101.10
CA MET LA 755 -4.12 -72.26 101.32
C MET LA 755 -4.45 -71.87 102.76
N ILE LA 756 -3.47 -71.38 103.52
CA ILE LA 756 -3.69 -71.14 104.94
C ILE LA 756 -4.75 -70.05 105.13
N GLU LA 757 -5.52 -70.18 106.21
CA GLU LA 757 -6.54 -69.21 106.55
C GLU LA 757 -6.64 -69.11 108.07
N GLU LA 758 -7.07 -67.95 108.54
CA GLU LA 758 -7.11 -67.69 109.97
C GLU LA 758 -8.16 -68.54 110.66
N ASN LA 759 -7.90 -68.87 111.93
CA ASN LA 759 -8.78 -69.65 112.80
C ASN LA 759 -9.01 -71.06 112.28
N ASP LA 760 -8.14 -71.57 111.40
CA ASP LA 760 -8.29 -72.92 110.89
C ASP LA 760 -7.69 -73.92 111.86
N GLU LA 761 -8.42 -75.00 112.11
CA GLU LA 761 -7.97 -76.01 113.07
C GLU LA 761 -6.78 -76.79 112.50
N ILE LA 762 -5.84 -77.11 113.38
CA ILE LA 762 -4.60 -77.77 113.00
C ILE LA 762 -4.41 -79.01 113.87
N THR LA 763 -3.72 -80.00 113.32
CA THR LA 763 -3.41 -81.24 114.02
C THR LA 763 -1.93 -81.52 113.90
N LEU LA 764 -1.29 -81.84 115.03
CA LEU LA 764 0.12 -82.19 115.04
C LEU LA 764 0.27 -83.71 115.14
N ARG LA 816 5.54 -83.34 112.51
CA ARG LA 816 4.77 -83.08 111.30
C ARG LA 816 3.34 -82.72 111.65
N TRP LA 817 2.70 -81.91 110.80
CA TRP LA 817 1.35 -81.44 111.05
C TRP LA 817 0.56 -81.37 109.75
N TYR LA 818 -0.76 -81.28 109.91
CA TYR LA 818 -1.67 -81.17 108.78
C TYR LA 818 -2.94 -80.47 109.27
N PHE LA 819 -3.83 -80.14 108.34
CA PHE LA 819 -5.09 -79.49 108.66
C PHE LA 819 -6.11 -80.53 109.10
N SER LA 820 -6.72 -80.31 110.27
CA SER LA 820 -7.73 -81.24 110.75
C SER LA 820 -8.93 -81.27 109.80
N SER LA 821 -9.42 -80.10 109.39
CA SER LA 821 -10.49 -80.03 108.40
C SER LA 821 -9.90 -80.34 107.04
N GLU LA 822 -10.53 -81.25 106.30
CA GLU LA 822 -10.02 -81.72 105.02
C GLU LA 822 -10.65 -81.00 103.84
N LYS LA 823 -11.41 -79.93 104.08
CA LYS LA 823 -12.06 -79.22 102.99
C LYS LA 823 -11.05 -78.69 101.97
N TYR LA 824 -9.79 -78.51 102.39
CA TYR LA 824 -8.75 -78.15 101.44
C TYR LA 824 -8.49 -79.29 100.46
N ALA LA 825 -8.70 -80.52 100.90
CA ALA LA 825 -8.43 -81.68 100.03
C ALA LA 825 -9.52 -81.84 98.97
N LEU LA 826 -10.79 -81.62 99.34
CA LEU LA 826 -11.86 -81.76 98.36
C LEU LA 826 -11.86 -80.63 97.34
N ALA LA 827 -11.20 -79.52 97.63
CA ALA LA 827 -11.09 -78.44 96.66
C ALA LA 827 -10.30 -78.90 95.44
N ASP LA 828 -10.78 -78.54 94.26
CA ASP LA 828 -10.10 -78.92 93.03
C ASP LA 828 -8.87 -78.04 92.83
N ARG LA 829 -7.71 -78.67 92.64
CA ARG LA 829 -6.46 -77.95 92.54
C ARG LA 829 -5.71 -78.20 91.24
N PHE LA 830 -6.24 -79.03 90.35
CA PHE LA 830 -5.53 -79.42 89.14
C PHE LA 830 -6.24 -79.03 87.85
N SER LA 831 -7.43 -78.45 87.93
CA SER LA 831 -8.20 -78.10 86.75
C SER LA 831 -8.00 -76.63 86.43
N PHE LA 832 -7.24 -76.34 85.37
CA PHE LA 832 -7.01 -74.98 84.89
C PHE LA 832 -6.43 -74.09 85.99
N VAL LA 833 -5.38 -74.60 86.66
CA VAL LA 833 -4.69 -73.88 87.71
C VAL LA 833 -3.21 -73.81 87.34
N VAL LA 834 -2.63 -72.62 87.49
CA VAL LA 834 -1.22 -72.39 87.20
C VAL LA 834 -0.58 -71.80 88.44
N SER LA 835 0.62 -72.26 88.77
CA SER LA 835 1.36 -71.78 89.93
C SER LA 835 2.54 -70.94 89.47
N MET LA 836 2.68 -69.75 90.05
CA MET LA 836 3.80 -68.87 89.78
C MET LA 836 4.67 -68.81 91.03
N VAL LA 837 5.95 -69.13 90.88
CA VAL LA 837 6.90 -69.15 91.98
C VAL LA 837 7.89 -68.01 91.77
N ILE LA 838 7.97 -67.10 92.74
CA ILE LA 838 8.76 -65.89 92.62
C ILE LA 838 9.80 -65.86 93.72
N ASN LA 839 11.00 -65.41 93.37
CA ASN LA 839 12.00 -65.10 94.37
C ASN LA 839 11.53 -63.92 95.22
N SER LA 840 11.76 -64.03 96.52
CA SER LA 840 11.34 -62.98 97.46
C SER LA 840 12.36 -61.86 97.60
N GLN LA 841 13.50 -61.98 96.92
CA GLN LA 841 14.50 -60.91 96.96
C GLN LA 841 13.98 -59.64 96.30
N LEU LA 842 13.03 -59.77 95.38
CA LEU LA 842 12.51 -58.60 94.67
C LEU LA 842 11.86 -57.60 95.62
N VAL LA 843 11.05 -58.10 96.57
CA VAL LA 843 10.36 -57.22 97.51
C VAL LA 843 11.20 -56.90 98.73
N LYS LA 844 12.46 -57.34 98.77
CA LYS LA 844 13.36 -57.04 99.89
C LYS LA 844 13.87 -55.62 99.71
N ASN LA 845 13.13 -54.66 100.28
CA ASN LA 845 13.50 -53.27 100.20
C ASN LA 845 12.87 -52.53 101.38
N ASP LA 846 13.56 -51.48 101.83
CA ASP LA 846 13.10 -50.74 103.01
C ASP LA 846 11.80 -50.01 102.75
N ASP LA 847 11.67 -49.40 101.56
CA ASP LA 847 10.53 -48.54 101.25
C ASP LA 847 9.47 -49.23 100.40
N VAL LA 848 9.53 -50.56 100.27
CA VAL LA 848 8.58 -51.31 99.46
C VAL LA 848 7.67 -52.10 100.39
N ASP LA 849 6.37 -51.88 100.26
CA ASP LA 849 5.38 -52.67 100.99
C ASP LA 849 5.00 -53.85 100.12
N PRO LA 850 5.38 -55.09 100.46
CA PRO LA 850 5.15 -56.21 99.54
C PRO LA 850 3.68 -56.46 99.23
N TYR LA 851 2.79 -56.29 100.22
CA TYR LA 851 1.40 -56.67 100.02
C TYR LA 851 0.67 -55.68 99.14
N LYS LA 852 0.90 -54.38 99.34
CA LYS LA 852 0.31 -53.37 98.47
C LYS LA 852 0.89 -53.46 97.06
N LEU LA 853 2.20 -53.69 96.95
CA LEU LA 853 2.83 -53.84 95.64
C LEU LA 853 2.30 -55.08 94.93
N GLU LA 854 2.11 -56.18 95.66
CA GLU LA 854 1.59 -57.39 95.05
C GLU LA 854 0.18 -57.18 94.53
N SER LA 855 -0.65 -56.45 95.28
CA SER LA 855 -2.01 -56.19 94.82
C SER LA 855 -2.02 -55.38 93.52
N TRP LA 856 -1.13 -54.39 93.42
CA TRP LA 856 -1.07 -53.58 92.20
C TRP LA 856 -0.64 -54.43 91.01
N ALA LA 857 0.33 -55.33 91.20
CA ALA LA 857 0.82 -56.15 90.11
C ALA LA 857 -0.27 -57.06 89.58
N LYS LA 858 -1.09 -57.61 90.47
CA LYS LA 858 -2.21 -58.45 90.04
C LYS LA 858 -3.21 -57.65 89.21
N THR LA 859 -3.47 -56.40 89.60
CA THR LA 859 -4.39 -55.56 88.84
C THR LA 859 -3.86 -55.29 87.43
N GLU LA 860 -2.56 -55.01 87.31
CA GLU LA 860 -1.97 -54.75 86.00
C GLU LA 860 -2.02 -55.99 85.11
N ILE LA 861 -1.73 -57.15 85.68
CA ILE LA 861 -1.65 -58.39 84.91
C ILE LA 861 -3.04 -58.86 84.47
N LEU LA 862 -4.07 -58.56 85.26
CA LEU LA 862 -5.38 -59.16 85.08
C LEU LA 862 -5.96 -58.95 83.69
N ALA LA 863 -5.69 -57.80 83.07
CA ALA LA 863 -6.32 -57.48 81.80
C ALA LA 863 -5.95 -58.49 80.72
N GLU LA 864 -4.69 -58.89 80.66
CA GLU LA 864 -4.21 -59.81 79.63
C GLU LA 864 -4.18 -61.27 80.10
N PHE LA 865 -4.63 -61.55 81.30
CA PHE LA 865 -4.62 -62.92 81.80
C PHE LA 865 -5.73 -63.73 81.14
N PRO LA 866 -5.51 -65.03 80.92
CA PRO LA 866 -6.56 -65.88 80.36
C PRO LA 866 -7.78 -65.91 81.27
N ALA LA 867 -8.96 -65.98 80.65
CA ALA LA 867 -10.21 -65.85 81.39
C ALA LA 867 -10.50 -67.07 82.23
N HIS LA 868 -10.18 -68.27 81.74
CA HIS LA 868 -10.55 -69.52 82.39
C HIS LA 868 -9.40 -70.12 83.20
N LEU LA 869 -8.57 -69.28 83.82
CA LEU LA 869 -7.42 -69.76 84.57
C LEU LA 869 -7.40 -69.14 85.96
N SER LA 870 -6.77 -69.85 86.88
CA SER LA 870 -6.52 -69.37 88.23
C SER LA 870 -5.04 -69.51 88.53
N MET LA 871 -4.52 -68.62 89.37
CA MET LA 871 -3.10 -68.57 89.66
C MET LA 871 -2.85 -68.63 91.15
N ILE LA 872 -1.74 -69.25 91.53
CA ILE LA 872 -1.35 -69.38 92.92
C ILE LA 872 0.04 -68.77 93.08
N ILE LA 873 0.20 -67.90 94.08
CA ILE LA 873 1.43 -67.17 94.31
C ILE LA 873 2.24 -67.89 95.38
N HIS LA 874 3.50 -68.19 95.08
CA HIS LA 874 4.42 -68.83 96.02
C HIS LA 874 5.62 -67.93 96.20
N TRP LA 875 5.77 -67.36 97.39
CA TRP LA 875 6.94 -66.57 97.75
C TRP LA 875 8.01 -67.50 98.32
N LEU LA 876 9.19 -67.48 97.72
CA LEU LA 876 10.30 -68.32 98.14
C LEU LA 876 11.51 -67.45 98.48
N SER LA 877 12.21 -67.81 99.54
CA SER LA 877 13.42 -67.11 99.93
C SER LA 877 14.51 -67.35 98.88
N PRO LA 878 15.49 -66.46 98.80
CA PRO LA 878 16.56 -66.62 97.79
C PRO LA 878 17.35 -67.91 97.91
N GLU LA 879 17.21 -68.65 99.01
CA GLU LA 879 17.98 -69.88 99.21
C GLU LA 879 17.26 -71.10 98.64
N ASP LA 880 16.05 -71.37 99.14
CA ASP LA 880 15.28 -72.51 98.63
C ASP LA 880 14.81 -72.31 97.20
N PHE LA 881 14.79 -71.07 96.71
CA PHE LA 881 14.43 -70.83 95.31
C PHE LA 881 15.42 -71.49 94.37
N LYS LA 882 16.71 -71.48 94.73
CA LYS LA 882 17.72 -72.13 93.90
C LYS LA 882 17.48 -73.63 93.80
N ASP LA 883 17.10 -74.27 94.92
CA ASP LA 883 16.82 -75.70 94.89
C ASP LA 883 15.62 -76.01 94.01
N PHE LA 884 14.58 -75.19 94.08
CA PHE LA 884 13.42 -75.39 93.21
C PHE LA 884 13.79 -75.23 91.75
N VAL LA 885 14.63 -74.23 91.44
CA VAL LA 885 15.04 -74.01 90.06
C VAL LA 885 15.83 -75.20 89.54
N SER LA 886 16.77 -75.70 90.35
CA SER LA 886 17.58 -76.84 89.92
C SER LA 886 16.72 -78.08 89.71
N THR LA 887 15.75 -78.31 90.60
CA THR LA 887 14.87 -79.47 90.45
C THR LA 887 13.96 -79.32 89.25
N TYR LA 888 13.35 -78.14 89.08
CA TYR LA 888 12.42 -77.93 87.97
C TYR LA 888 13.14 -78.02 86.63
N GLN LA 889 14.33 -77.43 86.53
CA GLN LA 889 15.08 -77.49 85.29
C GLN LA 889 15.45 -78.92 84.92
N ARG LA 890 15.90 -79.70 85.90
CA ARG LA 890 16.22 -81.10 85.65
C ARG LA 890 14.97 -81.89 85.28
N TRP LA 891 13.85 -81.59 85.94
CA TRP LA 891 12.61 -82.30 85.63
C TRP LA 891 12.15 -82.03 84.21
N GLN LA 892 12.23 -80.76 83.77
CA GLN LA 892 11.80 -80.43 82.42
C GLN LA 892 12.78 -80.93 81.37
N ASN LA 893 14.09 -80.97 81.70
CA ASN LA 893 15.07 -81.48 80.76
C ASN LA 893 14.82 -82.95 80.45
N ASN LA 894 14.43 -83.73 81.45
CA ASN LA 894 14.17 -85.15 81.26
C ASN LA 894 12.91 -85.41 80.44
N GLY LA 895 12.10 -84.40 80.18
CA GLY LA 895 10.87 -84.57 79.44
C GLY LA 895 9.65 -84.50 80.31
N ALA LA 896 9.77 -83.76 81.41
CA ALA LA 896 8.74 -83.66 82.43
C ALA LA 896 8.17 -85.02 82.84
N PRO LA 897 9.00 -85.94 83.34
CA PRO LA 897 8.50 -87.24 83.74
C PRO LA 897 8.10 -87.29 85.20
N LEU LA 898 7.07 -88.08 85.48
CA LEU LA 898 6.65 -88.31 86.85
C LEU LA 898 7.71 -89.11 87.59
N GLY LA 899 8.10 -88.65 88.76
CA GLY LA 899 9.16 -89.30 89.51
C GLY LA 899 9.59 -88.45 90.68
N ASP LA 900 10.81 -88.71 91.15
CA ASP LA 900 11.32 -88.02 92.33
C ASP LA 900 11.33 -86.50 92.13
N GLU LA 901 11.82 -86.05 90.98
CA GLU LA 901 11.80 -84.61 90.69
C GLU LA 901 10.37 -84.09 90.60
N ALA LA 902 9.49 -84.82 89.92
CA ALA LA 902 8.10 -84.40 89.83
C ALA LA 902 7.42 -84.43 91.18
N TYR LA 903 7.66 -85.48 91.98
CA TYR LA 903 7.04 -85.56 93.29
C TYR LA 903 7.63 -84.56 94.27
N HIS LA 904 8.93 -84.24 94.12
CA HIS LA 904 9.51 -83.15 94.91
C HIS LA 904 8.89 -81.82 94.52
N VAL LA 905 8.64 -81.62 93.22
CA VAL LA 905 7.98 -80.40 92.76
C VAL LA 905 6.58 -80.30 93.35
N LEU LA 906 5.85 -81.41 93.36
CA LEU LA 906 4.51 -81.42 93.93
C LEU LA 906 4.53 -81.06 95.41
N GLU LA 907 5.51 -81.58 96.15
CA GLU LA 907 5.59 -81.30 97.58
C GLU LA 907 5.87 -79.83 97.84
N THR LA 908 6.74 -79.21 97.04
CA THR LA 908 7.09 -77.81 97.25
C THR LA 908 5.88 -76.89 97.08
N LEU LA 909 4.89 -77.30 96.29
CA LEU LA 909 3.67 -76.54 96.14
C LEU LA 909 2.65 -76.96 97.18
N ASP MA 5 6.52 12.83 62.61
CA ASP MA 5 6.60 13.99 63.48
C ASP MA 5 7.22 15.17 62.75
N ALA MA 6 7.41 15.03 61.45
CA ALA MA 6 7.99 16.07 60.61
C ALA MA 6 6.94 16.56 59.62
N LEU MA 7 6.84 17.88 59.48
CA LEU MA 7 5.87 18.47 58.57
C LEU MA 7 6.36 18.51 57.12
N PHE MA 8 7.64 18.20 56.88
CA PHE MA 8 8.19 18.30 55.53
C PHE MA 8 7.46 17.44 54.51
N PRO MA 9 7.16 16.16 54.77
CA PRO MA 9 6.44 15.37 53.75
C PRO MA 9 5.05 15.91 53.44
N ILE MA 10 4.48 16.72 54.32
CA ILE MA 10 3.14 17.27 54.09
C ILE MA 10 3.20 18.59 53.34
N VAL MA 11 4.16 19.46 53.67
CA VAL MA 11 4.17 20.83 53.20
C VAL MA 11 5.31 21.10 52.23
N LYS MA 12 5.94 20.05 51.69
CA LYS MA 12 7.12 20.26 50.84
C LYS MA 12 6.80 21.00 49.55
N ASP MA 13 5.53 21.13 49.18
CA ASP MA 13 5.17 21.87 47.99
C ASP MA 13 4.82 23.33 48.29
N ASP MA 14 4.35 23.63 49.51
CA ASP MA 14 4.05 25.00 49.89
C ASP MA 14 5.27 25.75 50.39
N ILE MA 15 6.38 25.06 50.64
CA ILE MA 15 7.62 25.70 51.09
C ILE MA 15 8.52 26.09 49.92
N ALA MA 16 8.29 25.53 48.73
CA ALA MA 16 9.19 25.74 47.61
C ALA MA 16 9.27 27.21 47.22
N PHE MA 17 10.41 27.58 46.64
CA PHE MA 17 10.66 28.97 46.29
C PHE MA 17 9.68 29.48 45.25
N GLU MA 18 9.32 28.65 44.26
CA GLU MA 18 8.42 29.10 43.21
C GLU MA 18 7.03 29.39 43.75
N THR MA 19 6.54 28.58 44.69
CA THR MA 19 5.21 28.80 45.25
C THR MA 19 5.14 30.13 45.98
N LEU MA 20 6.17 30.45 46.77
CA LEU MA 20 6.17 31.71 47.52
C LEU MA 20 6.33 32.90 46.59
N LEU MA 21 7.13 32.76 45.54
CA LEU MA 21 7.33 33.87 44.60
C LEU MA 21 6.04 34.23 43.89
N THR MA 22 5.23 33.21 43.55
CA THR MA 22 3.95 33.49 42.91
C THR MA 22 3.04 34.31 43.80
N GLN MA 23 3.01 34.00 45.11
CA GLN MA 23 2.21 34.79 46.04
C GLN MA 23 2.72 36.22 46.13
N ALA MA 24 4.04 36.40 46.16
CA ALA MA 24 4.60 37.74 46.27
C ALA MA 24 4.28 38.59 45.04
N LYS MA 25 4.35 37.98 43.85
CA LYS MA 25 4.04 38.73 42.63
C LYS MA 25 2.56 39.11 42.58
N THR MA 26 1.70 38.26 43.14
CA THR MA 26 0.27 38.57 43.17
C THR MA 26 -0.01 39.82 43.98
N VAL MA 27 0.65 39.96 45.13
CA VAL MA 27 0.46 41.13 45.97
C VAL MA 27 0.95 42.38 45.24
N ILE MA 28 2.09 42.28 44.55
CA ILE MA 28 2.63 43.43 43.83
C ILE MA 28 1.66 43.88 42.74
N GLU MA 29 1.06 42.92 42.04
CA GLU MA 29 0.08 43.26 41.01
C GLU MA 29 -1.11 43.99 41.63
N GLN MA 30 -1.67 43.43 42.70
CA GLN MA 30 -2.87 44.01 43.31
C GLN MA 30 -2.62 45.42 43.84
N GLN MA 31 -1.47 45.63 44.49
CA GLN MA 31 -1.22 46.90 45.17
C GLN MA 31 -0.61 47.95 44.25
N SER MA 32 0.28 47.56 43.34
CA SER MA 32 1.02 48.52 42.54
C SER MA 32 1.12 48.05 41.10
N GLY MA 33 0.00 47.62 40.54
CA GLY MA 33 0.01 47.09 39.18
C GLY MA 33 0.23 48.14 38.10
N GLN MA 34 -0.15 49.39 38.37
CA GLN MA 34 -0.01 50.45 37.39
C GLN MA 34 1.31 51.20 37.48
N LEU MA 35 2.14 50.88 38.47
CA LEU MA 35 3.44 51.51 38.63
C LEU MA 35 4.61 50.54 38.54
N TRP MA 36 4.39 49.26 38.82
CA TRP MA 36 5.43 48.24 38.78
C TRP MA 36 4.89 47.11 37.91
N SER MA 37 5.07 47.23 36.60
CA SER MA 37 4.53 46.27 35.66
C SER MA 37 5.58 45.30 35.12
N ASN MA 38 6.86 45.66 35.15
CA ASN MA 38 7.93 44.77 34.70
C ASN MA 38 8.38 43.93 35.88
N THR MA 39 8.01 42.66 35.88
CA THR MA 39 8.33 41.73 36.96
C THR MA 39 9.01 40.49 36.40
N GLU MA 40 9.95 40.67 35.49
CA GLU MA 40 10.70 39.58 34.90
C GLU MA 40 12.01 39.38 35.66
N GLU MA 41 12.88 38.52 35.11
CA GLU MA 41 14.13 38.19 35.79
C GLU MA 41 15.06 39.40 35.88
N ASN MA 42 14.89 40.39 35.00
CA ASN MA 42 15.82 41.49 34.92
C ASN MA 42 15.50 42.65 35.85
N ASP MA 43 14.29 42.70 36.41
CA ASP MA 43 13.90 43.85 37.21
C ASP MA 43 14.70 43.88 38.51
N PRO MA 44 15.41 44.97 38.82
CA PRO MA 44 16.18 45.01 40.07
C PRO MA 44 15.33 44.83 41.31
N GLY MA 45 14.08 45.30 41.29
CA GLY MA 45 13.22 45.08 42.43
C GLY MA 45 12.90 43.62 42.66
N ILE MA 46 12.75 42.86 41.58
CA ILE MA 46 12.42 41.44 41.70
C ILE MA 46 13.62 40.66 42.25
N THR MA 47 14.84 41.01 41.80
CA THR MA 47 16.02 40.30 42.28
C THR MA 47 16.19 40.44 43.78
N LEU MA 48 15.96 41.65 44.31
CA LEU MA 48 15.97 41.83 45.76
C LEU MA 48 14.86 41.02 46.42
N LEU MA 49 13.67 41.05 45.82
CA LEU MA 49 12.56 40.26 46.36
C LEU MA 49 12.84 38.76 46.23
N GLU MA 50 13.43 38.35 45.10
CA GLU MA 50 13.71 36.93 44.89
C GLU MA 50 14.70 36.40 45.93
N ALA MA 51 15.70 37.22 46.29
CA ALA MA 51 16.62 36.82 47.35
C ALA MA 51 15.87 36.64 48.68
N CYS MA 52 15.03 37.62 49.03
CA CYS MA 52 14.24 37.50 50.25
C CYS MA 52 13.28 36.33 50.18
N CYS MA 53 12.76 36.02 48.99
CA CYS MA 53 11.90 34.85 48.83
C CYS MA 53 12.65 33.56 49.14
N TYR MA 54 13.92 33.49 48.72
CA TYR MA 54 14.73 32.32 49.07
C TYR MA 54 14.94 32.24 50.58
N GLY MA 55 15.18 33.38 51.22
CA GLY MA 55 15.31 33.38 52.68
C GLY MA 55 14.03 32.97 53.37
N ALA MA 56 12.88 33.40 52.84
CA ALA MA 56 11.61 32.99 53.41
C ALA MA 56 11.40 31.49 53.26
N SER MA 57 11.78 30.94 52.11
CA SER MA 57 11.70 29.50 51.92
C SER MA 57 12.64 28.76 52.86
N ASP MA 58 13.84 29.31 53.07
CA ASP MA 58 14.77 28.70 54.00
C ASP MA 58 14.24 28.71 55.43
N LEU MA 59 13.63 29.82 55.83
CA LEU MA 59 13.05 29.90 57.17
C LEU MA 59 11.93 28.89 57.35
N ALA MA 60 11.09 28.73 56.32
CA ALA MA 60 9.99 27.78 56.41
C ALA MA 60 10.49 26.34 56.47
N TYR MA 61 11.60 26.06 55.78
CA TYR MA 61 12.16 24.70 55.79
C TYR MA 61 12.62 24.31 57.18
N ARG MA 62 13.14 25.27 57.95
CA ARG MA 62 13.60 24.96 59.30
C ARG MA 62 12.45 24.51 60.18
N HIS MA 63 11.28 25.13 60.02
CA HIS MA 63 10.12 24.77 60.84
C HIS MA 63 9.57 23.38 60.51
N SER MA 64 9.88 22.85 59.33
CA SER MA 64 9.35 21.57 58.88
C SER MA 64 10.24 20.39 59.25
N LEU MA 65 11.12 20.57 60.21
CA LEU MA 65 12.01 19.52 60.69
C LEU MA 65 11.29 18.65 61.70
N PRO MA 66 11.85 17.49 62.07
CA PRO MA 66 11.19 16.64 63.06
C PRO MA 66 10.97 17.36 64.39
N LEU MA 67 9.83 17.06 65.01
CA LEU MA 67 9.44 17.76 66.22
C LEU MA 67 10.41 17.50 67.37
N ARG MA 68 10.83 16.24 67.53
CA ARG MA 68 11.73 15.91 68.64
C ARG MA 68 13.09 16.57 68.48
N ASP MA 69 13.54 16.81 67.25
CA ASP MA 69 14.82 17.47 67.04
C ASP MA 69 14.75 18.94 67.40
N LEU MA 70 13.64 19.60 67.09
CA LEU MA 70 13.50 21.02 67.39
C LEU MA 70 13.33 21.29 68.88
N LEU MA 71 12.94 20.28 69.66
CA LEU MA 71 12.79 20.42 71.10
C LEU MA 71 14.06 20.07 71.87
N THR MA 72 15.16 19.81 71.15
CA THR MA 72 16.41 19.41 71.79
C THR MA 72 17.38 20.58 71.79
N PRO MA 73 17.81 21.07 72.95
CA PRO MA 73 18.80 22.16 72.96
C PRO MA 73 20.21 21.67 72.68
N GLU MA 74 21.18 22.55 72.83
CA GLU MA 74 22.57 22.20 72.52
C GLU MA 74 23.08 21.09 73.45
N LYS MA 75 24.17 20.46 73.02
CA LYS MA 75 24.72 19.34 73.78
C LYS MA 75 25.20 19.78 75.15
N GLN MA 76 25.79 20.96 75.25
CA GLN MA 76 26.31 21.46 76.52
C GLN MA 76 25.22 21.80 77.52
N GLU MA 77 23.96 21.83 77.10
CA GLU MA 77 22.85 22.16 77.98
C GLU MA 77 22.08 20.93 78.44
N GLN MA 78 21.97 19.91 77.59
CA GLN MA 78 21.13 18.74 77.86
C GLN MA 78 21.47 18.12 79.22
N THR MA 79 20.51 18.17 80.13
CA THR MA 79 20.72 17.68 81.48
C THR MA 79 20.82 16.17 81.52
N LEU MA 80 21.69 15.65 82.38
CA LEU MA 80 21.85 14.21 82.51
C LEU MA 80 20.60 13.57 83.10
N GLY MA 81 20.22 12.42 82.54
CA GLY MA 81 19.08 11.68 83.04
C GLY MA 81 17.73 12.19 82.62
N ASP MA 82 17.66 13.13 81.68
CA ASP MA 82 16.40 13.70 81.21
C ASP MA 82 16.24 13.42 79.72
N GLY MA 83 15.16 13.95 79.16
CA GLY MA 83 14.87 13.83 77.74
C GLY MA 83 14.15 15.06 77.27
N ILE MA 84 13.24 14.88 76.31
CA ILE MA 84 12.44 16.00 75.82
C ILE MA 84 11.65 16.62 76.97
N PHE MA 85 11.13 15.78 77.85
CA PHE MA 85 10.55 16.19 79.12
C PHE MA 85 11.39 15.64 80.26
N PRO MA 86 11.50 16.37 81.37
CA PRO MA 86 12.33 15.90 82.48
C PRO MA 86 11.80 14.59 83.06
N GLN MA 87 12.68 13.91 83.79
CA GLN MA 87 12.39 12.55 84.26
C GLN MA 87 11.17 12.52 85.16
N GLU MA 88 11.01 13.53 86.02
CA GLU MA 88 9.91 13.55 86.98
C GLU MA 88 8.54 13.69 86.32
N PHE MA 89 8.48 14.01 85.03
CA PHE MA 89 7.21 14.17 84.33
C PHE MA 89 6.77 12.89 83.61
N GLY MA 90 7.44 11.77 83.85
CA GLY MA 90 7.08 10.52 83.23
C GLY MA 90 5.80 9.96 83.80
N PRO MA 91 5.29 8.88 83.19
CA PRO MA 91 4.04 8.27 83.69
C PRO MA 91 4.15 7.75 85.11
N GLN MA 92 5.32 7.28 85.52
CA GLN MA 92 5.49 6.72 86.86
C GLN MA 92 5.36 7.78 87.95
N GLN MA 93 5.42 9.07 87.61
CA GLN MA 93 5.26 10.13 88.58
C GLN MA 93 4.05 11.03 88.33
N MET MA 94 3.50 11.02 87.11
CA MET MA 94 2.40 11.91 86.77
C MET MA 94 1.04 11.23 86.83
N LEU MA 95 0.98 9.92 86.69
CA LEU MA 95 -0.29 9.20 86.77
C LEU MA 95 -0.49 8.49 88.10
N THR MA 96 0.56 8.32 88.89
CA THR MA 96 0.48 7.69 90.19
C THR MA 96 0.28 8.75 91.27
N CYS MA 97 0.16 8.30 92.52
CA CYS MA 97 0.00 9.21 93.65
C CYS MA 97 0.52 8.53 94.90
N GLY MA 98 0.90 9.35 95.89
CA GLY MA 98 1.38 8.86 97.15
C GLY MA 98 0.31 8.09 97.89
N PRO MA 99 0.72 7.20 98.80
CA PRO MA 99 -0.27 6.36 99.50
C PRO MA 99 -1.23 7.20 100.32
N ILE MA 100 -2.51 7.15 99.95
CA ILE MA 100 -3.58 7.85 100.65
C ILE MA 100 -4.50 6.86 101.35
N THR MA 101 -5.00 5.86 100.62
CA THR MA 101 -5.90 4.88 101.16
C THR MA 101 -5.14 3.83 101.96
N ALA MA 102 -5.87 3.09 102.80
CA ALA MA 102 -5.28 1.97 103.52
C ALA MA 102 -4.77 0.91 102.55
N GLU MA 103 -5.49 0.70 101.44
CA GLU MA 103 -5.05 -0.24 100.43
C GLU MA 103 -3.76 0.23 99.76
N ASP MA 104 -3.61 1.54 99.58
CA ASP MA 104 -2.38 2.08 99.00
C ASP MA 104 -1.19 1.77 99.88
N TYR MA 105 -1.35 1.87 101.20
CA TYR MA 105 -0.26 1.54 102.10
C TYR MA 105 0.08 0.05 102.03
N ARG MA 106 -0.91 -0.79 101.75
CA ARG MA 106 -0.63 -2.21 101.50
C ARG MA 106 0.29 -2.36 100.29
N ARG MA 107 -0.04 -1.67 99.20
CA ARG MA 107 0.75 -1.80 97.98
C ARG MA 107 2.16 -1.25 98.17
N ALA MA 108 2.28 -0.10 98.86
CA ALA MA 108 3.59 0.51 99.02
C ALA MA 108 4.48 -0.30 99.96
N LEU MA 109 3.90 -0.86 101.02
CA LEU MA 109 4.69 -1.64 101.97
C LEU MA 109 5.08 -3.01 101.41
N LEU MA 110 4.23 -3.59 100.57
CA LEU MA 110 4.55 -4.87 99.96
C LEU MA 110 5.64 -4.78 98.89
N ASP MA 111 5.98 -3.58 98.44
CA ASP MA 111 7.00 -3.39 97.42
C ASP MA 111 8.41 -3.34 97.99
N LEU MA 112 8.57 -3.28 99.31
CA LEU MA 112 9.88 -3.19 99.90
C LEU MA 112 10.69 -4.45 99.61
N HIS MA 113 11.97 -4.26 99.28
CA HIS MA 113 12.85 -5.36 98.92
C HIS MA 113 14.17 -5.23 99.68
N SER MA 114 14.81 -6.37 99.93
CA SER MA 114 16.08 -6.37 100.64
C SER MA 114 17.20 -5.75 99.83
N SER MA 115 17.07 -5.70 98.50
CA SER MA 115 18.10 -5.16 97.63
C SER MA 115 17.79 -3.74 97.17
N ASP MA 116 16.82 -3.07 97.79
CA ASP MA 116 16.46 -1.72 97.37
C ASP MA 116 17.63 -0.75 97.57
N THR MA 117 18.29 -0.83 98.72
CA THR MA 117 19.43 0.00 99.06
C THR MA 117 20.65 -0.89 99.30
N ASP MA 118 21.74 -0.27 99.75
CA ASP MA 118 22.90 -1.03 100.17
C ASP MA 118 22.53 -1.94 101.35
N ASN MA 119 23.00 -3.17 101.31
CA ASN MA 119 22.56 -4.20 102.24
C ASN MA 119 23.73 -4.84 102.95
N GLU MA 120 23.45 -5.41 104.13
CA GLU MA 120 24.48 -6.11 104.88
C GLU MA 120 24.62 -7.55 104.44
N THR MA 121 23.55 -8.15 103.90
CA THR MA 121 23.55 -9.51 103.42
C THR MA 121 23.07 -9.55 101.98
N SER MA 122 23.50 -10.58 101.26
CA SER MA 122 23.25 -10.70 99.82
C SER MA 122 22.06 -11.59 99.51
N GLU MA 123 21.03 -11.56 100.35
CA GLU MA 123 19.82 -12.33 100.13
C GLU MA 123 18.73 -11.42 99.55
N ASP MA 124 18.14 -11.86 98.44
CA ASP MA 124 17.11 -11.09 97.76
C ASP MA 124 15.75 -11.64 98.16
N TYR MA 125 14.94 -10.82 98.82
CA TYR MA 125 13.63 -11.25 99.28
C TYR MA 125 12.78 -10.02 99.58
N PHE MA 126 11.47 -10.22 99.58
CA PHE MA 126 10.53 -9.19 99.99
C PHE MA 126 10.28 -9.28 101.49
N PHE MA 127 10.25 -8.13 102.15
CA PHE MA 127 10.22 -8.11 103.61
C PHE MA 127 8.94 -8.75 104.15
N PHE MA 128 7.79 -8.30 103.67
CA PHE MA 128 6.51 -8.73 104.22
C PHE MA 128 5.72 -9.53 103.20
N ASN MA 129 5.10 -10.62 103.67
CA ASN MA 129 4.14 -11.35 102.86
C ASN MA 129 2.79 -10.64 102.80
N ASP MA 130 2.39 -9.97 103.88
CA ASP MA 130 1.14 -9.25 103.93
C ASP MA 130 1.20 -8.22 105.05
N VAL MA 131 0.48 -7.12 104.85
CA VAL MA 131 0.34 -6.07 105.86
C VAL MA 131 -1.13 -5.66 105.90
N ARG MA 132 -1.49 -4.98 106.99
CA ARG MA 132 -2.85 -4.46 107.13
C ARG MA 132 -2.81 -3.20 107.97
N LEU MA 133 -3.29 -2.10 107.41
CA LEU MA 133 -3.37 -0.82 108.10
C LEU MA 133 -4.82 -0.55 108.50
N ILE MA 134 -5.02 -0.27 109.78
CA ILE MA 134 -6.35 0.02 110.31
C ILE MA 134 -6.26 1.26 111.19
N CYS MA 135 -7.40 1.91 111.36
CA CYS MA 135 -7.48 3.02 112.31
C CYS MA 135 -7.31 2.48 113.73
N GLU MA 136 -6.86 3.37 114.62
CA GLU MA 136 -6.67 2.99 116.01
C GLU MA 136 -8.00 2.57 116.62
N PRO MA 137 -8.08 1.39 117.24
CA PRO MA 137 -9.37 0.94 117.77
C PRO MA 137 -9.91 1.86 118.85
N GLU MA 138 -11.23 1.92 118.94
CA GLU MA 138 -11.88 2.84 119.88
C GLU MA 138 -11.47 2.53 121.31
N SER MA 139 -11.27 1.24 121.64
CA SER MA 139 -10.89 0.88 123.00
C SER MA 139 -9.53 1.45 123.38
N GLU MA 140 -8.57 1.41 122.45
CA GLU MA 140 -7.23 1.90 122.69
C GLU MA 140 -7.01 3.31 122.13
N ARG MA 141 -8.05 4.12 122.10
CA ARG MA 141 -7.96 5.46 121.54
C ARG MA 141 -7.07 6.34 122.42
N TYR MA 142 -6.40 7.29 121.76
CA TYR MA 142 -5.50 8.23 122.43
C TYR MA 142 -6.33 9.18 123.28
N LYS MA 143 -6.40 8.92 124.58
CA LYS MA 143 -7.21 9.71 125.50
C LYS MA 143 -6.32 10.49 126.45
N TYR MA 144 -6.78 11.69 126.81
CA TYR MA 144 -6.11 12.52 127.80
C TYR MA 144 -7.17 13.35 128.50
N TRP MA 145 -6.86 13.80 129.72
CA TRP MA 145 -7.84 14.38 130.62
C TRP MA 145 -7.46 15.81 130.99
N TYR MA 146 -8.47 16.65 131.11
CA TYR MA 146 -8.32 18.05 131.51
C TYR MA 146 -8.92 18.23 132.90
N ASN MA 147 -8.17 18.86 133.80
CA ASN MA 147 -8.64 19.12 135.15
C ASN MA 147 -9.46 20.41 135.15
N LYS MA 148 -10.70 20.32 135.62
CA LYS MA 148 -11.60 21.47 135.60
C LYS MA 148 -11.06 22.62 136.45
N GLU MA 149 -10.55 22.31 137.64
CA GLU MA 149 -10.09 23.33 138.56
C GLU MA 149 -8.60 23.62 138.42
N SER MA 150 -7.78 22.58 138.34
CA SER MA 150 -6.33 22.76 138.26
C SER MA 150 -5.89 23.42 136.97
N ARG MA 151 -6.71 23.37 135.92
CA ARG MA 151 -6.40 23.97 134.62
C ARG MA 151 -5.11 23.38 134.05
N GLU MA 152 -5.12 22.06 133.86
CA GLU MA 152 -3.97 21.36 133.31
C GLU MA 152 -4.44 20.07 132.67
N TYR MA 153 -3.55 19.46 131.89
CA TYR MA 153 -3.86 18.27 131.11
C TYR MA 153 -2.97 17.12 131.56
N SER MA 154 -3.57 15.93 131.68
CA SER MA 154 -2.87 14.77 132.19
C SER MA 154 -3.37 13.52 131.48
N PHE MA 155 -2.52 12.49 131.47
CA PHE MA 155 -2.86 11.19 130.90
C PHE MA 155 -3.45 10.25 131.93
N ILE MA 156 -3.57 10.66 133.19
CA ILE MA 156 -4.03 9.81 134.26
C ILE MA 156 -5.38 10.32 134.75
N GLN MA 157 -6.36 9.42 134.82
CA GLN MA 157 -7.69 9.78 135.27
C GLN MA 157 -7.78 9.79 136.79
N GLU MA 164 -13.38 17.89 138.65
CA GLU MA 164 -14.03 17.03 137.66
C GLU MA 164 -13.21 16.94 136.38
N GLN MA 165 -12.54 15.81 136.20
CA GLN MA 165 -11.73 15.59 135.00
C GLN MA 165 -12.64 15.27 133.81
N LEU MA 166 -12.27 15.79 132.65
CA LEU MA 166 -13.03 15.58 131.42
C LEU MA 166 -12.16 14.85 130.40
N GLN MA 167 -12.82 14.11 129.52
CA GLN MA 167 -12.15 13.25 128.56
C GLN MA 167 -11.95 13.96 127.22
N LEU MA 168 -10.75 13.82 126.66
CA LEU MA 168 -10.42 14.36 125.35
C LEU MA 168 -9.73 13.29 124.52
N THR MA 169 -9.94 13.35 123.21
CA THR MA 169 -9.47 12.33 122.28
C THR MA 169 -8.71 12.97 121.14
N LEU MA 170 -7.58 12.37 120.78
CA LEU MA 170 -6.79 12.78 119.63
C LEU MA 170 -7.12 11.88 118.44
N ARG MA 171 -7.40 12.48 117.29
CA ARG MA 171 -7.77 11.74 116.10
C ARG MA 171 -6.58 11.54 115.17
N GLY MA 172 -6.53 10.37 114.53
CA GLY MA 172 -5.49 10.06 113.58
C GLY MA 172 -4.41 9.20 114.17
N ASN MA 173 -4.51 7.88 113.95
CA ASN MA 173 -3.57 6.93 114.49
C ASN MA 173 -3.76 5.58 113.82
N TYR MA 174 -2.68 4.98 113.34
CA TYR MA 174 -2.75 3.73 112.60
C TYR MA 174 -2.06 2.61 113.37
N TRP MA 175 -2.67 1.43 113.36
CA TRP MA 175 -2.05 0.21 113.85
C TRP MA 175 -1.60 -0.60 112.65
N LEU MA 176 -0.31 -0.90 112.58
CA LEU MA 176 0.28 -1.57 111.43
C LEU MA 176 0.59 -3.02 111.79
N TYR MA 177 -0.22 -3.94 111.25
CA TYR MA 177 0.04 -5.36 111.40
C TYR MA 177 0.94 -5.83 110.28
N LEU MA 178 2.00 -6.54 110.63
CA LEU MA 178 2.99 -7.01 109.67
C LEU MA 178 3.04 -8.53 109.68
N LEU MA 179 2.95 -9.13 108.50
CA LEU MA 179 3.12 -10.57 108.34
C LEU MA 179 4.44 -10.83 107.65
N PRO MA 180 5.48 -11.25 108.37
CA PRO MA 180 6.81 -11.34 107.78
C PRO MA 180 6.98 -12.57 106.89
N ASN MA 181 7.96 -12.49 106.00
CA ASN MA 181 8.34 -13.61 105.17
C ASN MA 181 9.28 -14.52 105.95
N ARG MA 182 9.70 -15.62 105.30
CA ARG MA 182 10.56 -16.59 105.98
C ARG MA 182 11.94 -16.00 106.27
N GLU MA 183 12.53 -15.31 105.29
CA GLU MA 183 13.84 -14.70 105.50
C GLU MA 183 13.77 -13.55 106.50
N THR MA 184 12.66 -12.80 106.46
CA THR MA 184 12.51 -11.68 107.39
C THR MA 184 12.47 -12.16 108.84
N GLU MA 185 11.76 -13.27 109.10
CA GLU MA 185 11.70 -13.80 110.45
C GLU MA 185 13.06 -14.26 110.95
N ASP MA 186 13.96 -14.63 110.03
CA ASP MA 186 15.31 -15.01 110.44
C ASP MA 186 16.05 -13.83 111.04
N ASP MA 187 15.93 -12.66 110.44
CA ASP MA 187 16.61 -11.46 110.92
C ASP MA 187 15.76 -10.24 110.60
N LYS MA 188 15.42 -9.45 111.62
CA LYS MA 188 14.51 -8.34 111.47
C LYS MA 188 15.17 -6.97 111.56
N THR MA 189 16.48 -6.91 111.83
CA THR MA 189 17.14 -5.63 112.01
C THR MA 189 17.10 -4.80 110.74
N LEU MA 190 17.40 -5.42 109.59
CA LEU MA 190 17.33 -4.69 108.33
C LEU MA 190 15.91 -4.30 107.99
N THR MA 191 14.95 -5.19 108.23
CA THR MA 191 13.55 -4.88 107.94
C THR MA 191 13.05 -3.73 108.80
N GLN MA 192 13.40 -3.72 110.08
CA GLN MA 192 12.95 -2.66 110.97
C GLN MA 192 13.51 -1.31 110.55
N LYS MA 193 14.80 -1.27 110.18
CA LYS MA 193 15.43 -0.01 109.81
C LYS MA 193 14.78 0.58 108.56
N ARG MA 194 14.53 -0.26 107.56
CA ARG MA 194 13.91 0.23 106.32
C ARG MA 194 12.47 0.66 106.57
N LEU MA 195 11.75 -0.05 107.44
CA LEU MA 195 10.36 0.30 107.71
C LEU MA 195 10.26 1.68 108.36
N ASN MA 196 11.17 1.98 109.30
CA ASN MA 196 11.14 3.28 109.96
C ASN MA 196 11.40 4.40 108.97
N ASP MA 197 12.34 4.21 108.05
CA ASP MA 197 12.62 5.22 107.04
C ASP MA 197 11.41 5.46 106.14
N PHE MA 198 10.74 4.37 105.73
CA PHE MA 198 9.56 4.52 104.88
C PHE MA 198 8.44 5.23 105.61
N LEU MA 199 8.22 4.89 106.88
CA LEU MA 199 7.13 5.49 107.64
C LEU MA 199 7.39 6.98 107.89
N LYS MA 200 8.65 7.36 108.02
CA LYS MA 200 8.98 8.77 108.24
C LYS MA 200 8.64 9.61 107.01
N ASP MA 201 8.97 9.12 105.82
CA ASP MA 201 8.82 9.88 104.59
C ASP MA 201 7.45 9.71 103.93
N ASN MA 202 6.60 8.85 104.46
CA ASN MA 202 5.28 8.60 103.90
C ASN MA 202 4.20 8.88 104.93
N ARG MA 203 4.40 9.91 105.75
CA ARG MA 203 3.43 10.28 106.77
C ARG MA 203 2.46 11.32 106.21
N ASN MA 204 1.17 11.08 106.43
CA ASN MA 204 0.13 11.99 105.98
C ASN MA 204 -0.13 13.06 107.03
N LEU MA 205 -0.77 14.14 106.60
CA LEU MA 205 -1.05 15.26 107.48
C LEU MA 205 -2.06 14.86 108.55
N GLY MA 206 -1.69 15.03 109.81
CA GLY MA 206 -2.58 14.73 110.91
C GLY MA 206 -2.68 13.27 111.29
N GLU MA 207 -1.84 12.40 110.73
CA GLU MA 207 -1.90 10.98 111.01
C GLU MA 207 -0.50 10.45 111.32
N SER MA 208 -0.47 9.34 112.04
CA SER MA 208 0.78 8.68 112.40
C SER MA 208 0.49 7.24 112.77
N VAL MA 209 1.54 6.43 112.80
CA VAL MA 209 1.47 5.04 113.21
C VAL MA 209 1.83 4.96 114.69
N SER MA 210 0.84 4.68 115.53
CA SER MA 210 1.05 4.65 116.97
C SER MA 210 1.43 3.28 117.51
N LYS MA 211 1.40 2.25 116.68
CA LYS MA 211 1.71 0.91 117.15
C LYS MA 211 2.09 0.03 115.97
N ILE MA 212 3.15 -0.76 116.14
CA ILE MA 212 3.59 -1.72 115.14
C ILE MA 212 3.52 -3.10 115.76
N ILE MA 213 2.78 -4.01 115.12
CA ILE MA 213 2.54 -5.34 115.64
C ILE MA 213 3.08 -6.35 114.63
N TRP MA 214 3.87 -7.30 115.12
CA TRP MA 214 4.41 -8.39 114.31
C TRP MA 214 3.65 -9.67 114.65
N LEU MA 215 3.11 -10.33 113.63
CA LEU MA 215 2.40 -11.57 113.85
C LEU MA 215 3.40 -12.70 114.12
N GLN MA 216 3.05 -13.57 115.06
CA GLN MA 216 3.96 -14.65 115.42
C GLN MA 216 3.59 -15.93 114.68
N PRO MA 217 4.58 -16.73 114.32
CA PRO MA 217 4.31 -17.94 113.54
C PRO MA 217 3.85 -19.09 114.43
N VAL MA 218 2.92 -19.88 113.89
CA VAL MA 218 2.46 -21.11 114.53
C VAL MA 218 2.65 -22.24 113.53
N ASP MA 219 3.37 -23.27 113.94
CA ASP MA 219 3.65 -24.39 113.04
C ASP MA 219 2.36 -25.07 112.63
N PHE MA 220 2.21 -25.30 111.33
CA PHE MA 220 1.02 -25.92 110.75
C PHE MA 220 1.46 -27.19 110.04
N LEU MA 221 1.50 -28.29 110.77
CA LEU MA 221 1.97 -29.57 110.23
C LEU MA 221 0.81 -30.24 109.51
N LEU MA 222 0.81 -30.15 108.18
CA LEU MA 222 -0.25 -30.69 107.35
C LEU MA 222 0.07 -32.14 106.99
N GLN MA 223 -0.88 -33.03 107.26
CA GLN MA 223 -0.73 -34.44 106.91
C GLN MA 223 -1.30 -34.67 105.51
N LEU MA 224 -0.45 -35.14 104.60
CA LEU MA 224 -0.83 -35.26 103.19
C LEU MA 224 -0.37 -36.60 102.65
N ASP MA 225 -1.28 -37.32 102.00
CA ASP MA 225 -0.98 -38.60 101.37
C ASP MA 225 -1.35 -38.50 99.90
N ILE MA 226 -0.36 -38.74 99.03
CA ILE MA 226 -0.51 -38.56 97.59
C ILE MA 226 -0.06 -39.82 96.88
N GLU MA 227 -0.87 -40.28 95.93
CA GLU MA 227 -0.56 -41.44 95.10
C GLU MA 227 -0.23 -40.99 93.69
N LEU MA 228 0.86 -41.51 93.13
CA LEU MA 228 1.34 -41.12 91.82
C LEU MA 228 0.81 -42.05 90.72
N ASP MA 229 0.95 -41.58 89.49
CA ASP MA 229 0.71 -42.45 88.34
C ASP MA 229 1.84 -43.46 88.20
N ASP MA 230 1.56 -44.56 87.53
CA ASP MA 230 2.54 -45.64 87.42
C ASP MA 230 3.71 -45.28 86.53
N ASP MA 231 3.55 -44.31 85.64
CA ASP MA 231 4.57 -43.96 84.64
C ASP MA 231 5.21 -42.61 84.93
N VAL MA 232 5.45 -42.31 86.20
CA VAL MA 232 6.05 -41.04 86.58
C VAL MA 232 7.54 -41.07 86.24
N SER MA 233 8.02 -40.03 85.57
CA SER MA 233 9.41 -39.96 85.14
C SER MA 233 10.30 -39.28 86.17
N ASP MA 234 9.91 -38.11 86.66
CA ASP MA 234 10.71 -37.34 87.60
C ASP MA 234 10.03 -37.34 88.97
N LEU MA 235 10.82 -37.63 90.01
CA LEU MA 235 10.34 -37.67 91.38
C LEU MA 235 10.56 -36.36 92.12
N ALA MA 236 11.77 -35.80 92.04
CA ALA MA 236 12.06 -34.54 92.73
C ALA MA 236 11.20 -33.40 92.20
N ASP MA 237 10.83 -33.45 90.91
CA ASP MA 237 9.99 -32.40 90.35
C ASP MA 237 8.61 -32.38 91.00
N ILE MA 238 8.03 -33.56 91.23
CA ILE MA 238 6.70 -33.61 91.84
C ILE MA 238 6.73 -33.10 93.27
N PHE MA 239 7.82 -33.37 93.99
CA PHE MA 239 7.95 -32.84 95.35
C PHE MA 239 7.99 -31.33 95.34
N ALA MA 240 8.73 -30.75 94.39
CA ALA MA 240 8.79 -29.29 94.30
C ALA MA 240 7.43 -28.70 93.97
N GLN MA 241 6.70 -29.33 93.03
CA GLN MA 241 5.37 -28.84 92.68
C GLN MA 241 4.41 -28.95 93.86
N VAL MA 242 4.49 -30.04 94.62
CA VAL MA 242 3.58 -30.23 95.75
C VAL MA 242 3.86 -29.17 96.82
N TYR MA 243 5.14 -28.95 97.14
CA TYR MA 243 5.47 -27.96 98.17
C TYR MA 243 5.11 -26.55 97.72
N MET MA 244 5.42 -26.21 96.47
CA MET MA 244 5.12 -24.87 95.97
C MET MA 244 3.62 -24.62 95.96
N THR MA 245 2.83 -25.60 95.53
CA THR MA 245 1.39 -25.45 95.52
C THR MA 245 0.83 -25.31 96.93
N THR MA 246 1.34 -26.12 97.86
CA THR MA 246 0.82 -26.09 99.23
C THR MA 246 1.22 -24.81 99.95
N GLU MA 247 2.46 -24.35 99.76
CA GLU MA 247 2.92 -23.13 100.41
C GLU MA 247 2.11 -21.93 99.95
N GLN MA 248 1.82 -21.85 98.65
CA GLN MA 248 1.00 -20.77 98.14
C GLN MA 248 -0.43 -20.84 98.66
N MET MA 249 -0.96 -22.05 98.85
CA MET MA 249 -2.33 -22.18 99.32
C MET MA 249 -2.49 -21.73 100.76
N VAL MA 250 -1.43 -21.75 101.54
CA VAL MA 250 -1.49 -21.37 102.94
C VAL MA 250 -1.13 -19.89 103.14
N LEU MA 251 -0.13 -19.40 102.41
CA LEU MA 251 0.42 -18.06 102.59
C LEU MA 251 0.54 -17.35 101.25
N THR MA 252 -0.55 -17.32 100.50
CA THR MA 252 -0.61 -16.72 99.17
C THR MA 252 0.10 -15.38 99.11
N SER MA 253 1.11 -15.29 98.24
CA SER MA 253 1.92 -14.11 98.05
C SER MA 253 1.31 -13.20 97.00
N PRO MA 254 1.62 -11.91 97.04
CA PRO MA 254 1.11 -11.01 96.00
C PRO MA 254 1.66 -11.38 94.63
N LEU MA 255 0.85 -11.13 93.60
CA LEU MA 255 1.22 -11.40 92.22
C LEU MA 255 1.63 -10.10 91.55
N ARG MA 256 2.90 -9.98 91.19
CA ARG MA 256 3.43 -8.78 90.57
C ARG MA 256 3.62 -8.98 89.08
N TYR MA 257 3.57 -7.88 88.34
CA TYR MA 257 3.76 -7.91 86.89
C TYR MA 257 4.59 -6.70 86.47
N SER MA 258 5.35 -6.87 85.40
CA SER MA 258 6.04 -5.74 84.79
C SER MA 258 5.06 -4.94 83.93
N THR MA 259 5.51 -3.75 83.51
CA THR MA 259 4.65 -2.89 82.71
C THR MA 259 4.27 -3.55 81.39
N GLN MA 260 5.25 -4.22 80.75
CA GLN MA 260 4.96 -4.92 79.50
C GLN MA 260 3.95 -6.04 79.71
N ALA MA 261 4.09 -6.78 80.80
CA ALA MA 261 3.15 -7.87 81.09
C ALA MA 261 1.74 -7.32 81.31
N MET MA 262 1.62 -6.20 82.02
CA MET MA 262 0.30 -5.60 82.23
C MET MA 262 -0.29 -5.12 80.92
N ILE MA 263 0.56 -4.60 80.01
CA ILE MA 263 0.07 -4.22 78.69
C ILE MA 263 -0.43 -5.43 77.93
N GLU MA 264 0.30 -6.54 77.99
CA GLU MA 264 -0.11 -7.75 77.29
C GLU MA 264 -1.41 -8.32 77.85
N GLN MA 265 -1.70 -8.04 79.11
CA GLN MA 265 -2.92 -8.56 79.73
C GLN MA 265 -4.16 -7.77 79.33
N GLY MA 266 -4.00 -6.68 78.59
CA GLY MA 266 -5.13 -5.87 78.15
C GLY MA 266 -5.35 -4.60 78.95
N TYR MA 267 -4.49 -4.30 79.92
CA TYR MA 267 -4.63 -3.08 80.70
C TYR MA 267 -4.20 -1.86 79.88
N SER MA 268 -4.70 -0.71 80.28
CA SER MA 268 -4.33 0.57 79.70
C SER MA 268 -3.48 1.36 80.69
N ASN MA 269 -2.73 2.32 80.16
CA ASN MA 269 -1.84 3.12 81.00
C ASN MA 269 -2.61 3.92 82.06
N GLU MA 270 -3.90 4.11 81.87
CA GLU MA 270 -4.69 4.81 82.89
C GLU MA 270 -4.73 4.03 84.20
N GLU MA 271 -4.82 2.71 84.12
CA GLU MA 271 -4.96 1.87 85.32
C GLU MA 271 -3.68 1.12 85.68
N ILE MA 272 -2.70 1.04 84.78
CA ILE MA 272 -1.42 0.45 85.15
C ILE MA 272 -0.70 1.32 86.16
N PHE MA 273 -0.62 2.62 85.88
CA PHE MA 273 0.00 3.57 86.80
C PHE MA 273 -1.05 4.16 87.73
N GLU MA 274 -1.64 3.28 88.54
CA GLU MA 274 -2.68 3.65 89.49
C GLU MA 274 -2.22 3.25 90.89
N GLY MA 275 -2.37 4.16 91.84
CA GLY MA 275 -1.89 3.94 93.18
C GLY MA 275 -0.44 4.34 93.32
N PRO MA 276 0.20 3.93 94.40
CA PRO MA 276 1.60 4.29 94.62
C PRO MA 276 2.52 3.65 93.59
N TYR MA 277 3.66 4.31 93.35
CA TYR MA 277 4.62 3.87 92.35
C TYR MA 277 5.46 2.74 92.94
N LEU MA 278 5.31 1.54 92.39
CA LEU MA 278 6.03 0.37 92.87
C LEU MA 278 7.20 0.07 91.93
N HIS MA 279 8.39 -0.09 92.52
CA HIS MA 279 9.60 -0.29 91.73
C HIS MA 279 9.81 -1.73 91.30
N HIS MA 280 9.13 -2.68 91.92
CA HIS MA 280 9.40 -4.11 91.69
C HIS MA 280 8.16 -4.84 91.18
N GLY MA 281 7.39 -4.19 90.33
CA GLY MA 281 6.24 -4.85 89.75
C GLY MA 281 4.93 -4.23 90.21
N TRP MA 282 3.92 -4.34 89.35
CA TRP MA 282 2.60 -3.79 89.63
C TRP MA 282 1.71 -4.86 90.26
N ILE MA 283 0.84 -4.41 91.17
CA ILE MA 283 -0.06 -5.32 91.88
C ILE MA 283 -1.50 -4.94 91.54
N PRO MA 284 -2.08 -5.50 90.48
CA PRO MA 284 -3.44 -5.12 90.10
C PRO MA 284 -4.49 -5.57 91.11
N GLU MA 285 -4.47 -6.84 91.48
CA GLU MA 285 -5.45 -7.43 92.39
C GLU MA 285 -4.75 -7.99 93.61
N LEU MA 286 -5.24 -7.61 94.79
CA LEU MA 286 -4.73 -8.09 96.07
C LEU MA 286 -5.73 -9.06 96.68
N SER MA 287 -5.23 -9.91 97.57
CA SER MA 287 -6.11 -10.80 98.31
C SER MA 287 -6.96 -10.00 99.28
N ALA MA 288 -8.10 -10.58 99.67
CA ALA MA 288 -9.03 -9.89 100.56
C ALA MA 288 -8.34 -9.53 101.86
N ALA MA 289 -8.52 -8.27 102.29
CA ALA MA 289 -7.87 -7.78 103.49
C ALA MA 289 -8.44 -8.49 104.72
N LYS MA 290 -7.55 -9.07 105.52
CA LYS MA 290 -7.96 -9.80 106.70
C LYS MA 290 -8.02 -8.88 107.92
N ASP MA 291 -8.80 -9.29 108.92
CA ASP MA 291 -8.94 -8.55 110.16
C ASP MA 291 -8.08 -9.25 111.21
N TYR MA 292 -7.02 -8.58 111.66
CA TYR MA 292 -6.05 -9.16 112.57
C TYR MA 292 -6.31 -8.78 114.03
N THR MA 293 -7.43 -8.13 114.32
CA THR MA 293 -7.83 -7.84 115.68
C THR MA 293 -8.66 -8.95 116.30
N LYS MA 294 -8.89 -10.02 115.55
CA LYS MA 294 -9.66 -11.17 116.01
C LYS MA 294 -9.12 -12.41 115.31
N PRO MA 295 -9.41 -13.60 115.83
CA PRO MA 295 -8.87 -14.81 115.20
C PRO MA 295 -9.28 -14.94 113.74
N THR MA 296 -8.34 -15.39 112.92
CA THR MA 296 -8.52 -15.48 111.48
C THR MA 296 -8.83 -16.92 111.08
N GLU MA 297 -9.11 -17.10 109.80
CA GLU MA 297 -9.50 -18.39 109.25
C GLU MA 297 -8.51 -18.84 108.18
N LEU MA 298 -8.37 -20.16 108.05
CA LEU MA 298 -7.55 -20.75 107.01
C LEU MA 298 -8.36 -21.86 106.35
N LYS MA 299 -8.64 -21.69 105.06
CA LYS MA 299 -9.44 -22.64 104.30
C LYS MA 299 -8.55 -23.34 103.28
N LEU MA 300 -8.60 -24.68 103.27
CA LEU MA 300 -7.77 -25.48 102.40
C LEU MA 300 -8.59 -26.51 101.63
N SER MA 301 -9.88 -26.25 101.45
CA SER MA 301 -10.74 -27.19 100.72
C SER MA 301 -10.33 -27.30 99.27
N HIS MA 302 -9.89 -26.20 98.67
CA HIS MA 302 -9.48 -26.18 97.27
C HIS MA 302 -8.10 -26.78 97.05
N LEU MA 303 -7.37 -27.11 98.12
CA LEU MA 303 -6.07 -27.76 97.97
C LEU MA 303 -6.19 -29.09 97.23
N ALA MA 304 -7.31 -29.78 97.40
CA ALA MA 304 -7.53 -31.02 96.66
C ALA MA 304 -7.59 -30.77 95.16
N ASN MA 305 -8.26 -29.70 94.75
CA ASN MA 305 -8.37 -29.38 93.32
C ASN MA 305 -7.01 -29.08 92.71
N ARG MA 306 -6.19 -28.30 93.41
CA ARG MA 306 -4.91 -27.90 92.84
C ARG MA 306 -3.92 -29.05 92.83
N LEU MA 307 -3.91 -29.87 93.89
CA LEU MA 307 -2.96 -30.98 93.95
C LEU MA 307 -3.25 -32.02 92.86
N LEU MA 308 -4.53 -32.33 92.64
CA LEU MA 308 -4.89 -33.30 91.60
C LEU MA 308 -4.60 -32.77 90.20
N ALA MA 309 -4.46 -31.45 90.03
CA ALA MA 309 -4.15 -30.88 88.74
C ALA MA 309 -2.67 -30.96 88.40
N ILE MA 310 -1.83 -31.36 89.34
CA ILE MA 310 -0.40 -31.50 89.05
C ILE MA 310 -0.18 -32.72 88.15
N PRO MA 311 0.53 -32.59 87.04
CA PRO MA 311 0.79 -33.77 86.20
C PRO MA 311 1.65 -34.78 86.93
N GLY MA 312 1.19 -36.03 86.94
CA GLY MA 312 1.86 -37.09 87.66
C GLY MA 312 1.22 -37.47 88.98
N VAL MA 313 0.25 -36.69 89.45
CA VAL MA 313 -0.45 -36.97 90.70
C VAL MA 313 -1.78 -37.62 90.35
N GLN MA 314 -2.02 -38.81 90.90
CA GLN MA 314 -3.22 -39.58 90.57
C GLN MA 314 -4.35 -39.33 91.55
N ASN MA 315 -4.08 -39.51 92.85
CA ASN MA 315 -5.13 -39.46 93.85
C ASN MA 315 -4.57 -38.94 95.16
N ILE MA 316 -5.48 -38.45 96.00
CA ILE MA 316 -5.17 -38.02 97.37
C ILE MA 316 -6.01 -38.86 98.31
N THR MA 317 -5.36 -39.45 99.32
CA THR MA 317 -6.06 -40.33 100.25
C THR MA 317 -6.28 -39.72 101.63
N ARG MA 318 -5.45 -38.78 102.06
CA ARG MA 318 -5.66 -38.14 103.35
C ARG MA 318 -5.20 -36.68 103.28
N LEU MA 319 -6.01 -35.79 103.86
CA LEU MA 319 -5.70 -34.38 103.97
C LEU MA 319 -6.26 -33.91 105.31
N ALA MA 320 -5.39 -33.83 106.31
CA ALA MA 320 -5.81 -33.51 107.67
C ALA MA 320 -4.67 -32.80 108.38
N LEU MA 321 -4.92 -32.41 109.62
CA LEU MA 321 -3.96 -31.65 110.43
C LEU MA 321 -3.36 -32.57 111.49
N GLY MA 322 -2.04 -32.54 111.60
CA GLY MA 322 -1.34 -33.36 112.59
C GLY MA 322 -1.38 -32.76 113.98
N LYS MA 323 -0.26 -32.84 114.69
CA LYS MA 323 -0.19 -32.30 116.04
C LYS MA 323 -0.19 -30.77 115.99
N HIS MA 324 -1.13 -30.17 116.69
CA HIS MA 324 -1.26 -28.72 116.76
C HIS MA 324 -1.48 -28.30 118.21
N ASP MA 325 -0.91 -27.15 118.56
CA ASP MA 325 -1.09 -26.61 119.90
C ASP MA 325 -2.45 -25.91 119.98
N GLU MA 326 -2.70 -25.20 121.06
CA GLU MA 326 -4.01 -24.58 121.27
C GLU MA 326 -4.25 -23.38 120.36
N ASN MA 327 -3.21 -22.85 119.70
CA ASN MA 327 -3.39 -21.71 118.82
C ASN MA 327 -4.14 -22.07 117.55
N ILE MA 328 -4.15 -23.35 117.17
CA ILE MA 328 -4.88 -23.83 116.00
C ILE MA 328 -6.04 -24.70 116.49
N SER MA 329 -7.24 -24.38 116.04
CA SER MA 329 -8.42 -25.16 116.37
C SER MA 329 -9.25 -25.39 115.13
N PRO MA 330 -9.88 -26.56 115.01
CA PRO MA 330 -10.72 -26.84 113.85
C PRO MA 330 -11.93 -25.93 113.81
N LEU MA 331 -12.37 -25.62 112.59
CA LEU MA 331 -13.55 -24.78 112.40
C LEU MA 331 -14.82 -25.57 112.71
N ALA MA 332 -15.92 -24.84 112.86
CA ALA MA 332 -17.20 -25.44 113.17
C ALA MA 332 -17.80 -26.05 111.91
N ASP MA 333 -17.90 -27.38 111.88
CA ASP MA 333 -18.53 -28.18 110.84
C ASP MA 333 -17.75 -28.17 109.52
N ASP MA 334 -16.64 -27.46 109.43
CA ASP MA 334 -15.84 -27.42 108.22
C ASP MA 334 -14.70 -28.42 108.36
N SER MA 335 -14.63 -29.38 107.43
CA SER MA 335 -13.65 -30.45 107.54
C SER MA 335 -12.25 -29.98 107.18
N TRP MA 336 -12.12 -28.97 106.33
CA TRP MA 336 -10.83 -28.51 105.84
C TRP MA 336 -10.63 -27.03 106.11
N SER MA 337 -11.07 -26.57 107.27
CA SER MA 337 -10.84 -25.19 107.69
C SER MA 337 -10.40 -25.18 109.15
N TRP MA 338 -9.63 -24.16 109.52
CA TRP MA 338 -9.08 -24.06 110.86
C TRP MA 338 -9.05 -22.61 111.30
N THR MA 339 -9.18 -22.39 112.60
CA THR MA 339 -9.14 -21.05 113.17
C THR MA 339 -7.77 -20.80 113.79
N ILE MA 340 -7.12 -19.75 113.33
CA ILE MA 340 -5.81 -19.33 113.86
C ILE MA 340 -6.05 -18.25 114.91
N ALA MA 341 -5.42 -18.41 116.06
CA ALA MA 341 -5.62 -17.48 117.16
C ALA MA 341 -5.14 -16.08 116.78
N GLN MA 342 -5.71 -15.09 117.44
CA GLN MA 342 -5.38 -13.71 117.15
C GLN MA 342 -3.91 -13.44 117.41
N GLY MA 343 -3.29 -12.65 116.52
CA GLY MA 343 -1.89 -12.35 116.63
C GLY MA 343 -0.95 -13.40 116.11
N TYR MA 344 -1.47 -14.46 115.48
CA TYR MA 344 -0.65 -15.55 114.98
C TYR MA 344 -1.00 -15.84 113.53
N TYR MA 345 -0.03 -16.37 112.80
CA TYR MA 345 -0.23 -16.79 111.41
C TYR MA 345 0.31 -18.21 111.23
N PRO MA 346 -0.29 -18.99 110.33
CA PRO MA 346 0.16 -20.37 110.14
C PRO MA 346 1.43 -20.44 109.31
N ARG MA 347 2.40 -21.20 109.82
CA ARG MA 347 3.65 -21.46 109.11
C ARG MA 347 3.69 -22.94 108.75
N LEU MA 348 3.94 -23.22 107.47
CA LEU MA 348 3.83 -24.58 106.95
C LEU MA 348 5.09 -25.37 107.26
N TRP MA 349 4.92 -26.48 107.98
CA TRP MA 349 5.98 -27.46 108.21
C TRP MA 349 7.19 -26.86 108.91
N GLY MA 350 6.94 -25.96 109.87
CA GLY MA 350 7.97 -25.52 110.78
C GLY MA 350 9.02 -24.60 110.16
N ASN MA 351 10.16 -24.56 110.84
CA ASN MA 351 11.25 -23.66 110.43
C ASN MA 351 11.83 -24.06 109.08
N ASP MA 352 12.14 -25.34 108.92
CA ASP MA 352 12.73 -25.85 107.67
C ASP MA 352 11.76 -26.82 107.03
N PRO MA 353 11.00 -26.38 106.02
CA PRO MA 353 10.03 -27.28 105.39
C PRO MA 353 10.71 -28.41 104.62
N LEU MA 354 11.63 -28.06 103.73
CA LEU MA 354 12.21 -29.04 102.82
C LEU MA 354 12.94 -30.14 103.57
N ASP MA 355 13.58 -29.80 104.69
CA ASP MA 355 14.20 -30.82 105.52
C ASP MA 355 13.17 -31.79 106.08
N LEU MA 356 12.02 -31.26 106.50
CA LEU MA 356 10.97 -32.12 107.07
C LEU MA 356 10.41 -33.08 106.03
N ILE MA 357 10.21 -32.61 104.79
CA ILE MA 357 9.70 -33.48 103.73
C ILE MA 357 10.69 -34.59 103.43
N SER MA 358 11.98 -34.26 103.38
CA SER MA 358 12.99 -35.27 103.11
C SER MA 358 13.24 -36.20 104.29
N SER MA 359 12.68 -35.88 105.46
CA SER MA 359 12.89 -36.70 106.65
C SER MA 359 12.09 -38.01 106.56
N SER MA 360 12.48 -38.96 107.42
CA SER MA 360 11.75 -40.22 107.48
C SER MA 360 10.39 -40.06 108.14
N ALA MA 361 10.25 -39.08 109.04
CA ALA MA 361 8.99 -38.80 109.70
C ALA MA 361 8.18 -37.71 108.99
N SER MA 362 8.33 -37.61 107.67
CA SER MA 362 7.69 -36.55 106.92
C SER MA 362 6.17 -36.69 107.00
N PRO MA 363 5.43 -35.61 107.29
CA PRO MA 363 3.97 -35.68 107.21
C PRO MA 363 3.44 -35.90 105.82
N LEU MA 364 4.23 -35.60 104.78
CA LEU MA 364 3.84 -35.82 103.40
C LEU MA 364 4.35 -37.18 102.94
N THR MA 365 3.44 -38.02 102.45
CA THR MA 365 3.77 -39.36 102.02
C THR MA 365 3.38 -39.52 100.55
N ILE MA 366 4.35 -39.92 99.74
CA ILE MA 366 4.16 -40.11 98.30
C ILE MA 366 4.36 -41.59 97.99
N THR MA 367 3.38 -42.18 97.30
CA THR MA 367 3.39 -43.61 97.01
C THR MA 367 3.06 -43.82 95.54
N ALA MA 368 3.88 -44.65 94.87
CA ALA MA 368 3.63 -45.04 93.49
C ALA MA 368 3.61 -46.56 93.41
N LYS MA 369 3.00 -47.07 92.33
CA LYS MA 369 2.86 -48.50 92.11
C LYS MA 369 2.17 -49.19 93.28
N GLY MA 370 1.21 -48.51 93.90
CA GLY MA 370 0.45 -49.10 94.98
C GLY MA 370 1.17 -49.15 96.32
N GLY MA 371 2.38 -49.69 96.35
CA GLY MA 371 3.07 -49.89 97.60
C GLY MA 371 4.55 -49.58 97.62
N VAL MA 372 4.98 -48.62 96.82
CA VAL MA 372 6.37 -48.19 96.79
C VAL MA 372 6.44 -46.77 97.33
N LYS MA 373 7.20 -46.58 98.41
CA LYS MA 373 7.39 -45.26 98.98
C LYS MA 373 8.52 -44.54 98.25
N ILE MA 374 8.35 -43.23 98.07
CA ILE MA 374 9.30 -42.41 97.33
C ILE MA 374 9.94 -41.43 98.29
N THR MA 375 11.28 -41.42 98.34
CA THR MA 375 12.04 -40.51 99.18
C THR MA 375 13.00 -39.74 98.30
N VAL MA 376 13.03 -38.41 98.49
CA VAL MA 376 13.89 -37.53 97.71
C VAL MA 376 14.70 -36.67 98.68
N SER MA 377 15.99 -36.54 98.42
CA SER MA 377 16.85 -35.75 99.27
C SER MA 377 16.49 -34.26 99.18
N LYS MA 378 16.91 -33.50 100.20
CA LYS MA 378 16.56 -32.09 100.27
C LYS MA 378 17.18 -31.31 99.12
N GLN MA 379 18.41 -31.66 98.73
CA GLN MA 379 19.09 -30.91 97.69
C GLN MA 379 18.37 -31.00 96.36
N ASP MA 380 17.81 -32.17 96.04
CA ASP MA 380 17.08 -32.33 94.80
C ASP MA 380 15.85 -31.43 94.75
N ILE MA 381 15.12 -31.33 95.87
CA ILE MA 381 13.95 -30.46 95.91
C ILE MA 381 14.36 -29.00 95.79
N GLU MA 382 15.49 -28.63 96.41
CA GLU MA 382 15.99 -27.27 96.28
C GLU MA 382 16.35 -26.95 94.83
N ASN MA 383 16.94 -27.90 94.13
CA ASN MA 383 17.33 -27.68 92.73
C ASN MA 383 16.10 -27.46 91.85
N LYS MA 384 15.03 -28.20 92.10
CA LYS MA 384 13.83 -28.11 91.28
C LYS MA 384 12.97 -26.90 91.58
N ILE MA 385 13.27 -26.16 92.65
CA ILE MA 385 12.53 -24.95 92.97
C ILE MA 385 13.19 -23.78 92.28
N ILE MA 386 12.42 -23.08 91.46
CA ILE MA 386 12.91 -21.97 90.66
C ILE MA 386 12.65 -20.66 91.41
N ALA MA 387 13.58 -19.72 91.27
CA ALA MA 387 13.47 -18.43 91.92
C ALA MA 387 12.83 -17.42 90.98
N GLU MA 388 11.84 -16.70 91.48
CA GLU MA 388 11.14 -15.71 90.68
C GLU MA 388 12.08 -14.56 90.31
N PRO MA 389 12.17 -14.19 89.04
CA PRO MA 389 13.06 -13.09 88.66
C PRO MA 389 12.60 -11.77 89.25
N LEU MA 390 13.57 -10.89 89.50
CA LEU MA 390 13.31 -9.60 90.13
C LEU MA 390 12.94 -8.58 89.07
N ILE MA 391 11.71 -8.06 89.16
CA ILE MA 391 11.26 -7.00 88.27
C ILE MA 391 11.76 -5.67 88.79
N GLU MA 392 12.13 -4.77 87.87
CA GLU MA 392 12.58 -3.43 88.24
C GLU MA 392 12.14 -2.47 87.15
N THR MA 393 11.15 -1.62 87.47
CA THR MA 393 10.60 -0.68 86.50
C THR MA 393 11.31 0.66 86.63
N GLN MA 394 11.97 1.08 85.56
CA GLN MA 394 12.69 2.34 85.49
C GLN MA 394 11.78 3.44 84.97
N PRO MA 395 12.07 4.69 85.28
CA PRO MA 395 11.26 5.79 84.73
C PRO MA 395 11.31 5.82 83.21
N GLU MA 396 10.17 6.15 82.61
CA GLU MA 396 10.08 6.26 81.16
C GLU MA 396 10.59 7.62 80.69
N LEU MA 397 11.25 7.63 79.54
CA LEU MA 397 11.82 8.86 79.00
C LEU MA 397 11.64 8.90 77.49
N LEU MA 398 11.49 10.10 76.97
CA LEU MA 398 11.62 10.37 75.54
C LEU MA 398 13.02 10.94 75.35
N ASN MA 399 13.94 10.09 74.89
CA ASN MA 399 15.35 10.45 74.86
C ASN MA 399 15.60 11.66 73.97
N TRP MA 400 16.74 12.30 74.19
CA TRP MA 400 17.11 13.48 73.43
C TRP MA 400 17.20 13.15 71.94
N GLY MA 401 16.73 14.08 71.12
CA GLY MA 401 16.89 13.98 69.69
C GLY MA 401 18.25 14.49 69.26
N LYS MA 402 18.35 14.84 67.99
CA LYS MA 402 19.57 15.42 67.44
C LYS MA 402 19.40 16.93 67.36
N HIS MA 403 20.26 17.65 68.08
CA HIS MA 403 20.22 19.11 68.03
C HIS MA 403 20.58 19.59 66.63
N ARG MA 404 19.83 20.56 66.14
CA ARG MA 404 19.97 21.05 64.78
C ARG MA 404 20.26 22.54 64.82
N LYS MA 405 21.24 22.97 64.02
CA LYS MA 405 21.69 24.36 64.04
C LYS MA 405 20.68 25.26 63.34
N VAL MA 406 19.48 25.39 63.92
CA VAL MA 406 18.47 26.27 63.37
C VAL MA 406 18.86 27.72 63.57
N LEU MA 407 19.48 28.05 64.71
CA LEU MA 407 19.79 29.43 65.04
C LEU MA 407 20.69 30.09 64.01
N ASP MA 408 21.55 29.32 63.34
CA ASP MA 408 22.49 29.89 62.39
C ASP MA 408 21.75 30.65 61.30
N TYR MA 409 22.19 31.87 61.04
CA TYR MA 409 21.60 32.72 60.02
C TYR MA 409 22.66 33.14 59.01
N TYR MA 410 22.28 33.12 57.74
CA TYR MA 410 23.15 33.53 56.64
C TYR MA 410 22.51 34.75 55.97
N PRO MA 411 23.17 35.90 55.96
CA PRO MA 411 22.53 37.11 55.43
C PRO MA 411 22.12 36.94 53.97
N VAL MA 412 20.96 37.50 53.64
CA VAL MA 412 20.38 37.28 52.32
C VAL MA 412 20.99 38.19 51.25
N SER MA 413 21.67 39.27 51.66
CA SER MA 413 22.32 40.13 50.69
C SER MA 413 23.53 39.45 50.05
N ASN MA 414 24.04 38.38 50.65
CA ASN MA 414 25.17 37.65 50.08
C ASN MA 414 24.79 36.83 48.86
N LYS MA 415 23.50 36.63 48.61
CA LYS MA 415 23.04 35.88 47.44
C LYS MA 415 22.85 36.74 46.21
N LEU MA 416 22.97 38.06 46.34
CA LEU MA 416 22.83 38.93 45.19
C LEU MA 416 24.07 38.85 44.30
N PRO MA 417 23.92 39.07 43.00
CA PRO MA 417 25.09 39.07 42.11
C PRO MA 417 26.05 40.20 42.45
N ALA MA 418 27.29 40.04 42.00
CA ALA MA 418 28.36 40.97 42.35
C ALA MA 418 28.14 42.36 41.78
N CYS MA 419 27.32 42.49 40.73
CA CYS MA 419 27.12 43.79 40.10
C CYS MA 419 26.35 44.77 40.98
N TYR MA 420 25.75 44.30 42.07
CA TYR MA 420 25.00 45.18 42.97
C TYR MA 420 25.88 45.86 44.01
N GLY MA 421 27.14 45.47 44.13
CA GLY MA 421 28.07 46.15 45.00
C GLY MA 421 27.98 45.81 46.46
N LEU MA 422 27.26 44.75 46.83
CA LEU MA 422 27.13 44.36 48.23
C LEU MA 422 28.15 43.32 48.66
N GLN MA 423 29.08 42.94 47.80
CA GLN MA 423 30.09 41.96 48.15
C GLN MA 423 31.38 42.60 48.64
N THR MA 424 31.74 43.76 48.08
CA THR MA 424 32.91 44.48 48.54
C THR MA 424 32.52 45.51 49.60
N TYR MA 425 33.53 45.99 50.33
CA TYR MA 425 33.29 46.94 51.40
C TYR MA 425 32.70 48.24 50.84
N ALA MA 426 31.69 48.75 51.54
CA ALA MA 426 30.96 49.91 51.05
C ALA MA 426 31.80 51.17 51.18
N GLU MA 427 31.89 51.92 50.08
CA GLU MA 427 32.60 53.20 50.06
C GLU MA 427 31.79 54.35 49.52
N THR MA 428 30.75 54.09 48.73
CA THR MA 428 29.92 55.14 48.14
C THR MA 428 28.58 55.21 48.86
N GLN MA 429 27.85 56.29 48.59
CA GLN MA 429 26.53 56.47 49.18
C GLN MA 429 25.54 55.42 48.67
N GLN MA 430 25.65 55.05 47.39
CA GLN MA 430 24.70 54.11 46.81
C GLN MA 430 24.80 52.74 47.47
N GLN MA 431 26.03 52.26 47.70
CA GLN MA 431 26.19 50.95 48.34
C GLN MA 431 25.67 50.96 49.77
N VAL MA 432 25.96 52.02 50.52
CA VAL MA 432 25.52 52.11 51.90
C VAL MA 432 23.99 52.14 51.97
N HIS MA 433 23.37 52.91 51.07
CA HIS MA 433 21.92 53.02 51.07
C HIS MA 433 21.26 51.66 50.79
N LEU MA 434 21.83 50.89 49.86
CA LEU MA 434 21.29 49.56 49.59
C LEU MA 434 21.45 48.63 50.79
N HIS MA 435 22.60 48.72 51.48
CA HIS MA 435 22.80 47.90 52.67
C HIS MA 435 21.80 48.27 53.77
N GLN MA 436 21.49 49.56 53.91
CA GLN MA 436 20.55 49.98 54.93
C GLN MA 436 19.12 49.61 54.57
N PHE MA 437 18.80 49.59 53.27
CA PHE MA 437 17.47 49.18 52.85
C PHE MA 437 17.20 47.72 53.17
N MET MA 438 18.19 46.86 52.96
CA MET MA 438 18.01 45.43 53.18
C MET MA 438 18.01 45.06 54.66
N LEU MA 439 18.58 45.91 55.52
CA LEU MA 439 18.80 45.53 56.91
C LEU MA 439 17.52 45.16 57.66
N PRO MA 440 16.42 45.93 57.59
CA PRO MA 440 15.21 45.50 58.31
C PRO MA 440 14.70 44.15 57.88
N PHE MA 441 14.89 43.78 56.61
CA PHE MA 441 14.42 42.47 56.14
C PHE MA 441 15.32 41.36 56.64
N GLU MA 442 16.64 41.60 56.70
CA GLU MA 442 17.53 40.61 57.29
C GLU MA 442 17.23 40.42 58.77
N GLN MA 443 16.90 41.50 59.47
CA GLN MA 443 16.55 41.40 60.88
C GLN MA 443 15.31 40.55 61.09
N MET MA 444 14.29 40.74 60.24
CA MET MA 444 13.05 39.96 60.38
C MET MA 444 13.30 38.48 60.14
N LEU MA 445 14.10 38.14 59.13
CA LEU MA 445 14.43 36.74 58.89
C LEU MA 445 15.27 36.16 60.02
N ALA MA 446 16.24 36.94 60.51
CA ALA MA 446 17.08 36.46 61.61
C ALA MA 446 16.26 36.24 62.87
N ASN MA 447 15.30 37.13 63.15
CA ASN MA 447 14.46 36.97 64.33
C ASN MA 447 13.63 35.69 64.23
N GLY MA 448 13.11 35.39 63.04
CA GLY MA 448 12.39 34.14 62.85
C GLY MA 448 13.26 32.94 63.12
N CYS MA 449 14.51 32.98 62.66
CA CYS MA 449 15.45 31.91 62.96
C CYS MA 449 15.72 31.80 64.45
N ALA MA 450 15.89 32.94 65.13
CA ALA MA 450 16.15 32.93 66.56
C ALA MA 450 14.91 32.52 67.34
N GLU MA 451 13.72 32.85 66.83
CA GLU MA 451 12.49 32.46 67.50
C GLU MA 451 12.33 30.94 67.52
N LEU MA 452 12.64 30.28 66.40
CA LEU MA 452 12.53 28.83 66.34
C LEU MA 452 13.57 28.16 67.24
N ALA MA 453 14.76 28.75 67.33
CA ALA MA 453 15.80 28.19 68.19
C ALA MA 453 15.43 28.31 69.67
N LEU MA 454 14.54 29.25 70.01
CA LEU MA 454 14.13 29.44 71.39
C LEU MA 454 13.01 28.49 71.81
N LEU MA 455 12.52 27.66 70.89
CA LEU MA 455 11.38 26.78 71.15
C LEU MA 455 11.54 25.86 72.35
N PRO MA 456 12.67 25.18 72.56
CA PRO MA 456 12.78 24.34 73.78
C PRO MA 456 12.65 25.13 75.07
N LYS MA 457 13.09 26.39 75.09
CA LYS MA 457 12.95 27.21 76.28
C LYS MA 457 11.57 27.82 76.43
N LEU MA 458 10.91 28.12 75.29
CA LEU MA 458 9.58 28.73 75.36
C LEU MA 458 8.56 27.78 75.97
N LEU MA 459 8.62 26.50 75.61
CA LEU MA 459 7.67 25.51 76.08
C LEU MA 459 8.21 24.67 77.24
N ALA MA 460 9.32 25.09 77.84
CA ALA MA 460 9.92 24.31 78.92
C ALA MA 460 9.02 24.29 80.14
N PHE MA 461 8.92 23.11 80.77
CA PHE MA 461 8.13 22.99 81.99
C PHE MA 461 8.87 23.59 83.19
N LYS MA 462 10.20 23.62 83.15
CA LYS MA 462 11.00 24.07 84.27
C LYS MA 462 12.20 24.85 83.77
N GLN MA 463 12.79 25.63 84.67
CA GLN MA 463 13.98 26.43 84.38
C GLN MA 463 13.74 27.38 83.21
N ARG MA 464 12.60 28.06 83.26
CA ARG MA 464 12.26 29.00 82.20
C ARG MA 464 13.17 30.22 82.23
N GLY MA 465 13.30 30.88 81.08
CA GLY MA 465 14.21 31.98 80.91
C GLY MA 465 13.54 33.34 81.09
N ASN MA 466 14.25 34.37 80.61
CA ASN MA 466 13.80 35.74 80.74
C ASN MA 466 13.23 36.31 79.44
N THR MA 467 13.34 35.57 78.34
CA THR MA 467 12.96 36.07 77.03
C THR MA 467 11.71 35.35 76.53
N VAL MA 468 10.85 36.09 75.82
CA VAL MA 468 9.64 35.51 75.25
C VAL MA 468 9.61 35.57 73.73
N TYR MA 469 10.50 36.31 73.09
CA TYR MA 469 10.60 36.36 71.64
C TYR MA 469 12.05 36.21 71.23
N GLY MA 470 12.28 35.57 70.08
CA GLY MA 470 13.63 35.31 69.61
C GLY MA 470 14.16 36.45 68.77
N THR MA 471 15.36 36.92 69.12
CA THR MA 471 16.03 37.98 68.38
C THR MA 471 17.53 37.69 68.33
N GLN MA 472 18.19 38.22 67.30
CA GLN MA 472 19.63 38.11 67.17
C GLN MA 472 20.10 39.12 66.14
N TRP MA 473 21.40 39.42 66.19
CA TRP MA 473 21.98 40.31 65.19
C TRP MA 473 22.31 39.50 63.94
N PRO MA 474 21.82 39.92 62.76
CA PRO MA 474 21.98 39.10 61.56
C PRO MA 474 23.43 38.84 61.15
N PHE MA 475 24.34 39.77 61.42
CA PHE MA 475 25.68 39.71 60.86
C PHE MA 475 26.71 39.26 61.88
N LYS MA 476 27.77 38.62 61.39
CA LYS MA 476 28.88 38.17 62.20
C LYS MA 476 29.99 39.21 62.16
N ALA MA 477 31.14 38.88 62.76
CA ALA MA 477 32.27 39.79 62.81
C ALA MA 477 33.15 39.63 61.57
N ASN MA 478 33.92 40.69 61.29
CA ASN MA 478 34.82 40.73 60.14
C ASN MA 478 34.09 40.44 58.83
N THR MA 479 32.89 41.01 58.68
CA THR MA 479 32.09 40.85 57.48
C THR MA 479 31.80 42.22 56.86
N VAL MA 480 31.33 42.19 55.63
CA VAL MA 480 30.98 43.43 54.95
C VAL MA 480 29.78 44.09 55.62
N GLY MA 481 28.78 43.29 56.00
CA GLY MA 481 27.59 43.86 56.62
C GLY MA 481 27.86 44.46 57.98
N GLN MA 482 28.75 43.84 58.75
CA GLN MA 482 29.06 44.35 60.09
C GLN MA 482 29.72 45.72 60.03
N GLN MA 483 30.63 45.92 59.07
CA GLN MA 483 31.33 47.19 58.98
C GLN MA 483 30.38 48.33 58.63
N VAL MA 484 29.41 48.07 57.75
CA VAL MA 484 28.48 49.12 57.33
C VAL MA 484 27.63 49.58 58.50
N HIS MA 485 27.11 48.63 59.29
CA HIS MA 485 26.24 48.94 60.42
C HIS MA 485 27.00 49.03 61.73
N GLN MA 486 28.28 49.41 61.69
CA GLN MA 486 29.09 49.41 62.90
C GLN MA 486 28.59 50.43 63.91
N GLU MA 487 28.25 51.63 63.46
CA GLU MA 487 27.84 52.70 64.38
C GLU MA 487 26.41 52.58 64.86
N ILE MA 488 25.59 51.75 64.20
CA ILE MA 488 24.18 51.63 64.56
C ILE MA 488 23.90 50.37 65.36
N MET MA 489 24.85 49.45 65.45
CA MET MA 489 24.62 48.17 66.13
C MET MA 489 24.22 48.33 67.59
N PRO MA 490 24.89 49.15 68.42
CA PRO MA 490 24.47 49.24 69.83
C PRO MA 490 23.04 49.70 70.02
N ASP MA 491 22.55 50.60 69.18
CA ASP MA 491 21.19 51.09 69.33
C ASP MA 491 20.17 50.03 68.92
N LEU MA 492 20.40 49.37 67.78
CA LEU MA 492 19.47 48.34 67.32
C LEU MA 492 19.45 47.15 68.27
N ILE MA 493 20.63 46.73 68.76
CA ILE MA 493 20.68 45.61 69.69
C ILE MA 493 19.95 45.95 70.98
N LYS MA 494 20.09 47.19 71.45
CA LYS MA 494 19.35 47.62 72.63
C LYS MA 494 17.84 47.53 72.39
N GLN MA 495 17.39 47.93 71.20
CA GLN MA 495 15.98 47.80 70.87
C GLN MA 495 15.55 46.35 70.80
N LEU MA 496 16.40 45.48 70.24
CA LEU MA 496 16.05 44.06 70.14
C LEU MA 496 15.89 43.44 71.52
N ASN MA 497 16.80 43.76 72.44
CA ASN MA 497 16.69 43.24 73.81
C ASN MA 497 15.45 43.77 74.50
N ASN MA 498 15.14 45.06 74.30
CA ASN MA 498 13.98 45.67 74.94
C ASN MA 498 12.70 44.97 74.48
N ASP MA 499 12.59 44.68 73.19
CA ASP MA 499 11.35 44.13 72.63
C ASP MA 499 11.19 42.64 72.92
N SER MA 500 12.15 42.00 73.58
CA SER MA 500 12.11 40.55 73.78
C SER MA 500 12.14 40.15 75.25
N GLN MA 501 12.91 40.83 76.09
CA GLN MA 501 13.09 40.41 77.47
C GLN MA 501 11.90 40.79 78.33
N ILE MA 502 11.54 39.89 79.25
CA ILE MA 502 10.48 40.19 80.21
C ILE MA 502 10.92 41.29 81.16
N ASN MA 503 12.13 41.15 81.71
CA ASN MA 503 12.69 42.11 82.66
C ASN MA 503 14.01 42.62 82.11
N SER MA 504 14.17 43.95 82.11
CA SER MA 504 15.37 44.58 81.58
C SER MA 504 15.79 45.69 82.54
N ASP MA 505 16.73 46.53 82.09
CA ASP MA 505 17.17 47.64 82.91
C ASP MA 505 16.03 48.62 83.20
N ASP MA 506 15.18 48.86 82.20
CA ASP MA 506 14.04 49.75 82.39
C ASP MA 506 13.03 49.19 83.37
N GLY MA 507 12.99 47.87 83.54
CA GLY MA 507 12.06 47.24 84.47
C GLY MA 507 11.15 46.25 83.76
N ILE MA 508 9.90 46.20 84.21
CA ILE MA 508 8.94 45.22 83.70
C ILE MA 508 8.39 45.68 82.36
N HIS MA 509 8.43 44.80 81.37
CA HIS MA 509 7.75 45.02 80.09
C HIS MA 509 6.34 44.46 80.19
N SER MA 510 5.35 45.35 80.12
CA SER MA 510 3.97 44.95 80.40
C SER MA 510 3.48 43.91 79.40
N GLN MA 511 3.70 44.15 78.10
CA GLN MA 511 3.23 43.21 77.09
C GLN MA 511 3.96 41.88 77.20
N ASN MA 512 5.27 41.91 77.43
CA ASN MA 512 6.02 40.68 77.63
C ASN MA 512 5.59 39.98 78.91
N TYR MA 513 5.27 40.74 79.96
CA TYR MA 513 4.75 40.15 81.18
C TYR MA 513 3.43 39.42 80.93
N THR MA 514 2.54 40.04 80.14
CA THR MA 514 1.26 39.40 79.84
C THR MA 514 1.46 38.14 79.01
N LYS MA 515 2.40 38.17 78.06
CA LYS MA 515 2.66 36.98 77.24
C LYS MA 515 3.16 35.82 78.08
N GLU MA 516 4.06 36.09 79.03
CA GLU MA 516 4.60 35.02 79.86
C GLU MA 516 3.50 34.39 80.70
N LEU MA 517 2.56 35.20 81.20
CA LEU MA 517 1.44 34.65 81.96
C LEU MA 517 0.59 33.72 81.10
N SER MA 518 0.35 34.11 79.85
CA SER MA 518 -0.47 33.29 78.95
C SER MA 518 0.22 31.96 78.65
N ILE MA 519 1.54 31.97 78.46
CA ILE MA 519 2.26 30.73 78.21
C ILE MA 519 2.21 29.83 79.44
N LEU MA 520 2.40 30.42 80.62
CA LEU MA 520 2.31 29.64 81.86
C LEU MA 520 0.92 29.07 82.06
N ASN MA 521 -0.11 29.88 81.78
CA ASN MA 521 -1.48 29.40 81.93
C ASN MA 521 -1.79 28.28 80.95
N TYR MA 522 -1.29 28.39 79.72
CA TYR MA 522 -1.49 27.32 78.74
C TYR MA 522 -0.78 26.05 79.18
N LEU MA 523 0.44 26.16 79.70
CA LEU MA 523 1.17 24.98 80.14
C LEU MA 523 0.55 24.39 81.41
N LEU MA 524 0.02 25.24 82.28
CA LEU MA 524 -0.61 24.74 83.50
C LEU MA 524 -1.86 23.94 83.19
N GLU MA 525 -2.54 24.25 82.09
CA GLU MA 525 -3.75 23.52 81.72
C GLU MA 525 -3.48 22.07 81.33
N TYR MA 526 -2.20 21.70 81.15
CA TYR MA 526 -1.87 20.30 80.90
C TYR MA 526 -2.28 19.43 82.08
N PHE MA 527 -2.11 19.94 83.30
CA PHE MA 527 -2.29 19.17 84.53
C PHE MA 527 -3.58 19.53 85.26
N GLY MA 528 -4.55 20.10 84.56
CA GLY MA 528 -5.86 20.35 85.15
C GLY MA 528 -5.93 21.53 86.10
N THR MA 529 -4.95 22.42 86.07
CA THR MA 529 -4.97 23.62 86.90
C THR MA 529 -4.92 24.85 85.99
N HIS MA 530 -4.80 26.02 86.61
CA HIS MA 530 -4.77 27.27 85.86
C HIS MA 530 -4.00 28.33 86.63
N ARG MA 531 -3.64 29.39 85.92
CA ARG MA 531 -2.89 30.49 86.50
C ARG MA 531 -3.71 31.23 87.55
N ALA MA 532 -3.01 31.80 88.52
CA ALA MA 532 -3.64 32.63 89.53
C ALA MA 532 -3.97 34.00 88.95
N ALA MA 533 -4.86 34.72 89.64
CA ALA MA 533 -5.23 36.06 89.22
C ALA MA 533 -4.06 37.01 89.37
N ARG MA 534 -4.03 38.04 88.51
CA ARG MA 534 -2.94 39.00 88.54
C ARG MA 534 -2.94 39.74 89.88
N PRO MA 535 -1.77 40.00 90.45
CA PRO MA 535 -1.72 40.72 91.73
C PRO MA 535 -2.16 42.16 91.57
N LEU MA 536 -2.76 42.68 92.65
CA LEU MA 536 -3.18 44.08 92.70
C LEU MA 536 -2.36 44.92 93.65
N THR MA 537 -1.86 44.33 94.76
CA THR MA 537 -1.05 45.05 95.72
C THR MA 537 0.26 44.31 96.03
N LEU MA 538 0.65 43.36 95.18
CA LEU MA 538 1.83 42.55 95.40
C LEU MA 538 2.93 42.94 94.41
N ASP MA 539 4.03 42.21 94.45
CA ASP MA 539 5.20 42.48 93.62
C ASP MA 539 5.16 41.62 92.36
N SER MA 540 5.40 42.25 91.21
CA SER MA 540 5.29 41.54 89.93
C SER MA 540 6.33 40.43 89.83
N LEU MA 541 7.59 40.71 90.22
CA LEU MA 541 8.63 39.70 90.13
C LEU MA 541 8.35 38.54 91.07
N ASP MA 542 7.89 38.85 92.29
CA ASP MA 542 7.54 37.78 93.23
C ASP MA 542 6.38 36.94 92.71
N PHE MA 543 5.40 37.59 92.06
CA PHE MA 543 4.25 36.87 91.54
C PHE MA 543 4.68 35.89 90.45
N LEU MA 544 5.60 36.30 89.58
CA LEU MA 544 6.06 35.41 88.51
C LEU MA 544 6.79 34.20 89.08
N SER MA 545 7.52 34.38 90.17
CA SER MA 545 8.23 33.27 90.78
C SER MA 545 7.26 32.21 91.30
N THR MA 546 6.11 32.64 91.83
CA THR MA 546 5.11 31.70 92.31
C THR MA 546 4.58 30.84 91.17
N GLN MA 547 4.25 31.47 90.05
CA GLN MA 547 3.66 30.74 88.93
C GLN MA 547 4.66 29.78 88.30
N ARG MA 548 5.90 30.24 88.07
CA ARG MA 548 6.91 29.37 87.47
C ARG MA 548 7.26 28.21 88.40
N GLY MA 549 7.39 28.47 89.70
CA GLY MA 549 7.62 27.40 90.65
C GLY MA 549 6.44 26.45 90.74
N TYR MA 550 5.23 26.99 90.59
CA TYR MA 550 4.04 26.14 90.60
C TYR MA 550 4.06 25.15 89.44
N LEU MA 551 4.43 25.62 88.24
CA LEU MA 551 4.49 24.74 87.09
C LEU MA 551 5.66 23.77 87.17
N ALA MA 552 6.81 24.24 87.65
CA ALA MA 552 8.02 23.43 87.63
C ALA MA 552 7.93 22.25 88.60
N GLN MA 553 7.20 22.40 89.70
CA GLN MA 553 7.10 21.36 90.72
C GLN MA 553 5.77 20.62 90.70
N GLN MA 554 5.07 20.65 89.56
CA GLN MA 554 3.80 19.94 89.46
C GLN MA 554 3.90 18.45 89.79
N PRO MA 555 4.90 17.69 89.31
CA PRO MA 555 4.94 16.26 89.69
C PRO MA 555 5.04 16.04 91.18
N GLU MA 556 5.97 16.71 91.86
CA GLU MA 556 6.14 16.51 93.29
C GLU MA 556 4.94 17.04 94.07
N LEU MA 557 4.37 18.17 93.64
CA LEU MA 557 3.29 18.79 94.41
C LEU MA 557 2.07 17.88 94.50
N THR MA 558 1.68 17.25 93.40
CA THR MA 558 0.47 16.43 93.39
C THR MA 558 0.73 15.01 93.85
N TYR MA 559 1.92 14.47 93.62
CA TYR MA 559 2.24 13.15 94.15
C TYR MA 559 2.25 13.14 95.67
N GLN MA 560 2.79 14.20 96.27
CA GLN MA 560 2.84 14.37 97.73
C GLN MA 560 1.79 15.35 98.22
N ARG MA 561 0.59 15.27 97.63
CA ARG MA 561 -0.46 16.24 97.93
C ARG MA 561 -0.80 16.29 99.41
N ASN MA 562 -0.60 15.19 100.14
CA ASN MA 562 -0.99 15.10 101.54
C ASN MA 562 0.18 14.72 102.44
N ASN MA 563 1.41 14.82 101.95
CA ASN MA 563 2.59 14.42 102.70
C ASN MA 563 3.21 15.62 103.40
N ILE MA 564 3.70 15.39 104.62
CA ILE MA 564 4.37 16.42 105.40
C ILE MA 564 5.60 15.79 106.06
N ARG MA 565 6.74 16.47 105.97
CA ARG MA 565 7.97 16.02 106.60
C ARG MA 565 8.59 17.17 107.39
N ILE MA 566 9.45 16.80 108.34
CA ILE MA 566 10.10 17.81 109.18
C ILE MA 566 11.14 18.57 108.38
N ASP MA 567 11.21 19.88 108.62
CA ASP MA 567 12.21 20.76 108.00
C ASP MA 567 12.08 20.78 106.48
N LYS MA 568 10.87 20.62 105.98
CA LYS MA 568 10.61 20.69 104.54
C LYS MA 568 9.26 21.37 104.32
N VAL MA 569 9.24 22.31 103.39
CA VAL MA 569 7.99 23.03 103.09
C VAL MA 569 6.98 22.05 102.51
N SER MA 570 5.83 21.95 103.16
CA SER MA 570 4.81 21.01 102.74
C SER MA 570 4.19 21.43 101.41
N ALA MA 571 3.68 20.43 100.69
CA ALA MA 571 3.02 20.70 99.42
C ALA MA 571 1.75 21.52 99.60
N LEU MA 572 1.09 21.39 100.74
CA LEU MA 572 -0.10 22.18 101.01
C LEU MA 572 0.23 23.68 101.06
N GLN MA 573 1.35 24.02 101.70
CA GLN MA 573 1.77 25.43 101.76
C GLN MA 573 2.09 25.97 100.38
N LYS MA 574 2.77 25.18 99.55
CA LYS MA 574 3.12 25.63 98.21
C LYS MA 574 1.88 25.86 97.36
N ARG MA 575 0.88 24.97 97.48
CA ARG MA 575 -0.34 25.14 96.70
C ARG MA 575 -1.09 26.40 97.12
N ILE MA 576 -1.13 26.70 98.41
CA ILE MA 576 -1.79 27.91 98.88
C ILE MA 576 -1.09 29.15 98.34
N ALA MA 577 0.25 29.15 98.41
CA ALA MA 577 1.01 30.29 97.93
C ALA MA 577 0.82 30.49 96.43
N ALA MA 578 0.84 29.40 95.65
CA ALA MA 578 0.69 29.50 94.21
C ALA MA 578 -0.70 30.04 93.84
N ARG MA 579 -1.74 29.57 94.52
CA ARG MA 579 -3.10 29.99 94.19
C ARG MA 579 -3.29 31.49 94.45
N LEU MA 580 -2.71 32.00 95.53
CA LEU MA 580 -2.82 33.41 95.85
C LEU MA 580 -1.73 34.26 95.20
N GLY MA 581 -0.73 33.64 94.58
CA GLY MA 581 0.34 34.37 93.93
C GLY MA 581 1.16 35.20 94.88
N LEU MA 582 1.55 34.61 96.01
CA LEU MA 582 2.27 35.33 97.06
C LEU MA 582 3.36 34.45 97.63
N GLY MA 583 4.54 35.02 97.82
CA GLY MA 583 5.63 34.31 98.45
C GLY MA 583 6.29 33.25 97.60
N GLY MA 584 6.98 33.68 96.53
CA GLY MA 584 7.67 32.74 95.67
C GLY MA 584 8.96 32.19 96.24
N LYS MA 585 9.39 32.67 97.40
CA LYS MA 585 10.61 32.17 98.01
C LYS MA 585 10.46 30.74 98.53
N CYS MA 586 9.24 30.27 98.72
CA CYS MA 586 9.01 28.93 99.26
C CYS MA 586 9.07 27.84 98.20
N PHE MA 587 9.25 28.19 96.93
CA PHE MA 587 9.27 27.21 95.86
C PHE MA 587 10.67 26.72 95.53
N GLU MA 588 11.68 27.17 96.26
CA GLU MA 588 13.05 26.69 96.10
C GLU MA 588 13.48 25.97 97.36
N GLU MA 589 14.24 24.89 97.19
CA GLU MA 589 14.66 24.08 98.33
C GLU MA 589 15.66 24.84 99.19
N THR MA 590 15.77 24.39 100.45
CA THR MA 590 16.66 25.00 101.45
C THR MA 590 16.36 26.49 101.62
N SER MA 591 15.07 26.83 101.61
CA SER MA 591 14.64 28.22 101.82
C SER MA 591 14.43 28.45 103.32
N LYS MA 592 15.52 28.24 104.07
CA LYS MA 592 15.50 28.39 105.51
C LYS MA 592 15.84 29.81 105.98
N LEU MA 593 16.19 30.71 105.06
CA LEU MA 593 16.57 32.07 105.41
C LEU MA 593 15.81 33.12 104.62
N ASP MA 594 14.77 32.73 103.89
CA ASP MA 594 14.10 33.64 102.96
C ASP MA 594 12.92 34.38 103.57
N GLU MA 595 12.54 34.08 104.80
CA GLU MA 595 11.48 34.80 105.52
C GLU MA 595 10.16 34.75 104.73
N LEU MA 596 9.62 33.53 104.65
CA LEU MA 596 8.38 33.31 103.92
C LEU MA 596 7.26 34.16 104.52
N PRO MA 597 6.36 34.71 103.68
CA PRO MA 597 5.30 35.58 104.22
C PRO MA 597 4.32 34.86 105.14
N PHE MA 598 4.24 33.54 105.09
CA PHE MA 598 3.35 32.80 105.98
C PHE MA 598 3.92 31.41 106.21
N TYR MA 599 3.49 30.79 107.31
CA TYR MA 599 3.97 29.48 107.70
C TYR MA 599 2.80 28.60 108.11
N LEU MA 600 2.96 27.30 107.93
CA LEU MA 600 1.94 26.31 108.28
C LEU MA 600 2.48 25.41 109.38
N ILE MA 601 1.66 25.18 110.40
CA ILE MA 601 2.04 24.37 111.56
C ILE MA 601 1.01 23.28 111.76
N GLU MA 602 1.47 22.04 111.89
CA GLU MA 602 0.60 20.90 112.18
C GLU MA 602 0.46 20.78 113.69
N HIS MA 603 -0.78 20.85 114.18
CA HIS MA 603 -1.02 20.90 115.62
C HIS MA 603 -0.59 19.60 116.30
N ARG MA 604 -0.78 18.46 115.64
CA ARG MA 604 -0.44 17.18 116.25
C ARG MA 604 1.05 17.07 116.60
N GLN MA 605 1.91 17.80 115.88
CA GLN MA 605 3.34 17.74 116.15
C GLN MA 605 3.71 18.27 117.52
N LEU MA 606 2.79 18.99 118.18
CA LEU MA 606 3.04 19.56 119.51
C LEU MA 606 2.43 18.71 120.62
N LEU MA 607 2.43 17.39 120.45
CA LEU MA 607 1.88 16.48 121.45
C LEU MA 607 2.87 15.38 121.76
N PRO MA 608 2.83 14.83 122.97
CA PRO MA 608 3.71 13.70 123.30
C PRO MA 608 3.06 12.36 123.02
N VAL MA 609 3.92 11.35 122.88
CA VAL MA 609 3.45 9.99 122.67
C VAL MA 609 2.87 9.44 123.97
N LYS MA 610 1.75 8.75 123.87
CA LYS MA 610 1.13 8.17 125.05
C LYS MA 610 2.05 7.12 125.65
N PRO MA 611 2.44 7.24 126.92
CA PRO MA 611 3.43 6.34 127.49
C PRO MA 611 2.81 5.12 128.14
N ASP MA 612 3.67 4.20 128.55
CA ASP MA 612 3.23 3.00 129.26
C ASP MA 612 2.80 3.36 130.68
N THR MA 613 1.78 2.66 131.17
CA THR MA 613 1.26 2.92 132.50
C THR MA 613 2.18 2.41 133.61
N LYS MA 614 3.15 1.55 133.29
CA LYS MA 614 4.05 1.04 134.31
C LYS MA 614 4.92 2.14 134.90
N PHE MA 615 5.38 3.06 134.06
CA PHE MA 615 6.35 4.07 134.46
C PHE MA 615 5.72 5.32 135.05
N ASP MA 616 4.42 5.29 135.37
CA ASP MA 616 3.80 6.43 136.01
C ASP MA 616 4.43 6.70 137.38
N LYS MA 617 4.67 5.66 138.15
CA LYS MA 617 5.34 5.80 139.43
C LYS MA 617 6.84 6.04 139.23
N GLU MA 618 7.45 6.67 140.21
CA GLU MA 618 8.86 7.04 140.12
C GLU MA 618 9.76 5.80 140.17
N GLN MA 619 10.92 5.90 139.53
CA GLN MA 619 11.91 4.84 139.50
C GLN MA 619 13.31 5.44 139.66
N LYS MA 620 14.25 4.59 140.05
CA LYS MA 620 15.63 5.01 140.23
C LYS MA 620 16.50 4.40 139.13
N PRO MA 621 17.23 5.22 138.37
CA PRO MA 621 18.08 4.66 137.31
C PRO MA 621 19.19 3.79 137.88
N ASP MA 622 19.57 2.78 137.10
CA ASP MA 622 20.64 1.86 137.50
C ASP MA 622 21.99 2.25 136.94
N LYS MA 623 22.06 3.27 136.09
CA LYS MA 623 23.33 3.76 135.55
C LYS MA 623 23.06 5.09 134.85
N LEU MA 624 24.00 6.02 135.01
CA LEU MA 624 23.82 7.38 134.50
C LEU MA 624 25.19 7.96 134.17
N LYS MA 625 25.28 8.62 133.02
CA LYS MA 625 26.51 9.26 132.58
C LYS MA 625 26.16 10.44 131.68
N ILE MA 626 27.11 11.35 131.54
CA ILE MA 626 26.94 12.56 130.73
C ILE MA 626 28.05 12.60 129.69
N LYS MA 627 27.66 12.83 128.44
CA LYS MA 627 28.60 12.91 127.33
C LYS MA 627 28.38 14.22 126.55
N SER MA 628 29.48 14.80 126.09
CA SER MA 628 29.45 16.02 125.30
C SER MA 628 29.58 15.67 123.82
N VAL MA 629 28.67 16.18 123.01
CA VAL MA 629 28.71 15.89 121.57
C VAL MA 629 29.93 16.56 120.96
N PRO MA 630 30.60 15.91 120.01
CA PRO MA 630 31.77 16.54 119.38
C PRO MA 630 31.36 17.74 118.53
N ASN MA 631 32.28 18.71 118.45
CA ASN MA 631 32.13 19.90 117.61
C ASN MA 631 30.83 20.66 117.94
N SER MA 632 30.47 20.69 119.22
CA SER MA 632 29.29 21.43 119.65
C SER MA 632 29.34 21.59 121.16
N LYS MA 633 28.59 22.58 121.65
CA LYS MA 633 28.53 22.87 123.07
C LYS MA 633 27.48 22.07 123.81
N ASN MA 634 26.63 21.34 123.09
CA ASN MA 634 25.55 20.59 123.73
C ASN MA 634 26.09 19.32 124.38
N GLN MA 635 25.26 18.71 125.22
CA GLN MA 635 25.60 17.49 125.91
C GLN MA 635 24.38 16.56 125.94
N GLN MA 636 24.64 15.26 125.98
CA GLN MA 636 23.59 14.25 126.06
C GLN MA 636 23.64 13.59 127.43
N LEU MA 637 22.47 13.49 128.06
CA LEU MA 637 22.33 12.82 129.34
C LEU MA 637 21.84 11.40 129.09
N ILE MA 638 22.67 10.41 129.42
CA ILE MA 638 22.37 9.01 129.13
C ILE MA 638 21.92 8.34 130.42
N ILE MA 639 20.71 7.79 130.39
CA ILE MA 639 20.13 7.10 131.54
C ILE MA 639 19.96 5.63 131.18
N THR MA 640 20.24 4.75 132.15
CA THR MA 640 20.15 3.31 131.94
C THR MA 640 19.30 2.70 133.04
N GLN MA 641 18.25 1.98 132.64
CA GLN MA 641 17.40 1.24 133.57
C GLN MA 641 17.13 -0.14 133.00
N ASN MA 642 17.18 -1.15 133.86
CA ASN MA 642 17.00 -2.53 133.43
C ASN MA 642 15.52 -2.89 133.34
N GLY MA 643 15.24 -3.95 132.59
CA GLY MA 643 13.88 -4.41 132.42
C GLY MA 643 12.97 -3.42 131.72
N THR MA 644 13.47 -2.78 130.64
CA THR MA 644 12.71 -1.77 129.93
C THR MA 644 12.76 -1.96 128.42
N THR MA 645 13.09 -3.17 127.95
CA THR MA 645 13.21 -3.42 126.53
C THR MA 645 11.84 -3.38 125.86
N GLY MA 646 11.73 -2.61 124.79
CA GLY MA 646 10.47 -2.52 124.06
C GLY MA 646 9.35 -1.85 124.83
N GLN MA 647 9.70 -1.06 125.85
CA GLN MA 647 8.70 -0.40 126.68
C GLN MA 647 8.82 1.12 126.67
N LEU MA 648 9.88 1.67 126.10
CA LEU MA 648 10.07 3.11 125.99
C LEU MA 648 10.07 3.51 124.52
N LEU MA 649 9.44 4.64 124.21
CA LEU MA 649 9.27 5.09 122.85
C LEU MA 649 9.90 6.46 122.64
N TYR MA 650 10.30 6.74 121.40
CA TYR MA 650 10.76 8.07 121.05
C TYR MA 650 9.61 9.06 121.19
N GLY MA 651 9.93 10.27 121.65
CA GLY MA 651 8.93 11.27 121.89
C GLY MA 651 8.22 11.16 123.23
N GLN MA 652 8.60 10.20 124.06
CA GLN MA 652 8.00 10.08 125.39
C GLN MA 652 8.47 11.21 126.27
N VAL MA 653 7.53 11.88 126.93
CA VAL MA 653 7.85 13.01 127.79
C VAL MA 653 7.95 12.55 129.24
N ARG MA 673 11.13 19.17 133.96
CA ARG MA 673 9.87 19.09 133.22
C ARG MA 673 10.08 19.23 131.73
N GLY MA 674 9.21 18.59 130.95
CA GLY MA 674 9.26 18.69 129.51
C GLY MA 674 10.51 18.12 128.87
N GLN MA 675 10.90 16.92 129.31
CA GLN MA 675 12.06 16.23 128.76
C GLN MA 675 11.58 15.04 127.93
N MET MA 676 12.01 14.98 126.67
CA MET MA 676 11.63 13.90 125.77
C MET MA 676 12.74 12.87 125.66
N ILE MA 677 12.37 11.60 125.75
CA ILE MA 677 13.30 10.51 125.47
C ILE MA 677 13.61 10.48 123.99
N THR MA 678 14.89 10.50 123.63
CA THR MA 678 15.30 10.55 122.24
C THR MA 678 15.75 9.20 121.68
N ASP MA 679 16.60 8.48 122.40
CA ASP MA 679 17.09 7.18 121.94
C ASP MA 679 16.51 6.06 122.80
N ILE MA 680 16.39 4.88 122.21
CA ILE MA 680 15.94 3.70 122.92
C ILE MA 680 16.96 2.58 122.70
N THR MA 681 18.22 2.97 122.49
CA THR MA 681 19.27 2.00 122.19
C THR MA 681 19.49 1.09 123.39
N GLY MA 682 19.27 -0.22 123.19
CA GLY MA 682 19.43 -1.16 124.28
C GLY MA 682 18.46 -0.86 125.41
N GLU MA 683 18.99 -0.86 126.63
CA GLU MA 683 18.20 -0.55 127.83
C GLU MA 683 18.48 0.86 128.34
N SER MA 684 19.03 1.73 127.49
CA SER MA 684 19.39 3.09 127.88
C SER MA 684 18.68 4.09 126.99
N PHE MA 685 18.20 5.17 127.59
CA PHE MA 685 17.55 6.25 126.86
C PHE MA 685 18.30 7.56 127.11
N ILE MA 686 18.41 8.37 126.06
CA ILE MA 686 19.26 9.55 126.06
C ILE MA 686 18.39 10.79 125.96
N LEU MA 687 18.66 11.76 126.84
CA LEU MA 687 18.07 13.09 126.75
C LEU MA 687 19.12 14.06 126.24
N ASP MA 688 18.65 15.20 125.73
CA ASP MA 688 19.52 16.19 125.12
C ASP MA 688 19.36 17.53 125.82
N THR MA 689 20.49 18.20 126.08
CA THR MA 689 20.47 19.52 126.71
C THR MA 689 20.01 20.61 125.76
N ARG MA 690 19.98 20.35 124.45
CA ARG MA 690 19.55 21.36 123.49
C ARG MA 690 18.07 21.69 123.65
N ASN MA 691 17.23 20.69 123.94
CA ASN MA 691 15.80 20.89 124.02
C ASN MA 691 15.35 21.54 125.32
N SER MA 692 16.18 21.56 126.35
CA SER MA 692 15.80 22.11 127.65
C SER MA 692 16.97 22.91 128.20
N THR MA 693 16.74 24.21 128.43
CA THR MA 693 17.77 25.04 129.05
C THR MA 693 17.94 24.69 130.53
N ALA MA 694 16.85 24.29 131.20
CA ALA MA 694 16.94 23.93 132.61
C ALA MA 694 17.87 22.75 132.82
N LEU MA 695 17.80 21.74 131.95
CA LEU MA 695 18.72 20.62 132.03
C LEU MA 695 20.15 21.08 131.78
N ALA MA 696 20.34 22.01 130.85
CA ALA MA 696 21.68 22.54 130.59
C ALA MA 696 22.22 23.36 131.75
N ARG MA 697 21.35 23.82 132.66
CA ARG MA 697 21.79 24.60 133.81
C ARG MA 697 22.03 23.73 135.04
N SER MA 698 21.10 22.83 135.36
CA SER MA 698 21.20 21.98 136.55
C SER MA 698 21.80 20.61 136.24
N LEU MA 699 22.69 20.53 135.26
CA LEU MA 699 23.31 19.25 134.92
C LEU MA 699 24.20 18.76 136.05
N ILE MA 700 24.82 19.68 136.78
CA ILE MA 700 25.64 19.29 137.92
C ILE MA 700 24.77 18.76 139.06
N ASP MA 701 23.62 19.41 139.30
CA ASP MA 701 22.77 19.01 140.41
C ASP MA 701 22.24 17.59 140.24
N VAL MA 702 21.80 17.24 139.03
CA VAL MA 702 21.33 15.88 138.80
C VAL MA 702 22.48 14.90 138.91
N GLN MA 703 23.68 15.28 138.46
CA GLN MA 703 24.86 14.44 138.66
C GLN MA 703 25.13 14.23 140.14
N ASN MA 704 25.02 15.29 140.94
CA ASN MA 704 25.18 15.16 142.38
C ASN MA 704 24.07 14.30 142.98
N ALA MA 705 22.84 14.46 142.49
CA ALA MA 705 21.74 13.64 142.97
C ALA MA 705 21.98 12.17 142.65
N TYR MA 706 22.52 11.88 141.48
CA TYR MA 706 22.89 10.50 141.14
C TYR MA 706 23.99 9.99 142.05
N ASN MA 707 24.96 10.85 142.39
CA ASN MA 707 26.07 10.43 143.23
C ASN MA 707 25.60 9.95 144.60
N ASP MA 708 24.64 10.66 145.19
CA ASP MA 708 24.06 10.22 146.45
C ASP MA 708 22.85 9.31 146.26
N GLY MA 709 22.52 8.97 145.02
CA GLY MA 709 21.44 8.03 144.74
C GLY MA 709 20.05 8.49 145.12
N ASN MA 710 19.70 9.73 144.80
CA ASN MA 710 18.37 10.25 145.06
C ASN MA 710 17.83 11.01 143.85
N LEU MA 711 18.04 10.47 142.66
CA LEU MA 711 17.55 11.04 141.42
C LEU MA 711 16.46 10.13 140.87
N TYR MA 712 15.24 10.65 140.77
CA TYR MA 712 14.08 9.87 140.37
C TYR MA 712 13.45 10.46 139.11
N TRP MA 713 13.05 9.57 138.20
CA TRP MA 713 12.40 9.97 136.95
C TRP MA 713 11.15 9.15 136.76
N CYS MA 714 10.14 9.77 136.14
CA CYS MA 714 8.88 9.10 135.85
C CYS MA 714 8.18 9.85 134.73
N ASN MA 715 7.06 9.28 134.27
CA ASN MA 715 6.22 9.97 133.31
C ASN MA 715 5.69 11.26 133.92
N SER MA 716 5.66 12.31 133.13
CA SER MA 716 5.20 13.60 133.63
C SER MA 716 3.73 13.53 133.99
N PRO MA 717 3.36 13.78 135.25
CA PRO MA 717 1.93 13.77 135.60
C PRO MA 717 1.12 14.81 134.85
N VAL MA 718 1.71 15.96 134.56
CA VAL MA 718 1.08 17.01 133.76
C VAL MA 718 2.07 17.42 132.69
N TRP MA 719 1.68 17.26 131.42
CA TRP MA 719 2.61 17.52 130.32
C TRP MA 719 2.42 18.89 129.67
N MET MA 720 1.25 19.50 129.78
CA MET MA 720 1.05 20.84 129.27
C MET MA 720 -0.22 21.44 129.88
N GLU MA 721 -0.12 22.69 130.32
CA GLU MA 721 -1.16 23.33 131.11
C GLU MA 721 -2.06 24.20 130.22
N ASP MA 722 -3.05 24.81 130.85
CA ASP MA 722 -3.96 25.70 130.14
C ASP MA 722 -3.25 26.99 129.76
N MET MA 723 -3.93 27.80 128.94
CA MET MA 723 -3.35 29.03 128.42
C MET MA 723 -3.91 30.23 129.17
N ASP MA 724 -3.02 31.05 129.70
CA ASP MA 724 -3.38 32.31 130.36
C ASP MA 724 -2.55 33.43 129.74
N TYR MA 725 -3.22 34.53 129.39
CA TYR MA 725 -2.59 35.62 128.67
C TYR MA 725 -2.15 36.72 129.64
N GLN MA 726 -1.02 37.35 129.30
CA GLN MA 726 -0.54 38.50 130.06
C GLN MA 726 -1.48 39.69 129.87
N LEU MA 727 -1.53 40.54 130.89
CA LEU MA 727 -2.34 41.76 130.84
C LEU MA 727 -1.45 42.90 130.32
N VAL MA 728 -1.78 43.42 129.15
CA VAL MA 728 -1.06 44.54 128.55
C VAL MA 728 -2.09 45.59 128.14
N TYR MA 729 -1.87 46.83 128.56
CA TYR MA 729 -2.79 47.92 128.27
C TYR MA 729 -2.43 48.59 126.95
N ALA MA 730 -3.45 48.94 126.18
CA ALA MA 730 -3.24 49.64 124.92
C ALA MA 730 -2.89 51.10 125.18
N SER MA 731 -2.52 51.80 124.11
CA SER MA 731 -2.13 53.19 124.22
C SER MA 731 -3.33 54.06 124.58
N GLU MA 732 -3.03 55.25 125.09
CA GLU MA 732 -4.09 56.14 125.57
C GLU MA 732 -5.03 56.56 124.45
N ILE MA 733 -4.53 56.68 123.22
CA ILE MA 733 -5.37 57.10 122.11
C ILE MA 733 -6.49 56.09 121.89
N TYR MA 734 -6.21 54.80 122.09
CA TYR MA 734 -7.24 53.77 121.94
C TYR MA 734 -8.23 53.79 123.11
N GLN MA 735 -7.84 54.32 124.26
CA GLN MA 735 -8.69 54.31 125.45
C GLN MA 735 -9.79 55.37 125.30
N THR MA 736 -10.78 55.03 124.49
CA THR MA 736 -11.95 55.87 124.30
C THR MA 736 -13.17 55.35 125.03
N GLY MA 737 -13.02 54.31 125.85
CA GLY MA 737 -14.13 53.73 126.56
C GLY MA 737 -14.45 54.47 127.85
N THR MA 738 -15.41 53.90 128.58
CA THR MA 738 -15.87 54.47 129.84
C THR MA 738 -14.93 54.04 130.97
N GLU MA 739 -15.36 54.28 132.21
CA GLU MA 739 -14.53 53.91 133.36
C GLU MA 739 -14.36 52.40 133.49
N ASN MA 740 -15.34 51.62 133.01
CA ASN MA 740 -15.27 50.17 133.07
C ASN MA 740 -14.82 49.55 131.76
N GLU MA 741 -14.43 50.35 130.77
CA GLU MA 741 -14.00 49.86 129.48
C GLU MA 741 -12.52 50.18 129.27
N ARG MA 742 -11.72 49.15 129.03
CA ARG MA 742 -10.32 49.30 128.70
C ARG MA 742 -10.01 48.48 127.47
N TRP MA 743 -8.98 48.89 126.73
CA TRP MA 743 -8.55 48.21 125.51
C TRP MA 743 -7.27 47.45 125.79
N ILE MA 744 -7.27 46.15 125.48
CA ILE MA 744 -6.14 45.28 125.72
C ILE MA 744 -5.53 44.93 124.37
N THR MA 745 -4.24 45.21 124.21
CA THR MA 745 -3.54 44.99 122.95
C THR MA 745 -2.68 43.74 123.03
N SER MA 746 -2.48 43.11 121.87
CA SER MA 746 -1.56 41.98 121.78
C SER MA 746 -0.13 42.45 121.98
N SER MA 747 0.67 41.66 122.66
CA SER MA 747 2.04 41.98 123.00
C SER MA 747 2.92 40.79 122.67
N PRO MA 748 4.22 41.01 122.45
CA PRO MA 748 5.13 39.88 122.24
C PRO MA 748 5.13 38.88 123.38
N GLN MA 749 4.76 39.30 124.59
CA GLN MA 749 4.61 38.40 125.72
C GLN MA 749 3.17 37.95 125.94
N SER MA 750 2.25 38.35 125.07
CA SER MA 750 0.84 37.99 125.20
C SER MA 750 0.22 37.88 123.82
N PRO MA 751 0.19 36.67 123.26
CA PRO MA 751 -0.41 36.48 121.93
C PRO MA 751 -1.91 36.71 121.97
N PHE MA 752 -2.44 37.15 120.84
CA PHE MA 752 -3.88 37.37 120.71
C PHE MA 752 -4.62 36.03 120.78
N PRO MA 753 -5.75 35.97 121.50
CA PRO MA 753 -6.48 34.71 121.60
C PRO MA 753 -7.10 34.32 120.28
N ALA MA 754 -6.93 33.05 119.90
CA ALA MA 754 -7.39 32.57 118.61
C ALA MA 754 -8.85 32.15 118.60
N MET MA 755 -9.54 32.19 119.75
CA MET MA 755 -10.92 31.73 119.83
C MET MA 755 -11.83 32.75 120.51
N ILE MA 756 -11.39 34.01 120.60
CA ILE MA 756 -12.13 35.01 121.36
C ILE MA 756 -13.49 35.26 120.71
N GLU MA 757 -14.54 35.29 121.52
CA GLU MA 757 -15.88 35.57 121.06
C GLU MA 757 -16.51 36.63 121.96
N GLU MA 758 -17.44 37.40 121.40
CA GLU MA 758 -18.03 38.51 122.12
C GLU MA 758 -18.88 38.03 123.29
N ASN MA 759 -19.01 38.89 124.31
CA ASN MA 759 -19.78 38.62 125.52
C ASN MA 759 -19.27 37.40 126.28
N ASP MA 760 -17.99 37.09 126.17
CA ASP MA 760 -17.40 35.98 126.90
C ASP MA 760 -16.83 36.46 128.24
N GLU MA 761 -17.16 35.75 129.30
CA GLU MA 761 -16.71 36.14 130.63
C GLU MA 761 -15.20 35.94 130.77
N ILE MA 762 -14.56 36.88 131.45
CA ILE MA 762 -13.10 36.91 131.59
C ILE MA 762 -12.76 37.02 133.07
N THR MA 763 -11.68 36.36 133.47
CA THR MA 763 -11.19 36.39 134.84
C THR MA 763 -9.75 36.88 134.85
N LEU MA 764 -9.45 37.84 135.73
CA LEU MA 764 -8.10 38.35 135.87
C LEU MA 764 -7.38 37.62 137.01
N ARG MA 816 -2.14 38.75 134.63
CA ARG MA 816 -2.50 37.63 133.75
C ARG MA 816 -3.99 37.36 133.83
N TRP MA 817 -4.57 36.89 132.73
CA TRP MA 817 -6.00 36.62 132.65
C TRP MA 817 -6.25 35.34 131.87
N TYR MA 818 -7.48 34.85 131.98
CA TYR MA 818 -7.92 33.66 131.27
C TYR MA 818 -9.44 33.73 131.14
N PHE MA 819 -10.00 32.75 130.43
CA PHE MA 819 -11.45 32.68 130.23
C PHE MA 819 -12.08 31.94 131.40
N SER MA 820 -13.07 32.58 132.03
CA SER MA 820 -13.77 31.93 133.14
C SER MA 820 -14.49 30.67 132.67
N SER MA 821 -15.21 30.76 131.56
CA SER MA 821 -15.82 29.58 130.94
C SER MA 821 -14.71 28.77 130.27
N GLU MA 822 -14.66 27.48 130.58
CA GLU MA 822 -13.59 26.62 130.12
C GLU MA 822 -13.96 25.79 128.89
N LYS MA 823 -15.11 26.09 128.28
CA LYS MA 823 -15.54 25.34 127.09
C LYS MA 823 -14.54 25.44 125.96
N TYR MA 824 -13.71 26.48 125.94
CA TYR MA 824 -12.64 26.56 124.96
C TYR MA 824 -11.64 25.43 125.16
N ALA MA 825 -11.38 25.06 126.42
CA ALA MA 825 -10.46 23.96 126.70
C ALA MA 825 -11.06 22.61 126.34
N LEU MA 826 -12.38 22.46 126.44
CA LEU MA 826 -13.00 21.20 126.09
C LEU MA 826 -13.00 20.95 124.58
N ALA MA 827 -13.00 22.01 123.78
CA ALA MA 827 -12.99 21.86 122.34
C ALA MA 827 -11.70 21.17 121.89
N ASP MA 828 -11.81 20.27 120.93
CA ASP MA 828 -10.64 19.59 120.41
C ASP MA 828 -9.85 20.52 119.50
N ARG MA 829 -8.54 20.64 119.77
CA ARG MA 829 -7.70 21.57 119.04
C ARG MA 829 -6.50 20.91 118.38
N PHE MA 830 -6.39 19.59 118.42
CA PHE MA 830 -5.22 18.90 117.90
C PHE MA 830 -5.56 17.87 116.83
N SER MA 831 -6.84 17.64 116.56
CA SER MA 831 -7.27 16.63 115.59
C SER MA 831 -7.49 17.28 114.24
N PHE MA 832 -6.56 17.06 113.32
CA PHE MA 832 -6.67 17.54 111.94
C PHE MA 832 -6.86 19.06 111.89
N VAL MA 833 -6.01 19.77 112.62
CA VAL MA 833 -6.05 21.23 112.68
C VAL MA 833 -4.67 21.75 112.27
N VAL MA 834 -4.66 22.75 111.40
CA VAL MA 834 -3.44 23.38 110.92
C VAL MA 834 -3.51 24.88 111.20
N SER MA 835 -2.42 25.44 111.70
CA SER MA 835 -2.34 26.86 112.02
C SER MA 835 -1.55 27.58 110.94
N MET MA 836 -2.10 28.68 110.43
CA MET MA 836 -1.45 29.48 109.40
C MET MA 836 -1.08 30.83 109.99
N VAL MA 837 0.20 31.00 110.29
CA VAL MA 837 0.70 32.24 110.86
C VAL MA 837 1.12 33.14 109.71
N ILE MA 838 0.51 34.32 109.63
CA ILE MA 838 0.68 35.23 108.50
C ILE MA 838 1.17 36.58 109.01
N ASN MA 839 2.11 37.17 108.27
CA ASN MA 839 2.54 38.53 108.55
C ASN MA 839 1.40 39.50 108.24
N SER MA 840 1.26 40.51 109.10
CA SER MA 840 0.21 41.50 108.93
C SER MA 840 0.63 42.70 108.10
N GLN MA 841 1.90 42.75 107.67
CA GLN MA 841 2.35 43.84 106.81
C GLN MA 841 1.68 43.78 105.45
N LEU MA 842 1.23 42.60 105.02
CA LEU MA 842 0.62 42.45 103.71
C LEU MA 842 -0.65 43.29 103.60
N VAL MA 843 -1.50 43.27 104.63
CA VAL MA 843 -2.76 44.00 104.59
C VAL MA 843 -2.60 45.45 105.03
N LYS MA 844 -1.38 45.89 105.32
CA LYS MA 844 -1.13 47.28 105.68
C LYS MA 844 -1.19 48.12 104.42
N ASN MA 845 -2.33 48.77 104.20
CA ASN MA 845 -2.52 49.60 103.02
C ASN MA 845 -3.73 50.49 103.24
N ASP MA 846 -3.73 51.65 102.59
CA ASP MA 846 -4.80 52.62 102.81
C ASP MA 846 -6.10 52.17 102.16
N ASP MA 847 -6.03 51.51 101.01
CA ASP MA 847 -7.22 51.16 100.25
C ASP MA 847 -7.59 49.68 100.35
N VAL MA 848 -7.00 48.95 101.30
CA VAL MA 848 -7.25 47.52 101.46
C VAL MA 848 -8.05 47.31 102.73
N ASP MA 849 -9.21 46.66 102.60
CA ASP MA 849 -10.00 46.28 103.76
C ASP MA 849 -9.58 44.87 104.15
N PRO MA 850 -8.89 44.68 105.28
CA PRO MA 850 -8.36 43.34 105.59
C PRO MA 850 -9.41 42.27 105.72
N TYR MA 851 -10.56 42.59 106.31
CA TYR MA 851 -11.55 41.55 106.59
C TYR MA 851 -12.26 41.09 105.32
N LYS MA 852 -12.62 42.02 104.44
CA LYS MA 852 -13.21 41.62 103.16
C LYS MA 852 -12.20 40.89 102.30
N LEU MA 853 -10.95 41.36 102.28
CA LEU MA 853 -9.91 40.69 101.52
C LEU MA 853 -9.64 39.29 102.06
N GLU MA 854 -9.63 39.14 103.39
CA GLU MA 854 -9.40 37.84 103.99
C GLU MA 854 -10.50 36.86 103.62
N SER MA 855 -11.76 37.31 103.62
CA SER MA 855 -12.87 36.43 103.27
C SER MA 855 -12.75 35.94 101.83
N TRP MA 856 -12.32 36.82 100.92
CA TRP MA 856 -12.14 36.42 99.53
C TRP MA 856 -11.05 35.36 99.40
N ALA MA 857 -9.95 35.51 100.15
CA ALA MA 857 -8.85 34.56 100.04
C ALA MA 857 -9.27 33.16 100.48
N LYS MA 858 -10.08 33.08 101.55
CA LYS MA 858 -10.57 31.78 101.99
C LYS MA 858 -11.47 31.14 100.94
N THR MA 859 -12.30 31.95 100.27
CA THR MA 859 -13.15 31.43 99.20
C THR MA 859 -12.33 30.88 98.06
N GLU MA 860 -11.27 31.58 97.67
CA GLU MA 860 -10.40 31.11 96.59
C GLU MA 860 -9.68 29.82 96.96
N ILE MA 861 -9.22 29.72 98.21
CA ILE MA 861 -8.42 28.59 98.63
C ILE MA 861 -9.28 27.35 98.87
N LEU MA 862 -10.56 27.54 99.22
CA LEU MA 862 -11.39 26.44 99.70
C LEU MA 862 -11.49 25.29 98.70
N ALA MA 863 -11.48 25.60 97.40
CA ALA MA 863 -11.72 24.57 96.40
C ALA MA 863 -10.64 23.49 96.45
N GLU MA 864 -9.38 23.88 96.62
CA GLU MA 864 -8.27 22.93 96.62
C GLU MA 864 -7.86 22.52 98.02
N PHE MA 865 -8.54 22.99 99.07
CA PHE MA 865 -8.18 22.63 100.42
C PHE MA 865 -8.61 21.20 100.73
N PRO MA 866 -7.86 20.48 101.57
CA PRO MA 866 -8.27 19.13 101.96
C PRO MA 866 -9.61 19.15 102.69
N ALA MA 867 -10.39 18.08 102.48
CA ALA MA 867 -11.76 18.07 102.97
C ALA MA 867 -11.82 17.90 104.48
N HIS MA 868 -10.91 17.10 105.06
CA HIS MA 868 -10.96 16.75 106.47
C HIS MA 868 -10.02 17.60 107.32
N LEU MA 869 -9.84 18.87 106.97
CA LEU MA 869 -8.91 19.73 107.68
C LEU MA 869 -9.57 21.05 108.03
N SER MA 870 -9.07 21.68 109.09
CA SER MA 870 -9.48 23.01 109.50
C SER MA 870 -8.25 23.87 109.70
N MET MA 871 -8.38 25.16 109.42
CA MET MA 871 -7.26 26.08 109.51
C MET MA 871 -7.59 27.24 110.45
N ILE MA 872 -6.57 27.70 111.17
CA ILE MA 872 -6.70 28.80 112.11
C ILE MA 872 -5.76 29.91 111.66
N ILE MA 873 -6.29 31.13 111.53
CA ILE MA 873 -5.54 32.27 111.02
C ILE MA 873 -4.97 33.05 112.20
N HIS MA 874 -3.66 33.26 112.19
CA HIS MA 874 -2.98 34.05 113.20
C HIS MA 874 -2.34 35.26 112.52
N TRP MA 875 -2.83 36.45 112.83
CA TRP MA 875 -2.26 37.69 112.32
C TRP MA 875 -1.18 38.18 113.29
N LEU MA 876 0.02 38.37 112.78
CA LEU MA 876 1.17 38.79 113.59
C LEU MA 876 1.75 40.07 113.04
N SER MA 877 2.13 40.97 113.95
CA SER MA 877 2.77 42.21 113.56
C SER MA 877 4.15 41.93 112.98
N PRO MA 878 4.68 42.84 112.15
CA PRO MA 878 5.98 42.59 111.53
C PRO MA 878 7.13 42.40 112.52
N GLU MA 879 6.92 42.65 113.81
CA GLU MA 879 7.98 42.52 114.80
C GLU MA 879 8.01 41.13 115.42
N ASP MA 880 6.91 40.72 116.05
CA ASP MA 880 6.85 39.39 116.67
C ASP MA 880 6.84 38.27 115.64
N PHE MA 881 6.53 38.57 114.39
CA PHE MA 881 6.61 37.55 113.35
C PHE MA 881 8.04 37.06 113.16
N LYS MA 882 9.00 37.97 113.28
CA LYS MA 882 10.41 37.58 113.17
C LYS MA 882 10.81 36.62 114.31
N ASP MA 883 10.34 36.90 115.51
CA ASP MA 883 10.66 36.02 116.64
C ASP MA 883 10.06 34.63 116.44
N PHE MA 884 8.83 34.56 115.91
CA PHE MA 884 8.22 33.27 115.62
C PHE MA 884 9.02 32.53 114.56
N VAL MA 885 9.45 33.25 113.51
CA VAL MA 885 10.21 32.62 112.44
C VAL MA 885 11.52 32.06 112.97
N SER MA 886 12.22 32.84 113.79
CA SER MA 886 13.49 32.39 114.36
C SER MA 886 13.28 31.17 115.24
N THR MA 887 12.22 31.17 116.05
CA THR MA 887 11.96 30.03 116.93
C THR MA 887 11.53 28.80 116.12
N TYR MA 888 10.61 28.98 115.17
CA TYR MA 888 10.11 27.84 114.41
C TYR MA 888 11.21 27.21 113.57
N GLN MA 889 12.05 28.03 112.95
CA GLN MA 889 13.14 27.49 112.14
C GLN MA 889 14.12 26.69 112.99
N ARG MA 890 14.46 27.20 114.17
CA ARG MA 890 15.34 26.47 115.07
C ARG MA 890 14.70 25.17 115.54
N TRP MA 891 13.40 25.21 115.82
CA TRP MA 891 12.70 24.01 116.28
C TRP MA 891 12.70 22.93 115.21
N GLN MA 892 12.42 23.31 113.95
CA GLN MA 892 12.41 22.33 112.88
C GLN MA 892 13.82 21.85 112.53
N ASN MA 893 14.82 22.72 112.67
CA ASN MA 893 16.19 22.32 112.40
C ASN MA 893 16.64 21.22 113.36
N ASN MA 894 16.25 21.32 114.63
CA ASN MA 894 16.64 20.33 115.63
C ASN MA 894 15.93 19.00 115.46
N GLY MA 895 14.94 18.92 114.59
CA GLY MA 895 14.16 17.72 114.41
C GLY MA 895 12.74 17.79 114.95
N ALA MA 896 12.21 18.98 115.16
CA ALA MA 896 10.90 19.18 115.79
C ALA MA 896 10.73 18.41 117.10
N PRO MA 897 11.60 18.64 118.09
CA PRO MA 897 11.41 17.98 119.38
C PRO MA 897 10.66 18.88 120.36
N LEU MA 898 9.99 18.22 121.30
CA LEU MA 898 9.29 18.93 122.36
C LEU MA 898 10.30 19.56 123.32
N GLY MA 899 10.11 20.84 123.63
CA GLY MA 899 11.04 21.54 124.49
C GLY MA 899 10.72 23.02 124.52
N ASP MA 900 11.74 23.81 124.86
CA ASP MA 900 11.55 25.25 125.01
C ASP MA 900 11.01 25.87 123.73
N GLU MA 901 11.63 25.55 122.59
CA GLU MA 901 11.14 26.08 121.32
C GLU MA 901 9.75 25.56 121.00
N ALA MA 902 9.53 24.26 121.21
CA ALA MA 902 8.21 23.68 120.93
C ALA MA 902 7.15 24.25 121.85
N TYR MA 903 7.45 24.37 123.15
CA TYR MA 903 6.47 24.91 124.09
C TYR MA 903 6.26 26.41 123.87
N HIS MA 904 7.31 27.13 123.45
CA HIS MA 904 7.13 28.53 123.06
C HIS MA 904 6.22 28.64 121.84
N VAL MA 905 6.38 27.72 120.88
CA VAL MA 905 5.50 27.71 119.71
C VAL MA 905 4.06 27.45 120.13
N LEU MA 906 3.87 26.52 121.07
CA LEU MA 906 2.52 26.24 121.57
C LEU MA 906 1.91 27.47 122.22
N GLU MA 907 2.71 28.21 123.00
CA GLU MA 907 2.19 29.41 123.66
C GLU MA 907 1.80 30.48 122.66
N THR MA 908 2.59 30.64 121.60
CA THR MA 908 2.32 31.71 120.63
C THR MA 908 0.99 31.51 119.92
N LEU MA 909 0.52 30.28 119.84
CA LEU MA 909 -0.78 30.01 119.21
C LEU MA 909 -1.90 30.10 120.24
N ASP NA 5 -20.70 53.65 28.90
CA ASP NA 5 -21.34 54.91 28.56
C ASP NA 5 -21.05 55.31 27.12
N ALA NA 6 -20.33 54.45 26.41
CA ALA NA 6 -19.99 54.66 25.02
C ALA NA 6 -20.70 53.63 24.14
N LEU NA 7 -21.19 54.09 22.99
CA LEU NA 7 -21.92 53.23 22.07
C LEU NA 7 -21.02 52.51 21.07
N PHE NA 8 -19.73 52.79 21.07
CA PHE NA 8 -18.83 52.18 20.08
C PHE NA 8 -18.80 50.65 20.18
N PRO NA 9 -18.65 50.04 21.35
CA PRO NA 9 -18.64 48.56 21.37
C PRO NA 9 -19.93 47.92 20.89
N ILE NA 10 -21.03 48.66 20.86
CA ILE NA 10 -22.31 48.11 20.44
C ILE NA 10 -22.53 48.29 18.95
N VAL NA 11 -22.13 49.45 18.39
CA VAL NA 11 -22.51 49.82 17.03
C VAL NA 11 -21.31 49.89 16.10
N LYS NA 12 -20.16 49.34 16.51
CA LYS NA 12 -18.95 49.48 15.70
C LYS NA 12 -19.07 48.81 14.33
N ASP NA 13 -20.06 47.93 14.15
CA ASP NA 13 -20.27 47.31 12.84
C ASP NA 13 -21.23 48.11 11.97
N ASP NA 14 -22.11 48.91 12.57
CA ASP NA 14 -23.02 49.73 11.79
C ASP NA 14 -22.41 51.07 11.38
N ILE NA 15 -21.26 51.44 11.96
CA ILE NA 15 -20.58 52.67 11.59
C ILE NA 15 -19.58 52.46 10.46
N ALA NA 16 -19.24 51.22 10.14
CA ALA NA 16 -18.19 50.94 9.18
C ALA NA 16 -18.53 51.49 7.81
N PHE NA 17 -17.48 51.89 7.08
CA PHE NA 17 -17.66 52.49 5.76
C PHE NA 17 -18.32 51.52 4.79
N GLU NA 18 -17.96 50.24 4.87
CA GLU NA 18 -18.55 49.26 3.95
C GLU NA 18 -20.03 49.07 4.19
N THR NA 19 -20.46 49.07 5.46
CA THR NA 19 -21.88 48.91 5.77
C THR NA 19 -22.69 50.08 5.21
N LEU NA 20 -22.19 51.31 5.36
CA LEU NA 20 -22.92 52.47 4.88
C LEU NA 20 -22.93 52.53 3.35
N LEU NA 21 -21.83 52.11 2.71
CA LEU NA 21 -21.78 52.12 1.26
C LEU NA 21 -22.78 51.14 0.66
N THR NA 22 -22.99 50.00 1.34
CA THR NA 22 -23.96 49.03 0.87
C THR NA 22 -25.37 49.61 0.84
N GLN NA 23 -25.73 50.38 1.88
CA GLN NA 23 -27.03 51.02 1.91
C GLN NA 23 -27.16 52.06 0.80
N ALA NA 24 -26.09 52.82 0.56
CA ALA NA 24 -26.14 53.85 -0.47
C ALA NA 24 -26.32 53.25 -1.86
N LYS NA 25 -25.62 52.15 -2.14
CA LYS NA 25 -25.76 51.51 -3.44
C LYS NA 25 -27.15 50.90 -3.62
N THR NA 26 -27.77 50.45 -2.52
CA THR NA 26 -29.12 49.93 -2.61
C THR NA 26 -30.11 50.99 -3.05
N VAL NA 27 -29.98 52.20 -2.49
CA VAL NA 27 -30.88 53.30 -2.85
C VAL NA 27 -30.70 53.67 -4.33
N ILE NA 28 -29.45 53.73 -4.79
CA ILE NA 28 -29.18 54.10 -6.17
C ILE NA 28 -29.80 53.09 -7.13
N GLU NA 29 -29.70 51.80 -6.80
CA GLU NA 29 -30.33 50.76 -7.62
C GLU NA 29 -31.84 50.97 -7.66
N GLN NA 30 -32.47 51.14 -6.49
CA GLN NA 30 -33.92 51.26 -6.43
C GLN NA 30 -34.41 52.49 -7.19
N GLN NA 31 -33.73 53.61 -7.05
CA GLN NA 31 -34.23 54.87 -7.60
C GLN NA 31 -33.80 55.12 -9.04
N SER NA 32 -32.57 54.77 -9.40
CA SER NA 32 -32.02 55.09 -10.71
C SER NA 32 -31.25 53.91 -11.28
N GLY NA 33 -31.84 52.72 -11.19
CA GLY NA 33 -31.14 51.53 -11.62
C GLY NA 33 -31.01 51.40 -13.13
N GLN NA 34 -31.94 51.98 -13.89
CA GLN NA 34 -31.90 51.86 -15.34
C GLN NA 34 -31.08 52.95 -16.01
N LEU NA 35 -30.65 53.98 -15.26
CA LEU NA 35 -29.83 55.05 -15.81
C LEU NA 35 -28.44 55.11 -15.22
N TRP NA 36 -28.20 54.47 -14.07
CA TRP NA 36 -26.90 54.44 -13.41
C TRP NA 36 -26.64 52.99 -13.02
N SER NA 37 -26.06 52.23 -13.94
CA SER NA 37 -25.84 50.80 -13.73
C SER NA 37 -24.40 50.45 -13.42
N ASN NA 38 -23.45 51.34 -13.71
CA ASN NA 38 -22.04 51.10 -13.41
C ASN NA 38 -21.72 51.74 -12.06
N THR NA 39 -21.80 50.95 -10.99
CA THR NA 39 -21.48 51.39 -9.64
C THR NA 39 -20.21 50.73 -9.16
N GLU NA 40 -19.24 50.58 -10.05
CA GLU NA 40 -18.01 49.86 -9.76
C GLU NA 40 -16.95 50.82 -9.24
N GLU NA 41 -15.70 50.35 -9.20
CA GLU NA 41 -14.60 51.11 -8.62
C GLU NA 41 -14.39 52.43 -9.34
N ASN NA 42 -14.57 52.45 -10.66
CA ASN NA 42 -14.13 53.52 -11.52
C ASN NA 42 -15.16 54.62 -11.75
N ASP NA 43 -16.40 54.43 -11.33
CA ASP NA 43 -17.45 55.39 -11.65
C ASP NA 43 -17.21 56.70 -10.92
N PRO NA 44 -17.10 57.83 -11.61
CA PRO NA 44 -16.86 59.10 -10.91
C PRO NA 44 -17.95 59.45 -9.92
N GLY NA 45 -19.19 59.06 -10.19
CA GLY NA 45 -20.25 59.28 -9.22
C GLY NA 45 -20.03 58.49 -7.94
N ILE NA 46 -19.46 57.30 -8.05
CA ILE NA 46 -19.21 56.47 -6.88
C ILE NA 46 -18.10 57.08 -6.02
N THR NA 47 -17.03 57.57 -6.66
CA THR NA 47 -15.92 58.13 -5.89
C THR NA 47 -16.36 59.35 -5.08
N LEU NA 48 -17.18 60.22 -5.68
CA LEU NA 48 -17.74 61.33 -4.90
C LEU NA 48 -18.61 60.83 -3.77
N LEU NA 49 -19.45 59.82 -4.04
CA LEU NA 49 -20.27 59.24 -2.99
C LEU NA 49 -19.44 58.51 -1.95
N GLU NA 50 -18.39 57.80 -2.38
CA GLU NA 50 -17.54 57.09 -1.43
C GLU NA 50 -16.85 58.05 -0.48
N ALA NA 51 -16.41 59.20 -0.98
CA ALA NA 51 -15.85 60.22 -0.09
C ALA NA 51 -16.88 60.69 0.92
N CYS NA 52 -18.10 60.98 0.44
CA CYS NA 52 -19.17 61.37 1.35
C CYS NA 52 -19.51 60.24 2.32
N CYS NA 53 -19.42 59.00 1.86
CA CYS NA 53 -19.68 57.86 2.74
C CYS NA 53 -18.65 57.80 3.87
N TYR NA 54 -17.38 58.07 3.55
CA TYR NA 54 -16.36 58.13 4.60
C TYR NA 54 -16.65 59.26 5.58
N GLY NA 55 -17.07 60.42 5.07
CA GLY NA 55 -17.42 61.51 5.96
C GLY NA 55 -18.62 61.19 6.84
N ALA NA 56 -19.60 60.48 6.29
CA ALA NA 56 -20.74 60.05 7.10
C ALA NA 56 -20.30 59.07 8.18
N SER NA 57 -19.39 58.16 7.84
CA SER NA 57 -18.87 57.23 8.85
C SER NA 57 -18.10 57.97 9.93
N ASP NA 58 -17.32 58.99 9.55
CA ASP NA 58 -16.61 59.79 10.54
C ASP NA 58 -17.58 60.51 11.47
N LEU NA 59 -18.67 61.05 10.92
CA LEU NA 59 -19.67 61.71 11.75
C LEU NA 59 -20.30 60.75 12.73
N ALA NA 60 -20.62 59.53 12.28
CA ALA NA 60 -21.25 58.56 13.16
C ALA NA 60 -20.29 58.09 14.24
N TYR NA 61 -18.99 58.00 13.91
CA TYR NA 61 -18.01 57.61 14.92
C TYR NA 61 -17.93 58.62 16.05
N ARG NA 62 -18.08 59.90 15.72
CA ARG NA 62 -18.04 60.94 16.75
C ARG NA 62 -19.17 60.76 17.76
N HIS NA 63 -20.35 60.38 17.29
CA HIS NA 63 -21.50 60.21 18.17
C HIS NA 63 -21.34 59.01 19.10
N SER NA 64 -20.45 58.08 18.78
CA SER NA 64 -20.27 56.86 19.56
C SER NA 64 -19.19 57.00 20.62
N LEU NA 65 -18.81 58.22 20.97
CA LEU NA 65 -17.82 58.49 22.00
C LEU NA 65 -18.46 58.41 23.37
N PRO NA 66 -17.67 58.30 24.44
CA PRO NA 66 -18.24 58.19 25.79
C PRO NA 66 -19.15 59.36 26.12
N LEU NA 67 -20.24 59.06 26.83
CA LEU NA 67 -21.25 60.07 27.12
C LEU NA 67 -20.71 61.20 27.98
N ARG NA 68 -19.91 60.89 29.00
CA ARG NA 68 -19.41 61.93 29.88
C ARG NA 68 -18.43 62.86 29.17
N ASP NA 69 -17.73 62.36 28.15
CA ASP NA 69 -16.81 63.21 27.41
C ASP NA 69 -17.53 64.16 26.47
N LEU NA 70 -18.64 63.71 25.88
CA LEU NA 70 -19.39 64.56 24.97
C LEU NA 70 -20.16 65.66 25.70
N LEU NA 71 -20.39 65.50 27.00
CA LEU NA 71 -21.05 66.51 27.81
C LEU NA 71 -20.07 67.50 28.43
N THR NA 72 -18.79 67.40 28.09
CA THR NA 72 -17.77 68.27 28.66
C THR NA 72 -17.37 69.34 27.66
N PRO NA 73 -17.59 70.61 27.96
CA PRO NA 73 -17.15 71.67 27.04
C PRO NA 73 -15.66 71.97 27.16
N GLU NA 74 -15.21 73.02 26.49
CA GLU NA 74 -13.79 73.36 26.47
C GLU NA 74 -13.28 73.68 27.88
N LYS NA 75 -11.96 73.56 28.04
CA LYS NA 75 -11.34 73.80 29.34
C LYS NA 75 -11.56 75.24 29.80
N GLN NA 76 -11.52 76.20 28.86
CA GLN NA 76 -11.68 77.60 29.20
C GLN NA 76 -13.09 77.94 29.68
N GLU NA 77 -14.05 77.02 29.53
CA GLU NA 77 -15.42 77.29 29.98
C GLU NA 77 -15.74 76.57 31.28
N GLN NA 78 -15.13 75.40 31.53
CA GLN NA 78 -15.47 74.55 32.66
C GLN NA 78 -15.44 75.31 33.98
N THR NA 79 -16.61 75.45 34.61
CA THR NA 79 -16.73 76.26 35.82
C THR NA 79 -16.09 75.55 37.00
N LEU NA 80 -15.43 76.34 37.86
CA LEU NA 80 -14.78 75.79 39.04
C LEU NA 80 -15.82 75.26 40.02
N GLY NA 81 -15.53 74.09 40.59
CA GLY NA 81 -16.40 73.50 41.59
C GLY NA 81 -17.62 72.78 41.04
N ASP NA 82 -17.73 72.61 39.74
CA ASP NA 82 -18.86 71.94 39.11
C ASP NA 82 -18.38 70.68 38.39
N GLY NA 83 -19.32 70.02 37.73
CA GLY NA 83 -19.02 68.82 36.95
C GLY NA 83 -19.94 68.74 35.76
N ILE NA 84 -20.29 67.52 35.37
CA ILE NA 84 -21.23 67.32 34.27
C ILE NA 84 -22.54 68.03 34.57
N PHE NA 85 -23.01 67.93 35.81
CA PHE NA 85 -24.10 68.72 36.32
C PHE NA 85 -23.58 69.68 37.39
N PRO NA 86 -24.16 70.88 37.49
CA PRO NA 86 -23.67 71.85 38.48
C PRO NA 86 -23.84 71.32 39.91
N GLN NA 87 -23.03 71.88 40.80
CA GLN NA 87 -22.94 71.36 42.16
C GLN NA 87 -24.28 71.39 42.88
N GLU NA 88 -25.07 72.44 42.65
CA GLU NA 88 -26.35 72.59 43.35
C GLU NA 88 -27.37 71.55 42.96
N PHE NA 89 -27.13 70.77 41.91
CA PHE NA 89 -28.06 69.74 41.46
C PHE NA 89 -27.73 68.36 42.01
N GLY NA 90 -26.81 68.28 42.96
CA GLY NA 90 -26.42 67.01 43.54
C GLY NA 90 -27.48 66.45 44.47
N PRO NA 91 -27.25 65.22 44.96
CA PRO NA 91 -28.24 64.61 45.87
C PRO NA 91 -28.46 65.39 47.14
N GLN NA 92 -27.43 66.04 47.67
CA GLN NA 92 -27.55 66.76 48.94
C GLN NA 92 -28.41 68.00 48.84
N GLN NA 93 -28.73 68.46 47.63
CA GLN NA 93 -29.58 69.62 47.45
C GLN NA 93 -30.88 69.34 46.71
N MET NA 94 -30.98 68.21 46.01
CA MET NA 94 -32.17 67.90 45.23
C MET NA 94 -33.07 66.87 45.89
N LEU NA 95 -32.55 66.04 46.79
CA LEU NA 95 -33.38 65.08 47.50
C LEU NA 95 -33.75 65.54 48.90
N THR NA 96 -33.02 66.52 49.44
CA THR NA 96 -33.30 67.05 50.77
C THR NA 96 -34.25 68.25 50.66
N CYS NA 97 -34.62 68.82 51.79
CA CYS NA 97 -35.48 69.99 51.82
C CYS NA 97 -35.21 70.78 53.09
N GLY NA 98 -35.55 72.07 53.04
CA GLY NA 98 -35.37 72.93 54.18
C GLY NA 98 -36.27 72.54 55.33
N PRO NA 99 -35.92 72.96 56.53
CA PRO NA 99 -36.70 72.56 57.72
C PRO NA 99 -38.14 73.05 57.63
N ILE NA 100 -39.07 72.10 57.65
CA ILE NA 100 -40.51 72.38 57.64
C ILE NA 100 -41.18 71.87 58.90
N THR NA 101 -40.94 70.62 59.26
CA THR NA 101 -41.53 70.03 60.45
C THR NA 101 -40.74 70.44 61.69
N ALA NA 102 -41.37 70.28 62.85
CA ALA NA 102 -40.68 70.52 64.12
C ALA NA 102 -39.48 69.59 64.27
N GLU NA 103 -39.63 68.33 63.84
CA GLU NA 103 -38.52 67.40 63.88
C GLU NA 103 -37.39 67.82 62.94
N ASP NA 104 -37.73 68.44 61.81
CA ASP NA 104 -36.70 68.94 60.90
C ASP NA 104 -35.86 70.01 61.57
N TYR NA 105 -36.48 70.87 62.37
CA TYR NA 105 -35.73 71.89 63.11
C TYR NA 105 -34.85 71.25 64.17
N ARG NA 106 -35.28 70.11 64.72
CA ARG NA 106 -34.43 69.38 65.65
C ARG NA 106 -33.15 68.92 64.95
N ARG NA 107 -33.29 68.33 63.77
CA ARG NA 107 -32.12 67.82 63.05
C ARG NA 107 -31.20 68.95 62.61
N ALA NA 108 -31.77 70.05 62.12
CA ALA NA 108 -30.95 71.16 61.63
C ALA NA 108 -30.19 71.83 62.78
N LEU NA 109 -30.85 72.00 63.93
CA LEU NA 109 -30.20 72.65 65.05
C LEU NA 109 -29.16 71.76 65.72
N LEU NA 110 -29.38 70.44 65.71
CA LEU NA 110 -28.41 69.52 66.29
C LEU NA 110 -27.15 69.37 65.45
N ASP NA 111 -27.16 69.87 64.22
CA ASP NA 111 -26.00 69.76 63.34
C ASP NA 111 -25.01 70.90 63.52
N LEU NA 112 -25.34 71.92 64.31
CA LEU NA 112 -24.44 73.05 64.49
C LEU NA 112 -23.17 72.61 65.19
N HIS NA 113 -22.04 73.11 64.69
CA HIS NA 113 -20.72 72.77 65.23
C HIS NA 113 -19.92 74.04 65.45
N SER NA 114 -19.04 74.00 66.44
CA SER NA 114 -18.19 75.15 66.75
C SER NA 114 -17.20 75.44 65.64
N SER NA 115 -16.84 74.44 64.84
CA SER NA 115 -15.86 74.59 63.77
C SER NA 115 -16.49 74.87 62.42
N ASP NA 116 -17.80 75.11 62.37
CA ASP NA 116 -18.47 75.34 61.09
C ASP NA 116 -17.93 76.58 60.39
N THR NA 117 -17.74 77.66 61.14
CA THR NA 117 -17.21 78.92 60.62
C THR NA 117 -15.90 79.24 61.33
N ASP NA 118 -15.39 80.45 61.06
CA ASP NA 118 -14.23 80.92 61.79
C ASP NA 118 -14.54 81.02 63.27
N ASN NA 119 -13.59 80.61 64.10
CA ASN NA 119 -13.83 80.43 65.52
C ASN NA 119 -12.88 81.29 66.34
N GLU NA 120 -13.32 81.63 67.56
CA GLU NA 120 -12.48 82.32 68.52
C GLU NA 120 -11.70 81.36 69.40
N THR NA 121 -12.21 80.16 69.61
CA THR NA 121 -11.53 79.13 70.39
C THR NA 121 -11.46 77.85 69.58
N SER NA 122 -10.45 77.04 69.87
CA SER NA 122 -10.13 75.86 69.07
C SER NA 122 -10.71 74.58 69.66
N GLU NA 123 -11.89 74.66 70.27
CA GLU NA 123 -12.57 73.50 70.81
C GLU NA 123 -13.63 73.04 69.82
N ASP NA 124 -13.60 71.75 69.48
CA ASP NA 124 -14.56 71.16 68.55
C ASP NA 124 -15.65 70.45 69.33
N TYR NA 125 -16.88 70.91 69.17
CA TYR NA 125 -18.01 70.36 69.91
C TYR NA 125 -19.31 70.80 69.24
N PHE NA 126 -20.35 70.02 69.48
CA PHE NA 126 -21.69 70.38 69.02
C PHE NA 126 -22.38 71.24 70.07
N PHE NA 127 -23.05 72.29 69.60
CA PHE NA 127 -23.59 73.30 70.52
C PHE NA 127 -24.63 72.71 71.45
N PHE NA 128 -25.63 72.02 70.91
CA PHE NA 128 -26.76 71.56 71.69
C PHE NA 128 -26.79 70.03 71.73
N ASN NA 129 -27.12 69.50 72.92
CA ASN NA 129 -27.39 68.07 73.05
C ASN NA 129 -28.80 67.71 72.63
N ASP NA 130 -29.76 68.61 72.84
CA ASP NA 130 -31.13 68.37 72.43
C ASP NA 130 -31.86 69.70 72.33
N VAL NA 131 -32.82 69.77 71.41
CA VAL NA 131 -33.67 70.95 71.23
C VAL NA 131 -35.11 70.47 71.07
N ARG NA 132 -36.05 71.39 71.25
CA ARG NA 132 -37.46 71.08 71.06
C ARG NA 132 -38.18 72.33 70.61
N LEU NA 133 -38.82 72.25 69.43
CA LEU NA 133 -39.61 73.34 68.89
C LEU NA 133 -41.09 73.04 69.08
N ILE NA 134 -41.79 73.97 69.73
CA ILE NA 134 -43.22 73.84 69.97
C ILE NA 134 -43.91 75.12 69.56
N CYS NA 135 -45.20 75.02 69.27
CA CYS NA 135 -46.01 76.20 69.02
C CYS NA 135 -46.15 77.01 70.30
N GLU NA 136 -46.37 78.31 70.14
CA GLU NA 136 -46.53 79.18 71.30
C GLU NA 136 -47.73 78.72 72.12
N PRO NA 137 -47.58 78.53 73.42
CA PRO NA 137 -48.69 78.02 74.24
C PRO NA 137 -49.89 78.96 74.21
N GLU NA 138 -51.08 78.37 74.35
CA GLU NA 138 -52.31 79.15 74.29
C GLU NA 138 -52.34 80.22 75.38
N SER NA 139 -51.82 79.90 76.56
CA SER NA 139 -51.82 80.86 77.66
C SER NA 139 -50.98 82.09 77.32
N GLU NA 140 -49.82 81.89 76.69
CA GLU NA 140 -48.91 82.98 76.35
C GLU NA 140 -49.08 83.43 74.91
N ARG NA 141 -50.27 83.25 74.34
CA ARG NA 141 -50.50 83.60 72.94
C ARG NA 141 -50.38 85.10 72.72
N TYR NA 142 -49.97 85.48 71.51
CA TYR NA 142 -49.76 86.87 71.13
C TYR NA 142 -51.14 87.54 71.00
N LYS NA 143 -51.57 88.21 72.06
CA LYS NA 143 -52.87 88.86 72.10
C LYS NA 143 -52.71 90.38 72.01
N TYR NA 144 -53.67 91.01 71.36
CA TYR NA 144 -53.74 92.47 71.28
C TYR NA 144 -55.19 92.87 71.18
N TRP NA 145 -55.48 94.11 71.56
CA TRP NA 145 -56.85 94.57 71.78
C TRP NA 145 -57.19 95.73 70.85
N TYR NA 146 -58.45 95.77 70.42
CA TYR NA 146 -58.98 96.83 69.59
C TYR NA 146 -60.05 97.59 70.36
N ASN NA 147 -59.94 98.92 70.38
CA ASN NA 147 -60.92 99.75 71.07
C ASN NA 147 -62.10 100.02 70.13
N LYS NA 148 -63.31 99.67 70.59
CA LYS NA 148 -64.49 99.81 69.76
C LYS NA 148 -64.75 101.26 69.37
N GLU NA 149 -64.60 102.18 70.32
CA GLU NA 149 -64.89 103.58 70.08
C GLU NA 149 -63.67 104.37 69.64
N SER NA 150 -62.53 104.17 70.30
CA SER NA 150 -61.33 104.92 69.99
C SER NA 150 -60.76 104.58 68.61
N ARG NA 151 -61.10 103.40 68.07
CA ARG NA 151 -60.63 102.96 66.76
C ARG NA 151 -59.09 102.91 66.71
N GLU NA 152 -58.52 102.11 67.61
CA GLU NA 152 -57.08 101.95 67.68
C GLU NA 152 -56.77 100.60 68.33
N TYR NA 153 -55.52 100.17 68.18
CA TYR NA 153 -55.06 98.88 68.66
C TYR NA 153 -54.03 99.07 69.76
N SER NA 154 -54.17 98.28 70.82
CA SER NA 154 -53.31 98.40 71.99
C SER NA 154 -53.01 97.02 72.56
N PHE NA 155 -51.89 96.93 73.27
CA PHE NA 155 -51.48 95.70 73.94
C PHE NA 155 -51.99 95.61 75.37
N ILE NA 156 -52.68 96.63 75.87
CA ILE NA 156 -53.12 96.69 77.26
C ILE NA 156 -54.64 96.63 77.28
N GLN NA 157 -55.17 95.71 78.09
CA GLN NA 157 -56.62 95.56 78.21
C GLN NA 157 -57.21 96.61 79.14
N GLU NA 164 -65.81 99.17 74.55
CA GLU NA 164 -65.65 97.73 74.69
C GLU NA 164 -64.46 97.22 73.87
N GLN NA 165 -63.42 96.81 74.58
CA GLN NA 165 -62.22 96.29 73.93
C GLN NA 165 -62.45 94.84 73.49
N LEU NA 166 -61.95 94.52 72.30
CA LEU NA 166 -62.08 93.18 71.73
C LEU NA 166 -60.71 92.54 71.59
N GLN NA 167 -60.69 91.22 71.66
CA GLN NA 167 -59.46 90.44 71.67
C GLN NA 167 -59.11 89.95 70.28
N LEU NA 168 -57.84 90.10 69.90
CA LEU NA 168 -57.33 89.60 68.65
C LEU NA 168 -56.05 88.81 68.89
N THR NA 169 -55.80 87.82 68.04
CA THR NA 169 -54.70 86.89 68.22
C THR NA 169 -53.89 86.76 66.94
N LEU NA 170 -52.57 86.76 67.08
CA LEU NA 170 -51.66 86.52 65.96
C LEU NA 170 -51.19 85.08 66.01
N ARG NA 171 -51.37 84.37 64.90
CA ARG NA 171 -51.00 82.96 64.83
C ARG NA 171 -49.62 82.79 64.20
N GLY NA 172 -48.88 81.82 64.70
CA GLY NA 172 -47.56 81.52 64.21
C GLY NA 172 -46.48 82.07 65.11
N ASN NA 173 -45.95 81.22 65.99
CA ASN NA 173 -44.94 81.63 66.96
C ASN NA 173 -44.35 80.39 67.64
N TYR NA 174 -43.03 80.29 67.69
CA TYR NA 174 -42.37 79.11 68.24
C TYR NA 174 -41.63 79.45 69.52
N TRP NA 175 -41.64 78.50 70.45
CA TRP NA 175 -40.82 78.54 71.65
C TRP NA 175 -39.70 77.52 71.48
N LEU NA 176 -38.46 77.99 71.52
CA LEU NA 176 -37.29 77.15 71.26
C LEU NA 176 -36.63 76.79 72.59
N TYR NA 177 -36.76 75.53 72.99
CA TYR NA 177 -36.08 75.02 74.17
C TYR NA 177 -34.73 74.45 73.76
N LEU NA 178 -33.68 74.85 74.47
CA LEU NA 178 -32.32 74.46 74.15
C LEU NA 178 -31.71 73.72 75.33
N LEU NA 179 -31.16 72.54 75.06
CA LEU NA 179 -30.41 71.79 76.06
C LEU NA 179 -28.94 71.82 75.66
N PRO NA 180 -28.10 72.60 76.34
CA PRO NA 180 -26.73 72.78 75.90
C PRO NA 180 -25.81 71.64 76.30
N ASN NA 181 -24.70 71.55 75.57
CA ASN NA 181 -23.66 70.58 75.90
C ASN NA 181 -22.78 71.12 77.03
N ARG NA 182 -21.76 70.34 77.39
CA ARG NA 182 -20.90 70.75 78.50
C ARG NA 182 -20.06 71.97 78.13
N GLU NA 183 -19.47 71.96 76.93
CA GLU NA 183 -18.68 73.12 76.51
C GLU NA 183 -19.54 74.33 76.24
N THR NA 184 -20.77 74.12 75.76
CA THR NA 184 -21.67 75.23 75.50
C THR NA 184 -22.02 75.97 76.79
N GLU NA 185 -22.26 75.23 77.87
CA GLU NA 185 -22.57 75.86 79.14
C GLU NA 185 -21.38 76.66 79.68
N ASP NA 186 -20.16 76.25 79.32
CA ASP NA 186 -18.98 77.01 79.77
C ASP NA 186 -18.97 78.41 79.17
N ASP NA 187 -19.32 78.54 77.88
CA ASP NA 187 -19.34 79.82 77.21
C ASP NA 187 -20.42 79.80 76.14
N LYS NA 188 -21.32 80.79 76.19
CA LYS NA 188 -22.48 80.81 75.30
C LYS NA 188 -22.44 81.89 74.24
N THR NA 189 -21.42 82.76 74.24
CA THR NA 189 -21.40 83.87 73.28
C THR NA 189 -21.32 83.36 71.85
N LEU NA 190 -20.44 82.38 71.60
CA LEU NA 190 -20.34 81.82 70.25
C LEU NA 190 -21.60 81.09 69.86
N THR NA 191 -22.19 80.33 70.80
CA THR NA 191 -23.42 79.60 70.49
C THR NA 191 -24.57 80.55 70.18
N GLN NA 192 -24.70 81.64 70.95
CA GLN NA 192 -25.79 82.58 70.73
C GLN NA 192 -25.67 83.24 69.37
N LYS NA 193 -24.47 83.66 68.98
CA LYS NA 193 -24.29 84.36 67.71
C LYS NA 193 -24.63 83.46 66.53
N ARG NA 194 -24.18 82.20 66.57
CA ARG NA 194 -24.47 81.28 65.47
C ARG NA 194 -25.95 80.95 65.41
N LEU NA 195 -26.60 80.82 66.57
CA LEU NA 195 -28.02 80.51 66.59
C LEU NA 195 -28.86 81.62 65.97
N ASN NA 196 -28.50 82.88 66.25
CA ASN NA 196 -29.25 84.00 65.68
C ASN NA 196 -29.12 84.03 64.17
N ASP NA 197 -27.93 83.76 63.65
CA ASP NA 197 -27.74 83.72 62.20
C ASP NA 197 -28.55 82.60 61.56
N PHE NA 198 -28.56 81.43 62.20
CA PHE NA 198 -29.34 80.31 61.67
C PHE NA 198 -30.83 80.63 61.68
N LEU NA 199 -31.32 81.24 62.77
CA LEU NA 199 -32.74 81.55 62.87
C LEU NA 199 -33.17 82.59 61.85
N LYS NA 200 -32.27 83.52 61.52
CA LYS NA 200 -32.61 84.55 60.55
C LYS NA 200 -32.82 83.96 59.15
N ASP NA 201 -31.95 83.05 58.74
CA ASP NA 201 -31.99 82.50 57.39
C ASP NA 201 -32.91 81.30 57.25
N ASN NA 202 -33.45 80.78 58.34
CA ASN NA 202 -34.31 79.60 58.33
C ASN NA 202 -35.68 79.94 58.90
N ARG NA 203 -36.21 81.10 58.50
CA ARG NA 203 -37.52 81.54 58.93
C ARG NA 203 -38.56 81.19 57.87
N ASN NA 204 -39.64 80.55 58.28
CA ASN NA 204 -40.71 80.18 57.37
C ASN NA 204 -41.70 81.32 57.23
N LEU NA 205 -42.53 81.24 56.19
CA LEU NA 205 -43.49 82.29 55.89
C LEU NA 205 -44.59 82.32 56.97
N GLY NA 206 -44.68 83.44 57.68
CA GLY NA 206 -45.70 83.61 58.70
C GLY NA 206 -45.37 83.05 60.05
N GLU NA 207 -44.12 82.63 60.29
CA GLU NA 207 -43.73 82.05 61.56
C GLU NA 207 -42.46 82.73 62.07
N SER NA 208 -42.26 82.64 63.38
CA SER NA 208 -41.06 83.18 64.02
C SER NA 208 -40.88 82.51 65.37
N VAL NA 209 -39.69 82.66 65.93
CA VAL NA 209 -39.35 82.16 67.25
C VAL NA 209 -39.48 83.35 68.21
N SER NA 210 -40.59 83.40 68.94
CA SER NA 210 -40.86 84.53 69.82
C SER NA 210 -40.19 84.42 71.18
N LYS NA 211 -39.60 83.28 71.51
CA LYS NA 211 -38.98 83.10 72.81
C LYS NA 211 -37.92 82.02 72.73
N ILE NA 212 -36.77 82.27 73.33
CA ILE NA 212 -35.67 81.32 73.41
C ILE NA 212 -35.43 81.01 74.88
N ILE NA 213 -35.53 79.73 75.24
CA ILE NA 213 -35.40 79.29 76.62
C ILE NA 213 -34.22 78.34 76.73
N TRP NA 214 -33.36 78.58 77.72
CA TRP NA 214 -32.21 77.72 77.99
C TRP NA 214 -32.49 76.93 79.26
N LEU NA 215 -32.33 75.61 79.16
CA LEU NA 215 -32.52 74.76 80.33
C LEU NA 215 -31.33 74.89 81.29
N GLN NA 216 -31.61 74.79 82.58
CA GLN NA 216 -30.54 74.99 83.55
C GLN NA 216 -30.09 73.65 84.13
N PRO NA 217 -28.80 73.51 84.44
CA PRO NA 217 -28.30 72.22 84.94
C PRO NA 217 -28.59 72.03 86.42
N VAL NA 218 -28.89 70.79 86.78
CA VAL NA 218 -29.04 70.38 88.17
C VAL NA 218 -28.11 69.19 88.39
N ASP NA 219 -27.25 69.30 89.39
CA ASP NA 219 -26.28 68.24 89.67
C ASP NA 219 -27.01 66.96 90.04
N PHE NA 220 -26.58 65.85 89.41
CA PHE NA 220 -27.17 64.54 89.63
C PHE NA 220 -26.07 63.62 90.14
N LEU NA 221 -25.90 63.59 91.46
CA LEU NA 221 -24.82 62.80 92.09
C LEU NA 221 -25.31 61.37 92.24
N LEU NA 222 -24.93 60.52 91.29
CA LEU NA 222 -25.33 59.12 91.30
C LEU NA 222 -24.38 58.30 92.15
N GLN NA 223 -24.96 57.46 93.02
CA GLN NA 223 -24.17 56.59 93.88
C GLN NA 223 -24.08 55.21 93.23
N LEU NA 224 -22.86 54.76 92.98
CA LEU NA 224 -22.63 53.53 92.22
C LEU NA 224 -21.55 52.70 92.90
N ASP NA 225 -21.84 51.43 93.13
CA ASP NA 225 -20.89 50.49 93.72
C ASP NA 225 -20.73 49.32 92.75
N ILE NA 226 -19.50 49.09 92.30
CA ILE NA 226 -19.21 48.11 91.26
C ILE NA 226 -18.10 47.20 91.75
N GLU NA 227 -18.30 45.89 91.58
CA GLU NA 227 -17.30 44.88 91.91
C GLU NA 227 -16.74 44.28 90.63
N LEU NA 228 -15.41 44.19 90.55
CA LEU NA 228 -14.73 43.71 89.35
C LEU NA 228 -14.43 42.22 89.45
N ASP NA 229 -14.04 41.65 88.31
CA ASP NA 229 -13.55 40.28 88.28
C ASP NA 229 -12.17 40.22 88.93
N ASP NA 230 -11.80 39.01 89.38
CA ASP NA 230 -10.54 38.84 90.08
C ASP NA 230 -9.33 38.99 89.16
N ASP NA 231 -9.51 38.86 87.84
CA ASP NA 231 -8.40 38.86 86.90
C ASP NA 231 -8.42 40.09 86.00
N VAL NA 232 -8.71 41.25 86.57
CA VAL NA 232 -8.75 42.48 85.80
C VAL NA 232 -7.33 42.88 85.41
N SER NA 233 -7.18 43.37 84.17
CA SER NA 233 -5.87 43.76 83.66
C SER NA 233 -5.70 45.29 83.66
N ASP NA 234 -6.61 46.00 83.02
CA ASP NA 234 -6.57 47.45 82.95
C ASP NA 234 -7.67 48.04 83.82
N LEU NA 235 -7.29 49.00 84.68
CA LEU NA 235 -8.23 49.63 85.59
C LEU NA 235 -8.70 51.00 85.09
N ALA NA 236 -7.82 51.78 84.47
CA ALA NA 236 -8.24 53.07 83.92
C ALA NA 236 -9.23 52.89 82.79
N ASP NA 237 -9.13 51.79 82.05
CA ASP NA 237 -10.07 51.54 80.95
C ASP NA 237 -11.49 51.35 81.47
N ILE NA 238 -11.64 50.62 82.58
CA ILE NA 238 -12.98 50.36 83.11
C ILE NA 238 -13.63 51.65 83.60
N PHE NA 239 -12.83 52.54 84.18
CA PHE NA 239 -13.36 53.83 84.63
C PHE NA 239 -13.91 54.63 83.45
N ALA NA 240 -13.16 54.64 82.33
CA ALA NA 240 -13.65 55.32 81.14
C ALA NA 240 -14.93 54.68 80.61
N GLN NA 241 -14.97 53.35 80.59
CA GLN NA 241 -16.15 52.64 80.12
C GLN NA 241 -17.35 52.92 81.02
N VAL NA 242 -17.13 52.93 82.34
CA VAL NA 242 -18.22 53.16 83.28
C VAL NA 242 -18.76 54.59 83.11
N TYR NA 243 -17.86 55.56 83.02
CA TYR NA 243 -18.30 56.94 82.88
C TYR NA 243 -19.00 57.18 81.55
N MET NA 244 -18.44 56.65 80.46
CA MET NA 244 -19.03 56.86 79.14
C MET NA 244 -20.42 56.22 79.04
N THR NA 245 -20.57 55.02 79.60
CA THR NA 245 -21.87 54.37 79.60
C THR NA 245 -22.87 55.15 80.45
N THR NA 246 -22.44 55.62 81.63
CA THR NA 246 -23.36 56.33 82.51
C THR NA 246 -23.75 57.70 81.93
N GLU NA 247 -22.79 58.40 81.33
CA GLU NA 247 -23.08 59.71 80.75
C GLU NA 247 -24.09 59.59 79.60
N GLN NA 248 -23.92 58.57 78.76
CA GLN NA 248 -24.87 58.36 77.67
C GLN NA 248 -26.25 57.95 78.18
N MET NA 249 -26.31 57.28 79.33
CA MET NA 249 -27.60 56.84 79.86
C MET NA 249 -28.39 58.01 80.43
N VAL NA 250 -27.72 59.09 80.84
CA VAL NA 250 -28.40 60.23 81.43
C VAL NA 250 -28.68 61.31 80.39
N LEU NA 251 -27.75 61.52 79.45
CA LEU NA 251 -27.81 62.61 78.48
C LEU NA 251 -27.54 62.09 77.07
N THR NA 252 -28.28 61.05 76.68
CA THR NA 252 -28.12 60.39 75.40
C THR NA 252 -27.99 61.37 74.25
N SER NA 253 -26.85 61.32 73.57
CA SER NA 253 -26.51 62.19 72.45
C SER NA 253 -27.07 61.63 71.16
N PRO NA 254 -27.30 62.47 70.16
CA PRO NA 254 -27.73 61.96 68.85
C PRO NA 254 -26.67 61.09 68.22
N LEU NA 255 -27.12 60.11 67.44
CA LEU NA 255 -26.23 59.18 66.74
C LEU NA 255 -26.15 59.58 65.28
N ARG NA 256 -24.96 59.96 64.83
CA ARG NA 256 -24.73 60.40 63.47
C ARG NA 256 -23.96 59.35 62.70
N TYR NA 257 -24.17 59.33 61.38
CA TYR NA 257 -23.46 58.41 60.50
C TYR NA 257 -23.08 59.13 59.23
N SER NA 258 -21.97 58.70 58.63
CA SER NA 258 -21.59 59.20 57.33
C SER NA 258 -22.43 58.53 56.24
N THR NA 259 -22.37 59.10 55.03
CA THR NA 259 -23.17 58.56 53.93
C THR NA 259 -22.78 57.12 53.62
N GLN NA 260 -21.49 56.82 53.65
CA GLN NA 260 -21.04 55.45 53.39
C GLN NA 260 -21.56 54.49 54.45
N ALA NA 261 -21.53 54.90 55.72
CA ALA NA 261 -22.04 54.06 56.78
C ALA NA 261 -23.55 53.84 56.65
N MET NA 262 -24.28 54.88 56.26
CA MET NA 262 -25.71 54.74 56.03
C MET NA 262 -26.00 53.76 54.90
N ILE NA 263 -25.19 53.81 53.84
CA ILE NA 263 -25.32 52.84 52.75
C ILE NA 263 -25.04 51.44 53.26
N GLU NA 264 -23.99 51.28 54.06
CA GLU NA 264 -23.62 49.96 54.59
C GLU NA 264 -24.71 49.39 55.49
N GLN NA 265 -25.50 50.26 56.13
CA GLN NA 265 -26.55 49.79 57.03
C GLN NA 265 -27.79 49.30 56.29
N GLY NA 266 -27.82 49.41 54.96
CA GLY NA 266 -28.94 48.95 54.17
C GLY NA 266 -29.89 50.04 53.70
N TYR NA 267 -29.58 51.30 53.99
CA TYR NA 267 -30.43 52.39 53.56
C TYR NA 267 -30.22 52.68 52.08
N SER NA 268 -31.24 53.29 51.48
CA SER NA 268 -31.19 53.73 50.09
C SER NA 268 -31.08 55.26 50.04
N ASN NA 269 -30.65 55.76 48.88
CA ASN NA 269 -30.48 57.20 48.73
C ASN NA 269 -31.78 57.97 48.89
N GLU NA 270 -32.92 57.30 48.76
CA GLU NA 270 -34.20 57.97 48.97
C GLU NA 270 -34.36 58.47 50.40
N GLU NA 271 -33.93 57.66 51.37
CA GLU NA 271 -34.11 58.01 52.78
C GLU NA 271 -32.87 58.59 53.43
N ILE NA 272 -31.69 58.39 52.86
CA ILE NA 272 -30.49 59.00 53.43
C ILE NA 272 -30.55 60.51 53.27
N PHE NA 273 -30.87 60.99 52.08
CA PHE NA 273 -31.01 62.42 51.83
C PHE NA 273 -32.47 62.85 52.04
N GLU NA 274 -32.96 62.60 53.25
CA GLU NA 274 -34.31 62.94 53.65
C GLU NA 274 -34.25 63.91 54.82
N GLY NA 275 -35.00 65.00 54.72
CA GLY NA 275 -34.96 66.04 55.72
C GLY NA 275 -33.93 67.10 55.38
N PRO NA 276 -33.59 67.96 56.34
CA PRO NA 276 -32.60 68.99 56.08
C PRO NA 276 -31.21 68.41 55.84
N TYR NA 277 -30.40 69.15 55.08
CA TYR NA 277 -29.07 68.71 54.71
C TYR NA 277 -28.10 69.00 55.86
N LEU NA 278 -27.64 67.94 56.52
CA LEU NA 278 -26.73 68.07 57.65
C LEU NA 278 -25.30 67.85 57.18
N HIS NA 279 -24.40 68.76 57.54
CA HIS NA 279 -23.03 68.71 57.06
C HIS NA 279 -22.16 67.75 57.86
N HIS NA 280 -22.60 67.33 59.05
CA HIS NA 280 -21.77 66.57 59.97
C HIS NA 280 -22.39 65.23 60.33
N GLY NA 281 -22.93 64.53 59.35
CA GLY NA 281 -23.50 63.22 59.57
C GLY NA 281 -25.01 63.23 59.52
N TRP NA 282 -25.57 62.07 59.21
CA TRP NA 282 -27.00 61.89 59.09
C TRP NA 282 -27.60 61.33 60.38
N ILE NA 283 -28.82 61.75 60.69
CA ILE NA 283 -29.50 61.32 61.91
C ILE NA 283 -30.75 60.55 61.51
N PRO NA 284 -30.66 59.23 61.35
CA PRO NA 284 -31.85 58.46 60.93
C PRO NA 284 -32.94 58.42 62.00
N GLU NA 285 -32.57 58.07 63.22
CA GLU NA 285 -33.51 57.94 64.33
C GLU NA 285 -33.10 58.85 65.47
N LEU NA 286 -34.06 59.63 65.96
CA LEU NA 286 -33.86 60.51 67.09
C LEU NA 286 -34.59 59.96 68.32
N SER NA 287 -34.16 60.41 69.49
CA SER NA 287 -34.84 60.01 70.71
C SER NA 287 -36.22 60.66 70.77
N ALA NA 288 -37.08 60.10 71.63
CA ALA NA 288 -38.43 60.61 71.77
C ALA NA 288 -38.41 62.07 72.20
N ALA NA 289 -39.22 62.89 71.53
CA ALA NA 289 -39.24 64.31 71.81
C ALA NA 289 -39.87 64.56 73.18
N LYS NA 290 -39.12 65.20 74.07
CA LYS NA 290 -39.60 65.45 75.42
C LYS NA 290 -40.44 66.72 75.46
N ASP NA 291 -41.28 66.82 76.48
CA ASP NA 291 -42.11 67.99 76.71
C ASP NA 291 -41.48 68.81 77.83
N TYR NA 292 -41.00 70.00 77.48
CA TYR NA 292 -40.26 70.85 78.42
C TYR NA 292 -41.12 71.93 79.04
N THR NA 293 -42.44 71.89 78.84
CA THR NA 293 -43.36 72.80 79.52
C THR NA 293 -43.85 72.25 80.84
N LYS NA 294 -43.38 71.08 81.24
CA LYS NA 294 -43.77 70.45 82.50
C LYS NA 294 -42.60 69.60 82.97
N PRO NA 295 -42.56 69.22 84.24
CA PRO NA 295 -41.44 68.42 84.75
C PRO NA 295 -41.26 67.13 83.96
N THR NA 296 -40.00 66.78 83.70
CA THR NA 296 -39.65 65.63 82.89
C THR NA 296 -39.23 64.45 83.77
N GLU NA 297 -38.98 63.32 83.13
CA GLU NA 297 -38.64 62.08 83.80
C GLU NA 297 -37.24 61.63 83.39
N LEU NA 298 -36.57 60.94 84.31
CA LEU NA 298 -35.28 60.32 84.04
C LEU NA 298 -35.34 58.88 84.50
N LYS NA 299 -35.24 57.95 83.55
CA LYS NA 299 -35.29 56.52 83.83
C LYS NA 299 -33.89 55.93 83.68
N LEU NA 300 -33.47 55.18 84.71
CA LEU NA 300 -32.13 54.60 84.73
C LEU NA 300 -32.16 53.14 85.14
N SER NA 301 -33.30 52.47 84.94
CA SER NA 301 -33.42 51.07 85.33
C SER NA 301 -32.51 50.19 84.49
N HIS NA 302 -32.31 50.54 83.21
CA HIS NA 302 -31.47 49.76 82.32
C HIS NA 302 -29.98 50.01 82.52
N LEU NA 303 -29.61 50.95 83.39
CA LEU NA 303 -28.19 51.17 83.68
C LEU NA 303 -27.53 49.92 84.23
N ALA NA 304 -28.29 49.11 84.99
CA ALA NA 304 -27.75 47.86 85.49
C ALA NA 304 -27.40 46.91 84.36
N ASN NA 305 -28.27 46.84 83.34
CA ASN NA 305 -28.02 45.95 82.21
C ASN NA 305 -26.76 46.35 81.45
N ARG NA 306 -26.58 47.64 81.20
CA ARG NA 306 -25.44 48.10 80.41
C ARG NA 306 -24.14 48.00 81.19
N LEU NA 307 -24.17 48.29 82.49
CA LEU NA 307 -22.96 48.23 83.30
C LEU NA 307 -22.45 46.80 83.41
N LEU NA 308 -23.35 45.84 83.61
CA LEU NA 308 -22.95 44.44 83.71
C LEU NA 308 -22.42 43.90 82.39
N ALA NA 309 -22.74 44.56 81.27
CA ALA NA 309 -22.25 44.13 79.97
C ALA NA 309 -20.83 44.59 79.69
N ILE NA 310 -20.26 45.41 80.56
CA ILE NA 310 -18.87 45.86 80.37
C ILE NA 310 -17.93 44.72 80.75
N PRO NA 311 -17.00 44.34 79.88
CA PRO NA 311 -16.06 43.27 80.24
C PRO NA 311 -15.17 43.69 81.40
N GLY NA 312 -15.09 42.83 82.41
CA GLY NA 312 -14.36 43.11 83.62
C GLY NA 312 -15.22 43.51 84.80
N VAL NA 313 -16.50 43.81 84.58
CA VAL NA 313 -17.42 44.18 85.65
C VAL NA 313 -18.21 42.94 86.03
N GLN NA 314 -18.19 42.60 87.32
CA GLN NA 314 -18.84 41.39 87.80
C GLN NA 314 -20.24 41.66 88.33
N ASN NA 315 -20.38 42.60 89.26
CA ASN NA 315 -21.64 42.79 89.97
C ASN NA 315 -21.80 44.25 90.34
N ILE NA 316 -23.06 44.64 90.57
CA ILE NA 316 -23.42 45.96 91.06
C ILE NA 316 -24.13 45.77 92.39
N THR NA 317 -23.66 46.49 93.43
CA THR NA 317 -24.22 46.34 94.76
C THR NA 317 -25.08 47.51 95.22
N ARG NA 318 -24.94 48.68 94.62
CA ARG NA 318 -25.80 49.80 94.96
C ARG NA 318 -25.93 50.74 93.78
N LEU NA 319 -27.17 51.15 93.48
CA LEU NA 319 -27.45 52.11 92.42
C LEU NA 319 -28.58 53.00 92.96
N ALA NA 320 -28.22 54.20 93.40
CA ALA NA 320 -29.18 55.10 94.03
C ALA NA 320 -28.69 56.54 93.85
N LEU NA 321 -29.51 57.47 94.34
CA LEU NA 321 -29.24 58.90 94.21
C LEU NA 321 -28.79 59.44 95.56
N GLY NA 322 -27.68 60.18 95.55
CA GLY NA 322 -27.15 60.75 96.78
C GLY NA 322 -27.86 62.03 97.19
N LYS NA 323 -27.08 63.04 97.58
CA LYS NA 323 -27.67 64.31 97.99
C LYS NA 323 -28.22 65.04 96.77
N HIS NA 324 -29.48 65.47 96.86
CA HIS NA 324 -30.14 66.20 95.79
C HIS NA 324 -30.96 67.33 96.39
N ASP NA 325 -31.01 68.44 95.68
CA ASP NA 325 -31.82 69.57 96.11
C ASP NA 325 -33.28 69.31 95.74
N GLU NA 326 -34.14 70.32 95.91
CA GLU NA 326 -35.57 70.12 95.70
C GLU NA 326 -35.95 69.98 94.24
N ASN NA 327 -35.03 70.26 93.31
CA ASN NA 327 -35.36 70.13 91.89
C ASN NA 327 -35.41 68.68 91.44
N ILE NA 328 -34.82 67.75 92.18
CA ILE NA 328 -34.87 66.33 91.87
C ILE NA 328 -35.66 65.63 92.96
N SER NA 329 -36.67 64.88 92.56
CA SER NA 329 -37.49 64.10 93.48
C SER NA 329 -37.70 62.71 92.93
N PRO NA 330 -37.76 61.70 93.80
CA PRO NA 330 -37.99 60.33 93.33
C PRO NA 330 -39.37 60.19 92.72
N LEU NA 331 -39.45 59.29 91.73
CA LEU NA 331 -40.71 59.02 91.07
C LEU NA 331 -41.62 58.19 91.96
N ALA NA 332 -42.90 58.13 91.59
CA ALA NA 332 -43.90 57.40 92.36
C ALA NA 332 -43.73 55.91 92.12
N ASP NA 333 -43.34 55.18 93.16
CA ASP NA 333 -43.21 53.73 93.20
C ASP NA 333 -42.12 53.19 92.27
N ASP NA 334 -41.37 54.05 91.59
CA ASP NA 334 -40.30 53.61 90.71
C ASP NA 334 -38.97 53.74 91.46
N SER NA 335 -38.26 52.62 91.61
CA SER NA 335 -37.04 52.63 92.41
C SER NA 335 -35.88 53.31 91.69
N TRP NA 336 -35.87 53.28 90.36
CA TRP NA 336 -34.76 53.81 89.58
C TRP NA 336 -35.22 54.88 88.60
N SER NA 337 -36.13 55.74 89.04
CA SER NA 337 -36.60 56.86 88.23
C SER NA 337 -36.71 58.09 89.11
N TRP NA 338 -36.56 59.26 88.49
CA TRP NA 338 -36.57 60.52 89.21
C TRP NA 338 -37.23 61.59 88.37
N THR NA 339 -37.90 62.53 89.03
CA THR NA 339 -38.58 63.63 88.36
C THR NA 339 -37.70 64.87 88.40
N ILE NA 340 -37.40 65.42 87.23
CA ILE NA 340 -36.62 66.64 87.11
C ILE NA 340 -37.58 67.82 86.96
N ALA NA 341 -37.36 68.86 87.74
CA ALA NA 341 -38.26 70.01 87.73
C ALA NA 341 -38.25 70.69 86.37
N GLN NA 342 -39.36 71.37 86.08
CA GLN NA 342 -39.50 72.05 84.80
C GLN NA 342 -38.41 73.10 84.62
N GLY NA 343 -37.88 73.18 83.40
CA GLY NA 343 -36.83 74.12 83.08
C GLY NA 343 -35.43 73.69 83.48
N TYR NA 344 -35.27 72.45 83.93
CA TYR NA 344 -33.98 71.95 84.37
C TYR NA 344 -33.67 70.62 83.69
N TYR NA 345 -32.37 70.32 83.58
CA TYR NA 345 -31.92 69.05 83.06
C TYR NA 345 -30.87 68.45 84.00
N PRO NA 346 -30.80 67.12 84.07
CA PRO NA 346 -29.85 66.49 85.00
C PRO NA 346 -28.44 66.49 84.43
N ARG NA 347 -27.50 66.99 85.24
CA ARG NA 347 -26.09 66.99 84.89
C ARG NA 347 -25.36 66.02 85.80
N LEU NA 348 -24.61 65.11 85.20
CA LEU NA 348 -24.01 64.02 85.95
C LEU NA 348 -22.73 64.46 86.64
N TRP NA 349 -22.69 64.30 87.97
CA TRP NA 349 -21.48 64.49 88.76
C TRP NA 349 -20.92 65.90 88.63
N GLY NA 350 -21.80 66.89 88.58
CA GLY NA 350 -21.38 68.27 88.72
C GLY NA 350 -20.63 68.83 87.52
N ASN NA 351 -19.88 69.91 87.79
CA ASN NA 351 -19.16 70.60 86.74
C ASN NA 351 -18.05 69.75 86.16
N ASP NA 352 -17.25 69.13 87.01
CA ASP NA 352 -16.12 68.31 86.58
C ASP NA 352 -16.35 66.86 87.01
N PRO NA 353 -16.83 66.01 86.11
CA PRO NA 353 -17.10 64.62 86.49
C PRO NA 353 -15.84 63.84 86.81
N LEU NA 354 -14.87 63.89 85.90
CA LEU NA 354 -13.66 63.06 86.04
C LEU NA 354 -12.90 63.42 87.31
N ASP NA 355 -12.86 64.70 87.68
CA ASP NA 355 -12.23 65.10 88.93
C ASP NA 355 -12.95 64.50 90.12
N LEU NA 356 -14.28 64.50 90.09
CA LEU NA 356 -15.05 63.93 91.20
C LEU NA 356 -14.84 62.42 91.31
N ILE NA 357 -14.76 61.72 90.18
CA ILE NA 357 -14.54 60.28 90.22
C ILE NA 357 -13.17 59.96 90.80
N SER NA 358 -12.15 60.74 90.43
CA SER NA 358 -10.80 60.51 90.95
C SER NA 358 -10.65 60.97 92.40
N SER NA 359 -11.64 61.69 92.94
CA SER NA 359 -11.55 62.19 94.30
C SER NA 359 -11.72 61.07 95.32
N SER NA 360 -11.32 61.36 96.56
CA SER NA 360 -11.50 60.39 97.64
C SER NA 360 -12.96 60.28 98.05
N ALA NA 361 -13.73 61.35 97.90
CA ALA NA 361 -15.16 61.35 98.20
C ALA NA 361 -16.00 60.98 96.98
N SER NA 362 -15.45 60.20 96.06
CA SER NA 362 -16.15 59.87 94.82
C SER NA 362 -17.42 59.07 95.12
N PRO NA 363 -18.56 59.43 94.52
CA PRO NA 363 -19.76 58.59 94.67
C PRO NA 363 -19.64 57.24 93.99
N LEU NA 364 -18.69 57.08 93.07
CA LEU NA 364 -18.45 55.81 92.39
C LEU NA 364 -17.37 55.05 93.14
N THR NA 365 -17.66 53.82 93.51
CA THR NA 365 -16.75 52.97 94.27
C THR NA 365 -16.51 51.68 93.49
N ILE NA 366 -15.25 51.39 93.20
CA ILE NA 366 -14.85 50.20 92.46
C ILE NA 366 -14.02 49.32 93.38
N THR NA 367 -14.42 48.06 93.52
CA THR NA 367 -13.77 47.13 94.44
C THR NA 367 -13.46 45.83 93.71
N ALA NA 368 -12.23 45.36 93.84
CA ALA NA 368 -11.81 44.08 93.28
C ALA NA 368 -11.26 43.20 94.41
N LYS NA 369 -11.29 41.89 94.18
CA LYS NA 369 -10.83 40.90 95.16
C LYS NA 369 -11.57 41.00 96.48
N GLY NA 370 -12.81 41.48 96.46
CA GLY NA 370 -13.61 41.55 97.66
C GLY NA 370 -13.38 42.77 98.52
N GLY NA 371 -12.11 43.12 98.76
CA GLY NA 371 -11.81 44.20 99.68
C GLY NA 371 -10.67 45.12 99.29
N VAL NA 372 -10.40 45.26 98.00
CA VAL NA 372 -9.37 46.15 97.50
C VAL NA 372 -10.05 47.29 96.75
N LYS NA 373 -9.82 48.52 97.20
CA LYS NA 373 -10.36 49.70 96.53
C LYS NA 373 -9.42 50.12 95.41
N ILE NA 374 -10.01 50.54 94.29
CA ILE NA 374 -9.26 50.92 93.11
C ILE NA 374 -9.42 52.42 92.90
N THR NA 375 -8.29 53.12 92.83
CA THR NA 375 -8.26 54.56 92.60
C THR NA 375 -7.42 54.86 91.37
N VAL NA 376 -7.96 55.66 90.46
CA VAL NA 376 -7.30 56.02 89.22
C VAL NA 376 -7.26 57.54 89.11
N SER NA 377 -6.10 58.07 88.74
CA SER NA 377 -5.97 59.51 88.59
C SER NA 377 -6.78 60.01 87.41
N LYS NA 378 -7.08 61.32 87.43
CA LYS NA 378 -7.93 61.90 86.40
C LYS NA 378 -7.29 61.83 85.02
N GLN NA 379 -5.97 62.01 84.93
CA GLN NA 379 -5.30 62.01 83.64
C GLN NA 379 -5.42 60.66 82.94
N ASP NA 380 -5.34 59.58 83.71
CA ASP NA 380 -5.48 58.25 83.11
C ASP NA 380 -6.85 58.06 82.50
N ILE NA 381 -7.91 58.51 83.19
CA ILE NA 381 -9.26 58.39 82.65
C ILE NA 381 -9.41 59.27 81.41
N GLU NA 382 -8.78 60.44 81.42
CA GLU NA 382 -8.83 61.31 80.23
C GLU NA 382 -8.17 60.65 79.04
N ASN NA 383 -7.05 59.94 79.27
CA ASN NA 383 -6.34 59.29 78.18
C ASN NA 383 -7.19 58.19 77.55
N LYS NA 384 -7.93 57.43 78.37
CA LYS NA 384 -8.71 56.32 77.87
C LYS NA 384 -10.02 56.74 77.20
N ILE NA 385 -10.41 58.01 77.31
CA ILE NA 385 -11.61 58.51 76.66
C ILE NA 385 -11.27 58.92 75.24
N ILE NA 386 -11.99 58.35 74.27
CA ILE NA 386 -11.70 58.54 72.86
C ILE NA 386 -12.68 59.55 72.27
N ALA NA 387 -12.15 60.58 71.62
CA ALA NA 387 -12.99 61.58 70.99
C ALA NA 387 -13.57 61.05 69.69
N GLU NA 388 -14.84 61.35 69.45
CA GLU NA 388 -15.50 60.90 68.24
C GLU NA 388 -14.97 61.66 67.03
N PRO NA 389 -14.60 60.99 65.94
CA PRO NA 389 -14.13 61.70 64.75
C PRO NA 389 -15.23 62.55 64.14
N LEU NA 390 -14.81 63.64 63.50
CA LEU NA 390 -15.74 64.61 62.94
C LEU NA 390 -16.10 64.21 61.52
N ILE NA 391 -17.38 63.93 61.29
CA ILE NA 391 -17.87 63.61 59.96
C ILE NA 391 -18.13 64.90 59.20
N GLU NA 392 -17.83 64.90 57.90
CA GLU NA 392 -18.07 66.07 57.05
C GLU NA 392 -18.46 65.58 55.67
N THR NA 393 -19.70 65.82 55.27
CA THR NA 393 -20.23 65.37 53.99
C THR NA 393 -20.14 66.51 52.98
N GLN NA 394 -19.46 66.25 51.88
CA GLN NA 394 -19.28 67.20 50.80
C GLN NA 394 -20.29 66.95 49.69
N PRO NA 395 -20.60 67.97 48.89
CA PRO NA 395 -21.52 67.75 47.76
C PRO NA 395 -20.97 66.72 46.79
N GLU NA 396 -21.87 65.88 46.26
CA GLU NA 396 -21.49 64.86 45.30
C GLU NA 396 -21.43 65.46 43.90
N LEU NA 397 -20.42 65.05 43.13
CA LEU NA 397 -20.21 65.57 41.79
C LEU NA 397 -19.85 64.44 40.84
N LEU NA 398 -20.28 64.61 39.58
CA LEU NA 398 -19.76 63.82 38.46
C LEU NA 398 -18.72 64.71 37.79
N ASN NA 399 -17.44 64.43 38.05
CA ASN NA 399 -16.38 65.32 37.63
C ASN NA 399 -16.33 65.44 36.11
N TRP NA 400 -15.66 66.50 35.66
CA TRP NA 400 -15.52 66.73 34.22
C TRP NA 400 -14.78 65.57 33.57
N GLY NA 401 -15.23 65.21 32.37
CA GLY NA 401 -14.53 64.25 31.56
C GLY NA 401 -13.44 64.93 30.76
N LYS NA 402 -13.01 64.27 29.69
CA LYS NA 402 -12.01 64.81 28.79
C LYS NA 402 -12.73 65.44 27.59
N HIS NA 403 -12.53 66.73 27.39
CA HIS NA 403 -13.12 67.40 26.24
C HIS NA 403 -12.52 66.85 24.96
N ARG NA 404 -13.38 66.55 24.00
CA ARG NA 404 -12.97 65.94 22.74
C ARG NA 404 -13.28 66.90 21.60
N LYS NA 405 -12.31 67.07 20.71
CA LYS NA 405 -12.45 68.03 19.62
C LYS NA 405 -13.41 67.51 18.57
N VAL NA 406 -14.68 67.38 18.93
CA VAL NA 406 -15.70 66.91 18.00
C VAL NA 406 -16.00 67.98 16.96
N LEU NA 407 -15.98 69.25 17.36
CA LEU NA 407 -16.35 70.33 16.45
C LEU NA 407 -15.44 70.40 15.22
N ASP NA 408 -14.19 69.96 15.36
CA ASP NA 408 -13.25 70.03 14.25
C ASP NA 408 -13.78 69.30 13.03
N TYR NA 409 -13.75 69.98 11.89
CA TYR NA 409 -14.25 69.41 10.64
C TYR NA 409 -13.18 69.50 9.57
N TYR NA 410 -13.12 68.47 8.73
CA TYR NA 410 -12.18 68.40 7.63
C TYR NA 410 -12.96 68.21 6.34
N PRO NA 411 -12.85 69.11 5.37
CA PRO NA 411 -13.66 69.00 4.16
C PRO NA 411 -13.42 67.68 3.43
N VAL NA 412 -14.50 67.11 2.90
CA VAL NA 412 -14.43 65.78 2.29
C VAL NA 412 -13.92 65.82 0.87
N SER NA 413 -13.89 66.98 0.22
CA SER NA 413 -13.31 67.08 -1.10
C SER NA 413 -11.81 66.91 -1.09
N ASN NA 414 -11.18 67.01 0.08
CA ASN NA 414 -9.74 66.81 0.20
C ASN NA 414 -9.34 65.34 0.07
N LYS NA 415 -10.30 64.41 0.15
CA LYS NA 415 -10.01 62.99 0.04
C LYS NA 415 -10.07 62.48 -1.39
N LEU NA 416 -10.51 63.30 -2.33
CA LEU NA 416 -10.58 62.87 -3.72
C LEU NA 416 -9.18 62.85 -4.33
N PRO NA 417 -8.93 61.95 -5.29
CA PRO NA 417 -7.62 61.91 -5.95
C PRO NA 417 -7.34 63.20 -6.70
N ALA NA 418 -6.05 63.44 -6.93
CA ALA NA 418 -5.61 64.69 -7.53
C ALA NA 418 -6.11 64.89 -8.95
N CYS NA 419 -6.50 63.80 -9.63
CA CYS NA 419 -6.97 63.91 -11.01
C CYS NA 419 -8.29 64.64 -11.14
N TYR NA 420 -9.00 64.87 -10.04
CA TYR NA 420 -10.28 65.58 -10.08
C TYR NA 420 -10.13 67.08 -10.02
N GLY NA 421 -8.93 67.60 -9.78
CA GLY NA 421 -8.70 69.02 -9.83
C GLY NA 421 -9.20 69.82 -8.65
N LEU NA 422 -9.47 69.17 -7.53
CA LEU NA 422 -9.96 69.86 -6.33
C LEU NA 422 -8.84 70.17 -5.33
N GLN NA 423 -7.58 69.91 -5.70
CA GLN NA 423 -6.45 70.19 -4.83
C GLN NA 423 -5.77 71.51 -5.15
N THR NA 424 -5.65 71.85 -6.43
CA THR NA 424 -5.09 73.12 -6.84
C THR NA 424 -6.18 74.19 -6.86
N TYR NA 425 -5.74 75.45 -6.84
CA TYR NA 425 -6.67 76.56 -6.87
C TYR NA 425 -7.49 76.53 -8.16
N ALA NA 426 -8.80 76.70 -8.04
CA ALA NA 426 -9.69 76.55 -9.17
C ALA NA 426 -9.55 77.73 -10.13
N GLU NA 427 -9.32 77.42 -11.41
CA GLU NA 427 -9.23 78.44 -12.44
C GLU NA 427 -10.18 78.21 -13.61
N THR NA 428 -10.62 76.98 -13.84
CA THR NA 428 -11.53 76.66 -14.93
C THR NA 428 -12.96 76.52 -14.40
N GLN NA 429 -13.92 76.61 -15.33
CA GLN NA 429 -15.32 76.49 -14.95
C GLN NA 429 -15.62 75.10 -14.40
N GLN NA 430 -14.98 74.07 -14.95
CA GLN NA 430 -15.24 72.70 -14.51
C GLN NA 430 -14.85 72.51 -13.04
N GLN NA 431 -13.69 73.03 -12.64
CA GLN NA 431 -13.26 72.91 -11.25
C GLN NA 431 -14.20 73.65 -10.32
N VAL NA 432 -14.62 74.87 -10.70
CA VAL NA 432 -15.51 75.64 -9.85
C VAL NA 432 -16.85 74.93 -9.68
N HIS NA 433 -17.38 74.38 -10.77
CA HIS NA 433 -18.67 73.69 -10.70
C HIS NA 433 -18.62 72.50 -9.76
N LEU NA 434 -17.53 71.73 -9.81
CA LEU NA 434 -17.39 70.59 -8.91
C LEU NA 434 -17.32 71.04 -7.46
N HIS NA 435 -16.62 72.13 -7.19
CA HIS NA 435 -16.55 72.66 -5.83
C HIS NA 435 -17.92 73.10 -5.34
N GLN NA 436 -18.71 73.72 -6.22
CA GLN NA 436 -20.04 74.18 -5.82
C GLN NA 436 -20.99 73.01 -5.63
N PHE NA 437 -20.81 71.93 -6.40
CA PHE NA 437 -21.66 70.76 -6.25
C PHE NA 437 -21.43 70.09 -4.89
N MET NA 438 -20.16 69.99 -4.47
CA MET NA 438 -19.86 69.31 -3.20
C MET NA 438 -20.22 70.16 -2.00
N LEU NA 439 -20.37 71.48 -2.16
CA LEU NA 439 -20.51 72.36 -1.00
C LEU NA 439 -21.73 72.04 -0.13
N PRO NA 440 -22.93 71.84 -0.67
CA PRO NA 440 -24.06 71.54 0.23
C PRO NA 440 -23.86 70.26 1.05
N PHE NA 441 -23.14 69.28 0.51
CA PHE NA 441 -22.89 68.06 1.27
C PHE NA 441 -21.85 68.29 2.35
N GLU NA 442 -20.83 69.12 2.07
CA GLU NA 442 -19.90 69.50 3.11
C GLU NA 442 -20.59 70.28 4.23
N GLN NA 443 -21.55 71.13 3.85
CA GLN NA 443 -22.27 71.92 4.85
C GLN NA 443 -23.07 71.04 5.80
N MET NA 444 -23.79 70.06 5.26
CA MET NA 444 -24.63 69.23 6.11
C MET NA 444 -23.79 68.28 6.96
N LEU NA 445 -22.60 67.94 6.50
CA LEU NA 445 -21.68 67.17 7.34
C LEU NA 445 -21.08 68.06 8.44
N ALA NA 446 -20.73 69.30 8.10
CA ALA NA 446 -20.18 70.21 9.09
C ALA NA 446 -21.21 70.55 10.16
N ASN NA 447 -22.47 70.73 9.78
CA ASN NA 447 -23.52 71.03 10.75
C ASN NA 447 -23.71 69.86 11.71
N GLY NA 448 -23.67 68.63 11.21
CA GLY NA 448 -23.76 67.48 12.09
C GLY NA 448 -22.62 67.43 13.10
N CYS NA 449 -21.41 67.75 12.66
CA CYS NA 449 -20.30 67.87 13.59
C CYS NA 449 -20.52 69.01 14.58
N ALA NA 450 -21.04 70.13 14.09
CA ALA NA 450 -21.30 71.27 14.98
C ALA NA 450 -22.45 70.98 15.94
N GLU NA 451 -23.45 70.22 15.49
CA GLU NA 451 -24.58 69.91 16.35
C GLU NA 451 -24.16 69.06 17.54
N LEU NA 452 -23.27 68.09 17.30
CA LEU NA 452 -22.79 67.26 18.41
C LEU NA 452 -21.96 68.06 19.39
N ALA NA 453 -21.18 69.03 18.89
CA ALA NA 453 -20.38 69.86 19.78
C ALA NA 453 -21.25 70.79 20.62
N LEU NA 454 -22.48 71.04 20.19
CA LEU NA 454 -23.39 71.91 20.92
C LEU NA 454 -24.13 71.17 22.03
N LEU NA 455 -23.92 69.86 22.15
CA LEU NA 455 -24.66 69.03 23.11
C LEU NA 455 -24.59 69.50 24.56
N PRO NA 456 -23.43 69.87 25.12
CA PRO NA 456 -23.44 70.33 26.52
C PRO NA 456 -24.27 71.59 26.73
N LYS NA 457 -24.42 72.43 25.71
CA LYS NA 457 -25.25 73.62 25.86
C LYS NA 457 -26.72 73.34 25.59
N LEU NA 458 -27.03 72.40 24.70
CA LEU NA 458 -28.42 72.10 24.38
C LEU NA 458 -29.16 71.52 25.57
N LEU NA 459 -28.51 70.64 26.32
CA LEU NA 459 -29.12 69.99 27.47
C LEU NA 459 -28.71 70.62 28.79
N ALA NA 460 -28.12 71.80 28.76
CA ALA NA 460 -27.67 72.44 29.99
C ALA NA 460 -28.84 72.85 30.86
N PHE NA 461 -28.69 72.65 32.18
CA PHE NA 461 -29.72 73.04 33.12
C PHE NA 461 -29.72 74.55 33.37
N LYS NA 462 -28.62 75.24 33.08
CA LYS NA 462 -28.50 76.66 33.37
C LYS NA 462 -27.59 77.31 32.35
N GLN NA 463 -27.67 78.63 32.26
CA GLN NA 463 -26.84 79.43 31.36
C GLN NA 463 -27.01 78.98 29.91
N ARG NA 464 -28.26 78.80 29.51
CA ARG NA 464 -28.56 78.34 28.16
C ARG NA 464 -28.22 79.43 27.13
N GLY NA 465 -28.00 79.00 25.89
CA GLY NA 465 -27.56 79.87 24.83
C GLY NA 465 -28.71 80.38 23.96
N ASN NA 466 -28.34 81.00 22.85
CA ASN NA 466 -29.29 81.62 21.94
C ASN NA 466 -29.61 80.74 20.74
N THR NA 467 -28.84 79.69 20.48
CA THR NA 467 -29.04 78.84 19.32
C THR NA 467 -29.60 77.49 19.73
N VAL NA 468 -30.32 76.86 18.81
CA VAL NA 468 -30.91 75.54 19.05
C VAL NA 468 -30.39 74.48 18.09
N TYR NA 469 -29.67 74.85 17.04
CA TYR NA 469 -29.07 73.90 16.12
C TYR NA 469 -27.61 74.29 15.88
N GLY NA 470 -26.79 73.29 15.56
CA GLY NA 470 -25.38 73.52 15.34
C GLY NA 470 -25.07 73.76 13.87
N THR NA 471 -24.35 74.85 13.60
CA THR NA 471 -23.93 75.20 12.26
C THR NA 471 -22.53 75.81 12.31
N GLN NA 472 -21.81 75.71 11.20
CA GLN NA 472 -20.49 76.28 11.07
C GLN NA 472 -20.10 76.29 9.61
N TRP NA 473 -19.19 77.20 9.26
CA TRP NA 473 -18.65 77.24 7.91
C TRP NA 473 -17.66 76.11 7.71
N PRO NA 474 -17.83 75.25 6.71
CA PRO NA 474 -16.98 74.05 6.61
C PRO NA 474 -15.50 74.34 6.41
N PHE NA 475 -15.14 75.45 5.78
CA PHE NA 475 -13.77 75.68 5.35
C PHE NA 475 -13.05 76.67 6.26
N LYS NA 476 -11.73 76.52 6.33
CA LYS NA 476 -10.86 77.41 7.08
C LYS NA 476 -10.27 78.46 6.16
N ALA NA 477 -9.39 79.30 6.69
CA ALA NA 477 -8.79 80.38 5.92
C ALA NA 477 -7.56 79.89 5.17
N ASN NA 478 -7.24 80.59 4.09
CA ASN NA 478 -6.09 80.27 3.23
C ASN NA 478 -6.15 78.83 2.72
N THR NA 479 -7.33 78.40 2.30
CA THR NA 479 -7.54 77.08 1.73
C THR NA 479 -8.10 77.22 0.33
N VAL NA 480 -8.00 76.13 -0.44
CA VAL NA 480 -8.54 76.14 -1.80
C VAL NA 480 -10.05 76.25 -1.77
N GLY NA 481 -10.70 75.59 -0.81
CA GLY NA 481 -12.15 75.68 -0.72
C GLY NA 481 -12.64 77.06 -0.34
N GLN NA 482 -11.90 77.75 0.52
CA GLN NA 482 -12.32 79.08 0.96
C GLN NA 482 -12.27 80.08 -0.20
N GLN NA 483 -11.24 79.99 -1.04
CA GLN NA 483 -11.11 80.94 -2.13
C GLN NA 483 -12.24 80.80 -3.16
N VAL NA 484 -12.67 79.56 -3.42
CA VAL NA 484 -13.70 79.34 -4.41
C VAL NA 484 -15.02 79.95 -3.96
N HIS NA 485 -15.38 79.78 -2.69
CA HIS NA 485 -16.63 80.29 -2.14
C HIS NA 485 -16.44 81.63 -1.43
N GLN NA 486 -15.48 82.44 -1.87
CA GLN NA 486 -15.19 83.69 -1.19
C GLN NA 486 -16.36 84.67 -1.29
N GLU NA 487 -16.96 84.78 -2.47
CA GLU NA 487 -18.00 85.78 -2.70
C GLU NA 487 -19.33 85.42 -2.07
N ILE NA 488 -19.65 84.13 -1.93
CA ILE NA 488 -20.95 83.72 -1.41
C ILE NA 488 -20.92 83.38 0.07
N MET NA 489 -19.75 83.46 0.71
CA MET NA 489 -19.67 83.10 2.13
C MET NA 489 -20.54 83.98 3.02
N PRO NA 490 -20.54 85.32 2.90
CA PRO NA 490 -21.39 86.11 3.80
C PRO NA 490 -22.87 85.78 3.71
N ASP NA 491 -23.37 85.47 2.51
CA ASP NA 491 -24.79 85.15 2.37
C ASP NA 491 -25.13 83.80 2.97
N LEU NA 492 -24.30 82.79 2.71
CA LEU NA 492 -24.55 81.46 3.27
C LEU NA 492 -24.42 81.46 4.78
N ILE NA 493 -23.42 82.17 5.32
CA ILE NA 493 -23.26 82.26 6.77
C ILE NA 493 -24.47 82.96 7.40
N LYS NA 494 -24.99 83.99 6.73
CA LYS NA 494 -26.18 84.67 7.21
C LYS NA 494 -27.36 83.72 7.26
N GLN NA 495 -27.51 82.87 6.25
CA GLN NA 495 -28.58 81.87 6.25
C GLN NA 495 -28.39 80.87 7.38
N LEU NA 496 -27.13 80.45 7.62
CA LEU NA 496 -26.86 79.50 8.68
C LEU NA 496 -27.24 80.07 10.05
N ASN NA 497 -26.89 81.34 10.29
CA ASN NA 497 -27.24 81.98 11.54
C ASN NA 497 -28.75 82.12 11.70
N ASN NA 498 -29.44 82.47 10.60
CA ASN NA 498 -30.89 82.64 10.67
C ASN NA 498 -31.58 81.33 11.01
N ASP NA 499 -31.09 80.21 10.46
CA ASP NA 499 -31.75 78.93 10.64
C ASP NA 499 -31.45 78.30 12.00
N SER NA 500 -30.56 78.89 12.79
CA SER NA 500 -30.14 78.28 14.05
C SER NA 500 -30.49 79.12 15.27
N GLN NA 501 -30.38 80.44 15.18
CA GLN NA 501 -30.55 81.30 16.34
C GLN NA 501 -32.02 81.46 16.71
N ILE NA 502 -32.30 81.48 18.01
CA ILE NA 502 -33.65 81.76 18.48
C ILE NA 502 -34.02 83.22 18.20
N ASN NA 503 -33.11 84.13 18.54
CA ASN NA 503 -33.32 85.56 18.35
C ASN NA 503 -32.19 86.11 17.49
N SER NA 504 -32.55 86.88 16.47
CA SER NA 504 -31.58 87.43 15.53
C SER NA 504 -31.97 88.88 15.24
N ASP NA 505 -31.32 89.46 14.22
CA ASP NA 505 -31.65 90.82 13.82
C ASP NA 505 -33.09 90.92 13.33
N ASP NA 506 -33.55 89.91 12.60
CA ASP NA 506 -34.93 89.90 12.11
C ASP NA 506 -35.94 89.78 13.24
N GLY NA 507 -35.53 89.31 14.42
CA GLY NA 507 -36.40 89.18 15.57
C GLY NA 507 -36.54 87.73 16.00
N ILE NA 508 -37.74 87.37 16.44
CA ILE NA 508 -38.01 86.05 16.98
C ILE NA 508 -38.23 85.07 15.85
N HIS NA 509 -37.52 83.94 15.88
CA HIS NA 509 -37.76 82.84 14.96
C HIS NA 509 -38.79 81.91 15.57
N SER NA 510 -39.95 81.79 14.92
CA SER NA 510 -41.09 81.09 15.53
C SER NA 510 -40.78 79.61 15.75
N GLN NA 511 -40.24 78.94 14.73
CA GLN NA 511 -39.94 77.52 14.87
C GLN NA 511 -38.85 77.28 15.90
N ASN NA 512 -37.81 78.11 15.90
CA ASN NA 512 -36.77 77.99 16.92
C ASN NA 512 -37.32 78.30 18.30
N TYR NA 513 -38.24 79.27 18.40
CA TYR NA 513 -38.89 79.54 19.67
C TYR NA 513 -39.67 78.33 20.17
N THR NA 514 -40.40 77.68 19.27
CA THR NA 514 -41.17 76.50 19.66
C THR NA 514 -40.26 75.36 20.08
N LYS NA 515 -39.13 75.18 19.39
CA LYS NA 515 -38.20 74.12 19.74
C LYS NA 515 -37.61 74.35 21.13
N GLU NA 516 -37.24 75.59 21.44
CA GLU NA 516 -36.65 75.88 22.74
C GLU NA 516 -37.63 75.61 23.87
N LEU NA 517 -38.92 75.91 23.64
CA LEU NA 517 -39.93 75.62 24.65
C LEU NA 517 -40.04 74.12 24.89
N SER NA 518 -39.95 73.32 23.82
CA SER NA 518 -40.06 71.88 23.97
C SER NA 518 -38.87 71.31 24.73
N ILE NA 519 -37.68 71.86 24.50
CA ILE NA 519 -36.50 71.41 25.24
C ILE NA 519 -36.62 71.77 26.71
N LEU NA 520 -37.08 72.98 27.01
CA LEU NA 520 -37.27 73.39 28.40
C LEU NA 520 -38.32 72.53 29.09
N ASN NA 521 -39.42 72.24 28.38
CA ASN NA 521 -40.46 71.39 28.96
C ASN NA 521 -39.93 69.99 29.24
N TYR NA 522 -39.10 69.45 28.34
CA TYR NA 522 -38.51 68.14 28.58
C TYR NA 522 -37.59 68.16 29.79
N LEU NA 523 -36.77 69.21 29.92
CA LEU NA 523 -35.86 69.29 31.06
C LEU NA 523 -36.61 69.56 32.35
N LEU NA 524 -37.69 70.34 32.29
CA LEU NA 524 -38.48 70.61 33.49
C LEU NA 524 -39.15 69.35 34.01
N GLU NA 525 -39.50 68.42 33.13
CA GLU NA 525 -40.13 67.18 33.55
C GLU NA 525 -39.21 66.30 34.39
N TYR NA 526 -37.92 66.61 34.44
CA TYR NA 526 -37.01 65.89 35.33
C TYR NA 526 -37.43 66.05 36.78
N PHE NA 527 -37.88 67.25 37.16
CA PHE NA 527 -38.17 67.60 38.54
C PHE NA 527 -39.66 67.64 38.85
N GLY NA 528 -40.48 67.00 38.02
CA GLY NA 528 -41.90 66.89 38.31
C GLY NA 528 -42.74 68.10 38.01
N THR NA 529 -42.22 69.06 37.24
CA THR NA 529 -42.98 70.24 36.85
C THR NA 529 -43.10 70.26 35.32
N HIS NA 530 -43.65 71.36 34.80
CA HIS NA 530 -43.84 71.47 33.36
C HIS NA 530 -43.83 72.94 32.96
N ARG NA 531 -43.69 73.16 31.66
CA ARG NA 531 -43.64 74.51 31.10
C ARG NA 531 -44.99 75.21 31.28
N ALA NA 532 -44.93 76.53 31.36
CA ALA NA 532 -46.14 77.35 31.41
C ALA NA 532 -46.74 77.50 30.03
N ALA NA 533 -48.01 77.89 29.99
CA ALA NA 533 -48.69 78.10 28.73
C ALA NA 533 -48.09 79.28 27.99
N ARG NA 534 -48.13 79.23 26.65
CA ARG NA 534 -47.56 80.29 25.84
C ARG NA 534 -48.32 81.60 26.10
N PRO NA 535 -47.62 82.72 26.20
CA PRO NA 535 -48.30 83.99 26.45
C PRO NA 535 -49.16 84.40 25.26
N LEU NA 536 -50.27 85.08 25.56
CA LEU NA 536 -51.16 85.61 24.54
C LEU NA 536 -51.06 87.12 24.39
N THR NA 537 -50.76 87.84 25.48
CA THR NA 537 -50.67 89.29 25.47
C THR NA 537 -49.38 89.79 26.13
N LEU NA 538 -48.40 88.92 26.30
CA LEU NA 538 -47.15 89.27 26.97
C LEU NA 538 -45.99 89.30 25.98
N ASP NA 539 -44.81 89.59 26.49
CA ASP NA 539 -43.61 89.72 25.67
C ASP NA 539 -42.93 88.36 25.53
N SER NA 540 -42.59 87.99 24.31
CA SER NA 540 -41.97 86.69 24.05
C SER NA 540 -40.62 86.55 24.73
N LEU NA 541 -39.78 87.60 24.66
CA LEU NA 541 -38.47 87.53 25.29
C LEU NA 541 -38.60 87.44 26.81
N ASP NA 542 -39.53 88.20 27.40
CA ASP NA 542 -39.74 88.12 28.83
C ASP NA 542 -40.24 86.74 29.24
N PHE NA 543 -41.11 86.14 28.44
CA PHE NA 543 -41.63 84.81 28.76
C PHE NA 543 -40.52 83.77 28.79
N LEU NA 544 -39.59 83.83 27.83
CA LEU NA 544 -38.48 82.89 27.81
C LEU NA 544 -37.60 83.04 29.04
N SER NA 545 -37.42 84.27 29.51
CA SER NA 545 -36.61 84.49 30.70
C SER NA 545 -37.21 83.81 31.92
N THR NA 546 -38.53 83.83 32.04
CA THR NA 546 -39.19 83.18 33.17
C THR NA 546 -38.92 81.67 33.15
N GLN NA 547 -39.07 81.05 31.98
CA GLN NA 547 -38.91 79.60 31.90
C GLN NA 547 -37.45 79.20 32.14
N ARG NA 548 -36.51 79.91 31.54
CA ARG NA 548 -35.10 79.58 31.73
C ARG NA 548 -34.67 79.77 33.17
N GLY NA 549 -35.10 80.85 33.81
CA GLY NA 549 -34.81 81.05 35.21
C GLY NA 549 -35.50 80.04 36.10
N TYR NA 550 -36.69 79.60 35.71
CA TYR NA 550 -37.41 78.58 36.46
C TYR NA 550 -36.63 77.26 36.50
N LEU NA 551 -36.08 76.85 35.35
CA LEU NA 551 -35.31 75.63 35.30
C LEU NA 551 -33.96 75.78 35.99
N ALA NA 552 -33.30 76.93 35.78
CA ALA NA 552 -31.94 77.11 36.30
C ALA NA 552 -31.90 77.16 37.82
N GLN NA 553 -32.95 77.64 38.46
CA GLN NA 553 -32.99 77.79 39.91
C GLN NA 553 -33.85 76.73 40.59
N GLN NA 554 -34.03 75.58 39.95
CA GLN NA 554 -34.85 74.51 40.54
C GLN NA 554 -34.33 74.05 41.90
N PRO NA 555 -33.03 73.81 42.11
CA PRO NA 555 -32.59 73.35 43.44
C PRO NA 555 -32.92 74.35 44.55
N GLU NA 556 -32.64 75.63 44.32
CA GLU NA 556 -32.91 76.63 45.36
C GLU NA 556 -34.41 76.84 45.57
N LEU NA 557 -35.19 76.79 44.48
CA LEU NA 557 -36.61 77.09 44.58
C LEU NA 557 -37.34 76.09 45.47
N THR NA 558 -37.04 74.80 45.32
CA THR NA 558 -37.76 73.78 46.06
C THR NA 558 -37.18 73.52 47.43
N TYR NA 559 -35.86 73.66 47.59
CA TYR NA 559 -35.26 73.50 48.91
C TYR NA 559 -35.75 74.59 49.87
N GLN NA 560 -35.89 75.81 49.36
CA GLN NA 560 -36.39 76.95 50.14
C GLN NA 560 -37.84 77.26 49.77
N ARG NA 561 -38.65 76.22 49.58
CA ARG NA 561 -40.02 76.39 49.12
C ARG NA 561 -40.84 77.29 50.04
N ASN NA 562 -40.51 77.32 51.33
CA ASN NA 562 -41.29 78.08 52.31
C ASN NA 562 -40.44 79.11 53.05
N ASN NA 563 -39.23 79.38 52.60
CA ASN NA 563 -38.33 80.31 53.29
C ASN NA 563 -38.51 81.72 52.74
N ILE NA 564 -38.40 82.69 53.64
CA ILE NA 564 -38.47 84.11 53.28
C ILE NA 564 -37.40 84.87 54.07
N ARG NA 565 -36.70 85.76 53.38
CA ARG NA 565 -35.68 86.59 54.00
C ARG NA 565 -35.86 88.03 53.55
N ILE NA 566 -35.31 88.95 54.35
CA ILE NA 566 -35.43 90.37 54.05
C ILE NA 566 -34.55 90.73 52.85
N ASP NA 567 -35.06 91.61 51.99
CA ASP NA 567 -34.32 92.12 50.83
C ASP NA 567 -33.91 91.01 49.86
N LYS NA 568 -34.72 89.96 49.79
CA LYS NA 568 -34.49 88.88 48.84
C LYS NA 568 -35.82 88.40 48.30
N VAL NA 569 -35.88 88.19 46.98
CA VAL NA 569 -37.11 87.72 46.35
C VAL NA 569 -37.42 86.32 46.84
N SER NA 570 -38.62 86.14 47.39
CA SER NA 570 -39.00 84.85 47.96
C SER NA 570 -39.21 83.81 46.85
N ALA NA 571 -39.03 82.55 47.22
CA ALA NA 571 -39.26 81.46 46.28
C ALA NA 571 -40.72 81.37 45.87
N LEU NA 572 -41.64 81.75 46.77
CA LEU NA 572 -43.06 81.74 46.43
C LEU NA 572 -43.35 82.72 45.30
N GLN NA 573 -42.74 83.91 45.34
CA GLN NA 573 -42.93 84.88 44.28
C GLN NA 573 -42.39 84.37 42.96
N LYS NA 574 -41.22 83.73 42.99
CA LYS NA 574 -40.62 83.20 41.75
C LYS NA 574 -41.49 82.12 41.15
N ARG NA 575 -42.05 81.24 41.98
CA ARG NA 575 -42.91 80.17 41.47
C ARG NA 575 -44.17 80.73 40.83
N ILE NA 576 -44.75 81.77 41.43
CA ILE NA 576 -45.94 82.40 40.85
C ILE NA 576 -45.60 83.01 39.50
N ALA NA 577 -44.47 83.70 39.41
CA ALA NA 577 -44.07 84.31 38.15
C ALA NA 577 -43.79 83.26 37.08
N ALA NA 578 -43.12 82.16 37.45
CA ALA NA 578 -42.80 81.12 36.49
C ALA NA 578 -44.06 80.44 35.96
N ARG NA 579 -45.03 80.17 36.84
CA ARG NA 579 -46.25 79.50 36.41
C ARG NA 579 -47.05 80.35 35.44
N LEU NA 580 -47.11 81.66 35.68
CA LEU NA 580 -47.85 82.55 34.79
C LEU NA 580 -47.01 83.05 33.62
N GLY NA 581 -45.70 82.81 33.63
CA GLY NA 581 -44.85 83.29 32.55
C GLY NA 581 -44.79 84.79 32.44
N LEU NA 582 -44.64 85.48 33.57
CA LEU NA 582 -44.67 86.93 33.61
C LEU NA 582 -43.59 87.45 34.54
N GLY NA 583 -42.86 88.47 34.09
CA GLY NA 583 -41.87 89.11 34.93
C GLY NA 583 -40.60 88.30 35.12
N GLY NA 584 -39.83 88.13 34.06
CA GLY NA 584 -38.59 87.39 34.15
C GLY NA 584 -37.46 88.13 34.83
N LYS NA 585 -37.65 89.41 35.14
CA LYS NA 585 -36.60 90.19 35.80
C LYS NA 585 -36.38 89.76 37.24
N CYS NA 586 -37.32 89.03 37.83
CA CYS NA 586 -37.21 88.62 39.23
C CYS NA 586 -36.40 87.34 39.42
N PHE NA 587 -35.93 86.73 38.34
CA PHE NA 587 -35.18 85.48 38.43
C PHE NA 587 -33.67 85.70 38.49
N GLU NA 588 -33.21 86.95 38.53
CA GLU NA 588 -31.80 87.26 38.68
C GLU NA 588 -31.59 87.98 40.01
N GLU NA 589 -30.47 87.67 40.67
CA GLU NA 589 -30.17 88.24 41.96
C GLU NA 589 -29.89 89.74 41.84
N THR NA 590 -30.05 90.44 42.97
CA THR NA 590 -29.84 91.89 43.05
C THR NA 590 -30.70 92.64 42.04
N SER NA 591 -31.95 92.19 41.87
CA SER NA 591 -32.90 92.85 40.98
C SER NA 591 -33.67 93.90 41.76
N LYS NA 592 -32.91 94.87 42.28
CA LYS NA 592 -33.47 95.96 43.08
C LYS NA 592 -33.84 97.17 42.25
N LEU NA 593 -33.66 97.13 40.93
CA LEU NA 593 -33.95 98.26 40.06
C LEU NA 593 -34.73 97.87 38.82
N ASP NA 594 -35.23 96.64 38.75
CA ASP NA 594 -35.84 96.14 37.53
C ASP NA 594 -37.34 96.35 37.44
N GLU NA 595 -37.97 96.87 38.51
CA GLU NA 595 -39.40 97.20 38.51
C GLU NA 595 -40.26 95.98 38.15
N LEU NA 596 -40.23 95.01 39.07
CA LEU NA 596 -40.97 93.77 38.87
C LEU NA 596 -42.46 94.07 38.69
N PRO NA 597 -43.15 93.34 37.82
CA PRO NA 597 -44.57 93.64 37.57
C PRO NA 597 -45.48 93.39 38.76
N PHE NA 598 -45.01 92.67 39.78
CA PHE NA 598 -45.80 92.45 40.98
C PHE NA 598 -44.86 92.20 42.15
N TYR NA 599 -45.37 92.46 43.35
CA TYR NA 599 -44.58 92.35 44.57
C TYR NA 599 -45.35 91.56 45.62
N LEU NA 600 -44.60 90.92 46.52
CA LEU NA 600 -45.14 90.02 47.51
C LEU NA 600 -44.78 90.54 48.90
N ILE NA 601 -45.79 90.70 49.76
CA ILE NA 601 -45.61 91.30 51.07
C ILE NA 601 -46.17 90.37 52.13
N GLU NA 602 -45.37 90.06 53.14
CA GLU NA 602 -45.81 89.27 54.28
C GLU NA 602 -46.40 90.20 55.33
N HIS NA 603 -47.66 89.94 55.71
CA HIS NA 603 -48.37 90.86 56.59
C HIS NA 603 -47.74 90.91 57.99
N ARG NA 604 -47.30 89.77 58.51
CA ARG NA 604 -46.79 89.72 59.88
C ARG NA 604 -45.53 90.56 60.06
N GLN NA 605 -44.84 90.90 58.97
CA GLN NA 605 -43.65 91.74 59.07
C GLN NA 605 -43.97 93.17 59.50
N LEU NA 606 -45.24 93.56 59.47
CA LEU NA 606 -45.67 94.91 59.85
C LEU NA 606 -46.23 94.95 61.27
N LEU NA 607 -45.70 94.13 62.17
CA LEU NA 607 -46.17 94.09 63.54
C LEU NA 607 -45.00 94.21 64.50
N PRO NA 608 -45.23 94.77 65.68
CA PRO NA 608 -44.16 94.88 66.68
C PRO NA 608 -44.10 93.67 67.60
N VAL NA 609 -42.93 93.48 68.21
CA VAL NA 609 -42.75 92.41 69.18
C VAL NA 609 -43.51 92.76 70.46
N LYS NA 610 -44.20 91.78 71.02
CA LYS NA 610 -44.92 92.00 72.27
C LYS NA 610 -43.93 92.33 73.39
N PRO NA 611 -44.06 93.47 74.04
CA PRO NA 611 -43.05 93.90 75.02
C PRO NA 611 -43.37 93.42 76.43
N ASP NA 612 -42.40 93.65 77.32
CA ASP NA 612 -42.59 93.32 78.72
C ASP NA 612 -43.56 94.28 79.38
N THR NA 613 -44.39 93.76 80.29
CA THR NA 613 -45.38 94.57 80.96
C THR NA 613 -44.80 95.53 81.98
N LYS NA 614 -43.52 95.36 82.35
CA LYS NA 614 -42.91 96.25 83.33
C LYS NA 614 -42.80 97.68 82.81
N PHE NA 615 -42.46 97.83 81.52
CA PHE NA 615 -42.13 99.13 80.95
C PHE NA 615 -43.34 99.85 80.36
N ASP NA 616 -44.56 99.43 80.73
CA ASP NA 616 -45.74 100.16 80.28
C ASP NA 616 -45.77 101.57 80.85
N LYS NA 617 -45.43 101.71 82.13
CA LYS NA 617 -45.33 103.02 82.76
C LYS NA 617 -44.06 103.73 82.31
N GLU NA 618 -44.07 105.07 82.41
CA GLU NA 618 -42.96 105.86 81.93
C GLU NA 618 -41.73 105.69 82.83
N GLN NA 619 -40.55 105.88 82.24
CA GLN NA 619 -39.29 105.81 82.97
C GLN NA 619 -38.38 106.92 82.49
N LYS NA 620 -37.39 107.25 83.31
CA LYS NA 620 -36.43 108.29 83.00
C LYS NA 620 -35.08 107.66 82.69
N PRO NA 621 -34.50 107.90 81.52
CA PRO NA 621 -33.19 107.32 81.21
C PRO NA 621 -32.10 107.85 82.13
N ASP NA 622 -31.10 107.00 82.38
CA ASP NA 622 -29.98 107.37 83.22
C ASP NA 622 -28.77 107.85 82.44
N LYS NA 623 -28.82 107.80 81.11
CA LYS NA 623 -27.75 108.30 80.27
C LYS NA 623 -28.26 108.36 78.83
N LEU NA 624 -27.85 109.41 78.11
CA LEU NA 624 -28.33 109.63 76.76
C LEU NA 624 -27.26 110.39 75.98
N LYS NA 625 -27.05 109.96 74.73
CA LYS NA 625 -26.09 110.61 73.85
C LYS NA 625 -26.52 110.39 72.41
N ILE NA 626 -26.00 111.24 71.53
CA ILE NA 626 -26.32 111.18 70.10
C ILE NA 626 -25.02 111.02 69.33
N LYS NA 627 -24.99 110.05 68.42
CA LYS NA 627 -23.83 109.79 67.59
C LYS NA 627 -24.25 109.82 66.12
N SER NA 628 -23.34 110.33 65.28
CA SER NA 628 -23.57 110.40 63.84
C SER NA 628 -22.84 109.24 63.17
N VAL NA 629 -23.58 108.46 62.38
CA VAL NA 629 -22.97 107.32 61.69
C VAL NA 629 -21.97 107.83 60.65
N PRO NA 630 -20.78 107.24 60.56
CA PRO NA 630 -19.80 107.71 59.58
C PRO NA 630 -20.28 107.51 58.15
N ASN NA 631 -19.87 108.42 57.27
CA ASN NA 631 -20.19 108.37 55.84
C ASN NA 631 -21.69 108.30 55.60
N SER NA 632 -22.45 109.03 56.41
CA SER NA 632 -23.90 109.09 56.25
C SER NA 632 -24.43 110.32 56.98
N LYS NA 633 -25.59 110.78 56.53
CA LYS NA 633 -26.26 111.91 57.16
C LYS NA 633 -27.13 111.51 58.35
N ASN NA 634 -27.33 110.21 58.57
CA ASN NA 634 -28.18 109.75 59.65
C ASN NA 634 -27.48 109.89 60.99
N GLN NA 635 -28.25 109.73 62.07
CA GLN NA 635 -27.74 109.75 63.42
C GLN NA 635 -28.43 108.68 64.24
N GLN NA 636 -27.67 108.06 65.15
CA GLN NA 636 -28.19 107.03 66.03
C GLN NA 636 -28.29 107.59 67.44
N LEU NA 637 -29.47 107.43 68.05
CA LEU NA 637 -29.73 107.95 69.39
C LEU NA 637 -29.57 106.81 70.39
N ILE NA 638 -28.63 106.96 71.31
CA ILE NA 638 -28.29 105.91 72.27
C ILE NA 638 -28.87 106.27 73.63
N ILE NA 639 -29.72 105.39 74.16
CA ILE NA 639 -30.34 105.57 75.46
C ILE NA 639 -29.81 104.48 76.40
N THR NA 640 -29.60 104.85 77.65
CA THR NA 640 -29.06 103.93 78.64
C THR NA 640 -29.93 103.95 79.89
N GLN NA 641 -30.42 102.78 80.29
CA GLN NA 641 -31.18 102.61 81.52
C GLN NA 641 -30.69 101.37 82.25
N ASN NA 642 -30.57 101.48 83.57
CA ASN NA 642 -30.02 100.40 84.38
C ASN NA 642 -31.12 99.42 84.77
N GLY NA 643 -30.69 98.21 85.15
CA GLY NA 643 -31.63 97.17 85.55
C GLY NA 643 -32.55 96.72 84.45
N THR NA 644 -32.02 96.54 83.24
CA THR NA 644 -32.82 96.16 82.08
C THR NA 644 -32.19 95.04 81.27
N THR NA 645 -31.29 94.25 81.89
CA THR NA 645 -30.60 93.20 81.17
C THR NA 645 -31.56 92.06 80.83
N GLY NA 646 -31.58 91.65 79.57
CA GLY NA 646 -32.42 90.55 79.15
C GLY NA 646 -33.90 90.83 79.21
N GLN NA 647 -34.30 92.10 79.19
CA GLN NA 647 -35.71 92.47 79.27
C GLN NA 647 -36.21 93.27 78.07
N LEU NA 648 -35.30 93.77 77.22
CA LEU NA 648 -35.68 94.50 76.02
C LEU NA 648 -35.28 93.70 74.79
N LEU NA 649 -36.15 93.70 73.79
CA LEU NA 649 -35.96 92.90 72.59
C LEU NA 649 -35.88 93.80 71.36
N TYR NA 650 -35.20 93.31 70.34
CA TYR NA 650 -35.18 94.00 69.06
C TYR NA 650 -36.59 94.03 68.47
N GLY NA 651 -36.92 95.13 67.80
CA GLY NA 651 -38.24 95.31 67.25
C GLY NA 651 -39.27 95.82 68.23
N GLN NA 652 -38.88 96.12 69.47
CA GLN NA 652 -39.81 96.70 70.44
C GLN NA 652 -40.15 98.12 70.04
N VAL NA 653 -41.44 98.46 70.08
CA VAL NA 653 -41.89 99.79 69.71
C VAL NA 653 -42.19 100.60 70.97
N ARG NA 673 -43.56 108.95 68.47
CA ARG NA 673 -44.35 107.76 68.21
C ARG NA 673 -43.72 106.87 67.16
N GLY NA 674 -43.97 105.57 67.25
CA GLY NA 674 -43.46 104.63 66.26
C GLY NA 674 -41.95 104.51 66.22
N GLN NA 675 -41.31 104.42 67.38
CA GLN NA 675 -39.87 104.27 67.48
C GLN NA 675 -39.54 102.82 67.85
N MET NA 676 -38.70 102.17 67.06
CA MET NA 676 -38.32 100.79 67.30
C MET NA 676 -36.92 100.72 67.91
N ILE NA 677 -36.76 99.84 68.90
CA ILE NA 677 -35.46 99.56 69.49
C ILE NA 677 -34.66 98.69 68.52
N THR NA 678 -33.42 99.11 68.22
CA THR NA 678 -32.59 98.42 67.25
C THR NA 678 -31.51 97.56 67.89
N ASP NA 679 -30.86 98.03 68.96
CA ASP NA 679 -29.80 97.29 69.61
C ASP NA 679 -30.14 97.06 71.08
N ILE NA 680 -29.58 95.99 71.64
CA ILE NA 680 -29.74 95.69 73.06
C ILE NA 680 -28.35 95.51 73.67
N THR NA 681 -27.35 96.19 73.11
CA THR NA 681 -25.98 96.03 73.58
C THR NA 681 -25.86 96.50 75.03
N GLY NA 682 -25.51 95.57 75.91
CA GLY NA 682 -25.40 95.89 77.33
C GLY NA 682 -26.74 96.34 77.88
N GLU NA 683 -26.72 97.45 78.61
CA GLU NA 683 -27.92 98.03 79.19
C GLU NA 683 -28.39 99.26 78.41
N SER NA 684 -27.95 99.41 77.17
CA SER NA 684 -28.28 100.55 76.34
C SER NA 684 -28.95 100.09 75.05
N PHE NA 685 -29.98 100.82 74.62
CA PHE NA 685 -30.66 100.54 73.37
C PHE NA 685 -30.57 101.76 72.47
N ILE NA 686 -30.46 101.51 71.17
CA ILE NA 686 -30.16 102.55 70.19
C ILE NA 686 -31.35 102.68 69.24
N LEU NA 687 -31.80 103.92 69.05
CA LEU NA 687 -32.77 104.25 68.02
C LEU NA 687 -32.07 104.91 66.84
N ASP NA 688 -32.73 104.90 65.70
CA ASP NA 688 -32.14 105.42 64.46
C ASP NA 688 -33.03 106.51 63.88
N THR NA 689 -32.41 107.60 63.42
CA THR NA 689 -33.13 108.68 62.78
C THR NA 689 -33.62 108.33 61.38
N ARG NA 690 -33.10 107.26 60.79
CA ARG NA 690 -33.52 106.88 59.45
C ARG NA 690 -34.98 106.41 59.42
N ASN NA 691 -35.43 105.72 60.46
CA ASN NA 691 -36.77 105.16 60.49
C ASN NA 691 -37.84 106.18 60.86
N SER NA 692 -37.46 107.33 61.40
CA SER NA 692 -38.43 108.33 61.84
C SER NA 692 -37.93 109.71 61.47
N THR NA 693 -38.68 110.42 60.62
CA THR NA 693 -38.35 111.80 60.30
C THR NA 693 -38.60 112.72 61.48
N ALA NA 694 -39.61 112.41 62.31
CA ALA NA 694 -39.90 113.24 63.47
C ALA NA 694 -38.72 113.25 64.44
N LEU NA 695 -38.10 112.09 64.66
CA LEU NA 695 -36.90 112.05 65.49
C LEU NA 695 -35.77 112.86 64.87
N ALA NA 696 -35.64 112.80 63.54
CA ALA NA 696 -34.61 113.57 62.86
C ALA NA 696 -34.88 115.08 62.93
N ARG NA 697 -36.12 115.49 63.19
CA ARG NA 697 -36.44 116.91 63.28
C ARG NA 697 -36.40 117.43 64.71
N SER NA 698 -36.92 116.66 65.67
CA SER NA 698 -36.96 117.08 67.07
C SER NA 698 -35.82 116.49 67.88
N LEU NA 699 -34.67 116.23 67.25
CA LEU NA 699 -33.54 115.66 67.96
C LEU NA 699 -32.96 116.66 68.97
N ILE NA 700 -33.01 117.95 68.65
CA ILE NA 700 -32.51 118.95 69.58
C ILE NA 700 -33.47 119.11 70.77
N ASP NA 701 -34.75 118.84 70.56
CA ASP NA 701 -35.72 118.99 71.65
C ASP NA 701 -35.54 117.92 72.71
N VAL NA 702 -35.36 116.66 72.30
CA VAL NA 702 -35.15 115.60 73.28
C VAL NA 702 -33.81 115.78 73.99
N GLN NA 703 -32.81 116.30 73.28
CA GLN NA 703 -31.53 116.62 73.93
C GLN NA 703 -31.73 117.69 74.99
N ASN NA 704 -32.51 118.72 74.68
CA ASN NA 704 -32.80 119.76 75.68
C ASN NA 704 -33.60 119.20 76.84
N ALA NA 705 -34.59 118.34 76.56
CA ALA NA 705 -35.37 117.73 77.63
C ALA NA 705 -34.49 116.86 78.52
N TYR NA 706 -33.54 116.14 77.92
CA TYR NA 706 -32.59 115.36 78.71
C TYR NA 706 -31.74 116.27 79.58
N ASN NA 707 -31.31 117.42 79.05
CA ASN NA 707 -30.53 118.36 79.83
C ASN NA 707 -31.33 118.86 81.03
N ASP NA 708 -32.62 119.12 80.85
CA ASP NA 708 -33.50 119.47 81.95
C ASP NA 708 -33.95 118.26 82.76
N GLY NA 709 -33.63 117.05 82.31
CA GLY NA 709 -34.07 115.85 83.00
C GLY NA 709 -35.57 115.64 82.96
N ASN NA 710 -36.20 115.89 81.82
CA ASN NA 710 -37.65 115.76 81.68
C ASN NA 710 -38.00 115.04 80.39
N LEU NA 711 -37.21 114.04 80.02
CA LEU NA 711 -37.45 113.23 78.84
C LEU NA 711 -37.84 111.83 79.29
N TYR NA 712 -39.03 111.39 78.91
CA TYR NA 712 -39.59 110.13 79.36
C TYR NA 712 -39.90 109.23 78.17
N TRP NA 713 -39.64 107.94 78.34
CA TRP NA 713 -39.92 106.94 77.32
C TRP NA 713 -40.64 105.75 77.97
N CYS NA 714 -41.50 105.11 77.19
CA CYS NA 714 -42.23 103.94 77.66
C CYS NA 714 -42.74 103.18 76.45
N ASN NA 715 -43.35 102.02 76.72
CA ASN NA 715 -44.01 101.26 75.66
C ASN NA 715 -45.17 102.07 75.10
N SER NA 716 -45.33 102.02 73.79
CA SER NA 716 -46.37 102.80 73.14
C SER NA 716 -47.74 102.28 73.57
N PRO NA 717 -48.58 103.11 74.20
CA PRO NA 717 -49.93 102.63 74.55
C PRO NA 717 -50.75 102.22 73.35
N VAL NA 718 -50.58 102.89 72.22
CA VAL NA 718 -51.25 102.55 70.98
C VAL NA 718 -50.20 102.51 69.88
N TRP NA 719 -50.06 101.35 69.22
CA TRP NA 719 -49.02 101.18 68.22
C TRP NA 719 -49.55 101.27 66.79
N MET NA 720 -50.85 101.14 66.58
CA MET NA 720 -51.42 101.26 65.24
C MET NA 720 -52.91 101.56 65.36
N GLU NA 721 -53.37 102.49 64.54
CA GLU NA 721 -54.75 102.93 64.56
C GLU NA 721 -55.53 102.31 63.41
N ASP NA 722 -56.85 102.49 63.45
CA ASP NA 722 -57.71 101.96 62.41
C ASP NA 722 -57.50 102.71 61.10
N MET NA 723 -58.04 102.15 60.02
CA MET NA 723 -57.86 102.71 58.68
C MET NA 723 -59.05 103.59 58.31
N ASP NA 724 -58.75 104.83 57.92
CA ASP NA 724 -59.74 105.76 57.40
C ASP NA 724 -59.23 106.34 56.10
N TYR NA 725 -60.08 106.33 55.07
CA TYR NA 725 -59.67 106.72 53.73
C TYR NA 725 -60.06 108.16 53.43
N GLN NA 726 -59.23 108.82 52.61
CA GLN NA 726 -59.53 110.16 52.17
C GLN NA 726 -60.72 110.17 51.21
N LEU NA 727 -61.41 111.30 51.15
CA LEU NA 727 -62.54 111.48 50.25
C LEU NA 727 -62.04 112.14 48.97
N VAL NA 728 -62.14 111.43 47.85
CA VAL NA 728 -61.75 111.93 46.54
C VAL NA 728 -62.90 111.68 45.57
N TYR NA 729 -63.30 112.72 44.86
CA TYR NA 729 -64.42 112.63 43.93
C TYR NA 729 -63.92 112.24 42.54
N ALA NA 730 -64.67 111.36 41.88
CA ALA NA 730 -64.32 110.94 40.54
C ALA NA 730 -64.67 112.04 39.53
N SER NA 731 -64.23 111.84 38.29
CA SER NA 731 -64.47 112.81 37.25
C SER NA 731 -65.96 112.88 36.91
N GLU NA 732 -66.34 113.97 36.25
CA GLU NA 732 -67.76 114.22 35.96
C GLU NA 732 -68.33 113.19 35.00
N ILE NA 733 -67.47 112.51 34.23
CA ILE NA 733 -67.97 111.49 33.29
C ILE NA 733 -68.58 110.32 34.06
N TYR NA 734 -67.93 109.91 35.16
CA TYR NA 734 -68.44 108.80 35.95
C TYR NA 734 -69.67 109.18 36.76
N GLN NA 735 -69.91 110.47 36.99
CA GLN NA 735 -71.04 110.93 37.80
C GLN NA 735 -72.34 110.82 37.00
N THR NA 736 -72.74 109.57 36.76
CA THR NA 736 -73.99 109.27 36.08
C THR NA 736 -75.10 108.88 37.04
N GLY NA 737 -74.86 109.00 38.35
CA GLY NA 737 -75.83 108.61 39.34
C GLY NA 737 -76.85 109.70 39.61
N THR NA 738 -77.71 109.43 40.59
CA THR NA 738 -78.75 110.35 40.99
C THR NA 738 -78.18 111.38 41.96
N GLU NA 739 -79.06 112.16 42.60
CA GLU NA 739 -78.60 113.22 43.50
C GLU NA 739 -77.92 112.65 44.73
N ASN NA 740 -78.28 111.44 45.15
CA ASN NA 740 -77.69 110.80 46.31
C ASN NA 740 -76.60 109.80 45.96
N GLU NA 741 -76.24 109.70 44.68
CA GLU NA 741 -75.23 108.75 44.23
C GLU NA 741 -74.01 109.52 43.74
N ARG NA 742 -72.85 109.24 44.32
CA ARG NA 742 -71.57 109.79 43.88
C ARG NA 742 -70.58 108.66 43.69
N TRP NA 743 -69.59 108.89 42.84
CA TRP NA 743 -68.55 107.91 42.56
C TRP NA 743 -67.24 108.37 43.19
N ILE NA 744 -66.64 107.50 43.99
CA ILE NA 744 -65.41 107.80 44.71
C ILE NA 744 -64.30 106.97 44.08
N THR NA 745 -63.25 107.65 43.63
CA THR NA 745 -62.13 107.00 42.94
C THR NA 745 -60.94 106.85 43.88
N SER NA 746 -60.17 105.79 43.65
CA SER NA 746 -58.92 105.61 44.38
C SER NA 746 -57.91 106.66 43.97
N SER NA 747 -57.19 107.19 44.94
CA SER NA 747 -56.24 108.27 44.75
C SER NA 747 -54.92 107.90 45.39
N PRO NA 748 -53.81 108.50 44.95
CA PRO NA 748 -52.52 108.27 45.62
C PRO NA 748 -52.56 108.58 47.11
N GLN NA 749 -53.44 109.47 47.54
CA GLN NA 749 -53.62 109.75 48.96
C GLN NA 749 -54.71 108.91 49.60
N SER NA 750 -55.38 108.04 48.83
CA SER NA 750 -56.48 107.22 49.36
C SER NA 750 -56.51 105.90 48.62
N PRO NA 751 -55.87 104.87 49.18
CA PRO NA 751 -55.88 103.56 48.52
C PRO NA 751 -57.27 102.94 48.52
N PHE NA 752 -57.51 102.11 47.52
CA PHE NA 752 -58.79 101.41 47.41
C PHE NA 752 -58.94 100.42 48.57
N PRO NA 753 -60.13 100.31 49.16
CA PRO NA 753 -60.31 99.38 50.28
C PRO NA 753 -60.26 97.93 49.83
N ALA NA 754 -59.45 97.14 50.53
CA ALA NA 754 -59.22 95.75 50.15
C ALA NA 754 -60.29 94.81 50.68
N MET NA 755 -61.30 95.31 51.38
CA MET NA 755 -62.33 94.45 51.97
C MET NA 755 -63.74 94.93 51.65
N ILE NA 756 -63.89 95.81 50.65
CA ILE NA 756 -65.19 96.43 50.41
C ILE NA 756 -66.21 95.38 50.01
N GLU NA 757 -67.48 95.67 50.31
CA GLU NA 757 -68.58 94.78 49.98
C GLU NA 757 -69.84 95.62 49.80
N GLU NA 758 -70.76 95.13 48.99
CA GLU NA 758 -71.96 95.89 48.65
C GLU NA 758 -72.88 96.02 49.86
N ASN NA 759 -73.67 97.11 49.86
CA ASN NA 759 -74.64 97.41 50.90
C ASN NA 759 -74.00 97.57 52.27
N ASP NA 760 -72.73 97.97 52.31
CA ASP NA 760 -72.05 98.20 53.59
C ASP NA 760 -72.21 99.65 54.01
N GLU NA 761 -72.55 99.85 55.28
CA GLU NA 761 -72.79 101.20 55.79
C GLU NA 761 -71.48 101.98 55.85
N ILE NA 762 -71.57 103.27 55.53
CA ILE NA 762 -70.40 104.13 55.41
C ILE NA 762 -70.60 105.37 56.27
N THR NA 763 -69.56 105.76 57.01
CA THR NA 763 -69.58 106.95 57.83
C THR NA 763 -68.58 107.96 57.28
N LEU NA 764 -69.01 109.22 57.20
CA LEU NA 764 -68.14 110.29 56.71
C LEU NA 764 -68.30 111.54 57.57
N ARG NA 816 -62.62 112.52 55.18
CA ARG NA 816 -62.11 111.20 55.54
C ARG NA 816 -63.23 110.29 56.00
N TRP NA 817 -63.34 109.12 55.38
CA TRP NA 817 -64.44 108.19 55.63
C TRP NA 817 -63.91 106.88 56.18
N TYR NA 818 -64.83 106.12 56.79
CA TYR NA 818 -64.52 104.80 57.34
C TYR NA 818 -65.81 104.01 57.42
N PHE NA 819 -65.67 102.70 57.58
CA PHE NA 819 -66.82 101.82 57.67
C PHE NA 819 -67.47 101.95 59.04
N SER NA 820 -68.78 102.15 59.07
CA SER NA 820 -69.49 102.23 60.34
C SER NA 820 -69.41 100.91 61.10
N SER NA 821 -69.75 99.81 60.44
CA SER NA 821 -69.59 98.49 61.04
C SER NA 821 -68.11 98.16 61.12
N GLU NA 822 -67.66 97.72 62.29
CA GLU NA 822 -66.25 97.47 62.54
C GLU NA 822 -65.88 95.99 62.42
N LYS NA 823 -66.79 95.16 61.89
CA LYS NA 823 -66.51 93.73 61.75
C LYS NA 823 -65.28 93.48 60.88
N TYR NA 824 -64.93 94.44 60.02
CA TYR NA 824 -63.68 94.33 59.26
C TYR NA 824 -62.48 94.42 60.19
N ALA NA 825 -62.61 95.15 61.30
CA ALA NA 825 -61.50 95.32 62.22
C ALA NA 825 -61.29 94.07 63.08
N LEU NA 826 -62.36 93.39 63.48
CA LEU NA 826 -62.20 92.18 64.28
C LEU NA 826 -61.70 91.01 63.46
N ALA NA 827 -61.82 91.06 62.13
CA ALA NA 827 -61.27 90.01 61.29
C ALA NA 827 -59.76 90.00 61.40
N ASP NA 828 -59.18 88.81 61.49
CA ASP NA 828 -57.73 88.69 61.59
C ASP NA 828 -57.09 88.94 60.24
N ARG NA 829 -56.11 89.83 60.21
CA ARG NA 829 -55.48 90.24 58.96
C ARG NA 829 -53.98 90.00 58.93
N PHE NA 830 -53.41 89.37 59.96
CA PHE NA 830 -51.97 89.22 60.05
C PHE NA 830 -51.50 87.78 60.23
N SER NA 831 -52.42 86.84 60.45
CA SER NA 831 -52.05 85.45 60.66
C SER NA 831 -52.06 84.72 59.32
N PHE NA 832 -50.86 84.42 58.80
CA PHE NA 832 -50.69 83.66 57.56
C PHE NA 832 -51.44 84.32 56.41
N VAL NA 833 -51.29 85.63 56.29
CA VAL NA 833 -51.89 86.41 55.21
C VAL NA 833 -50.78 87.11 54.46
N VAL NA 834 -50.87 87.09 53.13
CA VAL NA 834 -49.86 87.66 52.25
C VAL NA 834 -50.56 88.54 51.22
N SER NA 835 -49.98 89.70 50.92
CA SER NA 835 -50.55 90.64 49.97
C SER NA 835 -49.74 90.62 48.68
N MET NA 836 -50.43 90.56 47.55
CA MET NA 836 -49.82 90.59 46.22
C MET NA 836 -50.23 91.89 45.55
N VAL NA 837 -49.28 92.79 45.33
CA VAL NA 837 -49.52 94.09 44.72
C VAL NA 837 -49.09 94.01 43.26
N ILE NA 838 -50.03 94.29 42.34
CA ILE NA 838 -49.81 94.10 40.92
C ILE NA 838 -50.09 95.41 40.19
N ASN NA 839 -49.29 95.67 39.16
CA ASN NA 839 -49.55 96.77 38.25
C ASN NA 839 -50.82 96.48 37.45
N SER NA 840 -51.61 97.52 37.21
CA SER NA 840 -52.84 97.39 36.44
C SER NA 840 -52.63 97.61 34.94
N GLN NA 841 -51.41 97.95 34.53
CA GLN NA 841 -51.13 98.10 33.10
C GLN NA 841 -51.23 96.77 32.37
N LEU NA 842 -51.02 95.66 33.09
CA LEU NA 842 -51.05 94.35 32.44
C LEU NA 842 -52.41 94.06 31.83
N VAL NA 843 -53.50 94.36 32.57
CA VAL NA 843 -54.84 94.10 32.07
C VAL NA 843 -55.38 95.23 31.21
N LYS NA 844 -54.57 96.25 30.94
CA LYS NA 844 -54.99 97.38 30.09
C LYS NA 844 -54.93 96.91 28.65
N ASN NA 845 -56.04 96.35 28.16
CA ASN NA 845 -56.12 95.88 26.79
C ASN NA 845 -57.59 95.88 26.37
N ASP NA 846 -57.81 96.09 25.08
CA ASP NA 846 -59.17 96.21 24.57
C ASP NA 846 -59.91 94.89 24.63
N ASP NA 847 -59.23 93.78 24.35
CA ASP NA 847 -59.86 92.47 24.25
C ASP NA 847 -59.63 91.61 25.49
N VAL NA 848 -59.17 92.20 26.59
CA VAL NA 848 -58.89 91.46 27.82
C VAL NA 848 -59.94 91.84 28.85
N ASP NA 849 -60.64 90.84 29.39
CA ASP NA 849 -61.58 91.04 30.48
C ASP NA 849 -60.83 90.79 31.78
N PRO NA 850 -60.54 91.82 32.58
CA PRO NA 850 -59.68 91.61 33.76
C PRO NA 850 -60.24 90.62 34.77
N TYR NA 851 -61.56 90.61 34.98
CA TYR NA 851 -62.11 89.78 36.05
C TYR NA 851 -62.12 88.32 35.68
N LYS NA 852 -62.47 87.99 34.43
CA LYS NA 852 -62.39 86.60 33.99
C LYS NA 852 -60.94 86.13 33.93
N LEU NA 853 -60.04 86.99 33.46
CA LEU NA 853 -58.62 86.64 33.42
C LEU NA 853 -58.07 86.45 34.82
N GLU NA 854 -58.48 87.30 35.76
CA GLU NA 854 -57.99 87.17 37.14
C GLU NA 854 -58.45 85.85 37.76
N SER NA 855 -59.69 85.45 37.48
CA SER NA 855 -60.18 84.18 38.02
C SER NA 855 -59.38 83.00 37.48
N TRP NA 856 -59.04 83.02 36.19
CA TRP NA 856 -58.27 81.94 35.61
C TRP NA 856 -56.88 81.85 36.22
N ALA NA 857 -56.24 83.00 36.46
CA ALA NA 857 -54.89 83.01 37.01
C ALA NA 857 -54.88 82.42 38.42
N LYS NA 858 -55.90 82.72 39.21
CA LYS NA 858 -55.99 82.14 40.56
C LYS NA 858 -56.15 80.63 40.49
N THR NA 859 -56.92 80.13 39.53
CA THR NA 859 -57.09 78.69 39.38
C THR NA 859 -55.77 78.02 39.03
N GLU NA 860 -54.99 78.62 38.12
CA GLU NA 860 -53.71 78.05 37.75
C GLU NA 860 -52.73 78.05 38.91
N ILE NA 861 -52.72 79.12 39.70
CA ILE NA 861 -51.76 79.26 40.78
C ILE NA 861 -52.12 78.35 41.97
N LEU NA 862 -53.41 78.02 42.13
CA LEU NA 862 -53.89 77.38 43.34
C LEU NA 862 -53.18 76.05 43.62
N ALA NA 863 -52.85 75.30 42.57
CA ALA NA 863 -52.31 73.95 42.78
C ALA NA 863 -50.99 73.99 43.55
N GLU NA 864 -50.11 74.94 43.22
CA GLU NA 864 -48.81 75.03 43.86
C GLU NA 864 -48.77 76.02 45.03
N PHE NA 865 -49.90 76.63 45.37
CA PHE NA 865 -49.92 77.58 46.47
C PHE NA 865 -49.86 76.85 47.80
N PRO NA 866 -49.23 77.45 48.82
CA PRO NA 866 -49.22 76.84 50.15
C PRO NA 866 -50.64 76.66 50.69
N ALA NA 867 -50.82 75.56 51.43
CA ALA NA 867 -52.16 75.19 51.88
C ALA NA 867 -52.66 76.11 52.98
N HIS NA 868 -51.77 76.55 53.87
CA HIS NA 868 -52.16 77.32 55.06
C HIS NA 868 -51.96 78.82 54.87
N LEU NA 869 -52.15 79.33 53.66
CA LEU NA 869 -51.93 80.74 53.38
C LEU NA 869 -53.14 81.33 52.67
N SER NA 870 -53.30 82.64 52.83
CA SER NA 870 -54.31 83.41 52.12
C SER NA 870 -53.64 84.59 51.43
N MET NA 871 -54.22 85.02 50.32
CA MET NA 871 -53.64 86.08 49.51
C MET NA 871 -54.65 87.20 49.32
N ILE NA 872 -54.15 88.42 49.19
CA ILE NA 872 -54.97 89.61 48.95
C ILE NA 872 -54.44 90.29 47.70
N ILE NA 873 -55.34 90.60 46.77
CA ILE NA 873 -54.98 91.19 45.49
C ILE NA 873 -55.18 92.69 45.58
N HIS NA 874 -54.13 93.45 45.27
CA HIS NA 874 -54.19 94.91 45.22
C HIS NA 874 -53.85 95.36 43.81
N TRP NA 875 -54.83 95.94 43.12
CA TRP NA 875 -54.62 96.50 41.79
C TRP NA 875 -54.22 97.97 41.94
N LEU NA 876 -53.08 98.33 41.36
CA LEU NA 876 -52.55 99.68 41.44
C LEU NA 876 -52.33 100.23 40.05
N SER NA 877 -52.67 101.51 39.86
CA SER NA 877 -52.43 102.17 38.60
C SER NA 877 -50.93 102.31 38.35
N PRO NA 878 -50.52 102.43 37.08
CA PRO NA 878 -49.08 102.52 36.78
C PRO NA 878 -48.36 103.68 37.46
N GLU NA 879 -49.09 104.64 38.04
CA GLU NA 879 -48.46 105.80 38.66
C GLU NA 879 -48.14 105.55 40.13
N ASP NA 880 -49.16 105.23 40.94
CA ASP NA 880 -48.94 104.96 42.35
C ASP NA 880 -48.15 103.68 42.58
N PHE NA 881 -48.12 102.78 41.60
CA PHE NA 881 -47.30 101.58 41.73
C PHE NA 881 -45.82 101.94 41.85
N LYS NA 882 -45.40 102.99 41.15
CA LYS NA 882 -44.01 103.43 41.26
C LYS NA 882 -43.68 103.91 42.67
N ASP NA 883 -44.61 104.65 43.30
CA ASP NA 883 -44.37 105.14 44.65
C ASP NA 883 -44.27 103.98 45.64
N PHE NA 884 -45.12 102.96 45.48
CA PHE NA 884 -45.04 101.79 46.34
C PHE NA 884 -43.70 101.09 46.14
N VAL NA 885 -43.27 100.93 44.89
CA VAL NA 885 -42.00 100.24 44.61
C VAL NA 885 -40.84 101.00 45.25
N SER NA 886 -40.83 102.32 45.10
CA SER NA 886 -39.76 103.12 45.69
C SER NA 886 -39.78 103.01 47.21
N THR NA 887 -40.97 103.04 47.81
CA THR NA 887 -41.07 102.96 49.26
C THR NA 887 -40.70 101.56 49.77
N TYR NA 888 -41.22 100.52 49.12
CA TYR NA 888 -40.96 99.16 49.58
C TYR NA 888 -39.50 98.80 49.44
N GLN NA 889 -38.86 99.20 48.34
CA GLN NA 889 -37.44 98.91 48.15
C GLN NA 889 -36.60 99.59 49.23
N ARG NA 890 -36.91 100.85 49.55
CA ARG NA 890 -36.17 101.56 50.59
C ARG NA 890 -36.40 100.91 51.96
N TRP NA 891 -37.63 100.49 52.24
CA TRP NA 891 -37.93 99.85 53.51
C TRP NA 891 -37.17 98.55 53.66
N GLN NA 892 -37.11 97.74 52.60
CA GLN NA 892 -36.41 96.47 52.67
C GLN NA 892 -34.90 96.66 52.70
N ASN NA 893 -34.39 97.70 52.05
CA ASN NA 893 -32.96 97.98 52.08
C ASN NA 893 -32.48 98.28 53.49
N ASN NA 894 -33.28 99.02 54.25
CA ASN NA 894 -32.91 99.41 55.61
C ASN NA 894 -32.96 98.24 56.59
N GLY NA 895 -33.49 97.10 56.19
CA GLY NA 895 -33.65 95.96 57.06
C GLY NA 895 -35.08 95.69 57.49
N ALA NA 896 -36.08 96.16 56.73
CA ALA NA 896 -37.48 96.07 57.10
C ALA NA 896 -37.76 96.50 58.53
N PRO NA 897 -37.43 97.75 58.89
CA PRO NA 897 -37.75 98.24 60.23
C PRO NA 897 -39.07 98.99 60.27
N LEU NA 898 -39.71 98.95 61.44
CA LEU NA 898 -40.95 99.69 61.62
C LEU NA 898 -40.67 101.19 61.65
N GLY NA 899 -41.43 101.94 60.86
CA GLY NA 899 -41.20 103.37 60.76
C GLY NA 899 -42.06 103.98 59.68
N ASP NA 900 -41.62 105.15 59.19
CA ASP NA 900 -42.41 105.89 58.20
C ASP NA 900 -42.66 105.04 56.96
N GLU NA 901 -41.62 104.41 56.42
CA GLU NA 901 -41.79 103.55 55.26
C GLU NA 901 -42.67 102.35 55.58
N ALA NA 902 -42.45 101.73 56.76
CA ALA NA 902 -43.28 100.59 57.16
C ALA NA 902 -44.72 101.01 57.38
N TYR NA 903 -44.95 102.16 58.03
CA TYR NA 903 -46.30 102.61 58.28
C TYR NA 903 -46.96 103.13 57.01
N HIS NA 904 -46.18 103.70 56.09
CA HIS NA 904 -46.73 104.06 54.79
C HIS NA 904 -47.15 102.82 54.01
N VAL NA 905 -46.35 101.75 54.09
CA VAL NA 905 -46.70 100.49 53.46
C VAL NA 905 -47.98 99.93 54.05
N LEU NA 906 -48.10 99.99 55.39
CA LEU NA 906 -49.31 99.53 56.05
C LEU NA 906 -50.54 100.32 55.58
N GLU NA 907 -50.38 101.64 55.43
CA GLU NA 907 -51.50 102.46 54.98
C GLU NA 907 -51.93 102.10 53.57
N THR NA 908 -50.96 101.83 52.68
CA THR NA 908 -51.29 101.52 51.30
C THR NA 908 -52.10 100.23 51.18
N LEU NA 909 -52.00 99.34 52.17
CA LEU NA 909 -52.78 98.12 52.18
C LEU NA 909 -54.05 98.30 53.00
N ASP OA 5 -47.92 37.09 -21.28
CA ASP OA 5 -48.84 37.18 -22.41
C ASP OA 5 -48.24 36.57 -23.67
N ALA OA 6 -47.07 35.96 -23.52
CA ALA OA 6 -46.38 35.29 -24.61
C ALA OA 6 -46.34 33.80 -24.36
N LEU OA 7 -46.60 33.02 -25.40
CA LEU OA 7 -46.61 31.56 -25.27
C LEU OA 7 -45.22 30.95 -25.41
N PHE OA 8 -44.21 31.74 -25.77
CA PHE OA 8 -42.88 31.19 -26.00
C PHE OA 8 -42.30 30.50 -24.77
N PRO OA 9 -42.32 31.08 -23.57
CA PRO OA 9 -41.74 30.37 -22.41
C PRO OA 9 -42.45 29.06 -22.10
N ILE OA 10 -43.68 28.87 -22.55
CA ILE OA 10 -44.42 27.65 -22.27
C ILE OA 10 -44.17 26.59 -23.33
N VAL OA 11 -44.04 26.99 -24.60
CA VAL OA 11 -44.02 26.05 -25.72
C VAL OA 11 -42.70 26.06 -26.46
N LYS OA 12 -41.65 26.64 -25.87
CA LYS OA 12 -40.38 26.76 -26.60
C LYS OA 12 -39.76 25.40 -26.92
N ASP OA 13 -40.22 24.33 -26.28
CA ASP OA 13 -39.72 22.99 -26.57
C ASP OA 13 -40.51 22.29 -27.66
N ASP OA 14 -41.79 22.63 -27.82
CA ASP OA 14 -42.61 22.04 -28.86
C ASP OA 14 -42.46 22.75 -30.20
N ILE OA 15 -41.82 23.92 -30.24
CA ILE OA 15 -41.59 24.64 -31.48
C ILE OA 15 -40.26 24.26 -32.11
N ALA OA 16 -39.40 23.55 -31.38
CA ALA OA 16 -38.04 23.28 -31.86
C ALA OA 16 -38.07 22.44 -33.13
N PHE OA 17 -37.04 22.62 -33.95
CA PHE OA 17 -36.96 21.93 -35.23
C PHE OA 17 -36.88 20.42 -35.05
N GLU OA 18 -36.13 19.97 -34.05
CA GLU OA 18 -35.96 18.53 -33.84
C GLU OA 18 -37.26 17.86 -33.43
N THR OA 19 -38.08 18.55 -32.62
CA THR OA 19 -39.34 17.98 -32.19
C THR OA 19 -40.29 17.76 -33.37
N LEU OA 20 -40.37 18.75 -34.26
CA LEU OA 20 -41.26 18.62 -35.41
C LEU OA 20 -40.76 17.58 -36.39
N LEU OA 21 -39.43 17.47 -36.57
CA LEU OA 21 -38.89 16.50 -37.49
C LEU OA 21 -39.14 15.08 -37.02
N THR OA 22 -39.12 14.86 -35.71
CA THR OA 22 -39.44 13.53 -35.17
C THR OA 22 -40.86 13.13 -35.51
N GLN OA 23 -41.81 14.07 -35.38
CA GLN OA 23 -43.19 13.78 -35.73
C GLN OA 23 -43.34 13.49 -37.22
N ALA OA 24 -42.64 14.26 -38.06
CA ALA OA 24 -42.73 14.04 -39.50
C ALA OA 24 -42.18 12.68 -39.89
N LYS OA 25 -41.06 12.27 -39.29
CA LYS OA 25 -40.48 10.98 -39.62
C LYS OA 25 -41.38 9.83 -39.16
N THR OA 26 -42.12 10.04 -38.07
CA THR OA 26 -43.05 9.02 -37.59
C THR OA 26 -44.16 8.77 -38.62
N VAL OA 27 -44.70 9.84 -39.21
CA VAL OA 27 -45.75 9.70 -40.20
C VAL OA 27 -45.22 8.97 -41.44
N ILE OA 28 -44.01 9.32 -41.87
CA ILE OA 28 -43.43 8.69 -43.05
C ILE OA 28 -43.24 7.19 -42.82
N GLU OA 29 -42.81 6.82 -41.62
CA GLU OA 29 -42.66 5.40 -41.29
C GLU OA 29 -44.01 4.70 -41.33
N GLN OA 30 -45.01 5.28 -40.68
CA GLN OA 30 -46.32 4.63 -40.58
C GLN OA 30 -46.96 4.45 -41.96
N GLN OA 31 -46.88 5.47 -42.81
CA GLN OA 31 -47.59 5.44 -44.09
C GLN OA 31 -46.80 4.78 -45.20
N SER OA 32 -45.49 4.99 -45.25
CA SER OA 32 -44.67 4.53 -46.37
C SER OA 32 -43.36 3.93 -45.87
N GLY OA 33 -43.45 3.07 -44.85
CA GLY OA 33 -42.24 2.49 -44.28
C GLY OA 33 -41.58 1.45 -45.17
N GLN OA 34 -42.36 0.77 -46.01
CA GLN OA 34 -41.82 -0.28 -46.87
C GLN OA 34 -41.32 0.24 -48.21
N LEU OA 35 -41.56 1.51 -48.53
CA LEU OA 35 -41.09 2.09 -49.78
C LEU OA 35 -40.08 3.21 -49.57
N TRP OA 36 -40.06 3.86 -48.41
CA TRP OA 36 -39.15 4.95 -48.10
C TRP OA 36 -38.51 4.62 -46.75
N SER OA 37 -37.43 3.84 -46.78
CA SER OA 37 -36.78 3.39 -45.57
C SER OA 37 -35.53 4.18 -45.22
N ASN OA 38 -34.94 4.87 -46.20
CA ASN OA 38 -33.75 5.68 -45.94
C ASN OA 38 -34.21 7.10 -45.60
N THR OA 39 -34.26 7.40 -44.31
CA THR OA 39 -34.62 8.72 -43.82
C THR OA 39 -33.42 9.38 -43.14
N GLU OA 40 -32.23 9.05 -43.61
CA GLU OA 40 -30.99 9.53 -43.01
C GLU OA 40 -30.61 10.88 -43.60
N GLU OA 41 -29.35 11.28 -43.36
CA GLU OA 41 -28.91 12.63 -43.66
C GLU OA 41 -28.97 12.93 -45.15
N ASN OA 42 -28.70 11.92 -45.98
CA ASN OA 42 -28.44 12.11 -47.40
C ASN OA 42 -29.68 12.03 -48.28
N ASP OA 43 -30.82 11.63 -47.73
CA ASP OA 43 -32.00 11.39 -48.57
C ASP OA 43 -32.53 12.70 -49.12
N PRO OA 44 -32.62 12.87 -50.44
CA PRO OA 44 -33.14 14.14 -50.98
C PRO OA 44 -34.55 14.45 -50.51
N GLY OA 45 -35.39 13.43 -50.31
CA GLY OA 45 -36.71 13.68 -49.78
C GLY OA 45 -36.67 14.27 -48.38
N ILE OA 46 -35.71 13.83 -47.57
CA ILE OA 46 -35.59 14.35 -46.21
C ILE OA 46 -35.09 15.80 -46.24
N THR OA 47 -34.16 16.13 -47.13
CA THR OA 47 -33.66 17.49 -47.21
C THR OA 47 -34.78 18.46 -47.58
N LEU OA 48 -35.64 18.08 -48.52
CA LEU OA 48 -36.80 18.91 -48.82
C LEU OA 48 -37.72 19.02 -47.62
N LEU OA 49 -37.96 17.90 -46.94
CA LEU OA 49 -38.79 17.92 -45.74
C LEU OA 49 -38.12 18.71 -44.62
N GLU OA 50 -36.81 18.56 -44.46
CA GLU OA 50 -36.10 19.30 -43.41
C GLU OA 50 -36.20 20.80 -43.63
N ALA OA 51 -36.12 21.24 -44.89
CA ALA OA 51 -36.32 22.65 -45.18
C ALA OA 51 -37.72 23.09 -44.77
N CYS OA 52 -38.73 22.33 -45.19
CA CYS OA 52 -40.10 22.66 -44.80
C CYS OA 52 -40.30 22.57 -43.28
N CYS OA 53 -39.57 21.68 -42.62
CA CYS OA 53 -39.67 21.59 -41.17
C CYS OA 53 -39.15 22.86 -40.50
N TYR OA 54 -38.07 23.44 -41.03
CA TYR OA 54 -37.60 24.73 -40.52
C TYR OA 54 -38.64 25.82 -40.74
N GLY OA 55 -39.27 25.84 -41.91
CA GLY OA 55 -40.29 26.83 -42.17
C GLY OA 55 -41.49 26.70 -41.26
N ALA OA 56 -41.89 25.46 -40.96
CA ALA OA 56 -42.99 25.24 -40.02
C ALA OA 56 -42.61 25.73 -38.63
N SER OA 57 -41.37 25.49 -38.21
CA SER OA 57 -40.91 25.98 -36.92
C SER OA 57 -40.90 27.50 -36.88
N ASP OA 58 -40.49 28.14 -37.97
CA ASP OA 58 -40.52 29.59 -38.04
C ASP OA 58 -41.95 30.12 -37.95
N LEU OA 59 -42.89 29.45 -38.63
CA LEU OA 59 -44.29 29.85 -38.53
C LEU OA 59 -44.81 29.70 -37.11
N ALA OA 60 -44.42 28.62 -36.43
CA ALA OA 60 -44.90 28.41 -35.06
C ALA OA 60 -44.26 29.39 -34.09
N TYR OA 61 -43.03 29.82 -34.37
CA TYR OA 61 -42.38 30.80 -33.51
C TYR OA 61 -43.10 32.14 -33.56
N ARG OA 62 -43.61 32.51 -34.73
CA ARG OA 62 -44.31 33.78 -34.87
C ARG OA 62 -45.57 33.82 -34.00
N HIS OA 63 -46.26 32.69 -33.88
CA HIS OA 63 -47.48 32.63 -33.10
C HIS OA 63 -47.22 32.75 -31.60
N SER OA 64 -45.99 32.51 -31.16
CA SER OA 64 -45.63 32.53 -29.74
C SER OA 64 -45.12 33.88 -29.28
N LEU OA 65 -45.38 34.93 -30.02
CA LEU OA 65 -44.98 36.28 -29.66
C LEU OA 65 -45.97 36.86 -28.67
N PRO OA 66 -45.62 37.97 -28.00
CA PRO OA 66 -46.55 38.56 -27.04
C PRO OA 66 -47.89 38.93 -27.67
N LEU OA 67 -48.96 38.73 -26.90
CA LEU OA 67 -50.30 38.93 -27.42
C LEU OA 67 -50.55 40.37 -27.83
N ARG OA 68 -50.11 41.33 -27.03
CA ARG OA 68 -50.37 42.73 -27.33
C ARG OA 68 -49.64 43.18 -28.59
N ASP OA 69 -48.47 42.60 -28.87
CA ASP OA 69 -47.74 42.97 -30.07
C ASP OA 69 -48.42 42.46 -31.33
N LEU OA 70 -48.97 41.25 -31.28
CA LEU OA 70 -49.65 40.68 -32.44
C LEU OA 70 -50.97 41.38 -32.74
N LEU OA 71 -51.55 42.07 -31.76
CA LEU OA 71 -52.78 42.83 -31.96
C LEU OA 71 -52.51 44.27 -32.36
N THR OA 72 -51.28 44.61 -32.72
CA THR OA 72 -50.91 45.96 -33.09
C THR OA 72 -50.65 46.03 -34.59
N PRO OA 73 -51.44 46.78 -35.35
CA PRO OA 73 -51.18 46.92 -36.79
C PRO OA 73 -50.02 47.85 -37.08
N GLU OA 74 -49.80 48.16 -38.36
CA GLU OA 74 -48.67 49.00 -38.76
C GLU OA 74 -48.81 50.40 -38.17
N LYS OA 75 -47.67 51.10 -38.10
CA LYS OA 75 -47.65 52.43 -37.51
C LYS OA 75 -48.50 53.41 -38.31
N GLN OA 76 -48.55 53.23 -39.63
CA GLN OA 76 -49.31 54.12 -40.49
C GLN OA 76 -50.82 53.98 -40.31
N GLU OA 77 -51.28 52.96 -39.59
CA GLU OA 77 -52.71 52.74 -39.39
C GLU OA 77 -53.15 53.08 -37.98
N GLN OA 78 -52.26 52.95 -36.99
CA GLN OA 78 -52.62 53.09 -35.58
C GLN OA 78 -53.32 54.42 -35.31
N THR OA 79 -54.59 54.34 -34.93
CA THR OA 79 -55.42 55.52 -34.78
C THR OA 79 -55.02 56.32 -33.55
N LEU OA 80 -55.03 57.65 -33.68
CA LEU OA 80 -54.71 58.52 -32.57
C LEU OA 80 -55.76 58.40 -31.46
N GLY OA 81 -55.28 58.33 -30.22
CA GLY OA 81 -56.18 58.27 -29.08
C GLY OA 81 -56.77 56.92 -28.78
N ASP OA 82 -56.31 55.87 -29.45
CA ASP OA 82 -56.80 54.51 -29.25
C ASP OA 82 -55.67 53.61 -28.77
N GLY OA 83 -55.98 52.33 -28.63
CA GLY OA 83 -55.01 51.33 -28.21
C GLY OA 83 -55.37 49.98 -28.79
N ILE OA 84 -55.09 48.92 -28.02
CA ILE OA 84 -55.45 47.58 -28.47
C ILE OA 84 -56.95 47.49 -28.70
N PHE OA 85 -57.74 48.12 -27.85
CA PHE OA 85 -59.15 48.33 -28.06
C PHE OA 85 -59.44 49.83 -28.18
N PRO OA 86 -60.43 50.22 -28.98
CA PRO OA 86 -60.71 51.64 -29.15
C PRO OA 86 -61.15 52.30 -27.84
N GLN OA 87 -60.99 53.62 -27.79
CA GLN OA 87 -61.18 54.36 -26.55
C GLN OA 87 -62.60 54.20 -26.01
N GLU OA 88 -63.59 54.18 -26.89
CA GLU OA 88 -64.98 54.10 -26.46
C GLU OA 88 -65.34 52.78 -25.80
N PHE OA 89 -64.47 51.78 -25.88
CA PHE OA 89 -64.71 50.48 -25.25
C PHE OA 89 -64.09 50.38 -23.87
N GLY OA 90 -63.59 51.48 -23.32
CA GLY OA 90 -62.99 51.47 -22.01
C GLY OA 90 -64.02 51.29 -20.91
N PRO OA 91 -63.55 51.07 -19.68
CA PRO OA 91 -64.49 50.88 -18.56
C PRO OA 91 -65.40 52.07 -18.31
N GLN OA 92 -64.91 53.29 -18.57
CA GLN OA 92 -65.71 54.49 -18.33
C GLN OA 92 -66.89 54.61 -19.28
N GLN OA 93 -66.93 53.81 -20.34
CA GLN OA 93 -68.04 53.83 -21.28
C GLN OA 93 -68.77 52.49 -21.39
N MET OA 94 -68.17 51.40 -20.94
CA MET OA 94 -68.78 50.07 -21.07
C MET OA 94 -69.42 49.57 -19.79
N LEU OA 95 -68.98 50.05 -18.62
CA LEU OA 95 -69.59 49.63 -17.37
C LEU OA 95 -70.57 50.65 -16.81
N THR OA 96 -70.52 51.89 -17.29
CA THR OA 96 -71.43 52.92 -16.85
C THR OA 96 -72.67 52.96 -17.74
N CYS OA 97 -73.55 53.92 -17.48
CA CYS OA 97 -74.75 54.08 -18.28
C CYS OA 97 -75.24 55.52 -18.15
N GLY OA 98 -76.00 55.95 -19.15
CA GLY OA 98 -76.57 57.28 -19.13
C GLY OA 98 -77.59 57.43 -18.01
N PRO OA 99 -77.84 58.66 -17.58
CA PRO OA 99 -78.75 58.87 -16.45
C PRO OA 99 -80.15 58.36 -16.75
N ILE OA 100 -80.62 57.43 -15.92
CA ILE OA 100 -81.95 56.85 -16.03
C ILE OA 100 -82.77 57.13 -14.79
N THR OA 101 -82.22 56.85 -13.62
CA THR OA 101 -82.91 57.08 -12.36
C THR OA 101 -82.84 58.55 -11.96
N ALA OA 102 -83.71 58.93 -11.03
CA ALA OA 102 -83.66 60.29 -10.49
C ALA OA 102 -82.33 60.54 -9.79
N GLU OA 103 -81.81 59.53 -9.08
CA GLU OA 103 -80.52 59.67 -8.41
C GLU OA 103 -79.39 59.81 -9.43
N ASP OA 104 -79.51 59.16 -10.59
CA ASP OA 104 -78.49 59.30 -11.63
C ASP OA 104 -78.39 60.75 -12.11
N TYR OA 105 -79.53 61.42 -12.24
CA TYR OA 105 -79.51 62.83 -12.63
C TYR OA 105 -78.86 63.69 -11.55
N ARG OA 106 -79.02 63.30 -10.29
CA ARG OA 106 -78.30 63.98 -9.22
C ARG OA 106 -76.80 63.87 -9.41
N ARG OA 107 -76.31 62.67 -9.69
CA ARG OA 107 -74.88 62.47 -9.87
C ARG OA 107 -74.36 63.20 -11.10
N ALA OA 108 -75.11 63.16 -12.20
CA ALA OA 108 -74.66 63.82 -13.42
C ALA OA 108 -74.63 65.33 -13.27
N LEU OA 109 -75.65 65.89 -12.60
CA LEU OA 109 -75.72 67.35 -12.46
C LEU OA 109 -74.72 67.86 -11.44
N LEU OA 110 -74.41 67.09 -10.40
CA LEU OA 110 -73.44 67.52 -9.41
C LEU OA 110 -72.01 67.49 -9.92
N ASP OA 111 -71.76 66.87 -11.06
CA ASP OA 111 -70.42 66.78 -11.63
C ASP OA 111 -70.05 67.98 -12.48
N LEU OA 112 -70.99 68.87 -12.78
CA LEU OA 112 -70.70 70.01 -13.63
C LEU OA 112 -69.68 70.93 -12.98
N HIS OA 113 -68.73 71.39 -13.77
CA HIS OA 113 -67.65 72.24 -13.29
C HIS OA 113 -67.52 73.46 -14.20
N SER OA 114 -67.09 74.58 -13.62
CA SER OA 114 -66.92 75.79 -14.40
C SER OA 114 -65.79 75.67 -15.42
N SER OA 115 -64.83 74.78 -15.19
CA SER OA 115 -63.68 74.61 -16.06
C SER OA 115 -63.87 73.49 -17.09
N ASP OA 116 -65.07 72.92 -17.18
CA ASP OA 116 -65.30 71.83 -18.12
C ASP OA 116 -65.06 72.26 -19.56
N THR OA 117 -65.55 73.44 -19.93
CA THR OA 117 -65.37 73.99 -21.27
C THR OA 117 -64.62 75.32 -21.17
N ASP OA 118 -64.53 76.01 -22.29
CA ASP OA 118 -63.97 77.35 -22.29
C ASP OA 118 -64.81 78.27 -21.41
N ASN OA 119 -64.15 79.11 -20.63
CA ASN OA 119 -64.80 79.89 -19.58
C ASN OA 119 -64.57 81.38 -19.80
N GLU OA 120 -65.53 82.17 -19.32
CA GLU OA 120 -65.37 83.62 -19.33
C GLU OA 120 -64.61 84.12 -18.12
N THR OA 121 -64.64 83.37 -17.02
CA THR OA 121 -63.92 83.72 -15.80
C THR OA 121 -63.10 82.52 -15.35
N SER OA 122 -62.01 82.80 -14.63
CA SER OA 122 -61.03 81.79 -14.24
C SER OA 122 -61.26 81.27 -12.83
N GLU OA 123 -62.51 81.17 -12.40
CA GLU OA 123 -62.86 80.62 -11.10
C GLU OA 123 -63.24 79.16 -11.25
N ASP OA 124 -62.60 78.29 -10.46
CA ASP OA 124 -62.86 76.86 -10.49
C ASP OA 124 -63.80 76.50 -9.35
N TYR OA 125 -65.00 76.05 -9.69
CA TYR OA 125 -66.00 75.71 -8.69
C TYR OA 125 -67.05 74.80 -9.32
N PHE OA 126 -67.76 74.08 -8.46
CA PHE OA 126 -68.89 73.26 -8.89
C PHE OA 126 -70.16 74.08 -8.84
N PHE OA 127 -70.98 73.94 -9.89
CA PHE OA 127 -72.15 74.81 -10.04
C PHE OA 127 -73.14 74.61 -8.90
N PHE OA 128 -73.54 73.37 -8.65
CA PHE OA 128 -74.62 73.08 -7.71
C PHE OA 128 -74.09 72.32 -6.50
N ASN OA 129 -74.56 72.72 -5.32
CA ASN OA 129 -74.27 71.95 -4.12
C ASN OA 129 -75.20 70.74 -3.98
N ASP OA 130 -76.43 70.87 -4.46
CA ASP OA 130 -77.39 69.78 -4.40
C ASP OA 130 -78.51 70.04 -5.40
N VAL OA 131 -79.04 68.97 -5.97
CA VAL OA 131 -80.17 69.04 -6.89
C VAL OA 131 -81.17 67.96 -6.52
N ARG OA 132 -82.39 68.11 -7.01
CA ARG OA 132 -83.43 67.11 -6.77
C ARG OA 132 -84.37 67.10 -7.97
N LEU OA 133 -84.48 65.95 -8.62
CA LEU OA 133 -85.36 65.75 -9.76
C LEU OA 133 -86.56 64.94 -9.32
N ILE OA 134 -87.76 65.47 -9.53
CA ILE OA 134 -89.00 64.80 -9.15
C ILE OA 134 -89.95 64.84 -10.34
N CYS OA 135 -90.91 63.91 -10.31
CA CYS OA 135 -91.98 63.94 -11.29
C CYS OA 135 -92.85 65.16 -11.10
N GLU OA 136 -93.52 65.59 -12.16
CA GLU OA 136 -94.39 66.75 -12.08
C GLU OA 136 -95.51 66.49 -11.09
N PRO OA 137 -95.75 67.39 -10.13
CA PRO OA 137 -96.79 67.15 -9.13
C PRO OA 137 -98.16 67.02 -9.78
N GLU OA 138 -99.02 66.22 -9.14
CA GLU OA 138 -100.35 65.97 -9.68
C GLU OA 138 -101.16 67.26 -9.78
N SER OA 139 -100.96 68.18 -8.83
CA SER OA 139 -101.70 69.44 -8.85
C SER OA 139 -101.37 70.27 -10.08
N GLU OA 140 -100.09 70.35 -10.43
CA GLU OA 140 -99.63 71.13 -11.58
C GLU OA 140 -99.43 70.26 -12.82
N ARG OA 141 -100.17 69.18 -12.94
CA ARG OA 141 -100.01 68.26 -14.05
C ARG OA 141 -100.40 68.93 -15.37
N TYR OA 142 -99.74 68.50 -16.45
CA TYR OA 142 -99.98 69.04 -17.79
C TYR OA 142 -101.36 68.59 -18.26
N LYS OA 143 -102.34 69.48 -18.16
CA LYS OA 143 -103.71 69.18 -18.51
C LYS OA 143 -104.14 69.97 -19.73
N TYR OA 144 -104.99 69.35 -20.56
CA TYR OA 144 -105.59 70.00 -21.70
C TYR OA 144 -106.96 69.39 -21.95
N TRP OA 145 -107.81 70.13 -22.64
CA TRP OA 145 -109.23 69.81 -22.74
C TRP OA 145 -109.65 69.61 -24.19
N TYR OA 146 -110.60 68.70 -24.38
CA TYR OA 146 -111.18 68.41 -25.67
C TYR OA 146 -112.65 68.80 -25.68
N ASN OA 147 -113.08 69.48 -26.73
CA ASN OA 147 -114.47 69.90 -26.86
C ASN OA 147 -115.26 68.79 -27.55
N LYS OA 148 -116.33 68.33 -26.89
CA LYS OA 148 -117.11 67.21 -27.42
C LYS OA 148 -117.76 67.57 -28.75
N GLU OA 149 -118.30 68.78 -28.87
CA GLU OA 149 -119.02 69.20 -30.07
C GLU OA 149 -118.11 69.92 -31.06
N SER OA 150 -117.27 70.84 -30.58
CA SER OA 150 -116.42 71.61 -31.47
C SER OA 150 -115.32 70.77 -32.11
N ARG OA 151 -114.99 69.62 -31.52
CA ARG OA 151 -113.96 68.72 -32.03
C ARG OA 151 -112.61 69.43 -32.15
N GLU OA 152 -112.14 69.94 -31.01
CA GLU OA 152 -110.86 70.64 -30.95
C GLU OA 152 -110.32 70.56 -29.53
N TYR OA 153 -109.02 70.86 -29.41
CA TYR OA 153 -108.30 70.76 -28.15
C TYR OA 153 -107.86 72.14 -27.70
N SER OA 154 -108.00 72.41 -26.40
CA SER OA 154 -107.71 73.72 -25.85
C SER OA 154 -107.11 73.57 -24.46
N PHE OA 155 -106.37 74.60 -24.05
CA PHE OA 155 -105.77 74.66 -22.72
C PHE OA 155 -106.67 75.36 -21.71
N ILE OA 156 -107.83 75.86 -22.13
CA ILE OA 156 -108.71 76.64 -21.27
C ILE OA 156 -110.00 75.86 -21.07
N GLN OA 157 -110.40 75.70 -19.82
CA GLN OA 157 -111.62 74.97 -19.49
C GLN OA 157 -112.85 75.87 -19.65
N GLU OA 164 -119.60 69.66 -23.77
CA GLU OA 164 -118.96 69.10 -22.60
C GLU OA 164 -117.46 68.90 -22.84
N GLN OA 165 -116.65 69.59 -22.04
CA GLN OA 165 -115.21 69.48 -22.15
C GLN OA 165 -114.69 68.33 -21.29
N LEU OA 166 -113.76 67.56 -21.86
CA LEU OA 166 -113.17 66.42 -21.18
C LEU OA 166 -111.71 66.70 -20.88
N GLN OA 167 -111.19 66.07 -19.83
CA GLN OA 167 -109.85 66.31 -19.33
C GLN OA 167 -108.87 65.29 -19.88
N LEU OA 168 -107.73 65.77 -20.35
CA LEU OA 168 -106.65 64.91 -20.82
C LEU OA 168 -105.33 65.34 -20.18
N THR OA 169 -104.47 64.35 -19.93
CA THR OA 169 -103.24 64.57 -19.18
C THR OA 169 -102.06 64.02 -19.97
N LEU OA 170 -100.97 64.79 -20.01
CA LEU OA 170 -99.72 64.35 -20.61
C LEU OA 170 -98.79 63.85 -19.53
N ARG OA 171 -98.26 62.65 -19.70
CA ARG OA 171 -97.38 62.03 -18.73
C ARG OA 171 -95.92 62.21 -19.12
N GLY OA 172 -95.09 62.42 -18.11
CA GLY OA 172 -93.66 62.59 -18.31
C GLY OA 172 -93.26 64.05 -18.25
N ASN OA 173 -92.80 64.48 -17.08
CA ASN OA 173 -92.42 65.88 -16.86
C ASN OA 173 -91.68 65.98 -15.53
N TYR OA 174 -90.53 66.64 -15.52
CA TYR OA 174 -89.69 66.74 -14.35
C TYR OA 174 -89.62 68.18 -13.85
N TRP OA 175 -89.63 68.34 -12.53
CA TRP OA 175 -89.35 69.61 -11.89
C TRP OA 175 -87.94 69.53 -11.30
N LEU OA 176 -87.07 70.43 -11.75
CA LEU OA 176 -85.66 70.39 -11.38
C LEU OA 176 -85.39 71.48 -10.34
N TYR OA 177 -85.16 71.06 -9.10
CA TYR OA 177 -84.78 71.98 -8.03
C TYR OA 177 -83.27 72.09 -7.98
N LEU OA 178 -82.77 73.33 -7.95
CA LEU OA 178 -81.34 73.59 -7.95
C LEU OA 178 -80.93 74.34 -6.68
N LEU OA 179 -79.91 73.85 -6.01
CA LEU OA 179 -79.33 74.52 -4.86
C LEU OA 179 -77.94 74.99 -5.23
N PRO OA 180 -77.74 76.27 -5.52
CA PRO OA 180 -76.46 76.72 -6.06
C PRO OA 180 -75.39 76.87 -4.99
N ASN OA 181 -74.14 76.90 -5.45
CA ASN OA 181 -73.01 77.17 -4.57
C ASN OA 181 -72.85 78.68 -4.41
N ARG OA 182 -71.82 79.08 -3.66
CA ARG OA 182 -71.61 80.49 -3.39
C ARG OA 182 -71.21 81.24 -4.66
N GLU OA 183 -70.30 80.68 -5.45
CA GLU OA 183 -69.90 81.33 -6.69
C GLU OA 183 -71.03 81.34 -7.71
N THR OA 184 -71.84 80.28 -7.72
CA THR OA 184 -72.96 80.24 -8.65
C THR OA 184 -73.97 81.34 -8.37
N GLU OA 185 -74.24 81.61 -7.09
CA GLU OA 185 -75.17 82.68 -6.74
C GLU OA 185 -74.62 84.05 -7.13
N ASP OA 186 -73.30 84.20 -7.16
CA ASP OA 186 -72.73 85.47 -7.60
C ASP OA 186 -73.04 85.76 -9.05
N ASP OA 187 -72.95 84.75 -9.92
CA ASP OA 187 -73.24 84.91 -11.33
C ASP OA 187 -73.80 83.61 -11.87
N LYS OA 188 -74.96 83.70 -12.53
CA LYS OA 188 -75.66 82.51 -13.00
C LYS OA 188 -75.68 82.35 -14.50
N THR OA 189 -75.15 83.31 -15.27
CA THR OA 189 -75.25 83.24 -16.72
C THR OA 189 -74.50 82.02 -17.26
N LEU OA 190 -73.28 81.78 -16.78
CA LEU OA 190 -72.54 80.60 -17.22
C LEU OA 190 -73.22 79.32 -16.77
N THR OA 191 -73.74 79.29 -15.54
CA THR OA 191 -74.43 78.10 -15.05
C THR OA 191 -75.67 77.80 -15.87
N GLN OA 192 -76.46 78.83 -16.21
CA GLN OA 192 -77.67 78.61 -16.98
C GLN OA 192 -77.35 78.06 -18.37
N LYS OA 193 -76.31 78.59 -19.02
CA LYS OA 193 -75.96 78.16 -20.36
C LYS OA 193 -75.53 76.70 -20.37
N ARG OA 194 -74.69 76.30 -19.40
CA ARG OA 194 -74.23 74.92 -19.36
C ARG OA 194 -75.36 73.97 -19.01
N LEU OA 195 -76.27 74.40 -18.12
CA LEU OA 195 -77.39 73.54 -17.74
C LEU OA 195 -78.29 73.23 -18.93
N ASN OA 196 -78.57 74.23 -19.76
CA ASN OA 196 -79.43 74.01 -20.92
C ASN OA 196 -78.80 73.03 -21.90
N ASP OA 197 -77.48 73.13 -22.11
CA ASP OA 197 -76.80 72.21 -23.01
C ASP OA 197 -76.86 70.79 -22.48
N PHE OA 198 -76.65 70.61 -21.17
CA PHE OA 198 -76.71 69.28 -20.58
C PHE OA 198 -78.11 68.71 -20.68
N LEU OA 199 -79.13 69.52 -20.41
CA LEU OA 199 -80.51 69.03 -20.44
C LEU OA 199 -80.92 68.62 -21.85
N LYS OA 200 -80.43 69.34 -22.86
CA LYS OA 200 -80.78 69.01 -24.24
C LYS OA 200 -80.25 67.63 -24.65
N ASP OA 201 -79.00 67.33 -24.28
CA ASP OA 201 -78.34 66.11 -24.70
C ASP OA 201 -78.61 64.93 -23.78
N ASN OA 202 -79.26 65.15 -22.64
CA ASN OA 202 -79.55 64.10 -21.68
C ASN OA 202 -81.05 63.97 -21.46
N ARG OA 203 -81.81 64.06 -22.55
CA ARG OA 203 -83.26 63.94 -22.50
C ARG OA 203 -83.66 62.51 -22.81
N ASN OA 204 -84.55 61.96 -21.99
CA ASN OA 204 -85.01 60.60 -22.17
C ASN OA 204 -86.25 60.57 -23.07
N LEU OA 205 -86.57 59.38 -23.56
CA LEU OA 205 -87.69 59.22 -24.49
C LEU OA 205 -89.01 59.44 -23.74
N GLY OA 206 -89.77 60.44 -24.19
CA GLY OA 206 -91.07 60.72 -23.59
C GLY OA 206 -91.04 61.57 -22.35
N GLU OA 207 -89.90 62.16 -22.00
CA GLU OA 207 -89.77 62.96 -20.79
C GLU OA 207 -89.09 64.28 -21.10
N SER OA 208 -89.33 65.26 -20.24
CA SER OA 208 -88.72 66.57 -20.36
C SER OA 208 -88.79 67.27 -19.01
N VAL OA 209 -87.96 68.30 -18.86
CA VAL OA 209 -87.96 69.15 -17.67
C VAL OA 209 -88.86 70.34 -17.97
N SER OA 210 -90.04 70.36 -17.35
CA SER OA 210 -91.02 71.40 -17.62
C SER OA 210 -90.88 72.63 -16.73
N LYS OA 211 -90.00 72.58 -15.73
CA LYS OA 211 -89.85 73.70 -14.82
C LYS OA 211 -88.48 73.62 -14.14
N ILE OA 212 -87.80 74.76 -14.06
CA ILE OA 212 -86.53 74.87 -13.36
C ILE OA 212 -86.73 75.86 -12.22
N ILE OA 213 -86.42 75.43 -11.00
CA ILE OA 213 -86.63 76.24 -9.80
C ILE OA 213 -85.29 76.43 -9.11
N TRP OA 214 -84.97 77.68 -8.78
CA TRP OA 214 -83.76 78.02 -8.04
C TRP OA 214 -84.14 78.36 -6.61
N LEU OA 215 -83.51 77.68 -5.65
CA LEU OA 215 -83.75 77.96 -4.25
C LEU OA 215 -83.09 79.28 -3.85
N GLN OA 216 -83.77 80.04 -2.98
CA GLN OA 216 -83.23 81.32 -2.59
C GLN OA 216 -82.55 81.23 -1.23
N PRO OA 217 -81.47 81.98 -1.02
CA PRO OA 217 -80.74 81.89 0.24
C PRO OA 217 -81.39 82.70 1.34
N VAL OA 218 -81.35 82.17 2.56
CA VAL OA 218 -81.79 82.85 3.76
C VAL OA 218 -80.62 82.88 4.73
N ASP OA 219 -80.25 84.07 5.20
CA ASP OA 219 -79.11 84.20 6.09
C ASP OA 219 -79.36 83.44 7.38
N PHE OA 220 -78.38 82.65 7.80
CA PHE OA 220 -78.45 81.84 9.01
C PHE OA 220 -77.32 82.27 9.93
N LEU OA 221 -77.61 83.24 10.79
CA LEU OA 221 -76.61 83.80 11.69
C LEU OA 221 -76.53 82.93 12.93
N LEU OA 222 -75.56 82.02 12.96
CA LEU OA 222 -75.38 81.09 14.06
C LEU OA 222 -74.54 81.74 15.15
N GLN OA 223 -75.07 81.78 16.37
CA GLN OA 223 -74.34 82.32 17.50
C GLN OA 223 -73.52 81.21 18.15
N LEU OA 224 -72.21 81.42 18.23
CA LEU OA 224 -71.28 80.37 18.67
C LEU OA 224 -70.28 80.95 19.65
N ASP OA 225 -70.12 80.29 20.79
CA ASP OA 225 -69.14 80.66 21.80
C ASP OA 225 -68.23 79.47 22.07
N ILE OA 226 -66.93 79.68 21.93
CA ILE OA 226 -65.95 78.60 22.01
C ILE OA 226 -64.81 79.02 22.93
N GLU OA 227 -64.43 78.13 23.85
CA GLU OA 227 -63.30 78.35 24.74
C GLU OA 227 -62.15 77.44 24.34
N LEU OA 228 -60.95 78.02 24.30
CA LEU OA 228 -59.76 77.31 23.85
C LEU OA 228 -58.96 76.77 25.05
N ASP OA 229 -58.03 75.87 24.75
CA ASP OA 229 -57.08 75.42 25.74
C ASP OA 229 -56.06 76.53 26.02
N ASP OA 230 -55.46 76.46 27.20
CA ASP OA 230 -54.53 77.50 27.62
C ASP OA 230 -53.24 77.51 26.79
N ASP OA 231 -52.86 76.37 26.23
CA ASP OA 231 -51.58 76.22 25.54
C ASP OA 231 -51.76 76.21 24.03
N VAL OA 232 -52.68 77.03 23.51
CA VAL OA 232 -52.91 77.08 22.08
C VAL OA 232 -51.71 77.75 21.40
N SER OA 233 -51.43 77.31 20.16
CA SER OA 233 -50.29 77.80 19.40
C SER OA 233 -50.71 78.63 18.21
N ASP OA 234 -51.55 78.09 17.32
CA ASP OA 234 -52.01 78.79 16.14
C ASP OA 234 -53.48 79.15 16.31
N LEU OA 235 -53.80 80.42 16.08
CA LEU OA 235 -55.16 80.92 16.23
C LEU OA 235 -55.92 81.02 14.92
N ALA OA 236 -55.26 81.46 13.85
CA ALA OA 236 -55.91 81.51 12.55
C ALA OA 236 -56.30 80.12 12.06
N ASP OA 237 -55.52 79.11 12.43
CA ASP OA 237 -55.86 77.74 12.04
C ASP OA 237 -57.18 77.28 12.66
N ILE OA 238 -57.41 77.62 13.92
CA ILE OA 238 -58.62 77.20 14.60
C ILE OA 238 -59.84 77.87 13.96
N PHE OA 239 -59.71 79.13 13.56
CA PHE OA 239 -60.81 79.81 12.90
C PHE OA 239 -61.18 79.13 11.59
N ALA OA 240 -60.17 78.73 10.81
CA ALA OA 240 -60.45 78.01 9.57
C ALA OA 240 -61.10 76.67 9.84
N GLN OA 241 -60.62 75.95 10.85
CA GLN OA 241 -61.22 74.66 11.19
C GLN OA 241 -62.65 74.82 11.68
N VAL OA 242 -62.91 75.86 12.47
CA VAL OA 242 -64.26 76.10 12.98
C VAL OA 242 -65.21 76.44 11.83
N TYR OA 243 -64.77 77.31 10.93
CA TYR OA 243 -65.63 77.70 9.81
C TYR OA 243 -65.88 76.54 8.86
N MET OA 244 -64.82 75.81 8.50
CA MET OA 244 -64.97 74.71 7.56
C MET OA 244 -65.88 73.61 8.11
N THR OA 245 -65.73 73.30 9.40
CA THR OA 245 -66.60 72.29 10.01
C THR OA 245 -68.05 72.77 10.05
N THR OA 246 -68.26 74.05 10.39
CA THR OA 246 -69.63 74.56 10.48
C THR OA 246 -70.28 74.67 9.12
N GLU OA 247 -69.52 75.09 8.10
CA GLU OA 247 -70.08 75.22 6.76
C GLU OA 247 -70.51 73.87 6.22
N GLN OA 248 -69.71 72.82 6.45
CA GLN OA 248 -70.08 71.50 6.00
C GLN OA 248 -71.28 70.96 6.77
N MET OA 249 -71.46 71.37 8.02
CA MET OA 249 -72.57 70.87 8.81
C MET OA 249 -73.90 71.46 8.34
N VAL OA 250 -73.88 72.64 7.72
CA VAL OA 250 -75.10 73.29 7.26
C VAL OA 250 -75.40 72.95 5.81
N LEU OA 251 -74.38 72.89 4.96
CA LEU OA 251 -74.53 72.73 3.52
C LEU OA 251 -73.61 71.64 3.00
N THR OA 252 -73.70 70.45 3.61
CA THR OA 252 -72.83 69.32 3.31
C THR OA 252 -72.69 69.09 1.81
N SER OA 253 -71.47 69.20 1.33
CA SER OA 253 -71.11 69.01 -0.08
C SER OA 253 -70.92 67.53 -0.39
N PRO OA 254 -71.10 67.13 -1.64
CA PRO OA 254 -70.84 65.74 -2.01
C PRO OA 254 -69.36 65.40 -1.84
N LEU OA 255 -69.11 64.14 -1.50
CA LEU OA 255 -67.75 63.64 -1.33
C LEU OA 255 -67.35 62.85 -2.57
N ARG OA 256 -66.29 63.31 -3.23
CA ARG OA 256 -65.81 62.71 -4.46
C ARG OA 256 -64.48 61.98 -4.21
N TYR OA 257 -64.23 60.96 -5.02
CA TYR OA 257 -62.98 60.21 -4.94
C TYR OA 257 -62.48 59.92 -6.33
N SER OA 258 -61.16 59.78 -6.45
CA SER OA 258 -60.57 59.33 -7.71
C SER OA 258 -60.71 57.81 -7.82
N THR OA 259 -60.46 57.29 -9.02
CA THR OA 259 -60.56 55.86 -9.24
C THR OA 259 -59.58 55.09 -8.37
N GLN OA 260 -58.36 55.59 -8.24
CA GLN OA 260 -57.38 54.94 -7.37
C GLN OA 260 -57.82 54.96 -5.92
N ALA OA 261 -58.38 56.08 -5.47
CA ALA OA 261 -58.85 56.18 -4.09
C ALA OA 261 -59.98 55.20 -3.82
N MET OA 262 -60.91 55.05 -4.77
CA MET OA 262 -62.00 54.09 -4.61
C MET OA 262 -61.47 52.66 -4.59
N ILE OA 263 -60.41 52.39 -5.36
CA ILE OA 263 -59.77 51.07 -5.32
C ILE OA 263 -59.17 50.84 -3.94
N GLU OA 264 -58.50 51.85 -3.39
CA GLU OA 264 -57.89 51.72 -2.07
C GLU OA 264 -58.93 51.52 -0.98
N GLN OA 265 -60.12 52.09 -1.15
CA GLN OA 265 -61.18 51.95 -0.15
C GLN OA 265 -61.80 50.57 -0.13
N GLY OA 266 -61.46 49.70 -1.09
CA GLY OA 266 -61.96 48.34 -1.13
C GLY OA 266 -63.03 48.09 -2.17
N TYR OA 267 -63.33 49.05 -3.03
CA TYR OA 267 -64.34 48.85 -4.05
C TYR OA 267 -63.76 48.05 -5.23
N SER OA 268 -64.67 47.45 -5.99
CA SER OA 268 -64.32 46.73 -7.20
C SER OA 268 -64.77 47.53 -8.41
N ASN OA 269 -64.21 47.20 -9.58
CA ASN OA 269 -64.54 47.91 -10.80
C ASN OA 269 -66.00 47.74 -11.19
N GLU OA 270 -66.68 46.72 -10.65
CA GLU OA 270 -68.10 46.55 -10.93
C GLU OA 270 -68.93 47.72 -10.39
N GLU OA 271 -68.58 48.21 -9.20
CA GLU OA 271 -69.35 49.27 -8.55
C GLU OA 271 -68.71 50.64 -8.62
N ILE OA 272 -67.43 50.72 -8.97
CA ILE OA 272 -66.81 52.03 -9.18
C ILE OA 272 -67.39 52.68 -10.42
N PHE OA 273 -67.47 51.93 -11.52
CA PHE OA 273 -68.05 52.42 -12.76
C PHE OA 273 -69.53 52.07 -12.84
N GLU OA 274 -70.27 52.58 -11.86
CA GLU OA 274 -71.71 52.37 -11.77
C GLU OA 274 -72.40 53.73 -11.77
N GLY OA 275 -73.46 53.84 -12.57
CA GLY OA 275 -74.14 55.10 -12.75
C GLY OA 275 -73.52 55.89 -13.88
N PRO OA 276 -73.90 57.16 -14.00
CA PRO OA 276 -73.33 58.00 -15.06
C PRO OA 276 -71.84 58.22 -14.87
N TYR OA 277 -71.15 58.39 -15.99
CA TYR OA 277 -69.70 58.57 -16.00
C TYR OA 277 -69.37 60.01 -15.61
N LEU OA 278 -68.82 60.19 -14.42
CA LEU OA 278 -68.46 61.51 -13.90
C LEU OA 278 -66.99 61.77 -14.15
N HIS OA 279 -66.68 62.95 -14.70
CA HIS OA 279 -65.31 63.27 -15.07
C HIS OA 279 -64.48 63.80 -13.90
N HIS OA 280 -65.12 64.26 -12.84
CA HIS OA 280 -64.42 64.95 -11.75
C HIS OA 280 -64.56 64.22 -10.43
N GLY OA 281 -64.53 62.90 -10.47
CA GLY OA 281 -64.59 62.11 -9.25
C GLY OA 281 -65.84 61.27 -9.14
N TRP OA 282 -65.76 60.18 -8.39
CA TRP OA 282 -66.88 59.26 -8.20
C TRP OA 282 -67.62 59.61 -6.91
N ILE OA 283 -68.94 59.47 -6.94
CA ILE OA 283 -69.77 59.77 -5.78
C ILE OA 283 -70.46 58.49 -5.33
N PRO OA 284 -69.84 57.71 -4.43
CA PRO OA 284 -70.45 56.44 -4.00
C PRO OA 284 -71.72 56.64 -3.18
N GLU OA 285 -71.65 57.48 -2.16
CA GLU OA 285 -72.77 57.71 -1.25
C GLU OA 285 -73.17 59.17 -1.28
N LEU OA 286 -74.46 59.42 -1.40
CA LEU OA 286 -75.01 60.77 -1.40
C LEU OA 286 -75.84 61.00 -0.15
N SER OA 287 -76.04 62.26 0.18
CA SER OA 287 -76.91 62.62 1.30
C SER OA 287 -78.36 62.28 0.96
N ALA OA 288 -79.17 62.16 2.00
CA ALA OA 288 -80.58 61.82 1.82
C ALA OA 288 -81.27 62.86 0.94
N ALA OA 289 -82.03 62.38 -0.05
CA ALA OA 289 -82.69 63.27 -0.98
C ALA OA 289 -83.80 64.03 -0.27
N LYS OA 290 -83.69 65.36 -0.23
CA LYS OA 290 -84.67 66.18 0.46
C LYS OA 290 -85.87 66.44 -0.44
N ASP OA 291 -87.00 66.74 0.20
CA ASP OA 291 -88.24 67.07 -0.49
C ASP OA 291 -88.39 68.59 -0.47
N TYR OA 292 -88.23 69.22 -1.63
CA TYR OA 292 -88.23 70.67 -1.73
C TYR OA 292 -89.61 71.24 -2.09
N THR OA 293 -90.64 70.41 -2.12
CA THR OA 293 -92.00 70.87 -2.33
C THR OA 293 -92.68 71.30 -1.04
N LYS OA 294 -92.01 71.13 0.09
CA LYS OA 294 -92.52 71.51 1.40
C LYS OA 294 -91.36 71.99 2.24
N PRO OA 295 -91.63 72.73 3.33
CA PRO OA 295 -90.52 73.25 4.14
C PRO OA 295 -89.61 72.14 4.64
N THR OA 296 -88.31 72.43 4.64
CA THR OA 296 -87.29 71.46 4.98
C THR OA 296 -86.81 71.67 6.42
N GLU OA 297 -85.89 70.82 6.85
CA GLU OA 297 -85.37 70.83 8.20
C GLU OA 297 -83.87 71.03 8.20
N LEU OA 298 -83.34 71.57 9.29
CA LEU OA 298 -81.91 71.73 9.48
C LEU OA 298 -81.58 71.37 10.91
N LYS OA 299 -80.81 70.30 11.09
CA LYS OA 299 -80.44 69.80 12.40
C LYS OA 299 -78.96 70.04 12.63
N LEU OA 300 -78.61 70.55 13.81
CA LEU OA 300 -77.23 70.89 14.14
C LEU OA 300 -76.86 70.38 15.52
N SER OA 301 -77.53 69.32 15.99
CA SER OA 301 -77.22 68.79 17.31
C SER OA 301 -75.82 68.19 17.36
N HIS OA 302 -75.38 67.57 16.26
CA HIS OA 302 -74.06 66.96 16.21
C HIS OA 302 -72.93 67.97 16.01
N LEU OA 303 -73.26 69.24 15.81
CA LEU OA 303 -72.22 70.26 15.67
C LEU OA 303 -71.39 70.36 16.94
N ALA OA 304 -71.99 70.09 18.10
CA ALA OA 304 -71.24 70.08 19.34
C ALA OA 304 -70.17 68.99 19.34
N ASN OA 305 -70.52 67.81 18.82
CA ASN OA 305 -69.56 66.71 18.78
C ASN OA 305 -68.37 67.05 17.87
N ARG OA 306 -68.64 67.64 16.71
CA ARG OA 306 -67.56 67.91 15.76
C ARG OA 306 -66.68 69.05 16.22
N LEU OA 307 -67.27 70.10 16.78
CA LEU OA 307 -66.48 71.25 17.24
C LEU OA 307 -65.56 70.85 18.39
N LEU OA 308 -66.06 70.05 19.33
CA LEU OA 308 -65.24 69.62 20.45
C LEU OA 308 -64.10 68.69 20.03
N ALA OA 309 -64.22 68.05 18.86
CA ALA OA 309 -63.17 67.17 18.37
C ALA OA 309 -62.04 67.92 17.69
N ILE OA 310 -62.18 69.23 17.48
CA ILE OA 310 -61.11 70.01 16.87
C ILE OA 310 -59.98 70.17 17.89
N PRO OA 311 -58.74 69.86 17.53
CA PRO OA 311 -57.64 70.04 18.48
C PRO OA 311 -57.43 71.51 18.81
N GLY OA 312 -57.38 71.81 20.11
CA GLY OA 312 -57.24 73.16 20.59
C GLY OA 312 -58.52 73.77 21.13
N VAL OA 313 -59.67 73.15 20.90
CA VAL OA 313 -60.95 73.64 21.38
C VAL OA 313 -61.31 72.88 22.64
N GLN OA 314 -61.58 73.62 23.72
CA GLN OA 314 -61.83 73.00 25.02
C GLN OA 314 -63.32 72.78 25.28
N ASN OA 315 -64.12 73.83 25.15
CA ASN OA 315 -65.52 73.76 25.54
C ASN OA 315 -66.35 74.70 24.69
N ILE OA 316 -67.64 74.42 24.61
CA ILE OA 316 -68.63 75.26 23.94
C ILE OA 316 -69.61 75.74 24.98
N THR OA 317 -69.83 77.05 25.07
CA THR OA 317 -70.71 77.61 26.08
C THR OA 317 -72.06 78.06 25.53
N ARG OA 318 -72.18 78.30 24.23
CA ARG OA 318 -73.46 78.66 23.65
C ARG OA 318 -73.53 78.21 22.20
N LEU OA 319 -74.70 77.71 21.81
CA LEU OA 319 -74.96 77.32 20.42
C LEU OA 319 -76.44 77.58 20.18
N ALA OA 320 -76.74 78.70 19.52
CA ALA OA 320 -78.12 79.10 19.29
C ALA OA 320 -78.19 79.93 18.01
N LEU OA 321 -79.40 80.33 17.65
CA LEU OA 321 -79.66 81.10 16.44
C LEU OA 321 -79.96 82.55 16.82
N GLY OA 322 -79.29 83.48 16.13
CA GLY OA 322 -79.47 84.89 16.40
C GLY OA 322 -80.70 85.48 15.73
N LYS OA 323 -80.55 86.66 15.14
CA LYS OA 323 -81.67 87.30 14.47
C LYS OA 323 -82.00 86.58 13.17
N HIS OA 324 -83.28 86.27 12.97
CA HIS OA 324 -83.75 85.57 11.79
C HIS OA 324 -85.09 86.13 11.38
N ASP OA 325 -85.34 86.15 10.07
CA ASP OA 325 -86.61 86.61 9.54
C ASP OA 325 -87.63 85.48 9.68
N GLU OA 326 -88.82 85.66 9.09
CA GLU OA 326 -89.89 84.68 9.25
C GLU OA 326 -89.64 83.39 8.49
N ASN OA 327 -88.66 83.36 7.58
CA ASN OA 327 -88.41 82.14 6.82
C ASN OA 327 -87.75 81.04 7.66
N ILE OA 328 -87.11 81.40 8.77
CA ILE OA 328 -86.50 80.44 9.68
C ILE OA 328 -87.30 80.44 10.97
N SER OA 329 -87.76 79.26 11.39
CA SER OA 329 -88.50 79.12 12.63
C SER OA 329 -87.96 77.92 13.40
N PRO OA 330 -87.93 77.99 14.72
CA PRO OA 330 -87.45 76.86 15.52
C PRO OA 330 -88.37 75.65 15.37
N LEU OA 331 -87.75 74.47 15.45
CA LEU OA 331 -88.50 73.23 15.36
C LEU OA 331 -89.27 72.98 16.66
N ALA OA 332 -90.22 72.04 16.59
CA ALA OA 332 -91.06 71.70 17.73
C ALA OA 332 -90.25 70.85 18.70
N ASP OA 333 -89.97 71.39 19.89
CA ASP OA 333 -89.32 70.72 21.00
C ASP OA 333 -87.86 70.39 20.75
N ASP OA 334 -87.32 70.70 19.58
CA ASP OA 334 -85.91 70.42 19.26
C ASP OA 334 -85.11 71.69 19.52
N SER OA 335 -84.14 71.59 20.44
CA SER OA 335 -83.37 72.76 20.84
C SER OA 335 -82.35 73.19 19.78
N TRP OA 336 -81.94 72.28 18.92
CA TRP OA 336 -80.90 72.56 17.92
C TRP OA 336 -81.35 72.18 16.52
N SER OA 337 -82.62 72.42 16.22
CA SER OA 337 -83.15 72.19 14.88
C SER OA 337 -84.04 73.36 14.49
N TRP OA 338 -84.13 73.62 13.19
CA TRP OA 338 -84.88 74.76 12.68
C TRP OA 338 -85.57 74.36 11.38
N THR OA 339 -86.69 74.99 11.09
CA THR OA 339 -87.45 74.75 9.88
C THR OA 339 -87.20 75.87 8.88
N ILE OA 340 -86.78 75.50 7.68
CA ILE OA 340 -86.55 76.44 6.60
C ILE OA 340 -87.77 76.43 5.70
N ALA OA 341 -88.27 77.62 5.36
CA ALA OA 341 -89.47 77.73 4.55
C ALA OA 341 -89.24 77.11 3.16
N GLN OA 342 -90.34 76.72 2.53
CA GLN OA 342 -90.27 76.08 1.23
C GLN OA 342 -89.65 77.02 0.21
N GLY OA 343 -88.81 76.48 -0.66
CA GLY OA 343 -88.15 77.27 -1.68
C GLY OA 343 -86.93 78.03 -1.21
N TYR OA 344 -86.48 77.82 0.02
CA TYR OA 344 -85.34 78.54 0.58
C TYR OA 344 -84.36 77.55 1.17
N TYR OA 345 -83.08 77.96 1.19
CA TYR OA 345 -82.03 77.17 1.80
C TYR OA 345 -81.23 78.05 2.75
N PRO OA 346 -80.69 77.48 3.83
CA PRO OA 346 -79.93 78.29 4.80
C PRO OA 346 -78.53 78.60 4.28
N ARG OA 347 -78.16 79.88 4.35
CA ARG OA 347 -76.83 80.34 4.00
C ARG OA 347 -76.14 80.86 5.25
N LEU OA 348 -74.95 80.34 5.54
CA LEU OA 348 -74.29 80.62 6.80
C LEU OA 348 -73.60 81.98 6.77
N TRP OA 349 -73.96 82.83 7.73
CA TRP OA 349 -73.25 84.09 8.00
C TRP OA 349 -73.25 85.01 6.77
N GLY OA 350 -74.37 85.05 6.05
CA GLY OA 350 -74.58 86.06 5.04
C GLY OA 350 -73.74 85.88 3.78
N ASN OA 351 -73.59 86.99 3.06
CA ASN OA 351 -72.87 86.99 1.79
C ASN OA 351 -71.40 86.68 1.98
N ASP OA 352 -70.75 87.39 2.91
CA ASP OA 352 -69.32 87.22 3.16
C ASP OA 352 -69.13 86.66 4.56
N PRO OA 353 -68.91 85.35 4.71
CA PRO OA 353 -68.76 84.78 6.05
C PRO OA 353 -67.49 85.23 6.73
N LEU OA 354 -66.35 85.10 6.04
CA LEU OA 354 -65.06 85.38 6.66
C LEU OA 354 -64.95 86.83 7.14
N ASP OA 355 -65.53 87.76 6.38
CA ASP OA 355 -65.54 89.15 6.81
C ASP OA 355 -66.34 89.31 8.10
N LEU OA 356 -67.48 88.63 8.21
CA LEU OA 356 -68.29 88.73 9.42
C LEU OA 356 -67.58 88.13 10.63
N ILE OA 357 -66.88 87.01 10.44
CA ILE OA 357 -66.17 86.39 11.55
C ILE OA 357 -65.05 87.30 12.06
N SER OA 358 -64.36 87.98 11.13
CA SER OA 358 -63.30 88.89 11.53
C SER OA 358 -63.82 90.22 12.04
N SER OA 359 -65.12 90.48 11.93
CA SER OA 359 -65.70 91.74 12.37
C SER OA 359 -65.78 91.80 13.89
N SER OA 360 -65.97 93.01 14.40
CA SER OA 360 -66.15 93.20 15.84
C SER OA 360 -67.49 92.68 16.32
N ALA OA 361 -68.51 92.71 15.46
CA ALA OA 361 -69.84 92.20 15.77
C ALA OA 361 -70.00 90.74 15.37
N SER OA 362 -68.91 89.98 15.36
CA SER OA 362 -68.96 88.60 14.91
C SER OA 362 -69.85 87.77 15.83
N PRO OA 363 -70.76 86.96 15.30
CA PRO OA 363 -71.53 86.04 16.16
C PRO OA 363 -70.67 84.95 16.77
N LEU OA 364 -69.50 84.67 16.21
CA LEU OA 364 -68.59 83.67 16.74
C LEU OA 364 -67.61 84.35 17.69
N THR OA 365 -67.51 83.84 18.92
CA THR OA 365 -66.66 84.41 19.95
C THR OA 365 -65.72 83.33 20.45
N ILE OA 366 -64.41 83.57 20.32
CA ILE OA 366 -63.37 82.65 20.75
C ILE OA 366 -62.65 83.27 21.93
N THR OA 367 -62.57 82.53 23.04
CA THR OA 367 -61.98 83.03 24.27
C THR OA 367 -60.97 82.01 24.79
N ALA OA 368 -59.78 82.50 25.13
CA ALA OA 368 -58.74 81.68 25.72
C ALA OA 368 -58.29 82.32 27.03
N LYS OA 369 -57.71 81.49 27.91
CA LYS OA 369 -57.25 81.91 29.23
C LYS OA 369 -58.36 82.51 30.07
N GLY OA 370 -59.60 82.07 29.85
CA GLY OA 370 -60.71 82.52 30.66
C GLY OA 370 -61.29 83.86 30.27
N GLY OA 371 -60.45 84.84 29.98
CA GLY OA 371 -60.93 86.18 29.73
C GLY OA 371 -60.22 86.97 28.65
N VAL OA 372 -59.55 86.28 27.73
CA VAL OA 372 -58.85 86.93 26.63
C VAL OA 372 -59.59 86.60 25.34
N LYS OA 373 -60.06 87.64 24.64
CA LYS OA 373 -60.72 87.48 23.37
C LYS OA 373 -59.69 87.40 22.25
N ILE OA 374 -59.99 86.59 21.23
CA ILE OA 374 -59.08 86.34 20.12
C ILE OA 374 -59.70 86.91 18.85
N THR OA 375 -58.96 87.77 18.17
CA THR OA 375 -59.38 88.37 16.92
C THR OA 375 -58.36 88.04 15.84
N VAL OA 376 -58.83 87.59 14.69
CA VAL OA 376 -57.99 87.21 13.57
C VAL OA 376 -58.48 87.92 12.33
N SER OA 377 -57.55 88.50 11.57
CA SER OA 377 -57.92 89.21 10.34
C SER OA 377 -58.44 88.23 9.30
N LYS OA 378 -59.18 88.78 8.33
CA LYS OA 378 -59.79 87.95 7.30
C LYS OA 378 -58.74 87.25 6.44
N GLN OA 379 -57.62 87.94 6.15
CA GLN OA 379 -56.61 87.37 5.27
C GLN OA 379 -55.99 86.10 5.88
N ASP OA 380 -55.80 86.09 7.20
CA ASP OA 380 -55.21 84.93 7.85
C ASP OA 380 -56.11 83.70 7.70
N ILE OA 381 -57.42 83.89 7.87
CA ILE OA 381 -58.34 82.77 7.72
C ILE OA 381 -58.39 82.30 6.26
N GLU OA 382 -58.28 83.24 5.32
CA GLU OA 382 -58.23 82.86 3.92
C GLU OA 382 -57.00 82.02 3.62
N ASN OA 383 -55.86 82.38 4.21
CA ASN OA 383 -54.63 81.62 3.98
C ASN OA 383 -54.75 80.20 4.50
N LYS OA 384 -55.38 80.04 5.66
CA LYS OA 384 -55.47 78.72 6.29
C LYS OA 384 -56.54 77.83 5.67
N ILE OA 385 -57.36 78.35 4.76
CA ILE OA 385 -58.38 77.54 4.09
C ILE OA 385 -57.75 76.92 2.86
N ILE OA 386 -57.81 75.59 2.77
CA ILE OA 386 -57.16 74.83 1.70
C ILE OA 386 -58.19 74.47 0.65
N ALA OA 387 -57.90 74.80 -0.60
CA ALA OA 387 -58.79 74.47 -1.71
C ALA OA 387 -58.63 73.00 -2.10
N GLU OA 388 -59.75 72.32 -2.27
CA GLU OA 388 -59.72 70.91 -2.65
C GLU OA 388 -59.16 70.77 -4.06
N PRO OA 389 -58.23 69.85 -4.29
CA PRO OA 389 -57.69 69.66 -5.65
C PRO OA 389 -58.75 69.12 -6.59
N LEU OA 390 -58.58 69.44 -7.87
CA LEU OA 390 -59.54 69.06 -8.90
C LEU OA 390 -59.19 67.68 -9.44
N ILE OA 391 -60.10 66.74 -9.29
CA ILE OA 391 -59.94 65.40 -9.83
C ILE OA 391 -60.41 65.40 -11.28
N GLU OA 392 -59.71 64.63 -12.13
CA GLU OA 392 -60.08 64.51 -13.54
C GLU OA 392 -59.75 63.10 -13.98
N THR OA 393 -60.78 62.30 -14.26
CA THR OA 393 -60.61 60.91 -14.67
C THR OA 393 -60.62 60.83 -16.19
N GLN OA 394 -59.54 60.32 -16.75
CA GLN OA 394 -59.38 60.13 -18.18
C GLN OA 394 -59.76 58.71 -18.59
N PRO OA 395 -60.16 58.50 -19.84
CA PRO OA 395 -60.48 57.14 -20.29
C PRO OA 395 -59.28 56.22 -20.17
N GLU OA 396 -59.54 54.98 -19.77
CA GLU OA 396 -58.50 53.97 -19.65
C GLU OA 396 -58.21 53.36 -21.01
N LEU OA 397 -56.94 53.05 -21.26
CA LEU OA 397 -56.52 52.49 -22.53
C LEU OA 397 -55.47 51.41 -22.30
N LEU OA 398 -55.47 50.41 -23.19
CA LEU OA 398 -54.36 49.48 -23.33
C LEU OA 398 -53.54 49.99 -24.52
N ASN OA 399 -52.45 50.68 -24.22
CA ASN OA 399 -51.70 51.40 -25.25
C ASN OA 399 -51.17 50.43 -26.32
N TRP OA 400 -50.86 51.00 -27.48
CA TRP OA 400 -50.32 50.21 -28.58
C TRP OA 400 -49.03 49.54 -28.16
N GLY OA 401 -48.85 48.30 -28.59
CA GLY OA 401 -47.61 47.57 -28.39
C GLY OA 401 -46.59 47.93 -29.45
N LYS OA 402 -45.79 46.94 -29.82
CA LYS OA 402 -44.80 47.10 -30.88
C LYS OA 402 -45.23 46.26 -32.08
N HIS OA 403 -45.43 46.91 -33.22
CA HIS OA 403 -45.79 46.18 -34.44
C HIS OA 403 -44.63 45.30 -34.86
N ARG OA 404 -44.92 44.05 -35.20
CA ARG OA 404 -43.92 43.05 -35.52
C ARG OA 404 -44.13 42.56 -36.94
N LYS OA 405 -43.04 42.46 -37.71
CA LYS OA 405 -43.11 42.11 -39.12
C LYS OA 405 -43.38 40.62 -39.27
N VAL OA 406 -44.57 40.22 -38.82
CA VAL OA 406 -45.01 38.84 -38.94
C VAL OA 406 -45.32 38.49 -40.39
N LEU OA 407 -45.88 39.45 -41.13
CA LEU OA 407 -46.33 39.18 -42.49
C LEU OA 407 -45.18 38.79 -43.42
N ASP OA 408 -43.97 39.30 -43.16
CA ASP OA 408 -42.84 39.04 -44.04
C ASP OA 408 -42.59 37.54 -44.16
N TYR OA 409 -42.45 37.08 -45.41
CA TYR OA 409 -42.23 35.68 -45.70
C TYR OA 409 -40.94 35.50 -46.48
N TYR OA 410 -40.19 34.47 -46.13
CA TYR OA 410 -38.94 34.13 -46.80
C TYR OA 410 -39.09 32.73 -47.40
N PRO OA 411 -38.98 32.58 -48.72
CA PRO OA 411 -39.24 31.27 -49.34
C PRO OA 411 -38.31 30.20 -48.80
N VAL OA 412 -38.86 29.00 -48.64
CA VAL OA 412 -38.11 27.91 -48.01
C VAL OA 412 -37.18 27.22 -49.00
N SER OA 413 -37.39 27.40 -50.30
CA SER OA 413 -36.49 26.82 -51.28
C SER OA 413 -35.13 27.51 -51.31
N ASN OA 414 -34.99 28.66 -50.66
CA ASN OA 414 -33.72 29.36 -50.58
C ASN OA 414 -32.78 28.74 -49.54
N LYS OA 415 -33.28 27.85 -48.69
CA LYS OA 415 -32.46 27.20 -47.69
C LYS OA 415 -31.83 25.90 -48.18
N LEU OA 416 -32.19 25.44 -49.38
CA LEU OA 416 -31.61 24.22 -49.91
C LEU OA 416 -30.18 24.48 -50.38
N PRO OA 417 -29.33 23.45 -50.35
CA PRO OA 417 -27.96 23.63 -50.82
C PRO OA 417 -27.92 23.92 -52.32
N ALA OA 418 -26.80 24.51 -52.74
CA ALA OA 418 -26.67 24.96 -54.13
C ALA OA 418 -26.71 23.83 -55.13
N CYS OA 419 -26.41 22.60 -54.71
CA CYS OA 419 -26.39 21.47 -55.65
C CYS OA 419 -27.77 21.10 -56.17
N TYR OA 420 -28.84 21.63 -55.58
CA TYR OA 420 -30.19 21.33 -56.03
C TYR OA 420 -30.65 22.22 -57.18
N GLY OA 421 -29.89 23.24 -57.52
CA GLY OA 421 -30.21 24.05 -58.68
C GLY OA 421 -31.36 25.02 -58.52
N LEU OA 422 -31.75 25.34 -57.28
CA LEU OA 422 -32.83 26.30 -57.05
C LEU OA 422 -32.33 27.71 -56.79
N GLN OA 423 -31.02 27.95 -56.87
CA GLN OA 423 -30.48 29.28 -56.63
C GLN OA 423 -30.29 30.06 -57.92
N THR OA 424 -29.84 29.39 -58.98
CA THR OA 424 -29.71 30.03 -60.28
C THR OA 424 -31.04 30.00 -61.02
N TYR OA 425 -31.16 30.86 -62.03
CA TYR OA 425 -32.39 30.93 -62.81
C TYR OA 425 -32.63 29.61 -63.53
N ALA OA 426 -33.87 29.12 -63.46
CA ALA OA 426 -34.19 27.81 -63.99
C ALA OA 426 -34.16 27.83 -65.52
N GLU OA 427 -33.40 26.91 -66.11
CA GLU OA 427 -33.34 26.76 -67.56
C GLU OA 427 -33.67 25.36 -68.05
N THR OA 428 -33.60 24.35 -67.21
CA THR OA 428 -33.89 22.97 -67.60
C THR OA 428 -35.22 22.53 -67.02
N GLN OA 429 -35.76 21.44 -67.57
CA GLN OA 429 -37.03 20.91 -67.11
C GLN OA 429 -36.94 20.44 -65.66
N GLN OA 430 -35.79 19.85 -65.28
CA GLN OA 430 -35.66 19.32 -63.93
C GLN OA 430 -35.75 20.42 -62.89
N GLN OA 431 -35.09 21.56 -63.13
CA GLN OA 431 -35.16 22.67 -62.18
C GLN OA 431 -36.57 23.23 -62.08
N VAL OA 432 -37.25 23.38 -63.21
CA VAL OA 432 -38.61 23.92 -63.20
C VAL OA 432 -39.54 22.99 -62.46
N HIS OA 433 -39.41 21.68 -62.68
CA HIS OA 433 -40.27 20.72 -62.01
C HIS OA 433 -40.09 20.77 -60.50
N LEU OA 434 -38.85 20.91 -60.04
CA LEU OA 434 -38.59 21.00 -58.60
C LEU OA 434 -39.20 22.28 -58.02
N HIS OA 435 -39.10 23.39 -58.74
CA HIS OA 435 -39.68 24.64 -58.26
C HIS OA 435 -41.19 24.54 -58.16
N GLN OA 436 -41.83 23.85 -59.11
CA GLN OA 436 -43.28 23.72 -59.07
C GLN OA 436 -43.72 22.78 -57.96
N PHE OA 437 -42.90 21.77 -57.65
CA PHE OA 437 -43.23 20.86 -56.55
C PHE OA 437 -43.24 21.58 -55.21
N MET OA 438 -42.27 22.47 -54.99
CA MET OA 438 -42.19 23.17 -53.72
C MET OA 438 -43.24 24.27 -53.57
N LEU OA 439 -43.79 24.76 -54.68
CA LEU OA 439 -44.64 25.94 -54.62
C LEU OA 439 -45.87 25.79 -53.72
N PRO OA 440 -46.66 24.71 -53.80
CA PRO OA 440 -47.82 24.61 -52.90
C PRO OA 440 -47.46 24.64 -51.43
N PHE OA 441 -46.29 24.09 -51.07
CA PHE OA 441 -45.87 24.14 -49.67
C PHE OA 441 -45.42 25.54 -49.27
N GLU OA 442 -44.79 26.27 -50.18
CA GLU OA 442 -44.48 27.67 -49.91
C GLU OA 442 -45.75 28.48 -49.75
N GLN OA 443 -46.78 28.19 -50.54
CA GLN OA 443 -48.03 28.94 -50.45
C GLN OA 443 -48.71 28.73 -49.10
N MET OA 444 -48.75 27.49 -48.62
CA MET OA 444 -49.44 27.22 -47.36
C MET OA 444 -48.65 27.74 -46.17
N LEU OA 445 -47.33 27.85 -46.30
CA LEU OA 445 -46.54 28.52 -45.28
C LEU OA 445 -46.75 30.03 -45.34
N ALA OA 446 -46.80 30.59 -46.54
CA ALA OA 446 -47.03 32.03 -46.69
C ALA OA 446 -48.41 32.41 -46.19
N ASN OA 447 -49.43 31.58 -46.47
CA ASN OA 447 -50.77 31.87 -46.00
C ASN OA 447 -50.84 31.87 -44.48
N GLY OA 448 -50.14 30.92 -43.83
CA GLY OA 448 -50.09 30.93 -42.39
C GLY OA 448 -49.47 32.20 -41.83
N CYS OA 449 -48.41 32.69 -42.47
CA CYS OA 449 -47.84 33.97 -42.07
C CYS OA 449 -48.82 35.11 -42.30
N ALA OA 450 -49.52 35.09 -43.44
CA ALA OA 450 -50.48 36.15 -43.73
C ALA OA 450 -51.68 36.08 -42.79
N GLU OA 451 -52.07 34.87 -42.38
CA GLU OA 451 -53.20 34.73 -41.46
C GLU OA 451 -52.91 35.38 -40.12
N LEU OA 452 -51.69 35.20 -39.61
CA LEU OA 452 -51.34 35.80 -38.31
C LEU OA 452 -51.28 37.31 -38.40
N ALA OA 453 -50.82 37.84 -39.54
CA ALA OA 453 -50.77 39.28 -39.71
C ALA OA 453 -52.16 39.89 -39.82
N LEU OA 454 -53.16 39.09 -40.18
CA LEU OA 454 -54.53 39.58 -40.30
C LEU OA 454 -55.26 39.57 -38.97
N LEU OA 455 -54.62 39.08 -37.90
CA LEU OA 455 -55.26 38.95 -36.59
C LEU OA 455 -55.87 40.23 -36.04
N PRO OA 456 -55.21 41.39 -36.06
CA PRO OA 456 -55.87 42.59 -35.53
C PRO OA 456 -57.13 42.98 -36.29
N LYS OA 457 -57.24 42.59 -37.56
CA LYS OA 457 -58.45 42.88 -38.31
C LYS OA 457 -59.50 41.78 -38.18
N LEU OA 458 -59.09 40.54 -37.90
CA LEU OA 458 -60.05 39.46 -37.73
C LEU OA 458 -60.87 39.65 -36.46
N LEU OA 459 -60.23 40.11 -35.39
CA LEU OA 459 -60.89 40.28 -34.10
C LEU OA 459 -61.25 41.74 -33.82
N ALA OA 460 -61.20 42.60 -34.84
CA ALA OA 460 -61.48 44.01 -34.63
C ALA OA 460 -62.94 44.24 -34.26
N PHE OA 461 -63.16 45.13 -33.29
CA PHE OA 461 -64.51 45.50 -32.91
C PHE OA 461 -65.18 46.44 -33.90
N LYS OA 462 -64.40 47.15 -34.70
CA LYS OA 462 -64.93 48.15 -35.62
C LYS OA 462 -64.04 48.23 -36.84
N GLN OA 463 -64.59 48.82 -37.91
CA GLN OA 463 -63.87 49.01 -39.17
C GLN OA 463 -63.35 47.68 -39.72
N ARG OA 464 -64.23 46.68 -39.73
CA ARG OA 464 -63.85 45.36 -40.20
C ARG OA 464 -63.62 45.37 -41.70
N GLY OA 465 -62.86 44.38 -42.17
CA GLY OA 465 -62.46 44.29 -43.56
C GLY OA 465 -63.31 43.32 -44.35
N ASN OA 466 -62.86 43.06 -45.58
CA ASN OA 466 -63.55 42.20 -46.53
C ASN OA 466 -63.02 40.78 -46.54
N THR OA 467 -61.95 40.50 -45.80
CA THR OA 467 -61.27 39.22 -45.87
C THR OA 467 -61.41 38.46 -44.55
N VAL OA 468 -61.52 37.13 -44.66
CA VAL OA 468 -61.63 36.28 -43.49
C VAL OA 468 -60.47 35.32 -43.34
N TYR OA 469 -59.65 35.11 -44.37
CA TYR OA 469 -58.45 34.29 -44.28
C TYR OA 469 -57.28 35.03 -44.91
N GLY OA 470 -56.09 34.81 -44.34
CA GLY OA 470 -54.89 35.48 -44.80
C GLY OA 470 -54.24 34.76 -45.96
N THR OA 471 -53.94 35.50 -47.02
CA THR OA 471 -53.25 34.96 -48.19
C THR OA 471 -52.30 36.01 -48.74
N GLN OA 472 -51.27 35.54 -49.44
CA GLN OA 472 -50.30 36.41 -50.09
C GLN OA 472 -49.50 35.58 -51.09
N TRP OA 473 -48.86 36.29 -52.02
CA TRP OA 473 -47.97 35.63 -52.96
C TRP OA 473 -46.61 35.41 -52.31
N PRO OA 474 -46.10 34.18 -52.27
CA PRO OA 474 -44.88 33.90 -51.50
C PRO OA 474 -43.64 34.63 -51.99
N PHE OA 475 -43.56 34.98 -53.26
CA PHE OA 475 -42.32 35.46 -53.85
C PHE OA 475 -42.37 36.97 -54.10
N LYS OA 476 -41.20 37.60 -54.05
CA LYS OA 476 -41.06 39.02 -54.31
C LYS OA 476 -40.67 39.25 -55.77
N ALA OA 477 -40.34 40.48 -56.12
CA ALA OA 477 -39.98 40.82 -57.49
C ALA OA 477 -38.48 40.63 -57.73
N ASN OA 478 -38.14 40.37 -58.99
CA ASN OA 478 -36.75 40.18 -59.41
C ASN OA 478 -36.07 39.06 -58.62
N THR OA 479 -36.80 37.97 -58.39
CA THR OA 479 -36.26 36.80 -57.72
C THR OA 479 -36.30 35.62 -58.67
N VAL OA 480 -35.56 34.57 -58.30
CA VAL OA 480 -35.54 33.36 -59.12
C VAL OA 480 -36.91 32.67 -59.06
N GLY OA 481 -37.57 32.71 -57.90
CA GLY OA 481 -38.88 32.09 -57.79
C GLY OA 481 -39.95 32.79 -58.59
N GLN OA 482 -39.89 34.12 -58.64
CA GLN OA 482 -40.90 34.87 -59.38
C GLN OA 482 -40.82 34.60 -60.88
N GLN OA 483 -39.60 34.49 -61.42
CA GLN OA 483 -39.43 34.28 -62.85
C GLN OA 483 -39.99 32.94 -63.28
N VAL OA 484 -39.81 31.90 -62.45
CA VAL OA 484 -40.31 30.57 -62.81
C VAL OA 484 -41.82 30.55 -62.89
N HIS OA 485 -42.50 31.18 -61.93
CA HIS OA 485 -43.95 31.19 -61.86
C HIS OA 485 -44.55 32.45 -62.47
N GLN OA 486 -43.88 33.03 -63.46
CA GLN OA 486 -44.34 34.29 -64.04
C GLN OA 486 -45.68 34.13 -64.75
N GLU OA 487 -45.85 33.05 -65.51
CA GLU OA 487 -47.03 32.89 -66.34
C GLU OA 487 -48.26 32.43 -65.55
N ILE OA 488 -48.08 31.83 -64.37
CA ILE OA 488 -49.21 31.33 -63.60
C ILE OA 488 -49.56 32.21 -62.41
N MET OA 489 -48.82 33.29 -62.18
CA MET OA 489 -49.12 34.17 -61.05
C MET OA 489 -50.51 34.77 -61.12
N PRO OA 490 -50.97 35.35 -62.24
CA PRO OA 490 -52.33 35.92 -62.24
C PRO OA 490 -53.43 34.92 -61.90
N ASP OA 491 -53.31 33.68 -62.36
CA ASP OA 491 -54.35 32.70 -62.09
C ASP OA 491 -54.35 32.26 -60.62
N LEU OA 492 -53.17 31.99 -60.07
CA LEU OA 492 -53.07 31.58 -58.67
C LEU OA 492 -53.50 32.69 -57.74
N ILE OA 493 -53.10 33.93 -58.02
CA ILE OA 493 -53.49 35.06 -57.19
C ILE OA 493 -55.00 35.26 -57.24
N LYS OA 494 -55.60 35.08 -58.42
CA LYS OA 494 -57.05 35.18 -58.53
C LYS OA 494 -57.74 34.13 -57.67
N GLN OA 495 -57.20 32.90 -57.65
CA GLN OA 495 -57.74 31.87 -56.77
C GLN OA 495 -57.56 32.24 -55.30
N LEU OA 496 -56.41 32.81 -54.94
CA LEU OA 496 -56.17 33.19 -53.55
C LEU OA 496 -57.17 34.24 -53.10
N ASN OA 497 -57.45 35.23 -53.94
CA ASN OA 497 -58.43 36.25 -53.59
C ASN OA 497 -59.83 35.65 -53.48
N ASN OA 498 -60.16 34.72 -54.38
CA ASN OA 498 -61.49 34.11 -54.35
C ASN OA 498 -61.72 33.32 -53.07
N ASP OA 499 -60.68 32.65 -52.57
CA ASP OA 499 -60.81 31.80 -51.41
C ASP OA 499 -60.74 32.56 -50.09
N SER OA 500 -60.54 33.87 -50.12
CA SER OA 500 -60.36 34.67 -48.91
C SER OA 500 -61.37 35.79 -48.76
N GLN OA 501 -61.71 36.48 -49.84
CA GLN OA 501 -62.58 37.64 -49.74
C GLN OA 501 -64.04 37.23 -49.49
N ILE OA 502 -64.72 38.01 -48.66
CA ILE OA 502 -66.15 37.79 -48.46
C ILE OA 502 -66.93 38.14 -49.72
N ASN OA 503 -66.63 39.28 -50.30
CA ASN OA 503 -67.29 39.75 -51.52
C ASN OA 503 -66.23 40.00 -52.58
N SER OA 504 -66.48 39.48 -53.79
CA SER OA 504 -65.53 39.60 -54.89
C SER OA 504 -66.31 39.96 -56.15
N ASP OA 505 -65.65 39.88 -57.30
CA ASP OA 505 -66.30 40.16 -58.56
C ASP OA 505 -67.43 39.18 -58.84
N ASP OA 506 -67.22 37.91 -58.49
CA ASP OA 506 -68.26 36.91 -58.68
C ASP OA 506 -69.47 37.14 -57.78
N GLY OA 507 -69.31 37.88 -56.68
CA GLY OA 507 -70.40 38.20 -55.79
C GLY OA 507 -70.11 37.72 -54.37
N ILE OA 508 -71.10 37.09 -53.77
CA ILE OA 508 -71.02 36.66 -52.36
C ILE OA 508 -70.46 35.26 -52.30
N HIS OA 509 -69.44 35.07 -51.46
CA HIS OA 509 -68.91 33.75 -51.15
C HIS OA 509 -69.70 33.19 -49.97
N SER OA 510 -70.42 32.09 -50.21
CA SER OA 510 -71.35 31.59 -49.19
C SER OA 510 -70.61 31.14 -47.94
N GLN OA 511 -69.55 30.35 -48.09
CA GLN OA 511 -68.81 29.88 -46.92
C GLN OA 511 -68.13 31.03 -46.20
N ASN OA 512 -67.55 31.97 -46.95
CA ASN OA 512 -66.94 33.14 -46.32
C ASN OA 512 -67.99 34.00 -45.63
N TYR OA 513 -69.18 34.10 -46.21
CA TYR OA 513 -70.27 34.83 -45.57
C TYR OA 513 -70.63 34.20 -44.24
N THR OA 514 -70.71 32.87 -44.19
CA THR OA 514 -71.07 32.18 -42.96
C THR OA 514 -70.00 32.37 -41.89
N LYS OA 515 -68.72 32.35 -42.27
CA LYS OA 515 -67.65 32.54 -41.31
C LYS OA 515 -67.71 33.94 -40.69
N GLU OA 516 -67.97 34.96 -41.50
CA GLU OA 516 -68.03 36.32 -40.98
C GLU OA 516 -69.17 36.47 -39.99
N LEU OA 517 -70.29 35.81 -40.24
CA LEU OA 517 -71.40 35.84 -39.29
C LEU OA 517 -71.00 35.20 -37.96
N SER OA 518 -70.27 34.09 -38.02
CA SER OA 518 -69.85 33.42 -36.79
C SER OA 518 -68.89 34.28 -35.99
N ILE OA 519 -67.96 34.96 -36.67
CA ILE OA 519 -67.03 35.84 -35.98
C ILE OA 519 -67.77 37.00 -35.33
N LEU OA 520 -68.72 37.59 -36.06
CA LEU OA 520 -69.52 38.67 -35.49
C LEU OA 520 -70.34 38.19 -34.31
N ASN OA 521 -70.93 36.98 -34.42
CA ASN OA 521 -71.72 36.44 -33.32
C ASN OA 521 -70.85 36.17 -32.10
N TYR OA 522 -69.64 35.66 -32.31
CA TYR OA 522 -68.74 35.41 -31.20
C TYR OA 522 -68.33 36.72 -30.52
N LEU OA 523 -68.05 37.75 -31.31
CA LEU OA 523 -67.67 39.04 -30.74
C LEU OA 523 -68.86 39.72 -30.08
N LEU OA 524 -70.06 39.53 -30.61
CA LEU OA 524 -71.25 40.11 -30.00
C LEU OA 524 -71.55 39.52 -28.64
N GLU OA 525 -71.16 38.25 -28.42
CA GLU OA 525 -71.40 37.60 -27.14
C GLU OA 525 -70.57 38.21 -26.01
N TYR OA 526 -69.59 39.06 -26.33
CA TYR OA 526 -68.87 39.77 -25.30
C TYR OA 526 -69.79 40.68 -24.50
N PHE OA 527 -70.77 41.29 -25.17
CA PHE OA 527 -71.63 42.31 -24.57
C PHE OA 527 -73.04 41.80 -24.30
N GLY OA 528 -73.22 40.49 -24.16
CA GLY OA 528 -74.49 39.95 -23.76
C GLY OA 528 -75.56 39.90 -24.83
N THR OA 529 -75.21 40.12 -26.08
CA THR OA 529 -76.16 40.06 -27.18
C THR OA 529 -75.73 38.94 -28.14
N HIS OA 530 -76.43 38.83 -29.27
CA HIS OA 530 -76.14 37.79 -30.23
C HIS OA 530 -76.55 38.25 -31.62
N ARG OA 531 -76.07 37.52 -32.62
CA ARG OA 531 -76.36 37.84 -34.01
C ARG OA 531 -77.83 37.63 -34.33
N ALA OA 532 -78.32 38.41 -35.29
CA ALA OA 532 -79.68 38.24 -35.78
C ALA OA 532 -79.76 37.02 -36.71
N ALA OA 533 -80.99 36.55 -36.93
CA ALA OA 533 -81.21 35.43 -37.83
C ALA OA 533 -80.87 35.84 -39.27
N ARG OA 534 -80.46 34.84 -40.06
CA ARG OA 534 -80.09 35.11 -41.43
C ARG OA 534 -81.30 35.63 -42.20
N PRO OA 535 -81.12 36.61 -43.09
CA PRO OA 535 -82.25 37.13 -43.85
C PRO OA 535 -82.80 36.09 -44.81
N LEU OA 536 -84.11 36.12 -45.01
CA LEU OA 536 -84.78 35.20 -45.91
C LEU OA 536 -85.25 35.87 -47.20
N THR OA 537 -85.60 37.16 -47.14
CA THR OA 537 -86.07 37.90 -48.31
C THR OA 537 -85.40 39.27 -48.40
N LEU OA 538 -84.25 39.45 -47.77
CA LEU OA 538 -83.56 40.73 -47.73
C LEU OA 538 -82.25 40.64 -48.50
N ASP OA 539 -81.49 41.74 -48.48
CA ASP OA 539 -80.23 41.83 -49.20
C ASP OA 539 -79.08 41.39 -48.30
N SER OA 540 -78.22 40.51 -48.82
CA SER OA 540 -77.13 39.97 -48.03
C SER OA 540 -76.15 41.05 -47.60
N LEU OA 541 -75.77 41.95 -48.53
CA LEU OA 541 -74.84 43.01 -48.19
C LEU OA 541 -75.44 43.97 -47.16
N ASP OA 542 -76.73 44.30 -47.33
CA ASP OA 542 -77.39 45.16 -46.36
C ASP OA 542 -77.46 44.50 -44.99
N PHE OA 543 -77.69 43.19 -44.96
CA PHE OA 543 -77.74 42.49 -43.68
C PHE OA 543 -76.42 42.55 -42.94
N LEU OA 544 -75.31 42.39 -43.67
CA LEU OA 544 -73.99 42.43 -43.04
C LEU OA 544 -73.71 43.82 -42.46
N SER OA 545 -74.16 44.87 -43.15
CA SER OA 545 -73.93 46.22 -42.66
C SER OA 545 -74.65 46.45 -41.33
N THR OA 546 -75.84 45.88 -41.16
CA THR OA 546 -76.55 46.00 -39.89
C THR OA 546 -75.76 45.35 -38.76
N GLN OA 547 -75.22 44.15 -39.01
CA GLN OA 547 -74.53 43.43 -37.95
C GLN OA 547 -73.21 44.10 -37.59
N ARG OA 548 -72.43 44.50 -38.60
CA ARG OA 548 -71.15 45.16 -38.33
C ARG OA 548 -71.35 46.47 -37.59
N GLY OA 549 -72.33 47.27 -38.02
CA GLY OA 549 -72.63 48.50 -37.31
C GLY OA 549 -73.15 48.26 -35.90
N TYR OA 550 -73.90 47.18 -35.71
CA TYR OA 550 -74.39 46.84 -34.38
C TYR OA 550 -73.24 46.56 -33.43
N LEU OA 551 -72.24 45.80 -33.88
CA LEU OA 551 -71.10 45.48 -33.03
C LEU OA 551 -70.23 46.71 -32.80
N ALA OA 552 -70.01 47.51 -33.84
CA ALA OA 552 -69.07 48.63 -33.74
C ALA OA 552 -69.59 49.73 -32.82
N GLN OA 553 -70.91 49.90 -32.73
CA GLN OA 553 -71.50 50.96 -31.93
C GLN OA 553 -72.08 50.46 -30.62
N GLN OA 554 -71.62 49.30 -30.14
CA GLN OA 554 -72.09 48.77 -28.86
C GLN OA 554 -71.89 49.73 -27.70
N PRO OA 555 -70.75 50.43 -27.55
CA PRO OA 555 -70.64 51.38 -26.43
C PRO OA 555 -71.70 52.46 -26.45
N GLU OA 556 -71.89 53.13 -27.59
CA GLU OA 556 -72.86 54.22 -27.66
C GLU OA 556 -74.29 53.70 -27.53
N LEU OA 557 -74.57 52.53 -28.11
CA LEU OA 557 -75.94 52.03 -28.12
C LEU OA 557 -76.44 51.75 -26.71
N THR OA 558 -75.65 51.07 -25.90
CA THR OA 558 -76.08 50.67 -24.57
C THR OA 558 -75.80 51.73 -23.51
N TYR OA 559 -75.08 52.80 -23.85
CA TYR OA 559 -74.93 53.92 -22.94
C TYR OA 559 -76.07 54.92 -23.10
N GLN OA 560 -76.61 55.06 -24.31
CA GLN OA 560 -77.67 56.00 -24.63
C GLN OA 560 -78.94 55.29 -25.07
N ARG OA 561 -79.33 54.22 -24.35
CA ARG OA 561 -80.47 53.42 -24.77
C ARG OA 561 -81.75 54.23 -24.78
N ASN OA 562 -81.97 55.04 -23.75
CA ASN OA 562 -83.20 55.81 -23.61
C ASN OA 562 -83.04 57.27 -24.03
N ASN OA 563 -81.90 57.63 -24.61
CA ASN OA 563 -81.64 59.01 -25.00
C ASN OA 563 -82.10 59.25 -26.43
N ILE OA 564 -82.70 60.43 -26.65
CA ILE OA 564 -83.16 60.84 -27.97
C ILE OA 564 -82.82 62.31 -28.15
N ARG OA 565 -82.24 62.64 -29.31
CA ARG OA 565 -81.89 64.01 -29.65
C ARG OA 565 -82.43 64.34 -31.03
N ILE OA 566 -82.60 65.64 -31.27
CA ILE OA 566 -83.13 66.10 -32.54
C ILE OA 566 -82.10 65.88 -33.65
N ASP OA 567 -82.59 65.49 -34.84
CA ASP OA 567 -81.76 65.31 -36.02
C ASP OA 567 -80.66 64.27 -35.81
N LYS OA 568 -80.94 63.25 -34.99
CA LYS OA 568 -80.01 62.16 -34.78
C LYS OA 568 -80.80 60.86 -34.65
N VAL OA 569 -80.31 59.81 -35.31
CA VAL OA 569 -80.97 58.51 -35.25
C VAL OA 569 -80.86 57.97 -33.83
N SER OA 570 -82.01 57.69 -33.22
CA SER OA 570 -82.02 57.24 -31.83
C SER OA 570 -81.47 55.82 -31.71
N ALA OA 571 -80.94 55.52 -30.53
CA ALA OA 571 -80.41 54.18 -30.27
C ALA OA 571 -81.51 53.13 -30.32
N LEU OA 572 -82.74 53.50 -29.98
CA LEU OA 572 -83.85 52.55 -30.05
C LEU OA 572 -84.09 52.10 -31.49
N GLN OA 573 -84.02 53.04 -32.45
CA GLN OA 573 -84.20 52.68 -33.85
C GLN OA 573 -83.07 51.77 -34.33
N LYS OA 574 -81.83 52.06 -33.91
CA LYS OA 574 -80.69 51.24 -34.33
C LYS OA 574 -80.81 49.82 -33.79
N ARG OA 575 -81.25 49.67 -32.54
CA ARG OA 575 -81.40 48.34 -31.98
C ARG OA 575 -82.48 47.54 -32.70
N ILE OA 576 -83.57 48.19 -33.07
CA ILE OA 576 -84.64 47.51 -33.79
C ILE OA 576 -84.15 47.05 -35.16
N ALA OA 577 -83.41 47.92 -35.86
CA ALA OA 577 -82.88 47.56 -37.17
C ALA OA 577 -81.89 46.41 -37.07
N ALA OA 578 -81.02 46.44 -36.07
CA ALA OA 578 -80.02 45.39 -35.91
C ALA OA 578 -80.67 44.04 -35.60
N ARG OA 579 -81.70 44.03 -34.76
CA ARG OA 579 -82.34 42.78 -34.40
C ARG OA 579 -83.01 42.12 -35.60
N LEU OA 580 -83.66 42.92 -36.45
CA LEU OA 580 -84.30 42.39 -37.64
C LEU OA 580 -83.36 42.30 -38.84
N GLY OA 581 -82.16 42.85 -38.73
CA GLY OA 581 -81.22 42.79 -39.83
C GLY OA 581 -81.68 43.52 -41.08
N LEU OA 582 -82.21 44.72 -40.92
CA LEU OA 582 -82.78 45.48 -42.02
C LEU OA 582 -82.35 46.93 -41.91
N GLY OA 583 -81.94 47.52 -43.03
CA GLY OA 583 -81.60 48.92 -43.06
C GLY OA 583 -80.27 49.27 -42.41
N GLY OA 584 -79.18 48.83 -43.03
CA GLY OA 584 -77.86 49.15 -42.51
C GLY OA 584 -77.41 50.58 -42.75
N LYS OA 585 -78.19 51.36 -43.51
CA LYS OA 585 -77.83 52.74 -43.78
C LYS OA 585 -77.97 53.63 -42.55
N CYS OA 586 -78.72 53.19 -41.53
CA CYS OA 586 -78.94 54.00 -40.35
C CYS OA 586 -77.81 53.88 -39.33
N PHE OA 587 -76.82 53.03 -39.59
CA PHE OA 587 -75.72 52.83 -38.65
C PHE OA 587 -74.53 53.73 -38.92
N GLU OA 588 -74.63 54.64 -39.90
CA GLU OA 588 -73.59 55.61 -40.18
C GLU OA 588 -74.12 57.01 -39.92
N GLU OA 589 -73.27 57.87 -39.37
CA GLU OA 589 -73.66 59.22 -39.03
C GLU OA 589 -73.94 60.04 -40.30
N THR OA 590 -74.74 61.09 -40.14
CA THR OA 590 -75.14 61.97 -41.22
C THR OA 590 -75.83 61.20 -42.35
N SER OA 591 -76.65 60.21 -41.98
CA SER OA 591 -77.40 59.42 -42.95
C SER OA 591 -78.75 60.09 -43.20
N LYS OA 592 -78.67 61.35 -43.64
CA LYS OA 592 -79.85 62.16 -43.90
C LYS OA 592 -80.38 62.01 -45.32
N LEU OA 593 -79.66 61.30 -46.20
CA LEU OA 593 -80.07 61.13 -47.59
C LEU OA 593 -80.20 59.67 -48.00
N ASP OA 594 -80.14 58.73 -47.06
CA ASP OA 594 -80.06 57.32 -47.40
C ASP OA 594 -81.40 56.62 -47.48
N GLU OA 595 -82.51 57.30 -47.15
CA GLU OA 595 -83.86 56.74 -47.27
C GLU OA 595 -83.99 55.44 -46.47
N LEU OA 596 -83.91 55.60 -45.16
CA LEU OA 596 -83.99 54.46 -44.25
C LEU OA 596 -85.32 53.74 -44.44
N PRO OA 597 -85.33 52.40 -44.34
CA PRO OA 597 -86.58 51.66 -44.57
C PRO OA 597 -87.68 51.97 -43.57
N PHE OA 598 -87.35 52.52 -42.40
CA PHE OA 598 -88.36 52.88 -41.42
C PHE OA 598 -87.85 54.03 -40.57
N TYR OA 599 -88.78 54.73 -39.93
CA TYR OA 599 -88.46 55.90 -39.13
C TYR OA 599 -89.21 55.84 -37.81
N LEU OA 600 -88.65 56.49 -36.80
CA LEU OA 600 -89.22 56.53 -35.46
C LEU OA 600 -89.59 57.96 -35.11
N ILE OA 601 -90.80 58.15 -34.58
CA ILE OA 601 -91.31 59.47 -34.23
C ILE OA 601 -91.77 59.44 -32.79
N GLU OA 602 -91.28 60.38 -31.99
CA GLU OA 602 -91.72 60.54 -30.62
C GLU OA 602 -92.96 61.44 -30.59
N HIS OA 603 -94.06 60.92 -30.04
CA HIS OA 603 -95.33 61.62 -30.14
C HIS OA 603 -95.32 62.95 -29.38
N ARG OA 604 -94.68 62.98 -28.20
CA ARG OA 604 -94.70 64.18 -27.40
C ARG OA 604 -93.94 65.35 -28.04
N GLN OA 605 -93.13 65.09 -29.07
CA GLN OA 605 -92.46 66.17 -29.79
C GLN OA 605 -93.44 67.04 -30.57
N LEU OA 606 -94.66 66.57 -30.79
CA LEU OA 606 -95.67 67.30 -31.54
C LEU OA 606 -96.67 68.02 -30.63
N LEU OA 607 -96.20 68.50 -29.48
CA LEU OA 607 -97.06 69.20 -28.53
C LEU OA 607 -96.44 70.51 -28.14
N PRO OA 608 -97.27 71.51 -27.81
CA PRO OA 608 -96.74 72.80 -27.37
C PRO OA 608 -96.55 72.86 -25.86
N VAL OA 609 -95.68 73.79 -25.44
CA VAL OA 609 -95.45 74.02 -24.02
C VAL OA 609 -96.65 74.72 -23.41
N LYS OA 610 -97.06 74.26 -22.23
CA LYS OA 610 -98.18 74.88 -21.55
C LYS OA 610 -97.84 76.32 -21.20
N PRO OA 611 -98.62 77.30 -21.65
CA PRO OA 611 -98.26 78.70 -21.45
C PRO OA 611 -98.83 79.29 -20.16
N ASP OA 612 -98.39 80.51 -19.88
CA ASP OA 612 -98.89 81.23 -18.71
C ASP OA 612 -100.34 81.68 -18.95
N THR OA 613 -101.14 81.67 -17.88
CA THR OA 613 -102.53 82.05 -17.98
C THR OA 613 -102.73 83.55 -18.12
N LYS OA 614 -101.71 84.36 -17.87
CA LYS OA 614 -101.85 85.80 -18.01
C LYS OA 614 -102.06 86.21 -19.46
N PHE OA 615 -101.45 85.47 -20.39
CA PHE OA 615 -101.41 85.87 -21.79
C PHE OA 615 -102.54 85.28 -22.62
N ASP OA 616 -103.55 84.69 -21.97
CA ASP OA 616 -104.69 84.17 -22.71
C ASP OA 616 -105.44 85.29 -23.43
N LYS OA 617 -105.63 86.42 -22.75
CA LYS OA 617 -106.27 87.57 -23.38
C LYS OA 617 -105.29 88.26 -24.33
N GLU OA 618 -105.85 88.98 -25.31
CA GLU OA 618 -105.04 89.62 -26.33
C GLU OA 618 -104.27 90.81 -25.77
N GLN OA 619 -103.11 91.08 -26.35
CA GLN OA 619 -102.26 92.19 -25.96
C GLN OA 619 -101.73 92.89 -27.21
N LYS OA 620 -101.21 94.10 -27.00
CA LYS OA 620 -100.66 94.91 -28.08
C LYS OA 620 -99.16 95.03 -27.91
N PRO OA 621 -98.36 94.62 -28.91
CA PRO OA 621 -96.90 94.76 -28.78
C PRO OA 621 -96.48 96.22 -28.70
N ASP OA 622 -95.41 96.46 -27.95
CA ASP OA 622 -94.87 97.80 -27.78
C ASP OA 622 -93.78 98.15 -28.78
N LYS OA 623 -93.34 97.20 -29.60
CA LYS OA 623 -92.33 97.42 -30.62
C LYS OA 623 -92.28 96.19 -31.52
N LEU OA 624 -92.12 96.43 -32.83
CA LEU OA 624 -92.13 95.36 -33.80
C LEU OA 624 -91.20 95.73 -34.95
N LYS OA 625 -90.45 94.74 -35.43
CA LYS OA 625 -89.55 94.93 -36.55
C LYS OA 625 -89.37 93.61 -37.28
N ILE OA 626 -88.92 93.70 -38.53
CA ILE OA 626 -88.70 92.54 -39.38
C ILE OA 626 -87.25 92.54 -39.86
N LYS OA 627 -86.57 91.42 -39.70
CA LYS OA 627 -85.19 91.27 -40.11
C LYS OA 627 -85.04 90.05 -41.02
N SER OA 628 -84.15 90.16 -41.99
CA SER OA 628 -83.87 89.08 -42.93
C SER OA 628 -82.58 88.38 -42.51
N VAL OA 629 -82.65 87.06 -42.34
CA VAL OA 629 -81.46 86.31 -41.94
C VAL OA 629 -80.44 86.33 -43.08
N PRO OA 630 -79.16 86.56 -42.80
CA PRO OA 630 -78.17 86.60 -43.88
C PRO OA 630 -78.02 85.26 -44.56
N ASN OA 631 -77.71 85.31 -45.86
CA ASN OA 631 -77.48 84.12 -46.69
C ASN OA 631 -78.68 83.18 -46.65
N SER OA 632 -79.89 83.76 -46.65
CA SER OA 632 -81.10 82.96 -46.66
C SER OA 632 -82.26 83.83 -47.12
N LYS OA 633 -83.29 83.18 -47.67
CA LYS OA 633 -84.49 83.86 -48.09
C LYS OA 633 -85.50 84.05 -46.96
N ASN OA 634 -85.27 83.45 -45.81
CA ASN OA 634 -86.20 83.53 -44.70
C ASN OA 634 -86.09 84.89 -44.00
N GLN OA 635 -87.06 85.17 -43.14
CA GLN OA 635 -87.07 86.39 -42.34
C GLN OA 635 -87.54 86.05 -40.94
N GLN OA 636 -87.03 86.80 -39.96
CA GLN OA 636 -87.40 86.62 -38.56
C GLN OA 636 -88.16 87.85 -38.08
N LEU OA 637 -89.34 87.63 -37.52
CA LEU OA 637 -90.19 88.70 -37.01
C LEU OA 637 -89.95 88.85 -35.52
N ILE OA 638 -89.53 90.03 -35.09
CA ILE OA 638 -89.18 90.30 -33.71
C ILE OA 638 -90.29 91.13 -33.07
N ILE OA 639 -90.83 90.64 -31.95
CA ILE OA 639 -91.90 91.30 -31.23
C ILE OA 639 -91.39 91.66 -29.85
N THR OA 640 -91.68 92.90 -29.42
CA THR OA 640 -91.22 93.40 -28.13
C THR OA 640 -92.42 93.82 -27.30
N GLN OA 641 -92.52 93.27 -26.09
CA GLN OA 641 -93.54 93.63 -25.13
C GLN OA 641 -92.91 93.73 -23.75
N ASN OA 642 -93.29 94.76 -23.00
CA ASN OA 642 -92.70 95.02 -21.70
C ASN OA 642 -93.40 94.23 -20.60
N GLY OA 643 -92.72 94.11 -19.47
CA GLY OA 643 -93.27 93.36 -18.34
C GLY OA 643 -93.50 91.90 -18.62
N THR OA 644 -92.55 91.25 -19.30
CA THR OA 644 -92.69 89.86 -19.70
C THR OA 644 -91.44 89.03 -19.39
N THR OA 645 -90.59 89.51 -18.48
CA THR OA 645 -89.35 88.81 -18.18
C THR OA 645 -89.65 87.52 -17.42
N GLY OA 646 -89.06 86.42 -17.88
CA GLY OA 646 -89.25 85.14 -17.23
C GLY OA 646 -90.67 84.62 -17.30
N GLN OA 647 -91.46 85.08 -18.26
CA GLN OA 647 -92.85 84.67 -18.40
C GLN OA 647 -93.15 84.01 -19.74
N LEU OA 648 -92.25 84.09 -20.71
CA LEU OA 648 -92.41 83.46 -22.01
C LEU OA 648 -91.37 82.36 -22.18
N LEU OA 649 -91.80 81.23 -22.71
CA LEU OA 649 -90.95 80.05 -22.84
C LEU OA 649 -90.81 79.66 -24.31
N TYR OA 650 -89.67 79.06 -24.63
CA TYR OA 650 -89.49 78.46 -25.94
C TYR OA 650 -90.49 77.32 -26.12
N GLY OA 651 -91.01 77.18 -27.33
CA GLY OA 651 -92.04 76.21 -27.60
C GLY OA 651 -93.46 76.68 -27.37
N GLN OA 652 -93.63 77.92 -26.91
CA GLN OA 652 -94.96 78.47 -26.71
C GLN OA 652 -95.62 78.77 -28.05
N VAL OA 653 -96.85 78.33 -28.22
CA VAL OA 653 -97.58 78.55 -29.46
C VAL OA 653 -98.56 79.71 -29.31
N ARG OA 673 -102.17 81.54 -37.21
CA ARG OA 673 -102.30 80.35 -36.37
C ARG OA 673 -101.04 79.49 -36.43
N GLY OA 674 -100.78 78.77 -35.34
CA GLY OA 674 -99.63 77.87 -35.29
C GLY OA 674 -98.29 78.56 -35.33
N GLN OA 675 -98.13 79.66 -34.60
CA GLN OA 675 -96.87 80.39 -34.53
C GLN OA 675 -96.21 80.13 -33.19
N MET OA 676 -94.93 79.74 -33.22
CA MET OA 676 -94.21 79.38 -32.02
C MET OA 676 -93.18 80.43 -31.66
N ILE OA 677 -93.10 80.78 -30.38
CA ILE OA 677 -92.05 81.66 -29.89
C ILE OA 677 -90.73 80.91 -29.90
N THR OA 678 -89.71 81.52 -30.51
CA THR OA 678 -88.41 80.89 -30.67
C THR OA 678 -87.34 81.45 -29.74
N ASP OA 679 -87.31 82.76 -29.53
CA ASP OA 679 -86.32 83.39 -28.67
C ASP OA 679 -87.00 84.08 -27.50
N ILE OA 680 -86.27 84.20 -26.40
CA ILE OA 680 -86.75 84.92 -25.22
C ILE OA 680 -85.69 85.95 -24.82
N THR OA 681 -84.92 86.42 -25.80
CA THR OA 681 -83.84 87.36 -25.52
C THR OA 681 -84.40 88.66 -24.96
N GLY OA 682 -84.07 88.95 -23.71
CA GLY OA 682 -84.57 90.15 -23.07
C GLY OA 682 -86.09 90.10 -22.97
N GLU OA 683 -86.72 91.20 -23.37
CA GLU OA 683 -88.18 91.32 -23.36
C GLU OA 683 -88.78 91.16 -24.75
N SER OA 684 -88.02 90.63 -25.69
CA SER OA 684 -88.47 90.47 -27.08
C SER OA 684 -88.40 89.00 -27.47
N PHE OA 685 -89.42 88.55 -28.19
CA PHE OA 685 -89.47 87.18 -28.70
C PHE OA 685 -89.56 87.21 -30.23
N ILE OA 686 -88.98 86.19 -30.84
CA ILE OA 686 -88.78 86.14 -32.29
C ILE OA 686 -89.59 84.98 -32.87
N LEU OA 687 -90.33 85.27 -33.94
CA LEU OA 687 -90.97 84.25 -34.75
C LEU OA 687 -90.22 84.12 -36.08
N ASP OA 688 -90.34 82.95 -36.70
CA ASP OA 688 -89.60 82.64 -37.92
C ASP OA 688 -90.55 82.34 -39.05
N THR OA 689 -90.28 82.92 -40.22
CA THR OA 689 -91.10 82.67 -41.40
C THR OA 689 -90.90 81.27 -41.96
N ARG OA 690 -89.84 80.57 -41.55
CA ARG OA 690 -89.58 79.23 -42.06
C ARG OA 690 -90.63 78.23 -41.57
N ASN OA 691 -91.13 78.42 -40.36
CA ASN OA 691 -92.09 77.48 -39.78
C ASN OA 691 -93.51 77.70 -40.25
N SER OA 692 -93.82 78.85 -40.86
CA SER OA 692 -95.18 79.16 -41.28
C SER OA 692 -95.14 79.87 -42.62
N THR OA 693 -95.76 79.25 -43.63
CA THR OA 693 -95.88 79.91 -44.94
C THR OA 693 -96.84 81.08 -44.89
N ALA OA 694 -97.87 81.00 -44.06
CA ALA OA 694 -98.83 82.09 -43.94
C ALA OA 694 -98.15 83.36 -43.45
N LEU OA 695 -97.26 83.24 -42.47
CA LEU OA 695 -96.51 84.40 -42.00
C LEU OA 695 -95.62 84.96 -43.10
N ALA OA 696 -95.00 84.08 -43.89
CA ALA OA 696 -94.18 84.53 -45.01
C ALA OA 696 -95.01 85.22 -46.09
N ARG OA 697 -96.31 84.95 -46.16
CA ARG OA 697 -97.17 85.57 -47.15
C ARG OA 697 -97.77 86.88 -46.66
N SER OA 698 -98.33 86.88 -45.46
CA SER OA 698 -98.99 88.06 -44.91
C SER OA 698 -98.07 88.90 -44.03
N LEU OA 699 -96.76 88.90 -44.33
CA LEU OA 699 -95.82 89.69 -43.54
C LEU OA 699 -96.04 91.17 -43.75
N ILE OA 700 -96.51 91.57 -44.93
CA ILE OA 700 -96.79 92.98 -45.18
C ILE OA 700 -98.08 93.40 -44.48
N ASP OA 701 -99.00 92.46 -44.24
CA ASP OA 701 -100.25 92.80 -43.59
C ASP OA 701 -100.04 93.09 -42.11
N VAL OA 702 -99.26 92.25 -41.42
CA VAL OA 702 -98.99 92.50 -40.01
C VAL OA 702 -98.18 93.78 -39.84
N GLN OA 703 -97.26 94.06 -40.77
CA GLN OA 703 -96.53 95.32 -40.72
C GLN OA 703 -97.47 96.51 -40.87
N ASN OA 704 -98.43 96.41 -41.80
CA ASN OA 704 -99.42 97.47 -41.94
C ASN OA 704 -100.31 97.57 -40.71
N ALA OA 705 -100.70 96.42 -40.15
CA ALA OA 705 -101.50 96.42 -38.93
C ALA OA 705 -100.75 97.06 -37.78
N TYR OA 706 -99.44 96.79 -37.68
CA TYR OA 706 -98.62 97.43 -36.66
C TYR OA 706 -98.54 98.94 -36.90
N ASN OA 707 -98.46 99.36 -38.16
CA ASN OA 707 -98.34 100.78 -38.48
C ASN OA 707 -99.55 101.56 -37.98
N ASP OA 708 -100.76 100.99 -38.14
CA ASP OA 708 -101.96 101.62 -37.60
C ASP OA 708 -102.27 101.17 -36.20
N GLY OA 709 -101.41 100.35 -35.59
CA GLY OA 709 -101.58 99.94 -34.20
C GLY OA 709 -102.79 99.07 -33.92
N ASN OA 710 -103.04 98.06 -34.75
CA ASN OA 710 -104.14 97.12 -34.55
C ASN OA 710 -103.68 95.69 -34.78
N LEU OA 711 -102.49 95.36 -34.30
CA LEU OA 711 -101.95 94.01 -34.38
C LEU OA 711 -101.95 93.40 -32.98
N TYR OA 712 -102.73 92.36 -32.79
CA TYR OA 712 -102.94 91.75 -31.48
C TYR OA 712 -102.51 90.29 -31.51
N TRP OA 713 -101.84 89.86 -30.44
CA TRP OA 713 -101.38 88.48 -30.32
C TRP OA 713 -101.71 87.97 -28.93
N CYS OA 714 -101.91 86.66 -28.84
CA CYS OA 714 -102.20 86.01 -27.57
C CYS OA 714 -101.95 84.52 -27.71
N ASN OA 715 -102.12 83.80 -26.59
CA ASN OA 715 -102.05 82.35 -26.65
C ASN OA 715 -103.16 81.80 -27.52
N SER OA 716 -102.83 80.78 -28.31
CA SER OA 716 -103.82 80.20 -29.22
C SER OA 716 -104.94 79.54 -28.42
N PRO OA 717 -106.19 79.97 -28.57
CA PRO OA 717 -107.28 79.31 -27.85
C PRO OA 717 -107.43 77.85 -28.23
N VAL OA 718 -107.15 77.50 -29.48
CA VAL OA 718 -107.17 76.12 -29.94
C VAL OA 718 -105.88 75.89 -30.70
N TRP OA 719 -105.07 74.91 -30.24
CA TRP OA 719 -103.77 74.66 -30.84
C TRP OA 719 -103.75 73.48 -31.81
N MET OA 720 -104.68 72.54 -31.71
CA MET OA 720 -104.74 71.45 -32.66
C MET OA 720 -106.12 70.81 -32.59
N GLU OA 721 -106.69 70.52 -33.77
CA GLU OA 721 -108.07 70.08 -33.89
C GLU OA 721 -108.14 68.56 -34.06
N ASP OA 722 -109.36 68.05 -34.08
CA ASP OA 722 -109.57 66.62 -34.30
C ASP OA 722 -109.23 66.24 -35.73
N MET OA 723 -109.07 64.94 -35.95
CA MET OA 723 -108.66 64.42 -37.24
C MET OA 723 -109.88 63.96 -38.05
N ASP OA 724 -110.00 64.49 -39.26
CA ASP OA 724 -111.03 64.07 -40.20
C ASP OA 724 -110.37 63.69 -41.51
N TYR OA 725 -110.75 62.53 -42.05
CA TYR OA 725 -110.10 61.96 -43.22
C TYR OA 725 -110.86 62.33 -44.49
N GLN OA 726 -110.12 62.50 -45.57
CA GLN OA 726 -110.72 62.75 -46.88
C GLN OA 726 -111.43 61.50 -47.39
N LEU OA 727 -112.45 61.71 -48.22
CA LEU OA 727 -113.19 60.61 -48.83
C LEU OA 727 -112.58 60.29 -50.18
N VAL OA 728 -112.01 59.08 -50.31
CA VAL OA 728 -111.41 58.62 -51.55
C VAL OA 728 -111.97 57.24 -51.87
N TYR OA 729 -112.45 57.07 -53.10
CA TYR OA 729 -113.06 55.82 -53.52
C TYR OA 729 -112.00 54.91 -54.14
N ALA OA 730 -112.09 53.62 -53.82
CA ALA OA 730 -111.18 52.64 -54.38
C ALA OA 730 -111.56 52.30 -55.82
N SER OA 731 -110.68 51.57 -56.49
CA SER OA 731 -110.91 51.22 -57.88
C SER OA 731 -112.08 50.26 -58.01
N GLU OA 732 -112.63 50.19 -59.24
CA GLU OA 732 -113.83 49.39 -59.48
C GLU OA 732 -113.60 47.90 -59.26
N ILE OA 733 -112.35 47.43 -59.31
CA ILE OA 733 -112.09 46.02 -59.08
C ILE OA 733 -112.37 45.65 -57.64
N TYR OA 734 -112.03 46.53 -56.70
CA TYR OA 734 -112.30 46.27 -55.29
C TYR OA 734 -113.78 46.39 -54.95
N GLN OA 735 -114.55 47.13 -55.76
CA GLN OA 735 -115.97 47.36 -55.48
C GLN OA 735 -116.77 46.10 -55.80
N THR OA 736 -116.62 45.11 -54.93
CA THR OA 736 -117.37 43.86 -55.04
C THR OA 736 -118.53 43.81 -54.05
N GLY OA 737 -118.85 44.92 -53.40
CA GLY OA 737 -119.88 44.93 -52.40
C GLY OA 737 -121.26 45.19 -52.96
N THR OA 738 -122.23 45.23 -52.06
CA THR OA 738 -123.63 45.48 -52.42
C THR OA 738 -123.86 46.98 -52.61
N GLU OA 739 -125.13 47.38 -52.67
CA GLU OA 739 -125.45 48.78 -52.93
C GLU OA 739 -124.98 49.68 -51.80
N ASN OA 740 -124.92 49.17 -50.57
CA ASN OA 740 -124.51 49.96 -49.42
C ASN OA 740 -123.06 49.71 -49.01
N GLU OA 741 -122.32 48.92 -49.76
CA GLU OA 741 -120.93 48.60 -49.44
C GLU OA 741 -120.01 49.27 -50.45
N ARG OA 742 -119.13 50.14 -49.97
CA ARG OA 742 -118.10 50.76 -50.79
C ARG OA 742 -116.76 50.56 -50.11
N TRP OA 743 -115.70 50.50 -50.92
CA TRP OA 743 -114.35 50.32 -50.43
C TRP OA 743 -113.60 51.64 -50.49
N ILE OA 744 -113.05 52.06 -49.36
CA ILE OA 744 -112.33 53.33 -49.23
C ILE OA 744 -110.85 53.03 -49.09
N THR OA 745 -110.03 53.60 -49.95
CA THR OA 745 -108.60 53.34 -49.98
C THR OA 745 -107.84 54.52 -49.40
N SER OA 746 -106.68 54.23 -48.83
CA SER OA 746 -105.79 55.28 -48.35
C SER OA 746 -105.20 56.03 -49.53
N SER OA 747 -105.10 57.34 -49.37
CA SER OA 747 -104.63 58.25 -50.42
C SER OA 747 -103.58 59.17 -49.85
N PRO OA 748 -102.71 59.73 -50.71
CA PRO OA 748 -101.75 60.73 -50.20
C PRO OA 748 -102.41 61.90 -49.50
N GLN OA 749 -103.67 62.21 -49.83
CA GLN OA 749 -104.43 63.25 -49.14
C GLN OA 749 -105.28 62.70 -48.00
N SER OA 750 -105.22 61.39 -47.73
CA SER OA 750 -106.03 60.78 -46.69
C SER OA 750 -105.29 59.60 -46.10
N PRO OA 751 -104.56 59.80 -45.01
CA PRO OA 751 -103.85 58.69 -44.37
C PRO OA 751 -104.80 57.66 -43.78
N PHE OA 752 -104.33 56.42 -43.72
CA PHE OA 752 -105.12 55.35 -43.14
C PHE OA 752 -105.31 55.58 -41.64
N PRO OA 753 -106.51 55.31 -41.10
CA PRO OA 753 -106.73 55.52 -39.67
C PRO OA 753 -105.96 54.49 -38.84
N ALA OA 754 -105.18 54.98 -37.88
CA ALA OA 754 -104.32 54.12 -37.07
C ALA OA 754 -105.06 53.44 -35.92
N MET OA 755 -106.37 53.68 -35.78
CA MET OA 755 -107.13 53.12 -34.68
C MET OA 755 -108.43 52.47 -35.14
N ILE OA 756 -108.53 52.12 -36.43
CA ILE OA 756 -109.80 51.63 -36.96
C ILE OA 756 -110.16 50.29 -36.29
N GLU OA 757 -111.47 50.07 -36.13
CA GLU OA 757 -111.97 48.84 -35.56
C GLU OA 757 -113.30 48.49 -36.22
N GLU OA 758 -113.62 47.21 -36.23
CA GLU OA 758 -114.81 46.75 -36.94
C GLU OA 758 -116.08 47.19 -36.24
N ASN OA 759 -117.14 47.36 -37.04
CA ASN OA 759 -118.47 47.76 -36.56
C ASN OA 759 -118.46 49.13 -35.88
N ASP OA 760 -117.46 49.96 -36.17
CA ASP OA 760 -117.41 51.30 -35.61
C ASP OA 760 -118.23 52.27 -36.44
N GLU OA 761 -119.04 53.07 -35.76
CA GLU OA 761 -119.90 54.01 -36.46
C GLU OA 761 -119.10 55.14 -37.09
N ILE OA 762 -119.52 55.57 -38.28
CA ILE OA 762 -118.80 56.55 -39.07
C ILE OA 762 -119.77 57.67 -39.46
N THR OA 763 -119.23 58.86 -39.66
CA THR OA 763 -120.02 60.02 -40.08
C THR OA 763 -119.34 60.68 -41.26
N LEU OA 764 -120.10 60.98 -42.30
CA LEU OA 764 -119.58 61.66 -43.48
C LEU OA 764 -119.97 63.13 -43.43
N ARG OA 816 -115.29 64.47 -46.76
CA ARG OA 816 -114.52 64.21 -45.56
C ARG OA 816 -115.36 63.45 -44.54
N TRP OA 817 -114.71 62.65 -43.69
CA TRP OA 817 -115.41 61.83 -42.72
C TRP OA 817 -114.62 61.76 -41.42
N TYR OA 818 -115.31 61.32 -40.37
CA TYR OA 818 -114.71 61.15 -39.05
C TYR OA 818 -115.52 60.09 -38.31
N PHE OA 819 -115.02 59.71 -37.14
CA PHE OA 819 -115.70 58.72 -36.30
C PHE OA 819 -116.78 59.40 -35.48
N SER OA 820 -118.00 58.87 -35.55
CA SER OA 820 -119.09 59.42 -34.77
C SER OA 820 -118.82 59.31 -33.28
N SER OA 821 -118.39 58.13 -32.83
CA SER OA 821 -117.99 57.94 -31.45
C SER OA 821 -116.62 58.58 -31.24
N GLU OA 822 -116.50 59.41 -30.20
CA GLU OA 822 -115.29 60.17 -29.96
C GLU OA 822 -114.36 59.51 -28.95
N LYS OA 823 -114.64 58.26 -28.57
CA LYS OA 823 -113.80 57.57 -27.58
C LYS OA 823 -112.36 57.46 -28.04
N TYR OA 824 -112.11 57.55 -29.36
CA TYR OA 824 -110.74 57.60 -29.85
C TYR OA 824 -110.07 58.90 -29.44
N ALA OA 825 -110.84 59.97 -29.28
CA ALA OA 825 -110.26 61.27 -28.93
C ALA OA 825 -109.88 61.32 -27.45
N LEU OA 826 -110.69 60.72 -26.57
CA LEU OA 826 -110.35 60.75 -25.15
C LEU OA 826 -109.19 59.81 -24.82
N ALA OA 827 -108.88 58.87 -25.70
CA ALA OA 827 -107.72 58.01 -25.48
C ALA OA 827 -106.44 58.83 -25.50
N ASP OA 828 -105.55 58.54 -24.57
CA ASP OA 828 -104.28 59.25 -24.51
C ASP OA 828 -103.35 58.75 -25.61
N ARG OA 829 -102.83 59.67 -26.41
CA ARG OA 829 -102.01 59.30 -27.55
C ARG OA 829 -100.62 59.93 -27.53
N PHE OA 830 -100.29 60.70 -26.51
CA PHE OA 830 -99.03 61.43 -26.47
C PHE OA 830 -98.15 61.08 -25.29
N SER OA 831 -98.60 60.25 -24.37
CA SER OA 831 -97.83 59.88 -23.20
C SER OA 831 -97.10 58.56 -23.46
N PHE OA 832 -95.78 58.64 -23.65
CA PHE OA 832 -94.92 57.47 -23.82
C PHE OA 832 -95.40 56.60 -25.00
N VAL OA 833 -95.63 57.25 -26.14
CA VAL OA 833 -96.05 56.57 -27.36
C VAL OA 833 -95.06 56.91 -28.46
N VAL OA 834 -94.65 55.90 -29.22
CA VAL OA 834 -93.71 56.06 -30.32
C VAL OA 834 -94.34 55.47 -31.57
N SER OA 835 -94.22 56.17 -32.69
CA SER OA 835 -94.78 55.72 -33.96
C SER OA 835 -93.66 55.28 -34.89
N MET OA 836 -93.81 54.09 -35.46
CA MET OA 836 -92.86 53.57 -36.43
C MET OA 836 -93.55 53.53 -37.80
N VAL OA 837 -92.93 54.18 -38.78
CA VAL OA 837 -93.47 54.28 -40.13
C VAL OA 837 -92.57 53.45 -41.05
N ILE OA 838 -93.14 52.46 -41.72
CA ILE OA 838 -92.39 51.51 -42.51
C ILE OA 838 -92.87 51.57 -43.96
N ASN OA 839 -91.92 51.49 -44.89
CA ASN OA 839 -92.26 51.29 -46.29
C ASN OA 839 -92.91 49.92 -46.47
N SER OA 840 -93.98 49.88 -47.26
CA SER OA 840 -94.70 48.64 -47.50
C SER OA 840 -94.10 47.81 -48.62
N GLN OA 841 -93.04 48.30 -49.27
CA GLN OA 841 -92.37 47.52 -50.30
C GLN OA 841 -91.72 46.27 -49.73
N LEU OA 842 -91.38 46.30 -48.44
CA LEU OA 842 -90.70 45.16 -47.83
C LEU OA 842 -91.56 43.90 -47.87
N VAL OA 843 -92.86 44.03 -47.56
CA VAL OA 843 -93.76 42.88 -47.56
C VAL OA 843 -94.36 42.60 -48.92
N LYS OA 844 -93.95 43.33 -49.96
CA LYS OA 844 -94.44 43.10 -51.31
C LYS OA 844 -93.71 41.89 -51.88
N ASN OA 845 -94.29 40.70 -51.65
CA ASN OA 845 -93.72 39.48 -52.15
C ASN OA 845 -94.82 38.44 -52.28
N ASP OA 846 -94.65 37.54 -53.26
CA ASP OA 846 -95.68 36.55 -53.54
C ASP OA 846 -95.84 35.56 -52.40
N ASP OA 847 -94.74 35.13 -51.79
CA ASP OA 847 -94.76 34.07 -50.79
C ASP OA 847 -94.66 34.59 -49.37
N VAL OA 848 -94.85 35.89 -49.16
CA VAL OA 848 -94.76 36.49 -47.83
C VAL OA 848 -96.16 36.90 -47.38
N ASP OA 849 -96.56 36.38 -46.22
CA ASP OA 849 -97.82 36.78 -45.61
C ASP OA 849 -97.53 37.94 -44.67
N PRO OA 850 -97.97 39.17 -44.99
CA PRO OA 850 -97.55 40.33 -44.18
C PRO OA 850 -98.00 40.24 -42.73
N TYR OA 851 -99.20 39.72 -42.46
CA TYR OA 851 -99.73 39.77 -41.11
C TYR OA 851 -99.05 38.76 -40.20
N LYS OA 852 -98.80 37.54 -40.69
CA LYS OA 852 -98.05 36.57 -39.90
C LYS OA 852 -96.61 37.02 -39.71
N LEU OA 853 -95.99 37.57 -40.76
CA LEU OA 853 -94.63 38.07 -40.64
C LEU OA 853 -94.55 39.23 -39.66
N GLU OA 854 -95.54 40.13 -39.69
CA GLU OA 854 -95.56 41.25 -38.76
C GLU OA 854 -95.66 40.78 -37.32
N SER OA 855 -96.49 39.75 -37.07
CA SER OA 855 -96.63 39.23 -35.72
C SER OA 855 -95.32 38.65 -35.21
N TRP OA 856 -94.59 37.93 -36.07
CA TRP OA 856 -93.31 37.36 -35.66
C TRP OA 856 -92.30 38.45 -35.33
N ALA OA 857 -92.26 39.52 -36.14
CA ALA OA 857 -91.30 40.59 -35.92
C ALA OA 857 -91.55 41.28 -34.58
N LYS OA 858 -92.82 41.48 -34.21
CA LYS OA 858 -93.12 42.08 -32.92
C LYS OA 858 -92.67 41.18 -31.78
N THR OA 859 -92.83 39.87 -31.93
CA THR OA 859 -92.37 38.95 -30.90
C THR OA 859 -90.86 39.02 -30.71
N GLU OA 860 -90.11 39.08 -31.81
CA GLU OA 860 -88.66 39.18 -31.71
C GLU OA 860 -88.22 40.47 -31.06
N ILE OA 861 -88.86 41.59 -31.42
CA ILE OA 861 -88.46 42.89 -30.92
C ILE OA 861 -88.81 43.07 -29.45
N LEU OA 862 -89.87 42.40 -28.98
CA LEU OA 862 -90.45 42.69 -27.66
C LEU OA 862 -89.45 42.55 -26.53
N ALA OA 863 -88.51 41.60 -26.64
CA ALA OA 863 -87.61 41.33 -25.53
C ALA OA 863 -86.76 42.55 -25.18
N GLU OA 864 -86.25 43.26 -26.17
CA GLU OA 864 -85.39 44.41 -25.95
C GLU OA 864 -86.13 45.74 -25.99
N PHE OA 865 -87.45 45.72 -26.14
CA PHE OA 865 -88.21 46.96 -26.19
C PHE OA 865 -88.33 47.57 -24.78
N PRO OA 866 -88.35 48.90 -24.68
CA PRO OA 866 -88.55 49.52 -23.37
C PRO OA 866 -89.89 49.12 -22.75
N ALA OA 867 -89.87 48.98 -21.42
CA ALA OA 867 -91.03 48.43 -20.72
C ALA OA 867 -92.20 49.40 -20.70
N HIS OA 868 -91.92 50.71 -20.56
CA HIS OA 868 -92.97 51.71 -20.37
C HIS OA 868 -93.30 52.44 -21.66
N LEU OA 869 -93.26 51.75 -22.80
CA LEU OA 869 -93.52 52.39 -24.08
C LEU OA 869 -94.55 51.58 -24.86
N SER OA 870 -95.26 52.28 -25.75
CA SER OA 870 -96.18 51.67 -26.69
C SER OA 870 -95.84 52.14 -28.08
N MET OA 871 -96.11 51.29 -29.07
CA MET OA 871 -95.72 51.58 -30.44
C MET OA 871 -96.92 51.46 -31.37
N ILE OA 872 -96.92 52.26 -32.43
CA ILE OA 872 -97.98 52.27 -33.43
C ILE OA 872 -97.35 52.01 -34.79
N ILE OA 873 -97.93 51.08 -35.54
CA ILE OA 873 -97.40 50.66 -36.83
C ILE OA 873 -98.15 51.38 -37.94
N HIS OA 874 -97.41 52.04 -38.83
CA HIS OA 874 -97.97 52.75 -39.97
C HIS OA 874 -97.37 52.15 -41.24
N TRP OA 875 -98.19 51.47 -42.02
CA TRP OA 875 -97.78 50.95 -43.33
C TRP OA 875 -98.03 52.02 -44.39
N LEU OA 876 -96.99 52.38 -45.12
CA LEU OA 876 -97.07 53.40 -46.16
C LEU OA 876 -96.62 52.82 -47.50
N SER OA 877 -97.32 53.18 -48.56
CA SER OA 877 -96.94 52.75 -49.89
C SER OA 877 -95.62 53.40 -50.29
N PRO OA 878 -94.90 52.80 -51.24
CA PRO OA 878 -93.60 53.37 -51.64
C PRO OA 878 -93.67 54.78 -52.18
N GLU OA 879 -94.86 55.30 -52.49
CA GLU OA 879 -95.00 56.64 -53.07
C GLU OA 879 -95.13 57.71 -51.99
N ASP OA 880 -96.16 57.60 -51.14
CA ASP OA 880 -96.34 58.57 -50.07
C ASP OA 880 -95.27 58.48 -49.01
N PHE OA 881 -94.55 57.36 -48.93
CA PHE OA 881 -93.44 57.25 -47.98
C PHE OA 881 -92.35 58.26 -48.28
N LYS OA 882 -92.10 58.52 -49.57
CA LYS OA 882 -91.09 59.51 -49.94
C LYS OA 882 -91.48 60.91 -49.47
N ASP OA 883 -92.77 61.26 -49.59
CA ASP OA 883 -93.22 62.57 -49.14
C ASP OA 883 -93.07 62.71 -47.62
N PHE OA 884 -93.38 61.65 -46.88
CA PHE OA 884 -93.20 61.69 -45.43
C PHE OA 884 -91.73 61.84 -45.07
N VAL OA 885 -90.86 61.14 -45.78
CA VAL OA 885 -89.42 61.22 -45.50
C VAL OA 885 -88.92 62.63 -45.76
N SER OA 886 -89.32 63.23 -46.88
CA SER OA 886 -88.88 64.57 -47.20
C SER OA 886 -89.39 65.59 -46.18
N THR OA 887 -90.64 65.43 -45.74
CA THR OA 887 -91.19 66.35 -44.73
C THR OA 887 -90.50 66.16 -43.39
N TYR OA 888 -90.34 64.90 -42.95
CA TYR OA 888 -89.75 64.65 -41.65
C TYR OA 888 -88.29 65.09 -41.61
N GLN OA 889 -87.54 64.85 -42.68
CA GLN OA 889 -86.15 65.27 -42.71
C GLN OA 889 -86.02 66.78 -42.64
N ARG OA 890 -86.87 67.50 -43.39
CA ARG OA 890 -86.85 68.95 -43.34
C ARG OA 890 -87.28 69.46 -41.96
N TRP OA 891 -88.26 68.80 -41.36
CA TRP OA 891 -88.73 69.21 -40.03
C TRP OA 891 -87.63 69.05 -38.99
N GLN OA 892 -86.91 67.92 -39.04
CA GLN OA 892 -85.84 67.70 -38.06
C GLN OA 892 -84.63 68.58 -38.33
N ASN OA 893 -84.36 68.89 -39.59
CA ASN OA 893 -83.24 69.76 -39.93
C ASN OA 893 -83.44 71.15 -39.33
N ASN OA 894 -84.67 71.65 -39.38
CA ASN OA 894 -84.98 72.97 -38.84
C ASN OA 894 -84.88 73.04 -37.33
N GLY OA 895 -84.77 71.91 -36.65
CA GLY OA 895 -84.71 71.88 -35.20
C GLY OA 895 -85.99 71.37 -34.58
N ALA OA 896 -86.71 70.54 -35.33
CA ALA OA 896 -88.01 70.03 -34.94
C ALA OA 896 -88.95 71.13 -34.44
N PRO OA 897 -89.23 72.14 -35.27
CA PRO OA 897 -90.12 73.22 -34.83
C PRO OA 897 -91.58 72.95 -35.19
N LEU OA 898 -92.46 73.41 -34.32
CA LEU OA 898 -93.89 73.33 -34.58
C LEU OA 898 -94.25 74.25 -35.73
N GLY OA 899 -94.97 73.71 -36.72
CA GLY OA 899 -95.31 74.49 -37.89
C GLY OA 899 -95.92 73.60 -38.96
N ASP OA 900 -95.86 74.09 -40.20
CA ASP OA 900 -96.49 73.37 -41.31
C ASP OA 900 -95.94 71.96 -41.44
N GLU OA 901 -94.61 71.81 -41.37
CA GLU OA 901 -94.02 70.47 -41.44
C GLU OA 901 -94.44 69.63 -40.24
N ALA OA 902 -94.42 70.22 -39.04
CA ALA OA 902 -94.85 69.49 -37.86
C ALA OA 902 -96.34 69.14 -37.92
N TYR OA 903 -97.16 70.09 -38.36
CA TYR OA 903 -98.60 69.82 -38.44
C TYR OA 903 -98.93 68.86 -39.57
N HIS OA 904 -98.16 68.90 -40.66
CA HIS OA 904 -98.32 67.88 -41.71
C HIS OA 904 -97.91 66.51 -41.18
N VAL OA 905 -96.86 66.45 -40.37
CA VAL OA 905 -96.44 65.18 -39.76
C VAL OA 905 -97.55 64.66 -38.84
N LEU OA 906 -98.16 65.55 -38.06
CA LEU OA 906 -99.25 65.14 -37.18
C LEU OA 906 -100.42 64.58 -37.97
N GLU OA 907 -100.75 65.20 -39.10
CA GLU OA 907 -101.88 64.74 -39.90
C GLU OA 907 -101.62 63.36 -40.48
N THR OA 908 -100.38 63.11 -40.94
CA THR OA 908 -100.07 61.83 -41.54
C THR OA 908 -100.23 60.67 -40.56
N LEU OA 909 -100.08 60.95 -39.26
CA LEU OA 909 -100.30 59.93 -38.24
C LEU OA 909 -101.76 59.92 -37.79
N ASP PA 5 -47.98 -19.95 -37.76
CA ASP PA 5 -48.41 -21.17 -38.44
C ASP PA 5 -47.22 -22.05 -38.79
N ALA PA 6 -46.04 -21.67 -38.31
CA ALA PA 6 -44.82 -22.41 -38.56
C ALA PA 6 -44.31 -22.99 -37.25
N LEU PA 7 -43.88 -24.25 -37.29
CA LEU PA 7 -43.37 -24.92 -36.10
C LEU PA 7 -41.90 -24.62 -35.83
N PHE PA 8 -41.20 -23.97 -36.77
CA PHE PA 8 -39.78 -23.73 -36.60
C PHE PA 8 -39.43 -22.93 -35.36
N PRO PA 9 -40.10 -21.81 -35.03
CA PRO PA 9 -39.74 -21.10 -33.80
C PRO PA 9 -39.95 -21.91 -32.53
N ILE PA 10 -40.76 -22.96 -32.59
CA ILE PA 10 -41.01 -23.79 -31.40
C ILE PA 10 -40.02 -24.92 -31.28
N VAL PA 11 -39.67 -25.56 -32.40
CA VAL PA 11 -38.92 -26.81 -32.39
C VAL PA 11 -37.51 -26.63 -32.94
N LYS PA 12 -37.02 -25.40 -33.07
CA LYS PA 12 -35.72 -25.18 -33.71
C LYS PA 12 -34.57 -25.77 -32.92
N ASP PA 13 -34.78 -26.15 -31.66
CA ASP PA 13 -33.73 -26.78 -30.88
C ASP PA 13 -33.77 -28.31 -30.94
N ASP PA 14 -34.95 -28.89 -31.17
CA ASP PA 14 -35.08 -30.33 -31.30
C ASP PA 14 -34.78 -30.82 -32.71
N ILE PA 15 -34.68 -29.92 -33.69
CA ILE PA 15 -34.36 -30.30 -35.07
C ILE PA 15 -32.86 -30.27 -35.34
N ALA PA 16 -32.08 -29.62 -34.48
CA ALA PA 16 -30.66 -29.42 -34.74
C ALA PA 16 -29.93 -30.76 -34.84
N PHE PA 17 -28.83 -30.75 -35.60
CA PHE PA 17 -28.08 -31.97 -35.86
C PHE PA 17 -27.49 -32.54 -34.58
N GLU PA 18 -27.00 -31.70 -33.69
CA GLU PA 18 -26.37 -32.19 -32.47
C GLU PA 18 -27.38 -32.89 -31.56
N THR PA 19 -28.61 -32.37 -31.48
CA THR PA 19 -29.62 -32.99 -30.63
C THR PA 19 -29.96 -34.40 -31.12
N LEU PA 20 -30.10 -34.56 -32.43
CA LEU PA 20 -30.44 -35.88 -32.97
C LEU PA 20 -29.27 -36.85 -32.85
N LEU PA 21 -28.04 -36.36 -33.01
CA LEU PA 21 -26.87 -37.23 -32.90
C LEU PA 21 -26.73 -37.78 -31.49
N THR PA 22 -27.06 -36.97 -30.48
CA THR PA 22 -27.00 -37.44 -29.11
C THR PA 22 -27.96 -38.60 -28.87
N GLN PA 23 -29.18 -38.50 -29.43
CA GLN PA 23 -30.14 -39.59 -29.31
C GLN PA 23 -29.64 -40.85 -30.00
N ALA PA 24 -29.04 -40.70 -31.18
CA ALA PA 24 -28.55 -41.86 -31.92
C ALA PA 24 -27.43 -42.56 -31.18
N LYS PA 25 -26.52 -41.80 -30.57
CA LYS PA 25 -25.42 -42.41 -29.82
C LYS PA 25 -25.93 -43.13 -28.58
N THR PA 26 -27.00 -42.61 -27.98
CA THR PA 26 -27.58 -43.26 -26.80
C THR PA 26 -28.10 -44.65 -27.14
N VAL PA 27 -28.76 -44.79 -28.29
CA VAL PA 27 -29.28 -46.09 -28.71
C VAL PA 27 -28.13 -47.06 -28.97
N ILE PA 28 -27.06 -46.57 -29.60
CA ILE PA 28 -25.91 -47.44 -29.88
C ILE PA 28 -25.29 -47.94 -28.59
N GLU PA 29 -25.18 -47.07 -27.59
CA GLU PA 29 -24.64 -47.48 -26.30
C GLU PA 29 -25.52 -48.57 -25.68
N GLN PA 30 -26.83 -48.33 -25.63
CA GLN PA 30 -27.74 -49.26 -24.98
C GLN PA 30 -27.74 -50.63 -25.66
N GLN PA 31 -27.75 -50.65 -26.98
CA GLN PA 31 -27.90 -51.90 -27.71
C GLN PA 31 -26.59 -52.63 -27.95
N SER PA 32 -25.50 -51.90 -28.23
CA SER PA 32 -24.25 -52.52 -28.63
C SER PA 32 -23.07 -51.81 -27.96
N GLY PA 33 -23.18 -51.58 -26.65
CA GLY PA 33 -22.14 -50.87 -25.95
C GLY PA 33 -20.87 -51.67 -25.77
N GLN PA 34 -20.96 -53.00 -25.75
CA GLN PA 34 -19.80 -53.85 -25.54
C GLN PA 34 -19.11 -54.25 -26.84
N LEU PA 35 -19.68 -53.90 -27.99
CA LEU PA 35 -19.08 -54.21 -29.28
C LEU PA 35 -18.73 -52.97 -30.11
N TRP PA 36 -19.37 -51.84 -29.85
CA TRP PA 36 -19.14 -50.60 -30.57
C TRP PA 36 -18.90 -49.52 -29.52
N SER PA 37 -17.65 -49.40 -29.07
CA SER PA 37 -17.32 -48.47 -28.00
C SER PA 37 -16.63 -47.20 -28.49
N ASN PA 38 -16.01 -47.23 -29.66
CA ASN PA 38 -15.37 -46.06 -30.24
C ASN PA 38 -16.39 -45.31 -31.08
N THR PA 39 -16.87 -44.18 -30.57
CA THR PA 39 -17.88 -43.36 -31.24
C THR PA 39 -17.41 -41.93 -31.37
N GLU PA 40 -16.16 -41.74 -31.78
CA GLU PA 40 -15.60 -40.42 -31.97
C GLU PA 40 -15.73 -40.01 -33.43
N GLU PA 41 -15.08 -38.90 -33.79
CA GLU PA 41 -15.21 -38.38 -35.14
C GLU PA 41 -14.59 -39.30 -36.18
N ASN PA 42 -13.66 -40.17 -35.76
CA ASN PA 42 -12.90 -40.99 -36.69
C ASN PA 42 -13.55 -42.32 -37.02
N ASP PA 43 -14.55 -42.75 -36.26
CA ASP PA 43 -15.14 -44.07 -36.48
C ASP PA 43 -15.90 -44.09 -37.80
N PRO PA 44 -15.58 -45.00 -38.73
CA PRO PA 44 -16.30 -45.03 -40.00
C PRO PA 44 -17.80 -45.26 -39.85
N GLY PA 45 -18.21 -46.01 -38.82
CA GLY PA 45 -19.64 -46.19 -38.58
C GLY PA 45 -20.33 -44.90 -38.21
N ILE PA 46 -19.65 -44.05 -37.44
CA ILE PA 46 -20.25 -42.78 -37.01
C ILE PA 46 -20.39 -41.83 -38.19
N THR PA 47 -19.38 -41.79 -39.07
CA THR PA 47 -19.45 -40.89 -40.22
C THR PA 47 -20.64 -41.21 -41.12
N LEU PA 48 -20.89 -42.50 -41.36
CA LEU PA 48 -22.09 -42.88 -42.10
C LEU PA 48 -23.35 -42.48 -41.34
N LEU PA 49 -23.36 -42.72 -40.03
CA LEU PA 49 -24.50 -42.31 -39.21
C LEU PA 49 -24.63 -40.79 -39.15
N GLU PA 50 -23.51 -40.08 -39.06
CA GLU PA 50 -23.56 -38.62 -39.00
C GLU PA 50 -24.15 -38.03 -40.27
N ALA PA 51 -23.82 -38.61 -41.42
CA ALA PA 51 -24.43 -38.16 -42.67
C ALA PA 51 -25.94 -38.38 -42.65
N CYS PA 52 -26.37 -39.57 -42.23
CA CYS PA 52 -27.80 -39.84 -42.12
C CYS PA 52 -28.46 -38.94 -41.09
N CYS PA 53 -27.73 -38.59 -40.02
CA CYS PA 53 -28.26 -37.67 -39.03
C CYS PA 53 -28.53 -36.30 -39.64
N TYR PA 54 -27.62 -35.84 -40.51
CA TYR PA 54 -27.86 -34.58 -41.22
C TYR PA 54 -29.08 -34.67 -42.11
N GLY PA 55 -29.25 -35.80 -42.80
CA GLY PA 55 -30.45 -35.98 -43.61
C GLY PA 55 -31.72 -36.01 -42.78
N ALA PA 56 -31.66 -36.63 -41.60
CA ALA PA 56 -32.81 -36.64 -40.71
C ALA PA 56 -33.14 -35.23 -40.24
N SER PA 57 -32.12 -34.44 -39.92
CA SER PA 57 -32.35 -33.05 -39.55
C SER PA 57 -32.93 -32.25 -40.71
N ASP PA 58 -32.44 -32.51 -41.92
CA ASP PA 58 -32.98 -31.83 -43.09
C ASP PA 58 -34.45 -32.18 -43.32
N LEU PA 59 -34.79 -33.46 -43.15
CA LEU PA 59 -36.18 -33.88 -43.31
C LEU PA 59 -37.08 -33.22 -42.28
N ALA PA 60 -36.60 -33.12 -41.04
CA ALA PA 60 -37.41 -32.48 -39.99
C ALA PA 60 -37.58 -31.00 -40.24
N TYR PA 61 -36.57 -30.35 -40.82
CA TYR PA 61 -36.67 -28.92 -41.11
C TYR PA 61 -37.77 -28.63 -42.11
N ARG PA 62 -37.97 -29.54 -43.08
CA ARG PA 62 -39.01 -29.34 -44.09
C ARG PA 62 -40.39 -29.31 -43.45
N HIS PA 63 -40.62 -30.17 -42.45
CA HIS PA 63 -41.91 -30.24 -41.80
C HIS PA 63 -42.21 -28.99 -40.96
N SER PA 64 -41.18 -28.23 -40.58
CA SER PA 64 -41.35 -27.07 -39.71
C SER PA 64 -41.57 -25.78 -40.48
N LEU PA 65 -41.97 -25.87 -41.74
CA LEU PA 65 -42.25 -24.72 -42.58
C LEU PA 65 -43.66 -24.22 -42.31
N PRO PA 66 -44.01 -23.02 -42.80
CA PRO PA 66 -45.37 -22.52 -42.58
C PRO PA 66 -46.43 -23.46 -43.14
N LEU PA 67 -47.54 -23.55 -42.41
CA LEU PA 67 -48.60 -24.50 -42.77
C LEU PA 67 -49.22 -24.17 -44.12
N ARG PA 68 -49.47 -22.89 -44.38
CA ARG PA 68 -50.12 -22.52 -45.64
C ARG PA 68 -49.23 -22.79 -46.84
N ASP PA 69 -47.91 -22.72 -46.66
CA ASP PA 69 -47.00 -23.00 -47.76
C ASP PA 69 -46.97 -24.48 -48.10
N LEU PA 70 -47.04 -25.34 -47.08
CA LEU PA 70 -47.00 -26.78 -47.32
C LEU PA 70 -48.30 -27.30 -47.94
N LEU PA 71 -49.39 -26.55 -47.82
CA LEU PA 71 -50.66 -26.93 -48.41
C LEU PA 71 -50.85 -26.39 -49.83
N THR PA 72 -49.82 -25.77 -50.40
CA THR PA 72 -49.92 -25.18 -51.72
C THR PA 72 -49.21 -26.06 -52.73
N PRO PA 73 -49.90 -26.60 -53.73
CA PRO PA 73 -49.21 -27.40 -54.76
C PRO PA 73 -48.46 -26.53 -55.75
N GLU PA 74 -47.94 -27.15 -56.81
CA GLU PA 74 -47.16 -26.43 -57.80
C GLU PA 74 -48.00 -25.37 -58.51
N LYS PA 75 -47.30 -24.44 -59.16
CA LYS PA 75 -47.98 -23.34 -59.84
C LYS PA 75 -48.87 -23.85 -60.97
N GLN PA 76 -48.39 -24.86 -61.71
CA GLN PA 76 -49.13 -25.39 -62.84
C GLN PA 76 -50.40 -26.14 -62.43
N GLU PA 77 -50.58 -26.41 -61.14
CA GLU PA 77 -51.74 -27.13 -60.66
C GLU PA 77 -52.79 -26.22 -60.03
N GLN PA 78 -52.35 -25.14 -59.36
CA GLN PA 78 -53.25 -24.27 -58.61
C GLN PA 78 -54.41 -23.79 -59.47
N THR PA 79 -55.62 -24.21 -59.09
CA THR PA 79 -56.81 -23.89 -59.86
C THR PA 79 -57.17 -22.41 -59.73
N LEU PA 80 -57.65 -21.84 -60.83
CA LEU PA 80 -58.06 -20.43 -60.82
C LEU PA 80 -59.27 -20.23 -59.93
N GLY PA 81 -59.24 -19.13 -59.16
CA GLY PA 81 -60.35 -18.77 -58.31
C GLY PA 81 -60.47 -19.54 -57.02
N ASP PA 82 -59.45 -20.31 -56.64
CA ASP PA 82 -59.47 -21.10 -55.42
C ASP PA 82 -58.32 -20.66 -54.51
N GLY PA 83 -58.19 -21.35 -53.39
CA GLY PA 83 -57.12 -21.09 -52.45
C GLY PA 83 -56.72 -22.38 -51.77
N ILE PA 84 -56.34 -22.28 -50.49
CA ILE PA 84 -55.99 -23.48 -49.74
C ILE PA 84 -57.17 -24.44 -49.69
N PHE PA 85 -58.37 -23.90 -49.55
CA PHE PA 85 -59.62 -24.63 -49.72
C PHE PA 85 -60.37 -24.06 -50.91
N PRO PA 86 -61.10 -24.90 -51.65
CA PRO PA 86 -61.81 -24.41 -52.84
C PRO PA 86 -62.87 -23.37 -52.47
N GLN PA 87 -63.28 -22.61 -53.48
CA GLN PA 87 -64.14 -21.45 -53.25
C GLN PA 87 -65.47 -21.86 -52.63
N GLU PA 88 -66.03 -22.99 -53.05
CA GLU PA 88 -67.34 -23.42 -52.58
C GLU PA 88 -67.34 -23.80 -51.10
N PHE PA 89 -66.17 -23.93 -50.47
CA PHE PA 89 -66.09 -24.29 -49.06
C PHE PA 89 -65.98 -23.08 -48.15
N GLY PA 90 -66.17 -21.87 -48.67
CA GLY PA 90 -66.10 -20.67 -47.87
C GLY PA 90 -67.31 -20.53 -46.96
N PRO PA 91 -67.26 -19.54 -46.07
CA PRO PA 91 -68.39 -19.34 -45.14
C PRO PA 91 -69.70 -19.02 -45.84
N GLN PA 92 -69.65 -18.34 -46.99
CA GLN PA 92 -70.87 -17.96 -47.69
C GLN PA 92 -71.61 -19.17 -48.27
N GLN PA 93 -70.97 -20.34 -48.34
CA GLN PA 93 -71.62 -21.54 -48.82
C GLN PA 93 -71.71 -22.66 -47.80
N MET PA 94 -70.90 -22.61 -46.74
CA MET PA 94 -70.88 -23.68 -45.74
C MET PA 94 -71.70 -23.38 -44.50
N LEU PA 95 -71.93 -22.10 -44.19
CA LEU PA 95 -72.73 -21.75 -43.03
C LEU PA 95 -74.15 -21.33 -43.38
N THR PA 96 -74.40 -21.03 -44.66
CA THR PA 96 -75.73 -20.63 -45.11
C THR PA 96 -76.49 -21.86 -45.61
N CYS PA 97 -77.72 -21.63 -46.07
CA CYS PA 97 -78.53 -22.70 -46.61
C CYS PA 97 -79.56 -22.12 -47.57
N GLY PA 98 -80.03 -22.95 -48.48
CA GLY PA 98 -81.04 -22.55 -49.43
C GLY PA 98 -82.34 -22.20 -48.75
N PRO PA 99 -83.17 -21.38 -49.40
CA PRO PA 99 -84.41 -20.92 -48.77
C PRO PA 99 -85.34 -22.09 -48.46
N ILE PA 100 -85.58 -22.29 -47.17
CA ILE PA 100 -86.49 -23.34 -46.69
C ILE PA 100 -87.74 -22.73 -46.08
N THR PA 101 -87.58 -21.77 -45.18
CA THR PA 101 -88.70 -21.14 -44.51
C THR PA 101 -89.31 -20.07 -45.39
N ALA PA 102 -90.54 -19.67 -45.05
CA ALA PA 102 -91.17 -18.55 -45.74
C ALA PA 102 -90.37 -17.27 -45.55
N GLU PA 103 -89.78 -17.08 -44.36
CA GLU PA 103 -88.95 -15.92 -44.12
C GLU PA 103 -87.69 -15.95 -44.97
N ASP PA 104 -87.15 -17.15 -45.21
CA ASP PA 104 -85.96 -17.27 -46.07
C ASP PA 104 -86.28 -16.81 -47.48
N TYR PA 105 -87.47 -17.14 -47.99
CA TYR PA 105 -87.85 -16.69 -49.32
C TYR PA 105 -88.00 -15.17 -49.36
N ARG PA 106 -88.41 -14.57 -48.25
CA ARG PA 106 -88.41 -13.10 -48.16
C ARG PA 106 -87.01 -12.55 -48.34
N ARG PA 107 -86.03 -13.13 -47.63
CA ARG PA 107 -84.67 -12.63 -47.71
C ARG PA 107 -84.08 -12.84 -49.11
N ALA PA 108 -84.33 -14.01 -49.70
CA ALA PA 108 -83.75 -14.30 -51.01
C ALA PA 108 -84.36 -13.44 -52.11
N LEU PA 109 -85.68 -13.20 -52.03
CA LEU PA 109 -86.33 -12.40 -53.06
C LEU PA 109 -86.02 -10.91 -52.92
N LEU PA 110 -85.81 -10.43 -51.70
CA LEU PA 110 -85.47 -9.04 -51.49
C LEU PA 110 -84.04 -8.70 -51.93
N ASP PA 111 -83.20 -9.71 -52.18
CA ASP PA 111 -81.83 -9.48 -52.59
C ASP PA 111 -81.68 -9.25 -54.09
N LEU PA 112 -82.74 -9.48 -54.88
CA LEU PA 112 -82.65 -9.32 -56.31
C LEU PA 112 -82.35 -7.87 -56.68
N HIS PA 113 -81.47 -7.69 -57.65
CA HIS PA 113 -81.03 -6.37 -58.07
C HIS PA 113 -81.07 -6.28 -59.59
N SER PA 114 -81.29 -5.06 -60.10
CA SER PA 114 -81.34 -4.85 -61.54
C SER PA 114 -80.00 -5.05 -62.21
N SER PA 115 -78.90 -4.94 -61.47
CA SER PA 115 -77.56 -5.07 -62.01
C SER PA 115 -76.94 -6.45 -61.75
N ASP PA 116 -77.74 -7.41 -61.30
CA ASP PA 116 -77.20 -8.73 -60.99
C ASP PA 116 -76.63 -9.40 -62.24
N THR PA 117 -77.36 -9.33 -63.35
CA THR PA 117 -76.93 -9.91 -64.61
C THR PA 117 -76.79 -8.81 -65.66
N ASP PA 118 -76.57 -9.22 -66.91
CA ASP PA 118 -76.58 -8.27 -68.01
C ASP PA 118 -77.97 -7.66 -68.13
N ASN PA 119 -78.02 -6.35 -68.37
CA ASN PA 119 -79.25 -5.59 -68.26
C ASN PA 119 -79.53 -4.79 -69.53
N GLU PA 120 -80.81 -4.44 -69.70
CA GLU PA 120 -81.21 -3.63 -70.86
C GLU PA 120 -81.14 -2.14 -70.54
N THR PA 121 -81.34 -1.76 -69.29
CA THR PA 121 -81.28 -0.37 -68.86
C THR PA 121 -80.30 -0.23 -67.71
N SER PA 122 -79.70 0.96 -67.61
CA SER PA 122 -78.58 1.19 -66.69
C SER PA 122 -79.04 1.81 -65.37
N GLU PA 123 -80.21 1.40 -64.88
CA GLU PA 123 -80.75 1.87 -63.61
C GLU PA 123 -80.50 0.82 -62.54
N ASP PA 124 -79.89 1.24 -61.44
CA ASP PA 124 -79.56 0.35 -60.32
C ASP PA 124 -80.63 0.48 -59.26
N TYR PA 125 -81.37 -0.60 -59.03
CA TYR PA 125 -82.45 -0.59 -58.05
C TYR PA 125 -82.77 -2.01 -57.65
N PHE PA 126 -83.41 -2.14 -56.49
CA PHE PA 126 -83.92 -3.43 -56.03
C PHE PA 126 -85.35 -3.62 -56.52
N PHE PA 127 -85.65 -4.83 -56.98
CA PHE PA 127 -86.92 -5.08 -57.66
C PHE PA 127 -88.11 -4.86 -56.73
N PHE PA 128 -88.09 -5.49 -55.57
CA PHE PA 128 -89.23 -5.50 -54.66
C PHE PA 128 -88.90 -4.78 -53.37
N ASN PA 129 -89.85 -3.95 -52.90
CA ASN PA 129 -89.75 -3.37 -51.57
C ASN PA 129 -90.12 -4.37 -50.49
N ASP PA 130 -91.06 -5.27 -50.77
CA ASP PA 130 -91.48 -6.28 -49.81
C ASP PA 130 -92.16 -7.42 -50.55
N VAL PA 131 -92.03 -8.63 -50.00
CA VAL PA 131 -92.71 -9.81 -50.52
C VAL PA 131 -93.29 -10.58 -49.34
N ARG PA 132 -94.21 -11.49 -49.65
CA ARG PA 132 -94.81 -12.33 -48.62
C ARG PA 132 -95.21 -13.65 -49.25
N LEU PA 133 -94.65 -14.74 -48.73
CA LEU PA 133 -94.97 -16.09 -49.18
C LEU PA 133 -95.89 -16.76 -48.18
N ILE PA 134 -97.02 -17.27 -48.65
CA ILE PA 134 -97.99 -17.96 -47.81
C ILE PA 134 -98.40 -19.26 -48.50
N CYS PA 135 -98.89 -20.19 -47.70
CA CYS PA 135 -99.47 -21.40 -48.24
C CYS PA 135 -100.75 -21.08 -49.00
N GLU PA 136 -101.09 -21.94 -49.94
CA GLU PA 136 -102.30 -21.73 -50.73
C GLU PA 136 -103.52 -21.76 -49.81
N PRO PA 137 -104.38 -20.74 -49.87
CA PRO PA 137 -105.52 -20.69 -48.95
C PRO PA 137 -106.45 -21.88 -49.14
N GLU PA 138 -107.11 -22.27 -48.04
CA GLU PA 138 -107.98 -23.44 -48.07
C GLU PA 138 -109.11 -23.26 -49.08
N SER PA 139 -109.62 -22.04 -49.22
CA SER PA 139 -110.71 -21.79 -50.15
C SER PA 139 -110.29 -22.06 -51.59
N GLU PA 140 -109.08 -21.65 -51.96
CA GLU PA 140 -108.57 -21.82 -53.31
C GLU PA 140 -107.65 -23.03 -53.44
N ARG PA 141 -107.89 -24.06 -52.63
CA ARG PA 141 -107.03 -25.24 -52.65
C ARG PA 141 -107.17 -25.99 -53.97
N TYR PA 142 -106.08 -26.65 -54.37
CA TYR PA 142 -106.04 -27.43 -55.61
C TYR PA 142 -106.90 -28.67 -55.43
N LYS PA 143 -108.12 -28.62 -55.96
CA LYS PA 143 -109.07 -29.71 -55.84
C LYS PA 143 -109.31 -30.38 -57.18
N TYR PA 144 -109.53 -31.69 -57.13
CA TYR PA 144 -109.90 -32.46 -58.30
C TYR PA 144 -110.76 -33.64 -57.86
N TRP PA 145 -111.55 -34.16 -58.79
CA TRP PA 145 -112.62 -35.09 -58.46
C TRP PA 145 -112.42 -36.42 -59.18
N TYR PA 146 -112.73 -37.51 -58.49
CA TYR PA 146 -112.68 -38.86 -59.02
C TYR PA 146 -114.09 -39.39 -59.19
N ASN PA 147 -114.38 -39.94 -60.36
CA ASN PA 147 -115.70 -40.50 -60.65
C ASN PA 147 -115.74 -41.94 -60.15
N LYS PA 148 -116.72 -42.23 -59.29
CA LYS PA 148 -116.80 -43.55 -58.67
C LYS PA 148 -117.02 -44.64 -59.72
N GLU PA 149 -117.90 -44.40 -60.68
CA GLU PA 149 -118.24 -45.40 -61.69
C GLU PA 149 -117.39 -45.28 -62.94
N SER PA 150 -117.21 -44.07 -63.46
CA SER PA 150 -116.47 -43.87 -64.70
C SER PA 150 -114.99 -44.20 -64.55
N ARG PA 151 -114.46 -44.20 -63.32
CA ARG PA 151 -113.06 -44.51 -63.06
C ARG PA 151 -112.14 -43.54 -63.80
N GLU PA 152 -112.30 -42.25 -63.51
CA GLU PA 152 -111.50 -41.22 -64.14
C GLU PA 152 -111.48 -40.00 -63.22
N TYR PA 153 -110.56 -39.08 -63.52
CA TYR PA 153 -110.32 -37.91 -62.71
C TYR PA 153 -110.59 -36.65 -63.51
N SER PA 154 -111.26 -35.69 -62.88
CA SER PA 154 -111.68 -34.46 -63.56
C SER PA 154 -111.59 -33.29 -62.60
N PHE PA 155 -111.47 -32.10 -63.18
CA PHE PA 155 -111.45 -30.86 -62.41
C PHE PA 155 -112.83 -30.25 -62.26
N ILE PA 156 -113.86 -30.86 -62.83
CA ILE PA 156 -115.22 -30.31 -62.83
C ILE PA 156 -116.09 -31.21 -61.97
N GLN PA 157 -116.82 -30.60 -61.03
CA GLN PA 157 -117.70 -31.35 -60.15
C GLN PA 157 -119.04 -31.61 -60.81
N GLU PA 164 -121.13 -41.02 -58.07
CA GLU PA 164 -120.77 -40.22 -56.91
C GLU PA 164 -119.33 -39.73 -56.99
N GLN PA 165 -119.15 -38.46 -57.31
CA GLN PA 165 -117.82 -37.87 -57.39
C GLN PA 165 -117.27 -37.61 -56.00
N LEU PA 166 -115.98 -37.85 -55.83
CA LEU PA 166 -115.30 -37.66 -54.56
C LEU PA 166 -114.22 -36.60 -54.70
N GLN PA 167 -113.94 -35.90 -53.60
CA GLN PA 167 -113.03 -34.77 -53.59
C GLN PA 167 -111.62 -35.21 -53.21
N LEU PA 168 -110.64 -34.71 -53.97
CA LEU PA 168 -109.23 -34.95 -53.69
C LEU PA 168 -108.48 -33.62 -53.72
N THR PA 169 -107.46 -33.53 -52.88
CA THR PA 169 -106.71 -32.30 -52.67
C THR PA 169 -105.22 -32.55 -52.86
N LEU PA 170 -104.55 -31.64 -53.56
CA LEU PA 170 -103.10 -31.67 -53.70
C LEU PA 170 -102.49 -30.68 -52.73
N ARG PA 171 -101.58 -31.14 -51.90
CA ARG PA 171 -100.95 -30.32 -50.87
C ARG PA 171 -99.61 -29.79 -51.35
N GLY PA 172 -99.31 -28.55 -51.00
CA GLY PA 172 -98.08 -27.90 -51.39
C GLY PA 172 -98.29 -26.93 -52.53
N ASN PA 173 -98.42 -25.65 -52.20
CA ASN PA 173 -98.67 -24.61 -53.19
C ASN PA 173 -98.51 -23.24 -52.52
N TYR PA 174 -97.76 -22.34 -53.16
CA TYR PA 174 -97.47 -21.05 -52.56
C TYR PA 174 -98.13 -19.92 -53.37
N TRP PA 175 -98.59 -18.92 -52.66
CA TRP PA 175 -99.05 -17.67 -53.24
C TRP PA 175 -98.03 -16.60 -52.93
N LEU PA 176 -97.51 -15.95 -53.97
CA LEU PA 176 -96.42 -14.98 -53.83
C LEU PA 176 -96.97 -13.58 -54.05
N TYR PA 177 -97.06 -12.80 -52.96
CA TYR PA 177 -97.43 -11.40 -53.05
C TYR PA 177 -96.18 -10.55 -53.22
N LEU PA 178 -96.20 -9.67 -54.20
CA LEU PA 178 -95.06 -8.82 -54.51
C LEU PA 178 -95.43 -7.36 -54.34
N LEU PA 179 -94.59 -6.63 -53.61
CA LEU PA 179 -94.75 -5.19 -53.46
C LEU PA 179 -93.62 -4.50 -54.23
N PRO PA 180 -93.89 -3.96 -55.41
CA PRO PA 180 -92.81 -3.45 -56.26
C PRO PA 180 -92.28 -2.10 -55.79
N ASN PA 181 -91.06 -1.80 -56.21
CA ASN PA 181 -90.46 -0.50 -55.97
C ASN PA 181 -90.93 0.49 -57.03
N ARG PA 182 -90.46 1.73 -56.92
CA ARG PA 182 -90.91 2.77 -57.85
C ARG PA 182 -90.41 2.51 -59.26
N GLU PA 183 -89.14 2.14 -59.41
CA GLU PA 183 -88.59 1.85 -60.72
C GLU PA 183 -89.20 0.58 -61.31
N THR PA 184 -89.47 -0.41 -60.46
CA THR PA 184 -90.06 -1.65 -60.93
C THR PA 184 -91.44 -1.42 -61.52
N GLU PA 185 -92.24 -0.56 -60.88
CA GLU PA 185 -93.58 -0.28 -61.39
C GLU PA 185 -93.52 0.43 -62.75
N ASP PA 186 -92.43 1.14 -63.02
CA ASP PA 186 -92.28 1.78 -64.33
C ASP PA 186 -92.18 0.75 -65.44
N ASP PA 187 -91.44 -0.33 -65.21
CA ASP PA 187 -91.26 -1.38 -66.21
C ASP PA 187 -91.05 -2.70 -65.50
N LYS PA 188 -91.87 -3.69 -65.83
CA LYS PA 188 -91.88 -4.98 -65.12
C LYS PA 188 -91.32 -6.12 -65.95
N THR PA 189 -90.97 -5.89 -67.21
CA THR PA 189 -90.51 -6.99 -68.07
C THR PA 189 -89.22 -7.60 -67.53
N LEU PA 190 -88.25 -6.76 -67.15
CA LEU PA 190 -87.01 -7.29 -66.59
C LEU PA 190 -87.25 -7.97 -65.25
N THR PA 191 -88.10 -7.39 -64.40
CA THR PA 191 -88.39 -7.99 -63.11
C THR PA 191 -89.07 -9.34 -63.26
N GLN PA 192 -90.02 -9.45 -64.18
CA GLN PA 192 -90.72 -10.72 -64.38
C GLN PA 192 -89.77 -11.80 -64.86
N LYS PA 193 -88.88 -11.46 -65.81
CA LYS PA 193 -87.97 -12.46 -66.35
C LYS PA 193 -87.03 -13.00 -65.28
N ARG PA 194 -86.48 -12.11 -64.45
CA ARG PA 194 -85.57 -12.55 -63.40
C ARG PA 194 -86.30 -13.36 -62.33
N LEU PA 195 -87.55 -12.98 -62.03
CA LEU PA 195 -88.32 -13.71 -61.02
C LEU PA 195 -88.58 -15.15 -61.45
N ASN PA 196 -88.91 -15.34 -62.73
CA ASN PA 196 -89.17 -16.70 -63.21
C ASN PA 196 -87.92 -17.57 -63.13
N ASP PA 197 -86.77 -17.00 -63.46
CA ASP PA 197 -85.52 -17.76 -63.36
C ASP PA 197 -85.21 -18.15 -61.92
N PHE PA 198 -85.43 -17.21 -60.99
CA PHE PA 198 -85.18 -17.52 -59.58
C PHE PA 198 -86.13 -18.59 -59.07
N LEU PA 199 -87.40 -18.51 -59.45
CA LEU PA 199 -88.39 -19.46 -58.96
C LEU PA 199 -88.12 -20.86 -59.52
N LYS PA 200 -87.58 -20.93 -60.74
CA LYS PA 200 -87.28 -22.23 -61.33
C LYS PA 200 -86.16 -22.94 -60.57
N ASP PA 201 -85.11 -22.21 -60.21
CA ASP PA 201 -83.93 -22.80 -59.60
C ASP PA 201 -84.00 -22.88 -58.07
N ASN PA 202 -85.05 -22.33 -57.47
CA ASN PA 202 -85.21 -22.35 -56.02
C ASN PA 202 -86.50 -23.04 -55.63
N ARG PA 203 -86.87 -24.09 -56.34
CA ARG PA 203 -88.08 -24.84 -56.06
C ARG PA 203 -87.77 -25.99 -55.10
N ASN PA 204 -88.59 -26.11 -54.07
CA ASN PA 204 -88.43 -27.17 -53.08
C ASN PA 204 -89.19 -28.42 -53.53
N LEU PA 205 -88.83 -29.55 -52.92
CA LEU PA 205 -89.44 -30.82 -53.28
C LEU PA 205 -90.90 -30.84 -52.86
N GLY PA 206 -91.79 -31.09 -53.82
CA GLY PA 206 -93.20 -31.19 -53.53
C GLY PA 206 -93.94 -29.88 -53.40
N GLU PA 207 -93.29 -28.76 -53.73
CA GLU PA 207 -93.91 -27.44 -53.60
C GLU PA 207 -93.71 -26.65 -54.88
N SER PA 208 -94.59 -25.69 -55.10
CA SER PA 208 -94.51 -24.80 -56.25
C SER PA 208 -95.32 -23.54 -55.96
N VAL PA 209 -95.08 -22.51 -56.77
CA VAL PA 209 -95.80 -21.25 -56.67
C VAL PA 209 -96.94 -21.30 -57.69
N SER PA 210 -98.17 -21.42 -57.21
CA SER PA 210 -99.33 -21.57 -58.08
C SER PA 210 -99.96 -20.24 -58.47
N LYS PA 211 -99.52 -19.13 -57.89
CA LYS PA 211 -100.12 -17.84 -58.19
C LYS PA 211 -99.14 -16.72 -57.82
N ILE PA 212 -99.03 -15.73 -58.70
CA ILE PA 212 -98.20 -14.56 -58.46
C ILE PA 212 -99.12 -13.35 -58.49
N ILE PA 213 -99.12 -12.57 -57.41
CA ILE PA 213 -100.00 -11.41 -57.25
C ILE PA 213 -99.14 -10.17 -57.09
N TRP PA 214 -99.45 -9.14 -57.87
CA TRP PA 214 -98.78 -7.85 -57.78
C TRP PA 214 -99.73 -6.85 -57.10
N LEU PA 215 -99.25 -6.21 -56.04
CA LEU PA 215 -100.05 -5.21 -55.35
C LEU PA 215 -100.13 -3.94 -56.17
N GLN PA 216 -101.31 -3.33 -56.20
CA GLN PA 216 -101.49 -2.12 -56.99
C GLN PA 216 -101.33 -0.88 -56.13
N PRO PA 217 -100.77 0.19 -56.69
CA PRO PA 217 -100.53 1.39 -55.90
C PRO PA 217 -101.78 2.25 -55.76
N VAL PA 218 -101.93 2.85 -54.58
CA VAL PA 218 -102.98 3.83 -54.32
C VAL PA 218 -102.32 5.10 -53.82
N ASP PA 219 -102.60 6.21 -54.49
CA ASP PA 219 -101.97 7.48 -54.13
C ASP PA 219 -102.36 7.87 -52.72
N PHE PA 220 -101.36 8.26 -51.92
CA PHE PA 220 -101.55 8.64 -50.53
C PHE PA 220 -101.05 10.07 -50.38
N LEU PA 221 -101.94 11.03 -50.61
CA LEU PA 221 -101.58 12.44 -50.56
C LEU PA 221 -101.63 12.90 -49.11
N LEU PA 222 -100.46 13.02 -48.48
CA LEU PA 222 -100.35 13.39 -47.08
C LEU PA 222 -100.26 14.91 -46.97
N GLN PA 223 -101.12 15.50 -46.14
CA GLN PA 223 -101.10 16.93 -45.89
C GLN PA 223 -100.20 17.21 -44.70
N LEU PA 224 -99.16 18.01 -44.92
CA LEU PA 224 -98.14 18.24 -43.90
C LEU PA 224 -97.81 19.72 -43.84
N ASP PA 225 -97.83 20.28 -42.63
CA ASP PA 225 -97.48 21.68 -42.39
C ASP PA 225 -96.34 21.72 -41.38
N ILE PA 226 -95.22 22.32 -41.78
CA ILE PA 226 -94.00 22.31 -40.98
C ILE PA 226 -93.50 23.74 -40.83
N GLU PA 227 -93.14 24.12 -39.60
CA GLU PA 227 -92.58 25.43 -39.32
C GLU PA 227 -91.11 25.28 -38.98
N LEU PA 228 -90.27 26.14 -39.56
CA LEU PA 228 -88.83 26.07 -39.40
C LEU PA 228 -88.35 27.00 -38.29
N ASP PA 229 -87.11 26.77 -37.87
CA ASP PA 229 -86.43 27.71 -36.99
C ASP PA 229 -86.07 28.98 -37.75
N ASP PA 230 -85.89 30.07 -37.02
CA ASP PA 230 -85.62 31.35 -37.64
C ASP PA 230 -84.25 31.43 -38.28
N ASP PA 231 -83.31 30.60 -37.86
CA ASP PA 231 -81.92 30.67 -38.31
C ASP PA 231 -81.55 29.49 -39.19
N VAL PA 232 -82.46 29.07 -40.07
CA VAL PA 232 -82.21 27.94 -40.96
C VAL PA 232 -81.28 28.39 -42.07
N SER PA 233 -80.23 27.61 -42.31
CA SER PA 233 -79.23 27.96 -43.31
C SER PA 233 -79.56 27.38 -44.69
N ASP PA 234 -79.87 26.08 -44.75
CA ASP PA 234 -80.14 25.41 -46.01
C ASP PA 234 -81.61 25.03 -46.09
N LEU PA 235 -82.23 25.36 -47.23
CA LEU PA 235 -83.64 25.07 -47.47
C LEU PA 235 -83.85 23.76 -48.21
N ALA PA 236 -83.11 23.53 -49.30
CA ALA PA 236 -83.26 22.30 -50.07
C ALA PA 236 -82.89 21.08 -49.24
N ASP PA 237 -81.97 21.22 -48.29
CA ASP PA 237 -81.60 20.09 -47.45
C ASP PA 237 -82.75 19.63 -46.58
N ILE PA 238 -83.51 20.58 -46.01
CA ILE PA 238 -84.62 20.21 -45.15
C ILE PA 238 -85.72 19.52 -45.95
N PHE PA 239 -85.94 19.94 -47.19
CA PHE PA 239 -86.91 19.27 -48.04
C PHE PA 239 -86.51 17.83 -48.30
N ALA PA 240 -85.23 17.59 -48.57
CA ALA PA 240 -84.76 16.23 -48.78
C ALA PA 240 -84.93 15.38 -47.54
N GLN PA 241 -84.60 15.93 -46.37
CA GLN PA 241 -84.76 15.19 -45.12
C GLN PA 241 -86.22 14.88 -44.85
N VAL PA 242 -87.12 15.83 -45.12
CA VAL PA 242 -88.54 15.63 -44.87
C VAL PA 242 -89.08 14.52 -45.77
N TYR PA 243 -88.73 14.58 -47.06
CA TYR PA 243 -89.23 13.56 -47.99
C TYR PA 243 -88.65 12.19 -47.67
N MET PA 244 -87.35 12.12 -47.38
CA MET PA 244 -86.72 10.84 -47.08
C MET PA 244 -87.31 10.23 -45.82
N THR PA 245 -87.53 11.04 -44.79
CA THR PA 245 -88.12 10.53 -43.56
C THR PA 245 -89.55 10.06 -43.78
N THR PA 246 -90.33 10.82 -44.55
CA THR PA 246 -91.73 10.46 -44.77
C THR PA 246 -91.86 9.23 -45.65
N GLU PA 247 -91.03 9.13 -46.70
CA GLU PA 247 -91.10 7.97 -47.59
C GLU PA 247 -90.76 6.69 -46.84
N GLN PA 248 -89.74 6.74 -45.97
CA GLN PA 248 -89.39 5.57 -45.18
C GLN PA 248 -90.49 5.21 -44.19
N MET PA 249 -91.19 6.21 -43.64
CA MET PA 249 -92.23 5.92 -42.67
C MET PA 249 -93.43 5.24 -43.30
N VAL PA 250 -93.64 5.41 -44.59
CA VAL PA 250 -94.78 4.82 -45.27
C VAL PA 250 -94.43 3.46 -45.90
N LEU PA 251 -93.24 3.35 -46.48
CA LEU PA 251 -92.83 2.18 -47.24
C LEU PA 251 -91.44 1.72 -46.80
N THR PA 252 -91.26 1.53 -45.50
CA THR PA 252 -89.99 1.14 -44.90
C THR PA 252 -89.30 0.05 -45.68
N SER PA 253 -88.08 0.35 -46.15
CA SER PA 253 -87.26 -0.56 -46.93
C SER PA 253 -86.40 -1.43 -46.02
N PRO PA 254 -85.97 -2.60 -46.50
CA PRO PA 254 -85.08 -3.43 -45.69
C PRO PA 254 -83.74 -2.73 -45.44
N LEU PA 255 -83.16 -3.02 -44.30
CA LEU PA 255 -81.87 -2.46 -43.91
C LEU PA 255 -80.78 -3.52 -44.12
N ARG PA 256 -79.89 -3.27 -45.07
CA ARG PA 256 -78.83 -4.19 -45.41
C ARG PA 256 -77.51 -3.72 -44.81
N TYR PA 257 -76.61 -4.68 -44.58
CA TYR PA 257 -75.28 -4.38 -44.05
C TYR PA 257 -74.26 -5.28 -44.73
N SER PA 258 -73.04 -4.77 -44.85
CA SER PA 258 -71.93 -5.58 -45.32
C SER PA 258 -71.43 -6.47 -44.18
N THR PA 259 -70.57 -7.43 -44.53
CA THR PA 259 -70.05 -8.35 -43.53
C THR PA 259 -69.24 -7.61 -42.48
N GLN PA 260 -68.42 -6.64 -42.90
CA GLN PA 260 -67.64 -5.86 -41.95
C GLN PA 260 -68.54 -5.06 -41.02
N ALA PA 261 -69.61 -4.48 -41.55
CA ALA PA 261 -70.54 -3.72 -40.72
C ALA PA 261 -71.21 -4.62 -39.69
N MET PA 262 -71.60 -5.83 -40.10
CA MET PA 262 -72.22 -6.76 -39.15
C MET PA 262 -71.22 -7.18 -38.08
N ILE PA 263 -69.94 -7.33 -38.44
CA ILE PA 263 -68.91 -7.63 -37.46
C ILE PA 263 -68.78 -6.48 -36.46
N GLU PA 264 -68.79 -5.24 -36.96
CA GLU PA 264 -68.66 -4.08 -36.09
C GLU PA 264 -69.85 -3.95 -35.14
N GLN PA 265 -71.02 -4.43 -35.56
CA GLN PA 265 -72.21 -4.35 -34.73
C GLN PA 265 -72.21 -5.35 -33.58
N GLY PA 266 -71.24 -6.26 -33.53
CA GLY PA 266 -71.14 -7.24 -32.48
C GLY PA 266 -71.62 -8.63 -32.85
N TYR PA 267 -72.01 -8.85 -34.10
CA TYR PA 267 -72.44 -10.17 -34.52
C TYR PA 267 -71.25 -11.11 -34.68
N SER PA 268 -71.52 -12.40 -34.61
CA SER PA 268 -70.54 -13.44 -34.84
C SER PA 268 -70.83 -14.13 -36.17
N ASN PA 269 -69.80 -14.79 -36.71
CA ASN PA 269 -69.94 -15.47 -38.00
C ASN PA 269 -70.98 -16.57 -37.97
N GLU PA 270 -71.36 -17.05 -36.79
CA GLU PA 270 -72.40 -18.06 -36.70
C GLU PA 270 -73.74 -17.53 -37.19
N GLU PA 271 -74.05 -16.27 -36.87
CA GLU PA 271 -75.35 -15.68 -37.21
C GLU PA 271 -75.28 -14.69 -38.37
N ILE PA 272 -74.09 -14.25 -38.78
CA ILE PA 272 -73.99 -13.41 -39.97
C ILE PA 272 -74.34 -14.22 -41.21
N PHE PA 273 -73.74 -15.40 -41.35
CA PHE PA 273 -74.02 -16.30 -42.46
C PHE PA 273 -75.14 -17.26 -42.09
N GLU PA 274 -76.32 -16.69 -41.84
CA GLU PA 274 -77.50 -17.44 -41.45
C GLU PA 274 -78.60 -17.14 -42.46
N GLY PA 275 -79.27 -18.19 -42.93
CA GLY PA 275 -80.26 -18.06 -43.96
C GLY PA 275 -79.65 -18.11 -45.34
N PRO PA 276 -80.40 -17.72 -46.36
CA PRO PA 276 -79.88 -17.75 -47.72
C PRO PA 276 -78.75 -16.76 -47.92
N TYR PA 277 -77.88 -17.07 -48.88
CA TYR PA 277 -76.70 -16.26 -49.17
C TYR PA 277 -77.12 -15.06 -50.01
N LEU PA 278 -77.01 -13.86 -49.44
CA LEU PA 278 -77.39 -12.63 -50.12
C LEU PA 278 -76.15 -11.93 -50.63
N HIS PA 279 -76.17 -11.57 -51.92
CA HIS PA 279 -75.00 -10.96 -52.55
C HIS PA 279 -74.90 -9.46 -52.30
N HIS PA 280 -75.96 -8.80 -51.87
CA HIS PA 280 -76.00 -7.35 -51.79
C HIS PA 280 -76.29 -6.88 -50.37
N GLY PA 281 -75.74 -7.56 -49.38
CA GLY PA 281 -75.90 -7.12 -48.02
C GLY PA 281 -76.73 -8.11 -47.20
N TRP PA 282 -76.46 -8.13 -45.90
CA TRP PA 282 -77.15 -9.03 -44.97
C TRP PA 282 -78.34 -8.32 -44.35
N ILE PA 283 -79.39 -9.10 -44.11
CA ILE PA 283 -80.63 -8.56 -43.54
C ILE PA 283 -80.88 -9.22 -42.19
N PRO PA 284 -80.36 -8.68 -41.10
CA PRO PA 284 -80.54 -9.32 -39.79
C PRO PA 284 -81.99 -9.30 -39.30
N GLU PA 285 -82.61 -8.13 -39.32
CA GLU PA 285 -83.97 -7.95 -38.82
C GLU PA 285 -84.85 -7.42 -39.93
N LEU PA 286 -85.99 -8.08 -40.14
CA LEU PA 286 -86.99 -7.68 -41.12
C LEU PA 286 -88.20 -7.09 -40.41
N SER PA 287 -88.95 -6.28 -41.14
CA SER PA 287 -90.20 -5.76 -40.61
C SER PA 287 -91.21 -6.88 -40.46
N ALA PA 288 -92.20 -6.66 -39.59
CA ALA PA 288 -93.20 -7.69 -39.32
C ALA PA 288 -93.94 -8.06 -40.60
N ALA PA 289 -94.07 -9.36 -40.83
CA ALA PA 289 -94.70 -9.85 -42.05
C ALA PA 289 -96.18 -9.50 -42.04
N LYS PA 290 -96.63 -8.85 -43.10
CA LYS PA 290 -98.02 -8.42 -43.21
C LYS PA 290 -98.86 -9.50 -43.89
N ASP PA 291 -100.17 -9.44 -43.64
CA ASP PA 291 -101.12 -10.37 -44.23
C ASP PA 291 -101.82 -9.64 -45.37
N TYR PA 292 -101.57 -10.09 -46.60
CA TYR PA 292 -102.08 -9.43 -47.79
C TYR PA 292 -103.35 -10.07 -48.33
N THR PA 293 -103.94 -11.02 -47.60
CA THR PA 293 -105.22 -11.60 -47.96
C THR PA 293 -106.39 -10.83 -47.38
N LYS PA 294 -106.12 -9.75 -46.65
CA LYS PA 294 -107.13 -8.91 -46.04
C LYS PA 294 -106.60 -7.48 -45.98
N PRO PA 295 -107.47 -6.49 -45.81
CA PRO PA 295 -106.99 -5.11 -45.80
C PRO PA 295 -105.94 -4.89 -44.72
N THR PA 296 -104.93 -4.09 -45.07
CA THR PA 296 -103.79 -3.83 -44.20
C THR PA 296 -103.94 -2.46 -43.52
N GLU PA 297 -103.00 -2.18 -42.64
CA GLU PA 297 -103.01 -0.96 -41.84
C GLU PA 297 -101.78 -0.12 -42.13
N LEU PA 298 -101.93 1.20 -41.99
CA LEU PA 298 -100.81 2.14 -42.12
C LEU PA 298 -100.88 3.09 -40.93
N LYS PA 299 -99.86 3.05 -40.08
CA LYS PA 299 -99.79 3.88 -38.89
C LYS PA 299 -98.69 4.92 -39.05
N LEU PA 300 -99.03 6.19 -38.80
CA LEU PA 300 -98.10 7.28 -38.98
C LEU PA 300 -98.05 8.18 -37.74
N SER PA 301 -98.40 7.63 -36.58
CA SER PA 301 -98.38 8.42 -35.35
C SER PA 301 -96.97 8.85 -34.99
N HIS PA 302 -95.98 7.99 -35.24
CA HIS PA 302 -94.59 8.29 -34.93
C HIS PA 302 -93.95 9.24 -35.92
N LEU PA 303 -94.64 9.59 -37.01
CA LEU PA 303 -94.08 10.54 -37.97
C LEU PA 303 -93.84 11.89 -37.32
N ALA PA 304 -94.65 12.25 -36.32
CA ALA PA 304 -94.42 13.49 -35.58
C ALA PA 304 -93.09 13.45 -34.85
N ASN PA 305 -92.76 12.32 -34.23
CA ASN PA 305 -91.51 12.21 -33.49
C ASN PA 305 -90.29 12.35 -34.41
N ARG PA 306 -90.34 11.71 -35.58
CA ARG PA 306 -89.19 11.72 -36.47
C ARG PA 306 -89.03 13.07 -37.14
N LEU PA 307 -90.14 13.70 -37.55
CA LEU PA 307 -90.05 14.99 -38.23
C LEU PA 307 -89.50 16.07 -37.30
N LEU PA 308 -89.94 16.08 -36.04
CA LEU PA 308 -89.45 17.08 -35.09
C LEU PA 308 -87.99 16.85 -34.73
N ALA PA 309 -87.45 15.65 -34.97
CA ALA PA 309 -86.05 15.37 -34.70
C ALA PA 309 -85.13 15.86 -35.80
N ILE PA 310 -85.67 16.32 -36.92
CA ILE PA 310 -84.82 16.85 -37.99
C ILE PA 310 -84.26 18.20 -37.57
N PRO PA 311 -82.95 18.42 -37.66
CA PRO PA 311 -82.40 19.74 -37.31
C PRO PA 311 -82.91 20.81 -38.26
N GLY PA 312 -83.43 21.89 -37.68
CA GLY PA 312 -84.01 22.97 -38.44
C GLY PA 312 -85.53 22.98 -38.47
N VAL PA 313 -86.17 21.92 -37.98
CA VAL PA 313 -87.63 21.83 -37.94
C VAL PA 313 -88.07 22.17 -36.52
N GLN PA 314 -88.94 23.17 -36.41
CA GLN PA 314 -89.37 23.66 -35.10
C GLN PA 314 -90.66 23.00 -34.63
N ASN PA 315 -91.71 23.04 -35.47
CA ASN PA 315 -93.03 22.59 -35.05
C ASN PA 315 -93.78 22.03 -36.25
N ILE PA 316 -94.78 21.21 -35.94
CA ILE PA 316 -95.72 20.67 -36.92
C ILE PA 316 -97.11 21.13 -36.54
N THR PA 317 -97.84 21.71 -37.49
CA THR PA 317 -99.16 22.24 -37.21
C THR PA 317 -100.30 21.39 -37.78
N ARG PA 318 -100.07 20.63 -38.84
CA ARG PA 318 -101.12 19.78 -39.38
C ARG PA 318 -100.51 18.51 -39.96
N LEU PA 319 -101.14 17.38 -39.67
CA LEU PA 319 -100.75 16.08 -40.21
C LEU PA 319 -102.04 15.30 -40.45
N ALA PA 320 -102.49 15.28 -41.68
CA ALA PA 320 -103.77 14.67 -42.02
C ALA PA 320 -103.71 14.17 -43.46
N LEU PA 321 -104.80 13.54 -43.90
CA LEU PA 321 -104.89 12.94 -45.22
C LEU PA 321 -105.76 13.81 -46.12
N GLY PA 322 -105.27 14.09 -47.33
CA GLY PA 322 -106.01 14.90 -48.27
C GLY PA 322 -107.08 14.11 -49.01
N LYS PA 323 -107.22 14.36 -50.31
CA LYS PA 323 -108.22 13.65 -51.10
C LYS PA 323 -107.80 12.21 -51.30
N HIS PA 324 -108.68 11.29 -50.91
CA HIS PA 324 -108.42 9.86 -51.05
C HIS PA 324 -109.67 9.19 -51.62
N ASP PA 325 -109.44 8.18 -52.46
CA ASP PA 325 -110.54 7.42 -53.03
C ASP PA 325 -111.03 6.40 -51.99
N GLU PA 326 -111.91 5.49 -52.41
CA GLU PA 326 -112.50 4.55 -51.47
C GLU PA 326 -111.53 3.48 -51.00
N ASN PA 327 -110.37 3.33 -51.66
CA ASN PA 327 -109.41 2.32 -51.24
C ASN PA 327 -108.73 2.67 -49.93
N ILE PA 328 -108.72 3.95 -49.55
CA ILE PA 328 -108.16 4.39 -48.28
C ILE PA 328 -109.30 4.87 -47.39
N SER PA 329 -109.36 4.33 -46.18
CA SER PA 329 -110.36 4.73 -45.21
C SER PA 329 -109.71 4.94 -43.86
N PRO PA 330 -110.18 5.92 -43.10
CA PRO PA 330 -109.62 6.15 -41.75
C PRO PA 330 -109.89 4.98 -40.83
N LEU PA 331 -108.96 4.76 -39.91
CA LEU PA 331 -109.10 3.69 -38.93
C LEU PA 331 -110.12 4.08 -37.86
N ALA PA 332 -110.55 3.09 -37.09
CA ALA PA 332 -111.54 3.31 -36.04
C ALA PA 332 -110.85 3.93 -34.84
N ASP PA 333 -111.21 5.18 -34.53
CA ASP PA 333 -110.79 5.95 -33.36
C ASP PA 333 -109.31 6.33 -33.40
N ASP PA 334 -108.56 5.92 -34.42
CA ASP PA 334 -107.15 6.27 -34.53
C ASP PA 334 -107.01 7.48 -35.44
N SER PA 335 -106.42 8.56 -34.90
CA SER PA 335 -106.36 9.81 -35.65
C SER PA 335 -105.31 9.76 -36.75
N TRP PA 336 -104.26 8.95 -36.60
CA TRP PA 336 -103.16 8.90 -37.54
C TRP PA 336 -102.93 7.49 -38.07
N SER PA 337 -104.02 6.75 -38.31
CA SER PA 337 -103.93 5.43 -38.92
C SER PA 337 -105.00 5.32 -39.99
N TRP PA 338 -104.73 4.49 -41.00
CA TRP PA 338 -105.63 4.34 -42.13
C TRP PA 338 -105.64 2.88 -42.58
N THR PA 339 -106.76 2.46 -43.14
CA THR PA 339 -106.91 1.10 -43.65
C THR PA 339 -106.76 1.12 -45.17
N ILE PA 340 -105.83 0.32 -45.68
CA ILE PA 340 -105.61 0.17 -47.11
C ILE PA 340 -106.35 -1.07 -47.58
N ALA PA 341 -107.11 -0.94 -48.66
CA ALA PA 341 -107.92 -2.03 -49.16
C ALA PA 341 -107.02 -3.20 -49.59
N GLN PA 342 -107.60 -4.40 -49.57
CA GLN PA 342 -106.86 -5.60 -49.91
C GLN PA 342 -106.36 -5.52 -51.35
N GLY PA 343 -105.13 -6.00 -51.56
CA GLY PA 343 -104.53 -5.96 -52.87
C GLY PA 343 -103.93 -4.64 -53.28
N TYR PA 344 -103.88 -3.67 -52.36
CA TYR PA 344 -103.36 -2.34 -52.67
C TYR PA 344 -102.33 -1.93 -51.62
N TYR PA 345 -101.41 -1.07 -52.03
CA TYR PA 345 -100.41 -0.51 -51.12
C TYR PA 345 -100.37 1.00 -51.30
N PRO PA 346 -100.04 1.74 -50.22
CA PRO PA 346 -100.03 3.20 -50.31
C PRO PA 346 -98.77 3.70 -51.01
N ARG PA 347 -98.96 4.60 -51.97
CA ARG PA 347 -97.87 5.26 -52.67
C ARG PA 347 -97.90 6.75 -52.31
N LEU PA 348 -96.75 7.27 -51.87
CA LEU PA 348 -96.69 8.61 -51.32
C LEU PA 348 -96.61 9.64 -52.44
N TRP PA 349 -97.58 10.55 -52.47
CA TRP PA 349 -97.55 11.72 -53.35
C TRP PA 349 -97.48 11.34 -54.82
N GLY PA 350 -98.19 10.27 -55.20
CA GLY PA 350 -98.40 9.97 -56.60
C GLY PA 350 -97.18 9.45 -57.34
N ASN PA 351 -97.25 9.58 -58.66
CA ASN PA 351 -96.20 9.05 -59.54
C ASN PA 351 -94.88 9.78 -59.33
N ASP PA 352 -94.92 11.11 -59.33
CA ASP PA 352 -93.72 11.93 -59.16
C ASP PA 352 -93.82 12.71 -57.86
N PRO PA 353 -93.18 12.25 -56.79
CA PRO PA 353 -93.28 12.97 -55.51
C PRO PA 353 -92.60 14.33 -55.56
N LEU PA 354 -91.34 14.35 -55.98
CA LEU PA 354 -90.54 15.57 -55.89
C LEU PA 354 -91.14 16.70 -56.73
N ASP PA 355 -91.74 16.36 -57.86
CA ASP PA 355 -92.44 17.37 -58.65
C ASP PA 355 -93.61 17.95 -57.90
N LEU PA 356 -94.35 17.10 -57.17
CA LEU PA 356 -95.52 17.57 -56.43
C LEU PA 356 -95.10 18.50 -55.29
N ILE PA 357 -94.01 18.19 -54.59
CA ILE PA 357 -93.54 19.05 -53.51
C ILE PA 357 -93.11 20.41 -54.05
N SER PA 358 -92.42 20.43 -55.19
CA SER PA 358 -92.00 21.69 -55.78
C SER PA 358 -93.14 22.46 -56.42
N SER PA 359 -94.32 21.85 -56.55
CA SER PA 359 -95.44 22.50 -57.18
C SER PA 359 -96.04 23.57 -56.26
N SER PA 360 -96.85 24.44 -56.87
CA SER PA 360 -97.53 25.47 -56.09
C SER PA 360 -98.67 24.88 -55.26
N ALA PA 361 -99.26 23.78 -55.72
CA ALA PA 361 -100.32 23.10 -54.99
C ALA PA 361 -99.79 21.96 -54.11
N SER PA 362 -98.56 22.09 -53.62
CA SER PA 362 -97.94 21.03 -52.85
C SER PA 362 -98.70 20.78 -51.56
N PRO PA 363 -99.01 19.52 -51.23
CA PRO PA 363 -99.61 19.23 -49.92
C PRO PA 363 -98.69 19.52 -48.75
N LEU PA 364 -97.38 19.59 -48.98
CA LEU PA 364 -96.41 19.90 -47.94
C LEU PA 364 -96.13 21.40 -47.96
N THR PA 365 -96.32 22.05 -46.81
CA THR PA 365 -96.12 23.48 -46.69
C THR PA 365 -95.07 23.76 -45.62
N ILE PA 366 -94.04 24.50 -46.01
CA ILE PA 366 -92.93 24.85 -45.12
C ILE PA 366 -92.94 26.36 -44.92
N THR PA 367 -92.93 26.79 -43.66
CA THR PA 367 -93.02 28.20 -43.31
C THR PA 367 -91.95 28.54 -42.29
N ALA PA 368 -91.23 29.63 -42.54
CA ALA PA 368 -90.24 30.15 -41.61
C ALA PA 368 -90.55 31.61 -41.32
N LYS PA 369 -90.02 32.10 -40.21
CA LYS PA 369 -90.24 33.48 -39.77
C LYS PA 369 -91.72 33.80 -39.63
N GLY PA 370 -92.51 32.81 -39.21
CA GLY PA 370 -93.93 33.03 -38.99
C GLY PA 370 -94.78 33.06 -40.24
N GLY PA 371 -94.41 33.87 -41.22
CA GLY PA 371 -95.23 34.05 -42.39
C GLY PA 371 -94.52 34.11 -43.72
N VAL PA 372 -93.39 33.42 -43.84
CA VAL PA 372 -92.65 33.35 -45.10
C VAL PA 372 -92.74 31.93 -45.62
N LYS PA 373 -93.28 31.77 -46.83
CA LYS PA 373 -93.37 30.47 -47.46
C LYS PA 373 -92.07 30.17 -48.20
N ILE PA 374 -91.66 28.90 -48.16
CA ILE PA 374 -90.39 28.47 -48.75
C ILE PA 374 -90.70 27.54 -49.91
N THR PA 375 -90.16 27.87 -51.08
CA THR PA 375 -90.32 27.06 -52.29
C THR PA 375 -88.94 26.68 -52.81
N VAL PA 376 -88.77 25.39 -53.12
CA VAL PA 376 -87.50 24.87 -53.61
C VAL PA 376 -87.78 24.11 -54.90
N SER PA 377 -86.94 24.34 -55.91
CA SER PA 377 -87.11 23.66 -57.20
C SER PA 377 -86.82 22.17 -57.05
N LYS PA 378 -87.33 21.40 -58.02
CA LYS PA 378 -87.18 19.95 -57.96
C LYS PA 378 -85.72 19.52 -58.06
N GLN PA 379 -84.93 20.22 -58.88
CA GLN PA 379 -83.55 19.82 -59.09
C GLN PA 379 -82.74 19.93 -57.80
N ASP PA 380 -83.01 20.96 -56.99
CA ASP PA 380 -82.29 21.12 -55.73
C ASP PA 380 -82.57 19.96 -54.78
N ILE PA 381 -83.83 19.52 -54.71
CA ILE PA 381 -84.17 18.39 -53.84
C ILE PA 381 -83.53 17.10 -54.36
N GLU PA 382 -83.47 16.95 -55.68
CA GLU PA 382 -82.80 15.78 -56.25
C GLU PA 382 -81.32 15.78 -55.91
N ASN PA 383 -80.68 16.95 -55.94
CA ASN PA 383 -79.26 17.03 -55.63
C ASN PA 383 -78.98 16.65 -54.18
N LYS PA 384 -79.85 17.07 -53.27
CA LYS PA 384 -79.64 16.81 -51.85
C LYS PA 384 -79.99 15.40 -51.43
N ILE PA 385 -80.63 14.61 -52.30
CA ILE PA 385 -80.94 13.22 -52.01
C ILE PA 385 -79.75 12.35 -52.42
N ILE PA 386 -79.19 11.62 -51.46
CA ILE PA 386 -78.04 10.79 -51.69
C ILE PA 386 -78.47 9.38 -52.09
N ALA PA 387 -77.61 8.70 -52.84
CA ALA PA 387 -77.88 7.33 -53.28
C ALA PA 387 -77.13 6.34 -52.40
N GLU PA 388 -77.84 5.33 -51.93
CA GLU PA 388 -77.23 4.32 -51.07
C GLU PA 388 -76.22 3.51 -51.88
N PRO PA 389 -74.98 3.37 -51.40
CA PRO PA 389 -73.98 2.60 -52.15
C PRO PA 389 -74.37 1.13 -52.24
N LEU PA 390 -73.95 0.50 -53.33
CA LEU PA 390 -74.29 -0.89 -53.61
C LEU PA 390 -73.29 -1.82 -52.92
N ILE PA 391 -73.78 -2.62 -51.99
CA ILE PA 391 -72.95 -3.61 -51.31
C ILE PA 391 -72.84 -4.84 -52.19
N GLU PA 392 -71.67 -5.46 -52.20
CA GLU PA 392 -71.46 -6.69 -52.97
C GLU PA 392 -70.47 -7.57 -52.20
N THR PA 393 -70.97 -8.67 -51.64
CA THR PA 393 -70.15 -9.55 -50.83
C THR PA 393 -69.61 -10.69 -51.70
N GLN PA 394 -68.29 -10.76 -51.82
CA GLN PA 394 -67.61 -11.78 -52.59
C GLN PA 394 -67.28 -12.98 -51.72
N PRO PA 395 -67.11 -14.16 -52.30
CA PRO PA 395 -66.73 -15.33 -51.50
C PRO PA 395 -65.39 -15.12 -50.82
N GLU PA 396 -65.28 -15.63 -49.59
CA GLU PA 396 -64.04 -15.54 -48.83
C GLU PA 396 -63.09 -16.65 -49.25
N LEU PA 397 -61.80 -16.32 -49.26
CA LEU PA 397 -60.78 -17.28 -49.68
C LEU PA 397 -59.54 -17.13 -48.80
N LEU PA 398 -58.86 -18.25 -48.59
CA LEU PA 398 -57.50 -18.26 -48.05
C LEU PA 398 -56.58 -18.43 -49.25
N ASN PA 399 -55.99 -17.32 -49.70
CA ASN PA 399 -55.25 -17.31 -50.96
C ASN PA 399 -54.08 -18.28 -50.92
N TRP PA 400 -53.61 -18.64 -52.11
CA TRP PA 400 -52.49 -19.56 -52.22
C TRP PA 400 -51.25 -19.01 -51.54
N GLY PA 401 -50.52 -19.89 -50.88
CA GLY PA 401 -49.23 -19.53 -50.31
C GLY PA 401 -48.15 -19.62 -51.36
N LYS PA 402 -46.92 -19.75 -50.88
CA LYS PA 402 -45.76 -19.92 -51.75
C LYS PA 402 -45.39 -21.40 -51.79
N HIS PA 403 -45.45 -21.98 -52.99
CA HIS PA 403 -45.07 -23.38 -53.14
C HIS PA 403 -43.58 -23.54 -52.85
N ARG PA 404 -43.25 -24.59 -52.11
CA ARG PA 404 -41.90 -24.82 -51.64
C ARG PA 404 -41.43 -26.18 -52.14
N LYS PA 405 -40.20 -26.23 -52.66
CA LYS PA 405 -39.68 -27.46 -53.26
C LYS PA 405 -39.30 -28.47 -52.19
N VAL PA 406 -40.29 -28.97 -51.46
CA VAL PA 406 -40.04 -29.98 -50.44
C VAL PA 406 -39.69 -31.31 -51.09
N LEU PA 407 -40.31 -31.63 -52.23
CA LEU PA 407 -40.13 -32.92 -52.86
C LEU PA 407 -38.67 -33.19 -53.24
N ASP PA 408 -37.91 -32.14 -53.54
CA ASP PA 408 -36.53 -32.31 -53.98
C ASP PA 408 -35.72 -33.05 -52.93
N TYR PA 409 -35.01 -34.08 -53.36
CA TYR PA 409 -34.18 -34.89 -52.49
C TYR PA 409 -32.73 -34.87 -52.98
N TYR PA 410 -31.81 -34.76 -52.03
CA TYR PA 410 -30.38 -34.78 -52.31
C TYR PA 410 -29.78 -36.00 -51.62
N PRO PA 411 -29.20 -36.94 -52.36
CA PRO PA 411 -28.72 -38.18 -51.72
C PRO PA 411 -27.69 -37.90 -50.64
N VAL PA 412 -27.77 -38.68 -49.56
CA VAL PA 412 -26.94 -38.41 -48.39
C VAL PA 412 -25.53 -38.99 -48.54
N SER PA 413 -25.32 -39.90 -49.48
CA SER PA 413 -23.98 -40.42 -49.71
C SER PA 413 -23.06 -39.37 -50.33
N ASN PA 414 -23.62 -38.30 -50.90
CA ASN PA 414 -22.81 -37.25 -51.50
C ASN PA 414 -22.12 -36.38 -50.45
N LYS PA 415 -22.53 -36.47 -49.19
CA LYS PA 415 -21.91 -35.68 -48.12
C LYS PA 415 -20.72 -36.38 -47.50
N LEU PA 416 -20.44 -37.63 -47.85
CA LEU PA 416 -19.30 -38.33 -47.30
C LEU PA 416 -18.01 -37.81 -47.93
N PRO PA 417 -16.90 -37.87 -47.21
CA PRO PA 417 -15.62 -37.44 -47.79
C PRO PA 417 -15.21 -38.34 -48.95
N ALA PA 418 -14.31 -37.80 -49.78
CA ALA PA 418 -13.91 -38.48 -51.01
C ALA PA 418 -13.17 -39.78 -50.75
N CYS PA 419 -12.60 -39.96 -49.56
CA CYS PA 419 -11.83 -41.16 -49.28
C CYS PA 419 -12.69 -42.42 -49.18
N TYR PA 420 -14.01 -42.27 -49.13
CA TYR PA 420 -14.89 -43.43 -49.04
C TYR PA 420 -15.23 -44.03 -50.40
N GLY PA 421 -14.87 -43.35 -51.49
CA GLY PA 421 -15.04 -43.92 -52.81
C GLY PA 421 -16.43 -43.83 -53.40
N LEU PA 422 -17.32 -43.05 -52.80
CA LEU PA 422 -18.68 -42.92 -53.29
C LEU PA 422 -18.86 -41.73 -54.22
N GLN PA 423 -17.80 -41.01 -54.55
CA GLN PA 423 -17.91 -39.86 -55.45
C GLN PA 423 -17.60 -40.23 -56.90
N THR PA 424 -16.69 -41.17 -57.11
CA THR PA 424 -16.37 -41.64 -58.45
C THR PA 424 -17.22 -42.88 -58.78
N TYR PA 425 -17.27 -43.19 -60.07
CA TYR PA 425 -18.08 -44.32 -60.52
C TYR PA 425 -17.55 -45.63 -59.94
N ALA PA 426 -18.45 -46.48 -59.48
CA ALA PA 426 -18.06 -47.69 -58.78
C ALA PA 426 -17.49 -48.71 -59.75
N GLU PA 427 -16.32 -49.24 -59.42
CA GLU PA 427 -15.67 -50.28 -60.21
C GLU PA 427 -15.27 -51.51 -59.41
N THR PA 428 -15.12 -51.40 -58.10
CA THR PA 428 -14.71 -52.52 -57.25
C THR PA 428 -15.90 -53.03 -56.45
N GLN PA 429 -15.72 -54.21 -55.86
CA GLN PA 429 -16.77 -54.79 -55.03
C GLN PA 429 -17.02 -53.96 -53.77
N GLN PA 430 -15.96 -53.39 -53.19
CA GLN PA 430 -16.12 -52.64 -51.96
C GLN PA 430 -16.98 -51.40 -52.16
N GLN PA 431 -16.76 -50.67 -53.25
CA GLN PA 431 -17.56 -49.47 -53.51
C GLN PA 431 -19.02 -49.82 -53.76
N VAL PA 432 -19.28 -50.87 -54.53
CA VAL PA 432 -20.65 -51.28 -54.82
C VAL PA 432 -21.36 -51.69 -53.54
N HIS PA 433 -20.67 -52.45 -52.68
CA HIS PA 433 -21.29 -52.91 -51.45
C HIS PA 433 -21.67 -51.73 -50.55
N LEU PA 434 -20.82 -50.72 -50.48
CA LEU PA 434 -21.14 -49.54 -49.68
C LEU PA 434 -22.34 -48.79 -50.26
N HIS PA 435 -22.41 -48.69 -51.60
CA HIS PA 435 -23.55 -48.03 -52.23
C HIS PA 435 -24.84 -48.79 -51.95
N GLN PA 436 -24.78 -50.13 -51.94
CA GLN PA 436 -25.98 -50.92 -51.68
C GLN PA 436 -26.38 -50.86 -50.22
N PHE PA 437 -25.41 -50.73 -49.32
CA PHE PA 437 -25.73 -50.60 -47.90
C PHE PA 437 -26.49 -49.32 -47.61
N MET PA 438 -26.09 -48.21 -48.23
CA MET PA 438 -26.71 -46.93 -47.97
C MET PA 438 -28.08 -46.78 -48.63
N LEU PA 439 -28.36 -47.60 -49.66
CA LEU PA 439 -29.56 -47.39 -50.47
C LEU PA 439 -30.86 -47.46 -49.67
N PRO PA 440 -31.09 -48.45 -48.80
CA PRO PA 440 -32.35 -48.45 -48.04
C PRO PA 440 -32.54 -47.21 -47.19
N PHE PA 441 -31.46 -46.63 -46.68
CA PHE PA 441 -31.58 -45.42 -45.86
C PHE PA 441 -31.89 -44.21 -46.72
N GLU PA 442 -31.30 -44.11 -47.91
CA GLU PA 442 -31.66 -43.04 -48.83
C GLU PA 442 -33.12 -43.15 -49.25
N GLN PA 443 -33.60 -44.37 -49.46
CA GLN PA 443 -35.00 -44.57 -49.83
C GLN PA 443 -35.93 -44.09 -48.73
N MET PA 444 -35.61 -44.40 -47.47
CA MET PA 444 -36.46 -43.99 -46.36
C MET PA 444 -36.52 -42.47 -46.23
N LEU PA 445 -35.37 -41.80 -46.39
CA LEU PA 445 -35.36 -40.34 -46.35
C LEU PA 445 -36.11 -39.75 -47.53
N ALA PA 446 -35.92 -40.32 -48.73
CA ALA PA 446 -36.62 -39.82 -49.91
C ALA PA 446 -38.12 -40.00 -49.78
N ASN PA 447 -38.56 -41.13 -49.22
CA ASN PA 447 -39.99 -41.36 -49.04
C ASN PA 447 -40.59 -40.32 -48.08
N GLY PA 448 -39.86 -39.99 -47.01
CA GLY PA 448 -40.33 -38.95 -46.12
C GLY PA 448 -40.47 -37.61 -46.82
N CYS PA 449 -39.52 -37.28 -47.69
CA CYS PA 449 -39.63 -36.06 -48.48
C CYS PA 449 -40.82 -36.12 -49.42
N ALA PA 450 -41.05 -37.27 -50.06
CA ALA PA 450 -42.17 -37.40 -50.98
C ALA PA 450 -43.50 -37.43 -50.22
N GLU PA 451 -43.49 -37.97 -48.99
CA GLU PA 451 -44.71 -38.00 -48.20
C GLU PA 451 -45.18 -36.58 -47.85
N LEU PA 452 -44.24 -35.71 -47.47
CA LEU PA 452 -44.59 -34.34 -47.14
C LEU PA 452 -45.07 -33.57 -48.36
N ALA PA 453 -44.48 -33.86 -49.52
CA ALA PA 453 -44.91 -33.20 -50.76
C ALA PA 453 -46.31 -33.63 -51.16
N LEU PA 454 -46.77 -34.79 -50.70
CA LEU PA 454 -48.09 -35.28 -51.05
C LEU PA 454 -49.18 -34.71 -50.14
N LEU PA 455 -48.80 -33.90 -49.14
CA LEU PA 455 -49.75 -33.39 -48.15
C LEU PA 455 -50.95 -32.64 -48.74
N PRO PA 456 -50.81 -31.74 -49.72
CA PRO PA 456 -52.01 -31.10 -50.27
C PRO PA 456 -52.99 -32.08 -50.90
N LYS PA 457 -52.49 -33.17 -51.48
CA LYS PA 457 -53.39 -34.16 -52.07
C LYS PA 457 -53.97 -35.11 -51.03
N LEU PA 458 -53.21 -35.39 -49.96
CA LEU PA 458 -53.70 -36.31 -48.93
C LEU PA 458 -54.91 -35.74 -48.21
N LEU PA 459 -54.89 -34.45 -47.90
CA LEU PA 459 -55.96 -33.81 -47.15
C LEU PA 459 -56.93 -33.04 -48.05
N ALA PA 460 -56.86 -33.27 -49.36
CA ALA PA 460 -57.71 -32.53 -50.28
C ALA PA 460 -59.18 -32.91 -50.10
N PHE PA 461 -60.05 -31.90 -50.14
CA PHE PA 461 -61.48 -32.16 -50.04
C PHE PA 461 -62.04 -32.74 -51.33
N LYS PA 462 -61.41 -32.42 -52.47
CA LYS PA 462 -61.92 -32.82 -53.77
C LYS PA 462 -60.76 -33.20 -54.68
N GLN PA 463 -61.08 -33.93 -55.74
CA GLN PA 463 -60.12 -34.36 -56.75
C GLN PA 463 -58.97 -35.15 -56.11
N ARG PA 464 -59.35 -36.10 -55.25
CA ARG PA 464 -58.36 -36.93 -54.58
C ARG PA 464 -57.68 -37.87 -55.57
N GLY PA 465 -56.47 -38.29 -55.22
CA GLY PA 465 -55.64 -39.10 -56.09
C GLY PA 465 -55.76 -40.59 -55.80
N ASN PA 466 -54.78 -41.33 -56.33
CA ASN PA 466 -54.74 -42.78 -56.21
C ASN PA 466 -53.73 -43.27 -55.18
N THR PA 467 -52.92 -42.38 -54.62
CA THR PA 467 -51.83 -42.76 -53.74
C THR PA 467 -52.12 -42.30 -52.31
N VAL PA 468 -51.71 -43.10 -51.35
CA VAL PA 468 -51.90 -42.78 -49.93
C VAL PA 468 -50.58 -42.61 -49.18
N TYR PA 469 -49.46 -43.01 -49.76
CA TYR PA 469 -48.15 -42.82 -49.15
C TYR PA 469 -47.19 -42.25 -50.18
N GLY PA 470 -46.27 -41.41 -49.73
CA GLY PA 470 -45.32 -40.76 -50.63
C GLY PA 470 -44.08 -41.60 -50.84
N THR PA 471 -43.74 -41.80 -52.12
CA THR PA 471 -42.53 -42.54 -52.49
C THR PA 471 -41.92 -41.88 -53.72
N GLN PA 472 -40.61 -42.07 -53.87
CA GLN PA 472 -39.88 -41.59 -55.04
C GLN PA 472 -38.54 -42.29 -55.10
N TRP PA 473 -37.93 -42.27 -56.29
CA TRP PA 473 -36.60 -42.82 -56.44
C TRP PA 473 -35.57 -41.78 -56.00
N PRO PA 474 -34.67 -42.13 -55.07
CA PRO PA 474 -33.75 -41.13 -54.51
C PRO PA 474 -32.84 -40.46 -55.52
N PHE PA 475 -32.44 -41.16 -56.57
CA PHE PA 475 -31.37 -40.69 -57.45
C PHE PA 475 -31.92 -40.15 -58.76
N LYS PA 476 -31.18 -39.21 -59.34
CA LYS PA 476 -31.50 -38.62 -60.63
C LYS PA 476 -30.72 -39.33 -61.73
N ALA PA 477 -30.82 -38.82 -62.95
CA ALA PA 477 -30.14 -39.42 -64.09
C ALA PA 477 -28.72 -38.87 -64.22
N ASN PA 478 -27.87 -39.65 -64.91
CA ASN PA 478 -26.47 -39.29 -65.14
C ASN PA 478 -25.74 -39.00 -63.83
N THR PA 479 -26.00 -39.83 -62.82
CA THR PA 479 -25.35 -39.69 -61.52
C THR PA 479 -24.61 -40.98 -61.18
N VAL PA 480 -23.76 -40.89 -60.16
CA VAL PA 480 -23.02 -42.06 -59.72
C VAL PA 480 -23.96 -43.09 -59.11
N GLY PA 481 -24.93 -42.63 -58.31
CA GLY PA 481 -25.85 -43.56 -57.67
C GLY PA 481 -26.75 -44.27 -58.64
N GLN PA 482 -27.18 -43.57 -59.70
CA GLN PA 482 -28.08 -44.18 -60.68
C GLN PA 482 -27.40 -45.32 -61.43
N GLN PA 483 -26.12 -45.14 -61.78
CA GLN PA 483 -25.41 -46.18 -62.53
C GLN PA 483 -25.24 -47.45 -61.71
N VAL PA 484 -24.98 -47.31 -60.40
CA VAL PA 484 -24.77 -48.48 -59.56
C VAL PA 484 -26.03 -49.31 -59.45
N HIS PA 485 -27.18 -48.65 -59.25
CA HIS PA 485 -28.46 -49.32 -59.09
C HIS PA 485 -29.24 -49.42 -60.39
N GLN PA 486 -28.55 -49.46 -61.53
CA GLN PA 486 -29.23 -49.43 -62.82
C GLN PA 486 -30.08 -50.68 -63.03
N GLU PA 487 -29.54 -51.85 -62.69
CA GLU PA 487 -30.24 -53.11 -62.94
C GLU PA 487 -31.32 -53.42 -61.92
N ILE PA 488 -31.31 -52.73 -60.77
CA ILE PA 488 -32.27 -53.02 -59.70
C ILE PA 488 -33.40 -52.00 -59.67
N MET PA 489 -33.29 -50.90 -60.40
CA MET PA 489 -34.30 -49.84 -60.33
C MET PA 489 -35.69 -50.30 -60.72
N PRO PA 490 -35.91 -51.04 -61.82
CA PRO PA 490 -37.29 -51.44 -62.15
C PRO PA 490 -37.97 -52.26 -61.07
N ASP PA 491 -37.23 -53.13 -60.37
CA ASP PA 491 -37.85 -53.96 -59.34
C ASP PA 491 -38.19 -53.14 -58.11
N LEU PA 492 -37.28 -52.27 -57.67
CA LEU PA 492 -37.55 -51.45 -56.49
C LEU PA 492 -38.67 -50.46 -56.76
N ILE PA 493 -38.68 -49.85 -57.94
CA ILE PA 493 -39.74 -48.89 -58.27
C ILE PA 493 -41.09 -49.59 -58.32
N LYS PA 494 -41.13 -50.82 -58.82
CA LYS PA 494 -42.36 -51.59 -58.82
C LYS PA 494 -42.85 -51.83 -57.40
N GLN PA 495 -41.93 -52.16 -56.48
CA GLN PA 495 -42.31 -52.32 -55.08
C GLN PA 495 -42.79 -51.01 -54.48
N LEU PA 496 -42.14 -49.90 -54.81
CA LEU PA 496 -42.54 -48.60 -54.27
C LEU PA 496 -43.96 -48.25 -54.71
N ASN PA 497 -44.28 -48.48 -55.97
CA ASN PA 497 -45.64 -48.22 -56.46
C ASN PA 497 -46.64 -49.15 -55.80
N ASN PA 498 -46.26 -50.41 -55.61
CA ASN PA 498 -47.16 -51.39 -55.00
C ASN PA 498 -47.52 -50.97 -53.57
N ASP PA 499 -46.54 -50.52 -52.81
CA ASP PA 499 -46.75 -50.19 -51.40
C ASP PA 499 -47.46 -48.87 -51.19
N SER PA 500 -47.74 -48.10 -52.24
CA SER PA 500 -48.30 -46.76 -52.10
C SER PA 500 -49.66 -46.59 -52.77
N GLN PA 501 -49.85 -47.17 -53.95
CA GLN PA 501 -51.07 -46.93 -54.71
C GLN PA 501 -52.24 -47.71 -54.14
N ILE PA 502 -53.42 -47.09 -54.16
CA ILE PA 502 -54.64 -47.78 -53.75
C ILE PA 502 -55.00 -48.87 -54.76
N ASN PA 503 -54.98 -48.52 -56.04
CA ASN PA 503 -55.30 -49.43 -57.12
C ASN PA 503 -54.12 -49.53 -58.07
N SER PA 504 -53.73 -50.75 -58.42
CA SER PA 504 -52.58 -50.98 -59.28
C SER PA 504 -52.96 -52.08 -60.28
N ASP PA 505 -51.95 -52.59 -60.99
CA ASP PA 505 -52.19 -53.67 -61.94
C ASP PA 505 -52.70 -54.92 -61.24
N ASP PA 506 -52.15 -55.22 -60.05
CA ASP PA 506 -52.59 -56.38 -59.29
C ASP PA 506 -54.03 -56.23 -58.80
N GLY PA 507 -54.53 -55.01 -58.67
CA GLY PA 507 -55.88 -54.76 -58.23
C GLY PA 507 -55.92 -53.94 -56.95
N ILE PA 508 -56.86 -54.27 -56.08
CA ILE PA 508 -57.09 -53.51 -54.86
C ILE PA 508 -56.06 -53.88 -53.81
N HIS PA 509 -55.41 -52.88 -53.22
CA HIS PA 509 -54.56 -53.07 -52.07
C HIS PA 509 -55.40 -52.90 -50.81
N SER PA 510 -55.56 -53.98 -50.04
CA SER PA 510 -56.50 -53.98 -48.94
C SER PA 510 -56.11 -52.96 -47.87
N GLN PA 511 -54.84 -52.95 -47.47
CA GLN PA 511 -54.41 -52.02 -46.44
C GLN PA 511 -54.51 -50.56 -46.92
N ASN PA 512 -54.12 -50.31 -48.17
CA ASN PA 512 -54.26 -48.97 -48.73
C ASN PA 512 -55.73 -48.60 -48.87
N TYR PA 513 -56.59 -49.56 -49.22
CA TYR PA 513 -58.02 -49.31 -49.27
C TYR PA 513 -58.56 -48.90 -47.90
N THR PA 514 -58.13 -49.59 -46.84
CA THR PA 514 -58.58 -49.26 -45.50
C THR PA 514 -58.10 -47.88 -45.08
N LYS PA 515 -56.85 -47.53 -45.44
CA LYS PA 515 -56.33 -46.21 -45.09
C LYS PA 515 -57.12 -45.10 -45.76
N GLU PA 516 -57.47 -45.28 -47.03
CA GLU PA 516 -58.22 -44.24 -47.74
C GLU PA 516 -59.59 -44.03 -47.10
N LEU PA 517 -60.24 -45.11 -46.65
CA LEU PA 517 -61.51 -44.97 -45.97
C LEU PA 517 -61.37 -44.17 -44.68
N SER PA 518 -60.30 -44.42 -43.93
CA SER PA 518 -60.10 -43.70 -42.67
C SER PA 518 -59.86 -42.21 -42.92
N ILE PA 519 -59.11 -41.87 -43.96
CA ILE PA 519 -58.88 -40.47 -44.29
C ILE PA 519 -60.19 -39.80 -44.70
N LEU PA 520 -60.98 -40.49 -45.53
CA LEU PA 520 -62.28 -39.95 -45.93
C LEU PA 520 -63.21 -39.78 -44.74
N ASN PA 521 -63.22 -40.77 -43.84
CA ASN PA 521 -64.07 -40.68 -42.66
C ASN PA 521 -63.64 -39.53 -41.75
N TYR PA 522 -62.33 -39.32 -41.61
CA TYR PA 522 -61.84 -38.21 -40.81
C TYR PA 522 -62.22 -36.88 -41.43
N LEU PA 523 -62.10 -36.76 -42.75
CA LEU PA 523 -62.46 -35.52 -43.43
C LEU PA 523 -63.97 -35.30 -43.42
N LEU PA 524 -64.74 -36.37 -43.51
CA LEU PA 524 -66.20 -36.23 -43.48
C LEU PA 524 -66.68 -35.72 -42.13
N GLU PA 525 -65.95 -36.02 -41.05
CA GLU PA 525 -66.35 -35.57 -39.72
C GLU PA 525 -66.25 -34.06 -39.56
N TYR PA 526 -65.62 -33.36 -40.52
CA TYR PA 526 -65.61 -31.90 -40.47
C TYR PA 526 -67.03 -31.35 -40.57
N PHE PA 527 -67.88 -31.98 -41.38
CA PHE PA 527 -69.20 -31.46 -41.69
C PHE PA 527 -70.32 -32.24 -40.99
N GLY PA 528 -69.99 -32.91 -39.89
CA GLY PA 528 -71.01 -33.57 -39.09
C GLY PA 528 -71.58 -34.85 -39.66
N THR PA 529 -70.89 -35.48 -40.61
CA THR PA 529 -71.31 -36.75 -41.17
C THR PA 529 -70.22 -37.78 -40.97
N HIS PA 530 -70.41 -38.96 -41.55
CA HIS PA 530 -69.43 -40.04 -41.39
C HIS PA 530 -69.51 -40.97 -42.59
N ARG PA 531 -68.47 -41.80 -42.72
CA ARG PA 531 -68.36 -42.74 -43.82
C ARG PA 531 -69.44 -43.81 -43.73
N ALA PA 532 -69.85 -44.32 -44.89
CA ALA PA 532 -70.78 -45.43 -44.95
C ALA PA 532 -70.08 -46.74 -44.60
N ALA PA 533 -70.90 -47.74 -44.26
CA ALA PA 533 -70.37 -49.05 -43.93
C ALA PA 533 -69.74 -49.70 -45.16
N ARG PA 534 -68.74 -50.55 -44.92
CA ARG PA 534 -68.04 -51.20 -46.02
C ARG PA 534 -69.01 -52.11 -46.77
N PRO PA 535 -68.93 -52.15 -48.10
CA PRO PA 535 -69.83 -53.02 -48.87
C PRO PA 535 -69.53 -54.49 -48.62
N LEU PA 536 -70.60 -55.29 -48.70
CA LEU PA 536 -70.48 -56.74 -48.57
C LEU PA 536 -70.73 -57.49 -49.87
N THR PA 537 -71.61 -56.96 -50.74
CA THR PA 537 -71.91 -57.59 -52.02
C THR PA 537 -71.79 -56.60 -53.17
N LEU PA 538 -71.11 -55.48 -52.97
CA LEU PA 538 -70.98 -54.44 -53.97
C LEU PA 538 -69.55 -54.40 -54.50
N ASP PA 539 -69.28 -53.42 -55.36
CA ASP PA 539 -67.98 -53.27 -56.01
C ASP PA 539 -67.13 -52.27 -55.24
N SER PA 540 -65.87 -52.65 -54.98
CA SER PA 540 -64.99 -51.80 -54.17
C SER PA 540 -64.72 -50.47 -54.86
N LEU PA 541 -64.43 -50.50 -56.16
CA LEU PA 541 -64.15 -49.25 -56.87
C LEU PA 541 -65.37 -48.35 -56.92
N ASP PA 542 -66.55 -48.93 -57.15
CA ASP PA 542 -67.78 -48.13 -57.14
C ASP PA 542 -68.05 -47.55 -55.77
N PHE PA 543 -67.76 -48.32 -54.71
CA PHE PA 543 -67.99 -47.83 -53.35
C PHE PA 543 -67.11 -46.62 -53.05
N LEU PA 544 -65.84 -46.65 -53.49
CA LEU PA 544 -64.94 -45.53 -53.23
C LEU PA 544 -65.41 -44.28 -53.95
N SER PA 545 -65.99 -44.44 -55.15
CA SER PA 545 -66.48 -43.29 -55.89
C SER PA 545 -67.62 -42.59 -55.14
N THR PA 546 -68.47 -43.36 -54.48
CA THR PA 546 -69.56 -42.77 -53.70
C THR PA 546 -69.03 -41.92 -52.56
N GLN PA 547 -68.03 -42.43 -51.84
CA GLN PA 547 -67.52 -41.72 -50.68
C GLN PA 547 -66.77 -40.45 -51.09
N ARG PA 548 -65.92 -40.56 -52.11
CA ARG PA 548 -65.17 -39.38 -52.58
C ARG PA 548 -66.11 -38.32 -53.15
N GLY PA 549 -67.11 -38.74 -53.93
CA GLY PA 549 -68.08 -37.79 -54.43
C GLY PA 549 -68.92 -37.19 -53.32
N TYR PA 550 -69.19 -37.98 -52.27
CA TYR PA 550 -69.93 -37.47 -51.12
C TYR PA 550 -69.16 -36.34 -50.44
N LEU PA 551 -67.85 -36.52 -50.25
CA LEU PA 551 -67.05 -35.49 -49.60
C LEU PA 551 -66.85 -34.29 -50.51
N ALA PA 552 -66.64 -34.53 -51.81
CA ALA PA 552 -66.30 -33.44 -52.72
C ALA PA 552 -67.47 -32.47 -52.92
N GLN PA 553 -68.70 -32.97 -52.87
CA GLN PA 553 -69.88 -32.15 -53.13
C GLN PA 553 -70.63 -31.78 -51.86
N GLN PA 554 -69.94 -31.80 -50.70
CA GLN PA 554 -70.58 -31.42 -49.46
C GLN PA 554 -71.19 -30.03 -49.48
N PRO PA 555 -70.53 -28.98 -49.99
CA PRO PA 555 -71.18 -27.65 -49.99
C PRO PA 555 -72.48 -27.62 -50.77
N GLU PA 556 -72.51 -28.20 -51.95
CA GLU PA 556 -73.72 -28.18 -52.76
C GLU PA 556 -74.80 -29.07 -52.17
N LEU PA 557 -74.42 -30.22 -51.62
CA LEU PA 557 -75.41 -31.20 -51.16
C LEU PA 557 -76.28 -30.63 -50.04
N THR PA 558 -75.66 -29.98 -49.05
CA THR PA 558 -76.40 -29.48 -47.91
C THR PA 558 -77.00 -28.10 -48.14
N TYR PA 559 -76.41 -27.27 -49.02
CA TYR PA 559 -77.03 -26.00 -49.36
C TYR PA 559 -78.33 -26.22 -50.12
N GLN PA 560 -78.36 -27.20 -51.01
CA GLN PA 560 -79.54 -27.56 -51.79
C GLN PA 560 -80.19 -28.83 -51.26
N ARG PA 561 -80.23 -28.97 -49.93
CA ARG PA 561 -80.71 -30.20 -49.30
C ARG PA 561 -82.13 -30.55 -49.74
N ASN PA 562 -82.94 -29.56 -50.10
CA ASN PA 562 -84.34 -29.77 -50.43
C ASN PA 562 -84.70 -29.25 -51.82
N ASN PA 563 -83.70 -28.98 -52.66
CA ASN PA 563 -83.92 -28.41 -53.97
C ASN PA 563 -83.96 -29.51 -55.03
N ILE PA 564 -84.86 -29.34 -56.00
CA ILE PA 564 -84.97 -30.27 -57.12
C ILE PA 564 -85.17 -29.46 -58.41
N ARG PA 565 -84.41 -29.82 -59.45
CA ARG PA 565 -84.51 -29.17 -60.74
C ARG PA 565 -84.64 -30.24 -61.82
N ILE PA 566 -85.17 -29.82 -62.98
CA ILE PA 566 -85.36 -30.74 -64.09
C ILE PA 566 -84.02 -31.10 -64.71
N ASP PA 567 -83.87 -32.37 -65.09
CA ASP PA 567 -82.68 -32.88 -65.78
C ASP PA 567 -81.42 -32.71 -64.94
N LYS PA 568 -81.56 -32.77 -63.62
CA LYS PA 568 -80.42 -32.70 -62.72
C LYS PA 568 -80.65 -33.66 -61.56
N VAL PA 569 -79.62 -34.42 -61.21
CA VAL PA 569 -79.73 -35.37 -60.11
C VAL PA 569 -79.93 -34.59 -58.81
N SER PA 570 -81.02 -34.89 -58.11
CA SER PA 570 -81.34 -34.17 -56.89
C SER PA 570 -80.36 -34.52 -55.78
N ALA PA 571 -80.21 -33.59 -54.84
CA ALA PA 571 -79.33 -33.82 -53.71
C ALA PA 571 -79.84 -34.95 -52.82
N LEU PA 572 -81.16 -35.15 -52.78
CA LEU PA 572 -81.71 -36.25 -51.99
C LEU PA 572 -81.25 -37.61 -52.53
N GLN PA 573 -81.21 -37.76 -53.86
CA GLN PA 573 -80.74 -39.00 -54.44
C GLN PA 573 -79.27 -39.23 -54.14
N LYS PA 574 -78.45 -38.19 -54.21
CA LYS PA 574 -77.02 -38.33 -53.93
C LYS PA 574 -76.79 -38.73 -52.49
N ARG PA 575 -77.55 -38.15 -51.55
CA ARG PA 575 -77.38 -38.50 -50.14
C ARG PA 575 -77.75 -39.95 -49.88
N ILE PA 576 -78.80 -40.44 -50.52
CA ILE PA 576 -79.20 -41.84 -50.35
C ILE PA 576 -78.13 -42.77 -50.89
N ALA PA 577 -77.59 -42.45 -52.07
CA ALA PA 577 -76.56 -43.28 -52.67
C ALA PA 577 -75.30 -43.30 -51.81
N ALA PA 578 -74.89 -42.13 -51.29
CA ALA PA 578 -73.69 -42.06 -50.48
C ALA PA 578 -73.84 -42.85 -49.18
N ARG PA 579 -75.01 -42.77 -48.54
CA ARG PA 579 -75.22 -43.46 -47.27
C ARG PA 579 -75.16 -44.98 -47.45
N LEU PA 580 -75.71 -45.48 -48.56
CA LEU PA 580 -75.68 -46.91 -48.82
C LEU PA 580 -74.43 -47.36 -49.58
N GLY PA 581 -73.61 -46.42 -50.05
CA GLY PA 581 -72.40 -46.76 -50.76
C GLY PA 581 -72.66 -47.50 -52.06
N LEU PA 582 -73.60 -47.00 -52.85
CA LEU PA 582 -74.01 -47.67 -54.08
C LEU PA 582 -74.24 -46.63 -55.17
N GLY PA 583 -73.73 -46.92 -56.36
CA GLY PA 583 -73.98 -46.06 -57.50
C GLY PA 583 -73.22 -44.76 -57.50
N GLY PA 584 -71.89 -44.84 -57.65
CA GLY PA 584 -71.07 -43.64 -57.69
C GLY PA 584 -71.13 -42.88 -58.99
N LYS PA 585 -71.82 -43.41 -60.00
CA LYS PA 585 -71.94 -42.72 -61.28
C LYS PA 585 -72.80 -41.46 -61.18
N CYS PA 586 -73.63 -41.34 -60.14
CA CYS PA 586 -74.52 -40.20 -60.01
C CYS PA 586 -73.86 -38.98 -59.39
N PHE PA 587 -72.60 -39.09 -58.98
CA PHE PA 587 -71.90 -37.98 -58.34
C PHE PA 587 -71.12 -37.12 -59.32
N GLU PA 588 -71.19 -37.40 -60.61
CA GLU PA 588 -70.57 -36.58 -61.63
C GLU PA 588 -71.65 -35.98 -62.52
N GLU PA 589 -71.45 -34.72 -62.92
CA GLU PA 589 -72.43 -34.01 -63.71
C GLU PA 589 -72.55 -34.62 -65.11
N THR PA 590 -73.70 -34.35 -65.75
CA THR PA 590 -74.02 -34.86 -67.09
C THR PA 590 -73.93 -36.39 -67.13
N SER PA 591 -74.41 -37.03 -66.07
CA SER PA 591 -74.44 -38.50 -66.00
C SER PA 591 -75.76 -38.99 -66.58
N LYS PA 592 -75.97 -38.65 -67.84
CA LYS PA 592 -77.20 -39.00 -68.55
C LYS PA 592 -77.11 -40.35 -69.28
N LEU PA 593 -75.93 -40.98 -69.27
CA LEU PA 593 -75.73 -42.24 -69.98
C LEU PA 593 -75.12 -43.32 -69.09
N ASP PA 594 -75.04 -43.10 -67.77
CA ASP PA 594 -74.31 -43.99 -66.90
C ASP PA 594 -75.17 -45.08 -66.28
N GLU PA 595 -76.48 -45.08 -66.51
CA GLU PA 595 -77.38 -46.13 -66.03
C GLU PA 595 -77.29 -46.29 -64.51
N LEU PA 596 -77.77 -45.26 -63.82
CA LEU PA 596 -77.74 -45.24 -62.37
C LEU PA 596 -78.53 -46.43 -61.82
N PRO PA 597 -78.08 -47.04 -60.72
CA PRO PA 597 -78.80 -48.21 -60.19
C PRO PA 597 -80.20 -47.91 -59.69
N PHE PA 598 -80.51 -46.65 -59.41
CA PHE PA 598 -81.86 -46.30 -58.95
C PHE PA 598 -82.14 -44.86 -59.35
N TYR PA 599 -83.43 -44.53 -59.41
CA TYR PA 599 -83.90 -43.22 -59.82
C TYR PA 599 -84.98 -42.73 -58.87
N LEU PA 600 -85.07 -41.41 -58.73
CA LEU PA 600 -86.07 -40.78 -57.88
C LEU PA 600 -87.01 -39.94 -58.73
N ILE PA 601 -88.31 -40.07 -58.49
CA ILE PA 601 -89.34 -39.39 -59.27
C ILE PA 601 -90.24 -38.62 -58.31
N GLU PA 602 -90.45 -37.34 -58.59
CA GLU PA 602 -91.36 -36.51 -57.81
C GLU PA 602 -92.76 -36.65 -58.40
N HIS PA 603 -93.71 -37.10 -57.57
CA HIS PA 603 -95.05 -37.41 -58.07
C HIS PA 603 -95.77 -36.18 -58.58
N ARG PA 604 -95.56 -35.03 -57.92
CA ARG PA 604 -96.27 -33.81 -58.33
C ARG PA 604 -95.94 -33.39 -59.75
N GLN PA 605 -94.75 -33.77 -60.26
CA GLN PA 605 -94.37 -33.39 -61.62
C GLN PA 605 -95.27 -34.02 -62.67
N LEU PA 606 -96.06 -35.03 -62.32
CA LEU PA 606 -96.95 -35.71 -63.25
C LEU PA 606 -98.38 -35.21 -63.14
N LEU PA 607 -98.57 -33.93 -62.86
CA LEU PA 607 -99.89 -33.34 -62.73
C LEU PA 607 -99.99 -32.07 -63.56
N PRO PA 608 -101.19 -31.75 -64.04
CA PRO PA 608 -101.37 -30.50 -64.79
C PRO PA 608 -101.74 -29.34 -63.89
N VAL PA 609 -101.50 -28.14 -64.41
CA VAL PA 609 -101.87 -26.91 -63.71
C VAL PA 609 -103.37 -26.72 -63.76
N LYS PA 610 -103.96 -26.33 -62.64
CA LYS PA 610 -105.39 -26.10 -62.58
C LYS PA 610 -105.77 -24.95 -63.51
N PRO PA 611 -106.66 -25.16 -64.48
CA PRO PA 611 -106.94 -24.14 -65.49
C PRO PA 611 -108.09 -23.22 -65.08
N ASP PA 612 -108.28 -22.18 -65.89
CA ASP PA 612 -109.39 -21.26 -65.66
C ASP PA 612 -110.71 -21.92 -66.03
N THR PA 613 -111.76 -21.56 -65.28
CA THR PA 613 -113.08 -22.15 -65.52
C THR PA 613 -113.75 -21.59 -66.77
N LYS PA 614 -113.27 -20.48 -67.32
CA LYS PA 614 -113.89 -19.91 -68.52
C LYS PA 614 -113.74 -20.85 -69.71
N PHE PA 615 -112.58 -21.49 -69.84
CA PHE PA 615 -112.25 -22.26 -71.04
C PHE PA 615 -112.71 -23.71 -70.95
N ASP PA 616 -113.57 -24.05 -69.99
CA ASP PA 616 -114.11 -25.40 -69.94
C ASP PA 616 -114.94 -25.72 -71.17
N LYS PA 617 -115.77 -24.76 -71.61
CA LYS PA 617 -116.54 -24.93 -72.83
C LYS PA 617 -115.64 -24.75 -74.05
N GLU PA 618 -116.06 -25.35 -75.16
CA GLU PA 618 -115.26 -25.33 -76.38
C GLU PA 618 -115.21 -23.93 -77.00
N GLN PA 619 -114.12 -23.66 -77.69
CA GLN PA 619 -113.93 -22.38 -78.38
C GLN PA 619 -113.31 -22.65 -79.75
N LYS PA 620 -113.43 -21.65 -80.63
CA LYS PA 620 -112.88 -21.74 -81.97
C LYS PA 620 -111.71 -20.79 -82.10
N PRO PA 621 -110.52 -21.26 -82.48
CA PRO PA 621 -109.37 -20.36 -82.62
C PRO PA 621 -109.59 -19.33 -83.73
N ASP PA 622 -109.01 -18.15 -83.53
CA ASP PA 622 -109.10 -17.07 -84.50
C ASP PA 622 -107.93 -17.03 -85.47
N LYS PA 623 -106.90 -17.86 -85.26
CA LYS PA 623 -105.76 -17.95 -86.16
C LYS PA 623 -104.96 -19.18 -85.79
N LEU PA 624 -104.45 -19.87 -86.81
CA LEU PA 624 -103.75 -21.12 -86.62
C LEU PA 624 -102.72 -21.30 -87.73
N LYS PA 625 -101.53 -21.74 -87.35
CA LYS PA 625 -100.45 -21.98 -88.30
C LYS PA 625 -99.54 -23.06 -87.73
N ILE PA 626 -98.76 -23.67 -88.62
CA ILE PA 626 -97.85 -24.75 -88.27
C ILE PA 626 -96.45 -24.36 -88.71
N LYS PA 627 -95.47 -24.49 -87.81
CA LYS PA 627 -94.08 -24.18 -88.10
C LYS PA 627 -93.20 -25.36 -87.73
N SER PA 628 -92.16 -25.58 -88.54
CA SER PA 628 -91.20 -26.65 -88.32
C SER PA 628 -89.94 -26.05 -87.66
N VAL PA 629 -89.53 -26.65 -86.55
CA VAL PA 629 -88.33 -26.15 -85.85
C VAL PA 629 -87.10 -26.39 -86.72
N PRO PA 630 -86.15 -25.47 -86.74
CA PRO PA 630 -84.93 -25.69 -87.53
C PRO PA 630 -84.08 -26.81 -86.94
N ASN PA 631 -83.37 -27.50 -87.84
CA ASN PA 631 -82.42 -28.56 -87.48
C ASN PA 631 -83.08 -29.65 -86.64
N SER PA 632 -84.34 -29.95 -86.95
CA SER PA 632 -85.05 -31.01 -86.25
C SER PA 632 -86.29 -31.39 -87.05
N LYS PA 633 -86.80 -32.60 -86.79
CA LYS PA 633 -87.98 -33.10 -87.47
C LYS PA 633 -89.28 -32.70 -86.78
N ASN PA 634 -89.21 -32.10 -85.60
CA ASN PA 634 -90.42 -31.75 -84.86
C ASN PA 634 -91.07 -30.49 -85.46
N GLN PA 635 -92.30 -30.25 -85.05
CA GLN PA 635 -93.06 -29.09 -85.50
C GLN PA 635 -93.83 -28.51 -84.32
N GLN PA 636 -94.08 -27.21 -84.38
CA GLN PA 636 -94.86 -26.51 -83.36
C GLN PA 636 -96.19 -26.06 -83.97
N LEU PA 637 -97.27 -26.35 -83.25
CA LEU PA 637 -98.60 -25.93 -83.65
C LEU PA 637 -98.95 -24.66 -82.89
N ILE PA 638 -99.13 -23.56 -83.61
CA ILE PA 638 -99.36 -22.24 -83.02
C ILE PA 638 -100.84 -21.91 -83.14
N ILE PA 639 -101.49 -21.67 -82.00
CA ILE PA 639 -102.90 -21.34 -81.94
C ILE PA 639 -103.05 -19.92 -81.39
N THR PA 640 -103.94 -19.14 -82.00
CA THR PA 640 -104.16 -17.76 -81.61
C THR PA 640 -105.63 -17.54 -81.32
N GLN PA 641 -105.93 -17.04 -80.12
CA GLN PA 641 -107.28 -16.69 -79.72
C GLN PA 641 -107.25 -15.35 -79.01
N ASN PA 642 -108.23 -14.50 -79.32
CA ASN PA 642 -108.28 -13.16 -78.75
C ASN PA 642 -108.95 -13.17 -77.37
N GLY PA 643 -108.68 -12.13 -76.61
CA GLY PA 643 -109.26 -12.00 -75.28
C GLY PA 643 -108.81 -13.07 -74.31
N THR PA 644 -107.51 -13.39 -74.31
CA THR PA 644 -106.97 -14.45 -73.46
C THR PA 644 -105.68 -14.02 -72.76
N THR PA 645 -105.45 -12.72 -72.63
CA THR PA 645 -104.22 -12.24 -72.02
C THR PA 645 -104.24 -12.51 -70.51
N GLY PA 646 -103.17 -13.11 -70.02
CA GLY PA 646 -103.07 -13.40 -68.60
C GLY PA 646 -104.06 -14.43 -68.10
N GLN PA 647 -104.60 -15.26 -69.00
CA GLN PA 647 -105.58 -16.26 -68.64
C GLN PA 647 -105.14 -17.68 -68.96
N LEU PA 648 -104.05 -17.86 -69.68
CA LEU PA 648 -103.51 -19.17 -70.00
C LEU PA 648 -102.14 -19.34 -69.36
N LEU PA 649 -101.88 -20.53 -68.83
CA LEU PA 649 -100.67 -20.80 -68.08
C LEU PA 649 -99.88 -21.94 -68.73
N TYR PA 650 -98.56 -21.90 -68.53
CA TYR PA 650 -97.73 -23.02 -68.95
C TYR PA 650 -98.11 -24.27 -68.18
N GLY PA 651 -98.07 -25.42 -68.86
CA GLY PA 651 -98.48 -26.66 -68.26
C GLY PA 651 -99.97 -26.93 -68.26
N GLN PA 652 -100.77 -26.03 -68.85
CA GLN PA 652 -102.19 -26.26 -68.95
C GLN PA 652 -102.48 -27.37 -69.96
N VAL PA 653 -103.28 -28.34 -69.56
CA VAL PA 653 -103.60 -29.47 -70.43
C VAL PA 653 -104.93 -29.22 -71.14
N ARG PA 673 -105.96 -35.49 -77.17
CA ARG PA 673 -105.91 -35.63 -75.72
C ARG PA 673 -104.49 -35.48 -75.20
N GLY PA 674 -104.36 -34.98 -73.97
CA GLY PA 674 -103.07 -34.83 -73.34
C GLY PA 674 -102.14 -33.85 -74.04
N GLN PA 675 -102.66 -32.70 -74.43
CA GLN PA 675 -101.88 -31.65 -75.08
C GLN PA 675 -101.69 -30.52 -74.09
N MET PA 676 -100.44 -30.10 -73.91
CA MET PA 676 -100.09 -29.06 -72.94
C MET PA 676 -99.76 -27.76 -73.67
N ILE PA 677 -100.26 -26.65 -73.14
CA ILE PA 677 -99.85 -25.33 -73.62
C ILE PA 677 -98.43 -25.04 -73.16
N THR PA 678 -97.56 -24.69 -74.10
CA THR PA 678 -96.15 -24.45 -73.79
C THR PA 678 -95.80 -22.97 -73.72
N ASP PA 679 -96.22 -22.17 -74.69
CA ASP PA 679 -95.94 -20.74 -74.71
C ASP PA 679 -97.21 -19.93 -74.45
N ILE PA 680 -97.04 -18.74 -73.88
CA ILE PA 680 -98.14 -17.81 -73.66
C ILE PA 680 -97.77 -16.48 -74.29
N THR PA 681 -96.94 -16.51 -75.33
CA THR PA 681 -96.46 -15.27 -75.95
C THR PA 681 -97.63 -14.52 -76.59
N GLY PA 682 -97.88 -13.32 -76.10
CA GLY PA 682 -98.99 -12.52 -76.61
C GLY PA 682 -100.32 -13.23 -76.38
N GLU PA 683 -101.13 -13.27 -77.42
CA GLU PA 683 -102.43 -13.94 -77.38
C GLU PA 683 -102.41 -15.29 -78.08
N SER PA 684 -101.22 -15.87 -78.26
CA SER PA 684 -101.07 -17.14 -78.96
C SER PA 684 -100.35 -18.14 -78.07
N PHE PA 685 -100.80 -19.39 -78.10
CA PHE PA 685 -100.18 -20.47 -77.34
C PHE PA 685 -99.74 -21.57 -78.31
N ILE PA 686 -98.60 -22.17 -78.00
CA ILE PA 686 -97.92 -23.08 -78.92
C ILE PA 686 -97.92 -24.47 -78.32
N LEU PA 687 -98.33 -25.45 -79.11
CA LEU PA 687 -98.19 -26.87 -78.78
C LEU PA 687 -97.04 -27.48 -79.57
N ASP PA 688 -96.52 -28.59 -79.07
CA ASP PA 688 -95.37 -29.24 -79.68
C ASP PA 688 -95.72 -30.67 -80.08
N THR PA 689 -95.27 -31.06 -81.28
CA THR PA 689 -95.49 -32.40 -81.76
C THR PA 689 -94.61 -33.43 -81.07
N ARG PA 690 -93.56 -33.00 -80.36
CA ARG PA 690 -92.68 -33.93 -79.68
C ARG PA 690 -93.37 -34.63 -78.52
N ASN PA 691 -94.26 -33.94 -77.81
CA ASN PA 691 -94.90 -34.50 -76.64
C ASN PA 691 -96.06 -35.42 -76.97
N SER PA 692 -96.57 -35.39 -78.20
CA SER PA 692 -97.72 -36.20 -78.58
C SER PA 692 -97.49 -36.76 -79.97
N THR PA 693 -97.47 -38.10 -80.08
CA THR PA 693 -97.34 -38.73 -81.39
C THR PA 693 -98.63 -38.57 -82.20
N ALA PA 694 -99.79 -38.55 -81.52
CA ALA PA 694 -101.05 -38.39 -82.23
C ALA PA 694 -101.10 -37.06 -82.96
N LEU PA 695 -100.63 -35.99 -82.32
CA LEU PA 695 -100.57 -34.69 -82.99
C LEU PA 695 -99.63 -34.74 -84.18
N ALA PA 696 -98.50 -35.44 -84.03
CA ALA PA 696 -97.56 -35.58 -85.14
C ALA PA 696 -98.13 -36.41 -86.28
N ARG PA 697 -99.20 -37.17 -86.05
CA ARG PA 697 -99.81 -37.97 -87.10
C ARG PA 697 -100.97 -37.27 -87.77
N SER PA 698 -101.88 -36.69 -86.98
CA SER PA 698 -103.08 -36.03 -87.51
C SER PA 698 -102.88 -34.53 -87.67
N LEU PA 699 -101.66 -34.09 -87.95
CA LEU PA 699 -101.41 -32.66 -88.13
C LEU PA 699 -102.10 -32.14 -89.39
N ILE PA 700 -102.24 -32.98 -90.41
CA ILE PA 700 -102.96 -32.57 -91.61
C ILE PA 700 -104.46 -32.47 -91.34
N ASP PA 701 -105.00 -33.41 -90.56
CA ASP PA 701 -106.44 -33.41 -90.28
C ASP PA 701 -106.88 -32.16 -89.54
N VAL PA 702 -106.11 -31.75 -88.52
CA VAL PA 702 -106.46 -30.53 -87.80
C VAL PA 702 -106.29 -29.31 -88.70
N GLN PA 703 -105.28 -29.33 -89.58
CA GLN PA 703 -105.14 -28.26 -90.56
C GLN PA 703 -106.34 -28.21 -91.49
N ASN PA 704 -106.82 -29.37 -91.93
CA ASN PA 704 -108.03 -29.41 -92.74
C ASN PA 704 -109.24 -28.95 -91.95
N ALA PA 705 -109.33 -29.34 -90.68
CA ALA PA 705 -110.44 -28.89 -89.84
C ALA PA 705 -110.42 -27.38 -89.67
N TYR PA 706 -109.23 -26.79 -89.54
CA TYR PA 706 -109.12 -25.34 -89.49
C TYR PA 706 -109.54 -24.71 -90.80
N ASN PA 707 -109.21 -25.35 -91.93
CA ASN PA 707 -109.54 -24.79 -93.23
C ASN PA 707 -111.05 -24.65 -93.40
N ASP PA 708 -111.81 -25.66 -92.98
CA ASP PA 708 -113.26 -25.57 -93.01
C ASP PA 708 -113.86 -24.96 -91.75
N GLY PA 709 -113.02 -24.55 -90.80
CA GLY PA 709 -113.49 -23.86 -89.61
C GLY PA 709 -114.31 -24.70 -88.66
N ASN PA 710 -113.89 -25.93 -88.38
CA ASN PA 710 -114.58 -26.80 -87.43
C ASN PA 710 -113.59 -27.47 -86.50
N LEU PA 711 -112.59 -26.72 -86.05
CA LEU PA 711 -111.60 -27.21 -85.10
C LEU PA 711 -111.82 -26.52 -83.76
N TYR PA 712 -112.11 -27.31 -82.72
CA TYR PA 712 -112.46 -26.79 -81.41
C TYR PA 712 -111.50 -27.31 -80.36
N TRP PA 713 -111.12 -26.43 -79.44
CA TRP PA 713 -110.23 -26.79 -78.34
C TRP PA 713 -110.83 -26.29 -77.03
N CYS PA 714 -110.58 -27.04 -75.96
CA CYS PA 714 -111.06 -26.68 -74.64
C CYS PA 714 -110.22 -27.40 -73.60
N ASN PA 715 -110.47 -27.07 -72.33
CA ASN PA 715 -109.83 -27.79 -71.24
C ASN PA 715 -110.28 -29.24 -71.25
N SER PA 716 -109.35 -30.14 -71.01
CA SER PA 716 -109.65 -31.56 -71.05
C SER PA 716 -110.64 -31.91 -69.94
N PRO PA 717 -111.83 -32.43 -70.27
CA PRO PA 717 -112.76 -32.82 -69.20
C PRO PA 717 -112.21 -33.91 -68.29
N VAL PA 718 -111.41 -34.83 -68.84
CA VAL PA 718 -110.74 -35.86 -68.07
C VAL PA 718 -109.28 -35.86 -68.46
N TRP PA 719 -108.39 -35.61 -67.51
CA TRP PA 719 -106.97 -35.47 -67.79
C TRP PA 719 -106.16 -36.72 -67.52
N MET PA 720 -106.63 -37.62 -66.65
CA MET PA 720 -105.92 -38.89 -66.43
C MET PA 720 -106.87 -39.85 -65.73
N GLU PA 721 -106.90 -41.08 -66.21
CA GLU PA 721 -107.87 -42.08 -65.78
C GLU PA 721 -107.29 -42.99 -64.71
N ASP PA 722 -108.12 -43.93 -64.25
CA ASP PA 722 -107.69 -44.89 -63.25
C ASP PA 722 -106.73 -45.90 -63.87
N MET PA 723 -106.11 -46.71 -63.02
CA MET PA 723 -105.12 -47.68 -63.44
C MET PA 723 -105.70 -49.08 -63.50
N ASP PA 724 -105.56 -49.73 -64.65
CA ASP PA 724 -105.98 -51.11 -64.84
C ASP PA 724 -104.81 -51.89 -65.43
N TYR PA 725 -104.53 -53.06 -64.85
CA TYR PA 725 -103.36 -53.85 -65.21
C TYR PA 725 -103.71 -54.93 -66.21
N GLN PA 726 -102.79 -55.20 -67.11
CA GLN PA 726 -102.94 -56.29 -68.06
C GLN PA 726 -102.89 -57.64 -67.35
N LEU PA 727 -103.59 -58.62 -67.91
CA LEU PA 727 -103.60 -59.97 -67.38
C LEU PA 727 -102.49 -60.77 -68.06
N VAL PA 728 -101.49 -61.18 -67.28
CA VAL PA 728 -100.37 -61.98 -67.77
C VAL PA 728 -100.21 -63.18 -66.85
N TYR PA 729 -100.16 -64.37 -67.43
CA TYR PA 729 -100.05 -65.60 -66.66
C TYR PA 729 -98.58 -65.96 -66.43
N ALA PA 730 -98.29 -66.44 -65.23
CA ALA PA 730 -96.94 -66.86 -64.91
C ALA PA 730 -96.64 -68.22 -65.55
N SER PA 731 -95.38 -68.63 -65.46
CA SER PA 731 -94.96 -69.89 -66.05
C SER PA 731 -95.59 -71.07 -65.32
N GLU PA 732 -95.61 -72.22 -66.00
CA GLU PA 732 -96.26 -73.41 -65.46
C GLU PA 732 -95.60 -73.88 -64.16
N ILE PA 733 -94.29 -73.68 -64.03
CA ILE PA 733 -93.60 -74.11 -62.81
C ILE PA 733 -94.16 -73.40 -61.59
N TYR PA 734 -94.52 -72.12 -61.74
CA TYR PA 734 -95.11 -71.38 -60.64
C TYR PA 734 -96.54 -71.80 -60.34
N GLN PA 735 -97.24 -72.39 -61.31
CA GLN PA 735 -98.64 -72.77 -61.16
C GLN PA 735 -98.72 -74.02 -60.29
N THR PA 736 -98.55 -73.83 -58.99
CA THR PA 736 -98.68 -74.90 -58.01
C THR PA 736 -99.99 -74.81 -57.23
N GLY PA 737 -100.89 -73.91 -57.61
CA GLY PA 737 -102.13 -73.73 -56.90
C GLY PA 737 -103.20 -74.70 -57.36
N THR PA 738 -104.40 -74.51 -56.80
CA THR PA 738 -105.54 -75.35 -57.10
C THR PA 738 -106.22 -74.87 -58.38
N GLU PA 739 -107.41 -75.38 -58.66
CA GLU PA 739 -108.13 -75.01 -59.87
C GLU PA 739 -108.54 -73.54 -59.85
N ASN PA 740 -108.75 -72.97 -58.67
CA ASN PA 740 -109.13 -71.57 -58.54
C ASN PA 740 -107.96 -70.66 -58.20
N GLU PA 741 -106.74 -71.19 -58.18
CA GLU PA 741 -105.56 -70.42 -57.85
C GLU PA 741 -104.65 -70.34 -59.07
N ARG PA 742 -104.34 -69.11 -59.50
CA ARG PA 742 -103.40 -68.85 -60.58
C ARG PA 742 -102.40 -67.80 -60.12
N TRP PA 743 -101.21 -67.84 -60.72
CA TRP PA 743 -100.15 -66.90 -60.39
C TRP PA 743 -100.00 -65.89 -61.53
N ILE PA 744 -100.05 -64.61 -61.18
CA ILE PA 744 -99.98 -63.53 -62.15
C ILE PA 744 -98.64 -62.83 -61.97
N THR PA 745 -97.86 -62.76 -63.05
CA THR PA 745 -96.52 -62.19 -63.01
C THR PA 745 -96.52 -60.79 -63.60
N SER PA 746 -95.59 -59.97 -63.12
CA SER PA 746 -95.39 -58.65 -63.71
C SER PA 746 -94.80 -58.79 -65.10
N SER PA 747 -95.24 -57.92 -66.01
CA SER PA 747 -94.85 -57.94 -67.40
C SER PA 747 -94.47 -56.53 -67.83
N PRO PA 748 -93.65 -56.39 -68.87
CA PRO PA 748 -93.35 -55.05 -69.38
C PRO PA 748 -94.58 -54.27 -69.79
N GLN PA 749 -95.68 -54.93 -70.12
CA GLN PA 749 -96.95 -54.28 -70.41
C GLN PA 749 -97.88 -54.24 -69.20
N SER PA 750 -97.43 -54.72 -68.05
CA SER PA 750 -98.27 -54.75 -66.84
C SER PA 750 -97.38 -54.58 -65.62
N PRO PA 751 -97.20 -53.35 -65.14
CA PRO PA 751 -96.38 -53.12 -63.96
C PRO PA 751 -97.01 -53.72 -62.72
N PHE PA 752 -96.15 -54.10 -61.77
CA PHE PA 752 -96.62 -54.65 -60.50
C PHE PA 752 -97.34 -53.56 -59.70
N PRO PA 753 -98.47 -53.89 -59.07
CA PRO PA 753 -99.20 -52.88 -58.30
C PRO PA 753 -98.43 -52.46 -57.05
N ALA PA 754 -98.34 -51.15 -56.85
CA ALA PA 754 -97.55 -50.60 -55.75
C ALA PA 754 -98.29 -50.56 -54.42
N MET PA 755 -99.57 -50.94 -54.39
CA MET PA 755 -100.36 -50.87 -53.17
C MET PA 755 -101.10 -52.17 -52.87
N ILE PA 756 -100.67 -53.28 -53.47
CA ILE PA 756 -101.40 -54.53 -53.34
C ILE PA 756 -101.37 -55.01 -51.90
N GLU PA 757 -102.53 -55.42 -51.39
CA GLU PA 757 -102.66 -55.95 -50.05
C GLU PA 757 -103.45 -57.26 -50.11
N GLU PA 758 -103.19 -58.14 -49.14
CA GLU PA 758 -103.79 -59.46 -49.15
C GLU PA 758 -105.29 -59.38 -48.90
N ASN PA 759 -106.02 -60.38 -49.41
CA ASN PA 759 -107.47 -60.50 -49.29
C ASN PA 759 -108.20 -59.31 -49.92
N ASP PA 760 -107.62 -58.69 -50.92
CA ASP PA 760 -108.27 -57.59 -51.62
C ASP PA 760 -109.04 -58.11 -52.82
N GLU PA 761 -110.29 -57.66 -52.95
CA GLU PA 761 -111.14 -58.12 -54.04
C GLU PA 761 -110.64 -57.58 -55.38
N ILE PA 762 -110.72 -58.42 -56.40
CA ILE PA 762 -110.19 -58.10 -57.73
C ILE PA 762 -111.28 -58.35 -58.76
N THR PA 763 -111.31 -57.51 -59.79
CA THR PA 763 -112.27 -57.62 -60.87
C THR PA 763 -111.53 -57.73 -62.20
N LEU PA 764 -111.92 -58.70 -63.02
CA LEU PA 764 -111.32 -58.88 -64.33
C LEU PA 764 -112.16 -58.17 -65.38
N ARG PA 816 -107.52 -57.60 -68.93
CA ARG PA 816 -107.21 -56.50 -68.03
C ARG PA 816 -108.01 -56.61 -66.74
N TRP PA 817 -107.42 -56.15 -65.64
CA TRP PA 817 -108.04 -56.24 -64.33
C TRP PA 817 -107.80 -54.96 -63.54
N TYR PA 818 -108.56 -54.81 -62.46
CA TYR PA 818 -108.43 -53.67 -61.57
C TYR PA 818 -108.97 -54.08 -60.20
N PHE PA 819 -108.85 -53.18 -59.23
CA PHE PA 819 -109.33 -53.44 -57.89
C PHE PA 819 -110.81 -53.06 -57.78
N SER PA 820 -111.63 -54.01 -57.33
CA SER PA 820 -113.06 -53.72 -57.16
C SER PA 820 -113.28 -52.63 -56.14
N SER PA 821 -112.61 -52.73 -54.99
CA SER PA 821 -112.64 -51.67 -53.99
C SER PA 821 -111.77 -50.51 -54.50
N GLU PA 822 -112.34 -49.31 -54.50
CA GLU PA 822 -111.68 -48.15 -55.08
C GLU PA 822 -111.00 -47.28 -54.03
N LYS PA 823 -110.90 -47.75 -52.78
CA LYS PA 823 -110.25 -46.97 -51.73
C LYS PA 823 -108.80 -46.64 -52.07
N TYR PA 824 -108.16 -47.43 -52.93
CA TYR PA 824 -106.82 -47.10 -53.39
C TYR PA 824 -106.83 -45.81 -54.20
N ALA PA 825 -107.91 -45.57 -54.95
CA ALA PA 825 -108.01 -44.34 -55.73
C ALA PA 825 -108.30 -43.14 -54.85
N LEU PA 826 -108.98 -43.34 -53.71
CA LEU PA 826 -109.28 -42.21 -52.82
C LEU PA 826 -108.04 -41.76 -52.06
N ALA PA 827 -107.08 -42.65 -51.82
CA ALA PA 827 -105.88 -42.28 -51.10
C ALA PA 827 -105.08 -41.27 -51.91
N ASP PA 828 -104.55 -40.25 -51.22
CA ASP PA 828 -103.76 -39.24 -51.88
C ASP PA 828 -102.40 -39.82 -52.26
N ARG PA 829 -102.00 -39.62 -53.52
CA ARG PA 829 -100.78 -40.22 -54.03
C ARG PA 829 -99.84 -39.19 -54.66
N PHE PA 830 -100.13 -37.90 -54.54
CA PHE PA 830 -99.33 -36.88 -55.19
C PHE PA 830 -98.80 -35.81 -54.23
N SER PA 831 -99.27 -35.76 -52.99
CA SER PA 831 -98.83 -34.74 -52.04
C SER PA 831 -97.62 -35.26 -51.28
N PHE PA 832 -96.44 -34.71 -51.59
CA PHE PA 832 -95.20 -35.03 -50.89
C PHE PA 832 -94.90 -36.52 -50.93
N VAL PA 833 -94.95 -37.09 -52.14
CA VAL PA 833 -94.65 -38.50 -52.36
C VAL PA 833 -93.56 -38.59 -53.42
N VAL PA 834 -92.58 -39.46 -53.17
CA VAL PA 834 -91.46 -39.68 -54.08
C VAL PA 834 -91.37 -41.17 -54.37
N SER PA 835 -91.16 -41.52 -55.64
CA SER PA 835 -91.05 -42.91 -56.06
C SER PA 835 -89.59 -43.23 -56.35
N MET PA 836 -89.13 -44.35 -55.79
CA MET PA 836 -87.75 -44.81 -55.96
C MET PA 836 -87.78 -46.09 -56.78
N VAL PA 837 -87.40 -46.00 -58.05
CA VAL PA 837 -87.36 -47.14 -58.94
C VAL PA 837 -85.95 -47.74 -58.89
N ILE PA 838 -85.87 -49.01 -58.48
CA ILE PA 838 -84.60 -49.66 -58.22
C ILE PA 838 -84.49 -50.90 -59.10
N ASN PA 839 -83.30 -51.13 -59.63
CA ASN PA 839 -83.01 -52.36 -60.34
C ASN PA 839 -83.01 -53.53 -59.35
N SER PA 840 -83.56 -54.67 -59.79
CA SER PA 840 -83.63 -55.85 -58.95
C SER PA 840 -82.43 -56.77 -59.10
N GLN PA 841 -81.49 -56.45 -59.99
CA GLN PA 841 -80.28 -57.25 -60.12
C GLN PA 841 -79.41 -57.15 -58.87
N LEU PA 842 -79.54 -56.07 -58.12
CA LEU PA 842 -78.71 -55.88 -56.92
C LEU PA 842 -78.97 -56.98 -55.90
N VAL PA 843 -80.24 -57.32 -55.66
CA VAL PA 843 -80.58 -58.33 -54.67
C VAL PA 843 -80.52 -59.74 -55.24
N LYS PA 844 -80.13 -59.91 -56.49
CA LYS PA 844 -79.99 -61.23 -57.09
C LYS PA 844 -78.72 -61.86 -56.55
N ASN PA 845 -78.87 -62.73 -55.55
CA ASN PA 845 -77.73 -63.40 -54.94
C ASN PA 845 -78.24 -64.58 -54.13
N ASP PA 846 -77.38 -65.60 -54.00
CA ASP PA 846 -77.80 -66.82 -53.33
C ASP PA 846 -77.93 -66.62 -51.82
N ASP PA 847 -77.07 -65.80 -51.23
CA ASP PA 847 -77.02 -65.64 -49.78
C ASP PA 847 -77.63 -64.34 -49.29
N VAL PA 848 -78.38 -63.64 -50.15
CA VAL PA 848 -78.98 -62.36 -49.80
C VAL PA 848 -80.48 -62.53 -49.69
N ASP PA 849 -81.04 -62.16 -48.54
CA ASP PA 849 -82.49 -62.15 -48.36
C ASP PA 849 -82.99 -60.76 -48.69
N PRO PA 850 -83.71 -60.57 -49.81
CA PRO PA 850 -84.07 -59.20 -50.22
C PRO PA 850 -84.93 -58.46 -49.21
N TYR PA 851 -85.84 -59.15 -48.55
CA TYR PA 851 -86.79 -58.44 -47.68
C TYR PA 851 -86.13 -57.98 -46.38
N LYS PA 852 -85.28 -58.83 -45.79
CA LYS PA 852 -84.54 -58.41 -44.60
C LYS PA 852 -83.54 -57.31 -44.95
N LEU PA 853 -82.86 -57.45 -46.09
CA LEU PA 853 -81.92 -56.42 -46.51
C LEU PA 853 -82.62 -55.10 -46.80
N GLU PA 854 -83.80 -55.16 -47.43
CA GLU PA 854 -84.55 -53.94 -47.72
C GLU PA 854 -84.95 -53.23 -46.44
N SER PA 855 -85.38 -53.99 -45.42
CA SER PA 855 -85.76 -53.37 -44.16
C SER PA 855 -84.58 -52.66 -43.51
N TRP PA 856 -83.39 -53.27 -43.57
CA TRP PA 856 -82.21 -52.65 -42.99
C TRP PA 856 -81.86 -51.34 -43.71
N ALA PA 857 -81.98 -51.34 -45.05
CA ALA PA 857 -81.64 -50.14 -45.80
C ALA PA 857 -82.55 -48.98 -45.46
N LYS PA 858 -83.84 -49.26 -45.27
CA LYS PA 858 -84.77 -48.20 -44.87
C LYS PA 858 -84.43 -47.65 -43.49
N THR PA 859 -84.01 -48.52 -42.57
CA THR PA 859 -83.61 -48.07 -41.25
C THR PA 859 -82.40 -47.17 -41.32
N GLU PA 860 -81.41 -47.52 -42.15
CA GLU PA 860 -80.22 -46.70 -42.30
C GLU PA 860 -80.55 -45.34 -42.90
N ILE PA 861 -81.44 -45.32 -43.89
CA ILE PA 861 -81.73 -44.09 -44.62
C ILE PA 861 -82.64 -43.16 -43.81
N LEU PA 862 -83.45 -43.71 -42.91
CA LEU PA 862 -84.51 -42.93 -42.26
C LEU PA 862 -83.97 -41.71 -41.52
N ALA PA 863 -82.77 -41.81 -40.94
CA ALA PA 863 -82.27 -40.72 -40.10
C ALA PA 863 -82.11 -39.43 -40.89
N GLU PA 864 -81.60 -39.52 -42.11
CA GLU PA 864 -81.35 -38.33 -42.93
C GLU PA 864 -82.48 -38.04 -43.91
N PHE PA 865 -83.55 -38.82 -43.88
CA PHE PA 865 -84.66 -38.59 -44.80
C PHE PA 865 -85.47 -37.37 -44.37
N PRO PA 866 -86.03 -36.62 -45.31
CA PRO PA 866 -86.89 -35.50 -44.96
C PRO PA 866 -88.10 -35.95 -44.16
N ALA PA 867 -88.52 -35.10 -43.22
CA ALA PA 867 -89.56 -35.49 -42.27
C ALA PA 867 -90.94 -35.57 -42.92
N HIS PA 868 -91.22 -34.66 -43.87
CA HIS PA 868 -92.56 -34.55 -44.45
C HIS PA 868 -92.67 -35.26 -45.80
N LEU PA 869 -91.97 -36.37 -45.97
CA LEU PA 869 -91.96 -37.07 -47.25
C LEU PA 869 -92.24 -38.56 -47.04
N SER PA 870 -92.76 -39.18 -48.09
CA SER PA 870 -92.98 -40.61 -48.13
C SER PA 870 -92.40 -41.16 -49.43
N MET PA 871 -91.88 -42.38 -49.36
CA MET PA 871 -91.22 -43.00 -50.51
C MET PA 871 -91.90 -44.32 -50.84
N ILE PA 872 -91.97 -44.62 -52.14
CA ILE PA 872 -92.55 -45.85 -52.64
C ILE PA 872 -91.48 -46.61 -53.40
N ILE PA 873 -91.31 -47.89 -53.06
CA ILE PA 873 -90.26 -48.72 -53.64
C ILE PA 873 -90.83 -49.50 -54.81
N HIS PA 874 -90.18 -49.40 -55.96
CA HIS PA 874 -90.56 -50.14 -57.16
C HIS PA 874 -89.40 -51.04 -57.55
N TRP PA 875 -89.59 -52.35 -57.46
CA TRP PA 875 -88.59 -53.31 -57.90
C TRP PA 875 -88.83 -53.65 -59.36
N LEU PA 876 -87.81 -53.47 -60.19
CA LEU PA 876 -87.91 -53.70 -61.62
C LEU PA 876 -86.86 -54.71 -62.06
N SER PA 877 -87.25 -55.62 -62.95
CA SER PA 877 -86.32 -56.59 -63.50
C SER PA 877 -85.28 -55.88 -64.37
N PRO PA 878 -84.11 -56.49 -64.57
CA PRO PA 878 -83.06 -55.84 -65.35
C PRO PA 878 -83.46 -55.52 -66.79
N GLU PA 879 -84.60 -56.01 -67.27
CA GLU PA 879 -85.02 -55.77 -68.64
C GLU PA 879 -85.89 -54.52 -68.76
N ASP PA 880 -87.02 -54.49 -68.06
CA ASP PA 880 -87.91 -53.33 -68.12
C ASP PA 880 -87.31 -52.11 -67.44
N PHE PA 881 -86.28 -52.29 -66.60
CA PHE PA 881 -85.60 -51.14 -66.01
C PHE PA 881 -84.93 -50.29 -67.10
N LYS PA 882 -84.38 -50.93 -68.12
CA LYS PA 882 -83.77 -50.19 -69.23
C LYS PA 882 -84.81 -49.36 -69.97
N ASP PA 883 -85.99 -49.90 -70.19
CA ASP PA 883 -87.04 -49.16 -70.88
C ASP PA 883 -87.47 -47.95 -70.06
N PHE PA 884 -87.58 -48.11 -68.75
CA PHE PA 884 -87.92 -46.98 -67.89
C PHE PA 884 -86.83 -45.92 -67.95
N VAL PA 885 -85.56 -46.34 -67.93
CA VAL PA 885 -84.46 -45.39 -67.95
C VAL PA 885 -84.47 -44.61 -69.26
N SER PA 886 -84.68 -45.31 -70.38
CA SER PA 886 -84.72 -44.64 -71.68
C SER PA 886 -85.88 -43.65 -71.75
N THR PA 887 -87.05 -44.03 -71.22
CA THR PA 887 -88.20 -43.14 -71.24
C THR PA 887 -88.01 -41.95 -70.31
N TYR PA 888 -87.55 -42.21 -69.09
CA TYR PA 888 -87.40 -41.13 -68.11
C TYR PA 888 -86.34 -40.13 -68.56
N GLN PA 889 -85.22 -40.61 -69.11
CA GLN PA 889 -84.18 -39.72 -69.59
C GLN PA 889 -84.67 -38.83 -70.71
N ARG PA 890 -85.43 -39.41 -71.66
CA ARG PA 890 -85.99 -38.61 -72.75
C ARG PA 890 -87.00 -37.61 -72.23
N TRP PA 891 -87.80 -38.02 -71.24
CA TRP PA 891 -88.81 -37.11 -70.67
C TRP PA 891 -88.15 -35.92 -70.00
N GLN PA 892 -87.09 -36.16 -69.22
CA GLN PA 892 -86.41 -35.06 -68.54
C GLN PA 892 -85.61 -34.21 -69.52
N ASN PA 893 -85.07 -34.81 -70.58
CA ASN PA 893 -84.34 -34.03 -71.58
C ASN PA 893 -85.24 -33.02 -72.25
N ASN PA 894 -86.48 -33.40 -72.55
CA ASN PA 894 -87.42 -32.51 -73.21
C ASN PA 894 -87.92 -31.38 -72.32
N GLY PA 895 -87.61 -31.43 -71.03
CA GLY PA 895 -88.08 -30.45 -70.09
C GLY PA 895 -89.15 -30.94 -69.11
N ALA PA 896 -89.22 -32.25 -68.88
CA ALA PA 896 -90.29 -32.86 -68.09
C ALA PA 896 -91.67 -32.40 -68.52
N PRO PA 897 -92.05 -32.60 -69.78
CA PRO PA 897 -93.39 -32.21 -70.21
C PRO PA 897 -94.39 -33.37 -70.14
N LEU PA 898 -95.63 -33.02 -69.81
CA LEU PA 898 -96.71 -33.97 -69.85
C LEU PA 898 -96.93 -34.44 -71.29
N GLY PA 899 -97.04 -35.75 -71.47
CA GLY PA 899 -97.17 -36.30 -72.80
C GLY PA 899 -97.01 -37.81 -72.78
N ASP PA 900 -96.68 -38.37 -73.94
CA ASP PA 900 -96.56 -39.81 -74.07
C ASP PA 900 -95.54 -40.38 -73.08
N GLU PA 901 -94.35 -39.76 -73.03
CA GLU PA 901 -93.34 -40.22 -72.08
C GLU PA 901 -93.79 -40.01 -70.65
N ALA PA 902 -94.38 -38.85 -70.35
CA ALA PA 902 -94.86 -38.59 -68.99
C ALA PA 902 -95.99 -39.53 -68.61
N TYR PA 903 -96.95 -39.75 -69.52
CA TYR PA 903 -98.06 -40.66 -69.22
C TYR PA 903 -97.60 -42.11 -69.16
N HIS PA 904 -96.59 -42.47 -69.97
CA HIS PA 904 -95.99 -43.80 -69.83
C HIS PA 904 -95.32 -43.95 -68.47
N VAL PA 905 -94.64 -42.89 -68.01
CA VAL PA 905 -94.01 -42.92 -66.69
C VAL PA 905 -95.08 -43.09 -65.61
N LEU PA 906 -96.20 -42.40 -65.75
CA LEU PA 906 -97.30 -42.53 -64.79
C LEU PA 906 -97.83 -43.96 -64.76
N GLU PA 907 -97.96 -44.59 -65.93
CA GLU PA 907 -98.47 -45.96 -65.99
C GLU PA 907 -97.51 -46.94 -65.32
N THR PA 908 -96.20 -46.74 -65.52
CA THR PA 908 -95.22 -47.68 -64.98
C THR PA 908 -95.24 -47.72 -63.45
N LEU PA 909 -95.69 -46.64 -62.82
CA LEU PA 909 -95.78 -46.61 -61.36
C LEU PA 909 -97.14 -47.13 -60.91
N THR QA 3 57.63 65.87 -82.70
CA THR QA 3 57.56 67.12 -81.97
C THR QA 3 58.88 67.88 -82.03
N ILE QA 4 58.85 69.14 -81.61
CA ILE QA 4 60.03 70.01 -81.57
C ILE QA 4 60.38 70.23 -80.11
N PRO QA 5 61.45 69.64 -79.59
CA PRO QA 5 61.77 69.78 -78.18
C PRO QA 5 62.38 71.14 -77.87
N THR QA 6 61.97 71.70 -76.74
CA THR QA 6 62.50 72.97 -76.25
C THR QA 6 63.22 72.83 -74.92
N TYR QA 7 62.58 72.24 -73.92
CA TYR QA 7 63.16 72.05 -72.61
C TYR QA 7 63.74 70.65 -72.48
N PRO QA 8 64.79 70.49 -71.68
CA PRO QA 8 65.28 69.14 -71.39
C PRO QA 8 64.27 68.36 -70.55
N GLY QA 9 64.24 67.05 -70.78
CA GLY QA 9 63.37 66.19 -70.02
C GLY QA 9 62.69 65.18 -70.92
N VAL QA 10 61.54 64.69 -70.46
CA VAL QA 10 60.83 63.60 -71.10
C VAL QA 10 59.55 64.14 -71.74
N TYR QA 11 59.32 63.78 -72.99
CA TYR QA 11 58.12 64.15 -73.72
C TYR QA 11 57.24 62.93 -73.91
N ILE QA 12 55.94 63.16 -74.01
CA ILE QA 12 54.95 62.08 -74.16
C ILE QA 12 54.14 62.35 -75.41
N GLU QA 13 54.04 61.33 -76.27
CA GLU QA 13 53.27 61.42 -77.50
C GLU QA 13 52.34 60.23 -77.61
N GLU QA 14 51.13 60.47 -78.10
CA GLU QA 14 50.15 59.43 -78.40
C GLU QA 14 49.98 59.35 -79.90
N ASP QA 15 50.17 58.16 -80.47
CA ASP QA 15 50.12 58.00 -81.91
C ASP QA 15 49.66 56.58 -82.24
N ALA QA 16 49.80 56.22 -83.52
CA ALA QA 16 49.53 54.86 -83.97
C ALA QA 16 50.57 54.37 -84.97
N SER QA 17 51.68 55.08 -85.14
CA SER QA 17 52.69 54.67 -86.10
C SER QA 17 53.32 53.35 -85.69
N LEU QA 18 53.51 52.48 -86.68
CA LEU QA 18 54.01 51.13 -86.45
C LEU QA 18 55.37 50.99 -87.13
N ASN QA 19 56.35 50.49 -86.37
CA ASN QA 19 57.66 50.15 -86.90
C ASN QA 19 57.95 48.68 -86.64
N LEU QA 20 58.81 48.12 -87.48
CA LEU QA 20 59.12 46.70 -87.45
C LEU QA 20 60.63 46.49 -87.24
N SER QA 21 60.97 45.30 -86.77
CA SER QA 21 62.37 44.96 -86.58
C SER QA 21 63.09 44.88 -87.92
N VAL QA 22 64.35 45.30 -87.93
CA VAL QA 22 65.17 45.35 -89.13
C VAL QA 22 66.10 44.15 -89.14
N ASN QA 23 66.18 43.46 -90.27
CA ASN QA 23 67.07 42.33 -90.45
C ASN QA 23 68.24 42.73 -91.35
N GLN QA 24 69.09 41.75 -91.67
CA GLN QA 24 70.26 42.03 -92.49
C GLN QA 24 70.61 40.79 -93.30
N GLY QA 25 71.30 41.02 -94.41
CA GLY QA 25 71.70 39.94 -95.29
C GLY QA 25 72.51 40.50 -96.44
N ASN QA 26 73.10 39.59 -97.22
CA ASN QA 26 73.94 39.99 -98.33
C ASN QA 26 73.55 39.30 -99.62
N THR QA 27 73.05 38.07 -99.52
CA THR QA 27 72.74 37.28 -100.70
C THR QA 27 71.34 37.48 -101.22
N ALA QA 28 70.56 38.39 -100.63
CA ALA QA 28 69.20 38.65 -101.09
C ALA QA 28 68.89 40.13 -100.83
N ILE QA 29 69.10 40.96 -101.85
CA ILE QA 29 68.77 42.38 -101.77
C ILE QA 29 67.86 42.73 -102.93
N PRO QA 30 66.55 42.78 -102.73
CA PRO QA 30 65.64 42.99 -103.86
C PRO QA 30 65.51 44.46 -104.24
N VAL QA 31 65.05 44.67 -105.47
CA VAL QA 31 64.70 45.98 -105.99
C VAL QA 31 63.23 45.98 -106.35
N PHE QA 32 62.53 47.03 -105.94
CA PHE QA 32 61.10 47.16 -106.19
C PHE QA 32 60.84 48.27 -107.20
N ILE QA 33 60.12 47.94 -108.26
CA ILE QA 33 59.75 48.89 -109.30
C ILE QA 33 58.24 49.06 -109.24
N GLY QA 34 57.79 50.30 -109.06
CA GLY QA 34 56.37 50.54 -108.94
C GLY QA 34 56.09 52.02 -108.77
N LEU QA 35 54.80 52.32 -108.56
CA LEU QA 35 54.33 53.70 -108.42
C LEU QA 35 54.54 54.15 -106.98
N PHE QA 36 55.78 54.55 -106.67
CA PHE QA 36 56.11 55.07 -105.36
C PHE QA 36 56.03 56.60 -105.37
N SER QA 37 55.99 57.17 -104.16
CA SER QA 37 55.84 58.61 -103.98
C SER QA 37 56.96 59.12 -103.09
N PRO QA 38 58.13 59.41 -103.68
CA PRO QA 38 59.24 59.93 -102.87
C PRO QA 38 58.94 61.31 -102.32
N LYS QA 39 59.48 61.57 -101.12
CA LYS QA 39 59.31 62.89 -100.52
C LYS QA 39 60.18 63.95 -101.19
N ASN QA 40 61.18 63.53 -101.97
CA ASN QA 40 62.05 64.44 -102.69
C ASN QA 40 61.80 64.30 -104.18
N THR QA 41 61.80 65.42 -104.89
CA THR QA 41 61.52 65.40 -106.32
C THR QA 41 62.56 64.59 -107.08
N ASN QA 42 63.83 64.76 -106.74
CA ASN QA 42 64.91 64.03 -107.41
C ASN QA 42 65.14 62.69 -106.74
N SER QA 45 63.42 58.38 -110.57
CA SER QA 45 64.38 58.46 -111.66
C SER QA 45 65.72 57.83 -111.26
N GLN QA 46 65.94 57.70 -109.95
CA GLN QA 46 67.15 57.12 -109.42
C GLN QA 46 66.80 56.10 -108.35
N VAL QA 47 67.63 55.08 -108.23
CA VAL QA 47 67.42 54.01 -107.26
C VAL QA 47 67.81 54.51 -105.87
N THR QA 48 66.96 54.27 -104.89
CA THR QA 48 67.17 54.72 -103.52
C THR QA 48 67.28 53.51 -102.60
N ARG QA 49 68.29 53.51 -101.74
CA ARG QA 49 68.49 52.43 -100.78
C ARG QA 49 67.67 52.71 -99.52
N VAL QA 50 66.92 51.70 -99.07
CA VAL QA 50 66.11 51.78 -97.88
C VAL QA 50 66.51 50.65 -96.95
N ASN QA 51 66.85 51.00 -95.71
CA ASN QA 51 67.37 50.01 -94.77
C ASN QA 51 66.28 49.36 -93.91
N SER QA 52 65.17 50.04 -93.67
CA SER QA 52 64.13 49.51 -92.79
C SER QA 52 62.82 50.23 -93.10
N TRP QA 53 61.75 49.76 -92.45
CA TRP QA 53 60.44 50.37 -92.66
C TRP QA 53 60.43 51.82 -92.18
N LEU QA 54 61.13 52.10 -91.08
CA LEU QA 54 61.22 53.48 -90.61
C LEU QA 54 61.93 54.36 -91.64
N ASP QA 55 62.99 53.84 -92.26
CA ASP QA 55 63.69 54.60 -93.29
C ASP QA 55 62.81 54.84 -94.51
N PHE QA 56 62.00 53.85 -94.88
CA PHE QA 56 61.11 54.01 -96.02
C PHE QA 56 60.09 55.12 -95.79
N THR QA 57 59.48 55.14 -94.60
CA THR QA 57 58.49 56.19 -94.31
C THR QA 57 59.15 57.56 -94.21
N ASN QA 58 60.44 57.60 -93.89
CA ASN QA 58 61.13 58.88 -93.81
C ASN QA 58 61.46 59.43 -95.20
N LEU QA 59 61.65 58.54 -96.18
CA LEU QA 59 62.02 58.97 -97.53
C LEU QA 59 60.86 58.90 -98.51
N PHE QA 60 59.78 58.20 -98.19
CA PHE QA 60 58.66 58.04 -99.09
C PHE QA 60 57.35 58.26 -98.33
N ASN QA 61 56.31 58.59 -99.09
CA ASN QA 61 54.98 58.76 -98.52
C ASN QA 61 54.21 57.45 -98.66
N ALA QA 62 53.95 56.78 -97.55
CA ALA QA 62 53.22 55.53 -97.59
C ALA QA 62 51.74 55.79 -97.83
N GLY QA 63 51.12 54.94 -98.65
CA GLY QA 63 49.71 55.09 -98.94
C GLY QA 63 49.33 54.22 -100.12
N CYS QA 64 48.02 54.18 -100.36
CA CYS QA 64 47.45 53.38 -101.45
C CYS QA 64 47.06 54.22 -102.65
N ILE QA 65 47.39 55.51 -102.65
CA ILE QA 65 47.04 56.42 -103.74
C ILE QA 65 48.34 56.93 -104.37
N ALA QA 66 48.48 56.72 -105.67
CA ALA QA 66 49.63 57.20 -106.39
C ALA QA 66 49.58 58.73 -106.51
N PRO QA 67 50.72 59.37 -106.78
CA PRO QA 67 50.72 60.83 -106.94
C PRO QA 67 49.77 61.27 -108.04
N ILE QA 68 49.09 62.38 -107.80
CA ILE QA 68 48.04 62.87 -108.70
C ILE QA 68 48.64 63.90 -109.64
N THR QA 69 48.39 63.74 -110.94
CA THR QA 69 48.87 64.66 -111.96
C THR QA 69 47.67 65.39 -112.56
N ILE QA 70 47.77 66.71 -112.63
CA ILE QA 70 46.70 67.53 -113.19
C ILE QA 70 47.12 68.08 -114.55
N VAL QA 114 41.82 65.85 -114.06
CA VAL QA 114 42.85 65.22 -113.26
C VAL QA 114 42.71 63.69 -113.34
N ILE QA 115 43.79 62.97 -113.05
CA ILE QA 115 43.75 61.52 -112.99
C ILE QA 115 44.42 61.03 -111.71
N VAL QA 116 43.91 59.93 -111.18
CA VAL QA 116 44.46 59.28 -110.00
C VAL QA 116 44.66 57.81 -110.31
N ASN QA 117 45.54 57.17 -109.53
CA ASN QA 117 45.84 55.76 -109.72
C ASN QA 117 45.89 55.09 -108.36
N TYR QA 118 45.62 53.78 -108.36
CA TYR QA 118 45.65 52.95 -107.16
C TYR QA 118 46.91 52.12 -107.15
N THR QA 119 47.67 52.20 -106.06
CA THR QA 119 48.96 51.52 -105.96
C THR QA 119 48.98 50.65 -104.71
N THR QA 120 49.54 49.45 -104.85
CA THR QA 120 49.72 48.52 -103.75
C THR QA 120 51.16 48.47 -103.26
N SER QA 121 51.98 49.45 -103.66
CA SER QA 121 53.41 49.39 -103.37
C SER QA 121 53.68 49.47 -101.87
N SER QA 122 52.95 50.33 -101.16
CA SER QA 122 53.25 50.55 -99.75
C SER QA 122 52.95 49.32 -98.91
N ASP QA 123 51.76 48.72 -99.10
CA ASP QA 123 51.42 47.53 -98.33
C ASP QA 123 52.27 46.34 -98.74
N ALA QA 124 52.67 46.27 -100.01
CA ALA QA 124 53.57 45.20 -100.43
C ALA QA 124 54.91 45.28 -99.71
N LEU QA 125 55.43 46.50 -99.53
CA LEU QA 125 56.67 46.66 -98.78
C LEU QA 125 56.50 46.30 -97.32
N LYS QA 126 55.35 46.66 -96.73
CA LYS QA 126 55.08 46.30 -95.35
C LYS QA 126 55.04 44.78 -95.17
N LEU QA 127 54.42 44.08 -96.13
CA LEU QA 127 54.44 42.62 -96.09
C LEU QA 127 55.85 42.08 -96.26
N TYR QA 128 56.67 42.75 -97.08
CA TYR QA 128 58.05 42.32 -97.28
C TYR QA 128 58.86 42.43 -96.00
N PHE QA 129 58.70 43.53 -95.26
CA PHE QA 129 59.46 43.70 -94.02
C PHE QA 129 58.93 42.78 -92.92
N GLN QA 130 57.62 42.55 -92.88
CA GLN QA 130 57.05 41.68 -91.87
C GLN QA 130 57.47 40.23 -92.05
N ASN QA 131 57.83 39.82 -93.27
CA ASN QA 131 58.19 38.44 -93.55
C ASN QA 131 59.69 38.17 -93.42
N GLY QA 132 60.47 39.15 -92.99
CA GLY QA 132 61.89 38.94 -92.75
C GLY QA 132 62.79 39.62 -93.76
N GLY QA 133 62.34 40.74 -94.33
CA GLY QA 133 63.13 41.43 -95.31
C GLY QA 133 64.14 42.37 -94.69
N GLY QA 134 65.29 42.50 -95.36
CA GLY QA 134 66.33 43.40 -94.92
C GLY QA 134 66.37 44.66 -95.75
N PRO QA 135 67.55 45.26 -95.88
CA PRO QA 135 67.68 46.45 -96.73
C PRO QA 135 67.31 46.15 -98.17
N CYS QA 136 66.73 47.13 -98.84
CA CYS QA 136 66.28 46.97 -100.21
C CYS QA 136 66.43 48.28 -100.95
N TYR QA 137 66.35 48.20 -102.28
CA TYR QA 137 66.41 49.36 -103.15
C TYR QA 137 65.04 49.57 -103.79
N ILE QA 138 64.64 50.84 -103.89
CA ILE QA 138 63.34 51.21 -104.43
C ILE QA 138 63.54 52.06 -105.68
N LEU QA 139 62.89 51.67 -106.77
CA LEU QA 139 62.98 52.39 -108.04
C LEU QA 139 61.60 52.94 -108.36
N PRO QA 140 61.28 54.18 -107.97
CA PRO QA 140 59.95 54.72 -108.24
C PRO QA 140 59.76 55.06 -109.70
N GLN QA 141 58.58 54.76 -110.23
CA GLN QA 141 58.20 55.14 -111.58
C GLN QA 141 57.20 56.28 -111.49
N LEU QA 142 57.52 57.41 -112.11
CA LEU QA 142 56.72 58.62 -112.02
C LEU QA 142 56.13 58.97 -113.37
N ASP QA 143 54.97 59.62 -113.34
CA ASP QA 143 54.25 60.09 -114.52
C ASP QA 143 53.88 58.87 -115.38
N ARG QA 144 53.82 59.05 -116.69
CA ARG QA 144 53.42 57.98 -117.59
C ARG QA 144 54.58 57.01 -117.82
N LEU QA 145 54.23 55.78 -118.19
CA LEU QA 145 55.21 54.72 -118.42
C LEU QA 145 55.73 54.84 -119.85
N THR QA 146 56.71 55.70 -120.04
CA THR QA 146 57.32 55.89 -121.35
C THR QA 146 58.30 54.76 -121.65
N GLN QA 147 58.57 54.56 -122.95
CA GLN QA 147 59.53 53.54 -123.35
C GLN QA 147 60.94 53.90 -122.92
N GLY QA 148 61.24 55.20 -122.76
CA GLY QA 148 62.55 55.60 -122.28
C GLY QA 148 62.86 55.06 -120.90
N PHE QA 149 61.86 55.05 -120.02
CA PHE QA 149 62.03 54.48 -118.69
C PHE QA 149 62.28 52.98 -118.76
N LEU QA 150 61.55 52.28 -119.63
CA LEU QA 150 61.70 50.83 -119.73
C LEU QA 150 63.08 50.44 -120.21
N ASP QA 151 63.62 51.16 -121.19
CA ASP QA 151 64.94 50.84 -121.71
C ASP QA 151 66.03 51.08 -120.67
N SER QA 152 65.83 52.09 -119.80
CA SER QA 152 66.83 52.43 -118.81
C SER QA 152 66.79 51.53 -117.58
N ILE QA 153 65.74 50.70 -117.44
CA ILE QA 153 65.63 49.86 -116.24
C ILE QA 153 66.80 48.91 -116.06
N PRO QA 154 67.24 48.15 -117.08
CA PRO QA 154 68.42 47.29 -116.87
C PRO QA 154 69.67 48.06 -116.51
N GLU QA 155 69.85 49.27 -117.04
CA GLU QA 155 71.03 50.05 -116.73
C GLU QA 155 70.98 50.59 -115.31
N LEU QA 156 69.81 51.06 -114.87
CA LEU QA 156 69.68 51.60 -113.52
C LEU QA 156 69.93 50.52 -112.48
N ILE QA 157 69.42 49.32 -112.71
CA ILE QA 157 69.62 48.23 -111.75
C ILE QA 157 71.09 47.86 -111.67
N LYS QA 158 71.78 47.77 -112.81
CA LYS QA 158 73.19 47.44 -112.80
C LYS QA 158 74.02 48.51 -112.10
N GLN QA 159 73.58 49.77 -112.14
CA GLN QA 159 74.33 50.82 -111.49
C GLN QA 159 74.37 50.63 -109.98
N ALA QA 160 73.27 50.17 -109.39
CA ALA QA 160 73.27 49.75 -108.00
C ALA QA 160 73.91 48.36 -107.91
N LEU QA 161 75.05 48.28 -107.22
CA LEU QA 161 75.89 47.10 -107.30
C LEU QA 161 75.40 45.95 -106.42
N GLU QA 162 74.48 46.21 -105.49
CA GLU QA 162 74.10 45.21 -104.50
C GLU QA 162 72.81 44.47 -104.85
N ILE QA 163 72.21 44.74 -106.00
CA ILE QA 163 70.92 44.13 -106.34
C ILE QA 163 71.11 42.66 -106.66
N THR QA 164 70.19 41.83 -106.14
CA THR QA 164 70.23 40.40 -106.42
C THR QA 164 68.85 39.89 -106.87
N LEU QA 165 67.80 40.56 -106.44
CA LEU QA 165 66.44 40.15 -106.74
C LEU QA 165 65.65 41.30 -107.36
N ILE QA 166 64.72 40.96 -108.25
CA ILE QA 166 63.88 41.94 -108.92
C ILE QA 166 62.42 41.59 -108.64
N VAL QA 167 61.66 42.58 -108.18
CA VAL QA 167 60.26 42.40 -107.83
C VAL QA 167 59.47 43.60 -108.32
N CYS QA 168 58.30 43.34 -108.90
CA CYS QA 168 57.38 44.39 -109.32
C CYS QA 168 56.08 44.26 -108.52
N PRO QA 169 55.93 45.00 -107.42
CA PRO QA 169 54.76 44.84 -106.54
C PRO QA 169 53.58 45.72 -106.93
N GLU QA 170 52.97 45.41 -108.07
CA GLU QA 170 51.81 46.15 -108.56
C GLU QA 170 50.71 45.18 -108.93
N TRP QA 171 49.47 45.52 -108.55
CA TRP QA 171 48.35 44.64 -108.82
C TRP QA 171 47.95 44.62 -110.29
N ASP QA 172 48.25 45.67 -111.04
CA ASP QA 172 47.86 45.72 -112.45
C ASP QA 172 48.64 44.69 -113.25
N SER QA 173 47.93 43.87 -114.02
CA SER QA 173 48.59 42.83 -114.81
C SER QA 173 49.33 43.41 -116.01
N GLY QA 174 48.72 44.39 -116.68
CA GLY QA 174 49.37 45.00 -117.82
C GLY QA 174 50.62 45.76 -117.45
N TYR QA 175 50.58 46.47 -116.32
CA TYR QA 175 51.76 47.19 -115.84
C TYR QA 175 52.89 46.22 -115.51
N GLN QA 176 52.57 45.11 -114.85
CA GLN QA 176 53.58 44.12 -114.52
C GLN QA 176 54.16 43.47 -115.78
N SER QA 177 53.31 43.21 -116.78
CA SER QA 177 53.78 42.57 -118.01
C SER QA 177 54.78 43.46 -118.73
N LYS QA 178 54.54 44.77 -118.76
CA LYS QA 178 55.47 45.67 -119.43
C LYS QA 178 56.82 45.70 -118.72
N ILE QA 179 56.82 45.68 -117.39
CA ILE QA 179 58.07 45.72 -116.65
C ILE QA 179 58.85 44.44 -116.83
N TYR QA 180 58.18 43.28 -116.77
CA TYR QA 180 58.86 42.01 -116.94
C TYR QA 180 59.52 41.90 -118.31
N ASN QA 181 58.84 42.38 -119.36
CA ASN QA 181 59.41 42.33 -120.70
C ASN QA 181 60.58 43.29 -120.87
N SER QA 182 60.76 44.23 -119.94
CA SER QA 182 61.86 45.19 -120.04
C SER QA 182 63.15 44.66 -119.45
N LEU QA 183 63.15 43.47 -118.85
CA LEU QA 183 64.35 42.88 -118.28
C LEU QA 183 65.04 42.06 -119.36
N THR QA 184 66.14 42.60 -119.90
CA THR QA 184 66.84 41.95 -121.00
C THR QA 184 67.54 40.68 -120.52
N SER QA 185 67.81 39.79 -121.47
CA SER QA 185 68.48 38.53 -121.14
C SER QA 185 69.90 38.78 -120.63
N SER QA 186 70.53 39.87 -121.07
CA SER QA 186 71.86 40.20 -120.55
C SER QA 186 71.79 40.53 -119.07
N LEU QA 187 70.72 41.19 -118.63
CA LEU QA 187 70.58 41.53 -117.22
C LEU QA 187 70.37 40.28 -116.37
N LEU QA 188 69.46 39.40 -116.79
CA LEU QA 188 69.15 38.21 -116.00
C LEU QA 188 70.35 37.27 -115.94
N ASN QA 189 71.06 37.09 -117.06
CA ASN QA 189 72.23 36.23 -117.07
C ASN QA 189 73.39 36.81 -116.29
N ALA QA 190 73.33 38.09 -115.89
CA ALA QA 190 74.40 38.69 -115.11
C ALA QA 190 74.29 38.40 -113.62
N GLY QA 191 73.48 37.42 -113.23
CA GLY QA 191 73.36 37.04 -111.83
C GLY QA 191 72.20 37.71 -111.13
N TYR QA 192 71.06 37.82 -111.80
CA TYR QA 192 69.87 38.40 -111.21
C TYR QA 192 68.72 37.41 -111.33
N PHE QA 193 67.90 37.37 -110.27
CA PHE QA 193 66.77 36.46 -110.20
C PHE QA 193 65.48 37.27 -110.10
N LEU QA 194 64.49 36.92 -110.91
CA LEU QA 194 63.23 37.64 -110.96
C LEU QA 194 62.14 36.84 -110.28
N ILE QA 195 61.42 37.47 -109.35
CA ILE QA 195 60.26 36.88 -108.71
C ILE QA 195 59.02 37.55 -109.32
N ALA QA 196 58.14 36.73 -109.91
CA ALA QA 196 57.02 37.24 -110.68
C ALA QA 196 55.72 36.71 -110.12
N ASP QA 197 54.64 37.46 -110.35
CA ASP QA 197 53.30 37.03 -109.97
C ASP QA 197 52.57 36.52 -111.19
N ASN QA 198 52.13 35.26 -111.14
CA ASN QA 198 51.34 34.70 -112.23
C ASN QA 198 49.88 35.14 -112.09
N GLN QA 199 49.31 35.60 -113.20
CA GLN QA 199 47.93 36.05 -113.20
C GLN QA 199 46.93 34.96 -113.60
N ASP QA 200 47.41 33.79 -114.01
CA ASP QA 200 46.53 32.72 -114.46
C ASP QA 200 46.99 31.40 -113.88
N LYS QA 201 46.03 30.52 -113.61
CA LYS QA 201 46.32 29.21 -113.05
C LYS QA 201 46.75 28.20 -114.09
N ASN QA 202 46.55 28.48 -115.38
CA ASN QA 202 46.72 27.48 -116.42
C ASN QA 202 47.88 27.76 -117.38
N THR QA 203 48.34 29.00 -117.46
CA THR QA 203 49.41 29.36 -118.39
C THR QA 203 50.55 30.03 -117.62
N ALA QA 204 51.77 29.57 -117.86
CA ALA QA 204 52.93 30.12 -117.19
C ALA QA 204 53.40 31.41 -117.86
N LEU QA 205 54.12 32.22 -117.09
CA LEU QA 205 54.68 33.45 -117.61
C LEU QA 205 55.83 33.14 -118.57
N ILE QA 206 56.10 34.09 -119.46
CA ILE QA 206 57.20 33.99 -120.42
C ILE QA 206 58.16 35.15 -120.16
N THR QA 207 59.42 34.83 -119.97
CA THR QA 207 60.46 35.83 -119.74
C THR QA 207 61.64 35.54 -120.67
N GLU QA 208 62.58 36.49 -120.72
CA GLU QA 208 63.75 36.33 -121.57
C GLU QA 208 64.61 35.15 -121.13
N VAL QA 209 64.81 34.98 -119.82
CA VAL QA 209 65.54 33.83 -119.31
C VAL QA 209 64.63 33.03 -118.39
N ALA QA 210 64.28 31.82 -118.80
CA ALA QA 210 63.35 31.01 -118.04
C ALA QA 210 63.97 30.49 -116.75
N SER QA 211 65.23 30.06 -116.82
CA SER QA 211 65.88 29.44 -115.67
C SER QA 211 66.18 30.44 -114.56
N GLN QA 212 66.07 31.74 -114.82
CA GLN QA 212 66.33 32.77 -113.82
C GLN QA 212 65.05 33.45 -113.33
N THR QA 213 63.92 32.76 -113.40
CA THR QA 213 62.62 33.34 -113.06
C THR QA 213 61.81 32.33 -112.27
N ALA QA 214 61.00 32.83 -111.33
CA ALA QA 214 60.06 32.02 -110.58
C ALA QA 214 58.73 32.75 -110.48
N THR QA 215 57.63 32.03 -110.63
CA THR QA 215 56.30 32.59 -110.59
C THR QA 215 55.49 31.95 -109.47
N TYR QA 216 54.68 32.77 -108.80
CA TYR QA 216 53.89 32.35 -107.66
C TYR QA 216 52.44 32.73 -107.85
N TYR QA 217 51.54 31.87 -107.40
CA TYR QA 217 50.09 32.05 -107.57
C TYR QA 217 49.39 31.42 -106.39
N PRO QA 218 48.32 32.04 -105.87
CA PRO QA 218 47.72 33.32 -106.27
C PRO QA 218 48.15 34.46 -105.35
N ALA QA 219 47.53 35.63 -105.50
CA ALA QA 219 47.84 36.76 -104.63
C ALA QA 219 47.27 36.50 -103.23
N VAL QA 220 47.50 37.47 -102.34
CA VAL QA 220 47.11 37.35 -100.94
C VAL QA 220 46.24 38.53 -100.55
N LYS QA 221 45.43 38.35 -99.51
CA LYS QA 221 44.61 39.42 -98.96
C LYS QA 221 45.19 39.92 -97.64
N VAL QA 222 44.85 41.16 -97.30
CA VAL QA 222 45.26 41.75 -96.03
C VAL QA 222 44.05 42.39 -95.38
N SER QA 223 44.15 42.62 -94.07
CA SER QA 223 43.03 43.15 -93.32
C SER QA 223 42.68 44.57 -93.75
N GLN QA 224 43.67 45.44 -93.91
CA GLN QA 224 43.42 46.82 -94.29
C GLN QA 224 44.63 47.36 -95.03
N LEU QA 225 44.40 48.43 -95.80
CA LEU QA 225 45.46 49.10 -96.52
C LEU QA 225 45.92 50.33 -95.74
N ILE QA 226 47.12 50.81 -96.08
CA ILE QA 226 47.66 51.99 -95.43
C ILE QA 226 47.01 53.23 -96.02
N GLN QA 227 46.37 54.03 -95.16
CA GLN QA 227 45.71 55.26 -95.57
C GLN QA 227 46.57 56.45 -95.17
N ALA QA 228 46.69 57.42 -96.07
CA ALA QA 228 47.53 58.59 -95.87
C ALA QA 228 46.69 59.85 -95.78
N GLU QA 229 47.17 60.81 -95.01
CA GLU QA 229 46.50 62.10 -94.91
C GLU QA 229 46.65 62.88 -96.22
N ASP QA 230 45.85 63.93 -96.34
CA ASP QA 230 45.87 64.73 -97.57
C ASP QA 230 47.23 65.40 -97.78
N SER QA 231 47.93 65.74 -96.69
CA SER QA 231 49.24 66.36 -96.83
C SER QA 231 50.29 65.39 -97.37
N GLN QA 232 50.05 64.08 -97.28
CA GLN QA 232 51.00 63.09 -97.74
C GLN QA 232 50.70 62.55 -99.12
N ILE QA 233 49.66 63.05 -99.79
CA ILE QA 233 49.33 62.63 -101.15
C ILE QA 233 49.89 63.68 -102.10
N ALA QA 234 50.83 63.26 -102.95
CA ALA QA 234 51.50 64.21 -103.84
C ALA QA 234 50.55 64.67 -104.94
N VAL QA 235 50.52 65.98 -105.17
CA VAL QA 235 49.71 66.59 -106.22
C VAL QA 235 50.59 67.54 -107.00
N SER QA 236 50.56 67.44 -108.33
CA SER QA 236 51.34 68.32 -109.18
C SER QA 236 50.60 68.54 -110.49
N GLY QA 237 50.92 69.64 -111.15
CA GLY QA 237 50.34 69.99 -112.43
C GLY QA 237 49.25 71.04 -112.37
N TYR QA 238 48.75 71.38 -111.19
CA TYR QA 238 47.72 72.40 -111.07
C TYR QA 238 48.30 73.78 -111.35
N GLU QA 239 47.53 74.61 -112.05
CA GLU QA 239 47.97 75.97 -112.36
C GLU QA 239 46.74 76.81 -112.67
N ASP QA 240 46.79 78.08 -112.26
CA ASP QA 240 45.74 79.04 -112.56
C ASP QA 240 46.40 80.38 -112.87
N ALA QA 241 45.58 81.43 -112.97
CA ALA QA 241 46.10 82.75 -113.33
C ALA QA 241 47.03 83.29 -112.24
N LYS QA 242 46.65 83.16 -110.99
CA LYS QA 242 47.40 83.77 -109.89
C LYS QA 242 48.47 82.86 -109.30
N THR QA 243 48.54 81.60 -109.70
CA THR QA 243 49.48 80.65 -109.12
C THR QA 243 50.25 79.93 -110.23
N LYS QA 244 51.53 79.68 -109.95
CA LYS QA 244 52.36 78.89 -110.83
C LYS QA 244 52.12 77.41 -110.60
N SER QA 245 52.69 76.59 -111.49
CA SER QA 245 52.48 75.14 -111.40
C SER QA 245 53.16 74.51 -110.20
N ASP QA 246 54.16 75.17 -109.62
CA ASP QA 246 54.94 74.60 -108.53
C ASP QA 246 54.45 75.02 -107.15
N GLU QA 247 53.36 75.77 -107.06
CA GLU QA 247 52.88 76.26 -105.77
C GLU QA 247 51.95 75.28 -105.06
N VAL QA 248 51.52 74.22 -105.74
CA VAL QA 248 50.67 73.19 -105.15
C VAL QA 248 51.45 71.89 -105.14
N LYS QA 249 51.62 71.30 -103.95
CA LYS QA 249 52.42 70.10 -103.80
C LYS QA 249 51.65 68.89 -103.31
N ASN QA 250 50.61 69.07 -102.50
CA ASN QA 250 49.85 67.94 -101.96
C ASN QA 250 48.37 68.26 -101.99
N LEU QA 251 47.57 67.30 -101.53
CA LEU QA 251 46.11 67.45 -101.56
C LEU QA 251 45.64 68.52 -100.58
N ALA QA 252 46.35 68.70 -99.46
CA ALA QA 252 45.94 69.69 -98.48
C ALA QA 252 46.01 71.10 -99.04
N GLN QA 253 47.10 71.42 -99.75
CA GLN QA 253 47.21 72.72 -100.38
C GLN QA 253 46.18 72.90 -101.49
N LEU QA 254 45.87 71.81 -102.20
CA LEU QA 254 44.89 71.88 -103.27
C LEU QA 254 43.51 72.22 -102.72
N LYS QA 255 43.15 71.65 -101.56
CA LYS QA 255 41.82 71.89 -101.00
C LYS QA 255 41.62 73.36 -100.65
N GLU QA 256 42.63 73.99 -100.06
CA GLU QA 256 42.51 75.38 -99.63
C GLU QA 256 42.70 76.38 -100.76
N LYS QA 257 43.05 75.93 -101.95
CA LYS QA 257 43.24 76.83 -103.09
C LYS QA 257 42.14 76.74 -104.13
N ASN QA 258 41.52 75.57 -104.30
CA ASN QA 258 40.47 75.40 -105.29
C ASN QA 258 39.60 74.21 -104.92
N PRO QA 259 38.56 74.41 -104.13
CA PRO QA 259 37.71 73.27 -103.72
C PRO QA 259 37.04 72.54 -104.87
N THR QA 260 36.84 73.21 -106.01
CA THR QA 260 36.13 72.57 -107.11
C THR QA 260 36.92 71.39 -107.67
N VAL QA 261 38.20 71.60 -108.00
CA VAL QA 261 39.02 70.50 -108.47
C VAL QA 261 39.34 69.54 -107.33
N TYR QA 262 39.40 70.04 -106.10
CA TYR QA 262 39.59 69.15 -104.95
C TYR QA 262 38.45 68.16 -104.83
N GLN QA 263 37.21 68.63 -105.01
CA GLN QA 263 36.08 67.70 -105.02
C GLN QA 263 36.15 66.76 -106.21
N GLN QA 264 36.74 67.22 -107.32
CA GLN QA 264 36.95 66.34 -108.47
C GLN QA 264 37.87 65.18 -108.12
N ALA QA 265 38.93 65.46 -107.34
CA ALA QA 265 39.88 64.42 -106.99
C ALA QA 265 39.30 63.43 -105.98
N VAL QA 266 38.60 63.93 -104.96
CA VAL QA 266 38.10 63.04 -103.91
C VAL QA 266 37.01 62.12 -104.45
N GLN QA 267 36.33 62.51 -105.53
CA GLN QA 267 35.36 61.62 -106.15
C GLN QA 267 36.04 60.35 -106.68
N LYS QA 268 37.17 60.52 -107.37
CA LYS QA 268 37.90 59.37 -107.90
C LYS QA 268 38.53 58.56 -106.77
N ILE QA 269 39.04 59.24 -105.73
CA ILE QA 269 39.64 58.53 -104.60
C ILE QA 269 38.59 57.69 -103.90
N GLN QA 270 37.41 58.27 -103.66
CA GLN QA 270 36.33 57.51 -103.02
C GLN QA 270 35.86 56.38 -103.92
N ALA QA 271 35.80 56.61 -105.23
CA ALA QA 271 35.43 55.55 -106.15
C ALA QA 271 36.44 54.42 -106.12
N ILE QA 272 37.73 54.75 -106.07
CA ILE QA 272 38.77 53.73 -105.98
C ILE QA 272 38.66 52.97 -104.67
N GLN QA 273 38.42 53.70 -103.57
CA GLN QA 273 38.31 53.05 -102.27
C GLN QA 273 37.12 52.10 -102.22
N ASP QA 274 36.02 52.46 -102.87
CA ASP QA 274 34.88 51.55 -102.96
C ASP QA 274 35.22 50.31 -103.77
N GLU QA 275 35.93 50.48 -104.88
CA GLU QA 275 36.25 49.34 -105.73
C GLU QA 275 37.18 48.36 -105.04
N ILE QA 276 38.20 48.87 -104.34
CA ILE QA 276 39.13 47.98 -103.66
C ILE QA 276 38.44 47.29 -102.48
N ALA QA 277 37.44 47.95 -101.87
CA ALA QA 277 36.71 47.32 -100.79
C ALA QA 277 35.88 46.13 -101.27
N ALA QA 278 35.28 46.24 -102.45
CA ALA QA 278 34.45 45.15 -102.97
C ALA QA 278 35.29 43.92 -103.28
N ASN QA 279 36.41 44.10 -104.00
CA ASN QA 279 37.25 42.96 -104.35
C ASN QA 279 38.03 42.44 -103.16
N GLY QA 280 38.18 43.25 -102.11
CA GLY QA 280 39.03 42.89 -101.00
C GLY QA 280 40.42 43.43 -101.21
N ASN QA 281 41.16 43.66 -100.11
CA ASN QA 281 42.50 44.23 -100.22
C ASN QA 281 43.48 43.18 -100.71
N ILE QA 282 43.64 43.09 -102.03
CA ILE QA 282 44.49 42.08 -102.65
C ILE QA 282 45.88 42.67 -102.90
N ILE QA 283 46.91 41.95 -102.48
CA ILE QA 283 48.30 42.40 -102.62
C ILE QA 283 49.06 41.38 -103.45
N PRO QA 284 49.92 41.80 -104.37
CA PRO QA 284 50.75 40.85 -105.12
C PRO QA 284 51.64 40.05 -104.18
N VAL QA 285 51.83 38.76 -104.50
CA VAL QA 285 52.54 37.86 -103.61
C VAL QA 285 54.05 37.88 -103.82
N SER QA 286 54.54 38.60 -104.84
CA SER QA 286 55.98 38.65 -105.08
C SER QA 286 56.71 39.33 -103.92
N ALA QA 287 56.11 40.39 -103.37
CA ALA QA 287 56.77 41.11 -102.27
C ALA QA 287 56.90 40.23 -101.04
N VAL QA 288 55.92 39.38 -100.78
CA VAL QA 288 55.99 38.47 -99.64
C VAL QA 288 57.13 37.47 -99.83
N MET QA 289 57.26 36.92 -101.04
CA MET QA 289 58.25 35.88 -101.27
C MET QA 289 59.67 36.45 -101.20
N ALA QA 290 59.82 37.74 -101.48
CA ALA QA 290 61.13 38.37 -101.35
C ALA QA 290 61.61 38.35 -99.91
N GLY QA 291 60.71 38.60 -98.96
CA GLY QA 291 61.08 38.50 -97.56
C GLY QA 291 61.42 37.09 -97.14
N ILE QA 292 60.67 36.10 -97.66
CA ILE QA 292 60.94 34.72 -97.34
C ILE QA 292 62.30 34.29 -97.86
N TYR QA 293 62.71 34.81 -99.02
CA TYR QA 293 64.05 34.55 -99.53
C TYR QA 293 65.11 35.06 -98.56
N CYS QA 294 64.91 36.26 -98.02
CA CYS QA 294 65.87 36.82 -97.07
C CYS QA 294 65.90 36.01 -95.78
N ALA QA 295 64.74 35.62 -95.28
CA ALA QA 295 64.68 34.85 -94.04
C ALA QA 295 65.33 33.48 -94.20
N THR QA 296 65.03 32.80 -95.30
CA THR QA 296 65.59 31.45 -95.50
C THR QA 296 67.10 31.50 -95.67
N ASP QA 297 67.62 32.49 -96.40
CA ASP QA 297 69.06 32.56 -96.64
C ASP QA 297 69.81 32.81 -95.34
N ALA QA 298 69.32 33.71 -94.49
CA ALA QA 298 69.99 34.00 -93.24
C ALA QA 298 69.93 32.80 -92.28
N SER QA 299 68.79 32.12 -92.26
CA SER QA 299 68.60 31.03 -91.30
C SER QA 299 69.24 29.73 -91.78
N ARG QA 300 68.78 29.22 -92.93
CA ARG QA 300 69.22 27.93 -93.43
C ARG QA 300 70.32 28.03 -94.47
N GLY QA 301 70.23 28.99 -95.39
CA GLY QA 301 71.19 29.15 -96.45
C GLY QA 301 70.55 29.18 -97.82
N VAL QA 302 71.36 29.57 -98.80
CA VAL QA 302 70.87 29.70 -100.17
C VAL QA 302 70.50 28.34 -100.75
N TRP QA 303 71.25 27.30 -100.37
CA TRP QA 303 71.02 25.97 -100.93
C TRP QA 303 69.74 25.31 -100.44
N LYS QA 304 69.07 25.89 -99.45
CA LYS QA 304 67.82 25.35 -98.95
C LYS QA 304 66.65 25.92 -99.73
N ALA QA 305 65.67 25.08 -100.03
CA ALA QA 305 64.53 25.50 -100.83
C ALA QA 305 63.71 26.54 -100.09
N PRO QA 306 63.24 27.59 -100.76
CA PRO QA 306 62.47 28.64 -100.06
C PRO QA 306 61.03 28.24 -99.78
N ALA QA 307 60.71 26.95 -99.93
CA ALA QA 307 59.35 26.45 -99.76
C ALA QA 307 59.18 25.92 -98.33
N ASN QA 308 57.96 25.47 -98.04
CA ASN QA 308 57.59 24.97 -96.70
C ASN QA 308 57.85 26.02 -95.62
N ILE QA 309 57.47 27.26 -95.90
CA ILE QA 309 57.59 28.37 -94.95
C ILE QA 309 56.22 29.00 -94.80
N VAL QA 310 55.86 29.35 -93.56
CA VAL QA 310 54.55 29.90 -93.25
C VAL QA 310 54.57 31.41 -93.47
N LEU QA 311 53.55 31.91 -94.16
CA LEU QA 311 53.40 33.34 -94.38
C LEU QA 311 52.86 34.03 -93.13
N SER QA 312 53.24 35.28 -92.96
CA SER QA 312 52.80 36.08 -91.82
C SER QA 312 52.32 37.44 -92.30
N GLY QA 313 51.37 38.01 -91.55
CA GLY QA 313 50.83 39.32 -91.86
C GLY QA 313 49.71 39.35 -92.87
N ILE QA 314 49.36 38.22 -93.45
CA ILE QA 314 48.30 38.16 -94.43
C ILE QA 314 47.03 37.63 -93.77
N SER QA 315 45.89 37.84 -94.41
CA SER QA 315 44.60 37.40 -93.90
C SER QA 315 44.03 36.21 -94.65
N ASP QA 316 44.11 36.21 -95.97
CA ASP QA 316 43.56 35.12 -96.78
C ASP QA 316 44.24 35.14 -98.14
N VAL QA 317 44.10 34.04 -98.87
CA VAL QA 317 44.60 33.98 -100.24
C VAL QA 317 43.48 34.32 -101.20
N ALA QA 318 43.86 34.74 -102.41
CA ALA QA 318 42.88 35.15 -103.40
C ALA QA 318 42.07 33.96 -103.91
N GLU QA 319 42.65 32.77 -103.90
CA GLU QA 319 41.96 31.57 -104.38
C GLU QA 319 42.42 30.36 -103.59
N ARG QA 320 41.48 29.48 -103.25
CA ARG QA 320 41.78 28.21 -102.60
C ARG QA 320 42.04 27.16 -103.67
N LEU QA 321 43.14 26.43 -103.52
CA LEU QA 321 43.58 25.45 -104.51
C LEU QA 321 43.45 24.04 -103.96
N THR QA 322 43.18 23.11 -104.86
CA THR QA 322 43.15 21.69 -104.55
C THR QA 322 44.46 21.05 -104.98
N ASP QA 323 44.67 19.80 -104.54
CA ASP QA 323 45.89 19.09 -104.91
C ASP QA 323 45.96 18.82 -106.40
N ASP QA 324 44.83 18.49 -107.03
CA ASP QA 324 44.83 18.23 -108.46
C ASP QA 324 45.17 19.49 -109.26
N GLU QA 325 44.65 20.65 -108.85
CA GLU QA 325 44.99 21.89 -109.55
C GLU QA 325 46.46 22.23 -109.35
N GLN QA 326 47.01 21.89 -108.19
CA GLN QA 326 48.43 22.14 -107.95
C GLN QA 326 49.31 21.24 -108.82
N GLY QA 327 48.85 20.01 -109.08
CA GLY QA 327 49.64 19.11 -109.91
C GLY QA 327 49.84 19.63 -111.32
N GLU QA 328 48.82 20.28 -111.87
CA GLU QA 328 48.96 20.88 -113.19
C GLU QA 328 49.89 22.07 -113.17
N MET QA 329 49.77 22.91 -112.13
CA MET QA 329 50.62 24.09 -112.02
C MET QA 329 52.08 23.70 -111.82
N ASN QA 330 52.33 22.70 -110.99
CA ASN QA 330 53.70 22.32 -110.66
C ASN QA 330 54.45 21.80 -111.88
N SER QA 331 53.77 21.02 -112.72
CA SER QA 331 54.41 20.52 -113.94
C SER QA 331 54.76 21.67 -114.87
N LYS QA 332 53.91 22.69 -114.94
CA LYS QA 332 54.16 23.85 -115.78
C LYS QA 332 55.18 24.81 -115.17
N GLY QA 333 55.49 24.68 -113.89
CA GLY QA 333 56.46 25.53 -113.25
C GLY QA 333 55.90 26.66 -112.43
N ILE QA 334 54.65 26.58 -111.98
CA ILE QA 334 54.00 27.64 -111.22
C ILE QA 334 53.93 27.18 -109.77
N ASN QA 335 54.67 27.86 -108.90
CA ASN QA 335 54.63 27.55 -107.47
C ASN QA 335 53.37 28.15 -106.85
N ALA QA 336 52.79 27.45 -105.88
CA ALA QA 336 51.51 27.83 -105.32
C ALA QA 336 51.63 28.14 -103.83
N ILE QA 337 50.79 29.06 -103.38
CA ILE QA 337 50.58 29.30 -101.96
C ILE QA 337 49.37 28.49 -101.52
N ARG QA 338 49.60 27.52 -100.64
CA ARG QA 338 48.58 26.57 -100.24
C ARG QA 338 48.16 26.84 -98.81
N TYR QA 339 46.92 26.45 -98.48
CA TYR QA 339 46.39 26.55 -97.13
C TYR QA 339 46.25 25.16 -96.54
N PHE QA 340 46.89 24.94 -95.39
CA PHE QA 340 46.78 23.68 -94.67
C PHE QA 340 46.30 23.97 -93.25
N SER QA 341 45.31 23.18 -92.80
CA SER QA 341 44.67 23.47 -91.52
C SER QA 341 45.67 23.38 -90.36
N HIS QA 342 46.52 22.36 -90.37
CA HIS QA 342 47.48 22.18 -89.28
C HIS QA 342 48.65 23.15 -89.35
N LYS QA 343 48.86 23.80 -90.49
CA LYS QA 343 49.97 24.75 -90.65
C LYS QA 343 49.48 26.17 -90.86
N GLY QA 344 48.64 26.41 -91.87
CA GLY QA 344 48.23 27.74 -92.22
C GLY QA 344 48.48 28.06 -93.67
N PHE QA 345 49.03 29.24 -93.94
CA PHE QA 345 49.39 29.64 -95.30
C PHE QA 345 50.88 29.41 -95.51
N VAL QA 346 51.23 28.55 -96.45
CA VAL QA 346 52.61 28.14 -96.66
C VAL QA 346 52.95 28.20 -98.15
N VAL QA 347 54.24 28.28 -98.43
CA VAL QA 347 54.73 28.21 -99.81
C VAL QA 347 54.93 26.75 -100.17
N TRP QA 348 54.37 26.33 -101.30
CA TRP QA 348 54.39 24.92 -101.66
C TRP QA 348 54.97 24.70 -103.05
N GLY QA 349 56.11 25.34 -103.34
CA GLY QA 349 56.78 25.14 -104.61
C GLY QA 349 58.18 25.71 -104.62
N ALA QA 350 59.10 25.04 -105.32
CA ALA QA 350 60.48 25.49 -105.39
C ALA QA 350 61.03 25.30 -106.81
N ARG QA 351 60.16 25.42 -107.81
CA ARG QA 351 60.56 25.24 -109.19
C ARG QA 351 60.79 26.58 -109.88
N THR QA 352 61.56 26.54 -110.95
CA THR QA 352 61.72 27.69 -111.83
C THR QA 352 60.93 27.47 -113.12
N LEU QA 353 61.00 28.43 -114.03
CA LEU QA 353 60.25 28.33 -115.27
C LEU QA 353 60.88 27.38 -116.28
N GLN QA 354 62.15 27.00 -116.10
CA GLN QA 354 62.81 26.05 -116.98
C GLN QA 354 62.76 24.67 -116.36
N ASN QA 355 62.34 23.69 -117.17
CA ASN QA 355 62.14 22.32 -116.71
C ASN QA 355 63.19 21.43 -117.36
N ASP QA 356 64.34 21.30 -116.69
CA ASP QA 356 65.38 20.39 -117.14
C ASP QA 356 66.17 19.94 -115.92
N ASP QA 357 67.04 18.95 -116.12
CA ASP QA 357 67.78 18.37 -115.01
C ASP QA 357 68.79 19.33 -114.37
N ASN QA 358 69.05 20.47 -115.01
CA ASN QA 358 70.05 21.41 -114.49
C ASN QA 358 69.43 22.48 -113.59
N TRP QA 359 68.50 23.25 -114.14
CA TRP QA 359 67.98 24.43 -113.46
C TRP QA 359 66.48 24.30 -113.14
N ARG QA 360 66.06 23.12 -112.70
CA ARG QA 360 64.65 22.91 -112.38
C ARG QA 360 64.28 23.57 -111.05
N TYR QA 361 65.17 23.52 -110.07
CA TYR QA 361 64.85 23.93 -108.71
C TYR QA 361 65.45 25.29 -108.40
N ILE QA 362 64.72 26.09 -107.63
CA ILE QA 362 65.22 27.40 -107.21
C ILE QA 362 66.50 27.27 -106.38
N PRO QA 363 66.59 26.41 -105.37
CA PRO QA 363 67.84 26.37 -104.58
C PRO QA 363 69.08 26.05 -105.40
N VAL QA 364 68.94 25.23 -106.44
CA VAL QA 364 70.09 24.93 -107.29
C VAL QA 364 70.50 26.17 -108.08
N ARG QA 365 69.53 26.86 -108.68
CA ARG QA 365 69.84 28.04 -109.48
C ARG QA 365 70.42 29.15 -108.62
N ARG QA 366 69.83 29.39 -107.44
CA ARG QA 366 70.28 30.49 -106.60
C ARG QA 366 71.64 30.22 -105.99
N LEU QA 367 71.95 28.95 -105.70
CA LEU QA 367 73.27 28.62 -105.17
C LEU QA 367 74.37 28.94 -106.18
N PHE QA 368 74.15 28.59 -107.45
CA PHE QA 368 75.15 28.87 -108.47
C PHE QA 368 75.31 30.38 -108.67
N ASN QA 369 74.21 31.12 -108.59
CA ASN QA 369 74.30 32.58 -108.70
C ASN QA 369 75.11 33.16 -107.54
N ALA QA 370 74.92 32.64 -106.33
CA ALA QA 370 75.69 33.12 -105.19
C ALA QA 370 77.16 32.74 -105.33
N ALA QA 371 77.46 31.54 -105.81
CA ALA QA 371 78.84 31.10 -105.93
C ALA QA 371 79.59 31.92 -106.98
N GLU QA 372 78.99 32.12 -108.14
CA GLU QA 372 79.67 32.86 -109.20
C GLU QA 372 79.81 34.33 -108.85
N ARG QA 373 78.88 34.86 -108.04
CA ARG QA 373 79.01 36.24 -107.59
C ARG QA 373 80.16 36.40 -106.61
N ASP QA 374 80.29 35.47 -105.66
CA ASP QA 374 81.36 35.56 -104.67
C ASP QA 374 82.72 35.27 -105.30
N ILE QA 375 82.77 34.32 -106.23
CA ILE QA 375 84.03 34.04 -106.92
C ILE QA 375 84.45 35.24 -107.76
N LYS QA 376 83.49 35.89 -108.42
CA LYS QA 376 83.80 37.08 -109.21
C LYS QA 376 84.35 38.19 -108.32
N GLN QA 377 83.80 38.34 -107.12
CA GLN QA 377 84.31 39.33 -106.19
C GLN QA 377 85.75 39.02 -105.79
N ALA QA 378 86.06 37.73 -105.58
CA ALA QA 378 87.42 37.34 -105.24
C ALA QA 378 88.38 37.56 -106.40
N MET QA 379 87.92 37.36 -107.64
CA MET QA 379 88.77 37.50 -108.81
C MET QA 379 89.04 38.94 -109.20
N GLN QA 380 88.32 39.91 -108.62
CA GLN QA 380 88.47 41.29 -109.02
C GLN QA 380 89.77 41.92 -108.53
N SER QA 381 90.49 41.26 -107.63
CA SER QA 381 91.79 41.73 -107.18
C SER QA 381 92.94 41.16 -108.00
N VAL QA 382 92.64 40.61 -109.16
CA VAL QA 382 93.64 39.94 -110.00
C VAL QA 382 93.54 40.50 -111.42
N VAL QA 383 92.67 41.50 -111.60
CA VAL QA 383 92.28 41.92 -112.94
C VAL QA 383 93.47 42.45 -113.72
N PHE QA 384 94.27 43.31 -113.10
CA PHE QA 384 95.40 43.94 -113.80
C PHE QA 384 96.74 43.38 -113.37
N GLU QA 385 96.76 42.19 -112.76
CA GLU QA 385 98.00 41.52 -112.45
C GLU QA 385 98.65 41.01 -113.73
N PRO QA 386 99.97 40.81 -113.73
CA PRO QA 386 100.62 40.24 -114.92
C PRO QA 386 100.08 38.85 -115.24
N ASN QA 387 99.95 38.58 -116.53
CA ASN QA 387 99.38 37.32 -117.00
C ASN QA 387 100.48 36.27 -117.08
N SER QA 388 100.84 35.73 -115.91
CA SER QA 388 101.92 34.75 -115.80
C SER QA 388 101.46 33.61 -114.91
N GLN QA 389 102.29 32.58 -114.84
CA GLN QA 389 101.94 31.40 -114.05
C GLN QA 389 101.75 31.68 -112.56
N PRO QA 390 102.60 32.44 -111.88
CA PRO QA 390 102.33 32.72 -110.46
C PRO QA 390 101.00 33.41 -110.23
N THR QA 391 100.53 34.21 -111.18
CA THR QA 391 99.20 34.80 -111.05
C THR QA 391 98.11 33.74 -111.12
N TRP QA 392 98.26 32.75 -112.00
CA TRP QA 392 97.26 31.70 -112.11
C TRP QA 392 97.22 30.83 -110.86
N GLU QA 393 98.37 30.60 -110.24
CA GLU QA 393 98.41 29.82 -109.01
C GLU QA 393 97.65 30.52 -107.90
N ARG QA 394 97.76 31.85 -107.81
CA ARG QA 394 97.01 32.60 -106.82
C ARG QA 394 95.51 32.54 -107.10
N VAL QA 395 95.14 32.55 -108.38
CA VAL QA 395 93.73 32.46 -108.75
C VAL QA 395 93.15 31.11 -108.32
N LYS QA 396 93.88 30.04 -108.58
CA LYS QA 396 93.40 28.71 -108.21
C LYS QA 396 93.25 28.58 -106.70
N SER QA 397 94.19 29.13 -105.94
CA SER QA 397 94.11 29.05 -104.49
C SER QA 397 92.90 29.81 -103.96
N ALA QA 398 92.60 30.97 -104.54
CA ALA QA 398 91.48 31.78 -104.07
C ALA QA 398 90.15 31.05 -104.31
N ILE QA 399 89.99 30.45 -105.48
CA ILE QA 399 88.75 29.74 -105.79
C ILE QA 399 88.64 28.47 -104.96
N ASP QA 400 89.75 27.74 -104.82
CA ASP QA 400 89.73 26.50 -104.06
C ASP QA 400 89.39 26.74 -102.60
N ASN QA 401 89.93 27.81 -102.02
CA ASN QA 401 89.65 28.12 -100.62
C ASN QA 401 88.18 28.45 -100.41
N TYR QA 402 87.58 29.22 -101.33
CA TYR QA 402 86.17 29.55 -101.21
C TYR QA 402 85.29 28.31 -101.36
N LEU QA 403 85.62 27.44 -102.31
CA LEU QA 403 84.78 26.26 -102.55
C LEU QA 403 84.85 25.29 -101.38
N TYR QA 404 86.02 25.17 -100.74
CA TYR QA 404 86.12 24.30 -99.57
C TYR QA 404 85.25 24.81 -98.43
N SER QA 405 85.21 26.12 -98.22
CA SER QA 405 84.34 26.67 -97.19
C SER QA 405 82.87 26.42 -97.51
N LEU QA 406 82.51 26.50 -98.79
CA LEU QA 406 81.13 26.21 -99.19
C LEU QA 406 80.77 24.76 -98.89
N TRP QA 407 81.69 23.83 -99.14
CA TRP QA 407 81.42 22.42 -98.89
C TRP QA 407 81.29 22.12 -97.41
N GLN QA 408 82.02 22.86 -96.55
CA GLN QA 408 81.95 22.61 -95.12
C GLN QA 408 80.56 22.87 -94.56
N GLN QA 409 79.92 23.96 -95.00
CA GLN QA 409 78.59 24.30 -94.50
C GLN QA 409 77.50 23.37 -95.01
N GLY QA 410 77.80 22.50 -95.96
CA GLY QA 410 76.82 21.59 -96.51
C GLY QA 410 76.15 22.04 -97.79
N ALA QA 411 76.66 23.10 -98.42
CA ALA QA 411 76.05 23.58 -99.66
C ALA QA 411 76.20 22.56 -100.79
N LEU QA 412 77.36 21.93 -100.89
CA LEU QA 412 77.66 21.01 -101.98
C LEU QA 412 77.52 19.58 -101.52
N ALA QA 413 77.33 18.68 -102.50
CA ALA QA 413 77.16 17.27 -102.23
C ALA QA 413 78.50 16.54 -102.29
N GLY QA 414 78.59 15.44 -101.57
CA GLY QA 414 79.78 14.60 -101.58
C GLY QA 414 80.34 14.35 -100.20
N ASN QA 415 81.08 13.25 -100.07
CA ASN QA 415 81.72 12.88 -98.81
C ASN QA 415 83.12 13.46 -98.67
N LYS QA 416 83.66 14.07 -99.72
CA LYS QA 416 84.97 14.68 -99.69
C LYS QA 416 85.03 15.76 -100.74
N PRO QA 417 85.94 16.73 -100.60
CA PRO QA 417 85.96 17.86 -101.55
C PRO QA 417 86.16 17.44 -103.00
N GLN QA 418 86.89 16.35 -103.25
CA GLN QA 418 87.11 15.92 -104.63
C GLN QA 418 85.81 15.53 -105.32
N GLU QA 419 84.82 15.08 -104.56
CA GLU QA 419 83.52 14.74 -105.11
C GLU QA 419 82.57 15.93 -105.17
N ALA QA 420 82.97 17.08 -104.65
CA ALA QA 420 82.08 18.24 -104.55
C ALA QA 420 82.40 19.36 -105.51
N TYR QA 421 83.65 19.49 -105.95
CA TYR QA 421 84.03 20.59 -106.83
C TYR QA 421 85.37 20.28 -107.48
N PHE QA 422 85.75 21.13 -108.42
CA PHE QA 422 87.07 21.08 -109.02
C PHE QA 422 87.39 22.43 -109.63
N VAL QA 423 88.67 22.77 -109.66
CA VAL QA 423 89.16 24.02 -110.24
C VAL QA 423 90.27 23.68 -111.23
N GLN QA 424 90.20 24.26 -112.43
CA GLN QA 424 91.17 24.01 -113.47
C GLN QA 424 91.62 25.31 -114.11
N ILE QA 425 92.92 25.51 -114.21
CA ILE QA 425 93.51 26.64 -114.92
C ILE QA 425 94.95 26.30 -115.27
N GLY QA 426 95.35 26.54 -116.50
CA GLY QA 426 96.70 26.18 -116.92
C GLY QA 426 97.00 26.70 -118.31
N LYS QA 427 98.28 26.57 -118.68
CA LYS QA 427 98.77 27.06 -119.95
C LYS QA 427 98.36 26.19 -121.13
N ASP QA 428 98.14 24.89 -120.90
CA ASP QA 428 97.67 24.00 -121.96
C ASP QA 428 96.47 23.18 -121.51
N VAL QA 429 95.70 23.69 -120.54
CA VAL QA 429 94.53 23.00 -120.01
C VAL QA 429 93.25 23.77 -120.28
N THR QA 430 93.26 25.08 -120.07
CA THR QA 430 92.07 25.89 -120.25
C THR QA 430 92.26 27.02 -121.26
N MET QA 431 93.43 27.65 -121.29
CA MET QA 431 93.72 28.71 -122.25
C MET QA 431 94.95 28.33 -123.06
N SER QA 432 95.11 28.99 -124.20
CA SER QA 432 96.23 28.75 -125.10
C SER QA 432 97.12 29.98 -125.15
N ASP QA 433 98.15 29.92 -126.02
CA ASP QA 433 99.08 31.03 -126.15
C ASP QA 433 98.40 32.26 -126.73
N ASP QA 434 97.47 32.07 -127.66
CA ASP QA 434 96.76 33.20 -128.25
C ASP QA 434 95.91 33.91 -127.21
N ASP QA 435 95.25 33.15 -126.33
CA ASP QA 435 94.46 33.76 -125.27
C ASP QA 435 95.32 34.59 -124.34
N ILE QA 436 96.49 34.06 -123.95
CA ILE QA 436 97.37 34.78 -123.04
C ILE QA 436 97.93 36.03 -123.69
N LYS QA 437 98.27 35.95 -124.98
CA LYS QA 437 98.77 37.13 -125.69
C LYS QA 437 97.71 38.22 -125.78
N GLN QA 438 96.43 37.84 -125.71
CA GLN QA 438 95.34 38.80 -125.75
C GLN QA 438 94.94 39.31 -124.37
N GLY QA 439 95.61 38.87 -123.31
CA GLY QA 439 95.29 39.29 -121.97
C GLY QA 439 94.20 38.49 -121.29
N LYS QA 440 93.90 37.30 -121.78
CA LYS QA 440 92.82 36.50 -121.24
C LYS QA 440 93.32 35.54 -120.17
N MET QA 441 92.43 35.19 -119.24
CA MET QA 441 92.70 34.21 -118.20
C MET QA 441 91.45 33.39 -117.99
N ILE QA 442 91.53 32.09 -118.29
CA ILE QA 442 90.37 31.20 -118.32
C ILE QA 442 90.51 30.18 -117.21
N VAL QA 443 89.47 30.03 -116.40
CA VAL QA 443 89.42 29.07 -115.32
C VAL QA 443 88.09 28.34 -115.38
N LYS QA 444 88.12 27.02 -115.22
CA LYS QA 444 86.92 26.19 -115.24
C LYS QA 444 86.57 25.75 -113.83
N VAL QA 445 85.31 25.94 -113.46
CA VAL QA 445 84.81 25.61 -112.12
C VAL QA 445 83.58 24.73 -112.26
N GLY QA 446 83.54 23.64 -111.53
CA GLY QA 446 82.37 22.78 -111.51
C GLY QA 446 81.99 22.42 -110.08
N MET QA 447 80.68 22.41 -109.82
CA MET QA 447 80.14 22.11 -108.51
C MET QA 447 78.99 21.13 -108.63
N ALA QA 448 78.70 20.46 -107.51
CA ALA QA 448 77.58 19.53 -107.43
C ALA QA 448 76.68 19.95 -106.28
N ALA QA 449 75.38 20.01 -106.54
CA ALA QA 449 74.39 20.47 -105.58
C ALA QA 449 73.45 19.34 -105.20
N VAL QA 450 72.74 19.54 -104.08
CA VAL QA 450 71.80 18.56 -103.56
C VAL QA 450 70.39 18.99 -103.96
N ARG QA 451 69.63 18.07 -104.54
CA ARG QA 451 68.28 18.41 -104.96
C ARG QA 451 67.29 18.14 -103.84
N PRO QA 452 66.23 18.94 -103.75
CA PRO QA 452 65.23 18.73 -102.71
C PRO QA 452 64.37 17.51 -102.97
N ALA QA 453 63.79 16.98 -101.89
CA ALA QA 453 62.80 15.92 -101.96
C ALA QA 453 61.42 16.56 -102.09
N GLU QA 454 60.69 16.20 -103.14
CA GLU QA 454 59.42 16.83 -103.43
C GLU QA 454 58.21 15.95 -103.15
N PHE QA 455 58.33 14.64 -103.29
CA PHE QA 455 57.22 13.73 -103.10
C PHE QA 455 57.58 12.67 -102.07
N ILE QA 456 56.71 12.48 -101.08
CA ILE QA 456 56.87 11.45 -100.07
C ILE QA 456 55.71 10.49 -100.20
N ILE QA 457 56.01 9.20 -100.35
CA ILE QA 457 55.02 8.17 -100.62
C ILE QA 457 54.93 7.25 -99.41
N LEU QA 458 53.73 7.09 -98.87
CA LEU QA 458 53.47 6.20 -97.74
C LEU QA 458 52.76 4.95 -98.24
N GLN QA 459 53.29 3.79 -97.88
CA GLN QA 459 52.72 2.51 -98.27
C GLN QA 459 52.28 1.79 -97.01
N PHE QA 460 50.97 1.71 -96.80
CA PHE QA 460 50.39 1.11 -95.62
C PHE QA 460 49.98 -0.33 -95.91
N SER QA 461 50.24 -1.22 -94.94
CA SER QA 461 49.88 -2.62 -95.04
C SER QA 461 49.07 -3.03 -93.82
N GLN QA 462 48.14 -3.97 -94.03
CA GLN QA 462 47.21 -4.36 -92.97
C GLN QA 462 47.90 -5.17 -91.88
N GLN QA 463 48.92 -5.94 -92.22
CA GLN QA 463 49.57 -6.80 -91.24
C GLN QA 463 51.04 -6.42 -91.04
N THR RA 3 53.00 4.94 -107.99
CA THR RA 3 52.17 6.04 -108.47
C THR RA 3 53.00 7.05 -109.26
N ILE RA 4 52.33 7.94 -109.97
CA ILE RA 4 52.97 9.00 -110.74
C ILE RA 4 52.71 10.33 -110.02
N PRO RA 5 53.71 10.91 -109.37
CA PRO RA 5 53.46 12.14 -108.61
C PRO RA 5 53.38 13.36 -109.50
N THR RA 6 52.39 14.21 -109.21
CA THR RA 6 52.21 15.47 -109.91
C THR RA 6 52.43 16.68 -109.01
N TYR RA 7 51.74 16.73 -107.88
CA TYR RA 7 51.86 17.83 -106.94
C TYR RA 7 52.85 17.48 -105.84
N PRO RA 8 53.55 18.48 -105.30
CA PRO RA 8 54.40 18.22 -104.15
C PRO RA 8 53.57 17.90 -102.91
N GLY RA 9 54.12 17.04 -102.06
CA GLY RA 9 53.47 16.71 -100.81
C GLY RA 9 53.57 15.23 -100.53
N VAL RA 10 52.58 14.73 -99.79
CA VAL RA 10 52.59 13.37 -99.26
C VAL RA 10 51.50 12.56 -99.97
N TYR RA 11 51.87 11.38 -100.45
CA TYR RA 11 50.94 10.46 -101.08
C TYR RA 11 50.73 9.25 -100.19
N ILE RA 12 49.54 8.65 -100.30
CA ILE RA 12 49.14 7.52 -99.48
C ILE RA 12 48.76 6.36 -100.39
N GLU RA 13 49.34 5.19 -100.13
CA GLU RA 13 49.06 3.99 -100.92
C GLU RA 13 48.76 2.83 -99.99
N GLU RA 14 47.81 1.99 -100.41
CA GLU RA 14 47.48 0.75 -99.72
C GLU RA 14 47.91 -0.41 -100.60
N ASP RA 15 48.67 -1.33 -100.03
CA ASP RA 15 49.21 -2.45 -100.81
C ASP RA 15 49.46 -3.63 -99.88
N ALA RA 16 50.14 -4.65 -100.42
CA ALA RA 16 50.58 -5.79 -99.64
C ALA RA 16 52.00 -6.21 -99.99
N SER RA 17 52.75 -5.39 -100.72
CA SER RA 17 54.10 -5.75 -101.12
C SER RA 17 55.00 -5.86 -99.89
N LEU RA 18 55.83 -6.90 -99.89
CA LEU RA 18 56.69 -7.21 -98.76
C LEU RA 18 58.14 -7.02 -99.17
N ASN RA 19 58.90 -6.27 -98.38
CA ASN RA 19 60.33 -6.10 -98.56
C ASN RA 19 61.06 -6.53 -97.29
N LEU RA 20 62.31 -6.95 -97.46
CA LEU RA 20 63.10 -7.51 -96.37
C LEU RA 20 64.39 -6.73 -96.20
N SER RA 21 64.96 -6.83 -95.01
CA SER RA 21 66.23 -6.16 -94.73
C SER RA 21 67.34 -6.76 -95.58
N VAL RA 22 68.23 -5.89 -96.05
CA VAL RA 22 69.33 -6.29 -96.93
C VAL RA 22 70.59 -6.45 -96.10
N ASN RA 23 71.29 -7.57 -96.30
CA ASN RA 23 72.54 -7.85 -95.62
C ASN RA 23 73.71 -7.71 -96.59
N GLN RA 24 74.92 -7.88 -96.07
CA GLN RA 24 76.13 -7.72 -96.86
C GLN RA 24 77.13 -8.80 -96.50
N GLY RA 25 78.00 -9.11 -97.45
CA GLY RA 25 79.03 -10.12 -97.24
C GLY RA 25 79.93 -10.20 -98.45
N ASN RA 26 81.05 -10.90 -98.26
CA ASN RA 26 82.04 -11.01 -99.34
C ASN RA 26 82.41 -12.47 -99.61
N THR RA 27 82.43 -13.29 -98.56
CA THR RA 27 82.91 -14.66 -98.68
C THR RA 27 81.80 -15.66 -99.02
N ALA RA 28 80.57 -15.18 -99.26
CA ALA RA 28 79.48 -16.08 -99.63
C ALA RA 28 78.54 -15.31 -100.58
N ILE RA 29 78.77 -15.48 -101.87
CA ILE RA 29 77.94 -14.88 -102.90
C ILE RA 29 77.44 -16.00 -103.81
N PRO RA 30 76.19 -16.42 -103.66
CA PRO RA 30 75.69 -17.55 -104.45
C PRO RA 30 75.14 -17.13 -105.81
N VAL RA 31 75.11 -18.10 -106.71
CA VAL RA 31 74.48 -17.94 -108.02
C VAL RA 31 73.36 -18.96 -108.12
N PHE RA 32 72.20 -18.52 -108.60
CA PHE RA 32 71.01 -19.36 -108.71
C PHE RA 32 70.74 -19.65 -110.18
N ILE RA 33 70.66 -20.92 -110.52
CA ILE RA 33 70.33 -21.36 -111.88
C ILE RA 33 68.94 -21.97 -111.83
N GLY RA 34 68.01 -21.40 -112.57
CA GLY RA 34 66.65 -21.89 -112.56
C GLY RA 34 65.80 -21.17 -113.59
N LEU RA 35 64.50 -21.49 -113.56
CA LEU RA 35 63.54 -20.93 -114.51
C LEU RA 35 63.04 -19.59 -113.97
N PHE RA 36 63.87 -18.57 -114.15
CA PHE RA 36 63.49 -17.21 -113.79
C PHE RA 36 62.86 -16.50 -114.97
N SER RA 37 62.21 -15.38 -114.68
CA SER RA 37 61.47 -14.60 -115.68
C SER RA 37 61.92 -13.15 -115.61
N PRO RA 38 63.02 -12.81 -116.27
CA PRO RA 38 63.48 -11.41 -116.26
C PRO RA 38 62.50 -10.49 -116.95
N LYS RA 39 62.43 -9.26 -116.45
CA LYS RA 39 61.58 -8.24 -117.07
C LYS RA 39 62.15 -7.74 -118.39
N ASN RA 40 63.45 -7.95 -118.62
CA ASN RA 40 64.11 -7.55 -119.85
C ASN RA 40 64.49 -8.80 -120.64
N THR RA 41 64.30 -8.73 -121.97
CA THR RA 41 64.58 -9.89 -122.80
C THR RA 41 66.06 -10.27 -122.76
N ASN RA 42 66.95 -9.28 -122.80
CA ASN RA 42 68.38 -9.55 -122.77
C ASN RA 42 68.89 -9.61 -121.33
N SER RA 45 70.26 -15.51 -120.29
CA SER RA 45 71.42 -15.72 -121.14
C SER RA 45 72.68 -15.12 -120.52
N GLN RA 46 72.48 -14.17 -119.62
CA GLN RA 46 73.58 -13.50 -118.93
C GLN RA 46 73.29 -13.44 -117.44
N VAL RA 47 74.36 -13.47 -116.66
CA VAL RA 47 74.26 -13.45 -115.21
C VAL RA 47 73.95 -12.03 -114.76
N THR RA 48 72.95 -11.88 -113.89
CA THR RA 48 72.49 -10.59 -113.41
C THR RA 48 72.71 -10.50 -111.91
N ARG RA 49 73.31 -9.40 -111.47
CA ARG RA 49 73.54 -9.19 -110.04
C ARG RA 49 72.31 -8.58 -109.40
N VAL RA 50 71.90 -9.15 -108.26
CA VAL RA 50 70.75 -8.69 -107.50
C VAL RA 50 71.21 -8.37 -106.09
N ASN RA 51 70.93 -7.15 -105.62
CA ASN RA 51 71.43 -6.70 -104.33
C ASN RA 51 70.48 -7.01 -103.18
N SER RA 52 69.18 -7.09 -103.43
CA SER RA 52 68.21 -7.31 -102.37
C SER RA 52 66.91 -7.83 -102.98
N TRP RA 53 65.95 -8.12 -102.11
CA TRP RA 53 64.65 -8.58 -102.59
C TRP RA 53 63.95 -7.51 -103.41
N LEU RA 54 64.07 -6.24 -102.99
CA LEU RA 54 63.47 -5.16 -103.75
C LEU RA 54 64.08 -5.05 -105.15
N ASP RA 55 65.40 -5.23 -105.25
CA ASP RA 55 66.04 -5.17 -106.55
C ASP RA 55 65.60 -6.34 -107.43
N PHE RA 56 65.41 -7.53 -106.83
CA PHE RA 56 64.98 -8.68 -107.59
C PHE RA 56 63.60 -8.46 -108.20
N THR RA 57 62.66 -7.95 -107.40
CA THR RA 57 61.32 -7.69 -107.91
C THR RA 57 61.33 -6.60 -108.97
N ASN RA 58 62.31 -5.69 -108.90
CA ASN RA 58 62.41 -4.64 -109.92
C ASN RA 58 62.96 -5.16 -111.23
N LEU RA 59 63.76 -6.22 -111.19
CA LEU RA 59 64.40 -6.76 -112.40
C LEU RA 59 63.78 -8.06 -112.87
N PHE RA 60 63.00 -8.74 -112.03
CA PHE RA 60 62.43 -10.03 -112.38
C PHE RA 60 60.96 -10.06 -111.98
N ASN RA 61 60.21 -10.95 -112.63
CA ASN RA 61 58.80 -11.17 -112.30
C ASN RA 61 58.71 -12.32 -111.31
N ALA RA 62 58.30 -12.02 -110.08
CA ALA RA 62 58.14 -13.05 -109.06
C ALA RA 62 56.86 -13.82 -109.27
N GLY RA 63 56.93 -15.13 -109.10
CA GLY RA 63 55.77 -15.98 -109.28
C GLY RA 63 56.16 -17.43 -109.30
N CYS RA 64 55.14 -18.28 -109.28
CA CYS RA 64 55.33 -19.73 -109.28
C CYS RA 64 55.09 -20.35 -110.65
N ILE RA 65 54.86 -19.54 -111.68
CA ILE RA 65 54.60 -20.02 -113.03
C ILE RA 65 55.72 -19.53 -113.94
N ALA RA 66 56.37 -20.47 -114.62
CA ALA RA 66 57.44 -20.13 -115.55
C ALA RA 66 56.85 -19.45 -116.79
N PRO RA 67 57.67 -18.72 -117.55
CA PRO RA 67 57.17 -18.08 -118.77
C PRO RA 67 56.58 -19.11 -119.73
N ILE RA 68 55.48 -18.72 -120.37
CA ILE RA 68 54.71 -19.62 -121.21
C ILE RA 68 55.14 -19.46 -122.65
N THR RA 69 55.46 -20.58 -123.30
CA THR RA 69 55.87 -20.60 -124.70
C THR RA 69 54.77 -21.24 -125.54
N ILE RA 70 54.37 -20.54 -126.60
CA ILE RA 70 53.32 -21.05 -127.49
C ILE RA 70 53.94 -21.53 -128.80
N VAL RA 114 50.01 -24.88 -126.34
CA VAL RA 114 50.87 -24.15 -125.41
C VAL RA 114 51.34 -25.08 -124.30
N ILE RA 115 52.43 -24.71 -123.65
CA ILE RA 115 52.95 -25.46 -122.50
C ILE RA 115 53.27 -24.50 -121.37
N VAL RA 116 53.12 -24.99 -120.14
CA VAL RA 116 53.43 -24.23 -118.94
C VAL RA 116 54.30 -25.09 -118.03
N ASN RA 117 55.01 -24.42 -117.12
CA ASN RA 117 55.88 -25.09 -116.18
C ASN RA 117 55.71 -24.48 -114.80
N TYR RA 118 55.98 -25.27 -113.78
CA TYR RA 118 55.90 -24.85 -112.39
C TYR RA 118 57.32 -24.64 -111.86
N THR RA 119 57.57 -23.47 -111.28
CA THR RA 119 58.90 -23.11 -110.79
C THR RA 119 58.82 -22.66 -109.34
N THR RA 120 59.84 -23.02 -108.57
CA THR RA 120 59.94 -22.63 -107.17
C THR RA 120 61.06 -21.61 -106.96
N SER RA 121 61.56 -21.01 -108.04
CA SER RA 121 62.72 -20.13 -107.94
C SER RA 121 62.42 -18.88 -107.12
N SER RA 122 61.24 -18.28 -107.32
CA SER RA 122 60.94 -17.03 -106.64
C SER RA 122 60.83 -17.21 -105.13
N ASP RA 123 60.12 -18.26 -104.70
CA ASP RA 123 59.96 -18.48 -103.27
C ASP RA 123 61.26 -18.95 -102.62
N ALA RA 124 62.07 -19.71 -103.36
CA ALA RA 124 63.37 -20.10 -102.84
C ALA RA 124 64.25 -18.88 -102.60
N LEU RA 125 64.18 -17.88 -103.48
CA LEU RA 125 64.92 -16.64 -103.26
C LEU RA 125 64.39 -15.88 -102.05
N LYS RA 126 63.07 -15.91 -101.84
CA LYS RA 126 62.48 -15.25 -100.68
C LYS RA 126 63.00 -15.88 -99.39
N LEU RA 127 63.09 -17.22 -99.37
CA LEU RA 127 63.65 -17.90 -98.21
C LEU RA 127 65.13 -17.56 -98.03
N TYR RA 128 65.85 -17.41 -99.14
CA TYR RA 128 67.27 -17.06 -99.06
C TYR RA 128 67.48 -15.71 -98.41
N PHE RA 129 66.65 -14.72 -98.78
CA PHE RA 129 66.80 -13.39 -98.19
C PHE RA 129 66.29 -13.34 -96.75
N GLN RA 130 65.28 -14.16 -96.42
CA GLN RA 130 64.75 -14.18 -95.07
C GLN RA 130 65.72 -14.82 -94.08
N ASN RA 131 66.66 -15.62 -94.56
CA ASN RA 131 67.60 -16.32 -93.69
C ASN RA 131 68.94 -15.62 -93.56
N GLY RA 132 69.07 -14.41 -94.10
CA GLY RA 132 70.29 -13.65 -93.95
C GLY RA 132 71.13 -13.56 -95.20
N GLY RA 133 70.49 -13.73 -96.36
CA GLY RA 133 71.22 -13.68 -97.61
C GLY RA 133 71.55 -12.25 -98.02
N GLY RA 134 72.69 -12.10 -98.68
CA GLY RA 134 73.13 -10.82 -99.18
C GLY RA 134 72.95 -10.72 -100.68
N PRO RA 135 73.77 -9.90 -101.32
CA PRO RA 135 73.71 -9.79 -102.78
C PRO RA 135 74.00 -11.14 -103.45
N CYS RA 136 73.31 -11.39 -104.55
CA CYS RA 136 73.43 -12.65 -105.26
C CYS RA 136 73.36 -12.41 -106.76
N TYR RA 137 73.78 -13.42 -107.52
CA TYR RA 137 73.69 -13.41 -108.98
C TYR RA 137 72.66 -14.43 -109.42
N ILE RA 138 71.93 -14.12 -110.48
CA ILE RA 138 70.86 -14.97 -110.98
C ILE RA 138 71.15 -15.30 -112.44
N LEU RA 139 71.08 -16.58 -112.78
CA LEU RA 139 71.30 -17.06 -114.14
C LEU RA 139 70.01 -17.69 -114.64
N PRO RA 140 69.14 -16.94 -115.31
CA PRO RA 140 67.86 -17.50 -115.76
C PRO RA 140 68.07 -18.43 -116.95
N GLN RA 141 67.39 -19.57 -116.91
CA GLN RA 141 67.38 -20.52 -118.01
C GLN RA 141 66.06 -20.38 -118.75
N LEU RA 142 66.12 -19.97 -120.01
CA LEU RA 142 64.93 -19.70 -120.80
C LEU RA 142 64.74 -20.77 -121.88
N ASP RA 143 63.48 -20.96 -122.26
CA ASP RA 143 63.10 -21.91 -123.31
C ASP RA 143 63.53 -23.32 -122.87
N ARG RA 144 63.85 -24.19 -123.83
CA ARG RA 144 64.20 -25.56 -123.53
C ARG RA 144 65.64 -25.66 -123.05
N LEU RA 145 65.91 -26.73 -122.30
CA LEU RA 145 67.24 -26.97 -121.74
C LEU RA 145 68.11 -27.62 -122.80
N THR RA 146 68.82 -26.80 -123.56
CA THR RA 146 69.72 -27.31 -124.59
C THR RA 146 71.09 -27.62 -124.02
N GLN RA 147 71.82 -28.49 -124.72
CA GLN RA 147 73.18 -28.83 -124.29
C GLN RA 147 74.11 -27.64 -124.42
N GLY RA 148 73.82 -26.71 -125.34
CA GLY RA 148 74.64 -25.52 -125.46
C GLY RA 148 74.63 -24.67 -124.20
N PHE RA 149 73.46 -24.57 -123.56
CA PHE RA 149 73.37 -23.83 -122.30
C PHE RA 149 74.17 -24.54 -121.20
N LEU RA 150 74.10 -25.86 -121.14
CA LEU RA 150 74.79 -26.60 -120.08
C LEU RA 150 76.30 -26.45 -120.20
N ASP RA 151 76.83 -26.49 -121.43
CA ASP RA 151 78.27 -26.36 -121.61
C ASP RA 151 78.74 -24.95 -121.25
N SER RA 152 77.90 -23.95 -121.48
CA SER RA 152 78.28 -22.57 -121.21
C SER RA 152 78.16 -22.18 -119.75
N ILE RA 153 77.56 -23.03 -118.91
CA ILE RA 153 77.37 -22.67 -117.50
C ILE RA 153 78.69 -22.42 -116.77
N PRO RA 154 79.70 -23.30 -116.84
CA PRO RA 154 80.95 -23.00 -116.13
C PRO RA 154 81.62 -21.72 -116.60
N GLU RA 155 81.52 -21.39 -117.89
CA GLU RA 155 82.14 -20.17 -118.39
C GLU RA 155 81.36 -18.93 -117.96
N LEU RA 156 80.03 -19.02 -117.97
CA LEU RA 156 79.22 -17.88 -117.53
C LEU RA 156 79.47 -17.55 -116.06
N ILE RA 157 79.58 -18.58 -115.22
CA ILE RA 157 79.83 -18.36 -113.80
C ILE RA 157 81.21 -17.75 -113.60
N LYS RA 158 82.22 -18.26 -114.31
CA LYS RA 158 83.57 -17.71 -114.18
C LYS RA 158 83.64 -16.26 -114.62
N GLN RA 159 82.80 -15.86 -115.58
CA GLN RA 159 82.81 -14.48 -116.04
C GLN RA 159 82.40 -13.53 -114.91
N ALA RA 160 81.44 -13.93 -114.10
CA ALA RA 160 81.12 -13.20 -112.88
C ALA RA 160 82.19 -13.51 -111.84
N LEU RA 161 82.95 -12.49 -111.44
CA LEU RA 161 84.17 -12.72 -110.68
C LEU RA 161 83.94 -12.89 -109.19
N GLU RA 162 82.73 -12.64 -108.70
CA GLU RA 162 82.47 -12.66 -107.27
C GLU RA 162 81.73 -13.90 -106.79
N ILE RA 163 81.48 -14.87 -107.67
CA ILE RA 163 80.70 -16.04 -107.28
C ILE RA 163 81.52 -16.93 -106.36
N THR RA 164 80.86 -17.48 -105.33
CA THR RA 164 81.52 -18.40 -104.41
C THR RA 164 80.67 -19.65 -104.18
N LEU RA 165 79.36 -19.53 -104.40
CA LEU RA 165 78.43 -20.63 -104.16
C LEU RA 165 77.55 -20.84 -105.38
N ILE RA 166 77.16 -22.09 -105.60
CA ILE RA 166 76.30 -22.48 -106.70
C ILE RA 166 75.08 -23.20 -106.13
N VAL RA 167 73.89 -22.73 -106.51
CA VAL RA 167 72.63 -23.28 -106.00
C VAL RA 167 71.67 -23.42 -107.17
N CYS RA 168 70.96 -24.56 -107.21
CA CYS RA 168 69.91 -24.79 -108.19
C CYS RA 168 68.57 -24.91 -107.47
N PRO RA 169 67.79 -23.84 -107.37
CA PRO RA 169 66.55 -23.86 -106.56
C PRO RA 169 65.33 -24.32 -107.36
N GLU RA 170 65.35 -25.56 -107.80
CA GLU RA 170 64.25 -26.13 -108.56
C GLU RA 170 63.81 -27.44 -107.93
N TRP RA 171 62.48 -27.64 -107.87
CA TRP RA 171 61.94 -28.85 -107.27
C TRP RA 171 62.11 -30.08 -108.14
N ASP RA 172 62.19 -29.92 -109.45
CA ASP RA 172 62.31 -31.07 -110.34
C ASP RA 172 63.64 -31.77 -110.13
N SER RA 173 63.59 -33.09 -109.92
CA SER RA 173 64.81 -33.84 -109.66
C SER RA 173 65.63 -34.03 -110.93
N GLY RA 174 64.96 -34.28 -112.05
CA GLY RA 174 65.69 -34.45 -113.30
C GLY RA 174 66.38 -33.18 -113.76
N TYR RA 175 65.72 -32.03 -113.57
CA TYR RA 175 66.32 -30.76 -113.93
C TYR RA 175 67.55 -30.48 -113.07
N GLN RA 176 67.46 -30.76 -111.77
CA GLN RA 176 68.59 -30.52 -110.88
C GLN RA 176 69.77 -31.42 -111.23
N SER RA 177 69.51 -32.68 -111.58
CA SER RA 177 70.58 -33.60 -111.92
C SER RA 177 71.34 -33.13 -113.15
N LYS RA 178 70.63 -32.59 -114.15
CA LYS RA 178 71.28 -32.08 -115.34
C LYS RA 178 72.17 -30.88 -115.01
N ILE RA 179 71.70 -30.00 -114.14
CA ILE RA 179 72.48 -28.82 -113.77
C ILE RA 179 73.74 -29.23 -113.01
N TYR RA 180 73.59 -30.16 -112.05
CA TYR RA 180 74.74 -30.57 -111.24
C TYR RA 180 75.81 -31.23 -112.09
N ASN RA 181 75.41 -32.06 -113.05
CA ASN RA 181 76.38 -32.72 -113.91
C ASN RA 181 77.11 -31.75 -114.83
N SER RA 182 76.58 -30.53 -115.02
CA SER RA 182 77.20 -29.57 -115.90
C SER RA 182 78.33 -28.79 -115.23
N LEU RA 183 78.52 -28.96 -113.92
CA LEU RA 183 79.59 -28.28 -113.20
C LEU RA 183 80.85 -29.11 -113.30
N THR RA 184 81.76 -28.72 -114.19
CA THR RA 184 82.97 -29.49 -114.43
C THR RA 184 83.91 -29.42 -113.25
N SER RA 185 84.81 -30.40 -113.17
CA SER RA 185 85.78 -30.44 -112.08
C SER RA 185 86.71 -29.24 -112.10
N SER RA 186 86.97 -28.68 -113.28
CA SER RA 186 87.79 -27.48 -113.36
C SER RA 186 87.10 -26.30 -112.68
N LEU RA 187 85.77 -26.19 -112.84
CA LEU RA 187 85.04 -25.11 -112.20
C LEU RA 187 85.04 -25.26 -110.68
N LEU RA 188 84.77 -26.47 -110.18
CA LEU RA 188 84.68 -26.67 -108.74
C LEU RA 188 86.04 -26.51 -108.07
N ASN RA 189 87.10 -27.04 -108.68
CA ASN RA 189 88.42 -26.93 -108.11
C ASN RA 189 88.97 -25.51 -108.15
N ALA RA 190 88.32 -24.61 -108.90
CA ALA RA 190 88.76 -23.22 -108.97
C ALA RA 190 88.27 -22.39 -107.79
N GLY RA 191 87.76 -23.03 -106.74
CA GLY RA 191 87.30 -22.29 -105.57
C GLY RA 191 85.82 -22.02 -105.56
N TYR RA 192 85.02 -23.00 -105.99
CA TYR RA 192 83.58 -22.88 -105.99
C TYR RA 192 82.99 -24.03 -105.18
N PHE RA 193 81.88 -23.74 -104.50
CA PHE RA 193 81.22 -24.69 -103.62
C PHE RA 193 79.78 -24.87 -104.06
N LEU RA 194 79.34 -26.12 -104.14
CA LEU RA 194 78.01 -26.46 -104.61
C LEU RA 194 77.17 -26.96 -103.45
N ILE RA 195 76.01 -26.32 -103.24
CA ILE RA 195 75.03 -26.78 -102.27
C ILE RA 195 73.94 -27.50 -103.03
N ALA RA 196 73.69 -28.76 -102.69
CA ALA RA 196 72.82 -29.62 -103.48
C ALA RA 196 71.69 -30.16 -102.62
N ASP RA 197 70.55 -30.42 -103.25
CA ASP RA 197 69.41 -31.03 -102.58
C ASP RA 197 69.38 -32.52 -102.87
N ASN RA 198 69.61 -33.33 -101.85
CA ASN RA 198 69.53 -34.77 -102.01
C ASN RA 198 68.07 -35.20 -102.15
N GLN RA 199 67.81 -36.02 -103.16
CA GLN RA 199 66.45 -36.49 -103.43
C GLN RA 199 66.12 -37.80 -102.72
N ASP RA 200 67.09 -38.42 -102.05
CA ASP RA 200 66.86 -39.72 -101.43
C ASP RA 200 67.50 -39.74 -100.06
N LYS RA 201 66.91 -40.53 -99.16
CA LYS RA 201 67.42 -40.68 -97.80
C LYS RA 201 68.53 -41.71 -97.70
N ASN RA 202 68.72 -42.55 -98.71
CA ASN RA 202 69.61 -43.70 -98.61
C ASN RA 202 70.82 -43.65 -99.52
N THR RA 203 70.78 -42.87 -100.59
CA THR RA 203 71.88 -42.81 -101.55
C THR RA 203 72.37 -41.39 -101.69
N ALA RA 204 73.68 -41.20 -101.59
CA ALA RA 204 74.27 -39.88 -101.70
C ALA RA 204 74.39 -39.44 -103.15
N LEU RA 205 74.45 -38.13 -103.36
CA LEU RA 205 74.63 -37.58 -104.69
C LEU RA 205 76.05 -37.82 -105.18
N ILE RA 206 76.20 -37.83 -106.50
CA ILE RA 206 77.50 -37.98 -107.15
C ILE RA 206 77.79 -36.74 -107.97
N THR RA 207 78.95 -36.12 -107.73
CA THR RA 207 79.36 -34.93 -108.46
C THR RA 207 80.80 -35.12 -108.93
N GLU RA 208 81.26 -34.18 -109.74
CA GLU RA 208 82.61 -34.26 -110.28
C GLU RA 208 83.67 -34.16 -109.19
N VAL RA 209 83.47 -33.26 -108.22
CA VAL RA 209 84.38 -33.12 -107.09
C VAL RA 209 83.58 -33.34 -105.83
N ALA RA 210 83.94 -34.37 -105.05
CA ALA RA 210 83.18 -34.72 -103.86
C ALA RA 210 83.44 -33.73 -102.73
N SER RA 211 84.71 -33.36 -102.53
CA SER RA 211 85.07 -32.53 -101.39
C SER RA 211 84.54 -31.11 -101.49
N GLN RA 212 84.07 -30.68 -102.65
CA GLN RA 212 83.56 -29.32 -102.84
C GLN RA 212 82.04 -29.27 -102.89
N THR RA 213 81.36 -30.30 -102.39
CA THR RA 213 79.91 -30.38 -102.47
C THR RA 213 79.34 -30.77 -101.12
N ALA RA 214 78.15 -30.24 -100.80
CA ALA RA 214 77.40 -30.62 -99.62
C ALA RA 214 75.94 -30.82 -99.99
N THR RA 215 75.33 -31.87 -99.46
CA THR RA 215 73.95 -32.21 -99.75
C THR RA 215 73.12 -32.14 -98.48
N TYR RA 216 71.85 -31.74 -98.64
CA TYR RA 216 70.94 -31.55 -97.52
C TYR RA 216 69.61 -32.24 -97.82
N TYR RA 217 68.97 -32.73 -96.77
CA TYR RA 217 67.72 -33.47 -96.89
C TYR RA 217 66.96 -33.33 -95.59
N PRO RA 218 65.62 -33.20 -95.66
CA PRO RA 218 64.76 -33.13 -96.84
C PRO RA 218 64.37 -31.70 -97.20
N ALA RA 219 63.48 -31.53 -98.17
CA ALA RA 219 63.00 -30.21 -98.54
C ALA RA 219 62.08 -29.66 -97.44
N VAL RA 220 61.73 -28.39 -97.57
CA VAL RA 220 60.95 -27.68 -96.56
C VAL RA 220 59.63 -27.23 -97.18
N LYS RA 221 58.60 -27.17 -96.35
CA LYS RA 221 57.30 -26.66 -96.78
C LYS RA 221 57.15 -25.19 -96.37
N VAL RA 222 56.28 -24.48 -97.08
CA VAL RA 222 55.96 -23.10 -96.76
C VAL RA 222 54.45 -22.94 -96.75
N SER RA 223 53.99 -21.83 -96.16
CA SER RA 223 52.56 -21.62 -96.00
C SER RA 223 51.87 -21.32 -97.32
N GLN RA 224 52.46 -20.46 -98.15
CA GLN RA 224 51.84 -20.10 -99.42
C GLN RA 224 52.92 -19.75 -100.43
N LEU RA 225 52.58 -19.89 -101.71
CA LEU RA 225 53.47 -19.49 -102.77
C LEU RA 225 53.22 -18.04 -103.15
N ILE RA 226 54.17 -17.47 -103.90
CA ILE RA 226 53.99 -16.11 -104.42
C ILE RA 226 53.15 -16.17 -105.68
N GLN RA 227 52.04 -15.46 -105.68
CA GLN RA 227 51.13 -15.42 -106.82
C GLN RA 227 51.30 -14.12 -107.58
N ALA RA 228 51.33 -14.22 -108.91
CA ALA RA 228 51.53 -13.08 -109.78
C ALA RA 228 50.30 -12.83 -110.63
N GLU RA 229 50.08 -11.56 -110.97
CA GLU RA 229 48.96 -11.20 -111.82
C GLU RA 229 49.22 -11.66 -113.25
N ASP RA 230 48.19 -11.54 -114.10
CA ASP RA 230 48.30 -11.96 -115.48
C ASP RA 230 49.34 -11.13 -116.23
N SER RA 231 49.44 -9.85 -115.92
CA SER RA 231 50.41 -8.99 -116.60
C SER RA 231 51.85 -9.35 -116.26
N GLN RA 232 52.08 -10.04 -115.15
CA GLN RA 232 53.43 -10.41 -114.73
C GLN RA 232 53.83 -11.81 -115.15
N ILE RA 233 52.99 -12.52 -115.90
CA ILE RA 233 53.32 -13.85 -116.42
C ILE RA 233 53.75 -13.69 -117.86
N ALA RA 234 54.99 -14.03 -118.16
CA ALA RA 234 55.54 -13.83 -119.50
C ALA RA 234 54.94 -14.83 -120.47
N VAL RA 235 54.49 -14.34 -121.62
CA VAL RA 235 53.92 -15.15 -122.68
C VAL RA 235 54.60 -14.78 -123.99
N SER RA 236 55.04 -15.79 -124.75
CA SER RA 236 55.68 -15.56 -126.04
C SER RA 236 55.38 -16.73 -126.96
N GLY RA 237 55.47 -16.47 -128.26
CA GLY RA 237 55.26 -17.47 -129.27
C GLY RA 237 53.90 -17.42 -129.96
N TYR RA 238 52.94 -16.67 -129.42
CA TYR RA 238 51.63 -16.57 -130.05
C TYR RA 238 51.73 -15.76 -131.33
N GLU RA 239 50.98 -16.21 -132.34
CA GLU RA 239 50.94 -15.51 -133.62
C GLU RA 239 49.68 -15.90 -134.37
N ASP RA 240 49.08 -14.93 -135.04
CA ASP RA 240 47.91 -15.16 -135.88
C ASP RA 240 48.09 -14.38 -137.17
N ALA RA 241 47.03 -14.34 -137.99
CA ALA RA 241 47.12 -13.68 -139.29
C ALA RA 241 47.34 -12.17 -139.14
N LYS RA 242 46.62 -11.53 -138.22
CA LYS RA 242 46.66 -10.08 -138.09
C LYS RA 242 47.72 -9.58 -137.12
N THR RA 243 48.37 -10.47 -136.37
CA THR RA 243 49.34 -10.05 -135.36
C THR RA 243 50.65 -10.81 -135.54
N LYS RA 244 51.76 -10.10 -135.30
CA LYS RA 244 53.07 -10.70 -135.32
C LYS RA 244 53.35 -11.40 -133.99
N SER RA 245 54.44 -12.17 -133.97
CA SER RA 245 54.78 -12.95 -132.78
C SER RA 245 55.20 -12.09 -131.60
N ASP RA 246 55.62 -10.84 -131.84
CA ASP RA 246 56.13 -9.98 -130.78
C ASP RA 246 55.08 -9.06 -130.19
N GLU RA 247 53.82 -9.17 -130.63
CA GLU RA 247 52.78 -8.27 -130.14
C GLU RA 247 52.11 -8.76 -128.86
N VAL RA 248 52.38 -9.99 -128.43
CA VAL RA 248 51.84 -10.54 -127.19
C VAL RA 248 53.00 -10.80 -126.26
N LYS RA 249 52.96 -10.21 -125.07
CA LYS RA 249 54.06 -10.31 -124.12
C LYS RA 249 53.69 -10.97 -122.80
N ASN RA 250 52.46 -10.81 -122.32
CA ASN RA 250 52.06 -11.38 -121.04
C ASN RA 250 50.68 -12.01 -121.19
N LEU RA 251 50.21 -12.62 -120.09
CA LEU RA 251 48.92 -13.30 -120.10
C LEU RA 251 47.76 -12.32 -120.26
N ALA RA 252 47.92 -11.09 -119.75
CA ALA RA 252 46.85 -10.11 -119.86
C ALA RA 252 46.59 -9.74 -121.32
N GLN RA 253 47.65 -9.52 -122.09
CA GLN RA 253 47.47 -9.22 -123.52
C GLN RA 253 46.90 -10.42 -124.26
N LEU RA 254 47.31 -11.62 -123.87
CA LEU RA 254 46.80 -12.83 -124.51
C LEU RA 254 45.30 -12.97 -124.28
N LYS RA 255 44.83 -12.59 -123.09
CA LYS RA 255 43.41 -12.74 -122.76
C LYS RA 255 42.53 -11.89 -123.66
N GLU RA 256 42.93 -10.63 -123.91
CA GLU RA 256 42.09 -9.73 -124.68
C GLU RA 256 42.27 -9.90 -126.18
N LYS RA 257 43.19 -10.75 -126.62
CA LYS RA 257 43.41 -10.98 -128.04
C LYS RA 257 42.88 -12.32 -128.53
N ASN RA 258 42.82 -13.32 -127.68
CA ASN RA 258 42.33 -14.65 -128.07
C ASN RA 258 41.90 -15.41 -126.82
N PRO RA 259 40.64 -15.26 -126.39
CA PRO RA 259 40.20 -15.96 -125.17
C PRO RA 259 40.27 -17.48 -125.28
N THR RA 260 40.27 -18.03 -126.49
CA THR RA 260 40.29 -19.48 -126.65
C THR RA 260 41.58 -20.09 -126.10
N VAL RA 261 42.73 -19.57 -126.54
CA VAL RA 261 44.00 -20.08 -126.03
C VAL RA 261 44.25 -19.60 -124.61
N TYR RA 262 43.64 -18.48 -124.22
CA TYR RA 262 43.75 -18.03 -122.84
C TYR RA 262 43.11 -19.03 -121.89
N GLN RA 263 41.93 -19.56 -122.25
CA GLN RA 263 41.32 -20.62 -121.46
C GLN RA 263 42.15 -21.89 -121.50
N GLN RA 264 42.86 -22.11 -122.61
CA GLN RA 264 43.77 -23.25 -122.69
C GLN RA 264 44.90 -23.11 -121.67
N ALA RA 265 45.43 -21.91 -121.50
CA ALA RA 265 46.55 -21.71 -120.58
C ALA RA 265 46.10 -21.78 -119.13
N VAL RA 266 44.97 -21.13 -118.79
CA VAL RA 266 44.55 -21.07 -117.40
C VAL RA 266 44.14 -22.45 -116.89
N GLN RA 267 43.72 -23.35 -117.79
CA GLN RA 267 43.39 -24.71 -117.36
C GLN RA 267 44.63 -25.42 -116.83
N LYS RA 268 45.75 -25.27 -117.54
CA LYS RA 268 47.00 -25.86 -117.08
C LYS RA 268 47.49 -25.18 -115.81
N ILE RA 269 47.33 -23.85 -115.71
CA ILE RA 269 47.73 -23.14 -114.50
C ILE RA 269 46.91 -23.62 -113.31
N GLN RA 270 45.60 -23.74 -113.50
CA GLN RA 270 44.74 -24.24 -112.42
C GLN RA 270 45.07 -25.69 -112.09
N ALA RA 271 45.36 -26.50 -113.10
CA ALA RA 271 45.74 -27.89 -112.85
C ALA RA 271 47.04 -27.97 -112.06
N ILE RA 272 48.02 -27.13 -112.40
CA ILE RA 272 49.27 -27.08 -111.65
C ILE RA 272 49.01 -26.61 -110.23
N GLN RA 273 48.16 -25.59 -110.07
CA GLN RA 273 47.89 -25.05 -108.74
C GLN RA 273 47.20 -26.09 -107.85
N ASP RA 274 46.33 -26.91 -108.44
CA ASP RA 274 45.71 -27.99 -107.67
C ASP RA 274 46.74 -29.03 -107.25
N GLU RA 275 47.66 -29.38 -108.16
CA GLU RA 275 48.65 -30.41 -107.84
C GLU RA 275 49.60 -29.96 -106.74
N ILE RA 276 50.07 -28.71 -106.80
CA ILE RA 276 51.00 -28.23 -105.78
C ILE RA 276 50.31 -28.10 -104.43
N ALA RA 277 49.01 -27.78 -104.44
CA ALA RA 277 48.28 -27.68 -103.17
C ALA RA 277 48.08 -29.04 -102.52
N ALA RA 278 47.90 -30.09 -103.34
CA ALA RA 278 47.69 -31.43 -102.78
C ALA RA 278 48.92 -31.93 -102.03
N ASN RA 279 50.08 -31.81 -102.65
CA ASN RA 279 51.31 -32.31 -102.04
C ASN RA 279 51.94 -31.32 -101.07
N GLY RA 280 51.39 -30.14 -100.93
CA GLY RA 280 51.97 -29.11 -100.08
C GLY RA 280 53.01 -28.28 -100.82
N ASN RA 281 53.19 -27.05 -100.33
CA ASN RA 281 54.10 -26.11 -100.97
C ASN RA 281 55.55 -26.45 -100.62
N ILE RA 282 56.14 -27.38 -101.37
CA ILE RA 282 57.48 -27.87 -101.08
C ILE RA 282 58.52 -27.03 -101.79
N ILE RA 283 59.53 -26.60 -101.05
CA ILE RA 283 60.60 -25.75 -101.59
C ILE RA 283 61.94 -26.44 -101.38
N PRO RA 284 62.83 -26.45 -102.37
CA PRO RA 284 64.16 -27.04 -102.15
C PRO RA 284 64.91 -26.32 -101.05
N VAL RA 285 65.67 -27.09 -100.27
CA VAL RA 285 66.31 -26.55 -99.07
C VAL RA 285 67.67 -25.93 -99.34
N SER RA 286 68.21 -26.11 -100.55
CA SER RA 286 69.52 -25.54 -100.85
C SER RA 286 69.50 -24.01 -100.80
N ALA RA 287 68.40 -23.39 -101.22
CA ALA RA 287 68.30 -21.94 -101.17
C ALA RA 287 68.33 -21.43 -99.74
N VAL RA 288 67.69 -22.16 -98.82
CA VAL RA 288 67.73 -21.78 -97.41
C VAL RA 288 69.15 -21.87 -96.88
N MET RA 289 69.86 -22.94 -97.24
CA MET RA 289 71.22 -23.13 -96.74
C MET RA 289 72.16 -22.05 -97.24
N ALA RA 290 71.89 -21.50 -98.44
CA ALA RA 290 72.73 -20.42 -98.95
C ALA RA 290 72.64 -19.20 -98.05
N GLY RA 291 71.45 -18.87 -97.57
CA GLY RA 291 71.31 -17.76 -96.64
C GLY RA 291 71.98 -18.02 -95.30
N ILE RA 292 71.89 -19.26 -94.82
CA ILE RA 292 72.52 -19.62 -93.55
C ILE RA 292 74.03 -19.51 -93.66
N TYR RA 293 74.59 -19.86 -94.83
CA TYR RA 293 76.03 -19.69 -95.04
C TYR RA 293 76.43 -18.23 -94.91
N CYS RA 294 75.64 -17.33 -95.49
CA CYS RA 294 75.95 -15.90 -95.41
C CYS RA 294 75.87 -15.39 -93.98
N ALA RA 295 74.82 -15.77 -93.26
CA ALA RA 295 74.65 -15.29 -91.89
C ALA RA 295 75.75 -15.82 -90.98
N THR RA 296 76.12 -17.09 -91.13
CA THR RA 296 77.15 -17.67 -90.28
C THR RA 296 78.51 -17.01 -90.52
N ASP RA 297 78.84 -16.75 -91.78
CA ASP RA 297 80.14 -16.15 -92.09
C ASP RA 297 80.25 -14.75 -91.53
N ALA RA 298 79.19 -13.94 -91.67
CA ALA RA 298 79.23 -12.58 -91.17
C ALA RA 298 79.30 -12.53 -89.65
N SER RA 299 78.59 -13.44 -88.97
CA SER RA 299 78.52 -13.41 -87.53
C SER RA 299 79.73 -14.09 -86.88
N ARG RA 300 79.92 -15.38 -87.16
CA ARG RA 300 80.94 -16.17 -86.49
C ARG RA 300 82.20 -16.34 -87.31
N GLY RA 301 82.10 -16.35 -88.64
CA GLY RA 301 83.27 -16.57 -89.48
C GLY RA 301 83.17 -17.83 -90.31
N VAL RA 302 84.05 -17.96 -91.31
CA VAL RA 302 83.99 -19.10 -92.20
C VAL RA 302 84.39 -20.39 -91.49
N TRP RA 303 85.25 -20.29 -90.47
CA TRP RA 303 85.76 -21.47 -89.78
C TRP RA 303 84.75 -22.09 -88.83
N LYS RA 304 83.56 -21.50 -88.70
CA LYS RA 304 82.51 -22.08 -87.86
C LYS RA 304 81.56 -22.89 -88.74
N ALA RA 305 81.19 -24.07 -88.25
CA ALA RA 305 80.34 -24.97 -89.04
C ALA RA 305 78.96 -24.35 -89.26
N PRO RA 306 78.41 -24.40 -90.47
CA PRO RA 306 77.08 -23.84 -90.71
C PRO RA 306 75.97 -24.76 -90.22
N ALA RA 307 76.09 -25.25 -89.00
CA ALA RA 307 75.11 -26.15 -88.41
C ALA RA 307 74.68 -25.61 -87.04
N ASN RA 308 73.69 -26.28 -86.45
CA ASN RA 308 73.09 -25.84 -85.19
C ASN RA 308 72.55 -24.42 -85.31
N ILE RA 309 71.91 -24.13 -86.44
CA ILE RA 309 71.28 -22.85 -86.69
C ILE RA 309 69.82 -23.08 -86.99
N VAL RA 310 68.95 -22.21 -86.47
CA VAL RA 310 67.51 -22.38 -86.59
C VAL RA 310 67.04 -21.76 -87.90
N LEU RA 311 66.22 -22.51 -88.63
CA LEU RA 311 65.64 -22.01 -89.87
C LEU RA 311 64.48 -21.08 -89.58
N SER RA 312 64.24 -20.15 -90.50
CA SER RA 312 63.16 -19.18 -90.37
C SER RA 312 62.39 -19.09 -91.69
N GLY RA 313 61.11 -18.76 -91.58
CA GLY RA 313 60.26 -18.59 -92.74
C GLY RA 313 59.61 -19.84 -93.27
N ILE RA 314 60.04 -21.02 -92.83
CA ILE RA 314 59.46 -22.27 -93.30
C ILE RA 314 58.31 -22.68 -92.38
N SER RA 315 57.47 -23.58 -92.85
CA SER RA 315 56.33 -24.08 -92.09
C SER RA 315 56.56 -25.48 -91.54
N ASP RA 316 57.05 -26.39 -92.36
CA ASP RA 316 57.29 -27.77 -91.93
C ASP RA 316 58.30 -28.40 -92.88
N VAL RA 317 58.92 -29.48 -92.42
CA VAL RA 317 59.83 -30.24 -93.25
C VAL RA 317 59.05 -31.30 -94.02
N ALA RA 318 59.60 -31.71 -95.17
CA ALA RA 318 58.90 -32.68 -96.00
C ALA RA 318 58.84 -34.05 -95.36
N GLU RA 319 59.80 -34.38 -94.52
CA GLU RA 319 59.85 -35.68 -93.84
C GLU RA 319 60.43 -35.53 -92.46
N ARG RA 320 59.82 -36.22 -91.49
CA ARG RA 320 60.34 -36.25 -90.12
C ARG RA 320 61.33 -37.39 -89.98
N LEU RA 321 62.51 -37.08 -89.45
CA LEU RA 321 63.61 -38.03 -89.35
C LEU RA 321 63.84 -38.43 -87.89
N THR RA 322 64.34 -39.64 -87.71
CA THR RA 322 64.72 -40.14 -86.40
C THR RA 322 66.24 -40.11 -86.26
N ASP RA 323 66.73 -40.46 -85.07
CA ASP RA 323 68.16 -40.48 -84.83
C ASP RA 323 68.84 -41.62 -85.58
N ASP RA 324 68.19 -42.78 -85.64
CA ASP RA 324 68.79 -43.93 -86.33
C ASP RA 324 68.91 -43.67 -87.83
N GLU RA 325 67.87 -43.07 -88.43
CA GLU RA 325 67.97 -42.72 -89.84
C GLU RA 325 69.05 -41.68 -90.07
N GLN RA 326 69.10 -40.64 -89.23
CA GLN RA 326 70.13 -39.62 -89.37
C GLN RA 326 71.53 -40.21 -89.21
N GLY RA 327 71.65 -41.28 -88.43
CA GLY RA 327 72.94 -41.94 -88.30
C GLY RA 327 73.41 -42.55 -89.60
N GLU RA 328 72.47 -43.06 -90.41
CA GLU RA 328 72.86 -43.65 -91.69
C GLU RA 328 73.25 -42.57 -92.70
N MET RA 329 72.48 -41.49 -92.77
CA MET RA 329 72.78 -40.41 -93.70
C MET RA 329 74.11 -39.74 -93.36
N ASN RA 330 74.37 -39.53 -92.07
CA ASN RA 330 75.57 -38.79 -91.67
C ASN RA 330 76.84 -39.53 -92.08
N SER RA 331 76.85 -40.86 -91.94
CA SER RA 331 78.00 -41.64 -92.38
C SER RA 331 78.20 -41.53 -93.88
N LYS RA 332 77.11 -41.52 -94.65
CA LYS RA 332 77.19 -41.43 -96.10
C LYS RA 332 77.46 -40.02 -96.59
N GLY RA 333 77.33 -39.01 -95.73
CA GLY RA 333 77.61 -37.65 -96.11
C GLY RA 333 76.41 -36.80 -96.46
N ILE RA 334 75.24 -37.10 -95.93
CA ILE RA 334 74.02 -36.34 -96.20
C ILE RA 334 73.62 -35.61 -94.94
N ASN RA 335 73.70 -34.29 -94.97
CA ASN RA 335 73.30 -33.49 -93.82
C ASN RA 335 71.78 -33.43 -93.73
N ALA RA 336 71.26 -33.48 -92.50
CA ALA RA 336 69.83 -33.61 -92.27
C ALA RA 336 69.27 -32.36 -91.60
N ILE RA 337 68.08 -31.96 -92.04
CA ILE RA 337 67.32 -30.91 -91.36
C ILE RA 337 66.40 -31.56 -90.35
N ARG RA 338 66.65 -31.34 -89.07
CA ARG RA 338 65.97 -32.03 -88.00
C ARG RA 338 65.01 -31.08 -87.30
N TYR RA 339 64.03 -31.65 -86.59
CA TYR RA 339 63.07 -30.90 -85.79
C TYR RA 339 63.26 -31.27 -84.33
N PHE RA 340 63.52 -30.27 -83.49
CA PHE RA 340 63.66 -30.46 -82.06
C PHE RA 340 62.64 -29.59 -81.35
N SER RA 341 61.93 -30.17 -80.37
CA SER RA 341 60.83 -29.47 -79.73
C SER RA 341 61.30 -28.20 -79.01
N HIS RA 342 62.43 -28.28 -78.31
CA HIS RA 342 62.93 -27.13 -77.58
C HIS RA 342 63.62 -26.10 -78.48
N LYS RA 343 63.93 -26.46 -79.72
CA LYS RA 343 64.59 -25.54 -80.65
C LYS RA 343 63.72 -25.18 -81.84
N GLY RA 344 63.24 -26.18 -82.58
CA GLY RA 344 62.51 -25.93 -83.81
C GLY RA 344 63.12 -26.68 -84.98
N PHE RA 345 63.27 -26.01 -86.12
CA PHE RA 345 63.89 -26.58 -87.30
C PHE RA 345 65.34 -26.09 -87.38
N VAL RA 346 66.28 -27.02 -87.33
CA VAL RA 346 67.70 -26.66 -87.27
C VAL RA 346 68.48 -27.51 -88.27
N VAL RA 347 69.65 -27.00 -88.67
CA VAL RA 347 70.57 -27.75 -89.50
C VAL RA 347 71.42 -28.64 -88.60
N TRP RA 348 71.47 -29.93 -88.92
CA TRP RA 348 72.14 -30.91 -88.06
C TRP RA 348 73.19 -31.71 -88.82
N GLY RA 349 73.96 -31.05 -89.68
CA GLY RA 349 75.03 -31.72 -90.39
C GLY RA 349 76.01 -30.73 -90.94
N ALA RA 350 77.29 -31.10 -90.93
CA ALA RA 350 78.37 -30.23 -91.41
C ALA RA 350 79.40 -31.03 -92.19
N ARG RA 351 78.98 -32.11 -92.83
CA ARG RA 351 79.90 -32.94 -93.60
C ARG RA 351 79.81 -32.61 -95.09
N THR RA 352 80.87 -32.98 -95.81
CA THR RA 352 80.87 -32.91 -97.26
C THR RA 352 80.72 -34.32 -97.83
N LEU RA 353 80.66 -34.41 -99.16
CA LEU RA 353 80.48 -35.70 -99.81
C LEU RA 353 81.74 -36.56 -99.79
N GLN RA 354 82.89 -35.99 -99.47
CA GLN RA 354 84.14 -36.74 -99.38
C GLN RA 354 84.41 -37.06 -97.91
N ASN RA 355 84.72 -38.33 -97.64
CA ASN RA 355 84.90 -38.82 -96.27
C ASN RA 355 86.36 -39.22 -96.10
N ASP RA 356 87.18 -38.26 -95.65
CA ASP RA 356 88.57 -38.53 -95.32
C ASP RA 356 89.01 -37.54 -94.25
N ASP RA 357 90.21 -37.76 -93.72
CA ASP RA 357 90.71 -36.93 -92.63
C ASP RA 357 90.98 -35.49 -93.05
N ASN RA 358 90.99 -35.19 -94.34
CA ASN RA 358 91.33 -33.86 -94.82
C ASN RA 358 90.09 -32.97 -95.00
N TRP RA 359 89.17 -33.40 -95.86
CA TRP RA 359 88.05 -32.57 -96.29
C TRP RA 359 86.71 -33.13 -95.85
N ARG RA 360 86.64 -33.65 -94.62
CA ARG RA 360 85.41 -34.27 -94.15
C ARG RA 360 84.37 -33.22 -93.78
N TYR RA 361 84.80 -32.08 -93.25
CA TYR RA 361 83.90 -31.08 -92.70
C TYR RA 361 83.80 -29.87 -93.61
N ILE RA 362 82.59 -29.29 -93.67
CA ILE RA 362 82.37 -28.09 -94.47
C ILE RA 362 83.23 -26.92 -94.01
N PRO RA 363 83.29 -26.58 -92.71
CA PRO RA 363 84.09 -25.40 -92.31
C PRO RA 363 85.56 -25.52 -92.68
N VAL RA 364 86.12 -26.73 -92.62
CA VAL RA 364 87.53 -26.91 -93.00
C VAL RA 364 87.71 -26.66 -94.50
N ARG RA 365 86.82 -27.21 -95.31
CA ARG RA 365 86.91 -27.03 -96.76
C ARG RA 365 86.70 -25.58 -97.14
N ARG RA 366 85.70 -24.93 -96.55
CA ARG RA 366 85.38 -23.56 -96.94
C ARG RA 366 86.45 -22.58 -96.48
N LEU RA 367 87.07 -22.85 -95.33
CA LEU RA 367 88.15 -21.98 -94.85
C LEU RA 367 89.33 -21.98 -95.83
N PHE RA 368 89.69 -23.16 -96.34
CA PHE RA 368 90.79 -23.23 -97.29
C PHE RA 368 90.43 -22.54 -98.60
N ASN RA 369 89.17 -22.64 -99.02
CA ASN RA 369 88.74 -21.94 -100.22
C ASN RA 369 88.83 -20.43 -100.04
N ALA RA 370 88.43 -19.94 -98.86
CA ALA RA 370 88.52 -18.51 -98.59
C ALA RA 370 89.97 -18.04 -98.52
N ALA RA 371 90.83 -18.83 -97.89
CA ALA RA 371 92.23 -18.44 -97.75
C ALA RA 371 92.94 -18.39 -99.11
N GLU RA 372 92.76 -19.42 -99.92
CA GLU RA 372 93.44 -19.45 -101.22
C GLU RA 372 92.86 -18.41 -102.16
N ARG RA 373 91.61 -17.99 -101.92
CA ARG RA 373 91.03 -16.91 -102.73
C ARG RA 373 91.63 -15.57 -102.34
N ASP RA 374 91.77 -15.32 -101.03
CA ASP RA 374 92.32 -14.04 -100.57
C ASP RA 374 93.80 -13.95 -100.88
N ILE RA 375 94.53 -15.07 -100.76
CA ILE RA 375 95.94 -15.07 -101.09
C ILE RA 375 96.13 -14.81 -102.58
N LYS RA 376 95.31 -15.45 -103.42
CA LYS RA 376 95.40 -15.23 -104.86
C LYS RA 376 95.15 -13.77 -105.21
N GLN RA 377 94.22 -13.12 -104.50
CA GLN RA 377 93.98 -11.70 -104.73
C GLN RA 377 95.20 -10.86 -104.38
N ALA RA 378 95.93 -11.26 -103.32
CA ALA RA 378 97.11 -10.51 -102.93
C ALA RA 378 98.25 -10.67 -103.93
N MET RA 379 98.38 -11.86 -104.53
CA MET RA 379 99.47 -12.11 -105.45
C MET RA 379 99.20 -11.55 -106.85
N GLN RA 380 98.01 -11.04 -107.12
CA GLN RA 380 97.74 -10.49 -108.44
C GLN RA 380 98.41 -9.15 -108.67
N SER RA 381 98.99 -8.55 -107.64
CA SER RA 381 99.79 -7.34 -107.77
C SER RA 381 101.25 -7.64 -108.07
N VAL RA 382 101.60 -8.91 -108.25
CA VAL RA 382 102.97 -9.33 -108.45
C VAL RA 382 103.16 -10.08 -109.77
N VAL RA 383 102.12 -10.16 -110.60
CA VAL RA 383 102.14 -11.09 -111.73
C VAL RA 383 103.25 -10.76 -112.71
N PHE RA 384 103.37 -9.49 -113.09
CA PHE RA 384 104.34 -9.08 -114.10
C PHE RA 384 105.56 -8.40 -113.51
N GLU RA 385 105.80 -8.56 -112.21
CA GLU RA 385 107.01 -8.06 -111.60
C GLU RA 385 108.20 -8.89 -112.07
N PRO RA 386 109.42 -8.33 -112.02
CA PRO RA 386 110.60 -9.12 -112.39
C PRO RA 386 110.77 -10.32 -111.48
N ASN RA 387 111.21 -11.43 -112.07
CA ASN RA 387 111.35 -12.70 -111.34
C ASN RA 387 112.73 -12.75 -110.70
N SER RA 388 112.85 -12.06 -109.56
CA SER RA 388 114.12 -11.96 -108.84
C SER RA 388 113.86 -12.12 -107.36
N GLN RA 389 114.94 -12.20 -106.59
CA GLN RA 389 114.82 -12.41 -105.15
C GLN RA 389 114.04 -11.30 -104.44
N PRO RA 390 114.25 -10.01 -104.70
CA PRO RA 390 113.44 -8.99 -104.01
C PRO RA 390 111.95 -9.14 -104.26
N THR RA 391 111.56 -9.70 -105.41
CA THR RA 391 110.15 -9.95 -105.67
C THR RA 391 109.62 -11.08 -104.78
N TRP RA 392 110.44 -12.11 -104.57
CA TRP RA 392 110.01 -13.23 -103.75
C TRP RA 392 109.88 -12.84 -102.28
N GLU RA 393 110.74 -11.94 -101.82
CA GLU RA 393 110.65 -11.46 -100.45
C GLU RA 393 109.34 -10.71 -100.22
N ARG RA 394 108.92 -9.91 -101.20
CA ARG RA 394 107.65 -9.18 -101.06
C ARG RA 394 106.47 -10.14 -101.06
N VAL RA 395 106.56 -11.23 -101.81
CA VAL RA 395 105.49 -12.23 -101.83
C VAL RA 395 105.37 -12.90 -100.47
N LYS RA 396 106.51 -13.28 -99.89
CA LYS RA 396 106.49 -13.94 -98.59
C LYS RA 396 105.92 -13.03 -97.51
N SER RA 397 106.27 -11.74 -97.55
CA SER RA 397 105.75 -10.80 -96.57
C SER RA 397 104.24 -10.64 -96.69
N ALA RA 398 103.73 -10.59 -97.93
CA ALA RA 398 102.29 -10.40 -98.12
C ALA RA 398 101.49 -11.59 -97.59
N ILE RA 399 101.97 -12.81 -97.86
CA ILE RA 399 101.25 -13.99 -97.41
C ILE RA 399 101.36 -14.13 -95.89
N ASP RA 400 102.55 -13.88 -95.34
CA ASP RA 400 102.75 -14.01 -93.91
C ASP RA 400 101.89 -13.00 -93.14
N ASN RA 401 101.75 -11.78 -93.68
CA ASN RA 401 100.92 -10.79 -93.03
C ASN RA 401 99.46 -11.22 -93.01
N TYR RA 402 98.97 -11.78 -94.13
CA TYR RA 402 97.58 -12.22 -94.19
C TYR RA 402 97.35 -13.39 -93.24
N LEU RA 403 98.26 -14.36 -93.22
CA LEU RA 403 98.06 -15.56 -92.40
C LEU RA 403 98.10 -15.22 -90.92
N TYR RA 404 98.92 -14.24 -90.53
CA TYR RA 404 98.95 -13.82 -89.13
C TYR RA 404 97.60 -13.25 -88.71
N SER RA 405 96.98 -12.44 -89.57
CA SER RA 405 95.67 -11.88 -89.25
C SER RA 405 94.63 -12.98 -89.13
N LEU RA 406 94.74 -14.03 -89.95
CA LEU RA 406 93.81 -15.14 -89.87
C LEU RA 406 93.95 -15.86 -88.53
N TRP RA 407 95.18 -16.06 -88.06
CA TRP RA 407 95.40 -16.74 -86.79
C TRP RA 407 94.91 -15.91 -85.61
N GLN RA 408 94.97 -14.58 -85.72
CA GLN RA 408 94.53 -13.73 -84.61
C GLN RA 408 93.05 -13.89 -84.32
N GLN RA 409 92.23 -13.98 -85.38
CA GLN RA 409 90.79 -14.11 -85.20
C GLN RA 409 90.37 -15.49 -84.71
N GLY RA 410 91.28 -16.46 -84.69
CA GLY RA 410 90.96 -17.79 -84.25
C GLY RA 410 90.65 -18.78 -85.34
N ALA RA 411 90.89 -18.43 -86.61
CA ALA RA 411 90.60 -19.34 -87.70
C ALA RA 411 91.50 -20.57 -87.66
N LEU RA 412 92.77 -20.38 -87.32
CA LEU RA 412 93.75 -21.45 -87.30
C LEU RA 412 93.99 -21.95 -85.88
N ALA RA 413 94.53 -23.16 -85.79
CA ALA RA 413 94.81 -23.79 -84.51
C ALA RA 413 96.26 -23.53 -84.10
N GLY RA 414 96.50 -23.58 -82.79
CA GLY RA 414 97.84 -23.41 -82.27
C GLY RA 414 97.97 -22.29 -81.26
N ASN RA 415 98.98 -22.39 -80.38
CA ASN RA 415 99.22 -21.38 -79.37
C ASN RA 415 100.14 -20.26 -79.86
N LYS RA 416 100.74 -20.41 -81.04
CA LYS RA 416 101.64 -19.42 -81.59
C LYS RA 416 101.63 -19.56 -83.10
N PRO RA 417 102.00 -18.51 -83.84
CA PRO RA 417 101.92 -18.57 -85.30
C PRO RA 417 102.73 -19.70 -85.92
N GLN RA 418 103.86 -20.07 -85.34
CA GLN RA 418 104.67 -21.13 -85.92
C GLN RA 418 103.94 -22.48 -85.94
N GLU RA 419 102.96 -22.65 -85.05
CA GLU RA 419 102.17 -23.88 -85.02
C GLU RA 419 100.95 -23.82 -85.93
N ALA RA 420 100.65 -22.65 -86.50
CA ALA RA 420 99.43 -22.46 -87.27
C ALA RA 420 99.64 -22.43 -88.78
N TYR RA 421 100.78 -21.93 -89.24
CA TYR RA 421 100.99 -21.77 -90.67
C TYR RA 421 102.48 -21.70 -90.95
N PHE RA 422 102.83 -21.79 -92.23
CA PHE RA 422 104.19 -21.56 -92.69
C PHE RA 422 104.16 -21.16 -94.15
N VAL RA 423 105.15 -20.36 -94.56
CA VAL RA 423 105.30 -19.90 -95.93
C VAL RA 423 106.72 -20.18 -96.37
N GLN RA 424 106.87 -20.75 -97.57
CA GLN RA 424 108.18 -21.13 -98.08
C GLN RA 424 108.30 -20.69 -99.53
N ILE RA 425 109.41 -20.01 -99.85
CA ILE RA 425 109.74 -19.64 -101.23
C ILE RA 425 111.23 -19.35 -101.33
N GLY RA 426 111.90 -19.90 -102.34
CA GLY RA 426 113.33 -19.71 -102.47
C GLY RA 426 113.85 -20.26 -103.77
N LYS RA 427 115.12 -19.96 -104.03
CA LYS RA 427 115.78 -20.37 -105.27
C LYS RA 427 116.17 -21.84 -105.27
N ASP RA 428 116.28 -22.47 -104.10
CA ASP RA 428 116.59 -23.90 -104.02
C ASP RA 428 115.71 -24.60 -103.00
N VAL RA 429 114.60 -23.99 -102.62
CA VAL RA 429 113.68 -24.56 -101.64
C VAL RA 429 112.38 -25.02 -102.31
N THR RA 430 111.82 -24.19 -103.17
CA THR RA 430 110.54 -24.49 -103.82
C THR RA 430 110.63 -24.55 -105.33
N MET RA 431 111.46 -23.71 -105.94
CA MET RA 431 111.60 -23.67 -107.39
C MET RA 431 113.07 -23.75 -107.76
N SER RA 432 113.34 -24.24 -108.97
CA SER RA 432 114.69 -24.42 -109.46
C SER RA 432 115.04 -23.33 -110.47
N ASP RA 433 116.23 -23.44 -111.08
CA ASP RA 433 116.65 -22.47 -112.08
C ASP RA 433 115.80 -22.57 -113.34
N ASP RA 434 115.39 -23.78 -113.70
CA ASP RA 434 114.59 -23.97 -114.91
C ASP RA 434 113.22 -23.31 -114.76
N ASP RA 435 112.62 -23.40 -113.56
CA ASP RA 435 111.32 -22.77 -113.34
C ASP RA 435 111.41 -21.26 -113.49
N ILE RA 436 112.46 -20.65 -112.93
CA ILE RA 436 112.61 -19.20 -112.99
C ILE RA 436 112.89 -18.75 -114.41
N LYS RA 437 113.66 -19.53 -115.17
CA LYS RA 437 113.91 -19.19 -116.57
C LYS RA 437 112.62 -19.26 -117.39
N GLN RA 438 111.64 -20.01 -116.93
CA GLN RA 438 110.36 -20.13 -117.60
C GLN RA 438 109.33 -19.12 -117.09
N GLY RA 439 109.72 -18.24 -116.18
CA GLY RA 439 108.80 -17.26 -115.64
C GLY RA 439 107.94 -17.75 -114.50
N LYS RA 440 108.28 -18.87 -113.88
CA LYS RA 440 107.47 -19.46 -112.82
C LYS RA 440 107.92 -18.95 -111.45
N MET RA 441 106.96 -18.90 -110.53
CA MET RA 441 107.22 -18.53 -109.14
C MET RA 441 106.37 -19.43 -108.25
N ILE RA 442 107.04 -20.24 -107.43
CA ILE RA 442 106.39 -21.28 -106.65
C ILE RA 442 106.53 -20.95 -105.17
N VAL RA 443 105.41 -20.98 -104.45
CA VAL RA 443 105.37 -20.72 -103.02
C VAL RA 443 104.50 -21.78 -102.36
N LYS RA 444 104.98 -22.33 -101.24
CA LYS RA 444 104.28 -23.37 -100.51
C LYS RA 444 103.65 -22.78 -99.25
N VAL RA 445 102.37 -23.06 -99.04
CA VAL RA 445 101.61 -22.55 -97.90
C VAL RA 445 100.96 -23.73 -97.19
N GLY RA 446 101.09 -23.77 -95.88
CA GLY RA 446 100.41 -24.78 -95.07
C GLY RA 446 99.70 -24.15 -93.91
N MET RA 447 98.53 -24.71 -93.58
CA MET RA 447 97.71 -24.21 -92.48
C MET RA 447 97.17 -25.38 -91.68
N ALA RA 448 96.74 -25.09 -90.46
CA ALA RA 448 96.11 -26.06 -89.58
C ALA RA 448 94.76 -25.52 -89.13
N ALA RA 449 93.73 -26.34 -89.25
CA ALA RA 449 92.37 -25.93 -88.92
C ALA RA 449 91.89 -26.67 -87.68
N VAL RA 450 90.76 -26.20 -87.15
CA VAL RA 450 90.16 -26.77 -85.94
C VAL RA 450 88.92 -27.56 -86.33
N ARG RA 451 88.85 -28.81 -85.91
CA ARG RA 451 87.71 -29.62 -86.28
C ARG RA 451 86.56 -29.42 -85.29
N PRO RA 452 85.33 -29.52 -85.76
CA PRO RA 452 84.17 -29.35 -84.87
C PRO RA 452 83.97 -30.57 -83.98
N ALA RA 453 83.23 -30.35 -82.89
CA ALA RA 453 82.79 -31.43 -82.02
C ALA RA 453 81.43 -31.92 -82.48
N GLU RA 454 81.35 -33.20 -82.84
CA GLU RA 454 80.14 -33.76 -83.42
C GLU RA 454 79.34 -34.63 -82.47
N PHE RA 455 79.99 -35.32 -81.54
CA PHE RA 455 79.31 -36.20 -80.61
C PHE RA 455 79.69 -35.82 -79.19
N ILE RA 456 78.68 -35.67 -78.33
CA ILE RA 456 78.88 -35.40 -76.91
C ILE RA 456 78.24 -36.54 -76.14
N ILE RA 457 79.03 -37.19 -75.28
CA ILE RA 457 78.61 -38.38 -74.56
C ILE RA 457 78.47 -38.04 -73.09
N LEU RA 458 77.31 -38.33 -72.53
CA LEU RA 458 77.05 -38.13 -71.10
C LEU RA 458 77.10 -39.47 -70.39
N GLN RA 459 77.89 -39.53 -69.32
CA GLN RA 459 78.04 -40.74 -68.51
C GLN RA 459 77.48 -40.46 -67.13
N PHE RA 460 76.33 -41.08 -66.82
CA PHE RA 460 75.63 -40.85 -65.56
C PHE RA 460 75.93 -41.99 -64.59
N SER RA 461 76.12 -41.63 -63.33
CA SER RA 461 76.37 -42.59 -62.27
C SER RA 461 75.40 -42.36 -61.12
N GLN RA 462 75.09 -43.45 -60.40
CA GLN RA 462 74.07 -43.39 -59.35
C GLN RA 462 74.59 -42.70 -58.11
N GLN RA 463 75.88 -42.85 -57.80
CA GLN RA 463 76.42 -42.29 -56.57
C GLN RA 463 77.41 -41.17 -56.84
N THR SA 3 80.69 -46.45 -76.61
CA THR SA 3 79.70 -46.54 -77.67
C THR SA 3 80.30 -46.13 -79.02
N ILE SA 4 79.59 -46.45 -80.09
CA ILE SA 4 80.00 -46.11 -81.45
C ILE SA 4 79.05 -45.02 -81.96
N PRO SA 5 79.49 -43.76 -82.03
CA PRO SA 5 78.58 -42.70 -82.46
C PRO SA 5 78.35 -42.71 -83.96
N THR SA 6 77.09 -42.58 -84.34
CA THR SA 6 76.69 -42.52 -85.75
C THR SA 6 76.11 -41.18 -86.13
N TYR SA 7 75.09 -40.72 -85.43
CA TYR SA 7 74.45 -39.45 -85.72
C TYR SA 7 75.04 -38.34 -84.87
N PRO SA 8 75.06 -37.11 -85.38
CA PRO SA 8 75.48 -35.99 -84.54
C PRO SA 8 74.49 -35.74 -83.41
N GLY SA 9 75.01 -35.25 -82.29
CA GLY SA 9 74.16 -34.94 -81.16
C GLY SA 9 74.68 -35.38 -79.82
N VAL SA 10 73.77 -35.73 -78.90
CA VAL SA 10 74.11 -36.03 -77.53
C VAL SA 10 73.73 -37.47 -77.23
N TYR SA 11 74.67 -38.21 -76.66
CA TYR SA 11 74.45 -39.60 -76.26
C TYR SA 11 74.40 -39.69 -74.73
N ILE SA 12 73.64 -40.65 -74.24
CA ILE SA 12 73.45 -40.86 -72.80
C ILE SA 12 73.86 -42.28 -72.47
N GLU SA 13 74.72 -42.44 -71.46
CA GLU SA 13 75.18 -43.74 -71.00
C GLU SA 13 75.04 -43.84 -69.50
N GLU SA 14 74.70 -45.04 -69.03
CA GLU SA 14 74.64 -45.36 -67.61
C GLU SA 14 75.74 -46.36 -67.29
N ASP SA 15 76.57 -46.04 -66.31
CA ASP SA 15 77.71 -46.89 -65.99
C ASP SA 15 78.07 -46.71 -64.52
N ALA SA 16 79.23 -47.25 -64.14
CA ALA SA 16 79.77 -47.05 -62.80
C ALA SA 16 81.26 -46.79 -62.82
N SER SA 17 81.85 -46.48 -63.98
CA SER SA 17 83.28 -46.26 -64.07
C SER SA 17 83.68 -45.00 -63.30
N LEU SA 18 84.80 -45.09 -62.58
CA LEU SA 18 85.27 -44.02 -61.72
C LEU SA 18 86.64 -43.57 -62.18
N ASN SA 19 86.83 -42.25 -62.27
CA ASN SA 19 88.13 -41.66 -62.54
C ASN SA 19 88.44 -40.61 -61.49
N LEU SA 20 89.73 -40.30 -61.35
CA LEU SA 20 90.21 -39.40 -60.31
C LEU SA 20 90.95 -38.23 -60.95
N SER SA 21 91.05 -37.14 -60.19
CA SER SA 21 91.78 -35.97 -60.66
C SER SA 21 93.24 -36.30 -60.86
N VAL SA 22 93.83 -35.73 -61.91
CA VAL SA 22 95.22 -36.00 -62.28
C VAL SA 22 96.08 -34.87 -61.75
N ASN SA 23 97.16 -35.22 -61.07
CA ASN SA 23 98.12 -34.26 -60.54
C ASN SA 23 99.39 -34.29 -61.39
N GLN SA 24 100.36 -33.46 -61.00
CA GLN SA 24 101.60 -33.37 -61.75
C GLN SA 24 102.75 -33.09 -60.79
N GLY SA 25 103.94 -33.48 -61.22
CA GLY SA 25 105.14 -33.28 -60.42
C GLY SA 25 106.35 -33.76 -61.19
N ASN SA 26 107.52 -33.41 -60.65
CA ASN SA 26 108.77 -33.74 -61.31
C ASN SA 26 109.74 -34.45 -60.37
N THR SA 27 109.70 -34.12 -59.09
CA THR SA 27 110.64 -34.65 -58.11
C THR SA 27 110.17 -35.95 -57.48
N ALA SA 28 109.02 -36.48 -57.89
CA ALA SA 28 108.54 -37.74 -57.33
C ALA SA 28 107.77 -38.49 -58.43
N ILE SA 29 108.48 -39.38 -59.12
CA ILE SA 29 107.87 -40.22 -60.14
C ILE SA 29 108.18 -41.68 -59.82
N PRO SA 30 107.20 -42.45 -59.36
CA PRO SA 30 107.47 -43.82 -58.95
C PRO SA 30 107.31 -44.82 -60.07
N VAL SA 31 107.97 -45.97 -59.89
CA VAL SA 31 107.80 -47.12 -60.78
C VAL SA 31 107.25 -48.27 -59.95
N PHE SA 32 106.24 -48.96 -60.48
CA PHE SA 32 105.58 -50.06 -59.79
C PHE SA 32 105.94 -51.36 -60.49
N ILE SA 33 106.47 -52.32 -59.72
CA ILE SA 33 106.80 -53.64 -60.22
C ILE SA 33 105.84 -54.63 -59.58
N GLY SA 34 105.12 -55.36 -60.40
CA GLY SA 34 104.14 -56.29 -59.86
C GLY SA 34 103.46 -57.06 -60.98
N LEU SA 35 102.48 -57.87 -60.57
CA LEU SA 35 101.74 -58.73 -61.51
C LEU SA 35 100.64 -57.91 -62.16
N PHE SA 36 101.03 -57.14 -63.18
CA PHE SA 36 100.08 -56.37 -63.95
C PHE SA 36 99.65 -57.15 -65.19
N SER SA 37 98.57 -56.68 -65.81
CA SER SA 37 97.97 -57.34 -66.97
C SER SA 37 97.82 -56.32 -68.08
N PRO SA 38 98.87 -56.08 -68.86
CA PRO SA 38 98.76 -55.12 -69.98
C PRO SA 38 97.80 -55.62 -71.04
N LYS SA 39 97.11 -54.65 -71.67
CA LYS SA 39 96.20 -55.00 -72.76
C LYS SA 39 96.94 -55.39 -74.02
N ASN SA 40 98.20 -54.99 -74.16
CA ASN SA 40 99.03 -55.32 -75.31
C ASN SA 40 100.09 -56.33 -74.90
N THR SA 41 100.34 -57.30 -75.77
CA THR SA 41 101.31 -58.35 -75.45
C THR SA 41 102.70 -57.78 -75.23
N ASN SA 42 103.13 -56.86 -76.09
CA ASN SA 42 104.45 -56.26 -75.97
C ASN SA 42 104.43 -55.07 -75.02
N SER SA 45 107.44 -56.55 -70.04
CA SER SA 45 108.82 -56.67 -70.48
C SER SA 45 109.45 -55.29 -70.69
N GLN SA 46 108.61 -54.28 -70.84
CA GLN SA 46 109.06 -52.91 -71.03
C GLN SA 46 108.28 -51.98 -70.11
N VAL SA 47 108.96 -50.92 -69.67
CA VAL SA 47 108.36 -49.96 -68.77
C VAL SA 47 107.40 -49.07 -69.54
N THR SA 48 106.19 -48.90 -69.01
CA THR SA 48 105.14 -48.12 -69.66
C THR SA 48 104.79 -46.92 -68.81
N ARG SA 49 104.73 -45.74 -69.42
CA ARG SA 49 104.36 -44.53 -68.72
C ARG SA 49 102.86 -44.39 -68.66
N VAL SA 50 102.33 -44.09 -67.47
CA VAL SA 50 100.91 -43.89 -67.25
C VAL SA 50 100.70 -42.51 -66.64
N ASN SA 51 99.84 -41.71 -67.28
CA ASN SA 51 99.63 -40.34 -66.86
C ASN SA 51 98.56 -40.18 -65.79
N SER SA 52 97.53 -41.03 -65.81
CA SER SA 52 96.43 -40.90 -64.85
C SER SA 52 95.71 -42.25 -64.76
N TRP SA 53 94.69 -42.29 -63.90
CA TRP SA 53 93.93 -43.51 -63.72
C TRP SA 53 93.20 -43.90 -65.00
N LEU SA 54 92.69 -42.91 -65.73
CA LEU SA 54 92.02 -43.20 -67.00
C LEU SA 54 92.99 -43.81 -68.00
N ASP SA 55 94.22 -43.29 -68.06
CA ASP SA 55 95.22 -43.85 -68.95
C ASP SA 55 95.60 -45.27 -68.54
N PHE SA 56 95.65 -45.53 -67.23
CA PHE SA 56 95.98 -46.87 -66.76
C PHE SA 56 94.94 -47.89 -67.20
N THR SA 57 93.66 -47.57 -67.04
CA THR SA 57 92.61 -48.50 -67.44
C THR SA 57 92.55 -48.66 -68.95
N ASN SA 58 93.03 -47.66 -69.70
CA ASN SA 58 93.02 -47.75 -71.15
C ASN SA 58 94.13 -48.66 -71.67
N LEU SA 59 95.22 -48.80 -70.90
CA LEU SA 59 96.35 -49.61 -71.32
C LEU SA 59 96.48 -50.91 -70.55
N PHE SA 60 95.81 -51.04 -69.41
CA PHE SA 60 95.90 -52.23 -68.57
C PHE SA 60 94.51 -52.69 -68.18
N ASN SA 61 94.41 -53.96 -67.82
CA ASN SA 61 93.17 -54.55 -67.33
C ASN SA 61 93.19 -54.49 -65.80
N ALA SA 62 92.28 -53.72 -65.22
CA ALA SA 62 92.22 -53.58 -63.77
C ALA SA 62 91.47 -54.75 -63.16
N GLY SA 63 92.01 -55.29 -62.08
CA GLY SA 63 91.38 -56.41 -61.41
C GLY SA 63 92.30 -56.98 -60.36
N CYS SA 64 91.74 -57.88 -59.56
CA CYS SA 64 92.47 -58.53 -58.48
C CYS SA 64 92.95 -59.93 -58.84
N ILE SA 65 92.80 -60.35 -60.09
CA ILE SA 65 93.20 -61.67 -60.55
C ILE SA 65 94.28 -61.49 -61.61
N ALA SA 66 95.43 -62.10 -61.37
CA ALA SA 66 96.54 -62.04 -62.32
C ALA SA 66 96.20 -62.87 -63.56
N PRO SA 67 96.88 -62.61 -64.68
CA PRO SA 67 96.63 -63.40 -65.89
C PRO SA 67 96.84 -64.89 -65.65
N ILE SA 68 95.98 -65.70 -66.25
CA ILE SA 68 95.96 -67.14 -66.03
C ILE SA 68 96.79 -67.82 -67.10
N THR SA 69 97.71 -68.69 -66.68
CA THR SA 69 98.55 -69.45 -67.58
C THR SA 69 98.12 -70.91 -67.55
N ILE SA 70 97.88 -71.49 -68.72
CA ILE SA 70 97.47 -72.88 -68.84
C ILE SA 70 98.63 -73.75 -69.31
N VAL SA 114 95.83 -75.70 -64.79
CA VAL SA 114 95.76 -74.25 -64.78
C VAL SA 114 96.16 -73.71 -63.40
N ILE SA 115 96.74 -72.52 -63.39
CA ILE SA 115 97.07 -71.84 -62.13
C ILE SA 115 96.59 -70.40 -62.20
N VAL SA 116 96.24 -69.84 -61.04
CA VAL SA 116 95.80 -68.47 -60.91
C VAL SA 116 96.55 -67.82 -59.75
N ASN SA 117 96.57 -66.49 -59.76
CA ASN SA 117 97.27 -65.73 -58.74
C ASN SA 117 96.41 -64.55 -58.32
N TYR SA 118 96.60 -64.12 -57.09
CA TYR SA 118 95.91 -62.97 -56.52
C TYR SA 118 96.85 -61.79 -56.47
N THR SA 119 96.45 -60.67 -57.04
CA THR SA 119 97.30 -59.49 -57.13
C THR SA 119 96.56 -58.27 -56.57
N THR SA 120 97.30 -57.47 -55.80
CA THR SA 120 96.78 -56.22 -55.26
C THR SA 120 97.27 -55.01 -56.05
N SER SA 121 97.87 -55.23 -57.22
CA SER SA 121 98.49 -54.14 -57.97
C SER SA 121 97.46 -53.09 -58.40
N SER SA 122 96.30 -53.54 -58.87
CA SER SA 122 95.31 -52.60 -59.38
C SER SA 122 94.74 -51.74 -58.26
N ASP SA 123 94.40 -52.36 -57.12
CA ASP SA 123 93.87 -51.59 -56.00
C ASP SA 123 94.91 -50.67 -55.41
N ALA SA 124 96.18 -51.10 -55.35
CA ALA SA 124 97.23 -50.25 -54.82
C ALA SA 124 97.44 -49.01 -55.68
N LEU SA 125 97.31 -49.16 -57.01
CA LEU SA 125 97.43 -48.00 -57.90
C LEU SA 125 96.28 -47.02 -57.68
N LYS SA 126 95.07 -47.53 -57.46
CA LYS SA 126 93.95 -46.65 -57.19
C LYS SA 126 94.16 -45.85 -55.91
N LEU SA 127 94.73 -46.49 -54.89
CA LEU SA 127 95.09 -45.77 -53.67
C LEU SA 127 96.17 -44.74 -53.95
N TYR SA 128 97.11 -45.06 -54.83
CA TYR SA 128 98.18 -44.12 -55.15
C TYR SA 128 97.64 -42.86 -55.82
N PHE SA 129 96.69 -43.02 -56.74
CA PHE SA 129 96.11 -41.85 -57.40
C PHE SA 129 95.18 -41.08 -56.47
N GLN SA 130 94.51 -41.78 -55.55
CA GLN SA 130 93.59 -41.11 -54.63
C GLN SA 130 94.32 -40.29 -53.58
N ASN SA 131 95.61 -40.54 -53.37
CA ASN SA 131 96.39 -39.83 -52.36
C ASN SA 131 97.25 -38.72 -52.94
N GLY SA 132 97.04 -38.36 -54.20
CA GLY SA 132 97.74 -37.27 -54.82
C GLY SA 132 98.83 -37.64 -55.82
N GLY SA 133 98.92 -38.90 -56.22
CA GLY SA 133 99.97 -39.30 -57.13
C GLY SA 133 99.77 -38.72 -58.52
N GLY SA 134 100.89 -38.54 -59.22
CA GLY SA 134 100.88 -38.03 -60.57
C GLY SA 134 101.22 -39.11 -61.58
N PRO SA 135 101.81 -38.71 -62.71
CA PRO SA 135 102.24 -39.70 -63.70
C PRO SA 135 103.26 -40.67 -63.11
N CYS SA 136 103.17 -41.92 -63.53
CA CYS SA 136 104.04 -42.97 -63.02
C CYS SA 136 104.35 -43.95 -64.13
N TYR SA 137 105.35 -44.81 -63.87
CA TYR SA 137 105.75 -45.87 -64.79
C TYR SA 137 105.39 -47.21 -64.18
N ILE SA 138 104.96 -48.15 -65.04
CA ILE SA 138 104.54 -49.47 -64.61
C ILE SA 138 105.42 -50.51 -65.28
N LEU SA 139 106.00 -51.41 -64.48
CA LEU SA 139 106.85 -52.49 -64.99
C LEU SA 139 106.16 -53.81 -64.69
N PRO SA 140 105.35 -54.33 -65.62
CA PRO SA 140 104.65 -55.60 -65.36
C PRO SA 140 105.60 -56.78 -65.43
N GLN SA 141 105.44 -57.70 -64.48
CA GLN SA 141 106.17 -58.96 -64.49
C GLN SA 141 105.21 -60.06 -64.90
N LEU SA 142 105.56 -60.78 -65.96
CA LEU SA 142 104.69 -61.79 -66.54
C LEU SA 142 105.29 -63.18 -66.37
N ASP SA 143 104.42 -64.18 -66.35
CA ASP SA 143 104.80 -65.59 -66.25
C ASP SA 143 105.54 -65.80 -64.93
N ARG SA 144 106.48 -66.75 -64.91
CA ARG SA 144 107.22 -67.05 -63.70
C ARG SA 144 108.31 -66.02 -63.44
N LEU SA 145 108.77 -65.97 -62.19
CA LEU SA 145 109.78 -65.03 -61.76
C LEU SA 145 111.16 -65.63 -62.02
N THR SA 146 111.65 -65.44 -63.24
CA THR SA 146 112.96 -65.92 -63.61
C THR SA 146 114.05 -64.96 -63.13
N GLN SA 147 115.25 -65.51 -62.91
CA GLN SA 147 116.38 -64.67 -62.51
C GLN SA 147 116.77 -63.70 -63.60
N GLY SA 148 116.50 -64.03 -64.87
CA GLY SA 148 116.78 -63.09 -65.94
C GLY SA 148 116.01 -61.80 -65.81
N PHE SA 149 114.75 -61.89 -65.38
CA PHE SA 149 113.96 -60.70 -65.11
C PHE SA 149 114.54 -59.90 -63.95
N LEU SA 150 114.95 -60.59 -62.89
CA LEU SA 150 115.47 -59.90 -61.71
C LEU SA 150 116.76 -59.14 -62.02
N ASP SA 151 117.64 -59.75 -62.81
CA ASP SA 151 118.90 -59.08 -63.15
C ASP SA 151 118.67 -57.87 -64.04
N SER SA 152 117.64 -57.91 -64.89
CA SER SA 152 117.38 -56.82 -65.82
C SER SA 152 116.63 -55.65 -65.20
N ILE SA 153 116.13 -55.80 -63.98
CA ILE SA 153 115.34 -54.72 -63.37
C ILE SA 153 116.13 -53.42 -63.23
N PRO SA 154 117.36 -53.42 -62.68
CA PRO SA 154 118.09 -52.14 -62.58
C PRO SA 154 118.34 -51.49 -63.93
N GLU SA 155 118.57 -52.28 -64.99
CA GLU SA 155 118.81 -51.69 -66.30
C GLU SA 155 117.53 -51.14 -66.90
N LEU SA 156 116.40 -51.84 -66.71
CA LEU SA 156 115.13 -51.36 -67.23
C LEU SA 156 114.72 -50.05 -66.58
N ILE SA 157 114.94 -49.94 -65.27
CA ILE SA 157 114.59 -48.71 -64.57
C ILE SA 157 115.45 -47.54 -65.06
N LYS SA 158 116.76 -47.78 -65.21
CA LYS SA 158 117.65 -46.72 -65.67
C LYS SA 158 117.31 -46.26 -67.08
N GLN SA 159 116.76 -47.16 -67.90
CA GLN SA 159 116.42 -46.78 -69.27
C GLN SA 159 115.33 -45.71 -69.29
N ALA SA 160 114.33 -45.81 -68.41
CA ALA SA 160 113.39 -44.74 -68.21
C ALA SA 160 114.05 -43.66 -67.37
N LEU SA 161 114.20 -42.47 -67.94
CA LEU SA 161 115.07 -41.46 -67.35
C LEU SA 161 114.40 -40.62 -66.27
N GLU SA 162 113.10 -40.77 -66.06
CA GLU SA 162 112.37 -39.92 -65.13
C GLU SA 162 112.03 -40.60 -63.81
N ILE SA 163 112.51 -41.82 -63.58
CA ILE SA 163 112.16 -42.54 -62.37
C ILE SA 163 112.89 -41.95 -61.17
N THR SA 164 112.18 -41.86 -60.03
CA THR SA 164 112.78 -41.34 -58.82
C THR SA 164 112.46 -42.24 -57.62
N LEU SA 165 111.37 -43.00 -57.70
CA LEU SA 165 110.93 -43.85 -56.61
C LEU SA 165 110.65 -45.26 -57.12
N ILE SA 166 110.86 -46.24 -56.25
CA ILE SA 166 110.65 -47.65 -56.57
C ILE SA 166 109.66 -48.22 -55.56
N VAL SA 167 108.59 -48.84 -56.05
CA VAL SA 167 107.54 -49.40 -55.22
C VAL SA 167 107.15 -50.76 -55.76
N CYS SA 168 106.99 -51.73 -54.86
CA CYS SA 168 106.49 -53.06 -55.21
C CYS SA 168 105.16 -53.30 -54.52
N PRO SA 169 104.04 -53.07 -55.19
CA PRO SA 169 102.71 -53.17 -54.54
C PRO SA 169 102.13 -54.58 -54.60
N GLU SA 170 102.73 -55.49 -53.85
CA GLU SA 170 102.28 -56.88 -53.81
C GLU SA 170 102.16 -57.33 -52.37
N TRP SA 171 101.09 -58.06 -52.07
CA TRP SA 171 100.85 -58.54 -50.71
C TRP SA 171 101.77 -59.69 -50.34
N ASP SA 172 102.26 -60.45 -51.31
CA ASP SA 172 103.11 -61.60 -51.01
C ASP SA 172 104.45 -61.12 -50.45
N SER SA 173 104.83 -61.67 -49.29
CA SER SA 173 106.08 -61.25 -48.66
C SER SA 173 107.29 -61.81 -49.40
N GLY SA 174 107.22 -63.06 -49.84
CA GLY SA 174 108.34 -63.64 -50.56
C GLY SA 174 108.58 -62.99 -51.89
N TYR SA 175 107.50 -62.65 -52.61
CA TYR SA 175 107.64 -61.95 -53.88
C TYR SA 175 108.27 -60.58 -53.70
N GLN SA 176 107.85 -59.84 -52.66
CA GLN SA 176 108.43 -58.53 -52.39
C GLN SA 176 109.90 -58.64 -52.01
N SER SA 177 110.25 -59.67 -51.23
CA SER SA 177 111.64 -59.83 -50.80
C SER SA 177 112.57 -60.07 -51.99
N LYS SA 178 112.11 -60.85 -52.97
CA LYS SA 178 112.94 -61.10 -54.15
C LYS SA 178 113.19 -59.82 -54.94
N ILE SA 179 112.14 -58.99 -55.08
CA ILE SA 179 112.29 -57.76 -55.85
C ILE SA 179 113.22 -56.79 -55.14
N TYR SA 180 113.08 -56.63 -53.83
CA TYR SA 180 113.92 -55.70 -53.08
C TYR SA 180 115.39 -56.09 -53.16
N ASN SA 181 115.69 -57.39 -53.08
CA ASN SA 181 117.06 -57.86 -53.19
C ASN SA 181 117.63 -57.65 -54.59
N SER SA 182 116.77 -57.48 -55.60
CA SER SA 182 117.24 -57.30 -56.97
C SER SA 182 117.70 -55.88 -57.26
N LEU SA 183 117.51 -54.95 -56.33
CA LEU SA 183 117.94 -53.57 -56.50
C LEU SA 183 119.38 -53.43 -56.06
N THR SA 184 120.30 -53.33 -57.02
CA THR SA 184 121.72 -53.27 -56.70
C THR SA 184 122.07 -51.95 -56.05
N SER SA 185 123.21 -51.94 -55.34
CA SER SA 185 123.66 -50.71 -54.69
C SER SA 185 123.99 -49.62 -55.69
N SER SA 186 124.42 -50.00 -56.90
CA SER SA 186 124.68 -48.99 -57.92
C SER SA 186 123.40 -48.28 -58.34
N LEU SA 187 122.30 -49.01 -58.44
CA LEU SA 187 121.03 -48.39 -58.82
C LEU SA 187 120.54 -47.42 -57.75
N LEU SA 188 120.60 -47.82 -56.48
CA LEU SA 188 120.11 -46.96 -55.41
C LEU SA 188 120.99 -45.74 -55.23
N ASN SA 189 122.32 -45.90 -55.35
CA ASN SA 189 123.22 -44.77 -55.19
C ASN SA 189 123.15 -43.80 -56.37
N ALA SA 190 122.50 -44.18 -57.46
CA ALA SA 190 122.38 -43.31 -58.63
C ALA SA 190 121.23 -42.32 -58.50
N GLY SA 191 120.68 -42.13 -57.31
CA GLY SA 191 119.61 -41.18 -57.12
C GLY SA 191 118.23 -41.78 -57.17
N TYR SA 192 118.07 -42.98 -56.60
CA TYR SA 192 116.79 -43.64 -56.54
C TYR SA 192 116.46 -43.98 -55.09
N PHE SA 193 115.18 -43.90 -54.75
CA PHE SA 193 114.71 -44.10 -53.39
C PHE SA 193 113.70 -45.22 -53.38
N LEU SA 194 113.82 -46.13 -52.41
CA LEU SA 194 112.96 -47.29 -52.31
C LEU SA 194 111.99 -47.13 -51.14
N ILE SA 195 110.70 -47.26 -51.43
CA ILE SA 195 109.67 -47.30 -50.41
C ILE SA 195 109.25 -48.75 -50.23
N ALA SA 196 109.42 -49.28 -49.02
CA ALA SA 196 109.25 -50.70 -48.76
C ALA SA 196 108.18 -50.92 -47.70
N ASP SA 197 107.61 -52.12 -47.71
CA ASP SA 197 106.61 -52.54 -46.73
C ASP SA 197 107.26 -53.52 -45.76
N ASN SA 198 107.36 -53.13 -44.51
CA ASN SA 198 107.86 -54.05 -43.49
C ASN SA 198 106.80 -55.10 -43.18
N GLN SA 199 107.22 -56.36 -43.15
CA GLN SA 199 106.33 -57.48 -42.88
C GLN SA 199 106.34 -57.90 -41.42
N ASP SA 200 107.09 -57.20 -40.58
CA ASP SA 200 107.20 -57.56 -39.17
C ASP SA 200 107.29 -56.28 -38.35
N LYS SA 201 106.83 -56.37 -37.11
CA LYS SA 201 106.84 -55.24 -36.19
C LYS SA 201 108.15 -55.11 -35.41
N ASN SA 202 108.98 -56.16 -35.41
CA ASN SA 202 110.14 -56.21 -34.53
C ASN SA 202 111.47 -56.20 -35.24
N THR SA 203 111.53 -56.54 -36.53
CA THR SA 203 112.78 -56.62 -37.26
C THR SA 203 112.69 -55.75 -38.50
N ALA SA 204 113.71 -54.91 -38.71
CA ALA SA 204 113.73 -54.02 -39.85
C ALA SA 204 114.16 -54.76 -41.11
N LEU SA 205 113.78 -54.21 -42.26
CA LEU SA 205 114.18 -54.76 -43.54
C LEU SA 205 115.67 -54.50 -43.79
N ILE SA 206 116.27 -55.34 -44.62
CA ILE SA 206 117.67 -55.21 -45.01
C ILE SA 206 117.72 -55.00 -46.52
N THR SA 207 118.35 -53.91 -46.94
CA THR SA 207 118.54 -53.61 -48.35
C THR SA 207 120.01 -53.30 -48.60
N GLU SA 208 120.37 -53.19 -49.87
CA GLU SA 208 121.75 -52.94 -50.25
C GLU SA 208 122.23 -51.55 -49.84
N VAL SA 209 121.35 -50.55 -49.82
CA VAL SA 209 121.70 -49.21 -49.37
C VAL SA 209 120.69 -48.81 -48.31
N ALA SA 210 121.14 -48.70 -47.06
CA ALA SA 210 120.24 -48.36 -45.96
C ALA SA 210 119.79 -46.90 -46.03
N SER SA 211 120.68 -46.02 -46.49
CA SER SA 211 120.38 -44.60 -46.53
C SER SA 211 119.25 -44.28 -47.51
N GLN SA 212 119.06 -45.12 -48.52
CA GLN SA 212 118.12 -44.84 -49.59
C GLN SA 212 116.87 -45.73 -49.53
N THR SA 213 116.42 -46.07 -48.32
CA THR SA 213 115.26 -46.93 -48.15
C THR SA 213 114.45 -46.47 -46.94
N ALA SA 214 113.12 -46.52 -47.08
CA ALA SA 214 112.21 -46.22 -45.98
C ALA SA 214 111.16 -47.32 -45.92
N THR SA 215 110.90 -47.83 -44.73
CA THR SA 215 109.93 -48.89 -44.54
C THR SA 215 108.77 -48.40 -43.68
N TYR SA 216 107.57 -48.91 -43.97
CA TYR SA 216 106.35 -48.50 -43.30
C TYR SA 216 105.59 -49.72 -42.84
N TYR SA 217 104.83 -49.55 -41.74
CA TYR SA 217 104.09 -50.64 -41.13
C TYR SA 217 102.92 -50.04 -40.36
N PRO SA 218 101.75 -50.69 -40.37
CA PRO SA 218 101.39 -51.92 -41.09
C PRO SA 218 100.64 -51.64 -42.38
N ALA SA 219 100.14 -52.69 -43.04
CA ALA SA 219 99.35 -52.52 -44.25
C ALA SA 219 97.98 -51.93 -43.91
N VAL SA 220 97.25 -51.53 -44.95
CA VAL SA 220 95.96 -50.87 -44.79
C VAL SA 220 94.87 -51.75 -45.40
N LYS SA 221 93.65 -51.57 -44.92
CA LYS SA 221 92.49 -52.28 -45.46
C LYS SA 221 91.64 -51.34 -46.30
N VAL SA 222 90.87 -51.92 -47.22
CA VAL SA 222 89.93 -51.16 -48.04
C VAL SA 222 88.57 -51.84 -47.98
N SER SA 223 87.54 -51.08 -48.33
CA SER SA 223 86.19 -51.59 -48.26
C SER SA 223 85.93 -52.68 -49.29
N GLN SA 224 86.44 -52.52 -50.51
CA GLN SA 224 86.20 -53.48 -51.57
C GLN SA 224 87.36 -53.45 -52.56
N LEU SA 225 87.47 -54.53 -53.33
CA LEU SA 225 88.49 -54.66 -54.36
C LEU SA 225 87.86 -54.52 -55.74
N ILE SA 226 88.70 -54.19 -56.72
CA ILE SA 226 88.22 -54.01 -58.09
C ILE SA 226 87.97 -55.38 -58.72
N GLN SA 227 86.75 -55.61 -59.18
CA GLN SA 227 86.38 -56.86 -59.84
C GLN SA 227 86.28 -56.64 -61.34
N ALA SA 228 86.79 -57.58 -62.12
CA ALA SA 228 86.84 -57.47 -63.56
C ALA SA 228 85.96 -58.54 -64.20
N GLU SA 229 85.41 -58.21 -65.36
CA GLU SA 229 84.61 -59.16 -66.10
C GLU SA 229 85.49 -60.25 -66.71
N ASP SA 230 84.85 -61.31 -67.20
CA ASP SA 230 85.59 -62.43 -67.76
C ASP SA 230 86.37 -62.02 -68.99
N SER SA 231 85.86 -61.08 -69.78
CA SER SA 231 86.57 -60.63 -70.98
C SER SA 231 87.83 -59.83 -70.64
N GLN SA 232 87.96 -59.35 -69.40
CA GLN SA 232 89.11 -58.56 -69.00
C GLN SA 232 90.15 -59.36 -68.21
N ILE SA 233 89.93 -60.66 -68.02
CA ILE SA 233 90.90 -61.51 -67.35
C ILE SA 233 91.69 -62.26 -68.40
N ALA SA 234 93.00 -61.98 -68.48
CA ALA SA 234 93.83 -62.57 -69.53
C ALA SA 234 94.03 -64.06 -69.29
N VAL SA 235 93.86 -64.85 -70.35
CA VAL SA 235 94.07 -66.29 -70.32
C VAL SA 235 94.94 -66.67 -71.50
N SER SA 236 95.97 -67.48 -71.23
CA SER SA 236 96.87 -67.92 -72.30
C SER SA 236 97.38 -69.32 -71.96
N GLY SA 237 97.81 -70.04 -73.00
CA GLY SA 237 98.34 -71.37 -72.84
C GLY SA 237 97.39 -72.50 -73.20
N TYR SA 238 96.11 -72.21 -73.37
CA TYR SA 238 95.15 -73.25 -73.73
C TYR SA 238 95.38 -73.71 -75.15
N GLU SA 239 95.26 -75.02 -75.37
CA GLU SA 239 95.42 -75.60 -76.70
C GLU SA 239 94.73 -76.95 -76.75
N ASP SA 240 94.10 -77.23 -77.89
CA ASP SA 240 93.47 -78.53 -78.12
C ASP SA 240 93.76 -78.93 -79.57
N ALA SA 241 93.12 -80.01 -80.02
CA ALA SA 241 93.38 -80.52 -81.36
C ALA SA 241 92.93 -79.53 -82.42
N LYS SA 242 91.76 -78.92 -82.25
CA LYS SA 242 91.18 -78.07 -83.28
C LYS SA 242 91.57 -76.60 -83.15
N THR SA 243 92.22 -76.21 -82.05
CA THR SA 243 92.54 -74.80 -81.81
C THR SA 243 94.02 -74.66 -81.48
N LYS SA 244 94.62 -73.60 -82.03
CA LYS SA 244 96.00 -73.25 -81.70
C LYS SA 244 96.06 -72.55 -80.35
N SER SA 245 97.29 -72.38 -79.85
CA SER SA 245 97.48 -71.81 -78.51
C SER SA 245 97.10 -70.33 -78.45
N ASP SA 246 97.06 -69.64 -79.58
CA ASP SA 246 96.81 -68.20 -79.60
C ASP SA 246 95.34 -67.85 -79.83
N GLU SA 247 94.46 -68.84 -79.94
CA GLU SA 247 93.06 -68.57 -80.22
C GLU SA 247 92.23 -68.25 -78.98
N VAL SA 248 92.77 -68.45 -77.80
CA VAL SA 248 92.08 -68.14 -76.54
C VAL SA 248 92.86 -67.03 -75.84
N LYS SA 249 92.20 -65.92 -75.57
CA LYS SA 249 92.86 -64.75 -75.00
C LYS SA 249 92.36 -64.36 -73.62
N ASN SA 250 91.10 -64.63 -73.28
CA ASN SA 250 90.55 -64.22 -72.00
C ASN SA 250 89.60 -65.30 -71.49
N LEU SA 251 89.05 -65.06 -70.30
CA LEU SA 251 88.17 -66.03 -69.67
C LEU SA 251 86.86 -66.21 -70.44
N ALA SA 252 86.38 -65.15 -71.09
CA ALA SA 252 85.13 -65.23 -71.83
C ALA SA 252 85.25 -66.20 -73.00
N GLN SA 253 86.32 -66.10 -73.77
CA GLN SA 253 86.52 -67.03 -74.88
C GLN SA 253 86.75 -68.45 -74.37
N LEU SA 254 87.45 -68.58 -73.25
CA LEU SA 254 87.70 -69.91 -72.69
C LEU SA 254 86.40 -70.59 -72.27
N LYS SA 255 85.43 -69.82 -71.76
CA LYS SA 255 84.18 -70.40 -71.30
C LYS SA 255 83.41 -71.03 -72.46
N GLU SA 256 83.36 -70.36 -73.61
CA GLU SA 256 82.57 -70.86 -74.73
C GLU SA 256 83.30 -71.90 -75.56
N LYS SA 257 84.56 -72.20 -75.24
CA LYS SA 257 85.32 -73.19 -75.98
C LYS SA 257 85.56 -74.48 -75.20
N ASN SA 258 85.59 -74.42 -73.87
CA ASN SA 258 85.83 -75.60 -73.05
C ASN SA 258 85.28 -75.35 -71.65
N PRO SA 259 84.01 -75.63 -71.40
CA PRO SA 259 83.44 -75.37 -70.07
C PRO SA 259 84.11 -76.17 -68.95
N THR SA 260 84.73 -77.31 -69.28
CA THR SA 260 85.34 -78.14 -68.24
C THR SA 260 86.49 -77.41 -67.55
N VAL SA 261 87.44 -76.90 -68.34
CA VAL SA 261 88.56 -76.18 -67.74
C VAL SA 261 88.11 -74.80 -67.26
N TYR SA 262 87.02 -74.27 -67.82
CA TYR SA 262 86.46 -73.02 -67.30
C TYR SA 262 85.99 -73.20 -65.86
N GLN SA 263 85.30 -74.31 -65.58
CA GLN SA 263 84.89 -74.60 -64.22
C GLN SA 263 86.11 -74.88 -63.34
N GLN SA 264 87.19 -75.38 -63.94
CA GLN SA 264 88.43 -75.57 -63.21
C GLN SA 264 88.99 -74.22 -62.74
N ALA SA 265 88.94 -73.21 -63.59
CA ALA SA 265 89.52 -71.91 -63.26
C ALA SA 265 88.64 -71.16 -62.26
N VAL SA 266 87.32 -71.15 -62.46
CA VAL SA 266 86.45 -70.36 -61.60
C VAL SA 266 86.42 -70.87 -60.17
N GLN SA 267 86.71 -72.16 -59.96
CA GLN SA 267 86.75 -72.68 -58.59
C GLN SA 267 87.98 -72.16 -57.87
N LYS SA 268 89.10 -72.01 -58.58
CA LYS SA 268 90.27 -71.36 -57.99
C LYS SA 268 90.00 -69.88 -57.72
N ILE SA 269 89.31 -69.21 -58.65
CA ILE SA 269 88.98 -67.80 -58.47
C ILE SA 269 88.06 -67.63 -57.27
N GLN SA 270 87.04 -68.48 -57.17
CA GLN SA 270 86.11 -68.38 -56.04
C GLN SA 270 86.82 -68.69 -54.72
N ALA SA 271 87.75 -69.64 -54.73
CA ALA SA 271 88.52 -69.94 -53.53
C ALA SA 271 89.38 -68.74 -53.12
N ILE SA 272 89.99 -68.06 -54.09
CA ILE SA 272 90.78 -66.87 -53.79
C ILE SA 272 89.88 -65.76 -53.23
N GLN SA 273 88.71 -65.57 -53.84
CA GLN SA 273 87.81 -64.53 -53.36
C GLN SA 273 87.34 -64.81 -51.94
N ASP SA 274 87.08 -66.07 -51.61
CA ASP SA 274 86.71 -66.42 -50.25
C ASP SA 274 87.84 -66.15 -49.27
N GLU SA 275 89.08 -66.51 -49.65
CA GLU SA 275 90.22 -66.32 -48.76
C GLU SA 275 90.48 -64.85 -48.49
N ILE SA 276 90.42 -64.01 -49.53
CA ILE SA 276 90.68 -62.59 -49.34
C ILE SA 276 89.55 -61.93 -48.55
N ALA SA 277 88.33 -62.46 -48.67
CA ALA SA 277 87.22 -61.91 -47.90
C ALA SA 277 87.35 -62.23 -46.41
N ALA SA 278 87.87 -63.40 -46.07
CA ALA SA 278 88.00 -63.78 -44.67
C ALA SA 278 89.03 -62.90 -43.95
N ASN SA 279 90.22 -62.74 -44.55
CA ASN SA 279 91.28 -61.95 -43.93
C ASN SA 279 91.10 -60.45 -44.15
N GLY SA 280 90.15 -60.04 -44.97
CA GLY SA 280 89.99 -58.63 -45.26
C GLY SA 280 90.82 -58.20 -46.44
N ASN SA 281 90.33 -57.17 -47.14
CA ASN SA 281 91.01 -56.64 -48.33
C ASN SA 281 92.20 -55.81 -47.88
N ILE SA 282 93.33 -56.48 -47.70
CA ILE SA 282 94.55 -55.86 -47.20
C ILE SA 282 95.42 -55.45 -48.39
N ILE SA 283 95.88 -54.20 -48.38
CA ILE SA 283 96.68 -53.64 -49.46
C ILE SA 283 98.01 -53.17 -48.90
N PRO SA 284 99.13 -53.40 -49.59
CA PRO SA 284 100.41 -52.87 -49.11
C PRO SA 284 100.39 -51.35 -49.04
N VAL SA 285 101.05 -50.81 -48.02
CA VAL SA 285 100.99 -49.37 -47.75
C VAL SA 285 102.01 -48.57 -48.55
N SER SA 286 102.93 -49.23 -49.25
CA SER SA 286 103.94 -48.52 -50.01
C SER SA 286 103.32 -47.70 -51.14
N ALA SA 287 102.28 -48.22 -51.79
CA ALA SA 287 101.65 -47.49 -52.88
C ALA SA 287 100.97 -46.22 -52.36
N VAL SA 288 100.41 -46.27 -51.15
CA VAL SA 288 99.81 -45.08 -50.56
C VAL SA 288 100.88 -44.04 -50.28
N MET SA 289 102.02 -44.47 -49.76
CA MET SA 289 103.09 -43.53 -49.41
C MET SA 289 103.65 -42.85 -50.65
N ALA SA 290 103.60 -43.52 -51.80
CA ALA SA 290 104.09 -42.90 -53.03
C ALA SA 290 103.26 -41.67 -53.38
N GLY SA 291 101.94 -41.75 -53.22
CA GLY SA 291 101.10 -40.59 -53.47
C GLY SA 291 101.34 -39.47 -52.48
N ILE SA 292 101.54 -39.81 -51.21
CA ILE SA 292 101.81 -38.81 -50.19
C ILE SA 292 103.11 -38.08 -50.49
N TYR SA 293 104.11 -38.81 -51.00
CA TYR SA 293 105.36 -38.17 -51.40
C TYR SA 293 105.12 -37.14 -52.49
N CYS SA 294 104.28 -37.47 -53.47
CA CYS SA 294 103.99 -36.53 -54.56
C CYS SA 294 103.24 -35.32 -54.05
N ALA SA 295 102.23 -35.54 -53.19
CA ALA SA 295 101.43 -34.43 -52.68
C ALA SA 295 102.27 -33.50 -51.81
N THR SA 296 103.12 -34.06 -50.95
CA THR SA 296 103.92 -33.22 -50.06
C THR SA 296 104.93 -32.40 -50.84
N ASP SA 297 105.56 -32.98 -51.86
CA ASP SA 297 106.57 -32.26 -52.63
C ASP SA 297 105.95 -31.08 -53.37
N ALA SA 298 104.78 -31.28 -53.98
CA ALA SA 298 104.13 -30.20 -54.71
C ALA SA 298 103.66 -29.09 -53.76
N SER SA 299 103.15 -29.47 -52.59
CA SER SA 299 102.57 -28.48 -51.68
C SER SA 299 103.64 -27.79 -50.85
N ARG SA 300 104.37 -28.55 -50.04
CA ARG SA 300 105.32 -27.98 -49.09
C ARG SA 300 106.76 -27.97 -49.61
N GLY SA 301 107.15 -28.98 -50.38
CA GLY SA 301 108.52 -29.06 -50.86
C GLY SA 301 109.20 -30.35 -50.44
N VAL SA 302 110.33 -30.67 -51.09
CA VAL SA 302 111.02 -31.92 -50.80
C VAL SA 302 111.61 -31.90 -49.40
N TRP SA 303 112.01 -30.72 -48.91
CA TRP SA 303 112.66 -30.61 -47.60
C TRP SA 303 111.69 -30.84 -46.44
N LYS SA 304 110.38 -30.91 -46.70
CA LYS SA 304 109.40 -31.16 -45.65
C LYS SA 304 109.21 -32.66 -45.48
N ALA SA 305 109.14 -33.11 -44.23
CA ALA SA 305 109.01 -34.53 -43.96
C ALA SA 305 107.66 -35.06 -44.46
N PRO SA 306 107.64 -36.23 -45.10
CA PRO SA 306 106.36 -36.78 -45.57
C PRO SA 306 105.59 -37.45 -44.46
N ALA SA 307 105.43 -36.76 -43.33
CA ALA SA 307 104.73 -37.29 -42.17
C ALA SA 307 103.67 -36.29 -41.72
N ASN SA 308 102.87 -36.71 -40.74
CA ASN SA 308 101.74 -35.91 -40.25
C ASN SA 308 100.77 -35.59 -41.38
N ILE SA 309 100.50 -36.58 -42.22
CA ILE SA 309 99.58 -36.44 -43.34
C ILE SA 309 98.48 -37.48 -43.19
N VAL SA 310 97.24 -37.08 -43.45
CA VAL SA 310 96.10 -37.95 -43.28
C VAL SA 310 95.91 -38.81 -44.52
N LEU SA 311 95.79 -40.12 -44.32
CA LEU SA 311 95.51 -41.03 -45.43
C LEU SA 311 94.05 -40.93 -45.85
N SER SA 312 93.82 -41.16 -47.14
CA SER SA 312 92.47 -41.12 -47.70
C SER SA 312 92.22 -42.35 -48.55
N GLY SA 313 90.96 -42.74 -48.64
CA GLY SA 313 90.56 -43.86 -49.44
C GLY SA 313 90.68 -45.22 -48.78
N ILE SA 314 91.18 -45.28 -47.55
CA ILE SA 314 91.33 -46.53 -46.84
C ILE SA 314 90.24 -46.64 -45.80
N SER SA 315 90.06 -47.84 -45.25
CA SER SA 315 89.03 -48.10 -44.25
C SER SA 315 89.59 -48.39 -42.87
N ASP SA 316 90.65 -49.19 -42.77
CA ASP SA 316 91.24 -49.54 -41.49
C ASP SA 316 92.68 -49.98 -41.72
N VAL SA 317 93.45 -49.99 -40.65
CA VAL SA 317 94.82 -50.48 -40.68
C VAL SA 317 94.83 -51.93 -40.24
N ALA SA 318 95.80 -52.69 -40.74
CA ALA SA 318 95.87 -54.12 -40.45
C ALA SA 318 96.18 -54.40 -38.99
N GLU SA 319 96.70 -53.42 -38.26
CA GLU SA 319 97.03 -53.61 -36.85
C GLU SA 319 97.01 -52.26 -36.14
N ARG SA 320 96.47 -52.25 -34.92
CA ARG SA 320 96.47 -51.07 -34.09
C ARG SA 320 97.71 -51.06 -33.20
N LEU SA 321 98.43 -49.95 -33.20
CA LEU SA 321 99.70 -49.84 -32.50
C LEU SA 321 99.57 -48.89 -31.32
N THR SA 322 100.33 -49.18 -30.26
CA THR SA 322 100.43 -48.31 -29.10
C THR SA 322 101.70 -47.47 -29.20
N ASP SA 323 101.84 -46.53 -28.27
CA ASP SA 323 103.02 -45.68 -28.26
C ASP SA 323 104.28 -46.46 -27.93
N ASP SA 324 104.19 -47.43 -27.00
CA ASP SA 324 105.37 -48.20 -26.63
C ASP SA 324 105.87 -49.06 -27.79
N GLU SA 325 104.96 -49.70 -28.52
CA GLU SA 325 105.36 -50.47 -29.70
C GLU SA 325 105.94 -49.54 -30.76
N GLN SA 326 105.31 -48.37 -30.96
CA GLN SA 326 105.84 -47.40 -31.92
C GLN SA 326 107.21 -46.90 -31.51
N GLY SA 327 107.48 -46.85 -30.20
CA GLY SA 327 108.79 -46.43 -29.72
C GLY SA 327 109.88 -47.39 -30.13
N GLU SA 328 109.62 -48.70 -30.03
CA GLU SA 328 110.60 -49.69 -30.44
C GLU SA 328 110.87 -49.61 -31.94
N MET SA 329 109.81 -49.47 -32.74
CA MET SA 329 109.97 -49.43 -34.19
C MET SA 329 110.74 -48.20 -34.64
N ASN SA 330 110.48 -47.05 -34.00
CA ASN SA 330 111.11 -45.81 -34.43
C ASN SA 330 112.62 -45.86 -34.23
N SER SA 331 113.08 -46.47 -33.13
CA SER SA 331 114.51 -46.61 -32.92
C SER SA 331 115.14 -47.50 -34.00
N LYS SA 332 114.45 -48.57 -34.38
CA LYS SA 332 114.94 -49.48 -35.40
C LYS SA 332 114.81 -48.92 -36.81
N GLY SA 333 114.04 -47.86 -37.01
CA GLY SA 333 113.88 -47.26 -38.31
C GLY SA 333 112.65 -47.65 -39.08
N ILE SA 334 111.59 -48.07 -38.40
CA ILE SA 334 110.35 -48.48 -39.07
C ILE SA 334 109.28 -47.43 -38.79
N ASN SA 335 108.87 -46.73 -39.85
CA ASN SA 335 107.82 -45.73 -39.71
C ASN SA 335 106.47 -46.41 -39.52
N ALA SA 336 105.60 -45.77 -38.75
CA ALA SA 336 104.33 -46.36 -38.36
C ALA SA 336 103.16 -45.58 -38.94
N ILE SA 337 102.12 -46.30 -39.35
CA ILE SA 337 100.84 -45.71 -39.69
C ILE SA 337 99.93 -45.81 -38.49
N ARG SA 338 99.65 -44.69 -37.85
CA ARG SA 338 98.93 -44.66 -36.58
C ARG SA 338 97.52 -44.14 -36.78
N TYR SA 339 96.64 -44.51 -35.86
CA TYR SA 339 95.27 -44.03 -35.84
C TYR SA 339 95.06 -43.11 -34.64
N PHE SA 340 94.62 -41.88 -34.91
CA PHE SA 340 94.31 -40.92 -33.87
C PHE SA 340 92.86 -40.49 -33.99
N SER SA 341 92.17 -40.42 -32.84
CA SER SA 341 90.74 -40.16 -32.85
C SER SA 341 90.42 -38.79 -33.44
N HIS SA 342 91.20 -37.77 -33.07
CA HIS SA 342 90.93 -36.42 -33.54
C HIS SA 342 91.46 -36.14 -34.94
N LYS SA 343 92.28 -37.03 -35.50
CA LYS SA 343 92.78 -36.87 -36.86
C LYS SA 343 92.31 -37.97 -37.79
N GLY SA 344 92.55 -39.23 -37.44
CA GLY SA 344 92.25 -40.34 -38.33
C GLY SA 344 93.45 -41.24 -38.52
N PHE SA 345 93.73 -41.61 -39.78
CA PHE SA 345 94.90 -42.41 -40.11
C PHE SA 345 95.97 -41.49 -40.66
N VAL SA 346 97.14 -41.46 -39.99
CA VAL SA 346 98.21 -40.54 -40.34
C VAL SA 346 99.54 -41.28 -40.36
N VAL SA 347 100.47 -40.73 -41.14
CA VAL SA 347 101.84 -41.24 -41.16
C VAL SA 347 102.60 -40.62 -39.99
N TRP SA 348 103.23 -41.47 -39.19
CA TRP SA 348 103.88 -41.02 -37.95
C TRP SA 348 105.35 -41.42 -37.91
N GLY SA 349 106.06 -41.27 -39.04
CA GLY SA 349 107.48 -41.54 -39.06
C GLY SA 349 108.11 -40.93 -40.29
N ALA SA 350 109.37 -40.50 -40.13
CA ALA SA 350 110.10 -39.89 -41.23
C ALA SA 350 111.56 -40.33 -41.22
N ARG SA 351 111.82 -41.53 -40.71
CA ARG SA 351 113.19 -42.02 -40.64
C ARG SA 351 113.51 -42.93 -41.82
N THR SA 352 114.81 -43.13 -42.03
CA THR SA 352 115.30 -44.10 -43.00
C THR SA 352 115.89 -45.31 -42.26
N LEU SA 353 116.34 -46.30 -43.03
CA LEU SA 353 116.90 -47.50 -42.41
C LEU SA 353 118.30 -47.28 -41.86
N GLN SA 354 118.96 -46.18 -42.20
CA GLN SA 354 120.27 -45.84 -41.66
C GLN SA 354 120.11 -44.86 -40.51
N ASN SA 355 120.76 -45.14 -39.39
CA ASN SA 355 120.64 -44.33 -38.18
C ASN SA 355 122.00 -43.69 -37.90
N ASP SA 356 122.21 -42.50 -38.46
CA ASP SA 356 123.39 -41.70 -38.18
C ASP SA 356 123.02 -40.23 -38.30
N ASP SA 357 123.94 -39.37 -37.90
CA ASP SA 357 123.67 -37.94 -37.89
C ASP SA 357 123.51 -37.35 -39.29
N ASN SA 358 123.84 -38.10 -40.34
CA ASN SA 358 123.80 -37.57 -41.70
C ASN SA 358 122.47 -37.88 -42.39
N TRP SA 359 122.14 -39.16 -42.52
CA TRP SA 359 121.01 -39.59 -43.34
C TRP SA 359 119.92 -40.26 -42.51
N ARG SA 360 119.63 -39.73 -41.33
CA ARG SA 360 118.63 -40.34 -40.45
C ARG SA 360 117.21 -40.04 -40.93
N TYR SA 361 116.99 -38.85 -41.47
CA TYR SA 361 115.65 -38.39 -41.81
C TYR SA 361 115.40 -38.46 -43.31
N ILE SA 362 114.19 -38.85 -43.67
CA ILE SA 362 113.81 -38.90 -45.08
C ILE SA 362 113.94 -37.55 -45.77
N PRO SA 363 113.43 -36.44 -45.21
CA PRO SA 363 113.55 -35.15 -45.94
C PRO SA 363 114.99 -34.75 -46.22
N VAL SA 364 115.92 -35.05 -45.31
CA VAL SA 364 117.31 -34.72 -45.55
C VAL SA 364 117.87 -35.54 -46.70
N ARG SA 365 117.60 -36.84 -46.70
CA ARG SA 365 118.09 -37.70 -47.78
C ARG SA 365 117.48 -37.33 -49.12
N ARG SA 366 116.17 -37.07 -49.15
CA ARG SA 366 115.51 -36.78 -50.41
C ARG SA 366 115.90 -35.41 -50.96
N LEU SA 367 116.18 -34.46 -50.07
CA LEU SA 367 116.60 -33.13 -50.52
C LEU SA 367 117.94 -33.21 -51.26
N PHE SA 368 118.89 -33.98 -50.73
CA PHE SA 368 120.18 -34.11 -51.38
C PHE SA 368 120.06 -34.84 -52.71
N ASN SA 369 119.15 -35.82 -52.78
CA ASN SA 369 118.91 -36.50 -54.05
C ASN SA 369 118.37 -35.55 -55.10
N ALA SA 370 117.46 -34.65 -54.68
CA ALA SA 370 116.91 -33.67 -55.62
C ALA SA 370 117.97 -32.67 -56.06
N ALA SA 371 118.80 -32.21 -55.13
CA ALA SA 371 119.82 -31.22 -55.47
C ALA SA 371 120.85 -31.78 -56.43
N GLU SA 372 121.33 -33.00 -56.16
CA GLU SA 372 122.35 -33.58 -57.03
C GLU SA 372 121.78 -33.96 -58.38
N ARG SA 373 120.48 -34.27 -58.45
CA ARG SA 373 119.87 -34.58 -59.74
C ARG SA 373 119.74 -33.32 -60.59
N ASP SA 374 119.27 -32.22 -59.99
CA ASP SA 374 119.12 -30.98 -60.74
C ASP SA 374 120.48 -30.39 -61.13
N ILE SA 375 121.47 -30.48 -60.23
CA ILE SA 375 122.81 -30.02 -60.56
C ILE SA 375 123.39 -30.83 -61.70
N LYS SA 376 123.19 -32.15 -61.67
CA LYS SA 376 123.68 -33.00 -62.75
C LYS SA 376 123.02 -32.64 -64.08
N GLN SA 377 121.73 -32.29 -64.04
CA GLN SA 377 121.05 -31.88 -65.26
C GLN SA 377 121.66 -30.60 -65.83
N ALA SA 378 122.00 -29.65 -64.96
CA ALA SA 378 122.62 -28.41 -65.41
C ALA SA 378 124.04 -28.66 -65.94
N MET SA 379 124.76 -29.61 -65.33
CA MET SA 379 126.13 -29.88 -65.71
C MET SA 379 126.25 -30.66 -67.02
N GLN SA 380 125.14 -31.17 -67.55
CA GLN SA 380 125.20 -31.96 -68.78
C GLN SA 380 125.42 -31.12 -70.03
N SER SA 381 125.28 -29.80 -69.95
CA SER SA 381 125.53 -28.92 -71.07
C SER SA 381 126.98 -28.42 -71.09
N VAL SA 382 127.87 -29.09 -70.36
CA VAL SA 382 129.26 -28.65 -70.22
C VAL SA 382 130.15 -29.85 -70.51
N VAL SA 383 129.54 -30.99 -70.82
CA VAL SA 383 130.25 -32.27 -70.82
C VAL SA 383 131.40 -32.26 -71.83
N PHE SA 384 131.15 -31.80 -73.05
CA PHE SA 384 132.15 -31.83 -74.10
C PHE SA 384 132.76 -30.46 -74.38
N GLU SA 385 132.61 -29.53 -73.45
CA GLU SA 385 133.29 -28.24 -73.56
C GLU SA 385 134.79 -28.42 -73.34
N PRO SA 386 135.60 -27.49 -73.85
CA PRO SA 386 137.04 -27.56 -73.58
C PRO SA 386 137.32 -27.45 -72.08
N ASN SA 387 138.31 -28.21 -71.62
CA ASN SA 387 138.66 -28.27 -70.20
C ASN SA 387 139.64 -27.14 -69.89
N SER SA 388 139.08 -25.95 -69.71
CA SER SA 388 139.88 -24.75 -69.48
C SER SA 388 139.20 -23.92 -68.39
N GLN SA 389 139.91 -22.89 -67.94
CA GLN SA 389 139.39 -22.04 -66.87
C GLN SA 389 138.07 -21.36 -67.20
N PRO SA 390 137.85 -20.78 -68.39
CA PRO SA 390 136.53 -20.19 -68.66
C PRO SA 390 135.39 -21.18 -68.55
N THR SA 391 135.63 -22.45 -68.88
CA THR SA 391 134.61 -23.47 -68.70
C THR SA 391 134.29 -23.67 -67.23
N TRP SA 392 135.32 -23.67 -66.37
CA TRP SA 392 135.10 -23.88 -64.95
C TRP SA 392 134.33 -22.72 -64.33
N GLU SA 393 134.56 -21.50 -64.82
CA GLU SA 393 133.81 -20.35 -64.31
C GLU SA 393 132.33 -20.48 -64.62
N ARG SA 394 131.99 -20.96 -65.81
CA ARG SA 394 130.59 -21.15 -66.17
C ARG SA 394 129.96 -22.24 -65.31
N VAL SA 395 130.74 -23.27 -64.95
CA VAL SA 395 130.23 -24.32 -64.08
C VAL SA 395 129.90 -23.76 -62.69
N LYS SA 396 130.81 -22.95 -62.15
CA LYS SA 396 130.59 -22.39 -60.82
C LYS SA 396 129.38 -21.48 -60.79
N SER SA 397 129.19 -20.68 -61.84
CA SER SA 397 128.03 -19.78 -61.90
C SER SA 397 126.73 -20.56 -61.94
N ALA SA 398 126.70 -21.67 -62.70
CA ALA SA 398 125.47 -22.44 -62.83
C ALA SA 398 125.06 -23.07 -61.51
N ILE SA 399 126.02 -23.65 -60.79
CA ILE SA 399 125.71 -24.30 -59.52
C ILE SA 399 125.36 -23.26 -58.46
N ASP SA 400 126.09 -22.14 -58.44
CA ASP SA 400 125.82 -21.09 -57.47
C ASP SA 400 124.43 -20.50 -57.66
N ASN SA 401 124.01 -20.32 -58.92
CA ASN SA 401 122.67 -19.78 -59.18
C ASN SA 401 121.59 -20.74 -58.69
N TYR SA 402 121.77 -22.05 -58.93
CA TYR SA 402 120.79 -23.02 -58.49
C TYR SA 402 120.73 -23.11 -56.97
N LEU SA 403 121.89 -23.11 -56.31
CA LEU SA 403 121.91 -23.23 -54.86
C LEU SA 403 121.29 -22.00 -54.19
N TYR SA 404 121.52 -20.82 -54.76
CA TYR SA 404 120.89 -19.62 -54.21
C TYR SA 404 119.37 -19.69 -54.30
N SER SA 405 118.85 -20.17 -55.44
CA SER SA 405 117.41 -20.30 -55.59
C SER SA 405 116.85 -21.31 -54.59
N LEU SA 406 117.59 -22.38 -54.32
CA LEU SA 406 117.16 -23.36 -53.33
C LEU SA 406 117.07 -22.73 -51.94
N TRP SA 407 118.06 -21.91 -51.58
CA TRP SA 407 118.07 -21.29 -50.26
C TRP SA 407 116.94 -20.27 -50.12
N GLN SA 408 116.52 -19.64 -51.21
CA GLN SA 408 115.46 -18.64 -51.14
C GLN SA 408 114.15 -19.26 -50.69
N GLN SA 409 113.82 -20.46 -51.17
CA GLN SA 409 112.56 -21.10 -50.84
C GLN SA 409 112.55 -21.67 -49.42
N GLY SA 410 113.68 -21.69 -48.74
CA GLY SA 410 113.76 -22.23 -47.40
C GLY SA 410 114.25 -23.66 -47.31
N ALA SA 411 114.75 -24.23 -48.41
CA ALA SA 411 115.24 -25.61 -48.38
C ALA SA 411 116.47 -25.73 -47.48
N LEU SA 412 117.36 -24.75 -47.53
CA LEU SA 412 118.62 -24.79 -46.79
C LEU SA 412 118.54 -23.93 -45.54
N ALA SA 413 119.42 -24.25 -44.59
CA ALA SA 413 119.47 -23.53 -43.32
C ALA SA 413 120.47 -22.39 -43.38
N GLY SA 414 120.25 -21.39 -42.54
CA GLY SA 414 121.16 -20.26 -42.45
C GLY SA 414 120.50 -18.92 -42.72
N ASN SA 415 121.07 -17.85 -42.18
CA ASN SA 415 120.55 -16.51 -42.38
C ASN SA 415 121.07 -15.85 -43.63
N LYS SA 416 122.19 -16.33 -44.17
CA LYS SA 416 122.78 -15.77 -45.38
C LYS SA 416 123.31 -16.92 -46.23
N PRO SA 417 123.45 -16.71 -47.54
CA PRO SA 417 123.88 -17.83 -48.41
C PRO SA 417 125.21 -18.44 -48.03
N GLN SA 418 126.12 -17.66 -47.46
CA GLN SA 418 127.43 -18.20 -47.08
C GLN SA 418 127.29 -19.29 -46.01
N GLU SA 419 126.24 -19.22 -45.20
CA GLU SA 419 126.00 -20.22 -44.17
C GLU SA 419 125.24 -21.43 -44.67
N ALA SA 420 124.76 -21.41 -45.90
CA ALA SA 420 123.89 -22.45 -46.42
C ALA SA 420 124.57 -23.38 -47.43
N TYR SA 421 125.53 -22.88 -48.20
CA TYR SA 421 126.14 -23.68 -49.26
C TYR SA 421 127.50 -23.10 -49.61
N PHE SA 422 128.28 -23.89 -50.34
CA PHE SA 422 129.53 -23.41 -50.92
C PHE SA 422 129.85 -24.23 -52.16
N VAL SA 423 130.52 -23.59 -53.11
CA VAL SA 423 130.94 -24.24 -54.36
C VAL SA 423 132.43 -24.01 -54.54
N GLN SA 424 133.16 -25.06 -54.87
CA GLN SA 424 134.61 -24.98 -55.05
C GLN SA 424 135.01 -25.69 -56.33
N ILE SA 425 135.80 -25.00 -57.15
CA ILE SA 425 136.38 -25.59 -58.36
C ILE SA 425 137.57 -24.74 -58.78
N GLY SA 426 138.70 -25.37 -59.08
CA GLY SA 426 139.89 -24.63 -59.45
C GLY SA 426 141.01 -25.57 -59.83
N LYS SA 427 142.07 -24.96 -60.39
CA LYS SA 427 143.20 -25.71 -60.92
C LYS SA 427 144.10 -26.26 -59.81
N ASP SA 428 144.13 -25.63 -58.64
CA ASP SA 428 144.91 -26.15 -57.52
C ASP SA 428 144.09 -26.24 -56.25
N VAL SA 429 142.76 -26.28 -56.37
CA VAL SA 429 141.87 -26.36 -55.23
C VAL SA 429 141.13 -27.69 -55.18
N THR SA 430 140.60 -28.15 -56.32
CA THR SA 430 139.83 -29.38 -56.37
C THR SA 430 140.44 -30.44 -57.28
N MET SA 431 140.99 -30.04 -58.42
CA MET SA 431 141.62 -30.97 -59.34
C MET SA 431 143.08 -30.58 -59.55
N SER SA 432 143.87 -31.50 -60.07
CA SER SA 432 145.29 -31.30 -60.32
C SER SA 432 145.56 -31.31 -61.82
N ASP SA 433 146.84 -31.18 -62.18
CA ASP SA 433 147.21 -31.17 -63.58
C ASP SA 433 146.96 -32.53 -64.24
N ASP SA 434 147.20 -33.61 -63.50
CA ASP SA 434 146.94 -34.94 -64.05
C ASP SA 434 145.46 -35.16 -64.34
N ASP SA 435 144.59 -34.67 -63.45
CA ASP SA 435 143.16 -34.81 -63.66
C ASP SA 435 142.71 -34.04 -64.90
N ILE SA 436 143.22 -32.83 -65.08
CA ILE SA 436 142.83 -32.03 -66.23
C ILE SA 436 143.33 -32.67 -67.52
N LYS SA 437 144.55 -33.20 -67.51
CA LYS SA 437 145.09 -33.85 -68.70
C LYS SA 437 144.30 -35.11 -69.07
N GLN SA 438 143.57 -35.68 -68.13
CA GLN SA 438 142.74 -36.86 -68.38
C GLN SA 438 141.32 -36.51 -68.76
N GLY SA 439 140.99 -35.22 -68.88
CA GLY SA 439 139.64 -34.82 -69.22
C GLY SA 439 138.69 -34.72 -68.05
N LYS SA 440 139.19 -34.66 -66.82
CA LYS SA 440 138.34 -34.63 -65.65
C LYS SA 440 138.06 -33.20 -65.22
N MET SA 441 136.93 -33.02 -64.53
CA MET SA 441 136.53 -31.73 -63.99
C MET SA 441 135.85 -31.98 -62.65
N ILE SA 442 136.50 -31.58 -61.56
CA ILE SA 442 136.07 -31.91 -60.21
C ILE SA 442 135.56 -30.65 -59.53
N VAL SA 443 134.34 -30.73 -58.99
CA VAL SA 443 133.72 -29.60 -58.29
C VAL SA 443 133.16 -30.11 -56.97
N LYS SA 444 133.40 -29.36 -55.90
CA LYS SA 444 132.93 -29.72 -54.57
C LYS SA 444 131.72 -28.86 -54.21
N VAL SA 445 130.68 -29.51 -53.68
CA VAL SA 445 129.44 -28.84 -53.29
C VAL SA 445 129.07 -29.28 -51.90
N GLY SA 446 128.70 -28.33 -51.04
CA GLY SA 446 128.24 -28.63 -49.71
C GLY SA 446 126.99 -27.86 -49.38
N MET SA 447 126.09 -28.49 -48.62
CA MET SA 447 124.81 -27.89 -48.26
C MET SA 447 124.52 -28.16 -46.80
N ALA SA 448 123.62 -27.35 -46.24
CA ALA SA 448 123.15 -27.50 -44.87
C ALA SA 448 121.63 -27.63 -44.89
N ALA SA 449 121.11 -28.63 -44.19
CA ALA SA 449 119.68 -28.91 -44.15
C ALA SA 449 119.11 -28.68 -42.76
N VAL SA 450 117.80 -28.56 -42.69
CA VAL SA 450 117.08 -28.32 -41.44
C VAL SA 450 116.44 -29.63 -41.00
N ARG SA 451 116.75 -30.05 -39.78
CA ARG SA 451 116.21 -31.31 -39.27
C ARG SA 451 114.80 -31.09 -38.72
N PRO SA 452 113.93 -32.09 -38.82
CA PRO SA 452 112.58 -31.95 -38.28
C PRO SA 452 112.57 -32.07 -36.76
N ALA SA 453 111.48 -31.60 -36.17
CA ALA SA 453 111.23 -31.76 -34.75
C ALA SA 453 110.39 -33.01 -34.55
N GLU SA 454 110.90 -33.96 -33.77
CA GLU SA 454 110.25 -35.26 -33.61
C GLU SA 454 109.54 -35.43 -32.27
N PHE SA 455 110.06 -34.83 -31.20
CA PHE SA 455 109.47 -34.98 -29.88
C PHE SA 455 109.18 -33.60 -29.30
N ILE SA 456 107.96 -33.41 -28.80
CA ILE SA 456 107.56 -32.19 -28.13
C ILE SA 456 107.17 -32.54 -26.71
N ILE SA 457 107.79 -31.87 -25.74
CA ILE SA 457 107.62 -32.19 -24.33
C ILE SA 457 106.89 -31.05 -23.65
N LEU SA 458 105.79 -31.38 -22.96
CA LEU SA 458 105.05 -30.42 -22.17
C LEU SA 458 105.39 -30.60 -20.70
N GLN SA 459 105.68 -29.49 -20.03
CA GLN SA 459 105.99 -29.49 -18.61
C GLN SA 459 104.95 -28.64 -17.90
N PHE SA 460 104.06 -29.30 -17.15
CA PHE SA 460 102.97 -28.64 -16.47
C PHE SA 460 103.31 -28.37 -15.02
N SER SA 461 102.90 -27.21 -14.52
CA SER SA 461 103.11 -26.83 -13.13
C SER SA 461 101.78 -26.38 -12.53
N GLN SA 462 101.66 -26.54 -11.21
CA GLN SA 462 100.39 -26.26 -10.54
C GLN SA 462 100.15 -24.77 -10.37
N GLN SA 463 101.19 -23.97 -10.17
CA GLN SA 463 101.02 -22.54 -9.92
C GLN SA 463 101.64 -21.71 -11.03
N THR TA 3 113.05 -36.51 -19.58
CA THR TA 3 112.69 -37.84 -20.05
C THR TA 3 113.52 -38.24 -21.26
N ILE TA 4 113.45 -39.52 -21.63
CA ILE TA 4 114.15 -40.06 -22.78
C ILE TA 4 113.10 -40.40 -23.84
N PRO TA 5 113.00 -39.64 -24.92
CA PRO TA 5 111.95 -39.91 -25.91
C PRO TA 5 112.29 -41.10 -26.80
N THR TA 6 111.27 -41.92 -27.05
CA THR TA 6 111.40 -43.07 -27.94
C THR TA 6 110.53 -42.95 -29.18
N TYR TA 7 109.24 -42.69 -29.01
CA TYR TA 7 108.32 -42.57 -30.12
C TYR TA 7 108.11 -41.10 -30.48
N PRO TA 8 107.83 -40.80 -31.75
CA PRO TA 8 107.46 -39.43 -32.11
C PRO TA 8 106.12 -39.06 -31.52
N GLY TA 9 105.97 -37.78 -31.19
CA GLY TA 9 104.71 -37.28 -30.67
C GLY TA 9 104.95 -36.36 -29.51
N VAL TA 10 103.92 -36.22 -28.67
CA VAL TA 10 103.89 -35.26 -27.59
C VAL TA 10 104.01 -36.01 -26.26
N TYR TA 11 104.91 -35.54 -25.39
CA TYR TA 11 105.11 -36.09 -24.07
C TYR TA 11 104.58 -35.10 -23.03
N ILE TA 12 104.15 -35.63 -21.89
CA ILE TA 12 103.57 -34.83 -20.82
C ILE TA 12 104.36 -35.10 -19.54
N GLU TA 13 104.80 -34.02 -18.88
CA GLU TA 13 105.55 -34.11 -17.64
C GLU TA 13 104.93 -33.18 -16.61
N GLU TA 14 104.89 -33.64 -15.36
CA GLU TA 14 104.46 -32.83 -14.23
C GLU TA 14 105.68 -32.57 -13.35
N ASP TA 15 105.94 -31.30 -13.05
CA ASP TA 15 107.13 -30.93 -12.29
C ASP TA 15 106.87 -29.63 -11.55
N ALA TA 16 107.93 -29.06 -11.00
CA ALA TA 16 107.87 -27.76 -10.34
C ALA TA 16 109.07 -26.88 -10.67
N SER TA 17 109.87 -27.25 -11.67
CA SER TA 17 111.05 -26.47 -12.02
C SER TA 17 110.64 -25.10 -12.54
N LEU TA 18 111.36 -24.08 -12.09
CA LEU TA 18 111.06 -22.69 -12.40
C LEU TA 18 112.21 -22.10 -13.22
N ASN TA 19 111.87 -21.48 -14.34
CA ASN TA 19 112.82 -20.76 -15.16
C ASN TA 19 112.38 -19.31 -15.32
N LEU TA 20 113.34 -18.44 -15.62
CA LEU TA 20 113.11 -17.01 -15.69
C LEU TA 20 113.54 -16.48 -17.05
N SER TA 21 112.97 -15.34 -17.42
CA SER TA 21 113.33 -14.70 -18.68
C SER TA 21 114.79 -14.27 -18.66
N VAL TA 22 115.45 -14.38 -19.80
CA VAL TA 22 116.86 -14.04 -19.93
C VAL TA 22 116.99 -12.66 -20.56
N ASN TA 23 117.82 -11.81 -19.97
CA ASN TA 23 118.09 -10.49 -20.48
C ASN TA 23 119.48 -10.45 -21.11
N GLN TA 24 119.89 -9.27 -21.55
CA GLN TA 24 121.18 -9.11 -22.21
C GLN TA 24 121.73 -7.73 -21.93
N GLY TA 25 123.04 -7.61 -22.02
CA GLY TA 25 123.72 -6.35 -21.78
C GLY TA 25 125.20 -6.51 -22.00
N ASN TA 26 125.90 -5.37 -22.01
CA ASN TA 26 127.33 -5.38 -22.27
C ASN TA 26 128.10 -4.63 -21.18
N THR TA 27 127.50 -3.59 -20.61
CA THR TA 27 128.18 -2.73 -19.66
C THR TA 27 128.05 -3.20 -18.22
N ALA TA 28 127.42 -4.35 -17.98
CA ALA TA 28 127.29 -4.88 -16.62
C ALA TA 28 127.29 -6.40 -16.71
N ILE TA 29 128.47 -6.99 -16.51
CA ILE TA 29 128.60 -8.45 -16.48
C ILE TA 29 129.30 -8.83 -15.18
N PRO TA 30 128.56 -9.24 -14.16
CA PRO TA 30 129.18 -9.51 -12.85
C PRO TA 30 129.82 -10.88 -12.78
N VAL TA 31 130.73 -11.01 -11.82
CA VAL TA 31 131.35 -12.28 -11.48
C VAL TA 31 131.00 -12.59 -10.03
N PHE TA 32 130.61 -13.84 -9.77
CA PHE TA 32 130.21 -14.27 -8.44
C PHE TA 32 131.26 -15.25 -7.89
N ILE TA 33 131.79 -14.94 -6.72
CA ILE TA 33 132.75 -15.79 -6.03
C ILE TA 33 132.07 -16.33 -4.78
N GLY TA 34 132.03 -17.66 -4.67
CA GLY TA 34 131.36 -18.26 -3.53
C GLY TA 34 131.45 -19.78 -3.59
N LEU TA 35 130.77 -20.42 -2.64
CA LEU TA 35 130.79 -21.87 -2.51
C LEU TA 35 129.74 -22.47 -3.44
N PHE TA 36 130.12 -22.59 -4.71
CA PHE TA 36 129.27 -23.21 -5.71
C PHE TA 36 129.62 -24.68 -5.86
N SER TA 37 128.71 -25.42 -6.50
CA SER TA 37 128.84 -26.87 -6.67
C SER TA 37 128.69 -27.21 -8.15
N PRO TA 38 129.77 -27.10 -8.91
CA PRO TA 38 129.70 -27.44 -10.33
C PRO TA 38 129.43 -28.92 -10.55
N LYS TA 39 128.70 -29.22 -11.62
CA LYS TA 39 128.43 -30.61 -11.97
C LYS TA 39 129.65 -31.30 -12.55
N ASN TA 40 130.66 -30.55 -12.96
CA ASN TA 40 131.89 -31.10 -13.51
C ASN TA 40 133.04 -30.81 -12.55
N THR TA 41 133.93 -31.77 -12.39
CA THR TA 41 135.04 -31.62 -11.46
C THR TA 41 135.95 -30.47 -11.87
N ASN TA 42 136.25 -30.35 -13.15
CA ASN TA 42 137.12 -29.28 -13.64
C ASN TA 42 136.32 -28.02 -13.93
N SER TA 45 137.81 -23.79 -9.99
CA SER TA 45 139.19 -23.46 -10.31
C SER TA 45 139.28 -22.59 -11.56
N GLN TA 46 138.21 -22.61 -12.36
CA GLN TA 46 138.14 -21.83 -13.58
C GLN TA 46 136.80 -21.09 -13.63
N VAL TA 47 136.81 -19.93 -14.27
CA VAL TA 47 135.62 -19.11 -14.39
C VAL TA 47 134.73 -19.69 -15.47
N THR TA 48 133.43 -19.81 -15.17
CA THR TA 48 132.46 -20.40 -16.09
C THR TA 48 131.42 -19.34 -16.45
N ARG TA 49 131.13 -19.22 -17.74
CA ARG TA 49 130.12 -18.28 -18.22
C ARG TA 49 128.74 -18.93 -18.16
N VAL TA 50 127.78 -18.23 -17.57
CA VAL TA 50 126.40 -18.69 -17.45
C VAL TA 50 125.50 -17.64 -18.09
N ASN TA 51 124.66 -18.07 -19.03
CA ASN TA 51 123.83 -17.13 -19.78
C ASN TA 51 122.46 -16.91 -19.16
N SER TA 52 121.93 -17.87 -18.43
CA SER TA 52 120.58 -17.76 -17.87
C SER TA 52 120.45 -18.72 -16.70
N TRP TA 53 119.31 -18.63 -16.02
CA TRP TA 53 119.05 -19.51 -14.88
C TRP TA 53 118.99 -20.97 -15.31
N LEU TA 54 118.43 -21.23 -16.49
CA LEU TA 54 118.40 -22.60 -17.00
C LEU TA 54 119.82 -23.12 -17.24
N ASP TA 55 120.69 -22.26 -17.78
CA ASP TA 55 122.07 -22.67 -18.01
C ASP TA 55 122.80 -22.93 -16.70
N PHE TA 56 122.52 -22.13 -15.67
CA PHE TA 56 123.15 -22.33 -14.37
C PHE TA 56 122.79 -23.68 -13.77
N THR TA 57 121.49 -24.03 -13.81
CA THR TA 57 121.07 -25.32 -13.27
C THR TA 57 121.61 -26.48 -14.08
N ASN TA 58 121.90 -26.26 -15.35
CA ASN TA 58 122.46 -27.31 -16.18
C ASN TA 58 123.94 -27.54 -15.88
N LEU TA 59 124.65 -26.51 -15.43
CA LEU TA 59 126.08 -26.63 -15.16
C LEU TA 59 126.40 -26.71 -13.68
N PHE TA 60 125.48 -26.35 -12.80
CA PHE TA 60 125.72 -26.34 -11.37
C PHE TA 60 124.55 -26.99 -10.64
N ASN TA 61 124.81 -27.45 -9.43
CA ASN TA 61 123.78 -28.03 -8.58
C ASN TA 61 123.24 -26.95 -7.65
N ALA TA 62 122.00 -26.53 -7.87
CA ALA TA 62 121.40 -25.51 -7.03
C ALA TA 62 121.02 -26.09 -5.68
N GLY TA 63 121.25 -25.31 -4.63
CA GLY TA 63 120.93 -25.76 -3.28
C GLY TA 63 121.56 -24.85 -2.26
N CYS TA 64 121.18 -25.09 -1.01
CA CYS TA 64 121.66 -24.31 0.12
C CYS TA 64 122.73 -25.04 0.92
N ILE TA 65 123.20 -26.18 0.45
CA ILE TA 65 124.21 -26.98 1.14
C ILE TA 65 125.44 -27.05 0.26
N ALA TA 66 126.58 -26.63 0.79
CA ALA TA 66 127.84 -26.69 0.08
C ALA TA 66 128.30 -28.15 -0.05
N PRO TA 67 129.18 -28.44 -1.00
CA PRO TA 67 129.68 -29.81 -1.14
C PRO TA 67 130.33 -30.30 0.15
N ILE TA 68 130.08 -31.57 0.45
CA ILE TA 68 130.53 -32.17 1.71
C ILE TA 68 131.85 -32.86 1.50
N THR TA 69 132.82 -32.58 2.37
CA THR TA 69 134.15 -33.18 2.31
C THR TA 69 134.32 -34.11 3.51
N ILE TA 70 134.76 -35.34 3.25
CA ILE TA 70 134.98 -36.32 4.31
C ILE TA 70 136.47 -36.53 4.53
N VAL TA 114 133.24 -35.77 9.21
CA VAL TA 114 132.79 -35.03 8.04
C VAL TA 114 132.39 -33.62 8.44
N ILE TA 115 132.43 -32.70 7.48
CA ILE TA 115 131.99 -31.33 7.71
C ILE TA 115 131.06 -30.89 6.60
N VAL TA 116 130.14 -29.98 6.94
CA VAL TA 116 129.20 -29.40 5.98
C VAL TA 116 129.20 -27.90 6.17
N ASN TA 117 128.73 -27.20 5.13
CA ASN TA 117 128.67 -25.75 5.16
C ASN TA 117 127.35 -25.28 4.57
N TYR TA 118 126.91 -24.11 4.99
CA TYR TA 118 125.68 -23.50 4.50
C TYR TA 118 126.04 -22.38 3.53
N THR TA 119 125.45 -22.43 2.34
CA THR TA 119 125.76 -21.48 1.28
C THR TA 119 124.48 -20.82 0.77
N THR TA 120 124.56 -19.52 0.53
CA THR TA 120 123.46 -18.75 -0.03
C THR TA 120 123.68 -18.42 -1.50
N SER TA 121 124.65 -19.08 -2.14
CA SER TA 121 125.02 -18.73 -3.50
C SER TA 121 123.89 -18.97 -4.48
N SER TA 122 123.19 -20.11 -4.36
CA SER TA 122 122.16 -20.45 -5.32
C SER TA 122 120.96 -19.50 -5.22
N ASP TA 123 120.52 -19.19 -3.99
CA ASP TA 123 119.40 -18.29 -3.83
C ASP TA 123 119.76 -16.87 -4.24
N ALA TA 124 121.01 -16.46 -3.99
CA ALA TA 124 121.44 -15.13 -4.40
C ALA TA 124 121.41 -14.98 -5.92
N LEU TA 125 121.81 -16.04 -6.64
CA LEU TA 125 121.75 -15.99 -8.10
C LEU TA 125 120.32 -15.91 -8.60
N LYS TA 126 119.39 -16.61 -7.95
CA LYS TA 126 117.99 -16.54 -8.34
C LYS TA 126 117.46 -15.13 -8.17
N LEU TA 127 117.84 -14.47 -7.08
CA LEU TA 127 117.46 -13.07 -6.89
C LEU TA 127 118.09 -12.18 -7.96
N TYR TA 128 119.32 -12.50 -8.36
CA TYR TA 128 120.00 -11.71 -9.38
C TYR TA 128 119.27 -11.81 -10.72
N PHE TA 129 118.84 -13.00 -11.11
CA PHE TA 129 118.15 -13.17 -12.38
C PHE TA 129 116.74 -12.59 -12.32
N GLN TA 130 116.06 -12.69 -11.18
CA GLN TA 130 114.72 -12.15 -11.04
C GLN TA 130 114.71 -10.63 -11.10
N ASN TA 131 115.82 -9.97 -10.77
CA ASN TA 131 115.88 -8.52 -10.73
C ASN TA 131 116.35 -7.91 -12.04
N GLY TA 132 116.58 -8.72 -13.07
CA GLY TA 132 116.94 -8.19 -14.38
C GLY TA 132 118.38 -8.47 -14.78
N GLY TA 133 118.94 -9.57 -14.28
CA GLY TA 133 120.31 -9.89 -14.59
C GLY TA 133 120.45 -10.63 -15.91
N GLY TA 134 121.57 -10.38 -16.59
CA GLY TA 134 121.86 -11.04 -17.84
C GLY TA 134 122.92 -12.12 -17.65
N PRO TA 135 123.70 -12.38 -18.70
CA PRO TA 135 124.78 -13.37 -18.58
C PRO TA 135 125.79 -12.95 -17.52
N CYS TA 136 126.35 -13.95 -16.84
CA CYS TA 136 127.30 -13.69 -15.76
C CYS TA 136 128.33 -14.80 -15.73
N TYR TA 137 129.42 -14.53 -15.01
CA TYR TA 137 130.48 -15.51 -14.81
C TYR TA 137 130.48 -15.96 -13.36
N ILE TA 138 130.72 -17.25 -13.15
CA ILE TA 138 130.69 -17.85 -11.82
C ILE TA 138 132.07 -18.44 -11.52
N LEU TA 139 132.63 -18.05 -10.37
CA LEU TA 139 133.94 -18.54 -9.94
C LEU TA 139 133.75 -19.36 -8.67
N PRO TA 140 133.58 -20.68 -8.77
CA PRO TA 140 133.35 -21.49 -7.57
C PRO TA 140 134.62 -21.65 -6.75
N GLN TA 141 134.48 -21.57 -5.43
CA GLN TA 141 135.57 -21.82 -4.50
C GLN TA 141 135.33 -23.18 -3.86
N LEU TA 142 136.29 -24.09 -4.01
CA LEU TA 142 136.16 -25.45 -3.55
C LEU TA 142 137.16 -25.75 -2.44
N ASP TA 143 136.77 -26.67 -1.55
CA ASP TA 143 137.59 -27.12 -0.43
C ASP TA 143 137.87 -25.92 0.48
N ARG TA 144 139.02 -25.91 1.14
CA ARG TA 144 139.35 -24.85 2.08
C ARG TA 144 139.83 -23.61 1.35
N LEU TA 145 139.66 -22.46 2.00
CA LEU TA 145 140.05 -21.17 1.43
C LEU TA 145 141.54 -20.95 1.67
N THR TA 146 142.35 -21.46 0.76
CA THR TA 146 143.79 -21.29 0.85
C THR TA 146 144.22 -19.93 0.32
N GLN TA 147 145.39 -19.49 0.74
CA GLN TA 147 145.92 -18.22 0.25
C GLN TA 147 146.26 -18.28 -1.23
N GLY TA 148 146.58 -19.47 -1.75
CA GLY TA 148 146.84 -19.60 -3.17
C GLY TA 148 145.64 -19.22 -4.02
N PHE TA 149 144.44 -19.59 -3.58
CA PHE TA 149 143.23 -19.18 -4.29
C PHE TA 149 143.04 -17.68 -4.24
N LEU TA 150 143.29 -17.06 -3.10
CA LEU TA 150 143.08 -15.62 -2.95
C LEU TA 150 144.01 -14.83 -3.87
N ASP TA 151 145.27 -15.25 -3.97
CA ASP TA 151 146.23 -14.54 -4.81
C ASP TA 151 145.86 -14.66 -6.28
N SER TA 152 145.29 -15.79 -6.68
CA SER TA 152 144.93 -16.03 -8.07
C SER TA 152 143.64 -15.35 -8.49
N ILE TA 153 142.85 -14.84 -7.54
CA ILE TA 153 141.56 -14.25 -7.89
C ILE TA 153 141.70 -13.08 -8.85
N PRO TA 154 142.57 -12.08 -8.63
CA PRO TA 154 142.69 -11.00 -9.62
C PRO TA 154 143.12 -11.48 -10.99
N GLU TA 155 143.97 -12.51 -11.06
CA GLU TA 155 144.41 -13.01 -12.36
C GLU TA 155 143.29 -13.75 -13.08
N LEU TA 156 142.52 -14.56 -12.34
CA LEU TA 156 141.43 -15.30 -12.96
C LEU TA 156 140.37 -14.37 -13.52
N ILE TA 157 140.04 -13.30 -12.78
CA ILE TA 157 139.04 -12.36 -13.25
C ILE TA 157 139.52 -11.64 -14.51
N LYS TA 158 140.79 -11.23 -14.53
CA LYS TA 158 141.33 -10.56 -15.72
C LYS TA 158 141.34 -11.48 -16.92
N GLN TA 159 141.50 -12.79 -16.71
CA GLN TA 159 141.53 -13.72 -17.84
C GLN TA 159 140.19 -13.74 -18.57
N ALA TA 160 139.09 -13.66 -17.83
CA ALA TA 160 137.78 -13.47 -18.44
C ALA TA 160 137.65 -12.00 -18.83
N LEU TA 161 137.53 -11.74 -20.13
CA LEU TA 161 137.67 -10.39 -20.65
C LEU TA 161 136.43 -9.53 -20.48
N GLU TA 162 135.28 -10.15 -20.17
CA GLU TA 162 134.01 -9.43 -20.18
C GLU TA 162 133.56 -8.99 -18.79
N ILE TA 163 134.36 -9.23 -17.75
CA ILE TA 163 133.93 -8.92 -16.39
C ILE TA 163 133.92 -7.41 -16.18
N THR TA 164 132.87 -6.91 -15.51
CA THR TA 164 132.77 -5.50 -15.19
C THR TA 164 132.42 -5.28 -13.73
N LEU TA 165 131.75 -6.26 -13.12
CA LEU TA 165 131.32 -6.15 -11.73
C LEU TA 165 131.79 -7.35 -10.93
N ILE TA 166 132.06 -7.12 -9.65
CA ILE TA 166 132.51 -8.17 -8.74
C ILE TA 166 131.55 -8.24 -7.56
N VAL TA 167 131.05 -9.44 -7.28
CA VAL TA 167 130.08 -9.67 -6.21
C VAL TA 167 130.46 -10.95 -5.47
N CYS TA 168 130.39 -10.90 -4.14
CA CYS TA 168 130.60 -12.08 -3.30
C CYS TA 168 129.30 -12.39 -2.56
N PRO TA 169 128.47 -13.29 -3.07
CA PRO TA 169 127.15 -13.57 -2.46
C PRO TA 169 127.20 -14.64 -1.37
N GLU TA 170 127.84 -14.32 -0.25
CA GLU TA 170 127.94 -15.25 0.86
C GLU TA 170 127.52 -14.54 2.15
N TRP TA 171 126.74 -15.24 2.98
CA TRP TA 171 126.26 -14.64 4.21
C TRP TA 171 127.34 -14.49 5.27
N ASP TA 172 128.37 -15.31 5.22
CA ASP TA 172 129.43 -15.25 6.23
C ASP TA 172 130.22 -13.95 6.09
N SER TA 173 130.37 -13.23 7.19
CA SER TA 173 131.07 -11.95 7.16
C SER TA 173 132.57 -12.14 7.02
N GLY TA 174 133.13 -13.13 7.72
CA GLY TA 174 134.55 -13.39 7.62
C GLY TA 174 134.98 -13.86 6.25
N TYR TA 175 134.15 -14.72 5.63
CA TYR TA 175 134.45 -15.18 4.28
C TYR TA 175 134.42 -14.02 3.29
N GLN TA 176 133.44 -13.13 3.41
CA GLN TA 176 133.36 -11.98 2.53
C GLN TA 176 134.53 -11.04 2.74
N SER TA 177 134.96 -10.85 3.99
CA SER TA 177 136.05 -9.94 4.27
C SER TA 177 137.35 -10.43 3.62
N LYS TA 178 137.60 -11.74 3.66
CA LYS TA 178 138.80 -12.28 3.04
C LYS TA 178 138.79 -12.07 1.53
N ILE TA 179 137.64 -12.24 0.89
CA ILE TA 179 137.56 -12.09 -0.56
C ILE TA 179 137.74 -10.63 -0.96
N TYR TA 180 137.12 -9.71 -0.22
CA TYR TA 180 137.24 -8.29 -0.54
C TYR TA 180 138.69 -7.82 -0.42
N ASN TA 181 139.40 -8.29 0.60
CA ASN TA 181 140.80 -7.92 0.77
C ASN TA 181 141.70 -8.52 -0.30
N SER TA 182 141.21 -9.51 -1.04
CA SER TA 182 142.02 -10.13 -2.09
C SER TA 182 141.95 -9.38 -3.41
N LEU TA 183 141.16 -8.31 -3.49
CA LEU TA 183 141.05 -7.51 -4.71
C LEU TA 183 142.11 -6.42 -4.65
N THR TA 184 143.16 -6.56 -5.45
CA THR TA 184 144.26 -5.62 -5.45
C THR TA 184 143.85 -4.30 -6.10
N SER TA 185 144.56 -3.23 -5.75
CA SER TA 185 144.26 -1.92 -6.31
C SER TA 185 144.51 -1.89 -7.82
N SER TA 186 145.42 -2.73 -8.32
CA SER TA 186 145.64 -2.81 -9.75
C SER TA 186 144.42 -3.36 -10.47
N LEU TA 187 143.73 -4.33 -9.84
CA LEU TA 187 142.54 -4.90 -10.46
C LEU TA 187 141.40 -3.88 -10.50
N LEU TA 188 141.15 -3.20 -9.38
CA LEU TA 188 140.03 -2.26 -9.33
C LEU TA 188 140.26 -1.07 -10.25
N ASN TA 189 141.50 -0.57 -10.29
CA ASN TA 189 141.80 0.56 -11.16
C ASN TA 189 141.79 0.18 -12.64
N ALA TA 190 141.74 -1.12 -12.95
CA ALA TA 190 141.69 -1.56 -14.34
C ALA TA 190 140.29 -1.51 -14.92
N GLY TA 191 139.34 -0.85 -14.26
CA GLY TA 191 138.00 -0.71 -14.79
C GLY TA 191 137.03 -1.73 -14.23
N TYR TA 192 137.15 -2.03 -12.93
CA TYR TA 192 136.25 -2.98 -12.28
C TYR TA 192 135.60 -2.29 -11.09
N PHE TA 193 134.33 -2.60 -10.88
CA PHE TA 193 133.54 -2.02 -9.80
C PHE TA 193 133.09 -3.13 -8.87
N LEU TA 194 133.26 -2.91 -7.56
CA LEU TA 194 132.93 -3.91 -6.55
C LEU TA 194 131.65 -3.51 -5.83
N ILE TA 195 130.69 -4.43 -5.77
CA ILE TA 195 129.49 -4.26 -4.98
C ILE TA 195 129.63 -5.09 -3.72
N ALA TA 196 129.57 -4.44 -2.56
CA ALA TA 196 129.86 -5.08 -1.29
C ALA TA 196 128.66 -4.99 -0.35
N ASP TA 197 128.58 -5.95 0.57
CA ASP TA 197 127.55 -5.94 1.60
C ASP TA 197 128.16 -5.44 2.91
N ASN TA 198 127.63 -4.33 3.42
CA ASN TA 198 128.07 -3.83 4.72
C ASN TA 198 127.43 -4.65 5.84
N GLN TA 199 128.26 -5.05 6.81
CA GLN TA 199 127.80 -5.86 7.93
C GLN TA 199 127.53 -5.04 9.17
N ASP TA 200 127.60 -3.71 9.06
CA ASP TA 200 127.38 -2.85 10.22
C ASP TA 200 126.73 -1.56 9.74
N LYS TA 201 125.92 -0.97 10.61
CA LYS TA 201 125.22 0.27 10.30
C LYS TA 201 126.05 1.52 10.59
N ASN TA 202 127.14 1.39 11.34
CA ASN TA 202 127.87 2.56 11.84
C ASN TA 202 129.27 2.70 11.27
N THR TA 203 129.83 1.65 10.69
CA THR TA 203 131.20 1.70 10.17
C THR TA 203 131.21 1.21 8.73
N ALA TA 204 131.84 1.98 7.86
CA ALA TA 204 131.91 1.65 6.45
C ALA TA 204 133.01 0.63 6.18
N LEU TA 205 132.85 -0.11 5.09
CA LEU TA 205 133.87 -1.07 4.68
C LEU TA 205 135.11 -0.35 4.17
N ILE TA 206 136.25 -1.04 4.24
CA ILE TA 206 137.52 -0.53 3.76
C ILE TA 206 138.01 -1.44 2.65
N THR TA 207 138.31 -0.85 1.49
CA THR TA 207 138.84 -1.58 0.35
C THR TA 207 140.08 -0.87 -0.17
N GLU TA 208 140.80 -1.55 -1.07
CA GLU TA 208 142.01 -0.97 -1.63
C GLU TA 208 141.73 0.28 -2.46
N VAL TA 209 140.62 0.30 -3.20
CA VAL TA 209 140.22 1.50 -3.94
C VAL TA 209 138.84 1.91 -3.47
N ALA TA 210 138.74 3.08 -2.82
CA ALA TA 210 137.47 3.51 -2.25
C ALA TA 210 136.50 3.97 -3.34
N SER TA 211 137.00 4.70 -4.33
CA SER TA 211 136.14 5.28 -5.36
C SER TA 211 135.54 4.25 -6.30
N GLN TA 212 136.02 3.00 -6.27
CA GLN TA 212 135.52 1.95 -7.13
C GLN TA 212 134.72 0.90 -6.36
N THR TA 213 134.11 1.28 -5.24
CA THR TA 213 133.39 0.35 -4.38
C THR TA 213 132.10 1.00 -3.88
N ALA TA 214 131.05 0.18 -3.74
CA ALA TA 214 129.79 0.61 -3.17
C ALA TA 214 129.32 -0.44 -2.18
N THR TA 215 128.78 0.02 -1.04
CA THR TA 215 128.30 -0.85 0.01
C THR TA 215 126.81 -0.60 0.26
N TYR TA 216 126.08 -1.69 0.50
CA TYR TA 216 124.64 -1.63 0.69
C TYR TA 216 124.27 -2.34 1.99
N TYR TA 217 123.25 -1.81 2.67
CA TYR TA 217 122.82 -2.31 3.96
C TYR TA 217 121.32 -2.05 4.09
N PRO TA 218 120.56 -2.98 4.69
CA PRO TA 218 120.95 -4.30 5.20
C PRO TA 218 120.63 -5.43 4.22
N ALA TA 219 120.80 -6.67 4.65
CA ALA TA 219 120.46 -7.80 3.80
C ALA TA 219 118.94 -7.91 3.66
N VAL TA 220 118.52 -8.89 2.86
CA VAL TA 220 117.11 -9.09 2.53
C VAL TA 220 116.69 -10.49 2.92
N LYS TA 221 115.41 -10.66 3.20
CA LYS TA 221 114.85 -11.97 3.50
C LYS TA 221 114.08 -12.52 2.29
N VAL TA 222 113.97 -13.84 2.25
CA VAL TA 222 113.17 -14.52 1.23
C VAL TA 222 112.26 -15.52 1.92
N SER TA 223 111.19 -15.89 1.21
CA SER TA 223 110.19 -16.77 1.80
C SER TA 223 110.70 -18.20 1.95
N GLN TA 224 111.50 -18.68 1.01
CA GLN TA 224 111.99 -20.05 1.06
C GLN TA 224 113.34 -20.13 0.36
N LEU TA 225 114.10 -21.16 0.72
CA LEU TA 225 115.38 -21.45 0.09
C LEU TA 225 115.25 -22.64 -0.86
N ILE TA 226 116.19 -22.73 -1.79
CA ILE TA 226 116.19 -23.82 -2.76
C ILE TA 226 116.72 -25.08 -2.07
N GLN TA 227 115.90 -26.13 -2.08
CA GLN TA 227 116.29 -27.42 -1.50
C GLN TA 227 116.62 -28.40 -2.61
N ALA TA 228 117.69 -29.16 -2.42
CA ALA TA 228 118.17 -30.10 -3.41
C ALA TA 228 118.05 -31.53 -2.91
N GLU TA 229 117.83 -32.45 -3.84
CA GLU TA 229 117.76 -33.86 -3.50
C GLU TA 229 119.15 -34.37 -3.11
N ASP TA 230 119.16 -35.58 -2.53
CA ASP TA 230 120.42 -36.15 -2.08
C ASP TA 230 121.37 -36.41 -3.24
N SER TA 231 120.84 -36.73 -4.42
CA SER TA 231 121.69 -36.98 -5.58
C SER TA 231 122.36 -35.72 -6.09
N GLN TA 232 121.87 -34.54 -5.71
CA GLN TA 232 122.42 -33.28 -6.17
C GLN TA 232 123.35 -32.62 -5.15
N ILE TA 233 123.59 -33.25 -4.02
CA ILE TA 233 124.52 -32.74 -3.01
C ILE TA 233 125.85 -33.45 -3.19
N ALA TA 234 126.89 -32.71 -3.54
CA ALA TA 234 128.19 -33.30 -3.82
C ALA TA 234 128.83 -33.81 -2.54
N VAL TA 235 129.34 -35.04 -2.60
CA VAL TA 235 130.04 -35.68 -1.48
C VAL TA 235 131.34 -36.25 -2.01
N SER TA 236 132.44 -35.98 -1.32
CA SER TA 236 133.74 -36.51 -1.72
C SER TA 236 134.60 -36.70 -0.48
N GLY TA 237 135.60 -37.58 -0.60
CA GLY TA 237 136.52 -37.87 0.47
C GLY TA 237 136.26 -39.16 1.21
N TYR TA 238 135.09 -39.77 1.03
CA TYR TA 238 134.80 -41.03 1.71
C TYR TA 238 135.63 -42.16 1.13
N GLU TA 239 136.10 -43.05 2.00
CA GLU TA 239 136.89 -44.19 1.58
C GLU TA 239 136.83 -45.26 2.65
N ASP TA 240 136.81 -46.52 2.22
CA ASP TA 240 136.83 -47.66 3.13
C ASP TA 240 137.71 -48.74 2.50
N ALA TA 241 137.71 -49.93 3.11
CA ALA TA 241 138.57 -51.00 2.63
C ALA TA 241 138.19 -51.46 1.23
N LYS TA 242 136.90 -51.61 0.97
CA LYS TA 242 136.44 -52.18 -0.30
C LYS TA 242 136.18 -51.13 -1.38
N THR TA 243 136.24 -49.84 -1.04
CA THR TA 243 135.92 -48.78 -2.00
C THR TA 243 137.03 -47.75 -2.03
N LYS TA 244 137.29 -47.23 -3.22
CA LYS TA 244 138.23 -46.13 -3.40
C LYS TA 244 137.55 -44.80 -3.08
N SER TA 245 138.35 -43.75 -3.03
CA SER TA 245 137.83 -42.43 -2.67
C SER TA 245 136.93 -41.84 -3.75
N ASP TA 246 137.04 -42.31 -4.99
CA ASP TA 246 136.30 -41.73 -6.11
C ASP TA 246 134.99 -42.45 -6.39
N GLU TA 247 134.62 -43.46 -5.61
CA GLU TA 247 133.42 -44.23 -5.88
C GLU TA 247 132.17 -43.62 -5.27
N VAL TA 248 132.30 -42.60 -4.43
CA VAL TA 248 131.16 -41.92 -3.82
C VAL TA 248 131.18 -40.48 -4.30
N LYS TA 249 130.08 -40.05 -4.93
CA LYS TA 249 130.00 -38.72 -5.52
C LYS TA 249 128.94 -37.82 -4.90
N ASN TA 250 127.82 -38.37 -4.43
CA ASN TA 250 126.75 -37.56 -3.88
C ASN TA 250 126.20 -38.24 -2.63
N LEU TA 251 125.23 -37.57 -1.99
CA LEU TA 251 124.65 -38.07 -0.76
C LEU TA 251 123.87 -39.36 -0.98
N ALA TA 252 123.24 -39.51 -2.15
CA ALA TA 252 122.46 -40.71 -2.41
C ALA TA 252 123.34 -41.95 -2.44
N GLN TA 253 124.50 -41.87 -3.08
CA GLN TA 253 125.43 -43.00 -3.09
C GLN TA 253 125.98 -43.26 -1.69
N LEU TA 254 126.19 -42.19 -0.91
CA LEU TA 254 126.70 -42.34 0.45
C LEU TA 254 125.70 -43.10 1.32
N LYS TA 255 124.40 -42.84 1.13
CA LYS TA 255 123.39 -43.47 1.97
C LYS TA 255 123.37 -44.98 1.80
N GLU TA 256 123.47 -45.46 0.55
CA GLU TA 256 123.36 -46.88 0.29
C GLU TA 256 124.67 -47.64 0.51
N LYS TA 257 125.76 -46.93 0.84
CA LYS TA 257 127.03 -47.58 1.08
C LYS TA 257 127.44 -47.61 2.54
N ASN TA 258 127.02 -46.62 3.33
CA ASN TA 258 127.37 -46.56 4.74
C ASN TA 258 126.37 -45.69 5.48
N PRO TA 259 125.26 -46.26 5.97
CA PRO TA 259 124.25 -45.44 6.66
C PRO TA 259 124.76 -44.74 7.90
N THR TA 260 125.82 -45.25 8.54
CA THR TA 260 126.30 -44.65 9.78
C THR TA 260 126.82 -43.24 9.54
N VAL TA 261 127.73 -43.07 8.56
CA VAL TA 261 128.22 -41.74 8.25
C VAL TA 261 127.14 -40.91 7.56
N TYR TA 262 126.22 -41.57 6.85
CA TYR TA 262 125.10 -40.85 6.26
C TYR TA 262 124.25 -40.19 7.33
N GLN TA 263 123.98 -40.91 8.43
CA GLN TA 263 123.24 -40.31 9.54
C GLN TA 263 124.07 -39.21 10.19
N GLN TA 264 125.40 -39.33 10.15
CA GLN TA 264 126.25 -38.27 10.64
C GLN TA 264 126.08 -36.99 9.84
N ALA TA 265 125.96 -37.13 8.51
CA ALA TA 265 125.84 -35.95 7.65
C ALA TA 265 124.47 -35.30 7.79
N VAL TA 266 123.40 -36.09 7.79
CA VAL TA 266 122.06 -35.53 7.85
C VAL TA 266 121.81 -34.82 9.18
N GLN TA 267 122.53 -35.20 10.23
CA GLN TA 267 122.39 -34.52 11.51
C GLN TA 267 122.84 -33.07 11.39
N LYS TA 268 123.99 -32.84 10.75
CA LYS TA 268 124.48 -31.47 10.56
C LYS TA 268 123.60 -30.70 9.59
N ILE TA 269 123.10 -31.37 8.56
CA ILE TA 269 122.21 -30.70 7.61
C ILE TA 269 120.93 -30.26 8.30
N GLN TA 270 120.35 -31.15 9.11
CA GLN TA 270 119.14 -30.79 9.84
C GLN TA 270 119.42 -29.69 10.87
N ALA TA 271 120.58 -29.73 11.51
CA ALA TA 271 120.95 -28.67 12.44
C ALA TA 271 121.10 -27.34 11.73
N ILE TA 272 121.70 -27.34 10.53
CA ILE TA 272 121.83 -26.12 9.75
C ILE TA 272 120.46 -25.62 9.33
N GLN TA 273 119.58 -26.53 8.89
CA GLN TA 273 118.25 -26.14 8.44
C GLN TA 273 117.45 -25.52 9.59
N ASP TA 274 117.61 -26.05 10.80
CA ASP TA 274 116.95 -25.46 11.96
C ASP TA 274 117.48 -24.06 12.24
N GLU TA 275 118.81 -23.88 12.16
CA GLU TA 275 119.41 -22.59 12.46
C GLU TA 275 118.98 -21.52 11.47
N ILE TA 276 118.95 -21.86 10.17
CA ILE TA 276 118.56 -20.88 9.16
C ILE TA 276 117.07 -20.56 9.28
N ALA TA 277 116.27 -21.52 9.74
CA ALA TA 277 114.84 -21.25 9.91
C ALA TA 277 114.57 -20.31 11.08
N ALA TA 278 115.36 -20.41 12.15
CA ALA TA 278 115.16 -19.56 13.31
C ALA TA 278 115.44 -18.09 12.98
N ASN TA 279 116.60 -17.82 12.37
CA ASN TA 279 117.00 -16.46 12.05
C ASN TA 279 116.35 -15.94 10.78
N GLY TA 280 115.67 -16.78 10.04
CA GLY TA 280 115.07 -16.35 8.77
C GLY TA 280 116.02 -16.54 7.61
N ASN TA 281 115.44 -16.73 6.43
CA ASN TA 281 116.21 -16.96 5.21
C ASN TA 281 116.77 -15.61 4.74
N ILE TA 282 117.97 -15.30 5.22
CA ILE TA 282 118.62 -14.02 4.95
C ILE TA 282 119.59 -14.21 3.79
N ILE TA 283 119.50 -13.33 2.80
CA ILE TA 283 120.34 -13.40 1.60
C ILE TA 283 121.14 -12.11 1.50
N PRO TA 284 122.43 -12.17 1.13
CA PRO TA 284 123.18 -10.93 0.92
C PRO TA 284 122.57 -10.09 -0.19
N VAL TA 285 122.60 -8.76 0.00
CA VAL TA 285 121.92 -7.85 -0.92
C VAL TA 285 122.77 -7.48 -2.13
N SER TA 286 124.03 -7.88 -2.16
CA SER TA 286 124.90 -7.54 -3.30
C SER TA 286 124.40 -8.17 -4.58
N ALA TA 287 123.93 -9.42 -4.51
CA ALA TA 287 123.44 -10.10 -5.71
C ALA TA 287 122.22 -9.42 -6.28
N VAL TA 288 121.37 -8.86 -5.41
CA VAL TA 288 120.18 -8.15 -5.89
C VAL TA 288 120.59 -6.89 -6.65
N MET TA 289 121.54 -6.14 -6.11
CA MET TA 289 121.93 -4.88 -6.73
C MET TA 289 122.64 -5.10 -8.05
N ALA TA 290 123.27 -6.27 -8.23
CA ALA TA 290 123.89 -6.58 -9.51
C ALA TA 290 122.85 -6.65 -10.62
N GLY TA 291 121.69 -7.25 -10.33
CA GLY TA 291 120.62 -7.27 -11.32
C GLY TA 291 120.05 -5.89 -11.60
N ILE TA 292 119.94 -5.06 -10.55
CA ILE TA 292 119.43 -3.71 -10.73
C ILE TA 292 120.38 -2.89 -11.59
N TYR TA 293 121.69 -3.11 -11.45
CA TYR TA 293 122.64 -2.46 -12.32
C TYR TA 293 122.41 -2.82 -13.78
N CYS TA 294 122.15 -4.10 -14.05
CA CYS TA 294 121.90 -4.54 -15.42
C CYS TA 294 120.61 -3.94 -15.95
N ALA TA 295 119.55 -3.93 -15.13
CA ALA TA 295 118.27 -3.40 -15.57
C ALA TA 295 118.35 -1.91 -15.84
N THR TA 296 119.00 -1.16 -14.96
CA THR TA 296 119.09 0.30 -15.14
C THR TA 296 119.91 0.65 -16.37
N ASP TA 297 121.02 -0.05 -16.61
CA ASP TA 297 121.87 0.26 -17.75
C ASP TA 297 121.15 0.02 -19.06
N ALA TA 298 120.43 -1.09 -19.17
CA ALA TA 298 119.70 -1.38 -20.41
C ALA TA 298 118.55 -0.40 -20.63
N SER TA 299 117.85 -0.01 -19.56
CA SER TA 299 116.68 0.84 -19.69
C SER TA 299 117.07 2.31 -19.81
N ARG TA 300 117.72 2.85 -18.79
CA ARG TA 300 118.03 4.27 -18.74
C ARG TA 300 119.45 4.59 -19.20
N GLY TA 301 120.42 3.78 -18.84
CA GLY TA 301 121.81 4.01 -19.19
C GLY TA 301 122.70 4.04 -17.97
N VAL TA 302 124.02 4.01 -18.25
CA VAL TA 302 125.00 3.97 -17.18
C VAL TA 302 125.01 5.27 -16.38
N TRP TA 303 124.76 6.40 -17.05
CA TRP TA 303 124.81 7.71 -16.39
C TRP TA 303 123.65 7.94 -15.42
N LYS TA 304 122.65 7.08 -15.42
CA LYS TA 304 121.53 7.21 -14.49
C LYS TA 304 121.84 6.48 -13.19
N ALA TA 305 121.46 7.10 -12.07
CA ALA TA 305 121.75 6.53 -10.77
C ALA TA 305 121.00 5.22 -10.58
N PRO TA 306 121.63 4.19 -10.00
CA PRO TA 306 120.96 2.90 -9.83
C PRO TA 306 119.97 2.89 -8.66
N ALA TA 307 119.65 4.05 -8.12
CA ALA TA 307 118.78 4.17 -6.96
C ALA TA 307 117.34 4.43 -7.43
N ASN TA 308 116.44 4.51 -6.44
CA ASN TA 308 115.00 4.71 -6.70
C ASN TA 308 114.44 3.60 -7.60
N ILE TA 309 114.82 2.36 -7.32
CA ILE TA 309 114.33 1.19 -8.04
C ILE TA 309 113.74 0.22 -7.03
N VAL TA 310 112.61 -0.38 -7.38
CA VAL TA 310 111.90 -1.28 -6.48
C VAL TA 310 112.47 -2.68 -6.61
N LEU TA 311 112.74 -3.31 -5.47
CA LEU TA 311 113.23 -4.69 -5.45
C LEU TA 311 112.08 -5.66 -5.69
N SER TA 312 112.40 -6.82 -6.26
CA SER TA 312 111.43 -7.85 -6.54
C SER TA 312 111.96 -9.20 -6.09
N GLY TA 313 111.05 -10.10 -5.74
CA GLY TA 313 111.40 -11.45 -5.34
C GLY TA 313 111.80 -11.61 -3.89
N ILE TA 314 111.82 -10.52 -3.12
CA ILE TA 314 112.20 -10.58 -1.72
C ILE TA 314 110.94 -10.50 -0.87
N SER TA 315 111.06 -10.87 0.40
CA SER TA 315 109.94 -10.86 1.34
C SER TA 315 110.04 -9.73 2.36
N ASP TA 316 111.21 -9.51 2.94
CA ASP TA 316 111.40 -8.47 3.94
C ASP TA 316 112.88 -8.13 4.01
N VAL TA 317 113.17 -7.00 4.65
CA VAL TA 317 114.56 -6.62 4.88
C VAL TA 317 114.98 -7.06 6.27
N ALA TA 318 116.29 -7.22 6.45
CA ALA TA 318 116.82 -7.70 7.72
C ALA TA 318 116.68 -6.68 8.84
N GLU TA 319 116.48 -5.40 8.51
CA GLU TA 319 116.33 -4.35 9.51
C GLU TA 319 115.55 -3.19 8.91
N ARG TA 320 114.65 -2.62 9.72
CA ARG TA 320 113.91 -1.44 9.32
C ARG TA 320 114.68 -0.19 9.77
N LEU TA 321 114.89 0.73 8.84
CA LEU TA 321 115.68 1.92 9.08
C LEU TA 321 114.82 3.16 9.15
N THR TA 322 115.25 4.13 9.96
CA THR TA 322 114.61 5.43 10.05
C THR TA 322 115.40 6.43 9.22
N ASP TA 323 114.81 7.61 9.02
CA ASP TA 323 115.50 8.65 8.26
C ASP TA 323 116.75 9.14 8.96
N ASP TA 324 116.72 9.26 10.29
CA ASP TA 324 117.89 9.74 11.02
C ASP TA 324 119.05 8.75 10.91
N GLU TA 325 118.76 7.45 11.04
CA GLU TA 325 119.82 6.46 10.87
C GLU TA 325 120.35 6.46 9.45
N GLN TA 326 119.47 6.64 8.47
CA GLN TA 326 119.90 6.71 7.07
C GLN TA 326 120.75 7.96 6.82
N GLY TA 327 120.51 9.02 7.59
CA GLY TA 327 121.31 10.22 7.44
C GLY TA 327 122.75 10.02 7.84
N GLU TA 328 122.98 9.21 8.88
CA GLU TA 328 124.35 8.93 9.31
C GLU TA 328 125.04 8.00 8.31
N MET TA 329 124.32 7.02 7.79
CA MET TA 329 124.90 6.08 6.83
C MET TA 329 125.29 6.79 5.54
N ASN TA 330 124.42 7.70 5.07
CA ASN TA 330 124.66 8.34 3.78
C ASN TA 330 125.92 9.20 3.81
N SER TA 331 126.15 9.91 4.91
CA SER TA 331 127.37 10.72 5.03
C SER TA 331 128.61 9.84 5.01
N LYS TA 332 128.54 8.66 5.63
CA LYS TA 332 129.67 7.75 5.64
C LYS TA 332 129.84 6.99 4.33
N GLY TA 333 128.84 7.02 3.47
CA GLY TA 333 128.92 6.34 2.19
C GLY TA 333 128.24 5.00 2.11
N ILE TA 334 127.29 4.70 2.99
CA ILE TA 334 126.61 3.41 3.01
C ILE TA 334 125.21 3.61 2.45
N ASN TA 335 124.94 3.00 1.30
CA ASN TA 335 123.62 3.08 0.69
C ASN TA 335 122.67 2.12 1.39
N ALA TA 336 121.42 2.54 1.54
CA ALA TA 336 120.44 1.81 2.34
C ALA TA 336 119.30 1.29 1.48
N ILE TA 337 118.80 0.12 1.84
CA ILE TA 337 117.54 -0.38 1.29
C ILE TA 337 116.42 0.02 2.23
N ARG TA 338 115.51 0.87 1.74
CA ARG TA 338 114.47 1.46 2.56
C ARG TA 338 113.11 0.89 2.19
N TYR TA 339 112.20 0.90 3.15
CA TYR TA 339 110.83 0.48 2.94
C TYR TA 339 109.91 1.69 2.99
N PHE TA 340 109.15 1.90 1.92
CA PHE TA 340 108.16 2.96 1.84
C PHE TA 340 106.80 2.35 1.54
N SER TA 341 105.78 2.79 2.28
CA SER TA 341 104.47 2.17 2.18
C SER TA 341 103.88 2.33 0.78
N HIS TA 342 104.00 3.52 0.19
CA HIS TA 342 103.44 3.76 -1.12
C HIS TA 342 104.26 3.15 -2.25
N LYS TA 343 105.51 2.74 -1.98
CA LYS TA 343 106.37 2.14 -3.00
C LYS TA 343 106.68 0.68 -2.70
N GLY TA 344 107.24 0.40 -1.52
CA GLY TA 344 107.69 -0.94 -1.19
C GLY TA 344 109.13 -0.96 -0.76
N PHE TA 345 109.91 -1.91 -1.27
CA PHE TA 345 111.33 -2.01 -0.98
C PHE TA 345 112.10 -1.38 -2.14
N VAL TA 346 112.87 -0.33 -1.85
CA VAL TA 346 113.56 0.43 -2.88
C VAL TA 346 115.00 0.67 -2.47
N VAL TA 347 115.83 0.98 -3.45
CA VAL TA 347 117.22 1.36 -3.22
C VAL TA 347 117.26 2.86 -2.98
N TRP TA 348 117.89 3.28 -1.90
CA TRP TA 348 117.85 4.70 -1.53
C TRP TA 348 119.26 5.25 -1.33
N GLY TA 349 120.16 4.97 -2.26
CA GLY TA 349 121.51 5.52 -2.20
C GLY TA 349 122.28 5.31 -3.47
N ALA TA 350 123.09 6.30 -3.85
CA ALA TA 350 123.90 6.21 -5.07
C ALA TA 350 125.30 6.74 -4.82
N ARG TA 351 125.84 6.51 -3.63
CA ARG TA 351 127.16 7.00 -3.27
C ARG TA 351 128.19 5.88 -3.32
N THR TA 352 129.45 6.29 -3.47
CA THR TA 352 130.57 5.36 -3.36
C THR TA 352 131.28 5.59 -2.02
N LEU TA 353 132.31 4.80 -1.77
CA LEU TA 353 133.04 4.90 -0.50
C LEU TA 353 133.94 6.13 -0.43
N GLN TA 354 134.26 6.75 -1.56
CA GLN TA 354 135.07 7.96 -1.57
C GLN TA 354 134.16 9.18 -1.61
N ASN TA 355 134.44 10.14 -0.74
CA ASN TA 355 133.61 11.33 -0.58
C ASN TA 355 134.42 12.54 -1.03
N ASP TA 356 134.31 12.86 -2.32
CA ASP TA 356 134.93 14.05 -2.87
C ASP TA 356 134.11 14.50 -4.07
N ASP TA 357 134.43 15.68 -4.58
CA ASP TA 357 133.65 16.26 -5.67
C ASP TA 357 133.78 15.50 -6.99
N ASN TA 358 134.73 14.56 -7.08
CA ASN TA 358 134.95 13.84 -8.32
C ASN TA 358 134.17 12.53 -8.39
N TRP TA 359 134.43 11.63 -7.43
CA TRP TA 359 133.90 10.27 -7.48
C TRP TA 359 132.94 9.98 -6.34
N ARG TA 360 132.07 10.94 -6.00
CA ARG TA 360 131.13 10.74 -4.91
C ARG TA 360 129.98 9.83 -5.33
N TYR TA 361 129.51 9.95 -6.56
CA TYR TA 361 128.30 9.28 -7.01
C TYR TA 361 128.64 8.08 -7.87
N ILE TA 362 127.84 7.01 -7.73
CA ILE TA 362 128.02 5.83 -8.56
C ILE TA 362 127.85 6.13 -10.05
N PRO TA 363 126.80 6.84 -10.49
CA PRO TA 363 126.65 7.07 -11.95
C PRO TA 363 127.83 7.81 -12.56
N VAL TA 364 128.47 8.71 -11.83
CA VAL TA 364 129.63 9.41 -12.36
C VAL TA 364 130.81 8.45 -12.52
N ARG TA 365 131.06 7.63 -11.50
CA ARG TA 365 132.17 6.69 -11.55
C ARG TA 365 131.97 5.64 -12.63
N ARG TA 366 130.75 5.09 -12.73
CA ARG TA 366 130.50 4.02 -13.69
C ARG TA 366 130.51 4.53 -15.12
N LEU TA 367 130.08 5.77 -15.33
CA LEU TA 367 130.12 6.34 -16.68
C LEU TA 367 131.55 6.46 -17.19
N PHE TA 368 132.46 6.94 -16.33
CA PHE TA 368 133.86 7.06 -16.74
C PHE TA 368 134.47 5.69 -17.01
N ASN TA 369 134.11 4.69 -16.21
CA ASN TA 369 134.59 3.34 -16.45
C ASN TA 369 134.10 2.81 -17.79
N ALA TA 370 132.83 3.08 -18.14
CA ALA TA 370 132.31 2.65 -19.42
C ALA TA 370 132.98 3.38 -20.57
N ALA TA 371 133.23 4.68 -20.42
CA ALA TA 371 133.83 5.46 -21.49
C ALA TA 371 135.27 5.03 -21.75
N GLU TA 372 136.06 4.85 -20.69
CA GLU TA 372 137.46 4.47 -20.89
C GLU TA 372 137.58 3.04 -21.40
N ARG TA 373 136.61 2.18 -21.05
CA ARG TA 373 136.62 0.83 -21.58
C ARG TA 373 136.32 0.81 -23.08
N ASP TA 374 135.33 1.60 -23.50
CA ASP TA 374 134.96 1.63 -24.91
C ASP TA 374 136.03 2.33 -25.75
N ILE TA 375 136.62 3.40 -25.21
CA ILE TA 375 137.70 4.09 -25.92
C ILE TA 375 138.91 3.16 -26.06
N LYS TA 376 139.23 2.41 -25.00
CA LYS TA 376 140.33 1.47 -25.06
C LYS TA 376 140.09 0.40 -26.13
N GLN TA 377 138.84 -0.06 -26.26
CA GLN TA 377 138.51 -1.02 -27.30
C GLN TA 377 138.73 -0.41 -28.69
N ALA TA 378 138.38 0.86 -28.86
CA ALA TA 378 138.59 1.52 -30.14
C ALA TA 378 140.06 1.71 -30.45
N MET TA 379 140.89 1.97 -29.43
CA MET TA 379 142.31 2.22 -29.65
C MET TA 379 143.11 0.95 -29.88
N GLN TA 380 142.52 -0.23 -29.69
CA GLN TA 380 143.27 -1.47 -29.83
C GLN TA 380 143.57 -1.83 -31.29
N SER TA 381 142.96 -1.14 -32.25
CA SER TA 381 143.25 -1.33 -33.66
C SER TA 381 144.33 -0.38 -34.16
N VAL TA 382 145.07 0.26 -33.26
CA VAL TA 382 146.05 1.27 -33.60
C VAL TA 382 147.37 0.91 -32.91
N VAL TA 383 147.39 -0.22 -32.22
CA VAL TA 383 148.47 -0.53 -31.30
C VAL TA 383 149.81 -0.61 -32.04
N PHE TA 384 149.85 -1.34 -33.15
CA PHE TA 384 151.09 -1.56 -33.87
C PHE TA 384 151.18 -0.75 -35.17
N GLU TA 385 150.37 0.29 -35.30
CA GLU TA 385 150.48 1.20 -36.42
C GLU TA 385 151.75 2.03 -36.28
N PRO TA 386 152.28 2.56 -37.40
CA PRO TA 386 153.45 3.43 -37.30
C PRO TA 386 153.14 4.67 -36.47
N ASN TA 387 154.15 5.11 -35.69
CA ASN TA 387 153.98 6.24 -34.78
C ASN TA 387 154.27 7.52 -35.56
N SER TA 388 153.28 7.96 -36.32
CA SER TA 388 153.41 9.14 -37.16
C SER TA 388 152.15 9.99 -37.05
N GLN TA 389 152.21 11.19 -37.64
CA GLN TA 389 151.09 12.11 -37.55
C GLN TA 389 149.79 11.58 -38.14
N PRO TA 390 149.76 10.95 -39.33
CA PRO TA 390 148.48 10.40 -39.82
C PRO TA 390 147.86 9.38 -38.87
N THR TA 391 148.69 8.64 -38.13
CA THR TA 391 148.14 7.72 -37.13
C THR TA 391 147.46 8.48 -36.00
N TRP TA 392 148.04 9.59 -35.56
CA TRP TA 392 147.44 10.37 -34.48
C TRP TA 392 146.12 11.00 -34.92
N GLU TA 393 146.04 11.42 -36.19
CA GLU TA 393 144.80 11.99 -36.70
C GLU TA 393 143.67 10.96 -36.67
N ARG TA 394 143.98 9.71 -37.01
CA ARG TA 394 142.97 8.66 -36.95
C ARG TA 394 142.54 8.39 -35.52
N VAL TA 395 143.47 8.48 -34.57
CA VAL TA 395 143.14 8.26 -33.17
C VAL TA 395 142.19 9.35 -32.67
N LYS TA 396 142.47 10.60 -33.03
CA LYS TA 396 141.63 11.70 -32.59
C LYS TA 396 140.22 11.57 -33.18
N SER TA 397 140.12 11.16 -34.43
CA SER TA 397 138.81 10.99 -35.05
C SER TA 397 138.00 9.89 -34.38
N ALA TA 398 138.66 8.79 -34.01
CA ALA TA 398 137.96 7.67 -33.38
C ALA TA 398 137.41 8.07 -32.02
N ILE TA 399 138.20 8.78 -31.22
CA ILE TA 399 137.74 9.19 -29.90
C ILE TA 399 136.66 10.27 -30.02
N ASP TA 400 136.86 11.22 -30.94
CA ASP TA 400 135.88 12.29 -31.10
C ASP TA 400 134.53 11.76 -31.55
N ASN TA 401 134.53 10.78 -32.46
CA ASN TA 401 133.28 10.21 -32.93
C ASN TA 401 132.54 9.49 -31.82
N TYR TA 402 133.26 8.75 -30.97
CA TYR TA 402 132.61 8.06 -29.86
C TYR TA 402 132.04 9.06 -28.85
N LEU TA 403 132.78 10.11 -28.53
CA LEU TA 403 132.34 11.07 -27.53
C LEU TA 403 131.12 11.84 -28.01
N TYR TA 404 131.04 12.15 -29.30
CA TYR TA 404 129.87 12.84 -29.83
C TYR TA 404 128.62 11.96 -29.69
N SER TA 405 128.76 10.66 -29.96
CA SER TA 405 127.62 9.77 -29.79
C SER TA 405 127.19 9.70 -28.33
N LEU TA 406 128.16 9.72 -27.42
CA LEU TA 406 127.82 9.72 -25.99
C LEU TA 406 127.05 10.96 -25.61
N TRP TA 407 127.43 12.12 -26.15
CA TRP TA 407 126.75 13.37 -25.82
C TRP TA 407 125.34 13.41 -26.39
N GLN TA 408 125.10 12.75 -27.53
CA GLN TA 408 123.78 12.76 -28.13
C GLN TA 408 122.74 12.08 -27.24
N GLN TA 409 123.11 10.95 -26.64
CA GLN TA 409 122.18 10.21 -25.79
C GLN TA 409 121.91 10.92 -24.47
N GLY TA 410 122.65 11.96 -24.13
CA GLY TA 410 122.46 12.67 -22.88
C GLY TA 410 123.38 12.26 -21.75
N ALA TA 411 124.42 11.47 -22.04
CA ALA TA 411 125.34 11.05 -20.99
C ALA TA 411 126.12 12.22 -20.42
N LEU TA 412 126.57 13.13 -21.28
CA LEU TA 412 127.41 14.24 -20.88
C LEU TA 412 126.60 15.52 -20.76
N ALA TA 413 127.14 16.47 -20.00
CA ALA TA 413 126.48 17.75 -19.77
C ALA TA 413 126.94 18.77 -20.80
N GLY TA 414 126.09 19.75 -21.05
CA GLY TA 414 126.41 20.85 -21.95
C GLY TA 414 125.40 21.03 -23.06
N ASN TA 415 125.35 22.24 -23.60
CA ASN TA 415 124.45 22.56 -24.70
C ASN TA 415 125.09 22.33 -26.06
N LYS TA 416 126.38 22.04 -26.11
CA LYS TA 416 127.08 21.79 -27.36
C LYS TA 416 128.29 20.91 -27.06
N PRO TA 417 128.81 20.19 -28.05
CA PRO TA 417 129.92 19.25 -27.78
C PRO TA 417 131.15 19.92 -27.19
N GLN TA 418 131.42 21.19 -27.53
CA GLN TA 418 132.60 21.85 -27.01
C GLN TA 418 132.52 22.00 -25.49
N GLU TA 419 131.32 22.07 -24.93
CA GLU TA 419 131.14 22.16 -23.49
C GLU TA 419 131.07 20.79 -22.82
N ALA TA 420 131.08 19.72 -23.59
CA ALA TA 420 130.89 18.38 -23.04
C ALA TA 420 132.14 17.52 -23.01
N TYR TA 421 133.10 17.77 -23.91
CA TYR TA 421 134.29 16.94 -23.97
C TYR TA 421 135.37 17.67 -24.77
N PHE TA 422 136.57 17.09 -24.77
CA PHE TA 422 137.66 17.56 -25.61
C PHE TA 422 138.65 16.43 -25.79
N VAL TA 423 139.33 16.43 -26.94
CA VAL TA 423 140.36 15.44 -27.26
C VAL TA 423 141.62 16.18 -27.68
N GLN TA 424 142.76 15.78 -27.13
CA GLN TA 424 144.03 16.42 -27.43
C GLN TA 424 145.09 15.38 -27.70
N ILE TA 425 145.81 15.54 -28.81
CA ILE TA 425 146.96 14.69 -29.14
C ILE TA 425 147.81 15.43 -30.17
N GLY TA 426 149.12 15.48 -29.96
CA GLY TA 426 149.97 16.22 -30.86
C GLY TA 426 151.43 16.02 -30.52
N LYS TA 427 152.29 16.50 -31.43
CA LYS TA 427 153.73 16.35 -31.32
C LYS TA 427 154.34 17.26 -30.26
N ASP TA 428 153.72 18.41 -29.99
CA ASP TA 428 154.20 19.30 -28.93
C ASP TA 428 153.08 19.72 -27.99
N VAL TA 429 152.04 18.90 -27.87
CA VAL TA 429 150.90 19.20 -27.02
C VAL TA 429 150.75 18.18 -25.90
N THR TA 430 150.91 16.89 -26.20
CA THR TA 430 150.75 15.84 -25.21
C THR TA 430 151.97 14.95 -25.05
N MET TA 431 152.66 14.65 -26.15
CA MET TA 431 153.87 13.84 -26.10
C MET TA 431 155.02 14.60 -26.74
N SER TA 432 156.24 14.23 -26.37
CA SER TA 432 157.44 14.87 -26.87
C SER TA 432 158.19 13.93 -27.81
N ASP TA 433 159.36 14.37 -28.27
CA ASP TA 433 160.15 13.55 -29.18
C ASP TA 433 160.66 12.29 -28.50
N ASP TA 434 161.03 12.38 -27.21
CA ASP TA 434 161.51 11.21 -26.49
C ASP TA 434 160.42 10.16 -26.35
N ASP TA 435 159.17 10.60 -26.10
CA ASP TA 435 158.06 9.65 -26.02
C ASP TA 435 157.85 8.94 -27.34
N ILE TA 436 157.90 9.68 -28.46
CA ILE TA 436 157.67 9.07 -29.76
C ILE TA 436 158.80 8.10 -30.10
N LYS TA 437 160.04 8.46 -29.77
CA LYS TA 437 161.16 7.57 -30.03
C LYS TA 437 161.04 6.28 -29.24
N GLN TA 438 160.32 6.30 -28.12
CA GLN TA 438 160.12 5.11 -27.30
C GLN TA 438 158.86 4.33 -27.69
N GLY TA 439 158.16 4.75 -28.73
CA GLY TA 439 156.95 4.06 -29.15
C GLY TA 439 155.69 4.46 -28.42
N LYS TA 440 155.69 5.60 -27.75
CA LYS TA 440 154.54 6.03 -26.96
C LYS TA 440 153.61 6.91 -27.77
N MET TA 441 152.33 6.88 -27.39
CA MET TA 441 151.31 7.74 -27.99
C MET TA 441 150.38 8.19 -26.88
N ILE TA 442 150.35 9.49 -26.62
CA ILE TA 442 149.64 10.05 -25.47
C ILE TA 442 148.48 10.91 -25.97
N VAL TA 443 147.29 10.66 -25.44
CA VAL TA 443 146.10 11.42 -25.78
C VAL TA 443 145.38 11.80 -24.49
N LYS TA 444 144.94 13.05 -24.40
CA LYS TA 444 144.23 13.55 -23.24
C LYS TA 444 142.73 13.68 -23.55
N VAL TA 445 141.90 13.12 -22.68
CA VAL TA 445 140.46 13.12 -22.84
C VAL TA 445 139.82 13.67 -21.57
N GLY TA 446 138.89 14.59 -21.73
CA GLY TA 446 138.15 15.13 -20.60
C GLY TA 446 136.66 15.17 -20.91
N MET TA 447 135.86 14.81 -19.91
CA MET TA 447 134.41 14.77 -20.04
C MET TA 447 133.76 15.46 -18.84
N ALA TA 448 132.51 15.85 -19.03
CA ALA TA 448 131.71 16.45 -17.96
C ALA TA 448 130.42 15.66 -17.80
N ALA TA 449 130.10 15.31 -16.56
CA ALA TA 449 128.94 14.49 -16.24
C ALA TA 449 127.92 15.28 -15.44
N VAL TA 450 126.70 14.75 -15.40
CA VAL TA 450 125.59 15.37 -14.69
C VAL TA 450 125.41 14.68 -13.35
N ARG TA 451 125.35 15.45 -12.28
CA ARG TA 451 125.21 14.86 -10.96
C ARG TA 451 123.73 14.70 -10.60
N PRO TA 452 123.39 13.66 -9.85
CA PRO TA 452 121.99 13.45 -9.46
C PRO TA 452 121.54 14.45 -8.41
N ALA TA 453 120.22 14.65 -8.37
CA ALA TA 453 119.59 15.43 -7.31
C ALA TA 453 119.25 14.51 -6.16
N GLU TA 454 119.73 14.83 -4.96
CA GLU TA 454 119.60 13.95 -3.81
C GLU TA 454 118.60 14.44 -2.78
N PHE TA 455 118.44 15.75 -2.62
CA PHE TA 455 117.57 16.32 -1.61
C PHE TA 455 116.58 17.27 -2.27
N ILE TA 456 115.30 17.09 -1.98
CA ILE TA 456 114.24 17.95 -2.46
C ILE TA 456 113.60 18.60 -1.24
N ILE TA 457 113.56 19.93 -1.24
CA ILE TA 457 113.09 20.70 -0.09
C ILE TA 457 111.77 21.37 -0.46
N LEU TA 458 110.74 21.12 0.34
CA LEU TA 458 109.43 21.73 0.15
C LEU TA 458 109.23 22.80 1.21
N GLN TA 459 108.86 24.00 0.78
CA GLN TA 459 108.68 25.14 1.66
C GLN TA 459 107.24 25.62 1.54
N PHE TA 460 106.43 25.32 2.53
CA PHE TA 460 105.01 25.61 2.52
C PHE TA 460 104.73 26.94 3.21
N SER TA 461 103.77 27.69 2.67
CA SER TA 461 103.35 28.96 3.24
C SER TA 461 101.84 28.97 3.41
N GLN TA 462 101.39 29.66 4.47
CA GLN TA 462 99.98 29.64 4.82
C GLN TA 462 99.13 30.43 3.83
N GLN TA 463 99.67 31.49 3.25
CA GLN TA 463 98.89 32.33 2.33
C GLN TA 463 99.47 32.30 0.92
N THR UA 3 117.76 24.41 5.69
CA THR UA 3 118.09 23.23 6.47
C THR UA 3 119.38 22.58 5.98
N ILE UA 4 119.91 21.66 6.77
CA ILE UA 4 121.12 20.92 6.44
C ILE UA 4 120.71 19.49 6.12
N PRO UA 5 120.74 19.07 4.86
CA PRO UA 5 120.28 17.72 4.52
C PRO UA 5 121.31 16.66 4.85
N THR UA 6 120.85 15.56 5.42
CA THR UA 6 121.69 14.41 5.73
C THR UA 6 121.31 13.18 4.92
N TYR UA 7 120.05 12.77 4.97
CA TYR UA 7 119.56 11.62 4.22
C TYR UA 7 118.96 12.06 2.89
N PRO UA 8 119.07 11.24 1.85
CA PRO UA 8 118.36 11.54 0.61
C PRO UA 8 116.86 11.42 0.79
N GLY UA 9 116.13 12.24 0.06
CA GLY UA 9 114.69 12.20 0.10
C GLY UA 9 114.11 13.59 0.08
N VAL UA 10 112.91 13.72 0.64
CA VAL UA 10 112.12 14.94 0.59
C VAL UA 10 112.06 15.55 1.98
N TYR UA 11 112.34 16.85 2.07
CA TYR UA 11 112.26 17.60 3.32
C TYR UA 11 111.09 18.57 3.25
N ILE UA 12 110.52 18.87 4.41
CA ILE UA 12 109.35 19.74 4.52
C ILE UA 12 109.68 20.88 5.46
N GLU UA 13 109.40 22.11 5.03
CA GLU UA 13 109.66 23.29 5.82
C GLU UA 13 108.43 24.20 5.81
N GLU UA 14 108.20 24.87 6.93
CA GLU UA 14 107.15 25.88 7.05
C GLU UA 14 107.80 27.24 7.27
N ASP UA 15 107.45 28.21 6.43
CA ASP UA 15 108.09 29.52 6.51
C ASP UA 15 107.11 30.58 6.03
N ALA UA 16 107.62 31.79 5.83
CA ALA UA 16 106.84 32.88 5.26
C ALA UA 16 107.64 33.70 4.26
N SER UA 17 108.77 33.18 3.77
CA SER UA 17 109.60 33.94 2.84
C SER UA 17 108.85 34.16 1.53
N LEU UA 18 109.01 35.37 0.98
CA LEU UA 18 108.27 35.80 -0.20
C LEU UA 18 109.22 35.88 -1.39
N ASN UA 19 108.72 35.48 -2.56
CA ASN UA 19 109.50 35.49 -3.79
C ASN UA 19 108.77 36.29 -4.86
N LEU UA 20 109.53 36.77 -5.83
CA LEU UA 20 108.98 37.48 -6.97
C LEU UA 20 109.61 36.96 -8.25
N SER UA 21 108.83 36.99 -9.33
CA SER UA 21 109.33 36.53 -10.61
C SER UA 21 110.45 37.44 -11.10
N VAL UA 22 111.49 36.84 -11.66
CA VAL UA 22 112.66 37.57 -12.12
C VAL UA 22 112.47 37.93 -13.59
N ASN UA 23 112.68 39.19 -13.93
CA ASN UA 23 112.56 39.68 -15.29
C ASN UA 23 113.94 39.99 -15.85
N GLN UA 24 113.98 40.34 -17.13
CA GLN UA 24 115.24 40.61 -17.82
C GLN UA 24 115.09 41.84 -18.70
N GLY UA 25 116.22 42.52 -18.92
CA GLY UA 25 116.22 43.71 -19.74
C GLY UA 25 117.65 44.18 -19.93
N ASN UA 26 117.81 45.11 -20.88
CA ASN UA 26 119.13 45.62 -21.20
C ASN UA 26 119.17 47.15 -21.17
N THR UA 27 118.07 47.79 -21.57
CA THR UA 27 118.03 49.23 -21.71
C THR UA 27 117.60 49.95 -20.43
N ALA UA 28 117.38 49.23 -19.34
CA ALA UA 28 117.00 49.86 -18.08
C ALA UA 28 117.59 49.03 -16.94
N ILE UA 29 118.76 49.44 -16.47
CA ILE UA 29 119.43 48.82 -15.34
C ILE UA 29 119.73 49.90 -14.32
N PRO UA 30 118.95 49.97 -13.25
CA PRO UA 30 119.13 51.05 -12.26
C PRO UA 30 120.16 50.71 -11.19
N VAL UA 31 120.69 51.76 -10.58
CA VAL UA 31 121.58 51.66 -9.43
C VAL UA 31 120.92 52.36 -8.26
N PHE UA 32 120.92 51.72 -7.10
CA PHE UA 32 120.29 52.25 -5.90
C PHE UA 32 121.38 52.67 -4.91
N ILE UA 33 121.32 53.93 -4.49
CA ILE UA 33 122.23 54.47 -3.48
C ILE UA 33 121.43 54.70 -2.22
N GLY UA 34 121.80 54.02 -1.14
CA GLY UA 34 121.07 54.16 0.10
C GLY UA 34 121.75 53.42 1.22
N LEU UA 35 121.08 53.40 2.38
CA LEU UA 35 121.61 52.76 3.58
C LEU UA 35 121.27 51.28 3.55
N PHE UA 36 122.04 50.53 2.78
CA PHE UA 36 121.89 49.09 2.72
C PHE UA 36 122.82 48.42 3.73
N SER UA 37 122.56 47.14 3.99
CA SER UA 37 123.28 46.37 5.00
C SER UA 37 123.78 45.07 4.35
N PRO UA 38 124.92 45.12 3.68
CA PRO UA 38 125.46 43.89 3.06
C PRO UA 38 125.85 42.87 4.11
N LYS UA 39 125.70 41.60 3.74
CA LYS UA 39 126.11 40.51 4.62
C LYS UA 39 127.62 40.36 4.69
N ASN UA 40 128.34 40.92 3.72
CA ASN UA 40 129.79 40.89 3.68
C ASN UA 40 130.33 42.30 3.93
N THR UA 41 131.40 42.38 4.72
CA THR UA 41 131.97 43.68 5.06
C THR UA 41 132.48 44.41 3.82
N ASN UA 42 133.17 43.68 2.93
CA ASN UA 42 133.70 44.30 1.71
C ASN UA 42 132.67 44.26 0.58
N SER UA 45 130.91 50.10 -0.23
CA SER UA 45 132.10 50.71 -0.79
C SER UA 45 132.27 50.36 -2.26
N GLN UA 46 131.64 49.26 -2.67
CA GLN UA 46 131.69 48.79 -4.04
C GLN UA 46 130.30 48.45 -4.53
N VAL UA 47 130.09 48.62 -5.83
CA VAL UA 47 128.79 48.35 -6.44
C VAL UA 47 128.62 46.85 -6.60
N THR UA 48 127.47 46.34 -6.18
CA THR UA 48 127.17 44.92 -6.21
C THR UA 48 125.99 44.66 -7.13
N ARG UA 49 126.15 43.69 -8.03
CA ARG UA 49 125.07 43.33 -8.95
C ARG UA 49 124.12 42.35 -8.29
N VAL UA 50 122.83 42.63 -8.40
CA VAL UA 50 121.77 41.79 -7.84
C VAL UA 50 120.84 41.39 -8.97
N ASN UA 51 120.61 40.08 -9.13
CA ASN UA 51 119.83 39.58 -10.25
C ASN UA 51 118.34 39.47 -9.95
N SER UA 52 117.97 39.26 -8.69
CA SER UA 52 116.57 39.08 -8.34
C SER UA 52 116.40 39.35 -6.84
N TRP UA 53 115.15 39.26 -6.38
CA TRP UA 53 114.88 39.45 -4.97
C TRP UA 53 115.54 38.37 -4.13
N LEU UA 54 115.55 37.12 -4.62
CA LEU UA 54 116.21 36.05 -3.90
C LEU UA 54 117.70 36.31 -3.76
N ASP UA 55 118.33 36.81 -4.83
CA ASP UA 55 119.76 37.11 -4.76
C ASP UA 55 120.03 38.26 -3.78
N PHE UA 56 119.13 39.25 -3.73
CA PHE UA 56 119.31 40.36 -2.82
C PHE UA 56 119.29 39.90 -1.37
N THR UA 57 118.31 39.06 -1.02
CA THR UA 57 118.23 38.56 0.35
C THR UA 57 119.42 37.67 0.69
N ASN UA 58 120.02 37.05 -0.32
CA ASN UA 58 121.19 36.21 -0.07
C ASN UA 58 122.44 37.04 0.17
N LEU UA 59 122.50 38.24 -0.39
CA LEU UA 59 123.68 39.10 -0.27
C LEU UA 59 123.50 40.27 0.67
N PHE UA 60 122.26 40.60 1.04
CA PHE UA 60 121.99 41.75 1.90
C PHE UA 60 120.98 41.35 2.97
N ASN UA 61 121.00 42.10 4.07
CA ASN UA 61 120.05 41.91 5.16
C ASN UA 61 118.86 42.84 4.93
N ALA UA 62 117.70 42.27 4.65
CA ALA UA 62 116.50 43.07 4.43
C ALA UA 62 115.91 43.52 5.76
N GLY UA 63 115.48 44.78 5.82
CA GLY UA 63 114.91 45.32 7.03
C GLY UA 63 114.74 46.81 6.91
N CYS UA 64 114.06 47.37 7.91
CA CYS UA 64 113.78 48.81 7.97
C CYS UA 64 114.71 49.54 8.92
N ILE UA 65 115.70 48.86 9.50
CA ILE UA 65 116.64 49.46 10.44
C ILE UA 65 118.03 49.40 9.84
N ALA UA 66 118.67 50.56 9.74
CA ALA UA 66 120.03 50.63 9.23
C ALA UA 66 121.01 50.03 10.23
N PRO UA 67 122.20 49.65 9.78
CA PRO UA 67 123.20 49.10 10.72
C PRO UA 67 123.50 50.08 11.84
N ILE UA 68 123.67 49.54 13.05
CA ILE UA 68 123.83 50.33 14.25
C ILE UA 68 125.31 50.50 14.55
N THR UA 69 125.74 51.73 14.75
CA THR UA 69 127.12 52.06 15.08
C THR UA 69 127.20 52.52 16.52
N ILE UA 70 128.10 51.91 17.29
CA ILE UA 70 128.29 52.28 18.69
C ILE UA 70 129.57 53.08 18.86
N VAL UA 114 124.90 54.94 21.55
CA VAL UA 114 124.65 54.33 20.26
C VAL UA 114 123.67 55.17 19.46
N ILE UA 115 123.68 54.99 18.14
CA ILE UA 115 122.74 55.67 17.26
C ILE UA 115 122.13 54.66 16.29
N VAL UA 116 120.89 54.91 15.90
CA VAL UA 116 120.17 54.08 14.94
C VAL UA 116 119.56 54.98 13.88
N ASN UA 117 119.26 54.37 12.73
CA ASN UA 117 118.66 55.10 11.61
C ASN UA 117 117.55 54.26 11.01
N TYR UA 118 116.59 54.94 10.40
CA TYR UA 118 115.46 54.30 9.73
C TYR UA 118 115.68 54.38 8.23
N THR UA 119 115.58 53.24 7.56
CA THR UA 119 115.83 53.15 6.12
C THR UA 119 114.65 52.49 5.43
N THR UA 120 114.34 52.97 4.22
CA THR UA 120 113.29 52.41 3.39
C THR UA 120 113.85 51.68 2.18
N SER UA 121 115.15 51.40 2.18
CA SER UA 121 115.80 50.83 1.00
C SER UA 121 115.27 49.43 0.68
N SER UA 122 115.06 48.59 1.69
CA SER UA 122 114.65 47.22 1.44
C SER UA 122 113.25 47.15 0.83
N ASP UA 123 112.31 47.90 1.39
CA ASP UA 123 110.95 47.87 0.87
C ASP UA 123 110.86 48.54 -0.49
N ALA UA 124 111.64 49.58 -0.72
CA ALA UA 124 111.68 50.20 -2.04
C ALA UA 124 112.16 49.21 -3.09
N LEU UA 125 113.14 48.37 -2.74
CA LEU UA 125 113.58 47.34 -3.68
C LEU UA 125 112.50 46.30 -3.91
N LYS UA 126 111.74 45.96 -2.87
CA LYS UA 126 110.65 45.01 -3.03
C LYS UA 126 109.59 45.55 -3.98
N LEU UA 127 109.28 46.84 -3.88
CA LEU UA 127 108.36 47.47 -4.81
C LEU UA 127 108.93 47.48 -6.22
N TYR UA 128 110.25 47.68 -6.35
CA TYR UA 128 110.89 47.70 -7.66
C TYR UA 128 110.75 46.36 -8.36
N PHE UA 129 110.93 45.26 -7.63
CA PHE UA 129 110.82 43.94 -8.25
C PHE UA 129 109.36 43.57 -8.50
N GLN UA 130 108.45 44.03 -7.65
CA GLN UA 130 107.04 43.75 -7.85
C GLN UA 130 106.46 44.43 -9.08
N ASN UA 131 107.07 45.53 -9.52
CA ASN UA 131 106.57 46.29 -10.66
C ASN UA 131 107.22 45.91 -11.98
N GLY UA 132 108.06 44.88 -11.99
CA GLY UA 132 108.64 44.40 -13.23
C GLY UA 132 110.11 44.71 -13.37
N GLY UA 133 110.80 44.91 -12.25
CA GLY UA 133 112.21 45.22 -12.30
C GLY UA 133 113.06 44.00 -12.59
N GLY UA 134 114.17 44.24 -13.28
CA GLY UA 134 115.12 43.19 -13.60
C GLY UA 134 116.35 43.27 -12.73
N PRO UA 135 117.48 42.77 -13.25
CA PRO UA 135 118.73 42.88 -12.51
C PRO UA 135 119.11 44.33 -12.24
N CYS UA 136 119.69 44.57 -11.08
CA CYS UA 136 120.04 45.92 -10.65
C CYS UA 136 121.37 45.88 -9.90
N TYR UA 137 121.96 47.07 -9.74
CA TYR UA 137 123.18 47.26 -8.97
C TYR UA 137 122.85 48.05 -7.72
N ILE UA 138 123.52 47.72 -6.61
CA ILE UA 138 123.28 48.35 -5.32
C ILE UA 138 124.58 48.95 -4.82
N LEU UA 139 124.52 50.20 -4.40
CA LEU UA 139 125.67 50.93 -3.86
C LEU UA 139 125.38 51.29 -2.41
N PRO UA 140 125.76 50.44 -1.46
CA PRO UA 140 125.45 50.73 -0.05
C PRO UA 140 126.34 51.85 0.48
N GLN UA 141 125.73 52.77 1.21
CA GLN UA 141 126.43 53.84 1.90
C GLN UA 141 126.52 53.49 3.38
N LEU UA 142 127.74 53.30 3.88
CA LEU UA 142 127.96 52.86 5.23
C LEU UA 142 128.54 54.00 6.08
N ASP UA 143 128.28 53.93 7.38
CA ASP UA 143 128.78 54.91 8.36
C ASP UA 143 128.23 56.29 7.99
N ARG UA 144 128.99 57.34 8.30
CA ARG UA 144 128.55 58.70 8.06
C ARG UA 144 128.74 59.08 6.60
N LEU UA 145 127.95 60.06 6.15
CA LEU UA 145 128.00 60.53 4.77
C LEU UA 145 129.13 61.54 4.64
N THR UA 146 130.30 61.04 4.26
CA THR UA 146 131.46 61.89 4.07
C THR UA 146 131.50 62.45 2.65
N GLN UA 147 132.20 63.57 2.49
CA GLN UA 147 132.35 64.16 1.16
C GLN UA 147 133.16 63.27 0.24
N GLY UA 148 134.05 62.45 0.80
CA GLY UA 148 134.81 61.53 -0.02
C GLY UA 148 133.93 60.53 -0.74
N PHE UA 149 132.88 60.04 -0.07
CA PHE UA 149 131.94 59.14 -0.71
C PHE UA 149 131.18 59.85 -1.83
N LEU UA 150 130.76 61.08 -1.60
CA LEU UA 150 129.97 61.80 -2.59
C LEU UA 150 130.79 62.06 -3.86
N ASP UA 151 132.06 62.41 -3.72
CA ASP UA 151 132.89 62.67 -4.89
C ASP UA 151 133.13 61.39 -5.69
N SER UA 152 133.21 60.24 -5.00
CA SER UA 152 133.49 58.98 -5.66
C SER UA 152 132.27 58.36 -6.32
N ILE UA 153 131.07 58.90 -6.08
CA ILE UA 153 129.86 58.30 -6.65
C ILE UA 153 129.87 58.28 -8.18
N PRO UA 154 130.15 59.38 -8.89
CA PRO UA 154 130.18 59.29 -10.35
C PRO UA 154 131.19 58.31 -10.89
N GLU UA 155 132.34 58.16 -10.23
CA GLU UA 155 133.35 57.23 -10.70
C GLU UA 155 132.94 55.78 -10.42
N LEU UA 156 132.34 55.53 -9.26
CA LEU UA 156 131.89 54.17 -8.94
C LEU UA 156 130.81 53.71 -9.91
N ILE UA 157 129.88 54.59 -10.26
CA ILE UA 157 128.82 54.23 -11.20
C ILE UA 157 129.41 53.96 -12.58
N LYS UA 158 130.33 54.80 -13.03
CA LYS UA 158 130.95 54.59 -14.34
C LYS UA 158 131.73 53.30 -14.40
N GLN UA 159 132.29 52.85 -13.28
CA GLN UA 159 133.02 51.59 -13.26
C GLN UA 159 132.11 50.42 -13.58
N ALA UA 160 130.88 50.44 -13.07
CA ALA UA 160 129.88 49.48 -13.49
C ALA UA 160 129.35 49.89 -14.86
N LEU UA 161 129.63 49.06 -15.88
CA LEU UA 161 129.44 49.49 -17.27
C LEU UA 161 128.01 49.37 -17.75
N GLU UA 162 127.12 48.71 -16.99
CA GLU UA 162 125.76 48.43 -17.45
C GLU UA 162 124.73 49.41 -16.91
N ILE UA 163 125.12 50.37 -16.10
CA ILE UA 163 124.15 51.25 -15.45
C ILE UA 163 123.50 52.16 -16.47
N THR UA 164 122.19 52.39 -16.32
CA THR UA 164 121.46 53.29 -17.19
C THR UA 164 120.58 54.24 -16.38
N LEU UA 165 120.21 53.84 -15.16
CA LEU UA 165 119.32 54.62 -14.31
C LEU UA 165 119.93 54.79 -12.93
N ILE UA 166 119.64 55.93 -12.31
CA ILE UA 166 120.12 56.25 -10.97
C ILE UA 166 118.91 56.55 -10.08
N VAL UA 167 118.82 55.86 -8.95
CA VAL UA 167 117.70 56.00 -8.03
C VAL UA 167 118.24 56.07 -6.61
N CYS UA 168 117.69 57.00 -5.81
CA CYS UA 168 118.02 57.10 -4.39
C CYS UA 168 116.78 56.78 -3.58
N PRO UA 169 116.61 55.55 -3.11
CA PRO UA 169 115.38 55.14 -2.42
C PRO UA 169 115.42 55.38 -0.92
N GLU UA 170 115.47 56.66 -0.53
CA GLU UA 170 115.50 57.04 0.87
C GLU UA 170 114.43 58.08 1.15
N TRP UA 171 113.76 57.95 2.30
CA TRP UA 171 112.70 58.87 2.66
C TRP UA 171 113.21 60.23 3.12
N ASP UA 172 114.44 60.29 3.64
CA ASP UA 172 114.97 61.54 4.13
C ASP UA 172 115.20 62.52 2.98
N SER UA 173 114.66 63.73 3.13
CA SER UA 173 114.79 64.73 2.05
C SER UA 173 116.20 65.29 1.99
N GLY UA 174 116.82 65.53 3.15
CA GLY UA 174 118.17 66.07 3.14
C GLY UA 174 119.19 65.09 2.59
N TYR UA 175 119.02 63.79 2.90
CA TYR UA 175 119.91 62.78 2.36
C TYR UA 175 119.78 62.68 0.84
N GLN UA 176 118.55 62.74 0.33
CA GLN UA 176 118.34 62.66 -1.10
C GLN UA 176 118.93 63.86 -1.82
N SER UA 177 118.80 65.05 -1.23
CA SER UA 177 119.35 66.25 -1.86
C SER UA 177 120.86 66.18 -1.99
N LYS UA 178 121.54 65.63 -0.98
CA LYS UA 178 122.99 65.48 -1.04
C LYS UA 178 123.39 64.50 -2.15
N ILE UA 179 122.64 63.41 -2.29
CA ILE UA 179 122.96 62.43 -3.32
C ILE UA 179 122.75 63.01 -4.72
N TYR UA 180 121.63 63.72 -4.91
CA TYR UA 180 121.34 64.28 -6.23
C TYR UA 180 122.38 65.30 -6.65
N ASN UA 181 122.82 66.14 -5.71
CA ASN UA 181 123.84 67.15 -6.03
C ASN UA 181 125.18 66.53 -6.37
N SER UA 182 125.41 65.27 -5.98
CA SER UA 182 126.70 64.62 -6.25
C SER UA 182 126.80 64.06 -7.65
N LEU UA 183 125.73 64.07 -8.42
CA LEU UA 183 125.73 63.57 -9.79
C LEU UA 183 126.18 64.71 -10.72
N THR UA 184 127.44 64.68 -11.13
CA THR UA 184 127.99 65.75 -11.93
C THR UA 184 127.41 65.75 -13.34
N SER UA 185 127.49 66.90 -14.00
CA SER UA 185 126.96 67.02 -15.36
C SER UA 185 127.68 66.11 -16.33
N SER UA 186 128.96 65.81 -16.08
CA SER UA 186 129.69 64.87 -16.92
C SER UA 186 129.09 63.47 -16.83
N LEU UA 187 128.67 63.07 -15.63
CA LEU UA 187 128.06 61.75 -15.47
C LEU UA 187 126.71 61.67 -16.18
N LEU UA 188 125.87 62.68 -16.02
CA LEU UA 188 124.53 62.63 -16.60
C LEU UA 188 124.59 62.73 -18.12
N ASN UA 189 125.47 63.59 -18.65
CA ASN UA 189 125.58 63.73 -20.10
C ASN UA 189 126.20 62.51 -20.75
N ALA UA 190 126.78 61.59 -19.97
CA ALA UA 190 127.37 60.39 -20.53
C ALA UA 190 126.34 59.29 -20.77
N GLY UA 191 125.05 59.61 -20.78
CA GLY UA 191 124.02 58.63 -21.05
C GLY UA 191 123.44 58.00 -19.80
N TYR UA 192 123.22 58.80 -18.77
CA TYR UA 192 122.59 58.33 -17.54
C TYR UA 192 121.35 59.15 -17.26
N PHE UA 193 120.35 58.49 -16.65
CA PHE UA 193 119.08 59.12 -16.37
C PHE UA 193 118.79 59.02 -14.89
N LEU UA 194 118.34 60.12 -14.29
CA LEU UA 194 118.07 60.18 -12.85
C LEU UA 194 116.58 60.27 -12.61
N ILE UA 195 116.04 59.33 -11.84
CA ILE UA 195 114.66 59.38 -11.38
C ILE UA 195 114.67 59.91 -9.95
N ALA UA 196 113.96 61.01 -9.73
CA ALA UA 196 114.03 61.74 -8.48
C ALA UA 196 112.66 61.84 -7.83
N ASP UA 197 112.64 61.94 -6.50
CA ASP UA 197 111.40 62.12 -5.76
C ASP UA 197 111.27 63.59 -5.37
N ASN UA 198 110.28 64.27 -5.94
CA ASN UA 198 110.03 65.65 -5.58
C ASN UA 198 109.41 65.73 -4.18
N GLN UA 199 109.97 66.60 -3.35
CA GLN UA 199 109.51 66.76 -1.97
C GLN UA 199 108.42 67.81 -1.84
N ASP UA 200 108.08 68.53 -2.90
CA ASP UA 200 107.13 69.61 -2.81
C ASP UA 200 106.24 69.61 -4.05
N LYS UA 201 105.01 70.09 -3.87
CA LYS UA 201 104.05 70.16 -4.96
C LYS UA 201 104.21 71.41 -5.81
N ASN UA 202 104.92 72.43 -5.32
CA ASN UA 202 104.93 73.73 -5.96
C ASN UA 202 106.27 74.12 -6.57
N THR UA 203 107.37 73.51 -6.15
CA THR UA 203 108.69 73.87 -6.63
C THR UA 203 109.38 72.64 -7.19
N ALA UA 204 109.92 72.77 -8.40
CA ALA UA 204 110.60 71.66 -9.06
C ALA UA 204 112.02 71.49 -8.51
N LEU UA 205 112.55 70.29 -8.69
CA LEU UA 205 113.91 70.00 -8.27
C LEU UA 205 114.91 70.66 -9.23
N ILE UA 206 116.11 70.89 -8.73
CA ILE UA 206 117.21 71.46 -9.50
C ILE UA 206 118.35 70.45 -9.53
N THR UA 207 118.80 70.11 -10.74
CA THR UA 207 119.91 69.18 -10.92
C THR UA 207 120.90 69.78 -11.90
N GLU UA 208 122.04 69.10 -12.05
CA GLU UA 208 123.08 69.59 -12.95
C GLU UA 208 122.61 69.61 -14.40
N VAL UA 209 121.92 68.56 -14.84
CA VAL UA 209 121.38 68.49 -16.19
C VAL UA 209 119.86 68.32 -16.07
N ALA UA 210 119.11 69.29 -16.60
CA ALA UA 210 117.66 69.25 -16.46
C ALA UA 210 117.04 68.20 -17.38
N SER UA 211 117.52 68.13 -18.62
CA SER UA 211 116.90 67.25 -19.62
C SER UA 211 117.11 65.78 -19.32
N GLN UA 212 118.01 65.43 -18.42
CA GLN UA 212 118.29 64.04 -18.09
C GLN UA 212 117.67 63.61 -16.77
N THR UA 213 116.70 64.35 -16.26
CA THR UA 213 116.11 64.08 -14.96
C THR UA 213 114.59 64.11 -15.06
N ALA UA 214 113.93 63.28 -14.26
CA ALA UA 214 112.48 63.28 -14.14
C ALA UA 214 112.11 63.15 -12.67
N THR UA 215 111.12 63.93 -12.24
CA THR UA 215 110.67 63.94 -10.85
C THR UA 215 109.23 63.48 -10.76
N TYR UA 216 108.91 62.82 -9.65
CA TYR UA 216 107.58 62.26 -9.43
C TYR UA 216 107.10 62.63 -8.05
N TYR UA 217 105.77 62.77 -7.92
CA TYR UA 217 105.15 63.19 -6.68
C TYR UA 217 103.73 62.66 -6.65
N PRO UA 218 103.23 62.22 -5.48
CA PRO UA 218 103.91 62.11 -4.18
C PRO UA 218 104.38 60.70 -3.87
N ALA UA 219 104.88 60.47 -2.66
CA ALA UA 219 105.29 59.13 -2.27
C ALA UA 219 104.08 58.22 -2.11
N VAL UA 220 104.35 56.93 -1.89
CA VAL UA 220 103.32 55.91 -1.84
C VAL UA 220 103.37 55.22 -0.48
N LYS UA 221 102.21 54.86 0.05
CA LYS UA 221 102.13 54.09 1.27
C LYS UA 221 102.06 52.61 0.97
N VAL UA 222 102.47 51.79 1.95
CA VAL UA 222 102.41 50.34 1.84
C VAL UA 222 101.78 49.79 3.10
N SER UA 223 101.34 48.52 3.02
CA SER UA 223 100.64 47.91 4.14
C SER UA 223 101.54 47.73 5.36
N GLN UA 224 102.76 47.23 5.17
CA GLN UA 224 103.66 46.99 6.29
C GLN UA 224 105.09 47.01 5.79
N LEU UA 225 106.01 47.21 6.72
CA LEU UA 225 107.43 47.18 6.41
C LEU UA 225 107.98 45.77 6.57
N ILE UA 226 109.18 45.57 6.03
CA ILE UA 226 109.88 44.30 6.24
C ILE UA 226 110.61 44.35 7.57
N GLN UA 227 110.28 43.43 8.47
CA GLN UA 227 110.88 43.36 9.80
C GLN UA 227 111.92 42.25 9.82
N ALA UA 228 113.06 42.53 10.45
CA ALA UA 228 114.16 41.59 10.51
C ALA UA 228 114.42 41.16 11.95
N GLU UA 229 114.93 39.95 12.11
CA GLU UA 229 115.29 39.44 13.42
C GLU UA 229 116.52 40.16 13.96
N ASP UA 230 116.82 39.92 15.23
CA ASP UA 230 117.97 40.56 15.86
C ASP UA 230 119.28 40.13 15.20
N SER UA 231 119.38 38.87 14.79
CA SER UA 231 120.60 38.39 14.16
C SER UA 231 120.85 39.05 12.80
N GLN UA 232 119.83 39.60 12.17
CA GLN UA 232 119.96 40.22 10.86
C GLN UA 232 120.16 41.73 10.92
N ILE UA 233 120.25 42.31 12.11
CA ILE UA 233 120.52 43.73 12.27
C ILE UA 233 121.99 43.90 12.58
N ALA UA 234 122.71 44.58 11.69
CA ALA UA 234 124.15 44.72 11.84
C ALA UA 234 124.48 45.68 12.98
N VAL UA 235 125.40 45.27 13.85
CA VAL UA 235 125.86 46.07 14.97
C VAL UA 235 127.39 46.07 14.97
N SER UA 236 127.98 47.26 15.10
CA SER UA 236 129.43 47.38 15.14
C SER UA 236 129.81 48.57 16.01
N GLY UA 237 131.03 48.52 16.53
CA GLY UA 237 131.56 49.59 17.35
C GLY UA 237 131.57 49.30 18.84
N TYR UA 238 130.87 48.27 19.29
CA TYR UA 238 130.86 47.94 20.71
C TYR UA 238 132.21 47.38 21.14
N GLU UA 239 132.65 47.77 22.33
CA GLU UA 239 133.91 47.29 22.88
C GLU UA 239 133.90 47.47 24.39
N ASP UA 240 134.45 46.49 25.09
CA ASP UA 240 134.60 46.55 26.54
C ASP UA 240 135.99 46.03 26.90
N ALA UA 241 136.23 45.85 28.20
CA ALA UA 241 137.56 45.43 28.65
C ALA UA 241 137.91 44.03 28.17
N LYS UA 242 136.96 43.10 28.24
CA LYS UA 242 137.23 41.70 27.94
C LYS UA 242 136.98 41.33 26.48
N THR UA 243 136.40 42.23 25.68
CA THR UA 243 136.05 41.93 24.30
C THR UA 243 136.60 43.00 23.37
N LYS UA 244 137.04 42.56 22.19
CA LYS UA 244 137.49 43.47 21.15
C LYS UA 244 136.29 44.01 20.37
N SER UA 245 136.56 45.01 19.53
CA SER UA 245 135.49 45.67 18.78
C SER UA 245 134.88 44.76 17.72
N ASP UA 246 135.57 43.72 17.30
CA ASP UA 246 135.11 42.86 16.22
C ASP UA 246 134.35 41.63 16.71
N GLU UA 247 134.16 41.49 18.01
CA GLU UA 247 133.50 40.30 18.56
C GLU UA 247 131.98 40.41 18.57
N VAL UA 248 131.42 41.59 18.31
CA VAL UA 248 129.98 41.79 18.26
C VAL UA 248 129.63 42.20 16.85
N LYS UA 249 128.73 41.45 16.22
CA LYS UA 249 128.36 41.67 14.83
C LYS UA 249 126.90 42.02 14.61
N ASN UA 250 125.98 41.49 15.42
CA ASN UA 250 124.56 41.74 15.23
C ASN UA 250 123.92 42.01 16.58
N LEU UA 251 122.63 42.36 16.54
CA LEU UA 251 121.90 42.69 17.76
C LEU UA 251 121.77 41.49 18.69
N ALA UA 252 121.71 40.27 18.14
CA ALA UA 252 121.60 39.09 18.97
C ALA UA 252 122.82 38.89 19.85
N GLN UA 253 124.02 39.05 19.28
CA GLN UA 253 125.23 38.93 20.08
C GLN UA 253 125.33 40.05 21.10
N LEU UA 254 124.83 41.24 20.74
CA LEU UA 254 124.85 42.36 21.67
C LEU UA 254 123.97 42.08 22.89
N LYS UA 255 122.82 41.44 22.67
CA LYS UA 255 121.89 41.18 23.77
C LYS UA 255 122.51 40.24 24.80
N GLU UA 256 123.19 39.19 24.34
CA GLU UA 256 123.74 38.19 25.25
C GLU UA 256 125.07 38.60 25.87
N LYS UA 257 125.62 39.75 25.47
CA LYS UA 257 126.88 40.22 26.03
C LYS UA 257 126.71 41.42 26.94
N ASN UA 258 125.71 42.27 26.70
CA ASN UA 258 125.51 43.46 27.51
C ASN UA 258 124.06 43.92 27.39
N PRO UA 259 123.16 43.42 28.24
CA PRO UA 259 121.75 43.82 28.14
C PRO UA 259 121.51 45.31 28.36
N THR UA 260 122.43 46.01 29.03
CA THR UA 260 122.23 47.42 29.31
C THR UA 260 122.17 48.24 28.03
N VAL UA 261 123.19 48.09 27.16
CA VAL UA 261 123.18 48.81 25.89
C VAL UA 261 122.18 48.20 24.92
N TYR UA 262 121.85 46.92 25.08
CA TYR UA 262 120.80 46.33 24.25
C TYR UA 262 119.46 47.01 24.51
N GLN UA 263 119.13 47.27 25.77
CA GLN UA 263 117.93 48.03 26.08
C GLN UA 263 118.03 49.46 25.56
N GLN UA 264 119.25 49.99 25.51
CA GLN UA 264 119.47 51.31 24.93
C GLN UA 264 119.12 51.32 23.45
N ALA UA 265 119.47 50.25 22.73
CA ALA UA 265 119.21 50.19 21.30
C ALA UA 265 117.74 49.96 21.00
N VAL UA 266 117.08 49.07 21.75
CA VAL UA 266 115.71 48.68 21.42
C VAL UA 266 114.74 49.84 21.64
N GLN UA 267 115.01 50.71 22.62
CA GLN UA 267 114.10 51.83 22.86
C GLN UA 267 114.16 52.83 21.71
N LYS UA 268 115.31 52.98 21.07
CA LYS UA 268 115.38 53.78 19.86
C LYS UA 268 114.66 53.08 18.70
N ILE UA 269 114.80 51.76 18.61
CA ILE UA 269 114.11 51.00 17.57
C ILE UA 269 112.60 51.09 17.77
N GLN UA 270 112.14 50.91 19.01
CA GLN UA 270 110.71 51.00 19.29
C GLN UA 270 110.19 52.40 19.04
N ALA UA 271 110.99 53.42 19.38
CA ALA UA 271 110.58 54.80 19.10
C ALA UA 271 110.45 55.03 17.60
N ILE UA 272 111.40 54.50 16.82
CA ILE UA 272 111.32 54.63 15.36
C ILE UA 272 110.09 53.89 14.83
N GLN UA 273 109.84 52.69 15.33
CA GLN UA 273 108.70 51.91 14.87
C GLN UA 273 107.38 52.61 15.20
N ASP UA 274 107.32 53.30 16.35
CA ASP UA 274 106.13 54.06 16.69
C ASP UA 274 105.96 55.25 15.74
N GLU UA 275 107.05 55.95 15.43
CA GLU UA 275 106.97 57.13 14.59
C GLU UA 275 106.52 56.79 13.17
N ILE UA 276 107.09 55.72 12.61
CA ILE UA 276 106.74 55.34 11.25
C ILE UA 276 105.29 54.84 11.19
N ALA UA 277 104.81 54.23 12.27
CA ALA UA 277 103.42 53.75 12.30
C ALA UA 277 102.43 54.91 12.32
N ALA UA 278 102.78 56.01 12.99
CA ALA UA 278 101.87 57.16 13.05
C ALA UA 278 101.68 57.79 11.67
N ASN UA 279 102.78 58.04 10.96
CA ASN UA 279 102.68 58.67 9.65
C ASN UA 279 102.25 57.71 8.55
N GLY UA 280 102.28 56.42 8.82
CA GLY UA 280 102.05 55.43 7.78
C GLY UA 280 103.34 55.03 7.08
N ASN UA 281 103.34 53.80 6.56
CA ASN UA 281 104.54 53.23 5.94
C ASN UA 281 104.73 53.88 4.58
N ILE UA 282 105.43 55.02 4.59
CA ILE UA 282 105.62 55.81 3.38
C ILE UA 282 106.91 55.40 2.70
N ILE UA 283 106.83 55.16 1.40
CA ILE UA 283 107.97 54.70 0.60
C ILE UA 283 108.20 55.69 -0.54
N PRO UA 284 109.45 56.06 -0.84
CA PRO UA 284 109.69 56.93 -1.99
C PRO UA 284 109.27 56.26 -3.29
N VAL UA 285 108.74 57.07 -4.21
CA VAL UA 285 108.11 56.54 -5.43
C VAL UA 285 109.10 56.32 -6.55
N SER UA 286 110.34 56.80 -6.43
CA SER UA 286 111.32 56.63 -7.50
C SER UA 286 111.64 55.16 -7.72
N ALA UA 287 111.68 54.35 -6.66
CA ALA UA 287 111.95 52.93 -6.82
C ALA UA 287 110.85 52.24 -7.62
N VAL UA 288 109.60 52.64 -7.41
CA VAL UA 288 108.49 52.08 -8.18
C VAL UA 288 108.64 52.44 -9.65
N MET UA 289 109.01 53.69 -9.93
CA MET UA 289 109.13 54.13 -11.32
C MET UA 289 110.25 53.41 -12.04
N ALA UA 290 111.29 52.98 -11.31
CA ALA UA 290 112.37 52.22 -11.94
C ALA UA 290 111.85 50.90 -12.49
N GLY UA 291 110.98 50.22 -11.73
CA GLY UA 291 110.39 48.99 -12.23
C GLY UA 291 109.48 49.21 -13.42
N ILE UA 292 108.71 50.31 -13.38
CA ILE UA 292 107.81 50.62 -14.49
C ILE UA 292 108.60 50.91 -15.76
N TYR UA 293 109.77 51.55 -15.62
CA TYR UA 293 110.62 51.78 -16.78
C TYR UA 293 111.05 50.47 -17.41
N CYS UA 294 111.42 49.48 -16.59
CA CYS UA 294 111.85 48.19 -17.11
C CYS UA 294 110.71 47.46 -17.80
N ALA UA 295 109.52 47.47 -17.18
CA ALA UA 295 108.38 46.76 -17.77
C ALA UA 295 107.95 47.39 -19.08
N THR UA 296 107.93 48.73 -19.14
CA THR UA 296 107.51 49.41 -20.36
C THR UA 296 108.48 49.15 -21.51
N ASP UA 297 109.78 49.18 -21.22
CA ASP UA 297 110.77 48.98 -22.28
C ASP UA 297 110.68 47.57 -22.85
N ALA UA 298 110.53 46.56 -21.99
CA ALA UA 298 110.46 45.18 -22.47
C ALA UA 298 109.18 44.94 -23.28
N SER UA 299 108.06 45.53 -22.85
CA SER UA 299 106.79 45.27 -23.49
C SER UA 299 106.60 46.12 -24.75
N ARG UA 300 106.60 47.45 -24.58
CA ARG UA 300 106.29 48.35 -25.68
C ARG UA 300 107.50 48.96 -26.34
N GLY UA 301 108.60 49.14 -25.61
CA GLY UA 301 109.78 49.76 -26.18
C GLY UA 301 110.14 51.07 -25.51
N VAL UA 302 111.36 51.55 -25.76
CA VAL UA 302 111.82 52.78 -25.11
C VAL UA 302 111.07 53.99 -25.61
N TRP UA 303 110.60 53.96 -26.86
CA TRP UA 303 109.93 55.11 -27.47
C TRP UA 303 108.51 55.32 -26.96
N LYS UA 304 108.01 54.44 -26.10
CA LYS UA 304 106.69 54.60 -25.51
C LYS UA 304 106.81 55.27 -24.15
N ALA UA 305 105.93 56.21 -23.86
CA ALA UA 305 106.01 56.96 -22.61
C ALA UA 305 105.76 56.04 -21.43
N PRO UA 306 106.47 56.19 -20.32
CA PRO UA 306 106.28 55.30 -19.16
C PRO UA 306 105.05 55.64 -18.35
N ALA UA 307 104.17 56.48 -18.89
CA ALA UA 307 102.97 56.92 -18.19
C ALA UA 307 101.79 56.03 -18.56
N ASN UA 308 100.66 56.29 -17.92
CA ASN UA 308 99.43 55.52 -18.12
C ASN UA 308 99.64 54.04 -17.81
N ILE UA 309 100.36 53.76 -16.73
CA ILE UA 309 100.60 52.41 -16.26
C ILE UA 309 100.13 52.31 -14.81
N VAL UA 310 99.54 51.19 -14.45
CA VAL UA 310 98.95 50.99 -13.14
C VAL UA 310 100.01 50.49 -12.17
N LEU UA 311 100.08 51.10 -10.99
CA LEU UA 311 101.02 50.67 -9.97
C LEU UA 311 100.48 49.44 -9.24
N SER UA 312 101.40 48.62 -8.74
CA SER UA 312 101.05 47.42 -8.01
C SER UA 312 101.87 47.33 -6.73
N GLY UA 313 101.29 46.69 -5.72
CA GLY UA 313 101.95 46.48 -4.45
C GLY UA 313 101.80 47.60 -3.44
N ILE UA 314 101.35 48.78 -3.86
CA ILE UA 314 101.19 49.90 -2.96
C ILE UA 314 99.80 49.86 -2.34
N SER UA 315 99.60 50.58 -1.24
CA SER UA 315 98.33 50.67 -0.56
C SER UA 315 97.59 51.98 -0.84
N ASP UA 316 98.28 53.11 -0.70
CA ASP UA 316 97.67 54.41 -0.94
C ASP UA 316 98.77 55.41 -1.24
N VAL UA 317 98.40 56.52 -1.87
CA VAL UA 317 99.34 57.59 -2.13
C VAL UA 317 99.39 58.53 -0.92
N ALA UA 318 100.52 59.21 -0.77
CA ALA UA 318 100.71 60.10 0.36
C ALA UA 318 99.81 61.33 0.30
N GLU UA 319 99.33 61.69 -0.87
CA GLU UA 319 98.47 62.86 -1.03
C GLU UA 319 97.56 62.67 -2.24
N ARG UA 320 96.29 63.04 -2.09
CA ARG UA 320 95.34 63.01 -3.18
C ARG UA 320 95.37 64.33 -3.94
N LEU UA 321 95.55 64.24 -5.25
CA LEU UA 321 95.71 65.42 -6.10
C LEU UA 321 94.46 65.64 -6.94
N THR UA 322 94.21 66.91 -7.28
CA THR UA 322 93.12 67.27 -8.17
C THR UA 322 93.68 67.60 -9.55
N ASP UA 323 92.78 67.88 -10.49
CA ASP UA 323 93.20 68.22 -11.84
C ASP UA 323 93.86 69.60 -11.90
N ASP UA 324 93.34 70.56 -11.14
CA ASP UA 324 93.92 71.90 -11.14
C ASP UA 324 95.33 71.90 -10.56
N GLU UA 325 95.54 71.17 -9.47
CA GLU UA 325 96.89 71.06 -8.92
C GLU UA 325 97.82 70.37 -9.90
N GLN UA 326 97.37 69.26 -10.51
CA GLN UA 326 98.20 68.55 -11.47
C GLN UA 326 98.52 69.43 -12.67
N GLY UA 327 97.64 70.39 -12.99
CA GLY UA 327 97.94 71.31 -14.07
C GLY UA 327 99.12 72.21 -13.76
N GLU UA 328 99.28 72.59 -12.48
CA GLU UA 328 100.40 73.43 -12.10
C GLU UA 328 101.71 72.65 -12.12
N MET UA 329 101.70 71.43 -11.58
CA MET UA 329 102.90 70.60 -11.56
C MET UA 329 103.36 70.25 -12.96
N ASN UA 330 102.42 69.92 -13.85
CA ASN UA 330 102.79 69.45 -15.18
C ASN UA 330 103.51 70.54 -15.97
N SER UA 331 103.07 71.79 -15.84
CA SER UA 331 103.76 72.89 -16.52
C SER UA 331 105.17 73.05 -15.98
N LYS UA 332 105.35 72.89 -14.67
CA LYS UA 332 106.66 73.04 -14.05
C LYS UA 332 107.57 71.84 -14.26
N GLY UA 333 107.02 70.71 -14.70
CA GLY UA 333 107.81 69.52 -14.96
C GLY UA 333 107.78 68.45 -13.89
N ILE UA 334 106.74 68.39 -13.08
CA ILE UA 334 106.62 67.40 -12.01
C ILE UA 334 105.53 66.42 -12.38
N ASN UA 335 105.92 65.17 -12.63
CA ASN UA 335 104.94 64.13 -12.96
C ASN UA 335 104.22 63.68 -11.70
N ALA UA 336 102.91 63.43 -11.83
CA ALA UA 336 102.05 63.16 -10.69
C ALA UA 336 101.54 61.73 -10.72
N ILE UA 337 101.50 61.10 -9.55
CA ILE UA 337 100.85 59.81 -9.38
C ILE UA 337 99.41 60.07 -8.97
N ARG UA 338 98.47 59.73 -9.85
CA ARG UA 338 97.07 60.06 -9.66
C ARG UA 338 96.27 58.81 -9.31
N TYR UA 339 95.10 59.01 -8.74
CA TYR UA 339 94.17 57.93 -8.41
C TYR UA 339 92.90 58.12 -9.23
N PHE UA 340 92.53 57.10 -9.99
CA PHE UA 340 91.31 57.10 -10.78
C PHE UA 340 90.46 55.91 -10.36
N SER UA 341 89.16 56.15 -10.15
CA SER UA 341 88.29 55.12 -9.61
C SER UA 341 88.20 53.92 -10.55
N HIS UA 342 88.07 54.16 -11.84
CA HIS UA 342 87.95 53.06 -12.81
C HIS UA 342 89.28 52.39 -13.11
N LYS UA 343 90.40 52.99 -12.74
CA LYS UA 343 91.71 52.41 -13.00
C LYS UA 343 92.45 52.04 -11.71
N GLY UA 344 92.64 52.98 -10.80
CA GLY UA 344 93.44 52.74 -9.62
C GLY UA 344 94.53 53.78 -9.46
N PHE UA 345 95.75 53.33 -9.15
CA PHE UA 345 96.89 54.22 -9.03
C PHE UA 345 97.72 54.12 -10.31
N VAL UA 346 97.87 55.24 -11.01
CA VAL UA 346 98.53 55.26 -12.31
C VAL UA 346 99.52 56.40 -12.37
N VAL UA 347 100.51 56.26 -13.26
CA VAL UA 347 101.45 57.33 -13.55
C VAL UA 347 100.83 58.25 -14.58
N TRP UA 348 100.80 59.55 -14.29
CA TRP UA 348 100.11 60.52 -15.13
C TRP UA 348 101.02 61.66 -15.55
N GLY UA 349 102.28 61.35 -15.89
CA GLY UA 349 103.19 62.36 -16.38
C GLY UA 349 104.35 61.73 -17.11
N ALA UA 350 104.81 62.41 -18.17
CA ALA UA 350 105.90 61.91 -18.99
C ALA UA 350 106.84 63.05 -19.39
N ARG UA 351 106.94 64.08 -18.56
CA ARG UA 351 107.80 65.21 -18.85
C ARG UA 351 109.12 65.11 -18.10
N THR UA 352 110.13 65.80 -18.62
CA THR UA 352 111.40 65.96 -17.93
C THR UA 352 111.47 67.36 -17.31
N LEU UA 353 112.57 67.64 -16.61
CA LEU UA 353 112.73 68.93 -15.96
C LEU UA 353 113.05 70.06 -16.93
N GLN UA 354 113.45 69.75 -18.15
CA GLN UA 354 113.72 70.77 -19.16
C GLN UA 354 112.51 70.92 -20.06
N ASN UA 355 112.08 72.16 -20.26
CA ASN UA 355 110.86 72.48 -21.00
C ASN UA 355 111.25 73.19 -22.29
N ASP UA 356 111.44 72.41 -23.36
CA ASP UA 356 111.71 72.96 -24.68
C ASP UA 356 111.24 71.96 -25.72
N ASP UA 357 111.26 72.38 -26.98
CA ASP UA 357 110.74 71.55 -28.05
C ASP UA 357 111.58 70.31 -28.31
N ASN UA 358 112.77 70.22 -27.73
CA ASN UA 358 113.67 69.10 -28.00
C ASN UA 358 113.50 67.97 -26.97
N TRP UA 359 113.73 68.28 -25.69
CA TRP UA 359 113.81 67.27 -24.64
C TRP UA 359 112.70 67.43 -23.62
N ARG UA 360 111.48 67.72 -24.07
CA ARG UA 360 110.37 67.93 -23.15
C ARG UA 360 109.86 66.61 -22.59
N TYR UA 361 109.88 65.55 -23.38
CA TYR UA 361 109.25 64.28 -23.02
C TYR UA 361 110.29 63.23 -22.67
N ILE UA 362 109.95 62.39 -21.68
CA ILE UA 362 110.85 61.31 -21.29
C ILE UA 362 111.11 60.33 -22.42
N PRO UA 363 110.10 59.83 -23.15
CA PRO UA 363 110.41 58.84 -24.22
C PRO UA 363 111.34 59.37 -25.29
N VAL UA 364 111.25 60.66 -25.63
CA VAL UA 364 112.14 61.24 -26.62
C VAL UA 364 113.57 61.26 -26.09
N ARG UA 365 113.75 61.70 -24.85
CA ARG UA 365 115.08 61.76 -24.26
C ARG UA 365 115.68 60.37 -24.10
N ARG UA 366 114.89 59.42 -23.62
CA ARG UA 366 115.43 58.08 -23.36
C ARG UA 366 115.74 57.34 -24.65
N LEU UA 367 114.96 57.59 -25.70
CA LEU UA 367 115.24 56.95 -27.00
C LEU UA 367 116.59 57.38 -27.54
N PHE UA 368 116.90 58.67 -27.44
CA PHE UA 368 118.20 59.16 -27.91
C PHE UA 368 119.33 58.60 -27.08
N ASN UA 369 119.12 58.46 -25.77
CA ASN UA 369 120.14 57.85 -24.91
C ASN UA 369 120.39 56.41 -25.31
N ALA UA 370 119.33 55.66 -25.61
CA ALA UA 370 119.49 54.27 -26.03
C ALA UA 370 120.18 54.18 -27.38
N ALA UA 371 119.81 55.06 -28.31
CA ALA UA 371 120.40 55.00 -29.65
C ALA UA 371 121.89 55.33 -29.61
N GLU UA 372 122.27 56.40 -28.90
CA GLU UA 372 123.68 56.78 -28.86
C GLU UA 372 124.50 55.77 -28.05
N ARG UA 373 123.85 55.03 -27.15
CA ARG UA 373 124.56 53.97 -26.43
C ARG UA 373 124.81 52.78 -27.33
N ASP UA 374 123.81 52.37 -28.10
CA ASP UA 374 123.97 51.23 -29.01
C ASP UA 374 124.91 51.56 -30.15
N ILE UA 375 124.85 52.78 -30.67
CA ILE UA 375 125.76 53.18 -31.73
C ILE UA 375 127.20 53.21 -31.21
N LYS UA 376 127.39 53.74 -30.01
CA LYS UA 376 128.73 53.77 -29.41
C LYS UA 376 129.29 52.36 -29.24
N GLN UA 377 128.44 51.40 -28.90
CA GLN UA 377 128.88 50.01 -28.79
C GLN UA 377 129.32 49.46 -30.14
N ALA UA 378 128.65 49.88 -31.22
CA ALA UA 378 129.00 49.39 -32.54
C ALA UA 378 130.33 49.97 -33.01
N MET UA 379 130.60 51.23 -32.68
CA MET UA 379 131.84 51.87 -33.12
C MET UA 379 133.05 51.48 -32.30
N GLN UA 380 132.87 50.75 -31.20
CA GLN UA 380 134.02 50.34 -30.40
C GLN UA 380 134.85 49.26 -31.07
N SER UA 381 134.37 48.67 -32.15
CA SER UA 381 135.13 47.73 -32.96
C SER UA 381 135.96 48.42 -34.03
N VAL UA 382 135.96 49.75 -34.05
CA VAL UA 382 136.64 50.53 -35.09
C VAL UA 382 137.66 51.48 -34.51
N VAL UA 383 137.91 51.43 -33.19
CA VAL UA 383 138.66 52.50 -32.52
C VAL UA 383 140.08 52.60 -33.06
N PHE UA 384 140.77 51.47 -33.18
CA PHE UA 384 142.17 51.46 -33.59
C PHE UA 384 142.36 51.03 -35.02
N GLU UA 385 141.31 51.04 -35.84
CA GLU UA 385 141.44 50.78 -37.25
C GLU UA 385 142.16 51.94 -37.93
N PRO UA 386 142.79 51.69 -39.08
CA PRO UA 386 143.44 52.79 -39.80
C PRO UA 386 142.43 53.85 -40.22
N ASN UA 387 142.86 55.11 -40.14
CA ASN UA 387 141.98 56.25 -40.42
C ASN UA 387 142.02 56.54 -41.93
N SER UA 388 141.27 55.75 -42.68
CA SER UA 388 141.23 55.85 -44.13
C SER UA 388 139.79 55.73 -44.60
N GLN UA 389 139.58 55.96 -45.90
CA GLN UA 389 138.23 55.90 -46.46
C GLN UA 389 137.55 54.55 -46.30
N PRO UA 390 138.19 53.41 -46.53
CA PRO UA 390 137.49 52.13 -46.32
C PRO UA 390 137.01 51.94 -44.89
N THR UA 391 137.69 52.55 -43.92
CA THR UA 391 137.22 52.47 -42.54
C THR UA 391 135.96 53.30 -42.35
N TRP UA 392 135.88 54.46 -43.00
CA TRP UA 392 134.70 55.31 -42.85
C TRP UA 392 133.48 54.68 -43.51
N GLU UA 393 133.68 53.95 -44.61
CA GLU UA 393 132.57 53.28 -45.26
C GLU UA 393 131.98 52.20 -44.36
N ARG UA 394 132.84 51.46 -43.64
CA ARG UA 394 132.35 50.44 -42.72
C ARG UA 394 131.58 51.07 -41.56
N VAL UA 395 132.00 52.25 -41.11
CA VAL UA 395 131.30 52.93 -40.03
C VAL UA 395 129.91 53.35 -40.48
N LYS UA 396 129.81 53.91 -41.69
CA LYS UA 396 128.52 54.35 -42.21
C LYS UA 396 127.57 53.18 -42.38
N SER UA 397 128.08 52.04 -42.85
CA SER UA 397 127.24 50.85 -43.02
C SER UA 397 126.71 50.36 -41.67
N ALA UA 398 127.57 50.36 -40.64
CA ALA UA 398 127.15 49.84 -39.34
C ALA UA 398 126.05 50.71 -38.73
N ILE UA 399 126.19 52.03 -38.83
CA ILE UA 399 125.19 52.92 -38.25
C ILE UA 399 123.89 52.86 -39.05
N ASP UA 400 124.00 52.83 -40.39
CA ASP UA 400 122.82 52.79 -41.23
C ASP UA 400 122.03 51.51 -41.01
N ASN UA 401 122.73 50.38 -40.81
CA ASN UA 401 122.06 49.13 -40.55
C ASN UA 401 121.29 49.17 -39.24
N TYR UA 402 121.90 49.75 -38.20
CA TYR UA 402 121.23 49.84 -36.90
C TYR UA 402 120.02 50.76 -36.98
N LEU UA 403 120.16 51.91 -37.64
CA LEU UA 403 119.07 52.89 -37.69
C LEU UA 403 117.90 52.36 -38.49
N TYR UA 404 118.16 51.56 -39.53
CA TYR UA 404 117.07 50.96 -40.28
C TYR UA 404 116.26 50.01 -39.41
N SER UA 405 116.93 49.21 -38.58
CA SER UA 405 116.22 48.31 -37.69
C SER UA 405 115.38 49.08 -36.68
N LEU UA 406 115.88 50.24 -36.23
CA LEU UA 406 115.12 51.06 -35.30
C LEU UA 406 113.85 51.59 -35.96
N TRP UA 407 113.93 52.01 -37.22
CA TRP UA 407 112.76 52.53 -37.92
C TRP UA 407 111.74 51.44 -38.19
N GLN UA 408 112.19 50.20 -38.38
CA GLN UA 408 111.25 49.10 -38.67
C GLN UA 408 110.31 48.86 -37.51
N GLN UA 409 110.84 48.89 -36.28
CA GLN UA 409 110.02 48.63 -35.10
C GLN UA 409 109.07 49.78 -34.77
N GLY UA 410 109.21 50.92 -35.42
CA GLY UA 410 108.36 52.06 -35.16
C GLY UA 410 108.92 53.09 -34.22
N ALA UA 411 110.21 53.00 -33.87
CA ALA UA 411 110.80 53.97 -32.96
C ALA UA 411 110.85 55.36 -33.57
N LEU UA 412 111.16 55.44 -34.86
CA LEU UA 412 111.32 56.71 -35.55
C LEU UA 412 110.08 57.03 -36.37
N ALA UA 413 109.93 58.31 -36.70
CA ALA UA 413 108.80 58.79 -37.48
C ALA UA 413 109.15 58.84 -38.96
N GLY UA 414 108.11 58.76 -39.79
CA GLY UA 414 108.29 58.85 -41.22
C GLY UA 414 107.76 57.66 -41.99
N ASN UA 415 107.41 57.87 -43.27
CA ASN UA 415 106.90 56.81 -44.12
C ASN UA 415 108.00 56.05 -44.83
N LYS UA 416 109.25 56.52 -44.77
CA LYS UA 416 110.37 55.86 -45.42
C LYS UA 416 111.63 56.23 -44.66
N PRO UA 417 112.69 55.42 -44.79
CA PRO UA 417 113.90 55.68 -44.00
C PRO UA 417 114.51 57.05 -44.22
N GLN UA 418 114.41 57.60 -45.43
CA GLN UA 418 115.01 58.90 -45.70
C GLN UA 418 114.38 60.01 -44.85
N GLU UA 419 113.14 59.80 -44.41
CA GLU UA 419 112.46 60.78 -43.56
C GLU UA 419 112.72 60.55 -42.08
N ALA UA 420 113.37 59.45 -41.71
CA ALA UA 420 113.54 59.08 -40.31
C ALA UA 420 114.94 59.32 -39.78
N TYR UA 421 115.97 59.20 -40.61
CA TYR UA 421 117.34 59.30 -40.13
C TYR UA 421 118.26 59.65 -41.30
N PHE UA 422 119.50 60.00 -40.96
CA PHE UA 422 120.54 60.19 -41.95
C PHE UA 422 121.90 60.03 -41.27
N VAL UA 423 122.87 59.55 -42.04
CA VAL UA 423 124.24 59.35 -41.57
C VAL UA 423 125.18 60.04 -42.55
N GLN UA 424 126.13 60.80 -42.02
CA GLN UA 424 127.07 61.56 -42.84
C GLN UA 424 128.48 61.39 -42.31
N ILE UA 425 129.41 61.06 -43.20
CA ILE UA 425 130.83 61.00 -42.87
C ILE UA 425 131.64 61.11 -44.17
N GLY UA 426 132.66 61.95 -44.18
CA GLY UA 426 133.44 62.14 -45.38
C GLY UA 426 134.67 62.98 -45.12
N LYS UA 427 135.54 63.03 -46.13
CA LYS UA 427 136.80 63.77 -46.04
C LYS UA 427 136.61 65.28 -46.14
N ASP UA 428 135.50 65.74 -46.74
CA ASP UA 428 135.22 67.17 -46.82
C ASP UA 428 133.78 67.48 -46.46
N VAL UA 429 133.11 66.57 -45.75
CA VAL UA 429 131.72 66.74 -45.36
C VAL UA 429 131.60 66.96 -43.86
N THR UA 430 132.30 66.16 -43.07
CA THR UA 430 132.22 66.23 -41.61
C THR UA 430 133.55 66.52 -40.94
N MET UA 431 134.65 66.07 -41.51
CA MET UA 431 135.98 66.26 -40.95
C MET UA 431 136.92 66.77 -42.02
N SER UA 432 137.97 67.46 -41.59
CA SER UA 432 138.95 68.04 -42.50
C SER UA 432 140.25 67.23 -42.45
N ASP UA 433 141.27 67.72 -43.18
CA ASP UA 433 142.55 67.02 -43.19
C ASP UA 433 143.25 67.10 -41.84
N ASP UA 434 143.08 68.23 -41.13
CA ASP UA 434 143.70 68.38 -39.82
C ASP UA 434 143.12 67.39 -38.81
N ASP UA 435 141.81 67.16 -38.87
CA ASP UA 435 141.19 66.19 -37.96
C ASP UA 435 141.72 64.79 -38.22
N ILE UA 436 141.87 64.41 -39.49
CA ILE UA 436 142.34 63.07 -39.81
C ILE UA 436 143.80 62.90 -39.41
N LYS UA 437 144.61 63.95 -39.57
CA LYS UA 437 146.00 63.87 -39.15
C LYS UA 437 146.12 63.73 -37.63
N GLN UA 438 145.10 64.15 -36.90
CA GLN UA 438 145.09 64.04 -35.45
C GLN UA 438 144.46 62.75 -34.95
N GLY UA 439 144.06 61.86 -35.85
CA GLY UA 439 143.43 60.62 -35.47
C GLY UA 439 141.94 60.70 -35.21
N LYS UA 440 141.30 61.79 -35.62
CA LYS UA 440 139.88 61.99 -35.36
C LYS UA 440 139.02 61.41 -36.48
N MET UA 441 137.81 60.99 -36.10
CA MET UA 441 136.82 60.49 -37.05
C MET UA 441 135.47 61.02 -36.62
N ILE UA 442 134.84 61.82 -37.48
CA ILE UA 442 133.62 62.54 -37.14
C ILE UA 442 132.49 62.05 -38.02
N VAL UA 443 131.37 61.69 -37.40
CA VAL UA 443 130.18 61.22 -38.09
C VAL UA 443 128.97 61.94 -37.51
N LYS UA 444 128.08 62.38 -38.38
CA LYS UA 444 126.87 63.10 -37.97
C LYS UA 444 125.65 62.20 -38.13
N VAL UA 445 124.84 62.12 -37.08
CA VAL UA 445 123.65 61.28 -37.06
C VAL UA 445 122.46 62.13 -36.66
N GLY UA 446 121.36 62.01 -37.40
CA GLY UA 446 120.13 62.70 -37.06
C GLY UA 446 118.96 61.74 -37.09
N MET UA 447 118.03 61.94 -36.16
CA MET UA 447 116.85 61.10 -36.05
C MET UA 447 115.63 61.97 -35.80
N ALA UA 448 114.45 61.40 -36.07
CA ALA UA 448 113.18 62.04 -35.81
C ALA UA 448 112.32 61.12 -34.95
N ALA UA 449 111.78 61.67 -33.87
CA ALA UA 449 110.99 60.90 -32.91
C ALA UA 449 109.52 61.30 -32.98
N VAL UA 450 108.68 60.49 -32.34
CA VAL UA 450 107.24 60.71 -32.32
C VAL UA 450 106.84 61.21 -30.95
N ARG UA 451 106.13 62.34 -30.91
CA ARG UA 451 105.75 62.89 -29.62
C ARG UA 451 104.44 62.26 -29.14
N PRO UA 452 104.28 62.12 -27.83
CA PRO UA 452 103.04 61.54 -27.29
C PRO UA 452 101.89 62.52 -27.36
N ALA UA 453 100.68 61.97 -27.28
CA ALA UA 453 99.46 62.77 -27.17
C ALA UA 453 99.14 62.97 -25.70
N GLU UA 454 99.09 64.22 -25.26
CA GLU UA 454 98.93 64.54 -23.85
C GLU UA 454 97.54 65.04 -23.49
N PHE UA 455 96.85 65.72 -24.40
CA PHE UA 455 95.53 66.26 -24.14
C PHE UA 455 94.56 65.79 -25.20
N ILE UA 456 93.41 65.25 -24.77
CA ILE UA 456 92.35 64.84 -25.67
C ILE UA 456 91.11 65.66 -25.33
N ILE UA 457 90.56 66.34 -26.32
CA ILE UA 457 89.46 67.28 -26.13
C ILE UA 457 88.22 66.70 -26.77
N LEU UA 458 87.14 66.59 -26.00
CA LEU UA 458 85.86 66.13 -26.49
C LEU UA 458 84.92 67.32 -26.68
N GLN UA 459 84.33 67.43 -27.87
CA GLN UA 459 83.40 68.51 -28.19
C GLN UA 459 82.03 67.89 -28.42
N PHE UA 460 81.10 68.17 -27.51
CA PHE UA 460 79.76 67.59 -27.55
C PHE UA 460 78.77 68.59 -28.10
N SER UA 461 77.86 68.10 -28.94
CA SER UA 461 76.82 68.93 -29.52
C SER UA 461 75.46 68.31 -29.26
N GLN UA 462 74.43 69.15 -29.19
CA GLN UA 462 73.10 68.69 -28.82
C GLN UA 462 72.41 67.97 -29.97
N GLN UA 463 72.67 68.39 -31.21
CA GLN UA 463 71.99 67.81 -32.35
C GLN UA 463 72.94 67.01 -33.24
N THR VA 3 90.15 75.81 -25.73
CA THR VA 3 90.61 75.82 -24.36
C THR VA 3 92.13 75.78 -24.28
N ILE VA 4 92.67 76.06 -23.11
CA ILE VA 4 94.11 76.04 -22.86
C ILE VA 4 94.40 74.84 -21.95
N PRO VA 5 94.96 73.76 -22.47
CA PRO VA 5 95.19 72.57 -21.65
C PRO VA 5 96.39 72.75 -20.72
N THR VA 6 96.19 72.37 -19.47
CA THR VA 6 97.25 72.43 -18.46
C THR VA 6 97.66 71.05 -17.97
N TYR VA 7 96.71 70.25 -17.49
CA TYR VA 7 96.99 68.93 -16.99
C TYR VA 7 96.80 67.88 -18.08
N PRO VA 8 97.54 66.78 -18.03
CA PRO VA 8 97.29 65.69 -18.97
C PRO VA 8 95.93 65.04 -18.70
N GLY VA 9 95.31 64.53 -19.76
CA GLY VA 9 94.05 63.86 -19.60
C GLY VA 9 93.00 64.22 -20.64
N VAL VA 10 91.73 64.17 -20.25
CA VAL VA 10 90.61 64.33 -21.16
C VAL VA 10 89.84 65.58 -20.77
N TYR VA 11 89.58 66.45 -21.74
CA TYR VA 11 88.79 67.66 -21.55
C TYR VA 11 87.44 67.51 -22.23
N ILE VA 12 86.43 68.17 -21.66
CA ILE VA 12 85.07 68.11 -22.16
C ILE VA 12 84.60 69.52 -22.46
N GLU VA 13 84.07 69.73 -23.66
CA GLU VA 13 83.56 71.02 -24.10
C GLU VA 13 82.16 70.87 -24.68
N GLU VA 14 81.32 71.86 -24.43
CA GLU VA 14 79.99 71.93 -25.02
C GLU VA 14 79.95 73.12 -25.97
N ASP VA 15 79.54 72.87 -27.21
CA ASP VA 15 79.56 73.92 -28.23
C ASP VA 15 78.50 73.62 -29.27
N ALA VA 16 78.55 74.37 -30.38
CA ALA VA 16 77.68 74.11 -31.52
C ALA VA 16 78.42 74.24 -32.84
N SER VA 17 79.74 74.27 -32.83
CA SER VA 17 80.51 74.42 -34.06
C SER VA 17 80.32 73.20 -34.96
N LEU VA 18 80.18 73.46 -36.25
CA LEU VA 18 79.90 72.43 -37.24
C LEU VA 18 81.02 72.38 -38.26
N ASN VA 19 81.49 71.18 -38.58
CA ASN VA 19 82.45 70.95 -39.64
C ASN VA 19 81.94 69.88 -40.59
N LEU VA 20 82.48 69.88 -41.80
CA LEU VA 20 82.02 69.01 -42.86
C LEU VA 20 83.18 68.17 -43.37
N SER VA 21 82.85 67.05 -44.00
CA SER VA 21 83.86 66.17 -44.56
C SER VA 21 84.60 66.88 -45.70
N VAL VA 22 85.91 66.64 -45.77
CA VAL VA 22 86.78 67.29 -46.74
C VAL VA 22 86.99 66.35 -47.92
N ASN VA 23 86.76 66.85 -49.13
CA ASN VA 23 86.97 66.08 -50.34
C ASN VA 23 88.25 66.55 -51.04
N GLN VA 24 88.54 65.94 -52.17
CA GLN VA 24 89.76 66.27 -52.89
C GLN VA 24 89.51 66.15 -54.40
N GLY VA 25 90.31 66.88 -55.16
CA GLY VA 25 90.19 66.87 -56.61
C GLY VA 25 91.27 67.73 -57.21
N ASN VA 26 91.42 67.61 -58.53
CA ASN VA 26 92.46 68.34 -59.24
C ASN VA 26 91.89 69.12 -60.42
N THR VA 27 90.86 68.59 -61.05
CA THR VA 27 90.31 69.19 -62.26
C THR VA 27 89.23 70.22 -61.98
N ALA VA 28 88.93 70.52 -60.71
CA ALA VA 28 87.93 71.52 -60.37
C ALA VA 28 88.36 72.20 -59.07
N ILE VA 29 89.04 73.34 -59.22
CA ILE VA 29 89.45 74.13 -58.07
C ILE VA 29 88.95 75.57 -58.27
N PRO VA 30 87.93 75.99 -57.55
CA PRO VA 30 87.35 77.33 -57.78
C PRO VA 30 88.01 78.40 -56.94
N VAL VA 31 87.85 79.64 -57.41
CA VAL VA 31 88.26 80.83 -56.67
C VAL VA 31 87.01 81.67 -56.42
N PHE VA 32 86.85 82.16 -55.20
CA PHE VA 32 85.71 82.95 -54.80
C PHE VA 32 86.14 84.39 -54.59
N ILE VA 33 85.48 85.32 -55.27
CA ILE VA 33 85.72 86.74 -55.12
C ILE VA 33 84.49 87.36 -54.46
N GLY VA 34 84.69 88.01 -53.33
CA GLY VA 34 83.58 88.57 -52.60
C GLY VA 34 84.05 89.30 -51.36
N LEU VA 35 83.07 89.77 -50.59
CA LEU VA 35 83.34 90.56 -49.38
C LEU VA 35 83.62 89.59 -48.23
N PHE VA 36 84.86 89.10 -48.20
CA PHE VA 36 85.29 88.24 -47.11
C PHE VA 36 85.99 89.06 -46.04
N SER VA 37 86.16 88.45 -44.87
CA SER VA 37 86.75 89.10 -43.69
C SER VA 37 87.90 88.24 -43.17
N PRO VA 38 89.09 88.39 -43.74
CA PRO VA 38 90.23 87.62 -43.25
C PRO VA 38 90.61 88.00 -41.82
N LYS VA 39 91.08 87.01 -41.07
CA LYS VA 39 91.53 87.26 -39.71
C LYS VA 39 92.86 88.01 -39.68
N ASN VA 40 93.62 87.97 -40.76
CA ASN VA 40 94.90 88.66 -40.87
C ASN VA 40 94.75 89.83 -41.83
N THR VA 41 95.39 90.95 -41.49
CA THR VA 41 95.27 92.15 -42.32
C THR VA 41 95.84 91.92 -43.71
N ASN VA 42 97.00 91.27 -43.80
CA ASN VA 42 97.62 91.00 -45.09
C ASN VA 42 97.08 89.71 -45.71
N SER VA 45 93.75 91.13 -50.49
CA SER VA 45 94.71 91.66 -51.45
C SER VA 45 95.50 90.53 -52.10
N GLN VA 46 95.52 89.37 -51.46
CA GLN VA 46 96.23 88.20 -51.95
C GLN VA 46 95.32 86.98 -51.87
N VAL VA 47 95.50 86.07 -52.82
CA VAL VA 47 94.69 84.86 -52.88
C VAL VA 47 95.16 83.89 -51.81
N THR VA 48 94.21 83.35 -51.05
CA THR VA 48 94.50 82.44 -49.94
C THR VA 48 93.90 81.08 -50.23
N ARG VA 49 94.70 80.03 -50.06
CA ARG VA 49 94.24 78.67 -50.27
C ARG VA 49 93.56 78.15 -49.01
N VAL VA 50 92.38 77.56 -49.18
CA VAL VA 50 91.60 76.99 -48.09
C VAL VA 50 91.34 75.52 -48.40
N ASN VA 51 91.70 74.64 -47.47
CA ASN VA 51 91.58 73.22 -47.70
C ASN VA 51 90.23 72.64 -47.31
N SER VA 52 89.58 73.20 -46.29
CA SER VA 52 88.31 72.66 -45.81
C SER VA 52 87.58 73.75 -45.05
N TRP VA 53 86.37 73.42 -44.59
CA TRP VA 53 85.58 74.38 -43.83
C TRP VA 53 86.26 74.75 -42.52
N LEU VA 54 86.91 73.79 -41.87
CA LEU VA 54 87.64 74.09 -40.64
C LEU VA 54 88.78 75.06 -40.90
N ASP VA 55 89.50 74.87 -42.01
CA ASP VA 55 90.58 75.79 -42.36
C ASP VA 55 90.04 77.18 -42.67
N PHE VA 56 88.87 77.25 -43.31
CA PHE VA 56 88.27 78.55 -43.63
C PHE VA 56 87.94 79.33 -42.37
N THR VA 57 87.32 78.68 -41.39
CA THR VA 57 86.98 79.38 -40.15
C THR VA 57 88.21 79.73 -39.34
N ASN VA 58 89.31 79.01 -39.54
CA ASN VA 58 90.54 79.31 -38.82
C ASN VA 58 91.25 80.53 -39.40
N LEU VA 59 91.04 80.82 -40.69
CA LEU VA 59 91.69 81.94 -41.34
C LEU VA 59 90.77 83.10 -41.63
N PHE VA 60 89.45 82.89 -41.58
CA PHE VA 60 88.48 83.93 -41.89
C PHE VA 60 87.41 83.96 -40.81
N ASN VA 61 86.74 85.11 -40.70
CA ASN VA 61 85.63 85.29 -39.79
C ASN VA 61 84.33 85.01 -40.55
N ALA VA 62 83.63 83.96 -40.16
CA ALA VA 62 82.38 83.60 -40.83
C ALA VA 62 81.23 84.44 -40.30
N GLY VA 63 80.40 84.93 -41.21
CA GLY VA 63 79.27 85.75 -40.83
C GLY VA 63 78.63 86.37 -42.05
N CYS VA 64 77.46 86.97 -41.81
CA CYS VA 64 76.69 87.62 -42.87
C CYS VA 64 76.87 89.13 -42.90
N ILE VA 65 77.78 89.66 -42.09
CA ILE VA 65 78.02 91.10 -42.04
C ILE VA 65 79.46 91.36 -42.48
N ALA VA 66 79.61 92.20 -43.50
CA ALA VA 66 80.92 92.55 -44.00
C ALA VA 66 81.65 93.45 -42.99
N PRO VA 67 82.97 93.54 -43.08
CA PRO VA 67 83.71 94.41 -42.15
C PRO VA 67 83.23 95.84 -42.23
N ILE VA 68 83.16 96.49 -41.08
CA ILE VA 68 82.61 97.84 -40.95
C ILE VA 68 83.73 98.85 -41.04
N THR VA 69 83.55 99.86 -41.89
CA THR VA 69 84.52 100.94 -42.07
C THR VA 69 83.94 102.22 -41.51
N ILE VA 70 84.71 102.90 -40.66
CA ILE VA 70 84.27 104.15 -40.06
C ILE VA 70 85.00 105.33 -40.69
N VAL VA 114 79.30 105.83 -40.15
CA VAL VA 114 79.69 104.46 -40.37
C VAL VA 114 78.82 103.82 -41.44
N ILE VA 115 79.34 102.80 -42.13
CA ILE VA 115 78.57 102.05 -43.10
C ILE VA 115 78.77 100.56 -42.85
N VAL VA 116 77.75 99.77 -43.19
CA VAL VA 116 77.78 98.33 -43.06
C VAL VA 116 77.27 97.72 -44.36
N ASN VA 117 77.63 96.46 -44.59
CA ASN VA 117 77.24 95.75 -45.79
C ASN VA 117 76.78 94.34 -45.43
N TYR VA 118 75.92 93.78 -46.27
CA TYR VA 118 75.42 92.43 -46.11
C TYR VA 118 76.09 91.52 -47.15
N THR VA 119 76.67 90.43 -46.68
CA THR VA 119 77.41 89.52 -47.54
C THR VA 119 76.91 88.09 -47.37
N THR VA 120 76.78 87.38 -48.49
CA THR VA 120 76.39 85.98 -48.49
C THR VA 120 77.58 85.07 -48.71
N SER VA 121 78.81 85.60 -48.63
CA SER VA 121 79.99 84.82 -48.97
C SER VA 121 80.17 83.63 -48.02
N SER VA 122 79.98 83.84 -46.72
CA SER VA 122 80.21 82.77 -45.76
C SER VA 122 79.21 81.63 -45.94
N ASP VA 123 77.92 81.97 -46.11
CA ASP VA 123 76.92 80.93 -46.31
C ASP VA 123 77.09 80.21 -47.64
N ALA VA 124 77.48 80.95 -48.68
CA ALA VA 124 77.70 80.31 -49.98
C ALA VA 124 78.84 79.31 -49.92
N LEU VA 125 79.89 79.62 -49.16
CA LEU VA 125 80.99 78.68 -49.00
C LEU VA 125 80.55 77.42 -48.26
N LYS VA 126 79.69 77.58 -47.24
CA LYS VA 126 79.19 76.41 -46.53
C LYS VA 126 78.38 75.52 -47.45
N LEU VA 127 77.59 76.12 -48.34
CA LEU VA 127 76.86 75.35 -49.34
C LEU VA 127 77.83 74.66 -50.30
N TYR VA 128 78.93 75.33 -50.64
CA TYR VA 128 79.91 74.75 -51.55
C TYR VA 128 80.54 73.50 -50.95
N PHE VA 129 80.89 73.55 -49.66
CA PHE VA 129 81.50 72.38 -49.02
C PHE VA 129 80.48 71.28 -48.78
N GLN VA 130 79.22 71.64 -48.51
CA GLN VA 130 78.18 70.65 -48.27
C GLN VA 130 77.82 69.87 -49.53
N ASN VA 131 78.12 70.41 -50.71
CA ASN VA 131 77.77 69.78 -51.97
C ASN VA 131 78.92 69.02 -52.60
N GLY VA 132 80.00 68.81 -51.86
CA GLY VA 132 81.12 68.02 -52.33
C GLY VA 132 82.37 68.79 -52.74
N GLY VA 133 82.44 70.08 -52.45
CA GLY VA 133 83.60 70.85 -52.86
C GLY VA 133 84.85 70.46 -52.10
N GLY VA 134 86.00 70.68 -52.74
CA GLY VA 134 87.28 70.39 -52.14
C GLY VA 134 88.04 71.65 -51.79
N PRO VA 135 89.37 71.58 -51.83
CA PRO VA 135 90.17 72.78 -51.58
C PRO VA 135 89.87 73.86 -52.59
N CYS VA 136 89.89 75.11 -52.13
CA CYS VA 136 89.57 76.26 -52.97
C CYS VA 136 90.42 77.44 -52.56
N TYR VA 137 90.42 78.46 -53.41
CA TYR VA 137 91.13 79.70 -53.15
C TYR VA 137 90.11 80.83 -52.93
N ILE VA 138 90.43 81.74 -52.02
CA ILE VA 138 89.54 82.84 -51.67
C ILE VA 138 90.26 84.15 -51.95
N LEU VA 139 89.60 85.03 -52.68
CA LEU VA 139 90.14 86.36 -53.02
C LEU VA 139 89.25 87.40 -52.36
N PRO VA 140 89.58 87.85 -51.15
CA PRO VA 140 88.74 88.84 -50.47
C PRO VA 140 88.93 90.23 -51.07
N GLN VA 141 87.81 90.92 -51.30
CA GLN VA 141 87.82 92.31 -51.74
C GLN VA 141 87.47 93.19 -50.54
N LEU VA 142 88.37 94.12 -50.22
CA LEU VA 142 88.23 94.95 -49.03
C LEU VA 142 88.00 96.40 -49.43
N ASP VA 143 87.36 97.14 -48.54
CA ASP VA 143 87.09 98.58 -48.69
C ASP VA 143 86.22 98.77 -49.95
N ARG VA 144 86.39 99.90 -50.63
CA ARG VA 144 85.59 100.21 -51.80
C ARG VA 144 86.10 99.44 -53.02
N LEU VA 145 85.23 99.33 -54.02
CA LEU VA 145 85.54 98.60 -55.26
C LEU VA 145 86.23 99.57 -56.22
N THR VA 146 87.55 99.67 -56.10
CA THR VA 146 88.32 100.53 -56.98
C THR VA 146 88.61 99.80 -58.29
N GLN VA 147 88.83 100.59 -59.35
CA GLN VA 147 89.18 100.01 -60.64
C GLN VA 147 90.54 99.34 -60.60
N GLY VA 148 91.43 99.78 -59.71
CA GLY VA 148 92.71 99.11 -59.57
C GLY VA 148 92.57 97.66 -59.16
N PHE VA 149 91.63 97.38 -58.26
CA PHE VA 149 91.35 95.99 -57.89
C PHE VA 149 90.80 95.20 -59.07
N LEU VA 150 89.89 95.81 -59.84
CA LEU VA 150 89.27 95.10 -60.95
C LEU VA 150 90.30 94.74 -62.03
N ASP VA 151 91.22 95.65 -62.31
CA ASP VA 151 92.23 95.39 -63.33
C ASP VA 151 93.20 94.30 -62.89
N SER VA 152 93.47 94.20 -61.59
CA SER VA 152 94.43 93.24 -61.07
C SER VA 152 93.85 91.83 -60.90
N ILE VA 153 92.54 91.67 -61.04
CA ILE VA 153 91.93 90.35 -60.81
C ILE VA 153 92.47 89.29 -61.75
N PRO VA 154 92.55 89.51 -63.08
CA PRO VA 154 93.11 88.45 -63.94
C PRO VA 154 94.53 88.09 -63.59
N GLU VA 155 95.36 89.05 -63.18
CA GLU VA 155 96.73 88.75 -62.83
C GLU VA 155 96.83 88.00 -61.51
N LEU VA 156 95.99 88.36 -60.54
CA LEU VA 156 96.00 87.66 -59.26
C LEU VA 156 95.59 86.21 -59.42
N ILE VA 157 94.58 85.96 -60.25
CA ILE VA 157 94.12 84.59 -60.47
C ILE VA 157 95.22 83.76 -61.16
N LYS VA 158 95.86 84.34 -62.17
CA LYS VA 158 96.91 83.61 -62.87
C LYS VA 158 98.10 83.30 -61.97
N GLN VA 159 98.34 84.14 -60.96
CA GLN VA 159 99.46 83.89 -60.06
C GLN VA 159 99.27 82.60 -59.28
N ALA VA 160 98.05 82.34 -58.83
CA ALA VA 160 97.72 81.03 -58.27
C ALA VA 160 97.55 80.03 -59.41
N LEU VA 161 98.40 79.01 -59.44
CA LEU VA 161 98.53 78.17 -60.63
C LEU VA 161 97.51 77.05 -60.70
N GLU VA 162 96.72 76.84 -59.65
CA GLU VA 162 95.81 75.71 -59.59
C GLU VA 162 94.35 76.08 -59.83
N ILE VA 163 94.06 77.34 -60.18
CA ILE VA 163 92.68 77.76 -60.36
C ILE VA 163 92.11 77.20 -61.65
N THR VA 164 90.85 76.77 -61.60
CA THR VA 164 90.19 76.24 -62.78
C THR VA 164 88.79 76.84 -62.95
N LEU VA 165 88.19 77.32 -61.86
CA LEU VA 165 86.85 77.86 -61.89
C LEU VA 165 86.81 79.21 -61.18
N ILE VA 166 85.92 80.07 -61.64
CA ILE VA 166 85.75 81.41 -61.09
C ILE VA 166 84.30 81.57 -60.65
N VAL VA 167 84.10 81.96 -59.39
CA VAL VA 167 82.79 82.11 -58.79
C VAL VA 167 82.74 83.41 -58.00
N CYS VA 168 81.64 84.15 -58.15
CA CYS VA 168 81.40 85.36 -57.36
C CYS VA 168 80.17 85.15 -56.51
N PRO VA 169 80.31 84.76 -55.25
CA PRO VA 169 79.14 84.43 -54.40
C PRO VA 169 78.58 85.65 -53.66
N GLU VA 170 77.98 86.56 -54.41
CA GLU VA 170 77.40 87.77 -53.83
C GLU VA 170 75.98 87.96 -54.37
N TRP VA 171 75.06 88.34 -53.47
CA TRP VA 171 73.68 88.54 -53.86
C TRP VA 171 73.47 89.82 -54.65
N ASP VA 172 74.33 90.81 -54.49
CA ASP VA 172 74.17 92.07 -55.20
C ASP VA 172 74.40 91.86 -56.70
N SER VA 173 73.44 92.32 -57.50
CA SER VA 173 73.54 92.14 -58.96
C SER VA 173 74.58 93.07 -59.56
N GLY VA 174 74.61 94.33 -59.10
CA GLY VA 174 75.59 95.27 -59.62
C GLY VA 174 77.00 94.90 -59.29
N TYR VA 175 77.23 94.40 -58.06
CA TYR VA 175 78.57 93.96 -57.68
C TYR VA 175 79.02 92.78 -58.51
N GLN VA 176 78.13 91.82 -58.75
CA GLN VA 176 78.48 90.67 -59.58
C GLN VA 176 78.77 91.08 -61.02
N SER VA 177 77.99 92.04 -61.55
CA SER VA 177 78.19 92.46 -62.93
C SER VA 177 79.56 93.10 -63.12
N LYS VA 178 80.02 93.88 -62.14
CA LYS VA 178 81.33 94.50 -62.24
C LYS VA 178 82.44 93.46 -62.26
N ILE VA 179 82.32 92.42 -61.42
CA ILE VA 179 83.34 91.39 -61.36
C ILE VA 179 83.39 90.59 -62.65
N TYR VA 180 82.23 90.21 -63.18
CA TYR VA 180 82.19 89.41 -64.40
C TYR VA 180 82.81 90.16 -65.57
N ASN VA 181 82.54 91.46 -65.68
CA ASN VA 181 83.13 92.27 -66.74
C ASN VA 181 84.64 92.43 -66.58
N SER VA 182 85.18 92.19 -65.38
CA SER VA 182 86.61 92.34 -65.16
C SER VA 182 87.41 91.15 -65.63
N LEU VA 183 86.76 90.07 -66.05
CA LEU VA 183 87.44 88.87 -66.53
C LEU VA 183 87.72 89.04 -68.01
N THR VA 184 88.98 89.31 -68.35
CA THR VA 184 89.35 89.56 -69.74
C THR VA 184 89.28 88.29 -70.56
N SER VA 185 89.17 88.45 -71.88
CA SER VA 185 89.10 87.31 -72.77
C SER VA 185 90.38 86.48 -72.73
N SER VA 186 91.51 87.12 -72.47
CA SER VA 186 92.76 86.38 -72.34
C SER VA 186 92.73 85.43 -71.15
N LEU VA 187 92.15 85.88 -70.03
CA LEU VA 187 92.08 85.02 -68.86
C LEU VA 187 91.18 83.82 -69.10
N LEU VA 188 90.01 84.03 -69.70
CA LEU VA 188 89.08 82.93 -69.92
C LEU VA 188 89.62 81.94 -70.94
N ASN VA 189 90.25 82.44 -72.01
CA ASN VA 189 90.80 81.57 -73.04
C ASN VA 189 92.02 80.80 -72.55
N ALA VA 190 92.58 81.18 -71.40
CA ALA VA 190 93.75 80.47 -70.88
C ALA VA 190 93.39 79.23 -70.09
N GLY VA 191 92.16 78.73 -70.21
CA GLY VA 191 91.76 77.52 -69.53
C GLY VA 191 91.05 77.77 -68.21
N TYR VA 192 90.18 78.79 -68.19
CA TYR VA 192 89.40 79.10 -67.00
C TYR VA 192 87.93 79.12 -67.38
N PHE VA 193 87.09 78.66 -66.45
CA PHE VA 193 85.66 78.54 -66.67
C PHE VA 193 84.92 79.37 -65.63
N LEU VA 194 83.93 80.12 -66.07
CA LEU VA 194 83.17 81.01 -65.20
C LEU VA 194 81.78 80.44 -64.95
N ILE VA 195 81.41 80.34 -63.68
CA ILE VA 195 80.06 79.97 -63.27
C ILE VA 195 79.38 81.23 -62.77
N ALA VA 196 78.27 81.61 -63.41
CA ALA VA 196 77.63 82.88 -63.17
C ALA VA 196 76.18 82.68 -62.74
N ASP VA 197 75.66 83.66 -62.00
CA ASP VA 197 74.26 83.64 -61.60
C ASP VA 197 73.47 84.59 -62.48
N ASN VA 198 72.52 84.05 -63.24
CA ASN VA 198 71.64 84.90 -64.03
C ASN VA 198 70.62 85.58 -63.13
N GLN VA 199 70.47 86.89 -63.32
CA GLN VA 199 69.55 87.68 -62.51
C GLN VA 199 68.17 87.82 -63.14
N ASP VA 200 67.98 87.30 -64.35
CA ASP VA 200 66.72 87.45 -65.05
C ASP VA 200 66.38 86.15 -65.76
N LYS VA 201 65.08 85.88 -65.88
CA LYS VA 201 64.61 84.68 -66.55
C LYS VA 201 64.56 84.80 -68.06
N ASN VA 202 64.65 86.01 -68.60
CA ASN VA 202 64.38 86.25 -70.01
C ASN VA 202 65.59 86.67 -70.83
N THR VA 203 66.64 87.20 -70.20
CA THR VA 203 67.81 87.68 -70.92
C THR VA 203 69.06 87.00 -70.37
N ALA VA 204 69.88 86.48 -71.28
CA ALA VA 204 71.10 85.80 -70.87
C ALA VA 204 72.20 86.80 -70.54
N LEU VA 205 73.16 86.35 -69.74
CA LEU VA 205 74.31 87.16 -69.39
C LEU VA 205 75.23 87.33 -70.59
N ILE VA 206 76.00 88.40 -70.57
CA ILE VA 206 76.99 88.69 -71.62
C ILE VA 206 78.36 88.72 -70.96
N THR VA 207 79.27 87.88 -71.46
CA THR VA 207 80.64 87.86 -70.99
C THR VA 207 81.59 87.95 -72.18
N GLU VA 208 82.86 88.17 -71.90
CA GLU VA 208 83.85 88.32 -72.96
C GLU VA 208 84.05 87.04 -73.76
N VAL VA 209 83.94 85.87 -73.14
CA VAL VA 209 84.01 84.61 -73.86
C VAL VA 209 82.75 83.80 -73.55
N ALA VA 210 81.91 83.60 -74.57
CA ALA VA 210 80.65 82.89 -74.37
C ALA VA 210 80.88 81.40 -74.18
N SER VA 211 81.90 80.85 -74.86
CA SER VA 211 82.14 79.42 -74.80
C SER VA 211 82.57 78.98 -73.41
N GLN VA 212 83.17 79.88 -72.63
CA GLN VA 212 83.75 79.54 -71.34
C GLN VA 212 82.92 80.05 -70.16
N THR VA 213 81.59 80.11 -70.31
CA THR VA 213 80.73 80.62 -69.27
C THR VA 213 79.43 79.82 -69.22
N ALA VA 214 78.97 79.54 -68.01
CA ALA VA 214 77.69 78.89 -67.78
C ALA VA 214 76.91 79.69 -66.75
N THR VA 215 75.61 79.87 -66.98
CA THR VA 215 74.75 80.63 -66.09
C THR VA 215 73.62 79.73 -65.57
N TYR VA 216 73.22 79.97 -64.33
CA TYR VA 216 72.21 79.18 -63.66
C TYR VA 216 71.16 80.09 -63.04
N TYR VA 217 69.93 79.58 -62.95
CA TYR VA 217 68.81 80.34 -62.44
C TYR VA 217 67.78 79.38 -61.90
N PRO VA 218 67.10 79.71 -60.78
CA PRO VA 218 67.26 80.91 -59.94
C PRO VA 218 68.12 80.65 -58.70
N ALA VA 219 68.20 81.63 -57.81
CA ALA VA 219 68.94 81.44 -56.57
C ALA VA 219 68.19 80.49 -55.63
N VAL VA 220 68.87 80.09 -54.56
CA VAL VA 220 68.33 79.11 -53.62
C VAL VA 220 68.17 79.78 -52.26
N LYS VA 221 67.24 79.24 -51.47
CA LYS VA 221 67.02 79.70 -50.11
C LYS VA 221 67.60 78.72 -49.10
N VAL VA 222 67.93 79.23 -47.92
CA VAL VA 222 68.43 78.41 -46.82
C VAL VA 222 67.63 78.72 -45.57
N SER VA 223 67.72 77.82 -44.59
CA SER VA 223 66.93 77.96 -43.37
C SER VA 223 67.42 79.11 -42.51
N GLN VA 224 68.74 79.31 -42.41
CA GLN VA 224 69.27 80.36 -41.57
C GLN VA 224 70.65 80.74 -42.07
N LEU VA 225 71.09 81.94 -41.67
CA LEU VA 225 72.43 82.42 -41.99
C LEU VA 225 73.38 82.13 -40.83
N ILE VA 226 74.68 82.28 -41.11
CA ILE VA 226 75.68 82.15 -40.06
C ILE VA 226 75.80 83.48 -39.33
N GLN VA 227 75.55 83.47 -38.02
CA GLN VA 227 75.63 84.66 -37.19
C GLN VA 227 76.94 84.65 -36.41
N ALA VA 228 77.59 85.81 -36.34
CA ALA VA 228 78.88 85.95 -35.69
C ALA VA 228 78.77 86.85 -34.47
N GLU VA 229 79.61 86.57 -33.49
CA GLU VA 229 79.67 87.39 -32.28
C GLU VA 229 80.31 88.75 -32.61
N ASP VA 230 80.18 89.67 -31.65
CA ASP VA 230 80.71 91.01 -31.86
C ASP VA 230 82.22 91.01 -32.00
N SER VA 231 82.90 90.08 -31.33
CA SER VA 231 84.35 90.01 -31.43
C SER VA 231 84.82 89.50 -32.79
N GLN VA 232 83.93 88.90 -33.58
CA GLN VA 232 84.28 88.37 -34.89
C GLN VA 232 83.87 89.27 -36.04
N ILE VA 233 83.28 90.44 -35.75
CA ILE VA 233 82.92 91.40 -36.79
C ILE VA 233 84.00 92.46 -36.85
N ALA VA 234 84.70 92.53 -37.98
CA ALA VA 234 85.82 93.46 -38.10
C ALA VA 234 85.34 94.90 -38.16
N VAL VA 235 85.98 95.76 -37.39
CA VAL VA 235 85.68 97.19 -37.37
C VAL VA 235 87.00 97.95 -37.50
N SER VA 236 87.03 98.93 -38.40
CA SER VA 236 88.23 99.75 -38.59
C SER VA 236 87.82 101.16 -38.99
N GLY VA 237 88.72 102.11 -38.75
CA GLY VA 237 88.50 103.49 -39.09
C GLY VA 237 88.10 104.39 -37.93
N TYR VA 238 87.75 103.82 -36.79
CA TYR VA 238 87.38 104.64 -35.64
C TYR VA 238 88.60 105.34 -35.07
N GLU VA 239 88.40 106.59 -34.66
CA GLU VA 239 89.48 107.38 -34.07
C GLU VA 239 88.89 108.52 -33.26
N ASP VA 240 89.50 108.79 -32.12
CA ASP VA 240 89.12 109.91 -31.27
C ASP VA 240 90.39 110.58 -30.77
N ALA VA 241 90.23 111.53 -29.84
CA ALA VA 241 91.38 112.28 -29.34
C ALA VA 241 92.35 111.38 -28.58
N LYS VA 242 91.83 110.49 -27.74
CA LYS VA 242 92.68 109.68 -26.87
C LYS VA 242 93.10 108.35 -27.48
N THR VA 243 92.54 107.97 -28.62
CA THR VA 243 92.83 106.67 -29.22
C THR VA 243 93.23 106.84 -30.69
N LYS VA 244 94.22 106.07 -31.11
CA LYS VA 244 94.64 106.03 -32.50
C LYS VA 244 93.66 105.17 -33.31
N SER VA 245 93.80 105.23 -34.63
CA SER VA 245 92.88 104.54 -35.53
C SER VA 245 93.03 103.02 -35.45
N ASP VA 246 94.17 102.52 -34.98
CA ASP VA 246 94.44 101.09 -34.96
C ASP VA 246 94.07 100.41 -33.65
N GLU VA 247 93.53 101.15 -32.68
CA GLU VA 247 93.23 100.59 -31.37
C GLU VA 247 91.87 99.90 -31.30
N VAL VA 248 91.03 100.05 -32.32
CA VAL VA 248 89.73 99.39 -32.38
C VAL VA 248 89.75 98.43 -33.56
N LYS VA 249 89.49 97.15 -33.28
CA LYS VA 249 89.58 96.12 -34.30
C LYS VA 249 88.27 95.41 -34.59
N ASN VA 250 87.36 95.31 -33.63
CA ASN VA 250 86.11 94.59 -33.83
C ASN VA 250 84.98 95.31 -33.11
N LEU VA 251 83.77 94.77 -33.24
CA LEU VA 251 82.59 95.39 -32.63
C LEU VA 251 82.64 95.34 -31.11
N ALA VA 252 83.26 94.30 -30.54
CA ALA VA 252 83.33 94.19 -29.09
C ALA VA 252 84.14 95.32 -28.47
N GLN VA 253 85.31 95.61 -29.05
CA GLN VA 253 86.13 96.71 -28.55
C GLN VA 253 85.44 98.05 -28.79
N LEU VA 254 84.73 98.18 -29.91
CA LEU VA 254 84.03 99.43 -30.20
C LEU VA 254 82.93 99.69 -29.17
N LYS VA 255 82.28 98.64 -28.70
CA LYS VA 255 81.18 98.81 -27.75
C LYS VA 255 81.67 99.40 -26.44
N GLU VA 256 82.81 98.92 -25.93
CA GLU VA 256 83.29 99.38 -24.63
C GLU VA 256 84.06 100.69 -24.70
N LYS VA 257 84.28 101.23 -25.90
CA LYS VA 257 85.00 102.49 -26.06
C LYS VA 257 84.11 103.65 -26.44
N ASN VA 258 83.00 103.40 -27.13
CA ASN VA 258 82.10 104.47 -27.55
C ASN VA 258 80.72 103.88 -27.80
N PRO VA 259 79.87 103.79 -26.77
CA PRO VA 259 78.53 103.21 -26.97
C PRO VA 259 77.67 103.98 -27.95
N THR VA 260 77.94 105.26 -28.18
CA THR VA 260 77.10 106.06 -29.07
C THR VA 260 77.19 105.54 -30.51
N VAL VA 261 78.42 105.39 -31.03
CA VAL VA 261 78.57 104.89 -32.39
C VAL VA 261 78.31 103.39 -32.44
N TYR VA 262 78.45 102.69 -31.31
CA TYR VA 262 78.07 101.29 -31.26
C TYR VA 262 76.57 101.12 -31.51
N GLN VA 263 75.75 101.98 -30.90
CA GLN VA 263 74.33 101.95 -31.18
C GLN VA 263 74.04 102.38 -32.62
N GLN VA 264 74.90 103.22 -33.19
CA GLN VA 264 74.78 103.58 -34.59
C GLN VA 264 74.95 102.36 -35.49
N ALA VA 265 75.94 101.52 -35.17
CA ALA VA 265 76.22 100.36 -36.02
C ALA VA 265 75.16 99.28 -35.86
N VAL VA 266 74.75 98.97 -34.62
CA VAL VA 266 73.81 97.88 -34.40
C VAL VA 266 72.45 98.20 -35.01
N GLN VA 267 72.08 99.48 -35.11
CA GLN VA 267 70.83 99.84 -35.76
C GLN VA 267 70.85 99.45 -37.22
N LYS VA 268 71.96 99.71 -37.91
CA LYS VA 268 72.09 99.29 -39.30
C LYS VA 268 72.12 97.77 -39.41
N ILE VA 269 72.80 97.10 -38.48
CA ILE VA 269 72.85 95.64 -38.50
C ILE VA 269 71.46 95.05 -38.30
N GLN VA 270 70.72 95.59 -37.33
CA GLN VA 270 69.36 95.11 -37.09
C GLN VA 270 68.46 95.39 -38.28
N ALA VA 271 68.64 96.54 -38.93
CA ALA VA 271 67.87 96.84 -40.13
C ALA VA 271 68.18 95.85 -41.25
N ILE VA 272 69.45 95.49 -41.41
CA ILE VA 272 69.83 94.51 -42.42
C ILE VA 272 69.23 93.15 -42.10
N GLN VA 273 69.29 92.74 -40.83
CA GLN VA 273 68.75 91.44 -40.44
C GLN VA 273 67.24 91.37 -40.68
N ASP VA 274 66.54 92.47 -40.42
CA ASP VA 274 65.10 92.50 -40.70
C ASP VA 274 64.83 92.38 -42.20
N GLU VA 275 65.61 93.09 -43.02
CA GLU VA 275 65.38 93.06 -44.46
C GLU VA 275 65.64 91.68 -45.03
N ILE VA 276 66.72 91.02 -44.61
CA ILE VA 276 67.02 89.69 -45.13
C ILE VA 276 66.03 88.66 -44.62
N ALA VA 277 65.41 88.91 -43.47
CA ALA VA 277 64.40 87.99 -42.95
C ALA VA 277 63.09 88.10 -43.72
N ALA VA 278 62.74 89.31 -44.18
CA ALA VA 278 61.50 89.49 -44.91
C ALA VA 278 61.53 88.79 -46.26
N ASN VA 279 62.61 88.97 -47.02
CA ASN VA 279 62.70 88.38 -48.35
C ASN VA 279 63.21 86.95 -48.33
N GLY VA 280 63.57 86.42 -47.16
CA GLY VA 280 64.11 85.08 -47.11
C GLY VA 280 65.62 85.06 -47.30
N ASN VA 281 66.25 84.03 -46.75
CA ASN VA 281 67.71 83.89 -46.81
C ASN VA 281 68.09 83.34 -48.18
N ILE VA 282 68.24 84.26 -49.14
CA ILE VA 282 68.52 83.90 -50.53
C ILE VA 282 70.03 83.89 -50.74
N ILE VA 283 70.52 82.81 -51.33
CA ILE VA 283 71.95 82.63 -51.57
C ILE VA 283 72.19 82.43 -53.07
N PRO VA 284 73.22 83.03 -53.64
CA PRO VA 284 73.52 82.78 -55.05
C PRO VA 284 73.82 81.30 -55.30
N VAL VA 285 73.37 80.81 -56.46
CA VAL VA 285 73.46 79.38 -56.75
C VAL VA 285 74.79 78.99 -57.38
N SER VA 286 75.64 79.96 -57.72
CA SER VA 286 76.93 79.64 -58.32
C SER VA 286 77.82 78.85 -57.37
N ALA VA 287 77.81 79.19 -56.08
CA ALA VA 287 78.64 78.47 -55.12
C ALA VA 287 78.21 77.02 -54.99
N VAL VA 288 76.91 76.76 -55.08
CA VAL VA 288 76.43 75.37 -55.03
C VAL VA 288 76.91 74.61 -56.26
N MET VA 289 76.85 75.24 -57.44
CA MET VA 289 77.25 74.56 -58.66
C MET VA 289 78.73 74.21 -58.64
N ALA VA 290 79.55 75.02 -57.96
CA ALA VA 290 80.97 74.71 -57.87
C ALA VA 290 81.22 73.39 -57.17
N GLY VA 291 80.47 73.13 -56.09
CA GLY VA 291 80.62 71.86 -55.40
C GLY VA 291 80.14 70.68 -56.25
N ILE VA 292 79.05 70.88 -56.99
CA ILE VA 292 78.54 69.82 -57.86
C ILE VA 292 79.55 69.49 -58.95
N TYR VA 293 80.26 70.50 -59.46
CA TYR VA 293 81.31 70.26 -60.43
C TYR VA 293 82.40 69.37 -59.85
N CYS VA 294 82.80 69.63 -58.60
CA CYS VA 294 83.83 68.83 -57.97
C CYS VA 294 83.36 67.39 -57.74
N ALA VA 295 82.13 67.24 -57.26
CA ALA VA 295 81.61 65.90 -56.98
C ALA VA 295 81.45 65.09 -58.26
N THR VA 296 80.95 65.70 -59.32
CA THR VA 296 80.74 64.97 -60.57
C THR VA 296 82.06 64.54 -61.19
N ASP VA 297 83.07 65.41 -61.16
CA ASP VA 297 84.36 65.09 -61.76
C ASP VA 297 85.02 63.91 -61.04
N ALA VA 298 84.98 63.90 -59.71
CA ALA VA 298 85.58 62.82 -58.95
C ALA VA 298 84.84 61.50 -59.17
N SER VA 299 83.51 61.56 -59.23
CA SER VA 299 82.72 60.33 -59.33
C SER VA 299 82.64 59.82 -60.75
N ARG VA 300 82.08 60.61 -61.66
CA ARG VA 300 81.82 60.16 -63.02
C ARG VA 300 82.90 60.58 -64.02
N GLY VA 301 83.49 61.75 -63.84
CA GLY VA 301 84.48 62.24 -64.77
C GLY VA 301 84.10 63.58 -65.37
N VAL VA 302 85.08 64.26 -65.97
CA VAL VA 302 84.83 65.59 -66.53
C VAL VA 302 83.89 65.50 -67.72
N TRP VA 303 83.93 64.41 -68.48
CA TRP VA 303 83.11 64.27 -69.68
C TRP VA 303 81.63 64.07 -69.38
N LYS VA 304 81.27 63.85 -68.12
CA LYS VA 304 79.86 63.69 -67.74
C LYS VA 304 79.26 65.05 -67.42
N ALA VA 305 78.05 65.28 -67.91
CA ALA VA 305 77.41 66.58 -67.72
C ALA VA 305 77.10 66.82 -66.24
N PRO VA 306 77.36 68.02 -65.73
CA PRO VA 306 77.07 68.31 -64.31
C PRO VA 306 75.60 68.59 -64.09
N ALA VA 307 74.72 67.74 -64.59
CA ALA VA 307 73.28 67.89 -64.47
C ALA VA 307 72.68 66.61 -63.93
N ASN VA 308 71.37 66.66 -63.66
CA ASN VA 308 70.65 65.55 -63.04
C ASN VA 308 71.28 65.16 -61.70
N ILE VA 309 71.65 66.17 -60.92
CA ILE VA 309 72.24 65.98 -59.60
C ILE VA 309 71.36 66.68 -58.57
N VAL VA 310 71.15 66.03 -57.43
CA VAL VA 310 70.27 66.56 -56.40
C VAL VA 310 71.06 67.52 -55.51
N LEU VA 311 70.50 68.71 -55.29
CA LEU VA 311 71.11 69.67 -54.40
C LEU VA 311 70.87 69.28 -52.95
N SER VA 312 71.82 69.63 -52.08
CA SER VA 312 71.73 69.33 -50.66
C SER VA 312 72.04 70.58 -49.85
N GLY VA 313 71.44 70.65 -48.67
CA GLY VA 313 71.67 71.76 -47.76
C GLY VA 313 70.81 72.99 -48.00
N ILE VA 314 70.00 72.99 -49.04
CA ILE VA 314 69.13 74.12 -49.34
C ILE VA 314 67.72 73.80 -48.86
N SER VA 315 66.89 74.83 -48.77
CA SER VA 315 65.51 74.68 -48.32
C SER VA 315 64.48 74.89 -49.42
N ASP VA 316 64.66 75.90 -50.27
CA ASP VA 316 63.73 76.16 -51.34
C ASP VA 316 64.44 76.98 -52.41
N VAL VA 317 63.86 77.01 -53.59
CA VAL VA 317 64.36 77.83 -54.69
C VAL VA 317 63.62 79.16 -54.69
N ALA VA 318 64.30 80.20 -55.18
CA ALA VA 318 63.71 81.54 -55.15
C ALA VA 318 62.52 81.66 -56.08
N GLU VA 319 62.39 80.78 -57.06
CA GLU VA 319 61.28 80.82 -57.99
C GLU VA 319 60.98 79.43 -58.51
N ARG VA 320 59.70 79.11 -58.64
CA ARG VA 320 59.26 77.84 -59.21
C ARG VA 320 59.04 78.01 -60.70
N LEU VA 321 59.63 77.11 -61.49
CA LEU VA 321 59.63 77.21 -62.94
C LEU VA 321 58.77 76.10 -63.54
N THR VA 322 58.12 76.42 -64.66
CA THR VA 322 57.38 75.44 -65.43
C THR VA 322 58.22 74.97 -66.61
N ASP VA 323 57.72 73.96 -67.32
CA ASP VA 323 58.44 73.44 -68.46
C ASP VA 323 58.52 74.46 -69.60
N ASP VA 324 57.45 75.22 -69.82
CA ASP VA 324 57.45 76.19 -70.92
C ASP VA 324 58.45 77.32 -70.66
N GLU VA 325 58.52 77.81 -69.42
CA GLU VA 325 59.54 78.81 -69.09
C GLU VA 325 60.94 78.22 -69.22
N GLN VA 326 61.12 76.99 -68.75
CA GLN VA 326 62.42 76.33 -68.88
C GLN VA 326 62.79 76.13 -70.34
N GLY VA 327 61.79 75.95 -71.21
CA GLY VA 327 62.07 75.81 -72.62
C GLY VA 327 62.66 77.06 -73.24
N GLU VA 328 62.13 78.23 -72.86
CA GLU VA 328 62.68 79.49 -73.36
C GLU VA 328 64.11 79.70 -72.88
N MET VA 329 64.36 79.41 -71.60
CA MET VA 329 65.69 79.64 -71.04
C MET VA 329 66.72 78.71 -71.68
N ASN VA 330 66.35 77.46 -71.93
CA ASN VA 330 67.31 76.49 -72.46
C ASN VA 330 67.79 76.89 -73.84
N SER VA 331 66.90 77.42 -74.69
CA SER VA 331 67.31 77.88 -76.00
C SER VA 331 68.29 79.05 -75.89
N LYS VA 332 68.05 79.95 -74.95
CA LYS VA 332 68.93 81.10 -74.76
C LYS VA 332 70.23 80.74 -74.06
N GLY VA 333 70.30 79.59 -73.40
CA GLY VA 333 71.50 79.16 -72.74
C GLY VA 333 71.53 79.33 -71.24
N ILE VA 334 70.38 79.29 -70.57
CA ILE VA 334 70.31 79.46 -69.12
C ILE VA 334 69.87 78.13 -68.51
N ASN VA 335 70.72 77.58 -67.66
CA ASN VA 335 70.44 76.29 -67.02
C ASN VA 335 69.53 76.52 -65.82
N ALA VA 336 68.50 75.70 -65.68
CA ALA VA 336 67.51 75.91 -64.64
C ALA VA 336 67.72 74.95 -63.47
N ILE VA 337 67.41 75.44 -62.27
CA ILE VA 337 67.32 74.61 -61.09
C ILE VA 337 65.85 74.31 -60.84
N ARG VA 338 65.45 73.07 -61.11
CA ARG VA 338 64.05 72.68 -61.09
C ARG VA 338 63.74 71.89 -59.83
N TYR VA 339 62.46 71.86 -59.47
CA TYR VA 339 61.97 71.05 -58.36
C TYR VA 339 61.08 69.95 -58.90
N PHE VA 340 61.41 68.71 -58.57
CA PHE VA 340 60.63 67.55 -58.95
C PHE VA 340 60.20 66.79 -57.70
N SER VA 341 58.93 66.39 -57.67
CA SER VA 341 58.36 65.78 -56.47
C SER VA 341 59.08 64.48 -56.13
N HIS VA 342 59.36 63.64 -57.12
CA HIS VA 342 59.98 62.35 -56.87
C HIS VA 342 61.48 62.43 -56.69
N LYS VA 343 62.11 63.56 -56.99
CA LYS VA 343 63.54 63.75 -56.79
C LYS VA 343 63.86 64.82 -55.77
N GLY VA 344 63.36 66.04 -55.96
CA GLY VA 344 63.71 67.15 -55.11
C GLY VA 344 64.19 68.35 -55.91
N PHE VA 345 65.30 68.95 -55.50
CA PHE VA 345 65.91 70.05 -56.22
C PHE VA 345 67.08 69.52 -57.03
N VAL VA 346 67.02 69.68 -58.35
CA VAL VA 346 68.02 69.11 -59.24
C VAL VA 346 68.45 70.15 -60.27
N VAL VA 347 69.67 69.99 -60.78
CA VAL VA 347 70.16 70.80 -61.87
C VAL VA 347 69.64 70.23 -63.18
N TRP VA 348 69.01 71.07 -64.00
CA TRP VA 348 68.36 70.61 -65.22
C TRP VA 348 68.88 71.34 -66.46
N GLY VA 349 70.17 71.59 -66.54
CA GLY VA 349 70.75 72.18 -67.73
C GLY VA 349 72.24 71.95 -67.78
N ALA VA 350 72.76 71.74 -68.98
CA ALA VA 350 74.19 71.53 -69.18
C ALA VA 350 74.67 72.28 -70.41
N ARG VA 351 74.20 73.51 -70.60
CA ARG VA 351 74.54 74.31 -71.76
C ARG VA 351 75.48 75.45 -71.38
N THR VA 352 76.19 75.98 -72.38
CA THR VA 352 77.00 77.16 -72.21
C THR VA 352 76.33 78.35 -72.88
N LEU VA 353 76.92 79.53 -72.73
CA LEU VA 353 76.35 80.73 -73.32
C LEU VA 353 76.54 80.79 -74.83
N GLN VA 354 77.37 79.93 -75.41
CA GLN VA 354 77.57 79.87 -76.85
C GLN VA 354 76.77 78.72 -77.42
N ASN VA 355 76.01 78.99 -78.48
CA ASN VA 355 75.11 78.00 -79.09
C ASN VA 355 75.62 77.67 -80.48
N ASP VA 356 76.49 76.66 -80.57
CA ASP VA 356 76.96 76.15 -81.85
C ASP VA 356 77.26 74.67 -81.68
N ASP VA 357 77.54 74.01 -82.81
CA ASP VA 357 77.77 72.57 -82.77
C ASP VA 357 79.05 72.18 -82.06
N ASN VA 358 79.92 73.13 -81.74
CA ASN VA 358 81.20 72.81 -81.12
C ASN VA 358 81.14 72.89 -79.60
N TRP VA 359 80.80 74.05 -79.05
CA TRP VA 359 80.90 74.30 -77.62
C TRP VA 359 79.54 74.55 -76.97
N ARG VA 360 78.53 73.79 -77.38
CA ARG VA 360 77.19 73.99 -76.84
C ARG VA 360 77.06 73.43 -75.43
N TYR VA 361 77.71 72.31 -75.15
CA TYR VA 361 77.52 71.59 -73.90
C TYR VA 361 78.69 71.81 -72.96
N ILE VA 362 78.37 71.96 -71.66
CA ILE VA 362 79.42 72.12 -70.65
C ILE VA 362 80.39 70.96 -70.63
N PRO VA 363 79.96 69.68 -70.63
CA PRO VA 363 80.93 68.58 -70.59
C PRO VA 363 81.92 68.61 -71.75
N VAL VA 364 81.47 69.00 -72.94
CA VAL VA 364 82.37 69.05 -74.09
C VAL VA 364 83.41 70.15 -73.89
N ARG VA 365 82.97 71.33 -73.46
CA ARG VA 365 83.90 72.43 -73.24
C ARG VA 365 84.89 72.12 -72.12
N ARG VA 366 84.40 71.55 -71.02
CA ARG VA 366 85.27 71.29 -69.87
C ARG VA 366 86.25 70.16 -70.15
N LEU VA 367 85.85 69.19 -70.97
CA LEU VA 367 86.75 68.09 -71.31
C LEU VA 367 87.96 68.61 -72.09
N PHE VA 368 87.72 69.50 -73.05
CA PHE VA 368 88.82 70.05 -73.83
C PHE VA 368 89.73 70.91 -72.97
N ASN VA 369 89.16 71.64 -72.02
CA ASN VA 369 89.98 72.42 -71.09
C ASN VA 369 90.87 71.52 -70.25
N ALA VA 370 90.35 70.39 -69.80
CA ALA VA 370 91.14 69.46 -69.01
C ALA VA 370 92.24 68.82 -69.86
N ALA VA 371 91.93 68.45 -71.10
CA ALA VA 371 92.92 67.80 -71.94
C ALA VA 371 94.06 68.75 -72.29
N GLU VA 372 93.74 69.99 -72.68
CA GLU VA 372 94.79 70.92 -73.06
C GLU VA 372 95.62 71.35 -71.85
N ARG VA 373 95.03 71.33 -70.66
CA ARG VA 373 95.78 71.65 -69.46
C ARG VA 373 96.77 70.55 -69.11
N ASP VA 374 96.32 69.30 -69.17
CA ASP VA 374 97.20 68.17 -68.86
C ASP VA 374 98.28 68.00 -69.93
N ILE VA 375 97.92 68.21 -71.20
CA ILE VA 375 98.91 68.13 -72.27
C ILE VA 375 99.96 69.23 -72.11
N LYS VA 376 99.51 70.45 -71.75
CA LYS VA 376 100.45 71.53 -71.52
C LYS VA 376 101.39 71.22 -70.36
N GLN VA 377 100.88 70.57 -69.31
CA GLN VA 377 101.73 70.18 -68.20
C GLN VA 377 102.81 69.20 -68.65
N ALA VA 378 102.44 68.24 -69.50
CA ALA VA 378 103.43 67.29 -70.01
C ALA VA 378 104.43 67.96 -70.95
N MET VA 379 103.98 68.95 -71.73
CA MET VA 379 104.84 69.61 -72.69
C MET VA 379 105.85 70.56 -72.04
N GLN VA 380 105.70 70.85 -70.74
CA GLN VA 380 106.59 71.80 -70.09
C GLN VA 380 107.97 71.22 -69.80
N SER VA 381 108.16 69.91 -69.90
CA SER VA 381 109.46 69.29 -69.72
C SER VA 381 110.25 69.20 -71.03
N VAL VA 382 109.83 69.94 -72.05
CA VAL VA 382 110.43 69.86 -73.38
C VAL VA 382 110.78 71.28 -73.83
N VAL VA 383 110.49 72.26 -72.98
CA VAL VA 383 110.50 73.65 -73.40
C VAL VA 383 111.86 74.08 -73.91
N PHE VA 384 112.93 73.76 -73.17
CA PHE VA 384 114.26 74.20 -73.53
C PHE VA 384 115.11 73.08 -74.12
N GLU VA 385 114.48 72.00 -74.59
CA GLU VA 385 115.19 70.96 -75.30
C GLU VA 385 115.61 71.47 -76.68
N PRO VA 386 116.65 70.86 -77.27
CA PRO VA 386 117.03 71.24 -78.64
C PRO VA 386 115.88 70.98 -79.62
N ASN VA 387 115.74 71.89 -80.58
CA ASN VA 387 114.65 71.82 -81.56
C ASN VA 387 115.09 70.94 -82.72
N SER VA 388 114.99 69.63 -82.50
CA SER VA 388 115.43 68.65 -83.48
C SER VA 388 114.41 67.52 -83.55
N GLN VA 389 114.58 66.64 -84.53
CA GLN VA 389 113.64 65.54 -84.73
C GLN VA 389 113.51 64.61 -83.52
N PRO VA 390 114.58 64.18 -82.85
CA PRO VA 390 114.39 63.32 -81.67
C PRO VA 390 113.54 63.97 -80.59
N THR VA 391 113.62 65.30 -80.45
CA THR VA 391 112.76 65.99 -79.50
C THR VA 391 111.30 65.89 -79.90
N TRP VA 392 111.01 66.02 -81.21
CA TRP VA 392 109.64 65.96 -81.67
C TRP VA 392 109.05 64.56 -81.48
N GLU VA 393 109.87 63.52 -81.62
CA GLU VA 393 109.40 62.16 -81.40
C GLU VA 393 108.97 61.96 -79.95
N ARG VA 394 109.74 62.52 -79.01
CA ARG VA 394 109.38 62.41 -77.60
C ARG VA 394 108.08 63.16 -77.30
N VAL VA 395 107.86 64.28 -77.98
CA VAL VA 395 106.62 65.04 -77.80
C VAL VA 395 105.43 64.22 -78.28
N LYS VA 396 105.56 63.59 -79.44
CA LYS VA 396 104.44 62.81 -79.99
C LYS VA 396 104.13 61.62 -79.09
N SER VA 397 105.14 60.97 -78.55
CA SER VA 397 104.91 59.84 -77.65
C SER VA 397 104.17 60.27 -76.39
N ALA VA 398 104.54 61.43 -75.83
CA ALA VA 398 103.92 61.89 -74.59
C ALA VA 398 102.44 62.19 -74.80
N ILE VA 399 102.11 62.88 -75.89
CA ILE VA 399 100.70 63.23 -76.14
C ILE VA 399 99.91 61.99 -76.50
N ASP VA 400 100.50 61.09 -77.30
CA ASP VA 400 99.79 59.87 -77.69
C ASP VA 400 99.48 59.00 -76.49
N ASN VA 401 100.42 58.90 -75.54
CA ASN VA 401 100.20 58.10 -74.35
C ASN VA 401 99.06 58.68 -73.50
N TYR VA 402 99.03 60.01 -73.35
CA TYR VA 402 97.97 60.64 -72.57
C TYR VA 402 96.61 60.47 -73.24
N LEU VA 403 96.55 60.66 -74.56
CA LEU VA 403 95.28 60.57 -75.26
C LEU VA 403 94.73 59.15 -75.23
N TYR VA 404 95.62 58.15 -75.33
CA TYR VA 404 95.16 56.77 -75.23
C TYR VA 404 94.56 56.48 -73.87
N SER VA 405 95.19 56.98 -72.80
CA SER VA 405 94.65 56.77 -71.46
C SER VA 405 93.29 57.44 -71.31
N LEU VA 406 93.13 58.61 -71.92
CA LEU VA 406 91.83 59.29 -71.88
C LEU VA 406 90.75 58.46 -72.56
N TRP VA 407 91.08 57.87 -73.72
CA TRP VA 407 90.10 57.08 -74.45
C TRP VA 407 89.73 55.80 -73.71
N GLN VA 408 90.65 55.26 -72.90
CA GLN VA 408 90.37 54.02 -72.17
C GLN VA 408 89.24 54.23 -71.16
N GLN VA 409 89.23 55.37 -70.47
CA GLN VA 409 88.22 55.61 -69.45
C GLN VA 409 86.86 55.96 -70.04
N GLY VA 410 86.76 56.15 -71.35
CA GLY VA 410 85.50 56.49 -71.98
C GLY VA 410 85.29 57.97 -72.24
N ALA VA 411 86.32 58.80 -72.05
CA ALA VA 411 86.17 60.23 -72.29
C ALA VA 411 85.91 60.54 -73.76
N LEU VA 412 86.56 59.80 -74.65
CA LEU VA 412 86.47 60.04 -76.08
C LEU VA 412 85.56 59.02 -76.75
N ALA VA 413 85.07 59.40 -77.92
CA ALA VA 413 84.17 58.55 -78.69
C ALA VA 413 84.95 57.70 -79.69
N GLY VA 414 84.37 56.57 -80.06
CA GLY VA 414 84.98 55.70 -81.05
C GLY VA 414 85.25 54.30 -80.55
N ASN VA 415 85.30 53.33 -81.46
CA ASN VA 415 85.57 51.95 -81.11
C ASN VA 415 87.05 51.63 -81.05
N LYS VA 416 87.89 52.45 -81.68
CA LYS VA 416 89.34 52.23 -81.69
C LYS VA 416 90.01 53.58 -81.57
N PRO VA 417 91.26 53.62 -81.09
CA PRO VA 417 91.92 54.93 -80.87
C PRO VA 417 92.03 55.79 -82.12
N GLN VA 418 92.13 55.18 -83.30
CA GLN VA 418 92.24 55.97 -84.53
C GLN VA 418 91.00 56.81 -84.76
N GLU VA 419 89.84 56.37 -84.26
CA GLU VA 419 88.60 57.12 -84.40
C GLU VA 419 88.40 58.16 -83.32
N ALA VA 420 89.26 58.20 -82.31
CA ALA VA 420 89.07 59.07 -81.16
C ALA VA 420 90.01 60.27 -81.13
N TYR VA 421 91.22 60.15 -81.65
CA TYR VA 421 92.20 61.22 -81.55
C TYR VA 421 93.25 61.05 -82.64
N PHE VA 422 94.03 62.10 -82.84
CA PHE VA 422 95.19 62.04 -83.72
C PHE VA 422 96.20 63.09 -83.26
N VAL VA 423 97.47 62.79 -83.48
CA VAL VA 423 98.57 63.70 -83.14
C VAL VA 423 99.44 63.87 -84.37
N GLN VA 424 99.80 65.12 -84.68
CA GLN VA 424 100.61 65.42 -85.86
C GLN VA 424 101.71 66.39 -85.49
N ILE VA 425 102.94 66.05 -85.87
CA ILE VA 425 104.09 66.94 -85.72
C ILE VA 425 105.18 66.48 -86.67
N GLY VA 426 105.79 67.42 -87.40
CA GLY VA 426 106.80 67.05 -88.37
C GLY VA 426 107.41 68.29 -89.00
N LYS VA 427 108.50 68.05 -89.73
CA LYS VA 427 109.27 69.13 -90.35
C LYS VA 427 108.58 69.72 -91.56
N ASP VA 428 107.72 68.96 -92.25
CA ASP VA 428 106.96 69.48 -93.38
C ASP VA 428 105.48 69.16 -93.27
N VAL VA 429 104.99 68.89 -92.06
CA VAL VA 429 103.59 68.57 -91.83
C VAL VA 429 102.90 69.65 -91.01
N THR VA 430 103.53 70.12 -89.96
CA THR VA 430 102.94 71.12 -89.07
C THR VA 430 103.73 72.42 -89.02
N MET VA 431 105.06 72.35 -89.01
CA MET VA 431 105.91 73.53 -88.97
C MET VA 431 106.83 73.54 -90.18
N SER VA 432 107.40 74.70 -90.47
CA SER VA 432 108.29 74.90 -91.60
C SER VA 432 109.70 75.19 -91.11
N ASP VA 433 110.61 75.44 -92.06
CA ASP VA 433 111.99 75.73 -91.71
C ASP VA 433 112.10 77.06 -90.97
N ASP VA 434 111.29 78.05 -91.36
CA ASP VA 434 111.34 79.34 -90.68
C ASP VA 434 110.87 79.22 -89.24
N ASP VA 435 109.84 78.42 -88.98
CA ASP VA 435 109.36 78.22 -87.62
C ASP VA 435 110.43 77.56 -86.76
N ILE VA 436 111.11 76.55 -87.29
CA ILE VA 436 112.13 75.86 -86.52
C ILE VA 436 113.31 76.79 -86.22
N LYS VA 437 113.71 77.60 -87.21
CA LYS VA 437 114.80 78.53 -87.00
C LYS VA 437 114.47 79.59 -85.96
N GLN VA 438 113.18 79.82 -85.69
CA GLN VA 438 112.75 80.79 -84.68
C GLN VA 438 112.53 80.15 -83.32
N GLY VA 439 112.81 78.86 -83.17
CA GLY VA 439 112.61 78.19 -81.91
C GLY VA 439 111.21 77.68 -81.66
N LYS VA 440 110.38 77.57 -82.70
CA LYS VA 440 109.00 77.15 -82.54
C LYS VA 440 108.87 75.65 -82.71
N MET VA 441 107.82 75.10 -82.10
CA MET VA 441 107.49 73.68 -82.21
C MET VA 441 105.98 73.56 -82.23
N ILE VA 442 105.42 73.17 -83.37
CA ILE VA 442 103.98 73.18 -83.61
C ILE VA 442 103.49 71.75 -83.68
N VAL VA 443 102.46 71.43 -82.88
CA VAL VA 443 101.86 70.11 -82.85
C VAL VA 443 100.35 70.26 -82.93
N LYS VA 444 99.72 69.44 -83.77
CA LYS VA 444 98.27 69.46 -83.96
C LYS VA 444 97.64 68.30 -83.22
N VAL VA 445 96.59 68.59 -82.46
CA VAL VA 445 95.87 67.59 -81.67
C VAL VA 445 94.39 67.72 -81.95
N GLY VA 446 93.72 66.59 -82.20
CA GLY VA 446 92.29 66.57 -82.40
C GLY VA 446 91.62 65.45 -81.65
N MET VA 447 90.43 65.70 -81.11
CA MET VA 447 89.72 64.69 -80.33
C MET VA 447 88.24 64.68 -80.73
N ALA VA 448 87.55 63.63 -80.32
CA ALA VA 448 86.12 63.48 -80.53
C ALA VA 448 85.44 63.23 -79.19
N ALA VA 449 84.37 63.98 -78.93
CA ALA VA 449 83.65 63.89 -77.67
C ALA VA 449 82.25 63.32 -77.88
N VAL VA 450 81.65 62.85 -76.79
CA VAL VA 450 80.32 62.25 -76.81
C VAL VA 450 79.32 63.28 -76.27
N ARG VA 451 78.31 63.60 -77.08
CA ARG VA 451 77.32 64.57 -76.67
C ARG VA 451 76.28 63.93 -75.75
N PRO VA 452 75.74 64.69 -74.81
CA PRO VA 452 74.70 64.15 -73.92
C PRO VA 452 73.35 64.03 -74.63
N ALA VA 453 72.49 63.21 -74.06
CA ALA VA 453 71.11 63.11 -74.49
C ALA VA 453 70.26 64.05 -73.66
N GLU VA 454 69.54 64.95 -74.32
CA GLU VA 454 68.79 66.00 -73.64
C GLU VA 454 67.29 65.80 -73.67
N PHE VA 455 66.74 65.21 -74.73
CA PHE VA 455 65.31 65.01 -74.86
C PHE VA 455 65.02 63.53 -75.09
N ILE VA 456 64.12 62.98 -74.29
CA ILE VA 456 63.67 61.60 -74.45
C ILE VA 456 62.18 61.64 -74.75
N ILE VA 457 61.79 61.01 -75.86
CA ILE VA 457 60.42 61.07 -76.35
C ILE VA 457 59.81 59.68 -76.23
N LEU VA 458 58.68 59.60 -75.52
CA LEU VA 458 57.93 58.36 -75.39
C LEU VA 458 56.74 58.40 -76.33
N GLN VA 459 56.57 57.34 -77.12
CA GLN VA 459 55.46 57.22 -78.07
C GLN VA 459 54.59 56.05 -77.64
N PHE VA 460 53.39 56.35 -77.16
CA PHE VA 460 52.47 55.34 -76.64
C PHE VA 460 51.43 54.97 -77.69
N SER VA 461 51.11 53.69 -77.75
CA SER VA 461 50.10 53.17 -78.65
C SER VA 461 49.11 52.32 -77.87
N GLN VA 462 47.88 52.25 -78.37
CA GLN VA 462 46.81 51.57 -77.65
C GLN VA 462 46.91 50.05 -77.74
N GLN VA 463 47.41 49.52 -78.85
CA GLN VA 463 47.47 48.07 -79.04
C GLN VA 463 48.91 47.58 -79.15
N THR WA 4 -5.98 -40.41 -60.64
CA THR WA 4 -4.53 -40.45 -60.79
C THR WA 4 -3.93 -39.06 -60.78
N GLN WA 5 -4.74 -38.07 -60.42
CA GLN WA 5 -4.29 -36.70 -60.33
C GLN WA 5 -3.38 -36.52 -59.12
N PRO WA 6 -2.58 -35.45 -59.10
CA PRO WA 6 -1.75 -35.18 -57.92
C PRO WA 6 -2.59 -35.10 -56.67
N SER WA 7 -2.19 -35.85 -55.64
CA SER WA 7 -3.02 -36.02 -54.45
C SER WA 7 -2.14 -36.49 -53.30
N VAL WA 8 -2.75 -36.56 -52.12
CA VAL WA 8 -2.13 -37.13 -50.93
C VAL WA 8 -2.72 -38.52 -50.72
N THR WA 9 -1.84 -39.51 -50.56
CA THR WA 9 -2.28 -40.90 -50.49
C THR WA 9 -1.52 -41.63 -49.39
N ILE WA 10 -2.07 -42.77 -48.99
CA ILE WA 10 -1.47 -43.64 -47.99
C ILE WA 10 -0.83 -44.83 -48.70
N THR WA 11 0.39 -45.16 -48.31
CA THR WA 11 1.14 -46.25 -48.92
C THR WA 11 1.73 -47.15 -47.85
N GLU WA 12 1.98 -48.39 -48.24
CA GLU WA 12 2.68 -49.35 -47.39
C GLU WA 12 4.12 -49.59 -47.83
N ASN WA 13 4.58 -48.87 -48.85
CA ASN WA 13 5.96 -49.02 -49.32
C ASN WA 13 6.93 -48.40 -48.31
N LEU WA 14 8.22 -48.62 -48.56
CA LEU WA 14 9.27 -48.10 -47.71
C LEU WA 14 10.37 -47.48 -48.56
N ILE WA 15 10.99 -46.44 -48.03
CA ILE WA 15 12.09 -45.75 -48.69
C ILE WA 15 13.38 -46.12 -47.96
N PHE WA 16 14.47 -46.23 -48.73
CA PHE WA 16 15.77 -46.61 -48.20
C PHE WA 16 16.82 -45.58 -48.64
N PRO WA 17 16.83 -44.41 -48.01
CA PRO WA 17 17.84 -43.41 -48.35
C PRO WA 17 19.22 -43.83 -47.87
N LYS WA 18 20.24 -43.32 -48.57
CA LYS WA 18 21.62 -43.62 -48.18
C LYS WA 18 21.94 -42.99 -46.83
N GLN WA 19 22.71 -43.72 -46.03
CA GLN WA 19 23.13 -43.26 -44.71
C GLN WA 19 24.64 -43.08 -44.68
N ASN WA 20 25.10 -42.05 -43.98
CA ASN WA 20 26.52 -41.71 -43.94
C ASN WA 20 27.10 -41.76 -42.55
N ASP WA 21 26.35 -42.22 -41.56
CA ASP WA 21 26.86 -42.29 -40.20
C ASP WA 21 27.91 -43.40 -40.07
N SER WA 22 28.78 -43.24 -39.07
CA SER WA 22 29.85 -44.19 -38.81
C SER WA 22 29.88 -44.55 -37.34
N PHE WA 23 30.30 -45.78 -37.05
CA PHE WA 23 30.39 -46.28 -35.69
C PHE WA 23 31.69 -47.04 -35.54
N ILE WA 24 32.20 -47.07 -34.30
CA ILE WA 24 33.44 -47.79 -34.03
C ILE WA 24 33.23 -49.29 -34.13
N GLY WA 25 32.14 -49.80 -33.55
CA GLY WA 25 31.89 -51.22 -33.55
C GLY WA 25 30.73 -51.67 -34.40
N ILE WA 26 31.02 -52.37 -35.49
CA ILE WA 26 30.01 -52.91 -36.39
C ILE WA 26 30.13 -54.44 -36.36
N PRO WA 27 29.05 -55.16 -36.08
CA PRO WA 27 29.11 -56.62 -36.11
C PRO WA 27 28.74 -57.18 -37.48
N VAL WA 28 29.08 -58.46 -37.66
CA VAL WA 28 28.66 -59.22 -38.83
C VAL WA 28 27.98 -60.49 -38.36
N PHE WA 29 26.79 -60.76 -38.91
CA PHE WA 29 26.05 -61.97 -38.60
C PHE WA 29 26.40 -63.04 -39.62
N ILE WA 30 27.06 -64.10 -39.19
CA ILE WA 30 27.50 -65.18 -40.06
C ILE WA 30 26.67 -66.42 -39.72
N GLY WA 31 25.87 -66.86 -40.68
CA GLY WA 31 25.05 -68.04 -40.45
C GLY WA 31 24.16 -68.31 -41.64
N TYR WA 32 23.37 -69.36 -41.50
CA TYR WA 32 22.45 -69.77 -42.55
C TYR WA 32 21.20 -68.89 -42.54
N THR WA 33 20.87 -68.33 -43.69
CA THR WA 33 19.72 -67.45 -43.84
C THR WA 33 18.57 -68.17 -44.54
N SER WA 34 17.46 -67.47 -44.67
CA SER WA 34 16.26 -68.06 -45.26
C SER WA 34 16.45 -68.31 -46.75
N SER WA 35 16.96 -67.32 -47.48
CA SER WA 35 17.11 -67.43 -48.91
C SER WA 35 18.57 -67.41 -49.32
N PRO WA 36 18.93 -68.04 -50.43
CA PRO WA 36 20.33 -68.03 -50.87
C PRO WA 36 20.72 -66.70 -51.49
N VAL WA 37 21.95 -66.27 -51.20
CA VAL WA 37 22.52 -65.05 -51.75
C VAL WA 37 23.95 -65.34 -52.18
N ASP WA 38 24.64 -64.29 -52.65
CA ASP WA 38 26.01 -64.43 -53.11
C ASP WA 38 27.00 -64.44 -51.96
N LYS WA 39 28.29 -64.31 -52.25
CA LYS WA 39 29.35 -64.41 -51.27
C LYS WA 39 29.72 -63.07 -50.63
N THR WA 40 29.02 -62.00 -50.98
CA THR WA 40 29.29 -60.68 -50.44
C THR WA 40 28.53 -60.47 -49.13
N ALA WA 41 28.95 -59.47 -48.38
CA ALA WA 41 28.34 -59.12 -47.10
C ALA WA 41 27.40 -57.95 -47.29
N ILE WA 42 26.12 -58.16 -46.99
CA ILE WA 42 25.11 -57.13 -47.14
C ILE WA 42 25.12 -56.22 -45.91
N LYS WA 43 25.10 -54.92 -46.14
CA LYS WA 43 25.02 -53.94 -45.07
C LYS WA 43 23.57 -53.55 -44.84
N LEU WA 44 23.15 -53.58 -43.59
CA LEU WA 44 21.78 -53.24 -43.20
C LEU WA 44 21.79 -52.00 -42.32
N HIS WA 45 20.92 -51.04 -42.64
CA HIS WA 45 20.78 -49.83 -41.85
C HIS WA 45 19.60 -49.90 -40.88
N SER WA 46 18.72 -50.87 -41.03
CA SER WA 46 17.57 -51.06 -40.16
C SER WA 46 17.00 -52.44 -40.44
N LEU WA 47 15.92 -52.78 -39.74
CA LEU WA 47 15.26 -54.06 -39.98
C LEU WA 47 14.62 -54.13 -41.36
N ALA WA 48 14.26 -52.98 -41.94
CA ALA WA 48 13.63 -52.98 -43.25
C ALA WA 48 14.58 -53.53 -44.32
N ASP WA 49 15.88 -53.21 -44.21
CA ASP WA 49 16.84 -53.70 -45.19
C ASP WA 49 16.94 -55.22 -45.16
N PHE WA 50 16.83 -55.81 -43.98
CA PHE WA 50 16.87 -57.28 -43.88
C PHE WA 50 15.68 -57.90 -44.62
N ALA WA 51 14.49 -57.33 -44.44
CA ALA WA 51 13.30 -57.85 -45.12
C ALA WA 51 13.43 -57.73 -46.63
N ARG WA 52 14.16 -56.72 -47.10
CA ARG WA 52 14.36 -56.53 -48.53
C ARG WA 52 15.17 -57.66 -49.13
N SER WA 53 16.13 -58.19 -48.38
CA SER WA 53 17.02 -59.24 -48.87
C SER WA 53 16.59 -60.64 -48.46
N PHE WA 54 16.04 -60.79 -47.26
CA PHE WA 54 15.68 -62.11 -46.74
C PHE WA 54 14.25 -62.11 -46.23
N PRO WA 55 13.59 -63.25 -46.25
CA PRO WA 55 12.26 -63.37 -45.63
C PRO WA 55 12.35 -63.21 -44.12
N GLU WA 56 11.25 -62.76 -43.52
CA GLU WA 56 11.20 -62.47 -42.09
C GLU WA 56 10.86 -63.73 -41.31
N SER WA 57 11.84 -64.64 -41.28
CA SER WA 57 11.71 -65.88 -40.51
C SER WA 57 13.09 -66.46 -40.31
N GLY WA 58 13.17 -67.46 -39.43
CA GLY WA 58 14.42 -68.13 -39.13
C GLY WA 58 15.15 -67.50 -37.96
N LEU WA 59 16.19 -68.20 -37.51
CA LEU WA 59 16.97 -67.73 -36.38
C LEU WA 59 17.70 -66.44 -36.70
N MET WA 60 18.21 -66.30 -37.93
CA MET WA 60 18.95 -65.10 -38.31
C MET WA 60 18.05 -63.86 -38.25
N TYR WA 61 16.79 -64.00 -38.67
CA TYR WA 61 15.89 -62.85 -38.65
C TYR WA 61 15.69 -62.32 -37.23
N TYR WA 62 15.47 -63.23 -36.27
CA TYR WA 62 15.21 -62.78 -34.91
C TYR WA 62 16.47 -62.26 -34.23
N SER WA 63 17.64 -62.80 -34.58
CA SER WA 63 18.89 -62.27 -34.06
C SER WA 63 19.10 -60.83 -34.52
N VAL WA 64 18.86 -60.57 -35.82
CA VAL WA 64 18.98 -59.22 -36.34
C VAL WA 64 17.92 -58.32 -35.73
N ARG WA 65 16.70 -58.83 -35.56
CA ARG WA 65 15.65 -58.05 -34.93
C ARG WA 65 16.02 -57.68 -33.49
N HIS WA 66 16.60 -58.63 -32.76
CA HIS WA 66 17.02 -58.37 -31.40
C HIS WA 66 18.12 -57.31 -31.35
N PHE WA 67 19.01 -57.31 -32.33
CA PHE WA 67 20.07 -56.30 -32.39
C PHE WA 67 19.51 -54.91 -32.60
N PHE WA 68 18.57 -54.76 -33.54
CA PHE WA 68 18.06 -53.44 -33.88
C PHE WA 68 17.12 -52.89 -32.80
N GLU WA 69 16.40 -53.76 -32.09
CA GLU WA 69 15.50 -53.32 -31.04
C GLU WA 69 16.22 -53.08 -29.73
N ASN WA 70 17.51 -53.38 -29.65
CA ASN WA 70 18.32 -53.10 -28.46
C ASN WA 70 19.18 -51.86 -28.62
N GLY WA 71 18.94 -51.05 -29.65
CA GLY WA 71 19.72 -49.86 -29.89
C GLY WA 71 20.72 -49.95 -31.03
N GLY WA 72 20.73 -51.04 -31.79
CA GLY WA 72 21.64 -51.15 -32.91
C GLY WA 72 21.25 -50.25 -34.06
N GLN WA 73 22.25 -49.89 -34.86
CA GLN WA 73 22.05 -48.96 -35.97
C GLN WA 73 22.63 -49.44 -37.29
N GLN WA 74 23.65 -50.29 -37.30
CA GLN WA 74 24.29 -50.70 -38.54
C GLN WA 74 24.93 -52.08 -38.33
N ALA WA 75 24.64 -53.00 -39.23
CA ALA WA 75 25.12 -54.37 -39.10
C ALA WA 75 25.40 -54.95 -40.48
N TYR WA 76 26.11 -56.08 -40.49
CA TYR WA 76 26.41 -56.81 -41.70
C TYR WA 76 25.90 -58.24 -41.59
N VAL WA 77 25.48 -58.80 -42.71
CA VAL WA 77 24.99 -60.17 -42.76
C VAL WA 77 25.82 -60.95 -43.79
N LEU WA 78 26.36 -62.08 -43.36
CA LEU WA 78 27.13 -62.96 -44.23
C LEU WA 78 26.48 -64.34 -44.20
N SER WA 79 25.90 -64.75 -45.32
CA SER WA 79 25.14 -65.99 -45.39
C SER WA 79 26.05 -67.15 -45.79
N LEU WA 80 25.97 -68.24 -45.04
CA LEU WA 80 26.69 -69.46 -45.36
C LEU WA 80 25.92 -70.39 -46.27
N GLY WA 81 24.66 -70.08 -46.57
CA GLY WA 81 23.85 -70.93 -47.41
C GLY WA 81 22.39 -70.82 -47.00
N THR WA 82 21.61 -71.79 -47.47
CA THR WA 82 20.18 -71.83 -47.20
C THR WA 82 19.92 -72.73 -45.99
N GLU WA 83 18.85 -72.42 -45.25
CA GLU WA 83 18.54 -73.12 -44.01
C GLU WA 83 18.34 -74.62 -44.19
N GLN WA 84 18.24 -75.12 -45.42
CA GLN WA 84 18.11 -76.55 -45.64
C GLN WA 84 19.43 -77.29 -45.55
N GLN WA 85 20.54 -76.59 -45.41
CA GLN WA 85 21.86 -77.20 -45.38
C GLN WA 85 22.39 -77.43 -43.96
N LEU WA 86 21.60 -77.12 -42.94
CA LEU WA 86 22.01 -77.38 -41.56
C LEU WA 86 21.85 -78.86 -41.23
N SER WA 87 22.94 -79.50 -40.80
CA SER WA 87 22.90 -80.90 -40.43
C SER WA 87 23.24 -81.13 -38.97
N ASP WA 88 24.38 -80.63 -38.50
CA ASP WA 88 24.80 -80.86 -37.12
C ASP WA 88 25.87 -79.84 -36.75
N PHE WA 89 26.36 -79.96 -35.51
CA PHE WA 89 27.34 -79.00 -35.00
C PHE WA 89 28.65 -79.06 -35.77
N SER WA 90 29.14 -80.27 -36.08
CA SER WA 90 30.43 -80.40 -36.73
C SER WA 90 30.41 -79.80 -38.14
N SER WA 91 29.26 -79.89 -38.81
CA SER WA 91 29.15 -79.28 -40.14
C SER WA 91 29.26 -77.77 -40.07
N LEU WA 92 28.66 -77.15 -39.04
CA LEU WA 92 28.76 -75.70 -38.88
C LEU WA 92 30.20 -75.27 -38.65
N ILE WA 93 30.95 -76.05 -37.87
CA ILE WA 93 32.36 -75.73 -37.64
C ILE WA 93 33.13 -75.79 -38.94
N THR WA 94 32.83 -76.78 -39.79
CA THR WA 94 33.48 -76.87 -41.09
C THR WA 94 33.12 -75.67 -41.96
N ALA WA 95 31.86 -75.25 -41.94
CA ALA WA 95 31.44 -74.10 -42.74
C ALA WA 95 32.15 -72.83 -42.30
N LEU WA 96 32.31 -72.63 -40.98
CA LEU WA 96 33.02 -71.46 -40.49
C LEU WA 96 34.50 -71.52 -40.78
N GLN WA 97 35.03 -72.69 -41.14
CA GLN WA 97 36.44 -72.86 -41.43
C GLN WA 97 36.76 -72.71 -42.91
N GLN WA 98 35.79 -72.32 -43.73
CA GLN WA 98 36.01 -72.17 -45.16
C GLN WA 98 37.00 -71.04 -45.44
N ALA WA 99 37.44 -70.96 -46.69
CA ALA WA 99 38.51 -70.05 -47.08
C ALA WA 99 38.01 -68.67 -47.50
N TRP WA 100 36.86 -68.59 -48.16
CA TRP WA 100 36.41 -67.30 -48.68
C TRP WA 100 35.88 -66.38 -47.58
N LEU WA 101 35.58 -66.92 -46.40
CA LEU WA 101 35.08 -66.08 -45.32
C LEU WA 101 36.12 -65.07 -44.88
N ALA WA 102 37.37 -65.51 -44.73
CA ALA WA 102 38.42 -64.61 -44.29
C ALA WA 102 38.66 -63.48 -45.28
N GLN WA 103 38.67 -63.81 -46.58
CA GLN WA 103 38.90 -62.78 -47.60
C GLN WA 103 37.75 -61.77 -47.62
N THR WA 104 36.51 -62.25 -47.49
CA THR WA 104 35.37 -61.33 -47.48
C THR WA 104 35.42 -60.42 -46.25
N ILE WA 105 35.74 -60.97 -45.09
CA ILE WA 105 35.81 -60.18 -43.87
C ILE WA 105 36.97 -59.19 -43.95
N ALA WA 106 38.13 -59.63 -44.43
CA ALA WA 106 39.28 -58.75 -44.52
C ALA WA 106 39.04 -57.62 -45.51
N ALA WA 107 38.35 -57.88 -46.62
CA ALA WA 107 38.07 -56.85 -47.60
C ALA WA 107 37.20 -55.75 -47.02
N GLU WA 108 36.24 -56.11 -46.19
CA GLU WA 108 35.37 -55.13 -45.55
C GLU WA 108 36.04 -54.53 -44.33
N ASN WA 109 36.17 -53.21 -44.31
CA ASN WA 109 36.85 -52.53 -43.22
C ASN WA 109 35.92 -52.09 -42.10
N ASP WA 110 34.61 -52.10 -42.33
CA ASP WA 110 33.67 -51.67 -41.29
C ASP WA 110 33.48 -52.73 -40.22
N ILE WA 111 33.63 -54.00 -40.56
CA ILE WA 111 33.36 -55.08 -39.61
C ILE WA 111 34.35 -55.03 -38.46
N THR WA 112 33.85 -55.08 -37.24
CA THR WA 112 34.69 -55.01 -36.05
C THR WA 112 34.33 -56.14 -35.08
N LEU WA 113 33.12 -56.65 -35.17
CA LEU WA 113 32.65 -57.74 -34.32
C LEU WA 113 32.10 -58.88 -35.16
N ILE WA 114 32.13 -60.08 -34.62
CA ILE WA 114 31.69 -61.29 -35.30
C ILE WA 114 30.65 -61.99 -34.44
N ILE WA 115 29.52 -62.34 -35.03
CA ILE WA 115 28.43 -63.03 -34.33
C ILE WA 115 28.01 -64.22 -35.17
N THR WA 116 27.86 -65.38 -34.52
CA THR WA 116 27.36 -66.59 -35.16
C THR WA 116 26.09 -67.05 -34.44
N PRO WA 117 24.90 -66.72 -34.95
CA PRO WA 117 23.67 -67.07 -34.24
C PRO WA 117 23.26 -68.53 -34.36
N ASP WA 118 23.88 -69.31 -35.25
CA ASP WA 118 23.41 -70.66 -35.52
C ASP WA 118 23.95 -71.70 -34.54
N VAL WA 119 24.78 -71.29 -33.57
CA VAL WA 119 25.30 -72.25 -32.60
C VAL WA 119 24.21 -72.74 -31.66
N ILE WA 120 23.09 -72.03 -31.58
CA ILE WA 120 22.03 -72.38 -30.63
C ILE WA 120 21.13 -73.49 -31.15
N ARG WA 121 21.11 -73.72 -32.47
CA ARG WA 121 20.14 -74.63 -33.06
C ARG WA 121 20.31 -76.06 -32.57
N PHE WA 122 21.55 -76.51 -32.43
CA PHE WA 122 21.82 -77.93 -32.25
C PHE WA 122 21.57 -78.38 -30.81
N ASP WA 123 21.51 -79.69 -30.63
CA ASP WA 123 21.19 -80.30 -29.34
C ASP WA 123 22.39 -80.21 -28.39
N GLN WA 124 22.08 -80.10 -27.10
CA GLN WA 124 23.10 -79.97 -26.05
C GLN WA 124 22.75 -80.83 -24.85
N THR WA 125 22.36 -82.09 -25.08
CA THR WA 125 21.95 -82.98 -24.01
C THR WA 125 23.02 -83.98 -23.61
N GLU WA 126 24.27 -83.79 -24.04
CA GLU WA 126 25.37 -84.67 -23.67
C GLU WA 126 26.56 -83.85 -23.22
N ILE WA 127 27.25 -84.34 -22.19
CA ILE WA 127 28.35 -83.61 -21.57
C ILE WA 127 29.62 -84.43 -21.78
N SER WA 128 29.69 -85.16 -22.89
CA SER WA 128 30.87 -85.96 -23.18
C SER WA 128 32.03 -85.08 -23.60
N ASP WA 129 33.23 -85.66 -23.59
CA ASP WA 129 34.42 -84.93 -24.04
C ASP WA 129 34.38 -84.65 -25.54
N THR WA 130 33.58 -85.41 -26.29
CA THR WA 130 33.42 -85.11 -27.72
C THR WA 130 32.76 -83.74 -27.92
N GLN WA 131 31.73 -83.45 -27.13
CA GLN WA 131 31.09 -82.14 -27.20
C GLN WA 131 32.03 -81.03 -26.75
N ARG WA 132 32.80 -81.29 -25.69
CA ARG WA 132 33.75 -80.29 -25.21
C ARG WA 132 34.79 -79.96 -26.28
N ASP WA 133 35.28 -80.99 -26.97
CA ASP WA 133 36.23 -80.75 -28.06
C ASP WA 133 35.58 -79.99 -29.20
N LEU WA 134 34.31 -80.26 -29.47
CA LEU WA 134 33.60 -79.54 -30.53
C LEU WA 134 33.49 -78.06 -30.20
N TRP WA 135 33.17 -77.72 -28.95
CA TRP WA 135 33.06 -76.33 -28.56
C TRP WA 135 34.40 -75.61 -28.65
N LEU WA 136 35.48 -76.29 -28.25
CA LEU WA 136 36.81 -75.69 -28.33
C LEU WA 136 37.19 -75.44 -29.78
N GLN WA 137 36.77 -76.31 -30.70
CA GLN WA 137 37.03 -76.07 -32.11
C GLN WA 137 36.28 -74.84 -32.61
N LEU WA 138 35.04 -74.67 -32.16
CA LEU WA 138 34.24 -73.54 -32.62
C LEU WA 138 34.86 -72.21 -32.19
N TRP WA 139 35.33 -72.15 -30.94
CA TRP WA 139 35.97 -70.92 -30.47
C TRP WA 139 37.23 -70.62 -31.27
N GLN WA 140 38.04 -71.64 -31.55
CA GLN WA 140 39.24 -71.45 -32.34
C GLN WA 140 38.91 -71.05 -33.78
N SER WA 141 37.85 -71.63 -34.35
CA SER WA 141 37.48 -71.28 -35.72
C SER WA 141 37.06 -69.82 -35.83
N VAL WA 142 36.30 -69.32 -34.85
CA VAL WA 142 35.88 -67.93 -34.88
C VAL WA 142 37.07 -67.01 -34.65
N LEU WA 143 37.96 -67.38 -33.72
CA LEU WA 143 39.12 -66.54 -33.45
C LEU WA 143 40.05 -66.46 -34.65
N ASN WA 144 40.12 -67.52 -35.44
CA ASN WA 144 40.91 -67.47 -36.68
C ASN WA 144 40.31 -66.49 -37.67
N LEU WA 145 38.99 -66.30 -37.63
CA LEU WA 145 38.36 -65.32 -38.50
C LEU WA 145 38.68 -63.90 -38.04
N CYS WA 146 38.83 -63.70 -36.74
CA CYS WA 146 39.15 -62.36 -36.22
C CYS WA 146 40.58 -61.96 -36.54
N LYS WA 147 41.48 -62.94 -36.69
CA LYS WA 147 42.86 -62.65 -37.02
C LYS WA 147 43.04 -62.21 -38.47
N SER WA 148 42.00 -62.31 -39.29
CA SER WA 148 42.11 -61.88 -40.68
C SER WA 148 42.41 -60.41 -40.82
N ARG WA 149 42.10 -59.61 -39.80
CA ARG WA 149 42.42 -58.19 -39.81
C ARG WA 149 42.47 -57.69 -38.37
N ARG WA 150 43.44 -56.84 -38.07
CA ARG WA 150 43.60 -56.32 -36.72
C ARG WA 150 42.37 -55.55 -36.28
N GLY WA 151 41.98 -55.74 -35.03
CA GLY WA 151 40.89 -54.99 -34.43
C GLY WA 151 39.57 -55.72 -34.32
N ILE WA 152 39.42 -56.88 -34.97
CA ILE WA 152 38.16 -57.61 -34.91
C ILE WA 152 38.13 -58.47 -33.66
N MET WA 153 36.98 -58.44 -32.97
CA MET WA 153 36.80 -59.21 -31.75
C MET WA 153 35.53 -60.04 -31.89
N GLY WA 154 35.61 -61.30 -31.46
CA GLY WA 154 34.52 -62.24 -31.65
C GLY WA 154 33.72 -62.45 -30.38
N LEU WA 155 32.39 -62.34 -30.52
CA LEU WA 155 31.46 -62.61 -29.43
C LEU WA 155 31.02 -64.06 -29.52
N LEU WA 156 31.27 -64.83 -28.47
CA LEU WA 156 31.16 -66.28 -28.51
C LEU WA 156 30.06 -66.78 -27.59
N ASP WA 157 29.46 -67.90 -27.97
CA ASP WA 157 28.51 -68.58 -27.10
C ASP WA 157 29.23 -69.60 -26.23
N ALA WA 158 28.51 -70.11 -25.24
CA ALA WA 158 29.02 -71.10 -24.30
C ALA WA 158 28.05 -72.26 -24.23
N PRO WA 159 28.52 -73.45 -23.85
CA PRO WA 159 27.61 -74.60 -23.69
C PRO WA 159 26.53 -74.29 -22.67
N ASP WA 160 25.31 -74.78 -22.95
CA ASP WA 160 24.18 -74.48 -22.09
C ASP WA 160 24.38 -75.05 -20.69
N ASP WA 161 24.91 -76.26 -20.60
CA ASP WA 161 25.15 -76.88 -19.29
C ASP WA 161 26.30 -76.16 -18.59
N PRO WA 162 26.10 -75.65 -17.38
CA PRO WA 162 27.19 -74.93 -16.69
C PRO WA 162 28.42 -75.80 -16.45
N THR WA 163 28.24 -77.09 -16.16
CA THR WA 163 29.40 -77.95 -15.92
C THR WA 163 30.23 -78.13 -17.18
N LEU WA 164 29.57 -78.31 -18.33
CA LEU WA 164 30.31 -78.42 -19.58
C LEU WA 164 31.03 -77.12 -19.92
N ALA WA 165 30.38 -75.98 -19.68
CA ALA WA 165 31.01 -74.70 -19.97
C ALA WA 165 32.24 -74.49 -19.10
N ALA WA 166 32.16 -74.87 -17.83
CA ALA WA 166 33.31 -74.73 -16.94
C ALA WA 166 34.46 -75.62 -17.40
N LYS WA 167 34.15 -76.80 -17.94
CA LYS WA 167 35.18 -77.67 -18.48
C LYS WA 167 35.88 -77.04 -19.67
N CYS WA 168 35.11 -76.38 -20.55
CA CYS WA 168 35.70 -75.77 -21.73
C CYS WA 168 36.65 -74.64 -21.37
N LEU WA 169 36.30 -73.85 -20.36
CA LEU WA 169 37.15 -72.72 -19.97
C LEU WA 169 38.50 -73.19 -19.44
N GLN WA 170 38.50 -74.25 -18.62
CA GLN WA 170 39.75 -74.71 -18.01
C GLN WA 170 40.70 -75.30 -19.05
N GLN WA 171 40.17 -76.06 -20.00
CA GLN WA 171 40.99 -76.80 -20.94
C GLN WA 171 41.21 -76.08 -22.26
N PHE WA 172 40.68 -74.87 -22.42
CA PHE WA 172 40.91 -74.11 -23.64
C PHE WA 172 42.36 -73.63 -23.69
N SER WA 173 42.99 -73.81 -24.85
CA SER WA 173 44.37 -73.38 -25.07
C SER WA 173 44.48 -72.71 -26.44
N SER WA 174 44.95 -71.47 -26.45
CA SER WA 174 45.11 -70.73 -27.69
C SER WA 174 45.97 -69.50 -27.43
N ALA WA 175 46.53 -68.96 -28.50
CA ALA WA 175 47.26 -67.70 -28.42
C ALA WA 175 46.42 -66.51 -28.84
N ASP WA 176 45.15 -66.73 -29.20
CA ASP WA 176 44.24 -65.68 -29.60
C ASP WA 176 43.17 -65.39 -28.56
N ARG WA 177 43.48 -65.60 -27.28
CA ARG WA 177 42.51 -65.41 -26.21
C ARG WA 177 42.00 -63.97 -26.16
N GLN WA 178 42.90 -63.01 -26.39
CA GLN WA 178 42.57 -61.61 -26.17
C GLN WA 178 41.51 -61.08 -27.13
N TRP WA 179 41.20 -61.81 -28.19
CA TRP WA 179 40.20 -61.36 -29.14
C TRP WA 179 38.85 -62.06 -28.96
N GLY WA 180 38.68 -62.85 -27.89
CA GLY WA 180 37.47 -63.62 -27.68
C GLY WA 180 36.75 -63.19 -26.41
N VAL WA 181 35.44 -63.01 -26.52
CA VAL WA 181 34.57 -62.70 -25.39
C VAL WA 181 33.38 -63.64 -25.44
N VAL WA 182 33.04 -64.22 -24.30
CA VAL WA 182 31.97 -65.21 -24.20
C VAL WA 182 30.92 -64.71 -23.21
N TYR WA 183 29.64 -64.94 -23.54
CA TYR WA 183 28.54 -64.56 -22.68
C TYR WA 183 27.64 -65.77 -22.44
N TRP WA 184 26.98 -65.78 -21.29
CA TRP WA 184 26.22 -66.93 -20.82
C TRP WA 184 25.19 -66.44 -19.83
N PRO WA 185 24.00 -67.07 -19.78
CA PRO WA 185 23.47 -68.14 -20.64
C PRO WA 185 22.65 -67.62 -21.80
N LEU WA 186 21.84 -68.48 -22.41
CA LEU WA 186 20.93 -68.05 -23.47
C LEU WA 186 19.80 -67.21 -22.88
N LEU WA 187 19.14 -66.46 -23.75
CA LEU WA 187 18.08 -65.55 -23.35
C LEU WA 187 16.75 -65.98 -23.97
N LYS WA 188 15.68 -65.84 -23.21
CA LYS WA 188 14.33 -66.12 -23.67
C LYS WA 188 13.73 -64.80 -24.15
N SER WA 189 13.72 -64.61 -25.47
CA SER WA 189 13.31 -63.33 -26.03
C SER WA 189 11.80 -63.14 -25.88
N ALA WA 190 11.37 -61.90 -26.15
CA ALA WA 190 9.96 -61.52 -26.06
C ALA WA 190 9.18 -61.87 -27.31
N TYR WA 191 9.80 -62.57 -28.27
CA TYR WA 191 9.17 -62.90 -29.53
C TYR WA 191 8.58 -64.30 -29.45
N GLN WA 192 7.38 -64.46 -29.99
CA GLN WA 192 6.70 -65.76 -29.98
C GLN WA 192 6.62 -66.33 -31.39
N ASP WA 193 6.78 -67.64 -31.48
CA ASP WA 193 6.73 -68.34 -32.76
C ASP WA 193 5.30 -68.80 -33.05
N ASN WA 194 5.16 -69.65 -34.06
CA ASN WA 194 3.82 -70.06 -34.50
C ASN WA 194 3.10 -70.91 -33.45
N THR WA 195 3.83 -71.59 -32.57
CA THR WA 195 3.20 -72.35 -31.49
C THR WA 195 3.07 -71.54 -30.20
N GLN WA 196 3.31 -70.23 -30.27
CA GLN WA 196 3.18 -69.32 -29.12
C GLN WA 196 4.16 -69.67 -28.01
N ASN WA 197 5.32 -70.21 -28.37
CA ASN WA 197 6.37 -70.37 -27.38
C ASN WA 197 7.45 -69.32 -27.58
N PRO WA 198 8.08 -68.85 -26.50
CA PRO WA 198 9.09 -67.79 -26.63
C PRO WA 198 10.32 -68.31 -27.35
N ILE WA 199 10.83 -67.49 -28.27
CA ILE WA 199 12.02 -67.87 -29.04
C ILE WA 199 13.26 -67.61 -28.20
N VAL WA 200 14.15 -68.60 -28.16
CA VAL WA 200 15.39 -68.53 -27.39
C VAL WA 200 16.49 -68.02 -28.30
N LEU WA 201 17.23 -67.02 -27.82
CA LEU WA 201 18.28 -66.37 -28.59
C LEU WA 201 19.57 -66.31 -27.79
N SER WA 202 20.68 -66.18 -28.51
CA SER WA 202 21.96 -65.99 -27.87
C SER WA 202 22.09 -64.56 -27.36
N PRO WA 203 22.79 -64.34 -26.24
CA PRO WA 203 22.94 -62.97 -25.74
C PRO WA 203 23.87 -62.12 -26.59
N THR WA 204 24.66 -62.72 -27.48
CA THR WA 204 25.65 -61.96 -28.23
C THR WA 204 25.00 -60.95 -29.17
N ALA WA 205 23.78 -61.22 -29.63
CA ALA WA 205 23.10 -60.29 -30.52
C ALA WA 205 22.79 -58.97 -29.80
N ALA WA 206 22.33 -59.05 -28.55
CA ALA WA 206 22.00 -57.84 -27.81
C ALA WA 206 23.25 -57.14 -27.30
N VAL WA 207 24.29 -57.91 -26.96
CA VAL WA 207 25.53 -57.30 -26.47
C VAL WA 207 26.18 -56.46 -27.55
N ALA WA 208 26.13 -56.92 -28.79
CA ALA WA 208 26.71 -56.15 -29.89
C ALA WA 208 26.01 -54.80 -30.05
N ALA WA 209 24.68 -54.78 -29.92
CA ALA WA 209 23.95 -53.52 -29.97
C ALA WA 209 24.37 -52.60 -28.83
N VAL WA 210 24.55 -53.17 -27.64
CA VAL WA 210 24.99 -52.37 -26.49
C VAL WA 210 26.39 -51.80 -26.74
N ILE WA 211 27.29 -52.62 -27.27
CA ILE WA 211 28.67 -52.16 -27.50
C ILE WA 211 28.68 -51.01 -28.50
N GLN WA 212 27.94 -51.16 -29.59
CA GLN WA 212 27.86 -50.09 -30.59
C GLN WA 212 27.23 -48.84 -29.99
N ARG WA 213 26.15 -49.01 -29.22
CA ARG WA 213 25.51 -47.86 -28.58
C ARG WA 213 26.40 -47.22 -27.54
N ASN WA 214 27.10 -48.05 -26.74
CA ASN WA 214 27.90 -47.52 -25.64
C ASN WA 214 29.07 -46.68 -26.14
N ASP WA 215 29.58 -46.98 -27.33
CA ASP WA 215 30.73 -46.23 -27.85
C ASP WA 215 30.39 -44.77 -28.08
N ASN WA 216 29.22 -44.50 -28.63
CA ASN WA 216 28.83 -43.11 -28.90
C ASN WA 216 28.41 -42.39 -27.62
N GLN WA 217 27.82 -43.11 -26.67
CA GLN WA 217 27.31 -42.48 -25.46
C GLN WA 217 28.41 -42.26 -24.43
N GLN WA 218 29.05 -43.34 -23.98
CA GLN WA 218 30.02 -43.27 -22.90
C GLN WA 218 31.46 -43.21 -23.39
N GLY WA 219 31.76 -43.79 -24.54
CA GLY WA 219 33.12 -43.84 -25.03
C GLY WA 219 33.65 -45.26 -25.17
N VAL WA 220 34.65 -45.45 -26.03
CA VAL WA 220 35.19 -46.78 -26.26
C VAL WA 220 35.96 -47.31 -25.06
N TRP WA 221 36.36 -46.44 -24.15
CA TRP WA 221 37.12 -46.86 -22.96
C TRP WA 221 36.23 -47.25 -21.80
N THR WA 222 34.91 -47.23 -21.97
CA THR WA 222 33.97 -47.54 -20.91
C THR WA 222 33.49 -48.98 -21.06
N ALA WA 223 33.50 -49.71 -19.96
CA ALA WA 223 33.08 -51.11 -19.99
C ALA WA 223 31.61 -51.22 -20.37
N PRO WA 224 31.24 -52.10 -21.30
CA PRO WA 224 29.84 -52.25 -21.68
C PRO WA 224 29.02 -53.11 -20.74
N ALA WA 225 29.51 -53.40 -19.54
CA ALA WA 225 28.76 -54.20 -18.58
C ALA WA 225 27.81 -53.32 -17.78
N ASN WA 226 26.96 -53.96 -16.97
CA ASN WA 226 25.99 -53.29 -16.13
C ASN WA 226 25.06 -52.40 -16.95
N ILE WA 227 24.50 -52.97 -18.01
CA ILE WA 227 23.54 -52.28 -18.87
C ILE WA 227 22.35 -53.22 -19.08
N ALA WA 228 21.15 -52.70 -18.86
CA ALA WA 228 19.95 -53.52 -19.00
C ALA WA 228 19.66 -53.81 -20.47
N LEU WA 229 19.17 -55.03 -20.73
CA LEU WA 229 18.80 -55.43 -22.07
C LEU WA 229 17.32 -55.18 -22.32
N SER WA 230 16.95 -55.22 -23.60
CA SER WA 230 15.59 -54.94 -24.03
C SER WA 230 15.00 -56.14 -24.75
N LYS WA 231 13.67 -56.27 -24.68
CA LYS WA 231 12.93 -57.34 -25.33
C LYS WA 231 13.39 -58.72 -24.85
N VAL WA 232 13.83 -58.81 -23.61
CA VAL WA 232 14.27 -60.07 -23.01
C VAL WA 232 13.32 -60.41 -21.87
N ILE WA 233 12.70 -61.59 -21.95
CA ILE WA 233 11.76 -62.00 -20.91
C ILE WA 233 12.49 -62.48 -19.67
N SER WA 234 13.45 -63.40 -19.84
CA SER WA 234 14.16 -63.99 -18.72
C SER WA 234 15.34 -64.78 -19.26
N PRO WA 235 16.45 -64.84 -18.53
CA PRO WA 235 17.53 -65.76 -18.90
C PRO WA 235 17.10 -67.20 -18.71
N VAL WA 236 17.70 -68.08 -19.52
CA VAL WA 236 17.34 -69.50 -19.47
C VAL WA 236 17.68 -70.13 -18.13
N ARG WA 237 18.82 -69.81 -17.54
CA ARG WA 237 19.24 -70.40 -16.29
C ARG WA 237 19.51 -69.30 -15.28
N ALA WA 238 19.27 -69.62 -14.01
CA ALA WA 238 19.45 -68.65 -12.94
C ALA WA 238 20.93 -68.44 -12.65
N TYR WA 239 21.23 -67.32 -11.97
CA TYR WA 239 22.60 -66.97 -11.66
C TYR WA 239 23.25 -67.91 -10.64
N ILE WA 240 22.45 -68.66 -9.88
CA ILE WA 240 23.00 -69.55 -8.87
C ILE WA 240 23.76 -70.73 -9.45
N GLU WA 241 23.65 -70.95 -10.77
CA GLU WA 241 24.34 -72.06 -11.40
C GLU WA 241 25.70 -71.66 -11.98
N ALA WA 242 26.06 -70.39 -11.89
CA ALA WA 242 27.27 -69.89 -12.53
C ALA WA 242 28.37 -69.55 -11.54
N ASN WA 243 28.45 -70.25 -10.41
CA ASN WA 243 29.46 -69.94 -9.42
C ASN WA 243 30.86 -70.40 -9.83
N ALA WA 244 30.95 -71.36 -10.74
CA ALA WA 244 32.24 -71.87 -11.21
C ALA WA 244 32.72 -71.22 -12.49
N LEU WA 245 31.97 -70.28 -13.05
CA LEU WA 245 32.28 -69.69 -14.34
C LEU WA 245 33.05 -68.37 -14.23
N PHE WA 246 33.39 -67.92 -13.02
CA PHE WA 246 34.21 -66.73 -12.83
C PHE WA 246 35.46 -67.10 -12.06
N ASN WA 247 36.61 -66.93 -12.70
CA ASN WA 247 37.91 -67.20 -12.06
C ASN WA 247 38.76 -65.94 -12.12
N PRO WA 248 39.03 -65.30 -10.98
CA PRO WA 248 39.88 -64.09 -11.01
C PRO WA 248 41.29 -64.36 -11.50
N ASP WA 249 41.76 -65.60 -11.44
CA ASP WA 249 43.09 -65.94 -11.90
C ASP WA 249 43.03 -67.06 -12.94
N GLY WA 250 42.12 -66.92 -13.89
CA GLY WA 250 41.97 -67.92 -14.93
C GLY WA 250 40.95 -67.48 -15.96
N THR WA 251 40.59 -68.42 -16.83
CA THR WA 251 39.58 -68.14 -17.84
C THR WA 251 38.19 -68.06 -17.20
N SER WA 252 37.40 -67.09 -17.64
CA SER WA 252 36.10 -66.85 -17.06
C SER WA 252 35.13 -66.35 -18.12
N LEU WA 253 33.84 -66.48 -17.84
CA LEU WA 253 32.77 -66.00 -18.69
C LEU WA 253 32.28 -64.64 -18.22
N ASN WA 254 31.42 -64.03 -19.03
CA ASN WA 254 30.68 -62.85 -18.62
C ASN WA 254 29.22 -63.26 -18.44
N LEU WA 255 28.70 -63.05 -17.24
CA LEU WA 255 27.36 -63.54 -16.89
C LEU WA 255 26.30 -62.54 -17.30
N VAL WA 256 25.22 -63.05 -17.90
CA VAL WA 256 24.02 -62.28 -18.16
C VAL WA 256 23.01 -62.63 -17.08
N ARG WA 257 22.55 -61.62 -16.35
CA ARG WA 257 21.88 -61.84 -15.08
C ARG WA 257 20.72 -60.86 -14.94
N SER WA 258 19.77 -61.22 -14.08
CA SER WA 258 18.64 -60.37 -13.77
C SER WA 258 18.66 -59.99 -12.30
N PHE WA 259 18.09 -58.83 -12.00
CA PHE WA 259 17.97 -58.32 -10.64
C PHE WA 259 16.54 -57.89 -10.38
N PRO WA 260 16.08 -57.97 -9.13
CA PRO WA 260 14.74 -57.49 -8.82
C PRO WA 260 14.63 -55.97 -8.95
N GLY WA 261 13.87 -55.51 -9.94
CA GLY WA 261 13.69 -54.09 -10.17
C GLY WA 261 14.69 -53.47 -11.12
N LYS WA 262 15.68 -54.24 -11.59
CA LYS WA 262 16.69 -53.72 -12.51
C LYS WA 262 16.66 -54.40 -13.88
N GLY WA 263 15.94 -55.49 -14.03
CA GLY WA 263 15.88 -56.19 -15.30
C GLY WA 263 17.11 -57.04 -15.55
N ILE WA 264 17.17 -57.57 -16.77
CA ILE WA 264 18.27 -58.44 -17.17
C ILE WA 264 19.43 -57.57 -17.63
N ARG WA 265 20.60 -57.76 -17.02
CA ARG WA 265 21.78 -56.95 -17.31
C ARG WA 265 22.98 -57.83 -17.59
N ILE WA 266 23.95 -57.25 -18.28
CA ILE WA 266 25.26 -57.87 -18.47
C ILE WA 266 26.07 -57.68 -17.19
N TRP WA 267 26.70 -58.75 -16.71
CA TRP WA 267 27.40 -58.72 -15.43
C TRP WA 267 28.84 -59.19 -15.58
N GLY WA 268 29.55 -58.66 -16.57
CA GLY WA 268 30.94 -58.99 -16.75
C GLY WA 268 31.53 -58.25 -17.91
N CYS WA 269 32.87 -58.08 -17.86
CA CYS WA 269 33.58 -57.36 -18.91
C CYS WA 269 34.91 -58.02 -19.27
N ARG WA 270 35.15 -59.25 -18.86
CA ARG WA 270 36.42 -59.90 -19.11
C ARG WA 270 36.43 -60.61 -20.46
N THR WA 271 37.62 -60.75 -21.04
CA THR WA 271 37.80 -61.52 -22.26
C THR WA 271 38.25 -62.94 -21.92
N LEU WA 272 38.63 -63.69 -22.93
CA LEU WA 272 39.10 -65.05 -22.72
C LEU WA 272 40.51 -65.12 -22.20
N GLU WA 273 41.16 -63.97 -22.02
CA GLU WA 273 42.50 -63.93 -21.46
C GLU WA 273 42.51 -64.53 -20.05
N ASN WA 274 43.57 -65.27 -19.74
CA ASN WA 274 43.64 -65.97 -18.47
C ASN WA 274 44.91 -65.62 -17.70
N THR WA 275 45.87 -64.98 -18.37
CA THR WA 275 47.11 -64.58 -17.71
C THR WA 275 46.81 -63.47 -16.70
N HIS WA 276 47.38 -63.60 -15.50
CA HIS WA 276 47.11 -62.63 -14.44
C HIS WA 276 47.63 -61.25 -14.80
N ASP WA 277 48.83 -61.17 -15.36
CA ASP WA 277 49.49 -59.89 -15.64
C ASP WA 277 49.29 -59.42 -17.07
N SER WA 278 48.49 -60.13 -17.86
CA SER WA 278 48.26 -59.72 -19.23
C SER WA 278 47.48 -58.41 -19.27
N PRO WA 279 47.75 -57.53 -20.24
CA PRO WA 279 47.05 -56.24 -20.29
C PRO WA 279 45.72 -56.27 -21.04
N TRP WA 280 45.31 -57.42 -21.58
CA TRP WA 280 44.08 -57.52 -22.35
C TRP WA 280 43.00 -58.32 -21.63
N SER WA 281 42.93 -58.22 -20.31
CA SER WA 281 41.95 -58.99 -19.56
C SER WA 281 40.54 -58.42 -19.62
N TYR WA 282 40.37 -57.22 -20.17
CA TYR WA 282 39.07 -56.57 -20.24
C TYR WA 282 38.76 -56.18 -21.68
N ILE WA 283 37.48 -56.27 -22.04
CA ILE WA 283 37.07 -56.01 -23.42
C ILE WA 283 37.30 -54.54 -23.77
N GLN WA 284 36.95 -53.63 -22.86
CA GLN WA 284 37.07 -52.21 -23.16
C GLN WA 284 38.53 -51.79 -23.30
N THR WA 285 39.42 -52.43 -22.54
CA THR WA 285 40.84 -52.11 -22.66
C THR WA 285 41.38 -52.56 -24.01
N ARG WA 286 41.02 -53.77 -24.43
CA ARG WA 286 41.46 -54.27 -25.73
C ARG WA 286 40.88 -53.44 -26.87
N ARG WA 287 39.62 -53.02 -26.75
CA ARG WA 287 39.01 -52.21 -27.80
C ARG WA 287 39.53 -50.79 -27.79
N LEU WA 288 39.92 -50.28 -26.62
CA LEU WA 288 40.48 -48.93 -26.56
C LEU WA 288 41.81 -48.84 -27.31
N VAL WA 289 42.68 -49.83 -27.13
CA VAL WA 289 43.97 -49.81 -27.79
C VAL WA 289 43.81 -49.99 -29.29
N SER WA 290 42.89 -50.86 -29.71
CA SER WA 290 42.62 -51.01 -31.14
C SER WA 290 42.03 -49.75 -31.73
N TYR WA 291 41.29 -48.98 -30.93
CA TYR WA 291 40.80 -47.68 -31.39
C TYR WA 291 41.94 -46.69 -31.55
N ILE WA 292 42.91 -46.73 -30.64
CA ILE WA 292 44.10 -45.89 -30.78
C ILE WA 292 44.95 -46.35 -31.95
N GLU WA 293 45.07 -47.67 -32.13
CA GLU WA 293 45.85 -48.20 -33.25
C GLU WA 293 45.25 -47.80 -34.59
N ALA WA 294 43.92 -47.82 -34.69
CA ALA WA 294 43.26 -47.46 -35.94
C ALA WA 294 43.54 -46.02 -36.31
N TYR WA 295 43.55 -45.12 -35.33
CA TYR WA 295 43.85 -43.71 -35.61
C TYR WA 295 45.27 -43.53 -36.09
N MET WA 296 46.25 -44.09 -35.36
CA MET WA 296 47.64 -43.93 -35.75
C MET WA 296 47.92 -44.62 -37.07
N THR WA 297 47.17 -45.66 -37.41
CA THR WA 297 47.28 -46.25 -38.74
C THR WA 297 46.81 -45.25 -39.80
N GLN WA 298 45.70 -44.56 -39.53
CA GLN WA 298 45.21 -43.57 -40.48
C GLN WA 298 46.16 -42.38 -40.59
N LEU WA 299 46.69 -41.91 -39.44
CA LEU WA 299 47.68 -40.84 -39.47
C LEU WA 299 48.97 -41.30 -40.14
N GLY WA 300 49.38 -42.54 -39.89
CA GLY WA 300 50.60 -43.04 -40.50
C GLY WA 300 50.53 -43.15 -42.00
N ARG WA 301 49.34 -43.45 -42.55
CA ARG WA 301 49.21 -43.63 -43.99
C ARG WA 301 49.51 -42.35 -44.74
N ALA WA 302 49.31 -41.19 -44.12
CA ALA WA 302 49.58 -39.92 -44.78
C ALA WA 302 51.06 -39.68 -45.00
N PHE WA 303 51.94 -40.42 -44.33
CA PHE WA 303 53.38 -40.22 -44.43
C PHE WA 303 54.09 -41.30 -45.22
N VAL WA 304 53.34 -42.24 -45.82
CA VAL WA 304 53.96 -43.23 -46.68
C VAL WA 304 54.40 -42.57 -47.99
N PHE WA 305 55.52 -43.04 -48.53
CA PHE WA 305 56.13 -42.49 -49.76
C PHE WA 305 56.55 -41.03 -49.59
N GLU WA 306 56.72 -40.57 -48.37
CA GLU WA 306 57.20 -39.24 -48.07
C GLU WA 306 58.69 -39.29 -47.73
N PRO WA 307 59.39 -38.17 -47.86
CA PRO WA 307 60.82 -38.14 -47.48
C PRO WA 307 61.01 -38.52 -46.03
N ASN WA 308 62.06 -39.28 -45.76
CA ASN WA 308 62.35 -39.80 -44.42
C ASN WA 308 63.40 -38.91 -43.77
N ASN WA 309 62.96 -37.75 -43.31
CA ASN WA 309 63.83 -36.77 -42.67
C ASN WA 309 63.20 -36.29 -41.37
N ALA WA 310 63.93 -35.44 -40.65
CA ALA WA 310 63.46 -34.95 -39.36
C ALA WA 310 62.22 -34.09 -39.46
N ILE WA 311 62.01 -33.41 -40.59
CA ILE WA 311 60.81 -32.60 -40.75
C ILE WA 311 59.57 -33.48 -40.79
N THR WA 312 59.62 -34.60 -41.51
CA THR WA 312 58.49 -35.51 -41.57
C THR WA 312 58.18 -36.10 -40.21
N TRP WA 313 59.22 -36.48 -39.46
CA TRP WA 313 59.01 -37.07 -38.14
C TRP WA 313 58.34 -36.08 -37.19
N MET WA 314 58.74 -34.81 -37.25
CA MET WA 314 58.15 -33.82 -36.37
C MET WA 314 56.67 -33.59 -36.69
N LYS WA 315 56.32 -33.67 -37.98
CA LYS WA 315 54.91 -33.51 -38.36
C LYS WA 315 54.05 -34.63 -37.76
N PHE WA 316 54.54 -35.87 -37.83
CA PHE WA 316 53.81 -36.97 -37.23
C PHE WA 316 53.78 -36.86 -35.71
N LYS WA 317 54.92 -36.54 -35.11
CA LYS WA 317 55.00 -36.48 -33.64
C LYS WA 317 54.13 -35.37 -33.09
N GLY WA 318 54.09 -34.22 -33.77
CA GLY WA 318 53.27 -33.12 -33.28
C GLY WA 318 51.79 -33.45 -33.32
N GLN WA 319 51.33 -34.10 -34.38
CA GLN WA 319 49.92 -34.44 -34.49
C GLN WA 319 49.55 -35.58 -33.55
N ALA WA 320 50.40 -36.60 -33.45
CA ALA WA 320 50.12 -37.72 -32.57
C ALA WA 320 50.05 -37.28 -31.12
N HIS WA 321 50.99 -36.43 -30.70
CA HIS WA 321 50.95 -35.87 -29.35
C HIS WA 321 49.72 -35.00 -29.16
N ASN WA 322 49.26 -34.35 -30.23
CA ASN WA 322 48.08 -33.51 -30.14
C ASN WA 322 46.82 -34.33 -29.88
N TRP WA 323 46.63 -35.41 -30.66
CA TRP WA 323 45.43 -36.22 -30.52
C TRP WA 323 45.41 -36.97 -29.20
N LEU WA 324 46.56 -37.49 -28.77
CA LEU WA 324 46.60 -38.32 -27.57
C LEU WA 324 46.23 -37.53 -26.32
N ARG WA 325 46.70 -36.29 -26.21
CA ARG WA 325 46.38 -35.49 -25.03
C ARG WA 325 44.93 -35.04 -25.05
N GLN WA 326 44.33 -34.91 -26.24
CA GLN WA 326 42.91 -34.65 -26.31
C GLN WA 326 42.11 -35.81 -25.76
N LEU WA 327 42.56 -37.05 -26.04
CA LEU WA 327 41.90 -38.22 -25.49
C LEU WA 327 42.17 -38.35 -23.99
N TRP WA 328 43.37 -37.96 -23.54
CA TRP WA 328 43.69 -38.04 -22.13
C TRP WA 328 42.85 -37.07 -21.31
N LEU WA 329 42.62 -35.86 -21.84
CA LEU WA 329 41.82 -34.88 -21.12
C LEU WA 329 40.33 -35.20 -21.16
N LYS WA 330 39.91 -36.18 -21.95
CA LYS WA 330 38.53 -36.64 -21.96
C LYS WA 330 38.29 -37.78 -20.97
N GLY WA 331 39.32 -38.18 -20.23
CA GLY WA 331 39.20 -39.32 -19.32
C GLY WA 331 39.46 -40.67 -19.96
N GLY WA 332 40.04 -40.71 -21.16
CA GLY WA 332 40.31 -41.97 -21.82
C GLY WA 332 41.61 -42.63 -21.44
N LEU WA 333 42.48 -41.95 -20.70
CA LEU WA 333 43.75 -42.52 -20.28
C LEU WA 333 43.97 -42.20 -18.80
N ARG WA 334 44.79 -43.01 -18.16
CA ARG WA 334 45.06 -42.89 -16.73
C ARG WA 334 46.35 -42.13 -16.50
N GLY WA 335 46.31 -41.16 -15.59
CA GLY WA 335 47.48 -40.39 -15.24
C GLY WA 335 47.17 -38.97 -14.84
N THR WA 336 47.83 -38.49 -13.78
CA THR WA 336 47.66 -37.12 -13.35
C THR WA 336 48.61 -36.15 -14.05
N GLN WA 337 49.67 -36.67 -14.67
CA GLN WA 337 50.60 -35.86 -15.44
C GLN WA 337 50.54 -36.30 -16.90
N GLU WA 338 50.85 -35.36 -17.79
CA GLU WA 338 50.79 -35.67 -19.22
C GLU WA 338 51.79 -36.75 -19.60
N ASP WA 339 53.00 -36.69 -19.03
CA ASP WA 339 54.01 -37.70 -19.34
C ASP WA 339 53.64 -39.07 -18.78
N GLN WA 340 52.78 -39.13 -17.77
CA GLN WA 340 52.34 -40.41 -17.24
C GLN WA 340 51.31 -41.08 -18.15
N ALA WA 341 50.48 -40.29 -18.82
CA ALA WA 341 49.40 -40.86 -19.62
C ALA WA 341 49.94 -41.52 -20.88
N PHE WA 342 50.87 -40.86 -21.58
CA PHE WA 342 51.36 -41.38 -22.84
C PHE WA 342 52.74 -40.81 -23.12
N GLU WA 343 53.35 -41.31 -24.20
CA GLU WA 343 54.63 -40.83 -24.69
C GLU WA 343 54.87 -41.32 -26.11
N VAL WA 344 55.32 -40.44 -26.99
CA VAL WA 344 55.59 -40.77 -28.39
C VAL WA 344 57.05 -40.51 -28.68
N LEU WA 345 57.73 -41.51 -29.24
CA LEU WA 345 59.14 -41.42 -29.59
C LEU WA 345 59.30 -41.70 -31.08
N LEU WA 346 59.98 -40.80 -31.79
CA LEU WA 346 60.18 -40.96 -33.22
C LEU WA 346 61.40 -40.14 -33.61
N GLY WA 347 62.50 -40.81 -33.93
CA GLY WA 347 63.72 -40.10 -34.28
C GLY WA 347 64.76 -41.05 -34.84
N VAL WA 348 65.86 -40.46 -35.31
CA VAL WA 348 66.92 -41.23 -35.93
C VAL WA 348 67.71 -42.03 -34.89
N ASP WA 349 67.64 -41.65 -33.62
CA ASP WA 349 68.29 -42.40 -32.56
C ASP WA 349 67.37 -42.75 -31.39
N GLU WA 350 66.20 -42.11 -31.27
CA GLU WA 350 65.28 -42.45 -30.20
C GLU WA 350 64.58 -43.77 -30.46
N SER WA 351 64.22 -44.03 -31.72
CA SER WA 351 63.49 -45.24 -32.06
C SER WA 351 64.04 -45.99 -33.26
N MET WA 352 64.92 -45.38 -34.06
CA MET WA 352 65.43 -46.00 -35.27
C MET WA 352 66.95 -46.00 -35.25
N ARG WA 353 67.54 -46.63 -36.27
CA ARG WA 353 68.96 -46.57 -36.55
C ARG WA 353 69.14 -46.22 -38.01
N GLU WA 354 70.38 -45.93 -38.40
CA GLU WA 354 70.67 -45.63 -39.80
C GLU WA 354 70.38 -46.80 -40.70
N ALA WA 355 70.47 -48.03 -40.17
CA ALA WA 355 70.11 -49.20 -40.95
C ALA WA 355 68.62 -49.20 -41.29
N ASP WA 356 67.77 -48.80 -40.35
CA ASP WA 356 66.34 -48.77 -40.59
C ASP WA 356 65.98 -47.74 -41.66
N LEU WA 357 66.66 -46.59 -41.65
CA LEU WA 357 66.40 -45.58 -42.67
C LEU WA 357 66.75 -46.10 -44.06
N ARG WA 358 67.86 -46.83 -44.19
CA ARG WA 358 68.24 -47.39 -45.48
C ARG WA 358 67.23 -48.41 -45.97
N ALA WA 359 66.66 -49.20 -45.05
CA ALA WA 359 65.67 -50.19 -45.42
C ALA WA 359 64.33 -49.56 -45.82
N GLY WA 360 64.16 -48.27 -45.60
CA GLY WA 360 62.91 -47.60 -45.94
C GLY WA 360 61.86 -47.62 -44.86
N LYS WA 361 62.24 -47.86 -43.61
CA LYS WA 361 61.29 -47.98 -42.51
C LYS WA 361 61.19 -46.68 -41.73
N MET WA 362 60.12 -46.57 -40.96
CA MET WA 362 59.91 -45.45 -40.04
C MET WA 362 59.22 -46.01 -38.81
N ILE WA 363 59.92 -46.02 -37.68
CA ILE WA 363 59.48 -46.73 -36.48
C ILE WA 363 59.05 -45.71 -35.44
N ILE WA 364 57.83 -45.88 -34.92
CA ILE WA 364 57.27 -45.00 -33.90
C ILE WA 364 56.99 -45.83 -32.65
N LYS WA 365 57.46 -45.35 -31.50
CA LYS WA 365 57.21 -45.99 -30.22
C LYS WA 365 56.16 -45.22 -29.45
N ILE WA 366 55.09 -45.90 -29.05
CA ILE WA 366 53.99 -45.29 -28.32
C ILE WA 366 53.76 -46.07 -27.05
N ARG WA 367 53.64 -45.38 -25.92
CA ARG WA 367 53.36 -45.97 -24.63
C ARG WA 367 52.07 -45.38 -24.08
N LEU WA 368 51.23 -46.24 -23.49
CA LEU WA 368 49.92 -45.82 -23.01
C LEU WA 368 49.68 -46.35 -21.60
N ALA WA 369 48.82 -45.65 -20.87
CA ALA WA 369 48.34 -46.08 -19.57
C ALA WA 369 46.82 -46.11 -19.59
N VAL WA 370 46.24 -47.26 -19.26
CA VAL WA 370 44.80 -47.47 -19.40
C VAL WA 370 44.18 -47.60 -18.02
N LEU WA 371 42.87 -47.36 -17.96
CA LEU WA 371 42.12 -47.41 -16.72
C LEU WA 371 41.63 -48.83 -16.45
N ILE WA 372 41.35 -49.09 -15.17
CA ILE WA 372 40.95 -50.42 -14.70
C ILE WA 372 39.52 -50.31 -14.19
N PRO WA 373 38.63 -51.22 -14.58
CA PRO WA 373 37.25 -51.16 -14.09
C PRO WA 373 37.14 -51.55 -12.63
N ALA WA 374 36.06 -51.11 -11.99
CA ALA WA 374 35.77 -51.44 -10.60
C ALA WA 374 34.88 -52.68 -10.59
N GLU WA 375 35.48 -53.84 -10.33
CA GLU WA 375 34.74 -55.09 -10.32
C GLU WA 375 34.23 -55.45 -8.93
N PHE WA 376 35.04 -55.24 -7.90
CA PHE WA 376 34.66 -55.58 -6.53
C PHE WA 376 34.74 -54.33 -5.66
N ILE WA 377 33.82 -54.22 -4.70
CA ILE WA 377 33.82 -53.15 -3.71
C ILE WA 377 33.70 -53.79 -2.34
N GLU WA 378 34.69 -53.56 -1.49
CA GLU WA 378 34.66 -54.04 -0.11
C GLU WA 378 34.54 -52.85 0.83
N LEU WA 379 33.62 -52.96 1.79
CA LEU WA 379 33.40 -51.91 2.77
C LEU WA 379 33.82 -52.41 4.15
N ASN WA 380 34.71 -51.68 4.80
CA ASN WA 380 35.10 -51.94 6.18
C ASN WA 380 34.59 -50.79 7.03
N LEU WA 381 33.75 -51.12 8.01
CA LEU WA 381 33.10 -50.12 8.85
C LEU WA 381 33.65 -50.26 10.27
N THR WA 382 34.20 -49.17 10.80
CA THR WA 382 34.81 -49.18 12.12
C THR WA 382 34.26 -48.02 12.94
N PHE WA 383 34.44 -48.12 14.26
CA PHE WA 383 33.93 -47.14 15.20
C PHE WA 383 34.94 -46.02 15.42
N ASP WA 384 34.43 -44.78 15.46
CA ASP WA 384 35.29 -43.63 15.70
C ASP WA 384 35.73 -43.61 17.16
N THR WA 385 37.04 -43.76 17.38
CA THR WA 385 37.59 -43.82 18.74
C THR WA 385 37.66 -42.41 19.33
N ARG WA 386 36.47 -41.86 19.58
CA ARG WA 386 36.35 -40.54 20.18
C ARG WA 386 35.07 -40.44 21.01
N THR XA 4 39.67 46.19 40.44
CA THR XA 4 40.45 46.63 39.28
C THR XA 4 41.04 45.44 38.54
N GLN XA 5 40.61 44.24 38.93
CA GLN XA 5 41.08 43.03 38.29
C GLN XA 5 40.48 42.90 36.89
N PRO XA 6 41.09 42.07 36.03
CA PRO XA 6 40.50 41.84 34.70
C PRO XA 6 39.06 41.37 34.82
N SER XA 7 38.18 42.04 34.07
CA SER XA 7 36.75 41.81 34.22
C SER XA 7 36.02 42.32 32.99
N VAL XA 8 34.71 42.06 32.96
CA VAL XA 8 33.81 42.57 31.94
C VAL XA 8 33.03 43.74 32.55
N THR XA 9 33.02 44.87 31.87
CA THR XA 9 32.44 46.08 32.42
C THR XA 9 31.64 46.81 31.34
N ILE XA 10 30.77 47.72 31.80
CA ILE XA 10 29.95 48.54 30.93
C ILE XA 10 30.55 49.94 30.89
N THR XA 11 30.68 50.50 29.69
CA THR XA 11 31.26 51.82 29.51
C THR XA 11 30.38 52.67 28.61
N GLU XA 12 30.51 53.99 28.77
CA GLU XA 12 29.84 54.95 27.90
C GLU XA 12 30.80 55.59 26.91
N ASN XA 13 32.07 55.17 26.89
CA ASN XA 13 33.04 55.71 25.96
C ASN XA 13 32.76 55.23 24.54
N LEU XA 14 33.48 55.79 23.59
CA LEU XA 14 33.35 55.43 22.19
C LEU XA 14 34.72 55.24 21.57
N ILE XA 15 34.80 54.32 20.61
CA ILE XA 15 36.03 54.03 19.88
C ILE XA 15 35.88 54.57 18.47
N PHE XA 16 36.98 55.07 17.91
CA PHE XA 16 36.99 55.68 16.59
C PHE XA 16 38.08 55.02 15.75
N PRO XA 17 37.83 53.81 15.26
CA PRO XA 17 38.82 53.16 14.41
C PRO XA 17 38.92 53.83 13.04
N LYS XA 18 40.09 53.69 12.42
CA LYS XA 18 40.29 54.26 11.09
C LYS XA 18 39.42 53.54 10.07
N GLN XA 19 38.89 54.31 9.12
CA GLN XA 19 38.05 53.78 8.06
C GLN XA 19 38.74 53.98 6.71
N ASN XA 20 38.59 53.00 5.83
CA ASN XA 20 39.27 53.01 4.53
C ASN XA 20 38.31 53.01 3.36
N ASP XA 21 37.01 53.12 3.60
CA ASP XA 21 36.04 53.11 2.51
C ASP XA 21 36.13 54.41 1.71
N SER XA 22 35.69 54.33 0.45
CA SER XA 22 35.71 55.46 -0.46
C SER XA 22 34.35 55.59 -1.14
N PHE XA 23 33.98 56.83 -1.45
CA PHE XA 23 32.72 57.12 -2.12
C PHE XA 23 32.97 58.16 -3.21
N ILE XA 24 32.13 58.12 -4.24
CA ILE XA 24 32.26 59.07 -5.33
C ILE XA 24 31.88 60.47 -4.88
N GLY XA 25 30.78 60.61 -4.14
CA GLY XA 25 30.31 61.91 -3.71
C GLY XA 25 30.43 62.17 -2.23
N ILE XA 26 31.32 63.08 -1.86
CA ILE XA 26 31.52 63.49 -0.47
C ILE XA 26 31.17 64.97 -0.36
N PRO XA 27 30.27 65.36 0.54
CA PRO XA 27 29.96 66.78 0.72
C PRO XA 27 30.84 67.43 1.79
N VAL XA 28 30.83 68.76 1.77
CA VAL XA 28 31.47 69.55 2.81
C VAL XA 28 30.45 70.53 3.36
N PHE XA 29 30.34 70.58 4.69
CA PHE XA 29 29.43 71.51 5.36
C PHE XA 29 30.21 72.76 5.72
N ILE XA 30 29.86 73.88 5.07
CA ILE XA 30 30.53 75.15 5.28
C ILE XA 30 29.58 76.07 6.02
N GLY XA 31 29.93 76.45 7.23
CA GLY XA 31 29.10 77.35 8.01
C GLY XA 31 29.66 77.56 9.39
N TYR XA 32 28.93 78.35 10.17
CA TYR XA 32 29.34 78.67 11.53
C TYR XA 32 28.99 77.51 12.46
N THR XA 33 29.97 77.08 13.25
CA THR XA 33 29.80 75.97 14.18
C THR XA 33 29.73 76.48 15.61
N SER XA 34 29.52 75.55 16.53
CA SER XA 34 29.36 75.90 17.94
C SER XA 34 30.67 76.41 18.53
N SER XA 35 31.76 75.70 18.29
CA SER XA 35 33.04 76.05 18.88
C SER XA 35 34.05 76.44 17.80
N PRO XA 36 35.01 77.32 18.12
CA PRO XA 36 36.01 77.71 17.13
C PRO XA 36 37.04 76.63 16.89
N VAL XA 37 37.43 76.47 15.63
CA VAL XA 37 38.46 75.53 15.22
C VAL XA 37 39.39 76.23 14.23
N ASP XA 38 40.35 75.47 13.71
CA ASP XA 38 41.32 76.00 12.77
C ASP XA 38 40.76 76.08 11.35
N LYS XA 39 41.63 76.32 10.37
CA LYS XA 39 41.21 76.54 8.99
C LYS XA 39 41.16 75.26 8.17
N THR XA 40 41.42 74.11 8.78
CA THR XA 40 41.40 72.84 8.08
C THR XA 40 39.98 72.25 8.09
N ALA XA 41 39.78 71.27 7.21
CA ALA XA 41 38.49 70.61 7.07
C ALA XA 41 38.52 69.27 7.81
N ILE XA 42 37.64 69.12 8.79
CA ILE XA 42 37.58 67.89 9.58
C ILE XA 42 36.76 66.85 8.85
N LYS XA 43 37.27 65.64 8.77
CA LYS XA 43 36.56 64.52 8.17
C LYS XA 43 35.82 63.75 9.25
N LEU XA 44 34.54 63.48 9.03
CA LEU XA 44 33.70 62.77 9.97
C LEU XA 44 33.24 61.46 9.35
N HIS XA 45 33.37 60.38 10.11
CA HIS XA 45 32.92 59.06 9.67
C HIS XA 45 31.56 58.68 10.24
N SER XA 46 31.06 59.43 11.21
CA SER XA 46 29.75 59.19 11.81
C SER XA 46 29.40 60.42 12.64
N LEU XA 47 28.24 60.37 13.28
CA LEU XA 47 27.83 61.47 14.16
C LEU XA 47 28.73 61.58 15.39
N ALA XA 48 29.36 60.48 15.81
CA ALA XA 48 30.21 60.51 16.99
C ALA XA 48 31.41 61.44 16.76
N ASP XA 49 31.97 61.43 15.54
CA ASP XA 49 33.11 62.28 15.26
C ASP XA 49 32.76 63.75 15.39
N PHE XA 50 31.54 64.13 15.00
CA PHE XA 50 31.12 65.52 15.14
C PHE XA 50 31.07 65.93 16.61
N ALA XA 51 30.54 65.06 17.47
CA ALA XA 51 30.47 65.38 18.89
C ALA XA 51 31.86 65.51 19.49
N ARG XA 52 32.83 64.80 18.94
CA ARG XA 52 34.20 64.87 19.44
C ARG XA 52 34.80 66.25 19.20
N SER XA 53 34.44 66.89 18.08
CA SER XA 53 35.00 68.17 17.71
C SER XA 53 34.11 69.34 18.10
N PHE XA 54 32.79 69.18 18.00
CA PHE XA 54 31.87 70.27 18.26
C PHE XA 54 30.80 69.84 19.25
N PRO XA 55 30.23 70.79 20.00
CA PRO XA 55 29.08 70.47 20.85
C PRO XA 55 27.86 70.11 20.02
N GLU XA 56 26.97 69.32 20.62
CA GLU XA 56 25.79 68.81 19.93
C GLU XA 56 24.65 69.83 20.04
N SER XA 57 24.82 70.94 19.31
CA SER XA 57 23.80 71.97 19.24
C SER XA 57 24.09 72.86 18.03
N GLY XA 58 23.11 73.69 17.70
CA GLY XA 58 23.24 74.60 16.58
C GLY XA 58 22.71 74.01 15.28
N LEU XA 59 22.61 74.88 14.27
CA LEU XA 59 22.11 74.45 12.98
C LEU XA 59 23.02 73.43 12.31
N MET XA 60 24.34 73.61 12.45
CA MET XA 60 25.28 72.69 11.83
C MET XA 60 25.15 71.28 12.38
N TYR XA 61 24.92 71.16 13.69
CA TYR XA 61 24.79 69.84 14.29
C TYR XA 61 23.60 69.07 13.71
N TYR XA 62 22.46 69.74 13.55
CA TYR XA 62 21.27 69.05 13.05
C TYR XA 62 21.37 68.77 11.57
N SER XA 63 22.05 69.62 10.80
CA SER XA 63 22.28 69.34 9.39
C SER XA 63 23.13 68.09 9.22
N VAL XA 64 24.21 67.98 10.01
CA VAL XA 64 25.04 66.78 9.95
C VAL XA 64 24.27 65.56 10.44
N ARG XA 65 23.48 65.73 11.51
CA ARG XA 65 22.65 64.62 11.99
C ARG XA 65 21.67 64.17 10.92
N HIS XA 66 21.06 65.11 10.21
CA HIS XA 66 20.12 64.75 9.16
C HIS XA 66 20.82 64.02 8.02
N PHE XA 67 22.07 64.39 7.72
CA PHE XA 67 22.83 63.70 6.69
C PHE XA 67 23.12 62.26 7.07
N PHE XA 68 23.55 62.02 8.30
CA PHE XA 68 23.94 60.68 8.70
C PHE XA 68 22.75 59.75 8.91
N GLU XA 69 21.62 60.30 9.33
CA GLU XA 69 20.42 59.48 9.52
C GLU XA 69 19.65 59.25 8.24
N ASN XA 70 20.08 59.85 7.12
CA ASN XA 70 19.47 59.61 5.83
C ASN XA 70 20.30 58.66 4.97
N GLY XA 71 21.28 57.98 5.55
CA GLY XA 71 22.12 57.07 4.82
C GLY XA 71 23.53 57.56 4.52
N GLY XA 72 23.92 58.72 5.04
CA GLY XA 72 25.26 59.22 4.81
C GLY XA 72 26.31 58.43 5.57
N GLN XA 73 27.52 58.44 5.03
CA GLN XA 73 28.62 57.68 5.60
C GLN XA 73 29.90 58.47 5.82
N GLN XA 74 30.15 59.54 5.06
CA GLN XA 74 31.40 60.28 5.17
C GLN XA 74 31.16 61.72 4.73
N ALA XA 75 31.58 62.67 5.55
CA ALA XA 75 31.33 64.08 5.27
C ALA XA 75 32.51 64.90 5.79
N TYR XA 76 32.55 66.16 5.34
CA TYR XA 76 33.55 67.11 5.78
C TYR XA 76 32.87 68.34 6.37
N VAL XA 77 33.52 68.95 7.37
CA VAL XA 77 33.01 70.14 8.02
C VAL XA 77 34.05 71.24 7.91
N LEU XA 78 33.66 72.40 7.41
CA LEU XA 78 34.52 73.57 7.29
C LEU XA 78 33.86 74.71 8.04
N SER XA 79 34.48 75.14 9.14
CA SER XA 79 33.90 76.14 10.02
C SER XA 79 34.36 77.54 9.60
N LEU XA 80 33.41 78.45 9.48
CA LEU XA 80 33.70 79.84 9.18
C LEU XA 80 33.92 80.68 10.44
N GLY XA 81 33.69 80.11 11.61
CA GLY XA 81 33.84 80.85 12.85
C GLY XA 81 32.88 80.32 13.89
N THR XA 82 32.71 81.12 14.94
CA THR XA 82 31.83 80.77 16.04
C THR XA 82 30.45 81.39 15.81
N GLU XA 83 29.42 80.72 16.33
CA GLU XA 83 28.04 81.12 16.11
C GLU XA 83 27.73 82.53 16.59
N GLN XA 84 28.62 83.17 17.34
CA GLN XA 84 28.39 84.54 17.78
C GLN XA 84 28.71 85.57 16.70
N GLN XA 85 29.26 85.15 15.57
CA GLN XA 85 29.67 86.05 14.51
C GLN XA 85 28.62 86.19 13.41
N LEU XA 86 27.46 85.55 13.55
CA LEU XA 86 26.40 85.70 12.56
C LEU XA 86 25.68 87.02 12.77
N SER XA 87 25.63 87.84 11.71
CA SER XA 87 24.94 89.12 11.77
C SER XA 87 23.76 89.21 10.81
N ASP XA 88 23.99 88.94 9.52
CA ASP XA 88 22.93 89.06 8.54
C ASP XA 88 23.33 88.30 7.28
N PHE XA 89 22.45 88.35 6.26
CA PHE XA 89 22.68 87.60 5.03
C PHE XA 89 23.90 88.09 4.28
N SER XA 90 24.08 89.42 4.20
CA SER XA 90 25.20 89.96 3.42
C SER XA 90 26.54 89.58 4.02
N SER XA 91 26.60 89.48 5.35
CA SER XA 91 27.85 89.07 6.00
C SER XA 91 28.21 87.65 5.64
N LEU XA 92 27.21 86.76 5.57
CA LEU XA 92 27.47 85.37 5.19
C LEU XA 92 28.01 85.28 3.77
N ILE XA 93 27.47 86.09 2.87
CA ILE XA 93 27.98 86.10 1.49
C ILE XA 93 29.43 86.55 1.46
N THR XA 94 29.78 87.55 2.28
CA THR XA 94 31.17 87.97 2.36
C THR XA 94 32.05 86.87 2.91
N ALA XA 95 31.59 86.15 3.93
CA ALA XA 95 32.38 85.07 4.50
C ALA XA 95 32.63 83.96 3.49
N LEU XA 96 31.62 83.62 2.70
CA LEU XA 96 31.79 82.59 1.66
C LEU XA 96 32.69 83.06 0.53
N GLN XA 97 32.93 84.37 0.42
CA GLN XA 97 33.76 84.92 -0.63
C GLN XA 97 35.22 85.09 -0.21
N GLN XA 98 35.58 84.59 0.96
CA GLN XA 98 36.96 84.72 1.45
C GLN XA 98 37.91 83.92 0.55
N ALA XA 99 39.21 84.14 0.76
CA ALA XA 99 40.24 83.59 -0.10
C ALA XA 99 40.72 82.21 0.32
N TRP XA 100 40.80 81.94 1.62
CA TRP XA 100 41.37 80.68 2.07
C TRP XA 100 40.43 79.50 1.87
N LEU XA 101 39.13 79.77 1.65
CA LEU XA 101 38.18 78.68 1.43
C LEU XA 101 38.52 77.91 0.15
N ALA XA 102 38.84 78.61 -0.93
CA ALA XA 102 39.14 77.94 -2.18
C ALA XA 102 40.38 77.07 -2.07
N GLN XA 103 41.43 77.58 -1.40
CA GLN XA 103 42.66 76.80 -1.26
C GLN XA 103 42.42 75.56 -0.42
N THR XA 104 41.65 75.68 0.66
CA THR XA 104 41.36 74.52 1.51
C THR XA 104 40.55 73.48 0.74
N ILE XA 105 39.55 73.92 -0.01
CA ILE XA 105 38.73 72.99 -0.79
C ILE XA 105 39.55 72.34 -1.89
N ALA XA 106 40.36 73.13 -2.60
CA ALA XA 106 41.17 72.58 -3.68
C ALA XA 106 42.20 71.59 -3.16
N ALA XA 107 42.77 71.84 -1.98
CA ALA XA 107 43.76 70.92 -1.42
C ALA XA 107 43.15 69.56 -1.12
N GLU XA 108 41.91 69.55 -0.64
CA GLU XA 108 41.22 68.30 -0.33
C GLU XA 108 40.63 67.71 -1.59
N ASN XA 109 40.98 66.47 -1.90
CA ASN XA 109 40.52 65.82 -3.13
C ASN XA 109 39.25 65.01 -2.93
N ASP XA 110 38.86 64.72 -1.68
CA ASP XA 110 37.67 63.93 -1.44
C ASP XA 110 36.39 64.73 -1.64
N ILE XA 111 36.43 66.05 -1.42
CA ILE XA 111 35.23 66.86 -1.47
C ILE XA 111 34.70 66.89 -2.90
N THR XA 112 33.39 66.64 -3.04
CA THR XA 112 32.76 66.61 -4.36
C THR XA 112 31.49 67.45 -4.35
N LEU XA 113 30.90 67.66 -3.19
CA LEU XA 113 29.69 68.46 -3.03
C LEU XA 113 29.90 69.53 -1.98
N ILE XA 114 29.14 70.62 -2.09
CA ILE XA 114 29.24 71.76 -1.20
C ILE XA 114 27.87 72.05 -0.62
N ILE XA 115 27.79 72.19 0.69
CA ILE XA 115 26.54 72.48 1.40
C ILE XA 115 26.78 73.64 2.35
N THR XA 116 25.87 74.62 2.33
CA THR XA 116 25.90 75.75 3.25
C THR XA 116 24.61 75.75 4.07
N PRO XA 117 24.61 75.23 5.29
CA PRO XA 117 23.36 75.15 6.06
C PRO XA 117 22.93 76.47 6.69
N ASP XA 118 23.77 77.50 6.70
CA ASP XA 118 23.46 78.72 7.43
C ASP XA 118 22.60 79.70 6.65
N VAL XA 119 22.23 79.38 5.41
CA VAL XA 119 21.39 80.27 4.63
C VAL XA 119 19.97 80.34 5.19
N ILE XA 120 19.58 79.36 6.02
CA ILE XA 120 18.21 79.30 6.52
C ILE XA 120 17.99 80.21 7.72
N ARG XA 121 19.07 80.61 8.40
CA ARG XA 121 18.93 81.33 9.67
C ARG XA 121 18.23 82.68 9.49
N PHE XA 122 18.54 83.40 8.42
CA PHE XA 122 18.15 84.80 8.32
C PHE XA 122 16.69 84.94 7.88
N ASP XA 123 16.17 86.16 8.06
CA ASP XA 123 14.77 86.46 7.79
C ASP XA 123 14.50 86.54 6.30
N GLN XA 124 13.27 86.18 5.92
CA GLN XA 124 12.86 86.16 4.51
C GLN XA 124 11.45 86.71 4.36
N THR XA 125 11.16 87.84 5.01
CA THR XA 125 9.83 88.45 4.97
C THR XA 125 9.71 89.59 3.98
N GLU XA 126 10.70 89.81 3.12
CA GLU XA 126 10.64 90.86 2.13
C GLU XA 126 10.98 90.30 0.75
N ILE XA 127 10.27 90.78 -0.26
CA ILE XA 127 10.40 90.26 -1.62
C ILE XA 127 10.92 91.40 -2.51
N SER XA 128 11.73 92.29 -1.92
CA SER XA 128 12.29 93.39 -2.68
C SER XA 128 13.40 92.89 -3.62
N ASP XA 129 13.78 93.74 -4.56
CA ASP XA 129 14.87 93.41 -5.48
C ASP XA 129 16.21 93.35 -4.76
N THR XA 130 16.33 93.98 -3.59
CA THR XA 130 17.57 93.86 -2.83
C THR XA 130 17.77 92.43 -2.36
N GLN XA 131 16.72 91.77 -1.89
CA GLN XA 131 16.82 90.37 -1.49
C GLN XA 131 17.11 89.48 -2.69
N ARG XA 132 16.47 89.76 -3.84
CA ARG XA 132 16.73 88.97 -5.03
C ARG XA 132 18.19 89.08 -5.46
N ASP XA 133 18.76 90.28 -5.40
CA ASP XA 133 20.17 90.45 -5.73
C ASP XA 133 21.06 89.72 -4.73
N LEU XA 134 20.67 89.71 -3.46
CA LEU XA 134 21.45 89.00 -2.44
C LEU XA 134 21.47 87.51 -2.73
N TRP XA 135 20.34 86.92 -3.11
CA TRP XA 135 20.30 85.50 -3.41
C TRP XA 135 21.15 85.16 -4.63
N LEU XA 136 21.10 86.02 -5.65
CA LEU XA 136 21.92 85.79 -6.85
C LEU XA 136 23.40 85.85 -6.52
N GLN XA 137 23.79 86.72 -5.58
CA GLN XA 137 25.18 86.77 -5.16
C GLN XA 137 25.59 85.48 -4.45
N LEU XA 138 24.69 84.94 -3.62
CA LEU XA 138 25.02 83.72 -2.88
C LEU XA 138 25.24 82.55 -3.82
N TRP XA 139 24.39 82.41 -4.84
CA TRP XA 139 24.57 81.33 -5.81
C TRP XA 139 25.89 81.47 -6.55
N GLN XA 140 26.23 82.69 -6.95
CA GLN XA 140 27.50 82.92 -7.64
C GLN XA 140 28.69 82.67 -6.72
N SER XA 141 28.58 83.05 -5.45
CA SER XA 141 29.68 82.82 -4.52
C SER XA 141 29.95 81.34 -4.32
N VAL XA 142 28.89 80.53 -4.20
CA VAL XA 142 29.07 79.10 -4.03
C VAL XA 142 29.61 78.47 -5.31
N LEU XA 143 29.12 78.91 -6.46
CA LEU XA 143 29.60 78.36 -7.73
C LEU XA 143 31.06 78.68 -7.96
N ASN XA 144 31.52 79.85 -7.49
CA ASN XA 144 32.94 80.18 -7.58
C ASN XA 144 33.78 79.24 -6.73
N LEU XA 145 33.21 78.72 -5.64
CA LEU XA 145 33.94 77.75 -4.83
C LEU XA 145 34.04 76.41 -5.53
N CYS XA 146 33.02 76.06 -6.33
CA CYS XA 146 33.05 74.78 -7.04
C CYS XA 146 34.06 74.80 -8.18
N LYS XA 147 34.34 75.98 -8.74
CA LYS XA 147 35.31 76.08 -9.82
C LYS XA 147 36.75 75.92 -9.34
N SER XA 148 36.98 75.88 -8.02
CA SER XA 148 38.32 75.72 -7.51
C SER XA 148 38.94 74.40 -7.92
N ARG XA 149 38.13 73.40 -8.27
CA ARG XA 149 38.63 72.12 -8.74
C ARG XA 149 37.53 71.44 -9.56
N ARG XA 150 37.91 70.83 -10.67
CA ARG XA 150 36.96 70.17 -11.54
C ARG XA 150 36.22 69.05 -10.81
N GLY XA 151 34.91 68.96 -11.04
CA GLY XA 151 34.10 67.90 -10.51
C GLY XA 151 33.25 68.25 -9.30
N ILE XA 152 33.46 69.41 -8.69
CA ILE XA 152 32.68 69.79 -7.52
C ILE XA 152 31.36 70.41 -7.97
N MET XA 153 30.27 70.00 -7.33
CA MET XA 153 28.94 70.51 -7.63
C MET XA 153 28.30 71.02 -6.35
N GLY XA 154 27.65 72.17 -6.44
CA GLY XA 154 27.10 72.83 -5.26
C GLY XA 154 25.60 72.65 -5.14
N LEU XA 155 25.16 72.22 -3.97
CA LEU XA 155 23.75 72.09 -3.65
C LEU XA 155 23.27 73.39 -3.01
N LEU XA 156 22.28 74.02 -3.63
CA LEU XA 156 21.91 75.39 -3.31
C LEU XA 156 20.52 75.47 -2.72
N ASP XA 157 20.30 76.46 -1.86
CA ASP XA 157 18.98 76.75 -1.35
C ASP XA 157 18.28 77.76 -2.25
N ALA XA 158 16.99 77.94 -2.01
CA ALA XA 158 16.15 78.86 -2.75
C ALA XA 158 15.37 79.73 -1.78
N PRO XA 159 14.95 80.93 -2.19
CA PRO XA 159 14.13 81.76 -1.31
C PRO XA 159 12.84 81.05 -0.92
N ASP XA 160 12.43 81.26 0.33
CA ASP XA 160 11.26 80.57 0.85
C ASP XA 160 9.99 80.96 0.09
N ASP XA 161 9.86 82.24 -0.24
CA ASP XA 161 8.69 82.69 -0.98
C ASP XA 161 8.77 82.18 -2.42
N PRO XA 162 7.76 81.47 -2.90
CA PRO XA 162 7.83 80.96 -4.28
C PRO XA 162 7.94 82.05 -5.33
N THR XA 163 7.30 83.20 -5.13
CA THR XA 163 7.38 84.27 -6.11
C THR XA 163 8.78 84.85 -6.20
N LEU XA 164 9.45 85.01 -5.05
CA LEU XA 164 10.83 85.49 -5.07
C LEU XA 164 11.76 84.48 -5.72
N ALA XA 165 11.55 83.20 -5.43
CA ALA XA 165 12.39 82.15 -6.03
C ALA XA 165 12.24 82.12 -7.54
N ALA XA 166 11.01 82.29 -8.03
CA ALA XA 166 10.78 82.31 -9.48
C ALA XA 166 11.46 83.51 -10.12
N LYS XA 167 11.50 84.65 -9.41
CA LYS XA 167 12.20 85.82 -9.92
C LYS XA 167 13.70 85.56 -10.03
N CYS XA 168 14.27 84.88 -9.04
CA CYS XA 168 15.70 84.61 -9.06
C CYS XA 168 16.08 83.72 -10.24
N LEU XA 169 15.27 82.71 -10.53
CA LEU XA 169 15.59 81.80 -11.63
C LEU XA 169 15.61 82.50 -12.98
N GLN XA 170 14.64 83.39 -13.22
CA GLN XA 170 14.54 84.04 -14.51
C GLN XA 170 15.71 84.99 -14.74
N GLN XA 171 16.11 85.74 -13.71
CA GLN XA 171 17.10 86.80 -13.85
C GLN XA 171 18.51 86.35 -13.51
N PHE XA 172 18.71 85.08 -13.17
CA PHE XA 172 20.06 84.60 -12.89
C PHE XA 172 20.86 84.49 -14.18
N SER XA 173 22.09 85.02 -14.16
CA SER XA 173 22.97 84.97 -15.32
C SER XA 173 24.36 84.57 -14.86
N SER XA 174 24.89 83.50 -15.44
CA SER XA 174 26.22 83.01 -15.08
C SER XA 174 26.67 82.02 -16.14
N ALA XA 175 27.99 81.79 -16.18
CA ALA XA 175 28.57 80.75 -17.02
C ALA XA 175 28.84 79.46 -16.26
N ASP XA 176 28.50 79.41 -14.98
CA ASP XA 176 28.72 78.24 -14.15
C ASP XA 176 27.42 77.53 -13.77
N ARG XA 177 26.39 77.61 -14.62
CA ARG XA 177 25.10 76.99 -14.32
C ARG XA 177 25.22 75.50 -14.11
N GLN XA 178 26.04 74.84 -14.92
CA GLN XA 178 26.08 73.38 -14.95
C GLN XA 178 26.58 72.76 -13.65
N TRP XA 179 27.18 73.55 -12.77
CA TRP XA 179 27.67 73.03 -11.49
C TRP XA 179 26.74 73.34 -10.33
N GLY XA 180 25.56 73.89 -10.58
CA GLY XA 180 24.65 74.29 -9.52
C GLY XA 180 23.34 73.53 -9.58
N VAL XA 181 22.90 73.05 -8.42
CA VAL XA 181 21.62 72.37 -8.27
C VAL XA 181 20.90 72.98 -7.07
N VAL XA 182 19.61 73.27 -7.23
CA VAL XA 182 18.82 73.94 -6.21
C VAL XA 182 17.62 73.08 -5.86
N TYR XA 183 17.29 73.02 -4.57
CA TYR XA 183 16.16 72.25 -4.08
C TYR XA 183 15.26 73.14 -3.24
N TRP XA 184 13.96 72.81 -3.24
CA TRP XA 184 12.94 73.66 -2.64
C TRP XA 184 11.75 72.79 -2.30
N PRO XA 185 11.03 73.09 -1.21
CA PRO XA 185 11.27 74.11 -0.19
C PRO XA 185 12.05 73.57 1.02
N LEU XA 186 11.99 74.29 2.13
CA LEU XA 186 12.61 73.81 3.36
C LEU XA 186 11.81 72.64 3.94
N LEU XA 187 12.47 71.88 4.80
CA LEU XA 187 11.89 70.69 5.39
C LEU XA 187 11.73 70.86 6.91
N LYS XA 188 10.60 70.39 7.43
CA LYS XA 188 10.34 70.38 8.86
C LYS XA 188 10.83 69.04 9.41
N SER XA 189 11.99 69.05 10.04
CA SER XA 189 12.62 67.80 10.46
C SER XA 189 11.87 67.20 11.65
N ALA XA 190 12.24 65.97 11.99
CA ALA XA 190 11.64 65.24 13.09
C ALA XA 190 12.28 65.57 14.43
N TYR XA 191 13.25 66.47 14.45
CA TYR XA 191 13.97 66.83 15.67
C TYR XA 191 13.29 68.01 16.34
N GLN XA 192 13.16 67.95 17.66
CA GLN XA 192 12.54 69.01 18.44
C GLN XA 192 13.58 69.75 19.26
N ASP XA 193 13.39 71.05 19.41
CA ASP XA 193 14.29 71.89 20.16
C ASP XA 193 13.80 72.03 21.60
N ASN XA 194 14.42 72.95 22.36
CA ASN XA 194 14.11 73.10 23.77
C ASN XA 194 12.66 73.53 24.02
N THR XA 195 12.05 74.25 23.09
CA THR XA 195 10.65 74.65 23.22
C THR XA 195 9.70 73.67 22.56
N GLN XA 196 10.18 72.49 22.17
CA GLN XA 196 9.37 71.43 21.58
C GLN XA 196 8.76 71.86 20.24
N ASN XA 197 9.44 72.75 19.53
CA ASN XA 197 9.01 73.03 18.17
C ASN XA 197 9.91 72.31 17.17
N PRO XA 198 9.36 71.86 16.04
CA PRO XA 198 10.16 71.12 15.07
C PRO XA 198 11.22 72.02 14.43
N ILE XA 199 12.43 71.49 14.30
CA ILE XA 199 13.52 72.26 13.71
C ILE XA 199 13.42 72.20 12.20
N VAL XA 200 13.56 73.36 11.56
CA VAL XA 200 13.45 73.49 10.10
C VAL XA 200 14.85 73.40 9.52
N LEU XA 201 15.02 72.55 8.50
CA LEU XA 201 16.31 72.32 7.87
C LEU XA 201 16.19 72.46 6.36
N SER XA 202 17.33 72.72 5.74
CA SER XA 202 17.38 72.76 4.28
C SER XA 202 17.35 71.34 3.71
N PRO XA 203 16.74 71.13 2.55
CA PRO XA 203 16.73 69.79 1.97
C PRO XA 203 18.07 69.32 1.45
N THR XA 204 19.04 70.23 1.30
CA THR XA 204 20.32 69.85 0.70
C THR XA 204 21.09 68.88 1.56
N ALA XA 205 20.89 68.90 2.88
CA ALA XA 205 21.58 67.97 3.75
C ALA XA 205 21.15 66.53 3.48
N ALA XA 206 19.85 66.30 3.28
CA ALA XA 206 19.37 64.96 3.03
C ALA XA 206 19.66 64.52 1.60
N VAL XA 207 19.62 65.46 0.65
CA VAL XA 207 19.88 65.12 -0.74
C VAL XA 207 21.31 64.62 -0.91
N ALA XA 208 22.26 65.24 -0.20
CA ALA XA 208 23.65 64.80 -0.29
C ALA XA 208 23.82 63.37 0.20
N ALA XA 209 23.13 63.01 1.28
CA ALA XA 209 23.16 61.62 1.74
C ALA XA 209 22.58 60.68 0.70
N VAL XA 210 21.49 61.09 0.05
CA VAL XA 210 20.90 60.27 -1.01
C VAL XA 210 21.87 60.10 -2.17
N ILE XA 211 22.51 61.18 -2.59
CA ILE XA 211 23.43 61.12 -3.72
C ILE XA 211 24.60 60.17 -3.42
N GLN XA 212 25.17 60.29 -2.22
CA GLN XA 212 26.26 59.40 -1.84
C GLN XA 212 25.78 57.95 -1.77
N ARG XA 213 24.59 57.73 -1.19
CA ARG XA 213 24.06 56.38 -1.10
C ARG XA 213 23.70 55.84 -2.48
N ASN XA 214 23.11 56.68 -3.34
CA ASN XA 214 22.65 56.21 -4.64
C ASN XA 214 23.80 55.77 -5.53
N ASP XA 215 24.98 56.36 -5.36
CA ASP XA 215 26.12 56.01 -6.21
C ASP XA 215 26.53 54.56 -6.02
N ASN XA 216 26.56 54.08 -4.78
CA ASN XA 216 26.96 52.70 -4.52
C ASN XA 216 25.85 51.71 -4.88
N GLN XA 217 24.59 52.12 -4.73
CA GLN XA 217 23.48 51.21 -4.96
C GLN XA 217 23.13 51.12 -6.45
N GLN XA 218 22.74 52.24 -7.05
CA GLN XA 218 22.27 52.26 -8.43
C GLN XA 218 23.34 52.63 -9.45
N GLY XA 219 24.32 53.43 -9.05
CA GLY XA 219 25.33 53.89 -9.99
C GLY XA 219 25.34 55.39 -10.16
N VAL XA 220 26.46 55.95 -10.60
CA VAL XA 220 26.58 57.40 -10.74
C VAL XA 220 25.75 57.92 -11.91
N TRP XA 221 25.34 57.05 -12.83
CA TRP XA 221 24.56 57.46 -13.99
C TRP XA 221 23.07 57.44 -13.73
N THR XA 222 22.64 57.12 -12.51
CA THR XA 222 21.22 57.03 -12.17
C THR XA 222 20.79 58.31 -11.46
N ALA XA 223 19.66 58.86 -11.90
CA ALA XA 223 19.16 60.09 -11.31
C ALA XA 223 18.81 59.89 -9.85
N PRO XA 224 19.24 60.78 -8.94
CA PRO XA 224 18.91 60.63 -7.53
C PRO XA 224 17.52 61.11 -7.14
N ALA XA 225 16.64 61.33 -8.11
CA ALA XA 225 15.28 61.76 -7.81
C ALA XA 225 14.39 60.57 -7.50
N ASN XA 226 13.16 60.86 -7.07
CA ASN XA 226 12.16 59.85 -6.74
C ASN XA 226 12.68 58.89 -5.67
N ILE XA 227 13.21 59.45 -4.59
CA ILE XA 227 13.70 58.69 -3.44
C ILE XA 227 13.13 59.31 -2.19
N ALA XA 228 12.54 58.50 -1.32
CA ALA XA 228 11.93 58.99 -0.10
C ALA XA 228 12.99 59.42 0.90
N LEU XA 229 12.70 60.50 1.62
CA LEU XA 229 13.60 61.01 2.65
C LEU XA 229 13.23 60.43 4.02
N SER XA 230 14.16 60.57 4.96
CA SER XA 230 13.99 60.03 6.30
C SER XA 230 14.05 61.15 7.33
N LYS XA 231 13.38 60.93 8.46
CA LYS XA 231 13.35 61.88 9.57
C LYS XA 231 12.79 63.24 9.15
N VAL XA 232 11.87 63.25 8.19
CA VAL XA 232 11.24 64.46 7.71
C VAL XA 232 9.76 64.39 8.02
N ILE XA 233 9.26 65.38 8.77
CA ILE XA 233 7.86 65.39 9.14
C ILE XA 233 6.99 65.85 7.99
N SER XA 234 7.33 66.98 7.38
CA SER XA 234 6.53 67.56 6.31
C SER XA 234 7.33 68.70 5.68
N PRO XA 235 7.17 68.91 4.37
CA PRO XA 235 7.75 70.11 3.75
C PRO XA 235 7.03 71.36 4.25
N VAL XA 236 7.78 72.47 4.26
CA VAL XA 236 7.23 73.72 4.76
C VAL XA 236 6.05 74.22 3.91
N ARG XA 237 6.15 74.12 2.58
CA ARG XA 237 5.09 74.60 1.71
C ARG XA 237 4.62 73.46 0.82
N ALA XA 238 3.34 73.51 0.46
CA ALA XA 238 2.73 72.46 -0.35
C ALA XA 238 3.19 72.58 -1.80
N TYR XA 239 3.01 71.47 -2.54
CA TYR XA 239 3.44 71.43 -3.93
C TYR XA 239 2.60 72.31 -4.84
N ILE XA 240 1.42 72.74 -4.41
CA ILE XA 240 0.56 73.58 -5.25
C ILE XA 240 1.10 74.99 -5.43
N GLU XA 241 2.13 75.37 -4.69
CA GLU XA 241 2.71 76.70 -4.79
C GLU XA 241 3.91 76.76 -5.73
N ALA XA 242 4.31 75.63 -6.30
CA ALA XA 242 5.52 75.56 -7.12
C ALA XA 242 5.24 75.35 -8.60
N ASN XA 243 4.11 75.85 -9.10
CA ASN XA 243 3.78 75.65 -10.51
C ASN XA 243 4.65 76.49 -11.44
N ALA XA 244 5.23 77.58 -10.94
CA ALA XA 244 6.07 78.46 -11.75
C ALA XA 244 7.55 78.14 -11.63
N LEU XA 245 7.93 77.14 -10.85
CA LEU XA 245 9.33 76.84 -10.58
C LEU XA 245 9.90 75.76 -11.49
N PHE XA 246 9.12 75.23 -12.44
CA PHE XA 246 9.61 74.27 -13.41
C PHE XA 246 9.41 74.84 -14.81
N ASN XA 247 10.51 75.02 -15.53
CA ASN XA 247 10.46 75.51 -16.91
C ASN XA 247 11.20 74.52 -17.81
N PRO XA 248 10.50 73.80 -18.69
CA PRO XA 248 11.19 72.87 -19.59
C PRO XA 248 12.17 73.55 -20.53
N ASP XA 249 12.01 74.84 -20.78
CA ASP XA 249 12.92 75.57 -21.66
C ASP XA 249 13.52 76.77 -20.93
N GLY XA 250 13.97 76.56 -19.71
CA GLY XA 250 14.57 77.62 -18.93
C GLY XA 250 15.11 77.11 -17.62
N THR XA 251 15.47 78.04 -16.75
CA THR XA 251 15.95 77.69 -15.43
C THR XA 251 14.80 77.15 -14.57
N SER XA 252 15.09 76.11 -13.80
CA SER XA 252 14.06 75.46 -13.00
C SER XA 252 14.67 74.90 -11.73
N LEU XA 253 13.80 74.61 -10.76
CA LEU XA 253 14.18 74.04 -9.48
C LEU XA 253 13.89 72.54 -9.48
N ASN XA 254 14.39 71.86 -8.45
CA ASN XA 254 13.99 70.48 -8.17
C ASN XA 254 13.09 70.50 -6.94
N LEU XA 255 11.86 70.02 -7.11
CA LEU XA 255 10.87 70.13 -6.05
C LEU XA 255 10.99 68.97 -5.07
N VAL XA 256 10.84 69.27 -3.78
CA VAL XA 256 10.74 68.27 -2.74
C VAL XA 256 9.28 68.21 -2.30
N ARG XA 257 8.66 67.05 -2.47
CA ARG XA 257 7.22 66.93 -2.38
C ARG XA 257 6.86 65.64 -1.66
N SER XA 258 5.70 65.64 -1.02
CA SER XA 258 5.15 64.46 -0.36
C SER XA 258 4.02 63.89 -1.19
N PHE XA 259 3.79 62.58 -1.03
CA PHE XA 259 2.69 61.88 -1.68
C PHE XA 259 1.93 61.07 -0.65
N PRO XA 260 0.64 60.85 -0.87
CA PRO XA 260 -0.13 60.01 0.06
C PRO XA 260 0.31 58.55 -0.01
N GLY XA 261 0.93 58.06 1.05
CA GLY XA 261 1.42 56.69 1.11
C GLY XA 261 2.83 56.49 0.62
N LYS XA 262 3.49 57.53 0.11
CA LYS XA 262 4.85 57.42 -0.39
C LYS XA 262 5.84 58.27 0.39
N GLY XA 263 5.38 59.18 1.24
CA GLY XA 263 6.28 60.01 2.00
C GLY XA 263 6.83 61.17 1.18
N ILE XA 264 7.77 61.89 1.80
CA ILE XA 264 8.39 63.05 1.18
C ILE XA 264 9.52 62.57 0.27
N ARG XA 265 9.45 62.93 -1.00
CA ARG XA 265 10.41 62.49 -2.00
C ARG XA 265 10.98 63.67 -2.76
N ILE XA 266 12.15 63.46 -3.35
CA ILE XA 266 12.74 64.40 -4.30
C ILE XA 266 12.04 64.23 -5.64
N TRP XA 267 11.64 65.34 -6.25
CA TRP XA 267 10.84 65.30 -7.48
C TRP XA 267 11.49 66.13 -8.57
N GLY XA 268 12.78 65.94 -8.79
CA GLY XA 268 13.47 66.64 -9.87
C GLY XA 268 14.93 66.24 -9.92
N CYS XA 269 15.51 66.39 -11.12
CA CYS XA 269 16.90 66.04 -11.33
C CYS XA 269 17.64 67.04 -12.22
N ARG XA 270 17.07 68.22 -12.44
CA ARG XA 270 17.70 69.20 -13.32
C ARG XA 270 18.69 70.07 -12.57
N THR XA 271 19.67 70.60 -13.29
CA THR XA 271 20.62 71.55 -12.75
C THR XA 271 20.17 72.98 -13.08
N LEU XA 272 21.03 73.94 -12.77
CA LEU XA 272 20.73 75.34 -13.07
C LEU XA 272 20.87 75.66 -14.54
N GLU XA 273 21.33 74.72 -15.36
CA GLU XA 273 21.45 74.94 -16.79
C GLU XA 273 20.08 75.26 -17.40
N ASN XA 274 20.09 76.22 -18.33
CA ASN XA 274 18.84 76.71 -18.90
C ASN XA 274 18.79 76.55 -20.42
N THR XA 275 19.95 76.31 -21.04
CA THR XA 275 19.99 76.13 -22.48
C THR XA 275 19.26 74.85 -22.87
N HIS XA 276 18.47 74.92 -23.94
CA HIS XA 276 17.68 73.77 -24.35
C HIS XA 276 18.56 72.62 -24.85
N ASP XA 277 19.59 72.95 -25.62
CA ASP XA 277 20.44 71.94 -26.25
C ASP XA 277 21.71 71.65 -25.46
N SER XA 278 21.87 72.24 -24.27
CA SER XA 278 23.06 71.98 -23.48
C SER XA 278 23.07 70.54 -22.99
N PRO XA 279 24.24 69.91 -22.88
CA PRO XA 279 24.29 68.51 -22.45
C PRO XA 279 24.35 68.32 -20.94
N TRP XA 280 24.36 69.39 -20.16
CA TRP XA 280 24.47 69.30 -18.71
C TRP XA 280 23.17 69.68 -18.00
N SER XA 281 22.01 69.38 -18.60
CA SER XA 281 20.75 69.77 -18.00
C SER XA 281 20.33 68.88 -16.84
N TYR XA 282 21.03 67.77 -16.61
CA TYR XA 282 20.67 66.83 -15.55
C TYR XA 282 21.87 66.60 -14.64
N ILE XA 283 21.59 66.42 -13.35
CA ILE XA 283 22.67 66.27 -12.37
C ILE XA 283 23.44 64.97 -12.61
N GLN XA 284 22.71 63.89 -12.89
CA GLN XA 284 23.38 62.59 -13.06
C GLN XA 284 24.24 62.58 -14.31
N THR XA 285 23.84 63.29 -15.35
CA THR XA 285 24.64 63.36 -16.57
C THR XA 285 25.93 64.14 -16.32
N ARG XA 286 25.84 65.26 -15.62
CA ARG XA 286 27.03 66.04 -15.30
C ARG XA 286 27.95 65.27 -14.37
N ARG XA 287 27.40 64.54 -13.40
CA ARG XA 287 28.23 63.77 -12.48
C ARG XA 287 28.81 62.54 -13.15
N LEU XA 288 28.11 61.98 -14.14
CA LEU XA 288 28.63 60.81 -14.84
C LEU XA 288 29.88 61.17 -15.64
N VAL XA 289 29.86 62.31 -16.34
CA VAL XA 289 31.02 62.70 -17.15
C VAL XA 289 32.19 63.05 -16.24
N SER XA 290 31.94 63.73 -15.12
CA SER XA 290 33.01 64.02 -14.18
C SER XA 290 33.58 62.73 -13.57
N TYR XA 291 32.75 61.70 -13.42
CA TYR XA 291 33.25 60.41 -12.96
C TYR XA 291 34.13 59.77 -14.02
N ILE XA 292 33.77 59.92 -15.30
CA ILE XA 292 34.61 59.42 -16.38
C ILE XA 292 35.89 60.25 -16.49
N GLU XA 293 35.77 61.57 -16.30
CA GLU XA 293 36.94 62.44 -16.36
C GLU XA 293 37.94 62.09 -15.25
N ALA XA 294 37.43 61.80 -14.06
CA ALA XA 294 38.31 61.48 -12.94
C ALA XA 294 39.12 60.22 -13.20
N TYR XA 295 38.51 59.22 -13.82
CA TYR XA 295 39.23 57.99 -14.13
C TYR XA 295 40.33 58.24 -15.16
N MET XA 296 39.98 58.88 -16.28
CA MET XA 296 40.97 59.15 -17.31
C MET XA 296 42.06 60.08 -16.83
N THR XA 297 41.75 60.93 -15.84
CA THR XA 297 42.80 61.71 -15.20
C THR XA 297 43.76 60.81 -14.43
N GLN XA 298 43.23 59.83 -13.70
CA GLN XA 298 44.09 58.90 -12.98
C GLN XA 298 44.88 58.02 -13.94
N LEU XA 299 44.24 57.55 -15.01
CA LEU XA 299 44.95 56.76 -16.01
C LEU XA 299 45.98 57.62 -16.74
N GLY XA 300 45.64 58.88 -17.03
CA GLY XA 300 46.57 59.75 -17.72
C GLY XA 300 47.82 60.06 -16.90
N ARG XA 301 47.69 60.14 -15.59
CA ARG XA 301 48.83 60.49 -14.74
C ARG XA 301 49.94 59.45 -14.84
N ALA XA 302 49.59 58.19 -15.11
CA ALA XA 302 50.60 57.15 -15.23
C ALA XA 302 51.51 57.31 -16.44
N PHE XA 303 51.11 58.14 -17.41
CA PHE XA 303 51.88 58.32 -18.63
C PHE XA 303 52.62 59.65 -18.69
N VAL XA 304 52.57 60.45 -17.64
CA VAL XA 304 53.34 61.68 -17.60
C VAL XA 304 54.83 61.35 -17.45
N PHE XA 305 55.67 62.14 -18.09
CA PHE XA 305 57.12 61.96 -18.10
C PHE XA 305 57.54 60.65 -18.76
N GLU XA 306 56.67 60.07 -19.57
CA GLU XA 306 56.96 58.87 -20.33
C GLU XA 306 57.30 59.23 -21.77
N PRO XA 307 58.01 58.35 -22.47
CA PRO XA 307 58.32 58.62 -23.89
C PRO XA 307 57.05 58.82 -24.70
N ASN XA 308 57.09 59.77 -25.62
CA ASN XA 308 55.94 60.14 -26.44
C ASN XA 308 56.06 59.44 -27.80
N ASN XA 309 55.75 58.15 -27.81
CA ASN XA 309 55.83 57.34 -29.02
C ASN XA 309 54.55 56.53 -29.17
N ALA XA 310 54.46 55.79 -30.28
CA ALA XA 310 53.26 55.02 -30.57
C ALA XA 310 53.01 53.90 -29.57
N ILE XA 311 54.07 53.37 -28.95
CA ILE XA 311 53.88 52.31 -27.96
C ILE XA 311 53.14 52.86 -26.74
N THR XA 312 53.51 54.06 -26.27
CA THR XA 312 52.84 54.65 -25.12
C THR XA 312 51.37 54.94 -25.44
N TRP XA 313 51.10 55.44 -26.64
CA TRP XA 313 49.72 55.76 -27.00
C TRP XA 313 48.85 54.52 -27.04
N MET XA 314 49.40 53.40 -27.53
CA MET XA 314 48.63 52.17 -27.59
C MET XA 314 48.30 51.64 -26.20
N LYS XA 315 49.24 51.81 -25.26
CA LYS XA 315 48.98 51.38 -23.89
C LYS XA 315 47.82 52.13 -23.27
N PHE XA 316 47.79 53.46 -23.46
CA PHE XA 316 46.67 54.25 -22.96
C PHE XA 316 45.39 53.91 -23.69
N LYS XA 317 45.44 53.80 -25.01
CA LYS XA 317 44.23 53.55 -25.80
C LYS XA 317 43.65 52.18 -25.48
N GLY XA 318 44.49 51.17 -25.28
CA GLY XA 318 43.99 49.85 -24.97
C GLY XA 318 43.28 49.79 -23.63
N GLN XA 319 43.84 50.47 -22.63
CA GLN XA 319 43.22 50.46 -21.30
C GLN XA 319 41.96 51.32 -21.26
N ALA XA 320 42.01 52.49 -21.89
CA ALA XA 320 40.84 53.36 -21.91
C ALA XA 320 39.68 52.71 -22.63
N HIS XA 321 39.96 52.07 -23.77
CA HIS XA 321 38.91 51.33 -24.48
C HIS XA 321 38.41 50.17 -23.64
N ASN XA 322 39.28 49.60 -22.81
CA ASN XA 322 38.89 48.47 -21.96
C ASN XA 322 37.92 48.93 -20.88
N TRP XA 323 38.21 50.03 -20.20
CA TRP XA 323 37.38 50.49 -19.10
C TRP XA 323 36.03 51.00 -19.61
N LEU XA 324 36.02 51.74 -20.72
CA LEU XA 324 34.78 52.31 -21.22
C LEU XA 324 33.80 51.23 -21.66
N ARG XA 325 34.30 50.15 -22.27
CA ARG XA 325 33.42 49.07 -22.67
C ARG XA 325 32.78 48.40 -21.47
N GLN XA 326 33.54 48.24 -20.39
CA GLN XA 326 32.98 47.66 -19.17
C GLN XA 326 31.86 48.53 -18.60
N LEU XA 327 32.04 49.85 -18.65
CA LEU XA 327 30.99 50.75 -18.19
C LEU XA 327 29.79 50.72 -19.12
N TRP XA 328 30.02 50.59 -20.43
CA TRP XA 328 28.92 50.53 -21.38
C TRP XA 328 28.09 49.27 -21.18
N LEU XA 329 28.74 48.14 -20.91
CA LEU XA 329 28.02 46.89 -20.71
C LEU XA 329 27.31 46.82 -19.36
N LYS XA 330 27.56 47.79 -18.48
CA LYS XA 330 26.84 47.88 -17.21
C LYS XA 330 25.61 48.77 -17.31
N GLY XA 331 25.32 49.31 -18.49
CA GLY XA 331 24.21 50.22 -18.66
C GLY XA 331 24.53 51.67 -18.37
N GLY XA 332 25.81 52.04 -18.30
CA GLY XA 332 26.19 53.41 -18.02
C GLY XA 332 26.26 54.31 -19.23
N LEU XA 333 26.18 53.76 -20.44
CA LEU XA 333 26.23 54.55 -21.65
C LEU XA 333 25.15 54.08 -22.61
N ARG XA 334 24.75 54.97 -23.52
CA ARG XA 334 23.66 54.72 -24.44
C ARG XA 334 24.22 54.26 -25.79
N GLY XA 335 23.65 53.19 -26.33
CA GLY XA 335 24.06 52.70 -27.63
C GLY XA 335 23.92 51.20 -27.77
N THR XA 336 23.41 50.75 -28.92
CA THR XA 336 23.30 49.32 -29.18
C THR XA 336 24.56 48.74 -29.80
N GLN XA 337 25.44 49.59 -30.34
CA GLN XA 337 26.71 49.16 -30.89
C GLN XA 337 27.84 49.78 -30.08
N GLU XA 338 28.98 49.08 -30.04
CA GLU XA 338 30.11 49.57 -29.26
C GLU XA 338 30.61 50.91 -29.78
N ASP XA 339 30.67 51.07 -31.10
CA ASP XA 339 31.13 52.33 -31.67
C ASP XA 339 30.16 53.47 -31.42
N GLN XA 340 28.88 53.17 -31.16
CA GLN XA 340 27.92 54.21 -30.85
C GLN XA 340 28.09 54.73 -29.42
N ALA XA 341 28.49 53.86 -28.49
CA ALA XA 341 28.57 54.27 -27.09
C ALA XA 341 29.74 55.21 -26.84
N PHE XA 342 30.90 54.92 -27.42
CA PHE XA 342 32.09 55.72 -27.14
C PHE XA 342 33.08 55.56 -28.29
N GLU XA 343 34.16 56.35 -28.21
CA GLU XA 343 35.25 56.28 -29.15
C GLU XA 343 36.46 57.02 -28.60
N VAL XA 344 37.64 56.42 -28.70
CA VAL XA 344 38.88 57.00 -28.20
C VAL XA 344 39.83 57.17 -29.37
N LEU XA 345 40.37 58.38 -29.54
CA LEU XA 345 41.33 58.69 -30.59
C LEU XA 345 42.61 59.22 -29.98
N LEU XA 346 43.74 58.63 -30.34
CA LEU XA 346 45.02 59.04 -29.81
C LEU XA 346 46.11 58.62 -30.79
N GLY XA 347 46.69 59.58 -31.49
CA GLY XA 347 47.71 59.27 -32.48
C GLY XA 347 48.41 60.50 -32.97
N VAL XA 348 49.45 60.28 -33.77
CA VAL XA 348 50.26 61.39 -34.28
C VAL XA 348 49.52 62.19 -35.34
N ASP XA 349 48.48 61.61 -35.95
CA ASP XA 349 47.66 62.34 -36.91
C ASP XA 349 46.17 62.27 -36.63
N GLU XA 350 45.72 61.35 -35.78
CA GLU XA 350 44.30 61.28 -35.45
C GLU XA 350 43.89 62.42 -34.52
N SER XA 351 44.75 62.75 -33.56
CA SER XA 351 44.42 63.78 -32.58
C SER XA 351 45.51 64.82 -32.37
N MET XA 352 46.74 64.58 -32.83
CA MET XA 352 47.86 65.47 -32.60
C MET XA 352 48.51 65.85 -33.92
N ARG XA 353 49.49 66.74 -33.84
CA ARG XA 353 50.37 67.08 -34.94
C ARG XA 353 51.81 67.03 -34.44
N GLU XA 354 52.75 67.11 -35.38
CA GLU XA 354 54.16 67.09 -34.99
C GLU XA 354 54.52 68.29 -34.13
N ALA XA 355 53.80 69.40 -34.29
CA ALA XA 355 54.04 70.55 -33.41
C ALA XA 355 53.67 70.23 -31.97
N ASP XA 356 52.58 69.50 -31.76
CA ASP XA 356 52.16 69.14 -30.41
C ASP XA 356 53.18 68.24 -29.74
N LEU XA 357 53.76 67.30 -30.49
CA LEU XA 357 54.78 66.41 -29.93
C LEU XA 357 56.00 67.21 -29.48
N ARG XA 358 56.42 68.20 -30.27
CA ARG XA 358 57.56 69.02 -29.89
C ARG XA 358 57.29 69.82 -28.63
N ALA XA 359 56.05 70.29 -28.47
CA ALA XA 359 55.69 71.05 -27.28
C ALA XA 359 55.59 70.19 -26.03
N GLY XA 360 55.66 68.87 -26.18
CA GLY XA 360 55.56 67.97 -25.04
C GLY XA 360 54.16 67.57 -24.65
N LYS XA 361 53.19 67.71 -25.55
CA LYS XA 361 51.80 67.42 -25.25
C LYS XA 361 51.40 66.04 -25.73
N MET XA 362 50.29 65.55 -25.19
CA MET XA 362 49.69 64.29 -25.62
C MET XA 362 48.18 64.47 -25.53
N ILE XA 363 47.51 64.48 -26.69
CA ILE XA 363 46.11 64.87 -26.78
C ILE XA 363 45.27 63.63 -27.05
N ILE XA 364 44.24 63.42 -26.24
CA ILE XA 364 43.33 62.30 -26.37
C ILE XA 364 41.92 62.83 -26.60
N LYS XA 365 41.26 62.33 -27.63
CA LYS XA 365 39.88 62.71 -27.95
C LYS XA 365 38.96 61.59 -27.54
N ILE XA 366 37.96 61.91 -26.71
CA ILE XA 366 37.01 60.94 -26.20
C ILE XA 366 35.60 61.44 -26.50
N ARG XA 367 34.76 60.58 -27.04
CA ARG XA 367 33.37 60.89 -27.33
C ARG XA 367 32.47 59.92 -26.57
N LEU XA 368 31.39 60.44 -26.01
CA LEU XA 368 30.50 59.64 -25.17
C LEU XA 368 29.04 59.88 -25.56
N ALA XA 369 28.21 58.89 -25.28
CA ALA XA 369 26.76 58.99 -25.43
C ALA XA 369 26.12 58.65 -24.09
N VAL XA 370 25.29 59.55 -23.58
CA VAL XA 370 24.72 59.42 -22.25
C VAL XA 370 23.22 59.19 -22.36
N LEU XA 371 22.66 58.63 -21.30
CA LEU XA 371 21.24 58.30 -21.24
C LEU XA 371 20.44 59.50 -20.74
N ILE XA 372 19.15 59.50 -21.09
CA ILE XA 372 18.23 60.59 -20.76
C ILE XA 372 17.19 60.06 -19.78
N PRO XA 373 16.91 60.78 -18.69
CA PRO XA 373 15.89 60.31 -17.74
C PRO XA 373 14.49 60.44 -18.30
N ALA XA 374 13.59 59.64 -17.75
CA ALA XA 374 12.18 59.68 -18.11
C ALA XA 374 11.47 60.64 -17.17
N GLU XA 375 11.21 61.85 -17.65
CA GLU XA 375 10.57 62.87 -16.83
C GLU XA 375 9.05 62.89 -17.01
N PHE XA 376 8.57 62.73 -18.23
CA PHE XA 376 7.14 62.76 -18.53
C PHE XA 376 6.73 61.45 -19.20
N ILE XA 377 5.53 60.98 -18.87
CA ILE XA 377 4.94 59.80 -19.51
C ILE XA 377 3.55 60.18 -19.96
N GLU XA 378 3.30 60.07 -21.27
CA GLU XA 378 1.99 60.33 -21.84
C GLU XA 378 1.41 59.02 -22.37
N LEU XA 379 0.15 58.75 -22.03
CA LEU XA 379 -0.54 57.55 -22.45
C LEU XA 379 -1.66 57.94 -23.40
N ASN XA 380 -1.65 57.35 -24.60
CA ASN XA 380 -2.74 57.50 -25.56
C ASN XA 380 -3.42 56.15 -25.71
N LEU XA 381 -4.72 56.11 -25.43
CA LEU XA 381 -5.49 54.88 -25.43
C LEU XA 381 -6.51 54.93 -26.56
N THR XA 382 -6.46 53.94 -27.44
CA THR XA 382 -7.33 53.90 -28.61
C THR XA 382 -8.00 52.54 -28.71
N PHE XA 383 -9.09 52.49 -29.46
CA PHE XA 383 -9.88 51.28 -29.61
C PHE XA 383 -9.34 50.42 -30.74
N ASP XA 384 -9.27 49.12 -30.51
CA ASP XA 384 -8.82 48.19 -31.54
C ASP XA 384 -9.87 48.06 -32.62
N THR XA 385 -9.54 48.49 -33.85
CA THR XA 385 -10.47 48.47 -34.96
C THR XA 385 -10.62 47.05 -35.53
N ARG XA 386 -11.21 46.19 -34.72
CA ARG XA 386 -11.46 44.80 -35.10
C ARG XA 386 -12.70 44.26 -34.41
N THR YA 4 53.79 -22.64 44.19
CA THR YA 4 54.73 -21.79 43.49
C THR YA 4 54.71 -22.07 41.99
N GLN YA 5 53.71 -22.84 41.56
CA GLN YA 5 53.54 -23.15 40.15
C GLN YA 5 53.09 -21.91 39.39
N PRO YA 6 53.27 -21.88 38.07
CA PRO YA 6 52.77 -20.76 37.28
C PRO YA 6 51.28 -20.56 37.49
N SER YA 7 50.88 -19.31 37.72
CA SER YA 7 49.51 -19.02 38.12
C SER YA 7 49.27 -17.53 37.97
N VAL YA 8 48.01 -17.13 38.17
CA VAL YA 8 47.61 -15.73 38.21
C VAL YA 8 47.48 -15.31 39.68
N THR YA 9 48.11 -14.19 40.03
CA THR YA 9 48.17 -13.78 41.42
C THR YA 9 47.92 -12.27 41.52
N ILE YA 10 47.58 -11.85 42.74
CA ILE YA 10 47.34 -10.44 43.04
C ILE YA 10 48.55 -9.90 43.79
N THR YA 11 49.05 -8.74 43.38
CA THR YA 11 50.23 -8.16 44.00
C THR YA 11 49.97 -6.69 44.32
N GLU YA 12 50.70 -6.19 45.30
CA GLU YA 12 50.71 -4.77 45.65
C GLU YA 12 51.95 -4.05 45.14
N ASN YA 13 52.81 -4.75 44.41
CA ASN YA 13 54.02 -4.14 43.86
C ASN YA 13 53.66 -3.19 42.72
N LEU YA 14 54.64 -2.40 42.31
CA LEU YA 14 54.47 -1.45 41.22
C LEU YA 14 55.63 -1.57 40.25
N ILE YA 15 55.35 -1.31 38.98
CA ILE YA 15 56.36 -1.34 37.92
C ILE YA 15 56.64 0.08 37.48
N PHE YA 16 57.87 0.32 37.04
CA PHE YA 16 58.33 1.65 36.63
C PHE YA 16 59.01 1.56 35.28
N PRO YA 17 58.23 1.41 34.21
CA PRO YA 17 58.82 1.36 32.87
C PRO YA 17 59.36 2.73 32.46
N LYS YA 18 60.34 2.70 31.56
CA LYS YA 18 60.91 3.94 31.05
C LYS YA 18 59.89 4.68 30.20
N GLN YA 19 59.89 6.00 30.31
CA GLN YA 19 58.99 6.87 29.56
C GLN YA 19 59.80 7.77 28.64
N ASN YA 20 59.32 7.93 27.41
CA ASN YA 20 60.02 8.69 26.39
C ASN YA 20 59.28 9.96 25.98
N ASP YA 21 58.22 10.33 26.69
CA ASP YA 21 57.48 11.53 26.32
C ASP YA 21 58.26 12.79 26.70
N SER YA 22 57.95 13.88 26.01
CA SER YA 22 58.62 15.16 26.22
C SER YA 22 57.59 16.26 26.34
N PHE YA 23 57.93 17.28 27.13
CA PHE YA 23 57.06 18.42 27.36
C PHE YA 23 57.88 19.70 27.30
N ILE YA 24 57.22 20.80 26.92
CA ILE YA 24 57.92 22.08 26.84
C ILE YA 24 58.26 22.59 28.24
N GLY YA 25 57.32 22.52 29.17
CA GLY YA 25 57.53 23.06 30.50
C GLY YA 25 57.61 22.00 31.57
N ILE YA 26 58.79 21.82 32.15
CA ILE YA 26 59.04 20.84 33.21
C ILE YA 26 59.49 21.61 34.46
N PRO YA 27 58.76 21.54 35.56
CA PRO YA 27 59.19 22.21 36.79
C PRO YA 27 60.17 21.38 37.60
N VAL YA 28 60.83 22.05 38.54
CA VAL YA 28 61.69 21.40 39.52
C VAL YA 28 61.28 21.88 40.90
N PHE YA 29 61.11 20.94 41.82
CA PHE YA 29 60.73 21.25 43.20
C PHE YA 29 62.00 21.31 44.04
N ILE YA 30 62.33 22.50 44.53
CA ILE YA 30 63.54 22.72 45.33
C ILE YA 30 63.10 22.97 46.76
N GLY YA 31 63.48 22.08 47.66
CA GLY YA 31 63.14 22.26 49.06
C GLY YA 31 63.59 21.07 49.88
N TYR YA 32 63.35 21.17 51.18
CA TYR YA 32 63.73 20.12 52.12
C TYR YA 32 62.75 18.95 52.00
N THR YA 33 63.30 17.74 51.88
CA THR YA 33 62.49 16.54 51.73
C THR YA 33 62.55 15.69 52.99
N SER YA 34 61.78 14.61 52.97
CA SER YA 34 61.67 13.75 54.15
C SER YA 34 63.00 13.07 54.46
N SER YA 35 63.70 12.59 53.44
CA SER YA 35 64.92 11.83 53.66
C SER YA 35 66.09 12.45 52.89
N PRO YA 36 67.31 12.30 53.39
CA PRO YA 36 68.46 12.87 52.69
C PRO YA 36 68.80 12.09 51.43
N VAL YA 37 69.24 12.83 50.41
CA VAL YA 37 69.67 12.28 49.13
C VAL YA 37 70.91 13.04 48.68
N ASP YA 38 71.41 12.69 47.51
CA ASP YA 38 72.62 13.30 46.96
C ASP YA 38 72.27 14.64 46.32
N LYS YA 39 73.21 15.21 45.57
CA LYS YA 39 73.07 16.54 45.00
C LYS YA 39 72.45 16.53 43.60
N THR YA 40 72.05 15.37 43.10
CA THR YA 40 71.46 15.29 41.77
C THR YA 40 69.96 15.56 41.82
N ALA YA 41 69.38 15.79 40.64
CA ALA YA 41 67.96 16.05 40.51
C ALA YA 41 67.26 14.77 40.06
N ILE YA 42 66.27 14.34 40.82
CA ILE YA 42 65.55 13.11 40.52
C ILE YA 42 64.36 13.42 39.63
N LYS YA 43 64.24 12.69 38.53
CA LYS YA 43 63.10 12.84 37.62
C LYS YA 43 61.98 11.91 38.04
N LEU YA 44 60.77 12.45 38.10
CA LEU YA 44 59.59 11.70 38.48
C LEU YA 44 58.61 11.64 37.32
N HIS YA 45 58.03 10.46 37.10
CA HIS YA 45 57.02 10.28 36.07
C HIS YA 45 55.62 10.12 36.66
N SER YA 46 55.50 9.90 37.96
CA SER YA 46 54.21 9.76 38.64
C SER YA 46 54.49 9.86 40.13
N LEU YA 47 53.41 9.84 40.92
CA LEU YA 47 53.56 9.87 42.36
C LEU YA 47 54.25 8.62 42.91
N ALA YA 48 54.19 7.50 42.17
CA ALA YA 48 54.85 6.29 42.62
C ALA YA 48 56.36 6.48 42.69
N ASP YA 49 56.93 7.21 41.73
CA ASP YA 49 58.37 7.45 41.74
C ASP YA 49 58.80 8.25 42.96
N PHE YA 50 57.97 9.20 43.39
CA PHE YA 50 58.29 9.98 44.59
C PHE YA 50 58.34 9.08 45.82
N ALA YA 51 57.38 8.17 45.96
CA ALA YA 51 57.38 7.26 47.10
C ALA YA 51 58.58 6.33 47.06
N ARG YA 52 59.10 6.06 45.88
CA ARG YA 52 60.28 5.20 45.76
C ARG YA 52 61.51 5.86 46.35
N SER YA 53 61.60 7.19 46.26
CA SER YA 53 62.77 7.91 46.74
C SER YA 53 62.55 8.54 48.11
N PHE YA 54 61.36 9.05 48.39
CA PHE YA 54 61.09 9.73 49.64
C PHE YA 54 59.87 9.15 50.32
N PRO YA 55 59.80 9.24 51.65
CA PRO YA 55 58.57 8.85 52.36
C PRO YA 55 57.43 9.78 52.03
N GLU YA 56 56.21 9.24 52.13
CA GLU YA 56 55.00 9.99 51.77
C GLU YA 56 54.54 10.85 52.95
N SER YA 57 55.30 11.91 53.20
CA SER YA 57 54.95 12.87 54.23
C SER YA 57 55.74 14.15 54.00
N GLY YA 58 55.31 15.22 54.64
CA GLY YA 58 55.96 16.50 54.54
C GLY YA 58 55.32 17.41 53.49
N LEU YA 59 55.75 18.66 53.51
CA LEU YA 59 55.22 19.65 52.57
C LEU YA 59 55.57 19.30 51.13
N MET YA 60 56.79 18.81 50.91
CA MET YA 60 57.22 18.50 49.55
C MET YA 60 56.37 17.40 48.93
N TYR YA 61 56.01 16.39 49.73
CA TYR YA 61 55.20 15.29 49.22
C TYR YA 61 53.84 15.80 48.73
N TYR YA 62 53.20 16.67 49.51
CA TYR YA 62 51.87 17.13 49.13
C TYR YA 62 51.91 18.11 47.97
N SER YA 63 52.97 18.91 47.86
CA SER YA 63 53.13 19.77 46.70
C SER YA 63 53.29 18.95 45.43
N VAL YA 64 54.12 17.90 45.49
CA VAL YA 64 54.27 17.02 44.34
C VAL YA 64 52.97 16.28 44.04
N ARG YA 65 52.29 15.80 45.08
CA ARG YA 65 51.01 15.13 44.88
C ARG YA 65 49.99 16.08 44.26
N HIS YA 66 49.97 17.33 44.71
CA HIS YA 66 49.06 18.31 44.12
C HIS YA 66 49.38 18.57 42.66
N PHE YA 67 50.67 18.53 42.30
CA PHE YA 67 51.06 18.69 40.90
C PHE YA 67 50.54 17.55 40.04
N PHE YA 68 50.67 16.30 40.53
CA PHE YA 68 50.31 15.15 39.70
C PHE YA 68 48.81 14.97 39.60
N GLU YA 69 48.06 15.42 40.61
CA GLU YA 69 46.60 15.30 40.57
C GLU YA 69 45.94 16.44 39.80
N ASN YA 70 46.70 17.43 39.37
CA ASN YA 70 46.18 18.54 38.58
C ASN YA 70 46.48 18.40 37.09
N GLY YA 71 46.92 17.23 36.65
CA GLY YA 71 47.25 17.00 35.26
C GLY YA 71 48.73 16.97 34.93
N GLY YA 72 49.60 17.04 35.92
CA GLY YA 72 51.02 16.97 35.66
C GLY YA 72 51.46 15.58 35.22
N GLN YA 73 52.58 15.55 34.50
CA GLN YA 73 53.09 14.30 33.95
C GLN YA 73 54.57 14.05 34.19
N GLN YA 74 55.37 15.08 34.45
CA GLN YA 74 56.81 14.91 34.60
C GLN YA 74 57.36 16.07 35.42
N ALA YA 75 58.17 15.75 36.42
CA ALA YA 75 58.69 16.76 37.32
C ALA YA 75 60.05 16.34 37.84
N TYR YA 76 60.76 17.32 38.42
CA TYR YA 76 62.07 17.10 39.02
C TYR YA 76 62.04 17.53 40.47
N VAL YA 77 62.81 16.85 41.31
CA VAL YA 77 62.90 17.16 42.73
C VAL YA 77 64.37 17.38 43.08
N LEU YA 78 64.66 18.52 43.70
CA LEU YA 78 66.00 18.86 44.16
C LEU YA 78 65.94 19.13 45.65
N SER YA 79 66.60 18.28 46.43
CA SER YA 79 66.53 18.33 47.88
C SER YA 79 67.66 19.17 48.44
N LEU YA 80 67.32 20.09 49.33
CA LEU YA 80 68.30 20.91 50.03
C LEU YA 80 68.79 20.27 51.32
N GLY YA 81 68.19 19.16 51.73
CA GLY YA 81 68.57 18.50 52.97
C GLY YA 81 67.35 17.84 53.60
N THR YA 82 67.53 17.41 54.84
CA THR YA 82 66.44 16.80 55.58
C THR YA 82 65.59 17.87 56.24
N GLU YA 83 64.37 17.48 56.63
CA GLU YA 83 63.44 18.41 57.24
C GLU YA 83 63.88 18.91 58.60
N GLN YA 84 64.88 18.29 59.22
CA GLN YA 84 65.36 18.73 60.52
C GLN YA 84 66.23 19.98 60.44
N GLN YA 85 66.61 20.40 59.24
CA GLN YA 85 67.46 21.58 59.06
C GLN YA 85 66.66 22.85 58.82
N LEU YA 86 65.34 22.79 58.88
CA LEU YA 86 64.51 23.98 58.74
C LEU YA 86 64.58 24.81 60.02
N SER YA 87 65.04 26.06 59.90
CA SER YA 87 65.14 26.93 61.06
C SER YA 87 64.28 28.17 60.93
N ASP YA 88 64.40 28.94 59.85
CA ASP YA 88 63.65 30.18 59.70
C ASP YA 88 63.72 30.61 58.23
N PHE YA 89 63.12 31.75 57.93
CA PHE YA 89 63.04 32.22 56.55
C PHE YA 89 64.41 32.59 55.99
N SER YA 90 65.23 33.29 56.77
CA SER YA 90 66.51 33.77 56.26
C SER YA 90 67.44 32.61 55.93
N SER YA 91 67.36 31.52 56.69
CA SER YA 91 68.18 30.35 56.41
C SER YA 91 67.80 29.72 55.08
N LEU YA 92 66.50 29.67 54.77
CA LEU YA 92 66.06 29.15 53.49
C LEU YA 92 66.59 29.99 52.34
N ILE YA 93 66.59 31.31 52.50
CA ILE YA 93 67.14 32.19 51.48
C ILE YA 93 68.62 31.91 51.26
N THR YA 94 69.36 31.70 52.35
CA THR YA 94 70.77 31.35 52.23
C THR YA 94 70.95 30.01 51.52
N ALA YA 95 70.11 29.02 51.84
CA ALA YA 95 70.21 27.72 51.20
C ALA YA 95 69.95 27.82 49.70
N LEU YA 96 68.99 28.67 49.31
CA LEU YA 96 68.71 28.86 47.89
C LEU YA 96 69.81 29.61 47.17
N GLN YA 97 70.72 30.23 47.91
CA GLN YA 97 71.82 31.00 47.33
C GLN YA 97 73.10 30.20 47.21
N GLN YA 98 73.06 28.89 47.47
CA GLN YA 98 74.24 28.06 47.38
C GLN YA 98 74.74 27.99 45.94
N ALA YA 99 75.96 27.49 45.77
CA ALA YA 99 76.64 27.48 44.49
C ALA YA 99 76.31 26.27 43.64
N TRP YA 100 76.15 25.10 44.24
CA TRP YA 100 75.93 23.88 43.45
C TRP YA 100 74.54 23.83 42.85
N LEU YA 101 73.61 24.66 43.32
CA LEU YA 101 72.26 24.65 42.76
C LEU YA 101 72.25 25.09 41.30
N ALA YA 102 72.98 26.15 40.98
CA ALA YA 102 73.01 26.65 39.61
C ALA YA 102 73.63 25.63 38.66
N GLN YA 103 74.72 24.99 39.08
CA GLN YA 103 75.37 24.01 38.22
C GLN YA 103 74.47 22.81 37.96
N THR YA 104 73.76 22.34 39.00
CA THR YA 104 72.86 21.21 38.82
C THR YA 104 71.71 21.58 37.89
N ILE YA 105 71.13 22.77 38.06
CA ILE YA 105 70.03 23.19 37.20
C ILE YA 105 70.50 23.37 35.76
N ALA YA 106 71.66 24.01 35.58
CA ALA YA 106 72.18 24.22 34.23
C ALA YA 106 72.51 22.92 33.52
N ALA YA 107 73.05 21.94 34.25
CA ALA YA 107 73.41 20.68 33.63
C ALA YA 107 72.19 19.92 33.11
N GLU YA 108 71.03 20.17 33.72
CA GLU YA 108 69.79 19.52 33.32
C GLU YA 108 69.06 20.40 32.31
N ASN YA 109 68.85 19.88 31.11
CA ASN YA 109 68.21 20.65 30.05
C ASN YA 109 66.69 20.52 30.04
N ASP YA 110 66.13 19.56 30.77
CA ASP YA 110 64.68 19.39 30.78
C ASP YA 110 63.98 20.43 31.65
N ILE YA 111 64.67 20.94 32.68
CA ILE YA 111 64.03 21.84 33.63
C ILE YA 111 63.70 23.15 32.94
N THR YA 112 62.47 23.63 33.14
CA THR YA 112 62.01 24.89 32.57
C THR YA 112 61.35 25.80 33.59
N LEU YA 113 60.80 25.27 34.68
CA LEU YA 113 60.17 26.08 35.72
C LEU YA 113 60.79 25.73 37.07
N ILE YA 114 60.70 26.67 38.01
CA ILE YA 114 61.28 26.53 39.33
C ILE YA 114 60.20 26.78 40.37
N ILE YA 115 60.07 25.86 41.32
CA ILE YA 115 59.09 25.96 42.40
C ILE YA 115 59.80 25.72 43.72
N THR YA 116 59.51 26.56 44.71
CA THR YA 116 60.03 26.39 46.07
C THR YA 116 58.86 26.23 47.03
N PRO YA 117 58.49 25.00 47.41
CA PRO YA 117 57.32 24.81 48.27
C PRO YA 117 57.53 25.18 49.73
N ASP YA 118 58.77 25.37 50.17
CA ASP YA 118 59.05 25.55 51.60
C ASP YA 118 58.88 26.98 52.07
N VAL YA 119 58.52 27.92 51.19
CA VAL YA 119 58.31 29.30 51.61
C VAL YA 119 57.07 29.44 52.49
N ILE YA 120 56.16 28.46 52.45
CA ILE YA 120 54.91 28.58 53.18
C ILE YA 120 55.05 28.21 54.66
N ARG YA 121 56.13 27.52 55.03
CA ARG YA 121 56.24 26.96 56.37
C ARG YA 121 56.31 28.05 57.44
N PHE YA 122 57.02 29.14 57.16
CA PHE YA 122 57.41 30.09 58.20
C PHE YA 122 56.26 31.03 58.53
N ASP YA 123 56.40 31.70 59.68
CA ASP YA 123 55.38 32.61 60.18
C ASP YA 123 55.33 33.90 59.37
N GLN YA 124 54.14 34.48 59.28
CA GLN YA 124 53.91 35.70 58.52
C GLN YA 124 53.02 36.67 59.29
N THR YA 125 53.28 36.85 60.58
CA THR YA 125 52.43 37.68 61.43
C THR YA 125 52.96 39.09 61.64
N GLU YA 126 54.10 39.43 61.05
CA GLU YA 126 54.67 40.77 61.20
C GLU YA 126 54.81 41.40 59.82
N ILE YA 127 54.43 42.68 59.72
CA ILE YA 127 54.39 43.39 58.45
C ILE YA 127 55.53 44.41 58.50
N SER YA 128 56.59 44.07 59.25
CA SER YA 128 57.72 44.97 59.37
C SER YA 128 58.50 45.05 58.06
N ASP YA 129 59.30 46.12 57.94
CA ASP YA 129 60.13 46.27 56.76
C ASP YA 129 61.22 45.21 56.67
N THR YA 130 61.56 44.56 57.77
CA THR YA 130 62.49 43.44 57.72
C THR YA 130 61.92 42.29 56.92
N GLN YA 131 60.63 42.00 57.10
CA GLN YA 131 59.99 40.95 56.32
C GLN YA 131 59.90 41.33 54.85
N ARG YA 132 59.62 42.59 54.56
CA ARG YA 132 59.54 43.04 53.17
C ARG YA 132 60.89 42.88 52.48
N ASP YA 133 61.98 43.20 53.17
CA ASP YA 133 63.31 43.00 52.59
C ASP YA 133 63.60 41.51 52.42
N LEU YA 134 63.15 40.67 53.35
CA LEU YA 134 63.36 39.24 53.23
C LEU YA 134 62.64 38.68 52.00
N TRP YA 135 61.41 39.12 51.76
CA TRP YA 135 60.69 38.66 50.58
C TRP YA 135 61.35 39.13 49.30
N LEU YA 136 61.86 40.36 49.29
CA LEU YA 136 62.57 40.85 48.11
C LEU YA 136 63.82 40.05 47.83
N GLN YA 137 64.52 39.62 48.89
CA GLN YA 137 65.70 38.78 48.71
C GLN YA 137 65.33 37.43 48.11
N LEU YA 138 64.22 36.85 48.56
CA LEU YA 138 63.83 35.53 48.08
C LEU YA 138 63.53 35.55 46.58
N TRP YA 139 62.82 36.58 46.12
CA TRP YA 139 62.50 36.69 44.70
C TRP YA 139 63.77 36.83 43.87
N GLN YA 140 64.72 37.64 44.35
CA GLN YA 140 65.99 37.81 43.64
C GLN YA 140 66.79 36.52 43.62
N SER YA 141 66.77 35.76 44.72
CA SER YA 141 67.52 34.50 44.77
C SER YA 141 66.96 33.50 43.77
N VAL YA 142 65.63 33.41 43.66
CA VAL YA 142 65.04 32.48 42.69
C VAL YA 142 65.33 32.93 41.28
N LEU YA 143 65.24 34.24 41.01
CA LEU YA 143 65.49 34.74 39.67
C LEU YA 143 66.94 34.53 39.26
N ASN YA 144 67.87 34.58 40.22
CA ASN YA 144 69.27 34.29 39.90
C ASN YA 144 69.44 32.83 39.48
N LEU YA 145 68.60 31.94 40.00
CA LEU YA 145 68.65 30.55 39.56
C LEU YA 145 68.12 30.40 38.15
N CYS YA 146 67.14 31.23 37.77
CA CYS YA 146 66.59 31.17 36.42
C CYS YA 146 67.61 31.61 35.39
N LYS YA 147 68.50 32.54 35.77
CA LYS YA 147 69.51 33.04 34.85
C LYS YA 147 70.59 32.02 34.54
N SER YA 148 70.63 30.90 35.26
CA SER YA 148 71.64 29.88 34.99
C SER YA 148 71.54 29.31 33.59
N ARG YA 149 70.38 29.41 32.96
CA ARG YA 149 70.20 28.94 31.59
C ARG YA 149 68.98 29.64 31.00
N ARG YA 150 69.09 30.03 29.74
CA ARG YA 150 68.00 30.73 29.06
C ARG YA 150 66.76 29.86 28.99
N GLY YA 151 65.60 30.47 29.23
CA GLY YA 151 64.32 29.80 29.09
C GLY YA 151 63.65 29.39 30.38
N ILE YA 152 64.34 29.47 31.50
CA ILE YA 152 63.77 29.05 32.78
C ILE YA 152 63.12 30.25 33.46
N MET YA 153 61.92 30.04 33.99
CA MET YA 153 61.23 31.06 34.79
C MET YA 153 60.84 30.46 36.13
N GLY YA 154 60.78 31.31 37.15
CA GLY YA 154 60.42 30.86 38.47
C GLY YA 154 59.03 31.26 38.90
N LEU YA 155 58.24 30.30 39.36
CA LEU YA 155 56.92 30.59 39.91
C LEU YA 155 57.10 30.96 41.39
N LEU YA 156 56.62 32.14 41.76
CA LEU YA 156 56.95 32.75 43.02
C LEU YA 156 55.75 32.86 43.93
N ASP YA 157 55.99 32.88 45.23
CA ASP YA 157 54.96 33.13 46.21
C ASP YA 157 54.96 34.61 46.61
N ALA YA 158 53.93 34.99 47.35
CA ALA YA 158 53.74 36.35 47.83
C ALA YA 158 53.41 36.30 49.31
N PRO YA 159 53.68 37.39 50.04
CA PRO YA 159 53.29 37.43 51.45
C PRO YA 159 51.80 37.26 51.62
N ASP YA 160 51.40 36.56 52.69
CA ASP YA 160 49.99 36.28 52.91
C ASP YA 160 49.20 37.55 53.14
N ASP YA 161 49.75 38.50 53.89
CA ASP YA 161 49.07 39.75 54.15
C ASP YA 161 49.04 40.60 52.87
N PRO YA 162 47.86 40.98 52.38
CA PRO YA 162 47.82 41.76 51.13
C PRO YA 162 48.53 43.09 51.21
N THR YA 163 48.53 43.74 52.37
CA THR YA 163 49.22 45.03 52.49
C THR YA 163 50.73 44.86 52.35
N LEU YA 164 51.28 43.79 52.93
CA LEU YA 164 52.71 43.52 52.77
C LEU YA 164 53.04 43.17 51.32
N ALA YA 165 52.18 42.38 50.68
CA ALA YA 165 52.43 41.98 49.30
C ALA YA 165 52.44 43.18 48.37
N ALA YA 166 51.49 44.11 48.57
CA ALA YA 166 51.46 45.32 47.74
C ALA YA 166 52.71 46.16 47.96
N LYS YA 167 53.23 46.16 49.19
CA LYS YA 167 54.48 46.88 49.46
C LYS YA 167 55.64 46.27 48.70
N CYS YA 168 55.70 44.93 48.65
CA CYS YA 168 56.80 44.26 47.96
C CYS YA 168 56.78 44.57 46.46
N LEU YA 169 55.59 44.61 45.86
CA LEU YA 169 55.50 44.84 44.42
C LEU YA 169 56.00 46.23 44.04
N GLN YA 170 55.67 47.24 44.84
CA GLN YA 170 56.04 48.60 44.49
C GLN YA 170 57.54 48.84 44.63
N GLN YA 171 58.18 48.19 45.61
CA GLN YA 171 59.57 48.45 45.92
C GLN YA 171 60.53 47.41 45.34
N PHE YA 172 60.03 46.44 44.59
CA PHE YA 172 60.91 45.47 43.97
C PHE YA 172 61.65 46.10 42.80
N SER YA 173 62.97 45.90 42.78
CA SER YA 173 63.82 46.42 41.71
C SER YA 173 64.77 45.33 41.26
N SER YA 174 64.78 45.05 39.96
CA SER YA 174 65.62 44.01 39.39
C SER YA 174 65.57 44.12 37.87
N ALA YA 175 66.62 43.61 37.22
CA ALA YA 175 66.62 43.51 35.76
C ALA YA 175 66.12 42.16 35.28
N ASP YA 176 65.71 41.27 36.19
CA ASP YA 176 65.23 39.95 35.85
C ASP YA 176 63.72 39.81 36.01
N ARG YA 177 62.98 40.91 35.91
CA ARG YA 177 61.53 40.87 36.11
C ARG YA 177 60.84 39.93 35.14
N GLN YA 178 61.30 39.90 33.89
CA GLN YA 178 60.62 39.16 32.84
C GLN YA 178 60.64 37.66 33.07
N TRP YA 179 61.47 37.16 33.99
CA TRP YA 179 61.53 35.74 34.29
C TRP YA 179 60.77 35.36 35.56
N GLY YA 180 60.03 36.30 36.16
CA GLY YA 180 59.34 36.01 37.40
C GLY YA 180 57.82 36.13 37.30
N VAL YA 181 57.12 35.14 37.83
CA VAL YA 181 55.66 35.12 37.88
C VAL YA 181 55.25 34.80 39.31
N VAL YA 182 54.32 35.58 39.86
CA VAL YA 182 53.90 35.47 41.25
C VAL YA 182 52.41 35.20 41.29
N TYR YA 183 52.00 34.31 42.21
CA TYR YA 183 50.60 33.96 42.39
C TYR YA 183 50.21 34.11 43.84
N TRP YA 184 48.93 34.39 44.08
CA TRP YA 184 48.41 34.76 45.39
C TRP YA 184 46.92 34.50 45.40
N PRO YA 185 46.34 34.06 46.53
CA PRO YA 185 46.96 33.71 47.81
C PRO YA 185 47.24 32.22 47.94
N LEU YA 186 47.48 31.75 49.15
CA LEU YA 186 47.64 30.33 49.40
C LEU YA 186 46.31 29.61 49.22
N LEU YA 187 46.40 28.30 48.99
CA LEU YA 187 45.22 27.48 48.72
C LEU YA 187 45.04 26.45 49.82
N LYS YA 188 43.77 26.18 50.15
CA LYS YA 188 43.41 25.15 51.13
C LYS YA 188 43.14 23.86 50.35
N SER YA 189 44.11 22.96 50.36
CA SER YA 189 44.00 21.75 49.57
C SER YA 189 42.94 20.81 50.15
N ALA YA 190 42.60 19.78 49.37
CA ALA YA 190 41.61 18.80 49.77
C ALA YA 190 42.21 17.71 50.65
N TYR YA 191 43.51 17.75 50.93
CA TYR YA 191 44.15 16.75 51.75
C TYR YA 191 44.08 17.13 53.22
N GLN YA 192 44.10 16.11 54.09
CA GLN YA 192 43.97 16.31 55.52
C GLN YA 192 45.15 15.68 56.24
N ASP YA 193 45.57 16.32 57.33
CA ASP YA 193 46.67 15.84 58.15
C ASP YA 193 46.10 15.04 59.34
N ASN YA 194 46.96 14.74 60.31
CA ASN YA 194 46.56 13.87 61.42
C ASN YA 194 45.42 14.46 62.25
N THR YA 195 45.42 15.76 62.50
CA THR YA 195 44.34 16.40 63.24
C THR YA 195 43.13 16.71 62.36
N GLN YA 196 43.08 16.14 61.16
CA GLN YA 196 41.95 16.32 60.23
C GLN YA 196 41.77 17.79 59.83
N ASN YA 197 42.84 18.56 59.85
CA ASN YA 197 42.78 19.91 59.32
C ASN YA 197 43.27 19.94 57.87
N PRO YA 198 42.68 20.79 57.04
CA PRO YA 198 43.11 20.86 55.64
C PRO YA 198 44.54 21.38 55.54
N ILE YA 199 45.27 20.87 54.55
CA ILE YA 199 46.67 21.28 54.36
C ILE YA 199 46.72 22.47 53.42
N VAL YA 200 47.42 23.52 53.82
CA VAL YA 200 47.55 24.74 53.03
C VAL YA 200 48.75 24.58 52.10
N LEU YA 201 48.53 24.80 50.81
CA LEU YA 201 49.55 24.63 49.79
C LEU YA 201 49.68 25.89 48.95
N SER YA 202 50.87 26.10 48.40
CA SER YA 202 51.10 27.22 47.52
C SER YA 202 50.41 26.96 46.17
N PRO YA 203 49.88 28.01 45.53
CA PRO YA 203 49.24 27.79 44.22
C PRO YA 203 50.21 27.44 43.12
N THR YA 204 51.51 27.68 43.29
CA THR YA 204 52.46 27.48 42.21
C THR YA 204 52.58 26.01 41.82
N ALA YA 205 52.31 25.09 42.75
CA ALA YA 205 52.37 23.68 42.42
C ALA YA 205 51.31 23.30 41.40
N ALA YA 206 50.09 23.82 41.57
CA ALA YA 206 49.01 23.50 40.64
C ALA YA 206 49.17 24.27 39.33
N VAL YA 207 49.70 25.49 39.39
CA VAL YA 207 49.87 26.28 38.17
C VAL YA 207 50.87 25.60 37.23
N ALA YA 208 51.92 24.99 37.80
CA ALA YA 208 52.90 24.31 36.97
C ALA YA 208 52.29 23.17 36.18
N ALA YA 209 51.41 22.39 36.82
CA ALA YA 209 50.72 21.33 36.12
C ALA YA 209 49.81 21.90 35.03
N VAL YA 210 49.16 23.02 35.31
CA VAL YA 210 48.31 23.66 34.30
C VAL YA 210 49.13 24.12 33.11
N ILE YA 211 50.29 24.74 33.38
CA ILE YA 211 51.14 25.25 32.30
C ILE YA 211 51.65 24.09 31.44
N GLN YA 212 52.11 23.01 32.10
CA GLN YA 212 52.58 21.85 31.35
C GLN YA 212 51.46 21.22 30.54
N ARG YA 213 50.26 21.12 31.13
CA ARG YA 213 49.13 20.53 30.41
C ARG YA 213 48.67 21.44 29.27
N ASN YA 214 48.65 22.75 29.50
CA ASN YA 214 48.12 23.68 28.51
C ASN YA 214 48.97 23.72 27.24
N ASP YA 215 50.26 23.40 27.36
CA ASP YA 215 51.13 23.44 26.18
C ASP YA 215 50.71 22.42 25.13
N ASN YA 216 50.40 21.20 25.57
CA ASN YA 216 50.00 20.16 24.62
C ASN YA 216 48.58 20.37 24.10
N GLN YA 217 47.72 20.96 24.93
CA GLN YA 217 46.31 21.10 24.55
C GLN YA 217 46.09 22.32 23.67
N GLN YA 218 46.41 23.51 24.18
CA GLN YA 218 46.13 24.75 23.47
C GLN YA 218 47.34 25.32 22.74
N GLY YA 219 48.54 25.12 23.27
CA GLY YA 219 49.73 25.68 22.66
C GLY YA 219 50.50 26.60 23.60
N VAL YA 220 51.80 26.76 23.35
CA VAL YA 220 52.63 27.60 24.21
C VAL YA 220 52.27 29.07 24.08
N TRP YA 221 51.57 29.46 23.02
CA TRP YA 221 51.20 30.85 22.79
C TRP YA 221 49.88 31.22 23.43
N THR YA 222 49.27 30.31 24.18
CA THR YA 222 47.96 30.53 24.80
C THR YA 222 48.15 30.80 26.29
N ALA YA 223 47.50 31.83 26.80
CA ALA YA 223 47.64 32.19 28.20
C ALA YA 223 47.10 31.07 29.09
N PRO YA 224 47.84 30.66 30.12
CA PRO YA 224 47.37 29.59 31.00
C PRO YA 224 46.40 30.03 32.08
N ALA YA 225 45.81 31.22 31.97
CA ALA YA 225 44.86 31.70 32.96
C ALA YA 225 43.45 31.21 32.62
N ASN YA 226 42.51 31.53 33.51
CA ASN YA 226 41.11 31.16 33.37
C ASN YA 226 40.95 29.64 33.21
N ILE YA 227 41.63 28.90 34.08
CA ILE YA 227 41.55 27.45 34.10
C ILE YA 227 41.28 27.02 35.54
N ALA YA 228 40.30 26.14 35.73
CA ALA YA 228 39.94 25.70 37.06
C ALA YA 228 40.98 24.72 37.61
N LEU YA 229 41.19 24.79 38.92
CA LEU YA 229 42.11 23.90 39.60
C LEU YA 229 41.37 22.71 40.19
N SER YA 230 42.14 21.69 40.55
CA SER YA 230 41.59 20.45 41.09
C SER YA 230 42.13 20.21 42.49
N LYS YA 231 41.35 19.48 43.29
CA LYS YA 231 41.71 19.13 44.66
C LYS YA 231 41.94 20.37 45.52
N VAL YA 232 41.24 21.45 45.21
CA VAL YA 232 41.34 22.70 45.95
C VAL YA 232 39.98 22.97 46.61
N ILE YA 233 40.00 23.16 47.92
CA ILE YA 233 38.76 23.42 48.66
C ILE YA 233 38.36 24.88 48.53
N SER YA 234 39.27 25.79 48.84
CA SER YA 234 39.00 27.22 48.83
C SER YA 234 40.30 27.97 48.97
N PRO YA 235 40.41 29.15 48.37
CA PRO YA 235 41.58 30.00 48.65
C PRO YA 235 41.53 30.52 50.08
N VAL YA 236 42.73 30.80 50.62
CA VAL YA 236 42.82 31.27 51.99
C VAL YA 236 42.14 32.62 52.20
N ARG YA 237 42.28 33.54 51.26
CA ARG YA 237 41.67 34.86 51.38
C ARG YA 237 40.78 35.11 50.17
N ALA YA 238 39.72 35.90 50.40
CA ALA YA 238 38.75 36.18 49.36
C ALA YA 238 39.32 37.18 48.36
N TYR YA 239 38.65 37.28 47.20
CA TYR YA 239 39.11 38.16 46.14
C TYR YA 239 38.96 39.64 46.49
N ILE YA 240 38.12 39.98 47.46
CA ILE YA 240 37.90 41.38 47.82
C ILE YA 240 39.08 42.00 48.55
N GLU YA 241 40.08 41.20 48.91
CA GLU YA 241 41.26 41.70 49.61
C GLU YA 241 42.42 41.99 48.68
N ALA YA 242 42.23 41.88 47.36
CA ALA YA 242 43.31 42.00 46.39
C ALA YA 242 43.10 43.14 45.41
N ASN YA 243 42.45 44.22 45.83
CA ASN YA 243 42.20 45.32 44.92
C ASN YA 243 43.43 46.18 44.67
N ALA YA 244 44.48 46.04 45.48
CA ALA YA 244 45.71 46.79 45.30
C ALA YA 244 46.82 45.98 44.66
N LEU YA 245 46.55 44.73 44.27
CA LEU YA 245 47.58 43.84 43.75
C LEU YA 245 47.61 43.78 42.23
N PHE YA 246 46.78 44.56 41.54
CA PHE YA 246 46.79 44.63 40.08
C PHE YA 246 47.01 46.07 39.67
N ASN YA 247 48.14 46.33 39.04
CA ASN YA 247 48.47 47.66 38.52
C ASN YA 247 48.67 47.59 37.02
N PRO YA 248 47.78 48.17 36.21
CA PRO YA 248 47.97 48.13 34.75
C PRO YA 248 49.24 48.84 34.29
N ASP YA 249 49.79 49.74 35.10
CA ASP YA 249 51.01 50.44 34.73
C ASP YA 249 52.08 50.25 35.82
N GLY YA 250 52.24 49.01 36.26
CA GLY YA 250 53.23 48.72 37.28
C GLY YA 250 53.29 47.24 37.56
N THR YA 251 53.99 46.89 38.64
CA THR YA 251 54.08 45.50 39.06
C THR YA 251 52.74 45.01 39.58
N SER YA 252 52.43 43.75 39.30
CA SER YA 252 51.15 43.18 39.66
C SER YA 252 51.29 41.69 39.90
N LEU YA 253 50.31 41.13 40.60
CA LEU YA 253 50.21 39.71 40.89
C LEU YA 253 49.20 39.06 39.96
N ASN YA 254 49.21 37.74 39.93
CA ASN YA 254 48.19 36.96 39.23
C ASN YA 254 47.28 36.35 40.30
N LEU YA 255 46.06 36.86 40.37
CA LEU YA 255 45.14 36.45 41.43
C LEU YA 255 44.60 35.05 41.17
N VAL YA 256 44.40 34.30 42.24
CA VAL YA 256 43.69 33.01 42.20
C VAL YA 256 42.37 33.21 42.92
N ARG YA 257 41.28 32.93 42.20
CA ARG YA 257 39.95 33.36 42.63
C ARG YA 257 38.95 32.24 42.38
N SER YA 258 37.89 32.23 43.19
CA SER YA 258 36.77 31.32 43.01
C SER YA 258 35.57 32.08 42.46
N PHE YA 259 34.75 31.37 41.69
CA PHE YA 259 33.51 31.90 41.15
C PHE YA 259 32.36 30.96 41.48
N PRO YA 260 31.15 31.48 41.64
CA PRO YA 260 30.01 30.60 41.93
C PRO YA 260 29.65 29.73 40.74
N GLY YA 261 29.88 28.42 40.87
CA GLY YA 261 29.61 27.48 39.79
C GLY YA 261 30.77 27.24 38.85
N LYS YA 262 31.87 27.97 39.01
CA LYS YA 262 33.04 27.81 38.15
C LYS YA 262 34.27 27.30 38.87
N GLY YA 263 34.18 27.12 40.19
CA GLY YA 263 35.32 26.64 40.95
C GLY YA 263 36.39 27.71 41.13
N ILE YA 264 37.56 27.25 41.55
CA ILE YA 264 38.70 28.14 41.78
C ILE YA 264 39.54 28.16 40.52
N ARG YA 265 39.76 29.35 39.95
CA ARG YA 265 40.46 29.49 38.69
C ARG YA 265 41.60 30.49 38.83
N ILE YA 266 42.61 30.32 37.98
CA ILE YA 266 43.67 31.32 37.85
C ILE YA 266 43.12 32.55 37.16
N TRP YA 267 43.40 33.73 37.71
CA TRP YA 267 42.85 34.96 37.18
C TRP YA 267 43.93 35.98 36.86
N GLY YA 268 45.00 35.55 36.20
CA GLY YA 268 46.05 36.45 35.80
C GLY YA 268 47.05 35.76 34.92
N CYS YA 269 47.73 36.56 34.09
CA CYS YA 269 48.73 36.04 33.17
C CYS YA 269 49.96 36.94 33.05
N ARG YA 270 50.11 37.93 33.93
CA ARG YA 270 51.22 38.87 33.82
C ARG YA 270 52.45 38.36 34.55
N THR YA 271 53.60 38.90 34.16
CA THR YA 271 54.85 38.66 34.85
C THR YA 271 55.18 39.89 35.70
N LEU YA 272 56.39 39.92 36.27
CA LEU YA 272 56.79 41.05 37.09
C LEU YA 272 57.27 42.24 36.26
N GLU YA 273 57.33 42.11 34.95
CA GLU YA 273 57.77 43.20 34.08
C GLU YA 273 56.78 44.36 34.21
N ASN YA 274 57.24 45.46 34.80
CA ASN YA 274 56.39 46.60 35.11
C ASN YA 274 56.43 47.69 34.04
N THR YA 275 57.37 47.63 33.10
CA THR YA 275 57.47 48.64 32.06
C THR YA 275 56.24 48.57 31.15
N HIS YA 276 55.67 49.73 30.84
CA HIS YA 276 54.46 49.78 30.03
C HIS YA 276 54.70 49.27 28.62
N ASP YA 277 55.81 49.65 28.01
CA ASP YA 277 56.11 49.32 26.62
C ASP YA 277 56.97 48.07 26.49
N SER YA 278 57.27 47.38 27.59
CA SER YA 278 58.07 46.17 27.51
C SER YA 278 57.27 45.07 26.81
N PRO YA 279 57.96 44.21 26.05
CA PRO YA 279 57.27 43.11 25.35
C PRO YA 279 57.07 41.84 26.16
N TRP YA 280 57.59 41.76 27.39
CA TRP YA 280 57.52 40.56 28.20
C TRP YA 280 56.52 40.68 29.35
N SER YA 281 55.47 41.49 29.18
CA SER YA 281 54.51 41.70 30.27
C SER YA 281 53.64 40.50 30.54
N TYR YA 282 53.61 39.50 29.65
CA TYR YA 282 52.74 38.35 29.80
C TYR YA 282 53.57 37.07 29.76
N ILE YA 283 53.14 36.07 30.54
CA ILE YA 283 53.90 34.83 30.66
C ILE YA 283 53.91 34.08 29.33
N GLN YA 284 52.77 34.03 28.65
CA GLN YA 284 52.69 33.27 27.41
C GLN YA 284 53.53 33.89 26.31
N THR YA 285 53.73 35.21 26.36
CA THR YA 285 54.60 35.86 25.39
C THR YA 285 56.05 35.51 25.64
N ARG YA 286 56.45 35.50 26.92
CA ARG YA 286 57.83 35.14 27.26
C ARG YA 286 58.12 33.67 26.97
N ARG YA 287 57.12 32.80 27.14
CA ARG YA 287 57.31 31.38 26.86
C ARG YA 287 57.32 31.09 25.36
N LEU YA 288 56.51 31.82 24.59
CA LEU YA 288 56.48 31.58 23.15
C LEU YA 288 57.81 31.93 22.50
N VAL YA 289 58.41 33.06 22.88
CA VAL YA 289 59.68 33.47 22.29
C VAL YA 289 60.79 32.50 22.68
N SER YA 290 60.81 32.06 23.95
CA SER YA 290 61.79 31.07 24.37
C SER YA 290 61.60 29.75 23.63
N TYR YA 291 60.34 29.38 23.36
CA TYR YA 291 60.09 28.19 22.55
C TYR YA 291 60.61 28.37 21.14
N ILE YA 292 60.49 29.58 20.59
CA ILE YA 292 61.07 29.87 19.28
C ILE YA 292 62.59 29.89 19.37
N GLU YA 293 63.13 30.47 20.44
CA GLU YA 293 64.57 30.49 20.61
C GLU YA 293 65.15 29.09 20.73
N ALA YA 294 64.45 28.20 21.44
CA ALA YA 294 64.95 26.84 21.63
C ALA YA 294 65.06 26.11 20.30
N TYR YA 295 64.08 26.29 19.41
CA TYR YA 295 64.16 25.64 18.11
C TYR YA 295 65.30 26.19 17.27
N MET YA 296 65.42 27.51 17.20
CA MET YA 296 66.50 28.11 16.43
C MET YA 296 67.87 27.73 16.99
N THR YA 297 67.96 27.55 18.31
CA THR YA 297 69.20 27.05 18.90
C THR YA 297 69.50 25.64 18.42
N GLN YA 298 68.47 24.78 18.38
CA GLN YA 298 68.67 23.41 17.91
C GLN YA 298 68.98 23.39 16.41
N LEU YA 299 68.27 24.19 15.63
CA LEU YA 299 68.56 24.28 14.20
C LEU YA 299 69.94 24.88 13.95
N GLY YA 300 70.29 25.92 14.71
CA GLY YA 300 71.58 26.56 14.53
C GLY YA 300 72.76 25.65 14.85
N ARG YA 301 72.58 24.73 15.81
CA ARG YA 301 73.67 23.85 16.19
C ARG YA 301 74.12 22.96 15.03
N ALA YA 302 73.22 22.65 14.10
CA ALA YA 302 73.56 21.80 12.97
C ALA YA 302 74.53 22.48 12.00
N PHE YA 303 74.73 23.78 12.11
CA PHE YA 303 75.60 24.53 11.20
C PHE YA 303 76.89 24.98 11.86
N VAL YA 304 77.17 24.53 13.08
CA VAL YA 304 78.45 24.84 13.70
C VAL YA 304 79.54 24.00 13.07
N PHE YA 305 80.72 24.58 12.93
CA PHE YA 305 81.88 23.96 12.29
C PHE YA 305 81.63 23.65 10.82
N GLU YA 306 80.65 24.31 10.21
CA GLU YA 306 80.34 24.20 8.80
C GLU YA 306 80.98 25.36 8.03
N PRO YA 307 81.19 25.20 6.73
CA PRO YA 307 81.72 26.31 5.94
C PRO YA 307 80.81 27.53 6.01
N ASN YA 308 81.42 28.70 6.10
CA ASN YA 308 80.68 29.96 6.26
C ASN YA 308 80.58 30.64 4.90
N ASN YA 309 79.67 30.12 4.08
CA ASN YA 309 79.45 30.63 2.73
C ASN YA 309 77.96 30.82 2.48
N ALA YA 310 77.63 31.30 1.28
CA ALA YA 310 76.24 31.62 0.96
C ALA YA 310 75.38 30.37 0.90
N ILE YA 311 75.95 29.22 0.53
CA ILE YA 311 75.17 27.99 0.45
C ILE YA 311 74.67 27.59 1.83
N THR YA 312 75.54 27.68 2.85
CA THR YA 312 75.14 27.34 4.20
C THR YA 312 74.03 28.26 4.70
N TRP YA 313 74.14 29.56 4.42
CA TRP YA 313 73.15 30.52 4.90
C TRP YA 313 71.77 30.24 4.29
N MET YA 314 71.74 29.82 3.03
CA MET YA 314 70.46 29.49 2.40
C MET YA 314 69.82 28.28 3.07
N LYS YA 315 70.63 27.31 3.49
CA LYS YA 315 70.09 26.12 4.14
C LYS YA 315 69.43 26.48 5.46
N PHE YA 316 70.04 27.38 6.22
CA PHE YA 316 69.42 27.84 7.46
C PHE YA 316 68.19 28.69 7.17
N LYS YA 317 68.30 29.64 6.24
CA LYS YA 317 67.21 30.57 5.98
C LYS YA 317 66.00 29.84 5.42
N GLY YA 318 66.21 28.82 4.59
CA GLY YA 318 65.09 28.08 4.05
C GLY YA 318 64.33 27.30 5.11
N GLN YA 319 65.05 26.65 6.01
CA GLN YA 319 64.40 25.86 7.05
C GLN YA 319 63.77 26.74 8.12
N ALA YA 320 64.47 27.80 8.53
CA ALA YA 320 63.91 28.70 9.52
C ALA YA 320 62.65 29.39 9.01
N HIS YA 321 62.66 29.81 7.75
CA HIS YA 321 61.46 30.37 7.14
C HIS YA 321 60.36 29.32 7.04
N ASN YA 322 60.73 28.06 6.83
CA ASN YA 322 59.75 26.99 6.72
C ASN YA 322 59.05 26.75 8.06
N TRP YA 323 59.82 26.65 9.14
CA TRP YA 323 59.24 26.36 10.45
C TRP YA 323 58.38 27.51 10.94
N LEU YA 324 58.83 28.75 10.72
CA LEU YA 324 58.10 29.90 11.26
C LEU YA 324 56.74 30.06 10.59
N ARG YA 325 56.65 29.78 9.29
CA ARG YA 325 55.38 29.90 8.61
C ARG YA 325 54.38 28.85 9.11
N GLN YA 326 54.87 27.65 9.40
CA GLN YA 326 54.00 26.61 9.95
C GLN YA 326 53.45 27.03 11.31
N LEU YA 327 54.25 27.74 12.11
CA LEU YA 327 53.75 28.27 13.37
C LEU YA 327 52.77 29.41 13.14
N TRP YA 328 53.01 30.23 12.12
CA TRP YA 328 52.11 31.35 11.82
C TRP YA 328 50.75 30.85 11.38
N LEU YA 329 50.71 29.80 10.55
CA LEU YA 329 49.45 29.27 10.07
C LEU YA 329 48.68 28.51 11.14
N LYS YA 330 49.30 28.24 12.29
CA LYS YA 330 48.62 27.62 13.42
C LYS YA 330 48.05 28.64 14.39
N GLY YA 331 48.17 29.93 14.09
CA GLY YA 331 47.72 30.96 15.00
C GLY YA 331 48.70 31.34 16.07
N GLY YA 332 49.96 30.93 15.96
CA GLY YA 332 50.96 31.25 16.96
C GLY YA 332 51.58 32.62 16.84
N LEU YA 333 51.39 33.31 15.72
CA LEU YA 333 51.94 34.63 15.52
C LEU YA 333 50.86 35.53 14.92
N ARG YA 334 51.02 36.84 15.15
CA ARG YA 334 50.03 37.83 14.76
C ARG YA 334 50.42 38.42 13.40
N GLY YA 335 49.44 38.53 12.51
CA GLY YA 335 49.66 39.12 11.21
C GLY YA 335 48.80 38.51 10.12
N THR YA 336 48.24 39.34 9.26
CA THR YA 336 47.45 38.85 8.13
C THR YA 336 48.30 38.54 6.91
N GLN YA 337 49.49 39.10 6.82
CA GLN YA 337 50.42 38.84 5.73
C GLN YA 337 51.65 38.13 6.28
N GLU YA 338 52.28 37.33 5.44
CA GLU YA 338 53.44 36.56 5.88
C GLU YA 338 54.59 37.47 6.30
N ASP YA 339 54.82 38.55 5.56
CA ASP YA 339 55.89 39.48 5.90
C ASP YA 339 55.59 40.24 7.18
N GLN YA 340 54.33 40.33 7.59
CA GLN YA 340 53.99 40.98 8.85
C GLN YA 340 54.30 40.10 10.05
N ALA YA 341 54.14 38.77 9.91
CA ALA YA 341 54.28 37.88 11.06
C ALA YA 341 55.73 37.72 11.47
N PHE YA 342 56.63 37.57 10.51
CA PHE YA 342 58.03 37.28 10.83
C PHE YA 342 58.90 37.67 9.65
N GLU YA 343 60.21 37.66 9.88
CA GLU YA 343 61.19 37.91 8.84
C GLU YA 343 62.54 37.41 9.32
N VAL YA 344 63.27 36.70 8.45
CA VAL YA 344 64.57 36.16 8.77
C VAL YA 344 65.60 36.77 7.82
N LEU YA 345 66.68 37.29 8.38
CA LEU YA 345 67.75 37.93 7.61
C LEU YA 345 69.07 37.26 7.95
N LEU YA 346 69.79 36.84 6.92
CA LEU YA 346 71.08 36.17 7.11
C LEU YA 346 71.88 36.31 5.81
N GLY YA 347 72.96 37.07 5.86
CA GLY YA 347 73.77 37.27 4.66
C GLY YA 347 75.03 38.02 4.99
N VAL YA 348 75.89 38.15 3.97
CA VAL YA 348 77.18 38.80 4.15
C VAL YA 348 77.04 40.31 4.27
N ASP YA 349 75.90 40.88 3.84
CA ASP YA 349 75.64 42.30 3.99
C ASP YA 349 74.28 42.62 4.58
N GLU YA 350 73.37 41.65 4.64
CA GLU YA 350 72.08 41.90 5.26
C GLU YA 350 72.19 41.94 6.78
N SER YA 351 73.01 41.06 7.36
CA SER YA 351 73.15 40.99 8.80
C SER YA 351 74.60 40.94 9.29
N MET YA 352 75.56 40.65 8.42
CA MET YA 352 76.95 40.50 8.82
C MET YA 352 77.83 41.47 8.04
N ARG YA 353 79.10 41.49 8.41
CA ARG YA 353 80.14 42.19 7.66
C ARG YA 353 81.32 41.25 7.47
N GLU YA 354 82.23 41.63 6.57
CA GLU YA 354 83.39 40.78 6.31
C GLU YA 354 84.25 40.59 7.55
N ALA YA 355 84.21 41.55 8.48
CA ALA YA 355 84.92 41.38 9.74
C ALA YA 355 84.32 40.24 10.56
N ASP YA 356 82.99 40.13 10.56
CA ASP YA 356 82.33 39.07 11.31
C ASP YA 356 82.68 37.69 10.75
N LEU YA 357 82.77 37.57 9.42
CA LEU YA 357 83.16 36.31 8.82
C LEU YA 357 84.57 35.91 9.23
N ARG YA 358 85.49 36.88 9.29
CA ARG YA 358 86.86 36.59 9.69
C ARG YA 358 86.94 36.16 11.15
N ALA YA 359 86.03 36.64 11.99
CA ALA YA 359 86.01 36.24 13.39
C ALA YA 359 85.37 34.88 13.61
N GLY YA 360 84.80 34.28 12.57
CA GLY YA 360 84.17 32.98 12.71
C GLY YA 360 82.72 33.02 13.12
N LYS YA 361 82.06 34.17 13.02
CA LYS YA 361 80.70 34.34 13.48
C LYS YA 361 79.70 34.15 12.34
N MET YA 362 78.46 33.88 12.72
CA MET YA 362 77.34 33.80 11.78
C MET YA 362 76.13 34.41 12.48
N ILE YA 363 75.68 35.56 11.99
CA ILE YA 363 74.67 36.37 12.67
C ILE YA 363 73.36 36.27 11.92
N ILE YA 364 72.30 35.88 12.63
CA ILE YA 364 70.97 35.73 12.08
C ILE YA 364 70.04 36.70 12.78
N LYS YA 365 69.30 37.48 12.00
CA LYS YA 365 68.34 38.45 12.52
C LYS YA 365 66.92 37.90 12.32
N ILE YA 366 66.16 37.84 13.41
CA ILE YA 366 64.80 37.32 13.39
C ILE YA 366 63.87 38.33 14.02
N ARG YA 367 62.75 38.61 13.36
CA ARG YA 367 61.73 39.52 13.86
C ARG YA 367 60.43 38.75 14.01
N LEU YA 368 59.69 39.03 15.09
CA LEU YA 368 58.47 38.32 15.40
C LEU YA 368 57.36 39.29 15.80
N ALA YA 369 56.13 38.88 15.53
CA ALA YA 369 54.93 39.60 15.97
C ALA YA 369 54.08 38.64 16.78
N VAL YA 370 53.74 39.04 18.01
CA VAL YA 370 53.05 38.17 18.95
C VAL YA 370 51.65 38.70 19.20
N LEU YA 371 50.82 37.86 19.81
CA LEU YA 371 49.44 38.19 20.10
C LEU YA 371 49.30 38.70 21.53
N ILE YA 372 48.21 39.41 21.78
CA ILE YA 372 47.95 40.06 23.05
C ILE YA 372 46.72 39.41 23.69
N PRO YA 373 46.77 39.04 24.96
CA PRO YA 373 45.60 38.46 25.61
C PRO YA 373 44.49 39.49 25.81
N ALA YA 374 43.27 38.99 25.89
CA ALA YA 374 42.10 39.83 26.15
C ALA YA 374 41.88 39.88 27.66
N GLU YA 375 42.29 40.98 28.28
CA GLU YA 375 42.18 41.11 29.72
C GLU YA 375 40.90 41.84 30.14
N PHE YA 376 40.49 42.85 29.38
CA PHE YA 376 39.31 43.63 29.70
C PHE YA 376 38.36 43.63 28.51
N ILE YA 377 37.06 43.61 28.79
CA ILE YA 377 36.03 43.70 27.77
C ILE YA 377 35.05 44.78 28.21
N GLU YA 378 34.89 45.82 27.39
CA GLU YA 378 33.95 46.89 27.66
C GLU YA 378 32.84 46.85 26.62
N LEU YA 379 31.60 46.95 27.08
CA LEU YA 379 30.43 46.93 26.21
C LEU YA 379 29.76 48.30 26.27
N ASN YA 380 29.61 48.93 25.11
CA ASN YA 380 28.86 50.17 24.97
C ASN YA 380 27.58 49.87 24.23
N LEU YA 381 26.45 50.27 24.83
CA LEU YA 381 25.13 49.93 24.31
C LEU YA 381 24.44 51.22 23.87
N THR YA 382 24.02 51.26 22.61
CA THR YA 382 23.39 52.45 22.05
C THR YA 382 22.13 52.05 21.30
N PHE YA 383 21.25 53.03 21.12
CA PHE YA 383 19.96 52.80 20.48
C PHE YA 383 20.06 53.04 18.98
N ASP YA 384 19.44 52.15 18.21
CA ASP YA 384 19.43 52.28 16.76
C ASP YA 384 18.56 53.46 16.36
N THR YA 385 19.15 54.45 15.69
CA THR YA 385 18.44 55.67 15.33
C THR YA 385 17.67 55.45 14.02
N ARG YA 386 16.64 54.63 14.12
CA ARG YA 386 15.76 54.34 12.99
C ARG YA 386 14.34 54.05 13.46
N THR ZA 4 2.95 71.90 -13.63
CA THR ZA 4 3.70 71.52 -14.81
C THR ZA 4 4.93 70.71 -14.43
N GLN ZA 5 4.92 70.16 -13.22
CA GLN ZA 5 6.00 69.32 -12.75
C GLN ZA 5 5.98 67.97 -13.50
N PRO ZA 6 7.09 67.24 -13.49
CA PRO ZA 6 7.10 65.91 -14.10
C PRO ZA 6 5.99 65.03 -13.52
N SER ZA 7 5.28 64.34 -14.40
CA SER ZA 7 4.07 63.63 -14.00
C SER ZA 7 3.68 62.66 -15.11
N VAL ZA 8 2.63 61.88 -14.84
CA VAL ZA 8 2.04 60.98 -15.82
C VAL ZA 8 0.72 61.61 -16.28
N THR ZA 9 0.53 61.69 -17.58
CA THR ZA 9 -0.62 62.41 -18.13
C THR ZA 9 -1.22 61.63 -19.29
N ILE ZA 10 -2.46 62.00 -19.63
CA ILE ZA 10 -3.19 61.39 -20.75
C ILE ZA 10 -3.20 62.39 -21.89
N THR ZA 11 -2.90 61.91 -23.10
CA THR ZA 11 -2.85 62.77 -24.28
C THR ZA 11 -3.61 62.11 -25.42
N GLU ZA 12 -4.09 62.95 -26.34
CA GLU ZA 12 -4.72 62.50 -27.57
C GLU ZA 12 -3.78 62.60 -28.77
N ASN ZA 13 -2.53 62.98 -28.54
CA ASN ZA 13 -1.56 63.09 -29.62
C ASN ZA 13 -1.14 61.70 -30.10
N LEU ZA 14 -0.41 61.67 -31.22
CA LEU ZA 14 0.11 60.44 -31.77
C LEU ZA 14 1.57 60.62 -32.14
N ILE ZA 15 2.33 59.54 -32.03
CA ILE ZA 15 3.74 59.53 -32.41
C ILE ZA 15 3.88 58.80 -33.72
N PHE ZA 16 4.90 59.17 -34.50
CA PHE ZA 16 5.14 58.60 -35.83
C PHE ZA 16 6.61 58.20 -35.94
N PRO ZA 17 6.99 57.10 -35.31
CA PRO ZA 17 8.38 56.64 -35.43
C PRO ZA 17 8.67 56.11 -36.82
N LYS ZA 18 9.95 56.16 -37.19
CA LYS ZA 18 10.36 55.65 -38.49
C LYS ZA 18 10.23 54.13 -38.52
N GLN ZA 19 9.81 53.60 -39.66
CA GLN ZA 19 9.63 52.17 -39.86
C GLN ZA 19 10.60 51.68 -40.92
N ASN ZA 20 11.21 50.52 -40.67
CA ASN ZA 20 12.22 49.97 -41.55
C ASN ZA 20 11.80 48.66 -42.20
N ASP ZA 21 10.55 48.23 -42.01
CA ASP ZA 21 10.10 46.98 -42.61
C ASP ZA 21 9.94 47.13 -44.11
N SER ZA 22 10.01 46.00 -44.81
CA SER ZA 22 9.91 45.96 -46.26
C SER ZA 22 8.92 44.89 -46.69
N PHE ZA 23 8.27 45.13 -47.82
CA PHE ZA 23 7.29 44.20 -48.37
C PHE ZA 23 7.50 44.06 -49.87
N ILE ZA 24 7.12 42.90 -50.40
CA ILE ZA 24 7.26 42.67 -51.84
C ILE ZA 24 6.25 43.50 -52.62
N GLY ZA 25 5.01 43.53 -52.15
CA GLY ZA 25 3.96 44.25 -52.87
C GLY ZA 25 3.45 45.47 -52.14
N ILE ZA 26 3.67 46.65 -52.71
CA ILE ZA 26 3.22 47.91 -52.15
C ILE ZA 26 2.34 48.60 -53.18
N PRO ZA 27 1.09 48.92 -52.84
CA PRO ZA 27 0.23 49.63 -53.79
C PRO ZA 27 0.37 51.15 -53.68
N VAL ZA 28 -0.10 51.82 -54.72
CA VAL ZA 28 -0.20 53.28 -54.73
C VAL ZA 28 -1.64 53.64 -55.08
N PHE ZA 29 -2.24 54.51 -54.26
CA PHE ZA 29 -3.59 54.99 -54.49
C PHE ZA 29 -3.50 56.27 -55.31
N ILE ZA 30 -4.05 56.23 -56.53
CA ILE ZA 30 -4.01 57.36 -57.44
C ILE ZA 30 -5.43 57.88 -57.60
N GLY ZA 31 -5.68 59.11 -57.15
CA GLY ZA 31 -6.99 59.68 -57.26
C GLY ZA 31 -7.05 61.05 -56.59
N TYR ZA 32 -8.25 61.62 -56.62
CA TYR ZA 32 -8.47 62.95 -56.05
C TYR ZA 32 -8.64 62.84 -54.54
N THR ZA 33 -7.88 63.63 -53.80
CA THR ZA 33 -7.92 63.62 -52.35
C THR ZA 33 -8.68 64.83 -51.83
N SER ZA 34 -8.83 64.90 -50.51
CA SER ZA 34 -9.59 65.98 -49.90
C SER ZA 34 -8.87 67.32 -50.04
N SER ZA 35 -7.56 67.35 -49.75
CA SER ZA 35 -6.81 68.59 -49.79
C SER ZA 35 -5.71 68.52 -50.84
N PRO ZA 36 -5.34 69.66 -51.43
CA PRO ZA 36 -4.28 69.65 -52.44
C PRO ZA 36 -2.91 69.44 -51.82
N VAL ZA 37 -2.06 68.71 -52.53
CA VAL ZA 37 -0.68 68.46 -52.14
C VAL ZA 37 0.20 68.64 -53.36
N ASP ZA 38 1.50 68.36 -53.18
CA ASP ZA 38 2.47 68.51 -54.26
C ASP ZA 38 2.41 67.30 -55.18
N LYS ZA 39 3.39 67.18 -56.07
CA LYS ZA 39 3.43 66.11 -57.07
C LYS ZA 39 4.14 64.86 -56.59
N THR ZA 40 4.60 64.82 -55.35
CA THR ZA 40 5.29 63.66 -54.82
C THR ZA 40 4.31 62.65 -54.25
N ALA ZA 41 4.80 61.44 -54.04
CA ALA ZA 41 4.00 60.35 -53.50
C ALA ZA 41 4.28 60.21 -52.01
N ILE ZA 42 3.23 60.34 -51.20
CA ILE ZA 42 3.37 60.24 -49.76
C ILE ZA 42 3.33 58.78 -49.35
N LYS ZA 43 4.23 58.38 -48.45
CA LYS ZA 43 4.25 57.03 -47.91
C LYS ZA 43 3.51 57.00 -46.58
N LEU ZA 44 2.60 56.05 -46.45
CA LEU ZA 44 1.80 55.89 -45.24
C LEU ZA 44 2.13 54.56 -44.57
N HIS ZA 45 2.34 54.60 -43.26
CA HIS ZA 45 2.60 53.41 -42.48
C HIS ZA 45 1.39 52.95 -41.69
N SER ZA 46 0.36 53.79 -41.57
CA SER ZA 46 -0.87 53.46 -40.86
C SER ZA 46 -1.90 54.51 -41.24
N LEU ZA 47 -3.13 54.34 -40.74
CA LEU ZA 47 -4.18 55.30 -41.01
C LEU ZA 47 -3.89 56.65 -40.37
N ALA ZA 48 -3.08 56.69 -39.32
CA ALA ZA 48 -2.74 57.97 -38.69
C ALA ZA 48 -1.96 58.86 -39.65
N ASP ZA 49 -1.07 58.28 -40.46
CA ASP ZA 49 -0.30 59.07 -41.40
C ASP ZA 49 -1.20 59.73 -42.44
N PHE ZA 50 -2.24 59.03 -42.88
CA PHE ZA 50 -3.18 59.63 -43.83
C PHE ZA 50 -3.89 60.83 -43.23
N ALA ZA 51 -4.32 60.72 -41.97
CA ALA ZA 51 -5.01 61.83 -41.32
C ALA ZA 51 -4.08 63.03 -41.17
N ARG ZA 52 -2.77 62.78 -41.03
CA ARG ZA 52 -1.81 63.87 -40.89
C ARG ZA 52 -1.73 64.70 -42.17
N SER ZA 53 -1.88 64.05 -43.32
CA SER ZA 53 -1.73 64.74 -44.59
C SER ZA 53 -3.07 65.15 -45.20
N PHE ZA 54 -4.13 64.37 -44.98
CA PHE ZA 54 -5.42 64.63 -45.59
C PHE ZA 54 -6.51 64.58 -44.54
N PRO ZA 55 -7.61 65.32 -44.76
CA PRO ZA 55 -8.78 65.17 -43.89
C PRO ZA 55 -9.42 63.80 -44.04
N GLU ZA 56 -10.09 63.37 -42.96
CA GLU ZA 56 -10.68 62.04 -42.92
C GLU ZA 56 -12.08 62.06 -43.54
N SER ZA 57 -12.11 62.22 -44.86
CA SER ZA 57 -13.35 62.18 -45.61
C SER ZA 57 -13.03 61.95 -47.07
N GLY ZA 58 -14.06 61.55 -47.82
CA GLY ZA 58 -13.93 61.29 -49.23
C GLY ZA 58 -13.72 59.81 -49.54
N LEU ZA 59 -13.78 59.51 -50.83
CA LEU ZA 59 -13.60 58.13 -51.28
C LEU ZA 59 -12.19 57.64 -50.99
N MET ZA 60 -11.19 58.50 -51.17
CA MET ZA 60 -9.80 58.08 -50.95
C MET ZA 60 -9.56 57.70 -49.51
N TYR ZA 61 -10.17 58.43 -48.57
CA TYR ZA 61 -9.98 58.12 -47.16
C TYR ZA 61 -10.50 56.73 -46.82
N TYR ZA 62 -11.68 56.38 -47.33
CA TYR ZA 62 -12.28 55.10 -46.99
C TYR ZA 62 -11.59 53.94 -47.71
N SER ZA 63 -11.09 54.18 -48.92
CA SER ZA 63 -10.32 53.14 -49.61
C SER ZA 63 -9.04 52.83 -48.86
N VAL ZA 64 -8.33 53.86 -48.40
CA VAL ZA 64 -7.12 53.65 -47.63
C VAL ZA 64 -7.45 52.99 -46.30
N ARG ZA 65 -8.53 53.43 -45.65
CA ARG ZA 65 -8.94 52.82 -44.40
C ARG ZA 65 -9.30 51.35 -44.60
N HIS ZA 66 -9.98 51.04 -45.71
CA HIS ZA 66 -10.32 49.65 -46.01
C HIS ZA 66 -9.06 48.81 -46.22
N PHE ZA 67 -8.03 49.39 -46.83
CA PHE ZA 67 -6.78 48.67 -47.03
C PHE ZA 67 -6.12 48.34 -45.69
N PHE ZA 68 -6.09 49.30 -44.76
CA PHE ZA 68 -5.38 49.08 -43.50
C PHE ZA 68 -6.13 48.14 -42.58
N GLU ZA 69 -7.46 48.15 -42.62
CA GLU ZA 69 -8.25 47.26 -41.77
C GLU ZA 69 -8.33 45.85 -42.30
N ASN ZA 70 -7.81 45.59 -43.49
CA ASN ZA 70 -7.76 44.25 -44.07
C ASN ZA 70 -6.40 43.60 -43.93
N GLY ZA 71 -5.51 44.17 -43.10
CA GLY ZA 71 -4.19 43.62 -42.91
C GLY ZA 71 -3.07 44.37 -43.61
N GLY ZA 72 -3.34 45.50 -44.23
CA GLY ZA 72 -2.30 46.26 -44.89
C GLY ZA 72 -1.35 46.90 -43.90
N GLN ZA 73 -0.13 47.18 -44.39
CA GLN ZA 73 0.91 47.73 -43.54
C GLN ZA 73 1.65 48.92 -44.15
N GLN ZA 74 1.65 49.10 -45.47
CA GLN ZA 74 2.41 50.17 -46.09
C GLN ZA 74 1.81 50.47 -47.46
N ALA ZA 75 1.58 51.75 -47.73
CA ALA ZA 75 0.93 52.17 -48.96
C ALA ZA 75 1.42 53.54 -49.37
N TYR ZA 76 1.15 53.89 -50.63
CA TYR ZA 76 1.48 55.19 -51.18
C TYR ZA 76 0.22 55.87 -51.70
N VAL ZA 77 0.19 57.20 -51.60
CA VAL ZA 77 -0.94 57.99 -52.08
C VAL ZA 77 -0.41 59.02 -53.06
N LEU ZA 78 -0.99 59.05 -54.26
CA LEU ZA 78 -0.66 60.02 -55.29
C LEU ZA 78 -1.93 60.79 -55.63
N SER ZA 79 -1.91 62.09 -55.39
CA SER ZA 79 -3.09 62.93 -55.55
C SER ZA 79 -3.09 63.58 -56.92
N LEU ZA 80 -4.21 63.44 -57.63
CA LEU ZA 80 -4.39 64.09 -58.92
C LEU ZA 80 -4.96 65.50 -58.79
N GLY ZA 81 -5.37 65.90 -57.60
CA GLY ZA 81 -5.95 67.22 -57.39
C GLY ZA 81 -6.96 67.17 -56.27
N THR ZA 82 -7.67 68.29 -56.12
CA THR ZA 82 -8.70 68.43 -55.10
C THR ZA 82 -10.01 67.84 -55.61
N GLU ZA 83 -10.86 67.41 -54.68
CA GLU ZA 83 -12.12 66.76 -55.04
C GLU ZA 83 -13.06 67.68 -55.81
N GLN ZA 84 -12.82 68.99 -55.80
CA GLN ZA 84 -13.66 69.91 -56.56
C GLN ZA 84 -13.44 69.81 -58.06
N GLN ZA 85 -12.42 69.08 -58.51
CA GLN ZA 85 -12.06 69.02 -59.91
C GLN ZA 85 -12.60 67.79 -60.63
N LEU ZA 86 -13.40 66.96 -59.96
CA LEU ZA 86 -14.04 65.82 -60.61
C LEU ZA 86 -15.22 66.29 -61.44
N SER ZA 87 -15.22 65.94 -62.73
CA SER ZA 87 -16.32 66.30 -63.62
C SER ZA 87 -17.03 65.10 -64.19
N ASP ZA 88 -16.32 64.17 -64.82
CA ASP ZA 88 -16.95 63.01 -65.43
C ASP ZA 88 -15.88 61.94 -65.65
N PHE ZA 89 -16.28 60.83 -66.29
CA PHE ZA 89 -15.39 59.70 -66.48
C PHE ZA 89 -14.25 60.04 -67.43
N SER ZA 90 -14.55 60.70 -68.54
CA SER ZA 90 -13.52 60.98 -69.54
C SER ZA 90 -12.44 61.91 -69.00
N SER ZA 91 -12.81 62.83 -68.12
CA SER ZA 91 -11.82 63.71 -67.51
C SER ZA 91 -10.84 62.92 -66.65
N LEU ZA 92 -11.35 61.93 -65.91
CA LEU ZA 92 -10.47 61.11 -65.08
C LEU ZA 92 -9.48 60.33 -65.95
N ILE ZA 93 -9.94 59.81 -67.09
CA ILE ZA 93 -9.04 59.10 -68.00
C ILE ZA 93 -7.95 60.03 -68.50
N THR ZA 94 -8.31 61.27 -68.83
CA THR ZA 94 -7.31 62.25 -69.26
C THR ZA 94 -6.32 62.54 -68.13
N ALA ZA 95 -6.82 62.66 -66.90
CA ALA ZA 95 -5.94 62.92 -65.77
C ALA ZA 95 -4.95 61.77 -65.55
N LEU ZA 96 -5.41 60.53 -65.73
CA LEU ZA 96 -4.53 59.39 -65.59
C LEU ZA 96 -3.53 59.28 -66.73
N GLN ZA 97 -3.74 60.02 -67.82
CA GLN ZA 97 -2.86 59.98 -68.97
C GLN ZA 97 -1.82 61.10 -68.96
N GLN ZA 98 -1.70 61.83 -67.86
CA GLN ZA 98 -0.72 62.90 -67.76
C GLN ZA 98 0.70 62.34 -67.80
N ALA ZA 99 1.66 63.23 -68.02
CA ALA ZA 99 3.06 62.84 -68.23
C ALA ZA 99 3.84 62.69 -66.93
N TRP ZA 100 3.55 63.51 -65.92
CA TRP ZA 100 4.35 63.46 -64.70
C TRP ZA 100 4.03 62.23 -63.85
N LEU ZA 101 2.89 61.56 -64.10
CA LEU ZA 101 2.55 60.38 -63.31
C LEU ZA 101 3.56 59.27 -63.51
N ALA ZA 102 3.95 59.01 -64.76
CA ALA ZA 102 4.89 57.92 -65.03
C ALA ZA 102 6.25 58.19 -64.40
N GLN ZA 103 6.72 59.43 -64.47
CA GLN ZA 103 8.03 59.76 -63.91
C GLN ZA 103 8.04 59.60 -62.39
N THR ZA 104 6.96 60.04 -61.73
CA THR ZA 104 6.88 59.90 -60.29
C THR ZA 104 6.82 58.43 -59.87
N ILE ZA 105 6.04 57.62 -60.59
CA ILE ZA 105 5.95 56.20 -60.27
C ILE ZA 105 7.27 55.50 -60.52
N ALA ZA 106 7.92 55.80 -61.66
CA ALA ZA 106 9.20 55.16 -61.97
C ALA ZA 106 10.28 55.55 -60.99
N ALA ZA 107 10.25 56.78 -60.48
CA ALA ZA 107 11.27 57.22 -59.52
C ALA ZA 107 11.16 56.44 -58.22
N GLU ZA 108 9.95 56.08 -57.81
CA GLU ZA 108 9.74 55.31 -56.59
C GLU ZA 108 9.91 53.83 -56.87
N ASN ZA 109 10.81 53.19 -56.14
CA ASN ZA 109 11.11 51.78 -56.35
C ASN ZA 109 10.28 50.85 -55.48
N ASP ZA 110 9.50 51.39 -54.55
CA ASP ZA 110 8.71 50.53 -53.66
C ASP ZA 110 7.36 50.17 -54.26
N ILE ZA 111 6.83 51.00 -55.16
CA ILE ZA 111 5.50 50.76 -55.71
C ILE ZA 111 5.52 49.50 -56.57
N THR ZA 112 4.55 48.63 -56.35
CA THR ZA 112 4.47 47.37 -57.09
C THR ZA 112 3.05 47.17 -57.62
N LEU ZA 113 2.07 47.83 -57.01
CA LEU ZA 113 0.68 47.73 -57.42
C LEU ZA 113 0.10 49.13 -57.60
N ILE ZA 114 -0.93 49.22 -58.45
CA ILE ZA 114 -1.57 50.49 -58.78
C ILE ZA 114 -3.08 50.35 -58.54
N ILE ZA 115 -3.64 51.29 -57.80
CA ILE ZA 115 -5.07 51.30 -57.49
C ILE ZA 115 -5.63 52.68 -57.78
N THR ZA 116 -6.77 52.73 -58.44
CA THR ZA 116 -7.49 53.99 -58.71
C THR ZA 116 -8.88 53.90 -58.09
N PRO ZA 117 -9.09 54.46 -56.90
CA PRO ZA 117 -10.40 54.34 -56.25
C PRO ZA 117 -11.50 55.21 -56.84
N ASP ZA 118 -11.16 56.16 -57.71
CA ASP ZA 118 -12.13 57.15 -58.17
C ASP ZA 118 -12.97 56.67 -59.35
N VAL ZA 119 -12.73 55.46 -59.86
CA VAL ZA 119 -13.53 54.95 -60.97
C VAL ZA 119 -14.97 54.66 -60.53
N ILE ZA 120 -15.22 54.56 -59.23
CA ILE ZA 120 -16.54 54.17 -58.74
C ILE ZA 120 -17.49 55.35 -58.69
N ARG ZA 121 -16.98 56.59 -58.69
CA ARG ZA 121 -17.80 57.76 -58.44
C ARG ZA 121 -18.87 57.96 -59.51
N PHE ZA 122 -18.52 57.73 -60.77
CA PHE ZA 122 -19.35 58.18 -61.89
C PHE ZA 122 -20.52 57.22 -62.12
N ASP ZA 123 -21.50 57.71 -62.89
CA ASP ZA 123 -22.72 56.97 -63.17
C ASP ZA 123 -22.46 55.83 -64.15
N GLN ZA 124 -23.21 54.74 -63.98
CA GLN ZA 124 -23.07 53.55 -64.81
C GLN ZA 124 -24.43 53.02 -65.22
N THR ZA 125 -25.31 53.90 -65.69
CA THR ZA 125 -26.67 53.51 -66.04
C THR ZA 125 -26.90 53.33 -67.54
N GLU ZA 126 -25.85 53.41 -68.35
CA GLU ZA 126 -25.97 53.25 -69.79
C GLU ZA 126 -24.99 52.20 -70.28
N ILE ZA 127 -25.45 51.35 -71.20
CA ILE ZA 127 -24.68 50.19 -71.65
C ILE ZA 127 -24.36 50.48 -73.12
N SER ZA 128 -24.17 51.76 -73.45
CA SER ZA 128 -23.84 52.11 -74.81
C SER ZA 128 -22.40 51.74 -75.14
N ASP ZA 129 -22.09 51.66 -76.44
CA ASP ZA 129 -20.73 51.39 -76.87
C ASP ZA 129 -19.76 52.51 -76.51
N THR ZA 130 -20.28 53.71 -76.26
CA THR ZA 130 -19.42 54.79 -75.79
C THR ZA 130 -18.84 54.48 -74.43
N GLN ZA 131 -19.67 53.92 -73.53
CA GLN ZA 131 -19.18 53.52 -72.22
C GLN ZA 131 -18.18 52.38 -72.33
N ARG ZA 132 -18.44 51.42 -73.21
CA ARG ZA 132 -17.52 50.30 -73.38
C ARG ZA 132 -16.16 50.78 -73.87
N ASP ZA 133 -16.15 51.74 -74.79
CA ASP ZA 133 -14.88 52.31 -75.25
C ASP ZA 133 -14.19 53.08 -74.13
N LEU ZA 134 -14.98 53.76 -73.29
CA LEU ZA 134 -14.39 54.49 -72.17
C LEU ZA 134 -13.70 53.54 -71.20
N TRP ZA 135 -14.33 52.41 -70.90
CA TRP ZA 135 -13.73 51.44 -69.99
C TRP ZA 135 -12.45 50.85 -70.59
N LEU ZA 136 -12.46 50.58 -71.90
CA LEU ZA 136 -11.26 50.06 -72.55
C LEU ZA 136 -10.12 51.08 -72.48
N GLN ZA 137 -10.44 52.36 -72.60
CA GLN ZA 137 -9.42 53.39 -72.48
C GLN ZA 137 -8.83 53.42 -71.07
N LEU ZA 138 -9.66 53.26 -70.06
CA LEU ZA 138 -9.19 53.31 -68.68
C LEU ZA 138 -8.22 52.17 -68.39
N TRP ZA 139 -8.54 50.96 -68.86
CA TRP ZA 139 -7.66 49.83 -68.64
C TRP ZA 139 -6.31 50.04 -69.32
N GLN ZA 140 -6.34 50.56 -70.55
CA GLN ZA 140 -5.09 50.83 -71.26
C GLN ZA 140 -4.29 51.94 -70.60
N SER ZA 141 -4.98 52.97 -70.09
CA SER ZA 141 -4.27 54.07 -69.42
C SER ZA 141 -3.55 53.58 -68.18
N VAL ZA 142 -4.20 52.72 -67.38
CA VAL ZA 142 -3.55 52.19 -66.19
C VAL ZA 142 -2.41 51.25 -66.57
N LEU ZA 143 -2.60 50.42 -67.58
CA LEU ZA 143 -1.54 49.50 -67.99
C LEU ZA 143 -0.32 50.22 -68.52
N ASN ZA 144 -0.52 51.40 -69.13
CA ASN ZA 144 0.63 52.19 -69.56
C ASN ZA 144 1.45 52.67 -68.38
N LEU ZA 145 0.77 52.97 -67.25
CA LEU ZA 145 1.49 53.36 -66.05
C LEU ZA 145 2.30 52.20 -65.48
N CYS ZA 146 1.79 50.98 -65.61
CA CYS ZA 146 2.52 49.82 -65.12
C CYS ZA 146 3.80 49.58 -65.93
N LYS ZA 147 3.79 49.96 -67.22
CA LYS ZA 147 4.96 49.77 -68.06
C LYS ZA 147 6.09 50.73 -67.72
N SER ZA 148 5.84 51.73 -66.88
CA SER ZA 148 6.89 52.68 -66.52
C SER ZA 148 8.07 52.02 -65.82
N ARG ZA 149 7.86 50.85 -65.22
CA ARG ZA 149 8.93 50.12 -64.56
C ARG ZA 149 8.52 48.66 -64.47
N ARG ZA 150 9.47 47.77 -64.71
CA ARG ZA 150 9.19 46.34 -64.70
C ARG ZA 150 8.73 45.89 -63.32
N GLY ZA 151 7.71 45.03 -63.31
CA GLY ZA 151 7.24 44.41 -62.09
C GLY ZA 151 5.98 44.99 -61.49
N ILE ZA 152 5.46 46.07 -62.05
CA ILE ZA 152 4.25 46.69 -61.51
C ILE ZA 152 3.02 46.06 -62.14
N MET ZA 153 2.04 45.71 -61.30
CA MET ZA 153 0.80 45.11 -61.76
C MET ZA 153 -0.37 46.00 -61.34
N GLY ZA 154 -1.33 46.17 -62.25
CA GLY ZA 154 -2.45 47.05 -62.02
C GLY ZA 154 -3.71 46.31 -61.65
N LEU ZA 155 -4.30 46.68 -60.51
CA LEU ZA 155 -5.58 46.14 -60.07
C LEU ZA 155 -6.68 47.04 -60.61
N LEU ZA 156 -7.57 46.46 -61.43
CA LEU ZA 156 -8.51 47.25 -62.21
C LEU ZA 156 -9.94 47.00 -61.73
N ASP ZA 157 -10.81 47.97 -61.99
CA ASP ZA 157 -12.22 47.80 -61.78
C ASP ZA 157 -12.91 47.34 -63.05
N ALA ZA 158 -14.17 46.95 -62.91
CA ALA ZA 158 -14.98 46.46 -64.01
C ALA ZA 158 -16.32 47.19 -64.03
N PRO ZA 159 -16.97 47.27 -65.19
CA PRO ZA 159 -18.30 47.89 -65.25
C PRO ZA 159 -19.28 47.16 -64.34
N ASP ZA 160 -20.15 47.94 -63.69
CA ASP ZA 160 -21.07 47.37 -62.72
C ASP ZA 160 -22.06 46.41 -63.39
N ASP ZA 161 -22.55 46.77 -64.56
CA ASP ZA 161 -23.49 45.91 -65.27
C ASP ZA 161 -22.75 44.69 -65.82
N PRO ZA 162 -23.18 43.47 -65.50
CA PRO ZA 162 -22.46 42.28 -65.99
C PRO ZA 162 -22.43 42.18 -67.50
N THR ZA 163 -23.48 42.58 -68.20
CA THR ZA 163 -23.47 42.51 -69.66
C THR ZA 163 -22.43 43.44 -70.26
N LEU ZA 164 -22.31 44.66 -69.71
CA LEU ZA 164 -21.29 45.57 -70.19
C LEU ZA 164 -19.89 45.06 -69.89
N ALA ZA 165 -19.69 44.48 -68.70
CA ALA ZA 165 -18.38 43.95 -68.34
C ALA ZA 165 -17.99 42.79 -69.24
N ALA ZA 166 -18.95 41.92 -69.57
CA ALA ZA 166 -18.66 40.81 -70.48
C ALA ZA 166 -18.29 41.32 -71.86
N LYS ZA 167 -18.92 42.40 -72.30
CA LYS ZA 167 -18.57 42.99 -73.59
C LYS ZA 167 -17.14 43.51 -73.59
N CYS ZA 168 -16.73 44.16 -72.50
CA CYS ZA 168 -15.38 44.72 -72.44
C CYS ZA 168 -14.32 43.64 -72.50
N LEU ZA 169 -14.56 42.51 -71.83
CA LEU ZA 169 -13.57 41.43 -71.82
C LEU ZA 169 -13.35 40.87 -73.22
N GLN ZA 170 -14.43 40.69 -73.99
CA GLN ZA 170 -14.30 40.09 -75.31
C GLN ZA 170 -13.59 41.01 -76.29
N GLN ZA 171 -13.88 42.31 -76.23
CA GLN ZA 171 -13.37 43.27 -77.20
C GLN ZA 171 -12.09 43.96 -76.75
N PHE ZA 172 -11.55 43.63 -75.58
CA PHE ZA 172 -10.31 44.25 -75.14
C PHE ZA 172 -9.14 43.71 -75.96
N SER ZA 173 -8.30 44.62 -76.44
CA SER ZA 173 -7.13 44.24 -77.23
C SER ZA 173 -5.94 45.07 -76.78
N SER ZA 174 -4.87 44.40 -76.37
CA SER ZA 174 -3.67 45.06 -75.90
C SER ZA 174 -2.54 44.06 -75.80
N ALA ZA 175 -1.32 44.57 -75.77
CA ALA ZA 175 -0.14 43.74 -75.54
C ALA ZA 175 0.29 43.72 -74.08
N ASP ZA 176 -0.49 44.34 -73.19
CA ASP ZA 176 -0.15 44.45 -71.78
C ASP ZA 176 -1.07 43.66 -70.88
N ARG ZA 177 -1.72 42.62 -71.40
CA ARG ZA 177 -2.68 41.84 -70.65
C ARG ZA 177 -2.07 41.23 -69.39
N GLN ZA 178 -0.81 40.80 -69.48
CA GLN ZA 178 -0.19 40.07 -68.39
C GLN ZA 178 0.04 40.92 -67.15
N TRP ZA 179 -0.10 42.24 -67.26
CA TRP ZA 179 0.09 43.13 -66.12
C TRP ZA 179 -1.22 43.64 -65.53
N GLY ZA 180 -2.36 43.17 -66.03
CA GLY ZA 180 -3.65 43.68 -65.59
C GLY ZA 180 -4.47 42.59 -64.91
N VAL ZA 181 -5.09 42.95 -63.78
CA VAL ZA 181 -5.97 42.07 -63.04
C VAL ZA 181 -7.23 42.85 -62.69
N VAL ZA 182 -8.40 42.24 -62.91
CA VAL ZA 182 -9.68 42.90 -62.72
C VAL ZA 182 -10.51 42.11 -61.72
N TYR ZA 183 -11.20 42.82 -60.83
CA TYR ZA 183 -12.06 42.22 -59.82
C TYR ZA 183 -13.46 42.81 -59.93
N TRP ZA 184 -14.45 42.04 -59.49
CA TRP ZA 184 -15.86 42.37 -59.69
C TRP ZA 184 -16.67 41.56 -58.68
N PRO ZA 185 -17.77 42.11 -58.15
CA PRO ZA 185 -18.30 43.47 -58.32
C PRO ZA 185 -17.83 44.42 -57.24
N LEU ZA 186 -18.53 45.54 -57.08
CA LEU ZA 186 -18.25 46.46 -55.99
C LEU ZA 186 -18.66 45.85 -54.66
N LEU ZA 187 -18.08 46.36 -53.57
CA LEU ZA 187 -18.33 45.87 -52.23
C LEU ZA 187 -19.06 46.91 -51.41
N LYS ZA 188 -20.01 46.45 -50.59
CA LYS ZA 188 -20.73 47.31 -49.67
C LYS ZA 188 -20.02 47.27 -48.32
N SER ZA 189 -19.20 48.29 -48.05
CA SER ZA 189 -18.35 48.28 -46.87
C SER ZA 189 -19.18 48.46 -45.61
N ALA ZA 190 -18.54 48.21 -44.47
CA ALA ZA 190 -19.19 48.34 -43.18
C ALA ZA 190 -19.27 49.78 -42.69
N TYR ZA 191 -18.64 50.72 -43.38
CA TYR ZA 191 -18.67 52.12 -42.98
C TYR ZA 191 -19.96 52.78 -43.46
N GLN ZA 192 -20.36 53.84 -42.76
CA GLN ZA 192 -21.61 54.53 -43.04
C GLN ZA 192 -21.35 56.01 -43.26
N ASP ZA 193 -22.14 56.61 -44.14
CA ASP ZA 193 -22.04 58.03 -44.45
C ASP ZA 193 -22.89 58.82 -43.45
N ASN ZA 194 -23.06 60.12 -43.72
CA ASN ZA 194 -23.84 60.97 -42.83
C ASN ZA 194 -25.32 60.60 -42.82
N THR ZA 195 -25.82 59.96 -43.88
CA THR ZA 195 -27.20 59.53 -43.95
C THR ZA 195 -27.37 58.08 -43.54
N GLN ZA 196 -26.37 57.48 -42.90
CA GLN ZA 196 -26.40 56.11 -42.39
C GLN ZA 196 -26.56 55.09 -43.50
N ASN ZA 197 -26.18 55.44 -44.73
CA ASN ZA 197 -26.17 54.45 -45.79
C ASN ZA 197 -24.76 53.84 -45.91
N PRO ZA 198 -24.66 52.54 -46.17
CA PRO ZA 198 -23.34 51.92 -46.29
C PRO ZA 198 -22.57 52.47 -47.47
N ILE ZA 199 -21.25 52.59 -47.30
CA ILE ZA 199 -20.41 53.14 -48.35
C ILE ZA 199 -19.94 52.02 -49.27
N VAL ZA 200 -20.08 52.25 -50.57
CA VAL ZA 200 -19.71 51.28 -51.60
C VAL ZA 200 -18.27 51.54 -52.02
N LEU ZA 201 -17.45 50.49 -52.01
CA LEU ZA 201 -16.04 50.60 -52.33
C LEU ZA 201 -15.65 49.56 -53.37
N SER ZA 202 -14.60 49.86 -54.11
CA SER ZA 202 -14.04 48.90 -55.05
C SER ZA 202 -13.35 47.77 -54.30
N PRO ZA 203 -13.38 46.55 -54.82
CA PRO ZA 203 -12.70 45.44 -54.13
C PRO ZA 203 -11.19 45.50 -54.22
N THR ZA 204 -10.64 46.36 -55.08
CA THR ZA 204 -9.20 46.37 -55.29
C THR ZA 204 -8.44 46.84 -54.05
N ALA ZA 205 -9.07 47.67 -53.22
CA ALA ZA 205 -8.41 48.14 -52.00
C ALA ZA 205 -8.16 46.99 -51.04
N ALA ZA 206 -9.16 46.13 -50.85
CA ALA ZA 206 -8.99 44.99 -49.94
C ALA ZA 206 -8.08 43.94 -50.54
N VAL ZA 207 -8.12 43.75 -51.86
CA VAL ZA 207 -7.29 42.75 -52.51
C VAL ZA 207 -5.82 43.09 -52.34
N ALA ZA 208 -5.47 44.37 -52.44
CA ALA ZA 208 -4.08 44.78 -52.28
C ALA ZA 208 -3.56 44.45 -50.89
N ALA ZA 209 -4.38 44.67 -49.86
CA ALA ZA 209 -3.98 44.29 -48.50
C ALA ZA 209 -3.79 42.78 -48.39
N VAL ZA 210 -4.66 42.02 -49.05
CA VAL ZA 210 -4.52 40.56 -49.04
C VAL ZA 210 -3.22 40.15 -49.71
N ILE ZA 211 -2.91 40.75 -50.87
CA ILE ZA 211 -1.69 40.39 -51.60
C ILE ZA 211 -0.46 40.70 -50.76
N GLN ZA 212 -0.42 41.89 -50.15
CA GLN ZA 212 0.71 42.25 -49.30
C GLN ZA 212 0.83 41.32 -48.11
N ARG ZA 213 -0.29 40.99 -47.48
CA ARG ZA 213 -0.27 40.07 -46.34
C ARG ZA 213 0.12 38.66 -46.76
N ASN ZA 214 -0.41 38.20 -47.91
CA ASN ZA 214 -0.19 36.81 -48.32
C ASN ZA 214 1.26 36.54 -48.65
N ASP ZA 215 2.02 37.56 -49.09
CA ASP ZA 215 3.41 37.35 -49.45
C ASP ZA 215 4.24 36.94 -48.25
N ASN ZA 216 4.02 37.59 -47.11
CA ASN ZA 216 4.80 37.28 -45.91
C ASN ZA 216 4.35 35.97 -45.27
N GLN ZA 217 3.07 35.64 -45.40
CA GLN ZA 217 2.54 34.45 -44.74
C GLN ZA 217 2.79 33.19 -45.57
N GLN ZA 218 2.27 33.15 -46.80
CA GLN ZA 218 2.33 31.94 -47.62
C GLN ZA 218 3.43 31.99 -48.66
N GLY ZA 219 3.83 33.17 -49.13
CA GLY ZA 219 4.83 33.28 -50.17
C GLY ZA 219 4.30 33.92 -51.43
N VAL ZA 220 5.20 34.50 -52.22
CA VAL ZA 220 4.79 35.20 -53.44
C VAL ZA 220 4.29 34.22 -54.51
N TRP ZA 221 4.60 32.94 -54.38
CA TRP ZA 221 4.19 31.94 -55.35
C TRP ZA 221 2.83 31.33 -55.03
N THR ZA 222 2.15 31.82 -53.99
CA THR ZA 222 0.87 31.29 -53.57
C THR ZA 222 -0.24 32.20 -54.07
N ALA ZA 223 -1.27 31.60 -54.66
CA ALA ZA 223 -2.37 32.38 -55.21
C ALA ZA 223 -3.11 33.12 -54.10
N PRO ZA 224 -3.40 34.41 -54.26
CA PRO ZA 224 -4.12 35.16 -53.23
C PRO ZA 224 -5.63 34.96 -53.23
N ALA ZA 225 -6.13 33.96 -53.93
CA ALA ZA 225 -7.57 33.69 -53.96
C ALA ZA 225 -7.99 32.87 -52.74
N ASN ZA 226 -9.30 32.69 -52.60
CA ASN ZA 226 -9.89 31.91 -51.51
C ASN ZA 226 -9.46 32.46 -50.15
N ILE ZA 227 -9.59 33.77 -49.98
CA ILE ZA 227 -9.27 34.44 -48.73
C ILE ZA 227 -10.43 35.38 -48.38
N ALA ZA 228 -10.89 35.30 -47.14
CA ALA ZA 228 -12.02 36.12 -46.71
C ALA ZA 228 -11.60 37.58 -46.52
N LEU ZA 229 -12.53 38.49 -46.79
CA LEU ZA 229 -12.29 39.91 -46.61
C LEU ZA 229 -12.90 40.40 -45.31
N SER ZA 230 -12.42 41.54 -44.84
CA SER ZA 230 -12.86 42.14 -43.58
C SER ZA 230 -13.59 43.44 -43.85
N LYS ZA 231 -14.48 43.81 -42.93
CA LYS ZA 231 -15.24 45.05 -42.98
C LYS ZA 231 -16.07 45.16 -44.25
N VAL ZA 232 -16.54 44.02 -44.78
CA VAL ZA 232 -17.39 43.98 -45.96
C VAL ZA 232 -18.73 43.41 -45.56
N ILE ZA 233 -19.79 44.19 -45.79
CA ILE ZA 233 -21.14 43.75 -45.43
C ILE ZA 233 -21.64 42.71 -46.43
N SER ZA 234 -21.56 43.02 -47.72
CA SER ZA 234 -22.07 42.14 -48.77
C SER ZA 234 -21.60 42.68 -50.11
N PRO ZA 235 -21.38 41.81 -51.09
CA PRO ZA 235 -21.14 42.29 -52.46
C PRO ZA 235 -22.40 42.93 -53.03
N VAL ZA 236 -22.18 43.89 -53.93
CA VAL ZA 236 -23.30 44.61 -54.52
C VAL ZA 236 -24.19 43.70 -55.35
N ARG ZA 237 -23.63 42.78 -56.12
CA ARG ZA 237 -24.39 41.88 -56.96
C ARG ZA 237 -24.09 40.43 -56.58
N ALA ZA 238 -25.11 39.58 -56.73
CA ALA ZA 238 -24.99 38.18 -56.36
C ALA ZA 238 -24.10 37.43 -57.36
N TYR ZA 239 -23.62 36.26 -56.93
CA TYR ZA 239 -22.75 35.44 -57.75
C TYR ZA 239 -23.45 34.87 -58.98
N ILE ZA 240 -24.79 34.83 -58.97
CA ILE ZA 240 -25.53 34.22 -60.07
C ILE ZA 240 -25.57 35.09 -61.32
N GLU ZA 241 -25.10 36.33 -61.24
CA GLU ZA 241 -25.08 37.23 -62.39
C GLU ZA 241 -23.77 37.19 -63.16
N ALA ZA 242 -22.76 36.45 -62.68
CA ALA ZA 242 -21.44 36.46 -63.28
C ALA ZA 242 -21.10 35.18 -64.01
N ASN ZA 243 -22.08 34.53 -64.65
CA ASN ZA 243 -21.81 33.27 -65.34
C ASN ZA 243 -21.09 33.48 -66.66
N ALA ZA 244 -21.11 34.70 -67.21
CA ALA ZA 244 -20.44 35.00 -68.47
C ALA ZA 244 -19.10 35.68 -68.30
N LEU ZA 245 -18.61 35.83 -67.07
CA LEU ZA 245 -17.40 36.57 -66.79
C LEU ZA 245 -16.19 35.67 -66.54
N PHE ZA 246 -16.33 34.36 -66.67
CA PHE ZA 246 -15.21 33.44 -66.57
C PHE ZA 246 -15.12 32.63 -67.86
N ASN ZA 247 -13.98 32.74 -68.54
CA ASN ZA 247 -13.76 32.02 -69.80
C ASN ZA 247 -12.46 31.23 -69.68
N PRO ZA 248 -12.52 29.89 -69.66
CA PRO ZA 248 -11.27 29.11 -69.58
C PRO ZA 248 -10.35 29.31 -70.77
N ASP ZA 249 -10.88 29.74 -71.92
CA ASP ZA 249 -10.07 29.97 -73.10
C ASP ZA 249 -10.26 31.39 -73.61
N GLY ZA 250 -10.22 32.35 -72.71
CA GLY ZA 250 -10.38 33.74 -73.10
C GLY ZA 250 -10.16 34.65 -71.92
N THR ZA 251 -10.50 35.93 -72.11
CA THR ZA 251 -10.38 36.90 -71.04
C THR ZA 251 -11.45 36.67 -70.00
N SER ZA 252 -11.09 36.86 -68.73
CA SER ZA 252 -12.02 36.59 -67.64
C SER ZA 252 -11.69 37.49 -66.46
N LEU ZA 253 -12.68 37.67 -65.59
CA LEU ZA 253 -12.55 38.43 -64.37
C LEU ZA 253 -12.21 37.52 -63.20
N ASN ZA 254 -11.98 38.14 -62.04
CA ASN ZA 254 -11.83 37.42 -60.79
C ASN ZA 254 -13.02 37.77 -59.91
N LEU ZA 255 -13.90 36.81 -59.70
CA LEU ZA 255 -15.14 37.06 -59.00
C LEU ZA 255 -14.90 37.22 -57.51
N VAL ZA 256 -15.58 38.20 -56.90
CA VAL ZA 256 -15.63 38.35 -55.45
C VAL ZA 256 -16.99 37.87 -55.00
N ARG ZA 257 -17.01 36.87 -54.13
CA ARG ZA 257 -18.19 36.05 -53.90
C ARG ZA 257 -18.32 35.75 -52.41
N SER ZA 258 -19.55 35.47 -51.99
CA SER ZA 258 -19.84 35.13 -50.61
C SER ZA 258 -20.31 33.68 -50.52
N PHE ZA 259 -20.11 33.08 -49.35
CA PHE ZA 259 -20.53 31.73 -49.07
C PHE ZA 259 -21.25 31.68 -47.73
N PRO ZA 260 -22.19 30.75 -47.55
CA PRO ZA 260 -22.84 30.60 -46.26
C PRO ZA 260 -21.89 30.04 -45.20
N GLY ZA 261 -21.53 30.85 -44.22
CA GLY ZA 261 -20.62 30.44 -43.18
C GLY ZA 261 -19.16 30.71 -43.44
N LYS ZA 262 -18.81 31.20 -44.63
CA LYS ZA 262 -17.43 31.49 -44.98
C LYS ZA 262 -17.17 32.95 -45.26
N GLY ZA 263 -18.21 33.78 -45.32
CA GLY ZA 263 -18.02 35.18 -45.60
C GLY ZA 263 -17.73 35.47 -47.06
N ILE ZA 264 -17.36 36.71 -47.33
CA ILE ZA 264 -17.04 37.15 -48.68
C ILE ZA 264 -15.58 36.84 -48.97
N ARG ZA 265 -15.34 36.10 -50.05
CA ARG ZA 265 -13.98 35.67 -50.40
C ARG ZA 265 -13.69 36.00 -51.85
N ILE ZA 266 -12.39 36.15 -52.13
CA ILE ZA 266 -11.93 36.28 -53.52
C ILE ZA 266 -12.02 34.92 -54.19
N TRP ZA 267 -12.58 34.89 -55.40
CA TRP ZA 267 -12.83 33.64 -56.09
C TRP ZA 267 -12.22 33.67 -57.49
N GLY ZA 268 -10.97 34.09 -57.59
CA GLY ZA 268 -10.29 34.10 -58.87
C GLY ZA 268 -8.84 34.50 -58.71
N CYS ZA 269 -8.01 34.00 -59.63
CA CYS ZA 269 -6.59 34.30 -59.60
C CYS ZA 269 -6.01 34.53 -61.00
N ARG ZA 270 -6.84 34.82 -62.00
CA ARG ZA 270 -6.36 34.99 -63.36
C ARG ZA 270 -6.08 36.46 -63.67
N THR ZA 271 -5.25 36.67 -64.68
CA THR ZA 271 -4.99 38.00 -65.20
C THR ZA 271 -5.77 38.18 -66.50
N LEU ZA 272 -5.54 39.29 -67.20
CA LEU ZA 272 -6.22 39.54 -68.46
C LEU ZA 272 -5.63 38.75 -69.62
N GLU ZA 273 -4.56 38.01 -69.39
CA GLU ZA 273 -3.90 37.24 -70.45
C GLU ZA 273 -4.86 36.18 -70.98
N ASN ZA 274 -5.33 36.35 -72.20
CA ASN ZA 274 -6.34 35.48 -72.78
C ASN ZA 274 -5.76 34.32 -73.59
N THR ZA 275 -4.47 34.33 -73.88
CA THR ZA 275 -3.85 33.27 -74.67
C THR ZA 275 -3.87 31.97 -73.86
N HIS ZA 276 -4.22 30.86 -74.52
CA HIS ZA 276 -4.33 29.59 -73.84
C HIS ZA 276 -2.98 29.09 -73.35
N ASP ZA 277 -1.94 29.23 -74.18
CA ASP ZA 277 -0.62 28.68 -73.88
C ASP ZA 277 0.32 29.70 -73.27
N SER ZA 278 -0.14 30.92 -73.02
CA SER ZA 278 0.74 31.92 -72.42
C SER ZA 278 1.06 31.56 -70.98
N PRO ZA 279 2.28 31.83 -70.50
CA PRO ZA 279 2.65 31.45 -69.14
C PRO ZA 279 2.21 32.42 -68.05
N TRP ZA 280 1.60 33.55 -68.41
CA TRP ZA 280 1.24 34.58 -67.44
C TRP ZA 280 -0.26 34.63 -67.18
N SER ZA 281 -0.95 33.50 -67.26
CA SER ZA 281 -2.40 33.48 -67.08
C SER ZA 281 -2.81 33.64 -65.63
N TYR ZA 282 -1.88 33.54 -64.68
CA TYR ZA 282 -2.21 33.63 -63.26
C TYR ZA 282 -1.39 34.73 -62.61
N ILE ZA 283 -2.01 35.42 -61.65
CA ILE ZA 283 -1.35 36.55 -61.02
C ILE ZA 283 -0.14 36.11 -60.22
N GLN ZA 284 -0.25 34.99 -59.51
CA GLN ZA 284 0.87 34.54 -58.68
C GLN ZA 284 2.06 34.10 -59.53
N THR ZA 285 1.80 33.59 -60.73
CA THR ZA 285 2.90 33.21 -61.61
C THR ZA 285 3.64 34.45 -62.13
N ARG ZA 286 2.89 35.47 -62.55
CA ARG ZA 286 3.51 36.69 -63.03
C ARG ZA 286 4.26 37.42 -61.93
N ARG ZA 287 3.73 37.40 -60.70
CA ARG ZA 287 4.41 38.06 -59.59
C ARG ZA 287 5.61 37.26 -59.11
N LEU ZA 288 5.56 35.93 -59.23
CA LEU ZA 288 6.70 35.13 -58.83
C LEU ZA 288 7.91 35.38 -59.71
N VAL ZA 289 7.71 35.45 -61.03
CA VAL ZA 289 8.82 35.67 -61.93
C VAL ZA 289 9.38 37.08 -61.78
N SER ZA 290 8.51 38.07 -61.55
CA SER ZA 290 8.99 39.41 -61.27
C SER ZA 290 9.75 39.47 -59.95
N TYR ZA 291 9.42 38.57 -59.02
CA TYR ZA 291 10.18 38.48 -57.77
C TYR ZA 291 11.55 37.85 -58.01
N ILE ZA 292 11.62 36.86 -58.90
CA ILE ZA 292 12.91 36.27 -59.27
C ILE ZA 292 13.72 37.27 -60.08
N GLU ZA 293 13.06 38.01 -60.98
CA GLU ZA 293 13.76 39.01 -61.78
C GLU ZA 293 14.37 40.09 -60.90
N ALA ZA 294 13.63 40.52 -59.87
CA ALA ZA 294 14.13 41.59 -59.01
C ALA ZA 294 15.40 41.19 -58.28
N TYR ZA 295 15.46 39.94 -57.80
CA TYR ZA 295 16.67 39.48 -57.12
C TYR ZA 295 17.85 39.40 -58.09
N MET ZA 296 17.64 38.81 -59.27
CA MET ZA 296 18.73 38.69 -60.22
C MET ZA 296 19.19 40.05 -60.72
N THR ZA 297 18.28 41.03 -60.73
CA THR ZA 297 18.70 42.40 -61.03
C THR ZA 297 19.61 42.95 -59.94
N GLN ZA 298 19.24 42.72 -58.67
CA GLN ZA 298 20.08 43.16 -57.57
C GLN ZA 298 21.43 42.45 -57.57
N LEU ZA 299 21.42 41.13 -57.81
CA LEU ZA 299 22.67 40.39 -57.91
C LEU ZA 299 23.50 40.85 -59.10
N GLY ZA 300 22.83 41.11 -60.23
CA GLY ZA 300 23.55 41.55 -61.41
C GLY ZA 300 24.21 42.90 -61.26
N ARG ZA 301 23.61 43.80 -60.47
CA ARG ZA 301 24.16 45.14 -60.31
C ARG ZA 301 25.54 45.11 -59.67
N ALA ZA 302 25.82 44.11 -58.84
CA ALA ZA 302 27.12 44.02 -58.19
C ALA ZA 302 28.24 43.67 -59.17
N PHE ZA 303 27.90 43.28 -60.40
CA PHE ZA 303 28.90 42.88 -61.38
C PHE ZA 303 29.05 43.89 -62.51
N VAL ZA 304 28.38 45.04 -62.45
CA VAL ZA 304 28.59 46.08 -63.44
C VAL ZA 304 29.96 46.72 -63.22
N PHE ZA 305 30.60 47.10 -64.33
CA PHE ZA 305 31.93 47.71 -64.33
C PHE ZA 305 33.00 46.76 -63.77
N GLU ZA 306 32.72 45.47 -63.76
CA GLU ZA 306 33.67 44.45 -63.34
C GLU ZA 306 34.34 43.83 -64.55
N PRO ZA 307 35.52 43.23 -64.37
CA PRO ZA 307 36.16 42.53 -65.49
C PRO ZA 307 35.28 41.44 -66.04
N ASN ZA 308 35.24 41.33 -67.37
CA ASN ZA 308 34.36 40.40 -68.06
C ASN ZA 308 35.17 39.14 -68.42
N ASN ZA 309 35.46 38.34 -67.40
CA ASN ZA 309 36.25 37.13 -67.56
C ASN ZA 309 35.49 35.95 -66.97
N ALA ZA 310 36.12 34.79 -66.99
CA ALA ZA 310 35.46 33.57 -66.53
C ALA ZA 310 35.32 33.55 -65.01
N ILE ZA 311 36.24 34.19 -64.29
CA ILE ZA 311 36.15 34.22 -62.83
C ILE ZA 311 34.90 34.99 -62.39
N THR ZA 312 34.61 36.11 -63.05
CA THR ZA 312 33.42 36.88 -62.71
C THR ZA 312 32.16 36.08 -62.96
N TRP ZA 313 32.11 35.33 -64.08
CA TRP ZA 313 30.92 34.57 -64.41
C TRP ZA 313 30.66 33.48 -63.38
N MET ZA 314 31.71 32.84 -62.89
CA MET ZA 314 31.54 31.80 -61.88
C MET ZA 314 31.00 32.37 -60.58
N LYS ZA 315 31.40 33.59 -60.22
CA LYS ZA 315 30.89 34.21 -59.01
C LYS ZA 315 29.39 34.47 -59.12
N PHE ZA 316 28.93 34.93 -60.28
CA PHE ZA 316 27.50 35.13 -60.48
C PHE ZA 316 26.77 33.80 -60.56
N LYS ZA 317 27.31 32.85 -61.31
CA LYS ZA 317 26.62 31.59 -61.53
C LYS ZA 317 26.51 30.78 -60.23
N GLY ZA 318 27.54 30.85 -59.39
CA GLY ZA 318 27.48 30.13 -58.12
C GLY ZA 318 26.41 30.67 -57.20
N GLN ZA 319 26.32 32.00 -57.09
CA GLN ZA 319 25.33 32.61 -56.21
C GLN ZA 319 23.91 32.43 -56.75
N ALA ZA 320 23.74 32.63 -58.07
CA ALA ZA 320 22.42 32.48 -58.67
C ALA ZA 320 21.91 31.05 -58.53
N HIS ZA 321 22.78 30.07 -58.75
CA HIS ZA 321 22.41 28.68 -58.51
C HIS ZA 321 22.09 28.43 -57.05
N ASN ZA 322 22.83 29.07 -56.15
CA ASN ZA 322 22.60 28.90 -54.72
C ASN ZA 322 21.22 29.40 -54.33
N TRP ZA 323 20.86 30.61 -54.77
CA TRP ZA 323 19.59 31.20 -54.36
C TRP ZA 323 18.40 30.42 -54.92
N LEU ZA 324 18.50 30.01 -56.20
CA LEU ZA 324 17.38 29.31 -56.82
C LEU ZA 324 17.13 27.95 -56.18
N ARG ZA 325 18.20 27.25 -55.79
CA ARG ZA 325 18.02 25.98 -55.10
C ARG ZA 325 17.31 26.17 -53.78
N GLN ZA 326 17.63 27.24 -53.05
CA GLN ZA 326 16.95 27.52 -51.79
C GLN ZA 326 15.46 27.77 -52.01
N LEU ZA 327 15.13 28.51 -53.07
CA LEU ZA 327 13.72 28.76 -53.38
C LEU ZA 327 13.02 27.47 -53.82
N TRP ZA 328 13.71 26.62 -54.57
CA TRP ZA 328 13.12 25.36 -55.01
C TRP ZA 328 12.82 24.45 -53.82
N LEU ZA 329 13.73 24.40 -52.85
CA LEU ZA 329 13.52 23.55 -51.69
C LEU ZA 329 12.45 24.09 -50.75
N LYS ZA 330 11.98 25.31 -50.95
CA LYS ZA 330 10.89 25.88 -50.18
C LYS ZA 330 9.53 25.63 -50.85
N GLY ZA 331 9.50 24.92 -51.97
CA GLY ZA 331 8.27 24.70 -52.69
C GLY ZA 331 7.88 25.79 -53.65
N GLY ZA 332 8.80 26.71 -53.98
CA GLY ZA 332 8.49 27.80 -54.89
C GLY ZA 332 8.62 27.47 -56.36
N LEU ZA 333 9.17 26.31 -56.70
CA LEU ZA 333 9.34 25.91 -58.09
C LEU ZA 333 8.93 24.44 -58.22
N ARG ZA 334 8.53 24.08 -59.44
CA ARG ZA 334 8.01 22.75 -59.74
C ARG ZA 334 9.11 21.86 -60.29
N GLY ZA 335 9.23 20.66 -59.74
CA GLY ZA 335 10.20 19.69 -60.21
C GLY ZA 335 10.71 18.78 -59.12
N THR ZA 336 10.83 17.49 -59.41
CA THR ZA 336 11.38 16.54 -58.46
C THR ZA 336 12.89 16.42 -58.56
N GLN ZA 337 13.49 16.93 -59.63
CA GLN ZA 337 14.95 16.96 -59.79
C GLN ZA 337 15.40 18.41 -59.88
N GLU ZA 338 16.64 18.66 -59.43
CA GLU ZA 338 17.15 20.02 -59.41
C GLU ZA 338 17.25 20.59 -60.82
N ASP ZA 339 17.70 19.78 -61.78
CA ASP ZA 339 17.82 20.26 -63.16
C ASP ZA 339 16.47 20.54 -63.80
N GLN ZA 340 15.38 19.94 -63.28
CA GLN ZA 340 14.06 20.22 -63.80
C GLN ZA 340 13.53 21.57 -63.33
N ALA ZA 341 13.90 21.98 -62.11
CA ALA ZA 341 13.33 23.20 -61.54
C ALA ZA 341 13.92 24.44 -62.19
N PHE ZA 342 15.23 24.47 -62.41
CA PHE ZA 342 15.87 25.67 -62.93
C PHE ZA 342 17.18 25.29 -63.61
N GLU ZA 343 17.70 26.23 -64.39
CA GLU ZA 343 19.01 26.08 -65.03
C GLU ZA 343 19.56 27.47 -65.30
N VAL ZA 344 20.85 27.66 -65.01
CA VAL ZA 344 21.53 28.94 -65.22
C VAL ZA 344 22.68 28.71 -66.19
N LEU ZA 345 22.72 29.50 -67.26
CA LEU ZA 345 23.76 29.41 -68.27
C LEU ZA 345 24.45 30.76 -68.38
N LEU ZA 346 25.78 30.75 -68.30
CA LEU ZA 346 26.56 31.98 -68.40
C LEU ZA 346 27.99 31.59 -68.80
N GLY ZA 347 28.39 31.93 -70.02
CA GLY ZA 347 29.71 31.57 -70.47
C GLY ZA 347 30.01 32.20 -71.81
N VAL ZA 348 31.29 32.09 -72.22
CA VAL ZA 348 31.75 32.71 -73.45
C VAL ZA 348 31.18 32.01 -74.68
N ASP ZA 349 30.71 30.77 -74.53
CA ASP ZA 349 30.05 30.05 -75.63
C ASP ZA 349 28.72 29.44 -75.26
N GLU ZA 350 28.39 29.32 -73.97
CA GLU ZA 350 27.08 28.78 -73.59
C GLU ZA 350 25.98 29.80 -73.84
N SER ZA 351 26.25 31.08 -73.57
CA SER ZA 351 25.24 32.12 -73.69
C SER ZA 351 25.66 33.34 -74.48
N MET ZA 352 26.95 33.57 -74.68
CA MET ZA 352 27.43 34.75 -75.39
C MET ZA 352 28.36 34.33 -76.52
N ARG ZA 353 28.83 35.32 -77.28
CA ARG ZA 353 29.86 35.14 -78.28
C ARG ZA 353 30.95 36.17 -78.06
N GLU ZA 354 32.05 36.04 -78.80
CA GLU ZA 354 33.15 36.98 -78.64
C GLU ZA 354 32.74 38.39 -79.04
N ALA ZA 355 31.76 38.52 -79.93
CA ALA ZA 355 31.24 39.85 -80.28
C ALA ZA 355 30.56 40.49 -79.08
N ASP ZA 356 29.83 39.71 -78.29
CA ASP ZA 356 29.13 40.25 -77.13
C ASP ZA 356 30.11 40.79 -76.09
N LEU ZA 357 31.22 40.08 -75.89
CA LEU ZA 357 32.25 40.57 -74.96
C LEU ZA 357 32.83 41.89 -75.44
N ARG ZA 358 33.05 42.02 -76.75
CA ARG ZA 358 33.61 43.26 -77.29
C ARG ZA 358 32.64 44.43 -77.09
N ALA ZA 359 31.35 44.18 -77.24
CA ALA ZA 359 30.34 45.23 -77.02
C ALA ZA 359 30.18 45.59 -75.55
N GLY ZA 360 30.77 44.82 -74.64
CA GLY ZA 360 30.64 45.09 -73.23
C GLY ZA 360 29.45 44.45 -72.56
N LYS ZA 361 28.81 43.49 -73.20
CA LYS ZA 361 27.62 42.85 -72.68
C LYS ZA 361 27.96 41.61 -71.87
N MET ZA 362 26.99 41.17 -71.06
CA MET ZA 362 27.12 39.98 -70.25
C MET ZA 362 25.73 39.35 -70.16
N ILE ZA 363 25.55 38.20 -70.81
CA ILE ZA 363 24.23 37.61 -71.04
C ILE ZA 363 24.10 36.36 -70.18
N ILE ZA 364 23.05 36.30 -69.38
CA ILE ZA 364 22.75 35.17 -68.51
C ILE ZA 364 21.42 34.57 -68.94
N LYS ZA 365 21.40 33.26 -69.15
CA LYS ZA 365 20.19 32.54 -69.52
C LYS ZA 365 19.66 31.78 -68.31
N ILE ZA 366 18.38 32.00 -67.99
CA ILE ZA 366 17.74 31.39 -66.84
C ILE ZA 366 16.44 30.74 -67.30
N ARG ZA 367 16.23 29.48 -66.89
CA ARG ZA 367 15.02 28.74 -67.18
C ARG ZA 367 14.35 28.35 -65.88
N LEU ZA 368 13.03 28.46 -65.83
CA LEU ZA 368 12.26 28.19 -64.63
C LEU ZA 368 11.06 27.31 -64.93
N ALA ZA 369 10.64 26.55 -63.92
CA ALA ZA 369 9.40 25.77 -63.96
C ALA ZA 369 8.54 26.18 -62.78
N VAL ZA 370 7.30 26.59 -63.06
CA VAL ZA 370 6.43 27.16 -62.05
C VAL ZA 370 5.27 26.21 -61.79
N LEU ZA 371 4.60 26.42 -60.66
CA LEU ZA 371 3.48 25.60 -60.25
C LEU ZA 371 2.16 26.16 -60.78
N ILE ZA 372 1.17 25.29 -60.83
CA ILE ZA 372 -0.15 25.62 -61.40
C ILE ZA 372 -1.18 25.55 -60.27
N PRO ZA 373 -2.08 26.52 -60.15
CA PRO ZA 373 -3.11 26.44 -59.12
C PRO ZA 373 -4.15 25.40 -59.44
N ALA ZA 374 -4.85 24.95 -58.39
CA ALA ZA 374 -5.93 23.99 -58.52
C ALA ZA 374 -7.25 24.76 -58.63
N GLU ZA 375 -7.71 24.99 -59.86
CA GLU ZA 375 -8.93 25.74 -60.08
C GLU ZA 375 -10.17 24.86 -60.06
N PHE ZA 376 -10.07 23.64 -60.57
CA PHE ZA 376 -11.20 22.73 -60.66
C PHE ZA 376 -10.84 21.39 -60.05
N ILE ZA 377 -11.80 20.78 -59.37
CA ILE ZA 377 -11.64 19.44 -58.82
C ILE ZA 377 -12.84 18.61 -59.27
N GLU ZA 378 -12.58 17.51 -59.96
CA GLU ZA 378 -13.62 16.58 -60.40
C GLU ZA 378 -13.44 15.26 -59.65
N LEU ZA 379 -14.55 14.72 -59.16
CA LEU ZA 379 -14.55 13.45 -58.46
C LEU ZA 379 -15.33 12.43 -59.26
N ASN ZA 380 -14.71 11.31 -59.58
CA ASN ZA 380 -15.36 10.19 -60.23
C ASN ZA 380 -15.39 9.03 -59.23
N LEU ZA 381 -16.59 8.57 -58.90
CA LEU ZA 381 -16.79 7.55 -57.89
C LEU ZA 381 -17.28 6.28 -58.56
N THR ZA 382 -16.56 5.18 -58.36
CA THR ZA 382 -16.88 3.91 -58.98
C THR ZA 382 -16.92 2.81 -57.92
N PHE ZA 383 -17.55 1.71 -58.26
CA PHE ZA 383 -17.73 0.59 -57.34
C PHE ZA 383 -16.57 -0.40 -57.46
N ASP ZA 384 -16.13 -0.91 -56.32
CA ASP ZA 384 -15.04 -1.87 -56.30
C ASP ZA 384 -15.53 -3.22 -56.82
N THR ZA 385 -14.94 -3.68 -57.93
CA THR ZA 385 -15.36 -4.92 -58.57
C THR ZA 385 -14.81 -6.14 -57.82
N ARG ZA 386 -15.30 -6.30 -56.60
CA ARG ZA 386 -14.94 -7.43 -55.76
C ARG ZA 386 -16.09 -7.83 -54.84
N THR AB 4 30.87 -66.09 -6.62
CA THR AB 4 32.13 -65.36 -6.65
C THR AB 4 32.13 -64.34 -7.78
N GLN AB 5 30.95 -64.00 -8.26
CA GLN AB 5 30.82 -62.98 -9.30
C GLN AB 5 31.11 -61.61 -8.72
N PRO AB 6 31.41 -60.62 -9.58
CA PRO AB 6 31.62 -59.25 -9.09
C PRO AB 6 30.41 -58.78 -8.29
N SER AB 7 30.68 -58.17 -7.14
CA SER AB 7 29.63 -57.83 -6.19
C SER AB 7 30.18 -56.83 -5.18
N VAL AB 8 29.29 -56.40 -4.28
CA VAL AB 8 29.64 -55.54 -3.16
C VAL AB 8 29.61 -56.39 -1.90
N THR AB 9 30.68 -56.33 -1.11
CA THR AB 9 30.83 -57.22 0.03
C THR AB 9 31.37 -56.45 1.23
N ILE AB 10 31.21 -57.05 2.41
CA ILE AB 10 31.70 -56.49 3.66
C ILE AB 10 32.94 -57.28 4.08
N THR AB 11 33.99 -56.57 4.47
CA THR AB 11 35.24 -57.20 4.88
C THR AB 11 35.72 -56.59 6.19
N GLU AB 12 36.52 -57.38 6.92
CA GLU AB 12 37.19 -56.92 8.12
C GLU AB 12 38.65 -56.61 7.88
N ASN AB 13 39.11 -56.69 6.63
CA ASN AB 13 40.49 -56.40 6.30
C ASN AB 13 40.75 -54.89 6.36
N LEU AB 14 42.02 -54.53 6.29
CA LEU AB 14 42.43 -53.14 6.29
C LEU AB 14 43.44 -52.89 5.17
N ILE AB 15 43.41 -51.69 4.63
CA ILE AB 15 44.35 -51.27 3.60
C ILE AB 15 45.37 -50.33 4.22
N PHE AB 16 46.58 -50.33 3.66
CA PHE AB 16 47.70 -49.53 4.17
C PHE AB 16 48.34 -48.77 3.03
N PRO AB 17 47.69 -47.71 2.54
CA PRO AB 17 48.29 -46.91 1.47
C PRO AB 17 49.48 -46.12 1.97
N LYS AB 18 50.39 -45.80 1.05
CA LYS AB 18 51.56 -45.01 1.40
C LYS AB 18 51.16 -43.59 1.74
N GLN AB 19 51.82 -43.02 2.74
CA GLN AB 19 51.57 -41.67 3.19
C GLN AB 19 52.79 -40.79 2.93
N ASN AB 20 52.54 -39.56 2.50
CA ASN AB 20 53.61 -38.64 2.12
C ASN AB 20 53.66 -37.39 3.00
N ASP AB 21 52.84 -37.32 4.03
CA ASP AB 21 52.84 -36.14 4.90
C ASP AB 21 54.12 -36.11 5.74
N SER AB 22 54.47 -34.90 6.19
CA SER AB 22 55.67 -34.68 6.97
C SER AB 22 55.33 -33.84 8.20
N PHE AB 23 56.09 -34.06 9.27
CA PHE AB 23 55.89 -33.34 10.52
C PHE AB 23 57.25 -32.94 11.09
N ILE AB 24 57.26 -31.84 11.83
CA ILE AB 24 58.50 -31.37 12.45
C ILE AB 24 58.93 -32.30 13.57
N GLY AB 25 57.99 -32.72 14.42
CA GLY AB 25 58.32 -33.55 15.56
C GLY AB 25 57.77 -34.96 15.47
N ILE AB 26 58.66 -35.94 15.39
CA ILE AB 26 58.29 -37.35 15.30
C ILE AB 26 58.96 -38.08 16.46
N PRO AB 27 58.20 -38.76 17.33
CA PRO AB 27 58.81 -39.50 18.43
C PRO AB 27 59.16 -40.93 18.02
N VAL AB 28 59.99 -41.55 18.86
CA VAL AB 28 60.32 -42.97 18.73
C VAL AB 28 60.08 -43.64 20.08
N PHE AB 29 59.33 -44.73 20.07
CA PHE AB 29 59.04 -45.49 21.28
C PHE AB 29 60.09 -46.59 21.43
N ILE AB 30 60.93 -46.46 22.45
CA ILE AB 30 62.02 -47.40 22.69
C ILE AB 30 61.67 -48.22 23.92
N GLY AB 31 61.50 -49.53 23.73
CA GLY AB 31 61.18 -50.40 24.84
C GLY AB 31 60.89 -51.80 24.36
N TYR AB 32 60.53 -52.65 25.32
CA TYR AB 32 60.25 -54.05 25.05
C TYR AB 32 58.84 -54.20 24.48
N THR AB 33 58.73 -54.89 23.35
CA THR AB 33 57.45 -55.11 22.69
C THR AB 33 56.97 -56.53 22.91
N SER AB 34 55.77 -56.82 22.40
CA SER AB 34 55.16 -58.14 22.58
C SER AB 34 55.94 -59.21 21.84
N SER AB 35 56.30 -58.95 20.59
CA SER AB 35 56.97 -59.96 19.78
C SER AB 35 58.35 -59.47 19.33
N PRO AB 36 59.29 -60.39 19.13
CA PRO AB 36 60.63 -59.97 18.70
C PRO AB 36 60.64 -59.52 17.24
N VAL AB 37 61.45 -58.50 16.97
CA VAL AB 37 61.66 -57.99 15.61
C VAL AB 37 63.15 -57.74 15.41
N ASP AB 38 63.49 -57.20 14.26
CA ASP AB 38 64.89 -56.93 13.91
C ASP AB 38 65.36 -55.64 14.59
N LYS AB 39 66.52 -55.15 14.20
CA LYS AB 39 67.13 -53.98 14.81
C LYS AB 39 66.73 -52.67 14.15
N THR AB 40 65.85 -52.72 13.16
CA THR AB 40 65.41 -51.51 12.46
C THR AB 40 64.23 -50.87 13.19
N ALA AB 41 63.96 -49.61 12.85
CA ALA AB 41 62.88 -48.85 13.44
C ALA AB 41 61.68 -48.87 12.50
N ILE AB 42 60.55 -49.37 12.99
CA ILE AB 42 59.34 -49.46 12.19
C ILE AB 42 58.60 -48.13 12.24
N LYS AB 43 58.13 -47.67 11.09
CA LYS AB 43 57.34 -46.45 11.00
C LYS AB 43 55.86 -46.80 11.02
N LEU AB 44 55.11 -46.12 11.87
CA LEU AB 44 53.67 -46.35 12.02
C LEU AB 44 52.91 -45.10 11.59
N HIS AB 45 51.88 -45.28 10.77
CA HIS AB 45 51.03 -44.19 10.35
C HIS AB 45 49.70 -44.17 11.08
N SER AB 46 49.35 -45.25 11.78
CA SER AB 46 48.12 -45.34 12.55
C SER AB 46 48.25 -46.55 13.46
N LEU AB 47 47.24 -46.75 14.31
CA LEU AB 47 47.24 -47.90 15.21
C LEU AB 47 47.15 -49.22 14.45
N ALA AB 48 46.60 -49.21 13.24
CA ALA AB 48 46.54 -50.43 12.45
C ALA AB 48 47.93 -50.95 12.12
N ASP AB 49 48.86 -50.04 11.84
CA ASP AB 49 50.22 -50.47 11.51
C ASP AB 49 50.88 -51.18 12.68
N PHE AB 50 50.63 -50.71 13.90
CA PHE AB 50 51.19 -51.37 15.08
C PHE AB 50 50.65 -52.79 15.22
N ALA AB 51 49.35 -52.98 14.99
CA ALA AB 51 48.76 -54.31 15.10
C ALA AB 51 49.33 -55.24 14.05
N ARG AB 52 49.74 -54.70 12.90
CA ARG AB 52 50.30 -55.53 11.84
C ARG AB 52 51.64 -56.11 12.26
N SER AB 53 52.42 -55.36 13.04
CA SER AB 53 53.76 -55.81 13.43
C SER AB 53 53.79 -56.44 14.82
N PHE AB 54 52.94 -55.97 15.74
CA PHE AB 54 52.96 -56.46 17.11
C PHE AB 54 51.57 -56.84 17.56
N PRO AB 55 51.45 -57.78 18.50
CA PRO AB 55 50.16 -58.07 19.11
C PRO AB 55 49.66 -56.89 19.93
N GLU AB 56 48.34 -56.80 20.05
CA GLU AB 56 47.70 -55.67 20.74
C GLU AB 56 47.62 -55.95 22.24
N SER AB 57 48.79 -55.92 22.88
CA SER AB 57 48.88 -56.07 24.32
C SER AB 57 50.23 -55.56 24.79
N GLY AB 58 50.33 -55.31 26.09
CA GLY AB 58 51.55 -54.82 26.69
C GLY AB 58 51.55 -53.31 26.87
N LEU AB 59 52.57 -52.84 27.60
CA LEU AB 59 52.68 -51.41 27.86
C LEU AB 59 52.91 -50.62 26.57
N MET AB 60 53.73 -51.16 25.67
CA MET AB 60 54.04 -50.45 24.43
C MET AB 60 52.79 -50.26 23.58
N TYR AB 61 51.90 -51.24 23.58
CA TYR AB 61 50.68 -51.11 22.78
C TYR AB 61 49.82 -49.96 23.27
N TYR AB 62 49.67 -49.83 24.58
CA TYR AB 62 48.79 -48.78 25.11
C TYR AB 62 49.44 -47.40 25.03
N SER AB 63 50.77 -47.33 25.15
CA SER AB 63 51.45 -46.05 24.97
C SER AB 63 51.30 -45.55 23.54
N VAL AB 64 51.46 -46.44 22.56
CA VAL AB 64 51.26 -46.06 21.17
C VAL AB 64 49.80 -45.70 20.92
N ARG AB 65 48.88 -46.50 21.47
CA ARG AB 65 47.46 -46.19 21.33
C ARG AB 65 47.12 -44.84 21.95
N HIS AB 66 47.69 -44.55 23.12
CA HIS AB 66 47.46 -43.26 23.75
C HIS AB 66 47.98 -42.11 22.91
N PHE AB 67 49.12 -42.32 22.23
CA PHE AB 67 49.66 -41.30 21.33
C PHE AB 67 48.70 -41.02 20.18
N PHE AB 68 48.15 -42.07 19.56
CA PHE AB 68 47.32 -41.87 18.37
C PHE AB 68 45.97 -41.28 18.72
N GLU AB 69 45.42 -41.62 19.89
CA GLU AB 69 44.11 -41.10 20.28
C GLU AB 69 44.19 -39.68 20.82
N ASN AB 70 45.39 -39.13 20.99
CA ASN AB 70 45.57 -37.75 21.41
C ASN AB 70 45.89 -36.81 20.27
N GLY AB 71 45.70 -37.26 19.02
CA GLY AB 71 45.98 -36.44 17.86
C GLY AB 71 47.27 -36.77 17.13
N GLY AB 72 47.96 -37.83 17.50
CA GLY AB 72 49.18 -38.20 16.80
C GLY AB 72 48.90 -38.72 15.40
N GLN AB 73 49.93 -38.61 14.55
CA GLN AB 73 49.80 -39.00 13.16
C GLN AB 73 50.94 -39.87 12.64
N GLN AB 74 52.12 -39.84 13.26
CA GLN AB 74 53.26 -40.60 12.74
C GLN AB 74 54.24 -40.84 13.88
N ALA AB 75 54.72 -42.07 14.00
CA ALA AB 75 55.59 -42.44 15.10
C ALA AB 75 56.50 -43.59 14.67
N TYR AB 76 57.54 -43.80 15.47
CA TYR AB 76 58.49 -44.90 15.25
C TYR AB 76 58.53 -45.78 16.49
N VAL AB 77 58.79 -47.07 16.28
CA VAL AB 77 58.90 -48.04 17.36
C VAL AB 77 60.24 -48.75 17.23
N LEU AB 78 61.02 -48.73 18.30
CA LEU AB 78 62.30 -49.43 18.36
C LEU AB 78 62.24 -50.42 19.51
N SER AB 79 62.31 -51.71 19.19
CA SER AB 79 62.14 -52.78 20.15
C SER AB 79 63.48 -53.20 20.72
N LEU AB 80 63.58 -53.23 22.05
CA LEU AB 80 64.77 -53.71 22.73
C LEU AB 80 64.76 -55.22 22.95
N GLY AB 81 63.66 -55.88 22.68
CA GLY AB 81 63.55 -57.31 22.87
C GLY AB 81 62.13 -57.69 23.22
N THR AB 82 61.97 -58.95 23.60
CA THR AB 82 60.67 -59.50 23.97
C THR AB 82 60.39 -59.19 25.44
N GLU AB 83 59.10 -59.13 25.78
CA GLU AB 83 58.69 -58.76 27.13
C GLU AB 83 59.17 -59.76 28.18
N GLN AB 84 59.58 -60.97 27.77
CA GLN AB 84 60.10 -61.93 28.73
C GLN AB 84 61.47 -61.56 29.27
N GLN AB 85 62.12 -60.53 28.72
CA GLN AB 85 63.48 -60.18 29.11
C GLN AB 85 63.55 -59.03 30.11
N LEU AB 86 62.42 -58.52 30.59
CA LEU AB 86 62.45 -57.49 31.63
C LEU AB 86 62.74 -58.12 32.98
N SER AB 87 63.77 -57.60 33.66
CA SER AB 87 64.13 -58.09 34.97
C SER AB 87 64.01 -57.02 36.05
N ASP AB 88 64.64 -55.86 35.87
CA ASP AB 88 64.61 -54.81 36.87
C ASP AB 88 65.01 -53.49 36.22
N PHE AB 89 65.09 -52.43 37.04
CA PHE AB 89 65.37 -51.10 36.53
C PHE AB 89 66.78 -51.00 35.96
N SER AB 90 67.78 -51.55 36.66
CA SER AB 90 69.16 -51.41 36.21
C SER AB 90 69.40 -52.11 34.87
N SER AB 91 68.70 -53.22 34.64
CA SER AB 91 68.82 -53.90 33.36
C SER AB 91 68.32 -53.04 32.22
N LEU AB 92 67.21 -52.32 32.44
CA LEU AB 92 66.69 -51.44 31.41
C LEU AB 92 67.67 -50.33 31.08
N ILE AB 93 68.33 -49.77 32.11
CA ILE AB 93 69.33 -48.73 31.87
C ILE AB 93 70.48 -49.28 31.04
N THR AB 94 70.91 -50.51 31.33
CA THR AB 94 71.95 -51.13 30.53
C THR AB 94 71.50 -51.33 29.08
N ALA AB 95 70.24 -51.75 28.90
CA ALA AB 95 69.72 -51.95 27.55
C ALA AB 95 69.69 -50.64 26.77
N LEU AB 96 69.33 -49.54 27.43
CA LEU AB 96 69.31 -48.25 26.77
C LEU AB 96 70.71 -47.73 26.48
N GLN AB 97 71.74 -48.32 27.07
CA GLN AB 97 73.12 -47.90 26.88
C GLN AB 97 73.84 -48.71 25.80
N GLN AB 98 73.12 -49.54 25.06
CA GLN AB 98 73.74 -50.35 24.02
C GLN AB 98 74.25 -49.46 22.89
N ALA AB 99 75.10 -50.04 22.05
CA ALA AB 99 75.79 -49.30 21.00
C ALA AB 99 74.97 -49.14 19.72
N TRP AB 100 74.18 -50.14 19.35
CA TRP AB 100 73.46 -50.08 18.08
C TRP AB 100 72.30 -49.10 18.14
N LEU AB 101 71.85 -48.71 19.32
CA LEU AB 101 70.72 -47.79 19.44
C LEU AB 101 71.06 -46.43 18.82
N ALA AB 102 72.24 -45.91 19.11
CA ALA AB 102 72.62 -44.60 18.59
C ALA AB 102 72.74 -44.61 17.08
N GLN AB 103 73.33 -45.67 16.51
CA GLN AB 103 73.49 -45.74 15.07
C GLN AB 103 72.14 -45.82 14.36
N THR AB 104 71.20 -46.60 14.90
CA THR AB 104 69.89 -46.71 14.29
C THR AB 104 69.15 -45.37 14.36
N ILE AB 105 69.21 -44.68 15.50
CA ILE AB 105 68.54 -43.40 15.64
C ILE AB 105 69.18 -42.36 14.73
N ALA AB 106 70.51 -42.32 14.67
CA ALA AB 106 71.19 -41.34 13.81
C ALA AB 106 70.91 -41.58 12.34
N ALA AB 107 70.77 -42.85 11.94
CA ALA AB 107 70.49 -43.16 10.54
C ALA AB 107 69.13 -42.64 10.11
N GLU AB 108 68.16 -42.64 11.03
CA GLU AB 108 66.82 -42.15 10.72
C GLU AB 108 66.78 -40.65 10.93
N ASN AB 109 66.38 -39.92 9.89
CA ASN AB 109 66.35 -38.46 9.95
C ASN AB 109 65.00 -37.90 10.36
N ASP AB 110 63.98 -38.75 10.54
CA ASP AB 110 62.66 -38.27 10.91
C ASP AB 110 62.49 -38.16 12.41
N ILE AB 111 63.24 -38.95 13.19
CA ILE AB 111 63.07 -38.97 14.63
C ILE AB 111 63.51 -37.63 15.21
N THR AB 112 62.67 -37.07 16.09
CA THR AB 112 62.97 -35.77 16.70
C THR AB 112 62.76 -35.85 18.21
N LEU AB 113 61.95 -36.82 18.65
CA LEU AB 113 61.68 -37.01 20.07
C LEU AB 113 61.92 -38.46 20.46
N ILE AB 114 62.22 -38.68 21.73
CA ILE AB 114 62.54 -40.01 22.26
C ILE AB 114 61.63 -40.28 23.46
N ILE AB 115 60.98 -41.43 23.45
CA ILE AB 115 60.08 -41.84 24.53
C ILE AB 115 60.43 -43.26 24.94
N THR AB 116 60.51 -43.50 26.25
CA THR AB 116 60.73 -44.83 26.81
C THR AB 116 59.57 -45.18 27.72
N PRO AB 117 58.58 -45.94 27.24
CA PRO AB 117 57.41 -46.25 28.08
C PRO AB 117 57.67 -47.27 29.18
N ASP AB 118 58.80 -47.97 29.17
CA ASP AB 118 59.02 -49.08 30.08
C ASP AB 118 59.55 -48.66 31.44
N VAL AB 119 59.78 -47.36 31.66
CA VAL AB 119 60.27 -46.91 32.97
C VAL AB 119 59.19 -47.06 34.05
N ILE AB 120 57.93 -47.21 33.65
CA ILE AB 120 56.83 -47.25 34.60
C ILE AB 120 56.65 -48.62 35.23
N ARG AB 121 57.19 -49.68 34.60
CA ARG AB 121 56.88 -51.04 35.02
C ARG AB 121 57.39 -51.34 36.43
N PHE AB 122 58.57 -50.84 36.78
CA PHE AB 122 59.28 -51.32 37.96
C PHE AB 122 58.73 -50.66 39.22
N ASP AB 123 59.11 -51.24 40.36
CA ASP AB 123 58.62 -50.79 41.66
C ASP AB 123 59.30 -49.50 42.08
N GLN AB 124 58.55 -48.67 42.81
CA GLN AB 124 59.03 -47.37 43.27
C GLN AB 124 58.65 -47.13 44.72
N THR AB 125 58.89 -48.12 45.58
CA THR AB 125 58.50 -48.05 46.98
C THR AB 125 59.64 -47.71 47.92
N GLU AB 126 60.83 -47.39 47.40
CA GLU AB 126 61.97 -47.06 48.22
C GLU AB 126 62.57 -45.73 47.77
N ILE AB 127 62.94 -44.90 48.73
CA ILE AB 127 63.39 -43.54 48.46
C ILE AB 127 64.87 -43.51 48.85
N SER AB 128 65.55 -44.63 48.66
CA SER AB 128 66.97 -44.70 48.98
C SER AB 128 67.79 -43.92 47.94
N ASP AB 129 69.02 -43.59 48.32
CA ASP AB 129 69.93 -42.91 47.39
C ASP AB 129 70.32 -43.80 46.22
N THR AB 130 70.18 -45.13 46.36
CA THR AB 130 70.42 -46.01 45.24
C THR AB 130 69.42 -45.77 44.12
N GLN AB 131 68.14 -45.59 44.49
CA GLN AB 131 67.13 -45.28 43.49
C GLN AB 131 67.38 -43.92 42.85
N ARG AB 132 67.78 -42.92 43.65
CA ARG AB 132 68.07 -41.60 43.11
C ARG AB 132 69.20 -41.66 42.09
N ASP AB 133 70.24 -42.43 42.39
CA ASP AB 133 71.33 -42.59 41.42
C ASP AB 133 70.87 -43.34 40.19
N LEU AB 134 69.97 -44.31 40.35
CA LEU AB 134 69.43 -45.03 39.20
C LEU AB 134 68.66 -44.09 38.27
N TRP AB 135 67.85 -43.21 38.84
CA TRP AB 135 67.09 -42.26 38.02
C TRP AB 135 68.02 -41.29 37.30
N LEU AB 136 69.08 -40.85 37.97
CA LEU AB 136 70.04 -39.96 37.33
C LEU AB 136 70.74 -40.65 36.17
N GLN AB 137 71.02 -41.94 36.31
CA GLN AB 137 71.63 -42.69 35.21
C GLN AB 137 70.68 -42.79 34.01
N LEU AB 138 69.39 -42.99 34.27
CA LEU AB 138 68.43 -43.13 33.19
C LEU AB 138 68.33 -41.84 32.38
N TRP AB 139 68.28 -40.69 33.07
CA TRP AB 139 68.20 -39.42 32.37
C TRP AB 139 69.44 -39.19 31.51
N GLN AB 140 70.61 -39.51 32.05
CA GLN AB 140 71.84 -39.35 31.27
C GLN AB 140 71.90 -40.32 30.10
N SER AB 141 71.40 -41.54 30.28
CA SER AB 141 71.41 -42.52 29.19
C SER AB 141 70.54 -42.07 28.04
N VAL AB 142 69.35 -41.51 28.34
CA VAL AB 142 68.47 -41.03 27.29
C VAL AB 142 69.07 -39.79 26.61
N LEU AB 143 69.66 -38.89 27.40
CA LEU AB 143 70.24 -37.69 26.83
C LEU AB 143 71.42 -38.00 25.92
N ASN AB 144 72.16 -39.08 26.21
CA ASN AB 144 73.23 -39.48 25.31
C ASN AB 144 72.69 -39.93 23.96
N LEU AB 145 71.50 -40.54 23.96
CA LEU AB 145 70.87 -40.92 22.70
C LEU AB 145 70.45 -39.69 21.90
N CYS AB 146 70.03 -38.63 22.59
CA CYS AB 146 69.64 -37.41 21.89
C CYS AB 146 70.84 -36.75 21.22
N LYS AB 147 72.04 -36.93 21.79
CA LYS AB 147 73.23 -36.33 21.20
C LYS AB 147 73.69 -37.03 19.93
N SER AB 148 73.09 -38.17 19.59
CA SER AB 148 73.49 -38.88 18.38
C SER AB 148 73.24 -38.05 17.12
N ARG AB 149 72.34 -37.07 17.19
CA ARG AB 149 72.07 -36.20 16.05
C ARG AB 149 71.44 -34.92 16.57
N ARG AB 150 71.86 -33.79 16.00
CA ARG AB 150 71.37 -32.49 16.44
C ARG AB 150 69.85 -32.38 16.24
N GLY AB 151 69.19 -31.81 17.24
CA GLY AB 151 67.77 -31.52 17.13
C GLY AB 151 66.84 -32.48 17.85
N ILE AB 152 67.35 -33.55 18.43
CA ILE AB 152 66.51 -34.53 19.11
C ILE AB 152 66.36 -34.13 20.57
N MET AB 153 65.12 -34.17 21.07
CA MET AB 153 64.82 -33.82 22.44
C MET AB 153 64.17 -35.03 23.13
N GLY AB 154 64.57 -35.28 24.37
CA GLY AB 154 64.09 -36.46 25.08
C GLY AB 154 63.04 -36.11 26.12
N LEU AB 155 61.88 -36.78 26.01
CA LEU AB 155 60.81 -36.65 26.99
C LEU AB 155 61.02 -37.71 28.06
N LEU AB 156 61.20 -37.25 29.30
CA LEU AB 156 61.65 -38.12 30.39
C LEU AB 156 60.55 -38.30 31.41
N ASP AB 157 60.63 -39.42 32.15
CA ASP AB 157 59.76 -39.63 33.29
C ASP AB 157 60.45 -39.16 34.57
N ALA AB 158 59.68 -39.13 35.65
CA ALA AB 158 60.15 -38.69 36.94
C ALA AB 158 59.76 -39.72 38.01
N PRO AB 159 60.50 -39.78 39.12
CA PRO AB 159 60.11 -40.69 40.20
C PRO AB 159 58.71 -40.37 40.71
N ASP AB 160 57.97 -41.42 41.03
CA ASP AB 160 56.57 -41.26 41.44
C ASP AB 160 56.48 -40.49 42.75
N ASP AB 161 57.37 -40.77 43.70
CA ASP AB 161 57.35 -40.08 44.98
C ASP AB 161 57.85 -38.66 44.79
N PRO AB 162 57.08 -37.64 45.20
CA PRO AB 162 57.53 -36.25 44.98
C PRO AB 162 58.81 -35.91 45.70
N THR AB 163 59.06 -36.47 46.89
CA THR AB 163 60.30 -36.18 47.59
C THR AB 163 61.51 -36.73 46.85
N LEU AB 164 61.39 -37.94 46.29
CA LEU AB 164 62.48 -38.50 45.51
C LEU AB 164 62.71 -37.69 44.24
N ALA AB 165 61.63 -37.27 43.57
CA ALA AB 165 61.76 -36.50 42.35
C ALA AB 165 62.42 -35.15 42.62
N ALA AB 166 62.07 -34.51 43.73
CA ALA AB 166 62.70 -33.24 44.09
C ALA AB 166 64.19 -33.43 44.36
N LYS AB 167 64.56 -34.56 44.96
CA LYS AB 167 65.97 -34.84 45.19
C LYS AB 167 66.73 -34.99 43.88
N CYS AB 168 66.13 -35.67 42.90
CA CYS AB 168 66.81 -35.88 41.62
C CYS AB 168 67.07 -34.57 40.90
N LEU AB 169 66.10 -33.64 40.95
CA LEU AB 169 66.27 -32.36 40.26
C LEU AB 169 67.43 -31.56 40.83
N GLN AB 170 67.57 -31.55 42.15
CA GLN AB 170 68.62 -30.74 42.78
C GLN AB 170 70.01 -31.30 42.50
N GLN AB 171 70.14 -32.63 42.52
CA GLN AB 171 71.45 -33.27 42.40
C GLN AB 171 71.80 -33.69 40.99
N PHE AB 172 70.94 -33.42 40.00
CA PHE AB 172 71.26 -33.77 38.63
C PHE AB 172 72.35 -32.85 38.10
N SER AB 173 73.36 -33.43 37.46
CA SER AB 173 74.46 -32.68 36.88
C SER AB 173 74.80 -33.25 35.52
N SER AB 174 74.74 -32.41 34.50
CA SER AB 174 75.04 -32.83 33.13
C SER AB 174 75.22 -31.59 32.27
N ALA AB 175 75.85 -31.79 31.12
CA ALA AB 175 75.99 -30.73 30.13
C ALA AB 175 74.92 -30.79 29.05
N ASP AB 176 73.97 -31.72 29.17
CA ASP AB 176 72.93 -31.89 28.18
C ASP AB 176 71.54 -31.56 28.71
N ARG AB 177 71.43 -30.62 29.65
CA ARG AB 177 70.15 -30.25 30.24
C ARG AB 177 69.19 -29.72 29.19
N GLN AB 178 69.70 -28.94 28.23
CA GLN AB 178 68.85 -28.26 27.28
C GLN AB 178 68.10 -29.21 26.34
N TRP AB 179 68.49 -30.48 26.30
CA TRP AB 179 67.81 -31.46 25.45
C TRP AB 179 66.85 -32.35 26.22
N GLY AB 180 66.67 -32.11 27.52
CA GLY AB 180 65.79 -32.97 28.32
C GLY AB 180 64.58 -32.26 28.88
N VAL AB 181 63.43 -32.92 28.81
CA VAL AB 181 62.17 -32.41 29.34
C VAL AB 181 61.52 -33.53 30.15
N VAL AB 182 61.04 -33.19 31.35
CA VAL AB 182 60.49 -34.17 32.27
C VAL AB 182 59.05 -33.78 32.63
N TYR AB 183 58.17 -34.76 32.69
CA TYR AB 183 56.77 -34.55 33.04
C TYR AB 183 56.39 -35.45 34.21
N TRP AB 184 55.41 -34.99 34.98
CA TRP AB 184 55.02 -35.63 36.24
C TRP AB 184 53.60 -35.20 36.58
N PRO AB 185 52.79 -36.09 37.17
CA PRO AB 185 53.02 -37.50 37.50
C PRO AB 185 52.52 -38.45 36.43
N LEU AB 186 52.38 -39.73 36.78
CA LEU AB 186 51.79 -40.69 35.88
C LEU AB 186 50.30 -40.41 35.70
N LEU AB 187 49.74 -40.91 34.60
CA LEU AB 187 48.35 -40.69 34.25
C LEU AB 187 47.57 -42.00 34.33
N LYS AB 188 46.35 -41.93 34.84
CA LYS AB 188 45.45 -43.08 34.88
C LYS AB 188 44.60 -43.04 33.62
N SER AB 189 44.97 -43.87 32.65
CA SER AB 189 44.34 -43.82 31.33
C SER AB 189 42.91 -44.36 31.41
N ALA AB 190 42.17 -44.13 30.32
CA ALA AB 190 40.78 -44.58 30.24
C ALA AB 190 40.66 -46.05 29.85
N TYR AB 191 41.77 -46.71 29.54
CA TYR AB 191 41.72 -48.12 29.14
C TYR AB 191 41.73 -49.00 30.38
N GLN AB 192 41.14 -50.20 30.24
CA GLN AB 192 41.02 -51.15 31.32
C GLN AB 192 41.70 -52.46 30.95
N ASP AB 193 42.34 -53.09 31.93
CA ASP AB 193 43.01 -54.37 31.72
C ASP AB 193 42.04 -55.50 32.01
N ASN AB 194 42.55 -56.73 32.11
CA ASN AB 194 41.69 -57.90 32.23
C ASN AB 194 40.92 -57.95 33.54
N THR AB 195 41.43 -57.32 34.60
CA THR AB 195 40.71 -57.25 35.86
C THR AB 195 39.92 -55.95 36.01
N GLN AB 196 39.70 -55.23 34.90
CA GLN AB 196 38.88 -54.01 34.89
C GLN AB 196 39.49 -52.90 35.75
N ASN AB 197 40.81 -52.93 35.93
CA ASN AB 197 41.47 -51.81 36.58
C ASN AB 197 42.04 -50.86 35.52
N PRO AB 198 42.01 -49.56 35.78
CA PRO AB 198 42.54 -48.60 34.79
C PRO AB 198 44.04 -48.77 34.61
N ILE AB 199 44.48 -48.66 33.36
CA ILE AB 199 45.90 -48.80 33.05
C ILE AB 199 46.61 -47.47 33.28
N VAL AB 200 47.73 -47.52 33.98
CA VAL AB 200 48.52 -46.34 34.30
C VAL AB 200 49.59 -46.17 33.24
N LEU AB 201 49.70 -44.96 32.68
CA LEU AB 201 50.63 -44.67 31.60
C LEU AB 201 51.42 -43.42 31.93
N SER AB 202 52.60 -43.34 31.33
CA SER AB 202 53.42 -42.14 31.45
C SER AB 202 52.80 -40.99 30.65
N PRO AB 203 52.93 -39.75 31.11
CA PRO AB 203 52.36 -38.63 30.37
C PRO AB 203 53.12 -38.31 29.09
N THR AB 204 54.33 -38.85 28.91
CA THR AB 204 55.14 -38.47 27.76
C THR AB 204 54.52 -38.91 26.44
N ALA AB 205 53.74 -39.99 26.46
CA ALA AB 205 53.10 -40.46 25.23
C ALA AB 205 52.09 -39.44 24.71
N ALA AB 206 51.26 -38.88 25.62
CA ALA AB 206 50.28 -37.90 25.20
C ALA AB 206 50.93 -36.57 24.86
N VAL AB 207 52.01 -36.21 25.56
CA VAL AB 207 52.69 -34.94 25.30
C VAL AB 207 53.28 -34.93 23.90
N ALA AB 208 53.83 -36.06 23.46
CA ALA AB 208 54.40 -36.12 22.12
C ALA AB 208 53.35 -35.90 21.05
N ALA AB 209 52.15 -36.46 21.23
CA ALA AB 209 51.07 -36.20 20.29
C ALA AB 209 50.68 -34.72 20.29
N VAL AB 210 50.68 -34.10 21.48
CA VAL AB 210 50.37 -32.68 21.57
C VAL AB 210 51.43 -31.86 20.84
N ILE AB 211 52.71 -32.19 21.03
CA ILE AB 211 53.78 -31.44 20.39
C ILE AB 211 53.68 -31.55 18.87
N GLN AB 212 53.46 -32.77 18.36
CA GLN AB 212 53.32 -32.97 16.93
C GLN AB 212 52.11 -32.22 16.39
N ARG AB 213 50.99 -32.27 17.10
CA ARG AB 213 49.79 -31.55 16.67
C ARG AB 213 49.98 -30.04 16.75
N ASN AB 214 50.61 -29.56 17.82
CA ASN AB 214 50.73 -28.12 18.04
C ASN AB 214 51.59 -27.45 16.99
N ASP AB 215 52.55 -28.17 16.40
CA ASP AB 215 53.43 -27.58 15.40
C ASP AB 215 52.65 -27.16 14.16
N ASN AB 216 51.73 -28.00 13.70
CA ASN AB 216 50.97 -27.69 12.50
C ASN AB 216 49.89 -26.65 12.77
N GLN AB 217 49.35 -26.63 13.99
CA GLN AB 217 48.26 -25.71 14.31
C GLN AB 217 48.77 -24.33 14.67
N GLN AB 218 49.59 -24.23 15.73
CA GLN AB 218 50.03 -22.95 16.24
C GLN AB 218 51.42 -22.55 15.79
N GLY AB 219 52.30 -23.52 15.53
CA GLY AB 219 53.66 -23.21 15.15
C GLY AB 219 54.68 -23.78 16.10
N VAL AB 220 55.90 -24.00 15.62
CA VAL AB 220 56.94 -24.59 16.45
C VAL AB 220 57.41 -23.63 17.55
N TRP AB 221 57.11 -22.33 17.41
CA TRP AB 221 57.52 -21.33 18.38
C TRP AB 221 56.50 -21.13 19.49
N THR AB 222 55.43 -21.92 19.50
CA THR AB 222 54.36 -21.79 20.49
C THR AB 222 54.52 -22.86 21.55
N ALA AB 223 54.43 -22.46 22.81
CA ALA AB 223 54.62 -23.40 23.91
C ALA AB 223 53.52 -24.45 23.90
N PRO AB 224 53.86 -25.74 24.03
CA PRO AB 224 52.83 -26.79 24.05
C PRO AB 224 52.11 -26.97 25.37
N ALA AB 225 52.25 -26.03 26.30
CA ALA AB 225 51.57 -26.12 27.58
C ALA AB 225 50.14 -25.62 27.48
N ASN AB 226 49.40 -25.79 28.58
CA ASN AB 226 48.01 -25.36 28.68
C ASN AB 226 47.15 -25.97 27.56
N ILE AB 227 47.27 -27.28 27.41
CA ILE AB 227 46.49 -28.04 26.42
C ILE AB 227 45.92 -29.26 27.12
N ALA AB 228 44.62 -29.49 26.93
CA ALA AB 228 43.96 -30.62 27.57
C ALA AB 228 44.34 -31.94 26.91
N LEU AB 229 44.39 -33.00 27.70
CA LEU AB 229 44.69 -34.33 27.20
C LEU AB 229 43.42 -35.14 27.02
N SER AB 230 43.52 -36.20 26.22
CA SER AB 230 42.39 -37.07 25.90
C SER AB 230 42.63 -38.46 26.46
N LYS AB 231 41.52 -39.15 26.73
CA LYS AB 231 41.53 -40.53 27.23
C LYS AB 231 42.28 -40.65 28.55
N VAL AB 232 42.26 -39.60 29.37
CA VAL AB 232 42.90 -39.59 30.68
C VAL AB 232 41.82 -39.44 31.74
N ILE AB 233 41.74 -40.42 32.64
CA ILE AB 233 40.73 -40.38 33.70
C ILE AB 233 41.11 -39.36 34.76
N SER AB 234 42.33 -39.43 35.25
CA SER AB 234 42.80 -38.57 36.33
C SER AB 234 44.30 -38.78 36.50
N PRO AB 235 45.03 -37.75 36.93
CA PRO AB 235 46.42 -37.95 37.31
C PRO AB 235 46.52 -38.80 38.57
N VAL AB 236 47.64 -39.52 38.68
CA VAL AB 236 47.84 -40.39 39.83
C VAL AB 236 47.93 -39.63 41.14
N ARG AB 237 48.60 -38.47 41.15
CA ARG AB 237 48.76 -37.68 42.35
C ARG AB 237 48.21 -36.28 42.13
N ALA AB 238 47.69 -35.69 43.19
CA ALA AB 238 47.09 -34.36 43.11
C ALA AB 238 48.14 -33.29 42.92
N TYR AB 239 47.69 -32.11 42.48
CA TYR AB 239 48.59 -31.00 42.24
C TYR AB 239 49.18 -30.43 43.53
N ILE AB 240 48.59 -30.73 44.69
CA ILE AB 240 49.07 -30.17 45.95
C ILE AB 240 50.34 -30.82 46.46
N GLU AB 241 50.78 -31.90 45.82
CA GLU AB 241 52.00 -32.59 46.24
C GLU AB 241 53.24 -32.13 45.48
N ALA AB 242 53.09 -31.22 44.52
CA ALA AB 242 54.20 -30.83 43.66
C ALA AB 242 54.66 -29.39 43.91
N ASN AB 243 54.62 -28.93 45.16
CA ASN AB 243 55.03 -27.55 45.44
C ASN AB 243 56.54 -27.38 45.43
N ALA AB 244 57.29 -28.47 45.53
CA ALA AB 244 58.75 -28.41 45.52
C ALA AB 244 59.36 -28.76 44.18
N LEU AB 245 58.54 -28.96 43.15
CA LEU AB 245 59.03 -29.41 41.85
C LEU AB 245 59.13 -28.29 40.82
N PHE AB 246 58.85 -27.05 41.20
CA PHE AB 246 59.03 -25.90 40.32
C PHE AB 246 59.98 -24.92 40.98
N ASN AB 247 61.10 -24.63 40.31
CA ASN AB 247 62.10 -23.70 40.83
C ASN AB 247 62.38 -22.65 39.78
N PRO AB 248 62.00 -21.38 40.01
CA PRO AB 248 62.30 -20.34 39.01
C PRO AB 248 63.78 -20.12 38.77
N ASP AB 249 64.63 -20.50 39.71
CA ASP AB 249 66.08 -20.34 39.55
C ASP AB 249 66.79 -21.67 39.75
N GLY AB 250 66.27 -22.72 39.12
CA GLY AB 250 66.88 -24.02 39.24
C GLY AB 250 66.17 -25.02 38.36
N THR AB 251 66.51 -26.29 38.55
CA THR AB 251 65.87 -27.36 37.81
C THR AB 251 64.43 -27.55 38.27
N SER AB 252 63.53 -27.82 37.31
CA SER AB 252 62.12 -27.94 37.61
C SER AB 252 61.47 -28.92 36.64
N LEU AB 253 60.32 -29.42 37.05
CA LEU AB 253 59.51 -30.33 36.24
C LEU AB 253 58.41 -29.56 35.53
N ASN AB 254 57.70 -30.26 34.64
CA ASN AB 254 56.50 -29.72 34.02
C ASN AB 254 55.30 -30.48 34.56
N LEU AB 255 54.51 -29.81 35.39
CA LEU AB 255 53.42 -30.47 36.09
C LEU AB 255 52.28 -30.77 35.12
N VAL AB 256 51.66 -31.94 35.30
CA VAL AB 256 50.43 -32.30 34.61
C VAL AB 256 49.32 -32.28 35.64
N ARG AB 257 48.33 -31.40 35.44
CA ARG AB 257 47.36 -31.07 36.47
C ARG AB 257 45.98 -31.01 35.87
N SER AB 258 44.97 -31.30 36.68
CA SER AB 258 43.58 -31.19 36.29
C SER AB 258 42.98 -29.90 36.86
N PHE AB 259 41.91 -29.44 36.22
CA PHE AB 259 41.19 -28.26 36.67
C PHE AB 259 39.69 -28.54 36.64
N PRO AB 260 38.93 -27.89 37.52
CA PRO AB 260 37.47 -28.08 37.49
C PRO AB 260 36.84 -27.46 36.25
N GLY AB 261 36.33 -28.30 35.36
CA GLY AB 261 35.71 -27.84 34.13
C GLY AB 261 36.65 -27.70 32.96
N LYS AB 262 37.95 -27.90 33.16
CA LYS AB 262 38.94 -27.78 32.08
C LYS AB 262 39.66 -29.09 31.78
N GLY AB 263 39.47 -30.12 32.59
CA GLY AB 263 40.13 -31.38 32.36
C GLY AB 263 41.60 -31.35 32.75
N ILE AB 264 42.29 -32.43 32.40
CA ILE AB 264 43.71 -32.58 32.71
C ILE AB 264 44.51 -31.86 31.64
N ARG AB 265 45.38 -30.94 32.05
CA ARG AB 265 46.16 -30.13 31.13
C ARG AB 265 47.63 -30.18 31.51
N ILE AB 266 48.49 -29.95 30.51
CA ILE AB 266 49.91 -29.75 30.76
C ILE AB 266 50.12 -28.37 31.37
N TRP AB 267 50.91 -28.31 32.44
CA TRP AB 267 51.09 -27.07 33.17
C TRP AB 267 52.57 -26.74 33.32
N GLY AB 268 53.31 -26.81 32.22
CA GLY AB 268 54.72 -26.46 32.25
C GLY AB 268 55.32 -26.52 30.87
N CYS AB 269 56.35 -25.69 30.67
CA CYS AB 269 57.03 -25.64 29.39
C CYS AB 269 58.55 -25.52 29.53
N ARG AB 270 59.11 -25.82 30.70
CA ARG AB 270 60.53 -25.68 30.91
C ARG AB 270 61.28 -26.97 30.61
N THR AB 271 62.57 -26.83 30.34
CA THR AB 271 63.47 -27.96 30.18
C THR AB 271 64.30 -28.12 31.45
N LEU AB 272 65.28 -29.03 31.42
CA LEU AB 272 66.13 -29.25 32.57
C LEU AB 272 67.19 -28.18 32.73
N GLU AB 273 67.29 -27.24 31.81
CA GLU AB 273 68.30 -26.18 31.87
C GLU AB 273 68.06 -25.33 33.11
N ASN AB 274 68.97 -25.40 34.08
CA ASN AB 274 68.80 -24.72 35.36
C ASN AB 274 69.46 -23.36 35.42
N THR AB 275 70.30 -23.02 34.45
CA THR AB 275 70.97 -21.72 34.46
C THR AB 275 69.95 -20.60 34.27
N HIS AB 276 70.10 -19.53 35.06
CA HIS AB 276 69.13 -18.43 35.02
C HIS AB 276 69.20 -17.70 33.68
N ASP AB 277 70.40 -17.45 33.17
CA ASP AB 277 70.58 -16.65 31.97
C ASP AB 277 70.72 -17.49 30.70
N SER AB 278 70.61 -18.81 30.80
CA SER AB 278 70.73 -19.64 29.61
C SER AB 278 69.53 -19.43 28.70
N PRO AB 279 69.73 -19.46 27.37
CA PRO AB 279 68.63 -19.20 26.45
C PRO AB 279 67.74 -20.40 26.16
N TRP AB 280 68.05 -21.58 26.68
CA TRP AB 280 67.31 -22.79 26.37
C TRP AB 280 66.44 -23.26 27.54
N SER AB 281 65.92 -22.33 28.34
CA SER AB 281 65.13 -22.71 29.50
C SER AB 281 63.72 -23.17 29.14
N TYR AB 282 63.29 -22.99 27.90
CA TYR AB 282 61.94 -23.36 27.48
C TYR AB 282 62.02 -24.32 26.30
N ILE AB 283 61.07 -25.25 26.25
CA ILE AB 283 61.10 -26.29 25.21
C ILE AB 283 60.84 -25.68 23.84
N GLN AB 284 59.91 -24.73 23.76
CA GLN AB 284 59.57 -24.15 22.47
C GLN AB 284 60.72 -23.31 21.91
N THR AB 285 61.52 -22.71 22.80
CA THR AB 285 62.67 -21.94 22.33
C THR AB 285 63.75 -22.86 21.76
N ARG AB 286 64.03 -23.96 22.45
CA ARG AB 286 65.02 -24.92 21.96
C ARG AB 286 64.58 -25.59 20.67
N ARG AB 287 63.28 -25.88 20.55
CA ARG AB 287 62.79 -26.51 19.33
C ARG AB 287 62.70 -25.52 18.18
N LEU AB 288 62.46 -24.24 18.48
CA LEU AB 288 62.41 -23.24 17.42
C LEU AB 288 63.77 -23.06 16.77
N VAL AB 289 64.84 -22.98 17.57
CA VAL AB 289 66.16 -22.78 17.01
C VAL AB 289 66.62 -24.00 16.24
N SER AB 290 66.29 -25.20 16.73
CA SER AB 290 66.60 -26.41 15.98
C SER AB 290 65.80 -26.47 14.68
N TYR AB 291 64.63 -25.84 14.64
CA TYR AB 291 63.87 -25.76 13.41
C TYR AB 291 64.52 -24.79 12.43
N ILE AB 292 65.08 -23.69 12.95
CA ILE AB 292 65.82 -22.75 12.11
C ILE AB 292 67.12 -23.38 11.65
N GLU AB 293 67.78 -24.11 12.55
CA GLU AB 293 69.03 -24.78 12.17
C GLU AB 293 68.81 -25.80 11.07
N ALA AB 294 67.70 -26.55 11.14
CA ALA AB 294 67.45 -27.57 10.15
C ALA AB 294 67.28 -26.97 8.75
N TYR AB 295 66.58 -25.84 8.65
CA TYR AB 295 66.43 -25.20 7.35
C TYR AB 295 67.75 -24.70 6.80
N MET AB 296 68.52 -23.98 7.64
CA MET AB 296 69.81 -23.46 7.18
C MET AB 296 70.77 -24.59 6.83
N THR AB 297 70.62 -25.75 7.47
CA THR AB 297 71.40 -26.91 7.05
C THR AB 297 70.99 -27.38 5.66
N GLN AB 298 69.68 -27.43 5.40
CA GLN AB 298 69.21 -27.81 4.07
C GLN AB 298 69.63 -26.79 3.02
N LEU AB 299 69.51 -25.50 3.34
CA LEU AB 299 69.96 -24.46 2.41
C LEU AB 299 71.47 -24.53 2.21
N GLY AB 300 72.21 -24.77 3.29
CA GLY AB 300 73.66 -24.84 3.17
C GLY AB 300 74.15 -26.00 2.33
N ARG AB 301 73.42 -27.12 2.33
CA ARG AB 301 73.86 -28.29 1.58
C ARG AB 301 73.91 -28.02 0.09
N ALA AB 302 73.08 -27.11 -0.41
CA ALA AB 302 73.07 -26.79 -1.84
C ALA AB 302 74.32 -26.03 -2.27
N PHE AB 303 75.14 -25.57 -1.33
CA PHE AB 303 76.33 -24.79 -1.65
C PHE AB 303 77.62 -25.54 -1.39
N VAL AB 304 77.54 -26.82 -1.02
CA VAL AB 304 78.74 -27.63 -0.88
C VAL AB 304 79.32 -27.92 -2.26
N PHE AB 305 80.65 -27.97 -2.33
CA PHE AB 305 81.39 -28.21 -3.56
C PHE AB 305 81.17 -27.13 -4.61
N GLU AB 306 80.68 -25.97 -4.20
CA GLU AB 306 80.48 -24.83 -5.06
C GLU AB 306 81.67 -23.89 -4.97
N PRO AB 307 81.89 -23.05 -5.97
CA PRO AB 307 82.97 -22.06 -5.88
C PRO AB 307 82.79 -21.14 -4.69
N ASN AB 308 83.89 -20.86 -4.01
CA ASN AB 308 83.87 -20.07 -2.77
C ASN AB 308 84.23 -18.62 -3.11
N ASN AB 309 83.28 -17.93 -3.74
CA ASN AB 309 83.46 -16.55 -4.16
C ASN AB 309 82.32 -15.70 -3.61
N ALA AB 310 82.33 -14.42 -3.98
CA ALA AB 310 81.34 -13.49 -3.46
C ALA AB 310 79.96 -13.73 -4.06
N ILE AB 311 79.90 -14.22 -5.30
CA ILE AB 311 78.62 -14.49 -5.93
C ILE AB 311 77.88 -15.60 -5.18
N THR AB 312 78.59 -16.65 -4.78
CA THR AB 312 77.97 -17.74 -4.03
C THR AB 312 77.43 -17.23 -2.69
N TRP AB 313 78.19 -16.37 -2.00
CA TRP AB 313 77.76 -15.89 -0.70
C TRP AB 313 76.49 -15.06 -0.81
N MET AB 314 76.37 -14.25 -1.86
CA MET AB 314 75.17 -13.45 -2.05
C MET AB 314 73.94 -14.32 -2.29
N LYS AB 315 74.13 -15.45 -3.00
CA LYS AB 315 73.01 -16.36 -3.23
C LYS AB 315 72.50 -16.96 -1.92
N PHE AB 316 73.41 -17.34 -1.03
CA PHE AB 316 73.01 -17.85 0.26
C PHE AB 316 72.43 -16.76 1.14
N LYS AB 317 73.08 -15.60 1.17
CA LYS AB 317 72.64 -14.52 2.06
C LYS AB 317 71.29 -13.98 1.65
N GLY AB 318 71.02 -13.91 0.34
CA GLY AB 318 69.73 -13.43 -0.11
C GLY AB 318 68.60 -14.34 0.28
N GLN AB 319 68.79 -15.65 0.11
CA GLN AB 319 67.74 -16.61 0.46
C GLN AB 319 67.56 -16.73 1.96
N ALA AB 320 68.67 -16.78 2.71
CA ALA AB 320 68.57 -16.88 4.16
C ALA AB 320 67.88 -15.66 4.77
N HIS AB 321 68.21 -14.47 4.26
CA HIS AB 321 67.51 -13.26 4.70
C HIS AB 321 66.04 -13.32 4.31
N ASN AB 322 65.73 -13.90 3.16
CA ASN AB 322 64.35 -14.01 2.71
C ASN AB 322 63.53 -14.90 3.64
N TRP AB 323 64.07 -16.07 3.99
CA TRP AB 323 63.30 -17.03 4.77
C TRP AB 323 63.10 -16.58 6.20
N LEU AB 324 64.16 -16.09 6.85
CA LEU AB 324 64.03 -15.64 8.24
C LEU AB 324 63.05 -14.49 8.35
N ARG AB 325 63.06 -13.59 7.37
CA ARG AB 325 62.13 -12.46 7.34
C ARG AB 325 60.69 -12.95 7.25
N GLN AB 326 60.42 -13.97 6.44
CA GLN AB 326 59.07 -14.50 6.37
C GLN AB 326 58.64 -15.07 7.71
N LEU AB 327 59.55 -15.75 8.42
CA LEU AB 327 59.23 -16.27 9.74
C LEU AB 327 58.97 -15.13 10.74
N TRP AB 328 59.72 -14.03 10.61
CA TRP AB 328 59.52 -12.89 11.50
C TRP AB 328 58.14 -12.27 11.32
N LEU AB 329 57.69 -12.15 10.07
CA LEU AB 329 56.39 -11.55 9.80
C LEU AB 329 55.24 -12.46 10.19
N LYS AB 330 55.51 -13.72 10.51
CA LYS AB 330 54.49 -14.65 11.01
C LYS AB 330 54.40 -14.63 12.53
N GLY AB 331 55.19 -13.81 13.20
CA GLY AB 331 55.22 -13.79 14.65
C GLY AB 331 56.16 -14.79 15.29
N GLY AB 332 57.07 -15.39 14.51
CA GLY AB 332 57.99 -16.37 15.06
C GLY AB 332 59.23 -15.81 15.70
N LEU AB 333 59.48 -14.51 15.57
CA LEU AB 333 60.65 -13.88 16.16
C LEU AB 333 60.24 -12.56 16.80
N ARG AB 334 61.03 -12.12 17.77
CA ARG AB 334 60.71 -10.94 18.56
C ARG AB 334 61.46 -9.73 18.01
N GLY AB 335 60.73 -8.62 17.82
CA GLY AB 335 61.32 -7.39 17.36
C GLY AB 335 60.39 -6.55 16.53
N THR AB 336 60.37 -5.24 16.76
CA THR AB 336 59.56 -4.33 15.96
C THR AB 336 60.27 -3.84 14.72
N GLN AB 337 61.59 -4.01 14.64
CA GLN AB 337 62.38 -3.67 13.46
C GLN AB 337 63.01 -4.93 12.90
N GLU AB 338 63.23 -4.93 11.58
CA GLU AB 338 63.79 -6.11 10.92
C GLU AB 338 65.18 -6.42 11.43
N ASP AB 339 66.01 -5.39 11.63
CA ASP AB 339 67.37 -5.62 12.13
C ASP AB 339 67.40 -6.12 13.56
N GLN AB 340 66.33 -5.89 14.32
CA GLN AB 340 66.26 -6.42 15.69
C GLN AB 340 65.95 -7.90 15.71
N ALA AB 341 65.17 -8.38 14.76
CA ALA AB 341 64.73 -9.77 14.79
C ALA AB 341 65.86 -10.73 14.41
N PHE AB 342 66.63 -10.39 13.38
CA PHE AB 342 67.65 -11.30 12.90
C PHE AB 342 68.72 -10.51 12.16
N GLU AB 343 69.86 -11.17 11.94
CA GLU AB 343 70.95 -10.61 11.14
C GLU AB 343 71.77 -11.77 10.59
N VAL AB 344 72.14 -11.68 9.32
CA VAL AB 344 72.93 -12.70 8.64
C VAL AB 344 74.22 -12.05 8.14
N LEU AB 345 75.35 -12.64 8.51
CA LEU AB 345 76.66 -12.15 8.10
C LEU AB 345 77.41 -13.26 7.36
N LEU AB 346 77.91 -12.93 6.18
CA LEU AB 346 78.65 -13.90 5.37
C LEU AB 346 79.52 -13.12 4.38
N GLY AB 347 80.83 -13.15 4.58
CA GLY AB 347 81.73 -12.41 3.71
C GLY AB 347 83.17 -12.74 4.00
N VAL AB 348 84.04 -12.26 3.12
CA VAL AB 348 85.47 -12.55 3.23
C VAL AB 348 86.10 -11.83 4.41
N ASP AB 349 85.47 -10.78 4.93
CA ASP AB 349 85.95 -10.10 6.13
C ASP AB 349 84.90 -9.92 7.20
N GLU AB 350 83.61 -10.06 6.87
CA GLU AB 350 82.57 -9.93 7.90
C GLU AB 350 82.55 -11.15 8.83
N SER AB 351 82.75 -12.34 8.27
CA SER AB 351 82.66 -13.57 9.05
C SER AB 351 83.83 -14.53 8.87
N MET AB 352 84.63 -14.39 7.83
CA MET AB 352 85.74 -15.30 7.58
C MET AB 352 87.02 -14.49 7.39
N ARG AB 353 88.13 -15.21 7.21
CA ARG AB 353 89.41 -14.64 6.83
C ARG AB 353 89.94 -15.39 5.62
N GLU AB 354 91.03 -14.87 5.05
CA GLU AB 354 91.63 -15.53 3.88
C GLU AB 354 92.14 -16.93 4.22
N ALA AB 355 92.50 -17.16 5.48
CA ALA AB 355 92.90 -18.50 5.90
C ALA AB 355 91.73 -19.47 5.82
N ASP AB 356 90.53 -19.02 6.18
CA ASP AB 356 89.36 -19.88 6.14
C ASP AB 356 89.03 -20.30 4.72
N LEU AB 357 89.17 -19.38 3.76
CA LEU AB 357 88.94 -19.73 2.36
C LEU AB 357 89.93 -20.79 1.89
N ARG AB 358 91.20 -20.66 2.31
CA ARG AB 358 92.21 -21.63 1.91
C ARG AB 358 91.90 -23.02 2.47
N ALA AB 359 91.40 -23.08 3.70
CA ALA AB 359 91.04 -24.35 4.30
C ALA AB 359 89.78 -24.96 3.68
N GLY AB 360 89.07 -24.22 2.84
CA GLY AB 360 87.85 -24.72 2.24
C GLY AB 360 86.60 -24.50 3.04
N LYS AB 361 86.64 -23.62 4.05
CA LYS AB 361 85.50 -23.40 4.92
C LYS AB 361 84.64 -22.25 4.41
N MET AB 362 83.40 -22.19 4.92
CA MET AB 362 82.46 -21.14 4.60
C MET AB 362 81.62 -20.89 5.84
N ILE AB 363 81.82 -19.74 6.49
CA ILE AB 363 81.28 -19.47 7.81
C ILE AB 363 80.18 -18.44 7.70
N ILE AB 364 79.00 -18.76 8.23
CA ILE AB 364 77.85 -17.87 8.24
C ILE AB 364 77.48 -17.57 9.68
N LYS AB 365 77.34 -16.29 10.01
CA LYS AB 365 76.95 -15.84 11.34
C LYS AB 365 75.48 -15.43 11.33
N ILE AB 366 74.70 -16.01 12.23
CA ILE AB 366 73.27 -15.74 12.32
C ILE AB 366 72.93 -15.37 13.76
N ARG AB 367 72.18 -14.28 13.93
CA ARG AB 367 71.71 -13.82 15.23
C ARG AB 367 70.20 -13.81 15.24
N LEU AB 368 69.60 -14.25 16.35
CA LEU AB 368 68.16 -14.37 16.45
C LEU AB 368 67.67 -13.79 17.77
N ALA AB 369 66.43 -13.30 17.75
CA ALA AB 369 65.73 -12.85 18.96
C ALA AB 369 64.44 -13.63 19.07
N VAL AB 370 64.23 -14.31 20.19
CA VAL AB 370 63.11 -15.21 20.38
C VAL AB 370 62.15 -14.63 21.39
N LEU AB 371 60.94 -15.19 21.42
CA LEU AB 371 59.88 -14.73 22.30
C LEU AB 371 59.89 -15.51 23.61
N ILE AB 372 59.28 -14.92 24.63
CA ILE AB 372 59.26 -15.46 25.98
C ILE AB 372 57.83 -15.81 26.34
N PRO AB 373 57.56 -16.98 26.91
CA PRO AB 373 56.20 -17.32 27.32
C PRO AB 373 55.75 -16.53 28.52
N ALA AB 374 54.44 -16.43 28.68
CA ALA AB 374 53.83 -15.75 29.83
C ALA AB 374 53.53 -16.80 30.90
N GLU AB 375 54.44 -16.94 31.85
CA GLU AB 375 54.28 -17.94 32.91
C GLU AB 375 53.51 -17.41 34.10
N PHE AB 376 53.69 -16.13 34.44
CA PHE AB 376 53.04 -15.54 35.59
C PHE AB 376 52.35 -14.25 35.18
N ILE AB 377 51.18 -14.00 35.78
CA ILE AB 377 50.44 -12.76 35.58
C ILE AB 377 50.09 -12.21 36.95
N GLU AB 378 50.54 -10.99 37.23
CA GLU AB 378 50.22 -10.30 38.46
C GLU AB 378 49.33 -9.10 38.15
N LEU AB 379 48.28 -8.92 38.95
CA LEU AB 379 47.36 -7.80 38.79
C LEU AB 379 47.45 -6.91 40.02
N ASN AB 380 47.73 -5.63 39.79
CA ASN AB 380 47.73 -4.62 40.83
C ASN AB 380 46.57 -3.67 40.55
N LEU AB 381 45.64 -3.58 41.50
CA LEU AB 381 44.42 -2.80 41.33
C LEU AB 381 44.46 -1.60 42.27
N THR AB 382 44.35 -0.41 41.71
CA THR AB 382 44.43 0.83 42.47
C THR AB 382 43.22 1.70 42.16
N PHE AB 383 42.96 2.65 43.06
CA PHE AB 383 41.81 3.54 42.93
C PHE AB 383 42.19 4.79 42.16
N ASP AB 384 41.30 5.21 41.26
CA ASP AB 384 41.55 6.40 40.44
C ASP AB 384 41.41 7.65 41.30
N THR AB 385 42.50 8.40 41.43
CA THR AB 385 42.53 9.59 42.28
C THR AB 385 41.83 10.77 41.60
N ARG AB 386 40.51 10.63 41.47
CA ARG AB 386 39.67 11.68 40.90
C ARG AB 386 38.27 11.63 41.50
N THR BB 4 -20.07 28.45 -64.41
CA THR BB 4 -18.82 27.97 -65.00
C THR BB 4 -17.61 28.45 -64.22
N GLN BB 5 -17.86 29.00 -63.04
CA GLN BB 5 -16.80 29.46 -62.17
C GLN BB 5 -16.04 28.28 -61.59
N PRO BB 6 -14.81 28.49 -61.11
CA PRO BB 6 -14.07 27.41 -60.46
C PRO BB 6 -14.86 26.82 -59.31
N SER BB 7 -14.93 25.50 -59.27
CA SER BB 7 -15.80 24.82 -58.32
C SER BB 7 -15.41 23.34 -58.26
N VAL BB 8 -16.05 22.63 -57.34
CA VAL BB 8 -15.90 21.18 -57.21
C VAL BB 8 -17.12 20.53 -57.87
N THR BB 9 -16.88 19.58 -58.76
CA THR BB 9 -17.94 18.98 -59.55
C THR BB 9 -17.77 17.46 -59.59
N ILE BB 10 -18.85 16.79 -59.97
CA ILE BB 10 -18.88 15.33 -60.11
C ILE BB 10 -18.87 15.01 -61.59
N THR BB 11 -17.99 14.08 -61.99
CA THR BB 11 -17.86 13.72 -63.39
C THR BB 11 -17.89 12.20 -63.54
N GLU BB 12 -18.30 11.75 -64.72
CA GLU BB 12 -18.24 10.35 -65.10
C GLU BB 12 -17.07 10.05 -66.03
N ASN BB 13 -16.23 11.03 -66.32
CA ASN BB 13 -15.08 10.83 -67.18
C ASN BB 13 -14.02 10.00 -66.46
N LEU BB 14 -13.04 9.55 -67.23
CA LEU BB 14 -11.94 8.76 -66.70
C LEU BB 14 -10.62 9.31 -67.21
N ILE BB 15 -9.58 9.18 -66.39
CA ILE BB 15 -8.24 9.62 -66.75
C ILE BB 15 -7.38 8.39 -66.99
N PHE BB 16 -6.39 8.53 -67.88
CA PHE BB 16 -5.51 7.43 -68.28
C PHE BB 16 -4.06 7.89 -68.18
N PRO BB 17 -3.53 8.00 -66.98
CA PRO BB 17 -2.12 8.38 -66.84
C PRO BB 17 -1.19 7.28 -67.30
N LYS BB 18 0.01 7.68 -67.72
CA LYS BB 18 1.01 6.71 -68.14
C LYS BB 18 1.48 5.87 -66.97
N GLN BB 19 1.71 4.59 -67.22
CA GLN BB 19 2.17 3.65 -66.20
C GLN BB 19 3.54 3.12 -66.59
N ASN BB 20 4.43 3.03 -65.61
CA ASN BB 20 5.81 2.63 -65.83
C ASN BB 20 6.16 1.29 -65.19
N ASP BB 21 5.17 0.57 -64.66
CA ASP BB 21 5.45 -0.71 -64.03
C ASP BB 21 5.79 -1.77 -65.07
N SER BB 22 6.51 -2.80 -64.63
CA SER BB 22 6.95 -3.88 -65.50
C SER BB 22 6.66 -5.22 -64.83
N PHE BB 23 6.38 -6.22 -65.66
CA PHE BB 23 6.08 -7.56 -65.18
C PHE BB 23 6.82 -8.58 -66.06
N ILE BB 24 7.12 -9.74 -65.47
CA ILE BB 24 7.82 -10.78 -66.22
C ILE BB 24 6.89 -11.40 -67.26
N GLY BB 25 5.64 -11.70 -66.89
CA GLY BB 25 4.73 -12.35 -67.80
C GLY BB 25 3.57 -11.48 -68.23
N ILE BB 26 3.55 -11.10 -69.50
CA ILE BB 26 2.51 -10.27 -70.08
C ILE BB 26 1.83 -11.06 -71.19
N PRO BB 27 0.53 -11.34 -71.09
CA PRO BB 27 -0.17 -12.07 -72.15
C PRO BB 27 -0.65 -11.14 -73.26
N VAL BB 28 -1.00 -11.76 -74.39
CA VAL BB 28 -1.63 -11.06 -75.50
C VAL BB 28 -2.89 -11.83 -75.89
N PHE BB 29 -4.00 -11.12 -76.04
CA PHE BB 29 -5.27 -11.71 -76.43
C PHE BB 29 -5.42 -11.58 -77.94
N ILE BB 30 -5.43 -12.70 -78.63
CA ILE BB 30 -5.51 -12.74 -80.09
C ILE BB 30 -6.88 -13.31 -80.46
N GLY BB 31 -7.72 -12.50 -81.08
CA GLY BB 31 -9.03 -12.96 -81.49
C GLY BB 31 -9.82 -11.82 -82.10
N TYR BB 32 -11.03 -12.18 -82.54
CA TYR BB 32 -11.93 -11.21 -83.16
C TYR BB 32 -12.55 -10.32 -82.08
N THR BB 33 -12.50 -9.01 -82.32
CA THR BB 33 -13.02 -8.03 -81.37
C THR BB 33 -14.30 -7.40 -81.90
N SER BB 34 -14.89 -6.54 -81.07
CA SER BB 34 -16.17 -5.92 -81.41
C SER BB 34 -16.02 -4.98 -82.61
N SER BB 35 -14.94 -4.21 -82.65
CA SER BB 35 -14.78 -3.21 -83.70
C SER BB 35 -13.45 -3.40 -84.42
N PRO BB 36 -13.38 -3.03 -85.70
CA PRO BB 36 -12.13 -3.18 -86.44
C PRO BB 36 -11.08 -2.17 -86.01
N VAL BB 37 -9.83 -2.62 -86.00
CA VAL BB 37 -8.68 -1.80 -85.68
C VAL BB 37 -7.55 -2.15 -86.64
N ASP BB 38 -6.41 -1.51 -86.46
CA ASP BB 38 -5.25 -1.72 -87.32
C ASP BB 38 -4.53 -3.00 -86.91
N LYS BB 39 -3.32 -3.19 -87.45
CA LYS BB 39 -2.55 -4.42 -87.25
C LYS BB 39 -1.62 -4.35 -86.03
N THR BB 40 -1.65 -3.26 -85.28
CA THR BB 40 -0.79 -3.14 -84.11
C THR BB 40 -1.42 -3.77 -82.88
N ALA BB 41 -0.61 -3.97 -81.85
CA ALA BB 41 -1.05 -4.55 -80.59
C ALA BB 41 -1.29 -3.43 -79.58
N ILE BB 42 -2.49 -3.38 -79.03
CA ILE BB 42 -2.85 -2.33 -78.09
C ILE BB 42 -2.53 -2.80 -76.68
N LYS BB 43 -1.81 -1.96 -75.93
CA LYS BB 43 -1.50 -2.26 -74.54
C LYS BB 43 -2.59 -1.71 -73.64
N LEU BB 44 -3.02 -2.52 -72.68
CA LEU BB 44 -4.07 -2.15 -71.74
C LEU BB 44 -3.51 -2.17 -70.32
N HIS BB 45 -3.86 -1.15 -69.54
CA HIS BB 45 -3.47 -1.07 -68.14
C HIS BB 45 -4.62 -1.36 -67.19
N SER BB 46 -5.86 -1.36 -67.69
CA SER BB 46 -7.05 -1.65 -66.89
C SER BB 46 -8.19 -1.90 -67.87
N LEU BB 47 -9.35 -2.26 -67.31
CA LEU BB 47 -10.53 -2.47 -68.16
C LEU BB 47 -11.00 -1.19 -68.82
N ALA BB 48 -10.67 -0.02 -68.25
CA ALA BB 48 -11.07 1.24 -68.86
C ALA BB 48 -10.41 1.43 -70.23
N ASP BB 49 -9.15 1.00 -70.36
CA ASP BB 49 -8.46 1.13 -71.64
C ASP BB 49 -9.14 0.30 -72.72
N PHE BB 50 -9.64 -0.89 -72.35
CA PHE BB 50 -10.33 -1.73 -73.32
C PHE BB 50 -11.59 -1.05 -73.83
N ALA BB 51 -12.37 -0.43 -72.93
CA ALA BB 51 -13.57 0.27 -73.34
C ALA BB 51 -13.25 1.46 -74.22
N ARG BB 52 -12.06 2.03 -74.06
CA ARG BB 52 -11.65 3.16 -74.89
C ARG BB 52 -11.46 2.74 -76.34
N SER BB 53 -11.01 1.50 -76.56
CA SER BB 53 -10.73 1.04 -77.92
C SER BB 53 -11.85 0.18 -78.49
N PHE BB 54 -12.49 -0.64 -77.66
CA PHE BB 54 -13.52 -1.55 -78.14
C PHE BB 54 -14.79 -1.40 -77.33
N PRO BB 55 -15.95 -1.70 -77.93
CA PRO BB 55 -17.19 -1.74 -77.15
C PRO BB 55 -17.19 -2.86 -76.14
N GLU BB 56 -17.94 -2.67 -75.06
CA GLU BB 56 -17.98 -3.63 -73.95
C GLU BB 56 -18.99 -4.74 -74.26
N SER BB 57 -18.61 -5.60 -75.19
CA SER BB 57 -19.41 -6.76 -75.53
C SER BB 57 -18.53 -7.75 -76.29
N GLY BB 58 -19.02 -8.98 -76.38
CA GLY BB 58 -18.32 -10.03 -77.09
C GLY BB 58 -17.48 -10.90 -76.17
N LEU BB 59 -17.00 -12.00 -76.73
CA LEU BB 59 -16.18 -12.94 -75.96
C LEU BB 59 -14.87 -12.30 -75.52
N MET BB 60 -14.26 -11.50 -76.39
CA MET BB 60 -12.98 -10.88 -76.06
C MET BB 60 -13.10 -9.95 -74.86
N TYR BB 61 -14.21 -9.20 -74.78
CA TYR BB 61 -14.40 -8.29 -73.66
C TYR BB 61 -14.43 -9.03 -72.33
N TYR BB 62 -15.17 -10.13 -72.26
CA TYR BB 62 -15.30 -10.85 -71.01
C TYR BB 62 -14.03 -11.60 -70.64
N SER BB 63 -13.28 -12.09 -71.63
CA SER BB 63 -11.99 -12.71 -71.34
C SER BB 63 -11.03 -11.69 -70.75
N VAL BB 64 -10.98 -10.49 -71.33
CA VAL BB 64 -10.14 -9.44 -70.79
C VAL BB 64 -10.63 -9.01 -69.41
N ARG BB 65 -11.94 -8.88 -69.25
CA ARG BB 65 -12.50 -8.52 -67.95
C ARG BB 65 -12.17 -9.58 -66.90
N HIS BB 66 -12.27 -10.86 -67.29
CA HIS BB 66 -11.93 -11.94 -66.37
C HIS BB 66 -10.46 -11.89 -65.99
N PHE BB 67 -9.59 -11.46 -66.91
CA PHE BB 67 -8.18 -11.32 -66.59
C PHE BB 67 -7.96 -10.22 -65.56
N PHE BB 68 -8.61 -9.07 -65.73
CA PHE BB 68 -8.34 -7.94 -64.85
C PHE BB 68 -8.96 -8.12 -63.47
N GLU BB 69 -10.06 -8.87 -63.37
CA GLU BB 69 -10.69 -9.10 -62.07
C GLU BB 69 -10.06 -10.26 -61.31
N ASN BB 70 -9.09 -10.95 -61.90
CA ASN BB 70 -8.38 -12.03 -61.24
C ASN BB 70 -7.00 -11.61 -60.76
N GLY BB 71 -6.71 -10.32 -60.75
CA GLY BB 71 -5.42 -9.81 -60.33
C GLY BB 71 -4.49 -9.36 -61.43
N GLY BB 72 -4.94 -9.36 -62.68
CA GLY BB 72 -4.10 -8.90 -63.77
C GLY BB 72 -3.88 -7.40 -63.73
N GLN BB 73 -2.78 -6.98 -64.34
CA GLN BB 73 -2.38 -5.58 -64.34
C GLN BB 73 -2.00 -5.01 -65.69
N GLN BB 74 -1.60 -5.84 -66.66
CA GLN BB 74 -1.14 -5.34 -67.95
C GLN BB 74 -1.32 -6.43 -68.99
N ALA BB 75 -1.91 -6.07 -70.13
CA ALA BB 75 -2.21 -7.05 -71.16
C ALA BB 75 -2.16 -6.39 -72.53
N TYR BB 76 -2.10 -7.24 -73.56
CA TYR BB 76 -2.10 -6.79 -74.95
C TYR BB 76 -3.27 -7.43 -75.68
N VAL BB 77 -3.82 -6.70 -76.66
CA VAL BB 77 -4.92 -7.18 -77.47
C VAL BB 77 -4.53 -7.08 -78.94
N LEU BB 78 -4.64 -8.19 -79.65
CA LEU BB 78 -4.37 -8.26 -81.08
C LEU BB 78 -5.62 -8.76 -81.79
N SER BB 79 -6.21 -7.90 -82.61
CA SER BB 79 -7.48 -8.17 -83.26
C SER BB 79 -7.26 -8.78 -84.63
N LEU BB 80 -7.95 -9.89 -84.90
CA LEU BB 80 -7.92 -10.53 -86.21
C LEU BB 80 -8.97 -9.98 -87.16
N GLY BB 81 -9.87 -9.13 -86.67
CA GLY BB 81 -10.93 -8.59 -87.50
C GLY BB 81 -12.17 -8.36 -86.66
N THR BB 82 -13.27 -8.09 -87.35
CA THR BB 82 -14.54 -7.87 -86.68
C THR BB 82 -15.22 -9.21 -86.42
N GLU BB 83 -16.19 -9.19 -85.50
CA GLU BB 83 -16.89 -10.41 -85.12
C GLU BB 83 -17.75 -10.99 -86.23
N GLN BB 84 -18.00 -10.23 -87.31
CA GLN BB 84 -18.80 -10.72 -88.41
C GLN BB 84 -18.04 -11.70 -89.31
N GLN BB 85 -16.73 -11.83 -89.12
CA GLN BB 85 -15.91 -12.72 -89.94
C GLN BB 85 -15.74 -14.10 -89.32
N LEU BB 86 -16.39 -14.37 -88.20
CA LEU BB 86 -16.35 -15.70 -87.59
C LEU BB 86 -17.21 -16.67 -88.40
N SER BB 87 -16.59 -17.72 -88.92
CA SER BB 87 -17.33 -18.71 -89.69
C SER BB 87 -17.29 -20.09 -89.07
N ASP BB 88 -16.12 -20.64 -88.78
CA ASP BB 88 -16.01 -21.99 -88.24
C ASP BB 88 -14.61 -22.16 -87.66
N PHE BB 89 -14.32 -23.37 -87.16
CA PHE BB 89 -13.05 -23.63 -86.49
C PHE BB 89 -11.88 -23.56 -87.46
N SER BB 90 -12.02 -24.15 -88.65
CA SER BB 90 -10.89 -24.21 -89.58
C SER BB 90 -10.48 -22.81 -90.05
N SER BB 91 -11.45 -21.91 -90.19
CA SER BB 91 -11.13 -20.54 -90.60
C SER BB 91 -10.30 -19.84 -89.53
N LEU BB 92 -10.63 -20.07 -88.25
CA LEU BB 92 -9.84 -19.48 -87.17
C LEU BB 92 -8.41 -19.99 -87.20
N ILE BB 93 -8.22 -21.28 -87.47
CA ILE BB 93 -6.88 -21.83 -87.58
C ILE BB 93 -6.11 -21.16 -88.71
N THR BB 94 -6.78 -20.94 -89.84
CA THR BB 94 -6.14 -20.24 -90.95
C THR BB 94 -5.78 -18.81 -90.57
N ALA BB 95 -6.67 -18.12 -89.86
CA ALA BB 95 -6.40 -16.75 -89.44
C ALA BB 95 -5.19 -16.69 -88.50
N LEU BB 96 -5.07 -17.68 -87.61
CA LEU BB 96 -3.92 -17.72 -86.71
C LEU BB 96 -2.63 -18.06 -87.42
N GLN BB 97 -2.71 -18.54 -88.66
CA GLN BB 97 -1.53 -18.93 -89.44
C GLN BB 97 -1.07 -17.82 -90.37
N GLN BB 98 -1.64 -16.62 -90.27
CA GLN BB 98 -1.24 -15.52 -91.12
C GLN BB 98 0.21 -15.12 -90.84
N ALA BB 99 0.75 -14.29 -91.74
CA ALA BB 99 2.17 -13.94 -91.70
C ALA BB 99 2.46 -12.73 -90.83
N TRP BB 100 1.57 -11.72 -90.80
CA TRP BB 100 1.86 -10.51 -90.06
C TRP BB 100 1.76 -10.71 -88.55
N LEU BB 101 1.14 -11.80 -88.10
CA LEU BB 101 1.03 -12.05 -86.67
C LEU BB 101 2.39 -12.25 -86.02
N ALA BB 102 3.26 -13.04 -86.66
CA ALA BB 102 4.57 -13.31 -86.09
C ALA BB 102 5.42 -12.05 -86.01
N GLN BB 103 5.38 -11.22 -87.06
CA GLN BB 103 6.16 -9.99 -87.07
C GLN BB 103 5.69 -9.03 -85.99
N THR BB 104 4.36 -8.90 -85.81
CA THR BB 104 3.84 -8.03 -84.78
C THR BB 104 4.22 -8.51 -83.39
N ILE BB 105 4.12 -9.83 -83.15
CA ILE BB 105 4.48 -10.38 -81.85
C ILE BB 105 5.97 -10.23 -81.59
N ALA BB 106 6.80 -10.51 -82.59
CA ALA BB 106 8.24 -10.40 -82.41
C ALA BB 106 8.68 -8.96 -82.16
N ALA BB 107 8.04 -8.00 -82.83
CA ALA BB 107 8.43 -6.61 -82.66
C ALA BB 107 8.15 -6.11 -81.24
N GLU BB 108 7.17 -6.72 -80.56
CA GLU BB 108 6.83 -6.35 -79.21
C GLU BB 108 7.58 -7.24 -78.23
N ASN BB 109 8.39 -6.61 -77.36
CA ASN BB 109 9.22 -7.36 -76.43
C ASN BB 109 8.52 -7.61 -75.09
N ASP BB 110 7.40 -6.96 -74.83
CA ASP BB 110 6.70 -7.15 -73.57
C ASP BB 110 5.92 -8.46 -73.53
N ILE BB 111 5.44 -8.93 -74.68
CA ILE BB 111 4.58 -10.10 -74.72
C ILE BB 111 5.37 -11.34 -74.29
N THR BB 112 4.77 -12.14 -73.41
CA THR BB 112 5.43 -13.35 -72.91
C THR BB 112 4.48 -14.54 -72.98
N LEU BB 113 3.17 -14.27 -73.01
CA LEU BB 113 2.16 -15.32 -73.07
C LEU BB 113 1.19 -15.04 -74.20
N ILE BB 114 0.56 -16.10 -74.70
CA ILE BB 114 -0.36 -16.02 -75.82
C ILE BB 114 -1.67 -16.69 -75.42
N ILE BB 115 -2.78 -15.99 -75.64
CA ILE BB 115 -4.12 -16.50 -75.33
C ILE BB 115 -5.02 -16.29 -76.54
N THR BB 116 -5.77 -17.31 -76.89
CA THR BB 116 -6.77 -17.23 -77.97
C THR BB 116 -8.15 -17.52 -77.40
N PRO BB 117 -8.95 -16.50 -77.09
CA PRO BB 117 -10.25 -16.73 -76.45
C PRO BB 117 -11.33 -17.24 -77.39
N ASP BB 118 -11.12 -17.18 -78.71
CA ASP BB 118 -12.19 -17.49 -79.66
C ASP BB 118 -12.32 -18.98 -79.95
N VAL BB 119 -11.48 -19.83 -79.36
CA VAL BB 119 -11.60 -21.27 -79.59
C VAL BB 119 -12.86 -21.84 -78.97
N ILE BB 120 -13.48 -21.14 -78.02
CA ILE BB 120 -14.63 -21.65 -77.30
C ILE BB 120 -15.92 -21.50 -78.10
N ARG BB 121 -15.94 -20.62 -79.09
CA ARG BB 121 -17.19 -20.25 -79.76
C ARG BB 121 -17.81 -21.44 -80.50
N PHE BB 122 -17.00 -22.26 -81.14
CA PHE BB 122 -17.50 -23.22 -82.11
C PHE BB 122 -18.06 -24.46 -81.42
N ASP BB 123 -18.80 -25.25 -82.21
CA ASP BB 123 -19.47 -26.44 -81.71
C ASP BB 123 -18.47 -27.56 -81.46
N GLN BB 124 -18.78 -28.40 -80.47
CA GLN BB 124 -17.92 -29.51 -80.08
C GLN BB 124 -18.74 -30.77 -79.81
N THR BB 125 -19.69 -31.07 -80.70
CA THR BB 125 -20.59 -32.20 -80.50
C THR BB 125 -20.19 -33.45 -81.27
N GLU BB 126 -19.09 -33.41 -82.03
CA GLU BB 126 -18.64 -34.58 -82.78
C GLU BB 126 -17.23 -34.94 -82.34
N ILE BB 127 -16.99 -36.24 -82.15
CA ILE BB 127 -15.74 -36.75 -81.60
C ILE BB 127 -15.03 -37.45 -82.77
N SER BB 128 -15.29 -36.97 -83.99
CA SER BB 128 -14.68 -37.58 -85.15
C SER BB 128 -13.19 -37.26 -85.20
N ASP BB 129 -12.47 -38.06 -86.00
CA ASP BB 129 -11.03 -37.83 -86.17
C ASP BB 129 -10.74 -36.54 -86.91
N THR BB 130 -11.71 -35.99 -87.64
CA THR BB 130 -11.52 -34.68 -88.25
C THR BB 130 -11.38 -33.60 -87.20
N GLN BB 131 -12.17 -33.67 -86.13
CA GLN BB 131 -12.04 -32.71 -85.05
C GLN BB 131 -10.72 -32.87 -84.32
N ARG BB 132 -10.28 -34.11 -84.12
CA ARG BB 132 -9.00 -34.36 -83.45
C ARG BB 132 -7.85 -33.76 -84.25
N ASP BB 133 -7.89 -33.90 -85.57
CA ASP BB 133 -6.85 -33.29 -86.41
C ASP BB 133 -6.94 -31.77 -86.36
N LEU BB 134 -8.16 -31.22 -86.30
CA LEU BB 134 -8.31 -29.77 -86.21
C LEU BB 134 -7.70 -29.24 -84.92
N TRP BB 135 -7.93 -29.93 -83.80
CA TRP BB 135 -7.34 -29.49 -82.54
C TRP BB 135 -5.83 -29.59 -82.56
N LEU BB 136 -5.29 -30.64 -83.18
CA LEU BB 136 -3.84 -30.76 -83.29
C LEU BB 136 -3.25 -29.63 -84.12
N GLN BB 137 -3.96 -29.21 -85.18
CA GLN BB 137 -3.49 -28.09 -85.98
C GLN BB 137 -3.47 -26.80 -85.17
N LEU BB 138 -4.49 -26.57 -84.34
CA LEU BB 138 -4.58 -25.34 -83.58
C LEU BB 138 -3.41 -25.22 -82.60
N TRP BB 139 -3.07 -26.31 -81.91
CA TRP BB 139 -1.95 -26.28 -80.98
C TRP BB 139 -0.65 -25.98 -81.70
N GLN BB 140 -0.45 -26.59 -82.86
CA GLN BB 140 0.77 -26.33 -83.63
C GLN BB 140 0.81 -24.89 -84.12
N SER BB 141 -0.33 -24.34 -84.53
CA SER BB 141 -0.36 -22.96 -85.01
C SER BB 141 0.02 -21.98 -83.89
N VAL BB 142 -0.49 -22.21 -82.68
CA VAL BB 142 -0.16 -21.33 -81.56
C VAL BB 142 1.31 -21.49 -81.19
N LEU BB 143 1.81 -22.71 -81.19
CA LEU BB 143 3.21 -22.95 -80.83
C LEU BB 143 4.15 -22.31 -81.85
N ASN BB 144 3.75 -22.28 -83.12
CA ASN BB 144 4.56 -21.60 -84.13
C ASN BB 144 4.63 -20.11 -83.87
N LEU BB 145 3.61 -19.54 -83.26
CA LEU BB 145 3.66 -18.13 -82.88
C LEU BB 145 4.60 -17.91 -81.71
N CYS BB 146 4.70 -18.89 -80.81
CA CYS BB 146 5.62 -18.75 -79.67
C CYS BB 146 7.07 -18.78 -80.13
N LYS BB 147 7.36 -19.50 -81.22
CA LYS BB 147 8.73 -19.59 -81.70
C LYS BB 147 9.22 -18.31 -82.35
N SER BB 148 8.33 -17.33 -82.56
CA SER BB 148 8.76 -16.07 -83.17
C SER BB 148 9.77 -15.33 -82.32
N ARG BB 149 9.84 -15.62 -81.02
CA ARG BB 149 10.82 -15.01 -80.14
C ARG BB 149 10.97 -15.89 -78.90
N ARG BB 150 12.21 -16.06 -78.45
CA ARG BB 150 12.49 -16.90 -77.29
C ARG BB 150 11.79 -16.35 -76.05
N GLY BB 151 11.22 -17.27 -75.26
CA GLY BB 151 10.62 -16.92 -73.99
C GLY BB 151 9.11 -16.88 -73.98
N ILE BB 152 8.46 -16.88 -75.14
CA ILE BB 152 7.01 -16.83 -75.21
C ILE BB 152 6.43 -18.23 -75.09
N MET BB 153 5.33 -18.35 -74.36
CA MET BB 153 4.64 -19.62 -74.18
C MET BB 153 3.15 -19.43 -74.45
N GLY BB 154 2.51 -20.46 -74.98
CA GLY BB 154 1.10 -20.39 -75.31
C GLY BB 154 0.23 -21.15 -74.34
N LEU BB 155 -0.76 -20.47 -73.76
CA LEU BB 155 -1.77 -21.13 -72.94
C LEU BB 155 -2.87 -21.65 -73.86
N LEU BB 156 -3.13 -22.95 -73.80
CA LEU BB 156 -3.92 -23.64 -74.80
C LEU BB 156 -5.22 -24.17 -74.20
N ASP BB 157 -6.22 -24.31 -75.05
CA ASP BB 157 -7.46 -24.96 -74.67
C ASP BB 157 -7.45 -26.43 -75.07
N ALA BB 158 -8.45 -27.16 -74.59
CA ALA BB 158 -8.60 -28.58 -74.85
C ALA BB 158 -10.03 -28.84 -75.28
N PRO BB 159 -10.28 -29.92 -76.03
CA PRO BB 159 -11.66 -30.26 -76.39
C PRO BB 159 -12.50 -30.50 -75.15
N ASP BB 160 -13.77 -30.09 -75.24
CA ASP BB 160 -14.66 -30.20 -74.09
C ASP BB 160 -14.89 -31.65 -73.69
N ASP BB 161 -15.05 -32.52 -74.68
CA ASP BB 161 -15.26 -33.93 -74.40
C ASP BB 161 -13.98 -34.56 -73.89
N PRO BB 162 -13.97 -35.15 -72.69
CA PRO BB 162 -12.72 -35.73 -72.16
C PRO BB 162 -12.15 -36.84 -73.02
N THR BB 163 -12.99 -37.64 -73.67
CA THR BB 163 -12.47 -38.71 -74.51
C THR BB 163 -11.72 -38.16 -75.72
N LEU BB 164 -12.24 -37.08 -76.31
CA LEU BB 164 -11.55 -36.45 -77.43
C LEU BB 164 -10.24 -35.81 -76.96
N ALA BB 165 -10.26 -35.17 -75.80
CA ALA BB 165 -9.05 -34.52 -75.29
C ALA BB 165 -7.95 -35.54 -75.02
N ALA BB 166 -8.31 -36.68 -74.44
CA ALA BB 166 -7.31 -37.73 -74.19
C ALA BB 166 -6.74 -38.26 -75.50
N LYS BB 167 -7.58 -38.31 -76.55
CA LYS BB 167 -7.08 -38.73 -77.85
C LYS BB 167 -6.07 -37.73 -78.41
N CYS BB 168 -6.32 -36.45 -78.23
CA CYS BB 168 -5.41 -35.43 -78.75
C CYS BB 168 -4.05 -35.50 -78.05
N LEU BB 169 -4.04 -35.74 -76.74
CA LEU BB 169 -2.79 -35.78 -76.00
C LEU BB 169 -1.90 -36.93 -76.47
N GLN BB 170 -2.49 -38.10 -76.71
CA GLN BB 170 -1.70 -39.26 -77.06
C GLN BB 170 -1.09 -39.13 -78.45
N GLN BB 171 -1.81 -38.52 -79.38
CA GLN BB 171 -1.40 -38.46 -80.78
C GLN BB 171 -0.76 -37.14 -81.17
N PHE BB 172 -0.56 -36.22 -80.23
CA PHE BB 172 0.11 -34.97 -80.56
C PHE BB 172 1.61 -35.21 -80.72
N SER BB 173 2.17 -34.72 -81.82
CA SER BB 173 3.59 -34.86 -82.09
C SER BB 173 4.15 -33.52 -82.54
N SER BB 174 5.19 -33.05 -81.87
CA SER BB 174 5.82 -31.77 -82.19
C SER BB 174 7.14 -31.67 -81.45
N ALA BB 175 8.00 -30.78 -81.93
CA ALA BB 175 9.23 -30.44 -81.24
C ALA BB 175 9.10 -29.20 -80.37
N ASP BB 176 7.91 -28.62 -80.28
CA ASP BB 176 7.66 -27.43 -79.50
C ASP BB 176 6.82 -27.69 -78.26
N ARG BB 177 6.90 -28.89 -77.69
CA ARG BB 177 6.07 -29.25 -76.53
C ARG BB 177 6.37 -28.34 -75.35
N GLN BB 178 7.64 -28.01 -75.14
CA GLN BB 178 8.05 -27.30 -73.93
C GLN BB 178 7.47 -25.90 -73.85
N TRP BB 179 6.93 -25.37 -74.94
CA TRP BB 179 6.33 -24.04 -74.94
C TRP BB 179 4.81 -24.06 -74.87
N GLY BB 180 4.20 -25.22 -74.61
CA GLY BB 180 2.76 -25.35 -74.61
C GLY BB 180 2.24 -25.83 -73.26
N VAL BB 181 1.22 -25.13 -72.77
CA VAL BB 181 0.53 -25.48 -71.53
C VAL BB 181 -0.97 -25.49 -71.82
N VAL BB 182 -1.65 -26.54 -71.40
CA VAL BB 182 -3.07 -26.73 -71.70
C VAL BB 182 -3.84 -26.86 -70.39
N TYR BB 183 -5.02 -26.23 -70.35
CA TYR BB 183 -5.88 -26.26 -69.17
C TYR BB 183 -7.28 -26.73 -69.56
N TRP BB 184 -7.97 -27.35 -68.61
CA TRP BB 184 -9.23 -28.02 -68.84
C TRP BB 184 -9.96 -28.13 -67.52
N PRO BB 185 -11.30 -28.03 -67.52
CA PRO BB 185 -12.21 -27.73 -68.63
C PRO BB 185 -12.57 -26.26 -68.72
N LEU BB 186 -13.63 -25.92 -69.44
CA LEU BB 186 -14.13 -24.56 -69.49
C LEU BB 186 -14.74 -24.18 -68.15
N LEU BB 187 -14.82 -22.87 -67.91
CA LEU BB 187 -15.31 -22.34 -66.65
C LEU BB 187 -16.61 -21.58 -66.87
N LYS BB 188 -17.51 -21.65 -65.88
CA LYS BB 188 -18.77 -20.92 -65.89
C LYS BB 188 -18.56 -19.64 -65.09
N SER BB 189 -18.35 -18.53 -65.80
CA SER BB 189 -18.01 -17.28 -65.14
C SER BB 189 -19.21 -16.73 -64.37
N ALA BB 190 -18.95 -15.73 -63.54
CA ALA BB 190 -19.97 -15.09 -62.74
C ALA BB 190 -20.74 -14.00 -63.49
N TYR BB 191 -20.44 -13.82 -64.77
CA TYR BB 191 -21.07 -12.78 -65.58
C TYR BB 191 -22.28 -13.35 -66.30
N GLN BB 192 -23.35 -12.57 -66.33
CA GLN BB 192 -24.58 -12.97 -67.00
C GLN BB 192 -24.78 -12.16 -68.28
N ASP BB 193 -25.28 -12.83 -69.31
CA ASP BB 193 -25.52 -12.20 -70.59
C ASP BB 193 -26.95 -11.65 -70.63
N ASN BB 194 -27.40 -11.23 -71.82
CA ASN BB 194 -28.70 -10.57 -71.94
C ASN BB 194 -29.87 -11.47 -71.59
N THR BB 195 -29.74 -12.78 -71.78
CA THR BB 195 -30.79 -13.71 -71.39
C THR BB 195 -30.57 -14.28 -69.99
N GLN BB 196 -29.71 -13.64 -69.18
CA GLN BB 196 -29.46 -14.03 -67.79
C GLN BB 196 -28.88 -15.44 -67.69
N ASN BB 197 -28.14 -15.87 -68.72
CA ASN BB 197 -27.44 -17.13 -68.57
C ASN BB 197 -25.95 -16.88 -68.29
N PRO BB 198 -25.33 -17.73 -67.49
CA PRO BB 198 -23.90 -17.54 -67.19
C PRO BB 198 -23.05 -17.67 -68.44
N ILE BB 199 -22.01 -16.84 -68.52
CA ILE BB 199 -21.13 -16.85 -69.68
C ILE BB 199 -20.00 -17.84 -69.44
N VAL BB 200 -19.75 -18.73 -70.40
CA VAL BB 200 -18.72 -19.74 -70.31
C VAL BB 200 -17.42 -19.17 -70.87
N LEU BB 201 -16.35 -19.26 -70.09
CA LEU BB 201 -15.06 -18.70 -70.47
C LEU BB 201 -13.98 -19.76 -70.36
N SER BB 202 -12.91 -19.56 -71.14
CA SER BB 202 -11.77 -20.46 -71.08
C SER BB 202 -10.96 -20.19 -69.80
N PRO BB 203 -10.38 -21.22 -69.19
CA PRO BB 203 -9.59 -20.99 -67.97
C PRO BB 203 -8.30 -20.24 -68.22
N THR BB 204 -7.82 -20.17 -69.47
CA THR BB 204 -6.52 -19.58 -69.74
C THR BB 204 -6.48 -18.09 -69.43
N ALA BB 205 -7.63 -17.41 -69.52
CA ALA BB 205 -7.67 -15.99 -69.20
C ALA BB 205 -7.35 -15.75 -67.73
N ALA BB 206 -7.91 -16.57 -66.84
CA ALA BB 206 -7.67 -16.39 -65.41
C ALA BB 206 -6.28 -16.90 -65.02
N VAL BB 207 -5.79 -17.94 -65.70
CA VAL BB 207 -4.47 -18.48 -65.38
C VAL BB 207 -3.38 -17.44 -65.68
N ALA BB 208 -3.56 -16.68 -66.77
CA ALA BB 208 -2.58 -15.66 -67.12
C ALA BB 208 -2.45 -14.61 -66.04
N ALA BB 209 -3.59 -14.17 -65.48
CA ALA BB 209 -3.55 -13.22 -64.38
C ALA BB 209 -2.86 -13.82 -63.15
N VAL BB 210 -3.12 -15.10 -62.89
CA VAL BB 210 -2.46 -15.78 -61.76
C VAL BB 210 -0.96 -15.84 -61.98
N ILE BB 211 -0.52 -16.20 -63.19
CA ILE BB 211 0.90 -16.30 -63.48
C ILE BB 211 1.58 -14.94 -63.33
N GLN BB 212 0.95 -13.90 -63.88
CA GLN BB 212 1.51 -12.55 -63.76
C GLN BB 212 1.56 -12.11 -62.31
N ARG BB 213 0.50 -12.39 -61.54
CA ARG BB 213 0.48 -12.01 -60.14
C ARG BB 213 1.48 -12.82 -59.32
N ASN BB 214 1.60 -14.11 -59.61
CA ASN BB 214 2.45 -14.99 -58.82
C ASN BB 214 3.93 -14.62 -58.94
N ASP BB 215 4.33 -14.02 -60.05
CA ASP BB 215 5.73 -13.68 -60.25
C ASP BB 215 6.20 -12.64 -59.24
N ASN BB 216 5.39 -11.63 -58.99
CA ASN BB 216 5.77 -10.58 -58.05
C ASN BB 216 5.65 -11.05 -56.60
N GLN BB 217 4.69 -11.95 -56.33
CA GLN BB 217 4.44 -12.38 -54.96
C GLN BB 217 5.41 -13.47 -54.52
N GLN BB 218 5.40 -14.61 -55.21
CA GLN BB 218 6.19 -15.76 -54.82
C GLN BB 218 7.49 -15.89 -55.60
N GLY BB 219 7.52 -15.48 -56.86
CA GLY BB 219 8.70 -15.63 -57.67
C GLY BB 219 8.46 -16.46 -58.92
N VAL BB 220 9.29 -16.26 -59.95
CA VAL BB 220 9.11 -16.98 -61.21
C VAL BB 220 9.44 -18.46 -61.05
N TRP BB 221 10.14 -18.85 -59.99
CA TRP BB 221 10.53 -20.23 -59.77
C TRP BB 221 9.48 -21.02 -58.99
N THR BB 222 8.34 -20.41 -58.70
CA THR BB 222 7.28 -21.04 -57.90
C THR BB 222 6.14 -21.46 -58.82
N ALA BB 223 5.68 -22.69 -58.66
CA ALA BB 223 4.62 -23.21 -59.50
C ALA BB 223 3.34 -22.40 -59.31
N PRO BB 224 2.67 -21.98 -60.38
CA PRO BB 224 1.43 -21.20 -60.26
C PRO BB 224 0.19 -22.02 -59.99
N ALA BB 225 0.32 -23.29 -59.61
CA ALA BB 225 -0.83 -24.13 -59.33
C ALA BB 225 -1.29 -23.96 -57.88
N ASN BB 226 -2.39 -24.63 -57.55
CA ASN BB 226 -2.97 -24.60 -56.21
C ASN BB 226 -3.28 -23.17 -55.78
N ILE BB 227 -3.92 -22.42 -56.68
CA ILE BB 227 -4.33 -21.05 -56.40
C ILE BB 227 -5.80 -20.92 -56.80
N ALA BB 228 -6.61 -20.35 -55.91
CA ALA BB 228 -8.03 -20.21 -56.18
C ALA BB 228 -8.29 -19.10 -57.20
N LEU BB 229 -9.31 -19.32 -58.02
CA LEU BB 229 -9.71 -18.33 -59.01
C LEU BB 229 -10.84 -17.46 -58.48
N SER BB 230 -11.06 -16.34 -59.17
CA SER BB 230 -12.07 -15.37 -58.78
C SER BB 230 -13.11 -15.22 -59.88
N LYS BB 231 -14.32 -14.82 -59.48
CA LYS BB 231 -15.43 -14.60 -60.42
C LYS BB 231 -15.75 -15.86 -61.21
N VAL BB 232 -15.55 -17.02 -60.60
CA VAL BB 232 -15.84 -18.31 -61.23
C VAL BB 232 -16.92 -19.01 -60.43
N ILE BB 233 -18.01 -19.38 -61.10
CA ILE BB 233 -19.12 -20.05 -60.42
C ILE BB 233 -18.82 -21.53 -60.23
N SER BB 234 -18.45 -22.22 -61.31
CA SER BB 234 -18.22 -23.65 -61.27
C SER BB 234 -17.57 -24.08 -62.57
N PRO BB 235 -16.71 -25.09 -62.56
CA PRO BB 235 -16.23 -25.66 -63.82
C PRO BB 235 -17.35 -26.36 -64.56
N VAL BB 236 -17.23 -26.42 -65.89
CA VAL BB 236 -18.26 -27.05 -66.71
C VAL BB 236 -18.42 -28.53 -66.42
N ARG BB 237 -17.31 -29.25 -66.24
CA ARG BB 237 -17.36 -30.68 -65.96
C ARG BB 237 -16.66 -30.98 -64.64
N ALA BB 238 -17.13 -32.01 -63.96
CA ALA BB 238 -16.60 -32.38 -62.67
C ALA BB 238 -15.23 -33.04 -62.81
N TYR BB 239 -14.50 -33.12 -61.69
CA TYR BB 239 -13.16 -33.68 -61.70
C TYR BB 239 -13.16 -35.18 -61.95
N ILE BB 240 -14.28 -35.87 -61.74
CA ILE BB 240 -14.32 -37.32 -61.93
C ILE BB 240 -14.28 -37.73 -63.40
N GLU BB 241 -14.36 -36.77 -64.33
CA GLU BB 241 -14.32 -37.06 -65.75
C GLU BB 241 -12.92 -36.92 -66.35
N ALA BB 242 -11.91 -36.65 -65.52
CA ALA BB 242 -10.57 -36.35 -66.01
C ALA BB 242 -9.52 -37.35 -65.52
N ASN BB 243 -9.90 -38.61 -65.33
CA ASN BB 243 -8.95 -39.60 -64.84
C ASN BB 243 -7.98 -40.08 -65.91
N ALA BB 244 -8.25 -39.81 -67.19
CA ALA BB 244 -7.37 -40.20 -68.27
C ALA BB 244 -6.52 -39.05 -68.81
N LEU BB 245 -6.62 -37.87 -68.20
CA LEU BB 245 -5.94 -36.69 -68.71
C LEU BB 245 -4.62 -36.39 -67.98
N PHE BB 246 -4.21 -37.23 -67.04
CA PHE BB 246 -2.93 -37.09 -66.36
C PHE BB 246 -2.12 -38.35 -66.56
N ASN BB 247 -1.01 -38.23 -67.27
CA ASN BB 247 -0.09 -39.35 -67.50
C ASN BB 247 1.28 -39.01 -66.95
N PRO BB 248 1.73 -39.66 -65.87
CA PRO BB 248 3.06 -39.35 -65.32
C PRO BB 248 4.19 -39.65 -66.30
N ASP BB 249 3.96 -40.50 -67.30
CA ASP BB 249 4.98 -40.82 -68.28
C ASP BB 249 4.47 -40.53 -69.69
N GLY BB 250 3.85 -39.38 -69.88
CA GLY BB 250 3.32 -39.01 -71.17
C GLY BB 250 2.76 -37.60 -71.15
N THR BB 251 2.02 -37.28 -72.20
CA THR BB 251 1.39 -35.97 -72.29
C THR BB 251 0.20 -35.90 -71.35
N SER BB 252 0.01 -34.74 -70.74
CA SER BB 252 -1.04 -34.57 -69.74
C SER BB 252 -1.53 -33.12 -69.72
N LEU BB 253 -2.74 -32.94 -69.21
CA LEU BB 253 -3.34 -31.63 -69.03
C LEU BB 253 -3.11 -31.12 -67.62
N ASN BB 254 -3.47 -29.86 -67.40
CA ASN BB 254 -3.50 -29.30 -66.06
C ASN BB 254 -4.96 -29.08 -65.68
N LEU BB 255 -5.43 -29.85 -64.69
CA LEU BB 255 -6.84 -29.84 -64.33
C LEU BB 255 -7.20 -28.59 -63.54
N VAL BB 256 -8.40 -28.08 -63.80
CA VAL BB 256 -9.00 -27.02 -62.98
C VAL BB 256 -10.16 -27.63 -62.22
N ARG BB 257 -10.10 -27.56 -60.90
CA ARG BB 257 -10.96 -28.36 -60.04
C ARG BB 257 -11.45 -27.51 -58.87
N SER BB 258 -12.62 -27.87 -58.35
CA SER BB 258 -13.17 -27.25 -57.16
C SER BB 258 -13.04 -28.19 -55.98
N PHE BB 259 -12.92 -27.61 -54.79
CA PHE BB 259 -12.86 -28.34 -53.54
C PHE BB 259 -13.87 -27.77 -52.57
N PRO BB 260 -14.42 -28.60 -51.67
CA PRO BB 260 -15.39 -28.09 -50.69
C PRO BB 260 -14.74 -27.16 -49.68
N GLY BB 261 -15.07 -25.87 -49.75
CA GLY BB 261 -14.50 -24.89 -48.86
C GLY BB 261 -13.23 -24.22 -49.37
N LYS BB 262 -12.69 -24.67 -50.50
CA LYS BB 262 -11.48 -24.10 -51.07
C LYS BB 262 -11.70 -23.41 -52.41
N GLY BB 263 -12.91 -23.46 -52.95
CA GLY BB 263 -13.19 -22.84 -54.22
C GLY BB 263 -12.61 -23.62 -55.38
N ILE BB 264 -12.55 -22.96 -56.53
CA ILE BB 264 -12.03 -23.56 -57.76
C ILE BB 264 -10.56 -23.19 -57.88
N ARG BB 265 -9.69 -24.19 -57.96
CA ARG BB 265 -8.26 -23.97 -57.99
C ARG BB 265 -7.63 -24.66 -59.18
N ILE BB 266 -6.49 -24.12 -59.63
CA ILE BB 266 -5.67 -24.80 -60.62
C ILE BB 266 -5.00 -26.00 -59.98
N TRP BB 267 -5.05 -27.15 -60.66
CA TRP BB 267 -4.55 -28.39 -60.10
C TRP BB 267 -3.56 -29.05 -61.05
N GLY BB 268 -2.62 -28.27 -61.57
CA GLY BB 268 -1.59 -28.81 -62.44
C GLY BB 268 -0.55 -27.76 -62.76
N CYS BB 269 0.65 -28.25 -63.07
CA CYS BB 269 1.75 -27.35 -63.42
C CYS BB 269 2.61 -27.89 -64.56
N ARG BB 270 2.17 -28.94 -65.26
CA ARG BB 270 2.99 -29.55 -66.30
C ARG BB 270 2.77 -28.88 -67.64
N THR BB 271 3.76 -29.05 -68.52
CA THR BB 271 3.65 -28.61 -69.91
C THR BB 271 3.37 -29.84 -70.79
N LEU BB 272 3.43 -29.65 -72.10
CA LEU BB 272 3.17 -30.76 -73.02
C LEU BB 272 4.39 -31.65 -73.21
N GLU BB 273 5.51 -31.35 -72.57
CA GLU BB 273 6.73 -32.14 -72.71
C GLU BB 273 6.50 -33.53 -72.10
N ASN BB 274 6.38 -34.53 -72.98
CA ASN BB 274 6.06 -35.89 -72.55
C ASN BB 274 7.27 -36.74 -72.22
N THR BB 275 8.47 -36.29 -72.54
CA THR BB 275 9.68 -37.07 -72.28
C THR BB 275 9.90 -37.18 -70.78
N HIS BB 276 10.20 -38.40 -70.31
CA HIS BB 276 10.37 -38.62 -68.88
C HIS BB 276 11.57 -37.87 -68.33
N ASP BB 277 12.69 -37.88 -69.06
CA ASP BB 277 13.93 -37.28 -68.59
C ASP BB 277 14.12 -35.85 -69.08
N SER BB 278 13.14 -35.28 -69.78
CA SER BB 278 13.26 -33.91 -70.24
C SER BB 278 13.25 -32.94 -69.06
N PRO BB 279 13.98 -31.83 -69.15
CA PRO BB 279 14.02 -30.86 -68.06
C PRO BB 279 12.92 -29.80 -68.09
N TRP BB 280 12.07 -29.79 -69.12
CA TRP BB 280 11.04 -28.78 -69.27
C TRP BB 280 9.64 -29.32 -68.99
N SER BB 281 9.52 -30.31 -68.12
CA SER BB 281 8.21 -30.92 -67.86
C SER BB 281 7.30 -30.02 -67.05
N TYR BB 282 7.80 -28.96 -66.44
CA TYR BB 282 7.00 -28.08 -65.60
C TYR BB 282 7.09 -26.66 -66.11
N ILE BB 283 5.98 -25.92 -65.98
CA ILE BB 283 5.92 -24.56 -66.50
C ILE BB 283 6.88 -23.65 -65.77
N GLN BB 284 6.94 -23.77 -64.43
CA GLN BB 284 7.78 -22.87 -63.65
C GLN BB 284 9.26 -23.10 -63.93
N THR BB 285 9.62 -24.32 -64.32
CA THR BB 285 11.01 -24.59 -64.69
C THR BB 285 11.35 -23.93 -66.02
N ARG BB 286 10.43 -24.03 -66.98
CA ARG BB 286 10.65 -23.39 -68.28
C ARG BB 286 10.66 -21.87 -68.16
N ARG BB 287 9.86 -21.31 -67.25
CA ARG BB 287 9.83 -19.87 -67.09
C ARG BB 287 11.07 -19.36 -66.37
N LEU BB 288 11.56 -20.11 -65.38
CA LEU BB 288 12.73 -19.68 -64.62
C LEU BB 288 13.96 -19.58 -65.51
N VAL BB 289 14.17 -20.58 -66.37
CA VAL BB 289 15.34 -20.56 -67.24
C VAL BB 289 15.25 -19.42 -68.25
N SER BB 290 14.06 -19.19 -68.80
CA SER BB 290 13.88 -18.05 -69.71
C SER BB 290 14.10 -16.73 -68.99
N TYR BB 291 13.69 -16.64 -67.72
CA TYR BB 291 13.97 -15.45 -66.94
C TYR BB 291 15.48 -15.28 -66.72
N ILE BB 292 16.19 -16.40 -66.54
CA ILE BB 292 17.65 -16.34 -66.45
C ILE BB 292 18.25 -16.00 -67.80
N GLU BB 293 17.71 -16.57 -68.87
CA GLU BB 293 18.21 -16.27 -70.22
C GLU BB 293 18.01 -14.79 -70.55
N ALA BB 294 16.87 -14.22 -70.17
CA ALA BB 294 16.59 -12.83 -70.48
C ALA BB 294 17.60 -11.90 -69.82
N TYR BB 295 17.98 -12.18 -68.57
CA TYR BB 295 18.98 -11.34 -67.91
C TYR BB 295 20.34 -11.47 -68.57
N MET BB 296 20.78 -12.70 -68.86
CA MET BB 296 22.07 -12.89 -69.50
C MET BB 296 22.10 -12.27 -70.90
N THR BB 297 20.95 -12.27 -71.59
CA THR BB 297 20.87 -11.57 -72.86
C THR BB 297 21.06 -10.06 -72.68
N GLN BB 298 20.43 -9.49 -71.65
CA GLN BB 298 20.59 -8.07 -71.38
C GLN BB 298 22.01 -7.75 -70.93
N LEU BB 299 22.57 -8.57 -70.05
CA LEU BB 299 23.95 -8.37 -69.63
C LEU BB 299 24.93 -8.57 -70.78
N GLY BB 300 24.69 -9.59 -71.61
CA GLY BB 300 25.56 -9.85 -72.74
C GLY BB 300 25.58 -8.74 -73.77
N ARG BB 301 24.45 -8.05 -73.94
CA ARG BB 301 24.38 -6.98 -74.93
C ARG BB 301 25.36 -5.85 -74.63
N ALA BB 302 25.69 -5.66 -73.35
CA ALA BB 302 26.61 -4.59 -72.98
C ALA BB 302 28.04 -4.85 -73.45
N PHE BB 303 28.35 -6.07 -73.88
CA PHE BB 303 29.71 -6.42 -74.29
C PHE BB 303 29.82 -6.63 -75.80
N VAL BB 304 28.78 -6.33 -76.56
CA VAL BB 304 28.87 -6.39 -78.01
C VAL BB 304 29.70 -5.23 -78.52
N PHE BB 305 30.48 -5.47 -79.56
CA PHE BB 305 31.39 -4.48 -80.15
C PHE BB 305 32.48 -4.03 -79.18
N GLU BB 306 32.73 -4.82 -78.14
CA GLU BB 306 33.79 -4.58 -77.19
C GLU BB 306 35.01 -5.42 -77.53
N PRO BB 307 36.19 -5.01 -77.06
CA PRO BB 307 37.39 -5.83 -77.30
C PRO BB 307 37.23 -7.23 -76.71
N ASN BB 308 37.70 -8.22 -77.47
CA ASN BB 308 37.55 -9.63 -77.10
C ASN BB 308 38.84 -10.10 -76.45
N ASN BB 309 39.03 -9.72 -75.19
CA ASN BB 309 40.23 -10.05 -74.44
C ASN BB 309 39.83 -10.58 -73.07
N ALA BB 310 40.84 -10.94 -72.27
CA ALA BB 310 40.59 -11.54 -70.96
C ALA BB 310 39.93 -10.55 -70.00
N ILE BB 311 40.23 -9.26 -70.14
CA ILE BB 311 39.65 -8.27 -69.25
C ILE BB 311 38.14 -8.21 -69.42
N THR BB 312 37.67 -8.22 -70.67
CA THR BB 312 36.23 -8.20 -70.93
C THR BB 312 35.54 -9.43 -70.36
N TRP BB 313 36.16 -10.61 -70.51
CA TRP BB 313 35.54 -11.84 -70.02
C TRP BB 313 35.39 -11.82 -68.51
N MET BB 314 36.36 -11.25 -67.80
CA MET BB 314 36.26 -11.16 -66.35
C MET BB 314 35.11 -10.25 -65.93
N LYS BB 315 34.86 -9.19 -66.69
CA LYS BB 315 33.77 -8.28 -66.36
C LYS BB 315 32.42 -8.97 -66.47
N PHE BB 316 32.25 -9.80 -67.50
CA PHE BB 316 31.03 -10.59 -67.63
C PHE BB 316 30.95 -11.65 -66.54
N LYS BB 317 32.03 -12.40 -66.35
CA LYS BB 317 32.01 -13.51 -65.41
C LYS BB 317 31.79 -13.05 -63.98
N GLY BB 318 32.34 -11.88 -63.62
CA GLY BB 318 32.13 -11.36 -62.28
C GLY BB 318 30.69 -10.97 -62.02
N GLN BB 319 30.07 -10.31 -62.99
CA GLN BB 319 28.69 -9.87 -62.81
C GLN BB 319 27.72 -11.03 -62.91
N ALA BB 320 27.94 -11.95 -63.87
CA ALA BB 320 27.06 -13.10 -64.00
C ALA BB 320 27.11 -13.98 -62.76
N HIS BB 321 28.31 -14.18 -62.20
CA HIS BB 321 28.43 -14.90 -60.95
C HIS BB 321 27.74 -14.15 -59.82
N ASN BB 322 27.81 -12.82 -59.85
CA ASN BB 322 27.19 -12.01 -58.80
C ASN BB 322 25.68 -12.16 -58.82
N TRP BB 323 25.06 -12.02 -59.99
CA TRP BB 323 23.61 -12.09 -60.10
C TRP BB 323 23.10 -13.49 -59.79
N LEU BB 324 23.79 -14.52 -60.28
CA LEU BB 324 23.30 -15.89 -60.14
C LEU BB 324 23.23 -16.32 -58.68
N ARG BB 325 24.22 -15.94 -57.87
CA ARG BB 325 24.17 -16.34 -56.47
C ARG BB 325 23.13 -15.55 -55.68
N GLN BB 326 22.83 -14.31 -56.10
CA GLN BB 326 21.75 -13.58 -55.45
C GLN BB 326 20.42 -14.29 -55.65
N LEU BB 327 20.24 -14.91 -56.81
CA LEU BB 327 19.07 -15.73 -57.04
C LEU BB 327 19.14 -17.04 -56.24
N TRP BB 328 20.34 -17.60 -56.10
CA TRP BB 328 20.49 -18.84 -55.35
C TRP BB 328 20.16 -18.65 -53.87
N LEU BB 329 20.60 -17.53 -53.28
CA LEU BB 329 20.33 -17.27 -51.88
C LEU BB 329 18.88 -16.90 -51.62
N LYS BB 330 18.10 -16.66 -52.67
CA LYS BB 330 16.68 -16.40 -52.53
C LYS BB 330 15.83 -17.65 -52.67
N GLY BB 331 16.46 -18.82 -52.82
CA GLY BB 331 15.74 -20.05 -53.01
C GLY BB 331 15.33 -20.32 -54.44
N GLY BB 332 15.89 -19.61 -55.41
CA GLY BB 332 15.54 -19.82 -56.80
C GLY BB 332 16.26 -20.96 -57.48
N LEU BB 333 17.31 -21.50 -56.87
CA LEU BB 333 18.06 -22.61 -57.45
C LEU BB 333 18.32 -23.64 -56.37
N ARG BB 334 18.52 -24.88 -56.81
CA ARG BB 334 18.67 -26.02 -55.92
C ARG BB 334 20.16 -26.29 -55.68
N GLY BB 335 20.53 -26.51 -54.42
CA GLY BB 335 21.88 -26.82 -54.07
C GLY BB 335 22.29 -26.28 -52.72
N THR BB 336 23.02 -27.09 -51.94
CA THR BB 336 23.51 -26.64 -50.65
C THR BB 336 24.86 -25.95 -50.73
N GLN BB 337 25.61 -26.18 -51.82
CA GLN BB 337 26.88 -25.53 -52.06
C GLN BB 337 26.77 -24.63 -53.28
N GLU BB 338 27.59 -23.58 -53.31
CA GLU BB 338 27.53 -22.64 -54.42
C GLU BB 338 27.89 -23.31 -55.74
N ASP BB 339 28.90 -24.17 -55.73
CA ASP BB 339 29.29 -24.86 -56.95
C ASP BB 339 28.24 -25.85 -57.43
N GLN BB 340 27.36 -26.30 -56.54
CA GLN BB 340 26.29 -27.19 -56.96
C GLN BB 340 25.16 -26.44 -57.66
N ALA BB 341 24.90 -25.20 -57.27
CA ALA BB 341 23.75 -24.47 -57.79
C ALA BB 341 23.99 -24.02 -59.23
N PHE BB 342 25.17 -23.50 -59.52
CA PHE BB 342 25.45 -22.94 -60.84
C PHE BB 342 26.94 -22.91 -61.08
N GLU BB 343 27.32 -22.62 -62.32
CA GLU BB 343 28.71 -22.46 -62.70
C GLU BB 343 28.77 -21.70 -64.03
N VAL BB 344 29.66 -20.73 -64.12
CA VAL BB 344 29.84 -19.92 -65.32
C VAL BB 344 31.25 -20.12 -65.84
N LEU BB 345 31.37 -20.44 -67.12
CA LEU BB 345 32.66 -20.67 -67.77
C LEU BB 345 32.78 -19.75 -68.97
N LEU BB 346 33.89 -19.02 -69.04
CA LEU BB 346 34.13 -18.08 -70.14
C LEU BB 346 35.63 -17.82 -70.21
N GLY BB 347 36.26 -18.30 -71.29
CA GLY BB 347 37.69 -18.12 -71.43
C GLY BB 347 38.16 -18.56 -72.80
N VAL BB 348 39.44 -18.33 -73.07
CA VAL BB 348 40.02 -18.66 -74.36
C VAL BB 348 40.22 -20.16 -74.51
N ASP BB 349 40.26 -20.91 -73.42
CA ASP BB 349 40.36 -22.36 -73.48
C ASP BB 349 39.33 -23.08 -72.64
N GLU BB 350 38.63 -22.40 -71.74
CA GLU BB 350 37.59 -23.05 -70.96
C GLU BB 350 36.33 -23.29 -71.79
N SER BB 351 35.99 -22.33 -72.65
CA SER BB 351 34.78 -22.43 -73.46
C SER BB 351 34.98 -22.11 -74.93
N MET BB 352 36.07 -21.45 -75.30
CA MET BB 352 36.29 -21.02 -76.68
C MET BB 352 37.59 -21.63 -77.20
N ARG BB 353 37.86 -21.39 -78.48
CA ARG BB 353 39.13 -21.69 -79.12
C ARG BB 353 39.58 -20.47 -79.90
N GLU BB 354 40.84 -20.48 -80.32
CA GLU BB 354 41.39 -19.34 -81.05
C GLU BB 354 40.64 -19.12 -82.37
N ALA BB 355 40.07 -20.19 -82.93
CA ALA BB 355 39.24 -20.03 -84.13
C ALA BB 355 37.99 -19.21 -83.83
N ASP BB 356 37.37 -19.44 -82.67
CA ASP BB 356 36.18 -18.69 -82.31
C ASP BB 356 36.47 -17.20 -82.14
N LEU BB 357 37.63 -16.87 -81.56
CA LEU BB 357 38.01 -15.48 -81.41
C LEU BB 357 38.17 -14.81 -82.77
N ARG BB 358 38.77 -15.52 -83.73
CA ARG BB 358 38.96 -14.96 -85.07
C ARG BB 358 37.62 -14.74 -85.78
N ALA BB 359 36.62 -15.55 -85.46
CA ALA BB 359 35.30 -15.39 -86.07
C ALA BB 359 34.49 -14.27 -85.42
N GLY BB 360 34.99 -13.68 -84.34
CA GLY BB 360 34.27 -12.61 -83.66
C GLY BB 360 33.29 -13.07 -82.62
N LYS BB 361 33.37 -14.32 -82.18
CA LYS BB 361 32.41 -14.89 -81.24
C LYS BB 361 32.91 -14.79 -79.81
N MET BB 362 31.97 -14.90 -78.88
CA MET BB 362 32.27 -14.96 -77.45
C MET BB 362 31.29 -15.94 -76.83
N ILE BB 363 31.79 -17.08 -76.38
CA ILE BB 363 30.96 -18.21 -75.96
C ILE BB 363 31.01 -18.32 -74.44
N ILE BB 364 29.83 -18.33 -73.82
CA ILE BB 364 29.68 -18.42 -72.38
C ILE BB 364 28.91 -19.70 -72.06
N LYS BB 365 29.45 -20.51 -71.15
CA LYS BB 365 28.82 -21.74 -70.72
C LYS BB 365 28.23 -21.54 -69.32
N ILE BB 366 26.94 -21.83 -69.18
CA ILE BB 366 26.22 -21.66 -67.92
C ILE BB 366 25.52 -22.96 -67.58
N ARG BB 367 25.67 -23.41 -66.34
CA ARG BB 367 25.02 -24.60 -65.83
C ARG BB 367 24.11 -24.21 -64.66
N LEU BB 368 22.93 -24.83 -64.59
CA LEU BB 368 21.95 -24.49 -63.58
C LEU BB 368 21.37 -25.76 -62.96
N ALA BB 369 20.93 -25.63 -61.71
CA ALA BB 369 20.22 -26.68 -61.00
C ALA BB 369 18.90 -26.11 -60.51
N VAL BB 370 17.79 -26.73 -60.89
CA VAL BB 370 16.47 -26.21 -60.62
C VAL BB 370 15.77 -27.10 -59.60
N LEU BB 371 14.66 -26.59 -59.06
CA LEU BB 371 13.89 -27.30 -58.05
C LEU BB 371 12.71 -28.04 -58.70
N ILE BB 372 12.21 -29.02 -57.97
CA ILE BB 372 11.15 -29.92 -58.46
C ILE BB 372 9.90 -29.67 -57.62
N PRO BB 373 8.73 -29.50 -58.22
CA PRO BB 373 7.51 -29.33 -57.42
C PRO BB 373 7.10 -30.62 -56.73
N ALA BB 374 6.37 -30.46 -55.63
CA ALA BB 374 5.84 -31.59 -54.87
C ALA BB 374 4.45 -31.91 -55.42
N GLU BB 375 4.36 -32.96 -56.22
CA GLU BB 375 3.10 -33.34 -56.85
C GLU BB 375 2.37 -34.41 -56.06
N PHE BB 376 3.08 -35.36 -55.49
CA PHE BB 376 2.49 -36.45 -54.73
C PHE BB 376 3.09 -36.50 -53.34
N ILE BB 377 2.28 -36.84 -52.36
CA ILE BB 377 2.72 -37.04 -50.99
C ILE BB 377 2.18 -38.37 -50.50
N GLU BB 378 3.07 -39.30 -50.15
CA GLU BB 378 2.69 -40.60 -49.62
C GLU BB 378 3.09 -40.68 -48.15
N LEU BB 379 2.16 -41.14 -47.32
CA LEU BB 379 2.39 -41.28 -45.89
C LEU BB 379 2.38 -42.76 -45.53
N ASN BB 380 3.45 -43.21 -44.89
CA ASN BB 380 3.53 -44.56 -44.36
C ASN BB 380 3.59 -44.45 -42.84
N LEU BB 381 2.63 -45.09 -42.16
CA LEU BB 381 2.50 -45.00 -40.72
C LEU BB 381 2.78 -46.37 -40.12
N THR BB 382 3.75 -46.43 -39.21
CA THR BB 382 4.18 -47.67 -38.59
C THR BB 382 4.21 -47.52 -37.09
N PHE BB 383 4.18 -48.65 -36.39
CA PHE BB 383 4.14 -48.66 -34.94
C PHE BB 383 5.55 -48.64 -34.36
N ASP BB 384 5.73 -47.85 -33.30
CA ASP BB 384 7.02 -47.76 -32.63
C ASP BB 384 7.27 -49.03 -31.84
N THR BB 385 8.36 -49.74 -32.19
CA THR BB 385 8.68 -51.02 -31.58
C THR BB 385 9.41 -50.80 -30.26
N ARG BB 386 8.67 -50.28 -29.28
CA ARG BB 386 9.19 -50.05 -27.94
C ARG BB 386 8.09 -50.19 -26.90
#